data_7T81
#
_entry.id   7T81
#
_cell.length_a   1.00
_cell.length_b   1.00
_cell.length_c   1.00
_cell.angle_alpha   90.00
_cell.angle_beta   90.00
_cell.angle_gamma   90.00
#
_symmetry.space_group_name_H-M   'P 1'
#
_entity_poly.entity_id   1
_entity_poly.type   'polypeptide(L)'
_entity_poly.pdbx_seq_one_letter_code
;GPLGSEFMAGITSALASSTLNNEELKNHVYKKTLQALIYPISCTTPHNFEVWTATTPTYCYECEGLLWGIARQGMRCTEC
GVKCHEKCQDLLNADCLQRAAEKSSKHGAEDRTQNIIMVLKDRMKIRERNKPEIFELIQEVFAVTKSAHTQQMKAVKQSV
LDGTSKWSAKISITVVCAQGLQAKDKTGSSDPYVTVQVGKTKKRTKTIYGNLNPVWEENFHFECHNSSDRIKVRVWDEDD
DIKSRVKQRFKRESDDFLGQTIIEVRTLSGEMDVWYNLDKRTDKSAVSGAIRLHISVEIKGEEKVAPYHVQYTCLHENLF
HFVTDVQNNGVVKIPDAKGDDAWKVYYDETAQEIVDEFAMRYGVESIYQAMTHFACLSSKYMCPGVPAVMSTLLANINAY
YAHTTASTNVSASDRFAASNFGKERFVKLLDQLHNSLRIDLSMYRNNFPASSPERLQDLKSTVDLLTSITFFRMKVQELQ
SPPRASQVVKDCVKACLNSTYEYIFNNCHELYGREYQTDPAKKGEVPPEEQGPSIKNLDFWSKLITLIVSIIEEDKNSYT
PCLNQFPQELNVGKISAEVMWSLFAQDMKYAMEEHDKHRLCKSADYMNLHFKVKWLYNEYVAELPTFKDRVPEYPAWFEP
FVIQWLDENEEVSRDFLHGALERDKKDGFQQTSEHALFSCSVVDVFSQLNQSFEIIKKLECPDPQIVGHYMRRFAKTISN
VLLQYADIVSKDFASYCSKEKEKVPCILMNNTQQLRVQLEKMFEAMGGKELDAEASGTLKELQVKLNNVLDELSHVFATS
FQPHIEECVRQMGDILSQVKGTGNVPASACSSVAQDADNVLQPIMDLLDSNLTLFAKICEKTVLKRVLKELWKLVMNTME
RTIVLPPEFLSKLKDHMVREEAKSLTPKQCAVVELALDTIKQYFHAGGVGLKKTFLEKSPDLQSLRYALSLYTQATDLLI
KTFVQTQSAQGSGVEDPVGEVSVHVELFTHPGTGEQKVTVKVVAANDLKWQTSGIFRPFIEVNIVGPQLSDKKRKFATKS
KNNSWAPKYNESFQFSLSADAGPECYELQVCVKDYCFAREDRTVGLAVLQLRELAQRGSAACWLPLGRRIHMDDTGLTVL
RILSQRSNDEVAKEFVKLKSDTRSAEEGGAAPAP
;
_entity_poly.pdbx_strand_id   A,C,D,E,F,G,H,I,J,K,L,M,N,O,P,Q,R,S,T,U,V,W,X,Y
#
# COMPACT_ATOMS: atom_id res chain seq x y z
N GLU A 23 -31.13 -67.61 87.25
CA GLU A 23 -31.85 -67.99 88.51
C GLU A 23 -31.52 -69.40 89.01
N GLU A 24 -31.26 -70.38 88.13
CA GLU A 24 -31.01 -71.78 88.51
C GLU A 24 -29.84 -71.96 89.49
N LEU A 25 -28.76 -71.21 89.29
CA LEU A 25 -27.66 -71.14 90.26
C LEU A 25 -28.11 -70.52 91.59
N LYS A 26 -28.85 -69.41 91.59
CA LYS A 26 -29.38 -68.71 92.77
C LYS A 26 -30.15 -69.63 93.71
N ASN A 27 -31.03 -70.46 93.17
CA ASN A 27 -31.83 -71.41 93.95
C ASN A 27 -30.96 -72.53 94.56
N HIS A 28 -30.06 -73.12 93.78
CA HIS A 28 -29.16 -74.16 94.29
C HIS A 28 -28.20 -73.66 95.38
N VAL A 29 -27.61 -72.49 95.16
CA VAL A 29 -26.74 -71.79 96.11
C VAL A 29 -27.48 -71.57 97.43
N TYR A 30 -28.74 -71.15 97.39
CA TYR A 30 -29.61 -71.07 98.55
C TYR A 30 -29.70 -72.40 99.32
N LYS A 31 -30.00 -73.51 98.65
CA LYS A 31 -30.09 -74.84 99.28
C LYS A 31 -28.76 -75.26 99.90
N LYS A 32 -27.67 -75.11 99.15
CA LYS A 32 -26.31 -75.33 99.67
C LYS A 32 -25.95 -74.43 100.84
N THR A 33 -26.37 -73.17 100.83
CA THR A 33 -26.02 -72.21 101.89
C THR A 33 -26.76 -72.55 103.17
N LEU A 34 -28.05 -72.90 103.06
CA LEU A 34 -28.77 -73.45 104.19
C LEU A 34 -28.11 -74.74 104.70
N GLN A 35 -27.75 -75.68 103.83
CA GLN A 35 -27.06 -76.91 104.23
C GLN A 35 -25.73 -76.62 104.93
N ALA A 36 -25.01 -75.63 104.44
CA ALA A 36 -23.76 -75.22 105.04
C ALA A 36 -24.00 -74.67 106.42
N LEU A 37 -24.96 -73.77 106.54
CA LEU A 37 -25.11 -73.00 107.75
C LEU A 37 -25.97 -73.69 108.79
N ILE A 38 -26.79 -74.65 108.41
CA ILE A 38 -27.54 -75.46 109.36
C ILE A 38 -26.60 -76.36 110.15
N TYR A 39 -25.56 -76.86 109.47
CA TYR A 39 -24.48 -77.57 110.11
C TYR A 39 -23.12 -76.94 109.79
N PRO A 40 -22.83 -75.81 110.42
CA PRO A 40 -21.64 -75.04 110.13
C PRO A 40 -20.37 -75.75 110.61
N ILE A 41 -19.25 -75.48 109.96
CA ILE A 41 -17.95 -76.01 110.35
C ILE A 41 -17.46 -75.40 111.67
N SER A 42 -17.72 -74.12 111.95
CA SER A 42 -17.27 -73.47 113.20
C SER A 42 -17.75 -74.18 114.49
N CYS A 43 -18.90 -74.86 114.46
CA CYS A 43 -19.34 -75.75 115.54
C CYS A 43 -19.49 -77.19 115.04
N THR A 44 -18.41 -77.66 114.41
CA THR A 44 -18.01 -79.08 114.37
C THR A 44 -17.35 -79.52 115.67
N THR A 45 -17.56 -80.78 116.05
CA THR A 45 -16.92 -81.39 117.24
C THR A 45 -15.43 -81.67 116.96
N PRO A 46 -14.52 -81.40 117.90
CA PRO A 46 -13.10 -81.75 117.76
C PRO A 46 -12.86 -83.24 117.97
N HIS A 47 -11.86 -83.80 117.29
CA HIS A 47 -11.48 -85.20 117.46
C HIS A 47 -10.81 -85.45 118.82
N ASN A 48 -11.31 -86.42 119.56
CA ASN A 48 -10.74 -86.85 120.83
C ASN A 48 -9.79 -88.05 120.58
N PHE A 49 -8.57 -87.75 120.16
CA PHE A 49 -7.53 -88.73 119.82
C PHE A 49 -6.82 -89.35 121.04
N GLU A 50 -7.17 -90.59 121.36
CA GLU A 50 -6.33 -91.45 122.19
C GLU A 50 -5.18 -92.01 121.35
N VAL A 51 -4.02 -92.21 121.97
CA VAL A 51 -2.99 -93.09 121.39
C VAL A 51 -3.61 -94.48 121.22
N TRP A 52 -3.45 -95.06 120.04
CA TRP A 52 -4.08 -96.32 119.70
C TRP A 52 -3.16 -97.27 118.97
N THR A 53 -3.23 -98.51 119.39
CA THR A 53 -2.52 -99.63 118.79
C THR A 53 -3.53 -100.34 117.91
N ALA A 54 -3.25 -100.47 116.62
CA ALA A 54 -4.27 -100.87 115.67
C ALA A 54 -4.83 -102.26 115.96
N THR A 55 -6.12 -102.34 116.27
CA THR A 55 -6.76 -103.61 116.66
C THR A 55 -7.02 -104.54 115.47
N THR A 56 -6.91 -104.03 114.25
CA THR A 56 -6.79 -104.80 113.01
C THR A 56 -5.77 -104.09 112.09
N PRO A 57 -5.15 -104.75 111.10
CA PRO A 57 -4.18 -104.13 110.19
C PRO A 57 -4.85 -102.97 109.46
N THR A 58 -4.42 -101.77 109.77
CA THR A 58 -5.20 -100.56 109.47
C THR A 58 -4.35 -99.60 108.67
N TYR A 59 -4.96 -98.86 107.75
CA TYR A 59 -4.27 -97.84 106.97
C TYR A 59 -4.75 -96.43 107.38
N CYS A 60 -3.84 -95.54 107.79
CA CYS A 60 -4.16 -94.19 108.30
C CYS A 60 -5.16 -93.47 107.39
N TYR A 61 -6.27 -92.98 107.96
CA TYR A 61 -7.36 -92.40 107.19
C TYR A 61 -6.89 -91.22 106.34
N GLU A 62 -5.77 -90.57 106.68
CA GLU A 62 -5.21 -89.48 105.89
C GLU A 62 -4.01 -89.79 104.96
N CYS A 63 -3.03 -90.57 105.39
CA CYS A 63 -1.83 -90.85 104.58
C CYS A 63 -1.73 -92.31 104.11
N GLU A 64 -2.64 -93.16 104.56
CA GLU A 64 -2.72 -94.58 104.19
C GLU A 64 -1.51 -95.45 104.59
N GLY A 65 -0.60 -94.96 105.42
CA GLY A 65 0.46 -95.81 105.99
C GLY A 65 -0.09 -96.83 107.00
N LEU A 66 0.52 -98.02 107.05
CA LEU A 66 0.09 -99.14 107.92
C LEU A 66 0.28 -98.79 109.39
N LEU A 67 -0.84 -98.61 110.07
CA LEU A 67 -0.95 -98.71 111.50
C LEU A 67 -1.11 -100.18 111.87
N TRP A 68 -0.11 -100.70 112.53
CA TRP A 68 -0.10 -102.04 113.05
C TRP A 68 0.91 -102.16 114.19
N GLY A 69 0.53 -102.87 115.24
CA GLY A 69 1.39 -103.11 116.40
C GLY A 69 1.81 -101.84 117.14
N ILE A 70 2.72 -102.02 118.10
CA ILE A 70 3.28 -100.93 118.93
C ILE A 70 4.15 -100.00 118.07
N ALA A 71 4.95 -100.55 117.16
CA ALA A 71 5.90 -99.77 116.33
C ALA A 71 5.21 -98.77 115.39
N ARG A 72 3.97 -99.07 114.97
CA ARG A 72 3.15 -98.20 114.13
C ARG A 72 1.81 -97.97 114.79
N GLN A 73 1.85 -97.57 116.07
CA GLN A 73 0.73 -96.91 116.72
C GLN A 73 0.26 -95.72 115.90
N GLY A 74 -1.02 -95.46 116.01
CA GLY A 74 -1.62 -94.23 115.57
C GLY A 74 -2.36 -93.54 116.71
N MET A 75 -3.24 -92.67 116.30
CA MET A 75 -4.25 -92.05 117.12
C MET A 75 -5.61 -92.54 116.63
N ARG A 76 -6.46 -92.96 117.56
CA ARG A 76 -7.87 -93.25 117.26
C ARG A 76 -8.73 -92.25 117.98
N CYS A 77 -9.55 -91.53 117.23
CA CYS A 77 -10.54 -90.64 117.83
C CYS A 77 -11.58 -91.51 118.51
N THR A 78 -11.86 -91.34 119.79
CA THR A 78 -12.88 -92.12 120.49
C THR A 78 -14.22 -91.94 119.79
N GLU A 79 -14.69 -90.69 119.69
CA GLU A 79 -15.97 -90.32 119.09
C GLU A 79 -16.12 -90.88 117.68
N CYS A 80 -15.20 -90.54 116.77
CA CYS A 80 -15.42 -90.93 115.40
C CYS A 80 -14.76 -92.21 114.95
N GLY A 81 -13.90 -92.80 115.76
CA GLY A 81 -13.10 -93.95 115.36
C GLY A 81 -12.34 -93.76 114.06
N VAL A 82 -12.13 -92.51 113.62
CA VAL A 82 -11.07 -92.22 112.65
C VAL A 82 -9.75 -92.57 113.28
N LYS A 83 -8.92 -93.15 112.44
CA LYS A 83 -7.62 -93.62 112.84
C LYS A 83 -6.64 -92.95 111.92
N CYS A 84 -5.55 -92.48 112.48
CA CYS A 84 -4.54 -91.79 111.72
C CYS A 84 -3.19 -91.92 112.43
N HIS A 85 -2.09 -91.67 111.75
CA HIS A 85 -0.86 -91.35 112.47
C HIS A 85 -1.04 -90.10 113.32
N GLU A 86 -0.20 -89.93 114.34
CA GLU A 86 -0.11 -88.69 115.11
C GLU A 86 0.15 -87.49 114.19
N LYS A 87 1.17 -87.57 113.33
CA LYS A 87 1.48 -86.55 112.31
C LYS A 87 0.31 -86.22 111.38
N CYS A 88 -0.60 -87.16 111.19
CA CYS A 88 -1.78 -87.04 110.33
C CYS A 88 -3.03 -86.50 111.05
N GLN A 89 -3.10 -86.49 112.39
CA GLN A 89 -4.36 -86.16 113.09
C GLN A 89 -4.88 -84.74 112.78
N ASP A 90 -3.96 -83.82 112.46
CA ASP A 90 -4.26 -82.42 112.18
C ASP A 90 -4.59 -82.15 110.71
N LEU A 91 -4.17 -83.05 109.81
CA LEU A 91 -4.58 -83.03 108.40
C LEU A 91 -6.06 -83.46 108.24
N LEU A 92 -6.63 -84.17 109.21
CA LEU A 92 -8.04 -84.55 109.26
C LEU A 92 -8.98 -83.38 109.60
N ASN A 93 -9.25 -82.55 108.60
CA ASN A 93 -10.36 -81.57 108.67
C ASN A 93 -11.76 -82.25 108.59
N ALA A 94 -11.81 -83.57 108.40
CA ALA A 94 -13.05 -84.32 108.40
C ALA A 94 -13.78 -84.09 109.72
N ASP A 95 -15.07 -83.76 109.65
CA ASP A 95 -15.86 -83.50 110.85
C ASP A 95 -15.90 -84.75 111.72
N CYS A 96 -15.58 -84.63 113.00
CA CYS A 96 -15.67 -85.74 113.94
C CYS A 96 -17.06 -86.38 113.93
N LEU A 97 -18.15 -85.62 114.01
CA LEU A 97 -19.46 -86.26 114.07
C LEU A 97 -19.81 -86.97 112.76
N GLN A 98 -19.63 -86.36 111.59
CA GLN A 98 -19.86 -87.09 110.35
C GLN A 98 -18.93 -88.31 110.21
N ARG A 99 -17.63 -88.16 110.48
CA ARG A 99 -16.69 -89.28 110.57
C ARG A 99 -17.12 -90.38 111.50
N ALA A 100 -17.72 -90.00 112.61
CA ALA A 100 -18.21 -90.93 113.58
C ALA A 100 -19.42 -91.68 113.02
N ALA A 101 -20.33 -90.99 112.33
CA ALA A 101 -21.49 -91.60 111.72
C ALA A 101 -21.08 -92.60 110.62
N GLU A 102 -20.12 -92.22 109.79
CA GLU A 102 -19.50 -93.05 108.77
C GLU A 102 -18.79 -94.27 109.32
N LYS A 103 -17.86 -94.06 110.26
CA LYS A 103 -17.14 -95.17 110.90
C LYS A 103 -18.11 -96.13 111.54
N SER A 104 -19.07 -95.60 112.28
CA SER A 104 -20.06 -96.42 112.94
C SER A 104 -20.82 -97.25 111.91
N SER A 105 -21.23 -96.64 110.78
CA SER A 105 -21.82 -97.34 109.65
C SER A 105 -20.91 -98.40 109.02
N LYS A 106 -19.67 -98.07 108.66
CA LYS A 106 -18.70 -99.03 108.10
C LYS A 106 -18.31 -100.15 109.05
N HIS A 107 -18.56 -100.02 110.35
CA HIS A 107 -18.36 -101.06 111.37
C HIS A 107 -19.67 -101.73 111.82
N GLY A 108 -20.81 -101.35 111.24
CA GLY A 108 -22.13 -101.90 111.59
C GLY A 108 -22.69 -101.46 112.95
N ALA A 109 -22.10 -100.45 113.59
CA ALA A 109 -22.54 -99.91 114.87
C ALA A 109 -23.72 -98.90 114.68
N GLU A 110 -24.92 -99.41 114.39
CA GLU A 110 -26.08 -98.57 114.00
C GLU A 110 -26.57 -97.66 115.14
N ASP A 111 -26.62 -98.13 116.39
CA ASP A 111 -27.06 -97.31 117.52
C ASP A 111 -26.16 -96.08 117.70
N ARG A 112 -24.85 -96.28 117.60
CA ARG A 112 -23.83 -95.22 117.62
C ARG A 112 -24.07 -94.24 116.47
N THR A 113 -24.29 -94.76 115.27
CA THR A 113 -24.65 -93.98 114.09
C THR A 113 -25.86 -93.08 114.32
N GLN A 114 -26.94 -93.65 114.85
CA GLN A 114 -28.15 -92.90 115.19
C GLN A 114 -27.93 -91.91 116.32
N ASN A 115 -27.20 -92.27 117.37
CA ASN A 115 -26.81 -91.35 118.43
C ASN A 115 -26.06 -90.13 117.86
N ILE A 116 -25.18 -90.37 116.89
CA ILE A 116 -24.47 -89.30 116.23
C ILE A 116 -25.39 -88.48 115.34
N ILE A 117 -26.31 -89.12 114.64
CA ILE A 117 -27.40 -88.43 113.94
C ILE A 117 -28.23 -87.57 114.91
N MET A 118 -28.45 -88.00 116.16
CA MET A 118 -29.13 -87.20 117.18
C MET A 118 -28.29 -86.02 117.68
N VAL A 119 -26.98 -86.20 117.90
CA VAL A 119 -26.09 -85.08 118.22
C VAL A 119 -26.02 -84.09 117.05
N LEU A 120 -26.02 -84.58 115.80
CA LEU A 120 -26.14 -83.75 114.59
C LEU A 120 -27.47 -82.98 114.53
N LYS A 121 -28.61 -83.62 114.81
CA LYS A 121 -29.91 -82.94 114.97
C LYS A 121 -29.87 -81.85 116.03
N ASP A 122 -29.42 -82.17 117.24
CA ASP A 122 -29.36 -81.22 118.34
C ASP A 122 -28.48 -80.02 118.00
N ARG A 123 -27.33 -80.24 117.35
CA ARG A 123 -26.48 -79.20 116.76
C ARG A 123 -27.22 -78.31 115.77
N MET A 124 -28.01 -78.88 114.85
CA MET A 124 -28.86 -78.10 113.92
C MET A 124 -30.01 -77.34 114.62
N LYS A 125 -30.65 -77.91 115.64
CA LYS A 125 -31.69 -77.24 116.44
C LYS A 125 -31.09 -76.09 117.24
N ILE A 126 -29.98 -76.34 117.94
CA ILE A 126 -29.16 -75.32 118.61
C ILE A 126 -28.86 -74.19 117.64
N ARG A 127 -28.40 -74.51 116.44
CA ARG A 127 -28.03 -73.53 115.43
C ARG A 127 -29.19 -72.65 114.97
N GLU A 128 -30.31 -73.25 114.66
CA GLU A 128 -31.52 -72.53 114.30
C GLU A 128 -32.05 -71.66 115.44
N ARG A 129 -32.06 -72.20 116.66
CA ARG A 129 -32.53 -71.52 117.85
C ARG A 129 -31.63 -70.35 118.21
N ASN A 130 -30.32 -70.59 118.18
CA ASN A 130 -29.31 -69.59 118.52
C ASN A 130 -29.25 -68.50 117.46
N LYS A 131 -29.23 -68.85 116.17
CA LYS A 131 -29.04 -67.89 115.07
C LYS A 131 -30.09 -68.01 113.96
N PRO A 132 -31.38 -67.84 114.27
CA PRO A 132 -32.45 -67.87 113.28
C PRO A 132 -32.26 -66.78 112.21
N GLU A 133 -31.72 -65.62 112.60
CA GLU A 133 -31.49 -64.49 111.70
C GLU A 133 -30.58 -64.84 110.54
N ILE A 134 -29.73 -65.86 110.66
CA ILE A 134 -28.93 -66.35 109.53
C ILE A 134 -29.84 -66.91 108.46
N PHE A 135 -30.71 -67.81 108.86
CA PHE A 135 -31.58 -68.52 107.95
C PHE A 135 -32.66 -67.59 107.38
N GLU A 136 -33.13 -66.64 108.19
CA GLU A 136 -33.94 -65.51 107.73
C GLU A 136 -33.17 -64.66 106.72
N LEU A 137 -31.92 -64.26 106.97
CA LEU A 137 -31.17 -63.45 106.02
C LEU A 137 -30.89 -64.20 104.73
N ILE A 138 -30.56 -65.50 104.80
CA ILE A 138 -30.46 -66.34 103.60
C ILE A 138 -31.78 -66.27 102.83
N GLN A 139 -32.87 -66.52 103.53
CA GLN A 139 -34.18 -66.47 102.94
C GLN A 139 -34.44 -65.12 102.25
N GLU A 140 -34.13 -64.00 102.89
CA GLU A 140 -34.35 -62.70 102.27
C GLU A 140 -33.35 -62.42 101.13
N VAL A 141 -32.07 -62.76 101.29
CA VAL A 141 -31.04 -62.61 100.24
C VAL A 141 -31.41 -63.36 98.98
N PHE A 142 -32.03 -64.53 99.14
CA PHE A 142 -32.48 -65.37 98.04
C PHE A 142 -33.98 -65.22 97.75
N ALA A 143 -34.65 -64.25 98.39
CA ALA A 143 -36.05 -63.87 98.21
C ALA A 143 -37.07 -65.03 98.35
N VAL A 144 -36.69 -66.08 99.08
CA VAL A 144 -37.52 -67.27 99.26
C VAL A 144 -38.66 -66.96 100.25
N THR A 145 -39.81 -67.61 100.17
CA THR A 145 -40.89 -67.42 101.15
C THR A 145 -40.58 -68.13 102.46
N LYS A 146 -41.11 -67.64 103.58
CA LYS A 146 -40.87 -68.25 104.90
C LYS A 146 -41.26 -69.72 104.94
N SER A 147 -42.32 -70.07 104.24
CA SER A 147 -42.79 -71.45 104.09
C SER A 147 -41.81 -72.30 103.28
N ALA A 148 -41.50 -71.93 102.02
CA ALA A 148 -40.57 -72.69 101.20
C ALA A 148 -39.17 -72.76 101.82
N HIS A 149 -38.81 -71.74 102.59
CA HIS A 149 -37.67 -71.74 103.47
C HIS A 149 -37.75 -72.81 104.56
N THR A 150 -38.82 -72.87 105.34
CA THR A 150 -38.99 -73.87 106.41
C THR A 150 -38.95 -75.30 105.85
N GLN A 151 -39.54 -75.52 104.68
CA GLN A 151 -39.58 -76.84 104.07
C GLN A 151 -38.24 -77.24 103.48
N GLN A 152 -37.60 -76.33 102.74
CA GLN A 152 -36.22 -76.53 102.31
C GLN A 152 -35.29 -76.72 103.51
N MET A 153 -35.55 -76.04 104.62
CA MET A 153 -34.78 -76.17 105.85
C MET A 153 -34.90 -77.59 106.44
N LYS A 154 -36.13 -78.09 106.55
CA LYS A 154 -36.39 -79.50 106.86
C LYS A 154 -35.68 -80.44 105.88
N ALA A 155 -35.68 -80.14 104.59
CA ALA A 155 -34.97 -80.96 103.59
C ALA A 155 -33.44 -80.95 103.77
N VAL A 156 -32.83 -79.79 104.01
CA VAL A 156 -31.37 -79.72 104.23
C VAL A 156 -30.96 -80.31 105.58
N LYS A 157 -31.82 -80.24 106.60
CA LYS A 157 -31.60 -81.00 107.83
C LYS A 157 -31.51 -82.48 107.53
N GLN A 158 -32.45 -83.02 106.75
CA GLN A 158 -32.34 -84.41 106.32
C GLN A 158 -31.09 -84.69 105.48
N SER A 159 -30.74 -83.83 104.54
CA SER A 159 -29.52 -84.01 103.73
C SER A 159 -28.24 -84.11 104.57
N VAL A 160 -28.15 -83.36 105.68
CA VAL A 160 -27.04 -83.48 106.65
C VAL A 160 -27.11 -84.80 107.45
N LEU A 161 -28.32 -85.30 107.72
CA LEU A 161 -28.55 -86.55 108.47
C LEU A 161 -28.57 -87.82 107.61
N ASP A 162 -28.59 -87.67 106.28
CA ASP A 162 -28.08 -88.67 105.35
C ASP A 162 -26.61 -89.04 105.60
N GLY A 163 -25.96 -88.26 106.48
CA GLY A 163 -24.58 -88.38 106.91
C GLY A 163 -23.71 -88.42 105.68
N THR A 164 -23.10 -89.57 105.45
CA THR A 164 -22.73 -89.92 104.07
C THR A 164 -23.17 -91.31 103.66
N SER A 165 -23.94 -92.01 104.50
CA SER A 165 -24.54 -93.29 104.13
C SER A 165 -25.47 -93.14 102.93
N LYS A 166 -26.21 -92.03 102.86
CA LYS A 166 -26.96 -91.61 101.67
C LYS A 166 -26.36 -90.35 101.06
N TRP A 167 -25.05 -90.42 100.84
CA TRP A 167 -24.34 -89.61 99.86
C TRP A 167 -23.40 -90.53 99.07
N SER A 168 -23.41 -90.44 97.75
CA SER A 168 -22.45 -91.14 96.90
C SER A 168 -22.16 -90.28 95.68
N ALA A 169 -21.00 -90.49 95.08
CA ALA A 169 -20.57 -89.77 93.91
C ALA A 169 -19.64 -90.58 93.01
N LYS A 170 -19.70 -90.30 91.72
CA LYS A 170 -18.60 -90.53 90.79
C LYS A 170 -17.75 -89.26 90.71
N ILE A 171 -16.44 -89.43 90.66
CA ILE A 171 -15.46 -88.36 90.63
C ILE A 171 -14.55 -88.62 89.43
N SER A 172 -14.35 -87.61 88.58
CA SER A 172 -13.45 -87.66 87.43
C SER A 172 -12.35 -86.60 87.57
N ILE A 173 -11.22 -87.04 88.09
CA ILE A 173 -10.09 -86.19 88.48
C ILE A 173 -9.10 -86.15 87.33
N THR A 174 -9.18 -85.10 86.54
CA THR A 174 -8.09 -84.73 85.65
C THR A 174 -7.04 -83.93 86.40
N VAL A 175 -5.89 -84.56 86.63
CA VAL A 175 -4.68 -83.90 87.08
C VAL A 175 -4.10 -83.10 85.92
N VAL A 176 -4.29 -81.78 85.89
CA VAL A 176 -3.93 -80.95 84.73
C VAL A 176 -2.44 -80.67 84.73
N CYS A 177 -1.94 -79.94 85.72
CA CYS A 177 -0.54 -79.51 85.79
C CYS A 177 -0.17 -79.15 87.22
N ALA A 178 1.12 -79.06 87.50
CA ALA A 178 1.61 -78.27 88.61
C ALA A 178 2.51 -77.15 88.10
N GLN A 179 2.61 -76.11 88.91
CA GLN A 179 3.48 -74.97 88.70
C GLN A 179 4.38 -74.87 89.93
N GLY A 180 5.63 -74.48 89.77
CA GLY A 180 6.46 -74.02 90.89
C GLY A 180 6.88 -75.07 91.91
N LEU A 181 6.89 -76.34 91.54
CA LEU A 181 7.30 -77.41 92.41
C LEU A 181 8.72 -77.22 92.94
N GLN A 182 8.99 -77.82 94.08
CA GLN A 182 10.32 -77.83 94.66
C GLN A 182 11.27 -78.72 93.84
N ALA A 183 12.59 -78.48 93.93
CA ALA A 183 13.65 -79.35 93.41
C ALA A 183 14.23 -80.29 94.49
N LYS A 184 14.28 -81.61 94.22
CA LYS A 184 14.79 -82.64 95.15
C LYS A 184 15.90 -83.54 94.56
N ASP A 185 16.16 -83.50 93.25
CA ASP A 185 17.22 -84.30 92.60
C ASP A 185 18.64 -83.72 92.73
N LYS A 186 19.67 -84.56 92.52
CA LYS A 186 21.08 -84.13 92.35
C LYS A 186 21.25 -83.11 91.23
N THR A 187 20.33 -83.14 90.25
CA THR A 187 20.24 -82.18 89.15
C THR A 187 19.73 -80.80 89.54
N GLY A 188 19.16 -80.62 90.75
CA GLY A 188 18.53 -79.34 91.15
C GLY A 188 17.15 -79.12 90.51
N SER A 189 16.50 -80.19 90.04
CA SER A 189 15.11 -80.23 89.58
C SER A 189 14.39 -81.39 90.29
N SER A 190 13.31 -81.90 89.70
CA SER A 190 12.58 -83.10 90.12
C SER A 190 11.92 -83.81 88.96
N ASP A 191 11.57 -85.07 89.17
CA ASP A 191 10.75 -85.89 88.29
C ASP A 191 9.35 -86.08 88.92
N PRO A 192 8.51 -85.04 88.94
CA PRO A 192 7.21 -85.12 89.56
C PRO A 192 6.24 -86.09 88.89
N TYR A 193 5.55 -86.86 89.73
CA TYR A 193 4.29 -87.53 89.42
C TYR A 193 3.31 -87.31 90.56
N VAL A 194 2.04 -87.59 90.30
CA VAL A 194 0.96 -87.40 91.25
C VAL A 194 0.41 -88.77 91.63
N THR A 195 0.23 -89.10 92.90
CA THR A 195 -0.74 -90.14 93.28
C THR A 195 -2.02 -89.46 93.68
N VAL A 196 -3.13 -89.93 93.13
CA VAL A 196 -4.48 -89.55 93.56
C VAL A 196 -5.04 -90.73 94.32
N GLN A 197 -5.42 -90.50 95.57
CA GLN A 197 -6.11 -91.50 96.37
C GLN A 197 -7.45 -91.00 96.82
N VAL A 198 -8.44 -91.85 96.66
CA VAL A 198 -9.79 -91.60 97.12
C VAL A 198 -10.25 -92.84 97.88
N GLY A 199 -10.17 -92.78 99.20
CA GLY A 199 -10.43 -93.94 100.06
C GLY A 199 -9.62 -95.17 99.64
N LYS A 200 -10.35 -96.25 99.37
CA LYS A 200 -9.85 -97.60 99.04
C LYS A 200 -8.91 -97.66 97.83
N THR A 201 -9.03 -96.70 96.90
CA THR A 201 -8.35 -96.75 95.59
C THR A 201 -7.26 -95.71 95.52
N LYS A 202 -6.04 -96.13 95.16
CA LYS A 202 -4.90 -95.28 94.80
C LYS A 202 -4.56 -95.46 93.32
N LYS A 203 -4.45 -94.36 92.58
CA LYS A 203 -3.98 -94.30 91.19
C LYS A 203 -2.83 -93.30 91.11
N ARG A 204 -2.01 -93.39 90.05
CA ARG A 204 -0.92 -92.44 89.82
C ARG A 204 -0.85 -91.92 88.39
N THR A 205 -0.50 -90.66 88.24
CA THR A 205 -0.08 -90.12 86.95
C THR A 205 1.24 -90.77 86.56
N LYS A 206 1.47 -90.72 85.26
CA LYS A 206 2.79 -90.82 84.68
C LYS A 206 3.68 -89.70 85.23
N THR A 207 4.97 -89.96 85.22
CA THR A 207 5.98 -89.05 85.73
C THR A 207 6.36 -88.06 84.66
N ILE A 208 6.55 -86.80 85.05
CA ILE A 208 7.14 -85.80 84.18
C ILE A 208 8.53 -85.56 84.73
N TYR A 209 9.54 -85.69 83.88
CA TYR A 209 10.94 -85.70 84.29
C TYR A 209 11.54 -84.29 84.19
N GLY A 210 12.37 -83.93 85.15
CA GLY A 210 13.19 -82.70 85.15
C GLY A 210 12.43 -81.36 85.13
N ASN A 211 11.13 -81.36 85.40
CA ASN A 211 10.27 -80.19 85.22
C ASN A 211 9.57 -79.77 86.53
N LEU A 212 9.79 -78.54 86.99
CA LEU A 212 9.11 -77.99 88.17
C LEU A 212 7.70 -77.45 87.89
N ASN A 213 7.30 -77.39 86.62
CA ASN A 213 5.98 -76.96 86.14
C ASN A 213 5.30 -78.03 85.28
N PRO A 214 5.20 -79.28 85.77
CA PRO A 214 4.81 -80.39 84.93
C PRO A 214 3.35 -80.25 84.47
N VAL A 215 3.08 -80.71 83.25
CA VAL A 215 1.71 -80.86 82.73
C VAL A 215 1.43 -82.35 82.55
N TRP A 216 0.44 -82.89 83.26
CA TRP A 216 0.04 -84.30 83.13
C TRP A 216 -1.16 -84.43 82.20
N GLU A 217 -2.20 -83.64 82.46
CA GLU A 217 -3.50 -83.74 81.79
C GLU A 217 -4.06 -85.18 81.84
N GLU A 218 -3.97 -85.83 83.01
CA GLU A 218 -4.32 -87.24 83.21
C GLU A 218 -5.57 -87.43 84.08
N ASN A 219 -6.54 -88.19 83.57
CA ASN A 219 -7.84 -88.38 84.22
C ASN A 219 -7.98 -89.73 84.90
N PHE A 220 -8.41 -89.69 86.14
CA PHE A 220 -8.73 -90.86 86.93
C PHE A 220 -10.20 -90.82 87.32
N HIS A 221 -10.83 -91.97 87.31
CA HIS A 221 -12.18 -92.14 87.82
C HIS A 221 -12.17 -92.81 89.20
N PHE A 222 -12.97 -92.29 90.11
CA PHE A 222 -13.14 -92.79 91.48
C PHE A 222 -14.61 -92.79 91.89
N GLU A 223 -14.95 -93.75 92.73
CA GLU A 223 -16.26 -93.88 93.33
C GLU A 223 -16.11 -93.53 94.79
N CYS A 224 -16.87 -92.54 95.25
CA CYS A 224 -16.81 -92.08 96.61
C CYS A 224 -18.15 -92.26 97.28
N HIS A 225 -18.15 -92.98 98.39
CA HIS A 225 -19.34 -93.36 99.15
C HIS A 225 -19.46 -92.52 100.45
N ASN A 226 -18.67 -91.44 100.53
CA ASN A 226 -18.46 -90.70 101.77
C ASN A 226 -17.92 -89.29 101.47
N SER A 227 -18.73 -88.24 101.65
CA SER A 227 -18.27 -86.85 101.44
C SER A 227 -17.21 -86.36 102.46
N SER A 228 -17.01 -87.09 103.56
CA SER A 228 -15.87 -86.95 104.49
C SER A 228 -14.70 -87.85 104.14
N ASP A 229 -14.71 -88.51 102.99
CA ASP A 229 -13.47 -88.86 102.34
C ASP A 229 -12.78 -87.61 101.82
N ARG A 230 -11.51 -87.76 101.53
CA ARG A 230 -10.64 -86.70 101.07
C ARG A 230 -9.86 -87.22 99.89
N ILE A 231 -9.76 -86.41 98.84
CA ILE A 231 -8.96 -86.74 97.68
C ILE A 231 -7.55 -86.28 98.00
N LYS A 232 -6.69 -87.25 98.25
CA LYS A 232 -5.30 -86.98 98.59
C LYS A 232 -4.51 -86.96 97.31
N VAL A 233 -4.29 -85.77 96.80
CA VAL A 233 -3.47 -85.55 95.62
C VAL A 233 -2.05 -85.24 96.08
N ARG A 234 -1.17 -86.23 96.01
CA ARG A 234 0.22 -86.11 96.49
C ARG A 234 1.14 -86.07 95.30
N VAL A 235 2.01 -85.07 95.26
CA VAL A 235 3.01 -84.89 94.23
C VAL A 235 4.34 -85.39 94.79
N TRP A 236 5.00 -86.21 94.01
CA TRP A 236 6.17 -86.98 94.41
C TRP A 236 7.25 -86.92 93.36
N ASP A 237 8.49 -86.86 93.79
CA ASP A 237 9.63 -87.01 92.91
C ASP A 237 9.97 -88.49 92.72
N GLU A 238 9.91 -89.01 91.49
CA GLU A 238 10.07 -90.44 91.24
C GLU A 238 11.52 -90.92 91.38
N ASP A 239 11.97 -91.13 92.60
CA ASP A 239 13.27 -91.74 92.84
C ASP A 239 13.20 -93.27 92.64
N ASP A 240 13.70 -93.78 91.50
CA ASP A 240 13.90 -95.21 91.25
C ASP A 240 15.29 -95.71 91.73
N ASP A 241 16.11 -94.81 92.30
CA ASP A 241 17.52 -95.06 92.62
C ASP A 241 17.72 -95.92 93.88
N ILE A 242 18.99 -96.27 94.17
CA ILE A 242 19.33 -97.04 95.37
C ILE A 242 18.89 -96.31 96.64
N LYS A 243 19.10 -94.99 96.75
CA LYS A 243 18.70 -94.22 97.96
C LYS A 243 17.21 -94.34 98.24
N SER A 244 16.37 -94.39 97.21
CA SER A 244 14.94 -94.63 97.41
C SER A 244 14.64 -96.02 97.91
N ARG A 245 15.23 -97.04 97.29
CA ARG A 245 15.09 -98.42 97.74
C ARG A 245 15.54 -98.59 99.20
N VAL A 246 16.52 -97.81 99.66
CA VAL A 246 16.90 -97.73 101.09
C VAL A 246 15.83 -97.02 101.92
N LYS A 247 15.45 -95.79 101.57
CA LYS A 247 14.45 -95.00 102.31
C LYS A 247 13.11 -95.75 102.47
N GLN A 248 12.70 -96.54 101.48
CA GLN A 248 11.46 -97.34 101.50
C GLN A 248 11.30 -98.21 102.75
N ARG A 249 12.40 -98.70 103.34
CA ARG A 249 12.36 -99.54 104.53
C ARG A 249 11.90 -98.75 105.76
N PHE A 250 12.29 -97.48 105.87
CA PHE A 250 12.05 -96.66 107.06
C PHE A 250 10.80 -95.80 106.94
N LYS A 251 10.55 -95.22 105.77
CA LYS A 251 9.42 -94.31 105.51
C LYS A 251 8.62 -94.70 104.27
N ARG A 252 7.30 -94.49 104.34
CA ARG A 252 6.31 -94.95 103.35
C ARG A 252 6.20 -94.05 102.11
N GLU A 253 6.93 -92.95 102.06
CA GLU A 253 6.86 -91.96 100.98
C GLU A 253 8.24 -91.73 100.38
N SER A 254 8.72 -92.79 99.73
CA SER A 254 10.06 -92.83 99.14
C SER A 254 10.26 -91.85 98.01
N ASP A 255 9.19 -91.55 97.28
CA ASP A 255 9.26 -90.76 96.08
C ASP A 255 9.19 -89.30 96.51
N ASP A 256 10.37 -88.68 96.62
CA ASP A 256 10.64 -87.57 97.55
C ASP A 256 9.58 -86.48 97.45
N PHE A 257 8.85 -86.29 98.55
CA PHE A 257 7.56 -85.63 98.51
C PHE A 257 7.68 -84.15 98.13
N LEU A 258 6.96 -83.77 97.08
CA LEU A 258 7.00 -82.43 96.50
C LEU A 258 5.88 -81.54 97.01
N GLY A 259 4.88 -82.11 97.67
CA GLY A 259 3.70 -81.38 98.11
C GLY A 259 2.42 -82.15 97.89
N GLN A 260 1.35 -81.73 98.56
CA GLN A 260 0.04 -82.36 98.42
C GLN A 260 -1.08 -81.32 98.33
N THR A 261 -2.25 -81.74 97.87
CA THR A 261 -3.51 -81.12 98.27
C THR A 261 -4.54 -82.18 98.69
N ILE A 262 -5.23 -81.92 99.79
CA ILE A 262 -6.18 -82.83 100.43
C ILE A 262 -7.56 -82.22 100.30
N ILE A 263 -8.21 -82.56 99.21
CA ILE A 263 -9.46 -81.92 98.85
C ILE A 263 -10.58 -82.66 99.59
N GLU A 264 -11.27 -82.00 100.52
CA GLU A 264 -12.41 -82.62 101.20
C GLU A 264 -13.56 -82.83 100.21
N VAL A 265 -14.16 -84.01 100.16
CA VAL A 265 -15.12 -84.30 99.09
C VAL A 265 -16.40 -83.43 99.18
N ARG A 266 -16.77 -82.94 100.37
CA ARG A 266 -17.79 -81.87 100.53
C ARG A 266 -17.46 -80.54 99.83
N THR A 267 -16.19 -80.25 99.51
CA THR A 267 -15.76 -79.07 98.74
C THR A 267 -15.74 -79.33 97.24
N LEU A 268 -16.31 -80.44 96.79
CA LEU A 268 -16.47 -80.74 95.38
C LEU A 268 -17.92 -80.56 94.93
N SER A 269 -18.08 -79.94 93.78
CA SER A 269 -19.40 -79.67 93.22
C SER A 269 -19.29 -79.48 91.71
N GLY A 270 -19.90 -80.37 90.95
CA GLY A 270 -19.95 -80.21 89.51
C GLY A 270 -18.57 -80.32 88.88
N GLU A 271 -18.42 -79.61 87.77
CA GLU A 271 -17.18 -79.53 87.01
C GLU A 271 -16.25 -78.40 87.52
N MET A 272 -15.40 -78.72 88.49
CA MET A 272 -14.41 -77.78 89.03
C MET A 272 -13.11 -77.75 88.20
N ASP A 273 -12.43 -76.60 88.19
CA ASP A 273 -11.12 -76.37 87.54
C ASP A 273 -10.26 -75.47 88.45
N VAL A 274 -9.48 -76.09 89.35
CA VAL A 274 -8.93 -75.40 90.54
C VAL A 274 -7.41 -75.62 90.70
N TRP A 275 -6.69 -74.51 90.85
CA TRP A 275 -5.34 -74.43 91.39
C TRP A 275 -5.34 -74.57 92.90
N TYR A 276 -4.77 -75.66 93.37
CA TYR A 276 -4.53 -75.91 94.78
C TYR A 276 -3.05 -75.65 95.09
N ASN A 277 -2.76 -74.69 95.95
CA ASN A 277 -1.43 -74.55 96.52
C ASN A 277 -1.03 -75.86 97.21
N LEU A 278 0.23 -76.28 97.06
CA LEU A 278 0.69 -77.50 97.68
C LEU A 278 1.12 -77.28 99.13
N ASP A 279 0.73 -78.21 99.99
CA ASP A 279 0.95 -78.20 101.44
C ASP A 279 2.05 -79.20 101.86
N LYS A 280 2.68 -78.93 103.01
CA LYS A 280 3.68 -79.79 103.64
C LYS A 280 2.98 -80.95 104.34
N ARG A 281 3.37 -82.18 104.03
CA ARG A 281 2.93 -83.36 104.79
C ARG A 281 3.70 -83.52 106.10
N THR A 282 5.03 -83.38 106.07
CA THR A 282 5.93 -83.58 107.22
C THR A 282 6.90 -82.42 107.35
N ASP A 283 7.52 -82.28 108.51
CA ASP A 283 8.44 -81.19 108.79
C ASP A 283 9.71 -81.23 107.92
N LYS A 284 10.14 -82.43 107.50
CA LYS A 284 11.23 -82.60 106.53
C LYS A 284 10.84 -82.26 105.11
N SER A 285 9.54 -82.10 104.84
CA SER A 285 9.07 -81.69 103.53
C SER A 285 9.43 -80.24 103.28
N ALA A 286 10.20 -79.98 102.24
CA ALA A 286 10.21 -78.67 101.59
C ALA A 286 9.17 -78.72 100.44
N VAL A 287 8.20 -77.80 100.44
CA VAL A 287 7.08 -77.75 99.47
C VAL A 287 6.84 -76.34 98.94
N SER A 288 6.59 -76.29 97.65
CA SER A 288 6.30 -75.08 96.92
C SER A 288 5.45 -75.39 95.70
N GLY A 289 4.80 -74.35 95.18
CA GLY A 289 3.98 -74.48 93.98
C GLY A 289 2.52 -74.82 94.26
N ALA A 290 1.85 -75.13 93.16
CA ALA A 290 0.43 -75.41 93.11
C ALA A 290 0.16 -76.50 92.08
N ILE A 291 -0.96 -77.18 92.23
CA ILE A 291 -1.44 -78.17 91.28
C ILE A 291 -2.84 -77.78 90.77
N ARG A 292 -2.99 -77.62 89.46
CA ARG A 292 -4.27 -77.43 88.79
C ARG A 292 -4.96 -78.76 88.60
N LEU A 293 -6.14 -78.90 89.18
CA LEU A 293 -6.95 -80.09 89.09
C LEU A 293 -8.29 -79.73 88.52
N HIS A 294 -8.66 -80.42 87.46
CA HIS A 294 -10.01 -80.37 86.93
C HIS A 294 -10.76 -81.59 87.45
N ILE A 295 -11.77 -81.35 88.26
CA ILE A 295 -12.51 -82.39 88.97
C ILE A 295 -13.98 -82.27 88.59
N SER A 296 -14.51 -83.26 87.86
CA SER A 296 -15.96 -83.38 87.70
C SER A 296 -16.51 -84.32 88.76
N VAL A 297 -17.52 -83.87 89.50
CA VAL A 297 -18.16 -84.67 90.54
C VAL A 297 -19.66 -84.80 90.29
N GLU A 298 -20.11 -86.05 90.20
CA GLU A 298 -21.51 -86.45 89.99
C GLU A 298 -22.11 -86.98 91.30
N ILE A 299 -22.44 -86.05 92.21
CA ILE A 299 -23.07 -86.37 93.51
C ILE A 299 -24.52 -86.80 93.34
N LYS A 300 -24.91 -87.91 93.97
CA LYS A 300 -26.30 -88.37 94.05
C LYS A 300 -27.20 -87.30 94.71
N GLY A 301 -28.27 -86.93 94.01
CA GLY A 301 -29.20 -85.88 94.42
C GLY A 301 -28.70 -84.46 94.21
N GLU A 302 -27.52 -84.27 93.61
CA GLU A 302 -26.95 -82.97 93.28
C GLU A 302 -26.23 -83.00 91.90
N GLU A 303 -26.91 -83.51 90.89
CA GLU A 303 -26.36 -83.59 89.53
C GLU A 303 -26.27 -82.23 88.85
N LYS A 304 -25.23 -82.06 88.03
CA LYS A 304 -24.99 -80.86 87.18
C LYS A 304 -24.91 -79.54 87.94
N VAL A 305 -24.59 -79.59 89.22
CA VAL A 305 -24.41 -78.40 90.07
C VAL A 305 -23.18 -77.57 89.67
N ALA A 306 -23.17 -76.28 90.00
CA ALA A 306 -22.02 -75.40 89.73
C ALA A 306 -20.90 -75.56 90.79
N PRO A 307 -19.64 -75.30 90.43
CA PRO A 307 -18.53 -75.25 91.38
C PRO A 307 -18.73 -74.26 92.50
N TYR A 308 -18.22 -74.61 93.67
CA TYR A 308 -18.44 -73.80 94.87
C TYR A 308 -17.84 -72.40 94.81
N HIS A 309 -16.83 -72.18 93.99
CA HIS A 309 -16.35 -70.85 93.65
C HIS A 309 -17.44 -70.01 92.99
N VAL A 310 -18.09 -70.54 91.97
CA VAL A 310 -19.20 -69.91 91.24
C VAL A 310 -20.42 -69.73 92.14
N GLN A 311 -20.71 -70.75 92.95
CA GLN A 311 -21.74 -70.64 93.96
C GLN A 311 -21.44 -69.57 94.99
N TYR A 312 -20.20 -69.50 95.47
CA TYR A 312 -19.79 -68.49 96.42
C TYR A 312 -19.90 -67.12 95.80
N THR A 313 -19.45 -66.96 94.56
CA THR A 313 -19.61 -65.71 93.83
C THR A 313 -21.06 -65.31 93.77
N CYS A 314 -21.93 -66.21 93.36
CA CYS A 314 -23.36 -65.99 93.35
C CYS A 314 -23.92 -65.62 94.73
N LEU A 315 -23.53 -66.34 95.78
CA LEU A 315 -23.90 -66.03 97.16
C LEU A 315 -23.46 -64.62 97.53
N HIS A 316 -22.19 -64.31 97.32
CA HIS A 316 -21.58 -63.04 97.68
C HIS A 316 -22.19 -61.90 96.92
N GLU A 317 -22.44 -62.07 95.63
CA GLU A 317 -23.11 -61.11 94.77
C GLU A 317 -24.54 -60.87 95.24
N ASN A 318 -25.32 -61.92 95.48
CA ASN A 318 -26.68 -61.76 95.95
C ASN A 318 -26.72 -61.14 97.33
N LEU A 319 -25.85 -61.60 98.21
CA LEU A 319 -25.76 -61.06 99.55
C LEU A 319 -25.34 -59.59 99.51
N PHE A 320 -24.35 -59.24 98.68
CA PHE A 320 -23.94 -57.87 98.46
C PHE A 320 -25.08 -57.03 97.92
N HIS A 321 -25.73 -57.45 96.82
CA HIS A 321 -26.82 -56.70 96.23
C HIS A 321 -27.99 -56.60 97.22
N PHE A 322 -28.21 -57.62 98.04
CA PHE A 322 -29.20 -57.57 99.09
C PHE A 322 -28.80 -56.55 100.14
N VAL A 323 -27.61 -56.64 100.70
CA VAL A 323 -27.18 -55.71 101.73
C VAL A 323 -27.15 -54.29 101.20
N THR A 324 -26.46 -54.08 100.09
CA THR A 324 -26.29 -52.75 99.53
C THR A 324 -27.59 -52.21 98.99
N ASP A 325 -28.17 -52.85 97.99
CA ASP A 325 -29.35 -52.33 97.31
C ASP A 325 -30.62 -52.54 98.11
N VAL A 326 -30.84 -53.72 98.68
CA VAL A 326 -32.13 -54.05 99.29
C VAL A 326 -32.22 -53.57 100.75
N GLN A 327 -31.24 -53.88 101.60
CA GLN A 327 -31.24 -53.40 102.99
C GLN A 327 -30.88 -51.91 103.06
N ASN A 328 -29.88 -51.46 102.29
CA ASN A 328 -29.30 -50.12 102.39
C ASN A 328 -29.64 -49.17 101.23
N ASN A 329 -30.66 -49.48 100.42
CA ASN A 329 -31.19 -48.62 99.35
C ASN A 329 -30.14 -48.19 98.30
N GLY A 330 -29.03 -48.93 98.20
CA GLY A 330 -27.87 -48.67 97.36
C GLY A 330 -26.60 -48.39 98.15
N VAL A 331 -26.70 -47.85 99.37
CA VAL A 331 -25.52 -47.46 100.15
C VAL A 331 -24.70 -48.70 100.51
N VAL A 332 -23.41 -48.66 100.20
CA VAL A 332 -22.49 -49.73 100.62
C VAL A 332 -22.13 -49.50 102.08
N LYS A 333 -22.76 -50.24 102.97
CA LYS A 333 -22.37 -50.28 104.39
C LYS A 333 -20.99 -50.91 104.52
N ILE A 334 -19.99 -50.08 104.72
CA ILE A 334 -18.63 -50.52 105.01
C ILE A 334 -18.67 -51.19 106.38
N PRO A 335 -18.20 -52.44 106.53
CA PRO A 335 -18.12 -53.09 107.83
C PRO A 335 -17.07 -52.45 108.74
N ASP A 336 -17.35 -52.38 110.04
CA ASP A 336 -16.33 -52.13 111.05
C ASP A 336 -15.40 -53.35 111.13
N ALA A 337 -14.17 -53.21 110.62
CA ALA A 337 -13.16 -54.27 110.58
C ALA A 337 -11.76 -53.66 110.63
N LYS A 338 -10.86 -54.29 111.37
CA LYS A 338 -9.50 -53.81 111.65
C LYS A 338 -8.50 -54.96 111.60
N GLY A 339 -7.22 -54.62 111.49
CA GLY A 339 -6.11 -55.57 111.39
C GLY A 339 -5.93 -56.19 110.01
N ASP A 340 -4.91 -57.04 109.88
CA ASP A 340 -4.52 -57.65 108.59
C ASP A 340 -5.57 -58.63 108.03
N ASP A 341 -6.62 -58.94 108.80
CA ASP A 341 -7.79 -59.70 108.36
C ASP A 341 -9.03 -58.81 108.07
N ALA A 342 -8.95 -57.47 108.16
CA ALA A 342 -10.10 -56.58 107.89
C ALA A 342 -10.66 -56.72 106.47
N TRP A 343 -9.78 -56.87 105.49
CA TRP A 343 -10.11 -57.13 104.08
C TRP A 343 -10.87 -58.45 103.85
N LYS A 344 -10.93 -59.31 104.87
CA LYS A 344 -11.71 -60.55 104.92
C LYS A 344 -13.10 -60.35 105.53
N VAL A 345 -13.40 -59.17 106.03
CA VAL A 345 -14.70 -58.81 106.55
C VAL A 345 -15.37 -57.88 105.55
N TYR A 346 -16.54 -58.30 105.09
CA TYR A 346 -17.27 -57.69 103.98
C TYR A 346 -18.63 -57.11 104.42
N TYR A 347 -19.14 -57.59 105.56
CA TYR A 347 -20.50 -57.37 106.05
C TYR A 347 -20.60 -57.31 107.58
N ASP A 348 -21.77 -56.99 108.11
CA ASP A 348 -22.13 -57.34 109.50
C ASP A 348 -22.04 -58.84 109.76
N GLU A 349 -21.89 -59.19 111.03
CA GLU A 349 -21.68 -60.54 111.58
C GLU A 349 -22.48 -61.64 110.89
N THR A 350 -23.78 -61.43 110.70
CA THR A 350 -24.67 -62.48 110.21
C THR A 350 -24.33 -62.79 108.75
N ALA A 351 -24.28 -61.73 107.93
CA ALA A 351 -23.89 -61.82 106.54
C ALA A 351 -22.46 -62.31 106.35
N GLN A 352 -21.56 -61.91 107.24
CA GLN A 352 -20.20 -62.39 107.27
C GLN A 352 -20.15 -63.90 107.55
N GLU A 353 -20.89 -64.36 108.56
CA GLU A 353 -20.94 -65.77 108.90
C GLU A 353 -21.49 -66.61 107.75
N ILE A 354 -22.45 -66.08 106.98
CA ILE A 354 -22.97 -66.75 105.80
C ILE A 354 -21.88 -67.05 104.79
N VAL A 355 -21.17 -66.01 104.36
CA VAL A 355 -20.12 -66.21 103.37
C VAL A 355 -18.97 -67.02 103.92
N ASP A 356 -18.55 -66.78 105.16
CA ASP A 356 -17.44 -67.52 105.76
C ASP A 356 -17.79 -69.00 105.96
N GLU A 357 -18.97 -69.36 106.45
CA GLU A 357 -19.33 -70.75 106.57
C GLU A 357 -19.54 -71.42 105.23
N PHE A 358 -20.14 -70.71 104.27
CA PHE A 358 -20.18 -71.22 102.91
C PHE A 358 -18.77 -71.49 102.39
N ALA A 359 -17.88 -70.50 102.51
CA ALA A 359 -16.52 -70.58 102.01
C ALA A 359 -15.70 -71.66 102.70
N MET A 360 -15.72 -71.70 104.03
CA MET A 360 -14.99 -72.69 104.84
C MET A 360 -15.53 -74.11 104.61
N ARG A 361 -16.86 -74.28 104.54
CA ARG A 361 -17.44 -75.60 104.24
C ARG A 361 -17.12 -76.08 102.84
N TYR A 362 -17.06 -75.15 101.88
CA TYR A 362 -16.93 -75.48 100.48
C TYR A 362 -15.55 -75.13 99.85
N GLY A 363 -14.53 -74.93 100.69
CA GLY A 363 -13.11 -74.84 100.30
C GLY A 363 -12.71 -73.59 99.52
N VAL A 364 -13.54 -72.56 99.53
CA VAL A 364 -13.31 -71.32 98.79
C VAL A 364 -12.28 -70.48 99.54
N GLU A 365 -11.11 -70.33 98.95
CA GLU A 365 -10.00 -69.65 99.58
C GLU A 365 -10.29 -68.16 99.80
N SER A 366 -9.76 -67.60 100.89
CA SER A 366 -9.96 -66.22 101.28
C SER A 366 -9.62 -65.20 100.18
N ILE A 367 -8.57 -65.43 99.40
CA ILE A 367 -8.21 -64.55 98.29
C ILE A 367 -9.28 -64.53 97.19
N TYR A 368 -9.94 -65.65 96.92
CA TYR A 368 -11.06 -65.69 95.99
C TYR A 368 -12.23 -64.86 96.48
N GLN A 369 -12.56 -65.01 97.76
CA GLN A 369 -13.60 -64.22 98.43
C GLN A 369 -13.34 -62.72 98.29
N ALA A 370 -12.09 -62.33 98.52
CA ALA A 370 -11.64 -60.95 98.42
C ALA A 370 -11.70 -60.38 97.01
N MET A 371 -11.18 -61.11 96.04
CA MET A 371 -11.22 -60.70 94.64
C MET A 371 -12.67 -60.60 94.14
N THR A 372 -13.52 -61.50 94.59
CA THR A 372 -14.97 -61.42 94.41
C THR A 372 -15.56 -60.15 95.05
N HIS A 373 -15.31 -59.90 96.33
CA HIS A 373 -15.88 -58.73 96.97
C HIS A 373 -15.34 -57.43 96.37
N PHE A 374 -14.07 -57.41 95.98
CA PHE A 374 -13.48 -56.32 95.23
C PHE A 374 -14.23 -56.10 93.92
N ALA A 375 -14.58 -57.17 93.20
CA ALA A 375 -15.43 -57.09 92.03
C ALA A 375 -16.81 -56.51 92.34
N CYS A 376 -17.46 -56.91 93.43
CA CYS A 376 -18.68 -56.26 93.89
C CYS A 376 -18.42 -54.76 94.11
N LEU A 377 -17.46 -54.40 94.96
CA LEU A 377 -17.16 -53.00 95.30
C LEU A 377 -16.82 -52.16 94.09
N SER A 378 -16.21 -52.76 93.07
CA SER A 378 -15.83 -52.06 91.85
C SER A 378 -17.02 -51.50 91.11
N SER A 379 -18.21 -52.08 91.26
CA SER A 379 -19.42 -51.50 90.69
C SER A 379 -19.83 -50.25 91.50
N LYS A 380 -19.73 -50.31 92.82
CA LYS A 380 -20.15 -49.24 93.75
C LYS A 380 -19.00 -48.32 94.15
N TYR A 381 -17.95 -48.25 93.35
CA TYR A 381 -16.75 -47.52 93.71
C TYR A 381 -17.01 -46.02 93.93
N MET A 382 -18.03 -45.42 93.28
CA MET A 382 -18.37 -44.01 93.52
C MET A 382 -18.84 -43.76 94.96
N CYS A 383 -19.33 -44.78 95.66
CA CYS A 383 -20.00 -44.63 96.95
C CYS A 383 -19.00 -44.29 98.08
N PRO A 384 -19.41 -43.53 99.14
CA PRO A 384 -18.46 -42.94 100.07
C PRO A 384 -17.59 -43.97 100.80
N GLY A 385 -16.31 -43.68 100.99
CA GLY A 385 -15.34 -44.55 101.63
C GLY A 385 -14.93 -45.76 100.80
N VAL A 386 -15.75 -46.21 99.84
CA VAL A 386 -15.48 -47.43 99.05
C VAL A 386 -14.09 -47.40 98.44
N PRO A 387 -13.59 -46.29 97.88
CA PRO A 387 -12.27 -46.31 97.28
C PRO A 387 -11.16 -46.62 98.28
N ALA A 388 -11.35 -46.25 99.55
CA ALA A 388 -10.40 -46.57 100.60
C ALA A 388 -10.40 -48.08 100.85
N VAL A 389 -11.59 -48.66 100.99
CA VAL A 389 -11.76 -50.10 101.23
C VAL A 389 -11.19 -50.85 100.06
N MET A 390 -11.57 -50.49 98.85
CA MET A 390 -11.06 -51.09 97.64
C MET A 390 -9.55 -50.96 97.54
N SER A 391 -9.00 -49.80 97.86
CA SER A 391 -7.55 -49.61 97.84
C SER A 391 -6.86 -50.54 98.81
N THR A 392 -7.40 -50.64 100.01
CA THR A 392 -6.90 -51.51 101.06
C THR A 392 -6.99 -52.97 100.63
N LEU A 393 -8.17 -53.36 100.19
CA LEU A 393 -8.47 -54.70 99.72
C LEU A 393 -7.50 -55.10 98.60
N LEU A 394 -7.26 -54.20 97.66
CA LEU A 394 -6.34 -54.44 96.57
C LEU A 394 -4.89 -54.43 97.00
N ALA A 395 -4.50 -53.61 97.96
CA ALA A 395 -3.19 -53.71 98.55
C ALA A 395 -2.99 -55.08 99.22
N ASN A 396 -4.04 -55.68 99.79
CA ASN A 396 -3.97 -57.02 100.36
C ASN A 396 -3.91 -58.11 99.30
N ILE A 397 -4.79 -58.03 98.30
CA ILE A 397 -4.76 -58.92 97.15
C ILE A 397 -3.38 -58.85 96.46
N ASN A 398 -2.86 -57.64 96.33
CA ASN A 398 -1.51 -57.39 95.88
C ASN A 398 -0.50 -58.09 96.77
N ALA A 399 -0.52 -57.82 98.08
CA ALA A 399 0.45 -58.37 98.99
C ALA A 399 0.44 -59.90 99.01
N TYR A 400 -0.75 -60.49 98.89
CA TYR A 400 -0.94 -61.91 98.76
C TYR A 400 -0.15 -62.45 97.55
N TYR A 401 -0.48 -62.01 96.34
CA TYR A 401 0.20 -62.58 95.15
C TYR A 401 1.66 -62.15 95.04
N ALA A 402 1.96 -60.88 95.37
CA ALA A 402 3.30 -60.35 95.27
C ALA A 402 4.25 -61.11 96.19
N HIS A 403 3.99 -61.06 97.49
CA HIS A 403 5.02 -61.38 98.48
C HIS A 403 4.97 -62.81 98.97
N THR A 404 3.79 -63.44 99.01
CA THR A 404 3.67 -64.67 99.79
C THR A 404 4.60 -65.77 99.26
N THR A 405 5.43 -66.27 100.18
CA THR A 405 6.48 -67.28 100.01
C THR A 405 7.48 -67.02 98.88
N ALA A 406 8.62 -66.47 99.26
CA ALA A 406 9.81 -66.37 98.42
C ALA A 406 10.45 -67.73 98.07
N SER A 407 10.17 -68.81 98.82
CA SER A 407 10.67 -70.17 98.55
C SER A 407 10.16 -70.76 97.22
N THR A 408 9.08 -70.18 96.68
CA THR A 408 8.62 -70.45 95.31
C THR A 408 9.65 -70.00 94.28
N ASN A 409 9.72 -70.71 93.15
CA ASN A 409 10.54 -70.33 91.99
C ASN A 409 9.65 -69.83 90.82
N VAL A 410 8.59 -69.08 91.16
CA VAL A 410 7.52 -68.65 90.24
C VAL A 410 7.27 -67.14 90.36
N SER A 411 7.12 -66.46 89.23
CA SER A 411 6.89 -65.02 89.20
C SER A 411 5.55 -64.67 89.87
N ALA A 412 5.40 -63.43 90.36
CA ALA A 412 4.14 -63.02 90.96
C ALA A 412 2.99 -63.12 89.94
N SER A 413 3.26 -62.83 88.68
CA SER A 413 2.30 -62.92 87.61
C SER A 413 1.86 -64.34 87.34
N ASP A 414 2.76 -65.32 87.40
CA ASP A 414 2.44 -66.73 87.23
C ASP A 414 1.71 -67.31 88.44
N ARG A 415 2.12 -66.92 89.64
CA ARG A 415 1.40 -67.28 90.87
C ARG A 415 -0.01 -66.69 90.84
N PHE A 416 -0.15 -65.48 90.33
CA PHE A 416 -1.45 -64.88 90.06
C PHE A 416 -2.19 -65.57 88.89
N ALA A 417 -1.51 -66.13 87.87
CA ALA A 417 -2.16 -66.99 86.87
C ALA A 417 -2.69 -68.29 87.47
N ALA A 418 -2.16 -68.72 88.61
CA ALA A 418 -2.78 -69.76 89.43
C ALA A 418 -3.93 -69.27 90.35
N SER A 419 -4.44 -68.06 90.18
CA SER A 419 -5.64 -67.62 90.91
C SER A 419 -6.90 -68.30 90.41
N ASN A 420 -7.68 -68.88 91.31
CA ASN A 420 -8.97 -69.46 90.95
C ASN A 420 -10.05 -68.42 90.62
N PHE A 421 -9.82 -67.15 90.95
CA PHE A 421 -10.66 -66.08 90.44
C PHE A 421 -10.55 -65.93 88.92
N GLY A 422 -9.40 -66.27 88.35
CA GLY A 422 -9.05 -65.98 86.96
C GLY A 422 -8.27 -64.67 86.87
N LYS A 423 -7.04 -64.79 86.35
CA LYS A 423 -6.10 -63.69 86.20
C LYS A 423 -6.65 -62.62 85.30
N GLU A 424 -6.91 -63.02 84.06
CA GLU A 424 -7.64 -62.31 83.03
C GLU A 424 -8.80 -61.51 83.59
N ARG A 425 -9.74 -62.17 84.26
CA ARG A 425 -10.95 -61.57 84.84
C ARG A 425 -10.59 -60.43 85.77
N PHE A 426 -9.65 -60.66 86.67
CA PHE A 426 -9.21 -59.63 87.57
C PHE A 426 -8.46 -58.51 86.86
N VAL A 427 -7.64 -58.83 85.87
CA VAL A 427 -6.93 -57.85 85.04
C VAL A 427 -7.93 -56.92 84.35
N LYS A 428 -8.93 -57.49 83.69
CA LYS A 428 -10.01 -56.76 83.03
C LYS A 428 -10.81 -55.92 84.02
N LEU A 429 -11.17 -56.51 85.15
CA LEU A 429 -11.88 -55.83 86.22
C LEU A 429 -11.14 -54.56 86.65
N LEU A 430 -9.86 -54.70 86.93
CA LEU A 430 -8.97 -53.60 87.28
C LEU A 430 -8.87 -52.56 86.18
N ASP A 431 -8.80 -52.98 84.93
CA ASP A 431 -8.76 -52.07 83.80
C ASP A 431 -10.03 -51.24 83.67
N GLN A 432 -11.20 -51.88 83.77
CA GLN A 432 -12.49 -51.19 83.75
C GLN A 432 -12.57 -50.20 84.89
N LEU A 433 -12.22 -50.64 86.09
CA LEU A 433 -12.20 -49.79 87.25
C LEU A 433 -11.24 -48.63 87.06
N HIS A 434 -10.03 -48.90 86.60
CA HIS A 434 -9.05 -47.87 86.34
C HIS A 434 -9.59 -46.82 85.38
N ASN A 435 -10.25 -47.27 84.33
CA ASN A 435 -10.92 -46.38 83.41
C ASN A 435 -12.03 -45.57 84.09
N SER A 436 -12.90 -46.22 84.86
CA SER A 436 -13.97 -45.53 85.58
C SER A 436 -13.42 -44.47 86.55
N LEU A 437 -12.30 -44.79 87.21
CA LEU A 437 -11.59 -43.86 88.06
C LEU A 437 -11.01 -42.71 87.23
N ARG A 438 -10.34 -42.98 86.11
CA ARG A 438 -9.85 -41.97 85.15
C ARG A 438 -10.97 -41.01 84.76
N ILE A 439 -12.12 -41.52 84.38
CA ILE A 439 -13.27 -40.71 83.99
C ILE A 439 -13.68 -39.78 85.13
N ASP A 440 -13.93 -40.34 86.31
CA ASP A 440 -14.42 -39.53 87.42
C ASP A 440 -13.39 -38.49 87.86
N LEU A 441 -12.10 -38.85 87.88
CA LEU A 441 -11.00 -37.94 88.12
C LEU A 441 -10.89 -36.87 87.01
N SER A 442 -11.30 -37.15 85.78
CA SER A 442 -11.33 -36.15 84.71
C SER A 442 -12.40 -35.08 84.89
N MET A 443 -13.29 -35.25 85.86
CA MET A 443 -14.19 -34.21 86.36
C MET A 443 -14.11 -34.06 87.88
N TYR A 444 -12.91 -34.22 88.47
CA TYR A 444 -12.72 -34.30 89.92
C TYR A 444 -13.33 -33.16 90.71
N ARG A 445 -13.34 -31.94 90.15
CA ARG A 445 -13.89 -30.80 90.87
C ARG A 445 -15.39 -30.99 91.08
N ASN A 446 -16.09 -31.29 89.99
CA ASN A 446 -17.53 -31.49 89.97
C ASN A 446 -17.89 -32.75 90.77
N ASN A 447 -17.18 -33.85 90.51
CA ASN A 447 -17.44 -35.15 91.13
C ASN A 447 -16.96 -35.25 92.56
N PHE A 448 -16.11 -34.34 93.01
CA PHE A 448 -15.61 -34.33 94.36
C PHE A 448 -15.49 -32.88 94.81
N PRO A 449 -16.63 -32.22 95.04
CA PRO A 449 -16.66 -30.79 95.31
C PRO A 449 -15.92 -30.47 96.60
N ALA A 450 -15.14 -29.38 96.59
CA ALA A 450 -14.37 -28.97 97.76
C ALA A 450 -15.26 -28.68 98.98
N SER A 451 -16.50 -28.25 98.74
CA SER A 451 -17.54 -28.07 99.76
C SER A 451 -17.93 -29.36 100.49
N SER A 452 -17.48 -30.54 100.03
CA SER A 452 -17.56 -31.78 100.78
C SER A 452 -16.17 -32.38 101.01
N PRO A 453 -15.64 -32.23 102.24
CA PRO A 453 -14.43 -32.89 102.69
C PRO A 453 -14.45 -34.40 102.49
N GLU A 454 -15.62 -35.01 102.69
CA GLU A 454 -15.74 -36.44 102.55
C GLU A 454 -15.57 -36.83 101.09
N ARG A 455 -16.15 -36.07 100.17
CA ARG A 455 -15.90 -36.29 98.76
C ARG A 455 -14.45 -36.00 98.43
N LEU A 456 -13.80 -35.02 99.06
CA LEU A 456 -12.36 -34.89 98.93
C LEU A 456 -11.63 -36.13 99.45
N GLN A 457 -12.06 -36.73 100.55
CA GLN A 457 -11.44 -37.95 101.02
C GLN A 457 -11.71 -39.11 100.07
N ASP A 458 -12.89 -39.17 99.47
CA ASP A 458 -13.17 -40.16 98.45
C ASP A 458 -12.31 -39.95 97.23
N LEU A 459 -12.14 -38.71 96.79
CA LEU A 459 -11.18 -38.35 95.77
C LEU A 459 -9.80 -38.88 96.14
N LYS A 460 -9.34 -38.60 97.36
CA LYS A 460 -8.04 -39.05 97.82
C LYS A 460 -7.96 -40.57 97.71
N SER A 461 -8.95 -41.26 98.22
CA SER A 461 -8.98 -42.70 98.19
C SER A 461 -9.22 -43.29 96.81
N THR A 462 -9.82 -42.54 95.89
CA THR A 462 -9.99 -42.86 94.47
C THR A 462 -8.64 -42.90 93.78
N VAL A 463 -7.82 -41.90 94.08
CA VAL A 463 -6.42 -41.89 93.66
C VAL A 463 -5.64 -42.97 94.36
N ASP A 464 -5.77 -43.15 95.67
CA ASP A 464 -5.09 -44.24 96.37
C ASP A 464 -5.45 -45.62 95.80
N LEU A 465 -6.70 -45.82 95.40
CA LEU A 465 -7.10 -47.00 94.66
C LEU A 465 -6.41 -47.09 93.30
N LEU A 466 -6.41 -46.02 92.50
CA LEU A 466 -5.68 -45.97 91.22
C LEU A 466 -4.19 -46.29 91.37
N THR A 467 -3.58 -45.77 92.42
CA THR A 467 -2.21 -46.14 92.78
C THR A 467 -2.13 -47.62 93.06
N SER A 468 -2.99 -48.14 93.92
CA SER A 468 -3.02 -49.54 94.28
C SER A 468 -3.19 -50.44 93.07
N ILE A 469 -3.97 -50.01 92.08
CA ILE A 469 -4.15 -50.71 90.80
C ILE A 469 -2.87 -50.68 89.98
N THR A 470 -2.26 -49.52 89.88
CA THR A 470 -1.01 -49.34 89.14
C THR A 470 0.11 -50.14 89.77
N PHE A 471 0.17 -50.12 91.09
CA PHE A 471 1.08 -50.91 91.88
C PHE A 471 0.81 -52.39 91.69
N PHE A 472 -0.45 -52.82 91.69
CA PHE A 472 -0.82 -54.19 91.37
C PHE A 472 -0.38 -54.61 89.96
N ARG A 473 -0.60 -53.75 88.97
CA ARG A 473 -0.08 -53.95 87.62
C ARG A 473 1.43 -54.10 87.61
N MET A 474 2.12 -53.25 88.35
CA MET A 474 3.58 -53.26 88.43
C MET A 474 4.14 -54.49 89.17
N LYS A 475 3.52 -54.86 90.29
CA LYS A 475 4.01 -55.86 91.23
C LYS A 475 3.49 -57.25 90.97
N VAL A 476 2.18 -57.39 90.80
CA VAL A 476 1.55 -58.69 90.56
C VAL A 476 1.58 -59.04 89.11
N GLN A 477 1.06 -58.17 88.25
CA GLN A 477 1.10 -58.46 86.81
C GLN A 477 2.53 -58.34 86.26
N GLU A 478 3.46 -57.75 87.02
CA GLU A 478 4.85 -57.54 86.59
C GLU A 478 4.92 -56.78 85.27
N LEU A 479 3.95 -55.91 85.01
CA LEU A 479 3.94 -55.08 83.80
C LEU A 479 5.12 -54.13 83.83
N GLN A 480 5.76 -54.04 82.67
CA GLN A 480 7.02 -53.33 82.45
C GLN A 480 6.81 -51.82 82.27
N SER A 481 5.60 -51.40 81.93
CA SER A 481 5.27 -49.99 81.65
C SER A 481 3.79 -49.67 81.93
N PRO A 482 3.26 -49.94 83.13
CA PRO A 482 1.89 -49.55 83.44
C PRO A 482 1.75 -48.01 83.35
N PRO A 483 0.60 -47.48 82.87
CA PRO A 483 0.37 -46.04 82.81
C PRO A 483 0.55 -45.41 84.18
N ARG A 484 1.59 -44.61 84.36
CA ARG A 484 2.05 -44.25 85.71
C ARG A 484 0.95 -43.47 86.42
N ALA A 485 0.57 -43.88 87.64
CA ALA A 485 -0.61 -43.35 88.31
C ALA A 485 -0.61 -41.84 88.42
N SER A 486 0.53 -41.29 88.85
CA SER A 486 0.76 -39.86 88.92
C SER A 486 0.45 -39.21 87.58
N GLN A 487 0.98 -39.75 86.49
CA GLN A 487 0.71 -39.25 85.17
C GLN A 487 -0.78 -39.39 84.81
N VAL A 488 -1.37 -40.56 85.02
CA VAL A 488 -2.79 -40.79 84.72
C VAL A 488 -3.66 -39.75 85.38
N VAL A 489 -3.45 -39.55 86.68
CA VAL A 489 -4.12 -38.55 87.49
C VAL A 489 -3.86 -37.16 86.95
N LYS A 490 -2.60 -36.83 86.61
CA LYS A 490 -2.20 -35.53 86.08
C LYS A 490 -2.95 -35.21 84.79
N ASP A 491 -3.15 -36.20 83.95
CA ASP A 491 -3.98 -36.09 82.77
C ASP A 491 -5.43 -35.85 83.15
N CYS A 492 -5.95 -36.62 84.12
CA CYS A 492 -7.33 -36.43 84.58
C CYS A 492 -7.52 -34.99 85.05
N VAL A 493 -6.56 -34.52 85.84
CA VAL A 493 -6.57 -33.17 86.39
C VAL A 493 -6.54 -32.19 85.24
N LYS A 494 -5.68 -32.40 84.25
CA LYS A 494 -5.69 -31.58 83.05
C LYS A 494 -7.04 -31.61 82.38
N ALA A 495 -7.64 -32.76 82.15
CA ALA A 495 -8.94 -32.86 81.53
C ALA A 495 -10.00 -32.08 82.32
N CYS A 496 -10.02 -32.28 83.63
CA CYS A 496 -10.92 -31.54 84.48
C CYS A 496 -10.66 -30.04 84.39
N LEU A 497 -9.40 -29.63 84.41
CA LEU A 497 -9.01 -28.25 84.32
C LEU A 497 -9.45 -27.64 83.01
N ASN A 498 -9.34 -28.38 81.91
CA ASN A 498 -9.85 -27.93 80.64
C ASN A 498 -11.35 -27.71 80.74
N SER A 499 -12.08 -28.67 81.27
CA SER A 499 -13.52 -28.55 81.41
C SER A 499 -13.92 -27.46 82.38
N THR A 500 -13.13 -27.30 83.44
CA THR A 500 -13.31 -26.20 84.38
C THR A 500 -13.10 -24.90 83.64
N TYR A 501 -12.02 -24.82 82.87
CA TYR A 501 -11.66 -23.63 82.16
C TYR A 501 -12.81 -23.26 81.24
N GLU A 502 -13.27 -24.20 80.41
CA GLU A 502 -14.46 -24.02 79.62
C GLU A 502 -15.63 -23.53 80.48
N TYR A 503 -15.89 -24.19 81.60
CA TYR A 503 -17.05 -23.84 82.41
C TYR A 503 -16.97 -22.38 82.85
N ILE A 504 -15.88 -22.00 83.51
CA ILE A 504 -15.71 -20.63 83.97
C ILE A 504 -15.75 -19.68 82.77
N PHE A 505 -15.10 -20.04 81.67
CA PHE A 505 -15.02 -19.26 80.44
C PHE A 505 -16.38 -19.10 79.76
N ASN A 506 -17.36 -19.89 80.15
CA ASN A 506 -18.71 -19.77 79.65
C ASN A 506 -19.65 -19.12 80.68
N ASN A 507 -19.27 -19.09 81.95
CA ASN A 507 -20.14 -18.71 83.06
C ASN A 507 -19.51 -17.58 83.87
N CYS A 508 -18.57 -16.87 83.28
CA CYS A 508 -17.72 -15.94 83.99
C CYS A 508 -18.52 -14.95 84.81
N HIS A 509 -19.55 -14.34 84.23
CA HIS A 509 -20.18 -13.24 84.95
C HIS A 509 -20.99 -13.72 86.15
N GLU A 510 -21.75 -14.79 85.99
CA GLU A 510 -22.49 -15.42 87.07
C GLU A 510 -21.60 -15.74 88.26
N LEU A 511 -20.50 -16.42 87.97
CA LEU A 511 -19.56 -16.84 88.98
C LEU A 511 -18.96 -15.61 89.70
N TYR A 512 -18.50 -14.63 88.93
CA TYR A 512 -17.87 -13.44 89.49
C TYR A 512 -18.81 -12.55 90.28
N GLY A 513 -19.96 -12.30 89.67
CA GLY A 513 -21.07 -11.60 90.27
C GLY A 513 -21.32 -12.14 91.65
N ARG A 514 -21.69 -13.41 91.71
CA ARG A 514 -21.91 -14.12 92.97
C ARG A 514 -20.74 -13.98 93.95
N GLU A 515 -19.53 -14.40 93.58
CA GLU A 515 -18.44 -14.63 94.54
C GLU A 515 -17.74 -13.36 95.03
N TYR A 516 -17.70 -12.26 94.26
CA TYR A 516 -16.91 -11.08 94.63
C TYR A 516 -17.68 -9.75 94.59
N GLN A 517 -18.76 -9.65 93.82
CA GLN A 517 -19.34 -8.35 93.50
C GLN A 517 -20.04 -7.71 94.72
N THR A 518 -19.59 -6.56 95.22
CA THR A 518 -20.11 -5.92 96.46
C THR A 518 -21.50 -5.26 96.30
N ASP A 519 -21.96 -5.02 95.08
CA ASP A 519 -23.35 -4.64 94.79
C ASP A 519 -24.13 -5.88 94.29
N PRO A 520 -25.16 -6.34 95.02
CA PRO A 520 -25.96 -7.52 94.64
C PRO A 520 -26.60 -7.42 93.26
N ALA A 521 -26.94 -6.21 92.79
CA ALA A 521 -27.57 -6.00 91.49
C ALA A 521 -26.69 -6.41 90.31
N LYS A 522 -25.39 -6.59 90.54
CA LYS A 522 -24.41 -7.01 89.54
C LYS A 522 -24.09 -8.52 89.60
N LYS A 523 -24.73 -9.32 90.46
CA LYS A 523 -24.39 -10.74 90.63
C LYS A 523 -24.92 -11.68 89.55
N GLY A 524 -25.87 -11.20 88.76
CA GLY A 524 -26.71 -11.99 87.88
C GLY A 524 -26.12 -12.37 86.51
N GLU A 525 -27.04 -12.76 85.61
CA GLU A 525 -26.76 -13.35 84.29
C GLU A 525 -26.47 -12.33 83.20
N VAL A 526 -25.33 -11.64 83.32
CA VAL A 526 -24.80 -10.82 82.21
C VAL A 526 -24.54 -11.72 80.99
N PRO A 527 -24.54 -11.18 79.74
CA PRO A 527 -24.74 -12.01 78.55
C PRO A 527 -23.66 -13.08 78.43
N PRO A 528 -23.91 -14.21 77.74
CA PRO A 528 -22.91 -15.26 77.55
C PRO A 528 -21.60 -14.75 76.92
N GLU A 529 -21.71 -13.75 76.05
CA GLU A 529 -20.62 -13.01 75.39
C GLU A 529 -19.84 -12.07 76.34
N GLU A 530 -20.19 -12.06 77.61
CA GLU A 530 -19.61 -11.26 78.69
C GLU A 530 -19.38 -12.13 79.95
N GLN A 531 -20.06 -13.27 80.04
CA GLN A 531 -19.60 -14.46 80.75
C GLN A 531 -18.56 -15.24 79.93
N GLY A 532 -18.19 -14.64 78.79
CA GLY A 532 -17.20 -14.94 77.76
C GLY A 532 -16.60 -13.60 77.23
N PRO A 533 -15.71 -13.62 76.23
CA PRO A 533 -14.96 -12.43 75.79
C PRO A 533 -15.78 -11.34 75.09
N SER A 534 -15.43 -10.09 75.37
CA SER A 534 -15.93 -8.92 74.67
C SER A 534 -14.81 -8.10 74.09
N ILE A 535 -15.05 -7.52 72.91
CA ILE A 535 -14.12 -6.57 72.30
C ILE A 535 -14.29 -5.13 72.84
N LYS A 536 -15.49 -4.82 73.35
CA LYS A 536 -15.88 -3.50 73.85
C LYS A 536 -15.34 -3.18 75.23
N ASN A 537 -15.17 -4.20 76.06
CA ASN A 537 -14.69 -4.03 77.41
C ASN A 537 -13.81 -5.21 77.80
N LEU A 538 -12.89 -4.95 78.72
CA LEU A 538 -11.96 -5.95 79.24
C LEU A 538 -12.53 -6.70 80.44
N ASP A 539 -13.72 -6.34 80.92
CA ASP A 539 -14.21 -6.71 82.27
C ASP A 539 -14.32 -8.23 82.41
N PHE A 540 -14.71 -8.91 81.35
CA PHE A 540 -14.67 -10.36 81.31
C PHE A 540 -13.34 -10.93 81.71
N TRP A 541 -12.27 -10.40 81.15
CA TRP A 541 -10.93 -10.87 81.43
C TRP A 541 -10.53 -10.63 82.87
N SER A 542 -10.81 -9.43 83.39
CA SER A 542 -10.59 -9.14 84.80
C SER A 542 -11.30 -10.18 85.66
N LYS A 543 -12.56 -10.44 85.33
CA LYS A 543 -13.39 -11.33 86.12
C LYS A 543 -12.93 -12.78 86.01
N LEU A 544 -12.58 -13.17 84.80
CA LEU A 544 -11.99 -14.45 84.47
C LEU A 544 -10.71 -14.66 85.24
N ILE A 545 -9.82 -13.66 85.29
CA ILE A 545 -8.60 -13.72 86.08
C ILE A 545 -8.98 -14.05 87.52
N THR A 546 -9.93 -13.33 88.12
CA THR A 546 -10.28 -13.59 89.53
C THR A 546 -10.84 -14.99 89.73
N LEU A 547 -11.56 -15.50 88.74
CA LEU A 547 -12.06 -16.86 88.77
C LEU A 547 -10.97 -17.88 88.59
N ILE A 548 -10.06 -17.63 87.67
CA ILE A 548 -8.89 -18.45 87.49
C ILE A 548 -8.13 -18.53 88.81
N VAL A 549 -7.94 -17.39 89.48
CA VAL A 549 -7.32 -17.33 90.81
C VAL A 549 -8.11 -18.18 91.78
N SER A 550 -9.43 -18.01 91.83
CA SER A 550 -10.26 -18.79 92.74
C SER A 550 -10.08 -20.28 92.51
N ILE A 551 -10.07 -20.72 91.25
CA ILE A 551 -9.83 -22.10 90.89
C ILE A 551 -8.43 -22.54 91.28
N ILE A 552 -7.41 -21.77 90.94
CA ILE A 552 -6.03 -22.10 91.27
C ILE A 552 -5.87 -22.21 92.77
N GLU A 553 -6.46 -21.29 93.51
CA GLU A 553 -6.45 -21.33 94.95
C GLU A 553 -7.19 -22.55 95.46
N GLU A 554 -8.38 -22.85 94.95
CA GLU A 554 -9.08 -24.05 95.34
C GLU A 554 -8.22 -25.30 95.08
N ASP A 555 -7.52 -25.32 93.96
CA ASP A 555 -6.62 -26.40 93.64
C ASP A 555 -5.41 -26.43 94.55
N LYS A 556 -4.79 -25.29 94.79
CA LYS A 556 -3.69 -25.14 95.71
C LYS A 556 -4.09 -25.57 97.10
N ASN A 557 -5.27 -25.17 97.54
CA ASN A 557 -5.66 -25.21 98.94
C ASN A 557 -6.39 -26.48 99.25
N SER A 558 -7.38 -26.84 98.46
CA SER A 558 -8.17 -28.04 98.72
C SER A 558 -7.52 -29.22 98.01
N TYR A 559 -7.37 -29.12 96.69
CA TYR A 559 -7.04 -30.32 95.94
C TYR A 559 -5.58 -30.72 96.10
N THR A 560 -4.65 -29.80 96.31
CA THR A 560 -3.25 -30.17 96.41
C THR A 560 -2.97 -30.94 97.68
N PRO A 561 -3.49 -30.51 98.84
CA PRO A 561 -3.38 -31.30 100.05
C PRO A 561 -4.11 -32.63 99.93
N CYS A 562 -5.28 -32.61 99.31
CA CYS A 562 -6.02 -33.83 99.05
C CYS A 562 -5.15 -34.80 98.24
N LEU A 563 -4.55 -34.32 97.17
CA LEU A 563 -3.75 -35.11 96.24
C LEU A 563 -2.26 -34.85 96.48
N ASN A 564 -1.80 -35.33 97.63
CA ASN A 564 -0.39 -35.35 98.03
C ASN A 564 0.30 -36.73 97.86
N GLN A 565 -0.30 -37.71 97.16
CA GLN A 565 0.25 -39.08 97.04
C GLN A 565 1.59 -39.15 96.30
N PHE A 566 1.80 -38.24 95.36
CA PHE A 566 2.98 -38.15 94.51
C PHE A 566 3.54 -36.73 94.62
N PRO A 567 4.03 -36.32 95.79
CA PRO A 567 4.30 -34.90 96.04
C PRO A 567 5.38 -34.35 95.09
N GLN A 568 6.36 -35.19 94.75
CA GLN A 568 7.45 -34.91 93.80
C GLN A 568 7.03 -34.98 92.32
N GLU A 569 5.78 -35.32 92.01
CA GLU A 569 5.32 -35.46 90.62
C GLU A 569 3.97 -34.78 90.33
N LEU A 570 3.13 -34.62 91.35
CA LEU A 570 1.80 -34.07 91.25
C LEU A 570 1.63 -32.98 92.30
N ASN A 571 1.56 -31.74 91.85
CA ASN A 571 1.06 -30.66 92.65
C ASN A 571 -0.10 -30.01 91.90
N VAL A 572 -1.32 -30.18 92.43
CA VAL A 572 -2.55 -29.76 91.73
C VAL A 572 -2.59 -28.25 91.53
N GLY A 573 -2.10 -27.47 92.50
CA GLY A 573 -2.02 -26.03 92.40
C GLY A 573 -1.08 -25.60 91.27
N LYS A 574 0.10 -26.23 91.13
CA LYS A 574 1.02 -25.98 90.01
C LYS A 574 0.36 -26.31 88.68
N ILE A 575 -0.25 -27.49 88.58
CA ILE A 575 -0.86 -27.96 87.35
C ILE A 575 -2.04 -27.07 86.99
N SER A 576 -2.84 -26.70 87.98
CA SER A 576 -3.93 -25.75 87.84
C SER A 576 -3.42 -24.43 87.33
N ALA A 577 -2.45 -23.82 88.00
CA ALA A 577 -1.84 -22.58 87.54
C ALA A 577 -1.32 -22.71 86.10
N GLU A 578 -0.55 -23.74 85.79
CA GLU A 578 0.01 -23.94 84.46
C GLU A 578 -1.06 -24.08 83.39
N VAL A 579 -2.02 -24.97 83.56
CA VAL A 579 -3.07 -25.20 82.57
C VAL A 579 -3.94 -23.97 82.46
N MET A 580 -4.38 -23.41 83.57
CA MET A 580 -5.30 -22.29 83.60
C MET A 580 -4.66 -21.06 82.99
N TRP A 581 -3.42 -20.75 83.38
CA TRP A 581 -2.65 -19.73 82.71
C TRP A 581 -2.49 -20.08 81.24
N SER A 582 -2.14 -21.29 80.87
CA SER A 582 -1.91 -21.62 79.46
C SER A 582 -3.15 -21.33 78.63
N LEU A 583 -4.28 -21.92 79.01
CA LEU A 583 -5.55 -21.73 78.35
C LEU A 583 -5.91 -20.24 78.31
N PHE A 584 -5.82 -19.60 79.47
CA PHE A 584 -6.05 -18.18 79.57
C PHE A 584 -5.13 -17.40 78.65
N ALA A 585 -3.86 -17.76 78.57
CA ALA A 585 -2.84 -17.01 77.88
C ALA A 585 -3.04 -17.09 76.40
N GLN A 586 -3.35 -18.28 75.89
CA GLN A 586 -3.69 -18.42 74.49
C GLN A 586 -4.89 -17.56 74.17
N ASP A 587 -5.91 -17.63 75.02
CA ASP A 587 -7.13 -16.89 74.77
C ASP A 587 -6.89 -15.41 74.87
N MET A 588 -6.23 -14.99 75.93
CA MET A 588 -5.85 -13.63 76.17
C MET A 588 -4.99 -13.10 75.04
N LYS A 589 -4.04 -13.88 74.57
CA LYS A 589 -3.20 -13.47 73.47
C LYS A 589 -4.04 -13.23 72.23
N TYR A 590 -4.92 -14.16 71.84
CA TYR A 590 -5.81 -13.88 70.72
C TYR A 590 -6.65 -12.63 71.03
N ALA A 591 -7.19 -12.50 72.23
CA ALA A 591 -8.05 -11.41 72.59
C ALA A 591 -7.35 -10.06 72.49
N MET A 592 -6.15 -9.94 73.06
CA MET A 592 -5.32 -8.76 72.96
C MET A 592 -4.96 -8.47 71.51
N GLU A 593 -4.62 -9.47 70.70
CA GLU A 593 -4.43 -9.26 69.26
C GLU A 593 -5.69 -8.62 68.68
N GLU A 594 -6.85 -9.09 69.10
CA GLU A 594 -8.11 -8.61 68.58
C GLU A 594 -8.44 -7.18 69.04
N HIS A 595 -8.26 -6.92 70.32
CA HIS A 595 -8.30 -5.59 70.85
C HIS A 595 -7.27 -4.69 70.19
N ASP A 596 -6.12 -5.19 69.79
CA ASP A 596 -5.10 -4.37 69.15
C ASP A 596 -5.59 -3.89 67.78
N LYS A 597 -6.41 -4.70 67.13
CA LYS A 597 -7.04 -4.32 65.87
C LYS A 597 -8.11 -3.26 66.11
N HIS A 598 -8.99 -3.50 67.07
CA HIS A 598 -10.15 -2.64 67.24
C HIS A 598 -9.88 -1.37 68.07
N ARG A 599 -9.05 -1.52 69.11
CA ARG A 599 -8.69 -0.49 70.10
C ARG A 599 -9.92 0.25 70.68
N LEU A 600 -10.99 -0.49 70.99
CA LEU A 600 -12.24 0.10 71.51
C LEU A 600 -12.14 0.47 72.99
N CYS A 601 -11.50 -0.36 73.82
CA CYS A 601 -11.19 0.01 75.20
C CYS A 601 -10.06 1.05 75.27
N LYS A 602 -9.94 1.82 76.36
CA LYS A 602 -8.94 2.89 76.50
C LYS A 602 -7.58 2.33 76.89
N SER A 603 -6.55 3.12 76.59
CA SER A 603 -5.16 2.84 76.93
C SER A 603 -5.05 2.40 78.39
N ALA A 604 -5.59 3.23 79.29
CA ALA A 604 -5.64 2.99 80.71
C ALA A 604 -6.19 1.60 81.06
N ASP A 605 -7.21 1.13 80.35
CA ASP A 605 -7.83 -0.14 80.65
C ASP A 605 -6.88 -1.27 80.34
N TYR A 606 -6.24 -1.23 79.18
CA TYR A 606 -5.22 -2.20 78.89
C TYR A 606 -4.07 -2.11 79.87
N MET A 607 -3.72 -0.93 80.37
CA MET A 607 -2.68 -0.80 81.39
C MET A 607 -3.14 -1.49 82.68
N ASN A 608 -4.39 -1.30 83.09
CA ASN A 608 -4.93 -1.93 84.29
C ASN A 608 -4.98 -3.44 84.14
N LEU A 609 -5.42 -3.89 82.98
CA LEU A 609 -5.38 -5.28 82.62
C LEU A 609 -3.95 -5.78 82.66
N HIS A 610 -3.02 -5.01 82.11
CA HIS A 610 -1.62 -5.38 82.13
C HIS A 610 -1.15 -5.56 83.56
N PHE A 611 -1.45 -4.63 84.46
CA PHE A 611 -1.12 -4.75 85.88
C PHE A 611 -1.71 -6.02 86.47
N LYS A 612 -2.95 -6.33 86.15
CA LYS A 612 -3.60 -7.53 86.68
C LYS A 612 -2.96 -8.78 86.13
N VAL A 613 -2.71 -8.82 84.84
CA VAL A 613 -2.07 -9.97 84.20
C VAL A 613 -0.67 -10.15 84.72
N LYS A 614 0.07 -9.04 84.81
CA LYS A 614 1.37 -9.02 85.43
C LYS A 614 1.25 -9.61 86.81
N TRP A 615 0.34 -9.12 87.63
CA TRP A 615 0.19 -9.63 88.97
C TRP A 615 -0.14 -11.12 88.97
N LEU A 616 -1.09 -11.54 88.15
CA LEU A 616 -1.51 -12.91 88.07
C LEU A 616 -0.31 -13.78 87.73
N TYR A 617 0.37 -13.39 86.66
CA TYR A 617 1.54 -14.09 86.20
C TYR A 617 2.56 -14.18 87.30
N ASN A 618 2.94 -13.04 87.86
CA ASN A 618 3.97 -12.95 88.85
C ASN A 618 3.58 -13.65 90.15
N GLU A 619 2.30 -13.76 90.45
CA GLU A 619 1.85 -14.39 91.68
C GLU A 619 1.87 -15.91 91.56
N TYR A 620 1.49 -16.44 90.40
CA TYR A 620 1.16 -17.86 90.26
C TYR A 620 1.95 -18.61 89.20
N VAL A 621 2.57 -17.90 88.27
CA VAL A 621 3.03 -18.46 87.00
C VAL A 621 4.52 -18.27 86.85
N ALA A 622 5.01 -17.07 87.15
CA ALA A 622 6.40 -16.71 87.10
C ALA A 622 7.28 -17.73 87.84
N GLU A 623 6.82 -18.16 88.99
CA GLU A 623 7.52 -19.11 89.87
C GLU A 623 7.36 -20.57 89.42
N LEU A 624 6.42 -20.91 88.54
CA LEU A 624 6.36 -22.27 88.03
C LEU A 624 7.60 -22.51 87.19
N PRO A 625 8.31 -23.65 87.35
CA PRO A 625 9.53 -23.95 86.61
C PRO A 625 9.34 -23.67 85.12
N THR A 626 8.23 -24.16 84.56
CA THR A 626 7.84 -24.00 83.16
C THR A 626 7.91 -22.56 82.67
N PHE A 627 7.75 -21.56 83.53
CA PHE A 627 7.78 -20.17 83.10
C PHE A 627 8.82 -19.31 83.80
N LYS A 628 9.41 -19.74 84.92
CA LYS A 628 10.71 -19.20 85.37
C LYS A 628 11.81 -19.48 84.34
N ASP A 629 11.64 -20.55 83.58
CA ASP A 629 12.44 -20.93 82.42
C ASP A 629 12.32 -19.98 81.20
N ARG A 630 11.51 -18.90 81.25
CA ARG A 630 11.28 -17.96 80.13
C ARG A 630 11.32 -16.49 80.56
N VAL A 631 11.64 -15.60 79.61
CA VAL A 631 11.18 -14.20 79.67
C VAL A 631 9.67 -14.22 79.36
N PRO A 632 8.80 -13.64 80.20
CA PRO A 632 7.37 -13.74 80.02
C PRO A 632 6.91 -13.13 78.73
N GLU A 633 5.97 -13.81 78.11
CA GLU A 633 5.51 -13.41 76.80
C GLU A 633 4.34 -12.43 76.87
N TYR A 634 3.59 -12.42 77.97
CA TYR A 634 2.45 -11.51 78.11
C TYR A 634 2.75 -10.02 77.88
N PRO A 635 3.93 -9.45 78.23
CA PRO A 635 4.20 -8.04 77.97
C PRO A 635 4.18 -7.71 76.49
N ALA A 636 4.52 -8.67 75.64
CA ALA A 636 4.42 -8.47 74.21
C ALA A 636 2.97 -8.24 73.78
N TRP A 637 1.99 -8.83 74.47
CA TRP A 637 0.59 -8.55 74.17
C TRP A 637 0.29 -7.07 74.42
N PHE A 638 0.76 -6.53 75.55
CA PHE A 638 0.41 -5.19 75.99
C PHE A 638 1.24 -4.06 75.41
N GLU A 639 2.45 -4.35 74.95
CA GLU A 639 3.36 -3.35 74.40
C GLU A 639 2.72 -2.34 73.44
N PRO A 640 1.88 -2.72 72.49
CA PRO A 640 1.26 -1.78 71.56
C PRO A 640 0.40 -0.76 72.28
N PHE A 641 -0.23 -1.22 73.34
CA PHE A 641 -1.06 -0.42 74.18
C PHE A 641 -0.20 0.49 75.03
N VAL A 642 0.88 0.00 75.62
CA VAL A 642 1.78 0.87 76.37
C VAL A 642 2.40 1.94 75.46
N ILE A 643 2.71 1.58 74.23
CA ILE A 643 3.26 2.54 73.27
C ILE A 643 2.22 3.60 72.95
N GLN A 644 1.01 3.19 72.63
CA GLN A 644 -0.08 4.14 72.44
C GLN A 644 -0.23 5.05 73.66
N TRP A 645 -0.14 4.48 74.85
CA TRP A 645 -0.21 5.25 76.08
C TRP A 645 0.95 6.26 76.18
N LEU A 646 2.19 5.86 75.88
CA LEU A 646 3.35 6.75 75.85
C LEU A 646 3.14 7.91 74.90
N ASP A 647 2.51 7.65 73.76
CA ASP A 647 2.19 8.69 72.80
C ASP A 647 1.22 9.69 73.39
N GLU A 648 0.10 9.18 73.87
CA GLU A 648 -0.94 9.98 74.49
C GLU A 648 -0.36 10.83 75.61
N ASN A 649 0.49 10.20 76.40
CA ASN A 649 1.20 10.85 77.45
C ASN A 649 2.12 11.97 76.95
N GLU A 650 2.80 11.80 75.83
CA GLU A 650 3.60 12.87 75.26
C GLU A 650 2.73 14.08 74.93
N GLU A 651 1.61 13.86 74.25
CA GLU A 651 0.73 14.98 73.88
C GLU A 651 0.22 15.71 75.11
N VAL A 652 -0.28 14.93 76.07
CA VAL A 652 -0.73 15.45 77.34
C VAL A 652 0.40 16.23 78.00
N SER A 653 1.61 15.70 77.99
CA SER A 653 2.77 16.40 78.52
C SER A 653 3.04 17.72 77.79
N ARG A 654 3.05 17.74 76.46
CA ARG A 654 3.33 18.98 75.70
C ARG A 654 2.20 20.01 75.84
N ASP A 655 0.95 19.58 75.97
CA ASP A 655 -0.13 20.53 76.20
C ASP A 655 -0.15 21.05 77.64
N PHE A 656 0.09 20.17 78.61
CA PHE A 656 0.32 20.54 80.01
C PHE A 656 1.44 21.59 80.11
N LEU A 657 2.56 21.37 79.40
CA LEU A 657 3.73 22.27 79.39
C LEU A 657 3.33 23.69 79.04
N HIS A 658 2.59 23.86 77.95
CA HIS A 658 2.18 25.19 77.52
C HIS A 658 1.28 25.84 78.57
N GLY A 659 0.38 25.08 79.19
CA GLY A 659 -0.36 25.54 80.34
C GLY A 659 0.57 26.01 81.45
N ALA A 660 1.46 25.14 81.90
CA ALA A 660 2.38 25.41 82.99
C ALA A 660 3.24 26.64 82.77
N LEU A 661 3.75 26.77 81.56
CA LEU A 661 4.50 27.93 81.14
C LEU A 661 3.60 29.15 81.08
N GLU A 662 2.41 29.07 80.49
CA GLU A 662 1.55 30.25 80.41
C GLU A 662 1.18 30.78 81.80
N ARG A 663 0.93 29.91 82.77
CA ARG A 663 0.74 30.35 84.18
C ARG A 663 1.97 31.10 84.66
N ASP A 664 3.13 30.49 84.51
CA ASP A 664 4.38 31.01 85.04
C ASP A 664 4.76 32.36 84.38
N LYS A 665 4.60 32.43 83.06
CA LYS A 665 4.81 33.63 82.26
C LYS A 665 3.88 34.74 82.68
N LYS A 666 2.60 34.43 82.87
CA LYS A 666 1.63 35.42 83.32
C LYS A 666 1.97 35.90 84.72
N ASP A 667 2.43 35.01 85.59
CA ASP A 667 2.99 35.34 86.91
C ASP A 667 4.35 36.08 86.82
N GLY A 668 4.88 36.33 85.62
CA GLY A 668 6.14 37.02 85.42
C GLY A 668 7.35 36.22 85.90
N PHE A 669 7.24 34.89 85.91
CA PHE A 669 8.28 33.95 86.33
C PHE A 669 8.82 34.19 87.75
N GLN A 670 7.94 34.34 88.75
CA GLN A 670 8.41 34.37 90.13
C GLN A 670 9.23 33.11 90.43
N GLN A 671 10.42 33.30 90.99
CA GLN A 671 11.11 32.24 91.70
C GLN A 671 10.15 31.57 92.67
N THR A 672 10.18 30.26 92.72
CA THR A 672 9.25 29.48 93.52
C THR A 672 9.39 29.86 94.99
N SER A 673 10.64 30.07 95.40
CA SER A 673 10.97 30.63 96.70
C SER A 673 12.41 31.16 96.65
N GLU A 674 12.78 31.82 97.73
CA GLU A 674 14.05 32.49 97.99
C GLU A 674 15.25 31.52 98.14
N HIS A 675 15.04 30.28 97.73
CA HIS A 675 15.99 29.17 97.68
C HIS A 675 15.63 28.19 96.54
N ALA A 676 14.37 28.04 96.17
CA ALA A 676 13.94 27.44 94.91
C ALA A 676 14.00 28.51 93.81
N LEU A 677 15.24 28.75 93.36
CA LEU A 677 15.64 29.86 92.49
C LEU A 677 15.00 29.84 91.08
N PHE A 678 14.37 28.72 90.76
CA PHE A 678 13.58 28.45 89.58
C PHE A 678 12.09 28.78 89.79
N SER A 679 11.36 29.04 88.72
CA SER A 679 9.93 29.26 88.71
C SER A 679 9.09 27.97 88.56
N CYS A 680 7.78 28.06 88.82
CA CYS A 680 6.92 26.91 89.07
C CYS A 680 6.78 25.94 87.89
N SER A 681 6.83 26.43 86.66
CA SER A 681 6.61 25.62 85.49
C SER A 681 7.57 24.45 85.41
N VAL A 682 8.81 24.63 85.90
CA VAL A 682 9.79 23.55 85.99
C VAL A 682 9.23 22.41 86.82
N VAL A 683 8.73 22.76 88.00
CA VAL A 683 8.20 21.82 88.96
C VAL A 683 6.99 21.12 88.35
N ASP A 684 6.08 21.88 87.75
CA ASP A 684 4.93 21.32 87.07
C ASP A 684 5.35 20.28 86.05
N VAL A 685 6.26 20.68 85.19
CA VAL A 685 6.69 19.86 84.09
C VAL A 685 7.36 18.60 84.58
N PHE A 686 8.34 18.72 85.46
CA PHE A 686 8.99 17.53 85.98
C PHE A 686 8.00 16.66 86.73
N SER A 687 7.05 17.23 87.47
CA SER A 687 5.99 16.45 88.09
C SER A 687 5.27 15.63 87.03
N GLN A 688 4.80 16.28 85.96
CA GLN A 688 4.15 15.58 84.86
C GLN A 688 5.02 14.47 84.29
N LEU A 689 6.29 14.76 84.05
CA LEU A 689 7.19 13.76 83.56
C LEU A 689 7.36 12.62 84.54
N ASN A 690 7.51 12.92 85.81
CA ASN A 690 7.73 11.93 86.82
C ASN A 690 6.50 11.05 86.95
N GLN A 691 5.29 11.62 87.04
CA GLN A 691 4.05 10.84 87.02
C GLN A 691 4.08 9.86 85.86
N SER A 692 4.42 10.39 84.68
CA SER A 692 4.47 9.62 83.47
C SER A 692 5.49 8.50 83.56
N PHE A 693 6.66 8.79 84.09
CA PHE A 693 7.72 7.81 84.18
C PHE A 693 7.35 6.69 85.15
N GLU A 694 6.76 7.08 86.27
CA GLU A 694 6.52 6.18 87.37
C GLU A 694 5.53 5.09 86.96
N ILE A 695 4.53 5.44 86.17
CA ILE A 695 3.61 4.47 85.59
C ILE A 695 4.40 3.40 84.85
N ILE A 696 5.25 3.81 83.91
CA ILE A 696 6.07 2.90 83.12
C ILE A 696 6.90 2.05 84.06
N LYS A 697 7.52 2.71 85.02
CA LYS A 697 8.43 2.05 85.92
C LYS A 697 7.71 0.98 86.73
N LYS A 698 6.49 1.26 87.16
CA LYS A 698 5.63 0.31 87.87
C LYS A 698 5.20 -0.87 87.01
N LEU A 699 5.19 -0.75 85.70
CA LEU A 699 4.98 -1.94 84.87
C LEU A 699 6.08 -2.98 85.09
N GLU A 700 7.32 -2.58 85.34
CA GLU A 700 8.44 -3.49 85.60
C GLU A 700 8.55 -4.57 84.52
N CYS A 701 8.36 -4.16 83.27
CA CYS A 701 8.22 -5.08 82.15
C CYS A 701 9.44 -6.02 82.13
N PRO A 702 9.22 -7.34 82.24
CA PRO A 702 10.32 -8.31 82.36
C PRO A 702 11.04 -8.59 81.04
N ASP A 703 10.61 -7.98 79.93
CA ASP A 703 11.27 -8.07 78.64
C ASP A 703 12.13 -6.81 78.40
N PRO A 704 13.47 -6.92 78.51
CA PRO A 704 14.34 -5.75 78.50
C PRO A 704 14.33 -5.05 77.15
N GLN A 705 13.92 -5.73 76.09
CA GLN A 705 13.85 -5.15 74.76
C GLN A 705 12.59 -4.31 74.63
N ILE A 706 11.46 -4.82 75.11
CA ILE A 706 10.26 -4.01 75.25
C ILE A 706 10.54 -2.83 76.17
N VAL A 707 11.23 -3.03 77.29
CA VAL A 707 11.65 -1.92 78.17
C VAL A 707 12.53 -0.94 77.42
N GLY A 708 13.53 -1.41 76.69
CA GLY A 708 14.37 -0.54 75.88
C GLY A 708 13.54 0.28 74.91
N HIS A 709 12.58 -0.36 74.25
CA HIS A 709 11.65 0.32 73.38
C HIS A 709 10.84 1.38 74.12
N TYR A 710 10.25 1.06 75.26
CA TYR A 710 9.56 2.04 76.09
C TYR A 710 10.48 3.20 76.45
N MET A 711 11.71 2.91 76.86
CA MET A 711 12.67 3.89 77.30
C MET A 711 13.13 4.79 76.20
N ARG A 712 13.35 4.24 75.02
CA ARG A 712 13.64 5.02 73.83
C ARG A 712 12.47 5.92 73.53
N ARG A 713 11.26 5.36 73.48
CA ARG A 713 10.06 6.13 73.22
C ARG A 713 9.93 7.27 74.22
N PHE A 714 10.15 6.99 75.48
CA PHE A 714 9.98 7.94 76.54
C PHE A 714 11.09 8.99 76.57
N ALA A 715 12.35 8.62 76.33
CA ALA A 715 13.47 9.56 76.25
C ALA A 715 13.21 10.65 75.22
N LYS A 716 12.57 10.29 74.11
CA LYS A 716 12.13 11.23 73.09
C LYS A 716 11.12 12.20 73.67
N THR A 717 10.12 11.68 74.36
CA THR A 717 9.16 12.52 75.06
C THR A 717 9.86 13.54 75.92
N ILE A 718 10.81 13.08 76.73
CA ILE A 718 11.56 13.94 77.64
C ILE A 718 12.29 15.01 76.84
N SER A 719 13.05 14.58 75.85
CA SER A 719 13.82 15.47 75.02
C SER A 719 12.95 16.54 74.38
N ASN A 720 11.86 16.14 73.76
CA ASN A 720 10.94 17.03 73.09
C ASN A 720 10.38 18.08 74.04
N VAL A 721 9.83 17.63 75.15
CA VAL A 721 9.26 18.51 76.16
C VAL A 721 10.29 19.49 76.71
N LEU A 722 11.45 19.00 77.13
CA LEU A 722 12.45 19.84 77.82
C LEU A 722 13.12 20.82 76.87
N LEU A 723 13.38 20.42 75.64
CA LEU A 723 13.89 21.35 74.64
C LEU A 723 12.84 22.38 74.31
N GLN A 724 11.58 21.99 74.20
CA GLN A 724 10.51 22.94 73.96
C GLN A 724 10.35 23.93 75.11
N TYR A 725 10.52 23.49 76.36
CA TYR A 725 10.67 24.40 77.49
C TYR A 725 11.86 25.35 77.25
N ALA A 726 13.05 24.80 77.04
CA ALA A 726 14.29 25.56 76.89
C ALA A 726 14.19 26.60 75.79
N ASP A 727 13.56 26.23 74.69
CA ASP A 727 13.30 27.07 73.55
C ASP A 727 12.34 28.21 73.89
N ILE A 728 11.17 27.90 74.46
CA ILE A 728 10.18 28.91 74.84
C ILE A 728 10.84 29.96 75.72
N VAL A 729 11.59 29.49 76.71
CA VAL A 729 12.39 30.38 77.53
C VAL A 729 13.39 31.14 76.71
N SER A 730 14.22 30.46 75.92
CA SER A 730 15.31 31.10 75.18
C SER A 730 14.78 32.18 74.27
N LYS A 731 13.62 31.96 73.65
CA LYS A 731 12.98 32.91 72.76
C LYS A 731 12.56 34.19 73.47
N ASP A 732 12.00 34.07 74.66
CA ASP A 732 11.63 35.27 75.41
C ASP A 732 12.81 35.88 76.20
N PHE A 733 13.89 35.13 76.40
CA PHE A 733 14.97 35.46 77.32
C PHE A 733 15.51 36.89 77.17
N ALA A 734 15.85 37.26 75.94
CA ALA A 734 16.36 38.58 75.62
C ALA A 734 15.38 39.69 76.02
N SER A 735 14.08 39.48 75.81
CA SER A 735 13.07 40.46 76.21
C SER A 735 13.09 40.70 77.72
N TYR A 736 13.48 39.71 78.54
CA TYR A 736 13.64 39.88 79.99
C TYR A 736 14.97 40.46 80.43
N CYS A 737 15.97 40.48 79.56
CA CYS A 737 17.30 41.00 79.87
C CYS A 737 17.38 42.53 80.01
N SER A 738 16.24 43.24 79.96
CA SER A 738 16.14 44.66 80.25
C SER A 738 16.26 44.96 81.75
N LYS A 739 16.71 46.18 82.05
CA LYS A 739 17.26 46.55 83.35
C LYS A 739 16.29 46.46 84.53
N GLU A 740 14.99 46.43 84.29
CA GLU A 740 13.97 46.43 85.32
C GLU A 740 13.66 45.02 85.84
N LYS A 741 14.09 43.98 85.12
CA LYS A 741 13.69 42.58 85.35
C LYS A 741 14.86 41.62 85.47
N GLU A 742 16.03 42.08 85.88
CA GLU A 742 17.31 41.34 86.00
C GLU A 742 17.16 39.97 86.66
N LYS A 743 16.26 39.89 87.63
CA LYS A 743 15.93 38.66 88.33
C LYS A 743 15.35 37.62 87.40
N VAL A 744 14.46 38.00 86.48
CA VAL A 744 13.75 37.07 85.60
C VAL A 744 14.70 36.26 84.75
N PRO A 745 15.65 36.86 84.01
CA PRO A 745 16.70 36.11 83.34
C PRO A 745 17.43 35.17 84.29
N CYS A 746 17.81 35.62 85.48
CA CYS A 746 18.46 34.74 86.44
C CYS A 746 17.57 33.53 86.74
N ILE A 747 16.29 33.77 86.98
CA ILE A 747 15.32 32.71 87.25
C ILE A 747 15.14 31.78 86.08
N LEU A 748 15.06 32.31 84.88
CA LEU A 748 14.99 31.51 83.68
C LEU A 748 16.24 30.66 83.48
N MET A 749 17.41 31.23 83.72
CA MET A 749 18.66 30.47 83.73
C MET A 749 18.59 29.37 84.80
N ASN A 750 18.11 29.71 86.00
CA ASN A 750 17.93 28.74 87.05
C ASN A 750 16.91 27.68 86.66
N ASN A 751 15.85 28.01 85.94
CA ASN A 751 14.91 27.03 85.44
C ASN A 751 15.63 26.05 84.56
N THR A 752 16.38 26.61 83.61
CA THR A 752 17.14 25.86 82.64
C THR A 752 18.07 24.91 83.37
N GLN A 753 18.81 25.45 84.31
CA GLN A 753 19.72 24.66 85.08
C GLN A 753 18.96 23.63 85.93
N GLN A 754 17.81 23.99 86.47
CA GLN A 754 17.00 23.06 87.21
C GLN A 754 16.48 21.95 86.30
N LEU A 755 16.25 22.23 85.02
CA LEU A 755 15.98 21.17 84.07
C LEU A 755 17.16 20.23 84.03
N ARG A 756 18.39 20.74 83.90
CA ARG A 756 19.58 19.87 83.80
C ARG A 756 19.74 18.98 85.01
N VAL A 757 19.49 19.55 86.18
CA VAL A 757 19.57 18.84 87.44
C VAL A 757 18.48 17.77 87.50
N GLN A 758 17.24 18.16 87.26
CA GLN A 758 16.12 17.23 87.30
C GLN A 758 16.21 16.19 86.19
N LEU A 759 16.81 16.52 85.06
CA LEU A 759 17.11 15.60 84.00
C LEU A 759 18.17 14.59 84.41
N GLU A 760 19.23 14.99 85.09
CA GLU A 760 20.18 14.02 85.64
C GLU A 760 19.48 13.09 86.62
N LYS A 761 18.68 13.64 87.56
CA LYS A 761 17.85 12.80 88.42
C LYS A 761 17.07 11.82 87.57
N MET A 762 16.39 12.31 86.55
CA MET A 762 15.50 11.50 85.73
C MET A 762 16.26 10.47 84.91
N PHE A 763 17.43 10.81 84.41
CA PHE A 763 18.34 9.92 83.75
C PHE A 763 18.72 8.79 84.69
N GLU A 764 19.05 9.13 85.93
CA GLU A 764 19.42 8.13 86.91
C GLU A 764 18.22 7.30 87.31
N ALA A 765 17.05 7.92 87.42
CA ALA A 765 15.80 7.23 87.72
C ALA A 765 15.41 6.28 86.58
N MET A 766 15.71 6.65 85.34
CA MET A 766 15.65 5.78 84.16
C MET A 766 16.81 4.76 84.12
N GLY A 767 17.48 4.52 85.24
CA GLY A 767 18.50 3.48 85.40
C GLY A 767 19.91 3.98 85.18
N GLY A 768 20.09 5.24 84.78
CA GLY A 768 21.40 5.82 84.53
C GLY A 768 22.21 4.95 83.55
N LYS A 769 23.32 4.38 84.02
CA LYS A 769 24.19 3.50 83.23
C LYS A 769 23.46 2.26 82.69
N GLU A 770 22.43 1.82 83.38
CA GLU A 770 21.63 0.66 82.99
C GLU A 770 20.52 0.99 82.00
N LEU A 771 20.33 2.27 81.64
CA LEU A 771 19.42 2.67 80.56
C LEU A 771 19.87 2.13 79.18
N ASP A 772 18.90 1.86 78.31
CA ASP A 772 19.13 1.53 76.90
C ASP A 772 20.06 2.54 76.21
N ALA A 773 20.92 2.06 75.30
CA ALA A 773 21.92 2.89 74.66
C ALA A 773 21.36 4.09 73.87
N GLU A 774 20.27 3.95 73.11
CA GLU A 774 19.71 5.09 72.35
C GLU A 774 18.93 6.05 73.25
N ALA A 775 18.22 5.54 74.26
CA ALA A 775 17.60 6.38 75.27
C ALA A 775 18.67 7.19 76.03
N SER A 776 19.72 6.53 76.50
CA SER A 776 20.87 7.13 77.16
C SER A 776 21.56 8.17 76.29
N GLY A 777 21.85 7.81 75.05
CA GLY A 777 22.40 8.72 74.06
C GLY A 777 21.52 9.94 73.91
N THR A 778 20.21 9.74 73.73
CA THR A 778 19.21 10.82 73.63
C THR A 778 19.31 11.76 74.83
N LEU A 779 19.35 11.22 76.04
CA LEU A 779 19.37 12.06 77.22
C LEU A 779 20.72 12.74 77.45
N LYS A 780 21.84 12.11 77.08
CA LYS A 780 23.17 12.72 77.15
C LYS A 780 23.29 13.89 76.19
N GLU A 781 22.81 13.67 74.96
CA GLU A 781 22.59 14.71 73.96
C GLU A 781 21.79 15.87 74.55
N LEU A 782 20.62 15.55 75.10
CA LEU A 782 19.73 16.53 75.68
C LEU A 782 20.45 17.34 76.75
N GLN A 783 21.19 16.68 77.63
CA GLN A 783 21.92 17.34 78.70
C GLN A 783 23.00 18.28 78.17
N VAL A 784 23.73 17.88 77.13
CA VAL A 784 24.71 18.75 76.50
C VAL A 784 24.01 19.92 75.82
N LYS A 785 22.93 19.69 75.08
CA LYS A 785 22.17 20.78 74.45
C LYS A 785 21.69 21.78 75.49
N LEU A 786 21.08 21.29 76.56
CA LEU A 786 20.62 22.14 77.64
C LEU A 786 21.80 22.88 78.29
N ASN A 787 22.95 22.23 78.50
CA ASN A 787 24.13 22.91 78.99
C ASN A 787 24.47 24.10 78.09
N ASN A 788 24.40 23.88 76.80
CA ASN A 788 24.72 24.91 75.86
C ASN A 788 23.67 26.01 75.88
N VAL A 789 22.38 25.67 75.99
CA VAL A 789 21.33 26.69 76.18
C VAL A 789 21.71 27.55 77.36
N LEU A 790 22.07 26.94 78.48
CA LEU A 790 22.45 27.71 79.63
C LEU A 790 23.65 28.62 79.34
N ASP A 791 24.66 28.14 78.62
CA ASP A 791 25.76 28.98 78.19
C ASP A 791 25.29 30.15 77.33
N GLU A 792 24.39 29.91 76.39
CA GLU A 792 23.84 30.96 75.54
C GLU A 792 23.06 31.97 76.35
N LEU A 793 22.13 31.51 77.18
CA LEU A 793 21.39 32.38 78.06
C LEU A 793 22.35 33.20 78.91
N SER A 794 23.41 32.59 79.45
CA SER A 794 24.40 33.30 80.24
C SER A 794 25.12 34.37 79.45
N HIS A 795 25.40 34.08 78.18
CA HIS A 795 26.00 35.03 77.30
C HIS A 795 25.02 36.16 76.96
N VAL A 796 23.76 35.85 76.65
CA VAL A 796 22.73 36.84 76.29
C VAL A 796 22.50 37.78 77.47
N PHE A 797 22.44 37.22 78.66
CA PHE A 797 22.37 37.96 79.89
C PHE A 797 23.60 38.86 80.08
N ALA A 798 24.82 38.32 80.05
CA ALA A 798 26.02 39.13 80.20
C ALA A 798 26.12 40.26 79.16
N THR A 799 25.65 40.00 77.95
CA THR A 799 25.60 40.95 76.82
C THR A 799 24.69 42.13 77.09
N SER A 800 23.55 41.95 77.76
CA SER A 800 22.72 43.12 78.06
C SER A 800 23.45 44.12 78.98
N PHE A 801 24.46 43.67 79.75
CA PHE A 801 25.35 44.55 80.53
C PHE A 801 26.48 45.18 79.73
N GLN A 802 26.78 44.70 78.53
CA GLN A 802 27.89 45.22 77.75
C GLN A 802 27.87 46.73 77.52
N PRO A 803 26.75 47.38 77.14
CA PRO A 803 26.72 48.84 76.95
C PRO A 803 27.05 49.60 78.24
N HIS A 804 26.55 49.10 79.36
CA HIS A 804 26.85 49.65 80.67
C HIS A 804 28.32 49.43 81.02
N ILE A 805 28.88 48.27 80.76
CA ILE A 805 30.30 47.97 80.97
C ILE A 805 31.17 48.87 80.09
N GLU A 806 30.75 49.15 78.87
CA GLU A 806 31.45 50.05 77.97
C GLU A 806 31.37 51.49 78.42
N GLU A 807 30.19 51.95 78.78
CA GLU A 807 30.00 53.25 79.39
C GLU A 807 30.87 53.38 80.64
N CYS A 808 30.78 52.41 81.56
CA CYS A 808 31.60 52.35 82.77
C CYS A 808 33.06 52.48 82.39
N VAL A 809 33.56 51.61 81.52
CA VAL A 809 34.97 51.56 81.20
C VAL A 809 35.42 52.84 80.49
N ARG A 810 34.55 53.45 79.69
CA ARG A 810 34.84 54.79 79.17
C ARG A 810 34.93 55.79 80.31
N GLN A 811 34.04 55.76 81.30
CA GLN A 811 34.18 56.61 82.49
C GLN A 811 35.42 56.33 83.31
N MET A 812 35.77 55.06 83.47
CA MET A 812 37.02 54.65 84.10
C MET A 812 38.18 55.28 83.32
N GLY A 813 38.10 55.29 81.99
CA GLY A 813 39.05 55.97 81.10
C GLY A 813 39.06 57.50 81.26
N ASP A 814 37.90 58.14 81.41
CA ASP A 814 37.82 59.59 81.66
C ASP A 814 38.49 59.98 82.98
N ILE A 815 38.30 59.16 84.01
CA ILE A 815 38.97 59.33 85.31
C ILE A 815 40.48 59.08 85.17
N LEU A 816 40.92 57.95 84.60
CA LEU A 816 42.36 57.61 84.43
C LEU A 816 43.12 58.63 83.58
N SER A 817 42.48 59.36 82.66
CA SER A 817 43.13 60.42 81.89
C SER A 817 43.63 61.56 82.78
N GLN A 818 42.99 61.76 83.92
CA GLN A 818 43.33 62.79 84.90
C GLN A 818 44.52 62.36 85.77
N VAL A 819 44.69 61.05 86.01
CA VAL A 819 45.96 60.50 86.53
C VAL A 819 46.94 60.48 85.37
N LYS A 820 48.11 61.07 85.50
CA LYS A 820 49.22 60.84 84.55
C LYS A 820 50.43 60.33 85.32
N GLY A 821 51.64 60.75 85.00
CA GLY A 821 52.88 60.30 85.64
C GLY A 821 53.10 61.08 86.93
N THR A 822 52.35 60.74 87.97
CA THR A 822 51.99 61.76 88.97
C THR A 822 53.03 62.12 90.00
N GLY A 823 54.21 61.51 90.03
CA GLY A 823 55.32 61.99 90.86
C GLY A 823 55.66 63.48 90.68
N ASN A 824 55.18 64.10 89.60
CA ASN A 824 55.26 65.54 89.32
C ASN A 824 53.88 66.14 88.97
N VAL A 825 52.81 65.71 89.66
CA VAL A 825 51.41 66.16 89.49
C VAL A 825 50.72 66.27 90.87
N PRO A 826 49.73 67.17 91.10
CA PRO A 826 49.09 67.38 92.41
C PRO A 826 48.46 66.16 93.09
N ALA A 827 48.30 66.21 94.41
CA ALA A 827 47.90 65.10 95.30
C ALA A 827 46.48 64.49 95.12
N SER A 828 45.64 65.03 94.24
CA SER A 828 44.39 64.37 93.78
C SER A 828 44.63 63.35 92.66
N ALA A 829 45.80 63.41 92.03
CA ALA A 829 46.26 62.49 90.98
C ALA A 829 47.62 61.87 91.32
N CYS A 830 48.47 62.52 92.11
CA CYS A 830 49.44 61.82 92.97
C CYS A 830 48.83 61.39 94.31
N SER A 831 47.49 61.39 94.35
CA SER A 831 46.67 60.52 95.18
C SER A 831 47.23 59.09 95.11
N SER A 832 47.14 58.32 96.20
CA SER A 832 47.85 57.04 96.25
C SER A 832 47.41 56.14 95.10
N VAL A 833 48.30 55.23 94.71
CA VAL A 833 47.99 54.29 93.65
C VAL A 833 46.67 53.56 93.92
N ALA A 834 46.42 53.23 95.19
CA ALA A 834 45.17 52.64 95.65
C ALA A 834 43.96 53.55 95.44
N GLN A 835 44.04 54.81 95.90
CA GLN A 835 42.91 55.73 95.81
C GLN A 835 42.58 56.08 94.36
N ASP A 836 43.58 56.26 93.51
CA ASP A 836 43.33 56.43 92.08
C ASP A 836 42.70 55.19 91.46
N ALA A 837 43.16 53.99 91.82
CA ALA A 837 42.53 52.77 91.37
C ALA A 837 41.07 52.69 91.80
N ASP A 838 40.75 53.04 93.04
CA ASP A 838 39.38 53.11 93.53
C ASP A 838 38.54 54.14 92.77
N ASN A 839 39.06 55.33 92.50
CA ASN A 839 38.35 56.36 91.74
C ASN A 839 38.06 55.88 90.34
N VAL A 840 39.12 55.42 89.67
CA VAL A 840 39.05 54.82 88.35
C VAL A 840 37.99 53.73 88.33
N LEU A 841 38.01 52.82 89.31
CA LEU A 841 37.06 51.73 89.42
C LEU A 841 35.64 52.17 89.79
N GLN A 842 35.40 53.39 90.28
CA GLN A 842 34.11 53.65 90.88
C GLN A 842 32.89 53.45 89.96
N PRO A 843 32.94 53.93 88.70
CA PRO A 843 31.87 53.67 87.73
C PRO A 843 31.50 52.18 87.63
N ILE A 844 32.50 51.31 87.53
CA ILE A 844 32.27 49.86 87.36
C ILE A 844 31.95 49.17 88.68
N MET A 845 32.44 49.67 89.83
CA MET A 845 32.18 49.03 91.11
C MET A 845 30.77 49.29 91.62
N ASP A 846 30.17 50.41 91.24
CA ASP A 846 28.74 50.62 91.42
C ASP A 846 27.93 49.56 90.70
N LEU A 847 28.31 49.27 89.46
CA LEU A 847 27.72 48.19 88.68
C LEU A 847 27.99 46.84 89.36
N LEU A 848 29.26 46.49 89.53
CA LEU A 848 29.70 45.15 89.92
C LEU A 848 29.20 44.77 91.29
N ASP A 849 29.41 45.59 92.30
CA ASP A 849 29.12 45.18 93.67
C ASP A 849 27.65 44.77 93.81
N SER A 850 26.78 45.66 93.35
CA SER A 850 25.34 45.47 93.38
C SER A 850 24.93 44.24 92.58
N ASN A 851 25.34 44.18 91.32
CA ASN A 851 24.88 43.12 90.42
C ASN A 851 25.46 41.78 90.82
N LEU A 852 26.76 41.70 91.08
CA LEU A 852 27.38 40.44 91.44
C LEU A 852 26.84 39.96 92.77
N THR A 853 26.59 40.85 93.73
CA THR A 853 25.98 40.41 94.97
C THR A 853 24.53 39.95 94.77
N LEU A 854 23.74 40.62 93.94
CA LEU A 854 22.39 40.17 93.58
C LEU A 854 22.41 38.80 92.89
N PHE A 855 23.21 38.64 91.83
CA PHE A 855 23.36 37.39 91.10
C PHE A 855 23.87 36.28 92.02
N ALA A 856 24.84 36.56 92.88
CA ALA A 856 25.36 35.57 93.81
C ALA A 856 24.26 34.98 94.70
N LYS A 857 23.28 35.79 95.06
CA LYS A 857 22.06 35.33 95.70
C LYS A 857 21.19 34.56 94.70
N ILE A 858 20.65 35.25 93.70
CA ILE A 858 19.49 34.75 92.94
C ILE A 858 19.85 33.75 91.85
N CYS A 859 21.11 33.65 91.47
CA CYS A 859 21.58 32.65 90.55
C CYS A 859 22.03 31.43 91.32
N GLU A 860 21.59 30.27 90.83
CA GLU A 860 22.22 29.03 91.20
C GLU A 860 23.71 29.07 90.85
N LYS A 861 24.56 28.32 91.56
CA LYS A 861 26.03 28.49 91.47
C LYS A 861 26.60 28.21 90.08
N THR A 862 26.07 27.23 89.37
CA THR A 862 26.34 26.99 87.95
C THR A 862 25.97 28.21 87.07
N VAL A 863 24.80 28.80 87.31
CA VAL A 863 24.30 29.99 86.59
C VAL A 863 25.23 31.17 86.83
N LEU A 864 25.54 31.43 88.10
CA LEU A 864 26.42 32.50 88.53
C LEU A 864 27.79 32.40 87.84
N LYS A 865 28.47 31.24 87.93
CA LYS A 865 29.80 31.03 87.34
C LYS A 865 29.82 31.35 85.84
N ARG A 866 28.81 30.88 85.11
CA ARG A 866 28.68 31.13 83.68
C ARG A 866 28.47 32.62 83.38
N VAL A 867 27.54 33.25 84.09
CA VAL A 867 27.32 34.71 84.04
C VAL A 867 28.62 35.46 84.30
N LEU A 868 29.33 35.11 85.37
CA LEU A 868 30.58 35.75 85.76
C LEU A 868 31.67 35.59 84.73
N LYS A 869 31.85 34.41 84.12
CA LYS A 869 32.85 34.24 83.05
C LYS A 869 32.56 35.17 81.89
N GLU A 870 31.30 35.18 81.45
CA GLU A 870 30.87 36.05 80.37
C GLU A 870 31.01 37.54 80.71
N LEU A 871 30.75 37.94 81.96
CA LEU A 871 30.99 39.30 82.43
C LEU A 871 32.49 39.63 82.59
N TRP A 872 33.32 38.73 83.10
CA TRP A 872 34.76 38.91 83.28
C TRP A 872 35.48 39.18 81.97
N LYS A 873 35.25 38.30 81.00
CA LYS A 873 35.71 38.43 79.62
C LYS A 873 35.33 39.81 79.08
N LEU A 874 34.05 40.15 79.19
CA LEU A 874 33.48 41.39 78.72
C LEU A 874 34.17 42.58 79.37
N VAL A 875 34.36 42.59 80.69
CA VAL A 875 35.13 43.64 81.38
C VAL A 875 36.57 43.68 80.88
N MET A 876 37.32 42.58 80.92
CA MET A 876 38.72 42.52 80.51
C MET A 876 38.92 43.06 79.10
N ASN A 877 38.11 42.58 78.17
CA ASN A 877 38.16 43.00 76.79
C ASN A 877 37.80 44.47 76.66
N THR A 878 36.75 44.92 77.36
CA THR A 878 36.34 46.32 77.33
C THR A 878 37.46 47.21 77.84
N MET A 879 38.08 46.87 78.97
CA MET A 879 39.22 47.60 79.50
C MET A 879 40.41 47.60 78.56
N GLU A 880 40.72 46.47 77.96
CA GLU A 880 41.78 46.38 76.99
C GLU A 880 41.57 47.32 75.82
N ARG A 881 40.40 47.25 75.22
CA ARG A 881 40.00 48.04 74.06
C ARG A 881 39.87 49.51 74.41
N THR A 882 39.05 49.83 75.40
CA THR A 882 38.66 51.19 75.75
C THR A 882 39.73 51.93 76.53
N ILE A 883 40.50 51.26 77.38
CA ILE A 883 41.50 51.94 78.22
C ILE A 883 42.90 51.70 77.68
N VAL A 884 43.33 50.45 77.51
CA VAL A 884 44.76 50.21 77.26
C VAL A 884 45.14 50.46 75.82
N LEU A 885 44.30 50.09 74.86
CA LEU A 885 44.55 50.29 73.44
C LEU A 885 43.42 51.10 72.77
N PRO A 886 43.19 52.35 73.21
CA PRO A 886 42.14 53.19 72.66
C PRO A 886 42.46 53.53 71.20
N PRO A 887 41.50 53.39 70.26
CA PRO A 887 41.78 53.51 68.83
C PRO A 887 42.31 54.89 68.43
N GLU A 888 41.93 55.94 69.15
CA GLU A 888 42.48 57.28 68.97
C GLU A 888 44.01 57.38 69.23
N PHE A 889 44.65 56.43 69.92
CA PHE A 889 46.12 56.44 70.03
C PHE A 889 46.82 55.91 68.77
N LEU A 890 46.08 55.27 67.84
CA LEU A 890 46.54 55.25 66.46
C LEU A 890 46.73 56.70 66.02
N SER A 891 45.65 57.48 66.04
CA SER A 891 45.63 58.86 65.59
C SER A 891 46.73 59.73 66.22
N LYS A 892 46.89 59.68 67.55
CA LYS A 892 47.69 60.68 68.29
C LYS A 892 49.18 60.37 68.46
N LEU A 893 49.69 59.19 68.07
CA LEU A 893 51.14 59.01 67.78
C LEU A 893 51.59 57.75 67.01
N LYS A 894 50.71 56.82 66.65
CA LYS A 894 51.04 55.87 65.57
C LYS A 894 51.02 56.64 64.25
N ASP A 895 49.90 57.32 64.05
CA ASP A 895 49.50 58.05 62.86
C ASP A 895 50.03 59.49 62.87
N HIS A 896 49.70 60.20 61.79
CA HIS A 896 50.16 61.54 61.47
C HIS A 896 49.37 62.69 62.13
N MET A 897 48.27 62.44 62.87
CA MET A 897 47.22 63.47 63.09
C MET A 897 47.61 64.65 64.01
N VAL A 898 48.44 64.44 65.04
CA VAL A 898 48.77 65.45 66.05
C VAL A 898 50.26 65.29 66.49
N ARG A 899 51.06 66.37 66.47
CA ARG A 899 52.48 66.43 66.92
C ARG A 899 52.64 66.47 68.46
N GLU A 900 51.69 65.86 69.15
CA GLU A 900 51.65 65.65 70.60
C GLU A 900 52.52 64.44 70.95
N GLU A 901 52.97 64.35 72.20
CA GLU A 901 53.74 63.19 72.67
C GLU A 901 52.83 62.00 73.02
N ALA A 902 51.54 62.07 72.65
CA ALA A 902 50.36 61.31 73.08
C ALA A 902 50.11 61.17 74.59
N LYS A 903 51.17 61.25 75.41
CA LYS A 903 51.29 60.78 76.79
C LYS A 903 50.97 59.28 76.87
N SER A 904 52.01 58.49 77.08
CA SER A 904 51.90 57.05 77.32
C SER A 904 50.98 56.76 78.51
N LEU A 905 50.62 55.48 78.67
CA LEU A 905 50.30 55.02 80.01
C LEU A 905 51.58 55.20 80.84
N THR A 906 51.56 56.21 81.70
CA THR A 906 52.68 56.59 82.58
C THR A 906 52.86 55.56 83.69
N PRO A 907 54.02 55.40 84.35
CA PRO A 907 54.22 54.36 85.37
C PRO A 907 53.11 54.33 86.41
N LYS A 908 52.70 55.52 86.85
CA LYS A 908 51.56 55.69 87.74
C LYS A 908 50.23 55.23 87.13
N GLN A 909 49.91 55.54 85.88
CA GLN A 909 48.71 55.00 85.24
C GLN A 909 48.85 53.53 84.81
N CYS A 910 50.05 52.97 84.78
CA CYS A 910 50.27 51.53 84.58
C CYS A 910 49.95 50.78 85.86
N ALA A 911 50.58 51.22 86.95
CA ALA A 911 49.99 51.09 88.27
C ALA A 911 48.63 51.82 88.23
N VAL A 912 47.82 51.81 89.27
CA VAL A 912 46.40 52.21 89.15
C VAL A 912 45.61 51.23 88.32
N VAL A 913 45.93 51.03 87.03
CA VAL A 913 45.31 50.01 86.18
C VAL A 913 45.67 48.62 86.69
N GLU A 914 46.95 48.27 86.87
CA GLU A 914 47.33 46.94 87.39
C GLU A 914 46.67 46.66 88.76
N LEU A 915 46.42 47.69 89.55
CA LEU A 915 45.73 47.57 90.82
C LEU A 915 44.20 47.51 90.69
N ALA A 916 43.63 48.32 89.81
CA ALA A 916 42.24 48.24 89.44
C ALA A 916 41.91 46.83 88.96
N LEU A 917 42.77 46.25 88.12
CA LEU A 917 42.66 44.88 87.61
C LEU A 917 42.76 43.85 88.73
N ASP A 918 43.70 43.97 89.66
CA ASP A 918 43.75 43.03 90.78
C ASP A 918 42.46 43.13 91.62
N THR A 919 41.91 44.33 91.78
CA THR A 919 40.63 44.54 92.48
C THR A 919 39.44 43.95 91.74
N ILE A 920 39.38 44.15 90.42
CA ILE A 920 38.36 43.55 89.57
C ILE A 920 38.46 42.04 89.67
N LYS A 921 39.67 41.48 89.60
CA LYS A 921 39.96 40.06 89.78
C LYS A 921 39.48 39.58 91.15
N GLN A 922 39.78 40.31 92.22
CA GLN A 922 39.28 40.00 93.56
C GLN A 922 37.76 40.07 93.62
N TYR A 923 37.16 41.06 92.96
CA TYR A 923 35.71 41.19 92.83
C TYR A 923 35.12 39.99 92.13
N PHE A 924 35.64 39.63 90.96
CA PHE A 924 35.19 38.48 90.21
C PHE A 924 35.52 37.18 90.93
N HIS A 925 36.54 37.15 91.75
CA HIS A 925 36.80 36.03 92.63
C HIS A 925 35.80 35.94 93.78
N ALA A 926 35.37 37.10 94.27
CA ALA A 926 34.43 37.27 95.37
C ALA A 926 34.71 36.32 96.52
N GLY A 927 35.97 36.24 96.95
CA GLY A 927 36.36 35.36 98.04
C GLY A 927 35.98 33.90 97.80
N GLY A 928 36.09 33.42 96.57
CA GLY A 928 35.70 32.05 96.22
C GLY A 928 34.25 31.89 95.81
N VAL A 929 33.39 32.89 96.03
CA VAL A 929 31.98 32.80 95.62
C VAL A 929 31.82 33.00 94.12
N GLY A 930 32.72 33.79 93.55
CA GLY A 930 32.87 33.95 92.14
C GLY A 930 33.97 33.06 91.57
N LEU A 931 34.59 33.52 90.50
CA LEU A 931 35.52 32.78 89.66
C LEU A 931 36.82 32.46 90.37
N LYS A 932 37.34 31.25 90.17
CA LYS A 932 38.58 30.83 90.84
C LYS A 932 39.70 31.79 90.47
N LYS A 933 40.58 32.12 91.42
CA LYS A 933 41.79 32.90 91.14
C LYS A 933 42.58 32.32 89.99
N THR A 934 42.64 30.99 89.91
CA THR A 934 43.31 30.24 88.86
C THR A 934 42.73 30.51 87.46
N PHE A 935 41.40 30.50 87.27
CA PHE A 935 40.77 30.90 86.01
C PHE A 935 41.12 32.34 85.65
N LEU A 936 41.04 33.22 86.66
CA LEU A 936 41.28 34.63 86.45
C LEU A 936 42.72 34.91 86.07
N GLU A 937 43.70 34.31 86.75
CA GLU A 937 45.13 34.46 86.42
C GLU A 937 45.47 33.86 85.06
N LYS A 938 44.96 32.66 84.75
CA LYS A 938 45.14 32.03 83.44
C LYS A 938 44.29 32.68 82.37
N SER A 939 43.44 33.65 82.71
CA SER A 939 42.54 34.25 81.75
C SER A 939 43.36 34.85 80.62
N PRO A 940 43.13 34.40 79.38
CA PRO A 940 43.79 34.97 78.23
C PRO A 940 43.42 36.45 78.10
N ASP A 941 42.22 36.83 78.51
CA ASP A 941 41.72 38.20 78.49
C ASP A 941 42.59 39.08 79.37
N LEU A 942 42.82 38.62 80.61
CA LEU A 942 43.75 39.25 81.51
C LEU A 942 45.18 39.21 80.98
N GLN A 943 45.66 38.07 80.49
CA GLN A 943 47.03 37.95 79.98
C GLN A 943 47.25 38.92 78.82
N SER A 944 46.30 39.03 77.90
CA SER A 944 46.35 39.97 76.80
C SER A 944 46.41 41.39 77.33
N LEU A 945 45.54 41.72 78.28
CA LEU A 945 45.52 43.04 78.89
C LEU A 945 46.88 43.38 79.54
N ARG A 946 47.44 42.44 80.31
CA ARG A 946 48.78 42.54 80.91
C ARG A 946 49.87 42.72 79.86
N TYR A 947 49.77 42.02 78.73
CA TYR A 947 50.77 42.12 77.70
C TYR A 947 50.81 43.55 77.14
N ALA A 948 49.66 44.07 76.70
CA ALA A 948 49.56 45.43 76.19
C ALA A 948 50.11 46.44 77.19
N LEU A 949 49.73 46.28 78.46
CA LEU A 949 50.28 47.09 79.54
C LEU A 949 51.79 46.97 79.64
N SER A 950 52.34 45.75 79.61
CA SER A 950 53.78 45.56 79.72
C SER A 950 54.53 46.33 78.63
N LEU A 951 53.95 46.41 77.42
CA LEU A 951 54.61 47.11 76.31
C LEU A 951 54.84 48.58 76.64
N TYR A 952 53.86 49.23 77.26
CA TYR A 952 53.88 50.66 77.52
C TYR A 952 55.05 51.15 78.39
N THR A 953 55.70 50.27 79.16
CA THR A 953 56.88 50.62 79.98
C THR A 953 58.18 50.06 79.43
N GLN A 954 58.14 49.17 78.43
CA GLN A 954 59.32 48.40 78.03
C GLN A 954 60.42 49.26 77.37
N ALA A 955 61.67 48.85 77.60
CA ALA A 955 62.85 49.55 77.13
C ALA A 955 62.88 49.60 75.60
N THR A 956 63.56 50.60 75.08
CA THR A 956 63.65 50.84 73.64
C THR A 956 64.19 49.64 72.90
N ASP A 957 65.33 49.09 73.33
CA ASP A 957 65.89 47.89 72.70
C ASP A 957 64.93 46.71 72.79
N LEU A 958 64.22 46.58 73.90
CA LEU A 958 63.34 45.46 74.10
C LEU A 958 62.10 45.57 73.22
N LEU A 959 61.53 46.77 73.11
CA LEU A 959 60.53 47.10 72.13
C LEU A 959 61.04 46.80 70.73
N ILE A 960 62.25 47.18 70.38
CA ILE A 960 62.82 46.95 69.04
C ILE A 960 63.04 45.46 68.77
N LYS A 961 63.62 44.71 69.72
CA LYS A 961 63.73 43.26 69.64
C LYS A 961 62.36 42.64 69.44
N THR A 962 61.39 43.08 70.22
CA THR A 962 60.00 42.62 70.14
C THR A 962 59.46 42.87 68.75
N PHE A 963 59.68 44.05 68.21
CA PHE A 963 59.30 44.35 66.85
C PHE A 963 59.92 43.34 65.89
N VAL A 964 61.23 43.11 65.91
CA VAL A 964 61.87 42.19 64.96
C VAL A 964 61.36 40.75 65.13
N GLN A 965 61.23 40.28 66.37
CA GLN A 965 60.73 38.94 66.63
C GLN A 965 59.24 38.78 66.24
N THR A 966 58.42 39.82 66.34
CA THR A 966 56.96 39.78 66.07
C THR A 966 56.62 40.05 64.62
N GLN A 967 57.28 41.01 63.99
CA GLN A 967 57.08 41.38 62.59
C GLN A 967 57.70 40.35 61.63
N SER A 968 57.61 39.04 61.94
CA SER A 968 58.18 37.94 61.14
C SER A 968 57.75 38.01 59.67
N ALA A 969 56.52 38.47 59.42
CA ALA A 969 55.98 38.66 58.09
C ALA A 969 56.65 39.79 57.27
N GLN A 970 57.49 40.64 57.85
CA GLN A 970 58.39 41.55 57.11
C GLN A 970 59.61 40.78 56.55
N GLY A 971 59.35 39.68 55.84
CA GLY A 971 60.35 38.82 55.21
C GLY A 971 59.74 37.62 54.46
N SER A 972 58.73 37.86 53.61
CA SER A 972 58.05 36.80 52.83
C SER A 972 57.30 37.27 51.56
N GLY A 973 57.79 38.33 50.91
CA GLY A 973 57.24 38.89 49.66
C GLY A 973 56.50 40.21 49.87
N VAL A 974 57.13 41.31 49.44
CA VAL A 974 56.47 42.62 49.28
C VAL A 974 55.33 42.47 48.29
N GLU A 975 54.21 43.14 48.54
CA GLU A 975 53.11 43.20 47.58
C GLU A 975 52.98 44.62 46.97
N ASP A 976 52.72 44.68 45.66
CA ASP A 976 52.99 45.84 44.80
C ASP A 976 54.42 46.40 44.88
N PRO A 977 55.43 45.65 44.38
CA PRO A 977 56.83 46.08 44.39
C PRO A 977 57.12 47.27 43.47
N VAL A 978 58.15 48.03 43.78
CA VAL A 978 58.60 49.25 43.06
C VAL A 978 59.97 49.11 42.44
N GLY A 979 60.34 47.88 42.19
CA GLY A 979 61.66 47.46 41.78
C GLY A 979 62.14 46.33 42.67
N GLU A 980 63.40 46.01 42.51
CA GLU A 980 64.08 44.99 43.29
C GLU A 980 65.56 45.30 43.45
N VAL A 981 66.19 44.68 44.43
CA VAL A 981 67.61 44.81 44.70
C VAL A 981 68.21 43.44 44.76
N SER A 982 69.21 43.21 43.93
CA SER A 982 70.10 42.09 44.12
C SER A 982 71.11 42.39 45.20
N VAL A 983 71.08 41.60 46.26
CA VAL A 983 72.12 41.56 47.27
C VAL A 983 72.69 40.16 47.34
N HIS A 984 73.98 40.09 47.61
CA HIS A 984 74.56 38.91 48.22
C HIS A 984 74.96 39.25 49.64
N VAL A 985 74.52 38.46 50.61
CA VAL A 985 74.73 38.72 52.04
C VAL A 985 75.45 37.55 52.67
N GLU A 986 76.48 37.83 53.44
CA GLU A 986 77.20 36.84 54.20
C GLU A 986 77.13 37.23 55.65
N LEU A 987 76.32 36.47 56.39
CA LEU A 987 76.49 36.43 57.82
C LEU A 987 77.84 35.79 58.08
N PHE A 988 78.65 36.50 58.84
CA PHE A 988 79.79 35.91 59.48
C PHE A 988 79.55 36.03 60.98
N THR A 989 79.22 34.89 61.59
CA THR A 989 79.56 34.65 63.00
C THR A 989 81.06 34.74 62.97
N HIS A 990 81.48 35.95 63.27
CA HIS A 990 82.69 36.53 62.79
C HIS A 990 83.83 35.60 63.15
N PRO A 991 84.50 34.98 62.16
CA PRO A 991 85.44 33.92 62.45
C PRO A 991 86.58 34.40 63.35
N GLY A 992 86.86 35.71 63.36
CA GLY A 992 87.80 36.36 64.26
C GLY A 992 87.30 36.66 65.68
N THR A 993 86.00 36.60 66.00
CA THR A 993 85.50 37.04 67.33
C THR A 993 84.30 36.29 67.92
N GLY A 994 83.49 35.56 67.15
CA GLY A 994 82.22 35.02 67.66
C GLY A 994 81.15 36.11 67.93
N GLU A 995 81.41 37.39 67.63
CA GLU A 995 80.34 38.36 67.37
C GLU A 995 79.64 37.97 66.06
N GLN A 996 78.60 38.70 65.67
CA GLN A 996 78.11 38.61 64.31
C GLN A 996 78.33 39.91 63.57
N LYS A 997 78.88 39.74 62.38
CA LYS A 997 79.09 40.76 61.39
C LYS A 997 78.30 40.35 60.18
N VAL A 998 77.82 41.33 59.43
CA VAL A 998 76.94 41.08 58.29
C VAL A 998 77.57 41.79 57.12
N THR A 999 78.20 41.01 56.26
CA THR A 999 78.63 41.55 55.00
C THR A 999 77.41 41.64 54.09
N VAL A 1000 77.22 42.78 53.41
CA VAL A 1000 76.15 42.99 52.43
C VAL A 1000 76.76 43.51 51.15
N LYS A 1001 76.97 42.64 50.17
CA LYS A 1001 77.28 43.03 48.80
C LYS A 1001 76.02 43.46 48.08
N VAL A 1002 75.83 44.76 47.93
CA VAL A 1002 74.83 45.36 47.04
C VAL A 1002 75.30 45.23 45.61
N VAL A 1003 74.71 44.28 44.88
CA VAL A 1003 75.11 43.95 43.50
C VAL A 1003 74.50 44.95 42.53
N ALA A 1004 73.19 45.13 42.58
CA ALA A 1004 72.41 45.95 41.66
C ALA A 1004 71.01 46.24 42.20
N ALA A 1005 70.32 47.20 41.58
CA ALA A 1005 68.86 47.27 41.56
C ALA A 1005 68.32 47.14 40.12
N ASN A 1006 67.03 46.85 40.01
CA ASN A 1006 66.33 46.58 38.76
C ASN A 1006 64.85 46.97 38.87
N ASP A 1007 64.21 47.27 37.75
CA ASP A 1007 62.78 47.61 37.67
C ASP A 1007 62.31 48.70 38.62
N LEU A 1008 63.18 49.64 38.93
CA LEU A 1008 62.85 50.76 39.79
C LEU A 1008 61.73 51.58 39.15
N LYS A 1009 60.54 51.57 39.76
CA LYS A 1009 59.40 52.35 39.28
C LYS A 1009 59.64 53.81 39.63
N TRP A 1010 60.45 54.50 38.85
CA TRP A 1010 60.87 55.85 39.16
C TRP A 1010 61.31 56.59 37.91
N GLN A 1011 60.59 56.44 36.80
CA GLN A 1011 60.85 57.25 35.61
C GLN A 1011 60.45 58.70 35.91
N THR A 1012 61.42 59.45 36.42
CA THR A 1012 61.22 60.72 37.11
C THR A 1012 61.18 61.94 36.19
N SER A 1013 60.58 63.02 36.67
CA SER A 1013 60.63 64.38 36.10
C SER A 1013 62.01 65.07 36.25
N GLY A 1014 63.10 64.36 35.95
CA GLY A 1014 64.47 64.90 36.03
C GLY A 1014 65.56 63.86 35.83
N ILE A 1015 66.79 64.21 36.23
CA ILE A 1015 67.87 63.23 36.29
C ILE A 1015 67.60 62.31 37.47
N PHE A 1016 67.25 61.07 37.18
CA PHE A 1016 67.27 60.05 38.19
C PHE A 1016 68.71 59.74 38.61
N ARG A 1017 69.04 59.68 39.89
CA ARG A 1017 70.39 59.38 40.38
C ARG A 1017 70.31 58.38 41.53
N PRO A 1018 69.80 57.17 41.29
CA PRO A 1018 69.60 56.21 42.36
C PRO A 1018 70.90 55.86 43.07
N PHE A 1019 70.78 55.74 44.37
CA PHE A 1019 71.70 55.05 45.25
C PHE A 1019 70.90 54.18 46.22
N ILE A 1020 71.56 53.20 46.82
CA ILE A 1020 70.93 52.28 47.76
C ILE A 1020 71.51 52.51 49.12
N GLU A 1021 70.68 53.04 49.99
CA GLU A 1021 70.92 52.94 51.39
C GLU A 1021 70.68 51.50 51.87
N VAL A 1022 71.58 50.96 52.69
CA VAL A 1022 71.33 49.75 53.47
C VAL A 1022 71.36 50.13 54.94
N ASN A 1023 70.37 49.68 55.69
CA ASN A 1023 70.31 49.84 57.13
C ASN A 1023 70.19 48.47 57.79
N ILE A 1024 70.88 48.28 58.90
CA ILE A 1024 70.60 47.16 59.80
C ILE A 1024 69.58 47.61 60.85
N VAL A 1025 68.70 46.70 61.28
CA VAL A 1025 67.73 46.92 62.35
C VAL A 1025 67.74 45.75 63.31
N GLY A 1026 67.62 46.07 64.60
CA GLY A 1026 67.58 45.16 65.73
C GLY A 1026 68.09 45.85 66.99
N PRO A 1027 68.18 45.12 68.09
CA PRO A 1027 68.54 45.70 69.37
C PRO A 1027 70.04 46.06 69.44
N GLN A 1028 70.40 46.91 70.40
CA GLN A 1028 71.77 47.29 70.77
C GLN A 1028 72.59 47.79 69.58
N LEU A 1029 72.12 48.83 68.90
CA LEU A 1029 72.81 49.39 67.73
C LEU A 1029 73.22 50.86 67.91
N SER A 1030 73.00 51.44 69.07
CA SER A 1030 73.34 52.85 69.41
C SER A 1030 74.81 53.20 69.16
N ASP A 1031 75.70 52.28 69.49
CA ASP A 1031 77.17 52.38 69.40
C ASP A 1031 77.71 52.01 68.01
N LYS A 1032 76.83 51.64 67.08
CA LYS A 1032 77.16 51.04 65.78
C LYS A 1032 76.64 51.84 64.61
N LYS A 1033 77.36 51.73 63.49
CA LYS A 1033 76.99 52.30 62.20
C LYS A 1033 75.77 51.57 61.64
N ARG A 1034 74.59 52.15 61.83
CA ARG A 1034 73.32 51.55 61.41
C ARG A 1034 73.04 51.66 59.92
N LYS A 1035 73.73 52.56 59.23
CA LYS A 1035 73.45 52.95 57.84
C LYS A 1035 74.70 52.83 56.98
N PHE A 1036 74.55 52.38 55.74
CA PHE A 1036 75.48 52.55 54.62
C PHE A 1036 74.70 53.02 53.40
N ALA A 1037 75.40 53.50 52.40
CA ALA A 1037 74.82 53.78 51.09
C ALA A 1037 75.78 53.43 49.96
N THR A 1038 75.27 52.92 48.84
CA THR A 1038 76.06 52.84 47.61
C THR A 1038 76.38 54.23 47.11
N LYS A 1039 77.33 54.34 46.19
CA LYS A 1039 77.39 55.51 45.31
C LYS A 1039 76.06 55.65 44.58
N SER A 1040 75.81 56.83 44.03
CA SER A 1040 74.71 57.02 43.09
C SER A 1040 75.11 56.61 41.66
N LYS A 1041 74.12 56.29 40.82
CA LYS A 1041 74.27 56.06 39.37
C LYS A 1041 73.32 56.96 38.61
N ASN A 1042 73.82 57.71 37.64
CA ASN A 1042 73.00 58.60 36.83
C ASN A 1042 72.05 57.79 35.94
N ASN A 1043 70.83 58.30 35.77
CA ASN A 1043 69.81 57.94 34.79
C ASN A 1043 69.61 56.44 34.56
N SER A 1044 69.60 55.65 35.64
CA SER A 1044 69.70 54.19 35.54
C SER A 1044 68.68 53.51 36.42
N TRP A 1045 67.56 53.08 35.86
CA TRP A 1045 66.52 52.25 36.50
C TRP A 1045 66.94 50.81 36.84
N ALA A 1046 68.10 50.38 36.34
CA ALA A 1046 68.74 49.11 36.67
C ALA A 1046 70.22 49.27 37.10
N PRO A 1047 70.51 50.12 38.09
CA PRO A 1047 71.87 50.47 38.42
C PRO A 1047 72.57 49.31 39.09
N LYS A 1048 73.75 48.97 38.57
CA LYS A 1048 74.67 48.06 39.22
C LYS A 1048 75.49 48.86 40.24
N TYR A 1049 75.96 48.20 41.29
CA TYR A 1049 76.75 48.81 42.35
C TYR A 1049 77.96 47.96 42.70
N ASN A 1050 77.75 46.67 42.95
CA ASN A 1050 78.81 45.79 43.41
C ASN A 1050 79.53 46.31 44.67
N GLU A 1051 78.83 46.99 45.59
CA GLU A 1051 79.43 47.59 46.79
C GLU A 1051 79.15 46.74 48.02
N SER A 1052 80.19 46.38 48.77
CA SER A 1052 80.09 45.49 49.93
C SER A 1052 80.24 46.20 51.27
N PHE A 1053 79.18 46.20 52.08
CA PHE A 1053 79.14 46.82 53.41
C PHE A 1053 79.30 45.78 54.51
N GLN A 1054 79.61 46.16 55.75
CA GLN A 1054 79.85 45.23 56.85
C GLN A 1054 79.27 45.77 58.14
N PHE A 1055 78.01 45.49 58.41
CA PHE A 1055 77.42 45.83 59.70
C PHE A 1055 78.04 44.98 60.78
N SER A 1056 78.05 45.53 61.99
CA SER A 1056 78.17 44.72 63.18
C SER A 1056 76.79 44.58 63.80
N LEU A 1057 76.43 43.36 64.16
CA LEU A 1057 75.36 43.15 65.12
C LEU A 1057 75.91 43.31 66.52
N SER A 1058 75.04 43.24 67.52
CA SER A 1058 75.52 42.94 68.86
C SER A 1058 76.24 41.59 68.93
N ALA A 1059 76.99 41.36 70.00
CA ALA A 1059 77.42 40.02 70.38
C ALA A 1059 76.29 39.19 71.01
N ASP A 1060 75.36 39.83 71.73
CA ASP A 1060 74.42 39.14 72.60
C ASP A 1060 73.19 38.62 71.84
N ALA A 1061 72.43 39.53 71.26
CA ALA A 1061 71.26 39.25 70.47
C ALA A 1061 71.63 38.42 69.23
N GLY A 1062 70.93 37.32 69.01
CA GLY A 1062 71.17 36.45 67.87
C GLY A 1062 70.69 37.08 66.54
N PRO A 1063 71.07 36.51 65.40
CA PRO A 1063 70.74 37.08 64.08
C PRO A 1063 69.23 37.20 63.89
N GLU A 1064 68.43 36.30 64.45
CA GLU A 1064 66.98 36.40 64.47
C GLU A 1064 66.40 37.64 65.20
N CYS A 1065 67.19 38.35 66.01
CA CYS A 1065 66.82 39.66 66.56
C CYS A 1065 67.02 40.82 65.57
N TYR A 1066 67.53 40.53 64.38
CA TYR A 1066 67.90 41.55 63.40
C TYR A 1066 67.32 41.29 62.01
N GLU A 1067 67.23 42.39 61.28
CA GLU A 1067 66.77 42.45 59.91
C GLU A 1067 67.51 43.58 59.19
N LEU A 1068 67.87 43.35 57.94
CA LEU A 1068 68.30 44.42 57.08
C LEU A 1068 67.07 45.11 56.51
N GLN A 1069 67.14 46.41 56.41
CA GLN A 1069 66.21 47.24 55.68
C GLN A 1069 66.97 47.93 54.52
N VAL A 1070 66.65 47.59 53.28
CA VAL A 1070 67.34 48.08 52.07
C VAL A 1070 66.48 49.13 51.39
N CYS A 1071 66.97 50.35 51.23
CA CYS A 1071 66.20 51.45 50.69
C CYS A 1071 66.89 52.04 49.48
N VAL A 1072 66.15 52.18 48.38
CA VAL A 1072 66.63 52.88 47.20
C VAL A 1072 66.15 54.30 47.26
N LYS A 1073 67.06 55.24 47.01
CA LYS A 1073 66.78 56.66 46.99
C LYS A 1073 67.38 57.32 45.77
N ASP A 1074 66.67 58.28 45.24
CA ASP A 1074 67.15 59.17 44.20
C ASP A 1074 68.02 60.28 44.83
N TYR A 1075 69.30 60.42 44.48
CA TYR A 1075 70.12 61.51 45.00
C TYR A 1075 69.69 62.85 44.42
N CYS A 1076 69.37 63.83 45.28
CA CYS A 1076 68.84 65.12 44.88
C CYS A 1076 69.43 66.27 45.71
N PHE A 1077 70.59 66.79 45.31
CA PHE A 1077 71.03 68.10 45.83
C PHE A 1077 69.98 69.19 45.57
N ALA A 1078 70.02 70.24 46.39
CA ALA A 1078 69.11 71.39 46.45
C ALA A 1078 67.68 71.04 46.91
N ARG A 1079 67.13 69.96 46.36
CA ARG A 1079 65.89 69.29 46.74
C ARG A 1079 66.08 68.43 48.00
N GLU A 1080 65.55 67.21 47.96
CA GLU A 1080 65.64 66.16 48.97
C GLU A 1080 65.77 64.76 48.29
N ASP A 1081 66.58 63.85 48.86
CA ASP A 1081 66.79 62.51 48.28
C ASP A 1081 65.55 61.62 48.41
N ARG A 1082 64.82 61.45 47.33
CA ARG A 1082 63.51 60.80 47.39
C ARG A 1082 63.62 59.29 47.62
N THR A 1083 62.91 58.75 48.61
CA THR A 1083 62.79 57.30 48.74
C THR A 1083 62.05 56.76 47.54
N VAL A 1084 62.73 55.91 46.80
CA VAL A 1084 62.19 55.11 45.70
C VAL A 1084 61.45 53.89 46.22
N GLY A 1085 62.02 53.22 47.23
CA GLY A 1085 61.43 52.00 47.76
C GLY A 1085 62.23 51.41 48.91
N LEU A 1086 61.67 50.40 49.59
CA LEU A 1086 62.23 49.76 50.78
C LEU A 1086 62.03 48.23 50.80
N ALA A 1087 62.99 47.42 51.21
CA ALA A 1087 62.85 45.97 51.39
C ALA A 1087 63.37 45.51 52.74
N VAL A 1088 62.73 44.51 53.35
CA VAL A 1088 63.22 43.92 54.60
C VAL A 1088 63.73 42.52 54.37
N LEU A 1089 64.90 42.21 54.90
CA LEU A 1089 65.43 40.87 54.93
C LEU A 1089 65.61 40.43 56.39
N GLN A 1090 64.97 39.34 56.79
CA GLN A 1090 65.11 38.79 58.13
C GLN A 1090 66.38 37.96 58.27
N LEU A 1091 67.25 38.32 59.21
CA LEU A 1091 68.50 37.59 59.40
C LEU A 1091 68.31 36.23 60.10
N ARG A 1092 67.10 35.91 60.58
CA ARG A 1092 66.76 34.52 60.95
C ARG A 1092 67.01 33.55 59.78
N GLU A 1093 66.71 33.98 58.56
CA GLU A 1093 66.87 33.13 57.38
C GLU A 1093 68.34 32.83 57.17
N LEU A 1094 69.13 33.89 57.17
CA LEU A 1094 70.58 33.83 57.07
C LEU A 1094 71.21 33.07 58.23
N ALA A 1095 70.59 33.00 59.40
CA ALA A 1095 71.10 32.16 60.48
C ALA A 1095 71.19 30.69 60.06
N GLN A 1096 70.34 30.23 59.15
CA GLN A 1096 70.51 28.94 58.49
C GLN A 1096 71.39 29.07 57.27
N ARG A 1097 71.10 30.05 56.40
CA ARG A 1097 71.68 30.08 55.05
C ARG A 1097 73.19 30.37 55.06
N GLY A 1098 73.71 31.10 56.06
CA GLY A 1098 75.12 31.54 56.18
C GLY A 1098 75.50 32.63 55.18
N SER A 1099 75.33 32.37 53.89
CA SER A 1099 75.31 33.38 52.86
C SER A 1099 74.17 33.18 51.85
N ALA A 1100 73.54 34.27 51.42
CA ALA A 1100 72.40 34.25 50.52
C ALA A 1100 72.58 35.26 49.38
N ALA A 1101 72.43 34.78 48.16
CA ALA A 1101 72.06 35.65 47.06
C ALA A 1101 70.53 35.76 47.04
N CYS A 1102 70.01 36.98 47.01
CA CYS A 1102 68.57 37.20 46.90
C CYS A 1102 68.23 38.51 46.16
N TRP A 1103 67.16 38.48 45.37
CA TRP A 1103 66.55 39.64 44.74
C TRP A 1103 65.41 40.13 45.61
N LEU A 1104 65.70 41.09 46.45
CA LEU A 1104 64.68 41.67 47.31
C LEU A 1104 63.75 42.54 46.50
N PRO A 1105 62.47 42.23 46.42
CA PRO A 1105 61.50 43.16 45.89
C PRO A 1105 61.40 44.37 46.81
N LEU A 1106 61.30 45.57 46.23
CA LEU A 1106 61.19 46.83 46.95
C LEU A 1106 59.72 47.18 47.14
N GLY A 1107 59.32 47.65 48.31
CA GLY A 1107 58.00 48.20 48.62
C GLY A 1107 57.97 49.72 48.68
N ARG A 1108 56.78 50.28 48.93
CA ARG A 1108 56.56 51.71 49.20
C ARG A 1108 56.61 52.02 50.71
N ARG A 1109 56.07 51.15 51.57
CA ARG A 1109 56.19 51.19 53.03
C ARG A 1109 56.29 49.78 53.59
N ILE A 1110 56.83 49.63 54.79
CA ILE A 1110 56.93 48.31 55.40
C ILE A 1110 55.57 47.88 55.97
N HIS A 1111 55.20 46.62 55.82
CA HIS A 1111 53.88 46.10 56.20
C HIS A 1111 53.92 45.61 57.65
N MET A 1112 52.89 45.84 58.44
CA MET A 1112 52.96 45.66 59.90
C MET A 1112 51.71 45.01 60.47
N ASP A 1113 51.89 44.35 61.61
CA ASP A 1113 50.80 43.89 62.46
C ASP A 1113 50.51 44.87 63.60
N ASP A 1114 49.45 44.56 64.36
CA ASP A 1114 49.01 45.32 65.53
C ASP A 1114 50.13 45.57 66.53
N THR A 1115 51.06 44.64 66.69
CA THR A 1115 52.13 44.69 67.66
C THR A 1115 53.28 45.52 67.12
N GLY A 1116 53.58 45.46 65.83
CA GLY A 1116 54.49 46.39 65.20
C GLY A 1116 53.97 47.79 65.35
N LEU A 1117 52.70 48.00 65.01
CA LEU A 1117 52.06 49.31 65.12
C LEU A 1117 51.91 49.76 66.57
N THR A 1118 51.72 48.84 67.52
CA THR A 1118 51.69 49.15 68.96
C THR A 1118 53.08 49.52 69.46
N VAL A 1119 54.09 48.73 69.12
CA VAL A 1119 55.48 49.03 69.48
C VAL A 1119 55.88 50.36 68.88
N LEU A 1120 55.51 50.62 67.64
CA LEU A 1120 55.86 51.86 66.94
C LEU A 1120 55.22 53.06 67.63
N ARG A 1121 53.91 53.00 67.95
CA ARG A 1121 53.25 54.10 68.67
C ARG A 1121 53.78 54.28 70.08
N ILE A 1122 54.30 53.21 70.67
CA ILE A 1122 54.98 53.28 71.96
C ILE A 1122 56.35 53.94 71.78
N LEU A 1123 57.18 53.48 70.86
CA LEU A 1123 58.51 54.04 70.58
C LEU A 1123 58.41 55.51 70.18
N SER A 1124 57.39 55.92 69.43
CA SER A 1124 57.24 57.32 69.02
C SER A 1124 56.99 58.25 70.21
N GLN A 1125 56.44 57.76 71.32
CA GLN A 1125 56.32 58.54 72.57
C GLN A 1125 57.66 58.75 73.25
N ARG A 1126 58.68 57.93 72.97
CA ARG A 1126 60.05 58.08 73.49
C ARG A 1126 60.81 59.08 72.64
N SER A 1127 60.15 60.19 72.30
CA SER A 1127 60.53 61.21 71.32
C SER A 1127 61.80 62.02 71.66
N ASN A 1128 62.61 61.56 72.62
CA ASN A 1128 63.95 62.05 72.95
C ASN A 1128 65.02 60.96 72.88
N ASP A 1129 64.63 59.69 72.90
CA ASP A 1129 65.56 58.60 72.74
C ASP A 1129 66.04 58.57 71.30
N GLU A 1130 67.33 58.73 71.10
CA GLU A 1130 67.87 58.81 69.76
C GLU A 1130 67.75 57.50 68.99
N VAL A 1131 67.87 56.37 69.67
CA VAL A 1131 67.69 55.07 69.03
C VAL A 1131 66.26 54.90 68.62
N ALA A 1132 65.33 55.24 69.51
CA ALA A 1132 63.92 55.18 69.21
C ALA A 1132 63.59 56.15 68.09
N LYS A 1133 64.10 57.39 68.12
CA LYS A 1133 63.90 58.39 67.08
C LYS A 1133 64.32 57.84 65.73
N GLU A 1134 65.54 57.33 65.65
CA GLU A 1134 66.03 56.76 64.41
C GLU A 1134 65.29 55.48 64.04
N PHE A 1135 64.88 54.64 64.99
CA PHE A 1135 64.08 53.46 64.67
C PHE A 1135 62.71 53.86 64.09
N VAL A 1136 62.00 54.74 64.79
CA VAL A 1136 60.70 55.26 64.40
C VAL A 1136 60.84 55.94 63.06
N LYS A 1137 61.78 56.86 62.92
CA LYS A 1137 62.08 57.49 61.64
C LYS A 1137 62.30 56.44 60.56
N LEU A 1138 63.12 55.40 60.82
CA LEU A 1138 63.48 54.37 59.85
C LEU A 1138 62.30 53.50 59.44
N LYS A 1139 61.48 53.07 60.40
CA LYS A 1139 60.28 52.32 60.05
C LYS A 1139 59.25 53.20 59.38
N SER A 1140 59.13 54.44 59.86
CA SER A 1140 58.24 55.44 59.30
C SER A 1140 58.73 56.02 57.97
N ASP A 1141 59.92 55.68 57.50
CA ASP A 1141 60.29 55.95 56.11
C ASP A 1141 59.37 55.13 55.19
N THR A 1142 58.82 55.83 54.21
CA THR A 1142 58.11 55.26 53.09
C THR A 1142 58.61 55.98 51.84
N ARG A 1143 58.53 55.30 50.70
CA ARG A 1143 58.68 55.88 49.36
C ARG A 1143 57.95 57.21 49.31
N SER A 1144 58.70 58.29 49.14
CA SER A 1144 58.17 59.56 48.67
C SER A 1144 57.53 59.24 47.33
N ALA A 1145 56.21 59.27 47.26
CA ALA A 1145 55.43 58.45 46.34
C ALA A 1145 55.86 58.54 44.86
N GLU A 1146 56.21 59.72 44.42
CA GLU A 1146 56.11 60.15 43.03
C GLU A 1146 57.04 59.40 42.05
N GLU A 1147 56.95 59.68 40.75
CA GLU A 1147 57.72 59.01 39.67
C GLU A 1147 57.40 57.51 39.46
N GLY A 1148 56.47 56.95 40.24
CA GLY A 1148 56.04 55.55 40.16
C GLY A 1148 55.13 54.99 41.26
N GLY A 1149 54.65 55.76 42.25
CA GLY A 1149 53.41 55.48 43.02
C GLY A 1149 53.49 55.48 44.57
N ALA A 1150 52.37 55.68 45.25
CA ALA A 1150 52.29 55.99 46.69
C ALA A 1150 52.18 54.80 47.67
N ALA A 1151 51.10 54.02 47.63
CA ALA A 1151 50.76 53.02 48.66
C ALA A 1151 50.85 51.56 48.14
N PRO A 1152 51.43 50.62 48.92
CA PRO A 1152 51.78 49.28 48.44
C PRO A 1152 50.64 48.28 48.69
N ALA A 1153 51.00 47.00 48.81
CA ALA A 1153 50.21 45.98 49.48
C ALA A 1153 51.10 45.15 50.47
N PRO A 1154 50.51 44.49 51.49
CA PRO A 1154 51.23 43.93 52.63
C PRO A 1154 51.85 42.54 52.40
N GLU B 23 55.81 -17.52 98.64
CA GLU B 23 56.38 -17.16 99.97
C GLU B 23 57.12 -18.32 100.65
N GLU B 24 56.69 -19.58 100.49
CA GLU B 24 57.29 -20.75 101.17
C GLU B 24 58.79 -20.92 100.91
N LEU B 25 59.23 -20.68 99.68
CA LEU B 25 60.65 -20.60 99.34
C LEU B 25 61.35 -19.43 100.05
N LYS B 26 60.77 -18.23 100.06
CA LYS B 26 61.31 -17.01 100.71
C LYS B 26 61.67 -17.23 102.18
N ASN B 27 60.77 -17.88 102.92
CA ASN B 27 60.98 -18.17 104.34
C ASN B 27 62.11 -19.21 104.56
N HIS B 28 62.13 -20.29 103.78
CA HIS B 28 63.18 -21.30 103.89
C HIS B 28 64.57 -20.76 103.53
N VAL B 29 64.65 -20.01 102.43
CA VAL B 29 65.85 -19.33 101.96
C VAL B 29 66.40 -18.41 103.05
N TYR B 30 65.55 -17.67 103.74
CA TYR B 30 65.91 -16.89 104.92
C TYR B 30 66.58 -17.75 106.00
N LYS B 31 66.00 -18.88 106.40
CA LYS B 31 66.58 -19.78 107.42
C LYS B 31 67.91 -20.34 106.97
N LYS B 32 68.00 -20.83 105.75
CA LYS B 32 69.26 -21.27 105.12
C LYS B 32 70.31 -20.16 105.03
N THR B 33 69.91 -18.93 104.73
CA THR B 33 70.85 -17.82 104.56
C THR B 33 71.42 -17.41 105.91
N LEU B 34 70.59 -17.35 106.95
CA LEU B 34 71.07 -17.19 108.31
C LEU B 34 72.01 -18.33 108.71
N GLN B 35 71.65 -19.60 108.44
CA GLN B 35 72.51 -20.75 108.72
C GLN B 35 73.85 -20.65 108.00
N ALA B 36 73.81 -20.19 106.75
CA ALA B 36 75.01 -20.01 105.97
C ALA B 36 75.89 -18.95 106.58
N LEU B 37 75.30 -17.82 106.90
CA LEU B 37 76.06 -16.65 107.27
C LEU B 37 76.42 -16.61 108.73
N ILE B 38 75.70 -17.33 109.59
CA ILE B 38 76.07 -17.45 111.00
C ILE B 38 77.36 -18.24 111.15
N TYR B 39 77.52 -19.25 110.30
CA TYR B 39 78.76 -20.00 110.17
C TYR B 39 79.29 -19.99 108.73
N PRO B 40 79.85 -18.86 108.31
CA PRO B 40 80.28 -18.66 106.94
C PRO B 40 81.50 -19.52 106.61
N ILE B 41 81.65 -19.86 105.34
CA ILE B 41 82.82 -20.60 104.85
C ILE B 41 84.08 -19.74 104.89
N SER B 42 84.01 -18.43 104.60
CA SER B 42 85.20 -17.55 104.62
C SER B 42 85.98 -17.55 105.94
N CYS B 43 85.31 -17.79 107.08
CA CYS B 43 85.98 -18.03 108.36
C CYS B 43 85.65 -19.43 108.90
N THR B 44 85.87 -20.41 108.03
CA THR B 44 86.23 -21.80 108.39
C THR B 44 87.70 -21.92 108.79
N THR B 45 88.00 -22.82 109.72
CA THR B 45 89.38 -23.12 110.14
C THR B 45 90.11 -23.93 109.07
N PRO B 46 91.38 -23.64 108.76
CA PRO B 46 92.17 -24.45 107.83
C PRO B 46 92.65 -25.76 108.47
N HIS B 47 92.78 -26.81 107.67
CA HIS B 47 93.30 -28.09 108.15
C HIS B 47 94.79 -28.04 108.46
N ASN B 48 95.17 -28.45 109.67
CA ASN B 48 96.55 -28.55 110.11
C ASN B 48 97.07 -29.98 109.87
N PHE B 49 97.46 -30.27 108.62
CA PHE B 49 97.94 -31.57 108.17
C PHE B 49 99.38 -31.90 108.56
N GLU B 50 99.55 -32.76 109.57
CA GLU B 50 100.81 -33.47 109.80
C GLU B 50 100.93 -34.63 108.80
N VAL B 51 102.14 -34.95 108.37
CA VAL B 51 102.41 -36.26 107.77
C VAL B 51 102.04 -37.33 108.78
N TRP B 52 101.28 -38.33 108.34
CA TRP B 52 100.75 -39.36 109.21
C TRP B 52 100.85 -40.74 108.62
N THR B 53 101.26 -41.65 109.48
CA THR B 53 101.34 -43.08 109.19
C THR B 53 100.11 -43.70 109.80
N ALA B 54 99.28 -44.38 109.00
CA ALA B 54 97.95 -44.76 109.45
C ALA B 54 97.97 -45.69 110.65
N THR B 55 97.44 -45.24 111.78
CA THR B 55 97.47 -46.00 113.04
C THR B 55 96.48 -47.16 113.06
N THR B 56 95.54 -47.19 112.12
CA THR B 56 94.73 -48.38 111.76
C THR B 56 94.58 -48.41 110.22
N PRO B 57 94.25 -49.54 109.58
CA PRO B 57 94.06 -49.63 108.14
C PRO B 57 92.97 -48.67 107.70
N THR B 58 93.36 -47.64 106.97
CA THR B 58 92.52 -46.45 106.81
C THR B 58 92.31 -46.17 105.34
N TYR B 59 91.15 -45.67 104.97
CA TYR B 59 90.86 -45.28 103.60
C TYR B 59 90.73 -43.75 103.49
N CYS B 60 91.52 -43.11 102.61
CA CYS B 60 91.59 -41.64 102.47
C CYS B 60 90.19 -41.02 102.39
N TYR B 61 89.90 -40.03 103.24
CA TYR B 61 88.57 -39.46 103.36
C TYR B 61 88.07 -38.87 102.04
N GLU B 62 88.97 -38.54 101.10
CA GLU B 62 88.58 -38.06 99.77
C GLU B 62 88.63 -39.04 98.58
N CYS B 63 89.65 -39.88 98.47
CA CYS B 63 89.79 -40.80 97.33
C CYS B 63 89.64 -42.28 97.70
N GLU B 64 89.51 -42.58 98.99
CA GLU B 64 89.32 -43.93 99.52
C GLU B 64 90.45 -44.93 99.27
N GLY B 65 91.62 -44.49 98.80
CA GLY B 65 92.81 -45.35 98.73
C GLY B 65 93.36 -45.71 100.12
N LEU B 66 93.90 -46.92 100.28
CA LEU B 66 94.43 -47.44 101.55
C LEU B 66 95.66 -46.66 102.00
N LEU B 67 95.47 -45.90 103.06
CA LEU B 67 96.54 -45.43 103.91
C LEU B 67 96.86 -46.53 104.91
N TRP B 68 98.06 -47.06 104.76
CA TRP B 68 98.60 -48.06 105.67
C TRP B 68 100.13 -48.05 105.57
N GLY B 69 100.78 -48.18 106.72
CA GLY B 69 102.25 -48.23 106.80
C GLY B 69 102.96 -46.99 106.27
N ILE B 70 104.28 -47.08 106.19
CA ILE B 70 105.16 -46.01 105.70
C ILE B 70 104.94 -45.78 104.19
N ALA B 71 104.78 -46.84 103.41
CA ALA B 71 104.64 -46.76 101.94
C ALA B 71 103.38 -46.01 101.48
N ARG B 72 102.33 -46.04 102.30
CA ARG B 72 101.06 -45.34 102.06
C ARG B 72 100.73 -44.45 103.25
N GLN B 73 101.71 -43.66 103.68
CA GLN B 73 101.46 -42.49 104.51
C GLN B 73 100.42 -41.58 103.86
N GLY B 74 99.68 -40.92 104.73
CA GLY B 74 98.83 -39.81 104.36
C GLY B 74 99.20 -38.56 105.13
N MET B 75 98.24 -37.66 105.16
CA MET B 75 98.20 -36.50 106.00
C MET B 75 97.03 -36.68 106.96
N ARG B 76 97.26 -36.44 108.24
CA ARG B 76 96.20 -36.36 109.25
C ARG B 76 96.12 -34.95 109.76
N CYS B 77 94.95 -34.33 109.63
CA CYS B 77 94.72 -33.03 110.22
C CYS B 77 94.69 -33.21 111.73
N THR B 78 95.52 -32.50 112.50
CA THR B 78 95.50 -32.61 113.96
C THR B 78 94.11 -32.29 114.50
N GLU B 79 93.61 -31.08 114.18
CA GLU B 79 92.32 -30.56 114.62
C GLU B 79 91.19 -31.52 114.28
N CYS B 80 91.01 -31.85 113.00
CA CYS B 80 89.84 -32.62 112.64
C CYS B 80 90.02 -34.12 112.55
N GLY B 81 91.25 -34.61 112.62
CA GLY B 81 91.56 -36.00 112.39
C GLY B 81 90.98 -36.56 111.09
N VAL B 82 90.66 -35.69 110.12
CA VAL B 82 90.52 -36.14 108.73
C VAL B 82 91.86 -36.62 108.26
N LYS B 83 91.78 -37.70 107.51
CA LYS B 83 92.93 -38.38 107.00
C LYS B 83 92.77 -38.44 105.51
N CYS B 84 93.82 -38.16 104.79
CA CYS B 84 93.78 -38.17 103.34
C CYS B 84 95.18 -38.44 102.80
N HIS B 85 95.30 -38.82 101.53
CA HIS B 85 96.60 -38.67 100.87
C HIS B 85 97.02 -37.20 100.84
N GLU B 86 98.31 -36.95 100.67
CA GLU B 86 98.84 -35.60 100.42
C GLU B 86 98.16 -34.97 99.19
N LYS B 87 98.14 -35.68 98.06
CA LYS B 87 97.42 -35.26 96.83
C LYS B 87 95.94 -34.94 97.04
N CYS B 88 95.32 -35.55 98.05
CA CYS B 88 93.92 -35.37 98.40
C CYS B 88 93.65 -34.25 99.42
N GLN B 89 94.65 -33.73 100.16
CA GLN B 89 94.39 -32.79 101.25
C GLN B 89 93.68 -31.50 100.79
N ASP B 90 93.90 -31.10 99.54
CA ASP B 90 93.35 -29.87 98.96
C ASP B 90 91.97 -30.08 98.31
N LEU B 91 91.61 -31.32 97.97
CA LEU B 91 90.27 -31.68 97.55
C LEU B 91 89.27 -31.66 98.73
N LEU B 92 89.76 -31.74 99.97
CA LEU B 92 88.96 -31.62 101.20
C LEU B 92 88.52 -30.16 101.48
N ASN B 93 87.49 -29.71 100.78
CA ASN B 93 86.76 -28.49 101.16
C ASN B 93 85.91 -28.65 102.45
N ALA B 94 85.87 -29.87 103.01
CA ALA B 94 85.17 -30.14 104.26
C ALA B 94 85.72 -29.22 105.36
N ASP B 95 84.84 -28.55 106.09
CA ASP B 95 85.27 -27.64 107.14
C ASP B 95 86.05 -28.41 108.20
N CYS B 96 87.23 -27.93 108.57
CA CYS B 96 88.02 -28.53 109.63
C CYS B 96 87.23 -28.65 110.94
N LEU B 97 86.52 -27.61 111.40
CA LEU B 97 85.83 -27.74 112.67
C LEU B 97 84.67 -28.73 112.59
N GLN B 98 83.80 -28.68 111.58
CA GLN B 98 82.77 -29.70 111.45
C GLN B 98 83.36 -31.11 111.29
N ARG B 99 84.37 -31.29 110.43
CA ARG B 99 85.13 -32.55 110.33
C ARG B 99 85.70 -33.03 111.63
N ALA B 100 86.15 -32.10 112.44
CA ALA B 100 86.71 -32.40 113.73
C ALA B 100 85.60 -32.88 114.67
N ALA B 101 84.43 -32.24 114.65
CA ALA B 101 83.29 -32.63 115.45
C ALA B 101 82.79 -34.03 115.08
N GLU B 102 82.70 -34.30 113.79
CA GLU B 102 82.37 -35.60 113.21
C GLU B 102 83.36 -36.69 113.56
N LYS B 103 84.66 -36.47 113.26
CA LYS B 103 85.71 -37.43 113.59
C LYS B 103 85.70 -37.73 115.08
N SER B 104 85.63 -36.70 115.90
CA SER B 104 85.62 -36.85 117.33
C SER B 104 84.43 -37.72 117.75
N SER B 105 83.25 -37.46 117.17
CA SER B 105 82.06 -38.30 117.36
C SER B 105 82.25 -39.76 116.88
N LYS B 106 82.71 -39.99 115.65
CA LYS B 106 82.95 -41.34 115.11
C LYS B 106 84.05 -42.11 115.85
N HIS B 107 84.90 -41.42 116.63
CA HIS B 107 85.92 -42.04 117.49
C HIS B 107 85.54 -42.03 118.98
N GLY B 108 84.33 -41.56 119.33
CA GLY B 108 83.85 -41.49 120.72
C GLY B 108 84.52 -40.44 121.61
N ALA B 109 85.29 -39.50 121.04
CA ALA B 109 85.95 -38.42 121.75
C ALA B 109 84.98 -37.24 122.03
N GLU B 110 84.06 -37.41 122.98
CA GLU B 110 82.96 -36.45 123.22
C GLU B 110 83.45 -35.08 123.71
N ASP B 111 84.43 -35.02 124.62
CA ASP B 111 84.97 -33.75 125.12
C ASP B 111 85.53 -32.90 123.99
N ARG B 112 86.29 -33.52 123.08
CA ARG B 112 86.82 -32.90 121.86
C ARG B 112 85.68 -32.39 120.98
N THR B 113 84.66 -33.22 120.79
CA THR B 113 83.43 -32.85 120.06
C THR B 113 82.78 -31.60 120.63
N GLN B 114 82.59 -31.55 121.94
CA GLN B 114 82.02 -30.40 122.63
C GLN B 114 82.94 -29.18 122.58
N ASN B 115 84.25 -29.35 122.75
CA ASN B 115 85.21 -28.27 122.58
C ASN B 115 85.11 -27.66 121.18
N ILE B 116 84.93 -28.49 120.17
CA ILE B 116 84.74 -28.03 118.81
C ILE B 116 83.40 -27.34 118.64
N ILE B 117 82.34 -27.87 119.25
CA ILE B 117 81.06 -27.17 119.35
C ILE B 117 81.21 -25.81 120.03
N MET B 118 82.09 -25.66 121.04
CA MET B 118 82.39 -24.37 121.65
C MET B 118 83.18 -23.42 120.75
N VAL B 119 84.16 -23.91 120.01
CA VAL B 119 84.85 -23.08 119.00
C VAL B 119 83.88 -22.67 117.89
N LEU B 120 82.97 -23.56 117.48
CA LEU B 120 81.87 -23.24 116.56
C LEU B 120 80.91 -22.17 117.12
N LYS B 121 80.49 -22.27 118.40
CA LYS B 121 79.74 -21.20 119.08
C LYS B 121 80.48 -19.87 119.08
N ASP B 122 81.74 -19.86 119.52
CA ASP B 122 82.55 -18.63 119.59
C ASP B 122 82.69 -17.98 118.21
N ARG B 123 82.92 -18.78 117.17
CA ARG B 123 82.88 -18.35 115.76
C ARG B 123 81.55 -17.69 115.37
N MET B 124 80.41 -18.28 115.74
CA MET B 124 79.09 -17.67 115.52
C MET B 124 78.84 -16.39 116.33
N LYS B 125 79.30 -16.32 117.59
CA LYS B 125 79.22 -15.10 118.43
C LYS B 125 80.10 -13.99 117.85
N ILE B 126 81.35 -14.31 117.53
CA ILE B 126 82.27 -13.44 116.79
C ILE B 126 81.58 -12.88 115.56
N ARG B 127 80.96 -13.76 114.76
CA ARG B 127 80.30 -13.39 113.51
C ARG B 127 79.15 -12.41 113.71
N GLU B 128 78.27 -12.70 114.65
CA GLU B 128 77.16 -11.82 114.99
C GLU B 128 77.64 -10.48 115.54
N ARG B 129 78.63 -10.50 116.42
CA ARG B 129 79.20 -9.31 117.05
C ARG B 129 79.93 -8.45 116.03
N ASN B 130 80.74 -9.08 115.18
CA ASN B 130 81.53 -8.40 114.16
C ASN B 130 80.63 -7.85 113.05
N LYS B 131 79.66 -8.64 112.55
CA LYS B 131 78.82 -8.26 111.40
C LYS B 131 77.32 -8.44 111.65
N PRO B 132 76.75 -7.77 112.66
CA PRO B 132 75.31 -7.82 112.93
C PRO B 132 74.49 -7.32 111.75
N GLU B 133 75.00 -6.33 111.00
CA GLU B 133 74.34 -5.73 109.85
C GLU B 133 74.03 -6.76 108.76
N ILE B 134 74.75 -7.87 108.70
CA ILE B 134 74.42 -8.96 107.78
C ILE B 134 73.08 -9.57 108.16
N PHE B 135 72.94 -9.93 109.42
CA PHE B 135 71.77 -10.61 109.92
C PHE B 135 70.57 -9.67 109.96
N GLU B 136 70.80 -8.39 110.26
CA GLU B 136 69.82 -7.31 110.08
C GLU B 136 69.42 -7.18 108.60
N LEU B 137 70.36 -7.14 107.65
CA LEU B 137 69.98 -7.01 106.25
C LEU B 137 69.23 -8.23 105.74
N ILE B 138 69.62 -9.44 106.15
CA ILE B 138 68.84 -10.64 105.87
C ILE B 138 67.43 -10.45 106.39
N GLN B 139 67.32 -10.06 107.66
CA GLN B 139 66.04 -9.81 108.27
C GLN B 139 65.20 -8.81 107.47
N GLU B 140 65.78 -7.69 107.04
CA GLU B 140 65.04 -6.71 106.27
C GLU B 140 64.73 -7.20 104.85
N VAL B 141 65.68 -7.84 104.15
CA VAL B 141 65.49 -8.42 102.81
C VAL B 141 64.34 -9.42 102.80
N PHE B 142 64.21 -10.18 103.87
CA PHE B 142 63.15 -11.17 104.05
C PHE B 142 61.99 -10.68 104.91
N ALA B 143 61.97 -9.40 105.25
CA ALA B 143 60.92 -8.68 105.99
C ALA B 143 60.53 -9.33 107.34
N VAL B 144 61.44 -10.10 107.93
CA VAL B 144 61.20 -10.80 109.19
C VAL B 144 61.23 -9.81 110.36
N THR B 145 60.53 -10.06 111.46
CA THR B 145 60.61 -9.18 112.63
C THR B 145 61.88 -9.44 113.42
N LYS B 146 62.38 -8.43 114.15
CA LYS B 146 63.63 -8.55 114.92
C LYS B 146 63.57 -9.70 115.92
N SER B 147 62.39 -9.92 116.50
CA SER B 147 62.13 -11.04 117.41
C SER B 147 62.19 -12.39 116.69
N ALA B 148 61.37 -12.61 115.65
CA ALA B 148 61.38 -13.89 114.93
C ALA B 148 62.73 -14.16 114.27
N HIS B 149 63.45 -13.10 113.92
CA HIS B 149 64.84 -13.15 113.54
C HIS B 149 65.76 -13.65 114.66
N THR B 150 65.71 -13.07 115.86
CA THR B 150 66.53 -13.51 116.99
C THR B 150 66.27 -14.98 117.35
N GLN B 151 65.01 -15.41 117.28
CA GLN B 151 64.65 -16.79 117.63
C GLN B 151 65.06 -17.77 116.55
N GLN B 152 64.78 -17.44 115.28
CA GLN B 152 65.32 -18.21 114.17
C GLN B 152 66.85 -18.24 114.20
N MET B 153 67.49 -17.16 114.63
CA MET B 153 68.94 -17.06 114.78
C MET B 153 69.46 -18.04 115.83
N LYS B 154 68.85 -18.06 117.00
CA LYS B 154 69.07 -19.09 118.01
C LYS B 154 68.85 -20.50 117.44
N ALA B 155 67.80 -20.72 116.64
CA ALA B 155 67.54 -22.02 116.01
C ALA B 155 68.63 -22.42 115.01
N VAL B 156 69.07 -21.51 114.13
CA VAL B 156 70.13 -21.84 113.15
C VAL B 156 71.50 -21.99 113.83
N LYS B 157 71.77 -21.29 114.94
CA LYS B 157 72.94 -21.57 115.75
C LYS B 157 72.91 -23.01 116.24
N GLN B 158 71.78 -23.47 116.78
CA GLN B 158 71.66 -24.87 117.14
C GLN B 158 71.80 -25.83 115.94
N SER B 159 71.19 -25.52 114.80
CA SER B 159 71.33 -26.37 113.60
C SER B 159 72.79 -26.55 113.15
N VAL B 160 73.63 -25.52 113.30
CA VAL B 160 75.08 -25.61 113.05
C VAL B 160 75.80 -26.45 114.13
N LEU B 161 75.32 -26.42 115.37
CA LEU B 161 75.89 -27.16 116.51
C LEU B 161 75.33 -28.58 116.69
N ASP B 162 74.27 -28.93 115.96
CA ASP B 162 73.95 -30.32 115.59
C ASP B 162 75.10 -31.01 114.83
N GLY B 163 76.10 -30.21 114.44
CA GLY B 163 77.31 -30.59 113.72
C GLY B 163 76.90 -31.35 112.48
N THR B 164 77.19 -32.64 112.47
CA THR B 164 76.39 -33.56 111.68
C THR B 164 75.94 -34.78 112.44
N SER B 165 76.19 -34.85 113.75
CA SER B 165 75.66 -35.91 114.61
C SER B 165 74.14 -35.93 114.59
N LYS B 166 73.52 -34.75 114.56
CA LYS B 166 72.08 -34.57 114.30
C LYS B 166 71.84 -33.89 112.96
N TRP B 167 72.49 -34.45 111.94
CA TRP B 167 72.09 -34.32 110.55
C TRP B 167 72.14 -35.71 109.91
N SER B 168 71.09 -36.11 109.20
CA SER B 168 71.10 -37.33 108.40
C SER B 168 70.25 -37.12 107.17
N ALA B 169 70.52 -37.89 106.13
CA ALA B 169 69.78 -37.82 104.88
C ALA B 169 69.74 -39.16 104.14
N LYS B 170 68.67 -39.36 103.39
CA LYS B 170 68.65 -40.25 102.24
C LYS B 170 68.98 -39.44 100.99
N ILE B 171 69.77 -40.02 100.10
CA ILE B 171 70.25 -39.40 98.87
C ILE B 171 69.89 -40.36 97.73
N SER B 172 69.25 -39.86 96.67
CA SER B 172 68.90 -40.59 95.47
C SER B 172 69.58 -39.98 94.25
N ILE B 173 70.74 -40.52 93.90
CA ILE B 173 71.65 -39.99 92.89
C ILE B 173 71.37 -40.68 91.58
N THR B 174 70.58 -40.03 90.73
CA THR B 174 70.52 -40.37 89.32
C THR B 174 71.68 -39.74 88.56
N VAL B 175 72.64 -40.57 88.16
CA VAL B 175 73.66 -40.20 87.20
C VAL B 175 73.04 -40.11 85.81
N VAL B 176 72.76 -38.91 85.31
CA VAL B 176 72.00 -38.71 84.07
C VAL B 176 72.88 -38.95 82.85
N CYS B 177 73.89 -38.10 82.65
CA CYS B 177 74.77 -38.14 81.48
C CYS B 177 76.08 -37.43 81.77
N ALA B 178 77.08 -37.65 80.94
CA ALA B 178 78.17 -36.71 80.79
C ALA B 178 78.21 -36.20 79.36
N GLN B 179 78.80 -35.03 79.20
CA GLN B 179 79.06 -34.38 77.93
C GLN B 179 80.56 -34.11 77.86
N GLY B 180 81.18 -34.22 76.69
CA GLY B 180 82.51 -33.69 76.45
C GLY B 180 83.67 -34.36 77.15
N LEU B 181 83.51 -35.61 77.56
CA LEU B 181 84.57 -36.37 78.21
C LEU B 181 85.83 -36.46 77.37
N GLN B 182 86.95 -36.65 78.05
CA GLN B 182 88.22 -36.87 77.38
C GLN B 182 88.25 -38.25 76.69
N ALA B 183 89.12 -38.42 75.68
CA ALA B 183 89.46 -39.70 75.07
C ALA B 183 90.75 -40.32 75.64
N LYS B 184 90.71 -41.59 76.08
CA LYS B 184 91.86 -42.32 76.69
C LYS B 184 92.16 -43.67 76.01
N ASP B 185 91.31 -44.20 75.14
CA ASP B 185 91.53 -45.47 74.42
C ASP B 185 92.45 -45.35 73.18
N LYS B 186 93.01 -46.50 72.74
CA LYS B 186 93.70 -46.64 71.43
C LYS B 186 92.83 -46.21 70.26
N THR B 187 91.51 -46.29 70.43
CA THR B 187 90.49 -45.84 69.49
C THR B 187 90.35 -44.32 69.41
N GLY B 188 90.92 -43.53 70.34
CA GLY B 188 90.70 -42.07 70.40
C GLY B 188 89.34 -41.67 70.96
N SER B 189 88.68 -42.58 71.69
CA SER B 189 87.46 -42.34 72.48
C SER B 189 87.69 -42.87 73.92
N SER B 190 86.62 -43.20 74.63
CA SER B 190 86.63 -43.86 75.94
C SER B 190 85.38 -44.70 76.16
N ASP B 191 85.44 -45.61 77.11
CA ASP B 191 84.35 -46.39 77.64
C ASP B 191 83.99 -45.88 79.05
N PRO B 192 83.38 -44.70 79.18
CA PRO B 192 83.07 -44.13 80.47
C PRO B 192 82.05 -44.92 81.29
N TYR B 193 82.36 -45.07 82.57
CA TYR B 193 81.40 -45.36 83.64
C TYR B 193 81.66 -44.45 84.83
N VAL B 194 80.71 -44.39 85.73
CA VAL B 194 80.76 -43.54 86.91
C VAL B 194 80.86 -44.43 88.14
N THR B 195 81.77 -44.18 89.07
CA THR B 195 81.58 -44.64 90.45
C THR B 195 81.03 -43.50 91.26
N VAL B 196 79.96 -43.76 92.00
CA VAL B 196 79.42 -42.85 93.00
C VAL B 196 79.79 -43.43 94.36
N GLN B 197 80.51 -42.64 95.16
CA GLN B 197 80.82 -43.03 96.53
C GLN B 197 80.29 -41.98 97.49
N VAL B 198 79.63 -42.48 98.53
CA VAL B 198 79.13 -41.66 99.63
C VAL B 198 79.57 -42.33 100.91
N GLY B 199 80.65 -41.82 101.51
CA GLY B 199 81.27 -42.43 102.69
C GLY B 199 81.56 -43.92 102.46
N LYS B 200 81.02 -44.74 103.36
CA LYS B 200 81.21 -46.20 103.47
C LYS B 200 80.85 -46.99 102.20
N THR B 201 79.95 -46.45 101.37
CA THR B 201 79.36 -47.20 100.24
C THR B 201 79.87 -46.64 98.91
N LYS B 202 80.38 -47.53 98.05
CA LYS B 202 80.72 -47.27 96.65
C LYS B 202 79.79 -48.08 95.75
N LYS B 203 79.17 -47.43 94.76
CA LYS B 203 78.37 -48.03 93.68
C LYS B 203 78.91 -47.55 92.34
N ARG B 204 78.61 -48.27 91.27
CA ARG B 204 79.00 -47.87 89.91
C ARG B 204 77.88 -47.97 88.90
N THR B 205 77.84 -47.01 87.96
CA THR B 205 77.04 -47.16 86.76
C THR B 205 77.62 -48.28 85.91
N LYS B 206 76.74 -48.79 85.07
CA LYS B 206 77.12 -49.51 83.87
C LYS B 206 77.99 -48.60 82.98
N THR B 207 78.80 -49.26 82.16
CA THR B 207 79.73 -48.58 81.27
C THR B 207 79.03 -48.22 79.97
N ILE B 208 79.31 -47.04 79.45
CA ILE B 208 78.91 -46.68 78.10
C ILE B 208 80.16 -46.69 77.27
N TYR B 209 80.14 -47.44 76.17
CA TYR B 209 81.32 -47.75 75.38
C TYR B 209 81.46 -46.75 74.23
N GLY B 210 82.70 -46.33 73.95
CA GLY B 210 83.07 -45.52 72.78
C GLY B 210 82.45 -44.11 72.68
N ASN B 211 81.86 -43.59 73.77
CA ASN B 211 81.07 -42.36 73.73
C ASN B 211 81.60 -41.31 74.71
N LEU B 212 81.98 -40.13 74.20
CA LEU B 212 82.43 -39.00 75.03
C LEU B 212 81.28 -38.17 75.64
N ASN B 213 80.04 -38.47 75.26
CA ASN B 213 78.82 -37.84 75.77
C ASN B 213 77.83 -38.88 76.33
N PRO B 214 78.28 -39.77 77.23
CA PRO B 214 77.49 -40.92 77.62
C PRO B 214 76.22 -40.51 78.35
N VAL B 215 75.14 -41.27 78.15
CA VAL B 215 73.90 -41.15 78.94
C VAL B 215 73.75 -42.45 79.77
N TRP B 216 73.75 -42.34 81.09
CA TRP B 216 73.55 -43.49 81.98
C TRP B 216 72.09 -43.57 82.43
N GLU B 217 71.57 -42.46 82.94
CA GLU B 217 70.25 -42.38 83.58
C GLU B 217 70.10 -43.43 84.69
N GLU B 218 71.13 -43.60 85.52
CA GLU B 218 71.22 -44.66 86.55
C GLU B 218 71.15 -44.11 87.98
N ASN B 219 70.22 -44.65 88.78
CA ASN B 219 69.94 -44.18 90.13
C ASN B 219 70.52 -45.07 91.22
N PHE B 220 71.23 -44.44 92.14
CA PHE B 220 71.76 -45.07 93.33
C PHE B 220 71.15 -44.42 94.56
N HIS B 221 70.87 -45.25 95.55
CA HIS B 221 70.46 -44.77 96.86
C HIS B 221 71.61 -44.87 97.87
N PHE B 222 71.77 -43.82 98.68
CA PHE B 222 72.78 -43.70 99.72
C PHE B 222 72.20 -43.10 100.98
N GLU B 223 72.74 -43.51 102.11
CA GLU B 223 72.41 -43.00 103.43
C GLU B 223 73.61 -42.21 103.90
N CYS B 224 73.39 -40.94 104.21
CA CYS B 224 74.44 -40.05 104.64
C CYS B 224 74.16 -39.53 106.03
N HIS B 225 75.11 -39.76 106.93
CA HIS B 225 75.00 -39.43 108.35
C HIS B 225 75.85 -38.20 108.70
N ASN B 226 76.29 -37.46 107.67
CA ASN B 226 77.31 -36.44 107.79
C ASN B 226 77.27 -35.47 106.59
N SER B 227 76.80 -34.24 106.77
CA SER B 227 76.79 -33.25 105.67
C SER B 227 78.17 -32.77 105.20
N SER B 228 79.24 -33.09 105.96
CA SER B 228 80.65 -32.97 105.55
C SER B 228 81.20 -34.27 104.95
N ASP B 229 80.36 -35.26 104.68
CA ASP B 229 80.65 -36.20 103.62
C ASP B 229 80.53 -35.50 102.27
N ARG B 230 81.11 -36.16 101.28
CA ARG B 230 81.19 -35.66 99.92
C ARG B 230 80.80 -36.79 99.00
N ILE B 231 79.97 -36.50 98.03
CA ILE B 231 79.58 -37.46 97.00
C ILE B 231 80.65 -37.40 95.94
N LYS B 232 81.49 -38.43 95.90
CA LYS B 232 82.57 -38.50 94.95
C LYS B 232 82.07 -39.21 93.72
N VAL B 233 81.68 -38.41 92.74
CA VAL B 233 81.24 -38.91 91.45
C VAL B 233 82.44 -38.93 90.51
N ARG B 234 83.04 -40.10 90.31
CA ARG B 234 84.26 -40.25 89.50
C ARG B 234 83.89 -40.94 88.20
N VAL B 235 84.30 -40.36 87.09
CA VAL B 235 84.09 -40.89 85.76
C VAL B 235 85.41 -41.55 85.33
N TRP B 236 85.29 -42.77 84.83
CA TRP B 236 86.40 -43.66 84.57
C TRP B 236 86.24 -44.34 83.23
N ASP B 237 87.33 -44.52 82.53
CA ASP B 237 87.36 -45.32 81.33
C ASP B 237 87.59 -46.81 81.68
N GLU B 238 86.64 -47.68 81.35
CA GLU B 238 86.69 -49.08 81.77
C GLU B 238 87.74 -49.92 81.03
N ASP B 239 89.00 -49.79 81.42
CA ASP B 239 90.05 -50.65 80.90
C ASP B 239 90.01 -52.04 81.56
N ASP B 240 89.47 -53.05 80.87
CA ASP B 240 89.56 -54.46 81.28
C ASP B 240 90.82 -55.16 80.74
N ASP B 241 91.69 -54.44 80.03
CA ASP B 241 92.83 -54.97 79.29
C ASP B 241 94.03 -55.34 80.19
N ILE B 242 95.07 -55.93 79.60
CA ILE B 242 96.30 -56.28 80.32
C ILE B 242 96.96 -55.04 80.94
N LYS B 243 97.02 -53.90 80.23
CA LYS B 243 97.64 -52.67 80.76
C LYS B 243 96.95 -52.20 82.04
N SER B 244 95.64 -52.36 82.15
CA SER B 244 94.94 -52.04 83.38
C SER B 244 95.27 -52.97 84.52
N ARG B 245 95.28 -54.28 84.25
CA ARG B 245 95.66 -55.28 85.23
C ARG B 245 97.10 -55.03 85.73
N VAL B 246 98.00 -54.50 84.89
CA VAL B 246 99.33 -54.02 85.31
C VAL B 246 99.25 -52.76 86.16
N LYS B 247 98.62 -51.69 85.68
CA LYS B 247 98.49 -50.41 86.40
C LYS B 247 97.87 -50.58 87.80
N GLN B 248 96.92 -51.51 87.96
CA GLN B 248 96.26 -51.81 89.25
C GLN B 248 97.22 -52.06 90.41
N ARG B 249 98.40 -52.63 90.14
CA ARG B 249 99.39 -52.92 91.19
C ARG B 249 100.01 -51.64 91.77
N PHE B 250 100.19 -50.61 90.94
CA PHE B 250 100.89 -49.38 91.33
C PHE B 250 99.94 -48.28 91.76
N LYS B 251 98.80 -48.11 91.06
CA LYS B 251 97.81 -47.05 91.32
C LYS B 251 96.39 -47.59 91.46
N ARG B 252 95.61 -46.97 92.35
CA ARG B 252 94.28 -47.41 92.77
C ARG B 252 93.14 -47.04 91.80
N GLU B 253 93.44 -46.33 90.72
CA GLU B 253 92.46 -45.84 89.76
C GLU B 253 92.83 -46.30 88.36
N SER B 254 92.73 -47.60 88.17
CA SER B 254 93.08 -48.28 86.93
C SER B 254 92.23 -47.89 85.75
N ASP B 255 90.98 -47.57 86.00
CA ASP B 255 89.99 -47.34 84.97
C ASP B 255 90.15 -45.88 84.55
N ASP B 256 90.90 -45.67 83.46
CA ASP B 256 91.66 -44.45 83.22
C ASP B 256 90.83 -43.18 83.42
N PHE B 257 91.21 -42.40 84.41
CA PHE B 257 90.32 -41.41 85.00
C PHE B 257 89.95 -40.29 84.03
N LEU B 258 88.65 -40.13 83.83
CA LEU B 258 88.08 -39.18 82.88
C LEU B 258 87.69 -37.85 83.52
N GLY B 259 87.64 -37.79 84.85
CA GLY B 259 87.18 -36.63 85.58
C GLY B 259 86.31 -36.98 86.76
N GLN B 260 86.12 -36.03 87.66
CA GLN B 260 85.28 -36.21 88.84
C GLN B 260 84.41 -34.99 89.10
N THR B 261 83.37 -35.15 89.91
CA THR B 261 82.83 -34.05 90.72
C THR B 261 82.64 -34.51 92.18
N ILE B 262 83.04 -33.65 93.11
CA ILE B 262 83.05 -33.91 94.56
C ILE B 262 82.03 -33.00 95.20
N ILE B 263 80.81 -33.48 95.28
CA ILE B 263 79.69 -32.66 95.69
C ILE B 263 79.66 -32.68 97.21
N GLU B 264 79.89 -31.55 97.87
CA GLU B 264 79.78 -31.48 99.33
C GLU B 264 78.32 -31.66 99.76
N VAL B 265 78.03 -32.52 100.73
CA VAL B 265 76.62 -32.86 101.01
C VAL B 265 75.82 -31.67 101.57
N ARG B 266 76.47 -30.69 102.20
CA ARG B 266 75.86 -29.37 102.51
C ARG B 266 75.37 -28.57 101.29
N THR B 267 75.88 -28.83 100.09
CA THR B 267 75.42 -28.22 98.82
C THR B 267 74.29 -29.00 98.15
N LEU B 268 73.70 -29.95 98.87
CA LEU B 268 72.54 -30.68 98.41
C LEU B 268 71.28 -30.23 99.14
N SER B 269 70.21 -30.05 98.38
CA SER B 269 68.93 -29.60 98.91
C SER B 269 67.82 -30.02 97.98
N GLY B 270 66.92 -30.88 98.46
CA GLY B 270 65.76 -31.27 97.69
C GLY B 270 66.12 -32.02 96.43
N GLU B 271 65.28 -31.86 95.42
CA GLU B 271 65.45 -32.44 94.10
C GLU B 271 66.30 -31.57 93.16
N MET B 272 67.62 -31.76 93.18
CA MET B 272 68.56 -31.07 92.30
C MET B 272 68.71 -31.74 90.94
N ASP B 273 69.00 -30.97 89.90
CA ASP B 273 69.28 -31.41 88.51
C ASP B 273 70.43 -30.57 87.93
N VAL B 274 71.68 -31.02 88.12
CA VAL B 274 72.88 -30.16 88.00
C VAL B 274 73.95 -30.77 87.09
N TRP B 275 74.41 -29.97 86.13
CA TRP B 275 75.65 -30.13 85.39
C TRP B 275 76.85 -29.70 86.23
N TYR B 276 77.68 -30.68 86.57
CA TYR B 276 78.96 -30.45 87.22
C TYR B 276 80.07 -30.57 86.20
N ASN B 277 80.83 -29.50 85.97
CA ASN B 277 82.09 -29.61 85.23
C ASN B 277 83.01 -30.62 85.92
N LEU B 278 83.70 -31.44 85.13
CA LEU B 278 84.60 -32.44 85.69
C LEU B 278 85.97 -31.85 86.01
N ASP B 279 86.49 -32.22 87.18
CA ASP B 279 87.76 -31.76 87.75
C ASP B 279 88.87 -32.82 87.64
N LYS B 280 90.13 -32.36 87.65
CA LYS B 280 91.32 -33.21 87.65
C LYS B 280 91.56 -33.74 89.06
N ARG B 281 91.68 -35.06 89.21
CA ARG B 281 92.12 -35.67 90.45
C ARG B 281 93.64 -35.58 90.65
N THR B 282 94.42 -35.89 89.61
CA THR B 282 95.89 -35.93 89.64
C THR B 282 96.48 -35.17 88.46
N ASP B 283 97.75 -34.82 88.54
CA ASP B 283 98.43 -34.05 87.50
C ASP B 283 98.54 -34.81 86.16
N LYS B 284 98.60 -36.14 86.20
CA LYS B 284 98.53 -37.00 85.01
C LYS B 284 97.14 -37.10 84.41
N SER B 285 96.12 -36.64 85.13
CA SER B 285 94.76 -36.62 84.62
C SER B 285 94.64 -35.55 83.54
N ALA B 286 94.28 -35.95 82.33
CA ALA B 286 93.64 -35.04 81.38
C ALA B 286 92.11 -35.17 81.56
N VAL B 287 91.42 -34.06 81.83
CA VAL B 287 89.97 -34.02 82.13
C VAL B 287 89.27 -32.91 81.36
N SER B 288 88.10 -33.24 80.86
CA SER B 288 87.22 -32.36 80.12
C SER B 288 85.77 -32.81 80.26
N GLY B 289 84.86 -31.90 79.98
CA GLY B 289 83.44 -32.19 80.01
C GLY B 289 82.79 -31.92 81.37
N ALA B 290 81.55 -32.37 81.44
CA ALA B 290 80.66 -32.18 82.57
C ALA B 290 79.80 -33.43 82.76
N ILE B 291 79.29 -33.63 83.96
CA ILE B 291 78.36 -34.68 84.29
C ILE B 291 77.06 -34.08 84.86
N ARG B 292 75.93 -34.38 84.22
CA ARG B 292 74.59 -34.05 84.71
C ARG B 292 74.16 -35.07 85.74
N LEU B 293 73.89 -34.61 86.94
CA LEU B 293 73.45 -35.42 88.06
C LEU B 293 72.13 -34.88 88.56
N HIS B 294 71.15 -35.77 88.62
CA HIS B 294 69.90 -35.49 89.29
C HIS B 294 69.97 -36.13 90.67
N ILE B 295 69.95 -35.29 91.70
CA ILE B 295 70.16 -35.72 93.08
C ILE B 295 68.94 -35.29 93.89
N SER B 296 68.15 -36.24 94.37
CA SER B 296 67.14 -35.96 95.40
C SER B 296 67.73 -36.21 96.77
N VAL B 297 67.63 -35.23 97.66
CA VAL B 297 68.12 -35.35 99.03
C VAL B 297 67.02 -35.08 100.03
N GLU B 298 66.79 -36.06 100.91
CA GLU B 298 65.80 -36.05 102.00
C GLU B 298 66.51 -35.85 103.34
N ILE B 299 66.93 -34.60 103.62
CA ILE B 299 67.59 -34.20 104.87
C ILE B 299 66.60 -34.18 106.04
N LYS B 300 66.96 -34.80 107.16
CA LYS B 300 66.21 -34.73 108.43
C LYS B 300 66.06 -33.27 108.90
N GLY B 301 64.83 -32.87 109.13
CA GLY B 301 64.45 -31.50 109.52
C GLY B 301 64.46 -30.49 108.38
N GLU B 302 64.70 -30.92 107.14
CA GLU B 302 64.66 -30.08 105.94
C GLU B 302 64.04 -30.83 104.75
N GLU B 303 62.87 -31.44 104.96
CA GLU B 303 62.16 -32.18 103.91
C GLU B 303 61.56 -31.26 102.85
N LYS B 304 61.53 -31.75 101.61
CA LYS B 304 60.90 -31.10 100.44
C LYS B 304 61.41 -29.68 100.14
N VAL B 305 62.61 -29.35 100.60
CA VAL B 305 63.26 -28.07 100.32
C VAL B 305 63.61 -27.86 98.85
N ALA B 306 63.75 -26.61 98.39
CA ALA B 306 64.16 -26.32 97.02
C ALA B 306 65.68 -26.42 96.83
N PRO B 307 66.17 -26.72 95.61
CA PRO B 307 67.58 -26.68 95.26
C PRO B 307 68.23 -25.34 95.52
N TYR B 308 69.51 -25.37 95.91
CA TYR B 308 70.22 -24.16 96.29
C TYR B 308 70.40 -23.15 95.17
N HIS B 309 70.35 -23.59 93.92
CA HIS B 309 70.26 -22.69 92.78
C HIS B 309 68.98 -21.85 92.83
N VAL B 310 67.83 -22.49 93.04
CA VAL B 310 66.52 -21.85 93.17
C VAL B 310 66.45 -20.97 94.42
N GLN B 311 67.00 -21.47 95.51
CA GLN B 311 67.14 -20.68 96.72
C GLN B 311 68.02 -19.47 96.52
N TYR B 312 69.15 -19.63 95.84
CA TYR B 312 70.05 -18.52 95.55
C TYR B 312 69.36 -17.51 94.66
N THR B 313 68.65 -17.97 93.64
CA THR B 313 67.86 -17.09 92.79
C THR B 313 66.86 -16.31 93.61
N CYS B 314 66.10 -16.97 94.45
CA CYS B 314 65.19 -16.33 95.38
C CYS B 314 65.89 -15.33 96.31
N LEU B 315 67.02 -15.69 96.91
CA LEU B 315 67.83 -14.80 97.73
C LEU B 315 68.24 -13.56 96.93
N HIS B 316 68.84 -13.78 95.77
CA HIS B 316 69.37 -12.73 94.91
C HIS B 316 68.28 -11.82 94.41
N GLU B 317 67.14 -12.36 94.03
CA GLU B 317 65.96 -11.61 93.61
C GLU B 317 65.41 -10.78 94.77
N ASN B 318 65.23 -11.37 95.94
CA ASN B 318 64.74 -10.62 97.10
C ASN B 318 65.73 -9.56 97.53
N LEU B 319 67.00 -9.91 97.57
CA LEU B 319 68.04 -8.98 97.92
C LEU B 319 68.12 -7.85 96.91
N PHE B 320 68.05 -8.16 95.61
CA PHE B 320 67.99 -7.17 94.55
C PHE B 320 66.77 -6.27 94.70
N HIS B 321 65.57 -6.83 94.81
CA HIS B 321 64.35 -6.05 94.95
C HIS B 321 64.39 -5.23 96.25
N PHE B 322 64.99 -5.76 97.30
CA PHE B 322 65.20 -5.01 98.52
C PHE B 322 66.17 -3.86 98.28
N VAL B 323 67.35 -4.11 97.75
CA VAL B 323 68.33 -3.06 97.53
C VAL B 323 67.78 -2.02 96.58
N THR B 324 67.32 -2.45 95.42
CA THR B 324 66.85 -1.55 94.37
C THR B 324 65.57 -0.87 94.78
N ASP B 325 64.49 -1.61 95.00
CA ASP B 325 63.18 -1.03 95.25
C ASP B 325 63.04 -0.51 96.68
N VAL B 326 63.47 -1.28 97.67
CA VAL B 326 63.20 -0.93 99.08
C VAL B 326 64.22 0.04 99.66
N GLN B 327 65.52 -0.22 99.53
CA GLN B 327 66.56 0.71 100.00
C GLN B 327 66.68 1.93 99.08
N ASN B 328 66.65 1.73 97.75
CA ASN B 328 66.96 2.76 96.75
C ASN B 328 65.74 3.26 95.95
N ASN B 329 64.51 3.01 96.43
CA ASN B 329 63.26 3.55 95.86
C ASN B 329 63.05 3.20 94.37
N GLY B 330 63.74 2.18 93.88
CA GLY B 330 63.76 1.74 92.49
C GLY B 330 65.14 1.86 91.83
N VAL B 331 65.97 2.81 92.27
CA VAL B 331 67.27 3.07 91.64
C VAL B 331 68.18 1.84 91.81
N VAL B 332 68.73 1.36 90.71
CA VAL B 332 69.74 0.29 90.77
C VAL B 332 71.08 0.91 91.14
N LYS B 333 71.46 0.78 92.40
CA LYS B 333 72.81 1.14 92.86
C LYS B 333 73.83 0.19 92.22
N ILE B 334 74.52 0.69 91.21
CA ILE B 334 75.63 -0.02 90.60
C ILE B 334 76.75 -0.09 91.63
N PRO B 335 77.28 -1.29 91.96
CA PRO B 335 78.41 -1.40 92.88
C PRO B 335 79.70 -0.85 92.27
N ASP B 336 80.52 -0.21 93.10
CA ASP B 336 81.92 0.06 92.76
C ASP B 336 82.68 -1.29 92.70
N ALA B 337 83.03 -1.74 91.50
CA ALA B 337 83.73 -3.00 91.25
C ALA B 337 84.57 -2.89 89.98
N LYS B 338 85.77 -3.45 90.01
CA LYS B 338 86.77 -3.36 88.93
C LYS B 338 87.48 -4.71 88.74
N GLY B 339 88.13 -4.86 87.60
CA GLY B 339 88.85 -6.07 87.20
C GLY B 339 87.95 -7.18 86.66
N ASP B 340 88.56 -8.30 86.26
CA ASP B 340 87.87 -9.42 85.62
C ASP B 340 86.88 -10.15 86.55
N ASP B 341 86.86 -9.81 87.84
CA ASP B 341 85.88 -10.26 88.82
C ASP B 341 84.79 -9.20 89.15
N ALA B 342 84.77 -8.02 88.50
CA ALA B 342 83.76 -6.98 88.77
C ALA B 342 82.32 -7.44 88.53
N TRP B 343 82.11 -8.21 87.46
CA TRP B 343 80.84 -8.84 87.10
C TRP B 343 80.33 -9.84 88.15
N LYS B 344 81.17 -10.20 89.13
CA LYS B 344 80.84 -11.01 90.31
C LYS B 344 80.45 -10.20 91.51
N VAL B 345 80.54 -8.87 91.42
CA VAL B 345 80.10 -7.96 92.46
C VAL B 345 78.82 -7.30 92.00
N TYR B 346 77.76 -7.46 92.81
CA TYR B 346 76.40 -7.11 92.47
C TYR B 346 75.84 -6.01 93.41
N TYR B 347 76.46 -5.84 94.58
CA TYR B 347 75.99 -5.04 95.71
C TYR B 347 77.12 -4.41 96.52
N ASP B 348 76.77 -3.55 97.49
CA ASP B 348 77.66 -3.24 98.61
C ASP B 348 78.07 -4.49 99.39
N GLU B 349 79.20 -4.37 100.08
CA GLU B 349 79.89 -5.42 100.85
C GLU B 349 78.97 -6.38 101.60
N THR B 350 78.00 -5.86 102.34
CA THR B 350 77.18 -6.69 103.23
C THR B 350 76.28 -7.59 102.39
N ALA B 351 75.58 -6.98 101.44
CA ALA B 351 74.73 -7.69 100.49
C ALA B 351 75.51 -8.64 99.59
N GLN B 352 76.73 -8.24 99.22
CA GLN B 352 77.64 -9.08 98.48
C GLN B 352 78.03 -10.32 99.30
N GLU B 353 78.42 -10.13 100.56
CA GLU B 353 78.79 -11.23 101.43
C GLU B 353 77.64 -12.21 101.64
N ILE B 354 76.40 -11.71 101.70
CA ILE B 354 75.23 -12.57 101.79
C ILE B 354 75.14 -13.54 100.63
N VAL B 355 75.14 -13.02 99.41
CA VAL B 355 75.03 -13.89 98.24
C VAL B 355 76.26 -14.76 98.08
N ASP B 356 77.45 -14.22 98.29
CA ASP B 356 78.69 -15.01 98.15
C ASP B 356 78.77 -16.12 99.19
N GLU B 357 78.47 -15.87 100.47
CA GLU B 357 78.48 -16.95 101.45
C GLU B 357 77.37 -17.95 101.24
N PHE B 358 76.19 -17.50 100.84
CA PHE B 358 75.16 -18.42 100.42
C PHE B 358 75.65 -19.29 99.26
N ALA B 359 76.18 -18.67 98.22
CA ALA B 359 76.64 -19.35 97.02
C ALA B 359 77.80 -20.30 97.29
N MET B 360 78.84 -19.84 98.00
CA MET B 360 80.01 -20.65 98.36
C MET B 360 79.63 -21.79 99.30
N ARG B 361 78.78 -21.56 100.30
CA ARG B 361 78.32 -22.64 101.19
C ARG B 361 77.48 -23.67 100.48
N TYR B 362 76.68 -23.23 99.50
CA TYR B 362 75.69 -24.07 98.85
C TYR B 362 76.02 -24.43 97.39
N GLY B 363 77.28 -24.27 96.96
CA GLY B 363 77.85 -24.78 95.70
C GLY B 363 77.36 -24.10 94.43
N VAL B 364 76.75 -22.93 94.55
CA VAL B 364 76.20 -22.18 93.42
C VAL B 364 77.33 -21.50 92.67
N GLU B 365 77.57 -21.96 91.44
CA GLU B 365 78.68 -21.48 90.65
C GLU B 365 78.51 -20.00 90.28
N SER B 366 79.63 -19.29 90.18
CA SER B 366 79.67 -17.87 89.86
C SER B 366 78.92 -17.49 88.58
N ILE B 367 78.99 -18.31 87.54
CA ILE B 367 78.26 -18.05 86.30
C ILE B 367 76.74 -18.09 86.50
N TYR B 368 76.23 -18.97 87.36
CA TYR B 368 74.82 -18.99 87.72
C TYR B 368 74.38 -17.71 88.42
N GLN B 369 75.20 -17.27 89.37
CA GLN B 369 75.00 -16.02 90.10
C GLN B 369 74.91 -14.84 89.12
N ALA B 370 75.81 -14.80 88.15
CA ALA B 370 75.87 -13.77 87.13
C ALA B 370 74.67 -13.76 86.20
N MET B 371 74.32 -14.93 85.67
CA MET B 371 73.15 -15.06 84.80
C MET B 371 71.86 -14.70 85.53
N THR B 372 71.78 -15.05 86.81
CA THR B 372 70.73 -14.59 87.72
C THR B 372 70.74 -13.07 87.87
N HIS B 373 71.87 -12.45 88.21
CA HIS B 373 71.89 -11.02 88.40
C HIS B 373 71.62 -10.27 87.10
N PHE B 374 72.09 -10.79 85.98
CA PHE B 374 71.76 -10.30 84.66
C PHE B 374 70.26 -10.35 84.43
N ALA B 375 69.60 -11.45 84.81
CA ALA B 375 68.15 -11.53 84.79
C ALA B 375 67.48 -10.47 85.67
N CYS B 376 67.98 -10.22 86.88
CA CYS B 376 67.50 -9.09 87.68
C CYS B 376 67.69 -7.77 86.91
N LEU B 377 68.91 -7.45 86.47
CA LEU B 377 69.22 -6.20 85.77
C LEU B 377 68.39 -6.02 84.51
N SER B 378 68.04 -7.11 83.83
CA SER B 378 67.25 -7.06 82.61
C SER B 378 65.87 -6.46 82.82
N SER B 379 65.33 -6.54 84.04
CA SER B 379 64.07 -5.85 84.34
C SER B 379 64.31 -4.34 84.46
N LYS B 380 65.41 -3.93 85.09
CA LYS B 380 65.79 -2.53 85.36
C LYS B 380 66.71 -1.94 84.31
N TYR B 381 66.72 -2.51 83.11
CA TYR B 381 67.67 -2.11 82.08
C TYR B 381 67.52 -0.64 81.67
N MET B 382 66.33 -0.04 81.79
CA MET B 382 66.16 1.39 81.49
C MET B 382 66.97 2.29 82.44
N CYS B 383 67.31 1.81 83.64
CA CYS B 383 67.89 2.63 84.70
C CYS B 383 69.37 3.03 84.39
N PRO B 384 69.84 4.19 84.86
CA PRO B 384 71.11 4.76 84.38
C PRO B 384 72.32 3.85 84.61
N GLY B 385 73.22 3.77 83.65
CA GLY B 385 74.41 2.94 83.69
C GLY B 385 74.14 1.44 83.54
N VAL B 386 72.93 0.95 83.86
CA VAL B 386 72.60 -0.48 83.84
C VAL B 386 72.99 -1.13 82.51
N PRO B 387 72.75 -0.52 81.34
CA PRO B 387 73.09 -1.17 80.10
C PRO B 387 74.59 -1.42 79.95
N ALA B 388 75.42 -0.58 80.55
CA ALA B 388 76.86 -0.78 80.56
C ALA B 388 77.21 -2.01 81.40
N VAL B 389 76.66 -2.08 82.60
CA VAL B 389 76.87 -3.20 83.53
C VAL B 389 76.41 -4.48 82.88
N MET B 390 75.19 -4.47 82.36
CA MET B 390 74.61 -5.61 81.66
C MET B 390 75.45 -6.00 80.47
N SER B 391 75.93 -5.05 79.68
CA SER B 391 76.78 -5.35 78.54
C SER B 391 78.06 -6.03 78.97
N THR B 392 78.67 -5.50 80.02
CA THR B 392 79.89 -6.05 80.60
C THR B 392 79.64 -7.45 81.13
N LEU B 393 78.62 -7.59 81.95
CA LEU B 393 78.20 -8.83 82.55
C LEU B 393 77.96 -9.89 81.48
N LEU B 394 77.29 -9.52 80.41
CA LEU B 394 77.03 -10.42 79.30
C LEU B 394 78.27 -10.72 78.47
N ALA B 395 79.17 -9.77 78.28
CA ALA B 395 80.46 -10.07 77.69
C ALA B 395 81.24 -11.08 78.55
N ASN B 396 81.08 -11.06 79.87
CA ASN B 396 81.71 -12.05 80.75
C ASN B 396 81.04 -13.40 80.68
N ILE B 397 79.71 -13.43 80.77
CA ILE B 397 78.92 -14.65 80.58
C ILE B 397 79.22 -15.26 79.20
N ASN B 398 79.32 -14.41 78.18
CA ASN B 398 79.77 -14.79 76.87
C ASN B 398 81.17 -15.39 76.91
N ALA B 399 82.14 -14.69 77.48
CA ALA B 399 83.53 -15.13 77.50
C ALA B 399 83.68 -16.46 78.24
N TYR B 400 82.92 -16.63 79.31
CA TYR B 400 82.84 -17.88 80.05
C TYR B 400 82.43 -19.03 79.14
N TYR B 401 81.24 -19.01 78.54
CA TYR B 401 80.80 -20.14 77.72
C TYR B 401 81.57 -20.27 76.40
N ALA B 402 81.88 -19.14 75.76
CA ALA B 402 82.58 -19.13 74.48
C ALA B 402 83.96 -19.74 74.63
N HIS B 403 84.81 -19.14 75.46
CA HIS B 403 86.25 -19.39 75.37
C HIS B 403 86.75 -20.46 76.33
N THR B 404 86.11 -20.63 77.49
CA THR B 404 86.77 -21.38 78.57
C THR B 404 87.04 -22.82 78.15
N THR B 405 88.32 -23.19 78.25
CA THR B 405 88.94 -24.46 77.89
C THR B 405 88.65 -24.96 76.47
N ALA B 406 89.60 -24.70 75.57
CA ALA B 406 89.67 -25.30 74.25
C ALA B 406 89.93 -26.83 74.24
N SER B 407 90.45 -27.40 75.34
CA SER B 407 90.69 -28.85 75.49
C SER B 407 89.40 -29.70 75.47
N THR B 408 88.25 -29.05 75.69
CA THR B 408 86.93 -29.63 75.45
C THR B 408 86.71 -29.95 73.97
N ASN B 409 85.95 -31.00 73.68
CA ASN B 409 85.50 -31.35 72.32
C ASN B 409 83.99 -31.05 72.14
N VAL B 410 83.53 -29.94 72.71
CA VAL B 410 82.10 -29.55 72.81
C VAL B 410 81.90 -28.12 72.33
N SER B 411 80.85 -27.90 71.55
CA SER B 411 80.53 -26.57 71.03
C SER B 411 80.19 -25.59 72.16
N ALA B 412 80.36 -24.28 71.93
CA ALA B 412 80.00 -23.30 72.95
C ALA B 412 78.52 -23.39 73.31
N SER B 413 77.67 -23.69 72.33
CA SER B 413 76.24 -23.85 72.53
C SER B 413 75.90 -25.06 73.39
N ASP B 414 76.61 -26.18 73.22
CA ASP B 414 76.43 -27.37 74.03
C ASP B 414 76.98 -27.21 75.46
N ARG B 415 78.14 -26.56 75.59
CA ARG B 415 78.68 -26.18 76.89
C ARG B 415 77.73 -25.25 77.62
N PHE B 416 77.12 -24.32 76.89
CA PHE B 416 76.04 -23.50 77.40
C PHE B 416 74.74 -24.29 77.66
N ALA B 417 74.43 -25.36 76.92
CA ALA B 417 73.33 -26.28 77.29
C ALA B 417 73.60 -27.03 78.60
N ALA B 418 74.86 -27.15 79.00
CA ALA B 418 75.23 -27.57 80.34
C ALA B 418 75.18 -26.45 81.41
N SER B 419 74.61 -25.27 81.12
CA SER B 419 74.41 -24.25 82.14
C SER B 419 73.30 -24.64 83.12
N ASN B 420 73.59 -24.57 84.41
CA ASN B 420 72.56 -24.79 85.44
C ASN B 420 71.54 -23.67 85.55
N PHE B 421 71.81 -22.50 84.95
CA PHE B 421 70.78 -21.49 84.81
C PHE B 421 69.64 -21.94 83.87
N GLY B 422 69.95 -22.82 82.92
CA GLY B 422 69.05 -23.18 81.83
C GLY B 422 69.33 -22.32 80.59
N LYS B 423 69.70 -23.00 79.51
CA LYS B 423 70.04 -22.39 78.23
C LYS B 423 68.89 -21.60 77.67
N GLU B 424 67.80 -22.32 77.41
CA GLU B 424 66.48 -21.85 77.07
C GLU B 424 66.11 -20.57 77.82
N ARG B 425 66.12 -20.61 79.15
CA ARG B 425 65.76 -19.48 80.03
C ARG B 425 66.60 -18.27 79.71
N PHE B 426 67.91 -18.44 79.59
CA PHE B 426 68.78 -17.34 79.25
C PHE B 426 68.56 -16.85 77.82
N VAL B 427 68.34 -17.76 76.87
CA VAL B 427 68.02 -17.42 75.48
C VAL B 427 66.77 -16.56 75.41
N LYS B 428 65.70 -16.98 76.07
CA LYS B 428 64.44 -16.24 76.16
C LYS B 428 64.63 -14.90 76.84
N LEU B 429 65.35 -14.87 77.95
CA LEU B 429 65.69 -13.67 78.69
C LEU B 429 66.34 -12.63 77.78
N LEU B 430 67.37 -13.06 77.05
CA LEU B 430 68.08 -12.25 76.09
C LEU B 430 67.17 -11.77 74.96
N ASP B 431 66.28 -12.62 74.47
CA ASP B 431 65.33 -12.26 73.43
C ASP B 431 64.36 -11.17 73.89
N GLN B 432 63.79 -11.32 75.09
CA GLN B 432 62.90 -10.32 75.67
C GLN B 432 63.64 -9.01 75.86
N LEU B 433 64.84 -9.07 76.42
CA LEU B 433 65.68 -7.91 76.60
C LEU B 433 65.99 -7.25 75.25
N HIS B 434 66.41 -8.04 74.27
CA HIS B 434 66.71 -7.55 72.95
C HIS B 434 65.52 -6.81 72.36
N ASN B 435 64.34 -7.38 72.51
CA ASN B 435 63.11 -6.73 72.10
C ASN B 435 62.87 -5.41 72.87
N SER B 436 63.01 -5.42 74.19
CA SER B 436 62.84 -4.21 75.01
C SER B 436 63.83 -3.12 74.60
N LEU B 437 65.06 -3.50 74.28
CA LEU B 437 66.07 -2.60 73.75
C LEU B 437 65.67 -2.08 72.38
N ARG B 438 65.23 -2.95 71.45
CA ARG B 438 64.68 -2.56 70.14
C ARG B 438 63.60 -1.51 70.29
N ILE B 439 62.63 -1.74 71.17
CA ILE B 439 61.53 -0.79 71.42
C ILE B 439 62.08 0.56 71.86
N ASP B 440 62.91 0.58 72.90
CA ASP B 440 63.39 1.84 73.43
C ASP B 440 64.26 2.59 72.42
N LEU B 441 65.10 1.87 71.68
CA LEU B 441 65.87 2.41 70.57
C LEU B 441 64.98 2.91 69.42
N SER B 442 63.78 2.34 69.24
CA SER B 442 62.83 2.83 68.23
C SER B 442 62.20 4.18 68.59
N MET B 443 62.43 4.67 69.81
CA MET B 443 62.16 6.04 70.22
C MET B 443 63.38 6.70 70.86
N TYR B 444 64.58 6.40 70.37
CA TYR B 444 65.85 6.79 71.00
C TYR B 444 65.96 8.28 71.30
N ARG B 445 65.40 9.14 70.47
CA ARG B 445 65.51 10.58 70.68
C ARG B 445 64.76 10.96 71.95
N ASN B 446 63.51 10.53 72.04
CA ASN B 446 62.63 10.79 73.16
C ASN B 446 63.16 10.10 74.43
N ASN B 447 63.50 8.82 74.30
CA ASN B 447 63.96 8.00 75.41
C ASN B 447 65.39 8.28 75.85
N PHE B 448 66.16 8.96 75.03
CA PHE B 448 67.53 9.31 75.35
C PHE B 448 67.81 10.71 74.82
N PRO B 449 67.21 11.73 75.44
CA PRO B 449 67.26 13.09 74.92
C PRO B 449 68.69 13.61 74.90
N ALA B 450 69.05 14.30 73.83
CA ALA B 450 70.40 14.85 73.66
C ALA B 450 70.77 15.82 74.79
N SER B 451 69.77 16.51 75.35
CA SER B 451 69.91 17.37 76.53
C SER B 451 70.36 16.63 77.79
N SER B 452 70.41 15.29 77.79
CA SER B 452 71.06 14.50 78.82
C SER B 452 72.18 13.62 78.21
N PRO B 453 73.44 14.03 78.39
CA PRO B 453 74.61 13.24 78.05
C PRO B 453 74.60 11.86 78.69
N GLU B 454 74.09 11.76 79.92
CA GLU B 454 74.05 10.49 80.60
C GLU B 454 73.06 9.56 79.93
N ARG B 455 71.91 10.08 79.53
CA ARG B 455 70.98 9.29 78.73
C ARG B 455 71.59 8.97 77.38
N LEU B 456 72.38 9.85 76.78
CA LEU B 456 73.16 9.46 75.60
C LEU B 456 74.14 8.34 75.93
N GLN B 457 74.79 8.34 77.08
CA GLN B 457 75.67 7.25 77.45
C GLN B 457 74.88 5.97 77.72
N ASP B 458 73.69 6.07 78.28
CA ASP B 458 72.82 4.92 78.43
C ASP B 458 72.38 4.39 77.10
N LEU B 459 72.02 5.26 76.16
CA LEU B 459 71.77 4.90 74.78
C LEU B 459 72.97 4.14 74.22
N LYS B 460 74.17 4.68 74.38
CA LYS B 460 75.39 4.05 73.90
C LYS B 460 75.51 2.65 74.50
N SER B 461 75.36 2.55 75.80
CA SER B 461 75.48 1.28 76.48
C SER B 461 74.30 0.33 76.22
N THR B 462 73.14 0.85 75.83
CA THR B 462 71.95 0.10 75.39
C THR B 462 72.25 -0.62 74.09
N VAL B 463 72.90 0.11 73.18
CA VAL B 463 73.42 -0.47 71.96
C VAL B 463 74.57 -1.42 72.25
N ASP B 464 75.54 -1.05 73.10
CA ASP B 464 76.61 -1.96 73.48
C ASP B 464 76.08 -3.26 74.11
N LEU B 465 75.01 -3.19 74.89
CA LEU B 465 74.32 -4.37 75.37
C LEU B 465 73.68 -5.17 74.22
N LEU B 466 72.96 -4.52 73.30
CA LEU B 466 72.40 -5.17 72.11
C LEU B 466 73.47 -5.87 71.26
N THR B 467 74.62 -5.23 71.12
CA THR B 467 75.78 -5.85 70.47
C THR B 467 76.20 -7.07 71.26
N SER B 468 76.39 -6.93 72.57
CA SER B 468 76.80 -8.02 73.43
C SER B 468 75.84 -9.20 73.36
N ILE B 469 74.54 -8.94 73.23
CA ILE B 469 73.50 -9.95 73.02
C ILE B 469 73.64 -10.63 71.68
N THR B 470 73.83 -9.85 70.63
CA THR B 470 74.01 -10.36 69.28
C THR B 470 75.27 -11.19 69.16
N PHE B 471 76.33 -10.70 69.79
CA PHE B 471 77.59 -11.38 69.90
C PHE B 471 77.43 -12.67 70.71
N PHE B 472 76.69 -12.65 71.82
CA PHE B 472 76.36 -13.86 72.56
C PHE B 472 75.58 -14.87 71.74
N ARG B 473 74.58 -14.42 70.97
CA ARG B 473 73.86 -15.24 70.02
C ARG B 473 74.81 -15.86 68.99
N MET B 474 75.73 -15.06 68.47
CA MET B 474 76.69 -15.50 67.46
C MET B 474 77.73 -16.48 68.02
N LYS B 475 78.26 -16.20 69.21
CA LYS B 475 79.41 -16.89 69.80
C LYS B 475 79.02 -18.04 70.70
N VAL B 476 78.09 -17.81 71.62
CA VAL B 476 77.66 -18.83 72.57
C VAL B 476 76.57 -19.68 71.97
N GLN B 477 75.49 -19.06 71.50
CA GLN B 477 74.44 -19.85 70.88
C GLN B 477 74.87 -20.41 69.52
N GLU B 478 75.97 -19.91 68.95
CA GLU B 478 76.48 -20.32 67.63
C GLU B 478 75.41 -20.16 66.55
N LEU B 479 74.51 -19.19 66.71
CA LEU B 479 73.48 -18.90 65.71
C LEU B 479 74.14 -18.43 64.42
N GLN B 480 73.62 -18.99 63.34
CA GLN B 480 74.15 -18.84 61.98
C GLN B 480 73.74 -17.51 61.32
N SER B 481 72.67 -16.88 61.82
CA SER B 481 72.11 -15.65 61.25
C SER B 481 71.38 -14.81 62.31
N PRO B 482 72.02 -14.43 63.44
CA PRO B 482 71.38 -13.54 64.40
C PRO B 482 71.06 -12.19 63.72
N PRO B 483 69.92 -11.53 64.05
CA PRO B 483 69.58 -10.22 63.51
C PRO B 483 70.70 -9.22 63.79
N ARG B 484 71.40 -8.78 62.74
CA ARG B 484 72.70 -8.12 62.93
C ARG B 484 72.49 -6.83 63.72
N ALA B 485 73.25 -6.63 64.80
CA ALA B 485 72.99 -5.54 65.75
C ALA B 485 72.92 -4.18 65.07
N SER B 486 73.91 -3.91 64.22
CA SER B 486 73.96 -2.70 63.42
C SER B 486 72.66 -2.52 62.65
N GLN B 487 72.19 -3.56 61.97
CA GLN B 487 70.94 -3.52 61.26
C GLN B 487 69.76 -3.30 62.21
N VAL B 488 69.67 -4.06 63.29
CA VAL B 488 68.59 -3.92 64.27
C VAL B 488 68.46 -2.50 64.76
N VAL B 489 69.58 -1.92 65.16
CA VAL B 489 69.70 -0.53 65.58
C VAL B 489 69.30 0.41 64.46
N LYS B 490 69.78 0.18 63.24
CA LYS B 490 69.46 0.99 62.06
C LYS B 490 67.96 1.05 61.79
N ASP B 491 67.29 -0.07 61.96
CA ASP B 491 65.85 -0.14 61.92
C ASP B 491 65.22 0.66 63.05
N CYS B 492 65.73 0.51 64.27
CA CYS B 492 65.23 1.28 65.41
C CYS B 492 65.33 2.77 65.12
N VAL B 493 66.48 3.17 64.61
CA VAL B 493 66.78 4.55 64.25
C VAL B 493 65.80 4.98 63.19
N LYS B 494 65.59 4.17 62.16
CA LYS B 494 64.56 4.44 61.16
C LYS B 494 63.20 4.60 61.81
N ALA B 495 62.76 3.70 62.67
CA ALA B 495 61.48 3.80 63.34
C ALA B 495 61.38 5.11 64.13
N CYS B 496 62.40 5.42 64.91
CA CYS B 496 62.44 6.66 65.64
C CYS B 496 62.37 7.85 64.71
N LEU B 497 63.12 7.83 63.61
CA LEU B 497 63.15 8.89 62.63
C LEU B 497 61.80 9.06 61.99
N ASN B 498 61.09 7.99 61.71
CA ASN B 498 59.74 8.08 61.22
C ASN B 498 58.86 8.79 62.24
N SER B 499 58.92 8.36 63.48
CA SER B 499 58.13 8.97 64.54
C SER B 499 58.53 10.41 64.81
N THR B 500 59.81 10.70 64.71
CA THR B 500 60.33 12.05 64.78
C THR B 500 59.77 12.86 63.65
N TYR B 501 59.81 12.30 62.44
CA TYR B 501 59.35 12.97 61.25
C TYR B 501 57.89 13.32 61.44
N GLU B 502 57.06 12.35 61.80
CA GLU B 502 55.68 12.59 62.17
C GLU B 502 55.59 13.70 63.22
N TYR B 503 56.37 13.62 64.29
CA TYR B 503 56.25 14.58 65.36
C TYR B 503 56.50 16.00 64.84
N ILE B 504 57.64 16.22 64.21
CA ILE B 504 57.96 17.54 63.68
C ILE B 504 56.90 17.94 62.65
N PHE B 505 56.48 17.02 61.80
CA PHE B 505 55.50 17.23 60.75
C PHE B 505 54.11 17.55 61.30
N ASN B 506 53.88 17.31 62.58
CA ASN B 506 52.65 17.66 63.24
C ASN B 506 52.81 18.91 64.13
N ASN B 507 54.02 19.28 64.48
CA ASN B 507 54.32 20.29 65.50
C ASN B 507 55.23 21.38 64.94
N CYS B 508 55.26 21.49 63.61
CA CYS B 508 56.25 22.29 62.93
C CYS B 508 56.30 23.72 63.44
N HIS B 509 55.15 24.36 63.61
CA HIS B 509 55.21 25.77 63.91
C HIS B 509 55.69 26.05 65.33
N GLU B 510 55.21 25.30 66.29
CA GLU B 510 55.67 25.38 67.68
C GLU B 510 57.17 25.25 67.79
N LEU B 511 57.70 24.20 67.18
CA LEU B 511 59.10 23.92 67.20
C LEU B 511 59.91 25.05 66.57
N TYR B 512 59.49 25.50 65.38
CA TYR B 512 60.21 26.53 64.63
C TYR B 512 60.14 27.90 65.30
N GLY B 513 58.93 28.27 65.70
CA GLY B 513 58.64 29.45 66.47
C GLY B 513 59.62 29.56 67.62
N ARG B 514 59.57 28.58 68.52
CA ARG B 514 60.49 28.49 69.64
C ARG B 514 61.97 28.60 69.23
N GLU B 515 62.46 27.72 68.37
CA GLU B 515 63.91 27.51 68.19
C GLU B 515 64.60 28.59 67.33
N TYR B 516 63.91 29.26 66.39
CA TYR B 516 64.56 30.18 65.45
C TYR B 516 63.92 31.56 65.36
N GLN B 517 62.64 31.72 65.69
CA GLN B 517 61.90 32.93 65.34
C GLN B 517 62.36 34.14 66.17
N THR B 518 62.91 35.19 65.54
CA THR B 518 63.49 36.38 66.25
C THR B 518 62.43 37.33 66.86
N ASP B 519 61.17 37.24 66.45
CA ASP B 519 60.06 37.90 67.13
C ASP B 519 59.31 36.89 68.02
N PRO B 520 59.29 37.08 69.36
CA PRO B 520 58.62 36.15 70.29
C PRO B 520 57.13 35.94 70.01
N ALA B 521 56.44 36.94 69.44
CA ALA B 521 55.01 36.84 69.14
C ALA B 521 54.68 35.77 68.10
N LYS B 522 55.68 35.30 67.36
CA LYS B 522 55.54 34.25 66.35
C LYS B 522 55.94 32.85 66.85
N LYS B 523 56.30 32.67 68.12
CA LYS B 523 56.78 31.37 68.64
C LYS B 523 55.71 30.32 68.93
N GLY B 524 54.47 30.77 68.97
CA GLY B 524 53.33 30.01 69.51
C GLY B 524 52.66 29.00 68.56
N GLU B 525 51.44 28.61 68.95
CA GLU B 525 50.64 27.52 68.37
C GLU B 525 49.87 27.94 67.12
N VAL B 526 50.59 28.21 66.03
CA VAL B 526 49.98 28.36 64.70
C VAL B 526 49.27 27.06 64.32
N PRO B 527 48.25 27.06 63.43
CA PRO B 527 47.27 25.97 63.36
C PRO B 527 47.96 24.64 63.03
N PRO B 528 47.38 23.48 63.38
CA PRO B 528 47.95 22.17 63.06
C PRO B 528 48.23 21.97 61.57
N GLU B 529 47.37 22.57 60.73
CA GLU B 529 47.47 22.63 59.26
C GLU B 529 48.58 23.55 58.72
N GLU B 530 49.36 24.14 59.63
CA GLU B 530 50.48 25.05 59.37
C GLU B 530 51.69 24.67 60.25
N GLN B 531 51.46 23.93 61.33
CA GLN B 531 52.42 23.00 61.93
C GLN B 531 52.50 21.68 61.14
N GLY B 532 51.78 21.68 60.01
CA GLY B 532 51.61 20.74 58.91
C GLY B 532 51.44 21.51 57.58
N PRO B 533 51.21 20.85 56.43
CA PRO B 533 51.20 21.50 55.11
C PRO B 533 50.05 22.45 54.84
N SER B 534 50.36 23.53 54.12
CA SER B 534 49.37 24.47 53.58
C SER B 534 49.53 24.61 52.10
N ILE B 535 48.41 24.76 51.39
CA ILE B 535 48.42 25.08 49.97
C ILE B 535 48.58 26.59 49.68
N LYS B 536 48.20 27.43 50.66
CA LYS B 536 48.21 28.90 50.57
C LYS B 536 49.59 29.50 50.73
N ASN B 537 50.45 28.86 51.50
CA ASN B 537 51.78 29.35 51.77
C ASN B 537 52.75 28.18 51.89
N LEU B 538 54.00 28.46 51.57
CA LEU B 538 55.08 27.48 51.63
C LEU B 538 55.75 27.44 53.02
N ASP B 539 55.36 28.31 53.96
CA ASP B 539 56.14 28.63 55.16
C ASP B 539 56.34 27.39 56.03
N PHE B 540 55.33 26.53 56.09
CA PHE B 540 55.46 25.23 56.72
C PHE B 540 56.67 24.46 56.25
N TRP B 541 56.84 24.38 54.94
CA TRP B 541 57.94 23.65 54.34
C TRP B 541 59.28 24.25 54.68
N SER B 542 59.39 25.58 54.57
CA SER B 542 60.60 26.28 54.99
C SER B 542 60.94 25.92 56.42
N LYS B 543 59.93 25.96 57.29
CA LYS B 543 60.13 25.73 58.71
C LYS B 543 60.47 24.28 58.99
N LEU B 544 59.79 23.38 58.31
CA LEU B 544 60.02 21.96 58.34
C LEU B 544 61.44 21.65 57.90
N ILE B 545 61.91 22.26 56.82
CA ILE B 545 63.29 22.11 56.38
C ILE B 545 64.22 22.47 57.53
N THR B 546 64.02 23.62 58.18
CA THR B 546 64.93 24.01 59.26
C THR B 546 64.88 23.04 60.43
N LEU B 547 63.73 22.46 60.69
CA LEU B 547 63.57 21.45 61.70
C LEU B 547 64.21 20.13 61.31
N ILE B 548 64.03 19.72 60.07
CA ILE B 548 64.69 18.58 59.53
C ILE B 548 66.20 18.75 59.70
N VAL B 549 66.73 19.93 59.35
CA VAL B 549 68.14 20.27 59.56
C VAL B 549 68.50 20.14 61.02
N SER B 550 67.70 20.72 61.91
CA SER B 550 67.97 20.63 63.33
C SER B 550 68.05 19.18 63.80
N ILE B 551 67.13 18.34 63.35
CA ILE B 551 67.14 16.93 63.66
C ILE B 551 68.36 16.23 63.06
N ILE B 552 68.64 16.46 61.78
CA ILE B 552 69.79 15.85 61.12
C ILE B 552 71.06 16.27 61.81
N GLU B 553 71.18 17.53 62.17
CA GLU B 553 72.31 18.01 62.93
C GLU B 553 72.38 17.37 64.29
N GLU B 554 71.28 17.29 65.02
CA GLU B 554 71.28 16.59 66.30
C GLU B 554 71.73 15.14 66.13
N ASP B 555 71.29 14.48 65.08
CA ASP B 555 71.71 13.14 64.77
C ASP B 555 73.17 13.07 64.38
N LYS B 556 73.61 13.96 63.51
CA LYS B 556 75.00 14.08 63.11
C LYS B 556 75.87 14.34 64.32
N ASN B 557 75.45 15.22 65.20
CA ASN B 557 76.31 15.82 66.21
C ASN B 557 76.23 15.04 67.50
N SER B 558 75.04 14.76 67.98
CA SER B 558 74.89 14.05 69.23
C SER B 558 74.84 12.56 68.97
N TYR B 559 73.91 12.11 68.15
CA TYR B 559 73.65 10.69 68.09
C TYR B 559 74.70 9.94 67.32
N THR B 560 75.35 10.52 66.32
CA THR B 560 76.34 9.78 65.53
C THR B 560 77.58 9.50 66.35
N PRO B 561 78.12 10.45 67.10
CA PRO B 561 79.21 10.16 68.02
C PRO B 561 78.79 9.19 69.09
N CYS B 562 77.59 9.36 69.62
CA CYS B 562 77.06 8.42 70.60
C CYS B 562 77.06 7.01 70.02
N LEU B 563 76.54 6.85 68.81
CA LEU B 563 76.40 5.56 68.14
C LEU B 563 77.47 5.40 67.07
N ASN B 564 78.71 5.25 67.54
CA ASN B 564 79.89 4.93 66.74
C ASN B 564 80.32 3.45 66.81
N GLN B 565 79.51 2.53 67.36
CA GLN B 565 79.89 1.10 67.54
C GLN B 565 80.16 0.35 66.23
N PHE B 566 79.46 0.76 65.18
CA PHE B 566 79.52 0.14 63.85
C PHE B 566 79.81 1.24 62.83
N PRO B 567 80.98 1.88 62.88
CA PRO B 567 81.19 3.12 62.14
C PRO B 567 81.06 2.91 60.62
N GLN B 568 81.49 1.74 60.14
CA GLN B 568 81.38 1.30 58.75
C GLN B 568 79.98 0.83 58.32
N GLU B 569 79.00 0.82 59.23
CA GLU B 569 77.65 0.33 58.92
C GLU B 569 76.53 1.25 59.41
N LEU B 570 76.78 2.04 60.46
CA LEU B 570 75.82 2.90 61.11
C LEU B 570 76.43 4.29 61.26
N ASN B 571 75.90 5.23 60.49
CA ASN B 571 76.11 6.63 60.75
C ASN B 571 74.74 7.29 60.90
N VAL B 572 74.42 7.72 62.13
CA VAL B 572 73.08 8.22 62.46
C VAL B 572 72.74 9.48 61.67
N GLY B 573 73.71 10.35 61.45
CA GLY B 573 73.54 11.56 60.65
C GLY B 573 73.20 11.23 59.19
N LYS B 574 73.88 10.25 58.59
CA LYS B 574 73.55 9.78 57.23
C LYS B 574 72.14 9.20 57.18
N ILE B 575 71.81 8.34 58.13
CA ILE B 575 70.52 7.66 58.17
C ILE B 575 69.41 8.68 58.41
N SER B 576 69.66 9.62 59.32
CA SER B 576 68.78 10.74 59.58
C SER B 576 68.55 11.55 58.32
N ALA B 577 69.62 12.03 57.68
CA ALA B 577 69.51 12.75 56.43
C ALA B 577 68.72 11.95 55.39
N GLU B 578 69.07 10.68 55.15
CA GLU B 578 68.39 9.84 54.17
C GLU B 578 66.91 9.67 54.46
N VAL B 579 66.54 9.26 55.67
CA VAL B 579 65.15 9.02 56.03
C VAL B 579 64.38 10.34 56.01
N MET B 580 64.93 11.37 56.64
CA MET B 580 64.27 12.66 56.77
C MET B 580 64.07 13.31 55.43
N TRP B 581 65.09 13.33 54.59
CA TRP B 581 64.95 13.74 53.21
C TRP B 581 63.94 12.85 52.52
N SER B 582 63.99 11.52 52.65
CA SER B 582 63.06 10.66 51.91
C SER B 582 61.62 11.01 52.25
N LEU B 583 61.29 10.98 53.53
CA LEU B 583 59.96 11.31 54.02
C LEU B 583 59.56 12.71 53.56
N PHE B 584 60.45 13.67 53.78
CA PHE B 584 60.24 15.01 53.33
C PHE B 584 60.02 15.07 51.84
N ALA B 585 60.77 14.34 51.05
CA ALA B 585 60.79 14.42 49.60
C ALA B 585 59.51 13.86 49.04
N GLN B 586 59.05 12.73 49.56
CA GLN B 586 57.76 12.20 49.17
C GLN B 586 56.68 13.22 49.46
N ASP B 587 56.73 13.80 50.66
CA ASP B 587 55.70 14.73 51.06
C ASP B 587 55.78 15.99 50.24
N MET B 588 56.97 16.54 50.10
CA MET B 588 57.24 17.70 49.32
C MET B 588 56.85 17.49 47.87
N LYS B 589 57.15 16.33 47.31
CA LYS B 589 56.77 16.01 45.95
C LYS B 589 55.25 16.03 45.81
N TYR B 590 54.50 15.35 46.70
CA TYR B 590 53.05 15.47 46.63
C TYR B 590 52.64 16.95 46.79
N ALA B 591 53.24 17.67 47.73
CA ALA B 591 52.87 19.03 48.02
C ALA B 591 53.09 19.95 46.83
N MET B 592 54.26 19.89 46.20
CA MET B 592 54.58 20.62 44.99
C MET B 592 53.64 20.23 43.86
N GLU B 593 53.32 18.95 43.68
CA GLU B 593 52.29 18.55 42.72
C GLU B 593 51.00 19.30 43.02
N GLU B 594 50.65 19.40 44.30
CA GLU B 594 49.42 20.05 44.70
C GLU B 594 49.43 21.56 44.51
N HIS B 595 50.51 22.19 44.90
CA HIS B 595 50.77 23.57 44.57
C HIS B 595 50.80 23.79 43.08
N ASP B 596 51.25 22.84 42.27
CA ASP B 596 51.29 23.01 40.83
C ASP B 596 49.87 23.09 40.26
N LYS B 597 48.93 22.39 40.90
CA LYS B 597 47.52 22.47 40.53
C LYS B 597 46.95 23.81 40.94
N HIS B 598 47.18 24.24 42.17
CA HIS B 598 46.51 25.42 42.68
C HIS B 598 47.19 26.74 42.30
N ARG B 599 48.53 26.74 42.31
CA ARG B 599 49.42 27.88 42.07
C ARG B 599 49.04 29.13 42.90
N LEU B 600 48.69 28.93 44.17
CA LEU B 600 48.27 30.03 45.06
C LEU B 600 49.45 30.88 45.56
N CYS B 601 50.56 30.25 45.91
CA CYS B 601 51.81 30.98 46.22
C CYS B 601 52.45 31.55 44.95
N LYS B 602 53.29 32.58 45.07
CA LYS B 602 53.91 33.26 43.90
C LYS B 602 55.11 32.48 43.38
N SER B 603 55.44 32.73 42.12
CA SER B 603 56.59 32.17 41.42
C SER B 603 57.84 32.30 42.28
N ALA B 604 58.12 33.52 42.74
CA ALA B 604 59.22 33.85 43.62
C ALA B 604 59.30 32.92 44.85
N ASP B 605 58.17 32.58 45.44
CA ASP B 605 58.14 31.77 46.64
C ASP B 605 58.61 30.36 46.34
N TYR B 606 58.09 29.78 45.27
CA TYR B 606 58.60 28.49 44.84
C TYR B 606 60.07 28.57 44.47
N MET B 607 60.53 29.68 43.91
CA MET B 607 61.97 29.84 43.62
C MET B 607 62.76 29.85 44.94
N ASN B 608 62.29 30.56 45.95
CA ASN B 608 62.96 30.61 47.25
C ASN B 608 62.97 29.26 47.93
N LEU B 609 61.83 28.58 47.86
CA LEU B 609 61.73 27.21 48.31
C LEU B 609 62.68 26.34 47.52
N HIS B 610 62.75 26.52 46.22
CA HIS B 610 63.66 25.77 45.40
C HIS B 610 65.09 25.98 45.86
N PHE B 611 65.51 27.22 46.11
CA PHE B 611 66.83 27.53 46.64
C PHE B 611 67.07 26.82 47.97
N LYS B 612 66.08 26.82 48.85
CA LYS B 612 66.21 26.17 50.15
C LYS B 612 66.32 24.68 50.00
N VAL B 613 65.46 24.07 49.19
CA VAL B 613 65.48 22.65 48.95
C VAL B 613 66.76 22.23 48.28
N LYS B 614 67.17 23.00 47.27
CA LYS B 614 68.46 22.84 46.63
C LYS B 614 69.52 22.85 47.70
N TRP B 615 69.54 23.88 48.55
CA TRP B 615 70.55 23.96 49.58
C TRP B 615 70.50 22.77 50.53
N LEU B 616 69.31 22.41 50.98
CA LEU B 616 69.14 21.30 51.89
C LEU B 616 69.70 20.04 51.26
N TYR B 617 69.26 19.78 50.05
CA TYR B 617 69.68 18.62 49.30
C TYR B 617 71.18 18.62 49.16
N ASN B 618 71.73 19.71 48.64
CA ASN B 618 73.14 19.82 48.36
C ASN B 618 73.98 19.80 49.64
N GLU B 619 73.43 20.22 50.76
CA GLU B 619 74.18 20.26 52.00
C GLU B 619 74.25 18.88 52.64
N TYR B 620 73.17 18.11 52.59
CA TYR B 620 73.00 16.93 53.42
C TYR B 620 72.73 15.63 52.66
N VAL B 621 72.32 15.72 51.41
CA VAL B 621 71.69 14.62 50.70
C VAL B 621 72.47 14.26 49.46
N ALA B 622 72.87 15.26 48.69
CA ALA B 622 73.66 15.10 47.50
C ALA B 622 74.87 14.22 47.72
N GLU B 623 75.55 14.40 48.84
CA GLU B 623 76.75 13.67 49.23
C GLU B 623 76.45 12.29 49.80
N LEU B 624 75.22 11.96 50.19
CA LEU B 624 74.92 10.60 50.62
C LEU B 624 75.06 9.69 49.42
N PRO B 625 75.73 8.53 49.53
CA PRO B 625 75.94 7.62 48.41
C PRO B 625 74.63 7.36 47.65
N THR B 626 73.57 7.10 48.40
CA THR B 626 72.21 6.85 47.90
C THR B 626 71.74 7.91 46.92
N PHE B 627 72.21 9.15 46.99
CA PHE B 627 71.75 10.19 46.10
C PHE B 627 72.84 10.87 45.30
N LYS B 628 74.12 10.72 45.66
CA LYS B 628 75.22 10.94 44.69
C LYS B 628 75.12 9.97 43.51
N ASP B 629 74.53 8.81 43.75
CA ASP B 629 74.15 7.81 42.76
C ASP B 629 73.03 8.23 41.77
N ARG B 630 72.48 9.44 41.87
CA ARG B 630 71.36 9.94 41.03
C ARG B 630 71.57 11.37 40.52
N VAL B 631 70.94 11.71 39.40
CA VAL B 631 70.56 13.09 39.10
C VAL B 631 69.38 13.44 40.03
N PRO B 632 69.44 14.53 40.80
CA PRO B 632 68.43 14.82 41.80
C PRO B 632 67.07 15.03 41.19
N GLU B 633 66.08 14.52 41.87
CA GLU B 633 64.73 14.52 41.34
C GLU B 633 63.96 15.78 41.76
N TYR B 634 64.35 16.43 42.86
CA TYR B 634 63.67 17.63 43.31
C TYR B 634 63.53 18.76 42.28
N PRO B 635 64.47 19.02 41.34
CA PRO B 635 64.29 20.07 40.34
C PRO B 635 63.09 19.83 39.44
N ALA B 636 62.72 18.57 39.22
CA ALA B 636 61.53 18.26 38.47
C ALA B 636 60.28 18.75 39.20
N TRP B 637 60.27 18.80 40.53
CA TRP B 637 59.15 19.38 41.26
C TRP B 637 59.01 20.86 40.90
N PHE B 638 60.12 21.59 40.87
CA PHE B 638 60.11 23.04 40.73
C PHE B 638 60.05 23.56 39.29
N GLU B 639 60.47 22.76 38.32
CA GLU B 639 60.51 23.13 36.92
C GLU B 639 59.26 23.89 36.41
N PRO B 640 58.03 23.45 36.72
CA PRO B 640 56.84 24.14 36.24
C PRO B 640 56.76 25.56 36.76
N PHE B 641 57.25 25.75 37.96
CA PHE B 641 57.30 27.03 38.61
C PHE B 641 58.40 27.87 37.99
N VAL B 642 59.58 27.30 37.74
CA VAL B 642 60.63 28.06 37.06
C VAL B 642 60.20 28.46 35.66
N ILE B 643 59.47 27.60 34.96
CA ILE B 643 58.96 27.92 33.64
C ILE B 643 57.96 29.06 33.72
N GLN B 644 57.00 28.96 34.63
CA GLN B 644 56.08 30.06 34.88
C GLN B 644 56.85 31.36 35.16
N TRP B 645 57.89 31.28 35.98
CA TRP B 645 58.73 32.42 36.28
C TRP B 645 59.41 32.97 35.01
N LEU B 646 59.98 32.11 34.16
CA LEU B 646 60.60 32.52 32.90
C LEU B 646 59.60 33.26 32.01
N ASP B 647 58.36 32.80 32.01
CA ASP B 647 57.31 33.46 31.26
C ASP B 647 57.06 34.86 31.79
N GLU B 648 56.80 34.95 33.08
CA GLU B 648 56.56 36.21 33.77
C GLU B 648 57.70 37.17 33.52
N ASN B 649 58.90 36.64 33.60
CA ASN B 649 60.09 37.37 33.33
C ASN B 649 60.16 37.88 31.88
N GLU B 650 59.72 37.09 30.89
CA GLU B 650 59.67 37.58 29.53
C GLU B 650 58.74 38.79 29.42
N GLU B 651 57.54 38.72 29.98
CA GLU B 651 56.60 39.83 29.88
C GLU B 651 57.16 41.08 30.54
N VAL B 652 57.68 40.90 31.76
CA VAL B 652 58.35 41.97 32.48
C VAL B 652 59.48 42.54 31.64
N SER B 653 60.28 41.68 31.01
CA SER B 653 61.33 42.13 30.10
C SER B 653 60.80 42.92 28.92
N ARG B 654 59.75 42.46 28.22
CA ARG B 654 59.21 43.18 27.06
C ARG B 654 58.52 44.47 27.46
N ASP B 655 57.90 44.56 28.62
CA ASP B 655 57.31 45.81 29.08
C ASP B 655 58.38 46.80 29.57
N PHE B 656 59.37 46.30 30.31
CA PHE B 656 60.55 47.07 30.67
C PHE B 656 61.22 47.66 29.43
N LEU B 657 61.38 46.87 28.36
CA LEU B 657 62.00 47.26 27.09
C LEU B 657 61.34 48.52 26.53
N HIS B 658 60.01 48.50 26.42
CA HIS B 658 59.30 49.64 25.88
C HIS B 658 59.50 50.87 26.75
N GLY B 659 59.49 50.71 28.07
CA GLY B 659 59.88 51.78 28.98
C GLY B 659 61.27 52.31 28.64
N ALA B 660 62.26 51.42 28.64
CA ALA B 660 63.66 51.76 28.42
C ALA B 660 63.89 52.50 27.11
N LEU B 661 63.25 52.00 26.05
CA LEU B 661 63.26 52.63 24.75
C LEU B 661 62.53 53.96 24.79
N GLU B 662 61.36 54.06 25.38
CA GLU B 662 60.63 55.32 25.42
C GLU B 662 61.43 56.41 26.12
N ARG B 663 62.13 56.09 27.23
CA ARG B 663 63.07 57.04 27.86
C ARG B 663 64.12 57.49 26.87
N ASP B 664 64.78 56.53 26.25
CA ASP B 664 65.91 56.79 25.37
C ASP B 664 65.50 57.60 24.13
N LYS B 665 64.37 57.23 23.53
CA LYS B 665 63.74 57.93 22.41
C LYS B 665 63.39 59.35 22.76
N LYS B 666 62.78 59.56 23.93
CA LYS B 666 62.43 60.89 24.39
C LYS B 666 63.68 61.72 24.63
N ASP B 667 64.74 61.10 25.15
CA ASP B 667 66.08 61.69 25.26
C ASP B 667 66.77 61.88 23.91
N GLY B 668 66.13 61.49 22.79
CA GLY B 668 66.69 61.64 21.45
C GLY B 668 67.89 60.73 21.21
N PHE B 669 67.97 59.60 21.92
CA PHE B 669 69.04 58.60 21.82
C PHE B 669 70.45 59.15 22.03
N GLN B 670 70.66 59.92 23.12
CA GLN B 670 72.03 60.31 23.46
C GLN B 670 72.91 59.06 23.62
N GLN B 671 74.06 59.05 22.97
CA GLN B 671 75.14 58.15 23.32
C GLN B 671 75.36 58.24 24.82
N THR B 672 75.56 57.09 25.44
CA THR B 672 75.69 57.01 26.89
C THR B 672 76.89 57.82 27.34
N SER B 673 77.96 57.76 26.57
CA SER B 673 79.12 58.62 26.72
C SER B 673 79.91 58.63 25.42
N GLU B 674 80.92 59.48 25.37
CA GLU B 674 81.84 59.75 24.29
C GLU B 674 82.79 58.58 23.96
N HIS B 675 82.47 57.40 24.48
CA HIS B 675 83.13 56.12 24.30
C HIS B 675 82.13 54.96 24.44
N ALA B 676 81.07 55.10 25.24
CA ALA B 676 79.89 54.24 25.19
C ALA B 676 78.96 54.75 24.07
N LEU B 677 79.34 54.41 22.85
CA LEU B 677 78.80 54.94 21.58
C LEU B 677 77.31 54.60 21.34
N PHE B 678 76.78 53.72 22.17
CA PHE B 678 75.40 53.30 22.26
C PHE B 678 74.61 54.13 23.28
N SER B 679 73.30 54.20 23.13
CA SER B 679 72.38 54.83 24.06
C SER B 679 71.89 53.92 25.20
N CYS B 680 71.26 54.51 26.23
CA CYS B 680 71.06 53.86 27.52
C CYS B 680 70.14 52.63 27.49
N SER B 681 69.17 52.60 26.59
CA SER B 681 68.19 51.52 26.54
C SER B 681 68.86 50.17 26.35
N VAL B 682 69.97 50.11 25.62
CA VAL B 682 70.76 48.88 25.48
C VAL B 682 71.18 48.37 26.84
N VAL B 683 71.75 49.27 27.63
CA VAL B 683 72.28 48.97 28.95
C VAL B 683 71.13 48.51 29.84
N ASP B 684 70.02 49.24 29.82
CA ASP B 684 68.83 48.87 30.58
C ASP B 684 68.41 47.46 30.26
N VAL B 685 68.25 47.20 28.97
CA VAL B 685 67.74 45.94 28.47
C VAL B 685 68.67 44.82 28.85
N PHE B 686 69.95 44.93 28.53
CA PHE B 686 70.88 43.87 28.89
C PHE B 686 70.94 43.69 30.39
N SER B 687 70.87 44.76 31.19
CA SER B 687 70.78 44.64 32.63
C SER B 687 69.59 43.77 33.00
N GLN B 688 68.39 44.09 32.49
CA GLN B 688 67.20 43.29 32.72
C GLN B 688 67.42 41.83 32.34
N LEU B 689 67.99 41.60 31.17
CA LEU B 689 68.26 40.25 30.74
C LEU B 689 69.24 39.56 31.65
N ASN B 690 70.30 40.24 32.05
CA ASN B 690 71.34 39.67 32.87
C ASN B 690 70.76 39.35 34.24
N GLN B 691 70.03 40.25 34.88
CA GLN B 691 69.32 39.96 36.13
C GLN B 691 68.53 38.67 35.99
N SER B 692 67.77 38.59 34.90
CA SER B 692 66.93 37.45 34.60
C SER B 692 67.75 36.18 34.44
N PHE B 693 68.86 36.26 33.73
CA PHE B 693 69.67 35.10 33.49
C PHE B 693 70.33 34.60 34.77
N GLU B 694 70.80 35.53 35.58
CA GLU B 694 71.59 35.22 36.73
C GLU B 694 70.78 34.44 37.75
N ILE B 695 69.51 34.76 37.91
CA ILE B 695 68.58 34.00 38.73
C ILE B 695 68.61 32.54 38.29
N ILE B 696 68.35 32.28 37.01
CA ILE B 696 68.33 30.94 36.45
C ILE B 696 69.67 30.28 36.73
N LYS B 697 70.74 31.01 36.46
CA LYS B 697 72.07 30.46 36.57
C LYS B 697 72.36 30.06 38.00
N LYS B 698 71.92 30.85 38.98
CA LYS B 698 72.04 30.54 40.40
C LYS B 698 71.22 29.34 40.84
N LEU B 699 70.17 28.95 40.11
CA LEU B 699 69.52 27.69 40.41
C LEU B 699 70.48 26.51 40.22
N GLU B 700 71.41 26.57 39.27
CA GLU B 700 72.39 25.50 39.02
C GLU B 700 71.73 24.13 38.90
N CYS B 701 70.59 24.09 38.20
CA CYS B 701 69.73 22.93 38.18
C CYS B 701 70.55 21.70 37.73
N PRO B 702 70.64 20.65 38.56
CA PRO B 702 71.51 19.51 38.30
C PRO B 702 70.97 18.54 37.24
N ASP B 703 69.76 18.81 36.70
CA ASP B 703 69.18 18.05 35.60
C ASP B 703 69.39 18.80 34.27
N PRO B 704 70.32 18.32 33.41
CA PRO B 704 70.72 19.05 32.23
C PRO B 704 69.60 19.19 31.22
N GLN B 705 68.59 18.34 31.29
CA GLN B 705 67.45 18.37 30.39
C GLN B 705 66.48 19.46 30.84
N ILE B 706 66.22 19.55 32.14
CA ILE B 706 65.49 20.69 32.70
C ILE B 706 66.27 21.97 32.40
N VAL B 707 67.59 21.98 32.58
CA VAL B 707 68.41 23.15 32.19
C VAL B 707 68.27 23.46 30.71
N GLY B 708 68.37 22.46 29.84
CA GLY B 708 68.18 22.66 28.41
C GLY B 708 66.82 23.28 28.14
N HIS B 709 65.77 22.79 28.79
CA HIS B 709 64.45 23.36 28.70
C HIS B 709 64.42 24.83 29.15
N TYR B 710 64.98 25.13 30.32
CA TYR B 710 65.11 26.51 30.78
C TYR B 710 65.83 27.37 29.74
N MET B 711 66.93 26.87 29.21
CA MET B 711 67.77 27.60 28.27
C MET B 711 67.10 27.84 26.96
N ARG B 712 66.37 26.85 26.46
CA ARG B 712 65.55 27.00 25.27
C ARG B 712 64.50 28.05 25.54
N ARG B 713 63.77 27.93 26.65
CA ARG B 713 62.74 28.88 27.02
C ARG B 713 63.33 30.29 27.08
N PHE B 714 64.48 30.43 27.70
CA PHE B 714 65.11 31.71 27.91
C PHE B 714 65.71 32.29 26.63
N ALA B 715 66.33 31.48 25.78
CA ALA B 715 66.87 31.92 24.49
C ALA B 715 65.79 32.59 23.62
N LYS B 716 64.56 32.07 23.70
CA LYS B 716 63.40 32.65 23.05
C LYS B 716 63.14 34.03 23.61
N THR B 717 63.10 34.14 24.93
CA THR B 717 62.98 35.43 25.59
C THR B 717 63.98 36.43 25.03
N ILE B 718 65.23 36.03 24.98
CA ILE B 718 66.32 36.87 24.49
C ILE B 718 66.05 37.28 23.05
N SER B 719 65.79 36.30 22.22
CA SER B 719 65.53 36.53 20.81
C SER B 719 64.38 37.51 20.61
N ASN B 720 63.25 37.28 21.28
CA ASN B 720 62.07 38.12 21.17
C ASN B 720 62.36 39.55 21.57
N VAL B 721 62.95 39.74 22.74
CA VAL B 721 63.29 41.05 23.25
C VAL B 721 64.25 41.78 22.31
N LEU B 722 65.35 41.15 21.93
CA LEU B 722 66.40 41.82 21.16
C LEU B 722 65.99 42.11 19.73
N LEU B 723 65.22 41.24 19.11
CA LEU B 723 64.67 41.53 17.80
C LEU B 723 63.66 42.64 17.89
N GLN B 724 62.83 42.65 18.93
CA GLN B 724 61.89 43.74 19.13
C GLN B 724 62.58 45.08 19.36
N TYR B 725 63.72 45.08 20.08
CA TYR B 725 64.59 46.25 20.11
C TYR B 725 65.04 46.62 18.69
N ALA B 726 65.67 45.68 17.98
CA ALA B 726 66.24 45.90 16.66
C ALA B 726 65.21 46.44 15.68
N ASP B 727 64.00 45.92 15.75
CA ASP B 727 62.86 46.31 14.97
C ASP B 727 62.42 47.74 15.29
N ILE B 728 62.18 48.05 16.57
CA ILE B 728 61.75 49.39 16.99
C ILE B 728 62.75 50.42 16.48
N VAL B 729 64.03 50.13 16.65
CA VAL B 729 65.07 50.96 16.08
C VAL B 729 64.98 51.00 14.58
N SER B 730 64.94 49.86 13.91
CA SER B 730 64.97 49.80 12.45
C SER B 730 63.82 50.59 11.85
N LYS B 731 62.65 50.53 12.48
CA LYS B 731 61.46 51.25 12.03
C LYS B 731 61.62 52.76 12.09
N ASP B 732 62.21 53.27 13.15
CA ASP B 732 62.45 54.70 13.24
C ASP B 732 63.72 55.15 12.51
N PHE B 733 64.63 54.22 12.18
CA PHE B 733 65.97 54.52 11.71
C PHE B 733 66.05 55.54 10.57
N ALA B 734 65.26 55.31 9.53
CA ALA B 734 65.20 56.18 8.37
C ALA B 734 64.78 57.61 8.76
N SER B 735 63.84 57.76 9.70
CA SER B 735 63.43 59.09 10.16
C SER B 735 64.60 59.84 10.81
N TYR B 736 65.58 59.14 11.40
CA TYR B 736 66.78 59.78 11.94
C TYR B 736 67.89 60.02 10.94
N CYS B 737 67.82 59.41 9.76
CA CYS B 737 68.84 59.55 8.72
C CYS B 737 68.84 60.92 8.01
N SER B 738 68.03 61.88 8.47
CA SER B 738 68.05 63.27 8.01
C SER B 738 69.26 64.03 8.55
N LYS B 739 69.65 65.08 7.80
CA LYS B 739 70.97 65.71 7.88
C LYS B 739 71.29 66.36 9.23
N GLU B 740 70.31 66.64 10.06
CA GLU B 740 70.48 67.36 11.32
C GLU B 740 70.84 66.41 12.46
N LYS B 741 70.65 65.10 12.28
CA LYS B 741 70.73 64.09 13.35
C LYS B 741 71.64 62.92 13.02
N GLU B 742 72.64 63.10 12.17
CA GLU B 742 73.59 62.09 11.67
C GLU B 742 74.16 61.18 12.75
N LYS B 743 74.37 61.74 13.93
CA LYS B 743 74.83 61.04 15.11
C LYS B 743 73.85 59.95 15.55
N VAL B 744 72.56 60.23 15.54
CA VAL B 744 71.53 59.33 16.05
C VAL B 744 71.53 58.01 15.30
N PRO B 745 71.47 57.96 13.96
CA PRO B 745 71.68 56.73 13.22
C PRO B 745 72.97 56.02 13.62
N CYS B 746 74.08 56.74 13.75
CA CYS B 746 75.32 56.11 14.18
C CYS B 746 75.13 55.44 15.54
N ILE B 747 74.50 56.13 16.48
CA ILE B 747 74.23 55.62 17.81
C ILE B 747 73.30 54.44 17.79
N LEU B 748 72.26 54.48 16.98
CA LEU B 748 71.35 53.37 16.81
C LEU B 748 72.06 52.15 16.19
N MET B 749 72.92 52.37 15.21
CA MET B 749 73.77 51.32 14.68
C MET B 749 74.67 50.77 15.78
N ASN B 750 75.27 51.65 16.57
CA ASN B 750 76.08 51.25 17.69
C ASN B 750 75.26 50.49 18.73
N ASN B 751 74.00 50.86 18.97
CA ASN B 751 73.14 50.11 19.87
C ASN B 751 73.00 48.71 19.36
N THR B 752 72.65 48.62 18.08
CA THR B 752 72.45 47.36 17.40
C THR B 752 73.68 46.50 17.53
N GLN B 753 74.83 47.09 17.22
CA GLN B 753 76.07 46.39 17.34
C GLN B 753 76.37 46.03 18.80
N GLN B 754 76.05 46.90 19.73
CA GLN B 754 76.22 46.63 21.14
C GLN B 754 75.31 45.49 21.57
N LEU B 755 74.13 45.34 20.94
CA LEU B 755 73.34 44.15 21.16
C LEU B 755 74.13 42.93 20.74
N ARG B 756 74.74 42.94 19.55
CA ARG B 756 75.49 41.78 19.04
C ARG B 756 76.61 41.39 19.97
N VAL B 757 77.30 42.39 20.48
CA VAL B 757 78.41 42.21 21.40
C VAL B 757 77.91 41.63 22.71
N GLN B 758 76.90 42.28 23.30
CA GLN B 758 76.34 41.84 24.56
C GLN B 758 75.64 40.48 24.43
N LEU B 759 75.09 40.18 23.26
CA LEU B 759 74.54 38.89 22.95
C LEU B 759 75.62 37.83 22.87
N GLU B 760 76.77 38.08 22.26
CA GLU B 760 77.87 37.13 22.31
C GLU B 760 78.31 36.90 23.75
N LYS B 761 78.49 37.97 24.54
CA LYS B 761 78.74 37.80 25.98
C LYS B 761 77.69 36.89 26.58
N MET B 762 76.42 37.17 26.30
CA MET B 762 75.32 36.44 26.91
C MET B 762 75.25 35.00 26.43
N PHE B 763 75.56 34.75 25.18
CA PHE B 763 75.68 33.44 24.62
C PHE B 763 76.77 32.67 25.34
N GLU B 764 77.91 33.31 25.58
CA GLU B 764 79.00 32.68 26.29
C GLU B 764 78.67 32.47 27.75
N ALA B 765 77.97 33.42 28.36
CA ALA B 765 77.49 33.34 29.73
C ALA B 765 76.46 32.21 29.88
N MET B 766 75.63 31.98 28.86
CA MET B 766 74.77 30.81 28.71
C MET B 766 75.56 29.54 28.34
N GLY B 767 76.87 29.53 28.55
CA GLY B 767 77.72 28.35 28.38
C GLY B 767 78.38 28.25 27.01
N GLY B 768 78.04 29.16 26.09
CA GLY B 768 78.61 29.16 24.75
C GLY B 768 78.43 27.79 24.08
N LYS B 769 79.54 27.10 23.79
CA LYS B 769 79.55 25.77 23.17
C LYS B 769 78.81 24.73 24.00
N GLU B 770 78.74 24.91 25.31
CA GLU B 770 78.08 24.01 26.23
C GLU B 770 76.58 24.29 26.37
N LEU B 771 76.05 25.33 25.72
CA LEU B 771 74.61 25.58 25.65
C LEU B 771 73.87 24.47 24.88
N ASP B 772 72.61 24.21 25.26
CA ASP B 772 71.69 23.33 24.53
C ASP B 772 71.62 23.67 23.03
N ALA B 773 71.50 22.65 22.18
CA ALA B 773 71.53 22.83 20.74
C ALA B 773 70.45 23.77 20.18
N GLU B 774 69.19 23.71 20.64
CA GLU B 774 68.14 24.61 20.13
C GLU B 774 68.26 26.02 20.69
N ALA B 775 68.66 26.18 21.95
CA ALA B 775 68.98 27.47 22.51
C ALA B 775 70.15 28.12 21.74
N SER B 776 71.23 27.38 21.54
CA SER B 776 72.40 27.79 20.76
C SER B 776 72.04 28.16 19.33
N GLY B 777 71.28 27.29 18.66
CA GLY B 777 70.76 27.56 17.33
C GLY B 777 69.98 28.85 17.31
N THR B 778 69.04 29.02 18.26
CA THR B 778 68.25 30.24 18.43
C THR B 778 69.14 31.47 18.51
N LEU B 779 70.16 31.43 19.35
CA LEU B 779 71.01 32.60 19.55
C LEU B 779 71.95 32.85 18.36
N LYS B 780 72.43 31.81 17.68
CA LYS B 780 73.24 31.94 16.45
C LYS B 780 72.44 32.57 15.33
N GLU B 781 71.21 32.09 15.15
CA GLU B 781 70.19 32.71 14.31
C GLU B 781 70.03 34.19 14.64
N LEU B 782 69.78 34.49 15.92
CA LEU B 782 69.57 35.83 16.39
C LEU B 782 70.77 36.71 16.04
N GLN B 783 71.99 36.22 16.27
CA GLN B 783 73.20 36.96 15.96
C GLN B 783 73.36 37.23 14.47
N VAL B 784 73.04 36.27 13.61
CA VAL B 784 73.07 36.50 12.18
C VAL B 784 71.99 37.50 11.78
N LYS B 785 70.76 37.37 12.29
CA LYS B 785 69.70 38.33 12.01
C LYS B 785 70.11 39.74 12.40
N LEU B 786 70.61 39.89 13.61
CA LEU B 786 71.08 41.17 14.10
C LEU B 786 72.24 41.69 13.23
N ASN B 787 73.18 40.83 12.82
CA ASN B 787 74.22 41.23 11.89
C ASN B 787 73.62 41.85 10.63
N ASN B 788 72.59 41.20 10.13
CA ASN B 788 71.94 41.65 8.93
C ASN B 788 71.20 42.96 9.17
N VAL B 789 70.51 43.11 10.31
CA VAL B 789 69.92 44.40 10.70
C VAL B 789 70.97 45.47 10.62
N LEU B 790 72.13 45.22 11.21
CA LEU B 790 73.20 46.20 11.16
C LEU B 790 73.62 46.52 9.72
N ASP B 791 73.73 45.51 8.86
CA ASP B 791 73.99 45.74 7.44
C ASP B 791 72.90 46.60 6.80
N GLU B 792 71.63 46.33 7.08
CA GLU B 792 70.53 47.11 6.53
C GLU B 792 70.58 48.54 7.04
N LEU B 793 70.70 48.73 8.34
CA LEU B 793 70.83 50.05 8.92
C LEU B 793 72.01 50.78 8.27
N SER B 794 73.14 50.10 8.08
CA SER B 794 74.30 50.70 7.42
C SER B 794 74.01 51.12 6.00
N HIS B 795 73.23 50.32 5.29
CA HIS B 795 72.81 50.63 3.96
C HIS B 795 71.83 51.82 3.96
N VAL B 796 70.84 51.82 4.86
CA VAL B 796 69.83 52.88 4.95
C VAL B 796 70.50 54.22 5.27
N PHE B 797 71.45 54.18 6.19
CA PHE B 797 72.31 55.30 6.50
C PHE B 797 73.11 55.77 5.30
N ALA B 798 73.90 54.90 4.66
CA ALA B 798 74.68 55.28 3.48
C ALA B 798 73.81 55.86 2.35
N THR B 799 72.60 55.34 2.20
CA THR B 799 71.60 55.77 1.22
C THR B 799 71.11 57.18 1.45
N SER B 800 70.95 57.64 2.69
CA SER B 800 70.56 59.03 2.89
C SER B 800 71.63 60.01 2.36
N PHE B 801 72.90 59.58 2.23
CA PHE B 801 73.96 60.35 1.57
C PHE B 801 73.97 60.25 0.05
N GLN B 802 73.27 59.31 -0.55
CA GLN B 802 73.29 59.12 -1.99
C GLN B 802 72.95 60.38 -2.80
N PRO B 803 71.90 61.16 -2.49
CA PRO B 803 71.58 62.37 -3.25
C PRO B 803 72.70 63.40 -3.20
N HIS B 804 73.33 63.53 -2.03
CA HIS B 804 74.47 64.39 -1.84
C HIS B 804 75.68 63.88 -2.62
N ILE B 805 75.94 62.57 -2.61
CA ILE B 805 77.01 61.94 -3.37
C ILE B 805 76.77 62.14 -4.87
N GLU B 806 75.53 62.07 -5.32
CA GLU B 806 75.17 62.31 -6.71
C GLU B 806 75.32 63.76 -7.11
N GLU B 807 74.83 64.67 -6.28
CA GLU B 807 75.06 66.09 -6.46
C GLU B 807 76.55 66.38 -6.52
N CYS B 808 77.32 65.89 -5.53
CA CYS B 808 78.78 66.03 -5.48
C CYS B 808 79.37 65.54 -6.77
N VAL B 809 79.09 64.30 -7.16
CA VAL B 809 79.71 63.70 -8.33
C VAL B 809 79.30 64.41 -9.61
N ARG B 810 78.08 64.94 -9.69
CA ARG B 810 77.71 65.82 -10.78
C ARG B 810 78.56 67.09 -10.74
N GLN B 811 78.78 67.71 -9.59
CA GLN B 811 79.72 68.84 -9.48
C GLN B 811 81.15 68.50 -9.83
N MET B 812 81.63 67.34 -9.40
CA MET B 812 82.92 66.81 -9.79
C MET B 812 82.97 66.71 -11.32
N GLY B 813 81.88 66.26 -11.94
CA GLY B 813 81.70 66.23 -13.39
C GLY B 813 81.67 67.62 -14.04
N ASP B 814 81.00 68.61 -13.44
CA ASP B 814 81.00 70.00 -13.94
C ASP B 814 82.40 70.61 -13.93
N ILE B 815 83.18 70.32 -12.89
CA ILE B 815 84.58 70.73 -12.78
C ILE B 815 85.44 69.99 -13.82
N LEU B 816 85.38 68.65 -13.90
CA LEU B 816 86.17 67.83 -14.85
C LEU B 816 85.88 68.18 -16.32
N SER B 817 84.68 68.68 -16.67
CA SER B 817 84.38 69.13 -18.03
C SER B 817 85.26 70.29 -18.49
N GLN B 818 85.74 71.09 -17.53
CA GLN B 818 86.61 72.23 -17.76
C GLN B 818 88.06 71.79 -17.97
N VAL B 819 88.49 70.68 -17.37
CA VAL B 819 89.73 69.99 -17.75
C VAL B 819 89.44 69.24 -19.04
N LYS B 820 90.21 69.43 -20.09
CA LYS B 820 90.17 68.54 -21.26
C LYS B 820 91.57 67.99 -21.51
N GLY B 821 92.03 67.86 -22.74
CA GLY B 821 93.34 67.31 -23.09
C GLY B 821 94.39 68.39 -22.96
N THR B 822 94.78 68.71 -21.73
CA THR B 822 95.23 70.08 -21.45
C THR B 822 96.65 70.44 -21.84
N GLY B 823 97.45 69.54 -22.40
CA GLY B 823 98.75 69.92 -23.00
C GLY B 823 98.66 71.05 -24.04
N ASN B 824 97.45 71.34 -24.53
CA ASN B 824 97.14 72.48 -25.41
C ASN B 824 95.96 73.31 -24.87
N VAL B 825 95.88 73.53 -23.55
CA VAL B 825 94.83 74.30 -22.85
C VAL B 825 95.47 75.12 -21.70
N PRO B 826 94.95 76.31 -21.30
CA PRO B 826 95.54 77.18 -20.28
C PRO B 826 95.82 76.55 -18.89
N ALA B 827 96.75 77.13 -18.13
CA ALA B 827 97.31 76.61 -16.87
C ALA B 827 96.35 76.46 -15.65
N SER B 828 95.09 76.88 -15.75
CA SER B 828 94.03 76.52 -14.76
C SER B 828 93.41 75.14 -15.03
N ALA B 829 93.64 74.59 -16.21
CA ALA B 829 93.18 73.28 -16.64
C ALA B 829 94.36 72.41 -17.16
N CYS B 830 95.44 73.00 -17.68
CA CYS B 830 96.78 72.40 -17.61
C CYS B 830 97.48 72.71 -16.28
N SER B 831 96.69 73.14 -15.30
CA SER B 831 96.92 72.95 -13.88
C SER B 831 97.35 71.49 -13.64
N SER B 832 98.23 71.24 -12.66
CA SER B 832 98.83 69.91 -12.53
C SER B 832 97.75 68.85 -12.38
N VAL B 833 98.09 67.63 -12.79
CA VAL B 833 97.18 66.51 -12.67
C VAL B 833 96.65 66.39 -11.23
N ALA B 834 97.52 66.64 -10.24
CA ALA B 834 97.16 66.69 -8.83
C ALA B 834 96.16 67.80 -8.50
N GLN B 835 96.44 69.03 -8.91
CA GLN B 835 95.58 70.17 -8.59
C GLN B 835 94.20 70.05 -9.25
N ASP B 836 94.14 69.59 -10.49
CA ASP B 836 92.86 69.28 -11.12
C ASP B 836 92.11 68.17 -10.39
N ALA B 837 92.80 67.11 -9.97
CA ALA B 837 92.19 66.07 -9.16
C ALA B 837 91.62 66.62 -7.86
N ASP B 838 92.37 67.48 -7.17
CA ASP B 838 91.89 68.15 -5.96
C ASP B 838 90.67 69.05 -6.23
N ASN B 839 90.67 69.84 -7.31
CA ASN B 839 89.53 70.69 -7.67
C ASN B 839 88.30 69.84 -7.95
N VAL B 840 88.48 68.85 -8.82
CA VAL B 840 87.47 67.87 -9.16
C VAL B 840 86.92 67.25 -7.90
N LEU B 841 87.78 66.80 -6.99
CA LEU B 841 87.39 66.19 -5.73
C LEU B 841 86.74 67.15 -4.73
N GLN B 842 86.87 68.47 -4.88
CA GLN B 842 86.51 69.34 -3.77
C GLN B 842 85.06 69.21 -3.27
N PRO B 843 84.06 69.15 -4.17
CA PRO B 843 82.68 68.91 -3.77
C PRO B 843 82.52 67.69 -2.86
N ILE B 844 83.15 66.56 -3.21
CA ILE B 844 83.02 65.32 -2.44
C ILE B 844 83.93 65.29 -1.22
N MET B 845 85.06 66.00 -1.22
CA MET B 845 85.97 65.99 -0.08
C MET B 845 85.47 66.84 1.07
N ASP B 846 84.69 67.88 0.78
CA ASP B 846 83.92 68.58 1.80
C ASP B 846 82.97 67.63 2.52
N LEU B 847 82.26 66.81 1.75
CA LEU B 847 81.41 65.77 2.29
C LEU B 847 82.26 64.75 3.08
N LEU B 848 83.21 64.10 2.41
CA LEU B 848 83.92 62.94 2.92
C LEU B 848 84.71 63.26 4.17
N ASP B 849 85.55 64.29 4.14
CA ASP B 849 86.47 64.52 5.25
C ASP B 849 85.72 64.66 6.56
N SER B 850 84.73 65.56 6.53
CA SER B 850 83.89 65.87 7.68
C SER B 850 83.14 64.62 8.15
N ASN B 851 82.41 63.96 7.25
CA ASN B 851 81.53 62.87 7.61
C ASN B 851 82.34 61.66 8.04
N LEU B 852 83.35 61.27 7.27
CA LEU B 852 84.14 60.10 7.60
C LEU B 852 84.90 60.34 8.89
N THR B 853 85.40 61.54 9.13
CA THR B 853 86.05 61.80 10.43
C THR B 853 85.04 61.78 11.58
N LEU B 854 83.83 62.33 11.40
CA LEU B 854 82.77 62.23 12.41
C LEU B 854 82.38 60.77 12.69
N PHE B 855 82.07 59.99 11.65
CA PHE B 855 81.72 58.57 11.76
C PHE B 855 82.86 57.79 12.39
N ALA B 856 84.10 58.04 11.99
CA ALA B 856 85.24 57.34 12.56
C ALA B 856 85.32 57.49 14.07
N LYS B 857 84.91 58.66 14.58
CA LYS B 857 84.70 58.87 16.01
C LYS B 857 83.47 58.10 16.50
N ILE B 858 82.28 58.51 16.04
CA ILE B 858 81.03 58.17 16.73
C ILE B 858 80.50 56.78 16.39
N CYS B 859 80.99 56.15 15.34
CA CYS B 859 80.67 54.79 15.00
C CYS B 859 81.67 53.86 15.65
N GLU B 860 81.14 52.81 16.26
CA GLU B 860 81.94 51.65 16.59
C GLU B 860 82.59 51.09 15.31
N LYS B 861 83.74 50.42 15.41
CA LYS B 861 84.55 50.07 14.23
C LYS B 861 83.86 49.14 13.25
N THR B 862 83.08 48.19 13.74
CA THR B 862 82.16 47.37 12.92
C THR B 862 81.13 48.24 12.17
N VAL B 863 80.52 49.22 12.85
CA VAL B 863 79.53 50.16 12.28
C VAL B 863 80.16 50.99 11.18
N LEU B 864 81.33 51.58 11.48
CA LEU B 864 82.10 52.39 10.55
C LEU B 864 82.42 51.62 9.28
N LYS B 865 83.02 50.43 9.38
CA LYS B 865 83.40 49.60 8.21
C LYS B 865 82.22 49.33 7.29
N ARG B 866 81.07 48.98 7.87
CA ARG B 866 79.84 48.71 7.11
C ARG B 866 79.34 49.96 6.41
N VAL B 867 79.25 51.08 7.15
CA VAL B 867 78.93 52.40 6.59
C VAL B 867 79.86 52.74 5.43
N LEU B 868 81.16 52.60 5.63
CA LEU B 868 82.18 52.91 4.63
C LEU B 868 82.06 52.04 3.39
N LYS B 869 81.81 50.73 3.51
CA LYS B 869 81.62 49.88 2.32
C LYS B 869 80.44 50.36 1.51
N GLU B 870 79.32 50.61 2.19
CA GLU B 870 78.11 51.11 1.54
C GLU B 870 78.32 52.49 0.90
N LEU B 871 79.08 53.38 1.54
CA LEU B 871 79.46 54.66 0.96
C LEU B 871 80.48 54.55 -0.20
N TRP B 872 81.49 53.68 -0.10
CA TRP B 872 82.50 53.45 -1.14
C TRP B 872 81.89 52.98 -2.45
N LYS B 873 81.09 51.92 -2.36
CA LYS B 873 80.28 51.40 -3.45
C LYS B 873 79.48 52.52 -4.11
N LEU B 874 78.75 53.25 -3.28
CA LEU B 874 77.90 54.36 -3.71
C LEU B 874 78.71 55.43 -4.43
N VAL B 875 79.86 55.85 -3.91
CA VAL B 875 80.76 56.77 -4.61
C VAL B 875 81.25 56.18 -5.92
N MET B 876 81.86 54.99 -5.91
CA MET B 876 82.40 54.34 -7.10
C MET B 876 81.38 54.24 -8.22
N ASN B 877 80.20 53.73 -7.88
CA ASN B 877 79.11 53.58 -8.82
C ASN B 877 78.64 54.94 -9.32
N THR B 878 78.49 55.91 -8.42
CA THR B 878 78.07 57.26 -8.80
C THR B 878 79.07 57.88 -9.76
N MET B 879 80.36 57.79 -9.48
CA MET B 879 81.41 58.26 -10.38
C MET B 879 81.42 57.54 -11.72
N GLU B 880 81.25 56.24 -11.70
CA GLU B 880 81.16 55.46 -12.93
C GLU B 880 80.03 55.93 -13.81
N ARG B 881 78.83 56.02 -13.23
CA ARG B 881 77.61 56.41 -13.91
C ARG B 881 77.64 57.88 -14.34
N THR B 882 77.88 58.77 -13.39
CA THR B 882 77.77 60.22 -13.56
C THR B 882 78.96 60.81 -14.30
N ILE B 883 80.17 60.29 -14.09
CA ILE B 883 81.38 60.87 -14.72
C ILE B 883 81.85 60.03 -15.89
N VAL B 884 82.10 58.73 -15.70
CA VAL B 884 82.82 57.98 -16.74
C VAL B 884 81.91 57.55 -17.87
N LEU B 885 80.67 57.15 -17.57
CA LEU B 885 79.70 56.71 -18.57
C LEU B 885 78.40 57.53 -18.48
N PRO B 886 78.47 58.86 -18.68
CA PRO B 886 77.31 59.74 -18.60
C PRO B 886 76.33 59.40 -19.73
N PRO B 887 75.03 59.23 -19.45
CA PRO B 887 74.06 58.73 -20.44
C PRO B 887 73.94 59.63 -21.67
N GLU B 888 74.16 60.92 -21.52
CA GLU B 888 74.23 61.86 -22.64
C GLU B 888 75.36 61.56 -23.66
N PHE B 889 76.39 60.79 -23.34
CA PHE B 889 77.38 60.36 -24.33
C PHE B 889 76.88 59.21 -25.23
N LEU B 890 75.77 58.56 -24.87
CA LEU B 890 74.98 57.88 -25.89
C LEU B 890 74.61 58.93 -26.94
N SER B 891 73.89 59.97 -26.51
CA SER B 891 73.37 61.02 -27.38
C SER B 891 74.45 61.65 -28.27
N LYS B 892 75.59 62.05 -27.68
CA LYS B 892 76.56 62.94 -28.35
C LYS B 892 77.65 62.26 -29.20
N LEU B 893 77.78 60.92 -29.21
CA LEU B 893 78.48 60.20 -30.31
C LEU B 893 78.27 58.68 -30.42
N LYS B 894 77.54 58.01 -29.53
CA LYS B 894 77.00 56.68 -29.87
C LYS B 894 75.88 56.86 -30.89
N ASP B 895 74.96 57.75 -30.52
CA ASP B 895 73.71 58.07 -31.18
C ASP B 895 73.90 59.18 -32.23
N HIS B 896 72.78 59.51 -32.87
CA HIS B 896 72.68 60.42 -34.01
C HIS B 896 72.59 61.93 -33.64
N MET B 897 72.51 62.32 -32.36
CA MET B 897 71.94 63.64 -31.98
C MET B 897 72.77 64.88 -32.34
N VAL B 898 74.10 64.80 -32.32
CA VAL B 898 75.00 65.96 -32.52
C VAL B 898 76.25 65.51 -33.30
N ARG B 899 76.64 66.19 -34.39
CA ARG B 899 77.86 65.96 -35.21
C ARG B 899 79.15 66.50 -34.57
N GLU B 900 79.17 66.52 -33.24
CA GLU B 900 80.30 66.88 -32.38
C GLU B 900 81.23 65.68 -32.25
N GLU B 901 82.49 65.91 -31.91
CA GLU B 901 83.45 64.82 -31.68
C GLU B 901 83.28 64.19 -30.28
N ALA B 902 82.20 64.53 -29.57
CA ALA B 902 81.88 64.40 -28.13
C ALA B 902 82.92 64.91 -27.12
N LYS B 903 84.20 64.95 -27.51
CA LYS B 903 85.40 64.99 -26.67
C LYS B 903 85.42 63.82 -25.69
N SER B 904 86.30 62.87 -25.96
CA SER B 904 86.57 61.74 -25.08
C SER B 904 86.96 62.19 -23.68
N LEU B 905 86.99 61.26 -22.73
CA LEU B 905 87.89 61.44 -21.61
C LEU B 905 89.30 61.49 -22.18
N THR B 906 89.87 62.70 -22.21
CA THR B 906 91.21 63.01 -22.75
C THR B 906 92.29 62.45 -21.83
N PRO B 907 93.54 62.19 -22.25
CA PRO B 907 94.57 61.58 -21.39
C PRO B 907 94.69 62.29 -20.05
N LYS B 908 94.66 63.63 -20.09
CA LYS B 908 94.62 64.45 -18.90
C LYS B 908 93.38 64.25 -18.03
N GLN B 909 92.17 64.16 -18.58
CA GLN B 909 90.98 63.83 -17.79
C GLN B 909 90.89 62.35 -17.41
N CYS B 910 91.67 61.46 -18.03
CA CYS B 910 91.80 60.07 -17.61
C CYS B 910 92.67 59.98 -16.37
N ALA B 911 93.87 60.56 -16.48
CA ALA B 911 94.54 61.11 -15.32
C ALA B 911 93.59 62.16 -14.71
N VAL B 912 93.92 62.80 -13.59
CA VAL B 912 92.90 63.55 -12.83
C VAL B 912 91.85 62.63 -12.21
N VAL B 913 91.08 61.89 -13.00
CA VAL B 913 90.14 60.88 -12.50
C VAL B 913 90.90 59.74 -11.85
N GLU B 914 91.86 59.10 -12.51
CA GLU B 914 92.64 58.00 -11.89
C GLU B 914 93.33 58.46 -10.59
N LEU B 915 93.69 59.74 -10.51
CA LEU B 915 94.26 60.31 -9.30
C LEU B 915 93.22 60.70 -8.24
N ALA B 916 92.10 61.26 -8.65
CA ALA B 916 90.96 61.51 -7.80
C ALA B 916 90.52 60.20 -7.14
N LEU B 917 90.47 59.11 -7.91
CA LEU B 917 90.14 57.77 -7.45
C LEU B 917 91.18 57.23 -6.46
N ASP B 918 92.47 57.37 -6.73
CA ASP B 918 93.48 56.95 -5.75
C ASP B 918 93.33 57.75 -4.44
N THR B 919 92.99 59.03 -4.52
CA THR B 919 92.72 59.87 -3.36
C THR B 919 91.47 59.46 -2.61
N ILE B 920 90.38 59.18 -3.32
CA ILE B 920 89.15 58.67 -2.73
C ILE B 920 89.45 57.35 -2.03
N LYS B 921 90.19 56.46 -2.68
CA LYS B 921 90.66 55.18 -2.12
C LYS B 921 91.49 55.41 -0.86
N GLN B 922 92.42 56.36 -0.87
CA GLN B 922 93.19 56.72 0.32
C GLN B 922 92.29 57.29 1.42
N TYR B 923 91.31 58.10 1.04
CA TYR B 923 90.31 58.62 1.95
C TYR B 923 89.50 57.51 2.59
N PHE B 924 88.95 56.61 1.79
CA PHE B 924 88.21 55.46 2.28
C PHE B 924 89.10 54.49 3.02
N HIS B 925 90.39 54.43 2.72
CA HIS B 925 91.34 53.70 3.50
C HIS B 925 91.63 54.35 4.84
N ALA B 926 91.64 55.68 4.86
CA ALA B 926 91.88 56.53 6.01
C ALA B 926 93.06 56.02 6.84
N GLY B 927 94.18 55.71 6.19
CA GLY B 927 95.36 55.22 6.89
C GLY B 927 95.09 53.98 7.73
N GLY B 928 94.25 53.06 7.25
CA GLY B 928 93.87 51.86 7.99
C GLY B 928 92.67 52.04 8.91
N VAL B 929 92.21 53.26 9.16
CA VAL B 929 91.03 53.49 10.01
C VAL B 929 89.74 53.17 9.28
N GLY B 930 89.78 53.36 7.96
CA GLY B 930 88.74 52.94 7.06
C GLY B 930 89.08 51.61 6.40
N LEU B 931 88.56 51.42 5.19
CA LEU B 931 88.56 50.17 4.45
C LEU B 931 89.97 49.73 4.03
N LYS B 932 90.26 48.44 4.12
CA LYS B 932 91.57 47.92 3.76
C LYS B 932 91.88 48.27 2.32
N LYS B 933 93.13 48.64 2.02
CA LYS B 933 93.59 48.84 0.63
C LYS B 933 93.22 47.65 -0.25
N THR B 934 93.35 46.45 0.31
CA THR B 934 93.01 45.18 -0.36
C THR B 934 91.53 45.09 -0.79
N PHE B 935 90.57 45.44 0.07
CA PHE B 935 89.14 45.53 -0.30
C PHE B 935 88.94 46.56 -1.41
N LEU B 936 89.59 47.71 -1.26
CA LEU B 936 89.43 48.80 -2.20
C LEU B 936 89.99 48.44 -3.57
N GLU B 937 91.18 47.86 -3.65
CA GLU B 937 91.80 47.42 -4.90
C GLU B 937 91.01 46.28 -5.57
N LYS B 938 90.59 45.29 -4.79
CA LYS B 938 89.74 44.20 -5.29
C LYS B 938 88.31 44.65 -5.53
N SER B 939 87.95 45.90 -5.20
CA SER B 939 86.58 46.35 -5.32
C SER B 939 86.15 46.20 -6.76
N PRO B 940 85.09 45.42 -7.01
CA PRO B 940 84.54 45.30 -8.34
C PRO B 940 84.05 46.66 -8.84
N ASP B 941 83.59 47.52 -7.95
CA ASP B 941 83.13 48.86 -8.25
C ASP B 941 84.26 49.70 -8.84
N LEU B 942 85.42 49.66 -8.16
CA LEU B 942 86.62 50.25 -8.68
C LEU B 942 87.10 49.57 -9.96
N GLN B 943 87.14 48.25 -10.01
CA GLN B 943 87.60 47.53 -11.20
C GLN B 943 86.73 47.87 -12.41
N SER B 944 85.42 47.93 -12.24
CA SER B 944 84.49 48.35 -13.28
C SER B 944 84.79 49.77 -13.73
N LEU B 945 84.96 50.67 -12.77
CA LEU B 945 85.29 52.06 -13.08
C LEU B 945 86.61 52.15 -13.89
N ARG B 946 87.65 51.45 -13.45
CA ARG B 946 88.93 51.32 -14.16
C ARG B 946 88.77 50.75 -15.56
N TYR B 947 87.90 49.76 -15.73
CA TYR B 947 87.69 49.16 -17.03
C TYR B 947 87.15 50.18 -18.00
N ALA B 948 86.04 50.84 -17.65
CA ALA B 948 85.43 51.88 -18.48
C ALA B 948 86.46 52.95 -18.85
N LEU B 949 87.23 53.40 -17.86
CA LEU B 949 88.32 54.32 -18.08
C LEU B 949 89.35 53.77 -19.06
N SER B 950 89.79 52.53 -18.90
CA SER B 950 90.78 51.94 -19.78
C SER B 950 90.31 51.98 -21.24
N LEU B 951 89.01 51.81 -21.49
CA LEU B 951 88.47 51.80 -22.84
C LEU B 951 88.72 53.14 -23.55
N TYR B 952 88.54 54.25 -22.84
CA TYR B 952 88.60 55.59 -23.39
C TYR B 952 89.96 55.96 -24.02
N THR B 953 91.05 55.26 -23.68
CA THR B 953 92.37 55.50 -24.28
C THR B 953 92.81 54.39 -25.22
N GLN B 954 92.10 53.27 -25.29
CA GLN B 954 92.59 52.08 -25.99
C GLN B 954 92.67 52.23 -27.50
N ALA B 955 93.66 51.56 -28.10
CA ALA B 955 93.96 51.63 -29.53
C ALA B 955 92.77 51.11 -30.34
N THR B 956 92.68 51.57 -31.58
CA THR B 956 91.59 51.23 -32.48
C THR B 956 91.47 49.73 -32.68
N ASP B 957 92.57 49.05 -33.02
CA ASP B 957 92.55 47.60 -33.18
C ASP B 957 92.15 46.90 -31.89
N LEU B 958 92.58 47.41 -30.74
CA LEU B 958 92.31 46.79 -29.48
C LEU B 958 90.84 46.95 -29.09
N LEU B 959 90.30 48.14 -29.30
CA LEU B 959 88.87 48.40 -29.24
C LEU B 959 88.12 47.45 -30.17
N ILE B 960 88.56 47.28 -31.41
CA ILE B 960 87.89 46.41 -32.39
C ILE B 960 87.98 44.94 -31.97
N LYS B 961 89.15 44.45 -31.55
CA LYS B 961 89.29 43.11 -30.99
C LYS B 961 88.35 42.93 -29.81
N THR B 962 88.32 43.90 -28.92
CA THR B 962 87.46 43.91 -27.75
C THR B 962 86.01 43.78 -28.18
N PHE B 963 85.60 44.56 -29.18
CA PHE B 963 84.28 44.45 -29.73
C PHE B 963 84.01 43.01 -30.18
N VAL B 964 84.86 42.41 -31.02
CA VAL B 964 84.61 41.04 -31.52
C VAL B 964 84.57 40.02 -30.39
N GLN B 965 85.51 40.10 -29.45
CA GLN B 965 85.54 39.18 -28.32
C GLN B 965 84.34 39.35 -27.37
N THR B 966 83.81 40.58 -27.23
CA THR B 966 82.69 40.89 -26.29
C THR B 966 81.31 40.71 -26.90
N GLN B 967 81.13 41.12 -28.15
CA GLN B 967 79.89 41.00 -28.90
C GLN B 967 79.62 39.53 -29.34
N SER B 968 79.95 38.54 -28.50
CA SER B 968 79.79 37.10 -28.79
C SER B 968 78.37 36.76 -29.27
N ALA B 969 77.37 37.45 -28.72
CA ALA B 969 75.97 37.31 -29.11
C ALA B 969 75.63 37.79 -30.54
N GLN B 970 76.52 38.49 -31.25
CA GLN B 970 76.39 38.72 -32.70
C GLN B 970 76.80 37.46 -33.50
N GLY B 971 76.20 36.32 -33.16
CA GLY B 971 76.41 35.02 -33.80
C GLY B 971 75.57 33.89 -33.16
N SER B 972 74.26 34.11 -32.98
CA SER B 972 73.34 33.11 -32.39
C SER B 972 71.84 33.29 -32.72
N GLY B 973 71.52 33.82 -33.90
CA GLY B 973 70.15 34.04 -34.41
C GLY B 973 69.73 35.50 -34.40
N VAL B 974 69.66 36.11 -35.57
CA VAL B 974 69.00 37.41 -35.80
C VAL B 974 67.53 37.28 -35.42
N GLU B 975 66.97 38.31 -34.81
CA GLU B 975 65.53 38.36 -34.52
C GLU B 975 64.84 39.42 -35.40
N ASP B 976 63.65 39.08 -35.92
CA ASP B 976 63.02 39.69 -37.10
C ASP B 976 63.92 39.76 -38.36
N PRO B 977 64.23 38.60 -38.97
CA PRO B 977 65.05 38.54 -40.18
C PRO B 977 64.39 39.15 -41.42
N VAL B 978 65.19 39.61 -42.38
CA VAL B 978 64.79 40.27 -43.63
C VAL B 978 65.16 39.49 -44.87
N GLY B 979 65.32 38.20 -44.68
CA GLY B 979 65.87 37.27 -45.63
C GLY B 979 66.96 36.46 -45.00
N GLU B 980 67.66 35.71 -45.84
CA GLU B 980 68.78 34.88 -45.45
C GLU B 980 69.79 34.75 -46.58
N VAL B 981 71.01 34.36 -46.24
CA VAL B 981 72.07 34.12 -47.20
C VAL B 981 72.64 32.76 -46.94
N SER B 982 72.64 31.94 -47.97
CA SER B 982 73.45 30.74 -47.99
C SER B 982 74.88 31.09 -48.32
N VAL B 983 75.77 30.78 -47.38
CA VAL B 983 77.20 30.80 -47.60
C VAL B 983 77.76 29.42 -47.31
N HIS B 984 78.77 29.05 -48.07
CA HIS B 984 79.72 28.05 -47.61
C HIS B 984 81.04 28.74 -47.35
N VAL B 985 81.61 28.54 -46.16
CA VAL B 985 82.82 29.23 -45.71
C VAL B 985 83.87 28.20 -45.36
N GLU B 986 85.09 28.40 -45.84
CA GLU B 986 86.23 27.58 -45.50
C GLU B 986 87.28 28.48 -44.90
N LEU B 987 87.43 28.34 -43.59
CA LEU B 987 88.65 28.78 -42.96
C LEU B 987 89.75 27.88 -43.50
N PHE B 988 90.78 28.52 -44.03
CA PHE B 988 92.04 27.88 -44.25
C PHE B 988 93.04 28.60 -43.37
N THR B 989 93.45 27.94 -42.28
CA THR B 989 94.76 28.14 -41.70
C THR B 989 95.66 27.73 -42.84
N HIS B 990 96.04 28.77 -43.56
CA HIS B 990 96.36 28.72 -44.95
C HIS B 990 97.43 27.67 -45.14
N PRO B 991 97.13 26.55 -45.84
CA PRO B 991 98.06 25.43 -45.86
C PRO B 991 99.41 25.83 -46.46
N GLY B 992 99.44 26.89 -47.27
CA GLY B 992 100.67 27.48 -47.80
C GLY B 992 101.43 28.43 -46.86
N THR B 993 100.88 28.90 -45.73
CA THR B 993 101.57 29.93 -44.91
C THR B 993 101.37 29.86 -43.39
N GLY B 994 100.34 29.20 -42.85
CA GLY B 994 100.00 29.31 -41.42
C GLY B 994 99.45 30.70 -41.02
N GLU B 995 99.25 31.64 -41.97
CA GLU B 995 98.28 32.73 -41.80
C GLU B 995 96.87 32.13 -41.77
N GLN B 996 95.85 32.95 -41.57
CA GLN B 996 94.49 32.54 -41.86
C GLN B 996 93.93 33.34 -43.01
N LYS B 997 93.35 32.57 -43.93
CA LYS B 997 92.61 33.05 -45.06
C LYS B 997 91.21 32.49 -44.91
N VAL B 998 90.23 33.22 -45.41
CA VAL B 998 88.82 32.87 -45.25
C VAL B 998 88.23 32.87 -46.63
N THR B 999 88.02 31.67 -47.15
CA THR B 999 87.25 31.55 -48.36
C THR B 999 85.78 31.68 -47.99
N VAL B 1000 85.02 32.48 -48.73
CA VAL B 1000 83.57 32.66 -48.54
C VAL B 1000 82.90 32.45 -49.89
N LYS B 1001 82.35 31.26 -50.13
CA LYS B 1001 81.43 31.00 -51.23
C LYS B 1001 80.04 31.52 -50.89
N VAL B 1002 79.67 32.67 -51.44
CA VAL B 1002 78.30 33.18 -51.46
C VAL B 1002 77.49 32.39 -52.46
N VAL B 1003 76.66 31.48 -51.96
CA VAL B 1003 75.87 30.57 -52.79
C VAL B 1003 74.64 31.27 -53.32
N ALA B 1004 73.84 31.87 -52.43
CA ALA B 1004 72.56 32.49 -52.73
C ALA B 1004 72.07 33.39 -51.59
N ALA B 1005 71.08 34.22 -51.86
CA ALA B 1005 70.15 34.74 -50.85
C ALA B 1005 68.72 34.27 -51.13
N ASN B 1006 67.86 34.38 -50.11
CA ASN B 1006 66.47 33.92 -50.12
C ASN B 1006 65.62 34.76 -49.17
N ASP B 1007 64.31 34.82 -49.44
CA ASP B 1007 63.33 35.53 -48.61
C ASP B 1007 63.67 36.99 -48.30
N LEU B 1008 64.36 37.66 -49.21
CA LEU B 1008 64.70 39.04 -49.07
C LEU B 1008 63.43 39.90 -48.97
N LYS B 1009 63.17 40.48 -47.81
CA LYS B 1009 62.01 41.34 -47.60
C LYS B 1009 62.29 42.67 -48.27
N TRP B 1010 62.11 42.73 -49.58
CA TRP B 1010 62.47 43.91 -50.36
C TRP B 1010 61.69 43.95 -51.67
N GLN B 1011 60.39 43.65 -51.64
CA GLN B 1011 59.55 43.84 -52.81
C GLN B 1011 59.39 45.35 -53.06
N THR B 1012 60.31 45.88 -53.86
CA THR B 1012 60.60 47.31 -53.97
C THR B 1012 59.72 48.05 -54.97
N SER B 1013 59.62 49.36 -54.81
CA SER B 1013 59.06 50.33 -55.78
C SER B 1013 59.96 50.54 -57.02
N GLY B 1014 60.48 49.48 -57.62
CA GLY B 1014 61.32 49.54 -58.83
C GLY B 1014 61.95 48.21 -59.22
N ILE B 1015 62.98 48.27 -60.06
CA ILE B 1015 63.80 47.10 -60.35
C ILE B 1015 64.65 46.81 -59.13
N PHE B 1016 64.33 45.73 -58.43
CA PHE B 1016 65.24 45.20 -57.44
C PHE B 1016 66.48 44.63 -58.13
N ARG B 1017 67.69 44.93 -57.69
CA ARG B 1017 68.95 44.43 -58.27
C ARG B 1017 69.89 43.99 -57.16
N PRO B 1018 69.52 43.01 -56.33
CA PRO B 1018 70.32 42.62 -55.20
C PRO B 1018 71.71 42.16 -55.60
N PHE B 1019 72.68 42.57 -54.80
CA PHE B 1019 74.00 41.99 -54.69
C PHE B 1019 74.35 41.85 -53.22
N ILE B 1020 75.32 41.00 -52.92
CA ILE B 1020 75.75 40.73 -51.56
C ILE B 1020 77.14 41.25 -51.39
N GLU B 1021 77.26 42.30 -50.61
CA GLU B 1021 78.51 42.64 -50.01
C GLU B 1021 78.90 41.64 -48.92
N VAL B 1022 80.14 41.18 -48.90
CA VAL B 1022 80.71 40.47 -47.75
C VAL B 1022 81.84 41.33 -47.20
N ASN B 1023 81.86 41.53 -45.89
CA ASN B 1023 82.93 42.22 -45.19
C ASN B 1023 83.51 41.31 -44.13
N ILE B 1024 84.82 41.31 -43.96
CA ILE B 1024 85.46 40.76 -42.78
C ILE B 1024 85.61 41.85 -41.72
N VAL B 1025 85.49 41.49 -40.45
CA VAL B 1025 85.71 42.38 -39.30
C VAL B 1025 86.58 41.71 -38.27
N GLY B 1026 87.48 42.49 -37.69
CA GLY B 1026 88.43 42.12 -36.66
C GLY B 1026 89.66 43.03 -36.70
N PRO B 1027 90.65 42.77 -35.86
CA PRO B 1027 91.81 43.63 -35.75
C PRO B 1027 92.75 43.48 -36.96
N GLN B 1028 93.63 44.47 -37.13
CA GLN B 1028 94.73 44.50 -38.11
C GLN B 1028 94.26 44.25 -39.55
N LEU B 1029 93.33 45.06 -40.04
CA LEU B 1029 92.79 44.90 -41.39
C LEU B 1029 93.03 46.13 -42.30
N SER B 1030 93.74 47.14 -41.82
CA SER B 1030 94.06 48.37 -42.56
C SER B 1030 94.75 48.14 -43.91
N ASP B 1031 95.66 47.17 -43.95
CA ASP B 1031 96.47 46.76 -45.10
C ASP B 1031 95.77 45.75 -46.01
N LYS B 1032 94.53 45.37 -45.68
CA LYS B 1032 93.80 44.26 -46.30
C LYS B 1032 92.46 44.69 -46.90
N LYS B 1033 92.05 43.96 -47.93
CA LYS B 1033 90.76 44.11 -48.59
C LYS B 1033 89.64 43.65 -47.65
N ARG B 1034 89.01 44.60 -46.98
CA ARG B 1034 87.95 44.34 -46.00
C ARG B 1034 86.60 43.96 -46.60
N LYS B 1035 86.39 44.28 -47.87
CA LYS B 1035 85.11 44.20 -48.56
C LYS B 1035 85.22 43.40 -49.85
N PHE B 1036 84.21 42.59 -50.15
CA PHE B 1036 83.89 42.03 -51.48
C PHE B 1036 82.42 42.26 -51.75
N ALA B 1037 82.01 42.09 -53.00
CA ALA B 1037 80.60 42.04 -53.37
C ALA B 1037 80.35 41.00 -54.47
N THR B 1038 79.22 40.32 -54.43
CA THR B 1038 78.76 39.55 -55.59
C THR B 1038 78.41 40.48 -56.74
N LYS B 1039 78.27 39.94 -57.94
CA LYS B 1039 77.51 40.62 -58.98
C LYS B 1039 76.10 40.90 -58.46
N SER B 1040 75.39 41.81 -59.11
CA SER B 1040 73.96 41.97 -58.89
C SER B 1040 73.13 40.97 -59.71
N LYS B 1041 71.90 40.70 -59.28
CA LYS B 1041 70.89 39.93 -60.01
C LYS B 1041 69.61 40.73 -60.14
N ASN B 1042 69.09 40.88 -61.35
CA ASN B 1042 67.86 41.62 -61.58
C ASN B 1042 66.66 40.88 -60.97
N ASN B 1043 65.73 41.65 -60.42
CA ASN B 1043 64.38 41.31 -60.01
C ASN B 1043 64.22 39.96 -59.28
N SER B 1044 65.13 39.68 -58.35
CA SER B 1044 65.27 38.34 -57.79
C SER B 1044 65.41 38.38 -56.27
N TRP B 1045 64.30 38.15 -55.55
CA TRP B 1045 64.25 37.99 -54.08
C TRP B 1045 64.93 36.72 -53.54
N ALA B 1046 65.30 35.80 -54.43
CA ALA B 1046 66.08 34.60 -54.12
C ALA B 1046 67.30 34.43 -55.04
N PRO B 1047 68.17 35.44 -55.14
CA PRO B 1047 69.24 35.45 -56.12
C PRO B 1047 70.31 34.45 -55.75
N LYS B 1048 70.65 33.59 -56.69
CA LYS B 1048 71.84 32.74 -56.60
C LYS B 1048 73.06 33.55 -57.05
N TYR B 1049 74.23 33.21 -56.53
CA TYR B 1049 75.48 33.87 -56.85
C TYR B 1049 76.58 32.89 -57.15
N ASN B 1050 76.79 31.91 -56.26
CA ASN B 1050 77.90 30.97 -56.38
C ASN B 1050 79.27 31.66 -56.50
N GLU B 1051 79.48 32.81 -55.85
CA GLU B 1051 80.72 33.58 -55.95
C GLU B 1051 81.60 33.39 -54.72
N SER B 1052 82.87 33.02 -54.92
CA SER B 1052 83.79 32.68 -53.84
C SER B 1052 84.85 33.75 -53.60
N PHE B 1053 84.84 34.38 -52.43
CA PHE B 1053 85.79 35.42 -52.01
C PHE B 1053 86.85 34.85 -51.08
N GLN B 1054 87.97 35.55 -50.87
CA GLN B 1054 89.07 35.06 -50.03
C GLN B 1054 89.67 36.19 -49.21
N PHE B 1055 89.13 36.44 -48.04
CA PHE B 1055 89.74 37.40 -47.12
C PHE B 1055 91.04 36.86 -46.61
N SER B 1056 91.93 37.77 -46.27
CA SER B 1056 93.03 37.45 -45.37
C SER B 1056 92.68 38.00 -43.99
N LEU B 1057 92.86 37.18 -42.96
CA LEU B 1057 92.96 37.67 -41.61
C LEU B 1057 94.38 38.15 -41.36
N SER B 1058 94.64 38.74 -40.21
CA SER B 1058 96.01 38.82 -39.73
C SER B 1058 96.64 37.43 -39.57
N ALA B 1059 97.96 37.37 -39.46
CA ALA B 1059 98.66 36.21 -38.94
C ALA B 1059 98.54 36.07 -37.41
N ASP B 1060 98.46 37.19 -36.69
CA ASP B 1060 98.62 37.21 -35.23
C ASP B 1060 97.33 36.85 -34.49
N ALA B 1061 96.31 37.68 -34.67
CA ALA B 1061 95.00 37.52 -34.09
C ALA B 1061 94.36 36.23 -34.60
N GLY B 1062 93.86 35.40 -33.68
CA GLY B 1062 93.20 34.14 -34.04
C GLY B 1062 91.82 34.36 -34.66
N PRO B 1063 91.21 33.32 -35.25
CA PRO B 1063 89.93 33.45 -35.94
C PRO B 1063 88.83 33.97 -35.02
N GLU B 1064 88.87 33.63 -33.73
CA GLU B 1064 87.97 34.19 -32.71
C GLU B 1064 88.06 35.72 -32.52
N CYS B 1065 89.10 36.39 -33.01
CA CYS B 1065 89.16 37.86 -33.08
C CYS B 1065 88.41 38.45 -34.28
N TYR B 1066 87.82 37.60 -35.12
CA TYR B 1066 87.18 38.00 -36.36
C TYR B 1066 85.76 37.47 -36.52
N GLU B 1067 85.03 38.19 -37.35
CA GLU B 1067 83.67 37.88 -37.75
C GLU B 1067 83.45 38.37 -39.17
N LEU B 1068 82.72 37.60 -39.96
CA LEU B 1068 82.20 38.09 -41.22
C LEU B 1068 80.94 38.87 -40.94
N GLN B 1069 80.76 39.95 -41.67
CA GLN B 1069 79.52 40.71 -41.76
C GLN B 1069 79.04 40.64 -43.21
N VAL B 1070 77.89 40.00 -43.46
CA VAL B 1070 77.32 39.77 -44.80
C VAL B 1070 76.16 40.71 -45.01
N CYS B 1071 76.22 41.57 -46.02
CA CYS B 1071 75.21 42.58 -46.28
C CYS B 1071 74.62 42.43 -47.67
N VAL B 1072 73.30 42.39 -47.75
CA VAL B 1072 72.60 42.41 -49.02
C VAL B 1072 72.21 43.83 -49.32
N LYS B 1073 72.48 44.27 -50.55
CA LYS B 1073 72.14 45.60 -51.03
C LYS B 1073 71.50 45.54 -52.39
N ASP B 1074 70.54 46.42 -52.60
CA ASP B 1074 69.94 46.67 -53.90
C ASP B 1074 70.86 47.59 -54.72
N TYR B 1075 71.35 47.18 -55.90
CA TYR B 1075 72.16 48.07 -56.73
C TYR B 1075 71.30 49.17 -57.35
N CYS B 1076 71.68 50.42 -57.15
CA CYS B 1076 70.91 51.58 -57.57
C CYS B 1076 71.80 52.71 -58.12
N PHE B 1077 72.15 52.65 -59.41
CA PHE B 1077 72.69 53.85 -60.09
C PHE B 1077 71.73 55.04 -59.96
N ALA B 1078 72.29 56.24 -60.08
CA ALA B 1078 71.65 57.56 -59.94
C ALA B 1078 71.17 57.88 -58.51
N ARG B 1079 70.51 56.90 -57.88
CA ARG B 1079 70.10 56.85 -56.48
C ARG B 1079 71.29 56.50 -55.57
N GLU B 1080 71.06 55.59 -54.63
CA GLU B 1080 72.02 55.00 -53.68
C GLU B 1080 71.71 53.50 -53.46
N ASP B 1081 72.74 52.64 -53.33
CA ASP B 1081 72.56 51.20 -53.14
C ASP B 1081 71.99 50.86 -51.76
N ARG B 1082 70.71 50.55 -51.69
CA ARG B 1082 70.02 50.40 -50.42
C ARG B 1082 70.42 49.14 -49.68
N THR B 1083 70.81 49.25 -48.41
CA THR B 1083 70.97 48.06 -47.56
C THR B 1083 69.64 47.39 -47.38
N VAL B 1084 69.56 46.15 -47.85
CA VAL B 1084 68.46 45.23 -47.64
C VAL B 1084 68.55 44.58 -46.28
N GLY B 1085 69.74 44.18 -45.84
CA GLY B 1085 69.92 43.49 -44.57
C GLY B 1085 71.38 43.14 -44.29
N LEU B 1086 71.65 42.68 -43.07
CA LEU B 1086 72.99 42.38 -42.56
C LEU B 1086 73.04 41.12 -41.68
N ALA B 1087 74.05 40.26 -41.80
CA ALA B 1087 74.25 39.10 -40.92
C ALA B 1087 75.66 39.01 -40.39
N VAL B 1088 75.85 38.57 -39.14
CA VAL B 1088 77.18 38.36 -38.58
C VAL B 1088 77.46 36.88 -38.40
N LEU B 1089 78.63 36.44 -38.83
CA LEU B 1089 79.12 35.11 -38.57
C LEU B 1089 80.41 35.20 -37.75
N GLN B 1090 80.44 34.60 -36.57
CA GLN B 1090 81.63 34.55 -35.73
C GLN B 1090 82.61 33.48 -36.17
N LEU B 1091 83.84 33.86 -36.49
CA LEU B 1091 84.84 32.90 -36.95
C LEU B 1091 85.41 32.03 -35.82
N ARG B 1092 85.06 32.29 -34.54
CA ARG B 1092 85.28 31.31 -33.46
C ARG B 1092 84.63 29.97 -33.78
N GLU B 1093 83.44 29.99 -34.38
CA GLU B 1093 82.71 28.76 -34.70
C GLU B 1093 83.49 27.96 -35.72
N LEU B 1094 83.86 28.63 -36.80
CA LEU B 1094 84.69 28.09 -37.86
C LEU B 1094 86.07 27.65 -37.36
N ALA B 1095 86.60 28.22 -36.29
CA ALA B 1095 87.84 27.71 -35.71
C ALA B 1095 87.71 26.23 -35.30
N GLN B 1096 86.52 25.78 -34.92
CA GLN B 1096 86.24 24.35 -34.76
C GLN B 1096 85.84 23.75 -36.10
N ARG B 1097 84.87 24.38 -36.79
CA ARG B 1097 84.18 23.73 -37.91
C ARG B 1097 85.10 23.51 -39.13
N GLY B 1098 86.11 24.35 -39.34
CA GLY B 1098 87.03 24.32 -40.50
C GLY B 1098 86.37 24.80 -41.80
N SER B 1099 85.29 24.15 -42.20
CA SER B 1099 84.36 24.66 -43.20
C SER B 1099 82.90 24.49 -42.79
N ALA B 1100 82.06 25.48 -43.07
CA ALA B 1100 80.65 25.50 -42.70
C ALA B 1100 79.78 25.90 -43.88
N ALA B 1101 78.77 25.08 -44.17
CA ALA B 1101 77.61 25.55 -44.87
C ALA B 1101 76.63 26.14 -43.83
N CYS B 1102 76.17 27.36 -44.05
CA CYS B 1102 75.17 27.97 -43.17
C CYS B 1102 74.25 28.95 -43.92
N TRP B 1103 72.98 28.97 -43.53
CA TRP B 1103 71.99 29.96 -43.97
C TRP B 1103 71.91 31.05 -42.93
N LEU B 1104 72.64 32.12 -43.16
CA LEU B 1104 72.63 33.26 -42.27
C LEU B 1104 71.34 34.02 -42.43
N PRO B 1105 70.51 34.11 -41.39
CA PRO B 1105 69.41 35.05 -41.40
C PRO B 1105 69.94 36.48 -41.44
N LEU B 1106 69.30 37.34 -42.23
CA LEU B 1106 69.67 38.76 -42.38
C LEU B 1106 68.87 39.59 -41.40
N GLY B 1107 69.50 40.56 -40.73
CA GLY B 1107 68.86 41.57 -39.87
C GLY B 1107 68.73 42.94 -40.54
N ARG B 1108 68.13 43.88 -39.82
CA ARG B 1108 68.07 45.31 -40.20
C ARG B 1108 69.24 46.11 -39.61
N ARG B 1109 69.67 45.83 -38.39
CA ARG B 1109 70.88 46.37 -37.74
C ARG B 1109 71.52 45.30 -36.87
N ILE B 1110 72.80 45.44 -36.58
CA ILE B 1110 73.48 44.47 -35.72
C ILE B 1110 73.12 44.74 -34.24
N HIS B 1111 72.91 43.70 -33.46
CA HIS B 1111 72.44 43.79 -32.07
C HIS B 1111 73.65 43.88 -31.13
N MET B 1112 73.60 44.71 -30.09
CA MET B 1112 74.80 45.05 -29.32
C MET B 1112 74.54 45.09 -27.82
N ASP B 1113 75.62 44.88 -27.06
CA ASP B 1113 75.64 45.13 -25.62
C ASP B 1113 76.26 46.50 -25.30
N ASP B 1114 76.24 46.84 -24.01
CA ASP B 1114 76.79 48.07 -23.45
C ASP B 1114 78.25 48.30 -23.88
N THR B 1115 79.03 47.25 -24.02
CA THR B 1115 80.45 47.30 -24.31
C THR B 1115 80.64 47.47 -25.81
N GLY B 1116 79.83 46.85 -26.65
CA GLY B 1116 79.80 47.14 -28.07
C GLY B 1116 79.46 48.59 -28.28
N LEU B 1117 78.39 49.06 -27.64
CA LEU B 1117 77.93 50.44 -27.73
C LEU B 1117 78.94 51.41 -27.11
N THR B 1118 79.66 51.02 -26.06
CA THR B 1118 80.73 51.83 -25.45
C THR B 1118 81.95 51.89 -26.37
N VAL B 1119 82.38 50.75 -26.90
CA VAL B 1119 83.48 50.71 -27.85
C VAL B 1119 83.14 51.53 -29.07
N LEU B 1120 81.91 51.43 -29.56
CA LEU B 1120 81.46 52.14 -30.75
C LEU B 1120 81.47 53.66 -30.51
N ARG B 1121 80.93 54.12 -29.39
CA ARG B 1121 80.95 55.56 -29.06
C ARG B 1121 82.37 56.06 -28.81
N ILE B 1122 83.26 55.19 -28.37
CA ILE B 1122 84.68 55.49 -28.25
C ILE B 1122 85.32 55.58 -29.64
N LEU B 1123 85.16 54.57 -30.49
CA LEU B 1123 85.71 54.54 -31.84
C LEU B 1123 85.18 55.71 -32.68
N SER B 1124 83.93 56.12 -32.51
CA SER B 1124 83.37 57.25 -33.27
C SER B 1124 84.05 58.58 -32.92
N GLN B 1125 84.62 58.72 -31.73
CA GLN B 1125 85.44 59.90 -31.38
C GLN B 1125 86.79 59.91 -32.10
N ARG B 1126 87.28 58.77 -32.59
CA ARG B 1126 88.52 58.65 -33.38
C ARG B 1126 88.22 58.98 -34.83
N SER B 1127 87.43 60.03 -35.06
CA SER B 1127 86.80 60.45 -36.32
C SER B 1127 87.76 60.88 -37.44
N ASN B 1128 89.05 60.57 -37.31
CA ASN B 1128 90.09 60.70 -38.34
C ASN B 1128 90.81 59.38 -38.64
N ASP B 1129 90.72 58.40 -37.75
CA ASP B 1129 91.29 57.08 -37.97
C ASP B 1129 90.45 56.39 -39.04
N GLU B 1130 91.08 56.04 -40.15
CA GLU B 1130 90.35 55.46 -41.26
C GLU B 1130 89.82 54.07 -40.94
N VAL B 1131 90.54 53.28 -40.15
CA VAL B 1131 90.05 51.98 -39.74
C VAL B 1131 88.87 52.13 -38.82
N ALA B 1132 88.96 53.04 -37.86
CA ALA B 1132 87.86 53.33 -36.97
C ALA B 1132 86.67 53.87 -37.77
N LYS B 1133 86.90 54.81 -38.69
CA LYS B 1133 85.86 55.36 -39.55
C LYS B 1133 85.13 54.26 -40.28
N GLU B 1134 85.86 53.40 -40.96
CA GLU B 1134 85.25 52.29 -41.68
C GLU B 1134 84.64 51.26 -40.73
N PHE B 1135 85.21 51.01 -39.56
CA PHE B 1135 84.59 50.12 -38.59
C PHE B 1135 83.25 50.68 -38.08
N VAL B 1136 83.27 51.93 -37.64
CA VAL B 1136 82.11 52.66 -37.13
C VAL B 1136 81.08 52.72 -38.23
N LYS B 1137 81.46 53.17 -39.43
CA LYS B 1137 80.57 53.17 -40.59
C LYS B 1137 79.98 51.77 -40.80
N LEU B 1138 80.80 50.72 -40.77
CA LEU B 1138 80.37 49.33 -41.03
C LEU B 1138 79.42 48.80 -39.98
N LYS B 1139 79.69 49.02 -38.71
CA LYS B 1139 78.76 48.62 -37.65
C LYS B 1139 77.52 49.48 -37.68
N SER B 1140 77.68 50.78 -37.93
CA SER B 1140 76.59 51.74 -38.04
C SER B 1140 75.80 51.60 -39.35
N ASP B 1141 76.21 50.74 -40.28
CA ASP B 1141 75.33 50.36 -41.38
C ASP B 1141 74.12 49.60 -40.80
N THR B 1142 72.95 50.04 -41.23
CA THR B 1142 71.70 49.35 -41.02
C THR B 1142 70.95 49.36 -42.35
N ARG B 1143 70.08 48.38 -42.56
CA ARG B 1143 69.07 48.34 -43.61
C ARG B 1143 68.44 49.73 -43.74
N SER B 1144 68.67 50.37 -44.89
CA SER B 1144 67.83 51.48 -45.34
C SER B 1144 66.43 50.90 -45.41
N ALA B 1145 65.57 51.33 -44.51
CA ALA B 1145 64.45 50.53 -44.03
C ALA B 1145 63.55 49.92 -45.12
N GLU B 1146 63.30 50.69 -46.16
CA GLU B 1146 62.12 50.58 -47.00
C GLU B 1146 62.01 49.27 -47.82
N GLU B 1147 60.90 49.08 -48.54
CA GLU B 1147 60.60 47.85 -49.33
C GLU B 1147 60.39 46.57 -48.50
N GLY B 1148 60.48 46.66 -47.17
CA GLY B 1148 60.30 45.52 -46.24
C GLY B 1148 60.65 45.72 -44.75
N GLY B 1149 61.05 46.91 -44.27
CA GLY B 1149 60.92 47.34 -42.85
C GLY B 1149 62.17 47.88 -42.13
N ALA B 1150 61.99 48.67 -41.06
CA ALA B 1150 63.04 49.49 -40.42
C ALA B 1150 63.86 48.84 -39.29
N ALA B 1151 63.23 48.48 -38.16
CA ALA B 1151 63.92 48.09 -36.91
C ALA B 1151 63.73 46.60 -36.56
N PRO B 1152 64.78 45.88 -36.13
CA PRO B 1152 64.77 44.42 -36.00
C PRO B 1152 64.36 43.99 -34.58
N ALA B 1153 64.80 42.80 -34.18
CA ALA B 1153 64.96 42.40 -32.79
C ALA B 1153 66.36 41.77 -32.52
N PRO B 1154 66.86 41.74 -31.27
CA PRO B 1154 68.25 41.43 -30.94
C PRO B 1154 68.59 39.94 -30.85
N GLU C 23 113.23 2.96 18.08
CA GLU C 23 114.58 3.58 18.18
C GLU C 23 115.69 2.57 18.54
N GLU C 24 115.43 1.55 19.34
CA GLU C 24 116.44 0.58 19.82
C GLU C 24 117.18 -0.14 18.69
N LEU C 25 116.48 -0.51 17.63
CA LEU C 25 117.08 -1.02 16.40
C LEU C 25 117.95 0.05 15.70
N LYS C 26 117.46 1.29 15.56
CA LYS C 26 118.18 2.42 14.93
C LYS C 26 119.57 2.65 15.52
N ASN C 27 119.67 2.63 16.85
CA ASN C 27 120.94 2.84 17.55
C ASN C 27 121.91 1.66 17.34
N HIS C 28 121.43 0.41 17.45
CA HIS C 28 122.27 -0.77 17.22
C HIS C 28 122.78 -0.87 15.77
N VAL C 29 121.89 -0.63 14.81
CA VAL C 29 122.20 -0.58 13.38
C VAL C 29 123.29 0.44 13.10
N TYR C 30 123.23 1.61 13.72
CA TYR C 30 124.30 2.61 13.69
C TYR C 30 125.65 2.04 14.16
N LYS C 31 125.71 1.39 15.33
CA LYS C 31 126.96 0.78 15.84
C LYS C 31 127.49 -0.29 14.92
N LYS C 32 126.63 -1.20 14.47
CA LYS C 32 126.98 -2.20 13.44
C LYS C 32 127.43 -1.59 12.13
N THR C 33 126.83 -0.50 11.68
CA THR C 33 127.16 0.12 10.39
C THR C 33 128.52 0.79 10.47
N LEU C 34 128.81 1.48 11.57
CA LEU C 34 130.16 1.96 11.84
C LEU C 34 131.16 0.81 11.90
N GLN C 35 130.87 -0.27 12.62
CA GLN C 35 131.73 -1.46 12.68
C GLN C 35 131.98 -2.07 11.30
N ALA C 36 130.94 -2.11 10.49
CA ALA C 36 131.05 -2.61 9.13
C ALA C 36 131.96 -1.73 8.31
N LEU C 37 131.73 -0.44 8.37
CA LEU C 37 132.36 0.48 7.45
C LEU C 37 133.72 0.95 7.93
N ILE C 38 134.03 0.85 9.22
CA ILE C 38 135.37 1.14 9.72
C ILE C 38 136.36 0.09 9.25
N TYR C 39 135.90 -1.16 9.17
CA TYR C 39 136.64 -2.24 8.57
C TYR C 39 135.84 -2.93 7.45
N PRO C 40 135.75 -2.26 6.29
CA PRO C 40 134.93 -2.73 5.20
C PRO C 40 135.51 -3.99 4.55
N ILE C 41 134.65 -4.80 3.96
CA ILE C 41 135.05 -5.99 3.21
C ILE C 41 135.77 -5.62 1.91
N SER C 42 135.38 -4.56 1.22
CA SER C 42 136.03 -4.16 -0.06
C SER C 42 137.54 -3.92 0.06
N CYS C 43 138.06 -3.50 1.22
CA CYS C 43 139.49 -3.46 1.51
C CYS C 43 139.85 -4.38 2.68
N THR C 44 139.41 -5.64 2.55
CA THR C 44 140.04 -6.83 3.12
C THR C 44 141.28 -7.25 2.32
N THR C 45 142.28 -7.80 3.00
CA THR C 45 143.49 -8.33 2.36
C THR C 45 143.19 -9.67 1.68
N PRO C 46 143.70 -9.94 0.46
CA PRO C 46 143.55 -11.22 -0.20
C PRO C 46 144.47 -12.29 0.40
N HIS C 47 144.04 -13.55 0.38
CA HIS C 47 144.88 -14.66 0.86
C HIS C 47 146.03 -14.96 -0.08
N ASN C 48 147.24 -15.01 0.47
CA ASN C 48 148.45 -15.38 -0.27
C ASN C 48 148.73 -16.88 -0.09
N PHE C 49 148.03 -17.69 -0.87
CA PHE C 49 148.10 -19.16 -0.83
C PHE C 49 149.34 -19.76 -1.52
N GLU C 50 150.32 -20.19 -0.72
CA GLU C 50 151.34 -21.13 -1.18
C GLU C 50 150.76 -22.56 -1.22
N VAL C 51 151.21 -23.37 -2.17
CA VAL C 51 151.04 -24.83 -2.05
C VAL C 51 151.70 -25.28 -0.76
N TRP C 52 150.99 -26.07 0.03
CA TRP C 52 151.46 -26.49 1.34
C TRP C 52 151.20 -27.94 1.61
N THR C 53 152.22 -28.56 2.19
CA THR C 53 152.19 -29.94 2.65
C THR C 53 151.97 -29.87 4.15
N ALA C 54 150.91 -30.51 4.65
CA ALA C 54 150.47 -30.24 6.02
C ALA C 54 151.52 -30.63 7.05
N THR C 55 152.02 -29.66 7.81
CA THR C 55 153.10 -29.87 8.79
C THR C 55 152.63 -30.58 10.05
N THR C 56 151.31 -30.66 10.26
CA THR C 56 150.65 -31.56 11.22
C THR C 56 149.37 -32.10 10.57
N PRO C 57 148.78 -33.22 11.02
CA PRO C 57 147.55 -33.77 10.45
C PRO C 57 146.43 -32.76 10.56
N THR C 58 146.00 -32.23 9.44
CA THR C 58 145.24 -30.99 9.40
C THR C 58 143.93 -31.20 8.67
N TYR C 59 142.88 -30.53 9.08
CA TYR C 59 141.58 -30.61 8.41
C TYR C 59 141.26 -29.26 7.72
N CYS C 60 140.99 -29.27 6.40
CA CYS C 60 140.78 -28.06 5.58
C CYS C 60 139.79 -27.11 6.27
N TYR C 61 140.17 -25.83 6.44
CA TYR C 61 139.38 -24.87 7.20
C TYR C 61 137.98 -24.70 6.61
N GLU C 62 137.77 -25.02 5.33
CA GLU C 62 136.45 -24.96 4.71
C GLU C 62 135.66 -26.27 4.53
N CYS C 63 136.27 -27.37 4.12
CA CYS C 63 135.57 -28.63 3.89
C CYS C 63 135.91 -29.74 4.88
N GLU C 64 136.87 -29.50 5.76
CA GLU C 64 137.32 -30.42 6.81
C GLU C 64 137.92 -31.75 6.33
N GLY C 65 138.23 -31.90 5.04
CA GLY C 65 138.99 -33.06 4.56
C GLY C 65 140.46 -33.04 5.04
N LEU C 66 141.04 -34.21 5.30
CA LEU C 66 142.40 -34.37 5.82
C LEU C 66 143.43 -33.91 4.78
N LEU C 67 144.08 -32.80 5.09
CA LEU C 67 145.35 -32.42 4.55
C LEU C 67 146.44 -33.12 5.33
N TRP C 68 147.12 -34.02 4.65
CA TRP C 68 148.26 -34.73 5.18
C TRP C 68 149.12 -35.24 4.04
N GLY C 69 150.44 -35.14 4.20
CA GLY C 69 151.41 -35.63 3.22
C GLY C 69 151.30 -34.95 1.85
N ILE C 70 152.08 -35.47 0.90
CA ILE C 70 152.13 -34.98 -0.50
C ILE C 70 150.79 -35.27 -1.21
N ALA C 71 150.19 -36.44 -0.99
CA ALA C 71 148.95 -36.85 -1.67
C ALA C 71 147.73 -35.96 -1.35
N ARG C 72 147.72 -35.36 -0.15
CA ARG C 72 146.68 -34.43 0.29
C ARG C 72 147.31 -33.12 0.73
N GLN C 73 148.17 -32.58 -0.14
CA GLN C 73 148.55 -31.17 -0.09
C GLN C 73 147.30 -30.29 -0.09
N GLY C 74 147.45 -29.15 0.57
CA GLY C 74 146.53 -28.05 0.47
C GLY C 74 147.23 -26.79 0.01
N MET C 75 146.56 -25.69 0.29
CA MET C 75 147.08 -24.36 0.21
C MET C 75 147.13 -23.80 1.61
N ARG C 76 148.25 -23.19 1.99
CA ARG C 76 148.37 -22.41 3.23
C ARG C 76 148.57 -20.96 2.88
N CYS C 77 147.69 -20.11 3.36
CA CYS C 77 147.88 -18.67 3.22
C CYS C 77 149.05 -18.27 4.09
N THR C 78 150.08 -17.64 3.56
CA THR C 78 151.23 -17.19 4.36
C THR C 78 150.75 -16.27 5.48
N GLU C 79 150.08 -15.18 5.11
CA GLU C 79 149.57 -14.16 6.03
C GLU C 79 148.70 -14.76 7.11
N CYS C 80 147.63 -15.45 6.76
CA CYS C 80 146.71 -15.89 7.77
C CYS C 80 146.90 -17.29 8.29
N GLY C 81 147.77 -18.08 7.68
CA GLY C 81 147.91 -19.50 8.00
C GLY C 81 146.60 -20.27 8.01
N VAL C 82 145.55 -19.77 7.35
CA VAL C 82 144.44 -20.61 6.95
C VAL C 82 144.95 -21.64 5.98
N LYS C 83 144.42 -22.83 6.16
CA LYS C 83 144.80 -23.98 5.39
C LYS C 83 143.54 -24.51 4.78
N CYS C 84 143.60 -24.88 3.52
CA CYS C 84 142.45 -25.39 2.82
C CYS C 84 142.92 -26.27 1.67
N HIS C 85 142.06 -27.10 1.11
CA HIS C 85 142.31 -27.62 -0.22
C HIS C 85 142.40 -26.47 -1.24
N GLU C 86 143.04 -26.73 -2.38
CA GLU C 86 143.03 -25.81 -3.53
C GLU C 86 141.59 -25.49 -3.95
N LYS C 87 140.76 -26.51 -4.17
CA LYS C 87 139.32 -26.36 -4.48
C LYS C 87 138.54 -25.54 -3.46
N CYS C 88 139.01 -25.51 -2.21
CA CYS C 88 138.40 -24.79 -1.10
C CYS C 88 138.91 -23.35 -0.92
N GLN C 89 140.04 -22.95 -1.51
CA GLN C 89 140.64 -21.63 -1.22
C GLN C 89 139.72 -20.45 -1.54
N ASP C 90 138.83 -20.62 -2.52
CA ASP C 90 137.91 -19.59 -3.00
C ASP C 90 136.58 -19.57 -2.24
N LEU C 91 136.23 -20.67 -1.57
CA LEU C 91 135.10 -20.72 -0.65
C LEU C 91 135.40 -19.95 0.66
N LEU C 92 136.68 -19.72 0.98
CA LEU C 92 137.14 -18.91 2.11
C LEU C 92 136.94 -17.40 1.90
N ASN C 93 135.70 -16.93 2.08
CA ASN C 93 135.42 -15.49 2.21
C ASN C 93 135.91 -14.91 3.56
N ALA C 94 136.46 -15.75 4.46
CA ALA C 94 137.03 -15.31 5.71
C ALA C 94 138.13 -14.28 5.44
N ASP C 95 138.08 -13.15 6.13
CA ASP C 95 139.07 -12.09 5.93
C ASP C 95 140.47 -12.63 6.26
N CYS C 96 141.43 -12.45 5.37
CA CYS C 96 142.81 -12.83 5.62
C CYS C 96 143.36 -12.22 6.92
N LEU C 97 143.18 -10.92 7.17
CA LEU C 97 143.75 -10.35 8.38
C LEU C 97 143.08 -10.87 9.64
N GLN C 98 141.75 -10.93 9.72
CA GLN C 98 141.11 -11.54 10.90
C GLN C 98 141.50 -13.02 11.05
N ARG C 99 141.47 -13.81 9.97
CA ARG C 99 141.98 -15.19 9.96
C ARG C 99 143.40 -15.31 10.44
N ALA C 100 144.22 -14.35 10.09
CA ALA C 100 145.60 -14.31 10.49
C ALA C 100 145.69 -14.05 11.98
N ALA C 101 144.89 -13.12 12.51
CA ALA C 101 144.86 -12.81 13.93
C ALA C 101 144.41 -14.02 14.76
N GLU C 102 143.37 -14.70 14.29
CA GLU C 102 142.84 -15.94 14.86
C GLU C 102 143.85 -17.08 14.83
N LYS C 103 144.39 -17.41 13.65
CA LYS C 103 145.40 -18.46 13.50
C LYS C 103 146.58 -18.18 14.40
N SER C 104 147.07 -16.95 14.38
CA SER C 104 148.20 -16.56 15.19
C SER C 104 147.87 -16.79 16.67
N SER C 105 146.68 -16.41 17.11
CA SER C 105 146.17 -16.70 18.46
C SER C 105 146.07 -18.20 18.77
N LYS C 106 145.41 -19.00 17.92
CA LYS C 106 145.28 -20.46 18.11
C LYS C 106 146.62 -21.20 18.05
N HIS C 107 147.68 -20.60 17.51
CA HIS C 107 149.04 -21.14 17.50
C HIS C 107 149.97 -20.47 18.53
N GLY C 108 149.45 -19.55 19.36
CA GLY C 108 150.22 -18.84 20.38
C GLY C 108 151.22 -17.79 19.85
N ALA C 109 151.16 -17.42 18.57
CA ALA C 109 152.01 -16.43 17.94
C ALA C 109 151.50 -14.98 18.22
N GLU C 110 151.69 -14.49 19.44
CA GLU C 110 151.11 -13.22 19.91
C GLU C 110 151.65 -11.99 19.17
N ASP C 111 152.96 -11.93 18.89
CA ASP C 111 153.56 -10.80 18.16
C ASP C 111 152.93 -10.63 16.77
N ARG C 112 152.75 -11.76 16.06
CA ARG C 112 152.06 -11.83 14.77
C ARG C 112 150.62 -11.34 14.90
N THR C 113 149.92 -11.82 15.93
CA THR C 113 148.56 -11.37 16.28
C THR C 113 148.47 -9.85 16.44
N GLN C 114 149.38 -9.28 17.23
CA GLN C 114 149.45 -7.84 17.45
C GLN C 114 149.85 -7.08 16.18
N ASN C 115 150.81 -7.58 15.40
CA ASN C 115 151.16 -7.00 14.11
C ASN C 115 149.94 -6.94 13.19
N ILE C 116 149.13 -7.98 13.20
CA ILE C 116 147.91 -8.02 12.43
C ILE C 116 146.87 -7.05 12.98
N ILE C 117 146.73 -6.95 14.30
CA ILE C 117 145.96 -5.91 14.95
C ILE C 117 146.45 -4.50 14.53
N MET C 118 147.75 -4.29 14.34
CA MET C 118 148.29 -3.02 13.83
C MET C 118 147.98 -2.77 12.36
N VAL C 119 148.06 -3.80 11.51
CA VAL C 119 147.62 -3.65 10.11
C VAL C 119 146.10 -3.39 10.05
N LEU C 120 145.31 -4.02 10.92
CA LEU C 120 143.88 -3.74 11.10
C LEU C 120 143.62 -2.29 11.57
N LYS C 121 144.36 -1.78 12.56
CA LYS C 121 144.33 -0.35 12.95
C LYS C 121 144.65 0.59 11.79
N ASP C 122 145.76 0.36 11.09
CA ASP C 122 146.19 1.20 9.97
C ASP C 122 145.14 1.21 8.87
N ARG C 123 144.54 0.06 8.54
CA ARG C 123 143.38 -0.06 7.65
C ARG C 123 142.18 0.78 8.11
N MET C 124 141.83 0.77 9.39
CA MET C 124 140.78 1.64 9.94
C MET C 124 141.13 3.14 9.94
N LYS C 125 142.39 3.52 10.20
CA LYS C 125 142.86 4.91 10.11
C LYS C 125 142.85 5.40 8.67
N ILE C 126 143.39 4.60 7.75
CA ILE C 126 143.30 4.82 6.30
C ILE C 126 141.85 5.07 5.92
N ARG C 127 140.94 4.21 6.36
CA ARG C 127 139.53 4.28 6.04
C ARG C 127 138.86 5.57 6.50
N GLU C 128 139.07 5.94 7.76
CA GLU C 128 138.58 7.19 8.30
C GLU C 128 139.16 8.41 7.60
N ARG C 129 140.46 8.40 7.36
CA ARG C 129 141.18 9.49 6.70
C ARG C 129 140.75 9.64 5.26
N ASN C 130 140.65 8.53 4.54
CA ASN C 130 140.27 8.49 3.13
C ASN C 130 138.80 8.86 2.96
N LYS C 131 137.89 8.29 3.77
CA LYS C 131 136.44 8.46 3.61
C LYS C 131 135.72 8.87 4.91
N PRO C 132 136.08 10.02 5.51
CA PRO C 132 135.42 10.52 6.70
C PRO C 132 133.93 10.79 6.47
N GLU C 133 133.56 11.22 5.25
CA GLU C 133 132.19 11.53 4.87
C GLU C 133 131.26 10.33 5.02
N ILE C 134 131.78 9.10 4.99
CA ILE C 134 130.96 7.91 5.28
C ILE C 134 130.49 7.96 6.72
N PHE C 135 131.43 8.13 7.63
CA PHE C 135 131.16 8.09 9.05
C PHE C 135 130.36 9.31 9.50
N GLU C 136 130.61 10.47 8.87
CA GLU C 136 129.76 11.66 8.98
C GLU C 136 128.33 11.35 8.46
N LEU C 137 128.17 10.76 7.27
CA LEU C 137 126.83 10.47 6.76
C LEU C 137 126.10 9.45 7.64
N ILE C 138 126.78 8.41 8.13
CA ILE C 138 126.20 7.50 9.12
C ILE C 138 125.72 8.32 10.31
N GLN C 139 126.60 9.15 10.85
CA GLN C 139 126.27 9.99 11.96
C GLN C 139 125.02 10.85 11.69
N GLU C 140 124.93 11.49 10.53
CA GLU C 140 123.76 12.30 10.22
C GLU C 140 122.52 11.45 9.94
N VAL C 141 122.62 10.33 9.21
CA VAL C 141 121.52 9.40 8.94
C VAL C 141 120.91 8.88 10.23
N PHE C 142 121.74 8.64 11.23
CA PHE C 142 121.33 8.16 12.55
C PHE C 142 121.22 9.28 13.59
N ALA C 143 121.36 10.54 13.17
CA ALA C 143 121.22 11.76 13.97
C ALA C 143 122.09 11.82 15.24
N VAL C 144 123.19 11.08 15.25
CA VAL C 144 124.10 10.98 16.40
C VAL C 144 124.92 12.27 16.49
N THR C 145 125.37 12.68 17.68
CA THR C 145 126.25 13.86 17.81
C THR C 145 127.68 13.51 17.40
N LYS C 146 128.44 14.51 16.94
CA LYS C 146 129.83 14.30 16.49
C LYS C 146 130.70 13.67 17.58
N SER C 147 130.45 14.05 18.83
CA SER C 147 131.11 13.49 20.00
C SER C 147 130.72 12.03 20.23
N ALA C 148 129.43 11.71 20.41
CA ALA C 148 129.00 10.33 20.64
C ALA C 148 129.35 9.42 19.45
N HIS C 149 129.41 10.00 18.25
CA HIS C 149 129.98 9.38 17.08
C HIS C 149 131.47 9.05 17.23
N THR C 150 132.31 10.01 17.60
CA THR C 150 133.75 9.78 17.78
C THR C 150 134.03 8.71 18.85
N GLN C 151 133.23 8.70 19.93
CA GLN C 151 133.43 7.74 21.01
C GLN C 151 132.93 6.36 20.63
N GLN C 152 131.74 6.27 20.03
CA GLN C 152 131.29 5.02 19.45
C GLN C 152 132.26 4.53 18.37
N MET C 153 132.87 5.43 17.62
CA MET C 153 133.86 5.10 16.60
C MET C 153 135.12 4.47 17.21
N LYS C 154 135.66 5.07 18.26
CA LYS C 154 136.69 4.46 19.10
C LYS C 154 136.24 3.09 19.65
N ALA C 155 135.00 2.94 20.10
CA ALA C 155 134.49 1.65 20.57
C ALA C 155 134.41 0.59 19.46
N VAL C 156 133.91 0.92 18.27
CA VAL C 156 133.84 -0.05 17.16
C VAL C 156 135.22 -0.37 16.60
N LYS C 157 136.17 0.57 16.62
CA LYS C 157 137.58 0.25 16.34
C LYS C 157 138.07 -0.82 17.29
N GLN C 158 137.84 -0.67 18.59
CA GLN C 158 138.19 -1.74 19.52
C GLN C 158 137.45 -3.04 19.26
N SER C 159 136.15 -3.01 18.97
CA SER C 159 135.39 -4.23 18.66
C SER C 159 135.96 -5.01 17.47
N VAL C 160 136.49 -4.32 16.45
CA VAL C 160 137.19 -4.96 15.32
C VAL C 160 138.57 -5.51 15.75
N LEU C 161 139.24 -4.89 16.72
CA LEU C 161 140.55 -5.30 17.23
C LEU C 161 140.49 -6.31 18.38
N ASP C 162 139.31 -6.55 18.95
CA ASP C 162 138.97 -7.79 19.64
C ASP C 162 139.16 -9.03 18.75
N GLY C 163 139.38 -8.80 17.45
CA GLY C 163 139.61 -9.77 16.41
C GLY C 163 138.47 -10.76 16.43
N THR C 164 138.78 -11.99 16.81
CA THR C 164 137.75 -12.83 17.42
C THR C 164 138.20 -13.48 18.72
N SER C 165 139.38 -13.14 19.23
CA SER C 165 139.82 -13.59 20.55
C SER C 165 138.88 -13.13 21.64
N LYS C 166 138.35 -11.91 21.52
CA LYS C 166 137.24 -11.39 22.35
C LYS C 166 135.98 -11.21 21.51
N TRP C 167 135.64 -12.28 20.79
CA TRP C 167 134.29 -12.55 20.31
C TRP C 167 133.96 -14.01 20.60
N SER C 168 132.81 -14.29 21.18
CA SER C 168 132.32 -15.66 21.35
C SER C 168 130.80 -15.65 21.24
N ALA C 169 130.24 -16.79 20.88
CA ALA C 169 128.81 -16.96 20.75
C ALA C 169 128.35 -18.38 21.04
N LYS C 170 127.12 -18.49 21.52
CA LYS C 170 126.30 -19.69 21.37
C LYS C 170 125.44 -19.54 20.11
N ILE C 171 125.30 -20.62 19.36
CA ILE C 171 124.57 -20.68 18.11
C ILE C 171 123.56 -21.83 18.23
N SER C 172 122.29 -21.56 17.92
CA SER C 172 121.21 -22.55 17.89
C SER C 172 120.61 -22.67 16.49
N ILE C 173 121.12 -23.64 15.74
CA ILE C 173 120.83 -23.82 14.33
C ILE C 173 119.70 -24.82 14.19
N THR C 174 118.50 -24.32 14.01
CA THR C 174 117.39 -25.10 13.50
C THR C 174 117.46 -25.19 11.99
N VAL C 175 117.80 -26.36 11.48
CA VAL C 175 117.66 -26.72 10.08
C VAL C 175 116.17 -26.96 9.78
N VAL C 176 115.49 -25.98 9.16
CA VAL C 176 114.03 -26.03 9.00
C VAL C 176 113.66 -26.96 7.84
N CYS C 177 114.03 -26.62 6.62
CA CYS C 177 113.66 -27.35 5.41
C CYS C 177 114.62 -27.03 4.27
N ALA C 178 114.62 -27.85 3.23
CA ALA C 178 115.08 -27.43 1.93
C ALA C 178 113.93 -27.51 0.94
N GLN C 179 114.05 -26.73 -0.12
CA GLN C 179 113.15 -26.71 -1.26
C GLN C 179 113.99 -26.97 -2.50
N GLY C 180 113.48 -27.69 -3.48
CA GLY C 180 114.05 -27.73 -4.82
C GLY C 180 115.39 -28.43 -4.99
N LEU C 181 115.74 -29.33 -4.08
CA LEU C 181 116.98 -30.08 -4.15
C LEU C 181 117.10 -30.86 -5.45
N GLN C 182 118.35 -31.13 -5.82
CA GLN C 182 118.63 -31.98 -6.98
C GLN C 182 118.26 -33.45 -6.69
N ALA C 183 118.02 -34.23 -7.75
CA ALA C 183 117.88 -35.70 -7.70
C ALA C 183 119.19 -36.44 -8.05
N LYS C 184 119.64 -37.37 -7.21
CA LYS C 184 120.89 -38.15 -7.37
C LYS C 184 120.69 -39.68 -7.31
N ASP C 185 119.53 -40.19 -6.88
CA ASP C 185 119.24 -41.63 -6.81
C ASP C 185 118.85 -42.27 -8.15
N LYS C 186 118.96 -43.61 -8.25
CA LYS C 186 118.38 -44.44 -9.35
C LYS C 186 116.88 -44.20 -9.52
N THR C 187 116.21 -43.80 -8.43
CA THR C 187 114.80 -43.43 -8.40
C THR C 187 114.49 -42.07 -9.04
N GLY C 188 115.49 -41.23 -9.36
CA GLY C 188 115.26 -39.87 -9.85
C GLY C 188 114.81 -38.88 -8.77
N SER C 189 115.07 -39.20 -7.51
CA SER C 189 114.91 -38.32 -6.34
C SER C 189 116.22 -38.32 -5.52
N SER C 190 116.15 -38.02 -4.24
CA SER C 190 117.24 -38.12 -3.25
C SER C 190 116.73 -38.38 -1.85
N ASP C 191 117.61 -38.86 -0.99
CA ASP C 191 117.42 -38.99 0.45
C ASP C 191 118.25 -37.93 1.18
N PRO C 192 117.85 -36.65 1.12
CA PRO C 192 118.62 -35.58 1.73
C PRO C 192 118.71 -35.65 3.25
N TYR C 193 119.91 -35.41 3.76
CA TYR C 193 120.19 -34.98 5.12
C TYR C 193 121.18 -33.82 5.11
N VAL C 194 121.29 -33.15 6.22
CA VAL C 194 122.15 -31.99 6.39
C VAL C 194 123.26 -32.35 7.36
N THR C 195 124.53 -32.09 7.06
CA THR C 195 125.53 -31.92 8.12
C THR C 195 125.71 -30.44 8.40
N VAL C 196 125.65 -30.07 9.66
CA VAL C 196 126.01 -28.74 10.13
C VAL C 196 127.35 -28.87 10.83
N GLN C 197 128.35 -28.12 10.35
CA GLN C 197 129.65 -28.04 10.99
C GLN C 197 129.95 -26.61 11.38
N VAL C 198 130.42 -26.45 12.61
CA VAL C 198 130.87 -25.19 13.14
C VAL C 198 132.22 -25.44 13.80
N GLY C 199 133.30 -25.11 13.08
CA GLY C 199 134.66 -25.42 13.52
C GLY C 199 134.82 -26.90 13.90
N LYS C 200 135.27 -27.12 15.12
CA LYS C 200 135.62 -28.41 15.73
C LYS C 200 134.49 -29.45 15.72
N THR C 201 133.23 -29.02 15.69
CA THR C 201 132.06 -29.88 15.90
C THR C 201 131.29 -30.05 14.61
N LYS C 202 131.02 -31.30 14.22
CA LYS C 202 130.11 -31.70 13.14
C LYS C 202 128.91 -32.44 13.72
N LYS C 203 127.70 -32.03 13.35
CA LYS C 203 126.42 -32.70 13.67
C LYS C 203 125.66 -32.93 12.38
N ARG C 204 124.72 -33.86 12.40
CA ARG C 204 123.86 -34.13 11.23
C ARG C 204 122.38 -34.24 11.57
N THR C 205 121.53 -33.73 10.66
CA THR C 205 120.11 -34.04 10.70
C THR C 205 119.93 -35.51 10.39
N LYS C 206 118.78 -35.99 10.82
CA LYS C 206 118.14 -37.17 10.28
C LYS C 206 117.89 -36.99 8.79
N THR C 207 117.83 -38.11 8.08
CA THR C 207 117.64 -38.14 6.65
C THR C 207 116.16 -38.07 6.32
N ILE C 208 115.80 -37.32 5.30
CA ILE C 208 114.46 -37.36 4.74
C ILE C 208 114.59 -38.08 3.41
N TYR C 209 113.79 -39.13 3.22
CA TYR C 209 113.94 -40.05 2.11
C TYR C 209 113.02 -39.64 0.95
N GLY C 210 113.52 -39.77 -0.28
CA GLY C 210 112.76 -39.60 -1.52
C GLY C 210 112.16 -38.22 -1.78
N ASN C 211 112.58 -37.19 -1.05
CA ASN C 211 111.95 -35.87 -1.08
C ASN C 211 112.93 -34.76 -1.47
N LEU C 212 112.63 -34.02 -2.55
CA LEU C 212 113.44 -32.87 -2.99
C LEU C 212 113.13 -31.57 -2.24
N ASN C 213 112.09 -31.56 -1.40
CA ASN C 213 111.67 -30.45 -0.55
C ASN C 213 111.60 -30.85 0.94
N PRO C 214 112.68 -31.42 1.49
CA PRO C 214 112.62 -32.05 2.80
C PRO C 214 112.36 -31.03 3.90
N VAL C 215 111.62 -31.42 4.93
CA VAL C 215 111.46 -30.64 6.17
C VAL C 215 112.14 -31.43 7.30
N TRP C 216 113.16 -30.85 7.93
CA TRP C 216 113.85 -31.47 9.07
C TRP C 216 113.31 -30.92 10.37
N GLU C 217 113.28 -29.59 10.49
CA GLU C 217 112.95 -28.87 11.73
C GLU C 217 113.83 -29.34 12.91
N GLU C 218 115.14 -29.51 12.66
CA GLU C 218 116.10 -30.09 13.62
C GLU C 218 117.11 -29.06 14.14
N ASN C 219 117.22 -28.95 15.46
CA ASN C 219 118.05 -27.96 16.13
C ASN C 219 119.35 -28.52 16.68
N PHE C 220 120.44 -27.86 16.34
CA PHE C 220 121.76 -28.15 16.87
C PHE C 220 122.28 -26.95 17.62
N HIS C 221 122.97 -27.21 18.72
CA HIS C 221 123.69 -26.19 19.46
C HIS C 221 125.20 -26.27 19.18
N PHE C 222 125.82 -25.10 18.99
CA PHE C 222 127.24 -24.94 18.73
C PHE C 222 127.81 -23.76 19.51
N GLU C 223 129.06 -23.89 19.89
CA GLU C 223 129.84 -22.85 20.55
C GLU C 223 130.86 -22.37 19.55
N CYS C 224 130.83 -21.07 19.27
CA CYS C 224 131.72 -20.47 18.31
C CYS C 224 132.59 -19.42 18.98
N HIS C 225 133.89 -19.59 18.86
CA HIS C 225 134.91 -18.75 19.51
C HIS C 225 135.58 -17.81 18.48
N ASN C 226 134.97 -17.67 17.30
CA ASN C 226 135.58 -17.06 16.14
C ASN C 226 134.52 -16.63 15.11
N SER C 227 134.24 -15.34 14.96
CA SER C 227 133.28 -14.87 13.94
C SER C 227 133.72 -15.07 12.47
N SER C 228 135.00 -15.39 12.24
CA SER C 228 135.54 -15.89 10.96
C SER C 228 135.53 -17.42 10.87
N ASP C 229 134.91 -18.12 11.81
CA ASP C 229 134.37 -19.42 11.50
C ASP C 229 133.17 -19.27 10.57
N ARG C 230 132.82 -20.39 9.95
CA ARG C 230 131.76 -20.48 8.98
C ARG C 230 130.92 -21.68 9.32
N ILE C 231 129.60 -21.52 9.30
CA ILE C 231 128.67 -22.61 9.51
C ILE C 231 128.50 -23.28 8.16
N LYS C 232 129.09 -24.46 8.02
CA LYS C 232 129.02 -25.21 6.79
C LYS C 232 127.82 -26.12 6.86
N VAL C 233 126.74 -25.66 6.28
CA VAL C 233 125.51 -26.43 6.16
C VAL C 233 125.52 -27.17 4.83
N ARG C 234 125.85 -28.45 4.85
CA ARG C 234 125.98 -29.27 3.64
C ARG C 234 124.82 -30.23 3.56
N VAL C 235 124.15 -30.25 2.44
CA VAL C 235 123.03 -31.14 2.16
C VAL C 235 123.58 -32.28 1.31
N TRP C 236 123.24 -33.50 1.71
CA TRP C 236 123.82 -34.73 1.19
C TRP C 236 122.73 -35.75 0.94
N ASP C 237 122.89 -36.52 -0.11
CA ASP C 237 122.06 -37.67 -0.36
C ASP C 237 122.62 -38.91 0.35
N GLU C 238 121.87 -39.50 1.28
CA GLU C 238 122.37 -40.59 2.12
C GLU C 238 122.53 -41.92 1.38
N ASP C 239 123.60 -42.06 0.62
CA ASP C 239 123.92 -43.33 -0.01
C ASP C 239 124.56 -44.30 1.01
N ASP C 240 123.80 -45.27 1.52
CA ASP C 240 124.31 -46.39 2.34
C ASP C 240 124.75 -47.60 1.48
N ASP C 241 124.65 -47.49 0.15
CA ASP C 241 124.84 -48.59 -0.80
C ASP C 241 126.31 -48.97 -1.02
N ILE C 242 126.55 -50.03 -1.80
CA ILE C 242 127.91 -50.45 -2.16
C ILE C 242 128.67 -49.34 -2.90
N LYS C 243 128.05 -48.64 -3.85
CA LYS C 243 128.71 -47.55 -4.61
C LYS C 243 129.23 -46.46 -3.68
N SER C 244 128.52 -46.14 -2.61
CA SER C 244 129.02 -45.19 -1.62
C SER C 244 130.21 -45.70 -0.85
N ARG C 245 130.14 -46.93 -0.36
CA ARG C 245 131.25 -47.58 0.32
C ARG C 245 132.49 -47.65 -0.57
N VAL C 246 132.34 -47.76 -1.90
CA VAL C 246 133.44 -47.61 -2.88
C VAL C 246 133.93 -46.16 -2.98
N LYS C 247 133.05 -45.21 -3.27
CA LYS C 247 133.41 -43.78 -3.42
C LYS C 247 134.13 -43.22 -2.17
N GLN C 248 133.77 -43.68 -0.97
CA GLN C 248 134.38 -43.26 0.30
C GLN C 248 135.91 -43.37 0.32
N ARG C 249 136.50 -44.33 -0.40
CA ARG C 249 137.95 -44.52 -0.45
C ARG C 249 138.65 -43.37 -1.20
N PHE C 250 138.02 -42.83 -2.24
CA PHE C 250 138.61 -41.83 -3.13
C PHE C 250 138.25 -40.41 -2.73
N LYS C 251 137.00 -40.16 -2.35
CA LYS C 251 136.48 -38.82 -2.01
C LYS C 251 135.76 -38.81 -0.66
N ARG C 252 135.91 -37.69 0.06
CA ARG C 252 135.45 -37.50 1.45
C ARG C 252 133.97 -37.17 1.60
N GLU C 253 133.23 -37.04 0.50
CA GLU C 253 131.84 -36.66 0.49
C GLU C 253 131.01 -37.68 -0.28
N SER C 254 130.94 -38.87 0.32
CA SER C 254 130.26 -40.02 -0.25
C SER C 254 128.77 -39.84 -0.42
N ASP C 255 128.16 -39.07 0.47
CA ASP C 255 126.73 -38.93 0.54
C ASP C 255 126.34 -37.85 -0.47
N ASP C 256 125.94 -38.31 -1.67
CA ASP C 256 126.10 -37.57 -2.92
C ASP C 256 125.61 -36.13 -2.81
N PHE C 257 126.53 -35.19 -2.95
CA PHE C 257 126.34 -33.84 -2.47
C PHE C 257 125.24 -33.09 -3.22
N LEU C 258 124.26 -32.61 -2.47
CA LEU C 258 123.07 -31.95 -2.99
C LEU C 258 123.20 -30.43 -3.01
N GLY C 259 124.19 -29.88 -2.32
CA GLY C 259 124.37 -28.44 -2.18
C GLY C 259 124.78 -28.04 -0.78
N GLN C 260 125.27 -26.82 -0.63
CA GLN C 260 125.68 -26.29 0.67
C GLN C 260 125.24 -24.84 0.84
N THR C 261 125.24 -24.36 2.08
CA THR C 261 125.43 -22.94 2.37
C THR C 261 126.49 -22.74 3.46
N ILE C 262 127.39 -21.78 3.24
CA ILE C 262 128.54 -21.50 4.10
C ILE C 262 128.31 -20.12 4.72
N ILE C 263 127.67 -20.14 5.87
CA ILE C 263 127.22 -18.91 6.49
C ILE C 263 128.40 -18.37 7.31
N GLU C 264 128.93 -17.20 6.95
CA GLU C 264 129.99 -16.59 7.73
C GLU C 264 129.45 -16.12 9.07
N VAL C 265 130.11 -16.44 10.19
CA VAL C 265 129.51 -16.18 11.51
C VAL C 265 129.32 -14.69 11.80
N ARG C 266 130.11 -13.79 11.20
CA ARG C 266 129.85 -12.34 11.18
C ARG C 266 128.52 -11.92 10.52
N THR C 267 127.91 -12.76 9.67
CA THR C 267 126.58 -12.53 9.07
C THR C 267 125.45 -13.10 9.92
N LEU C 268 125.73 -13.49 11.16
CA LEU C 268 124.73 -13.93 12.10
C LEU C 268 124.47 -12.88 13.17
N SER C 269 123.20 -12.66 13.47
CA SER C 269 122.79 -11.67 14.46
C SER C 269 121.41 -12.02 14.98
N GLY C 270 121.33 -12.32 16.27
CA GLY C 270 120.04 -12.58 16.91
C GLY C 270 119.36 -13.81 16.35
N GLU C 271 118.03 -13.77 16.37
CA GLU C 271 117.17 -14.82 15.86
C GLU C 271 116.87 -14.66 14.35
N MET C 272 117.73 -15.23 13.50
CA MET C 272 117.55 -15.25 12.05
C MET C 272 116.64 -16.39 11.57
N ASP C 273 115.93 -16.17 10.47
CA ASP C 273 115.07 -17.15 9.77
C ASP C 273 115.24 -17.00 8.25
N VAL C 274 116.21 -17.71 7.66
CA VAL C 274 116.76 -17.38 6.33
C VAL C 274 116.77 -18.58 5.37
N TRP C 275 116.22 -18.38 4.18
CA TRP C 275 116.43 -19.19 2.98
C TRP C 275 117.78 -18.88 2.34
N TYR C 276 118.66 -19.87 2.37
CA TYR C 276 119.93 -19.83 1.68
C TYR C 276 119.84 -20.68 0.41
N ASN C 277 120.02 -20.06 -0.75
CA ASN C 277 120.23 -20.81 -1.99
C ASN C 277 121.43 -21.74 -1.81
N LEU C 278 121.33 -22.96 -2.34
CA LEU C 278 122.43 -23.91 -2.23
C LEU C 278 123.46 -23.71 -3.34
N ASP C 279 124.73 -23.78 -2.94
CA ASP C 279 125.91 -23.57 -3.78
C ASP C 279 126.63 -24.89 -4.13
N LYS C 280 127.36 -24.87 -5.25
CA LYS C 280 128.18 -26.00 -5.71
C LYS C 280 129.49 -26.02 -4.92
N ARG C 281 129.80 -27.16 -4.31
CA ARG C 281 131.12 -27.39 -3.71
C ARG C 281 132.19 -27.71 -4.74
N THR C 282 131.89 -28.61 -5.69
CA THR C 282 132.83 -29.10 -6.72
C THR C 282 132.19 -29.04 -8.10
N ASP C 283 133.01 -29.11 -9.14
CA ASP C 283 132.53 -29.03 -10.52
C ASP C 283 131.64 -30.22 -10.92
N LYS C 284 131.85 -31.39 -10.32
CA LYS C 284 130.96 -32.55 -10.47
C LYS C 284 129.65 -32.41 -9.73
N SER C 285 129.53 -31.44 -8.83
CA SER C 285 128.29 -31.17 -8.13
C SER C 285 127.27 -30.60 -9.10
N ALA C 286 126.14 -31.27 -9.26
CA ALA C 286 124.91 -30.62 -9.70
C ALA C 286 124.12 -30.19 -8.45
N VAL C 287 123.79 -28.90 -8.34
CA VAL C 287 123.12 -28.29 -7.16
C VAL C 287 121.98 -27.39 -7.58
N SER C 288 120.90 -27.49 -6.82
CA SER C 288 119.69 -26.71 -6.98
C SER C 288 118.96 -26.60 -5.66
N GLY C 289 118.08 -25.60 -5.57
CA GLY C 289 117.26 -25.40 -4.40
C GLY C 289 117.88 -24.47 -3.36
N ALA C 290 117.22 -24.45 -2.21
CA ALA C 290 117.54 -23.59 -1.09
C ALA C 290 117.28 -24.34 0.22
N ILE C 291 117.93 -23.91 1.28
CA ILE C 291 117.72 -24.43 2.63
C ILE C 291 117.29 -23.29 3.56
N ARG C 292 116.13 -23.42 4.19
CA ARG C 292 115.66 -22.53 5.25
C ARG C 292 116.29 -22.92 6.58
N LEU C 293 117.02 -21.98 7.15
CA LEU C 293 117.70 -22.15 8.41
C LEU C 293 117.23 -21.08 9.38
N HIS C 294 116.76 -21.53 10.53
CA HIS C 294 116.48 -20.65 11.64
C HIS C 294 117.67 -20.72 12.59
N ILE C 295 118.37 -19.61 12.74
CA ILE C 295 119.61 -19.54 13.48
C ILE C 295 119.45 -18.49 14.58
N SER C 296 119.44 -18.90 15.84
CA SER C 296 119.59 -17.96 16.95
C SER C 296 121.05 -17.86 17.35
N VAL C 297 121.58 -16.64 17.41
CA VAL C 297 122.96 -16.40 17.81
C VAL C 297 123.05 -15.45 18.99
N GLU C 298 123.68 -15.92 20.06
CA GLU C 298 123.93 -15.20 21.31
C GLU C 298 125.39 -14.76 21.39
N ILE C 299 125.73 -13.69 20.65
CA ILE C 299 127.08 -13.10 20.62
C ILE C 299 127.37 -12.34 21.92
N LYS C 300 128.54 -12.59 22.51
CA LYS C 300 129.06 -11.84 23.66
C LYS C 300 129.18 -10.34 23.32
N GLY C 301 128.56 -9.49 24.15
CA GLY C 301 128.49 -8.05 23.96
C GLY C 301 127.50 -7.58 22.90
N GLU C 302 126.72 -8.48 22.31
CA GLU C 302 125.68 -8.18 21.33
C GLU C 302 124.44 -9.07 21.53
N GLU C 303 123.95 -9.16 22.76
CA GLU C 303 122.77 -9.96 23.09
C GLU C 303 121.47 -9.37 22.56
N LYS C 304 120.53 -10.24 22.17
CA LYS C 304 119.17 -9.88 21.73
C LYS C 304 119.10 -8.91 20.54
N VAL C 305 120.17 -8.85 19.74
CA VAL C 305 120.22 -8.02 18.54
C VAL C 305 119.27 -8.49 17.43
N ALA C 306 118.88 -7.60 16.52
CA ALA C 306 118.02 -7.97 15.38
C ALA C 306 118.82 -8.62 14.23
N PRO C 307 118.21 -9.47 13.40
CA PRO C 307 118.81 -10.01 12.19
C PRO C 307 119.27 -8.95 11.22
N TYR C 308 120.36 -9.24 10.52
CA TYR C 308 120.96 -8.27 9.63
C TYR C 308 120.10 -7.84 8.45
N HIS C 309 119.15 -8.66 8.06
CA HIS C 309 118.11 -8.27 7.12
C HIS C 309 117.27 -7.11 7.68
N VAL C 310 116.79 -7.23 8.91
CA VAL C 310 116.01 -6.21 9.62
C VAL C 310 116.86 -4.97 9.89
N GLN C 311 118.10 -5.18 10.29
CA GLN C 311 119.05 -4.09 10.43
C GLN C 311 119.31 -3.38 9.11
N TYR C 312 119.49 -4.12 8.03
CA TYR C 312 119.71 -3.54 6.72
C TYR C 312 118.48 -2.77 6.29
N THR C 313 117.30 -3.31 6.50
CA THR C 313 116.05 -2.61 6.22
C THR C 313 116.00 -1.30 6.98
N CYS C 314 116.26 -1.33 8.28
CA CYS C 314 116.35 -0.15 9.10
C CYS C 314 117.40 0.85 8.60
N LEU C 315 118.61 0.39 8.26
CA LEU C 315 119.66 1.21 7.66
C LEU C 315 119.16 1.87 6.39
N HIS C 316 118.63 1.08 5.47
CA HIS C 316 118.20 1.51 4.15
C HIS C 316 117.04 2.48 4.26
N GLU C 317 116.09 2.22 5.14
CA GLU C 317 114.97 3.10 5.43
C GLU C 317 115.45 4.42 6.01
N ASN C 318 116.31 4.39 7.02
CA ASN C 318 116.82 5.61 7.61
C ASN C 318 117.67 6.39 6.62
N LEU C 319 118.52 5.70 5.88
CA LEU C 319 119.34 6.31 4.88
C LEU C 319 118.48 6.91 3.77
N PHE C 320 117.46 6.20 3.32
CA PHE C 320 116.50 6.69 2.35
C PHE C 320 115.77 7.91 2.88
N HIS C 321 115.17 7.84 4.07
CA HIS C 321 114.45 8.96 4.64
C HIS C 321 115.39 10.15 4.89
N PHE C 322 116.65 9.87 5.24
CA PHE C 322 117.64 10.90 5.36
C PHE C 322 117.94 11.53 4.00
N VAL C 323 118.28 10.74 3.00
CA VAL C 323 118.60 11.27 1.69
C VAL C 323 117.41 12.00 1.11
N THR C 324 116.27 11.35 1.05
CA THR C 324 115.07 11.91 0.42
C THR C 324 114.53 13.06 1.24
N ASP C 325 114.10 12.82 2.48
CA ASP C 325 113.44 13.85 3.27
C ASP C 325 114.42 14.86 3.85
N VAL C 326 115.53 14.42 4.41
CA VAL C 326 116.42 15.32 5.16
C VAL C 326 117.40 16.06 4.26
N GLN C 327 118.14 15.38 3.38
CA GLN C 327 119.04 16.03 2.44
C GLN C 327 118.28 16.73 1.30
N ASN C 328 117.24 16.07 0.75
CA ASN C 328 116.55 16.51 -0.47
C ASN C 328 115.13 17.04 -0.24
N ASN C 329 114.76 17.39 1.00
CA ASN C 329 113.49 18.04 1.37
C ASN C 329 112.23 17.27 0.92
N GLY C 330 112.38 15.98 0.66
CA GLY C 330 111.36 15.07 0.15
C GLY C 330 111.69 14.51 -1.24
N VAL C 331 112.45 15.24 -2.06
CA VAL C 331 112.73 14.82 -3.43
C VAL C 331 113.54 13.54 -3.43
N VAL C 332 113.07 12.52 -4.16
CA VAL C 332 113.85 11.30 -4.35
C VAL C 332 114.90 11.55 -5.42
N LYS C 333 116.14 11.77 -4.99
CA LYS C 333 117.28 11.83 -5.91
C LYS C 333 117.51 10.45 -6.52
N ILE C 334 117.10 10.30 -7.77
CA ILE C 334 117.38 9.10 -8.54
C ILE C 334 118.89 9.06 -8.79
N PRO C 335 119.59 7.97 -8.44
CA PRO C 335 121.02 7.84 -8.73
C PRO C 335 121.28 7.70 -10.23
N ASP C 336 122.38 8.30 -10.70
CA ASP C 336 122.95 7.97 -12.01
C ASP C 336 123.51 6.54 -11.96
N ALA C 337 122.83 5.59 -12.60
CA ALA C 337 123.20 4.18 -12.64
C ALA C 337 122.71 3.55 -13.94
N LYS C 338 123.54 2.68 -14.54
CA LYS C 338 123.31 2.06 -15.85
C LYS C 338 123.73 0.58 -15.82
N GLY C 339 123.27 -0.18 -16.80
CA GLY C 339 123.52 -1.61 -16.94
C GLY C 339 122.66 -2.49 -16.05
N ASP C 340 122.82 -3.81 -16.17
CA ASP C 340 122.01 -4.80 -15.46
C ASP C 340 122.20 -4.79 -13.94
N ASP C 341 123.17 -4.02 -13.43
CA ASP C 341 123.38 -3.75 -12.00
C ASP C 341 122.85 -2.35 -11.56
N ALA C 342 122.22 -1.56 -12.43
CA ALA C 342 121.70 -0.23 -12.06
C ALA C 342 120.66 -0.26 -10.92
N TRP C 343 119.78 -1.26 -10.95
CA TRP C 343 118.78 -1.55 -9.92
C TRP C 343 119.39 -1.88 -8.54
N LYS C 344 120.71 -2.11 -8.48
CA LYS C 344 121.51 -2.29 -7.27
C LYS C 344 122.12 -1.00 -6.77
N VAL C 345 121.96 0.10 -7.49
CA VAL C 345 122.41 1.42 -7.07
C VAL C 345 121.19 2.23 -6.69
N TYR C 346 121.19 2.71 -5.46
CA TYR C 346 120.04 3.34 -4.80
C TYR C 346 120.32 4.81 -4.44
N TYR C 347 121.61 5.19 -4.37
CA TYR C 347 122.11 6.45 -3.84
C TYR C 347 123.38 6.95 -4.54
N ASP C 348 123.83 8.15 -4.19
CA ASP C 348 125.22 8.56 -4.42
C ASP C 348 126.21 7.62 -3.73
N GLU C 349 127.44 7.62 -4.23
CA GLU C 349 128.57 6.76 -3.86
C GLU C 349 128.69 6.49 -2.36
N THR C 350 128.61 7.52 -1.53
CA THR C 350 128.89 7.38 -0.11
C THR C 350 127.77 6.56 0.55
N ALA C 351 126.53 6.98 0.29
CA ALA C 351 125.34 6.28 0.75
C ALA C 351 125.22 4.87 0.18
N GLN C 352 125.64 4.69 -1.07
CA GLN C 352 125.70 3.40 -1.71
C GLN C 352 126.72 2.50 -1.00
N GLU C 353 127.92 3.00 -0.73
CA GLU C 353 128.94 2.24 -0.03
C GLU C 353 128.50 1.83 1.36
N ILE C 354 127.73 2.66 2.05
CA ILE C 354 127.16 2.32 3.35
C ILE C 354 126.29 1.07 3.28
N VAL C 355 125.30 1.08 2.42
CA VAL C 355 124.40 -0.07 2.31
C VAL C 355 125.12 -1.28 1.75
N ASP C 356 125.97 -1.11 0.74
CA ASP C 356 126.70 -2.23 0.16
C ASP C 356 127.69 -2.86 1.15
N GLU C 357 128.47 -2.08 1.89
CA GLU C 357 129.36 -2.67 2.89
C GLU C 357 128.61 -3.27 4.05
N PHE C 358 127.51 -2.65 4.49
CA PHE C 358 126.65 -3.28 5.45
C PHE C 358 126.14 -4.62 4.93
N ALA C 359 125.59 -4.63 3.72
CA ALA C 359 125.01 -5.80 3.10
C ALA C 359 126.03 -6.90 2.85
N MET C 360 127.18 -6.57 2.25
CA MET C 360 128.26 -7.52 1.97
C MET C 360 128.88 -8.06 3.24
N ARG C 361 129.12 -7.22 4.27
CA ARG C 361 129.63 -7.69 5.56
C ARG C 361 128.66 -8.60 6.30
N TYR C 362 127.37 -8.31 6.17
CA TYR C 362 126.33 -8.98 6.94
C TYR C 362 125.43 -9.92 6.13
N GLY C 363 125.87 -10.34 4.92
CA GLY C 363 125.29 -11.42 4.11
C GLY C 363 123.91 -11.14 3.50
N VAL C 364 123.52 -9.88 3.45
CA VAL C 364 122.21 -9.46 2.93
C VAL C 364 122.25 -9.50 1.42
N GLU C 365 121.50 -10.41 0.83
CA GLU C 365 121.52 -10.64 -0.61
C GLU C 365 120.97 -9.44 -1.37
N SER C 366 121.51 -9.20 -2.55
CA SER C 366 121.14 -8.08 -3.42
C SER C 366 119.65 -7.98 -3.71
N ILE C 367 118.95 -9.10 -3.90
CA ILE C 367 117.51 -9.09 -4.12
C ILE C 367 116.73 -8.58 -2.91
N TYR C 368 117.18 -8.86 -1.69
CA TYR C 368 116.60 -8.31 -0.47
C TYR C 368 116.74 -6.80 -0.41
N GLN C 369 117.94 -6.32 -0.73
CA GLN C 369 118.25 -4.90 -0.81
C GLN C 369 117.31 -4.19 -1.79
N ALA C 370 117.10 -4.80 -2.95
CA ALA C 370 116.24 -4.28 -4.00
C ALA C 370 114.77 -4.24 -3.61
N MET C 371 114.26 -5.34 -3.07
CA MET C 371 112.88 -5.41 -2.61
C MET C 371 112.61 -4.43 -1.48
N THR C 372 113.60 -4.23 -0.61
CA THR C 372 113.61 -3.16 0.39
C THR C 372 113.57 -1.79 -0.25
N HIS C 373 114.48 -1.48 -1.18
CA HIS C 373 114.49 -0.15 -1.78
C HIS C 373 113.24 0.11 -2.60
N PHE C 374 112.71 -0.90 -3.27
CA PHE C 374 111.42 -0.85 -3.94
C PHE C 374 110.32 -0.50 -2.94
N ALA C 375 110.32 -1.11 -1.75
CA ALA C 375 109.42 -0.74 -0.68
C ALA C 375 109.59 0.72 -0.24
N CYS C 376 110.82 1.23 -0.11
CA CYS C 376 111.03 2.65 0.11
C CYS C 376 110.40 3.47 -1.03
N LEU C 377 110.78 3.21 -2.29
CA LEU C 377 110.30 3.94 -3.46
C LEU C 377 108.79 3.91 -3.58
N SER C 378 108.16 2.82 -3.16
CA SER C 378 106.72 2.66 -3.23
C SER C 378 105.96 3.70 -2.42
N SER C 379 106.58 4.25 -1.37
CA SER C 379 105.98 5.36 -0.64
C SER C 379 106.06 6.64 -1.47
N LYS C 380 107.19 6.88 -2.13
CA LYS C 380 107.48 8.09 -2.91
C LYS C 380 107.17 7.93 -4.39
N TYR C 381 106.30 7.00 -4.74
CA TYR C 381 106.04 6.67 -6.14
C TYR C 381 105.48 7.85 -6.94
N MET C 382 104.77 8.80 -6.30
CA MET C 382 104.29 10.00 -7.00
C MET C 382 105.45 10.87 -7.52
N CYS C 383 106.63 10.79 -6.94
CA CYS C 383 107.73 11.72 -7.21
C CYS C 383 108.36 11.48 -8.61
N PRO C 384 108.91 12.52 -9.27
CA PRO C 384 109.25 12.45 -10.69
C PRO C 384 110.27 11.36 -11.02
N GLY C 385 110.08 10.64 -12.12
CA GLY C 385 110.94 9.55 -12.56
C GLY C 385 110.80 8.27 -11.74
N VAL C 386 110.36 8.34 -10.48
CA VAL C 386 110.29 7.19 -9.58
C VAL C 386 109.56 6.01 -10.22
N PRO C 387 108.44 6.20 -10.92
CA PRO C 387 107.75 5.06 -11.51
C PRO C 387 108.58 4.31 -12.54
N ALA C 388 109.48 5.01 -13.23
CA ALA C 388 110.39 4.38 -14.17
C ALA C 388 111.38 3.50 -13.42
N VAL C 389 111.99 4.06 -12.37
CA VAL C 389 112.96 3.34 -11.53
C VAL C 389 112.30 2.14 -10.92
N MET C 390 111.14 2.33 -10.31
CA MET C 390 110.36 1.26 -9.71
C MET C 390 109.98 0.21 -10.73
N SER C 391 109.57 0.62 -11.93
CA SER C 391 109.24 -0.33 -12.99
C SER C 391 110.43 -1.18 -13.37
N THR C 392 111.57 -0.52 -13.52
CA THR C 392 112.83 -1.17 -13.85
C THR C 392 113.24 -2.12 -12.75
N LEU C 393 113.26 -1.62 -11.53
CA LEU C 393 113.60 -2.37 -10.32
C LEU C 393 112.73 -3.61 -10.20
N LEU C 394 111.44 -3.46 -10.44
CA LEU C 394 110.50 -4.58 -10.38
C LEU C 394 110.65 -5.53 -11.55
N ALA C 395 110.97 -5.05 -12.75
CA ALA C 395 111.33 -5.93 -13.85
C ALA C 395 112.57 -6.75 -13.50
N ASN C 396 113.51 -6.20 -12.72
CA ASN C 396 114.69 -6.94 -12.27
C ASN C 396 114.36 -7.95 -11.17
N ILE C 397 113.61 -7.52 -10.16
CA ILE C 397 113.09 -8.40 -9.11
C ILE C 397 112.29 -9.54 -9.75
N ASN C 398 111.46 -9.20 -10.73
CA ASN C 398 110.75 -10.16 -11.55
C ASN C 398 111.71 -11.11 -12.24
N ALA C 399 112.67 -10.58 -13.00
CA ALA C 399 113.59 -11.40 -13.76
C ALA C 399 114.40 -12.35 -12.88
N TYR C 400 114.79 -11.87 -11.70
CA TYR C 400 115.45 -12.65 -10.69
C TYR C 400 114.60 -13.88 -10.31
N TYR C 401 113.39 -13.69 -9.77
CA TYR C 401 112.59 -14.86 -9.34
C TYR C 401 112.06 -15.68 -10.50
N ALA C 402 111.63 -15.03 -11.58
CA ALA C 402 111.07 -15.71 -12.73
C ALA C 402 112.10 -16.63 -13.37
N HIS C 403 113.21 -16.07 -13.84
CA HIS C 403 114.04 -16.77 -14.80
C HIS C 403 115.21 -17.51 -14.17
N THR C 404 115.74 -17.04 -13.04
CA THR C 404 117.07 -17.50 -12.62
C THR C 404 117.06 -19.02 -12.36
N THR C 405 117.96 -19.70 -13.05
CA THR C 405 118.19 -21.15 -13.08
C THR C 405 116.96 -22.01 -13.35
N ALA C 406 116.82 -22.41 -14.62
CA ALA C 406 115.89 -23.44 -15.05
C ALA C 406 116.21 -24.86 -14.53
N SER C 407 117.44 -25.12 -14.08
CA SER C 407 117.86 -26.42 -13.50
C SER C 407 117.13 -26.75 -12.18
N THR C 408 116.53 -25.75 -11.55
CA THR C 408 115.58 -25.94 -10.44
C THR C 408 114.32 -26.68 -10.88
N ASN C 409 113.74 -27.46 -9.97
CA ASN C 409 112.44 -28.13 -10.19
C ASN C 409 111.33 -27.47 -9.32
N VAL C 410 111.38 -26.12 -9.22
CA VAL C 410 110.55 -25.30 -8.33
C VAL C 410 109.90 -24.16 -9.09
N SER C 411 108.61 -23.92 -8.84
CA SER C 411 107.87 -22.85 -9.51
C SER C 411 108.45 -21.46 -9.15
N ALA C 412 108.24 -20.45 -10.00
CA ALA C 412 108.70 -19.11 -9.69
C ALA C 412 108.08 -18.60 -8.39
N SER C 413 106.84 -18.95 -8.14
CA SER C 413 106.11 -18.56 -6.93
C SER C 413 106.70 -19.20 -5.68
N ASP C 414 107.12 -20.47 -5.75
CA ASP C 414 107.77 -21.16 -4.65
C ASP C 414 109.20 -20.67 -4.40
N ARG C 415 109.95 -20.42 -5.47
CA ARG C 415 111.26 -19.79 -5.37
C ARG C 415 111.15 -18.39 -4.76
N PHE C 416 110.11 -17.66 -5.13
CA PHE C 416 109.75 -16.41 -4.48
C PHE C 416 109.24 -16.60 -3.03
N ALA C 417 108.59 -17.71 -2.68
CA ALA C 417 108.28 -18.04 -1.27
C ALA C 417 109.54 -18.30 -0.45
N ALA C 418 110.65 -18.65 -1.10
CA ALA C 418 111.96 -18.64 -0.48
C ALA C 418 112.66 -17.26 -0.44
N SER C 419 111.96 -16.16 -0.72
CA SER C 419 112.52 -14.83 -0.54
C SER C 419 112.65 -14.46 0.93
N ASN C 420 113.83 -14.02 1.37
CA ASN C 420 114.02 -13.51 2.72
C ASN C 420 113.35 -12.17 2.98
N PHE C 421 112.94 -11.45 1.94
CA PHE C 421 112.08 -10.29 2.13
C PHE C 421 110.70 -10.66 2.69
N GLY C 422 110.23 -11.88 2.39
CA GLY C 422 108.86 -12.31 2.66
C GLY C 422 107.98 -12.10 1.42
N LYS C 423 107.43 -13.20 0.93
CA LYS C 423 106.59 -13.24 -0.26
C LYS C 423 105.35 -12.39 -0.08
N GLU C 424 104.57 -12.78 0.91
CA GLU C 424 103.43 -12.07 1.48
C GLU C 424 103.66 -10.56 1.51
N ARG C 425 104.70 -10.11 2.20
CA ARG C 425 105.05 -8.70 2.38
C ARG C 425 105.19 -8.01 1.03
N PHE C 426 105.92 -8.62 0.11
CA PHE C 426 106.09 -8.05 -1.20
C PHE C 426 104.78 -8.08 -2.01
N VAL C 427 104.00 -9.15 -1.89
CA VAL C 427 102.69 -9.27 -2.54
C VAL C 427 101.77 -8.13 -2.08
N LYS C 428 101.66 -7.93 -0.77
CA LYS C 428 100.89 -6.85 -0.16
C LYS C 428 101.39 -5.48 -0.60
N LEU C 429 102.71 -5.29 -0.55
CA LEU C 429 103.36 -4.07 -0.99
C LEU C 429 102.95 -3.70 -2.41
N LEU C 430 103.06 -4.66 -3.32
CA LEU C 430 102.66 -4.53 -4.71
C LEU C 430 101.17 -4.24 -4.86
N ASP C 431 100.32 -4.87 -4.05
CA ASP C 431 98.89 -4.63 -4.08
C ASP C 431 98.55 -3.21 -3.65
N GLN C 432 99.15 -2.73 -2.56
CA GLN C 432 98.95 -1.35 -2.09
C GLN C 432 99.41 -0.37 -3.15
N LEU C 433 100.59 -0.60 -3.70
CA LEU C 433 101.13 0.22 -4.75
C LEU C 433 100.21 0.20 -5.97
N HIS C 434 99.79 -0.97 -6.40
CA HIS C 434 98.89 -1.13 -7.53
C HIS C 434 97.62 -0.32 -7.32
N ASN C 435 97.06 -0.39 -6.12
CA ASN C 435 95.92 0.43 -5.75
C ASN C 435 96.24 1.92 -5.81
N SER C 436 97.35 2.36 -5.22
CA SER C 436 97.76 3.77 -5.26
C SER C 436 97.94 4.26 -6.70
N LEU C 437 98.50 3.43 -7.57
CA LEU C 437 98.61 3.70 -8.98
C LEU C 437 97.23 3.78 -9.64
N ARG C 438 96.34 2.83 -9.39
CA ARG C 438 94.93 2.86 -9.84
C ARG C 438 94.26 4.17 -9.48
N ILE C 439 94.39 4.62 -8.23
CA ILE C 439 93.80 5.87 -7.76
C ILE C 439 94.34 7.04 -8.57
N ASP C 440 95.66 7.17 -8.64
CA ASP C 440 96.24 8.32 -9.32
C ASP C 440 95.91 8.34 -10.81
N LEU C 441 95.93 7.17 -11.45
CA LEU C 441 95.48 6.99 -12.82
C LEU C 441 93.99 7.30 -13.00
N SER C 442 93.16 7.11 -11.97
CA SER C 442 91.74 7.47 -12.02
C SER C 442 91.49 8.98 -12.01
N MET C 443 92.54 9.78 -11.79
CA MET C 443 92.54 11.22 -12.04
C MET C 443 93.73 11.65 -12.90
N TYR C 444 94.13 10.82 -13.88
CA TYR C 444 95.36 11.00 -14.65
C TYR C 444 95.51 12.38 -15.28
N ARG C 445 94.42 13.01 -15.72
CA ARG C 445 94.51 14.31 -16.36
C ARG C 445 95.00 15.34 -15.36
N ASN C 446 94.34 15.39 -14.21
CA ASN C 446 94.65 16.31 -13.12
C ASN C 446 96.04 16.00 -12.54
N ASN C 447 96.28 14.72 -12.24
CA ASN C 447 97.51 14.26 -11.61
C ASN C 447 98.70 14.21 -12.56
N PHE C 448 98.48 14.28 -13.85
CA PHE C 448 99.53 14.26 -14.84
C PHE C 448 99.15 15.20 -15.97
N PRO C 449 99.16 16.51 -15.71
CA PRO C 449 98.65 17.50 -16.65
C PRO C 449 99.46 17.49 -17.94
N ALA C 450 98.76 17.60 -19.07
CA ALA C 450 99.41 17.60 -20.38
C ALA C 450 100.42 18.75 -20.53
N SER C 451 100.18 19.87 -19.85
CA SER C 451 101.09 21.00 -19.76
C SER C 451 102.43 20.67 -19.09
N SER C 452 102.60 19.49 -18.50
CA SER C 452 103.89 18.96 -18.08
C SER C 452 104.19 17.62 -18.77
N PRO C 453 105.06 17.65 -19.78
CA PRO C 453 105.61 16.46 -20.43
C PRO C 453 106.23 15.49 -19.44
N GLU C 454 106.89 16.00 -18.41
CA GLU C 454 107.54 15.16 -17.42
C GLU C 454 106.50 14.42 -16.62
N ARG C 455 105.41 15.09 -16.24
CA ARG C 455 104.30 14.40 -15.61
C ARG C 455 103.65 13.42 -16.58
N LEU C 456 103.58 13.73 -17.87
CA LEU C 456 103.18 12.71 -18.84
C LEU C 456 104.17 11.54 -18.86
N GLN C 457 105.47 11.76 -18.74
CA GLN C 457 106.40 10.66 -18.68
C GLN C 457 106.25 9.88 -17.36
N ASP C 458 105.95 10.55 -16.27
CA ASP C 458 105.65 9.88 -15.03
C ASP C 458 104.39 9.06 -15.13
N LEU C 459 103.35 9.60 -15.76
CA LEU C 459 102.16 8.85 -16.11
C LEU C 459 102.54 7.60 -16.89
N LYS C 460 103.35 7.76 -17.95
CA LYS C 460 103.79 6.63 -18.76
C LYS C 460 104.46 5.60 -17.89
N SER C 461 105.41 6.04 -17.08
CA SER C 461 106.14 5.14 -16.21
C SER C 461 105.32 4.59 -15.05
N THR C 462 104.25 5.26 -14.66
CA THR C 462 103.24 4.82 -13.67
C THR C 462 102.48 3.63 -14.22
N VAL C 463 102.09 3.72 -15.48
CA VAL C 463 101.53 2.60 -16.21
C VAL C 463 102.57 1.51 -16.44
N ASP C 464 103.78 1.85 -16.88
CA ASP C 464 104.84 0.84 -17.03
C ASP C 464 105.13 0.10 -15.72
N LEU C 465 105.07 0.78 -14.58
CA LEU C 465 105.14 0.14 -13.29
C LEU C 465 103.93 -0.77 -13.04
N LEU C 466 102.71 -0.31 -13.28
CA LEU C 466 101.50 -1.14 -13.18
C LEU C 466 101.57 -2.40 -14.05
N THR C 467 102.10 -2.25 -15.26
CA THR C 467 102.38 -3.40 -16.12
C THR C 467 103.38 -4.30 -15.46
N SER C 468 104.50 -3.77 -14.99
CA SER C 468 105.54 -4.54 -14.33
C SER C 468 105.01 -5.30 -13.12
N ILE C 469 104.07 -4.71 -12.38
CA ILE C 469 103.38 -5.34 -11.25
C ILE C 469 102.49 -6.47 -11.72
N THR C 470 101.71 -6.22 -12.76
CA THR C 470 100.81 -7.23 -13.33
C THR C 470 101.59 -8.39 -13.91
N PHE C 471 102.68 -8.07 -14.59
CA PHE C 471 103.62 -9.02 -15.11
C PHE C 471 104.28 -9.81 -13.98
N PHE C 472 104.68 -9.15 -12.90
CA PHE C 472 105.20 -9.83 -11.70
C PHE C 472 104.17 -10.78 -11.08
N ARG C 473 102.91 -10.34 -10.97
CA ARG C 473 101.80 -11.19 -10.55
C ARG C 473 101.65 -12.40 -11.46
N MET C 474 101.73 -12.19 -12.77
CA MET C 474 101.58 -13.23 -13.76
C MET C 474 102.76 -14.22 -13.76
N LYS C 475 103.98 -13.71 -13.68
CA LYS C 475 105.23 -14.46 -13.88
C LYS C 475 105.81 -15.01 -12.60
N VAL C 476 105.93 -14.19 -11.58
CA VAL C 476 106.51 -14.59 -10.30
C VAL C 476 105.45 -15.22 -9.42
N GLN C 477 104.35 -14.51 -9.17
CA GLN C 477 103.30 -15.10 -8.35
C GLN C 477 102.57 -16.21 -9.10
N GLU C 478 102.75 -16.33 -10.41
CA GLU C 478 102.09 -17.33 -11.26
C GLU C 478 100.56 -17.25 -11.12
N LEU C 479 100.03 -16.04 -10.84
CA LEU C 479 98.59 -15.83 -10.75
C LEU C 479 97.93 -16.10 -12.09
N GLN C 480 96.82 -16.82 -12.01
CA GLN C 480 96.08 -17.36 -13.15
C GLN C 480 95.18 -16.31 -13.80
N SER C 481 94.85 -15.24 -13.08
CA SER C 481 93.93 -14.19 -13.55
C SER C 481 94.22 -12.84 -12.88
N PRO C 482 95.45 -12.30 -12.95
CA PRO C 482 95.71 -10.97 -12.42
C PRO C 482 94.84 -9.92 -13.16
N PRO C 483 94.34 -8.87 -12.49
CA PRO C 483 93.56 -7.82 -13.14
C PRO C 483 94.37 -7.18 -14.27
N ARG C 484 93.94 -7.40 -15.52
CA ARG C 484 94.82 -7.17 -16.66
C ARG C 484 95.18 -5.68 -16.73
N ALA C 485 96.47 -5.35 -16.82
CA ALA C 485 96.93 -3.97 -16.66
C ALA C 485 96.22 -3.00 -17.59
N SER C 486 96.14 -3.39 -18.86
CA SER C 486 95.42 -2.64 -19.88
C SER C 486 94.01 -2.35 -19.42
N GLN C 487 93.29 -3.36 -18.94
CA GLN C 487 91.96 -3.19 -18.41
C GLN C 487 91.95 -2.28 -17.18
N VAL C 488 92.83 -2.52 -16.22
CA VAL C 488 92.90 -1.70 -15.01
C VAL C 488 93.05 -0.24 -15.34
N VAL C 489 94.01 0.06 -16.21
CA VAL C 489 94.26 1.39 -16.73
C VAL C 489 93.04 1.93 -17.46
N LYS C 490 92.40 1.14 -18.31
CA LYS C 490 91.21 1.52 -19.07
C LYS C 490 90.07 1.94 -18.15
N ASP C 491 89.92 1.23 -17.05
CA ASP C 491 88.99 1.62 -16.00
C ASP C 491 89.40 2.93 -15.35
N CYS C 492 90.68 3.08 -15.02
CA CYS C 492 91.19 4.32 -14.45
C CYS C 492 90.86 5.48 -15.37
N VAL C 493 91.14 5.30 -16.65
CA VAL C 493 90.90 6.27 -17.69
C VAL C 493 89.42 6.58 -17.74
N LYS C 494 88.56 5.56 -17.72
CA LYS C 494 87.12 5.76 -17.61
C LYS C 494 86.78 6.57 -16.39
N ALA C 495 87.28 6.22 -15.20
CA ALA C 495 86.99 6.96 -13.99
C ALA C 495 87.42 8.43 -14.13
N CYS C 496 88.62 8.67 -14.62
CA CYS C 496 89.08 10.01 -14.86
C CYS C 496 88.20 10.73 -15.84
N LEU C 497 87.81 10.07 -16.93
CA LEU C 497 86.95 10.63 -17.95
C LEU C 497 85.59 10.98 -17.38
N ASN C 498 85.05 10.16 -16.50
CA ASN C 498 83.82 10.49 -15.82
C ASN C 498 84.01 11.76 -15.00
N SER C 499 85.06 11.82 -14.22
CA SER C 499 85.33 12.98 -13.40
C SER C 499 85.64 14.22 -14.23
N THR C 500 86.33 14.03 -15.34
CA THR C 500 86.57 15.07 -16.32
C THR C 500 85.24 15.55 -16.86
N TYR C 501 84.39 14.61 -17.24
CA TYR C 501 83.11 14.91 -17.83
C TYR C 501 82.31 15.75 -16.85
N GLU C 502 82.18 15.28 -15.61
CA GLU C 502 81.61 16.07 -14.54
C GLU C 502 82.25 17.45 -14.46
N TYR C 503 83.57 17.53 -14.45
CA TYR C 503 84.23 18.79 -14.27
C TYR C 503 83.83 19.76 -15.37
N ILE C 504 84.03 19.37 -16.63
CA ILE C 504 83.68 20.23 -17.75
C ILE C 504 82.18 20.55 -17.70
N PHE C 505 81.35 19.55 -17.40
CA PHE C 505 79.91 19.67 -17.32
C PHE C 505 79.44 20.59 -16.19
N ASN C 506 80.32 20.91 -15.26
CA ASN C 506 80.04 21.85 -14.20
C ASN C 506 80.71 23.22 -14.45
N ASN C 507 81.70 23.29 -15.33
CA ASN C 507 82.56 24.45 -15.50
C ASN C 507 82.58 24.90 -16.95
N CYS C 508 81.55 24.51 -17.70
CA CYS C 508 81.54 24.65 -19.14
C CYS C 508 81.83 26.08 -19.58
N HIS C 509 81.18 27.07 -18.97
CA HIS C 509 81.31 28.40 -19.53
C HIS C 509 82.68 29.00 -19.29
N GLU C 510 83.22 28.85 -18.10
CA GLU C 510 84.57 29.28 -17.75
C GLU C 510 85.59 28.73 -18.72
N LEU C 511 85.55 27.43 -18.92
CA LEU C 511 86.47 26.74 -19.78
C LEU C 511 86.35 27.24 -21.23
N TYR C 512 85.13 27.34 -21.75
CA TYR C 512 84.89 27.75 -23.12
C TYR C 512 85.22 29.21 -23.38
N GLY C 513 84.75 30.06 -22.47
CA GLY C 513 85.05 31.47 -22.43
C GLY C 513 86.53 31.68 -22.61
N ARG C 514 87.30 31.16 -21.65
CA ARG C 514 88.76 31.20 -21.71
C ARG C 514 89.34 30.69 -23.03
N GLU C 515 89.06 29.43 -23.41
CA GLU C 515 89.83 28.73 -24.45
C GLU C 515 89.47 29.15 -25.88
N TYR C 516 88.26 29.62 -26.17
CA TYR C 516 87.83 29.87 -27.57
C TYR C 516 87.22 31.25 -27.80
N GLN C 517 86.68 31.92 -26.77
CA GLN C 517 85.82 33.08 -27.00
C GLN C 517 86.61 34.31 -27.48
N THR C 518 86.36 34.82 -28.69
CA THR C 518 87.15 35.93 -29.29
C THR C 518 86.88 37.31 -28.69
N ASP C 519 85.80 37.49 -27.94
CA ASP C 519 85.57 38.67 -27.10
C ASP C 519 85.90 38.34 -25.63
N PRO C 520 86.91 39.00 -25.02
CA PRO C 520 87.32 38.73 -23.63
C PRO C 520 86.20 38.93 -22.61
N ALA C 521 85.23 39.81 -22.86
CA ALA C 521 84.12 40.07 -21.94
C ALA C 521 83.21 38.85 -21.73
N LYS C 522 83.31 37.84 -22.60
CA LYS C 522 82.54 36.61 -22.53
C LYS C 522 83.32 35.44 -21.89
N LYS C 523 84.56 35.64 -21.42
CA LYS C 523 85.39 34.54 -20.90
C LYS C 523 85.06 34.06 -19.49
N GLY C 524 84.28 34.85 -18.77
CA GLY C 524 84.09 34.75 -17.33
C GLY C 524 83.03 33.72 -16.85
N GLU C 525 82.63 33.91 -15.59
CA GLU C 525 81.79 33.00 -14.80
C GLU C 525 80.29 33.14 -15.07
N VAL C 526 79.86 32.77 -16.27
CA VAL C 526 78.44 32.60 -16.57
C VAL C 526 77.83 31.54 -15.64
N PRO C 527 76.51 31.54 -15.36
CA PRO C 527 75.96 30.86 -14.19
C PRO C 527 76.26 29.37 -14.21
N PRO C 528 76.30 28.66 -13.07
CA PRO C 528 76.55 27.22 -13.04
C PRO C 528 75.56 26.41 -13.89
N GLU C 529 74.32 26.89 -13.99
CA GLU C 529 73.22 26.39 -14.82
C GLU C 529 73.40 26.65 -16.34
N GLU C 530 74.52 27.25 -16.71
CA GLU C 530 74.92 27.59 -18.08
C GLU C 530 76.40 27.21 -18.33
N GLN C 531 77.18 27.03 -17.27
CA GLN C 531 78.33 26.13 -17.21
C GLN C 531 77.89 24.65 -17.06
N GLY C 532 76.57 24.46 -17.11
CA GLY C 532 75.71 23.29 -17.10
C GLY C 532 74.48 23.54 -18.01
N PRO C 533 73.52 22.62 -18.13
CA PRO C 533 72.42 22.71 -19.10
C PRO C 533 71.38 23.80 -18.86
N SER C 534 70.91 24.40 -19.94
CA SER C 534 69.78 25.33 -19.95
C SER C 534 68.70 24.86 -20.90
N ILE C 535 67.45 25.09 -20.51
CA ILE C 535 66.30 24.84 -21.39
C ILE C 535 66.03 26.01 -22.36
N LYS C 536 66.48 27.22 -21.98
CA LYS C 536 66.26 28.47 -22.73
C LYS C 536 67.17 28.64 -23.93
N ASN C 537 68.37 28.08 -23.85
CA ASN C 537 69.36 28.19 -24.91
C ASN C 537 70.17 26.90 -24.99
N LEU C 538 70.66 26.63 -26.20
CA LEU C 538 71.48 25.46 -26.48
C LEU C 538 72.97 25.71 -26.23
N ASP C 539 73.37 26.94 -25.89
CA ASP C 539 74.75 27.41 -25.99
C ASP C 539 75.69 26.58 -25.11
N PHE C 540 75.21 26.16 -23.95
CA PHE C 540 75.92 25.22 -23.11
C PHE C 540 76.36 23.98 -23.86
N TRP C 541 75.47 23.38 -24.61
CA TRP C 541 75.75 22.17 -25.35
C TRP C 541 76.77 22.41 -26.44
N SER C 542 76.62 23.50 -27.20
CA SER C 542 77.62 23.88 -28.19
C SER C 542 79.00 23.98 -27.53
N LYS C 543 79.04 24.65 -26.39
CA LYS C 543 80.29 24.91 -25.70
C LYS C 543 80.88 23.64 -25.11
N LEU C 544 80.01 22.82 -24.54
CA LEU C 544 80.32 21.50 -24.03
C LEU C 544 80.88 20.62 -25.12
N ILE C 545 80.28 20.61 -26.31
CA ILE C 545 80.79 19.88 -27.46
C ILE C 545 82.23 20.34 -27.71
N THR C 546 82.51 21.63 -27.78
CA THR C 546 83.87 22.10 -28.07
C THR C 546 84.85 21.68 -26.99
N LEU C 547 84.39 21.64 -25.75
CA LEU C 547 85.20 21.16 -24.65
C LEU C 547 85.42 19.67 -24.67
N ILE C 548 84.38 18.92 -24.99
CA ILE C 548 84.49 17.50 -25.20
C ILE C 548 85.52 17.24 -26.29
N VAL C 549 85.46 17.98 -27.40
CA VAL C 549 86.45 17.91 -28.47
C VAL C 549 87.82 18.21 -27.92
N SER C 550 87.97 19.30 -27.17
CA SER C 550 89.26 19.66 -26.60
C SER C 550 89.82 18.53 -25.74
N ILE C 551 89.00 17.92 -24.90
CA ILE C 551 89.39 16.79 -24.09
C ILE C 551 89.73 15.58 -24.95
N ILE C 552 88.89 15.23 -25.91
CA ILE C 552 89.15 14.09 -26.79
C ILE C 552 90.43 14.30 -27.54
N GLU C 553 90.66 15.50 -28.04
CA GLU C 553 91.89 15.84 -28.70
C GLU C 553 93.06 15.76 -27.75
N GLU C 554 92.97 16.30 -26.55
CA GLU C 554 94.04 16.16 -25.57
C GLU C 554 94.34 14.68 -25.30
N ASP C 555 93.30 13.86 -25.21
CA ASP C 555 93.45 12.44 -25.03
C ASP C 555 94.06 11.77 -26.26
N LYS C 556 93.57 12.10 -27.44
CA LYS C 556 94.10 11.62 -28.69
C LYS C 556 95.56 12.01 -28.83
N ASN C 557 95.90 13.24 -28.50
CA ASN C 557 97.15 13.86 -28.89
C ASN C 557 98.19 13.68 -27.81
N SER C 558 97.84 13.98 -26.57
CA SER C 558 98.81 13.87 -25.49
C SER C 558 98.74 12.47 -24.89
N TYR C 559 97.55 12.09 -24.42
CA TYR C 559 97.50 10.90 -23.59
C TYR C 559 97.63 9.62 -24.39
N THR C 560 97.18 9.56 -25.65
CA THR C 560 97.25 8.31 -26.40
C THR C 560 98.68 7.97 -26.74
N PRO C 561 99.51 8.92 -27.21
CA PRO C 561 100.93 8.65 -27.39
C PRO C 561 101.62 8.32 -26.09
N CYS C 562 101.26 9.04 -25.03
CA CYS C 562 101.80 8.74 -23.71
C CYS C 562 101.49 7.30 -23.34
N LEU C 563 100.24 6.88 -23.50
CA LEU C 563 99.77 5.55 -23.14
C LEU C 563 99.61 4.68 -24.38
N ASN C 564 100.76 4.34 -24.96
CA ASN C 564 100.89 3.40 -26.07
C ASN C 564 101.36 1.98 -25.65
N GLN C 565 101.39 1.62 -24.35
CA GLN C 565 101.91 0.33 -23.86
C GLN C 565 101.13 -0.89 -24.36
N PHE C 566 99.84 -0.71 -24.58
CA PHE C 566 98.91 -1.75 -25.01
C PHE C 566 98.17 -1.25 -26.25
N PRO C 567 98.86 -1.04 -27.38
CA PRO C 567 98.29 -0.29 -28.49
C PRO C 567 97.05 -0.98 -29.07
N GLN C 568 97.05 -2.32 -29.08
CA GLN C 568 95.95 -3.18 -29.50
C GLN C 568 94.80 -3.31 -28.48
N GLU C 569 94.90 -2.68 -27.31
CA GLU C 569 93.88 -2.79 -26.26
C GLU C 569 93.48 -1.45 -25.63
N LEU C 570 94.37 -0.47 -25.65
CA LEU C 570 94.21 0.84 -25.03
C LEU C 570 94.54 1.92 -26.06
N ASN C 571 93.52 2.62 -26.50
CA ASN C 571 93.71 3.87 -27.19
C ASN C 571 92.92 4.95 -26.44
N VAL C 572 93.63 5.88 -25.78
CA VAL C 572 93.00 6.86 -24.88
C VAL C 572 92.05 7.77 -25.63
N GLY C 573 92.39 8.16 -26.85
CA GLY C 573 91.54 8.98 -27.70
C GLY C 573 90.24 8.26 -28.05
N LYS C 574 90.27 6.97 -28.39
CA LYS C 574 89.06 6.15 -28.61
C LYS C 574 88.22 6.09 -27.35
N ILE C 575 88.84 5.77 -26.22
CA ILE C 575 88.13 5.61 -24.95
C ILE C 575 87.54 6.94 -24.51
N SER C 576 88.30 8.01 -24.67
CA SER C 576 87.86 9.37 -24.43
C SER C 576 86.65 9.68 -25.29
N ALA C 577 86.76 9.54 -26.60
CA ALA C 577 85.63 9.74 -27.50
C ALA C 577 84.42 8.91 -27.08
N GLU C 578 84.58 7.61 -26.86
CA GLU C 578 83.48 6.73 -26.47
C GLU C 578 82.81 7.15 -25.18
N VAL C 579 83.57 7.35 -24.11
CA VAL C 579 83.02 7.71 -22.81
C VAL C 579 82.39 9.10 -22.89
N MET C 580 83.12 10.06 -23.45
CA MET C 580 82.68 11.45 -23.51
C MET C 580 81.44 11.59 -24.36
N TRP C 581 81.42 10.97 -25.53
CA TRP C 581 80.20 10.88 -26.32
C TRP C 581 79.13 10.16 -25.53
N SER C 582 79.41 9.04 -24.87
CA SER C 582 78.35 8.30 -24.16
C SER C 582 77.68 9.18 -23.12
N LEU C 583 78.49 9.74 -22.22
CA LEU C 583 78.02 10.62 -21.17
C LEU C 583 77.27 11.81 -21.77
N PHE C 584 77.89 12.45 -22.75
CA PHE C 584 77.27 13.53 -23.46
C PHE C 584 75.96 13.10 -24.09
N ALA C 585 75.89 11.92 -24.69
CA ALA C 585 74.77 11.47 -25.47
C ALA C 585 73.60 11.18 -24.57
N GLN C 586 73.83 10.53 -23.45
CA GLN C 586 72.78 10.32 -22.46
C GLN C 586 72.24 11.67 -22.02
N ASP C 587 73.14 12.59 -21.72
CA ASP C 587 72.72 13.88 -21.21
C ASP C 587 72.00 14.67 -22.27
N MET C 588 72.58 14.72 -23.46
CA MET C 588 72.01 15.36 -24.62
C MET C 588 70.66 14.76 -24.96
N LYS C 589 70.52 13.44 -24.91
CA LYS C 589 69.26 12.79 -25.18
C LYS C 589 68.22 13.25 -24.16
N TYR C 590 68.51 13.22 -22.86
CA TYR C 590 67.56 13.74 -21.90
C TYR C 590 67.28 15.23 -22.21
N ALA C 591 68.31 16.02 -22.51
CA ALA C 591 68.17 17.43 -22.74
C ALA C 591 67.28 17.73 -23.93
N MET C 592 67.52 17.08 -25.07
CA MET C 592 66.69 17.17 -26.27
C MET C 592 65.27 16.72 -25.97
N GLU C 593 65.06 15.63 -25.24
CA GLU C 593 63.72 15.25 -24.80
C GLU C 593 63.08 16.44 -24.06
N GLU C 594 63.84 17.10 -23.21
CA GLU C 594 63.35 18.19 -22.42
C GLU C 594 63.04 19.44 -23.23
N HIS C 595 63.95 19.81 -24.11
CA HIS C 595 63.71 20.81 -25.11
C HIS C 595 62.54 20.45 -26.00
N ASP C 596 62.29 19.18 -26.28
CA ASP C 596 61.17 18.80 -27.12
C ASP C 596 59.84 19.09 -26.43
N LYS C 597 59.83 19.02 -25.10
CA LYS C 597 58.67 19.40 -24.31
C LYS C 597 58.49 20.90 -24.33
N HIS C 598 59.55 21.65 -24.06
CA HIS C 598 59.41 23.09 -23.88
C HIS C 598 59.40 23.89 -25.18
N ARG C 599 60.22 23.47 -26.14
CA ARG C 599 60.49 24.10 -27.45
C ARG C 599 60.76 25.61 -27.33
N LEU C 600 61.56 26.02 -26.34
CA LEU C 600 61.88 27.44 -26.11
C LEU C 600 62.92 27.99 -27.10
N CYS C 601 63.95 27.21 -27.43
CA CYS C 601 64.87 27.57 -28.52
C CYS C 601 64.21 27.41 -29.90
N LYS C 602 64.72 28.09 -30.93
CA LYS C 602 64.13 28.06 -32.29
C LYS C 602 64.55 26.81 -33.04
N SER C 603 63.73 26.48 -34.04
CA SER C 603 63.95 25.36 -34.97
C SER C 603 65.39 25.39 -35.49
N ALA C 604 65.78 26.53 -36.03
CA ALA C 604 67.13 26.80 -36.53
C ALA C 604 68.22 26.42 -35.53
N ASP C 605 68.02 26.69 -34.25
CA ASP C 605 69.03 26.43 -33.24
C ASP C 605 69.22 24.94 -33.07
N TYR C 606 68.13 24.20 -32.97
CA TYR C 606 68.23 22.76 -32.94
C TYR C 606 68.84 22.22 -34.23
N MET C 607 68.59 22.84 -35.38
CA MET C 607 69.23 22.43 -36.63
C MET C 607 70.74 22.66 -36.53
N ASN C 608 71.17 23.81 -36.02
CA ASN C 608 72.59 24.11 -35.87
C ASN C 608 73.26 23.17 -34.89
N LEU C 609 72.58 22.91 -33.79
CA LEU C 609 73.01 21.92 -32.83
C LEU C 609 73.08 20.56 -33.50
N HIS C 610 72.08 20.22 -34.31
CA HIS C 610 72.07 18.97 -35.02
C HIS C 610 73.31 18.87 -35.92
N PHE C 611 73.63 19.92 -36.68
CA PHE C 611 74.83 19.97 -37.52
C PHE C 611 76.08 19.76 -36.67
N LYS C 612 76.15 20.39 -35.51
CA LYS C 612 77.32 20.26 -34.64
C LYS C 612 77.42 18.85 -34.09
N VAL C 613 76.32 18.30 -33.61
CA VAL C 613 76.29 16.95 -33.06
C VAL C 613 76.60 15.95 -34.13
N LYS C 614 76.00 16.11 -35.30
CA LYS C 614 76.31 15.34 -36.48
C LYS C 614 77.80 15.41 -36.71
N TRP C 615 78.36 16.61 -36.78
CA TRP C 615 79.78 16.74 -37.02
C TRP C 615 80.60 16.06 -35.94
N LEU C 616 80.27 16.28 -34.68
CA LEU C 616 80.99 15.70 -33.57
C LEU C 616 80.97 14.19 -33.70
N TYR C 617 79.78 13.65 -33.87
CA TYR C 617 79.57 12.24 -34.01
C TYR C 617 80.39 11.72 -35.17
N ASN C 618 80.21 12.30 -36.34
CA ASN C 618 80.85 11.85 -37.55
C ASN C 618 82.37 12.03 -37.50
N GLU C 619 82.87 12.99 -36.73
CA GLU C 619 84.28 13.23 -36.66
C GLU C 619 84.99 12.25 -35.74
N TYR C 620 84.34 11.90 -34.62
CA TYR C 620 85.02 11.21 -33.52
C TYR C 620 84.39 9.88 -33.10
N VAL C 621 83.15 9.63 -33.48
CA VAL C 621 82.31 8.61 -32.86
C VAL C 621 81.87 7.60 -33.88
N ALA C 622 81.41 8.07 -35.04
CA ALA C 622 80.98 7.25 -36.14
C ALA C 622 82.00 6.17 -36.48
N GLU C 623 83.26 6.53 -36.49
CA GLU C 623 84.39 5.65 -36.82
C GLU C 623 84.80 4.74 -35.66
N LEU C 624 84.37 4.99 -34.42
CA LEU C 624 84.67 4.05 -33.35
C LEU C 624 83.90 2.76 -33.63
N PRO C 625 84.52 1.57 -33.52
CA PRO C 625 83.88 0.30 -33.80
C PRO C 625 82.51 0.22 -33.12
N THR C 626 82.46 0.59 -31.84
CA THR C 626 81.25 0.61 -31.01
C THR C 626 80.09 1.33 -31.66
N PHE C 627 80.31 2.29 -32.54
CA PHE C 627 79.22 3.04 -33.16
C PHE C 627 79.20 2.99 -34.67
N LYS C 628 80.28 2.57 -35.35
CA LYS C 628 80.19 2.08 -36.73
C LYS C 628 79.30 0.83 -36.81
N ASP C 629 79.25 0.09 -35.71
CA ASP C 629 78.35 -1.04 -35.47
C ASP C 629 76.85 -0.67 -35.36
N ARG C 630 76.44 0.61 -35.48
CA ARG C 630 75.05 1.08 -35.34
C ARG C 630 74.63 2.08 -36.42
N VAL C 631 73.34 2.16 -36.70
CA VAL C 631 72.73 3.40 -37.24
C VAL C 631 72.69 4.41 -36.08
N PRO C 632 73.23 5.63 -36.23
CA PRO C 632 73.34 6.58 -35.13
C PRO C 632 72.01 6.95 -34.57
N GLU C 633 71.97 7.06 -33.26
CA GLU C 633 70.73 7.30 -32.57
C GLU C 633 70.45 8.80 -32.39
N TYR C 634 71.48 9.65 -32.41
CA TYR C 634 71.30 11.07 -32.27
C TYR C 634 70.29 11.74 -33.22
N PRO C 635 70.11 11.32 -34.49
CA PRO C 635 69.12 11.93 -35.36
C PRO C 635 67.69 11.78 -34.84
N ALA C 636 67.43 10.70 -34.09
CA ALA C 636 66.14 10.53 -33.46
C ALA C 636 65.87 11.63 -32.43
N TRP C 637 66.91 12.16 -31.77
CA TRP C 637 66.73 13.28 -30.87
C TRP C 637 66.20 14.50 -31.64
N PHE C 638 66.80 14.78 -32.80
CA PHE C 638 66.53 16.00 -33.55
C PHE C 638 65.32 15.95 -34.49
N GLU C 639 64.91 14.75 -34.89
CA GLU C 639 63.79 14.56 -35.83
C GLU C 639 62.55 15.44 -35.53
N PRO C 640 62.07 15.55 -34.28
CA PRO C 640 60.90 16.35 -33.99
C PRO C 640 61.10 17.82 -34.34
N PHE C 641 62.31 18.27 -34.17
CA PHE C 641 62.73 19.61 -34.49
C PHE C 641 62.83 19.76 -35.98
N VAL C 642 63.44 18.81 -36.69
CA VAL C 642 63.47 18.89 -38.15
C VAL C 642 62.07 18.86 -38.75
N ILE C 643 61.17 18.10 -38.16
CA ILE C 643 59.79 18.05 -38.62
C ILE C 643 59.12 19.39 -38.40
N GLN C 644 59.24 19.94 -37.21
CA GLN C 644 58.75 21.28 -36.93
C GLN C 644 59.32 22.29 -37.95
N TRP C 645 60.60 22.18 -38.25
CA TRP C 645 61.24 23.02 -39.23
C TRP C 645 60.62 22.83 -40.63
N LEU C 646 60.40 21.59 -41.08
CA LEU C 646 59.75 21.29 -42.35
C LEU C 646 58.37 21.92 -42.43
N ASP C 647 57.64 21.92 -41.32
CA ASP C 647 56.34 22.55 -41.25
C ASP C 647 56.46 24.06 -41.47
N GLU C 648 57.30 24.69 -40.65
CA GLU C 648 57.54 26.12 -40.73
C GLU C 648 57.96 26.51 -42.14
N ASN C 649 58.83 25.70 -42.71
CA ASN C 649 59.27 25.85 -44.06
C ASN C 649 58.13 25.75 -45.08
N GLU C 650 57.17 24.84 -44.88
CA GLU C 650 56.02 24.79 -45.77
C GLU C 650 55.24 26.09 -45.73
N GLU C 651 54.95 26.61 -44.55
CA GLU C 651 54.18 27.85 -44.44
C GLU C 651 54.90 29.00 -45.10
N VAL C 652 56.19 29.13 -44.78
CA VAL C 652 57.06 30.13 -45.39
C VAL C 652 57.04 29.96 -46.91
N SER C 653 57.13 28.73 -47.40
CA SER C 653 57.03 28.46 -48.82
C SER C 653 55.70 28.89 -49.41
N ARG C 654 54.55 28.56 -48.80
CA ARG C 654 53.24 28.93 -49.34
C ARG C 654 52.98 30.43 -49.25
N ASP C 655 53.51 31.12 -48.25
CA ASP C 655 53.36 32.57 -48.18
C ASP C 655 54.31 33.29 -49.17
N PHE C 656 55.54 32.80 -49.27
CA PHE C 656 56.48 33.24 -50.30
C PHE C 656 55.87 33.09 -51.70
N LEU C 657 55.21 31.95 -51.98
CA LEU C 657 54.57 31.65 -53.26
C LEU C 657 53.59 32.75 -53.65
N HIS C 658 52.69 33.11 -52.75
CA HIS C 658 51.71 34.14 -53.04
C HIS C 658 52.37 35.48 -53.33
N GLY C 659 53.43 35.81 -52.57
CA GLY C 659 54.26 36.96 -52.90
C GLY C 659 54.81 36.85 -54.33
N ALA C 660 55.51 35.77 -54.62
CA ALA C 660 56.16 35.55 -55.90
C ALA C 660 55.19 35.64 -57.07
N LEU C 661 54.04 35.01 -56.91
CA LEU C 661 52.96 35.10 -57.88
C LEU C 661 52.41 36.49 -57.97
N GLU C 662 52.13 37.18 -56.86
CA GLU C 662 51.59 38.53 -56.92
C GLU C 662 52.52 39.48 -57.65
N ARG C 663 53.84 39.38 -57.45
CA ARG C 663 54.81 40.16 -58.24
C ARG C 663 54.65 39.86 -59.72
N ASP C 664 54.67 38.57 -60.06
CA ASP C 664 54.65 38.13 -61.44
C ASP C 664 53.35 38.52 -62.16
N LYS C 665 52.22 38.33 -61.48
CA LYS C 665 50.89 38.73 -61.92
C LYS C 665 50.80 40.21 -62.15
N LYS C 666 51.31 41.01 -61.22
CA LYS C 666 51.31 42.46 -61.36
C LYS C 666 52.19 42.88 -62.53
N ASP C 667 53.32 42.19 -62.73
CA ASP C 667 54.17 42.34 -63.92
C ASP C 667 53.51 41.79 -65.20
N GLY C 668 52.29 41.24 -65.13
CA GLY C 668 51.57 40.70 -66.27
C GLY C 668 52.22 39.44 -66.84
N PHE C 669 52.94 38.68 -66.00
CA PHE C 669 53.63 37.44 -66.35
C PHE C 669 54.61 37.56 -67.52
N GLN C 670 55.51 38.54 -67.49
CA GLN C 670 56.58 38.58 -68.48
C GLN C 670 57.38 37.27 -68.44
N GLN C 671 57.57 36.66 -69.61
CA GLN C 671 58.61 35.67 -69.78
C GLN C 671 59.90 36.22 -69.22
N THR C 672 60.63 35.38 -68.51
CA THR C 672 61.86 35.80 -67.83
C THR C 672 62.87 36.29 -68.84
N SER C 673 62.93 35.62 -69.98
CA SER C 673 63.67 36.06 -71.15
C SER C 673 63.14 35.33 -72.37
N GLU C 674 63.64 35.76 -73.52
CA GLU C 674 63.33 35.30 -74.88
C GLU C 674 63.78 33.86 -75.17
N HIS C 675 64.11 33.12 -74.11
CA HIS C 675 64.51 31.72 -74.08
C HIS C 675 64.12 31.07 -72.74
N ALA C 676 64.08 31.82 -71.64
CA ALA C 676 63.40 31.43 -70.42
C ALA C 676 61.90 31.76 -70.54
N LEU C 677 61.21 30.89 -71.29
CA LEU C 677 59.84 31.07 -71.78
C LEU C 677 58.76 31.15 -70.68
N PHE C 678 59.18 30.84 -69.45
CA PHE C 678 58.44 30.94 -68.21
C PHE C 678 58.66 32.29 -67.52
N SER C 679 57.73 32.71 -66.68
CA SER C 679 57.83 33.90 -65.85
C SER C 679 58.50 33.67 -64.48
N CYS C 680 58.86 34.76 -63.79
CA CYS C 680 59.80 34.73 -62.68
C CYS C 680 59.34 33.92 -61.45
N SER C 681 58.05 33.87 -61.19
CA SER C 681 57.51 33.22 -60.00
C SER C 681 57.91 31.76 -59.95
N VAL C 682 58.04 31.09 -61.09
CA VAL C 682 58.54 29.72 -61.17
C VAL C 682 59.92 29.63 -60.52
N VAL C 683 60.79 30.53 -60.96
CA VAL C 683 62.17 30.58 -60.53
C VAL C 683 62.21 30.86 -59.03
N ASP C 684 61.44 31.85 -58.58
CA ASP C 684 61.33 32.17 -57.16
C ASP C 684 60.96 30.95 -56.35
N VAL C 685 59.89 30.30 -56.78
CA VAL C 685 59.32 29.18 -56.07
C VAL C 685 60.30 28.04 -56.03
N PHE C 686 60.83 27.62 -57.16
CA PHE C 686 61.79 26.53 -57.15
C PHE C 686 63.02 26.90 -56.35
N SER C 687 63.48 28.15 -56.39
CA SER C 687 64.57 28.61 -55.54
C SER C 687 64.21 28.34 -54.08
N GLN C 688 63.05 28.82 -53.63
CA GLN C 688 62.58 28.57 -52.28
C GLN C 688 62.56 27.08 -51.93
N LEU C 689 62.02 26.28 -52.84
CA LEU C 689 62.00 24.86 -52.62
C LEU C 689 63.38 24.27 -52.54
N ASN C 690 64.27 24.68 -53.41
CA ASN C 690 65.61 24.15 -53.48
C ASN C 690 66.36 24.54 -52.20
N GLN C 691 66.32 25.82 -51.79
CA GLN C 691 66.89 26.24 -50.50
C GLN C 691 66.42 25.29 -49.39
N SER C 692 65.10 25.08 -49.37
CA SER C 692 64.47 24.24 -48.38
C SER C 692 64.98 22.81 -48.44
N PHE C 693 65.11 22.26 -49.64
CA PHE C 693 65.54 20.90 -49.81
C PHE C 693 66.99 20.73 -49.39
N GLU C 694 67.83 21.69 -49.75
CA GLU C 694 69.25 21.58 -49.60
C GLU C 694 69.63 21.53 -48.13
N ILE C 695 68.92 22.28 -47.29
CA ILE C 695 69.07 22.20 -45.85
C ILE C 695 68.89 20.75 -45.39
N ILE C 696 67.76 20.15 -45.74
CA ILE C 696 67.46 18.76 -45.38
C ILE C 696 68.57 17.86 -45.89
N LYS C 697 68.93 18.06 -47.14
CA LYS C 697 69.89 17.21 -47.78
C LYS C 697 71.24 17.29 -47.08
N LYS C 698 71.63 18.48 -46.63
CA LYS C 698 72.86 18.69 -45.85
C LYS C 698 72.82 18.05 -44.48
N LEU C 699 71.65 17.78 -43.91
CA LEU C 699 71.61 16.98 -42.69
C LEU C 699 72.17 15.58 -42.91
N GLU C 700 71.99 14.98 -44.11
CA GLU C 700 72.52 13.65 -44.43
C GLU C 700 72.16 12.62 -43.37
N CYS C 701 70.92 12.69 -42.88
CA CYS C 701 70.48 11.93 -41.72
C CYS C 701 70.77 10.44 -41.98
N PRO C 702 71.58 9.79 -41.12
CA PRO C 702 72.04 8.42 -41.35
C PRO C 702 70.96 7.36 -41.03
N ASP C 703 69.78 7.77 -40.57
CA ASP C 703 68.64 6.90 -40.34
C ASP C 703 67.66 7.00 -41.53
N PRO C 704 67.61 5.97 -42.41
CA PRO C 704 66.85 6.06 -43.64
C PRO C 704 65.36 6.16 -43.41
N GLN C 705 64.87 5.76 -42.24
CA GLN C 705 63.47 5.82 -41.89
C GLN C 705 63.11 7.25 -41.48
N ILE C 706 63.95 7.89 -40.67
CA ILE C 706 63.83 9.31 -40.41
C ILE C 706 63.94 10.09 -41.71
N VAL C 707 64.89 9.74 -42.60
CA VAL C 707 64.98 10.35 -43.93
C VAL C 707 63.70 10.14 -44.73
N GLY C 708 63.19 8.91 -44.76
CA GLY C 708 61.93 8.63 -45.45
C GLY C 708 60.82 9.51 -44.90
N HIS C 709 60.73 9.64 -43.58
CA HIS C 709 59.78 10.52 -42.95
C HIS C 709 59.97 11.98 -43.37
N TYR C 710 61.19 12.50 -43.33
CA TYR C 710 61.49 13.83 -43.85
C TYR C 710 61.04 13.98 -45.30
N MET C 711 61.36 13.00 -46.13
CA MET C 711 61.08 13.02 -47.56
C MET C 711 59.60 12.97 -47.86
N ARG C 712 58.88 12.15 -47.11
CA ARG C 712 57.42 12.11 -47.19
C ARG C 712 56.87 13.46 -46.80
N ARG C 713 57.30 13.98 -45.65
CA ARG C 713 56.86 15.29 -45.17
C ARG C 713 57.13 16.35 -46.23
N PHE C 714 58.30 16.34 -46.80
CA PHE C 714 58.71 17.34 -47.76
C PHE C 714 58.02 17.19 -49.11
N ALA C 715 57.84 15.98 -49.61
CA ALA C 715 57.11 15.72 -50.86
C ALA C 715 55.71 16.33 -50.84
N LYS C 716 55.07 16.28 -49.67
CA LYS C 716 53.78 16.92 -49.44
C LYS C 716 53.91 18.43 -49.60
N THR C 717 54.91 19.01 -48.97
CA THR C 717 55.20 20.42 -49.16
C THR C 717 55.29 20.78 -50.62
N ILE C 718 56.07 20.01 -51.37
CA ILE C 718 56.26 20.23 -52.79
C ILE C 718 54.94 20.15 -53.52
N SER C 719 54.22 19.06 -53.30
CA SER C 719 52.94 18.84 -53.93
C SER C 719 51.98 19.99 -53.66
N ASN C 720 51.82 20.38 -52.42
CA ASN C 720 50.93 21.44 -52.00
C ASN C 720 51.27 22.75 -52.69
N VAL C 721 52.52 23.16 -52.60
CA VAL C 721 53.00 24.40 -53.21
C VAL C 721 52.78 24.39 -54.72
N LEU C 722 53.23 23.34 -55.42
CA LEU C 722 53.21 23.32 -56.89
C LEU C 722 51.81 23.19 -57.45
N LEU C 723 50.94 22.44 -56.79
CA LEU C 723 49.55 22.39 -57.20
C LEU C 723 48.89 23.71 -56.95
N GLN C 724 49.18 24.36 -55.83
CA GLN C 724 48.65 25.69 -55.55
C GLN C 724 49.12 26.73 -56.57
N TYR C 725 50.38 26.63 -57.03
CA TYR C 725 50.82 27.38 -58.19
C TYR C 725 49.95 27.06 -59.42
N ALA C 726 49.89 25.77 -59.78
CA ALA C 726 49.18 25.30 -60.97
C ALA C 726 47.72 25.76 -60.98
N ASP C 727 47.09 25.70 -59.83
CA ASP C 727 45.73 26.11 -59.60
C ASP C 727 45.57 27.62 -59.77
N ILE C 728 46.39 28.44 -59.11
CA ILE C 728 46.32 29.90 -59.21
C ILE C 728 46.42 30.31 -60.68
N VAL C 729 47.38 29.72 -61.37
CA VAL C 729 47.49 29.90 -62.81
C VAL C 729 46.25 29.41 -63.52
N SER C 730 45.82 28.18 -63.30
CA SER C 730 44.71 27.60 -64.03
C SER C 730 43.45 28.43 -63.89
N LYS C 731 43.22 28.97 -62.69
CA LYS C 731 42.07 29.81 -62.39
C LYS C 731 42.06 31.10 -63.18
N ASP C 732 43.21 31.75 -63.32
CA ASP C 732 43.27 32.96 -64.13
C ASP C 732 43.43 32.69 -65.63
N PHE C 733 43.83 31.48 -66.00
CA PHE C 733 44.27 31.14 -67.36
C PHE C 733 43.32 31.59 -68.46
N ALA C 734 42.04 31.25 -68.33
CA ALA C 734 41.02 31.62 -69.28
C ALA C 734 40.91 33.14 -69.45
N SER C 735 41.05 33.91 -68.37
CA SER C 735 41.02 35.37 -68.46
C SER C 735 42.16 35.90 -69.33
N TYR C 736 43.30 35.20 -69.40
CA TYR C 736 44.41 35.57 -70.30
C TYR C 736 44.28 35.07 -71.72
N CYS C 737 43.39 34.12 -71.98
CA CYS C 737 43.18 33.55 -73.32
C CYS C 737 42.49 34.49 -74.32
N SER C 738 42.25 35.76 -73.95
CA SER C 738 41.76 36.80 -74.85
C SER C 738 42.85 37.28 -75.82
N LYS C 739 42.40 37.80 -76.97
CA LYS C 739 43.21 37.96 -78.17
C LYS C 739 44.40 38.92 -78.03
N GLU C 740 44.41 39.79 -77.03
CA GLU C 740 45.43 40.82 -76.86
C GLU C 740 46.64 40.29 -76.08
N LYS C 741 46.51 39.13 -75.42
CA LYS C 741 47.49 38.62 -74.46
C LYS C 741 47.92 37.18 -74.73
N GLU C 742 47.86 36.71 -75.97
CA GLU C 742 48.15 35.35 -76.44
C GLU C 742 49.45 34.77 -75.87
N LYS C 743 50.44 35.62 -75.69
CA LYS C 743 51.71 35.28 -75.08
C LYS C 743 51.57 34.81 -73.65
N VAL C 744 50.73 35.46 -72.85
CA VAL C 744 50.58 35.18 -71.42
C VAL C 744 50.14 33.74 -71.18
N PRO C 745 49.06 33.24 -71.80
CA PRO C 745 48.74 31.82 -71.75
C PRO C 745 49.92 30.95 -72.13
N CYS C 746 50.63 31.27 -73.22
CA CYS C 746 51.79 30.48 -73.59
C CYS C 746 52.81 30.46 -72.45
N ILE C 747 53.08 31.60 -71.84
CA ILE C 747 54.01 31.72 -70.72
C ILE C 747 53.53 30.97 -69.51
N LEU C 748 52.26 31.05 -69.19
CA LEU C 748 51.68 30.29 -68.11
C LEU C 748 51.77 28.78 -68.35
N MET C 749 51.50 28.34 -69.58
CA MET C 749 51.73 26.96 -69.96
C MET C 749 53.19 26.60 -69.79
N ASN C 750 54.10 27.47 -70.25
CA ASN C 750 55.51 27.26 -70.06
C ASN C 750 55.89 27.24 -68.59
N ASN C 751 55.26 28.04 -67.73
CA ASN C 751 55.50 27.99 -66.30
C ASN C 751 55.16 26.62 -65.80
N THR C 752 53.97 26.18 -66.16
CA THR C 752 53.44 24.89 -65.76
C THR C 752 54.40 23.81 -66.18
N GLN C 753 54.80 23.84 -67.43
CA GLN C 753 55.73 22.89 -67.94
C GLN C 753 57.09 23.01 -67.25
N GLN C 754 57.53 24.22 -66.95
CA GLN C 754 58.75 24.44 -66.23
C GLN C 754 58.65 23.88 -64.82
N LEU C 755 57.46 23.89 -64.22
CA LEU C 755 57.25 23.18 -62.97
C LEU C 755 57.53 21.71 -63.18
N ARG C 756 56.97 21.09 -64.23
CA ARG C 756 57.17 19.65 -64.48
C ARG C 756 58.63 19.29 -64.64
N VAL C 757 59.35 20.13 -65.35
CA VAL C 757 60.77 19.96 -65.60
C VAL C 757 61.54 20.10 -64.29
N GLN C 758 61.32 21.20 -63.58
CA GLN C 758 61.99 21.44 -62.32
C GLN C 758 61.59 20.44 -61.25
N LEU C 759 60.39 19.92 -61.31
CA LEU C 759 59.92 18.84 -60.46
C LEU C 759 60.65 17.54 -60.78
N GLU C 760 60.85 17.17 -62.04
CA GLU C 760 61.67 16.02 -62.35
C GLU C 760 63.09 16.20 -61.82
N LYS C 761 63.70 17.38 -62.06
CA LYS C 761 64.99 17.68 -61.44
C LYS C 761 64.91 17.43 -59.94
N MET C 762 63.89 17.97 -59.30
CA MET C 762 63.76 17.90 -57.85
C MET C 762 63.49 16.49 -57.36
N PHE C 763 62.72 15.71 -58.11
CA PHE C 763 62.51 14.31 -57.87
C PHE C 763 63.82 13.57 -57.92
N GLU C 764 64.64 13.86 -58.92
CA GLU C 764 65.93 13.21 -59.05
C GLU C 764 66.88 13.66 -57.97
N ALA C 765 66.83 14.95 -57.61
CA ALA C 765 67.61 15.52 -56.53
C ALA C 765 67.21 14.92 -55.18
N MET C 766 65.93 14.61 -54.99
CA MET C 766 65.40 13.80 -53.90
C MET C 766 65.73 12.30 -54.05
N GLY C 767 66.70 11.94 -54.89
CA GLY C 767 67.22 10.58 -55.03
C GLY C 767 66.57 9.80 -56.15
N GLY C 768 65.54 10.36 -56.81
CA GLY C 768 64.84 9.69 -57.89
C GLY C 768 64.35 8.31 -57.46
N LYS C 769 64.88 7.25 -58.08
CA LYS C 769 64.54 5.86 -57.78
C LYS C 769 64.84 5.48 -56.33
N GLU C 770 65.80 6.14 -55.71
CA GLU C 770 66.20 5.89 -54.33
C GLU C 770 65.36 6.66 -53.31
N LEU C 771 64.41 7.50 -53.76
CA LEU C 771 63.45 8.14 -52.87
C LEU C 771 62.50 7.13 -52.20
N ASP C 772 62.05 7.43 -50.98
CA ASP C 772 61.01 6.69 -50.27
C ASP C 772 59.75 6.47 -51.14
N ALA C 773 59.13 5.30 -51.01
CA ALA C 773 58.00 4.90 -51.84
C ALA C 773 56.80 5.88 -51.79
N GLU C 774 56.39 6.39 -50.63
CA GLU C 774 55.25 7.31 -50.55
C GLU C 774 55.61 8.72 -51.02
N ALA C 775 56.83 9.19 -50.73
CA ALA C 775 57.33 10.43 -51.30
C ALA C 775 57.39 10.35 -52.83
N SER C 776 57.97 9.28 -53.36
CA SER C 776 58.04 8.99 -54.79
C SER C 776 56.67 8.91 -55.44
N GLY C 777 55.76 8.15 -54.82
CA GLY C 777 54.37 8.06 -55.24
C GLY C 777 53.75 9.43 -55.30
N THR C 778 53.90 10.22 -54.23
CA THR C 778 53.41 11.60 -54.15
C THR C 778 53.90 12.43 -55.33
N LEU C 779 55.19 12.38 -55.62
CA LEU C 779 55.75 13.20 -56.67
C LEU C 779 55.38 12.69 -58.08
N LYS C 780 55.23 11.38 -58.28
CA LYS C 780 54.78 10.81 -59.55
C LYS C 780 53.34 11.20 -59.84
N GLU C 781 52.50 11.09 -58.82
CA GLU C 781 51.14 11.64 -58.80
C GLU C 781 51.16 13.12 -59.21
N LEU C 782 51.96 13.92 -58.53
CA LEU C 782 52.06 15.34 -58.77
C LEU C 782 52.44 15.59 -60.22
N GLN C 783 53.41 14.87 -60.75
CA GLN C 783 53.85 15.02 -62.13
C GLN C 783 52.76 14.67 -63.13
N VAL C 784 51.99 13.61 -62.88
CA VAL C 784 50.86 13.29 -63.74
C VAL C 784 49.78 14.35 -63.64
N LYS C 785 49.44 14.81 -62.44
CA LYS C 785 48.46 15.90 -62.27
C LYS C 785 48.88 17.13 -63.03
N LEU C 786 50.12 17.55 -62.83
CA LEU C 786 50.66 18.71 -63.54
C LEU C 786 50.64 18.48 -65.06
N ASN C 787 50.99 17.28 -65.54
CA ASN C 787 50.86 16.96 -66.96
C ASN C 787 49.44 17.23 -67.44
N ASN C 788 48.48 16.81 -66.65
CA ASN C 788 47.10 16.97 -67.01
C ASN C 788 46.71 18.43 -66.97
N VAL C 789 47.15 19.20 -65.97
CA VAL C 789 46.95 20.66 -65.94
C VAL C 789 47.43 21.23 -67.26
N LEU C 790 48.64 20.87 -67.68
CA LEU C 790 49.15 21.37 -68.92
C LEU C 790 48.26 20.99 -70.11
N ASP C 791 47.76 19.76 -70.14
CA ASP C 791 46.79 19.36 -71.16
C ASP C 791 45.53 20.22 -71.12
N GLU C 792 44.99 20.49 -69.93
CA GLU C 792 43.81 21.32 -69.77
C GLU C 792 44.08 22.74 -70.23
N LEU C 793 45.15 23.35 -69.75
CA LEU C 793 45.54 24.67 -70.17
C LEU C 793 45.69 24.70 -71.69
N SER C 794 46.31 23.68 -72.29
CA SER C 794 46.46 23.61 -73.74
C SER C 794 45.12 23.53 -74.46
N HIS C 795 44.17 22.82 -73.87
CA HIS C 795 42.84 22.76 -74.39
C HIS C 795 42.12 24.09 -74.24
N VAL C 796 42.21 24.74 -73.07
CA VAL C 796 41.54 26.02 -72.80
C VAL C 796 42.06 27.10 -73.74
N PHE C 797 43.38 27.09 -73.95
CA PHE C 797 44.03 27.92 -74.93
C PHE C 797 43.54 27.64 -76.35
N ALA C 798 43.61 26.39 -76.83
CA ALA C 798 43.14 26.05 -78.17
C ALA C 798 41.66 26.43 -78.40
N THR C 799 40.85 26.29 -77.35
CA THR C 799 39.43 26.63 -77.33
C THR C 799 39.16 28.11 -77.54
N SER C 800 39.98 29.01 -77.00
CA SER C 800 39.75 30.43 -77.27
C SER C 800 39.90 30.75 -78.77
N PHE C 801 40.63 29.93 -79.55
CA PHE C 801 40.69 30.03 -81.02
C PHE C 801 39.52 29.38 -81.76
N GLN C 802 38.72 28.56 -81.10
CA GLN C 802 37.62 27.86 -81.75
C GLN C 802 36.66 28.77 -82.52
N PRO C 803 36.16 29.90 -81.97
CA PRO C 803 35.25 30.79 -82.70
C PRO C 803 35.87 31.35 -83.97
N HIS C 804 37.16 31.70 -83.88
CA HIS C 804 37.93 32.17 -85.03
C HIS C 804 38.11 31.04 -86.04
N ILE C 805 38.42 29.82 -85.61
CA ILE C 805 38.55 28.65 -86.48
C ILE C 805 37.21 28.35 -87.15
N GLU C 806 36.10 28.52 -86.46
CA GLU C 806 34.77 28.34 -87.02
C GLU C 806 34.40 29.42 -88.01
N GLU C 807 34.65 30.67 -87.67
CA GLU C 807 34.50 31.78 -88.59
C GLU C 807 35.36 31.54 -89.84
N CYS C 808 36.65 31.24 -89.65
CA CYS C 808 37.58 30.92 -90.74
C CYS C 808 36.98 29.82 -91.60
N VAL C 809 36.63 28.69 -91.01
CA VAL C 809 36.16 27.53 -91.77
C VAL C 809 34.84 27.82 -92.45
N ARG C 810 33.97 28.64 -91.86
CA ARG C 810 32.79 29.13 -92.58
C ARG C 810 33.23 29.98 -93.77
N GLN C 811 34.20 30.88 -93.62
CA GLN C 811 34.73 31.61 -94.78
C GLN C 811 35.39 30.74 -95.83
N MET C 812 36.14 29.73 -95.40
CA MET C 812 36.69 28.72 -96.29
C MET C 812 35.53 28.06 -97.06
N GLY C 813 34.42 27.77 -96.38
CA GLY C 813 33.18 27.28 -96.96
C GLY C 813 32.51 28.27 -97.93
N ASP C 814 32.47 29.56 -97.61
CA ASP C 814 31.93 30.59 -98.51
C ASP C 814 32.74 30.70 -99.80
N ILE C 815 34.07 30.58 -99.70
CA ILE C 815 34.97 30.53 -100.85
C ILE C 815 34.77 29.23 -101.65
N LEU C 816 34.80 28.05 -101.02
CA LEU C 816 34.63 26.74 -101.69
C LEU C 816 33.27 26.60 -102.38
N SER C 817 32.21 27.28 -101.94
CA SER C 817 30.91 27.27 -102.62
C SER C 817 30.99 27.85 -104.03
N GLN C 818 31.95 28.74 -104.27
CA GLN C 818 32.17 29.39 -105.55
C GLN C 818 32.96 28.47 -106.50
N VAL C 819 33.81 27.58 -105.98
CA VAL C 819 34.35 26.45 -106.74
C VAL C 819 33.25 25.42 -106.83
N LYS C 820 32.87 24.96 -108.02
CA LYS C 820 32.03 23.76 -108.15
C LYS C 820 32.76 22.75 -109.03
N GLY C 821 32.09 22.03 -109.93
CA GLY C 821 32.69 21.01 -110.79
C GLY C 821 33.32 21.68 -112.00
N THR C 822 34.49 22.28 -111.80
CA THR C 822 34.85 23.43 -112.63
C THR C 822 35.38 23.17 -114.02
N GLY C 823 35.54 21.92 -114.47
CA GLY C 823 35.83 21.63 -115.87
C GLY C 823 34.84 22.27 -116.87
N ASN C 824 33.68 22.72 -116.40
CA ASN C 824 32.69 23.50 -117.15
C ASN C 824 32.28 24.79 -116.42
N VAL C 825 33.24 25.49 -115.79
CA VAL C 825 33.07 26.75 -115.04
C VAL C 825 34.28 27.69 -115.31
N PRO C 826 34.15 29.04 -115.28
CA PRO C 826 35.23 29.99 -115.60
C PRO C 826 36.54 29.86 -114.80
N ALA C 827 37.65 30.35 -115.35
CA ALA C 827 39.04 30.17 -114.88
C ALA C 827 39.41 30.80 -113.50
N SER C 828 38.51 31.53 -112.83
CA SER C 828 38.66 31.90 -111.41
C SER C 828 38.21 30.80 -110.43
N ALA C 829 37.48 29.81 -110.95
CA ALA C 829 37.00 28.63 -110.22
C ALA C 829 37.41 27.33 -110.91
N CYS C 830 37.61 27.31 -112.24
CA CYS C 830 38.55 26.38 -112.89
C CYS C 830 40.00 26.92 -112.86
N SER C 831 40.23 27.90 -111.99
CA SER C 831 41.50 28.19 -111.35
C SER C 831 42.11 26.87 -110.85
N SER C 832 43.44 26.72 -110.87
CA SER C 832 44.04 25.41 -110.62
C SER C 832 43.61 24.87 -109.27
N VAL C 833 43.63 23.56 -109.14
CA VAL C 833 43.27 22.91 -107.89
C VAL C 833 44.08 23.49 -106.72
N ALA C 834 45.35 23.79 -106.97
CA ALA C 834 46.23 24.47 -106.02
C ALA C 834 45.76 25.87 -105.65
N GLN C 835 45.48 26.72 -106.64
CA GLN C 835 45.09 28.10 -106.39
C GLN C 835 43.74 28.19 -105.68
N ASP C 836 42.78 27.35 -106.05
CA ASP C 836 41.52 27.26 -105.30
C ASP C 836 41.75 26.79 -103.87
N ALA C 837 42.61 25.80 -103.65
CA ALA C 837 42.96 25.37 -102.30
C ALA C 837 43.57 26.51 -101.50
N ASP C 838 44.49 27.28 -102.08
CA ASP C 838 45.06 28.46 -101.45
C ASP C 838 44.01 29.54 -101.12
N ASN C 839 43.09 29.83 -102.04
CA ASN C 839 42.02 30.80 -101.81
C ASN C 839 41.13 30.34 -100.66
N VAL C 840 40.66 29.10 -100.78
CA VAL C 840 39.86 28.43 -99.75
C VAL C 840 40.57 28.53 -98.42
N LEU C 841 41.87 28.19 -98.37
CA LEU C 841 42.68 28.24 -97.16
C LEU C 841 42.96 29.66 -96.64
N GLN C 842 42.78 30.72 -97.42
CA GLN C 842 43.34 32.00 -97.01
C GLN C 842 42.84 32.52 -95.65
N PRO C 843 41.53 32.46 -95.36
CA PRO C 843 41.01 32.83 -94.04
C PRO C 843 41.75 32.14 -92.89
N ILE C 844 41.98 30.82 -92.99
CA ILE C 844 42.63 30.05 -91.93
C ILE C 844 44.15 30.19 -91.95
N MET C 845 44.78 30.45 -93.10
CA MET C 845 46.23 30.57 -93.17
C MET C 845 46.73 31.89 -92.62
N ASP C 846 45.92 32.95 -92.70
CA ASP C 846 46.17 34.17 -91.96
C ASP C 846 46.24 33.91 -90.46
N LEU C 847 45.29 33.13 -89.95
CA LEU C 847 45.28 32.68 -88.57
C LEU C 847 46.52 31.81 -88.30
N LEU C 848 46.66 30.70 -89.02
CA LEU C 848 47.62 29.65 -88.72
C LEU C 848 49.05 30.13 -88.82
N ASP C 849 49.44 30.76 -89.91
CA ASP C 849 50.84 31.07 -90.13
C ASP C 849 51.39 31.92 -88.99
N SER C 850 50.68 33.00 -88.72
CA SER C 850 51.01 33.95 -87.67
C SER C 850 51.04 33.27 -86.30
N ASN C 851 49.95 32.60 -85.93
CA ASN C 851 49.81 32.05 -84.59
C ASN C 851 50.76 30.89 -84.39
N LEU C 852 50.83 29.95 -85.32
CA LEU C 852 51.70 28.80 -85.18
C LEU C 852 53.15 29.24 -85.17
N THR C 853 53.52 30.23 -85.97
CA THR C 853 54.90 30.72 -85.91
C THR C 853 55.18 31.45 -84.59
N LEU C 854 54.25 32.23 -84.06
CA LEU C 854 54.38 32.84 -82.74
C LEU C 854 54.51 31.79 -81.64
N PHE C 855 53.59 30.83 -81.57
CA PHE C 855 53.60 29.74 -80.60
C PHE C 855 54.88 28.92 -80.72
N ALA C 856 55.31 28.61 -81.93
CA ALA C 856 56.53 27.84 -82.14
C ALA C 856 57.74 28.50 -81.50
N LYS C 857 57.77 29.83 -81.50
CA LYS C 857 58.72 30.61 -80.73
C LYS C 857 58.43 30.50 -79.23
N ILE C 858 57.30 31.07 -78.79
CA ILE C 858 57.09 31.42 -77.38
C ILE C 858 56.65 30.24 -76.52
N CYS C 859 56.20 29.16 -77.12
CA CYS C 859 55.88 27.95 -76.41
C CYS C 859 57.09 27.05 -76.36
N GLU C 860 57.35 26.51 -75.18
CA GLU C 860 58.22 25.36 -75.04
C GLU C 860 57.68 24.20 -75.89
N LYS C 861 58.54 23.30 -76.35
CA LYS C 861 58.15 22.31 -77.37
C LYS C 861 57.05 21.35 -76.94
N THR C 862 57.05 20.94 -75.67
CA THR C 862 55.93 20.22 -75.04
C THR C 862 54.62 21.02 -75.09
N VAL C 863 54.68 22.32 -74.77
CA VAL C 863 53.53 23.25 -74.78
C VAL C 863 52.97 23.37 -76.19
N LEU C 864 53.86 23.64 -77.16
CA LEU C 864 53.54 23.76 -78.57
C LEU C 864 52.82 22.53 -79.08
N LYS C 865 53.39 21.33 -78.90
CA LYS C 865 52.81 20.05 -79.38
C LYS C 865 51.38 19.85 -78.87
N ARG C 866 51.15 20.12 -77.59
CA ARG C 866 49.84 19.99 -76.95
C ARG C 866 48.85 21.00 -77.53
N VAL C 867 49.25 22.27 -77.63
CA VAL C 867 48.48 23.32 -78.29
C VAL C 867 48.11 22.91 -79.72
N LEU C 868 49.09 22.45 -80.49
CA LEU C 868 48.90 22.03 -81.88
C LEU C 868 47.95 20.85 -82.01
N LYS C 869 48.03 19.83 -81.16
CA LYS C 869 47.08 18.71 -81.22
C LYS C 869 45.66 19.21 -81.00
N GLU C 870 45.47 20.02 -79.97
CA GLU C 870 44.17 20.61 -79.67
C GLU C 870 43.66 21.52 -80.80
N LEU C 871 44.54 22.29 -81.44
CA LEU C 871 44.19 23.08 -82.61
C LEU C 871 43.92 22.24 -83.87
N TRP C 872 44.71 21.20 -84.15
CA TRP C 872 44.55 20.29 -85.29
C TRP C 872 43.19 19.61 -85.30
N LYS C 873 42.88 18.95 -84.18
CA LYS C 873 41.58 18.36 -83.90
C LYS C 873 40.47 19.35 -84.19
N LEU C 874 40.58 20.54 -83.59
CA LEU C 874 39.61 21.61 -83.71
C LEU C 874 39.43 22.03 -85.17
N VAL C 875 40.51 22.22 -85.92
CA VAL C 875 40.43 22.49 -87.36
C VAL C 875 39.78 21.34 -88.11
N MET C 876 40.27 20.11 -87.98
CA MET C 876 39.74 18.94 -88.68
C MET C 876 38.25 18.75 -88.45
N ASN C 877 37.85 18.81 -87.19
CA ASN C 877 36.46 18.68 -86.81
C ASN C 877 35.64 19.84 -87.38
N THR C 878 36.14 21.07 -87.26
CA THR C 878 35.45 22.24 -87.79
C THR C 878 35.25 22.11 -89.29
N MET C 879 36.28 21.73 -90.04
CA MET C 879 36.17 21.49 -91.47
C MET C 879 35.21 20.36 -91.82
N GLU C 880 35.25 19.28 -91.08
CA GLU C 880 34.32 18.19 -91.27
C GLU C 880 32.87 18.63 -91.12
N ARG C 881 32.59 19.30 -90.01
CA ARG C 881 31.26 19.77 -89.65
C ARG C 881 30.80 20.90 -90.58
N THR C 882 31.60 21.95 -90.70
CA THR C 882 31.24 23.18 -91.38
C THR C 882 31.35 23.06 -92.89
N ILE C 883 32.30 22.30 -93.42
CA ILE C 883 32.50 22.20 -94.88
C ILE C 883 31.97 20.88 -95.42
N VAL C 884 32.41 19.74 -94.90
CA VAL C 884 32.12 18.47 -95.59
C VAL C 884 30.71 17.98 -95.30
N LEU C 885 30.23 18.12 -94.07
CA LEU C 885 28.89 17.69 -93.68
C LEU C 885 28.07 18.84 -93.07
N PRO C 886 27.83 19.91 -93.85
CA PRO C 886 27.08 21.07 -93.38
C PRO C 886 25.63 20.67 -93.09
N PRO C 887 25.06 21.04 -91.93
CA PRO C 887 23.74 20.54 -91.50
C PRO C 887 22.61 20.92 -92.47
N GLU C 888 22.73 22.04 -93.16
CA GLU C 888 21.80 22.43 -94.22
C GLU C 888 21.73 21.44 -95.41
N PHE C 889 22.71 20.56 -95.63
CA PHE C 889 22.59 19.50 -96.65
C PHE C 889 21.70 18.33 -96.20
N LEU C 890 21.36 18.23 -94.90
CA LEU C 890 20.14 17.52 -94.54
C LEU C 890 18.99 18.17 -95.29
N SER C 891 18.76 19.47 -95.04
CA SER C 891 17.66 20.23 -95.61
C SER C 891 17.58 20.12 -97.13
N LYS C 892 18.69 20.33 -97.85
CA LYS C 892 18.68 20.55 -99.31
C LYS C 892 18.76 19.30 -100.20
N LEU C 893 18.97 18.09 -99.66
CA LEU C 893 18.60 16.85 -100.40
C LEU C 893 18.55 15.52 -99.60
N LYS C 894 18.87 15.49 -98.30
CA LYS C 894 18.41 14.38 -97.45
C LYS C 894 16.90 14.53 -97.24
N ASP C 895 16.53 15.72 -96.82
CA ASP C 895 15.22 16.16 -96.40
C ASP C 895 14.39 16.68 -97.59
N HIS C 896 13.17 17.09 -97.27
CA HIS C 896 12.13 17.51 -98.19
C HIS C 896 12.20 18.99 -98.66
N MET C 897 13.12 19.82 -98.14
CA MET C 897 12.92 21.29 -98.14
C MET C 897 13.03 22.00 -99.52
N VAL C 898 13.88 21.51 -100.43
CA VAL C 898 14.15 22.17 -101.73
C VAL C 898 14.38 21.09 -102.81
N ARG C 899 13.68 21.19 -103.96
CA ARG C 899 13.82 20.28 -105.15
C ARG C 899 15.05 20.59 -106.02
N GLU C 900 16.11 21.09 -105.37
CA GLU C 900 17.43 21.36 -105.91
C GLU C 900 18.24 20.06 -105.95
N GLU C 901 19.25 19.99 -106.79
CA GLU C 901 20.14 18.82 -106.86
C GLU C 901 21.19 18.83 -105.73
N ALA C 902 21.03 19.73 -104.74
CA ALA C 902 21.97 20.24 -103.72
C ALA C 902 23.36 20.72 -104.19
N LYS C 903 23.84 20.21 -105.34
CA LYS C 903 25.23 20.17 -105.80
C LYS C 903 26.13 19.50 -104.76
N SER C 904 26.56 18.29 -105.09
CA SER C 904 27.53 17.54 -104.30
C SER C 904 28.81 18.32 -104.09
N LEU C 905 29.67 17.85 -103.18
CA LEU C 905 31.08 18.13 -103.35
C LEU C 905 31.50 17.52 -104.69
N THR C 906 31.71 18.39 -105.67
CA THR C 906 32.07 18.04 -107.05
C THR C 906 33.52 17.55 -107.10
N PRO C 907 33.99 16.77 -108.10
CA PRO C 907 35.35 16.23 -108.12
C PRO C 907 36.41 17.30 -107.87
N LYS C 908 36.22 18.46 -108.48
CA LYS C 908 37.05 19.63 -108.24
C LYS C 908 36.98 20.16 -106.81
N GLN C 909 35.80 20.27 -106.18
CA GLN C 909 35.73 20.65 -104.77
C GLN C 909 36.11 19.51 -103.81
N CYS C 910 36.21 18.26 -104.26
CA CYS C 910 36.76 17.15 -103.49
C CYS C 910 38.28 17.25 -103.44
N ALA C 911 38.86 17.35 -104.64
CA ALA C 911 40.12 18.04 -104.80
C ALA C 911 39.91 19.48 -104.30
N VAL C 912 40.92 20.35 -104.26
CA VAL C 912 40.81 21.61 -103.49
C VAL C 912 40.74 21.36 -102.00
N VAL C 913 39.72 20.66 -101.49
CA VAL C 913 39.64 20.25 -100.08
C VAL C 913 40.73 19.25 -99.75
N GLU C 914 40.87 18.15 -100.49
CA GLU C 914 41.95 17.17 -100.22
C GLU C 914 43.34 17.82 -100.26
N LEU C 915 43.50 18.86 -101.08
CA LEU C 915 44.74 19.62 -101.16
C LEU C 915 44.88 20.68 -100.05
N ALA C 916 43.81 21.37 -99.72
CA ALA C 916 43.74 22.26 -98.58
C ALA C 916 44.12 21.49 -97.31
N LEU C 917 43.60 20.27 -97.14
CA LEU C 917 43.90 19.36 -96.04
C LEU C 917 45.36 18.93 -96.04
N ASP C 918 45.94 18.55 -97.18
CA ASP C 918 47.37 18.23 -97.20
C ASP C 918 48.21 19.45 -96.80
N THR C 919 47.80 20.65 -97.21
CA THR C 919 48.46 21.89 -96.82
C THR C 919 48.32 22.21 -95.34
N ILE C 920 47.12 22.04 -94.78
CA ILE C 920 46.88 22.19 -93.36
C ILE C 920 47.73 21.20 -92.60
N LYS C 921 47.78 19.94 -93.04
CA LYS C 921 48.64 18.89 -92.50
C LYS C 921 50.11 19.29 -92.56
N GLN C 922 50.58 19.80 -93.68
CA GLN C 922 51.94 20.33 -93.80
C GLN C 922 52.19 21.51 -92.87
N TYR C 923 51.21 22.39 -92.73
CA TYR C 923 51.24 23.50 -91.80
C TYR C 923 51.36 23.01 -90.36
N PHE C 924 50.49 22.10 -89.95
CA PHE C 924 50.53 21.50 -88.62
C PHE C 924 51.76 20.65 -88.43
N HIS C 925 52.32 20.08 -89.49
CA HIS C 925 53.60 19.42 -89.43
C HIS C 925 54.76 20.39 -89.27
N ALA C 926 54.64 21.56 -89.89
CA ALA C 926 55.60 22.65 -89.88
C ALA C 926 57.03 22.14 -90.07
N GLY C 927 57.24 21.28 -91.06
CA GLY C 927 58.56 20.72 -91.33
C GLY C 927 59.17 20.03 -90.11
N GLY C 928 58.38 19.32 -89.32
CA GLY C 928 58.86 18.66 -88.11
C GLY C 928 58.81 19.52 -86.86
N VAL C 929 58.59 20.83 -86.97
CA VAL C 929 58.51 21.72 -85.79
C VAL C 929 57.17 21.57 -85.09
N GLY C 930 56.15 21.26 -85.88
CA GLY C 930 54.85 20.88 -85.39
C GLY C 930 54.68 19.36 -85.33
N LEU C 931 53.44 18.92 -85.49
CA LEU C 931 52.98 17.56 -85.28
C LEU C 931 53.57 16.57 -86.30
N LYS C 932 53.95 15.38 -85.86
CA LYS C 932 54.54 14.38 -86.75
C LYS C 932 53.57 14.06 -87.87
N LYS C 933 54.07 13.88 -89.08
CA LYS C 933 53.25 13.41 -90.22
C LYS C 933 52.46 12.16 -89.85
N THR C 934 53.08 11.28 -89.09
CA THR C 934 52.50 10.03 -88.59
C THR C 934 51.26 10.26 -87.70
N PHE C 935 51.30 11.18 -86.72
CA PHE C 935 50.13 11.57 -85.93
C PHE C 935 49.02 12.13 -86.83
N LEU C 936 49.42 12.99 -87.76
CA LEU C 936 48.48 13.65 -88.64
C LEU C 936 47.79 12.66 -89.58
N GLU C 937 48.53 11.74 -90.20
CA GLU C 937 47.98 10.71 -91.07
C GLU C 937 47.09 9.72 -90.31
N LYS C 938 47.53 9.26 -89.13
CA LYS C 938 46.74 8.40 -88.26
C LYS C 938 45.61 9.16 -87.57
N SER C 939 45.53 10.48 -87.72
CA SER C 939 44.55 11.27 -87.01
C SER C 939 43.16 10.74 -87.37
N PRO C 940 42.39 10.32 -86.37
CA PRO C 940 41.03 9.88 -86.58
C PRO C 940 40.19 11.05 -87.14
N ASP C 941 40.52 12.28 -86.75
CA ASP C 941 39.87 13.50 -87.20
C ASP C 941 40.02 13.65 -88.71
N LEU C 942 41.25 13.49 -89.18
CA LEU C 942 41.54 13.44 -90.59
C LEU C 942 40.90 12.23 -91.26
N GLN C 943 41.02 11.04 -90.69
CA GLN C 943 40.45 9.84 -91.30
C GLN C 943 38.93 9.96 -91.44
N SER C 944 38.26 10.50 -90.44
CA SER C 944 36.83 10.77 -90.49
C SER C 944 36.52 11.75 -91.61
N LEU C 945 37.28 12.85 -91.68
CA LEU C 945 37.11 13.84 -92.72
C LEU C 945 37.27 13.22 -94.13
N ARG C 946 38.33 12.43 -94.32
CA ARG C 946 38.58 11.66 -95.54
C ARG C 946 37.45 10.69 -95.86
N TYR C 947 36.88 10.04 -94.86
CA TYR C 947 35.79 9.10 -95.09
C TYR C 947 34.59 9.82 -95.67
N ALA C 948 34.11 10.87 -95.01
CA ALA C 948 32.99 11.67 -95.48
C ALA C 948 33.23 12.16 -96.91
N LEU C 949 34.42 12.66 -97.18
CA LEU C 949 34.83 13.05 -98.52
C LEU C 949 34.76 11.88 -99.49
N SER C 950 35.29 10.72 -99.15
CA SER C 950 35.27 9.56 -100.03
C SER C 950 33.84 9.21 -100.46
N LEU C 951 32.86 9.38 -99.55
CA LEU C 951 31.47 9.05 -99.85
C LEU C 951 30.94 9.88 -101.02
N TYR C 952 31.27 11.17 -101.05
CA TYR C 952 30.73 12.13 -102.01
C TYR C 952 31.05 11.79 -103.48
N THR C 953 32.04 10.97 -103.77
CA THR C 953 32.38 10.53 -105.13
C THR C 953 32.02 9.09 -105.41
N GLN C 954 31.66 8.30 -104.40
CA GLN C 954 31.53 6.85 -104.54
C GLN C 954 30.38 6.40 -105.45
N ALA C 955 30.60 5.28 -106.15
CA ALA C 955 29.65 4.74 -107.11
C ALA C 955 28.35 4.35 -106.43
N THR C 956 27.28 4.34 -107.21
CA THR C 956 25.94 4.05 -106.73
C THR C 956 25.86 2.70 -106.03
N ASP C 957 26.34 1.64 -106.68
CA ASP C 957 26.35 0.32 -106.06
C ASP C 957 27.19 0.30 -104.78
N LEU C 958 28.29 1.03 -104.76
CA LEU C 958 29.18 1.02 -103.62
C LEU C 958 28.56 1.77 -102.45
N LEU C 959 27.94 2.91 -102.72
CA LEU C 959 27.08 3.61 -101.79
C LEU C 959 25.99 2.68 -101.27
N ILE C 960 25.30 1.94 -102.14
CA ILE C 960 24.22 1.03 -101.75
C ILE C 960 24.75 -0.14 -100.90
N LYS C 961 25.84 -0.79 -101.30
CA LYS C 961 26.51 -1.80 -100.48
C LYS C 961 26.88 -1.23 -99.12
N THR C 962 27.46 -0.04 -99.11
CA THR C 962 27.83 0.67 -97.90
C THR C 962 26.62 0.86 -97.01
N PHE C 963 25.50 1.31 -97.59
CA PHE C 963 24.27 1.41 -96.86
C PHE C 963 23.90 0.07 -96.22
N VAL C 964 23.83 -1.03 -96.98
CA VAL C 964 23.42 -2.32 -96.40
C VAL C 964 24.39 -2.80 -95.32
N GLN C 965 25.69 -2.68 -95.56
CA GLN C 965 26.69 -3.07 -94.57
C GLN C 965 26.67 -2.20 -93.31
N THR C 966 26.32 -0.91 -93.42
CA THR C 966 26.34 0.06 -92.30
C THR C 966 25.03 0.11 -91.53
N GLN C 967 23.90 0.07 -92.23
CA GLN C 967 22.56 0.09 -91.65
C GLN C 967 22.21 -1.27 -90.99
N SER C 968 23.15 -1.94 -90.33
CA SER C 968 22.98 -3.26 -89.69
C SER C 968 21.78 -3.28 -88.75
N ALA C 969 21.50 -2.16 -88.07
CA ALA C 969 20.36 -1.98 -87.19
C ALA C 969 18.98 -1.98 -87.91
N GLN C 970 18.90 -1.92 -89.23
CA GLN C 970 17.67 -2.20 -89.99
C GLN C 970 17.43 -3.73 -90.09
N GLY C 971 17.45 -4.41 -88.95
CA GLY C 971 17.21 -5.85 -88.81
C GLY C 971 17.29 -6.33 -87.36
N SER C 972 16.60 -5.67 -86.42
CA SER C 972 16.60 -6.03 -84.98
C SER C 972 15.40 -5.52 -84.16
N GLY C 973 14.23 -5.39 -84.78
CA GLY C 973 12.98 -4.96 -84.15
C GLY C 973 12.57 -3.53 -84.53
N VAL C 974 11.55 -3.40 -85.37
CA VAL C 974 10.82 -2.14 -85.61
C VAL C 974 10.23 -1.65 -84.30
N GLU C 975 10.26 -0.35 -84.07
CA GLU C 975 9.59 0.24 -82.92
C GLU C 975 8.36 1.07 -83.36
N ASP C 976 7.27 0.96 -82.60
CA ASP C 976 5.89 1.27 -83.03
C ASP C 976 5.45 0.58 -84.35
N PRO C 977 5.28 -0.75 -84.35
CA PRO C 977 4.86 -1.51 -85.53
C PRO C 977 3.41 -1.21 -85.96
N VAL C 978 3.12 -1.42 -87.24
CA VAL C 978 1.83 -1.16 -87.90
C VAL C 978 1.17 -2.43 -88.43
N GLY C 979 1.55 -3.54 -87.84
CA GLY C 979 1.24 -4.87 -88.28
C GLY C 979 2.50 -5.69 -88.38
N GLU C 980 2.35 -6.88 -88.95
CA GLU C 980 3.43 -7.82 -89.17
C GLU C 980 3.17 -8.66 -90.40
N VAL C 981 4.24 -9.25 -90.93
CA VAL C 981 4.18 -10.14 -92.07
C VAL C 981 4.86 -11.43 -91.71
N SER C 982 4.14 -12.53 -91.85
CA SER C 982 4.74 -13.84 -91.87
C SER C 982 5.34 -14.11 -93.24
N VAL C 983 6.65 -14.31 -93.26
CA VAL C 983 7.36 -14.83 -94.41
C VAL C 983 8.07 -16.11 -94.01
N HIS C 984 8.14 -17.03 -94.95
CA HIS C 984 9.19 -18.04 -94.93
C HIS C 984 10.14 -17.75 -96.08
N VAL C 985 11.44 -17.68 -95.79
CA VAL C 985 12.47 -17.29 -96.76
C VAL C 985 13.50 -18.39 -96.85
N GLU C 986 13.85 -18.77 -98.08
CA GLU C 986 14.90 -19.74 -98.34
C GLU C 986 15.93 -19.05 -99.21
N LEU C 987 17.05 -18.74 -98.59
CA LEU C 987 18.25 -18.52 -99.36
C LEU C 987 18.61 -19.84 -100.00
N PHE C 988 18.76 -19.81 -101.31
CA PHE C 988 19.44 -20.85 -102.03
C PHE C 988 20.67 -20.21 -102.65
N THR C 989 21.83 -20.51 -102.07
CA THR C 989 23.08 -20.54 -102.83
C THR C 989 22.79 -21.60 -103.86
N HIS C 990 22.35 -21.08 -104.98
CA HIS C 990 21.47 -21.72 -105.90
C HIS C 990 22.07 -23.05 -106.27
N PRO C 991 21.47 -24.19 -105.88
CA PRO C 991 22.14 -25.48 -106.03
C PRO C 991 22.47 -25.77 -107.49
N GLY C 992 21.74 -25.15 -108.43
CA GLY C 992 22.02 -25.20 -109.87
C GLY C 992 23.13 -24.28 -110.39
N THR C 993 23.62 -23.27 -109.64
CA THR C 993 24.59 -22.29 -110.21
C THR C 993 25.65 -21.73 -109.25
N GLY C 994 25.52 -21.80 -107.93
CA GLY C 994 26.40 -21.06 -107.01
C GLY C 994 26.23 -19.53 -107.07
N GLU C 995 25.27 -18.99 -107.84
CA GLU C 995 24.70 -17.67 -107.57
C GLU C 995 23.92 -17.73 -106.26
N GLN C 996 23.36 -16.62 -105.80
CA GLN C 996 22.33 -16.66 -104.78
C GLN C 996 21.00 -16.20 -105.34
N LYS C 997 20.01 -17.02 -105.03
CA LYS C 997 18.61 -16.79 -105.29
C LYS C 997 17.92 -16.78 -103.95
N VAL C 998 16.86 -16.01 -103.83
CA VAL C 998 16.16 -15.82 -102.57
C VAL C 998 14.72 -16.14 -102.85
N THR C 999 14.30 -17.31 -102.40
CA THR C 999 12.89 -17.62 -102.39
C THR C 999 12.27 -16.89 -101.21
N VAL C 1000 11.14 -16.22 -101.41
CA VAL C 1000 10.36 -15.56 -100.36
C VAL C 1000 8.92 -16.01 -100.46
N LYS C 1001 8.52 -16.97 -99.62
CA LYS C 1001 7.11 -17.31 -99.40
C LYS C 1001 6.48 -16.29 -98.47
N VAL C 1002 5.70 -15.38 -99.03
CA VAL C 1002 4.79 -14.50 -98.29
C VAL C 1002 3.58 -15.30 -97.84
N VAL C 1003 3.55 -15.65 -96.56
CA VAL C 1003 2.51 -16.51 -95.97
C VAL C 1003 1.26 -15.69 -95.69
N ALA C 1004 1.41 -14.59 -94.95
CA ALA C 1004 0.32 -13.76 -94.47
C ALA C 1004 0.83 -12.39 -93.96
N ALA C 1005 -0.10 -11.45 -93.77
CA ALA C 1005 0.07 -10.34 -92.83
C ALA C 1005 -0.99 -10.39 -91.72
N ASN C 1006 -0.73 -9.66 -90.64
CA ASN C 1006 -1.54 -9.63 -89.43
C ASN C 1006 -1.42 -8.28 -88.73
N ASP C 1007 -2.44 -7.91 -87.95
CA ASP C 1007 -2.47 -6.68 -87.15
C ASP C 1007 -2.17 -5.39 -87.93
N LEU C 1008 -2.53 -5.36 -89.19
CA LEU C 1008 -2.35 -4.19 -90.03
C LEU C 1008 -3.14 -3.02 -89.46
N LYS C 1009 -2.46 -2.00 -88.96
CA LYS C 1009 -3.10 -0.80 -88.42
C LYS C 1009 -3.59 0.04 -89.60
N TRP C 1010 -4.72 -0.34 -90.17
CA TRP C 1010 -5.23 0.30 -91.36
C TRP C 1010 -6.74 0.11 -91.49
N GLN C 1011 -7.49 0.25 -90.40
CA GLN C 1011 -8.94 0.25 -90.47
C GLN C 1011 -9.38 1.54 -91.19
N THR C 1012 -9.50 1.43 -92.52
CA THR C 1012 -9.55 2.55 -93.45
C THR C 1012 -10.95 3.11 -93.67
N SER C 1013 -11.02 4.35 -94.14
CA SER C 1013 -12.21 5.01 -94.69
C SER C 1013 -12.67 4.47 -96.07
N GLY C 1014 -12.70 3.15 -96.24
CA GLY C 1014 -13.12 2.51 -97.50
C GLY C 1014 -12.91 1.00 -97.53
N ILE C 1015 -12.93 0.41 -98.72
CA ILE C 1015 -12.53 -0.97 -98.90
C ILE C 1015 -11.03 -1.06 -98.76
N PHE C 1016 -10.56 -1.63 -97.67
CA PHE C 1016 -9.18 -2.04 -97.57
C PHE C 1016 -8.89 -3.18 -98.55
N ARG C 1017 -7.82 -3.13 -99.34
CA ARG C 1017 -7.46 -4.18 -100.30
C ARG C 1017 -5.97 -4.45 -100.21
N PRO C 1018 -5.46 -4.89 -99.06
CA PRO C 1018 -4.04 -5.08 -98.88
C PRO C 1018 -3.43 -6.06 -99.86
N PHE C 1019 -2.26 -5.72 -100.35
CA PHE C 1019 -1.30 -6.60 -100.98
C PHE C 1019 0.08 -6.29 -100.41
N ILE C 1020 1.00 -7.24 -100.56
CA ILE C 1020 2.36 -7.12 -100.06
C ILE C 1020 3.28 -7.03 -101.22
N GLU C 1021 3.87 -5.87 -101.39
CA GLU C 1021 5.08 -5.74 -102.16
C GLU C 1021 6.26 -6.35 -101.40
N VAL C 1022 7.08 -7.14 -102.08
CA VAL C 1022 8.41 -7.51 -101.57
C VAL C 1022 9.45 -6.92 -102.52
N ASN C 1023 10.47 -6.27 -101.96
CA ASN C 1023 11.60 -5.75 -102.70
C ASN C 1023 12.89 -6.35 -102.15
N ILE C 1024 13.82 -6.69 -103.01
CA ILE C 1024 15.20 -6.96 -102.61
C ILE C 1024 15.99 -5.65 -102.69
N VAL C 1025 16.96 -5.46 -101.79
CA VAL C 1025 17.89 -4.33 -101.78
C VAL C 1025 19.31 -4.83 -101.57
N GLY C 1026 20.24 -4.21 -102.29
CA GLY C 1026 21.66 -4.46 -102.28
C GLY C 1026 22.29 -4.07 -103.61
N PRO C 1027 23.59 -4.30 -103.77
CA PRO C 1027 24.31 -3.87 -104.96
C PRO C 1027 23.95 -4.73 -106.19
N GLN C 1028 24.26 -4.21 -107.38
CA GLN C 1028 24.17 -4.89 -108.68
C GLN C 1028 22.78 -5.48 -108.96
N LEU C 1029 21.74 -4.66 -108.91
CA LEU C 1029 20.37 -5.12 -109.15
C LEU C 1029 19.68 -4.45 -110.34
N SER C 1030 20.39 -3.62 -111.10
CA SER C 1030 19.89 -2.92 -112.29
C SER C 1030 19.29 -3.82 -113.36
N ASP C 1031 19.92 -4.98 -113.57
CA ASP C 1031 19.57 -6.01 -114.55
C ASP C 1031 18.52 -7.00 -114.04
N LYS C 1032 18.05 -6.83 -112.80
CA LYS C 1032 17.22 -7.79 -112.06
C LYS C 1032 15.90 -7.21 -111.60
N LYS C 1033 14.92 -8.10 -111.49
CA LYS C 1033 13.58 -7.80 -110.96
C LYS C 1033 13.67 -7.51 -109.46
N ARG C 1034 13.70 -6.23 -109.11
CA ARG C 1034 13.85 -5.78 -107.72
C ARG C 1034 12.59 -5.89 -106.89
N LYS C 1035 11.44 -6.01 -107.53
CA LYS C 1035 10.11 -5.93 -106.91
C LYS C 1035 9.25 -7.14 -107.27
N PHE C 1036 8.47 -7.63 -106.31
CA PHE C 1036 7.31 -8.50 -106.49
C PHE C 1036 6.16 -7.95 -105.67
N ALA C 1037 4.96 -8.42 -105.94
CA ALA C 1037 3.80 -8.16 -105.08
C ALA C 1037 2.90 -9.39 -104.99
N THR C 1038 2.29 -9.62 -103.81
CA THR C 1038 1.19 -10.56 -103.70
C THR C 1038 0.00 -10.06 -104.49
N LYS C 1039 -0.98 -10.93 -104.74
CA LYS C 1039 -2.34 -10.48 -105.04
C LYS C 1039 -2.82 -9.60 -103.89
N SER C 1040 -3.86 -8.81 -104.14
CA SER C 1040 -4.60 -8.14 -103.07
C SER C 1040 -5.65 -9.06 -102.42
N LYS C 1041 -6.04 -8.74 -101.19
CA LYS C 1041 -7.15 -9.36 -100.46
C LYS C 1041 -8.13 -8.30 -99.99
N ASN C 1042 -9.39 -8.45 -100.30
CA ASN C 1042 -10.43 -7.50 -99.87
C ASN C 1042 -10.61 -7.55 -98.35
N ASN C 1043 -10.84 -6.37 -97.76
CA ASN C 1043 -11.33 -6.10 -96.42
C ASN C 1043 -10.69 -6.96 -95.30
N SER C 1044 -9.38 -7.16 -95.34
CA SER C 1044 -8.72 -8.18 -94.53
C SER C 1044 -7.47 -7.63 -93.88
N TRP C 1045 -7.55 -7.22 -92.62
CA TRP C 1045 -6.43 -6.81 -91.75
C TRP C 1045 -5.46 -7.94 -91.37
N ALA C 1046 -5.83 -9.19 -91.64
CA ALA C 1046 -4.97 -10.37 -91.49
C ALA C 1046 -4.92 -11.24 -92.75
N PRO C 1047 -4.58 -10.66 -93.92
CA PRO C 1047 -4.68 -11.35 -95.19
C PRO C 1047 -3.62 -12.43 -95.30
N LYS C 1048 -4.05 -13.63 -95.62
CA LYS C 1048 -3.16 -14.72 -96.03
C LYS C 1048 -2.85 -14.56 -97.52
N TYR C 1049 -1.70 -15.04 -97.93
CA TYR C 1049 -1.23 -14.96 -99.33
C TYR C 1049 -0.69 -16.29 -99.79
N ASN C 1050 0.23 -16.89 -99.03
CA ASN C 1050 0.92 -18.10 -99.45
C ASN C 1050 1.61 -17.97 -100.83
N GLU C 1051 2.12 -16.79 -101.18
CA GLU C 1051 2.73 -16.55 -102.50
C GLU C 1051 4.26 -16.55 -102.42
N SER C 1052 4.92 -17.35 -103.25
CA SER C 1052 6.37 -17.54 -103.22
C SER C 1052 7.10 -16.84 -104.37
N PHE C 1053 7.94 -15.86 -104.05
CA PHE C 1053 8.74 -15.09 -105.02
C PHE C 1053 10.18 -15.59 -105.04
N GLN C 1054 10.97 -15.25 -106.06
CA GLN C 1054 12.35 -15.72 -106.21
C GLN C 1054 13.24 -14.62 -106.76
N PHE C 1055 13.80 -13.80 -105.89
CA PHE C 1055 14.79 -12.82 -106.31
C PHE C 1055 16.05 -13.52 -106.74
N SER C 1056 16.78 -12.87 -107.63
CA SER C 1056 18.19 -13.18 -107.82
C SER C 1056 18.99 -12.09 -107.12
N LEU C 1057 19.98 -12.49 -106.35
CA LEU C 1057 21.06 -11.59 -105.96
C LEU C 1057 22.07 -11.53 -107.09
N SER C 1058 23.07 -10.67 -106.96
CA SER C 1058 24.28 -10.85 -107.75
C SER C 1058 24.93 -12.22 -107.47
N ALA C 1059 25.84 -12.64 -108.34
CA ALA C 1059 26.80 -13.69 -108.02
C ALA C 1059 27.93 -13.22 -107.10
N ASP C 1060 28.33 -11.95 -107.21
CA ASP C 1060 29.57 -11.46 -106.59
C ASP C 1060 29.38 -11.08 -105.12
N ALA C 1061 28.53 -10.10 -104.86
CA ALA C 1061 28.20 -9.63 -103.55
C ALA C 1061 27.53 -10.74 -102.73
N GLY C 1062 28.02 -10.97 -101.52
CA GLY C 1062 27.47 -11.99 -100.63
C GLY C 1062 26.11 -11.59 -100.05
N PRO C 1063 25.38 -12.53 -99.42
CA PRO C 1063 24.04 -12.26 -98.91
C PRO C 1063 24.03 -11.13 -97.89
N GLU C 1064 25.08 -10.96 -97.10
CA GLU C 1064 25.28 -9.82 -96.20
C GLU C 1064 25.32 -8.44 -96.90
N CYS C 1065 25.52 -8.35 -98.22
CA CYS C 1065 25.35 -7.11 -98.98
C CYS C 1065 23.89 -6.80 -99.32
N TYR C 1066 22.95 -7.67 -98.93
CA TYR C 1066 21.55 -7.55 -99.28
C TYR C 1066 20.60 -7.65 -98.10
N GLU C 1067 19.43 -7.09 -98.33
CA GLU C 1067 18.31 -7.06 -97.41
C GLU C 1067 17.01 -7.08 -98.20
N LEU C 1068 16.03 -7.82 -97.71
CA LEU C 1068 14.67 -7.69 -98.20
C LEU C 1068 14.03 -6.50 -97.51
N GLN C 1069 13.25 -5.76 -98.26
CA GLN C 1069 12.33 -4.74 -97.78
C GLN C 1069 10.90 -5.18 -98.14
N VAL C 1070 10.07 -5.47 -97.14
CA VAL C 1070 8.70 -5.99 -97.29
C VAL C 1070 7.72 -4.87 -97.01
N CYS C 1071 6.88 -4.50 -97.97
CA CYS C 1071 5.95 -3.40 -97.84
C CYS C 1071 4.52 -3.85 -98.06
N VAL C 1072 3.65 -3.50 -97.13
CA VAL C 1072 2.22 -3.73 -97.28
C VAL C 1072 1.60 -2.47 -97.83
N LYS C 1073 0.76 -2.61 -98.84
CA LYS C 1073 0.04 -1.52 -99.48
C LYS C 1073 -1.42 -1.86 -99.67
N ASP C 1074 -2.26 -0.86 -99.51
CA ASP C 1074 -3.66 -0.94 -99.85
C ASP C 1074 -3.84 -0.72 -101.37
N TYR C 1075 -4.40 -1.66 -102.12
CA TYR C 1075 -4.65 -1.44 -103.55
C TYR C 1075 -5.77 -0.43 -103.77
N CYS C 1076 -5.52 0.63 -104.52
CA CYS C 1076 -6.44 1.73 -104.73
C CYS C 1076 -6.44 2.23 -106.18
N PHE C 1077 -7.22 1.60 -107.06
CA PHE C 1077 -7.54 2.23 -108.36
C PHE C 1077 -8.16 3.62 -108.16
N ALA C 1078 -8.03 4.46 -109.19
CA ALA C 1078 -8.44 5.86 -109.29
C ALA C 1078 -7.66 6.81 -108.36
N ARG C 1079 -7.48 6.40 -107.10
CA ARG C 1079 -6.63 6.98 -106.08
C ARG C 1079 -5.15 6.65 -106.31
N GLU C 1080 -4.45 6.26 -105.23
CA GLU C 1080 -3.07 5.79 -105.17
C GLU C 1080 -2.94 4.65 -104.12
N ASP C 1081 -2.11 3.62 -104.39
CA ASP C 1081 -1.92 2.48 -103.49
C ASP C 1081 -1.16 2.87 -102.22
N ARG C 1082 -1.88 3.03 -101.11
CA ARG C 1082 -1.28 3.59 -99.89
C ARG C 1082 -0.33 2.62 -99.21
N THR C 1083 0.89 3.05 -98.90
CA THR C 1083 1.77 2.27 -98.03
C THR C 1083 1.16 2.17 -96.66
N VAL C 1084 0.88 0.94 -96.26
CA VAL C 1084 0.44 0.56 -94.93
C VAL C 1084 1.64 0.46 -93.98
N GLY C 1085 2.75 -0.11 -94.44
CA GLY C 1085 3.93 -0.31 -93.60
C GLY C 1085 5.08 -0.98 -94.34
N LEU C 1086 6.25 -1.02 -93.70
CA LEU C 1086 7.51 -1.51 -94.28
C LEU C 1086 8.36 -2.32 -93.27
N ALA C 1087 8.98 -3.43 -93.64
CA ALA C 1087 9.90 -4.19 -92.79
C ALA C 1087 11.20 -4.52 -93.51
N VAL C 1088 12.32 -4.52 -92.80
CA VAL C 1088 13.61 -4.91 -93.38
C VAL C 1088 14.07 -6.22 -92.79
N LEU C 1089 14.51 -7.13 -93.64
CA LEU C 1089 15.16 -8.36 -93.23
C LEU C 1089 16.58 -8.39 -93.80
N GLN C 1090 17.58 -8.50 -92.92
CA GLN C 1090 18.97 -8.60 -93.34
C GLN C 1090 19.34 -10.02 -93.76
N LEU C 1091 19.81 -10.18 -94.99
CA LEU C 1091 20.17 -11.51 -95.49
C LEU C 1091 21.49 -12.04 -94.91
N ARG C 1092 22.24 -11.24 -94.14
CA ARG C 1092 23.33 -11.77 -93.29
C ARG C 1092 22.81 -12.85 -92.35
N GLU C 1093 21.61 -12.69 -91.81
CA GLU C 1093 21.03 -13.63 -90.86
C GLU C 1093 20.80 -14.97 -91.57
N LEU C 1094 20.12 -14.88 -92.70
CA LEU C 1094 19.87 -16.00 -93.58
C LEU C 1094 21.15 -16.64 -94.11
N ALA C 1095 22.25 -15.93 -94.23
CA ALA C 1095 23.51 -16.54 -94.58
C ALA C 1095 23.92 -17.65 -93.58
N GLN C 1096 23.52 -17.54 -92.32
CA GLN C 1096 23.62 -18.65 -91.38
C GLN C 1096 22.38 -19.53 -91.46
N ARG C 1097 21.20 -18.93 -91.42
CA ARG C 1097 19.96 -19.69 -91.19
C ARG C 1097 19.59 -20.61 -92.36
N GLY C 1098 19.97 -20.27 -93.60
CA GLY C 1098 19.64 -21.01 -94.84
C GLY C 1098 18.16 -20.85 -95.25
N SER C 1099 17.25 -21.24 -94.37
CA SER C 1099 15.85 -20.85 -94.44
C SER C 1099 15.29 -20.40 -93.09
N ALA C 1100 14.45 -19.37 -93.11
CA ALA C 1100 13.86 -18.77 -91.91
C ALA C 1100 12.36 -18.57 -92.07
N ALA C 1101 11.60 -19.08 -91.10
CA ALA C 1101 10.28 -18.55 -90.84
C ALA C 1101 10.44 -17.36 -89.89
N CYS C 1102 9.85 -16.21 -90.24
CA CYS C 1102 9.85 -15.06 -89.35
C CYS C 1102 8.60 -14.18 -89.53
N TRP C 1103 8.12 -13.61 -88.43
CA TRP C 1103 7.07 -12.60 -88.41
C TRP C 1103 7.70 -11.23 -88.35
N LEU C 1104 7.87 -10.61 -89.49
CA LEU C 1104 8.45 -9.30 -89.57
C LEU C 1104 7.45 -8.27 -89.07
N PRO C 1105 7.74 -7.54 -87.99
CA PRO C 1105 6.95 -6.38 -87.63
C PRO C 1105 7.10 -5.31 -88.71
N LEU C 1106 6.01 -4.64 -89.07
CA LEU C 1106 5.98 -3.58 -90.08
C LEU C 1106 6.16 -2.23 -89.39
N GLY C 1107 6.96 -1.34 -89.96
CA GLY C 1107 7.14 0.06 -89.54
C GLY C 1107 6.39 1.05 -90.43
N ARG C 1108 6.49 2.33 -90.08
CA ARG C 1108 6.01 3.46 -90.91
C ARG C 1108 7.11 4.01 -91.82
N ARG C 1109 8.35 4.08 -91.38
CA ARG C 1109 9.54 4.41 -92.18
C ARG C 1109 10.73 3.59 -91.69
N ILE C 1110 11.74 3.41 -92.53
CA ILE C 1110 12.93 2.67 -92.13
C ILE C 1110 13.83 3.55 -91.25
N HIS C 1111 14.42 2.99 -90.20
CA HIS C 1111 15.21 3.73 -89.21
C HIS C 1111 16.67 3.77 -89.65
N MET C 1112 17.37 4.89 -89.48
CA MET C 1112 18.68 5.09 -90.11
C MET C 1112 19.69 5.75 -89.18
N ASP C 1113 20.96 5.50 -89.47
CA ASP C 1113 22.07 6.24 -88.88
C ASP C 1113 22.57 7.36 -89.79
N ASP C 1114 23.53 8.14 -89.28
CA ASP C 1114 24.17 9.24 -89.98
C ASP C 1114 24.71 8.84 -91.35
N THR C 1115 25.20 7.61 -91.49
CA THR C 1115 25.83 7.10 -92.69
C THR C 1115 24.78 6.64 -93.68
N GLY C 1116 23.68 6.05 -93.23
CA GLY C 1116 22.52 5.80 -94.07
C GLY C 1116 22.00 7.11 -94.61
N LEU C 1117 21.80 8.07 -93.73
CA LEU C 1117 21.30 9.39 -94.10
C LEU C 1117 22.30 10.16 -94.96
N THR C 1118 23.60 9.97 -94.76
CA THR C 1118 24.66 10.57 -95.61
C THR C 1118 24.68 9.90 -96.98
N VAL C 1119 24.65 8.57 -97.03
CA VAL C 1119 24.59 7.84 -98.29
C VAL C 1119 23.34 8.22 -99.05
N LEU C 1120 22.21 8.34 -98.36
CA LEU C 1120 20.93 8.67 -98.97
C LEU C 1120 20.98 10.08 -99.58
N ARG C 1121 21.47 11.08 -98.83
CA ARG C 1121 21.59 12.44 -99.37
C ARG C 1121 22.61 12.53 -100.49
N ILE C 1122 23.60 11.65 -100.49
CA ILE C 1122 24.53 11.51 -101.60
C ILE C 1122 23.84 10.88 -102.81
N LEU C 1123 23.18 9.73 -102.65
CA LEU C 1123 22.47 9.04 -103.72
C LEU C 1123 21.36 9.93 -104.32
N SER C 1124 20.67 10.74 -103.52
CA SER C 1124 19.63 11.63 -104.03
C SER C 1124 20.17 12.71 -104.98
N GLN C 1125 21.45 13.09 -104.85
CA GLN C 1125 22.10 13.98 -105.82
C GLN C 1125 22.37 13.31 -107.17
N ARG C 1126 22.42 11.98 -107.22
CA ARG C 1126 22.57 11.19 -108.46
C ARG C 1126 21.21 11.04 -109.14
N SER C 1127 20.46 12.14 -109.18
CA SER C 1127 19.04 12.24 -109.56
C SER C 1127 18.71 11.91 -111.03
N ASN C 1128 19.64 11.27 -111.75
CA ASN C 1128 19.45 10.69 -113.08
C ASN C 1128 19.81 9.19 -113.12
N ASP C 1129 20.55 8.69 -112.16
CA ASP C 1129 20.86 7.27 -112.06
C ASP C 1129 19.58 6.54 -111.68
N GLU C 1130 19.14 5.63 -112.53
CA GLU C 1130 17.89 4.94 -112.29
C GLU C 1130 17.94 4.01 -111.08
N VAL C 1131 19.10 3.39 -110.83
CA VAL C 1131 19.25 2.53 -109.66
C VAL C 1131 19.22 3.38 -108.41
N ALA C 1132 19.92 4.51 -108.42
CA ALA C 1132 19.92 5.43 -107.31
C ALA C 1132 18.51 5.98 -107.12
N LYS C 1133 17.83 6.39 -108.19
CA LYS C 1133 16.45 6.90 -108.14
C LYS C 1133 15.54 5.89 -107.46
N GLU C 1134 15.55 4.65 -107.93
CA GLU C 1134 14.74 3.62 -107.33
C GLU C 1134 15.20 3.26 -105.92
N PHE C 1135 16.50 3.28 -105.63
CA PHE C 1135 16.97 3.06 -104.25
C PHE C 1135 16.47 4.15 -103.31
N VAL C 1136 16.71 5.40 -103.68
CA VAL C 1136 16.30 6.59 -102.94
C VAL C 1136 14.81 6.56 -102.79
N LYS C 1137 14.06 6.41 -103.87
CA LYS C 1137 12.62 6.26 -103.81
C LYS C 1137 12.23 5.15 -102.85
N LEU C 1138 12.86 3.98 -102.92
CA LEU C 1138 12.53 2.81 -102.09
C LEU C 1138 12.82 3.04 -100.62
N LYS C 1139 13.97 3.60 -100.27
CA LYS C 1139 14.25 3.92 -98.88
C LYS C 1139 13.37 5.07 -98.40
N SER C 1140 13.14 6.05 -99.26
CA SER C 1140 12.29 7.19 -98.97
C SER C 1140 10.80 6.85 -99.01
N ASP C 1141 10.41 5.63 -99.37
CA ASP C 1141 9.05 5.17 -99.11
C ASP C 1141 8.83 5.09 -97.59
N THR C 1142 7.73 5.69 -97.16
CA THR C 1142 7.19 5.56 -95.83
C THR C 1142 5.69 5.32 -95.98
N ARG C 1143 5.09 4.65 -95.00
CA ARG C 1143 3.65 4.57 -94.79
C ARG C 1143 3.02 5.92 -95.05
N SER C 1144 2.20 6.00 -96.10
CA SER C 1144 1.22 7.07 -96.25
C SER C 1144 0.36 6.98 -95.00
N ALA C 1145 0.49 7.95 -94.12
CA ALA C 1145 0.24 7.78 -92.69
C ALA C 1145 -1.09 7.13 -92.32
N GLU C 1146 -2.15 7.51 -93.02
CA GLU C 1146 -3.52 7.48 -92.54
C GLU C 1146 -4.08 6.08 -92.27
N GLU C 1147 -5.32 5.98 -91.75
CA GLU C 1147 -5.98 4.72 -91.35
C GLU C 1147 -5.34 3.95 -90.18
N GLY C 1148 -4.25 4.49 -89.60
CA GLY C 1148 -3.52 3.89 -88.47
C GLY C 1148 -2.17 4.51 -88.07
N GLY C 1149 -1.66 5.60 -88.67
CA GLY C 1149 -0.69 6.54 -88.05
C GLY C 1149 0.60 6.88 -88.85
N ALA C 1150 1.24 8.00 -88.54
CA ALA C 1150 2.30 8.63 -89.35
C ALA C 1150 3.75 8.22 -89.07
N ALA C 1151 4.29 8.51 -87.88
CA ALA C 1151 5.73 8.41 -87.55
C ALA C 1151 6.04 7.29 -86.54
N PRO C 1152 7.09 6.48 -86.73
CA PRO C 1152 7.34 5.25 -85.97
C PRO C 1152 8.23 5.52 -84.76
N ALA C 1153 8.95 4.50 -84.30
CA ALA C 1153 10.17 4.60 -83.52
C ALA C 1153 11.30 3.69 -84.09
N PRO C 1154 12.60 3.98 -83.81
CA PRO C 1154 13.73 3.39 -84.50
C PRO C 1154 14.18 2.01 -84.00
N GLU D 23 83.64 -26.59 -73.90
CA GLU D 23 84.50 -26.45 -75.11
C GLU D 23 85.56 -27.54 -75.25
N GLU D 24 86.14 -28.07 -74.16
CA GLU D 24 87.23 -29.06 -74.19
C GLU D 24 86.88 -30.34 -74.96
N LEU D 25 85.65 -30.83 -74.81
CA LEU D 25 85.11 -31.92 -75.62
C LEU D 25 85.00 -31.53 -77.11
N LYS D 26 84.46 -30.33 -77.42
CA LYS D 26 84.29 -29.80 -78.79
C LYS D 26 85.59 -29.83 -79.60
N ASN D 27 86.69 -29.38 -79.00
CA ASN D 27 87.99 -29.35 -79.64
C ASN D 27 88.55 -30.78 -79.89
N HIS D 28 88.47 -31.67 -78.91
CA HIS D 28 88.93 -33.05 -79.06
C HIS D 28 88.14 -33.84 -80.11
N VAL D 29 86.80 -33.70 -80.08
CA VAL D 29 85.86 -34.28 -81.04
C VAL D 29 86.23 -33.84 -82.45
N TYR D 30 86.55 -32.56 -82.66
CA TYR D 30 87.07 -32.05 -83.92
C TYR D 30 88.34 -32.80 -84.38
N LYS D 31 89.35 -32.96 -83.52
CA LYS D 31 90.57 -33.70 -83.86
C LYS D 31 90.30 -35.15 -84.21
N LYS D 32 89.51 -35.84 -83.39
CA LYS D 32 89.03 -37.19 -83.67
C LYS D 32 88.22 -37.30 -84.96
N THR D 33 87.38 -36.31 -85.27
CA THR D 33 86.51 -36.35 -86.46
C THR D 33 87.35 -36.17 -87.71
N LEU D 34 88.32 -35.26 -87.69
CA LEU D 34 89.30 -35.17 -88.75
C LEU D 34 90.09 -36.47 -88.90
N GLN D 35 90.59 -37.05 -87.81
CA GLN D 35 91.29 -38.34 -87.84
C GLN D 35 90.43 -39.46 -88.42
N ALA D 36 89.15 -39.47 -88.07
CA ALA D 36 88.22 -40.43 -88.59
C ALA D 36 88.05 -40.26 -90.08
N LEU D 37 87.82 -39.03 -90.50
CA LEU D 37 87.40 -38.78 -91.86
C LEU D 37 88.56 -38.63 -92.82
N ILE D 38 89.77 -38.33 -92.34
CA ILE D 38 90.95 -38.32 -93.19
C ILE D 38 91.30 -39.73 -93.64
N TYR D 39 91.08 -40.71 -92.76
CA TYR D 39 91.19 -42.11 -93.08
C TYR D 39 89.89 -42.87 -92.74
N PRO D 40 88.86 -42.68 -93.57
CA PRO D 40 87.54 -43.23 -93.31
C PRO D 40 87.54 -44.75 -93.46
N ILE D 41 86.62 -45.40 -92.76
CA ILE D 41 86.42 -46.84 -92.86
C ILE D 41 85.81 -47.24 -94.21
N SER D 42 84.90 -46.43 -94.78
CA SER D 42 84.27 -46.75 -96.09
C SER D 42 85.27 -46.99 -97.24
N CYS D 43 86.45 -46.36 -97.21
CA CYS D 43 87.55 -46.67 -98.11
C CYS D 43 88.79 -47.16 -97.34
N THR D 44 88.53 -48.16 -96.50
CA THR D 44 89.50 -49.21 -96.10
C THR D 44 89.68 -50.26 -97.19
N THR D 45 90.88 -50.80 -97.31
CA THR D 45 91.19 -51.89 -98.26
C THR D 45 90.60 -53.22 -97.74
N PRO D 46 90.01 -54.06 -98.61
CA PRO D 46 89.52 -55.38 -98.22
C PRO D 46 90.68 -56.39 -98.06
N HIS D 47 90.52 -57.36 -97.16
CA HIS D 47 91.52 -58.41 -97.00
C HIS D 47 91.53 -59.39 -98.16
N ASN D 48 92.70 -59.62 -98.74
CA ASN D 48 92.92 -60.60 -99.80
C ASN D 48 93.38 -61.93 -99.20
N PHE D 49 92.42 -62.72 -98.69
CA PHE D 49 92.66 -63.99 -98.04
C PHE D 49 92.95 -65.17 -98.99
N GLU D 50 94.21 -65.57 -99.08
CA GLU D 50 94.58 -66.88 -99.61
C GLU D 50 94.34 -67.95 -98.53
N VAL D 51 93.96 -69.16 -98.94
CA VAL D 51 94.09 -70.33 -98.07
C VAL D 51 95.55 -70.47 -97.68
N TRP D 52 95.82 -70.63 -96.39
CA TRP D 52 97.17 -70.67 -95.86
C TRP D 52 97.38 -71.76 -94.84
N THR D 53 98.52 -72.42 -94.99
CA THR D 53 99.00 -73.44 -94.09
C THR D 53 100.03 -72.76 -93.20
N ALA D 54 99.83 -72.79 -91.88
CA ALA D 54 100.61 -71.92 -91.00
C ALA D 54 102.10 -72.22 -91.05
N THR D 55 102.89 -71.24 -91.49
CA THR D 55 104.34 -71.42 -91.68
C THR D 55 105.12 -71.42 -90.36
N THR D 56 104.48 -70.99 -89.27
CA THR D 56 104.91 -71.22 -87.88
C THR D 56 103.66 -71.51 -87.03
N PRO D 57 103.78 -72.15 -85.84
CA PRO D 57 102.63 -72.44 -84.99
C PRO D 57 101.93 -71.15 -84.61
N THR D 58 100.72 -70.97 -85.11
CA THR D 58 100.09 -69.65 -85.17
C THR D 58 98.74 -69.71 -84.50
N TYR D 59 98.34 -68.63 -83.84
CA TYR D 59 97.02 -68.52 -83.23
C TYR D 59 96.15 -67.50 -83.98
N CYS D 60 94.97 -67.91 -84.45
CA CYS D 60 94.07 -67.07 -85.29
C CYS D 60 93.89 -65.68 -84.68
N TYR D 61 94.13 -64.63 -85.48
CA TYR D 61 94.14 -63.25 -84.98
C TYR D 61 92.80 -62.86 -84.36
N GLU D 62 91.70 -63.55 -84.69
CA GLU D 62 90.39 -63.31 -84.08
C GLU D 62 89.89 -64.26 -82.98
N CYS D 63 90.08 -65.57 -83.11
CA CYS D 63 89.58 -66.54 -82.12
C CYS D 63 90.70 -67.26 -81.33
N GLU D 64 91.96 -67.02 -81.70
CA GLU D 64 93.14 -67.58 -81.05
C GLU D 64 93.27 -69.11 -81.09
N GLY D 65 92.47 -69.82 -81.89
CA GLY D 65 92.68 -71.25 -82.14
C GLY D 65 93.96 -71.52 -82.97
N LEU D 66 94.63 -72.64 -82.69
CA LEU D 66 95.89 -73.02 -83.34
C LEU D 66 95.68 -73.33 -84.82
N LEU D 67 96.21 -72.45 -85.65
CA LEU D 67 96.53 -72.72 -87.02
C LEU D 67 97.88 -73.40 -87.08
N TRP D 68 97.85 -74.65 -87.50
CA TRP D 68 99.05 -75.44 -87.70
C TRP D 68 98.74 -76.58 -88.66
N GLY D 69 99.67 -76.86 -89.57
CA GLY D 69 99.55 -77.94 -90.54
C GLY D 69 98.34 -77.83 -91.48
N ILE D 70 98.13 -78.89 -92.26
CA ILE D 70 97.03 -78.98 -93.23
C ILE D 70 95.68 -79.05 -92.50
N ALA D 71 95.60 -79.81 -91.39
CA ALA D 71 94.34 -80.03 -90.65
C ALA D 71 93.75 -78.75 -90.03
N ARG D 72 94.62 -77.77 -89.71
CA ARG D 72 94.23 -76.47 -89.18
C ARG D 72 94.83 -75.37 -90.04
N GLN D 73 94.61 -75.48 -91.35
CA GLN D 73 94.74 -74.36 -92.27
C GLN D 73 93.90 -73.19 -91.79
N GLY D 74 94.38 -72.00 -92.10
CA GLY D 74 93.62 -70.78 -92.01
C GLY D 74 93.56 -70.08 -93.35
N MET D 75 93.26 -68.80 -93.26
CA MET D 75 93.37 -67.83 -94.31
C MET D 75 94.44 -66.84 -93.89
N ARG D 76 95.37 -66.53 -94.80
CA ARG D 76 96.32 -65.43 -94.63
C ARG D 76 96.03 -64.35 -95.64
N CYS D 77 95.77 -63.15 -95.17
CA CYS D 77 95.63 -62.02 -96.06
C CYS D 77 96.99 -61.72 -96.65
N THR D 78 97.14 -61.69 -97.97
CA THR D 78 98.44 -61.37 -98.60
C THR D 78 98.91 -60.00 -98.13
N GLU D 79 98.10 -58.97 -98.34
CA GLU D 79 98.39 -57.57 -98.00
C GLU D 79 98.77 -57.43 -96.55
N CYS D 80 97.90 -57.83 -95.62
CA CYS D 80 98.18 -57.54 -94.24
C CYS D 80 98.84 -58.63 -93.44
N GLY D 81 98.97 -59.82 -93.99
CA GLY D 81 99.47 -60.99 -93.28
C GLY D 81 98.75 -61.24 -91.96
N VAL D 82 97.53 -60.71 -91.78
CA VAL D 82 96.62 -61.24 -90.77
C VAL D 82 96.28 -62.65 -91.14
N LYS D 83 96.22 -63.46 -90.11
CA LYS D 83 95.97 -64.87 -90.22
C LYS D 83 94.78 -65.16 -89.36
N CYS D 84 93.87 -65.96 -89.88
CA CYS D 84 92.66 -66.30 -89.16
C CYS D 84 92.15 -67.64 -89.66
N HIS D 85 91.26 -68.29 -88.92
CA HIS D 85 90.43 -69.32 -89.54
C HIS D 85 89.57 -68.72 -90.66
N GLU D 86 89.10 -69.56 -91.57
CA GLU D 86 88.11 -69.17 -92.59
C GLU D 86 86.86 -68.59 -91.91
N LYS D 87 86.28 -69.30 -90.94
CA LYS D 87 85.14 -68.83 -90.14
C LYS D 87 85.37 -67.47 -89.44
N CYS D 88 86.62 -67.15 -89.17
CA CYS D 88 87.04 -65.91 -88.51
C CYS D 88 87.35 -64.76 -89.47
N GLN D 89 87.54 -64.98 -90.78
CA GLN D 89 88.01 -63.91 -91.68
C GLN D 89 87.07 -62.70 -91.75
N ASP D 90 85.77 -62.93 -91.53
CA ASP D 90 84.71 -61.92 -91.60
C ASP D 90 84.50 -61.19 -90.26
N LEU D 91 84.91 -61.80 -89.14
CA LEU D 91 84.94 -61.14 -87.84
C LEU D 91 86.08 -60.09 -87.76
N LEU D 92 87.09 -60.17 -88.63
CA LEU D 92 88.18 -59.20 -88.76
C LEU D 92 87.73 -57.89 -89.45
N ASN D 93 87.05 -57.03 -88.70
CA ASN D 93 86.84 -55.63 -89.12
C ASN D 93 88.13 -54.78 -89.07
N ALA D 94 89.25 -55.36 -88.60
CA ALA D 94 90.54 -54.70 -88.59
C ALA D 94 90.91 -54.25 -90.01
N ASP D 95 91.30 -52.99 -90.17
CA ASP D 95 91.64 -52.46 -91.47
C ASP D 95 92.82 -53.25 -92.05
N CYS D 96 92.69 -53.73 -93.29
CA CYS D 96 93.79 -54.42 -93.97
C CYS D 96 95.06 -53.57 -94.00
N LEU D 97 95.01 -52.29 -94.36
CA LEU D 97 96.26 -51.52 -94.43
C LEU D 97 96.88 -51.30 -93.06
N GLN D 98 96.13 -50.90 -92.04
CA GLN D 98 96.72 -50.80 -90.70
C GLN D 98 97.23 -52.16 -90.20
N ARG D 99 96.45 -53.24 -90.34
CA ARG D 99 96.91 -54.61 -90.06
C ARG D 99 98.16 -55.00 -90.78
N ALA D 100 98.29 -54.55 -92.01
CA ALA D 100 99.46 -54.81 -92.82
C ALA D 100 100.65 -54.05 -92.25
N ALA D 101 100.48 -52.80 -91.85
CA ALA D 101 101.53 -52.00 -91.26
C ALA D 101 102.02 -52.61 -89.94
N GLU D 102 101.08 -53.03 -89.11
CA GLU D 102 101.34 -53.74 -87.85
C GLU D 102 102.04 -55.07 -88.05
N LYS D 103 101.49 -55.96 -88.88
CA LYS D 103 102.10 -57.25 -89.17
C LYS D 103 103.51 -57.06 -89.70
N SER D 104 103.66 -56.16 -90.65
CA SER D 104 104.96 -55.87 -91.23
C SER D 104 105.93 -55.42 -90.16
N SER D 105 105.50 -54.55 -89.24
CA SER D 105 106.26 -54.15 -88.06
C SER D 105 106.60 -55.32 -87.11
N LYS D 106 105.62 -56.11 -86.68
CA LYS D 106 105.83 -57.28 -85.81
C LYS D 106 106.70 -58.37 -86.44
N HIS D 107 106.86 -58.38 -87.77
CA HIS D 107 107.75 -59.29 -88.50
C HIS D 107 109.05 -58.62 -88.96
N GLY D 108 109.28 -57.36 -88.61
CA GLY D 108 110.49 -56.60 -88.99
C GLY D 108 110.58 -56.21 -90.48
N ALA D 109 109.51 -56.33 -91.25
CA ALA D 109 109.44 -55.96 -92.66
C ALA D 109 109.19 -54.44 -92.83
N GLU D 110 110.21 -53.62 -92.58
CA GLU D 110 110.09 -52.15 -92.54
C GLU D 110 109.73 -51.53 -93.88
N ASP D 111 110.30 -51.99 -95.00
CA ASP D 111 109.98 -51.45 -96.34
C ASP D 111 108.49 -51.62 -96.66
N ARG D 112 107.95 -52.80 -96.36
CA ARG D 112 106.52 -53.12 -96.48
C ARG D 112 105.69 -52.19 -95.61
N THR D 113 106.10 -52.00 -94.36
CA THR D 113 105.49 -51.06 -93.42
C THR D 113 105.41 -49.65 -93.99
N GLN D 114 106.52 -49.14 -94.53
CA GLN D 114 106.59 -47.81 -95.14
C GLN D 114 105.77 -47.75 -96.44
N ASN D 115 105.81 -48.78 -97.29
CA ASN D 115 104.95 -48.86 -98.47
C ASN D 115 103.47 -48.76 -98.08
N ILE D 116 103.08 -49.40 -96.99
CA ILE D 116 101.73 -49.33 -96.49
C ILE D 116 101.43 -47.95 -95.92
N ILE D 117 102.36 -47.34 -95.21
CA ILE D 117 102.29 -45.93 -94.82
C ILE D 117 102.12 -45.02 -96.04
N MET D 118 102.75 -45.32 -97.18
CA MET D 118 102.57 -44.57 -98.43
C MET D 118 101.19 -44.80 -99.07
N VAL D 119 100.67 -46.02 -99.08
CA VAL D 119 99.29 -46.28 -99.52
C VAL D 119 98.29 -45.58 -98.59
N LEU D 120 98.55 -45.57 -97.28
CA LEU D 120 97.78 -44.79 -96.30
C LEU D 120 97.83 -43.28 -96.56
N LYS D 121 99.01 -42.70 -96.84
CA LYS D 121 99.14 -41.30 -97.30
C LYS D 121 98.34 -41.02 -98.56
N ASP D 122 98.51 -41.82 -99.60
CA ASP D 122 97.81 -41.63 -100.87
C ASP D 122 96.30 -41.69 -100.68
N ARG D 123 95.79 -42.63 -99.88
CA ARG D 123 94.40 -42.68 -99.43
C ARG D 123 93.92 -41.41 -98.74
N MET D 124 94.71 -40.84 -97.83
CA MET D 124 94.41 -39.53 -97.21
C MET D 124 94.46 -38.34 -98.18
N LYS D 125 95.41 -38.31 -99.13
CA LYS D 125 95.49 -37.28 -100.18
C LYS D 125 94.30 -37.37 -101.12
N ILE D 126 94.00 -38.58 -101.61
CA ILE D 126 92.79 -38.90 -102.37
C ILE D 126 91.58 -38.36 -101.65
N ARG D 127 91.45 -38.65 -100.35
CA ARG D 127 90.31 -38.26 -99.54
C ARG D 127 90.14 -36.75 -99.43
N GLU D 128 91.21 -36.04 -99.13
CA GLU D 128 91.20 -34.59 -99.09
C GLU D 128 90.89 -33.96 -100.45
N ARG D 129 91.50 -34.49 -101.50
CA ARG D 129 91.32 -34.00 -102.87
C ARG D 129 89.90 -34.26 -103.36
N ASN D 130 89.40 -35.46 -103.13
CA ASN D 130 88.07 -35.88 -103.55
C ASN D 130 86.98 -35.15 -102.75
N LYS D 131 87.13 -35.07 -101.41
CA LYS D 131 86.09 -34.52 -100.53
C LYS D 131 86.62 -33.45 -99.55
N PRO D 132 87.19 -32.34 -100.06
CA PRO D 132 87.67 -31.25 -99.21
C PRO D 132 86.53 -30.63 -98.39
N GLU D 133 85.32 -30.59 -98.94
CA GLU D 133 84.14 -30.02 -98.30
C GLU D 133 83.80 -30.71 -96.98
N ILE D 134 84.22 -31.96 -96.78
CA ILE D 134 84.08 -32.63 -95.48
C ILE D 134 84.90 -31.92 -94.43
N PHE D 135 86.18 -31.72 -94.74
CA PHE D 135 87.12 -31.16 -93.81
C PHE D 135 86.85 -29.66 -93.59
N GLU D 136 86.40 -28.97 -94.63
CA GLU D 136 85.83 -27.62 -94.53
C GLU D 136 84.58 -27.62 -93.63
N LEU D 137 83.61 -28.52 -93.81
CA LEU D 137 82.43 -28.53 -92.97
C LEU D 137 82.75 -28.87 -91.52
N ILE D 138 83.66 -29.82 -91.27
CA ILE D 138 84.17 -30.05 -89.92
C ILE D 138 84.72 -28.75 -89.36
N GLN D 139 85.60 -28.12 -90.11
CA GLN D 139 86.18 -26.86 -89.71
C GLN D 139 85.11 -25.83 -89.36
N GLU D 140 84.09 -25.65 -90.19
CA GLU D 140 83.04 -24.70 -89.90
C GLU D 140 82.14 -25.13 -88.72
N VAL D 141 81.75 -26.41 -88.65
CA VAL D 141 80.95 -26.97 -87.54
C VAL D 141 81.63 -26.76 -86.20
N PHE D 142 82.96 -26.87 -86.18
CA PHE D 142 83.77 -26.67 -84.99
C PHE D 142 84.41 -25.28 -84.93
N ALA D 143 84.04 -24.38 -85.83
CA ALA D 143 84.44 -22.96 -85.91
C ALA D 143 85.97 -22.72 -85.92
N VAL D 144 86.74 -23.73 -86.35
CA VAL D 144 88.20 -23.67 -86.38
C VAL D 144 88.66 -22.77 -87.54
N THR D 145 89.81 -22.13 -87.46
CA THR D 145 90.34 -21.33 -88.58
C THR D 145 90.93 -22.23 -89.66
N LYS D 146 90.95 -21.79 -90.91
CA LYS D 146 91.47 -22.58 -92.04
C LYS D 146 92.92 -23.00 -91.81
N SER D 147 93.69 -22.13 -91.18
CA SER D 147 95.08 -22.40 -90.79
C SER D 147 95.16 -23.47 -89.71
N ALA D 148 94.54 -23.27 -88.53
CA ALA D 148 94.59 -24.26 -87.45
C ALA D 148 93.98 -25.59 -87.87
N HIS D 149 93.02 -25.55 -88.80
CA HIS D 149 92.53 -26.71 -89.50
C HIS D 149 93.60 -27.41 -90.35
N THR D 150 94.31 -26.70 -91.22
CA THR D 150 95.36 -27.29 -92.05
C THR D 150 96.47 -27.92 -91.20
N GLN D 151 96.82 -27.28 -90.09
CA GLN D 151 97.89 -27.79 -89.23
C GLN D 151 97.44 -28.98 -88.40
N GLN D 152 96.24 -28.91 -87.80
CA GLN D 152 95.63 -30.06 -87.18
C GLN D 152 95.44 -31.20 -88.19
N MET D 153 95.13 -30.89 -89.45
CA MET D 153 94.99 -31.86 -90.52
C MET D 153 96.30 -32.59 -90.80
N LYS D 154 97.39 -31.84 -90.95
CA LYS D 154 98.75 -32.39 -90.98
C LYS D 154 99.04 -33.25 -89.73
N ALA D 155 98.63 -32.82 -88.54
CA ALA D 155 98.83 -33.60 -87.31
C ALA D 155 98.03 -34.91 -87.31
N VAL D 156 96.75 -34.91 -87.71
CA VAL D 156 95.94 -36.14 -87.76
C VAL D 156 96.39 -37.07 -88.88
N LYS D 157 96.90 -36.55 -90.00
CA LYS D 157 97.57 -37.37 -91.01
C LYS D 157 98.73 -38.12 -90.38
N GLN D 158 99.58 -37.43 -89.62
CA GLN D 158 100.65 -38.13 -88.90
C GLN D 158 100.11 -39.14 -87.88
N SER D 159 99.09 -38.79 -87.10
CA SER D 159 98.49 -39.73 -86.13
C SER D 159 97.99 -41.04 -86.77
N VAL D 160 97.46 -40.98 -87.99
CA VAL D 160 97.08 -42.17 -88.77
C VAL D 160 98.32 -42.95 -89.28
N LEU D 161 99.42 -42.26 -89.57
CA LEU D 161 100.67 -42.84 -90.05
C LEU D 161 101.64 -43.28 -88.96
N ASP D 162 101.38 -42.91 -87.70
CA ASP D 162 101.84 -43.64 -86.52
C ASP D 162 101.39 -45.10 -86.50
N GLY D 163 100.49 -45.44 -87.44
CA GLY D 163 99.91 -46.76 -87.67
C GLY D 163 99.33 -47.24 -86.37
N THR D 164 99.94 -48.27 -85.81
CA THR D 164 99.87 -48.47 -84.37
C THR D 164 101.22 -48.69 -83.72
N SER D 165 102.32 -48.59 -84.48
CA SER D 165 103.67 -48.64 -83.92
C SER D 165 103.90 -47.53 -82.90
N LYS D 166 103.34 -46.33 -83.15
CA LYS D 166 103.25 -45.24 -82.19
C LYS D 166 101.81 -44.99 -81.79
N TRP D 167 101.14 -46.07 -81.40
CA TRP D 167 99.96 -46.05 -80.55
C TRP D 167 100.15 -47.11 -79.47
N SER D 168 99.91 -46.78 -78.21
CA SER D 168 99.88 -47.76 -77.12
C SER D 168 98.87 -47.30 -76.09
N ALA D 169 98.35 -48.25 -75.32
CA ALA D 169 97.38 -47.99 -74.28
C ALA D 169 97.47 -48.98 -73.13
N LYS D 170 97.10 -48.51 -71.95
CA LYS D 170 96.60 -49.35 -70.86
C LYS D 170 95.07 -49.41 -70.96
N ILE D 171 94.52 -50.58 -70.71
CA ILE D 171 93.08 -50.86 -70.79
C ILE D 171 92.68 -51.49 -69.46
N SER D 172 91.63 -50.97 -68.83
CA SER D 172 91.05 -51.49 -67.59
C SER D 172 89.60 -51.92 -67.82
N ILE D 173 89.42 -53.20 -68.10
CA ILE D 173 88.15 -53.80 -68.52
C ILE D 173 87.46 -54.35 -67.30
N THR D 174 86.52 -53.60 -66.76
CA THR D 174 85.52 -54.12 -65.85
C THR D 174 84.38 -54.77 -66.63
N VAL D 175 84.34 -56.09 -66.57
CA VAL D 175 83.18 -56.88 -67.01
C VAL D 175 82.06 -56.71 -65.98
N VAL D 176 81.06 -55.88 -66.26
CA VAL D 176 80.03 -55.52 -65.27
C VAL D 176 79.00 -56.63 -65.14
N CYS D 177 78.24 -56.89 -66.20
CA CYS D 177 77.15 -57.87 -66.19
C CYS D 177 76.81 -58.31 -67.61
N ALA D 178 76.09 -59.41 -67.74
CA ALA D 178 75.30 -59.66 -68.93
C ALA D 178 73.83 -59.73 -68.57
N GLN D 179 73.00 -59.48 -69.56
CA GLN D 179 71.55 -59.59 -69.50
C GLN D 179 71.13 -60.55 -70.61
N GLY D 180 70.12 -61.37 -70.40
CA GLY D 180 69.43 -62.08 -71.47
C GLY D 180 70.20 -63.18 -72.18
N LEU D 181 71.22 -63.74 -71.55
CA LEU D 181 72.01 -64.82 -72.12
C LEU D 181 71.15 -66.02 -72.49
N GLN D 182 71.65 -66.79 -73.45
CA GLN D 182 71.01 -68.05 -73.83
C GLN D 182 71.16 -69.11 -72.73
N ALA D 183 70.26 -70.10 -72.71
CA ALA D 183 70.37 -71.32 -71.89
C ALA D 183 70.97 -72.52 -72.66
N LYS D 184 72.01 -73.16 -72.12
CA LYS D 184 72.73 -74.30 -72.72
C LYS D 184 72.82 -75.56 -71.82
N ASP D 185 72.49 -75.47 -70.53
CA ASP D 185 72.51 -76.61 -69.60
C ASP D 185 71.29 -77.54 -69.68
N LYS D 186 71.42 -78.79 -69.18
CA LYS D 186 70.29 -79.71 -68.92
C LYS D 186 69.21 -79.10 -68.04
N THR D 187 69.60 -78.14 -67.20
CA THR D 187 68.72 -77.35 -66.35
C THR D 187 67.89 -76.30 -67.09
N GLY D 188 68.18 -76.00 -68.36
CA GLY D 188 67.50 -74.91 -69.10
C GLY D 188 67.96 -73.51 -68.70
N SER D 189 69.15 -73.41 -68.10
CA SER D 189 69.87 -72.16 -67.81
C SER D 189 71.31 -72.29 -68.33
N SER D 190 72.24 -71.52 -67.79
CA SER D 190 73.69 -71.60 -68.02
C SER D 190 74.49 -71.15 -66.82
N ASP D 191 75.77 -71.52 -66.80
CA ASP D 191 76.78 -71.07 -65.88
C ASP D 191 77.76 -70.13 -66.61
N PRO D 192 77.34 -68.90 -66.95
CA PRO D 192 78.17 -67.99 -67.70
C PRO D 192 79.42 -67.51 -66.96
N TYR D 193 80.54 -67.51 -67.70
CA TYR D 193 81.72 -66.72 -67.41
C TYR D 193 82.20 -66.03 -68.68
N VAL D 194 83.08 -65.07 -68.51
CA VAL D 194 83.61 -64.27 -69.60
C VAL D 194 85.10 -64.58 -69.73
N THR D 195 85.62 -64.86 -70.93
CA THR D 195 87.05 -64.66 -71.20
C THR D 195 87.22 -63.33 -71.89
N VAL D 196 88.13 -62.51 -71.38
CA VAL D 196 88.59 -61.29 -72.03
C VAL D 196 89.97 -61.57 -72.59
N GLN D 197 90.12 -61.40 -73.90
CA GLN D 197 91.42 -61.51 -74.55
C GLN D 197 91.77 -60.23 -75.25
N VAL D 198 93.00 -59.79 -75.04
CA VAL D 198 93.56 -58.63 -75.70
C VAL D 198 94.93 -59.04 -76.22
N GLY D 199 95.00 -59.36 -77.51
CA GLY D 199 96.21 -59.91 -78.13
C GLY D 199 96.76 -61.10 -77.35
N LYS D 200 98.02 -60.99 -76.94
CA LYS D 200 98.85 -62.01 -76.27
C LYS D 200 98.25 -62.57 -74.97
N THR D 201 97.40 -61.79 -74.29
CA THR D 201 96.93 -62.10 -72.93
C THR D 201 95.46 -62.47 -72.95
N LYS D 202 95.12 -63.63 -72.36
CA LYS D 202 93.76 -64.07 -72.06
C LYS D 202 93.55 -64.14 -70.54
N LYS D 203 92.47 -63.51 -70.05
CA LYS D 203 92.01 -63.57 -68.66
C LYS D 203 90.56 -64.01 -68.65
N ARG D 204 90.07 -64.51 -67.52
CA ARG D 204 88.66 -64.91 -67.36
C ARG D 204 88.02 -64.40 -66.08
N THR D 205 86.76 -64.02 -66.17
CA THR D 205 85.94 -63.82 -64.98
C THR D 205 85.72 -65.16 -64.31
N LYS D 206 85.41 -65.06 -63.02
CA LYS D 206 84.72 -66.09 -62.28
C LYS D 206 83.38 -66.39 -62.95
N THR D 207 82.91 -67.60 -62.72
CA THR D 207 81.66 -68.11 -63.29
C THR D 207 80.49 -67.70 -62.42
N ILE D 208 79.40 -67.30 -63.04
CA ILE D 208 78.14 -67.12 -62.35
C ILE D 208 77.25 -68.27 -62.77
N TYR D 209 76.73 -69.00 -61.78
CA TYR D 209 76.05 -70.27 -62.01
C TYR D 209 74.54 -70.04 -62.14
N GLY D 210 73.89 -70.76 -63.05
CA GLY D 210 72.44 -70.82 -63.22
C GLY D 210 71.72 -69.52 -63.59
N ASN D 211 72.44 -68.49 -64.00
CA ASN D 211 71.90 -67.14 -64.19
C ASN D 211 72.07 -66.63 -65.62
N LEU D 212 70.98 -66.29 -66.31
CA LEU D 212 71.01 -65.71 -67.66
C LEU D 212 71.27 -64.18 -67.67
N ASN D 213 71.30 -63.55 -66.50
CA ASN D 213 71.57 -62.12 -66.29
C ASN D 213 72.74 -61.91 -65.31
N PRO D 214 73.90 -62.55 -65.53
CA PRO D 214 74.94 -62.61 -64.52
C PRO D 214 75.54 -61.23 -64.28
N VAL D 215 75.92 -60.95 -63.03
CA VAL D 215 76.72 -59.76 -62.67
C VAL D 215 78.09 -60.25 -62.21
N TRP D 216 79.16 -59.84 -62.89
CA TRP D 216 80.54 -60.18 -62.52
C TRP D 216 81.17 -59.04 -61.73
N GLU D 217 81.10 -57.83 -62.28
CA GLU D 217 81.79 -56.64 -61.77
C GLU D 217 83.30 -56.91 -61.58
N GLU D 218 83.93 -57.56 -62.56
CA GLU D 218 85.34 -58.03 -62.49
C GLU D 218 86.26 -57.25 -63.45
N ASN D 219 87.35 -56.71 -62.91
CA ASN D 219 88.28 -55.86 -63.65
C ASN D 219 89.58 -56.57 -64.03
N PHE D 220 89.91 -56.47 -65.31
CA PHE D 220 91.16 -56.94 -65.86
C PHE D 220 91.94 -55.78 -66.42
N HIS D 221 93.25 -55.83 -66.22
CA HIS D 221 94.16 -54.89 -66.85
C HIS D 221 94.90 -55.54 -68.05
N PHE D 222 94.99 -54.79 -69.15
CA PHE D 222 95.66 -55.20 -70.38
C PHE D 222 96.49 -54.06 -70.95
N GLU D 223 97.57 -54.44 -71.61
CA GLU D 223 98.46 -53.54 -72.31
C GLU D 223 98.26 -53.80 -73.80
N CYS D 224 97.90 -52.77 -74.53
CA CYS D 224 97.63 -52.88 -75.94
C CYS D 224 98.58 -51.99 -76.73
N HIS D 225 99.32 -52.60 -77.65
CA HIS D 225 100.36 -51.96 -78.45
C HIS D 225 99.87 -51.72 -79.90
N ASN D 226 98.56 -51.85 -80.11
CA ASN D 226 97.97 -51.93 -81.44
C ASN D 226 96.47 -51.60 -81.40
N SER D 227 96.04 -50.44 -81.89
CA SER D 227 94.61 -50.09 -81.94
C SER D 227 93.75 -50.95 -82.90
N SER D 228 94.39 -51.72 -83.78
CA SER D 228 93.78 -52.80 -84.58
C SER D 228 93.87 -54.18 -83.89
N ASP D 229 94.29 -54.24 -82.64
CA ASP D 229 93.84 -55.31 -81.79
C ASP D 229 92.36 -55.14 -81.48
N ARG D 230 91.79 -56.23 -81.00
CA ARG D 230 90.38 -56.32 -80.68
C ARG D 230 90.26 -56.98 -79.32
N ILE D 231 89.40 -56.44 -78.48
CA ILE D 231 89.11 -57.02 -77.19
C ILE D 231 88.01 -58.04 -77.42
N LYS D 232 88.40 -59.30 -77.35
CA LYS D 232 87.47 -60.40 -77.57
C LYS D 232 86.88 -60.78 -76.24
N VAL D 233 85.71 -60.24 -75.97
CA VAL D 233 84.94 -60.57 -74.78
C VAL D 233 83.99 -61.70 -75.11
N ARG D 234 84.33 -62.93 -74.73
CA ARG D 234 83.54 -64.13 -75.05
C ARG D 234 82.88 -64.62 -73.79
N VAL D 235 81.58 -64.83 -73.87
CA VAL D 235 80.77 -65.36 -72.78
C VAL D 235 80.55 -66.85 -73.06
N TRP D 236 80.79 -67.66 -72.05
CA TRP D 236 80.86 -69.10 -72.12
C TRP D 236 80.12 -69.74 -70.99
N ASP D 237 79.46 -70.85 -71.27
CA ASP D 237 78.87 -71.68 -70.25
C ASP D 237 79.91 -72.67 -69.70
N GLU D 238 80.22 -72.61 -68.40
CA GLU D 238 81.30 -73.42 -67.83
C GLU D 238 80.96 -74.90 -67.69
N ASP D 239 81.04 -75.65 -68.77
CA ASP D 239 80.88 -77.09 -68.72
C ASP D 239 82.17 -77.76 -68.20
N ASP D 240 82.20 -78.18 -66.94
CA ASP D 240 83.27 -79.02 -66.35
C ASP D 240 83.00 -80.54 -66.53
N ASP D 241 81.88 -80.89 -67.19
CA ASP D 241 81.38 -82.27 -67.27
C ASP D 241 82.14 -83.15 -68.27
N ILE D 242 81.79 -84.44 -68.33
CA ILE D 242 82.40 -85.38 -69.29
C ILE D 242 82.17 -84.92 -70.74
N LYS D 243 80.96 -84.46 -71.10
CA LYS D 243 80.68 -84.00 -72.48
C LYS D 243 81.61 -82.86 -72.90
N SER D 244 81.98 -81.97 -72.00
CA SER D 244 82.96 -80.93 -72.32
C SER D 244 84.35 -81.47 -72.54
N ARG D 245 84.81 -82.36 -71.66
CA ARG D 245 86.09 -83.02 -71.80
C ARG D 245 86.17 -83.81 -73.12
N VAL D 246 85.05 -84.34 -73.62
CA VAL D 246 84.95 -84.92 -74.98
C VAL D 246 85.03 -83.85 -76.06
N LYS D 247 84.15 -82.84 -76.04
CA LYS D 247 84.12 -81.77 -77.05
C LYS D 247 85.48 -81.06 -77.21
N GLN D 248 86.24 -80.89 -76.12
CA GLN D 248 87.57 -80.25 -76.12
C GLN D 248 88.53 -80.84 -77.16
N ARG D 249 88.42 -82.12 -77.49
CA ARG D 249 89.31 -82.77 -78.47
C ARG D 249 89.03 -82.26 -79.90
N PHE D 250 87.78 -81.98 -80.22
CA PHE D 250 87.35 -81.62 -81.59
C PHE D 250 87.29 -80.12 -81.81
N LYS D 251 86.79 -79.36 -80.82
CA LYS D 251 86.60 -77.90 -80.91
C LYS D 251 87.21 -77.17 -79.72
N ARG D 252 87.74 -75.97 -79.99
CA ARG D 252 88.53 -75.14 -79.06
C ARG D 252 87.69 -74.33 -78.06
N GLU D 253 86.37 -74.40 -78.15
CA GLU D 253 85.46 -73.61 -77.33
C GLU D 253 84.46 -74.51 -76.64
N SER D 254 85.01 -75.31 -75.72
CA SER D 254 84.26 -76.31 -74.98
C SER D 254 83.19 -75.74 -74.07
N ASP D 255 83.43 -74.55 -73.55
CA ASP D 255 82.59 -73.94 -72.55
C ASP D 255 81.45 -73.25 -73.29
N ASP D 256 80.31 -73.96 -73.40
CA ASP D 256 79.36 -73.83 -74.49
C ASP D 256 78.99 -72.36 -74.76
N PHE D 257 79.36 -71.89 -75.96
CA PHE D 257 79.47 -70.48 -76.21
C PHE D 257 78.13 -69.75 -76.16
N LEU D 258 78.07 -68.73 -75.31
CA LEU D 258 76.86 -67.97 -75.03
C LEU D 258 76.76 -66.70 -75.85
N GLY D 259 77.86 -66.28 -76.48
CA GLY D 259 77.93 -65.02 -77.22
C GLY D 259 79.23 -64.28 -77.00
N GLN D 260 79.53 -63.32 -77.86
CA GLN D 260 80.74 -62.52 -77.75
C GLN D 260 80.45 -61.04 -78.03
N THR D 261 81.38 -60.17 -77.63
CA THR D 261 81.56 -58.89 -78.30
C THR D 261 83.06 -58.65 -78.61
N ILE D 262 83.33 -58.18 -79.82
CA ILE D 262 84.68 -57.97 -80.35
C ILE D 262 84.89 -56.49 -80.53
N ILE D 263 85.39 -55.87 -79.47
CA ILE D 263 85.48 -54.43 -79.42
C ILE D 263 86.78 -54.03 -80.11
N GLU D 264 86.71 -53.31 -81.23
CA GLU D 264 87.91 -52.83 -81.89
C GLU D 264 88.58 -51.75 -81.04
N VAL D 265 89.89 -51.83 -80.81
CA VAL D 265 90.52 -50.93 -79.82
C VAL D 265 90.47 -49.45 -80.25
N ARG D 266 90.41 -49.15 -81.56
CA ARG D 266 90.07 -47.79 -82.06
C ARG D 266 88.70 -47.25 -81.63
N THR D 267 87.74 -48.10 -81.23
CA THR D 267 86.44 -47.70 -80.68
C THR D 267 86.46 -47.53 -79.17
N LEU D 268 87.64 -47.50 -78.56
CA LEU D 268 87.81 -47.21 -77.15
C LEU D 268 88.37 -45.82 -76.94
N SER D 269 87.80 -45.12 -75.98
CA SER D 269 88.21 -43.76 -75.65
C SER D 269 87.81 -43.44 -74.22
N GLY D 270 88.80 -43.19 -73.36
CA GLY D 270 88.52 -42.77 -72.01
C GLY D 270 87.80 -43.84 -71.20
N GLU D 271 86.99 -43.37 -70.26
CA GLU D 271 86.17 -44.21 -69.39
C GLU D 271 84.79 -44.53 -70.02
N MET D 272 84.72 -45.60 -70.79
CA MET D 272 83.48 -46.10 -71.40
C MET D 272 82.66 -46.98 -70.44
N ASP D 273 81.33 -46.97 -70.59
CA ASP D 273 80.36 -47.81 -69.85
C ASP D 273 79.27 -48.28 -70.82
N VAL D 274 79.46 -49.43 -71.47
CA VAL D 274 78.74 -49.81 -72.69
C VAL D 274 78.13 -51.21 -72.62
N TRP D 275 76.84 -51.30 -72.92
CA TRP D 275 76.12 -52.51 -73.30
C TRP D 275 76.41 -52.91 -74.73
N TYR D 276 77.08 -54.05 -74.89
CA TYR D 276 77.32 -54.68 -76.17
C TYR D 276 76.37 -55.84 -76.34
N ASN D 277 75.50 -55.79 -77.35
CA ASN D 277 74.75 -56.96 -77.77
C ASN D 277 75.72 -58.11 -78.10
N LEU D 278 75.38 -59.33 -77.72
CA LEU D 278 76.23 -60.46 -77.99
C LEU D 278 75.98 -61.03 -79.39
N ASP D 279 77.08 -61.34 -80.08
CA ASP D 279 77.13 -61.85 -81.45
C ASP D 279 77.43 -63.36 -81.52
N LYS D 280 77.01 -64.00 -82.62
CA LYS D 280 77.27 -65.41 -82.92
C LYS D 280 78.69 -65.55 -83.44
N ARG D 281 79.49 -66.43 -82.81
CA ARG D 281 80.79 -66.81 -83.35
C ARG D 281 80.67 -67.83 -84.49
N THR D 282 79.85 -68.87 -84.33
CA THR D 282 79.67 -69.96 -85.29
C THR D 282 78.20 -70.23 -85.56
N ASP D 283 77.89 -70.92 -86.64
CA ASP D 283 76.51 -71.21 -87.03
C ASP D 283 75.77 -72.12 -86.02
N LYS D 284 76.50 -72.98 -85.30
CA LYS D 284 75.94 -73.77 -84.20
C LYS D 284 75.70 -72.95 -82.94
N SER D 285 76.23 -71.74 -82.88
CA SER D 285 75.98 -70.85 -81.75
C SER D 285 74.54 -70.37 -81.78
N ALA D 286 73.78 -70.66 -80.72
CA ALA D 286 72.62 -69.86 -80.38
C ALA D 286 73.06 -68.78 -79.38
N VAL D 287 72.80 -67.50 -79.70
CA VAL D 287 73.25 -66.33 -78.91
C VAL D 287 72.13 -65.32 -78.73
N SER D 288 72.06 -64.79 -77.52
CA SER D 288 71.12 -63.78 -77.11
C SER D 288 71.69 -62.96 -75.95
N GLY D 289 71.10 -61.78 -75.75
CA GLY D 289 71.50 -60.91 -74.66
C GLY D 289 72.59 -59.92 -75.03
N ALA D 290 73.08 -59.27 -74.00
CA ALA D 290 74.07 -58.20 -74.05
C ALA D 290 75.00 -58.31 -72.85
N ILE D 291 76.20 -57.74 -72.98
CA ILE D 291 77.16 -57.63 -71.91
C ILE D 291 77.51 -56.15 -71.68
N ARG D 292 77.31 -55.66 -70.46
CA ARG D 292 77.75 -54.35 -70.00
C ARG D 292 79.21 -54.40 -69.60
N LEU D 293 80.01 -53.61 -70.28
CA LEU D 293 81.45 -53.51 -70.05
C LEU D 293 81.79 -52.07 -69.74
N HIS D 294 82.44 -51.88 -68.60
CA HIS D 294 83.05 -50.61 -68.25
C HIS D 294 84.53 -50.72 -68.60
N ILE D 295 84.97 -49.92 -69.56
CA ILE D 295 86.31 -49.97 -70.11
C ILE D 295 86.95 -48.60 -69.95
N SER D 296 87.98 -48.50 -69.10
CA SER D 296 88.84 -47.31 -69.09
C SER D 296 90.03 -47.54 -69.98
N VAL D 297 90.28 -46.63 -70.91
CA VAL D 297 91.42 -46.72 -71.83
C VAL D 297 92.30 -45.48 -71.74
N GLU D 298 93.57 -45.71 -71.43
CA GLU D 298 94.64 -44.70 -71.31
C GLU D 298 95.55 -44.74 -72.54
N ILE D 299 95.06 -44.19 -73.67
CA ILE D 299 95.81 -44.11 -74.94
C ILE D 299 96.93 -43.07 -74.85
N LYS D 300 98.14 -43.43 -75.28
CA LYS D 300 99.28 -42.52 -75.42
C LYS D 300 98.94 -41.38 -76.40
N GLY D 301 99.11 -40.15 -75.93
CA GLY D 301 98.79 -38.92 -76.66
C GLY D 301 97.29 -38.59 -76.71
N GLU D 302 96.44 -39.35 -76.02
CA GLU D 302 95.00 -39.10 -75.92
C GLU D 302 94.48 -39.42 -74.49
N GLU D 303 95.15 -38.88 -73.48
CA GLU D 303 94.77 -39.10 -72.07
C GLU D 303 93.49 -38.35 -71.70
N LYS D 304 92.70 -38.95 -70.81
CA LYS D 304 91.47 -38.38 -70.22
C LYS D 304 90.41 -37.93 -71.23
N VAL D 305 90.44 -38.51 -72.42
CA VAL D 305 89.43 -38.25 -73.48
C VAL D 305 88.05 -38.76 -73.12
N ALA D 306 87.00 -38.20 -73.72
CA ALA D 306 85.62 -38.67 -73.51
C ALA D 306 85.28 -39.90 -74.35
N PRO D 307 84.35 -40.76 -73.92
CA PRO D 307 83.82 -41.88 -74.71
C PRO D 307 83.25 -41.45 -76.04
N TYR D 308 83.40 -42.31 -77.03
CA TYR D 308 82.98 -41.97 -78.39
C TYR D 308 81.48 -41.77 -78.57
N HIS D 309 80.66 -42.32 -77.69
CA HIS D 309 79.25 -41.99 -77.59
C HIS D 309 79.05 -40.51 -77.28
N VAL D 310 79.73 -40.00 -76.24
CA VAL D 310 79.69 -38.60 -75.81
C VAL D 310 80.30 -37.69 -76.87
N GLN D 311 81.40 -38.13 -77.47
CA GLN D 311 81.98 -37.42 -78.60
C GLN D 311 81.05 -37.36 -79.78
N TYR D 312 80.39 -38.47 -80.12
CA TYR D 312 79.45 -38.52 -81.20
C TYR D 312 78.27 -37.61 -80.92
N THR D 313 77.76 -37.63 -79.69
CA THR D 313 76.71 -36.72 -79.27
C THR D 313 77.12 -35.28 -79.47
N CYS D 314 78.30 -34.91 -78.98
CA CYS D 314 78.88 -33.61 -79.19
C CYS D 314 79.03 -33.25 -80.69
N LEU D 315 79.55 -34.17 -81.50
CA LEU D 315 79.65 -34.00 -82.95
C LEU D 315 78.28 -33.73 -83.56
N HIS D 316 77.32 -34.61 -83.27
CA HIS D 316 75.98 -34.57 -83.81
C HIS D 316 75.25 -33.31 -83.40
N GLU D 317 75.38 -32.91 -82.14
CA GLU D 317 74.82 -31.68 -81.60
C GLU D 317 75.45 -30.46 -82.28
N ASN D 318 76.76 -30.39 -82.37
CA ASN D 318 77.41 -29.26 -83.04
C ASN D 318 77.07 -29.22 -84.50
N LEU D 319 77.10 -30.38 -85.16
CA LEU D 319 76.76 -30.46 -86.56
C LEU D 319 75.30 -30.07 -86.78
N PHE D 320 74.39 -30.55 -85.94
CA PHE D 320 72.99 -30.16 -85.97
C PHE D 320 72.83 -28.67 -85.76
N HIS D 321 73.39 -28.09 -84.70
CA HIS D 321 73.28 -26.68 -84.42
C HIS D 321 73.94 -25.86 -85.53
N PHE D 322 75.01 -26.36 -86.14
CA PHE D 322 75.62 -25.74 -87.28
C PHE D 322 74.67 -25.79 -88.48
N VAL D 323 74.18 -26.95 -88.85
CA VAL D 323 73.30 -27.07 -90.00
C VAL D 323 72.04 -26.27 -89.78
N THR D 324 71.36 -26.49 -88.68
CA THR D 324 70.07 -25.86 -88.40
C THR D 324 70.26 -24.37 -88.14
N ASP D 325 70.99 -23.99 -87.11
CA ASP D 325 71.09 -22.60 -86.71
C ASP D 325 72.05 -21.81 -87.59
N VAL D 326 73.21 -22.34 -87.91
CA VAL D 326 74.25 -21.56 -88.59
C VAL D 326 74.07 -21.57 -90.11
N GLN D 327 73.91 -22.73 -90.76
CA GLN D 327 73.67 -22.78 -92.20
C GLN D 327 72.24 -22.35 -92.56
N ASN D 328 71.24 -22.80 -91.78
CA ASN D 328 69.82 -22.63 -92.11
C ASN D 328 69.06 -21.62 -91.22
N ASN D 329 69.78 -20.75 -90.48
CA ASN D 329 69.20 -19.64 -89.70
C ASN D 329 68.16 -20.07 -88.65
N GLY D 330 68.18 -21.35 -88.27
CA GLY D 330 67.24 -22.01 -87.37
C GLY D 330 66.42 -23.10 -88.04
N VAL D 331 66.18 -23.02 -89.36
CA VAL D 331 65.32 -23.98 -90.05
C VAL D 331 65.95 -25.36 -90.01
N VAL D 332 65.20 -26.35 -89.58
CA VAL D 332 65.65 -27.75 -89.64
C VAL D 332 65.44 -28.26 -91.06
N LYS D 333 66.51 -28.30 -91.85
CA LYS D 333 66.50 -28.94 -93.16
C LYS D 333 66.31 -30.46 -92.98
N ILE D 334 65.09 -30.92 -93.24
CA ILE D 334 64.79 -32.34 -93.26
C ILE D 334 65.53 -32.94 -94.45
N PRO D 335 66.34 -33.99 -94.26
CA PRO D 335 67.00 -34.66 -95.38
C PRO D 335 66.02 -35.43 -96.26
N ASP D 336 66.26 -35.42 -97.57
CA ASP D 336 65.62 -36.38 -98.49
C ASP D 336 66.17 -37.79 -98.18
N ALA D 337 65.34 -38.63 -97.56
CA ALA D 337 65.68 -39.99 -97.18
C ALA D 337 64.42 -40.88 -97.18
N LYS D 338 64.56 -42.12 -97.67
CA LYS D 338 63.47 -43.07 -97.87
C LYS D 338 63.89 -44.48 -97.45
N GLY D 339 62.91 -45.35 -97.25
CA GLY D 339 63.12 -46.74 -96.83
C GLY D 339 63.38 -46.90 -95.34
N ASP D 340 63.52 -48.15 -94.90
CA ASP D 340 63.68 -48.51 -93.48
C ASP D 340 64.99 -48.00 -92.86
N ASP D 341 65.89 -47.44 -93.65
CA ASP D 341 67.10 -46.74 -93.22
C ASP D 341 66.98 -45.19 -93.27
N ALA D 342 65.84 -44.61 -93.64
CA ALA D 342 65.66 -43.16 -93.71
C ALA D 342 65.91 -42.43 -92.38
N TRP D 343 65.45 -43.04 -91.27
CA TRP D 343 65.67 -42.59 -89.90
C TRP D 343 67.16 -42.57 -89.48
N LYS D 344 68.04 -43.17 -90.30
CA LYS D 344 69.50 -43.13 -90.17
C LYS D 344 70.14 -42.02 -90.97
N VAL D 345 69.35 -41.28 -91.75
CA VAL D 345 69.82 -40.12 -92.48
C VAL D 345 69.29 -38.88 -91.80
N TYR D 346 70.20 -38.00 -91.40
CA TYR D 346 69.94 -36.85 -90.54
C TYR D 346 70.25 -35.52 -91.27
N TYR D 347 71.05 -35.58 -92.33
CA TYR D 347 71.65 -34.44 -93.03
C TYR D 347 71.83 -34.65 -94.52
N ASP D 348 72.26 -33.62 -95.25
CA ASP D 348 72.90 -33.79 -96.57
C ASP D 348 74.14 -34.68 -96.48
N GLU D 349 74.50 -35.26 -97.62
CA GLU D 349 75.58 -36.23 -97.84
C GLU D 349 76.86 -35.96 -97.03
N THR D 350 77.35 -34.73 -97.05
CA THR D 350 78.64 -34.40 -96.45
C THR D 350 78.55 -34.53 -94.93
N ALA D 351 77.54 -33.87 -94.36
CA ALA D 351 77.23 -33.93 -92.95
C ALA D 351 76.85 -35.33 -92.48
N GLN D 352 76.16 -36.07 -93.33
CA GLN D 352 75.84 -37.46 -93.09
C GLN D 352 77.11 -38.31 -93.03
N GLU D 353 78.01 -38.15 -93.99
CA GLU D 353 79.26 -38.89 -94.02
C GLU D 353 80.12 -38.61 -92.79
N ILE D 354 80.10 -37.37 -92.28
CA ILE D 354 80.79 -37.02 -91.06
C ILE D 354 80.34 -37.86 -89.88
N VAL D 355 79.04 -37.84 -89.60
CA VAL D 355 78.54 -38.60 -88.47
C VAL D 355 78.67 -40.09 -88.70
N ASP D 356 78.38 -40.59 -89.89
CA ASP D 356 78.49 -42.01 -90.18
C ASP D 356 79.94 -42.51 -90.09
N GLU D 357 80.92 -41.81 -90.64
CA GLU D 357 82.31 -42.24 -90.50
C GLU D 357 82.81 -42.10 -89.08
N PHE D 358 82.42 -41.04 -88.37
CA PHE D 358 82.70 -40.97 -86.97
C PHE D 358 82.12 -42.17 -86.22
N ALA D 359 80.83 -42.45 -86.44
CA ALA D 359 80.11 -43.51 -85.77
C ALA D 359 80.66 -44.89 -86.12
N MET D 360 80.87 -45.19 -87.40
CA MET D 360 81.41 -46.46 -87.88
C MET D 360 82.86 -46.67 -87.42
N ARG D 361 83.70 -45.64 -87.47
CA ARG D 361 85.08 -45.74 -86.96
C ARG D 361 85.14 -45.94 -85.46
N TYR D 362 84.22 -45.34 -84.74
CA TYR D 362 84.25 -45.31 -83.28
C TYR D 362 83.16 -46.14 -82.59
N GLY D 363 82.54 -47.08 -83.32
CA GLY D 363 81.65 -48.14 -82.79
C GLY D 363 80.30 -47.68 -82.25
N VAL D 364 79.88 -46.47 -82.59
CA VAL D 364 78.63 -45.88 -82.11
C VAL D 364 77.48 -46.48 -82.90
N GLU D 365 76.65 -47.25 -82.20
CA GLU D 365 75.57 -47.99 -82.83
C GLU D 365 74.51 -47.04 -83.40
N SER D 366 73.89 -47.44 -84.51
CA SER D 366 72.88 -46.66 -85.21
C SER D 366 71.72 -46.20 -84.33
N ILE D 367 71.26 -47.03 -83.39
CA ILE D 367 70.19 -46.64 -82.46
C ILE D 367 70.60 -45.50 -81.53
N TYR D 368 71.87 -45.45 -81.11
CA TYR D 368 72.39 -44.33 -80.33
C TYR D 368 72.38 -43.03 -81.13
N GLN D 369 72.82 -43.11 -82.37
CA GLN D 369 72.81 -42.00 -83.31
C GLN D 369 71.39 -41.44 -83.48
N ALA D 370 70.41 -42.33 -83.62
CA ALA D 370 69.01 -41.99 -83.78
C ALA D 370 68.41 -41.35 -82.54
N MET D 371 68.63 -41.94 -81.38
CA MET D 371 68.13 -41.40 -80.12
C MET D 371 68.75 -40.04 -79.83
N THR D 372 70.02 -39.86 -80.18
CA THR D 372 70.70 -38.57 -80.20
C THR D 372 70.04 -37.58 -81.16
N HIS D 373 69.84 -37.94 -82.42
CA HIS D 373 69.24 -37.02 -83.37
C HIS D 373 67.80 -36.68 -83.00
N PHE D 374 67.05 -37.65 -82.47
CA PHE D 374 65.73 -37.44 -81.91
C PHE D 374 65.80 -36.42 -80.77
N ALA D 375 66.79 -36.51 -79.89
CA ALA D 375 67.03 -35.51 -78.87
C ALA D 375 67.32 -34.12 -79.47
N CYS D 376 68.14 -34.02 -80.53
CA CYS D 376 68.29 -32.77 -81.24
C CYS D 376 66.93 -32.27 -81.76
N LEU D 377 66.21 -33.08 -82.55
CA LEU D 377 64.92 -32.71 -83.15
C LEU D 377 63.90 -32.30 -82.10
N SER D 378 63.95 -32.90 -80.91
CA SER D 378 63.02 -32.61 -79.84
C SER D 378 63.08 -31.16 -79.37
N SER D 379 64.22 -30.50 -79.54
CA SER D 379 64.31 -29.06 -79.27
C SER D 379 63.59 -28.27 -80.36
N LYS D 380 63.75 -28.66 -81.63
CA LYS D 380 63.18 -27.98 -82.81
C LYS D 380 61.84 -28.57 -83.25
N TYR D 381 61.14 -29.24 -82.36
CA TYR D 381 59.93 -29.96 -82.73
C TYR D 381 58.83 -29.03 -83.29
N MET D 382 58.79 -27.74 -82.92
CA MET D 382 57.83 -26.80 -83.49
C MET D 382 58.04 -26.60 -84.99
N CYS D 383 59.24 -26.85 -85.52
CA CYS D 383 59.61 -26.48 -86.88
C CYS D 383 58.93 -27.40 -87.94
N PRO D 384 58.65 -26.92 -89.16
CA PRO D 384 57.75 -27.60 -90.08
C PRO D 384 58.24 -29.00 -90.46
N GLY D 385 57.34 -29.97 -90.55
CA GLY D 385 57.63 -31.36 -90.86
C GLY D 385 58.32 -32.14 -89.75
N VAL D 386 59.03 -31.47 -88.83
CA VAL D 386 59.80 -32.13 -87.77
C VAL D 386 58.97 -33.15 -87.01
N PRO D 387 57.71 -32.89 -86.65
CA PRO D 387 56.95 -33.88 -85.90
C PRO D 387 56.73 -35.17 -86.67
N ALA D 388 56.67 -35.11 -87.99
CA ALA D 388 56.57 -36.29 -88.83
C ALA D 388 57.86 -37.10 -88.74
N VAL D 389 59.00 -36.42 -88.92
CA VAL D 389 60.32 -37.05 -88.86
C VAL D 389 60.52 -37.67 -87.49
N MET D 390 60.26 -36.90 -86.44
CA MET D 390 60.36 -37.37 -85.08
C MET D 390 59.43 -38.54 -84.82
N SER D 391 58.20 -38.50 -85.32
CA SER D 391 57.27 -39.61 -85.16
C SER D 391 57.79 -40.87 -85.82
N THR D 392 58.31 -40.72 -87.02
CA THR D 392 58.90 -41.81 -87.78
C THR D 392 60.11 -42.36 -87.07
N LEU D 393 61.03 -41.48 -86.70
CA LEU D 393 62.24 -41.80 -85.99
C LEU D 393 61.93 -42.57 -84.71
N LEU D 394 60.93 -42.10 -83.96
CA LEU D 394 60.52 -42.76 -82.74
C LEU D 394 59.79 -44.08 -82.98
N ALA D 395 59.00 -44.19 -84.04
CA ALA D 395 58.47 -45.48 -84.44
C ALA D 395 59.59 -46.47 -84.76
N ASN D 396 60.71 -46.01 -85.31
CA ASN D 396 61.87 -46.86 -85.57
C ASN D 396 62.63 -47.23 -84.30
N ILE D 397 62.91 -46.25 -83.46
CA ILE D 397 63.50 -46.47 -82.14
C ILE D 397 62.63 -47.44 -81.33
N ASN D 398 61.31 -47.24 -81.39
CA ASN D 398 60.34 -48.15 -80.85
C ASN D 398 60.48 -49.53 -81.44
N ALA D 399 60.44 -49.66 -82.76
CA ALA D 399 60.49 -50.96 -83.42
C ALA D 399 61.78 -51.72 -83.11
N TYR D 400 62.88 -50.99 -83.01
CA TYR D 400 64.16 -51.51 -82.60
C TYR D 400 64.05 -52.17 -81.22
N TYR D 401 63.71 -51.43 -80.16
CA TYR D 401 63.68 -52.03 -78.82
C TYR D 401 62.53 -53.01 -78.63
N ALA D 402 61.36 -52.70 -79.17
CA ALA D 402 60.18 -53.53 -79.03
C ALA D 402 60.42 -54.91 -79.66
N HIS D 403 60.67 -54.94 -80.97
CA HIS D 403 60.51 -56.18 -81.72
C HIS D 403 61.79 -56.96 -81.89
N THR D 404 62.95 -56.30 -81.93
CA THR D 404 64.15 -56.98 -82.44
C THR D 404 64.51 -58.19 -81.58
N THR D 405 64.60 -59.34 -82.26
CA THR D 405 64.86 -60.69 -81.75
C THR D 405 63.98 -61.15 -80.60
N ALA D 406 62.95 -61.92 -80.95
CA ALA D 406 62.14 -62.68 -80.00
C ALA D 406 62.88 -63.83 -79.29
N SER D 407 64.03 -64.29 -79.82
CA SER D 407 64.88 -65.34 -79.22
C SER D 407 65.49 -64.92 -77.87
N THR D 408 65.50 -63.61 -77.58
CA THR D 408 65.81 -63.06 -76.26
C THR D 408 64.77 -63.48 -75.23
N ASN D 409 65.19 -63.64 -73.97
CA ASN D 409 64.30 -63.89 -72.82
C ASN D 409 64.21 -62.63 -71.92
N VAL D 410 64.18 -61.45 -72.54
CA VAL D 410 64.28 -60.13 -71.86
C VAL D 410 63.17 -59.20 -72.34
N SER D 411 62.54 -58.49 -71.40
CA SER D 411 61.46 -57.56 -71.72
C SER D 411 61.95 -56.40 -72.60
N ALA D 412 61.06 -55.77 -73.36
CA ALA D 412 61.45 -54.63 -74.18
C ALA D 412 62.03 -53.50 -73.32
N SER D 413 61.50 -53.32 -72.12
CA SER D 413 61.95 -52.31 -71.19
C SER D 413 63.35 -52.60 -70.66
N ASP D 414 63.68 -53.86 -70.40
CA ASP D 414 65.03 -54.28 -69.99
C ASP D 414 66.05 -54.22 -71.12
N ARG D 415 65.65 -54.62 -72.32
CA ARG D 415 66.47 -54.45 -73.51
C ARG D 415 66.73 -52.97 -73.79
N PHE D 416 65.73 -52.14 -73.57
CA PHE D 416 65.89 -50.69 -73.59
C PHE D 416 66.71 -50.16 -72.40
N ALA D 417 66.70 -50.79 -71.21
CA ALA D 417 67.65 -50.47 -70.13
C ALA D 417 69.10 -50.80 -70.50
N ALA D 418 69.31 -51.71 -71.45
CA ALA D 418 70.60 -51.88 -72.09
C ALA D 418 70.92 -50.89 -73.22
N SER D 419 70.16 -49.80 -73.39
CA SER D 419 70.51 -48.75 -74.34
C SER D 419 71.69 -47.92 -73.85
N ASN D 420 72.70 -47.75 -74.70
CA ASN D 420 73.84 -46.88 -74.39
C ASN D 420 73.49 -45.39 -74.42
N PHE D 421 72.35 -45.01 -74.99
CA PHE D 421 71.85 -43.65 -74.83
C PHE D 421 71.48 -43.35 -73.37
N GLY D 422 71.08 -44.36 -72.60
CA GLY D 422 70.48 -44.20 -71.29
C GLY D 422 68.96 -44.20 -71.37
N LYS D 423 68.35 -45.15 -70.70
CA LYS D 423 66.90 -45.37 -70.67
C LYS D 423 66.19 -44.16 -70.10
N GLU D 424 66.52 -43.89 -68.85
CA GLU D 424 66.19 -42.70 -68.09
C GLU D 424 66.20 -41.44 -68.95
N ARG D 425 67.33 -41.13 -69.56
CA ARG D 425 67.54 -39.94 -70.40
C ARG D 425 66.50 -39.87 -71.50
N PHE D 426 66.31 -40.98 -72.21
CA PHE D 426 65.33 -41.02 -73.26
C PHE D 426 63.89 -40.92 -72.71
N VAL D 427 63.61 -41.57 -71.59
CA VAL D 427 62.31 -41.48 -70.92
C VAL D 427 61.98 -40.03 -70.55
N LYS D 428 62.92 -39.34 -69.91
CA LYS D 428 62.81 -37.93 -69.56
C LYS D 428 62.64 -37.05 -70.80
N LEU D 429 63.46 -37.29 -71.82
CA LEU D 429 63.40 -36.59 -73.09
C LEU D 429 62.00 -36.66 -73.68
N LEU D 430 61.46 -37.87 -73.77
CA LEU D 430 60.10 -38.13 -74.24
C LEU D 430 59.05 -37.45 -73.39
N ASP D 431 59.22 -37.45 -72.07
CA ASP D 431 58.29 -36.79 -71.16
C ASP D 431 58.26 -35.28 -71.38
N GLN D 432 59.43 -34.65 -71.48
CA GLN D 432 59.54 -33.22 -71.76
C GLN D 432 58.89 -32.90 -73.09
N LEU D 433 59.22 -33.67 -74.11
CA LEU D 433 58.64 -33.52 -75.42
C LEU D 433 57.12 -33.69 -75.37
N HIS D 434 56.64 -34.74 -74.73
CA HIS D 434 55.23 -35.00 -74.57
C HIS D 434 54.54 -33.81 -73.93
N ASN D 435 55.13 -33.25 -72.90
CA ASN D 435 54.63 -32.04 -72.28
C ASN D 435 54.63 -30.85 -73.25
N SER D 436 55.72 -30.61 -73.96
CA SER D 436 55.80 -29.53 -74.94
C SER D 436 54.73 -29.67 -76.03
N LEU D 437 54.49 -30.91 -76.48
CA LEU D 437 53.43 -31.22 -77.41
C LEU D 437 52.06 -30.95 -76.79
N ARG D 438 51.80 -31.41 -75.55
CA ARG D 438 50.57 -31.11 -74.79
C ARG D 438 50.31 -29.60 -74.75
N ILE D 439 51.32 -28.81 -74.42
CA ILE D 439 51.20 -27.35 -74.35
C ILE D 439 50.77 -26.79 -75.70
N ASP D 440 51.52 -27.12 -76.76
CA ASP D 440 51.23 -26.55 -78.06
C ASP D 440 49.86 -26.98 -78.60
N LEU D 441 49.49 -28.24 -78.37
CA LEU D 441 48.16 -28.76 -78.66
C LEU D 441 47.08 -28.08 -77.82
N SER D 442 47.38 -27.60 -76.62
CA SER D 442 46.44 -26.84 -75.79
C SER D 442 46.12 -25.45 -76.32
N MET D 443 46.86 -25.01 -77.34
CA MET D 443 46.53 -23.84 -78.16
C MET D 443 46.54 -24.16 -79.65
N TYR D 444 46.10 -25.37 -80.04
CA TYR D 444 46.25 -25.89 -81.41
C TYR D 444 45.70 -24.96 -82.49
N ARG D 445 44.63 -24.23 -82.21
CA ARG D 445 44.04 -23.35 -83.23
C ARG D 445 45.03 -22.24 -83.56
N ASN D 446 45.51 -21.57 -82.53
CA ASN D 446 46.47 -20.46 -82.64
C ASN D 446 47.80 -20.97 -83.20
N ASN D 447 48.31 -22.05 -82.62
CA ASN D 447 49.60 -22.62 -82.97
C ASN D 447 49.61 -23.39 -84.27
N PHE D 448 48.46 -23.74 -84.81
CA PHE D 448 48.34 -24.44 -86.05
C PHE D 448 47.12 -23.91 -86.79
N PRO D 449 47.20 -22.67 -87.29
CA PRO D 449 46.05 -21.99 -87.86
C PRO D 449 45.55 -22.73 -89.10
N ALA D 450 44.22 -22.83 -89.23
CA ALA D 450 43.58 -23.52 -90.35
C ALA D 450 43.97 -22.89 -91.70
N SER D 451 44.24 -21.60 -91.72
CA SER D 451 44.77 -20.86 -92.87
C SER D 451 46.15 -21.33 -93.34
N SER D 452 46.83 -22.20 -92.59
CA SER D 452 48.01 -22.93 -93.06
C SER D 452 47.80 -24.44 -92.99
N PRO D 453 47.54 -25.06 -94.14
CA PRO D 453 47.50 -26.52 -94.30
C PRO D 453 48.75 -27.20 -93.78
N GLU D 454 49.90 -26.57 -93.98
CA GLU D 454 51.16 -27.17 -93.55
C GLU D 454 51.22 -27.19 -92.03
N ARG D 455 50.78 -26.12 -91.39
CA ARG D 455 50.66 -26.13 -89.93
C ARG D 455 49.61 -27.13 -89.50
N LEU D 456 48.53 -27.31 -90.24
CA LEU D 456 47.62 -28.44 -89.97
C LEU D 456 48.34 -29.78 -90.13
N GLN D 457 49.20 -29.96 -91.10
CA GLN D 457 49.95 -31.20 -91.22
C GLN D 457 50.95 -31.34 -90.08
N ASP D 458 51.56 -30.25 -89.63
CA ASP D 458 52.41 -30.30 -88.47
C ASP D 458 51.64 -30.64 -87.23
N LEU D 459 50.46 -30.07 -87.05
CA LEU D 459 49.52 -30.47 -86.01
C LEU D 459 49.27 -31.97 -86.09
N LYS D 460 48.93 -32.48 -87.28
CA LYS D 460 48.68 -33.90 -87.47
C LYS D 460 49.89 -34.70 -87.03
N SER D 461 51.07 -34.33 -87.50
CA SER D 461 52.28 -35.03 -87.16
C SER D 461 52.73 -34.82 -85.72
N THR D 462 52.31 -33.74 -85.07
CA THR D 462 52.51 -33.45 -83.64
C THR D 462 51.75 -34.45 -82.80
N VAL D 463 50.50 -34.70 -83.20
CA VAL D 463 49.70 -35.76 -82.64
C VAL D 463 50.27 -37.14 -82.98
N ASP D 464 50.64 -37.39 -84.23
CA ASP D 464 51.28 -38.66 -84.60
C ASP D 464 52.56 -38.92 -83.78
N LEU D 465 53.35 -37.89 -83.50
CA LEU D 465 54.46 -37.99 -82.59
C LEU D 465 54.01 -38.32 -81.16
N LEU D 466 53.01 -37.62 -80.62
CA LEU D 466 52.43 -37.91 -79.30
C LEU D 466 51.93 -39.35 -79.20
N THR D 467 51.29 -39.84 -80.25
CA THR D 467 50.91 -41.25 -80.35
C THR D 467 52.14 -42.12 -80.30
N SER D 468 53.14 -41.83 -81.13
CA SER D 468 54.37 -42.60 -81.17
C SER D 468 55.07 -42.65 -79.83
N ILE D 469 55.02 -41.56 -79.05
CA ILE D 469 55.53 -41.48 -77.68
C ILE D 469 54.73 -42.35 -76.74
N THR D 470 53.41 -42.28 -76.82
CA THR D 470 52.52 -43.07 -75.99
C THR D 470 52.66 -44.54 -76.29
N PHE D 471 52.77 -44.86 -77.57
CA PHE D 471 53.04 -46.19 -78.06
C PHE D 471 54.41 -46.67 -77.59
N PHE D 472 55.44 -45.83 -77.65
CA PHE D 472 56.76 -46.15 -77.09
C PHE D 472 56.70 -46.42 -75.58
N ARG D 473 55.98 -45.59 -74.83
CA ARG D 473 55.71 -45.83 -73.41
C ARG D 473 55.03 -47.17 -73.19
N MET D 474 54.03 -47.48 -74.01
CA MET D 474 53.27 -48.72 -73.90
C MET D 474 54.10 -49.96 -74.28
N LYS D 475 54.88 -49.87 -75.37
CA LYS D 475 55.55 -50.99 -76.01
C LYS D 475 56.97 -51.19 -75.51
N VAL D 476 57.76 -50.14 -75.47
CA VAL D 476 59.15 -50.21 -75.05
C VAL D 476 59.26 -50.10 -73.55
N GLN D 477 58.70 -49.03 -72.98
CA GLN D 477 58.75 -48.92 -71.52
C GLN D 477 57.83 -49.93 -70.83
N GLU D 478 56.93 -50.56 -71.58
CA GLU D 478 55.97 -51.54 -71.05
C GLU D 478 55.13 -50.94 -69.92
N LEU D 479 54.89 -49.61 -69.97
CA LEU D 479 54.05 -48.94 -68.99
C LEU D 479 52.62 -49.45 -69.07
N GLN D 480 52.07 -49.70 -67.89
CA GLN D 480 50.79 -50.35 -67.67
C GLN D 480 49.61 -49.38 -67.86
N SER D 481 49.86 -48.08 -67.76
CA SER D 481 48.83 -47.03 -67.83
C SER D 481 49.39 -45.70 -68.35
N PRO D 482 50.03 -45.64 -69.53
CA PRO D 482 50.47 -44.37 -70.08
C PRO D 482 49.25 -43.46 -70.32
N PRO D 483 49.35 -42.14 -70.12
CA PRO D 483 48.27 -41.20 -70.39
C PRO D 483 47.81 -41.32 -71.84
N ARG D 484 46.60 -41.83 -72.07
CA ARG D 484 46.22 -42.33 -73.39
C ARG D 484 46.24 -41.17 -74.38
N ALA D 485 46.93 -41.32 -75.52
CA ALA D 485 47.19 -40.21 -76.42
C ALA D 485 45.93 -39.49 -76.85
N SER D 486 44.93 -40.25 -77.25
CA SER D 486 43.60 -39.75 -77.60
C SER D 486 43.06 -38.87 -76.48
N GLN D 487 43.10 -39.36 -75.26
CA GLN D 487 42.67 -38.58 -74.11
C GLN D 487 43.53 -37.34 -73.90
N VAL D 488 44.86 -37.47 -73.94
CA VAL D 488 45.78 -36.34 -73.76
C VAL D 488 45.46 -35.22 -74.74
N VAL D 489 45.32 -35.58 -76.01
CA VAL D 489 44.94 -34.69 -77.10
C VAL D 489 43.56 -34.10 -76.84
N LYS D 490 42.58 -34.91 -76.44
CA LYS D 490 41.22 -34.47 -76.14
C LYS D 490 41.19 -33.40 -75.05
N ASP D 491 42.02 -33.57 -74.04
CA ASP D 491 42.24 -32.55 -73.03
C ASP D 491 42.85 -31.30 -73.63
N CYS D 492 43.89 -31.45 -74.46
CA CYS D 492 44.52 -30.32 -75.12
C CYS D 492 43.48 -29.53 -75.90
N VAL D 493 42.67 -30.27 -76.66
CA VAL D 493 41.61 -29.72 -77.48
C VAL D 493 40.63 -28.99 -76.57
N LYS D 494 40.22 -29.60 -75.47
CA LYS D 494 39.40 -28.93 -74.48
C LYS D 494 40.07 -27.65 -73.99
N ALA D 495 41.33 -27.69 -73.59
CA ALA D 495 42.03 -26.51 -73.13
C ALA D 495 42.02 -25.41 -74.20
N CYS D 496 42.36 -25.76 -75.42
CA CYS D 496 42.32 -24.83 -76.52
C CYS D 496 40.93 -24.28 -76.72
N LEU D 497 39.91 -25.13 -76.67
CA LEU D 497 38.52 -24.74 -76.84
C LEU D 497 38.10 -23.79 -75.75
N ASN D 498 38.53 -24.02 -74.51
CA ASN D 498 38.27 -23.09 -73.44
C ASN D 498 38.89 -21.74 -73.77
N SER D 499 40.16 -21.73 -74.16
CA SER D 499 40.83 -20.49 -74.49
C SER D 499 40.25 -19.83 -75.72
N THR D 500 39.83 -20.62 -76.69
CA THR D 500 39.11 -20.13 -77.84
C THR D 500 37.82 -19.49 -77.40
N TYR D 501 37.09 -20.18 -76.53
CA TYR D 501 35.81 -19.73 -76.05
C TYR D 501 36.00 -18.39 -75.38
N GLU D 502 36.93 -18.30 -74.44
CA GLU D 502 37.33 -17.03 -73.85
C GLU D 502 37.65 -16.00 -74.94
N TYR D 503 38.47 -16.35 -75.92
CA TYR D 503 38.88 -15.40 -76.90
C TYR D 503 37.68 -14.82 -77.64
N ILE D 504 36.86 -15.68 -78.22
CA ILE D 504 35.68 -15.23 -78.94
C ILE D 504 34.77 -14.47 -78.00
N PHE D 505 34.58 -14.96 -76.77
CA PHE D 505 33.74 -14.36 -75.75
C PHE D 505 34.24 -12.99 -75.28
N ASN D 506 35.48 -12.65 -75.60
CA ASN D 506 36.05 -11.35 -75.31
C ASN D 506 36.12 -10.47 -76.56
N ASN D 507 36.04 -11.04 -77.75
CA ASN D 507 36.31 -10.37 -79.01
C ASN D 507 35.14 -10.50 -79.98
N CYS D 508 33.97 -10.80 -79.43
CA CYS D 508 32.82 -11.21 -80.23
C CYS D 508 32.51 -10.21 -81.33
N HIS D 509 32.48 -8.92 -81.02
CA HIS D 509 31.98 -8.00 -82.03
C HIS D 509 32.96 -7.83 -83.19
N GLU D 510 34.23 -7.69 -82.89
CA GLU D 510 35.29 -7.61 -83.90
C GLU D 510 35.22 -8.78 -84.87
N LEU D 511 35.18 -9.98 -84.31
CA LEU D 511 35.13 -11.19 -85.08
C LEU D 511 33.89 -11.24 -85.97
N TYR D 512 32.72 -10.95 -85.40
CA TYR D 512 31.45 -11.02 -86.11
C TYR D 512 31.31 -9.95 -87.18
N GLY D 513 31.64 -8.73 -86.79
CA GLY D 513 31.71 -7.58 -87.65
C GLY D 513 32.47 -7.93 -88.90
N ARG D 514 33.74 -8.28 -88.73
CA ARG D 514 34.59 -8.73 -89.82
C ARG D 514 33.96 -9.85 -90.66
N GLU D 515 33.63 -10.99 -90.06
CA GLU D 515 33.36 -12.23 -90.81
C GLU D 515 31.99 -12.28 -91.48
N TYR D 516 30.95 -11.60 -90.96
CA TYR D 516 29.59 -11.74 -91.48
C TYR D 516 28.88 -10.43 -91.82
N GLN D 517 29.28 -9.31 -91.23
CA GLN D 517 28.46 -8.10 -91.27
C GLN D 517 28.44 -7.45 -92.68
N THR D 518 27.29 -7.36 -93.35
CA THR D 518 27.18 -6.87 -94.75
C THR D 518 27.34 -5.35 -94.91
N ASP D 519 27.25 -4.58 -93.83
CA ASP D 519 27.64 -3.17 -93.81
C ASP D 519 29.03 -3.02 -93.15
N PRO D 520 30.06 -2.55 -93.87
CA PRO D 520 31.42 -2.39 -93.35
C PRO D 520 31.51 -1.50 -92.12
N ALA D 521 30.62 -0.50 -91.96
CA ALA D 521 30.63 0.40 -90.82
C ALA D 521 30.38 -0.29 -89.48
N LYS D 522 29.84 -1.51 -89.51
CA LYS D 522 29.56 -2.32 -88.33
C LYS D 522 30.65 -3.36 -88.02
N LYS D 523 31.77 -3.41 -88.76
CA LYS D 523 32.81 -4.44 -88.57
C LYS D 523 33.75 -4.24 -87.40
N GLY D 524 33.75 -3.04 -86.85
CA GLY D 524 34.76 -2.53 -85.93
C GLY D 524 34.60 -2.91 -84.45
N GLU D 525 35.31 -2.16 -83.60
CA GLU D 525 35.50 -2.40 -82.17
C GLU D 525 34.35 -1.89 -81.31
N VAL D 526 33.20 -2.53 -81.42
CA VAL D 526 32.09 -2.32 -80.46
C VAL D 526 32.55 -2.72 -79.06
N PRO D 527 31.96 -2.19 -77.96
CA PRO D 527 32.61 -2.17 -76.65
C PRO D 527 32.93 -3.59 -76.17
N PRO D 528 33.92 -3.80 -75.29
CA PRO D 528 34.24 -5.11 -74.76
C PRO D 528 33.04 -5.82 -74.10
N GLU D 529 32.15 -5.04 -73.49
CA GLU D 529 30.88 -5.45 -72.87
C GLU D 529 29.78 -5.83 -73.90
N GLU D 530 30.12 -5.80 -75.18
CA GLU D 530 29.26 -6.14 -76.32
C GLU D 530 30.02 -7.03 -77.33
N GLN D 531 31.34 -7.05 -77.25
CA GLN D 531 32.19 -8.18 -77.63
C GLN D 531 32.20 -9.27 -76.54
N GLY D 532 31.36 -9.03 -75.53
CA GLY D 532 30.96 -9.79 -74.34
C GLY D 532 29.46 -9.51 -74.04
N PRO D 533 28.88 -10.05 -72.97
CA PRO D 533 27.43 -9.98 -72.70
C PRO D 533 26.87 -8.60 -72.36
N SER D 534 25.66 -8.33 -72.85
CA SER D 534 24.87 -7.16 -72.48
C SER D 534 23.52 -7.56 -71.96
N ILE D 535 23.02 -6.82 -70.98
CA ILE D 535 21.66 -6.99 -70.48
C ILE D 535 20.61 -6.25 -71.33
N LYS D 536 21.04 -5.19 -72.03
CA LYS D 536 20.21 -4.31 -72.85
C LYS D 536 19.81 -4.91 -74.19
N ASN D 537 20.67 -5.73 -74.76
CA ASN D 537 20.44 -6.34 -76.04
C ASN D 537 21.00 -7.76 -76.06
N LEU D 538 20.40 -8.60 -76.89
CA LEU D 538 20.80 -9.98 -77.07
C LEU D 538 21.89 -10.15 -78.14
N ASP D 539 22.28 -9.07 -78.84
CA ASP D 539 23.01 -9.15 -80.11
C ASP D 539 24.35 -9.84 -79.95
N PHE D 540 25.01 -9.62 -78.81
CA PHE D 540 26.20 -10.37 -78.45
C PHE D 540 26.01 -11.87 -78.56
N TRP D 541 24.94 -12.39 -78.00
CA TRP D 541 24.66 -13.79 -78.01
C TRP D 541 24.41 -14.31 -79.41
N SER D 542 23.60 -13.60 -80.20
CA SER D 542 23.42 -13.95 -81.60
C SER D 542 24.77 -14.05 -82.30
N LYS D 543 25.62 -13.06 -82.08
CA LYS D 543 26.90 -12.99 -82.75
C LYS D 543 27.85 -14.06 -82.27
N LEU D 544 27.85 -14.29 -80.97
CA LEU D 544 28.57 -15.35 -80.31
C LEU D 544 28.16 -16.71 -80.85
N ILE D 545 26.86 -16.96 -81.01
CA ILE D 545 26.35 -18.19 -81.62
C ILE D 545 27.00 -18.34 -82.99
N THR D 546 26.98 -17.31 -83.84
CA THR D 546 27.54 -17.45 -85.19
C THR D 546 29.04 -17.73 -85.16
N LEU D 547 29.73 -17.17 -84.17
CA LEU D 547 31.14 -17.44 -83.97
C LEU D 547 31.40 -18.82 -83.44
N ILE D 548 30.59 -19.27 -82.48
CA ILE D 548 30.64 -20.61 -82.00
C ILE D 548 30.45 -21.58 -83.18
N VAL D 549 29.48 -21.31 -84.04
CA VAL D 549 29.26 -22.08 -85.26
C VAL D 549 30.51 -22.06 -86.12
N SER D 550 31.06 -20.89 -86.37
CA SER D 550 32.27 -20.77 -87.18
C SER D 550 33.40 -21.62 -86.61
N ILE D 551 33.61 -21.58 -85.29
CA ILE D 551 34.60 -22.39 -84.62
C ILE D 551 34.27 -23.87 -84.73
N ILE D 552 33.03 -24.27 -84.45
CA ILE D 552 32.63 -25.67 -84.53
C ILE D 552 32.80 -26.17 -85.94
N GLU D 553 32.44 -25.38 -86.92
CA GLU D 553 32.64 -25.72 -88.31
C GLU D 553 34.11 -25.82 -88.63
N GLU D 554 34.94 -24.86 -88.22
CA GLU D 554 36.37 -24.97 -88.43
C GLU D 554 36.92 -26.26 -87.79
N ASP D 555 36.44 -26.61 -86.61
CA ASP D 555 36.83 -27.84 -85.96
C ASP D 555 36.31 -29.06 -86.70
N LYS D 556 35.04 -29.05 -87.10
CA LYS D 556 34.45 -30.11 -87.89
C LYS D 556 35.20 -30.28 -89.19
N ASN D 557 35.53 -29.19 -89.85
CA ASN D 557 35.94 -29.19 -91.25
C ASN D 557 37.44 -29.28 -91.36
N SER D 558 38.17 -28.46 -90.64
CA SER D 558 39.62 -28.47 -90.73
C SER D 558 40.19 -29.44 -89.71
N TYR D 559 39.86 -29.23 -88.43
CA TYR D 559 40.61 -29.94 -87.41
C TYR D 559 40.18 -31.40 -87.30
N THR D 560 38.94 -31.77 -87.59
CA THR D 560 38.51 -33.16 -87.43
C THR D 560 39.17 -34.04 -88.47
N PRO D 561 39.22 -33.65 -89.75
CA PRO D 561 39.97 -34.41 -90.74
C PRO D 561 41.45 -34.43 -90.41
N CYS D 562 41.99 -33.29 -89.96
CA CYS D 562 43.37 -33.25 -89.54
C CYS D 562 43.63 -34.28 -88.45
N LEU D 563 42.78 -34.31 -87.43
CA LEU D 563 42.90 -35.17 -86.27
C LEU D 563 41.92 -36.34 -86.37
N ASN D 564 42.21 -37.22 -87.33
CA ASN D 564 41.52 -38.49 -87.54
C ASN D 564 42.30 -39.73 -86.99
N GLN D 565 43.36 -39.56 -86.19
CA GLN D 565 44.19 -40.69 -85.70
C GLN D 565 43.46 -41.69 -84.81
N PHE D 566 42.46 -41.20 -84.07
CA PHE D 566 41.66 -41.96 -83.12
C PHE D 566 40.18 -41.75 -83.47
N PRO D 567 39.71 -42.20 -84.63
CA PRO D 567 38.42 -41.76 -85.14
C PRO D 567 37.26 -42.19 -84.21
N GLN D 568 37.40 -43.36 -83.58
CA GLN D 568 36.48 -43.92 -82.59
C GLN D 568 36.59 -43.29 -81.19
N GLU D 569 37.49 -42.34 -80.96
CA GLU D 569 37.69 -41.73 -79.64
C GLU D 569 37.80 -40.19 -79.68
N LEU D 570 38.23 -39.63 -80.80
CA LEU D 570 38.48 -38.22 -80.99
C LEU D 570 37.78 -37.76 -82.26
N ASN D 571 36.72 -36.97 -82.08
CA ASN D 571 36.18 -36.19 -83.16
C ASN D 571 36.17 -34.72 -82.73
N VAL D 572 37.02 -33.91 -83.35
CA VAL D 572 37.24 -32.52 -82.91
C VAL D 572 35.98 -31.69 -83.04
N GLY D 573 35.18 -31.90 -84.09
CA GLY D 573 33.91 -31.23 -84.29
C GLY D 573 32.92 -31.56 -83.18
N LYS D 574 32.81 -32.84 -82.76
CA LYS D 574 31.97 -33.24 -81.62
C LYS D 574 32.44 -32.56 -80.35
N ILE D 575 33.73 -32.62 -80.07
CA ILE D 575 34.31 -32.08 -78.83
C ILE D 575 34.15 -30.56 -78.83
N SER D 576 34.38 -29.93 -79.96
CA SER D 576 34.15 -28.51 -80.17
C SER D 576 32.71 -28.17 -79.89
N ALA D 577 31.76 -28.81 -80.56
CA ALA D 577 30.35 -28.60 -80.30
C ALA D 577 30.02 -28.79 -78.82
N GLU D 578 30.42 -29.90 -78.20
CA GLU D 578 30.14 -30.18 -76.80
C GLU D 578 30.69 -29.11 -75.85
N VAL D 579 31.97 -28.79 -75.96
CA VAL D 579 32.61 -27.81 -75.07
C VAL D 579 32.02 -26.44 -75.33
N MET D 580 31.93 -26.03 -76.59
CA MET D 580 31.47 -24.70 -76.97
C MET D 580 30.03 -24.49 -76.56
N TRP D 581 29.17 -25.47 -76.85
CA TRP D 581 27.81 -25.45 -76.34
C TRP D 581 27.84 -25.43 -74.82
N SER D 582 28.63 -26.26 -74.15
CA SER D 582 28.61 -26.31 -72.69
C SER D 582 28.93 -24.95 -72.09
N LEU D 583 30.08 -24.39 -72.48
CA LEU D 583 30.51 -23.08 -72.03
C LEU D 583 29.46 -22.02 -72.36
N PHE D 584 29.01 -22.02 -73.61
CA PHE D 584 27.95 -21.15 -74.04
C PHE D 584 26.70 -21.34 -73.20
N ALA D 585 26.31 -22.56 -72.89
CA ALA D 585 25.06 -22.88 -72.27
C ALA D 585 25.07 -22.44 -70.83
N GLN D 586 26.16 -22.66 -70.12
CA GLN D 586 26.30 -22.14 -68.78
C GLN D 586 26.17 -20.63 -68.79
N ASP D 587 26.88 -20.00 -69.73
CA ASP D 587 26.88 -18.57 -69.79
C ASP D 587 25.51 -18.03 -70.18
N MET D 588 24.94 -18.61 -71.23
CA MET D 588 23.63 -18.29 -71.71
C MET D 588 22.59 -18.51 -70.62
N LYS D 589 22.68 -19.59 -69.87
CA LYS D 589 21.76 -19.85 -68.79
C LYS D 589 21.85 -18.76 -67.74
N TYR D 590 23.06 -18.41 -67.28
CA TYR D 590 23.17 -17.29 -66.36
C TYR D 590 22.60 -16.01 -67.03
N ALA D 591 22.92 -15.76 -68.29
CA ALA D 591 22.51 -14.56 -68.98
C ALA D 591 21.00 -14.45 -69.08
N MET D 592 20.33 -15.51 -69.52
CA MET D 592 18.87 -15.60 -69.57
C MET D 592 18.27 -15.45 -68.19
N GLU D 593 18.84 -16.06 -67.15
CA GLU D 593 18.38 -15.80 -65.78
C GLU D 593 18.45 -14.29 -65.50
N GLU D 594 19.52 -13.65 -65.94
CA GLU D 594 19.71 -12.24 -65.70
C GLU D 594 18.76 -11.35 -66.48
N HIS D 595 18.60 -11.64 -67.76
CA HIS D 595 17.56 -11.06 -68.58
C HIS D 595 16.18 -11.33 -68.00
N ASP D 596 15.94 -12.46 -67.36
CA ASP D 596 14.63 -12.75 -66.81
C ASP D 596 14.33 -11.81 -65.64
N LYS D 597 15.36 -11.39 -64.92
CA LYS D 597 15.23 -10.39 -63.87
C LYS D 597 14.95 -9.03 -64.45
N HIS D 598 15.73 -8.62 -65.44
CA HIS D 598 15.64 -7.24 -65.94
C HIS D 598 14.53 -7.03 -66.98
N ARG D 599 14.33 -8.00 -67.85
CA ARG D 599 13.40 -8.01 -68.99
C ARG D 599 13.51 -6.74 -69.85
N LEU D 600 14.73 -6.28 -70.12
CA LEU D 600 14.97 -5.05 -70.92
C LEU D 600 14.77 -5.27 -72.42
N CYS D 601 15.24 -6.39 -72.97
CA CYS D 601 14.93 -6.78 -74.35
C CYS D 601 13.45 -7.21 -74.50
N LYS D 602 12.89 -7.16 -75.71
CA LYS D 602 11.47 -7.49 -75.95
C LYS D 602 11.26 -8.99 -76.04
N SER D 603 10.01 -9.40 -75.80
CA SER D 603 9.54 -10.78 -75.89
C SER D 603 10.02 -11.41 -77.20
N ALA D 604 9.73 -10.73 -78.31
CA ALA D 604 10.14 -11.12 -79.65
C ALA D 604 11.64 -11.42 -79.75
N ASP D 605 12.48 -10.66 -79.09
CA ASP D 605 13.92 -10.84 -79.19
C ASP D 605 14.32 -12.14 -78.53
N TYR D 606 13.80 -12.40 -77.33
CA TYR D 606 14.03 -13.68 -76.72
C TYR D 606 13.47 -14.82 -77.55
N MET D 607 12.35 -14.62 -78.24
CA MET D 607 11.80 -15.64 -79.14
C MET D 607 12.79 -15.89 -80.29
N ASN D 608 13.34 -14.83 -80.88
CA ASN D 608 14.30 -14.95 -81.97
C ASN D 608 15.58 -15.64 -81.51
N LEU D 609 16.05 -15.24 -80.34
CA LEU D 609 17.15 -15.90 -79.69
C LEU D 609 16.81 -17.36 -79.44
N HIS D 610 15.60 -17.63 -78.97
CA HIS D 610 15.17 -18.98 -78.73
C HIS D 610 15.24 -19.78 -80.03
N PHE D 611 14.73 -19.26 -81.14
CA PHE D 611 14.82 -19.90 -82.44
C PHE D 611 16.28 -20.18 -82.81
N LYS D 612 17.16 -19.22 -82.60
CA LYS D 612 18.56 -19.39 -82.92
C LYS D 612 19.21 -20.44 -82.06
N VAL D 613 18.96 -20.40 -80.76
CA VAL D 613 19.51 -21.36 -79.81
C VAL D 613 18.97 -22.74 -80.10
N LYS D 614 17.66 -22.82 -80.34
CA LYS D 614 17.02 -24.03 -80.78
C LYS D 614 17.76 -24.53 -82.01
N TRP D 615 17.93 -23.70 -83.03
CA TRP D 615 18.59 -24.12 -84.23
C TRP D 615 20.01 -24.58 -83.95
N LEU D 616 20.76 -23.82 -83.18
CA LEU D 616 22.13 -24.14 -82.86
C LEU D 616 22.18 -25.51 -82.19
N TYR D 617 21.36 -25.67 -81.16
CA TYR D 617 21.27 -26.88 -80.42
C TYR D 617 20.93 -28.02 -81.35
N ASN D 618 19.85 -27.89 -82.07
CA ASN D 618 19.34 -28.93 -82.93
C ASN D 618 20.29 -29.23 -84.09
N GLU D 619 21.11 -28.27 -84.52
CA GLU D 619 22.01 -28.48 -85.62
C GLU D 619 23.26 -29.23 -85.18
N TYR D 620 23.77 -28.93 -84.00
CA TYR D 620 25.11 -29.33 -83.60
C TYR D 620 25.20 -30.14 -82.30
N VAL D 621 24.16 -30.11 -81.48
CA VAL D 621 24.23 -30.50 -80.08
C VAL D 621 23.26 -31.62 -79.80
N ALA D 622 22.03 -31.49 -80.28
CA ALA D 622 20.99 -32.48 -80.14
C ALA D 622 21.46 -33.87 -80.52
N GLU D 623 22.20 -33.96 -81.61
CA GLU D 623 22.73 -35.20 -82.17
C GLU D 623 23.98 -35.71 -81.45
N LEU D 624 24.67 -34.89 -80.63
CA LEU D 624 25.78 -35.42 -79.86
C LEU D 624 25.22 -36.40 -78.83
N PRO D 625 25.81 -37.60 -78.66
CA PRO D 625 25.33 -38.61 -77.72
C PRO D 625 25.02 -37.99 -76.36
N THR D 626 25.95 -37.18 -75.86
CA THR D 626 25.85 -36.47 -74.57
C THR D 626 24.55 -35.71 -74.41
N PHE D 627 23.90 -35.25 -75.47
CA PHE D 627 22.67 -34.49 -75.36
C PHE D 627 21.48 -35.08 -76.08
N LYS D 628 21.66 -36.04 -77.00
CA LYS D 628 20.58 -36.96 -77.40
C LYS D 628 20.11 -37.79 -76.21
N ASP D 629 21.00 -38.01 -75.26
CA ASP D 629 20.75 -38.62 -73.95
C ASP D 629 19.88 -37.79 -73.00
N ARG D 630 19.40 -36.59 -73.38
CA ARG D 630 18.60 -35.67 -72.52
C ARG D 630 17.40 -35.05 -73.25
N VAL D 631 16.38 -34.67 -72.49
CA VAL D 631 15.46 -33.61 -72.91
C VAL D 631 16.23 -32.28 -72.78
N PRO D 632 16.31 -31.44 -73.83
CA PRO D 632 17.14 -30.26 -73.81
C PRO D 632 16.72 -29.28 -72.74
N GLU D 633 17.71 -28.71 -72.10
CA GLU D 633 17.46 -27.84 -70.97
C GLU D 633 17.28 -26.38 -71.39
N TYR D 634 17.81 -25.98 -72.55
CA TYR D 634 17.66 -24.61 -73.02
C TYR D 634 16.23 -24.06 -73.10
N PRO D 635 15.16 -24.83 -73.40
CA PRO D 635 13.81 -24.31 -73.42
C PRO D 635 13.36 -23.80 -72.06
N ALA D 636 13.89 -24.38 -70.99
CA ALA D 636 13.59 -23.88 -69.66
C ALA D 636 14.13 -22.47 -69.46
N TRP D 637 15.23 -22.09 -70.13
CA TRP D 637 15.70 -20.71 -70.07
C TRP D 637 14.66 -19.77 -70.67
N PHE D 638 14.09 -20.14 -71.81
CA PHE D 638 13.21 -19.26 -72.58
C PHE D 638 11.74 -19.27 -72.16
N GLU D 639 11.28 -20.32 -71.51
CA GLU D 639 9.89 -20.48 -71.07
C GLU D 639 9.27 -19.22 -70.45
N PRO D 640 9.94 -18.50 -69.54
CA PRO D 640 9.36 -17.32 -68.92
C PRO D 640 9.05 -16.23 -69.95
N PHE D 641 9.89 -16.17 -70.95
CA PHE D 641 9.76 -15.25 -72.04
C PHE D 641 8.64 -15.70 -72.94
N VAL D 642 8.56 -16.97 -73.27
CA VAL D 642 7.44 -17.46 -74.08
C VAL D 642 6.11 -17.25 -73.36
N ILE D 643 6.09 -17.42 -72.05
CA ILE D 643 4.88 -17.19 -71.26
C ILE D 643 4.50 -15.72 -71.30
N GLN D 644 5.46 -14.84 -71.05
CA GLN D 644 5.22 -13.41 -71.21
C GLN D 644 4.68 -13.09 -72.61
N TRP D 645 5.25 -13.71 -73.63
CA TRP D 645 4.78 -13.53 -74.99
C TRP D 645 3.33 -14.01 -75.16
N LEU D 646 2.97 -15.19 -74.63
CA LEU D 646 1.61 -15.71 -74.66
C LEU D 646 0.63 -14.74 -74.01
N ASP D 647 1.05 -14.10 -72.93
CA ASP D 647 0.24 -13.11 -72.27
C ASP D 647 -0.01 -11.92 -73.17
N GLU D 648 1.07 -11.33 -73.66
CA GLU D 648 1.02 -10.20 -74.56
C GLU D 648 0.14 -10.50 -75.75
N ASN D 649 0.31 -11.70 -76.28
CA ASN D 649 -0.49 -12.20 -77.36
C ASN D 649 -1.98 -12.30 -77.00
N GLU D 650 -2.32 -12.71 -75.78
CA GLU D 650 -3.71 -12.72 -75.37
C GLU D 650 -4.30 -11.31 -75.41
N GLU D 651 -3.62 -10.33 -74.85
CA GLU D 651 -4.13 -8.97 -74.83
C GLU D 651 -4.31 -8.43 -76.24
N VAL D 652 -3.28 -8.62 -77.07
CA VAL D 652 -3.33 -8.26 -78.47
C VAL D 652 -4.51 -8.95 -79.14
N SER D 653 -4.71 -10.22 -78.87
CA SER D 653 -5.85 -10.96 -79.39
C SER D 653 -7.18 -10.37 -78.93
N ARG D 654 -7.37 -10.08 -77.65
CA ARG D 654 -8.64 -9.53 -77.15
C ARG D 654 -8.88 -8.09 -77.64
N ASP D 655 -7.86 -7.30 -77.83
CA ASP D 655 -8.04 -5.95 -78.39
C ASP D 655 -8.29 -6.00 -79.90
N PHE D 656 -7.56 -6.85 -80.62
CA PHE D 656 -7.84 -7.16 -82.02
C PHE D 656 -9.29 -7.59 -82.21
N LEU D 657 -9.80 -8.48 -81.34
CA LEU D 657 -11.16 -9.01 -81.38
C LEU D 657 -12.19 -7.88 -81.40
N HIS D 658 -12.08 -6.95 -80.47
CA HIS D 658 -13.02 -5.84 -80.39
C HIS D 658 -12.96 -5.00 -81.66
N GLY D 659 -11.77 -4.76 -82.20
CA GLY D 659 -11.62 -4.14 -83.50
C GLY D 659 -12.39 -4.93 -84.57
N ALA D 660 -12.06 -6.22 -84.71
CA ALA D 660 -12.64 -7.09 -85.72
C ALA D 660 -14.16 -7.13 -85.66
N LEU D 661 -14.69 -7.24 -84.45
CA LEU D 661 -16.12 -7.19 -84.20
C LEU D 661 -16.67 -5.82 -84.51
N GLU D 662 -16.04 -4.73 -84.08
CA GLU D 662 -16.57 -3.40 -84.35
C GLU D 662 -16.66 -3.13 -85.85
N ARG D 663 -15.67 -3.57 -86.64
CA ARG D 663 -15.78 -3.49 -88.12
C ARG D 663 -17.01 -4.24 -88.61
N ASP D 664 -17.13 -5.50 -88.18
CA ASP D 664 -18.17 -6.39 -88.65
C ASP D 664 -19.58 -5.89 -88.27
N LYS D 665 -19.71 -5.45 -87.03
CA LYS D 665 -20.92 -4.83 -86.47
C LYS D 665 -21.31 -3.59 -87.24
N LYS D 666 -20.35 -2.72 -87.51
CA LYS D 666 -20.60 -1.51 -88.28
C LYS D 666 -21.02 -1.85 -89.70
N ASP D 667 -20.42 -2.88 -90.29
CA ASP D 667 -20.83 -3.47 -91.57
C ASP D 667 -22.18 -4.22 -91.48
N GLY D 668 -22.82 -4.27 -90.30
CA GLY D 668 -24.11 -4.93 -90.12
C GLY D 668 -24.01 -6.45 -90.26
N PHE D 669 -22.84 -7.03 -89.99
CA PHE D 669 -22.56 -8.46 -90.07
C PHE D 669 -22.88 -9.10 -91.42
N GLN D 670 -22.41 -8.51 -92.53
CA GLN D 670 -22.53 -9.18 -93.82
C GLN D 670 -21.87 -10.57 -93.75
N GLN D 671 -22.60 -11.60 -94.19
CA GLN D 671 -21.98 -12.86 -94.56
C GLN D 671 -20.81 -12.60 -95.47
N THR D 672 -19.71 -13.29 -95.23
CA THR D 672 -18.46 -13.08 -95.96
C THR D 672 -18.69 -13.33 -97.44
N SER D 673 -19.47 -14.35 -97.74
CA SER D 673 -19.97 -14.63 -99.07
C SER D 673 -21.18 -15.55 -98.97
N GLU D 674 -21.81 -15.77 -100.11
CA GLU D 674 -23.00 -16.56 -100.35
C GLU D 674 -22.82 -18.08 -100.14
N HIS D 675 -21.71 -18.44 -99.50
CA HIS D 675 -21.30 -19.77 -99.10
C HIS D 675 -20.42 -19.73 -97.83
N ALA D 676 -19.67 -18.65 -97.60
CA ALA D 676 -19.09 -18.33 -96.30
C ALA D 676 -20.15 -17.60 -95.45
N LEU D 677 -21.07 -18.42 -94.91
CA LEU D 677 -22.31 -18.00 -94.26
C LEU D 677 -22.12 -17.19 -92.97
N PHE D 678 -20.88 -17.15 -92.51
CA PHE D 678 -20.38 -16.36 -91.39
C PHE D 678 -19.84 -15.00 -91.85
N SER D 679 -19.79 -14.03 -90.96
CA SER D 679 -19.22 -12.71 -91.17
C SER D 679 -17.71 -12.63 -90.84
N CYS D 680 -17.06 -11.53 -91.27
CA CYS D 680 -15.61 -11.45 -91.37
C CYS D 680 -14.85 -11.57 -90.04
N SER D 681 -15.45 -11.10 -88.95
CA SER D 681 -14.78 -11.06 -87.65
C SER D 681 -14.33 -12.44 -87.22
N VAL D 682 -15.08 -13.49 -87.58
CA VAL D 682 -14.68 -14.88 -87.32
C VAL D 682 -13.33 -15.15 -87.95
N VAL D 683 -13.23 -14.81 -89.23
CA VAL D 683 -12.04 -15.05 -90.02
C VAL D 683 -10.88 -14.26 -89.43
N ASP D 684 -11.11 -12.99 -89.11
CA ASP D 684 -10.09 -12.15 -88.47
C ASP D 684 -9.57 -12.81 -87.21
N VAL D 685 -10.50 -13.18 -86.35
CA VAL D 685 -10.17 -13.71 -85.05
C VAL D 685 -9.41 -15.02 -85.18
N PHE D 686 -9.93 -15.97 -85.95
CA PHE D 686 -9.22 -17.21 -86.11
C PHE D 686 -7.87 -16.99 -86.77
N SER D 687 -7.75 -16.07 -87.72
CA SER D 687 -6.46 -15.71 -88.28
C SER D 687 -5.52 -15.28 -87.16
N GLN D 688 -5.93 -14.33 -86.32
CA GLN D 688 -5.14 -13.90 -85.18
C GLN D 688 -4.72 -15.07 -84.30
N LEU D 689 -5.69 -15.93 -83.97
CA LEU D 689 -5.38 -17.09 -83.17
C LEU D 689 -4.41 -18.01 -83.85
N ASN D 690 -4.59 -18.25 -85.13
CA ASN D 690 -3.76 -19.16 -85.87
C ASN D 690 -2.35 -18.60 -85.96
N GLN D 691 -2.17 -17.31 -86.32
CA GLN D 691 -0.85 -16.67 -86.27
C GLN D 691 -0.19 -16.92 -84.94
N SER D 692 -0.95 -16.69 -83.87
CA SER D 692 -0.48 -16.85 -82.52
C SER D 692 -0.07 -18.29 -82.24
N PHE D 693 -0.88 -19.24 -82.67
CA PHE D 693 -0.61 -20.64 -82.43
C PHE D 693 0.64 -21.10 -83.17
N GLU D 694 0.77 -20.65 -84.41
CA GLU D 694 1.78 -21.15 -85.30
C GLU D 694 3.16 -20.77 -84.81
N ILE D 695 3.31 -19.59 -84.24
CA ILE D 695 4.54 -19.18 -83.57
C ILE D 695 4.94 -20.22 -82.53
N ILE D 696 4.02 -20.51 -81.61
CA ILE D 696 4.27 -21.50 -80.54
C ILE D 696 4.65 -22.81 -81.17
N LYS D 697 3.87 -23.22 -82.17
CA LYS D 697 4.04 -24.50 -82.77
C LYS D 697 5.41 -24.61 -83.42
N LYS D 698 5.89 -23.54 -84.05
CA LYS D 698 7.23 -23.45 -84.64
C LYS D 698 8.34 -23.49 -83.61
N LEU D 699 8.09 -23.15 -82.36
CA LEU D 699 9.11 -23.39 -81.32
C LEU D 699 9.42 -24.87 -81.18
N GLU D 700 8.44 -25.76 -81.37
CA GLU D 700 8.65 -27.22 -81.28
C GLU D 700 9.36 -27.62 -79.99
N CYS D 701 8.96 -26.98 -78.88
CA CYS D 701 9.68 -27.08 -77.62
C CYS D 701 9.82 -28.57 -77.25
N PRO D 702 11.05 -29.08 -77.10
CA PRO D 702 11.30 -30.51 -76.88
C PRO D 702 10.99 -30.97 -75.44
N ASP D 703 10.58 -30.07 -74.56
CA ASP D 703 10.14 -30.38 -73.21
C ASP D 703 8.60 -30.42 -73.15
N PRO D 704 7.99 -31.62 -73.06
CA PRO D 704 6.55 -31.76 -73.20
C PRO D 704 5.80 -31.10 -72.04
N GLN D 705 6.45 -30.88 -70.92
CA GLN D 705 5.86 -30.25 -69.77
C GLN D 705 5.81 -28.74 -69.97
N ILE D 706 6.90 -28.14 -70.47
CA ILE D 706 6.88 -26.76 -70.93
C ILE D 706 5.85 -26.60 -72.03
N VAL D 707 5.79 -27.53 -72.99
CA VAL D 707 4.74 -27.50 -74.03
C VAL D 707 3.35 -27.59 -73.41
N GLY D 708 3.12 -28.50 -72.47
CA GLY D 708 1.84 -28.61 -71.78
C GLY D 708 1.50 -27.29 -71.12
N HIS D 709 2.46 -26.66 -70.46
CA HIS D 709 2.28 -25.35 -69.88
C HIS D 709 1.91 -24.30 -70.91
N TYR D 710 2.64 -24.21 -72.02
CA TYR D 710 2.29 -23.33 -73.12
C TYR D 710 0.86 -23.59 -73.61
N MET D 711 0.51 -24.85 -73.80
CA MET D 711 -0.78 -25.27 -74.32
C MET D 711 -1.91 -24.95 -73.38
N ARG D 712 -1.71 -25.17 -72.10
CA ARG D 712 -2.65 -24.76 -71.07
C ARG D 712 -2.83 -23.26 -71.12
N ARG D 713 -1.72 -22.53 -71.10
CA ARG D 713 -1.76 -21.07 -71.16
C ARG D 713 -2.52 -20.61 -72.39
N PHE D 714 -2.25 -21.21 -73.53
CA PHE D 714 -2.84 -20.81 -74.77
C PHE D 714 -4.31 -21.22 -74.90
N ALA D 715 -4.69 -22.41 -74.43
CA ALA D 715 -6.08 -22.86 -74.43
C ALA D 715 -6.99 -21.88 -73.69
N LYS D 716 -6.48 -21.28 -72.62
CA LYS D 716 -7.15 -20.22 -71.88
C LYS D 716 -7.35 -19.02 -72.77
N THR D 717 -6.30 -18.58 -73.44
CA THR D 717 -6.41 -17.52 -74.43
C THR D 717 -7.54 -17.77 -75.40
N ILE D 718 -7.56 -18.97 -75.97
CA ILE D 718 -8.58 -19.36 -76.94
C ILE D 718 -9.95 -19.28 -76.31
N SER D 719 -10.12 -19.91 -75.16
CA SER D 719 -11.38 -19.93 -74.46
C SER D 719 -11.88 -18.52 -74.17
N ASN D 720 -11.03 -17.67 -73.61
CA ASN D 720 -11.38 -16.30 -73.27
C ASN D 720 -11.83 -15.52 -74.49
N VAL D 721 -11.04 -15.53 -75.54
CA VAL D 721 -11.35 -14.84 -76.77
C VAL D 721 -12.66 -15.32 -77.39
N LEU D 722 -12.82 -16.63 -77.55
CA LEU D 722 -13.97 -17.18 -78.27
C LEU D 722 -15.26 -17.06 -77.49
N LEU D 723 -15.21 -17.20 -76.18
CA LEU D 723 -16.37 -16.95 -75.36
C LEU D 723 -16.73 -15.48 -75.38
N GLN D 724 -15.74 -14.60 -75.34
CA GLN D 724 -15.99 -13.18 -75.44
C GLN D 724 -16.60 -12.80 -76.80
N TYR D 725 -16.17 -13.44 -77.88
CA TYR D 725 -16.89 -13.35 -79.15
C TYR D 725 -18.34 -13.81 -78.98
N ALA D 726 -18.54 -15.04 -78.52
CA ALA D 726 -19.85 -15.67 -78.38
C ALA D 726 -20.81 -14.82 -77.55
N ASP D 727 -20.29 -14.24 -76.49
CA ASP D 727 -20.99 -13.35 -75.59
C ASP D 727 -21.39 -12.06 -76.28
N ILE D 728 -20.44 -11.35 -76.92
CA ILE D 728 -20.71 -10.09 -77.62
C ILE D 728 -21.83 -10.31 -78.62
N VAL D 729 -21.73 -11.39 -79.38
CA VAL D 729 -22.80 -11.79 -80.27
C VAL D 729 -24.08 -12.08 -79.52
N SER D 730 -24.03 -12.94 -78.51
CA SER D 730 -25.23 -13.37 -77.80
C SER D 730 -25.97 -12.19 -77.22
N LYS D 731 -25.25 -11.20 -76.71
CA LYS D 731 -25.80 -9.99 -76.13
C LYS D 731 -26.57 -9.15 -77.13
N ASP D 732 -26.03 -8.99 -78.34
CA ASP D 732 -26.75 -8.25 -79.37
C ASP D 732 -27.79 -9.09 -80.11
N PHE D 733 -27.71 -10.42 -80.02
CA PHE D 733 -28.46 -11.36 -80.85
C PHE D 733 -29.96 -11.06 -80.95
N ALA D 734 -30.61 -10.89 -79.80
CA ALA D 734 -32.02 -10.59 -79.71
C ALA D 734 -32.38 -9.30 -80.45
N SER D 735 -31.53 -8.27 -80.36
CA SER D 735 -31.77 -7.03 -81.08
C SER D 735 -31.79 -7.25 -82.60
N TYR D 736 -31.08 -8.25 -83.12
CA TYR D 736 -31.13 -8.60 -84.55
C TYR D 736 -32.27 -9.52 -84.94
N CYS D 737 -32.92 -10.16 -83.97
CA CYS D 737 -34.03 -11.08 -84.23
C CYS D 737 -35.34 -10.41 -84.69
N SER D 738 -35.33 -9.10 -84.92
CA SER D 738 -36.44 -8.37 -85.53
C SER D 738 -36.58 -8.64 -87.03
N LYS D 739 -37.81 -8.46 -87.53
CA LYS D 739 -38.25 -9.02 -88.81
C LYS D 739 -37.52 -8.52 -90.05
N GLU D 740 -36.83 -7.39 -89.95
CA GLU D 740 -36.17 -6.76 -91.09
C GLU D 740 -34.76 -7.32 -91.33
N LYS D 741 -34.20 -8.04 -90.34
CA LYS D 741 -32.79 -8.45 -90.32
C LYS D 741 -32.59 -9.94 -90.08
N GLU D 742 -33.55 -10.79 -90.44
CA GLU D 742 -33.59 -12.25 -90.23
C GLU D 742 -32.29 -12.96 -90.61
N LYS D 743 -31.63 -12.46 -91.64
CA LYS D 743 -30.33 -12.94 -92.09
C LYS D 743 -29.26 -12.78 -91.03
N VAL D 744 -29.22 -11.65 -90.33
CA VAL D 744 -28.16 -11.32 -89.37
C VAL D 744 -28.11 -12.34 -88.26
N PRO D 745 -29.20 -12.68 -87.54
CA PRO D 745 -29.20 -13.80 -86.62
C PRO D 745 -28.69 -15.08 -87.24
N CYS D 746 -29.12 -15.42 -88.46
CA CYS D 746 -28.62 -16.62 -89.11
C CYS D 746 -27.11 -16.54 -89.25
N ILE D 747 -26.58 -15.40 -89.68
CA ILE D 747 -25.16 -15.18 -89.84
C ILE D 747 -24.42 -15.25 -88.53
N LEU D 748 -24.97 -14.66 -87.49
CA LEU D 748 -24.40 -14.73 -86.16
C LEU D 748 -24.38 -16.17 -85.63
N MET D 749 -25.45 -16.92 -85.85
CA MET D 749 -25.46 -18.34 -85.54
C MET D 749 -24.40 -19.06 -86.35
N ASN D 750 -24.29 -18.76 -87.63
CA ASN D 750 -23.25 -19.32 -88.47
C ASN D 750 -21.86 -18.92 -87.99
N ASN D 751 -21.66 -17.70 -87.49
CA ASN D 751 -20.39 -17.30 -86.90
C ASN D 751 -20.07 -18.20 -85.76
N THR D 752 -21.03 -18.34 -84.87
CA THR D 752 -20.92 -19.14 -83.67
C THR D 752 -20.55 -20.56 -84.05
N GLN D 753 -21.28 -21.11 -84.99
CA GLN D 753 -21.01 -22.43 -85.47
C GLN D 753 -19.64 -22.51 -86.16
N GLN D 754 -19.26 -21.48 -86.91
CA GLN D 754 -17.96 -21.41 -87.52
C GLN D 754 -16.88 -21.35 -86.47
N LEU D 755 -17.14 -20.74 -85.31
CA LEU D 755 -16.22 -20.84 -84.20
C LEU D 755 -16.06 -22.29 -83.80
N ARG D 756 -17.16 -23.04 -83.64
CA ARG D 756 -17.08 -24.45 -83.22
C ARG D 756 -16.27 -25.29 -84.18
N VAL D 757 -16.48 -25.04 -85.46
CA VAL D 757 -15.77 -25.74 -86.52
C VAL D 757 -14.29 -25.39 -86.48
N GLN D 758 -13.98 -24.09 -86.48
CA GLN D 758 -12.61 -23.63 -86.45
C GLN D 758 -11.91 -24.00 -85.14
N LEU D 759 -12.65 -24.08 -84.06
CA LEU D 759 -12.17 -24.55 -82.80
C LEU D 759 -11.83 -26.05 -82.84
N GLU D 760 -12.65 -26.88 -83.46
CA GLU D 760 -12.28 -28.28 -83.66
C GLU D 760 -11.01 -28.37 -84.50
N LYS D 761 -10.93 -27.63 -85.61
CA LYS D 761 -9.68 -27.56 -86.37
C LYS D 761 -8.54 -27.19 -85.44
N MET D 762 -8.72 -26.16 -84.63
CA MET D 762 -7.66 -25.64 -83.78
C MET D 762 -7.30 -26.62 -82.66
N PHE D 763 -8.28 -27.32 -82.12
CA PHE D 763 -8.09 -28.38 -81.17
C PHE D 763 -7.23 -29.47 -81.80
N GLU D 764 -7.54 -29.85 -83.03
CA GLU D 764 -6.79 -30.88 -83.72
C GLU D 764 -5.39 -30.37 -84.07
N ALA D 765 -5.29 -29.11 -84.45
CA ALA D 765 -4.01 -28.46 -84.75
C ALA D 765 -3.14 -28.37 -83.50
N MET D 766 -3.76 -28.16 -82.33
CA MET D 766 -3.14 -28.30 -81.01
C MET D 766 -2.90 -29.77 -80.61
N GLY D 767 -2.92 -30.69 -81.56
CA GLY D 767 -2.58 -32.10 -81.36
C GLY D 767 -3.77 -32.99 -81.09
N GLY D 768 -4.98 -32.42 -80.95
CA GLY D 768 -6.18 -33.18 -80.67
C GLY D 768 -6.01 -34.07 -79.44
N LYS D 769 -6.07 -35.39 -79.64
CA LYS D 769 -5.89 -36.40 -78.58
C LYS D 769 -4.53 -36.29 -77.88
N GLU D 770 -3.52 -35.79 -78.57
CA GLU D 770 -2.17 -35.63 -78.04
C GLU D 770 -1.98 -34.30 -77.29
N LEU D 771 -2.98 -33.43 -77.24
CA LEU D 771 -2.96 -32.23 -76.39
C LEU D 771 -2.92 -32.57 -74.89
N ASP D 772 -2.28 -31.71 -74.10
CA ASP D 772 -2.29 -31.78 -72.63
C ASP D 772 -3.72 -31.89 -72.07
N ALA D 773 -3.88 -32.66 -70.99
CA ALA D 773 -5.19 -32.95 -70.41
C ALA D 773 -5.99 -31.70 -69.98
N GLU D 774 -5.39 -30.69 -69.35
CA GLU D 774 -6.11 -29.49 -68.93
C GLU D 774 -6.41 -28.55 -70.10
N ALA D 775 -5.49 -28.43 -71.05
CA ALA D 775 -5.75 -27.71 -72.29
C ALA D 775 -6.90 -28.36 -73.06
N SER D 776 -6.84 -29.67 -73.25
CA SER D 776 -7.89 -30.48 -73.88
C SER D 776 -9.23 -30.34 -73.18
N GLY D 777 -9.23 -30.50 -71.86
CA GLY D 777 -10.40 -30.29 -71.03
C GLY D 777 -10.97 -28.91 -71.25
N THR D 778 -10.13 -27.88 -71.20
CA THR D 778 -10.52 -26.48 -71.46
C THR D 778 -11.22 -26.35 -72.80
N LEU D 779 -10.63 -26.91 -73.86
CA LEU D 779 -11.20 -26.76 -75.19
C LEU D 779 -12.48 -27.61 -75.39
N LYS D 780 -12.57 -28.78 -74.75
CA LYS D 780 -13.80 -29.59 -74.79
C LYS D 780 -14.95 -28.90 -74.09
N GLU D 781 -14.67 -28.34 -72.92
CA GLU D 781 -15.54 -27.43 -72.20
C GLU D 781 -16.00 -26.29 -73.12
N LEU D 782 -15.05 -25.59 -73.73
CA LEU D 782 -15.33 -24.49 -74.61
C LEU D 782 -16.26 -24.92 -75.73
N GLN D 783 -15.99 -26.06 -76.35
CA GLN D 783 -16.83 -26.57 -77.44
C GLN D 783 -18.24 -26.89 -76.99
N VAL D 784 -18.41 -27.48 -75.82
CA VAL D 784 -19.74 -27.72 -75.28
C VAL D 784 -20.44 -26.41 -74.95
N LYS D 785 -19.76 -25.45 -74.32
CA LYS D 785 -20.34 -24.13 -74.04
C LYS D 785 -20.80 -23.47 -75.32
N LEU D 786 -19.94 -23.43 -76.32
CA LEU D 786 -20.26 -22.85 -77.61
C LEU D 786 -21.44 -23.60 -78.25
N ASN D 787 -21.48 -24.93 -78.17
CA ASN D 787 -22.63 -25.70 -78.65
C ASN D 787 -23.91 -25.19 -78.00
N ASN D 788 -23.84 -24.95 -76.71
CA ASN D 788 -24.98 -24.51 -75.97
C ASN D 788 -25.35 -23.08 -76.37
N VAL D 789 -24.37 -22.19 -76.55
CA VAL D 789 -24.63 -20.84 -77.08
C VAL D 789 -25.41 -20.98 -78.36
N LEU D 790 -24.95 -21.83 -79.27
CA LEU D 790 -25.67 -22.02 -80.52
C LEU D 790 -27.11 -22.50 -80.28
N ASP D 791 -27.32 -23.43 -79.36
CA ASP D 791 -28.67 -23.84 -78.99
C ASP D 791 -29.50 -22.66 -78.47
N GLU D 792 -28.93 -21.83 -77.61
CA GLU D 792 -29.63 -20.66 -77.07
C GLU D 792 -29.95 -19.69 -78.18
N LEU D 793 -28.98 -19.31 -78.99
CA LEU D 793 -29.21 -18.44 -80.11
C LEU D 793 -30.31 -19.02 -81.01
N SER D 794 -30.29 -20.33 -81.27
CA SER D 794 -31.32 -20.97 -82.07
C SER D 794 -32.70 -20.87 -81.44
N HIS D 795 -32.75 -20.97 -80.11
CA HIS D 795 -33.97 -20.81 -79.39
C HIS D 795 -34.44 -19.35 -79.43
N VAL D 796 -33.55 -18.38 -79.21
CA VAL D 796 -33.87 -16.95 -79.21
C VAL D 796 -34.39 -16.53 -80.57
N PHE D 797 -33.75 -17.02 -81.62
CA PHE D 797 -34.19 -16.87 -82.98
C PHE D 797 -35.58 -17.47 -83.21
N ALA D 798 -35.77 -18.76 -82.91
CA ALA D 798 -37.07 -19.41 -83.09
C ALA D 798 -38.21 -18.68 -82.31
N THR D 799 -37.87 -18.16 -81.14
CA THR D 799 -38.78 -17.42 -80.26
C THR D 799 -39.24 -16.10 -80.88
N SER D 800 -38.42 -15.38 -81.63
CA SER D 800 -38.92 -14.17 -82.27
C SER D 800 -40.03 -14.49 -83.29
N PHE D 801 -40.11 -15.71 -83.82
CA PHE D 801 -41.22 -16.20 -84.65
C PHE D 801 -42.44 -16.65 -83.88
N GLN D 802 -42.35 -16.88 -82.58
CA GLN D 802 -43.46 -17.38 -81.79
C GLN D 802 -44.76 -16.56 -81.91
N PRO D 803 -44.75 -15.21 -81.82
CA PRO D 803 -45.97 -14.41 -81.95
C PRO D 803 -46.63 -14.58 -83.31
N HIS D 804 -45.81 -14.66 -84.36
CA HIS D 804 -46.27 -14.92 -85.71
C HIS D 804 -46.84 -16.34 -85.83
N ILE D 805 -46.19 -17.33 -85.24
CA ILE D 805 -46.66 -18.72 -85.22
C ILE D 805 -47.99 -18.80 -84.45
N GLU D 806 -48.15 -18.05 -83.38
CA GLU D 806 -49.38 -17.99 -82.62
C GLU D 806 -50.50 -17.29 -83.37
N GLU D 807 -50.20 -16.15 -83.98
CA GLU D 807 -51.12 -15.47 -84.86
C GLU D 807 -51.54 -16.41 -85.99
N CYS D 808 -50.58 -17.02 -86.69
CA CYS D 808 -50.82 -18.00 -87.74
C CYS D 808 -51.75 -19.08 -87.23
N VAL D 809 -51.39 -19.74 -86.14
CA VAL D 809 -52.14 -20.87 -85.64
C VAL D 809 -53.53 -20.46 -85.17
N ARG D 810 -53.68 -19.25 -84.64
CA ARG D 810 -55.01 -18.71 -84.38
C ARG D 810 -55.77 -18.54 -85.70
N GLN D 811 -55.16 -18.01 -86.77
CA GLN D 811 -55.79 -17.96 -88.08
C GLN D 811 -56.13 -19.33 -88.66
N MET D 812 -55.22 -20.29 -88.51
CA MET D 812 -55.48 -21.67 -88.87
C MET D 812 -56.72 -22.16 -88.11
N GLY D 813 -56.84 -21.81 -86.83
CA GLY D 813 -58.02 -22.05 -86.00
C GLY D 813 -59.28 -21.34 -86.48
N ASP D 814 -59.19 -20.07 -86.91
CA ASP D 814 -60.33 -19.33 -87.46
C ASP D 814 -60.85 -19.98 -88.75
N ILE D 815 -59.95 -20.47 -89.59
CA ILE D 815 -60.27 -21.22 -90.81
C ILE D 815 -60.90 -22.59 -90.44
N LEU D 816 -60.26 -23.39 -89.58
CA LEU D 816 -60.75 -24.72 -89.17
C LEU D 816 -62.12 -24.67 -88.49
N SER D 817 -62.49 -23.57 -87.83
CA SER D 817 -63.83 -23.41 -87.23
C SER D 817 -64.94 -23.46 -88.28
N GLN D 818 -64.62 -23.07 -89.51
CA GLN D 818 -65.56 -23.05 -90.63
C GLN D 818 -65.72 -24.46 -91.23
N VAL D 819 -64.70 -25.30 -91.16
CA VAL D 819 -64.84 -26.74 -91.40
C VAL D 819 -65.49 -27.33 -90.16
N LYS D 820 -66.60 -28.05 -90.26
CA LYS D 820 -67.10 -28.88 -89.15
C LYS D 820 -67.23 -30.32 -89.65
N GLY D 821 -68.27 -31.05 -89.28
CA GLY D 821 -68.47 -32.47 -89.66
C GLY D 821 -69.09 -32.52 -91.05
N THR D 822 -68.27 -32.30 -92.07
CA THR D 822 -68.82 -31.70 -93.29
C THR D 822 -69.56 -32.62 -94.26
N GLY D 823 -69.67 -33.92 -94.00
CA GLY D 823 -70.56 -34.78 -94.79
C GLY D 823 -72.02 -34.28 -94.89
N ASN D 824 -72.41 -33.33 -94.02
CA ASN D 824 -73.69 -32.62 -94.07
C ASN D 824 -73.50 -31.09 -94.02
N VAL D 825 -72.49 -30.56 -94.72
CA VAL D 825 -72.14 -29.12 -94.82
C VAL D 825 -71.70 -28.79 -96.27
N PRO D 826 -71.89 -27.56 -96.79
CA PRO D 826 -71.58 -27.19 -98.19
C PRO D 826 -70.13 -27.42 -98.67
N ALA D 827 -69.94 -27.56 -99.98
CA ALA D 827 -68.69 -27.97 -100.65
C ALA D 827 -67.45 -27.04 -100.52
N SER D 828 -67.56 -25.88 -99.88
CA SER D 828 -66.39 -25.07 -99.45
C SER D 828 -65.80 -25.54 -98.12
N ALA D 829 -66.54 -26.36 -97.37
CA ALA D 829 -66.14 -26.96 -96.10
C ALA D 829 -66.30 -28.49 -96.13
N CYS D 830 -67.21 -29.06 -96.93
CA CYS D 830 -67.05 -30.40 -97.50
C CYS D 830 -66.20 -30.39 -98.78
N SER D 831 -65.48 -29.28 -98.98
CA SER D 831 -64.21 -29.21 -99.70
C SER D 831 -63.31 -30.37 -99.25
N SER D 832 -62.49 -30.93 -100.16
CA SER D 832 -61.78 -32.18 -99.84
C SER D 832 -60.94 -32.00 -98.59
N VAL D 833 -60.70 -33.12 -97.91
CA VAL D 833 -59.88 -33.11 -96.70
C VAL D 833 -58.53 -32.43 -96.98
N ALA D 834 -57.97 -32.66 -98.17
CA ALA D 834 -56.75 -32.00 -98.64
C ALA D 834 -56.89 -30.49 -98.79
N GLN D 835 -57.93 -30.02 -99.48
CA GLN D 835 -58.11 -28.59 -99.74
C GLN D 835 -58.40 -27.83 -98.44
N ASP D 836 -59.19 -28.40 -97.54
CA ASP D 836 -59.37 -27.80 -96.22
C ASP D 836 -58.07 -27.76 -95.43
N ALA D 837 -57.27 -28.83 -95.46
CA ALA D 837 -55.96 -28.81 -94.83
C ALA D 837 -55.07 -27.71 -95.41
N ASP D 838 -55.04 -27.55 -96.73
CA ASP D 838 -54.31 -26.47 -97.39
C ASP D 838 -54.81 -25.08 -96.98
N ASN D 839 -56.14 -24.86 -96.92
CA ASN D 839 -56.71 -23.58 -96.49
C ASN D 839 -56.32 -23.28 -95.06
N VAL D 840 -56.57 -24.25 -94.18
CA VAL D 840 -56.19 -24.21 -92.78
C VAL D 840 -54.72 -23.86 -92.65
N LEU D 841 -53.85 -24.55 -93.39
CA LEU D 841 -52.41 -24.32 -93.39
C LEU D 841 -51.98 -22.98 -94.02
N GLN D 842 -52.81 -22.29 -94.78
CA GLN D 842 -52.27 -21.20 -95.59
C GLN D 842 -51.57 -20.08 -94.79
N PRO D 843 -52.14 -19.61 -93.67
CA PRO D 843 -51.49 -18.63 -92.81
C PRO D 843 -50.05 -19.05 -92.43
N ILE D 844 -49.86 -20.31 -92.02
CA ILE D 844 -48.54 -20.80 -91.58
C ILE D 844 -47.64 -21.18 -92.75
N MET D 845 -48.18 -21.56 -93.90
CA MET D 845 -47.35 -21.95 -95.05
C MET D 845 -46.75 -20.76 -95.76
N ASP D 846 -47.42 -19.61 -95.71
CA ASP D 846 -46.81 -18.34 -96.10
C ASP D 846 -45.57 -18.04 -95.27
N LEU D 847 -45.68 -18.23 -93.96
CA LEU D 847 -44.56 -18.12 -93.04
C LEU D 847 -43.49 -19.17 -93.38
N LEU D 848 -43.85 -20.45 -93.32
CA LEU D 848 -42.92 -21.56 -93.35
C LEU D 848 -42.17 -21.64 -94.66
N ASP D 849 -42.85 -21.62 -95.80
CA ASP D 849 -42.18 -21.88 -97.07
C ASP D 849 -41.04 -20.88 -97.29
N SER D 850 -41.38 -19.61 -97.15
CA SER D 850 -40.46 -18.50 -97.31
C SER D 850 -39.30 -18.61 -96.32
N ASN D 851 -39.61 -18.71 -95.02
CA ASN D 851 -38.60 -18.66 -93.99
C ASN D 851 -37.73 -19.89 -94.02
N LEU D 852 -38.32 -21.08 -94.09
CA LEU D 852 -37.55 -22.31 -94.09
C LEU D 852 -36.70 -22.40 -95.34
N THR D 853 -37.20 -21.94 -96.50
CA THR D 853 -36.35 -21.92 -97.68
C THR D 853 -35.22 -20.89 -97.56
N LEU D 854 -35.48 -19.71 -97.00
CA LEU D 854 -34.42 -18.74 -96.72
C LEU D 854 -33.36 -19.29 -95.75
N PHE D 855 -33.78 -19.82 -94.60
CA PHE D 855 -32.90 -20.41 -93.60
C PHE D 855 -32.13 -21.58 -94.19
N ALA D 856 -32.78 -22.45 -94.97
CA ALA D 856 -32.12 -23.58 -95.58
C ALA D 856 -30.92 -23.15 -96.45
N LYS D 857 -31.05 -21.99 -97.10
CA LYS D 857 -29.93 -21.33 -97.76
C LYS D 857 -28.94 -20.78 -96.75
N ILE D 858 -29.35 -19.77 -95.98
CA ILE D 858 -28.41 -18.88 -95.28
C ILE D 858 -27.89 -19.46 -93.97
N CYS D 859 -28.53 -20.47 -93.43
CA CYS D 859 -28.05 -21.17 -92.26
C CYS D 859 -27.16 -22.33 -92.68
N GLU D 860 -26.03 -22.43 -92.03
CA GLU D 860 -25.27 -23.67 -92.03
C GLU D 860 -26.15 -24.83 -91.52
N LYS D 861 -25.88 -26.05 -91.95
CA LYS D 861 -26.81 -27.19 -91.71
C LYS D 861 -27.05 -27.50 -90.24
N THR D 862 -26.03 -27.40 -89.40
CA THR D 862 -26.15 -27.43 -87.94
C THR D 862 -27.07 -26.32 -87.40
N VAL D 863 -26.92 -25.10 -87.91
CA VAL D 863 -27.74 -23.93 -87.52
C VAL D 863 -29.19 -24.16 -87.89
N LEU D 864 -29.42 -24.57 -89.14
CA LEU D 864 -30.75 -24.87 -89.69
C LEU D 864 -31.46 -25.92 -88.84
N LYS D 865 -30.84 -27.07 -88.59
CA LYS D 865 -31.45 -28.18 -87.80
C LYS D 865 -31.91 -27.71 -86.42
N ARG D 866 -31.06 -26.94 -85.73
CA ARG D 866 -31.37 -26.39 -84.41
C ARG D 866 -32.55 -25.41 -84.47
N VAL D 867 -32.49 -24.47 -85.42
CA VAL D 867 -33.60 -23.55 -85.70
C VAL D 867 -34.90 -24.31 -85.96
N LEU D 868 -34.86 -25.31 -86.84
CA LEU D 868 -36.00 -26.11 -87.20
C LEU D 868 -36.57 -26.89 -86.02
N LYS D 869 -35.76 -27.50 -85.16
CA LYS D 869 -36.28 -28.20 -83.97
C LYS D 869 -37.03 -27.23 -83.08
N GLU D 870 -36.44 -26.08 -82.81
CA GLU D 870 -37.05 -25.05 -82.00
C GLU D 870 -38.34 -24.49 -82.64
N LEU D 871 -38.38 -24.33 -83.96
CA LEU D 871 -39.59 -23.96 -84.68
C LEU D 871 -40.65 -25.08 -84.72
N TRP D 872 -40.28 -26.34 -84.93
CA TRP D 872 -41.18 -27.50 -84.97
C TRP D 872 -41.95 -27.68 -83.66
N LYS D 873 -41.20 -27.73 -82.56
CA LYS D 873 -41.72 -27.74 -81.20
C LYS D 873 -42.74 -26.61 -81.02
N LEU D 874 -42.32 -25.40 -81.36
CA LEU D 874 -43.13 -24.19 -81.24
C LEU D 874 -44.42 -24.31 -82.04
N VAL D 875 -44.36 -24.76 -83.29
CA VAL D 875 -45.56 -25.02 -84.08
C VAL D 875 -46.43 -26.10 -83.45
N MET D 876 -45.90 -27.28 -83.16
CA MET D 876 -46.64 -28.40 -82.57
C MET D 876 -47.36 -28.00 -81.30
N ASN D 877 -46.64 -27.36 -80.39
CA ASN D 877 -47.19 -26.89 -79.14
C ASN D 877 -48.25 -25.82 -79.38
N THR D 878 -47.98 -24.87 -80.28
CA THR D 878 -48.94 -23.81 -80.61
C THR D 878 -50.21 -24.42 -81.16
N MET D 879 -50.13 -25.35 -82.10
CA MET D 879 -51.29 -26.06 -82.63
C MET D 879 -52.04 -26.86 -81.58
N GLU D 880 -51.32 -27.54 -80.71
CA GLU D 880 -51.92 -28.27 -79.62
C GLU D 880 -52.74 -27.37 -78.72
N ARG D 881 -52.14 -26.29 -78.26
CA ARG D 881 -52.71 -25.31 -77.36
C ARG D 881 -53.84 -24.53 -78.02
N THR D 882 -53.55 -23.92 -79.16
CA THR D 882 -54.44 -22.96 -79.83
C THR D 882 -55.54 -23.66 -80.62
N ILE D 883 -55.28 -24.83 -81.21
CA ILE D 883 -56.28 -25.52 -82.04
C ILE D 883 -56.90 -26.69 -81.31
N VAL D 884 -56.10 -27.64 -80.81
CA VAL D 884 -56.69 -28.91 -80.35
C VAL D 884 -57.28 -28.78 -78.97
N LEU D 885 -56.64 -28.05 -78.05
CA LEU D 885 -57.11 -27.87 -76.69
C LEU D 885 -57.26 -26.37 -76.34
N PRO D 886 -58.13 -25.64 -77.07
CA PRO D 886 -58.34 -24.22 -76.85
C PRO D 886 -58.96 -24.00 -75.47
N PRO D 887 -58.45 -23.06 -74.65
CA PRO D 887 -58.87 -22.92 -73.25
C PRO D 887 -60.37 -22.59 -73.10
N GLU D 888 -60.95 -21.90 -74.06
CA GLU D 888 -62.39 -21.65 -74.12
C GLU D 888 -63.26 -22.93 -74.20
N PHE D 889 -62.73 -24.10 -74.59
CA PHE D 889 -63.50 -25.36 -74.52
C PHE D 889 -63.58 -25.93 -73.09
N LEU D 890 -62.77 -25.42 -72.15
CA LEU D 890 -63.15 -25.53 -70.75
C LEU D 890 -64.52 -24.87 -70.61
N SER D 891 -64.60 -23.58 -70.94
CA SER D 891 -65.80 -22.77 -70.80
C SER D 891 -67.03 -23.39 -71.46
N LYS D 892 -66.92 -23.83 -72.72
CA LYS D 892 -68.10 -24.17 -73.56
C LYS D 892 -68.61 -25.62 -73.47
N LEU D 893 -67.94 -26.55 -72.77
CA LEU D 893 -68.60 -27.79 -72.29
C LEU D 893 -67.88 -28.62 -71.21
N LYS D 894 -66.65 -28.27 -70.77
CA LYS D 894 -66.17 -28.80 -69.48
C LYS D 894 -66.95 -28.11 -68.36
N ASP D 895 -66.97 -26.79 -68.44
CA ASP D 895 -67.50 -25.83 -67.50
C ASP D 895 -68.99 -25.55 -67.75
N HIS D 896 -69.53 -24.68 -66.91
CA HIS D 896 -70.94 -24.32 -66.83
C HIS D 896 -71.41 -23.22 -67.82
N MET D 897 -70.53 -22.60 -68.61
CA MET D 897 -70.81 -21.26 -69.18
C MET D 897 -71.89 -21.18 -70.27
N VAL D 898 -72.03 -22.20 -71.12
CA VAL D 898 -72.94 -22.20 -72.28
C VAL D 898 -73.54 -23.61 -72.48
N ARG D 899 -74.87 -23.74 -72.62
CA ARG D 899 -75.62 -25.00 -72.88
C ARG D 899 -75.57 -25.45 -74.35
N GLU D 900 -74.46 -25.11 -75.01
CA GLU D 900 -74.09 -25.49 -76.37
C GLU D 900 -73.50 -26.90 -76.36
N GLU D 901 -73.52 -27.59 -77.48
CA GLU D 901 -72.90 -28.91 -77.60
C GLU D 901 -71.38 -28.83 -77.79
N ALA D 902 -70.80 -27.63 -77.61
CA ALA D 902 -69.47 -27.12 -78.00
C ALA D 902 -69.04 -27.31 -79.47
N LYS D 903 -69.58 -28.32 -80.16
CA LYS D 903 -69.08 -28.97 -81.37
C LYS D 903 -67.65 -29.47 -81.18
N SER D 904 -67.51 -30.79 -81.07
CA SER D 904 -66.22 -31.46 -81.01
C SER D 904 -65.35 -31.10 -82.21
N LEU D 905 -64.06 -31.46 -82.14
CA LEU D 905 -63.35 -31.73 -83.37
C LEU D 905 -64.08 -32.89 -84.06
N THR D 906 -64.80 -32.55 -85.12
CA THR D 906 -65.62 -33.48 -85.92
C THR D 906 -64.71 -34.40 -86.75
N PRO D 907 -65.13 -35.60 -87.21
CA PRO D 907 -64.25 -36.50 -87.95
C PRO D 907 -63.50 -35.81 -89.09
N LYS D 908 -64.23 -34.96 -89.82
CA LYS D 908 -63.65 -34.11 -90.85
C LYS D 908 -62.63 -33.10 -90.33
N GLN D 909 -62.87 -32.41 -89.22
CA GLN D 909 -61.85 -31.54 -88.63
C GLN D 909 -60.75 -32.29 -87.89
N CYS D 910 -60.92 -33.58 -87.59
CA CYS D 910 -59.86 -34.45 -87.06
C CYS D 910 -58.90 -34.82 -88.18
N ALA D 911 -59.48 -35.37 -89.25
CA ALA D 911 -58.90 -35.22 -90.57
C ALA D 911 -58.79 -33.71 -90.85
N VAL D 912 -58.23 -33.26 -91.96
CA VAL D 912 -57.82 -31.85 -92.09
C VAL D 912 -56.68 -31.50 -91.17
N VAL D 913 -56.84 -31.59 -89.85
CA VAL D 913 -55.75 -31.40 -88.89
C VAL D 913 -54.72 -32.51 -89.03
N GLU D 914 -55.09 -33.79 -88.98
CA GLU D 914 -54.11 -34.89 -89.15
C GLU D 914 -53.36 -34.77 -90.49
N LEU D 915 -54.01 -34.22 -91.52
CA LEU D 915 -53.37 -33.98 -92.80
C LEU D 915 -52.53 -32.70 -92.84
N ALA D 916 -53.01 -31.62 -92.23
CA ALA D 916 -52.25 -30.41 -92.03
C ALA D 916 -50.95 -30.73 -91.31
N LEU D 917 -51.02 -31.57 -90.27
CA LEU D 917 -49.87 -32.05 -89.49
C LEU D 917 -48.93 -32.90 -90.33
N ASP D 918 -49.42 -33.83 -91.14
CA ASP D 918 -48.52 -34.58 -92.03
C ASP D 918 -47.82 -33.64 -93.02
N THR D 919 -48.51 -32.60 -93.50
CA THR D 919 -47.93 -31.59 -94.37
C THR D 919 -46.89 -30.73 -93.67
N ILE D 920 -47.18 -30.28 -92.45
CA ILE D 920 -46.23 -29.54 -91.62
C ILE D 920 -45.01 -30.42 -91.38
N LYS D 921 -45.20 -31.69 -91.05
CA LYS D 921 -44.13 -32.68 -90.88
C LYS D 921 -43.32 -32.83 -92.17
N GLN D 922 -43.95 -32.93 -93.32
CA GLN D 922 -43.26 -32.96 -94.61
C GLN D 922 -42.50 -31.67 -94.87
N TYR D 923 -43.09 -30.52 -94.52
CA TYR D 923 -42.46 -29.22 -94.59
C TYR D 923 -41.22 -29.17 -93.72
N PHE D 924 -41.34 -29.53 -92.45
CA PHE D 924 -40.21 -29.58 -91.52
C PHE D 924 -39.22 -30.65 -91.91
N HIS D 925 -39.64 -31.72 -92.58
CA HIS D 925 -38.74 -32.68 -93.16
C HIS D 925 -38.00 -32.13 -94.36
N ALA D 926 -38.67 -31.30 -95.15
CA ALA D 926 -38.19 -30.66 -96.36
C ALA D 926 -37.40 -31.63 -97.24
N GLY D 927 -37.96 -32.81 -97.48
CA GLY D 927 -37.29 -33.82 -98.31
C GLY D 927 -35.90 -34.17 -97.80
N GLY D 928 -35.69 -34.24 -96.50
CA GLY D 928 -34.39 -34.53 -95.91
C GLY D 928 -33.53 -33.31 -95.65
N VAL D 929 -33.88 -32.14 -96.18
CA VAL D 929 -33.11 -30.90 -95.94
C VAL D 929 -33.38 -30.34 -94.56
N GLY D 930 -34.58 -30.58 -94.07
CA GLY D 930 -34.97 -30.32 -92.70
C GLY D 930 -34.86 -31.57 -91.84
N LEU D 931 -35.71 -31.62 -90.82
CA LEU D 931 -35.69 -32.59 -89.72
C LEU D 931 -36.02 -34.00 -90.20
N LYS D 932 -35.32 -34.99 -89.69
CA LYS D 932 -35.53 -36.38 -90.08
C LYS D 932 -36.98 -36.77 -89.79
N LYS D 933 -37.61 -37.54 -90.68
CA LYS D 933 -38.95 -38.10 -90.44
C LYS D 933 -39.02 -38.81 -89.09
N THR D 934 -37.95 -39.50 -88.74
CA THR D 934 -37.79 -40.21 -87.47
C THR D 934 -37.89 -39.29 -86.23
N PHE D 935 -37.19 -38.14 -86.21
CA PHE D 935 -37.34 -37.14 -85.14
C PHE D 935 -38.78 -36.63 -85.08
N LEU D 936 -39.35 -36.35 -86.25
CA LEU D 936 -40.68 -35.79 -86.32
C LEU D 936 -41.73 -36.78 -85.84
N GLU D 937 -41.67 -38.05 -86.25
CA GLU D 937 -42.58 -39.09 -85.80
C GLU D 937 -42.43 -39.38 -84.29
N LYS D 938 -41.19 -39.50 -83.80
CA LYS D 938 -40.93 -39.69 -82.37
C LYS D 938 -41.14 -38.40 -81.57
N SER D 939 -41.46 -37.29 -82.23
CA SER D 939 -41.60 -36.02 -81.54
C SER D 939 -42.67 -36.17 -80.47
N PRO D 940 -42.32 -35.93 -79.20
CA PRO D 940 -43.28 -35.95 -78.13
C PRO D 940 -44.35 -34.86 -78.36
N ASP D 941 -43.97 -33.76 -78.99
CA ASP D 941 -44.85 -32.65 -79.32
C ASP D 941 -45.96 -33.12 -80.27
N LEU D 942 -45.55 -33.82 -81.33
CA LEU D 942 -46.46 -34.47 -82.22
C LEU D 942 -47.25 -35.57 -81.52
N GLN D 943 -46.62 -36.44 -80.75
CA GLN D 943 -47.30 -37.54 -80.07
C GLN D 943 -48.37 -36.99 -79.12
N SER D 944 -48.06 -35.94 -78.38
CA SER D 944 -49.01 -35.27 -77.51
C SER D 944 -50.18 -34.72 -78.32
N LEU D 945 -49.87 -34.03 -79.42
CA LEU D 945 -50.90 -33.49 -80.29
C LEU D 945 -51.83 -34.60 -80.83
N ARG D 946 -51.24 -35.70 -81.31
CA ARG D 946 -51.97 -36.91 -81.74
C ARG D 946 -52.82 -37.51 -80.64
N TYR D 947 -52.32 -37.53 -79.41
CA TYR D 947 -53.07 -38.09 -78.30
C TYR D 947 -54.34 -37.29 -78.07
N ALA D 948 -54.22 -35.97 -77.88
CA ALA D 948 -55.37 -35.09 -77.69
C ALA D 948 -56.39 -35.26 -78.82
N LEU D 949 -55.91 -35.30 -80.05
CA LEU D 949 -56.73 -35.59 -81.22
C LEU D 949 -57.44 -36.94 -81.10
N SER D 950 -56.71 -38.00 -80.74
CA SER D 950 -57.30 -39.33 -80.63
C SER D 950 -58.47 -39.33 -79.65
N LEU D 951 -58.39 -38.54 -78.57
CA LEU D 951 -59.45 -38.49 -77.57
C LEU D 951 -60.77 -38.03 -78.17
N TYR D 952 -60.72 -37.01 -79.03
CA TYR D 952 -61.90 -36.37 -79.59
C TYR D 952 -62.83 -37.30 -80.39
N THR D 953 -62.34 -38.45 -80.88
CA THR D 953 -63.17 -39.43 -81.60
C THR D 953 -63.45 -40.69 -80.79
N GLN D 954 -62.81 -40.89 -79.64
CA GLN D 954 -62.84 -42.17 -78.93
C GLN D 954 -64.22 -42.52 -78.35
N ALA D 955 -64.51 -43.82 -78.32
CA ALA D 955 -65.79 -44.36 -77.88
C ALA D 955 -66.03 -44.03 -76.41
N THR D 956 -67.30 -43.99 -76.03
CA THR D 956 -67.71 -43.62 -74.68
C THR D 956 -67.07 -44.52 -73.63
N ASP D 957 -67.17 -45.84 -73.80
CA ASP D 957 -66.54 -46.78 -72.86
C ASP D 957 -65.03 -46.59 -72.81
N LEU D 958 -64.41 -46.29 -73.95
CA LEU D 958 -62.97 -46.17 -74.00
C LEU D 958 -62.52 -44.88 -73.33
N LEU D 959 -63.24 -43.78 -73.55
CA LEU D 959 -63.10 -42.56 -72.79
C LEU D 959 -63.28 -42.84 -71.29
N ILE D 960 -64.30 -43.58 -70.91
CA ILE D 960 -64.56 -43.89 -69.48
C ILE D 960 -63.46 -44.77 -68.88
N LYS D 961 -63.03 -45.82 -69.57
CA LYS D 961 -61.87 -46.63 -69.16
C LYS D 961 -60.65 -45.75 -68.99
N THR D 962 -60.42 -44.88 -69.97
CA THR D 962 -59.30 -43.94 -69.96
C THR D 962 -59.38 -43.07 -68.73
N PHE D 963 -60.56 -42.53 -68.45
CA PHE D 963 -60.77 -41.77 -67.24
C PHE D 963 -60.36 -42.59 -66.01
N VAL D 964 -60.87 -43.80 -65.82
CA VAL D 964 -60.54 -44.59 -64.62
C VAL D 964 -59.05 -44.93 -64.54
N GLN D 965 -58.45 -45.33 -65.65
CA GLN D 965 -57.03 -45.62 -65.69
C GLN D 965 -56.14 -44.39 -65.44
N THR D 966 -56.58 -43.19 -65.87
CA THR D 966 -55.78 -41.94 -65.77
C THR D 966 -56.00 -41.20 -64.47
N GLN D 967 -57.23 -41.12 -63.99
CA GLN D 967 -57.60 -40.47 -62.75
C GLN D 967 -57.18 -41.30 -61.51
N SER D 968 -56.00 -41.96 -61.54
CA SER D 968 -55.48 -42.81 -60.47
C SER D 968 -55.48 -42.10 -59.10
N ALA D 969 -55.24 -40.79 -59.10
CA ALA D 969 -55.27 -39.95 -57.91
C ALA D 969 -56.68 -39.76 -57.28
N GLN D 970 -57.78 -40.17 -57.94
CA GLN D 970 -59.10 -40.29 -57.29
C GLN D 970 -59.17 -41.58 -56.45
N GLY D 971 -58.19 -41.77 -55.55
CA GLY D 971 -58.08 -42.90 -54.63
C GLY D 971 -56.84 -42.83 -53.72
N SER D 972 -56.60 -41.68 -53.07
CA SER D 972 -55.44 -41.47 -52.17
C SER D 972 -55.59 -40.33 -51.14
N GLY D 973 -56.82 -40.07 -50.67
CA GLY D 973 -57.14 -39.06 -49.65
C GLY D 973 -57.83 -37.83 -50.22
N VAL D 974 -59.14 -37.70 -49.97
CA VAL D 974 -59.90 -36.46 -50.17
C VAL D 974 -59.30 -35.36 -49.32
N GLU D 975 -59.24 -34.14 -49.84
CA GLU D 975 -58.81 -32.99 -49.06
C GLU D 975 -60.00 -32.03 -48.80
N ASP D 976 -60.07 -31.50 -47.57
CA ASP D 976 -61.28 -30.95 -46.95
C ASP D 976 -62.51 -31.91 -46.97
N PRO D 977 -62.48 -33.00 -46.21
CA PRO D 977 -63.57 -33.96 -46.15
C PRO D 977 -64.84 -33.42 -45.46
N VAL D 978 -66.00 -33.96 -45.81
CA VAL D 978 -67.34 -33.57 -45.33
C VAL D 978 -68.03 -34.66 -44.52
N GLY D 979 -67.21 -35.53 -43.97
CA GLY D 979 -67.62 -36.76 -43.33
C GLY D 979 -66.83 -37.91 -43.89
N GLU D 980 -67.25 -39.11 -43.50
CA GLU D 980 -66.65 -40.35 -43.96
C GLU D 980 -67.69 -41.47 -44.00
N VAL D 981 -67.38 -42.52 -44.74
CA VAL D 981 -68.22 -43.69 -44.85
C VAL D 981 -67.38 -44.90 -44.55
N SER D 982 -67.82 -45.68 -43.57
CA SER D 982 -67.33 -47.03 -43.41
C SER D 982 -68.01 -47.96 -44.39
N VAL D 983 -67.19 -48.56 -45.25
CA VAL D 983 -67.60 -49.67 -46.10
C VAL D 983 -66.72 -50.86 -45.79
N HIS D 984 -67.31 -52.04 -45.89
CA HIS D 984 -66.55 -53.25 -46.16
C HIS D 984 -66.89 -53.71 -47.56
N VAL D 985 -65.87 -53.96 -48.38
CA VAL D 985 -66.04 -54.31 -49.80
C VAL D 985 -65.36 -55.63 -50.06
N GLU D 986 -66.05 -56.53 -50.74
CA GLU D 986 -65.52 -57.79 -51.18
C GLU D 986 -65.63 -57.85 -52.69
N LEU D 987 -64.48 -57.72 -53.33
CA LEU D 987 -64.36 -58.18 -54.69
C LEU D 987 -64.51 -59.69 -54.63
N PHE D 988 -65.45 -60.18 -55.43
CA PHE D 988 -65.48 -61.58 -55.78
C PHE D 988 -65.28 -61.64 -57.29
N THR D 989 -64.07 -62.07 -57.67
CA THR D 989 -63.89 -62.76 -58.95
C THR D 989 -64.76 -63.97 -58.76
N HIS D 990 -65.97 -63.79 -59.27
CA HIS D 990 -67.15 -64.41 -58.78
C HIS D 990 -66.94 -65.90 -58.78
N PRO D 991 -66.89 -66.55 -57.61
CA PRO D 991 -66.47 -67.94 -57.55
C PRO D 991 -67.38 -68.85 -58.39
N GLY D 992 -68.62 -68.42 -58.64
CA GLY D 992 -69.56 -69.09 -59.54
C GLY D 992 -69.37 -68.82 -61.04
N THR D 993 -68.59 -67.83 -61.50
CA THR D 993 -68.54 -67.48 -62.94
C THR D 993 -67.19 -66.98 -63.49
N GLY D 994 -66.25 -66.51 -62.68
CA GLY D 994 -65.06 -65.81 -63.22
C GLY D 994 -65.37 -64.45 -63.85
N GLU D 995 -66.62 -63.95 -63.81
CA GLU D 995 -66.89 -62.51 -63.89
C GLU D 995 -66.35 -61.83 -62.62
N GLN D 996 -66.45 -60.51 -62.53
CA GLN D 996 -66.28 -59.85 -61.24
C GLN D 996 -67.57 -59.23 -60.79
N LYS D 997 -67.85 -59.52 -59.53
CA LYS D 997 -68.95 -58.97 -58.77
C LYS D 997 -68.33 -58.24 -57.59
N VAL D 998 -68.98 -57.19 -57.13
CA VAL D 998 -68.45 -56.33 -56.09
C VAL D 998 -69.51 -56.25 -55.03
N THR D 999 -69.30 -56.98 -53.95
CA THR D 999 -70.14 -56.79 -52.79
C THR D 999 -69.67 -55.53 -52.08
N VAL D 1000 -70.59 -54.66 -51.69
CA VAL D 1000 -70.32 -53.44 -50.93
C VAL D 1000 -71.24 -53.41 -49.72
N LYS D 1001 -70.74 -53.82 -48.55
CA LYS D 1001 -71.40 -53.59 -47.27
C LYS D 1001 -71.16 -52.15 -46.82
N VAL D 1002 -72.18 -51.31 -46.98
CA VAL D 1002 -72.25 -49.98 -46.37
C VAL D 1002 -72.56 -50.12 -44.89
N VAL D 1003 -71.53 -49.95 -44.06
CA VAL D 1003 -71.64 -50.15 -42.61
C VAL D 1003 -72.27 -48.95 -41.95
N ALA D 1004 -71.71 -47.76 -42.20
CA ALA D 1004 -72.10 -46.50 -41.57
C ALA D 1004 -71.53 -45.28 -42.32
N ALA D 1005 -72.04 -44.10 -42.01
CA ALA D 1005 -71.33 -42.83 -42.19
C ALA D 1005 -71.11 -42.14 -40.85
N ASN D 1006 -70.17 -41.18 -40.82
CA ASN D 1006 -69.74 -40.45 -39.64
C ASN D 1006 -69.26 -39.05 -40.02
N ASP D 1007 -69.30 -38.12 -39.06
CA ASP D 1007 -68.83 -36.73 -39.23
C ASP D 1007 -69.38 -36.00 -40.45
N LEU D 1008 -70.60 -36.33 -40.85
CA LEU D 1008 -71.26 -35.67 -41.95
C LEU D 1008 -71.42 -34.18 -41.66
N LYS D 1009 -70.72 -33.33 -42.38
CA LYS D 1009 -70.82 -31.87 -42.22
C LYS D 1009 -72.12 -31.41 -42.86
N TRP D 1010 -73.22 -31.58 -42.15
CA TRP D 1010 -74.54 -31.31 -42.69
C TRP D 1010 -75.55 -31.04 -41.57
N GLN D 1011 -75.18 -30.28 -40.56
CA GLN D 1011 -76.13 -29.84 -39.55
C GLN D 1011 -77.09 -28.84 -40.20
N THR D 1012 -78.18 -29.38 -40.74
CA THR D 1012 -79.07 -28.73 -41.71
C THR D 1012 -80.16 -27.88 -41.08
N SER D 1013 -80.70 -26.95 -41.85
CA SER D 1013 -81.93 -26.18 -41.59
C SER D 1013 -83.22 -27.02 -41.71
N GLY D 1014 -83.25 -28.23 -41.14
CA GLY D 1014 -84.42 -29.11 -41.17
C GLY D 1014 -84.15 -30.51 -40.62
N ILE D 1015 -85.04 -31.46 -40.93
CA ILE D 1015 -84.80 -32.86 -40.64
C ILE D 1015 -83.74 -33.36 -41.62
N PHE D 1016 -82.55 -33.62 -41.12
CA PHE D 1016 -81.58 -34.37 -41.88
C PHE D 1016 -82.05 -35.82 -42.03
N ARG D 1017 -82.01 -36.41 -43.23
CA ARG D 1017 -82.43 -37.80 -43.47
C ARG D 1017 -81.41 -38.48 -44.38
N PRO D 1018 -80.15 -38.60 -43.95
CA PRO D 1018 -79.11 -39.15 -44.80
C PRO D 1018 -79.42 -40.57 -45.26
N PHE D 1019 -79.10 -40.81 -46.51
CA PHE D 1019 -78.92 -42.12 -47.10
C PHE D 1019 -77.65 -42.09 -47.96
N ILE D 1020 -77.10 -43.26 -48.24
CA ILE D 1020 -75.89 -43.40 -49.02
C ILE D 1020 -76.23 -44.06 -50.32
N GLU D 1021 -76.13 -43.29 -51.38
CA GLU D 1021 -76.00 -43.84 -52.69
C GLU D 1021 -74.61 -44.47 -52.87
N VAL D 1022 -74.54 -45.68 -53.44
CA VAL D 1022 -73.30 -46.24 -53.97
C VAL D 1022 -73.46 -46.39 -55.46
N ASN D 1023 -72.46 -45.95 -56.22
CA ASN D 1023 -72.40 -46.13 -57.66
C ASN D 1023 -71.10 -46.86 -58.02
N ILE D 1024 -71.18 -47.78 -58.97
CA ILE D 1024 -69.98 -48.30 -59.63
C ILE D 1024 -69.69 -47.45 -60.88
N VAL D 1025 -68.41 -47.26 -61.20
CA VAL D 1025 -67.95 -46.57 -62.40
C VAL D 1025 -66.85 -47.37 -63.08
N GLY D 1026 -66.91 -47.39 -64.41
CA GLY D 1026 -65.99 -48.06 -65.31
C GLY D 1026 -66.68 -48.41 -66.61
N PRO D 1027 -65.99 -49.08 -67.53
CA PRO D 1027 -66.52 -49.37 -68.84
C PRO D 1027 -67.61 -50.47 -68.80
N GLN D 1028 -68.40 -50.55 -69.87
CA GLN D 1028 -69.40 -51.58 -70.14
C GLN D 1028 -70.40 -51.77 -69.00
N LEU D 1029 -71.10 -50.70 -68.62
CA LEU D 1029 -72.08 -50.75 -67.53
C LEU D 1029 -73.51 -50.40 -67.96
N SER D 1030 -73.75 -50.17 -69.25
CA SER D 1030 -75.05 -49.82 -69.83
C SER D 1030 -76.18 -50.82 -69.50
N ASP D 1031 -75.84 -52.10 -69.51
CA ASP D 1031 -76.71 -53.25 -69.26
C ASP D 1031 -76.84 -53.60 -67.78
N LYS D 1032 -76.18 -52.84 -66.90
CA LYS D 1032 -76.01 -53.14 -65.47
C LYS D 1032 -76.54 -52.05 -64.56
N LYS D 1033 -76.97 -52.48 -63.37
CA LYS D 1033 -77.41 -51.60 -62.29
C LYS D 1033 -76.21 -50.82 -61.74
N ARG D 1034 -76.04 -49.58 -62.19
CA ARG D 1034 -74.92 -48.72 -61.81
C ARG D 1034 -75.04 -48.12 -60.42
N LYS D 1035 -76.24 -48.08 -59.86
CA LYS D 1035 -76.57 -47.36 -58.64
C LYS D 1035 -77.27 -48.28 -57.62
N PHE D 1036 -76.94 -48.11 -56.34
CA PHE D 1036 -77.72 -48.56 -55.18
C PHE D 1036 -77.84 -47.41 -54.20
N ALA D 1037 -78.74 -47.54 -53.24
CA ALA D 1037 -78.81 -46.64 -52.11
C ALA D 1037 -79.17 -47.37 -50.82
N THR D 1038 -78.61 -46.95 -49.69
CA THR D 1038 -79.10 -47.38 -48.39
C THR D 1038 -80.50 -46.85 -48.15
N LYS D 1039 -81.20 -47.39 -47.17
CA LYS D 1039 -82.32 -46.67 -46.56
C LYS D 1039 -81.82 -45.32 -46.06
N SER D 1040 -82.74 -44.40 -45.80
CA SER D 1040 -82.42 -43.19 -45.06
C SER D 1040 -82.47 -43.41 -43.54
N LYS D 1041 -81.77 -42.56 -42.77
CA LYS D 1041 -81.83 -42.47 -41.30
C LYS D 1041 -82.18 -41.07 -40.88
N ASN D 1042 -83.19 -40.91 -40.05
CA ASN D 1042 -83.58 -39.60 -39.54
C ASN D 1042 -82.50 -39.01 -38.63
N ASN D 1043 -82.31 -37.71 -38.72
CA ASN D 1043 -81.57 -36.82 -37.81
C ASN D 1043 -80.24 -37.35 -37.29
N SER D 1044 -79.44 -37.97 -38.17
CA SER D 1044 -78.30 -38.77 -37.75
C SER D 1044 -77.07 -38.46 -38.59
N TRP D 1045 -76.18 -37.60 -38.07
CA TRP D 1045 -74.85 -37.29 -38.65
C TRP D 1045 -73.84 -38.44 -38.62
N ALA D 1046 -74.15 -39.51 -37.89
CA ALA D 1046 -73.39 -40.76 -37.87
C ALA D 1046 -74.26 -42.00 -38.13
N PRO D 1047 -75.00 -42.04 -39.24
CA PRO D 1047 -75.99 -43.07 -39.48
C PRO D 1047 -75.30 -44.39 -39.78
N LYS D 1048 -75.71 -45.43 -39.06
CA LYS D 1048 -75.36 -46.81 -39.39
C LYS D 1048 -76.34 -47.31 -40.45
N TYR D 1049 -75.91 -48.26 -41.27
CA TYR D 1049 -76.71 -48.85 -42.34
C TYR D 1049 -76.61 -50.36 -42.34
N ASN D 1050 -75.39 -50.89 -42.32
CA ASN D 1050 -75.17 -52.32 -42.46
C ASN D 1050 -75.83 -52.93 -43.70
N GLU D 1051 -75.91 -52.20 -44.82
CA GLU D 1051 -76.60 -52.67 -46.04
C GLU D 1051 -75.59 -53.12 -47.10
N SER D 1052 -75.75 -54.34 -47.62
CA SER D 1052 -74.81 -54.95 -48.56
C SER D 1052 -75.33 -55.00 -49.99
N PHE D 1053 -74.67 -54.29 -50.90
CA PHE D 1053 -75.01 -54.24 -52.33
C PHE D 1053 -74.08 -55.14 -53.15
N GLN D 1054 -74.43 -55.47 -54.39
CA GLN D 1054 -73.64 -56.37 -55.23
C GLN D 1054 -73.64 -55.90 -56.68
N PHE D 1055 -72.70 -55.04 -57.02
CA PHE D 1055 -72.52 -54.65 -58.42
C PHE D 1055 -72.00 -55.83 -59.22
N SER D 1056 -72.32 -55.83 -60.50
CA SER D 1056 -71.56 -56.60 -61.46
C SER D 1056 -70.64 -55.64 -62.20
N LEU D 1057 -69.38 -56.03 -62.34
CA LEU D 1057 -68.51 -55.45 -63.34
C LEU D 1057 -68.78 -56.14 -64.67
N SER D 1058 -68.14 -55.66 -65.73
CA SER D 1058 -67.99 -56.49 -66.92
C SER D 1058 -67.22 -57.78 -66.59
N ALA D 1059 -67.31 -58.77 -67.49
CA ALA D 1059 -66.36 -59.88 -67.52
C ALA D 1059 -65.00 -59.48 -68.09
N ASP D 1060 -64.96 -58.54 -69.04
CA ASP D 1060 -63.77 -58.28 -69.85
C ASP D 1060 -62.77 -57.36 -69.15
N ALA D 1061 -63.19 -56.13 -68.88
CA ALA D 1061 -62.43 -55.13 -68.20
C ALA D 1061 -62.09 -55.58 -66.77
N GLY D 1062 -60.81 -55.51 -66.41
CA GLY D 1062 -60.36 -55.89 -65.07
C GLY D 1062 -60.78 -54.89 -63.99
N PRO D 1063 -60.64 -55.24 -62.70
CA PRO D 1063 -61.10 -54.40 -61.60
C PRO D 1063 -60.43 -53.03 -61.62
N GLU D 1064 -59.17 -52.93 -62.06
CA GLU D 1064 -58.47 -51.67 -62.29
C GLU D 1064 -59.13 -50.73 -63.33
N CYS D 1065 -60.05 -51.21 -64.17
CA CYS D 1065 -60.88 -50.35 -65.03
C CYS D 1065 -62.08 -49.73 -64.29
N TYR D 1066 -62.25 -50.05 -63.02
CA TYR D 1066 -63.40 -49.63 -62.24
C TYR D 1066 -63.05 -48.97 -60.91
N GLU D 1067 -64.02 -48.19 -60.45
CA GLU D 1067 -63.99 -47.48 -59.19
C GLU D 1067 -65.41 -47.37 -58.65
N LEU D 1068 -65.55 -47.52 -57.34
CA LEU D 1068 -66.79 -47.16 -56.68
C LEU D 1068 -66.77 -45.66 -56.44
N GLN D 1069 -67.92 -45.04 -56.60
CA GLN D 1069 -68.20 -43.68 -56.18
C GLN D 1069 -69.32 -43.74 -55.13
N VAL D 1070 -69.02 -43.36 -53.88
CA VAL D 1070 -69.94 -43.42 -52.73
C VAL D 1070 -70.43 -42.03 -52.40
N CYS D 1071 -71.73 -41.80 -52.46
CA CYS D 1071 -72.33 -40.49 -52.27
C CYS D 1071 -73.33 -40.51 -51.12
N VAL D 1072 -73.18 -39.58 -50.19
CA VAL D 1072 -74.16 -39.38 -49.14
C VAL D 1072 -75.09 -38.28 -49.56
N LYS D 1073 -76.39 -38.52 -49.40
CA LYS D 1073 -77.43 -37.56 -49.72
C LYS D 1073 -78.46 -37.47 -48.61
N ASP D 1074 -78.95 -36.27 -48.40
CA ASP D 1074 -80.07 -36.01 -47.53
C ASP D 1074 -81.38 -36.31 -48.27
N TYR D 1075 -82.22 -37.24 -47.79
CA TYR D 1075 -83.52 -37.49 -48.44
C TYR D 1075 -84.49 -36.33 -48.22
N CYS D 1076 -85.02 -35.77 -49.30
CA CYS D 1076 -85.87 -34.59 -49.26
C CYS D 1076 -87.05 -34.68 -50.24
N PHE D 1077 -88.15 -35.30 -49.83
CA PHE D 1077 -89.42 -35.14 -50.55
C PHE D 1077 -89.80 -33.64 -50.66
N ALA D 1078 -90.61 -33.33 -51.67
CA ALA D 1078 -91.08 -32.01 -52.10
C ALA D 1078 -89.98 -31.08 -52.63
N ARG D 1079 -88.84 -31.05 -51.93
CA ARG D 1079 -87.58 -30.43 -52.31
C ARG D 1079 -86.80 -31.28 -53.32
N GLU D 1080 -85.50 -31.45 -53.10
CA GLU D 1080 -84.55 -32.28 -53.83
C GLU D 1080 -83.54 -32.93 -52.86
N ASP D 1081 -83.13 -34.18 -53.11
CA ASP D 1081 -82.19 -34.91 -52.24
C ASP D 1081 -80.77 -34.35 -52.33
N ARG D 1082 -80.36 -33.59 -51.33
CA ARG D 1082 -79.11 -32.83 -51.41
C ARG D 1082 -77.89 -33.74 -51.28
N THR D 1083 -76.94 -33.63 -52.22
CA THR D 1083 -75.63 -34.27 -52.05
C THR D 1083 -74.93 -33.67 -50.86
N VAL D 1084 -74.67 -34.50 -49.87
CA VAL D 1084 -73.85 -34.21 -48.70
C VAL D 1084 -72.37 -34.33 -49.04
N GLY D 1085 -71.98 -35.34 -49.80
CA GLY D 1085 -70.58 -35.59 -50.12
C GLY D 1085 -70.38 -36.80 -51.00
N LEU D 1086 -69.16 -36.98 -51.51
CA LEU D 1086 -68.78 -38.03 -52.47
C LEU D 1086 -67.38 -38.63 -52.19
N ALA D 1087 -67.17 -39.94 -52.30
CA ALA D 1087 -65.86 -40.59 -52.17
C ALA D 1087 -65.59 -41.54 -53.31
N VAL D 1088 -64.34 -41.64 -53.77
CA VAL D 1088 -63.96 -42.61 -54.79
C VAL D 1088 -63.08 -43.69 -54.20
N LEU D 1089 -63.39 -44.94 -54.51
CA LEU D 1089 -62.54 -46.07 -54.19
C LEU D 1089 -62.10 -46.75 -55.48
N GLN D 1090 -60.79 -46.85 -55.71
CA GLN D 1090 -60.24 -47.54 -56.88
C GLN D 1090 -60.20 -49.05 -56.68
N LEU D 1091 -60.86 -49.80 -57.57
CA LEU D 1091 -60.89 -51.25 -57.45
C LEU D 1091 -59.57 -51.92 -57.86
N ARG D 1092 -58.59 -51.18 -58.39
CA ARG D 1092 -57.21 -51.67 -58.48
C ARG D 1092 -56.67 -52.11 -57.12
N GLU D 1093 -57.01 -51.38 -56.06
CA GLU D 1093 -56.53 -51.68 -54.71
C GLU D 1093 -57.08 -53.03 -54.27
N LEU D 1094 -58.39 -53.15 -54.40
CA LEU D 1094 -59.13 -54.37 -54.12
C LEU D 1094 -58.68 -55.54 -55.01
N ALA D 1095 -58.16 -55.31 -56.21
CA ALA D 1095 -57.59 -56.39 -57.00
C ALA D 1095 -56.46 -57.11 -56.26
N GLN D 1096 -55.73 -56.42 -55.39
CA GLN D 1096 -54.82 -57.08 -54.45
C GLN D 1096 -55.55 -57.49 -53.19
N ARG D 1097 -56.31 -56.56 -52.59
CA ARG D 1097 -56.82 -56.75 -51.23
C ARG D 1097 -57.86 -57.87 -51.12
N GLY D 1098 -58.64 -58.15 -52.17
CA GLY D 1098 -59.72 -59.14 -52.21
C GLY D 1098 -60.98 -58.69 -51.44
N SER D 1099 -60.81 -58.40 -50.15
CA SER D 1099 -61.77 -57.65 -49.37
C SER D 1099 -61.11 -56.58 -48.49
N ALA D 1100 -61.74 -55.41 -48.38
CA ALA D 1100 -61.23 -54.26 -47.64
C ALA D 1100 -62.30 -53.67 -46.74
N ALA D 1101 -61.97 -53.52 -45.46
CA ALA D 1101 -62.63 -52.54 -44.63
C ALA D 1101 -61.92 -51.20 -44.82
N CYS D 1102 -62.66 -50.14 -45.12
CA CYS D 1102 -62.09 -48.80 -45.23
C CYS D 1102 -63.09 -47.70 -44.84
N TRP D 1103 -62.60 -46.65 -44.20
CA TRP D 1103 -63.33 -45.42 -43.92
C TRP D 1103 -63.02 -44.40 -44.99
N LEU D 1104 -63.88 -44.34 -45.99
CA LEU D 1104 -63.72 -43.39 -47.06
C LEU D 1104 -64.05 -42.00 -46.58
N PRO D 1105 -63.11 -41.06 -46.60
CA PRO D 1105 -63.44 -39.67 -46.40
C PRO D 1105 -64.29 -39.17 -47.56
N LEU D 1106 -65.30 -38.37 -47.28
CA LEU D 1106 -66.23 -37.80 -48.26
C LEU D 1106 -65.72 -36.43 -48.69
N GLY D 1107 -65.75 -36.12 -49.98
CA GLY D 1107 -65.47 -34.80 -50.56
C GLY D 1107 -66.73 -34.02 -50.94
N ARG D 1108 -66.53 -32.80 -51.44
CA ARG D 1108 -67.58 -31.96 -52.05
C ARG D 1108 -67.68 -32.18 -53.56
N ARG D 1109 -66.57 -32.34 -54.27
CA ARG D 1109 -66.49 -32.74 -55.70
C ARG D 1109 -65.30 -33.65 -55.91
N ILE D 1110 -65.31 -34.44 -56.98
CA ILE D 1110 -64.19 -35.33 -57.28
C ILE D 1110 -63.04 -34.51 -57.90
N HIS D 1111 -61.80 -34.82 -57.54
CA HIS D 1111 -60.62 -34.06 -57.95
C HIS D 1111 -60.06 -34.64 -59.24
N MET D 1112 -59.60 -33.83 -60.19
CA MET D 1112 -59.31 -34.29 -61.55
C MET D 1112 -58.04 -33.70 -62.11
N ASP D 1113 -57.45 -34.43 -63.06
CA ASP D 1113 -56.38 -33.93 -63.91
C ASP D 1113 -56.91 -33.44 -65.27
N ASP D 1114 -56.00 -32.87 -66.07
CA ASP D 1114 -56.26 -32.37 -67.41
C ASP D 1114 -56.96 -33.40 -68.30
N THR D 1115 -56.64 -34.68 -68.13
CA THR D 1115 -57.13 -35.76 -68.96
C THR D 1115 -58.51 -36.20 -68.47
N GLY D 1116 -58.77 -36.20 -67.18
CA GLY D 1116 -60.11 -36.36 -66.65
C GLY D 1116 -60.99 -35.25 -67.16
N LEU D 1117 -60.54 -34.01 -67.04
CA LEU D 1117 -61.27 -32.84 -67.49
C LEU D 1117 -61.39 -32.81 -69.03
N THR D 1118 -60.42 -33.32 -69.77
CA THR D 1118 -60.49 -33.44 -71.24
C THR D 1118 -61.47 -34.53 -71.63
N VAL D 1119 -61.39 -35.70 -71.01
CA VAL D 1119 -62.33 -36.79 -71.25
C VAL D 1119 -63.74 -36.34 -70.91
N LEU D 1120 -63.91 -35.61 -69.80
CA LEU D 1120 -65.21 -35.14 -69.35
C LEU D 1120 -65.79 -34.15 -70.36
N ARG D 1121 -65.01 -33.17 -70.82
CA ARG D 1121 -65.50 -32.21 -71.82
C ARG D 1121 -65.76 -32.86 -73.17
N ILE D 1122 -65.07 -33.96 -73.46
CA ILE D 1122 -65.34 -34.78 -74.63
C ILE D 1122 -66.65 -35.55 -74.44
N LEU D 1123 -66.81 -36.28 -73.34
CA LEU D 1123 -68.02 -37.05 -73.03
C LEU D 1123 -69.26 -36.14 -72.97
N SER D 1124 -69.14 -34.92 -72.45
CA SER D 1124 -70.28 -34.01 -72.38
C SER D 1124 -70.78 -33.57 -73.77
N GLN D 1125 -69.94 -33.61 -74.80
CA GLN D 1125 -70.38 -33.39 -76.18
C GLN D 1125 -71.20 -34.57 -76.73
N ARG D 1126 -71.09 -35.76 -76.16
CA ARG D 1126 -71.87 -36.95 -76.53
C ARG D 1126 -73.23 -36.90 -75.83
N SER D 1127 -73.84 -35.72 -75.82
CA SER D 1127 -75.01 -35.32 -75.04
C SER D 1127 -76.32 -36.04 -75.38
N ASN D 1128 -76.25 -37.16 -76.12
CA ASN D 1128 -77.35 -38.09 -76.39
C ASN D 1128 -77.01 -39.53 -75.95
N ASP D 1129 -75.74 -39.85 -75.74
CA ASP D 1129 -75.33 -41.15 -75.25
C ASP D 1129 -75.74 -41.25 -73.79
N GLU D 1130 -76.59 -42.20 -73.47
CA GLU D 1130 -77.11 -42.32 -72.13
C GLU D 1130 -76.03 -42.71 -71.12
N VAL D 1131 -75.07 -43.52 -71.51
CA VAL D 1131 -73.97 -43.89 -70.63
C VAL D 1131 -73.10 -42.69 -70.37
N ALA D 1132 -72.78 -41.93 -71.42
CA ALA D 1132 -72.02 -40.71 -71.29
C ALA D 1132 -72.79 -39.71 -70.45
N LYS D 1133 -74.09 -39.52 -70.70
CA LYS D 1133 -74.95 -38.62 -69.91
C LYS D 1133 -74.87 -38.96 -68.45
N GLU D 1134 -75.11 -40.22 -68.10
CA GLU D 1134 -75.03 -40.65 -66.72
C GLU D 1134 -73.61 -40.60 -66.17
N PHE D 1135 -72.58 -40.87 -66.96
CA PHE D 1135 -71.20 -40.72 -66.50
C PHE D 1135 -70.88 -39.26 -66.18
N VAL D 1136 -71.16 -38.37 -67.14
CA VAL D 1136 -70.94 -36.94 -67.04
C VAL D 1136 -71.74 -36.43 -65.87
N LYS D 1137 -73.04 -36.72 -65.81
CA LYS D 1137 -73.88 -36.38 -64.67
C LYS D 1137 -73.24 -36.86 -63.37
N LEU D 1138 -72.79 -38.11 -63.30
CA LEU D 1138 -72.23 -38.72 -62.10
C LEU D 1138 -70.91 -38.08 -61.67
N LYS D 1139 -70.00 -37.83 -62.58
CA LYS D 1139 -68.77 -37.13 -62.24
C LYS D 1139 -69.06 -35.67 -61.91
N SER D 1140 -69.97 -35.05 -62.65
CA SER D 1140 -70.39 -33.67 -62.43
C SER D 1140 -71.30 -33.51 -61.21
N ASP D 1141 -71.70 -34.58 -60.54
CA ASP D 1141 -72.29 -34.46 -59.20
C ASP D 1141 -71.23 -33.90 -58.25
N THR D 1142 -71.64 -32.87 -57.52
CA THR D 1142 -70.91 -32.32 -56.40
C THR D 1142 -71.93 -32.10 -55.27
N ARG D 1143 -71.46 -32.14 -54.02
CA ARG D 1143 -72.18 -31.68 -52.85
C ARG D 1143 -72.91 -30.39 -53.17
N SER D 1144 -74.24 -30.44 -53.14
CA SER D 1144 -75.07 -29.25 -53.02
C SER D 1144 -74.63 -28.60 -51.73
N ALA D 1145 -73.96 -27.46 -51.84
CA ALA D 1145 -72.97 -27.01 -50.87
C ALA D 1145 -73.44 -27.01 -49.40
N GLU D 1146 -74.67 -26.61 -49.18
CA GLU D 1146 -75.15 -26.02 -47.93
C GLU D 1146 -75.13 -26.97 -46.72
N GLU D 1147 -75.48 -26.46 -45.53
CA GLU D 1147 -75.45 -27.21 -44.24
C GLU D 1147 -74.06 -27.65 -43.75
N GLY D 1148 -72.99 -27.32 -44.50
CA GLY D 1148 -71.60 -27.65 -44.17
C GLY D 1148 -70.51 -27.39 -45.23
N GLY D 1149 -70.78 -26.83 -46.42
CA GLY D 1149 -69.79 -26.10 -47.25
C GLY D 1149 -69.66 -26.50 -48.73
N ALA D 1150 -69.14 -25.61 -49.59
CA ALA D 1150 -69.20 -25.70 -51.06
C ALA D 1150 -68.03 -26.41 -51.76
N ALA D 1151 -66.79 -25.89 -51.69
CA ALA D 1151 -65.65 -26.32 -52.50
C ALA D 1151 -64.54 -27.02 -51.69
N PRO D 1152 -63.97 -28.14 -52.17
CA PRO D 1152 -63.10 -29.01 -51.37
C PRO D 1152 -61.62 -28.61 -51.52
N ALA D 1153 -60.72 -29.58 -51.32
CA ALA D 1153 -59.37 -29.58 -51.85
C ALA D 1153 -59.02 -30.95 -52.54
N PRO D 1154 -58.04 -31.01 -53.46
CA PRO D 1154 -57.81 -32.15 -54.34
C PRO D 1154 -57.00 -33.31 -53.75
N GLU E 23 -3.25 -76.72 -85.22
CA GLU E 23 -3.70 -77.30 -86.53
C GLU E 23 -3.04 -78.66 -86.84
N GLU E 24 -1.78 -78.89 -86.46
CA GLU E 24 -1.04 -80.12 -86.79
C GLU E 24 -1.72 -81.40 -86.33
N LEU E 25 -2.31 -81.40 -85.13
CA LEU E 25 -3.17 -82.48 -84.65
C LEU E 25 -4.44 -82.64 -85.51
N LYS E 26 -5.14 -81.54 -85.84
CA LYS E 26 -6.37 -81.51 -86.67
C LYS E 26 -6.19 -82.24 -88.00
N ASN E 27 -5.09 -81.98 -88.69
CA ASN E 27 -4.79 -82.61 -89.99
C ASN E 27 -4.49 -84.12 -89.84
N HIS E 28 -3.68 -84.51 -88.85
CA HIS E 28 -3.39 -85.92 -88.62
C HIS E 28 -4.62 -86.75 -88.21
N VAL E 29 -5.43 -86.19 -87.30
CA VAL E 29 -6.70 -86.75 -86.84
C VAL E 29 -7.61 -86.99 -88.03
N TYR E 30 -7.70 -86.05 -88.96
CA TYR E 30 -8.41 -86.23 -90.23
C TYR E 30 -7.92 -87.45 -91.01
N LYS E 31 -6.61 -87.60 -91.23
CA LYS E 31 -6.05 -88.76 -91.94
C LYS E 31 -6.34 -90.07 -91.24
N LYS E 32 -6.12 -90.11 -89.92
CA LYS E 32 -6.51 -91.26 -89.09
C LYS E 32 -8.00 -91.56 -89.11
N THR E 33 -8.85 -90.56 -89.13
CA THR E 33 -10.31 -90.74 -89.10
C THR E 33 -10.80 -91.31 -90.42
N LEU E 34 -10.28 -90.80 -91.54
CA LEU E 34 -10.50 -91.43 -92.83
C LEU E 34 -9.99 -92.86 -92.85
N GLN E 35 -8.78 -93.13 -92.38
CA GLN E 35 -8.24 -94.50 -92.30
C GLN E 35 -9.12 -95.42 -91.46
N ALA E 36 -9.63 -94.89 -90.35
CA ALA E 36 -10.51 -95.64 -89.49
C ALA E 36 -11.80 -95.97 -90.20
N LEU E 37 -12.39 -94.96 -90.83
CA LEU E 37 -13.74 -95.11 -91.33
C LEU E 37 -13.78 -95.70 -92.73
N ILE E 38 -12.70 -95.64 -93.50
CA ILE E 38 -12.63 -96.32 -94.78
C ILE E 38 -12.62 -97.82 -94.61
N TYR E 39 -11.97 -98.29 -93.54
CA TYR E 39 -12.02 -99.67 -93.11
C TYR E 39 -12.47 -99.80 -91.66
N PRO E 40 -13.77 -99.61 -91.42
CA PRO E 40 -14.34 -99.58 -90.09
C PRO E 40 -14.31 -100.96 -89.44
N ILE E 41 -14.25 -100.99 -88.11
CA ILE E 41 -14.31 -102.23 -87.34
C ILE E 41 -15.71 -102.86 -87.41
N SER E 42 -16.79 -102.09 -87.42
CA SER E 42 -18.17 -102.64 -87.48
C SER E 42 -18.42 -103.58 -88.67
N CYS E 43 -17.74 -103.39 -89.80
CA CYS E 43 -17.73 -104.34 -90.92
C CYS E 43 -16.32 -104.89 -91.18
N THR E 44 -15.71 -105.39 -90.10
CA THR E 44 -14.70 -106.45 -90.09
C THR E 44 -15.34 -107.83 -90.29
N THR E 45 -14.64 -108.73 -90.96
CA THR E 45 -15.07 -110.13 -91.15
C THR E 45 -14.90 -110.92 -89.84
N PRO E 46 -15.85 -111.77 -89.45
CA PRO E 46 -15.71 -112.64 -88.29
C PRO E 46 -14.78 -113.83 -88.57
N HIS E 47 -14.08 -114.31 -87.54
CA HIS E 47 -13.23 -115.48 -87.68
C HIS E 47 -14.03 -116.77 -87.82
N ASN E 48 -13.73 -117.55 -88.85
CA ASN E 48 -14.33 -118.86 -89.08
C ASN E 48 -13.44 -119.96 -88.48
N PHE E 49 -13.56 -120.15 -87.17
CA PHE E 49 -12.77 -121.11 -86.39
C PHE E 49 -13.23 -122.58 -86.53
N GLU E 50 -12.47 -123.36 -87.30
CA GLU E 50 -12.52 -124.83 -87.22
C GLU E 50 -11.73 -125.30 -85.99
N VAL E 51 -12.16 -126.38 -85.35
CA VAL E 51 -11.27 -127.13 -84.45
C VAL E 51 -10.05 -127.58 -85.24
N TRP E 52 -8.87 -127.34 -84.71
CA TRP E 52 -7.61 -127.60 -85.40
C TRP E 52 -6.59 -128.26 -84.51
N THR E 53 -5.94 -129.25 -85.10
CA THR E 53 -4.83 -129.96 -84.50
C THR E 53 -3.57 -129.37 -85.11
N ALA E 54 -2.66 -128.86 -84.28
CA ALA E 54 -1.59 -128.02 -84.81
C ALA E 54 -0.67 -128.77 -85.76
N THR E 55 -0.62 -128.33 -87.02
CA THR E 55 0.15 -129.01 -88.07
C THR E 55 1.65 -128.77 -87.96
N THR E 56 2.07 -127.80 -87.15
CA THR E 56 3.45 -127.64 -86.64
C THR E 56 3.36 -127.20 -85.17
N PRO E 57 4.42 -127.34 -84.35
CA PRO E 57 4.41 -126.93 -82.95
C PRO E 57 4.15 -125.43 -82.85
N THR E 58 2.99 -125.08 -82.33
CA THR E 58 2.42 -123.76 -82.53
C THR E 58 2.12 -123.13 -81.19
N TYR E 59 2.27 -121.81 -81.08
CA TYR E 59 1.93 -121.09 -79.86
C TYR E 59 0.70 -120.19 -80.10
N CYS E 60 -0.36 -120.33 -79.29
CA CYS E 60 -1.64 -119.63 -79.46
C CYS E 60 -1.42 -118.13 -79.69
N TYR E 61 -1.99 -117.58 -80.76
CA TYR E 61 -1.75 -116.19 -81.15
C TYR E 61 -2.13 -115.20 -80.06
N GLU E 62 -3.00 -115.58 -79.11
CA GLU E 62 -3.36 -114.73 -77.98
C GLU E 62 -2.71 -115.00 -76.61
N CYS E 63 -2.57 -116.26 -76.19
CA CYS E 63 -1.99 -116.59 -74.88
C CYS E 63 -0.62 -117.29 -74.94
N GLU E 64 -0.16 -117.61 -76.13
CA GLU E 64 1.13 -118.24 -76.40
C GLU E 64 1.33 -119.64 -75.79
N GLY E 65 0.29 -120.30 -75.29
CA GLY E 65 0.37 -121.71 -74.89
C GLY E 65 0.55 -122.65 -76.10
N LEU E 66 1.29 -123.75 -75.92
CA LEU E 66 1.60 -124.71 -76.98
C LEU E 66 0.34 -125.46 -77.44
N LEU E 67 -0.07 -125.15 -78.66
CA LEU E 67 -0.92 -125.99 -79.46
C LEU E 67 -0.06 -127.03 -80.15
N TRP E 68 -0.27 -128.26 -79.75
CA TRP E 68 0.39 -129.41 -80.35
C TRP E 68 -0.44 -130.66 -80.07
N GLY E 69 -0.55 -131.52 -81.07
CA GLY E 69 -1.27 -132.80 -80.96
C GLY E 69 -2.75 -132.66 -80.63
N ILE E 70 -3.39 -133.80 -80.38
CA ILE E 70 -4.82 -133.88 -80.03
C ILE E 70 -5.07 -133.26 -78.65
N ALA E 71 -4.19 -133.49 -77.68
CA ALA E 71 -4.36 -133.02 -76.29
C ALA E 71 -4.37 -131.48 -76.15
N ARG E 72 -3.68 -130.79 -77.07
CA ARG E 72 -3.63 -129.33 -77.13
C ARG E 72 -4.05 -128.87 -78.53
N GLN E 73 -5.20 -129.38 -78.98
CA GLN E 73 -5.95 -128.76 -80.08
C GLN E 73 -6.21 -127.30 -79.77
N GLY E 74 -6.27 -126.53 -80.84
CA GLY E 74 -6.80 -125.18 -80.82
C GLY E 74 -7.95 -125.04 -81.79
N MET E 75 -8.19 -123.79 -82.12
CA MET E 75 -9.03 -123.34 -83.20
C MET E 75 -8.16 -122.66 -84.23
N ARG E 76 -8.32 -123.02 -85.50
CA ARG E 76 -7.70 -122.30 -86.61
C ARG E 76 -8.79 -121.62 -87.43
N CYS E 77 -8.70 -120.31 -87.57
CA CYS E 77 -9.59 -119.60 -88.46
C CYS E 77 -9.24 -119.99 -89.88
N THR E 78 -10.18 -120.49 -90.68
CA THR E 78 -9.91 -120.85 -92.08
C THR E 78 -9.39 -119.63 -92.82
N GLU E 79 -10.16 -118.55 -92.83
CA GLU E 79 -9.86 -117.29 -93.53
C GLU E 79 -8.50 -116.75 -93.13
N CYS E 80 -8.28 -116.49 -91.85
CA CYS E 80 -7.04 -115.82 -91.48
C CYS E 80 -5.91 -116.71 -91.04
N GLY E 81 -6.14 -117.99 -90.85
CA GLY E 81 -5.16 -118.91 -90.28
C GLY E 81 -4.54 -118.42 -88.98
N VAL E 82 -5.22 -117.50 -88.26
CA VAL E 82 -4.94 -117.32 -86.85
C VAL E 82 -5.29 -118.58 -86.12
N LYS E 83 -4.44 -118.89 -85.17
CA LYS E 83 -4.55 -120.08 -84.40
C LYS E 83 -4.58 -119.66 -82.95
N CYS E 84 -5.46 -120.25 -82.19
CA CYS E 84 -5.61 -119.91 -80.79
C CYS E 84 -6.20 -121.10 -80.04
N HIS E 85 -6.09 -121.13 -78.72
CA HIS E 85 -6.99 -121.99 -77.95
C HIS E 85 -8.45 -121.59 -78.19
N GLU E 86 -9.37 -122.52 -77.92
CA GLU E 86 -10.80 -122.24 -77.90
C GLU E 86 -11.12 -121.08 -76.93
N LYS E 87 -10.64 -121.17 -75.68
CA LYS E 87 -10.77 -120.10 -74.68
C LYS E 87 -10.22 -118.74 -75.13
N CYS E 88 -9.26 -118.75 -76.04
CA CYS E 88 -8.61 -117.57 -76.59
C CYS E 88 -9.29 -116.99 -77.84
N GLN E 89 -10.16 -117.72 -78.55
CA GLN E 89 -10.70 -117.27 -79.84
C GLN E 89 -11.44 -115.93 -79.77
N ASP E 90 -12.05 -115.65 -78.62
CA ASP E 90 -12.86 -114.44 -78.37
C ASP E 90 -12.03 -113.25 -77.87
N LEU E 91 -10.83 -113.51 -77.32
CA LEU E 91 -9.87 -112.46 -76.99
C LEU E 91 -9.21 -111.87 -78.26
N LEU E 92 -9.26 -112.60 -79.39
CA LEU E 92 -8.80 -112.13 -80.70
C LEU E 92 -9.73 -111.09 -81.34
N ASN E 93 -9.65 -109.84 -80.88
CA ASN E 93 -10.25 -108.71 -81.60
C ASN E 93 -9.49 -108.36 -82.90
N ALA E 94 -8.39 -109.04 -83.21
CA ALA E 94 -7.65 -108.86 -84.44
C ALA E 94 -8.58 -109.10 -85.63
N ASP E 95 -8.58 -108.18 -86.58
CA ASP E 95 -9.44 -108.29 -87.76
C ASP E 95 -9.08 -109.58 -88.52
N CYS E 96 -10.08 -110.41 -88.84
CA CYS E 96 -9.88 -111.60 -89.64
C CYS E 96 -9.18 -111.27 -90.98
N LEU E 97 -9.63 -110.27 -91.73
CA LEU E 97 -9.00 -110.01 -93.03
C LEU E 97 -7.56 -109.52 -92.88
N GLN E 98 -7.27 -108.55 -92.02
CA GLN E 98 -5.87 -108.17 -91.79
C GLN E 98 -5.02 -109.34 -91.27
N ARG E 99 -5.51 -110.09 -90.27
CA ARG E 99 -4.87 -111.34 -89.80
C ARG E 99 -4.62 -112.33 -90.89
N ALA E 100 -5.54 -112.42 -91.83
CA ALA E 100 -5.43 -113.32 -92.95
C ALA E 100 -4.33 -112.83 -93.89
N ALA E 101 -4.25 -111.53 -94.15
CA ALA E 101 -3.22 -110.94 -94.98
C ALA E 101 -1.82 -111.15 -94.38
N GLU E 102 -1.71 -110.93 -93.07
CA GLU E 102 -0.50 -111.18 -92.28
C GLU E 102 -0.08 -112.64 -92.26
N LYS E 103 -0.98 -113.54 -91.87
CA LYS E 103 -0.70 -114.98 -91.86
C LYS E 103 -0.27 -115.44 -93.23
N SER E 104 -1.01 -115.04 -94.25
CA SER E 104 -0.69 -115.42 -95.62
C SER E 104 0.72 -114.94 -95.98
N SER E 105 1.07 -113.70 -95.62
CA SER E 105 2.42 -113.17 -95.75
C SER E 105 3.48 -113.94 -94.96
N LYS E 106 3.28 -114.18 -93.66
CA LYS E 106 4.22 -114.96 -92.82
C LYS E 106 4.36 -116.41 -93.24
N HIS E 107 3.43 -116.95 -94.05
CA HIS E 107 3.51 -118.30 -94.62
C HIS E 107 3.89 -118.30 -96.11
N GLY E 108 4.17 -117.13 -96.70
CA GLY E 108 4.54 -116.99 -98.11
C GLY E 108 3.40 -117.21 -99.12
N ALA E 109 2.15 -117.26 -98.67
CA ALA E 109 0.96 -117.43 -99.52
C ALA E 109 0.52 -116.08 -100.15
N GLU E 110 1.28 -115.59 -101.15
CA GLU E 110 1.09 -114.25 -101.73
C GLU E 110 -0.25 -114.07 -102.44
N ASP E 111 -0.72 -115.06 -103.21
CA ASP E 111 -2.02 -114.99 -103.91
C ASP E 111 -3.17 -114.79 -102.92
N ARG E 112 -3.15 -115.53 -101.82
CA ARG E 112 -4.10 -115.42 -100.71
C ARG E 112 -4.03 -114.01 -100.11
N THR E 113 -2.81 -113.52 -99.85
CA THR E 113 -2.55 -112.16 -99.38
C THR E 113 -3.19 -111.10 -100.28
N GLN E 114 -2.98 -111.21 -101.59
CA GLN E 114 -3.54 -110.29 -102.57
C GLN E 114 -5.07 -110.45 -102.67
N ASN E 115 -5.61 -111.66 -102.64
CA ASN E 115 -7.04 -111.90 -102.59
C ASN E 115 -7.66 -111.20 -101.38
N ILE E 116 -6.99 -111.25 -100.25
CA ILE E 116 -7.44 -110.57 -99.04
C ILE E 116 -7.33 -109.06 -99.18
N ILE E 117 -6.25 -108.57 -99.78
CA ILE E 117 -6.13 -107.16 -100.19
C ILE E 117 -7.28 -106.76 -101.13
N MET E 118 -7.75 -107.64 -102.02
CA MET E 118 -8.92 -107.37 -102.87
C MET E 118 -10.24 -107.36 -102.10
N VAL E 119 -10.44 -108.28 -101.15
CA VAL E 119 -11.62 -108.23 -100.27
C VAL E 119 -11.58 -106.96 -99.41
N LEU E 120 -10.40 -106.55 -98.93
CA LEU E 120 -10.19 -105.28 -98.24
C LEU E 120 -10.51 -104.06 -99.12
N LYS E 121 -10.06 -104.03 -100.38
CA LYS E 121 -10.46 -103.01 -101.38
C LYS E 121 -11.99 -102.96 -101.58
N ASP E 122 -12.61 -104.10 -101.85
CA ASP E 122 -14.06 -104.18 -102.09
C ASP E 122 -14.84 -103.68 -100.86
N ARG E 123 -14.42 -104.05 -99.66
CA ARG E 123 -14.92 -103.50 -98.40
C ARG E 123 -14.82 -101.98 -98.31
N MET E 124 -13.68 -101.39 -98.67
CA MET E 124 -13.51 -99.93 -98.75
C MET E 124 -14.35 -99.24 -99.85
N LYS E 125 -14.50 -99.87 -101.02
CA LYS E 125 -15.38 -99.37 -102.10
C LYS E 125 -16.84 -99.42 -101.69
N ILE E 126 -17.29 -100.56 -101.15
CA ILE E 126 -18.60 -100.74 -100.52
C ILE E 126 -18.83 -99.62 -99.52
N ARG E 127 -17.87 -99.37 -98.64
CA ARG E 127 -17.98 -98.36 -97.59
C ARG E 127 -18.16 -96.94 -98.12
N GLU E 128 -17.34 -96.56 -99.08
CA GLU E 128 -17.45 -95.26 -99.73
C GLU E 128 -18.77 -95.11 -100.49
N ARG E 129 -19.16 -96.15 -101.23
CA ARG E 129 -20.38 -96.16 -102.01
C ARG E 129 -21.62 -96.11 -101.13
N ASN E 130 -21.62 -96.93 -100.08
CA ASN E 130 -22.73 -97.03 -99.13
C ASN E 130 -22.85 -95.76 -98.29
N LYS E 131 -21.73 -95.24 -97.75
CA LYS E 131 -21.74 -94.11 -96.81
C LYS E 131 -20.76 -92.98 -97.20
N PRO E 132 -20.90 -92.38 -98.39
CA PRO E 132 -20.06 -91.26 -98.82
C PRO E 132 -20.18 -90.07 -97.87
N GLU E 133 -21.37 -89.84 -97.30
CA GLU E 133 -21.66 -88.74 -96.39
C GLU E 133 -20.76 -88.76 -95.16
N ILE E 134 -20.22 -89.91 -94.77
CA ILE E 134 -19.24 -89.98 -93.68
C ILE E 134 -17.98 -89.24 -94.08
N PHE E 135 -17.45 -89.59 -95.24
CA PHE E 135 -16.20 -89.05 -95.72
C PHE E 135 -16.34 -87.58 -96.11
N GLU E 136 -17.50 -87.20 -96.65
CA GLU E 136 -17.91 -85.80 -96.81
C GLU E 136 -17.98 -85.08 -95.46
N LEU E 137 -18.63 -85.63 -94.44
CA LEU E 137 -18.71 -84.96 -93.15
C LEU E 137 -17.34 -84.84 -92.48
N ILE E 138 -16.49 -85.85 -92.56
CA ILE E 138 -15.09 -85.74 -92.14
C ILE E 138 -14.45 -84.57 -92.86
N GLN E 139 -14.56 -84.56 -94.18
CA GLN E 139 -14.01 -83.50 -94.98
C GLN E 139 -14.51 -82.12 -94.52
N GLU E 140 -15.80 -81.95 -94.28
CA GLU E 140 -16.32 -80.66 -93.83
C GLU E 140 -15.91 -80.35 -92.39
N VAL E 141 -15.96 -81.32 -91.46
CA VAL E 141 -15.53 -81.16 -90.06
C VAL E 141 -14.09 -80.69 -89.96
N PHE E 142 -13.25 -81.21 -90.86
CA PHE E 142 -11.84 -80.86 -90.94
C PHE E 142 -11.52 -79.82 -92.02
N ALA E 143 -12.56 -79.23 -92.63
CA ALA E 143 -12.51 -78.16 -93.63
C ALA E 143 -11.60 -78.43 -94.85
N VAL E 144 -11.37 -79.71 -95.14
CA VAL E 144 -10.49 -80.13 -96.24
C VAL E 144 -11.20 -79.92 -97.58
N THR E 145 -10.49 -79.68 -98.68
CA THR E 145 -11.13 -79.56 -100.01
C THR E 145 -11.50 -80.93 -100.55
N LYS E 146 -12.52 -80.99 -101.41
CA LYS E 146 -12.99 -82.26 -101.99
C LYS E 146 -11.88 -83.00 -102.72
N SER E 147 -11.00 -82.27 -103.37
CA SER E 147 -9.81 -82.80 -104.05
C SER E 147 -8.80 -83.36 -103.05
N ALA E 148 -8.29 -82.57 -102.10
CA ALA E 148 -7.32 -83.06 -101.12
C ALA E 148 -7.89 -84.19 -100.26
N HIS E 149 -9.20 -84.18 -100.06
CA HIS E 149 -9.95 -85.30 -99.52
C HIS E 149 -9.88 -86.55 -100.39
N THR E 150 -10.19 -86.48 -101.67
CA THR E 150 -10.13 -87.64 -102.58
C THR E 150 -8.71 -88.23 -102.65
N GLN E 151 -7.70 -87.37 -102.64
CA GLN E 151 -6.31 -87.83 -102.72
C GLN E 151 -5.83 -88.44 -101.41
N GLN E 152 -6.11 -87.78 -100.29
CA GLN E 152 -5.88 -88.38 -98.98
C GLN E 152 -6.68 -89.68 -98.83
N MET E 153 -7.87 -89.75 -99.40
CA MET E 153 -8.71 -90.96 -99.37
C MET E 153 -8.04 -92.12 -100.12
N LYS E 154 -7.55 -91.86 -101.34
CA LYS E 154 -6.68 -92.78 -102.07
C LYS E 154 -5.44 -93.18 -101.24
N ALA E 155 -4.80 -92.23 -100.55
CA ALA E 155 -3.66 -92.55 -99.69
C ALA E 155 -4.01 -93.44 -98.49
N VAL E 156 -5.11 -93.17 -97.79
CA VAL E 156 -5.53 -94.01 -96.64
C VAL E 156 -6.04 -95.37 -97.10
N LYS E 157 -6.65 -95.48 -98.28
CA LYS E 157 -6.93 -96.78 -98.89
C LYS E 157 -5.65 -97.58 -99.05
N GLN E 158 -4.60 -96.97 -99.60
CA GLN E 158 -3.32 -97.66 -99.68
C GLN E 158 -2.75 -98.00 -98.29
N SER E 159 -2.80 -97.10 -97.32
CA SER E 159 -2.32 -97.37 -95.96
C SER E 159 -3.00 -98.59 -95.31
N VAL E 160 -4.29 -98.81 -95.57
CA VAL E 160 -5.01 -100.02 -95.14
C VAL E 160 -4.56 -101.28 -95.92
N LEU E 161 -4.18 -101.13 -97.19
CA LEU E 161 -3.73 -102.22 -98.07
C LEU E 161 -2.22 -102.50 -98.00
N ASP E 162 -1.45 -101.63 -97.34
CA ASP E 162 -0.17 -101.98 -96.72
C ASP E 162 -0.29 -103.13 -95.71
N GLY E 163 -1.54 -103.49 -95.38
CA GLY E 163 -1.94 -104.53 -94.46
C GLY E 163 -1.23 -104.30 -93.14
N THR E 164 -0.32 -105.20 -92.82
CA THR E 164 0.78 -104.82 -91.94
C THR E 164 2.15 -105.22 -92.48
N SER E 165 2.22 -105.75 -93.71
CA SER E 165 3.50 -106.01 -94.36
C SER E 165 4.31 -104.74 -94.54
N LYS E 166 3.66 -103.61 -94.83
CA LYS E 166 4.25 -102.27 -94.79
C LYS E 166 3.63 -101.44 -93.66
N TRP E 167 3.64 -102.04 -92.48
CA TRP E 167 3.58 -101.34 -91.21
C TRP E 167 4.64 -101.95 -90.28
N SER E 168 5.44 -101.12 -89.63
CA SER E 168 6.37 -101.57 -88.60
C SER E 168 6.51 -100.48 -87.55
N ALA E 169 6.88 -100.87 -86.34
CA ALA E 169 7.06 -99.96 -85.24
C ALA E 169 8.12 -100.43 -84.24
N LYS E 170 8.77 -99.47 -83.60
CA LYS E 170 9.39 -99.66 -82.29
C LYS E 170 8.38 -99.25 -81.21
N ILE E 171 8.34 -100.03 -80.14
CA ILE E 171 7.42 -99.85 -79.01
C ILE E 171 8.28 -99.79 -77.74
N SER E 172 8.08 -98.77 -76.91
CA SER E 172 8.73 -98.59 -75.62
C SER E 172 7.70 -98.59 -74.48
N ILE E 173 7.51 -99.76 -73.90
CA ILE E 173 6.45 -100.03 -72.92
C ILE E 173 7.03 -99.86 -71.54
N THR E 174 6.79 -98.70 -70.95
CA THR E 174 6.94 -98.51 -69.52
C THR E 174 5.70 -99.01 -68.78
N VAL E 175 5.84 -100.13 -68.10
CA VAL E 175 4.87 -100.61 -67.12
C VAL E 175 4.97 -99.74 -65.87
N VAL E 176 4.04 -98.80 -65.68
CA VAL E 176 4.14 -97.78 -64.61
C VAL E 176 3.72 -98.39 -63.27
N CYS E 177 2.46 -98.77 -63.14
CA CYS E 177 1.88 -99.27 -61.88
C CYS E 177 0.62 -100.07 -62.16
N ALA E 178 0.16 -100.85 -61.19
CA ALA E 178 -1.21 -101.25 -61.12
C ALA E 178 -1.83 -100.72 -59.84
N GLN E 179 -3.15 -100.59 -59.86
CA GLN E 179 -3.98 -100.22 -58.74
C GLN E 179 -5.02 -101.32 -58.55
N GLY E 180 -5.39 -101.65 -57.32
CA GLY E 180 -6.58 -102.44 -57.04
C GLY E 180 -6.54 -103.91 -57.43
N LEU E 181 -5.37 -104.49 -57.58
CA LEU E 181 -5.22 -105.89 -57.92
C LEU E 181 -5.92 -106.81 -56.94
N GLN E 182 -6.27 -107.98 -57.42
CA GLN E 182 -6.84 -109.03 -56.57
C GLN E 182 -5.78 -109.60 -55.61
N ALA E 183 -6.22 -110.19 -54.49
CA ALA E 183 -5.40 -110.99 -53.58
C ALA E 183 -5.50 -112.50 -53.84
N LYS E 184 -4.37 -113.20 -54.00
CA LYS E 184 -4.29 -114.66 -54.30
C LYS E 184 -3.41 -115.45 -53.30
N ASP E 185 -2.61 -114.80 -52.46
CA ASP E 185 -1.76 -115.47 -51.45
C ASP E 185 -2.49 -115.93 -50.18
N LYS E 186 -1.88 -116.88 -49.43
CA LYS E 186 -2.29 -117.25 -48.05
C LYS E 186 -2.33 -116.04 -47.11
N THR E 187 -1.53 -115.01 -47.43
CA THR E 187 -1.48 -113.73 -46.72
C THR E 187 -2.69 -112.83 -47.00
N GLY E 188 -3.54 -113.11 -47.99
CA GLY E 188 -4.63 -112.22 -48.39
C GLY E 188 -4.17 -110.99 -49.19
N SER E 189 -2.98 -111.06 -49.78
CA SER E 189 -2.44 -110.09 -50.74
C SER E 189 -1.94 -110.84 -51.98
N SER E 190 -1.02 -110.26 -52.74
CA SER E 190 -0.31 -110.88 -53.87
C SER E 190 1.09 -110.30 -54.05
N ASP E 191 1.92 -111.03 -54.76
CA ASP E 191 3.23 -110.61 -55.25
C ASP E 191 3.17 -110.36 -56.77
N PRO E 192 2.51 -109.28 -57.22
CA PRO E 192 2.35 -109.02 -58.63
C PRO E 192 3.66 -108.73 -59.38
N TYR E 193 3.77 -109.34 -60.55
CA TYR E 193 4.65 -108.92 -61.64
C TYR E 193 3.88 -108.93 -62.95
N VAL E 194 4.46 -108.30 -63.96
CA VAL E 194 3.86 -108.17 -65.27
C VAL E 194 4.70 -108.96 -66.26
N THR E 195 4.12 -109.81 -67.10
CA THR E 195 4.78 -110.16 -68.37
C THR E 195 4.20 -109.30 -69.47
N VAL E 196 5.08 -108.71 -70.26
CA VAL E 196 4.73 -108.02 -71.49
C VAL E 196 5.17 -108.90 -72.64
N GLN E 197 4.24 -109.28 -73.49
CA GLN E 197 4.55 -110.02 -74.70
C GLN E 197 4.08 -109.25 -75.92
N VAL E 198 4.96 -109.19 -76.90
CA VAL E 198 4.68 -108.60 -78.19
C VAL E 198 5.15 -109.57 -79.25
N GLY E 199 4.22 -110.34 -79.81
CA GLY E 199 4.54 -111.42 -80.73
C GLY E 199 5.61 -112.36 -80.17
N LYS E 200 6.69 -112.52 -80.93
CA LYS E 200 7.82 -113.43 -80.70
C LYS E 200 8.53 -113.25 -79.35
N THR E 201 8.47 -112.06 -78.76
CA THR E 201 9.26 -111.69 -77.58
C THR E 201 8.38 -111.55 -76.35
N LYS E 202 8.74 -112.24 -75.27
CA LYS E 202 8.18 -112.09 -73.92
C LYS E 202 9.24 -111.53 -72.97
N LYS E 203 8.90 -110.47 -72.24
CA LYS E 203 9.70 -109.87 -71.16
C LYS E 203 8.86 -109.79 -69.90
N ARG E 204 9.49 -109.68 -68.75
CA ARG E 204 8.78 -109.51 -67.47
C ARG E 204 9.35 -108.40 -66.59
N THR E 205 8.45 -107.69 -65.90
CA THR E 205 8.85 -106.84 -64.80
C THR E 205 9.39 -107.69 -63.67
N LYS E 206 10.18 -107.04 -62.84
CA LYS E 206 10.44 -107.45 -61.48
C LYS E 206 9.12 -107.54 -60.71
N THR E 207 9.12 -108.37 -59.68
CA THR E 207 7.96 -108.62 -58.85
C THR E 207 7.87 -107.58 -57.75
N ILE E 208 6.68 -107.11 -57.47
CA ILE E 208 6.43 -106.29 -56.29
C ILE E 208 5.67 -107.18 -55.32
N TYR E 209 6.17 -107.30 -54.10
CA TYR E 209 5.70 -108.27 -53.13
C TYR E 209 4.65 -107.64 -52.21
N GLY E 210 3.62 -108.40 -51.87
CA GLY E 210 2.59 -108.06 -50.88
C GLY E 210 1.74 -106.81 -51.16
N ASN E 211 1.75 -106.29 -52.38
CA ASN E 211 1.14 -105.01 -52.72
C ASN E 211 0.08 -105.14 -53.81
N LEU E 212 -1.17 -104.75 -53.53
CA LEU E 212 -2.25 -104.73 -54.53
C LEU E 212 -2.26 -103.49 -55.44
N ASN E 213 -1.40 -102.51 -55.16
CA ASN E 213 -1.21 -101.28 -55.92
C ASN E 213 0.25 -101.10 -56.36
N PRO E 214 0.86 -102.11 -57.00
CA PRO E 214 2.30 -102.12 -57.22
C PRO E 214 2.72 -101.00 -58.17
N VAL E 215 3.90 -100.44 -57.95
CA VAL E 215 4.56 -99.51 -58.89
C VAL E 215 5.81 -100.21 -59.43
N TRP E 216 5.90 -100.44 -60.73
CA TRP E 216 7.07 -101.04 -61.37
C TRP E 216 7.97 -99.96 -61.96
N GLU E 217 7.37 -99.06 -62.76
CA GLU E 217 8.08 -98.07 -63.56
C GLU E 217 9.18 -98.71 -64.42
N GLU E 218 8.87 -99.84 -65.07
CA GLU E 218 9.84 -100.66 -65.83
C GLU E 218 9.58 -100.62 -67.34
N ASN E 219 10.62 -100.29 -68.11
CA ASN E 219 10.54 -100.10 -69.56
C ASN E 219 11.11 -101.28 -70.35
N PHE E 220 10.32 -101.76 -71.30
CA PHE E 220 10.70 -102.77 -72.25
C PHE E 220 10.63 -102.21 -73.65
N HIS E 221 11.59 -102.60 -74.47
CA HIS E 221 11.57 -102.29 -75.89
C HIS E 221 11.15 -103.52 -76.71
N PHE E 222 10.29 -103.30 -77.70
CA PHE E 222 9.78 -104.31 -78.61
C PHE E 222 9.73 -103.79 -80.03
N GLU E 223 9.93 -104.70 -80.98
CA GLU E 223 9.84 -104.44 -82.41
C GLU E 223 8.58 -105.15 -82.88
N CYS E 224 7.68 -104.40 -83.48
CA CYS E 224 6.42 -104.93 -83.97
C CYS E 224 6.31 -104.73 -85.46
N HIS E 225 6.10 -105.83 -86.17
CA HIS E 225 6.06 -105.89 -87.63
C HIS E 225 4.60 -106.05 -88.14
N ASN E 226 3.63 -105.84 -87.24
CA ASN E 226 2.25 -106.20 -87.45
C ASN E 226 1.31 -105.42 -86.50
N SER E 227 0.54 -104.44 -87.00
CA SER E 227 -0.40 -103.69 -86.15
C SER E 227 -1.60 -104.53 -85.61
N SER E 228 -1.82 -105.73 -86.16
CA SER E 228 -2.71 -106.77 -85.62
C SER E 228 -1.98 -107.76 -84.69
N ASP E 229 -0.74 -107.48 -84.32
CA ASP E 229 -0.24 -107.99 -83.06
C ASP E 229 -0.92 -107.25 -81.92
N ARG E 230 -0.80 -107.85 -80.74
CA ARG E 230 -1.40 -107.37 -79.53
C ARG E 230 -0.37 -107.41 -78.44
N ILE E 231 -0.29 -106.35 -77.65
CA ILE E 231 0.60 -106.30 -76.50
C ILE E 231 -0.15 -106.94 -75.36
N LYS E 232 0.27 -108.14 -75.00
CA LYS E 232 -0.38 -108.89 -73.92
C LYS E 232 0.34 -108.55 -72.65
N VAL E 233 -0.23 -107.61 -71.92
CA VAL E 233 0.27 -107.23 -70.61
C VAL E 233 -0.47 -108.03 -69.55
N ARG E 234 0.17 -109.08 -69.03
CA ARG E 234 -0.45 -110.00 -68.06
C ARG E 234 0.16 -109.76 -66.71
N VAL E 235 -0.67 -109.58 -65.71
CA VAL E 235 -0.27 -109.39 -64.32
C VAL E 235 -0.47 -110.71 -63.61
N TRP E 236 0.55 -111.13 -62.88
CA TRP E 236 0.67 -112.45 -62.30
C TRP E 236 1.16 -112.36 -60.87
N ASP E 237 0.65 -113.22 -60.03
CA ASP E 237 1.17 -113.40 -58.69
C ASP E 237 2.34 -114.40 -58.68
N GLU E 238 3.53 -113.97 -58.29
CA GLU E 238 4.73 -114.81 -58.39
C GLU E 238 4.78 -115.95 -57.37
N ASP E 239 4.06 -117.02 -57.63
CA ASP E 239 4.15 -118.22 -56.81
C ASP E 239 5.42 -119.03 -57.16
N ASP E 240 6.46 -118.94 -56.34
CA ASP E 240 7.66 -119.81 -56.42
C ASP E 240 7.51 -121.11 -55.60
N ASP E 241 6.35 -121.31 -54.96
CA ASP E 241 6.10 -122.39 -53.99
C ASP E 241 5.88 -123.77 -54.63
N ILE E 242 5.76 -124.81 -53.81
CA ILE E 242 5.48 -126.16 -54.28
C ILE E 242 4.16 -126.22 -55.08
N LYS E 243 3.08 -125.56 -54.61
CA LYS E 243 1.78 -125.57 -55.33
C LYS E 243 1.91 -125.03 -56.76
N SER E 244 2.75 -124.04 -56.97
CA SER E 244 3.01 -123.56 -58.32
C SER E 244 3.75 -124.54 -59.20
N ARG E 245 4.81 -125.14 -58.66
CA ARG E 245 5.56 -126.18 -59.34
C ARG E 245 4.66 -127.37 -59.69
N VAL E 246 3.62 -127.67 -58.90
CA VAL E 246 2.56 -128.65 -59.24
C VAL E 246 1.65 -128.13 -60.36
N LYS E 247 1.04 -126.95 -60.18
CA LYS E 247 0.12 -126.37 -61.18
C LYS E 247 0.76 -126.23 -62.57
N GLN E 248 2.06 -125.94 -62.65
CA GLN E 248 2.82 -125.80 -63.90
C GLN E 248 2.66 -126.99 -64.86
N ARG E 249 2.46 -128.20 -64.34
CA ARG E 249 2.31 -129.40 -65.18
C ARG E 249 0.97 -129.39 -65.94
N PHE E 250 -0.08 -128.86 -65.34
CA PHE E 250 -1.44 -128.91 -65.88
C PHE E 250 -1.81 -127.64 -66.67
N LYS E 251 -1.42 -126.47 -66.16
CA LYS E 251 -1.75 -125.16 -66.75
C LYS E 251 -0.52 -124.28 -66.93
N ARG E 252 -0.53 -123.50 -68.02
CA ARG E 252 0.61 -122.69 -68.50
C ARG E 252 0.79 -121.35 -67.77
N GLU E 253 -0.10 -121.02 -66.85
CA GLU E 253 -0.10 -119.74 -66.14
C GLU E 253 -0.08 -119.97 -64.63
N SER E 254 1.05 -120.51 -64.19
CA SER E 254 1.27 -120.87 -62.81
C SER E 254 1.26 -119.70 -61.83
N ASP E 255 1.69 -118.55 -62.30
CA ASP E 255 1.89 -117.39 -61.48
C ASP E 255 0.54 -116.69 -61.36
N ASP E 256 -0.17 -116.99 -60.26
CA ASP E 256 -1.63 -116.97 -60.20
C ASP E 256 -2.22 -115.67 -60.76
N PHE E 257 -2.97 -115.81 -61.85
CA PHE E 257 -3.24 -114.69 -62.74
C PHE E 257 -4.09 -113.62 -62.07
N LEU E 258 -3.57 -112.40 -62.08
CA LEU E 258 -4.18 -111.24 -61.42
C LEU E 258 -4.99 -110.39 -62.37
N GLY E 259 -4.87 -110.61 -63.68
CA GLY E 259 -5.51 -109.79 -64.69
C GLY E 259 -4.62 -109.48 -65.87
N GLN E 260 -5.20 -109.04 -66.97
CA GLN E 260 -4.46 -108.68 -68.18
C GLN E 260 -4.99 -107.40 -68.80
N THR E 261 -4.20 -106.78 -69.67
CA THR E 261 -4.73 -105.96 -70.76
C THR E 261 -4.08 -106.33 -72.10
N ILE E 262 -4.90 -106.44 -73.13
CA ILE E 262 -4.51 -106.90 -74.48
C ILE E 262 -4.66 -105.72 -75.41
N ILE E 263 -3.58 -104.96 -75.54
CA ILE E 263 -3.65 -103.70 -76.25
C ILE E 263 -3.42 -104.01 -77.72
N GLU E 264 -4.41 -103.76 -78.57
CA GLU E 264 -4.23 -103.96 -80.02
C GLU E 264 -3.26 -102.92 -80.56
N VAL E 265 -2.27 -103.32 -81.36
CA VAL E 265 -1.20 -102.38 -81.73
C VAL E 265 -1.71 -101.22 -82.62
N ARG E 266 -2.80 -101.41 -83.37
CA ARG E 266 -3.54 -100.31 -84.03
C ARG E 266 -4.10 -99.23 -83.08
N THR E 267 -4.30 -99.52 -81.79
CA THR E 267 -4.72 -98.55 -80.75
C THR E 267 -3.54 -97.86 -80.07
N LEU E 268 -2.34 -98.00 -80.63
CA LEU E 268 -1.17 -97.29 -80.17
C LEU E 268 -0.78 -96.17 -81.13
N SER E 269 -0.45 -95.02 -80.55
CA SER E 269 -0.08 -93.85 -81.32
C SER E 269 0.75 -92.92 -80.46
N GLY E 270 2.00 -92.70 -80.85
CA GLY E 270 2.85 -91.75 -80.16
C GLY E 270 3.14 -92.17 -78.72
N GLU E 271 3.33 -91.16 -77.88
CA GLU E 271 3.58 -91.31 -76.46
C GLU E 271 2.28 -91.39 -75.63
N MET E 272 1.73 -92.59 -75.46
CA MET E 272 0.55 -92.84 -74.64
C MET E 272 0.87 -93.02 -73.15
N ASP E 273 -0.06 -92.65 -72.28
CA ASP E 273 0.00 -92.81 -70.81
C ASP E 273 -1.39 -93.22 -70.29
N VAL E 274 -1.66 -94.53 -70.22
CA VAL E 274 -3.02 -95.08 -70.15
C VAL E 274 -3.20 -96.09 -69.00
N TRP E 275 -4.22 -95.86 -68.19
CA TRP E 275 -4.84 -96.83 -67.28
C TRP E 275 -5.73 -97.80 -68.05
N TYR E 276 -5.33 -99.06 -68.07
CA TYR E 276 -6.12 -100.15 -68.60
C TYR E 276 -6.73 -100.94 -67.45
N ASN E 277 -8.05 -100.98 -67.37
CA ASN E 277 -8.73 -101.93 -66.48
C ASN E 277 -8.28 -103.35 -66.81
N LEU E 278 -8.06 -104.18 -65.79
CA LEU E 278 -7.63 -105.54 -66.01
C LEU E 278 -8.82 -106.48 -66.29
N ASP E 279 -8.65 -107.35 -67.27
CA ASP E 279 -9.64 -108.30 -67.78
C ASP E 279 -9.35 -109.74 -67.31
N LYS E 280 -10.41 -110.57 -67.27
CA LYS E 280 -10.33 -111.99 -66.94
C LYS E 280 -9.85 -112.76 -68.17
N ARG E 281 -8.79 -113.55 -68.00
CA ARG E 281 -8.36 -114.50 -69.03
C ARG E 281 -9.22 -115.77 -69.06
N THR E 282 -9.50 -116.35 -67.89
CA THR E 282 -10.25 -117.62 -67.74
C THR E 282 -11.35 -117.47 -66.69
N ASP E 283 -12.30 -118.38 -66.69
CA ASP E 283 -13.43 -118.34 -65.76
C ASP E 283 -13.01 -118.53 -64.29
N LYS E 284 -11.92 -119.25 -64.04
CA LYS E 284 -11.32 -119.37 -62.70
C LYS E 284 -10.56 -118.12 -62.27
N SER E 285 -10.32 -117.19 -63.19
CA SER E 285 -9.67 -115.93 -62.85
C SER E 285 -10.64 -115.06 -62.05
N ALA E 286 -10.25 -114.70 -60.84
CA ALA E 286 -10.78 -113.51 -60.20
C ALA E 286 -9.83 -112.33 -60.53
N VAL E 287 -10.37 -111.25 -61.10
CA VAL E 287 -9.60 -110.08 -61.57
C VAL E 287 -10.24 -108.77 -61.15
N SER E 288 -9.40 -107.85 -60.74
CA SER E 288 -9.76 -106.51 -60.32
C SER E 288 -8.59 -105.56 -60.53
N GLY E 289 -8.91 -104.27 -60.56
CA GLY E 289 -7.91 -103.23 -60.70
C GLY E 289 -7.62 -102.84 -62.15
N ALA E 290 -6.57 -102.05 -62.28
CA ALA E 290 -6.12 -101.45 -63.51
C ALA E 290 -4.59 -101.40 -63.53
N ILE E 291 -4.02 -101.33 -64.72
CA ILE E 291 -2.59 -101.15 -64.92
C ILE E 291 -2.34 -99.88 -65.76
N ARG E 292 -1.57 -98.94 -65.21
CA ARG E 292 -1.07 -97.76 -65.92
C ARG E 292 0.14 -98.13 -66.75
N LEU E 293 0.03 -97.94 -68.05
CA LEU E 293 1.08 -98.21 -69.00
C LEU E 293 1.40 -96.95 -69.77
N HIS E 294 2.67 -96.58 -69.75
CA HIS E 294 3.18 -95.54 -70.61
C HIS E 294 3.84 -96.22 -71.80
N ILE E 295 3.28 -96.00 -72.98
CA ILE E 295 3.69 -96.67 -74.20
C ILE E 295 4.07 -95.62 -75.23
N SER E 296 5.35 -95.54 -75.58
CA SER E 296 5.78 -94.77 -76.76
C SER E 296 5.85 -95.68 -77.97
N VAL E 297 5.18 -95.30 -79.05
CA VAL E 297 5.17 -96.07 -80.30
C VAL E 297 5.66 -95.23 -81.47
N GLU E 298 6.72 -95.71 -82.12
CA GLU E 298 7.35 -95.12 -83.30
C GLU E 298 6.97 -95.89 -84.56
N ILE E 299 5.74 -95.67 -85.04
CA ILE E 299 5.19 -96.30 -86.27
C ILE E 299 5.85 -95.71 -87.52
N LYS E 300 6.31 -96.56 -88.43
CA LYS E 300 6.79 -96.17 -89.76
C LYS E 300 5.71 -95.42 -90.56
N GLY E 301 6.06 -94.22 -91.03
CA GLY E 301 5.16 -93.31 -91.73
C GLY E 301 4.17 -92.57 -90.84
N GLU E 302 4.25 -92.72 -89.52
CA GLU E 302 3.44 -92.01 -88.54
C GLU E 302 4.25 -91.61 -87.29
N GLU E 303 5.40 -90.98 -87.51
CA GLU E 303 6.28 -90.53 -86.42
C GLU E 303 5.71 -89.34 -85.66
N LYS E 304 5.98 -89.29 -84.35
CA LYS E 304 5.62 -88.18 -83.44
C LYS E 304 4.13 -87.83 -83.40
N VAL E 305 3.27 -88.77 -83.76
CA VAL E 305 1.82 -88.62 -83.69
C VAL E 305 1.28 -88.49 -82.26
N ALA E 306 0.11 -87.88 -82.08
CA ALA E 306 -0.52 -87.78 -80.76
C ALA E 306 -1.27 -89.07 -80.37
N PRO E 307 -1.42 -89.37 -79.07
CA PRO E 307 -2.25 -90.47 -78.57
C PRO E 307 -3.69 -90.39 -79.03
N TYR E 308 -4.29 -91.55 -79.25
CA TYR E 308 -5.64 -91.63 -79.79
C TYR E 308 -6.72 -91.03 -78.90
N HIS E 309 -6.49 -90.93 -77.60
CA HIS E 309 -7.32 -90.16 -76.70
C HIS E 309 -7.34 -88.68 -77.08
N VAL E 310 -6.17 -88.09 -77.28
CA VAL E 310 -5.99 -86.69 -77.70
C VAL E 310 -6.53 -86.46 -79.11
N GLN E 311 -6.28 -87.41 -80.00
CA GLN E 311 -6.86 -87.40 -81.32
C GLN E 311 -8.38 -87.48 -81.28
N TYR E 312 -8.93 -88.36 -80.46
CA TYR E 312 -10.36 -88.49 -80.30
C TYR E 312 -10.95 -87.22 -79.74
N THR E 313 -10.31 -86.63 -78.73
CA THR E 313 -10.72 -85.35 -78.19
C THR E 313 -10.76 -84.29 -79.28
N CYS E 314 -9.69 -84.18 -80.05
CA CYS E 314 -9.64 -83.28 -81.19
C CYS E 314 -10.74 -83.56 -82.22
N LEU E 315 -10.96 -84.83 -82.59
CA LEU E 315 -12.05 -85.23 -83.47
C LEU E 315 -13.40 -84.79 -82.92
N HIS E 316 -13.68 -85.14 -81.67
CA HIS E 316 -14.94 -84.88 -81.01
C HIS E 316 -15.18 -83.40 -80.85
N GLU E 317 -14.16 -82.64 -80.50
CA GLU E 317 -14.21 -81.19 -80.40
C GLU E 317 -14.48 -80.55 -81.76
N ASN E 318 -13.75 -80.96 -82.80
CA ASN E 318 -13.98 -80.41 -84.13
C ASN E 318 -15.34 -80.80 -84.66
N LEU E 319 -15.72 -82.05 -84.47
CA LEU E 319 -17.01 -82.53 -84.89
C LEU E 319 -18.12 -81.81 -84.14
N PHE E 320 -17.98 -81.64 -82.83
CA PHE E 320 -18.90 -80.86 -82.02
C PHE E 320 -18.99 -79.42 -82.50
N HIS E 321 -17.87 -78.72 -82.63
CA HIS E 321 -17.86 -77.33 -83.07
C HIS E 321 -18.41 -77.23 -84.51
N PHE E 322 -18.17 -78.23 -85.35
CA PHE E 322 -18.75 -78.29 -86.66
C PHE E 322 -20.26 -78.47 -86.56
N VAL E 323 -20.74 -79.48 -85.85
CA VAL E 323 -22.17 -79.71 -85.75
C VAL E 323 -22.86 -78.53 -85.11
N THR E 324 -22.39 -78.11 -83.95
CA THR E 324 -23.03 -77.05 -83.18
C THR E 324 -22.87 -75.71 -83.88
N ASP E 325 -21.65 -75.23 -84.06
CA ASP E 325 -21.41 -73.89 -84.59
C ASP E 325 -21.60 -73.83 -86.10
N VAL E 326 -21.06 -74.79 -86.85
CA VAL E 326 -21.03 -74.68 -88.32
C VAL E 326 -22.33 -75.17 -88.96
N GLN E 327 -22.82 -76.37 -88.63
CA GLN E 327 -24.08 -76.88 -89.16
C GLN E 327 -25.29 -76.16 -88.51
N ASN E 328 -25.26 -75.95 -87.18
CA ASN E 328 -26.42 -75.49 -86.40
C ASN E 328 -26.28 -74.04 -85.88
N ASN E 329 -25.36 -73.24 -86.44
CA ASN E 329 -25.21 -71.80 -86.15
C ASN E 329 -24.99 -71.46 -84.66
N GLY E 330 -24.55 -72.46 -83.88
CA GLY E 330 -24.37 -72.40 -82.43
C GLY E 330 -25.29 -73.35 -81.66
N VAL E 331 -26.46 -73.68 -82.19
CA VAL E 331 -27.45 -74.49 -81.48
C VAL E 331 -26.89 -75.89 -81.28
N VAL E 332 -26.91 -76.37 -80.04
CA VAL E 332 -26.55 -77.76 -79.74
C VAL E 332 -27.73 -78.66 -80.06
N LYS E 333 -27.68 -79.32 -81.23
CA LYS E 333 -28.64 -80.36 -81.57
C LYS E 333 -28.47 -81.55 -80.64
N ILE E 334 -29.37 -81.67 -79.68
CA ILE E 334 -29.44 -82.82 -78.79
C ILE E 334 -29.85 -84.02 -79.66
N PRO E 335 -29.09 -85.13 -79.66
CA PRO E 335 -29.49 -86.33 -80.38
C PRO E 335 -30.71 -87.00 -79.76
N ASP E 336 -31.58 -87.56 -80.59
CA ASP E 336 -32.59 -88.52 -80.16
C ASP E 336 -31.87 -89.82 -79.72
N ALA E 337 -31.82 -90.07 -78.42
CA ALA E 337 -31.17 -91.24 -77.83
C ALA E 337 -31.87 -91.62 -76.51
N LYS E 338 -32.03 -92.92 -76.28
CA LYS E 338 -32.77 -93.48 -75.14
C LYS E 338 -32.04 -94.70 -74.57
N GLY E 339 -32.40 -95.09 -73.35
CA GLY E 339 -31.81 -96.21 -72.63
C GLY E 339 -30.47 -95.89 -71.98
N ASP E 340 -29.91 -96.87 -71.27
CA ASP E 340 -28.67 -96.72 -70.49
C ASP E 340 -27.42 -96.46 -71.36
N ASP E 341 -27.54 -96.55 -72.68
CA ASP E 341 -26.52 -96.16 -73.65
C ASP E 341 -26.80 -94.79 -74.33
N ALA E 342 -27.85 -94.04 -73.96
CA ALA E 342 -28.16 -92.74 -74.56
C ALA E 342 -27.04 -91.70 -74.40
N TRP E 343 -26.40 -91.69 -73.23
CA TRP E 343 -25.23 -90.86 -72.89
C TRP E 343 -23.99 -91.17 -73.76
N LYS E 344 -24.03 -92.27 -74.52
CA LYS E 344 -23.03 -92.65 -75.52
C LYS E 344 -23.37 -92.17 -76.93
N VAL E 345 -24.54 -91.56 -77.11
CA VAL E 345 -24.94 -90.95 -78.37
C VAL E 345 -24.86 -89.44 -78.22
N TYR E 346 -24.07 -88.82 -79.08
CA TYR E 346 -23.68 -87.42 -79.00
C TYR E 346 -24.19 -86.61 -80.22
N TYR E 347 -24.52 -87.30 -81.31
CA TYR E 347 -24.81 -86.73 -82.63
C TYR E 347 -25.85 -87.54 -83.42
N ASP E 348 -26.25 -87.03 -84.59
CA ASP E 348 -26.86 -87.86 -85.64
C ASP E 348 -25.93 -89.00 -86.07
N GLU E 349 -26.55 -90.04 -86.63
CA GLU E 349 -25.95 -91.31 -87.07
C GLU E 349 -24.56 -91.18 -87.71
N THR E 350 -24.40 -90.26 -88.65
CA THR E 350 -23.17 -90.18 -89.42
C THR E 350 -22.03 -89.70 -88.53
N ALA E 351 -22.27 -88.60 -87.83
CA ALA E 351 -21.35 -88.04 -86.86
C ALA E 351 -21.08 -88.97 -85.68
N GLN E 352 -22.10 -89.72 -85.27
CA GLN E 352 -21.96 -90.74 -84.25
C GLN E 352 -21.05 -91.87 -84.74
N GLU E 353 -21.25 -92.37 -85.96
CA GLU E 353 -20.44 -93.42 -86.52
C GLU E 353 -18.97 -92.99 -86.65
N ILE E 354 -18.72 -91.72 -86.95
CA ILE E 354 -17.37 -91.18 -87.00
C ILE E 354 -16.64 -91.35 -85.68
N VAL E 355 -17.22 -90.82 -84.61
CA VAL E 355 -16.58 -90.92 -83.31
C VAL E 355 -16.53 -92.35 -82.82
N ASP E 356 -17.58 -93.14 -82.98
CA ASP E 356 -17.60 -94.52 -82.54
C ASP E 356 -16.59 -95.37 -83.30
N GLU E 357 -16.48 -95.27 -84.62
CA GLU E 357 -15.47 -96.04 -85.35
C GLU E 357 -14.07 -95.57 -85.06
N PHE E 358 -13.87 -94.26 -84.92
CA PHE E 358 -12.59 -93.77 -84.43
C PHE E 358 -12.26 -94.36 -83.06
N ALA E 359 -13.19 -94.28 -82.12
CA ALA E 359 -13.01 -94.74 -80.76
C ALA E 359 -12.80 -96.25 -80.68
N MET E 360 -13.65 -97.04 -81.34
CA MET E 360 -13.55 -98.51 -81.37
C MET E 360 -12.29 -98.98 -82.08
N ARG E 361 -11.90 -98.36 -83.21
CA ARG E 361 -10.66 -98.70 -83.90
C ARG E 361 -9.42 -98.35 -83.08
N TYR E 362 -9.48 -97.26 -82.33
CA TYR E 362 -8.33 -96.71 -81.62
C TYR E 362 -8.38 -96.85 -80.09
N GLY E 363 -9.24 -97.74 -79.57
CA GLY E 363 -9.26 -98.21 -78.17
C GLY E 363 -9.72 -97.18 -77.14
N VAL E 364 -10.36 -96.10 -77.58
CA VAL E 364 -10.83 -95.03 -76.71
C VAL E 364 -12.09 -95.46 -76.00
N GLU E 365 -11.99 -95.63 -74.68
CA GLU E 365 -13.07 -96.16 -73.89
C GLU E 365 -14.26 -95.20 -73.85
N SER E 366 -15.47 -95.75 -73.78
CA SER E 366 -16.73 -95.01 -73.77
C SER E 366 -16.79 -93.91 -72.71
N ILE E 367 -16.26 -94.15 -71.51
CA ILE E 367 -16.24 -93.14 -70.46
C ILE E 367 -15.37 -91.94 -70.81
N TYR E 368 -14.26 -92.14 -71.53
CA TYR E 368 -13.45 -91.05 -72.04
C TYR E 368 -14.21 -90.18 -73.04
N GLN E 369 -14.89 -90.86 -73.97
CA GLN E 369 -15.76 -90.21 -74.96
C GLN E 369 -16.81 -89.33 -74.28
N ALA E 370 -17.44 -89.86 -73.23
CA ALA E 370 -18.47 -89.17 -72.47
C ALA E 370 -17.94 -87.97 -71.70
N MET E 371 -16.83 -88.14 -70.98
CA MET E 371 -16.21 -87.05 -70.25
C MET E 371 -15.73 -85.94 -71.19
N THR E 372 -15.25 -86.33 -72.37
CA THR E 372 -14.97 -85.41 -73.47
C THR E 372 -16.22 -84.68 -73.94
N HIS E 373 -17.29 -85.39 -74.27
CA HIS E 373 -18.49 -84.74 -74.76
C HIS E 373 -19.13 -83.86 -73.69
N PHE E 374 -19.08 -84.27 -72.44
CA PHE E 374 -19.48 -83.47 -71.30
C PHE E 374 -18.66 -82.17 -71.25
N ALA E 375 -17.35 -82.26 -71.46
CA ALA E 375 -16.50 -81.08 -71.60
C ALA E 375 -16.93 -80.18 -72.76
N CYS E 376 -17.26 -80.73 -73.92
CA CYS E 376 -17.86 -79.94 -75.00
C CYS E 376 -19.15 -79.26 -74.52
N LEU E 377 -20.12 -80.04 -74.01
CA LEU E 377 -21.42 -79.52 -73.57
C LEU E 377 -21.28 -78.46 -72.48
N SER E 378 -20.26 -78.56 -71.63
CA SER E 378 -20.03 -77.62 -70.56
C SER E 378 -19.77 -76.20 -71.05
N SER E 379 -19.27 -76.05 -72.28
CA SER E 379 -19.14 -74.72 -72.87
C SER E 379 -20.52 -74.19 -73.28
N LYS E 380 -21.38 -75.05 -73.85
CA LYS E 380 -22.71 -74.70 -74.36
C LYS E 380 -23.82 -74.96 -73.36
N TYR E 381 -23.50 -75.00 -72.07
CA TYR E 381 -24.46 -75.37 -71.05
C TYR E 381 -25.66 -74.42 -70.99
N MET E 382 -25.53 -73.14 -71.37
CA MET E 382 -26.67 -72.22 -71.41
C MET E 382 -27.73 -72.65 -72.43
N CYS E 383 -27.37 -73.44 -73.45
CA CYS E 383 -28.24 -73.73 -74.59
C CYS E 383 -29.39 -74.71 -74.19
N PRO E 384 -30.57 -74.63 -74.84
CA PRO E 384 -31.78 -75.30 -74.34
C PRO E 384 -31.63 -76.81 -74.23
N GLY E 385 -32.16 -77.41 -73.17
CA GLY E 385 -32.08 -78.84 -72.88
C GLY E 385 -30.71 -79.33 -72.45
N VAL E 386 -29.63 -78.63 -72.80
CA VAL E 386 -28.25 -79.07 -72.50
C VAL E 386 -28.07 -79.43 -71.04
N PRO E 387 -28.59 -78.67 -70.07
CA PRO E 387 -28.37 -79.02 -68.68
C PRO E 387 -28.98 -80.37 -68.31
N ALA E 388 -30.06 -80.77 -68.97
CA ALA E 388 -30.65 -82.08 -68.75
C ALA E 388 -29.71 -83.17 -69.26
N VAL E 389 -29.21 -83.00 -70.49
CA VAL E 389 -28.28 -83.94 -71.12
C VAL E 389 -27.04 -84.04 -70.27
N MET E 390 -26.46 -82.91 -69.91
CA MET E 390 -25.28 -82.85 -69.06
C MET E 390 -25.53 -83.49 -67.72
N SER E 391 -26.69 -83.25 -67.10
CA SER E 391 -27.02 -83.87 -65.83
C SER E 391 -27.08 -85.37 -65.95
N THR E 392 -27.73 -85.85 -67.01
CA THR E 392 -27.85 -87.27 -67.31
C THR E 392 -26.48 -87.88 -67.55
N LEU E 393 -25.72 -87.27 -68.44
CA LEU E 393 -24.38 -87.67 -68.81
C LEU E 393 -23.50 -87.77 -67.57
N LEU E 394 -23.57 -86.79 -66.68
CA LEU E 394 -22.81 -86.79 -65.46
C LEU E 394 -23.32 -87.79 -64.43
N ALA E 395 -24.62 -88.03 -64.35
CA ALA E 395 -25.13 -89.14 -63.56
C ALA E 395 -24.60 -90.48 -64.07
N ASN E 396 -24.37 -90.62 -65.37
CA ASN E 396 -23.78 -91.84 -65.93
C ASN E 396 -22.28 -91.93 -65.66
N ILE E 397 -21.55 -90.85 -65.90
CA ILE E 397 -20.13 -90.75 -65.56
C ILE E 397 -19.95 -91.04 -64.06
N ASN E 398 -20.82 -90.47 -63.23
CA ASN E 398 -20.91 -90.76 -61.82
C ASN E 398 -21.14 -92.23 -61.57
N ALA E 399 -22.19 -92.81 -62.15
CA ALA E 399 -22.53 -94.20 -61.92
C ALA E 399 -21.42 -95.17 -62.32
N TYR E 400 -20.74 -94.84 -63.42
CA TYR E 400 -19.57 -95.56 -63.89
C TYR E 400 -18.50 -95.60 -62.79
N TYR E 401 -17.96 -94.45 -62.37
CA TYR E 401 -16.87 -94.48 -61.38
C TYR E 401 -17.34 -94.91 -59.99
N ALA E 402 -18.52 -94.47 -59.57
CA ALA E 402 -19.05 -94.77 -58.25
C ALA E 402 -19.26 -96.27 -58.09
N HIS E 403 -20.11 -96.86 -58.92
CA HIS E 403 -20.68 -98.17 -58.61
C HIS E 403 -19.92 -99.33 -59.25
N THR E 404 -19.32 -99.12 -60.42
CA THR E 404 -18.91 -100.29 -61.22
C THR E 404 -17.89 -101.15 -60.47
N THR E 405 -18.25 -102.43 -60.34
CA THR E 405 -17.56 -103.51 -59.63
C THR E 405 -17.16 -103.22 -58.19
N ALA E 406 -17.99 -103.69 -57.27
CA ALA E 406 -17.68 -103.76 -55.84
C ALA E 406 -16.54 -104.75 -55.48
N SER E 407 -16.21 -105.70 -56.36
CA SER E 407 -15.11 -106.66 -56.16
C SER E 407 -13.71 -106.01 -56.11
N THR E 408 -13.62 -104.77 -56.60
CA THR E 408 -12.45 -103.90 -56.40
C THR E 408 -12.25 -103.55 -54.93
N ASN E 409 -10.99 -103.37 -54.52
CA ASN E 409 -10.62 -102.89 -53.18
C ASN E 409 -10.09 -101.44 -53.24
N VAL E 410 -10.71 -100.61 -54.10
CA VAL E 410 -10.26 -99.25 -54.44
C VAL E 410 -11.41 -98.26 -54.32
N SER E 411 -11.13 -97.10 -53.73
CA SER E 411 -12.14 -96.05 -53.55
C SER E 411 -12.65 -95.51 -54.89
N ALA E 412 -13.85 -94.94 -54.94
CA ALA E 412 -14.36 -94.38 -56.18
C ALA E 412 -13.45 -93.26 -56.69
N SER E 413 -12.87 -92.48 -55.77
CA SER E 413 -11.96 -91.41 -56.11
C SER E 413 -10.65 -91.91 -56.71
N ASP E 414 -10.12 -93.04 -56.23
CA ASP E 414 -8.92 -93.67 -56.78
C ASP E 414 -9.18 -94.34 -58.13
N ARG E 415 -10.32 -95.02 -58.26
CA ARG E 415 -10.77 -95.57 -59.54
C ARG E 415 -10.96 -94.45 -60.55
N PHE E 416 -11.50 -93.32 -60.12
CA PHE E 416 -11.56 -92.11 -60.93
C PHE E 416 -10.18 -91.48 -61.17
N ALA E 417 -9.20 -91.60 -60.25
CA ALA E 417 -7.80 -91.22 -60.54
C ALA E 417 -7.16 -92.10 -61.62
N ALA E 418 -7.68 -93.30 -61.83
CA ALA E 418 -7.37 -94.10 -63.00
C ALA E 418 -8.15 -93.73 -64.27
N SER E 419 -8.86 -92.61 -64.32
CA SER E 419 -9.49 -92.14 -65.55
C SER E 419 -8.46 -91.61 -66.55
N ASN E 420 -8.51 -92.09 -67.79
CA ASN E 420 -7.66 -91.57 -68.85
C ASN E 420 -8.05 -90.17 -69.32
N PHE E 421 -9.24 -89.69 -68.96
CA PHE E 421 -9.55 -88.28 -69.16
C PHE E 421 -8.68 -87.36 -68.30
N GLY E 422 -8.22 -87.85 -67.14
CA GLY E 422 -7.58 -87.03 -66.12
C GLY E 422 -8.60 -86.58 -65.07
N LYS E 423 -8.35 -86.99 -63.83
CA LYS E 423 -9.20 -86.71 -62.68
C LYS E 423 -9.31 -85.22 -62.44
N GLU E 424 -8.16 -84.62 -62.17
CA GLU E 424 -7.88 -83.20 -62.11
C GLU E 424 -8.68 -82.41 -63.15
N ARG E 425 -8.48 -82.72 -64.43
CA ARG E 425 -9.13 -82.05 -65.56
C ARG E 425 -10.64 -82.06 -65.41
N PHE E 426 -11.20 -83.23 -65.10
CA PHE E 426 -12.63 -83.33 -64.91
C PHE E 426 -13.10 -82.60 -63.65
N VAL E 427 -12.32 -82.66 -62.56
CA VAL E 427 -12.61 -81.93 -61.32
C VAL E 427 -12.68 -80.43 -61.59
N LYS E 428 -11.67 -79.89 -62.27
CA LYS E 428 -11.61 -78.48 -62.67
C LYS E 428 -12.76 -78.11 -63.59
N LEU E 429 -13.02 -78.95 -64.59
CA LEU E 429 -14.13 -78.78 -65.52
C LEU E 429 -15.46 -78.61 -64.79
N LEU E 430 -15.73 -79.53 -63.86
CA LEU E 430 -16.91 -79.51 -63.02
C LEU E 430 -16.96 -78.27 -62.13
N ASP E 431 -15.82 -77.84 -61.59
CA ASP E 431 -15.75 -76.65 -60.77
C ASP E 431 -16.08 -75.38 -61.57
N GLN E 432 -15.52 -75.24 -62.76
CA GLN E 432 -15.81 -74.12 -63.66
C GLN E 432 -17.28 -74.12 -64.02
N LEU E 433 -17.80 -75.27 -64.41
CA LEU E 433 -19.20 -75.43 -64.73
C LEU E 433 -20.07 -75.09 -63.54
N HIS E 434 -19.76 -75.61 -62.36
CA HIS E 434 -20.49 -75.34 -61.15
C HIS E 434 -20.55 -73.84 -60.88
N ASN E 435 -19.42 -73.17 -61.05
CA ASN E 435 -19.36 -71.72 -60.94
C ASN E 435 -20.25 -71.04 -61.99
N SER E 436 -20.15 -71.43 -63.25
CA SER E 436 -20.98 -70.86 -64.32
C SER E 436 -22.47 -71.05 -64.04
N LEU E 437 -22.84 -72.21 -63.50
CA LEU E 437 -24.19 -72.49 -63.06
C LEU E 437 -24.58 -71.60 -61.89
N ARG E 438 -23.73 -71.47 -60.86
CA ARG E 438 -23.92 -70.54 -59.73
C ARG E 438 -24.21 -69.12 -60.23
N ILE E 439 -23.40 -68.62 -61.17
CA ILE E 439 -23.57 -67.28 -61.74
C ILE E 439 -24.95 -67.15 -62.38
N ASP E 440 -25.28 -68.05 -63.30
CA ASP E 440 -26.54 -67.94 -64.02
C ASP E 440 -27.75 -68.08 -63.11
N LEU E 441 -27.68 -68.98 -62.13
CA LEU E 441 -28.67 -69.12 -61.08
C LEU E 441 -28.75 -67.89 -60.18
N SER E 442 -27.67 -67.12 -60.02
CA SER E 442 -27.69 -65.86 -59.27
C SER E 442 -28.44 -64.74 -59.98
N MET E 443 -28.82 -64.94 -61.24
CA MET E 443 -29.78 -64.12 -61.96
C MET E 443 -30.91 -64.94 -62.58
N TYR E 444 -31.35 -66.00 -61.89
CA TYR E 444 -32.28 -67.00 -62.44
C TYR E 444 -33.55 -66.41 -63.04
N ARG E 445 -34.08 -65.33 -62.48
CA ARG E 445 -35.31 -64.74 -62.98
C ARG E 445 -35.08 -64.20 -64.38
N ASN E 446 -34.04 -63.39 -64.53
CA ASN E 446 -33.65 -62.76 -65.78
C ASN E 446 -33.21 -63.83 -66.79
N ASN E 447 -32.33 -64.73 -66.35
CA ASN E 447 -31.76 -65.76 -67.20
C ASN E 447 -32.69 -66.91 -67.51
N PHE E 448 -33.79 -67.04 -66.77
CA PHE E 448 -34.76 -68.08 -66.99
C PHE E 448 -36.15 -67.50 -66.75
N PRO E 449 -36.61 -66.62 -67.64
CA PRO E 449 -37.84 -65.87 -67.42
C PRO E 449 -39.04 -66.80 -67.34
N ALA E 450 -39.94 -66.52 -66.41
CA ALA E 450 -41.14 -67.33 -66.20
C ALA E 450 -42.02 -67.40 -67.46
N SER E 451 -41.99 -66.35 -68.27
CA SER E 451 -42.65 -66.28 -69.58
C SER E 451 -42.12 -67.31 -70.59
N SER E 452 -41.02 -68.01 -70.29
CA SER E 452 -40.58 -69.19 -71.05
C SER E 452 -40.51 -70.43 -70.14
N PRO E 453 -41.51 -71.31 -70.25
CA PRO E 453 -41.51 -72.62 -69.61
C PRO E 453 -40.27 -73.44 -69.93
N GLU E 454 -39.76 -73.32 -71.16
CA GLU E 454 -38.59 -74.09 -71.56
C GLU E 454 -37.37 -73.57 -70.83
N ARG E 455 -37.25 -72.25 -70.68
CA ARG E 455 -36.19 -71.70 -69.85
C ARG E 455 -36.40 -72.09 -68.40
N LEU E 456 -37.63 -72.18 -67.91
CA LEU E 456 -37.86 -72.77 -66.60
C LEU E 456 -37.41 -74.23 -66.55
N GLN E 457 -37.62 -75.02 -67.59
CA GLN E 457 -37.13 -76.39 -67.61
C GLN E 457 -35.59 -76.42 -67.68
N ASP E 458 -34.98 -75.50 -68.41
CA ASP E 458 -33.54 -75.38 -68.41
C ASP E 458 -33.02 -74.99 -67.05
N LEU E 459 -33.67 -74.05 -66.38
CA LEU E 459 -33.39 -73.72 -64.99
C LEU E 459 -33.46 -74.98 -64.14
N LYS E 460 -34.54 -75.76 -64.26
CA LYS E 460 -34.71 -76.99 -63.51
C LYS E 460 -33.54 -77.92 -63.77
N SER E 461 -33.21 -78.13 -65.04
CA SER E 461 -32.13 -79.01 -65.42
C SER E 461 -30.74 -78.45 -65.10
N THR E 462 -30.61 -77.13 -64.98
CA THR E 462 -29.40 -76.41 -64.53
C THR E 462 -29.11 -76.74 -63.08
N VAL E 463 -30.17 -76.73 -62.27
CA VAL E 463 -30.12 -77.19 -60.90
C VAL E 463 -29.89 -78.70 -60.85
N ASP E 464 -30.61 -79.50 -61.63
CA ASP E 464 -30.38 -80.94 -61.68
C ASP E 464 -28.93 -81.28 -62.07
N LEU E 465 -28.33 -80.52 -62.97
CA LEU E 465 -26.91 -80.64 -63.26
C LEU E 465 -26.04 -80.26 -62.06
N LEU E 466 -26.31 -79.12 -61.39
CA LEU E 466 -25.61 -78.72 -60.17
C LEU E 466 -25.70 -79.79 -59.07
N THR E 467 -26.87 -80.41 -58.91
CA THR E 467 -27.04 -81.55 -58.03
C THR E 467 -26.15 -82.69 -58.48
N SER E 468 -26.20 -83.05 -59.75
CA SER E 468 -25.41 -84.13 -60.31
C SER E 468 -23.92 -83.89 -60.10
N ILE E 469 -23.45 -82.65 -60.18
CA ILE E 469 -22.07 -82.25 -59.89
C ILE E 469 -21.75 -82.42 -58.42
N THR E 470 -22.63 -81.96 -57.55
CA THR E 470 -22.45 -82.08 -56.11
C THR E 470 -22.46 -83.52 -55.67
N PHE E 471 -23.35 -84.31 -56.26
CA PHE E 471 -23.43 -85.72 -56.07
C PHE E 471 -22.17 -86.41 -56.59
N PHE E 472 -21.67 -86.02 -57.75
CA PHE E 472 -20.39 -86.51 -58.27
C PHE E 472 -19.22 -86.18 -57.33
N ARG E 473 -19.17 -84.95 -56.82
CA ARG E 473 -18.20 -84.56 -55.80
C ARG E 473 -18.31 -85.44 -54.56
N MET E 474 -19.53 -85.70 -54.11
CA MET E 474 -19.79 -86.51 -52.92
C MET E 474 -19.46 -87.99 -53.14
N LYS E 475 -19.83 -88.55 -54.29
CA LYS E 475 -19.80 -89.99 -54.57
C LYS E 475 -18.52 -90.43 -55.24
N VAL E 476 -18.11 -89.73 -56.30
CA VAL E 476 -16.90 -90.09 -57.04
C VAL E 476 -15.69 -89.47 -56.42
N GLN E 477 -15.69 -88.16 -56.22
CA GLN E 477 -14.53 -87.54 -55.57
C GLN E 477 -14.47 -87.89 -54.08
N GLU E 478 -15.54 -88.44 -53.51
CA GLU E 478 -15.63 -88.79 -52.08
C GLU E 478 -15.32 -87.59 -51.20
N LEU E 479 -15.63 -86.37 -51.67
CA LEU E 479 -15.46 -85.15 -50.88
C LEU E 479 -16.35 -85.18 -49.66
N GLN E 480 -15.74 -84.80 -48.54
CA GLN E 480 -16.30 -84.88 -47.20
C GLN E 480 -17.27 -83.73 -46.90
N SER E 481 -17.17 -82.62 -47.65
CA SER E 481 -17.97 -81.42 -47.43
C SER E 481 -18.17 -80.61 -48.72
N PRO E 482 -18.69 -81.20 -49.82
CA PRO E 482 -18.97 -80.42 -51.01
C PRO E 482 -20.02 -79.32 -50.69
N PRO E 483 -19.92 -78.12 -51.28
CA PRO E 483 -20.90 -77.06 -51.07
C PRO E 483 -22.31 -77.55 -51.44
N ARG E 484 -23.17 -77.69 -50.42
CA ARG E 484 -24.40 -78.49 -50.60
C ARG E 484 -25.27 -77.85 -51.66
N ALA E 485 -25.71 -78.61 -52.67
CA ALA E 485 -26.38 -78.04 -53.85
C ALA E 485 -27.56 -77.16 -53.49
N SER E 486 -28.41 -77.67 -52.61
CA SER E 486 -29.55 -76.93 -52.08
C SER E 486 -29.11 -75.58 -51.53
N GLN E 487 -28.06 -75.57 -50.70
CA GLN E 487 -27.52 -74.34 -50.17
C GLN E 487 -26.95 -73.46 -51.28
N VAL E 488 -26.14 -73.99 -52.18
CA VAL E 488 -25.57 -73.23 -53.29
C VAL E 488 -26.63 -72.50 -54.08
N VAL E 489 -27.67 -73.25 -54.47
CA VAL E 489 -28.84 -72.73 -55.16
C VAL E 489 -29.55 -71.69 -54.31
N LYS E 490 -29.75 -71.94 -53.02
CA LYS E 490 -30.41 -71.01 -52.09
C LYS E 490 -29.69 -69.68 -52.02
N ASP E 491 -28.37 -69.72 -52.03
CA ASP E 491 -27.55 -68.53 -52.15
C ASP E 491 -27.77 -67.85 -53.49
N CYS E 492 -27.75 -68.61 -54.59
CA CYS E 492 -28.00 -68.06 -55.91
C CYS E 492 -29.33 -67.32 -55.93
N VAL E 493 -30.35 -67.98 -55.39
CA VAL E 493 -31.69 -67.46 -55.30
C VAL E 493 -31.67 -66.18 -54.48
N LYS E 494 -31.00 -66.19 -53.33
CA LYS E 494 -30.79 -64.98 -52.55
C LYS E 494 -30.14 -63.90 -53.38
N ALA E 495 -29.04 -64.19 -54.07
CA ALA E 495 -28.37 -63.20 -54.90
C ALA E 495 -29.31 -62.62 -55.96
N CYS E 496 -30.02 -63.49 -56.65
CA CYS E 496 -31.00 -63.05 -57.62
C CYS E 496 -32.07 -62.20 -56.98
N LEU E 497 -32.58 -62.61 -55.82
CA LEU E 497 -33.60 -61.89 -55.10
C LEU E 497 -33.11 -60.53 -54.68
N ASN E 498 -31.86 -60.42 -54.26
CA ASN E 498 -31.28 -59.13 -53.97
C ASN E 498 -31.28 -58.26 -55.21
N SER E 499 -30.80 -58.80 -56.33
CA SER E 499 -30.77 -58.06 -57.57
C SER E 499 -32.15 -57.72 -58.09
N THR E 500 -33.08 -58.63 -57.90
CA THR E 500 -34.49 -58.41 -58.20
C THR E 500 -35.00 -57.28 -57.34
N TYR E 501 -34.70 -57.33 -56.05
CA TYR E 501 -35.17 -56.36 -55.10
C TYR E 501 -34.66 -54.99 -55.52
N GLU E 502 -33.36 -54.87 -55.76
CA GLU E 502 -32.79 -53.68 -56.35
C GLU E 502 -33.53 -53.27 -57.61
N TYR E 503 -33.76 -54.18 -58.54
CA TYR E 503 -34.38 -53.83 -59.79
C TYR E 503 -35.74 -53.22 -59.56
N ILE E 504 -36.62 -53.93 -58.86
CA ILE E 504 -37.95 -53.43 -58.60
C ILE E 504 -37.86 -52.12 -57.81
N PHE E 505 -36.97 -52.05 -56.83
CA PHE E 505 -36.75 -50.88 -55.98
C PHE E 505 -36.21 -49.68 -56.75
N ASN E 506 -35.73 -49.88 -57.97
CA ASN E 506 -35.29 -48.82 -58.84
C ASN E 506 -36.30 -48.52 -59.95
N ASN E 507 -37.22 -49.43 -60.23
CA ASN E 507 -38.11 -49.39 -61.38
C ASN E 507 -39.56 -49.48 -60.96
N CYS E 508 -39.84 -49.17 -59.70
CA CYS E 508 -41.13 -49.45 -59.09
C CYS E 508 -42.28 -48.88 -59.89
N HIS E 509 -42.18 -47.62 -60.32
CA HIS E 509 -43.37 -47.03 -60.92
C HIS E 509 -43.69 -47.61 -62.29
N GLU E 510 -42.69 -47.78 -63.12
CA GLU E 510 -42.83 -48.42 -64.43
C GLU E 510 -43.51 -49.78 -64.33
N LEU E 511 -42.98 -50.60 -63.44
CA LEU E 511 -43.49 -51.94 -63.24
C LEU E 511 -44.94 -51.91 -62.77
N TYR E 512 -45.24 -51.08 -61.76
CA TYR E 512 -46.58 -51.00 -61.19
C TYR E 512 -47.61 -50.40 -62.13
N GLY E 513 -47.22 -49.29 -62.75
CA GLY E 513 -47.97 -48.62 -63.78
C GLY E 513 -48.44 -49.63 -64.79
N ARG E 514 -47.49 -50.27 -65.46
CA ARG E 514 -47.77 -51.33 -66.42
C ARG E 514 -48.70 -52.42 -65.87
N GLU E 515 -48.33 -53.09 -64.78
CA GLU E 515 -48.95 -54.37 -64.39
C GLU E 515 -50.32 -54.22 -63.71
N TYR E 516 -50.61 -53.11 -63.02
CA TYR E 516 -51.86 -52.99 -62.23
C TYR E 516 -52.68 -51.74 -62.52
N GLN E 517 -52.09 -50.66 -63.03
CA GLN E 517 -52.75 -49.37 -63.03
C GLN E 517 -53.92 -49.31 -64.04
N THR E 518 -55.16 -49.11 -63.60
CA THR E 518 -56.38 -49.16 -64.46
C THR E 518 -56.55 -47.93 -65.38
N ASP E 519 -55.85 -46.82 -65.12
CA ASP E 519 -55.73 -45.70 -66.06
C ASP E 519 -54.37 -45.77 -66.79
N PRO E 520 -54.35 -45.96 -68.13
CA PRO E 520 -53.11 -46.06 -68.91
C PRO E 520 -52.18 -44.85 -68.78
N ALA E 521 -52.72 -43.65 -68.52
CA ALA E 521 -51.91 -42.44 -68.38
C ALA E 521 -50.95 -42.47 -67.18
N LYS E 522 -51.18 -43.39 -66.24
CA LYS E 522 -50.35 -43.59 -65.05
C LYS E 522 -49.33 -44.73 -65.20
N LYS E 523 -49.22 -45.39 -66.35
CA LYS E 523 -48.33 -46.56 -66.51
C LYS E 523 -46.85 -46.26 -66.69
N GLY E 524 -46.55 -45.00 -66.99
CA GLY E 524 -45.26 -44.54 -67.48
C GLY E 524 -44.16 -44.29 -66.42
N GLU E 525 -43.14 -43.55 -66.86
CA GLU E 525 -41.87 -43.29 -66.16
C GLU E 525 -41.95 -42.17 -65.13
N VAL E 526 -42.70 -42.41 -64.06
CA VAL E 526 -42.65 -41.53 -62.87
C VAL E 526 -41.23 -41.51 -62.29
N PRO E 527 -40.79 -40.46 -61.56
CA PRO E 527 -39.37 -40.17 -61.37
C PRO E 527 -38.66 -41.34 -60.68
N PRO E 528 -37.34 -41.51 -60.85
CA PRO E 528 -36.59 -42.58 -60.19
C PRO E 528 -36.75 -42.59 -58.66
N GLU E 529 -36.89 -41.40 -58.08
CA GLU E 529 -37.16 -41.12 -56.65
C GLU E 529 -38.60 -41.48 -56.20
N GLU E 530 -39.40 -42.03 -57.11
CA GLU E 530 -40.78 -42.47 -56.92
C GLU E 530 -41.02 -43.86 -57.56
N GLN E 531 -40.13 -44.27 -58.48
CA GLN E 531 -39.80 -45.66 -58.74
C GLN E 531 -38.83 -46.23 -57.67
N GLY E 532 -38.58 -45.39 -56.66
CA GLY E 532 -37.82 -45.48 -55.42
C GLY E 532 -38.55 -44.66 -54.32
N PRO E 533 -38.01 -44.55 -53.09
CA PRO E 533 -38.70 -43.94 -51.96
C PRO E 533 -38.92 -42.44 -52.02
N SER E 534 -40.08 -42.00 -51.53
CA SER E 534 -40.40 -40.59 -51.32
C SER E 534 -40.79 -40.32 -49.89
N ILE E 535 -40.40 -39.16 -49.38
CA ILE E 535 -40.84 -38.70 -48.06
C ILE E 535 -42.22 -38.02 -48.09
N LYS E 536 -42.61 -37.49 -49.26
CA LYS E 536 -43.86 -36.74 -49.50
C LYS E 536 -45.08 -37.62 -49.61
N ASN E 537 -44.90 -38.83 -50.13
CA ASN E 537 -45.99 -39.76 -50.33
C ASN E 537 -45.51 -41.19 -50.08
N LEU E 538 -46.45 -42.02 -49.69
CA LEU E 538 -46.20 -43.43 -49.40
C LEU E 538 -46.35 -44.32 -50.66
N ASP E 539 -46.76 -43.75 -51.79
CA ASP E 539 -47.31 -44.51 -52.93
C ASP E 539 -46.27 -45.49 -53.49
N PHE E 540 -45.00 -45.09 -53.48
CA PHE E 540 -43.91 -45.98 -53.81
C PHE E 540 -43.96 -47.28 -53.03
N TRP E 541 -44.14 -47.19 -51.72
CA TRP E 541 -44.18 -48.34 -50.86
C TRP E 541 -45.37 -49.22 -51.15
N SER E 542 -46.55 -48.63 -51.32
CA SER E 542 -47.73 -49.38 -51.73
C SER E 542 -47.43 -50.16 -53.00
N LYS E 543 -46.83 -49.48 -53.97
CA LYS E 543 -46.57 -50.06 -55.27
C LYS E 543 -45.51 -51.13 -55.21
N LEU E 544 -44.47 -50.87 -54.43
CA LEU E 544 -43.40 -51.79 -54.11
C LEU E 544 -43.94 -53.03 -53.45
N ILE E 545 -44.83 -52.90 -52.48
CA ILE E 545 -45.50 -54.03 -51.86
C ILE E 545 -46.16 -54.87 -52.95
N THR E 546 -46.94 -54.28 -53.84
CA THR E 546 -47.63 -55.07 -54.86
C THR E 546 -46.65 -55.77 -55.80
N LEU E 547 -45.51 -55.15 -56.06
CA LEU E 547 -44.46 -55.75 -56.84
C LEU E 547 -43.74 -56.85 -56.11
N ILE E 548 -43.45 -56.64 -54.84
CA ILE E 548 -42.92 -57.66 -53.99
C ILE E 548 -43.84 -58.86 -54.01
N VAL E 549 -45.15 -58.65 -53.86
CA VAL E 549 -46.16 -59.70 -53.96
C VAL E 549 -46.06 -60.38 -55.31
N SER E 550 -46.03 -59.61 -56.39
CA SER E 550 -45.93 -60.19 -57.72
C SER E 550 -44.70 -61.09 -57.85
N ILE E 551 -43.55 -60.63 -57.35
CA ILE E 551 -42.33 -61.43 -57.35
C ILE E 551 -42.48 -62.66 -56.46
N ILE E 552 -42.97 -62.51 -55.24
CA ILE E 552 -43.15 -63.63 -54.33
C ILE E 552 -44.09 -64.65 -54.93
N GLU E 553 -45.17 -64.19 -55.54
CA GLU E 553 -46.09 -65.05 -56.24
C GLU E 553 -45.41 -65.73 -57.42
N GLU E 554 -44.68 -65.00 -58.25
CA GLU E 554 -43.95 -65.62 -59.34
C GLU E 554 -42.99 -66.70 -58.81
N ASP E 555 -42.33 -66.43 -57.70
CA ASP E 555 -41.46 -67.38 -57.05
C ASP E 555 -42.23 -68.56 -56.49
N LYS E 556 -43.32 -68.30 -55.79
CA LYS E 556 -44.20 -69.31 -55.26
C LYS E 556 -44.74 -70.19 -56.38
N ASN E 557 -45.15 -69.57 -57.47
CA ASN E 557 -45.98 -70.21 -58.47
C ASN E 557 -45.14 -70.81 -59.57
N SER E 558 -44.21 -70.06 -60.11
CA SER E 558 -43.39 -70.55 -61.20
C SER E 558 -42.15 -71.21 -60.64
N TYR E 559 -41.37 -70.46 -59.85
CA TYR E 559 -40.04 -70.95 -59.52
C TYR E 559 -40.08 -72.05 -58.47
N THR E 560 -41.02 -72.08 -57.56
CA THR E 560 -41.03 -73.11 -56.52
C THR E 560 -41.34 -74.48 -57.10
N PRO E 561 -42.34 -74.61 -57.97
CA PRO E 561 -42.58 -75.86 -58.66
C PRO E 561 -41.41 -76.24 -59.55
N CYS E 562 -40.84 -75.25 -60.25
CA CYS E 562 -39.66 -75.49 -61.05
C CYS E 562 -38.54 -76.08 -60.19
N LEU E 563 -38.28 -75.47 -59.04
CA LEU E 563 -37.22 -75.84 -58.14
C LEU E 563 -37.77 -76.59 -56.93
N ASN E 564 -38.25 -77.80 -57.22
CA ASN E 564 -38.71 -78.78 -56.23
C ASN E 564 -37.69 -79.90 -55.92
N GLN E 565 -36.42 -79.81 -56.36
CA GLN E 565 -35.40 -80.88 -56.18
C GLN E 565 -35.07 -81.20 -54.72
N PHE E 566 -35.15 -80.19 -53.87
CA PHE E 566 -34.84 -80.26 -52.45
C PHE E 566 -36.04 -79.73 -51.65
N PRO E 567 -37.19 -80.40 -51.70
CA PRO E 567 -38.43 -79.79 -51.22
C PRO E 567 -38.37 -79.46 -49.72
N GLN E 568 -37.68 -80.30 -48.94
CA GLN E 568 -37.42 -80.14 -47.51
C GLN E 568 -36.33 -79.11 -47.18
N GLU E 569 -35.69 -78.49 -48.16
CA GLU E 569 -34.60 -77.54 -47.93
C GLU E 569 -34.71 -76.24 -48.74
N LEU E 570 -35.38 -76.28 -49.89
CA LEU E 570 -35.51 -75.19 -50.82
C LEU E 570 -36.98 -75.03 -51.18
N ASN E 571 -37.57 -73.94 -50.71
CA ASN E 571 -38.83 -73.49 -51.24
C ASN E 571 -38.64 -72.04 -51.69
N VAL E 572 -38.68 -71.81 -53.00
CA VAL E 572 -38.34 -70.51 -53.60
C VAL E 572 -39.32 -69.43 -53.15
N GLY E 573 -40.60 -69.75 -53.00
CA GLY E 573 -41.61 -68.83 -52.51
C GLY E 573 -41.32 -68.40 -51.07
N LYS E 574 -40.94 -69.33 -50.19
CA LYS E 574 -40.52 -69.00 -48.80
C LYS E 574 -39.31 -68.09 -48.81
N ILE E 575 -38.29 -68.46 -49.58
CA ILE E 575 -37.02 -67.71 -49.63
C ILE E 575 -37.27 -66.33 -50.21
N SER E 576 -38.07 -66.26 -51.26
CA SER E 576 -38.52 -65.02 -51.87
C SER E 576 -39.22 -64.16 -50.85
N ALA E 577 -40.27 -64.68 -50.20
CA ALA E 577 -40.97 -63.95 -49.15
C ALA E 577 -39.99 -63.47 -48.07
N GLU E 578 -39.15 -64.34 -47.52
CA GLU E 578 -38.20 -63.99 -46.48
C GLU E 578 -37.23 -62.88 -46.89
N VAL E 579 -36.56 -63.05 -48.02
CA VAL E 579 -35.57 -62.08 -48.49
C VAL E 579 -36.27 -60.78 -48.84
N MET E 580 -37.35 -60.85 -49.61
CA MET E 580 -38.06 -59.67 -50.11
C MET E 580 -38.66 -58.89 -48.96
N TRP E 581 -39.32 -59.57 -48.03
CA TRP E 581 -39.75 -58.94 -46.79
C TRP E 581 -38.55 -58.39 -46.05
N SER E 582 -37.45 -59.12 -45.89
CA SER E 582 -36.32 -58.63 -45.10
C SER E 582 -35.79 -57.31 -45.67
N LEU E 583 -35.45 -57.33 -46.95
CA LEU E 583 -34.96 -56.15 -47.67
C LEU E 583 -35.98 -55.01 -47.56
N PHE E 584 -37.23 -55.32 -47.87
CA PHE E 584 -38.31 -54.38 -47.75
C PHE E 584 -38.40 -53.84 -46.34
N ALA E 585 -38.28 -54.68 -45.32
CA ALA E 585 -38.53 -54.35 -43.95
C ALA E 585 -37.46 -53.43 -43.43
N GLN E 586 -36.20 -53.72 -43.74
CA GLN E 586 -35.12 -52.82 -43.41
C GLN E 586 -35.36 -51.46 -44.04
N ASP E 587 -35.72 -51.48 -45.31
CA ASP E 587 -35.91 -50.23 -46.03
C ASP E 587 -37.11 -49.48 -45.49
N MET E 588 -38.22 -50.18 -45.34
CA MET E 588 -39.44 -49.66 -44.79
C MET E 588 -39.22 -49.12 -43.39
N LYS E 589 -38.47 -49.83 -42.56
CA LYS E 589 -38.17 -49.38 -41.22
C LYS E 589 -37.40 -48.07 -41.28
N TYR E 590 -36.33 -47.98 -42.08
CA TYR E 590 -35.65 -46.69 -42.22
C TYR E 590 -36.65 -45.64 -42.73
N ALA E 591 -37.47 -45.98 -43.74
CA ALA E 591 -38.38 -45.05 -44.35
C ALA E 591 -39.40 -44.51 -43.36
N MET E 592 -40.05 -45.39 -42.61
CA MET E 592 -40.98 -45.03 -41.55
C MET E 592 -40.29 -44.20 -40.49
N GLU E 593 -39.07 -44.54 -40.06
CA GLU E 593 -38.30 -43.67 -39.17
C GLU E 593 -38.20 -42.27 -39.78
N GLU E 594 -37.95 -42.20 -41.08
CA GLU E 594 -37.79 -40.94 -41.76
C GLU E 594 -39.08 -40.14 -41.89
N HIS E 595 -40.14 -40.82 -42.28
CA HIS E 595 -41.47 -40.27 -42.23
C HIS E 595 -41.85 -39.86 -40.82
N ASP E 596 -41.38 -40.54 -39.78
CA ASP E 596 -41.73 -40.18 -38.43
C ASP E 596 -41.11 -38.84 -38.06
N LYS E 597 -39.95 -38.54 -38.64
CA LYS E 597 -39.30 -37.24 -38.47
C LYS E 597 -40.08 -36.16 -39.21
N HIS E 598 -40.41 -36.41 -40.47
CA HIS E 598 -40.98 -35.36 -41.30
C HIS E 598 -42.49 -35.19 -41.14
N ARG E 599 -43.21 -36.31 -40.98
CA ARG E 599 -44.67 -36.44 -40.89
C ARG E 599 -45.41 -35.67 -42.00
N LEU E 600 -44.90 -35.75 -43.24
CA LEU E 600 -45.50 -35.04 -44.38
C LEU E 600 -46.77 -35.71 -44.91
N CYS E 601 -46.80 -37.05 -44.99
CA CYS E 601 -48.03 -37.78 -45.29
C CYS E 601 -49.01 -37.75 -44.11
N LYS E 602 -50.31 -37.96 -44.34
CA LYS E 602 -51.35 -37.90 -43.28
C LYS E 602 -51.39 -39.18 -42.47
N SER E 603 -51.93 -39.05 -41.25
CA SER E 603 -52.16 -40.15 -40.32
C SER E 603 -52.82 -41.33 -41.04
N ALA E 604 -53.94 -41.04 -41.71
CA ALA E 604 -54.69 -41.99 -42.50
C ALA E 604 -53.81 -42.78 -43.48
N ASP E 605 -52.86 -42.13 -44.12
CA ASP E 605 -52.02 -42.78 -45.12
C ASP E 605 -51.12 -43.81 -44.46
N TYR E 606 -50.49 -43.44 -43.36
CA TYR E 606 -49.74 -44.41 -42.60
C TYR E 606 -50.62 -45.52 -42.09
N MET E 607 -51.87 -45.25 -41.72
CA MET E 607 -52.80 -46.30 -41.30
C MET E 607 -53.07 -47.25 -42.49
N ASN E 608 -53.30 -46.71 -43.68
CA ASN E 608 -53.55 -47.52 -44.87
C ASN E 608 -52.33 -48.36 -45.24
N LEU E 609 -51.17 -47.73 -45.16
CA LEU E 609 -49.91 -48.43 -45.32
C LEU E 609 -49.78 -49.50 -44.26
N HIS E 610 -50.13 -49.18 -43.02
CA HIS E 610 -50.07 -50.15 -41.95
C HIS E 610 -50.96 -51.34 -42.28
N PHE E 611 -52.20 -51.12 -42.73
CA PHE E 611 -53.09 -52.19 -43.15
C PHE E 611 -52.46 -53.02 -44.26
N LYS E 612 -51.83 -52.38 -45.24
CA LYS E 612 -51.21 -53.10 -46.35
C LYS E 612 -50.02 -53.91 -45.87
N VAL E 613 -49.17 -53.32 -45.05
CA VAL E 613 -48.00 -54.00 -44.51
C VAL E 613 -48.42 -55.14 -43.62
N LYS E 614 -49.40 -54.88 -42.75
CA LYS E 614 -50.03 -55.90 -41.95
C LYS E 614 -50.48 -57.01 -42.86
N TRP E 615 -51.24 -56.71 -43.90
CA TRP E 615 -51.74 -57.73 -44.79
C TRP E 615 -50.59 -58.48 -45.45
N LEU E 616 -49.60 -57.77 -45.97
CA LEU E 616 -48.47 -58.37 -46.64
C LEU E 616 -47.79 -59.34 -45.69
N TYR E 617 -47.48 -58.84 -44.51
CA TYR E 617 -46.83 -59.61 -43.48
C TYR E 617 -47.64 -60.84 -43.17
N ASN E 618 -48.91 -60.64 -42.83
CA ASN E 618 -49.78 -61.70 -42.41
C ASN E 618 -50.07 -62.69 -43.55
N GLU E 619 -50.00 -62.27 -44.79
CA GLU E 619 -50.28 -63.14 -45.91
C GLU E 619 -49.08 -64.03 -46.23
N TYR E 620 -47.86 -63.50 -46.14
CA TYR E 620 -46.69 -64.13 -46.72
C TYR E 620 -45.54 -64.40 -45.74
N VAL E 621 -45.55 -63.74 -44.59
CA VAL E 621 -44.37 -63.60 -43.74
C VAL E 621 -44.63 -64.17 -42.37
N ALA E 622 -45.79 -63.84 -41.79
CA ALA E 622 -46.22 -64.32 -40.51
C ALA E 622 -46.10 -65.83 -40.39
N GLU E 623 -46.47 -66.55 -41.43
CA GLU E 623 -46.45 -68.00 -41.50
C GLU E 623 -45.07 -68.58 -41.80
N LEU E 624 -44.10 -67.79 -42.25
CA LEU E 624 -42.75 -68.32 -42.42
C LEU E 624 -42.19 -68.62 -41.04
N PRO E 625 -41.58 -69.80 -40.81
CA PRO E 625 -41.04 -70.19 -39.51
C PRO E 625 -40.24 -69.06 -38.88
N THR E 626 -39.35 -68.45 -39.67
CA THR E 626 -38.47 -67.35 -39.29
C THR E 626 -39.22 -66.20 -38.63
N PHE E 627 -40.51 -65.99 -38.91
CA PHE E 627 -41.25 -64.88 -38.33
C PHE E 627 -42.49 -65.29 -37.56
N LYS E 628 -43.00 -66.52 -37.71
CA LYS E 628 -43.89 -67.12 -36.71
C LYS E 628 -43.17 -67.27 -35.36
N ASP E 629 -41.85 -67.41 -35.42
CA ASP E 629 -40.93 -67.39 -34.29
C ASP E 629 -40.81 -66.03 -33.55
N ARG E 630 -41.51 -64.97 -33.98
CA ARG E 630 -41.44 -63.60 -33.40
C ARG E 630 -42.81 -62.95 -33.19
N VAL E 631 -42.89 -62.02 -32.25
CA VAL E 631 -43.88 -60.94 -32.30
C VAL E 631 -43.44 -59.98 -33.42
N PRO E 632 -44.29 -59.64 -34.40
CA PRO E 632 -43.88 -58.85 -35.55
C PRO E 632 -43.41 -57.48 -35.16
N GLU E 633 -42.36 -57.06 -35.83
CA GLU E 633 -41.71 -55.81 -35.48
C GLU E 633 -42.31 -54.63 -36.25
N TYR E 634 -42.92 -54.87 -37.41
CA TYR E 634 -43.52 -53.79 -38.19
C TYR E 634 -44.51 -52.88 -37.45
N PRO E 635 -45.34 -53.34 -36.48
CA PRO E 635 -46.24 -52.46 -35.75
C PRO E 635 -45.51 -51.37 -34.98
N ALA E 636 -44.28 -51.65 -34.53
CA ALA E 636 -43.47 -50.64 -33.89
C ALA E 636 -43.14 -49.50 -34.84
N TRP E 637 -43.01 -49.75 -36.15
CA TRP E 637 -42.82 -48.68 -37.11
C TRP E 637 -44.02 -47.74 -37.10
N PHE E 638 -45.23 -48.30 -37.10
CA PHE E 638 -46.47 -47.54 -37.28
C PHE E 638 -47.03 -46.92 -35.99
N GLU E 639 -46.69 -47.47 -34.83
CA GLU E 639 -47.20 -47.01 -33.55
C GLU E 639 -47.23 -45.48 -33.37
N PRO E 640 -46.18 -44.72 -33.72
CA PRO E 640 -46.17 -43.28 -33.55
C PRO E 640 -47.27 -42.61 -34.36
N PHE E 641 -47.53 -43.18 -35.51
CA PHE E 641 -48.56 -42.73 -36.41
C PHE E 641 -49.91 -43.09 -35.85
N VAL E 642 -50.10 -44.31 -35.35
CA VAL E 642 -51.37 -44.67 -34.73
C VAL E 642 -51.65 -43.81 -33.51
N ILE E 643 -50.62 -43.47 -32.75
CA ILE E 643 -50.78 -42.61 -31.58
C ILE E 643 -51.20 -41.22 -32.02
N GLN E 644 -50.50 -40.65 -33.00
CA GLN E 644 -50.90 -39.39 -33.58
C GLN E 644 -52.36 -39.44 -34.04
N TRP E 645 -52.75 -40.53 -34.70
CA TRP E 645 -54.11 -40.72 -35.13
C TRP E 645 -55.09 -40.75 -33.94
N LEU E 646 -54.78 -41.47 -32.87
CA LEU E 646 -55.60 -41.51 -31.65
C LEU E 646 -55.79 -40.12 -31.07
N ASP E 647 -54.75 -39.30 -31.13
CA ASP E 647 -54.83 -37.93 -30.68
C ASP E 647 -55.81 -37.13 -31.51
N GLU E 648 -55.59 -37.14 -32.82
CA GLU E 648 -56.44 -36.46 -33.77
C GLU E 648 -57.89 -36.88 -33.60
N ASN E 649 -58.07 -38.18 -33.44
CA ASN E 649 -59.35 -38.74 -33.17
C ASN E 649 -59.98 -38.24 -31.87
N GLU E 650 -59.20 -38.05 -30.81
CA GLU E 650 -59.75 -37.46 -29.59
C GLU E 650 -60.28 -36.07 -29.85
N GLU E 651 -59.51 -35.21 -30.52
CA GLU E 651 -59.96 -33.85 -30.79
C GLU E 651 -61.23 -33.83 -31.62
N VAL E 652 -61.21 -34.62 -32.70
CA VAL E 652 -62.37 -34.79 -33.55
C VAL E 652 -63.55 -35.28 -32.72
N SER E 653 -63.33 -36.24 -31.82
CA SER E 653 -64.38 -36.70 -30.93
C SER E 653 -64.90 -35.60 -30.00
N ARG E 654 -64.04 -34.82 -29.36
CA ARG E 654 -64.50 -33.75 -28.45
C ARG E 654 -65.16 -32.60 -29.20
N ASP E 655 -64.76 -32.30 -30.41
CA ASP E 655 -65.44 -31.27 -31.20
C ASP E 655 -66.78 -31.77 -31.76
N PHE E 656 -66.81 -33.01 -32.25
CA PHE E 656 -68.03 -33.69 -32.63
C PHE E 656 -69.04 -33.69 -31.46
N LEU E 657 -68.58 -33.99 -30.24
CA LEU E 657 -69.39 -34.04 -29.02
C LEU E 657 -70.17 -32.73 -28.83
N HIS E 658 -69.46 -31.61 -28.88
CA HIS E 658 -70.09 -30.31 -28.68
C HIS E 658 -71.13 -30.06 -29.77
N GLY E 659 -70.84 -30.42 -31.01
CA GLY E 659 -71.83 -30.40 -32.07
C GLY E 659 -73.04 -31.24 -31.69
N ALA E 660 -72.83 -32.51 -31.39
CA ALA E 660 -73.89 -33.46 -31.08
C ALA E 660 -74.77 -33.00 -29.93
N LEU E 661 -74.15 -32.49 -28.88
CA LEU E 661 -74.85 -31.90 -27.76
C LEU E 661 -75.56 -30.64 -28.16
N GLU E 662 -74.95 -29.72 -28.90
CA GLU E 662 -75.62 -28.49 -29.29
C GLU E 662 -76.87 -28.77 -30.11
N ARG E 663 -76.84 -29.75 -31.03
CA ARG E 663 -78.06 -30.19 -31.74
C ARG E 663 -79.12 -30.64 -30.75
N ASP E 664 -78.75 -31.54 -29.86
CA ASP E 664 -79.66 -32.17 -28.93
C ASP E 664 -80.28 -31.15 -27.95
N LYS E 665 -79.44 -30.26 -27.42
CA LYS E 665 -79.82 -29.15 -26.56
C LYS E 665 -80.78 -28.20 -27.25
N LYS E 666 -80.49 -27.85 -28.50
CA LYS E 666 -81.37 -26.98 -29.27
C LYS E 666 -82.69 -27.67 -29.54
N ASP E 667 -82.68 -28.98 -29.78
CA ASP E 667 -83.88 -29.83 -29.86
C ASP E 667 -84.57 -30.02 -28.50
N GLY E 668 -84.04 -29.44 -27.41
CA GLY E 668 -84.61 -29.55 -26.08
C GLY E 668 -84.51 -30.96 -25.50
N PHE E 669 -83.53 -31.74 -25.94
CA PHE E 669 -83.28 -33.12 -25.50
C PHE E 669 -84.46 -34.06 -25.66
N GLN E 670 -85.09 -34.10 -26.84
CA GLN E 670 -86.10 -35.12 -27.09
C GLN E 670 -85.50 -36.52 -26.89
N GLN E 671 -86.19 -37.34 -26.10
CA GLN E 671 -85.97 -38.78 -26.13
C GLN E 671 -85.98 -39.25 -27.56
N THR E 672 -85.05 -40.12 -27.91
CA THR E 672 -84.88 -40.58 -29.28
C THR E 672 -86.14 -41.28 -29.75
N SER E 673 -86.76 -42.03 -28.86
CA SER E 673 -88.08 -42.61 -29.05
C SER E 673 -88.65 -42.99 -27.69
N GLU E 674 -89.91 -43.40 -27.71
CA GLU E 674 -90.75 -43.80 -26.61
C GLU E 674 -90.32 -45.11 -25.92
N HIS E 675 -89.11 -45.54 -26.22
CA HIS E 675 -88.41 -46.70 -25.69
C HIS E 675 -86.87 -46.48 -25.69
N ALA E 676 -86.33 -45.69 -26.62
CA ALA E 676 -85.00 -45.12 -26.53
C ALA E 676 -85.06 -43.84 -25.67
N LEU E 677 -85.13 -44.07 -24.35
CA LEU E 677 -85.43 -43.07 -23.31
C LEU E 677 -84.39 -41.94 -23.19
N PHE E 678 -83.26 -42.13 -23.86
CA PHE E 678 -82.16 -41.20 -24.02
C PHE E 678 -82.32 -40.34 -25.28
N SER E 679 -81.69 -39.18 -25.32
CA SER E 679 -81.64 -38.28 -26.47
C SER E 679 -80.46 -38.57 -27.43
N CYS E 680 -80.50 -37.98 -28.63
CA CYS E 680 -79.69 -38.41 -29.77
C CYS E 680 -78.18 -38.26 -29.58
N SER E 681 -77.73 -37.26 -28.82
CA SER E 681 -76.32 -36.97 -28.66
C SER E 681 -75.57 -38.17 -28.11
N VAL E 682 -76.21 -38.98 -27.25
CA VAL E 682 -75.62 -40.22 -26.75
C VAL E 682 -75.24 -41.12 -27.91
N VAL E 683 -76.20 -41.32 -28.80
CA VAL E 683 -76.08 -42.19 -29.96
C VAL E 683 -74.97 -41.65 -30.86
N ASP E 684 -74.99 -40.36 -31.13
CA ASP E 684 -73.95 -39.71 -31.93
C ASP E 684 -72.59 -39.98 -31.36
N VAL E 685 -72.45 -39.71 -30.08
CA VAL E 685 -71.18 -39.81 -29.39
C VAL E 685 -70.69 -41.24 -29.40
N PHE E 686 -71.50 -42.18 -28.97
CA PHE E 686 -71.07 -43.56 -28.97
C PHE E 686 -70.77 -44.02 -30.39
N SER E 687 -71.53 -43.61 -31.38
CA SER E 687 -71.21 -43.89 -32.78
C SER E 687 -69.80 -43.42 -33.09
N GLN E 688 -69.49 -42.15 -32.81
CA GLN E 688 -68.16 -41.61 -33.01
C GLN E 688 -67.09 -42.44 -32.29
N LEU E 689 -67.34 -42.78 -31.04
CA LEU E 689 -66.42 -43.59 -30.30
C LEU E 689 -66.25 -44.96 -30.91
N ASN E 690 -67.34 -45.57 -31.32
CA ASN E 690 -67.31 -46.91 -31.87
C ASN E 690 -66.56 -46.89 -33.20
N GLN E 691 -66.87 -45.95 -34.11
CA GLN E 691 -66.08 -45.78 -35.34
C GLN E 691 -64.60 -45.74 -35.01
N SER E 692 -64.27 -44.90 -34.04
CA SER E 692 -62.90 -44.71 -33.60
C SER E 692 -62.29 -46.00 -33.08
N PHE E 693 -63.03 -46.74 -32.28
CA PHE E 693 -62.52 -47.95 -31.70
C PHE E 693 -62.30 -49.01 -32.75
N GLU E 694 -63.22 -49.12 -33.68
CA GLU E 694 -63.25 -50.19 -34.63
C GLU E 694 -62.05 -50.13 -35.55
N ILE E 695 -61.63 -48.92 -35.93
CA ILE E 695 -60.39 -48.71 -36.67
C ILE E 695 -59.24 -49.37 -35.93
N ILE E 696 -59.05 -49.01 -34.66
CA ILE E 696 -57.97 -49.55 -33.83
C ILE E 696 -58.09 -51.06 -33.81
N LYS E 697 -59.31 -51.52 -33.56
CA LYS E 697 -59.54 -52.93 -33.40
C LYS E 697 -59.19 -53.69 -34.66
N LYS E 698 -59.50 -53.13 -35.83
CA LYS E 698 -59.14 -53.69 -37.14
C LYS E 698 -57.64 -53.72 -37.40
N LEU E 699 -56.85 -52.87 -36.74
CA LEU E 699 -55.40 -53.02 -36.83
C LEU E 699 -54.94 -54.37 -36.28
N GLU E 700 -55.60 -54.92 -35.25
CA GLU E 700 -55.26 -56.23 -34.67
C GLU E 700 -53.78 -56.33 -34.34
N CYS E 701 -53.22 -55.25 -33.80
CA CYS E 701 -51.79 -55.11 -33.62
C CYS E 701 -51.26 -56.31 -32.83
N PRO E 702 -50.32 -57.10 -33.40
CA PRO E 702 -49.86 -58.35 -32.79
C PRO E 702 -48.88 -58.14 -31.62
N ASP E 703 -48.55 -56.89 -31.30
CA ASP E 703 -47.72 -56.53 -30.14
C ASP E 703 -48.62 -56.06 -28.98
N PRO E 704 -48.81 -56.89 -27.94
CA PRO E 704 -49.79 -56.61 -26.91
C PRO E 704 -49.42 -55.38 -26.09
N GLN E 705 -48.15 -54.97 -26.09
CA GLN E 705 -47.69 -53.81 -25.37
C GLN E 705 -48.03 -52.55 -26.16
N ILE E 706 -47.81 -52.55 -27.47
CA ILE E 706 -48.32 -51.50 -28.34
C ILE E 706 -49.84 -51.44 -28.23
N VAL E 707 -50.53 -52.58 -28.24
CA VAL E 707 -51.99 -52.61 -28.02
C VAL E 707 -52.35 -52.02 -26.67
N GLY E 708 -51.67 -52.41 -25.60
CA GLY E 708 -51.91 -51.83 -24.28
C GLY E 708 -51.74 -50.34 -24.32
N HIS E 709 -50.69 -49.84 -24.97
CA HIS E 709 -50.48 -48.43 -25.15
C HIS E 709 -51.63 -47.77 -25.92
N TYR E 710 -52.05 -48.32 -27.04
CA TYR E 710 -53.22 -47.84 -27.77
C TYR E 710 -54.44 -47.80 -26.86
N MET E 711 -54.69 -48.86 -26.11
CA MET E 711 -55.84 -49.00 -25.26
C MET E 711 -55.85 -48.03 -24.11
N ARG E 712 -54.70 -47.82 -23.51
CA ARG E 712 -54.52 -46.79 -22.50
C ARG E 712 -54.82 -45.44 -23.10
N ARG E 713 -54.19 -45.14 -24.23
CA ARG E 713 -54.40 -43.87 -24.92
C ARG E 713 -55.88 -43.67 -25.21
N PHE E 714 -56.53 -44.69 -25.70
CA PHE E 714 -57.93 -44.61 -26.11
C PHE E 714 -58.89 -44.55 -24.92
N ALA E 715 -58.63 -45.31 -23.84
CA ALA E 715 -59.44 -45.25 -22.63
C ALA E 715 -59.53 -43.83 -22.05
N LYS E 716 -58.43 -43.09 -22.16
CA LYS E 716 -58.38 -41.68 -21.80
C LYS E 716 -59.32 -40.88 -22.67
N THR E 717 -59.25 -41.09 -23.98
CA THR E 717 -60.18 -40.47 -24.91
C THR E 717 -61.61 -40.69 -24.46
N ILE E 718 -61.96 -41.93 -24.17
CA ILE E 718 -63.29 -42.31 -23.75
C ILE E 718 -63.67 -41.58 -22.49
N SER E 719 -62.81 -41.67 -21.49
CA SER E 719 -63.03 -41.03 -20.22
C SER E 719 -63.26 -39.53 -20.36
N ASN E 720 -62.39 -38.85 -21.09
CA ASN E 720 -62.48 -37.42 -21.31
C ASN E 720 -63.79 -37.02 -21.97
N VAL E 721 -64.10 -37.67 -23.07
CA VAL E 721 -65.33 -37.41 -23.81
C VAL E 721 -66.57 -37.65 -22.94
N LEU E 722 -66.68 -38.81 -22.30
CA LEU E 722 -67.89 -39.20 -21.58
C LEU E 722 -68.09 -38.38 -20.30
N LEU E 723 -67.01 -38.05 -19.61
CA LEU E 723 -67.12 -37.16 -18.47
C LEU E 723 -67.50 -35.77 -18.92
N GLN E 724 -66.95 -35.30 -20.02
CA GLN E 724 -67.33 -34.01 -20.56
C GLN E 724 -68.80 -33.97 -21.00
N TYR E 725 -69.32 -35.06 -21.55
CA TYR E 725 -70.76 -35.22 -21.73
C TYR E 725 -71.48 -35.11 -20.38
N ALA E 726 -71.11 -35.95 -19.41
CA ALA E 726 -71.75 -36.04 -18.11
C ALA E 726 -71.78 -34.69 -17.40
N ASP E 727 -70.68 -33.95 -17.50
CA ASP E 727 -70.51 -32.64 -16.96
C ASP E 727 -71.42 -31.62 -17.64
N ILE E 728 -71.41 -31.53 -18.97
CA ILE E 728 -72.25 -30.60 -19.73
C ILE E 728 -73.70 -30.80 -19.33
N VAL E 729 -74.13 -32.05 -19.28
CA VAL E 729 -75.44 -32.39 -18.77
C VAL E 729 -75.61 -31.97 -17.34
N SER E 730 -74.71 -32.37 -16.45
CA SER E 730 -74.85 -32.10 -15.02
C SER E 730 -74.98 -30.62 -14.74
N LYS E 731 -74.23 -29.80 -15.48
CA LYS E 731 -74.24 -28.35 -15.34
C LYS E 731 -75.58 -27.74 -15.71
N ASP E 732 -76.21 -28.22 -16.77
CA ASP E 732 -77.53 -27.71 -17.13
C ASP E 732 -78.67 -28.39 -16.37
N PHE E 733 -78.41 -29.54 -15.75
CA PHE E 733 -79.43 -30.43 -15.20
C PHE E 733 -80.46 -29.73 -14.30
N ALA E 734 -79.98 -28.96 -13.33
CA ALA E 734 -80.82 -28.23 -12.41
C ALA E 734 -81.74 -27.24 -13.14
N SER E 735 -81.25 -26.57 -14.19
CA SER E 735 -82.09 -25.67 -14.97
C SER E 735 -83.27 -26.41 -15.62
N TYR E 736 -83.14 -27.70 -15.93
CA TYR E 736 -84.24 -28.52 -16.45
C TYR E 736 -85.16 -29.10 -15.40
N CYS E 737 -84.74 -29.10 -14.13
CA CYS E 737 -85.54 -29.65 -13.03
C CYS E 737 -86.77 -28.82 -12.65
N SER E 738 -87.08 -27.76 -13.39
CA SER E 738 -88.31 -26.98 -13.23
C SER E 738 -89.53 -27.73 -13.77
N LYS E 739 -90.70 -27.37 -13.23
CA LYS E 739 -91.93 -28.18 -13.29
C LYS E 739 -92.48 -28.41 -14.70
N GLU E 740 -92.09 -27.62 -15.68
CA GLU E 740 -92.64 -27.68 -17.03
C GLU E 740 -91.90 -28.70 -17.89
N LYS E 741 -90.71 -29.16 -17.46
CA LYS E 741 -89.79 -29.96 -18.27
C LYS E 741 -89.32 -31.24 -17.59
N GLU E 742 -90.11 -31.80 -16.68
CA GLU E 742 -89.84 -33.00 -15.86
C GLU E 742 -89.24 -34.18 -16.64
N LYS E 743 -89.69 -34.31 -17.89
CA LYS E 743 -89.20 -35.31 -18.82
C LYS E 743 -87.72 -35.12 -19.14
N VAL E 744 -87.27 -33.90 -19.34
CA VAL E 744 -85.90 -33.59 -19.77
C VAL E 744 -84.89 -34.10 -18.76
N PRO E 745 -84.98 -33.78 -17.46
CA PRO E 745 -84.14 -34.42 -16.45
C PRO E 745 -84.18 -35.94 -16.53
N CYS E 746 -85.36 -36.54 -16.67
CA CYS E 746 -85.45 -37.99 -16.80
C CYS E 746 -84.63 -38.45 -18.00
N ILE E 747 -84.76 -37.79 -19.13
CA ILE E 747 -84.02 -38.10 -20.35
C ILE E 747 -82.53 -37.91 -20.18
N LEU E 748 -82.12 -36.84 -19.54
CA LEU E 748 -80.72 -36.60 -19.24
C LEU E 748 -80.15 -37.67 -18.30
N MET E 749 -80.91 -38.08 -17.29
CA MET E 749 -80.55 -39.20 -16.45
C MET E 749 -80.44 -40.47 -17.29
N ASN E 750 -81.40 -40.71 -18.18
CA ASN E 750 -81.35 -41.82 -19.07
C ASN E 750 -80.17 -41.73 -20.03
N ASN E 751 -79.77 -40.55 -20.49
CA ASN E 751 -78.57 -40.38 -21.30
C ASN E 751 -77.39 -40.87 -20.52
N THR E 752 -77.28 -40.35 -19.30
CA THR E 752 -76.20 -40.66 -18.39
C THR E 752 -76.12 -42.16 -18.19
N GLN E 753 -77.25 -42.76 -17.88
CA GLN E 753 -77.32 -44.18 -17.70
C GLN E 753 -77.01 -44.92 -19.00
N GLN E 754 -77.45 -44.41 -20.13
CA GLN E 754 -77.15 -44.99 -21.41
C GLN E 754 -75.65 -44.89 -21.69
N LEU E 755 -74.97 -43.85 -21.20
CA LEU E 755 -73.53 -43.83 -21.25
C LEU E 755 -72.98 -45.00 -20.48
N ARG E 756 -73.45 -45.25 -19.26
CA ARG E 756 -72.94 -46.36 -18.43
C ARG E 756 -73.10 -47.70 -19.11
N VAL E 757 -74.25 -47.89 -19.73
CA VAL E 757 -74.58 -49.11 -20.45
C VAL E 757 -73.67 -49.25 -21.66
N GLN E 758 -73.61 -48.22 -22.49
CA GLN E 758 -72.78 -48.23 -23.69
C GLN E 758 -71.30 -48.30 -23.35
N LEU E 759 -70.89 -47.75 -22.22
CA LEU E 759 -69.55 -47.86 -21.71
C LEU E 759 -69.25 -49.29 -21.27
N GLU E 760 -70.14 -49.99 -20.60
CA GLU E 760 -69.93 -51.40 -20.32
C GLU E 760 -69.79 -52.19 -21.61
N LYS E 761 -70.69 -51.97 -22.58
CA LYS E 761 -70.52 -52.57 -23.91
C LYS E 761 -69.12 -52.28 -24.42
N MET E 762 -68.70 -51.02 -24.36
CA MET E 762 -67.44 -50.59 -24.93
C MET E 762 -66.24 -51.15 -24.17
N PHE E 763 -66.36 -51.26 -22.86
CA PHE E 763 -65.38 -51.91 -22.02
C PHE E 763 -65.24 -53.37 -22.43
N GLU E 764 -66.36 -54.05 -22.66
CA GLU E 764 -66.32 -55.44 -23.08
C GLU E 764 -65.79 -55.57 -24.49
N ALA E 765 -66.15 -54.63 -25.37
CA ALA E 765 -65.66 -54.57 -26.73
C ALA E 765 -64.15 -54.31 -26.77
N MET E 766 -63.64 -53.52 -25.83
CA MET E 766 -62.21 -53.35 -25.53
C MET E 766 -61.61 -54.56 -24.81
N GLY E 767 -62.27 -55.72 -24.84
CA GLY E 767 -61.76 -56.98 -24.33
C GLY E 767 -62.20 -57.28 -22.90
N GLY E 768 -62.88 -56.36 -22.24
CA GLY E 768 -63.35 -56.54 -20.87
C GLY E 768 -62.18 -56.93 -19.96
N LYS E 769 -62.24 -58.14 -19.40
CA LYS E 769 -61.20 -58.69 -18.51
C LYS E 769 -59.83 -58.76 -19.18
N GLU E 770 -59.79 -58.91 -20.49
CA GLU E 770 -58.58 -59.00 -21.27
C GLU E 770 -57.99 -57.63 -21.64
N LEU E 771 -58.66 -56.52 -21.30
CA LEU E 771 -58.11 -55.18 -21.46
C LEU E 771 -56.87 -54.94 -20.56
N ASP E 772 -55.94 -54.10 -21.03
CA ASP E 772 -54.81 -53.61 -20.25
C ASP E 772 -55.23 -53.06 -18.87
N ALA E 773 -54.42 -53.29 -17.84
CA ALA E 773 -54.75 -52.92 -16.47
C ALA E 773 -55.03 -51.41 -16.27
N GLU E 774 -54.27 -50.49 -16.85
CA GLU E 774 -54.51 -49.06 -16.67
C GLU E 774 -55.70 -48.57 -17.50
N ALA E 775 -55.89 -49.10 -18.70
CA ALA E 775 -57.08 -48.83 -19.50
C ALA E 775 -58.33 -49.33 -18.75
N SER E 776 -58.31 -50.56 -18.27
CA SER E 776 -59.37 -51.16 -17.46
C SER E 776 -59.66 -50.37 -16.20
N GLY E 777 -58.61 -50.03 -15.45
CA GLY E 777 -58.71 -49.17 -14.28
C GLY E 777 -59.38 -47.86 -14.64
N THR E 778 -58.91 -47.20 -15.71
CA THR E 778 -59.50 -45.95 -16.22
C THR E 778 -61.00 -46.10 -16.46
N LEU E 779 -61.40 -47.16 -17.15
CA LEU E 779 -62.81 -47.33 -17.49
C LEU E 779 -63.67 -47.74 -16.27
N LYS E 780 -63.12 -48.51 -15.33
CA LYS E 780 -63.82 -48.86 -14.08
C LYS E 780 -64.05 -47.63 -13.21
N GLU E 781 -63.02 -46.80 -13.09
CA GLU E 781 -63.09 -45.46 -12.53
C GLU E 781 -64.21 -44.66 -13.20
N LEU E 782 -64.16 -44.57 -14.52
CA LEU E 782 -65.13 -43.82 -15.29
C LEU E 782 -66.55 -44.31 -14.99
N GLN E 783 -66.76 -45.63 -14.96
CA GLN E 783 -68.05 -46.20 -14.68
C GLN E 783 -68.55 -45.88 -13.28
N VAL E 784 -67.67 -45.92 -12.28
CA VAL E 784 -68.05 -45.50 -10.93
C VAL E 784 -68.36 -44.01 -10.89
N LYS E 785 -67.54 -43.17 -11.50
CA LYS E 785 -67.82 -41.72 -11.56
C LYS E 785 -69.16 -41.46 -12.20
N LEU E 786 -69.42 -42.07 -13.34
CA LEU E 786 -70.68 -41.91 -14.03
C LEU E 786 -71.84 -42.44 -13.16
N ASN E 787 -71.66 -43.56 -12.47
CA ASN E 787 -72.67 -44.05 -11.53
C ASN E 787 -73.00 -42.96 -10.51
N ASN E 788 -71.98 -42.30 -10.01
CA ASN E 788 -72.15 -41.29 -9.02
C ASN E 788 -72.83 -40.06 -9.64
N VAL E 789 -72.45 -39.65 -10.85
CA VAL E 789 -73.17 -38.59 -11.57
C VAL E 789 -74.64 -38.92 -11.59
N LEU E 790 -74.98 -40.14 -11.98
CA LEU E 790 -76.37 -40.53 -12.01
C LEU E 790 -77.03 -40.41 -10.63
N ASP E 791 -76.35 -40.83 -9.57
CA ASP E 791 -76.85 -40.63 -8.21
C ASP E 791 -77.08 -39.15 -7.91
N GLU E 792 -76.14 -38.28 -8.27
CA GLU E 792 -76.26 -36.85 -8.04
C GLU E 792 -77.43 -36.29 -8.83
N LEU E 793 -77.50 -36.56 -10.12
CA LEU E 793 -78.61 -36.13 -10.95
C LEU E 793 -79.92 -36.61 -10.33
N SER E 794 -79.98 -37.87 -9.86
CA SER E 794 -81.18 -38.39 -9.22
C SER E 794 -81.54 -37.64 -7.97
N HIS E 795 -80.54 -37.24 -7.20
CA HIS E 795 -80.74 -36.43 -6.03
C HIS E 795 -81.21 -35.03 -6.39
N VAL E 796 -80.59 -34.39 -7.39
CA VAL E 796 -80.92 -33.03 -7.82
C VAL E 796 -82.36 -32.98 -8.35
N PHE E 797 -82.72 -34.01 -9.11
CA PHE E 797 -84.07 -34.22 -9.55
C PHE E 797 -85.04 -34.40 -8.38
N ALA E 798 -84.81 -35.36 -7.49
CA ALA E 798 -85.68 -35.57 -6.33
C ALA E 798 -85.85 -34.31 -5.47
N THR E 799 -84.78 -33.52 -5.36
CA THR E 799 -84.73 -32.26 -4.62
C THR E 799 -85.63 -31.19 -5.20
N SER E 800 -85.77 -31.10 -6.52
CA SER E 800 -86.71 -30.11 -7.06
C SER E 800 -88.16 -30.40 -6.63
N PHE E 801 -88.50 -31.64 -6.26
CA PHE E 801 -89.79 -32.02 -5.66
C PHE E 801 -89.89 -31.75 -4.17
N GLN E 802 -88.79 -31.50 -3.46
CA GLN E 802 -88.82 -31.31 -2.02
C GLN E 802 -89.79 -30.21 -1.55
N PRO E 803 -89.85 -29.01 -2.15
CA PRO E 803 -90.79 -27.98 -1.71
C PRO E 803 -92.24 -28.40 -1.84
N HIS E 804 -92.54 -29.12 -2.92
CA HIS E 804 -93.86 -29.68 -3.16
C HIS E 804 -94.16 -30.79 -2.15
N ILE E 805 -93.20 -31.66 -1.85
CA ILE E 805 -93.34 -32.71 -0.84
C ILE E 805 -93.55 -32.09 0.54
N GLU E 806 -92.88 -30.98 0.84
CA GLU E 806 -93.06 -30.27 2.10
C GLU E 806 -94.40 -29.57 2.18
N GLU E 807 -94.81 -28.89 1.14
CA GLU E 807 -96.13 -28.32 1.04
C GLU E 807 -97.19 -29.42 1.20
N CYS E 808 -97.06 -30.52 0.43
CA CYS E 808 -97.94 -31.68 0.53
C CYS E 808 -98.01 -32.15 1.96
N VAL E 809 -96.87 -32.45 2.57
CA VAL E 809 -96.83 -33.02 3.91
C VAL E 809 -97.36 -32.04 4.95
N ARG E 810 -97.16 -30.74 4.76
CA ARG E 810 -97.85 -29.76 5.60
C ARG E 810 -99.35 -29.85 5.38
N GLN E 811 -99.85 -29.97 4.16
CA GLN E 811 -101.28 -30.20 3.93
C GLN E 811 -101.80 -31.51 4.50
N MET E 812 -101.03 -32.57 4.39
CA MET E 812 -101.33 -33.84 5.04
C MET E 812 -101.46 -33.60 6.55
N GLY E 813 -100.57 -32.78 7.12
CA GLY E 813 -100.62 -32.33 8.51
C GLY E 813 -101.85 -31.47 8.83
N ASP E 814 -102.25 -30.55 7.96
CA ASP E 814 -103.46 -29.74 8.15
C ASP E 814 -104.72 -30.61 8.18
N ILE E 815 -104.78 -31.63 7.32
CA ILE E 815 -105.86 -32.62 7.30
C ILE E 815 -105.82 -33.49 8.57
N LEU E 816 -104.67 -34.09 8.92
CA LEU E 816 -104.52 -34.96 10.12
C LEU E 816 -104.82 -34.22 11.43
N SER E 817 -104.66 -32.91 11.52
CA SER E 817 -105.03 -32.13 12.72
C SER E 817 -106.53 -32.19 13.00
N GLN E 818 -107.34 -32.40 11.97
CA GLN E 818 -108.78 -32.49 12.05
C GLN E 818 -109.22 -33.89 12.53
N VAL E 819 -108.44 -34.93 12.23
CA VAL E 819 -108.58 -36.24 12.89
C VAL E 819 -107.94 -36.10 14.27
N LYS E 820 -108.64 -36.42 15.35
CA LYS E 820 -108.01 -36.58 16.66
C LYS E 820 -108.32 -37.99 17.18
N GLY E 821 -108.61 -38.16 18.47
CA GLY E 821 -108.88 -39.47 19.08
C GLY E 821 -110.33 -39.83 18.85
N THR E 822 -110.65 -40.26 17.63
CA THR E 822 -112.01 -40.02 17.12
C THR E 822 -113.12 -40.94 17.59
N GLY E 823 -112.86 -41.94 18.43
CA GLY E 823 -113.94 -42.71 19.07
C GLY E 823 -114.97 -41.84 19.83
N ASN E 824 -114.63 -40.58 20.10
CA ASN E 824 -115.52 -39.56 20.67
C ASN E 824 -115.52 -38.25 19.84
N VAL E 825 -115.50 -38.37 18.50
CA VAL E 825 -115.52 -37.25 17.53
C VAL E 825 -116.40 -37.63 16.31
N PRO E 826 -117.06 -36.68 15.60
CA PRO E 826 -117.98 -36.96 14.49
C PRO E 826 -117.44 -37.81 13.32
N ALA E 827 -118.33 -38.45 12.56
CA ALA E 827 -118.04 -39.46 11.52
C ALA E 827 -117.27 -39.00 10.27
N SER E 828 -116.95 -37.71 10.11
CA SER E 828 -115.98 -37.20 9.11
C SER E 828 -114.52 -37.32 9.58
N ALA E 829 -114.32 -37.53 10.89
CA ALA E 829 -113.02 -37.72 11.53
C ALA E 829 -112.99 -39.03 12.36
N CYS E 830 -114.12 -39.53 12.86
CA CYS E 830 -114.32 -40.97 13.09
C CYS E 830 -114.79 -41.69 11.82
N SER E 831 -114.61 -41.01 10.68
CA SER E 831 -114.41 -41.62 9.36
C SER E 831 -113.40 -42.76 9.49
N SER E 832 -113.53 -43.83 8.71
CA SER E 832 -112.72 -45.03 8.95
C SER E 832 -111.25 -44.69 8.90
N VAL E 833 -110.45 -45.50 9.59
CA VAL E 833 -109.01 -45.31 9.61
C VAL E 833 -108.46 -45.24 8.18
N ALA E 834 -109.01 -46.06 7.27
CA ALA E 834 -108.70 -46.04 5.85
C ALA E 834 -109.05 -44.71 5.16
N GLN E 835 -110.28 -44.24 5.34
CA GLN E 835 -110.74 -43.02 4.67
C GLN E 835 -109.98 -41.78 5.18
N ASP E 836 -109.72 -41.70 6.47
CA ASP E 836 -108.85 -40.64 6.98
C ASP E 836 -107.43 -40.73 6.44
N ALA E 837 -106.86 -41.93 6.34
CA ALA E 837 -105.56 -42.11 5.70
C ALA E 837 -105.57 -41.63 4.26
N ASP E 838 -106.60 -41.98 3.49
CA ASP E 838 -106.78 -41.50 2.12
C ASP E 838 -106.91 -39.97 2.04
N ASN E 839 -107.69 -39.35 2.91
CA ASN E 839 -107.84 -37.89 2.95
C ASN E 839 -106.51 -37.22 3.25
N VAL E 840 -105.89 -37.68 4.34
CA VAL E 840 -104.56 -37.25 4.76
C VAL E 840 -103.59 -37.37 3.60
N LEU E 841 -103.57 -38.52 2.92
CA LEU E 841 -102.70 -38.77 1.77
C LEU E 841 -103.05 -37.96 0.53
N GLN E 842 -104.23 -37.37 0.39
CA GLN E 842 -104.64 -36.88 -0.91
C GLN E 842 -103.70 -35.84 -1.53
N PRO E 843 -103.22 -34.82 -0.78
CA PRO E 843 -102.24 -33.87 -1.28
C PRO E 843 -101.02 -34.55 -1.91
N ILE E 844 -100.45 -35.56 -1.25
CA ILE E 844 -99.25 -36.25 -1.74
C ILE E 844 -99.57 -37.29 -2.82
N MET E 845 -100.75 -37.88 -2.83
CA MET E 845 -101.10 -38.90 -3.82
C MET E 845 -101.41 -38.30 -5.19
N ASP E 846 -101.89 -37.06 -5.21
CA ASP E 846 -101.95 -36.29 -6.46
C ASP E 846 -100.57 -36.11 -7.06
N LEU E 847 -99.60 -35.76 -6.22
CA LEU E 847 -98.21 -35.69 -6.62
C LEU E 847 -97.71 -37.08 -7.07
N LEU E 848 -97.75 -38.06 -6.17
CA LEU E 848 -97.09 -39.35 -6.33
C LEU E 848 -97.63 -40.12 -7.51
N ASP E 849 -98.95 -40.30 -7.61
CA ASP E 849 -99.49 -41.20 -8.62
C ASP E 849 -99.07 -40.77 -10.02
N SER E 850 -99.29 -39.49 -10.30
CA SER E 850 -98.96 -38.88 -11.57
C SER E 850 -97.46 -38.97 -11.86
N ASN E 851 -96.64 -38.49 -10.92
CA ASN E 851 -95.21 -38.39 -11.14
C ASN E 851 -94.57 -39.76 -11.20
N LEU E 852 -94.86 -40.64 -10.25
CA LEU E 852 -94.27 -41.97 -10.23
C LEU E 852 -94.72 -42.76 -11.44
N THR E 853 -95.97 -42.62 -11.88
CA THR E 853 -96.37 -43.31 -13.10
C THR E 853 -95.68 -42.72 -14.34
N LEU E 854 -95.52 -41.39 -14.43
CA LEU E 854 -94.75 -40.77 -15.51
C LEU E 854 -93.28 -41.25 -15.51
N PHE E 855 -92.59 -41.15 -14.37
CA PHE E 855 -91.21 -41.60 -14.22
C PHE E 855 -91.08 -43.08 -14.53
N ALA E 856 -92.00 -43.91 -14.05
CA ALA E 856 -91.94 -45.34 -14.32
C ALA E 856 -91.94 -45.66 -15.81
N LYS E 857 -92.64 -44.83 -16.60
CA LYS E 857 -92.54 -44.86 -18.05
C LYS E 857 -91.18 -44.31 -18.50
N ILE E 858 -90.94 -43.02 -18.30
CA ILE E 858 -89.90 -42.29 -19.03
C ILE E 858 -88.50 -42.47 -18.47
N CYS E 859 -88.37 -42.97 -17.26
CA CYS E 859 -87.09 -43.30 -16.68
C CYS E 859 -86.77 -44.75 -16.99
N GLU E 860 -85.53 -44.97 -17.42
CA GLU E 860 -84.95 -46.29 -17.38
C GLU E 860 -84.97 -46.84 -15.95
N LYS E 861 -85.02 -48.16 -15.77
CA LYS E 861 -85.30 -48.76 -14.46
C LYS E 861 -84.26 -48.44 -13.39
N THR E 862 -82.99 -48.37 -13.75
CA THR E 862 -81.92 -47.82 -12.89
C THR E 862 -82.17 -46.37 -12.47
N VAL E 863 -82.60 -45.52 -13.42
CA VAL E 863 -82.93 -44.10 -13.19
C VAL E 863 -84.09 -43.97 -12.22
N LEU E 864 -85.17 -44.72 -12.50
CA LEU E 864 -86.37 -44.76 -11.68
C LEU E 864 -86.05 -45.14 -10.24
N LYS E 865 -85.36 -46.26 -10.02
CA LYS E 865 -85.01 -46.75 -8.66
C LYS E 865 -84.26 -45.69 -7.84
N ARG E 866 -83.29 -45.03 -8.47
CA ARG E 866 -82.49 -43.98 -7.83
C ARG E 866 -83.36 -42.77 -7.48
N VAL E 867 -84.16 -42.29 -8.43
CA VAL E 867 -85.16 -41.24 -8.22
C VAL E 867 -86.09 -41.59 -7.06
N LEU E 868 -86.64 -42.81 -7.06
CA LEU E 868 -87.55 -43.29 -6.04
C LEU E 868 -86.91 -43.36 -4.67
N LYS E 869 -85.67 -43.84 -4.53
CA LYS E 869 -85.00 -43.85 -3.23
C LYS E 869 -84.87 -42.44 -2.68
N GLU E 870 -84.40 -41.52 -3.52
CA GLU E 870 -84.25 -40.12 -3.14
C GLU E 870 -85.60 -39.46 -2.80
N LEU E 871 -86.67 -39.80 -3.52
CA LEU E 871 -88.02 -39.35 -3.19
C LEU E 871 -88.60 -40.01 -1.92
N TRP E 872 -88.40 -41.31 -1.71
CA TRP E 872 -88.87 -42.05 -0.53
C TRP E 872 -88.31 -41.49 0.78
N LYS E 873 -86.98 -41.37 0.82
CA LYS E 873 -86.24 -40.72 1.90
C LYS E 873 -86.84 -39.35 2.20
N LEU E 874 -86.98 -38.54 1.15
CA LEU E 874 -87.49 -37.19 1.21
C LEU E 874 -88.91 -37.17 1.80
N VAL E 875 -89.80 -38.04 1.33
CA VAL E 875 -91.14 -38.18 1.91
C VAL E 875 -91.06 -38.61 3.37
N MET E 876 -90.39 -39.71 3.69
CA MET E 876 -90.28 -40.24 5.06
C MET E 876 -89.78 -39.20 6.03
N ASN E 877 -88.68 -38.53 5.67
CA ASN E 877 -88.10 -37.49 6.48
C ASN E 877 -89.04 -36.31 6.62
N THR E 878 -89.67 -35.89 5.52
CA THR E 878 -90.63 -34.79 5.54
C THR E 878 -91.78 -35.11 6.47
N MET E 879 -92.37 -36.29 6.37
CA MET E 879 -93.43 -36.74 7.27
C MET E 879 -92.99 -36.82 8.72
N GLU E 880 -91.81 -37.33 8.96
CA GLU E 880 -91.26 -37.38 10.30
C GLU E 880 -91.15 -36.01 10.92
N ARG E 881 -90.52 -35.09 10.20
CA ARG E 881 -90.28 -33.72 10.63
C ARG E 881 -91.57 -32.93 10.73
N THR E 882 -92.33 -32.88 9.65
CA THR E 882 -93.51 -32.02 9.50
C THR E 882 -94.73 -32.56 10.23
N ILE E 883 -94.92 -33.88 10.29
CA ILE E 883 -96.11 -34.47 10.91
C ILE E 883 -95.80 -35.04 12.28
N VAL E 884 -94.83 -35.94 12.40
CA VAL E 884 -94.70 -36.70 13.66
C VAL E 884 -94.00 -35.90 14.73
N LEU E 885 -92.96 -35.14 14.40
CA LEU E 885 -92.21 -34.32 15.34
C LEU E 885 -92.18 -32.84 14.91
N PRO E 886 -93.36 -32.18 14.83
CA PRO E 886 -93.46 -30.80 14.42
C PRO E 886 -92.79 -29.90 15.47
N PRO E 887 -91.93 -28.95 15.08
CA PRO E 887 -91.12 -28.19 16.04
C PRO E 887 -91.94 -27.36 17.02
N GLU E 888 -93.13 -26.93 16.63
CA GLU E 888 -94.09 -26.27 17.52
C GLU E 888 -94.56 -27.15 18.70
N PHE E 889 -94.42 -28.49 18.68
CA PHE E 889 -94.71 -29.32 19.86
C PHE E 889 -93.59 -29.28 20.91
N LEU E 890 -92.40 -28.75 20.57
CA LEU E 890 -91.54 -28.20 21.61
C LEU E 890 -92.34 -27.15 22.36
N SER E 891 -92.78 -26.11 21.64
CA SER E 891 -93.49 -24.97 22.19
C SER E 891 -94.70 -25.37 23.04
N LYS E 892 -95.58 -26.24 22.53
CA LYS E 892 -96.92 -26.47 23.10
C LYS E 892 -97.02 -27.54 24.20
N LEU E 893 -95.97 -28.32 24.51
CA LEU E 893 -95.88 -29.02 25.82
C LEU E 893 -94.51 -29.59 26.24
N LYS E 894 -93.45 -29.51 25.42
CA LYS E 894 -92.09 -29.65 25.97
C LYS E 894 -91.77 -28.40 26.79
N ASP E 895 -91.98 -27.27 26.13
CA ASP E 895 -91.66 -25.91 26.54
C ASP E 895 -92.81 -25.29 27.35
N HIS E 896 -92.57 -24.05 27.76
CA HIS E 896 -93.41 -23.26 28.66
C HIS E 896 -94.59 -22.51 27.97
N MET E 897 -94.72 -22.53 26.63
CA MET E 897 -95.47 -21.47 25.92
C MET E 897 -97.00 -21.46 26.10
N VAL E 898 -97.64 -22.63 26.25
CA VAL E 898 -99.11 -22.75 26.31
C VAL E 898 -99.50 -23.87 27.31
N ARG E 899 -100.41 -23.60 28.26
CA ARG E 899 -100.95 -24.57 29.26
C ARG E 899 -102.03 -25.52 28.67
N GLU E 900 -101.90 -25.80 27.38
CA GLU E 900 -102.69 -26.76 26.61
C GLU E 900 -102.17 -28.18 26.85
N GLU E 901 -102.99 -29.19 26.63
CA GLU E 901 -102.56 -30.58 26.74
C GLU E 901 -101.77 -31.06 25.51
N ALA E 902 -101.39 -30.13 24.61
CA ALA E 902 -100.94 -30.24 23.21
C ALA E 902 -101.80 -31.08 22.25
N LYS E 903 -102.57 -32.04 22.77
CA LYS E 903 -103.14 -33.21 22.09
C LYS E 903 -102.05 -34.03 21.39
N SER E 904 -101.76 -35.19 21.97
CA SER E 904 -100.85 -36.16 21.39
C SER E 904 -101.27 -36.56 19.98
N LEU E 905 -100.39 -37.26 19.27
CA LEU E 905 -100.89 -38.16 18.24
C LEU E 905 -101.75 -39.19 18.97
N THR E 906 -103.06 -39.06 18.79
CA THR E 906 -104.10 -39.90 19.42
C THR E 906 -104.09 -41.30 18.77
N PRO E 907 -104.60 -42.39 19.40
CA PRO E 907 -104.53 -43.73 18.81
C PRO E 907 -105.04 -43.77 17.37
N LYS E 908 -106.13 -43.06 17.12
CA LYS E 908 -106.67 -42.87 15.79
C LYS E 908 -105.74 -42.12 14.84
N GLN E 909 -105.10 -41.03 15.24
CA GLN E 909 -104.08 -40.38 14.40
C GLN E 909 -102.74 -41.12 14.34
N CYS E 910 -102.49 -42.09 15.23
CA CYS E 910 -101.34 -42.99 15.14
C CYS E 910 -101.58 -44.03 14.06
N ALA E 911 -102.72 -44.72 14.18
CA ALA E 911 -103.40 -45.24 13.02
C ALA E 911 -103.70 -44.05 12.08
N VAL E 912 -104.28 -44.24 10.90
CA VAL E 912 -104.27 -43.18 9.88
C VAL E 912 -102.88 -42.90 9.36
N VAL E 913 -101.93 -42.45 10.18
CA VAL E 913 -100.53 -42.28 9.81
C VAL E 913 -99.89 -43.62 9.51
N GLU E 914 -99.95 -44.61 10.41
CA GLU E 914 -99.38 -45.94 10.14
C GLU E 914 -99.97 -46.57 8.85
N LEU E 915 -101.22 -46.25 8.55
CA LEU E 915 -101.86 -46.72 7.32
C LEU E 915 -101.50 -45.88 6.08
N ALA E 916 -101.43 -44.55 6.24
CA ALA E 916 -100.92 -43.67 5.22
C ALA E 916 -99.52 -44.10 4.81
N LEU E 917 -98.67 -44.43 5.78
CA LEU E 917 -97.31 -44.93 5.58
C LEU E 917 -97.29 -46.29 4.86
N ASP E 918 -98.14 -47.23 5.24
CA ASP E 918 -98.20 -48.50 4.50
C ASP E 918 -98.64 -48.25 3.05
N THR E 919 -99.54 -47.30 2.82
CA THR E 919 -99.97 -46.91 1.47
C THR E 919 -98.86 -46.24 0.68
N ILE E 920 -98.13 -45.31 1.30
CA ILE E 920 -96.98 -44.66 0.70
C ILE E 920 -95.95 -45.72 0.34
N LYS E 921 -95.67 -46.66 1.24
CA LYS E 921 -94.79 -47.80 1.02
C LYS E 921 -95.27 -48.66 -0.14
N GLN E 922 -96.55 -48.96 -0.23
CA GLN E 922 -97.13 -49.68 -1.35
C GLN E 922 -97.00 -48.87 -2.65
N TYR E 923 -97.20 -47.56 -2.59
CA TYR E 923 -97.00 -46.65 -3.69
C TYR E 923 -95.56 -46.68 -4.17
N PHE E 924 -94.60 -46.50 -3.26
CA PHE E 924 -93.19 -46.55 -3.58
C PHE E 924 -92.76 -47.95 -3.99
N HIS E 925 -93.44 -48.99 -3.52
CA HIS E 925 -93.23 -50.33 -4.02
C HIS E 925 -93.77 -50.54 -5.43
N ALA E 926 -94.89 -49.88 -5.73
CA ALA E 926 -95.59 -49.90 -7.00
C ALA E 926 -95.70 -51.32 -7.56
N GLY E 927 -96.12 -52.27 -6.71
CA GLY E 927 -96.25 -53.66 -7.14
C GLY E 927 -94.95 -54.23 -7.72
N GLY E 928 -93.81 -53.88 -7.17
CA GLY E 928 -92.51 -54.33 -7.68
C GLY E 928 -91.90 -53.44 -8.74
N VAL E 929 -92.66 -52.49 -9.31
CA VAL E 929 -92.11 -51.57 -10.32
C VAL E 929 -91.24 -50.48 -9.69
N GLY E 930 -91.58 -50.14 -8.46
CA GLY E 930 -90.79 -49.30 -7.61
C GLY E 930 -89.92 -50.10 -6.65
N LEU E 931 -89.64 -49.51 -5.50
CA LEU E 931 -88.68 -49.98 -4.51
C LEU E 931 -89.12 -51.28 -3.85
N LYS E 932 -88.17 -52.19 -3.62
CA LYS E 932 -88.49 -53.47 -3.01
C LYS E 932 -89.12 -53.25 -1.64
N LYS E 933 -90.12 -54.05 -1.28
CA LYS E 933 -90.70 -54.03 0.08
C LYS E 933 -89.62 -54.14 1.14
N THR E 934 -88.61 -54.96 0.88
CA THR E 934 -87.45 -55.17 1.75
C THR E 934 -86.65 -53.89 2.01
N PHE E 935 -86.31 -53.09 0.98
CA PHE E 935 -85.67 -51.78 1.16
C PHE E 935 -86.56 -50.85 1.99
N LEU E 936 -87.85 -50.84 1.68
CA LEU E 936 -88.79 -49.96 2.32
C LEU E 936 -88.95 -50.32 3.81
N GLU E 937 -89.11 -51.60 4.14
CA GLU E 937 -89.22 -52.06 5.52
C GLU E 937 -87.93 -51.83 6.32
N LYS E 938 -86.77 -52.13 5.73
CA LYS E 938 -85.47 -51.86 6.34
C LYS E 938 -85.11 -50.39 6.31
N SER E 939 -85.93 -49.54 5.68
CA SER E 939 -85.60 -48.14 5.54
C SER E 939 -85.41 -47.54 6.92
N PRO E 940 -84.23 -46.97 7.20
CA PRO E 940 -83.99 -46.31 8.45
C PRO E 940 -84.93 -45.10 8.59
N ASP E 941 -85.31 -44.48 7.47
CA ASP E 941 -86.22 -43.35 7.42
C ASP E 941 -87.59 -43.76 7.95
N LEU E 942 -88.09 -44.88 7.45
CA LEU E 942 -89.29 -45.49 7.96
C LEU E 942 -89.13 -45.95 9.41
N GLN E 943 -88.04 -46.64 9.74
CA GLN E 943 -87.83 -47.13 11.10
C GLN E 943 -87.79 -45.98 12.11
N SER E 944 -87.13 -44.87 11.76
CA SER E 944 -87.10 -43.67 12.58
C SER E 944 -88.51 -43.11 12.74
N LEU E 945 -89.25 -43.01 11.64
CA LEU E 945 -90.62 -42.53 11.68
C LEU E 945 -91.50 -43.40 12.60
N ARG E 946 -91.41 -44.73 12.45
CA ARG E 946 -92.07 -45.71 13.32
C ARG E 946 -91.67 -45.56 14.78
N TYR E 947 -90.40 -45.29 15.05
CA TYR E 947 -89.94 -45.14 16.42
C TYR E 947 -90.62 -43.96 17.08
N ALA E 948 -90.54 -42.77 16.46
CA ALA E 948 -91.19 -41.57 16.97
C ALA E 948 -92.68 -41.80 17.22
N LEU E 949 -93.35 -42.45 16.26
CA LEU E 949 -94.74 -42.84 16.40
C LEU E 949 -94.94 -43.78 17.59
N SER E 950 -94.11 -44.80 17.77
CA SER E 950 -94.26 -45.74 18.87
C SER E 950 -94.21 -45.02 20.22
N LEU E 951 -93.39 -43.96 20.33
CA LEU E 951 -93.27 -43.22 21.59
C LEU E 951 -94.61 -42.61 22.00
N TYR E 952 -95.35 -42.05 21.05
CA TYR E 952 -96.58 -41.31 21.31
C TYR E 952 -97.68 -42.13 22.01
N THR E 953 -97.64 -43.46 21.96
CA THR E 953 -98.62 -44.32 22.65
C THR E 953 -98.03 -45.05 23.86
N GLN E 954 -96.71 -45.01 24.07
CA GLN E 954 -96.05 -45.86 25.06
C GLN E 954 -96.41 -45.52 26.51
N ALA E 955 -96.45 -46.56 27.35
CA ALA E 955 -96.84 -46.46 28.75
C ALA E 955 -95.87 -45.56 29.52
N THR E 956 -96.36 -44.99 30.60
CA THR E 956 -95.60 -44.05 31.42
C THR E 956 -94.31 -44.66 31.92
N ASP E 957 -94.36 -45.85 32.53
CA ASP E 957 -93.15 -46.52 32.99
C ASP E 957 -92.20 -46.82 31.84
N LEU E 958 -92.73 -47.16 30.67
CA LEU E 958 -91.90 -47.53 29.55
C LEU E 958 -91.21 -46.30 28.96
N LEU E 959 -91.94 -45.20 28.84
CA LEU E 959 -91.39 -43.88 28.56
C LEU E 959 -90.30 -43.53 29.57
N ILE E 960 -90.56 -43.72 30.86
CA ILE E 960 -89.58 -43.39 31.92
C ILE E 960 -88.33 -44.29 31.84
N LYS E 961 -88.49 -45.60 31.69
CA LYS E 961 -87.39 -46.52 31.44
C LYS E 961 -86.60 -46.08 30.23
N THR E 962 -87.30 -45.75 29.15
CA THR E 962 -86.70 -45.28 27.91
C THR E 962 -85.88 -44.03 28.18
N PHE E 963 -86.43 -43.09 28.93
CA PHE E 963 -85.69 -41.92 29.33
C PHE E 963 -84.40 -42.32 30.05
N VAL E 964 -84.45 -43.16 31.09
CA VAL E 964 -83.23 -43.52 31.83
C VAL E 964 -82.22 -44.25 30.96
N GLN E 965 -82.67 -45.19 30.14
CA GLN E 965 -81.79 -45.92 29.24
C GLN E 965 -81.18 -45.03 28.15
N THR E 966 -81.90 -44.00 27.68
CA THR E 966 -81.46 -43.12 26.57
C THR E 966 -80.64 -41.91 27.04
N GLN E 967 -81.05 -41.29 28.14
CA GLN E 967 -80.37 -40.14 28.74
C GLN E 967 -79.05 -40.57 29.45
N SER E 968 -78.29 -41.51 28.89
CA SER E 968 -77.03 -42.05 29.46
C SER E 968 -76.05 -40.93 29.82
N ALA E 969 -76.04 -39.85 29.03
CA ALA E 969 -75.21 -38.67 29.26
C ALA E 969 -75.61 -37.84 30.51
N GLN E 970 -76.75 -38.08 31.16
CA GLN E 970 -77.05 -37.54 32.50
C GLN E 970 -76.30 -38.35 33.59
N GLY E 971 -74.99 -38.48 33.43
CA GLY E 971 -74.09 -39.19 34.35
C GLY E 971 -72.63 -39.18 33.88
N SER E 972 -72.08 -38.02 33.50
CA SER E 972 -70.68 -37.87 33.03
C SER E 972 -70.09 -36.45 33.14
N GLY E 973 -70.50 -35.66 34.13
CA GLY E 973 -70.01 -34.31 34.41
C GLY E 973 -71.00 -33.21 34.02
N VAL E 974 -71.63 -32.60 35.03
CA VAL E 974 -72.38 -31.34 34.89
C VAL E 974 -71.45 -30.26 34.38
N GLU E 975 -71.94 -29.40 33.49
CA GLU E 975 -71.19 -28.24 33.04
C GLU E 975 -71.81 -26.93 33.58
N ASP E 976 -70.96 -26.00 34.01
CA ASP E 976 -71.27 -24.91 34.94
C ASP E 976 -71.95 -25.36 36.26
N PRO E 977 -71.23 -26.06 37.15
CA PRO E 977 -71.75 -26.53 38.41
C PRO E 977 -72.06 -25.40 39.42
N VAL E 978 -72.99 -25.64 40.33
CA VAL E 978 -73.49 -24.70 41.36
C VAL E 978 -73.17 -25.14 42.78
N GLY E 979 -72.15 -25.96 42.88
CA GLY E 979 -71.77 -26.68 44.08
C GLY E 979 -71.60 -28.14 43.78
N GLU E 980 -71.45 -28.92 44.82
CA GLU E 980 -71.31 -30.36 44.76
C GLU E 980 -71.86 -31.02 46.01
N VAL E 981 -72.15 -32.32 45.91
CA VAL E 981 -72.64 -33.12 47.00
C VAL E 981 -71.76 -34.33 47.13
N SER E 982 -71.20 -34.52 48.31
CA SER E 982 -70.63 -35.80 48.68
C SER E 982 -71.71 -36.76 49.10
N VAL E 983 -71.82 -37.85 48.35
CA VAL E 983 -72.63 -39.01 48.74
C VAL E 983 -71.72 -40.22 48.82
N HIS E 984 -72.05 -41.10 49.76
CA HIS E 984 -71.67 -42.49 49.64
C HIS E 984 -72.92 -43.31 49.39
N VAL E 985 -72.91 -44.13 48.35
CA VAL E 985 -74.08 -44.91 47.91
C VAL E 985 -73.73 -46.37 47.92
N GLU E 986 -74.61 -47.19 48.49
CA GLU E 986 -74.49 -48.63 48.48
C GLU E 986 -75.73 -49.19 47.82
N LEU E 987 -75.53 -49.67 46.60
CA LEU E 987 -76.48 -50.61 46.04
C LEU E 987 -76.38 -51.86 46.88
N PHE E 988 -77.52 -52.29 47.39
CA PHE E 988 -77.68 -53.62 47.89
C PHE E 988 -78.72 -54.28 47.01
N THR E 989 -78.24 -55.19 46.14
CA THR E 989 -79.05 -56.31 45.70
C THR E 989 -79.32 -57.03 46.98
N HIS E 990 -80.47 -56.67 47.51
CA HIS E 990 -80.76 -56.66 48.91
C HIS E 990 -80.48 -58.04 49.46
N PRO E 991 -79.47 -58.21 50.32
CA PRO E 991 -79.02 -59.54 50.71
C PRO E 991 -80.15 -60.34 51.35
N GLY E 992 -81.16 -59.67 51.93
CA GLY E 992 -82.36 -60.28 52.45
C GLY E 992 -83.45 -60.65 51.43
N THR E 993 -83.43 -60.19 50.17
CA THR E 993 -84.55 -60.43 49.23
C THR E 993 -84.21 -60.62 47.75
N GLY E 994 -83.04 -60.21 47.26
CA GLY E 994 -82.79 -60.17 45.80
C GLY E 994 -83.61 -59.10 45.05
N GLU E 995 -84.40 -58.26 45.74
CA GLU E 995 -84.77 -56.93 45.22
C GLU E 995 -83.52 -56.06 45.15
N GLN E 996 -83.64 -54.83 44.66
CA GLN E 996 -82.61 -53.84 44.88
C GLN E 996 -83.11 -52.72 45.75
N LYS E 997 -82.28 -52.43 46.72
CA LYS E 997 -82.41 -51.32 47.64
C LYS E 997 -81.18 -50.46 47.45
N VAL E 998 -81.34 -49.16 47.65
CA VAL E 998 -80.28 -48.20 47.40
C VAL E 998 -80.11 -47.41 48.67
N THR E 999 -79.07 -47.73 49.41
CA THR E 999 -78.70 -46.88 50.51
C THR E 999 -77.98 -45.66 49.95
N VAL E 1000 -78.35 -44.46 50.40
CA VAL E 1000 -77.69 -43.20 50.01
C VAL E 1000 -77.32 -42.45 51.29
N LYS E 1001 -76.06 -42.54 51.71
CA LYS E 1001 -75.49 -41.66 52.72
C LYS E 1001 -75.13 -40.31 52.11
N VAL E 1002 -75.97 -39.32 52.35
CA VAL E 1002 -75.68 -37.90 52.09
C VAL E 1002 -74.70 -37.40 53.14
N VAL E 1003 -73.43 -37.27 52.75
CA VAL E 1003 -72.34 -36.89 53.66
C VAL E 1003 -72.35 -35.38 53.87
N ALA E 1004 -72.32 -34.61 52.79
CA ALA E 1004 -72.19 -33.15 52.79
C ALA E 1004 -72.54 -32.55 51.43
N ALA E 1005 -72.74 -31.24 51.39
CA ALA E 1005 -72.56 -30.42 50.19
C ALA E 1005 -71.45 -29.39 50.40
N ASN E 1006 -70.95 -28.83 49.28
CA ASN E 1006 -69.83 -27.90 49.23
C ASN E 1006 -69.97 -26.96 48.02
N ASP E 1007 -69.35 -25.78 48.11
CA ASP E 1007 -69.34 -24.78 47.03
C ASP E 1007 -70.70 -24.41 46.45
N LEU E 1008 -71.72 -24.45 47.28
CA LEU E 1008 -73.06 -24.06 46.89
C LEU E 1008 -73.08 -22.60 46.46
N LYS E 1009 -73.30 -22.34 45.17
CA LYS E 1009 -73.38 -20.97 44.64
C LYS E 1009 -74.72 -20.39 45.05
N TRP E 1010 -74.83 -19.94 46.28
CA TRP E 1010 -76.10 -19.49 46.83
C TRP E 1010 -75.88 -18.52 47.99
N GLN E 1011 -74.93 -17.60 47.88
CA GLN E 1011 -74.78 -16.55 48.88
C GLN E 1011 -75.99 -15.61 48.76
N THR E 1012 -77.01 -15.93 49.54
CA THR E 1012 -78.38 -15.44 49.38
C THR E 1012 -78.65 -14.11 50.08
N SER E 1013 -79.68 -13.40 49.63
CA SER E 1013 -80.31 -12.25 50.29
C SER E 1013 -81.12 -12.61 51.56
N GLY E 1014 -80.57 -13.46 52.44
CA GLY E 1014 -81.22 -13.88 53.68
C GLY E 1014 -80.49 -14.99 54.43
N ILE E 1015 -81.19 -15.64 55.35
CA ILE E 1015 -80.67 -16.85 55.99
C ILE E 1015 -80.74 -17.97 54.97
N PHE E 1016 -79.59 -18.40 54.49
CA PHE E 1016 -79.51 -19.64 53.75
C PHE E 1016 -79.77 -20.82 54.69
N ARG E 1017 -80.62 -21.78 54.34
CA ARG E 1017 -80.92 -22.95 55.16
C ARG E 1017 -80.93 -24.20 54.29
N PRO E 1018 -79.81 -24.55 53.66
CA PRO E 1018 -79.78 -25.67 52.74
C PRO E 1018 -80.18 -26.99 53.40
N PHE E 1019 -80.94 -27.75 52.64
CA PHE E 1019 -81.15 -29.18 52.82
C PHE E 1019 -81.04 -29.85 51.46
N ILE E 1020 -80.80 -31.16 51.47
CA ILE E 1020 -80.65 -31.95 50.27
C ILE E 1020 -81.81 -32.89 50.16
N GLU E 1021 -82.65 -32.63 49.19
CA GLU E 1021 -83.54 -33.64 48.69
C GLU E 1021 -82.76 -34.69 47.90
N VAL E 1022 -83.04 -35.97 48.12
CA VAL E 1022 -82.62 -37.05 47.22
C VAL E 1022 -83.88 -37.69 46.64
N ASN E 1023 -83.90 -37.89 45.33
CA ASN E 1023 -84.97 -38.58 44.63
C ASN E 1023 -84.38 -39.76 43.87
N ILE E 1024 -85.06 -40.89 43.87
CA ILE E 1024 -84.80 -41.96 42.91
C ILE E 1024 -85.66 -41.75 41.67
N VAL E 1025 -85.14 -42.12 40.50
CA VAL E 1025 -85.87 -42.09 39.23
C VAL E 1025 -85.65 -43.39 38.47
N GLY E 1026 -86.72 -43.87 37.85
CA GLY E 1026 -86.78 -45.07 37.04
C GLY E 1026 -88.20 -45.65 37.04
N PRO E 1027 -88.41 -46.79 36.39
CA PRO E 1027 -89.74 -47.35 36.24
C PRO E 1027 -90.26 -47.94 37.56
N GLN E 1028 -91.58 -48.16 37.63
CA GLN E 1028 -92.31 -48.84 38.70
C GLN E 1028 -92.02 -48.27 40.09
N LEU E 1029 -92.25 -46.98 40.28
CA LEU E 1029 -92.00 -46.31 41.57
C LEU E 1029 -93.25 -45.71 42.20
N SER E 1030 -94.43 -45.90 41.62
CA SER E 1030 -95.73 -45.39 42.10
C SER E 1030 -96.05 -45.79 43.54
N ASP E 1031 -95.73 -47.03 43.90
CA ASP E 1031 -95.96 -47.68 45.19
C ASP E 1031 -94.85 -47.40 46.21
N LYS E 1032 -93.84 -46.62 45.83
CA LYS E 1032 -92.59 -46.42 46.57
C LYS E 1032 -92.32 -44.96 46.90
N LYS E 1033 -91.61 -44.77 48.02
CA LYS E 1033 -91.12 -43.47 48.46
C LYS E 1033 -90.02 -42.97 47.52
N ARG E 1034 -90.41 -42.10 46.59
CA ARG E 1034 -89.49 -41.56 45.57
C ARG E 1034 -88.55 -40.49 46.07
N LYS E 1035 -88.85 -39.87 47.20
CA LYS E 1035 -88.19 -38.69 47.74
C LYS E 1035 -87.72 -38.92 49.17
N PHE E 1036 -86.55 -38.40 49.52
CA PHE E 1036 -86.07 -38.14 50.88
C PHE E 1036 -85.50 -36.72 50.92
N ALA E 1037 -85.29 -36.20 52.12
CA ALA E 1037 -84.54 -34.97 52.32
C ALA E 1037 -83.68 -35.05 53.58
N THR E 1038 -82.50 -34.44 53.55
CA THR E 1038 -81.74 -34.20 54.78
C THR E 1038 -82.48 -33.20 55.66
N LYS E 1039 -82.09 -33.09 56.92
CA LYS E 1039 -82.38 -31.88 57.69
C LYS E 1039 -81.81 -30.67 56.96
N SER E 1040 -82.27 -29.48 57.31
CA SER E 1040 -81.61 -28.26 56.89
C SER E 1040 -80.43 -27.88 57.80
N LYS E 1041 -79.50 -27.08 57.29
CA LYS E 1041 -78.40 -26.46 58.05
C LYS E 1041 -78.41 -24.96 57.84
N ASN E 1042 -78.41 -24.20 58.93
CA ASN E 1042 -78.39 -22.74 58.84
C ASN E 1042 -77.07 -22.24 58.26
N ASN E 1043 -77.14 -21.18 57.45
CA ASN E 1043 -76.09 -20.31 56.97
C ASN E 1043 -74.79 -21.02 56.52
N SER E 1044 -74.93 -22.12 55.79
CA SER E 1044 -73.80 -23.03 55.56
C SER E 1044 -73.74 -23.44 54.10
N TRP E 1045 -72.88 -22.79 53.31
CA TRP E 1045 -72.54 -23.16 51.92
C TRP E 1045 -71.76 -24.47 51.75
N ALA E 1046 -71.29 -25.05 52.86
CA ALA E 1046 -70.67 -26.37 52.90
C ALA E 1046 -71.29 -27.29 53.98
N PRO E 1047 -72.61 -27.49 53.97
CA PRO E 1047 -73.30 -28.17 55.05
C PRO E 1047 -72.98 -29.64 55.02
N LYS E 1048 -72.56 -30.16 56.16
CA LYS E 1048 -72.48 -31.60 56.40
C LYS E 1048 -73.85 -32.12 56.81
N TYR E 1049 -74.12 -33.38 56.52
CA TYR E 1049 -75.40 -34.03 56.83
C TYR E 1049 -75.18 -35.39 57.47
N ASN E 1050 -74.37 -36.24 56.85
CA ASN E 1050 -74.19 -37.61 57.29
C ASN E 1050 -75.51 -38.38 57.43
N GLU E 1051 -76.51 -38.13 56.57
CA GLU E 1051 -77.83 -38.76 56.66
C GLU E 1051 -77.99 -39.86 55.61
N SER E 1052 -78.38 -41.06 56.04
CA SER E 1052 -78.46 -42.24 55.17
C SER E 1052 -79.90 -42.65 54.83
N PHE E 1053 -80.28 -42.56 53.56
CA PHE E 1053 -81.60 -42.92 53.05
C PHE E 1053 -81.57 -44.30 52.39
N GLN E 1054 -82.73 -44.93 52.17
CA GLN E 1054 -82.81 -46.28 51.60
C GLN E 1054 -83.98 -46.39 50.64
N PHE E 1055 -83.75 -46.06 49.38
CA PHE E 1055 -84.77 -46.29 48.36
C PHE E 1055 -84.96 -47.78 48.13
N SER E 1056 -86.16 -48.14 47.71
CA SER E 1056 -86.37 -49.40 47.03
C SER E 1056 -86.47 -49.13 45.54
N LEU E 1057 -85.75 -49.91 44.76
CA LEU E 1057 -86.07 -50.04 43.33
C LEU E 1057 -87.19 -51.04 43.18
N SER E 1058 -87.68 -51.20 41.95
CA SER E 1058 -88.42 -52.43 41.64
C SER E 1058 -87.57 -53.67 41.85
N ALA E 1059 -88.22 -54.83 41.92
CA ALA E 1059 -87.55 -56.12 41.75
C ALA E 1059 -87.19 -56.42 40.28
N ASP E 1060 -88.00 -55.93 39.34
CA ASP E 1060 -87.93 -56.39 37.94
C ASP E 1060 -86.85 -55.64 37.15
N ALA E 1061 -87.02 -54.34 37.02
CA ALA E 1061 -86.12 -53.44 36.34
C ALA E 1061 -84.76 -53.44 37.03
N GLY E 1062 -83.69 -53.64 36.26
CA GLY E 1062 -82.33 -53.64 36.79
C GLY E 1062 -81.85 -52.24 37.18
N PRO E 1063 -80.72 -52.12 37.90
CA PRO E 1063 -80.22 -50.84 38.39
C PRO E 1063 -79.96 -49.86 37.25
N GLU E 1064 -79.55 -50.33 36.09
CA GLU E 1064 -79.42 -49.53 34.87
C GLU E 1064 -80.73 -48.87 34.36
N CYS E 1065 -81.91 -49.30 34.82
CA CYS E 1065 -83.18 -48.60 34.57
C CYS E 1065 -83.40 -47.41 35.52
N TYR E 1066 -82.49 -47.16 36.45
CA TYR E 1066 -82.63 -46.16 37.48
C TYR E 1066 -81.45 -45.21 37.59
N GLU E 1067 -81.76 -44.05 38.15
CA GLU E 1067 -80.83 -42.98 38.44
C GLU E 1067 -81.29 -42.25 39.68
N LEU E 1068 -80.35 -41.85 40.53
CA LEU E 1068 -80.64 -40.90 41.58
C LEU E 1068 -80.59 -39.51 40.99
N GLN E 1069 -81.49 -38.65 41.43
CA GLN E 1069 -81.47 -37.22 41.22
C GLN E 1069 -81.33 -36.53 42.59
N VAL E 1070 -80.21 -35.85 42.83
CA VAL E 1070 -79.87 -35.20 44.11
C VAL E 1070 -80.07 -33.70 43.97
N CYS E 1071 -80.94 -33.11 44.78
CA CYS E 1071 -81.28 -31.70 44.68
C CYS E 1071 -81.01 -30.98 45.99
N VAL E 1072 -80.28 -29.88 45.92
CA VAL E 1072 -80.08 -29.01 47.07
C VAL E 1072 -81.10 -27.91 47.00
N LYS E 1073 -81.75 -27.64 48.13
CA LYS E 1073 -82.74 -26.60 48.28
C LYS E 1073 -82.51 -25.79 49.53
N ASP E 1074 -82.77 -24.51 49.43
CA ASP E 1074 -82.81 -23.61 50.56
C ASP E 1074 -84.17 -23.72 51.27
N TYR E 1075 -84.22 -24.10 52.56
CA TYR E 1075 -85.50 -24.15 53.27
C TYR E 1075 -86.04 -22.75 53.54
N CYS E 1076 -87.28 -22.47 53.12
CA CYS E 1076 -87.89 -21.15 53.18
C CYS E 1076 -89.37 -21.22 53.58
N PHE E 1077 -89.67 -21.27 54.89
CA PHE E 1077 -91.03 -20.98 55.34
C PHE E 1077 -91.51 -19.59 54.86
N ALA E 1078 -92.83 -19.43 54.78
CA ALA E 1078 -93.57 -18.28 54.28
C ALA E 1078 -93.40 -18.01 52.78
N ARG E 1079 -92.17 -18.09 52.30
CA ARG E 1079 -91.74 -18.07 50.90
C ARG E 1079 -91.97 -19.44 50.23
N GLU E 1080 -90.97 -19.91 49.49
CA GLU E 1080 -90.87 -21.21 48.81
C GLU E 1080 -89.43 -21.76 48.89
N ASP E 1081 -89.24 -23.07 49.05
CA ASP E 1081 -87.90 -23.68 49.17
C ASP E 1081 -87.15 -23.67 47.84
N ARG E 1082 -86.21 -22.77 47.69
CA ARG E 1082 -85.57 -22.53 46.40
C ARG E 1082 -84.63 -23.67 46.00
N THR E 1083 -84.77 -24.21 44.79
CA THR E 1083 -83.77 -25.13 44.25
C THR E 1083 -82.47 -24.38 44.06
N VAL E 1084 -81.46 -24.85 44.76
CA VAL E 1084 -80.07 -24.42 44.63
C VAL E 1084 -79.40 -25.11 43.45
N GLY E 1085 -79.66 -26.40 43.27
CA GLY E 1085 -79.02 -27.18 42.20
C GLY E 1085 -79.47 -28.63 42.18
N LEU E 1086 -79.09 -29.35 41.13
CA LEU E 1086 -79.49 -30.74 40.85
C LEU E 1086 -78.35 -31.60 40.28
N ALA E 1087 -78.18 -32.86 40.69
CA ALA E 1087 -77.20 -33.80 40.12
C ALA E 1087 -77.83 -35.14 39.80
N VAL E 1088 -77.41 -35.78 38.71
CA VAL E 1088 -77.87 -37.12 38.37
C VAL E 1088 -76.77 -38.13 38.54
N LEU E 1089 -77.06 -39.24 39.20
CA LEU E 1089 -76.18 -40.39 39.28
C LEU E 1089 -76.84 -41.60 38.63
N GLN E 1090 -76.21 -42.17 37.62
CA GLN E 1090 -76.72 -43.37 36.95
C GLN E 1090 -76.38 -44.64 37.73
N LEU E 1091 -77.40 -45.41 38.10
CA LEU E 1091 -77.18 -46.63 38.88
C LEU E 1091 -76.61 -47.79 38.03
N ARG E 1092 -76.50 -47.63 36.71
CA ARG E 1092 -75.67 -48.54 35.89
C ARG E 1092 -74.23 -48.61 36.41
N GLU E 1093 -73.69 -47.47 36.85
CA GLU E 1093 -72.31 -47.40 37.33
C GLU E 1093 -72.17 -48.24 38.59
N LEU E 1094 -73.07 -47.99 39.53
CA LEU E 1094 -73.18 -48.73 40.77
C LEU E 1094 -73.48 -50.21 40.55
N ALA E 1095 -74.12 -50.60 39.45
CA ALA E 1095 -74.29 -52.01 39.14
C ALA E 1095 -72.93 -52.74 39.05
N GLN E 1096 -71.87 -52.05 38.64
CA GLN E 1096 -70.50 -52.57 38.77
C GLN E 1096 -69.94 -52.24 40.13
N ARG E 1097 -70.03 -50.97 40.55
CA ARG E 1097 -69.26 -50.48 41.69
C ARG E 1097 -69.71 -51.08 43.03
N GLY E 1098 -70.98 -51.48 43.18
CA GLY E 1098 -71.58 -52.01 44.42
C GLY E 1098 -71.80 -50.94 45.50
N SER E 1099 -70.71 -50.27 45.90
CA SER E 1099 -70.77 -49.02 46.64
C SER E 1099 -69.79 -47.98 46.11
N ALA E 1100 -70.21 -46.72 46.07
CA ALA E 1100 -69.44 -45.60 45.53
C ALA E 1100 -69.45 -44.42 46.49
N ALA E 1101 -68.26 -43.92 46.82
CA ALA E 1101 -68.12 -42.55 47.26
C ALA E 1101 -67.97 -41.68 46.01
N CYS E 1102 -68.77 -40.62 45.90
CA CYS E 1102 -68.64 -39.66 44.81
C CYS E 1102 -69.07 -38.24 45.21
N TRP E 1103 -68.36 -37.25 44.67
CA TRP E 1103 -68.71 -35.83 44.77
C TRP E 1103 -69.47 -35.44 43.52
N LEU E 1104 -70.78 -35.47 43.60
CA LEU E 1104 -71.62 -35.08 42.49
C LEU E 1104 -71.59 -33.58 42.33
N PRO E 1105 -71.10 -33.06 41.20
CA PRO E 1105 -71.30 -31.67 40.88
C PRO E 1105 -72.78 -31.38 40.67
N LEU E 1106 -73.27 -30.26 41.16
CA LEU E 1106 -74.66 -29.81 41.06
C LEU E 1106 -74.82 -28.93 39.83
N GLY E 1107 -75.88 -29.12 39.06
CA GLY E 1107 -76.28 -28.27 37.93
C GLY E 1107 -77.44 -27.33 38.27
N ARG E 1108 -77.83 -26.50 37.30
CA ARG E 1108 -79.04 -25.65 37.36
C ARG E 1108 -80.26 -26.36 36.75
N ARG E 1109 -80.11 -27.12 35.67
CA ARG E 1109 -81.13 -28.00 35.07
C ARG E 1109 -80.47 -29.25 34.53
N ILE E 1110 -81.23 -30.34 34.39
CA ILE E 1110 -80.69 -31.58 33.83
C ILE E 1110 -80.55 -31.45 32.30
N HIS E 1111 -79.46 -31.97 31.74
CA HIS E 1111 -79.13 -31.83 30.32
C HIS E 1111 -79.72 -32.99 29.53
N MET E 1112 -80.28 -32.77 28.35
CA MET E 1112 -81.11 -33.77 27.66
C MET E 1112 -80.82 -33.85 26.17
N ASP E 1113 -81.13 -35.01 25.61
CA ASP E 1113 -81.17 -35.23 24.17
C ASP E 1113 -82.62 -35.12 23.63
N ASP E 1114 -82.73 -35.20 22.31
CA ASP E 1114 -83.99 -35.18 21.57
C ASP E 1114 -85.01 -36.18 22.11
N THR E 1115 -84.56 -37.34 22.56
CA THR E 1115 -85.39 -38.43 23.01
C THR E 1115 -85.82 -38.19 24.45
N GLY E 1116 -84.97 -37.65 25.30
CA GLY E 1116 -85.38 -37.17 26.61
C GLY E 1116 -86.44 -36.11 26.45
N LEU E 1117 -86.17 -35.12 25.61
CA LEU E 1117 -87.10 -34.03 25.35
C LEU E 1117 -88.38 -34.52 24.66
N THR E 1118 -88.31 -35.55 23.81
CA THR E 1118 -89.48 -36.17 23.17
C THR E 1118 -90.29 -36.94 24.20
N VAL E 1119 -89.63 -37.78 25.00
CA VAL E 1119 -90.30 -38.52 26.07
C VAL E 1119 -90.94 -37.55 27.05
N LEU E 1120 -90.26 -36.46 27.39
CA LEU E 1120 -90.76 -35.47 28.33
C LEU E 1120 -92.01 -34.78 27.78
N ARG E 1121 -91.98 -34.33 26.52
CA ARG E 1121 -93.15 -33.71 25.90
C ARG E 1121 -94.30 -34.69 25.72
N ILE E 1122 -93.99 -35.97 25.58
CA ILE E 1122 -94.99 -37.04 25.58
C ILE E 1122 -95.57 -37.22 26.97
N LEU E 1123 -94.73 -37.41 28.00
CA LEU E 1123 -95.16 -37.59 29.38
C LEU E 1123 -95.97 -36.38 29.88
N SER E 1124 -95.62 -35.17 29.48
CA SER E 1124 -96.36 -33.97 29.90
C SER E 1124 -97.80 -33.94 29.37
N GLN E 1125 -98.08 -34.61 28.24
CA GLN E 1125 -99.46 -34.79 27.75
C GLN E 1125 -100.27 -35.75 28.62
N ARG E 1126 -99.63 -36.64 29.39
CA ARG E 1126 -100.28 -37.56 30.33
C ARG E 1126 -100.58 -36.83 31.64
N SER E 1127 -101.07 -35.60 31.53
CA SER E 1127 -101.23 -34.59 32.58
C SER E 1127 -102.24 -34.94 33.69
N ASN E 1128 -102.65 -36.20 33.79
CA ASN E 1128 -103.44 -36.78 34.89
C ASN E 1128 -102.75 -37.99 35.54
N ASP E 1129 -101.77 -38.59 34.88
CA ASP E 1129 -101.00 -39.67 35.45
C ASP E 1129 -100.11 -39.10 36.54
N GLU E 1130 -100.28 -39.56 37.76
CA GLU E 1130 -99.54 -39.01 38.87
C GLU E 1130 -98.04 -39.32 38.80
N VAL E 1131 -97.69 -40.49 38.28
CA VAL E 1131 -96.27 -40.83 38.11
C VAL E 1131 -95.66 -39.96 37.04
N ALA E 1132 -96.36 -39.78 35.93
CA ALA E 1132 -95.92 -38.90 34.88
C ALA E 1132 -95.83 -37.48 35.39
N LYS E 1133 -96.84 -36.99 36.11
CA LYS E 1133 -96.86 -35.65 36.70
C LYS E 1133 -95.63 -35.43 37.56
N GLU E 1134 -95.37 -36.34 38.49
CA GLU E 1134 -94.21 -36.24 39.35
C GLU E 1134 -92.91 -36.43 38.57
N PHE E 1135 -92.87 -37.29 37.56
CA PHE E 1135 -91.67 -37.42 36.73
C PHE E 1135 -91.37 -36.14 35.97
N VAL E 1136 -92.37 -35.62 35.27
CA VAL E 1136 -92.32 -34.39 34.48
C VAL E 1136 -91.94 -33.26 35.42
N LYS E 1137 -92.67 -33.09 36.52
CA LYS E 1137 -92.33 -32.11 37.54
C LYS E 1137 -90.87 -32.27 37.97
N LEU E 1138 -90.41 -33.49 38.27
CA LEU E 1138 -89.07 -33.76 38.78
C LEU E 1138 -87.98 -33.46 37.75
N LYS E 1139 -88.17 -33.85 36.50
CA LYS E 1139 -87.20 -33.50 35.46
C LYS E 1139 -87.27 -32.02 35.14
N SER E 1140 -88.46 -31.46 35.13
CA SER E 1140 -88.70 -30.03 34.91
C SER E 1140 -88.33 -29.17 36.10
N ASP E 1141 -87.94 -29.73 37.24
CA ASP E 1141 -87.27 -28.95 38.28
C ASP E 1141 -85.93 -28.45 37.74
N THR E 1142 -85.72 -27.15 37.92
CA THR E 1142 -84.44 -26.49 37.71
C THR E 1142 -84.22 -25.57 38.91
N ARG E 1143 -82.95 -25.30 39.23
CA ARG E 1143 -82.53 -24.24 40.13
C ARG E 1143 -83.36 -22.99 39.89
N SER E 1144 -84.15 -22.61 40.88
CA SER E 1144 -84.70 -21.26 40.98
C SER E 1144 -83.48 -20.36 41.01
N ALA E 1145 -83.27 -19.61 39.93
CA ALA E 1145 -81.94 -19.17 39.51
C ALA E 1145 -81.09 -18.50 40.59
N GLU E 1146 -81.71 -17.67 41.40
CA GLU E 1146 -81.10 -16.56 42.10
C GLU E 1146 -80.04 -16.95 43.15
N GLU E 1147 -79.38 -15.96 43.77
CA GLU E 1147 -78.29 -16.16 44.76
C GLU E 1147 -77.00 -16.81 44.20
N GLY E 1148 -76.96 -17.12 42.90
CA GLY E 1148 -75.81 -17.74 42.23
C GLY E 1148 -75.98 -18.25 40.79
N GLY E 1149 -77.13 -18.09 40.11
CA GLY E 1149 -77.25 -18.07 38.63
C GLY E 1149 -78.28 -19.01 37.96
N ALA E 1150 -78.72 -18.69 36.74
CA ALA E 1150 -79.89 -19.30 36.07
C ALA E 1150 -79.64 -20.54 35.21
N ALA E 1151 -78.88 -20.44 34.12
CA ALA E 1151 -78.77 -21.49 33.07
C ALA E 1151 -77.37 -22.16 33.03
N PRO E 1152 -77.28 -23.49 32.90
CA PRO E 1152 -76.03 -24.24 33.08
C PRO E 1152 -75.29 -24.41 31.75
N ALA E 1153 -74.48 -25.47 31.66
CA ALA E 1153 -74.05 -26.10 30.41
C ALA E 1153 -74.23 -27.65 30.47
N PRO E 1154 -74.34 -28.35 29.32
CA PRO E 1154 -74.77 -29.74 29.24
C PRO E 1154 -73.70 -30.80 29.50
N GLU F 23 -60.65 -97.24 -4.68
CA GLU F 23 -61.87 -98.10 -4.74
C GLU F 23 -61.58 -99.60 -4.75
N GLU F 24 -60.48 -100.07 -5.35
CA GLU F 24 -60.15 -101.50 -5.47
C GLU F 24 -60.07 -102.24 -4.13
N LEU F 25 -59.52 -101.60 -3.10
CA LEU F 25 -59.55 -102.11 -1.74
C LEU F 25 -61.00 -102.15 -1.18
N LYS F 26 -61.79 -101.10 -1.37
CA LYS F 26 -63.20 -100.99 -0.91
C LYS F 26 -64.06 -102.17 -1.38
N ASN F 27 -63.94 -102.54 -2.64
CA ASN F 27 -64.70 -103.65 -3.21
C ASN F 27 -64.25 -105.01 -2.64
N HIS F 28 -62.94 -105.26 -2.54
CA HIS F 28 -62.44 -106.50 -1.97
C HIS F 28 -62.79 -106.69 -0.48
N VAL F 29 -62.63 -105.61 0.30
CA VAL F 29 -63.00 -105.53 1.71
C VAL F 29 -64.47 -105.88 1.89
N TYR F 30 -65.35 -105.37 1.03
CA TYR F 30 -66.76 -105.76 0.99
C TYR F 30 -66.95 -107.27 0.80
N LYS F 31 -66.29 -107.90 -0.17
CA LYS F 31 -66.38 -109.36 -0.40
C LYS F 31 -65.89 -110.15 0.79
N LYS F 32 -64.72 -109.79 1.32
CA LYS F 32 -64.18 -110.36 2.56
C LYS F 32 -65.08 -110.16 3.77
N THR F 33 -65.74 -109.01 3.90
CA THR F 33 -66.58 -108.70 5.06
C THR F 33 -67.86 -109.53 5.00
N LEU F 34 -68.46 -109.65 3.82
CA LEU F 34 -69.55 -110.60 3.62
C LEU F 34 -69.11 -112.03 3.92
N GLN F 35 -67.95 -112.48 3.43
CA GLN F 35 -67.42 -113.82 3.72
C GLN F 35 -67.21 -114.04 5.22
N ALA F 36 -66.72 -113.01 5.89
CA ALA F 36 -66.51 -113.06 7.33
C ALA F 36 -67.84 -113.21 8.04
N LEU F 37 -68.79 -112.38 7.68
CA LEU F 37 -70.00 -112.26 8.45
C LEU F 37 -71.06 -113.26 8.05
N ILE F 38 -71.00 -113.85 6.86
CA ILE F 38 -71.88 -114.93 6.47
C ILE F 38 -71.58 -116.18 7.27
N TYR F 39 -70.31 -116.40 7.56
CA TYR F 39 -69.86 -117.44 8.47
C TYR F 39 -69.00 -116.88 9.59
N PRO F 40 -69.64 -116.22 10.57
CA PRO F 40 -68.94 -115.53 11.63
C PRO F 40 -68.28 -116.51 12.59
N ILE F 41 -67.20 -116.06 13.24
CA ILE F 41 -66.52 -116.85 14.26
C ILE F 41 -67.36 -116.99 15.53
N SER F 42 -68.12 -115.97 15.94
CA SER F 42 -68.96 -116.04 17.16
C SER F 42 -69.95 -117.22 17.18
N CYS F 43 -70.43 -117.68 16.02
CA CYS F 43 -71.20 -118.92 15.91
C CYS F 43 -70.48 -119.95 15.02
N THR F 44 -69.21 -120.18 15.36
CA THR F 44 -68.47 -121.42 15.14
C THR F 44 -68.88 -122.50 16.15
N THR F 45 -68.87 -123.77 15.72
CA THR F 45 -69.14 -124.91 16.61
C THR F 45 -67.93 -125.18 17.52
N PRO F 46 -68.14 -125.48 18.81
CA PRO F 46 -67.05 -125.86 19.70
C PRO F 46 -66.58 -127.30 19.46
N HIS F 47 -65.30 -127.56 19.69
CA HIS F 47 -64.75 -128.92 19.58
C HIS F 47 -65.23 -129.84 20.69
N ASN F 48 -65.76 -130.99 20.32
CA ASN F 48 -66.18 -132.04 21.25
C ASN F 48 -65.05 -133.05 21.43
N PHE F 49 -64.08 -132.71 22.28
CA PHE F 49 -62.90 -133.52 22.56
C PHE F 49 -63.14 -134.71 23.50
N GLU F 50 -63.19 -135.92 22.95
CA GLU F 50 -63.00 -137.15 23.71
C GLU F 50 -61.51 -137.36 23.99
N VAL F 51 -61.17 -137.95 25.13
CA VAL F 51 -59.85 -138.55 25.31
C VAL F 51 -59.67 -139.62 24.24
N TRP F 52 -58.53 -139.59 23.55
CA TRP F 52 -58.27 -140.47 22.42
C TRP F 52 -56.88 -141.04 22.44
N THR F 53 -56.83 -142.33 22.14
CA THR F 53 -55.61 -143.09 21.98
C THR F 53 -55.37 -143.19 20.48
N ALA F 54 -54.21 -142.73 20.00
CA ALA F 54 -54.04 -142.53 18.58
C ALA F 54 -54.15 -143.82 17.78
N THR F 55 -55.14 -143.91 16.90
CA THR F 55 -55.42 -145.14 16.13
C THR F 55 -54.43 -145.37 14.99
N THR F 56 -53.64 -144.36 14.64
CA THR F 56 -52.42 -144.46 13.84
C THR F 56 -51.36 -143.51 14.43
N PRO F 57 -50.05 -143.67 14.16
CA PRO F 57 -49.01 -142.79 14.68
C PRO F 57 -49.25 -141.38 14.21
N THR F 58 -49.60 -140.51 15.15
CA THR F 58 -50.24 -139.24 14.83
C THR F 58 -49.44 -138.09 15.43
N TYR F 59 -49.39 -136.96 14.76
CA TYR F 59 -48.73 -135.77 15.27
C TYR F 59 -49.77 -134.68 15.61
N CYS F 60 -49.78 -134.18 16.85
CA CYS F 60 -50.78 -133.22 17.36
C CYS F 60 -50.96 -132.06 16.38
N TYR F 61 -52.21 -131.78 15.98
CA TYR F 61 -52.51 -130.79 14.95
C TYR F 61 -51.99 -129.40 15.32
N GLU F 62 -51.75 -129.12 16.60
CA GLU F 62 -51.17 -127.85 17.03
C GLU F 62 -49.67 -127.79 17.40
N CYS F 63 -49.13 -128.78 18.10
CA CYS F 63 -47.72 -128.77 18.51
C CYS F 63 -46.85 -129.83 17.83
N GLU F 64 -47.47 -130.71 17.02
CA GLU F 64 -46.80 -131.76 16.26
C GLU F 64 -46.07 -132.83 17.08
N GLY F 65 -46.25 -132.89 18.40
CA GLY F 65 -45.75 -134.01 19.21
C GLY F 65 -46.49 -135.33 18.92
N LEU F 66 -45.78 -136.46 18.99
CA LEU F 66 -46.32 -137.79 18.69
C LEU F 66 -47.37 -138.20 19.70
N LEU F 67 -48.61 -138.25 19.24
CA LEU F 67 -49.68 -139.01 19.85
C LEU F 67 -49.58 -140.45 19.37
N TRP F 68 -49.26 -141.31 20.30
CA TRP F 68 -49.21 -142.74 20.08
C TRP F 68 -49.38 -143.48 21.40
N GLY F 69 -50.14 -144.57 21.37
CA GLY F 69 -50.37 -145.42 22.55
C GLY F 69 -51.04 -144.69 23.72
N ILE F 70 -51.13 -145.40 24.85
CA ILE F 70 -51.72 -144.90 26.10
C ILE F 70 -50.87 -143.77 26.69
N ALA F 71 -49.53 -143.89 26.66
CA ALA F 71 -48.60 -142.92 27.26
C ALA F 71 -48.67 -141.52 26.60
N ARG F 72 -49.03 -141.46 25.32
CA ARG F 72 -49.20 -140.23 24.56
C ARG F 72 -50.58 -140.19 23.93
N GLN F 73 -51.60 -140.45 24.77
CA GLN F 73 -52.97 -140.07 24.47
C GLN F 73 -53.05 -138.60 24.12
N GLY F 74 -54.00 -138.28 23.26
CA GLY F 74 -54.44 -136.94 23.01
C GLY F 74 -55.93 -136.79 23.27
N MET F 75 -56.47 -135.75 22.69
CA MET F 75 -57.87 -135.49 22.54
C MET F 75 -58.20 -135.55 21.06
N ARG F 76 -59.25 -136.27 20.70
CA ARG F 76 -59.82 -136.25 19.35
C ARG F 76 -61.20 -135.61 19.40
N CYS F 77 -61.39 -134.54 18.65
CA CYS F 77 -62.69 -133.96 18.51
C CYS F 77 -63.56 -134.93 17.72
N THR F 78 -64.71 -135.35 18.23
CA THR F 78 -65.59 -136.27 17.48
C THR F 78 -65.98 -135.64 16.15
N GLU F 79 -66.58 -134.45 16.19
CA GLU F 79 -67.06 -133.70 15.02
C GLU F 79 -65.96 -133.51 13.99
N CYS F 80 -64.85 -132.89 14.36
CA CYS F 80 -63.86 -132.56 13.36
C CYS F 80 -62.74 -133.53 13.17
N GLY F 81 -62.60 -134.52 14.04
CA GLY F 81 -61.46 -135.42 14.05
C GLY F 81 -60.11 -134.71 14.05
N VAL F 82 -60.06 -133.43 14.46
CA VAL F 82 -58.80 -132.84 14.89
C VAL F 82 -58.32 -133.57 16.11
N LYS F 83 -57.03 -133.77 16.13
CA LYS F 83 -56.36 -134.49 17.16
C LYS F 83 -55.31 -133.58 17.73
N CYS F 84 -55.19 -133.54 19.02
CA CYS F 84 -54.22 -132.69 19.68
C CYS F 84 -53.88 -133.27 21.04
N HIS F 85 -52.79 -132.84 21.65
CA HIS F 85 -52.65 -133.04 23.09
C HIS F 85 -53.78 -132.32 23.84
N GLU F 86 -54.04 -132.74 25.07
CA GLU F 86 -54.94 -132.02 25.99
C GLU F 86 -54.50 -130.56 26.16
N LYS F 87 -53.22 -130.34 26.50
CA LYS F 87 -52.62 -128.99 26.60
C LYS F 87 -52.77 -128.14 25.32
N CYS F 88 -52.89 -128.78 24.17
CA CYS F 88 -53.04 -128.15 22.86
C CYS F 88 -54.49 -127.90 22.44
N GLN F 89 -55.51 -128.52 23.06
CA GLN F 89 -56.89 -128.42 22.57
C GLN F 89 -57.43 -126.99 22.52
N ASP F 90 -56.94 -126.12 23.40
CA ASP F 90 -57.37 -124.73 23.54
C ASP F 90 -56.59 -123.76 22.63
N LEU F 91 -55.41 -124.16 22.18
CA LEU F 91 -54.66 -123.44 21.16
C LEU F 91 -55.30 -123.59 19.76
N LEU F 92 -56.13 -124.61 19.56
CA LEU F 92 -56.91 -124.84 18.34
C LEU F 92 -58.11 -123.86 18.20
N ASN F 93 -57.82 -122.63 17.78
CA ASN F 93 -58.86 -121.71 17.31
C ASN F 93 -59.46 -122.11 15.94
N ALA F 94 -58.93 -123.17 15.32
CA ALA F 94 -59.46 -123.71 14.07
C ALA F 94 -60.94 -124.05 14.25
N ASP F 95 -61.78 -123.59 13.33
CA ASP F 95 -63.21 -123.86 13.42
C ASP F 95 -63.46 -125.37 13.38
N CYS F 96 -64.23 -125.89 14.32
CA CYS F 96 -64.61 -127.29 14.32
C CYS F 96 -65.26 -127.72 13.00
N LEU F 97 -66.23 -126.97 12.46
CA LEU F 97 -66.87 -127.43 11.22
C LEU F 97 -65.93 -127.39 10.04
N GLN F 98 -65.16 -126.32 9.80
CA GLN F 98 -64.17 -126.34 8.73
C GLN F 98 -63.11 -127.46 8.94
N ARG F 99 -62.57 -127.59 10.15
CA ARG F 99 -61.68 -128.70 10.52
C ARG F 99 -62.28 -130.05 10.26
N ALA F 100 -63.57 -130.20 10.49
CA ALA F 100 -64.28 -131.41 10.25
C ALA F 100 -64.38 -131.68 8.75
N ALA F 101 -64.66 -130.66 7.96
CA ALA F 101 -64.73 -130.78 6.51
C ALA F 101 -63.38 -131.19 5.91
N GLU F 102 -62.32 -130.55 6.39
CA GLU F 102 -60.93 -130.87 6.03
C GLU F 102 -60.50 -132.27 6.43
N LYS F 103 -60.67 -132.63 7.71
CA LYS F 103 -60.34 -133.96 8.19
C LYS F 103 -61.09 -135.02 7.40
N SER F 104 -62.38 -134.81 7.22
CA SER F 104 -63.21 -135.73 6.48
C SER F 104 -62.69 -135.88 5.06
N SER F 105 -62.31 -134.78 4.41
CA SER F 105 -61.64 -134.79 3.10
C SER F 105 -60.28 -135.52 3.11
N LYS F 106 -59.36 -135.19 4.02
CA LYS F 106 -58.05 -135.85 4.14
C LYS F 106 -58.15 -137.34 4.52
N HIS F 107 -59.29 -137.81 5.04
CA HIS F 107 -59.56 -139.22 5.32
C HIS F 107 -60.49 -139.89 4.29
N GLY F 108 -60.88 -139.16 3.24
CA GLY F 108 -61.78 -139.68 2.18
C GLY F 108 -63.24 -139.88 2.59
N ALA F 109 -63.67 -139.36 3.75
CA ALA F 109 -65.04 -139.44 4.25
C ALA F 109 -65.93 -138.35 3.60
N GLU F 110 -66.30 -138.53 2.34
CA GLU F 110 -67.01 -137.50 1.54
C GLU F 110 -68.41 -137.19 2.07
N ASP F 111 -69.19 -138.18 2.48
CA ASP F 111 -70.55 -137.96 3.01
C ASP F 111 -70.51 -137.06 4.26
N ARG F 112 -69.57 -137.32 5.16
CA ARG F 112 -69.30 -136.50 6.34
C ARG F 112 -68.92 -135.08 5.94
N THR F 113 -68.03 -134.95 4.96
CA THR F 113 -67.63 -133.66 4.37
C THR F 113 -68.84 -132.86 3.87
N GLN F 114 -69.71 -133.50 3.10
CA GLN F 114 -70.93 -132.88 2.58
C GLN F 114 -71.93 -132.57 3.70
N ASN F 115 -72.12 -133.45 4.68
CA ASN F 115 -72.94 -133.18 5.84
C ASN F 115 -72.45 -131.94 6.58
N ILE F 116 -71.15 -131.77 6.70
CA ILE F 116 -70.55 -130.60 7.32
C ILE F 116 -70.74 -129.37 6.44
N ILE F 117 -70.60 -129.50 5.12
CA ILE F 117 -70.99 -128.45 4.18
C ILE F 117 -72.47 -128.08 4.33
N MET F 118 -73.37 -129.02 4.63
CA MET F 118 -74.77 -128.73 4.92
C MET F 118 -74.99 -128.02 6.26
N VAL F 119 -74.29 -128.41 7.32
CA VAL F 119 -74.34 -127.67 8.59
C VAL F 119 -73.76 -126.26 8.40
N LEU F 120 -72.69 -126.10 7.60
CA LEU F 120 -72.16 -124.80 7.20
C LEU F 120 -73.17 -123.95 6.41
N LYS F 121 -73.89 -124.54 5.43
CA LYS F 121 -75.02 -123.87 4.73
C LYS F 121 -76.11 -123.43 5.70
N ASP F 122 -76.59 -124.33 6.56
CA ASP F 122 -77.66 -124.03 7.51
C ASP F 122 -77.25 -122.89 8.46
N ARG F 123 -76.00 -122.90 8.95
CA ARG F 123 -75.39 -121.80 9.69
C ARG F 123 -75.41 -120.47 8.93
N MET F 124 -75.05 -120.45 7.65
CA MET F 124 -75.15 -119.25 6.80
C MET F 124 -76.60 -118.80 6.53
N LYS F 125 -77.55 -119.71 6.34
CA LYS F 125 -78.98 -119.40 6.18
C LYS F 125 -79.56 -118.82 7.48
N ILE F 126 -79.30 -119.49 8.60
CA ILE F 126 -79.59 -119.00 9.95
C ILE F 126 -79.07 -117.58 10.10
N ARG F 127 -77.81 -117.34 9.73
CA ARG F 127 -77.16 -116.05 9.87
C ARG F 127 -77.84 -114.95 9.06
N GLU F 128 -78.11 -115.21 7.80
CA GLU F 128 -78.83 -114.28 6.94
C GLU F 128 -80.25 -114.01 7.43
N ARG F 129 -80.96 -115.05 7.82
CA ARG F 129 -82.33 -114.97 8.31
C ARG F 129 -82.40 -114.21 9.64
N ASN F 130 -81.51 -114.54 10.55
CA ASN F 130 -81.44 -113.94 11.88
C ASN F 130 -80.98 -112.48 11.80
N LYS F 131 -79.93 -112.18 11.01
CA LYS F 131 -79.32 -110.84 10.96
C LYS F 131 -79.13 -110.32 9.53
N PRO F 132 -80.21 -110.17 8.74
CA PRO F 132 -80.13 -109.62 7.40
C PRO F 132 -79.60 -108.18 7.40
N GLU F 133 -79.91 -107.40 8.44
CA GLU F 133 -79.49 -106.02 8.58
C GLU F 133 -77.97 -105.87 8.58
N ILE F 134 -77.21 -106.91 8.93
CA ILE F 134 -75.75 -106.89 8.80
C ILE F 134 -75.36 -106.78 7.34
N PHE F 135 -75.91 -107.67 6.53
CA PHE F 135 -75.56 -107.77 5.13
C PHE F 135 -76.11 -106.58 4.34
N GLU F 136 -77.27 -106.08 4.73
CA GLU F 136 -77.80 -104.79 4.28
C GLU F 136 -76.86 -103.64 4.68
N LEU F 137 -76.40 -103.54 5.92
CA LEU F 137 -75.52 -102.46 6.32
C LEU F 137 -74.17 -102.54 5.61
N ILE F 138 -73.61 -103.74 5.43
CA ILE F 138 -72.42 -103.92 4.60
C ILE F 138 -72.70 -103.37 3.21
N GLN F 139 -73.80 -103.80 2.62
CA GLN F 139 -74.20 -103.34 1.32
C GLN F 139 -74.29 -101.81 1.25
N GLU F 140 -74.91 -101.16 2.22
CA GLU F 140 -75.02 -99.71 2.22
C GLU F 140 -73.67 -99.03 2.51
N VAL F 141 -72.88 -99.52 3.48
CA VAL F 141 -71.54 -99.01 3.81
C VAL F 141 -70.62 -99.03 2.60
N PHE F 142 -70.74 -100.07 1.78
CA PHE F 142 -69.97 -100.24 0.56
C PHE F 142 -70.73 -99.82 -0.71
N ALA F 143 -71.91 -99.20 -0.55
CA ALA F 143 -72.77 -98.65 -1.61
C ALA F 143 -73.12 -99.62 -2.75
N VAL F 144 -73.08 -100.92 -2.47
CA VAL F 144 -73.35 -101.97 -3.45
C VAL F 144 -74.86 -102.04 -3.73
N THR F 145 -75.30 -102.46 -4.91
CA THR F 145 -76.74 -102.64 -5.17
C THR F 145 -77.26 -103.91 -4.54
N LYS F 146 -78.56 -103.96 -4.21
CA LYS F 146 -79.17 -105.13 -3.56
C LYS F 146 -78.97 -106.40 -4.39
N SER F 147 -79.01 -106.27 -5.70
CA SER F 147 -78.76 -107.37 -6.65
C SER F 147 -77.29 -107.81 -6.60
N ALA F 148 -76.31 -106.94 -6.86
CA ALA F 148 -74.90 -107.31 -6.83
C ALA F 148 -74.47 -107.81 -5.45
N HIS F 149 -75.13 -107.31 -4.41
CA HIS F 149 -75.06 -107.85 -3.07
C HIS F 149 -75.56 -109.29 -2.96
N THR F 150 -76.76 -109.60 -3.43
CA THR F 150 -77.31 -110.96 -3.39
C THR F 150 -76.43 -111.96 -4.16
N GLN F 151 -75.89 -111.53 -5.29
CA GLN F 151 -75.05 -112.40 -6.11
C GLN F 151 -73.67 -112.60 -5.51
N GLN F 152 -73.03 -111.53 -5.05
CA GLN F 152 -71.81 -111.65 -4.27
C GLN F 152 -72.05 -112.48 -3.01
N MET F 153 -73.22 -112.37 -2.39
CA MET F 153 -73.60 -113.15 -1.22
C MET F 153 -73.65 -114.65 -1.54
N LYS F 154 -74.32 -115.02 -2.62
CA LYS F 154 -74.25 -116.37 -3.18
C LYS F 154 -72.81 -116.81 -3.46
N ALA F 155 -71.97 -115.93 -4.01
CA ALA F 155 -70.56 -116.26 -4.26
C ALA F 155 -69.75 -116.49 -2.97
N VAL F 156 -69.91 -115.64 -1.95
CA VAL F 156 -69.19 -115.83 -0.67
C VAL F 156 -69.72 -117.03 0.11
N LYS F 157 -71.01 -117.37 -0.01
CA LYS F 157 -71.52 -118.64 0.51
C LYS F 157 -70.78 -119.80 -0.12
N GLN F 158 -70.63 -119.80 -1.45
CA GLN F 158 -69.82 -120.84 -2.08
C GLN F 158 -68.35 -120.81 -1.63
N SER F 159 -67.72 -119.65 -1.53
CA SER F 159 -66.33 -119.54 -1.05
C SER F 159 -66.12 -120.16 0.35
N VAL F 160 -67.10 -120.04 1.25
CA VAL F 160 -67.08 -120.71 2.56
C VAL F 160 -67.29 -122.23 2.43
N LEU F 161 -68.06 -122.69 1.44
CA LEU F 161 -68.35 -124.11 1.19
C LEU F 161 -67.34 -124.81 0.27
N ASP F 162 -66.44 -124.06 -0.36
CA ASP F 162 -65.13 -124.55 -0.80
C ASP F 162 -64.30 -125.14 0.34
N GLY F 163 -64.77 -124.93 1.58
CA GLY F 163 -64.20 -125.38 2.83
C GLY F 163 -62.76 -124.93 2.88
N THR F 164 -61.85 -125.88 2.81
CA THR F 164 -60.53 -125.58 2.28
C THR F 164 -60.06 -126.56 1.21
N SER F 165 -60.92 -127.49 0.79
CA SER F 165 -60.62 -128.37 -0.34
C SER F 165 -60.38 -127.58 -1.62
N LYS F 166 -61.12 -126.49 -1.83
CA LYS F 166 -60.86 -125.49 -2.87
C LYS F 166 -60.45 -124.15 -2.24
N TRP F 167 -59.46 -124.25 -1.36
CA TRP F 167 -58.58 -123.15 -1.00
C TRP F 167 -57.14 -123.68 -1.02
N SER F 168 -56.22 -122.97 -1.66
CA SER F 168 -54.79 -123.28 -1.58
C SER F 168 -54.01 -121.99 -1.66
N ALA F 169 -52.79 -122.00 -1.14
CA ALA F 169 -51.91 -120.86 -1.14
C ALA F 169 -50.43 -121.25 -1.17
N LYS F 170 -49.63 -120.38 -1.77
CA LYS F 170 -48.21 -120.26 -1.46
C LYS F 170 -48.04 -119.20 -0.38
N ILE F 171 -47.14 -119.47 0.57
CA ILE F 171 -46.84 -118.61 1.71
C ILE F 171 -45.34 -118.36 1.71
N SER F 172 -44.92 -117.10 1.80
CA SER F 172 -43.52 -116.68 1.90
C SER F 172 -43.27 -115.94 3.22
N ILE F 173 -42.81 -116.69 4.21
CA ILE F 173 -42.68 -116.24 5.60
C ILE F 173 -41.25 -115.76 5.80
N THR F 174 -41.06 -114.46 5.72
CA THR F 174 -39.87 -113.82 6.26
C THR F 174 -40.02 -113.59 7.75
N VAL F 175 -39.27 -114.36 8.53
CA VAL F 175 -39.07 -114.12 9.95
C VAL F 175 -38.12 -112.94 10.11
N VAL F 176 -38.64 -111.75 10.42
CA VAL F 176 -37.84 -110.51 10.42
C VAL F 176 -37.00 -110.42 11.69
N CYS F 177 -37.63 -110.29 12.84
CA CYS F 177 -36.97 -110.09 14.13
C CYS F 177 -37.88 -110.49 15.28
N ALA F 178 -37.32 -110.67 16.46
CA ALA F 178 -38.07 -110.57 17.69
C ALA F 178 -37.51 -109.43 18.53
N GLN F 179 -38.36 -108.92 19.41
CA GLN F 179 -38.03 -107.92 20.40
C GLN F 179 -38.40 -108.49 21.76
N GLY F 180 -37.64 -108.20 22.81
CA GLY F 180 -38.08 -108.41 24.18
C GLY F 180 -38.22 -109.85 24.66
N LEU F 181 -37.54 -110.79 24.00
CA LEU F 181 -37.58 -112.19 24.38
C LEU F 181 -37.15 -112.41 25.82
N GLN F 182 -37.62 -113.51 26.40
CA GLN F 182 -37.20 -113.93 27.72
C GLN F 182 -35.74 -114.41 27.73
N ALA F 183 -35.07 -114.38 28.89
CA ALA F 183 -33.78 -115.01 29.14
C ALA F 183 -33.90 -116.40 29.79
N LYS F 184 -33.25 -117.42 29.23
CA LYS F 184 -33.28 -118.83 29.70
C LYS F 184 -31.88 -119.45 29.94
N ASP F 185 -30.79 -118.82 29.49
CA ASP F 185 -29.41 -119.32 29.70
C ASP F 185 -28.82 -119.02 31.09
N LYS F 186 -27.77 -119.76 31.49
CA LYS F 186 -26.91 -119.46 32.66
C LYS F 186 -26.32 -118.05 32.59
N THR F 187 -26.18 -117.51 31.37
CA THR F 187 -25.73 -116.15 31.08
C THR F 187 -26.78 -115.08 31.39
N GLY F 188 -28.05 -115.42 31.63
CA GLY F 188 -29.13 -114.44 31.79
C GLY F 188 -29.60 -113.79 30.48
N SER F 189 -29.32 -114.45 29.35
CA SER F 189 -29.83 -114.12 28.02
C SER F 189 -30.42 -115.40 27.38
N SER F 190 -30.50 -115.46 26.06
CA SER F 190 -30.87 -116.63 25.26
C SER F 190 -30.21 -116.63 23.90
N ASP F 191 -30.18 -117.80 23.27
CA ASP F 191 -29.80 -118.03 21.88
C ASP F 191 -31.05 -118.34 21.05
N PRO F 192 -31.91 -117.34 20.78
CA PRO F 192 -33.14 -117.59 20.05
C PRO F 192 -32.95 -118.02 18.60
N TYR F 193 -33.73 -119.02 18.21
CA TYR F 193 -34.08 -119.33 16.82
C TYR F 193 -35.57 -119.57 16.71
N VAL F 194 -36.07 -119.56 15.49
CA VAL F 194 -37.47 -119.74 15.20
C VAL F 194 -37.64 -121.06 14.45
N THR F 195 -38.58 -121.92 14.84
CA THR F 195 -39.13 -122.92 13.90
C THR F 195 -40.43 -122.38 13.34
N VAL F 196 -40.55 -122.42 12.03
CA VAL F 196 -41.80 -122.15 11.33
C VAL F 196 -42.34 -123.49 10.85
N GLN F 197 -43.55 -123.84 11.27
CA GLN F 197 -44.23 -125.03 10.77
C GLN F 197 -45.54 -124.65 10.14
N VAL F 198 -45.77 -125.23 8.97
CA VAL F 198 -47.01 -125.09 8.24
C VAL F 198 -47.44 -126.49 7.82
N GLY F 199 -48.37 -127.08 8.57
CA GLY F 199 -48.79 -128.46 8.37
C GLY F 199 -47.59 -129.41 8.35
N LYS F 200 -47.50 -130.17 7.25
CA LYS F 200 -46.53 -131.25 6.99
C LYS F 200 -45.05 -130.82 7.08
N THR F 201 -44.75 -129.53 6.86
CA THR F 201 -43.39 -129.03 6.71
C THR F 201 -42.98 -128.18 7.91
N LYS F 202 -41.84 -128.51 8.52
CA LYS F 202 -41.15 -127.71 9.55
C LYS F 202 -39.81 -127.21 8.99
N LYS F 203 -39.57 -125.90 9.11
CA LYS F 203 -38.29 -125.23 8.79
C LYS F 203 -37.84 -124.45 10.01
N ARG F 204 -36.55 -124.11 10.08
CA ARG F 204 -36.02 -123.28 11.16
C ARG F 204 -35.10 -122.17 10.67
N THR F 205 -35.18 -121.01 11.34
CA THR F 205 -34.16 -119.99 11.20
C THR F 205 -32.87 -120.50 11.80
N LYS F 206 -31.80 -119.87 11.34
CA LYS F 206 -30.53 -119.82 12.04
C LYS F 206 -30.74 -119.19 13.42
N THR F 207 -29.85 -119.55 14.34
CA THR F 207 -29.89 -119.09 15.71
C THR F 207 -29.19 -117.75 15.84
N ILE F 208 -29.76 -116.85 16.63
CA ILE F 208 -29.08 -115.63 17.02
C ILE F 208 -28.70 -115.82 18.47
N TYR F 209 -27.42 -115.63 18.79
CA TYR F 209 -26.85 -115.98 20.07
C TYR F 209 -26.85 -114.77 21.00
N GLY F 210 -27.16 -114.99 22.28
CA GLY F 210 -27.04 -114.00 23.36
C GLY F 210 -27.91 -112.74 23.25
N ASN F 211 -28.91 -112.72 22.37
CA ASN F 211 -29.69 -111.54 22.04
C ASN F 211 -31.19 -111.71 22.30
N LEU F 212 -31.77 -110.87 23.15
CA LEU F 212 -33.22 -110.88 23.44
C LEU F 212 -34.06 -110.12 22.39
N ASN F 213 -33.41 -109.43 21.45
CA ASN F 213 -34.02 -108.70 20.34
C ASN F 213 -33.47 -109.16 18.97
N PRO F 214 -33.49 -110.47 18.69
CA PRO F 214 -32.78 -111.02 17.55
C PRO F 214 -33.38 -110.53 16.23
N VAL F 215 -32.52 -110.32 15.23
CA VAL F 215 -32.94 -110.06 13.84
C VAL F 215 -32.52 -111.26 12.99
N TRP F 216 -33.47 -111.97 12.38
CA TRP F 216 -33.18 -113.10 11.49
C TRP F 216 -33.19 -112.65 10.04
N GLU F 217 -34.28 -111.97 9.63
CA GLU F 217 -34.56 -111.61 8.24
C GLU F 217 -34.49 -112.84 7.31
N GLU F 218 -35.08 -113.97 7.75
CA GLU F 218 -34.99 -115.26 7.06
C GLU F 218 -36.33 -115.71 6.45
N ASN F 219 -36.32 -116.02 5.15
CA ASN F 219 -37.52 -116.37 4.40
C ASN F 219 -37.67 -117.86 4.14
N PHE F 220 -38.84 -118.37 4.45
CA PHE F 220 -39.25 -119.73 4.17
C PHE F 220 -40.44 -119.73 3.24
N HIS F 221 -40.45 -120.67 2.32
CA HIS F 221 -41.60 -120.92 1.47
C HIS F 221 -42.38 -122.17 1.93
N PHE F 222 -43.71 -122.05 1.95
CA PHE F 222 -44.63 -123.12 2.33
C PHE F 222 -45.83 -123.16 1.40
N GLU F 223 -46.33 -124.36 1.20
CA GLU F 223 -47.53 -124.63 0.43
C GLU F 223 -48.61 -125.04 1.42
N CYS F 224 -49.71 -124.30 1.41
CA CYS F 224 -50.81 -124.55 2.32
C CYS F 224 -52.08 -124.88 1.55
N HIS F 225 -52.63 -126.04 1.86
CA HIS F 225 -53.79 -126.61 1.17
C HIS F 225 -55.07 -126.47 2.05
N ASN F 226 -55.00 -125.65 3.09
CA ASN F 226 -55.98 -125.60 4.16
C ASN F 226 -55.89 -124.29 4.94
N SER F 227 -56.84 -123.37 4.78
CA SER F 227 -56.85 -122.11 5.55
C SER F 227 -57.08 -122.26 7.07
N SER F 228 -57.53 -123.45 7.52
CA SER F 228 -57.54 -123.87 8.92
C SER F 228 -56.27 -124.62 9.34
N ASP F 229 -55.24 -124.65 8.50
CA ASP F 229 -53.90 -124.77 9.02
C ASP F 229 -53.51 -123.50 9.75
N ARG F 230 -52.45 -123.64 10.53
CA ARG F 230 -51.92 -122.58 11.36
C ARG F 230 -50.43 -122.56 11.19
N ILE F 231 -49.87 -121.37 11.03
CA ILE F 231 -48.44 -121.18 10.94
C ILE F 231 -47.95 -121.08 12.38
N LYS F 232 -47.29 -122.14 12.83
CA LYS F 232 -46.76 -122.19 14.18
C LYS F 232 -45.36 -121.66 14.15
N VAL F 233 -45.24 -120.39 14.50
CA VAL F 233 -43.95 -119.73 14.63
C VAL F 233 -43.50 -119.81 16.07
N ARG F 234 -42.59 -120.75 16.37
CA ARG F 234 -42.12 -121.00 17.74
C ARG F 234 -40.71 -120.49 17.88
N VAL F 235 -40.47 -119.70 18.89
CA VAL F 235 -39.16 -119.15 19.21
C VAL F 235 -38.59 -119.99 20.36
N TRP F 236 -37.35 -120.42 20.19
CA TRP F 236 -36.68 -121.40 21.01
C TRP F 236 -35.28 -120.95 21.34
N ASP F 237 -34.84 -121.24 22.55
CA ASP F 237 -33.47 -121.06 22.94
C ASP F 237 -32.64 -122.32 22.57
N GLU F 238 -31.64 -122.17 21.71
CA GLU F 238 -30.89 -123.33 21.19
C GLU F 238 -29.95 -123.96 22.22
N ASP F 239 -30.49 -124.77 23.11
CA ASP F 239 -29.67 -125.54 24.03
C ASP F 239 -29.07 -126.78 23.32
N ASP F 240 -27.79 -126.74 22.95
CA ASP F 240 -27.03 -127.90 22.45
C ASP F 240 -26.36 -128.70 23.59
N ASP F 241 -26.55 -128.27 24.85
CA ASP F 241 -25.84 -128.79 26.03
C ASP F 241 -26.34 -130.16 26.51
N ILE F 242 -25.66 -130.73 27.52
CA ILE F 242 -26.08 -132.00 28.11
C ILE F 242 -27.51 -131.92 28.68
N LYS F 243 -27.87 -130.83 29.39
CA LYS F 243 -29.22 -130.69 29.96
C LYS F 243 -30.31 -130.78 28.89
N SER F 244 -30.07 -130.26 27.70
CA SER F 244 -31.01 -130.41 26.60
C SER F 244 -31.13 -131.83 26.10
N ARG F 245 -29.99 -132.49 25.89
CA ARG F 245 -29.96 -133.89 25.50
C ARG F 245 -30.68 -134.77 26.53
N VAL F 246 -30.66 -134.41 27.82
CA VAL F 246 -31.48 -135.05 28.87
C VAL F 246 -32.96 -134.72 28.71
N LYS F 247 -33.33 -133.44 28.68
CA LYS F 247 -34.74 -132.99 28.56
C LYS F 247 -35.44 -133.58 27.33
N GLN F 248 -34.73 -133.77 26.21
CA GLN F 248 -35.25 -134.35 24.96
C GLN F 248 -35.98 -135.68 25.16
N ARG F 249 -35.56 -136.50 26.13
CA ARG F 249 -36.18 -137.81 26.39
C ARG F 249 -37.61 -137.66 26.96
N PHE F 250 -37.84 -136.64 27.78
CA PHE F 250 -39.11 -136.44 28.50
C PHE F 250 -40.07 -135.51 27.77
N LYS F 251 -39.56 -134.42 27.19
CA LYS F 251 -40.36 -133.39 26.52
C LYS F 251 -39.83 -133.06 25.11
N ARG F 252 -40.76 -132.79 24.20
CA ARG F 252 -40.52 -132.60 22.75
C ARG F 252 -39.98 -131.22 22.36
N GLU F 253 -39.84 -130.31 23.32
CA GLU F 253 -39.41 -128.94 23.07
C GLU F 253 -38.21 -128.60 23.92
N SER F 254 -37.11 -129.26 23.60
CA SER F 254 -35.85 -129.14 24.31
C SER F 254 -35.22 -127.77 24.27
N ASP F 255 -35.43 -127.07 23.17
CA ASP F 255 -34.78 -125.81 22.90
C ASP F 255 -35.60 -124.73 23.60
N ASP F 256 -35.15 -124.36 24.80
CA ASP F 256 -36.00 -123.86 25.88
C ASP F 256 -36.94 -122.74 25.41
N PHE F 257 -38.24 -123.02 25.45
CA PHE F 257 -39.21 -122.29 24.68
C PHE F 257 -39.33 -120.83 25.12
N LEU F 258 -39.14 -119.93 24.16
CA LEU F 258 -39.12 -118.49 24.39
C LEU F 258 -40.46 -117.83 24.09
N GLY F 259 -41.37 -118.54 23.43
CA GLY F 259 -42.64 -117.98 23.01
C GLY F 259 -43.04 -118.43 21.61
N GLN F 260 -44.31 -118.25 21.27
CA GLN F 260 -44.82 -118.63 19.94
C GLN F 260 -45.77 -117.56 19.41
N THR F 261 -46.03 -117.59 18.11
CA THR F 261 -47.29 -117.10 17.55
C THR F 261 -47.89 -118.12 16.58
N ILE F 262 -49.19 -118.33 16.69
CA ILE F 262 -49.95 -119.35 15.94
C ILE F 262 -50.90 -118.61 15.02
N ILE F 263 -50.41 -118.32 13.82
CA ILE F 263 -51.13 -117.46 12.91
C ILE F 263 -52.11 -118.35 12.14
N GLU F 264 -53.41 -118.13 12.31
CA GLU F 264 -54.40 -118.88 11.54
C GLU F 264 -54.34 -118.48 10.07
N VAL F 265 -54.31 -119.43 9.14
CA VAL F 265 -54.03 -119.08 7.73
C VAL F 265 -55.15 -118.24 7.10
N ARG F 266 -56.39 -118.33 7.60
CA ARG F 266 -57.47 -117.36 7.28
C ARG F 266 -57.19 -115.90 7.65
N THR F 267 -56.28 -115.62 8.60
CA THR F 267 -55.82 -114.27 8.96
C THR F 267 -54.65 -113.79 8.13
N LEU F 268 -54.32 -114.48 7.04
CA LEU F 268 -53.31 -114.08 6.10
C LEU F 268 -53.93 -113.55 4.82
N SER F 269 -53.40 -112.45 4.32
CA SER F 269 -53.89 -111.82 3.11
C SER F 269 -52.80 -110.95 2.51
N GLY F 270 -52.35 -111.31 1.31
CA GLY F 270 -51.39 -110.49 0.60
C GLY F 270 -50.06 -110.42 1.31
N GLU F 271 -49.38 -109.29 1.13
CA GLU F 271 -48.09 -108.98 1.75
C GLU F 271 -48.24 -108.34 3.14
N MET F 272 -48.32 -109.16 4.19
CA MET F 272 -48.39 -108.70 5.58
C MET F 272 -47.01 -108.42 6.18
N ASP F 273 -46.94 -107.47 7.12
CA ASP F 273 -45.75 -107.10 7.90
C ASP F 273 -46.16 -106.83 9.36
N VAL F 274 -46.13 -107.87 10.21
CA VAL F 274 -46.86 -107.89 11.49
C VAL F 274 -45.98 -108.30 12.67
N TRP F 275 -45.99 -107.48 13.72
CA TRP F 275 -45.57 -107.80 15.08
C TRP F 275 -46.62 -108.64 15.79
N TYR F 276 -46.26 -109.88 16.08
CA TYR F 276 -47.05 -110.78 16.90
C TYR F 276 -46.44 -110.85 18.29
N ASN F 277 -47.19 -110.44 19.31
CA ASN F 277 -46.82 -110.74 20.70
C ASN F 277 -46.66 -112.25 20.87
N LEU F 278 -45.65 -112.67 21.62
CA LEU F 278 -45.41 -114.08 21.85
C LEU F 278 -46.27 -114.61 23.01
N ASP F 279 -46.84 -115.79 22.78
CA ASP F 279 -47.74 -116.50 23.70
C ASP F 279 -47.06 -117.68 24.41
N LYS F 280 -47.60 -118.05 25.58
CA LYS F 280 -47.14 -119.21 26.38
C LYS F 280 -47.73 -120.48 25.77
N ARG F 281 -46.87 -121.45 25.46
CA ARG F 281 -47.31 -122.79 25.07
C ARG F 281 -47.72 -123.63 26.27
N THR F 282 -46.93 -123.63 27.35
CA THR F 282 -47.14 -124.45 28.57
C THR F 282 -47.02 -123.59 29.81
N ASP F 283 -47.51 -124.08 30.94
CA ASP F 283 -47.49 -123.35 32.20
C ASP F 283 -46.06 -123.11 32.73
N LYS F 284 -45.12 -124.00 32.42
CA LYS F 284 -43.70 -123.80 32.71
C LYS F 284 -43.01 -122.79 31.80
N SER F 285 -43.68 -122.39 30.72
CA SER F 285 -43.15 -121.37 29.83
C SER F 285 -43.21 -120.02 30.53
N ALA F 286 -42.06 -119.37 30.69
CA ALA F 286 -42.00 -117.92 30.83
C ALA F 286 -41.80 -117.32 29.43
N VAL F 287 -42.69 -116.41 29.01
CA VAL F 287 -42.70 -115.80 27.66
C VAL F 287 -42.91 -114.30 27.73
N SER F 288 -42.15 -113.61 26.89
CA SER F 288 -42.18 -112.17 26.73
C SER F 288 -41.73 -111.78 25.34
N GLY F 289 -42.08 -110.56 24.94
CA GLY F 289 -41.68 -110.03 23.65
C GLY F 289 -42.67 -110.30 22.52
N ALA F 290 -42.20 -109.99 21.33
CA ALA F 290 -42.95 -110.06 20.09
C ALA F 290 -42.03 -110.51 18.97
N ILE F 291 -42.61 -111.06 17.91
CA ILE F 291 -41.91 -111.42 16.70
C ILE F 291 -42.52 -110.70 15.49
N ARG F 292 -41.72 -109.93 14.77
CA ARG F 292 -42.09 -109.31 13.49
C ARG F 292 -41.94 -110.32 12.37
N LEU F 293 -43.05 -110.59 11.70
CA LEU F 293 -43.11 -111.51 10.59
C LEU F 293 -43.65 -110.78 9.38
N HIS F 294 -42.89 -110.86 8.30
CA HIS F 294 -43.35 -110.42 7.00
C HIS F 294 -43.80 -111.66 6.24
N ILE F 295 -45.09 -111.73 5.94
CA ILE F 295 -45.72 -112.89 5.35
C ILE F 295 -46.39 -112.46 4.04
N SER F 296 -45.88 -112.93 2.91
CA SER F 296 -46.62 -112.82 1.64
C SER F 296 -47.43 -114.08 1.42
N VAL F 297 -48.73 -113.92 1.16
CA VAL F 297 -49.62 -115.06 0.90
C VAL F 297 -50.32 -114.90 -0.44
N GLU F 298 -50.13 -115.90 -1.31
CA GLU F 298 -50.71 -116.01 -2.65
C GLU F 298 -51.86 -117.03 -2.65
N ILE F 299 -53.02 -116.62 -2.11
CA ILE F 299 -54.24 -117.44 -2.04
C ILE F 299 -54.88 -117.59 -3.43
N LYS F 300 -55.23 -118.82 -3.82
CA LYS F 300 -55.99 -119.12 -5.04
C LYS F 300 -57.36 -118.41 -5.02
N GLY F 301 -57.63 -117.65 -6.06
CA GLY F 301 -58.83 -116.82 -6.20
C GLY F 301 -58.82 -115.52 -5.39
N GLU F 302 -57.73 -115.20 -4.71
CA GLU F 302 -57.54 -113.96 -3.96
C GLU F 302 -56.10 -113.41 -4.11
N GLU F 303 -55.63 -113.31 -5.34
CA GLU F 303 -54.29 -112.80 -5.63
C GLU F 303 -54.16 -111.29 -5.40
N LYS F 304 -52.98 -110.85 -4.95
CA LYS F 304 -52.60 -109.44 -4.76
C LYS F 304 -53.52 -108.64 -3.83
N VAL F 305 -54.24 -109.33 -2.95
CA VAL F 305 -55.10 -108.70 -1.94
C VAL F 305 -54.33 -107.91 -0.88
N ALA F 306 -54.98 -106.93 -0.24
CA ALA F 306 -54.34 -106.16 0.85
C ALA F 306 -54.37 -106.92 2.20
N PRO F 307 -53.42 -106.65 3.11
CA PRO F 307 -53.43 -107.16 4.47
C PRO F 307 -54.68 -106.82 5.24
N TYR F 308 -55.11 -107.72 6.11
CA TYR F 308 -56.35 -107.55 6.84
C TYR F 308 -56.39 -106.37 7.79
N HIS F 309 -55.24 -105.88 8.23
CA HIS F 309 -55.12 -104.61 8.93
C HIS F 309 -55.59 -103.45 8.04
N VAL F 310 -55.08 -103.38 6.82
CA VAL F 310 -55.44 -102.36 5.83
C VAL F 310 -56.90 -102.51 5.39
N GLN F 311 -57.34 -103.74 5.20
CA GLN F 311 -58.74 -104.02 4.95
C GLN F 311 -59.64 -103.60 6.09
N TYR F 312 -59.23 -103.89 7.32
CA TYR F 312 -59.98 -103.51 8.49
C TYR F 312 -60.04 -102.00 8.61
N THR F 313 -58.93 -101.32 8.38
CA THR F 313 -58.89 -99.87 8.35
C THR F 313 -59.86 -99.32 7.33
N CYS F 314 -59.82 -99.84 6.11
CA CYS F 314 -60.76 -99.50 5.07
C CYS F 314 -62.22 -99.77 5.47
N LEU F 315 -62.51 -100.94 6.04
CA LEU F 315 -63.84 -101.28 6.56
C LEU F 315 -64.28 -100.26 7.61
N HIS F 316 -63.44 -100.02 8.60
CA HIS F 316 -63.72 -99.15 9.73
C HIS F 316 -63.91 -97.72 9.28
N GLU F 317 -63.08 -97.24 8.37
CA GLU F 317 -63.18 -95.92 7.77
C GLU F 317 -64.48 -95.79 6.97
N ASN F 318 -64.80 -96.75 6.10
CA ASN F 318 -66.03 -96.69 5.34
C ASN F 318 -67.24 -96.79 6.24
N LEU F 319 -67.20 -97.69 7.20
CA LEU F 319 -68.28 -97.85 8.14
C LEU F 319 -68.46 -96.60 8.99
N PHE F 320 -67.36 -96.00 9.46
CA PHE F 320 -67.38 -94.74 10.17
C PHE F 320 -67.95 -93.63 9.31
N HIS F 321 -67.43 -93.42 8.10
CA HIS F 321 -67.92 -92.37 7.22
C HIS F 321 -69.38 -92.62 6.84
N PHE F 322 -69.78 -93.89 6.71
CA PHE F 322 -71.17 -94.23 6.49
C PHE F 322 -72.00 -93.89 7.72
N VAL F 323 -71.65 -94.35 8.90
CA VAL F 323 -72.42 -94.07 10.09
C VAL F 323 -72.46 -92.58 10.35
N THR F 324 -71.32 -91.93 10.41
CA THR F 324 -71.22 -90.52 10.75
C THR F 324 -71.81 -89.66 9.65
N ASP F 325 -71.24 -89.69 8.45
CA ASP F 325 -71.65 -88.80 7.39
C ASP F 325 -72.94 -89.22 6.72
N VAL F 326 -73.10 -90.51 6.41
CA VAL F 326 -74.24 -90.96 5.59
C VAL F 326 -75.49 -91.21 6.43
N GLN F 327 -75.41 -91.99 7.52
CA GLN F 327 -76.56 -92.21 8.39
C GLN F 327 -76.86 -90.98 9.26
N ASN F 328 -75.83 -90.32 9.81
CA ASN F 328 -75.98 -89.26 10.81
C ASN F 328 -75.64 -87.85 10.30
N ASN F 329 -75.58 -87.64 8.98
CA ASN F 329 -75.42 -86.32 8.35
C ASN F 329 -74.16 -85.56 8.78
N GLY F 330 -73.17 -86.28 9.32
CA GLY F 330 -71.93 -85.76 9.90
C GLY F 330 -71.80 -86.02 11.39
N VAL F 331 -72.92 -86.13 12.14
CA VAL F 331 -72.88 -86.27 13.59
C VAL F 331 -72.24 -87.60 13.96
N VAL F 332 -71.23 -87.56 14.83
CA VAL F 332 -70.63 -88.77 15.36
C VAL F 332 -71.52 -89.31 16.48
N LYS F 333 -72.32 -90.32 16.17
CA LYS F 333 -73.09 -91.05 17.17
C LYS F 333 -72.14 -91.81 18.08
N ILE F 334 -71.93 -91.27 19.28
CA ILE F 334 -71.16 -91.94 20.32
C ILE F 334 -71.96 -93.18 20.75
N PRO F 335 -71.38 -94.39 20.73
CA PRO F 335 -72.07 -95.59 21.22
C PRO F 335 -72.27 -95.55 22.73
N ASP F 336 -73.41 -96.07 23.19
CA ASP F 336 -73.59 -96.43 24.60
C ASP F 336 -72.68 -97.64 24.91
N ALA F 337 -71.60 -97.40 25.66
CA ALA F 337 -70.62 -98.41 26.04
C ALA F 337 -69.98 -98.04 27.39
N LYS F 338 -69.77 -99.05 28.24
CA LYS F 338 -69.27 -98.88 29.62
C LYS F 338 -68.26 -99.98 29.96
N GLY F 339 -67.50 -99.76 31.02
CA GLY F 339 -66.45 -100.67 31.49
C GLY F 339 -65.15 -100.57 30.70
N ASP F 340 -64.15 -101.35 31.12
CA ASP F 340 -62.79 -101.32 30.56
C ASP F 340 -62.72 -101.80 29.10
N ASP F 341 -63.82 -102.33 28.55
CA ASP F 341 -63.99 -102.67 27.14
C ASP F 341 -64.83 -101.63 26.35
N ALA F 342 -65.27 -100.51 26.94
CA ALA F 342 -66.05 -99.49 26.24
C ALA F 342 -65.35 -98.88 25.02
N TRP F 343 -64.04 -98.63 25.16
CA TRP F 343 -63.15 -98.16 24.10
C TRP F 343 -63.02 -99.14 22.91
N LYS F 344 -63.53 -100.37 23.06
CA LYS F 344 -63.66 -101.38 22.01
C LYS F 344 -65.01 -101.36 21.32
N VAL F 345 -65.93 -100.53 21.78
CA VAL F 345 -67.23 -100.33 21.15
C VAL F 345 -67.22 -98.98 20.45
N TYR F 346 -67.47 -99.00 19.15
CA TYR F 346 -67.31 -97.87 18.24
C TYR F 346 -68.64 -97.44 17.62
N TYR F 347 -69.64 -98.34 17.62
CA TYR F 347 -70.90 -98.24 16.90
C TYR F 347 -72.07 -98.90 17.62
N ASP F 348 -73.29 -98.75 17.07
CA ASP F 348 -74.40 -99.67 17.39
C ASP F 348 -74.05 -101.12 17.03
N GLU F 349 -74.76 -102.05 17.67
CA GLU F 349 -74.60 -103.50 17.62
C GLU F 349 -74.25 -104.06 16.24
N THR F 350 -74.98 -103.65 15.21
CA THR F 350 -74.84 -104.26 13.89
C THR F 350 -73.48 -103.86 13.29
N ALA F 351 -73.20 -102.57 13.30
CA ALA F 351 -71.93 -102.02 12.87
C ALA F 351 -70.75 -102.50 13.72
N GLN F 352 -70.97 -102.67 15.00
CA GLN F 352 -70.00 -103.24 15.91
C GLN F 352 -69.70 -104.69 15.54
N GLU F 353 -70.72 -105.51 15.31
CA GLU F 353 -70.55 -106.90 14.93
C GLU F 353 -69.79 -107.03 13.61
N ILE F 354 -70.01 -106.11 12.66
CA ILE F 354 -69.26 -106.08 11.41
C ILE F 354 -67.76 -105.98 11.64
N VAL F 355 -67.35 -104.95 12.35
CA VAL F 355 -65.92 -104.76 12.60
C VAL F 355 -65.36 -105.85 13.49
N ASP F 356 -66.07 -106.26 14.53
CA ASP F 356 -65.59 -107.30 15.42
C ASP F 356 -65.47 -108.65 14.72
N GLU F 357 -66.44 -109.08 13.92
CA GLU F 357 -66.30 -110.33 13.18
C GLU F 357 -65.26 -110.25 12.09
N PHE F 358 -65.16 -109.12 11.41
CA PHE F 358 -64.04 -108.92 10.50
C PHE F 358 -62.71 -109.05 11.24
N ALA F 359 -62.56 -108.34 12.35
CA ALA F 359 -61.34 -108.30 13.13
C ALA F 359 -61.00 -109.66 13.74
N MET F 360 -61.95 -110.33 14.38
CA MET F 360 -61.77 -111.64 14.99
C MET F 360 -61.49 -112.72 13.94
N ARG F 361 -62.21 -112.71 12.79
CA ARG F 361 -61.93 -113.65 11.70
C ARG F 361 -60.56 -113.45 11.07
N TYR F 362 -60.13 -112.20 10.97
CA TYR F 362 -58.93 -111.83 10.25
C TYR F 362 -57.75 -111.38 11.13
N GLY F 363 -57.78 -111.68 12.44
CA GLY F 363 -56.66 -111.58 13.38
C GLY F 363 -56.23 -110.16 13.75
N VAL F 364 -57.09 -109.17 13.48
CA VAL F 364 -56.81 -107.76 13.74
C VAL F 364 -56.98 -107.48 15.22
N GLU F 365 -55.88 -107.19 15.89
CA GLU F 365 -55.87 -107.01 17.34
C GLU F 365 -56.67 -105.78 17.75
N SER F 366 -57.30 -105.86 18.93
CA SER F 366 -58.16 -104.81 19.47
C SER F 366 -57.48 -103.44 19.55
N ILE F 367 -56.19 -103.37 19.89
CA ILE F 367 -55.46 -102.12 19.93
C ILE F 367 -55.32 -101.47 18.55
N TYR F 368 -55.18 -102.25 17.49
CA TYR F 368 -55.19 -101.74 16.12
C TYR F 368 -56.53 -101.12 15.75
N GLN F 369 -57.61 -101.82 16.10
CA GLN F 369 -58.97 -101.35 15.91
C GLN F 369 -59.18 -100.00 16.60
N ALA F 370 -58.71 -99.88 17.83
CA ALA F 370 -58.80 -98.68 18.64
C ALA F 370 -58.00 -97.51 18.08
N MET F 371 -56.75 -97.74 17.73
CA MET F 371 -55.90 -96.72 17.14
C MET F 371 -56.45 -96.24 15.79
N THR F 372 -57.03 -97.16 15.03
CA THR F 372 -57.81 -96.85 13.83
C THR F 372 -59.03 -95.99 14.15
N HIS F 373 -59.88 -96.40 15.09
CA HIS F 373 -61.07 -95.62 15.40
C HIS F 373 -60.72 -94.25 15.98
N PHE F 374 -59.66 -94.17 16.78
CA PHE F 374 -59.10 -92.92 17.27
C PHE F 374 -58.69 -92.04 16.09
N ALA F 375 -58.04 -92.61 15.07
CA ALA F 375 -57.75 -91.89 13.84
C ALA F 375 -59.00 -91.39 13.13
N CYS F 376 -60.06 -92.19 13.04
CA CYS F 376 -61.35 -91.70 12.54
C CYS F 376 -61.83 -90.52 13.40
N LEU F 377 -61.97 -90.71 14.72
CA LEU F 377 -62.47 -89.69 15.64
C LEU F 377 -61.65 -88.41 15.59
N SER F 378 -60.35 -88.52 15.35
CA SER F 378 -59.46 -87.36 15.27
C SER F 378 -59.84 -86.39 14.17
N SER F 379 -60.49 -86.86 13.11
CA SER F 379 -61.01 -85.96 12.09
C SER F 379 -62.24 -85.20 12.62
N LYS F 380 -63.12 -85.88 13.36
CA LYS F 380 -64.39 -85.36 13.89
C LYS F 380 -64.27 -84.85 15.33
N TYR F 381 -63.06 -84.52 15.76
CA TYR F 381 -62.81 -84.17 17.15
C TYR F 381 -63.59 -82.93 17.61
N MET F 382 -63.94 -82.01 16.70
CA MET F 382 -64.77 -80.85 17.06
C MET F 382 -66.18 -81.27 17.52
N CYS F 383 -66.67 -82.44 17.12
CA CYS F 383 -68.07 -82.84 17.32
C CYS F 383 -68.38 -83.18 18.80
N PRO F 384 -69.62 -82.98 19.28
CA PRO F 384 -69.90 -82.99 20.72
C PRO F 384 -69.56 -84.32 21.39
N GLY F 385 -69.00 -84.29 22.58
CA GLY F 385 -68.59 -85.46 23.35
C GLY F 385 -67.35 -86.16 22.81
N VAL F 386 -67.03 -86.03 21.52
CA VAL F 386 -65.91 -86.74 20.89
C VAL F 386 -64.62 -86.58 21.67
N PRO F 387 -64.26 -85.39 22.18
CA PRO F 387 -63.00 -85.26 22.90
C PRO F 387 -62.95 -86.11 24.16
N ALA F 388 -64.09 -86.37 24.80
CA ALA F 388 -64.16 -87.25 25.95
C ALA F 388 -63.86 -88.68 25.53
N VAL F 389 -64.52 -89.13 24.46
CA VAL F 389 -64.34 -90.49 23.92
C VAL F 389 -62.90 -90.67 23.50
N MET F 390 -62.38 -89.73 22.73
CA MET F 390 -61.01 -89.74 22.29
C MET F 390 -60.05 -89.73 23.47
N SER F 391 -60.30 -88.91 24.48
CA SER F 391 -59.45 -88.90 25.66
C SER F 391 -59.43 -90.24 26.36
N THR F 392 -60.59 -90.83 26.51
CA THR F 392 -60.77 -92.14 27.11
C THR F 392 -60.05 -93.20 26.30
N LEU F 393 -60.34 -93.23 25.00
CA LEU F 393 -59.76 -94.14 24.05
C LEU F 393 -58.24 -94.06 24.09
N LEU F 394 -57.69 -92.85 24.13
CA LEU F 394 -56.26 -92.64 24.21
C LEU F 394 -55.68 -92.99 25.56
N ALA F 395 -56.39 -92.76 26.66
CA ALA F 395 -55.97 -93.27 27.94
C ALA F 395 -55.90 -94.81 27.93
N ASN F 396 -56.77 -95.48 27.18
CA ASN F 396 -56.72 -96.94 27.04
C ASN F 396 -55.57 -97.39 26.14
N ILE F 397 -55.42 -96.77 24.98
CA ILE F 397 -54.28 -97.00 24.10
C ILE F 397 -52.97 -96.76 24.86
N ASN F 398 -52.93 -95.69 25.64
CA ASN F 398 -51.85 -95.40 26.55
C ASN F 398 -51.65 -96.53 27.54
N ALA F 399 -52.69 -96.91 28.28
CA ALA F 399 -52.58 -97.93 29.31
C ALA F 399 -52.10 -99.28 28.75
N TYR F 400 -52.58 -99.61 27.55
CA TYR F 400 -52.15 -100.77 26.82
C TYR F 400 -50.63 -100.76 26.61
N TYR F 401 -50.07 -99.76 25.90
CA TYR F 401 -48.63 -99.77 25.63
C TYR F 401 -47.79 -99.49 26.87
N ALA F 402 -48.24 -98.57 27.73
CA ALA F 402 -47.50 -98.20 28.92
C ALA F 402 -47.35 -99.39 29.87
N HIS F 403 -48.47 -99.93 30.33
CA HIS F 403 -48.44 -100.79 31.52
C HIS F 403 -48.37 -102.27 31.20
N THR F 404 -48.92 -102.71 30.07
CA THR F 404 -49.17 -104.16 29.92
C THR F 404 -47.87 -104.96 29.99
N THR F 405 -47.86 -105.92 30.91
CA THR F 405 -46.78 -106.82 31.28
C THR F 405 -45.43 -106.17 31.58
N ALA F 406 -45.18 -105.97 32.87
CA ALA F 406 -43.86 -105.61 33.41
C ALA F 406 -42.78 -106.71 33.23
N SER F 407 -43.16 -107.97 33.01
CA SER F 407 -42.22 -109.09 32.77
C SER F 407 -41.40 -108.93 31.47
N THR F 408 -41.85 -108.07 30.57
CA THR F 408 -41.07 -107.60 29.42
C THR F 408 -39.82 -106.82 29.86
N ASN F 409 -38.74 -106.92 29.08
CA ASN F 409 -37.52 -106.12 29.27
C ASN F 409 -37.39 -105.04 28.16
N VAL F 410 -38.52 -104.43 27.79
CA VAL F 410 -38.65 -103.51 26.64
C VAL F 410 -39.36 -102.23 27.07
N SER F 411 -38.86 -101.08 26.62
CA SER F 411 -39.45 -99.78 26.95
C SER F 411 -40.86 -99.65 26.37
N ALA F 412 -41.69 -98.78 26.95
CA ALA F 412 -43.04 -98.58 26.42
C ALA F 412 -42.98 -98.07 24.97
N SER F 413 -42.00 -97.25 24.65
CA SER F 413 -41.79 -96.71 23.31
C SER F 413 -41.42 -97.79 22.31
N ASP F 414 -40.59 -98.76 22.70
CA ASP F 414 -40.22 -99.90 21.85
C ASP F 414 -41.35 -100.90 21.68
N ARG F 415 -42.09 -101.17 22.75
CA ARG F 415 -43.32 -101.98 22.68
C ARG F 415 -44.35 -101.31 21.78
N PHE F 416 -44.46 -100.00 21.86
CA PHE F 416 -45.24 -99.21 20.92
C PHE F 416 -44.64 -99.18 19.50
N ALA F 417 -43.32 -99.27 19.31
CA ALA F 417 -42.71 -99.49 17.98
C ALA F 417 -43.06 -100.85 17.39
N ALA F 418 -43.43 -101.82 18.22
CA ALA F 418 -44.07 -103.04 17.78
C ALA F 418 -45.59 -102.95 17.52
N SER F 419 -46.17 -101.74 17.49
CA SER F 419 -47.57 -101.59 17.08
C SER F 419 -47.76 -101.82 15.59
N ASN F 420 -48.72 -102.67 15.23
CA ASN F 420 -49.08 -102.87 13.82
C ASN F 420 -49.82 -101.70 13.20
N PHE F 421 -50.32 -100.77 14.01
CA PHE F 421 -50.82 -99.50 13.47
C PHE F 421 -49.70 -98.66 12.86
N GLY F 422 -48.46 -98.81 13.35
CA GLY F 422 -47.36 -97.93 13.01
C GLY F 422 -47.21 -96.84 14.06
N LYS F 423 -46.05 -96.81 14.70
CA LYS F 423 -45.70 -95.87 15.77
C LYS F 423 -45.74 -94.45 15.27
N GLU F 424 -44.88 -94.20 14.30
CA GLU F 424 -44.80 -93.01 13.46
C GLU F 424 -46.18 -92.45 13.13
N ARG F 425 -47.03 -93.25 12.49
CA ARG F 425 -48.39 -92.87 12.06
C ARG F 425 -49.19 -92.35 13.23
N PHE F 426 -49.18 -93.08 14.34
CA PHE F 426 -49.90 -92.65 15.51
C PHE F 426 -49.28 -91.40 16.15
N VAL F 427 -47.96 -91.30 16.17
CA VAL F 427 -47.24 -90.12 16.66
C VAL F 427 -47.64 -88.88 15.86
N LYS F 428 -47.61 -88.97 14.53
CA LYS F 428 -48.01 -87.91 13.62
C LYS F 428 -49.49 -87.56 13.81
N LEU F 429 -50.35 -88.57 13.89
CA LEU F 429 -51.77 -88.42 14.13
C LEU F 429 -52.03 -87.58 15.38
N LEU F 430 -51.39 -87.96 16.48
CA LEU F 430 -51.46 -87.26 17.76
C LEU F 430 -50.93 -85.83 17.65
N ASP F 431 -49.85 -85.61 16.91
CA ASP F 431 -49.29 -84.29 16.70
C ASP F 431 -50.25 -83.38 15.94
N GLN F 432 -50.84 -83.87 14.86
CA GLN F 432 -51.83 -83.12 14.10
C GLN F 432 -53.02 -82.78 14.97
N LEU F 433 -53.52 -83.77 15.68
CA LEU F 433 -54.62 -83.59 16.60
C LEU F 433 -54.27 -82.57 17.67
N HIS F 434 -53.10 -82.71 18.29
CA HIS F 434 -52.64 -81.78 19.30
C HIS F 434 -52.61 -80.37 18.78
N ASN F 435 -52.12 -80.19 17.55
CA ASN F 435 -52.15 -78.90 16.90
C ASN F 435 -53.59 -78.41 16.68
N SER F 436 -54.47 -79.24 16.14
CA SER F 436 -55.87 -78.87 15.94
C SER F 436 -56.56 -78.46 17.24
N LEU F 437 -56.24 -79.17 18.32
CA LEU F 437 -56.71 -78.82 19.66
C LEU F 437 -56.13 -77.48 20.11
N ARG F 438 -54.81 -77.27 19.96
CA ARG F 438 -54.14 -75.98 20.22
C ARG F 438 -54.86 -74.83 19.51
N ILE F 439 -55.13 -74.98 18.22
CA ILE F 439 -55.82 -73.97 17.43
C ILE F 439 -57.19 -73.66 18.02
N ASP F 440 -58.01 -74.68 18.23
CA ASP F 440 -59.36 -74.45 18.70
C ASP F 440 -59.38 -73.84 20.11
N LEU F 441 -58.49 -74.30 20.98
CA LEU F 441 -58.26 -73.73 22.30
C LEU F 441 -57.75 -72.28 22.23
N SER F 442 -57.03 -71.90 21.17
CA SER F 442 -56.57 -70.52 20.97
C SER F 442 -57.70 -69.56 20.61
N MET F 443 -58.91 -70.07 20.35
CA MET F 443 -60.15 -69.31 20.28
C MET F 443 -61.25 -69.91 21.17
N TYR F 444 -60.87 -70.44 22.34
CA TYR F 444 -61.78 -71.23 23.19
C TYR F 444 -63.09 -70.53 23.53
N ARG F 445 -63.08 -69.21 23.70
CA ARG F 445 -64.29 -68.49 24.05
C ARG F 445 -65.30 -68.60 22.91
N ASN F 446 -64.86 -68.27 21.70
CA ASN F 446 -65.67 -68.30 20.49
C ASN F 446 -66.06 -69.74 20.16
N ASN F 447 -65.10 -70.65 20.18
CA ASN F 447 -65.29 -72.05 19.82
C ASN F 447 -66.00 -72.86 20.89
N PHE F 448 -66.08 -72.37 22.10
CA PHE F 448 -66.75 -73.05 23.18
C PHE F 448 -67.46 -72.01 24.04
N PRO F 449 -68.54 -71.42 23.50
CA PRO F 449 -69.21 -70.29 24.14
C PRO F 449 -69.79 -70.69 25.49
N ALA F 450 -69.64 -69.82 26.48
CA ALA F 450 -70.14 -70.08 27.83
C ALA F 450 -71.66 -70.32 27.85
N SER F 451 -72.39 -69.70 26.93
CA SER F 451 -73.82 -69.92 26.70
C SER F 451 -74.18 -71.36 26.29
N SER F 452 -73.19 -72.21 25.99
CA SER F 452 -73.38 -73.65 25.84
C SER F 452 -72.51 -74.42 26.83
N PRO F 453 -73.11 -74.93 27.92
CA PRO F 453 -72.49 -75.84 28.86
C PRO F 453 -71.89 -77.07 28.19
N GLU F 454 -72.55 -77.57 27.16
CA GLU F 454 -72.06 -78.75 26.46
C GLU F 454 -70.79 -78.42 25.72
N ARG F 455 -70.73 -77.26 25.07
CA ARG F 455 -69.49 -76.81 24.48
C ARG F 455 -68.44 -76.55 25.55
N LEU F 456 -68.81 -76.06 26.72
CA LEU F 456 -67.87 -76.03 27.84
C LEU F 456 -67.40 -77.43 28.22
N GLN F 457 -68.27 -78.44 28.22
CA GLN F 457 -67.83 -79.79 28.50
C GLN F 457 -66.95 -80.33 27.38
N ASP F 458 -67.23 -79.99 26.14
CA ASP F 458 -66.35 -80.33 25.05
C ASP F 458 -65.01 -79.66 25.16
N LEU F 459 -64.99 -78.39 25.53
CA LEU F 459 -63.77 -77.69 25.89
C LEU F 459 -63.01 -78.47 26.96
N LYS F 460 -63.69 -78.84 28.04
CA LYS F 460 -63.09 -79.59 29.13
C LYS F 460 -62.47 -80.87 28.58
N SER F 461 -63.24 -81.62 27.82
CA SER F 461 -62.78 -82.87 27.26
C SER F 461 -61.74 -82.71 26.14
N THR F 462 -61.69 -81.55 25.49
CA THR F 462 -60.66 -81.14 24.52
C THR F 462 -59.33 -80.99 25.20
N VAL F 463 -59.35 -80.34 26.36
CA VAL F 463 -58.20 -80.27 27.24
C VAL F 463 -57.86 -81.64 27.82
N ASP F 464 -58.84 -82.39 28.32
CA ASP F 464 -58.58 -83.75 28.81
C ASP F 464 -57.95 -84.65 27.73
N LEU F 465 -58.37 -84.51 26.47
CA LEU F 465 -57.71 -85.15 25.37
C LEU F 465 -56.28 -84.66 25.17
N LEU F 466 -56.03 -83.34 25.17
CA LEU F 466 -54.69 -82.77 25.10
C LEU F 466 -53.77 -83.27 26.22
N THR F 467 -54.31 -83.39 27.43
CA THR F 467 -53.61 -84.00 28.54
C THR F 467 -53.30 -85.45 28.21
N SER F 468 -54.28 -86.22 27.77
CA SER F 468 -54.11 -87.62 27.44
C SER F 468 -53.07 -87.81 26.35
N ILE F 469 -52.97 -86.90 25.39
CA ILE F 469 -51.93 -86.87 24.36
C ILE F 469 -50.56 -86.59 24.95
N THR F 470 -50.48 -85.59 25.81
CA THR F 470 -49.23 -85.22 26.46
C THR F 470 -48.74 -86.33 27.37
N PHE F 471 -49.66 -86.93 28.09
CA PHE F 471 -49.43 -88.10 28.91
C PHE F 471 -48.99 -89.28 28.07
N PHE F 472 -49.63 -89.53 26.92
CA PHE F 472 -49.18 -90.55 25.97
C PHE F 472 -47.77 -90.29 25.45
N ARG F 473 -47.46 -89.04 25.09
CA ARG F 473 -46.11 -88.63 24.74
C ARG F 473 -45.13 -88.91 25.86
N MET F 474 -45.50 -88.59 27.09
CA MET F 474 -44.66 -88.78 28.26
C MET F 474 -44.46 -90.27 28.62
N LYS F 475 -45.53 -91.06 28.56
CA LYS F 475 -45.58 -92.42 29.07
C LYS F 475 -45.27 -93.46 28.01
N VAL F 476 -45.91 -93.37 26.86
CA VAL F 476 -45.72 -94.34 25.79
C VAL F 476 -44.54 -93.96 24.93
N GLN F 477 -44.52 -92.74 24.40
CA GLN F 477 -43.37 -92.31 23.61
C GLN F 477 -42.12 -92.10 24.49
N GLU F 478 -42.29 -92.03 25.82
CA GLU F 478 -41.19 -91.79 26.76
C GLU F 478 -40.43 -90.50 26.43
N LEU F 479 -41.12 -89.52 25.84
CA LEU F 479 -40.52 -88.22 25.53
C LEU F 479 -40.11 -87.52 26.82
N GLN F 480 -38.91 -86.96 26.76
CA GLN F 480 -38.20 -86.37 27.88
C GLN F 480 -38.68 -84.95 28.19
N SER F 481 -39.32 -84.29 27.23
CA SER F 481 -39.76 -82.89 27.33
C SER F 481 -40.97 -82.60 26.44
N PRO F 482 -42.09 -83.35 26.53
CA PRO F 482 -43.27 -83.01 25.77
C PRO F 482 -43.78 -81.61 26.16
N PRO F 483 -44.31 -80.80 25.22
CA PRO F 483 -44.86 -79.48 25.53
C PRO F 483 -45.95 -79.60 26.60
N ARG F 484 -45.69 -79.08 27.80
CA ARG F 484 -46.49 -79.45 28.96
C ARG F 484 -47.93 -79.00 28.76
N ALA F 485 -48.90 -79.90 28.92
CA ALA F 485 -50.29 -79.62 28.54
C ALA F 485 -50.84 -78.35 29.15
N SER F 486 -50.62 -78.19 30.45
CA SER F 486 -50.99 -76.99 31.19
C SER F 486 -50.42 -75.76 30.51
N GLN F 487 -49.14 -75.77 30.18
CA GLN F 487 -48.52 -74.69 29.47
C GLN F 487 -49.12 -74.48 28.08
N VAL F 488 -49.28 -75.55 27.30
CA VAL F 488 -49.85 -75.46 25.95
C VAL F 488 -51.21 -74.78 25.99
N VAL F 489 -52.07 -75.25 26.88
CA VAL F 489 -53.38 -74.67 27.13
C VAL F 489 -53.27 -73.22 27.58
N LYS F 490 -52.36 -72.91 28.50
CA LYS F 490 -52.14 -71.56 29.01
C LYS F 490 -51.77 -70.59 27.89
N ASP F 491 -50.97 -71.04 26.95
CA ASP F 491 -50.67 -70.30 25.75
C ASP F 491 -51.92 -70.13 24.90
N CYS F 492 -52.69 -71.20 24.69
CA CYS F 492 -53.93 -71.11 23.93
C CYS F 492 -54.84 -70.06 24.54
N VAL F 493 -54.98 -70.12 25.86
CA VAL F 493 -55.80 -69.20 26.63
C VAL F 493 -55.27 -67.80 26.42
N LYS F 494 -53.96 -67.60 26.53
CA LYS F 494 -53.35 -66.32 26.20
C LYS F 494 -53.70 -65.89 24.79
N ALA F 495 -53.54 -66.72 23.79
CA ALA F 495 -53.86 -66.39 22.42
C ALA F 495 -55.33 -65.97 22.29
N CYS F 496 -56.22 -66.75 22.86
CA CYS F 496 -57.63 -66.42 22.86
C CYS F 496 -57.87 -65.09 23.56
N LEU F 497 -57.24 -64.87 24.70
CA LEU F 497 -57.39 -63.66 25.47
C LEU F 497 -56.89 -62.46 24.68
N ASN F 498 -55.81 -62.60 23.94
CA ASN F 498 -55.35 -61.56 23.06
C ASN F 498 -56.41 -61.25 22.02
N SER F 499 -56.94 -62.27 21.37
CA SER F 499 -57.96 -62.09 20.36
C SER F 499 -59.24 -61.56 20.93
N THR F 500 -59.58 -61.99 22.14
CA THR F 500 -60.70 -61.46 22.88
C THR F 500 -60.46 -59.99 23.16
N TYR F 501 -59.27 -59.66 23.63
CA TYR F 501 -58.91 -58.32 23.98
C TYR F 501 -59.07 -57.44 22.75
N GLU F 502 -58.47 -57.83 21.64
CA GLU F 502 -58.69 -57.17 20.36
C GLU F 502 -60.18 -57.03 20.07
N TYR F 503 -60.95 -58.11 20.19
CA TYR F 503 -62.34 -58.07 19.83
C TYR F 503 -63.08 -57.01 20.65
N ILE F 504 -63.00 -57.10 21.97
CA ILE F 504 -63.66 -56.14 22.83
C ILE F 504 -63.13 -54.73 22.54
N PHE F 505 -61.82 -54.60 22.36
CA PHE F 505 -61.14 -53.35 22.08
C PHE F 505 -61.53 -52.74 20.74
N ASN F 506 -62.16 -53.51 19.87
CA ASN F 506 -62.68 -53.04 18.61
C ASN F 506 -64.20 -52.86 18.63
N ASN F 507 -64.89 -53.46 19.58
CA ASN F 507 -66.34 -53.56 19.62
C ASN F 507 -66.92 -53.04 20.92
N CYS F 508 -66.12 -52.22 21.62
CA CYS F 508 -66.41 -51.84 22.99
C CYS F 508 -67.80 -51.27 23.14
N HIS F 509 -68.22 -50.36 22.25
CA HIS F 509 -69.46 -49.67 22.53
C HIS F 509 -70.68 -50.58 22.33
N GLU F 510 -70.69 -51.36 21.28
CA GLU F 510 -71.73 -52.34 21.01
C GLU F 510 -71.94 -53.27 22.19
N LEU F 511 -70.84 -53.85 22.65
CA LEU F 511 -70.85 -54.78 23.75
C LEU F 511 -71.39 -54.13 25.03
N TYR F 512 -70.87 -52.94 25.36
CA TYR F 512 -71.25 -52.23 26.57
C TYR F 512 -72.69 -51.73 26.55
N GLY F 513 -73.04 -51.10 25.43
CA GLY F 513 -74.37 -50.65 25.14
C GLY F 513 -75.35 -51.76 25.44
N ARG F 514 -75.22 -52.86 24.72
CA ARG F 514 -76.03 -54.05 24.93
C ARG F 514 -76.07 -54.51 26.40
N GLU F 515 -74.92 -54.82 26.99
CA GLU F 515 -74.87 -55.60 28.24
C GLU F 515 -75.19 -54.79 29.51
N TYR F 516 -74.96 -53.47 29.55
CA TYR F 516 -75.13 -52.69 30.79
C TYR F 516 -75.99 -51.42 30.65
N GLN F 517 -76.13 -50.87 29.45
CA GLN F 517 -76.67 -49.51 29.32
C GLN F 517 -78.18 -49.46 29.61
N THR F 518 -78.63 -48.73 30.64
CA THR F 518 -80.05 -48.71 31.10
C THR F 518 -80.99 -47.91 30.17
N ASP F 519 -80.47 -47.07 29.28
CA ASP F 519 -81.24 -46.48 28.19
C ASP F 519 -80.96 -47.24 26.88
N PRO F 520 -81.99 -47.88 26.27
CA PRO F 520 -81.82 -48.65 25.02
C PRO F 520 -81.26 -47.84 23.85
N ALA F 521 -81.52 -46.53 23.80
CA ALA F 521 -81.03 -45.67 22.72
C ALA F 521 -79.50 -45.57 22.66
N LYS F 522 -78.82 -45.96 23.73
CA LYS F 522 -77.36 -45.95 23.83
C LYS F 522 -76.72 -47.33 23.56
N LYS F 523 -77.49 -48.37 23.21
CA LYS F 523 -76.95 -49.74 23.03
C LYS F 523 -76.21 -49.99 21.73
N GLY F 524 -76.37 -49.10 20.77
CA GLY F 524 -76.01 -49.29 19.37
C GLY F 524 -74.53 -49.03 19.00
N GLU F 525 -74.32 -48.87 17.69
CA GLU F 525 -73.02 -48.78 17.02
C GLU F 525 -72.37 -47.40 17.08
N VAL F 526 -71.98 -46.98 18.27
CA VAL F 526 -71.10 -45.80 18.42
C VAL F 526 -69.79 -46.02 17.68
N PRO F 527 -69.06 -44.97 17.24
CA PRO F 527 -68.05 -45.10 16.18
C PRO F 527 -66.96 -46.10 16.56
N PRO F 528 -66.26 -46.73 15.61
CA PRO F 528 -65.18 -47.66 15.92
C PRO F 528 -64.07 -47.06 16.80
N GLU F 529 -63.83 -45.76 16.64
CA GLU F 529 -62.92 -44.92 17.43
C GLU F 529 -63.41 -44.61 18.86
N GLU F 530 -64.56 -45.17 19.23
CA GLU F 530 -65.22 -45.03 20.54
C GLU F 530 -65.72 -46.42 21.03
N GLN F 531 -65.85 -47.39 20.14
CA GLN F 531 -65.70 -48.82 20.41
C GLN F 531 -64.22 -49.23 20.53
N GLY F 532 -63.36 -48.19 20.46
CA GLY F 532 -61.92 -48.06 20.59
C GLY F 532 -61.59 -46.72 21.28
N PRO F 533 -60.30 -46.34 21.47
CA PRO F 533 -59.92 -45.17 22.26
C PRO F 533 -60.25 -43.81 21.66
N SER F 534 -60.62 -42.87 22.54
CA SER F 534 -60.81 -41.47 22.22
C SER F 534 -59.95 -40.60 23.10
N ILE F 535 -59.43 -39.51 22.53
CA ILE F 535 -58.74 -38.48 23.29
C ILE F 535 -59.67 -37.46 23.95
N LYS F 536 -60.88 -37.31 23.39
CA LYS F 536 -61.90 -36.34 23.82
C LYS F 536 -62.67 -36.77 25.05
N ASN F 537 -62.83 -38.07 25.23
CA ASN F 537 -63.57 -38.62 26.36
C ASN F 537 -62.94 -39.92 26.81
N LEU F 538 -63.12 -40.22 28.09
CA LEU F 538 -62.60 -41.42 28.72
C LEU F 538 -63.57 -42.60 28.61
N ASP F 539 -64.77 -42.39 28.06
CA ASP F 539 -65.92 -43.30 28.23
C ASP F 539 -65.62 -44.69 27.65
N PHE F 540 -64.88 -44.74 26.56
CA PHE F 540 -64.36 -45.98 26.03
C PHE F 540 -63.65 -46.82 27.08
N TRP F 541 -62.75 -46.20 27.82
CA TRP F 541 -61.99 -46.89 28.84
C TRP F 541 -62.85 -47.40 29.96
N SER F 542 -63.77 -46.56 30.45
CA SER F 542 -64.75 -46.99 31.46
C SER F 542 -65.48 -48.23 30.95
N LYS F 543 -65.94 -48.18 29.71
CA LYS F 543 -66.74 -49.25 29.14
C LYS F 543 -65.91 -50.51 28.90
N LEU F 544 -64.69 -50.31 28.43
CA LEU F 544 -63.70 -51.34 28.25
C LEU F 544 -63.39 -52.02 29.57
N ILE F 545 -63.19 -51.26 30.64
CA ILE F 545 -63.00 -51.82 31.97
C ILE F 545 -64.17 -52.74 32.29
N THR F 546 -65.41 -52.30 32.11
CA THR F 546 -66.56 -53.15 32.46
C THR F 546 -66.61 -54.41 31.61
N LEU F 547 -66.17 -54.32 30.37
CA LEU F 547 -66.07 -55.48 29.50
C LEU F 547 -64.95 -56.40 29.87
N ILE F 548 -63.80 -55.83 30.21
CA ILE F 548 -62.69 -56.59 30.74
C ILE F 548 -63.16 -57.36 31.97
N VAL F 549 -63.88 -56.70 32.88
CA VAL F 549 -64.47 -57.33 34.05
C VAL F 549 -65.39 -58.45 33.62
N SER F 550 -66.29 -58.20 32.69
CA SER F 550 -67.21 -59.21 32.20
C SER F 550 -66.46 -60.43 31.68
N ILE F 551 -65.41 -60.23 30.90
CA ILE F 551 -64.57 -61.29 30.40
C ILE F 551 -63.85 -62.01 31.53
N ILE F 552 -63.22 -61.28 32.44
CA ILE F 552 -62.50 -61.87 33.55
C ILE F 552 -63.44 -62.68 34.41
N GLU F 553 -64.63 -62.16 34.66
CA GLU F 553 -65.66 -62.87 35.37
C GLU F 553 -66.09 -64.11 34.61
N GLU F 554 -66.36 -64.01 33.32
CA GLU F 554 -66.69 -65.19 32.53
C GLU F 554 -65.58 -66.24 32.61
N ASP F 555 -64.33 -65.80 32.58
CA ASP F 555 -63.20 -66.68 32.72
C ASP F 555 -63.11 -67.26 34.13
N LYS F 556 -63.26 -66.44 35.14
CA LYS F 556 -63.30 -66.85 36.53
C LYS F 556 -64.41 -67.85 36.76
N ASN F 557 -65.59 -67.58 36.21
CA ASN F 557 -66.80 -68.24 36.60
C ASN F 557 -67.08 -69.43 35.72
N SER F 558 -67.01 -69.27 34.42
CA SER F 558 -67.30 -70.36 33.51
C SER F 558 -66.03 -71.12 33.21
N TYR F 559 -65.01 -70.43 32.71
CA TYR F 559 -63.89 -71.15 32.14
C TYR F 559 -62.97 -71.73 33.22
N THR F 560 -62.84 -71.11 34.38
CA THR F 560 -61.93 -71.64 35.40
C THR F 560 -62.44 -72.95 35.97
N PRO F 561 -63.72 -73.06 36.32
CA PRO F 561 -64.28 -74.34 36.73
C PRO F 561 -64.22 -75.36 35.61
N CYS F 562 -64.51 -74.93 34.39
CA CYS F 562 -64.38 -75.80 33.24
C CYS F 562 -62.96 -76.36 33.15
N LEU F 563 -61.96 -75.49 33.25
CA LEU F 563 -60.56 -75.84 33.12
C LEU F 563 -59.89 -75.87 34.49
N ASN F 564 -60.28 -76.88 35.26
CA ASN F 564 -59.70 -77.23 36.55
C ASN F 564 -58.71 -78.42 36.51
N GLN F 565 -58.28 -78.90 35.32
CA GLN F 565 -57.40 -80.09 35.19
C GLN F 565 -56.02 -79.95 35.84
N PHE F 566 -55.51 -78.72 35.87
CA PHE F 566 -54.20 -78.37 36.39
C PHE F 566 -54.37 -77.23 37.41
N PRO F 567 -55.05 -77.47 38.53
CA PRO F 567 -55.51 -76.37 39.38
C PRO F 567 -54.34 -75.56 39.94
N GLN F 568 -53.22 -76.24 40.23
CA GLN F 568 -51.96 -75.65 40.70
C GLN F 568 -51.13 -74.97 39.59
N GLU F 569 -51.56 -74.99 38.34
CA GLU F 569 -50.80 -74.41 37.23
C GLU F 569 -51.64 -73.54 36.28
N LEU F 570 -52.94 -73.78 36.19
CA LEU F 570 -53.87 -73.12 35.29
C LEU F 570 -55.08 -72.66 36.10
N ASN F 571 -55.18 -71.34 36.25
CA ASN F 571 -56.41 -70.73 36.68
C ASN F 571 -56.80 -69.69 35.63
N VAL F 572 -57.88 -69.96 34.88
CA VAL F 572 -58.26 -69.14 33.72
C VAL F 572 -58.62 -67.72 34.13
N GLY F 573 -59.26 -67.55 35.28
CA GLY F 573 -59.60 -66.25 35.84
C GLY F 573 -58.35 -65.44 36.15
N LYS F 574 -57.32 -66.04 36.77
CA LYS F 574 -56.03 -65.38 37.01
C LYS F 574 -55.37 -64.97 35.70
N ILE F 575 -55.30 -65.90 34.74
CA ILE F 575 -54.63 -65.67 33.46
C ILE F 575 -55.38 -64.60 32.69
N SER F 576 -56.70 -64.67 32.70
CA SER F 576 -57.58 -63.65 32.13
C SER F 576 -57.30 -62.30 32.75
N ALA F 577 -57.39 -62.19 34.07
CA ALA F 577 -57.08 -60.95 34.76
C ALA F 577 -55.68 -60.44 34.39
N GLU F 578 -54.65 -61.27 34.46
CA GLU F 578 -53.28 -60.88 34.15
C GLU F 578 -53.12 -60.37 32.72
N VAL F 579 -53.56 -61.15 31.73
CA VAL F 579 -53.42 -60.78 30.33
C VAL F 579 -54.26 -59.55 30.03
N MET F 580 -55.52 -59.55 30.46
CA MET F 580 -56.47 -58.48 30.18
C MET F 580 -56.02 -57.18 30.81
N TRP F 581 -55.63 -57.22 32.08
CA TRP F 581 -55.00 -56.09 32.72
C TRP F 581 -53.74 -55.71 31.97
N SER F 582 -52.85 -56.64 31.61
CA SER F 582 -51.60 -56.29 30.97
C SER F 582 -51.85 -55.51 29.68
N LEU F 583 -52.63 -56.09 28.78
CA LEU F 583 -53.00 -55.49 27.52
C LEU F 583 -53.67 -54.13 27.76
N PHE F 584 -54.65 -54.12 28.65
CA PHE F 584 -55.32 -52.90 29.04
C PHE F 584 -54.33 -51.88 29.58
N ALA F 585 -53.38 -52.29 30.40
CA ALA F 585 -52.50 -51.41 31.12
C ALA F 585 -51.53 -50.76 30.18
N GLN F 586 -50.97 -51.53 29.24
CA GLN F 586 -50.13 -50.96 28.21
C GLN F 586 -50.91 -49.92 27.43
N ASP F 587 -52.12 -50.29 27.04
CA ASP F 587 -52.93 -49.41 26.23
C ASP F 587 -53.32 -48.17 27.01
N MET F 588 -53.82 -48.37 28.22
CA MET F 588 -54.19 -47.34 29.13
C MET F 588 -53.02 -46.43 29.43
N LYS F 589 -51.83 -46.98 29.64
CA LYS F 589 -50.65 -46.19 29.89
C LYS F 589 -50.35 -45.30 28.69
N TYR F 590 -50.32 -45.85 27.47
CA TYR F 590 -50.15 -44.99 26.31
C TYR F 590 -51.28 -43.94 26.26
N ALA F 591 -52.53 -44.35 26.51
CA ALA F 591 -53.66 -43.47 26.41
C ALA F 591 -53.59 -42.32 27.40
N MET F 592 -53.30 -42.60 28.66
CA MET F 592 -53.09 -41.61 29.70
C MET F 592 -51.91 -40.70 29.34
N GLU F 593 -50.80 -41.24 28.84
CA GLU F 593 -49.71 -40.39 28.33
C GLU F 593 -50.28 -39.43 27.29
N GLU F 594 -51.14 -39.92 26.41
CA GLU F 594 -51.70 -39.12 25.36
C GLU F 594 -52.68 -38.06 25.84
N HIS F 595 -53.57 -38.46 26.72
CA HIS F 595 -54.41 -37.53 27.46
C HIS F 595 -53.59 -36.54 28.25
N ASP F 596 -52.42 -36.90 28.76
CA ASP F 596 -51.60 -35.98 29.54
C ASP F 596 -51.07 -34.87 28.64
N LYS F 597 -50.84 -35.19 27.36
CA LYS F 597 -50.44 -34.19 26.37
C LYS F 597 -51.61 -33.28 26.04
N HIS F 598 -52.77 -33.85 25.75
CA HIS F 598 -53.88 -33.05 25.25
C HIS F 598 -54.71 -32.36 26.35
N ARG F 599 -54.91 -33.07 27.47
CA ARG F 599 -55.73 -32.68 28.63
C ARG F 599 -57.13 -32.17 28.23
N LEU F 600 -57.78 -32.86 27.28
CA LEU F 600 -59.11 -32.46 26.79
C LEU F 600 -60.24 -32.84 27.75
N CYS F 601 -60.18 -34.03 28.37
CA CYS F 601 -61.10 -34.39 29.45
C CYS F 601 -60.79 -33.62 30.74
N LYS F 602 -61.74 -33.48 31.66
CA LYS F 602 -61.56 -32.71 32.91
C LYS F 602 -60.83 -33.52 33.96
N SER F 603 -60.22 -32.80 34.90
CA SER F 603 -59.52 -33.35 36.07
C SER F 603 -60.38 -34.42 36.73
N ALA F 604 -61.61 -34.07 37.06
CA ALA F 604 -62.60 -34.94 37.65
C ALA F 604 -62.75 -36.28 36.89
N ASP F 605 -62.72 -36.25 35.58
CA ASP F 605 -62.92 -37.44 34.77
C ASP F 605 -61.75 -38.38 34.95
N TYR F 606 -60.52 -37.86 34.88
CA TYR F 606 -59.37 -38.68 35.18
C TYR F 606 -59.40 -39.18 36.61
N MET F 607 -59.93 -38.41 37.56
CA MET F 607 -60.07 -38.89 38.94
C MET F 607 -61.06 -40.05 38.97
N ASN F 608 -62.19 -39.95 38.28
CA ASN F 608 -63.18 -41.02 38.23
C ASN F 608 -62.63 -42.26 37.57
N LEU F 609 -61.92 -42.07 36.47
CA LEU F 609 -61.20 -43.12 35.82
C LEU F 609 -60.17 -43.72 36.77
N HIS F 610 -59.45 -42.88 37.50
CA HIS F 610 -58.50 -43.35 38.46
C HIS F 610 -59.18 -44.24 39.49
N PHE F 611 -60.31 -43.81 40.05
CA PHE F 611 -61.09 -44.62 40.99
C PHE F 611 -61.47 -45.96 40.37
N LYS F 612 -61.91 -45.96 39.11
CA LYS F 612 -62.31 -47.18 38.44
C LYS F 612 -61.13 -48.09 38.22
N VAL F 613 -60.02 -47.55 37.74
CA VAL F 613 -58.81 -48.31 37.49
C VAL F 613 -58.26 -48.85 38.78
N LYS F 614 -58.22 -48.01 39.81
CA LYS F 614 -57.88 -48.40 41.15
C LYS F 614 -58.75 -49.57 41.54
N TRP F 615 -60.06 -49.43 41.41
CA TRP F 615 -60.96 -50.50 41.80
C TRP F 615 -60.70 -51.76 40.99
N LEU F 616 -60.56 -51.64 39.68
CA LEU F 616 -60.32 -52.76 38.82
C LEU F 616 -59.05 -53.49 39.26
N TYR F 617 -57.99 -52.72 39.40
CA TYR F 617 -56.73 -53.22 39.81
C TYR F 617 -56.85 -53.93 41.14
N ASN F 618 -57.38 -53.23 42.14
CA ASN F 618 -57.49 -53.73 43.48
C ASN F 618 -58.45 -54.92 43.58
N GLU F 619 -59.42 -55.03 42.69
CA GLU F 619 -60.38 -56.11 42.74
C GLU F 619 -59.81 -57.39 42.13
N TYR F 620 -59.04 -57.26 41.05
CA TYR F 620 -58.69 -58.41 40.21
C TYR F 620 -57.20 -58.64 40.01
N VAL F 621 -56.37 -57.64 40.28
CA VAL F 621 -55.00 -57.59 39.80
C VAL F 621 -54.03 -57.50 40.96
N ALA F 622 -54.32 -56.63 41.92
CA ALA F 622 -53.53 -56.45 43.12
C ALA F 622 -53.20 -57.77 43.80
N GLU F 623 -54.18 -58.65 43.88
CA GLU F 623 -54.09 -59.96 44.52
C GLU F 623 -53.40 -61.01 43.64
N LEU F 624 -53.25 -60.80 42.34
CA LEU F 624 -52.48 -61.75 41.53
C LEU F 624 -51.03 -61.69 41.98
N PRO F 625 -50.35 -62.82 42.20
CA PRO F 625 -48.96 -62.86 42.67
C PRO F 625 -48.09 -61.90 41.87
N THR F 626 -48.23 -61.95 40.55
CA THR F 626 -47.51 -61.11 39.58
C THR F 626 -47.56 -59.62 39.92
N PHE F 627 -48.60 -59.14 40.60
CA PHE F 627 -48.72 -57.73 40.90
C PHE F 627 -48.84 -57.40 42.39
N LYS F 628 -49.16 -58.38 43.25
CA LYS F 628 -48.84 -58.25 44.70
C LYS F 628 -47.34 -58.11 44.93
N ASP F 629 -46.55 -58.68 44.01
CA ASP F 629 -45.11 -58.54 43.92
C ASP F 629 -44.60 -57.12 43.55
N ARG F 630 -45.47 -56.12 43.34
CA ARG F 630 -45.11 -54.75 42.94
C ARG F 630 -45.87 -53.66 43.72
N VAL F 631 -45.27 -52.47 43.82
CA VAL F 631 -46.03 -51.23 44.00
C VAL F 631 -46.73 -50.94 42.66
N PRO F 632 -48.06 -50.74 42.62
CA PRO F 632 -48.79 -50.61 41.36
C PRO F 632 -48.33 -49.41 40.58
N GLU F 633 -48.24 -49.62 39.28
CA GLU F 633 -47.71 -48.60 38.41
C GLU F 633 -48.79 -47.65 37.88
N TYR F 634 -50.05 -48.09 37.85
CA TYR F 634 -51.13 -47.24 37.37
C TYR F 634 -51.27 -45.86 38.04
N PRO F 635 -50.97 -45.65 39.33
CA PRO F 635 -51.06 -44.32 39.93
C PRO F 635 -50.11 -43.32 39.28
N ALA F 636 -48.98 -43.80 38.76
CA ALA F 636 -48.08 -42.93 38.03
C ALA F 636 -48.72 -42.39 36.76
N TRP F 637 -49.64 -43.13 36.14
CA TRP F 637 -50.39 -42.60 35.00
C TRP F 637 -51.22 -41.39 35.43
N PHE F 638 -51.90 -41.50 36.57
CA PHE F 638 -52.88 -40.51 37.00
C PHE F 638 -52.30 -39.31 37.77
N GLU F 639 -51.13 -39.47 38.37
CA GLU F 639 -50.49 -38.45 39.18
C GLU F 639 -50.53 -37.03 38.56
N PRO F 640 -50.22 -36.84 37.27
CA PRO F 640 -50.23 -35.51 36.67
C PRO F 640 -51.61 -34.86 36.74
N PHE F 641 -52.62 -35.71 36.61
CA PHE F 641 -53.99 -35.31 36.68
C PHE F 641 -54.35 -35.00 38.11
N VAL F 642 -53.96 -35.83 39.08
CA VAL F 642 -54.22 -35.51 40.48
C VAL F 642 -53.53 -34.22 40.89
N ILE F 643 -52.33 -33.97 40.38
CA ILE F 643 -51.61 -32.74 40.67
C ILE F 643 -52.35 -31.55 40.09
N GLN F 644 -52.74 -31.64 38.82
CA GLN F 644 -53.58 -30.61 38.22
C GLN F 644 -54.84 -30.36 39.07
N TRP F 645 -55.47 -31.43 39.53
CA TRP F 645 -56.63 -31.32 40.38
C TRP F 645 -56.30 -30.61 41.70
N LEU F 646 -55.20 -30.95 42.36
CA LEU F 646 -54.75 -30.28 43.59
C LEU F 646 -54.55 -28.79 43.36
N ASP F 647 -54.04 -28.42 42.20
CA ASP F 647 -53.87 -27.03 41.85
C ASP F 647 -55.21 -26.32 41.75
N GLU F 648 -56.10 -26.89 40.93
CA GLU F 648 -57.44 -26.36 40.73
C GLU F 648 -58.15 -26.21 42.06
N ASN F 649 -57.99 -27.23 42.88
CA ASN F 649 -58.53 -27.22 44.21
C ASN F 649 -57.95 -26.11 45.09
N GLU F 650 -56.66 -25.79 44.98
CA GLU F 650 -56.11 -24.67 45.71
C GLU F 650 -56.79 -23.37 45.31
N GLU F 651 -56.92 -23.11 44.01
CA GLU F 651 -57.54 -21.87 43.54
C GLU F 651 -58.98 -21.77 44.02
N VAL F 652 -59.73 -22.84 43.85
CA VAL F 652 -61.09 -22.95 44.33
C VAL F 652 -61.12 -22.69 45.83
N SER F 653 -60.20 -23.27 46.58
CA SER F 653 -60.09 -23.03 48.01
C SER F 653 -59.81 -21.57 48.33
N ARG F 654 -58.85 -20.91 47.67
CA ARG F 654 -58.52 -19.50 47.95
C ARG F 654 -59.64 -18.56 47.52
N ASP F 655 -60.38 -18.85 46.46
CA ASP F 655 -61.52 -18.02 46.07
C ASP F 655 -62.73 -18.25 46.99
N PHE F 656 -63.00 -19.51 47.34
CA PHE F 656 -63.98 -19.85 48.36
C PHE F 656 -63.70 -19.11 49.67
N LEU F 657 -62.42 -19.07 50.09
CA LEU F 657 -61.98 -18.40 51.33
C LEU F 657 -62.43 -16.95 51.36
N HIS F 658 -62.14 -16.21 50.30
CA HIS F 658 -62.51 -14.81 50.25
C HIS F 658 -64.03 -14.64 50.32
N GLY F 659 -64.79 -15.51 49.64
CA GLY F 659 -66.23 -15.56 49.81
C GLY F 659 -66.60 -15.77 51.28
N ALA F 660 -66.09 -16.84 51.89
CA ALA F 660 -66.41 -17.23 53.25
C ALA F 660 -66.11 -16.12 54.25
N LEU F 661 -64.95 -15.49 54.09
CA LEU F 661 -64.56 -14.34 54.89
C LEU F 661 -65.45 -13.16 54.60
N GLU F 662 -65.74 -12.83 53.35
CA GLU F 662 -66.59 -11.68 53.06
C GLU F 662 -67.98 -11.83 53.67
N ARG F 663 -68.57 -13.03 53.65
CA ARG F 663 -69.83 -13.29 54.37
C ARG F 663 -69.67 -12.98 55.86
N ASP F 664 -68.64 -13.56 56.46
CA ASP F 664 -68.43 -13.48 57.89
C ASP F 664 -68.15 -12.04 58.35
N LYS F 665 -67.31 -11.33 57.59
CA LYS F 665 -66.99 -9.93 57.78
C LYS F 665 -68.22 -9.04 57.67
N LYS F 666 -69.05 -9.28 56.66
CA LYS F 666 -70.28 -8.53 56.48
C LYS F 666 -71.24 -8.81 57.64
N ASP F 667 -71.28 -10.05 58.12
CA ASP F 667 -72.00 -10.43 59.34
C ASP F 667 -71.34 -9.89 60.62
N GLY F 668 -70.22 -9.15 60.51
CA GLY F 668 -69.53 -8.57 61.66
C GLY F 668 -68.87 -9.62 62.54
N PHE F 669 -68.53 -10.79 61.99
CA PHE F 669 -67.89 -11.91 62.68
C PHE F 669 -68.65 -12.43 63.90
N GLN F 670 -69.95 -12.68 63.77
CA GLN F 670 -70.67 -13.36 64.85
C GLN F 670 -69.99 -14.70 65.19
N GLN F 671 -69.73 -14.91 66.47
CA GLN F 671 -69.46 -16.24 66.98
C GLN F 671 -70.55 -17.18 66.48
N THR F 672 -70.15 -18.35 66.04
CA THR F 672 -71.06 -19.33 65.45
C THR F 672 -72.14 -19.71 66.44
N SER F 673 -71.75 -19.84 67.70
CA SER F 673 -72.65 -20.00 68.82
C SER F 673 -71.90 -19.65 70.10
N GLU F 674 -72.66 -19.62 71.18
CA GLU F 674 -72.27 -19.30 72.56
C GLU F 674 -71.34 -20.34 73.21
N HIS F 675 -70.77 -21.21 72.38
CA HIS F 675 -69.81 -22.24 72.70
C HIS F 675 -68.89 -22.54 71.49
N ALA F 676 -69.37 -22.36 70.26
CA ALA F 676 -68.53 -22.25 69.06
C ALA F 676 -68.03 -20.80 68.95
N LEU F 677 -67.02 -20.49 69.76
CA LEU F 677 -66.50 -19.15 70.04
C LEU F 677 -65.87 -18.45 68.82
N PHE F 678 -65.68 -19.22 67.76
CA PHE F 678 -65.22 -18.80 66.45
C PHE F 678 -66.39 -18.47 65.52
N SER F 679 -66.15 -17.66 64.50
CA SER F 679 -67.10 -17.31 63.45
C SER F 679 -67.10 -18.29 62.25
N CYS F 680 -68.12 -18.20 61.40
CA CYS F 680 -68.47 -19.24 60.43
C CYS F 680 -67.40 -19.52 59.37
N SER F 681 -66.63 -18.51 58.97
CA SER F 681 -65.66 -18.64 57.89
C SER F 681 -64.65 -19.73 58.20
N VAL F 682 -64.30 -19.93 59.47
CA VAL F 682 -63.41 -21.02 59.89
C VAL F 682 -64.00 -22.35 59.45
N VAL F 683 -65.26 -22.55 59.79
CA VAL F 683 -65.99 -23.77 59.52
C VAL F 683 -66.08 -23.98 58.02
N ASP F 684 -66.43 -22.93 57.28
CA ASP F 684 -66.48 -22.98 55.82
C ASP F 684 -65.16 -23.46 55.25
N VAL F 685 -64.10 -22.79 55.67
CA VAL F 685 -62.77 -23.03 55.15
C VAL F 685 -62.33 -24.44 55.47
N PHE F 686 -62.40 -24.85 56.74
CA PHE F 686 -61.99 -26.20 57.06
C PHE F 686 -62.86 -27.21 56.35
N SER F 687 -64.16 -26.97 56.19
CA SER F 687 -65.02 -27.84 55.39
C SER F 687 -64.43 -27.97 53.99
N GLN F 688 -64.16 -26.86 53.31
CA GLN F 688 -63.55 -26.88 52.00
C GLN F 688 -62.25 -27.68 51.99
N LEU F 689 -61.39 -27.44 52.96
CA LEU F 689 -60.15 -28.18 53.05
C LEU F 689 -60.40 -29.66 53.27
N ASN F 690 -61.32 -30.00 54.13
CA ASN F 690 -61.59 -31.37 54.47
C ASN F 690 -62.17 -32.08 53.24
N GLN F 691 -63.16 -31.50 52.56
CA GLN F 691 -63.66 -32.04 51.29
C GLN F 691 -62.50 -32.35 50.36
N SER F 692 -61.61 -31.37 50.23
CA SER F 692 -60.45 -31.48 49.37
C SER F 692 -59.54 -32.60 49.80
N PHE F 693 -59.29 -32.72 51.10
CA PHE F 693 -58.40 -33.73 51.60
C PHE F 693 -58.97 -35.13 51.40
N GLU F 694 -60.26 -35.26 51.65
CA GLU F 694 -60.91 -36.55 51.69
C GLU F 694 -60.89 -37.21 50.33
N ILE F 695 -61.05 -36.42 49.27
CA ILE F 695 -60.89 -36.90 47.89
C ILE F 695 -59.53 -37.57 47.75
N ILE F 696 -58.46 -36.85 48.09
CA ILE F 696 -57.09 -37.36 47.99
C ILE F 696 -57.00 -38.64 48.80
N LYS F 697 -57.51 -38.57 50.02
CA LYS F 697 -57.38 -39.67 50.94
C LYS F 697 -58.07 -40.91 50.40
N LYS F 698 -59.23 -40.75 49.77
CA LYS F 698 -59.96 -41.83 49.11
C LYS F 698 -59.24 -42.41 47.91
N LEU F 699 -58.33 -41.69 47.28
CA LEU F 699 -57.48 -42.32 46.26
C LEU F 699 -56.64 -43.45 46.84
N GLU F 700 -56.19 -43.33 48.10
CA GLU F 700 -55.40 -44.37 48.77
C GLU F 700 -54.21 -44.81 47.91
N CYS F 701 -53.55 -43.84 47.29
CA CYS F 701 -52.54 -44.11 46.27
C CYS F 701 -51.48 -45.04 46.86
N PRO F 702 -51.27 -46.23 46.27
CA PRO F 702 -50.38 -47.25 46.84
C PRO F 702 -48.88 -46.95 46.63
N ASP F 703 -48.55 -45.85 45.95
CA ASP F 703 -47.18 -45.37 45.78
C ASP F 703 -46.88 -44.25 46.79
N PRO F 704 -46.09 -44.54 47.86
CA PRO F 704 -45.92 -43.59 48.95
C PRO F 704 -45.18 -42.34 48.51
N GLN F 705 -44.45 -42.39 47.42
CA GLN F 705 -43.71 -41.26 46.90
C GLN F 705 -44.67 -40.33 46.15
N ILE F 706 -45.55 -40.88 45.32
CA ILE F 706 -46.65 -40.12 44.75
C ILE F 706 -47.51 -39.55 45.87
N VAL F 707 -47.84 -40.33 46.91
CA VAL F 707 -48.56 -39.81 48.08
C VAL F 707 -47.78 -38.69 48.75
N GLY F 708 -46.49 -38.85 48.99
CA GLY F 708 -45.67 -37.80 49.56
C GLY F 708 -45.75 -36.54 48.70
N HIS F 709 -45.65 -36.69 47.39
CA HIS F 709 -45.81 -35.58 46.47
C HIS F 709 -47.18 -34.92 46.60
N TYR F 710 -48.26 -35.68 46.60
CA TYR F 710 -49.60 -35.16 46.85
C TYR F 710 -49.65 -34.40 48.16
N MET F 711 -49.11 -34.97 49.22
CA MET F 711 -49.14 -34.42 50.55
C MET F 711 -48.36 -33.16 50.68
N ARG F 712 -47.19 -33.12 50.06
CA ARG F 712 -46.40 -31.90 49.96
C ARG F 712 -47.19 -30.85 49.23
N ARG F 713 -47.72 -31.19 48.06
CA ARG F 713 -48.52 -30.26 47.26
C ARG F 713 -49.68 -29.73 48.08
N PHE F 714 -50.36 -30.60 48.80
CA PHE F 714 -51.53 -30.23 49.55
C PHE F 714 -51.21 -29.44 50.82
N ALA F 715 -50.14 -29.78 51.54
CA ALA F 715 -49.70 -29.05 52.71
C ALA F 715 -49.45 -27.57 52.40
N LYS F 716 -48.94 -27.30 51.19
CA LYS F 716 -48.76 -25.95 50.68
C LYS F 716 -50.10 -25.28 50.53
N THR F 717 -51.06 -25.96 49.91
CA THR F 717 -52.42 -25.46 49.82
C THR F 717 -52.94 -25.02 51.19
N ILE F 718 -52.79 -25.91 52.17
CA ILE F 718 -53.25 -25.66 53.53
C ILE F 718 -52.57 -24.43 54.09
N SER F 719 -51.25 -24.42 54.02
CA SER F 719 -50.46 -23.32 54.53
C SER F 719 -50.87 -22.00 53.91
N ASN F 720 -50.97 -21.94 52.59
CA ASN F 720 -51.33 -20.74 51.86
C ASN F 720 -52.70 -20.22 52.29
N VAL F 721 -53.70 -21.09 52.26
CA VAL F 721 -55.06 -20.74 52.65
C VAL F 721 -55.12 -20.24 54.09
N LEU F 722 -54.57 -20.99 55.03
CA LEU F 722 -54.71 -20.68 56.46
C LEU F 722 -53.92 -19.44 56.87
N LEU F 723 -52.74 -19.24 56.30
CA LEU F 723 -52.02 -18.00 56.53
C LEU F 723 -52.75 -16.83 55.92
N GLN F 724 -53.31 -17.00 54.73
CA GLN F 724 -54.11 -15.95 54.12
C GLN F 724 -55.35 -15.61 54.94
N TYR F 725 -56.00 -16.60 55.55
CA TYR F 725 -57.00 -16.34 56.58
C TYR F 725 -56.41 -15.52 57.73
N ALA F 726 -55.35 -16.03 58.36
CA ALA F 726 -54.71 -15.42 59.52
C ALA F 726 -54.32 -13.98 59.25
N ASP F 727 -53.80 -13.72 58.07
CA ASP F 727 -53.39 -12.42 57.60
C ASP F 727 -54.60 -11.49 57.44
N ILE F 728 -55.63 -11.90 56.70
CA ILE F 728 -56.84 -11.09 56.49
C ILE F 728 -57.40 -10.66 57.83
N VAL F 729 -57.50 -11.61 58.75
CA VAL F 729 -57.88 -11.31 60.11
C VAL F 729 -56.90 -10.36 60.77
N SER F 730 -55.61 -10.67 60.76
CA SER F 730 -54.61 -9.86 61.46
C SER F 730 -54.63 -8.44 60.99
N LYS F 731 -54.82 -8.22 59.69
CA LYS F 731 -54.87 -6.90 59.08
C LYS F 731 -56.04 -6.07 59.58
N ASP F 732 -57.22 -6.67 59.70
CA ASP F 732 -58.37 -5.96 60.23
C ASP F 732 -58.40 -5.90 61.77
N PHE F 733 -57.64 -6.77 62.44
CA PHE F 733 -57.75 -7.02 63.87
C PHE F 733 -57.76 -5.76 64.74
N ALA F 734 -56.78 -4.89 64.53
CA ALA F 734 -56.66 -3.63 65.25
C ALA F 734 -57.90 -2.75 65.08
N SER F 735 -58.48 -2.70 63.88
CA SER F 735 -59.70 -1.93 63.66
C SER F 735 -60.86 -2.44 64.52
N TYR F 736 -60.88 -3.73 64.89
CA TYR F 736 -61.89 -4.28 65.80
C TYR F 736 -61.58 -4.11 67.27
N CYS F 737 -60.33 -3.78 67.62
CA CYS F 737 -59.90 -3.62 69.01
C CYS F 737 -60.44 -2.35 69.70
N SER F 738 -61.33 -1.59 69.04
CA SER F 738 -62.06 -0.47 69.64
C SER F 738 -63.15 -0.93 70.60
N LYS F 739 -63.48 -0.05 71.54
CA LYS F 739 -64.20 -0.39 72.78
C LYS F 739 -65.62 -0.93 72.57
N GLU F 740 -66.22 -0.72 71.42
CA GLU F 740 -67.62 -1.09 71.16
C GLU F 740 -67.73 -2.54 70.66
N LYS F 741 -66.60 -3.15 70.25
CA LYS F 741 -66.58 -4.44 69.55
C LYS F 741 -65.64 -5.47 70.16
N GLU F 742 -65.36 -5.38 71.46
CA GLU F 742 -64.42 -6.21 72.24
C GLU F 742 -64.56 -7.72 71.97
N LYS F 743 -65.78 -8.15 71.73
CA LYS F 743 -66.10 -9.52 71.38
C LYS F 743 -65.46 -9.94 70.07
N VAL F 744 -65.47 -9.08 69.05
CA VAL F 744 -64.99 -9.41 67.71
C VAL F 744 -63.52 -9.80 67.72
N PRO F 745 -62.59 -9.02 68.31
CA PRO F 745 -61.23 -9.48 68.52
C PRO F 745 -61.16 -10.82 69.22
N CYS F 746 -61.94 -11.02 70.28
CA CYS F 746 -61.95 -12.32 70.96
C CYS F 746 -62.32 -13.43 69.98
N ILE F 747 -63.36 -13.21 69.18
CA ILE F 747 -63.82 -14.16 68.18
C ILE F 747 -62.80 -14.40 67.12
N LEU F 748 -62.14 -13.36 66.64
CA LEU F 748 -61.07 -13.49 65.67
C LEU F 748 -59.87 -14.27 66.24
N MET F 749 -59.52 -14.01 67.49
CA MET F 749 -58.52 -14.81 68.19
C MET F 749 -58.98 -16.25 68.27
N ASN F 750 -60.24 -16.48 68.64
CA ASN F 750 -60.80 -17.80 68.68
C ASN F 750 -60.81 -18.45 67.29
N ASN F 751 -61.06 -17.70 66.22
CA ASN F 751 -60.96 -18.23 64.88
C ASN F 751 -59.57 -18.74 64.64
N THR F 752 -58.61 -17.88 64.93
CA THR F 752 -57.20 -18.17 64.76
C THR F 752 -56.84 -19.43 65.52
N GLN F 753 -57.24 -19.48 66.77
CA GLN F 753 -57.00 -20.63 67.58
C GLN F 753 -57.73 -21.86 67.04
N GLN F 754 -58.95 -21.68 66.55
CA GLN F 754 -59.70 -22.76 65.95
C GLN F 754 -59.01 -23.25 64.69
N LEU F 755 -58.32 -22.38 63.96
CA LEU F 755 -57.46 -22.83 62.88
C LEU F 755 -56.40 -23.75 63.44
N ARG F 756 -55.71 -23.38 64.52
CA ARG F 756 -54.65 -24.20 65.09
C ARG F 756 -55.13 -25.58 65.49
N VAL F 757 -56.31 -25.59 66.10
CA VAL F 757 -56.95 -26.83 66.54
C VAL F 757 -57.32 -27.68 65.34
N GLN F 758 -58.03 -27.10 64.38
CA GLN F 758 -58.45 -27.82 63.19
C GLN F 758 -57.27 -28.22 62.32
N LEU F 759 -56.19 -27.45 62.34
CA LEU F 759 -54.95 -27.79 61.69
C LEU F 759 -54.28 -28.97 62.37
N GLU F 760 -54.24 -29.05 63.69
CA GLU F 760 -53.74 -30.26 64.34
C GLU F 760 -54.58 -31.46 63.96
N LYS F 761 -55.92 -31.34 64.01
CA LYS F 761 -56.78 -32.40 63.49
C LYS F 761 -56.35 -32.78 62.09
N MET F 762 -56.19 -31.79 61.22
CA MET F 762 -55.89 -32.02 59.82
C MET F 762 -54.50 -32.62 59.62
N PHE F 763 -53.53 -32.20 60.41
CA PHE F 763 -52.21 -32.77 60.45
C PHE F 763 -52.30 -34.24 60.82
N GLU F 764 -53.09 -34.56 61.83
CA GLU F 764 -53.25 -35.94 62.25
C GLU F 764 -54.02 -36.74 61.21
N ALA F 765 -55.01 -36.12 60.59
CA ALA F 765 -55.79 -36.73 59.51
C ALA F 765 -54.91 -36.99 58.28
N MET F 766 -53.94 -36.11 58.01
CA MET F 766 -52.84 -36.31 57.05
C MET F 766 -51.78 -37.30 57.56
N GLY F 767 -52.10 -38.11 58.57
CA GLY F 767 -51.26 -39.20 59.06
C GLY F 767 -50.39 -38.80 60.24
N GLY F 768 -50.38 -37.53 60.64
CA GLY F 768 -49.58 -37.04 61.75
C GLY F 768 -48.12 -37.42 61.56
N LYS F 769 -47.58 -38.26 62.46
CA LYS F 769 -46.19 -38.73 62.42
C LYS F 769 -45.86 -39.49 61.13
N GLU F 770 -46.86 -40.10 60.50
CA GLU F 770 -46.70 -40.86 59.27
C GLU F 770 -46.77 -39.97 58.01
N LEU F 771 -47.04 -38.67 58.15
CA LEU F 771 -46.95 -37.73 57.04
C LEU F 771 -45.51 -37.58 56.49
N ASP F 772 -45.39 -37.31 55.19
CA ASP F 772 -44.12 -36.96 54.54
C ASP F 772 -43.38 -35.84 55.28
N ALA F 773 -42.04 -35.92 55.32
CA ALA F 773 -41.21 -35.00 56.09
C ALA F 773 -41.38 -33.52 55.68
N GLU F 774 -41.46 -33.16 54.40
CA GLU F 774 -41.62 -31.76 53.98
C GLU F 774 -43.04 -31.26 54.18
N ALA F 775 -44.05 -32.11 53.96
CA ALA F 775 -45.43 -31.78 54.29
C ALA F 775 -45.57 -31.54 55.80
N SER F 776 -45.05 -32.46 56.61
CA SER F 776 -45.02 -32.35 58.07
C SER F 776 -44.30 -31.11 58.55
N GLY F 777 -43.10 -30.86 58.02
CA GLY F 777 -42.34 -29.65 58.26
C GLY F 777 -43.16 -28.43 57.95
N THR F 778 -43.78 -28.38 56.77
CA THR F 778 -44.66 -27.30 56.34
C THR F 778 -45.76 -27.04 57.36
N LEU F 779 -46.43 -28.09 57.80
CA LEU F 779 -47.55 -27.91 58.73
C LEU F 779 -47.08 -27.56 60.16
N LYS F 780 -45.93 -28.06 60.61
CA LYS F 780 -45.36 -27.69 61.90
C LYS F 780 -44.96 -26.23 61.93
N GLU F 781 -44.30 -25.79 60.86
CA GLU F 781 -44.05 -24.38 60.56
C GLU F 781 -45.34 -23.57 60.65
N LEU F 782 -46.36 -23.99 59.90
CA LEU F 782 -47.63 -23.31 59.85
C LEU F 782 -48.22 -23.18 61.26
N GLN F 783 -48.18 -24.25 62.04
CA GLN F 783 -48.71 -24.24 63.40
C GLN F 783 -47.96 -23.29 64.32
N VAL F 784 -46.64 -23.23 64.20
CA VAL F 784 -45.85 -22.27 64.97
C VAL F 784 -46.16 -20.84 64.52
N LYS F 785 -46.23 -20.58 63.20
CA LYS F 785 -46.60 -19.26 62.70
C LYS F 785 -47.95 -18.83 63.22
N LEU F 786 -48.93 -19.69 63.09
CA LEU F 786 -50.27 -19.42 63.59
C LEU F 786 -50.25 -19.20 65.11
N ASN F 787 -49.48 -19.98 65.87
CA ASN F 787 -49.33 -19.74 67.30
C ASN F 787 -48.85 -18.31 67.55
N ASN F 788 -47.89 -17.89 66.76
CA ASN F 788 -47.33 -16.57 66.90
C ASN F 788 -48.35 -15.51 66.50
N VAL F 789 -49.11 -15.72 65.42
CA VAL F 789 -50.22 -14.82 65.07
C VAL F 789 -51.11 -14.65 66.27
N LEU F 790 -51.50 -15.76 66.90
CA LEU F 790 -52.35 -15.67 68.06
C LEU F 790 -51.69 -14.86 69.18
N ASP F 791 -50.40 -15.05 69.43
CA ASP F 791 -49.66 -14.21 70.39
C ASP F 791 -49.72 -12.73 70.00
N GLU F 792 -49.51 -12.41 68.73
CA GLU F 792 -49.56 -11.03 68.26
C GLU F 792 -50.95 -10.46 68.44
N LEU F 793 -51.97 -11.15 67.96
CA LEU F 793 -53.34 -10.72 68.14
C LEU F 793 -53.63 -10.51 69.62
N SER F 794 -53.17 -11.41 70.50
CA SER F 794 -53.36 -11.26 71.94
C SER F 794 -52.68 -10.02 72.48
N HIS F 795 -51.50 -9.71 71.96
CA HIS F 795 -50.80 -8.51 72.32
C HIS F 795 -51.51 -7.27 71.80
N VAL F 796 -51.97 -7.26 70.54
CA VAL F 796 -52.65 -6.13 69.92
C VAL F 796 -53.95 -5.82 70.67
N PHE F 797 -54.66 -6.88 71.03
CA PHE F 797 -55.82 -6.81 71.88
C PHE F 797 -55.49 -6.23 73.25
N ALA F 798 -54.56 -6.82 73.99
CA ALA F 798 -54.17 -6.31 75.31
C ALA F 798 -53.73 -4.82 75.27
N THR F 799 -53.06 -4.44 74.19
CA THR F 799 -52.57 -3.08 73.93
C THR F 799 -53.70 -2.08 73.77
N SER F 800 -54.83 -2.43 73.16
CA SER F 800 -55.93 -1.46 73.10
C SER F 800 -56.45 -1.10 74.50
N PHE F 801 -56.26 -1.95 75.52
CA PHE F 801 -56.54 -1.64 76.93
C PHE F 801 -55.46 -0.84 77.64
N GLN F 802 -54.27 -0.71 77.08
CA GLN F 802 -53.17 -0.01 77.74
C GLN F 802 -53.51 1.43 78.17
N PRO F 803 -54.14 2.29 77.34
CA PRO F 803 -54.48 3.65 77.75
C PRO F 803 -55.44 3.69 78.93
N HIS F 804 -56.40 2.76 78.93
CA HIS F 804 -57.34 2.60 80.03
C HIS F 804 -56.62 2.10 81.28
N ILE F 805 -55.71 1.13 81.16
CA ILE F 805 -54.90 0.64 82.26
C ILE F 805 -54.02 1.75 82.81
N GLU F 806 -53.49 2.62 81.97
CA GLU F 806 -52.68 3.76 82.39
C GLU F 806 -53.52 4.81 83.08
N GLU F 807 -54.66 5.17 82.51
CA GLU F 807 -55.61 6.04 83.15
C GLU F 807 -56.02 5.46 84.51
N CYS F 808 -56.43 4.19 84.55
CA CYS F 808 -56.79 3.49 85.79
C CYS F 808 -55.66 3.63 86.79
N VAL F 809 -54.44 3.22 86.41
CA VAL F 809 -53.32 3.20 87.34
C VAL F 809 -52.93 4.60 87.79
N ARG F 810 -53.09 5.61 86.94
CA ARG F 810 -52.96 6.99 87.38
C ARG F 810 -54.04 7.32 88.40
N GLN F 811 -55.30 6.93 88.19
CA GLN F 811 -56.34 7.09 89.22
C GLN F 811 -56.07 6.33 90.49
N MET F 812 -55.58 5.10 90.39
CA MET F 812 -55.13 4.33 91.54
C MET F 812 -54.06 5.12 92.28
N GLY F 813 -53.14 5.77 91.55
CA GLY F 813 -52.14 6.69 92.07
C GLY F 813 -52.73 7.94 92.72
N ASP F 814 -53.75 8.56 92.13
CA ASP F 814 -54.44 9.72 92.72
C ASP F 814 -55.11 9.38 94.05
N ILE F 815 -55.70 8.19 94.14
CA ILE F 815 -56.28 7.64 95.37
C ILE F 815 -55.17 7.33 96.39
N LEU F 816 -54.13 6.57 96.03
CA LEU F 816 -53.02 6.21 96.95
C LEU F 816 -52.26 7.43 97.48
N SER F 817 -52.23 8.56 96.78
CA SER F 817 -51.59 9.79 97.29
C SER F 817 -52.29 10.32 98.55
N GLN F 818 -53.58 10.02 98.69
CA GLN F 818 -54.40 10.43 99.83
C GLN F 818 -54.15 9.52 101.04
N VAL F 819 -53.80 8.24 100.83
CA VAL F 819 -53.23 7.38 101.87
C VAL F 819 -51.79 7.81 102.06
N LYS F 820 -51.34 8.15 103.26
CA LYS F 820 -49.90 8.28 103.54
C LYS F 820 -49.55 7.34 104.70
N GLY F 821 -48.71 7.75 105.64
CA GLY F 821 -48.26 6.91 106.77
C GLY F 821 -49.30 6.98 107.87
N THR F 822 -50.40 6.25 107.68
CA THR F 822 -51.66 6.71 108.29
C THR F 822 -51.88 6.43 109.75
N GLY F 823 -50.98 5.77 110.47
CA GLY F 823 -51.06 5.69 111.94
C GLY F 823 -51.20 7.04 112.65
N ASN F 824 -50.90 8.14 111.95
CA ASN F 824 -51.10 9.52 112.40
C ASN F 824 -51.90 10.35 111.36
N VAL F 825 -52.91 9.76 110.72
CA VAL F 825 -53.80 10.39 109.71
C VAL F 825 -55.26 9.90 109.91
N PRO F 826 -56.31 10.67 109.58
CA PRO F 826 -57.72 10.31 109.81
C PRO F 826 -58.21 8.98 109.22
N ALA F 827 -59.27 8.42 109.79
CA ALA F 827 -59.81 7.06 109.53
C ALA F 827 -60.36 6.77 108.10
N SER F 828 -60.41 7.74 107.19
CA SER F 828 -60.65 7.51 105.75
C SER F 828 -59.37 7.12 104.99
N ALA F 829 -58.20 7.34 105.60
CA ALA F 829 -56.89 7.00 105.09
C ALA F 829 -56.08 6.15 106.10
N CYS F 830 -56.34 6.25 107.41
CA CYS F 830 -56.15 5.14 108.35
C CYS F 830 -57.35 4.20 108.38
N SER F 831 -58.19 4.31 107.36
CA SER F 831 -59.03 3.25 106.82
C SER F 831 -58.19 1.97 106.70
N SER F 832 -58.78 0.78 106.92
CA SER F 832 -57.97 -0.44 107.02
C SER F 832 -57.13 -0.62 105.76
N VAL F 833 -56.03 -1.33 105.93
CA VAL F 833 -55.13 -1.63 104.81
C VAL F 833 -55.92 -2.27 103.65
N ALA F 834 -56.88 -3.13 103.98
CA ALA F 834 -57.80 -3.73 103.02
C ALA F 834 -58.69 -2.71 102.31
N GLN F 835 -59.36 -1.84 103.05
CA GLN F 835 -60.29 -0.87 102.46
C GLN F 835 -59.55 0.17 101.59
N ASP F 836 -58.38 0.62 102.01
CA ASP F 836 -57.56 1.46 101.16
C ASP F 836 -57.11 0.73 99.90
N ALA F 837 -56.70 -0.54 100.00
CA ALA F 837 -56.38 -1.33 98.83
C ALA F 837 -57.56 -1.45 97.88
N ASP F 838 -58.76 -1.69 98.40
CA ASP F 838 -59.98 -1.73 97.60
C ASP F 838 -60.28 -0.37 96.93
N ASN F 839 -60.15 0.75 97.65
CA ASN F 839 -60.37 2.08 97.07
C ASN F 839 -59.38 2.35 95.96
N VAL F 840 -58.10 2.15 96.27
CA VAL F 840 -56.99 2.26 95.34
C VAL F 840 -57.29 1.42 94.11
N LEU F 841 -57.69 0.16 94.29
CA LEU F 841 -58.02 -0.74 93.20
C LEU F 841 -59.29 -0.39 92.43
N GLN F 842 -60.19 0.46 92.94
CA GLN F 842 -61.50 0.54 92.33
C GLN F 842 -61.52 0.93 90.85
N PRO F 843 -60.74 1.93 90.41
CA PRO F 843 -60.61 2.28 89.00
C PRO F 843 -60.29 1.06 88.11
N ILE F 844 -59.33 0.24 88.52
CA ILE F 844 -58.89 -0.92 87.74
C ILE F 844 -59.81 -2.13 87.91
N MET F 845 -60.51 -2.27 89.03
CA MET F 845 -61.38 -3.41 89.25
C MET F 845 -62.71 -3.29 88.50
N ASP F 846 -63.16 -2.06 88.26
CA ASP F 846 -64.24 -1.82 87.30
C ASP F 846 -63.87 -2.33 85.92
N LEU F 847 -62.65 -2.03 85.48
CA LEU F 847 -62.11 -2.55 84.24
C LEU F 847 -62.01 -4.09 84.31
N LEU F 848 -61.23 -4.60 85.26
CA LEU F 848 -60.82 -5.99 85.31
C LEU F 848 -62.00 -6.93 85.46
N ASP F 849 -62.87 -6.71 86.45
CA ASP F 849 -63.90 -7.69 86.76
C ASP F 849 -64.77 -7.96 85.54
N SER F 850 -65.26 -6.87 84.95
CA SER F 850 -66.12 -6.90 83.78
C SER F 850 -65.39 -7.56 82.60
N ASN F 851 -64.21 -7.07 82.25
CA ASN F 851 -63.51 -7.51 81.05
C ASN F 851 -63.02 -8.93 81.21
N LEU F 852 -62.38 -9.26 82.33
CA LEU F 852 -61.86 -10.60 82.54
C LEU F 852 -63.00 -11.59 82.62
N THR F 853 -64.12 -11.25 83.23
CA THR F 853 -65.25 -12.17 83.22
C THR F 853 -65.86 -12.32 81.83
N LEU F 854 -65.97 -11.25 81.03
CA LEU F 854 -66.39 -11.34 79.64
C LEU F 854 -65.44 -12.21 78.80
N PHE F 855 -64.14 -11.94 78.84
CA PHE F 855 -63.12 -12.71 78.13
C PHE F 855 -63.12 -14.16 78.58
N ALA F 856 -63.23 -14.42 79.88
CA ALA F 856 -63.27 -15.78 80.38
C ALA F 856 -64.39 -16.61 79.77
N LYS F 857 -65.52 -15.95 79.48
CA LYS F 857 -66.59 -16.54 78.68
C LYS F 857 -66.16 -16.65 77.22
N ILE F 858 -65.99 -15.52 76.54
CA ILE F 858 -66.00 -15.49 75.07
C ILE F 858 -64.68 -15.88 74.43
N CYS F 859 -63.59 -15.92 75.18
CA CYS F 859 -62.33 -16.41 74.72
C CYS F 859 -62.22 -17.89 75.02
N GLU F 860 -61.77 -18.62 74.01
CA GLU F 860 -61.25 -19.96 74.23
C GLU F 860 -60.09 -19.90 75.24
N LYS F 861 -59.84 -20.98 75.98
CA LYS F 861 -58.92 -20.94 77.14
C LYS F 861 -57.48 -20.59 76.78
N THR F 862 -56.99 -21.06 75.65
CA THR F 862 -55.71 -20.62 75.05
C THR F 862 -55.70 -19.11 74.76
N VAL F 863 -56.79 -18.58 74.19
CA VAL F 863 -56.94 -17.14 73.87
C VAL F 863 -56.92 -16.31 75.15
N LEU F 864 -57.73 -16.73 76.13
CA LEU F 864 -57.84 -16.08 77.43
C LEU F 864 -56.47 -15.99 78.11
N LYS F 865 -55.75 -17.11 78.26
CA LYS F 865 -54.43 -17.15 78.93
C LYS F 865 -53.44 -16.17 78.30
N ARG F 866 -53.39 -16.13 76.97
CA ARG F 866 -52.50 -15.22 76.23
C ARG F 866 -52.90 -13.75 76.46
N VAL F 867 -54.19 -13.44 76.32
CA VAL F 867 -54.74 -12.12 76.65
C VAL F 867 -54.37 -11.71 78.08
N LEU F 868 -54.60 -12.60 79.05
CA LEU F 868 -54.31 -12.36 80.46
C LEU F 868 -52.84 -12.12 80.72
N LYS F 869 -51.91 -12.89 80.13
CA LYS F 869 -50.47 -12.63 80.31
C LYS F 869 -50.11 -11.25 79.83
N GLU F 870 -50.58 -10.89 78.63
CA GLU F 870 -50.34 -9.57 78.05
C GLU F 870 -50.96 -8.45 78.89
N LEU F 871 -52.15 -8.65 79.45
CA LEU F 871 -52.77 -7.71 80.38
C LEU F 871 -52.07 -7.66 81.75
N TRP F 872 -51.64 -8.77 82.33
CA TRP F 872 -50.95 -8.84 83.62
C TRP F 872 -49.64 -8.05 83.61
N LYS F 873 -48.80 -8.35 82.62
CA LYS F 873 -47.57 -7.63 82.32
C LYS F 873 -47.85 -6.13 82.26
N LEU F 874 -48.83 -5.77 81.44
CA LEU F 874 -49.23 -4.39 81.21
C LEU F 874 -49.65 -3.72 82.52
N VAL F 875 -50.48 -4.35 83.33
CA VAL F 875 -50.83 -3.85 84.66
C VAL F 875 -49.61 -3.71 85.55
N MET F 876 -48.83 -4.77 85.75
CA MET F 876 -47.65 -4.77 86.62
C MET F 876 -46.68 -3.66 86.25
N ASN F 877 -46.35 -3.56 84.98
CA ASN F 877 -45.47 -2.55 84.47
C ASN F 877 -46.07 -1.16 84.66
N THR F 878 -47.35 -0.99 84.35
CA THR F 878 -48.03 0.29 84.53
C THR F 878 -47.99 0.71 85.99
N MET F 879 -48.31 -0.17 86.92
CA MET F 879 -48.22 0.10 88.35
C MET F 879 -46.81 0.42 88.81
N GLU F 880 -45.83 -0.32 88.32
CA GLU F 880 -44.45 -0.05 88.63
C GLU F 880 -44.03 1.35 88.21
N ARG F 881 -44.30 1.69 86.97
CA ARG F 881 -43.96 2.97 86.36
C ARG F 881 -44.76 4.11 86.97
N THR F 882 -46.08 4.00 86.95
CA THR F 882 -47.01 5.06 87.31
C THR F 882 -47.14 5.24 88.81
N ILE F 883 -47.07 4.17 89.60
CA ILE F 883 -47.27 4.27 91.06
C ILE F 883 -45.94 4.17 91.80
N VAL F 884 -45.15 3.11 91.59
CA VAL F 884 -44.02 2.87 92.49
C VAL F 884 -42.83 3.74 92.16
N LEU F 885 -42.54 3.96 90.88
CA LEU F 885 -41.41 4.77 90.42
C LEU F 885 -41.89 5.91 89.49
N PRO F 886 -42.75 6.82 89.99
CA PRO F 886 -43.26 7.92 89.20
C PRO F 886 -42.12 8.87 88.82
N PRO F 887 -41.99 9.29 87.56
CA PRO F 887 -40.83 10.05 87.09
C PRO F 887 -40.64 11.39 87.81
N GLU F 888 -41.73 12.01 88.26
CA GLU F 888 -41.69 13.21 89.09
C GLU F 888 -40.97 13.02 90.44
N PHE F 889 -40.77 11.80 90.96
CA PHE F 889 -39.95 11.60 92.16
C PHE F 889 -38.43 11.66 91.87
N LEU F 890 -38.02 11.63 90.59
CA LEU F 890 -36.73 12.21 90.25
C LEU F 890 -36.77 13.66 90.69
N SER F 891 -37.69 14.44 90.16
CA SER F 891 -37.82 15.87 90.41
C SER F 891 -37.86 16.22 91.90
N LYS F 892 -38.71 15.53 92.69
CA LYS F 892 -39.06 15.97 94.05
C LYS F 892 -38.17 15.47 95.19
N LEU F 893 -37.20 14.57 94.96
CA LEU F 893 -36.04 14.41 95.88
C LEU F 893 -34.82 13.63 95.38
N LYS F 894 -34.81 13.07 94.17
CA LYS F 894 -33.52 12.70 93.53
C LYS F 894 -32.82 14.00 93.12
N ASP F 895 -33.57 14.82 92.41
CA ASP F 895 -33.20 16.05 91.75
C ASP F 895 -33.34 17.25 92.69
N HIS F 896 -32.99 18.41 92.14
CA HIS F 896 -32.90 19.70 92.84
C HIS F 896 -34.23 20.47 92.97
N MET F 897 -35.36 20.02 92.40
CA MET F 897 -36.49 20.92 92.07
C MET F 897 -37.29 21.47 93.27
N VAL F 898 -37.45 20.72 94.35
CA VAL F 898 -38.30 21.09 95.50
C VAL F 898 -37.64 20.61 96.81
N ARG F 899 -37.49 21.48 97.83
CA ARG F 899 -36.95 21.16 99.19
C ARG F 899 -37.97 20.46 100.11
N GLU F 900 -38.87 19.70 99.49
CA GLU F 900 -39.87 18.83 100.12
C GLU F 900 -39.21 17.51 100.54
N GLU F 901 -39.79 16.82 101.50
CA GLU F 901 -39.29 15.49 101.91
C GLU F 901 -39.72 14.37 100.94
N ALA F 902 -40.28 14.74 99.77
CA ALA F 902 -41.08 13.99 98.79
C ALA F 902 -42.28 13.18 99.31
N LYS F 903 -42.24 12.77 100.58
CA LYS F 903 -43.00 11.68 101.20
C LYS F 903 -42.79 10.37 100.45
N SER F 904 -42.05 9.46 101.08
CA SER F 904 -41.84 8.11 100.59
C SER F 904 -43.16 7.38 100.37
N LEU F 905 -43.10 6.23 99.70
CA LEU F 905 -44.12 5.22 99.96
C LEU F 905 -43.98 4.85 101.45
N THR F 906 -44.94 5.33 102.23
CA THR F 906 -45.00 5.14 103.69
C THR F 906 -45.36 3.68 104.03
N PRO F 907 -45.07 3.11 105.21
CA PRO F 907 -45.35 1.71 105.51
C PRO F 907 -46.78 1.31 105.16
N LYS F 908 -47.73 2.18 105.49
CA LYS F 908 -49.13 2.03 105.11
C LYS F 908 -49.36 2.05 103.60
N GLN F 909 -48.76 2.94 102.83
CA GLN F 909 -48.86 2.89 101.36
C GLN F 909 -48.00 1.80 100.72
N CYS F 910 -47.06 1.19 101.45
CA CYS F 910 -46.32 0.00 100.99
C CYS F 910 -47.21 -1.22 101.11
N ALA F 911 -47.74 -1.42 102.31
CA ALA F 911 -49.02 -2.09 102.47
C ALA F 911 -50.05 -1.30 101.65
N VAL F 912 -51.30 -1.71 101.56
CA VAL F 912 -52.22 -1.15 100.53
C VAL F 912 -51.79 -1.54 99.13
N VAL F 913 -50.60 -1.15 98.65
CA VAL F 913 -50.06 -1.58 97.38
C VAL F 913 -49.75 -3.07 97.39
N GLU F 914 -48.99 -3.59 98.36
CA GLU F 914 -48.70 -5.03 98.44
C GLU F 914 -50.01 -5.87 98.51
N LEU F 915 -51.05 -5.30 99.11
CA LEU F 915 -52.36 -5.94 99.16
C LEU F 915 -53.19 -5.78 97.88
N ALA F 916 -53.17 -4.60 97.28
CA ALA F 916 -53.74 -4.34 95.98
C ALA F 916 -53.15 -5.32 94.96
N LEU F 917 -51.83 -5.52 95.00
CA LEU F 917 -51.09 -6.47 94.16
C LEU F 917 -51.51 -7.91 94.43
N ASP F 918 -51.64 -8.34 95.67
CA ASP F 918 -52.12 -9.69 95.94
C ASP F 918 -53.55 -9.88 95.40
N THR F 919 -54.38 -8.84 95.48
CA THR F 919 -55.73 -8.86 94.92
C THR F 919 -55.75 -8.90 93.40
N ILE F 920 -54.90 -8.09 92.75
CA ILE F 920 -54.73 -8.12 91.30
C ILE F 920 -54.26 -9.50 90.89
N LYS F 921 -53.29 -10.08 91.59
CA LYS F 921 -52.80 -11.44 91.38
C LYS F 921 -53.92 -12.46 91.53
N GLN F 922 -54.74 -12.35 92.57
CA GLN F 922 -55.92 -13.20 92.75
C GLN F 922 -56.92 -13.02 91.61
N TYR F 923 -57.13 -11.78 91.18
CA TYR F 923 -57.96 -11.45 90.04
C TYR F 923 -57.45 -12.11 88.77
N PHE F 924 -56.17 -11.92 88.46
CA PHE F 924 -55.53 -12.53 87.31
C PHE F 924 -55.44 -14.04 87.45
N HIS F 925 -55.39 -14.57 88.66
CA HIS F 925 -55.51 -15.99 88.90
C HIS F 925 -56.93 -16.51 88.67
N ALA F 926 -57.92 -15.68 89.00
CA ALA F 926 -59.34 -15.95 88.88
C ALA F 926 -59.70 -17.35 89.35
N GLY F 927 -59.20 -17.76 90.51
CA GLY F 927 -59.48 -19.09 91.05
C GLY F 927 -59.08 -20.21 90.10
N GLY F 928 -57.97 -20.07 89.39
CA GLY F 928 -57.51 -21.06 88.40
C GLY F 928 -58.06 -20.85 87.01
N VAL F 929 -59.06 -19.99 86.81
CA VAL F 929 -59.62 -19.73 85.47
C VAL F 929 -58.70 -18.83 84.66
N GLY F 930 -57.98 -17.97 85.37
CA GLY F 930 -56.92 -17.17 84.82
C GLY F 930 -55.55 -17.80 85.07
N LEU F 931 -54.54 -16.95 85.17
CA LEU F 931 -53.13 -17.30 85.20
C LEU F 931 -52.74 -18.06 86.47
N LYS F 932 -51.89 -19.06 86.34
CA LYS F 932 -51.47 -19.88 87.47
C LYS F 932 -50.82 -18.98 88.53
N LYS F 933 -51.08 -19.23 89.80
CA LYS F 933 -50.38 -18.54 90.90
C LYS F 933 -48.87 -18.58 90.72
N THR F 934 -48.37 -19.71 90.23
CA THR F 934 -46.95 -19.95 89.95
C THR F 934 -46.38 -18.98 88.90
N PHE F 935 -47.06 -18.77 87.76
CA PHE F 935 -46.66 -17.76 86.76
C PHE F 935 -46.66 -16.36 87.38
N LEU F 936 -47.70 -16.06 88.15
CA LEU F 936 -47.86 -14.75 88.75
C LEU F 936 -46.77 -14.48 89.78
N GLU F 937 -46.47 -15.42 90.67
CA GLU F 937 -45.42 -15.29 91.67
C GLU F 937 -44.02 -15.20 91.03
N LYS F 938 -43.73 -16.06 90.05
CA LYS F 938 -42.48 -16.00 89.30
C LYS F 938 -42.44 -14.84 88.32
N SER F 939 -43.52 -14.06 88.19
CA SER F 939 -43.57 -13.00 87.22
C SER F 939 -42.44 -12.02 87.50
N PRO F 940 -41.54 -11.81 86.53
CA PRO F 940 -40.49 -10.83 86.67
C PRO F 940 -41.09 -9.44 86.85
N ASP F 941 -42.26 -9.18 86.25
CA ASP F 941 -42.97 -7.92 86.36
C ASP F 941 -43.37 -7.65 87.81
N LEU F 942 -43.95 -8.66 88.44
CA LEU F 942 -44.23 -8.62 89.85
C LEU F 942 -42.96 -8.55 90.69
N GLN F 943 -41.95 -9.37 90.40
CA GLN F 943 -40.70 -9.37 91.18
C GLN F 943 -40.03 -8.00 91.11
N SER F 944 -39.99 -7.38 89.94
CA SER F 944 -39.47 -6.04 89.76
C SER F 944 -40.26 -5.05 90.60
N LEU F 945 -41.59 -5.12 90.53
CA LEU F 945 -42.45 -4.25 91.30
C LEU F 945 -42.19 -4.40 92.82
N ARG F 946 -42.11 -5.65 93.30
CA ARG F 946 -41.74 -5.98 94.68
C ARG F 946 -40.37 -5.44 95.07
N TYR F 947 -39.40 -5.51 94.17
CA TYR F 947 -38.07 -5.03 94.45
C TYR F 947 -38.10 -3.53 94.73
N ALA F 948 -38.65 -2.74 93.79
CA ALA F 948 -38.77 -1.30 93.95
C ALA F 948 -39.48 -0.95 95.25
N LEU F 949 -40.57 -1.64 95.55
CA LEU F 949 -41.27 -1.50 96.82
C LEU F 949 -40.38 -1.81 98.01
N SER F 950 -39.63 -2.91 97.98
CA SER F 950 -38.77 -3.29 99.09
C SER F 950 -37.76 -2.17 99.39
N LEU F 951 -37.27 -1.47 98.37
CA LEU F 951 -36.29 -0.40 98.56
C LEU F 951 -36.85 0.72 99.45
N TYR F 952 -38.10 1.08 99.24
CA TYR F 952 -38.74 2.22 99.91
C TYR F 952 -38.79 2.11 101.44
N THR F 953 -38.67 0.91 102.02
CA THR F 953 -38.64 0.72 103.48
C THR F 953 -37.27 0.34 104.02
N GLN F 954 -36.30 0.04 103.16
CA GLN F 954 -35.03 -0.56 103.59
C GLN F 954 -34.15 0.38 104.43
N ALA F 955 -33.41 -0.21 105.37
CA ALA F 955 -32.57 0.52 106.31
C ALA F 955 -31.46 1.27 105.58
N THR F 956 -30.98 2.32 106.21
CA THR F 956 -29.97 3.20 105.64
C THR F 956 -28.72 2.44 105.24
N ASP F 957 -28.16 1.64 106.15
CA ASP F 957 -26.98 0.83 105.83
C ASP F 957 -27.27 -0.15 104.71
N LEU F 958 -28.46 -0.71 104.66
CA LEU F 958 -28.78 -1.70 103.66
C LEU F 958 -28.95 -1.06 102.29
N LEU F 959 -29.61 0.10 102.23
CA LEU F 959 -29.62 0.97 101.07
C LEU F 959 -28.20 1.30 100.64
N ILE F 960 -27.33 1.69 101.56
CA ILE F 960 -25.93 2.06 101.25
C ILE F 960 -25.13 0.85 100.73
N LYS F 961 -25.22 -0.31 101.39
CA LYS F 961 -24.64 -1.55 100.91
C LYS F 961 -25.13 -1.86 99.50
N THR F 962 -26.44 -1.75 99.30
CA THR F 962 -27.09 -1.97 98.02
C THR F 962 -26.50 -1.04 96.97
N PHE F 963 -26.36 0.23 97.31
CA PHE F 963 -25.70 1.17 96.43
C PHE F 963 -24.30 0.67 96.05
N VAL F 964 -23.44 0.34 97.01
CA VAL F 964 -22.08 -0.10 96.68
C VAL F 964 -22.05 -1.37 95.86
N GLN F 965 -22.87 -2.36 96.21
CA GLN F 965 -22.95 -3.61 95.46
C GLN F 965 -23.53 -3.42 94.05
N THR F 966 -24.43 -2.46 93.83
CA THR F 966 -25.12 -2.22 92.54
C THR F 966 -24.38 -1.27 91.64
N GLN F 967 -23.83 -0.19 92.19
CA GLN F 967 -23.06 0.81 91.45
C GLN F 967 -21.65 0.29 91.07
N SER F 968 -21.52 -0.99 90.68
CA SER F 968 -20.25 -1.64 90.31
C SER F 968 -19.46 -0.84 89.27
N ALA F 969 -20.19 -0.19 88.34
CA ALA F 969 -19.62 0.66 87.32
C ALA F 969 -18.98 1.97 87.84
N GLN F 970 -19.15 2.36 89.10
CA GLN F 970 -18.34 3.42 89.75
C GLN F 970 -16.96 2.87 90.14
N GLY F 971 -16.26 2.27 89.18
CA GLY F 971 -14.91 1.72 89.34
C GLY F 971 -14.37 1.09 88.04
N SER F 972 -14.44 1.80 86.90
CA SER F 972 -13.97 1.31 85.59
C SER F 972 -13.66 2.40 84.54
N GLY F 973 -13.22 3.58 84.97
CA GLY F 973 -12.84 4.71 84.11
C GLY F 973 -13.86 5.85 84.13
N VAL F 974 -13.53 6.95 84.80
CA VAL F 974 -14.22 8.24 84.67
C VAL F 974 -14.17 8.70 83.23
N GLU F 975 -15.25 9.29 82.73
CA GLU F 975 -15.26 9.90 81.40
C GLU F 975 -15.35 11.44 81.51
N ASP F 976 -14.59 12.14 80.66
CA ASP F 976 -14.16 13.54 80.86
C ASP F 976 -13.51 13.85 82.23
N PRO F 977 -12.29 13.31 82.49
CA PRO F 977 -11.58 13.54 83.74
C PRO F 977 -11.11 14.99 83.93
N VAL F 978 -10.94 15.41 85.18
CA VAL F 978 -10.54 16.77 85.61
C VAL F 978 -9.19 16.80 86.31
N GLY F 979 -8.39 15.79 86.01
CA GLY F 979 -7.16 15.48 86.69
C GLY F 979 -7.15 14.04 87.11
N GLU F 980 -6.15 13.69 87.90
CA GLU F 980 -5.96 12.36 88.45
C GLU F 980 -5.26 12.41 89.80
N VAL F 981 -5.40 11.34 90.55
CA VAL F 981 -4.75 11.18 91.85
C VAL F 981 -3.99 9.89 91.85
N SER F 982 -2.70 9.98 92.14
CA SER F 982 -1.94 8.82 92.51
C SER F 982 -2.18 8.47 93.97
N VAL F 983 -2.71 7.29 94.18
CA VAL F 983 -2.80 6.66 95.50
C VAL F 983 -2.05 5.34 95.47
N HIS F 984 -1.43 5.02 96.59
CA HIS F 984 -1.14 3.65 96.91
C HIS F 984 -2.03 3.23 98.08
N VAL F 985 -2.75 2.13 97.93
CA VAL F 985 -3.73 1.66 98.92
C VAL F 985 -3.37 0.27 99.37
N GLU F 986 -3.38 0.04 100.67
CA GLU F 986 -3.16 -1.27 101.25
C GLU F 986 -4.39 -1.60 102.08
N LEU F 987 -5.17 -2.53 101.55
CA LEU F 987 -6.09 -3.25 102.38
C LEU F 987 -5.24 -4.08 103.33
N PHE F 988 -5.51 -3.91 104.61
CA PHE F 988 -5.08 -4.84 105.61
C PHE F 988 -6.34 -5.41 106.23
N THR F 989 -6.63 -6.67 105.87
CA THR F 989 -7.37 -7.57 106.76
C THR F 989 -6.45 -7.63 107.95
N HIS F 990 -6.79 -6.76 108.88
CA HIS F 990 -5.89 -6.15 109.80
C HIS F 990 -5.14 -7.25 110.52
N PRO F 991 -3.83 -7.39 110.31
CA PRO F 991 -3.12 -8.56 110.81
C PRO F 991 -3.23 -8.67 112.33
N GLY F 992 -3.47 -7.56 113.02
CA GLY F 992 -3.74 -7.51 114.46
C GLY F 992 -5.17 -7.87 114.90
N THR F 993 -6.18 -7.94 114.02
CA THR F 993 -7.58 -8.13 114.46
C THR F 993 -8.51 -8.95 113.55
N GLY F 994 -8.21 -9.14 112.27
CA GLY F 994 -9.19 -9.72 111.33
C GLY F 994 -10.40 -8.80 111.03
N GLU F 995 -10.43 -7.56 111.56
CA GLU F 995 -11.21 -6.47 110.94
C GLU F 995 -10.58 -6.13 109.58
N GLN F 996 -11.16 -5.19 108.85
CA GLN F 996 -10.45 -4.58 107.74
C GLN F 996 -10.20 -3.11 108.01
N LYS F 997 -8.96 -2.76 107.77
CA LYS F 997 -8.44 -1.41 107.81
C LYS F 997 -7.91 -1.12 106.42
N VAL F 998 -7.98 0.14 106.03
CA VAL F 998 -7.62 0.55 104.68
C VAL F 998 -6.61 1.65 104.83
N THR F 999 -5.35 1.31 104.60
CA THR F 999 -4.35 2.34 104.49
C THR F 999 -4.48 2.97 103.12
N VAL F 1000 -4.47 4.31 103.03
CA VAL F 1000 -4.49 5.06 101.78
C VAL F 1000 -3.36 6.07 101.80
N LYS F 1001 -2.24 5.74 101.15
CA LYS F 1001 -1.19 6.70 100.84
C LYS F 1001 -1.58 7.54 99.63
N VAL F 1002 -2.00 8.78 99.89
CA VAL F 1002 -2.17 9.82 98.88
C VAL F 1002 -0.80 10.34 98.46
N VAL F 1003 -0.34 9.91 97.30
CA VAL F 1003 1.00 10.23 96.79
C VAL F 1003 1.02 11.63 96.20
N ALA F 1004 0.11 11.89 95.25
CA ALA F 1004 0.03 13.13 94.48
C ALA F 1004 -1.30 13.27 93.76
N ALA F 1005 -1.59 14.47 93.26
CA ALA F 1005 -2.50 14.69 92.13
C ALA F 1005 -1.76 15.32 90.95
N ASN F 1006 -2.37 15.24 89.76
CA ASN F 1006 -1.82 15.67 88.49
C ASN F 1006 -2.94 16.11 87.53
N ASP F 1007 -2.62 16.97 86.57
CA ASP F 1007 -3.54 17.45 85.53
C ASP F 1007 -4.88 18.00 86.06
N LEU F 1008 -4.86 18.59 87.23
CA LEU F 1008 -6.03 19.21 87.81
C LEU F 1008 -6.52 20.34 86.92
N LYS F 1009 -7.69 20.16 86.29
CA LYS F 1009 -8.30 21.19 85.44
C LYS F 1009 -8.86 22.27 86.34
N TRP F 1010 -8.02 23.15 86.84
CA TRP F 1010 -8.42 24.16 87.81
C TRP F 1010 -7.47 25.35 87.78
N GLN F 1011 -7.07 25.81 86.60
CA GLN F 1011 -6.31 27.05 86.51
C GLN F 1011 -7.24 28.23 86.88
N THR F 1012 -7.24 28.55 88.16
CA THR F 1012 -8.26 29.35 88.83
C THR F 1012 -8.00 30.85 88.76
N SER F 1013 -9.06 31.63 88.93
CA SER F 1013 -9.06 33.09 89.18
C SER F 1013 -8.53 33.48 90.58
N GLY F 1014 -7.42 32.90 91.03
CA GLY F 1014 -6.81 33.19 92.33
C GLY F 1014 -5.66 32.26 92.70
N ILE F 1015 -5.30 32.25 93.99
CA ILE F 1015 -4.36 31.25 94.50
C ILE F 1015 -5.08 29.93 94.56
N PHE F 1016 -4.71 29.01 93.70
CA PHE F 1016 -5.10 27.63 93.85
C PHE F 1016 -4.41 27.03 95.08
N ARG F 1017 -5.12 26.32 95.96
CA ARG F 1017 -4.54 25.69 97.15
C ARG F 1017 -5.10 24.29 97.31
N PRO F 1018 -4.87 23.39 96.34
CA PRO F 1018 -5.45 22.07 96.38
C PRO F 1018 -5.06 21.29 97.62
N PHE F 1019 -6.03 20.58 98.15
CA PHE F 1019 -5.88 19.47 99.07
C PHE F 1019 -6.80 18.34 98.62
N ILE F 1020 -6.51 17.13 99.07
CA ILE F 1020 -7.27 15.95 98.72
C ILE F 1020 -7.97 15.45 99.95
N GLU F 1021 -9.28 15.58 99.94
CA GLU F 1021 -10.12 14.80 100.80
C GLU F 1021 -10.15 13.34 100.34
N VAL F 1022 -10.02 12.39 101.26
CA VAL F 1022 -10.35 10.98 101.00
C VAL F 1022 -11.50 10.62 101.91
N ASN F 1023 -12.52 9.97 101.35
CA ASN F 1023 -13.64 9.44 102.10
C ASN F 1023 -13.76 7.94 101.84
N ILE F 1024 -14.07 7.18 102.88
CA ILE F 1024 -14.54 5.81 102.70
C ILE F 1024 -16.07 5.81 102.60
N VAL F 1025 -16.63 4.90 101.80
CA VAL F 1025 -18.07 4.68 101.67
C VAL F 1025 -18.39 3.20 101.74
N GLY F 1026 -19.49 2.89 102.41
CA GLY F 1026 -20.04 1.57 102.62
C GLY F 1026 -20.86 1.51 103.91
N PRO F 1027 -21.37 0.35 104.27
CA PRO F 1027 -22.25 0.22 105.42
C PRO F 1027 -21.49 0.34 106.75
N GLN F 1028 -22.23 0.60 107.83
CA GLN F 1028 -21.78 0.62 109.23
C GLN F 1028 -20.57 1.54 109.44
N LEU F 1029 -20.69 2.82 109.10
CA LEU F 1029 -19.61 3.78 109.27
C LEU F 1029 -19.94 4.95 110.21
N SER F 1030 -21.11 4.94 110.85
CA SER F 1030 -21.58 5.96 111.78
C SER F 1030 -20.62 6.25 112.95
N ASP F 1031 -20.01 5.19 113.48
CA ASP F 1031 -19.08 5.17 114.60
C ASP F 1031 -17.62 5.44 114.20
N LYS F 1032 -17.38 5.66 112.90
CA LYS F 1032 -16.04 5.71 112.28
C LYS F 1032 -15.77 7.01 111.56
N LYS F 1033 -14.48 7.37 111.53
CA LYS F 1033 -13.97 8.52 110.79
C LYS F 1033 -14.08 8.26 109.29
N ARG F 1034 -15.13 8.80 108.67
CA ARG F 1034 -15.42 8.62 107.24
C ARG F 1034 -14.55 9.43 106.31
N LYS F 1035 -13.92 10.48 106.82
CA LYS F 1035 -13.21 11.50 106.04
C LYS F 1035 -11.78 11.69 106.54
N PHE F 1036 -10.84 11.89 105.64
CA PHE F 1036 -9.51 12.47 105.86
C PHE F 1036 -9.27 13.54 104.81
N ALA F 1037 -8.25 14.36 105.01
CA ALA F 1037 -7.77 15.27 104.00
C ALA F 1037 -6.24 15.41 104.05
N THR F 1038 -5.59 15.55 102.90
CA THR F 1038 -4.20 15.97 102.86
C THR F 1038 -4.07 17.39 103.36
N LYS F 1039 -2.85 17.83 103.67
CA LYS F 1039 -2.56 19.26 103.71
C LYS F 1039 -2.90 19.86 102.35
N SER F 1040 -3.04 21.18 102.31
CA SER F 1040 -3.08 21.91 101.04
C SER F 1040 -1.67 22.18 100.47
N LYS F 1041 -1.58 22.41 99.16
CA LYS F 1041 -0.38 22.87 98.45
C LYS F 1041 -0.69 24.11 97.65
N ASN F 1042 0.07 25.18 97.83
CA ASN F 1042 -0.13 26.42 97.10
C ASN F 1042 0.19 26.23 95.61
N ASN F 1043 -0.60 26.88 94.76
CA ASN F 1043 -0.41 27.13 93.34
C ASN F 1043 0.10 25.94 92.51
N SER F 1044 -0.43 24.75 92.76
CA SER F 1044 0.17 23.52 92.26
C SER F 1044 -0.88 22.59 91.67
N TRP F 1045 -1.03 22.61 90.34
CA TRP F 1045 -1.87 21.68 89.56
C TRP F 1045 -1.40 20.22 89.53
N ALA F 1046 -0.18 19.96 90.04
CA ALA F 1046 0.38 18.62 90.24
C ALA F 1046 0.92 18.41 91.66
N PRO F 1047 0.12 18.66 92.70
CA PRO F 1047 0.60 18.67 94.07
C PRO F 1047 0.93 17.27 94.53
N LYS F 1048 2.14 17.09 95.05
CA LYS F 1048 2.52 15.90 95.78
C LYS F 1048 2.03 16.03 97.23
N TYR F 1049 1.77 14.91 97.87
CA TYR F 1049 1.30 14.85 99.26
C TYR F 1049 2.07 13.83 100.07
N ASN F 1050 2.17 12.60 99.57
CA ASN F 1050 2.77 11.51 100.31
C ASN F 1050 2.14 11.30 101.71
N GLU F 1051 0.83 11.52 101.86
CA GLU F 1051 0.14 11.42 103.16
C GLU F 1051 -0.66 10.12 103.25
N SER F 1052 -0.44 9.34 104.32
CA SER F 1052 -1.05 8.04 104.49
C SER F 1052 -2.15 8.01 105.55
N PHE F 1053 -3.39 7.74 105.14
CA PHE F 1053 -4.57 7.65 106.01
C PHE F 1053 -4.93 6.20 106.30
N GLN F 1054 -5.75 5.93 107.32
CA GLN F 1054 -6.11 4.57 107.72
C GLN F 1054 -7.57 4.48 108.14
N PHE F 1055 -8.44 4.24 107.18
CA PHE F 1055 -9.84 3.99 107.50
C PHE F 1055 -9.98 2.68 108.21
N SER F 1056 -11.02 2.58 109.03
CA SER F 1056 -11.53 1.29 109.44
C SER F 1056 -12.79 1.02 108.63
N LEU F 1057 -12.89 -0.18 108.09
CA LEU F 1057 -14.17 -0.71 107.65
C LEU F 1057 -14.89 -1.29 108.86
N SER F 1058 -16.12 -1.72 108.66
CA SER F 1058 -16.71 -2.67 109.61
C SER F 1058 -15.89 -3.96 109.70
N ALA F 1059 -16.12 -4.74 110.75
CA ALA F 1059 -15.71 -6.14 110.78
C ALA F 1059 -16.60 -7.05 109.92
N ASP F 1060 -17.89 -6.72 109.80
CA ASP F 1060 -18.89 -7.66 109.25
C ASP F 1060 -18.92 -7.62 107.72
N ALA F 1061 -19.27 -6.47 107.16
CA ALA F 1061 -19.33 -6.23 105.74
C ALA F 1061 -17.94 -6.41 105.11
N GLY F 1062 -17.87 -7.20 104.04
CA GLY F 1062 -16.61 -7.44 103.33
C GLY F 1062 -16.15 -6.22 102.53
N PRO F 1063 -14.91 -6.20 102.02
CA PRO F 1063 -14.35 -5.06 101.31
C PRO F 1063 -15.18 -4.71 100.08
N GLU F 1064 -15.79 -5.67 99.41
CA GLU F 1064 -16.74 -5.46 98.32
C GLU F 1064 -18.00 -4.66 98.69
N CYS F 1065 -18.33 -4.48 99.98
CA CYS F 1065 -19.38 -3.56 100.44
C CYS F 1065 -18.91 -2.11 100.52
N TYR F 1066 -17.64 -1.85 100.21
CA TYR F 1066 -17.03 -0.54 100.36
C TYR F 1066 -16.30 -0.04 99.13
N GLU F 1067 -16.17 1.28 99.08
CA GLU F 1067 -15.49 2.02 98.05
C GLU F 1067 -14.88 3.27 98.68
N LEU F 1068 -13.67 3.62 98.24
CA LEU F 1068 -13.12 4.93 98.53
C LEU F 1068 -13.70 5.92 97.53
N GLN F 1069 -13.99 7.12 98.01
CA GLN F 1069 -14.30 8.28 97.21
C GLN F 1069 -13.22 9.34 97.48
N VAL F 1070 -12.41 9.67 96.47
CA VAL F 1070 -11.27 10.60 96.57
C VAL F 1070 -11.65 11.92 95.93
N CYS F 1071 -11.62 13.02 96.69
CA CYS F 1071 -12.04 14.32 96.22
C CYS F 1071 -10.93 15.34 96.35
N VAL F 1072 -10.65 16.04 95.27
CA VAL F 1072 -9.72 17.17 95.30
C VAL F 1072 -10.51 18.43 95.48
N LYS F 1073 -10.06 19.28 96.39
CA LYS F 1073 -10.66 20.57 96.69
C LYS F 1073 -9.63 21.65 96.77
N ASP F 1074 -10.00 22.82 96.31
CA ASP F 1074 -9.23 24.04 96.49
C ASP F 1074 -9.50 24.63 97.89
N TYR F 1075 -8.50 24.79 98.75
CA TYR F 1075 -8.72 25.41 100.06
C TYR F 1075 -8.99 26.91 99.92
N CYS F 1076 -10.11 27.38 100.46
CA CYS F 1076 -10.57 28.75 100.31
C CYS F 1076 -11.16 29.31 101.61
N PHE F 1077 -10.32 29.84 102.51
CA PHE F 1077 -10.84 30.69 103.59
C PHE F 1077 -11.65 31.87 103.03
N ALA F 1078 -12.54 32.40 103.87
CA ALA F 1078 -13.52 33.47 103.61
C ALA F 1078 -14.61 33.10 102.59
N ARG F 1079 -14.21 32.47 101.49
CA ARG F 1079 -15.04 31.83 100.47
C ARG F 1079 -15.56 30.46 100.94
N GLU F 1080 -15.48 29.46 100.07
CA GLU F 1080 -15.82 28.06 100.27
C GLU F 1080 -14.80 27.14 99.52
N ASP F 1081 -14.42 26.00 100.10
CA ASP F 1081 -13.45 25.07 99.48
C ASP F 1081 -14.03 24.36 98.27
N ARG F 1082 -13.66 24.79 97.08
CA ARG F 1082 -14.30 24.33 95.85
C ARG F 1082 -13.91 22.89 95.51
N THR F 1083 -14.88 22.02 95.25
CA THR F 1083 -14.60 20.70 94.69
C THR F 1083 -14.02 20.87 93.30
N VAL F 1084 -12.79 20.41 93.14
CA VAL F 1084 -12.08 20.29 91.88
C VAL F 1084 -12.52 19.04 91.13
N GLY F 1085 -12.69 17.92 91.83
CA GLY F 1085 -13.04 16.66 91.20
C GLY F 1085 -13.19 15.51 92.19
N LEU F 1086 -13.71 14.38 91.73
CA LEU F 1086 -14.02 13.19 92.54
C LEU F 1086 -13.68 11.86 91.83
N ALA F 1087 -13.12 10.86 92.51
CA ALA F 1087 -12.87 9.53 91.96
C ALA F 1087 -13.38 8.43 92.87
N VAL F 1088 -13.90 7.34 92.32
CA VAL F 1088 -14.32 6.18 93.12
C VAL F 1088 -13.39 5.01 92.89
N LEU F 1089 -12.95 4.37 93.96
CA LEU F 1089 -12.22 3.12 93.91
C LEU F 1089 -13.02 2.04 94.63
N GLN F 1090 -13.36 0.96 93.93
CA GLN F 1090 -14.07 -0.17 94.52
C GLN F 1090 -13.12 -1.10 95.28
N LEU F 1091 -13.38 -1.31 96.56
CA LEU F 1091 -12.53 -2.17 97.37
C LEU F 1091 -12.71 -3.67 97.08
N ARG F 1092 -13.70 -4.06 96.25
CA ARG F 1092 -13.72 -5.41 95.67
C ARG F 1092 -12.42 -5.73 94.93
N GLU F 1093 -11.87 -4.76 94.23
CA GLU F 1093 -10.65 -4.95 93.45
C GLU F 1093 -9.50 -5.27 94.39
N LEU F 1094 -9.34 -4.42 95.38
CA LEU F 1094 -8.37 -4.58 96.45
C LEU F 1094 -8.57 -5.85 97.25
N ALA F 1095 -9.78 -6.40 97.33
CA ALA F 1095 -9.97 -7.70 97.97
C ALA F 1095 -9.14 -8.80 97.29
N GLN F 1096 -8.87 -8.68 95.99
CA GLN F 1096 -7.88 -9.52 95.32
C GLN F 1096 -6.50 -8.91 95.45
N ARG F 1097 -6.36 -7.62 95.13
CA ARG F 1097 -5.04 -7.02 94.92
C ARG F 1097 -4.21 -6.92 96.21
N GLY F 1098 -4.83 -6.80 97.39
CA GLY F 1098 -4.19 -6.62 98.70
C GLY F 1098 -3.60 -5.23 98.90
N SER F 1099 -2.68 -4.84 98.01
CA SER F 1099 -2.27 -3.46 97.83
C SER F 1099 -2.19 -3.05 96.36
N ALA F 1100 -2.61 -1.83 96.05
CA ALA F 1100 -2.65 -1.29 94.70
C ALA F 1100 -2.03 0.10 94.62
N ALA F 1101 -1.09 0.28 93.71
CA ALA F 1101 -0.80 1.60 93.18
C ALA F 1101 -1.77 1.86 92.02
N CYS F 1102 -2.46 2.99 92.04
CA CYS F 1102 -3.33 3.39 90.94
C CYS F 1102 -3.43 4.91 90.78
N TRP F 1103 -3.52 5.37 89.53
CA TRP F 1103 -3.80 6.75 89.17
C TRP F 1103 -5.27 6.88 88.89
N LEU F 1104 -6.02 7.30 89.89
CA LEU F 1104 -7.44 7.50 89.75
C LEU F 1104 -7.70 8.75 88.93
N PRO F 1105 -8.34 8.63 87.76
CA PRO F 1105 -8.86 9.79 87.08
C PRO F 1105 -9.96 10.44 87.91
N LEU F 1106 -9.98 11.76 87.98
CA LEU F 1106 -10.98 12.55 88.73
C LEU F 1106 -12.13 12.92 87.81
N GLY F 1107 -13.37 12.81 88.25
CA GLY F 1107 -14.58 13.28 87.58
C GLY F 1107 -15.12 14.60 88.14
N ARG F 1108 -16.21 15.08 87.53
CA ARG F 1108 -16.99 16.23 88.03
C ARG F 1108 -18.15 15.78 88.94
N ARG F 1109 -18.82 14.67 88.63
CA ARG F 1109 -19.82 14.00 89.49
C ARG F 1109 -19.72 12.49 89.33
N ILE F 1110 -20.19 11.75 90.31
CA ILE F 1110 -20.16 10.29 90.22
C ILE F 1110 -21.27 9.78 89.29
N HIS F 1111 -20.99 8.78 88.47
CA HIS F 1111 -21.91 8.27 87.44
C HIS F 1111 -22.77 7.17 88.03
N MET F 1112 -24.06 7.10 87.71
CA MET F 1112 -25.00 6.24 88.43
C MET F 1112 -25.98 5.53 87.51
N ASP F 1113 -26.49 4.40 87.99
CA ASP F 1113 -27.62 3.70 87.40
C ASP F 1113 -28.95 4.06 88.11
N ASP F 1114 -30.04 3.54 87.55
CA ASP F 1114 -31.40 3.70 88.08
C ASP F 1114 -31.51 3.33 89.56
N THR F 1115 -30.75 2.34 90.01
CA THR F 1115 -30.81 1.82 91.37
C THR F 1115 -29.98 2.68 92.29
N GLY F 1116 -28.84 3.21 91.85
CA GLY F 1116 -28.11 4.22 92.58
C GLY F 1116 -28.99 5.43 92.76
N LEU F 1117 -29.60 5.91 91.68
CA LEU F 1117 -30.48 7.07 91.69
C LEU F 1117 -31.77 6.79 92.49
N THR F 1118 -32.28 5.56 92.49
CA THR F 1118 -33.43 5.16 93.31
C THR F 1118 -33.05 5.10 94.78
N VAL F 1119 -31.93 4.47 95.12
CA VAL F 1119 -31.43 4.42 96.49
C VAL F 1119 -31.17 5.83 96.99
N LEU F 1120 -30.60 6.69 96.15
CA LEU F 1120 -30.27 8.05 96.53
C LEU F 1120 -31.54 8.85 96.81
N ARG F 1121 -32.54 8.78 95.94
CA ARG F 1121 -33.82 9.47 96.18
C ARG F 1121 -34.57 8.90 97.38
N ILE F 1122 -34.35 7.63 97.69
CA ILE F 1122 -34.87 7.02 98.91
C ILE F 1122 -34.12 7.55 100.12
N LEU F 1123 -32.78 7.49 100.14
CA LEU F 1123 -31.95 7.97 101.23
C LEU F 1123 -32.19 9.47 101.50
N SER F 1124 -32.40 10.28 100.46
CA SER F 1124 -32.64 11.71 100.65
C SER F 1124 -33.96 12.00 101.39
N GLN F 1125 -34.94 11.09 101.35
CA GLN F 1125 -36.15 11.20 102.18
C GLN F 1125 -35.89 10.92 103.66
N ARG F 1126 -34.81 10.24 104.00
CA ARG F 1126 -34.37 9.97 105.39
C ARG F 1126 -33.61 11.18 105.92
N SER F 1127 -34.12 12.37 105.64
CA SER F 1127 -33.50 13.69 105.81
C SER F 1127 -33.22 14.11 107.26
N ASN F 1128 -33.27 13.18 108.21
CA ASN F 1128 -32.84 13.32 109.60
C ASN F 1128 -31.78 12.29 110.01
N ASP F 1129 -31.63 11.20 109.26
CA ASP F 1129 -30.61 10.21 109.51
C ASP F 1129 -29.26 10.83 109.14
N GLU F 1130 -28.37 10.92 110.11
CA GLU F 1130 -27.10 11.59 109.88
C GLU F 1130 -26.21 10.81 108.91
N VAL F 1131 -26.26 9.49 108.94
CA VAL F 1131 -25.49 8.68 108.00
C VAL F 1131 -26.03 8.85 106.61
N ALA F 1132 -27.36 8.83 106.45
CA ALA F 1132 -28.00 9.06 105.18
C ALA F 1132 -27.68 10.48 104.71
N LYS F 1133 -27.80 11.49 105.58
CA LYS F 1133 -27.48 12.88 105.26
C LYS F 1133 -26.08 13.00 104.70
N GLU F 1134 -25.10 12.47 105.42
CA GLU F 1134 -23.72 12.50 104.97
C GLU F 1134 -23.51 11.63 103.73
N PHE F 1135 -24.18 10.49 103.59
CA PHE F 1135 -24.08 9.70 102.37
C PHE F 1135 -24.61 10.45 101.16
N VAL F 1136 -25.84 10.96 101.28
CA VAL F 1136 -26.53 11.73 100.26
C VAL F 1136 -25.70 12.95 99.94
N LYS F 1137 -25.30 13.73 100.93
CA LYS F 1137 -24.39 14.85 100.75
C LYS F 1137 -23.14 14.41 100.00
N LEU F 1138 -22.50 13.31 100.39
CA LEU F 1138 -21.25 12.82 99.80
C LEU F 1138 -21.42 12.37 98.36
N LYS F 1139 -22.46 11.63 98.03
CA LYS F 1139 -22.71 11.26 96.65
C LYS F 1139 -23.15 12.45 95.84
N SER F 1140 -23.96 13.32 96.43
CA SER F 1140 -24.43 14.55 95.81
C SER F 1140 -23.34 15.64 95.74
N ASP F 1141 -22.16 15.44 96.30
CA ASP F 1141 -21.03 16.29 95.99
C ASP F 1141 -20.66 16.11 94.51
N THR F 1142 -20.53 17.24 93.83
CA THR F 1142 -19.97 17.34 92.50
C THR F 1142 -18.99 18.51 92.51
N ARG F 1143 -17.99 18.47 91.63
CA ARG F 1143 -17.13 19.58 91.28
C ARG F 1143 -17.96 20.85 91.17
N SER F 1144 -17.71 21.80 92.07
CA SER F 1144 -18.10 23.19 91.86
C SER F 1144 -17.42 23.61 90.57
N ALA F 1145 -18.20 23.80 89.52
CA ALA F 1145 -17.77 23.60 88.16
C ALA F 1145 -16.47 24.33 87.76
N GLU F 1146 -16.30 25.54 88.24
CA GLU F 1146 -15.49 26.58 87.63
C GLU F 1146 -13.97 26.28 87.58
N GLU F 1147 -13.19 27.16 86.95
CA GLU F 1147 -11.72 27.00 86.76
C GLU F 1147 -11.29 25.82 85.86
N GLY F 1148 -12.25 25.06 85.32
CA GLY F 1148 -12.00 23.91 84.43
C GLY F 1148 -13.19 23.00 84.06
N GLY F 1149 -14.44 23.25 84.48
CA GLY F 1149 -15.67 22.76 83.81
C GLY F 1149 -16.74 22.02 84.66
N ALA F 1150 -17.99 22.00 84.19
CA ALA F 1150 -19.16 21.60 84.99
C ALA F 1150 -19.57 20.11 84.96
N ALA F 1151 -19.96 19.55 83.81
CA ALA F 1151 -20.59 18.23 83.69
C ALA F 1151 -19.70 17.18 82.97
N PRO F 1152 -19.61 15.94 83.48
CA PRO F 1152 -18.63 14.95 83.02
C PRO F 1152 -19.18 14.07 81.89
N ALA F 1153 -18.64 12.87 81.76
CA ALA F 1153 -19.29 11.72 81.13
C ALA F 1153 -19.20 10.44 82.01
N PRO F 1154 -20.10 9.45 81.83
CA PRO F 1154 -20.28 8.33 82.77
C PRO F 1154 -19.30 7.16 82.62
N GLU G 23 -113.46 20.36 25.03
CA GLU G 23 -114.49 21.45 25.09
C GLU G 23 -115.25 21.61 23.79
N GLU G 24 -114.57 21.91 22.68
CA GLU G 24 -115.15 22.08 21.33
C GLU G 24 -116.23 21.04 20.98
N LEU G 25 -115.89 19.75 20.98
CA LEU G 25 -116.83 18.66 20.75
C LEU G 25 -117.97 18.65 21.76
N LYS G 26 -117.69 18.85 23.05
CA LYS G 26 -118.72 18.87 24.10
C LYS G 26 -119.77 19.95 23.86
N ASN G 27 -119.35 21.17 23.54
CA ASN G 27 -120.26 22.26 23.26
C ASN G 27 -120.99 22.07 21.91
N HIS G 28 -120.28 21.60 20.89
CA HIS G 28 -120.86 21.19 19.60
C HIS G 28 -121.96 20.14 19.79
N VAL G 29 -121.68 19.11 20.57
CA VAL G 29 -122.61 18.04 20.88
C VAL G 29 -123.73 18.50 21.79
N TYR G 30 -123.47 19.37 22.77
CA TYR G 30 -124.53 20.01 23.55
C TYR G 30 -125.56 20.66 22.63
N LYS G 31 -125.08 21.53 21.74
CA LYS G 31 -125.89 22.25 20.75
C LYS G 31 -126.63 21.29 19.82
N LYS G 32 -125.94 20.28 19.28
CA LYS G 32 -126.56 19.29 18.39
C LYS G 32 -127.50 18.34 19.09
N THR G 33 -127.35 18.13 20.39
CA THR G 33 -128.27 17.36 21.22
C THR G 33 -129.51 18.20 21.51
N LEU G 34 -129.34 19.47 21.88
CA LEU G 34 -130.44 20.41 22.03
C LEU G 34 -131.25 20.51 20.72
N GLN G 35 -130.60 20.74 19.59
CA GLN G 35 -131.28 20.76 18.29
C GLN G 35 -131.93 19.39 17.97
N ALA G 36 -131.25 18.28 18.26
CA ALA G 36 -131.76 16.97 17.93
C ALA G 36 -133.07 16.62 18.62
N LEU G 37 -133.25 17.11 19.84
CA LEU G 37 -134.35 16.77 20.73
C LEU G 37 -135.37 17.86 20.94
N ILE G 38 -135.11 19.13 20.58
CA ILE G 38 -136.13 20.19 20.66
C ILE G 38 -137.22 19.95 19.63
N TYR G 39 -136.84 19.68 18.39
CA TYR G 39 -137.66 18.97 17.44
C TYR G 39 -137.10 17.55 17.37
N PRO G 40 -137.53 16.63 18.24
CA PRO G 40 -137.10 15.25 18.12
C PRO G 40 -137.50 14.74 16.74
N ILE G 41 -136.68 13.90 16.10
CA ILE G 41 -137.05 13.35 14.78
C ILE G 41 -138.35 12.55 14.85
N SER G 42 -138.76 12.10 16.03
CA SER G 42 -140.06 11.49 16.31
C SER G 42 -141.27 12.41 16.14
N CYS G 43 -141.08 13.71 15.84
CA CYS G 43 -142.18 14.59 15.37
C CYS G 43 -142.67 14.29 13.94
N THR G 44 -141.86 13.64 13.12
CA THR G 44 -142.00 13.63 11.64
C THR G 44 -142.98 12.59 11.09
N THR G 45 -143.47 12.83 9.87
CA THR G 45 -144.50 12.06 9.14
C THR G 45 -143.97 11.59 7.77
N PRO G 46 -144.32 10.40 7.25
CA PRO G 46 -143.82 9.90 5.97
C PRO G 46 -144.75 10.20 4.78
N HIS G 47 -144.17 10.42 3.59
CA HIS G 47 -144.92 10.71 2.36
C HIS G 47 -145.47 9.43 1.71
N ASN G 48 -146.78 9.26 1.73
CA ASN G 48 -147.46 8.20 0.98
C ASN G 48 -147.57 8.55 -0.52
N PHE G 49 -146.51 8.32 -1.30
CA PHE G 49 -146.52 8.52 -2.74
C PHE G 49 -147.22 7.43 -3.53
N GLU G 50 -148.15 7.85 -4.41
CA GLU G 50 -148.57 7.09 -5.59
C GLU G 50 -147.73 7.53 -6.80
N VAL G 51 -147.45 6.59 -7.70
CA VAL G 51 -147.05 6.93 -9.07
C VAL G 51 -148.20 7.64 -9.74
N TRP G 52 -147.93 8.79 -10.36
CA TRP G 52 -148.96 9.55 -11.04
C TRP G 52 -148.43 10.10 -12.37
N THR G 53 -149.17 9.83 -13.44
CA THR G 53 -148.90 10.37 -14.77
C THR G 53 -149.30 11.84 -14.81
N ALA G 54 -148.34 12.72 -15.10
CA ALA G 54 -148.62 14.08 -15.52
C ALA G 54 -149.20 14.06 -16.95
N THR G 55 -150.45 13.63 -17.12
CA THR G 55 -151.18 13.50 -18.41
C THR G 55 -151.29 14.82 -19.19
N THR G 56 -150.87 15.92 -18.56
CA THR G 56 -150.61 17.26 -19.12
C THR G 56 -149.26 17.79 -18.59
N PRO G 57 -148.53 18.67 -19.32
CA PRO G 57 -147.28 19.28 -18.84
C PRO G 57 -147.45 19.93 -17.46
N THR G 58 -146.66 19.48 -16.49
CA THR G 58 -146.77 19.82 -15.06
C THR G 58 -145.37 20.07 -14.48
N TYR G 59 -145.25 20.81 -13.39
CA TYR G 59 -143.94 21.22 -12.85
C TYR G 59 -143.77 20.79 -11.38
N CYS G 60 -142.65 20.13 -11.10
CA CYS G 60 -142.39 19.43 -9.85
C CYS G 60 -142.33 20.38 -8.64
N TYR G 61 -143.03 20.07 -7.55
CA TYR G 61 -143.05 20.94 -6.35
C TYR G 61 -141.70 21.00 -5.61
N GLU G 62 -140.74 20.15 -5.97
CA GLU G 62 -139.34 20.35 -5.58
C GLU G 62 -138.61 21.26 -6.57
N CYS G 63 -138.27 20.73 -7.75
CA CYS G 63 -137.36 21.36 -8.70
C CYS G 63 -137.99 22.33 -9.70
N GLU G 64 -139.32 22.42 -9.74
CA GLU G 64 -140.10 23.09 -10.79
C GLU G 64 -139.81 22.55 -12.21
N GLY G 65 -139.21 21.37 -12.33
CA GLY G 65 -138.87 20.70 -13.59
C GLY G 65 -140.05 19.96 -14.22
N LEU G 66 -140.01 19.77 -15.54
CA LEU G 66 -141.11 19.22 -16.33
C LEU G 66 -141.41 17.75 -15.99
N LEU G 67 -142.67 17.54 -15.61
CA LEU G 67 -143.37 16.28 -15.56
C LEU G 67 -144.32 16.26 -16.76
N TRP G 68 -144.28 15.21 -17.58
CA TRP G 68 -145.08 15.14 -18.80
C TRP G 68 -145.25 13.72 -19.31
N GLY G 69 -146.50 13.34 -19.51
CA GLY G 69 -146.93 12.07 -20.06
C GLY G 69 -146.41 10.89 -19.27
N ILE G 70 -146.37 9.75 -19.93
CA ILE G 70 -145.65 8.57 -19.45
C ILE G 70 -144.12 8.82 -19.49
N ALA G 71 -143.65 9.65 -20.45
CA ALA G 71 -142.23 9.94 -20.68
C ALA G 71 -141.51 10.51 -19.44
N ARG G 72 -142.19 11.40 -18.71
CA ARG G 72 -141.72 12.02 -17.47
C ARG G 72 -142.85 12.02 -16.43
N GLN G 73 -143.25 10.82 -15.98
CA GLN G 73 -144.17 10.64 -14.84
C GLN G 73 -143.67 11.34 -13.57
N GLY G 74 -144.60 11.61 -12.65
CA GLY G 74 -144.29 12.06 -11.31
C GLY G 74 -144.76 11.09 -10.23
N MET G 75 -144.57 11.52 -8.99
CA MET G 75 -145.17 10.95 -7.81
C MET G 75 -146.12 11.99 -7.24
N ARG G 76 -147.34 11.57 -6.94
CA ARG G 76 -148.32 12.37 -6.20
C ARG G 76 -148.42 11.72 -4.84
N CYS G 77 -148.05 12.41 -3.77
CA CYS G 77 -148.40 11.92 -2.44
C CYS G 77 -149.91 11.99 -2.26
N THR G 78 -150.49 11.16 -1.42
CA THR G 78 -151.85 11.36 -0.91
C THR G 78 -151.83 12.25 0.33
N GLU G 79 -151.06 11.87 1.35
CA GLU G 79 -151.03 12.50 2.66
C GLU G 79 -150.47 13.93 2.56
N CYS G 80 -149.24 14.08 2.07
CA CYS G 80 -148.78 15.39 1.65
C CYS G 80 -149.31 15.82 0.28
N GLY G 81 -150.07 15.01 -0.47
CA GLY G 81 -150.68 15.43 -1.74
C GLY G 81 -149.71 15.72 -2.90
N VAL G 82 -148.41 15.81 -2.58
CA VAL G 82 -147.39 16.59 -3.27
C VAL G 82 -147.01 16.00 -4.62
N LYS G 83 -146.92 16.82 -5.66
CA LYS G 83 -146.67 16.39 -7.05
C LYS G 83 -145.24 16.71 -7.43
N CYS G 84 -144.47 15.70 -7.82
CA CYS G 84 -143.02 15.84 -8.01
C CYS G 84 -142.49 14.82 -9.01
N HIS G 85 -141.25 14.99 -9.50
CA HIS G 85 -140.56 13.86 -10.15
C HIS G 85 -140.49 12.68 -9.20
N GLU G 86 -140.34 11.48 -9.74
CA GLU G 86 -139.80 10.35 -8.97
C GLU G 86 -138.45 10.72 -8.35
N LYS G 87 -137.48 11.16 -9.16
CA LYS G 87 -136.18 11.63 -8.65
C LYS G 87 -136.28 12.79 -7.66
N CYS G 88 -137.43 13.47 -7.58
CA CYS G 88 -137.69 14.52 -6.59
C CYS G 88 -138.49 14.08 -5.38
N GLN G 89 -139.20 12.95 -5.40
CA GLN G 89 -140.10 12.61 -4.30
C GLN G 89 -139.39 12.44 -2.96
N ASP G 90 -138.07 12.20 -3.02
CA ASP G 90 -137.16 12.18 -1.87
C ASP G 90 -136.45 13.52 -1.65
N LEU G 91 -136.18 14.27 -2.73
CA LEU G 91 -135.61 15.62 -2.65
C LEU G 91 -136.60 16.64 -2.07
N LEU G 92 -137.90 16.33 -2.10
CA LEU G 92 -138.90 16.91 -1.22
C LEU G 92 -138.54 16.59 0.24
N ASN G 93 -137.69 17.43 0.83
CA ASN G 93 -136.92 17.11 2.03
C ASN G 93 -137.75 17.00 3.33
N ALA G 94 -138.71 17.91 3.55
CA ALA G 94 -139.40 18.01 4.84
C ALA G 94 -140.47 16.94 5.03
N ASP G 95 -140.89 16.69 6.27
CA ASP G 95 -141.81 15.59 6.59
C ASP G 95 -143.19 15.74 5.93
N CYS G 96 -144.03 14.72 6.01
CA CYS G 96 -145.33 14.75 5.36
C CYS G 96 -146.28 15.80 5.94
N LEU G 97 -146.16 16.21 7.21
CA LEU G 97 -146.82 17.44 7.66
C LEU G 97 -146.33 18.62 6.83
N GLN G 98 -145.04 18.92 6.87
CA GLN G 98 -144.48 20.09 6.20
C GLN G 98 -144.74 20.05 4.68
N ARG G 99 -144.52 18.93 4.00
CA ARG G 99 -144.85 18.80 2.57
C ARG G 99 -146.34 18.74 2.30
N ALA G 100 -147.22 18.35 3.24
CA ALA G 100 -148.66 18.59 3.06
C ALA G 100 -148.95 20.09 3.07
N ALA G 101 -148.27 20.84 3.93
CA ALA G 101 -148.29 22.30 3.91
C ALA G 101 -147.75 22.89 2.59
N GLU G 102 -146.56 22.47 2.14
CA GLU G 102 -145.98 22.99 0.90
C GLU G 102 -146.79 22.59 -0.35
N LYS G 103 -147.30 21.35 -0.44
CA LYS G 103 -148.31 20.98 -1.43
C LYS G 103 -149.51 21.88 -1.39
N SER G 104 -150.04 22.15 -0.19
CA SER G 104 -151.22 23.01 -0.06
C SER G 104 -150.91 24.40 -0.57
N SER G 105 -149.72 24.95 -0.33
CA SER G 105 -149.32 26.23 -0.94
C SER G 105 -149.20 26.18 -2.47
N LYS G 106 -148.79 25.05 -3.06
CA LYS G 106 -148.61 24.87 -4.51
C LYS G 106 -149.89 24.42 -5.25
N HIS G 107 -150.88 23.89 -4.54
CA HIS G 107 -152.28 23.77 -4.98
C HIS G 107 -153.06 25.09 -4.79
N GLY G 108 -152.86 25.83 -3.69
CA GLY G 108 -153.41 27.19 -3.48
C GLY G 108 -153.32 27.76 -2.06
N ALA G 109 -153.63 26.98 -1.01
CA ALA G 109 -153.64 27.41 0.39
C ALA G 109 -152.22 27.59 0.98
N GLU G 110 -151.66 28.79 0.89
CA GLU G 110 -150.38 29.13 1.54
C GLU G 110 -150.49 29.15 3.08
N ASP G 111 -151.66 29.46 3.62
CA ASP G 111 -151.90 29.61 5.07
C ASP G 111 -151.57 28.33 5.85
N ARG G 112 -151.75 27.16 5.22
CA ARG G 112 -151.33 25.85 5.72
C ARG G 112 -149.84 25.84 6.09
N THR G 113 -148.99 26.51 5.34
CA THR G 113 -147.56 26.62 5.64
C THR G 113 -147.33 27.32 6.97
N GLN G 114 -147.97 28.46 7.22
CA GLN G 114 -147.92 29.14 8.52
C GLN G 114 -148.51 28.28 9.63
N ASN G 115 -149.60 27.57 9.36
CA ASN G 115 -150.14 26.56 10.27
C ASN G 115 -149.09 25.52 10.64
N ILE G 116 -148.34 24.94 9.71
CA ILE G 116 -147.39 23.87 10.05
C ILE G 116 -146.06 24.42 10.58
N ILE G 117 -145.71 25.67 10.27
CA ILE G 117 -144.75 26.42 11.08
C ILE G 117 -145.25 26.53 12.53
N MET G 118 -146.53 26.81 12.74
CA MET G 118 -147.12 26.78 14.08
C MET G 118 -147.19 25.36 14.65
N VAL G 119 -147.35 24.30 13.85
CA VAL G 119 -147.17 22.93 14.32
C VAL G 119 -145.74 22.71 14.79
N LEU G 120 -144.75 23.18 14.04
CA LEU G 120 -143.35 23.09 14.42
C LEU G 120 -143.11 23.83 15.74
N LYS G 121 -143.60 25.06 15.88
CA LYS G 121 -143.57 25.80 17.15
C LYS G 121 -144.26 25.01 18.26
N ASP G 122 -145.49 24.59 18.06
CA ASP G 122 -146.30 23.89 19.06
C ASP G 122 -145.68 22.58 19.47
N ARG G 123 -145.15 21.81 18.52
CA ARG G 123 -144.37 20.59 18.77
C ARG G 123 -143.21 20.89 19.73
N MET G 124 -142.41 21.91 19.45
CA MET G 124 -141.27 22.29 20.30
C MET G 124 -141.74 22.84 21.66
N LYS G 125 -142.81 23.63 21.74
CA LYS G 125 -143.41 24.09 23.02
C LYS G 125 -143.92 22.92 23.86
N ILE G 126 -144.69 22.01 23.26
CA ILE G 126 -145.21 20.80 23.90
C ILE G 126 -144.02 19.96 24.37
N ARG G 127 -143.06 19.69 23.50
CA ARG G 127 -141.84 18.93 23.80
C ARG G 127 -141.12 19.48 25.03
N GLU G 128 -140.90 20.78 25.06
CA GLU G 128 -140.35 21.50 26.20
C GLU G 128 -141.20 21.39 27.46
N ARG G 129 -142.50 21.61 27.34
CA ARG G 129 -143.42 21.65 28.46
C ARG G 129 -143.69 20.26 29.04
N ASN G 130 -143.62 19.24 28.21
CA ASN G 130 -143.93 17.85 28.54
C ASN G 130 -142.68 17.08 28.93
N LYS G 131 -141.55 17.34 28.26
CA LYS G 131 -140.26 16.75 28.59
C LYS G 131 -139.20 17.79 28.91
N PRO G 132 -139.47 18.78 29.79
CA PRO G 132 -138.47 19.77 30.18
C PRO G 132 -137.21 19.10 30.72
N GLU G 133 -137.37 17.96 31.39
CA GLU G 133 -136.29 17.17 31.95
C GLU G 133 -135.30 16.68 30.88
N ILE G 134 -135.69 16.51 29.62
CA ILE G 134 -134.72 16.25 28.57
C ILE G 134 -133.73 17.42 28.46
N PHE G 135 -134.26 18.63 28.37
CA PHE G 135 -133.48 19.83 28.07
C PHE G 135 -132.65 20.28 29.28
N GLU G 136 -133.24 20.20 30.47
CA GLU G 136 -132.52 20.32 31.74
C GLU G 136 -131.40 19.30 31.86
N LEU G 137 -131.65 18.02 31.56
CA LEU G 137 -130.60 17.03 31.68
C LEU G 137 -129.44 17.32 30.72
N ILE G 138 -129.73 17.71 29.47
CA ILE G 138 -128.70 18.13 28.53
C ILE G 138 -127.94 19.33 29.10
N GLN G 139 -128.63 20.31 29.64
CA GLN G 139 -128.02 21.41 30.38
C GLN G 139 -127.12 20.93 31.52
N GLU G 140 -127.56 20.05 32.41
CA GLU G 140 -126.74 19.59 33.54
C GLU G 140 -125.58 18.69 33.10
N VAL G 141 -125.80 17.77 32.18
CA VAL G 141 -124.79 16.84 31.63
C VAL G 141 -123.68 17.61 30.94
N PHE G 142 -124.06 18.64 30.19
CA PHE G 142 -123.14 19.57 29.58
C PHE G 142 -122.81 20.76 30.51
N ALA G 143 -123.25 20.70 31.76
CA ALA G 143 -123.00 21.64 32.84
C ALA G 143 -123.31 23.12 32.54
N VAL G 144 -124.15 23.39 31.56
CA VAL G 144 -124.54 24.73 31.14
C VAL G 144 -125.45 25.36 32.20
N THR G 145 -125.57 26.68 32.30
CA THR G 145 -126.51 27.32 33.25
C THR G 145 -127.93 27.33 32.70
N LYS G 146 -128.95 27.57 33.54
CA LYS G 146 -130.36 27.60 33.10
C LYS G 146 -130.67 28.80 32.18
N SER G 147 -130.12 29.96 32.47
CA SER G 147 -130.23 31.16 31.62
C SER G 147 -129.48 30.96 30.31
N ALA G 148 -128.22 30.53 30.33
CA ALA G 148 -127.46 30.30 29.10
C ALA G 148 -128.04 29.14 28.29
N HIS G 149 -128.55 28.11 28.95
CA HIS G 149 -129.37 27.09 28.32
C HIS G 149 -130.60 27.69 27.66
N THR G 150 -131.31 28.61 28.31
CA THR G 150 -132.44 29.33 27.69
C THR G 150 -132.00 30.11 26.44
N GLN G 151 -130.81 30.71 26.44
CA GLN G 151 -130.33 31.46 25.29
C GLN G 151 -129.78 30.58 24.15
N GLN G 152 -129.08 29.48 24.44
CA GLN G 152 -128.75 28.47 23.41
C GLN G 152 -129.99 27.70 22.94
N MET G 153 -131.00 27.58 23.80
CA MET G 153 -132.28 27.03 23.43
C MET G 153 -133.01 28.00 22.50
N LYS G 154 -133.03 29.31 22.77
CA LYS G 154 -133.42 30.32 21.76
C LYS G 154 -132.66 30.06 20.46
N ALA G 155 -131.35 29.84 20.51
CA ALA G 155 -130.59 29.54 19.30
C ALA G 155 -131.05 28.25 18.57
N VAL G 156 -131.21 27.09 19.22
CA VAL G 156 -131.65 25.87 18.52
C VAL G 156 -133.13 25.83 18.21
N LYS G 157 -133.97 26.49 19.02
CA LYS G 157 -135.36 26.80 18.66
C LYS G 157 -135.30 27.57 17.37
N GLN G 158 -134.59 28.68 17.32
CA GLN G 158 -134.46 29.46 16.11
C GLN G 158 -133.86 28.64 14.97
N SER G 159 -132.92 27.74 15.22
CA SER G 159 -132.38 26.86 14.16
C SER G 159 -133.40 25.84 13.61
N VAL G 160 -134.59 25.72 14.22
CA VAL G 160 -135.72 24.96 13.67
C VAL G 160 -137.02 25.79 13.59
N LEU G 161 -137.03 27.06 14.05
CA LEU G 161 -138.21 27.94 14.17
C LEU G 161 -138.06 29.28 13.46
N ASP G 162 -136.87 29.86 13.44
CA ASP G 162 -136.50 30.74 12.33
C ASP G 162 -136.28 29.83 11.10
N GLY G 163 -135.43 28.81 11.26
CA GLY G 163 -135.17 27.72 10.31
C GLY G 163 -136.33 26.72 10.12
N THR G 164 -137.58 27.17 10.28
CA THR G 164 -138.80 26.34 10.17
C THR G 164 -139.22 26.01 8.74
N SER G 165 -138.74 26.77 7.74
CA SER G 165 -139.18 26.67 6.34
C SER G 165 -138.30 27.48 5.37
N LYS G 166 -136.99 27.59 5.65
CA LYS G 166 -136.12 28.63 5.06
C LYS G 166 -135.25 28.11 3.91
N TRP G 167 -135.18 28.92 2.85
CA TRP G 167 -134.15 28.87 1.81
C TRP G 167 -133.63 30.32 1.58
N SER G 168 -133.33 31.01 2.68
CA SER G 168 -132.84 32.39 2.74
C SER G 168 -131.31 32.42 2.61
N ALA G 169 -130.80 31.89 1.51
CA ALA G 169 -129.39 31.67 1.27
C ALA G 169 -128.57 32.97 1.20
N LYS G 170 -127.60 33.11 2.09
CA LYS G 170 -126.42 33.90 1.76
C LYS G 170 -125.65 33.14 0.67
N ILE G 171 -125.09 33.88 -0.27
CA ILE G 171 -124.32 33.38 -1.40
C ILE G 171 -123.00 34.17 -1.43
N SER G 172 -121.87 33.53 -1.72
CA SER G 172 -120.55 34.15 -1.67
C SER G 172 -119.76 33.75 -2.92
N ILE G 173 -119.88 34.59 -3.94
CA ILE G 173 -119.43 34.36 -5.30
C ILE G 173 -118.01 34.90 -5.45
N THR G 174 -117.01 34.03 -5.38
CA THR G 174 -115.68 34.39 -5.85
C THR G 174 -115.58 34.24 -7.35
N VAL G 175 -115.53 35.36 -8.05
CA VAL G 175 -115.05 35.38 -9.42
C VAL G 175 -113.57 35.03 -9.42
N VAL G 176 -113.20 33.83 -9.88
CA VAL G 176 -111.83 33.34 -9.78
C VAL G 176 -110.98 33.82 -10.96
N CYS G 177 -111.32 33.42 -12.18
CA CYS G 177 -110.49 33.67 -13.35
C CYS G 177 -111.32 33.50 -14.62
N ALA G 178 -110.78 33.89 -15.77
CA ALA G 178 -111.32 33.54 -17.06
C ALA G 178 -110.21 33.07 -18.01
N GLN G 179 -110.60 32.41 -19.10
CA GLN G 179 -109.73 31.86 -20.13
C GLN G 179 -110.34 32.10 -21.52
N GLY G 180 -109.53 32.47 -22.51
CA GLY G 180 -109.97 32.60 -23.91
C GLY G 180 -110.93 33.77 -24.20
N LEU G 181 -110.92 34.83 -23.38
CA LEU G 181 -111.79 36.00 -23.58
C LEU G 181 -111.60 36.67 -24.94
N GLN G 182 -112.65 37.34 -25.43
CA GLN G 182 -112.54 38.15 -26.64
C GLN G 182 -111.72 39.42 -26.36
N ALA G 183 -110.89 39.85 -27.30
CA ALA G 183 -110.22 41.14 -27.21
C ALA G 183 -111.17 42.31 -27.52
N LYS G 184 -111.04 43.41 -26.78
CA LYS G 184 -111.81 44.67 -26.95
C LYS G 184 -111.01 45.94 -26.58
N ASP G 185 -109.78 45.83 -26.11
CA ASP G 185 -109.15 46.89 -25.31
C ASP G 185 -108.68 48.13 -26.07
N LYS G 186 -108.44 49.17 -25.27
CA LYS G 186 -107.48 50.24 -25.53
C LYS G 186 -106.05 49.68 -25.70
N THR G 187 -105.65 48.64 -24.95
CA THR G 187 -104.35 47.91 -25.10
C THR G 187 -104.27 46.95 -26.32
N GLY G 188 -105.37 46.70 -27.02
CA GLY G 188 -105.50 45.61 -28.00
C GLY G 188 -105.76 44.20 -27.42
N SER G 189 -105.69 44.00 -26.11
CA SER G 189 -106.05 42.74 -25.43
C SER G 189 -107.48 42.86 -24.88
N SER G 190 -107.67 42.76 -23.56
CA SER G 190 -108.76 43.40 -22.80
C SER G 190 -108.29 43.77 -21.40
N ASP G 191 -109.01 44.71 -20.78
CA ASP G 191 -108.97 45.00 -19.36
C ASP G 191 -110.19 44.36 -18.70
N PRO G 192 -110.32 43.02 -18.66
CA PRO G 192 -111.49 42.36 -18.13
C PRO G 192 -111.68 42.63 -16.62
N TYR G 193 -112.86 43.09 -16.26
CA TYR G 193 -113.47 42.89 -14.95
C TYR G 193 -114.79 42.15 -15.11
N VAL G 194 -115.48 41.90 -14.00
CA VAL G 194 -116.73 41.16 -13.96
C VAL G 194 -117.73 41.90 -13.09
N THR G 195 -119.00 41.97 -13.48
CA THR G 195 -120.09 42.21 -12.53
C THR G 195 -120.76 40.91 -12.19
N VAL G 196 -121.17 40.79 -10.94
CA VAL G 196 -122.07 39.73 -10.48
C VAL G 196 -123.37 40.38 -10.04
N GLN G 197 -124.50 39.73 -10.31
CA GLN G 197 -125.82 40.18 -9.88
C GLN G 197 -126.66 38.99 -9.38
N VAL G 198 -127.37 39.16 -8.28
CA VAL G 198 -128.34 38.18 -7.73
C VAL G 198 -129.59 38.93 -7.29
N GLY G 199 -130.76 38.53 -7.75
CA GLY G 199 -131.95 39.41 -7.68
C GLY G 199 -131.70 40.75 -8.38
N LYS G 200 -132.12 41.87 -7.78
CA LYS G 200 -131.83 43.24 -8.25
C LYS G 200 -130.37 43.66 -7.94
N THR G 201 -129.76 43.12 -6.89
CA THR G 201 -128.45 43.55 -6.36
C THR G 201 -127.29 43.23 -7.31
N LYS G 202 -126.39 44.20 -7.54
CA LYS G 202 -125.27 44.12 -8.50
C LYS G 202 -123.97 44.64 -7.87
N LYS G 203 -122.86 43.94 -8.13
CA LYS G 203 -121.50 44.19 -7.62
C LYS G 203 -120.47 43.93 -8.71
N ARG G 204 -119.21 44.38 -8.56
CA ARG G 204 -118.14 44.11 -9.54
C ARG G 204 -116.79 43.73 -8.94
N THR G 205 -116.05 42.91 -9.67
CA THR G 205 -114.59 42.78 -9.51
C THR G 205 -113.90 44.05 -9.92
N LYS G 206 -112.72 44.28 -9.35
CA LYS G 206 -111.72 45.13 -9.97
C LYS G 206 -111.26 44.51 -11.30
N THR G 207 -110.41 45.24 -11.98
CA THR G 207 -110.06 44.97 -13.36
C THR G 207 -108.71 44.31 -13.44
N ILE G 208 -108.61 43.23 -14.20
CA ILE G 208 -107.31 42.77 -14.68
C ILE G 208 -107.07 43.46 -16.02
N TYR G 209 -105.88 43.99 -16.23
CA TYR G 209 -105.56 44.87 -17.36
C TYR G 209 -104.73 44.13 -18.41
N GLY G 210 -105.02 44.33 -19.69
CA GLY G 210 -104.26 43.76 -20.81
C GLY G 210 -104.28 42.23 -20.96
N ASN G 211 -105.24 41.51 -20.38
CA ASN G 211 -105.24 40.05 -20.26
C ASN G 211 -106.54 39.43 -20.84
N LEU G 212 -106.43 38.31 -21.58
CA LEU G 212 -107.57 37.49 -22.03
C LEU G 212 -107.75 36.20 -21.22
N ASN G 213 -106.83 35.89 -20.31
CA ASN G 213 -106.89 34.81 -19.34
C ASN G 213 -106.74 35.35 -17.88
N PRO G 214 -107.57 36.34 -17.46
CA PRO G 214 -107.40 37.04 -16.19
C PRO G 214 -107.62 36.16 -14.96
N VAL G 215 -106.97 36.44 -13.84
CA VAL G 215 -107.31 35.89 -12.53
C VAL G 215 -107.72 37.03 -11.59
N TRP G 216 -108.96 37.03 -11.10
CA TRP G 216 -109.44 37.98 -10.09
C TRP G 216 -109.34 37.41 -8.67
N GLU G 217 -109.89 36.22 -8.43
CA GLU G 217 -110.13 35.66 -7.08
C GLU G 217 -110.92 36.62 -6.16
N GLU G 218 -111.91 37.32 -6.69
CA GLU G 218 -112.66 38.38 -5.98
C GLU G 218 -114.07 37.95 -5.59
N ASN G 219 -114.40 38.11 -4.30
CA ASN G 219 -115.62 37.57 -3.72
C ASN G 219 -116.72 38.61 -3.48
N PHE G 220 -117.93 38.25 -3.88
CA PHE G 220 -119.15 39.01 -3.69
C PHE G 220 -120.15 38.24 -2.86
N HIS G 221 -120.50 38.79 -1.71
CA HIS G 221 -121.64 38.29 -0.96
C HIS G 221 -122.95 38.81 -1.55
N PHE G 222 -123.96 37.95 -1.54
CA PHE G 222 -125.33 38.21 -1.97
C PHE G 222 -126.32 37.49 -1.07
N GLU G 223 -127.57 37.93 -1.12
CA GLU G 223 -128.70 37.27 -0.49
C GLU G 223 -129.68 36.80 -1.58
N CYS G 224 -130.08 35.54 -1.47
CA CYS G 224 -131.14 34.94 -2.27
C CYS G 224 -132.19 34.35 -1.33
N HIS G 225 -133.46 34.42 -1.74
CA HIS G 225 -134.60 33.97 -0.95
C HIS G 225 -135.48 32.97 -1.71
N ASN G 226 -134.96 32.42 -2.80
CA ASN G 226 -135.69 31.61 -3.77
C ASN G 226 -134.73 30.71 -4.57
N SER G 227 -134.85 29.39 -4.43
CA SER G 227 -134.06 28.42 -5.19
C SER G 227 -134.26 28.53 -6.72
N SER G 228 -135.37 29.11 -7.18
CA SER G 228 -135.61 29.42 -8.59
C SER G 228 -135.04 30.77 -9.06
N ASP G 229 -134.30 31.53 -8.23
CA ASP G 229 -133.55 32.70 -8.71
C ASP G 229 -132.42 32.30 -9.67
N ARG G 230 -131.84 33.30 -10.34
CA ARG G 230 -130.56 33.14 -11.06
C ARG G 230 -129.51 34.08 -10.50
N ILE G 231 -128.28 33.57 -10.44
CA ILE G 231 -127.08 34.40 -10.50
C ILE G 231 -126.88 34.84 -11.95
N LYS G 232 -126.49 36.10 -12.18
CA LYS G 232 -125.96 36.60 -13.46
C LYS G 232 -124.51 37.04 -13.29
N VAL G 233 -123.61 36.57 -14.13
CA VAL G 233 -122.18 36.95 -14.09
C VAL G 233 -121.75 37.44 -15.46
N ARG G 234 -121.16 38.63 -15.54
CA ARG G 234 -120.92 39.33 -16.80
C ARG G 234 -119.52 39.94 -16.82
N VAL G 235 -118.78 39.77 -17.90
CA VAL G 235 -117.38 40.17 -18.02
C VAL G 235 -117.32 41.41 -18.92
N TRP G 236 -116.53 42.40 -18.54
CA TRP G 236 -116.48 43.73 -19.16
C TRP G 236 -115.05 44.16 -19.35
N ASP G 237 -114.72 44.66 -20.51
CA ASP G 237 -113.46 45.34 -20.74
C ASP G 237 -113.52 46.77 -20.20
N GLU G 238 -112.71 47.12 -19.20
CA GLU G 238 -112.82 48.41 -18.56
C GLU G 238 -112.38 49.57 -19.47
N ASP G 239 -113.33 50.21 -20.13
CA ASP G 239 -113.10 51.42 -20.92
C ASP G 239 -113.27 52.66 -20.05
N ASP G 240 -112.17 53.35 -19.75
CA ASP G 240 -112.20 54.70 -19.17
C ASP G 240 -111.59 55.68 -20.17
N ASP G 241 -112.42 56.16 -21.08
CA ASP G 241 -112.04 57.03 -22.20
C ASP G 241 -113.24 57.92 -22.62
N ILE G 242 -113.03 58.90 -23.51
CA ILE G 242 -114.11 59.80 -23.95
C ILE G 242 -115.29 59.00 -24.54
N LYS G 243 -115.02 57.91 -25.26
CA LYS G 243 -116.05 56.99 -25.75
C LYS G 243 -116.90 56.40 -24.62
N SER G 244 -116.31 55.89 -23.54
CA SER G 244 -117.10 55.35 -22.43
C SER G 244 -117.86 56.45 -21.69
N ARG G 245 -117.28 57.64 -21.49
CA ARG G 245 -117.97 58.82 -20.94
C ARG G 245 -119.17 59.26 -21.79
N VAL G 246 -119.10 59.12 -23.11
CA VAL G 246 -120.24 59.32 -24.02
C VAL G 246 -121.24 58.15 -23.91
N LYS G 247 -120.79 56.89 -24.00
CA LYS G 247 -121.63 55.69 -23.91
C LYS G 247 -122.47 55.66 -22.63
N GLN G 248 -121.94 56.13 -21.50
CA GLN G 248 -122.65 56.22 -20.21
C GLN G 248 -123.96 57.04 -20.27
N ARG G 249 -124.15 57.87 -21.30
CA ARG G 249 -125.35 58.69 -21.53
C ARG G 249 -126.46 57.93 -22.29
N PHE G 250 -126.17 56.72 -22.80
CA PHE G 250 -127.04 55.94 -23.70
C PHE G 250 -127.14 54.43 -23.40
N LYS G 251 -126.09 53.79 -22.84
CA LYS G 251 -126.06 52.37 -22.41
C LYS G 251 -125.52 52.25 -20.97
N ARG G 252 -126.10 51.36 -20.16
CA ARG G 252 -125.70 51.08 -18.76
C ARG G 252 -124.33 50.42 -18.61
N GLU G 253 -123.83 49.75 -19.64
CA GLU G 253 -122.66 48.86 -19.56
C GLU G 253 -121.47 49.44 -20.34
N SER G 254 -120.89 50.52 -19.82
CA SER G 254 -119.90 51.39 -20.49
C SER G 254 -118.51 50.77 -20.74
N ASP G 255 -118.38 49.46 -20.66
CA ASP G 255 -117.12 48.74 -20.48
C ASP G 255 -117.19 47.46 -21.33
N ASP G 256 -116.62 47.50 -22.53
CA ASP G 256 -117.04 46.65 -23.64
C ASP G 256 -117.13 45.16 -23.27
N PHE G 257 -118.35 44.65 -23.34
CA PHE G 257 -118.72 43.36 -22.77
C PHE G 257 -118.00 42.18 -23.46
N LEU G 258 -117.45 41.32 -22.61
CA LEU G 258 -116.59 40.18 -22.95
C LEU G 258 -117.31 38.84 -22.84
N GLY G 259 -118.50 38.80 -22.25
CA GLY G 259 -119.37 37.63 -22.18
C GLY G 259 -120.01 37.40 -20.82
N GLN G 260 -121.01 36.52 -20.72
CA GLN G 260 -121.71 36.23 -19.45
C GLN G 260 -121.97 34.75 -19.22
N THR G 261 -122.26 34.37 -17.98
CA THR G 261 -122.91 33.10 -17.62
C THR G 261 -124.07 33.38 -16.66
N ILE G 262 -125.11 32.56 -16.72
CA ILE G 262 -126.30 32.67 -15.88
C ILE G 262 -126.59 31.30 -15.27
N ILE G 263 -126.82 31.25 -13.95
CA ILE G 263 -126.78 30.01 -13.17
C ILE G 263 -128.02 29.94 -12.26
N GLU G 264 -128.79 28.84 -12.30
CA GLU G 264 -129.94 28.66 -11.41
C GLU G 264 -129.51 28.43 -9.97
N VAL G 265 -130.16 29.09 -9.01
CA VAL G 265 -129.81 28.92 -7.60
C VAL G 265 -129.98 27.48 -7.12
N ARG G 266 -130.93 26.69 -7.66
CA ARG G 266 -131.04 25.25 -7.31
C ARG G 266 -129.93 24.35 -7.85
N THR G 267 -129.12 24.80 -8.80
CA THR G 267 -127.88 24.06 -9.15
C THR G 267 -126.80 24.24 -8.08
N LEU G 268 -126.94 25.27 -7.24
CA LEU G 268 -126.00 25.55 -6.16
C LEU G 268 -126.30 24.72 -4.90
N SER G 269 -125.26 24.49 -4.13
CA SER G 269 -125.29 23.95 -2.77
C SER G 269 -123.98 24.33 -2.06
N GLY G 270 -123.96 24.29 -0.73
CA GLY G 270 -122.73 24.28 0.08
C GLY G 270 -121.62 25.22 -0.39
N GLU G 271 -120.62 24.66 -1.06
CA GLU G 271 -119.54 25.37 -1.75
C GLU G 271 -119.25 24.75 -3.12
N MET G 272 -118.92 25.60 -4.11
CA MET G 272 -118.65 25.21 -5.50
C MET G 272 -117.41 25.93 -6.04
N ASP G 273 -116.80 25.36 -7.09
CA ASP G 273 -115.68 25.94 -7.84
C ASP G 273 -115.67 25.39 -9.27
N VAL G 274 -116.25 26.14 -10.19
CA VAL G 274 -116.71 25.67 -11.51
C VAL G 274 -116.34 26.69 -12.58
N TRP G 275 -115.97 26.27 -13.80
CA TRP G 275 -115.88 27.21 -14.93
C TRP G 275 -116.90 26.98 -16.04
N TYR G 276 -117.44 28.10 -16.50
CA TYR G 276 -118.61 28.26 -17.35
C TYR G 276 -118.20 28.96 -18.65
N ASN G 277 -118.53 28.40 -19.82
CA ASN G 277 -118.34 29.13 -21.08
C ASN G 277 -119.22 30.39 -21.12
N LEU G 278 -118.73 31.43 -21.80
CA LEU G 278 -119.35 32.76 -21.86
C LEU G 278 -120.26 32.97 -23.08
N ASP G 279 -121.28 33.79 -22.87
CA ASP G 279 -122.41 34.06 -23.77
C ASP G 279 -122.59 35.57 -24.06
N LYS G 280 -123.26 35.93 -25.16
CA LYS G 280 -123.58 37.32 -25.57
C LYS G 280 -124.67 37.97 -24.67
N ARG G 281 -124.80 39.31 -24.75
CA ARG G 281 -125.89 40.09 -24.15
C ARG G 281 -126.26 41.32 -24.98
N THR G 282 -125.40 42.34 -24.92
CA THR G 282 -125.61 43.67 -25.50
C THR G 282 -125.45 43.68 -27.02
N ASP G 283 -125.88 44.77 -27.65
CA ASP G 283 -125.63 45.06 -29.08
C ASP G 283 -124.13 45.15 -29.43
N LYS G 284 -123.27 45.46 -28.44
CA LYS G 284 -121.80 45.56 -28.55
C LYS G 284 -121.06 44.21 -28.39
N SER G 285 -121.77 43.10 -28.16
CA SER G 285 -121.17 41.81 -27.79
C SER G 285 -120.37 41.15 -28.92
N ALA G 286 -119.10 40.85 -28.68
CA ALA G 286 -118.36 39.75 -29.32
C ALA G 286 -117.70 38.97 -28.17
N VAL G 287 -117.89 37.64 -28.15
CA VAL G 287 -117.70 36.82 -26.94
C VAL G 287 -116.95 35.53 -27.28
N SER G 288 -116.07 35.10 -26.38
CA SER G 288 -115.36 33.81 -26.45
C SER G 288 -114.88 33.39 -25.07
N GLY G 289 -114.52 32.12 -24.90
CA GLY G 289 -113.88 31.62 -23.68
C GLY G 289 -114.84 31.32 -22.53
N ALA G 290 -114.30 31.26 -21.31
CA ALA G 290 -114.98 30.82 -20.11
C ALA G 290 -114.55 31.57 -18.84
N ILE G 291 -115.42 31.58 -17.82
CA ILE G 291 -115.17 32.15 -16.49
C ILE G 291 -115.28 31.08 -15.38
N ARG G 292 -114.27 31.00 -14.52
CA ARG G 292 -114.27 30.21 -13.29
C ARG G 292 -114.83 31.01 -12.13
N LEU G 293 -115.84 30.46 -11.49
CA LEU G 293 -116.49 30.98 -10.31
C LEU G 293 -116.38 29.96 -9.18
N HIS G 294 -115.80 30.37 -8.07
CA HIS G 294 -116.12 29.76 -6.79
C HIS G 294 -117.42 30.40 -6.28
N ILE G 295 -118.32 29.59 -5.74
CA ILE G 295 -119.65 30.04 -5.29
C ILE G 295 -119.99 29.26 -4.02
N SER G 296 -119.97 29.92 -2.87
CA SER G 296 -120.51 29.35 -1.63
C SER G 296 -121.97 29.77 -1.43
N VAL G 297 -122.76 28.90 -0.79
CA VAL G 297 -124.18 29.06 -0.54
C VAL G 297 -124.52 28.55 0.86
N GLU G 298 -124.82 29.48 1.76
CA GLU G 298 -124.94 29.21 3.19
C GLU G 298 -126.34 28.73 3.62
N ILE G 299 -126.99 27.96 2.74
CA ILE G 299 -127.96 26.94 3.17
C ILE G 299 -127.24 25.82 3.94
N LYS G 300 -125.93 25.69 3.69
CA LYS G 300 -124.92 25.04 4.53
C LYS G 300 -125.11 25.37 6.02
N GLY G 301 -125.06 24.35 6.87
CA GLY G 301 -125.24 24.47 8.32
C GLY G 301 -124.08 23.83 9.09
N GLU G 302 -124.39 22.98 10.07
CA GLU G 302 -123.41 22.12 10.75
C GLU G 302 -122.92 21.00 9.82
N GLU G 303 -122.09 21.36 8.85
CA GLU G 303 -121.27 20.38 8.14
C GLU G 303 -120.05 19.96 8.98
N LYS G 304 -119.72 20.74 10.01
CA LYS G 304 -118.63 20.53 10.99
C LYS G 304 -118.77 19.29 11.88
N VAL G 305 -119.59 18.32 11.49
CA VAL G 305 -119.91 17.15 12.30
C VAL G 305 -118.64 16.45 12.69
N ALA G 306 -118.40 16.21 13.98
CA ALA G 306 -117.58 15.05 14.26
C ALA G 306 -118.45 13.87 13.75
N PRO G 307 -117.86 12.83 13.11
CA PRO G 307 -118.63 11.71 12.56
C PRO G 307 -119.54 11.23 13.67
N TYR G 308 -120.82 11.09 13.40
CA TYR G 308 -121.78 11.27 14.48
C TYR G 308 -121.69 10.26 15.62
N HIS G 309 -121.04 9.14 15.34
CA HIS G 309 -120.30 8.28 16.24
C HIS G 309 -119.64 9.03 17.40
N VAL G 310 -118.66 9.87 17.10
CA VAL G 310 -117.87 10.65 18.05
C VAL G 310 -118.74 11.64 18.81
N GLN G 311 -119.67 12.29 18.13
CA GLN G 311 -120.60 13.18 18.81
C GLN G 311 -121.48 12.44 19.81
N TYR G 312 -121.96 11.27 19.42
CA TYR G 312 -122.69 10.37 20.29
C TYR G 312 -121.84 9.89 21.46
N THR G 313 -120.57 9.59 21.22
CA THR G 313 -119.65 9.17 22.28
C THR G 313 -119.47 10.26 23.31
N CYS G 314 -119.20 11.49 22.87
CA CYS G 314 -119.10 12.66 23.74
C CYS G 314 -120.36 12.82 24.58
N LEU G 315 -121.52 12.78 23.92
CA LEU G 315 -122.80 12.80 24.58
C LEU G 315 -122.87 11.71 25.66
N HIS G 316 -122.59 10.47 25.26
CA HIS G 316 -122.69 9.29 26.11
C HIS G 316 -121.74 9.33 27.30
N GLU G 317 -120.50 9.76 27.13
CA GLU G 317 -119.53 9.84 28.21
C GLU G 317 -119.92 10.90 29.23
N ASN G 318 -120.31 12.06 28.73
CA ASN G 318 -120.82 13.13 29.57
C ASN G 318 -122.05 12.66 30.31
N LEU G 319 -122.98 12.03 29.63
CA LEU G 319 -124.17 11.54 30.27
C LEU G 319 -123.80 10.47 31.32
N PHE G 320 -122.93 9.53 31.00
CA PHE G 320 -122.52 8.47 31.90
C PHE G 320 -121.87 8.99 33.16
N HIS G 321 -120.88 9.87 33.04
CA HIS G 321 -120.29 10.47 34.23
C HIS G 321 -121.40 11.22 35.00
N PHE G 322 -122.28 11.92 34.30
CA PHE G 322 -123.28 12.72 34.97
C PHE G 322 -124.21 11.83 35.78
N VAL G 323 -124.68 10.75 35.20
CA VAL G 323 -125.55 9.79 35.87
C VAL G 323 -124.78 9.14 37.02
N THR G 324 -123.72 8.42 36.71
CA THR G 324 -123.03 7.63 37.73
C THR G 324 -122.45 8.52 38.80
N ASP G 325 -121.66 9.50 38.40
CA ASP G 325 -120.96 10.36 39.31
C ASP G 325 -121.87 11.47 39.82
N VAL G 326 -122.46 12.29 38.96
CA VAL G 326 -123.13 13.49 39.46
C VAL G 326 -124.43 13.15 40.16
N GLN G 327 -125.31 12.38 39.54
CA GLN G 327 -126.59 12.01 40.12
C GLN G 327 -126.39 10.95 41.20
N ASN G 328 -125.56 9.94 40.92
CA ASN G 328 -125.45 8.75 41.74
C ASN G 328 -124.16 8.66 42.55
N ASN G 329 -123.40 9.74 42.62
CA ASN G 329 -122.27 9.88 43.53
C ASN G 329 -121.23 8.77 43.33
N GLY G 330 -121.04 8.39 42.07
CA GLY G 330 -120.15 7.34 41.58
C GLY G 330 -120.79 5.96 41.55
N VAL G 331 -121.91 5.76 42.24
CA VAL G 331 -122.66 4.50 42.16
C VAL G 331 -123.18 4.38 40.74
N VAL G 332 -122.98 3.21 40.15
CA VAL G 332 -123.62 2.91 38.88
C VAL G 332 -125.07 2.51 39.14
N LYS G 333 -126.02 3.42 38.92
CA LYS G 333 -127.43 3.04 38.71
C LYS G 333 -127.53 2.20 37.44
N ILE G 334 -127.90 0.93 37.56
CA ILE G 334 -128.15 0.06 36.40
C ILE G 334 -129.46 0.55 35.73
N PRO G 335 -129.52 0.76 34.40
CA PRO G 335 -130.53 1.58 33.70
C PRO G 335 -132.00 1.25 33.96
N ASP G 336 -132.91 2.13 33.49
CA ASP G 336 -134.28 1.70 33.19
C ASP G 336 -134.29 0.88 31.89
N ALA G 337 -133.60 -0.25 31.95
CA ALA G 337 -133.27 -1.16 30.87
C ALA G 337 -134.31 -2.26 30.65
N LYS G 338 -134.36 -2.82 29.42
CA LYS G 338 -135.35 -3.84 29.03
C LYS G 338 -134.68 -5.02 28.32
N GLY G 339 -134.99 -6.24 28.75
CA GLY G 339 -134.41 -7.50 28.25
C GLY G 339 -132.89 -7.64 28.46
N ASP G 340 -132.29 -8.64 27.82
CA ASP G 340 -130.84 -8.75 27.63
C ASP G 340 -130.30 -7.48 26.90
N ASP G 341 -131.14 -6.94 26.04
CA ASP G 341 -131.13 -5.61 25.43
C ASP G 341 -131.09 -4.43 26.43
N ALA G 342 -130.94 -4.70 27.73
CA ALA G 342 -130.29 -3.80 28.67
C ALA G 342 -128.95 -3.32 28.10
N TRP G 343 -128.27 -4.18 27.35
CA TRP G 343 -127.08 -3.86 26.59
C TRP G 343 -127.26 -2.73 25.56
N LYS G 344 -128.51 -2.39 25.19
CA LYS G 344 -128.93 -1.28 24.32
C LYS G 344 -129.69 -0.18 25.05
N VAL G 345 -130.09 -0.41 26.29
CA VAL G 345 -130.71 0.62 27.11
C VAL G 345 -129.76 0.98 28.19
N TYR G 346 -129.01 2.01 27.90
CA TYR G 346 -127.93 2.47 28.73
C TYR G 346 -128.44 3.29 29.90
N TYR G 347 -129.64 3.86 29.79
CA TYR G 347 -130.16 4.80 30.77
C TYR G 347 -131.66 4.71 30.98
N ASP G 348 -132.11 5.46 31.97
CA ASP G 348 -133.47 5.94 32.17
C ASP G 348 -134.03 6.60 30.92
N GLU G 349 -135.36 6.62 30.78
CA GLU G 349 -136.08 7.17 29.62
C GLU G 349 -135.47 8.44 29.06
N THR G 350 -135.25 9.44 29.92
CA THR G 350 -134.92 10.78 29.45
C THR G 350 -133.57 10.75 28.75
N ALA G 351 -132.61 10.15 29.43
CA ALA G 351 -131.26 9.95 28.96
C ALA G 351 -131.19 8.96 27.78
N GLN G 352 -132.02 7.92 27.83
CA GLN G 352 -132.10 6.94 26.78
C GLN G 352 -132.64 7.56 25.49
N GLU G 353 -133.71 8.33 25.61
CA GLU G 353 -134.27 9.12 24.52
C GLU G 353 -133.29 10.18 24.02
N ILE G 354 -132.53 10.82 24.90
CA ILE G 354 -131.43 11.72 24.49
C ILE G 354 -130.49 10.98 23.54
N VAL G 355 -129.88 9.88 24.00
CA VAL G 355 -128.87 9.21 23.18
C VAL G 355 -129.49 8.54 21.96
N ASP G 356 -130.72 8.06 22.07
CA ASP G 356 -131.41 7.46 20.95
C ASP G 356 -131.87 8.49 19.92
N GLU G 357 -132.48 9.62 20.27
CA GLU G 357 -132.80 10.69 19.31
C GLU G 357 -131.56 11.19 18.58
N PHE G 358 -130.42 11.21 19.28
CA PHE G 358 -129.13 11.48 18.68
C PHE G 358 -128.72 10.35 17.72
N ALA G 359 -128.69 9.10 18.18
CA ALA G 359 -128.39 7.94 17.35
C ALA G 359 -129.43 7.67 16.25
N MET G 360 -130.59 8.29 16.29
CA MET G 360 -131.63 8.24 15.27
C MET G 360 -131.44 9.36 14.27
N ARG G 361 -131.52 10.62 14.72
CA ARG G 361 -131.29 11.80 13.89
C ARG G 361 -129.93 11.71 13.20
N TYR G 362 -128.97 11.07 13.85
CA TYR G 362 -127.61 10.90 13.38
C TYR G 362 -127.15 9.43 13.27
N GLY G 363 -128.09 8.50 13.16
CA GLY G 363 -127.88 7.13 12.65
C GLY G 363 -127.01 6.16 13.46
N VAL G 364 -126.30 6.60 14.49
CA VAL G 364 -125.24 5.85 15.20
C VAL G 364 -125.68 4.43 15.58
N GLU G 365 -124.94 3.43 15.12
CA GLU G 365 -125.32 2.03 15.22
C GLU G 365 -125.32 1.50 16.66
N SER G 366 -126.26 0.64 16.98
CA SER G 366 -126.49 0.07 18.31
C SER G 366 -125.23 -0.52 18.98
N ILE G 367 -124.39 -1.22 18.21
CA ILE G 367 -123.14 -1.78 18.73
C ILE G 367 -122.12 -0.69 19.12
N TYR G 368 -122.05 0.41 18.38
CA TYR G 368 -121.17 1.52 18.71
C TYR G 368 -121.61 2.19 20.01
N GLN G 369 -122.93 2.33 20.18
CA GLN G 369 -123.54 2.80 21.42
C GLN G 369 -123.18 1.90 22.62
N ALA G 370 -123.26 0.58 22.42
CA ALA G 370 -122.91 -0.44 23.42
C ALA G 370 -121.43 -0.47 23.84
N MET G 371 -120.51 -0.47 22.89
CA MET G 371 -119.06 -0.48 23.20
C MET G 371 -118.66 0.77 23.98
N THR G 372 -119.25 1.91 23.64
CA THR G 372 -119.12 3.17 24.37
C THR G 372 -119.56 3.03 25.82
N HIS G 373 -120.73 2.42 26.05
CA HIS G 373 -121.23 2.12 27.38
C HIS G 373 -120.36 1.12 28.14
N PHE G 374 -119.83 0.09 27.50
CA PHE G 374 -118.95 -0.88 28.15
C PHE G 374 -117.62 -0.21 28.57
N ALA G 375 -117.09 0.69 27.74
CA ALA G 375 -115.95 1.53 28.09
C ALA G 375 -116.24 2.36 29.34
N CYS G 376 -117.38 3.06 29.36
CA CYS G 376 -117.87 3.74 30.54
C CYS G 376 -117.92 2.79 31.77
N LEU G 377 -118.67 1.68 31.72
CA LEU G 377 -118.84 0.75 32.85
C LEU G 377 -117.52 0.24 33.40
N SER G 378 -116.53 -0.02 32.54
CA SER G 378 -115.26 -0.57 32.97
C SER G 378 -114.53 0.31 34.00
N SER G 379 -114.77 1.63 33.97
CA SER G 379 -114.24 2.56 34.96
C SER G 379 -114.87 2.41 36.36
N LYS G 380 -115.89 1.56 36.49
CA LYS G 380 -116.71 1.36 37.69
C LYS G 380 -116.94 -0.14 38.01
N TYR G 381 -116.20 -1.07 37.39
CA TYR G 381 -116.61 -2.49 37.31
C TYR G 381 -116.87 -3.17 38.67
N MET G 382 -116.24 -2.66 39.73
CA MET G 382 -116.30 -3.13 41.12
C MET G 382 -117.66 -2.88 41.81
N CYS G 383 -118.48 -1.96 41.29
CA CYS G 383 -119.80 -1.66 41.85
C CYS G 383 -120.74 -2.90 41.82
N PRO G 384 -121.63 -3.09 42.81
CA PRO G 384 -122.43 -4.31 42.90
C PRO G 384 -123.30 -4.57 41.68
N GLY G 385 -123.43 -5.82 41.25
CA GLY G 385 -124.19 -6.19 40.05
C GLY G 385 -123.53 -5.83 38.72
N VAL G 386 -122.64 -4.83 38.66
CA VAL G 386 -121.97 -4.42 37.41
C VAL G 386 -121.28 -5.59 36.70
N PRO G 387 -120.67 -6.60 37.36
CA PRO G 387 -120.10 -7.74 36.64
C PRO G 387 -121.12 -8.61 35.91
N ALA G 388 -122.33 -8.71 36.44
CA ALA G 388 -123.43 -9.34 35.73
C ALA G 388 -123.79 -8.51 34.49
N VAL G 389 -123.93 -7.19 34.64
CA VAL G 389 -124.25 -6.28 33.53
C VAL G 389 -123.15 -6.29 32.48
N MET G 390 -121.89 -6.25 32.87
CA MET G 390 -120.78 -6.30 31.94
C MET G 390 -120.68 -7.71 31.33
N SER G 391 -120.96 -8.79 32.07
CA SER G 391 -121.03 -10.13 31.47
C SER G 391 -122.09 -10.17 30.39
N THR G 392 -123.24 -9.54 30.66
CA THR G 392 -124.37 -9.41 29.75
C THR G 392 -123.97 -8.58 28.53
N LEU G 393 -123.51 -7.36 28.77
CA LEU G 393 -123.12 -6.42 27.74
C LEU G 393 -122.03 -7.00 26.85
N LEU G 394 -121.08 -7.72 27.42
CA LEU G 394 -120.05 -8.39 26.67
C LEU G 394 -120.54 -9.65 25.97
N ALA G 395 -121.41 -10.44 26.58
CA ALA G 395 -122.04 -11.54 25.86
C ALA G 395 -122.76 -11.03 24.62
N ASN G 396 -123.37 -9.86 24.70
CA ASN G 396 -124.01 -9.22 23.57
C ASN G 396 -123.04 -8.59 22.58
N ILE G 397 -122.05 -7.82 23.00
CA ILE G 397 -121.02 -7.27 22.09
C ILE G 397 -120.28 -8.42 21.40
N ASN G 398 -120.02 -9.50 22.12
CA ASN G 398 -119.54 -10.74 21.55
C ASN G 398 -120.52 -11.27 20.52
N ALA G 399 -121.76 -11.55 20.93
CA ALA G 399 -122.76 -12.12 20.05
C ALA G 399 -122.99 -11.25 18.81
N TYR G 400 -122.82 -9.94 18.97
CA TYR G 400 -122.87 -8.99 17.89
C TYR G 400 -121.76 -9.26 16.88
N TYR G 401 -120.50 -9.09 17.26
CA TYR G 401 -119.41 -9.23 16.30
C TYR G 401 -119.17 -10.68 15.88
N ALA G 402 -119.46 -11.64 16.74
CA ALA G 402 -119.34 -13.07 16.46
C ALA G 402 -120.47 -13.60 15.58
N HIS G 403 -121.70 -13.10 15.72
CA HIS G 403 -122.88 -13.71 15.09
C HIS G 403 -123.79 -12.72 14.34
N THR G 404 -124.09 -11.54 14.89
CA THR G 404 -124.91 -10.57 14.14
C THR G 404 -124.14 -10.10 12.91
N THR G 405 -124.76 -10.20 11.74
CA THR G 405 -124.10 -9.97 10.44
C THR G 405 -122.87 -10.85 10.18
N ALA G 406 -122.72 -11.99 10.89
CA ALA G 406 -121.82 -13.07 10.48
C ALA G 406 -122.27 -13.76 9.17
N SER G 407 -123.46 -13.41 8.68
CA SER G 407 -123.87 -13.55 7.27
C SER G 407 -122.89 -12.90 6.30
N THR G 408 -122.25 -11.79 6.68
CA THR G 408 -121.06 -11.28 5.98
C THR G 408 -119.90 -12.25 6.22
N ASN G 409 -119.26 -12.67 5.13
CA ASN G 409 -118.19 -13.67 5.16
C ASN G 409 -116.91 -13.17 5.86
N VAL G 410 -116.83 -11.86 6.12
CA VAL G 410 -115.81 -11.20 6.93
C VAL G 410 -115.71 -11.85 8.32
N SER G 411 -114.50 -12.03 8.84
CA SER G 411 -114.31 -12.68 10.14
C SER G 411 -114.90 -11.85 11.29
N ALA G 412 -115.10 -12.48 12.44
CA ALA G 412 -115.56 -11.75 13.60
C ALA G 412 -114.53 -10.70 14.03
N SER G 413 -113.25 -11.03 13.97
CA SER G 413 -112.17 -10.13 14.34
C SER G 413 -112.05 -8.97 13.38
N ASP G 414 -112.44 -9.16 12.13
CA ASP G 414 -112.39 -8.15 11.07
C ASP G 414 -113.66 -7.29 10.99
N ARG G 415 -114.82 -7.87 11.22
CA ARG G 415 -116.07 -7.11 11.40
C ARG G 415 -115.93 -6.22 12.64
N PHE G 416 -115.33 -6.78 13.67
CA PHE G 416 -114.87 -6.06 14.84
C PHE G 416 -113.81 -5.01 14.52
N ALA G 417 -112.86 -5.28 13.62
CA ALA G 417 -111.95 -4.24 13.13
C ALA G 417 -112.69 -3.09 12.44
N ALA G 418 -113.65 -3.41 11.57
CA ALA G 418 -114.52 -2.42 10.92
C ALA G 418 -115.46 -1.70 11.90
N SER G 419 -115.43 -2.05 13.19
CA SER G 419 -116.08 -1.27 14.20
C SER G 419 -115.62 0.19 14.13
N ASN G 420 -116.57 1.09 13.91
CA ASN G 420 -116.32 2.52 13.96
C ASN G 420 -115.84 2.95 15.35
N PHE G 421 -116.09 2.17 16.41
CA PHE G 421 -115.55 2.42 17.75
C PHE G 421 -114.03 2.29 17.77
N GLY G 422 -113.45 1.42 16.93
CA GLY G 422 -112.05 1.07 16.99
C GLY G 422 -111.86 -0.23 17.78
N LYS G 423 -111.63 -1.32 17.06
CA LYS G 423 -111.30 -2.62 17.66
C LYS G 423 -110.30 -2.54 18.78
N GLU G 424 -109.16 -1.96 18.49
CA GLU G 424 -108.00 -1.82 19.37
C GLU G 424 -108.38 -1.21 20.72
N ARG G 425 -109.01 -0.04 20.69
CA ARG G 425 -109.58 0.65 21.84
C ARG G 425 -110.41 -0.30 22.69
N PHE G 426 -111.19 -1.17 22.06
CA PHE G 426 -112.00 -2.16 22.75
C PHE G 426 -111.18 -3.34 23.31
N VAL G 427 -110.22 -3.85 22.54
CA VAL G 427 -109.32 -4.93 22.98
C VAL G 427 -108.53 -4.51 24.22
N LYS G 428 -107.93 -3.32 24.19
CA LYS G 428 -107.21 -2.74 25.33
C LYS G 428 -108.08 -2.75 26.58
N LEU G 429 -109.27 -2.19 26.42
CA LEU G 429 -110.30 -2.05 27.44
C LEU G 429 -110.67 -3.40 28.08
N LEU G 430 -110.88 -4.44 27.26
CA LEU G 430 -111.11 -5.80 27.75
C LEU G 430 -109.92 -6.34 28.52
N ASP G 431 -108.70 -6.15 28.02
CA ASP G 431 -107.50 -6.70 28.64
C ASP G 431 -107.23 -6.06 30.00
N GLN G 432 -107.38 -4.73 30.09
CA GLN G 432 -107.29 -3.99 31.35
C GLN G 432 -108.31 -4.53 32.35
N LEU G 433 -109.56 -4.66 31.92
CA LEU G 433 -110.63 -5.15 32.74
C LEU G 433 -110.32 -6.57 33.21
N HIS G 434 -110.03 -7.48 32.28
CA HIS G 434 -109.67 -8.87 32.55
C HIS G 434 -108.58 -8.97 33.59
N ASN G 435 -107.51 -8.20 33.39
CA ASN G 435 -106.42 -8.13 34.35
C ASN G 435 -106.93 -7.70 35.72
N SER G 436 -107.73 -6.64 35.77
CA SER G 436 -108.34 -6.17 37.00
C SER G 436 -109.21 -7.24 37.67
N LEU G 437 -109.89 -8.08 36.88
CA LEU G 437 -110.61 -9.24 37.41
C LEU G 437 -109.63 -10.28 37.99
N ARG G 438 -108.66 -10.74 37.18
CA ARG G 438 -107.60 -11.68 37.59
C ARG G 438 -106.98 -11.25 38.92
N ILE G 439 -106.69 -9.98 39.03
CA ILE G 439 -106.16 -9.35 40.23
C ILE G 439 -107.09 -9.60 41.40
N ASP G 440 -108.34 -9.17 41.27
CA ASP G 440 -109.29 -9.28 42.36
C ASP G 440 -109.48 -10.75 42.78
N LEU G 441 -109.52 -11.65 41.81
CA LEU G 441 -109.62 -13.09 42.01
C LEU G 441 -108.39 -13.66 42.71
N SER G 442 -107.20 -13.12 42.44
CA SER G 442 -105.98 -13.60 43.07
C SER G 442 -106.00 -13.40 44.57
N MET G 443 -106.85 -12.48 45.06
CA MET G 443 -107.25 -12.40 46.45
C MET G 443 -108.76 -12.50 46.60
N TYR G 444 -109.34 -13.54 46.01
CA TYR G 444 -110.77 -13.74 46.04
C TYR G 444 -111.32 -13.64 47.45
N ARG G 445 -110.63 -14.25 48.43
CA ARG G 445 -111.15 -14.36 49.80
C ARG G 445 -111.31 -12.97 50.41
N ASN G 446 -110.28 -12.15 50.25
CA ASN G 446 -110.24 -10.82 50.82
C ASN G 446 -111.16 -9.87 50.05
N ASN G 447 -111.21 -9.99 48.72
CA ASN G 447 -112.01 -9.12 47.87
C ASN G 447 -113.50 -9.46 47.85
N PHE G 448 -113.85 -10.73 48.08
CA PHE G 448 -115.22 -11.26 47.99
C PHE G 448 -115.48 -12.22 49.15
N PRO G 449 -115.50 -11.70 50.38
CA PRO G 449 -115.56 -12.52 51.57
C PRO G 449 -116.83 -13.35 51.59
N ALA G 450 -116.73 -14.59 52.08
CA ALA G 450 -117.83 -15.54 52.13
C ALA G 450 -119.02 -14.98 52.92
N SER G 451 -118.72 -14.20 53.95
CA SER G 451 -119.66 -13.44 54.77
C SER G 451 -120.48 -12.41 53.98
N SER G 452 -120.09 -12.05 52.76
CA SER G 452 -120.94 -11.32 51.83
C SER G 452 -121.37 -12.23 50.68
N PRO G 453 -122.56 -12.84 50.77
CA PRO G 453 -123.21 -13.51 49.64
C PRO G 453 -123.31 -12.62 48.41
N GLU G 454 -123.50 -11.32 48.62
CA GLU G 454 -123.55 -10.34 47.54
C GLU G 454 -122.23 -10.26 46.82
N ARG G 455 -121.12 -10.16 47.55
CA ARG G 455 -119.82 -10.24 46.92
C ARG G 455 -119.50 -11.66 46.44
N LEU G 456 -120.02 -12.73 47.03
CA LEU G 456 -119.98 -14.05 46.41
C LEU G 456 -120.77 -14.06 45.08
N GLN G 457 -121.86 -13.32 44.96
CA GLN G 457 -122.57 -13.29 43.70
C GLN G 457 -121.86 -12.40 42.69
N ASP G 458 -121.41 -11.23 43.08
CA ASP G 458 -120.56 -10.42 42.23
C ASP G 458 -119.35 -11.24 41.79
N LEU G 459 -118.74 -12.02 42.69
CA LEU G 459 -117.68 -12.99 42.39
C LEU G 459 -118.16 -13.99 41.32
N LYS G 460 -119.32 -14.62 41.51
CA LYS G 460 -119.87 -15.54 40.54
C LYS G 460 -120.08 -14.86 39.17
N SER G 461 -120.77 -13.73 39.14
CA SER G 461 -120.94 -12.87 37.96
C SER G 461 -119.64 -12.36 37.37
N THR G 462 -118.59 -12.22 38.17
CA THR G 462 -117.25 -11.86 37.72
C THR G 462 -116.67 -13.02 36.93
N VAL G 463 -116.79 -14.25 37.42
CA VAL G 463 -116.28 -15.40 36.69
C VAL G 463 -117.14 -15.66 35.45
N ASP G 464 -118.43 -15.38 35.53
CA ASP G 464 -119.29 -15.33 34.35
C ASP G 464 -118.84 -14.24 33.35
N LEU G 465 -118.46 -13.06 33.83
CA LEU G 465 -117.83 -12.06 32.99
C LEU G 465 -116.49 -12.56 32.42
N LEU G 466 -115.65 -13.22 33.20
CA LEU G 466 -114.34 -13.69 32.77
C LEU G 466 -114.48 -14.80 31.71
N THR G 467 -115.45 -15.70 31.87
CA THR G 467 -115.84 -16.62 30.80
C THR G 467 -116.31 -15.81 29.58
N SER G 468 -117.15 -14.79 29.75
CA SER G 468 -117.59 -13.91 28.67
C SER G 468 -116.43 -13.20 27.94
N ILE G 469 -115.38 -12.76 28.64
CA ILE G 469 -114.16 -12.19 28.04
C ILE G 469 -113.34 -13.27 27.31
N THR G 470 -113.15 -14.44 27.93
CA THR G 470 -112.41 -15.55 27.32
C THR G 470 -113.06 -15.97 26.01
N PHE G 471 -114.40 -16.05 26.04
CA PHE G 471 -115.27 -16.25 24.89
C PHE G 471 -115.15 -15.12 23.87
N PHE G 472 -115.13 -13.84 24.24
CA PHE G 472 -114.81 -12.76 23.30
C PHE G 472 -113.44 -12.91 22.63
N ARG G 473 -112.40 -13.25 23.38
CA ARG G 473 -111.07 -13.46 22.83
C ARG G 473 -111.07 -14.62 21.84
N MET G 474 -111.73 -15.71 22.22
CA MET G 474 -111.87 -16.90 21.39
C MET G 474 -112.72 -16.66 20.14
N LYS G 475 -113.82 -15.91 20.26
CA LYS G 475 -114.86 -15.81 19.22
C LYS G 475 -114.77 -14.54 18.39
N VAL G 476 -114.55 -13.40 19.02
CA VAL G 476 -114.46 -12.12 18.31
C VAL G 476 -113.04 -11.80 17.94
N GLN G 477 -112.08 -11.84 18.86
CA GLN G 477 -110.68 -11.69 18.46
C GLN G 477 -110.17 -12.93 17.72
N GLU G 478 -110.90 -14.04 17.80
CA GLU G 478 -110.61 -15.30 17.10
C GLU G 478 -109.29 -15.94 17.54
N LEU G 479 -108.84 -15.62 18.74
CA LEU G 479 -107.66 -16.19 19.35
C LEU G 479 -107.84 -17.69 19.57
N GLN G 480 -106.77 -18.46 19.37
CA GLN G 480 -106.81 -19.92 19.17
C GLN G 480 -106.58 -20.67 20.48
N SER G 481 -105.66 -20.14 21.28
CA SER G 481 -105.37 -20.59 22.65
C SER G 481 -105.31 -19.39 23.58
N PRO G 482 -106.42 -18.63 23.76
CA PRO G 482 -106.52 -17.67 24.84
C PRO G 482 -106.34 -18.37 26.20
N PRO G 483 -106.01 -17.63 27.27
CA PRO G 483 -105.88 -18.18 28.62
C PRO G 483 -107.19 -18.86 29.07
N ARG G 484 -107.14 -20.15 29.41
CA ARG G 484 -108.34 -20.91 29.76
C ARG G 484 -108.90 -20.43 31.09
N ALA G 485 -110.18 -20.07 31.11
CA ALA G 485 -110.84 -19.44 32.27
C ALA G 485 -110.65 -20.25 33.57
N SER G 486 -110.76 -21.58 33.53
CA SER G 486 -110.48 -22.41 34.72
C SER G 486 -109.04 -22.32 35.21
N GLN G 487 -108.02 -22.35 34.35
CA GLN G 487 -106.63 -22.26 34.78
C GLN G 487 -106.28 -20.86 35.30
N VAL G 488 -106.74 -19.82 34.62
CA VAL G 488 -106.64 -18.42 35.03
C VAL G 488 -107.12 -18.25 36.47
N VAL G 489 -108.28 -18.82 36.77
CA VAL G 489 -108.89 -18.77 38.10
C VAL G 489 -108.12 -19.67 39.08
N LYS G 490 -107.72 -20.88 38.68
CA LYS G 490 -106.96 -21.81 39.53
C LYS G 490 -105.65 -21.20 40.03
N ASP G 491 -104.95 -20.48 39.16
CA ASP G 491 -103.80 -19.66 39.57
C ASP G 491 -104.20 -18.65 40.64
N CYS G 492 -105.27 -17.90 40.43
CA CYS G 492 -105.77 -16.92 41.38
C CYS G 492 -106.14 -17.55 42.73
N VAL G 493 -106.67 -18.76 42.70
CA VAL G 493 -107.06 -19.49 43.90
C VAL G 493 -105.84 -19.98 44.64
N LYS G 494 -104.93 -20.63 43.92
CA LYS G 494 -103.63 -21.01 44.45
C LYS G 494 -102.95 -19.80 45.05
N ALA G 495 -102.99 -18.67 44.36
CA ALA G 495 -102.45 -17.41 44.85
C ALA G 495 -103.12 -17.06 46.18
N CYS G 496 -104.44 -16.93 46.19
CA CYS G 496 -105.17 -16.56 47.37
C CYS G 496 -104.94 -17.53 48.54
N LEU G 497 -104.85 -18.84 48.27
CA LEU G 497 -104.52 -19.89 49.24
C LEU G 497 -103.11 -19.76 49.79
N ASN G 498 -102.12 -19.50 48.95
CA ASN G 498 -100.75 -19.33 49.41
C ASN G 498 -100.60 -18.06 50.24
N SER G 499 -101.23 -16.96 49.85
CA SER G 499 -101.29 -15.74 50.66
C SER G 499 -101.95 -16.01 52.00
N THR G 500 -103.02 -16.80 51.97
CA THR G 500 -103.62 -17.30 53.20
C THR G 500 -102.59 -18.08 54.02
N TYR G 501 -101.87 -19.04 53.42
CA TYR G 501 -100.95 -19.90 54.18
C TYR G 501 -99.81 -19.12 54.81
N GLU G 502 -99.13 -18.31 54.00
CA GLU G 502 -98.07 -17.41 54.46
C GLU G 502 -98.59 -16.63 55.66
N TYR G 503 -99.75 -16.00 55.47
CA TYR G 503 -100.30 -15.16 56.48
C TYR G 503 -100.62 -15.98 57.74
N ILE G 504 -101.21 -17.18 57.63
CA ILE G 504 -101.47 -17.98 58.81
C ILE G 504 -100.21 -18.52 59.48
N PHE G 505 -99.20 -18.91 58.72
CA PHE G 505 -97.99 -19.48 59.30
C PHE G 505 -97.15 -18.44 60.02
N ASN G 506 -97.25 -17.18 59.56
CA ASN G 506 -96.58 -16.04 60.16
C ASN G 506 -97.38 -15.41 61.30
N ASN G 507 -98.71 -15.52 61.26
CA ASN G 507 -99.63 -14.84 62.18
C ASN G 507 -100.54 -15.82 62.93
N CYS G 508 -100.10 -17.07 63.15
CA CYS G 508 -100.92 -18.13 63.71
C CYS G 508 -101.59 -17.70 64.98
N HIS G 509 -100.86 -16.95 65.81
CA HIS G 509 -101.41 -16.58 67.09
C HIS G 509 -102.47 -15.51 67.03
N GLU G 510 -102.26 -14.49 66.23
CA GLU G 510 -103.20 -13.42 66.01
C GLU G 510 -104.50 -13.98 65.41
N LEU G 511 -104.35 -14.91 64.47
CA LEU G 511 -105.47 -15.53 63.80
C LEU G 511 -106.18 -16.53 64.69
N TYR G 512 -105.48 -17.54 65.20
CA TYR G 512 -106.07 -18.52 66.10
C TYR G 512 -106.60 -17.88 67.36
N GLY G 513 -105.81 -16.95 67.89
CA GLY G 513 -106.20 -15.94 68.85
C GLY G 513 -107.63 -15.48 68.60
N ARG G 514 -107.79 -14.54 67.69
CA ARG G 514 -109.08 -13.93 67.42
C ARG G 514 -110.17 -14.91 66.98
N GLU G 515 -109.83 -15.92 66.19
CA GLU G 515 -110.81 -16.82 65.58
C GLU G 515 -111.32 -17.92 66.54
N TYR G 516 -110.54 -18.38 67.53
CA TYR G 516 -110.98 -19.48 68.43
C TYR G 516 -110.44 -19.50 69.86
N GLN G 517 -109.35 -18.80 70.16
CA GLN G 517 -108.45 -19.17 71.25
C GLN G 517 -109.13 -19.36 72.61
N THR G 518 -108.86 -20.51 73.23
CA THR G 518 -109.44 -20.98 74.51
C THR G 518 -109.05 -20.16 75.75
N ASP G 519 -108.47 -18.97 75.58
CA ASP G 519 -108.17 -17.99 76.62
C ASP G 519 -108.14 -16.58 75.96
N PRO G 520 -109.01 -15.63 76.35
CA PRO G 520 -109.10 -14.31 75.72
C PRO G 520 -107.81 -13.49 75.83
N ALA G 521 -106.99 -13.71 76.87
CA ALA G 521 -105.69 -13.03 77.02
C ALA G 521 -104.67 -13.45 75.95
N LYS G 522 -104.96 -14.53 75.22
CA LYS G 522 -104.11 -15.09 74.17
C LYS G 522 -104.62 -14.81 72.75
N LYS G 523 -105.58 -13.89 72.57
CA LYS G 523 -106.07 -13.47 71.23
C LYS G 523 -105.17 -12.48 70.48
N GLY G 524 -104.36 -11.72 71.21
CA GLY G 524 -103.54 -10.63 70.67
C GLY G 524 -102.24 -11.06 69.99
N GLU G 525 -101.35 -10.09 69.74
CA GLU G 525 -100.02 -10.30 69.17
C GLU G 525 -99.04 -10.95 70.16
N VAL G 526 -99.31 -12.21 70.48
CA VAL G 526 -98.37 -13.14 71.10
C VAL G 526 -97.03 -13.16 70.34
N PRO G 527 -95.87 -13.39 71.00
CA PRO G 527 -94.57 -13.23 70.36
C PRO G 527 -94.45 -13.97 69.02
N PRO G 528 -93.72 -13.43 68.03
CA PRO G 528 -93.53 -14.08 66.73
C PRO G 528 -93.09 -15.55 66.82
N GLU G 529 -92.29 -15.90 67.82
CA GLU G 529 -91.88 -17.29 68.14
C GLU G 529 -93.04 -18.19 68.65
N GLU G 530 -94.27 -17.69 68.57
CA GLU G 530 -95.51 -18.31 69.00
C GLU G 530 -96.67 -17.99 68.00
N GLN G 531 -96.39 -17.15 66.99
CA GLN G 531 -97.21 -16.87 65.80
C GLN G 531 -96.68 -17.58 64.56
N GLY G 532 -95.40 -17.89 64.63
CA GLY G 532 -94.71 -18.97 64.01
C GLY G 532 -94.33 -19.96 65.12
N PRO G 533 -93.44 -20.90 64.84
CA PRO G 533 -93.20 -22.04 65.74
C PRO G 533 -92.55 -21.71 67.09
N SER G 534 -93.02 -22.38 68.15
CA SER G 534 -92.38 -22.41 69.48
C SER G 534 -91.51 -23.63 69.68
N ILE G 535 -90.40 -23.47 70.40
CA ILE G 535 -89.67 -24.62 70.95
C ILE G 535 -90.19 -25.05 72.33
N LYS G 536 -90.93 -24.19 73.04
CA LYS G 536 -91.39 -24.43 74.42
C LYS G 536 -92.64 -25.30 74.48
N ASN G 537 -93.50 -25.21 73.48
CA ASN G 537 -94.85 -25.80 73.48
C ASN G 537 -95.28 -26.26 72.08
N LEU G 538 -96.31 -27.11 72.05
CA LEU G 538 -96.92 -27.63 70.82
C LEU G 538 -98.21 -26.89 70.42
N ASP G 539 -98.51 -25.80 71.11
CA ASP G 539 -99.82 -25.20 71.06
C ASP G 539 -100.00 -24.43 69.77
N PHE G 540 -98.98 -23.69 69.33
CA PHE G 540 -98.93 -23.11 67.98
C PHE G 540 -99.38 -24.13 66.93
N TRP G 541 -98.97 -25.39 67.04
CA TRP G 541 -99.31 -26.42 66.08
C TRP G 541 -100.75 -26.92 66.23
N SER G 542 -101.24 -27.12 67.45
CA SER G 542 -102.67 -27.41 67.64
C SER G 542 -103.54 -26.28 67.08
N LYS G 543 -103.03 -25.06 67.14
CA LYS G 543 -103.70 -23.85 66.70
C LYS G 543 -103.69 -23.72 65.19
N LEU G 544 -102.52 -23.99 64.60
CA LEU G 544 -102.33 -24.08 63.17
C LEU G 544 -103.23 -25.18 62.56
N ILE G 545 -103.36 -26.34 63.22
CA ILE G 545 -104.29 -27.41 62.78
C ILE G 545 -105.70 -26.86 62.65
N THR G 546 -106.20 -26.13 63.64
CA THR G 546 -107.56 -25.59 63.60
C THR G 546 -107.75 -24.51 62.52
N LEU G 547 -106.76 -23.65 62.32
CA LEU G 547 -106.76 -22.68 61.22
C LEU G 547 -106.94 -23.38 59.89
N ILE G 548 -106.13 -24.41 59.66
CA ILE G 548 -106.14 -25.17 58.42
C ILE G 548 -107.53 -25.76 58.16
N VAL G 549 -108.10 -26.45 59.16
CA VAL G 549 -109.46 -26.97 59.12
C VAL G 549 -110.45 -25.91 58.69
N SER G 550 -110.46 -24.78 59.40
CA SER G 550 -111.39 -23.69 59.16
C SER G 550 -111.37 -23.15 57.73
N ILE G 551 -110.18 -22.93 57.19
CA ILE G 551 -110.02 -22.44 55.82
C ILE G 551 -110.54 -23.46 54.82
N ILE G 552 -110.13 -24.72 54.97
CA ILE G 552 -110.55 -25.76 54.02
C ILE G 552 -112.07 -25.88 54.03
N GLU G 553 -112.66 -25.77 55.22
CA GLU G 553 -114.10 -25.65 55.33
C GLU G 553 -114.66 -24.47 54.55
N GLU G 554 -114.21 -23.24 54.78
CA GLU G 554 -114.75 -22.10 54.03
C GLU G 554 -114.64 -22.29 52.51
N ASP G 555 -113.52 -22.84 52.05
CA ASP G 555 -113.31 -23.12 50.63
C ASP G 555 -114.22 -24.21 50.09
N LYS G 556 -114.32 -25.32 50.82
CA LYS G 556 -115.23 -26.40 50.52
C LYS G 556 -116.67 -25.92 50.51
N ASN G 557 -117.02 -25.02 51.42
CA ASN G 557 -118.40 -24.78 51.79
C ASN G 557 -118.96 -23.51 51.17
N SER G 558 -118.22 -22.41 51.14
CA SER G 558 -118.69 -21.15 50.55
C SER G 558 -118.20 -20.97 49.13
N TYR G 559 -116.92 -21.25 48.89
CA TYR G 559 -116.31 -20.90 47.62
C TYR G 559 -116.48 -21.97 46.55
N THR G 560 -116.39 -23.25 46.89
CA THR G 560 -116.63 -24.32 45.90
C THR G 560 -118.01 -24.17 45.25
N PRO G 561 -119.07 -23.84 46.00
CA PRO G 561 -120.37 -23.53 45.41
C PRO G 561 -120.43 -22.19 44.68
N CYS G 562 -119.84 -21.13 45.24
CA CYS G 562 -119.83 -19.84 44.55
C CYS G 562 -119.19 -19.93 43.17
N LEU G 563 -118.13 -20.74 43.06
CA LEU G 563 -117.26 -20.87 41.88
C LEU G 563 -117.41 -22.20 41.15
N ASN G 564 -118.66 -22.59 40.99
CA ASN G 564 -119.02 -23.82 40.34
C ASN G 564 -118.82 -23.82 38.81
N GLN G 565 -118.44 -22.73 38.14
CA GLN G 565 -118.44 -22.64 36.66
C GLN G 565 -117.58 -23.70 35.97
N PHE G 566 -116.54 -24.17 36.67
CA PHE G 566 -115.69 -25.26 36.21
C PHE G 566 -115.68 -26.34 37.30
N PRO G 567 -116.79 -27.04 37.52
CA PRO G 567 -116.95 -27.89 38.70
C PRO G 567 -115.98 -29.08 38.66
N GLN G 568 -115.81 -29.64 37.46
CA GLN G 568 -114.88 -30.71 37.14
C GLN G 568 -113.42 -30.31 37.37
N GLU G 569 -113.11 -29.03 37.16
CA GLU G 569 -111.75 -28.52 37.23
C GLU G 569 -111.43 -27.77 38.52
N LEU G 570 -112.44 -27.35 39.29
CA LEU G 570 -112.31 -26.30 40.31
C LEU G 570 -113.13 -26.62 41.59
N ASN G 571 -112.81 -27.75 42.23
CA ASN G 571 -113.19 -28.01 43.62
C ASN G 571 -112.32 -27.16 44.58
N VAL G 572 -112.81 -26.00 44.98
CA VAL G 572 -112.03 -25.05 45.81
C VAL G 572 -111.63 -25.69 47.16
N GLY G 573 -112.48 -26.53 47.75
CA GLY G 573 -112.19 -27.26 48.96
C GLY G 573 -111.01 -28.22 48.86
N LYS G 574 -110.89 -28.99 47.77
CA LYS G 574 -109.74 -29.87 47.55
C LYS G 574 -108.44 -29.10 47.29
N ILE G 575 -108.48 -28.07 46.43
CA ILE G 575 -107.29 -27.24 46.14
C ILE G 575 -106.78 -26.62 47.43
N SER G 576 -107.71 -26.15 48.26
CA SER G 576 -107.41 -25.69 49.62
C SER G 576 -106.70 -26.77 50.44
N ALA G 577 -107.31 -27.95 50.66
CA ALA G 577 -106.71 -29.00 51.48
C ALA G 577 -105.29 -29.39 51.04
N GLU G 578 -105.07 -29.58 49.74
CA GLU G 578 -103.75 -29.91 49.20
C GLU G 578 -102.73 -28.79 49.48
N VAL G 579 -103.04 -27.57 49.05
CA VAL G 579 -102.11 -26.44 49.16
C VAL G 579 -101.71 -26.27 50.62
N MET G 580 -102.71 -26.19 51.49
CA MET G 580 -102.49 -25.92 52.90
C MET G 580 -101.73 -27.04 53.62
N TRP G 581 -102.08 -28.32 53.39
CA TRP G 581 -101.34 -29.43 53.98
C TRP G 581 -99.89 -29.42 53.54
N SER G 582 -99.64 -29.19 52.25
CA SER G 582 -98.29 -29.27 51.72
C SER G 582 -97.38 -28.32 52.47
N LEU G 583 -97.83 -27.08 52.52
CA LEU G 583 -97.14 -26.00 53.18
C LEU G 583 -96.96 -26.29 54.67
N PHE G 584 -98.02 -26.80 55.30
CA PHE G 584 -97.98 -27.26 56.67
C PHE G 584 -96.94 -28.34 56.93
N ALA G 585 -96.94 -29.41 56.15
CA ALA G 585 -96.25 -30.64 56.51
C ALA G 585 -94.75 -30.40 56.57
N GLN G 586 -94.26 -29.57 55.63
CA GLN G 586 -92.89 -29.08 55.64
C GLN G 586 -92.57 -28.44 56.99
N ASP G 587 -93.42 -27.50 57.38
CA ASP G 587 -93.19 -26.70 58.54
C ASP G 587 -93.24 -27.54 59.82
N MET G 588 -94.24 -28.42 59.91
CA MET G 588 -94.38 -29.37 61.00
C MET G 588 -93.19 -30.31 61.11
N LYS G 589 -92.73 -30.91 60.00
CA LYS G 589 -91.58 -31.80 60.08
C LYS G 589 -90.40 -31.08 60.73
N TYR G 590 -90.06 -29.87 60.26
CA TYR G 590 -88.93 -29.14 60.85
C TYR G 590 -89.16 -28.84 62.32
N ALA G 591 -90.40 -28.56 62.69
CA ALA G 591 -90.74 -28.31 64.07
C ALA G 591 -90.47 -29.50 64.97
N MET G 592 -90.96 -30.67 64.58
CA MET G 592 -90.73 -31.88 65.34
C MET G 592 -89.25 -32.20 65.45
N GLU G 593 -88.49 -32.02 64.38
CA GLU G 593 -87.03 -32.13 64.47
C GLU G 593 -86.42 -31.13 65.47
N GLU G 594 -86.93 -29.91 65.52
CA GLU G 594 -86.42 -28.90 66.43
C GLU G 594 -86.72 -29.21 67.89
N HIS G 595 -87.98 -29.57 68.20
CA HIS G 595 -88.38 -30.07 69.52
C HIS G 595 -87.48 -31.21 69.96
N ASP G 596 -87.09 -32.08 69.04
CA ASP G 596 -86.32 -33.25 69.39
C ASP G 596 -84.95 -32.91 69.99
N LYS G 597 -84.37 -31.78 69.58
CA LYS G 597 -83.09 -31.29 70.10
C LYS G 597 -83.21 -30.69 71.50
N HIS G 598 -84.40 -30.28 71.92
CA HIS G 598 -84.61 -29.48 73.14
C HIS G 598 -85.46 -30.19 74.20
N ARG G 599 -86.49 -30.92 73.78
CA ARG G 599 -87.36 -31.77 74.62
C ARG G 599 -87.99 -31.01 75.80
N LEU G 600 -88.49 -29.81 75.54
CA LEU G 600 -89.07 -28.92 76.54
C LEU G 600 -90.52 -29.30 76.88
N CYS G 601 -91.32 -29.67 75.87
CA CYS G 601 -92.62 -30.34 76.06
C CYS G 601 -92.39 -31.80 76.53
N LYS G 602 -93.31 -32.37 77.29
CA LYS G 602 -93.20 -33.77 77.75
C LYS G 602 -93.45 -34.74 76.59
N SER G 603 -92.90 -35.96 76.67
CA SER G 603 -93.19 -37.06 75.73
C SER G 603 -94.67 -37.09 75.35
N ALA G 604 -95.53 -37.14 76.38
CA ALA G 604 -96.98 -37.10 76.34
C ALA G 604 -97.57 -36.03 75.42
N ASP G 605 -97.02 -34.82 75.44
CA ASP G 605 -97.53 -33.70 74.64
C ASP G 605 -97.35 -34.04 73.15
N TYR G 606 -96.18 -34.56 72.77
CA TYR G 606 -95.96 -35.01 71.41
C TYR G 606 -96.85 -36.20 71.06
N MET G 607 -97.15 -37.09 72.00
CA MET G 607 -98.10 -38.18 71.75
C MET G 607 -99.51 -37.62 71.48
N ASN G 608 -99.95 -36.63 72.26
CA ASN G 608 -101.23 -35.94 72.04
C ASN G 608 -101.24 -35.27 70.67
N LEU G 609 -100.17 -34.53 70.36
CA LEU G 609 -100.00 -33.91 69.05
C LEU G 609 -100.05 -34.96 67.94
N HIS G 610 -99.40 -36.10 68.14
CA HIS G 610 -99.43 -37.19 67.20
C HIS G 610 -100.89 -37.61 66.95
N PHE G 611 -101.71 -37.81 67.97
CA PHE G 611 -103.11 -38.19 67.71
C PHE G 611 -103.86 -37.11 66.94
N LYS G 612 -103.64 -35.83 67.24
CA LYS G 612 -104.25 -34.72 66.49
C LYS G 612 -103.80 -34.73 65.04
N VAL G 613 -102.52 -34.89 64.80
CA VAL G 613 -101.95 -34.90 63.45
C VAL G 613 -102.41 -36.12 62.67
N LYS G 614 -102.36 -37.28 63.31
CA LYS G 614 -102.86 -38.53 62.80
C LYS G 614 -104.29 -38.34 62.37
N TRP G 615 -105.13 -37.84 63.26
CA TRP G 615 -106.48 -37.48 62.92
C TRP G 615 -106.53 -36.53 61.71
N LEU G 616 -105.79 -35.43 61.72
CA LEU G 616 -105.90 -34.40 60.69
C LEU G 616 -105.59 -34.97 59.30
N TYR G 617 -104.45 -35.67 59.18
CA TYR G 617 -104.05 -36.28 57.93
C TYR G 617 -105.12 -37.26 57.49
N ASN G 618 -105.51 -38.13 58.41
CA ASN G 618 -106.45 -39.19 58.15
C ASN G 618 -107.85 -38.65 57.86
N GLU G 619 -108.14 -37.42 58.26
CA GLU G 619 -109.31 -36.68 57.82
C GLU G 619 -109.04 -36.09 56.43
N TYR G 620 -108.38 -34.94 56.37
CA TYR G 620 -108.39 -34.12 55.16
C TYR G 620 -107.51 -34.66 54.06
N VAL G 621 -106.34 -35.20 54.42
CA VAL G 621 -105.22 -35.28 53.51
C VAL G 621 -105.16 -36.62 52.83
N ALA G 622 -105.33 -37.69 53.59
CA ALA G 622 -105.15 -39.05 53.16
C ALA G 622 -105.97 -39.40 51.91
N GLU G 623 -107.12 -38.76 51.71
CA GLU G 623 -108.02 -39.05 50.58
C GLU G 623 -107.73 -38.22 49.34
N LEU G 624 -106.96 -37.14 49.44
CA LEU G 624 -106.48 -36.48 48.23
C LEU G 624 -105.58 -37.49 47.50
N PRO G 625 -105.73 -37.69 46.18
CA PRO G 625 -105.02 -38.74 45.45
C PRO G 625 -103.53 -38.74 45.73
N THR G 626 -102.96 -37.54 45.70
CA THR G 626 -101.56 -37.23 46.00
C THR G 626 -101.04 -37.90 47.27
N PHE G 627 -101.87 -38.10 48.30
CA PHE G 627 -101.44 -38.65 49.59
C PHE G 627 -102.11 -39.98 49.92
N LYS G 628 -103.21 -40.30 49.26
CA LYS G 628 -103.69 -41.67 49.17
C LYS G 628 -102.67 -42.58 48.50
N ASP G 629 -101.93 -42.03 47.55
CA ASP G 629 -100.80 -42.67 46.88
C ASP G 629 -99.65 -43.10 47.82
N ARG G 630 -99.62 -42.69 49.10
CA ARG G 630 -98.44 -42.80 49.98
C ARG G 630 -98.69 -43.36 51.37
N VAL G 631 -97.71 -44.11 51.88
CA VAL G 631 -97.50 -44.30 53.32
C VAL G 631 -97.25 -42.93 53.95
N PRO G 632 -98.02 -42.52 54.96
CA PRO G 632 -97.87 -41.21 55.55
C PRO G 632 -96.50 -41.04 56.20
N GLU G 633 -95.87 -39.92 55.95
CA GLU G 633 -94.51 -39.68 56.42
C GLU G 633 -94.47 -39.08 57.83
N TYR G 634 -95.56 -38.44 58.26
CA TYR G 634 -95.66 -37.83 59.58
C TYR G 634 -95.21 -38.69 60.76
N PRO G 635 -95.31 -40.02 60.77
CA PRO G 635 -94.88 -40.81 61.92
C PRO G 635 -93.37 -40.69 62.18
N ALA G 636 -92.59 -40.45 61.14
CA ALA G 636 -91.16 -40.20 61.29
C ALA G 636 -90.89 -38.98 62.17
N TRP G 637 -91.81 -38.02 62.20
CA TRP G 637 -91.68 -36.83 63.04
C TRP G 637 -91.78 -37.18 64.52
N PHE G 638 -92.81 -37.95 64.88
CA PHE G 638 -93.11 -38.28 66.26
C PHE G 638 -92.23 -39.37 66.84
N GLU G 639 -91.69 -40.22 65.99
CA GLU G 639 -90.95 -41.40 66.39
C GLU G 639 -89.91 -41.20 67.50
N PRO G 640 -89.08 -40.14 67.48
CA PRO G 640 -88.13 -39.91 68.55
C PRO G 640 -88.81 -39.68 69.89
N PHE G 641 -89.95 -39.00 69.89
CA PHE G 641 -90.72 -38.69 71.09
C PHE G 641 -91.41 -39.92 71.64
N VAL G 642 -91.78 -40.82 70.75
CA VAL G 642 -92.26 -42.14 71.11
C VAL G 642 -91.14 -42.98 71.70
N ILE G 643 -89.96 -42.91 71.13
CA ILE G 643 -88.82 -43.61 71.67
C ILE G 643 -88.47 -43.03 73.04
N GLN G 644 -88.43 -41.71 73.18
CA GLN G 644 -88.28 -41.06 74.47
C GLN G 644 -89.33 -41.57 75.45
N TRP G 645 -90.57 -41.60 75.02
CA TRP G 645 -91.60 -42.16 75.84
C TRP G 645 -91.27 -43.62 76.22
N LEU G 646 -90.87 -44.47 75.27
CA LEU G 646 -90.47 -45.86 75.51
C LEU G 646 -89.31 -45.94 76.51
N ASP G 647 -88.47 -44.92 76.54
CA ASP G 647 -87.34 -44.84 77.44
C ASP G 647 -87.81 -44.52 78.84
N GLU G 648 -88.55 -43.42 78.98
CA GLU G 648 -89.18 -43.05 80.24
C GLU G 648 -89.93 -44.24 80.79
N ASN G 649 -90.71 -44.86 79.91
CA ASN G 649 -91.48 -46.03 80.18
C ASN G 649 -90.61 -47.18 80.67
N GLU G 650 -89.55 -47.56 79.96
CA GLU G 650 -88.74 -48.68 80.42
C GLU G 650 -88.16 -48.41 81.81
N GLU G 651 -87.66 -47.21 82.05
CA GLU G 651 -86.98 -46.93 83.29
C GLU G 651 -87.97 -46.96 84.45
N VAL G 652 -89.10 -46.29 84.27
CA VAL G 652 -90.26 -46.42 85.16
C VAL G 652 -90.59 -47.91 85.36
N SER G 653 -90.65 -48.70 84.28
CA SER G 653 -90.97 -50.12 84.36
C SER G 653 -89.93 -50.91 85.14
N ARG G 654 -88.66 -50.51 85.10
CA ARG G 654 -87.60 -51.24 85.78
C ARG G 654 -87.58 -50.85 87.25
N ASP G 655 -87.85 -49.60 87.57
CA ASP G 655 -88.09 -49.17 88.93
C ASP G 655 -89.33 -49.84 89.53
N PHE G 656 -90.42 -49.87 88.78
CA PHE G 656 -91.63 -50.61 89.10
C PHE G 656 -91.31 -52.07 89.34
N LEU G 657 -90.53 -52.71 88.46
CA LEU G 657 -90.17 -54.12 88.55
C LEU G 657 -89.52 -54.42 89.89
N HIS G 658 -88.56 -53.59 90.28
CA HIS G 658 -87.88 -53.75 91.55
C HIS G 658 -88.86 -53.55 92.70
N GLY G 659 -89.68 -52.50 92.65
CA GLY G 659 -90.75 -52.32 93.64
C GLY G 659 -91.65 -53.56 93.75
N ALA G 660 -92.15 -54.09 92.64
CA ALA G 660 -93.07 -55.22 92.61
C ALA G 660 -92.42 -56.49 93.18
N LEU G 661 -91.20 -56.81 92.73
CA LEU G 661 -90.41 -57.91 93.27
C LEU G 661 -90.23 -57.74 94.77
N GLU G 662 -89.93 -56.53 95.23
CA GLU G 662 -89.67 -56.28 96.62
C GLU G 662 -90.94 -56.36 97.47
N ARG G 663 -92.09 -55.88 96.97
CA ARG G 663 -93.39 -56.05 97.62
C ARG G 663 -93.76 -57.52 97.74
N ASP G 664 -93.52 -58.27 96.69
CA ASP G 664 -93.73 -59.71 96.67
C ASP G 664 -92.76 -60.43 97.63
N LYS G 665 -91.50 -60.02 97.66
CA LYS G 665 -90.49 -60.49 98.61
C LYS G 665 -90.88 -60.21 100.05
N LYS G 666 -91.45 -59.04 100.29
CA LYS G 666 -91.98 -58.66 101.59
C LYS G 666 -93.18 -59.54 101.95
N ASP G 667 -94.01 -59.83 100.97
CA ASP G 667 -95.00 -60.91 101.05
C ASP G 667 -94.38 -62.33 101.03
N GLY G 668 -93.09 -62.50 101.29
CA GLY G 668 -92.41 -63.80 101.34
C GLY G 668 -92.56 -64.64 100.06
N PHE G 669 -92.90 -64.03 98.93
CA PHE G 669 -93.29 -64.66 97.67
C PHE G 669 -94.39 -65.72 97.81
N GLN G 670 -95.53 -65.39 98.44
CA GLN G 670 -96.67 -66.30 98.39
C GLN G 670 -97.14 -66.53 96.94
N GLN G 671 -97.62 -67.75 96.66
CA GLN G 671 -98.31 -68.01 95.41
C GLN G 671 -99.60 -67.20 95.36
N THR G 672 -99.92 -66.70 94.18
CA THR G 672 -101.05 -65.81 93.93
C THR G 672 -102.38 -66.46 94.32
N SER G 673 -102.43 -67.78 94.24
CA SER G 673 -103.29 -68.65 95.01
C SER G 673 -102.64 -70.03 95.02
N GLU G 674 -103.16 -70.95 95.82
CA GLU G 674 -102.61 -72.31 95.91
C GLU G 674 -102.65 -73.10 94.60
N HIS G 675 -103.35 -72.58 93.59
CA HIS G 675 -103.44 -73.08 92.24
C HIS G 675 -102.91 -72.07 91.19
N ALA G 676 -102.81 -70.77 91.50
CA ALA G 676 -102.05 -69.78 90.72
C ALA G 676 -100.62 -69.71 91.28
N LEU G 677 -99.80 -70.64 90.80
CA LEU G 677 -98.60 -71.14 91.45
C LEU G 677 -97.41 -70.16 91.52
N PHE G 678 -97.43 -69.13 90.68
CA PHE G 678 -96.52 -68.00 90.71
C PHE G 678 -97.00 -66.94 91.71
N SER G 679 -96.13 -66.04 92.12
CA SER G 679 -96.45 -64.91 92.96
C SER G 679 -96.77 -63.63 92.17
N CYS G 680 -97.37 -62.67 92.86
CA CYS G 680 -98.12 -61.56 92.25
C CYS G 680 -97.27 -60.65 91.36
N SER G 681 -96.00 -60.48 91.67
CA SER G 681 -95.11 -59.62 90.89
C SER G 681 -95.11 -59.98 89.41
N VAL G 682 -95.25 -61.27 89.09
CA VAL G 682 -95.33 -61.70 87.70
C VAL G 682 -96.49 -61.02 86.98
N VAL G 683 -97.61 -61.02 87.65
CA VAL G 683 -98.87 -60.44 87.18
C VAL G 683 -98.71 -58.95 87.02
N ASP G 684 -98.22 -58.29 88.07
CA ASP G 684 -98.01 -56.84 88.09
C ASP G 684 -97.16 -56.41 86.91
N VAL G 685 -96.09 -57.15 86.68
CA VAL G 685 -95.17 -56.88 85.60
C VAL G 685 -95.85 -57.06 84.27
N PHE G 686 -96.53 -58.17 84.03
CA PHE G 686 -97.25 -58.30 82.78
C PHE G 686 -98.30 -57.24 82.63
N SER G 687 -99.03 -56.91 83.68
CA SER G 687 -99.97 -55.80 83.66
C SER G 687 -99.28 -54.52 83.21
N GLN G 688 -98.18 -54.16 83.84
CA GLN G 688 -97.45 -52.96 83.48
C GLN G 688 -97.02 -53.00 82.01
N LEU G 689 -96.41 -54.11 81.62
CA LEU G 689 -95.90 -54.29 80.27
C LEU G 689 -97.02 -54.16 79.24
N ASN G 690 -98.19 -54.66 79.58
CA ASN G 690 -99.32 -54.53 78.70
C ASN G 690 -99.83 -53.08 78.70
N GLN G 691 -99.99 -52.41 79.85
CA GLN G 691 -100.37 -50.99 79.86
C GLN G 691 -99.45 -50.19 78.94
N SER G 692 -98.17 -50.46 79.09
CA SER G 692 -97.11 -49.89 78.29
C SER G 692 -97.26 -50.22 76.81
N PHE G 693 -97.36 -51.50 76.47
CA PHE G 693 -97.46 -51.92 75.08
C PHE G 693 -98.65 -51.24 74.42
N GLU G 694 -99.75 -51.14 75.15
CA GLU G 694 -100.96 -50.59 74.60
C GLU G 694 -100.81 -49.11 74.30
N ILE G 695 -100.08 -48.38 75.12
CA ILE G 695 -99.76 -46.98 74.81
C ILE G 695 -99.04 -46.88 73.47
N ILE G 696 -98.13 -47.81 73.17
CA ILE G 696 -97.52 -47.88 71.84
C ILE G 696 -98.59 -48.22 70.82
N LYS G 697 -99.33 -49.29 71.09
CA LYS G 697 -100.20 -49.89 70.08
C LYS G 697 -101.24 -48.89 69.60
N LYS G 698 -101.78 -48.10 70.54
CA LYS G 698 -102.68 -46.95 70.35
C LYS G 698 -102.20 -45.86 69.39
N LEU G 699 -100.95 -45.90 68.93
CA LEU G 699 -100.49 -45.01 67.90
C LEU G 699 -100.78 -45.54 66.50
N GLU G 700 -100.82 -46.87 66.31
CA GLU G 700 -101.02 -47.55 65.03
C GLU G 700 -100.24 -46.92 63.88
N CYS G 701 -98.95 -46.67 64.11
CA CYS G 701 -98.09 -45.98 63.14
C CYS G 701 -98.16 -46.64 61.75
N PRO G 702 -98.58 -45.91 60.70
CA PRO G 702 -98.74 -46.48 59.37
C PRO G 702 -97.40 -46.75 58.65
N ASP G 703 -96.28 -46.30 59.21
CA ASP G 703 -94.95 -46.73 58.78
C ASP G 703 -94.49 -47.95 59.61
N PRO G 704 -94.53 -49.16 59.03
CA PRO G 704 -94.25 -50.38 59.78
C PRO G 704 -92.78 -50.53 60.17
N GLN G 705 -91.87 -49.74 59.59
CA GLN G 705 -90.46 -49.80 59.95
C GLN G 705 -90.22 -48.95 61.18
N ILE G 706 -90.87 -47.81 61.26
CA ILE G 706 -90.95 -47.01 62.48
C ILE G 706 -91.64 -47.81 63.59
N VAL G 707 -92.70 -48.54 63.26
CA VAL G 707 -93.25 -49.53 64.19
C VAL G 707 -92.19 -50.55 64.57
N GLY G 708 -91.51 -51.12 63.59
CA GLY G 708 -90.48 -52.11 63.84
C GLY G 708 -89.45 -51.57 64.80
N HIS G 709 -89.10 -50.30 64.69
CA HIS G 709 -88.19 -49.64 65.59
C HIS G 709 -88.73 -49.58 67.01
N TYR G 710 -89.96 -49.13 67.19
CA TYR G 710 -90.60 -49.21 68.50
C TYR G 710 -90.55 -50.62 69.06
N MET G 711 -90.81 -51.62 68.22
CA MET G 711 -90.84 -53.01 68.65
C MET G 711 -89.45 -53.54 68.99
N ARG G 712 -88.44 -53.12 68.26
CA ARG G 712 -87.06 -53.44 68.57
C ARG G 712 -86.70 -52.82 69.92
N ARG G 713 -86.92 -51.51 70.05
CA ARG G 713 -86.77 -50.72 71.28
C ARG G 713 -87.47 -51.42 72.44
N PHE G 714 -88.70 -51.81 72.26
CA PHE G 714 -89.50 -52.37 73.33
C PHE G 714 -89.11 -53.82 73.62
N ALA G 715 -88.78 -54.61 72.62
CA ALA G 715 -88.34 -55.98 72.82
C ALA G 715 -87.09 -56.01 73.69
N LYS G 716 -86.27 -54.99 73.55
CA LYS G 716 -85.17 -54.73 74.46
C LYS G 716 -85.73 -54.43 75.83
N THR G 717 -86.60 -53.44 75.99
CA THR G 717 -87.25 -53.17 77.28
C THR G 717 -87.67 -54.42 77.98
N ILE G 718 -88.44 -55.23 77.27
CA ILE G 718 -88.98 -56.48 77.72
C ILE G 718 -87.85 -57.41 78.12
N SER G 719 -86.90 -57.64 77.22
CA SER G 719 -85.76 -58.47 77.52
C SER G 719 -85.07 -58.03 78.79
N ASN G 720 -84.80 -56.75 78.90
CA ASN G 720 -84.10 -56.18 80.01
C ASN G 720 -84.87 -56.36 81.31
N VAL G 721 -86.11 -55.90 81.34
CA VAL G 721 -87.02 -56.05 82.47
C VAL G 721 -87.11 -57.50 82.89
N LEU G 722 -87.32 -58.41 81.94
CA LEU G 722 -87.59 -59.80 82.27
C LEU G 722 -86.35 -60.53 82.71
N LEU G 723 -85.20 -60.26 82.10
CA LEU G 723 -83.98 -60.86 82.57
C LEU G 723 -83.63 -60.31 83.92
N GLN G 724 -83.86 -59.03 84.15
CA GLN G 724 -83.69 -58.42 85.45
C GLN G 724 -84.61 -59.03 86.49
N TYR G 725 -85.86 -59.34 86.16
CA TYR G 725 -86.70 -60.16 87.03
C TYR G 725 -86.05 -61.51 87.28
N ALA G 726 -85.78 -62.25 86.21
CA ALA G 726 -85.35 -63.64 86.27
C ALA G 726 -84.05 -63.77 87.05
N ASP G 727 -83.21 -62.77 86.89
CA ASP G 727 -82.01 -62.55 87.65
C ASP G 727 -82.33 -62.29 89.12
N ILE G 728 -83.12 -61.27 89.44
CA ILE G 728 -83.46 -60.93 90.82
C ILE G 728 -84.03 -62.17 91.54
N VAL G 729 -84.84 -62.95 90.83
CA VAL G 729 -85.24 -64.27 91.26
C VAL G 729 -84.05 -65.20 91.44
N SER G 730 -83.28 -65.46 90.39
CA SER G 730 -82.18 -66.44 90.41
C SER G 730 -81.21 -66.19 91.53
N LYS G 731 -80.99 -64.92 91.83
CA LYS G 731 -80.18 -64.44 92.94
C LYS G 731 -80.73 -64.92 94.26
N ASP G 732 -81.97 -64.56 94.55
CA ASP G 732 -82.61 -64.92 95.81
C ASP G 732 -82.86 -66.43 95.92
N PHE G 733 -82.94 -67.11 94.79
CA PHE G 733 -83.41 -68.46 94.66
C PHE G 733 -82.75 -69.45 95.62
N ALA G 734 -81.42 -69.48 95.65
CA ALA G 734 -80.67 -70.37 96.51
C ALA G 734 -80.95 -70.12 98.00
N SER G 735 -81.11 -68.86 98.40
CA SER G 735 -81.47 -68.51 99.78
C SER G 735 -82.81 -69.12 100.17
N TYR G 736 -83.70 -69.24 99.21
CA TYR G 736 -85.00 -69.87 99.38
C TYR G 736 -84.95 -71.39 99.27
N CYS G 737 -83.92 -71.96 98.66
CA CYS G 737 -83.80 -73.40 98.46
C CYS G 737 -83.63 -74.21 99.74
N SER G 738 -83.42 -73.58 100.88
CA SER G 738 -83.39 -74.29 102.15
C SER G 738 -84.70 -75.08 102.37
N LYS G 739 -84.59 -76.25 103.02
CA LYS G 739 -85.56 -77.38 103.02
C LYS G 739 -86.89 -77.16 103.74
N GLU G 740 -87.30 -75.92 103.94
CA GLU G 740 -88.43 -75.50 104.80
C GLU G 740 -89.21 -74.35 104.14
N LYS G 741 -88.51 -73.42 103.51
CA LYS G 741 -89.13 -72.44 102.61
C LYS G 741 -89.48 -73.02 101.25
N GLU G 742 -89.45 -74.34 101.08
CA GLU G 742 -89.59 -75.07 99.81
C GLU G 742 -90.71 -74.55 98.90
N LYS G 743 -91.83 -74.10 99.48
CA LYS G 743 -92.88 -73.41 98.72
C LYS G 743 -92.34 -72.29 97.87
N VAL G 744 -91.47 -71.45 98.42
CA VAL G 744 -90.93 -70.27 97.75
C VAL G 744 -90.13 -70.63 96.51
N PRO G 745 -89.10 -71.49 96.51
CA PRO G 745 -88.43 -71.87 95.26
C PRO G 745 -89.38 -72.47 94.21
N CYS G 746 -90.37 -73.26 94.62
CA CYS G 746 -91.40 -73.71 93.70
C CYS G 746 -92.06 -72.51 93.02
N ILE G 747 -92.57 -71.59 93.83
CA ILE G 747 -93.27 -70.38 93.39
C ILE G 747 -92.40 -69.54 92.48
N LEU G 748 -91.14 -69.34 92.83
CA LEU G 748 -90.17 -68.61 92.00
C LEU G 748 -89.93 -69.30 90.65
N MET G 749 -89.78 -70.62 90.62
CA MET G 749 -89.70 -71.35 89.37
C MET G 749 -91.01 -71.22 88.58
N ASN G 750 -92.16 -71.24 89.25
CA ASN G 750 -93.44 -70.98 88.63
C ASN G 750 -93.54 -69.55 88.13
N ASN G 751 -92.95 -68.57 88.81
CA ASN G 751 -92.91 -67.21 88.33
C ASN G 751 -92.20 -67.17 87.01
N THR G 752 -91.01 -67.77 87.00
CA THR G 752 -90.11 -67.83 85.86
C THR G 752 -90.83 -68.45 84.67
N GLN G 753 -91.39 -69.62 84.88
CA GLN G 753 -92.18 -70.29 83.88
C GLN G 753 -93.41 -69.46 83.47
N GLN G 754 -94.06 -68.81 84.43
CA GLN G 754 -95.16 -67.94 84.14
C GLN G 754 -94.72 -66.73 83.32
N LEU G 755 -93.52 -66.19 83.54
CA LEU G 755 -92.92 -65.19 82.66
C LEU G 755 -92.91 -65.75 81.27
N ARG G 756 -92.27 -66.90 81.06
CA ARG G 756 -92.16 -67.49 79.72
C ARG G 756 -93.54 -67.59 79.08
N VAL G 757 -94.47 -68.15 79.83
CA VAL G 757 -95.84 -68.33 79.39
C VAL G 757 -96.46 -67.00 78.98
N GLN G 758 -96.47 -65.99 79.83
CA GLN G 758 -97.03 -64.70 79.46
C GLN G 758 -96.21 -63.97 78.41
N LEU G 759 -94.92 -64.23 78.35
CA LEU G 759 -94.04 -63.66 77.35
C LEU G 759 -94.49 -64.18 76.00
N GLU G 760 -94.75 -65.48 75.85
CA GLU G 760 -95.30 -66.02 74.62
C GLU G 760 -96.56 -65.24 74.25
N LYS G 761 -97.46 -65.02 75.22
CA LYS G 761 -98.69 -64.23 75.02
C LYS G 761 -98.39 -62.81 74.56
N MET G 762 -97.51 -62.10 75.25
CA MET G 762 -97.17 -60.72 74.92
C MET G 762 -96.50 -60.64 73.55
N PHE G 763 -95.64 -61.60 73.24
CA PHE G 763 -95.02 -61.72 71.93
C PHE G 763 -96.13 -61.87 70.87
N GLU G 764 -97.10 -62.75 71.09
CA GLU G 764 -98.27 -62.77 70.22
C GLU G 764 -98.99 -61.42 70.19
N ALA G 765 -99.17 -60.77 71.33
CA ALA G 765 -99.86 -59.49 71.43
C ALA G 765 -99.14 -58.41 70.60
N MET G 766 -97.82 -58.42 70.60
CA MET G 766 -96.96 -57.62 69.73
C MET G 766 -97.03 -58.03 68.26
N GLY G 767 -97.94 -58.93 67.89
CA GLY G 767 -98.07 -59.43 66.55
C GLY G 767 -97.13 -60.59 66.28
N GLY G 768 -96.91 -61.45 67.28
CA GLY G 768 -96.37 -62.79 67.16
C GLY G 768 -95.35 -63.00 66.05
N LYS G 769 -95.64 -63.94 65.14
CA LYS G 769 -94.73 -64.30 64.04
C LYS G 769 -94.69 -63.25 62.94
N GLU G 770 -95.64 -62.32 62.96
CA GLU G 770 -95.69 -61.13 62.12
C GLU G 770 -94.69 -60.06 62.59
N LEU G 771 -94.19 -60.17 63.83
CA LEU G 771 -93.30 -59.21 64.48
C LEU G 771 -92.01 -58.95 63.69
N ASP G 772 -91.49 -57.73 63.82
CA ASP G 772 -90.15 -57.38 63.36
C ASP G 772 -89.13 -58.45 63.74
N ALA G 773 -88.34 -58.90 62.78
CA ALA G 773 -87.47 -60.04 62.95
C ALA G 773 -86.42 -59.87 64.07
N GLU G 774 -86.09 -58.64 64.48
CA GLU G 774 -85.05 -58.36 65.47
C GLU G 774 -85.63 -58.13 66.85
N ALA G 775 -86.78 -57.49 66.94
CA ALA G 775 -87.63 -57.58 68.11
C ALA G 775 -87.91 -59.06 68.40
N SER G 776 -88.31 -59.82 67.39
CA SER G 776 -88.52 -61.27 67.47
C SER G 776 -87.23 -61.97 67.89
N GLY G 777 -86.10 -61.73 67.22
CA GLY G 777 -84.79 -62.24 67.63
C GLY G 777 -84.52 -62.03 69.10
N THR G 778 -84.77 -60.82 69.58
CA THR G 778 -84.62 -60.43 70.99
C THR G 778 -85.50 -61.28 71.88
N LEU G 779 -86.79 -61.34 71.59
CA LEU G 779 -87.69 -62.10 72.44
C LEU G 779 -87.43 -63.61 72.37
N LYS G 780 -86.90 -64.14 71.27
CA LYS G 780 -86.48 -65.54 71.16
C LYS G 780 -85.26 -65.82 72.02
N GLU G 781 -84.25 -64.98 71.89
CA GLU G 781 -83.08 -64.95 72.76
C GLU G 781 -83.50 -64.93 74.23
N LEU G 782 -84.42 -64.03 74.55
CA LEU G 782 -84.90 -63.84 75.89
C LEU G 782 -85.52 -65.12 76.41
N GLN G 783 -86.45 -65.71 75.66
CA GLN G 783 -87.11 -66.96 76.01
C GLN G 783 -86.09 -68.09 76.23
N VAL G 784 -85.07 -68.22 75.36
CA VAL G 784 -84.01 -69.23 75.54
C VAL G 784 -83.26 -69.03 76.85
N LYS G 785 -82.90 -67.79 77.17
CA LYS G 785 -82.23 -67.49 78.44
C LYS G 785 -83.11 -67.79 79.63
N LEU G 786 -84.37 -67.39 79.58
CA LEU G 786 -85.34 -67.71 80.62
C LEU G 786 -85.48 -69.22 80.81
N ASN G 787 -85.46 -70.01 79.72
CA ASN G 787 -85.43 -71.46 79.82
C ASN G 787 -84.18 -71.95 80.57
N ASN G 788 -83.02 -71.45 80.18
CA ASN G 788 -81.77 -71.91 80.76
C ASN G 788 -81.70 -71.52 82.24
N VAL G 789 -82.15 -70.30 82.58
CA VAL G 789 -82.35 -69.89 83.97
C VAL G 789 -83.16 -70.96 84.71
N LEU G 790 -84.32 -71.36 84.15
CA LEU G 790 -85.21 -72.31 84.83
C LEU G 790 -84.57 -73.69 85.05
N ASP G 791 -83.73 -74.16 84.13
CA ASP G 791 -82.93 -75.35 84.36
C ASP G 791 -82.04 -75.17 85.59
N GLU G 792 -81.31 -74.07 85.66
CA GLU G 792 -80.36 -73.86 86.75
C GLU G 792 -81.07 -73.71 88.09
N LEU G 793 -82.22 -73.04 88.12
CA LEU G 793 -83.05 -73.00 89.31
C LEU G 793 -83.50 -74.41 89.70
N SER G 794 -84.01 -75.22 88.77
CA SER G 794 -84.43 -76.59 89.08
C SER G 794 -83.29 -77.41 89.67
N HIS G 795 -82.09 -77.21 89.17
CA HIS G 795 -80.89 -77.87 89.62
C HIS G 795 -80.53 -77.40 91.02
N VAL G 796 -80.34 -76.09 91.20
CA VAL G 796 -80.03 -75.46 92.47
C VAL G 796 -81.02 -75.89 93.54
N PHE G 797 -82.29 -75.98 93.16
CA PHE G 797 -83.33 -76.44 94.05
C PHE G 797 -83.15 -77.90 94.43
N ALA G 798 -83.13 -78.80 93.44
CA ALA G 798 -82.96 -80.23 93.69
C ALA G 798 -81.71 -80.54 94.51
N THR G 799 -80.67 -79.74 94.29
CA THR G 799 -79.41 -79.83 94.99
C THR G 799 -79.54 -79.57 96.48
N SER G 800 -80.38 -78.65 96.96
CA SER G 800 -80.45 -78.38 98.40
C SER G 800 -81.01 -79.56 99.21
N PHE G 801 -81.72 -80.47 98.55
CA PHE G 801 -82.19 -81.72 99.13
C PHE G 801 -81.17 -82.83 99.08
N GLN G 802 -80.15 -82.71 98.23
CA GLN G 802 -79.12 -83.71 98.05
C GLN G 802 -78.53 -84.24 99.37
N PRO G 803 -78.24 -83.42 100.39
CA PRO G 803 -77.69 -83.93 101.64
C PRO G 803 -78.68 -84.85 102.34
N HIS G 804 -79.94 -84.43 102.35
CA HIS G 804 -81.01 -85.21 102.93
C HIS G 804 -81.21 -86.51 102.16
N ILE G 805 -81.14 -86.44 100.84
CA ILE G 805 -81.25 -87.59 99.96
C ILE G 805 -80.12 -88.55 100.25
N GLU G 806 -78.88 -88.09 100.24
CA GLU G 806 -77.70 -88.90 100.53
C GLU G 806 -77.75 -89.52 101.91
N GLU G 807 -78.18 -88.75 102.89
CA GLU G 807 -78.39 -89.20 104.24
C GLU G 807 -79.39 -90.36 104.27
N CYS G 808 -80.61 -90.10 103.78
CA CYS G 808 -81.66 -91.10 103.70
C CYS G 808 -81.16 -92.35 102.97
N VAL G 809 -80.53 -92.18 101.80
CA VAL G 809 -80.02 -93.29 101.00
C VAL G 809 -78.97 -94.07 101.76
N ARG G 810 -78.08 -93.41 102.51
CA ARG G 810 -77.14 -94.11 103.36
C ARG G 810 -77.90 -94.91 104.41
N GLN G 811 -78.93 -94.37 105.05
CA GLN G 811 -79.75 -95.16 105.97
C GLN G 811 -80.42 -96.32 105.28
N MET G 812 -80.92 -96.13 104.07
CA MET G 812 -81.53 -97.21 103.33
C MET G 812 -80.48 -98.29 103.04
N GLY G 813 -79.25 -97.89 102.73
CA GLY G 813 -78.11 -98.79 102.57
C GLY G 813 -77.78 -99.53 103.86
N ASP G 814 -77.81 -98.82 104.98
CA ASP G 814 -77.67 -99.42 106.31
C ASP G 814 -78.77 -100.46 106.56
N ILE G 815 -80.01 -100.11 106.29
CA ILE G 815 -81.15 -101.00 106.45
C ILE G 815 -81.02 -102.21 105.51
N LEU G 816 -80.57 -102.01 104.27
CA LEU G 816 -80.38 -103.10 103.31
C LEU G 816 -79.29 -104.05 103.80
N SER G 817 -78.22 -103.57 104.44
CA SER G 817 -77.13 -104.45 104.90
C SER G 817 -77.57 -105.50 105.94
N GLN G 818 -78.77 -105.37 106.49
CA GLN G 818 -79.38 -106.37 107.37
C GLN G 818 -79.97 -107.53 106.56
N VAL G 819 -80.49 -107.22 105.37
CA VAL G 819 -80.80 -108.19 104.30
C VAL G 819 -79.48 -108.70 103.74
N LYS G 820 -79.37 -110.01 103.52
CA LYS G 820 -78.26 -110.57 102.74
C LYS G 820 -78.81 -111.52 101.69
N GLY G 821 -78.03 -112.48 101.19
CA GLY G 821 -78.51 -113.41 100.19
C GLY G 821 -79.42 -114.47 100.78
N THR G 822 -80.69 -114.14 101.01
CA THR G 822 -81.49 -114.84 102.04
C THR G 822 -82.11 -116.17 101.63
N GLY G 823 -81.71 -116.73 100.50
CA GLY G 823 -81.75 -118.20 100.37
C GLY G 823 -80.74 -118.90 101.29
N ASN G 824 -79.72 -118.17 101.76
CA ASN G 824 -78.67 -118.58 102.70
C ASN G 824 -78.79 -117.85 104.07
N VAL G 825 -79.97 -117.36 104.50
CA VAL G 825 -80.17 -116.57 105.76
C VAL G 825 -81.58 -116.80 106.37
N PRO G 826 -81.77 -116.70 107.72
CA PRO G 826 -83.07 -116.83 108.40
C PRO G 826 -84.17 -115.83 108.01
N ALA G 827 -85.42 -116.17 108.36
CA ALA G 827 -86.69 -115.53 107.97
C ALA G 827 -86.90 -114.06 108.42
N SER G 828 -86.05 -113.47 109.24
CA SER G 828 -86.07 -112.02 109.53
C SER G 828 -85.40 -111.18 108.46
N ALA G 829 -84.51 -111.80 107.66
CA ALA G 829 -83.91 -111.20 106.49
C ALA G 829 -84.29 -111.98 105.21
N CYS G 830 -84.70 -113.26 105.29
CA CYS G 830 -85.63 -113.86 104.31
C CYS G 830 -87.10 -113.44 104.59
N SER G 831 -87.25 -112.39 105.40
CA SER G 831 -88.37 -111.43 105.41
C SER G 831 -88.73 -111.13 103.96
N SER G 832 -90.01 -110.96 103.64
CA SER G 832 -90.42 -110.89 102.24
C SER G 832 -89.68 -109.78 101.52
N VAL G 833 -89.52 -109.96 100.22
CA VAL G 833 -88.91 -108.96 99.35
C VAL G 833 -89.55 -107.57 99.55
N ALA G 834 -90.86 -107.54 99.77
CA ALA G 834 -91.64 -106.34 100.09
C ALA G 834 -91.30 -105.75 101.47
N GLN G 835 -91.33 -106.53 102.54
CA GLN G 835 -91.02 -106.02 103.89
C GLN G 835 -89.62 -105.43 103.97
N ASP G 836 -88.64 -106.16 103.44
CA ASP G 836 -87.29 -105.64 103.31
C ASP G 836 -87.25 -104.35 102.49
N ALA G 837 -87.90 -104.32 101.32
CA ALA G 837 -87.93 -103.12 100.50
C ALA G 837 -88.55 -101.96 101.26
N ASP G 838 -89.65 -102.17 101.98
CA ASP G 838 -90.30 -101.16 102.79
C ASP G 838 -89.39 -100.63 103.89
N ASN G 839 -88.77 -101.54 104.66
CA ASN G 839 -87.84 -101.17 105.71
C ASN G 839 -86.75 -100.29 105.14
N VAL G 840 -86.12 -100.81 104.09
CA VAL G 840 -85.09 -100.15 103.33
C VAL G 840 -85.55 -98.79 102.88
N LEU G 841 -86.68 -98.72 102.17
CA LEU G 841 -87.27 -97.55 101.55
C LEU G 841 -87.64 -96.47 102.54
N GLN G 842 -87.86 -96.84 103.80
CA GLN G 842 -88.65 -95.95 104.63
C GLN G 842 -88.04 -94.56 104.81
N PRO G 843 -86.71 -94.43 105.06
CA PRO G 843 -86.08 -93.12 105.20
C PRO G 843 -86.37 -92.17 104.04
N ILE G 844 -86.47 -92.68 102.81
CA ILE G 844 -86.74 -91.83 101.66
C ILE G 844 -88.24 -91.66 101.40
N MET G 845 -89.07 -92.67 101.62
CA MET G 845 -90.48 -92.58 101.25
C MET G 845 -91.19 -91.48 102.03
N ASP G 846 -90.78 -91.30 103.28
CA ASP G 846 -91.22 -90.21 104.14
C ASP G 846 -90.95 -88.85 103.48
N LEU G 847 -89.68 -88.61 103.16
CA LEU G 847 -89.21 -87.40 102.50
C LEU G 847 -89.98 -87.23 101.19
N LEU G 848 -89.99 -88.27 100.36
CA LEU G 848 -90.56 -88.26 99.03
C LEU G 848 -92.02 -87.89 99.08
N ASP G 849 -92.81 -88.63 99.84
CA ASP G 849 -94.24 -88.57 99.64
C ASP G 849 -94.72 -87.17 99.94
N SER G 850 -94.32 -86.68 101.10
CA SER G 850 -94.59 -85.34 101.56
C SER G 850 -94.15 -84.32 100.50
N ASN G 851 -92.88 -84.37 100.13
CA ASN G 851 -92.33 -83.35 99.26
C ASN G 851 -92.90 -83.43 97.86
N LEU G 852 -92.94 -84.61 97.24
CA LEU G 852 -93.50 -84.75 95.91
C LEU G 852 -94.96 -84.38 95.90
N THR G 853 -95.71 -84.69 96.93
CA THR G 853 -97.10 -84.24 96.98
C THR G 853 -97.17 -82.73 97.09
N LEU G 854 -96.41 -82.13 98.00
CA LEU G 854 -96.35 -80.68 98.14
C LEU G 854 -95.97 -80.04 96.81
N PHE G 855 -94.92 -80.52 96.16
CA PHE G 855 -94.43 -80.01 94.89
C PHE G 855 -95.42 -80.26 93.77
N ALA G 856 -96.08 -81.41 93.74
CA ALA G 856 -97.11 -81.68 92.75
C ALA G 856 -98.29 -80.71 92.92
N LYS G 857 -98.65 -80.38 94.15
CA LYS G 857 -99.64 -79.34 94.44
C LYS G 857 -99.16 -77.97 93.94
N ILE G 858 -97.92 -77.59 94.25
CA ILE G 858 -97.46 -76.19 94.16
C ILE G 858 -96.48 -75.83 93.03
N CYS G 859 -95.98 -76.77 92.23
CA CYS G 859 -95.12 -76.52 91.06
C CYS G 859 -95.89 -76.65 89.75
N GLU G 860 -95.62 -75.72 88.83
CA GLU G 860 -96.06 -75.84 87.45
C GLU G 860 -95.37 -77.02 86.77
N LYS G 861 -96.00 -77.66 85.79
CA LYS G 861 -95.57 -79.01 85.39
C LYS G 861 -94.17 -78.98 84.75
N THR G 862 -93.90 -77.98 83.92
CA THR G 862 -92.56 -77.60 83.42
C THR G 862 -91.54 -77.54 84.55
N VAL G 863 -91.86 -76.78 85.58
CA VAL G 863 -91.04 -76.58 86.77
C VAL G 863 -90.77 -77.92 87.43
N LEU G 864 -91.85 -78.62 87.76
CA LEU G 864 -91.87 -79.86 88.47
C LEU G 864 -91.04 -80.90 87.73
N LYS G 865 -91.18 -81.01 86.42
CA LYS G 865 -90.51 -82.03 85.65
C LYS G 865 -89.03 -81.84 85.74
N ARG G 866 -88.57 -80.60 85.61
CA ARG G 866 -87.15 -80.24 85.73
C ARG G 866 -86.66 -80.58 87.13
N VAL G 867 -87.40 -80.13 88.14
CA VAL G 867 -87.09 -80.44 89.54
C VAL G 867 -86.95 -81.94 89.72
N LEU G 868 -87.92 -82.70 89.26
CA LEU G 868 -87.96 -84.13 89.38
C LEU G 868 -86.84 -84.79 88.61
N LYS G 869 -86.49 -84.35 87.42
CA LYS G 869 -85.39 -84.95 86.67
C LYS G 869 -84.10 -84.82 87.45
N GLU G 870 -83.87 -83.61 87.92
CA GLU G 870 -82.71 -83.28 88.73
C GLU G 870 -82.65 -84.14 89.98
N LEU G 871 -83.76 -84.21 90.70
CA LEU G 871 -83.90 -85.07 91.85
C LEU G 871 -83.69 -86.54 91.48
N TRP G 872 -84.28 -87.00 90.40
CA TRP G 872 -84.28 -88.38 89.97
C TRP G 872 -82.88 -88.87 89.70
N LYS G 873 -82.18 -88.11 88.88
CA LYS G 873 -80.77 -88.30 88.61
C LYS G 873 -80.02 -88.39 89.92
N LEU G 874 -80.17 -87.37 90.76
CA LEU G 874 -79.51 -87.28 92.04
C LEU G 874 -79.78 -88.53 92.86
N VAL G 875 -81.03 -88.92 93.00
CA VAL G 875 -81.46 -90.10 93.74
C VAL G 875 -80.83 -91.34 93.16
N MET G 876 -81.06 -91.63 91.89
CA MET G 876 -80.52 -92.78 91.19
C MET G 876 -79.04 -92.94 91.40
N ASN G 877 -78.31 -91.87 91.18
CA ASN G 877 -76.88 -91.85 91.34
C ASN G 877 -76.51 -92.11 92.79
N THR G 878 -77.22 -91.47 93.72
CA THR G 878 -77.02 -91.66 95.14
C THR G 878 -77.19 -93.11 95.52
N MET G 879 -78.25 -93.77 95.08
CA MET G 879 -78.45 -95.18 95.38
C MET G 879 -77.38 -96.03 94.73
N GLU G 880 -77.06 -95.75 93.48
CA GLU G 880 -76.10 -96.54 92.78
C GLU G 880 -74.76 -96.55 93.48
N ARG G 881 -74.33 -95.37 93.89
CA ARG G 881 -73.16 -95.17 94.73
C ARG G 881 -73.38 -95.80 96.09
N THR G 882 -74.20 -95.17 96.91
CA THR G 882 -74.40 -95.42 98.32
C THR G 882 -74.99 -96.78 98.65
N ILE G 883 -75.51 -97.52 97.67
CA ILE G 883 -76.18 -98.79 97.92
C ILE G 883 -75.71 -99.89 96.99
N VAL G 884 -75.55 -99.64 95.69
CA VAL G 884 -75.25 -100.75 94.76
C VAL G 884 -73.77 -100.92 94.54
N LEU G 885 -73.01 -99.85 94.63
CA LEU G 885 -71.57 -99.92 94.75
C LEU G 885 -71.21 -99.36 96.13
N PRO G 886 -71.83 -99.92 97.18
CA PRO G 886 -72.05 -99.22 98.42
C PRO G 886 -70.77 -99.01 99.21
N PRO G 887 -70.79 -98.08 100.17
CA PRO G 887 -69.86 -98.10 101.28
C PRO G 887 -69.98 -99.43 102.04
N GLU G 888 -71.18 -99.98 102.26
CA GLU G 888 -71.42 -101.34 102.79
C GLU G 888 -71.03 -102.51 101.84
N PHE G 889 -70.00 -102.33 100.99
CA PHE G 889 -69.26 -103.43 100.39
C PHE G 889 -67.79 -103.06 100.10
N LEU G 890 -67.49 -102.19 99.13
CA LEU G 890 -66.10 -102.10 98.63
C LEU G 890 -65.16 -101.42 99.61
N SER G 891 -65.67 -100.46 100.40
CA SER G 891 -64.91 -99.85 101.51
C SER G 891 -64.52 -100.83 102.61
N LYS G 892 -65.05 -102.06 102.58
CA LYS G 892 -64.53 -103.20 103.37
C LYS G 892 -63.52 -104.02 102.59
N LEU G 893 -63.89 -104.54 101.40
CA LEU G 893 -63.05 -105.47 100.64
C LEU G 893 -61.69 -104.87 100.25
N LYS G 894 -61.64 -103.61 99.80
CA LYS G 894 -60.38 -102.93 99.45
C LYS G 894 -59.65 -102.32 100.66
N ASP G 895 -60.16 -102.55 101.87
CA ASP G 895 -59.61 -102.08 103.14
C ASP G 895 -59.05 -103.25 103.99
N HIS G 896 -58.51 -102.96 105.17
CA HIS G 896 -58.11 -103.94 106.18
C HIS G 896 -59.29 -104.73 106.76
N MET G 897 -60.50 -104.24 106.54
CA MET G 897 -61.77 -104.89 106.84
C MET G 897 -62.00 -106.15 105.96
N VAL G 898 -63.17 -106.75 106.08
CA VAL G 898 -63.52 -108.04 105.48
C VAL G 898 -63.39 -108.03 103.94
N ARG G 899 -62.76 -109.08 103.39
CA ARG G 899 -62.80 -109.51 101.98
C ARG G 899 -64.23 -109.87 101.58
N GLU G 900 -65.07 -108.84 101.48
CA GLU G 900 -66.49 -109.00 101.69
C GLU G 900 -67.16 -109.97 100.73
N GLU G 901 -68.25 -110.48 101.23
CA GLU G 901 -69.34 -110.94 100.42
C GLU G 901 -70.54 -109.98 100.44
N ALA G 902 -70.56 -109.00 101.34
CA ALA G 902 -71.77 -108.35 101.89
C ALA G 902 -72.82 -109.40 102.32
N LYS G 903 -72.29 -110.53 102.80
CA LYS G 903 -72.94 -111.84 102.98
C LYS G 903 -73.84 -112.24 101.80
N SER G 904 -73.23 -112.14 100.63
CA SER G 904 -73.69 -112.50 99.28
C SER G 904 -74.82 -111.61 98.76
N LEU G 905 -74.53 -110.68 97.84
CA LEU G 905 -75.52 -109.90 97.07
C LEU G 905 -76.20 -110.78 96.01
N THR G 906 -76.87 -111.82 96.50
CA THR G 906 -77.64 -112.76 95.67
C THR G 906 -78.88 -112.09 95.11
N PRO G 907 -79.62 -112.82 94.27
CA PRO G 907 -81.05 -112.70 94.06
C PRO G 907 -81.84 -111.87 95.08
N LYS G 908 -81.71 -112.11 96.38
CA LYS G 908 -82.55 -111.40 97.35
C LYS G 908 -82.34 -109.91 97.41
N GLN G 909 -81.11 -109.43 97.58
CA GLN G 909 -80.83 -107.98 97.57
C GLN G 909 -80.81 -107.45 96.12
N CYS G 910 -80.86 -108.31 95.10
CA CYS G 910 -81.13 -107.84 93.73
C CYS G 910 -82.63 -107.50 93.59
N ALA G 911 -83.50 -108.43 93.96
CA ALA G 911 -84.83 -108.10 94.47
C ALA G 911 -84.67 -107.20 95.71
N VAL G 912 -85.75 -106.80 96.38
CA VAL G 912 -85.74 -105.75 97.42
C VAL G 912 -85.39 -104.42 96.80
N VAL G 913 -84.18 -104.26 96.29
CA VAL G 913 -83.72 -103.10 95.54
C VAL G 913 -84.52 -102.94 94.26
N GLU G 914 -84.68 -103.97 93.44
CA GLU G 914 -85.48 -103.81 92.21
C GLU G 914 -86.91 -103.41 92.51
N LEU G 915 -87.48 -103.94 93.59
CA LEU G 915 -88.80 -103.52 94.05
C LEU G 915 -88.81 -102.10 94.61
N ALA G 916 -87.79 -101.74 95.38
CA ALA G 916 -87.65 -100.42 95.94
C ALA G 916 -87.50 -99.40 94.81
N LEU G 917 -86.64 -99.68 93.84
CA LEU G 917 -86.50 -98.93 92.59
C LEU G 917 -87.84 -98.81 91.93
N ASP G 918 -88.60 -99.88 91.80
CA ASP G 918 -89.90 -99.78 91.18
C ASP G 918 -90.82 -98.87 91.97
N THR G 919 -90.86 -99.03 93.28
CA THR G 919 -91.64 -98.21 94.18
C THR G 919 -91.31 -96.75 94.03
N ILE G 920 -90.03 -96.45 94.03
CA ILE G 920 -89.49 -95.13 93.78
C ILE G 920 -89.88 -94.65 92.39
N LYS G 921 -89.78 -95.50 91.38
CA LYS G 921 -90.11 -95.17 89.99
C LYS G 921 -91.60 -94.87 89.87
N GLN G 922 -92.46 -95.58 90.58
CA GLN G 922 -93.87 -95.25 90.67
C GLN G 922 -94.06 -93.93 91.39
N TYR G 923 -93.27 -93.67 92.42
CA TYR G 923 -93.29 -92.42 93.17
C TYR G 923 -92.90 -91.22 92.32
N PHE G 924 -91.74 -91.27 91.68
CA PHE G 924 -91.26 -90.26 90.72
C PHE G 924 -92.19 -90.13 89.53
N HIS G 925 -92.77 -91.24 89.09
CA HIS G 925 -93.75 -91.20 88.02
C HIS G 925 -95.02 -90.50 88.48
N ALA G 926 -95.44 -90.75 89.72
CA ALA G 926 -96.67 -90.26 90.32
C ALA G 926 -97.85 -90.35 89.33
N GLY G 927 -98.01 -91.52 88.69
CA GLY G 927 -99.09 -91.73 87.71
C GLY G 927 -99.02 -90.82 86.47
N GLY G 928 -97.85 -90.31 86.10
CA GLY G 928 -97.67 -89.36 84.99
C GLY G 928 -97.70 -87.90 85.42
N VAL G 929 -98.10 -87.59 86.65
CA VAL G 929 -97.98 -86.24 87.24
C VAL G 929 -96.51 -85.85 87.39
N GLY G 930 -95.69 -86.83 87.74
CA GLY G 930 -94.26 -86.70 87.82
C GLY G 930 -93.58 -86.95 86.47
N LEU G 931 -92.54 -87.78 86.47
CA LEU G 931 -91.76 -88.10 85.26
C LEU G 931 -92.41 -89.21 84.42
N LYS G 932 -92.09 -89.23 83.13
CA LYS G 932 -92.55 -90.25 82.18
C LYS G 932 -91.93 -91.59 82.51
N LYS G 933 -92.70 -92.68 82.51
CA LYS G 933 -92.13 -94.03 82.64
C LYS G 933 -91.09 -94.33 81.57
N THR G 934 -91.18 -93.72 80.39
CA THR G 934 -90.14 -93.78 79.34
C THR G 934 -88.81 -93.21 79.81
N PHE G 935 -88.76 -91.96 80.25
CA PHE G 935 -87.56 -91.33 80.79
C PHE G 935 -86.97 -92.14 81.95
N LEU G 936 -87.83 -92.65 82.83
CA LEU G 936 -87.40 -93.42 83.98
C LEU G 936 -86.82 -94.77 83.54
N GLU G 937 -87.52 -95.52 82.70
CA GLU G 937 -87.03 -96.80 82.18
C GLU G 937 -85.73 -96.62 81.39
N LYS G 938 -85.71 -95.61 80.53
CA LYS G 938 -84.54 -95.23 79.74
C LYS G 938 -83.66 -94.24 80.49
N SER G 939 -83.72 -94.21 81.82
CA SER G 939 -82.82 -93.40 82.61
C SER G 939 -81.48 -94.11 82.64
N PRO G 940 -80.40 -93.46 82.18
CA PRO G 940 -79.07 -94.03 82.30
C PRO G 940 -78.70 -94.23 83.76
N ASP G 941 -79.20 -93.35 84.62
CA ASP G 941 -79.06 -93.41 86.05
C ASP G 941 -79.63 -94.74 86.58
N LEU G 942 -80.82 -95.12 86.11
CA LEU G 942 -81.41 -96.41 86.39
C LEU G 942 -80.70 -97.56 85.67
N GLN G 943 -80.36 -97.41 84.40
CA GLN G 943 -79.81 -98.48 83.58
C GLN G 943 -78.41 -98.85 84.03
N SER G 944 -77.63 -97.86 84.43
CA SER G 944 -76.38 -98.08 85.12
C SER G 944 -76.64 -98.81 86.42
N LEU G 945 -77.60 -98.34 87.20
CA LEU G 945 -77.93 -98.94 88.48
C LEU G 945 -78.25 -100.43 88.33
N ARG G 946 -79.14 -100.74 87.39
CA ARG G 946 -79.45 -102.10 86.90
C ARG G 946 -78.20 -102.84 86.44
N TYR G 947 -77.33 -102.17 85.71
CA TYR G 947 -76.15 -102.83 85.22
C TYR G 947 -75.20 -103.23 86.35
N ALA G 948 -74.95 -102.34 87.32
CA ALA G 948 -74.14 -102.66 88.48
C ALA G 948 -74.77 -103.83 89.24
N LEU G 949 -76.09 -103.83 89.41
CA LEU G 949 -76.83 -104.94 89.97
C LEU G 949 -76.57 -106.25 89.21
N SER G 950 -76.47 -106.21 87.89
CA SER G 950 -76.18 -107.41 87.12
C SER G 950 -74.79 -107.98 87.39
N LEU G 951 -73.77 -107.15 87.67
CA LEU G 951 -72.41 -107.66 87.97
C LEU G 951 -72.48 -108.66 89.11
N TYR G 952 -73.23 -108.32 90.15
CA TYR G 952 -73.28 -109.10 91.39
C TYR G 952 -73.67 -110.56 91.20
N THR G 953 -74.51 -110.86 90.23
CA THR G 953 -74.98 -112.23 89.97
C THR G 953 -74.14 -112.97 88.93
N GLN G 954 -73.20 -112.32 88.26
CA GLN G 954 -72.54 -112.91 87.08
C GLN G 954 -71.67 -114.15 87.36
N ALA G 955 -71.41 -114.88 86.28
CA ALA G 955 -70.53 -116.03 86.25
C ALA G 955 -69.07 -115.65 86.48
N THR G 956 -68.34 -116.56 87.10
CA THR G 956 -66.93 -116.41 87.48
C THR G 956 -66.02 -116.06 86.30
N ASP G 957 -66.12 -116.77 85.18
CA ASP G 957 -65.26 -116.47 84.02
C ASP G 957 -65.58 -115.12 83.39
N LEU G 958 -66.86 -114.74 83.33
CA LEU G 958 -67.26 -113.44 82.80
C LEU G 958 -66.72 -112.30 83.66
N LEU G 959 -66.78 -112.48 84.98
CA LEU G 959 -66.15 -111.60 85.96
C LEU G 959 -64.63 -111.55 85.75
N ILE G 960 -63.96 -112.70 85.69
CA ILE G 960 -62.50 -112.78 85.45
C ILE G 960 -62.09 -112.12 84.13
N LYS G 961 -62.85 -112.33 83.06
CA LYS G 961 -62.66 -111.66 81.78
C LYS G 961 -62.75 -110.15 81.94
N THR G 962 -63.82 -109.70 82.60
CA THR G 962 -64.01 -108.28 82.92
C THR G 962 -62.81 -107.75 83.69
N PHE G 963 -62.28 -108.50 84.66
CA PHE G 963 -61.05 -108.15 85.35
C PHE G 963 -59.87 -107.99 84.41
N VAL G 964 -59.48 -109.01 83.64
CA VAL G 964 -58.27 -108.90 82.80
C VAL G 964 -58.40 -107.78 81.76
N GLN G 965 -59.58 -107.64 81.15
CA GLN G 965 -59.83 -106.57 80.19
C GLN G 965 -59.77 -105.17 80.84
N THR G 966 -60.26 -105.01 82.06
CA THR G 966 -60.24 -103.72 82.77
C THR G 966 -58.88 -103.44 83.42
N GLN G 967 -58.19 -104.46 83.93
CA GLN G 967 -56.87 -104.35 84.55
C GLN G 967 -55.74 -104.27 83.50
N SER G 968 -55.98 -103.61 82.38
CA SER G 968 -54.99 -103.35 81.31
C SER G 968 -53.69 -102.72 81.84
N ALA G 969 -53.79 -101.91 82.89
CA ALA G 969 -52.67 -101.28 83.58
C ALA G 969 -51.76 -102.25 84.37
N GLN G 970 -52.14 -103.53 84.55
CA GLN G 970 -51.27 -104.57 85.13
C GLN G 970 -50.19 -104.99 84.13
N GLY G 971 -49.17 -104.15 84.01
CA GLY G 971 -48.01 -104.35 83.14
C GLY G 971 -47.23 -103.05 82.97
N SER G 972 -47.93 -101.96 82.66
CA SER G 972 -47.36 -100.60 82.62
C SER G 972 -47.20 -100.04 84.03
N GLY G 973 -45.99 -100.09 84.56
CA GLY G 973 -45.62 -99.58 85.87
C GLY G 973 -45.78 -100.61 87.00
N VAL G 974 -44.68 -100.78 87.76
CA VAL G 974 -44.60 -101.54 89.02
C VAL G 974 -44.07 -100.63 90.11
N GLU G 975 -44.75 -100.57 91.25
CA GLU G 975 -44.24 -99.84 92.41
C GLU G 975 -43.15 -100.64 93.15
N ASP G 976 -41.94 -100.08 93.26
CA ASP G 976 -40.71 -100.66 93.83
C ASP G 976 -40.36 -102.10 93.33
N PRO G 977 -39.72 -102.23 92.16
CA PRO G 977 -39.35 -103.54 91.62
C PRO G 977 -38.26 -104.27 92.46
N VAL G 978 -38.43 -105.58 92.64
CA VAL G 978 -37.52 -106.51 93.38
C VAL G 978 -36.53 -107.28 92.50
N GLY G 979 -36.42 -106.86 91.25
CA GLY G 979 -35.71 -107.55 90.19
C GLY G 979 -36.50 -107.44 88.89
N GLU G 980 -36.07 -108.18 87.88
CA GLU G 980 -36.78 -108.27 86.60
C GLU G 980 -36.50 -109.62 85.94
N VAL G 981 -37.43 -110.08 85.09
CA VAL G 981 -37.28 -111.33 84.33
C VAL G 981 -37.26 -111.05 82.85
N SER G 982 -36.23 -111.51 82.17
CA SER G 982 -36.18 -111.58 80.72
C SER G 982 -36.89 -112.85 80.30
N VAL G 983 -38.05 -112.64 79.69
CA VAL G 983 -38.79 -113.68 78.99
C VAL G 983 -38.74 -113.38 77.51
N HIS G 984 -38.57 -114.41 76.69
CA HIS G 984 -38.96 -114.34 75.30
C HIS G 984 -40.22 -115.18 75.13
N VAL G 985 -41.32 -114.53 74.75
CA VAL G 985 -42.64 -115.16 74.69
C VAL G 985 -43.11 -115.22 73.26
N GLU G 986 -43.64 -116.35 72.81
CA GLU G 986 -44.23 -116.51 71.49
C GLU G 986 -45.69 -116.93 71.59
N LEU G 987 -46.59 -116.07 71.13
CA LEU G 987 -48.01 -116.37 70.97
C LEU G 987 -48.21 -117.13 69.66
N PHE G 988 -47.88 -118.41 69.66
CA PHE G 988 -48.31 -119.30 68.60
C PHE G 988 -49.81 -119.59 68.72
N THR G 989 -50.59 -118.96 67.83
CA THR G 989 -51.87 -119.55 67.42
C THR G 989 -51.52 -120.94 66.89
N HIS G 990 -51.86 -121.94 67.68
CA HIS G 990 -51.17 -123.22 67.77
C HIS G 990 -51.32 -124.06 66.50
N PRO G 991 -50.22 -124.43 65.83
CA PRO G 991 -50.30 -125.12 64.53
C PRO G 991 -50.90 -126.53 64.61
N GLY G 992 -50.89 -127.19 65.78
CA GLY G 992 -51.51 -128.50 65.97
C GLY G 992 -53.02 -128.48 66.26
N THR G 993 -53.63 -127.33 66.60
CA THR G 993 -55.04 -127.29 67.08
C THR G 993 -55.84 -126.01 66.76
N GLY G 994 -55.21 -124.91 66.34
CA GLY G 994 -55.87 -123.61 66.12
C GLY G 994 -56.27 -122.87 67.41
N GLU G 995 -55.98 -123.43 68.58
CA GLU G 995 -56.04 -122.70 69.86
C GLU G 995 -54.98 -121.59 69.91
N GLN G 996 -54.89 -120.85 71.01
CA GLN G 996 -53.68 -120.07 71.28
C GLN G 996 -52.83 -120.73 72.36
N LYS G 997 -51.57 -120.97 72.02
CA LYS G 997 -50.53 -121.40 72.94
C LYS G 997 -49.50 -120.30 73.13
N VAL G 998 -48.79 -120.38 74.24
CA VAL G 998 -47.85 -119.33 74.66
C VAL G 998 -46.53 -120.00 75.02
N THR G 999 -45.59 -120.01 74.07
CA THR G 999 -44.24 -120.51 74.34
C THR G 999 -43.49 -119.45 75.15
N VAL G 1000 -43.41 -119.61 76.47
CA VAL G 1000 -42.60 -118.73 77.32
C VAL G 1000 -41.22 -119.34 77.49
N LYS G 1001 -40.23 -118.83 76.74
CA LYS G 1001 -38.82 -119.08 76.99
C LYS G 1001 -38.35 -118.17 78.11
N VAL G 1002 -38.21 -118.71 79.31
CA VAL G 1002 -37.59 -118.00 80.43
C VAL G 1002 -36.10 -117.87 80.14
N VAL G 1003 -35.66 -116.68 79.76
CA VAL G 1003 -34.26 -116.45 79.41
C VAL G 1003 -33.46 -116.35 80.69
N ALA G 1004 -33.78 -115.37 81.53
CA ALA G 1004 -33.01 -115.08 82.74
C ALA G 1004 -33.83 -114.23 83.71
N ALA G 1005 -33.41 -114.17 84.97
CA ALA G 1005 -33.72 -113.05 85.84
C ALA G 1005 -32.50 -112.15 86.06
N ASN G 1006 -32.74 -110.95 86.59
CA ASN G 1006 -31.75 -109.92 86.91
C ASN G 1006 -32.18 -109.08 88.14
N ASP G 1007 -31.20 -108.47 88.81
CA ASP G 1007 -31.38 -107.60 89.98
C ASP G 1007 -32.18 -108.25 91.14
N LEU G 1008 -32.15 -109.58 91.27
CA LEU G 1008 -32.94 -110.30 92.29
C LEU G 1008 -32.55 -109.85 93.72
N LYS G 1009 -33.46 -109.16 94.40
CA LYS G 1009 -33.30 -108.76 95.80
C LYS G 1009 -33.59 -109.96 96.72
N TRP G 1010 -32.67 -110.92 96.80
CA TRP G 1010 -32.85 -112.17 97.57
C TRP G 1010 -31.57 -112.72 98.20
N GLN G 1011 -30.78 -111.88 98.88
CA GLN G 1011 -29.50 -112.30 99.47
C GLN G 1011 -29.71 -113.18 100.72
N THR G 1012 -30.13 -114.43 100.50
CA THR G 1012 -30.57 -115.37 101.53
C THR G 1012 -29.44 -116.02 102.34
N SER G 1013 -29.76 -116.50 103.54
CA SER G 1013 -28.83 -117.11 104.51
C SER G 1013 -28.44 -118.56 104.16
N GLY G 1014 -29.38 -119.36 103.65
CA GLY G 1014 -29.07 -120.62 102.98
C GLY G 1014 -28.42 -120.38 101.61
N ILE G 1015 -28.01 -121.42 100.91
CA ILE G 1015 -27.58 -121.30 99.51
C ILE G 1015 -28.79 -120.88 98.68
N PHE G 1016 -28.69 -119.77 97.97
CA PHE G 1016 -29.73 -119.32 97.04
C PHE G 1016 -29.80 -120.27 95.84
N ARG G 1017 -30.98 -120.72 95.45
CA ARG G 1017 -31.17 -121.65 94.31
C ARG G 1017 -32.37 -121.22 93.45
N PRO G 1018 -32.36 -120.01 92.85
CA PRO G 1018 -33.51 -119.50 92.15
C PRO G 1018 -33.93 -120.37 90.96
N PHE G 1019 -35.23 -120.46 90.77
CA PHE G 1019 -35.93 -120.96 89.61
C PHE G 1019 -37.08 -119.98 89.32
N ILE G 1020 -37.63 -120.02 88.11
CA ILE G 1020 -38.72 -119.11 87.75
C ILE G 1020 -39.97 -119.92 87.52
N GLU G 1021 -40.99 -119.62 88.30
CA GLU G 1021 -42.36 -119.99 87.98
C GLU G 1021 -42.94 -119.00 86.96
N VAL G 1022 -43.76 -119.50 86.06
CA VAL G 1022 -44.62 -118.65 85.22
C VAL G 1022 -46.05 -119.13 85.38
N ASN G 1023 -46.99 -118.19 85.50
CA ASN G 1023 -48.42 -118.48 85.54
C ASN G 1023 -49.14 -117.81 84.36
N ILE G 1024 -50.32 -118.31 84.00
CA ILE G 1024 -51.27 -117.66 83.09
C ILE G 1024 -52.56 -117.29 83.83
N VAL G 1025 -53.09 -116.09 83.57
CA VAL G 1025 -54.36 -115.59 84.11
C VAL G 1025 -55.29 -115.15 82.98
N GLY G 1026 -56.58 -115.42 83.17
CA GLY G 1026 -57.67 -115.13 82.24
C GLY G 1026 -58.86 -116.06 82.47
N PRO G 1027 -59.95 -115.88 81.71
CA PRO G 1027 -61.13 -116.75 81.80
C PRO G 1027 -60.83 -118.15 81.21
N GLN G 1028 -61.65 -119.14 81.58
CA GLN G 1028 -61.56 -120.53 81.12
C GLN G 1028 -60.16 -121.16 81.32
N LEU G 1029 -59.65 -121.14 82.56
CA LEU G 1029 -58.37 -121.76 82.96
C LEU G 1029 -58.52 -122.83 84.07
N SER G 1030 -59.73 -123.31 84.36
CA SER G 1030 -59.99 -124.38 85.35
C SER G 1030 -59.42 -125.75 84.93
N ASP G 1031 -59.32 -125.98 83.63
CA ASP G 1031 -58.96 -127.24 82.96
C ASP G 1031 -57.52 -127.24 82.40
N LYS G 1032 -56.82 -126.10 82.47
CA LYS G 1032 -55.54 -125.87 81.80
C LYS G 1032 -54.44 -125.54 82.80
N LYS G 1033 -53.22 -125.98 82.47
CA LYS G 1033 -52.02 -125.84 83.30
C LYS G 1033 -51.71 -124.36 83.51
N ARG G 1034 -52.18 -123.82 84.65
CA ARG G 1034 -52.02 -122.41 85.00
C ARG G 1034 -50.59 -122.03 85.39
N LYS G 1035 -49.70 -122.99 85.59
CA LYS G 1035 -48.35 -122.81 86.16
C LYS G 1035 -47.27 -123.67 85.47
N PHE G 1036 -46.05 -123.16 85.36
CA PHE G 1036 -44.82 -123.88 85.00
C PHE G 1036 -43.67 -123.45 85.92
N ALA G 1037 -42.58 -124.21 85.99
CA ALA G 1037 -41.37 -123.82 86.70
C ALA G 1037 -40.06 -124.33 86.06
N THR G 1038 -38.99 -123.53 86.09
CA THR G 1038 -37.68 -123.92 85.54
C THR G 1038 -36.92 -124.88 86.47
N LYS G 1039 -35.81 -125.46 86.01
CA LYS G 1039 -34.76 -125.96 86.93
C LYS G 1039 -34.24 -124.80 87.79
N SER G 1040 -33.60 -125.12 88.90
CA SER G 1040 -32.89 -124.16 89.76
C SER G 1040 -31.46 -123.87 89.28
N LYS G 1041 -30.90 -122.70 89.67
CA LYS G 1041 -29.48 -122.33 89.48
C LYS G 1041 -28.83 -121.96 90.81
N ASN G 1042 -27.69 -122.55 91.16
CA ASN G 1042 -27.05 -122.29 92.44
C ASN G 1042 -26.43 -120.87 92.50
N ASN G 1043 -26.60 -120.22 93.65
CA ASN G 1043 -25.85 -119.04 94.11
C ASN G 1043 -25.76 -117.93 93.04
N SER G 1044 -26.90 -117.51 92.50
CA SER G 1044 -26.93 -116.66 91.30
C SER G 1044 -28.11 -115.69 91.26
N TRP G 1045 -27.87 -114.40 91.47
CA TRP G 1045 -28.90 -113.33 91.50
C TRP G 1045 -29.21 -112.68 90.13
N ALA G 1046 -28.49 -113.07 89.08
CA ALA G 1046 -28.92 -112.87 87.69
C ALA G 1046 -28.93 -114.21 86.91
N PRO G 1047 -29.73 -115.20 87.36
CA PRO G 1047 -29.68 -116.56 86.85
C PRO G 1047 -30.30 -116.66 85.46
N LYS G 1048 -29.60 -117.34 84.55
CA LYS G 1048 -30.13 -117.74 83.25
C LYS G 1048 -30.81 -119.10 83.34
N TYR G 1049 -31.71 -119.39 82.42
CA TYR G 1049 -32.43 -120.67 82.35
C TYR G 1049 -32.49 -121.18 80.91
N ASN G 1050 -32.96 -120.34 79.98
CA ASN G 1050 -33.20 -120.73 78.59
C ASN G 1050 -34.15 -121.94 78.49
N GLU G 1051 -35.13 -122.02 79.39
CA GLU G 1051 -36.10 -123.10 79.49
C GLU G 1051 -37.46 -122.66 78.97
N SER G 1052 -38.08 -123.49 78.13
CA SER G 1052 -39.29 -123.14 77.39
C SER G 1052 -40.52 -123.89 77.91
N PHE G 1053 -41.52 -123.11 78.31
CA PHE G 1053 -42.85 -123.57 78.74
C PHE G 1053 -43.89 -123.35 77.64
N GLN G 1054 -45.03 -124.02 77.73
CA GLN G 1054 -46.11 -123.91 76.74
C GLN G 1054 -47.48 -123.91 77.43
N PHE G 1055 -47.97 -122.72 77.80
CA PHE G 1055 -49.35 -122.55 78.26
C PHE G 1055 -50.34 -122.75 77.12
N SER G 1056 -51.56 -123.12 77.48
CA SER G 1056 -52.71 -123.07 76.58
C SER G 1056 -53.71 -122.03 77.09
N LEU G 1057 -54.10 -121.09 76.24
CA LEU G 1057 -55.23 -120.18 76.47
C LEU G 1057 -56.56 -120.88 76.16
N SER G 1058 -57.70 -120.24 76.35
CA SER G 1058 -58.92 -120.70 75.68
C SER G 1058 -58.84 -120.46 74.16
N ALA G 1059 -59.55 -121.26 73.38
CA ALA G 1059 -59.83 -120.96 71.98
C ALA G 1059 -60.77 -119.75 71.83
N ASP G 1060 -61.79 -119.63 72.69
CA ASP G 1060 -62.86 -118.64 72.51
C ASP G 1060 -62.44 -117.23 72.96
N ALA G 1061 -61.86 -117.09 74.15
CA ALA G 1061 -61.31 -115.83 74.62
C ALA G 1061 -60.03 -115.47 73.86
N GLY G 1062 -59.94 -114.24 73.36
CA GLY G 1062 -58.76 -113.74 72.67
C GLY G 1062 -57.60 -113.48 73.62
N PRO G 1063 -56.38 -113.27 73.11
CA PRO G 1063 -55.19 -113.08 73.93
C PRO G 1063 -55.28 -111.84 74.82
N GLU G 1064 -56.05 -110.83 74.43
CA GLU G 1064 -56.36 -109.67 75.28
C GLU G 1064 -57.24 -109.99 76.50
N CYS G 1065 -57.85 -111.17 76.55
CA CYS G 1065 -58.46 -111.71 77.77
C CYS G 1065 -57.43 -112.36 78.70
N TYR G 1066 -56.14 -112.35 78.35
CA TYR G 1066 -55.10 -113.05 79.09
C TYR G 1066 -53.89 -112.19 79.40
N GLU G 1067 -53.16 -112.67 80.39
CA GLU G 1067 -51.93 -112.09 80.89
C GLU G 1067 -51.11 -113.19 81.56
N LEU G 1068 -49.81 -113.23 81.28
CA LEU G 1068 -48.89 -114.03 82.09
C LEU G 1068 -48.66 -113.32 83.41
N GLN G 1069 -48.44 -114.09 84.47
CA GLN G 1069 -48.08 -113.61 85.79
C GLN G 1069 -46.83 -114.38 86.27
N VAL G 1070 -45.67 -113.84 85.95
CA VAL G 1070 -44.34 -114.41 86.20
C VAL G 1070 -43.96 -114.29 87.67
N CYS G 1071 -43.31 -115.30 88.25
CA CYS G 1071 -42.90 -115.30 89.65
C CYS G 1071 -41.59 -116.04 89.88
N VAL G 1072 -40.54 -115.32 90.27
CA VAL G 1072 -39.25 -115.96 90.63
C VAL G 1072 -39.37 -116.59 92.01
N LYS G 1073 -38.72 -117.73 92.22
CA LYS G 1073 -38.74 -118.48 93.49
C LYS G 1073 -37.40 -119.10 93.86
N ASP G 1074 -37.14 -119.28 95.14
CA ASP G 1074 -35.92 -119.90 95.66
C ASP G 1074 -36.16 -121.37 96.02
N TYR G 1075 -35.45 -122.31 95.38
CA TYR G 1075 -35.66 -123.75 95.58
C TYR G 1075 -35.02 -124.27 96.87
N CYS G 1076 -35.79 -124.94 97.71
CA CYS G 1076 -35.30 -125.53 98.95
C CYS G 1076 -35.90 -126.95 99.15
N PHE G 1077 -35.28 -127.97 98.55
CA PHE G 1077 -35.72 -129.37 98.69
C PHE G 1077 -35.73 -129.82 100.16
N ALA G 1078 -36.65 -130.73 100.49
CA ALA G 1078 -37.06 -131.15 101.84
C ALA G 1078 -37.65 -130.04 102.74
N ARG G 1079 -37.23 -128.78 102.56
CA ARG G 1079 -37.84 -127.57 103.13
C ARG G 1079 -39.00 -127.09 102.24
N GLU G 1080 -39.03 -125.80 101.91
CA GLU G 1080 -40.08 -125.09 101.19
C GLU G 1080 -39.49 -124.05 100.23
N ASP G 1081 -40.04 -123.93 99.03
CA ASP G 1081 -39.62 -122.89 98.06
C ASP G 1081 -40.24 -121.52 98.37
N ARG G 1082 -39.59 -120.41 97.98
CA ARG G 1082 -39.97 -119.05 98.44
C ARG G 1082 -40.12 -118.01 97.32
N THR G 1083 -41.22 -117.24 97.29
CA THR G 1083 -41.47 -116.19 96.26
C THR G 1083 -40.53 -115.00 96.38
N VAL G 1084 -39.77 -114.77 95.32
CA VAL G 1084 -38.81 -113.68 95.17
C VAL G 1084 -39.42 -112.42 94.53
N GLY G 1085 -40.48 -112.52 93.72
CA GLY G 1085 -41.18 -111.37 93.13
C GLY G 1085 -42.24 -111.78 92.12
N LEU G 1086 -43.08 -110.85 91.64
CA LEU G 1086 -44.16 -111.12 90.68
C LEU G 1086 -44.22 -110.06 89.57
N ALA G 1087 -44.42 -110.43 88.30
CA ALA G 1087 -44.66 -109.46 87.20
C ALA G 1087 -45.80 -109.89 86.29
N VAL G 1088 -46.59 -108.96 85.75
CA VAL G 1088 -47.67 -109.27 84.80
C VAL G 1088 -47.31 -108.83 83.39
N LEU G 1089 -47.41 -109.75 82.43
CA LEU G 1089 -47.24 -109.48 81.00
C LEU G 1089 -48.58 -109.69 80.31
N GLN G 1090 -49.20 -108.61 79.85
CA GLN G 1090 -50.48 -108.64 79.15
C GLN G 1090 -50.36 -109.33 77.79
N LEU G 1091 -51.13 -110.40 77.55
CA LEU G 1091 -51.09 -111.06 76.24
C LEU G 1091 -51.80 -110.27 75.14
N ARG G 1092 -52.51 -109.18 75.47
CA ARG G 1092 -52.92 -108.15 74.49
C ARG G 1092 -51.72 -107.57 73.71
N GLU G 1093 -50.55 -107.42 74.33
CA GLU G 1093 -49.35 -106.96 73.63
C GLU G 1093 -48.85 -108.00 72.62
N LEU G 1094 -48.75 -109.24 73.07
CA LEU G 1094 -48.30 -110.36 72.25
C LEU G 1094 -49.27 -110.72 71.13
N ALA G 1095 -50.56 -110.38 71.26
CA ALA G 1095 -51.53 -110.42 70.17
C ALA G 1095 -51.05 -109.61 68.96
N GLN G 1096 -50.45 -108.44 69.21
CA GLN G 1096 -49.87 -107.58 68.16
C GLN G 1096 -48.45 -108.03 67.82
N ARG G 1097 -47.60 -108.22 68.83
CA ARG G 1097 -46.15 -108.47 68.65
C ARG G 1097 -45.88 -109.84 68.06
N GLY G 1098 -46.78 -110.81 68.25
CA GLY G 1098 -46.65 -112.22 67.87
C GLY G 1098 -45.62 -112.97 68.74
N SER G 1099 -44.46 -112.37 68.94
CA SER G 1099 -43.52 -112.75 69.99
C SER G 1099 -42.84 -111.52 70.58
N ALA G 1100 -42.35 -111.64 71.81
CA ALA G 1100 -41.80 -110.53 72.58
C ALA G 1100 -40.69 -111.00 73.52
N ALA G 1101 -39.48 -110.54 73.28
CA ALA G 1101 -38.44 -110.50 74.30
C ALA G 1101 -38.66 -109.26 75.17
N CYS G 1102 -38.89 -109.44 76.48
CA CYS G 1102 -39.20 -108.34 77.38
C CYS G 1102 -38.59 -108.53 78.78
N TRP G 1103 -38.07 -107.44 79.35
CA TRP G 1103 -37.73 -107.35 80.77
C TRP G 1103 -38.95 -106.96 81.59
N LEU G 1104 -39.48 -107.93 82.33
CA LEU G 1104 -40.63 -107.74 83.21
C LEU G 1104 -40.15 -107.32 84.61
N PRO G 1105 -40.32 -106.06 85.04
CA PRO G 1105 -40.00 -105.66 86.41
C PRO G 1105 -40.88 -106.43 87.41
N LEU G 1106 -40.25 -107.18 88.32
CA LEU G 1106 -40.93 -107.90 89.38
C LEU G 1106 -41.42 -106.92 90.43
N GLY G 1107 -42.71 -106.79 90.62
CA GLY G 1107 -43.29 -106.17 91.81
C GLY G 1107 -43.32 -107.11 93.00
N ARG G 1108 -43.62 -106.54 94.18
CA ARG G 1108 -43.99 -107.28 95.39
C ARG G 1108 -45.48 -107.65 95.39
N ARG G 1109 -46.34 -106.83 94.77
CA ARG G 1109 -47.78 -107.04 94.53
C ARG G 1109 -48.18 -106.52 93.13
N ILE G 1110 -49.44 -106.76 92.75
CA ILE G 1110 -50.04 -106.41 91.45
C ILE G 1110 -51.15 -105.35 91.66
N HIS G 1111 -51.11 -104.24 90.91
CA HIS G 1111 -51.99 -103.08 91.11
C HIS G 1111 -53.40 -103.25 90.51
N MET G 1112 -54.44 -102.64 91.09
CA MET G 1112 -55.84 -102.76 90.61
C MET G 1112 -56.57 -101.43 90.56
N ASP G 1113 -57.66 -101.41 89.80
CA ASP G 1113 -58.65 -100.34 89.77
C ASP G 1113 -59.99 -100.77 90.39
N ASP G 1114 -60.93 -99.83 90.48
CA ASP G 1114 -62.26 -100.03 91.07
C ASP G 1114 -63.08 -101.16 90.44
N THR G 1115 -62.78 -101.53 89.20
CA THR G 1115 -63.51 -102.55 88.45
C THR G 1115 -62.81 -103.88 88.62
N GLY G 1116 -61.48 -103.88 88.74
CA GLY G 1116 -60.76 -104.99 89.30
C GLY G 1116 -61.30 -105.31 90.69
N LEU G 1117 -61.46 -104.30 91.53
CA LEU G 1117 -61.98 -104.41 92.88
C LEU G 1117 -63.47 -104.74 92.95
N THR G 1118 -64.34 -104.17 92.11
CA THR G 1118 -65.78 -104.56 92.06
C THR G 1118 -65.90 -106.01 91.65
N VAL G 1119 -65.15 -106.43 90.63
CA VAL G 1119 -65.10 -107.84 90.25
C VAL G 1119 -64.56 -108.70 91.37
N LEU G 1120 -63.44 -108.32 92.00
CA LEU G 1120 -62.83 -109.08 93.10
C LEU G 1120 -63.80 -109.19 94.29
N ARG G 1121 -64.64 -108.18 94.57
CA ARG G 1121 -65.74 -108.24 95.57
C ARG G 1121 -66.84 -109.23 95.21
N ILE G 1122 -67.07 -109.46 93.93
CA ILE G 1122 -68.08 -110.39 93.41
C ILE G 1122 -67.50 -111.80 93.28
N LEU G 1123 -66.24 -111.94 92.92
CA LEU G 1123 -65.49 -113.19 92.95
C LEU G 1123 -65.18 -113.66 94.38
N SER G 1124 -64.95 -112.73 95.31
CA SER G 1124 -64.79 -113.06 96.72
C SER G 1124 -66.12 -113.56 97.32
N GLN G 1125 -67.27 -113.09 96.82
CA GLN G 1125 -68.57 -113.73 97.10
C GLN G 1125 -68.68 -115.16 96.64
N ARG G 1126 -67.99 -115.51 95.55
CA ARG G 1126 -67.86 -116.89 95.10
C ARG G 1126 -66.69 -117.56 95.85
N SER G 1127 -66.68 -117.40 97.18
CA SER G 1127 -65.66 -117.92 98.11
C SER G 1127 -65.46 -119.43 98.05
N ASN G 1128 -66.44 -120.18 97.53
CA ASN G 1128 -66.40 -121.63 97.36
C ASN G 1128 -65.97 -122.08 95.96
N ASP G 1129 -66.14 -121.24 94.93
CA ASP G 1129 -65.77 -121.56 93.56
C ASP G 1129 -64.24 -121.63 93.48
N GLU G 1130 -63.70 -122.77 93.06
CA GLU G 1130 -62.26 -122.97 93.06
C GLU G 1130 -61.51 -122.08 92.06
N VAL G 1131 -62.15 -121.70 90.95
CA VAL G 1131 -61.59 -120.73 90.01
C VAL G 1131 -61.62 -119.34 90.63
N ALA G 1132 -62.74 -118.95 91.26
CA ALA G 1132 -62.84 -117.64 91.92
C ALA G 1132 -61.90 -117.54 93.13
N LYS G 1133 -61.80 -118.58 93.95
CA LYS G 1133 -60.77 -118.72 94.99
C LYS G 1133 -59.37 -118.56 94.40
N GLU G 1134 -58.98 -119.38 93.41
CA GLU G 1134 -57.62 -119.33 92.86
C GLU G 1134 -57.33 -118.00 92.14
N PHE G 1135 -58.35 -117.37 91.55
CA PHE G 1135 -58.21 -116.03 90.99
C PHE G 1135 -58.01 -114.98 92.09
N VAL G 1136 -58.91 -114.92 93.07
CA VAL G 1136 -58.84 -113.99 94.22
C VAL G 1136 -57.53 -114.19 94.98
N LYS G 1137 -57.07 -115.45 95.11
CA LYS G 1137 -55.75 -115.80 95.66
C LYS G 1137 -54.62 -115.31 94.75
N LEU G 1138 -54.55 -115.72 93.48
CA LEU G 1138 -53.45 -115.36 92.57
C LEU G 1138 -53.33 -113.85 92.35
N LYS G 1139 -54.41 -113.08 92.47
CA LYS G 1139 -54.38 -111.61 92.43
C LYS G 1139 -54.13 -110.93 93.77
N SER G 1140 -54.43 -111.59 94.89
CA SER G 1140 -53.95 -111.19 96.21
C SER G 1140 -52.60 -111.85 96.55
N ASP G 1141 -51.92 -112.44 95.56
CA ASP G 1141 -50.62 -113.09 95.71
C ASP G 1141 -49.50 -112.05 95.79
N THR G 1142 -48.58 -112.20 96.74
CA THR G 1142 -47.53 -111.21 97.04
C THR G 1142 -46.22 -111.87 97.47
N ARG G 1143 -45.11 -111.15 97.25
CA ARG G 1143 -43.78 -111.53 97.73
C ARG G 1143 -43.65 -111.28 99.25
N SER G 1144 -43.04 -112.23 99.97
CA SER G 1144 -42.51 -111.99 101.32
C SER G 1144 -41.31 -111.03 101.26
N ALA G 1145 -41.28 -110.00 102.10
CA ALA G 1145 -40.25 -108.95 102.03
C ALA G 1145 -38.84 -109.42 102.42
N GLU G 1146 -38.72 -110.57 103.09
CA GLU G 1146 -37.46 -111.14 103.54
C GLU G 1146 -36.47 -111.42 102.39
N GLU G 1147 -35.18 -111.37 102.69
CA GLU G 1147 -34.08 -111.35 101.72
C GLU G 1147 -34.03 -110.12 100.78
N GLY G 1148 -34.94 -109.14 100.90
CA GLY G 1148 -35.04 -108.01 99.96
C GLY G 1148 -35.91 -106.79 100.36
N GLY G 1149 -35.80 -106.29 101.58
CA GLY G 1149 -36.06 -104.86 101.90
C GLY G 1149 -37.50 -104.36 102.03
N ALA G 1150 -37.82 -103.28 101.31
CA ALA G 1150 -38.93 -102.33 101.56
C ALA G 1150 -40.36 -102.88 101.31
N ALA G 1151 -41.36 -102.04 101.59
CA ALA G 1151 -42.78 -102.36 101.49
C ALA G 1151 -43.37 -102.26 100.05
N PRO G 1152 -44.45 -103.01 99.73
CA PRO G 1152 -45.26 -102.82 98.52
C PRO G 1152 -46.06 -101.50 98.52
N ALA G 1153 -46.70 -101.20 97.39
CA ALA G 1153 -47.66 -100.09 97.26
C ALA G 1153 -48.87 -100.49 96.37
N PRO G 1154 -50.06 -99.93 96.61
CA PRO G 1154 -51.33 -100.36 96.01
C PRO G 1154 -51.32 -100.29 94.49
N GLU H 23 -200.19 -15.40 51.65
CA GLU H 23 -200.34 -13.92 51.70
C GLU H 23 -201.38 -13.47 52.74
N GLU H 24 -202.64 -13.90 52.61
CA GLU H 24 -203.74 -13.58 53.53
C GLU H 24 -203.35 -13.61 55.02
N LEU H 25 -202.88 -14.76 55.53
CA LEU H 25 -202.40 -14.90 56.90
C LEU H 25 -201.23 -13.96 57.21
N LYS H 26 -200.26 -13.81 56.31
CA LYS H 26 -199.11 -12.92 56.50
C LYS H 26 -199.52 -11.47 56.70
N ASN H 27 -200.42 -10.96 55.87
CA ASN H 27 -200.92 -9.60 56.01
C ASN H 27 -201.83 -9.44 57.23
N HIS H 28 -202.70 -10.41 57.49
CA HIS H 28 -203.52 -10.48 58.70
C HIS H 28 -202.64 -10.44 59.97
N VAL H 29 -201.59 -11.23 60.01
CA VAL H 29 -200.63 -11.29 61.10
C VAL H 29 -199.78 -10.04 61.17
N TYR H 30 -199.34 -9.46 60.05
CA TYR H 30 -198.68 -8.16 60.03
C TYR H 30 -199.52 -7.13 60.79
N LYS H 31 -200.77 -6.98 60.37
CA LYS H 31 -201.75 -6.07 60.98
C LYS H 31 -201.99 -6.37 62.46
N LYS H 32 -202.20 -7.63 62.82
CA LYS H 32 -202.39 -8.04 64.22
C LYS H 32 -201.15 -7.94 65.07
N THR H 33 -199.97 -7.99 64.48
CA THR H 33 -198.70 -7.76 65.16
C THR H 33 -198.51 -6.27 65.40
N LEU H 34 -198.76 -5.45 64.37
CA LEU H 34 -198.77 -3.99 64.52
C LEU H 34 -199.75 -3.55 65.61
N GLN H 35 -201.00 -4.02 65.57
CA GLN H 35 -201.97 -3.73 66.62
C GLN H 35 -201.53 -4.29 67.98
N ALA H 36 -200.96 -5.50 68.02
CA ALA H 36 -200.56 -6.11 69.29
C ALA H 36 -199.50 -5.33 70.04
N LEU H 37 -198.60 -4.68 69.31
CA LEU H 37 -197.41 -4.03 69.85
C LEU H 37 -197.46 -2.50 69.81
N ILE H 38 -198.36 -1.86 69.07
CA ILE H 38 -198.50 -0.39 69.12
C ILE H 38 -199.03 0.05 70.48
N TYR H 39 -200.10 -0.60 70.94
CA TYR H 39 -200.43 -0.66 72.35
C TYR H 39 -200.02 -2.06 72.80
N PRO H 40 -198.76 -2.27 73.22
CA PRO H 40 -198.39 -3.57 73.77
C PRO H 40 -199.28 -3.85 74.98
N ILE H 41 -199.68 -5.11 75.20
CA ILE H 41 -200.50 -5.45 76.38
C ILE H 41 -199.80 -5.08 77.69
N SER H 42 -198.47 -4.93 77.67
CA SER H 42 -197.66 -4.42 78.77
C SER H 42 -197.91 -2.95 79.14
N CYS H 43 -198.77 -2.21 78.42
CA CYS H 43 -199.29 -0.91 78.87
C CYS H 43 -200.29 -0.98 80.04
N THR H 44 -200.92 -2.14 80.24
CA THR H 44 -202.18 -2.27 81.02
C THR H 44 -201.99 -2.39 82.54
N THR H 45 -203.03 -2.07 83.30
CA THR H 45 -203.09 -2.01 84.78
C THR H 45 -204.21 -2.90 85.32
N PRO H 46 -204.08 -3.58 86.48
CA PRO H 46 -205.11 -4.46 87.03
C PRO H 46 -206.06 -3.79 88.04
N HIS H 47 -207.32 -4.21 88.06
CA HIS H 47 -208.34 -3.67 88.98
C HIS H 47 -208.23 -4.30 90.38
N ASN H 48 -207.82 -3.50 91.37
CA ASN H 48 -207.88 -3.87 92.77
C ASN H 48 -209.31 -3.79 93.34
N PHE H 49 -210.13 -4.80 93.13
CA PHE H 49 -211.48 -4.87 93.68
C PHE H 49 -211.54 -5.26 95.16
N GLU H 50 -212.25 -4.46 95.95
CA GLU H 50 -212.87 -4.87 97.21
C GLU H 50 -214.31 -5.33 96.95
N VAL H 51 -214.76 -6.32 97.72
CA VAL H 51 -216.21 -6.57 97.89
C VAL H 51 -216.82 -5.36 98.57
N TRP H 52 -217.90 -4.85 98.02
CA TRP H 52 -218.59 -3.69 98.59
C TRP H 52 -220.10 -3.89 98.54
N THR H 53 -220.74 -3.72 99.69
CA THR H 53 -222.19 -3.73 99.81
C THR H 53 -222.76 -2.43 99.27
N ALA H 54 -223.60 -2.51 98.25
CA ALA H 54 -224.49 -1.42 97.86
C ALA H 54 -225.60 -1.26 98.93
N THR H 55 -225.26 -0.71 100.10
CA THR H 55 -226.15 -0.49 101.26
C THR H 55 -227.37 0.40 100.94
N THR H 56 -227.39 0.98 99.74
CA THR H 56 -228.52 1.64 99.05
C THR H 56 -228.60 1.15 97.59
N PRO H 57 -229.79 1.16 96.94
CA PRO H 57 -229.93 0.79 95.53
C PRO H 57 -228.96 1.57 94.62
N THR H 58 -228.09 0.85 93.89
CA THR H 58 -226.97 1.39 93.11
C THR H 58 -226.92 0.67 91.75
N TYR H 59 -226.30 1.27 90.73
CA TYR H 59 -226.31 0.73 89.37
C TYR H 59 -224.90 0.53 88.82
N CYS H 60 -224.64 -0.68 88.31
CA CYS H 60 -223.32 -1.16 87.95
C CYS H 60 -222.67 -0.36 86.80
N TYR H 61 -221.42 0.08 86.95
CA TYR H 61 -220.75 0.87 85.91
C TYR H 61 -220.44 0.10 84.62
N GLU H 62 -220.63 -1.23 84.62
CA GLU H 62 -220.71 -1.99 83.38
C GLU H 62 -222.14 -2.01 82.83
N CYS H 63 -223.02 -2.80 83.45
CA CYS H 63 -224.33 -3.13 82.92
C CYS H 63 -225.47 -2.17 83.25
N GLU H 64 -225.23 -1.19 84.12
CA GLU H 64 -226.24 -0.33 84.75
C GLU H 64 -227.32 -1.12 85.52
N GLY H 65 -227.06 -2.39 85.83
CA GLY H 65 -227.96 -3.29 86.58
C GLY H 65 -227.92 -3.08 88.09
N LEU H 66 -229.00 -3.43 88.79
CA LEU H 66 -229.19 -3.18 90.22
C LEU H 66 -228.19 -3.94 91.10
N LEU H 67 -227.47 -3.16 91.90
CA LEU H 67 -226.72 -3.54 93.07
C LEU H 67 -227.53 -3.08 94.28
N TRP H 68 -227.81 -3.97 95.22
CA TRP H 68 -228.66 -3.64 96.37
C TRP H 68 -228.45 -4.60 97.55
N GLY H 69 -228.16 -4.02 98.70
CA GLY H 69 -228.01 -4.70 99.97
C GLY H 69 -226.93 -5.76 99.93
N ILE H 70 -227.05 -6.70 100.87
CA ILE H 70 -226.29 -7.95 100.82
C ILE H 70 -226.81 -8.85 99.66
N ALA H 71 -228.10 -8.74 99.32
CA ALA H 71 -228.77 -9.56 98.29
C ALA H 71 -228.10 -9.47 96.91
N ARG H 72 -227.67 -8.27 96.51
CA ARG H 72 -226.97 -7.97 95.27
C ARG H 72 -225.79 -7.03 95.56
N GLN H 73 -224.80 -7.53 96.30
CA GLN H 73 -223.50 -6.83 96.50
C GLN H 73 -222.81 -6.50 95.18
N GLY H 74 -221.90 -5.51 95.22
CA GLY H 74 -221.00 -5.22 94.13
C GLY H 74 -219.52 -5.42 94.50
N MET H 75 -218.68 -5.07 93.55
CA MET H 75 -217.25 -4.86 93.73
C MET H 75 -216.97 -3.39 93.52
N ARG H 76 -216.24 -2.79 94.45
CA ARG H 76 -215.71 -1.44 94.31
C ARG H 76 -214.21 -1.62 94.11
N CYS H 77 -213.67 -1.23 92.96
CA CYS H 77 -212.22 -1.13 92.88
C CYS H 77 -211.72 0.01 93.76
N THR H 78 -210.49 -0.05 94.25
CA THR H 78 -209.81 1.12 94.82
C THR H 78 -209.11 1.91 93.73
N GLU H 79 -208.25 1.25 92.94
CA GLU H 79 -207.38 1.88 91.95
C GLU H 79 -208.20 2.48 90.81
N CYS H 80 -209.00 1.66 90.12
CA CYS H 80 -210.04 2.19 89.25
C CYS H 80 -211.27 2.66 89.99
N GLY H 81 -211.40 2.49 91.31
CA GLY H 81 -212.55 3.03 92.08
C GLY H 81 -213.93 2.38 91.80
N VAL H 82 -213.98 1.59 90.73
CA VAL H 82 -215.16 1.31 89.90
C VAL H 82 -216.18 0.43 90.61
N LYS H 83 -217.47 0.79 90.56
CA LYS H 83 -218.56 0.11 91.28
C LYS H 83 -219.36 -0.73 90.31
N CYS H 84 -219.45 -2.02 90.54
CA CYS H 84 -220.03 -2.96 89.58
C CYS H 84 -220.59 -4.20 90.26
N HIS H 85 -221.39 -5.02 89.57
CA HIS H 85 -221.65 -6.38 90.04
C HIS H 85 -220.33 -7.13 90.22
N GLU H 86 -220.32 -8.16 91.07
CA GLU H 86 -219.31 -9.21 90.99
C GLU H 86 -219.24 -9.80 89.57
N LYS H 87 -220.37 -10.27 89.04
CA LYS H 87 -220.44 -10.77 87.66
C LYS H 87 -220.03 -9.74 86.60
N CYS H 88 -219.99 -8.46 86.95
CA CYS H 88 -219.51 -7.39 86.07
C CYS H 88 -218.07 -6.96 86.30
N GLN H 89 -217.44 -7.27 87.43
CA GLN H 89 -216.13 -6.70 87.73
C GLN H 89 -215.05 -7.12 86.72
N ASP H 90 -215.30 -8.21 85.99
CA ASP H 90 -214.51 -8.69 84.86
C ASP H 90 -215.07 -8.21 83.50
N LEU H 91 -216.39 -8.03 83.39
CA LEU H 91 -217.03 -7.47 82.21
C LEU H 91 -216.72 -5.98 82.02
N LEU H 92 -216.30 -5.30 83.10
CA LEU H 92 -215.54 -4.05 83.03
C LEU H 92 -214.22 -4.31 82.28
N ASN H 93 -214.27 -4.22 80.95
CA ASN H 93 -213.26 -4.80 80.07
C ASN H 93 -211.89 -4.11 80.09
N ALA H 94 -211.85 -2.77 80.11
CA ALA H 94 -210.60 -2.02 79.92
C ALA H 94 -209.73 -2.01 81.18
N ASP H 95 -208.44 -1.70 81.02
CA ASP H 95 -207.47 -1.78 82.12
C ASP H 95 -207.78 -0.81 83.28
N CYS H 96 -207.08 -0.93 84.39
CA CYS H 96 -207.34 -0.11 85.56
C CYS H 96 -207.06 1.38 85.33
N LEU H 97 -206.15 1.78 84.43
CA LEU H 97 -206.12 3.16 83.95
C LEU H 97 -207.46 3.53 83.33
N GLN H 98 -207.86 2.84 82.28
CA GLN H 98 -209.08 3.17 81.54
C GLN H 98 -210.33 3.10 82.44
N ARG H 99 -210.50 2.05 83.26
CA ARG H 99 -211.61 1.98 84.21
C ARG H 99 -211.47 2.94 85.38
N ALA H 100 -210.27 3.42 85.76
CA ALA H 100 -210.18 4.56 86.67
C ALA H 100 -210.75 5.82 86.02
N ALA H 101 -210.48 6.00 84.72
CA ALA H 101 -211.11 7.04 83.92
C ALA H 101 -212.64 6.87 83.82
N GLU H 102 -213.14 5.69 83.46
CA GLU H 102 -214.59 5.46 83.36
C GLU H 102 -215.30 5.55 84.71
N LYS H 103 -214.73 5.03 85.80
CA LYS H 103 -215.21 5.32 87.17
C LYS H 103 -215.26 6.80 87.44
N SER H 104 -214.21 7.53 87.09
CA SER H 104 -214.17 8.98 87.33
C SER H 104 -215.29 9.67 86.57
N SER H 105 -215.59 9.25 85.34
CA SER H 105 -216.76 9.78 84.61
C SER H 105 -218.11 9.43 85.26
N LYS H 106 -218.23 8.26 85.91
CA LYS H 106 -219.47 7.79 86.57
C LYS H 106 -219.63 8.26 88.03
N HIS H 107 -218.54 8.69 88.67
CA HIS H 107 -218.54 9.50 89.90
C HIS H 107 -218.75 11.00 89.58
N GLY H 108 -218.15 11.56 88.52
CA GLY H 108 -218.40 12.91 88.01
C GLY H 108 -217.44 13.47 86.96
N ALA H 109 -216.12 13.30 87.13
CA ALA H 109 -215.08 13.82 86.25
C ALA H 109 -214.97 13.05 84.92
N GLU H 110 -215.69 13.48 83.89
CA GLU H 110 -215.58 12.93 82.52
C GLU H 110 -214.22 13.25 81.87
N ASP H 111 -213.60 14.37 82.23
CA ASP H 111 -212.34 14.85 81.64
C ASP H 111 -211.19 13.84 81.78
N ARG H 112 -211.21 13.05 82.86
CA ARG H 112 -210.31 11.92 83.10
C ARG H 112 -210.32 10.93 81.93
N THR H 113 -211.48 10.69 81.31
CA THR H 113 -211.61 9.82 80.15
C THR H 113 -210.79 10.35 78.97
N GLN H 114 -210.92 11.64 78.63
CA GLN H 114 -210.08 12.27 77.62
C GLN H 114 -208.60 12.25 77.99
N ASN H 115 -208.28 12.46 79.26
CA ASN H 115 -206.93 12.28 79.77
C ASN H 115 -206.40 10.86 79.49
N ILE H 116 -207.16 9.80 79.75
CA ILE H 116 -206.63 8.44 79.56
C ILE H 116 -206.72 7.97 78.10
N ILE H 117 -207.60 8.56 77.28
CA ILE H 117 -207.45 8.54 75.84
C ILE H 117 -206.12 9.17 75.44
N MET H 118 -205.74 10.30 76.04
CA MET H 118 -204.42 10.89 75.84
C MET H 118 -203.30 10.03 76.44
N VAL H 119 -203.51 9.29 77.52
CA VAL H 119 -202.55 8.26 77.96
C VAL H 119 -202.40 7.18 76.91
N LEU H 120 -203.49 6.70 76.32
CA LEU H 120 -203.46 5.72 75.24
C LEU H 120 -202.66 6.28 74.04
N LYS H 121 -202.95 7.51 73.61
CA LYS H 121 -202.16 8.20 72.57
C LYS H 121 -200.69 8.29 72.97
N ASP H 122 -200.40 8.83 74.14
CA ASP H 122 -199.04 9.05 74.62
C ASP H 122 -198.27 7.76 74.78
N ARG H 123 -198.90 6.69 75.29
CA ARG H 123 -198.34 5.35 75.33
C ARG H 123 -197.92 4.89 73.95
N MET H 124 -198.78 5.00 72.95
CA MET H 124 -198.47 4.61 71.57
C MET H 124 -197.41 5.52 70.92
N LYS H 125 -197.42 6.84 71.17
CA LYS H 125 -196.35 7.77 70.72
C LYS H 125 -195.00 7.44 71.35
N ILE H 126 -194.96 7.23 72.67
CA ILE H 126 -193.76 6.85 73.42
C ILE H 126 -193.27 5.51 72.88
N ARG H 127 -194.16 4.51 72.77
CA ARG H 127 -193.87 3.18 72.24
C ARG H 127 -193.19 3.24 70.88
N GLU H 128 -193.77 4.01 69.97
CA GLU H 128 -193.21 4.30 68.65
C GLU H 128 -191.87 5.00 68.71
N ARG H 129 -191.75 6.04 69.52
CA ARG H 129 -190.57 6.89 69.60
C ARG H 129 -189.41 6.18 70.30
N ASN H 130 -189.71 5.29 71.23
CA ASN H 130 -188.77 4.59 72.07
C ASN H 130 -188.40 3.23 71.50
N LYS H 131 -189.35 2.53 70.89
CA LYS H 131 -189.14 1.27 70.20
C LYS H 131 -189.54 1.30 68.73
N PRO H 132 -189.14 2.32 67.95
CA PRO H 132 -189.46 2.37 66.53
C PRO H 132 -189.00 1.11 65.81
N GLU H 133 -187.89 0.53 66.27
CA GLU H 133 -187.33 -0.70 65.72
C GLU H 133 -188.28 -1.89 65.81
N ILE H 134 -189.22 -1.93 66.77
CA ILE H 134 -190.26 -2.95 66.75
C ILE H 134 -191.09 -2.83 65.47
N PHE H 135 -191.56 -1.62 65.17
CA PHE H 135 -192.52 -1.37 64.09
C PHE H 135 -191.85 -1.45 62.71
N GLU H 136 -190.64 -0.93 62.61
CA GLU H 136 -189.76 -1.14 61.47
C GLU H 136 -189.48 -2.62 61.24
N LEU H 137 -189.15 -3.39 62.27
CA LEU H 137 -188.86 -4.80 62.07
C LEU H 137 -190.10 -5.55 61.58
N ILE H 138 -191.29 -5.27 62.12
CA ILE H 138 -192.54 -5.83 61.62
C ILE H 138 -192.73 -5.44 60.15
N GLN H 139 -192.50 -4.17 59.81
CA GLN H 139 -192.49 -3.73 58.43
C GLN H 139 -191.50 -4.52 57.56
N GLU H 140 -190.24 -4.70 57.95
CA GLU H 140 -189.26 -5.41 57.14
C GLU H 140 -189.53 -6.92 57.06
N VAL H 141 -189.90 -7.56 58.17
CA VAL H 141 -190.23 -8.98 58.28
C VAL H 141 -191.41 -9.33 57.41
N PHE H 142 -192.41 -8.45 57.42
CA PHE H 142 -193.56 -8.54 56.54
C PHE H 142 -193.35 -7.79 55.22
N ALA H 143 -192.12 -7.33 54.97
CA ALA H 143 -191.63 -6.68 53.75
C ALA H 143 -192.44 -5.48 53.27
N VAL H 144 -193.22 -4.85 54.14
CA VAL H 144 -194.06 -3.69 53.82
C VAL H 144 -193.18 -2.46 53.58
N THR H 145 -193.63 -1.43 52.86
CA THR H 145 -192.84 -0.19 52.69
C THR H 145 -193.00 0.72 53.90
N LYS H 146 -192.12 1.72 54.07
CA LYS H 146 -192.18 2.67 55.20
C LYS H 146 -193.42 3.57 55.16
N SER H 147 -193.79 4.06 53.98
CA SER H 147 -195.01 4.84 53.77
C SER H 147 -196.26 3.98 53.99
N ALA H 148 -196.36 2.81 53.37
CA ALA H 148 -197.51 1.93 53.56
C ALA H 148 -197.59 1.39 54.99
N HIS H 149 -196.44 1.13 55.62
CA HIS H 149 -196.37 0.88 57.05
C HIS H 149 -196.91 2.06 57.83
N THR H 150 -196.57 3.31 57.51
CA THR H 150 -197.14 4.50 58.15
C THR H 150 -198.66 4.56 57.97
N GLN H 151 -199.20 4.16 56.83
CA GLN H 151 -200.65 4.17 56.60
C GLN H 151 -201.39 3.00 57.26
N GLN H 152 -200.84 1.77 57.29
CA GLN H 152 -201.39 0.69 58.12
C GLN H 152 -201.18 0.96 59.62
N MET H 153 -200.13 1.69 59.96
CA MET H 153 -199.92 2.14 61.32
C MET H 153 -200.96 3.19 61.69
N LYS H 154 -201.29 4.16 60.83
CA LYS H 154 -202.50 4.98 60.99
C LYS H 154 -203.72 4.09 61.21
N ALA H 155 -203.88 3.02 60.45
CA ALA H 155 -204.99 2.11 60.67
C ALA H 155 -204.97 1.41 62.04
N VAL H 156 -203.87 0.81 62.51
CA VAL H 156 -203.86 0.14 63.83
C VAL H 156 -203.75 1.11 65.01
N LYS H 157 -203.14 2.28 64.82
CA LYS H 157 -203.25 3.41 65.74
C LYS H 157 -204.71 3.72 65.86
N GLN H 158 -205.40 3.99 64.77
CA GLN H 158 -206.81 4.27 64.79
C GLN H 158 -207.60 3.10 65.38
N SER H 159 -207.24 1.84 65.16
CA SER H 159 -207.91 0.70 65.79
C SER H 159 -207.72 0.61 67.31
N VAL H 160 -206.85 1.44 67.90
CA VAL H 160 -206.72 1.61 69.37
C VAL H 160 -206.84 3.10 69.80
N LEU H 161 -206.97 4.05 68.87
CA LEU H 161 -206.96 5.52 69.11
C LEU H 161 -208.19 6.24 68.57
N ASP H 162 -208.74 5.82 67.44
CA ASP H 162 -210.18 6.01 67.21
C ASP H 162 -210.92 5.04 68.14
N GLY H 163 -210.54 3.75 68.08
CA GLY H 163 -210.97 2.67 68.97
C GLY H 163 -210.42 2.74 70.41
N THR H 164 -210.19 3.95 70.93
CA THR H 164 -209.64 4.20 72.27
C THR H 164 -210.64 4.04 73.41
N SER H 165 -211.96 4.09 73.13
CA SER H 165 -213.03 4.12 74.13
C SER H 165 -214.43 3.93 73.52
N LYS H 166 -214.54 3.15 72.43
CA LYS H 166 -215.71 3.17 71.52
C LYS H 166 -216.70 2.03 71.77
N TRP H 167 -217.99 2.39 71.75
CA TRP H 167 -219.14 1.48 71.57
C TRP H 167 -220.06 2.10 70.49
N SER H 168 -219.47 2.54 69.39
CA SER H 168 -220.12 3.17 68.24
C SER H 168 -220.62 2.11 67.24
N ALA H 169 -221.47 1.22 67.72
CA ALA H 169 -221.92 0.04 66.99
C ALA H 169 -222.74 0.38 65.73
N LYS H 170 -222.25 -0.07 64.58
CA LYS H 170 -223.15 -0.38 63.48
C LYS H 170 -223.96 -1.62 63.90
N ILE H 171 -225.24 -1.63 63.54
CA ILE H 171 -226.19 -2.70 63.83
C ILE H 171 -226.87 -3.05 62.50
N SER H 172 -227.12 -4.33 62.23
CA SER H 172 -227.66 -4.81 60.97
C SER H 172 -228.76 -5.83 61.24
N ILE H 173 -229.98 -5.31 61.32
CA ILE H 173 -231.19 -6.00 61.77
C ILE H 173 -231.88 -6.62 60.58
N THR H 174 -231.69 -7.92 60.37
CA THR H 174 -232.57 -8.67 59.47
C THR H 174 -233.85 -9.07 60.19
N VAL H 175 -234.95 -8.43 59.84
CA VAL H 175 -236.27 -8.94 60.15
C VAL H 175 -236.47 -10.22 59.33
N VAL H 176 -236.45 -11.39 59.99
CA VAL H 176 -236.49 -12.68 59.28
C VAL H 176 -237.91 -13.11 58.99
N CYS H 177 -238.73 -13.33 60.01
CA CYS H 177 -240.06 -13.91 59.85
C CYS H 177 -240.90 -13.64 61.09
N ALA H 178 -242.20 -13.93 61.04
CA ALA H 178 -243.05 -13.99 62.22
C ALA H 178 -243.94 -15.24 62.18
N GLN H 179 -244.51 -15.59 63.32
CA GLN H 179 -245.39 -16.74 63.52
C GLN H 179 -246.56 -16.35 64.45
N GLY H 180 -247.78 -16.80 64.15
CA GLY H 180 -248.95 -16.61 65.01
C GLY H 180 -249.47 -15.18 65.13
N LEU H 181 -249.21 -14.31 64.14
CA LEU H 181 -249.66 -12.91 64.15
C LEU H 181 -251.19 -12.78 64.27
N GLN H 182 -251.65 -11.66 64.82
CA GLN H 182 -253.09 -11.35 64.85
C GLN H 182 -253.56 -10.99 63.44
N ALA H 183 -254.77 -11.40 63.06
CA ALA H 183 -255.40 -10.95 61.83
C ALA H 183 -255.95 -9.52 61.95
N LYS H 184 -255.79 -8.72 60.89
CA LYS H 184 -256.30 -7.33 60.77
C LYS H 184 -256.70 -6.94 59.33
N ASP H 185 -256.54 -7.81 58.35
CA ASP H 185 -256.44 -7.38 56.94
C ASP H 185 -257.74 -6.94 56.27
N LYS H 186 -257.54 -6.26 55.14
CA LYS H 186 -258.45 -6.22 54.00
C LYS H 186 -258.71 -7.64 53.42
N THR H 187 -257.71 -8.54 53.40
CA THR H 187 -257.84 -9.97 53.02
C THR H 187 -258.52 -10.88 54.06
N GLY H 188 -258.75 -10.41 55.29
CA GLY H 188 -259.12 -11.22 56.45
C GLY H 188 -257.96 -11.95 57.16
N SER H 189 -256.73 -11.94 56.61
CA SER H 189 -255.53 -12.47 57.28
C SER H 189 -254.75 -11.30 57.91
N SER H 190 -253.51 -11.04 57.49
CA SER H 190 -252.87 -9.72 57.51
C SER H 190 -251.91 -9.57 56.33
N ASP H 191 -251.60 -8.33 55.98
CA ASP H 191 -250.49 -7.93 55.14
C ASP H 191 -249.34 -7.43 56.03
N PRO H 192 -248.71 -8.27 56.86
CA PRO H 192 -247.69 -7.84 57.78
C PRO H 192 -246.44 -7.30 57.06
N TYR H 193 -246.04 -6.09 57.42
CA TYR H 193 -244.66 -5.60 57.34
C TYR H 193 -244.17 -5.24 58.73
N VAL H 194 -242.93 -4.77 58.82
CA VAL H 194 -242.28 -4.40 60.07
C VAL H 194 -241.60 -3.06 59.92
N THR H 195 -241.67 -2.19 60.93
CA THR H 195 -240.69 -1.11 61.08
C THR H 195 -239.66 -1.51 62.13
N VAL H 196 -238.42 -1.12 61.89
CA VAL H 196 -237.36 -1.16 62.89
C VAL H 196 -236.94 0.27 63.19
N GLN H 197 -236.64 0.56 64.45
CA GLN H 197 -236.12 1.85 64.90
C GLN H 197 -234.99 1.67 65.91
N VAL H 198 -233.92 2.46 65.78
CA VAL H 198 -232.80 2.53 66.74
C VAL H 198 -232.44 3.99 66.94
N GLY H 199 -232.39 4.46 68.19
CA GLY H 199 -232.42 5.91 68.46
C GLY H 199 -233.67 6.57 67.84
N LYS H 200 -233.50 7.74 67.21
CA LYS H 200 -234.57 8.42 66.45
C LYS H 200 -234.83 7.76 65.08
N THR H 201 -233.82 7.10 64.49
CA THR H 201 -233.86 6.58 63.11
C THR H 201 -234.83 5.41 62.95
N LYS H 202 -235.65 5.43 61.90
CA LYS H 202 -236.72 4.45 61.63
C LYS H 202 -236.71 4.00 60.16
N LYS H 203 -236.91 2.69 59.93
CA LYS H 203 -236.90 2.00 58.62
C LYS H 203 -237.98 0.93 58.58
N ARG H 204 -238.33 0.39 57.41
CA ARG H 204 -239.34 -0.68 57.29
C ARG H 204 -238.99 -1.80 56.31
N THR H 205 -239.45 -3.01 56.62
CA THR H 205 -239.59 -4.09 55.64
C THR H 205 -240.67 -3.74 54.63
N LYS H 206 -240.55 -4.32 53.44
CA LYS H 206 -241.70 -4.51 52.56
C LYS H 206 -242.70 -5.46 53.22
N THR H 207 -243.80 -5.65 52.54
CA THR H 207 -244.99 -6.29 53.10
C THR H 207 -245.09 -7.71 52.61
N ILE H 208 -245.32 -8.65 53.50
CA ILE H 208 -245.85 -9.95 53.12
C ILE H 208 -247.37 -9.83 53.18
N TYR H 209 -248.06 -10.33 52.16
CA TYR H 209 -249.50 -10.09 51.98
C TYR H 209 -250.30 -11.36 52.33
N GLY H 210 -251.44 -11.20 53.01
CA GLY H 210 -252.36 -12.30 53.33
C GLY H 210 -251.83 -13.38 54.29
N ASN H 211 -250.79 -13.14 55.08
CA ASN H 211 -250.07 -14.14 55.87
C ASN H 211 -250.00 -13.75 57.37
N LEU H 212 -250.19 -14.72 58.27
CA LEU H 212 -249.96 -14.57 59.72
C LEU H 212 -248.66 -15.23 60.21
N ASN H 213 -247.97 -15.96 59.33
CA ASN H 213 -246.63 -16.53 59.54
C ASN H 213 -245.63 -16.03 58.47
N PRO H 214 -245.49 -14.70 58.26
CA PRO H 214 -244.72 -14.13 57.14
C PRO H 214 -243.22 -14.41 57.25
N VAL H 215 -242.52 -14.50 56.12
CA VAL H 215 -241.05 -14.44 56.05
C VAL H 215 -240.63 -13.22 55.24
N TRP H 216 -239.89 -12.28 55.85
CA TRP H 216 -239.30 -11.14 55.17
C TRP H 216 -237.84 -11.39 54.77
N GLU H 217 -236.99 -11.80 55.71
CA GLU H 217 -235.52 -11.83 55.57
C GLU H 217 -234.93 -10.47 55.12
N GLU H 218 -235.46 -9.36 55.64
CA GLU H 218 -235.12 -8.00 55.20
C GLU H 218 -234.25 -7.25 56.21
N ASN H 219 -233.11 -6.72 55.76
CA ASN H 219 -232.08 -6.15 56.62
C ASN H 219 -232.06 -4.63 56.67
N PHE H 220 -231.95 -4.09 57.88
CA PHE H 220 -231.83 -2.68 58.17
C PHE H 220 -230.53 -2.40 58.91
N HIS H 221 -229.69 -1.59 58.30
CA HIS H 221 -228.54 -1.04 59.00
C HIS H 221 -228.96 0.14 59.87
N PHE H 222 -228.35 0.25 61.04
CA PHE H 222 -228.50 1.32 62.01
C PHE H 222 -227.18 1.64 62.68
N GLU H 223 -227.11 2.81 63.30
CA GLU H 223 -226.01 3.23 64.15
C GLU H 223 -226.52 3.42 65.58
N CYS H 224 -225.80 2.84 66.52
CA CYS H 224 -225.98 3.03 67.95
C CYS H 224 -224.66 3.48 68.57
N HIS H 225 -224.75 4.35 69.57
CA HIS H 225 -223.59 4.97 70.23
C HIS H 225 -223.61 4.75 71.75
N ASN H 226 -224.46 3.84 72.23
CA ASN H 226 -224.79 3.64 73.63
C ASN H 226 -225.33 2.22 73.87
N SER H 227 -224.62 1.40 74.65
CA SER H 227 -225.07 0.05 75.01
C SER H 227 -226.39 0.03 75.79
N SER H 228 -226.78 1.14 76.43
CA SER H 228 -228.08 1.31 77.07
C SER H 228 -229.20 1.79 76.12
N ASP H 229 -228.98 1.94 74.81
CA ASP H 229 -230.07 2.17 73.85
C ASP H 229 -231.01 0.95 73.76
N ARG H 230 -232.16 1.14 73.10
CA ARG H 230 -233.03 0.05 72.67
C ARG H 230 -233.19 0.05 71.16
N ILE H 231 -233.22 -1.15 70.59
CA ILE H 231 -233.91 -1.42 69.33
C ILE H 231 -235.42 -1.47 69.62
N LYS H 232 -236.25 -0.90 68.75
CA LYS H 232 -237.70 -1.10 68.70
C LYS H 232 -238.08 -1.78 67.38
N VAL H 233 -238.84 -2.86 67.43
CA VAL H 233 -239.30 -3.58 66.24
C VAL H 233 -240.81 -3.75 66.30
N ARG H 234 -241.52 -3.33 65.25
CA ARG H 234 -242.99 -3.21 65.27
C ARG H 234 -243.59 -3.76 63.99
N VAL H 235 -244.63 -4.55 64.08
CA VAL H 235 -245.25 -5.27 62.97
C VAL H 235 -246.57 -4.57 62.64
N TRP H 236 -246.86 -4.36 61.36
CA TRP H 236 -247.97 -3.56 60.85
C TRP H 236 -248.66 -4.28 59.72
N ASP H 237 -249.98 -4.33 59.76
CA ASP H 237 -250.77 -4.78 58.63
C ASP H 237 -250.88 -3.65 57.58
N GLU H 238 -250.35 -3.82 56.38
CA GLU H 238 -250.32 -2.73 55.42
C GLU H 238 -251.71 -2.37 54.88
N ASP H 239 -252.33 -1.35 55.47
CA ASP H 239 -253.59 -0.79 54.98
C ASP H 239 -253.31 0.33 53.98
N ASP H 240 -253.61 0.10 52.70
CA ASP H 240 -253.67 1.14 51.69
C ASP H 240 -255.11 1.26 51.18
N ASP H 241 -255.91 2.04 51.90
CA ASP H 241 -257.35 2.23 51.66
C ASP H 241 -257.80 3.62 52.15
N ILE H 242 -259.04 4.03 51.86
CA ILE H 242 -259.56 5.34 52.28
C ILE H 242 -259.45 5.52 53.81
N LYS H 243 -259.68 4.45 54.59
CA LYS H 243 -259.47 4.45 56.04
C LYS H 243 -258.03 4.80 56.41
N SER H 244 -257.01 4.19 55.82
CA SER H 244 -255.62 4.53 56.14
C SER H 244 -255.26 5.95 55.68
N ARG H 245 -255.73 6.40 54.51
CA ARG H 245 -255.58 7.80 54.05
C ARG H 245 -256.23 8.81 55.01
N VAL H 246 -257.35 8.46 55.65
CA VAL H 246 -257.94 9.26 56.74
C VAL H 246 -257.11 9.15 58.02
N LYS H 247 -256.76 7.95 58.48
CA LYS H 247 -255.98 7.71 59.70
C LYS H 247 -254.64 8.46 59.70
N GLN H 248 -253.98 8.59 58.54
CA GLN H 248 -252.72 9.34 58.38
C GLN H 248 -252.81 10.82 58.80
N ARG H 249 -254.01 11.38 58.94
CA ARG H 249 -254.29 12.76 59.40
C ARG H 249 -254.36 12.88 60.94
N PHE H 250 -254.35 11.75 61.67
CA PHE H 250 -254.60 11.68 63.12
C PHE H 250 -253.67 10.72 63.91
N LYS H 251 -253.17 9.64 63.31
CA LYS H 251 -252.19 8.68 63.89
C LYS H 251 -251.01 8.43 62.93
N ARG H 252 -249.79 8.35 63.46
CA ARG H 252 -248.55 8.08 62.70
C ARG H 252 -248.46 6.68 62.08
N GLU H 253 -249.20 5.70 62.60
CA GLU H 253 -249.03 4.28 62.29
C GLU H 253 -250.25 3.74 61.51
N SER H 254 -250.39 4.17 60.26
CA SER H 254 -251.57 3.99 59.40
C SER H 254 -251.86 2.55 58.93
N ASP H 255 -251.26 1.56 59.56
CA ASP H 255 -251.10 0.20 59.03
C ASP H 255 -251.28 -0.77 60.20
N ASP H 256 -252.48 -1.33 60.35
CA ASP H 256 -252.99 -1.80 61.64
C ASP H 256 -252.01 -2.72 62.39
N PHE H 257 -251.57 -2.24 63.54
CA PHE H 257 -250.44 -2.81 64.25
C PHE H 257 -250.70 -4.23 64.76
N LEU H 258 -249.73 -5.10 64.49
CA LEU H 258 -249.74 -6.54 64.71
C LEU H 258 -248.91 -6.98 65.92
N GLY H 259 -248.09 -6.07 66.47
CA GLY H 259 -247.32 -6.29 67.69
C GLY H 259 -245.88 -5.79 67.62
N GLN H 260 -245.19 -5.69 68.76
CA GLN H 260 -243.79 -5.22 68.81
C GLN H 260 -242.89 -6.05 69.73
N THR H 261 -241.58 -5.93 69.56
CA THR H 261 -240.57 -6.30 70.55
C THR H 261 -239.57 -5.16 70.74
N ILE H 262 -239.03 -5.01 71.95
CA ILE H 262 -238.05 -3.98 72.29
C ILE H 262 -236.86 -4.65 72.99
N ILE H 263 -235.64 -4.33 72.56
CA ILE H 263 -234.44 -5.10 72.88
C ILE H 263 -233.32 -4.17 73.34
N GLU H 264 -232.71 -4.40 74.51
CA GLU H 264 -231.58 -3.58 74.98
C GLU H 264 -230.32 -3.84 74.16
N VAL H 265 -229.61 -2.78 73.77
CA VAL H 265 -228.40 -2.92 72.97
C VAL H 265 -227.32 -3.75 73.69
N ARG H 266 -227.23 -3.72 75.04
CA ARG H 266 -226.30 -4.59 75.77
C ARG H 266 -226.64 -6.09 75.79
N THR H 267 -227.86 -6.48 75.42
CA THR H 267 -228.15 -7.91 75.17
C THR H 267 -227.54 -8.38 73.84
N LEU H 268 -227.21 -7.43 72.94
CA LEU H 268 -226.62 -7.72 71.66
C LEU H 268 -225.10 -7.90 71.74
N SER H 269 -224.57 -8.68 70.80
CA SER H 269 -223.15 -8.82 70.51
C SER H 269 -223.01 -9.37 69.09
N GLY H 270 -221.83 -9.21 68.47
CA GLY H 270 -221.42 -9.95 67.27
C GLY H 270 -222.50 -10.14 66.19
N GLU H 271 -223.07 -11.35 66.15
CA GLU H 271 -224.24 -11.70 65.33
C GLU H 271 -225.25 -12.53 66.13
N MET H 272 -226.54 -12.33 65.89
CA MET H 272 -227.66 -12.98 66.57
C MET H 272 -228.74 -13.43 65.58
N ASP H 273 -229.55 -14.41 65.97
CA ASP H 273 -230.71 -14.90 65.23
C ASP H 273 -231.73 -15.51 66.20
N VAL H 274 -232.72 -14.71 66.60
CA VAL H 274 -233.57 -14.92 67.79
C VAL H 274 -235.02 -14.63 67.44
N TRP H 275 -236.00 -15.36 68.00
CA TRP H 275 -237.41 -14.94 67.92
C TRP H 275 -238.03 -14.56 69.26
N TYR H 276 -238.77 -13.46 69.20
CA TYR H 276 -239.31 -12.66 70.30
C TYR H 276 -240.84 -12.65 70.23
N ASN H 277 -241.55 -12.99 71.31
CA ASN H 277 -243.00 -12.79 71.35
C ASN H 277 -243.36 -11.30 71.24
N LEU H 278 -244.52 -11.02 70.63
CA LEU H 278 -244.98 -9.67 70.32
C LEU H 278 -245.90 -9.07 71.38
N ASP H 279 -245.84 -7.74 71.51
CA ASP H 279 -246.47 -6.91 72.53
C ASP H 279 -247.32 -5.76 71.92
N LYS H 280 -248.27 -5.22 72.68
CA LYS H 280 -249.14 -4.08 72.29
C LYS H 280 -248.38 -2.73 72.24
N ARG H 281 -248.98 -1.72 71.60
CA ARG H 281 -248.52 -0.31 71.61
C ARG H 281 -249.69 0.68 71.53
N THR H 282 -250.27 0.81 70.35
CA THR H 282 -251.30 1.81 70.01
C THR H 282 -252.67 1.47 70.59
N ASP H 283 -253.58 2.45 70.56
CA ASP H 283 -255.01 2.25 70.89
C ASP H 283 -255.71 1.21 69.97
N LYS H 284 -255.19 0.98 68.76
CA LYS H 284 -255.67 0.01 67.76
C LYS H 284 -255.14 -1.42 67.95
N SER H 285 -254.29 -1.68 68.96
CA SER H 285 -253.56 -2.94 69.12
C SER H 285 -254.47 -4.13 69.49
N ALA H 286 -254.43 -5.19 68.68
CA ALA H 286 -254.71 -6.57 69.11
C ALA H 286 -253.53 -7.41 68.59
N VAL H 287 -252.90 -8.20 69.46
CA VAL H 287 -251.54 -8.73 69.24
C VAL H 287 -251.46 -10.20 69.63
N SER H 288 -250.71 -10.98 68.86
CA SER H 288 -250.39 -12.39 69.15
C SER H 288 -249.12 -12.82 68.41
N GLY H 289 -248.52 -13.94 68.82
CA GLY H 289 -247.39 -14.55 68.11
C GLY H 289 -246.03 -13.91 68.40
N ALA H 290 -245.09 -14.15 67.50
CA ALA H 290 -243.67 -13.80 67.67
C ALA H 290 -242.99 -13.38 66.36
N ILE H 291 -241.89 -12.63 66.46
CA ILE H 291 -241.02 -12.19 65.35
C ILE H 291 -239.58 -12.70 65.52
N ARG H 292 -239.04 -13.33 64.48
CA ARG H 292 -237.63 -13.70 64.36
C ARG H 292 -236.83 -12.58 63.74
N LEU H 293 -235.79 -12.17 64.45
CA LEU H 293 -234.82 -11.17 64.04
C LEU H 293 -233.44 -11.80 64.03
N HIS H 294 -232.78 -11.74 62.88
CA HIS H 294 -231.33 -11.75 62.84
C HIS H 294 -230.84 -10.32 63.13
N ILE H 295 -229.81 -10.17 63.96
CA ILE H 295 -229.28 -8.87 64.39
C ILE H 295 -227.76 -8.99 64.48
N SER H 296 -227.05 -8.37 63.55
CA SER H 296 -225.60 -8.20 63.66
C SER H 296 -225.25 -6.87 64.32
N VAL H 297 -224.13 -6.83 65.05
CA VAL H 297 -223.63 -5.68 65.81
C VAL H 297 -222.12 -5.60 65.68
N GLU H 298 -221.65 -4.60 64.93
CA GLU H 298 -220.27 -4.49 64.50
C GLU H 298 -219.36 -3.78 65.52
N ILE H 299 -219.63 -4.00 66.81
CA ILE H 299 -218.60 -3.97 67.86
C ILE H 299 -217.61 -5.15 67.65
N LYS H 300 -218.09 -6.19 66.95
CA LYS H 300 -217.33 -7.23 66.25
C LYS H 300 -216.13 -6.64 65.50
N GLY H 301 -214.96 -7.25 65.66
CA GLY H 301 -213.70 -6.83 65.04
C GLY H 301 -213.03 -7.98 64.26
N GLU H 302 -211.75 -8.21 64.50
CA GLU H 302 -211.01 -9.39 64.01
C GLU H 302 -211.47 -10.66 64.75
N GLU H 303 -212.67 -11.13 64.43
CA GLU H 303 -213.07 -12.50 64.77
C GLU H 303 -212.45 -13.51 63.80
N LYS H 304 -211.95 -13.04 62.64
CA LYS H 304 -211.28 -13.80 61.59
C LYS H 304 -209.94 -14.43 61.97
N VAL H 305 -209.67 -14.60 63.26
CA VAL H 305 -208.39 -15.07 63.77
C VAL H 305 -208.06 -16.40 63.12
N ALA H 306 -206.89 -16.53 62.51
CA ALA H 306 -206.34 -17.87 62.49
C ALA H 306 -206.08 -18.18 63.98
N PRO H 307 -206.34 -19.41 64.48
CA PRO H 307 -206.15 -19.75 65.89
C PRO H 307 -204.76 -19.28 66.27
N TYR H 308 -204.63 -18.53 67.35
CA TYR H 308 -203.54 -17.56 67.39
C TYR H 308 -202.13 -18.17 67.38
N HIS H 309 -202.06 -19.45 67.71
CA HIS H 309 -201.09 -20.45 67.27
C HIS H 309 -200.56 -20.19 65.86
N VAL H 310 -201.40 -20.34 64.85
CA VAL H 310 -201.10 -20.21 63.43
C VAL H 310 -200.65 -18.78 63.10
N GLN H 311 -201.30 -17.78 63.68
CA GLN H 311 -200.86 -16.41 63.49
C GLN H 311 -199.46 -16.16 64.04
N TYR H 312 -199.18 -16.71 65.22
CA TYR H 312 -197.87 -16.70 65.83
C TYR H 312 -196.86 -17.45 64.97
N THR H 313 -197.24 -18.59 64.39
CA THR H 313 -196.35 -19.35 63.53
C THR H 313 -195.96 -18.56 62.30
N CYS H 314 -196.92 -17.95 61.63
CA CYS H 314 -196.68 -17.08 60.48
C CYS H 314 -195.73 -15.95 60.86
N LEU H 315 -196.01 -15.28 61.97
CA LEU H 315 -195.13 -14.27 62.52
C LEU H 315 -193.71 -14.83 62.68
N HIS H 316 -193.59 -15.95 63.38
CA HIS H 316 -192.33 -16.59 63.73
C HIS H 316 -191.54 -17.03 62.51
N GLU H 317 -192.17 -17.62 61.51
CA GLU H 317 -191.49 -18.09 60.30
C GLU H 317 -190.95 -16.91 59.49
N ASN H 318 -191.79 -15.90 59.33
CA ASN H 318 -191.39 -14.67 58.66
C ASN H 318 -190.25 -14.02 59.42
N LEU H 319 -190.36 -13.92 60.73
CA LEU H 319 -189.30 -13.34 61.52
C LEU H 319 -188.02 -14.18 61.40
N PHE H 320 -188.11 -15.50 61.50
CA PHE H 320 -186.96 -16.41 61.41
C PHE H 320 -186.24 -16.31 60.08
N HIS H 321 -186.96 -16.38 58.97
CA HIS H 321 -186.32 -16.19 57.68
C HIS H 321 -185.71 -14.79 57.63
N PHE H 322 -186.39 -13.78 58.15
CA PHE H 322 -185.91 -12.42 58.06
C PHE H 322 -184.61 -12.28 58.83
N VAL H 323 -184.54 -12.81 60.03
CA VAL H 323 -183.34 -12.77 60.86
C VAL H 323 -182.25 -13.58 60.18
N THR H 324 -182.46 -14.88 60.01
CA THR H 324 -181.40 -15.76 59.52
C THR H 324 -180.99 -15.37 58.12
N ASP H 325 -181.94 -15.29 57.22
CA ASP H 325 -181.67 -15.04 55.82
C ASP H 325 -181.49 -13.56 55.57
N VAL H 326 -182.44 -12.70 55.90
CA VAL H 326 -182.36 -11.31 55.43
C VAL H 326 -181.30 -10.53 56.18
N GLN H 327 -181.30 -10.58 57.50
CA GLN H 327 -180.33 -9.85 58.30
C GLN H 327 -178.98 -10.57 58.28
N ASN H 328 -178.99 -11.89 58.42
CA ASN H 328 -177.79 -12.68 58.65
C ASN H 328 -177.36 -13.52 57.46
N ASN H 329 -177.94 -13.28 56.30
CA ASN H 329 -177.48 -13.84 55.02
C ASN H 329 -177.44 -15.37 55.05
N GLY H 330 -178.41 -15.96 55.72
CA GLY H 330 -178.61 -17.39 55.95
C GLY H 330 -177.90 -17.91 57.20
N VAL H 331 -176.93 -17.17 57.74
CA VAL H 331 -176.30 -17.54 59.00
C VAL H 331 -177.35 -17.48 60.08
N VAL H 332 -177.42 -18.52 60.89
CA VAL H 332 -178.25 -18.48 62.08
C VAL H 332 -177.50 -17.71 63.18
N LYS H 333 -177.85 -16.44 63.40
CA LYS H 333 -177.53 -15.76 64.67
C LYS H 333 -178.27 -16.48 65.80
N ILE H 334 -177.53 -17.09 66.72
CA ILE H 334 -178.11 -17.71 67.93
C ILE H 334 -178.60 -16.54 68.85
N PRO H 335 -179.84 -16.57 69.39
CA PRO H 335 -180.54 -15.38 69.92
C PRO H 335 -179.84 -14.55 70.99
N ASP H 336 -180.39 -13.38 71.32
CA ASP H 336 -180.16 -12.76 72.63
C ASP H 336 -180.94 -13.53 73.71
N ALA H 337 -180.56 -14.80 73.86
CA ALA H 337 -181.21 -15.82 74.65
C ALA H 337 -180.68 -15.91 76.09
N LYS H 338 -181.49 -16.44 77.02
CA LYS H 338 -181.17 -16.53 78.45
C LYS H 338 -181.45 -17.94 79.00
N GLY H 339 -180.48 -18.51 79.71
CA GLY H 339 -180.52 -19.87 80.27
C GLY H 339 -180.64 -20.99 79.23
N ASP H 340 -180.91 -22.21 79.69
CA ASP H 340 -181.39 -23.33 78.85
C ASP H 340 -182.68 -22.93 78.10
N ASP H 341 -183.47 -22.08 78.77
CA ASP H 341 -184.56 -21.25 78.28
C ASP H 341 -184.21 -20.30 77.11
N ALA H 342 -183.00 -20.41 76.57
CA ALA H 342 -182.71 -20.09 75.17
C ALA H 342 -183.73 -20.77 74.25
N TRP H 343 -184.18 -21.95 74.64
CA TRP H 343 -185.27 -22.67 74.00
C TRP H 343 -186.61 -21.92 73.96
N LYS H 344 -186.77 -20.86 74.78
CA LYS H 344 -187.90 -19.93 74.82
C LYS H 344 -187.56 -18.51 74.38
N VAL H 345 -186.28 -18.20 74.21
CA VAL H 345 -185.85 -16.92 73.65
C VAL H 345 -185.29 -17.17 72.30
N TYR H 346 -186.16 -17.02 71.35
CA TYR H 346 -185.90 -17.32 69.96
C TYR H 346 -185.09 -16.22 69.29
N TYR H 347 -185.15 -14.99 69.83
CA TYR H 347 -184.56 -13.83 69.18
C TYR H 347 -183.98 -12.81 70.17
N ASP H 348 -183.33 -11.82 69.57
CA ASP H 348 -183.04 -10.51 70.13
C ASP H 348 -184.27 -9.84 70.71
N GLU H 349 -184.09 -8.93 71.66
CA GLU H 349 -185.16 -8.22 72.37
C GLU H 349 -186.33 -7.83 71.48
N THR H 350 -186.06 -7.16 70.38
CA THR H 350 -187.12 -6.51 69.61
C THR H 350 -188.04 -7.57 69.04
N ALA H 351 -187.42 -8.57 68.41
CA ALA H 351 -188.08 -9.72 67.83
C ALA H 351 -188.69 -10.63 68.90
N GLN H 352 -188.02 -10.78 70.03
CA GLN H 352 -188.50 -11.57 71.13
C GLN H 352 -189.76 -10.95 71.74
N GLU H 353 -189.73 -9.64 71.97
CA GLU H 353 -190.87 -8.87 72.40
C GLU H 353 -191.99 -8.89 71.37
N ILE H 354 -191.68 -8.84 70.07
CA ILE H 354 -192.68 -9.03 69.02
C ILE H 354 -193.42 -10.35 69.24
N VAL H 355 -192.70 -11.48 69.23
CA VAL H 355 -193.37 -12.77 69.32
C VAL H 355 -194.00 -13.00 70.69
N ASP H 356 -193.42 -12.45 71.75
CA ASP H 356 -193.97 -12.56 73.08
C ASP H 356 -195.20 -11.68 73.27
N GLU H 357 -195.22 -10.41 72.87
CA GLU H 357 -196.44 -9.58 72.92
C GLU H 357 -197.57 -10.21 72.13
N PHE H 358 -197.26 -10.87 71.03
CA PHE H 358 -198.21 -11.67 70.28
C PHE H 358 -198.66 -12.90 71.09
N ALA H 359 -197.74 -13.73 71.58
CA ALA H 359 -198.04 -14.87 72.42
C ALA H 359 -198.64 -14.51 73.80
N MET H 360 -198.58 -13.25 74.21
CA MET H 360 -199.19 -12.72 75.41
C MET H 360 -200.59 -12.22 75.11
N ARG H 361 -200.72 -11.21 74.23
CA ARG H 361 -202.00 -10.67 73.79
C ARG H 361 -202.89 -11.78 73.25
N TYR H 362 -202.27 -12.80 72.66
CA TYR H 362 -202.94 -13.94 72.06
C TYR H 362 -202.52 -15.30 72.62
N GLY H 363 -202.01 -15.32 73.85
CA GLY H 363 -201.91 -16.51 74.73
C GLY H 363 -201.00 -17.67 74.32
N VAL H 364 -200.47 -17.71 73.10
CA VAL H 364 -199.78 -18.85 72.49
C VAL H 364 -198.74 -19.49 73.43
N GLU H 365 -198.90 -20.77 73.70
CA GLU H 365 -198.12 -21.49 74.72
C GLU H 365 -196.64 -21.64 74.34
N SER H 366 -195.76 -21.54 75.34
CA SER H 366 -194.30 -21.58 75.19
C SER H 366 -193.78 -22.77 74.38
N ILE H 367 -194.34 -23.96 74.57
CA ILE H 367 -193.96 -25.15 73.79
C ILE H 367 -194.32 -25.02 72.30
N TYR H 368 -195.46 -24.42 71.97
CA TYR H 368 -195.86 -24.20 70.59
C TYR H 368 -194.89 -23.24 69.89
N GLN H 369 -194.49 -22.18 70.62
CA GLN H 369 -193.46 -21.25 70.19
C GLN H 369 -192.12 -21.96 69.91
N ALA H 370 -191.70 -22.85 70.81
CA ALA H 370 -190.48 -23.65 70.70
C ALA H 370 -190.46 -24.64 69.52
N MET H 371 -191.52 -25.43 69.33
CA MET H 371 -191.59 -26.40 68.23
C MET H 371 -191.52 -25.69 66.87
N THR H 372 -192.17 -24.52 66.77
CA THR H 372 -192.10 -23.62 65.62
C THR H 372 -190.67 -23.18 65.34
N HIS H 373 -189.94 -22.77 66.37
CA HIS H 373 -188.53 -22.43 66.26
C HIS H 373 -187.64 -23.63 65.88
N PHE H 374 -187.89 -24.82 66.42
CA PHE H 374 -187.12 -26.00 66.07
C PHE H 374 -187.36 -26.41 64.60
N ALA H 375 -188.59 -26.26 64.11
CA ALA H 375 -188.91 -26.43 62.69
C ALA H 375 -188.11 -25.44 61.83
N CYS H 376 -188.12 -24.16 62.19
CA CYS H 376 -187.25 -23.16 61.60
C CYS H 376 -185.78 -23.61 61.60
N LEU H 377 -185.17 -23.87 62.76
CA LEU H 377 -183.74 -24.24 62.89
C LEU H 377 -183.36 -25.43 62.03
N SER H 378 -184.24 -26.43 61.90
CA SER H 378 -183.92 -27.65 61.16
C SER H 378 -183.59 -27.38 59.69
N SER H 379 -184.11 -26.29 59.11
CA SER H 379 -183.77 -25.85 57.75
C SER H 379 -182.34 -25.31 57.62
N LYS H 380 -181.61 -25.18 58.74
CA LYS H 380 -180.27 -24.57 58.85
C LYS H 380 -179.32 -25.40 59.71
N TYR H 381 -179.62 -26.67 60.04
CA TYR H 381 -179.00 -27.39 61.17
C TYR H 381 -177.46 -27.49 61.10
N MET H 382 -176.90 -27.40 59.89
CA MET H 382 -175.48 -27.49 59.55
C MET H 382 -174.67 -26.25 60.00
N CYS H 383 -175.31 -25.12 60.28
CA CYS H 383 -174.63 -23.91 60.74
C CYS H 383 -173.90 -24.13 62.09
N PRO H 384 -172.75 -23.49 62.34
CA PRO H 384 -171.94 -23.78 63.53
C PRO H 384 -172.71 -23.53 64.84
N GLY H 385 -172.52 -24.38 65.85
CA GLY H 385 -173.22 -24.30 67.13
C GLY H 385 -174.69 -24.70 67.10
N VAL H 386 -175.39 -24.64 65.96
CA VAL H 386 -176.81 -25.00 65.84
C VAL H 386 -177.09 -26.41 66.37
N PRO H 387 -176.23 -27.43 66.24
CA PRO H 387 -176.52 -28.74 66.83
C PRO H 387 -176.55 -28.75 68.35
N ALA H 388 -175.74 -27.90 68.99
CA ALA H 388 -175.84 -27.69 70.42
C ALA H 388 -177.19 -27.04 70.78
N VAL H 389 -177.59 -25.99 70.04
CA VAL H 389 -178.86 -25.29 70.25
C VAL H 389 -180.03 -26.22 70.00
N MET H 390 -180.02 -27.02 68.94
CA MET H 390 -181.07 -27.97 68.66
C MET H 390 -181.03 -29.12 69.68
N SER H 391 -179.86 -29.57 70.14
CA SER H 391 -179.80 -30.54 71.23
C SER H 391 -180.47 -30.00 72.48
N THR H 392 -180.21 -28.73 72.76
CA THR H 392 -180.81 -27.98 73.87
C THR H 392 -182.31 -27.86 73.69
N LEU H 393 -182.74 -27.28 72.58
CA LEU H 393 -184.13 -27.05 72.26
C LEU H 393 -184.91 -28.36 72.27
N LEU H 394 -184.33 -29.44 71.76
CA LEU H 394 -184.96 -30.75 71.79
C LEU H 394 -184.92 -31.38 73.18
N ALA H 395 -183.84 -31.25 73.94
CA ALA H 395 -183.84 -31.68 75.33
C ALA H 395 -184.97 -31.01 76.09
N ASN H 396 -185.25 -29.75 75.80
CA ASN H 396 -186.37 -29.03 76.39
C ASN H 396 -187.73 -29.41 75.84
N ILE H 397 -187.93 -29.50 74.53
CA ILE H 397 -189.20 -29.96 73.94
C ILE H 397 -189.50 -31.39 74.42
N ASN H 398 -188.46 -32.23 74.52
CA ASN H 398 -188.55 -33.51 75.18
C ASN H 398 -188.98 -33.35 76.62
N ALA H 399 -188.21 -32.63 77.43
CA ALA H 399 -188.50 -32.46 78.84
C ALA H 399 -189.90 -31.88 79.07
N TYR H 400 -190.36 -31.06 78.14
CA TYR H 400 -191.70 -30.53 78.13
C TYR H 400 -192.73 -31.63 78.00
N TYR H 401 -192.77 -32.33 76.87
CA TYR H 401 -193.81 -33.33 76.66
C TYR H 401 -193.62 -34.59 77.52
N ALA H 402 -192.38 -34.93 77.87
CA ALA H 402 -192.05 -36.05 78.73
C ALA H 402 -192.33 -35.78 80.21
N HIS H 403 -192.12 -34.54 80.69
CA HIS H 403 -192.13 -34.25 82.14
C HIS H 403 -192.98 -33.04 82.53
N THR H 404 -192.93 -31.91 81.80
CA THR H 404 -193.80 -30.77 82.15
C THR H 404 -195.26 -31.15 81.93
N THR H 405 -196.10 -30.98 82.95
CA THR H 405 -197.48 -31.47 82.97
C THR H 405 -197.62 -32.98 82.77
N ALA H 406 -196.57 -33.77 82.99
CA ALA H 406 -196.68 -35.22 83.18
C ALA H 406 -197.42 -35.59 84.49
N SER H 407 -197.72 -34.59 85.33
CA SER H 407 -198.78 -34.62 86.34
C SER H 407 -200.15 -35.00 85.76
N THR H 408 -200.44 -34.60 84.51
CA THR H 408 -201.55 -35.18 83.74
C THR H 408 -201.21 -36.62 83.41
N ASN H 409 -202.13 -37.53 83.71
CA ASN H 409 -201.93 -38.98 83.54
C ASN H 409 -201.84 -39.41 82.07
N VAL H 410 -202.20 -38.51 81.15
CA VAL H 410 -202.01 -38.64 79.70
C VAL H 410 -200.54 -38.94 79.37
N SER H 411 -200.31 -39.84 78.41
CA SER H 411 -198.94 -40.23 78.04
C SER H 411 -198.15 -39.07 77.43
N ALA H 412 -196.83 -39.20 77.39
CA ALA H 412 -196.01 -38.18 76.75
C ALA H 412 -196.33 -38.10 75.26
N SER H 413 -196.54 -39.23 74.60
CA SER H 413 -196.86 -39.31 73.18
C SER H 413 -198.24 -38.72 72.88
N ASP H 414 -199.15 -38.77 73.84
CA ASP H 414 -200.50 -38.25 73.72
C ASP H 414 -200.64 -36.78 74.12
N ARG H 415 -199.92 -36.33 75.14
CA ARG H 415 -199.78 -34.91 75.46
C ARG H 415 -199.12 -34.20 74.29
N PHE H 416 -198.11 -34.86 73.72
CA PHE H 416 -197.50 -34.48 72.45
C PHE H 416 -198.50 -34.55 71.29
N ALA H 417 -199.40 -35.53 71.22
CA ALA H 417 -200.49 -35.51 70.24
C ALA H 417 -201.40 -34.28 70.40
N ALA H 418 -201.79 -33.97 71.63
CA ALA H 418 -202.56 -32.77 71.96
C ALA H 418 -201.80 -31.47 71.72
N SER H 419 -200.52 -31.54 71.31
CA SER H 419 -199.82 -30.38 70.81
C SER H 419 -200.61 -29.69 69.72
N ASN H 420 -200.95 -28.43 69.95
CA ASN H 420 -201.59 -27.59 68.94
C ASN H 420 -200.67 -27.42 67.72
N PHE H 421 -199.35 -27.63 67.85
CA PHE H 421 -198.42 -27.64 66.73
C PHE H 421 -198.71 -28.79 65.75
N GLY H 422 -199.21 -29.91 66.25
CA GLY H 422 -199.34 -31.14 65.47
C GLY H 422 -198.15 -32.06 65.72
N LYS H 423 -198.36 -33.10 66.52
CA LYS H 423 -197.37 -34.13 66.77
C LYS H 423 -196.66 -34.61 65.52
N GLU H 424 -197.44 -35.05 64.55
CA GLU H 424 -197.00 -35.62 63.28
C GLU H 424 -196.00 -34.72 62.56
N ARG H 425 -196.37 -33.47 62.33
CA ARG H 425 -195.53 -32.41 61.79
C ARG H 425 -194.18 -32.37 62.49
N PHE H 426 -194.18 -32.54 63.81
CA PHE H 426 -192.95 -32.56 64.60
C PHE H 426 -192.17 -33.87 64.47
N VAL H 427 -192.85 -35.02 64.47
CA VAL H 427 -192.22 -36.34 64.27
C VAL H 427 -191.51 -36.41 62.93
N LYS H 428 -192.18 -35.99 61.86
CA LYS H 428 -191.61 -35.93 60.50
C LYS H 428 -190.30 -35.13 60.52
N LEU H 429 -190.39 -33.93 61.08
CA LEU H 429 -189.32 -32.96 61.22
C LEU H 429 -188.09 -33.56 61.95
N LEU H 430 -188.31 -34.26 63.06
CA LEU H 430 -187.26 -34.99 63.77
C LEU H 430 -186.64 -36.09 62.92
N ASP H 431 -187.45 -36.87 62.22
CA ASP H 431 -186.96 -37.99 61.43
C ASP H 431 -186.12 -37.53 60.24
N GLN H 432 -186.56 -36.48 59.55
CA GLN H 432 -185.79 -35.83 58.49
C GLN H 432 -184.45 -35.35 59.01
N LEU H 433 -184.49 -34.64 60.13
CA LEU H 433 -183.29 -34.11 60.76
C LEU H 433 -182.35 -35.25 61.14
N HIS H 434 -182.84 -36.24 61.90
CA HIS H 434 -182.10 -37.42 62.33
C HIS H 434 -181.42 -38.09 61.16
N ASN H 435 -182.17 -38.34 60.09
CA ASN H 435 -181.63 -38.89 58.87
C ASN H 435 -180.50 -38.03 58.34
N SER H 436 -180.72 -36.72 58.24
CA SER H 436 -179.70 -35.77 57.81
C SER H 436 -178.45 -35.83 58.71
N LEU H 437 -178.61 -36.06 60.01
CA LEU H 437 -177.49 -36.30 60.91
C LEU H 437 -176.78 -37.62 60.58
N ARG H 438 -177.51 -38.74 60.56
CA ARG H 438 -177.01 -40.08 60.20
C ARG H 438 -176.18 -40.01 58.92
N ILE H 439 -176.70 -39.30 57.93
CA ILE H 439 -176.04 -39.04 56.66
C ILE H 439 -174.69 -38.40 56.89
N ASP H 440 -174.69 -37.24 57.55
CA ASP H 440 -173.46 -36.50 57.74
C ASP H 440 -172.42 -37.33 58.52
N LEU H 441 -172.89 -38.08 59.52
CA LEU H 441 -172.07 -38.99 60.31
C LEU H 441 -171.51 -40.14 59.48
N SER H 442 -172.26 -40.63 58.50
CA SER H 442 -171.79 -41.71 57.65
C SER H 442 -170.57 -41.34 56.84
N MET H 443 -170.33 -40.03 56.67
CA MET H 443 -169.04 -39.49 56.26
C MET H 443 -168.52 -38.48 57.25
N TYR H 444 -168.46 -38.90 58.52
CA TYR H 444 -168.01 -38.03 59.59
C TYR H 444 -166.67 -37.37 59.25
N ARG H 445 -165.73 -38.13 58.68
CA ARG H 445 -164.36 -37.64 58.46
C ARG H 445 -164.38 -36.46 57.49
N ASN H 446 -165.10 -36.63 56.40
CA ASN H 446 -165.19 -35.63 55.34
C ASN H 446 -166.05 -34.44 55.79
N ASN H 447 -167.14 -34.71 56.50
CA ASN H 447 -168.06 -33.66 56.93
C ASN H 447 -167.58 -32.86 58.16
N PHE H 448 -166.76 -33.47 59.01
CA PHE H 448 -166.29 -32.91 60.28
C PHE H 448 -164.80 -33.22 60.47
N PRO H 449 -163.95 -32.67 59.60
CA PRO H 449 -162.54 -33.02 59.56
C PRO H 449 -161.87 -32.72 60.90
N ALA H 450 -160.94 -33.58 61.30
CA ALA H 450 -160.23 -33.47 62.56
C ALA H 450 -159.49 -32.13 62.69
N SER H 451 -158.99 -31.63 61.55
CA SER H 451 -158.39 -30.32 61.37
C SER H 451 -159.30 -29.14 61.72
N SER H 452 -160.61 -29.35 61.82
CA SER H 452 -161.55 -28.39 62.39
C SER H 452 -162.05 -28.90 63.75
N PRO H 453 -161.43 -28.47 64.86
CA PRO H 453 -161.98 -28.66 66.20
C PRO H 453 -163.40 -28.16 66.33
N GLU H 454 -163.73 -27.08 65.63
CA GLU H 454 -165.06 -26.52 65.60
C GLU H 454 -166.06 -27.50 65.00
N ARG H 455 -165.72 -28.09 63.84
CA ARG H 455 -166.55 -29.15 63.30
C ARG H 455 -166.44 -30.43 64.12
N LEU H 456 -165.34 -30.74 64.81
CA LEU H 456 -165.34 -31.78 65.84
C LEU H 456 -166.30 -31.45 66.99
N GLN H 457 -166.47 -30.19 67.35
CA GLN H 457 -167.41 -29.84 68.40
C GLN H 457 -168.84 -29.87 67.88
N ASP H 458 -169.10 -29.31 66.72
CA ASP H 458 -170.39 -29.47 66.08
C ASP H 458 -170.71 -30.95 65.94
N LEU H 459 -169.75 -31.78 65.57
CA LEU H 459 -169.86 -33.24 65.54
C LEU H 459 -170.24 -33.78 66.93
N LYS H 460 -169.53 -33.38 67.97
CA LYS H 460 -169.86 -33.80 69.33
C LYS H 460 -171.28 -33.37 69.72
N SER H 461 -171.63 -32.10 69.55
CA SER H 461 -172.98 -31.56 69.73
C SER H 461 -174.03 -32.19 68.83
N THR H 462 -173.64 -32.71 67.67
CA THR H 462 -174.52 -33.45 66.76
C THR H 462 -174.84 -34.79 67.39
N VAL H 463 -173.86 -35.50 67.96
CA VAL H 463 -174.14 -36.78 68.61
C VAL H 463 -174.89 -36.55 69.92
N ASP H 464 -174.65 -35.44 70.59
CA ASP H 464 -175.49 -34.98 71.69
C ASP H 464 -176.92 -34.67 71.23
N LEU H 465 -177.10 -34.04 70.07
CA LEU H 465 -178.42 -33.90 69.46
C LEU H 465 -179.02 -35.27 69.10
N LEU H 466 -178.25 -36.21 68.56
CA LEU H 466 -178.75 -37.52 68.14
C LEU H 466 -179.16 -38.36 69.36
N THR H 467 -178.41 -38.28 70.46
CA THR H 467 -178.87 -38.81 71.74
C THR H 467 -180.16 -38.11 72.17
N SER H 468 -180.24 -36.78 72.06
CA SER H 468 -181.46 -36.03 72.36
C SER H 468 -182.67 -36.44 71.51
N ILE H 469 -182.49 -36.77 70.23
CA ILE H 469 -183.56 -37.31 69.35
C ILE H 469 -183.93 -38.74 69.77
N THR H 470 -182.94 -39.60 70.00
CA THR H 470 -183.18 -40.99 70.42
C THR H 470 -183.99 -41.01 71.72
N PHE H 471 -183.61 -40.15 72.65
CA PHE H 471 -184.31 -39.85 73.88
C PHE H 471 -185.71 -39.30 73.64
N PHE H 472 -185.93 -38.35 72.72
CA PHE H 472 -187.29 -37.97 72.32
C PHE H 472 -188.14 -39.12 71.80
N ARG H 473 -187.59 -39.96 70.93
CA ARG H 473 -188.30 -41.14 70.41
C ARG H 473 -188.68 -42.09 71.54
N MET H 474 -187.73 -42.34 72.42
CA MET H 474 -187.91 -43.20 73.58
C MET H 474 -188.90 -42.62 74.60
N LYS H 475 -188.85 -41.32 74.86
CA LYS H 475 -189.55 -40.68 75.99
C LYS H 475 -190.83 -39.98 75.59
N VAL H 476 -190.82 -39.23 74.49
CA VAL H 476 -192.00 -38.50 74.03
C VAL H 476 -192.81 -39.33 73.05
N GLN H 477 -192.21 -39.88 72.00
CA GLN H 477 -192.97 -40.83 71.16
C GLN H 477 -193.21 -42.16 71.86
N GLU H 478 -192.50 -42.41 72.96
CA GLU H 478 -192.64 -43.60 73.81
C GLU H 478 -192.30 -44.90 73.08
N LEU H 479 -191.49 -44.81 72.03
CA LEU H 479 -191.00 -45.94 71.27
C LEU H 479 -190.12 -46.84 72.15
N GLN H 480 -190.23 -48.15 71.96
CA GLN H 480 -189.77 -49.18 72.91
C GLN H 480 -188.37 -49.67 72.59
N SER H 481 -188.11 -49.81 71.29
CA SER H 481 -186.80 -50.13 70.72
C SER H 481 -186.50 -49.19 69.55
N PRO H 482 -186.40 -47.86 69.80
CA PRO H 482 -185.85 -46.94 68.81
C PRO H 482 -184.41 -47.36 68.45
N PRO H 483 -183.86 -46.92 67.31
CA PRO H 483 -182.48 -47.18 66.91
C PRO H 483 -181.49 -46.68 67.97
N ARG H 484 -180.66 -47.58 68.52
CA ARG H 484 -179.75 -47.22 69.61
C ARG H 484 -178.65 -46.29 69.09
N ALA H 485 -178.47 -45.13 69.74
CA ALA H 485 -177.58 -44.08 69.29
C ALA H 485 -176.14 -44.57 69.01
N SER H 486 -175.58 -45.43 69.87
CA SER H 486 -174.26 -46.02 69.62
C SER H 486 -174.22 -46.89 68.35
N GLN H 487 -175.20 -47.76 68.08
CA GLN H 487 -175.20 -48.60 66.89
C GLN H 487 -175.41 -47.78 65.60
N VAL H 488 -176.35 -46.84 65.65
CA VAL H 488 -176.60 -45.85 64.59
C VAL H 488 -175.30 -45.18 64.14
N VAL H 489 -174.52 -44.73 65.11
CA VAL H 489 -173.24 -44.07 64.87
C VAL H 489 -172.18 -45.09 64.42
N LYS H 490 -172.12 -46.28 65.02
CA LYS H 490 -171.16 -47.34 64.65
C LYS H 490 -171.31 -47.75 63.18
N ASP H 491 -172.53 -47.86 62.69
CA ASP H 491 -172.81 -48.02 61.27
C ASP H 491 -172.19 -46.87 60.46
N CYS H 492 -172.45 -45.63 60.85
CA CYS H 492 -171.91 -44.45 60.19
C CYS H 492 -170.37 -44.44 60.17
N VAL H 493 -169.76 -44.93 61.24
CA VAL H 493 -168.31 -44.99 61.37
C VAL H 493 -167.76 -46.05 60.47
N LYS H 494 -168.31 -47.26 60.56
CA LYS H 494 -167.99 -48.36 59.66
C LYS H 494 -168.16 -47.89 58.23
N ALA H 495 -169.23 -47.17 57.92
CA ALA H 495 -169.46 -46.59 56.62
C ALA H 495 -168.29 -45.67 56.25
N CYS H 496 -168.03 -44.66 57.06
CA CYS H 496 -166.98 -43.72 56.80
C CYS H 496 -165.60 -44.38 56.65
N LEU H 497 -165.30 -45.40 57.47
CA LEU H 497 -164.09 -46.21 57.39
C LEU H 497 -164.00 -47.03 56.11
N ASN H 498 -165.08 -47.67 55.69
CA ASN H 498 -165.08 -48.43 54.46
C ASN H 498 -164.93 -47.53 53.23
N SER H 499 -165.59 -46.37 53.22
CA SER H 499 -165.38 -45.34 52.18
C SER H 499 -163.95 -44.87 52.16
N THR H 500 -163.37 -44.69 53.35
CA THR H 500 -161.94 -44.43 53.48
C THR H 500 -161.16 -45.59 52.84
N TYR H 501 -161.43 -46.86 53.17
CA TYR H 501 -160.62 -47.98 52.70
C TYR H 501 -160.68 -48.13 51.18
N GLU H 502 -161.89 -48.16 50.63
CA GLU H 502 -162.12 -48.19 49.20
C GLU H 502 -161.29 -47.09 48.55
N TYR H 503 -161.44 -45.88 49.05
CA TYR H 503 -160.79 -44.75 48.48
C TYR H 503 -159.27 -44.91 48.58
N ILE H 504 -158.71 -45.36 49.71
CA ILE H 504 -157.28 -45.57 49.80
C ILE H 504 -156.76 -46.71 48.95
N PHE H 505 -157.51 -47.82 48.83
CA PHE H 505 -157.05 -48.97 48.08
C PHE H 505 -157.06 -48.71 46.57
N ASN H 506 -157.97 -47.84 46.14
CA ASN H 506 -158.09 -47.42 44.76
C ASN H 506 -157.18 -46.22 44.41
N ASN H 507 -156.84 -45.39 45.39
CA ASN H 507 -156.11 -44.14 45.20
C ASN H 507 -154.82 -44.07 46.03
N CYS H 508 -154.22 -45.23 46.33
CA CYS H 508 -153.06 -45.32 47.24
C CYS H 508 -151.98 -44.36 46.85
N HIS H 509 -151.75 -44.21 45.55
CA HIS H 509 -150.66 -43.39 45.12
C HIS H 509 -150.92 -41.91 45.24
N GLU H 510 -152.10 -41.45 44.89
CA GLU H 510 -152.51 -40.07 45.03
C GLU H 510 -152.49 -39.65 46.50
N LEU H 511 -152.96 -40.55 47.36
CA LEU H 511 -153.01 -40.32 48.78
C LEU H 511 -151.63 -40.38 49.44
N TYR H 512 -150.93 -41.50 49.29
CA TYR H 512 -149.58 -41.64 49.83
C TYR H 512 -148.62 -40.64 49.24
N GLY H 513 -148.75 -40.46 47.93
CA GLY H 513 -148.25 -39.33 47.18
C GLY H 513 -148.31 -38.05 48.00
N ARG H 514 -149.47 -37.41 47.99
CA ARG H 514 -149.66 -36.12 48.64
C ARG H 514 -149.38 -36.11 50.14
N GLU H 515 -149.72 -37.18 50.85
CA GLU H 515 -149.62 -37.22 52.31
C GLU H 515 -148.20 -37.50 52.84
N TYR H 516 -147.32 -38.22 52.12
CA TYR H 516 -145.97 -38.54 52.62
C TYR H 516 -144.83 -38.73 51.60
N GLN H 517 -145.13 -38.94 50.33
CA GLN H 517 -144.24 -39.66 49.42
C GLN H 517 -142.81 -39.12 49.37
N THR H 518 -141.85 -40.02 49.55
CA THR H 518 -140.39 -39.75 49.63
C THR H 518 -139.75 -39.26 48.31
N ASP H 519 -140.55 -38.86 47.32
CA ASP H 519 -140.13 -38.22 46.06
C ASP H 519 -141.30 -37.36 45.55
N PRO H 520 -141.15 -36.02 45.42
CA PRO H 520 -142.25 -35.12 45.01
C PRO H 520 -142.81 -35.44 43.61
N ALA H 521 -142.00 -36.00 42.70
CA ALA H 521 -142.47 -36.41 41.38
C ALA H 521 -143.47 -37.58 41.41
N LYS H 522 -143.58 -38.25 42.57
CA LYS H 522 -144.46 -39.39 42.80
C LYS H 522 -145.72 -39.05 43.64
N LYS H 523 -146.03 -37.77 43.85
CA LYS H 523 -147.26 -37.32 44.57
C LYS H 523 -148.53 -37.38 43.74
N GLY H 524 -148.43 -37.29 42.41
CA GLY H 524 -149.56 -37.17 41.49
C GLY H 524 -150.27 -38.49 41.18
N GLU H 525 -151.11 -38.46 40.14
CA GLU H 525 -151.85 -39.62 39.61
C GLU H 525 -150.94 -40.62 38.87
N VAL H 526 -150.06 -41.26 39.62
CA VAL H 526 -149.34 -42.48 39.23
C VAL H 526 -150.33 -43.53 38.70
N PRO H 527 -149.93 -44.41 37.74
CA PRO H 527 -150.86 -45.30 37.05
C PRO H 527 -151.76 -46.10 38.02
N PRO H 528 -153.03 -46.39 37.67
CA PRO H 528 -153.92 -47.16 38.52
C PRO H 528 -153.33 -48.49 39.02
N GLU H 529 -152.50 -49.16 38.22
CA GLU H 529 -151.72 -50.36 38.59
C GLU H 529 -150.61 -50.09 39.65
N GLU H 530 -150.61 -48.91 40.23
CA GLU H 530 -149.67 -48.41 41.23
C GLU H 530 -150.40 -47.53 42.29
N GLN H 531 -151.71 -47.28 42.09
CA GLN H 531 -152.67 -46.71 43.04
C GLN H 531 -153.57 -47.76 43.66
N GLY H 532 -153.70 -48.85 42.93
CA GLY H 532 -153.94 -50.20 43.38
C GLY H 532 -152.63 -50.97 43.17
N PRO H 533 -152.69 -52.31 43.24
CA PRO H 533 -151.48 -53.12 43.31
C PRO H 533 -150.59 -53.13 42.06
N SER H 534 -149.28 -53.13 42.26
CA SER H 534 -148.26 -53.40 41.23
C SER H 534 -147.77 -54.84 41.25
N ILE H 535 -147.48 -55.39 40.08
CA ILE H 535 -146.69 -56.62 39.98
C ILE H 535 -145.17 -56.35 39.94
N LYS H 536 -144.74 -55.12 39.62
CA LYS H 536 -143.33 -54.76 39.42
C LYS H 536 -142.60 -54.50 40.74
N ASN H 537 -143.31 -53.97 41.74
CA ASN H 537 -142.73 -53.45 42.98
C ASN H 537 -143.65 -53.69 44.19
N LEU H 538 -143.08 -53.57 45.39
CA LEU H 538 -143.78 -53.69 46.67
C LEU H 538 -144.14 -52.35 47.30
N ASP H 539 -143.93 -51.26 46.57
CA ASP H 539 -143.90 -49.94 47.12
C ASP H 539 -145.32 -49.46 47.41
N PHE H 540 -146.26 -49.71 46.50
CA PHE H 540 -147.69 -49.56 46.76
C PHE H 540 -148.08 -50.11 48.14
N TRP H 541 -147.54 -51.26 48.52
CA TRP H 541 -147.86 -51.89 49.79
C TRP H 541 -147.17 -51.22 50.97
N SER H 542 -145.90 -50.83 50.85
CA SER H 542 -145.28 -50.01 51.90
C SER H 542 -146.04 -48.71 52.11
N LYS H 543 -146.62 -48.19 51.04
CA LYS H 543 -147.36 -46.94 51.00
C LYS H 543 -148.74 -47.09 51.62
N LEU H 544 -149.42 -48.17 51.26
CA LEU H 544 -150.67 -48.59 51.85
C LEU H 544 -150.52 -48.83 53.36
N ILE H 545 -149.42 -49.45 53.82
CA ILE H 545 -149.12 -49.62 55.25
C ILE H 545 -149.14 -48.27 55.96
N THR H 546 -148.47 -47.26 55.42
CA THR H 546 -148.40 -45.94 56.05
C THR H 546 -149.76 -45.22 56.06
N LEU H 547 -150.53 -45.33 54.98
CA LEU H 547 -151.90 -44.82 54.94
C LEU H 547 -152.73 -45.39 56.08
N ILE H 548 -152.68 -46.70 56.24
CA ILE H 548 -153.45 -47.42 57.25
C ILE H 548 -153.08 -46.90 58.65
N VAL H 549 -151.79 -46.84 58.96
CA VAL H 549 -151.26 -46.27 60.20
C VAL H 549 -151.86 -44.89 60.46
N SER H 550 -151.72 -43.99 59.49
CA SER H 550 -152.16 -42.61 59.61
C SER H 550 -153.65 -42.46 59.96
N ILE H 551 -154.50 -43.22 59.27
CA ILE H 551 -155.94 -43.19 59.51
C ILE H 551 -156.26 -43.70 60.92
N ILE H 552 -155.69 -44.85 61.31
CA ILE H 552 -155.96 -45.43 62.61
C ILE H 552 -155.54 -44.45 63.70
N GLU H 553 -154.42 -43.77 63.49
CA GLU H 553 -154.03 -42.68 64.34
C GLU H 553 -155.08 -41.59 64.40
N GLU H 554 -155.50 -40.99 63.29
CA GLU H 554 -156.51 -39.94 63.35
C GLU H 554 -157.79 -40.37 64.10
N ASP H 555 -158.22 -41.60 63.88
CA ASP H 555 -159.39 -42.16 64.55
C ASP H 555 -159.19 -42.37 66.02
N LYS H 556 -158.06 -42.97 66.39
CA LYS H 556 -157.65 -43.14 67.78
C LYS H 556 -157.50 -41.80 68.47
N ASN H 557 -157.01 -40.80 67.77
CA ASN H 557 -156.45 -39.61 68.39
C ASN H 557 -157.40 -38.42 68.33
N SER H 558 -158.06 -38.16 67.22
CA SER H 558 -159.01 -37.04 67.10
C SER H 558 -160.45 -37.47 67.31
N TYR H 559 -160.84 -38.59 66.71
CA TYR H 559 -162.24 -38.96 66.69
C TYR H 559 -162.68 -39.75 67.92
N THR H 560 -161.87 -40.67 68.43
CA THR H 560 -162.22 -41.40 69.67
C THR H 560 -162.52 -40.43 70.82
N PRO H 561 -161.76 -39.35 71.00
CA PRO H 561 -162.09 -38.31 71.97
C PRO H 561 -163.27 -37.44 71.59
N CYS H 562 -163.39 -37.03 70.33
CA CYS H 562 -164.52 -36.23 69.89
C CYS H 562 -165.86 -36.95 70.15
N LEU H 563 -165.87 -38.28 69.97
CA LEU H 563 -167.03 -39.15 69.99
C LEU H 563 -167.09 -40.08 71.19
N ASN H 564 -166.75 -39.52 72.32
CA ASN H 564 -166.72 -40.22 73.59
C ASN H 564 -168.10 -40.60 74.16
N GLN H 565 -169.24 -40.18 73.60
CA GLN H 565 -170.57 -40.35 74.23
C GLN H 565 -170.92 -41.80 74.57
N PHE H 566 -170.36 -42.75 73.82
CA PHE H 566 -170.50 -44.18 74.08
C PHE H 566 -169.10 -44.77 74.18
N PRO H 567 -168.34 -44.46 75.22
CA PRO H 567 -166.92 -44.76 75.28
C PRO H 567 -166.68 -46.27 75.32
N GLN H 568 -167.51 -46.97 76.08
CA GLN H 568 -167.57 -48.42 76.21
C GLN H 568 -167.89 -49.11 74.89
N GLU H 569 -168.69 -48.48 74.04
CA GLU H 569 -169.17 -49.04 72.79
C GLU H 569 -168.43 -48.55 71.55
N LEU H 570 -167.70 -47.44 71.64
CA LEU H 570 -167.29 -46.65 70.49
C LEU H 570 -165.85 -46.11 70.63
N ASN H 571 -164.88 -47.02 70.76
CA ASN H 571 -163.47 -46.73 70.51
C ASN H 571 -163.20 -46.60 69.00
N VAL H 572 -163.22 -45.37 68.47
CA VAL H 572 -163.08 -45.12 67.02
C VAL H 572 -161.74 -45.65 66.49
N GLY H 573 -160.67 -45.56 67.27
CA GLY H 573 -159.36 -46.09 66.93
C GLY H 573 -159.33 -47.60 66.73
N LYS H 574 -159.98 -48.38 67.59
CA LYS H 574 -160.08 -49.85 67.41
C LYS H 574 -160.94 -50.25 66.22
N ILE H 575 -162.11 -49.63 66.06
CA ILE H 575 -163.00 -49.92 64.91
C ILE H 575 -162.27 -49.64 63.61
N SER H 576 -161.51 -48.54 63.58
CA SER H 576 -160.60 -48.22 62.50
C SER H 576 -159.59 -49.36 62.25
N ALA H 577 -158.75 -49.72 63.23
CA ALA H 577 -157.73 -50.75 63.05
C ALA H 577 -158.29 -52.08 62.51
N GLU H 578 -159.40 -52.56 63.08
CA GLU H 578 -160.05 -53.79 62.62
C GLU H 578 -160.52 -53.68 61.17
N VAL H 579 -161.34 -52.67 60.87
CA VAL H 579 -161.94 -52.51 59.54
C VAL H 579 -160.85 -52.44 58.49
N MET H 580 -159.87 -51.56 58.72
CA MET H 580 -158.81 -51.32 57.77
C MET H 580 -157.90 -52.53 57.57
N TRP H 581 -157.47 -53.20 58.64
CA TRP H 581 -156.65 -54.41 58.50
C TRP H 581 -157.39 -55.48 57.72
N SER H 582 -158.68 -55.69 58.02
CA SER H 582 -159.42 -56.78 57.40
C SER H 582 -159.39 -56.62 55.90
N LEU H 583 -159.77 -55.42 55.46
CA LEU H 583 -159.83 -55.07 54.06
C LEU H 583 -158.43 -55.15 53.42
N PHE H 584 -157.42 -54.69 54.14
CA PHE H 584 -156.03 -54.82 53.73
C PHE H 584 -155.59 -56.28 53.53
N ALA H 585 -155.82 -57.14 54.51
CA ALA H 585 -155.15 -58.43 54.57
C ALA H 585 -155.56 -59.29 53.40
N GLN H 586 -156.84 -59.19 53.03
CA GLN H 586 -157.38 -59.81 51.82
C GLN H 586 -156.55 -59.37 50.61
N ASP H 587 -156.41 -58.07 50.46
CA ASP H 587 -155.78 -57.49 49.31
C ASP H 587 -154.29 -57.85 49.24
N MET H 588 -153.61 -57.76 50.38
CA MET H 588 -152.22 -58.16 50.50
C MET H 588 -152.01 -59.64 50.18
N LYS H 589 -152.83 -60.54 50.73
CA LYS H 589 -152.67 -61.96 50.42
C LYS H 589 -152.69 -62.18 48.91
N TYR H 590 -153.69 -61.63 48.20
CA TYR H 590 -153.76 -61.83 46.76
C TYR H 590 -152.55 -61.23 46.05
N ALA H 591 -152.03 -60.12 46.56
CA ALA H 591 -150.87 -59.49 46.00
C ALA H 591 -149.63 -60.38 46.08
N MET H 592 -149.36 -60.92 47.26
CA MET H 592 -148.24 -61.82 47.45
C MET H 592 -148.36 -63.05 46.58
N GLU H 593 -149.56 -63.63 46.45
CA GLU H 593 -149.78 -64.70 45.49
C GLU H 593 -149.48 -64.27 44.04
N GLU H 594 -149.83 -63.05 43.67
CA GLU H 594 -149.58 -62.56 42.32
C GLU H 594 -148.10 -62.35 42.03
N HIS H 595 -147.39 -61.67 42.94
CA HIS H 595 -145.93 -61.55 42.89
C HIS H 595 -145.27 -62.90 42.73
N ASP H 596 -145.79 -63.93 43.38
CA ASP H 596 -145.17 -65.23 43.37
C ASP H 596 -145.13 -65.86 41.97
N LYS H 597 -146.10 -65.53 41.12
CA LYS H 597 -146.16 -66.01 39.74
C LYS H 597 -145.17 -65.29 38.83
N HIS H 598 -144.69 -64.11 39.22
CA HIS H 598 -143.92 -63.21 38.33
C HIS H 598 -142.49 -62.97 38.81
N ARG H 599 -142.29 -62.81 40.11
CA ARG H 599 -140.99 -62.68 40.80
C ARG H 599 -140.14 -61.53 40.25
N LEU H 600 -140.77 -60.38 40.01
CA LEU H 600 -140.12 -59.19 39.44
C LEU H 600 -139.31 -58.41 40.48
N CYS H 601 -139.85 -58.26 41.69
CA CYS H 601 -139.09 -57.81 42.86
C CYS H 601 -138.11 -58.92 43.33
N LYS H 602 -136.98 -58.56 43.94
CA LYS H 602 -136.01 -59.56 44.44
C LYS H 602 -136.55 -60.23 45.71
N SER H 603 -136.10 -61.45 46.00
CA SER H 603 -136.38 -62.18 47.26
C SER H 603 -136.35 -61.22 48.45
N ALA H 604 -135.22 -60.51 48.59
CA ALA H 604 -134.92 -59.46 49.56
C ALA H 604 -136.05 -58.45 49.78
N ASP H 605 -136.67 -57.97 48.70
CA ASP H 605 -137.72 -56.96 48.77
C ASP H 605 -138.92 -57.53 49.53
N TYR H 606 -139.31 -58.77 49.23
CA TYR H 606 -140.36 -59.45 49.97
C TYR H 606 -139.96 -59.71 51.41
N MET H 607 -138.68 -60.00 51.68
CA MET H 607 -138.20 -60.14 53.07
C MET H 607 -138.34 -58.80 53.83
N ASN H 608 -137.97 -57.68 53.19
CA ASN H 608 -138.15 -56.35 53.76
C ASN H 608 -139.63 -56.07 54.02
N LEU H 609 -140.47 -56.34 53.03
CA LEU H 609 -141.91 -56.21 53.16
C LEU H 609 -142.43 -57.09 54.30
N HIS H 610 -141.92 -58.31 54.43
CA HIS H 610 -142.28 -59.20 55.51
C HIS H 610 -141.97 -58.52 56.85
N PHE H 611 -140.80 -57.93 57.05
CA PHE H 611 -140.52 -57.26 58.32
C PHE H 611 -141.48 -56.10 58.58
N LYS H 612 -141.81 -55.31 57.56
CA LYS H 612 -142.79 -54.22 57.68
C LYS H 612 -144.16 -54.76 58.07
N VAL H 613 -144.61 -55.81 57.41
CA VAL H 613 -145.92 -56.40 57.65
C VAL H 613 -145.97 -57.05 59.01
N LYS H 614 -144.93 -57.81 59.34
CA LYS H 614 -144.72 -58.42 60.64
C LYS H 614 -144.84 -57.34 61.70
N TRP H 615 -144.07 -56.27 61.56
CA TRP H 615 -144.21 -55.13 62.43
C TRP H 615 -145.65 -54.62 62.48
N LEU H 616 -146.29 -54.36 61.35
CA LEU H 616 -147.60 -53.72 61.31
C LEU H 616 -148.63 -54.54 62.07
N TYR H 617 -148.72 -55.84 61.75
CA TYR H 617 -149.65 -56.74 62.41
C TYR H 617 -149.36 -56.75 63.91
N ASN H 618 -148.09 -56.96 64.24
CA ASN H 618 -147.64 -57.08 65.61
C ASN H 618 -147.79 -55.77 66.38
N GLU H 619 -147.89 -54.63 65.68
CA GLU H 619 -148.31 -53.38 66.25
C GLU H 619 -149.83 -53.36 66.38
N TYR H 620 -150.54 -53.02 65.30
CA TYR H 620 -151.94 -52.61 65.40
C TYR H 620 -152.88 -53.79 65.63
N VAL H 621 -152.61 -54.91 64.98
CA VAL H 621 -153.66 -55.89 64.68
C VAL H 621 -153.69 -56.98 65.73
N ALA H 622 -152.53 -57.49 66.10
CA ALA H 622 -152.37 -58.64 66.97
C ALA H 622 -153.12 -58.50 68.30
N GLU H 623 -153.29 -57.28 68.80
CA GLU H 623 -153.93 -57.02 70.09
C GLU H 623 -155.44 -56.84 70.02
N LEU H 624 -155.99 -56.60 68.83
CA LEU H 624 -157.44 -56.65 68.67
C LEU H 624 -157.86 -58.09 68.98
N PRO H 625 -158.90 -58.32 69.81
CA PRO H 625 -159.26 -59.67 70.29
C PRO H 625 -159.37 -60.67 69.13
N THR H 626 -160.04 -60.22 68.08
CA THR H 626 -160.25 -60.93 66.82
C THR H 626 -158.98 -61.58 66.26
N PHE H 627 -157.80 -60.99 66.46
CA PHE H 627 -156.55 -61.47 65.88
C PHE H 627 -155.52 -61.89 66.93
N LYS H 628 -155.71 -61.45 68.18
CA LYS H 628 -155.09 -62.09 69.33
C LYS H 628 -155.54 -63.54 69.46
N ASP H 629 -156.78 -63.81 69.09
CA ASP H 629 -157.35 -65.15 68.99
C ASP H 629 -156.62 -66.11 68.04
N ARG H 630 -155.69 -65.65 67.19
CA ARG H 630 -155.16 -66.42 66.05
C ARG H 630 -153.64 -66.42 65.89
N VAL H 631 -153.12 -67.55 65.41
CA VAL H 631 -151.82 -67.64 64.72
C VAL H 631 -151.92 -66.74 63.47
N PRO H 632 -151.03 -65.76 63.28
CA PRO H 632 -151.11 -64.86 62.16
C PRO H 632 -150.93 -65.60 60.84
N GLU H 633 -151.79 -65.29 59.88
CA GLU H 633 -151.81 -66.00 58.61
C GLU H 633 -150.84 -65.38 57.59
N TYR H 634 -150.49 -64.11 57.76
CA TYR H 634 -149.55 -63.42 56.86
C TYR H 634 -148.26 -64.16 56.50
N PRO H 635 -147.67 -65.02 57.33
CA PRO H 635 -146.43 -65.70 56.95
C PRO H 635 -146.61 -66.63 55.75
N ALA H 636 -147.82 -67.17 55.56
CA ALA H 636 -148.13 -67.97 54.38
C ALA H 636 -147.95 -67.16 53.09
N TRP H 637 -148.11 -65.84 53.15
CA TRP H 637 -147.92 -64.98 52.00
C TRP H 637 -146.45 -64.94 51.58
N PHE H 638 -145.57 -64.70 52.54
CA PHE H 638 -144.14 -64.51 52.29
C PHE H 638 -143.38 -65.80 52.06
N GLU H 639 -143.90 -66.90 52.57
CA GLU H 639 -143.23 -68.19 52.56
C GLU H 639 -142.60 -68.60 51.22
N PRO H 640 -143.25 -68.43 50.07
CA PRO H 640 -142.64 -68.77 48.80
C PRO H 640 -141.41 -67.93 48.50
N PHE H 641 -141.43 -66.67 48.88
CA PHE H 641 -140.33 -65.72 48.68
C PHE H 641 -139.16 -66.04 49.58
N VAL H 642 -139.47 -66.54 50.77
CA VAL H 642 -138.47 -67.08 51.69
C VAL H 642 -137.87 -68.35 51.13
N ILE H 643 -138.69 -69.21 50.55
CA ILE H 643 -138.19 -70.42 49.93
C ILE H 643 -137.32 -70.05 48.73
N GLN H 644 -137.77 -69.14 47.88
CA GLN H 644 -136.95 -68.58 46.82
C GLN H 644 -135.63 -68.07 47.35
N TRP H 645 -135.69 -67.29 48.42
CA TRP H 645 -134.49 -66.85 49.05
C TRP H 645 -133.63 -68.03 49.49
N LEU H 646 -134.19 -69.06 50.14
CA LEU H 646 -133.49 -70.27 50.54
C LEU H 646 -132.86 -70.98 49.35
N ASP H 647 -133.46 -70.86 48.19
CA ASP H 647 -132.98 -71.45 46.96
C ASP H 647 -131.78 -70.68 46.44
N GLU H 648 -131.95 -69.38 46.24
CA GLU H 648 -130.86 -68.49 45.87
C GLU H 648 -129.69 -68.71 46.81
N ASN H 649 -130.01 -68.74 48.10
CA ASN H 649 -129.08 -68.99 49.17
C ASN H 649 -128.38 -70.33 49.00
N GLU H 650 -129.10 -71.44 48.83
CA GLU H 650 -128.40 -72.70 48.72
C GLU H 650 -127.45 -72.73 47.53
N GLU H 651 -127.88 -72.19 46.39
CA GLU H 651 -127.07 -72.28 45.20
C GLU H 651 -125.80 -71.44 45.34
N VAL H 652 -125.98 -70.20 45.81
CA VAL H 652 -124.87 -69.37 46.25
C VAL H 652 -123.98 -70.14 47.23
N SER H 653 -124.57 -70.81 48.22
CA SER H 653 -123.83 -71.58 49.23
C SER H 653 -123.06 -72.74 48.59
N ARG H 654 -123.56 -73.35 47.53
CA ARG H 654 -122.92 -74.50 46.90
C ARG H 654 -121.80 -74.02 46.01
N ASP H 655 -122.00 -72.91 45.32
CA ASP H 655 -120.93 -72.23 44.60
C ASP H 655 -119.82 -71.75 45.54
N PHE H 656 -120.22 -71.12 46.65
CA PHE H 656 -119.32 -70.74 47.75
C PHE H 656 -118.57 -71.96 48.26
N LEU H 657 -119.25 -73.08 48.50
CA LEU H 657 -118.66 -74.31 49.02
C LEU H 657 -117.51 -74.77 48.12
N HIS H 658 -117.77 -74.80 46.83
CA HIS H 658 -116.75 -75.20 45.87
C HIS H 658 -115.59 -74.20 45.88
N GLY H 659 -115.89 -72.89 45.86
CA GLY H 659 -114.85 -71.88 46.03
C GLY H 659 -114.00 -72.10 47.29
N ALA H 660 -114.62 -72.29 48.44
CA ALA H 660 -113.95 -72.45 49.73
C ALA H 660 -113.07 -73.71 49.75
N LEU H 661 -113.62 -74.85 49.31
CA LEU H 661 -112.87 -76.09 49.15
C LEU H 661 -111.67 -75.88 48.24
N GLU H 662 -111.86 -75.17 47.14
CA GLU H 662 -110.81 -74.96 46.17
C GLU H 662 -109.74 -74.00 46.68
N ARG H 663 -110.10 -72.94 47.42
CA ARG H 663 -109.15 -72.05 48.09
C ARG H 663 -108.33 -72.81 49.13
N ASP H 664 -108.99 -73.67 49.88
CA ASP H 664 -108.34 -74.52 50.86
C ASP H 664 -107.43 -75.56 50.17
N LYS H 665 -107.88 -76.15 49.06
CA LYS H 665 -107.09 -77.04 48.20
C LYS H 665 -105.86 -76.36 47.65
N LYS H 666 -106.02 -75.11 47.25
CA LYS H 666 -104.91 -74.28 46.79
C LYS H 666 -103.94 -73.99 47.94
N ASP H 667 -104.47 -73.77 49.12
CA ASP H 667 -103.70 -73.82 50.36
C ASP H 667 -103.26 -75.25 50.77
N GLY H 668 -103.28 -76.25 49.87
CA GLY H 668 -102.85 -77.61 50.14
C GLY H 668 -103.57 -78.30 51.30
N PHE H 669 -104.73 -77.79 51.71
CA PHE H 669 -105.47 -78.15 52.93
C PHE H 669 -104.64 -78.11 54.20
N GLN H 670 -103.95 -76.99 54.49
CA GLN H 670 -103.33 -76.84 55.81
C GLN H 670 -104.38 -76.91 56.94
N GLN H 671 -104.00 -77.47 58.09
CA GLN H 671 -104.82 -77.35 59.28
C GLN H 671 -104.89 -75.90 59.71
N THR H 672 -106.06 -75.50 60.19
CA THR H 672 -106.39 -74.12 60.57
C THR H 672 -105.44 -73.59 61.65
N SER H 673 -104.96 -74.50 62.48
CA SER H 673 -103.70 -74.40 63.21
C SER H 673 -103.25 -75.81 63.55
N GLU H 674 -102.05 -75.97 64.06
CA GLU H 674 -101.53 -77.29 64.42
C GLU H 674 -102.32 -78.03 65.51
N HIS H 675 -103.25 -77.31 66.15
CA HIS H 675 -104.20 -77.81 67.13
C HIS H 675 -105.67 -77.64 66.68
N ALA H 676 -105.98 -76.74 65.73
CA ALA H 676 -107.26 -76.69 65.00
C ALA H 676 -107.14 -77.56 63.74
N LEU H 677 -107.37 -78.85 63.94
CA LEU H 677 -106.87 -79.94 63.11
C LEU H 677 -107.52 -80.08 61.72
N PHE H 678 -108.67 -79.45 61.53
CA PHE H 678 -109.36 -79.30 60.25
C PHE H 678 -108.82 -78.08 59.50
N SER H 679 -109.04 -77.98 58.21
CA SER H 679 -108.71 -76.84 57.38
C SER H 679 -109.88 -75.85 57.24
N CYS H 680 -109.54 -74.64 56.78
CA CYS H 680 -110.35 -73.44 56.93
C CYS H 680 -111.73 -73.51 56.25
N SER H 681 -111.85 -74.24 55.15
CA SER H 681 -113.09 -74.37 54.42
C SER H 681 -114.22 -74.85 55.32
N VAL H 682 -113.93 -75.71 56.29
CA VAL H 682 -114.94 -76.16 57.24
C VAL H 682 -115.59 -74.99 57.97
N VAL H 683 -114.72 -74.10 58.42
CA VAL H 683 -115.08 -72.90 59.16
C VAL H 683 -115.89 -71.98 58.27
N ASP H 684 -115.38 -71.70 57.08
CA ASP H 684 -116.02 -70.83 56.10
C ASP H 684 -117.45 -71.29 55.83
N VAL H 685 -117.60 -72.59 55.62
CA VAL H 685 -118.86 -73.21 55.35
C VAL H 685 -119.78 -73.06 56.53
N PHE H 686 -119.36 -73.41 57.74
CA PHE H 686 -120.23 -73.19 58.87
C PHE H 686 -120.56 -71.72 59.06
N SER H 687 -119.60 -70.83 58.86
CA SER H 687 -119.87 -69.40 58.87
C SER H 687 -120.97 -69.05 57.89
N GLN H 688 -120.83 -69.46 56.64
CA GLN H 688 -121.84 -69.20 55.64
C GLN H 688 -123.20 -69.74 56.05
N LEU H 689 -123.22 -71.01 56.45
CA LEU H 689 -124.44 -71.68 56.84
C LEU H 689 -125.12 -70.97 57.99
N ASN H 690 -124.35 -70.46 58.93
CA ASN H 690 -124.89 -69.70 60.01
C ASN H 690 -125.38 -68.33 59.53
N GLN H 691 -124.63 -67.59 58.72
CA GLN H 691 -125.13 -66.32 58.17
C GLN H 691 -126.49 -66.53 57.51
N SER H 692 -126.56 -67.60 56.73
CA SER H 692 -127.75 -68.06 56.06
C SER H 692 -128.86 -68.40 57.03
N PHE H 693 -128.59 -69.28 57.99
CA PHE H 693 -129.61 -69.71 58.94
C PHE H 693 -130.18 -68.51 59.67
N GLU H 694 -129.33 -67.57 60.02
CA GLU H 694 -129.77 -66.42 60.78
C GLU H 694 -130.67 -65.53 59.97
N ILE H 695 -130.45 -65.40 58.67
CA ILE H 695 -131.39 -64.69 57.80
C ILE H 695 -132.77 -65.33 57.88
N ILE H 696 -132.86 -66.65 57.93
CA ILE H 696 -134.14 -67.33 58.18
C ILE H 696 -134.63 -66.98 59.57
N LYS H 697 -133.76 -67.17 60.57
CA LYS H 697 -134.18 -67.15 61.95
C LYS H 697 -134.77 -65.79 62.31
N LYS H 698 -134.16 -64.71 61.79
CA LYS H 698 -134.60 -63.31 61.83
C LYS H 698 -136.01 -63.03 61.33
N LEU H 699 -136.69 -63.99 60.72
CA LEU H 699 -138.09 -63.84 60.37
C LEU H 699 -139.01 -64.22 61.53
N GLU H 700 -138.60 -65.15 62.39
CA GLU H 700 -139.39 -65.68 63.53
C GLU H 700 -140.85 -65.96 63.16
N CYS H 701 -141.06 -66.66 62.04
CA CYS H 701 -142.40 -66.91 61.51
C CYS H 701 -143.32 -67.53 62.59
N PRO H 702 -144.44 -66.89 62.94
CA PRO H 702 -145.32 -67.38 63.99
C PRO H 702 -146.15 -68.60 63.58
N ASP H 703 -146.13 -69.00 62.30
CA ASP H 703 -146.64 -70.28 61.84
C ASP H 703 -145.52 -71.33 61.84
N PRO H 704 -145.49 -72.24 62.83
CA PRO H 704 -144.38 -73.18 62.99
C PRO H 704 -144.34 -74.25 61.90
N GLN H 705 -145.39 -74.42 61.11
CA GLN H 705 -145.40 -75.38 60.03
C GLN H 705 -144.73 -74.78 58.80
N ILE H 706 -144.99 -73.50 58.54
CA ILE H 706 -144.25 -72.70 57.58
C ILE H 706 -142.78 -72.62 57.98
N VAL H 707 -142.50 -72.44 59.28
CA VAL H 707 -141.14 -72.61 59.79
C VAL H 707 -140.63 -74.01 59.47
N GLY H 708 -141.40 -75.03 59.80
CA GLY H 708 -141.01 -76.41 59.55
C GLY H 708 -140.65 -76.61 58.10
N HIS H 709 -141.36 -75.96 57.18
CA HIS H 709 -141.08 -76.01 55.77
C HIS H 709 -139.74 -75.37 55.44
N TYR H 710 -139.47 -74.17 55.93
CA TYR H 710 -138.14 -73.59 55.81
C TYR H 710 -137.07 -74.53 56.33
N MET H 711 -137.31 -75.18 57.46
CA MET H 711 -136.34 -76.07 58.08
C MET H 711 -136.15 -77.35 57.28
N ARG H 712 -137.21 -77.88 56.70
CA ARG H 712 -137.13 -79.02 55.79
C ARG H 712 -136.31 -78.62 54.58
N ARG H 713 -136.69 -77.53 53.91
CA ARG H 713 -135.99 -76.90 52.80
C ARG H 713 -134.51 -76.73 53.12
N PHE H 714 -134.21 -76.16 54.26
CA PHE H 714 -132.85 -75.84 54.62
C PHE H 714 -132.07 -77.07 55.06
N ALA H 715 -132.69 -78.02 55.75
CA ALA H 715 -132.03 -79.26 56.15
C ALA H 715 -131.55 -80.03 54.91
N LYS H 716 -132.33 -79.90 53.84
CA LYS H 716 -131.90 -80.34 52.53
C LYS H 716 -130.69 -79.54 52.09
N THR H 717 -130.77 -78.21 52.05
CA THR H 717 -129.61 -77.38 51.73
C THR H 717 -128.36 -77.86 52.41
N ILE H 718 -128.46 -78.00 53.72
CA ILE H 718 -127.39 -78.43 54.60
C ILE H 718 -126.93 -79.80 54.17
N SER H 719 -127.84 -80.76 54.07
CA SER H 719 -127.49 -82.10 53.64
C SER H 719 -126.74 -82.08 52.33
N ASN H 720 -127.25 -81.35 51.36
CA ASN H 720 -126.69 -81.27 50.05
C ASN H 720 -125.29 -80.67 50.08
N VAL H 721 -125.17 -79.48 50.64
CA VAL H 721 -123.91 -78.77 50.82
C VAL H 721 -122.90 -79.67 51.52
N LEU H 722 -123.28 -80.31 52.61
CA LEU H 722 -122.34 -81.04 53.43
C LEU H 722 -121.95 -82.35 52.81
N LEU H 723 -122.87 -83.04 52.17
CA LEU H 723 -122.51 -84.25 51.47
C LEU H 723 -121.63 -83.91 50.29
N GLN H 724 -121.92 -82.82 49.60
CA GLN H 724 -121.09 -82.30 48.54
C GLN H 724 -119.70 -81.94 49.02
N TYR H 725 -119.56 -81.34 50.20
CA TYR H 725 -118.25 -81.19 50.83
C TYR H 725 -117.61 -82.55 51.05
N ALA H 726 -118.29 -83.43 51.80
CA ALA H 726 -117.77 -84.69 52.26
C ALA H 726 -117.33 -85.56 51.10
N ASP H 727 -118.09 -85.48 50.03
CA ASP H 727 -117.81 -86.04 48.74
C ASP H 727 -116.56 -85.42 48.12
N ILE H 728 -116.53 -84.10 47.93
CA ILE H 728 -115.38 -83.42 47.32
C ILE H 728 -114.10 -83.77 48.08
N VAL H 729 -114.19 -83.87 49.40
CA VAL H 729 -113.15 -84.45 50.22
C VAL H 729 -112.89 -85.91 49.88
N SER H 730 -113.87 -86.79 49.99
CA SER H 730 -113.71 -88.23 49.81
C SER H 730 -113.07 -88.58 48.48
N LYS H 731 -113.40 -87.78 47.46
CA LYS H 731 -112.83 -87.85 46.12
C LYS H 731 -111.34 -87.60 46.16
N ASP H 732 -110.95 -86.44 46.66
CA ASP H 732 -109.55 -86.06 46.72
C ASP H 732 -108.74 -86.92 47.69
N PHE H 733 -109.43 -87.52 48.66
CA PHE H 733 -108.85 -88.16 49.82
C PHE H 733 -107.75 -89.17 49.49
N ALA H 734 -108.03 -90.11 48.59
CA ALA H 734 -107.08 -91.13 48.19
C ALA H 734 -105.82 -90.53 47.54
N SER H 735 -105.96 -89.48 46.74
CA SER H 735 -104.81 -88.79 46.15
C SER H 735 -103.90 -88.21 47.22
N TYR H 736 -104.48 -87.81 48.35
CA TYR H 736 -103.75 -87.33 49.50
C TYR H 736 -103.21 -88.45 50.39
N CYS H 737 -103.75 -89.66 50.30
CA CYS H 737 -103.34 -90.78 51.14
C CYS H 737 -101.92 -91.27 50.89
N SER H 738 -101.24 -90.80 49.86
CA SER H 738 -99.83 -91.14 49.66
C SER H 738 -98.99 -90.75 50.89
N LYS H 739 -97.96 -91.55 51.19
CA LYS H 739 -97.25 -91.67 52.49
C LYS H 739 -96.38 -90.47 52.93
N GLU H 740 -96.64 -89.28 52.40
CA GLU H 740 -95.81 -88.07 52.53
C GLU H 740 -96.68 -86.83 52.71
N LYS H 741 -97.80 -86.75 51.99
CA LYS H 741 -98.85 -85.76 52.26
C LYS H 741 -99.71 -86.14 53.46
N GLU H 742 -99.30 -87.11 54.29
CA GLU H 742 -100.07 -87.72 55.39
C GLU H 742 -100.81 -86.71 56.27
N LYS H 743 -100.23 -85.53 56.49
CA LYS H 743 -100.93 -84.42 57.16
C LYS H 743 -102.29 -84.14 56.55
N VAL H 744 -102.36 -84.07 55.22
CA VAL H 744 -103.58 -83.72 54.50
C VAL H 744 -104.71 -84.72 54.73
N PRO H 745 -104.59 -86.04 54.54
CA PRO H 745 -105.67 -86.97 54.89
C PRO H 745 -106.10 -86.89 56.35
N CYS H 746 -105.17 -86.68 57.28
CA CYS H 746 -105.54 -86.42 58.67
C CYS H 746 -106.49 -85.22 58.74
N ILE H 747 -106.06 -84.09 58.19
CA ILE H 747 -106.79 -82.83 58.18
C ILE H 747 -108.14 -82.98 57.53
N LEU H 748 -108.23 -83.67 56.39
CA LEU H 748 -109.49 -83.96 55.70
C LEU H 748 -110.43 -84.81 56.57
N MET H 749 -109.92 -85.85 57.22
CA MET H 749 -110.73 -86.60 58.18
C MET H 749 -111.16 -85.72 59.35
N ASN H 750 -110.29 -84.83 59.83
CA ASN H 750 -110.64 -83.85 60.83
C ASN H 750 -111.66 -82.85 60.32
N ASN H 751 -111.62 -82.47 59.04
CA ASN H 751 -112.64 -81.62 58.46
C ASN H 751 -113.97 -82.29 58.57
N THR H 752 -114.01 -83.54 58.11
CA THR H 752 -115.19 -84.38 58.06
C THR H 752 -115.80 -84.49 59.45
N GLN H 753 -114.97 -84.88 60.41
CA GLN H 753 -115.38 -84.96 61.79
C GLN H 753 -115.79 -83.59 62.33
N GLN H 754 -115.07 -82.53 61.96
CA GLN H 754 -115.43 -81.19 62.33
C GLN H 754 -116.77 -80.77 61.73
N LEU H 755 -117.10 -81.21 60.50
CA LEU H 755 -118.43 -81.05 59.94
C LEU H 755 -119.41 -81.65 60.90
N ARG H 756 -119.26 -82.94 61.23
CA ARG H 756 -120.21 -83.63 62.10
C ARG H 756 -120.40 -82.84 63.39
N VAL H 757 -119.27 -82.47 64.00
CA VAL H 757 -119.25 -81.71 65.24
C VAL H 757 -120.03 -80.41 65.09
N GLN H 758 -119.71 -79.57 64.11
CA GLN H 758 -120.45 -78.33 63.93
C GLN H 758 -121.87 -78.54 63.44
N LEU H 759 -122.12 -79.63 62.74
CA LEU H 759 -123.44 -79.99 62.29
C LEU H 759 -124.30 -80.26 63.51
N GLU H 760 -123.81 -81.01 64.50
CA GLU H 760 -124.54 -81.19 65.76
C GLU H 760 -124.88 -79.82 66.35
N LYS H 761 -123.92 -78.89 66.37
CA LYS H 761 -124.13 -77.52 66.85
C LYS H 761 -125.20 -76.79 66.04
N MET H 762 -125.11 -76.80 64.72
CA MET H 762 -126.07 -76.12 63.86
C MET H 762 -127.46 -76.74 63.99
N PHE H 763 -127.53 -78.05 64.10
CA PHE H 763 -128.77 -78.77 64.36
C PHE H 763 -129.37 -78.26 65.69
N GLU H 764 -128.57 -78.17 66.75
CA GLU H 764 -129.04 -77.50 67.95
C GLU H 764 -129.47 -76.06 67.69
N ALA H 765 -128.71 -75.29 66.90
CA ALA H 765 -129.00 -73.91 66.59
C ALA H 765 -130.35 -73.77 65.87
N MET H 766 -130.67 -74.71 64.99
CA MET H 766 -131.97 -74.87 64.35
C MET H 766 -133.06 -75.33 65.32
N GLY H 767 -132.78 -75.38 66.61
CA GLY H 767 -133.72 -75.84 67.61
C GLY H 767 -133.68 -77.36 67.76
N GLY H 768 -132.50 -77.96 67.65
CA GLY H 768 -132.15 -79.30 68.10
C GLY H 768 -133.28 -80.32 68.05
N LYS H 769 -133.61 -80.92 69.20
CA LYS H 769 -134.63 -81.97 69.29
C LYS H 769 -136.05 -81.43 69.19
N GLU H 770 -136.20 -80.11 69.29
CA GLU H 770 -137.42 -79.38 69.03
C GLU H 770 -137.71 -79.25 67.52
N LEU H 771 -136.71 -79.49 66.67
CA LEU H 771 -136.76 -79.33 65.22
C LEU H 771 -137.87 -80.16 64.57
N ASP H 772 -138.40 -79.66 63.45
CA ASP H 772 -139.25 -80.41 62.56
C ASP H 772 -138.71 -81.82 62.31
N ALA H 773 -139.56 -82.82 62.48
CA ALA H 773 -139.13 -84.21 62.46
C ALA H 773 -138.47 -84.65 61.13
N GLU H 774 -138.73 -83.95 60.02
CA GLU H 774 -138.22 -84.34 58.69
C GLU H 774 -136.97 -83.55 58.31
N ALA H 775 -136.90 -82.29 58.69
CA ALA H 775 -135.64 -81.59 58.77
C ALA H 775 -134.69 -82.39 59.67
N SER H 776 -135.16 -82.80 60.85
CA SER H 776 -134.41 -83.65 61.77
C SER H 776 -134.05 -84.99 61.11
N GLY H 777 -135.01 -85.70 60.52
CA GLY H 777 -134.76 -86.91 59.74
C GLY H 777 -133.62 -86.72 58.75
N THR H 778 -133.66 -85.63 58.01
CA THR H 778 -132.63 -85.26 57.04
C THR H 778 -131.28 -85.09 57.69
N LEU H 779 -131.20 -84.29 58.74
CA LEU H 779 -129.93 -84.07 59.38
C LEU H 779 -129.40 -85.33 60.10
N LYS H 780 -130.27 -86.22 60.56
CA LYS H 780 -129.86 -87.52 61.12
C LYS H 780 -129.28 -88.43 60.06
N GLU H 781 -130.00 -88.56 58.96
CA GLU H 781 -129.53 -89.23 57.75
C GLU H 781 -128.15 -88.70 57.33
N LEU H 782 -128.04 -87.38 57.29
CA LEU H 782 -126.83 -86.70 56.89
C LEU H 782 -125.69 -87.10 57.80
N GLN H 783 -125.88 -86.98 59.11
CA GLN H 783 -124.88 -87.34 60.11
C GLN H 783 -124.45 -88.82 59.98
N VAL H 784 -125.39 -89.74 59.76
CA VAL H 784 -125.07 -91.17 59.53
C VAL H 784 -124.18 -91.34 58.30
N LYS H 785 -124.52 -90.69 57.20
CA LYS H 785 -123.70 -90.75 55.99
C LYS H 785 -122.32 -90.17 56.20
N LEU H 786 -122.24 -89.01 56.85
CA LEU H 786 -120.96 -88.40 57.20
C LEU H 786 -120.12 -89.34 58.07
N ASN H 787 -120.74 -90.06 59.01
CA ASN H 787 -120.05 -91.09 59.78
C ASN H 787 -119.49 -92.20 58.87
N ASN H 788 -120.31 -92.71 57.97
CA ASN H 788 -119.91 -93.82 57.13
C ASN H 788 -118.80 -93.37 56.17
N VAL H 789 -118.91 -92.16 55.62
CA VAL H 789 -117.82 -91.51 54.88
C VAL H 789 -116.54 -91.58 55.70
N LEU H 790 -116.56 -91.15 56.97
CA LEU H 790 -115.36 -91.09 57.80
C LEU H 790 -114.74 -92.47 58.05
N ASP H 791 -115.54 -93.52 58.18
CA ASP H 791 -115.02 -94.89 58.21
C ASP H 791 -114.24 -95.19 56.93
N GLU H 792 -114.82 -94.91 55.77
CA GLU H 792 -114.19 -95.26 54.52
C GLU H 792 -112.92 -94.46 54.28
N LEU H 793 -112.90 -93.19 54.67
CA LEU H 793 -111.68 -92.41 54.65
C LEU H 793 -110.63 -93.01 55.58
N SER H 794 -110.97 -93.37 56.83
CA SER H 794 -110.02 -94.00 57.75
C SER H 794 -109.42 -95.28 57.16
N HIS H 795 -110.25 -96.04 56.47
CA HIS H 795 -109.85 -97.27 55.82
C HIS H 795 -108.92 -96.99 54.66
N VAL H 796 -109.37 -96.18 53.71
CA VAL H 796 -108.59 -95.76 52.55
C VAL H 796 -107.24 -95.21 52.98
N PHE H 797 -107.23 -94.43 54.05
CA PHE H 797 -106.00 -93.91 54.61
C PHE H 797 -105.10 -95.00 55.15
N ALA H 798 -105.57 -95.79 56.11
CA ALA H 798 -104.80 -96.87 56.69
C ALA H 798 -104.24 -97.84 55.64
N THR H 799 -105.03 -98.04 54.59
CA THR H 799 -104.69 -98.87 53.46
C THR H 799 -103.45 -98.37 52.70
N SER H 800 -103.24 -97.07 52.52
CA SER H 800 -102.08 -96.61 51.75
C SER H 800 -100.73 -96.93 52.43
N PHE H 801 -100.75 -97.18 53.74
CA PHE H 801 -99.60 -97.64 54.50
C PHE H 801 -99.41 -99.15 54.46
N GLN H 802 -100.46 -99.89 54.10
CA GLN H 802 -100.43 -101.33 54.06
C GLN H 802 -99.20 -101.92 53.36
N PRO H 803 -98.72 -101.39 52.21
CA PRO H 803 -97.54 -101.95 51.56
C PRO H 803 -96.31 -101.79 52.42
N HIS H 804 -96.18 -100.62 53.03
CA HIS H 804 -95.09 -100.33 53.92
C HIS H 804 -95.16 -101.22 55.16
N ILE H 805 -96.35 -101.42 55.69
CA ILE H 805 -96.60 -102.29 56.83
C ILE H 805 -96.21 -103.71 56.49
N GLU H 806 -96.72 -104.24 55.39
CA GLU H 806 -96.40 -105.59 54.92
C GLU H 806 -94.92 -105.79 54.66
N GLU H 807 -94.29 -104.78 54.06
CA GLU H 807 -92.87 -104.77 53.84
C GLU H 807 -92.11 -104.87 55.16
N CYS H 808 -92.36 -103.92 56.06
CA CYS H 808 -91.75 -103.91 57.38
C CYS H 808 -91.99 -105.23 58.09
N VAL H 809 -93.22 -105.73 58.11
CA VAL H 809 -93.57 -106.99 58.78
C VAL H 809 -92.82 -108.14 58.16
N ARG H 810 -92.67 -108.19 56.83
CA ARG H 810 -91.85 -109.21 56.21
C ARG H 810 -90.41 -109.10 56.69
N GLN H 811 -89.84 -107.89 56.77
CA GLN H 811 -88.50 -107.74 57.35
C GLN H 811 -88.45 -108.20 58.79
N MET H 812 -89.46 -107.89 59.59
CA MET H 812 -89.51 -108.33 60.96
C MET H 812 -89.55 -109.86 61.00
N GLY H 813 -90.29 -110.50 60.09
CA GLY H 813 -90.32 -111.93 59.91
C GLY H 813 -88.95 -112.49 59.50
N ASP H 814 -88.26 -111.81 58.59
CA ASP H 814 -86.90 -112.12 58.22
C ASP H 814 -85.97 -112.05 59.44
N ILE H 815 -86.06 -110.97 60.21
CA ILE H 815 -85.26 -110.79 61.42
C ILE H 815 -85.60 -111.87 62.46
N LEU H 816 -86.88 -112.22 62.62
CA LEU H 816 -87.29 -113.27 63.55
C LEU H 816 -86.73 -114.62 63.14
N SER H 817 -86.63 -114.93 61.84
CA SER H 817 -86.11 -116.23 61.40
C SER H 817 -84.66 -116.51 61.81
N GLN H 818 -83.94 -115.50 62.29
CA GLN H 818 -82.60 -115.64 62.86
C GLN H 818 -82.68 -116.17 64.31
N VAL H 819 -83.72 -115.77 65.04
CA VAL H 819 -84.16 -116.39 66.29
C VAL H 819 -84.76 -117.77 65.95
N LYS H 820 -84.41 -118.79 66.72
CA LYS H 820 -85.12 -120.07 66.65
C LYS H 820 -85.50 -120.52 68.06
N GLY H 821 -85.72 -121.81 68.31
CA GLY H 821 -86.09 -122.27 69.64
C GLY H 821 -84.91 -122.29 70.58
N THR H 822 -84.54 -121.14 71.15
CA THR H 822 -83.15 -120.92 71.61
C THR H 822 -82.79 -121.48 72.98
N GLY H 823 -83.63 -122.33 73.57
CA GLY H 823 -83.11 -123.35 74.48
C GLY H 823 -82.26 -124.42 73.77
N ASN H 824 -82.41 -124.54 72.45
CA ASN H 824 -81.66 -125.42 71.54
C ASN H 824 -80.74 -124.62 70.56
N VAL H 825 -80.30 -123.37 70.88
CA VAL H 825 -79.48 -122.50 69.99
C VAL H 825 -78.52 -121.58 70.78
N PRO H 826 -77.34 -121.18 70.23
CA PRO H 826 -76.37 -120.26 70.86
C PRO H 826 -76.87 -118.85 71.22
N ALA H 827 -76.13 -118.17 72.10
CA ALA H 827 -76.44 -116.90 72.77
C ALA H 827 -76.62 -115.65 71.88
N SER H 828 -76.35 -115.71 70.57
CA SER H 828 -76.71 -114.62 69.62
C SER H 828 -78.17 -114.67 69.18
N ALA H 829 -78.81 -115.83 69.30
CA ALA H 829 -80.23 -116.03 69.10
C ALA H 829 -80.93 -116.49 70.40
N CYS H 830 -80.22 -117.09 71.37
CA CYS H 830 -80.58 -117.01 72.80
C CYS H 830 -80.17 -115.65 73.42
N SER H 831 -79.88 -114.68 72.53
CA SER H 831 -80.01 -113.24 72.75
C SER H 831 -81.32 -112.98 73.50
N SER H 832 -81.35 -112.03 74.41
CA SER H 832 -82.51 -111.91 75.30
C SER H 832 -83.79 -111.75 74.50
N VAL H 833 -84.89 -112.17 75.10
CA VAL H 833 -86.22 -112.04 74.51
C VAL H 833 -86.48 -110.59 74.06
N ALA H 834 -85.99 -109.62 74.83
CA ALA H 834 -86.04 -108.20 74.52
C ALA H 834 -85.17 -107.79 73.32
N GLN H 835 -83.89 -108.18 73.28
CA GLN H 835 -83.01 -107.81 72.16
C GLN H 835 -83.52 -108.37 70.84
N ASP H 836 -83.90 -109.64 70.84
CA ASP H 836 -84.55 -110.24 69.68
C ASP H 836 -85.82 -109.48 69.30
N ALA H 837 -86.71 -109.19 70.27
CA ALA H 837 -87.94 -108.45 69.99
C ALA H 837 -87.61 -107.09 69.39
N ASP H 838 -86.63 -106.36 69.91
CA ASP H 838 -86.20 -105.08 69.40
C ASP H 838 -85.68 -105.17 67.97
N ASN H 839 -84.78 -106.13 67.71
CA ASN H 839 -84.23 -106.36 66.39
C ASN H 839 -85.37 -106.58 65.41
N VAL H 840 -86.22 -107.55 65.77
CA VAL H 840 -87.40 -107.93 65.04
C VAL H 840 -88.27 -106.71 64.79
N LEU H 841 -88.64 -105.99 65.85
CA LEU H 841 -89.54 -104.84 65.86
C LEU H 841 -89.04 -103.68 65.04
N GLN H 842 -87.74 -103.59 64.81
CA GLN H 842 -87.20 -102.30 64.45
C GLN H 842 -87.78 -101.73 63.15
N PRO H 843 -87.94 -102.51 62.07
CA PRO H 843 -88.53 -102.01 60.84
C PRO H 843 -89.87 -101.32 61.01
N ILE H 844 -90.71 -101.79 61.94
CA ILE H 844 -92.01 -101.18 62.18
C ILE H 844 -91.94 -100.06 63.21
N MET H 845 -91.13 -100.15 64.27
CA MET H 845 -91.15 -99.15 65.33
C MET H 845 -90.76 -97.78 64.82
N ASP H 846 -89.85 -97.75 63.85
CA ASP H 846 -89.45 -96.55 63.14
C ASP H 846 -90.67 -95.89 62.48
N LEU H 847 -91.35 -96.65 61.64
CA LEU H 847 -92.56 -96.24 60.93
C LEU H 847 -93.59 -95.77 61.96
N LEU H 848 -93.88 -96.62 62.94
CA LEU H 848 -94.90 -96.41 63.94
C LEU H 848 -94.66 -95.13 64.69
N ASP H 849 -93.50 -94.97 65.30
CA ASP H 849 -93.35 -93.97 66.33
C ASP H 849 -93.57 -92.61 65.71
N SER H 850 -92.86 -92.37 64.62
CA SER H 850 -92.98 -91.18 63.82
C SER H 850 -94.43 -90.93 63.43
N ASN H 851 -95.05 -91.90 62.77
CA ASN H 851 -96.37 -91.69 62.22
C ASN H 851 -97.42 -91.57 63.31
N LEU H 852 -97.45 -92.46 64.30
CA LEU H 852 -98.42 -92.37 65.39
C LEU H 852 -98.24 -91.09 66.15
N THR H 853 -97.02 -90.63 66.35
CA THR H 853 -96.82 -89.35 67.01
C THR H 853 -97.36 -88.21 66.16
N LEU H 854 -97.01 -88.19 64.88
CA LEU H 854 -97.51 -87.19 63.94
C LEU H 854 -99.04 -87.21 63.93
N PHE H 855 -99.65 -88.38 63.80
CA PHE H 855 -101.09 -88.55 63.76
C PHE H 855 -101.73 -88.21 65.10
N ALA H 856 -101.12 -88.57 66.22
CA ALA H 856 -101.62 -88.17 67.52
C ALA H 856 -101.60 -86.65 67.69
N LYS H 857 -100.58 -85.97 67.16
CA LYS H 857 -100.53 -84.52 67.12
C LYS H 857 -101.66 -83.96 66.23
N ILE H 858 -101.85 -84.52 65.03
CA ILE H 858 -102.63 -83.87 63.97
C ILE H 858 -104.01 -84.47 63.63
N CYS H 859 -104.43 -85.60 64.20
CA CYS H 859 -105.76 -86.20 64.01
C CYS H 859 -106.66 -85.95 65.21
N GLU H 860 -107.92 -85.62 64.93
CA GLU H 860 -108.98 -85.61 65.93
C GLU H 860 -109.23 -87.02 66.46
N LYS H 861 -109.66 -87.18 67.71
CA LYS H 861 -109.55 -88.48 68.36
C LYS H 861 -110.45 -89.54 67.71
N THR H 862 -111.66 -89.15 67.34
CA THR H 862 -112.58 -89.89 66.44
C THR H 862 -111.86 -90.39 65.20
N VAL H 863 -111.21 -89.47 64.50
CA VAL H 863 -110.45 -89.74 63.28
C VAL H 863 -109.37 -90.75 63.55
N LEU H 864 -108.53 -90.44 64.53
CA LEU H 864 -107.38 -91.20 64.92
C LEU H 864 -107.79 -92.61 65.30
N LYS H 865 -108.84 -92.78 66.07
CA LYS H 865 -109.24 -94.10 66.56
C LYS H 865 -109.60 -94.98 65.40
N ARG H 866 -110.35 -94.45 64.45
CA ARG H 866 -110.74 -95.16 63.23
C ARG H 866 -109.49 -95.53 62.43
N VAL H 867 -108.62 -94.55 62.22
CA VAL H 867 -107.34 -94.77 61.53
C VAL H 867 -106.57 -95.89 62.21
N LEU H 868 -106.44 -95.82 63.52
CA LEU H 868 -105.70 -96.78 64.30
C LEU H 868 -106.36 -98.13 64.28
N LYS H 869 -107.68 -98.25 64.36
CA LYS H 869 -108.33 -99.56 64.30
C LYS H 869 -108.03 -100.24 62.99
N GLU H 870 -108.17 -99.49 61.91
CA GLU H 870 -107.89 -99.94 60.56
C GLU H 870 -106.44 -100.39 60.44
N LEU H 871 -105.53 -99.56 60.89
CA LEU H 871 -104.11 -99.90 60.94
C LEU H 871 -103.88 -101.12 61.81
N TRP H 872 -104.48 -101.19 62.99
CA TRP H 872 -104.26 -102.24 63.98
C TRP H 872 -104.63 -103.59 63.42
N LYS H 873 -105.84 -103.67 62.90
CA LYS H 873 -106.33 -104.83 62.18
C LYS H 873 -105.32 -105.22 61.11
N LEU H 874 -104.99 -104.27 60.25
CA LEU H 874 -104.07 -104.47 59.15
C LEU H 874 -102.76 -105.05 59.67
N VAL H 875 -102.17 -104.43 60.67
CA VAL H 875 -100.92 -104.84 61.30
C VAL H 875 -101.05 -106.24 61.85
N MET H 876 -101.97 -106.46 62.76
CA MET H 876 -102.23 -107.75 63.38
C MET H 876 -102.33 -108.87 62.37
N ASN H 877 -103.15 -108.65 61.36
CA ASN H 877 -103.36 -109.62 60.31
C ASN H 877 -102.08 -109.84 59.53
N THR H 878 -101.36 -108.76 59.23
CA THR H 878 -100.09 -108.82 58.53
C THR H 878 -99.11 -109.66 59.30
N MET H 879 -98.96 -109.45 60.60
CA MET H 879 -98.05 -110.25 61.41
C MET H 879 -98.50 -111.69 61.47
N GLU H 880 -99.79 -111.90 61.67
CA GLU H 880 -100.30 -113.24 61.80
C GLU H 880 -100.00 -114.06 60.58
N ARG H 881 -100.26 -113.48 59.42
CA ARG H 881 -99.88 -114.03 58.12
C ARG H 881 -98.38 -114.12 58.00
N THR H 882 -97.74 -112.97 57.82
CA THR H 882 -96.34 -112.80 57.43
C THR H 882 -95.35 -113.29 58.46
N ILE H 883 -95.75 -113.60 59.69
CA ILE H 883 -94.83 -113.98 60.75
C ILE H 883 -95.30 -115.22 61.50
N VAL H 884 -96.57 -115.35 61.86
CA VAL H 884 -96.99 -116.49 62.71
C VAL H 884 -97.47 -117.66 61.92
N LEU H 885 -98.02 -117.43 60.75
CA LEU H 885 -98.23 -118.46 59.75
C LEU H 885 -97.36 -118.12 58.55
N PRO H 886 -96.04 -117.92 58.80
CA PRO H 886 -95.21 -117.08 57.97
C PRO H 886 -94.92 -117.71 56.63
N PRO H 887 -94.47 -116.90 55.65
CA PRO H 887 -93.71 -117.40 54.52
C PRO H 887 -92.46 -118.14 55.01
N GLU H 888 -91.74 -117.65 56.04
CA GLU H 888 -90.64 -118.36 56.73
C GLU H 888 -91.08 -119.59 57.58
N PHE H 889 -92.13 -120.30 57.17
CA PHE H 889 -92.36 -121.69 57.58
C PHE H 889 -93.13 -122.49 56.51
N LEU H 890 -94.42 -122.24 56.27
CA LEU H 890 -95.23 -123.22 55.50
C LEU H 890 -94.88 -123.25 54.02
N SER H 891 -94.48 -122.11 53.45
CA SER H 891 -93.96 -122.03 52.07
C SER H 891 -92.66 -122.83 51.85
N LYS H 892 -92.04 -123.33 52.93
CA LYS H 892 -91.00 -124.36 52.87
C LYS H 892 -91.57 -125.77 53.02
N LEU H 893 -92.30 -126.05 54.11
CA LEU H 893 -92.77 -127.40 54.43
C LEU H 893 -93.68 -128.00 53.34
N LYS H 894 -94.63 -127.21 52.80
CA LYS H 894 -95.52 -127.67 51.73
C LYS H 894 -94.90 -127.56 50.33
N ASP H 895 -93.63 -127.20 50.24
CA ASP H 895 -92.85 -127.05 49.01
C ASP H 895 -91.75 -128.13 48.90
N HIS H 896 -90.97 -128.12 47.83
CA HIS H 896 -89.76 -128.94 47.64
C HIS H 896 -88.64 -128.59 48.62
N MET H 897 -88.76 -127.42 49.26
CA MET H 897 -87.91 -126.96 50.36
C MET H 897 -88.08 -127.82 51.63
N VAL H 898 -87.44 -127.40 52.72
CA VAL H 898 -87.35 -128.16 53.97
C VAL H 898 -88.72 -128.46 54.59
N ARG H 899 -88.91 -129.72 55.02
CA ARG H 899 -89.95 -130.22 55.95
C ARG H 899 -89.80 -129.53 57.31
N GLU H 900 -90.11 -128.25 57.33
CA GLU H 900 -89.53 -127.33 58.29
C GLU H 900 -89.80 -127.69 59.74
N GLU H 901 -88.88 -127.20 60.55
CA GLU H 901 -89.13 -126.88 61.92
C GLU H 901 -89.23 -125.38 62.17
N ALA H 902 -88.85 -124.54 61.20
CA ALA H 902 -88.36 -123.16 61.39
C ALA H 902 -87.30 -123.10 62.52
N LYS H 903 -86.52 -124.19 62.57
CA LYS H 903 -85.64 -124.63 63.67
C LYS H 903 -86.29 -124.46 65.06
N SER H 904 -87.51 -125.00 65.13
CA SER H 904 -88.42 -125.13 66.28
C SER H 904 -88.97 -123.79 66.78
N LEU H 905 -90.25 -123.48 66.48
CA LEU H 905 -91.01 -122.36 67.06
C LEU H 905 -91.40 -122.66 68.52
N THR H 906 -90.38 -122.86 69.34
CA THR H 906 -90.51 -123.10 70.77
C THR H 906 -91.00 -121.85 71.49
N PRO H 907 -91.25 -121.99 72.80
CA PRO H 907 -91.12 -120.93 73.79
C PRO H 907 -90.41 -119.65 73.38
N LYS H 908 -89.18 -119.70 72.83
CA LYS H 908 -88.44 -118.49 72.54
C LYS H 908 -89.08 -117.57 71.51
N GLN H 909 -89.43 -118.06 70.33
CA GLN H 909 -90.13 -117.25 69.32
C GLN H 909 -91.62 -117.10 69.67
N CYS H 910 -92.14 -117.82 70.68
CA CYS H 910 -93.46 -117.51 71.23
C CYS H 910 -93.37 -116.24 72.11
N ALA H 911 -92.44 -116.23 73.06
CA ALA H 911 -91.82 -115.01 73.53
C ALA H 911 -91.15 -114.30 72.33
N VAL H 912 -90.49 -113.17 72.53
CA VAL H 912 -90.03 -112.28 71.43
C VAL H 912 -91.23 -111.68 70.73
N VAL H 913 -92.03 -112.49 70.05
CA VAL H 913 -93.28 -112.11 69.42
C VAL H 913 -94.27 -111.64 70.47
N GLU H 914 -94.52 -112.37 71.55
CA GLU H 914 -95.46 -111.89 72.56
C GLU H 914 -95.03 -110.56 73.17
N LEU H 915 -93.73 -110.37 73.35
CA LEU H 915 -93.19 -109.09 73.80
C LEU H 915 -93.30 -108.00 72.72
N ALA H 916 -93.02 -108.35 71.48
CA ALA H 916 -93.13 -107.44 70.36
C ALA H 916 -94.58 -106.99 70.20
N LEU H 917 -95.52 -107.94 70.23
CA LEU H 917 -96.96 -107.70 70.29
C LEU H 917 -97.27 -106.77 71.44
N ASP H 918 -96.74 -107.02 72.62
CA ASP H 918 -97.03 -106.14 73.74
C ASP H 918 -96.50 -104.73 73.47
N THR H 919 -95.26 -104.63 72.97
CA THR H 919 -94.64 -103.37 72.62
C THR H 919 -95.48 -102.59 71.63
N ILE H 920 -95.92 -103.28 70.59
CA ILE H 920 -96.82 -102.77 69.58
C ILE H 920 -98.14 -102.37 70.23
N LYS H 921 -98.70 -103.19 71.11
CA LYS H 921 -99.96 -102.93 71.79
C LYS H 921 -99.84 -101.70 72.67
N GLN H 922 -98.72 -101.50 73.34
CA GLN H 922 -98.44 -100.27 74.06
C GLN H 922 -98.32 -99.10 73.10
N TYR H 923 -97.72 -99.31 71.95
CA TYR H 923 -97.59 -98.32 70.89
C TYR H 923 -98.94 -97.86 70.33
N PHE H 924 -99.76 -98.82 69.87
CA PHE H 924 -101.13 -98.58 69.42
C PHE H 924 -102.00 -98.02 70.53
N HIS H 925 -101.78 -98.46 71.76
CA HIS H 925 -102.49 -97.91 72.89
C HIS H 925 -102.10 -96.47 73.14
N ALA H 926 -100.80 -96.17 73.00
CA ALA H 926 -100.20 -94.87 73.26
C ALA H 926 -100.73 -94.26 74.58
N GLY H 927 -100.75 -95.06 75.64
CA GLY H 927 -101.27 -94.61 76.94
C GLY H 927 -102.75 -94.21 76.96
N GLY H 928 -103.58 -94.72 76.05
CA GLY H 928 -104.99 -94.35 75.89
C GLY H 928 -105.24 -93.24 74.88
N VAL H 929 -104.18 -92.56 74.41
CA VAL H 929 -104.29 -91.60 73.29
C VAL H 929 -104.66 -92.32 71.99
N GLY H 930 -104.14 -93.54 71.83
CA GLY H 930 -104.47 -94.44 70.75
C GLY H 930 -105.69 -95.28 71.06
N LEU H 931 -105.60 -96.59 70.84
CA LEU H 931 -106.70 -97.53 71.05
C LEU H 931 -106.81 -97.99 72.52
N LYS H 932 -108.00 -98.43 72.91
CA LYS H 932 -108.29 -98.95 74.25
C LYS H 932 -107.59 -100.29 74.44
N LYS H 933 -106.93 -100.51 75.59
CA LYS H 933 -106.38 -101.84 75.92
C LYS H 933 -107.44 -102.93 75.88
N THR H 934 -108.71 -102.62 76.14
CA THR H 934 -109.84 -103.54 75.95
C THR H 934 -109.99 -104.01 74.51
N PHE H 935 -110.15 -103.09 73.55
CA PHE H 935 -110.23 -103.41 72.13
C PHE H 935 -109.02 -104.21 71.67
N LEU H 936 -107.82 -103.84 72.13
CA LEU H 936 -106.60 -104.51 71.73
C LEU H 936 -106.55 -105.92 72.33
N GLU H 937 -106.80 -106.09 73.63
CA GLU H 937 -106.82 -107.40 74.26
C GLU H 937 -107.90 -108.29 73.65
N LYS H 938 -109.09 -107.74 73.46
CA LYS H 938 -110.22 -108.40 72.81
C LYS H 938 -110.20 -108.20 71.30
N SER H 939 -109.03 -107.94 70.71
CA SER H 939 -108.90 -107.89 69.27
C SER H 939 -108.90 -109.32 68.76
N PRO H 940 -109.83 -109.68 67.87
CA PRO H 940 -109.81 -110.99 67.24
C PRO H 940 -108.53 -111.15 66.43
N ASP H 941 -108.03 -110.06 65.86
CA ASP H 941 -106.79 -109.99 65.13
C ASP H 941 -105.63 -110.45 66.03
N LEU H 942 -105.60 -109.95 67.27
CA LEU H 942 -104.67 -110.41 68.28
C LEU H 942 -104.97 -111.82 68.80
N GLN H 943 -106.22 -112.13 69.06
CA GLN H 943 -106.62 -113.39 69.69
C GLN H 943 -106.40 -114.56 68.74
N SER H 944 -106.66 -114.36 67.47
CA SER H 944 -106.28 -115.27 66.43
C SER H 944 -104.76 -115.41 66.41
N LEU H 945 -104.05 -114.30 66.43
CA LEU H 945 -102.60 -114.30 66.41
C LEU H 945 -102.02 -115.13 67.55
N ARG H 946 -102.50 -114.89 68.77
CA ARG H 946 -102.26 -115.69 69.96
C ARG H 946 -102.65 -117.15 69.77
N TYR H 947 -103.78 -117.40 69.14
CA TYR H 947 -104.21 -118.75 68.94
C TYR H 947 -103.28 -119.52 68.00
N ALA H 948 -102.89 -118.93 66.87
CA ALA H 948 -101.92 -119.54 65.97
C ALA H 948 -100.60 -119.81 66.71
N LEU H 949 -100.15 -118.85 67.53
CA LEU H 949 -99.00 -119.04 68.40
C LEU H 949 -99.17 -120.26 69.32
N SER H 950 -100.37 -120.49 69.85
CA SER H 950 -100.61 -121.66 70.70
C SER H 950 -100.46 -122.98 69.95
N LEU H 951 -100.81 -123.08 68.66
CA LEU H 951 -100.65 -124.32 67.90
C LEU H 951 -99.22 -124.81 67.99
N TYR H 952 -98.27 -123.89 67.82
CA TYR H 952 -96.86 -124.23 67.72
C TYR H 952 -96.30 -124.99 68.91
N THR H 953 -96.82 -124.78 70.10
CA THR H 953 -96.35 -125.44 71.31
C THR H 953 -97.14 -126.71 71.66
N GLN H 954 -98.23 -127.01 70.96
CA GLN H 954 -99.17 -128.06 71.39
C GLN H 954 -98.61 -129.49 71.40
N ALA H 955 -99.30 -130.35 72.14
CA ALA H 955 -99.05 -131.77 72.21
C ALA H 955 -99.35 -132.48 70.89
N THR H 956 -98.60 -133.54 70.63
CA THR H 956 -98.68 -134.36 69.41
C THR H 956 -100.07 -134.93 69.15
N ASP H 957 -100.73 -135.52 70.14
CA ASP H 957 -102.07 -136.08 69.92
C ASP H 957 -103.11 -135.01 69.66
N LEU H 958 -103.03 -133.87 70.34
CA LEU H 958 -103.93 -132.74 70.12
C LEU H 958 -103.80 -132.19 68.69
N LEU H 959 -102.57 -132.09 68.23
CA LEU H 959 -102.24 -131.76 66.86
C LEU H 959 -102.80 -132.81 65.89
N ILE H 960 -102.53 -134.09 66.12
CA ILE H 960 -103.05 -135.20 65.29
C ILE H 960 -104.57 -135.23 65.24
N LYS H 961 -105.24 -135.01 66.38
CA LYS H 961 -106.69 -134.86 66.46
C LYS H 961 -107.17 -133.71 65.59
N THR H 962 -106.53 -132.56 65.73
CA THR H 962 -106.81 -131.39 64.91
C THR H 962 -106.64 -131.72 63.43
N PHE H 963 -105.62 -132.47 63.07
CA PHE H 963 -105.44 -132.98 61.71
C PHE H 963 -106.63 -133.83 61.26
N VAL H 964 -106.95 -134.94 61.93
CA VAL H 964 -108.03 -135.83 61.44
C VAL H 964 -109.37 -135.10 61.37
N GLN H 965 -109.69 -134.28 62.36
CA GLN H 965 -110.92 -133.49 62.37
C GLN H 965 -110.97 -132.47 61.23
N THR H 966 -109.84 -131.83 60.90
CA THR H 966 -109.78 -130.84 59.83
C THR H 966 -109.66 -131.48 58.45
N GLN H 967 -108.94 -132.59 58.32
CA GLN H 967 -108.78 -133.35 57.08
C GLN H 967 -109.98 -134.24 56.76
N SER H 968 -111.20 -133.78 57.06
CA SER H 968 -112.47 -134.44 56.74
C SER H 968 -112.59 -134.82 55.26
N ALA H 969 -111.99 -134.03 54.37
CA ALA H 969 -111.92 -134.26 52.93
C ALA H 969 -111.04 -135.46 52.51
N GLN H 970 -110.25 -136.07 53.41
CA GLN H 970 -109.52 -137.31 53.15
C GLN H 970 -110.47 -138.52 53.12
N GLY H 971 -111.18 -138.66 52.01
CA GLY H 971 -112.12 -139.74 51.74
C GLY H 971 -113.01 -139.39 50.55
N SER H 972 -113.58 -138.17 50.55
CA SER H 972 -114.33 -137.63 49.40
C SER H 972 -113.37 -137.13 48.31
N GLY H 973 -113.18 -137.94 47.28
CA GLY H 973 -112.34 -137.64 46.13
C GLY H 973 -110.88 -138.08 46.29
N VAL H 974 -110.41 -138.85 45.30
CA VAL H 974 -109.01 -139.26 45.09
C VAL H 974 -108.57 -138.81 43.71
N GLU H 975 -107.43 -138.12 43.60
CA GLU H 975 -106.85 -137.79 42.30
C GLU H 975 -106.13 -139.01 41.69
N ASP H 976 -106.56 -139.43 40.49
CA ASP H 976 -106.10 -140.61 39.73
C ASP H 976 -106.02 -141.94 40.55
N PRO H 977 -107.14 -142.66 40.73
CA PRO H 977 -107.13 -143.91 41.48
C PRO H 977 -106.36 -145.06 40.78
N VAL H 978 -105.60 -145.84 41.55
CA VAL H 978 -104.78 -147.00 41.12
C VAL H 978 -105.46 -148.37 41.30
N GLY H 979 -106.75 -148.34 41.58
CA GLY H 979 -107.55 -149.48 41.98
C GLY H 979 -108.55 -149.05 43.05
N GLU H 980 -109.21 -150.01 43.66
CA GLU H 980 -110.12 -149.78 44.77
C GLU H 980 -110.19 -151.02 45.67
N VAL H 981 -110.51 -150.83 46.96
CA VAL H 981 -110.68 -151.93 47.92
C VAL H 981 -112.10 -151.96 48.44
N SER H 982 -112.75 -153.11 48.32
CA SER H 982 -114.00 -153.41 48.99
C SER H 982 -113.66 -153.86 50.40
N VAL H 983 -113.99 -153.01 51.35
CA VAL H 983 -113.99 -153.32 52.76
C VAL H 983 -115.42 -153.37 53.24
N HIS H 984 -115.73 -154.34 54.09
CA HIS H 984 -116.89 -154.23 54.98
C HIS H 984 -116.37 -153.96 56.38
N VAL H 985 -116.71 -152.80 56.93
CA VAL H 985 -116.18 -152.33 58.20
C VAL H 985 -117.30 -152.26 59.22
N GLU H 986 -117.08 -152.75 60.44
CA GLU H 986 -118.03 -152.65 61.54
C GLU H 986 -117.41 -151.91 62.72
N LEU H 987 -117.97 -150.75 63.05
CA LEU H 987 -117.63 -150.00 64.27
C LEU H 987 -118.41 -150.59 65.44
N PHE H 988 -117.94 -151.72 65.95
CA PHE H 988 -118.38 -152.20 67.24
C PHE H 988 -117.80 -151.34 68.37
N THR H 989 -118.64 -150.49 68.95
CA THR H 989 -118.46 -150.08 70.35
C THR H 989 -118.41 -151.38 71.14
N HIS H 990 -117.20 -151.71 71.58
CA HIS H 990 -116.76 -153.07 71.81
C HIS H 990 -117.47 -153.76 72.97
N PRO H 991 -118.17 -154.89 72.76
CA PRO H 991 -118.99 -155.52 73.80
C PRO H 991 -118.17 -156.07 74.98
N GLY H 992 -116.87 -156.35 74.80
CA GLY H 992 -116.00 -156.82 75.89
C GLY H 992 -115.40 -155.71 76.77
N THR H 993 -115.44 -154.43 76.37
CA THR H 993 -114.70 -153.35 77.07
C THR H 993 -115.34 -151.94 77.02
N GLY H 994 -116.33 -151.68 76.17
CA GLY H 994 -116.90 -150.33 75.96
C GLY H 994 -116.00 -149.34 75.23
N GLU H 995 -114.81 -149.76 74.80
CA GLU H 995 -113.98 -149.01 73.83
C GLU H 995 -114.67 -148.95 72.46
N GLN H 996 -114.04 -148.34 71.45
CA GLN H 996 -114.44 -148.59 70.06
C GLN H 996 -113.40 -149.48 69.38
N LYS H 997 -113.91 -150.58 68.81
CA LYS H 997 -113.17 -151.46 67.93
C LYS H 997 -113.73 -151.39 66.52
N VAL H 998 -112.89 -151.77 65.57
CA VAL H 998 -113.19 -151.63 64.13
C VAL H 998 -112.91 -152.96 63.46
N THR H 999 -113.95 -153.77 63.26
CA THR H 999 -113.83 -155.02 62.51
C THR H 999 -113.76 -154.68 61.03
N VAL H 1000 -112.56 -154.65 60.44
CA VAL H 1000 -112.38 -154.46 59.00
C VAL H 1000 -112.31 -155.83 58.33
N LYS H 1001 -113.41 -156.27 57.73
CA LYS H 1001 -113.43 -157.41 56.80
C LYS H 1001 -112.95 -156.91 55.44
N VAL H 1002 -111.70 -157.22 55.10
CA VAL H 1002 -111.18 -156.97 53.76
C VAL H 1002 -111.85 -157.96 52.82
N VAL H 1003 -112.80 -157.50 52.02
CA VAL H 1003 -113.52 -158.36 51.09
C VAL H 1003 -112.65 -158.66 49.89
N ALA H 1004 -112.24 -157.62 49.16
CA ALA H 1004 -111.50 -157.77 47.92
C ALA H 1004 -110.83 -156.45 47.53
N ALA H 1005 -109.85 -156.52 46.63
CA ALA H 1005 -109.49 -155.38 45.79
C ALA H 1005 -109.98 -155.57 44.35
N ASN H 1006 -109.95 -154.47 43.59
CA ASN H 1006 -110.37 -154.40 42.18
C ASN H 1006 -109.54 -153.33 41.43
N ASP H 1007 -109.45 -153.48 40.10
CA ASP H 1007 -108.75 -152.56 39.17
C ASP H 1007 -107.27 -152.29 39.55
N LEU H 1008 -106.60 -153.22 40.23
CA LEU H 1008 -105.22 -153.02 40.69
C LEU H 1008 -104.26 -152.78 39.52
N LYS H 1009 -103.74 -151.55 39.43
CA LYS H 1009 -102.72 -151.15 38.43
C LYS H 1009 -101.34 -151.66 38.89
N TRP H 1010 -101.07 -152.97 38.78
CA TRP H 1010 -99.83 -153.60 39.27
C TRP H 1010 -99.36 -154.78 38.41
N GLN H 1011 -99.31 -154.65 37.09
CA GLN H 1011 -98.93 -155.74 36.19
C GLN H 1011 -97.41 -156.02 36.25
N THR H 1012 -96.97 -156.64 37.35
CA THR H 1012 -95.57 -156.83 37.71
C THR H 1012 -94.86 -157.96 36.94
N SER H 1013 -93.52 -157.89 36.87
CA SER H 1013 -92.64 -158.83 36.15
C SER H 1013 -92.43 -160.16 36.87
N GLY H 1014 -92.30 -160.15 38.20
CA GLY H 1014 -92.42 -161.36 39.02
C GLY H 1014 -93.88 -161.84 39.08
N ILE H 1015 -94.14 -162.96 39.73
CA ILE H 1015 -95.52 -163.39 40.03
C ILE H 1015 -96.14 -162.36 40.98
N PHE H 1016 -97.26 -161.77 40.60
CA PHE H 1016 -98.01 -160.88 41.48
C PHE H 1016 -98.63 -161.67 42.63
N ARG H 1017 -98.50 -161.22 43.87
CA ARG H 1017 -99.05 -161.91 45.06
C ARG H 1017 -99.70 -160.90 46.02
N PRO H 1018 -100.73 -160.16 45.61
CA PRO H 1018 -101.29 -159.10 46.43
C PRO H 1018 -101.86 -159.60 47.75
N PHE H 1019 -101.67 -158.78 48.77
CA PHE H 1019 -102.31 -158.81 50.07
C PHE H 1019 -102.70 -157.38 50.42
N ILE H 1020 -103.60 -157.20 51.37
CA ILE H 1020 -104.05 -155.87 51.75
C ILE H 1020 -103.60 -155.59 53.17
N GLU H 1021 -102.81 -154.54 53.33
CA GLU H 1021 -102.61 -153.92 54.61
C GLU H 1021 -103.77 -152.97 54.91
N VAL H 1022 -104.16 -152.88 56.18
CA VAL H 1022 -105.04 -151.82 56.66
C VAL H 1022 -104.35 -151.13 57.83
N ASN H 1023 -104.43 -149.80 57.88
CA ASN H 1023 -103.92 -148.99 58.99
C ASN H 1023 -105.06 -148.21 59.64
N ILE H 1024 -104.88 -147.79 60.89
CA ILE H 1024 -105.73 -146.80 61.58
C ILE H 1024 -104.92 -145.53 61.90
N VAL H 1025 -105.53 -144.37 61.69
CA VAL H 1025 -104.97 -143.05 62.02
C VAL H 1025 -105.93 -142.26 62.91
N GLY H 1026 -105.34 -141.52 63.85
CA GLY H 1026 -106.01 -140.70 64.85
C GLY H 1026 -105.13 -140.49 66.09
N PRO H 1027 -105.60 -139.73 67.08
CA PRO H 1027 -104.88 -139.50 68.32
C PRO H 1027 -104.87 -140.77 69.19
N GLN H 1028 -103.93 -140.84 70.15
CA GLN H 1028 -103.76 -141.95 71.10
C GLN H 1028 -103.65 -143.33 70.42
N LEU H 1029 -102.70 -143.49 69.49
CA LEU H 1029 -102.39 -144.75 68.79
C LEU H 1029 -100.93 -145.24 68.98
N SER H 1030 -100.20 -144.68 69.94
CA SER H 1030 -98.81 -145.11 70.27
C SER H 1030 -98.73 -146.53 70.86
N ASP H 1031 -99.79 -146.95 71.54
CA ASP H 1031 -99.92 -148.19 72.31
C ASP H 1031 -100.75 -149.28 71.60
N LYS H 1032 -101.34 -148.95 70.45
CA LYS H 1032 -102.34 -149.78 69.75
C LYS H 1032 -101.87 -150.17 68.37
N LYS H 1033 -102.26 -151.38 67.95
CA LYS H 1033 -101.88 -151.98 66.67
C LYS H 1033 -102.40 -151.14 65.51
N ARG H 1034 -101.53 -150.26 65.00
CA ARG H 1034 -101.87 -149.33 63.91
C ARG H 1034 -102.02 -150.00 62.55
N LYS H 1035 -101.66 -151.27 62.41
CA LYS H 1035 -101.55 -151.99 61.13
C LYS H 1035 -102.04 -153.44 61.21
N PHE H 1036 -102.65 -153.96 60.14
CA PHE H 1036 -102.95 -155.38 59.89
C PHE H 1036 -102.62 -155.73 58.44
N ALA H 1037 -102.48 -157.02 58.10
CA ALA H 1037 -102.32 -157.47 56.71
C ALA H 1037 -102.98 -158.85 56.43
N THR H 1038 -103.55 -159.03 55.24
CA THR H 1038 -104.18 -160.29 54.82
C THR H 1038 -103.14 -161.36 54.43
N LYS H 1039 -103.56 -162.61 54.23
CA LYS H 1039 -102.80 -163.54 53.38
C LYS H 1039 -102.67 -162.97 51.96
N SER H 1040 -101.71 -163.47 51.19
CA SER H 1040 -101.55 -163.16 49.77
C SER H 1040 -102.44 -164.02 48.86
N LYS H 1041 -102.71 -163.54 47.63
CA LYS H 1041 -103.38 -164.30 46.55
C LYS H 1041 -102.53 -164.29 45.28
N ASN H 1042 -102.25 -165.44 44.68
CA ASN H 1042 -101.40 -165.51 43.50
C ASN H 1042 -102.09 -164.94 42.25
N ASN H 1043 -101.33 -164.19 41.46
CA ASN H 1043 -101.61 -163.82 40.06
C ASN H 1043 -103.03 -163.27 39.87
N SER H 1044 -103.42 -162.25 40.64
CA SER H 1044 -104.81 -161.82 40.74
C SER H 1044 -104.97 -160.33 41.00
N TRP H 1045 -105.41 -159.55 40.00
CA TRP H 1045 -105.59 -158.09 40.08
C TRP H 1045 -106.98 -157.61 40.54
N ALA H 1046 -107.91 -158.55 40.76
CA ALA H 1046 -109.10 -158.32 41.59
C ALA H 1046 -109.20 -159.37 42.73
N PRO H 1047 -108.20 -159.44 43.62
CA PRO H 1047 -108.07 -160.50 44.60
C PRO H 1047 -109.11 -160.36 45.72
N LYS H 1048 -109.77 -161.45 46.06
CA LYS H 1048 -110.62 -161.57 47.26
C LYS H 1048 -109.80 -162.04 48.45
N TYR H 1049 -110.26 -161.74 49.66
CA TYR H 1049 -109.61 -162.14 50.91
C TYR H 1049 -110.62 -162.68 51.90
N ASN H 1050 -111.68 -161.90 52.17
CA ASN H 1050 -112.68 -162.22 53.20
C ASN H 1050 -112.02 -162.42 54.59
N GLU H 1051 -110.97 -161.66 54.86
CA GLU H 1051 -110.18 -161.73 56.10
C GLU H 1051 -110.51 -160.55 57.01
N SER H 1052 -110.74 -160.83 58.29
CA SER H 1052 -111.24 -159.85 59.26
C SER H 1052 -110.18 -159.44 60.27
N PHE H 1053 -109.92 -158.13 60.32
CA PHE H 1053 -109.04 -157.47 61.28
C PHE H 1053 -109.82 -156.76 62.38
N GLN H 1054 -109.19 -156.42 63.49
CA GLN H 1054 -109.85 -155.74 64.60
C GLN H 1054 -108.92 -154.68 65.22
N PHE H 1055 -108.98 -153.45 64.70
CA PHE H 1055 -108.32 -152.30 65.32
C PHE H 1055 -108.99 -151.93 66.63
N SER H 1056 -108.23 -151.28 67.50
CA SER H 1056 -108.76 -150.58 68.67
C SER H 1056 -108.52 -149.08 68.51
N LEU H 1057 -109.57 -148.27 68.64
CA LEU H 1057 -109.49 -146.81 68.76
C LEU H 1057 -109.14 -146.43 70.22
N SER H 1058 -108.97 -145.14 70.53
CA SER H 1058 -109.08 -144.72 71.93
C SER H 1058 -110.52 -144.85 72.45
N ALA H 1059 -110.68 -145.03 73.75
CA ALA H 1059 -111.97 -144.84 74.40
C ALA H 1059 -112.39 -143.35 74.43
N ASP H 1060 -111.44 -142.42 74.66
CA ASP H 1060 -111.77 -141.01 74.88
C ASP H 1060 -112.07 -140.25 73.58
N ALA H 1061 -111.23 -140.37 72.57
CA ALA H 1061 -111.48 -139.81 71.25
C ALA H 1061 -112.62 -140.56 70.53
N GLY H 1062 -113.60 -139.82 70.00
CA GLY H 1062 -114.69 -140.40 69.24
C GLY H 1062 -114.25 -140.90 67.86
N PRO H 1063 -115.09 -141.67 67.15
CA PRO H 1063 -114.73 -142.25 65.87
C PRO H 1063 -114.46 -141.17 64.80
N GLU H 1064 -115.04 -139.98 64.92
CA GLU H 1064 -114.72 -138.84 64.08
C GLU H 1064 -113.30 -138.26 64.29
N CYS H 1065 -112.62 -138.66 65.35
CA CYS H 1065 -111.18 -138.44 65.51
C CYS H 1065 -110.34 -139.46 64.75
N TYR H 1066 -110.95 -140.40 64.04
CA TYR H 1066 -110.26 -141.50 63.40
C TYR H 1066 -110.65 -141.70 61.94
N GLU H 1067 -109.76 -142.39 61.25
CA GLU H 1067 -109.86 -142.77 59.87
C GLU H 1067 -109.00 -144.01 59.63
N LEU H 1068 -109.54 -144.99 58.90
CA LEU H 1068 -108.72 -146.07 58.36
C LEU H 1068 -107.91 -145.53 57.18
N GLN H 1069 -106.72 -146.06 56.99
CA GLN H 1069 -105.85 -145.79 55.85
C GLN H 1069 -105.41 -147.11 55.23
N VAL H 1070 -106.20 -147.59 54.27
CA VAL H 1070 -106.05 -148.89 53.59
C VAL H 1070 -104.91 -148.84 52.57
N CYS H 1071 -104.14 -149.92 52.44
CA CYS H 1071 -103.01 -149.99 51.52
C CYS H 1071 -102.81 -151.40 50.94
N VAL H 1072 -103.02 -151.57 49.64
CA VAL H 1072 -102.74 -152.84 48.98
C VAL H 1072 -101.25 -153.00 48.77
N LYS H 1073 -100.73 -154.23 48.90
CA LYS H 1073 -99.30 -154.54 48.75
C LYS H 1073 -99.05 -155.85 48.02
N ASP H 1074 -97.90 -155.97 47.36
CA ASP H 1074 -97.47 -157.18 46.63
C ASP H 1074 -96.49 -157.99 47.49
N TYR H 1075 -96.81 -159.24 47.83
CA TYR H 1075 -95.97 -160.07 48.71
C TYR H 1075 -94.78 -160.69 47.97
N CYS H 1076 -93.57 -160.49 48.49
CA CYS H 1076 -92.35 -161.06 47.92
C CYS H 1076 -91.44 -161.60 49.04
N PHE H 1077 -91.68 -162.85 49.49
CA PHE H 1077 -90.85 -163.51 50.52
C PHE H 1077 -89.38 -163.59 50.10
N ALA H 1078 -88.48 -163.53 51.09
CA ALA H 1078 -87.03 -163.35 50.98
C ALA H 1078 -86.57 -162.02 50.33
N ARG H 1079 -87.37 -161.45 49.41
CA ARG H 1079 -87.24 -160.09 48.87
C ARG H 1079 -87.94 -159.08 49.78
N GLU H 1080 -88.76 -158.20 49.21
CA GLU H 1080 -89.45 -157.09 49.87
C GLU H 1080 -90.87 -156.91 49.30
N ASP H 1081 -91.85 -156.61 50.17
CA ASP H 1081 -93.22 -156.34 49.74
C ASP H 1081 -93.39 -154.89 49.24
N ARG H 1082 -94.35 -154.63 48.34
CA ARG H 1082 -94.44 -153.34 47.61
C ARG H 1082 -95.82 -152.67 47.64
N THR H 1083 -95.92 -151.37 47.95
CA THR H 1083 -97.20 -150.61 48.00
C THR H 1083 -97.82 -150.41 46.62
N VAL H 1084 -99.03 -150.95 46.47
CA VAL H 1084 -99.86 -150.87 45.26
C VAL H 1084 -100.81 -149.66 45.25
N GLY H 1085 -101.21 -149.12 46.41
CA GLY H 1085 -102.04 -147.91 46.49
C GLY H 1085 -102.51 -147.62 47.91
N LEU H 1086 -103.12 -146.45 48.17
CA LEU H 1086 -103.58 -146.02 49.50
C LEU H 1086 -104.99 -145.41 49.46
N ALA H 1087 -105.90 -145.71 50.39
CA ALA H 1087 -107.21 -145.04 50.51
C ALA H 1087 -107.55 -144.69 51.95
N VAL H 1088 -108.23 -143.56 52.20
CA VAL H 1088 -108.66 -143.17 53.55
C VAL H 1088 -110.17 -143.33 53.71
N LEU H 1089 -110.59 -144.05 54.75
CA LEU H 1089 -112.00 -144.19 55.15
C LEU H 1089 -112.19 -143.50 56.51
N GLN H 1090 -112.90 -142.39 56.51
CA GLN H 1090 -113.19 -141.62 57.72
C GLN H 1090 -114.11 -142.40 58.66
N LEU H 1091 -113.70 -142.65 59.90
CA LEU H 1091 -114.55 -143.33 60.87
C LEU H 1091 -115.68 -142.45 61.40
N ARG H 1092 -115.68 -141.15 61.11
CA ARG H 1092 -116.88 -140.28 61.24
C ARG H 1092 -118.10 -140.83 60.47
N GLU H 1093 -117.90 -141.44 59.30
CA GLU H 1093 -119.00 -142.06 58.56
C GLU H 1093 -119.56 -143.29 59.27
N LEU H 1094 -118.66 -144.17 59.72
CA LEU H 1094 -119.00 -145.39 60.43
C LEU H 1094 -119.59 -145.12 61.82
N ALA H 1095 -119.31 -143.98 62.43
CA ALA H 1095 -120.02 -143.49 63.61
C ALA H 1095 -121.54 -143.44 63.39
N GLN H 1096 -121.96 -143.00 62.20
CA GLN H 1096 -123.37 -142.96 61.79
C GLN H 1096 -123.82 -144.31 61.25
N ARG H 1097 -123.07 -144.88 60.32
CA ARG H 1097 -123.46 -146.08 59.57
C ARG H 1097 -123.46 -147.34 60.45
N GLY H 1098 -122.66 -147.37 61.51
CA GLY H 1098 -122.43 -148.51 62.41
C GLY H 1098 -121.60 -149.61 61.75
N SER H 1099 -121.95 -149.98 60.51
CA SER H 1099 -121.11 -150.74 59.61
C SER H 1099 -121.27 -150.26 58.17
N ALA H 1100 -120.27 -150.48 57.34
CA ALA H 1100 -120.19 -149.98 55.98
C ALA H 1100 -119.43 -150.94 55.07
N ALA H 1101 -120.14 -151.50 54.08
CA ALA H 1101 -119.53 -152.05 52.88
C ALA H 1101 -119.23 -150.89 51.92
N CYS H 1102 -117.96 -150.66 51.57
CA CYS H 1102 -117.57 -149.53 50.74
C CYS H 1102 -116.42 -149.88 49.78
N TRP H 1103 -116.50 -149.39 48.55
CA TRP H 1103 -115.37 -149.35 47.61
C TRP H 1103 -114.53 -148.10 47.82
N LEU H 1104 -113.35 -148.30 48.40
CA LEU H 1104 -112.39 -147.24 48.64
C LEU H 1104 -111.46 -147.07 47.43
N PRO H 1105 -111.58 -146.01 46.62
CA PRO H 1105 -110.63 -145.73 45.55
C PRO H 1105 -109.22 -145.51 46.12
N LEU H 1106 -108.26 -146.34 45.71
CA LEU H 1106 -106.87 -146.21 46.09
C LEU H 1106 -106.25 -145.04 45.37
N GLY H 1107 -105.82 -144.00 46.08
CA GLY H 1107 -104.91 -142.99 45.56
C GLY H 1107 -103.46 -143.45 45.57
N ARG H 1108 -102.61 -142.66 44.90
CA ARG H 1108 -101.15 -142.74 45.01
C ARG H 1108 -100.63 -141.96 46.23
N ARG H 1109 -101.32 -140.88 46.62
CA ARG H 1109 -101.10 -140.06 47.83
C ARG H 1109 -102.43 -139.63 48.46
N ILE H 1110 -102.36 -138.98 49.63
CA ILE H 1110 -103.51 -138.50 50.43
C ILE H 1110 -103.51 -136.96 50.48
N HIS H 1111 -104.65 -136.33 50.16
CA HIS H 1111 -104.75 -134.86 50.00
C HIS H 1111 -104.87 -134.10 51.34
N MET H 1112 -104.38 -132.86 51.42
CA MET H 1112 -104.40 -132.04 52.65
C MET H 1112 -104.84 -130.60 52.42
N ASP H 1113 -105.24 -129.94 53.50
CA ASP H 1113 -105.50 -128.51 53.57
C ASP H 1113 -104.44 -127.79 54.43
N ASP H 1114 -104.54 -126.46 54.49
CA ASP H 1114 -103.63 -125.57 55.22
C ASP H 1114 -103.50 -125.90 56.72
N THR H 1115 -104.48 -126.56 57.32
CA THR H 1115 -104.54 -126.87 58.73
C THR H 1115 -104.00 -128.27 58.94
N GLY H 1116 -104.21 -129.17 57.99
CA GLY H 1116 -103.41 -130.37 57.87
C GLY H 1116 -101.94 -130.02 57.78
N LEU H 1117 -101.61 -129.06 56.91
CA LEU H 1117 -100.25 -128.58 56.70
C LEU H 1117 -99.69 -127.75 57.87
N THR H 1118 -100.45 -126.87 58.52
CA THR H 1118 -99.99 -126.16 59.73
C THR H 1118 -99.70 -127.16 60.84
N VAL H 1119 -100.60 -128.13 61.04
CA VAL H 1119 -100.35 -129.19 62.00
C VAL H 1119 -99.13 -130.02 61.59
N LEU H 1120 -99.00 -130.43 60.33
CA LEU H 1120 -97.87 -131.22 59.85
C LEU H 1120 -96.54 -130.45 60.01
N ARG H 1121 -96.54 -129.11 59.88
CA ARG H 1121 -95.38 -128.24 60.19
C ARG H 1121 -95.01 -128.22 61.66
N ILE H 1122 -95.97 -128.42 62.55
CA ILE H 1122 -95.78 -128.44 64.00
C ILE H 1122 -95.43 -129.86 64.49
N LEU H 1123 -95.99 -130.88 63.86
CA LEU H 1123 -95.61 -132.28 64.07
C LEU H 1123 -94.24 -132.61 63.46
N SER H 1124 -93.88 -131.98 62.35
CA SER H 1124 -92.55 -132.11 61.76
C SER H 1124 -91.50 -131.44 62.67
N GLN H 1125 -91.85 -130.39 63.42
CA GLN H 1125 -91.02 -129.88 64.53
C GLN H 1125 -90.80 -130.90 65.64
N ARG H 1126 -91.76 -131.78 65.87
CA ARG H 1126 -91.60 -132.90 66.79
C ARG H 1126 -90.94 -134.07 66.03
N SER H 1127 -89.85 -133.77 65.31
CA SER H 1127 -89.06 -134.70 64.49
C SER H 1127 -88.51 -135.91 65.25
N ASN H 1128 -88.43 -135.83 66.58
CA ASN H 1128 -87.96 -136.91 67.46
C ASN H 1128 -89.10 -137.73 68.08
N ASP H 1129 -90.31 -137.17 68.19
CA ASP H 1129 -91.46 -137.87 68.76
C ASP H 1129 -91.86 -138.99 67.81
N GLU H 1130 -91.88 -140.23 68.28
CA GLU H 1130 -92.14 -141.38 67.42
C GLU H 1130 -93.57 -141.41 66.87
N VAL H 1131 -94.55 -140.88 67.61
CA VAL H 1131 -95.91 -140.73 67.11
C VAL H 1131 -95.95 -139.64 66.04
N ALA H 1132 -95.30 -138.49 66.28
CA ALA H 1132 -95.26 -137.41 65.31
C ALA H 1132 -94.47 -137.81 64.05
N LYS H 1133 -93.33 -138.48 64.19
CA LYS H 1133 -92.62 -139.14 63.09
C LYS H 1133 -93.53 -140.09 62.33
N GLU H 1134 -94.14 -141.07 62.98
CA GLU H 1134 -94.97 -142.07 62.30
C GLU H 1134 -96.22 -141.46 61.68
N PHE H 1135 -96.76 -140.40 62.27
CA PHE H 1135 -97.86 -139.63 61.68
C PHE H 1135 -97.40 -138.87 60.43
N VAL H 1136 -96.34 -138.06 60.55
CA VAL H 1136 -95.76 -137.28 59.45
C VAL H 1136 -95.32 -138.23 58.31
N LYS H 1137 -94.79 -139.40 58.65
CA LYS H 1137 -94.48 -140.48 57.71
C LYS H 1137 -95.75 -141.07 57.09
N LEU H 1138 -96.70 -141.59 57.86
CA LEU H 1138 -97.90 -142.25 57.34
C LEU H 1138 -98.77 -141.31 56.50
N LYS H 1139 -98.72 -139.99 56.73
CA LYS H 1139 -99.40 -138.99 55.89
C LYS H 1139 -98.57 -138.49 54.70
N SER H 1140 -97.26 -138.58 54.77
CA SER H 1140 -96.38 -138.42 53.60
C SER H 1140 -96.13 -139.78 52.91
N ASP H 1141 -96.90 -140.81 53.24
CA ASP H 1141 -96.80 -142.15 52.66
C ASP H 1141 -97.45 -142.19 51.28
N THR H 1142 -96.77 -142.80 50.30
CA THR H 1142 -97.19 -142.79 48.89
C THR H 1142 -96.85 -144.10 48.18
N ARG H 1143 -97.61 -144.40 47.12
CA ARG H 1143 -97.35 -145.51 46.21
C ARG H 1143 -96.16 -145.22 45.28
N SER H 1144 -95.28 -146.19 45.07
CA SER H 1144 -94.32 -146.18 43.95
C SER H 1144 -95.06 -146.36 42.61
N ALA H 1145 -94.78 -145.52 41.61
CA ALA H 1145 -95.54 -145.51 40.36
C ALA H 1145 -95.34 -146.77 39.48
N GLU H 1146 -94.29 -147.56 39.76
CA GLU H 1146 -93.95 -148.78 39.02
C GLU H 1146 -95.08 -149.82 39.05
N GLU H 1147 -95.15 -150.65 38.00
CA GLU H 1147 -96.26 -151.55 37.70
C GLU H 1147 -97.62 -150.86 37.40
N GLY H 1148 -97.71 -149.51 37.39
CA GLY H 1148 -98.99 -148.79 37.25
C GLY H 1148 -98.96 -147.28 36.96
N GLY H 1149 -98.13 -146.82 36.03
CA GLY H 1149 -98.39 -145.60 35.24
C GLY H 1149 -98.15 -144.21 35.87
N ALA H 1150 -99.16 -143.34 35.80
CA ALA H 1150 -99.09 -141.87 35.90
C ALA H 1150 -98.71 -141.29 37.29
N ALA H 1151 -98.60 -139.96 37.36
CA ALA H 1151 -98.21 -139.22 38.55
C ALA H 1151 -99.37 -138.95 39.55
N PRO H 1152 -99.07 -138.77 40.86
CA PRO H 1152 -100.01 -138.26 41.87
C PRO H 1152 -100.37 -136.78 41.65
N ALA H 1153 -101.34 -136.28 42.43
CA ALA H 1153 -101.69 -134.86 42.51
C ALA H 1153 -102.02 -134.43 43.97
N PRO H 1154 -101.75 -133.16 44.35
CA PRO H 1154 -101.79 -132.69 45.72
C PRO H 1154 -103.15 -132.87 46.39
N GLU I 23 -140.92 23.93 118.51
CA GLU I 23 -141.46 25.09 117.74
C GLU I 23 -140.51 26.27 117.71
N GLU I 24 -140.13 26.83 118.86
CA GLU I 24 -139.19 27.96 119.00
C GLU I 24 -137.98 27.89 118.06
N LEU I 25 -137.17 26.84 118.16
CA LEU I 25 -136.03 26.60 117.27
C LEU I 25 -136.44 26.50 115.81
N LYS I 26 -137.52 25.80 115.49
CA LYS I 26 -138.01 25.65 114.11
C LYS I 26 -138.34 26.99 113.47
N ASN I 27 -139.07 27.84 114.17
CA ASN I 27 -139.42 29.16 113.67
C ASN I 27 -138.20 30.10 113.62
N HIS I 28 -137.35 30.07 114.65
CA HIS I 28 -136.06 30.75 114.67
C HIS I 28 -135.19 30.37 113.46
N VAL I 29 -135.08 29.09 113.18
CA VAL I 29 -134.31 28.55 112.06
C VAL I 29 -135.00 28.83 110.74
N TYR I 30 -136.32 28.77 110.64
CA TYR I 30 -137.06 29.22 109.45
C TYR I 30 -136.63 30.64 109.08
N LYS I 31 -136.75 31.56 110.03
CA LYS I 31 -136.38 32.97 109.90
C LYS I 31 -134.91 33.14 109.54
N LYS I 32 -134.00 32.45 110.24
CA LYS I 32 -132.56 32.52 109.95
C LYS I 32 -132.16 31.86 108.65
N THR I 33 -132.94 30.90 108.17
CA THR I 33 -132.74 30.28 106.86
C THR I 33 -133.23 31.23 105.76
N LEU I 34 -134.40 31.84 105.94
CA LEU I 34 -134.90 32.89 105.05
C LEU I 34 -133.90 34.04 104.95
N GLN I 35 -133.44 34.58 106.09
CA GLN I 35 -132.40 35.61 106.09
C GLN I 35 -131.09 35.13 105.46
N ALA I 36 -130.68 33.89 105.76
CA ALA I 36 -129.40 33.37 105.25
C ALA I 36 -129.33 33.29 103.74
N LEU I 37 -130.47 33.00 103.10
CA LEU I 37 -130.57 32.72 101.68
C LEU I 37 -131.24 33.81 100.85
N ILE I 38 -131.94 34.78 101.44
CA ILE I 38 -132.48 35.92 100.67
C ILE I 38 -131.36 36.80 100.15
N TYR I 39 -130.42 37.16 101.02
CA TYR I 39 -129.08 37.56 100.62
C TYR I 39 -128.19 36.36 100.93
N PRO I 40 -128.03 35.40 100.02
CA PRO I 40 -127.10 34.31 100.24
C PRO I 40 -125.70 34.91 100.45
N ILE I 41 -124.88 34.34 101.33
CA ILE I 41 -123.52 34.86 101.53
C ILE I 41 -122.69 34.82 100.23
N SER I 42 -123.10 34.00 99.26
CA SER I 42 -122.55 33.96 97.90
C SER I 42 -122.80 35.23 97.06
N CYS I 43 -123.53 36.23 97.56
CA CYS I 43 -123.57 37.57 96.97
C CYS I 43 -122.27 38.39 97.14
N THR I 44 -121.45 38.06 98.13
CA THR I 44 -120.41 38.96 98.69
C THR I 44 -119.08 38.96 97.93
N THR I 45 -118.30 40.04 98.10
CA THR I 45 -117.04 40.35 97.41
C THR I 45 -115.91 40.58 98.43
N PRO I 46 -114.64 40.19 98.18
CA PRO I 46 -113.53 40.37 99.13
C PRO I 46 -112.72 41.64 98.92
N HIS I 47 -112.21 42.23 100.01
CA HIS I 47 -111.39 43.45 99.96
C HIS I 47 -109.94 43.15 99.58
N ASN I 48 -109.52 43.58 98.40
CA ASN I 48 -108.12 43.57 97.99
C ASN I 48 -107.32 44.71 98.65
N PHE I 49 -106.87 44.54 99.88
CA PHE I 49 -106.02 45.51 100.58
C PHE I 49 -104.55 45.51 100.15
N GLU I 50 -104.04 46.68 99.81
CA GLU I 50 -102.62 47.01 99.88
C GLU I 50 -102.29 47.66 101.23
N VAL I 51 -101.10 47.39 101.76
CA VAL I 51 -100.49 48.24 102.79
C VAL I 51 -100.27 49.61 102.18
N TRP I 52 -100.70 50.65 102.89
CA TRP I 52 -100.54 52.02 102.43
C TRP I 52 -100.14 52.93 103.58
N THR I 53 -99.04 53.67 103.38
CA THR I 53 -98.59 54.69 104.32
C THR I 53 -99.48 55.92 104.21
N ALA I 54 -100.13 56.29 105.31
CA ALA I 54 -100.73 57.62 105.46
C ALA I 54 -99.59 58.66 105.63
N THR I 55 -98.88 58.99 104.54
CA THR I 55 -97.75 59.94 104.48
C THR I 55 -98.12 61.36 104.94
N THR I 56 -99.41 61.61 105.18
CA THR I 56 -100.01 62.75 105.89
C THR I 56 -101.06 62.25 106.90
N PRO I 57 -101.35 62.98 108.00
CA PRO I 57 -102.39 62.60 108.97
C PRO I 57 -103.75 62.34 108.29
N THR I 58 -104.29 61.13 108.46
CA THR I 58 -105.46 60.59 107.76
C THR I 58 -106.36 59.85 108.76
N TYR I 59 -107.65 59.69 108.47
CA TYR I 59 -108.60 59.11 109.43
C TYR I 59 -109.34 57.91 108.83
N CYS I 60 -109.33 56.80 109.58
CA CYS I 60 -109.76 55.49 109.13
C CYS I 60 -111.26 55.43 108.77
N TYR I 61 -111.62 54.90 107.61
CA TYR I 61 -113.03 54.82 107.18
C TYR I 61 -113.88 53.87 108.02
N GLU I 62 -113.29 53.07 108.90
CA GLU I 62 -114.02 52.40 109.97
C GLU I 62 -114.14 53.29 111.21
N CYS I 63 -113.05 53.45 111.97
CA CYS I 63 -113.06 54.05 113.30
C CYS I 63 -112.90 55.58 113.35
N GLU I 64 -112.62 56.22 112.23
CA GLU I 64 -112.20 57.62 112.13
C GLU I 64 -110.92 57.94 112.95
N GLY I 65 -110.17 56.92 113.36
CA GLY I 65 -108.93 57.03 114.13
C GLY I 65 -107.71 57.36 113.27
N LEU I 66 -106.69 57.98 113.88
CA LEU I 66 -105.51 58.50 113.20
C LEU I 66 -104.65 57.40 112.55
N LEU I 67 -104.46 57.57 111.25
CA LEU I 67 -103.46 56.95 110.41
C LEU I 67 -102.40 58.03 110.14
N TRP I 68 -101.13 57.74 110.39
CA TRP I 68 -100.07 58.73 110.24
C TRP I 68 -98.69 58.10 110.10
N GLY I 69 -97.99 58.48 109.04
CA GLY I 69 -96.63 58.08 108.73
C GLY I 69 -96.48 56.57 108.63
N ILE I 70 -95.23 56.14 108.80
CA ILE I 70 -94.92 54.73 109.03
C ILE I 70 -95.43 54.29 110.42
N ALA I 71 -95.46 55.20 111.40
CA ALA I 71 -95.85 54.94 112.80
C ALA I 71 -97.25 54.34 112.95
N ARG I 72 -98.20 54.82 112.16
CA ARG I 72 -99.59 54.35 112.08
C ARG I 72 -100.03 54.23 110.62
N GLN I 73 -99.40 53.31 109.87
CA GLN I 73 -99.84 52.93 108.52
C GLN I 73 -101.31 52.48 108.47
N GLY I 74 -101.90 52.54 107.29
CA GLY I 74 -103.20 51.95 107.00
C GLY I 74 -103.14 50.85 105.95
N MET I 75 -104.33 50.36 105.62
CA MET I 75 -104.60 49.54 104.46
C MET I 75 -105.47 50.34 103.52
N ARG I 76 -105.10 50.40 102.25
CA ARG I 76 -105.92 50.95 101.19
C ARG I 76 -106.38 49.76 100.37
N CYS I 77 -107.68 49.49 100.30
CA CYS I 77 -108.15 48.53 99.31
C CYS I 77 -107.98 49.12 97.92
N THR I 78 -107.83 48.29 96.89
CA THR I 78 -107.98 48.72 95.51
C THR I 78 -109.45 48.63 95.09
N GLU I 79 -110.06 47.45 95.23
CA GLU I 79 -111.40 47.14 94.75
C GLU I 79 -112.45 47.95 95.51
N CYS I 80 -112.52 47.83 96.83
CA CYS I 80 -113.25 48.79 97.63
C CYS I 80 -112.50 50.09 97.86
N GLY I 81 -111.25 50.28 97.43
CA GLY I 81 -110.53 51.56 97.54
C GLY I 81 -110.17 52.01 98.97
N VAL I 82 -110.75 51.35 99.96
CA VAL I 82 -111.08 51.85 101.30
C VAL I 82 -109.84 52.04 102.16
N LYS I 83 -109.72 53.19 102.84
CA LYS I 83 -108.54 53.58 103.63
C LYS I 83 -108.85 53.40 105.11
N CYS I 84 -108.06 52.58 105.80
CA CYS I 84 -108.36 52.18 107.18
C CYS I 84 -107.10 51.81 107.95
N HIS I 85 -107.17 51.68 109.28
CA HIS I 85 -106.12 50.98 110.02
C HIS I 85 -105.96 49.56 109.46
N GLU I 86 -104.79 48.96 109.66
CA GLU I 86 -104.65 47.51 109.60
C GLU I 86 -105.65 46.84 110.55
N LYS I 87 -105.63 47.21 111.84
CA LYS I 87 -106.61 46.69 112.81
C LYS I 87 -108.08 46.98 112.44
N CYS I 88 -108.33 47.91 111.50
CA CYS I 88 -109.66 48.19 110.99
C CYS I 88 -109.99 47.52 109.66
N GLN I 89 -109.03 47.03 108.88
CA GLN I 89 -109.32 46.57 107.53
C GLN I 89 -110.28 45.37 107.51
N ASP I 90 -110.39 44.67 108.64
CA ASP I 90 -111.36 43.62 108.91
C ASP I 90 -112.62 44.13 109.64
N LEU I 91 -112.47 45.16 110.49
CA LEU I 91 -113.60 45.82 111.16
C LEU I 91 -114.46 46.62 110.17
N LEU I 92 -113.91 46.98 109.01
CA LEU I 92 -114.68 47.30 107.82
C LEU I 92 -115.55 46.09 107.42
N ASN I 93 -116.73 45.99 108.01
CA ASN I 93 -117.51 44.75 108.08
C ASN I 93 -118.11 44.28 106.75
N ALA I 94 -118.67 45.20 105.95
CA ALA I 94 -119.46 44.83 104.77
C ALA I 94 -118.57 44.42 103.57
N ASP I 95 -119.15 43.71 102.60
CA ASP I 95 -118.38 43.15 101.48
C ASP I 95 -117.72 44.22 100.60
N CYS I 96 -116.87 43.82 99.67
CA CYS I 96 -116.15 44.75 98.83
C CYS I 96 -117.04 45.56 97.91
N LEU I 97 -118.22 45.06 97.49
CA LEU I 97 -119.22 45.96 96.89
C LEU I 97 -119.59 47.05 97.88
N GLN I 98 -120.13 46.69 99.04
CA GLN I 98 -120.62 47.65 100.02
C GLN I 98 -119.51 48.61 100.48
N ARG I 99 -118.31 48.12 100.81
CA ARG I 99 -117.18 48.98 101.17
C ARG I 99 -116.59 49.73 99.97
N ALA I 100 -116.76 49.30 98.72
CA ALA I 100 -116.47 50.17 97.57
C ALA I 100 -117.44 51.35 97.55
N ALA I 101 -118.72 51.09 97.87
CA ALA I 101 -119.71 52.14 98.08
C ALA I 101 -119.35 53.07 99.25
N GLU I 102 -119.04 52.54 100.43
CA GLU I 102 -118.69 53.36 101.59
C GLU I 102 -117.37 54.14 101.39
N LYS I 103 -116.33 53.53 100.80
CA LYS I 103 -115.15 54.27 100.32
C LYS I 103 -115.53 55.40 99.38
N SER I 104 -116.40 55.13 98.41
CA SER I 104 -116.82 56.14 97.44
C SER I 104 -117.50 57.29 98.17
N SER I 105 -118.33 57.04 99.19
CA SER I 105 -118.91 58.10 100.01
C SER I 105 -117.87 58.90 100.82
N LYS I 106 -116.77 58.26 101.26
CA LYS I 106 -115.69 58.90 102.07
C LYS I 106 -114.58 59.55 101.22
N HIS I 107 -114.47 59.18 99.95
CA HIS I 107 -113.75 59.95 98.91
C HIS I 107 -114.62 61.10 98.34
N GLY I 108 -115.93 60.90 98.12
CA GLY I 108 -116.87 61.97 97.75
C GLY I 108 -118.26 61.52 97.27
N ALA I 109 -118.35 60.51 96.39
CA ALA I 109 -119.61 60.02 95.80
C ALA I 109 -120.46 59.20 96.80
N GLU I 110 -121.38 59.84 97.52
CA GLU I 110 -122.36 59.18 98.38
C GLU I 110 -123.38 58.35 97.58
N ASP I 111 -123.70 58.76 96.36
CA ASP I 111 -124.72 58.14 95.50
C ASP I 111 -124.45 56.65 95.23
N ARG I 112 -123.17 56.27 95.20
CA ARG I 112 -122.69 54.89 95.12
C ARG I 112 -123.28 54.03 96.25
N THR I 113 -123.44 54.57 97.45
CA THR I 113 -124.06 53.87 98.58
C THR I 113 -125.51 53.51 98.28
N GLN I 114 -126.31 54.44 97.78
CA GLN I 114 -127.68 54.15 97.32
C GLN I 114 -127.70 53.16 96.16
N ASN I 115 -126.75 53.29 95.23
CA ASN I 115 -126.55 52.29 94.18
C ASN I 115 -126.33 50.88 94.77
N ILE I 116 -125.47 50.70 95.77
CA ILE I 116 -125.18 49.35 96.28
C ILE I 116 -126.23 48.87 97.28
N ILE I 117 -126.98 49.77 97.92
CA ILE I 117 -128.27 49.43 98.51
C ILE I 117 -129.21 48.88 97.42
N MET I 118 -129.26 49.51 96.25
CA MET I 118 -130.01 48.97 95.11
C MET I 118 -129.39 47.68 94.56
N VAL I 119 -128.07 47.47 94.62
CA VAL I 119 -127.48 46.15 94.36
C VAL I 119 -127.98 45.12 95.35
N LEU I 120 -128.03 45.45 96.64
CA LEU I 120 -128.56 44.59 97.68
C LEU I 120 -130.03 44.25 97.39
N LYS I 121 -130.86 45.24 97.08
CA LYS I 121 -132.24 45.03 96.63
C LYS I 121 -132.29 44.13 95.40
N ASP I 122 -131.58 44.47 94.36
CA ASP I 122 -131.58 43.76 93.09
C ASP I 122 -131.07 42.33 93.24
N ARG I 123 -130.02 42.11 94.02
CA ARG I 123 -129.55 40.78 94.40
C ARG I 123 -130.66 39.94 95.01
N MET I 124 -131.37 40.48 96.00
CA MET I 124 -132.48 39.78 96.66
C MET I 124 -133.69 39.58 95.72
N LYS I 125 -134.03 40.55 94.85
CA LYS I 125 -135.07 40.39 93.82
C LYS I 125 -134.71 39.32 92.79
N ILE I 126 -133.50 39.34 92.28
CA ILE I 126 -132.97 38.35 91.34
C ILE I 126 -132.98 36.99 92.02
N ARG I 127 -132.42 36.89 93.23
CA ARG I 127 -132.40 35.67 94.05
C ARG I 127 -133.78 35.04 94.18
N GLU I 128 -134.75 35.84 94.57
CA GLU I 128 -136.16 35.46 94.64
C GLU I 128 -136.73 35.02 93.29
N ARG I 129 -136.50 35.80 92.25
CA ARG I 129 -137.07 35.58 90.92
C ARG I 129 -136.44 34.38 90.22
N ASN I 130 -135.18 34.12 90.50
CA ASN I 130 -134.36 33.08 89.88
C ASN I 130 -134.39 31.79 90.66
N LYS I 131 -134.38 31.87 91.99
CA LYS I 131 -134.50 30.73 92.88
C LYS I 131 -135.71 30.82 93.82
N PRO I 132 -136.91 31.13 93.33
CA PRO I 132 -138.09 31.18 94.19
C PRO I 132 -138.31 29.86 94.93
N GLU I 133 -137.91 28.75 94.30
CA GLU I 133 -138.01 27.41 94.87
C GLU I 133 -137.18 27.26 96.16
N ILE I 134 -136.11 28.04 96.36
CA ILE I 134 -135.44 28.04 97.66
C ILE I 134 -136.41 28.50 98.75
N PHE I 135 -137.08 29.63 98.52
CA PHE I 135 -137.89 30.30 99.53
C PHE I 135 -139.22 29.58 99.76
N GLU I 136 -139.83 29.09 98.69
CA GLU I 136 -140.94 28.16 98.74
C GLU I 136 -140.58 26.89 99.51
N LEU I 137 -139.43 26.26 99.24
CA LEU I 137 -139.07 25.05 99.95
C LEU I 137 -138.89 25.31 101.45
N ILE I 138 -138.25 26.42 101.83
CA ILE I 138 -138.14 26.83 103.23
C ILE I 138 -139.55 27.01 103.82
N GLN I 139 -140.44 27.69 103.11
CA GLN I 139 -141.83 27.78 103.48
C GLN I 139 -142.50 26.41 103.67
N GLU I 140 -142.38 25.47 102.73
CA GLU I 140 -143.02 24.16 102.86
C GLU I 140 -142.38 23.28 103.94
N VAL I 141 -141.05 23.25 104.03
CA VAL I 141 -140.28 22.50 105.03
C VAL I 141 -140.60 22.95 106.42
N PHE I 142 -140.72 24.26 106.60
CA PHE I 142 -141.18 24.87 107.83
C PHE I 142 -142.70 25.04 107.88
N ALA I 143 -143.41 24.47 106.90
CA ALA I 143 -144.86 24.39 106.77
C ALA I 143 -145.60 25.74 106.85
N VAL I 144 -144.92 26.85 106.61
CA VAL I 144 -145.49 28.21 106.68
C VAL I 144 -146.43 28.42 105.48
N THR I 145 -147.39 29.35 105.55
CA THR I 145 -148.26 29.65 104.37
C THR I 145 -147.56 30.57 103.39
N LYS I 146 -148.05 30.69 102.16
CA LYS I 146 -147.44 31.56 101.13
C LYS I 146 -147.58 33.06 101.47
N SER I 147 -148.72 33.48 101.99
CA SER I 147 -148.94 34.85 102.47
C SER I 147 -148.08 35.15 103.70
N ALA I 148 -148.10 34.31 104.73
CA ALA I 148 -147.28 34.51 105.92
C ALA I 148 -145.79 34.42 105.61
N HIS I 149 -145.40 33.53 104.70
CA HIS I 149 -144.08 33.51 104.11
C HIS I 149 -143.75 34.84 103.44
N THR I 150 -144.66 35.42 102.65
CA THR I 150 -144.47 36.75 102.07
C THR I 150 -144.27 37.83 103.14
N GLN I 151 -144.97 37.74 104.28
CA GLN I 151 -144.82 38.74 105.35
C GLN I 151 -143.56 38.52 106.21
N GLN I 152 -143.16 37.28 106.53
CA GLN I 152 -141.84 37.03 107.13
C GLN I 152 -140.70 37.29 106.14
N MET I 153 -140.97 37.14 104.85
CA MET I 153 -140.02 37.51 103.81
C MET I 153 -139.90 39.03 103.74
N LYS I 154 -140.98 39.81 103.82
CA LYS I 154 -140.90 41.25 104.09
C LYS I 154 -140.02 41.50 105.32
N ALA I 155 -140.21 40.76 106.40
CA ALA I 155 -139.36 40.91 107.57
C ALA I 155 -137.86 40.63 107.32
N VAL I 156 -137.47 39.50 106.70
CA VAL I 156 -136.03 39.23 106.45
C VAL I 156 -135.45 40.01 105.28
N LYS I 157 -136.26 40.37 104.29
CA LYS I 157 -135.90 41.39 103.29
C LYS I 157 -135.58 42.63 104.04
N GLN I 158 -136.48 43.14 104.87
CA GLN I 158 -136.23 44.33 105.65
C GLN I 158 -135.03 44.14 106.58
N SER I 159 -134.78 42.97 107.15
CA SER I 159 -133.58 42.73 107.96
C SER I 159 -132.27 42.77 107.17
N VAL I 160 -132.31 42.83 105.84
CA VAL I 160 -131.15 43.09 104.97
C VAL I 160 -131.37 44.28 104.01
N LEU I 161 -132.55 44.91 103.98
CA LEU I 161 -132.96 45.95 103.03
C LEU I 161 -133.46 47.24 103.69
N ASP I 162 -134.13 47.14 104.84
CA ASP I 162 -134.06 48.25 105.81
C ASP I 162 -132.66 48.22 106.42
N GLY I 163 -132.26 47.05 106.93
CA GLY I 163 -130.91 46.72 107.43
C GLY I 163 -129.82 46.62 106.35
N THR I 164 -129.94 47.38 105.26
CA THR I 164 -129.00 47.37 104.11
C THR I 164 -127.70 48.13 104.36
N SER I 165 -127.66 49.03 105.34
CA SER I 165 -126.53 49.95 105.60
C SER I 165 -126.65 50.70 106.93
N LYS I 166 -127.23 50.07 107.97
CA LYS I 166 -127.75 50.76 109.17
C LYS I 166 -126.82 50.69 110.37
N TRP I 167 -126.67 51.83 111.04
CA TRP I 167 -126.18 51.96 112.42
C TRP I 167 -127.15 52.89 113.20
N SER I 168 -128.45 52.61 113.05
CA SER I 168 -129.56 53.34 113.67
C SER I 168 -129.87 52.78 115.08
N ALA I 169 -128.86 52.83 115.94
CA ALA I 169 -128.89 52.21 117.26
C ALA I 169 -129.94 52.82 118.20
N LYS I 170 -130.87 51.99 118.66
CA LYS I 170 -131.47 52.23 119.97
C LYS I 170 -130.38 52.00 121.03
N ILE I 171 -130.38 52.82 122.06
CA ILE I 171 -129.45 52.78 123.18
C ILE I 171 -130.29 52.79 124.46
N SER I 172 -129.93 52.03 125.49
CA SER I 172 -130.69 51.88 126.72
C SER I 172 -129.75 51.98 127.91
N ILE I 173 -129.61 53.20 128.41
CA ILE I 173 -128.63 53.63 129.40
C ILE I 173 -129.24 53.49 130.78
N THR I 174 -128.92 52.42 131.50
CA THR I 174 -129.17 52.37 132.94
C THR I 174 -128.08 53.08 133.69
N VAL I 175 -128.38 54.25 134.23
CA VAL I 175 -127.58 54.84 135.28
C VAL I 175 -127.69 53.96 136.52
N VAL I 176 -126.63 53.23 136.87
CA VAL I 176 -126.68 52.26 137.96
C VAL I 176 -126.41 52.90 139.30
N CYS I 177 -125.23 53.47 139.51
CA CYS I 177 -124.79 53.95 140.81
C CYS I 177 -123.63 54.92 140.65
N ALA I 178 -123.24 55.61 141.72
CA ALA I 178 -121.99 56.34 141.78
C ALA I 178 -121.28 56.07 143.11
N GLN I 179 -119.99 56.41 143.18
CA GLN I 179 -119.11 56.23 144.33
C GLN I 179 -118.19 57.45 144.47
N GLY I 180 -117.97 57.95 145.68
CA GLY I 180 -117.01 59.02 145.97
C GLY I 180 -117.40 60.41 145.45
N LEU I 181 -118.69 60.69 145.24
CA LEU I 181 -119.17 61.98 144.74
C LEU I 181 -118.75 63.16 145.64
N GLN I 182 -118.63 64.35 145.06
CA GLN I 182 -118.41 65.57 145.84
C GLN I 182 -119.67 65.95 146.62
N ALA I 183 -119.53 66.44 147.84
CA ALA I 183 -120.65 67.01 148.59
C ALA I 183 -121.02 68.41 148.08
N LYS I 184 -122.32 68.71 148.02
CA LYS I 184 -122.90 70.01 147.61
C LYS I 184 -124.22 70.35 148.34
N ASP I 185 -124.75 69.48 149.18
CA ASP I 185 -126.18 69.51 149.52
C ASP I 185 -126.65 70.61 150.47
N LYS I 186 -127.96 70.78 150.47
CA LYS I 186 -128.75 71.27 151.59
C LYS I 186 -128.59 70.37 152.85
N THR I 187 -128.47 69.04 152.69
CA THR I 187 -128.15 68.07 153.78
C THR I 187 -126.70 68.06 154.27
N GLY I 188 -125.77 68.74 153.58
CA GLY I 188 -124.33 68.59 153.76
C GLY I 188 -123.68 67.39 153.05
N SER I 189 -124.45 66.46 152.48
CA SER I 189 -123.93 65.35 151.66
C SER I 189 -124.07 65.72 150.17
N SER I 190 -124.85 64.98 149.38
CA SER I 190 -125.56 65.46 148.18
C SER I 190 -126.87 64.73 147.99
N ASP I 191 -127.78 65.32 147.24
CA ASP I 191 -128.95 64.70 146.65
C ASP I 191 -128.66 64.40 145.17
N PRO I 192 -127.73 63.49 144.85
CA PRO I 192 -127.36 63.22 143.47
C PRO I 192 -128.52 62.62 142.66
N TYR I 193 -128.81 63.24 141.52
CA TYR I 193 -129.41 62.61 140.37
C TYR I 193 -128.49 62.74 139.16
N VAL I 194 -128.90 62.22 138.02
CA VAL I 194 -128.12 62.21 136.79
C VAL I 194 -128.99 62.66 135.63
N THR I 195 -128.47 63.46 134.71
CA THR I 195 -129.03 63.57 133.36
C THR I 195 -128.19 62.73 132.41
N VAL I 196 -128.86 62.11 131.46
CA VAL I 196 -128.23 61.49 130.31
C VAL I 196 -128.68 62.24 129.06
N GLN I 197 -127.77 62.42 128.10
CA GLN I 197 -128.07 63.04 126.81
C GLN I 197 -127.38 62.27 125.67
N VAL I 198 -128.08 62.07 124.56
CA VAL I 198 -127.54 61.49 123.32
C VAL I 198 -128.07 62.29 122.15
N GLY I 199 -127.20 62.77 121.25
CA GLY I 199 -127.58 63.85 120.32
C GLY I 199 -128.10 65.09 121.07
N LYS I 200 -129.19 65.71 120.60
CA LYS I 200 -129.89 66.81 121.28
C LYS I 200 -130.73 66.32 122.48
N THR I 201 -131.21 65.07 122.45
CA THR I 201 -132.18 64.52 123.41
C THR I 201 -131.58 64.35 124.81
N LYS I 202 -132.31 64.77 125.85
CA LYS I 202 -131.87 64.79 127.26
C LYS I 202 -132.96 64.25 128.20
N LYS I 203 -132.56 63.44 129.18
CA LYS I 203 -133.41 62.73 130.16
C LYS I 203 -132.74 62.74 131.53
N ARG I 204 -133.44 62.43 132.62
CA ARG I 204 -132.85 62.35 133.97
C ARG I 204 -133.30 61.18 134.83
N THR I 205 -132.41 60.70 135.69
CA THR I 205 -132.76 59.90 136.85
C THR I 205 -133.54 60.74 137.85
N LYS I 206 -134.36 60.07 138.66
CA LYS I 206 -134.77 60.60 139.95
C LYS I 206 -133.55 60.72 140.86
N THR I 207 -133.79 61.27 142.04
CA THR I 207 -132.74 61.72 142.93
C THR I 207 -132.56 60.73 144.06
N ILE I 208 -131.31 60.35 144.33
CA ILE I 208 -130.97 59.75 145.60
C ILE I 208 -130.59 60.91 146.53
N TYR I 209 -131.11 60.89 147.76
CA TYR I 209 -131.02 62.02 148.69
C TYR I 209 -129.99 61.74 149.79
N GLY I 210 -129.19 62.75 150.16
CA GLY I 210 -128.21 62.67 151.25
C GLY I 210 -127.04 61.68 151.06
N ASN I 211 -126.71 61.25 149.85
CA ASN I 211 -125.77 60.16 149.57
C ASN I 211 -124.65 60.61 148.61
N LEU I 212 -123.40 60.19 148.87
CA LEU I 212 -122.25 60.36 147.95
C LEU I 212 -121.86 59.07 147.22
N ASN I 213 -122.48 57.94 147.57
CA ASN I 213 -122.37 56.65 146.90
C ASN I 213 -123.77 56.14 146.44
N PRO I 214 -124.55 56.93 145.69
CA PRO I 214 -125.95 56.64 145.35
C PRO I 214 -126.10 55.41 144.45
N VAL I 215 -127.22 54.70 144.56
CA VAL I 215 -127.65 53.69 143.56
C VAL I 215 -128.98 54.14 142.95
N TRP I 216 -129.02 54.37 141.64
CA TRP I 216 -130.25 54.66 140.89
C TRP I 216 -130.84 53.42 140.24
N GLU I 217 -130.05 52.68 139.47
CA GLU I 217 -130.52 51.62 138.55
C GLU I 217 -131.63 52.09 137.59
N GLU I 218 -131.53 53.32 137.06
CA GLU I 218 -132.57 53.97 136.26
C GLU I 218 -132.20 54.04 134.78
N ASN I 219 -133.11 53.56 133.91
CA ASN I 219 -132.84 53.37 132.50
C ASN I 219 -133.47 54.42 131.59
N PHE I 220 -132.65 54.92 130.65
CA PHE I 220 -133.03 55.86 129.62
C PHE I 220 -132.82 55.26 128.24
N HIS I 221 -133.90 55.15 127.49
CA HIS I 221 -133.80 54.85 126.08
C HIS I 221 -133.45 56.09 125.27
N PHE I 222 -132.62 55.92 124.26
CA PHE I 222 -132.19 56.93 123.30
C PHE I 222 -132.06 56.33 121.90
N GLU I 223 -132.04 57.20 120.90
CA GLU I 223 -131.73 56.85 119.53
C GLU I 223 -130.45 57.55 119.09
N CYS I 224 -129.55 56.80 118.51
CA CYS I 224 -128.34 57.27 117.86
C CYS I 224 -128.32 56.77 116.42
N HIS I 225 -127.79 57.58 115.51
CA HIS I 225 -127.75 57.30 114.07
C HIS I 225 -126.33 57.40 113.50
N ASN I 226 -125.32 57.42 114.38
CA ASN I 226 -123.93 57.72 114.05
C ASN I 226 -122.99 57.14 115.12
N SER I 227 -122.14 56.19 114.74
CA SER I 227 -121.13 55.61 115.65
C SER I 227 -120.12 56.63 116.19
N SER I 228 -119.95 57.78 115.52
CA SER I 228 -119.15 58.91 116.01
C SER I 228 -119.91 59.88 116.93
N ASP I 229 -121.17 59.63 117.31
CA ASP I 229 -121.85 60.40 118.37
C ASP I 229 -121.18 60.18 119.73
N ARG I 230 -121.56 61.02 120.71
CA ARG I 230 -121.26 60.79 122.12
C ARG I 230 -122.54 60.68 122.95
N ILE I 231 -122.51 59.77 123.91
CA ILE I 231 -123.34 59.88 125.11
C ILE I 231 -122.70 60.93 126.04
N LYS I 232 -123.51 61.78 126.67
CA LYS I 232 -123.11 62.64 127.79
C LYS I 232 -123.88 62.23 129.04
N VAL I 233 -123.19 62.00 130.15
CA VAL I 233 -123.82 61.64 131.44
C VAL I 233 -123.33 62.58 132.52
N ARG I 234 -124.24 63.22 133.26
CA ARG I 234 -123.93 64.32 134.17
C ARG I 234 -124.67 64.17 135.48
N VAL I 235 -123.99 64.34 136.60
CA VAL I 235 -124.52 64.11 137.95
C VAL I 235 -124.79 65.47 138.59
N TRP I 236 -125.92 65.61 139.26
CA TRP I 236 -126.44 66.88 139.79
C TRP I 236 -126.95 66.69 141.20
N ASP I 237 -126.58 67.56 142.11
CA ASP I 237 -127.18 67.64 143.42
C ASP I 237 -128.54 68.35 143.33
N GLU I 238 -129.65 67.68 143.64
CA GLU I 238 -130.96 68.27 143.44
C GLU I 238 -131.25 69.41 144.42
N ASP I 239 -131.02 70.66 144.00
CA ASP I 239 -131.38 71.85 144.75
C ASP I 239 -132.79 72.30 144.38
N ASP I 240 -133.74 72.14 145.31
CA ASP I 240 -135.06 72.77 145.23
C ASP I 240 -135.21 73.77 146.37
N ASP I 241 -134.71 74.98 146.14
CA ASP I 241 -134.65 76.08 147.11
C ASP I 241 -134.71 77.45 146.39
N ILE I 242 -134.84 78.56 147.14
CA ILE I 242 -134.91 79.91 146.54
C ILE I 242 -133.67 80.18 145.66
N LYS I 243 -132.49 79.71 146.06
CA LYS I 243 -131.28 79.78 145.24
C LYS I 243 -131.44 79.07 143.89
N SER I 244 -131.95 77.85 143.83
CA SER I 244 -132.15 77.18 142.55
C SER I 244 -133.24 77.85 141.70
N ARG I 245 -134.33 78.32 142.31
CA ARG I 245 -135.36 79.12 141.63
C ARG I 245 -134.82 80.43 141.04
N VAL I 246 -133.84 81.07 141.69
CA VAL I 246 -133.08 82.20 141.13
C VAL I 246 -132.12 81.74 140.03
N LYS I 247 -131.29 80.72 140.28
CA LYS I 247 -130.31 80.18 139.32
C LYS I 247 -130.96 79.78 137.99
N GLN I 248 -132.17 79.24 138.00
CA GLN I 248 -132.94 78.87 136.80
C GLN I 248 -133.18 80.04 135.80
N ARG I 249 -133.01 81.29 136.25
CA ARG I 249 -133.13 82.51 135.43
C ARG I 249 -131.82 82.89 134.70
N PHE I 250 -130.71 82.19 134.99
CA PHE I 250 -129.35 82.54 134.52
C PHE I 250 -128.49 81.34 134.07
N LYS I 251 -128.66 80.13 134.63
CA LYS I 251 -127.98 78.87 134.25
C LYS I 251 -129.00 77.74 134.03
N ARG I 252 -128.79 76.90 133.01
CA ARG I 252 -129.64 75.73 132.69
C ARG I 252 -129.62 74.59 133.72
N GLU I 253 -128.56 74.50 134.52
CA GLU I 253 -128.26 73.34 135.37
C GLU I 253 -128.42 73.68 136.86
N SER I 254 -129.66 73.91 137.29
CA SER I 254 -130.05 74.47 138.60
C SER I 254 -129.78 73.59 139.83
N ASP I 255 -128.95 72.57 139.71
CA ASP I 255 -128.87 71.43 140.61
C ASP I 255 -127.39 71.05 140.74
N ASP I 256 -126.73 71.51 141.81
CA ASP I 256 -125.28 71.73 141.82
C ASP I 256 -124.49 70.51 141.34
N PHE I 257 -123.78 70.71 140.23
CA PHE I 257 -123.20 69.64 139.45
C PHE I 257 -122.09 68.90 140.21
N LEU I 258 -122.19 67.57 140.16
CA LEU I 258 -121.37 66.60 140.89
C LEU I 258 -120.33 65.89 140.02
N GLY I 259 -120.43 66.05 138.70
CA GLY I 259 -119.46 65.55 137.74
C GLY I 259 -120.08 64.88 136.51
N GLN I 260 -119.30 64.64 135.45
CA GLN I 260 -119.79 64.01 134.21
C GLN I 260 -118.85 62.94 133.65
N THR I 261 -119.37 62.08 132.77
CA THR I 261 -118.58 61.27 131.84
C THR I 261 -119.15 61.40 130.42
N ILE I 262 -118.29 61.30 129.41
CA ILE I 262 -118.66 61.41 127.99
C ILE I 262 -118.06 60.22 127.25
N ILE I 263 -118.86 59.53 126.44
CA ILE I 263 -118.54 58.19 125.93
C ILE I 263 -118.81 58.14 124.42
N GLU I 264 -117.84 57.73 123.59
CA GLU I 264 -118.05 57.59 122.14
C GLU I 264 -118.96 56.41 121.82
N VAL I 265 -119.93 56.60 120.91
CA VAL I 265 -120.85 55.53 120.55
C VAL I 265 -120.12 54.31 119.96
N ARG I 266 -118.99 54.47 119.25
CA ARG I 266 -118.20 53.32 118.77
C ARG I 266 -117.47 52.51 119.85
N THR I 267 -117.33 53.03 121.09
CA THR I 267 -116.87 52.19 122.21
C THR I 267 -117.98 51.24 122.67
N LEU I 268 -119.23 51.54 122.34
CA LEU I 268 -120.38 50.73 122.70
C LEU I 268 -120.58 49.55 121.74
N SER I 269 -121.21 48.50 122.25
CA SER I 269 -121.74 47.36 121.51
C SER I 269 -122.79 46.67 122.39
N GLY I 270 -123.67 45.87 121.80
CA GLY I 270 -124.51 44.88 122.49
C GLY I 270 -125.10 45.34 123.83
N GLU I 271 -124.49 44.89 124.93
CA GLU I 271 -124.78 45.33 126.29
C GLU I 271 -123.47 45.56 127.08
N MET I 272 -123.48 46.57 127.96
CA MET I 272 -122.33 46.99 128.77
C MET I 272 -122.74 47.28 130.22
N ASP I 273 -121.78 47.21 131.14
CA ASP I 273 -121.95 47.57 132.55
C ASP I 273 -120.58 48.00 133.14
N VAL I 274 -120.34 49.31 133.17
CA VAL I 274 -119.01 49.92 133.31
C VAL I 274 -119.09 51.09 134.29
N TRP I 275 -118.06 51.33 135.10
CA TRP I 275 -117.96 52.60 135.84
C TRP I 275 -116.80 53.51 135.43
N TYR I 276 -117.15 54.79 135.33
CA TYR I 276 -116.41 55.88 134.73
C TYR I 276 -116.10 56.94 135.79
N ASN I 277 -114.85 57.35 135.96
CA ASN I 277 -114.54 58.51 136.81
C ASN I 277 -115.18 59.81 136.27
N LEU I 278 -115.56 60.70 137.17
CA LEU I 278 -116.30 61.93 136.85
C LEU I 278 -115.40 63.16 136.64
N ASP I 279 -115.87 64.06 135.78
CA ASP I 279 -115.18 65.25 135.26
C ASP I 279 -115.99 66.54 135.46
N LYS I 280 -115.33 67.71 135.44
CA LYS I 280 -115.95 69.05 135.55
C LYS I 280 -116.76 69.46 134.30
N ARG I 281 -117.60 70.50 134.42
CA ARG I 281 -118.30 71.17 133.30
C ARG I 281 -118.51 72.67 133.56
N THR I 282 -119.46 72.98 134.43
CA THR I 282 -119.93 74.35 134.73
C THR I 282 -118.95 75.15 135.57
N ASP I 283 -119.18 76.46 135.65
CA ASP I 283 -118.47 77.37 136.57
C ASP I 283 -118.64 77.00 138.06
N LYS I 284 -119.74 76.29 138.40
CA LYS I 284 -120.07 75.78 139.75
C LYS I 284 -119.43 74.43 140.12
N SER I 285 -118.64 73.83 139.23
CA SER I 285 -118.13 72.45 139.38
C SER I 285 -117.10 72.30 140.49
N ALA I 286 -117.35 71.41 141.45
CA ALA I 286 -116.32 70.69 142.23
C ALA I 286 -116.71 69.21 142.14
N VAL I 287 -115.77 68.34 141.77
CA VAL I 287 -116.06 67.00 141.25
C VAL I 287 -115.11 65.97 141.87
N SER I 288 -115.62 64.77 142.15
CA SER I 288 -114.84 63.61 142.61
C SER I 288 -115.61 62.31 142.33
N GLY I 289 -114.93 61.18 142.38
CA GLY I 289 -115.55 59.86 142.30
C GLY I 289 -115.90 59.39 140.88
N ALA I 290 -116.82 58.43 140.78
CA ALA I 290 -117.17 57.72 139.56
C ALA I 290 -118.65 57.34 139.47
N ILE I 291 -119.15 57.13 138.25
CA ILE I 291 -120.50 56.66 137.93
C ILE I 291 -120.49 55.33 137.17
N ARG I 292 -121.25 54.35 137.63
CA ARG I 292 -121.54 53.09 136.96
C ARG I 292 -122.76 53.24 136.06
N LEU I 293 -122.56 52.90 134.79
CA LEU I 293 -123.58 52.86 133.76
C LEU I 293 -123.65 51.46 133.17
N HIS I 294 -124.83 50.86 133.23
CA HIS I 294 -125.21 49.85 132.28
C HIS I 294 -125.69 50.55 131.00
N ILE I 295 -125.28 50.06 129.84
CA ILE I 295 -125.58 50.68 128.54
C ILE I 295 -125.82 49.55 127.54
N SER I 296 -127.07 49.35 127.13
CA SER I 296 -127.40 48.47 126.00
C SER I 296 -127.47 49.27 124.69
N VAL I 297 -127.12 48.63 123.57
CA VAL I 297 -127.07 49.20 122.24
C VAL I 297 -127.57 48.19 121.22
N GLU I 298 -128.76 48.45 120.69
CA GLU I 298 -129.52 47.50 119.88
C GLU I 298 -129.15 47.51 118.39
N ILE I 299 -127.87 47.74 118.10
CA ILE I 299 -127.22 47.20 116.90
C ILE I 299 -127.14 45.67 117.01
N LYS I 300 -127.19 45.16 118.24
CA LYS I 300 -127.54 43.79 118.65
C LYS I 300 -128.73 43.25 117.85
N GLY I 301 -128.61 42.03 117.33
CA GLY I 301 -129.64 41.36 116.53
C GLY I 301 -129.99 39.99 117.10
N GLU I 302 -129.99 38.95 116.24
CA GLU I 302 -130.10 37.54 116.66
C GLU I 302 -128.80 37.08 117.33
N GLU I 303 -128.59 37.54 118.57
CA GLU I 303 -127.62 36.92 119.46
C GLU I 303 -128.17 35.62 120.07
N LYS I 304 -129.50 35.44 120.01
CA LYS I 304 -130.27 34.27 120.48
C LYS I 304 -129.98 32.95 119.75
N VAL I 305 -128.85 32.84 119.07
CA VAL I 305 -128.51 31.69 118.23
C VAL I 305 -128.59 30.43 119.07
N ALA I 306 -129.35 29.43 118.64
CA ALA I 306 -128.93 28.10 119.04
C ALA I 306 -127.56 27.93 118.34
N PRO I 307 -126.53 27.32 118.99
CA PRO I 307 -125.21 27.17 118.40
C PRO I 307 -125.42 26.59 117.02
N TYR I 308 -124.83 27.19 116.00
CA TYR I 308 -125.47 27.10 114.69
C TYR I 308 -125.56 25.70 114.09
N HIS I 309 -124.74 24.80 114.62
CA HIS I 309 -124.94 23.37 114.73
C HIS I 309 -126.40 22.96 114.88
N VAL I 310 -127.01 23.30 116.01
CA VAL I 310 -128.38 22.97 116.38
C VAL I 310 -129.38 23.60 115.42
N GLN I 311 -129.14 24.84 115.02
CA GLN I 311 -130.01 25.47 114.03
C GLN I 311 -129.97 24.75 112.69
N TYR I 312 -128.78 24.35 112.26
CA TYR I 312 -128.57 23.54 111.08
C TYR I 312 -129.23 22.17 111.23
N THR I 313 -129.16 21.55 112.40
CA THR I 313 -129.80 20.27 112.65
C THR I 313 -131.31 20.36 112.50
N CYS I 314 -131.92 21.37 113.12
CA CYS I 314 -133.34 21.64 112.98
C CYS I 314 -133.74 21.82 111.52
N LEU I 315 -132.99 22.66 110.82
CA LEU I 315 -133.15 22.83 109.39
C LEU I 315 -133.10 21.48 108.67
N HIS I 316 -132.04 20.72 108.90
CA HIS I 316 -131.77 19.45 108.25
C HIS I 316 -132.83 18.39 108.53
N GLU I 317 -133.31 18.26 109.75
CA GLU I 317 -134.33 17.29 110.12
C GLU I 317 -135.67 17.62 109.47
N ASN I 318 -136.04 18.89 109.55
CA ASN I 318 -137.23 19.37 108.88
C ASN I 318 -137.12 19.14 107.38
N LEU I 319 -136.00 19.48 106.79
CA LEU I 319 -135.81 19.28 105.38
C LEU I 319 -135.86 17.78 105.05
N PHE I 320 -135.19 16.93 105.82
CA PHE I 320 -135.16 15.49 105.60
C PHE I 320 -136.54 14.86 105.67
N HIS I 321 -137.31 15.12 106.72
CA HIS I 321 -138.66 14.63 106.77
C HIS I 321 -139.46 15.17 105.58
N PHE I 322 -139.26 16.44 105.23
CA PHE I 322 -140.03 17.05 104.17
C PHE I 322 -139.75 16.35 102.85
N VAL I 323 -138.48 16.12 102.54
CA VAL I 323 -138.08 15.43 101.32
C VAL I 323 -138.57 14.00 101.36
N THR I 324 -138.12 13.22 102.33
CA THR I 324 -138.43 11.78 102.35
C THR I 324 -139.90 11.56 102.49
N ASP I 325 -140.50 12.14 103.51
CA ASP I 325 -141.88 11.93 103.84
C ASP I 325 -142.79 12.80 102.98
N VAL I 326 -142.64 14.11 102.99
CA VAL I 326 -143.65 14.96 102.36
C VAL I 326 -143.59 14.87 100.84
N GLN I 327 -142.42 15.05 100.25
CA GLN I 327 -142.26 15.00 98.81
C GLN I 327 -142.30 13.56 98.32
N ASN I 328 -141.61 12.66 99.02
CA ASN I 328 -141.36 11.30 98.54
C ASN I 328 -142.15 10.24 99.28
N ASN I 329 -143.13 10.63 100.09
CA ASN I 329 -144.11 9.72 100.68
C ASN I 329 -143.44 8.62 101.51
N GLY I 330 -142.37 8.99 102.20
CA GLY I 330 -141.52 8.16 103.04
C GLY I 330 -140.38 7.49 102.29
N VAL I 331 -140.45 7.42 100.96
CA VAL I 331 -139.35 6.91 100.15
C VAL I 331 -138.18 7.85 100.32
N VAL I 332 -137.01 7.28 100.59
CA VAL I 332 -135.78 8.07 100.57
C VAL I 332 -135.34 8.25 99.12
N LYS I 333 -135.60 9.42 98.53
CA LYS I 333 -134.86 9.87 97.33
C LYS I 333 -133.40 10.05 97.70
N ILE I 334 -132.51 9.24 97.13
CA ILE I 334 -131.05 9.39 97.32
C ILE I 334 -130.63 10.69 96.55
N PRO I 335 -129.86 11.62 97.15
CA PRO I 335 -129.72 13.02 96.70
C PRO I 335 -129.31 13.27 95.26
N ASP I 336 -129.39 14.53 94.81
CA ASP I 336 -128.57 14.99 93.69
C ASP I 336 -127.11 15.17 94.15
N ALA I 337 -126.53 14.04 94.55
CA ALA I 337 -125.25 13.89 95.20
C ALA I 337 -124.08 13.68 94.22
N LYS I 338 -122.85 14.00 94.65
CA LYS I 338 -121.64 13.94 93.81
C LYS I 338 -120.50 13.23 94.55
N GLY I 339 -119.87 12.25 93.89
CA GLY I 339 -118.80 11.41 94.43
C GLY I 339 -119.20 10.55 95.64
N ASP I 340 -118.20 9.95 96.30
CA ASP I 340 -118.34 9.38 97.65
C ASP I 340 -118.86 10.43 98.65
N ASP I 341 -118.45 11.68 98.39
CA ASP I 341 -118.97 12.95 98.88
C ASP I 341 -120.48 13.20 98.65
N ALA I 342 -121.19 12.20 98.14
CA ALA I 342 -122.61 12.02 98.42
C ALA I 342 -122.88 12.11 99.92
N TRP I 343 -121.93 11.65 100.72
CA TRP I 343 -121.93 11.81 102.16
C TRP I 343 -121.96 13.26 102.65
N LYS I 344 -121.65 14.24 101.78
CA LYS I 344 -121.74 15.69 102.00
C LYS I 344 -122.82 16.37 101.17
N VAL I 345 -123.41 15.68 100.20
CA VAL I 345 -124.53 16.20 99.44
C VAL I 345 -125.74 15.43 99.82
N TYR I 346 -126.43 15.99 100.79
CA TYR I 346 -127.57 15.38 101.42
C TYR I 346 -128.82 15.50 100.56
N TYR I 347 -128.86 16.49 99.64
CA TYR I 347 -130.06 16.80 98.88
C TYR I 347 -129.78 17.26 97.45
N ASP I 348 -130.87 17.41 96.72
CA ASP I 348 -131.01 18.21 95.52
C ASP I 348 -130.50 19.63 95.71
N GLU I 349 -130.10 20.28 94.61
CA GLU I 349 -129.52 21.63 94.60
C GLU I 349 -130.18 22.58 95.58
N THR I 350 -131.50 22.70 95.53
CA THR I 350 -132.19 23.77 96.24
C THR I 350 -132.01 23.59 97.73
N ALA I 351 -132.29 22.36 98.18
CA ALA I 351 -132.15 21.92 99.54
C ALA I 351 -130.68 21.87 99.99
N GLN I 352 -129.79 21.47 99.09
CA GLN I 352 -128.37 21.41 99.35
C GLN I 352 -127.80 22.81 99.55
N GLU I 353 -128.16 23.74 98.69
CA GLU I 353 -127.85 25.15 98.82
C GLU I 353 -128.47 25.76 100.07
N ILE I 354 -129.70 25.39 100.44
CA ILE I 354 -130.30 25.79 101.70
C ILE I 354 -129.37 25.41 102.86
N VAL I 355 -129.06 24.12 103.02
CA VAL I 355 -128.27 23.69 104.17
C VAL I 355 -126.83 24.17 104.09
N ASP I 356 -126.28 24.31 102.89
CA ASP I 356 -124.93 24.82 102.70
C ASP I 356 -124.85 26.33 102.95
N GLU I 357 -125.73 27.17 102.42
CA GLU I 357 -125.74 28.61 102.76
C GLU I 357 -125.89 28.84 104.24
N PHE I 358 -126.65 27.98 104.92
CA PHE I 358 -126.73 27.97 106.37
C PHE I 358 -125.40 27.55 107.00
N ALA I 359 -124.84 26.40 106.61
CA ALA I 359 -123.54 25.93 107.09
C ALA I 359 -122.36 26.80 106.64
N MET I 360 -122.55 27.72 105.70
CA MET I 360 -121.57 28.69 105.25
C MET I 360 -121.72 29.97 106.05
N ARG I 361 -122.88 30.64 105.96
CA ARG I 361 -123.19 31.85 106.74
C ARG I 361 -122.98 31.61 108.23
N TYR I 362 -123.21 30.37 108.66
CA TYR I 362 -123.08 29.94 110.04
C TYR I 362 -122.11 28.78 110.28
N GLY I 363 -121.15 28.59 109.37
CA GLY I 363 -119.91 27.82 109.56
C GLY I 363 -119.98 26.31 109.81
N VAL I 364 -121.17 25.73 110.03
CA VAL I 364 -121.36 24.35 110.50
C VAL I 364 -120.54 23.33 109.74
N GLU I 365 -119.71 22.57 110.45
CA GLU I 365 -118.71 21.69 109.84
C GLU I 365 -119.32 20.49 109.10
N SER I 366 -118.71 20.11 108.00
CA SER I 366 -119.18 19.04 107.10
C SER I 366 -119.50 17.72 107.80
N ILE I 367 -118.69 17.30 108.77
CA ILE I 367 -118.96 16.09 109.55
C ILE I 367 -120.23 16.20 110.42
N TYR I 368 -120.49 17.36 111.00
CA TYR I 368 -121.71 17.58 111.78
C TYR I 368 -122.95 17.49 110.90
N GLN I 369 -122.85 18.06 109.70
CA GLN I 369 -123.87 17.94 108.67
C GLN I 369 -124.14 16.46 108.29
N ALA I 370 -123.07 15.68 108.11
CA ALA I 370 -123.14 14.24 107.79
C ALA I 370 -123.74 13.36 108.88
N MET I 371 -123.32 13.51 110.14
CA MET I 371 -123.85 12.71 111.25
C MET I 371 -125.35 12.96 111.44
N THR I 372 -125.77 14.22 111.26
CA THR I 372 -127.17 14.63 111.23
C THR I 372 -127.96 13.90 110.14
N HIS I 373 -127.41 13.84 108.93
CA HIS I 373 -127.99 13.07 107.83
C HIS I 373 -128.01 11.56 108.09
N PHE I 374 -126.99 10.98 108.69
CA PHE I 374 -126.98 9.55 109.01
C PHE I 374 -128.04 9.22 110.08
N ALA I 375 -128.22 10.10 111.07
CA ALA I 375 -129.31 10.00 112.03
C ALA I 375 -130.67 10.01 111.34
N CYS I 376 -130.90 10.96 110.44
CA CYS I 376 -132.05 10.97 109.56
C CYS I 376 -132.21 9.63 108.82
N LEU I 377 -131.24 9.20 108.01
CA LEU I 377 -131.32 7.97 107.19
C LEU I 377 -131.64 6.73 108.02
N SER I 378 -131.12 6.63 109.24
CA SER I 378 -131.33 5.45 110.08
C SER I 378 -132.81 5.17 110.37
N SER I 379 -133.65 6.21 110.37
CA SER I 379 -135.10 6.07 110.53
C SER I 379 -135.79 5.44 109.31
N LYS I 380 -135.05 5.19 108.23
CA LYS I 380 -135.54 4.71 106.92
C LYS I 380 -134.66 3.59 106.34
N TYR I 381 -133.76 2.97 107.13
CA TYR I 381 -132.61 2.20 106.59
C TYR I 381 -133.01 1.05 105.64
N MET I 382 -134.23 0.54 105.78
CA MET I 382 -134.83 -0.56 105.02
C MET I 382 -135.17 -0.20 103.55
N CYS I 383 -135.25 1.09 103.21
CA CYS I 383 -135.53 1.54 101.84
C CYS I 383 -134.42 1.08 100.85
N PRO I 384 -134.75 0.76 99.59
CA PRO I 384 -133.79 0.18 98.66
C PRO I 384 -132.57 1.08 98.42
N GLY I 385 -131.37 0.50 98.31
CA GLY I 385 -130.12 1.24 98.13
C GLY I 385 -129.62 1.99 99.38
N VAL I 386 -130.48 2.34 100.34
CA VAL I 386 -130.08 3.06 101.57
C VAL I 386 -128.95 2.34 102.32
N PRO I 387 -128.84 0.99 102.39
CA PRO I 387 -127.69 0.38 103.04
C PRO I 387 -126.36 0.62 102.36
N ALA I 388 -126.36 0.75 101.04
CA ALA I 388 -125.18 1.18 100.31
C ALA I 388 -124.83 2.63 100.69
N VAL I 389 -125.82 3.52 100.71
CA VAL I 389 -125.62 4.94 101.08
C VAL I 389 -125.15 5.06 102.52
N MET I 390 -125.75 4.33 103.44
CA MET I 390 -125.33 4.36 104.84
C MET I 390 -123.97 3.68 105.00
N SER I 391 -123.65 2.62 104.24
CA SER I 391 -122.31 2.05 104.24
C SER I 391 -121.29 3.09 103.81
N THR I 392 -121.63 3.85 102.78
CA THR I 392 -120.84 4.94 102.23
C THR I 392 -120.70 6.05 103.27
N LEU I 393 -121.80 6.59 103.75
CA LEU I 393 -121.85 7.67 104.71
C LEU I 393 -121.09 7.30 105.98
N LEU I 394 -121.22 6.06 106.44
CA LEU I 394 -120.48 5.59 107.58
C LEU I 394 -119.01 5.33 107.29
N ALA I 395 -118.67 4.78 106.12
CA ALA I 395 -117.28 4.69 105.72
C ALA I 395 -116.62 6.06 105.75
N ASN I 396 -117.34 7.10 105.35
CA ASN I 396 -116.87 8.46 105.42
C ASN I 396 -116.85 9.06 106.83
N ILE I 397 -117.92 8.95 107.61
CA ILE I 397 -117.92 9.41 109.01
C ILE I 397 -116.83 8.69 109.81
N ASN I 398 -116.63 7.40 109.53
CA ASN I 398 -115.48 6.66 110.02
C ASN I 398 -114.19 7.30 109.55
N ALA I 399 -113.98 7.38 108.24
CA ALA I 399 -112.76 7.91 107.69
C ALA I 399 -112.47 9.32 108.19
N TYR I 400 -113.52 10.08 108.47
CA TYR I 400 -113.43 11.38 109.07
C TYR I 400 -112.82 11.31 110.46
N TYR I 401 -113.50 10.68 111.42
CA TYR I 401 -113.01 10.66 112.80
C TYR I 401 -111.76 9.78 112.98
N ALA I 402 -111.62 8.74 112.17
CA ALA I 402 -110.47 7.85 112.18
C ALA I 402 -109.23 8.45 111.52
N HIS I 403 -109.38 9.25 110.46
CA HIS I 403 -108.24 9.68 109.63
C HIS I 403 -108.21 11.18 109.33
N THR I 404 -109.34 11.83 108.99
CA THR I 404 -109.31 13.29 108.76
C THR I 404 -108.98 13.99 110.07
N THR I 405 -107.98 14.86 110.06
CA THR I 405 -107.41 15.48 111.27
C THR I 405 -106.91 14.48 112.33
N ALA I 406 -106.64 13.23 111.97
CA ALA I 406 -105.82 12.33 112.78
C ALA I 406 -104.34 12.77 112.87
N SER I 407 -103.97 13.80 112.11
CA SER I 407 -102.82 14.68 112.38
C SER I 407 -102.84 15.27 113.79
N THR I 408 -104.03 15.57 114.34
CA THR I 408 -104.19 15.82 115.78
C THR I 408 -103.94 14.52 116.54
N ASN I 409 -103.06 14.57 117.54
CA ASN I 409 -102.64 13.38 118.29
C ASN I 409 -103.77 12.80 119.18
N VAL I 410 -104.87 13.54 119.32
CA VAL I 410 -106.12 13.10 119.94
C VAL I 410 -106.64 11.82 119.29
N SER I 411 -107.15 10.87 120.08
CA SER I 411 -107.63 9.59 119.55
C SER I 411 -108.84 9.77 118.65
N ALA I 412 -109.14 8.76 117.83
CA ALA I 412 -110.33 8.80 117.01
C ALA I 412 -111.59 8.86 117.87
N SER I 413 -111.62 8.11 118.96
CA SER I 413 -112.75 8.07 119.88
C SER I 413 -112.94 9.39 120.61
N ASP I 414 -111.86 10.14 120.82
CA ASP I 414 -111.86 11.43 121.49
C ASP I 414 -112.11 12.62 120.56
N ARG I 415 -111.58 12.58 119.34
CA ARG I 415 -111.95 13.54 118.29
C ARG I 415 -113.43 13.39 117.98
N PHE I 416 -113.89 12.15 117.93
CA PHE I 416 -115.29 11.79 117.90
C PHE I 416 -116.04 12.27 119.15
N ALA I 417 -115.48 12.19 120.35
CA ALA I 417 -116.08 12.81 121.53
C ALA I 417 -116.23 14.34 121.39
N ALA I 418 -115.20 15.02 120.89
CA ALA I 418 -115.24 16.44 120.58
C ALA I 418 -116.18 16.78 119.42
N SER I 419 -116.82 15.80 118.80
CA SER I 419 -117.91 16.04 117.89
C SER I 419 -118.97 16.90 118.54
N ASN I 420 -119.23 18.07 117.95
CA ASN I 420 -120.31 18.94 118.38
C ASN I 420 -121.68 18.24 118.21
N PHE I 421 -121.79 17.20 117.39
CA PHE I 421 -122.99 16.38 117.28
C PHE I 421 -123.28 15.63 118.58
N GLY I 422 -122.25 15.25 119.33
CA GLY I 422 -122.37 14.37 120.49
C GLY I 422 -122.05 12.94 120.09
N LYS I 423 -120.86 12.48 120.45
CA LYS I 423 -120.43 11.08 120.25
C LYS I 423 -121.49 10.07 120.63
N GLU I 424 -121.96 10.16 121.86
CA GLU I 424 -122.94 9.27 122.48
C GLU I 424 -124.18 9.08 121.63
N ARG I 425 -124.82 10.19 121.27
CA ARG I 425 -125.95 10.26 120.35
C ARG I 425 -125.68 9.47 119.08
N PHE I 426 -124.47 9.54 118.56
CA PHE I 426 -124.06 8.79 117.38
C PHE I 426 -123.80 7.30 117.67
N VAL I 427 -123.16 6.98 118.78
CA VAL I 427 -122.91 5.58 119.20
C VAL I 427 -124.23 4.83 119.38
N LYS I 428 -125.17 5.43 120.10
CA LYS I 428 -126.52 4.88 120.30
C LYS I 428 -127.16 4.53 118.95
N LEU I 429 -127.17 5.52 118.07
CA LEU I 429 -127.71 5.47 116.73
C LEU I 429 -127.12 4.31 115.91
N LEU I 430 -125.80 4.14 115.93
CA LEU I 430 -125.12 3.01 115.30
C LEU I 430 -125.55 1.67 115.90
N ASP I 431 -125.63 1.58 117.22
CA ASP I 431 -125.95 0.33 117.90
C ASP I 431 -127.39 -0.11 117.62
N GLN I 432 -128.33 0.84 117.64
CA GLN I 432 -129.72 0.60 117.25
C GLN I 432 -129.79 0.07 115.82
N LEU I 433 -129.11 0.77 114.91
CA LEU I 433 -129.07 0.40 113.51
C LEU I 433 -128.48 -0.99 113.35
N HIS I 434 -127.29 -1.23 113.89
CA HIS I 434 -126.58 -2.51 113.87
C HIS I 434 -127.48 -3.64 114.34
N ASN I 435 -128.13 -3.45 115.49
CA ASN I 435 -129.08 -4.40 116.01
C ASN I 435 -130.20 -4.66 114.99
N SER I 436 -130.77 -3.60 114.43
CA SER I 436 -131.81 -3.72 113.41
C SER I 436 -131.30 -4.49 112.17
N LEU I 437 -130.03 -4.34 111.81
CA LEU I 437 -129.41 -5.15 110.77
C LEU I 437 -129.31 -6.62 111.20
N ARG I 438 -128.68 -6.91 112.34
CA ARG I 438 -128.54 -8.25 112.94
C ARG I 438 -129.89 -8.96 112.93
N ILE I 439 -130.92 -8.25 113.34
CA ILE I 439 -132.30 -8.73 113.34
C ILE I 439 -132.69 -9.17 111.95
N ASP I 440 -132.61 -8.27 110.98
CA ASP I 440 -133.05 -8.57 109.63
C ASP I 440 -132.27 -9.76 109.04
N LEU I 441 -130.98 -9.81 109.32
CA LEU I 441 -130.09 -10.90 108.93
C LEU I 441 -130.46 -12.22 109.59
N SER I 442 -130.93 -12.19 110.83
CA SER I 442 -131.32 -13.41 111.53
C SER I 442 -132.48 -14.12 110.85
N MET I 443 -133.24 -13.40 110.03
CA MET I 443 -134.14 -13.97 109.04
C MET I 443 -133.82 -13.47 107.65
N TYR I 444 -132.56 -13.62 107.26
CA TYR I 444 -132.11 -13.17 105.95
C TYR I 444 -133.00 -13.68 104.83
N ARG I 445 -133.41 -14.95 104.89
CA ARG I 445 -134.13 -15.59 103.79
C ARG I 445 -135.47 -14.91 103.58
N ASN I 446 -136.18 -14.68 104.69
CA ASN I 446 -137.51 -14.09 104.66
C ASN I 446 -137.43 -12.58 104.36
N ASN I 447 -136.42 -11.89 104.91
CA ASN I 447 -136.27 -10.45 104.74
C ASN I 447 -135.66 -10.05 103.39
N PHE I 448 -134.85 -10.92 102.78
CA PHE I 448 -134.09 -10.66 101.55
C PHE I 448 -134.16 -11.89 100.63
N PRO I 449 -135.36 -12.21 100.14
CA PRO I 449 -135.58 -13.45 99.41
C PRO I 449 -134.71 -13.51 98.16
N ALA I 450 -134.22 -14.70 97.84
CA ALA I 450 -133.33 -14.93 96.70
C ALA I 450 -133.97 -14.49 95.38
N SER I 451 -135.29 -14.64 95.30
CA SER I 451 -136.15 -14.17 94.22
C SER I 451 -136.13 -12.66 94.00
N SER I 452 -135.64 -11.88 94.97
CA SER I 452 -135.33 -10.47 94.77
C SER I 452 -133.80 -10.27 94.79
N PRO I 453 -133.16 -10.24 93.61
CA PRO I 453 -131.78 -9.79 93.46
C PRO I 453 -131.53 -8.42 94.08
N GLU I 454 -132.53 -7.55 94.00
CA GLU I 454 -132.48 -6.22 94.60
C GLU I 454 -132.35 -6.31 96.12
N ARG I 455 -133.18 -7.13 96.76
CA ARG I 455 -132.99 -7.38 98.17
C ARG I 455 -131.77 -8.23 98.46
N LEU I 456 -131.30 -9.11 97.57
CA LEU I 456 -129.96 -9.69 97.68
C LEU I 456 -128.88 -8.61 97.61
N GLN I 457 -129.05 -7.56 96.83
CA GLN I 457 -128.05 -6.51 96.79
C GLN I 457 -128.14 -5.61 98.01
N ASP I 458 -129.34 -5.21 98.40
CA ASP I 458 -129.52 -4.52 99.66
C ASP I 458 -128.93 -5.35 100.80
N LEU I 459 -129.13 -6.67 100.80
CA LEU I 459 -128.52 -7.63 101.71
C LEU I 459 -126.98 -7.52 101.63
N LYS I 460 -126.40 -7.58 100.43
CA LYS I 460 -124.97 -7.43 100.26
C LYS I 460 -124.46 -6.09 100.80
N SER I 461 -125.07 -4.98 100.40
CA SER I 461 -124.82 -3.64 100.91
C SER I 461 -125.08 -3.48 102.41
N THR I 462 -125.97 -4.28 102.97
CA THR I 462 -126.24 -4.34 104.41
C THR I 462 -125.03 -4.96 105.10
N VAL I 463 -124.49 -6.05 104.59
CA VAL I 463 -123.30 -6.66 105.19
C VAL I 463 -122.07 -5.77 104.96
N ASP I 464 -122.02 -5.06 103.84
CA ASP I 464 -121.05 -3.99 103.64
C ASP I 464 -121.24 -2.86 104.66
N LEU I 465 -122.48 -2.45 104.96
CA LEU I 465 -122.74 -1.53 106.05
C LEU I 465 -122.33 -2.12 107.40
N LEU I 466 -122.60 -3.40 107.67
CA LEU I 466 -122.28 -4.04 108.96
C LEU I 466 -120.77 -4.15 109.15
N THR I 467 -120.02 -4.46 108.09
CA THR I 467 -118.56 -4.32 108.10
C THR I 467 -118.18 -2.87 108.37
N SER I 468 -118.81 -1.90 107.71
CA SER I 468 -118.59 -0.46 107.97
C SER I 468 -118.85 -0.05 109.42
N ILE I 469 -119.88 -0.58 110.09
CA ILE I 469 -120.15 -0.36 111.52
C ILE I 469 -119.10 -1.06 112.40
N THR I 470 -118.77 -2.31 112.11
CA THR I 470 -117.74 -3.05 112.87
C THR I 470 -116.41 -2.31 112.83
N PHE I 471 -116.06 -1.82 111.64
CA PHE I 471 -114.94 -0.95 111.38
C PHE I 471 -115.05 0.39 112.12
N PHE I 472 -116.20 1.06 112.16
CA PHE I 472 -116.39 2.22 113.04
C PHE I 472 -116.15 1.92 114.52
N ARG I 473 -116.67 0.81 115.04
CA ARG I 473 -116.46 0.42 116.43
C ARG I 473 -114.98 0.17 116.70
N MET I 474 -114.33 -0.53 115.79
CA MET I 474 -112.91 -0.83 115.86
C MET I 474 -112.02 0.41 115.73
N LYS I 475 -112.36 1.34 114.82
CA LYS I 475 -111.49 2.45 114.40
C LYS I 475 -111.83 3.76 115.07
N VAL I 476 -113.10 4.12 115.14
CA VAL I 476 -113.54 5.38 115.74
C VAL I 476 -113.84 5.22 117.21
N GLN I 477 -114.66 4.25 117.61
CA GLN I 477 -114.81 3.99 119.05
C GLN I 477 -113.57 3.33 119.65
N GLU I 478 -112.68 2.82 118.80
CA GLU I 478 -111.41 2.21 119.18
C GLU I 478 -111.56 0.95 120.03
N LEU I 479 -112.71 0.30 119.92
CA LEU I 479 -113.01 -0.95 120.59
C LEU I 479 -112.07 -2.07 120.10
N GLN I 480 -111.65 -2.94 121.02
CA GLN I 480 -110.49 -3.83 120.84
C GLN I 480 -110.92 -5.21 120.32
N SER I 481 -112.05 -5.69 120.84
CA SER I 481 -112.72 -6.91 120.40
C SER I 481 -114.21 -6.62 120.20
N PRO I 482 -114.59 -5.72 119.26
CA PRO I 482 -115.97 -5.61 118.83
C PRO I 482 -116.46 -6.96 118.25
N PRO I 483 -117.77 -7.20 118.16
CA PRO I 483 -118.34 -8.41 117.57
C PRO I 483 -117.86 -8.59 116.12
N ARG I 484 -117.21 -9.71 115.81
CA ARG I 484 -116.63 -9.94 114.48
C ARG I 484 -117.74 -10.13 113.45
N ALA I 485 -117.70 -9.34 112.37
CA ALA I 485 -118.76 -9.28 111.37
C ALA I 485 -119.14 -10.67 110.81
N SER I 486 -118.16 -11.54 110.53
CA SER I 486 -118.45 -12.92 110.09
C SER I 486 -119.19 -13.75 111.14
N GLN I 487 -118.82 -13.70 112.42
CA GLN I 487 -119.51 -14.48 113.46
C GLN I 487 -120.92 -13.95 113.74
N VAL I 488 -121.07 -12.62 113.81
CA VAL I 488 -122.35 -11.93 113.92
C VAL I 488 -123.34 -12.42 112.86
N VAL I 489 -122.87 -12.50 111.62
CA VAL I 489 -123.66 -12.97 110.49
C VAL I 489 -123.88 -14.49 110.57
N LYS I 490 -122.86 -15.28 110.92
CA LYS I 490 -122.97 -16.74 111.05
C LYS I 490 -124.03 -17.14 112.07
N ASP I 491 -124.12 -16.45 113.18
CA ASP I 491 -125.23 -16.58 114.12
C ASP I 491 -126.57 -16.32 113.43
N CYS I 492 -126.70 -15.21 112.71
CA CYS I 492 -127.92 -14.87 111.98
C CYS I 492 -128.30 -15.92 110.95
N VAL I 493 -127.31 -16.53 110.32
CA VAL I 493 -127.52 -17.57 109.31
C VAL I 493 -127.98 -18.84 109.96
N LYS I 494 -127.25 -19.29 110.99
CA LYS I 494 -127.65 -20.41 111.81
C LYS I 494 -129.06 -20.19 112.32
N ALA I 495 -129.37 -18.98 112.78
CA ALA I 495 -130.70 -18.61 113.21
C ALA I 495 -131.70 -18.83 112.07
N CYS I 496 -131.48 -18.19 110.94
CA CYS I 496 -132.36 -18.29 109.81
C CYS I 496 -132.54 -19.74 109.32
N LEU I 497 -131.48 -20.54 109.33
CA LEU I 497 -131.47 -21.97 109.00
C LEU I 497 -132.27 -22.79 110.01
N ASN I 498 -132.10 -22.55 111.29
CA ASN I 498 -132.85 -23.27 112.31
C ASN I 498 -134.35 -22.93 112.25
N SER I 499 -134.69 -21.66 112.05
CA SER I 499 -136.09 -21.24 111.80
C SER I 499 -136.65 -21.92 110.57
N THR I 500 -135.83 -22.01 109.53
CA THR I 500 -136.17 -22.80 108.36
C THR I 500 -136.42 -24.26 108.77
N TYR I 501 -135.53 -24.90 109.53
CA TYR I 501 -135.66 -26.32 109.84
C TYR I 501 -136.90 -26.62 110.68
N GLU I 502 -137.08 -25.88 111.78
CA GLU I 502 -138.26 -25.96 112.61
C GLU I 502 -139.49 -25.87 111.73
N TYR I 503 -139.53 -24.83 110.91
CA TYR I 503 -140.67 -24.58 110.08
C TYR I 503 -140.88 -25.74 109.10
N ILE I 504 -139.84 -26.26 108.46
CA ILE I 504 -140.01 -27.40 107.55
C ILE I 504 -140.39 -28.69 108.26
N PHE I 505 -139.85 -28.97 109.45
CA PHE I 505 -140.13 -30.21 110.15
C PHE I 505 -141.55 -30.24 110.71
N ASN I 506 -142.08 -29.06 111.03
CA ASN I 506 -143.43 -28.89 111.51
C ASN I 506 -144.46 -28.74 110.38
N ASN I 507 -144.04 -28.24 109.22
CA ASN I 507 -144.93 -27.91 108.09
C ASN I 507 -144.53 -28.63 106.80
N CYS I 508 -143.93 -29.83 106.91
CA CYS I 508 -143.37 -30.55 105.76
C CYS I 508 -144.38 -30.68 104.65
N HIS I 509 -145.63 -30.94 105.02
CA HIS I 509 -146.63 -31.18 104.02
C HIS I 509 -147.08 -29.95 103.28
N GLU I 510 -147.30 -28.86 103.99
CA GLU I 510 -147.67 -27.58 103.42
C GLU I 510 -146.57 -27.07 102.49
N LEU I 511 -145.32 -27.25 102.90
CA LEU I 511 -144.17 -26.84 102.14
C LEU I 511 -143.90 -27.74 100.96
N TYR I 512 -143.73 -29.05 101.18
CA TYR I 512 -143.51 -29.99 100.10
C TYR I 512 -144.68 -30.04 99.15
N GLY I 513 -145.88 -30.02 99.74
CA GLY I 513 -147.14 -29.70 99.12
C GLY I 513 -146.95 -28.63 98.06
N ARG I 514 -146.95 -27.38 98.47
CA ARG I 514 -146.90 -26.24 97.55
C ARG I 514 -145.65 -26.22 96.66
N GLU I 515 -144.50 -26.62 97.16
CA GLU I 515 -143.23 -26.49 96.45
C GLU I 515 -142.99 -27.59 95.40
N TYR I 516 -143.53 -28.82 95.54
CA TYR I 516 -143.27 -29.92 94.59
C TYR I 516 -144.36 -30.99 94.40
N GLN I 517 -145.30 -31.12 95.32
CA GLN I 517 -146.00 -32.39 95.54
C GLN I 517 -146.63 -33.01 94.30
N THR I 518 -146.31 -34.28 94.07
CA THR I 518 -146.71 -35.10 92.90
C THR I 518 -148.22 -35.40 92.80
N ASP I 519 -149.07 -34.71 93.57
CA ASP I 519 -150.53 -34.74 93.51
C ASP I 519 -151.07 -33.39 94.04
N PRO I 520 -151.79 -32.58 93.24
CA PRO I 520 -152.26 -31.25 93.66
C PRO I 520 -153.21 -31.29 94.86
N ALA I 521 -153.96 -32.38 95.07
CA ALA I 521 -154.83 -32.55 96.24
C ALA I 521 -154.05 -32.67 97.56
N LYS I 522 -152.74 -32.88 97.48
CA LYS I 522 -151.83 -33.03 98.62
C LYS I 522 -150.94 -31.80 98.89
N LYS I 523 -151.23 -30.65 98.26
CA LYS I 523 -150.51 -29.38 98.50
C LYS I 523 -150.89 -28.65 99.80
N GLY I 524 -152.11 -28.86 100.28
CA GLY I 524 -152.69 -28.14 101.42
C GLY I 524 -152.23 -28.61 102.80
N GLU I 525 -152.96 -28.16 103.83
CA GLU I 525 -152.74 -28.54 105.24
C GLU I 525 -153.19 -29.99 105.53
N VAL I 526 -152.46 -30.93 104.95
CA VAL I 526 -152.46 -32.35 105.34
C VAL I 526 -152.24 -32.48 106.87
N PRO I 527 -152.81 -33.51 107.54
CA PRO I 527 -152.80 -33.60 109.01
C PRO I 527 -151.40 -33.40 109.61
N PRO I 528 -151.27 -32.76 110.80
CA PRO I 528 -149.98 -32.56 111.45
C PRO I 528 -149.13 -33.83 111.57
N GLU I 529 -149.74 -34.99 111.77
CA GLU I 529 -149.09 -36.32 111.75
C GLU I 529 -148.54 -36.74 110.36
N GLU I 530 -148.55 -35.83 109.41
CA GLU I 530 -148.11 -35.98 108.02
C GLU I 530 -147.38 -34.70 107.53
N GLN I 531 -147.35 -33.64 108.35
CA GLN I 531 -146.53 -32.42 108.24
C GLN I 531 -145.33 -32.44 109.15
N GLY I 532 -145.47 -33.24 110.21
CA GLY I 532 -144.44 -33.94 110.93
C GLY I 532 -144.61 -35.43 110.59
N PRO I 533 -143.98 -36.32 111.35
CA PRO I 533 -143.85 -37.72 110.97
C PRO I 533 -145.16 -38.53 110.97
N SER I 534 -145.29 -39.42 109.96
CA SER I 534 -146.32 -40.47 109.92
C SER I 534 -145.82 -41.80 110.40
N ILE I 535 -146.67 -42.58 111.07
CA ILE I 535 -146.42 -44.00 111.26
C ILE I 535 -146.94 -44.88 110.11
N LYS I 536 -147.85 -44.37 109.28
CA LYS I 536 -148.51 -45.12 108.20
C LYS I 536 -147.64 -45.25 106.95
N ASN I 537 -146.82 -44.24 106.66
CA ASN I 537 -146.11 -44.09 105.40
C ASN I 537 -144.73 -43.43 105.58
N LEU I 538 -143.88 -43.56 104.57
CA LEU I 538 -142.53 -42.97 104.52
C LEU I 538 -142.47 -41.68 103.70
N ASP I 539 -143.62 -41.18 103.28
CA ASP I 539 -143.72 -40.17 102.25
C ASP I 539 -143.32 -38.82 102.81
N PHE I 540 -143.78 -38.48 104.01
CA PHE I 540 -143.28 -37.33 104.77
C PHE I 540 -141.74 -37.24 104.70
N TRP I 541 -141.06 -38.37 104.81
CA TRP I 541 -139.60 -38.40 104.80
C TRP I 541 -139.01 -38.23 103.40
N SER I 542 -139.59 -38.86 102.38
CA SER I 542 -139.18 -38.56 101.00
C SER I 542 -139.37 -37.07 100.68
N LYS I 543 -140.38 -36.47 101.27
CA LYS I 543 -140.76 -35.08 101.08
C LYS I 543 -139.84 -34.14 101.81
N LEU I 544 -139.52 -34.48 103.05
CA LEU I 544 -138.53 -33.81 103.86
C LEU I 544 -137.15 -33.86 103.19
N ILE I 545 -136.75 -34.99 102.59
CA ILE I 545 -135.50 -35.10 101.82
C ILE I 545 -135.46 -34.03 100.73
N THR I 546 -136.52 -33.88 99.95
CA THR I 546 -136.55 -32.90 98.86
C THR I 546 -136.51 -31.44 99.35
N LEU I 547 -137.21 -31.15 100.46
CA LEU I 547 -137.15 -29.84 101.10
C LEU I 547 -135.71 -29.49 101.45
N ILE I 548 -135.03 -30.42 102.10
CA ILE I 548 -133.66 -30.24 102.55
C ILE I 548 -132.74 -29.92 101.36
N VAL I 549 -132.80 -30.73 100.31
CA VAL I 549 -132.10 -30.51 99.05
C VAL I 549 -132.32 -29.09 98.54
N SER I 550 -133.58 -28.70 98.39
CA SER I 550 -133.96 -27.40 97.85
C SER I 550 -133.36 -26.22 98.61
N ILE I 551 -133.42 -26.26 99.93
CA ILE I 551 -132.88 -25.20 100.77
C ILE I 551 -131.35 -25.12 100.62
N ILE I 552 -130.67 -26.26 100.72
CA ILE I 552 -129.21 -26.28 100.63
C ILE I 552 -128.78 -25.73 99.28
N GLU I 553 -129.53 -26.06 98.23
CA GLU I 553 -129.35 -25.44 96.95
C GLU I 553 -129.50 -23.93 97.01
N GLU I 554 -130.62 -23.39 97.46
CA GLU I 554 -130.78 -21.93 97.51
C GLU I 554 -129.63 -21.24 98.29
N ASP I 555 -129.20 -21.84 99.39
CA ASP I 555 -128.11 -21.32 100.19
C ASP I 555 -126.77 -21.39 99.47
N LYS I 556 -126.46 -22.53 98.89
CA LYS I 556 -125.29 -22.73 98.05
C LYS I 556 -125.28 -21.78 96.87
N ASN I 557 -126.45 -21.53 96.29
CA ASN I 557 -126.53 -20.98 94.94
C ASN I 557 -126.87 -19.50 94.93
N SER I 558 -127.79 -19.02 95.76
CA SER I 558 -128.14 -17.60 95.81
C SER I 558 -127.43 -16.87 96.93
N TYR I 559 -127.38 -17.48 98.12
CA TYR I 559 -126.89 -16.76 99.29
C TYR I 559 -125.39 -16.83 99.46
N THR I 560 -124.74 -17.96 99.20
CA THR I 560 -123.27 -18.04 99.28
C THR I 560 -122.60 -16.98 98.40
N PRO I 561 -123.10 -16.72 97.17
CA PRO I 561 -122.61 -15.62 96.35
C PRO I 561 -123.03 -14.24 96.84
N CYS I 562 -124.28 -14.05 97.27
CA CYS I 562 -124.72 -12.76 97.78
C CYS I 562 -123.86 -12.32 98.97
N LEU I 563 -123.47 -13.26 99.82
CA LEU I 563 -122.80 -13.06 101.10
C LEU I 563 -121.34 -13.49 101.11
N ASN I 564 -120.67 -13.15 100.04
CA ASN I 564 -119.28 -13.48 99.82
C ASN I 564 -118.28 -12.71 100.71
N GLN I 565 -118.68 -11.71 101.51
CA GLN I 565 -117.73 -10.80 102.20
C GLN I 565 -116.74 -11.53 103.11
N PHE I 566 -117.12 -12.70 103.62
CA PHE I 566 -116.26 -13.57 104.41
C PHE I 566 -116.25 -14.94 103.76
N PRO I 567 -115.64 -15.09 102.58
CA PRO I 567 -115.82 -16.30 101.77
C PRO I 567 -115.20 -17.51 102.45
N GLN I 568 -114.04 -17.30 103.05
CA GLN I 568 -113.29 -18.26 103.86
C GLN I 568 -114.07 -18.72 105.09
N GLU I 569 -114.89 -17.84 105.66
CA GLU I 569 -115.62 -18.10 106.89
C GLU I 569 -117.09 -18.45 106.69
N LEU I 570 -117.66 -18.17 105.52
CA LEU I 570 -119.11 -18.07 105.33
C LEU I 570 -119.56 -18.67 103.97
N ASN I 571 -119.29 -19.98 103.77
CA ASN I 571 -119.97 -20.79 102.76
C ASN I 571 -121.41 -21.11 103.21
N VAL I 572 -122.38 -20.31 102.78
CA VAL I 572 -123.79 -20.45 103.23
C VAL I 572 -124.35 -21.84 102.85
N GLY I 573 -123.97 -22.40 101.70
CA GLY I 573 -124.35 -23.74 101.30
C GLY I 573 -123.90 -24.85 102.23
N LYS I 574 -122.65 -24.82 102.71
CA LYS I 574 -122.16 -25.81 103.70
C LYS I 574 -122.82 -25.66 105.06
N ILE I 575 -122.95 -24.44 105.58
CA ILE I 575 -123.61 -24.19 106.88
C ILE I 575 -125.04 -24.71 106.83
N SER I 576 -125.71 -24.47 105.70
CA SER I 576 -127.01 -25.04 105.41
C SER I 576 -126.99 -26.57 105.49
N ALA I 577 -126.17 -27.26 104.67
CA ALA I 577 -126.14 -28.73 104.66
C ALA I 577 -125.91 -29.34 106.04
N GLU I 578 -124.94 -28.83 106.80
CA GLU I 578 -124.67 -29.31 108.15
C GLU I 578 -125.87 -29.13 109.09
N VAL I 579 -126.36 -27.89 109.21
CA VAL I 579 -127.43 -27.55 110.14
C VAL I 579 -128.64 -28.43 109.85
N MET I 580 -129.05 -28.46 108.59
CA MET I 580 -130.25 -29.16 108.16
C MET I 580 -130.12 -30.68 108.33
N TRP I 581 -129.01 -31.30 107.93
CA TRP I 581 -128.81 -32.74 108.14
C TRP I 581 -128.86 -33.08 109.61
N SER I 582 -128.21 -32.29 110.45
CA SER I 582 -128.09 -32.62 111.87
C SER I 582 -129.48 -32.77 112.46
N LEU I 583 -130.28 -31.74 112.24
CA LEU I 583 -131.64 -31.65 112.71
C LEU I 583 -132.49 -32.78 112.12
N PHE I 584 -132.32 -33.05 110.83
CA PHE I 584 -132.94 -34.17 110.17
C PHE I 584 -132.61 -35.53 110.80
N ALA I 585 -131.34 -35.83 110.99
CA ALA I 585 -130.89 -37.19 111.24
C ALA I 585 -131.45 -37.68 112.56
N GLN I 586 -131.50 -36.78 113.54
CA GLN I 586 -132.17 -37.03 114.81
C GLN I 586 -133.61 -37.48 114.57
N ASP I 587 -134.32 -36.69 113.80
CA ASP I 587 -135.73 -36.89 113.59
C ASP I 587 -136.00 -38.18 112.81
N MET I 588 -135.21 -38.42 111.77
CA MET I 588 -135.26 -39.65 111.00
C MET I 588 -134.96 -40.89 111.84
N LYS I 589 -133.90 -40.86 112.66
CA LYS I 589 -133.60 -42.02 113.50
C LYS I 589 -134.82 -42.40 114.35
N TYR I 590 -135.43 -41.42 115.04
CA TYR I 590 -136.59 -41.72 115.87
C TYR I 590 -137.76 -42.25 115.05
N ALA I 591 -137.91 -41.75 113.83
CA ALA I 591 -138.94 -42.21 112.93
C ALA I 591 -138.79 -43.68 112.58
N MET I 592 -137.60 -44.07 112.14
CA MET I 592 -137.32 -45.45 111.81
C MET I 592 -137.53 -46.37 113.01
N GLU I 593 -137.10 -45.96 114.20
CA GLU I 593 -137.43 -46.69 115.41
C GLU I 593 -138.94 -46.82 115.64
N GLU I 594 -139.71 -45.78 115.35
CA GLU I 594 -141.15 -45.81 115.53
C GLU I 594 -141.86 -46.73 114.54
N HIS I 595 -141.52 -46.63 113.25
CA HIS I 595 -141.97 -47.57 112.22
C HIS I 595 -141.70 -49.00 112.63
N ASP I 596 -140.55 -49.25 113.26
CA ASP I 596 -140.16 -50.60 113.59
C ASP I 596 -141.12 -51.28 114.57
N LYS I 597 -141.78 -50.50 115.42
CA LYS I 597 -142.76 -50.99 116.39
C LYS I 597 -144.11 -51.33 115.74
N HIS I 598 -144.39 -50.78 114.56
CA HIS I 598 -145.72 -50.81 113.93
C HIS I 598 -145.76 -51.56 112.60
N ARG I 599 -144.72 -51.40 111.77
CA ARG I 599 -144.50 -52.10 110.50
C ARG I 599 -145.67 -51.98 109.52
N LEU I 600 -146.22 -50.77 109.40
CA LEU I 600 -147.38 -50.47 108.55
C LEU I 600 -147.00 -50.32 107.07
N CYS I 601 -145.88 -49.66 106.78
CA CYS I 601 -145.23 -49.69 105.46
C CYS I 601 -144.59 -51.08 105.22
N LYS I 602 -144.48 -51.53 103.97
CA LYS I 602 -143.85 -52.82 103.64
C LYS I 602 -142.34 -52.74 103.81
N SER I 603 -141.67 -53.86 104.06
CA SER I 603 -140.20 -53.99 104.07
C SER I 603 -139.56 -53.16 102.96
N ALA I 604 -140.02 -53.41 101.73
CA ALA I 604 -139.69 -52.75 100.48
C ALA I 604 -139.67 -51.23 100.56
N ASP I 605 -140.65 -50.61 101.20
CA ASP I 605 -140.76 -49.17 101.30
C ASP I 605 -139.57 -48.63 102.09
N TYR I 606 -139.22 -49.27 103.21
CA TYR I 606 -138.04 -48.90 103.96
C TYR I 606 -136.77 -49.15 103.16
N MET I 607 -136.71 -50.20 102.33
CA MET I 607 -135.55 -50.41 101.45
C MET I 607 -135.43 -49.26 100.43
N ASN I 608 -136.55 -48.83 99.83
CA ASN I 608 -136.57 -47.68 98.92
C ASN I 608 -136.11 -46.42 99.64
N LEU I 609 -136.66 -46.18 100.83
CA LEU I 609 -136.25 -45.06 101.67
C LEU I 609 -134.76 -45.15 101.99
N HIS I 610 -134.25 -46.34 102.30
CA HIS I 610 -132.84 -46.55 102.53
C HIS I 610 -132.03 -46.09 101.32
N PHE I 611 -132.39 -46.45 100.09
CA PHE I 611 -131.64 -45.98 98.93
C PHE I 611 -131.68 -44.46 98.79
N LYS I 612 -132.82 -43.83 99.05
CA LYS I 612 -132.94 -42.37 99.02
C LYS I 612 -132.05 -41.73 100.08
N VAL I 613 -132.08 -42.25 101.29
CA VAL I 613 -131.29 -41.72 102.41
C VAL I 613 -129.81 -41.94 102.18
N LYS I 614 -129.45 -43.15 101.75
CA LYS I 614 -128.11 -43.53 101.35
C LYS I 614 -127.61 -42.53 100.33
N TRP I 615 -128.38 -42.34 99.26
CA TRP I 615 -128.07 -41.30 98.29
C TRP I 615 -127.90 -39.93 98.96
N LEU I 616 -128.85 -39.48 99.77
CA LEU I 616 -128.83 -38.13 100.31
C LEU I 616 -127.58 -37.87 101.12
N TYR I 617 -127.28 -38.76 102.07
CA TYR I 617 -126.09 -38.65 102.90
C TYR I 617 -124.86 -38.63 102.01
N ASN I 618 -124.79 -39.61 101.12
CA ASN I 618 -123.65 -39.80 100.26
C ASN I 618 -123.50 -38.66 99.25
N GLU I 619 -124.55 -37.90 98.99
CA GLU I 619 -124.50 -36.64 98.30
C GLU I 619 -124.04 -35.54 99.26
N TYR I 620 -124.95 -34.98 100.04
CA TYR I 620 -124.69 -33.72 100.71
C TYR I 620 -123.77 -33.84 101.90
N VAL I 621 -123.92 -34.91 102.68
CA VAL I 621 -123.51 -34.92 104.07
C VAL I 621 -122.12 -35.51 104.23
N ALA I 622 -121.87 -36.62 103.56
CA ALA I 622 -120.66 -37.41 103.70
C ALA I 622 -119.38 -36.59 103.52
N GLU I 623 -119.42 -35.53 102.70
CA GLU I 623 -118.24 -34.72 102.39
C GLU I 623 -118.03 -33.54 103.34
N LEU I 624 -119.03 -33.17 104.13
CA LEU I 624 -118.80 -32.22 105.21
C LEU I 624 -117.81 -32.90 106.17
N PRO I 625 -116.74 -32.21 106.62
CA PRO I 625 -115.67 -32.83 107.42
C PRO I 625 -116.22 -33.63 108.59
N THR I 626 -117.17 -33.01 109.29
CA THR I 626 -117.92 -33.55 110.41
C THR I 626 -118.43 -34.98 110.18
N PHE I 627 -118.79 -35.35 108.96
CA PHE I 627 -119.39 -36.65 108.66
C PHE I 627 -118.54 -37.49 107.72
N LYS I 628 -117.60 -36.87 107.02
CA LYS I 628 -116.47 -37.59 106.41
C LYS I 628 -115.63 -38.27 107.49
N ASP I 629 -115.54 -37.65 108.66
CA ASP I 629 -114.92 -38.20 109.86
C ASP I 629 -115.51 -39.53 110.35
N ARG I 630 -116.68 -39.98 109.85
CA ARG I 630 -117.47 -41.07 110.47
C ARG I 630 -117.98 -42.15 109.52
N VAL I 631 -118.04 -43.38 110.03
CA VAL I 631 -118.92 -44.44 109.52
C VAL I 631 -120.37 -43.93 109.66
N PRO I 632 -121.17 -43.90 108.58
CA PRO I 632 -122.52 -43.37 108.64
C PRO I 632 -123.38 -44.21 109.56
N GLU I 633 -124.14 -43.54 110.41
CA GLU I 633 -124.95 -44.23 111.41
C GLU I 633 -126.34 -44.61 110.90
N TYR I 634 -126.82 -43.95 109.84
CA TYR I 634 -128.11 -44.24 109.23
C TYR I 634 -128.43 -45.71 108.95
N PRO I 635 -127.48 -46.62 108.66
CA PRO I 635 -127.83 -48.01 108.39
C PRO I 635 -128.43 -48.71 109.60
N ALA I 636 -128.07 -48.28 110.81
CA ALA I 636 -128.69 -48.80 112.02
C ALA I 636 -130.20 -48.55 112.04
N TRP I 637 -130.67 -47.50 111.37
CA TRP I 637 -132.08 -47.21 111.28
C TRP I 637 -132.83 -48.26 110.46
N PHE I 638 -132.30 -48.57 109.28
CA PHE I 638 -132.94 -49.46 108.32
C PHE I 638 -132.78 -50.94 108.66
N GLU I 639 -131.74 -51.28 109.39
CA GLU I 639 -131.36 -52.64 109.68
C GLU I 639 -132.51 -53.58 110.11
N PRO I 640 -133.42 -53.18 111.00
CA PRO I 640 -134.53 -54.03 111.38
C PRO I 640 -135.45 -54.34 110.19
N PHE I 641 -135.65 -53.38 109.31
CA PHE I 641 -136.48 -53.52 108.13
C PHE I 641 -135.85 -54.41 107.08
N VAL I 642 -134.53 -54.37 107.02
CA VAL I 642 -133.74 -55.30 106.24
C VAL I 642 -133.83 -56.70 106.82
N ILE I 643 -133.76 -56.82 108.13
CA ILE I 643 -133.92 -58.11 108.77
C ILE I 643 -135.32 -58.64 108.53
N GLN I 644 -136.35 -57.82 108.71
CA GLN I 644 -137.71 -58.15 108.33
C GLN I 644 -137.79 -58.63 106.89
N TRP I 645 -137.17 -57.89 106.00
CA TRP I 645 -137.10 -58.30 104.64
C TRP I 645 -136.42 -59.68 104.53
N LEU I 646 -135.27 -59.91 105.18
CA LEU I 646 -134.58 -61.19 105.22
C LEU I 646 -135.47 -62.30 105.75
N ASP I 647 -136.39 -61.97 106.64
CA ASP I 647 -137.32 -62.90 107.21
C ASP I 647 -138.39 -63.29 106.21
N GLU I 648 -139.08 -62.27 105.67
CA GLU I 648 -140.04 -62.47 104.60
C GLU I 648 -139.40 -63.29 103.50
N ASN I 649 -138.20 -62.90 103.12
CA ASN I 649 -137.38 -63.56 102.15
C ASN I 649 -137.12 -65.01 102.51
N GLU I 650 -136.63 -65.32 103.71
CA GLU I 650 -136.35 -66.71 104.02
C GLU I 650 -137.61 -67.56 103.94
N GLU I 651 -138.73 -67.06 104.45
CA GLU I 651 -139.93 -67.88 104.51
C GLU I 651 -140.47 -68.14 103.11
N VAL I 652 -140.55 -67.08 102.30
CA VAL I 652 -140.78 -67.19 100.87
C VAL I 652 -139.81 -68.21 100.26
N SER I 653 -138.52 -68.12 100.57
CA SER I 653 -137.50 -69.03 100.04
C SER I 653 -137.74 -70.47 100.48
N ARG I 654 -138.28 -70.71 101.66
CA ARG I 654 -138.50 -72.06 102.17
C ARG I 654 -139.76 -72.64 101.56
N ASP I 655 -140.78 -71.82 101.38
CA ASP I 655 -141.95 -72.20 100.61
C ASP I 655 -141.60 -72.49 99.15
N PHE I 656 -140.81 -71.62 98.54
CA PHE I 656 -140.23 -71.81 97.21
C PHE I 656 -139.44 -73.11 97.15
N LEU I 657 -138.59 -73.38 98.13
CA LEU I 657 -137.75 -74.58 98.19
C LEU I 657 -138.62 -75.83 98.10
N HIS I 658 -139.68 -75.87 98.89
CA HIS I 658 -140.59 -77.00 98.88
C HIS I 658 -141.28 -77.10 97.52
N GLY I 659 -141.78 -75.99 96.99
CA GLY I 659 -142.32 -75.97 95.63
C GLY I 659 -141.33 -76.52 94.59
N ALA I 660 -140.09 -76.05 94.59
CA ALA I 660 -139.06 -76.44 93.63
C ALA I 660 -138.73 -77.94 93.74
N LEU I 661 -138.48 -78.41 94.97
CA LEU I 661 -138.28 -79.83 95.24
C LEU I 661 -139.45 -80.65 94.73
N GLU I 662 -140.66 -80.19 94.97
CA GLU I 662 -141.86 -80.92 94.59
C GLU I 662 -142.07 -80.91 93.08
N ARG I 663 -141.79 -79.82 92.38
CA ARG I 663 -141.81 -79.75 90.92
C ARG I 663 -140.78 -80.68 90.31
N ASP I 664 -139.60 -80.72 90.89
CA ASP I 664 -138.55 -81.64 90.49
C ASP I 664 -138.92 -83.10 90.78
N LYS I 665 -139.53 -83.36 91.94
CA LYS I 665 -140.09 -84.67 92.31
C LYS I 665 -141.16 -85.13 91.35
N LYS I 666 -142.00 -84.19 90.92
CA LYS I 666 -143.03 -84.46 89.92
C LYS I 666 -142.38 -84.76 88.58
N ASP I 667 -141.31 -84.05 88.25
CA ASP I 667 -140.39 -84.44 87.19
C ASP I 667 -139.53 -85.69 87.52
N GLY I 668 -139.89 -86.50 88.50
CA GLY I 668 -139.18 -87.72 88.87
C GLY I 668 -137.70 -87.53 89.20
N PHE I 669 -137.27 -86.30 89.52
CA PHE I 669 -135.89 -85.87 89.66
C PHE I 669 -134.98 -86.23 88.47
N GLN I 670 -135.38 -85.87 87.23
CA GLN I 670 -134.44 -85.99 86.12
C GLN I 670 -133.18 -85.14 86.33
N GLN I 671 -132.04 -85.62 85.87
CA GLN I 671 -130.84 -84.79 85.80
C GLN I 671 -131.06 -83.65 84.81
N THR I 672 -130.54 -82.49 85.16
CA THR I 672 -130.72 -81.24 84.41
C THR I 672 -130.22 -81.37 82.97
N SER I 673 -129.24 -82.22 82.78
CA SER I 673 -128.95 -82.91 81.53
C SER I 673 -128.15 -84.15 81.88
N GLU I 674 -127.94 -85.04 80.91
CA GLU I 674 -127.17 -86.27 81.15
C GLU I 674 -125.72 -86.07 81.60
N HIS I 675 -125.24 -84.83 81.52
CA HIS I 675 -123.94 -84.36 81.99
C HIS I 675 -124.07 -83.30 83.09
N ALA I 676 -125.20 -82.59 83.24
CA ALA I 676 -125.55 -81.77 84.41
C ALA I 676 -126.31 -82.65 85.41
N LEU I 677 -125.52 -83.37 86.21
CA LEU I 677 -125.91 -84.61 86.89
C LEU I 677 -126.91 -84.46 88.05
N PHE I 678 -127.06 -83.25 88.56
CA PHE I 678 -128.08 -82.86 89.53
C PHE I 678 -129.38 -82.49 88.81
N SER I 679 -130.49 -82.45 89.51
CA SER I 679 -131.78 -82.01 89.03
C SER I 679 -132.04 -80.52 89.31
N CYS I 680 -133.04 -79.99 88.61
CA CYS I 680 -133.22 -78.55 88.41
C CYS I 680 -133.45 -77.74 89.69
N SER I 681 -134.08 -78.34 90.70
CA SER I 681 -134.36 -77.67 91.97
C SER I 681 -133.10 -77.09 92.58
N VAL I 682 -131.95 -77.75 92.42
CA VAL I 682 -130.69 -77.22 92.91
C VAL I 682 -130.40 -75.84 92.35
N VAL I 683 -130.59 -75.74 91.05
CA VAL I 683 -130.37 -74.55 90.25
C VAL I 683 -131.35 -73.47 90.69
N ASP I 684 -132.63 -73.81 90.74
CA ASP I 684 -133.69 -72.90 91.13
C ASP I 684 -133.40 -72.27 92.49
N VAL I 685 -132.98 -73.12 93.42
CA VAL I 685 -132.65 -72.71 94.77
C VAL I 685 -131.47 -71.77 94.75
N PHE I 686 -130.37 -72.14 94.10
CA PHE I 686 -129.26 -71.21 94.03
C PHE I 686 -129.64 -69.93 93.34
N SER I 687 -130.42 -69.99 92.27
CA SER I 687 -130.96 -68.80 91.63
C SER I 687 -131.70 -67.94 92.63
N GLN I 688 -132.65 -68.51 93.36
CA GLN I 688 -133.39 -67.78 94.35
C GLN I 688 -132.47 -67.15 95.39
N LEU I 689 -131.58 -67.96 95.94
CA LEU I 689 -130.67 -67.52 96.98
C LEU I 689 -129.79 -66.38 96.49
N ASN I 690 -129.39 -66.41 95.23
CA ASN I 690 -128.63 -65.34 94.67
C ASN I 690 -129.51 -64.11 94.45
N GLN I 691 -130.73 -64.24 93.89
CA GLN I 691 -131.62 -63.08 93.76
C GLN I 691 -131.78 -62.39 95.11
N SER I 692 -131.98 -63.20 96.13
CA SER I 692 -132.09 -62.79 97.51
C SER I 692 -130.82 -62.11 98.00
N PHE I 693 -129.69 -62.78 97.88
CA PHE I 693 -128.43 -62.24 98.36
C PHE I 693 -128.16 -60.88 97.73
N GLU I 694 -128.47 -60.76 96.45
CA GLU I 694 -128.18 -59.54 95.74
C GLU I 694 -129.05 -58.40 96.22
N ILE I 695 -130.30 -58.66 96.59
CA ILE I 695 -131.13 -57.65 97.24
C ILE I 695 -130.46 -57.11 98.50
N ILE I 696 -129.82 -57.98 99.28
CA ILE I 696 -129.01 -57.52 100.42
C ILE I 696 -127.83 -56.72 99.91
N LYS I 697 -127.09 -57.30 98.98
CA LYS I 697 -125.80 -56.79 98.59
C LYS I 697 -125.91 -55.37 98.05
N LYS I 698 -126.97 -55.13 97.27
CA LYS I 698 -127.42 -53.83 96.74
C LYS I 698 -127.65 -52.72 97.77
N LEU I 699 -127.60 -53.02 99.06
CA LEU I 699 -127.63 -51.99 100.09
C LEU I 699 -126.24 -51.45 100.40
N GLU I 700 -125.18 -52.25 100.24
CA GLU I 700 -123.79 -51.91 100.56
C GLU I 700 -123.63 -51.13 101.86
N CYS I 701 -124.26 -51.64 102.92
CA CYS I 701 -124.29 -50.97 104.22
C CYS I 701 -122.87 -50.62 104.70
N PRO I 702 -122.57 -49.33 104.93
CA PRO I 702 -121.23 -48.89 105.31
C PRO I 702 -120.87 -49.24 106.76
N ASP I 703 -121.83 -49.72 107.57
CA ASP I 703 -121.56 -50.34 108.86
C ASP I 703 -121.37 -51.86 108.70
N PRO I 704 -120.13 -52.37 108.74
CA PRO I 704 -119.86 -53.77 108.45
C PRO I 704 -120.36 -54.72 109.54
N GLN I 705 -120.73 -54.23 110.72
CA GLN I 705 -121.26 -55.05 111.79
C GLN I 705 -122.75 -55.28 111.55
N ILE I 706 -123.45 -54.25 111.12
CA ILE I 706 -124.81 -54.35 110.62
C ILE I 706 -124.84 -55.25 109.39
N VAL I 707 -123.87 -55.12 108.49
CA VAL I 707 -123.68 -56.11 107.43
C VAL I 707 -123.47 -57.49 108.02
N GLY I 708 -122.57 -57.62 108.98
CA GLY I 708 -122.29 -58.90 109.62
C GLY I 708 -123.56 -59.51 110.16
N HIS I 709 -124.47 -58.70 110.71
CA HIS I 709 -125.74 -59.14 111.19
C HIS I 709 -126.62 -59.68 110.08
N TYR I 710 -126.77 -58.95 108.99
CA TYR I 710 -127.45 -59.49 107.80
C TYR I 710 -126.86 -60.81 107.37
N MET I 711 -125.54 -60.93 107.39
CA MET I 711 -124.85 -62.14 106.95
C MET I 711 -125.04 -63.29 107.92
N ARG I 712 -125.07 -63.01 109.21
CA ARG I 712 -125.39 -63.99 110.23
C ARG I 712 -126.83 -64.48 110.01
N ARG I 713 -127.77 -63.55 109.96
CA ARG I 713 -129.18 -63.76 109.64
C ARG I 713 -129.33 -64.62 108.39
N PHE I 714 -128.65 -64.26 107.34
CA PHE I 714 -128.80 -64.93 106.06
C PHE I 714 -128.08 -66.27 106.04
N ALA I 715 -126.92 -66.40 106.68
CA ALA I 715 -126.21 -67.67 106.75
C ALA I 715 -127.07 -68.72 107.45
N LYS I 716 -127.89 -68.26 108.39
CA LYS I 716 -128.94 -69.06 108.96
C LYS I 716 -129.95 -69.40 107.90
N THR I 717 -130.54 -68.43 107.21
CA THR I 717 -131.46 -68.70 106.10
C THR I 717 -130.95 -69.81 105.21
N ILE I 718 -129.73 -69.64 104.74
CA ILE I 718 -129.03 -70.54 103.87
C ILE I 718 -128.93 -71.90 104.53
N SER I 719 -128.39 -71.96 105.74
CA SER I 719 -128.28 -73.19 106.46
C SER I 719 -129.61 -73.91 106.55
N ASN I 720 -130.64 -73.18 106.94
CA ASN I 720 -131.96 -73.72 107.12
C ASN I 720 -132.53 -74.27 105.83
N VAL I 721 -132.58 -73.43 104.81
CA VAL I 721 -133.02 -73.78 103.46
C VAL I 721 -132.28 -75.01 102.97
N LEU I 722 -130.96 -75.03 103.08
CA LEU I 722 -130.15 -76.07 102.48
C LEU I 722 -130.23 -77.37 103.25
N LEU I 723 -130.28 -77.30 104.57
CA LEU I 723 -130.46 -78.51 105.33
C LEU I 723 -131.85 -79.06 105.10
N GLN I 724 -132.83 -78.19 104.99
CA GLN I 724 -134.19 -78.56 104.63
C GLN I 724 -134.25 -79.21 103.26
N TYR I 725 -133.52 -78.70 102.27
CA TYR I 725 -133.35 -79.41 101.01
C TYR I 725 -132.73 -80.79 101.26
N ALA I 726 -131.55 -80.82 101.87
CA ALA I 726 -130.72 -82.00 102.01
C ALA I 726 -131.48 -83.08 102.76
N ASP I 727 -132.26 -82.65 103.72
CA ASP I 727 -133.20 -83.45 104.45
C ASP I 727 -134.31 -83.96 103.54
N ILE I 728 -135.04 -83.09 102.86
CA ILE I 728 -136.14 -83.51 101.97
C ILE I 728 -135.64 -84.53 100.95
N VAL I 729 -134.42 -84.34 100.46
CA VAL I 729 -133.71 -85.34 99.71
C VAL I 729 -133.46 -86.61 100.52
N SER I 730 -132.74 -86.52 101.64
CA SER I 730 -132.32 -87.67 102.43
C SER I 730 -133.50 -88.56 102.82
N LYS I 731 -134.64 -87.93 103.06
CA LYS I 731 -135.92 -88.57 103.34
C LYS I 731 -136.35 -89.43 102.17
N ASP I 732 -136.50 -88.81 101.01
CA ASP I 732 -136.95 -89.51 99.81
C ASP I 732 -135.92 -90.53 99.31
N PHE I 733 -134.66 -90.32 99.65
CA PHE I 733 -133.52 -91.01 99.09
C PHE I 733 -133.64 -92.54 99.08
N ALA I 734 -133.96 -93.12 100.23
CA ALA I 734 -134.10 -94.57 100.36
C ALA I 734 -135.22 -95.13 99.46
N SER I 735 -136.34 -94.41 99.33
CA SER I 735 -137.43 -94.81 98.43
C SER I 735 -136.95 -94.87 96.98
N TYR I 736 -136.00 -94.03 96.63
CA TYR I 736 -135.38 -94.03 95.33
C TYR I 736 -134.27 -95.04 95.17
N CYS I 737 -133.68 -95.53 96.27
CA CYS I 737 -132.58 -96.49 96.26
C CYS I 737 -132.92 -97.86 95.69
N SER I 738 -134.19 -98.15 95.43
CA SER I 738 -134.56 -99.38 94.77
C SER I 738 -133.86 -99.52 93.40
N LYS I 739 -133.50 -100.75 93.03
CA LYS I 739 -132.50 -101.13 92.01
C LYS I 739 -132.83 -100.83 90.54
N GLU I 740 -133.73 -99.89 90.27
CA GLU I 740 -134.33 -99.61 88.97
C GLU I 740 -134.50 -98.10 88.76
N LYS I 741 -134.88 -97.38 89.81
CA LYS I 741 -134.82 -95.92 89.83
C LYS I 741 -133.40 -95.41 90.07
N GLU I 742 -132.37 -96.24 89.96
CA GLU I 742 -130.97 -95.96 90.32
C GLU I 742 -130.45 -94.61 89.83
N LYS I 743 -130.90 -94.16 88.66
CA LYS I 743 -130.62 -92.79 88.19
C LYS I 743 -130.94 -91.73 89.23
N VAL I 744 -132.11 -91.83 89.85
CA VAL I 744 -132.59 -90.85 90.81
C VAL I 744 -131.69 -90.72 92.05
N PRO I 745 -131.33 -91.78 92.81
CA PRO I 745 -130.38 -91.62 93.90
C PRO I 745 -129.03 -91.04 93.48
N CYS I 746 -128.52 -91.40 92.29
CA CYS I 746 -127.33 -90.76 91.74
C CYS I 746 -127.56 -89.24 91.67
N ILE I 747 -128.63 -88.83 90.99
CA ILE I 747 -129.00 -87.44 90.76
C ILE I 747 -129.18 -86.70 92.08
N LEU I 748 -129.86 -87.29 93.06
CA LEU I 748 -130.03 -86.72 94.38
C LEU I 748 -128.69 -86.53 95.11
N MET I 749 -127.79 -87.52 95.06
CA MET I 749 -126.44 -87.33 95.60
C MET I 749 -125.68 -86.25 94.83
N ASN I 750 -125.86 -86.15 93.51
CA ASN I 750 -125.32 -85.08 92.72
C ASN I 750 -125.95 -83.74 93.09
N ASN I 751 -127.23 -83.69 93.44
CA ASN I 751 -127.86 -82.48 93.90
C ASN I 751 -127.15 -82.00 95.13
N THR I 752 -127.01 -82.92 96.08
CA THR I 752 -126.41 -82.69 97.40
C THR I 752 -125.00 -82.14 97.22
N GLN I 753 -124.20 -82.85 96.44
CA GLN I 753 -122.87 -82.41 96.12
C GLN I 753 -122.88 -81.08 95.36
N GLN I 754 -123.83 -80.89 94.45
CA GLN I 754 -123.99 -79.64 93.75
C GLN I 754 -124.38 -78.51 94.70
N LEU I 755 -125.17 -78.77 95.73
CA LEU I 755 -125.42 -77.81 96.80
C LEU I 755 -124.08 -77.41 97.36
N ARG I 756 -123.28 -78.37 97.85
CA ARG I 756 -122.00 -78.08 98.48
C ARG I 756 -121.17 -77.19 97.55
N VAL I 757 -121.06 -77.61 96.30
CA VAL I 757 -120.32 -76.91 95.27
C VAL I 757 -120.81 -75.48 95.13
N GLN I 758 -122.10 -75.26 94.89
CA GLN I 758 -122.61 -73.91 94.76
C GLN I 758 -122.60 -73.14 96.07
N LEU I 759 -122.69 -73.83 97.20
CA LEU I 759 -122.61 -73.23 98.51
C LEU I 759 -121.23 -72.63 98.66
N GLU I 760 -120.16 -73.36 98.31
CA GLU I 760 -118.82 -72.80 98.31
C GLU I 760 -118.80 -71.49 97.49
N LYS I 761 -119.41 -71.51 96.30
CA LYS I 761 -119.52 -70.32 95.43
C LYS I 761 -120.28 -69.19 96.12
N MET I 762 -121.46 -69.46 96.68
CA MET I 762 -122.26 -68.45 97.34
C MET I 762 -121.55 -67.89 98.57
N PHE I 763 -120.87 -68.75 99.32
CA PHE I 763 -120.04 -68.36 100.45
C PHE I 763 -118.96 -67.39 99.95
N GLU I 764 -118.27 -67.71 98.85
CA GLU I 764 -117.39 -66.74 98.24
C GLU I 764 -118.13 -65.47 97.82
N ALA I 765 -119.33 -65.58 97.24
CA ALA I 765 -120.11 -64.45 96.79
C ALA I 765 -120.47 -63.52 97.95
N MET I 766 -120.76 -64.08 99.12
CA MET I 766 -120.94 -63.39 100.40
C MET I 766 -119.64 -62.82 100.95
N GLY I 767 -118.55 -62.85 100.19
CA GLY I 767 -117.26 -62.37 100.61
C GLY I 767 -116.50 -63.44 101.38
N GLY I 768 -116.63 -64.70 100.97
CA GLY I 768 -115.73 -65.80 101.29
C GLY I 768 -115.07 -65.76 102.66
N LYS I 769 -113.74 -65.76 102.69
CA LYS I 769 -112.96 -65.78 103.94
C LYS I 769 -112.95 -64.42 104.65
N GLU I 770 -113.39 -63.39 103.94
CA GLU I 770 -113.63 -62.05 104.47
C GLU I 770 -114.93 -61.99 105.30
N LEU I 771 -115.81 -62.99 105.14
CA LEU I 771 -117.13 -63.06 105.76
C LEU I 771 -117.08 -62.97 107.30
N ASP I 772 -118.14 -62.42 107.89
CA ASP I 772 -118.38 -62.48 109.32
C ASP I 772 -118.14 -63.89 109.86
N ALA I 773 -117.36 -63.97 110.93
CA ALA I 773 -116.89 -65.25 111.43
C ALA I 773 -118.02 -66.20 111.86
N GLU I 774 -119.22 -65.71 112.16
CA GLU I 774 -120.34 -66.53 112.66
C GLU I 774 -121.30 -66.91 111.55
N ALA I 775 -121.53 -66.01 110.59
CA ALA I 775 -122.06 -66.40 109.30
C ALA I 775 -121.17 -67.49 108.70
N SER I 776 -119.85 -67.27 108.70
CA SER I 776 -118.87 -68.24 108.25
C SER I 776 -118.96 -69.53 109.08
N GLY I 777 -118.94 -69.45 110.41
CA GLY I 777 -119.16 -70.60 111.29
C GLY I 777 -120.38 -71.41 110.88
N THR I 778 -121.49 -70.72 110.62
CA THR I 778 -122.74 -71.32 110.17
C THR I 778 -122.57 -72.05 108.86
N LEU I 779 -122.01 -71.39 107.86
CA LEU I 779 -121.85 -72.01 106.57
C LEU I 779 -120.81 -73.16 106.59
N LYS I 780 -119.82 -73.12 107.48
CA LYS I 780 -118.87 -74.22 107.67
C LYS I 780 -119.55 -75.43 108.32
N GLU I 781 -120.29 -75.18 109.38
CA GLU I 781 -121.18 -76.17 110.01
C GLU I 781 -122.09 -76.81 108.97
N LEU I 782 -122.71 -75.98 108.15
CA LEU I 782 -123.64 -76.39 107.14
C LEU I 782 -122.96 -77.34 106.17
N GLN I 783 -121.82 -76.92 105.62
CA GLN I 783 -121.04 -77.73 104.69
C GLN I 783 -120.63 -79.07 105.30
N VAL I 784 -120.20 -79.10 106.57
CA VAL I 784 -119.87 -80.36 107.27
C VAL I 784 -121.08 -81.28 107.33
N LYS I 785 -122.24 -80.76 107.71
CA LYS I 785 -123.47 -81.55 107.75
C LYS I 785 -123.85 -82.07 106.39
N LEU I 786 -123.81 -81.23 105.36
CA LEU I 786 -124.06 -81.64 103.98
C LEU I 786 -123.09 -82.75 103.55
N ASN I 787 -121.83 -82.68 103.95
CA ASN I 787 -120.89 -83.77 103.71
C ASN I 787 -121.35 -85.07 104.38
N ASN I 788 -121.71 -84.99 105.66
CA ASN I 788 -122.07 -86.17 106.41
C ASN I 788 -123.37 -86.78 105.86
N VAL I 789 -124.34 -85.93 105.48
CA VAL I 789 -125.52 -86.35 104.72
C VAL I 789 -125.08 -87.18 103.52
N LEU I 790 -124.16 -86.66 102.70
CA LEU I 790 -123.75 -87.33 101.46
C LEU I 790 -123.09 -88.69 101.71
N ASP I 791 -122.34 -88.85 102.80
CA ASP I 791 -121.86 -90.16 103.20
C ASP I 791 -123.02 -91.11 103.45
N GLU I 792 -124.01 -90.69 104.22
CA GLU I 792 -125.11 -91.57 104.58
C GLU I 792 -125.96 -91.92 103.36
N LEU I 793 -126.18 -90.98 102.45
CA LEU I 793 -126.82 -91.29 101.18
C LEU I 793 -126.00 -92.31 100.39
N SER I 794 -124.69 -92.13 100.25
CA SER I 794 -123.84 -93.10 99.53
C SER I 794 -123.95 -94.50 100.12
N HIS I 795 -124.03 -94.57 101.44
CA HIS I 795 -124.16 -95.80 102.18
C HIS I 795 -125.52 -96.43 101.93
N VAL I 796 -126.60 -95.68 102.21
CA VAL I 796 -127.98 -96.10 101.99
C VAL I 796 -128.15 -96.60 100.57
N PHE I 797 -127.55 -95.89 99.61
CA PHE I 797 -127.58 -96.29 98.22
C PHE I 797 -126.86 -97.61 97.98
N ALA I 798 -125.58 -97.69 98.31
CA ALA I 798 -124.79 -98.90 98.13
C ALA I 798 -125.43 -100.12 98.80
N THR I 799 -126.07 -99.88 99.93
CA THR I 799 -126.78 -100.88 100.70
C THR I 799 -127.95 -101.50 99.93
N SER I 800 -128.73 -100.76 99.13
CA SER I 800 -129.88 -101.37 98.45
C SER I 800 -129.46 -102.41 97.40
N PHE I 801 -128.22 -102.39 96.95
CA PHE I 801 -127.62 -103.39 96.07
C PHE I 801 -127.07 -104.58 96.82
N GLN I 802 -126.81 -104.44 98.11
CA GLN I 802 -126.25 -105.47 98.95
C GLN I 802 -126.90 -106.85 98.77
N PRO I 803 -128.24 -106.98 98.69
CA PRO I 803 -128.85 -108.29 98.51
C PRO I 803 -128.47 -108.90 97.19
N HIS I 804 -128.46 -108.09 96.14
CA HIS I 804 -128.06 -108.52 94.82
C HIS I 804 -126.59 -108.90 94.79
N ILE I 805 -125.76 -108.13 95.48
CA ILE I 805 -124.33 -108.38 95.61
C ILE I 805 -124.13 -109.71 96.32
N GLU I 806 -124.73 -109.90 97.48
CA GLU I 806 -124.65 -111.13 98.25
C GLU I 806 -125.15 -112.34 97.48
N GLU I 807 -126.24 -112.17 96.77
CA GLU I 807 -126.79 -113.18 95.89
C GLU I 807 -125.77 -113.58 94.82
N CYS I 808 -125.33 -112.61 94.02
CA CYS I 808 -124.34 -112.82 93.00
C CYS I 808 -123.10 -113.48 93.58
N VAL I 809 -122.56 -112.97 94.69
CA VAL I 809 -121.37 -113.50 95.33
C VAL I 809 -121.60 -114.94 95.78
N ARG I 810 -122.77 -115.27 96.31
CA ARG I 810 -123.08 -116.65 96.64
C ARG I 810 -123.06 -117.50 95.37
N GLN I 811 -123.62 -117.05 94.26
CA GLN I 811 -123.51 -117.78 93.00
C GLN I 811 -122.07 -117.92 92.56
N MET I 812 -121.27 -116.87 92.69
CA MET I 812 -119.86 -116.95 92.35
C MET I 812 -119.17 -117.99 93.23
N GLY I 813 -119.52 -118.05 94.51
CA GLY I 813 -119.07 -119.07 95.44
C GLY I 813 -119.50 -120.47 95.02
N ASP I 814 -120.76 -120.61 94.59
CA ASP I 814 -121.27 -121.84 94.01
C ASP I 814 -120.46 -122.25 92.78
N ILE I 815 -120.22 -121.31 91.86
CA ILE I 815 -119.44 -121.56 90.66
C ILE I 815 -117.99 -121.92 91.02
N LEU I 816 -117.40 -121.26 92.01
CA LEU I 816 -116.04 -121.57 92.45
C LEU I 816 -115.97 -122.97 93.03
N SER I 817 -116.98 -123.46 93.74
CA SER I 817 -116.94 -124.79 94.35
C SER I 817 -116.81 -125.94 93.33
N GLN I 818 -117.00 -125.66 92.05
CA GLN I 818 -116.76 -126.61 90.95
C GLN I 818 -115.26 -126.70 90.63
N VAL I 819 -114.54 -125.58 90.77
CA VAL I 819 -113.08 -125.53 90.85
C VAL I 819 -112.65 -126.12 92.18
N LYS I 820 -111.61 -126.96 92.19
CA LYS I 820 -110.96 -127.39 93.42
C LYS I 820 -109.45 -127.23 93.29
N GLY I 821 -108.64 -127.94 94.05
CA GLY I 821 -107.18 -127.81 93.95
C GLY I 821 -106.64 -128.50 92.71
N THR I 822 -106.73 -127.86 91.54
CA THR I 822 -106.75 -128.61 90.27
C THR I 822 -105.41 -129.05 89.71
N GLY I 823 -104.33 -128.97 90.48
CA GLY I 823 -103.22 -129.90 90.29
C GLY I 823 -103.59 -131.35 90.65
N ASN I 824 -104.66 -131.54 91.44
CA ASN I 824 -105.25 -132.81 91.86
C ASN I 824 -106.67 -133.04 91.24
N VAL I 825 -107.02 -132.42 90.08
CA VAL I 825 -108.38 -132.51 89.44
C VAL I 825 -108.31 -132.42 87.89
N PRO I 826 -109.24 -133.04 87.12
CA PRO I 826 -109.32 -132.97 85.65
C PRO I 826 -109.49 -131.58 85.02
N ALA I 827 -109.18 -131.49 83.72
CA ALA I 827 -109.07 -130.28 82.89
C ALA I 827 -110.34 -129.41 82.72
N SER I 828 -111.51 -129.83 83.17
CA SER I 828 -112.71 -128.97 83.24
C SER I 828 -112.73 -128.05 84.46
N ALA I 829 -111.97 -128.41 85.50
CA ALA I 829 -111.72 -127.58 86.67
C ALA I 829 -110.23 -127.23 86.80
N CYS I 830 -109.30 -127.99 86.21
CA CYS I 830 -108.00 -127.47 85.75
C CYS I 830 -108.14 -126.71 84.41
N SER I 831 -109.39 -126.37 84.06
CA SER I 831 -109.78 -125.23 83.23
C SER I 831 -108.93 -124.03 83.63
N SER I 832 -108.53 -123.19 82.67
CA SER I 832 -107.52 -122.17 82.98
C SER I 832 -107.99 -121.28 84.12
N VAL I 833 -107.01 -120.73 84.82
CA VAL I 833 -107.26 -119.80 85.92
C VAL I 833 -108.20 -118.67 85.49
N ALA I 834 -108.07 -118.21 84.24
CA ALA I 834 -108.94 -117.23 83.61
C ALA I 834 -110.37 -117.73 83.34
N GLN I 835 -110.54 -118.89 82.71
CA GLN I 835 -111.89 -119.43 82.44
C GLN I 835 -112.68 -119.66 83.72
N ASP I 836 -112.05 -120.28 84.70
CA ASP I 836 -112.64 -120.42 86.02
C ASP I 836 -112.99 -119.06 86.63
N ALA I 837 -112.06 -118.10 86.61
CA ALA I 837 -112.33 -116.76 87.15
C ALA I 837 -113.51 -116.13 86.43
N ASP I 838 -113.59 -116.22 85.10
CA ASP I 838 -114.69 -115.69 84.32
C ASP I 838 -116.02 -116.34 84.69
N ASN I 839 -116.06 -117.67 84.74
CA ASN I 839 -117.25 -118.42 85.12
C ASN I 839 -117.73 -117.93 86.48
N VAL I 840 -116.80 -117.97 87.43
CA VAL I 840 -116.99 -117.51 88.79
C VAL I 840 -117.52 -116.10 88.79
N LEU I 841 -116.82 -115.17 88.14
CA LEU I 841 -117.07 -113.73 88.09
C LEU I 841 -118.41 -113.39 87.47
N GLN I 842 -118.96 -114.28 86.65
CA GLN I 842 -119.95 -113.79 85.72
C GLN I 842 -121.18 -113.18 86.38
N PRO I 843 -121.77 -113.78 87.44
CA PRO I 843 -122.91 -113.21 88.13
C PRO I 843 -122.72 -111.76 88.56
N ILE I 844 -121.51 -111.37 88.96
CA ILE I 844 -121.25 -109.99 89.38
C ILE I 844 -120.84 -109.10 88.21
N MET I 845 -120.09 -109.58 87.23
CA MET I 845 -119.57 -108.71 86.17
C MET I 845 -120.69 -108.09 85.37
N ASP I 846 -121.76 -108.85 85.19
CA ASP I 846 -123.00 -108.38 84.56
C ASP I 846 -123.57 -107.17 85.31
N LEU I 847 -123.81 -107.36 86.61
CA LEU I 847 -124.31 -106.34 87.51
C LEU I 847 -123.36 -105.14 87.47
N LEU I 848 -122.07 -105.39 87.69
CA LEU I 848 -121.05 -104.37 87.79
C LEU I 848 -121.00 -103.53 86.56
N ASP I 849 -120.80 -104.14 85.40
CA ASP I 849 -120.38 -103.39 84.25
C ASP I 849 -121.45 -102.36 83.90
N SER I 850 -122.67 -102.86 83.80
CA SER I 850 -123.84 -102.06 83.57
C SER I 850 -123.94 -100.93 84.59
N ASN I 851 -123.95 -101.29 85.86
CA ASN I 851 -124.20 -100.30 86.89
C ASN I 851 -123.05 -99.32 87.03
N LEU I 852 -121.80 -99.77 87.10
CA LEU I 852 -120.67 -98.88 87.21
C LEU I 852 -120.59 -97.99 85.99
N THR I 853 -120.89 -98.48 84.81
CA THR I 853 -120.91 -97.61 83.64
C THR I 853 -122.01 -96.57 83.75
N LEU I 854 -123.22 -97.00 84.09
CA LEU I 854 -124.34 -96.10 84.31
C LEU I 854 -123.97 -95.04 85.35
N PHE I 855 -123.45 -95.46 86.49
CA PHE I 855 -123.06 -94.58 87.59
C PHE I 855 -121.90 -93.69 87.20
N ALA I 856 -120.91 -94.20 86.47
CA ALA I 856 -119.82 -93.38 85.97
C ALA I 856 -120.32 -92.30 85.01
N LYS I 857 -121.31 -92.62 84.18
CA LYS I 857 -121.98 -91.63 83.34
C LYS I 857 -122.72 -90.59 84.20
N ILE I 858 -123.49 -91.02 85.21
CA ILE I 858 -124.50 -90.19 85.86
C ILE I 858 -124.21 -89.70 87.29
N CYS I 859 -123.14 -90.12 87.95
CA CYS I 859 -122.72 -89.64 89.28
C CYS I 859 -121.57 -88.66 89.20
N GLU I 860 -121.65 -87.60 89.99
CA GLU I 860 -120.53 -86.69 90.22
C GLU I 860 -119.40 -87.43 90.97
N LYS I 861 -118.14 -87.05 90.76
CA LYS I 861 -117.03 -87.95 91.12
C LYS I 861 -116.94 -88.16 92.64
N THR I 862 -117.14 -87.10 93.42
CA THR I 862 -117.39 -87.12 94.87
C THR I 862 -118.43 -88.15 95.26
N VAL I 863 -119.59 -88.07 94.61
CA VAL I 863 -120.73 -88.97 94.82
C VAL I 863 -120.31 -90.40 94.54
N LEU I 864 -119.80 -90.61 93.34
CA LEU I 864 -119.40 -91.89 92.81
C LEU I 864 -118.38 -92.55 93.72
N LYS I 865 -117.37 -91.80 94.17
CA LYS I 865 -116.29 -92.38 94.96
C LYS I 865 -116.85 -92.93 96.24
N ARG I 866 -117.72 -92.17 96.89
CA ARG I 866 -118.39 -92.59 98.13
C ARG I 866 -119.22 -93.83 97.87
N VAL I 867 -120.04 -93.79 96.82
CA VAL I 867 -120.86 -94.93 96.40
C VAL I 867 -119.97 -96.15 96.21
N LEU I 868 -118.89 -96.00 95.46
CA LEU I 868 -117.98 -97.07 95.15
C LEU I 868 -117.26 -97.57 96.37
N LYS I 869 -116.83 -96.72 97.30
CA LYS I 869 -116.17 -97.18 98.51
C LYS I 869 -117.10 -98.08 99.31
N GLU I 870 -118.31 -97.60 99.47
CA GLU I 870 -119.36 -98.32 100.17
C GLU I 870 -119.62 -99.67 99.51
N LEU I 871 -119.80 -99.66 98.20
CA LEU I 871 -119.97 -100.86 97.42
C LEU I 871 -118.74 -101.76 97.54
N TRP I 872 -117.54 -101.21 97.45
CA TRP I 872 -116.28 -101.94 97.44
C TRP I 872 -116.10 -102.72 98.72
N LYS I 873 -116.23 -102.02 99.83
CA LYS I 873 -116.25 -102.60 101.15
C LYS I 873 -117.25 -103.73 101.19
N LEU I 874 -118.49 -103.43 100.82
CA LEU I 874 -119.59 -104.38 100.83
C LEU I 874 -119.21 -105.62 100.03
N VAL I 875 -118.73 -105.43 98.81
CA VAL I 875 -118.32 -106.49 97.91
C VAL I 875 -117.22 -107.31 98.55
N MET I 876 -116.09 -106.69 98.87
CA MET I 876 -114.94 -107.33 99.49
C MET I 876 -115.32 -108.20 100.66
N ASN I 877 -116.09 -107.62 101.57
CA ASN I 877 -116.55 -108.30 102.75
C ASN I 877 -117.44 -109.48 102.37
N THR I 878 -118.34 -109.26 101.41
CA THR I 878 -119.23 -110.29 100.91
C THR I 878 -118.44 -111.45 100.36
N MET I 879 -117.44 -111.21 99.54
CA MET I 879 -116.61 -112.29 99.00
C MET I 879 -115.83 -112.97 100.11
N GLU I 880 -115.25 -112.19 101.00
CA GLU I 880 -114.45 -112.75 102.05
C GLU I 880 -115.24 -113.72 102.89
N ARG I 881 -116.44 -113.32 103.27
CA ARG I 881 -117.42 -114.15 103.93
C ARG I 881 -117.86 -115.28 103.02
N THR I 882 -118.65 -114.94 102.02
CA THR I 882 -119.40 -115.86 101.15
C THR I 882 -118.53 -116.75 100.28
N ILE I 883 -117.23 -116.48 100.16
CA ILE I 883 -116.36 -117.25 99.26
C ILE I 883 -115.07 -117.68 99.94
N VAL I 884 -114.39 -116.82 100.71
CA VAL I 884 -113.07 -117.21 101.24
C VAL I 884 -113.15 -117.82 102.61
N LEU I 885 -114.13 -117.45 103.39
CA LEU I 885 -114.50 -118.17 104.59
C LEU I 885 -115.91 -118.72 104.35
N PRO I 886 -116.10 -119.45 103.23
CA PRO I 886 -117.37 -119.57 102.58
C PRO I 886 -118.35 -120.42 103.37
N PRO I 887 -119.65 -120.31 103.05
CA PRO I 887 -120.61 -121.36 103.35
C PRO I 887 -120.17 -122.68 102.70
N GLU I 888 -119.66 -122.68 101.46
CA GLU I 888 -119.01 -123.84 100.80
C GLU I 888 -117.64 -124.27 101.39
N PHE I 889 -117.44 -124.09 102.71
CA PHE I 889 -116.44 -124.84 103.47
C PHE I 889 -116.85 -125.04 104.94
N LEU I 890 -116.86 -124.00 105.79
CA LEU I 890 -116.92 -124.24 107.25
C LEU I 890 -118.28 -124.73 107.72
N SER I 891 -119.36 -124.29 107.06
CA SER I 891 -120.71 -124.81 107.31
C SER I 891 -120.88 -126.30 106.99
N LYS I 892 -119.87 -126.93 106.34
CA LYS I 892 -119.74 -128.39 106.27
C LYS I 892 -118.87 -128.95 107.38
N LEU I 893 -117.63 -128.48 107.52
CA LEU I 893 -116.66 -129.05 108.47
C LEU I 893 -117.13 -128.99 109.93
N LYS I 894 -117.71 -127.87 110.37
CA LYS I 894 -118.24 -127.73 111.74
C LYS I 894 -119.66 -128.30 111.91
N ASP I 895 -120.20 -128.94 110.89
CA ASP I 895 -121.52 -129.57 110.85
C ASP I 895 -121.41 -131.10 110.77
N HIS I 896 -122.55 -131.80 110.74
CA HIS I 896 -122.64 -133.24 110.48
C HIS I 896 -122.22 -133.63 109.05
N MET I 897 -122.12 -132.64 108.17
CA MET I 897 -121.57 -132.73 106.81
C MET I 897 -120.05 -133.03 106.84
N VAL I 898 -119.43 -133.01 105.66
CA VAL I 898 -118.05 -133.43 105.45
C VAL I 898 -117.04 -132.60 106.26
N ARG I 899 -116.08 -133.28 106.90
CA ARG I 899 -114.81 -132.76 107.46
C ARG I 899 -113.95 -132.18 106.32
N GLU I 900 -114.41 -131.05 105.81
CA GLU I 900 -114.10 -130.67 104.43
C GLU I 900 -112.63 -130.51 104.15
N GLU I 901 -112.35 -130.70 102.87
CA GLU I 901 -111.22 -130.10 102.22
C GLU I 901 -111.62 -128.93 101.32
N ALA I 902 -112.91 -128.74 101.03
CA ALA I 902 -113.45 -128.10 99.83
C ALA I 902 -112.76 -128.63 98.55
N LYS I 903 -112.43 -129.92 98.62
CA LYS I 903 -111.49 -130.67 97.77
C LYS I 903 -110.19 -129.89 97.47
N SER I 904 -109.61 -129.41 98.56
CA SER I 904 -108.34 -128.69 98.72
C SER I 904 -108.34 -127.31 98.09
N LEU I 905 -108.42 -126.24 98.92
CA LEU I 905 -108.21 -124.84 98.52
C LEU I 905 -106.72 -124.55 98.29
N THR I 906 -106.17 -125.28 97.32
CA THR I 906 -104.78 -125.15 96.89
C THR I 906 -104.56 -123.82 96.16
N PRO I 907 -103.30 -123.54 95.80
CA PRO I 907 -102.92 -122.73 94.65
C PRO I 907 -104.00 -122.40 93.62
N LYS I 908 -104.75 -123.38 93.09
CA LYS I 908 -105.71 -123.07 92.02
C LYS I 908 -106.83 -122.14 92.41
N GLN I 909 -107.58 -122.42 93.48
CA GLN I 909 -108.63 -121.51 93.95
C GLN I 909 -108.03 -120.32 94.72
N CYS I 910 -106.72 -120.31 95.01
CA CYS I 910 -106.06 -119.09 95.47
C CYS I 910 -105.84 -118.14 94.29
N ALA I 911 -105.24 -118.64 93.21
CA ALA I 911 -105.51 -118.14 91.87
C ALA I 911 -107.01 -118.29 91.57
N VAL I 912 -107.49 -117.92 90.38
CA VAL I 912 -108.92 -117.79 90.08
C VAL I 912 -109.51 -116.64 90.86
N VAL I 913 -109.57 -116.75 92.19
CA VAL I 913 -109.97 -115.70 93.12
C VAL I 913 -109.03 -114.52 93.02
N GLU I 914 -107.71 -114.70 93.11
CA GLU I 914 -106.80 -113.56 93.01
C GLU I 914 -106.95 -112.83 91.67
N LEU I 915 -107.18 -113.57 90.59
CA LEU I 915 -107.47 -113.00 89.29
C LEU I 915 -108.84 -112.31 89.24
N ALA I 916 -109.85 -112.93 89.83
CA ALA I 916 -111.18 -112.38 89.91
C ALA I 916 -111.16 -111.08 90.71
N LEU I 917 -110.50 -111.09 91.86
CA LEU I 917 -110.21 -109.91 92.68
C LEU I 917 -109.53 -108.87 91.83
N ASP I 918 -108.51 -109.23 91.06
CA ASP I 918 -107.85 -108.25 90.23
C ASP I 918 -108.81 -107.68 89.19
N THR I 919 -109.59 -108.54 88.54
CA THR I 919 -110.58 -108.14 87.55
C THR I 919 -111.56 -107.15 88.14
N ILE I 920 -112.08 -107.49 89.31
CA ILE I 920 -112.96 -106.65 90.10
C ILE I 920 -112.25 -105.35 90.47
N LYS I 921 -111.00 -105.41 90.90
CA LYS I 921 -110.20 -104.25 91.29
C LYS I 921 -109.99 -103.34 90.10
N GLN I 922 -109.77 -103.88 88.91
CA GLN I 922 -109.73 -103.11 87.68
C GLN I 922 -111.09 -102.49 87.38
N TYR I 923 -112.15 -103.24 87.64
CA TYR I 923 -113.52 -102.79 87.47
C TYR I 923 -113.88 -101.62 88.39
N PHE I 924 -113.68 -101.78 89.69
CA PHE I 924 -113.85 -100.74 90.70
C PHE I 924 -112.91 -99.58 90.46
N HIS I 925 -111.70 -99.85 89.98
CA HIS I 925 -110.78 -98.80 89.63
C HIS I 925 -111.27 -98.03 88.41
N ALA I 926 -111.83 -98.73 87.44
CA ALA I 926 -112.30 -98.21 86.16
C ALA I 926 -111.28 -97.22 85.57
N GLY I 927 -110.00 -97.59 85.54
CA GLY I 927 -108.94 -96.72 85.03
C GLY I 927 -108.74 -95.40 85.79
N GLY I 928 -109.12 -95.33 87.06
CA GLY I 928 -109.08 -94.11 87.89
C GLY I 928 -110.37 -93.31 87.89
N VAL I 929 -111.33 -93.63 87.01
CA VAL I 929 -112.68 -93.06 87.05
C VAL I 929 -113.41 -93.50 88.32
N GLY I 930 -113.16 -94.74 88.73
CA GLY I 930 -113.65 -95.30 89.97
C GLY I 930 -112.72 -95.00 91.14
N LEU I 931 -112.38 -96.02 91.93
CA LEU I 931 -111.53 -95.88 93.10
C LEU I 931 -110.02 -95.91 92.76
N LYS I 932 -109.21 -95.33 93.64
CA LYS I 932 -107.75 -95.29 93.51
C LYS I 932 -107.19 -96.69 93.70
N LYS I 933 -106.25 -97.13 92.86
CA LYS I 933 -105.53 -98.39 93.09
C LYS I 933 -104.85 -98.43 94.45
N THR I 934 -104.45 -97.30 95.01
CA THR I 934 -103.94 -97.17 96.39
C THR I 934 -104.96 -97.62 97.42
N PHE I 935 -106.14 -97.00 97.45
CA PHE I 935 -107.24 -97.38 98.35
C PHE I 935 -107.60 -98.86 98.21
N LEU I 936 -107.63 -99.37 96.97
CA LEU I 936 -107.99 -100.75 96.71
C LEU I 936 -106.88 -101.68 97.20
N GLU I 937 -105.62 -101.43 96.86
CA GLU I 937 -104.49 -102.24 97.33
C GLU I 937 -104.39 -102.21 98.85
N LYS I 938 -104.52 -101.02 99.43
CA LYS I 938 -104.52 -100.80 100.87
C LYS I 938 -105.93 -100.90 101.45
N SER I 939 -106.83 -101.62 100.78
CA SER I 939 -108.15 -101.89 101.33
C SER I 939 -107.99 -102.97 102.40
N PRO I 940 -108.38 -102.71 103.65
CA PRO I 940 -108.38 -103.74 104.67
C PRO I 940 -109.33 -104.87 104.27
N ASP I 941 -110.40 -104.53 103.58
CA ASP I 941 -111.37 -105.45 103.04
C ASP I 941 -110.66 -106.45 102.09
N LEU I 942 -109.80 -105.94 101.22
CA LEU I 942 -108.94 -106.76 100.37
C LEU I 942 -107.83 -107.46 101.15
N GLN I 943 -107.16 -106.77 102.05
CA GLN I 943 -105.98 -107.28 102.75
C GLN I 943 -106.36 -108.39 103.70
N SER I 944 -107.50 -108.25 104.36
CA SER I 944 -108.11 -109.33 105.10
C SER I 944 -108.43 -110.48 104.16
N LEU I 945 -109.06 -110.19 103.03
CA LEU I 945 -109.43 -111.21 102.06
C LEU I 945 -108.22 -112.02 101.61
N ARG I 946 -107.14 -111.33 101.23
CA ARG I 946 -105.81 -111.88 100.98
C ARG I 946 -105.27 -112.65 102.16
N TYR I 947 -105.44 -112.14 103.37
CA TYR I 947 -104.93 -112.82 104.53
C TYR I 947 -105.65 -114.16 104.76
N ALA I 948 -106.99 -114.19 104.68
CA ALA I 948 -107.73 -115.43 104.80
C ALA I 948 -107.29 -116.42 103.72
N LEU I 949 -107.09 -115.94 102.49
CA LEU I 949 -106.53 -116.74 101.41
C LEU I 949 -105.17 -117.34 101.80
N SER I 950 -104.32 -116.58 102.49
CA SER I 950 -103.03 -117.11 102.92
C SER I 950 -103.15 -118.26 103.92
N LEU I 951 -104.16 -118.27 104.82
CA LEU I 951 -104.33 -119.37 105.78
C LEU I 951 -104.38 -120.70 105.04
N TYR I 952 -105.14 -120.74 103.95
CA TYR I 952 -105.44 -121.97 103.23
C TYR I 952 -104.21 -122.72 102.75
N THR I 953 -103.13 -122.02 102.42
CA THR I 953 -101.90 -122.64 101.92
C THR I 953 -100.87 -122.92 103.01
N GLN I 954 -101.09 -122.49 104.25
CA GLN I 954 -100.04 -122.50 105.28
C GLN I 954 -99.57 -123.89 105.71
N ALA I 955 -98.39 -123.91 106.33
CA ALA I 955 -97.78 -125.07 106.94
C ALA I 955 -98.55 -125.56 108.16
N THR I 956 -98.51 -126.86 108.38
CA THR I 956 -99.20 -127.56 109.47
C THR I 956 -98.86 -127.03 110.85
N ASP I 957 -97.58 -126.84 111.18
CA ASP I 957 -97.20 -126.33 112.50
C ASP I 957 -97.64 -124.89 112.72
N LEU I 958 -97.56 -124.05 111.69
CA LEU I 958 -98.01 -122.66 111.77
C LEU I 958 -99.52 -122.59 112.03
N LEU I 959 -100.27 -123.44 111.34
CA LEU I 959 -101.69 -123.64 111.58
C LEU I 959 -101.94 -124.15 113.01
N ILE I 960 -101.26 -125.19 113.46
CA ILE I 960 -101.39 -125.74 114.82
C ILE I 960 -101.05 -124.69 115.89
N LYS I 961 -99.99 -123.90 115.68
CA LYS I 961 -99.63 -122.78 116.55
C LYS I 961 -100.76 -121.77 116.63
N THR I 962 -101.29 -121.39 115.46
CA THR I 962 -102.44 -120.50 115.36
C THR I 962 -103.62 -121.07 116.13
N PHE I 963 -103.87 -122.37 116.03
CA PHE I 963 -104.89 -123.04 116.84
C PHE I 963 -104.62 -122.88 118.33
N VAL I 964 -103.49 -123.34 118.88
CA VAL I 964 -103.28 -123.29 120.34
C VAL I 964 -103.33 -121.86 120.87
N GLN I 965 -102.74 -120.90 120.14
CA GLN I 965 -102.77 -119.50 120.52
C GLN I 965 -104.19 -118.92 120.50
N THR I 966 -105.02 -119.30 119.54
CA THR I 966 -106.40 -118.80 119.42
C THR I 966 -107.35 -119.55 120.35
N GLN I 967 -107.16 -120.85 120.57
CA GLN I 967 -107.96 -121.69 121.46
C GLN I 967 -107.57 -121.52 122.93
N SER I 968 -107.21 -120.30 123.35
CA SER I 968 -106.90 -119.94 124.74
C SER I 968 -108.00 -120.34 125.73
N ALA I 969 -109.26 -120.33 125.28
CA ALA I 969 -110.43 -120.76 126.04
C ALA I 969 -110.50 -122.29 126.33
N GLN I 970 -109.65 -123.12 125.71
CA GLN I 970 -109.52 -124.55 126.05
C GLN I 970 -108.81 -124.73 127.40
N GLY I 971 -109.55 -124.51 128.47
CA GLY I 971 -109.10 -124.65 129.85
C GLY I 971 -110.06 -123.96 130.81
N SER I 972 -110.45 -122.72 130.50
CA SER I 972 -111.50 -121.99 131.23
C SER I 972 -112.90 -122.46 130.80
N GLY I 973 -113.49 -123.32 131.62
CA GLY I 973 -114.83 -123.87 131.41
C GLY I 973 -114.84 -125.17 130.60
N VAL I 974 -115.50 -126.19 131.18
CA VAL I 974 -115.84 -127.48 130.57
C VAL I 974 -117.35 -127.69 130.66
N GLU I 975 -118.00 -128.00 129.55
CA GLU I 975 -119.42 -128.37 129.56
C GLU I 975 -119.61 -129.82 130.06
N ASP I 976 -120.37 -130.01 131.15
CA ASP I 976 -120.64 -131.27 131.87
C ASP I 976 -119.39 -132.13 132.19
N PRO I 977 -118.65 -131.82 133.28
CA PRO I 977 -117.46 -132.60 133.64
C PRO I 977 -117.78 -134.05 134.10
N VAL I 978 -116.94 -135.01 133.67
CA VAL I 978 -117.02 -136.46 133.97
C VAL I 978 -116.12 -136.92 135.13
N GLY I 979 -115.59 -135.96 135.86
CA GLY I 979 -114.55 -136.13 136.87
C GLY I 979 -113.57 -134.98 136.80
N GLU I 980 -112.47 -135.10 137.52
CA GLU I 980 -111.38 -134.14 137.48
C GLU I 980 -110.05 -134.83 137.81
N VAL I 981 -108.93 -134.27 137.32
CA VAL I 981 -107.58 -134.78 137.61
C VAL I 981 -106.77 -133.74 138.35
N SER I 982 -106.24 -134.12 139.51
CA SER I 982 -105.22 -133.35 140.20
C SER I 982 -103.88 -133.70 139.57
N VAL I 983 -103.33 -132.72 138.86
CA VAL I 983 -101.96 -132.74 138.39
C VAL I 983 -101.18 -131.70 139.16
N HIS I 984 -99.95 -132.03 139.54
CA HIS I 984 -98.95 -131.01 139.83
C HIS I 984 -97.96 -130.97 138.69
N VAL I 985 -97.90 -129.85 138.00
CA VAL I 985 -97.11 -129.69 136.78
C VAL I 985 -95.99 -128.70 137.02
N GLU I 986 -94.77 -129.02 136.59
CA GLU I 986 -93.62 -128.13 136.67
C GLU I 986 -93.06 -127.86 135.26
N LEU I 987 -93.13 -126.60 134.82
CA LEU I 987 -92.47 -126.13 133.60
C LEU I 987 -91.00 -125.83 133.92
N PHE I 988 -90.19 -126.87 134.01
CA PHE I 988 -88.75 -126.71 133.98
C PHE I 988 -88.28 -126.35 132.59
N THR I 989 -87.93 -125.06 132.39
CA THR I 989 -86.94 -124.69 131.38
C THR I 989 -85.70 -125.53 131.72
N HIS I 990 -85.46 -126.53 130.89
CA HIS I 990 -84.80 -127.77 131.26
C HIS I 990 -83.31 -127.57 131.59
N PRO I 991 -82.85 -127.91 132.81
CA PRO I 991 -81.49 -127.62 133.23
C PRO I 991 -80.40 -128.40 132.44
N GLY I 992 -80.76 -129.54 131.82
CA GLY I 992 -79.82 -130.30 130.98
C GLY I 992 -79.67 -129.81 129.53
N THR I 993 -80.56 -128.94 129.02
CA THR I 993 -80.59 -128.59 127.58
C THR I 993 -81.07 -127.17 127.23
N GLY I 994 -81.70 -126.42 128.14
CA GLY I 994 -82.30 -125.10 127.86
C GLY I 994 -83.59 -125.14 127.03
N GLU I 995 -84.08 -126.34 126.66
CA GLU I 995 -85.43 -126.54 126.12
C GLU I 995 -86.48 -126.23 127.19
N GLN I 996 -87.77 -126.38 126.89
CA GLN I 996 -88.78 -126.49 127.94
C GLN I 996 -89.25 -127.94 128.08
N LYS I 997 -89.16 -128.44 129.30
CA LYS I 997 -89.73 -129.72 129.72
C LYS I 997 -90.86 -129.48 130.71
N VAL I 998 -91.73 -130.48 130.82
CA VAL I 998 -92.95 -130.38 131.60
C VAL I 998 -93.05 -131.61 132.48
N THR I 999 -92.63 -131.49 133.74
CA THR I 999 -92.78 -132.56 134.71
C THR I 999 -94.23 -132.59 135.16
N VAL I 1000 -95.04 -133.51 134.61
CA VAL I 1000 -96.43 -133.71 135.05
C VAL I 1000 -96.44 -134.81 136.09
N LYS I 1001 -96.52 -134.45 137.38
CA LYS I 1001 -96.84 -135.38 138.46
C LYS I 1001 -98.35 -135.57 138.49
N VAL I 1002 -98.82 -136.70 137.98
CA VAL I 1002 -100.22 -137.09 138.11
C VAL I 1002 -100.45 -137.48 139.56
N VAL I 1003 -101.13 -136.61 140.31
CA VAL I 1003 -101.38 -136.84 141.73
C VAL I 1003 -102.51 -137.85 141.87
N ALA I 1004 -103.69 -137.51 141.35
CA ALA I 1004 -104.90 -138.31 141.50
C ALA I 1004 -105.95 -137.92 140.48
N ALA I 1005 -106.94 -138.78 140.27
CA ALA I 1005 -108.25 -138.36 139.76
C ALA I 1005 -109.31 -138.36 140.88
N ASN I 1006 -110.45 -137.74 140.59
CA ASN I 1006 -111.60 -137.61 141.47
C ASN I 1006 -112.93 -137.55 140.67
N ASP I 1007 -114.05 -137.91 141.31
CA ASP I 1007 -115.40 -137.90 140.74
C ASP I 1007 -115.55 -138.67 139.41
N LEU I 1008 -114.73 -139.70 139.17
CA LEU I 1008 -114.73 -140.45 137.91
C LEU I 1008 -116.09 -141.11 137.66
N LYS I 1009 -116.82 -140.63 136.65
CA LYS I 1009 -118.10 -141.21 136.20
C LYS I 1009 -117.80 -142.46 135.35
N TRP I 1010 -117.42 -143.58 135.96
CA TRP I 1010 -117.03 -144.82 135.26
C TRP I 1010 -117.38 -146.10 136.01
N GLN I 1011 -118.60 -146.24 136.51
CA GLN I 1011 -119.02 -147.41 137.30
C GLN I 1011 -119.21 -148.65 136.40
N THR I 1012 -118.10 -149.23 135.95
CA THR I 1012 -118.04 -150.30 134.94
C THR I 1012 -118.39 -151.69 135.46
N SER I 1013 -118.81 -152.58 134.55
CA SER I 1013 -119.26 -153.96 134.82
C SER I 1013 -118.10 -154.94 135.11
N GLY I 1014 -116.98 -154.81 134.40
CA GLY I 1014 -115.72 -155.45 134.78
C GLY I 1014 -115.11 -154.76 136.02
N ILE I 1015 -114.00 -155.28 136.53
CA ILE I 1015 -113.24 -154.57 137.57
C ILE I 1015 -112.69 -153.28 136.95
N PHE I 1016 -113.00 -152.13 137.56
CA PHE I 1016 -112.43 -150.86 137.15
C PHE I 1016 -110.95 -150.81 137.49
N ARG I 1017 -110.08 -150.39 136.56
CA ARG I 1017 -108.63 -150.32 136.77
C ARG I 1017 -108.06 -149.02 136.19
N PRO I 1018 -108.49 -147.84 136.66
CA PRO I 1018 -108.09 -146.59 136.05
C PRO I 1018 -106.59 -146.34 136.11
N PHE I 1019 -106.09 -145.75 135.03
CA PHE I 1019 -104.79 -145.12 134.88
C PHE I 1019 -105.00 -143.79 134.17
N ILE I 1020 -104.02 -142.89 134.23
CA ILE I 1020 -104.16 -141.58 133.59
C ILE I 1020 -103.14 -141.50 132.47
N GLU I 1021 -103.64 -141.30 131.27
CA GLU I 1021 -102.85 -140.79 130.17
C GLU I 1021 -102.71 -139.27 130.28
N VAL I 1022 -101.54 -138.75 129.90
CA VAL I 1022 -101.36 -137.32 129.67
C VAL I 1022 -100.80 -137.14 128.27
N ASN I 1023 -101.31 -136.15 127.53
CA ASN I 1023 -100.80 -135.76 126.22
C ASN I 1023 -100.29 -134.31 126.24
N ILE I 1024 -99.43 -133.96 125.29
CA ILE I 1024 -99.04 -132.58 124.98
C ILE I 1024 -99.49 -132.20 123.56
N VAL I 1025 -100.03 -130.99 123.41
CA VAL I 1025 -100.44 -130.40 122.13
C VAL I 1025 -99.77 -129.05 121.90
N GLY I 1026 -99.41 -128.80 120.64
CA GLY I 1026 -98.72 -127.60 120.17
C GLY I 1026 -97.94 -127.88 118.87
N PRO I 1027 -97.29 -126.86 118.30
CA PRO I 1027 -96.48 -127.02 117.10
C PRO I 1027 -95.17 -127.79 117.41
N GLN I 1028 -94.55 -128.35 116.37
CA GLN I 1028 -93.29 -129.10 116.45
C GLN I 1028 -93.32 -130.25 117.48
N LEU I 1029 -94.29 -131.17 117.36
CA LEU I 1029 -94.42 -132.38 118.20
C LEU I 1029 -94.41 -133.69 117.40
N SER I 1030 -93.98 -133.68 116.13
CA SER I 1030 -93.85 -134.89 115.29
C SER I 1030 -92.74 -135.85 115.76
N ASP I 1031 -91.72 -135.31 116.42
CA ASP I 1031 -90.49 -135.97 116.85
C ASP I 1031 -90.44 -136.26 118.36
N LYS I 1032 -91.44 -135.80 119.11
CA LYS I 1032 -91.45 -135.79 120.59
C LYS I 1032 -92.62 -136.60 121.13
N LYS I 1033 -92.37 -137.24 122.28
CA LYS I 1033 -93.32 -138.13 122.97
C LYS I 1033 -94.56 -137.33 123.37
N ARG I 1034 -95.60 -137.41 122.52
CA ARG I 1034 -96.86 -136.68 122.72
C ARG I 1034 -97.73 -137.24 123.84
N LYS I 1035 -97.40 -138.41 124.39
CA LYS I 1035 -98.23 -139.20 125.33
C LYS I 1035 -97.41 -139.86 126.45
N PHE I 1036 -97.98 -139.96 127.65
CA PHE I 1036 -97.54 -140.78 128.78
C PHE I 1036 -98.72 -141.48 129.43
N ALA I 1037 -98.51 -142.52 130.24
CA ALA I 1037 -99.55 -143.17 131.04
C ALA I 1037 -99.06 -143.71 132.39
N THR I 1038 -99.89 -143.64 133.44
CA THR I 1038 -99.56 -144.14 134.78
C THR I 1038 -99.69 -145.66 134.86
N LYS I 1039 -99.24 -146.29 135.96
CA LYS I 1039 -99.77 -147.60 136.37
C LYS I 1039 -101.28 -147.49 136.62
N SER I 1040 -101.97 -148.63 136.61
CA SER I 1040 -103.38 -148.75 136.99
C SER I 1040 -103.60 -148.88 138.51
N LYS I 1041 -104.80 -148.53 138.99
CA LYS I 1041 -105.27 -148.76 140.37
C LYS I 1041 -106.58 -149.53 140.38
N ASN I 1042 -106.67 -150.62 141.13
CA ASN I 1042 -107.88 -151.45 141.14
C ASN I 1042 -109.05 -150.75 141.87
N ASN I 1043 -110.24 -150.88 141.30
CA ASN I 1043 -111.55 -150.64 141.92
C ASN I 1043 -111.62 -149.28 142.66
N SER I 1044 -111.28 -148.19 141.97
CA SER I 1044 -111.05 -146.90 142.64
C SER I 1044 -111.41 -145.70 141.77
N TRP I 1045 -112.51 -145.00 142.08
CA TRP I 1045 -113.02 -143.83 141.33
C TRP I 1045 -112.48 -142.47 141.79
N ALA I 1046 -111.67 -142.44 142.84
CA ALA I 1046 -110.76 -141.33 143.15
C ALA I 1046 -109.30 -141.82 143.28
N PRO I 1047 -108.73 -142.44 142.22
CA PRO I 1047 -107.45 -143.12 142.29
C PRO I 1047 -106.29 -142.13 142.38
N LYS I 1048 -105.36 -142.39 143.30
CA LYS I 1048 -104.07 -141.69 143.39
C LYS I 1048 -103.02 -142.42 142.54
N TYR I 1049 -101.98 -141.70 142.12
CA TYR I 1049 -100.88 -142.26 141.33
C TYR I 1049 -99.54 -141.77 141.87
N ASN I 1050 -99.38 -140.45 142.01
CA ASN I 1050 -98.11 -139.83 142.38
C ASN I 1050 -96.97 -140.21 141.41
N GLU I 1051 -97.30 -140.37 140.13
CA GLU I 1051 -96.39 -140.78 139.07
C GLU I 1051 -96.02 -139.59 138.18
N SER I 1052 -94.73 -139.44 137.90
CA SER I 1052 -94.18 -138.25 137.24
C SER I 1052 -93.73 -138.54 135.81
N PHE I 1053 -94.30 -137.81 134.87
CA PHE I 1053 -93.96 -137.81 133.44
C PHE I 1053 -93.12 -136.60 133.07
N GLN I 1054 -92.45 -136.63 131.92
CA GLN I 1054 -91.60 -135.53 131.46
C GLN I 1054 -91.74 -135.33 129.94
N PHE I 1055 -92.70 -134.51 129.53
CA PHE I 1055 -92.81 -134.06 128.14
C PHE I 1055 -91.66 -133.14 127.76
N SER I 1056 -91.36 -133.09 126.47
CA SER I 1056 -90.52 -132.05 125.88
C SER I 1056 -91.36 -131.18 124.93
N LEU I 1057 -91.33 -129.87 125.14
CA LEU I 1057 -91.86 -128.88 124.18
C LEU I 1057 -90.84 -128.64 123.06
N SER I 1058 -91.16 -127.80 122.07
CA SER I 1058 -90.09 -127.22 121.24
C SER I 1058 -89.25 -126.24 122.05
N ALA I 1059 -87.98 -126.04 121.66
CA ALA I 1059 -87.19 -124.92 122.12
C ALA I 1059 -87.71 -123.57 121.54
N ASP I 1060 -88.13 -123.55 120.26
CA ASP I 1060 -88.45 -122.30 119.57
C ASP I 1060 -89.83 -121.74 119.94
N ALA I 1061 -90.87 -122.58 119.92
CA ALA I 1061 -92.19 -122.20 120.38
C ALA I 1061 -92.22 -122.05 121.91
N GLY I 1062 -92.77 -120.93 122.40
CA GLY I 1062 -92.92 -120.69 123.83
C GLY I 1062 -94.03 -121.55 124.44
N PRO I 1063 -94.11 -121.61 125.78
CA PRO I 1063 -95.08 -122.47 126.47
C PRO I 1063 -96.53 -122.06 126.17
N GLU I 1064 -96.78 -120.80 125.82
CA GLU I 1064 -98.08 -120.35 125.36
C GLU I 1064 -98.49 -120.89 123.97
N CYS I 1065 -97.56 -121.49 123.23
CA CYS I 1065 -97.87 -122.31 122.07
C CYS I 1065 -98.30 -123.73 122.43
N TYR I 1066 -98.37 -124.07 123.71
CA TYR I 1066 -98.62 -125.43 124.18
C TYR I 1066 -99.72 -125.51 125.23
N GLU I 1067 -100.23 -126.73 125.34
CA GLU I 1067 -101.25 -127.13 126.28
C GLU I 1067 -101.14 -128.64 126.51
N LEU I 1068 -101.23 -129.06 127.77
CA LEU I 1068 -101.44 -130.46 128.08
C LEU I 1068 -102.90 -130.83 127.79
N GLN I 1069 -103.12 -132.05 127.37
CA GLN I 1069 -104.44 -132.64 127.15
C GLN I 1069 -104.53 -133.97 127.89
N VAL I 1070 -104.97 -133.90 129.15
CA VAL I 1070 -105.04 -135.02 130.10
C VAL I 1070 -106.22 -135.93 129.78
N CYS I 1071 -106.06 -137.25 129.93
CA CYS I 1071 -107.11 -138.22 129.64
C CYS I 1071 -107.06 -139.44 130.58
N VAL I 1072 -108.07 -139.60 131.42
CA VAL I 1072 -108.17 -140.79 132.28
C VAL I 1072 -108.65 -141.98 131.44
N LYS I 1073 -108.15 -143.18 131.74
CA LYS I 1073 -108.48 -144.41 131.02
C LYS I 1073 -108.62 -145.62 131.93
N ASP I 1074 -109.42 -146.60 131.54
CA ASP I 1074 -109.64 -147.85 132.28
C ASP I 1074 -108.80 -148.99 131.67
N TYR I 1075 -107.88 -149.58 132.44
CA TYR I 1075 -106.97 -150.62 131.95
C TYR I 1075 -107.63 -151.99 131.84
N CYS I 1076 -107.55 -152.62 130.66
CA CYS I 1076 -108.10 -153.95 130.44
C CYS I 1076 -107.11 -154.80 129.60
N PHE I 1077 -106.14 -155.44 130.26
CA PHE I 1077 -105.16 -156.33 129.60
C PHE I 1077 -105.84 -157.47 128.84
N ALA I 1078 -105.21 -157.90 127.75
CA ALA I 1078 -105.75 -158.80 126.71
C ALA I 1078 -106.98 -158.28 125.95
N ARG I 1079 -107.83 -157.46 126.58
CA ARG I 1079 -108.92 -156.69 125.97
C ARG I 1079 -108.38 -155.35 125.45
N GLU I 1080 -109.05 -154.24 125.77
CA GLU I 1080 -108.79 -152.89 125.30
C GLU I 1080 -109.01 -151.86 126.41
N ASP I 1081 -108.16 -150.85 126.50
CA ASP I 1081 -108.32 -149.76 127.47
C ASP I 1081 -109.33 -148.70 126.99
N ARG I 1082 -110.00 -147.98 127.91
CA ARG I 1082 -111.16 -147.12 127.57
C ARG I 1082 -111.08 -145.70 128.11
N THR I 1083 -111.35 -144.66 127.30
CA THR I 1083 -111.32 -143.22 127.70
C THR I 1083 -112.45 -142.87 128.66
N VAL I 1084 -112.07 -142.42 129.85
CA VAL I 1084 -112.95 -141.98 130.92
C VAL I 1084 -113.24 -140.46 130.89
N GLY I 1085 -112.37 -139.63 130.30
CA GLY I 1085 -112.62 -138.19 130.14
C GLY I 1085 -111.38 -137.45 129.62
N LEU I 1086 -111.51 -136.17 129.26
CA LEU I 1086 -110.42 -135.34 128.70
C LEU I 1086 -110.38 -133.93 129.32
N ALA I 1087 -109.22 -133.38 129.68
CA ALA I 1087 -109.09 -131.99 130.12
C ALA I 1087 -107.90 -131.27 129.48
N VAL I 1088 -108.00 -129.98 129.18
CA VAL I 1088 -106.88 -129.19 128.63
C VAL I 1088 -106.32 -128.23 129.66
N LEU I 1089 -105.00 -128.29 129.88
CA LEU I 1089 -104.26 -127.35 130.72
C LEU I 1089 -103.32 -126.53 129.83
N GLN I 1090 -103.62 -125.25 129.67
CA GLN I 1090 -102.82 -124.33 128.87
C GLN I 1090 -101.44 -124.09 129.50
N LEU I 1091 -100.36 -124.37 128.78
CA LEU I 1091 -99.02 -124.11 129.30
C LEU I 1091 -98.65 -122.62 129.31
N ARG I 1092 -99.46 -121.74 128.70
CA ARG I 1092 -99.42 -120.29 128.96
C ARG I 1092 -99.57 -119.94 130.45
N GLU I 1093 -100.38 -120.69 131.21
CA GLU I 1093 -100.50 -120.47 132.66
C GLU I 1093 -99.21 -120.83 133.40
N LEU I 1094 -98.68 -122.01 133.09
CA LEU I 1094 -97.45 -122.52 133.69
C LEU I 1094 -96.22 -121.71 133.29
N ALA I 1095 -96.24 -121.01 132.16
CA ALA I 1095 -95.24 -120.00 131.82
C ALA I 1095 -95.09 -118.93 132.92
N GLN I 1096 -96.21 -118.52 133.51
CA GLN I 1096 -96.24 -117.57 134.62
C GLN I 1096 -96.02 -118.28 135.95
N ARG I 1097 -96.79 -119.34 136.21
CA ARG I 1097 -96.83 -120.03 137.50
C ARG I 1097 -95.53 -120.78 137.82
N GLY I 1098 -94.78 -121.20 136.79
CA GLY I 1098 -93.57 -122.03 136.87
C GLY I 1098 -93.89 -123.47 137.24
N SER I 1099 -94.71 -123.67 138.26
CA SER I 1099 -95.38 -124.93 138.55
C SER I 1099 -96.80 -124.69 139.05
N ALA I 1100 -97.67 -125.68 138.90
CA ALA I 1100 -99.09 -125.58 139.18
C ALA I 1100 -99.66 -126.92 139.65
N ALA I 1101 -100.11 -126.98 140.89
CA ALA I 1101 -101.07 -127.97 141.36
C ALA I 1101 -102.48 -127.50 140.94
N CYS I 1102 -103.17 -128.28 140.11
CA CYS I 1102 -104.49 -127.88 139.59
C CYS I 1102 -105.44 -129.07 139.45
N TRP I 1103 -106.72 -128.86 139.81
CA TRP I 1103 -107.82 -129.76 139.47
C TRP I 1103 -108.36 -129.44 138.08
N LEU I 1104 -108.07 -130.31 137.13
CA LEU I 1104 -108.53 -130.20 135.76
C LEU I 1104 -109.89 -130.90 135.59
N PRO I 1105 -111.02 -130.19 135.45
CA PRO I 1105 -112.29 -130.83 135.15
C PRO I 1105 -112.23 -131.57 133.81
N LEU I 1106 -112.47 -132.88 133.82
CA LEU I 1106 -112.53 -133.71 132.63
C LEU I 1106 -113.81 -133.41 131.87
N GLY I 1107 -113.73 -132.88 130.66
CA GLY I 1107 -114.83 -132.88 129.71
C GLY I 1107 -114.98 -134.21 128.98
N ARG I 1108 -116.10 -134.35 128.27
CA ARG I 1108 -116.32 -135.41 127.27
C ARG I 1108 -115.71 -135.03 125.91
N ARG I 1109 -115.66 -133.74 125.58
CA ARG I 1109 -115.01 -133.14 124.40
C ARG I 1109 -114.33 -131.81 124.76
N ILE I 1110 -113.61 -131.23 123.80
CA ILE I 1110 -112.84 -129.98 123.93
C ILE I 1110 -113.44 -128.88 123.02
N HIS I 1111 -113.72 -127.69 123.58
CA HIS I 1111 -114.46 -126.62 122.90
C HIS I 1111 -113.59 -125.79 121.92
N MET I 1112 -114.17 -125.25 120.83
CA MET I 1112 -113.43 -124.48 119.81
C MET I 1112 -114.15 -123.20 119.40
N ASP I 1113 -113.39 -122.30 118.79
CA ASP I 1113 -113.87 -121.11 118.10
C ASP I 1113 -113.68 -121.19 116.59
N ASP I 1114 -114.17 -120.18 115.87
CA ASP I 1114 -114.13 -120.09 114.40
C ASP I 1114 -112.72 -120.18 113.81
N THR I 1115 -111.68 -119.87 114.58
CA THR I 1115 -110.29 -119.84 114.13
C THR I 1115 -109.64 -121.17 114.47
N GLY I 1116 -110.05 -121.80 115.57
CA GLY I 1116 -109.83 -123.22 115.76
C GLY I 1116 -110.42 -123.99 114.61
N LEU I 1117 -111.66 -123.69 114.24
CA LEU I 1117 -112.38 -124.34 113.14
C LEU I 1117 -111.84 -123.97 111.75
N THR I 1118 -111.46 -122.72 111.47
CA THR I 1118 -110.83 -122.35 110.18
C THR I 1118 -109.50 -123.09 110.04
N VAL I 1119 -108.70 -123.12 111.10
CA VAL I 1119 -107.47 -123.90 111.10
C VAL I 1119 -107.76 -125.38 110.93
N LEU I 1120 -108.72 -125.96 111.67
CA LEU I 1120 -109.07 -127.37 111.58
C LEU I 1120 -109.59 -127.72 110.17
N ARG I 1121 -110.28 -126.81 109.46
CA ARG I 1121 -110.65 -126.96 108.03
C ARG I 1121 -109.46 -126.97 107.08
N ILE I 1122 -108.38 -126.32 107.43
CA ILE I 1122 -107.14 -126.25 106.64
C ILE I 1122 -106.20 -127.40 106.99
N LEU I 1123 -106.18 -127.83 108.25
CA LEU I 1123 -105.49 -129.05 108.69
C LEU I 1123 -106.22 -130.32 108.24
N SER I 1124 -107.54 -130.30 108.14
CA SER I 1124 -108.31 -131.41 107.59
C SER I 1124 -108.05 -131.53 106.08
N GLN I 1125 -107.76 -130.43 105.36
CA GLN I 1125 -107.21 -130.49 104.00
C GLN I 1125 -105.87 -131.19 103.91
N ARG I 1126 -105.07 -131.10 104.96
CA ARG I 1126 -103.82 -131.87 105.07
C ARG I 1126 -104.14 -133.26 105.63
N SER I 1127 -105.15 -133.91 105.07
CA SER I 1127 -105.67 -135.23 105.45
C SER I 1127 -104.62 -136.35 105.41
N ASN I 1128 -103.52 -136.16 104.68
CA ASN I 1128 -102.40 -137.11 104.58
C ASN I 1128 -101.23 -136.80 105.52
N ASP I 1129 -101.09 -135.56 105.98
CA ASP I 1129 -100.02 -135.15 106.89
C ASP I 1129 -100.28 -135.81 108.24
N GLU I 1130 -99.33 -136.59 108.74
CA GLU I 1130 -99.53 -137.35 109.98
C GLU I 1130 -99.65 -136.46 111.22
N VAL I 1131 -99.00 -135.29 111.23
CA VAL I 1131 -99.17 -134.31 112.31
C VAL I 1131 -100.55 -133.67 112.20
N ALA I 1132 -100.99 -133.29 111.00
CA ALA I 1132 -102.31 -132.70 110.80
C ALA I 1132 -103.43 -133.72 111.08
N LYS I 1133 -103.29 -134.97 110.63
CA LYS I 1133 -104.14 -136.10 111.03
C LYS I 1133 -104.19 -136.24 112.55
N GLU I 1134 -103.04 -136.41 113.22
CA GLU I 1134 -103.01 -136.63 114.67
C GLU I 1134 -103.52 -135.43 115.46
N PHE I 1135 -103.32 -134.22 114.94
CA PHE I 1135 -103.91 -133.00 115.53
C PHE I 1135 -105.43 -132.99 115.36
N VAL I 1136 -105.92 -133.13 114.13
CA VAL I 1136 -107.36 -133.15 113.80
C VAL I 1136 -108.05 -134.29 114.56
N LYS I 1137 -107.38 -135.44 114.72
CA LYS I 1137 -107.81 -136.55 115.57
C LYS I 1137 -107.79 -136.17 117.05
N LEU I 1138 -106.67 -135.77 117.63
CA LEU I 1138 -106.56 -135.47 119.07
C LEU I 1138 -107.49 -134.32 119.50
N LYS I 1139 -107.86 -133.39 118.61
CA LYS I 1139 -108.86 -132.36 118.89
C LYS I 1139 -110.30 -132.75 118.60
N SER I 1140 -110.52 -133.72 117.73
CA SER I 1140 -111.82 -134.40 117.59
C SER I 1140 -111.91 -135.63 118.52
N ASP I 1141 -110.98 -135.77 119.47
CA ASP I 1141 -110.94 -136.86 120.44
C ASP I 1141 -111.99 -136.65 121.55
N THR I 1142 -112.74 -137.69 121.89
CA THR I 1142 -113.87 -137.61 122.82
C THR I 1142 -114.02 -138.88 123.66
N ARG I 1143 -114.64 -138.72 124.84
CA ARG I 1143 -115.01 -139.82 125.73
C ARG I 1143 -116.24 -140.58 125.19
N SER I 1144 -116.22 -141.91 125.24
CA SER I 1144 -117.42 -142.74 125.12
C SER I 1144 -118.33 -142.54 126.34
N ALA I 1145 -119.63 -142.31 126.14
CA ALA I 1145 -120.55 -141.96 127.23
C ALA I 1145 -120.82 -143.12 128.22
N GLU I 1146 -120.50 -144.35 127.83
CA GLU I 1146 -120.71 -145.56 128.63
C GLU I 1146 -119.97 -145.50 129.98
N GLU I 1147 -120.51 -146.19 130.98
CA GLU I 1147 -120.12 -146.10 132.40
C GLU I 1147 -120.36 -144.71 133.06
N GLY I 1148 -120.91 -143.70 132.36
CA GLY I 1148 -121.03 -142.34 132.88
C GLY I 1148 -121.94 -141.33 132.13
N GLY I 1149 -123.15 -141.73 131.73
CA GLY I 1149 -124.29 -140.80 131.59
C GLY I 1149 -124.39 -139.90 130.33
N ALA I 1150 -124.58 -138.60 130.57
CA ALA I 1150 -125.13 -137.61 129.62
C ALA I 1150 -124.26 -137.25 128.40
N ALA I 1151 -124.79 -136.38 127.53
CA ALA I 1151 -124.17 -135.95 126.28
C ALA I 1151 -123.13 -134.81 126.44
N PRO I 1152 -122.14 -134.69 125.54
CA PRO I 1152 -121.24 -133.53 125.41
C PRO I 1152 -121.98 -132.27 124.91
N ALA I 1153 -121.27 -131.13 124.91
CA ALA I 1153 -121.73 -129.87 124.31
C ALA I 1153 -120.56 -129.13 123.60
N PRO I 1154 -120.84 -128.36 122.52
CA PRO I 1154 -119.83 -127.80 121.64
C PRO I 1154 -118.84 -126.87 122.35
N GLU J 23 -52.55 62.92 84.83
CA GLU J 23 -53.24 64.21 85.10
C GLU J 23 -54.74 64.12 84.91
N GLU J 24 -55.22 63.77 83.71
CA GLU J 24 -56.64 63.60 83.36
C GLU J 24 -57.48 62.91 84.44
N LEU J 25 -57.13 61.67 84.81
CA LEU J 25 -57.78 60.93 85.89
C LEU J 25 -57.71 61.66 87.23
N LYS J 26 -56.55 62.22 87.60
CA LYS J 26 -56.37 62.95 88.85
C LYS J 26 -57.30 64.13 88.97
N ASN J 27 -57.42 64.94 87.94
CA ASN J 27 -58.32 66.08 87.94
C ASN J 27 -59.80 65.65 87.86
N HIS J 28 -60.11 64.65 87.05
CA HIS J 28 -61.43 64.00 87.01
C HIS J 28 -61.86 63.50 88.39
N VAL J 29 -60.97 62.80 89.08
CA VAL J 29 -61.19 62.26 90.42
C VAL J 29 -61.22 63.36 91.46
N TYR J 30 -60.39 64.40 91.37
CA TYR J 30 -60.49 65.58 92.23
C TYR J 30 -61.91 66.13 92.19
N LYS J 31 -62.40 66.43 90.99
CA LYS J 31 -63.75 66.95 90.73
C LYS J 31 -64.83 66.00 91.24
N LYS J 32 -64.73 64.70 90.93
CA LYS J 32 -65.70 63.70 91.40
C LYS J 32 -65.63 63.43 92.89
N THR J 33 -64.51 63.67 93.53
CA THR J 33 -64.36 63.59 94.98
C THR J 33 -64.98 64.83 95.63
N LEU J 34 -64.71 66.02 95.09
CA LEU J 34 -65.37 67.24 95.52
C LEU J 34 -66.90 67.11 95.39
N GLN J 35 -67.41 66.69 94.23
CA GLN J 35 -68.84 66.45 94.06
C GLN J 35 -69.36 65.34 94.99
N ALA J 36 -68.59 64.26 95.19
CA ALA J 36 -69.03 63.15 96.01
C ALA J 36 -69.26 63.52 97.47
N LEU J 37 -68.47 64.45 97.99
CA LEU J 37 -68.43 64.81 99.39
C LEU J 37 -69.00 66.18 99.72
N ILE J 38 -69.25 67.08 98.75
CA ILE J 38 -69.92 68.36 99.02
C ILE J 38 -71.38 68.12 99.40
N TYR J 39 -72.08 67.30 98.61
CA TYR J 39 -73.26 66.60 99.07
C TYR J 39 -72.82 65.16 99.30
N PRO J 40 -72.31 64.80 100.49
CA PRO J 40 -72.00 63.41 100.76
C PRO J 40 -73.26 62.59 100.59
N ILE J 41 -73.18 61.36 100.07
CA ILE J 41 -74.38 60.51 99.94
C ILE J 41 -75.06 60.25 101.28
N SER J 42 -74.33 60.42 102.39
CA SER J 42 -74.85 60.39 103.75
C SER J 42 -75.83 61.53 104.10
N CYS J 43 -76.09 62.49 103.20
CA CYS J 43 -77.21 63.44 103.34
C CYS J 43 -78.60 62.81 103.11
N THR J 44 -78.68 61.68 102.41
CA THR J 44 -79.91 61.17 101.77
C THR J 44 -80.85 60.38 102.68
N THR J 45 -82.12 60.30 102.31
CA THR J 45 -83.24 59.68 103.04
C THR J 45 -83.94 58.61 102.19
N PRO J 46 -84.44 57.48 102.74
CA PRO J 46 -85.09 56.42 101.97
C PRO J 46 -86.61 56.54 101.88
N HIS J 47 -87.20 56.12 100.76
CA HIS J 47 -88.66 56.16 100.55
C HIS J 47 -89.37 54.98 101.21
N ASN J 48 -90.14 55.25 102.25
CA ASN J 48 -91.05 54.26 102.86
C ASN J 48 -92.32 54.06 102.00
N PHE J 49 -92.25 53.23 100.96
CA PHE J 49 -93.41 52.89 100.14
C PHE J 49 -94.35 51.86 100.76
N GLU J 50 -95.64 52.21 100.79
CA GLU J 50 -96.74 51.24 100.84
C GLU J 50 -97.22 50.92 99.42
N VAL J 51 -97.64 49.68 99.19
CA VAL J 51 -98.51 49.34 98.05
C VAL J 51 -99.81 50.10 98.21
N TRP J 52 -100.24 50.78 97.17
CA TRP J 52 -101.50 51.53 97.19
C TRP J 52 -102.26 51.36 95.88
N THR J 53 -103.52 50.96 96.00
CA THR J 53 -104.44 50.86 94.86
C THR J 53 -104.87 52.26 94.44
N ALA J 54 -104.59 52.63 93.19
CA ALA J 54 -105.24 53.75 92.54
C ALA J 54 -106.71 53.38 92.23
N THR J 55 -107.57 53.35 93.25
CA THR J 55 -109.01 53.00 93.18
C THR J 55 -109.83 53.91 92.25
N THR J 56 -109.19 54.98 91.74
CA THR J 56 -109.61 55.84 90.64
C THR J 56 -108.40 56.08 89.68
N PRO J 57 -108.62 56.35 88.37
CA PRO J 57 -107.54 56.66 87.43
C PRO J 57 -106.62 57.79 87.94
N THR J 58 -105.33 57.51 88.08
CA THR J 58 -104.32 58.36 88.73
C THR J 58 -103.04 58.34 87.89
N TYR J 59 -102.18 59.36 88.01
CA TYR J 59 -100.99 59.49 87.15
C TYR J 59 -99.70 59.60 87.97
N CYS J 60 -98.73 58.77 87.62
CA CYS J 60 -97.51 58.53 88.40
C CYS J 60 -96.62 59.78 88.52
N TYR J 61 -96.17 60.14 89.72
CA TYR J 61 -95.35 61.33 89.93
C TYR J 61 -93.94 61.23 89.31
N GLU J 62 -93.54 60.05 88.83
CA GLU J 62 -92.39 59.94 87.94
C GLU J 62 -92.81 60.12 86.47
N CYS J 63 -93.48 59.13 85.89
CA CYS J 63 -93.71 59.03 84.45
C CYS J 63 -94.98 59.73 83.94
N GLU J 64 -95.84 60.21 84.83
CA GLU J 64 -97.21 60.66 84.55
C GLU J 64 -98.09 59.58 83.87
N GLY J 65 -97.68 58.31 83.92
CA GLY J 65 -98.39 57.16 83.36
C GLY J 65 -99.53 56.66 84.24
N LEU J 66 -100.53 56.00 83.62
CA LEU J 66 -101.76 55.58 84.29
C LEU J 66 -101.53 54.51 85.37
N LEU J 67 -101.99 54.86 86.56
CA LEU J 67 -102.26 53.99 87.70
C LEU J 67 -103.78 53.84 87.78
N TRP J 68 -104.28 52.61 87.82
CA TRP J 68 -105.71 52.36 87.81
C TRP J 68 -106.08 50.98 88.35
N GLY J 69 -106.97 50.98 89.33
CA GLY J 69 -107.54 49.79 89.96
C GLY J 69 -106.47 48.90 90.55
N ILE J 70 -106.86 47.63 90.72
CA ILE J 70 -105.90 46.55 91.01
C ILE J 70 -105.03 46.27 89.76
N ALA J 71 -105.56 46.49 88.55
CA ALA J 71 -104.89 46.21 87.27
C ALA J 71 -103.54 46.94 87.11
N ARG J 72 -103.49 48.20 87.54
CA ARG J 72 -102.29 49.05 87.55
C ARG J 72 -102.17 49.78 88.90
N GLN J 73 -101.95 49.02 89.98
CA GLN J 73 -101.62 49.58 91.30
C GLN J 73 -100.39 50.51 91.26
N GLY J 74 -100.27 51.37 92.26
CA GLY J 74 -99.07 52.15 92.52
C GLY J 74 -98.42 51.84 93.86
N MET J 75 -97.38 52.61 94.14
CA MET J 75 -96.77 52.73 95.45
C MET J 75 -97.02 54.15 95.94
N ARG J 76 -97.50 54.27 97.16
CA ARG J 76 -97.60 55.55 97.86
C ARG J 76 -96.54 55.53 98.93
N CYS J 77 -95.54 56.40 98.87
CA CYS J 77 -94.68 56.56 100.04
C CYS J 77 -95.47 57.18 101.18
N THR J 78 -95.09 56.94 102.43
CA THR J 78 -95.56 57.73 103.56
C THR J 78 -94.67 58.95 103.77
N GLU J 79 -93.35 58.75 103.90
CA GLU J 79 -92.37 59.77 104.25
C GLU J 79 -92.26 60.80 103.12
N CYS J 80 -91.90 60.37 101.91
CA CYS J 80 -92.08 61.21 100.74
C CYS J 80 -93.51 61.27 100.24
N GLY J 81 -94.47 60.52 100.78
CA GLY J 81 -95.90 60.62 100.38
C GLY J 81 -96.24 60.14 98.94
N VAL J 82 -95.20 59.92 98.14
CA VAL J 82 -95.17 60.04 96.68
C VAL J 82 -95.93 58.89 96.00
N LYS J 83 -96.78 59.20 95.02
CA LYS J 83 -97.66 58.26 94.33
C LYS J 83 -97.10 57.93 92.96
N CYS J 84 -96.82 56.67 92.69
CA CYS J 84 -96.11 56.26 91.48
C CYS J 84 -96.45 54.83 91.07
N HIS J 85 -96.09 54.41 89.86
CA HIS J 85 -96.05 52.97 89.55
C HIS J 85 -95.15 52.25 90.55
N GLU J 86 -95.35 50.96 90.74
CA GLU J 86 -94.30 50.08 91.27
C GLU J 86 -93.02 50.20 90.43
N LYS J 87 -93.11 49.99 89.12
CA LYS J 87 -91.95 50.17 88.23
C LYS J 87 -91.35 51.58 88.25
N CYS J 88 -92.08 52.57 88.79
CA CYS J 88 -91.57 53.93 88.98
C CYS J 88 -91.08 54.25 90.39
N GLN J 89 -91.40 53.47 91.41
CA GLN J 89 -91.08 53.87 92.78
C GLN J 89 -89.57 53.97 93.04
N ASP J 90 -88.78 53.33 92.18
CA ASP J 90 -87.33 53.44 92.11
C ASP J 90 -86.84 54.46 91.07
N LEU J 91 -87.60 54.65 89.98
CA LEU J 91 -87.32 55.68 88.97
C LEU J 91 -87.59 57.09 89.50
N LEU J 92 -88.39 57.22 90.56
CA LEU J 92 -88.37 58.37 91.46
C LEU J 92 -86.97 58.51 92.08
N ASN J 93 -86.08 59.20 91.38
CA ASN J 93 -84.63 59.11 91.59
C ASN J 93 -84.12 59.75 92.90
N ALA J 94 -84.63 60.93 93.28
CA ALA J 94 -84.06 61.71 94.37
C ALA J 94 -84.47 61.17 95.74
N ASP J 95 -83.74 61.54 96.80
CA ASP J 95 -83.94 60.99 98.14
C ASP J 95 -85.33 61.32 98.73
N CYS J 96 -85.68 60.72 99.86
CA CYS J 96 -86.98 60.92 100.45
C CYS J 96 -87.22 62.34 100.94
N LEU J 97 -86.20 63.14 101.30
CA LEU J 97 -86.39 64.58 101.42
C LEU J 97 -86.85 65.16 100.09
N GLN J 98 -86.05 65.03 99.03
CA GLN J 98 -86.35 65.63 97.74
C GLN J 98 -87.69 65.12 97.17
N ARG J 99 -87.98 63.82 97.20
CA ARG J 99 -89.27 63.29 96.77
C ARG J 99 -90.40 63.62 97.74
N ALA J 100 -90.17 63.90 99.02
CA ALA J 100 -91.22 64.50 99.87
C ALA J 100 -91.55 65.90 99.36
N ALA J 101 -90.54 66.66 98.96
CA ALA J 101 -90.71 67.93 98.27
C ALA J 101 -91.46 67.80 96.94
N GLU J 102 -91.04 66.90 96.05
CA GLU J 102 -91.71 66.71 94.75
C GLU J 102 -93.13 66.16 94.90
N LYS J 103 -93.39 65.21 95.81
CA LYS J 103 -94.76 64.84 96.20
C LYS J 103 -95.56 66.03 96.66
N SER J 104 -94.99 66.86 97.53
CA SER J 104 -95.69 68.03 98.05
C SER J 104 -96.04 68.97 96.89
N SER J 105 -95.18 69.16 95.90
CA SER J 105 -95.53 69.94 94.70
C SER J 105 -96.64 69.30 93.86
N LYS J 106 -96.74 67.96 93.81
CA LYS J 106 -97.75 67.22 93.02
C LYS J 106 -99.06 66.96 93.77
N HIS J 107 -99.06 67.07 95.11
CA HIS J 107 -100.26 67.23 95.94
C HIS J 107 -100.73 68.71 95.98
N GLY J 108 -99.82 69.70 96.04
CA GLY J 108 -100.14 71.13 95.91
C GLY J 108 -99.03 72.14 96.29
N ALA J 109 -98.33 71.93 97.42
CA ALA J 109 -97.29 72.82 97.92
C ALA J 109 -95.97 72.74 97.13
N GLU J 110 -95.80 73.58 96.11
CA GLU J 110 -94.55 73.72 95.36
C GLU J 110 -93.42 74.32 96.20
N ASP J 111 -93.75 75.17 97.17
CA ASP J 111 -92.79 75.90 98.01
C ASP J 111 -91.84 74.97 98.77
N ARG J 112 -92.33 73.77 99.13
CA ARG J 112 -91.54 72.67 99.71
C ARG J 112 -90.33 72.32 98.84
N THR J 113 -90.45 72.36 97.52
CA THR J 113 -89.35 72.12 96.58
C THR J 113 -88.24 73.15 96.77
N GLN J 114 -88.56 74.44 96.81
CA GLN J 114 -87.59 75.50 97.12
C GLN J 114 -87.00 75.33 98.52
N ASN J 115 -87.81 74.95 99.50
CA ASN J 115 -87.34 74.59 100.82
C ASN J 115 -86.28 73.47 100.75
N ILE J 116 -86.49 72.38 100.01
CA ILE J 116 -85.52 71.27 100.00
C ILE J 116 -84.35 71.52 99.05
N ILE J 117 -84.50 72.39 98.06
CA ILE J 117 -83.36 73.04 97.41
C ILE J 117 -82.55 73.82 98.46
N MET J 118 -83.19 74.55 99.36
CA MET J 118 -82.52 75.21 100.48
C MET J 118 -81.97 74.19 101.50
N VAL J 119 -82.58 73.02 101.70
CA VAL J 119 -81.96 71.93 102.46
C VAL J 119 -80.69 71.46 101.77
N LEU J 120 -80.71 71.28 100.45
CA LEU J 120 -79.54 70.90 99.68
C LEU J 120 -78.44 71.95 99.83
N LYS J 121 -78.76 73.24 99.68
CA LYS J 121 -77.84 74.35 99.96
C LYS J 121 -77.30 74.27 101.39
N ASP J 122 -78.18 74.22 102.37
CA ASP J 122 -77.83 74.24 103.78
C ASP J 122 -76.99 73.03 104.17
N ARG J 123 -77.32 71.84 103.66
CA ARG J 123 -76.51 70.63 103.81
C ARG J 123 -75.10 70.87 103.33
N MET J 124 -74.92 71.40 102.12
CA MET J 124 -73.59 71.69 101.56
C MET J 124 -72.87 72.82 102.32
N LYS J 125 -73.55 73.88 102.76
CA LYS J 125 -72.97 74.93 103.62
C LYS J 125 -72.51 74.39 104.98
N ILE J 126 -73.37 73.61 105.65
CA ILE J 126 -73.06 72.95 106.91
C ILE J 126 -71.88 72.01 106.71
N ARG J 127 -71.94 71.15 105.69
CA ARG J 127 -70.87 70.22 105.32
C ARG J 127 -69.53 70.91 105.17
N GLU J 128 -69.49 71.99 104.42
CA GLU J 128 -68.34 72.86 104.25
C GLU J 128 -67.88 73.49 105.55
N ARG J 129 -68.79 74.05 106.33
CA ARG J 129 -68.49 74.79 107.55
C ARG J 129 -68.06 73.87 108.69
N ASN J 130 -68.57 72.65 108.70
CA ASN J 130 -68.35 71.66 109.74
C ASN J 130 -67.20 70.73 109.41
N LYS J 131 -67.05 70.35 108.14
CA LYS J 131 -65.94 69.55 107.65
C LYS J 131 -65.13 70.25 106.55
N PRO J 132 -64.72 71.52 106.73
CA PRO J 132 -63.90 72.20 105.74
C PRO J 132 -62.64 71.42 105.43
N GLU J 133 -62.10 70.71 106.43
CA GLU J 133 -60.91 69.89 106.30
C GLU J 133 -61.07 68.76 105.27
N ILE J 134 -62.29 68.28 105.00
CA ILE J 134 -62.48 67.34 103.88
C ILE J 134 -62.08 68.02 102.57
N PHE J 135 -62.60 69.22 102.33
CA PHE J 135 -62.47 69.91 101.04
C PHE J 135 -61.07 70.49 100.85
N GLU J 136 -60.49 71.02 101.91
CA GLU J 136 -59.07 71.37 101.99
C GLU J 136 -58.18 70.17 101.73
N LEU J 137 -58.43 69.02 102.35
CA LEU J 137 -57.59 67.86 102.13
C LEU J 137 -57.65 67.39 100.67
N ILE J 138 -58.84 67.37 100.07
CA ILE J 138 -59.00 67.07 98.64
C ILE J 138 -58.19 68.09 97.80
N GLN J 139 -58.30 69.37 98.12
CA GLN J 139 -57.46 70.40 97.54
C GLN J 139 -55.97 70.11 97.70
N GLU J 140 -55.46 69.80 98.88
CA GLU J 140 -54.03 69.56 99.09
C GLU J 140 -53.54 68.25 98.45
N VAL J 141 -54.31 67.17 98.57
CA VAL J 141 -54.03 65.85 98.01
C VAL J 141 -53.95 65.91 96.50
N PHE J 142 -54.88 66.65 95.90
CA PHE J 142 -54.88 66.96 94.49
C PHE J 142 -54.08 68.22 94.16
N ALA J 143 -53.37 68.77 95.14
CA ALA J 143 -52.46 69.91 95.06
C ALA J 143 -53.05 71.20 94.44
N VAL J 144 -54.36 71.34 94.42
CA VAL J 144 -55.06 72.49 93.85
C VAL J 144 -54.86 73.72 94.75
N THR J 145 -54.99 74.95 94.26
CA THR J 145 -54.89 76.15 95.12
C THR J 145 -56.20 76.40 95.86
N LYS J 146 -56.20 77.24 96.90
CA LYS J 146 -57.41 77.56 97.68
C LYS J 146 -58.45 78.36 96.87
N SER J 147 -58.00 79.32 96.06
CA SER J 147 -58.86 80.09 95.16
C SER J 147 -59.40 79.20 94.04
N ALA J 148 -58.56 78.44 93.34
CA ALA J 148 -59.02 77.53 92.28
C ALA J 148 -59.90 76.41 92.84
N HIS J 149 -59.59 75.91 94.03
CA HIS J 149 -60.48 75.05 94.78
C HIS J 149 -61.81 75.73 95.05
N THR J 150 -61.85 76.99 95.46
CA THR J 150 -63.10 77.74 95.61
C THR J 150 -63.88 77.84 94.30
N GLN J 151 -63.21 77.99 93.16
CA GLN J 151 -63.89 78.07 91.87
C GLN J 151 -64.34 76.70 91.31
N GLN J 152 -63.57 75.62 91.48
CA GLN J 152 -64.07 74.26 91.19
C GLN J 152 -65.12 73.82 92.20
N MET J 153 -65.06 74.34 93.42
CA MET J 153 -66.08 74.13 94.42
C MET J 153 -67.36 74.87 94.03
N LYS J 154 -67.30 76.12 93.55
CA LYS J 154 -68.44 76.76 92.84
C LYS J 154 -68.94 75.83 91.75
N ALA J 155 -68.09 75.22 90.94
CA ALA J 155 -68.53 74.28 89.92
C ALA J 155 -69.25 73.04 90.50
N VAL J 156 -68.71 72.32 91.49
CA VAL J 156 -69.41 71.12 92.02
C VAL J 156 -70.56 71.45 92.96
N LYS J 157 -70.52 72.59 93.66
CA LYS J 157 -71.68 73.17 94.32
C LYS J 157 -72.73 73.35 93.27
N GLN J 158 -72.44 74.08 92.20
CA GLN J 158 -73.39 74.29 91.12
C GLN J 158 -73.82 72.95 90.50
N SER J 159 -72.96 71.95 90.37
CA SER J 159 -73.37 70.63 89.87
C SER J 159 -74.32 69.87 90.80
N VAL J 160 -74.56 70.35 92.03
CA VAL J 160 -75.61 69.84 92.93
C VAL J 160 -76.57 70.96 93.43
N LEU J 161 -76.34 72.23 93.06
CA LEU J 161 -77.06 73.43 93.57
C LEU J 161 -77.66 74.30 92.47
N ASP J 162 -77.00 74.41 91.32
CA ASP J 162 -77.74 74.66 90.08
C ASP J 162 -78.45 73.36 89.71
N GLY J 163 -77.71 72.25 89.67
CA GLY J 163 -78.19 70.86 89.52
C GLY J 163 -78.94 70.29 90.73
N THR J 164 -79.63 71.14 91.49
CA THR J 164 -80.38 70.75 92.71
C THR J 164 -81.73 70.07 92.44
N SER J 165 -82.29 70.22 91.23
CA SER J 165 -83.65 69.75 90.89
C SER J 165 -83.94 69.84 89.37
N LYS J 166 -82.93 69.63 88.52
CA LYS J 166 -82.95 70.04 87.11
C LYS J 166 -83.26 68.90 86.14
N TRP J 167 -84.12 69.19 85.17
CA TRP J 167 -84.30 68.44 83.92
C TRP J 167 -84.31 69.46 82.74
N SER J 168 -83.33 70.36 82.77
CA SER J 168 -83.12 71.45 81.78
C SER J 168 -82.28 70.94 80.61
N ALA J 169 -82.77 69.91 79.93
CA ALA J 169 -82.06 69.19 78.89
C ALA J 169 -81.75 70.04 77.65
N LYS J 170 -80.47 70.18 77.35
CA LYS J 170 -80.07 70.38 75.95
C LYS J 170 -80.37 69.08 75.20
N ILE J 171 -80.84 69.19 73.97
CA ILE J 171 -81.19 68.10 73.08
C ILE J 171 -80.48 68.36 71.75
N SER J 172 -79.95 67.35 71.09
CA SER J 172 -79.16 67.49 69.87
C SER J 172 -79.61 66.43 68.86
N ILE J 173 -80.56 66.83 68.02
CA ILE J 173 -81.33 65.98 67.11
C ILE J 173 -80.62 65.95 65.77
N THR J 174 -79.86 64.90 65.48
CA THR J 174 -79.44 64.62 64.12
C THR J 174 -80.53 63.91 63.36
N VAL J 175 -81.16 64.62 62.44
CA VAL J 175 -81.94 63.99 61.39
C VAL J 175 -80.98 63.21 60.49
N VAL J 176 -80.99 61.88 60.56
CA VAL J 176 -80.03 61.05 59.84
C VAL J 176 -80.46 60.77 58.42
N CYS J 177 -81.59 60.09 58.22
CA CYS J 177 -82.02 59.60 56.92
C CYS J 177 -83.50 59.26 56.94
N ALA J 178 -84.10 59.01 55.79
CA ALA J 178 -85.41 58.40 55.69
C ALA J 178 -85.42 57.29 54.63
N GLN J 179 -86.44 56.44 54.67
CA GLN J 179 -86.65 55.30 53.78
C GLN J 179 -88.13 55.20 53.40
N GLY J 180 -88.45 54.91 52.14
CA GLY J 180 -89.82 54.65 51.69
C GLY J 180 -90.76 55.87 51.67
N LEU J 181 -90.22 57.10 51.58
CA LEU J 181 -91.03 58.32 51.56
C LEU J 181 -92.05 58.35 50.41
N GLN J 182 -93.14 59.08 50.59
CA GLN J 182 -94.11 59.33 49.51
C GLN J 182 -93.50 60.28 48.48
N ALA J 183 -93.77 60.05 47.19
CA ALA J 183 -93.41 61.00 46.15
C ALA J 183 -94.37 62.20 46.12
N LYS J 184 -93.83 63.41 45.89
CA LYS J 184 -94.55 64.68 45.75
C LYS J 184 -93.91 65.68 44.78
N ASP J 185 -92.77 65.36 44.17
CA ASP J 185 -91.87 66.38 43.63
C ASP J 185 -92.29 67.05 42.32
N LYS J 186 -91.64 68.18 42.06
CA LYS J 186 -91.36 68.71 40.73
C LYS J 186 -90.54 67.71 39.87
N THR J 187 -89.61 66.94 40.46
CA THR J 187 -88.86 65.83 39.79
C THR J 187 -89.66 64.53 39.57
N GLY J 188 -90.85 64.40 40.13
CA GLY J 188 -91.58 63.13 40.24
C GLY J 188 -91.15 62.18 41.38
N SER J 189 -90.06 62.47 42.10
CA SER J 189 -89.63 61.72 43.29
C SER J 189 -90.10 62.49 44.55
N SER J 190 -89.17 62.95 45.40
CA SER J 190 -89.31 64.13 46.26
C SER J 190 -87.98 64.81 46.47
N ASP J 191 -88.02 66.09 46.85
CA ASP J 191 -86.92 66.84 47.41
C ASP J 191 -87.09 66.92 48.94
N PRO J 192 -87.02 65.80 49.68
CA PRO J 192 -87.25 65.79 51.10
C PRO J 192 -86.22 66.63 51.88
N TYR J 193 -86.71 67.54 52.70
CA TYR J 193 -86.05 68.04 53.89
C TYR J 193 -86.90 67.75 55.11
N VAL J 194 -86.44 68.15 56.28
CA VAL J 194 -87.10 67.92 57.56
C VAL J 194 -87.12 69.21 58.36
N THR J 195 -88.21 69.52 59.05
CA THR J 195 -88.18 70.43 60.21
C THR J 195 -88.19 69.62 61.48
N VAL J 196 -87.45 70.10 62.46
CA VAL J 196 -87.54 69.63 63.84
C VAL J 196 -88.07 70.77 64.71
N GLN J 197 -88.91 70.47 65.69
CA GLN J 197 -89.43 71.43 66.65
C GLN J 197 -89.44 70.83 68.06
N VAL J 198 -89.03 71.62 69.06
CA VAL J 198 -89.10 71.26 70.49
C VAL J 198 -89.61 72.49 71.26
N GLY J 199 -90.67 72.34 72.06
CA GLY J 199 -91.42 73.51 72.53
C GLY J 199 -91.95 74.35 71.36
N LYS J 200 -91.85 75.67 71.45
CA LYS J 200 -92.18 76.60 70.35
C LYS J 200 -91.09 76.63 69.26
N THR J 201 -89.83 76.34 69.61
CA THR J 201 -88.65 76.50 68.73
C THR J 201 -88.65 75.51 67.57
N LYS J 202 -88.37 75.98 66.34
CA LYS J 202 -88.41 75.22 65.09
C LYS J 202 -87.18 75.48 64.22
N LYS J 203 -86.63 74.42 63.62
CA LYS J 203 -85.41 74.40 62.78
C LYS J 203 -85.60 73.44 61.60
N ARG J 204 -84.75 73.50 60.57
CA ARG J 204 -84.83 72.57 59.43
C ARG J 204 -83.49 72.03 58.93
N THR J 205 -83.52 70.80 58.42
CA THR J 205 -82.48 70.28 57.53
C THR J 205 -82.51 71.03 56.21
N LYS J 206 -81.36 71.07 55.53
CA LYS J 206 -81.32 71.27 54.09
C LYS J 206 -81.99 70.09 53.38
N THR J 207 -82.08 70.21 52.08
CA THR J 207 -82.91 69.36 51.26
C THR J 207 -82.08 68.32 50.55
N ILE J 208 -82.49 67.07 50.60
CA ILE J 208 -82.02 66.07 49.65
C ILE J 208 -82.99 66.12 48.48
N TYR J 209 -82.47 66.13 47.25
CA TYR J 209 -83.24 66.38 46.04
C TYR J 209 -83.48 65.09 45.25
N GLY J 210 -84.68 64.89 44.71
CA GLY J 210 -85.02 63.74 43.87
C GLY J 210 -84.99 62.35 44.54
N ASN J 211 -85.05 62.24 45.86
CA ASN J 211 -84.83 61.01 46.61
C ASN J 211 -86.02 60.66 47.54
N LEU J 212 -86.39 59.38 47.62
CA LEU J 212 -87.37 58.86 48.60
C LEU J 212 -86.72 58.08 49.75
N ASN J 213 -85.42 57.85 49.69
CA ASN J 213 -84.58 57.27 50.74
C ASN J 213 -83.41 58.24 51.12
N PRO J 214 -83.69 59.52 51.45
CA PRO J 214 -82.67 60.54 51.65
C PRO J 214 -81.76 60.29 52.86
N VAL J 215 -80.51 60.74 52.80
CA VAL J 215 -79.64 60.85 54.00
C VAL J 215 -79.28 62.31 54.21
N TRP J 216 -79.66 62.88 55.36
CA TRP J 216 -79.26 64.23 55.78
C TRP J 216 -78.03 64.23 56.70
N GLU J 217 -78.06 63.45 57.79
CA GLU J 217 -77.11 63.52 58.90
C GLU J 217 -76.97 64.94 59.48
N GLU J 218 -78.07 65.69 59.60
CA GLU J 218 -78.08 67.11 59.98
C GLU J 218 -78.60 67.33 61.40
N ASN J 219 -77.83 68.04 62.22
CA ASN J 219 -78.06 68.17 63.66
C ASN J 219 -78.67 69.51 64.08
N PHE J 220 -79.69 69.43 64.92
CA PHE J 220 -80.37 70.56 65.53
C PHE J 220 -80.26 70.50 67.04
N HIS J 221 -79.64 71.53 67.61
CA HIS J 221 -79.69 71.71 69.05
C HIS J 221 -81.01 72.36 69.46
N PHE J 222 -81.55 71.94 70.59
CA PHE J 222 -82.75 72.44 71.24
C PHE J 222 -82.60 72.44 72.75
N GLU J 223 -83.45 73.22 73.41
CA GLU J 223 -83.59 73.22 74.86
C GLU J 223 -84.99 72.73 75.24
N CYS J 224 -85.03 71.80 76.18
CA CYS J 224 -86.24 71.32 76.81
C CYS J 224 -86.10 71.47 78.32
N HIS J 225 -87.21 71.77 79.00
CA HIS J 225 -87.25 72.05 80.43
C HIS J 225 -88.28 71.17 81.16
N ASN J 226 -88.76 70.11 80.49
CA ASN J 226 -89.89 69.29 80.91
C ASN J 226 -89.82 67.91 80.24
N SER J 227 -89.66 66.84 81.01
CA SER J 227 -89.66 65.46 80.51
C SER J 227 -90.99 65.06 79.83
N SER J 228 -92.09 65.76 80.12
CA SER J 228 -93.37 65.58 79.43
C SER J 228 -93.51 66.42 78.15
N ASP J 229 -92.50 67.15 77.68
CA ASP J 229 -92.52 67.76 76.34
C ASP J 229 -92.53 66.70 75.23
N ARG J 230 -92.79 67.15 74.00
CA ARG J 230 -92.57 66.35 72.79
C ARG J 230 -91.57 67.03 71.87
N ILE J 231 -90.72 66.23 71.25
CA ILE J 231 -90.11 66.56 69.96
C ILE J 231 -91.15 66.34 68.86
N LYS J 232 -91.22 67.23 67.88
CA LYS J 232 -91.95 67.04 66.62
C LYS J 232 -90.96 67.03 65.45
N VAL J 233 -91.02 66.02 64.59
CA VAL J 233 -90.15 65.91 63.41
C VAL J 233 -91.00 65.71 62.18
N ARG J 234 -90.82 66.54 61.14
CA ARG J 234 -91.73 66.60 59.99
C ARG J 234 -90.94 66.69 58.69
N VAL J 235 -91.30 65.90 57.69
CA VAL J 235 -90.57 65.77 56.43
C VAL J 235 -91.37 66.51 55.35
N TRP J 236 -90.68 67.27 54.50
CA TRP J 236 -91.27 68.19 53.53
C TRP J 236 -90.57 68.05 52.19
N ASP J 237 -91.34 67.96 51.12
CA ASP J 237 -90.81 68.06 49.78
C ASP J 237 -90.56 69.54 49.42
N GLU J 238 -89.33 69.94 49.19
CA GLU J 238 -89.02 71.35 48.98
C GLU J 238 -89.58 71.89 47.65
N ASP J 239 -90.76 72.51 47.70
CA ASP J 239 -91.35 73.21 46.56
C ASP J 239 -90.89 74.67 46.54
N ASP J 240 -90.06 75.03 45.57
CA ASP J 240 -89.75 76.42 45.25
C ASP J 240 -90.26 76.73 43.84
N ASP J 241 -91.54 77.07 43.75
CA ASP J 241 -92.27 77.31 42.51
C ASP J 241 -93.43 78.32 42.73
N ILE J 242 -94.08 78.78 41.66
CA ILE J 242 -95.20 79.75 41.79
C ILE J 242 -96.30 79.22 42.71
N LYS J 243 -96.58 77.90 42.67
CA LYS J 243 -97.50 77.26 43.60
C LYS J 243 -97.09 77.42 45.06
N SER J 244 -95.82 77.17 45.43
CA SER J 244 -95.39 77.37 46.82
C SER J 244 -95.40 78.84 47.22
N ARG J 245 -95.00 79.77 46.34
CA ARG J 245 -95.12 81.22 46.57
C ARG J 245 -96.57 81.68 46.79
N VAL J 246 -97.54 81.05 46.12
CA VAL J 246 -98.98 81.25 46.40
C VAL J 246 -99.39 80.59 47.73
N LYS J 247 -99.05 79.31 47.94
CA LYS J 247 -99.38 78.56 49.17
C LYS J 247 -98.90 79.26 50.44
N GLN J 248 -97.74 79.92 50.41
CA GLN J 248 -97.18 80.69 51.53
C GLN J 248 -98.11 81.81 52.06
N ARG J 249 -99.12 82.22 51.28
CA ARG J 249 -100.13 83.23 51.64
C ARG J 249 -101.33 82.63 52.41
N PHE J 250 -101.42 81.31 52.52
CA PHE J 250 -102.58 80.56 53.06
C PHE J 250 -102.25 79.38 53.99
N LYS J 251 -101.11 78.70 53.82
CA LYS J 251 -100.60 77.60 54.69
C LYS J 251 -99.14 77.85 55.09
N ARG J 252 -98.78 77.56 56.34
CA ARG J 252 -97.40 77.69 56.89
C ARG J 252 -96.36 76.73 56.29
N GLU J 253 -96.80 75.61 55.72
CA GLU J 253 -95.92 74.48 55.35
C GLU J 253 -95.86 74.33 53.82
N SER J 254 -95.20 75.29 53.15
CA SER J 254 -95.21 75.49 51.69
C SER J 254 -94.48 74.42 50.85
N ASP J 255 -94.20 73.26 51.42
CA ASP J 255 -93.20 72.29 50.96
C ASP J 255 -93.78 70.89 51.17
N ASP J 256 -94.37 70.30 50.14
CA ASP J 256 -95.42 69.29 50.27
C ASP J 256 -95.03 68.14 51.23
N PHE J 257 -95.78 68.06 52.31
CA PHE J 257 -95.44 67.25 53.47
C PHE J 257 -95.41 65.75 53.17
N LEU J 258 -94.32 65.13 53.61
CA LEU J 258 -93.94 63.75 53.37
C LEU J 258 -94.16 62.83 54.57
N GLY J 259 -94.43 63.39 55.74
CA GLY J 259 -94.78 62.66 56.95
C GLY J 259 -94.09 63.16 58.21
N GLN J 260 -94.55 62.76 59.40
CA GLN J 260 -93.97 63.18 60.68
C GLN J 260 -93.79 62.04 61.69
N THR J 261 -92.96 62.26 62.70
CA THR J 261 -92.95 61.49 63.96
C THR J 261 -92.94 62.45 65.15
N ILE J 262 -93.55 62.04 66.26
CA ILE J 262 -93.64 62.83 67.50
C ILE J 262 -93.20 61.93 68.66
N ILE J 263 -92.31 62.45 69.51
CA ILE J 263 -91.55 61.63 70.47
C ILE J 263 -91.60 62.29 71.86
N GLU J 264 -91.99 61.57 72.91
CA GLU J 264 -92.00 62.10 74.28
C GLU J 264 -90.58 62.28 74.82
N VAL J 265 -90.30 63.41 75.46
CA VAL J 265 -88.97 63.68 76.00
C VAL J 265 -88.55 62.63 77.04
N ARG J 266 -89.48 62.05 77.83
CA ARG J 266 -89.13 60.96 78.76
C ARG J 266 -88.78 59.61 78.12
N THR J 267 -89.06 59.40 76.83
CA THR J 267 -88.49 58.24 76.12
C THR J 267 -87.01 58.45 75.80
N LEU J 268 -86.54 59.69 75.83
CA LEU J 268 -85.15 60.04 75.57
C LEU J 268 -84.27 59.87 76.82
N SER J 269 -83.00 59.63 76.56
CA SER J 269 -81.90 59.66 77.54
C SER J 269 -80.59 59.84 76.78
N GLY J 270 -79.52 60.27 77.46
CA GLY J 270 -78.14 60.18 76.99
C GLY J 270 -77.92 60.47 75.50
N GLU J 271 -77.75 59.41 74.71
CA GLU J 271 -77.70 59.44 73.24
C GLU J 271 -78.53 58.31 72.63
N MET J 272 -79.18 58.58 71.49
CA MET J 272 -80.07 57.66 70.78
C MET J 272 -79.80 57.69 69.27
N ASP J 273 -80.17 56.62 68.57
CA ASP J 273 -80.13 56.50 67.11
C ASP J 273 -81.18 55.48 66.63
N VAL J 274 -82.34 55.99 66.23
CA VAL J 274 -83.61 55.24 66.11
C VAL J 274 -84.31 55.62 64.81
N TRP J 275 -84.99 54.71 64.12
CA TRP J 275 -85.91 55.08 63.05
C TRP J 275 -87.38 54.81 63.33
N TYR J 276 -88.19 55.79 62.95
CA TYR J 276 -89.60 55.98 63.29
C TYR J 276 -90.43 55.99 62.00
N ASN J 277 -91.49 55.18 61.91
CA ASN J 277 -92.43 55.30 60.80
C ASN J 277 -93.14 56.67 60.80
N LEU J 278 -93.46 57.18 59.61
CA LEU J 278 -94.03 58.50 59.40
C LEU J 278 -95.56 58.54 59.35
N ASP J 279 -96.12 59.66 59.80
CA ASP J 279 -97.55 59.92 60.02
C ASP J 279 -98.03 61.19 59.30
N LYS J 280 -99.35 61.31 59.05
CA LYS J 280 -99.99 62.49 58.41
C LYS J 280 -100.03 63.73 59.34
N ARG J 281 -100.32 64.91 58.76
CA ARG J 281 -100.61 66.16 59.50
C ARG J 281 -101.59 67.05 58.74
N THR J 282 -101.13 67.70 57.68
CA THR J 282 -101.85 68.71 56.91
C THR J 282 -102.94 68.13 56.01
N ASP J 283 -103.81 68.98 55.49
CA ASP J 283 -104.79 68.63 54.45
C ASP J 283 -104.15 68.11 53.15
N LYS J 284 -102.88 68.46 52.88
CA LYS J 284 -102.06 68.04 51.72
C LYS J 284 -101.34 66.69 51.91
N SER J 285 -101.50 66.03 53.05
CA SER J 285 -100.70 64.84 53.43
C SER J 285 -101.03 63.59 52.59
N ALA J 286 -100.02 63.03 51.94
CA ALA J 286 -99.95 61.59 51.59
C ALA J 286 -98.58 61.11 52.08
N VAL J 287 -98.53 60.03 52.85
CA VAL J 287 -97.39 59.69 53.71
C VAL J 287 -97.07 58.20 53.61
N SER J 288 -95.77 57.87 53.64
CA SER J 288 -95.26 56.49 53.70
C SER J 288 -93.84 56.48 54.25
N GLY J 289 -93.35 55.31 54.68
CA GLY J 289 -91.96 55.11 55.07
C GLY J 289 -91.62 55.58 56.49
N ALA J 290 -90.33 55.80 56.74
CA ALA J 290 -89.77 56.07 58.07
C ALA J 290 -88.59 57.05 58.05
N ILE J 291 -88.33 57.70 59.18
CA ILE J 291 -87.20 58.61 59.42
C ILE J 291 -86.30 58.12 60.56
N ARG J 292 -84.99 58.04 60.31
CA ARG J 292 -83.95 57.79 61.31
C ARG J 292 -83.47 59.10 61.92
N LEU J 293 -83.53 59.17 63.23
CA LEU J 293 -83.06 60.26 64.05
C LEU J 293 -82.02 59.75 65.03
N HIS J 294 -80.83 60.32 64.98
CA HIS J 294 -79.97 60.37 66.14
C HIS J 294 -80.44 61.53 67.04
N ILE J 295 -80.50 61.30 68.36
CA ILE J 295 -81.00 62.28 69.33
C ILE J 295 -80.15 62.16 70.58
N SER J 296 -79.30 63.15 70.83
CA SER J 296 -78.61 63.28 72.12
C SER J 296 -79.40 64.18 73.08
N VAL J 297 -79.30 63.90 74.38
CA VAL J 297 -79.99 64.59 75.47
C VAL J 297 -79.06 64.76 76.65
N GLU J 298 -78.63 65.99 76.89
CA GLU J 298 -77.57 66.33 77.84
C GLU J 298 -78.06 66.51 79.28
N ILE J 299 -79.06 65.72 79.67
CA ILE J 299 -79.23 65.29 81.07
C ILE J 299 -78.06 64.36 81.47
N LYS J 300 -77.43 63.75 80.46
CA LYS J 300 -76.09 63.16 80.46
C LYS J 300 -75.08 64.04 81.19
N GLY J 301 -74.28 63.46 82.08
CA GLY J 301 -73.27 64.14 82.89
C GLY J 301 -71.89 63.50 82.75
N GLU J 302 -71.23 63.21 83.87
CA GLU J 302 -70.01 62.39 83.92
C GLU J 302 -70.31 60.92 83.62
N GLU J 303 -70.58 60.62 82.36
CA GLU J 303 -70.55 59.24 81.86
C GLU J 303 -69.09 58.79 81.61
N LYS J 304 -68.16 59.75 81.53
CA LYS J 304 -66.71 59.57 81.35
C LYS J 304 -65.97 58.87 82.49
N VAL J 305 -66.69 58.13 83.34
CA VAL J 305 -66.13 57.50 84.53
C VAL J 305 -64.96 56.63 84.14
N ALA J 306 -63.79 56.83 84.75
CA ALA J 306 -62.95 55.64 84.85
C ALA J 306 -63.75 54.70 85.77
N PRO J 307 -63.80 53.37 85.52
CA PRO J 307 -64.57 52.43 86.32
C PRO J 307 -64.22 52.71 87.76
N TYR J 308 -65.21 52.88 88.62
CA TYR J 308 -64.98 53.75 89.77
C TYR J 308 -63.93 53.25 90.76
N HIS J 309 -63.64 51.96 90.68
CA HIS J 309 -62.39 51.30 91.00
C HIS J 309 -61.14 52.18 90.76
N VAL J 310 -60.86 52.48 89.50
CA VAL J 310 -59.72 53.26 89.05
C VAL J 310 -59.76 54.69 89.59
N GLN J 311 -60.94 55.30 89.61
CA GLN J 311 -61.08 56.62 90.21
C GLN J 311 -60.76 56.62 91.70
N TYR J 312 -61.23 55.60 92.41
CA TYR J 312 -60.92 55.37 93.80
C TYR J 312 -59.44 55.11 93.99
N THR J 313 -58.81 54.35 93.10
CA THR J 313 -57.37 54.08 93.18
C THR J 313 -56.56 55.35 93.07
N CYS J 314 -56.87 56.18 92.06
CA CYS J 314 -56.24 57.49 91.88
C CYS J 314 -56.39 58.34 93.14
N LEU J 315 -57.61 58.43 93.65
CA LEU J 315 -57.88 59.09 94.91
C LEU J 315 -56.98 58.55 96.02
N HIS J 316 -56.99 57.24 96.19
CA HIS J 316 -56.26 56.55 97.26
C HIS J 316 -54.75 56.72 97.16
N GLU J 317 -54.17 56.63 95.98
CA GLU J 317 -52.73 56.80 95.79
C GLU J 317 -52.28 58.22 96.09
N ASN J 318 -53.04 59.18 95.56
CA ASN J 318 -52.81 60.58 95.86
C ASN J 318 -52.94 60.83 97.34
N LEU J 319 -53.98 60.32 97.97
CA LEU J 319 -54.17 60.51 99.38
C LEU J 319 -53.01 59.84 100.15
N PHE J 320 -52.63 58.61 99.81
CA PHE J 320 -51.57 57.88 100.47
C PHE J 320 -50.22 58.60 100.40
N HIS J 321 -49.80 59.01 99.21
CA HIS J 321 -48.58 59.79 99.10
C HIS J 321 -48.73 61.07 99.92
N PHE J 322 -49.90 61.72 99.88
CA PHE J 322 -50.07 62.98 100.57
C PHE J 322 -49.92 62.79 102.07
N VAL J 323 -50.55 61.76 102.62
CA VAL J 323 -50.46 61.45 104.04
C VAL J 323 -49.04 61.06 104.38
N THR J 324 -48.54 59.99 103.80
CA THR J 324 -47.24 59.44 104.18
C THR J 324 -46.14 60.44 103.90
N ASP J 325 -46.07 60.89 102.66
CA ASP J 325 -45.01 61.76 102.21
C ASP J 325 -45.28 63.20 102.60
N VAL J 326 -46.40 63.79 102.20
CA VAL J 326 -46.56 65.24 102.37
C VAL J 326 -46.78 65.61 103.83
N GLN J 327 -47.72 64.97 104.51
CA GLN J 327 -48.01 65.27 105.90
C GLN J 327 -46.95 64.68 106.80
N ASN J 328 -46.55 63.44 106.53
CA ASN J 328 -45.72 62.66 107.44
C ASN J 328 -44.29 62.46 106.97
N ASN J 329 -43.87 63.20 105.94
CA ASN J 329 -42.47 63.29 105.52
C ASN J 329 -41.88 61.91 105.20
N GLY J 330 -42.71 61.06 104.60
CA GLY J 330 -42.43 59.69 104.21
C GLY J 330 -42.71 58.67 105.31
N VAL J 331 -42.85 59.10 106.56
CA VAL J 331 -43.24 58.21 107.65
C VAL J 331 -44.65 57.75 107.37
N VAL J 332 -44.88 56.45 107.48
CA VAL J 332 -46.23 55.92 107.42
C VAL J 332 -46.87 56.13 108.80
N LYS J 333 -47.73 57.14 108.94
CA LYS J 333 -48.72 57.18 110.04
C LYS J 333 -49.69 56.01 109.86
N ILE J 334 -49.69 55.07 110.78
CA ILE J 334 -50.66 53.95 110.78
C ILE J 334 -52.05 54.56 111.16
N PRO J 335 -53.14 54.27 110.42
CA PRO J 335 -54.39 55.05 110.41
C PRO J 335 -55.08 55.32 111.75
N ASP J 336 -56.08 56.21 111.75
CA ASP J 336 -57.12 56.16 112.79
C ASP J 336 -58.06 54.97 112.52
N ALA J 337 -57.47 53.78 112.60
CA ALA J 337 -58.02 52.49 112.23
C ALA J 337 -58.72 51.77 113.40
N LYS J 338 -59.65 50.86 113.08
CA LYS J 338 -60.47 50.13 114.07
C LYS J 338 -60.48 48.63 113.78
N GLY J 339 -60.21 47.81 114.80
CA GLY J 339 -60.11 46.35 114.72
C GLY J 339 -59.00 45.82 113.81
N ASP J 340 -59.02 44.52 113.53
CA ASP J 340 -58.27 43.90 112.42
C ASP J 340 -58.61 44.56 111.07
N ASP J 341 -59.88 45.00 110.99
CA ASP J 341 -60.48 45.94 110.05
C ASP J 341 -59.80 47.32 109.95
N ALA J 342 -58.67 47.51 110.64
CA ALA J 342 -57.62 48.43 110.22
C ALA J 342 -57.29 48.22 108.74
N TRP J 343 -57.36 46.97 108.28
CA TRP J 343 -57.25 46.61 106.89
C TRP J 343 -58.30 47.27 105.95
N LYS J 344 -59.38 47.82 106.51
CA LYS J 344 -60.42 48.62 105.84
C LYS J 344 -60.45 50.08 106.23
N VAL J 345 -59.70 50.46 107.27
CA VAL J 345 -59.56 51.86 107.64
C VAL J 345 -58.15 52.27 107.34
N TYR J 346 -58.02 52.82 106.17
CA TYR J 346 -56.76 53.19 105.58
C TYR J 346 -56.24 54.50 106.17
N TYR J 347 -57.13 55.35 106.69
CA TYR J 347 -56.77 56.68 107.13
C TYR J 347 -57.54 57.16 108.36
N ASP J 348 -57.12 58.32 108.83
CA ASP J 348 -57.85 59.25 109.68
C ASP J 348 -59.24 59.55 109.14
N GLU J 349 -60.17 59.93 110.02
CA GLU J 349 -61.57 60.21 109.69
C GLU J 349 -61.76 60.93 108.36
N THR J 350 -61.06 62.04 108.17
CA THR J 350 -61.36 62.95 107.06
C THR J 350 -61.07 62.24 105.75
N ALA J 351 -59.89 61.66 105.68
CA ALA J 351 -59.40 60.88 104.56
C ALA J 351 -60.17 59.56 104.39
N GLN J 352 -60.54 58.94 105.50
CA GLN J 352 -61.32 57.72 105.49
C GLN J 352 -62.71 57.96 104.94
N GLU J 353 -63.36 59.02 105.40
CA GLU J 353 -64.64 59.48 104.87
C GLU J 353 -64.52 59.92 103.42
N ILE J 354 -63.44 60.57 103.00
CA ILE J 354 -63.18 60.85 101.60
C ILE J 354 -63.25 59.56 100.77
N VAL J 355 -62.41 58.57 101.08
CA VAL J 355 -62.36 57.36 100.27
C VAL J 355 -63.62 56.53 100.40
N ASP J 356 -64.25 56.55 101.57
CA ASP J 356 -65.49 55.83 101.80
C ASP J 356 -66.68 56.49 101.10
N GLU J 357 -66.89 57.81 101.19
CA GLU J 357 -67.95 58.49 100.42
C GLU J 357 -67.80 58.27 98.94
N PHE J 358 -66.56 58.19 98.46
CA PHE J 358 -66.26 57.79 97.09
C PHE J 358 -66.64 56.32 96.84
N ALA J 359 -66.14 55.39 97.65
CA ALA J 359 -66.48 53.97 97.56
C ALA J 359 -67.96 53.66 97.88
N MET J 360 -68.70 54.59 98.44
CA MET J 360 -70.13 54.50 98.70
C MET J 360 -70.90 55.05 97.52
N ARG J 361 -70.73 56.35 97.22
CA ARG J 361 -71.37 57.00 96.06
C ARG J 361 -71.06 56.24 94.78
N TYR J 362 -69.88 55.62 94.73
CA TYR J 362 -69.40 54.86 93.58
C TYR J 362 -69.04 53.40 93.90
N GLY J 363 -69.62 52.83 94.96
CA GLY J 363 -69.74 51.39 95.20
C GLY J 363 -68.48 50.55 95.43
N VAL J 364 -67.28 51.09 95.22
CA VAL J 364 -66.00 50.36 95.19
C VAL J 364 -65.83 49.40 96.36
N GLU J 365 -65.63 48.12 96.06
CA GLU J 365 -65.64 47.04 97.06
C GLU J 365 -64.46 47.11 98.03
N SER J 366 -64.71 46.77 99.29
CA SER J 366 -63.75 46.83 100.40
C SER J 366 -62.40 46.15 100.11
N ILE J 367 -62.40 44.99 99.45
CA ILE J 367 -61.17 44.30 99.07
C ILE J 367 -60.35 45.08 98.03
N TYR J 368 -61.00 45.74 97.07
CA TYR J 368 -60.31 46.56 96.08
C TYR J 368 -59.63 47.77 96.75
N GLN J 369 -60.32 48.37 97.71
CA GLN J 369 -59.79 49.42 98.56
C GLN J 369 -58.54 48.95 99.33
N ALA J 370 -58.60 47.75 99.92
CA ALA J 370 -57.50 47.12 100.66
C ALA J 370 -56.27 46.78 99.82
N MET J 371 -56.44 46.14 98.66
CA MET J 371 -55.30 45.78 97.79
C MET J 371 -54.56 47.02 97.32
N THR J 372 -55.31 48.10 97.01
CA THR J 372 -54.79 49.43 96.70
C THR J 372 -53.92 49.97 97.83
N HIS J 373 -54.40 49.89 99.07
CA HIS J 373 -53.64 50.27 100.25
C HIS J 373 -52.41 49.39 100.48
N PHE J 374 -52.48 48.09 100.25
CA PHE J 374 -51.32 47.21 100.42
C PHE J 374 -50.24 47.52 99.35
N ALA J 375 -50.66 47.84 98.13
CA ALA J 375 -49.77 48.34 97.08
C ALA J 375 -49.06 49.62 97.53
N CYS J 376 -49.81 50.59 98.02
CA CYS J 376 -49.27 51.77 98.67
C CYS J 376 -48.24 51.41 99.77
N LEU J 377 -48.64 50.67 100.81
CA LEU J 377 -47.77 50.31 101.95
C LEU J 377 -46.47 49.65 101.52
N SER J 378 -46.50 48.80 100.49
CA SER J 378 -45.31 48.06 100.05
C SER J 378 -44.16 48.98 99.63
N SER J 379 -44.46 50.20 99.18
CA SER J 379 -43.45 51.21 98.84
C SER J 379 -42.75 51.79 100.08
N LYS J 380 -43.18 51.42 101.29
CA LYS J 380 -42.72 51.94 102.58
C LYS J 380 -42.47 50.83 103.62
N TYR J 381 -42.40 49.55 103.22
CA TYR J 381 -42.57 48.40 104.14
C TYR J 381 -41.60 48.38 105.33
N MET J 382 -40.45 49.02 105.19
CA MET J 382 -39.35 49.12 106.15
C MET J 382 -39.67 50.04 107.35
N CYS J 383 -40.68 50.91 107.26
CA CYS J 383 -41.08 51.79 108.36
C CYS J 383 -41.55 51.00 109.59
N PRO J 384 -41.32 51.47 110.82
CA PRO J 384 -41.61 50.70 112.03
C PRO J 384 -43.08 50.30 112.15
N GLY J 385 -43.37 49.09 112.62
CA GLY J 385 -44.73 48.56 112.74
C GLY J 385 -45.41 48.18 111.42
N VAL J 386 -45.01 48.75 110.27
CA VAL J 386 -45.61 48.44 108.96
C VAL J 386 -45.61 46.93 108.66
N PRO J 387 -44.62 46.11 109.03
CA PRO J 387 -44.71 44.67 108.79
C PRO J 387 -45.82 43.97 109.57
N ALA J 388 -46.15 44.45 110.76
CA ALA J 388 -47.32 43.99 111.48
C ALA J 388 -48.59 44.38 110.72
N VAL J 389 -48.69 45.63 110.27
CA VAL J 389 -49.85 46.12 109.51
C VAL J 389 -49.99 45.38 108.19
N MET J 390 -48.91 45.16 107.46
CA MET J 390 -48.95 44.41 106.21
C MET J 390 -49.22 42.93 106.50
N SER J 391 -48.71 42.35 107.59
CA SER J 391 -49.09 40.99 107.97
C SER J 391 -50.57 40.89 108.20
N THR J 392 -51.13 41.89 108.88
CA THR J 392 -52.56 42.04 109.15
C THR J 392 -53.33 42.19 107.86
N LEU J 393 -53.00 43.21 107.07
CA LEU J 393 -53.66 43.53 105.82
C LEU J 393 -53.62 42.34 104.87
N LEU J 394 -52.50 41.63 104.81
CA LEU J 394 -52.39 40.43 104.00
C LEU J 394 -53.12 39.24 104.59
N ALA J 395 -53.09 39.03 105.90
CA ALA J 395 -53.93 38.02 106.51
C ALA J 395 -55.40 38.23 106.16
N ASN J 396 -55.84 39.49 106.09
CA ASN J 396 -57.17 39.84 105.66
C ASN J 396 -57.41 39.71 104.17
N ILE J 397 -56.55 40.23 103.30
CA ILE J 397 -56.68 40.05 101.85
C ILE J 397 -56.65 38.56 101.49
N ASN J 398 -55.81 37.80 102.19
CA ASN J 398 -55.84 36.34 102.14
C ASN J 398 -57.19 35.83 102.58
N ALA J 399 -57.60 36.12 103.81
CA ALA J 399 -58.85 35.61 104.35
C ALA J 399 -60.04 36.00 103.47
N TYR J 400 -59.96 37.14 102.82
CA TYR J 400 -60.92 37.60 101.85
C TYR J 400 -61.00 36.65 100.66
N TYR J 401 -59.95 36.53 99.87
CA TYR J 401 -60.00 35.71 98.66
C TYR J 401 -60.04 34.21 98.96
N ALA J 402 -59.45 33.78 100.07
CA ALA J 402 -59.44 32.39 100.51
C ALA J 402 -60.78 31.96 101.13
N HIS J 403 -61.48 32.83 101.85
CA HIS J 403 -62.64 32.44 102.67
C HIS J 403 -63.88 33.33 102.48
N THR J 404 -63.75 34.66 102.42
CA THR J 404 -64.94 35.49 102.17
C THR J 404 -65.48 35.21 100.76
N THR J 405 -66.77 34.89 100.66
CA THR J 405 -67.40 34.41 99.42
C THR J 405 -66.75 33.15 98.83
N ALA J 406 -65.99 32.38 99.61
CA ALA J 406 -65.64 30.99 99.25
C ALA J 406 -66.87 30.05 99.25
N SER J 407 -68.03 30.55 99.69
CA SER J 407 -69.36 30.04 99.34
C SER J 407 -69.59 29.94 97.82
N THR J 408 -69.00 30.85 97.03
CA THR J 408 -68.86 30.67 95.59
C THR J 408 -67.87 29.55 95.33
N ASN J 409 -68.28 28.57 94.52
CA ASN J 409 -67.49 27.37 94.24
C ASN J 409 -66.21 27.66 93.43
N VAL J 410 -66.09 28.87 92.89
CA VAL J 410 -64.89 29.42 92.26
C VAL J 410 -63.68 29.34 93.20
N SER J 411 -62.51 28.98 92.67
CA SER J 411 -61.31 28.84 93.50
C SER J 411 -60.86 30.16 94.11
N ALA J 412 -60.03 30.10 95.14
CA ALA J 412 -59.48 31.31 95.72
C ALA J 412 -58.62 32.06 94.71
N SER J 413 -57.83 31.33 93.91
CA SER J 413 -56.97 31.91 92.89
C SER J 413 -57.76 32.54 91.76
N ASP J 414 -58.97 32.04 91.50
CA ASP J 414 -59.87 32.53 90.45
C ASP J 414 -60.79 33.65 90.92
N ARG J 415 -61.28 33.60 92.14
CA ARG J 415 -61.98 34.72 92.77
C ARG J 415 -61.02 35.91 92.88
N PHE J 416 -59.78 35.60 93.25
CA PHE J 416 -58.66 36.52 93.17
C PHE J 416 -58.37 36.97 91.74
N ALA J 417 -58.45 36.12 90.73
CA ALA J 417 -58.39 36.56 89.33
C ALA J 417 -59.51 37.55 88.96
N ALA J 418 -60.74 37.26 89.37
CA ALA J 418 -61.88 38.16 89.21
C ALA J 418 -61.77 39.44 90.03
N SER J 419 -60.71 39.60 90.82
CA SER J 419 -60.39 40.87 91.44
C SER J 419 -60.32 41.96 90.38
N ASN J 420 -61.16 42.98 90.54
CA ASN J 420 -61.12 44.16 89.70
C ASN J 420 -59.79 44.90 89.85
N PHE J 421 -59.04 44.68 90.95
CA PHE J 421 -57.69 45.21 91.13
C PHE J 421 -56.71 44.62 90.10
N GLY J 422 -56.92 43.38 89.68
CA GLY J 422 -55.97 42.64 88.85
C GLY J 422 -55.11 41.74 89.72
N LYS J 423 -55.41 40.45 89.72
CA LYS J 423 -54.62 39.43 90.40
C LYS J 423 -53.13 39.59 90.21
N GLU J 424 -52.71 39.63 88.96
CA GLU J 424 -51.32 39.71 88.51
C GLU J 424 -50.56 40.85 89.18
N ARG J 425 -51.10 42.06 89.07
CA ARG J 425 -50.63 43.27 89.73
C ARG J 425 -50.37 43.02 91.22
N PHE J 426 -51.26 42.27 91.87
CA PHE J 426 -51.12 41.92 93.27
C PHE J 426 -50.05 40.83 93.51
N VAL J 427 -50.02 39.79 92.68
CA VAL J 427 -49.01 38.72 92.76
C VAL J 427 -47.59 39.28 92.62
N LYS J 428 -47.37 40.13 91.62
CA LYS J 428 -46.09 40.82 91.40
C LYS J 428 -45.66 41.54 92.67
N LEU J 429 -46.56 42.37 93.18
CA LEU J 429 -46.42 43.18 94.38
C LEU J 429 -46.01 42.34 95.60
N LEU J 430 -46.68 41.21 95.83
CA LEU J 430 -46.30 40.26 96.88
C LEU J 430 -44.90 39.69 96.67
N ASP J 431 -44.57 39.29 95.46
CA ASP J 431 -43.28 38.66 95.16
C ASP J 431 -42.12 39.64 95.36
N GLN J 432 -42.29 40.88 94.89
CA GLN J 432 -41.32 41.95 95.11
C GLN J 432 -41.11 42.17 96.60
N LEU J 433 -42.20 42.30 97.34
CA LEU J 433 -42.18 42.51 98.77
C LEU J 433 -41.48 41.34 99.45
N HIS J 434 -41.92 40.11 99.20
CA HIS J 434 -41.35 38.87 99.75
C HIS J 434 -39.85 38.83 99.53
N ASN J 435 -39.42 39.08 98.29
CA ASN J 435 -38.02 39.15 97.96
C ASN J 435 -37.31 40.19 98.82
N SER J 436 -37.87 41.39 98.92
CA SER J 436 -37.33 42.45 99.75
C SER J 436 -37.24 42.03 101.23
N LEU J 437 -38.19 41.22 101.72
CA LEU J 437 -38.10 40.63 103.05
C LEU J 437 -36.95 39.62 103.13
N ARG J 438 -36.92 38.61 102.24
CA ARG J 438 -35.85 37.60 102.13
C ARG J 438 -34.48 38.26 102.16
N ILE J 439 -34.34 39.34 101.40
CA ILE J 439 -33.15 40.15 101.33
C ILE J 439 -32.79 40.65 102.72
N ASP J 440 -33.69 41.38 103.35
CA ASP J 440 -33.42 41.98 104.64
C ASP J 440 -33.07 40.92 105.68
N LEU J 441 -33.76 39.79 105.64
CA LEU J 441 -33.51 38.62 106.49
C LEU J 441 -32.14 37.99 106.23
N SER J 442 -31.68 37.99 104.99
CA SER J 442 -30.38 37.42 104.67
C SER J 442 -29.24 38.15 105.34
N MET J 443 -29.48 39.39 105.77
CA MET J 443 -28.64 40.09 106.73
C MET J 443 -29.45 40.54 107.93
N TYR J 444 -30.16 39.61 108.53
CA TYR J 444 -31.01 39.90 109.68
C TYR J 444 -30.26 40.67 110.76
N ARG J 445 -29.01 40.27 111.05
CA ARG J 445 -28.25 40.84 112.16
C ARG J 445 -28.01 42.33 111.93
N ASN J 446 -27.57 42.67 110.73
CA ASN J 446 -27.25 44.03 110.35
C ASN J 446 -28.52 44.86 110.17
N ASN J 447 -29.57 44.29 109.59
CA ASN J 447 -30.81 45.00 109.32
C ASN J 447 -31.72 45.15 110.56
N PHE J 448 -31.63 44.25 111.52
CA PHE J 448 -32.49 44.18 112.71
C PHE J 448 -31.64 43.85 113.94
N PRO J 449 -30.74 44.76 114.32
CA PRO J 449 -29.77 44.49 115.36
C PRO J 449 -30.45 44.17 116.69
N ALA J 450 -29.88 43.24 117.44
CA ALA J 450 -30.42 42.77 118.71
C ALA J 450 -30.61 43.93 119.70
N SER J 451 -29.69 44.90 119.64
CA SER J 451 -29.72 46.16 120.37
C SER J 451 -30.94 47.03 120.09
N SER J 452 -31.69 46.77 119.01
CA SER J 452 -33.02 47.34 118.80
C SER J 452 -34.08 46.27 118.95
N PRO J 453 -34.69 46.15 120.15
CA PRO J 453 -35.90 45.35 120.36
C PRO J 453 -37.01 45.71 119.39
N GLU J 454 -37.10 46.99 119.02
CA GLU J 454 -38.07 47.47 118.05
C GLU J 454 -37.83 46.85 116.68
N ARG J 455 -36.58 46.85 116.21
CA ARG J 455 -36.26 46.14 114.99
C ARG J 455 -36.30 44.64 115.18
N LEU J 456 -36.04 44.07 116.37
CA LEU J 456 -36.38 42.67 116.65
C LEU J 456 -37.89 42.43 116.55
N GLN J 457 -38.73 43.38 116.92
CA GLN J 457 -40.16 43.17 116.78
C GLN J 457 -40.60 43.35 115.34
N ASP J 458 -40.14 44.38 114.65
CA ASP J 458 -40.36 44.50 113.23
C ASP J 458 -39.87 43.24 112.52
N LEU J 459 -38.72 42.70 112.91
CA LEU J 459 -38.20 41.41 112.44
C LEU J 459 -39.22 40.29 112.73
N LYS J 460 -39.72 40.17 113.96
CA LYS J 460 -40.73 39.19 114.30
C LYS J 460 -42.00 39.35 113.44
N SER J 461 -42.56 40.55 113.37
CA SER J 461 -43.68 40.92 112.50
C SER J 461 -43.39 40.74 111.01
N THR J 462 -42.13 40.83 110.60
CA THR J 462 -41.70 40.56 109.23
C THR J 462 -41.83 39.07 108.96
N VAL J 463 -41.39 38.21 109.88
CA VAL J 463 -41.54 36.76 109.69
C VAL J 463 -43.00 36.36 109.80
N ASP J 464 -43.77 37.05 110.63
CA ASP J 464 -45.23 36.93 110.63
C ASP J 464 -45.83 37.38 109.29
N LEU J 465 -45.35 38.47 108.70
CA LEU J 465 -45.72 38.84 107.34
C LEU J 465 -45.28 37.77 106.32
N LEU J 466 -44.08 37.20 106.43
CA LEU J 466 -43.58 36.21 105.48
C LEU J 466 -44.36 34.90 105.58
N THR J 467 -44.76 34.49 106.78
CA THR J 467 -45.74 33.42 106.95
C THR J 467 -47.05 33.81 106.29
N SER J 468 -47.55 35.05 106.51
CA SER J 468 -48.75 35.56 105.84
C SER J 468 -48.68 35.55 104.31
N ILE J 469 -47.52 35.85 103.70
CA ILE J 469 -47.31 35.74 102.24
C ILE J 469 -47.25 34.27 101.81
N THR J 470 -46.53 33.42 102.53
CA THR J 470 -46.44 31.98 102.21
C THR J 470 -47.84 31.35 102.22
N PHE J 471 -48.62 31.71 103.22
CA PHE J 471 -50.02 31.40 103.37
C PHE J 471 -50.87 31.97 102.23
N PHE J 472 -50.69 33.22 101.80
CA PHE J 472 -51.34 33.71 100.59
C PHE J 472 -51.01 32.91 99.33
N ARG J 473 -49.74 32.56 99.12
CA ARG J 473 -49.33 31.75 97.98
C ARG J 473 -49.99 30.37 98.02
N MET J 474 -49.98 29.76 99.20
CA MET J 474 -50.60 28.47 99.45
C MET J 474 -52.12 28.49 99.31
N LYS J 475 -52.79 29.54 99.81
CA LYS J 475 -54.24 29.59 99.99
C LYS J 475 -54.96 30.36 98.90
N VAL J 476 -54.45 31.52 98.52
CA VAL J 476 -55.08 32.35 97.50
C VAL J 476 -54.53 32.05 96.13
N GLN J 477 -53.21 32.05 95.92
CA GLN J 477 -52.68 31.58 94.65
C GLN J 477 -52.82 30.07 94.47
N GLU J 478 -53.10 29.35 95.57
CA GLU J 478 -53.34 27.91 95.61
C GLU J 478 -52.12 27.09 95.19
N LEU J 479 -50.92 27.67 95.32
CA LEU J 479 -49.66 27.00 95.05
C LEU J 479 -49.44 25.83 96.00
N GLN J 480 -48.87 24.75 95.48
CA GLN J 480 -48.90 23.42 96.10
C GLN J 480 -47.66 23.17 96.96
N SER J 481 -46.51 23.63 96.46
CA SER J 481 -45.23 23.63 97.15
C SER J 481 -44.59 25.01 97.01
N PRO J 482 -45.21 26.08 97.56
CA PRO J 482 -44.53 27.36 97.71
C PRO J 482 -43.28 27.19 98.60
N PRO J 483 -42.32 28.12 98.56
CA PRO J 483 -41.13 28.09 99.42
C PRO J 483 -41.51 28.08 100.90
N ARG J 484 -41.09 27.05 101.64
CA ARG J 484 -41.48 26.89 103.05
C ARG J 484 -40.83 27.98 103.90
N ALA J 485 -41.65 28.71 104.67
CA ALA J 485 -41.21 29.89 105.43
C ALA J 485 -39.99 29.60 106.34
N SER J 486 -39.95 28.46 107.03
CA SER J 486 -38.78 28.08 107.83
C SER J 486 -37.51 27.88 106.99
N GLN J 487 -37.56 27.22 105.83
CA GLN J 487 -36.37 27.00 105.00
C GLN J 487 -35.88 28.31 104.36
N VAL J 488 -36.81 29.11 103.86
CA VAL J 488 -36.57 30.47 103.33
C VAL J 488 -35.76 31.29 104.32
N VAL J 489 -36.18 31.27 105.58
CA VAL J 489 -35.52 31.99 106.67
C VAL J 489 -34.19 31.32 107.04
N LYS J 490 -34.14 29.99 107.12
CA LYS J 490 -32.91 29.23 107.44
C LYS J 490 -31.78 29.54 106.46
N ASP J 491 -32.09 29.64 105.18
CA ASP J 491 -31.16 30.14 104.17
C ASP J 491 -30.66 31.54 104.53
N CYS J 492 -31.57 32.46 104.83
CA CYS J 492 -31.23 33.82 105.22
C CYS J 492 -30.34 33.88 106.46
N VAL J 493 -30.56 32.97 107.40
CA VAL J 493 -29.80 32.89 108.64
C VAL J 493 -28.42 32.36 108.36
N LYS J 494 -28.35 31.23 107.66
CA LYS J 494 -27.09 30.68 107.17
C LYS J 494 -26.34 31.74 106.41
N ALA J 495 -27.01 32.49 105.55
CA ALA J 495 -26.43 33.60 104.82
C ALA J 495 -25.83 34.62 105.81
N CYS J 496 -26.66 35.15 106.70
CA CYS J 496 -26.22 36.13 107.66
C CYS J 496 -25.07 35.64 108.54
N LEU J 497 -25.09 34.37 108.95
CA LEU J 497 -24.03 33.70 109.71
C LEU J 497 -22.75 33.56 108.92
N ASN J 498 -22.82 33.17 107.65
CA ASN J 498 -21.63 33.05 106.82
C ASN J 498 -21.01 34.42 106.53
N SER J 499 -21.82 35.44 106.27
CA SER J 499 -21.36 36.82 106.15
C SER J 499 -20.68 37.28 107.43
N THR J 500 -21.28 36.91 108.56
CA THR J 500 -20.65 37.12 109.85
C THR J 500 -19.30 36.41 109.89
N TYR J 501 -19.21 35.12 109.52
CA TYR J 501 -17.96 34.36 109.66
C TYR J 501 -16.85 34.91 108.78
N GLU J 502 -17.14 35.11 107.50
CA GLU J 502 -16.23 35.73 106.55
C GLU J 502 -15.69 37.01 107.16
N TYR J 503 -16.62 37.86 107.60
CA TYR J 503 -16.25 39.14 108.12
C TYR J 503 -15.39 38.99 109.37
N ILE J 504 -15.72 38.08 110.30
CA ILE J 504 -14.87 37.89 111.48
C ILE J 504 -13.52 37.27 111.16
N PHE J 505 -13.44 36.33 110.22
CA PHE J 505 -12.19 35.66 109.92
C PHE J 505 -11.21 36.57 109.19
N ASN J 506 -11.76 37.53 108.44
CA ASN J 506 -11.00 38.53 107.72
C ASN J 506 -10.68 39.76 108.57
N ASN J 507 -11.51 40.07 109.57
CA ASN J 507 -11.43 41.29 110.37
C ASN J 507 -11.31 40.99 111.88
N CYS J 508 -10.73 39.84 112.25
CA CYS J 508 -10.69 39.38 113.63
C CYS J 508 -10.16 40.44 114.56
N HIS J 509 -9.14 41.16 114.10
CA HIS J 509 -8.52 42.12 114.97
C HIS J 509 -9.32 43.37 115.19
N GLU J 510 -9.92 43.91 114.16
CA GLU J 510 -10.79 45.07 114.23
C GLU J 510 -12.00 44.78 115.11
N LEU J 511 -12.55 43.57 114.97
CA LEU J 511 -13.69 43.13 115.73
C LEU J 511 -13.34 42.80 117.17
N TYR J 512 -12.40 41.89 117.39
CA TYR J 512 -11.97 41.55 118.74
C TYR J 512 -11.38 42.73 119.46
N GLY J 513 -10.57 43.49 118.72
CA GLY J 513 -10.17 44.84 119.01
C GLY J 513 -11.28 45.60 119.70
N ARG J 514 -12.20 46.14 118.91
CA ARG J 514 -13.26 47.01 119.42
C ARG J 514 -14.19 46.32 120.44
N GLU J 515 -14.49 45.05 120.27
CA GLU J 515 -15.48 44.35 121.09
C GLU J 515 -14.93 43.89 122.46
N TYR J 516 -13.62 43.61 122.63
CA TYR J 516 -13.08 43.11 123.92
C TYR J 516 -11.62 43.44 124.27
N GLN J 517 -10.79 43.83 123.30
CA GLN J 517 -9.34 43.61 123.38
C GLN J 517 -8.69 44.15 124.64
N THR J 518 -7.92 43.29 125.32
CA THR J 518 -7.25 43.53 126.60
C THR J 518 -6.11 44.57 126.57
N ASP J 519 -6.01 45.36 125.49
CA ASP J 519 -5.11 46.53 125.34
C ASP J 519 -5.75 47.50 124.33
N PRO J 520 -6.08 48.75 124.70
CA PRO J 520 -6.76 49.70 123.82
C PRO J 520 -5.96 50.05 122.55
N ALA J 521 -4.62 49.98 122.60
CA ALA J 521 -3.77 50.22 121.42
C ALA J 521 -3.93 49.13 120.34
N LYS J 522 -4.58 48.02 120.69
CA LYS J 522 -4.81 46.86 119.81
C LYS J 522 -6.26 46.75 119.31
N LYS J 523 -7.09 47.80 119.48
CA LYS J 523 -8.49 47.84 118.96
C LYS J 523 -8.61 48.14 117.46
N GLY J 524 -7.61 48.83 116.89
CA GLY J 524 -7.64 49.32 115.52
C GLY J 524 -7.33 48.28 114.44
N GLU J 525 -7.07 48.75 113.21
CA GLU J 525 -6.67 47.95 112.06
C GLU J 525 -5.23 47.43 112.16
N VAL J 526 -5.03 46.52 113.11
CA VAL J 526 -3.86 45.64 113.20
C VAL J 526 -3.63 44.93 111.86
N PRO J 527 -2.38 44.60 111.46
CA PRO J 527 -2.09 44.09 110.12
C PRO J 527 -2.99 42.91 109.70
N PRO J 528 -3.36 42.79 108.41
CA PRO J 528 -4.19 41.69 107.93
C PRO J 528 -3.70 40.30 108.34
N GLU J 529 -2.39 40.09 108.45
CA GLU J 529 -1.75 38.87 108.98
C GLU J 529 -1.97 38.63 110.49
N GLU J 530 -2.84 39.43 111.11
CA GLU J 530 -3.22 39.44 112.50
C GLU J 530 -4.74 39.72 112.68
N GLN J 531 -5.44 40.01 111.58
CA GLN J 531 -6.90 40.06 111.43
C GLN J 531 -7.47 38.82 110.76
N GLY J 532 -6.59 38.18 110.00
CA GLY J 532 -6.55 36.78 109.71
C GLY J 532 -5.34 36.21 110.47
N PRO J 533 -4.91 34.99 110.13
CA PRO J 533 -3.94 34.25 110.96
C PRO J 533 -2.53 34.84 111.02
N SER J 534 -1.92 34.78 112.22
CA SER J 534 -0.48 35.03 112.43
C SER J 534 0.33 33.76 112.49
N ILE J 535 1.56 33.81 111.97
CA ILE J 535 2.56 32.78 112.28
C ILE J 535 3.36 33.07 113.56
N LYS J 536 3.37 34.32 114.03
CA LYS J 536 4.19 34.76 115.18
C LYS J 536 3.56 34.41 116.53
N ASN J 537 2.22 34.40 116.60
CA ASN J 537 1.46 34.32 117.85
C ASN J 537 0.15 33.53 117.67
N LEU J 538 -0.43 33.11 118.80
CA LEU J 538 -1.71 32.39 118.85
C LEU J 538 -2.89 33.30 119.23
N ASP J 539 -2.65 34.60 119.28
CA ASP J 539 -3.56 35.53 119.93
C ASP J 539 -4.76 35.78 119.03
N PHE J 540 -4.55 35.95 117.73
CA PHE J 540 -5.62 35.94 116.72
C PHE J 540 -6.63 34.82 116.99
N TRP J 541 -6.15 33.64 117.36
CA TRP J 541 -7.01 32.48 117.60
C TRP J 541 -7.72 32.55 118.94
N SER J 542 -7.05 32.98 120.01
CA SER J 542 -7.76 33.25 121.27
C SER J 542 -8.85 34.30 121.08
N LYS J 543 -8.61 35.24 120.17
CA LYS J 543 -9.50 36.35 119.85
C LYS J 543 -10.67 35.90 119.02
N LEU J 544 -10.38 35.08 118.01
CA LEU J 544 -11.39 34.42 117.19
C LEU J 544 -12.29 33.52 118.05
N ILE J 545 -11.74 32.79 119.03
CA ILE J 545 -12.54 31.99 119.98
C ILE J 545 -13.59 32.87 120.67
N THR J 546 -13.19 34.03 121.19
CA THR J 546 -14.11 34.91 121.89
C THR J 546 -15.18 35.52 120.97
N LEU J 547 -14.81 35.89 119.74
CA LEU J 547 -15.78 36.33 118.73
C LEU J 547 -16.86 35.30 118.51
N ILE J 548 -16.43 34.06 118.30
CA ILE J 548 -17.32 32.95 118.03
C ILE J 548 -18.33 32.77 119.19
N VAL J 549 -17.83 32.71 120.42
CA VAL J 549 -18.64 32.66 121.64
C VAL J 549 -19.70 33.77 121.63
N SER J 550 -19.26 35.01 121.46
CA SER J 550 -20.13 36.18 121.50
C SER J 550 -21.29 36.11 120.50
N ILE J 551 -21.00 35.73 119.26
CA ILE J 551 -22.02 35.61 118.23
C ILE J 551 -23.02 34.51 118.56
N ILE J 552 -22.53 33.33 118.95
CA ILE J 552 -23.41 32.21 119.27
C ILE J 552 -24.32 32.59 120.41
N GLU J 553 -23.79 33.32 121.39
CA GLU J 553 -24.59 33.91 122.42
C GLU J 553 -25.67 34.83 121.87
N GLU J 554 -25.34 35.86 121.09
CA GLU J 554 -26.37 36.74 120.55
C GLU J 554 -27.47 35.99 119.79
N ASP J 555 -27.09 34.98 119.02
CA ASP J 555 -28.03 34.16 118.28
C ASP J 555 -28.90 33.29 119.17
N LYS J 556 -28.28 32.62 120.13
CA LYS J 556 -28.97 31.86 121.15
C LYS J 556 -29.92 32.73 121.96
N ASN J 557 -29.51 33.96 122.24
CA ASN J 557 -30.10 34.74 123.32
C ASN J 557 -31.06 35.81 122.80
N SER J 558 -30.73 36.53 121.74
CA SER J 558 -31.62 37.55 121.18
C SER J 558 -32.43 37.04 120.01
N TYR J 559 -31.80 36.30 119.11
CA TYR J 559 -32.46 35.96 117.86
C TYR J 559 -33.29 34.68 117.95
N THR J 560 -32.84 33.65 118.65
CA THR J 560 -33.65 32.44 118.83
C THR J 560 -35.03 32.76 119.43
N PRO J 561 -35.12 33.68 120.40
CA PRO J 561 -36.42 34.13 120.91
C PRO J 561 -37.17 35.06 119.94
N CYS J 562 -36.48 36.00 119.30
CA CYS J 562 -37.13 36.88 118.33
C CYS J 562 -37.81 36.09 117.21
N LEU J 563 -37.17 35.00 116.77
CA LEU J 563 -37.52 34.18 115.62
C LEU J 563 -38.06 32.80 115.98
N ASN J 564 -38.91 32.80 116.98
CA ASN J 564 -39.52 31.59 117.50
C ASN J 564 -40.60 30.97 116.57
N GLN J 565 -41.00 31.56 115.44
CA GLN J 565 -42.15 31.11 114.64
C GLN J 565 -42.04 29.65 114.18
N PHE J 566 -40.82 29.16 114.01
CA PHE J 566 -40.53 27.78 113.68
C PHE J 566 -39.57 27.23 114.73
N PRO J 567 -40.01 27.04 115.97
CA PRO J 567 -39.11 26.77 117.09
C PRO J 567 -38.41 25.42 116.93
N GLN J 568 -39.19 24.44 116.48
CA GLN J 568 -38.76 23.08 116.14
C GLN J 568 -37.72 23.06 115.01
N GLU J 569 -37.82 24.01 114.09
CA GLU J 569 -36.98 24.05 112.89
C GLU J 569 -35.84 25.07 112.97
N LEU J 570 -35.91 26.04 113.89
CA LEU J 570 -35.15 27.29 113.82
C LEU J 570 -34.62 27.74 115.20
N ASN J 571 -33.81 26.88 115.84
CA ASN J 571 -32.93 27.28 116.94
C ASN J 571 -31.74 28.10 116.40
N VAL J 572 -31.84 29.42 116.41
CA VAL J 572 -30.81 30.31 115.82
C VAL J 572 -29.45 30.11 116.52
N GLY J 573 -29.44 29.87 117.82
CA GLY J 573 -28.22 29.57 118.58
C GLY J 573 -27.48 28.32 118.13
N LYS J 574 -28.17 27.22 117.86
CA LYS J 574 -27.55 25.99 117.32
C LYS J 574 -27.02 26.16 115.90
N ILE J 575 -27.82 26.77 115.00
CA ILE J 575 -27.40 27.00 113.61
C ILE J 575 -26.14 27.86 113.59
N SER J 576 -26.11 28.87 114.47
CA SER J 576 -24.93 29.67 114.73
C SER J 576 -23.74 28.80 115.15
N ALA J 577 -23.82 28.05 116.26
CA ALA J 577 -22.69 27.23 116.73
C ALA J 577 -22.13 26.27 115.67
N GLU J 578 -22.98 25.57 114.94
CA GLU J 578 -22.56 24.67 113.87
C GLU J 578 -21.82 25.42 112.75
N VAL J 579 -22.47 26.44 112.17
CA VAL J 579 -21.93 27.17 111.03
C VAL J 579 -20.56 27.73 111.40
N MET J 580 -20.50 28.43 112.53
CA MET J 580 -19.30 29.11 112.95
C MET J 580 -18.16 28.15 113.30
N TRP J 581 -18.43 27.07 114.04
CA TRP J 581 -17.39 26.07 114.34
C TRP J 581 -16.84 25.46 113.06
N SER J 582 -17.71 25.12 112.12
CA SER J 582 -17.29 24.40 110.92
C SER J 582 -16.24 25.23 110.20
N LEU J 583 -16.60 26.49 109.95
CA LEU J 583 -15.77 27.45 109.27
C LEU J 583 -14.47 27.69 110.05
N PHE J 584 -14.58 27.79 111.37
CA PHE J 584 -13.43 27.89 112.25
C PHE J 584 -12.48 26.71 112.15
N ALA J 585 -12.98 25.49 112.26
CA ALA J 585 -12.15 24.32 112.52
C ALA J 585 -11.20 24.08 111.36
N GLN J 586 -11.72 24.30 110.14
CA GLN J 586 -10.92 24.31 108.93
C GLN J 586 -9.73 25.26 109.08
N ASP J 587 -10.04 26.48 109.45
CA ASP J 587 -9.07 27.54 109.49
C ASP J 587 -8.04 27.29 110.58
N MET J 588 -8.50 26.87 111.76
CA MET J 588 -7.62 26.48 112.86
C MET J 588 -6.71 25.32 112.50
N LYS J 589 -7.23 24.25 111.90
CA LYS J 589 -6.37 23.13 111.52
C LYS J 589 -5.21 23.62 110.66
N TYR J 590 -5.48 24.41 109.62
CA TYR J 590 -4.40 24.89 108.75
C TYR J 590 -3.43 25.77 109.52
N ALA J 591 -3.93 26.54 110.47
CA ALA J 591 -3.09 27.37 111.30
C ALA J 591 -2.09 26.58 112.12
N MET J 592 -2.58 25.57 112.83
CA MET J 592 -1.73 24.71 113.63
C MET J 592 -0.69 24.00 112.76
N GLU J 593 -1.08 23.53 111.58
CA GLU J 593 -0.09 23.00 110.63
C GLU J 593 0.95 24.05 110.23
N GLU J 594 0.55 25.30 110.04
CA GLU J 594 1.48 26.36 109.66
C GLU J 594 2.47 26.71 110.78
N HIS J 595 1.97 26.91 112.00
CA HIS J 595 2.80 27.08 113.19
C HIS J 595 3.81 25.97 113.31
N ASP J 596 3.43 24.74 112.98
CA ASP J 596 4.30 23.60 113.15
C ASP J 596 5.57 23.68 112.31
N LYS J 597 5.50 24.34 111.15
CA LYS J 597 6.64 24.54 110.25
C LYS J 597 7.60 25.62 110.77
N HIS J 598 7.14 26.50 111.66
CA HIS J 598 7.88 27.72 112.04
C HIS J 598 8.27 27.75 113.52
N ARG J 599 7.38 27.29 114.40
CA ARG J 599 7.58 27.14 115.86
C ARG J 599 8.03 28.43 116.55
N LEU J 600 7.39 29.54 116.20
CA LEU J 600 7.73 30.88 116.72
C LEU J 600 7.14 31.11 118.11
N CYS J 601 5.90 30.69 118.35
CA CYS J 601 5.31 30.57 119.68
C CYS J 601 5.97 29.40 120.45
N LYS J 602 6.06 29.46 121.79
CA LYS J 602 6.62 28.36 122.60
C LYS J 602 5.67 27.18 122.65
N SER J 603 6.19 25.97 122.87
CA SER J 603 5.38 24.75 123.12
C SER J 603 4.18 25.06 124.00
N ALA J 604 4.46 25.65 125.17
CA ALA J 604 3.53 26.14 126.18
C ALA J 604 2.33 26.92 125.62
N ASP J 605 2.57 27.82 124.67
CA ASP J 605 1.52 28.67 124.10
C ASP J 605 0.50 27.78 123.37
N TYR J 606 0.97 26.81 122.60
CA TYR J 606 0.09 25.84 121.95
C TYR J 606 -0.60 24.97 122.98
N MET J 607 0.04 24.61 124.09
CA MET J 607 -0.63 23.88 125.16
C MET J 607 -1.77 24.72 125.78
N ASN J 608 -1.53 26.00 126.03
CA ASN J 608 -2.56 26.93 126.51
C ASN J 608 -3.71 27.02 125.51
N LEU J 609 -3.37 27.21 124.23
CA LEU J 609 -4.34 27.23 123.15
C LEU J 609 -5.13 25.92 123.11
N HIS J 610 -4.46 24.79 123.28
CA HIS J 610 -5.11 23.50 123.35
C HIS J 610 -6.16 23.50 124.45
N PHE J 611 -5.85 23.96 125.67
CA PHE J 611 -6.87 23.98 126.72
C PHE J 611 -8.05 24.88 126.36
N LYS J 612 -7.82 26.04 125.75
CA LYS J 612 -8.88 26.93 125.28
C LYS J 612 -9.74 26.25 124.23
N VAL J 613 -9.12 25.60 123.26
CA VAL J 613 -9.82 24.94 122.16
C VAL J 613 -10.59 23.73 122.68
N LYS J 614 -9.93 22.94 123.52
CA LYS J 614 -10.51 21.80 124.21
C LYS J 614 -11.76 22.27 124.93
N TRP J 615 -11.63 23.30 125.76
CA TRP J 615 -12.77 23.92 126.38
C TRP J 615 -13.84 24.32 125.35
N LEU J 616 -13.48 25.06 124.30
CA LEU J 616 -14.46 25.60 123.37
C LEU J 616 -15.29 24.51 122.71
N TYR J 617 -14.61 23.50 122.17
CA TYR J 617 -15.29 22.38 121.53
C TYR J 617 -16.19 21.70 122.55
N ASN J 618 -15.61 21.39 123.71
CA ASN J 618 -16.30 20.66 124.75
C ASN J 618 -17.44 21.48 125.36
N GLU J 619 -17.44 22.80 125.18
CA GLU J 619 -18.56 23.65 125.44
C GLU J 619 -19.55 23.58 124.28
N TYR J 620 -19.30 24.35 123.22
CA TYR J 620 -20.34 24.63 122.24
C TYR J 620 -20.60 23.46 121.30
N VAL J 621 -19.55 22.77 120.90
CA VAL J 621 -19.55 22.00 119.65
C VAL J 621 -19.91 20.56 119.89
N ALA J 622 -19.31 19.97 120.92
CA ALA J 622 -19.40 18.55 121.22
C ALA J 622 -20.84 18.05 121.33
N GLU J 623 -21.78 18.90 121.75
CA GLU J 623 -23.17 18.53 121.97
C GLU J 623 -24.06 18.70 120.75
N LEU J 624 -23.61 19.44 119.73
CA LEU J 624 -24.32 19.43 118.45
C LEU J 624 -24.23 17.99 117.91
N PRO J 625 -25.34 17.39 117.44
CA PRO J 625 -25.37 15.97 117.07
C PRO J 625 -24.23 15.61 116.13
N THR J 626 -24.02 16.46 115.13
CA THR J 626 -22.96 16.40 114.13
C THR J 626 -21.58 16.10 114.72
N PHE J 627 -21.27 16.57 115.93
CA PHE J 627 -19.94 16.43 116.54
C PHE J 627 -19.95 15.60 117.81
N LYS J 628 -21.12 15.42 118.42
CA LYS J 628 -21.35 14.34 119.38
C LYS J 628 -21.14 12.98 118.72
N ASP J 629 -21.49 12.88 117.44
CA ASP J 629 -21.24 11.72 116.59
C ASP J 629 -19.76 11.31 116.46
N ARG J 630 -18.79 12.14 116.89
CA ARG J 630 -17.36 11.98 116.54
C ARG J 630 -16.36 12.09 117.69
N VAL J 631 -15.29 11.30 117.59
CA VAL J 631 -14.02 11.59 118.26
C VAL J 631 -13.51 12.94 117.75
N PRO J 632 -13.23 13.92 118.63
CA PRO J 632 -12.83 15.24 118.20
C PRO J 632 -11.49 15.18 117.47
N GLU J 633 -11.41 15.87 116.35
CA GLU J 633 -10.22 15.83 115.51
C GLU J 633 -9.17 16.86 115.90
N TYR J 634 -9.58 17.92 116.60
CA TYR J 634 -8.67 18.97 117.07
C TYR J 634 -7.36 18.50 117.74
N PRO J 635 -7.29 17.36 118.45
CA PRO J 635 -6.04 16.96 119.09
C PRO J 635 -4.92 16.68 118.09
N ALA J 636 -5.28 16.26 116.87
CA ALA J 636 -4.30 16.09 115.81
C ALA J 636 -3.57 17.39 115.48
N TRP J 637 -4.22 18.53 115.71
CA TRP J 637 -3.61 19.83 115.48
C TRP J 637 -2.48 20.09 116.46
N PHE J 638 -2.75 19.88 117.74
CA PHE J 638 -1.83 20.21 118.83
C PHE J 638 -0.72 19.17 119.00
N GLU J 639 -0.96 17.94 118.58
CA GLU J 639 -0.07 16.82 118.81
C GLU J 639 1.42 17.08 118.51
N PRO J 640 1.80 17.74 117.43
CA PRO J 640 3.20 18.03 117.17
C PRO J 640 3.81 18.94 118.24
N PHE J 641 3.04 19.89 118.73
CA PHE J 641 3.45 20.85 119.75
C PHE J 641 3.59 20.19 121.10
N VAL J 642 2.75 19.20 121.35
CA VAL J 642 2.87 18.32 122.51
C VAL J 642 4.12 17.45 122.39
N ILE J 643 4.39 16.93 121.22
CA ILE J 643 5.59 16.15 120.99
C ILE J 643 6.81 17.05 121.17
N GLN J 644 6.81 18.24 120.59
CA GLN J 644 7.84 19.24 120.83
C GLN J 644 8.02 19.48 122.33
N TRP J 645 6.92 19.68 123.02
CA TRP J 645 6.97 19.82 124.43
C TRP J 645 7.62 18.58 125.08
N LEU J 646 7.22 17.36 124.72
CA LEU J 646 7.80 16.11 125.20
C LEU J 646 9.30 16.04 124.91
N ASP J 647 9.74 16.66 123.84
CA ASP J 647 11.12 16.71 123.45
C ASP J 647 11.90 17.65 124.35
N GLU J 648 11.44 18.90 124.43
CA GLU J 648 11.99 19.88 125.35
C GLU J 648 12.08 19.28 126.74
N ASN J 649 10.98 18.67 127.14
CA ASN J 649 10.83 17.98 128.39
C ASN J 649 11.87 16.88 128.55
N GLU J 650 12.01 15.95 127.60
CA GLU J 650 12.98 14.88 127.79
C GLU J 650 14.39 15.44 127.95
N GLU J 651 14.76 16.42 127.14
CA GLU J 651 16.13 16.91 127.16
C GLU J 651 16.42 17.61 128.47
N VAL J 652 15.52 18.51 128.88
CA VAL J 652 15.51 19.06 130.21
C VAL J 652 15.61 17.95 131.26
N SER J 653 14.81 16.89 131.13
CA SER J 653 14.82 15.77 132.08
C SER J 653 16.16 15.03 132.09
N ARG J 654 16.87 14.97 130.97
CA ARG J 654 18.13 14.24 130.89
C ARG J 654 19.25 15.11 131.45
N ASP J 655 19.20 16.40 131.21
CA ASP J 655 20.08 17.36 131.86
C ASP J 655 19.85 17.38 133.39
N PHE J 656 18.59 17.42 133.80
CA PHE J 656 18.17 17.28 135.19
C PHE J 656 18.70 15.98 135.78
N LEU J 657 18.56 14.87 135.07
CA LEU J 657 19.00 13.54 135.52
C LEU J 657 20.48 13.57 135.87
N HIS J 658 21.28 14.13 134.98
CA HIS J 658 22.71 14.24 135.22
C HIS J 658 22.99 15.14 136.41
N GLY J 659 22.33 16.31 136.48
CA GLY J 659 22.42 17.16 137.67
C GLY J 659 22.08 16.41 138.96
N ALA J 660 20.96 15.70 139.01
CA ALA J 660 20.49 14.98 140.18
C ALA J 660 21.47 13.88 140.60
N LEU J 661 21.90 13.05 139.65
CA LEU J 661 22.92 12.03 139.88
C LEU J 661 24.19 12.66 140.43
N GLU J 662 24.61 13.79 139.87
CA GLU J 662 25.83 14.45 140.28
C GLU J 662 25.70 15.08 141.65
N ARG J 663 24.56 15.68 142.00
CA ARG J 663 24.28 16.19 143.36
C ARG J 663 24.30 15.07 144.37
N ASP J 664 23.71 13.94 144.02
CA ASP J 664 23.70 12.75 144.85
C ASP J 664 25.12 12.15 144.97
N LYS J 665 25.89 12.13 143.88
CA LYS J 665 27.30 11.75 143.86
C LYS J 665 28.15 12.63 144.75
N LYS J 666 27.88 13.93 144.72
CA LYS J 666 28.52 14.90 145.59
C LYS J 666 28.14 14.65 147.05
N ASP J 667 26.90 14.30 147.29
CA ASP J 667 26.47 13.70 148.55
C ASP J 667 26.97 12.25 148.77
N GLY J 668 27.99 11.79 148.04
CA GLY J 668 28.58 10.46 148.20
C GLY J 668 27.58 9.30 148.05
N PHE J 669 26.42 9.54 147.43
CA PHE J 669 25.27 8.64 147.38
C PHE J 669 24.80 8.12 148.74
N GLN J 670 24.57 8.99 149.72
CA GLN J 670 23.90 8.54 150.95
C GLN J 670 22.52 7.95 150.67
N GLN J 671 22.13 6.93 151.44
CA GLN J 671 20.74 6.48 151.43
C GLN J 671 19.83 7.57 151.95
N THR J 672 18.66 7.68 151.34
CA THR J 672 17.67 8.73 151.62
C THR J 672 17.23 8.72 153.07
N SER J 673 17.27 7.55 153.68
CA SER J 673 17.43 7.34 155.11
C SER J 673 17.98 5.93 155.31
N GLU J 674 18.37 5.58 156.52
CA GLU J 674 18.92 4.26 156.81
C GLU J 674 17.95 3.09 156.55
N HIS J 675 16.68 3.41 156.30
CA HIS J 675 15.62 2.50 155.91
C HIS J 675 15.04 2.83 154.52
N ALA J 676 15.19 4.05 153.98
CA ALA J 676 14.96 4.40 152.58
C ALA J 676 16.27 4.21 151.80
N LEU J 677 16.49 2.96 151.40
CA LEU J 677 17.80 2.37 151.10
C LEU J 677 18.48 2.88 149.82
N PHE J 678 17.71 3.50 148.92
CA PHE J 678 18.18 4.20 147.75
C PHE J 678 18.56 5.64 148.10
N SER J 679 19.32 6.32 147.26
CA SER J 679 19.67 7.70 147.37
C SER J 679 18.72 8.63 146.59
N CYS J 680 18.79 9.92 146.93
CA CYS J 680 17.74 10.90 146.63
C CYS J 680 17.47 11.12 145.14
N SER J 681 18.48 10.96 144.29
CA SER J 681 18.35 11.15 142.86
C SER J 681 17.22 10.29 142.29
N VAL J 682 17.02 9.09 142.82
CA VAL J 682 15.92 8.23 142.38
C VAL J 682 14.58 8.93 142.53
N VAL J 683 14.40 9.53 143.68
CA VAL J 683 13.21 10.26 144.08
C VAL J 683 13.03 11.47 143.18
N ASP J 684 14.07 12.27 143.03
CA ASP J 684 14.07 13.48 142.22
C ASP J 684 13.63 13.16 140.80
N VAL J 685 14.19 12.09 140.26
CA VAL J 685 13.90 11.63 138.91
C VAL J 685 12.46 11.22 138.82
N PHE J 686 11.96 10.36 139.71
CA PHE J 686 10.56 10.02 139.65
C PHE J 686 9.67 11.23 139.84
N SER J 687 10.02 12.14 140.73
CA SER J 687 9.31 13.39 140.88
C SER J 687 9.25 14.14 139.55
N GLN J 688 10.38 14.33 138.91
CA GLN J 688 10.43 15.00 137.63
C GLN J 688 9.56 14.30 136.60
N LEU J 689 9.74 13.00 136.48
CA LEU J 689 9.01 12.19 135.51
C LEU J 689 7.52 12.28 135.74
N ASN J 690 7.10 12.33 136.98
CA ASN J 690 5.71 12.50 137.30
C ASN J 690 5.25 13.92 136.98
N GLN J 691 5.98 14.97 137.36
CA GLN J 691 5.61 16.34 136.97
C GLN J 691 5.37 16.42 135.46
N SER J 692 6.30 15.82 134.74
CA SER J 692 6.27 15.69 133.30
C SER J 692 5.07 14.92 132.82
N PHE J 693 4.87 13.71 133.31
CA PHE J 693 3.76 12.87 132.89
C PHE J 693 2.45 13.59 133.09
N GLU J 694 2.33 14.29 134.21
CA GLU J 694 1.09 14.95 134.53
C GLU J 694 0.80 16.09 133.59
N ILE J 695 1.81 16.81 133.12
CA ILE J 695 1.64 17.81 132.07
C ILE J 695 1.03 17.19 130.82
N ILE J 696 1.44 15.97 130.46
CA ILE J 696 0.78 15.23 129.37
C ILE J 696 -0.64 14.90 129.78
N LYS J 697 -0.78 14.30 130.96
CA LYS J 697 -2.02 13.68 131.36
C LYS J 697 -3.15 14.71 131.39
N LYS J 698 -2.84 15.91 131.88
CA LYS J 698 -3.66 17.13 131.89
C LYS J 698 -4.22 17.58 130.55
N LEU J 699 -3.80 16.99 129.45
CA LEU J 699 -4.41 17.25 128.16
C LEU J 699 -5.64 16.36 127.91
N GLU J 700 -5.66 15.14 128.46
CA GLU J 700 -6.73 14.14 128.28
C GLU J 700 -7.20 14.03 126.84
N CYS J 701 -6.26 13.91 125.90
CA CYS J 701 -6.55 13.90 124.47
C CYS J 701 -7.60 12.83 124.13
N PRO J 702 -8.76 13.22 123.55
CA PRO J 702 -9.84 12.29 123.26
C PRO J 702 -9.55 11.36 122.07
N ASP J 703 -8.46 11.60 121.32
CA ASP J 703 -7.93 10.66 120.35
C ASP J 703 -6.88 9.75 121.01
N PRO J 704 -7.23 8.48 121.32
CA PRO J 704 -6.35 7.61 122.07
C PRO J 704 -5.12 7.15 121.28
N GLN J 705 -5.10 7.33 119.97
CA GLN J 705 -3.95 6.97 119.15
C GLN J 705 -2.91 8.08 119.21
N ILE J 706 -3.37 9.33 119.18
CA ILE J 706 -2.55 10.49 119.48
C ILE J 706 -2.02 10.41 120.91
N VAL J 707 -2.86 10.00 121.86
CA VAL J 707 -2.38 9.64 123.20
C VAL J 707 -1.33 8.55 123.11
N GLY J 708 -1.61 7.48 122.38
CA GLY J 708 -0.69 6.37 122.24
C GLY J 708 0.65 6.87 121.72
N HIS J 709 0.64 7.84 120.83
CA HIS J 709 1.85 8.46 120.31
C HIS J 709 2.62 9.20 121.39
N TYR J 710 1.95 10.04 122.16
CA TYR J 710 2.59 10.65 123.32
C TYR J 710 3.20 9.60 124.24
N MET J 711 2.49 8.50 124.47
CA MET J 711 2.94 7.45 125.37
C MET J 711 4.11 6.68 124.80
N ARG J 712 4.13 6.45 123.49
CA ARG J 712 5.27 5.86 122.80
C ARG J 712 6.47 6.77 122.93
N ARG J 713 6.30 8.04 122.54
CA ARG J 713 7.27 9.14 122.69
C ARG J 713 7.83 9.18 124.11
N PHE J 714 6.96 9.16 125.09
CA PHE J 714 7.36 9.31 126.48
C PHE J 714 7.97 8.02 127.03
N ALA J 715 7.48 6.85 126.65
CA ALA J 715 8.05 5.59 127.09
C ALA J 715 9.49 5.48 126.65
N LYS J 716 9.79 6.07 125.49
CA LYS J 716 11.15 6.28 125.05
C LYS J 716 11.85 7.21 126.00
N THR J 717 11.33 8.42 126.25
CA THR J 717 11.91 9.34 127.24
C THR J 717 12.32 8.63 128.49
N ILE J 718 11.37 7.90 129.06
CA ILE J 718 11.52 7.14 130.28
C ILE J 718 12.63 6.12 130.10
N SER J 719 12.54 5.29 129.07
CA SER J 719 13.56 4.31 128.80
C SER J 719 14.93 4.94 128.74
N ASN J 720 15.05 6.02 127.99
CA ASN J 720 16.30 6.70 127.78
C ASN J 720 16.85 7.26 129.08
N VAL J 721 16.06 8.06 129.77
CA VAL J 721 16.39 8.63 131.06
C VAL J 721 16.82 7.54 132.04
N LEU J 722 16.04 6.47 132.13
CA LEU J 722 16.28 5.46 133.16
C LEU J 722 17.45 4.59 132.83
N LEU J 723 17.65 4.25 131.57
CA LEU J 723 18.83 3.50 131.20
C LEU J 723 20.05 4.36 131.38
N GLN J 724 19.96 5.64 131.05
CA GLN J 724 21.02 6.60 131.30
C GLN J 724 21.32 6.73 132.79
N TYR J 725 20.32 6.74 133.66
CA TYR J 725 20.58 6.60 135.10
C TYR J 725 21.31 5.31 135.39
N ALA J 726 20.71 4.18 135.01
CA ALA J 726 21.16 2.84 135.37
C ALA J 726 22.59 2.62 134.91
N ASP J 727 22.88 3.16 133.74
CA ASP J 727 24.19 3.25 133.17
C ASP J 727 25.12 4.12 134.02
N ILE J 728 24.77 5.38 134.28
CA ILE J 728 25.61 6.28 135.06
C ILE J 728 25.94 5.65 136.42
N VAL J 729 24.97 4.96 137.00
CA VAL J 729 25.20 4.09 138.14
C VAL J 729 26.16 2.97 137.82
N SER J 730 25.85 2.11 136.85
CA SER J 730 26.63 0.91 136.53
C SER J 730 28.09 1.22 136.27
N LYS J 731 28.33 2.38 135.67
CA LYS J 731 29.64 2.95 135.42
C LYS J 731 30.39 3.19 136.72
N ASP J 732 29.80 4.01 137.59
CA ASP J 732 30.43 4.35 138.86
C ASP J 732 30.52 3.15 139.82
N PHE J 733 29.65 2.17 139.62
CA PHE J 733 29.40 1.07 140.53
C PHE J 733 30.65 0.35 141.01
N ALA J 734 31.50 -0.08 140.08
CA ALA J 734 32.72 -0.78 140.39
C ALA J 734 33.70 0.06 141.23
N SER J 735 33.79 1.38 140.96
CA SER J 735 34.60 2.29 141.75
C SER J 735 34.14 2.32 143.21
N TYR J 736 32.85 2.15 143.42
CA TYR J 736 32.25 2.07 144.73
C TYR J 736 32.35 0.69 145.37
N CYS J 737 32.56 -0.36 144.58
CA CYS J 737 32.63 -1.74 145.06
C CYS J 737 33.82 -2.03 145.98
N SER J 738 34.76 -1.12 146.12
CA SER J 738 35.85 -1.30 147.07
C SER J 738 35.30 -1.48 148.51
N LYS J 739 35.99 -2.32 149.31
CA LYS J 739 35.51 -3.00 150.53
C LYS J 739 35.23 -2.10 151.76
N GLU J 740 35.00 -0.81 151.57
CA GLU J 740 34.93 0.22 152.62
C GLU J 740 33.83 1.22 152.30
N LYS J 741 33.66 1.59 151.04
CA LYS J 741 32.49 2.32 150.56
C LYS J 741 31.27 1.41 150.40
N GLU J 742 31.28 0.19 150.92
CA GLU J 742 30.28 -0.87 150.72
C GLU J 742 28.83 -0.40 150.82
N LYS J 743 28.55 0.58 151.70
CA LYS J 743 27.23 1.24 151.75
C LYS J 743 26.78 1.74 150.39
N VAL J 744 27.66 2.39 149.66
CA VAL J 744 27.36 3.02 148.37
C VAL J 744 26.91 1.99 147.32
N PRO J 745 27.64 0.91 146.99
CA PRO J 745 27.12 -0.10 146.07
C PRO J 745 25.78 -0.71 146.49
N CYS J 746 25.56 -0.93 147.79
CA CYS J 746 24.25 -1.34 148.28
C CYS J 746 23.20 -0.33 147.84
N ILE J 747 23.41 0.95 148.19
CA ILE J 747 22.51 2.06 147.89
C ILE J 747 22.26 2.19 146.41
N LEU J 748 23.30 2.09 145.58
CA LEU J 748 23.18 2.12 144.12
C LEU J 748 22.34 0.95 143.59
N MET J 749 22.55 -0.27 144.08
CA MET J 749 21.69 -1.38 143.73
C MET J 749 20.25 -1.15 144.22
N ASN J 750 20.07 -0.55 145.39
CA ASN J 750 18.77 -0.15 145.88
C ASN J 750 18.17 0.95 145.02
N ASN J 751 18.96 1.88 144.48
CA ASN J 751 18.47 2.88 143.56
C ASN J 751 17.88 2.20 142.36
N THR J 752 18.66 1.30 141.78
CA THR J 752 18.34 0.54 140.57
C THR J 752 17.03 -0.22 140.78
N GLN J 753 16.97 -0.97 141.86
CA GLN J 753 15.77 -1.68 142.24
C GLN J 753 14.62 -0.71 142.52
N GLN J 754 14.89 0.41 143.16
CA GLN J 754 13.90 1.42 143.40
C GLN J 754 13.40 2.04 142.09
N LEU J 755 14.26 2.21 141.08
CA LEU J 755 13.83 2.57 139.75
C LEU J 755 12.81 1.58 139.29
N ARG J 756 13.16 0.29 139.26
CA ARG J 756 12.26 -0.75 138.79
C ARG J 756 10.91 -0.64 139.50
N VAL J 757 10.96 -0.56 140.82
CA VAL J 757 9.81 -0.44 141.67
C VAL J 757 8.96 0.77 141.28
N GLN J 758 9.52 1.96 141.23
CA GLN J 758 8.75 3.13 140.84
C GLN J 758 8.37 3.13 139.38
N LEU J 759 9.15 2.48 138.53
CA LEU J 759 8.85 2.33 137.13
C LEU J 759 7.58 1.52 137.00
N GLU J 760 7.43 0.41 137.73
CA GLU J 760 6.18 -0.34 137.75
C GLU J 760 5.03 0.60 138.12
N LYS J 761 5.21 1.44 139.14
CA LYS J 761 4.22 2.45 139.56
C LYS J 761 3.90 3.44 138.44
N MET J 762 4.91 4.04 137.82
CA MET J 762 4.72 5.00 136.75
C MET J 762 4.05 4.37 135.54
N PHE J 763 4.44 3.14 135.21
CA PHE J 763 3.81 2.35 134.16
C PHE J 763 2.33 2.19 134.49
N GLU J 764 1.98 1.80 135.72
CA GLU J 764 0.59 1.85 136.12
C GLU J 764 -0.03 3.24 135.99
N ALA J 765 0.69 4.29 136.40
CA ALA J 765 0.21 5.66 136.34
C ALA J 765 -0.10 6.08 134.90
N MET J 766 0.70 5.64 133.94
CA MET J 766 0.48 5.76 132.51
C MET J 766 -0.67 4.88 132.00
N GLY J 767 -1.42 4.25 132.90
CA GLY J 767 -2.51 3.36 132.55
C GLY J 767 -2.01 1.95 132.28
N GLY J 768 -1.01 1.50 133.04
CA GLY J 768 -0.63 0.11 133.22
C GLY J 768 -0.85 -0.81 132.02
N LYS J 769 -1.63 -1.87 132.20
CA LYS J 769 -1.89 -2.87 131.16
C LYS J 769 -2.84 -2.37 130.08
N GLU J 770 -3.50 -1.26 130.34
CA GLU J 770 -4.31 -0.51 129.39
C GLU J 770 -3.43 0.29 128.39
N LEU J 771 -2.15 0.49 128.71
CA LEU J 771 -1.19 1.29 127.95
C LEU J 771 -1.05 0.82 126.50
N ASP J 772 -0.74 1.77 125.61
CA ASP J 772 -0.30 1.48 124.25
C ASP J 772 0.73 0.36 124.22
N ALA J 773 0.50 -0.63 123.37
CA ALA J 773 1.30 -1.85 123.38
C ALA J 773 2.80 -1.61 123.11
N GLU J 774 3.20 -0.50 122.49
CA GLU J 774 4.58 -0.22 122.11
C GLU J 774 5.29 0.67 123.12
N ALA J 775 4.56 1.63 123.69
CA ALA J 775 4.98 2.24 124.94
C ALA J 775 5.18 1.14 125.99
N SER J 776 4.21 0.23 126.12
CA SER J 776 4.31 -0.93 127.00
C SER J 776 5.50 -1.81 126.62
N GLY J 777 5.65 -2.20 125.36
CA GLY J 777 6.82 -2.92 124.85
C GLY J 777 8.11 -2.27 125.32
N THR J 778 8.21 -0.96 125.16
CA THR J 778 9.36 -0.17 125.58
C THR J 778 9.61 -0.29 127.07
N LEU J 779 8.59 -0.05 127.88
CA LEU J 779 8.77 -0.11 129.32
C LEU J 779 9.04 -1.54 129.81
N LYS J 780 8.55 -2.58 129.12
CA LYS J 780 8.88 -3.98 129.43
C LYS J 780 10.33 -4.29 129.12
N GLU J 781 10.77 -3.92 127.93
CA GLU J 781 12.17 -3.95 127.51
C GLU J 781 13.05 -3.26 128.55
N LEU J 782 12.65 -2.08 128.95
CA LEU J 782 13.37 -1.25 129.89
C LEU J 782 13.53 -1.99 131.20
N GLN J 783 12.42 -2.49 131.77
CA GLN J 783 12.43 -3.25 133.01
C GLN J 783 13.32 -4.49 132.92
N VAL J 784 13.29 -5.23 131.81
CA VAL J 784 14.19 -6.38 131.61
C VAL J 784 15.66 -5.97 131.64
N LYS J 785 16.01 -4.89 130.95
CA LYS J 785 17.38 -4.36 130.98
C LYS J 785 17.79 -3.92 132.37
N LEU J 786 16.93 -3.18 133.06
CA LEU J 786 17.18 -2.77 134.43
C LEU J 786 17.40 -3.99 135.34
N ASN J 787 16.64 -5.08 135.15
CA ASN J 787 16.89 -6.32 135.86
C ASN J 787 18.29 -6.88 135.57
N ASN J 788 18.65 -6.95 134.30
CA ASN J 788 19.92 -7.54 133.91
C ASN J 788 21.08 -6.68 134.42
N VAL J 789 20.94 -5.34 134.35
CA VAL J 789 21.86 -4.41 135.02
C VAL J 789 22.04 -4.82 136.48
N LEU J 790 20.95 -5.01 137.22
CA LEU J 790 21.01 -5.32 138.65
C LEU J 790 21.72 -6.64 138.95
N ASP J 791 21.56 -7.65 138.10
CA ASP J 791 22.37 -8.86 138.21
C ASP J 791 23.86 -8.55 138.10
N GLU J 792 24.24 -7.77 137.10
CA GLU J 792 25.66 -7.51 136.87
C GLU J 792 26.25 -6.66 137.98
N LEU J 793 25.49 -5.70 138.51
CA LEU J 793 25.92 -4.97 139.69
C LEU J 793 26.08 -5.91 140.89
N SER J 794 25.12 -6.80 141.17
CA SER J 794 25.25 -7.75 142.27
C SER J 794 26.50 -8.62 142.14
N HIS J 795 26.82 -9.00 140.91
CA HIS J 795 27.99 -9.79 140.61
C HIS J 795 29.25 -8.99 140.82
N VAL J 796 29.37 -7.83 140.17
CA VAL J 796 30.50 -6.91 140.29
C VAL J 796 30.76 -6.60 141.75
N PHE J 797 29.69 -6.39 142.52
CA PHE J 797 29.78 -6.15 143.93
C PHE J 797 30.35 -7.35 144.68
N ALA J 798 29.68 -8.51 144.60
CA ALA J 798 30.12 -9.72 145.27
C ALA J 798 31.57 -10.08 144.94
N THR J 799 31.95 -9.80 143.70
CA THR J 799 33.29 -10.03 143.19
C THR J 799 34.35 -9.21 143.92
N SER J 800 34.11 -7.95 144.32
CA SER J 800 35.16 -7.17 144.98
C SER J 800 35.56 -7.73 146.36
N PHE J 801 34.71 -8.55 146.96
CA PHE J 801 34.99 -9.29 148.19
C PHE J 801 35.71 -10.60 147.95
N GLN J 802 35.65 -11.12 146.73
CA GLN J 802 36.26 -12.38 146.37
C GLN J 802 37.69 -12.55 146.86
N PRO J 803 38.59 -11.56 146.78
CA PRO J 803 39.95 -11.73 147.26
C PRO J 803 39.98 -11.95 148.77
N HIS J 804 39.17 -11.18 149.48
CA HIS J 804 39.04 -11.32 150.91
C HIS J 804 38.45 -12.67 151.28
N ILE J 805 37.46 -13.12 150.53
CA ILE J 805 36.82 -14.41 150.70
C ILE J 805 37.85 -15.51 150.50
N GLU J 806 38.55 -15.50 149.38
CA GLU J 806 39.58 -16.47 149.06
C GLU J 806 40.70 -16.50 150.08
N GLU J 807 41.12 -15.32 150.53
CA GLU J 807 42.09 -15.17 151.58
C GLU J 807 41.61 -15.84 152.87
N CYS J 808 40.46 -15.42 153.38
CA CYS J 808 39.85 -16.00 154.55
C CYS J 808 39.71 -17.50 154.40
N VAL J 809 39.17 -17.98 153.29
CA VAL J 809 38.98 -19.41 153.04
C VAL J 809 40.30 -20.15 153.04
N ARG J 810 41.36 -19.57 152.47
CA ARG J 810 42.68 -20.18 152.55
C ARG J 810 43.11 -20.27 154.01
N GLN J 811 42.92 -19.22 154.82
CA GLN J 811 43.21 -19.31 156.25
C GLN J 811 42.38 -20.39 156.93
N MET J 812 41.11 -20.50 156.59
CA MET J 812 40.26 -21.52 157.17
C MET J 812 40.80 -22.89 156.77
N GLY J 813 41.27 -23.05 155.53
CA GLY J 813 41.94 -24.25 155.06
C GLY J 813 43.23 -24.53 155.83
N ASP J 814 44.02 -23.49 156.08
CA ASP J 814 45.19 -23.58 156.93
C ASP J 814 44.82 -24.05 158.34
N ILE J 815 43.80 -23.45 158.94
CA ILE J 815 43.32 -23.82 160.26
C ILE J 815 42.79 -25.25 160.26
N LEU J 816 42.07 -25.68 159.22
CA LEU J 816 41.56 -27.04 159.11
C LEU J 816 42.70 -28.04 159.02
N SER J 817 43.82 -27.72 158.36
CA SER J 817 44.94 -28.66 158.22
C SER J 817 45.59 -29.07 159.55
N GLN J 818 45.27 -28.37 160.64
CA GLN J 818 45.68 -28.73 161.99
C GLN J 818 44.79 -29.86 162.56
N VAL J 819 43.52 -29.86 162.19
CA VAL J 819 42.60 -31.00 162.32
C VAL J 819 43.02 -32.07 161.33
N LYS J 820 43.05 -33.33 161.75
CA LYS J 820 43.20 -34.45 160.83
C LYS J 820 42.13 -35.50 161.13
N GLY J 821 42.32 -36.77 160.77
CA GLY J 821 41.33 -37.79 161.05
C GLY J 821 41.34 -38.21 162.50
N THR J 822 40.70 -37.44 163.38
CA THR J 822 41.08 -37.43 164.81
C THR J 822 40.52 -38.54 165.67
N GLY J 823 39.93 -39.58 165.09
CA GLY J 823 39.96 -40.89 165.75
C GLY J 823 41.38 -41.50 165.80
N ASN J 824 42.29 -41.00 164.96
CA ASN J 824 43.71 -41.36 164.89
C ASN J 824 44.65 -40.18 165.32
N VAL J 825 44.19 -39.22 166.14
CA VAL J 825 44.97 -38.01 166.57
C VAL J 825 44.60 -37.52 168.00
N PRO J 826 45.53 -36.90 168.77
CA PRO J 826 45.28 -36.35 170.12
C PRO J 826 44.20 -35.26 170.24
N ALA J 827 43.72 -35.04 171.48
CA ALA J 827 42.57 -34.21 171.89
C ALA J 827 42.63 -32.70 171.58
N SER J 828 43.75 -32.16 171.10
CA SER J 828 43.82 -30.77 170.59
C SER J 828 43.30 -30.65 169.15
N ALA J 829 43.29 -31.75 168.40
CA ALA J 829 42.68 -31.86 167.09
C ALA J 829 41.53 -32.88 167.08
N CYS J 830 41.48 -33.84 168.02
CA CYS J 830 40.21 -34.43 168.49
C CYS J 830 39.48 -33.49 169.49
N SER J 831 39.90 -32.22 169.51
CA SER J 831 39.12 -31.04 169.86
C SER J 831 37.74 -31.19 169.24
N SER J 832 36.68 -30.74 169.93
CA SER J 832 35.33 -31.08 169.48
C SER J 832 35.11 -30.59 168.06
N VAL J 833 34.20 -31.28 167.36
CA VAL J 833 33.81 -30.92 166.01
C VAL J 833 33.43 -29.42 165.92
N ALA J 834 32.78 -28.90 166.96
CA ALA J 834 32.43 -27.49 167.11
C ALA J 834 33.65 -26.58 167.29
N GLN J 835 34.56 -26.86 168.22
CA GLN J 835 35.73 -26.01 168.44
C GLN J 835 36.62 -25.92 167.19
N ASP J 836 36.88 -27.05 166.57
CA ASP J 836 37.56 -27.07 165.29
C ASP J 836 36.81 -26.26 164.23
N ALA J 837 35.49 -26.46 164.09
CA ALA J 837 34.71 -25.69 163.12
C ALA J 837 34.81 -24.20 163.41
N ASP J 838 34.71 -23.78 164.67
CA ASP J 838 34.83 -22.38 165.07
C ASP J 838 36.20 -21.82 164.72
N ASN J 839 37.27 -22.52 165.10
CA ASN J 839 38.63 -22.11 164.79
C ASN J 839 38.76 -21.90 163.29
N VAL J 840 38.39 -22.94 162.55
CA VAL J 840 38.37 -22.97 161.11
C VAL J 840 37.59 -21.79 160.58
N LEU J 841 36.33 -21.63 161.00
CA LEU J 841 35.36 -20.64 160.56
C LEU J 841 35.80 -19.22 160.82
N GLN J 842 36.69 -19.01 161.79
CA GLN J 842 36.75 -17.68 162.35
C GLN J 842 37.14 -16.59 161.35
N PRO J 843 38.13 -16.79 160.45
CA PRO J 843 38.49 -15.81 159.45
C PRO J 843 37.32 -15.30 158.62
N ILE J 844 36.34 -16.17 158.31
CA ILE J 844 35.19 -15.76 157.52
C ILE J 844 34.06 -15.23 158.39
N MET J 845 33.81 -15.77 159.58
CA MET J 845 32.63 -15.38 160.37
C MET J 845 32.70 -13.91 160.76
N ASP J 846 33.91 -13.43 161.00
CA ASP J 846 34.19 -12.02 161.24
C ASP J 846 33.71 -11.15 160.08
N LEU J 847 34.23 -11.46 158.89
CA LEU J 847 33.88 -10.81 157.64
C LEU J 847 32.36 -10.89 157.44
N LEU J 848 31.82 -12.09 157.52
CA LEU J 848 30.42 -12.39 157.26
C LEU J 848 29.52 -11.58 158.16
N ASP J 849 29.70 -11.70 159.46
CA ASP J 849 28.67 -11.27 160.36
C ASP J 849 28.45 -9.78 160.20
N SER J 850 29.56 -9.06 160.27
CA SER J 850 29.60 -7.63 160.05
C SER J 850 28.96 -7.27 158.72
N ASN J 851 29.44 -7.85 157.64
CA ASN J 851 29.00 -7.44 156.32
C ASN J 851 27.56 -7.85 156.06
N LEU J 852 27.18 -9.09 156.33
CA LEU J 852 25.81 -9.53 156.13
C LEU J 852 24.87 -8.74 156.99
N THR J 853 25.24 -8.39 158.21
CA THR J 853 24.38 -7.54 159.03
C THR J 853 24.26 -6.16 158.43
N LEU J 854 25.38 -5.54 158.05
CA LEU J 854 25.38 -4.25 157.40
C LEU J 854 24.51 -4.28 156.14
N PHE J 855 24.70 -5.28 155.29
CA PHE J 855 23.97 -5.45 154.04
C PHE J 855 22.51 -5.76 154.31
N ALA J 856 22.19 -6.58 155.30
CA ALA J 856 20.81 -6.84 155.67
C ALA J 856 20.11 -5.57 156.15
N LYS J 857 20.81 -4.70 156.88
CA LYS J 857 20.32 -3.38 157.24
C LYS J 857 20.09 -2.51 156.00
N ILE J 858 21.06 -2.47 155.08
CA ILE J 858 21.12 -1.41 154.05
C ILE J 858 20.82 -1.83 152.60
N CYS J 859 20.60 -3.10 152.28
CA CYS J 859 20.19 -3.58 150.95
C CYS J 859 18.71 -3.93 150.89
N GLU J 860 18.07 -3.53 149.79
CA GLU J 860 16.72 -4.00 149.46
C GLU J 860 16.74 -5.50 149.18
N LYS J 861 15.66 -6.22 149.44
CA LYS J 861 15.74 -7.68 149.55
C LYS J 861 16.10 -8.34 148.21
N THR J 862 15.52 -7.86 147.12
CA THR J 862 15.92 -8.13 145.73
C THR J 862 17.42 -7.98 145.54
N VAL J 863 17.96 -6.83 145.93
CA VAL J 863 19.37 -6.49 145.85
C VAL J 863 20.19 -7.51 146.63
N LEU J 864 19.85 -7.65 147.90
CA LEU J 864 20.52 -8.48 148.86
C LEU J 864 20.56 -9.92 148.38
N LYS J 865 19.45 -10.45 147.87
CA LYS J 865 19.38 -11.85 147.48
C LYS J 865 20.36 -12.11 146.37
N ARG J 866 20.39 -11.22 145.39
CA ARG J 866 21.33 -11.31 144.26
C ARG J 866 22.76 -11.25 144.76
N VAL J 867 23.05 -10.26 145.60
CA VAL J 867 24.35 -10.11 146.24
C VAL J 867 24.74 -11.40 146.94
N LEU J 868 23.85 -11.93 147.76
CA LEU J 868 24.08 -13.12 148.54
C LEU J 868 24.23 -14.34 147.65
N LYS J 869 23.47 -14.50 146.59
CA LYS J 869 23.63 -15.64 145.69
C LYS J 869 25.03 -15.66 145.09
N GLU J 870 25.42 -14.49 144.60
CA GLU J 870 26.72 -14.28 144.01
C GLU J 870 27.82 -14.60 145.02
N LEU J 871 27.71 -14.04 146.21
CA LEU J 871 28.61 -14.33 147.30
C LEU J 871 28.60 -15.81 147.66
N TRP J 872 27.43 -16.43 147.75
CA TRP J 872 27.23 -17.79 148.19
C TRP J 872 27.95 -18.76 147.27
N LYS J 873 27.66 -18.63 145.99
CA LYS J 873 28.33 -19.33 144.92
C LYS J 873 29.84 -19.17 145.10
N LEU J 874 30.28 -17.92 145.14
CA LEU J 874 31.69 -17.58 145.29
C LEU J 874 32.29 -18.30 146.48
N VAL J 875 31.67 -18.19 147.64
CA VAL J 875 32.09 -18.81 148.88
C VAL J 875 32.17 -20.32 148.71
N MET J 876 31.06 -20.95 148.38
CA MET J 876 30.96 -22.40 148.18
C MET J 876 32.06 -22.92 147.30
N ASN J 877 32.22 -22.29 146.15
CA ASN J 877 33.24 -22.67 145.19
C ASN J 877 34.62 -22.48 145.78
N THR J 878 34.83 -21.38 146.47
CA THR J 878 36.09 -21.08 147.12
C THR J 878 36.43 -22.15 148.14
N MET J 879 35.50 -22.55 148.99
CA MET J 879 35.75 -23.61 149.95
C MET J 879 36.00 -24.95 149.25
N GLU J 880 35.20 -25.25 148.26
CA GLU J 880 35.31 -26.51 147.57
C GLU J 880 36.68 -26.68 146.98
N ARG J 881 37.16 -25.63 146.30
CA ARG J 881 38.51 -25.52 145.80
C ARG J 881 39.50 -25.50 146.95
N THR J 882 39.56 -24.40 147.66
CA THR J 882 40.57 -24.03 148.64
C THR J 882 40.60 -24.92 149.87
N ILE J 883 39.60 -25.76 150.10
CA ILE J 883 39.51 -26.57 151.32
C ILE J 883 39.18 -28.02 151.02
N VAL J 884 38.23 -28.33 150.13
CA VAL J 884 37.81 -29.73 149.95
C VAL J 884 38.57 -30.43 148.86
N LEU J 885 39.00 -29.70 147.86
CA LEU J 885 39.99 -30.17 146.91
C LEU J 885 41.23 -29.30 147.09
N PRO J 886 41.72 -29.20 148.34
CA PRO J 886 42.49 -28.06 148.79
C PRO J 886 43.87 -28.00 148.17
N PRO J 887 44.52 -26.83 148.23
CA PRO J 887 45.96 -26.74 148.14
C PRO J 887 46.61 -27.59 149.24
N GLU J 888 46.10 -27.61 150.48
CA GLU J 888 46.50 -28.53 151.56
C GLU J 888 46.12 -30.02 151.35
N PHE J 889 46.08 -30.49 150.09
CA PHE J 889 46.18 -31.92 149.77
C PHE J 889 46.82 -32.17 148.40
N LEU J 890 46.16 -31.85 147.27
CA LEU J 890 46.61 -32.40 145.97
C LEU J 890 47.90 -31.74 145.47
N SER J 891 48.10 -30.46 145.79
CA SER J 891 49.37 -29.75 145.51
C SER J 891 50.57 -30.33 146.26
N LYS J 892 50.35 -31.25 147.22
CA LYS J 892 51.40 -32.12 147.77
C LYS J 892 51.49 -33.46 147.03
N LEU J 893 50.40 -34.22 146.94
CA LEU J 893 50.41 -35.59 146.39
C LEU J 893 50.89 -35.63 144.92
N LYS J 894 50.44 -34.70 144.08
CA LYS J 894 50.87 -34.65 142.67
C LYS J 894 52.20 -33.90 142.47
N ASP J 895 52.86 -33.50 143.55
CA ASP J 895 54.14 -32.80 143.58
C ASP J 895 55.26 -33.68 144.16
N HIS J 896 56.48 -33.17 144.23
CA HIS J 896 57.63 -33.79 144.92
C HIS J 896 57.44 -33.89 146.45
N MET J 897 56.46 -33.15 146.97
CA MET J 897 55.98 -33.22 148.34
C MET J 897 55.29 -34.56 148.65
N VAL J 898 54.72 -34.67 149.85
CA VAL J 898 54.17 -35.92 150.40
C VAL J 898 53.04 -36.51 149.52
N ARG J 899 53.11 -37.82 149.28
CA ARG J 899 52.03 -38.71 148.80
C ARG J 899 50.87 -38.72 149.80
N GLU J 900 50.17 -37.60 149.86
CA GLU J 900 49.46 -37.20 151.07
C GLU J 900 48.41 -38.19 151.52
N GLU J 901 48.17 -38.10 152.81
CA GLU J 901 46.92 -38.45 153.40
C GLU J 901 46.09 -37.22 153.82
N ALA J 902 46.69 -36.02 153.83
CA ALA J 902 46.30 -34.88 154.67
C ALA J 902 46.09 -35.31 156.13
N LYS J 903 46.92 -36.29 156.54
CA LYS J 903 46.79 -37.16 157.72
C LYS J 903 45.35 -37.66 157.95
N SER J 904 44.80 -38.20 156.86
CA SER J 904 43.50 -38.86 156.68
C SER J 904 42.31 -37.91 156.82
N LEU J 905 41.68 -37.53 155.70
CA LEU J 905 40.38 -36.82 155.66
C LEU J 905 39.23 -37.75 156.03
N THR J 906 39.30 -38.28 157.24
CA THR J 906 38.28 -39.15 157.82
C THR J 906 37.00 -38.38 158.11
N PRO J 907 35.96 -39.10 158.55
CA PRO J 907 34.91 -38.62 159.42
C PRO J 907 35.13 -37.26 160.13
N LYS J 908 36.25 -37.03 160.81
CA LYS J 908 36.43 -35.80 161.57
C LYS J 908 36.45 -34.54 160.74
N GLN J 909 37.28 -34.44 159.71
CA GLN J 909 37.30 -33.26 158.82
C GLN J 909 36.13 -33.33 157.81
N CYS J 910 35.38 -34.44 157.74
CA CYS J 910 34.10 -34.45 157.03
C CYS J 910 33.03 -33.72 157.87
N ALA J 911 32.88 -34.13 159.13
CA ALA J 911 32.43 -33.23 160.18
C ALA J 911 33.41 -32.05 160.28
N VAL J 912 33.21 -31.10 161.20
CA VAL J 912 33.93 -29.81 161.23
C VAL J 912 33.51 -28.98 160.04
N VAL J 913 33.85 -29.41 158.82
CA VAL J 913 33.43 -28.81 157.56
C VAL J 913 31.92 -28.89 157.42
N GLU J 914 31.29 -30.04 157.60
CA GLU J 914 29.82 -30.11 157.48
C GLU J 914 29.13 -29.18 158.47
N LEU J 915 29.68 -29.07 159.68
CA LEU J 915 29.18 -28.12 160.67
C LEU J 915 29.47 -26.68 160.28
N ALA J 916 30.66 -26.40 159.77
CA ALA J 916 31.05 -25.08 159.34
C ALA J 916 30.15 -24.65 158.17
N LEU J 917 29.95 -25.52 157.19
CA LEU J 917 28.99 -25.37 156.10
C LEU J 917 27.63 -25.07 156.67
N ASP J 918 27.17 -25.83 157.66
CA ASP J 918 25.87 -25.56 158.23
C ASP J 918 25.83 -24.17 158.88
N THR J 919 26.86 -23.83 159.63
CA THR J 919 26.98 -22.53 160.28
C THR J 919 26.92 -21.40 159.27
N ILE J 920 27.68 -21.55 158.21
CA ILE J 920 27.69 -20.66 157.06
C ILE J 920 26.32 -20.62 156.41
N LYS J 921 25.67 -21.76 156.22
CA LYS J 921 24.35 -21.88 155.61
C LYS J 921 23.31 -21.18 156.47
N GLN J 922 23.40 -21.28 157.78
CA GLN J 922 22.57 -20.51 158.70
C GLN J 922 22.87 -19.03 158.57
N TYR J 923 24.14 -18.68 158.41
CA TYR J 923 24.59 -17.31 158.21
C TYR J 923 24.04 -16.68 156.93
N PHE J 924 24.26 -17.33 155.79
CA PHE J 924 23.72 -16.96 154.49
C PHE J 924 22.21 -16.98 154.49
N HIS J 925 21.61 -17.93 155.21
CA HIS J 925 20.17 -17.97 155.35
C HIS J 925 19.66 -16.79 156.17
N ALA J 926 20.40 -16.42 157.22
CA ALA J 926 20.05 -15.38 158.18
C ALA J 926 18.57 -15.46 158.57
N GLY J 927 18.09 -16.65 158.91
CA GLY J 927 16.68 -16.85 159.28
C GLY J 927 15.66 -16.54 158.18
N GLY J 928 16.04 -16.59 156.91
CA GLY J 928 15.20 -16.23 155.77
C GLY J 928 15.36 -14.78 155.30
N VAL J 929 16.05 -13.93 156.08
CA VAL J 929 16.43 -12.57 155.65
C VAL J 929 17.42 -12.64 154.49
N GLY J 930 18.30 -13.64 154.54
CA GLY J 930 19.24 -13.95 153.48
C GLY J 930 18.63 -14.87 152.43
N LEU J 931 19.34 -15.93 152.08
CA LEU J 931 18.92 -16.89 151.06
C LEU J 931 17.98 -17.97 151.62
N LYS J 932 17.17 -18.56 150.74
CA LYS J 932 16.24 -19.65 151.07
C LYS J 932 17.03 -20.91 151.42
N LYS J 933 16.66 -21.62 152.49
CA LYS J 933 17.25 -22.93 152.79
C LYS J 933 17.09 -23.91 151.63
N THR J 934 16.05 -23.78 150.81
CA THR J 934 15.88 -24.55 149.56
C THR J 934 17.01 -24.30 148.57
N PHE J 935 17.26 -23.06 148.17
CA PHE J 935 18.37 -22.69 147.28
C PHE J 935 19.71 -23.17 147.83
N LEU J 936 19.92 -23.01 149.13
CA LEU J 936 21.17 -23.40 149.77
C LEU J 936 21.32 -24.93 149.77
N GLU J 937 20.30 -25.67 150.20
CA GLU J 937 20.33 -27.14 150.19
C GLU J 937 20.49 -27.67 148.77
N LYS J 938 19.73 -27.11 147.84
CA LYS J 938 19.81 -27.44 146.41
C LYS J 938 20.83 -26.58 145.69
N SER J 939 21.82 -26.05 146.40
CA SER J 939 22.91 -25.34 145.77
C SER J 939 23.84 -26.37 145.15
N PRO J 940 24.08 -26.32 143.84
CA PRO J 940 25.05 -27.20 143.20
C PRO J 940 26.44 -26.94 143.79
N ASP J 941 26.71 -25.70 144.17
CA ASP J 941 27.93 -25.28 144.82
C ASP J 941 28.12 -26.07 146.12
N LEU J 942 27.05 -26.19 146.92
CA LEU J 942 27.04 -27.04 148.10
C LEU J 942 27.03 -28.53 147.76
N GLN J 943 26.23 -28.97 146.80
CA GLN J 943 26.05 -30.38 146.50
C GLN J 943 27.31 -30.99 145.90
N SER J 944 27.99 -30.22 145.06
CA SER J 944 29.32 -30.56 144.61
C SER J 944 30.25 -30.64 145.80
N LEU J 945 30.23 -29.64 146.68
CA LEU J 945 31.08 -29.60 147.85
C LEU J 945 30.91 -30.85 148.72
N ARG J 946 29.65 -31.19 149.02
CA ARG J 946 29.24 -32.45 149.63
C ARG J 946 29.71 -33.67 148.85
N TYR J 947 29.61 -33.62 147.53
CA TYR J 947 30.03 -34.76 146.75
C TYR J 947 31.54 -34.98 146.83
N ALA J 948 32.35 -33.93 146.72
CA ALA J 948 33.79 -34.05 146.88
C ALA J 948 34.13 -34.60 148.27
N LEU J 949 33.43 -34.11 149.31
CA LEU J 949 33.53 -34.65 150.66
C LEU J 949 33.24 -36.16 150.69
N SER J 950 32.26 -36.63 149.93
CA SER J 950 31.96 -38.06 149.90
C SER J 950 33.09 -38.89 149.30
N LEU J 951 33.85 -38.39 148.32
CA LEU J 951 34.97 -39.15 147.74
C LEU J 951 35.92 -39.60 148.84
N TYR J 952 36.24 -38.69 149.75
CA TYR J 952 37.25 -38.89 150.77
C TYR J 952 37.01 -40.12 151.65
N THR J 953 35.77 -40.47 151.90
CA THR J 953 35.42 -41.60 152.76
C THR J 953 35.20 -42.91 151.99
N GLN J 954 35.19 -42.89 150.65
CA GLN J 954 34.74 -44.04 149.85
C GLN J 954 35.61 -45.30 149.96
N ALA J 955 35.01 -46.42 149.57
CA ALA J 955 35.64 -47.71 149.46
C ALA J 955 36.69 -47.75 148.35
N THR J 956 37.72 -48.56 148.57
CA THR J 956 38.86 -48.73 147.67
C THR J 956 38.47 -49.15 146.25
N ASP J 957 37.60 -50.14 146.08
CA ASP J 957 37.20 -50.57 144.74
C ASP J 957 36.39 -49.53 144.01
N LEU J 958 35.50 -48.81 144.73
CA LEU J 958 34.71 -47.74 144.14
C LEU J 958 35.61 -46.60 143.64
N LEU J 959 36.61 -46.26 144.44
CA LEU J 959 37.66 -45.33 144.07
C LEU J 959 38.44 -45.85 142.85
N ILE J 960 38.92 -47.09 142.86
CA ILE J 960 39.65 -47.70 141.74
C ILE J 960 38.80 -47.74 140.46
N LYS J 961 37.52 -48.07 140.56
CA LYS J 961 36.57 -48.02 139.45
C LYS J 961 36.48 -46.61 138.89
N THR J 962 36.30 -45.63 139.78
CA THR J 962 36.28 -44.22 139.41
C THR J 962 37.58 -43.84 138.69
N PHE J 963 38.73 -44.32 139.16
CA PHE J 963 40.00 -44.14 138.46
C PHE J 963 39.96 -44.72 137.05
N VAL J 964 39.71 -46.03 136.85
CA VAL J 964 39.79 -46.61 135.51
C VAL J 964 38.80 -45.97 134.55
N GLN J 965 37.58 -45.69 135.02
CA GLN J 965 36.56 -45.02 134.21
C GLN J 965 36.96 -43.59 133.83
N THR J 966 37.59 -42.85 134.73
CA THR J 966 38.03 -41.47 134.46
C THR J 966 39.33 -41.42 133.69
N GLN J 967 40.27 -42.34 133.94
CA GLN J 967 41.55 -42.44 133.24
C GLN J 967 41.44 -43.11 131.86
N SER J 968 40.34 -42.86 131.14
CA SER J 968 40.09 -43.34 129.77
C SER J 968 41.24 -43.01 128.81
N ALA J 969 41.92 -41.88 129.03
CA ALA J 969 43.09 -41.42 128.28
C ALA J 969 44.35 -42.29 128.48
N GLN J 970 44.39 -43.22 129.45
CA GLN J 970 45.48 -44.19 129.60
C GLN J 970 45.42 -45.27 128.51
N GLY J 971 45.87 -44.90 127.33
CA GLY J 971 45.94 -45.76 126.15
C GLY J 971 46.14 -44.93 124.87
N SER J 972 45.36 -43.86 124.71
CA SER J 972 45.53 -42.88 123.64
C SER J 972 46.68 -41.90 123.98
N GLY J 973 47.85 -42.16 123.39
CA GLY J 973 49.05 -41.35 123.55
C GLY J 973 49.94 -41.78 124.72
N VAL J 974 51.22 -42.00 124.41
CA VAL J 974 52.33 -42.24 125.34
C VAL J 974 53.41 -41.20 125.08
N GLU J 975 53.88 -40.51 126.13
CA GLU J 975 55.02 -39.62 126.01
C GLU J 975 56.36 -40.40 125.97
N ASP J 976 57.13 -40.24 124.88
CA ASP J 976 58.40 -40.94 124.58
C ASP J 976 58.37 -42.48 124.74
N PRO J 977 57.86 -43.24 123.74
CA PRO J 977 57.81 -44.70 123.83
C PRO J 977 59.20 -45.38 123.81
N VAL J 978 59.38 -46.40 124.65
CA VAL J 978 60.61 -47.23 124.80
C VAL J 978 60.61 -48.54 124.02
N GLY J 979 59.66 -48.66 123.10
CA GLY J 979 59.35 -49.89 122.38
C GLY J 979 57.83 -50.01 122.23
N GLU J 980 57.38 -51.15 121.76
CA GLU J 980 55.97 -51.48 121.66
C GLU J 980 55.75 -52.99 121.76
N VAL J 981 54.57 -53.41 122.22
CA VAL J 981 54.19 -54.83 122.32
C VAL J 981 53.01 -55.14 121.42
N SER J 982 53.17 -56.12 120.54
CA SER J 982 52.08 -56.71 119.81
C SER J 982 51.44 -57.75 120.70
N VAL J 983 50.23 -57.43 121.15
CA VAL J 983 49.33 -58.37 121.80
C VAL J 983 48.17 -58.66 120.88
N HIS J 984 47.75 -59.91 120.81
CA HIS J 984 46.41 -60.25 120.37
C HIS J 984 45.59 -60.63 121.59
N VAL J 985 44.55 -59.86 121.88
CA VAL J 985 43.76 -60.01 123.10
C VAL J 985 42.35 -60.43 122.73
N GLU J 986 41.79 -61.42 123.42
CA GLU J 986 40.41 -61.86 123.25
C GLU J 986 39.63 -61.72 124.54
N LEU J 987 38.62 -60.85 124.56
CA LEU J 987 37.66 -60.72 125.64
C LEU J 987 36.59 -61.81 125.48
N PHE J 988 36.93 -63.03 125.85
CA PHE J 988 35.92 -64.06 126.04
C PHE J 988 35.12 -63.80 127.31
N THR J 989 33.88 -63.32 127.14
CA THR J 989 32.82 -63.59 128.12
C THR J 989 32.78 -65.10 128.25
N HIS J 990 33.29 -65.58 129.39
CA HIS J 990 33.91 -66.88 129.54
C HIS J 990 32.92 -68.04 129.39
N PRO J 991 33.10 -68.96 128.43
CA PRO J 991 32.12 -70.01 128.16
C PRO J 991 31.95 -71.02 129.30
N GLY J 992 32.94 -71.18 130.19
CA GLY J 992 32.84 -72.06 131.36
C GLY J 992 32.13 -71.46 132.58
N THR J 993 31.90 -70.14 132.66
CA THR J 993 31.40 -69.47 133.89
C THR J 993 30.53 -68.22 133.69
N GLY J 994 30.48 -67.61 132.51
CA GLY J 994 29.77 -66.35 132.27
C GLY J 994 30.44 -65.09 132.86
N GLU J 995 31.60 -65.24 133.51
CA GLU J 995 32.49 -64.13 133.86
C GLU J 995 33.06 -63.46 132.60
N GLN J 996 33.91 -62.45 132.73
CA GLN J 996 34.79 -62.05 131.64
C GLN J 996 36.21 -62.51 131.89
N LYS J 997 36.75 -63.23 130.92
CA LYS J 997 38.16 -63.61 130.84
C LYS J 997 38.82 -62.90 129.67
N VAL J 998 40.13 -62.79 129.75
CA VAL J 998 40.94 -62.02 128.81
C VAL J 998 42.10 -62.88 128.35
N THR J 999 41.95 -63.54 127.19
CA THR J 999 43.05 -64.31 126.60
C THR J 999 44.03 -63.33 125.96
N VAL J 1000 45.12 -63.01 126.64
CA VAL J 1000 46.19 -62.18 126.09
C VAL J 1000 47.25 -63.09 125.46
N LYS J 1001 47.21 -63.23 124.14
CA LYS J 1001 48.31 -63.81 123.36
C LYS J 1001 49.38 -62.75 123.16
N VAL J 1002 50.46 -62.84 123.92
CA VAL J 1002 51.64 -62.00 123.71
C VAL J 1002 52.31 -62.47 122.44
N VAL J 1003 52.16 -61.70 121.36
CA VAL J 1003 52.73 -62.07 120.07
C VAL J 1003 54.22 -61.77 120.08
N ALA J 1004 54.58 -60.51 120.29
CA ALA J 1004 55.96 -60.06 120.21
C ALA J 1004 56.13 -58.69 120.88
N ALA J 1005 57.37 -58.31 121.19
CA ALA J 1005 57.75 -56.91 121.33
C ALA J 1005 58.57 -56.43 120.13
N ASN J 1006 58.72 -55.12 120.02
CA ASN J 1006 59.47 -54.41 118.98
C ASN J 1006 60.08 -53.10 119.52
N ASP J 1007 61.15 -52.61 118.86
CA ASP J 1007 61.86 -51.37 119.18
C ASP J 1007 62.34 -51.27 120.64
N LEU J 1008 62.60 -52.39 121.32
CA LEU J 1008 62.98 -52.39 122.74
C LEU J 1008 64.28 -51.62 122.97
N LYS J 1009 64.18 -50.47 123.66
CA LYS J 1009 65.32 -49.65 124.07
C LYS J 1009 65.98 -50.28 125.30
N TRP J 1010 66.72 -51.38 125.13
CA TRP J 1010 67.33 -52.14 126.25
C TRP J 1010 68.68 -52.80 125.90
N GLN J 1011 69.61 -52.07 125.29
CA GLN J 1011 70.90 -52.62 124.85
C GLN J 1011 71.84 -52.86 126.06
N THR J 1012 71.54 -53.90 126.84
CA THR J 1012 72.17 -54.22 128.13
C THR J 1012 73.56 -54.84 128.02
N SER J 1013 74.35 -54.72 129.10
CA SER J 1013 75.75 -55.20 129.21
C SER J 1013 75.85 -56.72 129.43
N GLY J 1014 74.97 -57.30 130.23
CA GLY J 1014 74.75 -58.76 130.26
C GLY J 1014 74.06 -59.24 128.99
N ILE J 1015 73.88 -60.56 128.83
CA ILE J 1015 73.04 -61.10 127.76
C ILE J 1015 71.59 -60.63 128.01
N PHE J 1016 70.99 -59.95 127.04
CA PHE J 1016 69.58 -59.58 127.10
C PHE J 1016 68.70 -60.82 127.00
N ARG J 1017 67.70 -60.99 127.86
CA ARG J 1017 66.80 -62.15 127.87
C ARG J 1017 65.35 -61.71 128.09
N PRO J 1018 64.76 -60.89 127.20
CA PRO J 1018 63.45 -60.33 127.43
C PRO J 1018 62.36 -61.40 127.54
N PHE J 1019 61.42 -61.12 128.43
CA PHE J 1019 60.12 -61.75 128.58
C PHE J 1019 59.09 -60.65 128.79
N ILE J 1020 57.81 -60.95 128.61
CA ILE J 1020 56.77 -59.94 128.76
C ILE J 1020 55.90 -60.34 129.94
N GLU J 1021 55.85 -59.45 130.92
CA GLU J 1021 54.80 -59.47 131.91
C GLU J 1021 53.55 -58.80 131.35
N VAL J 1022 52.37 -59.30 131.72
CA VAL J 1022 51.10 -58.60 131.51
C VAL J 1022 50.40 -58.50 132.85
N ASN J 1023 49.81 -57.35 133.15
CA ASN J 1023 48.98 -57.12 134.33
C ASN J 1023 47.55 -56.74 133.94
N ILE J 1024 46.60 -56.93 134.84
CA ILE J 1024 45.23 -56.39 134.75
C ILE J 1024 44.97 -55.39 135.89
N VAL J 1025 44.33 -54.28 135.57
CA VAL J 1025 43.92 -53.24 136.52
C VAL J 1025 42.42 -52.96 136.41
N GLY J 1026 41.79 -52.72 137.56
CA GLY J 1026 40.37 -52.46 137.74
C GLY J 1026 39.91 -52.81 139.15
N PRO J 1027 38.62 -52.60 139.47
CA PRO J 1027 38.06 -52.95 140.77
C PRO J 1027 37.92 -54.48 140.92
N GLN J 1028 37.81 -54.95 142.16
CA GLN J 1028 37.64 -56.37 142.52
C GLN J 1028 38.73 -57.29 141.92
N LEU J 1029 40.01 -56.97 142.17
CA LEU J 1029 41.17 -57.79 141.74
C LEU J 1029 42.06 -58.26 142.92
N SER J 1030 41.58 -58.19 144.16
CA SER J 1030 42.31 -58.69 145.35
C SER J 1030 42.48 -60.22 145.38
N ASP J 1031 41.54 -60.93 144.76
CA ASP J 1031 41.37 -62.39 144.76
C ASP J 1031 41.83 -63.05 143.43
N LYS J 1032 42.19 -62.25 142.43
CA LYS J 1032 42.44 -62.69 141.06
C LYS J 1032 43.86 -62.39 140.61
N LYS J 1033 44.39 -63.28 139.78
CA LYS J 1033 45.78 -63.24 139.27
C LYS J 1033 45.98 -61.97 138.45
N ARG J 1034 46.51 -60.93 139.11
CA ARG J 1034 46.75 -59.61 138.51
C ARG J 1034 47.89 -59.59 137.50
N LYS J 1035 48.70 -60.65 137.40
CA LYS J 1035 49.96 -60.71 136.64
C LYS J 1035 50.18 -62.05 135.94
N PHE J 1036 50.79 -62.04 134.75
CA PHE J 1036 51.35 -63.19 134.03
C PHE J 1036 52.72 -62.83 133.46
N ALA J 1037 53.54 -63.82 133.06
CA ALA J 1037 54.80 -63.60 132.36
C ALA J 1037 55.15 -64.70 131.35
N THR J 1038 55.76 -64.33 130.21
CA THR J 1038 56.18 -65.28 129.16
C THR J 1038 57.46 -66.03 129.55
N LYS J 1039 57.85 -67.06 128.79
CA LYS J 1039 59.27 -67.48 128.74
C LYS J 1039 60.14 -66.33 128.25
N SER J 1040 61.44 -66.40 128.50
CA SER J 1040 62.45 -65.47 127.98
C SER J 1040 62.93 -65.84 126.56
N LYS J 1041 63.45 -64.86 125.80
CA LYS J 1041 64.15 -65.05 124.51
C LYS J 1041 65.55 -64.44 124.55
N ASN J 1042 66.57 -65.19 124.18
CA ASN J 1042 67.95 -64.70 124.24
C ASN J 1042 68.23 -63.64 123.16
N ASN J 1043 68.96 -62.60 123.56
CA ASN J 1043 69.66 -61.64 122.70
C ASN J 1043 68.78 -61.08 121.56
N SER J 1044 67.60 -60.53 121.91
CA SER J 1044 66.56 -60.23 120.92
C SER J 1044 65.70 -59.03 121.30
N TRP J 1045 65.87 -57.90 120.62
CA TRP J 1045 65.16 -56.62 120.87
C TRP J 1045 63.84 -56.45 120.09
N ALA J 1046 63.49 -57.40 119.22
CA ALA J 1046 62.13 -57.60 118.72
C ALA J 1046 61.65 -59.05 118.98
N PRO J 1047 61.62 -59.50 120.24
CA PRO J 1047 61.38 -60.90 120.61
C PRO J 1047 59.93 -61.29 120.38
N LYS J 1048 59.72 -62.45 119.74
CA LYS J 1048 58.42 -63.12 119.65
C LYS J 1048 58.20 -64.05 120.83
N TYR J 1049 56.95 -64.35 121.15
CA TYR J 1049 56.59 -65.27 122.23
C TYR J 1049 55.49 -66.22 121.78
N ASN J 1050 54.38 -65.68 121.26
CA ASN J 1050 53.19 -66.45 120.91
C ASN J 1050 52.64 -67.24 122.12
N GLU J 1051 52.76 -66.67 123.31
CA GLU J 1051 52.35 -67.28 124.58
C GLU J 1051 51.05 -66.64 125.08
N SER J 1052 50.11 -67.49 125.49
CA SER J 1052 48.74 -67.07 125.82
C SER J 1052 48.46 -67.15 127.32
N PHE J 1053 48.07 -66.00 127.89
CA PHE J 1053 47.64 -65.82 129.27
C PHE J 1053 46.13 -65.71 129.36
N GLN J 1054 45.56 -65.90 130.55
CA GLN J 1054 44.11 -65.81 130.76
C GLN J 1054 43.79 -65.13 132.10
N PHE J 1055 43.67 -63.81 132.08
CA PHE J 1055 43.15 -63.04 133.23
C PHE J 1055 41.68 -63.33 133.47
N SER J 1056 41.24 -63.14 134.70
CA SER J 1056 39.82 -63.05 135.05
C SER J 1056 39.49 -61.64 135.54
N LEU J 1057 38.49 -61.00 134.93
CA LEU J 1057 37.89 -59.75 135.43
C LEU J 1057 36.89 -60.07 136.56
N SER J 1058 36.27 -59.07 137.18
CA SER J 1058 35.04 -59.34 137.93
C SER J 1058 33.89 -59.72 136.99
N ALA J 1059 32.92 -60.48 137.49
CA ALA J 1059 31.63 -60.63 136.83
C ALA J 1059 30.80 -59.32 136.87
N ASP J 1060 30.83 -58.59 137.98
CA ASP J 1060 29.93 -57.44 138.19
C ASP J 1060 30.40 -56.18 137.45
N ALA J 1061 31.66 -55.80 137.58
CA ALA J 1061 32.25 -54.71 136.83
C ALA J 1061 32.40 -55.07 135.34
N GLY J 1062 31.95 -54.20 134.45
CA GLY J 1062 32.08 -54.40 133.01
C GLY J 1062 33.52 -54.19 132.53
N PRO J 1063 33.84 -54.57 131.28
CA PRO J 1063 35.21 -54.50 130.76
C PRO J 1063 35.71 -53.05 130.70
N GLU J 1064 34.83 -52.06 130.58
CA GLU J 1064 35.18 -50.65 130.68
C GLU J 1064 35.63 -50.20 132.08
N CYS J 1065 35.42 -51.02 133.11
CA CYS J 1065 36.04 -50.86 134.42
C CYS J 1065 37.47 -51.40 134.46
N TYR J 1066 37.99 -51.93 133.35
CA TYR J 1066 39.28 -52.60 133.30
C TYR J 1066 40.18 -52.12 132.18
N GLU J 1067 41.45 -52.41 132.38
CA GLU J 1067 42.54 -52.12 131.47
C GLU J 1067 43.68 -53.09 131.75
N LEU J 1068 44.28 -53.65 130.70
CA LEU J 1068 45.56 -54.34 130.81
C LEU J 1068 46.66 -53.31 130.99
N GLN J 1069 47.69 -53.66 131.73
CA GLN J 1069 48.90 -52.87 131.91
C GLN J 1069 50.12 -53.76 131.63
N VAL J 1070 50.53 -53.78 130.36
CA VAL J 1070 51.61 -54.60 129.81
C VAL J 1070 52.98 -54.08 130.22
N CYS J 1071 53.94 -54.97 130.52
CA CYS J 1071 55.28 -54.58 130.95
C CYS J 1071 56.35 -55.57 130.46
N VAL J 1072 57.22 -55.13 129.56
CA VAL J 1072 58.36 -55.96 129.12
C VAL J 1072 59.44 -55.97 130.21
N LYS J 1073 60.11 -57.10 130.39
CA LYS J 1073 61.16 -57.28 131.40
C LYS J 1073 62.34 -58.11 130.91
N ASP J 1074 63.52 -57.89 131.47
CA ASP J 1074 64.75 -58.62 131.14
C ASP J 1074 65.03 -59.72 132.19
N TYR J 1075 65.06 -60.99 131.80
CA TYR J 1075 65.24 -62.12 132.73
C TYR J 1075 66.69 -62.30 133.17
N CYS J 1076 66.94 -62.33 134.48
CA CYS J 1076 68.28 -62.55 135.03
C CYS J 1076 68.20 -63.53 136.23
N PHE J 1077 68.21 -64.84 135.96
CA PHE J 1077 68.21 -65.87 137.01
C PHE J 1077 69.39 -65.72 137.98
N ALA J 1078 69.16 -66.11 139.24
CA ALA J 1078 70.01 -65.86 140.41
C ALA J 1078 70.24 -64.37 140.77
N ARG J 1079 70.22 -63.46 139.80
CA ARG J 1079 70.16 -62.01 139.94
C ARG J 1079 68.71 -61.54 140.10
N GLU J 1080 68.31 -60.52 139.35
CA GLU J 1080 67.02 -59.84 139.39
C GLU J 1080 66.53 -59.46 137.99
N ASP J 1081 65.24 -59.61 137.73
CA ASP J 1081 64.64 -59.20 136.44
C ASP J 1081 64.35 -57.69 136.40
N ARG J 1082 64.34 -57.06 135.21
CA ARG J 1082 64.33 -55.59 135.08
C ARG J 1082 63.26 -55.04 134.12
N THR J 1083 62.48 -54.02 134.52
CA THR J 1083 61.40 -53.40 133.70
C THR J 1083 61.97 -52.62 132.52
N VAL J 1084 61.58 -53.04 131.32
CA VAL J 1084 61.94 -52.44 130.03
C VAL J 1084 60.94 -51.39 129.55
N GLY J 1085 59.66 -51.44 129.96
CA GLY J 1085 58.66 -50.41 129.62
C GLY J 1085 57.26 -50.82 130.06
N LEU J 1086 56.27 -49.92 129.97
CA LEU J 1086 54.89 -50.15 130.40
C LEU J 1086 53.86 -49.61 129.38
N ALA J 1087 52.79 -50.33 129.05
CA ALA J 1087 51.69 -49.81 128.21
C ALA J 1087 50.31 -50.16 128.77
N VAL J 1088 49.32 -49.29 128.62
CA VAL J 1088 47.94 -49.57 129.07
C VAL J 1088 47.02 -49.81 127.88
N LEU J 1089 46.30 -50.94 127.90
CA LEU J 1089 45.26 -51.28 126.93
C LEU J 1089 43.90 -51.29 127.64
N GLN J 1090 43.05 -50.31 127.34
CA GLN J 1090 41.73 -50.19 127.93
C GLN J 1090 40.81 -51.33 127.47
N LEU J 1091 40.26 -52.11 128.40
CA LEU J 1091 39.33 -53.18 128.03
C LEU J 1091 37.95 -52.66 127.61
N ARG J 1092 37.66 -51.36 127.78
CA ARG J 1092 36.54 -50.69 127.08
C ARG J 1092 36.61 -50.85 125.55
N GLU J 1093 37.79 -50.86 124.95
CA GLU J 1093 37.94 -51.09 123.50
C GLU J 1093 37.57 -52.53 123.13
N LEU J 1094 38.11 -53.48 123.87
CA LEU J 1094 37.87 -54.90 123.66
C LEU J 1094 36.43 -55.32 123.97
N ALA J 1095 35.70 -54.56 124.80
CA ALA J 1095 34.26 -54.69 124.96
C ALA J 1095 33.52 -54.58 123.61
N GLN J 1096 33.96 -53.66 122.75
CA GLN J 1096 33.43 -53.47 121.40
C GLN J 1096 34.07 -54.44 120.42
N ARG J 1097 35.42 -54.50 120.40
CA ARG J 1097 36.18 -55.24 119.40
C ARG J 1097 36.04 -56.76 119.54
N GLY J 1098 35.73 -57.25 120.75
CA GLY J 1098 35.66 -58.66 121.13
C GLY J 1098 37.04 -59.32 121.18
N SER J 1099 37.86 -59.10 120.17
CA SER J 1099 39.29 -59.35 120.19
C SER J 1099 40.05 -58.26 119.42
N ALA J 1100 41.33 -58.07 119.76
CA ALA J 1100 42.15 -56.99 119.23
C ALA J 1100 43.61 -57.41 119.14
N ALA J 1101 44.13 -57.48 117.92
CA ALA J 1101 45.56 -57.40 117.66
C ALA J 1101 45.98 -55.93 117.68
N CYS J 1102 46.87 -55.53 118.60
CA CYS J 1102 47.27 -54.15 118.76
C CYS J 1102 48.76 -53.99 119.12
N TRP J 1103 49.41 -53.00 118.52
CA TRP J 1103 50.73 -52.50 118.96
C TRP J 1103 50.57 -51.48 120.06
N LEU J 1104 50.93 -51.89 121.28
CA LEU J 1104 50.88 -51.04 122.46
C LEU J 1104 52.23 -50.31 122.63
N PRO J 1105 52.34 -48.99 122.37
CA PRO J 1105 53.56 -48.24 122.65
C PRO J 1105 53.87 -48.28 124.15
N LEU J 1106 55.05 -48.80 124.51
CA LEU J 1106 55.52 -48.84 125.89
C LEU J 1106 55.94 -47.44 126.31
N GLY J 1107 55.28 -46.84 127.27
CA GLY J 1107 55.80 -45.68 128.00
C GLY J 1107 56.80 -46.05 129.08
N ARG J 1108 57.46 -45.03 129.62
CA ARG J 1108 58.27 -45.12 130.85
C ARG J 1108 57.39 -44.98 132.10
N ARG J 1109 56.29 -44.21 132.01
CA ARG J 1109 55.23 -44.03 133.03
C ARG J 1109 53.84 -43.95 132.37
N ILE J 1110 52.79 -43.91 133.20
CA ILE J 1110 51.37 -43.88 132.80
C ILE J 1110 50.73 -42.53 133.20
N HIS J 1111 50.07 -41.84 132.27
CA HIS J 1111 49.57 -40.47 132.46
C HIS J 1111 48.24 -40.40 133.24
N MET J 1112 47.98 -39.32 133.99
CA MET J 1112 46.77 -39.15 134.82
C MET J 1112 46.14 -37.78 134.70
N ASP J 1113 44.87 -37.69 135.09
CA ASP J 1113 44.12 -36.46 135.28
C ASP J 1113 43.82 -36.19 136.77
N ASP J 1114 43.22 -35.04 137.04
CA ASP J 1114 42.87 -34.56 138.39
C ASP J 1114 41.99 -35.53 139.19
N THR J 1115 41.25 -36.40 138.54
CA THR J 1115 40.32 -37.34 139.15
C THR J 1115 41.02 -38.66 139.36
N GLY J 1116 41.93 -39.03 138.47
CA GLY J 1116 42.94 -40.03 138.76
C GLY J 1116 43.71 -39.63 140.00
N LEU J 1117 44.16 -38.38 140.06
CA LEU J 1117 44.92 -37.83 141.18
C LEU J 1117 44.08 -37.62 142.45
N THR J 1118 42.83 -37.14 142.38
CA THR J 1118 41.94 -37.05 143.57
C THR J 1118 41.70 -38.45 144.13
N VAL J 1119 41.41 -39.41 143.27
CA VAL J 1119 41.28 -40.79 143.71
C VAL J 1119 42.58 -41.32 144.28
N LEU J 1120 43.73 -41.11 143.63
CA LEU J 1120 45.03 -41.57 144.11
C LEU J 1120 45.38 -40.92 145.47
N ARG J 1121 44.97 -39.67 145.73
CA ARG J 1121 45.08 -39.00 147.06
C ARG J 1121 44.22 -39.65 148.14
N ILE J 1122 43.10 -40.25 147.76
CA ILE J 1122 42.18 -40.93 148.67
C ILE J 1122 42.57 -42.41 148.85
N LEU J 1123 43.09 -43.05 147.83
CA LEU J 1123 43.70 -44.37 147.90
C LEU J 1123 45.05 -44.36 148.62
N SER J 1124 45.82 -43.29 148.48
CA SER J 1124 47.06 -43.11 149.23
C SER J 1124 46.76 -42.90 150.74
N GLN J 1125 45.60 -42.31 151.10
CA GLN J 1125 45.09 -42.35 152.48
C GLN J 1125 44.81 -43.74 152.99
N ARG J 1126 44.42 -44.66 152.11
CA ARG J 1126 44.29 -46.07 152.43
C ARG J 1126 45.66 -46.76 152.30
N SER J 1127 46.69 -46.14 152.88
CA SER J 1127 48.10 -46.58 152.86
C SER J 1127 48.33 -47.98 153.41
N ASN J 1128 47.40 -48.52 154.21
CA ASN J 1128 47.44 -49.87 154.77
C ASN J 1128 46.65 -50.91 153.97
N ASP J 1129 45.66 -50.49 153.17
CA ASP J 1129 44.85 -51.39 152.36
C ASP J 1129 45.74 -51.96 151.25
N GLU J 1130 45.86 -53.29 151.19
CA GLU J 1130 46.78 -53.93 150.24
C GLU J 1130 46.36 -53.74 148.77
N VAL J 1131 45.06 -53.61 148.50
CA VAL J 1131 44.58 -53.29 147.15
C VAL J 1131 44.90 -51.83 146.83
N ALA J 1132 44.67 -50.90 147.77
CA ALA J 1132 44.98 -49.49 147.56
C ALA J 1132 46.49 -49.26 147.46
N LYS J 1133 47.31 -49.89 148.30
CA LYS J 1133 48.76 -49.96 148.14
C LYS J 1133 49.15 -50.49 146.77
N GLU J 1134 48.71 -51.68 146.36
CA GLU J 1134 49.11 -52.27 145.08
C GLU J 1134 48.59 -51.47 143.89
N PHE J 1135 47.44 -50.80 144.01
CA PHE J 1135 46.95 -49.88 142.99
C PHE J 1135 47.83 -48.63 142.90
N VAL J 1136 48.03 -47.93 144.04
CA VAL J 1136 48.87 -46.72 144.13
C VAL J 1136 50.30 -47.03 143.66
N LYS J 1137 50.82 -48.22 143.99
CA LYS J 1137 52.08 -48.75 143.48
C LYS J 1137 52.02 -49.02 141.98
N LEU J 1138 51.12 -49.86 141.48
CA LEU J 1138 51.05 -50.23 140.06
C LEU J 1138 50.80 -49.02 139.14
N LYS J 1139 50.15 -47.96 139.62
CA LYS J 1139 49.99 -46.70 138.88
C LYS J 1139 51.12 -45.70 139.06
N SER J 1140 51.87 -45.78 140.15
CA SER J 1140 53.16 -45.09 140.29
C SER J 1140 54.33 -45.97 139.80
N ASP J 1141 54.04 -47.07 139.09
CA ASP J 1141 55.01 -47.99 138.53
C ASP J 1141 55.66 -47.40 137.27
N THR J 1142 56.99 -47.48 137.17
CA THR J 1142 57.77 -46.84 136.10
C THR J 1142 58.98 -47.67 135.68
N ARG J 1143 59.42 -47.48 134.43
CA ARG J 1143 60.66 -48.05 133.89
C ARG J 1143 61.89 -47.33 134.46
N SER J 1144 62.93 -48.08 134.83
CA SER J 1144 64.28 -47.55 135.02
C SER J 1144 64.89 -47.11 133.68
N ALA J 1145 65.45 -45.91 133.59
CA ALA J 1145 65.92 -45.34 132.32
C ALA J 1145 67.15 -46.06 131.72
N GLU J 1146 67.86 -46.86 132.53
CA GLU J 1146 69.05 -47.59 132.12
C GLU J 1146 68.78 -48.57 130.95
N GLU J 1147 69.82 -48.83 130.15
CA GLU J 1147 69.74 -49.52 128.85
C GLU J 1147 68.91 -48.79 127.76
N GLY J 1148 68.34 -47.60 128.02
CA GLY J 1148 67.43 -46.92 127.08
C GLY J 1148 67.07 -45.45 127.32
N GLY J 1149 68.05 -44.58 127.63
CA GLY J 1149 67.99 -43.15 127.30
C GLY J 1149 67.15 -42.19 128.17
N ALA J 1150 66.28 -41.41 127.52
CA ALA J 1150 65.70 -40.15 128.00
C ALA J 1150 64.68 -40.25 129.16
N ALA J 1151 64.19 -39.10 129.63
CA ALA J 1151 63.26 -38.97 130.76
C ALA J 1151 61.77 -39.22 130.40
N PRO J 1152 60.93 -39.65 131.37
CA PRO J 1152 59.47 -39.68 131.25
C PRO J 1152 58.84 -38.27 131.20
N ALA J 1153 57.53 -38.20 130.95
CA ALA J 1153 56.72 -36.98 131.05
C ALA J 1153 55.33 -37.27 131.65
N PRO J 1154 54.73 -36.31 132.38
CA PRO J 1154 53.52 -36.51 133.19
C PRO J 1154 52.32 -37.01 132.38
N GLU K 23 -81.64 68.82 177.73
CA GLU K 23 -81.85 70.18 177.16
C GLU K 23 -81.73 71.29 178.22
N GLU K 24 -82.55 71.27 179.26
CA GLU K 24 -82.55 72.22 180.38
C GLU K 24 -81.15 72.61 180.86
N LEU K 25 -80.34 71.65 181.32
CA LEU K 25 -78.97 71.88 181.74
C LEU K 25 -78.10 72.44 180.61
N LYS K 26 -78.22 71.93 179.38
CA LYS K 26 -77.44 72.42 178.24
C LYS K 26 -77.69 73.89 177.94
N ASN K 27 -78.94 74.32 177.94
CA ASN K 27 -79.28 75.72 177.71
C ASN K 27 -78.92 76.60 178.92
N HIS K 28 -79.15 76.11 180.14
CA HIS K 28 -78.69 76.75 181.37
C HIS K 28 -77.17 76.99 181.37
N VAL K 29 -76.41 75.96 180.99
CA VAL K 29 -74.96 76.01 180.90
C VAL K 29 -74.50 76.86 179.72
N TYR K 30 -75.17 76.82 178.57
CA TYR K 30 -74.91 77.74 177.47
C TYR K 30 -74.94 79.18 177.97
N LYS K 31 -76.05 79.57 178.59
CA LYS K 31 -76.28 80.89 179.17
C LYS K 31 -75.24 81.24 180.23
N LYS K 32 -74.96 80.33 181.17
CA LYS K 32 -73.95 80.56 182.21
C LYS K 32 -72.52 80.56 181.70
N THR K 33 -72.26 79.92 180.58
CA THR K 33 -70.96 79.97 179.90
C THR K 33 -70.81 81.29 179.17
N LEU K 34 -71.85 81.73 178.45
CA LEU K 34 -71.90 83.05 177.84
C LEU K 34 -71.69 84.15 178.90
N GLN K 35 -72.45 84.12 179.99
CA GLN K 35 -72.25 85.07 181.09
C GLN K 35 -70.87 84.94 181.72
N ALA K 36 -70.36 83.71 181.91
CA ALA K 36 -69.07 83.51 182.55
C ALA K 36 -67.90 84.12 181.80
N LEU K 37 -67.98 84.15 180.47
CA LEU K 37 -66.89 84.54 179.59
C LEU K 37 -67.10 85.87 178.87
N ILE K 38 -68.31 86.45 178.85
CA ILE K 38 -68.50 87.80 178.28
C ILE K 38 -67.82 88.85 179.15
N TYR K 39 -68.06 88.79 180.46
CA TYR K 39 -67.14 89.35 181.43
C TYR K 39 -66.40 88.17 182.04
N PRO K 40 -65.27 87.73 181.45
CA PRO K 40 -64.48 86.69 182.06
C PRO K 40 -64.06 87.16 183.46
N ILE K 41 -64.00 86.27 184.45
CA ILE K 41 -63.56 86.67 185.79
C ILE K 41 -62.14 87.24 185.79
N SER K 42 -61.35 86.94 184.75
CA SER K 42 -60.04 87.54 184.48
C SER K 42 -60.06 89.04 184.15
N CYS K 43 -61.23 89.69 184.06
CA CYS K 43 -61.33 91.17 184.04
C CYS K 43 -61.03 91.84 185.40
N THR K 44 -61.14 91.10 186.51
CA THR K 44 -61.29 91.67 187.86
C THR K 44 -59.98 92.06 188.55
N THR K 45 -60.07 92.96 189.54
CA THR K 45 -58.96 93.56 190.30
C THR K 45 -59.14 93.33 191.82
N PRO K 46 -58.08 93.13 192.62
CA PRO K 46 -58.19 92.88 194.06
C PRO K 46 -58.06 94.13 194.94
N HIS K 47 -58.78 94.18 196.06
CA HIS K 47 -58.73 95.29 197.01
C HIS K 47 -57.52 95.24 197.93
N ASN K 48 -56.59 96.16 197.76
CA ASN K 48 -55.48 96.37 198.69
C ASN K 48 -55.93 97.10 199.97
N PHE K 49 -56.51 96.39 200.93
CA PHE K 49 -56.89 96.96 202.22
C PHE K 49 -55.73 97.18 203.19
N GLU K 50 -55.65 98.40 203.73
CA GLU K 50 -55.00 98.69 205.01
C GLU K 50 -56.04 98.67 206.13
N VAL K 51 -55.63 98.21 207.32
CA VAL K 51 -56.35 98.50 208.57
C VAL K 51 -56.32 100.01 208.77
N TRP K 52 -57.47 100.61 209.04
CA TRP K 52 -57.56 102.04 209.27
C TRP K 52 -58.52 102.34 210.43
N THR K 53 -58.03 103.11 211.39
CA THR K 53 -58.84 103.60 212.50
C THR K 53 -59.74 104.71 212.02
N ALA K 54 -61.06 104.54 212.16
CA ALA K 54 -62.02 105.63 212.08
C ALA K 54 -61.88 106.51 213.34
N THR K 55 -60.81 107.32 213.44
CA THR K 55 -60.49 108.23 214.57
C THR K 55 -61.57 109.26 214.85
N THR K 56 -62.58 109.34 213.99
CA THR K 56 -63.88 110.02 214.15
C THR K 56 -65.03 109.10 213.69
N PRO K 57 -66.26 109.23 214.20
CA PRO K 57 -67.42 108.45 213.77
C PRO K 57 -67.61 108.48 212.24
N THR K 58 -67.57 107.31 211.59
CA THR K 58 -67.54 107.13 210.13
C THR K 58 -68.49 106.00 209.74
N TYR K 59 -68.97 105.96 208.49
CA TYR K 59 -69.99 104.99 208.06
C TYR K 59 -69.52 104.16 206.86
N CYS K 60 -69.63 102.85 206.99
CA CYS K 60 -69.05 101.87 206.08
C CYS K 60 -69.63 101.94 204.65
N TYR K 61 -68.78 101.99 203.62
CA TYR K 61 -69.26 102.09 202.23
C TYR K 61 -70.00 100.84 201.73
N GLU K 62 -69.98 99.74 202.48
CA GLU K 62 -70.92 98.64 202.27
C GLU K 62 -72.23 98.88 203.03
N CYS K 63 -72.20 98.70 204.36
CA CYS K 63 -73.40 98.62 205.19
C CYS K 63 -73.94 99.96 205.72
N GLU K 64 -73.21 101.05 205.52
CA GLU K 64 -73.44 102.35 206.16
C GLU K 64 -73.41 102.29 207.71
N GLY K 65 -72.88 101.20 208.28
CA GLY K 65 -72.77 100.98 209.74
C GLY K 65 -71.58 101.70 210.36
N LEU K 66 -71.67 101.98 211.67
CA LEU K 66 -70.69 102.79 212.41
C LEU K 66 -69.31 102.12 212.50
N LEU K 67 -68.33 102.88 212.02
CA LEU K 67 -66.91 102.73 212.26
C LEU K 67 -66.51 103.83 213.24
N TRP K 68 -65.86 103.49 214.34
CA TRP K 68 -65.52 104.47 215.38
C TRP K 68 -64.38 103.99 216.28
N GLY K 69 -63.35 104.83 216.39
CA GLY K 69 -62.20 104.65 217.24
C GLY K 69 -61.46 103.36 216.94
N ILE K 70 -60.70 102.92 217.94
CA ILE K 70 -60.15 101.57 217.97
C ILE K 70 -61.28 100.53 218.17
N ALA K 71 -62.35 100.90 218.88
CA ALA K 71 -63.48 100.02 219.23
C ALA K 71 -64.16 99.39 218.01
N ARG K 72 -64.33 100.15 216.94
CA ARG K 72 -64.90 99.74 215.65
C ARG K 72 -64.04 100.29 214.50
N GLN K 73 -62.79 99.82 214.40
CA GLN K 73 -61.91 100.09 213.24
C GLN K 73 -62.55 99.68 211.91
N GLY K 74 -62.06 100.26 210.82
CA GLY K 74 -62.37 99.83 209.46
C GLY K 74 -61.16 99.33 208.69
N MET K 75 -61.41 99.03 207.43
CA MET K 75 -60.41 98.82 206.41
C MET K 75 -60.56 99.94 205.40
N ARG K 76 -59.45 100.58 205.06
CA ARG K 76 -59.36 101.53 203.96
C ARG K 76 -58.58 100.83 202.86
N CYS K 77 -59.17 100.59 201.71
CA CYS K 77 -58.35 100.18 200.57
C CYS K 77 -57.48 101.34 200.13
N THR K 78 -56.34 101.08 199.52
CA THR K 78 -55.58 102.09 198.76
C THR K 78 -56.10 102.16 197.33
N GLU K 79 -56.10 101.03 196.61
CA GLU K 79 -56.40 100.94 195.19
C GLU K 79 -57.86 101.31 194.93
N CYS K 80 -58.81 100.58 195.53
CA CYS K 80 -60.18 101.06 195.59
C CYS K 80 -60.41 102.14 196.64
N GLY K 81 -59.45 102.52 197.48
CA GLY K 81 -59.61 103.64 198.44
C GLY K 81 -60.61 103.40 199.59
N VAL K 82 -61.41 102.34 199.47
CA VAL K 82 -62.75 102.17 200.03
C VAL K 82 -62.73 101.98 201.54
N LYS K 83 -63.60 102.68 202.27
CA LYS K 83 -63.64 102.69 203.74
C LYS K 83 -64.82 101.86 204.22
N CYS K 84 -64.55 100.83 205.02
CA CYS K 84 -65.57 99.86 205.39
C CYS K 84 -65.25 99.20 206.73
N HIS K 85 -66.21 98.48 207.33
CA HIS K 85 -65.86 97.53 208.41
C HIS K 85 -64.82 96.54 207.90
N GLU K 86 -64.06 95.94 208.81
CA GLU K 86 -63.38 94.67 208.53
C GLU K 86 -64.39 93.62 208.05
N LYS K 87 -65.45 93.36 208.82
CA LYS K 87 -66.51 92.44 208.40
C LYS K 87 -67.20 92.83 207.09
N CYS K 88 -67.03 94.07 206.62
CA CYS K 88 -67.53 94.52 205.33
C CYS K 88 -66.51 94.54 204.21
N GLN K 89 -65.20 94.47 204.46
CA GLN K 89 -64.22 94.66 203.41
C GLN K 89 -64.30 93.58 202.32
N ASP K 90 -64.91 92.45 202.65
CA ASP K 90 -65.26 91.36 201.73
C ASP K 90 -66.71 91.46 201.22
N LEU K 91 -67.63 92.00 202.03
CA LEU K 91 -69.01 92.26 201.62
C LEU K 91 -69.11 93.40 200.59
N LEU K 92 -68.08 94.25 200.52
CA LEU K 92 -67.80 95.07 199.35
C LEU K 92 -67.53 94.15 198.14
N ASN K 93 -68.61 93.77 197.46
CA ASN K 93 -68.62 92.61 196.56
C ASN K 93 -67.83 92.80 195.25
N ALA K 94 -67.92 93.96 194.60
CA ALA K 94 -67.39 94.16 193.25
C ALA K 94 -65.86 94.35 193.25
N ASP K 95 -65.22 94.15 192.10
CA ASP K 95 -63.75 94.18 192.01
C ASP K 95 -63.14 95.55 192.36
N CYS K 96 -61.83 95.63 192.47
CA CYS K 96 -61.16 96.86 192.86
C CYS K 96 -61.32 97.98 191.84
N LEU K 97 -61.50 97.71 190.53
CA LEU K 97 -61.99 98.75 189.63
C LEU K 97 -63.34 99.27 190.10
N GLN K 98 -64.36 98.41 190.17
CA GLN K 98 -65.71 98.81 190.53
C GLN K 98 -65.77 99.47 191.90
N ARG K 99 -65.13 98.91 192.94
CA ARG K 99 -65.07 99.54 194.26
C ARG K 99 -64.16 100.77 194.30
N ALA K 100 -63.17 100.95 193.41
CA ALA K 100 -62.52 102.25 193.27
C ALA K 100 -63.52 103.28 192.75
N ALA K 101 -64.38 102.90 191.81
CA ALA K 101 -65.51 103.70 191.36
C ALA K 101 -66.50 104.01 192.50
N GLU K 102 -66.97 103.00 193.23
CA GLU K 102 -67.92 103.22 194.33
C GLU K 102 -67.31 104.02 195.49
N LYS K 103 -66.06 103.78 195.88
CA LYS K 103 -65.32 104.69 196.78
C LYS K 103 -65.29 106.10 196.25
N SER K 104 -64.99 106.28 194.98
CA SER K 104 -64.92 107.61 194.38
C SER K 104 -66.28 108.30 194.48
N SER K 105 -67.39 107.58 194.27
CA SER K 105 -68.72 108.15 194.49
C SER K 105 -69.02 108.51 195.96
N LYS K 106 -68.47 107.76 196.93
CA LYS K 106 -68.66 107.99 198.38
C LYS K 106 -67.67 108.98 199.01
N HIS K 107 -66.54 109.24 198.36
CA HIS K 107 -65.68 110.40 198.59
C HIS K 107 -66.20 111.67 197.87
N GLY K 108 -66.72 111.57 196.64
CA GLY K 108 -67.40 112.66 195.93
C GLY K 108 -67.69 112.46 194.42
N ALA K 109 -66.72 111.95 193.65
CA ALA K 109 -66.83 111.75 192.20
C ALA K 109 -67.71 110.55 191.81
N GLU K 110 -69.02 110.78 191.61
CA GLU K 110 -69.95 109.77 191.09
C GLU K 110 -69.65 109.37 189.63
N ASP K 111 -69.10 110.29 188.84
CA ASP K 111 -68.83 110.10 187.41
C ASP K 111 -67.91 108.91 187.13
N ARG K 112 -66.99 108.62 188.05
CA ARG K 112 -66.14 107.43 188.07
C ARG K 112 -66.97 106.13 187.95
N THR K 113 -68.13 106.07 188.58
CA THR K 113 -69.04 104.91 188.49
C THR K 113 -69.51 104.69 187.07
N GLN K 114 -69.97 105.74 186.38
CA GLN K 114 -70.32 105.67 184.95
C GLN K 114 -69.11 105.31 184.08
N ASN K 115 -67.94 105.85 184.40
CA ASN K 115 -66.69 105.46 183.77
C ASN K 115 -66.44 103.94 183.93
N ILE K 116 -66.60 103.34 185.09
CA ILE K 116 -66.28 101.92 185.26
C ILE K 116 -67.43 101.01 184.81
N ILE K 117 -68.66 101.51 184.76
CA ILE K 117 -69.70 100.91 183.91
C ILE K 117 -69.25 100.90 182.45
N MET K 118 -68.66 101.98 181.96
CA MET K 118 -68.07 102.01 180.62
C MET K 118 -66.83 101.12 180.52
N VAL K 119 -66.04 100.93 181.58
CA VAL K 119 -64.98 99.89 181.61
C VAL K 119 -65.60 98.51 181.47
N LEU K 120 -66.69 98.22 182.17
CA LEU K 120 -67.41 96.96 182.06
C LEU K 120 -67.92 96.76 180.63
N LYS K 121 -68.56 97.76 180.04
CA LYS K 121 -68.94 97.75 178.62
C LYS K 121 -67.74 97.51 177.71
N ASP K 122 -66.70 98.31 177.84
CA ASP K 122 -65.51 98.25 177.00
C ASP K 122 -64.78 96.92 177.14
N ARG K 123 -64.66 96.39 178.35
CA ARG K 123 -64.14 95.04 178.61
C ARG K 123 -64.91 94.00 177.81
N MET K 124 -66.24 94.01 177.88
CA MET K 124 -67.09 93.07 177.14
C MET K 124 -67.02 93.29 175.62
N LYS K 125 -66.97 94.54 175.12
CA LYS K 125 -66.77 94.85 173.69
C LYS K 125 -65.41 94.36 173.19
N ILE K 126 -64.34 94.65 173.92
CA ILE K 126 -62.97 94.21 173.62
C ILE K 126 -62.95 92.69 173.64
N ARG K 127 -63.47 92.05 174.70
CA ARG K 127 -63.58 90.61 174.84
C ARG K 127 -64.23 89.94 173.63
N GLU K 128 -65.37 90.46 173.23
CA GLU K 128 -66.09 90.06 172.02
C GLU K 128 -65.28 90.27 170.75
N ARG K 129 -64.68 91.45 170.58
CA ARG K 129 -63.98 91.84 169.37
C ARG K 129 -62.65 91.11 169.22
N ASN K 130 -62.02 90.76 170.34
CA ASN K 130 -60.71 90.16 170.42
C ASN K 130 -60.78 88.64 170.49
N LYS K 131 -61.78 88.11 171.21
CA LYS K 131 -62.06 86.68 171.30
C LYS K 131 -63.46 86.30 170.83
N PRO K 132 -63.92 86.78 169.66
CA PRO K 132 -65.23 86.41 169.15
C PRO K 132 -65.38 84.90 169.05
N GLU K 133 -64.28 84.20 168.76
CA GLU K 133 -64.24 82.75 168.65
C GLU K 133 -64.62 82.04 169.96
N ILE K 134 -64.46 82.66 171.13
CA ILE K 134 -65.01 82.09 172.36
C ILE K 134 -66.53 81.99 172.23
N PHE K 135 -67.18 83.08 171.86
CA PHE K 135 -68.63 83.21 171.88
C PHE K 135 -69.30 82.42 170.75
N GLU K 136 -68.67 82.46 169.56
CA GLU K 136 -69.01 81.58 168.46
C GLU K 136 -68.86 80.11 168.83
N LEU K 137 -67.76 79.71 169.48
CA LEU K 137 -67.61 78.31 169.84
C LEU K 137 -68.69 77.86 170.84
N ILE K 138 -69.01 78.69 171.83
CA ILE K 138 -70.12 78.42 172.76
C ILE K 138 -71.43 78.28 171.96
N GLN K 139 -71.69 79.19 171.02
CA GLN K 139 -72.80 79.08 170.10
C GLN K 139 -72.77 77.75 169.32
N GLU K 140 -71.68 77.34 168.70
CA GLU K 140 -71.63 76.10 167.91
C GLU K 140 -71.72 74.84 168.78
N VAL K 141 -71.01 74.81 169.91
CA VAL K 141 -70.98 73.70 170.87
C VAL K 141 -72.36 73.46 171.45
N PHE K 142 -73.05 74.55 171.77
CA PHE K 142 -74.43 74.51 172.18
C PHE K 142 -75.42 74.61 171.01
N ALA K 143 -74.90 74.54 169.77
CA ALA K 143 -75.61 74.50 168.51
C ALA K 143 -76.62 75.63 168.27
N VAL K 144 -76.48 76.75 168.98
CA VAL K 144 -77.37 77.91 168.88
C VAL K 144 -77.13 78.64 167.54
N THR K 145 -78.08 79.41 167.01
CA THR K 145 -77.85 80.19 165.77
C THR K 145 -77.09 81.47 166.06
N LYS K 146 -76.53 82.14 165.04
CA LYS K 146 -75.77 83.39 165.21
C LYS K 146 -76.66 84.56 165.65
N SER K 147 -77.86 84.67 165.09
CA SER K 147 -78.87 85.67 165.50
C SER K 147 -79.37 85.40 166.92
N ALA K 148 -79.80 84.18 167.23
CA ALA K 148 -80.27 83.83 168.57
C ALA K 148 -79.14 83.92 169.61
N HIS K 149 -77.93 83.56 169.22
CA HIS K 149 -76.74 83.83 170.00
C HIS K 149 -76.58 85.33 170.24
N THR K 150 -76.75 86.19 169.24
CA THR K 150 -76.72 87.65 169.41
C THR K 150 -77.81 88.11 170.39
N GLN K 151 -78.99 87.51 170.39
CA GLN K 151 -80.06 87.91 171.32
C GLN K 151 -79.88 87.35 172.75
N GLN K 152 -79.41 86.12 172.94
CA GLN K 152 -78.99 85.65 174.27
C GLN K 152 -77.71 86.36 174.74
N MET K 153 -76.87 86.80 173.82
CA MET K 153 -75.73 87.62 174.14
C MET K 153 -76.18 89.01 174.58
N LYS K 154 -77.16 89.64 173.93
CA LYS K 154 -77.86 90.82 174.49
C LYS K 154 -78.34 90.48 175.90
N ALA K 155 -78.95 89.33 176.14
CA ALA K 155 -79.36 88.95 177.49
C ALA K 155 -78.20 88.85 178.50
N VAL K 156 -77.10 88.14 178.22
CA VAL K 156 -75.99 88.03 179.20
C VAL K 156 -75.12 89.28 179.26
N LYS K 157 -74.99 90.04 178.18
CA LYS K 157 -74.45 91.40 178.19
C LYS K 157 -75.30 92.18 179.16
N GLN K 158 -76.60 92.23 178.97
CA GLN K 158 -77.49 92.94 179.87
C GLN K 158 -77.38 92.38 181.30
N SER K 159 -77.21 91.08 181.51
CA SER K 159 -77.02 90.52 182.86
C SER K 159 -75.70 90.95 183.53
N VAL K 160 -74.79 91.61 182.81
CA VAL K 160 -73.59 92.25 183.38
C VAL K 160 -73.48 93.75 182.99
N LEU K 161 -74.39 94.29 182.16
CA LEU K 161 -74.34 95.65 181.58
C LEU K 161 -75.59 96.48 181.84
N ASP K 162 -76.76 95.86 181.87
CA ASP K 162 -77.86 96.41 182.69
C ASP K 162 -77.48 96.12 184.16
N GLY K 163 -77.17 94.86 184.47
CA GLY K 163 -76.62 94.38 185.75
C GLY K 163 -75.17 94.80 186.05
N THR K 164 -74.75 95.97 185.56
CA THR K 164 -73.38 96.50 185.73
C THR K 164 -73.10 97.10 187.12
N SER K 165 -74.13 97.45 187.88
CA SER K 165 -74.02 98.18 189.16
C SER K 165 -75.34 98.24 189.94
N LYS K 166 -76.18 97.19 189.85
CA LYS K 166 -77.61 97.25 190.22
C LYS K 166 -77.91 96.66 191.59
N TRP K 167 -78.75 97.37 192.34
CA TRP K 167 -79.52 96.88 193.50
C TRP K 167 -80.99 97.31 193.33
N SER K 168 -81.53 97.11 192.13
CA SER K 168 -82.90 97.45 191.72
C SER K 168 -83.87 96.32 192.07
N ALA K 169 -83.94 95.97 193.35
CA ALA K 169 -84.67 94.83 193.86
C ALA K 169 -86.18 94.92 193.65
N LYS K 170 -86.73 93.95 192.93
CA LYS K 170 -88.12 93.56 193.17
C LYS K 170 -88.17 92.90 194.55
N ILE K 171 -89.23 93.15 195.29
CA ILE K 171 -89.49 92.63 196.63
C ILE K 171 -90.91 92.03 196.61
N SER K 172 -91.14 90.91 197.26
CA SER K 172 -92.41 90.20 197.23
C SER K 172 -92.78 89.76 198.64
N ILE K 173 -93.52 90.62 199.33
CA ILE K 173 -93.84 90.57 200.75
C ILE K 173 -95.13 89.80 200.94
N THR K 174 -95.06 88.53 201.30
CA THR K 174 -96.22 87.83 201.84
C THR K 174 -96.40 88.14 203.31
N VAL K 175 -97.42 88.93 203.62
CA VAL K 175 -97.94 89.00 204.97
C VAL K 175 -98.56 87.66 205.30
N VAL K 176 -97.92 86.87 206.17
CA VAL K 176 -98.36 85.50 206.46
C VAL K 176 -99.43 85.46 207.54
N CYS K 177 -99.12 85.90 208.75
CA CYS K 177 -99.99 85.75 209.91
C CYS K 177 -99.57 86.71 211.01
N ALA K 178 -100.39 86.85 212.05
CA ALA K 178 -99.99 87.49 213.29
C ALA K 178 -100.45 86.67 214.50
N GLN K 179 -99.87 86.96 215.66
CA GLN K 179 -100.14 86.31 216.94
C GLN K 179 -100.18 87.35 218.06
N GLY K 180 -101.12 87.23 219.01
CA GLY K 180 -101.18 88.08 220.20
C GLY K 180 -101.57 89.55 219.95
N LEU K 181 -102.27 89.87 218.85
CA LEU K 181 -102.67 91.23 218.52
C LEU K 181 -103.54 91.88 219.62
N GLN K 182 -103.51 93.21 219.71
CA GLN K 182 -104.41 93.94 220.60
C GLN K 182 -105.84 93.90 220.06
N ALA K 183 -106.84 93.78 220.94
CA ALA K 183 -108.24 93.92 220.55
C ALA K 183 -108.61 95.40 220.33
N LYS K 184 -109.43 95.67 219.31
CA LYS K 184 -109.98 96.98 218.95
C LYS K 184 -111.39 96.94 218.32
N ASP K 185 -111.97 95.76 218.12
CA ASP K 185 -113.05 95.60 217.13
C ASP K 185 -114.42 96.14 217.51
N LYS K 186 -115.24 96.27 216.48
CA LYS K 186 -116.71 96.18 216.55
C LYS K 186 -117.17 94.80 217.10
N THR K 187 -116.48 93.70 216.80
CA THR K 187 -116.71 92.34 217.38
C THR K 187 -116.22 92.14 218.82
N GLY K 188 -115.46 93.08 219.38
CA GLY K 188 -114.69 92.90 220.63
C GLY K 188 -113.35 92.16 220.49
N SER K 189 -113.02 91.58 219.33
CA SER K 189 -111.70 90.98 219.05
C SER K 189 -110.85 91.99 218.26
N SER K 190 -110.45 91.67 217.03
CA SER K 190 -110.17 92.63 215.94
C SER K 190 -110.51 92.03 214.60
N ASP K 191 -110.72 92.89 213.60
CA ASP K 191 -110.72 92.57 212.20
C ASP K 191 -109.37 92.98 211.57
N PRO K 192 -108.25 92.34 211.95
CA PRO K 192 -106.95 92.74 211.47
C PRO K 192 -106.79 92.54 209.95
N TYR K 193 -106.39 93.60 209.27
CA TYR K 193 -105.65 93.55 208.01
C TYR K 193 -104.30 94.24 208.19
N VAL K 194 -103.51 94.29 207.12
CA VAL K 194 -102.16 94.86 207.12
C VAL K 194 -102.00 95.77 205.91
N THR K 195 -101.35 96.92 206.06
CA THR K 195 -100.73 97.61 204.93
C THR K 195 -99.25 97.31 204.91
N VAL K 196 -98.70 97.17 203.71
CA VAL K 196 -97.26 97.16 203.47
C VAL K 196 -96.91 98.40 202.64
N GLN K 197 -95.77 99.01 202.92
CA GLN K 197 -95.25 100.14 202.17
C GLN K 197 -93.73 99.99 201.95
N VAL K 198 -93.26 100.30 200.75
CA VAL K 198 -91.83 100.36 200.40
C VAL K 198 -91.59 101.60 199.55
N GLY K 199 -90.64 102.45 199.92
CA GLY K 199 -90.60 103.82 199.39
C GLY K 199 -91.91 104.57 199.66
N LYS K 200 -92.42 105.32 198.68
CA LYS K 200 -93.74 105.97 198.74
C LYS K 200 -94.91 104.97 198.54
N THR K 201 -94.68 103.87 197.83
CA THR K 201 -95.73 102.91 197.40
C THR K 201 -96.33 102.13 198.57
N LYS K 202 -97.67 102.03 198.62
CA LYS K 202 -98.43 101.41 199.72
C LYS K 202 -99.53 100.47 199.18
N LYS K 203 -99.69 99.32 199.82
CA LYS K 203 -100.64 98.22 199.48
C LYS K 203 -101.23 97.62 200.74
N ARG K 204 -102.31 96.83 200.65
CA ARG K 204 -102.90 96.16 201.83
C ARG K 204 -103.34 94.71 201.60
N THR K 205 -103.26 93.92 202.67
CA THR K 205 -104.00 92.67 202.78
C THR K 205 -105.49 92.94 202.87
N LYS K 206 -106.29 91.96 202.46
CA LYS K 206 -107.65 91.84 202.93
C LYS K 206 -107.66 91.55 204.44
N THR K 207 -108.86 91.50 204.98
CA THR K 207 -109.09 91.52 206.41
C THR K 207 -109.39 90.13 206.91
N ILE K 208 -108.74 89.70 207.98
CA ILE K 208 -109.23 88.60 208.78
C ILE K 208 -110.13 89.20 209.85
N TYR K 209 -111.31 88.62 210.07
CA TYR K 209 -112.36 89.21 210.89
C TYR K 209 -112.46 88.49 212.25
N GLY K 210 -112.64 89.22 213.33
CA GLY K 210 -112.84 88.68 214.69
C GLY K 210 -111.66 87.91 215.29
N ASN K 211 -110.42 88.09 214.82
CA ASN K 211 -109.25 87.27 215.19
C ASN K 211 -108.09 88.14 215.72
N LEU K 212 -107.40 87.66 216.77
CA LEU K 212 -106.15 88.26 217.27
C LEU K 212 -104.89 87.45 216.90
N ASN K 213 -105.07 86.28 216.29
CA ASN K 213 -104.03 85.42 215.71
C ASN K 213 -104.30 85.16 214.21
N PRO K 214 -104.51 86.20 213.38
CA PRO K 214 -104.96 86.05 211.98
C PRO K 214 -103.93 85.36 211.09
N VAL K 215 -104.38 84.65 210.05
CA VAL K 215 -103.52 84.21 208.93
C VAL K 215 -104.02 84.85 207.64
N TRP K 216 -103.18 85.65 206.98
CA TRP K 216 -103.47 86.23 205.66
C TRP K 216 -102.85 85.40 204.53
N GLU K 217 -101.55 85.11 204.59
CA GLU K 217 -100.75 84.57 203.47
C GLU K 217 -100.88 85.41 202.18
N GLU K 218 -100.91 86.75 202.29
CA GLU K 218 -101.18 87.67 201.17
C GLU K 218 -99.92 88.41 200.72
N ASN K 219 -99.64 88.36 199.42
CA ASN K 219 -98.39 88.84 198.84
C ASN K 219 -98.49 90.19 198.13
N PHE K 220 -97.54 91.06 198.42
CA PHE K 220 -97.38 92.37 197.81
C PHE K 220 -96.04 92.47 197.12
N HIS K 221 -96.07 92.69 195.81
CA HIS K 221 -94.88 93.05 195.09
C HIS K 221 -94.57 94.54 195.27
N PHE K 222 -93.29 94.87 195.37
CA PHE K 222 -92.74 96.21 195.47
C PHE K 222 -91.43 96.32 194.71
N GLU K 223 -91.03 97.55 194.41
CA GLU K 223 -89.72 97.88 193.86
C GLU K 223 -88.94 98.72 194.86
N CYS K 224 -87.70 98.33 195.09
CA CYS K 224 -86.73 99.08 195.86
C CYS K 224 -85.48 99.29 195.01
N HIS K 225 -84.83 100.43 195.18
CA HIS K 225 -83.67 100.84 194.39
C HIS K 225 -82.47 101.23 195.28
N ASN K 226 -82.53 100.86 196.56
CA ASN K 226 -81.62 101.31 197.61
C ASN K 226 -81.62 100.33 198.79
N SER K 227 -80.50 99.66 199.05
CA SER K 227 -80.35 98.76 200.20
C SER K 227 -80.55 99.45 201.56
N SER K 228 -80.40 100.78 201.63
CA SER K 228 -80.73 101.57 202.82
C SER K 228 -82.20 102.00 202.91
N ASP K 229 -83.11 101.58 202.03
CA ASP K 229 -84.56 101.77 202.22
C ASP K 229 -85.08 100.97 203.41
N ARG K 230 -86.32 101.26 203.82
CA ARG K 230 -87.09 100.43 204.75
C ARG K 230 -88.36 99.92 204.10
N ILE K 231 -88.70 98.68 204.40
CA ILE K 231 -90.09 98.20 204.37
C ILE K 231 -90.79 98.73 205.64
N LYS K 232 -92.03 99.18 205.51
CA LYS K 232 -92.95 99.45 206.64
C LYS K 232 -94.14 98.50 206.56
N VAL K 233 -94.46 97.80 207.64
CA VAL K 233 -95.60 96.88 207.71
C VAL K 233 -96.48 97.25 208.90
N ARG K 234 -97.77 97.45 208.69
CA ARG K 234 -98.68 98.03 209.71
C ARG K 234 -99.99 97.28 209.74
N VAL K 235 -100.48 96.94 210.92
CA VAL K 235 -101.67 96.10 211.13
C VAL K 235 -102.81 97.01 211.59
N TRP K 236 -104.00 96.81 211.04
CA TRP K 236 -105.15 97.68 211.21
C TRP K 236 -106.40 96.86 211.48
N ASP K 237 -107.18 97.25 212.46
CA ASP K 237 -108.50 96.69 212.68
C ASP K 237 -109.50 97.34 211.69
N GLU K 238 -110.09 96.58 210.78
CA GLU K 238 -110.94 97.16 209.75
C GLU K 238 -112.24 97.73 210.31
N ASP K 239 -112.28 99.04 210.58
CA ASP K 239 -113.48 99.75 210.96
C ASP K 239 -114.22 100.27 209.72
N ASP K 240 -115.37 99.70 209.40
CA ASP K 240 -116.31 100.26 208.44
C ASP K 240 -117.60 100.63 209.16
N ASP K 241 -117.61 101.83 209.73
CA ASP K 241 -118.71 102.36 210.56
C ASP K 241 -118.74 103.90 210.48
N ILE K 242 -119.78 104.54 211.04
CA ILE K 242 -119.91 106.01 211.00
C ILE K 242 -118.67 106.69 211.61
N LYS K 243 -118.10 106.11 212.68
CA LYS K 243 -116.82 106.58 213.26
C LYS K 243 -115.68 106.56 212.26
N SER K 244 -115.46 105.49 211.50
CA SER K 244 -114.39 105.47 210.50
C SER K 244 -114.66 106.43 209.35
N ARG K 245 -115.92 106.55 208.88
CA ARG K 245 -116.32 107.55 207.87
C ARG K 245 -116.07 108.99 208.34
N VAL K 246 -116.23 109.29 209.63
CA VAL K 246 -115.83 110.57 210.25
C VAL K 246 -114.31 110.68 210.35
N LYS K 247 -113.62 109.68 210.90
CA LYS K 247 -112.14 109.66 211.06
C LYS K 247 -111.40 109.90 209.74
N GLN K 248 -111.91 109.38 208.63
CA GLN K 248 -111.34 109.58 207.28
C GLN K 248 -111.21 111.06 206.86
N ARG K 249 -111.90 111.98 207.54
CA ARG K 249 -111.85 113.44 207.31
C ARG K 249 -110.72 114.14 208.08
N PHE K 250 -110.02 113.41 208.98
CA PHE K 250 -109.04 113.95 209.93
C PHE K 250 -107.75 113.12 210.12
N LYS K 251 -107.81 111.78 209.96
CA LYS K 251 -106.64 110.85 210.01
C LYS K 251 -106.65 109.91 208.79
N ARG K 252 -105.46 109.63 208.22
CA ARG K 252 -105.27 108.72 207.06
C ARG K 252 -105.55 107.24 207.34
N GLU K 253 -105.49 106.82 208.60
CA GLU K 253 -105.49 105.40 209.01
C GLU K 253 -106.79 105.04 209.74
N SER K 254 -107.90 105.01 208.99
CA SER K 254 -109.29 104.90 209.50
C SER K 254 -109.69 103.57 210.14
N ASP K 255 -108.73 102.73 210.50
CA ASP K 255 -108.89 101.30 210.76
C ASP K 255 -108.00 100.94 211.95
N ASP K 256 -108.57 100.89 213.15
CA ASP K 256 -107.82 101.11 214.39
C ASP K 256 -106.54 100.26 214.50
N PHE K 257 -105.42 100.96 214.54
CA PHE K 257 -104.11 100.36 214.36
C PHE K 257 -103.73 99.38 215.48
N LEU K 258 -103.25 98.23 215.05
CA LEU K 258 -102.93 97.05 215.85
C LEU K 258 -101.44 96.85 216.08
N GLY K 259 -100.60 97.58 215.34
CA GLY K 259 -99.15 97.59 215.52
C GLY K 259 -98.36 97.54 214.20
N GLN K 260 -97.06 97.82 214.22
CA GLN K 260 -96.20 97.82 213.02
C GLN K 260 -94.85 97.14 213.24
N THR K 261 -94.17 96.77 212.15
CA THR K 261 -92.75 96.49 212.11
C THR K 261 -92.10 97.23 210.94
N ILE K 262 -90.84 97.62 211.09
CA ILE K 262 -90.07 98.36 210.07
C ILE K 262 -88.72 97.65 209.90
N ILE K 263 -88.34 97.39 208.64
CA ILE K 263 -87.27 96.44 208.31
C ILE K 263 -86.31 97.08 207.29
N GLU K 264 -85.01 97.10 207.55
CA GLU K 264 -84.02 97.63 206.58
C GLU K 264 -83.86 96.71 205.38
N VAL K 265 -83.83 97.27 204.18
CA VAL K 265 -83.69 96.47 202.96
C VAL K 265 -82.38 95.66 202.95
N ARG K 266 -81.28 96.15 203.55
CA ARG K 266 -80.04 95.36 203.66
C ARG K 266 -80.09 94.17 204.63
N THR K 267 -81.08 94.07 205.50
CA THR K 267 -81.31 92.82 206.26
C THR K 267 -81.93 91.74 205.37
N LEU K 268 -82.52 92.13 204.23
CA LEU K 268 -83.13 91.22 203.28
C LEU K 268 -82.11 90.61 202.32
N SER K 269 -82.44 89.43 201.84
CA SER K 269 -81.77 88.74 200.72
C SER K 269 -82.74 87.70 200.16
N GLY K 270 -82.51 87.24 198.92
CA GLY K 270 -83.12 86.02 198.37
C GLY K 270 -84.60 85.81 198.69
N GLU K 271 -84.86 84.92 199.65
CA GLU K 271 -86.18 84.68 200.24
C GLU K 271 -86.11 84.57 201.76
N MET K 272 -87.12 85.06 202.48
CA MET K 272 -87.20 85.10 203.93
C MET K 272 -88.60 84.67 204.42
N ASP K 273 -88.69 84.21 205.66
CA ASP K 273 -89.94 83.89 206.36
C ASP K 273 -89.75 84.03 207.88
N VAL K 274 -90.13 85.19 208.42
CA VAL K 274 -89.70 85.71 209.74
C VAL K 274 -90.90 86.29 210.46
N TRP K 275 -90.99 86.17 211.79
CA TRP K 275 -91.96 86.96 212.57
C TRP K 275 -91.34 87.99 213.51
N TYR K 276 -91.97 89.16 213.50
CA TYR K 276 -91.51 90.43 214.07
C TYR K 276 -92.51 90.89 215.13
N ASN K 277 -92.07 91.21 216.34
CA ASN K 277 -92.95 91.85 217.33
C ASN K 277 -93.42 93.24 216.83
N LEU K 278 -94.64 93.62 217.21
CA LEU K 278 -95.30 94.85 216.76
C LEU K 278 -95.11 96.06 217.68
N ASP K 279 -95.10 97.24 217.06
CA ASP K 279 -94.78 98.54 217.64
C ASP K 279 -95.90 99.58 217.41
N LYS K 280 -95.95 100.65 218.23
CA LYS K 280 -96.90 101.78 218.10
C LYS K 280 -96.62 102.70 216.89
N ARG K 281 -97.59 103.54 216.53
CA ARG K 281 -97.43 104.64 215.54
C ARG K 281 -98.32 105.85 215.86
N THR K 282 -99.62 105.71 215.63
CA THR K 282 -100.62 106.78 215.72
C THR K 282 -100.98 107.13 217.16
N ASP K 283 -101.67 108.25 217.35
CA ASP K 283 -102.27 108.66 218.63
C ASP K 283 -103.30 107.65 219.17
N LYS K 284 -103.90 106.84 218.27
CA LYS K 284 -104.88 105.77 218.58
C LYS K 284 -104.26 104.42 218.97
N SER K 285 -102.93 104.30 218.99
CA SER K 285 -102.22 103.02 219.15
C SER K 285 -102.37 102.40 220.55
N ALA K 286 -102.87 101.16 220.62
CA ALA K 286 -102.57 100.20 221.68
C ALA K 286 -102.16 98.90 220.95
N VAL K 287 -101.01 98.33 221.32
CA VAL K 287 -100.29 97.35 220.48
C VAL K 287 -99.79 96.18 221.32
N SER K 288 -99.83 94.97 220.76
CA SER K 288 -99.27 93.75 221.35
C SER K 288 -99.02 92.70 220.26
N GLY K 289 -98.22 91.68 220.57
CA GLY K 289 -98.01 90.53 219.68
C GLY K 289 -97.02 90.76 218.54
N ALA K 290 -97.11 89.92 217.51
CA ALA K 290 -96.15 89.84 216.41
C ALA K 290 -96.79 89.51 215.06
N ILE K 291 -96.11 89.87 213.97
CA ILE K 291 -96.48 89.57 212.57
C ILE K 291 -95.41 88.74 211.86
N ARG K 292 -95.81 87.63 211.24
CA ARG K 292 -95.00 86.81 210.34
C ARG K 292 -95.11 87.32 208.92
N LEU K 293 -93.96 87.60 208.33
CA LEU K 293 -93.78 88.02 206.96
C LEU K 293 -92.87 87.03 206.25
N HIS K 294 -93.36 86.45 205.17
CA HIS K 294 -92.50 85.97 204.11
C HIS K 294 -92.12 87.18 203.22
N ILE K 295 -90.86 87.27 202.83
CA ILE K 295 -90.32 88.41 202.06
C ILE K 295 -89.31 87.85 201.06
N SER K 296 -89.65 87.83 199.78
CA SER K 296 -88.68 87.56 198.71
C SER K 296 -88.09 88.85 198.17
N VAL K 297 -86.84 88.81 197.72
CA VAL K 297 -86.06 89.93 197.21
C VAL K 297 -85.24 89.48 196.01
N GLU K 298 -85.63 89.92 194.82
CA GLU K 298 -85.12 89.43 193.55
C GLU K 298 -83.83 90.13 193.08
N ILE K 299 -82.98 90.49 194.04
CA ILE K 299 -81.53 90.57 193.80
C ILE K 299 -80.96 89.16 193.55
N LYS K 300 -81.70 88.15 194.03
CA LYS K 300 -81.66 86.74 193.61
C LYS K 300 -81.56 86.59 192.09
N GLY K 301 -80.66 85.75 191.62
CA GLY K 301 -80.41 85.49 190.20
C GLY K 301 -80.49 83.99 189.87
N GLU K 302 -79.48 83.47 189.17
CA GLU K 302 -79.29 82.03 188.95
C GLU K 302 -78.86 81.33 190.26
N GLU K 303 -79.81 81.18 191.18
CA GLU K 303 -79.66 80.24 192.29
C GLU K 303 -79.93 78.79 191.83
N LYS K 304 -80.57 78.64 190.66
CA LYS K 304 -80.90 77.37 190.00
C LYS K 304 -79.70 76.53 189.53
N VAL K 305 -78.52 76.76 190.06
CA VAL K 305 -77.28 76.13 189.63
C VAL K 305 -77.44 74.62 189.69
N ALA K 306 -77.19 73.91 188.59
CA ALA K 306 -76.73 72.57 188.83
C ALA K 306 -75.37 72.76 189.54
N PRO K 307 -75.02 71.94 190.56
CA PRO K 307 -73.76 72.11 191.31
C PRO K 307 -72.67 72.21 190.27
N TYR K 308 -71.82 73.22 190.37
CA TYR K 308 -71.21 73.73 189.15
C TYR K 308 -70.29 72.75 188.42
N HIS K 309 -69.86 71.73 189.14
CA HIS K 309 -69.49 70.40 188.68
C HIS K 309 -70.29 69.93 187.46
N VAL K 310 -71.59 69.70 187.64
CA VAL K 310 -72.52 69.21 186.63
C VAL K 310 -72.65 70.19 185.47
N GLN K 311 -72.70 71.49 185.76
CA GLN K 311 -72.72 72.48 184.69
C GLN K 311 -71.45 72.45 183.84
N TYR K 312 -70.30 72.31 184.50
CA TYR K 312 -69.02 72.13 183.86
C TYR K 312 -68.98 70.83 183.05
N THR K 313 -69.55 69.75 183.58
CA THR K 313 -69.60 68.48 182.86
C THR K 313 -70.40 68.60 181.57
N CYS K 314 -71.59 69.19 181.64
CA CYS K 314 -72.42 69.47 180.48
C CYS K 314 -71.65 70.28 179.44
N LEU K 315 -71.04 71.37 179.89
CA LEU K 315 -70.16 72.17 179.05
C LEU K 315 -69.10 71.29 178.39
N HIS K 316 -68.36 70.54 179.19
CA HIS K 316 -67.25 69.71 178.75
C HIS K 316 -67.66 68.61 177.77
N GLU K 317 -68.77 67.93 178.00
CA GLU K 317 -69.25 66.87 177.11
C GLU K 317 -69.68 67.43 175.77
N ASN K 318 -70.42 68.53 175.80
CA ASN K 318 -70.81 69.23 174.60
C ASN K 318 -69.59 69.71 173.85
N LEU K 319 -68.64 70.31 174.56
CA LEU K 319 -67.44 70.77 173.92
C LEU K 319 -66.65 69.59 173.33
N PHE K 320 -66.50 68.49 174.07
CA PHE K 320 -65.76 67.31 173.63
C PHE K 320 -66.36 66.69 172.38
N HIS K 321 -67.68 66.44 172.37
CA HIS K 321 -68.30 65.93 171.17
C HIS K 321 -68.10 66.95 170.03
N PHE K 322 -68.22 68.24 170.32
CA PHE K 322 -68.13 69.24 169.28
C PHE K 322 -66.74 69.23 168.66
N VAL K 323 -65.71 69.20 169.48
CA VAL K 323 -64.34 69.15 169.01
C VAL K 323 -64.10 67.84 168.27
N THR K 324 -64.23 66.71 168.95
CA THR K 324 -63.87 65.42 168.36
C THR K 324 -64.74 65.12 167.16
N ASP K 325 -66.05 65.16 167.35
CA ASP K 325 -67.00 64.80 166.33
C ASP K 325 -67.24 65.94 165.37
N VAL K 326 -67.65 67.11 165.82
CA VAL K 326 -68.11 68.13 164.87
C VAL K 326 -66.94 68.75 164.11
N GLN K 327 -65.91 69.20 164.81
CA GLN K 327 -64.75 69.81 164.17
C GLN K 327 -63.88 68.75 163.52
N ASN K 328 -63.64 67.65 164.23
CA ASN K 328 -62.64 66.66 163.86
C ASN K 328 -63.21 65.36 163.33
N ASN K 329 -64.51 65.32 163.05
CA ASN K 329 -65.15 64.22 162.34
C ASN K 329 -64.95 62.88 163.04
N GLY K 330 -64.96 62.92 164.37
CA GLY K 330 -64.77 61.81 165.30
C GLY K 330 -63.30 61.58 165.67
N VAL K 331 -62.36 62.13 164.91
CA VAL K 331 -60.94 62.06 165.25
C VAL K 331 -60.76 62.85 166.53
N VAL K 332 -60.06 62.24 167.49
CA VAL K 332 -59.65 62.98 168.68
C VAL K 332 -58.42 63.81 168.33
N LYS K 333 -58.59 65.12 168.10
CA LYS K 333 -57.47 66.08 168.19
C LYS K 333 -56.96 66.10 169.63
N ILE K 334 -55.72 65.67 169.86
CA ILE K 334 -55.09 65.75 171.17
C ILE K 334 -54.78 67.26 171.44
N PRO K 335 -55.12 67.83 172.61
CA PRO K 335 -55.27 69.28 172.85
C PRO K 335 -54.08 70.18 172.48
N ASP K 336 -54.30 71.50 172.49
CA ASP K 336 -53.18 72.44 172.69
C ASP K 336 -52.74 72.42 174.17
N ALA K 337 -52.26 71.25 174.58
CA ALA K 337 -51.93 70.84 175.93
C ALA K 337 -50.47 71.12 176.31
N LYS K 338 -50.21 71.25 177.63
CA LYS K 338 -48.87 71.60 178.16
C LYS K 338 -48.48 70.66 179.31
N GLY K 339 -47.27 70.10 179.25
CA GLY K 339 -46.72 69.12 180.20
C GLY K 339 -47.49 67.80 180.28
N ASP K 340 -47.17 66.99 181.29
CA ASP K 340 -48.01 65.86 181.74
C ASP K 340 -49.43 66.33 182.10
N ASP K 341 -49.48 67.58 182.60
CA ASP K 341 -50.63 68.47 182.75
C ASP K 341 -51.41 68.76 181.46
N ALA K 342 -51.08 68.09 180.35
CA ALA K 342 -52.02 67.76 179.30
C ALA K 342 -53.30 67.16 179.88
N TRP K 343 -53.15 66.40 180.95
CA TRP K 343 -54.25 65.89 181.75
C TRP K 343 -55.19 66.97 182.35
N LYS K 344 -54.76 68.23 182.38
CA LYS K 344 -55.51 69.43 182.78
C LYS K 344 -55.80 70.39 181.63
N VAL K 345 -55.17 70.19 180.48
CA VAL K 345 -55.47 70.98 179.30
C VAL K 345 -56.16 70.09 178.31
N TYR K 346 -57.45 70.15 178.38
CA TYR K 346 -58.34 69.29 177.63
C TYR K 346 -58.48 69.77 176.19
N TYR K 347 -58.23 71.05 175.93
CA TYR K 347 -58.48 71.64 174.62
C TYR K 347 -57.46 72.71 174.22
N ASP K 348 -57.63 73.16 172.99
CA ASP K 348 -57.14 74.42 172.44
C ASP K 348 -57.52 75.60 173.31
N GLU K 349 -56.76 76.69 173.23
CA GLU K 349 -56.94 77.91 174.02
C GLU K 349 -58.38 78.30 174.24
N THR K 350 -59.15 78.40 173.16
CA THR K 350 -60.48 79.02 173.23
C THR K 350 -61.38 78.18 174.10
N ALA K 351 -61.39 76.88 173.81
CA ALA K 351 -62.12 75.86 174.52
C ALA K 351 -61.58 75.64 175.94
N GLN K 352 -60.26 75.72 176.10
CA GLN K 352 -59.62 75.58 177.38
C GLN K 352 -59.98 76.75 178.30
N GLU K 353 -59.92 77.96 177.78
CA GLU K 353 -60.37 79.16 178.46
C GLU K 353 -61.87 79.12 178.75
N ILE K 354 -62.69 78.61 177.84
CA ILE K 354 -64.11 78.36 178.12
C ILE K 354 -64.27 77.52 179.39
N VAL K 355 -63.71 76.31 179.40
CA VAL K 355 -63.92 75.41 180.54
C VAL K 355 -63.21 75.91 181.79
N ASP K 356 -62.09 76.59 181.65
CA ASP K 356 -61.37 77.16 182.78
C ASP K 356 -62.08 78.40 183.35
N GLU K 357 -62.53 79.37 182.56
CA GLU K 357 -63.32 80.50 183.07
C GLU K 357 -64.58 80.02 183.79
N PHE K 358 -65.18 78.93 183.30
CA PHE K 358 -66.26 78.25 183.99
C PHE K 358 -65.79 77.62 185.31
N ALA K 359 -64.75 76.79 185.28
CA ALA K 359 -64.16 76.18 186.47
C ALA K 359 -63.49 77.19 187.43
N MET K 360 -63.27 78.43 187.00
CA MET K 360 -62.77 79.52 187.81
C MET K 360 -63.92 80.30 188.43
N ARG K 361 -64.78 80.90 187.59
CA ARG K 361 -65.98 81.62 188.03
C ARG K 361 -66.84 80.72 188.93
N TYR K 362 -66.81 79.43 188.66
CA TYR K 362 -67.57 78.42 189.38
C TYR K 362 -66.73 77.31 190.01
N GLY K 363 -65.45 77.57 190.27
CA GLY K 363 -64.58 76.83 191.21
C GLY K 363 -64.22 75.37 190.90
N VAL K 364 -64.84 74.72 189.90
CA VAL K 364 -64.77 73.28 189.64
C VAL K 364 -63.35 72.73 189.66
N GLU K 365 -63.09 71.76 190.53
CA GLU K 365 -61.74 71.26 190.82
C GLU K 365 -61.11 70.52 189.64
N SER K 366 -59.81 70.69 189.47
CA SER K 366 -59.01 70.14 188.35
C SER K 366 -59.20 68.64 188.13
N ILE K 367 -59.28 67.84 189.20
CA ILE K 367 -59.53 66.40 189.08
C ILE K 367 -60.91 66.08 188.53
N TYR K 368 -61.95 66.84 188.90
CA TYR K 368 -63.30 66.66 188.37
C TYR K 368 -63.34 66.95 186.87
N GLN K 369 -62.62 68.00 186.46
CA GLN K 369 -62.42 68.34 185.06
C GLN K 369 -61.74 67.19 184.28
N ALA K 370 -60.70 66.61 184.86
CA ALA K 370 -59.95 65.48 184.30
C ALA K 370 -60.76 64.18 184.15
N MET K 371 -61.47 63.75 185.19
CA MET K 371 -62.28 62.51 185.14
C MET K 371 -63.37 62.63 184.06
N THR K 372 -63.97 63.81 183.94
CA THR K 372 -64.91 64.16 182.88
C THR K 372 -64.30 63.98 181.49
N HIS K 373 -63.08 64.49 181.30
CA HIS K 373 -62.33 64.30 180.06
C HIS K 373 -61.95 62.83 179.80
N PHE K 374 -61.57 62.07 180.82
CA PHE K 374 -61.25 60.66 180.64
C PHE K 374 -62.49 59.85 180.25
N ALA K 375 -63.65 60.19 180.83
CA ALA K 375 -64.95 59.63 180.42
C ALA K 375 -65.22 59.92 178.94
N CYS K 376 -65.07 61.17 178.53
CA CYS K 376 -65.10 61.56 177.12
C CYS K 376 -64.15 60.70 176.27
N LEU K 377 -62.84 60.71 176.55
CA LEU K 377 -61.82 59.97 175.76
C LEU K 377 -62.14 58.50 175.62
N SER K 378 -62.67 57.86 176.65
CA SER K 378 -62.94 56.42 176.62
C SER K 378 -63.90 56.01 175.50
N SER K 379 -64.79 56.92 175.07
CA SER K 379 -65.68 56.69 173.94
C SER K 379 -64.96 56.66 172.57
N LYS K 380 -63.66 56.96 172.56
CA LYS K 380 -62.81 57.11 171.36
C LYS K 380 -61.46 56.40 171.50
N TYR K 381 -61.27 55.50 172.50
CA TYR K 381 -59.92 55.09 172.96
C TYR K 381 -59.02 54.48 171.85
N MET K 382 -59.62 53.94 170.80
CA MET K 382 -58.99 53.29 169.65
C MET K 382 -58.27 54.28 168.70
N CYS K 383 -58.57 55.59 168.77
CA CYS K 383 -57.91 56.60 167.94
C CYS K 383 -56.38 56.67 168.21
N PRO K 384 -55.54 56.95 167.21
CA PRO K 384 -54.09 56.88 167.38
C PRO K 384 -53.56 57.81 168.46
N GLY K 385 -52.57 57.37 169.24
CA GLY K 385 -52.01 58.14 170.37
C GLY K 385 -52.90 58.25 171.60
N VAL K 386 -54.23 58.11 171.48
CA VAL K 386 -55.16 58.20 172.62
C VAL K 386 -54.77 57.24 173.77
N PRO K 387 -54.25 56.03 173.56
CA PRO K 387 -53.83 55.19 174.69
C PRO K 387 -52.66 55.74 175.48
N ALA K 388 -51.75 56.47 174.83
CA ALA K 388 -50.71 57.20 175.52
C ALA K 388 -51.33 58.33 176.36
N VAL K 389 -52.26 59.10 175.78
CA VAL K 389 -52.96 60.20 176.48
C VAL K 389 -53.78 59.66 177.64
N MET K 390 -54.51 58.57 177.46
CA MET K 390 -55.29 57.97 178.53
C MET K 390 -54.36 57.32 179.56
N SER K 391 -53.23 56.74 179.17
CA SER K 391 -52.23 56.25 180.14
C SER K 391 -51.74 57.40 180.99
N THR K 392 -51.48 58.54 180.36
CA THR K 392 -51.05 59.78 181.00
C THR K 392 -52.14 60.30 181.92
N LEU K 393 -53.33 60.53 181.39
CA LEU K 393 -54.46 61.05 182.12
C LEU K 393 -54.81 60.16 183.31
N LEU K 394 -54.73 58.85 183.15
CA LEU K 394 -54.95 57.92 184.23
C LEU K 394 -53.80 57.86 185.21
N ALA K 395 -52.55 57.91 184.75
CA ALA K 395 -51.43 58.03 185.66
C ALA K 395 -51.59 59.26 186.56
N ASN K 396 -52.12 60.35 186.01
CA ASN K 396 -52.42 61.55 186.77
C ASN K 396 -53.65 61.43 187.65
N ILE K 397 -54.79 60.95 187.16
CA ILE K 397 -55.98 60.73 188.00
C ILE K 397 -55.65 59.75 189.14
N ASN K 398 -54.84 58.73 188.85
CA ASN K 398 -54.25 57.87 189.84
C ASN K 398 -53.41 58.68 190.81
N ALA K 399 -52.38 59.36 190.33
CA ALA K 399 -51.47 60.11 191.17
C ALA K 399 -52.21 61.15 192.02
N TYR K 400 -53.31 61.67 191.49
CA TYR K 400 -54.20 62.56 192.19
C TYR K 400 -54.83 61.87 193.39
N TYR K 401 -55.67 60.86 193.18
CA TYR K 401 -56.37 60.23 194.30
C TYR K 401 -55.45 59.39 195.20
N ALA K 402 -54.37 58.83 194.64
CA ALA K 402 -53.38 58.05 195.37
C ALA K 402 -52.43 58.93 196.18
N HIS K 403 -52.05 60.11 195.70
CA HIS K 403 -50.95 60.90 196.31
C HIS K 403 -51.30 62.38 196.54
N THR K 404 -51.96 63.08 195.61
CA THR K 404 -52.33 64.48 195.87
C THR K 404 -53.37 64.52 197.00
N THR K 405 -53.11 65.32 198.03
CA THR K 405 -53.90 65.34 199.27
C THR K 405 -53.99 63.98 199.98
N ALA K 406 -53.08 63.03 199.71
CA ALA K 406 -52.86 61.87 200.58
C ALA K 406 -52.24 62.27 201.94
N SER K 407 -51.89 63.54 202.11
CA SER K 407 -51.74 64.22 203.40
C SER K 407 -53.00 64.11 204.27
N THR K 408 -54.20 64.09 203.66
CA THR K 408 -55.43 63.65 204.34
C THR K 408 -55.33 62.16 204.61
N ASN K 409 -55.56 61.77 205.86
CA ASN K 409 -55.42 60.38 206.31
C ASN K 409 -56.48 59.43 205.71
N VAL K 410 -57.50 60.00 205.06
CA VAL K 410 -58.50 59.31 204.26
C VAL K 410 -57.83 58.44 203.18
N SER K 411 -58.34 57.24 202.94
CA SER K 411 -57.75 56.33 201.96
C SER K 411 -57.85 56.86 200.53
N ALA K 412 -57.05 56.33 199.62
CA ALA K 412 -57.16 56.72 198.23
C ALA K 412 -58.51 56.35 197.66
N SER K 413 -59.04 55.18 198.01
CA SER K 413 -60.34 54.70 197.56
C SER K 413 -61.48 55.54 198.12
N ASP K 414 -61.30 56.14 199.29
CA ASP K 414 -62.29 56.99 199.95
C ASP K 414 -62.20 58.45 199.56
N ARG K 415 -61.01 58.98 199.35
CA ARG K 415 -60.82 60.31 198.74
C ARG K 415 -61.40 60.29 197.32
N PHE K 416 -61.16 59.19 196.62
CA PHE K 416 -61.80 58.86 195.37
C PHE K 416 -63.32 58.69 195.53
N ALA K 417 -63.83 58.09 196.59
CA ALA K 417 -65.27 58.10 196.87
C ALA K 417 -65.83 59.52 197.04
N ALA K 418 -65.14 60.37 197.79
CA ALA K 418 -65.48 61.78 197.95
C ALA K 418 -65.33 62.60 196.66
N SER K 419 -64.86 61.98 195.58
CA SER K 419 -64.93 62.59 194.27
C SER K 419 -66.35 63.04 193.96
N ASN K 420 -66.51 64.34 193.72
CA ASN K 420 -67.78 64.90 193.26
C ASN K 420 -68.18 64.32 191.90
N PHE K 421 -67.23 63.77 191.12
CA PHE K 421 -67.54 63.05 189.88
C PHE K 421 -68.36 61.78 190.14
N GLY K 422 -68.17 61.13 191.29
CA GLY K 422 -68.73 59.82 191.57
C GLY K 422 -67.71 58.73 191.27
N LYS K 423 -67.11 58.18 192.32
CA LYS K 423 -66.19 57.05 192.22
C LYS K 423 -66.69 55.95 191.30
N GLU K 424 -67.87 55.47 191.58
CA GLU K 424 -68.54 54.36 190.89
C GLU K 424 -68.57 54.56 189.38
N ARG K 425 -69.10 55.70 188.94
CA ARG K 425 -69.11 56.15 187.55
C ARG K 425 -67.74 56.02 186.92
N PHE K 426 -66.69 56.35 187.66
CA PHE K 426 -65.32 56.24 187.19
C PHE K 426 -64.80 54.79 187.18
N VAL K 427 -65.11 54.00 188.22
CA VAL K 427 -64.74 52.58 188.29
C VAL K 427 -65.33 51.79 187.13
N LYS K 428 -66.63 51.98 186.87
CA LYS K 428 -67.35 51.37 185.73
C LYS K 428 -66.60 51.66 184.43
N LEU K 429 -66.35 52.94 184.20
CA LEU K 429 -65.67 53.49 183.05
C LEU K 429 -64.29 52.84 182.82
N LEU K 430 -63.48 52.72 183.88
CA LEU K 430 -62.20 52.01 183.82
C LEU K 430 -62.38 50.54 183.46
N ASP K 431 -63.34 49.85 184.06
CA ASP K 431 -63.54 48.42 183.84
C ASP K 431 -63.99 48.13 182.40
N GLN K 432 -64.92 48.93 181.88
CA GLN K 432 -65.34 48.87 180.48
C GLN K 432 -64.14 49.06 179.55
N LEU K 433 -63.36 50.10 179.80
CA LEU K 433 -62.19 50.41 179.02
C LEU K 433 -61.20 49.26 179.08
N HIS K 434 -60.81 48.83 180.27
CA HIS K 434 -59.90 47.72 180.52
C HIS K 434 -60.33 46.48 179.75
N ASN K 435 -61.59 46.12 179.87
CA ASN K 435 -62.16 45.02 179.13
C ASN K 435 -61.96 45.22 177.62
N SER K 436 -62.30 46.39 177.12
CA SER K 436 -62.11 46.73 175.71
C SER K 436 -60.63 46.62 175.30
N LEU K 437 -59.69 46.95 176.18
CA LEU K 437 -58.26 46.72 175.95
C LEU K 437 -57.97 45.21 175.88
N ARG K 438 -58.31 44.45 176.93
CA ARG K 438 -58.15 42.99 177.02
C ARG K 438 -58.65 42.32 175.75
N ILE K 439 -59.81 42.75 175.29
CA ILE K 439 -60.42 42.30 174.05
C ILE K 439 -59.46 42.53 172.89
N ASP K 440 -59.07 43.77 172.67
CA ASP K 440 -58.24 44.11 171.53
C ASP K 440 -56.90 43.35 171.57
N LEU K 441 -56.33 43.20 172.76
CA LEU K 441 -55.13 42.43 173.02
C LEU K 441 -55.31 40.94 172.74
N SER K 442 -56.49 40.39 173.01
CA SER K 442 -56.75 38.97 172.75
C SER K 442 -56.66 38.63 171.28
N MET K 443 -56.77 39.63 170.40
CA MET K 443 -56.38 39.55 169.01
C MET K 443 -55.37 40.62 168.67
N TYR K 444 -54.30 40.70 169.46
CA TYR K 444 -53.27 41.71 169.27
C TYR K 444 -52.78 41.74 167.83
N ARG K 445 -52.57 40.57 167.20
CA ARG K 445 -51.95 40.50 165.88
C ARG K 445 -52.83 41.17 164.85
N ASN K 446 -54.12 40.85 164.89
CA ASN K 446 -55.10 41.37 163.94
C ASN K 446 -55.41 42.84 164.23
N ASN K 447 -55.49 43.23 165.50
CA ASN K 447 -55.83 44.60 165.89
C ASN K 447 -54.66 45.58 165.79
N PHE K 448 -53.42 45.10 165.92
CA PHE K 448 -52.19 45.91 165.96
C PHE K 448 -51.10 45.23 165.13
N PRO K 449 -51.30 45.13 163.81
CA PRO K 449 -50.43 44.37 162.94
C PRO K 449 -49.01 44.89 162.99
N ALA K 450 -48.04 44.00 162.94
CA ALA K 450 -46.62 44.33 163.01
C ALA K 450 -46.21 45.31 161.92
N SER K 451 -46.84 45.17 160.75
CA SER K 451 -46.74 46.07 159.59
C SER K 451 -47.15 47.52 159.87
N SER K 452 -47.87 47.78 160.97
CA SER K 452 -48.08 49.13 161.48
C SER K 452 -47.29 49.34 162.77
N PRO K 453 -46.09 49.92 162.69
CA PRO K 453 -45.36 50.41 163.86
C PRO K 453 -46.18 51.35 164.71
N GLU K 454 -47.04 52.14 164.07
CA GLU K 454 -47.95 53.05 164.75
C GLU K 454 -48.93 52.28 165.63
N ARG K 455 -49.57 51.24 165.08
CA ARG K 455 -50.38 50.38 165.91
C ARG K 455 -49.55 49.53 166.85
N LEU K 456 -48.31 49.16 166.56
CA LEU K 456 -47.40 48.62 167.57
C LEU K 456 -47.13 49.64 168.68
N GLN K 457 -47.08 50.93 168.39
CA GLN K 457 -46.88 51.90 169.44
C GLN K 457 -48.15 52.14 170.22
N ASP K 458 -49.29 52.30 169.55
CA ASP K 458 -50.55 52.34 170.24
C ASP K 458 -50.72 51.09 171.10
N LEU K 459 -50.33 49.91 170.61
CA LEU K 459 -50.26 48.66 171.36
C LEU K 459 -49.37 48.82 172.59
N LYS K 460 -48.15 49.32 172.43
CA LYS K 460 -47.25 49.56 173.54
C LYS K 460 -47.87 50.52 174.58
N SER K 461 -48.35 51.69 174.14
CA SER K 461 -49.10 52.65 174.94
C SER K 461 -50.39 52.10 175.53
N THR K 462 -51.00 51.11 174.91
CA THR K 462 -52.17 50.40 175.42
C THR K 462 -51.74 49.57 176.63
N VAL K 463 -50.63 48.83 176.54
CA VAL K 463 -50.14 48.04 177.67
C VAL K 463 -49.63 48.97 178.78
N ASP K 464 -49.05 50.11 178.41
CA ASP K 464 -48.77 51.18 179.36
C ASP K 464 -50.04 51.72 180.01
N LEU K 465 -51.12 51.91 179.26
CA LEU K 465 -52.42 52.23 179.83
C LEU K 465 -52.92 51.09 180.73
N LEU K 466 -52.80 49.83 180.34
CA LEU K 466 -53.29 48.69 181.10
C LEU K 466 -52.51 48.53 182.41
N THR K 467 -51.19 48.76 182.40
CA THR K 467 -50.42 48.90 183.63
C THR K 467 -50.96 50.08 184.44
N SER K 468 -51.21 51.23 183.82
CA SER K 468 -51.82 52.40 184.50
C SER K 468 -53.18 52.11 185.13
N ILE K 469 -54.05 51.30 184.51
CA ILE K 469 -55.33 50.84 185.09
C ILE K 469 -55.09 49.85 186.23
N THR K 470 -54.21 48.88 186.05
CA THR K 470 -53.88 47.88 187.10
C THR K 470 -53.37 48.60 188.35
N PHE K 471 -52.50 49.58 188.14
CA PHE K 471 -52.00 50.50 189.12
C PHE K 471 -53.11 51.34 189.75
N PHE K 472 -54.06 51.91 189.00
CA PHE K 472 -55.25 52.53 189.59
C PHE K 472 -56.07 51.60 190.49
N ARG K 473 -56.31 50.36 190.04
CA ARG K 473 -57.04 49.38 190.85
C ARG K 473 -56.29 49.07 192.13
N MET K 474 -54.99 48.88 192.03
CA MET K 474 -54.11 48.61 193.14
C MET K 474 -53.99 49.79 194.11
N LYS K 475 -53.89 51.02 193.59
CA LYS K 475 -53.51 52.22 194.35
C LYS K 475 -54.68 53.08 194.76
N VAL K 476 -55.60 53.34 193.83
CA VAL K 476 -56.77 54.17 194.10
C VAL K 476 -57.94 53.36 194.58
N GLN K 477 -58.34 52.30 193.88
CA GLN K 477 -59.36 51.40 194.43
C GLN K 477 -58.83 50.57 195.60
N GLU K 478 -57.51 50.53 195.77
CA GLU K 478 -56.81 49.84 196.86
C GLU K 478 -57.03 48.33 196.86
N LEU K 479 -57.37 47.77 195.70
CA LEU K 479 -57.54 46.34 195.50
C LEU K 479 -56.22 45.60 195.73
N GLN K 480 -56.30 44.42 196.34
CA GLN K 480 -55.18 43.73 196.98
C GLN K 480 -54.51 42.73 196.02
N SER K 481 -55.35 42.04 195.25
CA SER K 481 -54.95 41.14 194.17
C SER K 481 -55.78 41.45 192.92
N PRO K 482 -55.66 42.67 192.34
CA PRO K 482 -56.19 42.93 191.01
C PRO K 482 -55.52 41.98 189.99
N PRO K 483 -56.14 41.78 188.81
CA PRO K 483 -55.56 40.97 187.74
C PRO K 483 -54.17 41.48 187.32
N ARG K 484 -53.14 40.63 187.43
CA ARG K 484 -51.77 41.05 187.15
C ARG K 484 -51.59 41.33 185.65
N ALA K 485 -51.09 42.52 185.31
CA ALA K 485 -51.00 43.00 183.94
C ALA K 485 -50.28 42.02 183.01
N SER K 486 -49.17 41.39 183.44
CA SER K 486 -48.50 40.36 182.64
C SER K 486 -49.37 39.12 182.37
N GLN K 487 -50.10 38.59 183.36
CA GLN K 487 -50.94 37.41 183.16
C GLN K 487 -52.15 37.73 182.26
N VAL K 488 -52.79 38.87 182.52
CA VAL K 488 -53.88 39.41 181.69
C VAL K 488 -53.50 39.43 180.21
N VAL K 489 -52.30 39.93 179.94
CA VAL K 489 -51.76 40.01 178.57
C VAL K 489 -51.36 38.62 178.07
N LYS K 490 -50.74 37.78 178.89
CA LYS K 490 -50.32 36.41 178.51
C LYS K 490 -51.51 35.57 178.06
N ASP K 491 -52.64 35.68 178.75
CA ASP K 491 -53.90 35.11 178.30
C ASP K 491 -54.27 35.62 176.91
N CYS K 492 -54.25 36.94 176.69
CA CYS K 492 -54.56 37.55 175.41
C CYS K 492 -53.63 37.07 174.29
N VAL K 493 -52.36 36.84 174.63
CA VAL K 493 -51.37 36.37 173.68
C VAL K 493 -51.61 34.93 173.33
N LYS K 494 -51.76 34.09 174.34
CA LYS K 494 -52.17 32.70 174.17
C LYS K 494 -53.43 32.64 173.35
N ALA K 495 -54.39 33.49 173.62
CA ALA K 495 -55.61 33.60 172.85
C ALA K 495 -55.28 33.89 171.39
N CYS K 496 -54.58 34.99 171.14
CA CYS K 496 -54.24 35.39 169.80
C CYS K 496 -53.43 34.32 169.04
N LEU K 497 -52.51 33.62 169.72
CA LEU K 497 -51.73 32.51 169.20
C LEU K 497 -52.60 31.30 168.87
N ASN K 498 -53.53 30.93 169.73
CA ASN K 498 -54.42 29.81 169.47
C ASN K 498 -55.37 30.11 168.30
N SER K 499 -55.91 31.32 168.22
CA SER K 499 -56.69 31.78 167.07
C SER K 499 -55.86 31.72 165.80
N THR K 500 -54.60 32.13 165.91
CA THR K 500 -53.66 31.95 164.83
C THR K 500 -53.54 30.47 164.47
N TYR K 501 -53.32 29.56 165.44
CA TYR K 501 -53.09 28.15 165.14
C TYR K 501 -54.28 27.48 164.49
N GLU K 502 -55.46 27.64 165.10
CA GLU K 502 -56.71 27.16 164.55
C GLU K 502 -56.82 27.61 163.10
N TYR K 503 -56.64 28.92 162.90
CA TYR K 503 -56.80 29.48 161.60
C TYR K 503 -55.77 28.89 160.63
N ILE K 504 -54.51 28.74 161.02
CA ILE K 504 -53.52 28.14 160.13
C ILE K 504 -53.76 26.66 159.87
N PHE K 505 -54.18 25.90 160.86
CA PHE K 505 -54.38 24.46 160.69
C PHE K 505 -55.58 24.14 159.82
N ASN K 506 -56.57 25.03 159.84
CA ASN K 506 -57.77 24.94 159.02
C ASN K 506 -57.60 25.56 157.64
N ASN K 507 -56.71 26.55 157.50
CA ASN K 507 -56.54 27.34 156.27
C ASN K 507 -55.10 27.29 155.74
N CYS K 508 -54.37 26.19 156.00
CA CYS K 508 -52.95 26.09 155.68
C CYS K 508 -52.68 26.45 154.24
N HIS K 509 -53.56 26.03 153.35
CA HIS K 509 -53.32 26.25 151.95
C HIS K 509 -53.53 27.66 151.51
N GLU K 510 -54.58 28.31 151.96
CA GLU K 510 -54.87 29.70 151.68
C GLU K 510 -53.75 30.59 152.21
N LEU K 511 -53.26 30.27 153.41
CA LEU K 511 -52.22 31.02 154.05
C LEU K 511 -50.85 30.75 153.43
N TYR K 512 -50.42 29.50 153.37
CA TYR K 512 -49.15 29.15 152.75
C TYR K 512 -49.12 29.51 151.28
N GLY K 513 -50.24 29.23 150.63
CA GLY K 513 -50.64 29.78 149.34
C GLY K 513 -50.17 31.21 149.20
N ARG K 514 -50.95 32.13 149.74
CA ARG K 514 -50.70 33.57 149.58
C ARG K 514 -49.34 34.04 150.14
N GLU K 515 -48.89 33.47 151.25
CA GLU K 515 -47.69 33.93 151.94
C GLU K 515 -46.37 33.44 151.32
N TYR K 516 -46.32 32.27 150.66
CA TYR K 516 -45.06 31.73 150.10
C TYR K 516 -45.14 30.84 148.85
N GLN K 517 -46.30 30.28 148.52
CA GLN K 517 -46.37 29.04 147.76
C GLN K 517 -45.59 29.04 146.44
N THR K 518 -44.76 28.02 146.27
CA THR K 518 -43.83 27.82 145.13
C THR K 518 -44.51 27.56 143.77
N ASP K 519 -45.82 27.80 143.65
CA ASP K 519 -46.61 27.77 142.41
C ASP K 519 -47.82 28.72 142.58
N PRO K 520 -47.97 29.79 141.78
CA PRO K 520 -49.04 30.77 141.94
C PRO K 520 -50.45 30.17 141.78
N ALA K 521 -50.62 29.09 141.00
CA ALA K 521 -51.89 28.39 140.86
C ALA K 521 -52.36 27.69 142.15
N LYS K 522 -51.46 27.57 143.13
CA LYS K 522 -51.71 26.93 144.43
C LYS K 522 -51.85 27.92 145.59
N LYS K 523 -52.02 29.24 145.32
CA LYS K 523 -52.26 30.27 146.35
C LYS K 523 -53.70 30.32 146.89
N GLY K 524 -54.66 29.88 146.09
CA GLY K 524 -56.09 30.00 146.38
C GLY K 524 -56.65 28.96 147.36
N GLU K 525 -57.99 28.87 147.43
CA GLU K 525 -58.72 27.90 148.23
C GLU K 525 -58.65 26.47 147.67
N VAL K 526 -57.45 25.91 147.73
CA VAL K 526 -57.19 24.47 147.59
C VAL K 526 -58.11 23.66 148.52
N PRO K 527 -58.53 22.42 148.16
CA PRO K 527 -59.54 21.69 148.91
C PRO K 527 -59.25 21.62 150.43
N PRO K 528 -60.28 21.64 151.29
CA PRO K 528 -60.09 21.56 152.74
C PRO K 528 -59.20 20.39 153.19
N GLU K 529 -59.24 19.25 152.50
CA GLU K 529 -58.35 18.09 152.69
C GLU K 529 -56.87 18.36 152.31
N GLU K 530 -56.53 19.60 152.05
CA GLU K 530 -55.22 20.11 151.65
C GLU K 530 -54.94 21.50 152.30
N GLN K 531 -55.92 22.07 153.01
CA GLN K 531 -55.84 23.21 153.92
C GLN K 531 -55.80 22.81 155.38
N GLY K 532 -56.34 21.62 155.61
CA GLY K 532 -55.99 20.69 156.66
C GLY K 532 -55.28 19.51 155.97
N PRO K 533 -55.12 18.39 156.68
CA PRO K 533 -54.23 17.32 156.23
C PRO K 533 -54.67 16.57 154.97
N SER K 534 -53.69 16.23 154.11
CA SER K 534 -53.84 15.30 152.99
C SER K 534 -53.38 13.89 153.32
N ILE K 535 -54.07 12.89 152.78
CA ILE K 535 -53.52 11.53 152.73
C ILE K 535 -52.64 11.26 151.50
N LYS K 536 -52.76 12.09 150.44
CA LYS K 536 -52.07 11.88 149.16
C LYS K 536 -50.61 12.36 149.17
N ASN K 537 -50.33 13.40 149.95
CA ASN K 537 -49.06 14.14 149.92
C ASN K 537 -48.65 14.66 151.30
N LEU K 538 -47.39 15.03 151.44
CA LEU K 538 -46.81 15.60 152.67
C LEU K 538 -46.67 17.14 152.60
N ASP K 539 -47.23 17.74 151.56
CA ASP K 539 -46.91 19.10 151.21
C ASP K 539 -47.60 20.07 152.14
N PHE K 540 -48.87 19.82 152.48
CA PHE K 540 -49.57 20.49 153.57
C PHE K 540 -48.69 20.63 154.81
N TRP K 541 -47.92 19.61 155.15
CA TRP K 541 -47.07 19.62 156.33
C TRP K 541 -45.79 20.42 156.12
N SER K 542 -45.14 20.31 154.96
CA SER K 542 -44.02 21.22 154.66
C SER K 542 -44.47 22.68 154.69
N LYS K 543 -45.72 22.92 154.32
CA LYS K 543 -46.33 24.23 154.26
C LYS K 543 -46.68 24.76 155.62
N LEU K 544 -47.26 23.90 156.44
CA LEU K 544 -47.54 24.15 157.85
C LEU K 544 -46.24 24.44 158.61
N ILE K 545 -45.15 23.72 158.34
CA ILE K 545 -43.83 24.00 158.94
C ILE K 545 -43.42 25.45 158.67
N THR K 546 -43.53 25.91 157.43
CA THR K 546 -43.13 27.29 157.09
C THR K 546 -44.03 28.35 157.73
N LEU K 547 -45.34 28.10 157.80
CA LEU K 547 -46.27 28.97 158.52
C LEU K 547 -45.84 29.15 159.96
N ILE K 548 -45.55 28.04 160.62
CA ILE K 548 -45.15 28.03 162.02
C ILE K 548 -43.89 28.88 162.23
N VAL K 549 -42.86 28.64 161.43
CA VAL K 549 -41.62 29.43 161.41
C VAL K 549 -41.93 30.92 161.31
N SER K 550 -42.69 31.30 160.30
CA SER K 550 -43.02 32.70 160.02
C SER K 550 -43.67 33.41 161.21
N ILE K 551 -44.65 32.77 161.84
CA ILE K 551 -45.36 33.35 162.98
C ILE K 551 -44.41 33.51 164.16
N ILE K 552 -43.64 32.47 164.49
CA ILE K 552 -42.73 32.52 165.62
C ILE K 552 -41.72 33.65 165.41
N GLU K 553 -41.26 33.81 164.18
CA GLU K 553 -40.47 34.95 163.81
C GLU K 553 -41.18 36.27 164.08
N GLU K 554 -42.36 36.52 163.54
CA GLU K 554 -43.05 37.78 163.80
C GLU K 554 -43.22 38.07 165.30
N ASP K 555 -43.53 37.05 166.09
CA ASP K 555 -43.68 37.17 167.53
C ASP K 555 -42.36 37.47 168.24
N LYS K 556 -41.33 36.72 167.89
CA LYS K 556 -39.97 36.95 168.37
C LYS K 556 -39.48 38.34 167.99
N ASN K 557 -39.83 38.80 166.80
CA ASN K 557 -39.12 39.89 166.16
C ASN K 557 -39.87 41.22 166.25
N SER K 558 -41.18 41.24 166.05
CA SER K 558 -41.97 42.47 166.14
C SER K 558 -42.64 42.62 167.48
N TYR K 559 -43.24 41.55 167.99
CA TYR K 559 -44.08 41.67 169.17
C TYR K 559 -43.31 41.56 170.47
N THR K 560 -42.32 40.69 170.59
CA THR K 560 -41.50 40.62 171.81
C THR K 560 -40.88 41.97 172.16
N PRO K 561 -40.39 42.75 171.17
CA PRO K 561 -39.93 44.11 171.43
C PRO K 561 -41.05 45.11 171.68
N CYS K 562 -42.15 45.05 170.92
CA CYS K 562 -43.28 45.96 171.14
C CYS K 562 -43.82 45.83 172.58
N LEU K 563 -43.83 44.61 173.11
CA LEU K 563 -44.45 44.23 174.37
C LEU K 563 -43.45 43.87 175.46
N ASN K 564 -42.41 44.67 175.54
CA ASN K 564 -41.33 44.50 176.48
C ASN K 564 -41.70 44.82 177.95
N GLN K 565 -42.89 45.34 178.29
CA GLN K 565 -43.20 45.84 179.65
C GLN K 565 -43.00 44.80 180.75
N PHE K 566 -43.15 43.52 180.42
CA PHE K 566 -42.88 42.41 181.32
C PHE K 566 -41.88 41.49 180.64
N PRO K 567 -40.63 41.90 180.49
CA PRO K 567 -39.68 41.20 179.63
C PRO K 567 -39.35 39.81 180.19
N GLN K 568 -39.19 39.76 181.51
CA GLN K 568 -38.98 38.54 182.30
C GLN K 568 -40.14 37.56 182.19
N GLU K 569 -41.35 38.06 182.03
CA GLU K 569 -42.57 37.27 182.03
C GLU K 569 -43.14 37.00 180.62
N LEU K 570 -42.72 37.78 179.62
CA LEU K 570 -43.45 37.92 178.35
C LEU K 570 -42.51 37.98 177.13
N ASN K 571 -41.70 36.93 176.94
CA ASN K 571 -41.05 36.65 175.65
C ASN K 571 -42.09 36.12 174.63
N VAL K 572 -42.65 37.01 173.80
CA VAL K 572 -43.72 36.65 172.85
C VAL K 572 -43.25 35.58 171.85
N GLY K 573 -41.98 35.61 171.44
CA GLY K 573 -41.39 34.59 170.58
C GLY K 573 -41.37 33.19 171.16
N LYS K 574 -41.02 33.02 172.44
CA LYS K 574 -41.07 31.71 173.11
C LYS K 574 -42.49 31.20 173.32
N ILE K 575 -43.41 32.05 173.78
CA ILE K 575 -44.82 31.67 173.99
C ILE K 575 -45.41 31.19 172.66
N SER K 576 -45.08 31.91 171.59
CA SER K 576 -45.39 31.50 170.23
C SER K 576 -44.84 30.11 169.91
N ALA K 577 -43.52 29.88 169.98
CA ALA K 577 -42.93 28.58 169.63
C ALA K 577 -43.56 27.41 170.40
N GLU K 578 -43.76 27.54 171.71
CA GLU K 578 -44.39 26.51 172.53
C GLU K 578 -45.82 26.22 172.07
N VAL K 579 -46.67 27.25 172.04
CA VAL K 579 -48.10 27.10 171.72
C VAL K 579 -48.24 26.43 170.37
N MET K 580 -47.55 26.97 169.37
CA MET K 580 -47.66 26.50 168.00
C MET K 580 -47.13 25.08 167.81
N TRP K 581 -45.96 24.75 168.37
CA TRP K 581 -45.44 23.38 168.28
C TRP K 581 -46.40 22.39 168.92
N SER K 582 -46.94 22.73 170.09
CA SER K 582 -47.77 21.78 170.84
C SER K 582 -48.95 21.36 169.97
N LEU K 583 -49.64 22.37 169.46
CA LEU K 583 -50.79 22.19 168.62
C LEU K 583 -50.43 21.44 167.33
N PHE K 584 -49.28 21.79 166.75
CA PHE K 584 -48.75 21.08 165.60
C PHE K 584 -48.48 19.60 165.87
N ALA K 585 -47.77 19.27 166.94
CA ALA K 585 -47.17 17.95 167.11
C ALA K 585 -48.26 16.90 167.21
N GLN K 586 -49.35 17.24 167.90
CA GLN K 586 -50.56 16.44 167.96
C GLN K 586 -51.03 16.12 166.54
N ASP K 587 -51.18 17.16 165.75
CA ASP K 587 -51.77 17.05 164.44
C ASP K 587 -50.87 16.24 163.50
N MET K 588 -49.57 16.52 163.54
CA MET K 588 -48.57 15.77 162.80
C MET K 588 -48.54 14.30 163.18
N LYS K 589 -48.53 13.97 164.48
CA LYS K 589 -48.52 12.57 164.87
C LYS K 589 -49.68 11.81 164.23
N TYR K 590 -50.90 12.36 164.32
CA TYR K 590 -52.07 11.68 163.74
C TYR K 590 -51.93 11.57 162.22
N ALA K 591 -51.33 12.56 161.59
CA ALA K 591 -51.10 12.53 160.17
C ALA K 591 -50.19 11.39 159.73
N MET K 592 -49.05 11.26 160.40
CA MET K 592 -48.11 10.20 160.10
C MET K 592 -48.75 8.83 160.33
N GLU K 593 -49.52 8.66 161.41
CA GLU K 593 -50.31 7.44 161.58
C GLU K 593 -51.29 7.20 160.43
N GLU K 594 -51.92 8.24 159.92
CA GLU K 594 -52.87 8.09 158.82
C GLU K 594 -52.21 7.71 157.50
N HIS K 595 -51.12 8.41 157.14
CA HIS K 595 -50.27 8.02 156.00
C HIS K 595 -49.87 6.58 156.09
N ASP K 596 -49.56 6.09 157.28
CA ASP K 596 -49.05 4.74 157.44
C ASP K 596 -50.06 3.67 157.00
N LYS K 597 -51.36 3.95 157.11
CA LYS K 597 -52.43 3.05 156.68
C LYS K 597 -52.60 3.03 155.16
N HIS K 598 -52.11 4.05 154.45
CA HIS K 598 -52.42 4.27 153.02
C HIS K 598 -51.20 4.21 152.12
N ARG K 599 -50.07 4.75 152.57
CA ARG K 599 -48.75 4.72 151.93
C ARG K 599 -48.76 5.24 150.48
N LEU K 600 -49.45 6.36 150.27
CA LEU K 600 -49.62 6.99 148.96
C LEU K 600 -48.39 7.81 148.53
N CYS K 601 -47.79 8.54 149.46
CA CYS K 601 -46.45 9.14 149.29
C CYS K 601 -45.39 8.02 149.35
N LYS K 602 -44.24 8.19 148.68
CA LYS K 602 -43.15 7.20 148.70
C LYS K 602 -42.43 7.24 150.05
N SER K 603 -41.79 6.13 150.46
CA SER K 603 -40.91 6.05 151.63
C SER K 603 -40.06 7.32 151.77
N ALA K 604 -39.33 7.63 150.68
CA ALA K 604 -38.49 8.81 150.47
C ALA K 604 -39.12 10.13 150.91
N ASP K 605 -40.39 10.35 150.58
CA ASP K 605 -41.09 11.60 150.91
C ASP K 605 -41.18 11.75 152.43
N TYR K 606 -41.53 10.68 153.14
CA TYR K 606 -41.53 10.69 154.59
C TYR K 606 -40.13 10.86 155.15
N MET K 607 -39.10 10.30 154.51
CA MET K 607 -37.71 10.54 154.93
C MET K 607 -37.34 12.03 154.79
N ASN K 608 -37.72 12.66 153.67
CA ASN K 608 -37.52 14.09 153.46
C ASN K 608 -38.26 14.89 154.52
N LEU K 609 -39.53 14.56 154.76
CA LEU K 609 -40.33 15.18 155.80
C LEU K 609 -39.67 14.99 157.17
N HIS K 610 -39.14 13.80 157.44
CA HIS K 610 -38.41 13.54 158.67
C HIS K 610 -37.25 14.52 158.81
N PHE K 611 -36.43 14.75 157.78
CA PHE K 611 -35.34 15.71 157.91
C PHE K 611 -35.84 17.12 158.19
N LYS K 612 -36.93 17.55 157.53
CA LYS K 612 -37.55 18.86 157.79
C LYS K 612 -38.04 18.96 159.22
N VAL K 613 -38.72 17.95 159.70
CA VAL K 613 -39.28 17.92 161.06
C VAL K 613 -38.18 17.87 162.10
N LYS K 614 -37.20 17.00 161.86
CA LYS K 614 -36.00 16.87 162.66
C LYS K 614 -35.36 18.24 162.78
N TRP K 615 -35.09 18.87 161.65
CA TRP K 615 -34.62 20.25 161.65
C TRP K 615 -35.52 21.17 162.48
N LEU K 616 -36.83 21.17 162.24
CA LEU K 616 -37.73 22.15 162.86
C LEU K 616 -37.70 22.02 164.38
N TYR K 617 -37.86 20.81 164.89
CA TYR K 617 -37.83 20.56 166.33
C TYR K 617 -36.49 21.00 166.87
N ASN K 618 -35.43 20.54 166.23
CA ASN K 618 -34.06 20.79 166.66
C ASN K 618 -33.68 22.26 166.53
N GLU K 619 -34.42 23.03 165.73
CA GLU K 619 -34.36 24.47 165.71
C GLU K 619 -35.21 25.02 166.87
N TYR K 620 -36.51 25.15 166.68
CA TYR K 620 -37.33 25.98 167.54
C TYR K 620 -37.62 25.34 168.89
N VAL K 621 -37.84 24.03 168.90
CA VAL K 621 -38.62 23.39 169.96
C VAL K 621 -37.71 22.83 171.04
N ALA K 622 -36.65 22.15 170.61
CA ALA K 622 -35.76 21.42 171.49
C ALA K 622 -35.20 22.25 172.64
N GLU K 623 -35.04 23.56 172.45
CA GLU K 623 -34.45 24.46 173.44
C GLU K 623 -35.46 25.08 174.39
N LEU K 624 -36.76 25.03 174.08
CA LEU K 624 -37.76 25.38 175.07
C LEU K 624 -37.64 24.37 176.22
N PRO K 625 -37.60 24.79 177.49
CA PRO K 625 -37.32 23.91 178.62
C PRO K 625 -38.18 22.65 178.59
N THR K 626 -39.47 22.87 178.33
CA THR K 626 -40.51 21.85 178.18
C THR K 626 -40.10 20.68 177.28
N PHE K 627 -39.28 20.89 176.25
CA PHE K 627 -38.89 19.86 175.29
C PHE K 627 -37.41 19.55 175.28
N LYS K 628 -36.59 20.45 175.84
CA LYS K 628 -35.25 20.12 176.28
C LYS K 628 -35.27 19.03 177.35
N ASP K 629 -36.30 19.06 178.19
CA ASP K 629 -36.59 18.04 179.19
C ASP K 629 -36.79 16.61 178.63
N ARG K 630 -36.92 16.41 177.30
CA ARG K 630 -37.41 15.14 176.71
C ARG K 630 -36.60 14.61 175.54
N VAL K 631 -36.53 13.27 175.46
CA VAL K 631 -36.27 12.55 174.20
C VAL K 631 -37.39 12.90 173.22
N PRO K 632 -37.08 13.41 172.02
CA PRO K 632 -38.10 13.81 171.08
C PRO K 632 -38.94 12.63 170.63
N GLU K 633 -40.25 12.82 170.62
CA GLU K 633 -41.19 11.74 170.31
C GLU K 633 -41.46 11.60 168.82
N TYR K 634 -41.22 12.67 168.04
CA TYR K 634 -41.42 12.65 166.59
C TYR K 634 -40.84 11.46 165.82
N PRO K 635 -39.73 10.80 166.22
CA PRO K 635 -39.19 9.69 165.46
C PRO K 635 -40.15 8.50 165.43
N ALA K 636 -40.98 8.34 166.44
CA ALA K 636 -42.02 7.31 166.46
C ALA K 636 -42.99 7.49 165.29
N TRP K 637 -43.18 8.72 164.81
CA TRP K 637 -44.04 8.99 163.68
C TRP K 637 -43.48 8.41 162.39
N PHE K 638 -42.20 8.68 162.14
CA PHE K 638 -41.53 8.32 160.89
C PHE K 638 -41.12 6.86 160.83
N GLU K 639 -40.92 6.23 161.98
CA GLU K 639 -40.38 4.89 162.10
C GLU K 639 -41.00 3.85 161.17
N PRO K 640 -42.32 3.79 160.98
CA PRO K 640 -42.91 2.82 160.05
C PRO K 640 -42.45 3.06 158.61
N PHE K 641 -42.30 4.31 158.22
CA PHE K 641 -41.88 4.72 156.89
C PHE K 641 -40.41 4.40 156.64
N VAL K 642 -39.63 4.50 157.70
CA VAL K 642 -38.26 4.04 157.71
C VAL K 642 -38.18 2.53 157.60
N ILE K 643 -39.05 1.83 158.30
CA ILE K 643 -39.10 0.38 158.20
C ILE K 643 -39.54 0.00 156.79
N GLN K 644 -40.58 0.62 156.24
CA GLN K 644 -40.96 0.46 154.85
C GLN K 644 -39.77 0.69 153.93
N TRP K 645 -39.06 1.78 154.15
CA TRP K 645 -37.88 2.02 153.40
C TRP K 645 -36.88 0.87 153.55
N LEU K 646 -36.60 0.39 154.77
CA LEU K 646 -35.74 -0.75 155.04
C LEU K 646 -36.21 -2.00 154.32
N ASP K 647 -37.50 -2.13 154.11
CA ASP K 647 -38.10 -3.25 153.42
C ASP K 647 -37.84 -3.15 151.93
N GLU K 648 -38.24 -2.03 151.34
CA GLU K 648 -37.94 -1.73 149.94
C GLU K 648 -36.46 -1.96 149.68
N ASN K 649 -35.65 -1.40 150.58
CA ASN K 649 -34.22 -1.53 150.57
C ASN K 649 -33.78 -2.98 150.62
N GLU K 650 -34.24 -3.78 151.56
CA GLU K 650 -33.78 -5.16 151.61
C GLU K 650 -34.12 -5.91 150.32
N GLU K 651 -35.32 -5.72 149.81
CA GLU K 651 -35.74 -6.50 148.65
C GLU K 651 -34.94 -6.10 147.42
N VAL K 652 -34.81 -4.80 147.20
CA VAL K 652 -33.86 -4.26 146.24
C VAL K 652 -32.47 -4.85 146.46
N SER K 653 -31.99 -4.89 147.70
CA SER K 653 -30.67 -5.44 148.04
C SER K 653 -30.57 -6.92 147.71
N ARG K 654 -31.64 -7.69 147.82
CA ARG K 654 -31.61 -9.13 147.58
C ARG K 654 -31.69 -9.39 146.10
N ASP K 655 -32.45 -8.61 145.37
CA ASP K 655 -32.42 -8.62 143.91
C ASP K 655 -31.06 -8.20 143.36
N PHE K 656 -30.49 -7.12 143.91
CA PHE K 656 -29.13 -6.68 143.65
C PHE K 656 -28.14 -7.79 143.93
N LEU K 657 -28.25 -8.46 145.08
CA LEU K 657 -27.36 -9.55 145.50
C LEU K 657 -27.30 -10.63 144.44
N HIS K 658 -28.47 -11.05 143.97
CA HIS K 658 -28.55 -12.07 142.94
C HIS K 658 -27.93 -11.57 141.65
N GLY K 659 -28.26 -10.33 141.23
CA GLY K 659 -27.59 -9.71 140.09
C GLY K 659 -26.07 -9.72 140.22
N ALA K 660 -25.53 -9.27 141.35
CA ALA K 660 -24.09 -9.15 141.59
C ALA K 660 -23.41 -10.51 141.57
N LEU K 661 -23.97 -11.50 142.28
CA LEU K 661 -23.50 -12.88 142.25
C LEU K 661 -23.50 -13.41 140.82
N GLU K 662 -24.55 -13.13 140.06
CA GLU K 662 -24.68 -13.64 138.72
C GLU K 662 -23.72 -12.95 137.74
N ARG K 663 -23.47 -11.64 137.88
CA ARG K 663 -22.45 -10.93 137.11
C ARG K 663 -21.06 -11.46 137.41
N ASP K 664 -20.79 -11.73 138.67
CA ASP K 664 -19.54 -12.33 139.10
C ASP K 664 -19.40 -13.78 138.59
N LYS K 665 -20.50 -14.56 138.64
CA LYS K 665 -20.58 -15.90 138.05
C LYS K 665 -20.33 -15.89 136.56
N LYS K 666 -20.86 -14.89 135.87
CA LYS K 666 -20.62 -14.68 134.45
C LYS K 666 -19.16 -14.33 134.21
N ASP K 667 -18.58 -13.52 135.08
CA ASP K 667 -17.14 -13.37 135.19
C ASP K 667 -16.40 -14.60 135.75
N GLY K 668 -17.01 -15.79 135.77
CA GLY K 668 -16.39 -17.03 136.24
C GLY K 668 -15.86 -16.98 137.68
N PHE K 669 -16.32 -16.02 138.49
CA PHE K 669 -15.78 -15.66 139.81
C PHE K 669 -14.27 -15.42 139.83
N GLN K 670 -13.74 -14.55 138.96
CA GLN K 670 -12.34 -14.13 139.11
C GLN K 670 -12.10 -13.45 140.46
N GLN K 671 -10.92 -13.64 141.04
CA GLN K 671 -10.50 -12.84 142.19
C GLN K 671 -10.37 -11.38 141.77
N THR K 672 -10.75 -10.49 142.67
CA THR K 672 -10.79 -9.04 142.44
C THR K 672 -9.43 -8.48 142.06
N SER K 673 -8.38 -9.13 142.56
CA SER K 673 -7.06 -9.17 141.97
C SER K 673 -6.36 -10.43 142.50
N GLU K 674 -5.21 -10.77 141.96
CA GLU K 674 -4.46 -11.96 142.40
C GLU K 674 -4.04 -11.95 143.87
N HIS K 675 -4.17 -10.80 144.52
CA HIS K 675 -3.96 -10.58 145.94
C HIS K 675 -5.23 -10.12 146.68
N ALA K 676 -6.25 -9.59 146.00
CA ALA K 676 -7.61 -9.40 146.53
C ALA K 676 -8.44 -10.65 146.22
N LEU K 677 -8.30 -11.64 147.10
CA LEU K 677 -8.52 -13.06 146.83
C LEU K 677 -9.99 -13.49 146.65
N PHE K 678 -10.92 -12.63 147.10
CA PHE K 678 -12.35 -12.75 146.86
C PHE K 678 -12.73 -12.13 145.52
N SER K 679 -13.89 -12.44 144.98
CA SER K 679 -14.45 -11.85 143.78
C SER K 679 -15.38 -10.66 144.08
N CYS K 680 -15.64 -9.88 143.03
CA CYS K 680 -16.16 -8.52 143.13
C CYS K 680 -17.52 -8.40 143.81
N SER K 681 -18.38 -9.40 143.68
CA SER K 681 -19.72 -9.40 144.26
C SER K 681 -19.66 -9.12 145.76
N VAL K 682 -18.63 -9.61 146.46
CA VAL K 682 -18.47 -9.34 147.88
C VAL K 682 -18.42 -7.84 148.15
N VAL K 683 -17.62 -7.16 147.35
CA VAL K 683 -17.39 -5.73 147.40
C VAL K 683 -18.68 -4.99 147.10
N ASP K 684 -19.33 -5.35 146.00
CA ASP K 684 -20.57 -4.74 145.55
C ASP K 684 -21.62 -4.79 146.66
N VAL K 685 -21.72 -5.96 147.28
CA VAL K 685 -22.66 -6.21 148.35
C VAL K 685 -22.33 -5.35 149.54
N PHE K 686 -21.08 -5.35 150.00
CA PHE K 686 -20.76 -4.46 151.11
C PHE K 686 -20.96 -3.01 150.74
N SER K 687 -20.62 -2.59 149.54
CA SER K 687 -20.92 -1.26 149.06
C SER K 687 -22.40 -0.96 149.19
N GLN K 688 -23.25 -1.83 148.65
CA GLN K 688 -24.68 -1.64 148.73
C GLN K 688 -25.15 -1.54 150.18
N LEU K 689 -24.72 -2.49 151.00
CA LEU K 689 -25.11 -2.55 152.40
C LEU K 689 -24.69 -1.29 153.14
N ASN K 690 -23.54 -0.75 152.81
CA ASN K 690 -23.10 0.49 153.39
C ASN K 690 -23.92 1.66 152.86
N GLN K 691 -24.16 1.78 151.55
CA GLN K 691 -25.04 2.84 151.03
C GLN K 691 -26.37 2.85 151.78
N SER K 692 -26.91 1.65 151.93
CA SER K 692 -28.13 1.38 152.68
C SER K 692 -28.01 1.79 154.13
N PHE K 693 -27.01 1.28 154.84
CA PHE K 693 -26.85 1.57 156.25
C PHE K 693 -26.76 3.07 156.46
N GLU K 694 -26.05 3.76 155.58
CA GLU K 694 -25.85 5.17 155.74
C GLU K 694 -27.13 5.95 155.57
N ILE K 695 -28.02 5.52 154.68
CA ILE K 695 -29.35 6.11 154.58
C ILE K 695 -30.08 6.04 155.92
N ILE K 696 -29.95 4.92 156.64
CA ILE K 696 -30.49 4.82 158.00
C ILE K 696 -29.73 5.79 158.90
N LYS K 697 -28.41 5.72 158.87
CA LYS K 697 -27.58 6.38 159.85
C LYS K 697 -27.81 7.88 159.83
N LYS K 698 -27.95 8.43 158.62
CA LYS K 698 -28.33 9.82 158.29
C LYS K 698 -29.62 10.33 158.92
N LEU K 699 -30.41 9.47 159.56
CA LEU K 699 -31.57 9.93 160.31
C LEU K 699 -31.19 10.30 161.74
N GLU K 700 -30.16 9.68 162.33
CA GLU K 700 -29.73 9.87 163.72
C GLU K 700 -30.88 9.96 164.72
N CYS K 701 -31.81 9.02 164.64
CA CYS K 701 -33.02 9.02 165.45
C CYS K 701 -32.69 9.16 166.95
N PRO K 702 -33.18 10.21 167.64
CA PRO K 702 -32.85 10.44 169.04
C PRO K 702 -33.55 9.48 170.00
N ASP K 703 -34.50 8.67 169.52
CA ASP K 703 -35.04 7.54 170.26
C ASP K 703 -34.23 6.27 169.95
N PRO K 704 -33.35 5.82 170.86
CA PRO K 704 -32.46 4.71 170.59
C PRO K 704 -33.16 3.35 170.51
N GLN K 705 -34.42 3.25 170.94
CA GLN K 705 -35.17 2.01 170.85
C GLN K 705 -35.78 1.88 169.47
N ILE K 706 -36.26 2.98 168.93
CA ILE K 706 -36.64 3.10 167.53
C ILE K 706 -35.43 2.85 166.63
N VAL K 707 -34.26 3.40 167.00
CA VAL K 707 -33.00 3.00 166.36
C VAL K 707 -32.79 1.50 166.49
N GLY K 708 -32.92 0.97 167.70
CA GLY K 708 -32.73 -0.45 167.95
C GLY K 708 -33.62 -1.27 167.03
N HIS K 709 -34.84 -0.81 166.79
CA HIS K 709 -35.76 -1.45 165.88
C HIS K 709 -35.25 -1.45 164.45
N TYR K 710 -34.83 -0.30 163.94
CA TYR K 710 -34.16 -0.25 162.64
C TYR K 710 -33.01 -1.23 162.58
N MET K 711 -32.20 -1.30 163.64
CA MET K 711 -31.02 -2.16 163.67
C MET K 711 -31.40 -3.64 163.73
N ARG K 712 -32.46 -3.98 164.45
CA ARG K 712 -33.00 -5.33 164.48
C ARG K 712 -33.48 -5.69 163.07
N ARG K 713 -34.35 -4.85 162.51
CA ARG K 713 -34.85 -4.94 161.12
C ARG K 713 -33.71 -5.13 160.14
N PHE K 714 -32.68 -4.32 160.24
CA PHE K 714 -31.59 -4.34 159.29
C PHE K 714 -30.65 -5.51 159.54
N ALA K 715 -30.39 -5.89 160.79
CA ALA K 715 -29.55 -7.03 161.10
C ALA K 715 -30.14 -8.30 160.49
N LYS K 716 -31.47 -8.34 160.44
CA LYS K 716 -32.19 -9.35 159.67
C LYS K 716 -31.86 -9.18 158.21
N THR K 717 -32.08 -8.01 157.61
CA THR K 717 -31.70 -7.77 156.21
C THR K 717 -30.34 -8.34 155.89
N ILE K 718 -29.36 -7.95 156.69
CA ILE K 718 -27.98 -8.35 156.57
C ILE K 718 -27.89 -9.85 156.66
N SER K 719 -28.43 -10.44 157.72
CA SER K 719 -28.41 -11.87 157.89
C SER K 719 -28.96 -12.57 156.67
N ASN K 720 -30.11 -12.12 156.22
CA ASN K 720 -30.80 -12.71 155.10
C ASN K 720 -29.98 -12.62 153.82
N VAL K 721 -29.59 -11.41 153.45
CA VAL K 721 -28.74 -11.13 152.30
C VAL K 721 -27.48 -11.98 152.36
N LEU K 722 -26.80 -12.01 153.50
CA LEU K 722 -25.50 -12.65 153.57
C LEU K 722 -25.61 -14.15 153.60
N LEU K 723 -26.62 -14.70 154.26
CA LEU K 723 -26.81 -16.13 154.21
C LEU K 723 -27.22 -16.54 152.83
N GLN K 724 -28.05 -15.74 152.17
CA GLN K 724 -28.42 -15.94 150.79
C GLN K 724 -27.22 -15.89 149.86
N TYR K 725 -26.28 -14.97 150.07
CA TYR K 725 -24.99 -15.03 149.39
C TYR K 725 -24.30 -16.36 149.68
N ALA K 726 -24.04 -16.62 150.95
CA ALA K 726 -23.22 -17.74 151.41
C ALA K 726 -23.78 -19.05 150.91
N ASP K 727 -25.09 -19.13 150.89
CA ASP K 727 -25.85 -20.18 150.30
C ASP K 727 -25.63 -20.25 148.79
N ILE K 728 -25.89 -19.19 148.04
CA ILE K 728 -25.73 -19.18 146.59
C ILE K 728 -24.31 -19.62 146.22
N VAL K 729 -23.33 -19.19 147.01
CA VAL K 729 -21.98 -19.73 146.94
C VAL K 729 -21.94 -21.21 147.26
N SER K 730 -22.38 -21.62 148.45
CA SER K 730 -22.27 -23.01 148.93
C SER K 730 -22.88 -24.00 147.95
N LYS K 731 -23.96 -23.57 147.29
CA LYS K 731 -24.65 -24.30 146.23
C LYS K 731 -23.72 -24.54 145.07
N ASP K 732 -23.21 -23.46 144.48
CA ASP K 732 -22.34 -23.56 143.32
C ASP K 732 -20.98 -24.21 143.65
N PHE K 733 -20.59 -24.15 144.91
CA PHE K 733 -19.27 -24.48 145.39
C PHE K 733 -18.74 -25.84 144.90
N ALA K 734 -19.52 -26.89 145.10
CA ALA K 734 -19.14 -28.23 144.69
C ALA K 734 -18.93 -28.35 143.18
N SER K 735 -19.76 -27.68 142.37
CA SER K 735 -19.58 -27.65 140.92
C SER K 735 -18.23 -27.04 140.53
N TYR K 736 -17.75 -26.10 141.33
CA TYR K 736 -16.46 -25.49 141.16
C TYR K 736 -15.31 -26.31 141.75
N CYS K 737 -15.59 -27.23 142.67
CA CYS K 737 -14.58 -28.04 143.33
C CYS K 737 -13.83 -29.00 142.41
N SER K 738 -14.26 -29.18 141.18
CA SER K 738 -13.53 -30.00 140.22
C SER K 738 -12.08 -29.47 140.05
N LYS K 739 -11.13 -30.39 139.84
CA LYS K 739 -9.67 -30.25 140.05
C LYS K 739 -8.92 -29.31 139.08
N GLU K 740 -9.61 -28.38 138.44
CA GLU K 740 -9.11 -27.55 137.33
C GLU K 740 -9.64 -26.12 137.45
N LYS K 741 -10.89 -25.96 137.87
CA LYS K 741 -11.43 -24.66 138.29
C LYS K 741 -10.99 -24.28 139.70
N GLU K 742 -10.00 -24.96 140.28
CA GLU K 742 -9.56 -24.84 141.68
C GLU K 742 -9.42 -23.40 142.19
N LYS K 743 -9.01 -22.47 141.33
CA LYS K 743 -9.04 -21.04 141.65
C LYS K 743 -10.38 -20.58 142.18
N VAL K 744 -11.47 -20.98 141.53
CA VAL K 744 -12.82 -20.55 141.87
C VAL K 744 -13.23 -20.98 143.28
N PRO K 745 -13.17 -22.26 143.72
CA PRO K 745 -13.48 -22.60 145.10
C PRO K 745 -12.62 -21.86 146.13
N CYS K 746 -11.33 -21.63 145.83
CA CYS K 746 -10.50 -20.78 146.68
C CYS K 746 -11.15 -19.40 146.83
N ILE K 747 -11.43 -18.75 145.70
CA ILE K 747 -12.02 -17.42 145.62
C ILE K 747 -13.36 -17.36 146.34
N LEU K 748 -14.22 -18.35 146.15
CA LEU K 748 -15.49 -18.45 146.85
C LEU K 748 -15.32 -18.58 148.37
N MET K 749 -14.39 -19.41 148.84
CA MET K 749 -14.07 -19.47 150.25
C MET K 749 -13.51 -18.13 150.75
N ASN K 750 -12.69 -17.45 149.94
CA ASN K 750 -12.22 -16.12 150.24
C ASN K 750 -13.36 -15.10 150.24
N ASN K 751 -14.37 -15.25 149.38
CA ASN K 751 -15.53 -14.41 149.41
C ASN K 751 -16.19 -14.52 150.74
N THR K 752 -16.45 -15.77 151.14
CA THR K 752 -17.14 -16.15 152.36
C THR K 752 -16.41 -15.55 153.56
N GLN K 753 -15.12 -15.80 153.63
CA GLN K 753 -14.28 -15.23 154.66
C GLN K 753 -14.26 -13.70 154.58
N GLN K 754 -14.22 -13.15 153.38
CA GLN K 754 -14.28 -11.72 153.20
C GLN K 754 -15.63 -11.15 153.65
N LEU K 755 -16.73 -11.87 153.47
CA LEU K 755 -18.01 -11.52 154.07
C LEU K 755 -17.80 -11.39 155.55
N ARG K 756 -17.32 -12.45 156.22
CA ARG K 756 -17.15 -12.43 157.67
C ARG K 756 -16.34 -11.21 158.08
N VAL K 757 -15.22 -11.01 157.41
CA VAL K 757 -14.32 -9.91 157.66
C VAL K 757 -15.04 -8.58 157.54
N GLN K 758 -15.70 -8.30 156.42
CA GLN K 758 -16.42 -7.05 156.26
C GLN K 758 -17.66 -6.96 157.14
N LEU K 759 -18.25 -8.08 157.49
CA LEU K 759 -19.38 -8.15 158.38
C LEU K 759 -18.93 -7.66 159.74
N GLU K 760 -17.79 -8.11 160.23
CA GLU K 760 -17.23 -7.59 161.48
C GLU K 760 -17.12 -6.06 161.39
N LYS K 761 -16.61 -5.55 160.26
CA LYS K 761 -16.50 -4.10 160.01
C LYS K 761 -17.87 -3.41 160.03
N MET K 762 -18.84 -3.93 159.29
CA MET K 762 -20.18 -3.36 159.24
C MET K 762 -20.87 -3.40 160.59
N PHE K 763 -20.69 -4.49 161.33
CA PHE K 763 -21.18 -4.64 162.68
C PHE K 763 -20.56 -3.53 163.55
N GLU K 764 -19.26 -3.30 163.47
CA GLU K 764 -18.67 -2.13 164.10
C GLU K 764 -19.29 -0.82 163.59
N ALA K 765 -19.51 -0.68 162.29
CA ALA K 765 -20.08 0.51 161.69
C ALA K 765 -21.49 0.79 162.22
N MET K 766 -22.27 -0.25 162.45
CA MET K 766 -23.56 -0.21 163.14
C MET K 766 -23.43 0.09 164.64
N GLY K 767 -22.24 0.43 165.12
CA GLY K 767 -21.99 0.69 166.51
C GLY K 767 -21.70 -0.60 167.28
N GLY K 768 -21.00 -1.55 166.66
CA GLY K 768 -20.29 -2.66 167.28
C GLY K 768 -20.92 -3.23 168.54
N LYS K 769 -20.17 -3.22 169.64
CA LYS K 769 -20.62 -3.78 170.93
C LYS K 769 -21.64 -2.89 171.63
N GLU K 770 -21.78 -1.66 171.17
CA GLU K 770 -22.82 -0.72 171.57
C GLU K 770 -24.18 -1.07 170.95
N LEU K 771 -24.20 -1.91 169.91
CA LEU K 771 -25.38 -2.27 169.13
C LEU K 771 -26.48 -2.89 170.00
N ASP K 772 -27.73 -2.69 169.57
CA ASP K 772 -28.88 -3.41 170.10
C ASP K 772 -28.60 -4.90 170.24
N ALA K 773 -28.89 -5.45 171.41
CA ALA K 773 -28.49 -6.81 171.75
C ALA K 773 -29.09 -7.89 170.81
N GLU K 774 -30.18 -7.61 170.10
CA GLU K 774 -30.86 -8.58 169.25
C GLU K 774 -30.47 -8.43 167.78
N ALA K 775 -30.26 -7.20 167.32
CA ALA K 775 -29.48 -6.98 166.13
C ALA K 775 -28.12 -7.64 166.28
N SER K 776 -27.45 -7.42 167.40
CA SER K 776 -26.18 -8.07 167.74
C SER K 776 -26.33 -9.59 167.78
N GLY K 777 -27.32 -10.13 168.50
CA GLY K 777 -27.65 -11.56 168.50
C GLY K 777 -27.73 -12.10 167.09
N THR K 778 -28.46 -11.41 166.22
CA THR K 778 -28.62 -11.77 164.81
C THR K 778 -27.29 -11.81 164.09
N LEU K 779 -26.50 -10.75 164.19
CA LEU K 779 -25.24 -10.72 163.49
C LEU K 779 -24.22 -11.73 164.07
N LYS K 780 -24.30 -12.08 165.35
CA LYS K 780 -23.48 -13.13 165.96
C LYS K 780 -23.87 -14.50 165.44
N GLU K 781 -25.16 -14.79 165.45
CA GLU K 781 -25.74 -15.97 164.82
C GLU K 781 -25.27 -16.08 163.37
N LEU K 782 -25.36 -14.99 162.64
CA LEU K 782 -25.00 -14.92 161.24
C LEU K 782 -23.54 -15.30 161.07
N GLN K 783 -22.65 -14.66 161.81
CA GLN K 783 -21.22 -14.93 161.76
C GLN K 783 -20.91 -16.40 162.10
N VAL K 784 -21.57 -16.99 163.10
CA VAL K 784 -21.39 -18.42 163.42
C VAL K 784 -21.80 -19.31 162.25
N LYS K 785 -22.93 -19.02 161.62
CA LYS K 785 -23.37 -19.78 160.43
C LYS K 785 -22.40 -19.64 159.29
N LEU K 786 -21.96 -18.42 159.00
CA LEU K 786 -20.96 -18.16 157.96
C LEU K 786 -19.66 -18.93 158.26
N ASN K 787 -19.24 -19.02 159.52
CA ASN K 787 -18.11 -19.86 159.90
C ASN K 787 -18.36 -21.34 159.55
N ASN K 788 -19.52 -21.85 159.94
CA ASN K 788 -19.82 -23.26 159.74
C ASN K 788 -19.93 -23.57 158.24
N VAL K 789 -20.54 -22.67 157.46
CA VAL K 789 -20.52 -22.73 156.00
C VAL K 789 -19.08 -22.90 155.53
N LEU K 790 -18.15 -22.04 155.98
CA LEU K 790 -16.76 -22.06 155.52
C LEU K 790 -16.05 -23.38 155.84
N ASP K 791 -16.33 -23.99 156.99
CA ASP K 791 -15.85 -25.34 157.27
C ASP K 791 -16.33 -26.33 156.21
N GLU K 792 -17.62 -26.32 155.91
CA GLU K 792 -18.17 -27.29 154.98
C GLU K 792 -17.65 -27.07 153.56
N LEU K 793 -17.47 -25.82 153.15
CA LEU K 793 -16.81 -25.54 151.88
C LEU K 793 -15.37 -26.06 151.89
N SER K 794 -14.58 -25.81 152.94
CA SER K 794 -13.21 -26.33 153.01
C SER K 794 -13.16 -27.85 152.89
N HIS K 795 -14.14 -28.52 153.50
CA HIS K 795 -14.26 -29.94 153.47
C HIS K 795 -14.63 -30.43 152.07
N VAL K 796 -15.73 -29.91 151.52
CA VAL K 796 -16.21 -30.22 150.18
C VAL K 796 -15.09 -30.01 149.17
N PHE K 797 -14.33 -28.94 149.34
CA PHE K 797 -13.20 -28.66 148.49
C PHE K 797 -12.10 -29.71 148.63
N ALA K 798 -11.56 -29.90 149.83
CA ALA K 798 -10.51 -30.88 150.09
C ALA K 798 -10.90 -32.29 149.60
N THR K 799 -12.19 -32.60 149.73
CA THR K 799 -12.76 -33.85 149.30
C THR K 799 -12.64 -34.08 147.80
N SER K 800 -12.79 -33.08 146.93
CA SER K 800 -12.72 -33.32 145.48
C SER K 800 -11.33 -33.77 145.01
N PHE K 801 -10.29 -33.51 145.81
CA PHE K 801 -8.94 -34.00 145.59
C PHE K 801 -8.71 -35.39 146.13
N GLN K 802 -9.54 -35.84 147.06
CA GLN K 802 -9.43 -37.14 147.70
C GLN K 802 -9.15 -38.28 146.74
N PRO K 803 -9.81 -38.39 145.56
CA PRO K 803 -9.53 -39.50 144.64
C PRO K 803 -8.11 -39.43 144.12
N HIS K 804 -7.67 -38.23 143.78
CA HIS K 804 -6.33 -37.99 143.32
C HIS K 804 -5.31 -38.30 144.41
N ILE K 805 -5.62 -37.91 145.63
CA ILE K 805 -4.80 -38.15 146.81
C ILE K 805 -4.68 -39.66 147.02
N GLU K 806 -5.79 -40.37 147.08
CA GLU K 806 -5.83 -41.82 147.25
C GLU K 806 -5.09 -42.56 146.14
N GLU K 807 -5.28 -42.10 144.92
CA GLU K 807 -4.57 -42.61 143.77
C GLU K 807 -3.07 -42.46 143.94
N CYS K 808 -2.61 -41.22 144.13
CA CYS K 808 -1.21 -40.92 144.35
C CYS K 808 -0.66 -41.75 145.51
N VAL K 809 -1.36 -41.79 146.65
CA VAL K 809 -0.92 -42.53 147.83
C VAL K 809 -0.83 -44.01 147.52
N ARG K 810 -1.77 -44.57 146.76
CA ARG K 810 -1.65 -45.96 146.34
C ARG K 810 -0.40 -46.14 145.49
N GLN K 811 -0.09 -45.23 144.56
CA GLN K 811 1.16 -45.32 143.81
C GLN K 811 2.37 -45.20 144.72
N MET K 812 2.32 -44.32 145.71
CA MET K 812 3.43 -44.20 146.65
C MET K 812 3.58 -45.51 147.42
N GLY K 813 2.48 -46.15 147.79
CA GLY K 813 2.47 -47.48 148.39
C GLY K 813 3.06 -48.54 147.47
N ASP K 814 2.69 -48.49 146.19
CA ASP K 814 3.29 -49.34 145.18
C ASP K 814 4.79 -49.12 145.09
N ILE K 815 5.23 -47.87 145.03
CA ILE K 815 6.65 -47.53 144.99
C ILE K 815 7.36 -47.99 146.28
N LEU K 816 6.73 -47.83 147.44
CA LEU K 816 7.32 -48.27 148.70
C LEU K 816 7.48 -49.79 148.73
N SER K 817 6.56 -50.56 148.14
CA SER K 817 6.66 -52.03 148.16
C SER K 817 7.91 -52.59 147.45
N GLN K 818 8.63 -51.75 146.70
CA GLN K 818 9.91 -52.09 146.10
C GLN K 818 11.05 -52.00 147.14
N VAL K 819 10.93 -51.05 148.06
CA VAL K 819 11.70 -51.01 149.32
C VAL K 819 11.21 -52.13 150.21
N LYS K 820 12.13 -52.85 150.85
CA LYS K 820 11.77 -53.79 151.93
C LYS K 820 12.68 -53.54 153.14
N GLY K 821 12.87 -54.50 154.02
CA GLY K 821 13.72 -54.31 155.19
C GLY K 821 15.19 -54.35 154.82
N THR K 822 15.75 -53.26 154.29
CA THR K 822 16.93 -53.34 153.43
C THR K 822 18.28 -53.45 154.13
N GLY K 823 18.31 -53.70 155.43
CA GLY K 823 19.46 -54.42 156.01
C GLY K 823 19.53 -55.89 155.54
N ASN K 824 18.42 -56.43 155.03
CA ASN K 824 18.26 -57.77 154.44
C ASN K 824 17.98 -57.72 152.91
N VAL K 825 18.37 -56.66 152.17
CA VAL K 825 18.09 -56.47 150.71
C VAL K 825 19.22 -55.69 149.98
N PRO K 826 19.48 -55.91 148.67
CA PRO K 826 20.47 -55.18 147.85
C PRO K 826 20.30 -53.66 147.73
N ALA K 827 21.37 -52.98 147.33
CA ALA K 827 21.57 -51.51 147.28
C ALA K 827 20.63 -50.69 146.36
N SER K 828 19.80 -51.31 145.53
CA SER K 828 18.72 -50.60 144.80
C SER K 828 17.48 -50.32 145.66
N ALA K 829 17.29 -51.11 146.73
CA ALA K 829 16.28 -50.89 147.75
C ALA K 829 16.91 -50.61 149.12
N CYS K 830 18.17 -51.00 149.39
CA CYS K 830 19.05 -50.29 150.34
C CYS K 830 19.65 -49.01 149.70
N SER K 831 19.05 -48.58 148.59
CA SER K 831 18.99 -47.19 148.12
C SER K 831 18.72 -46.29 149.32
N SER K 832 19.32 -45.10 149.35
CA SER K 832 19.29 -44.31 150.58
C SER K 832 17.86 -44.05 151.02
N VAL K 833 17.69 -43.85 152.32
CA VAL K 833 16.40 -43.53 152.91
C VAL K 833 15.73 -42.35 152.18
N ALA K 834 16.55 -41.36 151.77
CA ALA K 834 16.13 -40.23 150.96
C ALA K 834 15.69 -40.59 149.54
N GLN K 835 16.49 -41.34 148.78
CA GLN K 835 16.12 -41.72 147.41
C GLN K 835 14.82 -42.53 147.37
N ASP K 836 14.71 -43.51 148.25
CA ASP K 836 13.47 -44.25 148.41
C ASP K 836 12.32 -43.32 148.78
N ALA K 837 12.49 -42.43 149.76
CA ALA K 837 11.44 -41.50 150.15
C ALA K 837 11.03 -40.63 148.98
N ASP K 838 11.98 -40.12 148.20
CA ASP K 838 11.71 -39.31 147.02
C ASP K 838 10.93 -40.09 145.97
N ASN K 839 11.38 -41.30 145.63
CA ASN K 839 10.71 -42.16 144.68
C ASN K 839 9.26 -42.35 145.11
N VAL K 840 9.12 -42.80 146.35
CA VAL K 840 7.86 -43.01 147.01
C VAL K 840 7.00 -41.77 146.94
N LEU K 841 7.53 -40.63 147.40
CA LEU K 841 6.87 -39.34 147.52
C LEU K 841 6.41 -38.78 146.18
N GLN K 842 7.03 -39.20 145.08
CA GLN K 842 6.95 -38.37 143.91
C GLN K 842 5.52 -38.15 143.39
N PRO K 843 4.66 -39.18 143.33
CA PRO K 843 3.28 -39.02 142.89
C PRO K 843 2.52 -37.92 143.64
N ILE K 844 2.78 -37.73 144.92
CA ILE K 844 2.10 -36.70 145.69
C ILE K 844 2.83 -35.36 145.63
N MET K 845 4.17 -35.32 145.62
CA MET K 845 4.88 -34.05 145.71
C MET K 845 4.58 -33.16 144.53
N ASP K 846 4.38 -33.77 143.37
CA ASP K 846 3.95 -33.10 142.15
C ASP K 846 2.62 -32.38 142.37
N LEU K 847 1.61 -33.15 142.80
CA LEU K 847 0.28 -32.66 143.12
C LEU K 847 0.39 -31.54 144.17
N LEU K 848 1.08 -31.83 145.27
CA LEU K 848 1.20 -30.96 146.42
C LEU K 848 1.80 -29.64 146.02
N ASP K 849 2.98 -29.66 145.42
CA ASP K 849 3.77 -28.45 145.35
C ASP K 849 3.01 -27.41 144.56
N SER K 850 2.57 -27.83 143.39
CA SER K 850 1.76 -27.04 142.49
C SER K 850 0.53 -26.50 143.23
N ASN K 851 -0.27 -27.39 143.80
CA ASN K 851 -1.53 -27.00 144.37
C ASN K 851 -1.34 -26.16 145.63
N LEU K 852 -0.50 -26.56 146.57
CA LEU K 852 -0.26 -25.79 147.78
C LEU K 852 0.32 -24.45 147.42
N THR K 853 1.18 -24.35 146.43
CA THR K 853 1.69 -23.04 146.03
C THR K 853 0.58 -22.20 145.44
N LEU K 854 -0.21 -22.76 144.52
CA LEU K 854 -1.35 -22.07 143.94
C LEU K 854 -2.30 -21.60 145.04
N PHE K 855 -2.66 -22.48 145.96
CA PHE K 855 -3.57 -22.19 147.07
C PHE K 855 -2.95 -21.20 148.04
N ALA K 856 -1.67 -21.30 148.33
CA ALA K 856 -1.00 -20.32 149.17
C ALA K 856 -1.00 -18.94 148.53
N LYS K 857 -0.85 -18.85 147.21
CA LYS K 857 -1.01 -17.61 146.47
C LYS K 857 -2.46 -17.10 146.56
N ILE K 858 -3.45 -17.96 146.36
CA ILE K 858 -4.84 -17.52 146.07
C ILE K 858 -5.88 -17.74 147.18
N CYS K 859 -5.58 -18.40 148.30
CA CYS K 859 -6.49 -18.56 149.44
C CYS K 859 -6.14 -17.62 150.59
N GLU K 860 -7.17 -17.03 151.20
CA GLU K 860 -7.04 -16.32 152.46
C GLU K 860 -6.64 -17.29 153.58
N LYS K 861 -5.91 -16.83 154.59
CA LYS K 861 -5.20 -17.77 155.47
C LYS K 861 -6.16 -18.64 156.27
N THR K 862 -7.23 -18.06 156.78
CA THR K 862 -8.42 -18.75 157.34
C THR K 862 -8.91 -19.86 156.42
N VAL K 863 -9.14 -19.51 155.16
CA VAL K 863 -9.60 -20.44 154.13
C VAL K 863 -8.61 -21.57 153.97
N LEU K 864 -7.36 -21.20 153.71
CA LEU K 864 -6.26 -22.09 153.44
C LEU K 864 -6.07 -23.07 154.58
N LYS K 865 -6.12 -22.59 155.83
CA LYS K 865 -5.84 -23.44 156.98
C LYS K 865 -6.89 -24.53 157.06
N ARG K 866 -8.14 -24.16 156.87
CA ARG K 866 -9.25 -25.11 156.87
C ARG K 866 -9.07 -26.12 155.74
N VAL K 867 -8.80 -25.62 154.53
CA VAL K 867 -8.53 -26.47 153.37
C VAL K 867 -7.41 -27.45 153.69
N LEU K 868 -6.31 -26.94 154.23
CA LEU K 868 -5.14 -27.74 154.55
C LEU K 868 -5.43 -28.72 155.65
N LYS K 869 -6.17 -28.37 156.69
CA LYS K 869 -6.49 -29.33 157.75
C LYS K 869 -7.26 -30.51 157.19
N GLU K 870 -8.26 -30.19 156.40
CA GLU K 870 -9.09 -31.17 155.71
C GLU K 870 -8.25 -32.07 154.83
N LEU K 871 -7.41 -31.47 154.01
CA LEU K 871 -6.47 -32.19 153.17
C LEU K 871 -5.51 -33.02 154.02
N TRP K 872 -4.97 -32.46 155.09
CA TRP K 872 -3.96 -33.08 155.94
C TRP K 872 -4.47 -34.35 156.55
N LYS K 873 -5.62 -34.25 157.20
CA LYS K 873 -6.37 -35.35 157.73
C LYS K 873 -6.53 -36.40 156.65
N LEU K 874 -7.11 -35.99 155.52
CA LEU K 874 -7.37 -36.87 154.39
C LEU K 874 -6.10 -37.59 153.98
N VAL K 875 -5.02 -36.87 153.78
CA VAL K 875 -3.72 -37.40 153.39
C VAL K 875 -3.22 -38.38 154.43
N MET K 876 -3.07 -37.95 155.67
CA MET K 876 -2.61 -38.78 156.77
C MET K 876 -3.34 -40.09 156.85
N ASN K 877 -4.65 -40.01 156.84
CA ASN K 877 -5.51 -41.17 156.91
C ASN K 877 -5.30 -42.06 155.69
N THR K 878 -5.20 -41.45 154.51
CA THR K 878 -4.96 -42.15 153.28
C THR K 878 -3.66 -42.92 153.35
N MET K 879 -2.58 -42.31 153.80
CA MET K 879 -1.31 -43.00 153.93
C MET K 879 -1.39 -44.10 154.97
N GLU K 880 -2.00 -43.81 156.10
CA GLU K 880 -2.09 -44.76 157.17
C GLU K 880 -2.78 -46.03 156.72
N ARG K 881 -3.89 -45.86 156.04
CA ARG K 881 -4.62 -46.93 155.38
C ARG K 881 -3.78 -47.53 154.26
N THR K 882 -3.64 -46.80 153.18
CA THR K 882 -3.10 -47.22 151.89
C THR K 882 -1.63 -47.61 151.93
N ILE K 883 -0.89 -47.29 153.00
CA ILE K 883 0.55 -47.54 153.05
C ILE K 883 0.97 -48.19 154.35
N VAL K 884 0.48 -47.77 155.52
CA VAL K 884 1.00 -48.32 156.78
C VAL K 884 0.20 -49.49 157.28
N LEU K 885 -1.07 -49.55 156.98
CA LEU K 885 -1.87 -50.74 157.11
C LEU K 885 -2.30 -51.15 155.70
N PRO K 886 -1.32 -51.30 154.79
CA PRO K 886 -1.54 -51.14 153.37
C PRO K 886 -2.34 -52.28 152.77
N PRO K 887 -2.91 -52.07 151.58
CA PRO K 887 -3.28 -53.15 150.69
C PRO K 887 -2.03 -54.02 150.38
N GLU K 888 -0.85 -53.44 150.16
CA GLU K 888 0.45 -54.15 150.06
C GLU K 888 0.97 -54.79 151.38
N PHE K 889 0.07 -55.22 152.27
CA PHE K 889 0.38 -56.22 153.31
C PHE K 889 -0.84 -57.07 153.69
N LEU K 890 -1.85 -56.53 154.38
CA LEU K 890 -2.84 -57.41 155.03
C LEU K 890 -3.80 -58.08 154.05
N SER K 891 -4.10 -57.42 152.93
CA SER K 891 -4.86 -58.03 151.82
C SER K 891 -4.15 -59.21 151.16
N LYS K 892 -2.87 -59.45 151.49
CA LYS K 892 -2.17 -60.71 151.19
C LYS K 892 -2.27 -61.72 152.34
N LEU K 893 -1.83 -61.32 153.55
CA LEU K 893 -1.74 -62.24 154.70
C LEU K 893 -3.09 -62.87 155.09
N LYS K 894 -4.17 -62.07 155.11
CA LYS K 894 -5.52 -62.58 155.43
C LYS K 894 -6.24 -63.20 154.22
N ASP K 895 -5.56 -63.31 153.09
CA ASP K 895 -6.06 -63.88 151.84
C ASP K 895 -5.35 -65.22 151.50
N HIS K 896 -5.71 -65.85 150.39
CA HIS K 896 -5.03 -67.02 149.82
C HIS K 896 -3.59 -66.71 149.33
N MET K 897 -3.29 -65.42 149.19
CA MET K 897 -1.97 -64.88 148.92
C MET K 897 -0.99 -65.11 150.10
N VAL K 898 0.21 -64.55 149.99
CA VAL K 898 1.33 -64.79 150.91
C VAL K 898 0.99 -64.40 152.36
N ARG K 899 1.35 -65.28 153.31
CA ARG K 899 1.48 -65.04 154.76
C ARG K 899 2.56 -64.00 155.02
N GLU K 900 2.25 -62.76 154.66
CA GLU K 900 3.27 -61.79 154.29
C GLU K 900 4.27 -61.48 155.39
N GLU K 901 5.42 -61.07 154.90
CA GLU K 901 6.30 -60.21 155.63
C GLU K 901 6.27 -58.76 155.13
N ALA K 902 5.67 -58.50 153.96
CA ALA K 902 5.98 -57.37 153.06
C ALA K 902 7.50 -57.26 152.83
N LYS K 903 8.14 -58.43 152.81
CA LYS K 903 9.58 -58.69 152.95
C LYS K 903 10.25 -57.84 154.03
N SER K 904 9.62 -57.89 155.20
CA SER K 904 9.95 -57.30 156.51
C SER K 904 9.87 -55.77 156.53
N LEU K 905 8.82 -55.22 157.15
CA LEU K 905 8.68 -53.77 157.46
C LEU K 905 9.61 -53.38 158.62
N THR K 906 10.90 -53.58 158.39
CA THR K 906 11.96 -53.23 159.34
C THR K 906 12.10 -51.71 159.46
N PRO K 907 12.98 -51.27 160.37
CA PRO K 907 13.72 -50.03 160.29
C PRO K 907 13.72 -49.28 158.95
N LYS K 908 14.04 -49.92 157.83
CA LYS K 908 14.15 -49.19 156.56
C LYS K 908 12.86 -48.56 156.06
N GLN K 909 11.77 -49.31 155.95
CA GLN K 909 10.47 -48.74 155.56
C GLN K 909 9.81 -48.02 156.74
N CYS K 910 10.34 -48.12 157.96
CA CYS K 910 9.93 -47.23 159.05
C CYS K 910 10.54 -45.83 158.83
N ALA K 911 11.86 -45.77 158.64
CA ALA K 911 12.48 -44.71 157.85
C ALA K 911 11.89 -44.75 156.43
N VAL K 912 12.33 -43.89 155.51
CA VAL K 912 11.67 -43.68 154.22
C VAL K 912 10.32 -43.01 154.42
N VAL K 913 9.38 -43.73 155.04
CA VAL K 913 8.08 -43.22 155.45
C VAL K 913 8.24 -42.11 156.46
N GLU K 914 9.00 -42.28 157.54
CA GLU K 914 9.15 -41.19 158.52
C GLU K 914 9.76 -39.94 157.88
N LEU K 915 10.70 -40.11 156.95
CA LEU K 915 11.24 -39.01 156.18
C LEU K 915 10.23 -38.42 155.20
N ALA K 916 9.45 -39.26 154.53
CA ALA K 916 8.42 -38.83 153.61
C ALA K 916 7.36 -38.04 154.36
N LEU K 917 6.90 -38.56 155.50
CA LEU K 917 6.04 -37.88 156.46
C LEU K 917 6.64 -36.54 156.82
N ASP K 918 7.91 -36.50 157.17
CA ASP K 918 8.53 -35.23 157.52
C ASP K 918 8.50 -34.26 156.33
N THR K 919 8.85 -34.75 155.15
CA THR K 919 8.84 -33.96 153.92
C THR K 919 7.47 -33.38 153.66
N ILE K 920 6.46 -34.23 153.77
CA ILE K 920 5.06 -33.86 153.67
C ILE K 920 4.71 -32.86 154.75
N LYS K 921 5.14 -33.08 155.99
CA LYS K 921 4.86 -32.21 157.13
C LYS K 921 5.50 -30.84 156.91
N GLN K 922 6.70 -30.78 156.34
CA GLN K 922 7.31 -29.53 155.92
C GLN K 922 6.51 -28.89 154.80
N TYR K 923 6.00 -29.68 153.88
CA TYR K 923 5.16 -29.24 152.78
C TYR K 923 3.84 -28.62 153.25
N PHE K 924 3.07 -29.36 154.06
CA PHE K 924 1.84 -28.89 154.71
C PHE K 924 2.12 -27.72 155.63
N HIS K 925 3.26 -27.72 156.31
CA HIS K 925 3.65 -26.61 157.14
C HIS K 925 3.95 -25.37 156.29
N ALA K 926 4.59 -25.57 155.14
CA ALA K 926 5.04 -24.53 154.23
C ALA K 926 5.68 -23.36 155.00
N GLY K 927 6.58 -23.65 155.94
CA GLY K 927 7.23 -22.62 156.75
C GLY K 927 6.29 -21.80 157.64
N GLY K 928 5.12 -22.31 158.01
CA GLY K 928 4.09 -21.60 158.77
C GLY K 928 3.03 -20.92 157.91
N VAL K 929 3.24 -20.83 156.59
CA VAL K 929 2.20 -20.37 155.64
C VAL K 929 1.05 -21.35 155.60
N GLY K 930 1.36 -22.64 155.72
CA GLY K 930 0.40 -23.71 155.83
C GLY K 930 -0.02 -23.96 157.27
N LEU K 931 0.00 -25.21 157.71
CA LEU K 931 -0.42 -25.61 159.05
C LEU K 931 0.71 -25.44 160.09
N LYS K 932 0.31 -25.30 161.36
CA LYS K 932 1.23 -25.18 162.49
C LYS K 932 1.96 -26.51 162.71
N LYS K 933 3.28 -26.49 162.93
CA LYS K 933 4.02 -27.71 163.33
C LYS K 933 3.43 -28.34 164.58
N THR K 934 2.82 -27.57 165.49
CA THR K 934 2.08 -28.08 166.65
C THR K 934 0.91 -28.97 166.25
N PHE K 935 -0.03 -28.46 165.44
CA PHE K 935 -1.16 -29.24 164.92
C PHE K 935 -0.69 -30.50 164.19
N LEU K 936 0.37 -30.38 163.40
CA LEU K 936 0.89 -31.50 162.62
C LEU K 936 1.53 -32.53 163.56
N GLU K 937 2.40 -32.13 164.47
CA GLU K 937 3.01 -33.03 165.44
C GLU K 937 1.96 -33.70 166.32
N LYS K 938 1.02 -32.91 166.82
CA LYS K 938 -0.12 -33.37 167.61
C LYS K 938 -1.30 -33.76 166.74
N SER K 939 -1.06 -34.11 165.48
CA SER K 939 -2.11 -34.63 164.63
C SER K 939 -2.36 -36.06 165.04
N PRO K 940 -3.59 -36.41 165.44
CA PRO K 940 -3.94 -37.80 165.71
C PRO K 940 -3.77 -38.64 164.46
N ASP K 941 -4.02 -38.05 163.30
CA ASP K 941 -3.82 -38.65 162.00
C ASP K 941 -2.36 -39.09 161.84
N LEU K 942 -1.42 -38.21 162.20
CA LEU K 942 0.00 -38.54 162.26
C LEU K 942 0.34 -39.49 163.41
N GLN K 943 -0.18 -39.27 164.60
CA GLN K 943 0.19 -40.02 165.80
C GLN K 943 -0.29 -41.46 165.72
N SER K 944 -1.48 -41.66 165.16
CA SER K 944 -1.95 -42.96 164.79
C SER K 944 -1.02 -43.57 163.75
N LEU K 945 -0.67 -42.81 162.71
CA LEU K 945 0.20 -43.28 161.66
C LEU K 945 1.53 -43.78 162.22
N ARG K 946 2.17 -42.96 163.07
CA ARG K 946 3.32 -43.30 163.89
C ARG K 946 3.08 -44.53 164.75
N TYR K 947 1.91 -44.62 165.37
CA TYR K 947 1.63 -45.75 166.21
C TYR K 947 1.55 -47.06 165.42
N ALA K 948 0.86 -47.08 164.29
CA ALA K 948 0.82 -48.25 163.44
C ALA K 948 2.24 -48.63 162.98
N LEU K 949 3.05 -47.64 162.62
CA LEU K 949 4.47 -47.84 162.33
C LEU K 949 5.20 -48.52 163.49
N SER K 950 4.89 -48.16 164.73
CA SER K 950 5.53 -48.78 165.88
C SER K 950 5.17 -50.27 166.03
N LEU K 951 3.96 -50.70 165.68
CA LEU K 951 3.59 -52.13 165.76
C LEU K 951 4.60 -52.98 165.01
N TYR K 952 4.96 -52.53 163.80
CA TYR K 952 5.78 -53.30 162.88
C TYR K 952 7.12 -53.73 163.45
N THR K 953 7.71 -52.93 164.34
CA THR K 953 9.02 -53.22 164.92
C THR K 953 8.94 -53.94 166.27
N GLN K 954 7.75 -54.13 166.85
CA GLN K 954 7.61 -54.60 168.23
C GLN K 954 8.10 -56.02 168.51
N ALA K 955 8.35 -56.28 169.78
CA ALA K 955 8.71 -57.58 170.32
C ALA K 955 7.56 -58.59 170.20
N THR K 956 7.93 -59.85 170.03
CA THR K 956 7.01 -60.98 169.86
C THR K 956 6.01 -61.13 170.99
N ASP K 957 6.43 -61.09 172.24
CA ASP K 957 5.50 -61.23 173.36
C ASP K 957 4.54 -60.05 173.48
N LEU K 958 5.01 -58.84 173.21
CA LEU K 958 4.15 -57.65 173.23
C LEU K 958 3.07 -57.73 172.15
N LEU K 959 3.46 -58.19 170.97
CA LEU K 959 2.57 -58.52 169.88
C LEU K 959 1.56 -59.61 170.30
N ILE K 960 2.04 -60.74 170.83
CA ILE K 960 1.19 -61.85 171.30
C ILE K 960 0.21 -61.39 172.39
N LYS K 961 0.66 -60.58 173.34
CA LYS K 961 -0.19 -59.97 174.36
C LYS K 961 -1.28 -59.13 173.73
N THR K 962 -0.89 -58.26 172.79
CA THR K 962 -1.82 -57.45 172.01
C THR K 962 -2.84 -58.34 171.31
N PHE K 963 -2.41 -59.46 170.72
CA PHE K 963 -3.32 -60.44 170.16
C PHE K 963 -4.31 -60.98 171.18
N VAL K 964 -3.87 -61.60 172.28
CA VAL K 964 -4.83 -62.22 173.23
C VAL K 964 -5.79 -61.19 173.82
N GLN K 965 -5.28 -60.00 174.16
CA GLN K 965 -6.11 -58.92 174.68
C GLN K 965 -7.15 -58.42 173.65
N THR K 966 -6.77 -58.35 172.38
CA THR K 966 -7.68 -57.89 171.31
C THR K 966 -8.61 -58.99 170.83
N GLN K 967 -8.16 -60.24 170.77
CA GLN K 967 -8.94 -61.41 170.38
C GLN K 967 -9.85 -61.92 171.51
N SER K 968 -10.41 -61.02 172.32
CA SER K 968 -11.37 -61.32 173.39
C SER K 968 -12.57 -62.16 172.90
N ALA K 969 -12.97 -61.98 171.64
CA ALA K 969 -14.02 -62.73 170.97
C ALA K 969 -13.69 -64.21 170.69
N GLN K 970 -12.44 -64.65 170.87
CA GLN K 970 -12.06 -66.08 170.79
C GLN K 970 -12.55 -66.84 172.03
N GLY K 971 -13.84 -67.15 172.04
CA GLY K 971 -14.53 -67.89 173.10
C GLY K 971 -16.04 -67.73 172.97
N SER K 972 -16.51 -66.50 172.80
CA SER K 972 -17.92 -66.20 172.50
C SER K 972 -18.22 -66.46 171.03
N GLY K 973 -18.84 -67.61 170.74
CA GLY K 973 -19.25 -68.04 169.42
C GLY K 973 -18.18 -68.83 168.66
N VAL K 974 -18.57 -70.00 168.17
CA VAL K 974 -17.83 -70.89 167.25
C VAL K 974 -18.69 -71.14 166.02
N GLU K 975 -18.13 -70.94 164.83
CA GLU K 975 -18.83 -71.31 163.59
C GLU K 975 -18.73 -72.83 163.33
N ASP K 976 -19.89 -73.50 163.24
CA ASP K 976 -20.09 -74.95 163.08
C ASP K 976 -19.27 -75.84 164.05
N PRO K 977 -19.73 -76.04 165.30
CA PRO K 977 -19.03 -76.87 166.26
C PRO K 977 -18.98 -78.38 165.90
N VAL K 978 -17.82 -79.02 166.12
CA VAL K 978 -17.53 -80.46 165.85
C VAL K 978 -17.67 -81.37 167.08
N GLY K 979 -18.25 -80.84 168.14
CA GLY K 979 -18.32 -81.43 169.46
C GLY K 979 -18.14 -80.34 170.51
N GLU K 980 -17.99 -80.76 171.75
CA GLU K 980 -17.70 -79.86 172.86
C GLU K 980 -16.92 -80.59 173.96
N VAL K 981 -16.13 -79.85 174.75
CA VAL K 981 -15.37 -80.41 175.88
C VAL K 981 -15.84 -79.80 177.19
N SER K 982 -16.21 -80.65 178.13
CA SER K 982 -16.43 -80.26 179.51
C SER K 982 -15.08 -80.25 180.19
N VAL K 983 -14.62 -79.05 180.51
CA VAL K 983 -13.48 -78.82 181.39
C VAL K 983 -13.98 -78.23 182.68
N HIS K 984 -13.42 -78.66 183.80
CA HIS K 984 -13.45 -77.88 185.03
C HIS K 984 -12.07 -77.30 185.24
N VAL K 985 -11.97 -75.98 185.21
CA VAL K 985 -10.70 -75.26 185.26
C VAL K 985 -10.60 -74.47 186.55
N GLU K 986 -9.47 -74.53 187.24
CA GLU K 986 -9.20 -73.75 188.44
C GLU K 986 -7.97 -72.86 188.23
N LEU K 987 -8.17 -71.53 188.26
CA LEU K 987 -7.09 -70.55 188.28
C LEU K 987 -6.60 -70.39 189.72
N PHE K 988 -5.80 -71.35 190.16
CA PHE K 988 -5.02 -71.16 191.37
C PHE K 988 -3.87 -70.18 191.12
N THR K 989 -4.02 -68.95 191.62
CA THR K 989 -2.86 -68.13 192.00
C THR K 989 -2.08 -69.00 192.99
N HIS K 990 -0.96 -69.51 192.50
CA HIS K 990 -0.36 -70.77 192.93
C HIS K 990 0.18 -70.71 194.37
N PRO K 991 -0.31 -71.56 195.28
CA PRO K 991 0.06 -71.47 196.70
C PRO K 991 1.55 -71.78 196.97
N GLY K 992 2.24 -72.51 196.09
CA GLY K 992 3.67 -72.79 196.23
C GLY K 992 4.62 -71.69 195.72
N THR K 993 4.14 -70.71 194.94
CA THR K 993 5.03 -69.73 194.25
C THR K 993 4.46 -68.32 194.03
N GLY K 994 3.16 -68.09 194.17
CA GLY K 994 2.51 -66.80 193.86
C GLY K 994 2.39 -66.48 192.35
N GLU K 995 2.84 -67.38 191.47
CA GLU K 995 2.51 -67.35 190.04
C GLU K 995 1.02 -67.58 189.81
N GLN K 996 0.56 -67.61 188.56
CA GLN K 996 -0.75 -68.21 188.25
C GLN K 996 -0.56 -69.57 187.59
N LYS K 997 -1.20 -70.58 188.18
CA LYS K 997 -1.34 -71.91 187.61
C LYS K 997 -2.79 -72.18 187.26
N VAL K 998 -2.98 -73.13 186.36
CA VAL K 998 -4.30 -73.43 185.79
C VAL K 998 -4.52 -74.93 185.87
N THR K 999 -5.23 -75.38 186.91
CA THR K 999 -5.61 -76.79 187.03
C THR K 999 -6.76 -77.06 186.06
N VAL K 1000 -6.47 -77.62 184.89
CA VAL K 1000 -7.51 -78.04 183.94
C VAL K 1000 -7.84 -79.50 184.19
N LYS K 1001 -8.95 -79.77 184.88
CA LYS K 1001 -9.57 -81.09 184.95
C LYS K 1001 -10.39 -81.31 183.69
N VAL K 1002 -9.85 -82.10 182.76
CA VAL K 1002 -10.60 -82.53 181.59
C VAL K 1002 -11.65 -83.54 182.06
N VAL K 1003 -12.91 -83.12 182.11
CA VAL K 1003 -13.98 -83.98 182.58
C VAL K 1003 -14.35 -84.96 181.48
N ALA K 1004 -14.78 -84.45 180.33
CA ALA K 1004 -15.28 -85.25 179.23
C ALA K 1004 -15.30 -84.47 177.92
N ALA K 1005 -15.39 -85.17 176.80
CA ALA K 1005 -15.93 -84.58 175.57
C ALA K 1005 -17.35 -85.12 175.28
N ASN K 1006 -18.04 -84.45 174.37
CA ASN K 1006 -19.39 -84.77 173.91
C ASN K 1006 -19.60 -84.38 172.43
N ASP K 1007 -20.55 -85.02 171.75
CA ASP K 1007 -20.93 -84.78 170.35
C ASP K 1007 -19.76 -84.86 169.34
N LEU K 1008 -18.72 -85.65 169.64
CA LEU K 1008 -17.52 -85.73 168.80
C LEU K 1008 -17.87 -86.26 167.39
N LYS K 1009 -17.75 -85.37 166.39
CA LYS K 1009 -17.92 -85.72 164.97
C LYS K 1009 -16.67 -86.44 164.45
N TRP K 1010 -16.46 -87.71 164.82
CA TRP K 1010 -15.25 -88.48 164.47
C TRP K 1010 -15.50 -89.98 164.25
N GLN K 1011 -16.52 -90.35 163.48
CA GLN K 1011 -16.89 -91.75 163.26
C GLN K 1011 -15.87 -92.46 162.33
N THR K 1012 -14.67 -92.73 162.86
CA THR K 1012 -13.50 -93.23 162.13
C THR K 1012 -13.55 -94.72 161.76
N SER K 1013 -12.79 -95.10 160.73
CA SER K 1013 -12.70 -96.47 160.16
C SER K 1013 -11.88 -97.44 161.01
N GLY K 1014 -10.77 -96.98 161.59
CA GLY K 1014 -10.08 -97.70 162.68
C GLY K 1014 -10.88 -97.64 163.97
N ILE K 1015 -10.42 -98.31 165.02
CA ILE K 1015 -11.01 -98.13 166.36
C ILE K 1015 -10.73 -96.69 166.82
N PHE K 1016 -11.79 -95.95 167.14
CA PHE K 1016 -11.66 -94.61 167.71
C PHE K 1016 -11.06 -94.70 169.12
N ARG K 1017 -10.06 -93.88 169.45
CA ARG K 1017 -9.41 -93.88 170.77
C ARG K 1017 -9.15 -92.44 171.25
N PRO K 1018 -10.19 -91.62 171.44
CA PRO K 1018 -10.00 -90.21 171.75
C PRO K 1018 -9.27 -89.99 173.07
N PHE K 1019 -8.44 -88.96 173.06
CA PHE K 1019 -7.82 -88.31 174.20
C PHE K 1019 -7.94 -86.80 173.99
N ILE K 1020 -7.76 -86.01 175.03
CA ILE K 1020 -7.88 -84.56 174.91
C ILE K 1020 -6.52 -83.95 175.18
N GLU K 1021 -6.02 -83.22 174.19
CA GLU K 1021 -4.96 -82.27 174.40
C GLU K 1021 -5.54 -80.95 174.94
N VAL K 1022 -4.80 -80.29 175.83
CA VAL K 1022 -5.07 -78.91 176.21
C VAL K 1022 -3.81 -78.10 175.98
N ASN K 1023 -3.95 -76.90 175.42
CA ASN K 1023 -2.87 -75.94 175.25
C ASN K 1023 -3.14 -74.65 176.03
N ILE K 1024 -2.09 -73.89 176.33
CA ILE K 1024 -2.18 -72.50 176.83
C ILE K 1024 -1.55 -71.54 175.82
N VAL K 1025 -2.22 -70.39 175.60
CA VAL K 1025 -1.75 -69.30 174.73
C VAL K 1025 -1.73 -67.98 175.50
N GLY K 1026 -0.70 -67.17 175.21
CA GLY K 1026 -0.42 -65.87 175.81
C GLY K 1026 1.06 -65.52 175.70
N PRO K 1027 1.47 -64.34 176.18
CA PRO K 1027 2.87 -63.92 176.19
C PRO K 1027 3.68 -64.71 177.22
N GLN K 1028 5.01 -64.72 177.06
CA GLN K 1028 5.97 -65.40 177.95
C GLN K 1028 5.64 -66.90 178.17
N LEU K 1029 5.52 -67.67 177.10
CA LEU K 1029 5.30 -69.13 177.13
C LEU K 1029 6.40 -69.95 176.40
N SER K 1030 7.55 -69.35 176.09
CA SER K 1030 8.69 -70.04 175.46
C SER K 1030 9.35 -71.09 176.37
N ASP K 1031 9.28 -70.89 177.68
CA ASP K 1031 9.92 -71.64 178.75
C ASP K 1031 8.97 -72.58 179.50
N LYS K 1032 7.67 -72.53 179.20
CA LYS K 1032 6.60 -73.20 179.95
C LYS K 1032 5.84 -74.19 179.10
N LYS K 1033 5.40 -75.28 179.73
CA LYS K 1033 4.70 -76.41 179.09
C LYS K 1033 3.39 -75.91 178.48
N ARG K 1034 3.43 -75.61 177.17
CA ARG K 1034 2.29 -75.09 176.43
C ARG K 1034 1.20 -76.12 176.16
N LYS K 1035 1.43 -77.40 176.43
CA LYS K 1035 0.57 -78.53 176.04
C LYS K 1035 0.49 -79.62 177.13
N PHE K 1036 -0.67 -80.26 177.27
CA PHE K 1036 -0.91 -81.51 178.02
C PHE K 1036 -1.80 -82.46 177.22
N ALA K 1037 -1.85 -83.74 177.56
CA ALA K 1037 -2.78 -84.70 176.96
C ALA K 1037 -3.26 -85.79 177.93
N THR K 1038 -4.53 -86.21 177.82
CA THR K 1038 -5.11 -87.27 178.67
C THR K 1038 -4.67 -88.67 178.22
N LYS K 1039 -4.96 -89.72 179.00
CA LYS K 1039 -5.05 -91.09 178.47
C LYS K 1039 -6.14 -91.13 177.39
N SER K 1040 -6.10 -92.16 176.54
CA SER K 1040 -7.14 -92.46 175.54
C SER K 1040 -8.32 -93.27 176.13
N LYS K 1041 -9.49 -93.21 175.50
CA LYS K 1041 -10.67 -94.06 175.77
C LYS K 1041 -11.14 -94.78 174.51
N ASN K 1042 -11.31 -96.09 174.56
CA ASN K 1042 -11.70 -96.86 173.37
C ASN K 1042 -13.16 -96.60 172.97
N ASN K 1043 -13.39 -96.48 171.66
CA ASN K 1043 -14.67 -96.57 170.98
C ASN K 1043 -15.77 -95.70 171.64
N SER K 1044 -15.50 -94.41 171.83
CA SER K 1044 -16.34 -93.56 172.68
C SER K 1044 -16.39 -92.10 172.23
N TRP K 1045 -17.50 -91.65 171.67
CA TRP K 1045 -17.71 -90.28 171.14
C TRP K 1045 -18.26 -89.27 172.16
N ALA K 1046 -18.56 -89.70 173.38
CA ALA K 1046 -18.68 -88.82 174.55
C ALA K 1046 -17.75 -89.29 175.70
N PRO K 1047 -16.42 -89.35 175.46
CA PRO K 1047 -15.47 -89.96 176.37
C PRO K 1047 -15.25 -89.09 177.62
N LYS K 1048 -15.29 -89.72 178.79
CA LYS K 1048 -14.86 -89.12 180.05
C LYS K 1048 -13.37 -89.34 180.29
N TYR K 1049 -12.75 -88.49 181.10
CA TYR K 1049 -11.33 -88.61 181.45
C TYR K 1049 -11.12 -88.38 182.94
N ASN K 1050 -11.64 -87.28 183.47
CA ASN K 1050 -11.42 -86.86 184.86
C ASN K 1050 -9.93 -86.74 185.20
N GLU K 1051 -9.13 -86.30 184.21
CA GLU K 1051 -7.68 -86.16 184.31
C GLU K 1051 -7.28 -84.69 184.44
N SER K 1052 -6.40 -84.39 185.40
CA SER K 1052 -6.06 -83.03 185.79
C SER K 1052 -4.66 -82.64 185.35
N PHE K 1053 -4.58 -81.55 184.57
CA PHE K 1053 -3.36 -80.90 184.10
C PHE K 1053 -3.07 -79.64 184.89
N GLN K 1054 -1.84 -79.13 184.84
CA GLN K 1054 -1.44 -77.92 185.56
C GLN K 1054 -0.50 -77.06 184.69
N PHE K 1055 -1.08 -76.16 183.90
CA PHE K 1055 -0.30 -75.12 183.20
C PHE K 1055 0.27 -74.11 184.17
N SER K 1056 1.36 -73.46 183.76
CA SER K 1056 1.87 -72.26 184.39
C SER K 1056 1.75 -71.08 183.44
N LEU K 1057 1.11 -69.99 183.88
CA LEU K 1057 1.12 -68.69 183.19
C LEU K 1057 2.42 -67.94 183.50
N SER K 1058 2.63 -66.75 182.93
CA SER K 1058 3.63 -65.84 183.51
C SER K 1058 3.15 -65.31 184.88
N ALA K 1059 4.08 -64.94 185.74
CA ALA K 1059 3.78 -64.12 186.91
C ALA K 1059 3.38 -62.67 186.52
N ASP K 1060 4.05 -62.09 185.52
CA ASP K 1060 3.89 -60.67 185.20
C ASP K 1060 2.61 -60.38 184.40
N ALA K 1061 2.35 -61.12 183.34
CA ALA K 1061 1.10 -61.02 182.59
C ALA K 1061 -0.08 -61.59 183.39
N GLY K 1062 -1.17 -60.83 183.47
CA GLY K 1062 -2.38 -61.26 184.16
C GLY K 1062 -3.14 -62.34 183.37
N PRO K 1063 -4.13 -63.00 183.97
CA PRO K 1063 -4.85 -64.10 183.33
C PRO K 1063 -5.62 -63.63 182.10
N GLU K 1064 -6.01 -62.36 182.01
CA GLU K 1064 -6.59 -61.77 180.81
C GLU K 1064 -5.61 -61.64 179.63
N CYS K 1065 -4.32 -61.82 179.86
CA CYS K 1065 -3.33 -62.01 178.79
C CYS K 1065 -3.29 -63.45 178.28
N TYR K 1066 -4.14 -64.35 178.81
CA TYR K 1066 -4.10 -65.76 178.51
C TYR K 1066 -5.45 -66.35 178.14
N GLU K 1067 -5.36 -67.49 177.48
CA GLU K 1067 -6.48 -68.29 177.04
C GLU K 1067 -6.00 -69.73 176.89
N LEU K 1068 -6.80 -70.70 177.36
CA LEU K 1068 -6.60 -72.08 177.00
C LEU K 1068 -7.10 -72.31 175.57
N GLN K 1069 -6.45 -73.22 174.86
CA GLN K 1069 -6.83 -73.66 173.53
C GLN K 1069 -6.89 -75.20 173.52
N VAL K 1070 -8.09 -75.72 173.83
CA VAL K 1070 -8.39 -77.14 173.99
C VAL K 1070 -8.49 -77.83 172.63
N CYS K 1071 -8.00 -79.08 172.52
CA CYS K 1071 -8.02 -79.83 171.27
C CYS K 1071 -8.19 -81.34 171.50
N VAL K 1072 -9.34 -81.89 171.07
CA VAL K 1072 -9.54 -83.34 171.14
C VAL K 1072 -8.77 -84.02 170.03
N LYS K 1073 -8.23 -85.22 170.29
CA LYS K 1073 -7.43 -85.99 169.34
C LYS K 1073 -7.70 -87.49 169.41
N ASP K 1074 -7.50 -88.20 168.30
CA ASP K 1074 -7.68 -89.66 168.20
C ASP K 1074 -6.33 -90.38 168.30
N TYR K 1075 -6.12 -91.24 169.31
CA TYR K 1075 -4.84 -91.92 169.54
C TYR K 1075 -4.62 -93.10 168.60
N CYS K 1076 -3.49 -93.12 167.90
CA CYS K 1076 -3.13 -94.21 167.00
C CYS K 1076 -1.64 -94.58 167.17
N PHE K 1077 -1.30 -95.42 168.15
CA PHE K 1077 0.08 -95.88 168.39
C PHE K 1077 0.67 -96.57 167.16
N ALA K 1078 1.99 -96.45 166.99
CA ALA K 1078 2.78 -96.78 165.79
C ALA K 1078 2.42 -95.99 164.51
N ARG K 1079 1.16 -95.59 164.35
CA ARG K 1079 0.68 -94.64 163.34
C ARG K 1079 0.86 -93.19 163.83
N GLU K 1080 -0.19 -92.37 163.72
CA GLU K 1080 -0.22 -90.94 164.02
C GLU K 1080 -1.55 -90.54 164.67
N ASP K 1081 -1.50 -89.66 165.68
CA ASP K 1081 -2.72 -89.14 166.31
C ASP K 1081 -3.36 -88.00 165.50
N ARG K 1082 -4.69 -87.79 165.61
CA ARG K 1082 -5.45 -86.90 164.69
C ARG K 1082 -6.34 -85.87 165.39
N THR K 1083 -6.30 -84.59 165.00
CA THR K 1083 -7.12 -83.50 165.59
C THR K 1083 -8.60 -83.64 165.25
N VAL K 1084 -9.41 -83.78 166.29
CA VAL K 1084 -10.87 -83.89 166.23
C VAL K 1084 -11.58 -82.53 166.35
N GLY K 1085 -10.99 -81.50 166.97
CA GLY K 1085 -11.56 -80.15 167.04
C GLY K 1085 -10.77 -79.23 167.96
N LEU K 1086 -11.06 -77.92 167.98
CA LEU K 1086 -10.35 -76.92 168.78
C LEU K 1086 -11.31 -75.94 169.49
N ALA K 1087 -11.12 -75.59 170.75
CA ALA K 1087 -11.90 -74.54 171.44
C ALA K 1087 -11.03 -73.59 172.25
N VAL K 1088 -11.36 -72.30 172.33
CA VAL K 1088 -10.62 -71.33 173.15
C VAL K 1088 -11.41 -70.94 174.38
N LEU K 1089 -10.79 -71.05 175.57
CA LEU K 1089 -11.33 -70.57 176.84
C LEU K 1089 -10.46 -69.43 177.34
N GLN K 1090 -11.01 -68.21 177.33
CA GLN K 1090 -10.32 -67.01 177.79
C GLN K 1090 -10.07 -67.07 179.31
N LEU K 1091 -8.83 -66.96 179.74
CA LEU K 1091 -8.54 -66.93 181.18
C LEU K 1091 -8.90 -65.61 181.86
N ARG K 1092 -9.27 -64.57 181.08
CA ARG K 1092 -9.99 -63.39 181.61
C ARG K 1092 -11.28 -63.76 182.35
N GLU K 1093 -12.00 -64.78 181.91
CA GLU K 1093 -13.21 -65.25 182.61
C GLU K 1093 -12.87 -65.88 183.96
N LEU K 1094 -11.89 -66.78 183.95
CA LEU K 1094 -11.42 -67.49 185.14
C LEU K 1094 -10.72 -66.56 186.14
N ALA K 1095 -10.19 -65.42 185.70
CA ALA K 1095 -9.76 -64.34 186.59
C ALA K 1095 -10.87 -63.89 187.55
N GLN K 1096 -12.10 -63.81 187.04
CA GLN K 1096 -13.29 -63.48 187.83
C GLN K 1096 -13.85 -64.70 188.53
N ARG K 1097 -14.06 -65.79 187.77
CA ARG K 1097 -14.76 -67.00 188.24
C ARG K 1097 -13.95 -67.77 189.29
N GLY K 1098 -12.63 -67.65 189.26
CA GLY K 1098 -11.66 -68.41 190.09
C GLY K 1098 -11.55 -69.87 189.67
N SER K 1099 -12.70 -70.53 189.48
CA SER K 1099 -12.81 -71.80 188.77
C SER K 1099 -14.08 -71.84 187.93
N ALA K 1100 -14.09 -72.68 186.88
CA ALA K 1100 -15.15 -72.75 185.91
C ALA K 1100 -15.30 -74.17 185.35
N ALA K 1101 -16.44 -74.79 185.62
CA ALA K 1101 -16.94 -75.90 184.83
C ALA K 1101 -17.63 -75.33 183.58
N CYS K 1102 -17.14 -75.66 182.39
CA CYS K 1102 -17.66 -75.10 181.14
C CYS K 1102 -17.66 -76.12 179.99
N TRP K 1103 -18.73 -76.12 179.19
CA TRP K 1103 -18.78 -76.78 177.88
C TRP K 1103 -18.20 -75.88 176.80
N LEU K 1104 -17.01 -76.22 176.33
CA LEU K 1104 -16.33 -75.50 175.26
C LEU K 1104 -16.72 -76.09 173.90
N PRO K 1105 -17.54 -75.41 173.07
CA PRO K 1105 -17.82 -75.87 171.71
C PRO K 1105 -16.52 -75.91 170.89
N LEU K 1106 -16.18 -77.10 170.38
CA LEU K 1106 -15.02 -77.28 169.51
C LEU K 1106 -15.33 -76.71 168.14
N GLY K 1107 -14.62 -75.69 167.71
CA GLY K 1107 -14.56 -75.28 166.31
C GLY K 1107 -13.61 -76.14 165.48
N ARG K 1108 -13.69 -75.95 164.16
CA ARG K 1108 -12.70 -76.45 163.19
C ARG K 1108 -11.50 -75.50 163.08
N ARG K 1109 -11.72 -74.19 163.27
CA ARG K 1109 -10.73 -73.10 163.33
C ARG K 1109 -11.11 -72.06 164.40
N ILE K 1110 -10.23 -71.09 164.64
CA ILE K 1110 -10.35 -70.02 165.65
C ILE K 1110 -10.47 -68.64 164.95
N HIS K 1111 -11.49 -67.85 165.30
CA HIS K 1111 -11.83 -66.59 164.59
C HIS K 1111 -10.94 -65.40 165.00
N MET K 1112 -10.69 -64.44 164.10
CA MET K 1112 -9.83 -63.26 164.37
C MET K 1112 -10.43 -61.95 163.88
N ASP K 1113 -9.91 -60.85 164.41
CA ASP K 1113 -10.15 -59.49 163.95
C ASP K 1113 -8.90 -58.88 163.29
N ASP K 1114 -9.05 -57.66 162.77
CA ASP K 1114 -8.01 -56.92 162.05
C ASP K 1114 -6.73 -56.69 162.88
N THR K 1115 -6.81 -56.73 164.20
CA THR K 1115 -5.71 -56.48 165.11
C THR K 1115 -5.06 -57.80 165.48
N GLY K 1116 -5.84 -58.87 165.58
CA GLY K 1116 -5.32 -60.21 165.51
C GLY K 1116 -4.53 -60.40 164.24
N LEU K 1117 -5.09 -59.99 163.10
CA LEU K 1117 -4.46 -60.08 161.80
C LEU K 1117 -3.29 -59.11 161.59
N THR K 1118 -3.34 -57.85 162.06
CA THR K 1118 -2.18 -56.92 162.01
C THR K 1118 -1.04 -57.50 162.83
N VAL K 1119 -1.33 -57.98 164.03
CA VAL K 1119 -0.32 -58.64 164.84
C VAL K 1119 0.20 -59.90 164.15
N LEU K 1120 -0.67 -60.76 163.62
CA LEU K 1120 -0.26 -61.99 162.93
C LEU K 1120 0.59 -61.67 161.69
N ARG K 1121 0.36 -60.55 160.98
CA ARG K 1121 1.23 -60.04 159.89
C ARG K 1121 2.60 -59.60 160.37
N ILE K 1122 2.71 -59.15 161.61
CA ILE K 1122 3.98 -58.70 162.22
C ILE K 1122 4.71 -59.88 162.88
N LEU K 1123 3.98 -60.82 163.45
CA LEU K 1123 4.53 -62.09 163.94
C LEU K 1123 4.92 -63.04 162.80
N SER K 1124 4.23 -63.01 161.68
CA SER K 1124 4.60 -63.75 160.49
C SER K 1124 5.89 -63.17 159.88
N GLN K 1125 6.15 -61.86 160.01
CA GLN K 1125 7.48 -61.29 159.74
C GLN K 1125 8.58 -61.83 160.62
N ARG K 1126 8.25 -62.21 161.84
CA ARG K 1126 9.18 -62.91 162.73
C ARG K 1126 9.13 -64.42 162.42
N SER K 1127 9.21 -64.76 161.13
CA SER K 1127 9.14 -66.13 160.58
C SER K 1127 10.20 -67.08 161.15
N ASN K 1128 11.29 -66.55 161.71
CA ASN K 1128 12.36 -67.33 162.34
C ASN K 1128 12.24 -67.46 163.87
N ASP K 1129 11.51 -66.55 164.53
CA ASP K 1129 11.32 -66.58 165.97
C ASP K 1129 10.44 -67.79 166.31
N GLU K 1130 10.93 -68.69 167.14
CA GLU K 1130 10.21 -69.93 167.45
C GLU K 1130 8.91 -69.71 168.21
N VAL K 1131 8.82 -68.66 169.03
CA VAL K 1131 7.57 -68.28 169.69
C VAL K 1131 6.61 -67.70 168.67
N ALA K 1132 7.08 -66.82 167.78
CA ALA K 1132 6.23 -66.24 166.74
C ALA K 1132 5.78 -67.30 165.72
N LYS K 1133 6.67 -68.19 165.29
CA LYS K 1133 6.31 -69.40 164.53
C LYS K 1133 5.25 -70.22 165.26
N GLU K 1134 5.48 -70.65 166.49
CA GLU K 1134 4.54 -71.52 167.21
C GLU K 1134 3.22 -70.80 167.51
N PHE K 1135 3.24 -69.48 167.70
CA PHE K 1135 2.02 -68.69 167.83
C PHE K 1135 1.25 -68.63 166.50
N VAL K 1136 1.91 -68.21 165.42
CA VAL K 1136 1.34 -68.11 164.07
C VAL K 1136 0.82 -69.49 163.62
N LYS K 1137 1.53 -70.56 163.96
CA LYS K 1137 1.10 -71.95 163.78
C LYS K 1137 -0.11 -72.29 164.66
N LEU K 1138 -0.03 -72.16 165.98
CA LEU K 1138 -1.12 -72.55 166.89
C LEU K 1138 -2.41 -71.75 166.64
N LYS K 1139 -2.34 -70.53 166.11
CA LYS K 1139 -3.52 -69.75 165.68
C LYS K 1139 -3.98 -70.01 164.26
N SER K 1140 -3.10 -70.47 163.39
CA SER K 1140 -3.49 -71.05 162.08
C SER K 1140 -3.73 -72.56 162.20
N ASP K 1141 -3.85 -73.10 163.41
CA ASP K 1141 -4.10 -74.52 163.68
C ASP K 1141 -5.58 -74.86 163.45
N THR K 1142 -5.87 -75.96 162.76
CA THR K 1142 -7.21 -76.33 162.33
C THR K 1142 -7.43 -77.85 162.35
N ARG K 1143 -8.69 -78.25 162.50
CA ARG K 1143 -9.14 -79.65 162.38
C ARG K 1143 -9.15 -80.10 160.91
N SER K 1144 -8.67 -81.31 160.62
CA SER K 1144 -8.96 -82.02 159.36
C SER K 1144 -10.44 -82.43 159.31
N ALA K 1145 -11.13 -82.15 158.20
CA ALA K 1145 -12.58 -82.36 158.10
C ALA K 1145 -13.00 -83.84 158.11
N GLU K 1146 -12.06 -84.76 157.86
CA GLU K 1146 -12.30 -86.20 157.82
C GLU K 1146 -12.87 -86.75 159.14
N GLU K 1147 -13.64 -87.84 159.05
CA GLU K 1147 -14.48 -88.38 160.13
C GLU K 1147 -15.63 -87.46 160.62
N GLY K 1148 -15.82 -86.25 160.06
CA GLY K 1148 -16.79 -85.27 160.56
C GLY K 1148 -17.16 -84.06 159.68
N GLY K 1149 -17.42 -84.26 158.38
CA GLY K 1149 -18.32 -83.40 157.61
C GLY K 1149 -17.83 -82.03 157.09
N ALA K 1150 -18.60 -80.97 157.37
CA ALA K 1150 -18.61 -79.68 156.67
C ALA K 1150 -17.36 -78.78 156.83
N ALA K 1151 -17.38 -77.63 156.16
CA ALA K 1151 -16.28 -76.65 156.13
C ALA K 1151 -16.23 -75.69 157.35
N PRO K 1152 -15.05 -75.15 157.72
CA PRO K 1152 -14.89 -74.04 158.66
C PRO K 1152 -15.45 -72.71 158.12
N ALA K 1153 -15.48 -71.68 158.97
CA ALA K 1153 -15.77 -70.29 158.60
C ALA K 1153 -14.89 -69.29 159.36
N PRO K 1154 -14.56 -68.12 158.77
CA PRO K 1154 -13.56 -67.19 159.27
C PRO K 1154 -13.86 -66.67 160.68
N GLU L 23 3.08 108.88 150.40
CA GLU L 23 2.03 109.79 149.85
C GLU L 23 2.47 110.52 148.59
N GLU L 24 3.54 111.31 148.62
CA GLU L 24 4.11 112.05 147.49
C GLU L 24 4.14 111.26 146.18
N LEU L 25 4.83 110.11 146.14
CA LEU L 25 4.86 109.22 144.97
C LEU L 25 3.47 108.74 144.58
N LYS L 26 2.62 108.33 145.53
CA LYS L 26 1.26 107.86 145.25
C LYS L 26 0.42 108.90 144.53
N ASN L 27 0.43 110.14 145.01
CA ASN L 27 -0.30 111.22 144.38
C ASN L 27 0.32 111.64 143.03
N HIS L 28 1.64 111.71 142.96
CA HIS L 28 2.39 111.92 141.71
C HIS L 28 2.02 110.86 140.66
N VAL L 29 2.00 109.60 141.04
CA VAL L 29 1.65 108.48 140.18
C VAL L 29 0.17 108.46 139.86
N TYR L 30 -0.72 108.79 140.80
CA TYR L 30 -2.14 108.98 140.51
C TYR L 30 -2.32 109.96 139.35
N LYS L 31 -1.75 111.15 139.49
CA LYS L 31 -1.77 112.21 138.48
C LYS L 31 -1.15 111.77 137.16
N LYS L 32 0.02 111.14 137.19
CA LYS L 32 0.68 110.64 135.97
C LYS L 32 -0.02 109.45 135.33
N THR L 33 -0.78 108.69 136.10
CA THR L 33 -1.62 107.60 135.58
C THR L 33 -2.86 108.18 134.93
N LEU L 34 -3.52 109.15 135.58
CA LEU L 34 -4.61 109.90 134.99
C LEU L 34 -4.19 110.56 133.68
N GLN L 35 -3.08 111.30 133.66
CA GLN L 35 -2.55 111.88 132.43
C GLN L 35 -2.17 110.81 131.41
N ALA L 36 -1.57 109.69 131.84
CA ALA L 36 -1.12 108.66 130.91
C ALA L 36 -2.25 108.00 130.13
N LEU L 37 -3.42 107.89 130.75
CA LEU L 37 -4.56 107.15 130.24
C LEU L 37 -5.73 108.01 129.78
N ILE L 38 -5.80 109.30 130.12
CA ILE L 38 -6.86 110.20 129.59
C ILE L 38 -6.65 110.42 128.09
N TYR L 39 -5.44 110.76 127.70
CA TYR L 39 -4.97 110.53 126.35
C TYR L 39 -4.04 109.31 126.42
N PRO L 40 -4.57 108.09 126.30
CA PRO L 40 -3.70 106.92 126.25
C PRO L 40 -2.74 107.08 125.07
N ILE L 41 -1.50 106.65 125.19
CA ILE L 41 -0.55 106.74 124.07
C ILE L 41 -1.04 105.96 122.84
N SER L 42 -1.96 105.02 123.02
CA SER L 42 -2.68 104.31 121.96
C SER L 42 -3.62 105.21 121.12
N CYS L 43 -3.79 106.49 121.41
CA CYS L 43 -4.42 107.46 120.51
C CYS L 43 -3.57 107.83 119.27
N THR L 44 -2.25 107.65 119.35
CA THR L 44 -1.27 108.31 118.46
C THR L 44 -1.04 107.61 117.11
N THR L 45 -0.54 108.37 116.13
CA THR L 45 -0.31 107.98 114.72
C THR L 45 1.15 108.20 114.31
N PRO L 46 1.78 107.36 113.46
CA PRO L 46 3.18 107.51 113.06
C PRO L 46 3.39 108.30 111.77
N HIS L 47 4.50 109.05 111.66
CA HIS L 47 4.83 109.84 110.48
C HIS L 47 5.47 108.98 109.38
N ASN L 48 4.76 108.79 108.28
CA ASN L 48 5.30 108.19 107.07
C ASN L 48 6.20 109.17 106.28
N PHE L 49 7.45 109.33 106.68
CA PHE L 49 8.42 110.17 105.96
C PHE L 49 9.00 109.55 104.68
N GLU L 50 8.92 110.28 103.58
CA GLU L 50 9.82 110.15 102.44
C GLU L 50 11.01 111.11 102.59
N VAL L 51 12.18 110.68 102.12
CA VAL L 51 13.27 111.61 101.81
C VAL L 51 12.81 112.53 100.69
N TRP L 52 12.98 113.83 100.86
CA TRP L 52 12.58 114.80 99.86
C TRP L 52 13.63 115.90 99.73
N THR L 53 14.08 116.12 98.50
CA THR L 53 14.99 117.22 98.16
C THR L 53 14.23 118.53 98.17
N ALA L 54 14.65 119.47 99.01
CA ALA L 54 14.27 120.87 98.89
C ALA L 54 14.99 121.49 97.67
N THR L 55 14.53 121.15 96.46
CA THR L 55 15.10 121.60 95.16
C THR L 55 15.07 123.13 94.98
N THR L 56 14.45 123.84 95.92
CA THR L 56 14.50 125.29 96.17
C THR L 56 14.70 125.55 97.68
N PRO L 57 15.31 126.69 98.10
CA PRO L 57 15.46 127.05 99.52
C PRO L 57 14.12 126.98 100.28
N THR L 58 14.04 126.16 101.32
CA THR L 58 12.82 125.82 102.06
C THR L 58 13.12 125.81 103.57
N TYR L 59 12.13 125.98 104.43
CA TYR L 59 12.34 126.12 105.88
C TYR L 59 11.54 125.09 106.67
N CYS L 60 12.25 124.40 107.57
CA CYS L 60 11.77 123.21 108.28
C CYS L 60 10.57 123.51 109.19
N TYR L 61 9.50 122.72 109.12
CA TYR L 61 8.30 122.95 109.95
C TYR L 61 8.52 122.70 111.45
N GLU L 62 9.67 122.12 111.84
CA GLU L 62 10.11 122.16 113.23
C GLU L 62 10.91 123.44 113.53
N CYS L 63 12.15 123.51 113.04
CA CYS L 63 13.13 124.51 113.45
C CYS L 63 13.11 125.82 112.64
N GLU L 64 12.34 125.89 111.57
CA GLU L 64 12.38 126.95 110.54
C GLU L 64 13.78 127.13 109.90
N GLY L 65 14.67 126.13 110.04
CA GLY L 65 16.02 126.12 109.49
C GLY L 65 16.07 125.72 108.01
N LEU L 66 17.12 126.15 107.30
CA LEU L 66 17.26 125.99 105.86
C LEU L 66 17.39 124.51 105.43
N LEU L 67 16.48 124.13 104.55
CA LEU L 67 16.51 122.96 103.68
C LEU L 67 16.83 123.47 102.29
N TRP L 68 17.85 122.91 101.63
CA TRP L 68 18.29 123.39 100.32
C TRP L 68 19.10 122.34 99.57
N GLY L 69 18.65 122.07 98.34
CA GLY L 69 19.29 121.18 97.39
C GLY L 69 19.46 119.77 97.94
N ILE L 70 20.41 119.06 97.34
CA ILE L 70 20.92 117.81 97.89
C ILE L 70 21.75 118.10 99.18
N ALA L 71 22.40 119.27 99.26
CA ALA L 71 23.27 119.66 100.37
C ALA L 71 22.58 119.63 101.75
N ARG L 72 21.32 120.07 101.80
CA ARG L 72 20.47 120.07 102.98
C ARG L 72 19.06 119.57 102.61
N GLN L 73 18.97 118.30 102.22
CA GLN L 73 17.68 117.60 102.02
C GLN L 73 16.78 117.65 103.27
N GLY L 74 15.48 117.47 103.07
CA GLY L 74 14.52 117.26 104.14
C GLY L 74 13.84 115.89 104.08
N MET L 75 12.90 115.72 105.00
CA MET L 75 11.92 114.66 104.99
C MET L 75 10.56 115.30 104.77
N ARG L 76 9.79 114.77 103.83
CA ARG L 76 8.40 115.12 103.62
C ARG L 76 7.60 113.92 104.09
N CYS L 77 6.79 114.07 105.13
CA CYS L 77 5.81 113.02 105.42
C CYS L 77 4.77 112.97 104.30
N THR L 78 4.15 111.83 104.07
CA THR L 78 2.92 111.75 103.28
C THR L 78 1.70 111.98 104.16
N GLU L 79 1.55 111.20 105.23
CA GLU L 79 0.39 111.17 106.10
C GLU L 79 0.25 112.49 106.85
N CYS L 80 1.25 112.88 107.64
CA CYS L 80 1.33 114.25 108.12
C CYS L 80 1.83 115.24 107.08
N GLY L 81 2.25 114.84 105.87
CA GLY L 81 2.65 115.78 104.80
C GLY L 81 3.94 116.59 105.04
N VAL L 82 4.42 116.55 106.29
CA VAL L 82 5.22 117.58 106.97
C VAL L 82 6.64 117.67 106.41
N LYS L 83 7.12 118.88 106.14
CA LYS L 83 8.43 119.14 105.51
C LYS L 83 9.41 119.62 106.55
N CYS L 84 10.52 118.91 106.73
CA CYS L 84 11.45 119.17 107.83
C CYS L 84 12.87 118.72 107.49
N HIS L 85 13.87 119.11 108.28
CA HIS L 85 15.17 118.44 108.23
C HIS L 85 14.98 116.95 108.50
N GLU L 86 15.90 116.12 108.03
CA GLU L 86 16.09 114.78 108.60
C GLU L 86 16.29 114.85 110.12
N LYS L 87 17.27 115.65 110.58
CA LYS L 87 17.48 115.85 112.03
C LYS L 87 16.26 116.43 112.76
N CYS L 88 15.28 116.99 112.03
CA CYS L 88 14.02 117.46 112.60
C CYS L 88 12.86 116.50 112.47
N GLN L 89 12.89 115.49 111.61
CA GLN L 89 11.70 114.67 111.37
C GLN L 89 11.22 113.93 112.61
N ASP L 90 12.11 113.76 113.59
CA ASP L 90 11.82 113.24 114.93
C ASP L 90 11.58 114.36 115.96
N LEU L 91 12.21 115.53 115.79
CA LEU L 91 11.97 116.71 116.63
C LEU L 91 10.59 117.32 116.38
N LEU L 92 9.98 117.03 115.23
CA LEU L 92 8.54 117.13 115.03
C LEU L 92 7.83 116.19 116.02
N ASN L 93 7.56 116.70 117.22
CA ASN L 93 7.27 115.88 118.39
C ASN L 93 5.90 115.17 118.37
N ALA L 94 4.83 115.86 117.94
CA ALA L 94 3.47 115.36 118.08
C ALA L 94 3.12 114.28 117.04
N ASP L 95 2.09 113.49 117.28
CA ASP L 95 1.74 112.35 116.44
C ASP L 95 1.35 112.76 115.00
N CYS L 96 1.19 111.79 114.11
CA CYS L 96 0.90 112.07 112.72
C CYS L 96 -0.47 112.72 112.51
N LEU L 97 -1.47 112.52 113.37
CA LEU L 97 -2.65 113.39 113.38
C LEU L 97 -2.22 114.84 113.63
N GLN L 98 -1.61 115.11 114.78
CA GLN L 98 -1.24 116.47 115.17
C GLN L 98 -0.30 117.12 114.15
N ARG L 99 0.76 116.43 113.70
CA ARG L 99 1.64 116.95 112.65
C ARG L 99 0.98 116.99 111.27
N ALA L 100 -0.04 116.20 110.95
CA ALA L 100 -0.84 116.46 109.75
C ALA L 100 -1.59 117.80 109.88
N ALA L 101 -2.11 118.09 111.08
CA ALA L 101 -2.65 119.39 111.41
C ALA L 101 -1.61 120.52 111.31
N GLU L 102 -0.45 120.40 111.93
CA GLU L 102 0.60 121.43 111.87
C GLU L 102 1.17 121.61 110.46
N LYS L 103 1.41 120.54 109.70
CA LYS L 103 1.69 120.64 108.25
C LYS L 103 0.61 121.41 107.52
N SER L 104 -0.66 121.08 107.78
CA SER L 104 -1.77 121.75 107.12
C SER L 104 -1.75 123.24 107.43
N SER L 105 -1.44 123.65 108.67
CA SER L 105 -1.26 125.07 108.99
C SER L 105 -0.07 125.73 108.28
N LYS L 106 1.02 124.98 108.02
CA LYS L 106 2.24 125.49 107.35
C LYS L 106 2.20 125.41 105.81
N HIS L 107 1.32 124.58 105.26
CA HIS L 107 0.88 124.64 103.85
C HIS L 107 -0.23 125.72 103.64
N GLY L 108 -1.18 125.88 104.56
CA GLY L 108 -2.17 126.98 104.55
C GLY L 108 -3.36 126.85 105.52
N ALA L 109 -3.99 125.68 105.63
CA ALA L 109 -5.17 125.43 106.47
C ALA L 109 -4.85 125.34 107.97
N GLU L 110 -4.91 126.46 108.68
CA GLU L 110 -4.77 126.51 110.15
C GLU L 110 -5.94 125.82 110.86
N ASP L 111 -7.13 125.84 110.28
CA ASP L 111 -8.36 125.31 110.87
C ASP L 111 -8.25 123.81 111.24
N ARG L 112 -7.45 123.06 110.48
CA ARG L 112 -7.08 121.67 110.75
C ARG L 112 -6.48 121.51 112.16
N THR L 113 -5.69 122.48 112.63
CA THR L 113 -5.12 122.47 113.98
C THR L 113 -6.22 122.49 115.05
N GLN L 114 -7.20 123.40 114.93
CA GLN L 114 -8.37 123.41 115.82
C GLN L 114 -9.18 122.12 115.71
N ASN L 115 -9.34 121.59 114.50
CA ASN L 115 -9.93 120.27 114.29
C ASN L 115 -9.19 119.18 115.09
N ILE L 116 -7.86 119.11 115.07
CA ILE L 116 -7.15 118.02 115.76
C ILE L 116 -6.96 118.31 117.25
N ILE L 117 -7.02 119.57 117.68
CA ILE L 117 -7.33 119.90 119.07
C ILE L 117 -8.70 119.32 119.46
N MET L 118 -9.71 119.45 118.60
CA MET L 118 -11.00 118.81 118.81
C MET L 118 -10.92 117.28 118.70
N VAL L 119 -10.03 116.69 117.89
CA VAL L 119 -9.73 115.25 117.95
C VAL L 119 -9.16 114.88 119.30
N LEU L 120 -8.22 115.66 119.83
CA LEU L 120 -7.65 115.44 121.16
C LEU L 120 -8.75 115.51 122.22
N LYS L 121 -9.61 116.53 122.20
CA LYS L 121 -10.79 116.61 123.07
C LYS L 121 -11.68 115.39 122.91
N ASP L 122 -12.10 115.09 121.69
CA ASP L 122 -13.02 113.99 121.39
C ASP L 122 -12.45 112.64 121.77
N ARG L 123 -11.16 112.40 121.52
CA ARG L 123 -10.43 111.22 122.00
C ARG L 123 -10.56 111.07 123.50
N MET L 124 -10.27 112.12 124.27
CA MET L 124 -10.38 112.11 125.73
C MET L 124 -11.84 111.96 126.21
N LYS L 125 -12.82 112.62 125.57
CA LYS L 125 -14.26 112.42 125.86
C LYS L 125 -14.72 111.00 125.60
N ILE L 126 -14.38 110.44 124.43
CA ILE L 126 -14.68 109.07 124.05
C ILE L 126 -14.02 108.12 125.05
N ARG L 127 -12.72 108.31 125.31
CA ARG L 127 -11.94 107.53 126.27
C ARG L 127 -12.62 107.46 127.65
N GLU L 128 -13.02 108.61 128.16
CA GLU L 128 -13.79 108.76 129.39
C GLU L 128 -15.14 108.07 129.33
N ARG L 129 -15.90 108.29 128.26
CA ARG L 129 -17.26 107.80 128.10
C ARG L 129 -17.30 106.28 127.86
N ASN L 130 -16.27 105.75 127.22
CA ASN L 130 -16.15 104.36 126.80
C ASN L 130 -15.42 103.52 127.84
N LYS L 131 -14.38 104.09 128.46
CA LYS L 131 -13.65 103.45 129.55
C LYS L 131 -13.66 104.25 130.85
N PRO L 132 -14.83 104.73 131.32
CA PRO L 132 -14.90 105.45 132.58
C PRO L 132 -14.31 104.63 133.73
N GLU L 133 -14.45 103.31 133.66
CA GLU L 133 -13.92 102.39 134.65
C GLU L 133 -12.40 102.45 134.78
N ILE L 134 -11.65 102.87 133.75
CA ILE L 134 -10.22 103.12 133.92
C ILE L 134 -10.03 104.24 134.95
N PHE L 135 -10.73 105.35 134.78
CA PHE L 135 -10.52 106.57 135.56
C PHE L 135 -11.07 106.45 136.98
N GLU L 136 -12.23 105.81 137.10
CA GLU L 136 -12.79 105.37 138.38
C GLU L 136 -11.83 104.43 139.11
N LEU L 137 -11.27 103.42 138.43
CA LEU L 137 -10.37 102.50 139.11
C LEU L 137 -9.12 103.22 139.61
N ILE L 138 -8.54 104.13 138.82
CA ILE L 138 -7.42 104.96 139.27
C ILE L 138 -7.84 105.79 140.49
N GLN L 139 -9.02 106.40 140.45
CA GLN L 139 -9.61 107.06 141.60
C GLN L 139 -9.72 106.14 142.81
N GLU L 140 -10.29 104.93 142.70
CA GLU L 140 -10.45 104.03 143.85
C GLU L 140 -9.12 103.46 144.36
N VAL L 141 -8.23 103.05 143.46
CA VAL L 141 -6.90 102.50 143.76
C VAL L 141 -6.05 103.51 144.50
N PHE L 142 -6.12 104.77 144.04
CA PHE L 142 -5.50 105.90 144.71
C PHE L 142 -6.43 106.54 145.75
N ALA L 143 -7.56 105.91 146.03
CA ALA L 143 -8.56 106.26 147.05
C ALA L 143 -9.09 107.70 146.99
N VAL L 144 -8.97 108.38 145.86
CA VAL L 144 -9.41 109.75 145.66
C VAL L 144 -10.94 109.81 145.63
N THR L 145 -11.58 110.94 145.91
CA THR L 145 -13.06 111.06 145.80
C THR L 145 -13.49 111.28 144.36
N LYS L 146 -14.77 111.09 144.03
CA LYS L 146 -15.29 111.29 142.66
C LYS L 146 -15.25 112.76 142.21
N SER L 147 -15.60 113.69 143.11
CA SER L 147 -15.50 115.13 142.86
C SER L 147 -14.04 115.56 142.72
N ALA L 148 -13.16 115.21 143.66
CA ALA L 148 -11.75 115.57 143.58
C ALA L 148 -11.06 114.89 142.39
N HIS L 149 -11.44 113.67 142.08
CA HIS L 149 -11.07 113.01 140.83
C HIS L 149 -11.54 113.83 139.62
N THR L 150 -12.77 114.34 139.60
CA THR L 150 -13.24 115.23 138.54
C THR L 150 -12.40 116.50 138.44
N GLN L 151 -11.94 117.06 139.55
CA GLN L 151 -11.11 118.27 139.52
C GLN L 151 -9.64 118.00 139.16
N GLN L 152 -9.02 116.91 139.61
CA GLN L 152 -7.71 116.49 139.09
C GLN L 152 -7.81 116.00 137.64
N MET L 153 -8.95 115.48 137.25
CA MET L 153 -9.22 115.13 135.87
C MET L 153 -9.36 116.38 135.02
N LYS L 154 -10.04 117.44 135.47
CA LYS L 154 -9.93 118.78 134.87
C LYS L 154 -8.46 119.17 134.75
N ALA L 155 -7.65 118.97 135.78
CA ALA L 155 -6.22 119.27 135.69
C ALA L 155 -5.48 118.44 134.61
N VAL L 156 -5.60 117.11 134.55
CA VAL L 156 -4.87 116.33 133.52
C VAL L 156 -5.51 116.40 132.13
N LYS L 157 -6.82 116.60 132.04
CA LYS L 157 -7.48 117.01 130.80
C LYS L 157 -6.82 118.29 130.35
N GLN L 158 -6.79 119.31 131.19
CA GLN L 158 -6.14 120.56 130.85
C GLN L 158 -4.67 120.35 130.53
N SER L 159 -3.95 119.46 131.21
CA SER L 159 -2.54 119.18 130.87
C SER L 159 -2.35 118.50 129.50
N VAL L 160 -3.42 118.07 128.83
CA VAL L 160 -3.41 117.61 127.43
C VAL L 160 -4.42 118.38 126.54
N LEU L 161 -5.24 119.29 127.07
CA LEU L 161 -6.34 119.98 126.40
C LEU L 161 -6.26 121.51 126.48
N ASP L 162 -5.77 122.07 127.58
CA ASP L 162 -5.09 123.37 127.51
C ASP L 162 -3.73 123.12 126.83
N GLY L 163 -2.96 122.15 127.34
CA GLY L 163 -1.71 121.62 126.78
C GLY L 163 -1.88 120.79 125.50
N THR L 164 -2.88 121.09 124.68
CA THR L 164 -3.20 120.38 123.42
C THR L 164 -2.27 120.71 122.25
N SER L 165 -1.57 121.85 122.30
CA SER L 165 -0.78 122.39 121.17
C SER L 165 0.12 123.57 121.59
N LYS L 166 0.63 123.58 122.83
CA LYS L 166 1.17 124.78 123.48
C LYS L 166 2.69 124.87 123.45
N TRP L 167 3.19 126.07 123.16
CA TRP L 167 4.56 126.53 123.44
C TRP L 167 4.47 127.92 124.10
N SER L 168 3.59 128.04 125.09
CA SER L 168 3.31 129.27 125.86
C SER L 168 4.27 129.39 127.05
N ALA L 169 5.57 129.42 126.75
CA ALA L 169 6.64 129.37 127.73
C ALA L 169 6.67 130.57 128.67
N LYS L 170 6.54 130.32 129.96
CA LYS L 170 7.16 131.20 130.95
C LYS L 170 8.68 131.03 130.81
N ILE L 171 9.40 132.14 130.95
CA ILE L 171 10.86 132.21 130.87
C ILE L 171 11.33 132.96 132.12
N SER L 172 12.44 132.55 132.73
CA SER L 172 12.95 133.11 133.98
C SER L 172 14.44 133.33 133.87
N ILE L 173 14.80 134.54 133.44
CA ILE L 173 16.13 134.97 133.04
C ILE L 173 16.85 135.55 134.24
N THR L 174 17.71 134.77 134.89
CA THR L 174 18.68 135.33 135.82
C THR L 174 19.88 135.88 135.07
N VAL L 175 19.98 137.20 135.02
CA VAL L 175 21.24 137.84 134.69
C VAL L 175 22.23 137.56 135.82
N VAL L 176 23.23 136.72 135.58
CA VAL L 176 24.15 136.28 136.63
C VAL L 176 25.30 137.24 136.81
N CYS L 177 26.13 137.44 135.80
CA CYS L 177 27.37 138.20 135.91
C CYS L 177 27.87 138.62 134.54
N ALA L 178 28.85 139.49 134.47
CA ALA L 178 29.61 139.75 133.25
C ALA L 178 31.12 139.79 133.55
N GLN L 179 31.92 139.68 132.49
CA GLN L 179 33.38 139.69 132.53
C GLN L 179 33.93 140.51 131.37
N GLY L 180 34.97 141.32 131.59
CA GLY L 180 35.67 142.05 130.53
C GLY L 180 34.89 143.21 129.89
N LEU L 181 33.90 143.78 130.59
CA LEU L 181 33.08 144.89 130.06
C LEU L 181 33.92 146.11 129.67
N GLN L 182 33.42 146.90 128.72
CA GLN L 182 34.05 148.19 128.38
C GLN L 182 33.83 149.19 129.50
N ALA L 183 34.82 150.03 129.80
CA ALA L 183 34.65 151.15 130.70
C ALA L 183 33.88 152.31 130.05
N LYS L 184 33.01 152.96 130.82
CA LYS L 184 32.21 154.14 130.41
C LYS L 184 31.91 155.12 131.57
N ASP L 185 32.34 154.84 132.80
CA ASP L 185 31.72 155.44 133.99
C ASP L 185 32.06 156.90 134.28
N LYS L 186 31.23 157.47 135.15
CA LYS L 186 31.56 158.56 136.05
C LYS L 186 32.73 158.17 137.00
N THR L 187 32.83 156.91 137.46
CA THR L 187 33.96 156.36 138.25
C THR L 187 35.25 156.07 137.46
N GLY L 188 35.21 156.13 136.12
CA GLY L 188 36.26 155.60 135.23
C GLY L 188 36.23 154.07 134.97
N SER L 189 35.40 153.30 135.68
CA SER L 189 35.19 151.87 135.41
C SER L 189 33.91 151.70 134.58
N SER L 190 32.88 151.00 135.09
CA SER L 190 31.46 151.21 134.77
C SER L 190 30.59 150.91 135.97
N ASP L 191 29.37 151.45 135.94
CA ASP L 191 28.26 151.07 136.79
C ASP L 191 27.32 150.16 135.98
N PRO L 192 27.73 148.95 135.57
CA PRO L 192 26.90 148.10 134.74
C PRO L 192 25.62 147.63 135.44
N TYR L 193 24.49 147.86 134.79
CA TYR L 193 23.28 147.09 134.93
C TYR L 193 22.91 146.46 133.59
N VAL L 194 21.80 145.72 133.55
CA VAL L 194 21.33 145.01 132.37
C VAL L 194 19.84 145.26 132.19
N THR L 195 19.36 145.47 130.97
CA THR L 195 17.96 145.24 130.64
C THR L 195 17.82 143.90 129.95
N VAL L 196 16.72 143.21 130.24
CA VAL L 196 16.27 142.05 129.49
C VAL L 196 14.94 142.39 128.83
N GLN L 197 14.74 141.91 127.60
CA GLN L 197 13.49 142.08 126.86
C GLN L 197 13.11 140.77 126.15
N VAL L 198 11.83 140.41 126.19
CA VAL L 198 11.26 139.27 125.46
C VAL L 198 9.92 139.72 124.86
N GLY L 199 9.72 139.55 123.55
CA GLY L 199 8.65 140.26 122.85
C GLY L 199 8.79 141.78 123.01
N LYS L 200 7.68 142.49 123.26
CA LYS L 200 7.68 143.93 123.58
C LYS L 200 8.14 144.21 125.04
N THR L 201 7.94 143.26 125.96
CA THR L 201 8.15 143.44 127.41
C THR L 201 9.63 143.61 127.77
N LYS L 202 9.95 144.59 128.62
CA LYS L 202 11.31 144.98 129.01
C LYS L 202 11.43 145.19 130.53
N LYS L 203 12.52 144.71 131.12
CA LYS L 203 12.84 144.74 132.57
C LYS L 203 14.33 145.02 132.77
N ARG L 204 14.77 145.37 133.98
CA ARG L 204 16.20 145.61 134.27
C ARG L 204 16.70 145.04 135.59
N THR L 205 17.98 144.64 135.61
CA THR L 205 18.75 144.48 136.84
C THR L 205 18.96 145.82 137.51
N LYS L 206 19.15 145.80 138.82
CA LYS L 206 19.86 146.86 139.53
C LYS L 206 21.31 146.91 139.05
N THR L 207 22.02 147.90 139.56
CA THR L 207 23.32 148.30 139.05
C THR L 207 24.41 147.77 139.95
N ILE L 208 25.43 147.15 139.37
CA ILE L 208 26.70 146.98 140.06
C ILE L 208 27.53 148.22 139.71
N TYR L 209 28.18 148.81 140.71
CA TYR L 209 28.85 150.11 140.59
C TYR L 209 30.37 149.95 140.53
N GLY L 210 31.04 150.71 139.67
CA GLY L 210 32.50 150.72 139.56
C GLY L 210 33.19 149.42 139.09
N ASN L 211 32.48 148.50 138.44
CA ASN L 211 32.95 147.15 138.13
C ASN L 211 32.85 146.83 136.62
N LEU L 212 33.87 146.16 136.05
CA LEU L 212 33.85 145.62 134.69
C LEU L 212 33.66 144.09 134.63
N ASN L 213 33.65 143.43 135.79
CA ASN L 213 33.34 142.01 135.99
C ASN L 213 32.16 141.85 137.00
N PRO L 214 31.01 142.52 136.80
CA PRO L 214 29.92 142.58 137.78
C PRO L 214 29.25 141.22 138.02
N VAL L 215 28.71 140.98 139.21
CA VAL L 215 27.77 139.88 139.49
C VAL L 215 26.43 140.47 139.93
N TRP L 216 25.36 140.21 139.18
CA TRP L 216 23.98 140.58 139.55
C TRP L 216 23.24 139.43 140.24
N GLU L 217 23.20 138.25 139.62
CA GLU L 217 22.31 137.14 139.99
C GLU L 217 20.82 137.56 140.07
N GLU L 218 20.35 138.41 139.16
CA GLU L 218 19.01 139.02 139.20
C GLU L 218 18.07 138.42 138.15
N ASN L 219 16.89 137.97 138.59
CA ASN L 219 15.97 137.20 137.76
C ASN L 219 14.77 138.00 137.25
N PHE L 220 14.49 137.82 135.96
CA PHE L 220 13.35 138.39 135.26
C PHE L 220 12.47 137.30 134.70
N HIS L 221 11.22 137.27 135.14
CA HIS L 221 10.22 136.46 134.50
C HIS L 221 9.68 137.14 133.24
N PHE L 222 9.42 136.36 132.21
CA PHE L 222 8.84 136.76 130.95
C PHE L 222 7.89 135.68 130.42
N GLU L 223 7.03 136.07 129.49
CA GLU L 223 6.18 135.17 128.73
C GLU L 223 6.56 135.22 127.25
N CYS L 224 6.74 134.04 126.67
CA CYS L 224 6.93 133.85 125.24
C CYS L 224 5.87 132.88 124.73
N HIS L 225 5.41 133.09 123.50
CA HIS L 225 4.33 132.31 122.89
C HIS L 225 4.75 131.74 121.51
N ASN L 226 6.06 131.75 121.23
CA ASN L 226 6.64 131.46 119.93
C ASN L 226 8.11 131.04 120.07
N SER L 227 8.44 129.80 119.71
CA SER L 227 9.82 129.30 119.71
C SER L 227 10.76 130.08 118.78
N SER L 228 10.23 130.78 117.77
CA SER L 228 10.98 131.69 116.91
C SER L 228 11.14 133.12 117.47
N ASP L 229 10.68 133.44 118.69
CA ASP L 229 11.02 134.71 119.35
C ASP L 229 12.52 134.82 119.67
N ARG L 230 12.96 136.02 120.03
CA ARG L 230 14.27 136.24 120.65
C ARG L 230 14.13 136.84 122.03
N ILE L 231 14.99 136.40 122.93
CA ILE L 231 15.41 137.19 124.09
C ILE L 231 16.41 138.25 123.61
N LYS L 232 16.32 139.48 124.10
CA LYS L 232 17.35 140.51 123.99
C LYS L 232 17.90 140.87 125.37
N VAL L 233 19.21 140.85 125.54
CA VAL L 233 19.87 141.20 126.81
C VAL L 233 20.92 142.27 126.57
N ARG L 234 20.86 143.38 127.30
CA ARG L 234 21.66 144.58 127.01
C ARG L 234 22.24 145.15 128.28
N VAL L 235 23.51 145.52 128.29
CA VAL L 235 24.26 145.95 129.46
C VAL L 235 24.46 147.47 129.34
N TRP L 236 24.27 148.21 130.43
CA TRP L 236 24.24 149.66 130.46
C TRP L 236 25.04 150.17 131.65
N ASP L 237 25.88 151.16 131.42
CA ASP L 237 26.53 151.90 132.49
C ASP L 237 25.54 152.92 133.08
N GLU L 238 25.17 152.79 134.36
CA GLU L 238 24.15 153.65 134.93
C GLU L 238 24.61 155.10 135.08
N ASP L 239 24.30 155.95 134.12
CA ASP L 239 24.54 157.39 134.20
C ASP L 239 23.33 158.10 134.82
N ASP L 240 23.50 158.60 136.05
CA ASP L 240 22.56 159.54 136.66
C ASP L 240 23.25 160.88 136.87
N ASP L 241 23.25 161.70 135.83
CA ASP L 241 23.93 163.00 135.76
C ASP L 241 23.20 163.95 134.79
N ILE L 242 23.59 165.22 134.73
CA ILE L 242 22.94 166.22 133.84
C ILE L 242 22.98 165.75 132.38
N LYS L 243 24.08 165.10 131.96
CA LYS L 243 24.18 164.48 130.63
C LYS L 243 23.10 163.43 130.39
N SER L 244 22.86 162.49 131.31
CA SER L 244 21.80 161.49 131.12
C SER L 244 20.41 162.13 131.15
N ARG L 245 20.16 163.11 132.03
CA ARG L 245 18.90 163.88 132.05
C ARG L 245 18.65 164.64 130.73
N VAL L 246 19.70 165.12 130.06
CA VAL L 246 19.61 165.67 128.70
C VAL L 246 19.40 164.56 127.66
N LYS L 247 20.21 163.49 127.67
CA LYS L 247 20.11 162.37 126.73
C LYS L 247 18.71 161.73 126.71
N GLN L 248 18.03 161.66 127.85
CA GLN L 248 16.65 161.14 127.97
C GLN L 248 15.62 161.86 127.09
N ARG L 249 15.94 163.07 126.59
CA ARG L 249 15.10 163.88 125.69
C ARG L 249 15.30 163.51 124.20
N PHE L 250 16.29 162.68 123.87
CA PHE L 250 16.73 162.37 122.50
C PHE L 250 17.03 160.88 122.21
N LYS L 251 17.48 160.09 123.20
CA LYS L 251 17.73 158.63 123.10
C LYS L 251 17.05 157.88 124.26
N ARG L 252 16.47 156.70 123.99
CA ARG L 252 15.81 155.83 124.99
C ARG L 252 16.74 155.20 126.03
N GLU L 253 18.03 155.08 125.72
CA GLU L 253 19.00 154.28 126.48
C GLU L 253 20.03 155.17 127.19
N SER L 254 19.57 155.92 128.20
CA SER L 254 20.29 157.02 128.88
C SER L 254 21.52 156.61 129.73
N ASP L 255 22.03 155.41 129.56
CA ASP L 255 22.90 154.71 130.49
C ASP L 255 23.96 153.96 129.68
N ASP L 256 25.15 154.56 129.52
CA ASP L 256 26.03 154.28 128.37
C ASP L 256 26.27 152.79 128.14
N PHE L 257 25.82 152.34 126.97
CA PHE L 257 25.69 150.93 126.66
C PHE L 257 27.04 150.20 126.60
N LEU L 258 27.08 149.06 127.27
CA LEU L 258 28.25 148.22 127.51
C LEU L 258 28.28 146.96 126.65
N GLY L 259 27.17 146.63 125.98
CA GLY L 259 27.07 145.54 125.03
C GLY L 259 25.80 144.70 125.16
N GLN L 260 25.48 143.86 124.19
CA GLN L 260 24.27 143.00 124.20
C GLN L 260 24.52 141.57 123.75
N THR L 261 23.60 140.66 124.08
CA THR L 261 23.44 139.36 123.42
C THR L 261 21.98 139.14 123.06
N ILE L 262 21.73 138.42 121.97
CA ILE L 262 20.39 138.11 121.47
C ILE L 262 20.31 136.60 121.22
N ILE L 263 19.24 135.96 121.71
CA ILE L 263 19.18 134.49 121.85
C ILE L 263 17.84 133.98 121.30
N GLU L 264 17.84 133.01 120.39
CA GLU L 264 16.59 132.43 119.87
C GLU L 264 15.89 131.56 120.91
N VAL L 265 14.58 131.70 121.05
CA VAL L 265 13.83 130.93 122.04
C VAL L 265 13.93 129.42 121.79
N ARG L 266 14.08 128.94 120.55
CA ARG L 266 14.31 127.51 120.27
C ARG L 266 15.68 126.97 120.67
N THR L 267 16.67 127.81 120.96
CA THR L 267 17.92 127.34 121.59
C THR L 267 17.70 127.04 123.07
N LEU L 268 16.63 127.58 123.66
CA LEU L 268 16.29 127.36 125.07
C LEU L 268 15.53 126.05 125.28
N SER L 269 15.66 125.51 126.49
CA SER L 269 14.86 124.42 127.04
C SER L 269 14.97 124.47 128.56
N GLY L 270 14.04 123.82 129.27
CA GLY L 270 14.18 123.48 130.70
C GLY L 270 14.81 124.56 131.58
N GLU L 271 16.08 124.37 131.91
CA GLU L 271 16.93 125.34 132.61
C GLU L 271 18.32 125.43 131.96
N MET L 272 18.91 126.62 131.93
CA MET L 272 20.20 126.92 131.31
C MET L 272 21.04 127.83 132.21
N ASP L 273 22.36 127.82 132.02
CA ASP L 273 23.34 128.70 132.68
C ASP L 273 24.58 128.86 131.80
N VAL L 274 24.62 129.94 131.03
CA VAL L 274 25.49 130.10 129.84
C VAL L 274 26.08 131.51 129.85
N TRP L 275 27.33 131.70 129.40
CA TRP L 275 27.85 133.04 129.11
C TRP L 275 28.13 133.31 127.64
N TYR L 276 27.72 134.51 127.23
CA TYR L 276 27.60 135.02 125.87
C TYR L 276 28.51 136.23 125.69
N ASN L 277 29.37 136.26 124.67
CA ASN L 277 30.10 137.48 124.34
C ASN L 277 29.15 138.62 123.92
N LEU L 278 29.53 139.86 124.22
CA LEU L 278 28.70 141.05 124.01
C LEU L 278 28.97 141.77 122.67
N ASP L 279 27.91 142.39 122.15
CA ASP L 279 27.80 143.02 120.84
C ASP L 279 27.33 144.48 120.90
N LYS L 280 27.61 145.28 119.87
CA LYS L 280 27.18 146.70 119.75
C LYS L 280 25.66 146.85 119.49
N ARG L 281 25.13 148.08 119.67
CA ARG L 281 23.76 148.48 119.29
C ARG L 281 23.67 149.94 118.86
N THR L 282 23.74 150.84 119.84
CA THR L 282 23.53 152.28 119.69
C THR L 282 24.71 152.99 119.03
N ASP L 283 24.50 154.24 118.61
CA ASP L 283 25.56 155.14 118.14
C ASP L 283 26.66 155.42 119.20
N LYS L 284 26.32 155.26 120.48
CA LYS L 284 27.21 155.43 121.65
C LYS L 284 28.05 154.18 122.02
N SER L 285 27.89 153.07 121.29
CA SER L 285 28.46 151.76 121.65
C SER L 285 29.99 151.71 121.54
N ALA L 286 30.67 151.36 122.63
CA ALA L 286 31.98 150.69 122.62
C ALA L 286 31.84 149.48 123.56
N VAL L 287 32.21 148.29 123.10
CA VAL L 287 31.77 147.02 123.68
C VAL L 287 32.93 146.04 123.80
N SER L 288 32.96 145.26 124.88
CA SER L 288 33.92 144.16 125.09
C SER L 288 33.37 143.17 126.13
N GLY L 289 33.93 141.97 126.19
CA GLY L 289 33.62 140.99 127.22
C GLY L 289 32.35 140.17 126.97
N ALA L 290 31.81 139.59 128.04
CA ALA L 290 30.71 138.62 128.01
C ALA L 290 29.76 138.73 129.21
N ILE L 291 28.53 138.26 129.05
CA ILE L 291 27.48 138.16 130.08
C ILE L 291 27.04 136.72 130.31
N ARG L 292 27.03 136.27 131.57
CA ARG L 292 26.45 135.01 132.02
C ARG L 292 24.98 135.19 132.38
N LEU L 293 24.15 134.38 131.75
CA LEU L 293 22.72 134.29 131.98
C LEU L 293 22.36 132.87 132.40
N HIS L 294 21.75 132.74 133.56
CA HIS L 294 20.87 131.63 133.83
C HIS L 294 19.50 131.92 133.18
N ILE L 295 18.90 130.94 132.53
CA ILE L 295 17.64 131.10 131.80
C ILE L 295 16.82 129.82 132.00
N SER L 296 15.75 129.89 132.78
CA SER L 296 14.76 128.82 132.85
C SER L 296 13.62 129.07 131.88
N VAL L 297 13.03 127.98 131.35
CA VAL L 297 11.96 127.98 130.37
C VAL L 297 10.95 126.88 130.70
N GLU L 298 9.77 127.30 131.16
CA GLU L 298 8.78 126.41 131.74
C GLU L 298 7.84 125.76 130.71
N ILE L 299 8.38 125.44 129.54
CA ILE L 299 7.89 124.33 128.71
C ILE L 299 8.19 122.99 129.43
N LYS L 300 9.18 123.02 130.34
CA LYS L 300 9.42 122.08 131.44
C LYS L 300 8.11 121.70 132.15
N GLY L 301 7.90 120.40 132.38
CA GLY L 301 6.72 119.85 133.03
C GLY L 301 7.08 118.95 134.22
N GLU L 302 6.52 117.75 134.27
CA GLU L 302 6.92 116.69 135.21
C GLU L 302 8.30 116.12 134.85
N GLU L 303 9.35 116.91 135.12
CA GLU L 303 10.71 116.39 135.16
C GLU L 303 10.97 115.65 136.49
N LYS L 304 10.12 115.88 137.49
CA LYS L 304 10.14 115.28 138.84
C LYS L 304 9.87 113.77 138.89
N VAL L 305 10.05 113.06 137.77
CA VAL L 305 9.73 111.64 137.65
C VAL L 305 10.46 110.88 138.73
N ALA L 306 9.75 110.09 139.53
CA ALA L 306 10.47 108.93 140.06
C ALA L 306 10.79 108.09 138.80
N PRO L 307 11.98 107.47 138.68
CA PRO L 307 12.36 106.70 137.49
C PRO L 307 11.21 105.76 137.22
N TYR L 308 10.72 105.72 135.99
CA TYR L 308 9.31 105.38 135.83
C TYR L 308 8.93 103.96 136.25
N HIS L 309 9.94 103.10 136.34
CA HIS L 309 10.05 101.94 137.23
C HIS L 309 9.31 102.11 138.55
N VAL L 310 9.78 103.01 139.40
CA VAL L 310 9.26 103.29 140.74
C VAL L 310 7.83 103.81 140.68
N GLN L 311 7.53 104.68 139.71
CA GLN L 311 6.17 105.15 139.53
C GLN L 311 5.21 104.00 139.15
N TYR L 312 5.66 103.13 138.28
CA TYR L 312 4.95 101.92 137.91
C TYR L 312 4.79 100.99 139.11
N THR L 313 5.82 100.85 139.94
CA THR L 313 5.74 100.02 141.14
C THR L 313 4.68 100.52 142.10
N CYS L 314 4.68 101.82 142.39
CA CYS L 314 3.67 102.47 143.21
C CYS L 314 2.28 102.22 142.67
N LEU L 315 2.10 102.45 141.37
CA LEU L 315 0.87 102.13 140.68
C LEU L 315 0.48 100.67 140.92
N HIS L 316 1.39 99.76 140.63
CA HIS L 316 1.17 98.32 140.71
C HIS L 316 0.85 97.83 142.12
N GLU L 317 1.53 98.31 143.14
CA GLU L 317 1.29 97.92 144.53
C GLU L 317 -0.08 98.39 145.01
N ASN L 318 -0.39 99.65 144.70
CA ASN L 318 -1.69 100.21 145.00
C ASN L 318 -2.77 99.43 144.27
N LEU L 319 -2.57 99.15 143.00
CA LEU L 319 -3.54 98.40 142.25
C LEU L 319 -3.68 96.99 142.82
N PHE L 320 -2.58 96.31 143.13
CA PHE L 320 -2.57 94.96 143.68
C PHE L 320 -3.32 94.86 145.00
N HIS L 321 -2.99 95.73 145.96
CA HIS L 321 -3.73 95.74 147.21
C HIS L 321 -5.20 96.03 146.91
N PHE L 322 -5.50 96.96 145.99
CA PHE L 322 -6.86 97.34 145.73
C PHE L 322 -7.64 96.16 145.18
N VAL L 323 -7.08 95.44 144.22
CA VAL L 323 -7.70 94.27 143.63
C VAL L 323 -7.83 93.18 144.69
N THR L 324 -6.72 92.72 145.23
CA THR L 324 -6.75 91.56 146.13
C THR L 324 -7.53 91.88 147.37
N ASP L 325 -7.16 92.95 148.05
CA ASP L 325 -7.73 93.32 149.32
C ASP L 325 -9.05 94.06 149.12
N VAL L 326 -9.08 95.17 148.39
CA VAL L 326 -10.30 96.00 148.40
C VAL L 326 -11.43 95.35 147.63
N GLN L 327 -11.18 94.92 146.40
CA GLN L 327 -12.21 94.30 145.57
C GLN L 327 -12.47 92.87 146.04
N ASN L 328 -11.40 92.12 146.32
CA ASN L 328 -11.48 90.68 146.54
C ASN L 328 -11.28 90.27 147.99
N ASN L 329 -11.30 91.22 148.92
CA ASN L 329 -11.35 90.95 150.35
C ASN L 329 -10.17 90.08 150.82
N GLY L 330 -9.02 90.31 150.22
CA GLY L 330 -7.75 89.62 150.42
C GLY L 330 -7.57 88.39 149.54
N VAL L 331 -8.64 87.87 148.95
CA VAL L 331 -8.54 86.78 147.99
C VAL L 331 -7.77 87.30 146.79
N VAL L 332 -6.79 86.53 146.35
CA VAL L 332 -6.12 86.82 145.09
C VAL L 332 -7.01 86.32 143.95
N LYS L 333 -7.75 87.21 143.28
CA LYS L 333 -8.27 86.92 141.93
C LYS L 333 -7.09 86.74 140.98
N ILE L 334 -6.91 85.55 140.42
CA ILE L 334 -5.89 85.30 139.39
C ILE L 334 -6.35 86.02 138.09
N PRO L 335 -5.50 86.80 137.40
CA PRO L 335 -5.90 87.82 136.40
C PRO L 335 -6.82 87.39 135.26
N ASP L 336 -7.34 88.35 134.51
CA ASP L 336 -7.76 88.09 133.11
C ASP L 336 -6.51 87.94 132.22
N ALA L 337 -5.72 86.92 132.54
CA ALA L 337 -4.41 86.62 132.02
C ALA L 337 -4.43 85.70 130.78
N LYS L 338 -3.37 85.76 129.95
CA LYS L 338 -3.27 85.01 128.69
C LYS L 338 -1.92 84.29 128.57
N GLY L 339 -1.94 83.00 128.25
CA GLY L 339 -0.77 82.12 128.15
C GLY L 339 0.01 81.93 129.46
N ASP L 340 1.20 81.34 129.36
CA ASP L 340 2.23 81.38 130.42
C ASP L 340 2.57 82.84 130.80
N ASP L 341 2.50 83.70 129.78
CA ASP L 341 2.44 85.16 129.81
C ASP L 341 1.30 85.76 130.66
N ALA L 342 0.56 84.93 131.39
CA ALA L 342 -0.09 85.32 132.64
C ALA L 342 0.91 86.04 133.54
N TRP L 343 2.17 85.62 133.49
CA TRP L 343 3.29 86.28 134.14
C TRP L 343 3.50 87.75 133.73
N LYS L 344 2.91 88.18 132.61
CA LYS L 344 2.87 89.57 132.09
C LYS L 344 1.48 90.20 132.12
N VAL L 345 0.45 89.42 132.38
CA VAL L 345 -0.89 89.96 132.56
C VAL L 345 -1.26 89.81 134.00
N TYR L 346 -1.00 90.87 134.71
CA TYR L 346 -1.15 90.94 136.14
C TYR L 346 -2.60 91.12 136.54
N TYR L 347 -3.44 91.66 135.65
CA TYR L 347 -4.80 92.03 135.98
C TYR L 347 -5.79 91.82 134.83
N ASP L 348 -7.05 92.04 135.18
CA ASP L 348 -8.16 92.35 134.29
C ASP L 348 -7.84 93.49 133.34
N GLU L 349 -8.51 93.54 132.19
CA GLU L 349 -8.31 94.53 131.13
C GLU L 349 -8.04 95.93 131.65
N THR L 350 -8.91 96.43 132.51
CA THR L 350 -8.90 97.85 132.87
C THR L 350 -7.60 98.18 133.59
N ALA L 351 -7.30 97.36 134.59
CA ALA L 351 -6.10 97.42 135.39
C ALA L 351 -4.84 97.07 134.58
N GLN L 352 -4.95 96.12 133.68
CA GLN L 352 -3.87 95.71 132.81
C GLN L 352 -3.50 96.83 131.85
N GLU L 353 -4.49 97.44 131.23
CA GLU L 353 -4.33 98.62 130.41
C GLU L 353 -3.81 99.81 131.20
N ILE L 354 -4.26 100.01 132.44
CA ILE L 354 -3.67 101.01 133.34
C ILE L 354 -2.15 100.80 133.43
N VAL L 355 -1.70 99.64 133.90
CA VAL L 355 -0.27 99.43 134.12
C VAL L 355 0.50 99.37 132.81
N ASP L 356 -0.11 98.87 131.74
CA ASP L 356 0.53 98.82 130.44
C ASP L 356 0.61 100.21 129.79
N GLU L 357 -0.43 101.04 129.75
CA GLU L 357 -0.33 102.42 129.24
C GLU L 357 0.73 103.21 130.01
N PHE L 358 0.87 102.95 131.30
CA PHE L 358 1.95 103.50 132.10
C PHE L 358 3.31 102.93 131.66
N ALA L 359 3.47 101.61 131.61
CA ALA L 359 4.69 100.95 131.13
C ALA L 359 4.98 101.18 129.64
N MET L 360 4.03 101.69 128.87
CA MET L 360 4.19 102.09 127.48
C MET L 360 4.60 103.54 127.39
N ARG L 361 3.74 104.46 127.86
CA ARG L 361 4.03 105.89 127.90
C ARG L 361 5.35 106.17 128.62
N TYR L 362 5.67 105.31 129.59
CA TYR L 362 6.87 105.40 130.40
C TYR L 362 7.77 104.16 130.37
N GLY L 363 7.66 103.36 129.31
CA GLY L 363 8.67 102.36 128.87
C GLY L 363 8.96 101.16 129.77
N VAL L 364 8.47 101.11 131.01
CA VAL L 364 8.85 100.14 132.04
C VAL L 364 8.87 98.69 131.54
N GLU L 365 10.02 98.03 131.66
CA GLU L 365 10.25 96.72 131.06
C GLU L 365 9.41 95.60 131.69
N SER L 366 8.97 94.66 130.87
CA SER L 366 8.10 93.55 131.25
C SER L 366 8.58 92.74 132.47
N ILE L 367 9.87 92.49 132.58
CA ILE L 367 10.45 91.79 133.74
C ILE L 367 10.33 92.60 135.03
N TYR L 368 10.50 93.92 134.97
CA TYR L 368 10.34 94.78 136.14
C TYR L 368 8.90 94.77 136.64
N GLN L 369 7.96 94.80 135.68
CA GLN L 369 6.53 94.64 135.96
C GLN L 369 6.23 93.30 136.65
N ALA L 370 6.81 92.20 136.16
CA ALA L 370 6.68 90.86 136.72
C ALA L 370 7.25 90.68 138.13
N MET L 371 8.48 91.13 138.39
CA MET L 371 9.09 91.01 139.71
C MET L 371 8.28 91.77 140.77
N THR L 372 7.77 92.94 140.39
CA THR L 372 6.83 93.73 141.19
C THR L 372 5.57 92.94 141.55
N HIS L 373 4.97 92.27 140.57
CA HIS L 373 3.84 91.38 140.80
C HIS L 373 4.17 90.16 141.66
N PHE L 374 5.34 89.55 141.50
CA PHE L 374 5.74 88.42 142.32
C PHE L 374 5.96 88.85 143.78
N ALA L 375 6.52 90.04 144.00
CA ALA L 375 6.61 90.66 145.33
C ALA L 375 5.23 90.83 145.95
N CYS L 376 4.29 91.41 145.21
CA CYS L 376 2.89 91.46 145.58
C CYS L 376 2.35 90.07 145.97
N LEU L 377 2.36 89.09 145.05
CA LEU L 377 1.81 87.74 145.27
C LEU L 377 2.38 87.06 146.52
N SER L 378 3.66 87.25 146.81
CA SER L 378 4.31 86.58 147.94
C SER L 378 3.65 86.92 149.28
N SER L 379 3.02 88.10 149.39
CA SER L 379 2.27 88.50 150.58
C SER L 379 0.96 87.73 150.76
N LYS L 380 0.59 86.88 149.80
CA LYS L 380 -0.68 86.13 149.72
C LYS L 380 -0.47 84.66 149.32
N TYR L 381 0.75 84.11 149.36
CA TYR L 381 1.13 82.88 148.63
C TYR L 381 0.26 81.65 148.97
N MET L 382 -0.33 81.64 150.17
CA MET L 382 -1.19 80.59 150.73
C MET L 382 -2.57 80.48 150.06
N CYS L 383 -3.02 81.51 149.33
CA CYS L 383 -4.31 81.48 148.63
C CYS L 383 -4.35 80.37 147.55
N PRO L 384 -5.51 79.74 147.30
CA PRO L 384 -5.58 78.59 146.40
C PRO L 384 -5.12 78.90 144.98
N GLY L 385 -4.40 77.97 144.33
CA GLY L 385 -3.84 78.16 142.99
C GLY L 385 -2.62 79.11 142.92
N VAL L 386 -2.45 80.04 143.85
CA VAL L 386 -1.32 80.99 143.85
C VAL L 386 0.04 80.28 143.76
N PRO L 387 0.30 79.10 144.34
CA PRO L 387 1.59 78.43 144.15
C PRO L 387 1.84 77.97 142.72
N ALA L 388 0.80 77.61 141.99
CA ALA L 388 0.93 77.34 140.57
C ALA L 388 1.28 78.63 139.82
N VAL L 389 0.59 79.74 140.12
CA VAL L 389 0.86 81.05 139.50
C VAL L 389 2.25 81.54 139.84
N MET L 390 2.69 81.42 141.08
CA MET L 390 4.03 81.82 141.47
C MET L 390 5.06 80.85 140.89
N SER L 391 4.78 79.55 140.78
CA SER L 391 5.68 78.62 140.08
C SER L 391 5.85 79.06 138.64
N THR L 392 4.76 79.45 138.00
CA THR L 392 4.71 79.97 136.64
C THR L 392 5.49 81.26 136.54
N LEU L 393 5.13 82.26 137.33
CA LEU L 393 5.74 83.57 137.33
C LEU L 393 7.23 83.47 137.61
N LEU L 394 7.64 82.60 138.52
CA LEU L 394 9.04 82.37 138.79
C LEU L 394 9.74 81.56 137.71
N ALA L 395 9.10 80.55 137.13
CA ALA L 395 9.67 79.88 135.97
C ALA L 395 9.95 80.88 134.85
N ASN L 396 9.09 81.88 134.68
CA ASN L 396 9.29 82.95 133.74
C ASN L 396 10.33 83.97 134.16
N ILE L 397 10.31 84.50 135.37
CA ILE L 397 11.34 85.42 135.87
C ILE L 397 12.72 84.73 135.82
N ASN L 398 12.76 83.44 136.15
CA ASN L 398 13.92 82.61 135.92
C ASN L 398 14.29 82.58 134.46
N ALA L 399 13.38 82.11 133.61
CA ALA L 399 13.65 81.99 132.18
C ALA L 399 14.08 83.32 131.57
N TYR L 400 13.57 84.41 132.10
CA TYR L 400 13.95 85.75 131.74
C TYR L 400 15.43 86.00 132.04
N TYR L 401 15.82 86.01 133.31
CA TYR L 401 17.20 86.33 133.66
C TYR L 401 18.20 85.24 133.28
N ALA L 402 17.77 83.99 133.26
CA ALA L 402 18.59 82.85 132.85
C ALA L 402 18.77 82.75 131.33
N HIS L 403 17.75 83.10 130.53
CA HIS L 403 17.77 82.81 129.08
C HIS L 403 17.40 84.01 128.20
N THR L 404 16.38 84.81 128.54
CA THR L 404 16.07 86.00 127.71
C THR L 404 17.22 86.99 127.81
N THR L 405 17.75 87.43 126.67
CA THR L 405 18.98 88.23 126.57
C THR L 405 20.21 87.59 127.22
N ALA L 406 20.22 86.26 127.44
CA ALA L 406 21.46 85.51 127.68
C ALA L 406 22.39 85.47 126.46
N SER L 407 21.92 85.99 125.32
CA SER L 407 22.75 86.48 124.21
C SER L 407 23.78 87.52 124.66
N THR L 408 23.45 88.35 125.66
CA THR L 408 24.44 89.15 126.39
C THR L 408 25.33 88.21 127.21
N ASN L 409 26.64 88.34 127.06
CA ASN L 409 27.62 87.45 127.70
C ASN L 409 27.66 87.61 129.23
N VAL L 410 27.03 88.66 129.76
CA VAL L 410 26.78 88.91 131.17
C VAL L 410 26.08 87.71 131.82
N SER L 411 26.48 87.34 133.03
CA SER L 411 25.90 86.17 133.72
C SER L 411 24.42 86.38 134.05
N ALA L 412 23.71 85.30 134.34
CA ALA L 412 22.33 85.40 134.75
C ALA L 412 22.21 86.17 136.06
N SER L 413 23.12 85.92 137.00
CA SER L 413 23.15 86.58 138.30
C SER L 413 23.47 88.06 138.19
N ASP L 414 24.22 88.45 137.15
CA ASP L 414 24.61 89.83 136.89
C ASP L 414 23.61 90.60 136.03
N ARG L 415 22.99 89.96 135.05
CA ARG L 415 21.85 90.52 134.33
C ARG L 415 20.70 90.76 135.31
N PHE L 416 20.52 89.79 136.20
CA PHE L 416 19.67 89.92 137.36
C PHE L 416 20.12 91.03 138.32
N ALA L 417 21.42 91.22 138.56
CA ALA L 417 21.90 92.39 139.28
C ALA L 417 21.53 93.71 138.60
N ALA L 418 21.72 93.80 137.29
CA ALA L 418 21.31 94.94 136.48
C ALA L 418 19.79 95.13 136.42
N SER L 419 19.01 94.24 137.03
CA SER L 419 17.60 94.46 137.24
C SER L 419 17.37 95.79 137.92
N ASN L 420 16.63 96.68 137.25
CA ASN L 420 16.21 97.94 137.85
C ASN L 420 15.30 97.70 139.08
N PHE L 421 14.70 96.52 139.22
CA PHE L 421 13.96 96.14 140.43
C PHE L 421 14.87 96.06 141.66
N GLY L 422 16.14 95.67 141.47
CA GLY L 422 17.05 95.36 142.55
C GLY L 422 17.09 93.86 142.81
N LYS L 423 18.15 93.22 142.34
CA LYS L 423 18.40 91.79 142.59
C LYS L 423 18.14 91.37 144.03
N GLU L 424 18.80 92.06 144.95
CA GLU L 424 18.78 91.80 146.39
C GLU L 424 17.36 91.72 146.93
N ARG L 425 16.57 92.77 146.70
CA ARG L 425 15.14 92.85 147.01
C ARG L 425 14.40 91.60 146.55
N PHE L 426 14.75 91.09 145.37
CA PHE L 426 14.14 89.88 144.83
C PHE L 426 14.68 88.60 145.50
N VAL L 427 15.98 88.51 145.75
CA VAL L 427 16.61 87.37 146.44
C VAL L 427 16.01 87.20 147.84
N LYS L 428 15.93 88.29 148.60
CA LYS L 428 15.31 88.30 149.93
C LYS L 428 13.90 87.71 149.88
N LEU L 429 13.10 88.25 148.97
CA LEU L 429 11.72 87.89 148.70
C LEU L 429 11.57 86.38 148.41
N LEU L 430 12.42 85.82 147.54
CA LEU L 430 12.46 84.39 147.27
C LEU L 430 12.81 83.59 148.52
N ASP L 431 13.80 84.01 149.29
CA ASP L 431 14.26 83.27 150.46
C ASP L 431 13.19 83.22 151.56
N GLN L 432 12.52 84.37 151.80
CA GLN L 432 11.39 84.44 152.72
C GLN L 432 10.29 83.50 152.29
N LEU L 433 9.93 83.56 151.01
CA LEU L 433 8.90 82.72 150.44
C LEU L 433 9.28 81.24 150.59
N HIS L 434 10.46 80.86 150.12
CA HIS L 434 11.01 79.50 150.21
C HIS L 434 10.93 78.98 151.63
N ASN L 435 11.41 79.77 152.58
CA ASN L 435 11.32 79.43 153.98
C ASN L 435 9.87 79.19 154.40
N SER L 436 8.97 80.09 154.03
CA SER L 436 7.55 79.93 154.31
C SER L 436 6.98 78.66 153.68
N LEU L 437 7.46 78.24 152.51
CA LEU L 437 7.11 76.96 151.91
C LEU L 437 7.65 75.80 152.76
N ARG L 438 8.97 75.77 153.01
CA ARG L 438 9.66 74.77 153.86
C ARG L 438 8.89 74.56 155.16
N ILE L 439 8.50 75.66 155.78
CA ILE L 439 7.71 75.68 156.99
C ILE L 439 6.42 74.90 156.78
N ASP L 440 5.61 75.32 155.81
CA ASP L 440 4.33 74.70 155.58
C ASP L 440 4.47 73.21 155.27
N LEU L 441 5.49 72.85 154.52
CA LEU L 441 5.84 71.47 154.19
C LEU L 441 6.27 70.67 155.41
N SER L 442 6.95 71.30 156.37
CA SER L 442 7.37 70.61 157.58
C SER L 442 6.20 70.11 158.40
N MET L 443 5.02 70.69 158.20
CA MET L 443 3.75 70.11 158.62
C MET L 443 2.81 69.93 157.45
N TYR L 444 3.30 69.26 156.41
CA TYR L 444 2.51 69.04 155.20
C TYR L 444 1.15 68.46 155.52
N ARG L 445 1.06 67.49 156.44
CA ARG L 445 -0.17 66.76 156.71
C ARG L 445 -1.24 67.72 157.24
N ASN L 446 -0.84 68.54 158.21
CA ASN L 446 -1.74 69.48 158.87
C ASN L 446 -2.07 70.66 157.95
N ASN L 447 -1.10 71.13 157.18
CA ASN L 447 -1.29 72.29 156.30
C ASN L 447 -2.00 71.96 154.98
N PHE L 448 -1.89 70.72 154.51
CA PHE L 448 -2.41 70.24 153.22
C PHE L 448 -3.03 68.87 153.38
N PRO L 449 -4.13 68.77 154.14
CA PRO L 449 -4.71 67.50 154.51
C PRO L 449 -5.14 66.71 153.28
N ALA L 450 -4.96 65.40 153.33
CA ALA L 450 -5.28 64.51 152.21
C ALA L 450 -6.75 64.62 151.80
N SER L 451 -7.61 64.86 152.78
CA SER L 451 -9.04 65.15 152.64
C SER L 451 -9.34 66.39 151.80
N SER L 452 -8.37 67.27 151.56
CA SER L 452 -8.47 68.33 150.57
C SER L 452 -7.55 68.03 149.39
N PRO L 453 -8.07 67.43 148.31
CA PRO L 453 -7.38 67.32 147.03
C PRO L 453 -6.89 68.67 146.52
N GLU L 454 -7.64 69.73 146.79
CA GLU L 454 -7.28 71.08 146.43
C GLU L 454 -6.02 71.52 147.14
N ARG L 455 -5.94 71.30 148.46
CA ARG L 455 -4.70 71.54 149.16
C ARG L 455 -3.63 70.52 148.82
N LEU L 456 -3.95 69.27 148.44
CA LEU L 456 -2.98 68.38 147.82
C LEU L 456 -2.47 68.95 146.48
N GLN L 457 -3.29 69.65 145.71
CA GLN L 457 -2.82 70.23 144.48
C GLN L 457 -2.01 71.49 144.74
N ASP L 458 -2.49 72.37 145.62
CA ASP L 458 -1.68 73.49 146.06
C ASP L 458 -0.36 72.99 146.60
N LEU L 459 -0.34 71.90 147.37
CA LEU L 459 0.85 71.20 147.85
C LEU L 459 1.72 70.78 146.65
N LYS L 460 1.15 70.10 145.65
CA LYS L 460 1.88 69.71 144.46
C LYS L 460 2.49 70.93 143.74
N SER L 461 1.68 71.94 143.45
CA SER L 461 2.10 73.23 142.90
C SER L 461 3.09 73.99 143.76
N THR L 462 3.07 73.78 145.08
CA THR L 462 4.03 74.34 146.02
C THR L 462 5.38 73.67 145.80
N VAL L 463 5.42 72.35 145.65
CA VAL L 463 6.69 71.66 145.40
C VAL L 463 7.18 71.97 143.98
N ASP L 464 6.27 72.16 143.03
CA ASP L 464 6.60 72.73 141.74
C ASP L 464 7.16 74.15 141.84
N LEU L 465 6.58 75.00 142.69
CA LEU L 465 7.18 76.29 143.01
C LEU L 465 8.55 76.13 143.68
N LEU L 466 8.73 75.20 144.62
CA LEU L 466 9.99 75.01 145.34
C LEU L 466 11.08 74.50 144.40
N THR L 467 10.74 73.60 143.46
CA THR L 467 11.64 73.26 142.35
C THR L 467 11.94 74.51 141.54
N SER L 468 10.94 75.34 141.19
CA SER L 468 11.14 76.60 140.48
C SER L 468 12.06 77.59 141.21
N ILE L 469 12.00 77.68 142.55
CA ILE L 469 12.93 78.50 143.37
C ILE L 469 14.33 77.87 143.38
N THR L 470 14.44 76.56 143.58
CA THR L 470 15.74 75.86 143.59
C THR L 470 16.46 76.08 142.25
N PHE L 471 15.70 75.97 141.18
CA PHE L 471 16.09 76.28 139.81
C PHE L 471 16.47 77.76 139.65
N PHE L 472 15.71 78.72 140.18
CA PHE L 472 16.17 80.12 140.22
C PHE L 472 17.50 80.32 140.93
N ARG L 473 17.70 79.70 142.09
CA ARG L 473 18.95 79.79 142.83
C ARG L 473 20.10 79.21 142.02
N MET L 474 19.87 78.06 141.42
CA MET L 474 20.82 77.36 140.57
C MET L 474 21.15 78.12 139.29
N LYS L 475 20.14 78.71 138.63
CA LYS L 475 20.23 79.26 137.27
C LYS L 475 20.41 80.75 137.23
N VAL L 476 19.64 81.50 138.02
CA VAL L 476 19.71 82.96 138.03
C VAL L 476 20.69 83.46 139.07
N GLN L 477 20.59 83.01 140.33
CA GLN L 477 21.64 83.36 141.29
C GLN L 477 22.95 82.61 141.02
N GLU L 478 22.89 81.56 140.19
CA GLU L 478 24.03 80.77 139.74
C GLU L 478 24.73 80.03 140.88
N LEU L 479 24.00 79.77 141.97
CA LEU L 479 24.47 79.02 143.11
C LEU L 479 24.78 77.58 142.71
N GLN L 480 25.84 77.00 143.28
CA GLN L 480 26.52 75.80 142.79
C GLN L 480 25.99 74.54 143.47
N SER L 481 25.74 74.67 144.78
CA SER L 481 25.10 73.65 145.61
C SER L 481 24.01 74.30 146.46
N PRO L 482 22.95 74.87 145.83
CA PRO L 482 21.74 75.25 146.55
C PRO L 482 21.13 74.00 147.24
N PRO L 483 20.28 74.18 148.26
CA PRO L 483 19.58 73.08 148.93
C PRO L 483 18.77 72.24 147.95
N ARG L 484 19.05 70.94 147.85
CA ARG L 484 18.39 70.07 146.85
C ARG L 484 16.91 69.89 147.22
N ALA L 485 16.02 70.17 146.28
CA ALA L 485 14.57 70.19 146.51
C ALA L 485 14.05 68.89 147.15
N SER L 486 14.52 67.71 146.71
CA SER L 486 14.14 66.43 147.35
C SER L 486 14.59 66.34 148.81
N GLN L 487 15.81 66.73 149.18
CA GLN L 487 16.28 66.64 150.56
C GLN L 487 15.57 67.65 151.47
N VAL L 488 15.40 68.88 150.98
CA VAL L 488 14.62 69.95 151.63
C VAL L 488 13.23 69.44 152.03
N VAL L 489 12.56 68.76 151.11
CA VAL L 489 11.24 68.19 151.33
C VAL L 489 11.32 66.96 152.24
N LYS L 490 12.31 66.08 152.07
CA LYS L 490 12.50 64.87 152.90
C LYS L 490 12.66 65.22 154.37
N ASP L 491 13.42 66.27 154.68
CA ASP L 491 13.47 66.85 156.01
C ASP L 491 12.08 67.25 156.51
N CYS L 492 11.33 67.99 155.70
CA CYS L 492 9.98 68.42 156.05
C CYS L 492 9.04 67.24 156.30
N VAL L 493 9.22 66.16 155.55
CA VAL L 493 8.40 64.96 155.68
C VAL L 493 8.77 64.22 156.95
N LYS L 494 10.06 63.98 157.15
CA LYS L 494 10.57 63.43 158.39
C LYS L 494 10.08 64.25 159.56
N ALA L 495 10.12 65.58 159.45
CA ALA L 495 9.60 66.48 160.44
C ALA L 495 8.11 66.18 160.69
N CYS L 496 7.30 66.26 159.65
CA CYS L 496 5.88 66.04 159.77
C CYS L 496 5.54 64.65 160.33
N LEU L 497 6.28 63.61 159.95
CA LEU L 497 6.18 62.25 160.46
C LEU L 497 6.56 62.14 161.92
N ASN L 498 7.64 62.77 162.35
CA ASN L 498 8.04 62.75 163.75
C ASN L 498 7.04 63.50 164.63
N SER L 499 6.53 64.65 164.18
CA SER L 499 5.44 65.37 164.85
C SER L 499 4.21 64.50 164.95
N THR L 500 3.91 63.79 163.88
CA THR L 500 2.87 62.77 163.90
C THR L 500 3.18 61.73 164.98
N TYR L 501 4.39 61.16 165.04
CA TYR L 501 4.70 60.07 165.96
C TYR L 501 4.62 60.51 167.41
N GLU L 502 5.28 61.61 167.75
CA GLU L 502 5.22 62.22 169.06
C GLU L 502 3.75 62.36 169.47
N TYR L 503 2.99 63.00 168.57
CA TYR L 503 1.61 63.26 168.86
C TYR L 503 0.84 61.96 169.07
N ILE L 504 1.04 60.94 168.23
CA ILE L 504 0.33 59.66 168.44
C ILE L 504 0.79 58.92 169.68
N PHE L 505 2.06 58.94 170.02
CA PHE L 505 2.58 58.20 171.16
C PHE L 505 2.14 58.81 172.49
N ASN L 506 1.94 60.13 172.48
CA ASN L 506 1.46 60.89 173.62
C ASN L 506 -0.06 60.93 173.71
N ASN L 507 -0.77 60.82 172.58
CA ASN L 507 -2.22 60.98 172.48
C ASN L 507 -2.92 59.75 171.89
N CYS L 508 -2.34 58.55 172.07
CA CYS L 508 -2.81 57.32 171.43
C CYS L 508 -4.29 57.12 171.66
N HIS L 509 -4.75 57.43 172.87
CA HIS L 509 -6.12 57.17 173.19
C HIS L 509 -7.10 58.13 172.56
N GLU L 510 -6.79 59.41 172.56
CA GLU L 510 -7.60 60.42 171.94
C GLU L 510 -7.70 60.18 170.44
N LEU L 511 -6.58 59.79 169.83
CA LEU L 511 -6.51 59.50 168.42
C LEU L 511 -7.18 58.19 168.05
N TYR L 512 -6.76 57.08 168.65
CA TYR L 512 -7.38 55.78 168.40
C TYR L 512 -8.84 55.76 168.79
N GLY L 513 -9.11 56.38 169.93
CA GLY L 513 -10.41 56.83 170.36
C GLY L 513 -11.23 57.31 169.19
N ARG L 514 -11.03 58.56 168.81
CA ARG L 514 -11.83 59.20 167.77
C ARG L 514 -11.77 58.51 166.40
N GLU L 515 -10.61 57.98 166.02
CA GLU L 515 -10.40 57.43 164.69
C GLU L 515 -10.97 56.00 164.50
N TYR L 516 -11.06 55.16 165.53
CA TYR L 516 -11.53 53.76 165.39
C TYR L 516 -12.24 53.10 166.57
N GLN L 517 -12.10 53.62 167.80
CA GLN L 517 -12.22 52.81 169.01
C GLN L 517 -13.52 52.01 169.12
N THR L 518 -13.37 50.71 169.37
CA THR L 518 -14.45 49.70 169.46
C THR L 518 -15.43 49.87 170.63
N ASP L 519 -15.41 51.03 171.32
CA ASP L 519 -16.37 51.45 172.35
C ASP L 519 -16.42 53.00 172.37
N PRO L 520 -17.57 53.64 172.10
CA PRO L 520 -17.66 55.10 172.02
C PRO L 520 -17.31 55.81 173.34
N ALA L 521 -17.50 55.17 174.49
CA ALA L 521 -17.11 55.73 175.80
C ALA L 521 -15.59 55.86 175.96
N LYS L 522 -14.82 55.22 175.07
CA LYS L 522 -13.35 55.22 175.08
C LYS L 522 -12.72 56.11 173.99
N LYS L 523 -13.51 56.99 173.33
CA LYS L 523 -12.99 57.96 172.34
C LYS L 523 -12.30 59.19 172.92
N GLY L 524 -12.66 59.56 174.16
CA GLY L 524 -12.21 60.80 174.80
C GLY L 524 -10.80 60.75 175.40
N GLU L 525 -10.47 61.74 176.23
CA GLU L 525 -9.21 61.86 176.97
C GLU L 525 -9.11 60.84 178.13
N VAL L 526 -9.01 59.57 177.75
CA VAL L 526 -8.56 58.48 178.62
C VAL L 526 -7.23 58.84 179.30
N PRO L 527 -6.95 58.37 180.53
CA PRO L 527 -5.79 58.82 181.30
C PRO L 527 -4.47 58.78 180.51
N PRO L 528 -3.53 59.72 180.73
CA PRO L 528 -2.26 59.74 180.03
C PRO L 528 -1.49 58.40 180.07
N GLU L 529 -1.60 57.64 181.17
CA GLU L 529 -1.08 56.27 181.32
C GLU L 529 -1.78 55.21 180.43
N GLU L 530 -2.63 55.67 179.50
CA GLU L 530 -3.41 54.90 178.55
C GLU L 530 -3.49 55.61 177.18
N GLN L 531 -2.94 56.82 177.08
CA GLN L 531 -2.64 57.59 175.85
C GLN L 531 -1.18 57.53 175.46
N GLY L 532 -0.36 57.26 176.47
CA GLY L 532 0.90 56.58 176.43
C GLY L 532 0.69 55.21 177.08
N PRO L 533 1.76 54.51 177.43
CA PRO L 533 1.69 53.10 177.81
C PRO L 533 0.96 52.79 179.13
N SER L 534 0.19 51.71 179.14
CA SER L 534 -0.38 51.09 180.36
C SER L 534 0.45 49.94 180.87
N ILE L 535 0.52 49.77 182.19
CA ILE L 535 0.97 48.52 182.79
C ILE L 535 -0.16 47.49 182.98
N LYS L 536 -1.42 47.93 182.97
CA LYS L 536 -2.59 47.07 183.26
C LYS L 536 -3.03 46.23 182.06
N ASN L 537 -2.85 46.76 180.85
CA ASN L 537 -3.41 46.20 179.62
C ASN L 537 -2.47 46.41 178.41
N LEU L 538 -2.73 45.66 177.34
CA LEU L 538 -1.99 45.74 176.08
C LEU L 538 -2.73 46.54 175.00
N ASP L 539 -3.82 47.19 175.38
CA ASP L 539 -4.78 47.72 174.44
C ASP L 539 -4.25 48.99 173.80
N PHE L 540 -3.63 49.87 174.59
CA PHE L 540 -2.83 50.99 174.07
C PHE L 540 -1.95 50.57 172.89
N TRP L 541 -1.32 49.40 172.98
CA TRP L 541 -0.43 48.90 171.94
C TRP L 541 -1.17 48.36 170.73
N SER L 542 -2.27 47.61 170.92
CA SER L 542 -3.12 47.24 169.78
C SER L 542 -3.65 48.48 169.05
N LYS L 543 -3.87 49.55 169.80
CA LYS L 543 -4.40 50.82 169.32
C LYS L 543 -3.35 51.62 168.57
N LEU L 544 -2.16 51.67 169.15
CA LEU L 544 -0.97 52.24 168.52
C LEU L 544 -0.64 51.51 167.21
N ILE L 545 -0.75 50.18 167.16
CA ILE L 545 -0.57 49.41 165.92
C ILE L 545 -1.51 49.93 164.82
N THR L 546 -2.78 50.11 165.12
CA THR L 546 -3.74 50.59 164.13
C THR L 546 -3.49 52.03 163.67
N LEU L 547 -3.09 52.91 164.59
CA LEU L 547 -2.68 54.27 164.25
C LEU L 547 -1.56 54.25 163.23
N ILE L 548 -0.53 53.46 163.50
CA ILE L 548 0.64 53.34 162.66
C ILE L 548 0.25 52.90 161.25
N VAL L 549 -0.53 51.83 161.15
CA VAL L 549 -1.09 51.33 159.89
C VAL L 549 -1.78 52.46 159.11
N SER L 550 -2.72 53.14 159.75
CA SER L 550 -3.51 54.21 159.15
C SER L 550 -2.66 55.32 158.54
N ILE L 551 -1.66 55.79 159.29
CA ILE L 551 -0.78 56.86 158.82
C ILE L 551 0.03 56.39 157.61
N ILE L 552 0.65 55.20 157.71
CA ILE L 552 1.48 54.70 156.62
C ILE L 552 0.63 54.56 155.36
N GLU L 553 -0.60 54.11 155.52
CA GLU L 553 -1.56 54.13 154.45
C GLU L 553 -1.77 55.52 153.87
N GLU L 554 -2.15 56.53 154.65
CA GLU L 554 -2.35 57.86 154.10
C GLU L 554 -1.13 58.39 153.34
N ASP L 555 0.06 58.12 153.87
CA ASP L 555 1.32 58.52 153.24
C ASP L 555 1.59 57.78 151.95
N LYS L 556 1.43 56.47 151.97
CA LYS L 556 1.53 55.62 150.80
C LYS L 556 0.51 56.02 149.74
N ASN L 557 -0.68 56.40 150.16
CA ASN L 557 -1.85 56.41 149.30
C ASN L 557 -2.20 57.81 148.82
N SER L 558 -2.18 58.81 149.68
CA SER L 558 -2.50 60.19 149.29
C SER L 558 -1.26 61.02 149.01
N TYR L 559 -0.24 60.90 149.85
CA TYR L 559 0.89 61.80 149.76
C TYR L 559 1.96 61.33 148.79
N THR L 560 2.28 60.04 148.73
CA THR L 560 3.25 59.54 147.76
C THR L 560 2.86 59.92 146.32
N PRO L 561 1.57 59.86 145.94
CA PRO L 561 1.13 60.38 144.64
C PRO L 561 1.12 61.90 144.54
N CYS L 562 0.65 62.61 145.57
CA CYS L 562 0.66 64.06 145.54
C CYS L 562 2.07 64.62 145.32
N LEU L 563 3.06 63.98 145.91
CA LEU L 563 4.46 64.41 145.98
C LEU L 563 5.41 63.56 145.14
N ASN L 564 4.96 63.25 143.95
CA ASN L 564 5.67 62.45 143.00
C ASN L 564 6.90 63.14 142.36
N GLN L 565 7.18 64.44 142.58
CA GLN L 565 8.22 65.18 141.83
C GLN L 565 9.61 64.57 141.92
N PHE L 566 9.89 63.85 143.00
CA PHE L 566 11.13 63.10 143.20
C PHE L 566 10.76 61.66 143.51
N PRO L 567 10.23 60.90 142.54
CA PRO L 567 9.62 59.61 142.83
C PRO L 567 10.66 58.60 143.30
N GLN L 568 11.83 58.63 142.67
CA GLN L 568 13.01 57.86 143.00
C GLN L 568 13.54 58.14 144.40
N GLU L 569 13.38 59.37 144.87
CA GLU L 569 13.92 59.84 146.13
C GLU L 569 12.89 59.92 147.26
N LEU L 570 11.60 59.92 146.95
CA LEU L 570 10.54 60.39 147.84
C LEU L 570 9.27 59.51 147.77
N ASN L 571 9.42 58.22 148.08
CA ASN L 571 8.29 57.36 148.44
C ASN L 571 7.79 57.69 149.86
N VAL L 572 6.77 58.55 149.97
CA VAL L 572 6.26 59.02 151.26
C VAL L 572 5.76 57.86 152.14
N GLY L 573 5.17 56.83 151.55
CA GLY L 573 4.74 55.62 152.25
C GLY L 573 5.87 54.85 152.92
N LYS L 574 7.01 54.66 152.26
CA LYS L 574 8.18 54.00 152.86
C LYS L 574 8.82 54.83 153.97
N ILE L 575 9.02 56.13 153.75
CA ILE L 575 9.62 57.03 154.76
C ILE L 575 8.74 57.01 156.01
N SER L 576 7.42 57.03 155.80
CA SER L 576 6.44 56.83 156.87
C SER L 576 6.67 55.51 157.61
N ALA L 577 6.61 54.35 156.94
CA ALA L 577 6.77 53.05 157.60
C ALA L 577 8.07 52.95 158.44
N GLU L 578 9.20 53.37 157.88
CA GLU L 578 10.48 53.35 158.59
C GLU L 578 10.44 54.24 159.85
N VAL L 579 10.10 55.53 159.67
CA VAL L 579 10.13 56.50 160.76
C VAL L 579 9.24 56.00 161.90
N MET L 580 8.01 55.64 161.56
CA MET L 580 7.02 55.25 162.55
C MET L 580 7.38 53.95 163.26
N TRP L 581 7.81 52.91 162.54
CA TRP L 581 8.25 51.66 163.18
C TRP L 581 9.41 51.91 164.14
N SER L 582 10.39 52.70 163.72
CA SER L 582 11.59 52.89 164.51
C SER L 582 11.21 53.43 165.89
N LEU L 583 10.44 54.51 165.85
CA LEU L 583 9.96 55.18 167.03
C LEU L 583 9.09 54.25 167.88
N PHE L 584 8.23 53.48 167.22
CA PHE L 584 7.43 52.46 167.88
C PHE L 584 8.26 51.39 168.59
N ALA L 585 9.23 50.80 167.91
CA ALA L 585 9.85 49.55 168.37
C ALA L 585 10.58 49.78 169.68
N GLN L 586 11.22 50.95 169.78
CA GLN L 586 11.82 51.40 171.02
C GLN L 586 10.79 51.38 172.15
N ASP L 587 9.67 52.02 171.90
CA ASP L 587 8.65 52.21 172.90
C ASP L 587 8.02 50.88 173.31
N MET L 588 7.72 50.04 172.33
CA MET L 588 7.21 48.70 172.55
C MET L 588 8.18 47.84 173.35
N LYS L 589 9.48 47.81 172.99
CA LYS L 589 10.42 47.01 173.74
C LYS L 589 10.38 47.38 175.23
N TYR L 590 10.43 48.68 175.56
CA TYR L 590 10.40 49.08 176.97
C TYR L 590 9.09 48.69 177.63
N ALA L 591 7.99 48.73 176.89
CA ALA L 591 6.71 48.32 177.40
C ALA L 591 6.67 46.87 177.80
N MET L 592 7.12 45.99 176.91
CA MET L 592 7.16 44.57 177.18
C MET L 592 8.06 44.27 178.39
N GLU L 593 9.20 44.93 178.49
CA GLU L 593 10.04 44.83 179.69
C GLU L 593 9.28 45.28 180.95
N GLU L 594 8.48 46.33 180.86
CA GLU L 594 7.74 46.83 182.01
C GLU L 594 6.63 45.88 182.45
N HIS L 595 5.81 45.40 181.50
CA HIS L 595 4.83 44.34 181.74
C HIS L 595 5.46 43.15 182.42
N ASP L 596 6.68 42.79 182.05
CA ASP L 596 7.32 41.61 182.57
C ASP L 596 7.57 41.68 184.08
N LYS L 597 7.75 42.88 184.62
CA LYS L 597 7.94 43.11 186.06
C LYS L 597 6.63 43.00 186.85
N HIS L 598 5.48 43.15 186.19
CA HIS L 598 4.18 43.31 186.86
C HIS L 598 3.20 42.18 186.56
N ARG L 599 3.17 41.70 185.31
CA ARG L 599 2.38 40.54 184.84
C ARG L 599 0.88 40.66 185.13
N LEU L 600 0.33 41.85 184.88
CA LEU L 600 -1.08 42.17 185.16
C LEU L 600 -2.01 41.64 184.06
N CYS L 601 -1.61 41.76 182.79
CA CYS L 601 -2.24 41.04 181.67
C CYS L 601 -1.89 39.54 181.74
N LYS L 602 -2.74 38.65 181.24
CA LYS L 602 -2.49 37.20 181.23
C LYS L 602 -1.43 36.86 180.18
N SER L 603 -0.70 35.75 180.36
CA SER L 603 0.23 35.18 179.37
C SER L 603 -0.34 35.31 177.95
N ALA L 604 -1.55 34.77 177.78
CA ALA L 604 -2.40 34.79 176.60
C ALA L 604 -2.48 36.15 175.89
N ASP L 605 -2.64 37.23 176.65
CA ASP L 605 -2.78 38.57 176.10
C ASP L 605 -1.48 38.96 175.38
N TYR L 606 -0.33 38.69 175.99
CA TYR L 606 0.95 38.91 175.34
C TYR L 606 1.14 38.00 174.14
N MET L 607 0.64 36.76 174.18
CA MET L 607 0.67 35.88 173.01
C MET L 607 -0.16 36.48 171.85
N ASN L 608 -1.36 36.99 172.15
CA ASN L 608 -2.20 37.67 171.17
C ASN L 608 -1.49 38.89 170.60
N LEU L 609 -0.92 39.71 171.48
CA LEU L 609 -0.13 40.86 171.09
C LEU L 609 1.05 40.43 170.22
N HIS L 610 1.72 39.35 170.56
CA HIS L 610 2.80 38.80 169.77
C HIS L 610 2.30 38.50 168.35
N PHE L 611 1.16 37.85 168.17
CA PHE L 611 0.67 37.60 166.81
C PHE L 611 0.39 38.89 166.04
N LYS L 612 -0.19 39.90 166.70
CA LYS L 612 -0.43 41.21 166.09
C LYS L 612 0.88 41.87 165.68
N VAL L 613 1.87 41.86 166.56
CA VAL L 613 3.17 42.48 166.31
C VAL L 613 3.93 41.74 165.24
N LYS L 614 3.93 40.42 165.32
CA LYS L 614 4.49 39.52 164.34
C LYS L 614 3.89 39.86 162.99
N TRP L 615 2.57 39.87 162.90
CA TRP L 615 1.90 40.33 161.70
C TRP L 615 2.38 41.71 161.27
N LEU L 616 2.39 42.72 162.15
CA LEU L 616 2.68 44.09 161.77
C LEU L 616 4.06 44.21 161.16
N TYR L 617 5.07 43.68 161.85
CA TYR L 617 6.44 43.71 161.37
C TYR L 617 6.52 43.01 160.02
N ASN L 618 5.96 41.80 159.97
CA ASN L 618 6.00 40.96 158.81
C ASN L 618 5.19 41.54 157.64
N GLU L 619 4.27 42.45 157.93
CA GLU L 619 3.62 43.28 156.93
C GLU L 619 4.56 44.45 156.57
N TYR L 620 4.55 45.51 157.35
CA TYR L 620 5.09 46.79 156.91
C TYR L 620 6.62 46.82 156.91
N VAL L 621 7.22 46.21 157.92
CA VAL L 621 8.58 46.58 158.34
C VAL L 621 9.61 45.69 157.70
N ALA L 622 9.36 44.39 157.70
CA ALA L 622 10.30 43.37 157.27
C ALA L 622 10.86 43.61 155.86
N GLU L 623 10.09 44.25 154.99
CA GLU L 623 10.48 44.48 153.59
C GLU L 623 11.24 45.79 153.37
N LEU L 624 11.20 46.72 154.31
CA LEU L 624 12.09 47.87 154.25
C LEU L 624 13.52 47.33 154.34
N PRO L 625 14.46 47.74 153.48
CA PRO L 625 15.80 47.15 153.40
C PRO L 625 16.46 47.05 154.77
N THR L 626 16.36 48.15 155.51
CA THR L 626 16.83 48.32 156.88
C THR L 626 16.48 47.16 157.81
N PHE L 627 15.34 46.50 157.63
CA PHE L 627 14.87 45.43 158.52
C PHE L 627 14.74 44.08 157.82
N LYS L 628 14.71 44.08 156.50
CA LYS L 628 15.01 42.88 155.72
C LYS L 628 16.44 42.40 155.98
N ASP L 629 17.35 43.35 156.22
CA ASP L 629 18.72 43.11 156.63
C ASP L 629 18.87 42.31 157.94
N ARG L 630 17.81 42.10 158.74
CA ARG L 630 17.91 41.62 160.14
C ARG L 630 16.97 40.50 160.53
N VAL L 631 17.47 39.62 161.42
CA VAL L 631 16.62 38.79 162.30
C VAL L 631 15.79 39.74 163.17
N PRO L 632 14.45 39.63 163.17
CA PRO L 632 13.62 40.53 163.93
C PRO L 632 13.88 40.41 165.43
N GLU L 633 14.00 41.55 166.09
CA GLU L 633 14.35 41.58 167.50
C GLU L 633 13.14 41.49 168.42
N TYR L 634 11.95 41.84 167.92
CA TYR L 634 10.71 41.77 168.68
C TYR L 634 10.45 40.48 169.47
N PRO L 635 10.90 39.28 169.05
CA PRO L 635 10.61 38.07 169.82
C PRO L 635 11.26 38.09 171.20
N ALA L 636 12.37 38.80 171.36
CA ALA L 636 13.00 38.99 172.66
C ALA L 636 12.05 39.68 173.64
N TRP L 637 11.14 40.50 173.15
CA TRP L 637 10.16 41.17 173.98
C TRP L 637 9.17 40.19 174.59
N PHE L 638 8.61 39.33 173.76
CA PHE L 638 7.55 38.40 174.16
C PHE L 638 8.07 37.18 174.90
N GLU L 639 9.31 36.82 174.69
CA GLU L 639 9.91 35.60 175.22
C GLU L 639 9.64 35.31 176.70
N PRO L 640 9.72 36.28 177.62
CA PRO L 640 9.42 36.02 179.01
C PRO L 640 7.97 35.60 179.23
N PHE L 641 7.05 36.18 178.47
CA PHE L 641 5.63 35.90 178.53
C PHE L 641 5.29 34.54 177.96
N VAL L 642 6.06 34.13 176.97
CA VAL L 642 6.03 32.77 176.44
C VAL L 642 6.57 31.79 177.46
N ILE L 643 7.64 32.14 178.14
CA ILE L 643 8.18 31.29 179.18
C ILE L 643 7.18 31.20 180.31
N GLN L 644 6.60 32.31 180.76
CA GLN L 644 5.50 32.30 181.72
C GLN L 644 4.39 31.38 181.26
N TRP L 645 3.99 31.52 180.01
CA TRP L 645 3.03 30.63 179.46
C TRP L 645 3.49 29.17 179.56
N LEU L 646 4.73 28.85 179.19
CA LEU L 646 5.32 27.51 179.30
C LEU L 646 5.30 27.01 180.74
N ASP L 647 5.38 27.92 181.69
CA ASP L 647 5.36 27.61 183.11
C ASP L 647 3.95 27.25 183.54
N GLU L 648 3.01 28.15 183.29
CA GLU L 648 1.60 27.90 183.53
C GLU L 648 1.22 26.57 182.90
N ASN L 649 1.63 26.40 181.66
CA ASN L 649 1.43 25.21 180.89
C ASN L 649 2.03 23.99 181.56
N GLU L 650 3.29 23.99 181.97
CA GLU L 650 3.85 22.81 182.59
C GLU L 650 3.09 22.43 183.86
N GLU L 651 2.76 23.41 184.69
CA GLU L 651 2.14 23.10 185.96
C GLU L 651 0.76 22.53 185.75
N VAL L 652 -0.04 23.19 184.91
CA VAL L 652 -1.29 22.63 184.40
C VAL L 652 -1.06 21.21 183.87
N SER L 653 -0.02 21.00 183.06
CA SER L 653 0.28 19.68 182.49
C SER L 653 0.63 18.66 183.56
N ARG L 654 1.23 19.05 184.67
CA ARG L 654 1.64 18.12 185.72
C ARG L 654 0.44 17.80 186.59
N ASP L 655 -0.41 18.77 186.84
CA ASP L 655 -1.70 18.53 187.47
C ASP L 655 -2.60 17.63 186.62
N PHE L 656 -2.68 17.92 185.32
CA PHE L 656 -3.34 17.09 184.33
C PHE L 656 -2.76 15.68 184.34
N LEU L 657 -1.44 15.53 184.36
CA LEU L 657 -0.74 14.24 184.36
C LEU L 657 -1.22 13.39 185.52
N HIS L 658 -1.26 13.97 186.70
CA HIS L 658 -1.72 13.26 187.88
C HIS L 658 -3.19 12.90 187.75
N GLY L 659 -4.04 13.84 187.31
CA GLY L 659 -5.42 13.53 187.00
C GLY L 659 -5.57 12.35 186.02
N ALA L 660 -4.85 12.37 184.91
CA ALA L 660 -4.93 11.36 183.86
C ALA L 660 -4.48 9.98 184.37
N LEU L 661 -3.33 9.93 185.05
CA LEU L 661 -2.84 8.73 185.71
C LEU L 661 -3.88 8.19 186.69
N GLU L 662 -4.50 9.07 187.46
CA GLU L 662 -5.44 8.67 188.47
C GLU L 662 -6.77 8.19 187.86
N ARG L 663 -7.25 8.81 186.78
CA ARG L 663 -8.41 8.34 186.03
C ARG L 663 -8.15 6.97 185.42
N ASP L 664 -6.96 6.78 184.89
CA ASP L 664 -6.53 5.50 184.34
C ASP L 664 -6.38 4.44 185.46
N LYS L 665 -5.82 4.83 186.61
CA LYS L 665 -5.75 4.00 187.82
C LYS L 665 -7.11 3.59 188.31
N LYS L 666 -8.06 4.51 188.27
CA LYS L 666 -9.45 4.23 188.62
C LYS L 666 -10.07 3.27 187.61
N ASP L 667 -9.74 3.43 186.34
CA ASP L 667 -9.97 2.41 185.33
C ASP L 667 -9.05 1.18 185.46
N GLY L 668 -8.42 0.93 186.60
CA GLY L 668 -7.56 -0.23 186.86
C GLY L 668 -6.41 -0.41 185.87
N PHE L 669 -6.02 0.65 185.14
CA PHE L 669 -5.11 0.64 184.01
C PHE L 669 -5.45 -0.38 182.93
N GLN L 670 -6.69 -0.41 182.42
CA GLN L 670 -6.96 -1.21 181.23
C GLN L 670 -6.10 -0.79 180.03
N GLN L 671 -5.71 -1.75 179.19
CA GLN L 671 -5.12 -1.42 177.91
C GLN L 671 -6.13 -0.71 177.03
N THR L 672 -5.66 0.27 176.27
CA THR L 672 -6.49 1.14 175.44
C THR L 672 -7.28 0.35 174.41
N SER L 673 -6.74 -0.79 173.99
CA SER L 673 -7.47 -1.94 173.49
C SER L 673 -6.58 -3.15 173.68
N GLU L 674 -7.11 -4.35 173.44
CA GLU L 674 -6.34 -5.58 173.60
C GLU L 674 -5.10 -5.70 172.69
N HIS L 675 -4.99 -4.79 171.72
CA HIS L 675 -3.87 -4.63 170.81
C HIS L 675 -3.20 -3.24 170.95
N ALA L 676 -3.86 -2.21 171.50
CA ALA L 676 -3.25 -0.96 171.96
C ALA L 676 -2.84 -1.13 173.43
N LEU L 677 -1.66 -1.71 173.62
CA LEU L 677 -1.24 -2.42 174.82
C LEU L 677 -0.97 -1.56 176.06
N PHE L 678 -0.79 -0.26 175.86
CA PHE L 678 -0.70 0.76 176.90
C PHE L 678 -2.10 1.23 177.29
N SER L 679 -2.24 1.87 178.44
CA SER L 679 -3.46 2.49 178.91
C SER L 679 -3.55 3.98 178.54
N CYS L 680 -4.77 4.51 178.65
CA CYS L 680 -5.19 5.75 178.00
C CYS L 680 -4.41 6.99 178.43
N SER L 681 -3.95 7.04 179.68
CA SER L 681 -3.21 8.17 180.21
C SER L 681 -2.00 8.51 179.34
N VAL L 682 -1.35 7.51 178.75
CA VAL L 682 -0.24 7.76 177.84
C VAL L 682 -0.65 8.66 176.69
N VAL L 683 -1.79 8.33 176.11
CA VAL L 683 -2.40 9.02 175.00
C VAL L 683 -2.76 10.44 175.40
N ASP L 684 -3.47 10.57 176.52
CA ASP L 684 -3.92 11.85 177.05
C ASP L 684 -2.75 12.79 177.23
N VAL L 685 -1.68 12.26 177.80
CA VAL L 685 -0.47 13.01 178.06
C VAL L 685 0.16 13.43 176.75
N PHE L 686 0.37 12.54 175.80
CA PHE L 686 0.90 12.98 174.54
C PHE L 686 -0.01 13.96 173.85
N SER L 687 -1.32 13.77 173.90
CA SER L 687 -2.27 14.75 173.40
C SER L 687 -2.04 16.10 174.03
N GLN L 688 -1.99 16.16 175.35
CA GLN L 688 -1.75 17.40 176.05
C GLN L 688 -0.44 18.05 175.61
N LEU L 689 0.62 17.26 175.63
CA LEU L 689 1.95 17.72 175.30
C LEU L 689 1.99 18.27 173.88
N ASN L 690 1.27 17.65 172.98
CA ASN L 690 1.18 18.14 171.63
C ASN L 690 0.34 19.42 171.57
N GLN L 691 -0.83 19.49 172.21
CA GLN L 691 -1.60 20.74 172.25
C GLN L 691 -0.71 21.89 172.72
N SER L 692 0.03 21.61 173.77
CA SER L 692 1.01 22.51 174.36
C SER L 692 2.10 22.88 173.38
N PHE L 693 2.78 21.90 172.80
CA PHE L 693 3.87 22.15 171.89
C PHE L 693 3.40 23.01 170.74
N GLU L 694 2.21 22.75 170.24
CA GLU L 694 1.70 23.47 169.11
C GLU L 694 1.42 24.92 169.43
N ILE L 695 0.97 25.22 170.65
CA ILE L 695 0.86 26.61 171.10
C ILE L 695 2.20 27.33 171.00
N ILE L 696 3.30 26.66 171.35
CA ILE L 696 4.64 27.21 171.13
C ILE L 696 4.88 27.35 169.63
N LYS L 697 4.67 26.26 168.90
CA LYS L 697 5.11 26.15 167.54
C LYS L 697 4.47 27.24 166.68
N LYS L 698 3.20 27.51 166.93
CA LYS L 698 2.37 28.60 166.38
C LYS L 698 2.93 30.02 166.53
N LEU L 699 3.98 30.21 167.30
CA LEU L 699 4.66 31.49 167.35
C LEU L 699 5.70 31.64 166.25
N GLU L 700 6.32 30.55 165.79
CA GLU L 700 7.39 30.51 164.78
C GLU L 700 8.43 31.62 164.97
N CYS L 701 8.92 31.77 166.20
CA CYS L 701 9.84 32.84 166.56
C CYS L 701 11.06 32.88 165.62
N PRO L 702 11.29 33.99 164.90
CA PRO L 702 12.38 34.08 163.92
C PRO L 702 13.77 34.19 164.57
N ASP L 703 13.86 34.37 165.89
CA ASP L 703 15.09 34.22 166.64
C ASP L 703 15.24 32.77 167.15
N PRO L 704 16.08 31.95 166.52
CA PRO L 704 16.17 30.53 166.85
C PRO L 704 16.81 30.26 168.20
N GLN L 705 17.45 31.23 168.83
CA GLN L 705 18.03 31.06 170.15
C GLN L 705 16.95 31.25 171.21
N ILE L 706 16.08 32.22 171.00
CA ILE L 706 14.86 32.39 171.78
C ILE L 706 13.97 31.15 171.60
N VAL L 707 13.86 30.63 170.38
CA VAL L 707 13.25 29.31 170.18
C VAL L 707 13.98 28.25 170.99
N GLY L 708 15.31 28.21 170.88
CA GLY L 708 16.10 27.23 171.61
C GLY L 708 15.80 27.30 173.09
N HIS L 709 15.59 28.49 173.63
CA HIS L 709 15.22 28.69 175.01
C HIS L 709 13.87 28.09 175.34
N TYR L 710 12.85 28.37 174.53
CA TYR L 710 11.56 27.70 174.68
C TYR L 710 11.74 26.19 174.66
N MET L 711 12.57 25.67 173.78
CA MET L 711 12.77 24.24 173.62
C MET L 711 13.53 23.64 174.80
N ARG L 712 14.49 24.37 175.35
CA ARG L 712 15.19 23.98 176.56
C ARG L 712 14.18 23.93 177.71
N ARG L 713 13.46 25.03 177.93
CA ARG L 713 12.36 25.18 178.88
C ARG L 713 11.38 24.02 178.76
N PHE L 714 10.94 23.72 177.57
CA PHE L 714 9.93 22.72 177.34
C PHE L 714 10.49 21.30 177.44
N ALA L 715 11.72 21.06 176.99
CA ALA L 715 12.34 19.76 177.13
C ALA L 715 12.46 19.37 178.59
N LYS L 716 12.65 20.37 179.44
CA LYS L 716 12.52 20.20 180.87
C LYS L 716 11.11 19.83 181.23
N THR L 717 10.10 20.62 180.83
CA THR L 717 8.70 20.28 181.05
C THR L 717 8.43 18.83 180.76
N ILE L 718 8.80 18.41 179.57
CA ILE L 718 8.64 17.07 179.05
C ILE L 718 9.36 16.09 179.96
N SER L 719 10.64 16.32 180.20
CA SER L 719 11.41 15.47 181.08
C SER L 719 10.74 15.29 182.41
N ASN L 720 10.32 16.40 183.01
CA ASN L 720 9.71 16.41 184.31
C ASN L 720 8.39 15.64 184.31
N VAL L 721 7.48 16.02 183.43
CA VAL L 721 6.20 15.35 183.24
C VAL L 721 6.40 13.86 183.04
N LEU L 722 7.30 13.48 182.15
CA LEU L 722 7.43 12.08 181.75
C LEU L 722 8.12 11.27 182.82
N LEU L 723 9.11 11.81 183.50
CA LEU L 723 9.72 11.09 184.58
C LEU L 723 8.74 10.97 185.72
N GLN L 724 7.95 12.00 185.97
CA GLN L 724 6.88 11.97 186.94
C GLN L 724 5.84 10.92 186.59
N TYR L 725 5.46 10.77 185.32
CA TYR L 725 4.66 9.63 184.90
C TYR L 725 5.37 8.32 185.22
N ALA L 726 6.58 8.16 184.69
CA ALA L 726 7.33 6.91 184.74
C ALA L 726 7.56 6.47 186.17
N ASP L 727 7.79 7.44 187.02
CA ASP L 727 7.85 7.32 188.44
C ASP L 727 6.51 6.88 189.03
N ILE L 728 5.43 7.63 188.79
CA ILE L 728 4.11 7.29 189.33
C ILE L 728 3.73 5.86 188.94
N VAL L 729 4.07 5.47 187.72
CA VAL L 729 4.03 4.08 187.29
C VAL L 729 4.94 3.20 188.13
N SER L 730 6.24 3.45 188.14
CA SER L 730 7.24 2.60 188.78
C SER L 730 6.91 2.34 190.24
N LYS L 731 6.32 3.34 190.90
CA LYS L 731 5.82 3.29 192.25
C LYS L 731 4.73 2.24 192.38
N ASP L 732 3.67 2.41 191.61
CA ASP L 732 2.52 1.50 191.66
C ASP L 732 2.87 0.10 191.15
N PHE L 733 3.90 0.01 190.32
CA PHE L 733 4.24 -1.16 189.53
C PHE L 733 4.31 -2.46 190.32
N ALA L 734 5.07 -2.46 191.41
CA ALA L 734 5.23 -3.63 192.27
C ALA L 734 3.90 -4.09 192.88
N SER L 735 3.04 -3.15 193.28
CA SER L 735 1.70 -3.49 193.80
C SER L 735 0.87 -4.22 192.76
N TYR L 736 1.10 -3.91 191.48
CA TYR L 736 0.46 -4.58 190.37
C TYR L 736 1.14 -5.89 189.98
N CYS L 737 2.40 -6.09 190.36
CA CYS L 737 3.16 -7.29 190.00
C CYS L 737 2.64 -8.59 190.60
N SER L 738 1.70 -8.53 191.52
CA SER L 738 1.09 -9.74 192.04
C SER L 738 0.45 -10.58 190.91
N LYS L 739 0.52 -11.91 191.04
CA LYS L 739 0.39 -12.93 189.97
C LYS L 739 -1.01 -13.10 189.33
N GLU L 740 -1.86 -12.09 189.41
CA GLU L 740 -3.29 -12.13 189.03
C GLU L 740 -3.71 -10.83 188.34
N LYS L 741 -3.20 -9.70 188.81
CA LYS L 741 -3.29 -8.42 188.08
C LYS L 741 -2.28 -8.34 186.93
N GLU L 742 -1.64 -9.44 186.53
CA GLU L 742 -0.53 -9.52 185.57
C GLU L 742 -0.72 -8.67 184.31
N LYS L 743 -1.96 -8.56 183.82
CA LYS L 743 -2.30 -7.62 182.74
C LYS L 743 -1.78 -6.21 183.00
N VAL L 744 -2.01 -5.70 184.21
CA VAL L 744 -1.66 -4.34 184.59
C VAL L 744 -0.16 -4.07 184.50
N PRO L 745 0.77 -4.82 185.12
CA PRO L 745 2.20 -4.58 184.92
C PRO L 745 2.64 -4.66 183.45
N CYS L 746 2.06 -5.57 182.66
CA CYS L 746 2.30 -5.58 181.23
C CYS L 746 1.95 -4.22 180.63
N ILE L 747 0.72 -3.76 180.86
CA ILE L 747 0.17 -2.51 180.36
C ILE L 747 1.00 -1.32 180.80
N LEU L 748 1.41 -1.27 182.06
CA LEU L 748 2.29 -0.24 182.59
C LEU L 748 3.66 -0.23 181.91
N MET L 749 4.27 -1.39 181.70
CA MET L 749 5.51 -1.46 180.92
C MET L 749 5.26 -1.02 179.46
N ASN L 750 4.12 -1.37 178.89
CA ASN L 750 3.72 -0.89 177.58
C ASN L 750 3.48 0.61 177.58
N ASN L 751 2.96 1.19 178.66
CA ASN L 751 2.81 2.63 178.79
C ASN L 751 4.16 3.26 178.67
N THR L 752 5.09 2.77 179.49
CA THR L 752 6.46 3.25 179.61
C THR L 752 7.13 3.22 178.25
N GLN L 753 7.09 2.06 177.61
CA GLN L 753 7.61 1.91 176.27
C GLN L 753 6.87 2.80 175.27
N GLN L 754 5.56 2.93 175.41
CA GLN L 754 4.80 3.82 174.57
C GLN L 754 5.18 5.28 174.80
N LEU L 755 5.52 5.68 176.02
CA LEU L 755 6.10 6.99 176.29
C LEU L 755 7.33 7.12 175.43
N ARG L 756 8.29 6.20 175.55
CA ARG L 756 9.55 6.29 174.80
C ARG L 756 9.24 6.46 173.32
N VAL L 757 8.37 5.60 172.80
CA VAL L 757 7.97 5.60 171.42
C VAL L 757 7.40 6.96 171.02
N GLN L 758 6.40 7.47 171.72
CA GLN L 758 5.85 8.78 171.38
C GLN L 758 6.80 9.93 171.68
N LEU L 759 7.69 9.76 172.64
CA LEU L 759 8.70 10.73 172.97
C LEU L 759 9.62 10.87 171.77
N GLU L 760 10.07 9.77 171.16
CA GLU L 760 10.84 9.84 169.92
C GLU L 760 10.08 10.67 168.89
N LYS L 761 8.77 10.41 168.73
CA LYS L 761 7.91 11.17 167.82
C LYS L 761 7.86 12.66 168.17
N MET L 762 7.60 12.99 169.42
CA MET L 762 7.52 14.39 169.87
C MET L 762 8.86 15.09 169.72
N PHE L 763 9.96 14.40 170.01
CA PHE L 763 11.30 14.89 169.80
C PHE L 763 11.48 15.22 168.31
N GLU L 764 11.09 14.32 167.41
CA GLU L 764 11.05 14.67 166.00
C GLU L 764 10.14 15.87 165.72
N ALA L 765 8.96 15.93 166.34
CA ALA L 765 8.00 17.01 166.15
C ALA L 765 8.59 18.35 166.56
N MET L 766 9.39 18.37 167.62
CA MET L 766 10.19 19.50 168.07
C MET L 766 11.37 19.80 167.14
N GLY L 767 11.45 19.15 165.99
CA GLY L 767 12.54 19.31 165.04
C GLY L 767 13.71 18.42 165.39
N GLY L 768 13.44 17.21 165.87
CA GLY L 768 14.36 16.08 165.92
C GLY L 768 15.83 16.41 166.12
N LYS L 769 16.68 15.99 165.18
CA LYS L 769 18.14 16.19 165.26
C LYS L 769 18.55 17.62 164.97
N GLU L 770 17.63 18.40 164.43
CA GLU L 770 17.75 19.85 164.25
C GLU L 770 17.58 20.62 165.57
N LEU L 771 17.03 19.97 166.61
CA LEU L 771 16.70 20.55 167.90
C LEU L 771 17.92 21.17 168.59
N ASP L 772 17.67 22.20 169.40
CA ASP L 772 18.64 22.75 170.34
C ASP L 772 19.37 21.64 171.10
N ALA L 773 20.69 21.71 171.12
CA ALA L 773 21.50 20.63 171.64
C ALA L 773 21.24 20.31 173.12
N GLU L 774 20.67 21.22 173.92
CA GLU L 774 20.45 21.04 175.35
C GLU L 774 19.03 20.62 175.67
N ALA L 775 18.06 21.12 174.92
CA ALA L 775 16.77 20.48 174.83
C ALA L 775 16.96 19.02 174.39
N SER L 776 17.75 18.80 173.34
CA SER L 776 18.10 17.47 172.86
C SER L 776 18.83 16.67 173.95
N GLY L 777 19.87 17.23 174.59
CA GLY L 777 20.54 16.61 175.74
C GLY L 777 19.54 16.14 176.79
N THR L 778 18.60 17.00 177.13
CA THR L 778 17.53 16.71 178.08
C THR L 778 16.68 15.53 177.64
N LEU L 779 16.19 15.57 176.42
CA LEU L 779 15.33 14.50 175.94
C LEU L 779 16.11 13.18 175.75
N LYS L 780 17.41 13.22 175.47
CA LYS L 780 18.26 12.03 175.41
C LYS L 780 18.45 11.42 176.78
N GLU L 781 18.82 12.26 177.74
CA GLU L 781 18.86 11.91 179.16
C GLU L 781 17.55 11.25 179.59
N LEU L 782 16.45 11.89 179.24
CA LEU L 782 15.12 11.44 179.60
C LEU L 782 14.88 10.04 179.05
N GLN L 783 15.11 9.85 177.76
CA GLN L 783 14.95 8.55 177.09
C GLN L 783 15.82 7.47 177.75
N VAL L 784 17.08 7.77 178.11
CA VAL L 784 17.96 6.82 178.81
C VAL L 784 17.36 6.42 180.16
N LYS L 785 16.87 7.39 180.92
CA LYS L 785 16.24 7.10 182.22
C LYS L 785 14.99 6.26 182.04
N LEU L 786 14.13 6.62 181.09
CA LEU L 786 12.93 5.84 180.77
C LEU L 786 13.30 4.40 180.38
N ASN L 787 14.39 4.20 179.64
CA ASN L 787 14.90 2.86 179.35
C ASN L 787 15.27 2.12 180.64
N ASN L 788 16.04 2.76 181.51
CA ASN L 788 16.52 2.12 182.72
C ASN L 788 15.34 1.81 183.65
N VAL L 789 14.37 2.71 183.76
CA VAL L 789 13.09 2.44 184.42
C VAL L 789 12.50 1.13 183.89
N LEU L 790 12.38 1.00 182.56
CA LEU L 790 11.74 -0.17 181.95
C LEU L 790 12.48 -1.48 182.25
N ASP L 791 13.81 -1.46 182.33
CA ASP L 791 14.56 -2.62 182.82
C ASP L 791 14.13 -2.99 184.23
N GLU L 792 14.07 -2.02 185.13
CA GLU L 792 13.77 -2.31 186.52
C GLU L 792 12.34 -2.80 186.68
N LEU L 793 11.39 -2.23 185.93
CA LEU L 793 10.04 -2.77 185.90
C LEU L 793 10.03 -4.20 185.38
N SER L 794 10.72 -4.52 184.27
CA SER L 794 10.76 -5.89 183.76
C SER L 794 11.31 -6.87 184.81
N HIS L 795 12.30 -6.42 185.56
CA HIS L 795 12.91 -7.19 186.61
C HIS L 795 11.94 -7.39 187.77
N VAL L 796 11.43 -6.31 188.33
CA VAL L 796 10.45 -6.32 189.41
C VAL L 796 9.27 -7.22 189.04
N PHE L 797 8.83 -7.14 187.80
CA PHE L 797 7.77 -7.99 187.31
C PHE L 797 8.16 -9.45 187.29
N ALA L 798 9.22 -9.81 186.57
CA ALA L 798 9.69 -11.19 186.48
C ALA L 798 9.93 -11.81 187.86
N THR L 799 10.40 -10.97 188.78
CA THR L 799 10.65 -11.35 190.16
C THR L 799 9.40 -11.80 190.91
N SER L 800 8.22 -11.20 190.70
CA SER L 800 7.04 -11.62 191.47
C SER L 800 6.58 -13.05 191.13
N PHE L 801 7.01 -13.58 189.99
CA PHE L 801 6.79 -14.97 189.60
C PHE L 801 7.83 -15.91 190.15
N GLN L 802 8.99 -15.40 190.54
CA GLN L 802 10.10 -16.18 191.05
C GLN L 802 9.69 -17.24 192.08
N PRO L 803 8.82 -16.95 193.06
CA PRO L 803 8.43 -17.97 194.04
C PRO L 803 7.70 -19.13 193.37
N HIS L 804 6.80 -18.79 192.46
CA HIS L 804 6.06 -19.77 191.70
C HIS L 804 7.00 -20.59 190.81
N ILE L 805 7.96 -19.92 190.19
CA ILE L 805 8.96 -20.55 189.35
C ILE L 805 9.78 -21.52 190.19
N GLU L 806 10.33 -21.07 191.30
CA GLU L 806 11.11 -21.89 192.22
C GLU L 806 10.34 -23.07 192.75
N GLU L 807 9.07 -22.84 193.11
CA GLU L 807 8.16 -23.87 193.53
C GLU L 807 8.00 -24.93 192.45
N CYS L 808 7.55 -24.51 191.26
CA CYS L 808 7.38 -25.39 190.12
C CYS L 808 8.68 -26.14 189.85
N VAL L 809 9.82 -25.46 189.79
CA VAL L 809 11.11 -26.07 189.50
C VAL L 809 11.46 -27.10 190.57
N ARG L 810 11.19 -26.82 191.84
CA ARG L 810 11.39 -27.81 192.88
C ARG L 810 10.50 -29.02 192.62
N GLN L 811 9.23 -28.85 192.25
CA GLN L 811 8.39 -29.99 191.88
C GLN L 811 8.96 -30.73 190.68
N MET L 812 9.45 -30.02 189.68
CA MET L 812 10.05 -30.66 188.52
C MET L 812 11.28 -31.47 188.96
N GLY L 813 12.06 -30.94 189.90
CA GLY L 813 13.18 -31.64 190.52
C GLY L 813 12.72 -32.88 191.29
N ASP L 814 11.62 -32.75 192.03
CA ASP L 814 10.99 -33.88 192.69
C ASP L 814 10.56 -34.95 191.68
N ILE L 815 9.90 -34.54 190.60
CA ILE L 815 9.47 -35.45 189.54
C ILE L 815 10.68 -36.08 188.85
N LEU L 816 11.75 -35.34 188.61
CA LEU L 816 12.97 -35.87 188.00
C LEU L 816 13.61 -36.91 188.91
N SER L 817 13.58 -36.75 190.23
CA SER L 817 14.22 -37.72 191.15
C SER L 817 13.62 -39.13 191.07
N GLN L 818 12.48 -39.30 190.42
CA GLN L 818 11.87 -40.60 190.14
C GLN L 818 12.56 -41.28 188.94
N VAL L 819 12.99 -40.48 187.97
CA VAL L 819 13.95 -40.86 186.93
C VAL L 819 15.32 -41.03 187.57
N LYS L 820 16.04 -42.10 187.23
CA LYS L 820 17.46 -42.22 187.59
C LYS L 820 18.27 -42.61 186.36
N GLY L 821 19.44 -43.22 186.49
CA GLY L 821 20.23 -43.60 185.34
C GLY L 821 19.68 -44.82 184.65
N THR L 822 18.65 -44.66 183.81
CA THR L 822 17.71 -45.78 183.54
C THR L 822 18.15 -46.79 182.49
N GLY L 823 19.41 -46.78 182.07
CA GLY L 823 20.04 -48.02 181.61
C GLY L 823 20.24 -49.03 182.75
N ASN L 824 20.22 -48.57 184.01
CA ASN L 824 20.30 -49.35 185.24
C ASN L 824 18.98 -49.33 186.07
N VAL L 825 17.79 -49.09 185.44
CA VAL L 825 16.47 -48.97 186.12
C VAL L 825 15.29 -49.49 185.25
N PRO L 826 14.18 -50.02 185.83
CA PRO L 826 12.98 -50.48 185.10
C PRO L 826 12.24 -49.43 184.25
N ALA L 827 11.40 -49.92 183.32
CA ALA L 827 10.69 -49.19 182.25
C ALA L 827 9.69 -48.10 182.66
N SER L 828 9.36 -47.93 183.95
CA SER L 828 8.59 -46.77 184.43
C SER L 828 9.44 -45.51 184.63
N ALA L 829 10.75 -45.68 184.78
CA ALA L 829 11.74 -44.61 184.80
C ALA L 829 12.72 -44.73 183.62
N CYS L 830 12.91 -45.91 183.02
CA CYS L 830 13.30 -46.03 181.60
C CYS L 830 12.09 -45.82 180.65
N SER L 831 11.01 -45.25 181.22
CA SER L 831 10.01 -44.43 180.55
C SER L 831 10.72 -43.51 179.57
N SER L 832 10.14 -43.25 178.39
CA SER L 832 10.89 -42.56 177.35
C SER L 832 11.41 -41.22 177.84
N VAL L 833 12.50 -40.78 177.23
CA VAL L 833 13.11 -39.49 177.53
C VAL L 833 12.07 -38.36 177.46
N ALA L 834 11.14 -38.46 176.51
CA ALA L 834 10.00 -37.55 176.34
C ALA L 834 8.97 -37.65 177.48
N GLN L 835 8.49 -38.84 177.84
CA GLN L 835 7.49 -38.97 178.92
C GLN L 835 8.03 -38.46 180.25
N ASP L 836 9.26 -38.84 180.59
CA ASP L 836 9.93 -38.29 181.75
C ASP L 836 10.05 -36.77 181.66
N ALA L 837 10.51 -36.23 180.53
CA ALA L 837 10.63 -34.79 180.37
C ALA L 837 9.27 -34.11 180.55
N ASP L 838 8.20 -34.65 179.98
CA ASP L 838 6.85 -34.12 180.13
C ASP L 838 6.39 -34.14 181.58
N ASN L 839 6.54 -35.27 182.26
CA ASN L 839 6.19 -35.41 183.66
C ASN L 839 6.90 -34.33 184.46
N VAL L 840 8.21 -34.31 184.31
CA VAL L 840 9.11 -33.36 184.91
C VAL L 840 8.64 -31.95 184.63
N LEU L 841 8.47 -31.60 183.35
CA LEU L 841 8.12 -30.28 182.83
C LEU L 841 6.78 -29.78 183.33
N GLN L 842 5.89 -30.69 183.72
CA GLN L 842 4.51 -30.29 183.73
C GLN L 842 4.19 -29.12 184.67
N PRO L 843 4.73 -29.08 185.91
CA PRO L 843 4.50 -27.96 186.81
C PRO L 843 4.81 -26.60 186.20
N ILE L 844 5.83 -26.49 185.35
CA ILE L 844 6.17 -25.22 184.73
C ILE L 844 5.42 -24.99 183.43
N MET L 845 5.18 -26.00 182.60
CA MET L 845 4.58 -25.79 181.29
C MET L 845 3.19 -25.18 181.39
N ASP L 846 2.47 -25.58 182.43
CA ASP L 846 1.18 -25.01 182.78
C ASP L 846 1.28 -23.49 183.00
N LEU L 847 2.17 -23.11 183.92
CA LEU L 847 2.45 -21.72 184.26
C LEU L 847 2.89 -20.98 182.98
N LEU L 848 3.87 -21.54 182.29
CA LEU L 848 4.49 -20.93 181.12
C LEU L 848 3.46 -20.67 180.05
N ASP L 849 2.74 -21.68 179.62
CA ASP L 849 2.03 -21.58 178.37
C ASP L 849 1.00 -20.47 178.48
N SER L 850 0.22 -20.55 179.54
CA SER L 850 -0.77 -19.57 179.89
C SER L 850 -0.16 -18.18 179.95
N ASN L 851 0.87 -18.02 180.78
CA ASN L 851 1.42 -16.69 181.01
C ASN L 851 2.14 -16.16 179.79
N LEU L 852 3.01 -16.92 179.14
CA LEU L 852 3.70 -16.46 177.95
C LEU L 852 2.71 -16.15 176.85
N THR L 853 1.65 -16.92 176.71
CA THR L 853 0.64 -16.58 175.72
C THR L 853 -0.06 -15.29 176.08
N LEU L 854 -0.50 -15.14 177.33
CA LEU L 854 -1.12 -13.92 177.80
C LEU L 854 -0.19 -12.73 177.57
N PHE L 855 1.08 -12.84 177.97
CA PHE L 855 2.08 -11.80 177.84
C PHE L 855 2.41 -11.54 176.37
N ALA L 856 2.50 -12.56 175.54
CA ALA L 856 2.70 -12.38 174.12
C ALA L 856 1.53 -11.62 173.48
N LYS L 857 0.30 -11.88 173.92
CA LYS L 857 -0.86 -11.11 173.51
C LYS L 857 -0.76 -9.65 173.99
N ILE L 858 -0.40 -9.43 175.26
CA ILE L 858 -0.61 -8.13 175.92
C ILE L 858 0.64 -7.28 176.21
N CYS L 859 1.87 -7.74 175.97
CA CYS L 859 3.11 -6.97 176.13
C CYS L 859 3.66 -6.50 174.78
N GLU L 860 4.12 -5.25 174.74
CA GLU L 860 4.90 -4.74 173.62
C GLU L 860 6.25 -5.47 173.54
N LYS L 861 6.83 -5.62 172.35
CA LYS L 861 7.89 -6.61 172.16
C LYS L 861 9.14 -6.27 172.97
N THR L 862 9.52 -5.00 173.00
CA THR L 862 10.51 -4.41 173.92
C THR L 862 10.26 -4.84 175.36
N VAL L 863 9.04 -4.64 175.83
CA VAL L 863 8.59 -4.98 177.18
C VAL L 863 8.78 -6.47 177.41
N LEU L 864 8.18 -7.26 176.52
CA LEU L 864 8.13 -8.70 176.59
C LEU L 864 9.54 -9.27 176.62
N LYS L 865 10.44 -8.77 175.77
CA LYS L 865 11.78 -9.33 175.67
C LYS L 865 12.50 -9.16 176.98
N ARG L 866 12.39 -7.98 177.58
CA ARG L 866 12.99 -7.69 178.89
C ARG L 866 12.40 -8.59 179.94
N VAL L 867 11.07 -8.68 179.97
CA VAL L 867 10.35 -9.58 180.89
C VAL L 867 10.88 -11.01 180.73
N LEU L 868 10.94 -11.48 179.51
CA LEU L 868 11.36 -12.83 179.19
C LEU L 868 12.82 -13.04 179.53
N LYS L 869 13.72 -12.10 179.29
CA LYS L 869 15.13 -12.28 179.65
C LYS L 869 15.27 -12.48 181.14
N GLU L 870 14.60 -11.61 181.89
CA GLU L 870 14.56 -11.65 183.34
C GLU L 870 14.02 -12.98 183.82
N LEU L 871 12.89 -13.40 183.28
CA LEU L 871 12.31 -14.69 183.57
C LEU L 871 13.26 -15.82 183.18
N TRP L 872 13.86 -15.75 182.00
CA TRP L 872 14.71 -16.80 181.43
C TRP L 872 15.89 -17.07 182.33
N LYS L 873 16.61 -16.01 182.65
CA LYS L 873 17.69 -16.02 183.61
C LYS L 873 17.22 -16.68 184.88
N LEU L 874 16.14 -16.15 185.45
CA LEU L 874 15.56 -16.65 186.69
C LEU L 874 15.30 -18.14 186.59
N VAL L 875 14.62 -18.58 185.55
CA VAL L 875 14.29 -19.96 185.29
C VAL L 875 15.54 -20.80 185.20
N MET L 876 16.42 -20.49 184.27
CA MET L 876 17.69 -21.19 184.06
C MET L 876 18.45 -21.40 185.34
N ASN L 877 18.62 -20.31 186.07
CA ASN L 877 19.33 -20.33 187.34
C ASN L 877 18.61 -21.22 188.34
N THR L 878 17.28 -21.09 188.39
CA THR L 878 16.45 -21.91 189.27
C THR L 878 16.63 -23.37 188.97
N MET L 879 16.58 -23.77 187.71
CA MET L 879 16.78 -25.18 187.35
C MET L 879 18.19 -25.62 187.68
N GLU L 880 19.16 -24.80 187.35
CA GLU L 880 20.54 -25.15 187.56
C GLU L 880 20.80 -25.45 189.03
N ARG L 881 20.32 -24.57 189.89
CA ARG L 881 20.31 -24.74 191.33
C ARG L 881 19.45 -25.93 191.71
N THR L 882 18.14 -25.76 191.62
CA THR L 882 17.11 -26.63 192.15
C THR L 882 17.04 -28.00 191.50
N ILE L 883 17.73 -28.23 190.38
CA ILE L 883 17.64 -29.50 189.66
C ILE L 883 19.01 -30.04 189.26
N VAL L 884 19.94 -29.23 188.77
CA VAL L 884 21.21 -29.78 188.27
C VAL L 884 22.29 -29.80 189.31
N LEU L 885 22.26 -28.87 190.24
CA LEU L 885 23.03 -28.95 191.46
C LEU L 885 22.04 -29.07 192.62
N PRO L 886 21.13 -30.06 192.52
CA PRO L 886 19.85 -30.00 193.17
C PRO L 886 19.94 -30.14 194.68
N PRO L 887 18.88 -29.75 195.40
CA PRO L 887 18.63 -30.26 196.74
C PRO L 887 18.53 -31.80 196.72
N GLU L 888 17.88 -32.41 195.71
CA GLU L 888 17.88 -33.86 195.46
C GLU L 888 19.23 -34.46 194.98
N PHE L 889 20.36 -33.89 195.42
CA PHE L 889 21.65 -34.59 195.44
C PHE L 889 22.57 -34.10 196.57
N LEU L 890 23.12 -32.88 196.51
CA LEU L 890 24.24 -32.53 197.41
C LEU L 890 23.82 -32.35 198.87
N SER L 891 22.60 -31.86 199.11
CA SER L 891 22.01 -31.80 200.45
C SER L 891 21.81 -33.17 201.11
N LYS L 892 21.99 -34.27 200.36
CA LYS L 892 22.16 -35.62 200.90
C LYS L 892 23.63 -35.99 201.12
N LEU L 893 24.46 -35.91 200.08
CA LEU L 893 25.86 -36.37 200.13
C LEU L 893 26.70 -35.64 201.18
N LYS L 894 26.56 -34.31 201.28
CA LYS L 894 27.29 -33.52 202.29
C LYS L 894 26.61 -33.51 203.68
N ASP L 895 25.53 -34.27 203.84
CA ASP L 895 24.76 -34.41 205.07
C ASP L 895 24.92 -35.83 205.68
N HIS L 896 24.27 -36.09 206.81
CA HIS L 896 24.15 -37.41 207.44
C HIS L 896 23.34 -38.41 206.58
N MET L 897 22.61 -37.90 205.60
CA MET L 897 21.91 -38.65 204.56
C MET L 897 22.89 -39.37 203.62
N VAL L 898 22.35 -39.99 202.56
CA VAL L 898 23.08 -40.88 201.65
C VAL L 898 24.25 -40.17 200.96
N ARG L 899 25.41 -40.83 200.91
CA ARG L 899 26.57 -40.58 200.03
C ARG L 899 26.17 -40.75 198.57
N GLU L 900 25.36 -39.81 198.09
CA GLU L 900 24.45 -40.08 197.00
C GLU L 900 25.12 -40.52 195.71
N GLU L 901 24.31 -41.23 194.95
CA GLU L 901 24.43 -41.29 193.53
C GLU L 901 23.37 -40.47 192.80
N ALA L 902 22.33 -40.00 193.50
CA ALA L 902 20.99 -39.71 192.97
C ALA L 902 20.48 -40.86 192.07
N LYS L 903 20.86 -42.07 192.49
CA LYS L 903 20.85 -43.34 191.73
C LYS L 903 21.34 -43.18 190.28
N SER L 904 22.50 -42.54 190.18
CA SER L 904 23.34 -42.26 189.01
C SER L 904 22.70 -41.27 188.03
N LEU L 905 23.19 -40.02 188.01
CA LEU L 905 22.87 -38.99 187.00
C LEU L 905 23.57 -39.31 185.67
N THR L 906 23.24 -40.47 185.12
CA THR L 906 23.74 -40.95 183.84
C THR L 906 23.17 -40.12 182.69
N PRO L 907 23.64 -40.41 181.47
CA PRO L 907 22.91 -40.25 180.23
C PRO L 907 21.40 -39.98 180.32
N LYS L 908 20.62 -40.79 181.05
CA LYS L 908 19.17 -40.62 181.05
C LYS L 908 18.67 -39.31 181.63
N GLN L 909 19.08 -38.92 182.83
CA GLN L 909 18.71 -37.62 183.41
C GLN L 909 19.55 -36.49 182.80
N CYS L 910 20.59 -36.79 182.00
CA CYS L 910 21.24 -35.77 181.18
C CYS L 910 20.34 -35.43 179.98
N ALA L 911 19.92 -36.45 179.23
CA ALA L 911 18.66 -36.41 178.50
C ALA L 911 17.51 -36.18 179.50
N VAL L 912 16.26 -36.14 179.07
CA VAL L 912 15.12 -35.69 179.89
C VAL L 912 15.25 -34.20 180.17
N VAL L 913 16.27 -33.80 180.93
CA VAL L 913 16.63 -32.42 181.20
C VAL L 913 17.02 -31.72 179.91
N GLU L 914 17.91 -32.26 179.09
CA GLU L 914 18.28 -31.58 177.85
C GLU L 914 17.08 -31.39 176.92
N LEU L 915 16.17 -32.37 176.89
CA LEU L 915 14.92 -32.23 176.17
C LEU L 915 13.96 -31.22 176.81
N ALA L 916 13.86 -31.23 178.13
CA ALA L 916 13.04 -30.30 178.87
C ALA L 916 13.55 -28.88 178.66
N LEU L 917 14.86 -28.67 178.77
CA LEU L 917 15.56 -27.44 178.41
C LEU L 917 15.20 -27.04 177.00
N ASP L 918 15.27 -27.97 176.06
CA ASP L 918 14.92 -27.63 174.69
C ASP L 918 13.46 -27.19 174.58
N THR L 919 12.56 -27.94 175.21
CA THR L 919 11.14 -27.64 175.24
C THR L 919 10.89 -26.25 175.78
N ILE L 920 11.53 -25.95 176.90
CA ILE L 920 11.51 -24.65 177.54
C ILE L 920 12.10 -23.61 176.61
N LYS L 921 13.21 -23.90 175.95
CA LYS L 921 13.89 -22.99 175.03
C LYS L 921 13.00 -22.70 173.84
N GLN L 922 12.26 -23.67 173.33
CA GLN L 922 11.25 -23.46 172.31
C GLN L 922 10.12 -22.60 172.85
N TYR L 923 9.73 -22.82 174.10
CA TYR L 923 8.72 -22.05 174.79
C TYR L 923 9.09 -20.59 174.96
N PHE L 924 10.25 -20.30 175.56
CA PHE L 924 10.83 -18.97 175.70
C PHE L 924 11.10 -18.34 174.34
N HIS L 925 11.50 -19.14 173.36
CA HIS L 925 11.68 -18.64 172.02
C HIS L 925 10.35 -18.25 171.39
N ALA L 926 9.31 -19.05 171.64
CA ALA L 926 7.98 -18.91 171.08
C ALA L 926 8.04 -18.57 169.57
N GLY L 927 8.85 -19.32 168.81
CA GLY L 927 9.02 -19.09 167.38
C GLY L 927 9.60 -17.71 167.00
N GLY L 928 10.35 -17.06 167.88
CA GLY L 928 10.89 -15.72 167.70
C GLY L 928 10.01 -14.60 168.25
N VAL L 929 8.77 -14.90 168.65
CA VAL L 929 7.91 -13.95 169.38
C VAL L 929 8.50 -13.65 170.76
N GLY L 930 9.10 -14.66 171.37
CA GLY L 930 9.83 -14.55 172.61
C GLY L 930 11.28 -14.15 172.39
N LEU L 931 12.21 -14.86 173.03
CA LEU L 931 13.64 -14.58 172.94
C LEU L 931 14.30 -15.20 171.71
N LYS L 932 15.43 -14.62 171.29
CA LYS L 932 16.22 -15.11 170.15
C LYS L 932 16.87 -16.45 170.51
N LYS L 933 16.83 -17.43 169.61
CA LYS L 933 17.58 -18.69 169.81
C LYS L 933 19.07 -18.44 170.02
N THR L 934 19.64 -17.36 169.48
CA THR L 934 21.01 -16.92 169.75
C THR L 934 21.24 -16.60 171.23
N PHE L 935 20.47 -15.67 171.80
CA PHE L 935 20.53 -15.34 173.24
C PHE L 935 20.36 -16.57 174.11
N LEU L 936 19.41 -17.45 173.75
CA LEU L 936 19.13 -18.65 174.52
C LEU L 936 20.30 -19.63 174.43
N GLU L 937 20.77 -19.94 173.23
CA GLU L 937 21.92 -20.83 173.03
C GLU L 937 23.18 -20.28 173.72
N LYS L 938 23.43 -18.99 173.53
CA LYS L 938 24.52 -18.27 174.17
C LYS L 938 24.12 -17.70 175.53
N SER L 939 23.12 -18.28 176.18
CA SER L 939 22.76 -17.90 177.53
C SER L 939 23.79 -18.51 178.46
N PRO L 940 24.50 -17.70 179.26
CA PRO L 940 25.40 -18.23 180.27
C PRO L 940 24.62 -19.06 181.28
N ASP L 941 23.39 -18.68 181.54
CA ASP L 941 22.47 -19.38 182.40
C ASP L 941 22.27 -20.82 181.89
N LEU L 942 22.05 -20.97 180.58
CA LEU L 942 22.01 -22.26 179.92
C LEU L 942 23.37 -22.95 179.84
N GLN L 943 24.43 -22.22 179.48
CA GLN L 943 25.74 -22.79 179.23
C GLN L 943 26.38 -23.30 180.52
N SER L 944 26.17 -22.58 181.61
CA SER L 944 26.48 -23.06 182.93
C SER L 944 25.67 -24.31 183.23
N LEU L 945 24.37 -24.26 182.97
CA LEU L 945 23.49 -25.38 183.23
C LEU L 945 23.97 -26.65 182.51
N ARG L 946 24.26 -26.52 181.22
CA ARG L 946 24.94 -27.52 180.39
C ARG L 946 26.28 -27.94 180.97
N TYR L 947 27.07 -26.99 181.46
CA TYR L 947 28.34 -27.33 182.01
C TYR L 947 28.23 -28.18 183.28
N ALA L 948 27.35 -27.81 184.20
CA ALA L 948 27.09 -28.62 185.39
C ALA L 948 26.63 -30.02 184.99
N LEU L 949 25.74 -30.11 184.01
CA LEU L 949 25.33 -31.39 183.42
C LEU L 949 26.53 -32.20 182.92
N SER L 950 27.53 -31.55 182.31
CA SER L 950 28.71 -32.27 181.84
C SER L 950 29.53 -32.87 182.98
N LEU L 951 29.61 -32.23 184.16
CA LEU L 951 30.37 -32.79 185.29
C LEU L 951 29.90 -34.21 185.60
N TYR L 952 28.58 -34.40 185.61
CA TYR L 952 27.97 -35.64 186.04
C TYR L 952 28.42 -36.87 185.26
N THR L 953 28.76 -36.71 183.99
CA THR L 953 29.19 -37.83 183.14
C THR L 953 30.70 -38.01 183.08
N GLN L 954 31.50 -37.10 183.66
CA GLN L 954 32.95 -37.08 183.44
C GLN L 954 33.71 -38.28 183.97
N ALA L 955 34.93 -38.44 183.44
CA ALA L 955 35.89 -39.44 183.86
C ALA L 955 36.43 -39.17 185.28
N THR L 956 36.75 -40.25 185.97
CA THR L 956 37.25 -40.24 187.35
C THR L 956 38.49 -39.38 187.55
N ASP L 957 39.50 -39.50 186.71
CA ASP L 957 40.72 -38.69 186.88
C ASP L 957 40.48 -37.21 186.62
N LEU L 958 39.64 -36.87 185.64
CA LEU L 958 39.28 -35.49 185.35
C LEU L 958 38.54 -34.85 186.53
N LEU L 959 37.63 -35.61 187.12
CA LEU L 959 36.96 -35.26 188.36
C LEU L 959 37.97 -35.08 189.51
N ILE L 960 38.85 -36.06 189.75
CA ILE L 960 39.88 -35.99 190.78
C ILE L 960 40.83 -34.80 190.59
N LYS L 961 41.24 -34.52 189.35
CA LYS L 961 42.02 -33.34 189.00
C LYS L 961 41.27 -32.06 189.38
N THR L 962 40.01 -31.99 188.98
CA THR L 962 39.12 -30.88 189.34
C THR L 962 39.06 -30.72 190.85
N PHE L 963 38.96 -31.82 191.61
CA PHE L 963 39.02 -31.78 193.05
C PHE L 963 40.34 -31.19 193.55
N VAL L 964 41.52 -31.74 193.23
CA VAL L 964 42.78 -31.24 193.79
C VAL L 964 43.01 -29.77 193.42
N GLN L 965 42.71 -29.39 192.18
CA GLN L 965 42.84 -28.01 191.72
C GLN L 965 41.90 -27.06 192.46
N THR L 966 40.67 -27.48 192.75
CA THR L 966 39.69 -26.65 193.45
C THR L 966 39.89 -26.67 194.96
N GLN L 967 40.31 -27.79 195.55
CA GLN L 967 40.60 -27.95 196.97
C GLN L 967 41.97 -27.38 197.36
N SER L 968 42.39 -26.28 196.74
CA SER L 968 43.64 -25.55 197.05
C SER L 968 43.77 -25.20 198.54
N ALA L 969 42.64 -24.95 199.22
CA ALA L 969 42.55 -24.67 200.64
C ALA L 969 42.89 -25.87 201.56
N GLN L 970 43.02 -27.10 201.03
CA GLN L 970 43.51 -28.28 201.77
C GLN L 970 45.02 -28.17 202.04
N GLY L 971 45.38 -27.34 203.01
CA GLY L 971 46.75 -27.11 203.46
C GLY L 971 46.83 -25.85 204.31
N SER L 972 46.22 -24.75 203.85
CA SER L 972 46.07 -23.51 204.62
C SER L 972 44.92 -23.66 205.63
N GLY L 973 45.28 -23.91 206.89
CA GLY L 973 44.35 -24.04 208.01
C GLY L 973 43.84 -25.47 208.23
N VAL L 974 43.99 -25.94 209.46
CA VAL L 974 43.43 -27.19 210.01
C VAL L 974 42.60 -26.86 211.24
N GLU L 975 41.36 -27.33 211.29
CA GLU L 975 40.54 -27.20 212.50
C GLU L 975 40.95 -28.23 213.58
N ASP L 976 41.36 -27.74 214.76
CA ASP L 976 41.87 -28.51 215.92
C ASP L 976 42.99 -29.54 215.58
N PRO L 977 44.26 -29.11 215.47
CA PRO L 977 45.35 -30.03 215.16
C PRO L 977 45.67 -31.04 216.30
N VAL L 978 45.94 -32.30 215.94
CA VAL L 978 46.29 -33.43 216.84
C VAL L 978 47.78 -33.70 216.99
N GLY L 979 48.59 -32.76 216.53
CA GLY L 979 50.03 -32.87 216.38
C GLY L 979 50.47 -32.20 215.09
N GLU L 980 51.72 -32.39 214.72
CA GLU L 980 52.26 -31.91 213.45
C GLU L 980 53.41 -32.81 212.98
N VAL L 981 53.66 -32.86 211.68
CA VAL L 981 54.77 -33.63 211.09
C VAL L 981 55.75 -32.70 210.39
N SER L 982 57.01 -32.78 210.77
CA SER L 982 58.10 -32.18 210.03
C SER L 982 58.47 -33.13 208.92
N VAL L 983 58.16 -32.71 207.70
CA VAL L 983 58.64 -33.33 206.47
C VAL L 983 59.62 -32.38 205.81
N HIS L 984 60.71 -32.93 205.27
CA HIS L 984 61.46 -32.25 204.22
C HIS L 984 61.15 -32.95 202.91
N VAL L 985 60.55 -32.23 201.98
CA VAL L 985 60.06 -32.78 200.71
C VAL L 985 60.85 -32.20 199.57
N GLU L 986 61.29 -33.02 198.63
CA GLU L 986 61.97 -32.57 197.41
C GLU L 986 61.19 -33.02 196.17
N LEU L 987 60.69 -32.06 195.40
CA LEU L 987 60.09 -32.30 194.09
C LEU L 987 61.22 -32.38 193.04
N PHE L 988 61.89 -33.53 193.00
CA PHE L 988 62.74 -33.83 191.87
C PHE L 988 61.89 -34.19 190.65
N THR L 989 61.83 -33.25 189.69
CA THR L 989 61.62 -33.61 188.29
C THR L 989 62.74 -34.60 187.96
N HIS L 990 62.34 -35.85 187.84
CA HIS L 990 63.16 -37.02 188.14
C HIS L 990 64.32 -37.21 187.15
N PRO L 991 65.58 -37.20 187.59
CA PRO L 991 66.73 -37.23 186.69
C PRO L 991 66.85 -38.54 185.88
N GLY L 992 66.27 -39.65 186.35
CA GLY L 992 66.28 -40.92 185.61
C GLY L 992 65.19 -41.07 184.53
N THR L 993 64.15 -40.21 184.50
CA THR L 993 62.97 -40.42 183.62
C THR L 993 62.25 -39.15 183.12
N GLY L 994 62.51 -37.97 183.69
CA GLY L 994 61.78 -36.73 183.36
C GLY L 994 60.34 -36.66 183.88
N GLU L 995 59.87 -37.68 184.61
CA GLU L 995 58.63 -37.62 185.40
C GLU L 995 58.79 -36.62 186.56
N GLN L 996 57.78 -36.45 187.41
CA GLN L 996 57.98 -35.86 188.73
C GLN L 996 57.94 -36.93 189.81
N LYS L 997 59.01 -36.95 190.60
CA LYS L 997 59.11 -37.73 191.83
C LYS L 997 59.16 -36.80 193.03
N VAL L 998 58.81 -37.37 194.19
CA VAL L 998 58.66 -36.60 195.43
C VAL L 998 59.41 -37.33 196.53
N THR L 999 60.65 -36.89 196.80
CA THR L 999 61.42 -37.43 197.92
C THR L 999 60.88 -36.84 199.21
N VAL L 1000 60.04 -37.57 199.93
CA VAL L 1000 59.55 -37.15 201.25
C VAL L 1000 60.47 -37.74 202.31
N LYS L 1001 61.38 -36.93 202.85
CA LYS L 1001 62.13 -37.24 204.07
C LYS L 1001 61.24 -36.92 205.27
N VAL L 1002 60.67 -37.95 205.88
CA VAL L 1002 59.95 -37.80 207.14
C VAL L 1002 60.97 -37.52 208.23
N VAL L 1003 61.05 -36.28 208.68
CA VAL L 1003 62.02 -35.89 209.70
C VAL L 1003 61.53 -36.36 211.05
N ALA L 1004 60.36 -35.88 211.48
CA ALA L 1004 59.82 -36.14 212.79
C ALA L 1004 58.33 -35.85 212.86
N ALA L 1005 57.65 -36.36 213.87
CA ALA L 1005 56.41 -35.76 214.36
C ALA L 1005 56.62 -35.02 215.69
N ASN L 1006 55.63 -34.20 216.07
CA ASN L 1006 55.59 -33.41 217.29
C ASN L 1006 54.15 -33.23 217.80
N ASP L 1007 53.99 -32.96 219.10
CA ASP L 1007 52.70 -32.73 219.79
C ASP L 1007 51.66 -33.85 219.59
N LEU L 1008 52.08 -35.10 219.35
CA LEU L 1008 51.17 -36.21 219.07
C LEU L 1008 50.20 -36.46 220.24
N LYS L 1009 48.92 -36.17 220.03
CA LYS L 1009 47.84 -36.44 220.99
C LYS L 1009 47.47 -37.93 220.94
N TRP L 1010 48.32 -38.81 221.50
CA TRP L 1010 48.14 -40.27 221.44
C TRP L 1010 48.64 -41.02 222.69
N GLN L 1011 48.28 -40.56 223.89
CA GLN L 1011 48.76 -41.17 225.14
C GLN L 1011 48.07 -42.53 225.41
N THR L 1012 48.46 -43.55 224.65
CA THR L 1012 47.82 -44.86 224.59
C THR L 1012 48.15 -45.78 225.78
N SER L 1013 47.27 -46.76 226.03
CA SER L 1013 47.35 -47.74 227.15
C SER L 1013 48.39 -48.84 226.92
N GLY L 1014 48.51 -49.36 225.70
CA GLY L 1014 49.66 -50.17 225.28
C GLY L 1014 50.92 -49.31 225.15
N ILE L 1015 52.07 -49.92 224.86
CA ILE L 1015 53.27 -49.18 224.50
C ILE L 1015 53.00 -48.44 223.18
N PHE L 1016 53.16 -47.12 223.17
CA PHE L 1016 53.05 -46.33 221.95
C PHE L 1016 54.24 -46.63 221.02
N ARG L 1017 54.01 -46.88 219.73
CA ARG L 1017 55.06 -47.20 218.77
C ARG L 1017 54.82 -46.46 217.44
N PRO L 1018 54.81 -45.12 217.43
CA PRO L 1018 54.45 -44.37 216.25
C PRO L 1018 55.40 -44.61 215.07
N PHE L 1019 54.80 -44.64 213.89
CA PHE L 1019 55.42 -44.56 212.58
C PHE L 1019 54.60 -43.59 211.74
N ILE L 1020 55.16 -43.09 210.64
CA ILE L 1020 54.44 -42.13 209.80
C ILE L 1020 54.19 -42.78 208.46
N GLU L 1021 52.92 -42.89 208.11
CA GLU L 1021 52.51 -43.10 206.75
C GLU L 1021 52.52 -41.78 205.98
N VAL L 1022 52.89 -41.83 204.70
CA VAL L 1022 52.67 -40.71 203.77
C VAL L 1022 51.90 -41.24 202.57
N ASN L 1023 50.92 -40.49 202.10
CA ASN L 1023 50.17 -40.78 200.88
C ASN L 1023 50.35 -39.67 199.85
N ILE L 1024 50.10 -39.99 198.58
CA ILE L 1024 49.96 -39.01 197.48
C ILE L 1024 48.54 -39.06 196.91
N VAL L 1025 47.97 -37.88 196.64
CA VAL L 1025 46.64 -37.71 196.01
C VAL L 1025 46.75 -36.82 194.78
N GLY L 1026 45.97 -37.17 193.76
CA GLY L 1026 45.89 -36.52 192.45
C GLY L 1026 45.40 -37.48 191.37
N PRO L 1027 45.24 -37.01 190.13
CA PRO L 1027 44.83 -37.85 189.01
C PRO L 1027 45.95 -38.82 188.59
N GLN L 1028 45.59 -39.88 187.88
CA GLN L 1028 46.51 -40.91 187.37
C GLN L 1028 47.41 -41.53 188.46
N LEU L 1029 46.80 -42.06 189.52
CA LEU L 1029 47.50 -42.78 190.61
C LEU L 1029 47.02 -44.24 190.83
N SER L 1030 46.30 -44.81 189.87
CA SER L 1030 45.85 -46.22 189.91
C SER L 1030 46.99 -47.24 189.82
N ASP L 1031 48.08 -46.86 189.16
CA ASP L 1031 49.25 -47.67 188.80
C ASP L 1031 50.48 -47.39 189.68
N LYS L 1032 50.40 -46.38 190.55
CA LYS L 1032 51.54 -45.83 191.30
C LYS L 1032 51.33 -45.97 192.81
N LYS L 1033 52.44 -46.19 193.51
CA LYS L 1033 52.49 -46.42 194.96
C LYS L 1033 51.96 -45.18 195.69
N ARG L 1034 50.66 -45.23 196.04
CA ARG L 1034 49.97 -44.13 196.71
C ARG L 1034 50.36 -43.93 198.17
N LYS L 1035 51.11 -44.86 198.77
CA LYS L 1035 51.42 -44.93 200.21
C LYS L 1035 52.85 -45.36 200.50
N PHE L 1036 53.44 -44.83 201.57
CA PHE L 1036 54.70 -45.29 202.21
C PHE L 1036 54.54 -45.28 203.73
N ALA L 1037 55.41 -45.96 204.47
CA ALA L 1037 55.46 -45.91 205.94
C ALA L 1037 56.87 -46.05 206.52
N THR L 1038 57.16 -45.33 207.61
CA THR L 1038 58.47 -45.39 208.30
C THR L 1038 58.60 -46.65 209.16
N LYS L 1039 59.81 -46.94 209.69
CA LYS L 1039 59.94 -47.78 210.89
C LYS L 1039 59.18 -47.11 212.06
N SER L 1040 58.87 -47.89 213.09
CA SER L 1040 58.30 -47.41 214.35
C SER L 1040 59.37 -46.90 215.34
N LYS L 1041 58.96 -46.03 216.29
CA LYS L 1041 59.79 -45.58 217.43
C LYS L 1041 59.06 -45.84 218.74
N ASN L 1042 59.69 -46.49 219.71
CA ASN L 1042 59.05 -46.83 220.98
C ASN L 1042 58.82 -45.58 221.85
N ASN L 1043 57.65 -45.52 222.49
CA ASN L 1043 57.30 -44.68 223.63
C ASN L 1043 57.70 -43.19 223.42
N SER L 1044 57.26 -42.59 222.31
CA SER L 1044 57.79 -41.30 221.87
C SER L 1044 56.76 -40.44 221.12
N TRP L 1045 56.26 -39.38 221.74
CA TRP L 1045 55.24 -38.47 221.18
C TRP L 1045 55.79 -37.27 220.38
N ALA L 1046 57.11 -37.12 220.32
CA ALA L 1046 57.80 -36.32 219.28
C ALA L 1046 58.86 -37.17 218.53
N PRO L 1047 58.44 -38.27 217.88
CA PRO L 1047 59.36 -39.25 217.31
C PRO L 1047 60.04 -38.72 216.06
N LYS L 1048 61.36 -38.90 215.97
CA LYS L 1048 62.15 -38.68 214.76
C LYS L 1048 62.20 -39.95 213.91
N TYR L 1049 62.46 -39.81 212.62
CA TYR L 1049 62.57 -40.93 211.69
C TYR L 1049 63.77 -40.74 210.77
N ASN L 1050 63.84 -39.58 210.10
CA ASN L 1050 64.85 -39.30 209.08
C ASN L 1050 64.83 -40.35 207.94
N GLU L 1051 63.65 -40.85 207.61
CA GLU L 1051 63.43 -41.89 206.60
C GLU L 1051 62.84 -41.29 205.32
N SER L 1052 63.40 -41.66 204.18
CA SER L 1052 63.11 -41.04 202.89
C SER L 1052 62.31 -41.97 201.98
N PHE L 1053 61.13 -41.48 201.56
CA PHE L 1053 60.23 -42.11 200.60
C PHE L 1053 60.34 -41.46 199.23
N GLN L 1054 59.86 -42.12 198.18
CA GLN L 1054 59.90 -41.59 196.81
C GLN L 1054 58.62 -41.93 196.05
N PHE L 1055 57.62 -41.05 196.15
CA PHE L 1055 56.42 -41.14 195.30
C PHE L 1055 56.74 -40.83 193.85
N SER L 1056 55.91 -41.35 192.95
CA SER L 1056 55.88 -40.92 191.55
C SER L 1056 54.53 -40.25 191.26
N LEU L 1057 54.57 -39.03 190.73
CA LEU L 1057 53.38 -38.35 190.16
C LEU L 1057 53.12 -38.86 188.75
N SER L 1058 52.06 -38.41 188.07
CA SER L 1058 52.03 -38.53 186.61
C SER L 1058 53.08 -37.63 185.95
N ALA L 1059 53.53 -38.01 184.75
CA ALA L 1059 54.26 -37.11 183.87
C ALA L 1059 53.35 -35.99 183.31
N ASP L 1060 52.10 -36.29 182.96
CA ASP L 1060 51.23 -35.35 182.25
C ASP L 1060 50.62 -34.29 183.17
N ALA L 1061 50.04 -34.69 184.30
CA ALA L 1061 49.53 -33.78 185.31
C ALA L 1061 50.70 -33.07 186.04
N GLY L 1062 50.63 -31.75 186.15
CA GLY L 1062 51.63 -30.97 186.88
C GLY L 1062 51.52 -31.14 188.39
N PRO L 1063 52.52 -30.69 189.17
CA PRO L 1063 52.54 -30.87 190.61
C PRO L 1063 51.37 -30.17 191.31
N GLU L 1064 50.81 -29.11 190.73
CA GLU L 1064 49.59 -28.48 191.20
C GLU L 1064 48.32 -29.33 191.06
N CYS L 1065 48.39 -30.42 190.29
CA CYS L 1065 47.36 -31.46 190.31
C CYS L 1065 47.53 -32.45 191.47
N TYR L 1066 48.53 -32.24 192.34
CA TYR L 1066 48.86 -33.18 193.39
C TYR L 1066 49.02 -32.52 194.77
N GLU L 1067 48.91 -33.39 195.76
CA GLU L 1067 49.05 -33.06 197.16
C GLU L 1067 49.46 -34.34 197.91
N LEU L 1068 50.43 -34.23 198.81
CA LEU L 1068 50.68 -35.27 199.79
C LEU L 1068 49.59 -35.23 200.85
N GLN L 1069 49.25 -36.40 201.39
CA GLN L 1069 48.33 -36.57 202.50
C GLN L 1069 49.00 -37.44 203.58
N VAL L 1070 49.70 -36.78 204.50
CA VAL L 1070 50.51 -37.37 205.56
C VAL L 1070 49.62 -37.93 206.68
N CYS L 1071 49.97 -39.07 207.27
CA CYS L 1071 49.19 -39.69 208.34
C CYS L 1071 50.07 -40.43 209.34
N VAL L 1072 50.14 -39.94 210.58
CA VAL L 1072 50.86 -40.64 211.65
C VAL L 1072 50.04 -41.84 212.13
N LYS L 1073 50.70 -42.94 212.49
CA LYS L 1073 50.05 -44.18 212.94
C LYS L 1073 50.81 -44.86 214.08
N ASP L 1074 50.10 -45.61 214.92
CA ASP L 1074 50.67 -46.36 216.04
C ASP L 1074 50.84 -47.85 215.66
N TYR L 1075 52.07 -48.37 215.67
CA TYR L 1075 52.35 -49.75 215.26
C TYR L 1075 51.99 -50.78 216.33
N CYS L 1076 51.19 -51.79 215.98
CA CYS L 1076 50.81 -52.86 216.88
C CYS L 1076 50.86 -54.22 216.15
N PHE L 1077 52.05 -54.85 216.08
CA PHE L 1077 52.21 -56.18 215.46
C PHE L 1077 51.32 -57.24 216.11
N ALA L 1078 50.90 -58.22 215.31
CA ALA L 1078 49.85 -59.21 215.58
C ALA L 1078 48.43 -58.65 215.84
N ARG L 1079 48.33 -57.43 216.40
CA ARG L 1079 47.10 -56.63 216.50
C ARG L 1079 46.89 -55.81 215.21
N GLU L 1080 46.61 -54.52 215.34
CA GLU L 1080 46.27 -53.59 214.27
C GLU L 1080 46.89 -52.21 214.51
N ASP L 1081 47.39 -51.56 213.45
CA ASP L 1081 47.94 -50.21 213.55
C ASP L 1081 46.83 -49.13 213.53
N ARG L 1082 47.07 -47.95 214.14
CA ARG L 1082 46.00 -46.96 214.41
C ARG L 1082 46.32 -45.52 213.96
N THR L 1083 45.41 -44.84 213.24
CA THR L 1083 45.60 -43.44 212.74
C THR L 1083 45.61 -42.43 213.87
N VAL L 1084 46.73 -41.72 214.00
CA VAL L 1084 46.97 -40.66 214.97
C VAL L 1084 46.60 -39.26 214.43
N GLY L 1085 46.61 -39.02 213.12
CA GLY L 1085 46.18 -37.74 212.53
C GLY L 1085 46.46 -37.67 211.04
N LEU L 1086 45.97 -36.65 210.33
CA LEU L 1086 46.14 -36.47 208.88
C LEU L 1086 46.50 -35.02 208.50
N ALA L 1087 47.43 -34.77 207.58
CA ALA L 1087 47.72 -33.43 207.05
C ALA L 1087 47.87 -33.42 205.53
N VAL L 1088 47.45 -32.36 204.85
CA VAL L 1088 47.62 -32.23 203.39
C VAL L 1088 48.68 -31.19 203.04
N LEU L 1089 49.66 -31.58 202.24
CA LEU L 1089 50.69 -30.69 201.68
C LEU L 1089 50.49 -30.59 200.17
N GLN L 1090 50.05 -29.43 199.69
CA GLN L 1090 49.82 -29.18 198.28
C GLN L 1090 51.14 -29.17 197.50
N LEU L 1091 51.27 -30.03 196.48
CA LEU L 1091 52.49 -30.03 195.66
C LEU L 1091 52.57 -28.83 194.70
N ARG L 1092 51.50 -28.04 194.56
CA ARG L 1092 51.58 -26.68 193.98
C ARG L 1092 52.61 -25.78 194.67
N GLU L 1093 52.79 -25.91 195.99
CA GLU L 1093 53.81 -25.14 196.72
C GLU L 1093 55.22 -25.60 196.34
N LEU L 1094 55.44 -26.92 196.35
CA LEU L 1094 56.71 -27.54 196.01
C LEU L 1094 57.08 -27.37 194.53
N ALA L 1095 56.11 -27.16 193.65
CA ALA L 1095 56.36 -26.71 192.28
C ALA L 1095 57.21 -25.42 192.22
N GLN L 1096 56.93 -24.49 193.14
CA GLN L 1096 57.68 -23.24 193.28
C GLN L 1096 58.93 -23.45 194.13
N ARG L 1097 58.76 -24.05 195.31
CA ARG L 1097 59.82 -24.16 196.33
C ARG L 1097 60.94 -25.11 195.90
N GLY L 1098 60.64 -26.08 195.03
CA GLY L 1098 61.54 -27.17 194.59
C GLY L 1098 61.78 -28.20 195.70
N SER L 1099 62.09 -27.73 196.90
CA SER L 1099 62.03 -28.52 198.12
C SER L 1099 61.52 -27.69 199.30
N ALA L 1100 60.96 -28.34 200.31
CA ALA L 1100 60.30 -27.69 201.43
C ALA L 1100 60.45 -28.51 202.71
N ALA L 1101 61.15 -27.96 203.68
CA ALA L 1101 61.01 -28.35 205.08
C ALA L 1101 59.78 -27.65 205.67
N CYS L 1102 58.78 -28.41 206.12
CA CYS L 1102 57.52 -27.84 206.60
C CYS L 1102 56.95 -28.63 207.79
N TRP L 1103 56.42 -27.92 208.79
CA TRP L 1103 55.56 -28.46 209.83
C TRP L 1103 54.11 -28.53 209.37
N LEU L 1104 53.64 -29.74 209.09
CA LEU L 1104 52.27 -29.99 208.66
C LEU L 1104 51.38 -30.23 209.90
N PRO L 1105 50.49 -29.31 210.30
CA PRO L 1105 49.53 -29.57 211.37
C PRO L 1105 48.61 -30.73 210.99
N LEU L 1106 48.60 -31.79 211.79
CA LEU L 1106 47.72 -32.94 211.61
C LEU L 1106 46.31 -32.55 212.01
N GLY L 1107 45.37 -32.55 211.09
CA GLY L 1107 43.94 -32.55 211.40
C GLY L 1107 43.42 -33.93 211.77
N ARG L 1108 42.19 -33.95 212.28
CA ARG L 1108 41.38 -35.17 212.43
C ARG L 1108 40.65 -35.54 211.13
N ARG L 1109 40.29 -34.54 210.31
CA ARG L 1109 39.71 -34.66 208.95
C ARG L 1109 40.28 -33.58 208.02
N ILE L 1110 39.92 -33.65 206.74
CA ILE L 1110 40.37 -32.75 205.66
C ILE L 1110 39.18 -31.93 205.12
N HIS L 1111 39.31 -30.60 205.04
CA HIS L 1111 38.21 -29.68 204.72
C HIS L 1111 37.90 -29.59 203.20
N MET L 1112 36.65 -29.33 202.82
CA MET L 1112 36.22 -29.25 201.40
C MET L 1112 35.32 -28.06 201.10
N ASP L 1113 35.23 -27.72 199.82
CA ASP L 1113 34.27 -26.79 199.25
C ASP L 1113 33.21 -27.48 198.38
N ASP L 1114 32.25 -26.70 197.90
CA ASP L 1114 31.13 -27.17 197.09
C ASP L 1114 31.53 -27.91 195.81
N THR L 1115 32.74 -27.69 195.30
CA THR L 1115 33.25 -28.26 194.06
C THR L 1115 34.05 -29.51 194.39
N GLY L 1116 34.72 -29.52 195.54
CA GLY L 1116 35.16 -30.76 196.15
C GLY L 1116 33.97 -31.68 196.36
N LEU L 1117 32.88 -31.16 196.92
CA LEU L 1117 31.66 -31.90 197.17
C LEU L 1117 30.86 -32.26 195.92
N THR L 1118 30.74 -31.38 194.91
CA THR L 1118 30.10 -31.73 193.62
C THR L 1118 30.88 -32.85 192.95
N VAL L 1119 32.21 -32.74 192.93
CA VAL L 1119 33.04 -33.82 192.40
C VAL L 1119 32.89 -35.09 193.23
N LEU L 1120 32.93 -35.01 194.57
CA LEU L 1120 32.78 -36.17 195.45
C LEU L 1120 31.40 -36.83 195.26
N ARG L 1121 30.33 -36.08 194.97
CA ARG L 1121 28.99 -36.60 194.59
C ARG L 1121 29.00 -37.35 193.25
N ILE L 1122 29.88 -36.98 192.34
CA ILE L 1122 30.01 -37.60 191.02
C ILE L 1122 30.98 -38.79 191.06
N LEU L 1123 32.02 -38.72 191.88
CA LEU L 1123 32.91 -39.83 192.19
C LEU L 1123 32.25 -40.88 193.09
N SER L 1124 31.35 -40.48 193.98
CA SER L 1124 30.56 -41.41 194.77
C SER L 1124 29.54 -42.14 193.89
N GLN L 1125 29.05 -41.53 192.80
CA GLN L 1125 28.34 -42.27 191.73
C GLN L 1125 29.17 -43.32 191.05
N ARG L 1126 30.48 -43.13 190.96
CA ARG L 1126 31.40 -44.15 190.48
C ARG L 1126 31.78 -45.06 191.66
N SER L 1127 30.78 -45.52 192.41
CA SER L 1127 30.90 -46.38 193.60
C SER L 1127 31.64 -47.70 193.35
N ASN L 1128 31.73 -48.15 192.09
CA ASN L 1128 32.43 -49.38 191.69
C ASN L 1128 33.86 -49.12 191.18
N ASP L 1129 34.17 -47.91 190.72
CA ASP L 1129 35.50 -47.56 190.22
C ASP L 1129 36.47 -47.55 191.40
N GLU L 1130 37.53 -48.37 191.34
CA GLU L 1130 38.44 -48.52 192.47
C GLU L 1130 39.25 -47.24 192.77
N VAL L 1131 39.53 -46.43 191.76
CA VAL L 1131 40.17 -45.12 191.97
C VAL L 1131 39.17 -44.17 192.60
N ALA L 1132 37.92 -44.13 192.12
CA ALA L 1132 36.90 -43.26 192.71
C ALA L 1132 36.53 -43.71 194.12
N LYS L 1133 36.39 -45.01 194.39
CA LYS L 1133 36.30 -45.57 195.74
C LYS L 1133 37.46 -45.13 196.61
N GLU L 1134 38.71 -45.40 196.21
CA GLU L 1134 39.89 -45.07 197.04
C GLU L 1134 40.06 -43.57 197.22
N PHE L 1135 39.66 -42.76 196.24
CA PHE L 1135 39.62 -41.30 196.39
C PHE L 1135 38.56 -40.86 197.40
N VAL L 1136 37.31 -41.28 197.18
CA VAL L 1136 36.17 -40.97 198.07
C VAL L 1136 36.46 -41.46 199.49
N LYS L 1137 37.09 -42.62 199.63
CA LYS L 1137 37.61 -43.15 200.90
C LYS L 1137 38.73 -42.29 201.46
N LEU L 1138 39.85 -42.07 200.75
CA LEU L 1138 41.00 -41.32 201.26
C LEU L 1138 40.65 -39.86 201.62
N LYS L 1139 39.64 -39.26 200.99
CA LYS L 1139 39.13 -37.93 201.36
C LYS L 1139 38.05 -37.93 202.44
N SER L 1140 37.33 -39.02 202.61
CA SER L 1140 36.50 -39.26 203.79
C SER L 1140 37.28 -39.97 204.91
N ASP L 1141 38.62 -40.04 204.80
CA ASP L 1141 39.52 -40.65 205.77
C ASP L 1141 39.71 -39.73 206.99
N THR L 1142 39.61 -40.28 208.19
CA THR L 1142 39.63 -39.51 209.45
C THR L 1142 40.33 -40.26 210.58
N ARG L 1143 40.86 -39.50 211.55
CA ARG L 1143 41.44 -40.01 212.80
C ARG L 1143 40.33 -40.49 213.76
N SER L 1144 40.52 -41.65 214.39
CA SER L 1144 39.77 -42.03 215.60
C SER L 1144 40.13 -41.13 216.78
N ALA L 1145 39.15 -40.58 217.50
CA ALA L 1145 39.41 -39.59 218.56
C ALA L 1145 40.13 -40.16 219.80
N GLU L 1146 40.15 -41.48 219.95
CA GLU L 1146 40.77 -42.17 221.09
C GLU L 1146 42.27 -41.87 221.21
N GLU L 1147 42.80 -41.94 222.43
CA GLU L 1147 44.12 -41.45 222.83
C GLU L 1147 44.36 -39.93 222.68
N GLY L 1148 43.36 -39.14 222.24
CA GLY L 1148 43.55 -37.70 221.95
C GLY L 1148 42.31 -36.81 221.75
N GLY L 1149 41.28 -36.92 222.61
CA GLY L 1149 40.38 -35.80 222.92
C GLY L 1149 39.25 -35.44 221.93
N ALA L 1150 39.17 -34.15 221.56
CA ALA L 1150 37.99 -33.45 221.02
C ALA L 1150 37.54 -33.87 219.59
N ALA L 1151 36.44 -33.26 219.13
CA ALA L 1151 35.82 -33.53 217.84
C ALA L 1151 36.46 -32.80 216.63
N PRO L 1152 36.36 -33.34 215.40
CA PRO L 1152 36.69 -32.66 214.14
C PRO L 1152 35.73 -31.50 213.82
N ALA L 1153 36.04 -30.72 212.78
CA ALA L 1153 35.16 -29.71 212.21
C ALA L 1153 35.25 -29.68 210.66
N PRO L 1154 34.16 -29.32 209.95
CA PRO L 1154 34.03 -29.47 208.50
C PRO L 1154 35.11 -28.70 207.71
N GLU M 23 27.44 102.71 51.20
CA GLU M 23 27.09 104.16 51.23
C GLU M 23 26.02 104.49 52.26
N GLU M 24 24.83 103.89 52.16
CA GLU M 24 23.70 104.07 53.09
C GLU M 24 24.10 104.12 54.57
N LEU M 25 24.73 103.06 55.08
CA LEU M 25 25.23 103.01 56.46
C LEU M 25 26.26 104.10 56.73
N LYS M 26 27.19 104.36 55.82
CA LYS M 26 28.22 105.40 55.99
C LYS M 26 27.62 106.78 56.18
N ASN M 27 26.65 107.15 55.35
CA ASN M 27 25.99 108.44 55.46
C ASN M 27 25.06 108.50 56.69
N HIS M 28 24.32 107.43 56.98
CA HIS M 28 23.54 107.26 58.21
C HIS M 28 24.41 107.45 59.45
N VAL M 29 25.57 106.81 59.49
CA VAL M 29 26.53 106.90 60.58
C VAL M 29 27.21 108.24 60.63
N TYR M 30 27.55 108.86 59.49
CA TYR M 30 28.04 110.24 59.44
C TYR M 30 27.07 111.15 60.19
N LYS M 31 25.80 111.13 59.79
CA LYS M 31 24.72 111.92 60.39
C LYS M 31 24.53 111.61 61.86
N LYS M 32 24.50 110.33 62.25
CA LYS M 32 24.37 109.94 63.66
C LYS M 32 25.59 110.21 64.50
N THR M 33 26.76 110.31 63.89
CA THR M 33 28.00 110.71 64.57
C THR M 33 28.00 112.23 64.77
N LEU M 34 27.62 112.99 63.74
CA LEU M 34 27.42 114.43 63.86
C LEU M 34 26.39 114.75 64.95
N GLN M 35 25.22 114.13 64.93
CA GLN M 35 24.22 114.30 65.99
C GLN M 35 24.75 113.83 67.36
N ALA M 36 25.47 112.72 67.41
CA ALA M 36 25.95 112.18 68.68
C ALA M 36 26.91 113.10 69.41
N LEU M 37 27.71 113.86 68.65
CA LEU M 37 28.80 114.68 69.18
C LEU M 37 28.56 116.17 69.12
N ILE M 38 27.58 116.68 68.37
CA ILE M 38 27.23 118.11 68.40
C ILE M 38 26.66 118.50 69.76
N TYR M 39 25.69 117.73 70.24
CA TYR M 39 25.39 117.65 71.65
C TYR M 39 25.97 116.33 72.13
N PRO M 40 27.26 116.28 72.54
CA PRO M 40 27.81 115.06 73.10
C PRO M 40 26.98 114.68 74.32
N ILE M 41 26.74 113.39 74.57
CA ILE M 41 25.99 112.97 75.76
C ILE M 41 26.65 113.45 77.06
N SER M 42 27.93 113.77 77.02
CA SER M 42 28.68 114.41 78.11
C SER M 42 28.23 115.83 78.46
N CYS M 43 27.28 116.44 77.73
CA CYS M 43 26.59 117.67 78.17
C CYS M 43 25.62 117.48 79.34
N THR M 44 25.14 116.25 79.57
CA THR M 44 23.93 115.97 80.37
C THR M 44 24.15 115.90 81.89
N THR M 45 23.07 116.09 82.65
CA THR M 45 23.01 116.18 84.12
C THR M 45 22.03 115.15 84.70
N PRO M 46 22.26 114.52 85.86
CA PRO M 46 21.36 113.51 86.44
C PRO M 46 20.34 114.06 87.44
N HIS M 47 19.14 113.47 87.49
CA HIS M 47 18.07 113.89 88.41
C HIS M 47 18.28 113.31 89.81
N ASN M 48 18.57 114.17 90.78
CA ASN M 48 18.58 113.82 92.19
C ASN M 48 17.16 113.73 92.78
N PHE M 49 16.48 112.61 92.58
CA PHE M 49 15.15 112.37 93.16
C PHE M 49 15.16 112.00 94.64
N GLU M 50 14.35 112.71 95.42
CA GLU M 50 13.80 112.24 96.69
C GLU M 50 12.43 111.59 96.46
N VAL M 51 12.12 110.56 97.25
CA VAL M 51 10.74 110.12 97.44
C VAL M 51 9.98 111.25 98.11
N TRP M 52 8.82 111.60 97.56
CA TRP M 52 7.99 112.66 98.12
C TRP M 52 6.52 112.28 98.08
N THR M 53 5.87 112.37 99.24
CA THR M 53 4.43 112.16 99.37
C THR M 53 3.69 113.36 98.81
N ALA M 54 2.85 113.15 97.79
CA ALA M 54 1.83 114.11 97.40
C ALA M 54 0.72 114.14 98.47
N THR M 55 0.99 114.75 99.63
CA THR M 55 0.08 114.88 100.80
C THR M 55 -1.24 115.58 100.48
N THR M 56 -1.35 116.13 99.26
CA THR M 56 -2.56 116.63 98.59
C THR M 56 -2.59 116.12 97.12
N PRO M 57 -3.77 115.95 96.48
CA PRO M 57 -3.88 115.54 95.08
C PRO M 57 -3.02 116.41 94.16
N THR M 58 -2.08 115.81 93.43
CA THR M 58 -1.04 116.48 92.63
C THR M 58 -0.89 115.76 91.28
N TYR M 59 -0.38 116.41 90.24
CA TYR M 59 -0.33 115.85 88.89
C TYR M 59 1.10 115.83 88.33
N CYS M 60 1.51 114.67 87.84
CA CYS M 60 2.89 114.35 87.47
C CYS M 60 3.40 115.22 86.31
N TYR M 61 4.58 115.82 86.44
CA TYR M 61 5.15 116.68 85.38
C TYR M 61 5.55 115.92 84.10
N GLU M 62 5.54 114.60 84.12
CA GLU M 62 5.55 113.80 82.89
C GLU M 62 4.13 113.57 82.36
N CYS M 63 3.37 112.69 83.00
CA CYS M 63 2.10 112.17 82.48
C CYS M 63 0.85 112.98 82.82
N GLU M 64 0.97 114.00 83.67
CA GLU M 64 -0.14 114.73 84.29
C GLU M 64 -1.10 113.82 85.09
N GLY M 65 -0.68 112.59 85.42
CA GLY M 65 -1.44 111.60 86.18
C GLY M 65 -1.42 111.85 87.70
N LEU M 66 -2.43 111.35 88.40
CA LEU M 66 -2.64 111.61 89.83
C LEU M 66 -1.54 111.00 90.72
N LEU M 67 -0.94 111.89 91.49
CA LEU M 67 -0.13 111.63 92.67
C LEU M 67 -0.99 111.99 93.88
N TRP M 68 -1.14 111.10 94.85
CA TRP M 68 -2.01 111.33 95.99
C TRP M 68 -1.68 110.43 97.17
N GLY M 69 -1.46 111.06 98.32
CA GLY M 69 -1.20 110.43 99.60
C GLY M 69 0.00 109.51 99.56
N ILE M 70 0.03 108.59 100.51
CA ILE M 70 0.94 107.45 100.48
C ILE M 70 0.54 106.48 99.35
N ALA M 71 -0.75 106.39 99.01
CA ALA M 71 -1.31 105.48 98.01
C ALA M 71 -0.68 105.63 96.61
N ARG M 72 -0.42 106.87 96.21
CA ARG M 72 0.23 107.25 94.94
C ARG M 72 1.28 108.33 95.20
N GLN M 73 2.34 108.00 95.95
CA GLN M 73 3.52 108.86 96.12
C GLN M 73 4.16 109.27 94.78
N GLY M 74 4.92 110.35 94.81
CA GLY M 74 5.78 110.74 93.70
C GLY M 74 7.26 110.76 94.07
N MET M 75 8.05 111.21 93.10
CA MET M 75 9.43 111.60 93.27
C MET M 75 9.51 113.09 93.02
N ARG M 76 10.16 113.81 93.94
CA ARG M 76 10.51 115.21 93.77
C ARG M 76 12.01 115.23 93.56
N CYS M 77 12.49 115.67 92.40
CA CYS M 77 13.92 115.96 92.30
C CYS M 77 14.26 117.17 93.16
N THR M 78 15.48 117.29 93.64
CA THR M 78 16.00 118.54 94.18
C THR M 78 16.59 119.40 93.07
N GLU M 79 17.53 118.86 92.28
CA GLU M 79 18.31 119.57 91.27
C GLU M 79 17.39 120.03 90.13
N CYS M 80 16.72 119.10 89.45
CA CYS M 80 15.61 119.48 88.59
C CYS M 80 14.33 119.79 89.35
N GLY M 81 14.22 119.63 90.66
CA GLY M 81 13.02 120.03 91.43
C GLY M 81 11.75 119.19 91.18
N VAL M 82 11.79 118.38 90.11
CA VAL M 82 10.65 117.94 89.31
C VAL M 82 9.76 116.94 90.04
N LYS M 83 8.44 117.12 90.00
CA LYS M 83 7.45 116.32 90.75
C LYS M 83 6.77 115.36 89.79
N CYS M 84 6.85 114.06 90.05
CA CYS M 84 6.39 113.05 89.10
C CYS M 84 6.00 111.75 89.81
N HIS M 85 5.32 110.82 89.13
CA HIS M 85 5.25 109.44 89.63
C HIS M 85 6.67 108.88 89.81
N GLU M 86 6.81 107.89 90.68
CA GLU M 86 7.96 106.98 90.60
C GLU M 86 8.09 106.38 89.20
N LYS M 87 7.03 105.74 88.69
CA LYS M 87 7.03 105.21 87.31
C LYS M 87 7.28 106.28 86.23
N CYS M 88 7.16 107.56 86.56
CA CYS M 88 7.48 108.66 85.67
C CYS M 88 8.85 109.29 85.87
N GLN M 89 9.53 109.09 87.00
CA GLN M 89 10.75 109.83 87.28
C GLN M 89 11.87 109.55 86.27
N ASP M 90 11.75 108.41 85.56
CA ASP M 90 12.59 108.02 84.43
C ASP M 90 11.97 108.39 83.07
N LEU M 91 10.64 108.40 82.97
CA LEU M 91 9.92 108.85 81.77
C LEU M 91 10.03 110.36 81.57
N LEU M 92 10.35 111.11 82.62
CA LEU M 92 10.94 112.44 82.53
C LEU M 92 12.28 112.35 81.77
N ASN M 93 12.21 112.41 80.45
CA ASN M 93 13.28 111.96 79.55
C ASN M 93 14.55 112.83 79.55
N ALA M 94 14.41 114.16 79.55
CA ALA M 94 15.53 115.06 79.34
C ALA M 94 16.42 115.22 80.59
N ASP M 95 17.65 115.70 80.42
CA ASP M 95 18.62 115.76 81.51
C ASP M 95 18.20 116.70 82.66
N CYS M 96 18.92 116.71 83.76
CA CYS M 96 18.56 117.50 84.91
C CYS M 96 18.64 119.01 84.66
N LEU M 97 19.48 119.51 83.74
CA LEU M 97 19.32 120.87 83.25
C LEU M 97 17.93 121.05 82.64
N GLN M 98 17.62 120.30 81.59
CA GLN M 98 16.36 120.44 80.85
C GLN M 98 15.14 120.22 81.76
N ARG M 99 15.12 119.17 82.60
CA ARG M 99 14.04 118.97 83.57
C ARG M 99 14.06 119.96 84.73
N ALA M 100 15.18 120.60 85.09
CA ALA M 100 15.13 121.76 85.99
C ALA M 100 14.39 122.92 85.31
N ALA M 101 14.62 123.12 84.01
CA ALA M 101 13.85 124.04 83.19
C ALA M 101 12.35 123.67 83.11
N GLU M 102 12.01 122.43 82.78
CA GLU M 102 10.61 122.00 82.69
C GLU M 102 9.90 122.02 84.05
N LYS M 103 10.55 121.60 85.15
CA LYS M 103 10.05 121.84 86.51
C LYS M 103 9.79 123.32 86.76
N SER M 104 10.73 124.17 86.39
CA SER M 104 10.59 125.61 86.61
C SER M 104 9.38 126.13 85.84
N SER M 105 9.12 125.66 84.62
CA SER M 105 7.89 126.01 83.89
C SER M 105 6.60 125.51 84.57
N LYS M 106 6.64 124.33 85.24
CA LYS M 106 5.48 123.73 85.92
C LYS M 106 5.27 124.19 87.37
N HIS M 107 6.31 124.76 88.00
CA HIS M 107 6.20 125.59 89.20
C HIS M 107 5.79 127.04 88.86
N GLY M 108 6.31 127.65 87.78
CA GLY M 108 5.86 128.96 87.27
C GLY M 108 6.74 129.63 86.19
N ALA M 109 8.07 129.63 86.36
CA ALA M 109 9.02 130.27 85.45
C ALA M 109 9.23 129.50 84.13
N GLU M 110 8.45 129.81 83.09
CA GLU M 110 8.62 129.26 81.75
C GLU M 110 9.92 129.75 81.08
N ASP M 111 10.39 130.94 81.42
CA ASP M 111 11.56 131.58 80.81
C ASP M 111 12.84 130.74 80.95
N ARG M 112 12.93 129.97 82.04
CA ARG M 112 13.98 128.98 82.30
C ARG M 112 14.09 127.97 81.14
N THR M 113 12.97 127.56 80.53
CA THR M 113 12.96 126.66 79.38
C THR M 113 13.68 127.28 78.19
N GLN M 114 13.38 128.53 77.84
CA GLN M 114 14.12 129.26 76.80
C GLN M 114 15.59 129.44 77.16
N ASN M 115 15.89 129.72 78.42
CA ASN M 115 17.26 129.72 78.93
C ASN M 115 17.97 128.39 78.66
N ILE M 116 17.37 127.23 78.95
CA ILE M 116 18.07 125.95 78.76
C ILE M 116 18.03 125.46 77.32
N ILE M 117 17.07 125.91 76.51
CA ILE M 117 17.21 125.89 75.05
C ILE M 117 18.45 126.68 74.63
N MET M 118 18.68 127.86 75.22
CA MET M 118 19.90 128.62 74.98
C MET M 118 21.14 127.93 75.59
N VAL M 119 21.03 127.18 76.69
CA VAL M 119 22.13 126.30 77.14
C VAL M 119 22.41 125.23 76.11
N LEU M 120 21.39 124.61 75.53
CA LEU M 120 21.55 123.62 74.46
C LEU M 120 22.25 124.25 73.26
N LYS M 121 21.80 125.42 72.80
CA LYS M 121 22.48 126.21 71.76
C LYS M 121 23.92 126.49 72.13
N ASP M 122 24.16 127.09 73.30
CA ASP M 122 25.47 127.51 73.76
C ASP M 122 26.40 126.32 73.92
N ARG M 123 25.93 125.20 74.46
CA ARG M 123 26.66 123.93 74.52
C ARG M 123 27.15 123.51 73.14
N MET M 124 26.26 123.49 72.15
CA MET M 124 26.61 123.12 70.77
C MET M 124 27.54 124.16 70.10
N LYS M 125 27.36 125.46 70.33
CA LYS M 125 28.28 126.51 69.85
C LYS M 125 29.67 126.38 70.47
N ILE M 126 29.74 126.21 71.79
CA ILE M 126 30.99 126.00 72.53
C ILE M 126 31.65 124.72 72.01
N ARG M 127 30.91 123.62 71.93
CA ARG M 127 31.37 122.33 71.42
C ARG M 127 32.02 122.46 70.05
N GLU M 128 31.34 123.12 69.13
CA GLU M 128 31.83 123.46 67.81
C GLU M 128 33.08 124.34 67.84
N ARG M 129 33.06 125.40 68.63
CA ARG M 129 34.13 126.40 68.68
C ARG M 129 35.37 125.87 69.39
N ASN M 130 35.19 124.97 70.34
CA ASN M 130 36.23 124.40 71.18
C ASN M 130 36.78 123.10 70.62
N LYS M 131 35.92 122.26 70.04
CA LYS M 131 36.30 121.03 69.37
C LYS M 131 35.88 120.99 67.90
N PRO M 132 36.14 122.04 67.10
CA PRO M 132 35.80 122.03 65.68
C PRO M 132 36.43 120.82 64.98
N GLU M 133 37.60 120.40 65.43
CA GLU M 133 38.32 119.26 64.89
C GLU M 133 37.54 117.94 65.03
N ILE M 134 36.61 117.80 65.98
CA ILE M 134 35.72 116.64 66.00
C ILE M 134 34.88 116.64 64.72
N PHE M 135 34.25 117.76 64.41
CA PHE M 135 33.26 117.85 63.33
C PHE M 135 33.92 117.85 61.95
N GLU M 136 35.05 118.52 61.82
CA GLU M 136 35.94 118.41 60.67
C GLU M 136 36.42 116.98 60.47
N LEU M 137 36.86 116.28 61.51
CA LEU M 137 37.33 114.92 61.33
C LEU M 137 36.20 114.00 60.86
N ILE M 138 34.99 114.13 61.41
CA ILE M 138 33.81 113.40 60.94
C ILE M 138 33.56 113.74 59.46
N GLN M 139 33.62 115.01 59.09
CA GLN M 139 33.56 115.43 57.71
C GLN M 139 34.65 114.77 56.84
N GLU M 140 35.92 114.77 57.23
CA GLU M 140 36.98 114.17 56.42
C GLU M 140 36.91 112.64 56.36
N VAL M 141 36.64 111.98 57.49
CA VAL M 141 36.51 110.53 57.61
C VAL M 141 35.37 110.02 56.77
N PHE M 142 34.27 110.74 56.78
CA PHE M 142 33.13 110.49 55.91
C PHE M 142 33.24 111.24 54.57
N ALA M 143 34.39 111.85 54.30
CA ALA M 143 34.78 112.53 53.07
C ALA M 143 33.81 113.61 52.57
N VAL M 144 32.96 114.15 53.45
CA VAL M 144 31.96 115.17 53.11
C VAL M 144 32.67 116.51 52.85
N THR M 145 32.08 117.45 52.11
CA THR M 145 32.70 118.79 51.92
C THR M 145 32.43 119.69 53.11
N LYS M 146 33.17 120.80 53.26
CA LYS M 146 32.99 121.75 54.37
C LYS M 146 31.64 122.48 54.33
N SER M 147 31.19 122.89 53.14
CA SER M 147 29.88 123.50 52.94
C SER M 147 28.76 122.49 53.18
N ALA M 148 28.82 121.30 52.58
CA ALA M 148 27.80 120.28 52.79
C ALA M 148 27.79 119.77 54.24
N HIS M 149 28.97 119.67 54.86
CA HIS M 149 29.09 119.46 56.29
C HIS M 149 28.40 120.57 57.06
N THR M 150 28.57 121.84 56.70
CA THR M 150 27.85 122.95 57.33
C THR M 150 26.33 122.81 57.18
N GLN M 151 25.85 122.31 56.04
CA GLN M 151 24.40 122.13 55.83
C GLN M 151 23.83 120.87 56.52
N GLN M 152 24.54 119.74 56.56
CA GLN M 152 24.15 118.60 57.41
C GLN M 152 24.33 118.92 58.89
N MET M 153 25.26 119.80 59.22
CA MET M 153 25.43 120.30 60.57
C MET M 153 24.27 121.21 60.94
N LYS M 154 23.80 122.11 60.06
CA LYS M 154 22.49 122.76 60.22
C LYS M 154 21.41 121.72 60.48
N ALA M 155 21.38 120.62 59.72
CA ALA M 155 20.40 119.57 59.97
C ALA M 155 20.53 118.92 61.36
N VAL M 156 21.71 118.47 61.82
CA VAL M 156 21.81 117.84 63.16
C VAL M 156 21.80 118.83 64.31
N LYS M 157 22.26 120.06 64.10
CA LYS M 157 21.99 121.19 65.01
C LYS M 157 20.51 121.30 65.14
N GLN M 158 19.78 121.46 64.04
CA GLN M 158 18.34 121.54 64.08
C GLN M 158 17.72 120.29 64.71
N SER M 159 18.25 119.09 64.49
CA SER M 159 17.74 117.88 65.14
C SER M 159 17.95 117.85 66.66
N VAL M 160 18.72 118.79 67.23
CA VAL M 160 18.82 119.01 68.69
C VAL M 160 18.50 120.47 69.10
N LEU M 161 18.23 121.38 68.16
CA LEU M 161 18.06 122.83 68.37
C LEU M 161 16.75 123.38 67.83
N ASP M 162 16.24 122.86 66.72
CA ASP M 162 14.79 122.87 66.50
C ASP M 162 14.20 121.82 67.45
N GLY M 163 14.74 120.59 67.40
CA GLY M 163 14.47 119.48 68.33
C GLY M 163 15.01 119.64 69.76
N THR M 164 15.08 120.89 70.25
CA THR M 164 15.60 121.23 71.59
C THR M 164 14.63 120.96 72.74
N SER M 165 13.34 120.83 72.46
CA SER M 165 12.26 120.72 73.48
C SER M 165 10.90 120.34 72.87
N LYS M 166 10.88 119.52 71.81
CA LYS M 166 9.72 119.38 70.92
C LYS M 166 8.89 118.13 71.19
N TRP M 167 7.57 118.30 71.17
CA TRP M 167 6.56 117.25 71.02
C TRP M 167 5.54 117.72 69.94
N SER M 168 6.07 118.21 68.83
CA SER M 168 5.33 118.74 67.66
C SER M 168 4.97 117.60 66.69
N ALA M 169 4.25 116.60 67.19
CA ALA M 169 3.95 115.38 66.49
C ALA M 169 3.09 115.57 65.23
N LYS M 170 3.63 115.18 64.08
CA LYS M 170 2.77 114.72 62.99
C LYS M 170 2.13 113.39 63.44
N ILE M 171 0.86 113.21 63.10
CA ILE M 171 0.06 112.03 63.41
C ILE M 171 -0.56 111.55 62.09
N SER M 172 -0.64 110.26 61.85
CA SER M 172 -1.13 109.68 60.60
C SER M 172 -2.08 108.53 60.90
N ILE M 173 -3.36 108.88 60.98
CA ILE M 173 -4.46 108.06 61.46
C ILE M 173 -5.07 107.31 60.29
N THR M 174 -4.71 106.06 60.08
CA THR M 174 -5.49 105.18 59.21
C THR M 174 -6.69 104.62 59.94
N VAL M 175 -7.87 105.12 59.60
CA VAL M 175 -9.11 104.41 59.93
C VAL M 175 -9.13 103.11 59.14
N VAL M 176 -8.96 101.98 59.81
CA VAL M 176 -8.83 100.68 59.14
C VAL M 176 -10.19 100.06 58.86
N CYS M 177 -10.96 99.74 59.89
CA CYS M 177 -12.19 98.98 59.76
C CYS M 177 -13.06 99.16 61.00
N ALA M 178 -14.30 98.70 60.97
CA ALA M 178 -15.13 98.56 62.15
C ALA M 178 -15.84 97.19 62.14
N GLN M 179 -16.37 96.78 63.29
CA GLN M 179 -17.08 95.53 63.52
C GLN M 179 -18.28 95.77 64.44
N GLY M 180 -19.43 95.16 64.16
CA GLY M 180 -20.60 95.20 65.04
C GLY M 180 -21.31 96.56 65.14
N LEU M 181 -21.18 97.43 64.13
CA LEU M 181 -21.81 98.76 64.13
C LEU M 181 -23.35 98.68 64.26
N GLN M 182 -23.95 99.74 64.80
CA GLN M 182 -25.41 99.86 64.83
C GLN M 182 -25.94 100.14 63.41
N ALA M 183 -27.09 99.55 63.06
CA ALA M 183 -27.78 99.89 61.82
C ALA M 183 -28.51 101.24 61.93
N LYS M 184 -28.48 102.04 60.85
CA LYS M 184 -29.16 103.34 60.72
C LYS M 184 -29.63 103.65 59.28
N ASP M 185 -29.36 102.79 58.30
CA ASP M 185 -29.32 103.21 56.89
C ASP M 185 -30.68 103.45 56.21
N LYS M 186 -30.59 104.14 55.08
CA LYS M 186 -31.50 104.03 53.96
C LYS M 186 -31.57 102.59 53.40
N THR M 187 -30.45 101.83 53.38
CA THR M 187 -30.40 100.38 53.03
C THR M 187 -30.94 99.41 54.09
N GLY M 188 -31.23 99.88 55.31
CA GLY M 188 -31.47 99.03 56.50
C GLY M 188 -30.22 98.49 57.20
N SER M 189 -29.01 98.64 56.65
CA SER M 189 -27.74 98.30 57.30
C SER M 189 -27.13 99.57 57.91
N SER M 190 -25.94 99.99 57.47
CA SER M 190 -25.48 101.38 57.46
C SER M 190 -24.56 101.64 56.27
N ASP M 191 -24.41 102.91 55.90
CA ASP M 191 -23.37 103.42 55.04
C ASP M 191 -22.29 104.10 55.91
N PRO M 192 -21.56 103.35 56.76
CA PRO M 192 -20.59 103.94 57.66
C PRO M 192 -19.43 104.63 56.91
N TYR M 193 -19.19 105.89 57.25
CA TYR M 193 -17.89 106.55 57.15
C TYR M 193 -17.44 107.01 58.53
N VAL M 194 -16.28 107.64 58.61
CA VAL M 194 -15.67 108.12 59.84
C VAL M 194 -15.18 109.54 59.65
N THR M 195 -15.36 110.40 60.65
CA THR M 195 -14.54 111.61 60.79
C THR M 195 -13.46 111.36 61.82
N VAL M 196 -12.28 111.91 61.57
CA VAL M 196 -11.21 112.03 62.55
C VAL M 196 -10.98 113.51 62.83
N GLN M 197 -10.71 113.86 64.08
CA GLN M 197 -10.37 115.22 64.50
C GLN M 197 -9.22 115.21 65.51
N VAL M 198 -8.27 116.13 65.35
CA VAL M 198 -7.16 116.37 66.30
C VAL M 198 -7.00 117.87 66.48
N GLY M 199 -7.00 118.37 67.72
CA GLY M 199 -7.22 119.80 67.95
C GLY M 199 -8.55 120.28 67.35
N LYS M 200 -8.55 121.45 66.70
CA LYS M 200 -9.71 121.97 65.93
C LYS M 200 -9.89 121.24 64.58
N THR M 201 -8.81 120.72 63.99
CA THR M 201 -8.79 120.17 62.61
C THR M 201 -9.59 118.88 62.49
N LYS M 202 -10.42 118.77 61.44
CA LYS M 202 -11.35 117.65 61.19
C LYS M 202 -11.29 117.18 59.74
N LYS M 203 -11.31 115.86 59.53
CA LYS M 203 -11.21 115.15 58.23
C LYS M 203 -12.14 113.95 58.22
N ARG M 204 -12.43 113.34 57.06
CA ARG M 204 -13.28 112.14 56.96
C ARG M 204 -12.79 111.06 56.01
N THR M 205 -13.08 109.81 56.33
CA THR M 205 -13.08 108.70 55.38
C THR M 205 -14.20 108.89 54.37
N LYS M 206 -14.02 108.31 53.18
CA LYS M 206 -15.14 107.95 52.33
C LYS M 206 -15.99 106.88 53.01
N THR M 207 -17.08 106.54 52.35
CA THR M 207 -18.15 105.76 52.93
C THR M 207 -18.08 104.33 52.45
N ILE M 208 -18.16 103.38 53.37
CA ILE M 208 -18.52 102.01 53.02
C ILE M 208 -20.04 101.94 53.09
N TYR M 209 -20.67 101.34 52.08
CA TYR M 209 -22.12 101.37 51.92
C TYR M 209 -22.75 100.01 52.28
N GLY M 210 -23.89 100.03 52.97
CA GLY M 210 -24.65 98.82 53.33
C GLY M 210 -23.98 97.83 54.29
N ASN M 211 -22.96 98.23 55.08
CA ASN M 211 -22.12 97.35 55.87
C ASN M 211 -22.08 97.77 57.36
N LEU M 212 -22.13 96.79 58.27
CA LEU M 212 -21.92 97.00 59.73
C LEU M 212 -20.54 96.52 60.22
N ASN M 213 -19.76 95.89 59.35
CA ASN M 213 -18.37 95.50 59.55
C ASN M 213 -17.45 96.12 58.46
N PRO M 214 -17.48 97.45 58.22
CA PRO M 214 -16.80 98.09 57.10
C PRO M 214 -15.28 98.02 57.18
N VAL M 215 -14.58 98.00 56.05
CA VAL M 215 -13.13 98.26 55.98
C VAL M 215 -12.89 99.51 55.13
N TRP M 216 -12.28 100.55 55.72
CA TRP M 216 -11.85 101.76 55.02
C TRP M 216 -10.37 101.69 54.61
N GLU M 217 -9.46 101.41 55.55
CA GLU M 217 -8.01 101.58 55.39
C GLU M 217 -7.62 103.00 54.92
N GLU M 218 -8.29 104.04 55.42
CA GLU M 218 -8.12 105.43 54.96
C GLU M 218 -7.36 106.30 55.96
N ASN M 219 -6.31 106.98 55.48
CA ASN M 219 -5.36 107.69 56.33
C ASN M 219 -5.55 109.21 56.34
N PHE M 220 -5.50 109.76 57.54
CA PHE M 220 -5.56 111.19 57.81
C PHE M 220 -4.31 111.65 58.53
N HIS M 221 -3.59 112.56 57.90
CA HIS M 221 -2.52 113.27 58.58
C HIS M 221 -3.08 114.40 59.44
N PHE M 222 -2.48 114.61 60.59
CA PHE M 222 -2.77 115.67 61.55
C PHE M 222 -1.50 116.17 62.21
N GLU M 223 -1.58 117.35 62.81
CA GLU M 223 -0.54 117.93 63.64
C GLU M 223 -1.06 118.07 65.06
N CYS M 224 -0.27 117.61 66.02
CA CYS M 224 -0.46 117.80 67.44
C CYS M 224 0.79 118.44 68.03
N HIS M 225 0.59 119.30 69.02
CA HIS M 225 1.67 120.07 69.66
C HIS M 225 1.68 119.89 71.19
N ASN M 226 0.97 118.88 71.69
CA ASN M 226 0.67 118.66 73.10
C ASN M 226 0.33 117.18 73.36
N SER M 227 1.15 116.48 74.15
CA SER M 227 0.89 115.10 74.55
C SER M 227 -0.41 114.91 75.34
N SER M 228 -0.94 115.98 75.95
CA SER M 228 -2.25 115.98 76.60
C SER M 228 -3.43 116.29 75.66
N ASP M 229 -3.24 116.44 74.34
CA ASP M 229 -4.36 116.50 73.39
C ASP M 229 -5.12 115.16 73.33
N ARG M 230 -6.29 115.19 72.69
CA ARG M 230 -7.01 113.98 72.28
C ARG M 230 -7.18 113.93 70.76
N ILE M 231 -7.05 112.73 70.22
CA ILE M 231 -7.72 112.35 68.96
C ILE M 231 -9.20 112.10 69.27
N LYS M 232 -10.10 112.55 68.40
CA LYS M 232 -11.52 112.15 68.36
C LYS M 232 -11.81 111.40 67.06
N VAL M 233 -12.41 110.24 67.14
CA VAL M 233 -12.79 109.43 65.96
C VAL M 233 -14.26 109.07 66.04
N ARG M 234 -15.03 109.37 64.99
CA ARG M 234 -16.50 109.29 65.02
C ARG M 234 -17.03 108.65 63.76
N VAL M 235 -17.96 107.71 63.88
CA VAL M 235 -18.48 106.91 62.77
C VAL M 235 -19.89 107.41 62.45
N TRP M 236 -20.20 107.57 61.17
CA TRP M 236 -21.42 108.20 60.66
C TRP M 236 -22.02 107.37 59.54
N ASP M 237 -23.32 107.14 59.58
CA ASP M 237 -24.04 106.57 58.47
C ASP M 237 -24.32 107.67 57.42
N GLU M 238 -23.78 107.54 56.22
CA GLU M 238 -23.90 108.60 55.23
C GLU M 238 -25.33 108.77 54.71
N ASP M 239 -26.08 109.70 55.28
CA ASP M 239 -27.40 110.08 54.79
C ASP M 239 -27.29 111.22 53.77
N ASP M 240 -27.55 110.92 52.51
CA ASP M 240 -27.76 111.94 51.48
C ASP M 240 -29.21 111.84 50.97
N ASP M 241 -30.10 112.52 51.69
CA ASP M 241 -31.56 112.51 51.47
C ASP M 241 -32.19 113.84 51.94
N ILE M 242 -33.47 114.06 51.65
CA ILE M 242 -34.17 115.31 52.05
C ILE M 242 -34.07 115.53 53.58
N LYS M 243 -34.14 114.45 54.37
CA LYS M 243 -33.93 114.51 55.82
C LYS M 243 -32.55 115.05 56.18
N SER M 244 -31.46 114.57 55.59
CA SER M 244 -30.12 115.11 55.88
C SER M 244 -29.96 116.55 55.40
N ARG M 245 -30.50 116.92 54.23
CA ARG M 245 -30.53 118.31 53.75
C ARG M 245 -31.31 119.24 54.69
N VAL M 246 -32.36 118.77 55.35
CA VAL M 246 -33.06 119.49 56.43
C VAL M 246 -32.21 119.52 57.71
N LYS M 247 -31.70 118.37 58.18
CA LYS M 247 -30.87 118.27 59.40
C LYS M 247 -29.65 119.19 59.38
N GLN M 248 -29.03 119.39 58.21
CA GLN M 248 -27.88 120.30 58.01
C GLN M 248 -28.16 121.76 58.43
N ARG M 249 -29.43 122.16 58.56
CA ARG M 249 -29.87 123.50 59.00
C ARG M 249 -29.96 123.63 60.54
N PHE M 250 -29.79 122.53 61.29
CA PHE M 250 -30.02 122.45 62.74
C PHE M 250 -28.96 121.64 63.54
N LYS M 251 -28.32 120.62 62.94
CA LYS M 251 -27.23 119.81 63.54
C LYS M 251 -26.03 119.71 62.57
N ARG M 252 -24.80 119.80 63.10
CA ARG M 252 -23.54 119.68 62.32
C ARG M 252 -23.26 118.30 61.72
N GLU M 253 -23.87 117.24 62.27
CA GLU M 253 -23.51 115.84 61.97
C GLU M 253 -24.64 115.14 61.22
N SER M 254 -24.86 115.53 59.96
CA SER M 254 -26.01 115.17 59.12
C SER M 254 -26.11 113.70 58.67
N ASP M 255 -25.38 112.80 59.31
CA ASP M 255 -25.03 111.47 58.81
C ASP M 255 -25.08 110.50 60.00
N ASP M 256 -26.20 109.79 60.17
CA ASP M 256 -26.63 109.29 61.46
C ASP M 256 -25.53 108.51 62.21
N PHE M 257 -25.14 109.06 63.35
CA PHE M 257 -23.94 108.67 64.06
C PHE M 257 -24.01 107.24 64.60
N LEU M 258 -22.93 106.50 64.34
CA LEU M 258 -22.75 105.08 64.58
C LEU M 258 -21.86 104.78 65.79
N GLY M 259 -21.16 105.79 66.32
CA GLY M 259 -20.36 105.70 67.54
C GLY M 259 -19.01 106.38 67.45
N GLN M 260 -18.31 106.60 68.57
CA GLN M 260 -16.99 107.26 68.60
C GLN M 260 -15.99 106.56 69.53
N THR M 261 -14.71 106.86 69.34
CA THR M 261 -13.65 106.64 70.34
C THR M 261 -12.81 107.91 70.49
N ILE M 262 -12.28 108.15 71.69
CA ILE M 262 -11.46 109.32 72.01
C ILE M 262 -10.18 108.82 72.71
N ILE M 263 -9.01 109.30 72.26
CA ILE M 263 -7.72 108.68 72.59
C ILE M 263 -6.73 109.78 73.01
N GLU M 264 -6.09 109.66 74.18
CA GLU M 264 -5.07 110.62 74.62
C GLU M 264 -3.80 110.52 73.79
N VAL M 265 -3.24 111.66 73.38
CA VAL M 265 -2.03 111.67 72.57
C VAL M 265 -0.84 111.01 73.30
N ARG M 266 -0.74 111.07 74.64
CA ARG M 266 0.32 110.34 75.38
C ARG M 266 0.16 108.82 75.43
N THR M 267 -0.99 108.25 75.07
CA THR M 267 -1.09 106.79 74.84
C THR M 267 -0.43 106.39 73.52
N LEU M 268 -0.25 107.35 72.62
CA LEU M 268 0.38 107.12 71.33
C LEU M 268 1.91 107.15 71.41
N SER M 269 2.52 106.44 70.47
CA SER M 269 3.96 106.48 70.16
C SER M 269 4.16 105.94 68.75
N GLY M 270 5.30 106.23 68.12
CA GLY M 270 5.80 105.54 66.92
C GLY M 270 4.74 105.18 65.87
N GLU M 271 4.34 103.92 65.85
CA GLU M 271 3.22 103.40 65.04
C GLU M 271 2.34 102.45 65.87
N MET M 272 1.03 102.48 65.63
CA MET M 272 0.01 101.69 66.34
C MET M 272 -1.00 101.08 65.36
N ASP M 273 -1.66 100.01 65.78
CA ASP M 273 -2.76 99.36 65.05
C ASP M 273 -3.69 98.63 66.05
N VAL M 274 -4.77 99.29 66.45
CA VAL M 274 -5.58 98.99 67.64
C VAL M 274 -7.06 99.08 67.30
N TRP M 275 -7.92 98.24 67.88
CA TRP M 275 -9.37 98.47 67.82
C TRP M 275 -10.03 98.79 69.15
N TYR M 276 -10.92 99.77 69.08
CA TYR M 276 -11.54 100.51 70.17
C TYR M 276 -13.06 100.31 70.11
N ASN M 277 -13.71 99.89 71.20
CA ASN M 277 -15.17 99.89 71.26
C ASN M 277 -15.74 101.32 71.13
N LEU M 278 -16.93 101.44 70.52
CA LEU M 278 -17.57 102.71 70.20
C LEU M 278 -18.56 103.21 71.25
N ASP M 279 -18.67 104.52 71.36
CA ASP M 279 -19.40 105.29 72.38
C ASP M 279 -20.40 106.29 71.76
N LYS M 280 -21.42 106.72 72.52
CA LYS M 280 -22.42 107.72 72.11
C LYS M 280 -21.85 109.16 72.04
N ARG M 281 -22.59 110.07 71.39
CA ARG M 281 -22.33 111.53 71.37
C ARG M 281 -23.61 112.36 71.29
N THR M 282 -24.22 112.38 70.10
CA THR M 282 -25.37 113.22 69.76
C THR M 282 -26.68 112.72 70.36
N ASP M 283 -27.71 113.56 70.31
CA ASP M 283 -29.10 113.18 70.66
C ASP M 283 -29.66 112.05 69.78
N LYS M 284 -29.12 111.88 68.56
CA LYS M 284 -29.48 110.82 67.58
C LYS M 284 -28.75 109.48 67.79
N SER M 285 -27.88 109.36 68.79
CA SER M 285 -26.99 108.21 68.97
C SER M 285 -27.72 106.91 69.36
N ALA M 286 -27.54 105.85 68.58
CA ALA M 286 -27.63 104.45 69.03
C ALA M 286 -26.36 103.78 68.51
N VAL M 287 -25.61 103.09 69.39
CA VAL M 287 -24.20 102.74 69.16
C VAL M 287 -23.93 101.30 69.57
N SER M 288 -23.07 100.61 68.82
CA SER M 288 -22.57 99.27 69.13
C SER M 288 -21.26 99.00 68.38
N GLY M 289 -20.52 97.97 68.81
CA GLY M 289 -19.33 97.52 68.09
C GLY M 289 -18.06 98.33 68.36
N ALA M 290 -17.09 98.21 67.44
CA ALA M 290 -15.73 98.74 67.59
C ALA M 290 -15.12 99.22 66.28
N ILE M 291 -14.14 100.12 66.35
CA ILE M 291 -13.34 100.65 65.23
C ILE M 291 -11.85 100.34 65.40
N ARG M 292 -11.23 99.78 64.36
CA ARG M 292 -9.79 99.59 64.24
C ARG M 292 -9.15 100.81 63.59
N LEU M 293 -8.17 101.37 64.28
CA LEU M 293 -7.34 102.47 63.85
C LEU M 293 -5.88 102.04 63.83
N HIS M 294 -5.25 102.16 62.68
CA HIS M 294 -3.81 102.35 62.63
C HIS M 294 -3.53 103.84 62.88
N ILE M 295 -2.52 104.14 63.70
CA ILE M 295 -2.17 105.50 64.11
C ILE M 295 -0.64 105.59 64.18
N SER M 296 -0.02 106.29 63.23
CA SER M 296 1.40 106.65 63.34
C SER M 296 1.56 108.03 63.97
N VAL M 297 2.67 108.23 64.68
CA VAL M 297 3.01 109.45 65.41
C VAL M 297 4.51 109.73 65.27
N GLU M 298 4.82 110.76 64.51
CA GLU M 298 6.18 111.06 64.06
C GLU M 298 6.99 111.90 65.06
N ILE M 299 6.77 111.67 66.35
CA ILE M 299 7.80 111.85 67.39
C ILE M 299 8.91 110.81 67.18
N LYS M 300 8.59 109.71 66.51
CA LYS M 300 9.47 108.77 65.83
C LYS M 300 10.58 109.49 65.06
N GLY M 301 11.82 109.05 65.21
CA GLY M 301 13.01 109.62 64.57
C GLY M 301 13.82 108.57 63.80
N GLU M 302 15.13 108.51 64.04
CA GLU M 302 16.01 107.43 63.56
C GLU M 302 15.72 106.13 64.33
N GLU M 303 14.60 105.49 64.02
CA GLU M 303 14.39 104.10 64.38
C GLU M 303 15.13 103.15 63.43
N LYS M 304 15.55 103.67 62.26
CA LYS M 304 16.32 102.99 61.21
C LYS M 304 17.73 102.55 61.59
N VAL M 305 18.02 102.44 62.89
CA VAL M 305 19.36 102.15 63.39
C VAL M 305 19.87 100.86 62.75
N ALA M 306 21.04 100.89 62.13
CA ALA M 306 21.76 99.63 62.13
C ALA M 306 22.07 99.38 63.63
N PRO M 307 21.99 98.14 64.15
CA PRO M 307 22.23 97.85 65.56
C PRO M 307 23.55 98.51 65.91
N TYR M 308 23.58 99.29 66.98
CA TYR M 308 24.54 100.39 66.99
C TYR M 308 26.00 99.98 66.98
N HIS M 309 26.25 98.73 67.34
CA HIS M 309 27.34 97.87 66.90
C HIS M 309 27.84 98.16 65.48
N VAL M 310 27.00 97.89 64.49
CA VAL M 310 27.28 98.05 63.07
C VAL M 310 27.53 99.50 62.70
N GLN M 311 26.76 100.42 63.28
CA GLN M 311 27.01 101.84 63.05
C GLN M 311 28.36 102.27 63.59
N TYR M 312 28.72 101.78 64.78
CA TYR M 312 30.03 101.99 65.36
C TYR M 312 31.12 101.36 64.52
N THR M 313 30.90 100.18 63.96
CA THR M 313 31.87 99.51 63.10
C THR M 313 32.15 100.34 61.86
N CYS M 314 31.10 100.80 61.17
CA CYS M 314 31.21 101.68 60.03
C CYS M 314 32.02 102.93 60.37
N LEU M 315 31.65 103.58 61.47
CA LEU M 315 32.40 104.70 61.99
C LEU M 315 33.87 104.34 62.15
N HIS M 316 34.14 103.25 62.87
CA HIS M 316 35.48 102.80 63.22
C HIS M 316 36.33 102.44 62.00
N GLU M 317 35.78 101.77 61.02
CA GLU M 317 36.50 101.37 59.80
C GLU M 317 36.87 102.59 58.97
N ASN M 318 35.89 103.48 58.79
CA ASN M 318 36.12 104.74 58.11
C ASN M 318 37.17 105.54 58.84
N LEU M 319 37.06 105.65 60.15
CA LEU M 319 38.03 106.39 60.92
C LEU M 319 39.41 105.72 60.81
N PHE M 320 39.50 104.39 60.92
CA PHE M 320 40.75 103.66 60.84
C PHE M 320 41.46 103.84 59.51
N HIS M 321 40.74 103.64 58.40
CA HIS M 321 41.34 103.89 57.10
C HIS M 321 41.77 105.37 57.02
N PHE M 322 40.95 106.28 57.54
CA PHE M 322 41.25 107.69 57.42
C PHE M 322 42.53 108.02 58.16
N VAL M 323 42.66 107.53 59.39
CA VAL M 323 43.86 107.75 60.19
C VAL M 323 45.05 107.07 59.53
N THR M 324 45.01 105.76 59.37
CA THR M 324 46.17 105.02 58.89
C THR M 324 46.52 105.43 57.48
N ASP M 325 45.56 105.36 56.59
CA ASP M 325 45.78 105.63 55.18
C ASP M 325 45.76 107.12 54.90
N VAL M 326 44.70 107.84 55.23
CA VAL M 326 44.60 109.21 54.75
C VAL M 326 45.56 110.14 55.47
N GLN M 327 45.56 110.14 56.79
CA GLN M 327 46.44 110.99 57.57
C GLN M 327 47.87 110.46 57.55
N ASN M 328 48.03 109.15 57.71
CA ASN M 328 49.33 108.54 57.94
C ASN M 328 49.86 107.74 56.75
N ASN M 329 49.24 107.88 55.59
CA ASN M 329 49.78 107.37 54.32
C ASN M 329 50.03 105.86 54.38
N GLY M 330 49.13 105.15 55.07
CA GLY M 330 49.14 103.72 55.33
C GLY M 330 49.92 103.31 56.56
N VAL M 331 50.78 104.19 57.09
CA VAL M 331 51.46 103.92 58.35
C VAL M 331 50.42 103.87 59.44
N VAL M 332 50.50 102.84 60.27
CA VAL M 332 49.68 102.78 61.47
C VAL M 332 50.32 103.67 62.53
N LYS M 333 49.80 104.88 62.74
CA LYS M 333 50.05 105.63 64.00
C LYS M 333 49.42 104.83 65.15
N ILE M 334 50.24 104.34 66.08
CA ILE M 334 49.75 103.68 67.30
C ILE M 334 49.13 104.78 68.20
N PRO M 335 47.91 104.60 68.75
CA PRO M 335 47.04 105.68 69.28
C PRO M 335 47.64 106.62 70.32
N ASP M 336 46.94 107.71 70.63
CA ASP M 336 47.10 108.38 71.94
C ASP M 336 46.44 107.54 73.04
N ALA M 337 46.97 106.33 73.21
CA ALA M 337 46.49 105.25 74.02
C ALA M 337 47.03 105.26 75.46
N LYS M 338 46.30 104.63 76.39
CA LYS M 338 46.64 104.62 77.84
C LYS M 338 46.55 103.20 78.40
N GLY M 339 47.61 102.76 79.11
CA GLY M 339 47.75 101.42 79.69
C GLY M 339 47.78 100.27 78.67
N ASP M 340 47.67 99.04 79.16
CA ASP M 340 47.34 97.86 78.35
C ASP M 340 46.00 98.07 77.59
N ASP M 341 45.12 98.81 78.26
CA ASP M 341 43.91 99.47 77.76
C ASP M 341 44.13 100.44 76.58
N ALA M 342 45.34 100.49 76.02
CA ALA M 342 45.56 100.83 74.63
C ALA M 342 44.64 100.00 73.73
N TRP M 343 44.36 98.77 74.13
CA TRP M 343 43.38 97.90 73.52
C TRP M 343 41.95 98.48 73.48
N LYS M 344 41.65 99.51 74.29
CA LYS M 344 40.40 100.28 74.32
C LYS M 344 40.55 101.72 73.84
N VAL M 345 41.77 102.20 73.66
CA VAL M 345 42.02 103.51 73.08
C VAL M 345 42.60 103.32 71.73
N TYR M 346 41.72 103.33 70.78
CA TYR M 346 42.00 103.04 69.40
C TYR M 346 42.65 104.24 68.70
N TYR M 347 42.43 105.45 69.22
CA TYR M 347 42.86 106.67 68.56
C TYR M 347 43.30 107.77 69.51
N ASP M 348 43.80 108.83 68.90
CA ASP M 348 43.92 110.18 69.43
C ASP M 348 42.62 110.69 70.01
N GLU M 349 42.68 111.64 70.94
CA GLU M 349 41.53 112.20 71.66
C GLU M 349 40.31 112.42 70.77
N THR M 350 40.48 113.11 69.65
CA THR M 350 39.34 113.59 68.88
C THR M 350 38.57 112.41 68.34
N ALA M 351 39.30 111.49 67.71
CA ALA M 351 38.81 110.25 67.16
C ALA M 351 38.33 109.28 68.25
N GLN M 352 39.03 109.25 69.38
CA GLN M 352 38.66 108.41 70.50
C GLN M 352 37.35 108.87 71.11
N GLU M 353 37.19 110.18 71.32
CA GLU M 353 35.95 110.79 71.74
C GLU M 353 34.84 110.60 70.72
N ILE M 354 35.13 110.68 69.43
CA ILE M 354 34.16 110.34 68.39
C ILE M 354 33.61 108.94 68.62
N VAL M 355 34.47 107.92 68.64
CA VAL M 355 33.98 106.54 68.75
C VAL M 355 33.40 106.25 70.13
N ASP M 356 33.91 106.90 71.18
CA ASP M 356 33.40 106.73 72.52
C ASP M 356 32.05 107.45 72.70
N GLU M 357 31.85 108.70 72.29
CA GLU M 357 30.53 109.35 72.34
C GLU M 357 29.49 108.56 71.57
N PHE M 358 29.89 107.93 70.47
CA PHE M 358 29.05 106.99 69.74
C PHE M 358 28.78 105.74 70.58
N ALA M 359 29.80 105.05 71.08
CA ALA M 359 29.67 103.89 71.94
C ALA M 359 29.04 104.18 73.32
N MET M 360 28.92 105.45 73.70
CA MET M 360 28.24 105.91 74.90
C MET M 360 26.79 106.22 74.60
N ARG M 361 26.53 107.19 73.71
CA ARG M 361 25.18 107.54 73.28
C ARG M 361 24.44 106.32 72.75
N TYR M 362 25.18 105.38 72.17
CA TYR M 362 24.67 104.15 71.60
C TYR M 362 25.28 102.86 72.19
N GLY M 363 25.80 102.93 73.41
CA GLY M 363 26.07 101.79 74.31
C GLY M 363 27.11 100.75 73.91
N VAL M 364 27.64 100.77 72.68
CA VAL M 364 28.47 99.71 72.09
C VAL M 364 29.60 99.24 73.01
N GLU M 365 29.61 97.94 73.33
CA GLU M 365 30.49 97.36 74.34
C GLU M 365 31.97 97.41 73.96
N SER M 366 32.83 97.63 74.94
CA SER M 366 34.29 97.79 74.77
C SER M 366 34.96 96.67 73.98
N ILE M 367 34.56 95.41 74.19
CA ILE M 367 35.08 94.28 73.43
C ILE M 367 34.71 94.32 71.95
N TYR M 368 33.50 94.76 71.61
CA TYR M 368 33.06 94.91 70.23
C TYR M 368 33.89 95.99 69.52
N GLN M 369 34.15 97.08 70.22
CA GLN M 369 35.03 98.15 69.77
C GLN M 369 36.46 97.62 69.48
N ALA M 370 37.00 96.81 70.40
CA ALA M 370 38.32 96.17 70.27
C ALA M 370 38.46 95.18 69.12
N MET M 371 37.51 94.24 68.95
CA MET M 371 37.57 93.26 67.87
C MET M 371 37.53 93.95 66.50
N THR M 372 36.73 95.01 66.39
CA THR M 372 36.67 95.90 65.22
C THR M 372 38.03 96.52 64.91
N HIS M 373 38.71 97.04 65.93
CA HIS M 373 40.06 97.56 65.81
C HIS M 373 41.09 96.49 65.45
N PHE M 374 41.01 95.29 66.00
CA PHE M 374 41.93 94.21 65.65
C PHE M 374 41.74 93.75 64.20
N ALA M 375 40.49 93.72 63.71
CA ALA M 375 40.18 93.50 62.31
C ALA M 375 40.83 94.56 61.42
N CYS M 376 40.66 95.83 61.77
CA CYS M 376 41.38 96.92 61.15
C CYS M 376 42.91 96.68 61.15
N LEU M 377 43.55 96.54 62.30
CA LEU M 377 45.01 96.36 62.42
C LEU M 377 45.55 95.20 61.58
N SER M 378 44.81 94.10 61.47
CA SER M 378 45.28 92.93 60.75
C SER M 378 45.57 93.21 59.27
N SER M 379 44.90 94.21 58.68
CA SER M 379 45.17 94.66 57.31
C SER M 379 46.51 95.40 57.15
N LYS M 380 47.23 95.64 58.26
CA LYS M 380 48.47 96.43 58.34
C LYS M 380 49.54 95.75 59.22
N TYR M 381 49.40 94.45 59.57
CA TYR M 381 50.12 93.84 60.70
C TYR M 381 51.66 93.95 60.62
N MET M 382 52.20 94.09 59.40
CA MET M 382 53.61 94.19 59.06
C MET M 382 54.26 95.53 59.48
N CYS M 383 53.48 96.58 59.74
CA CYS M 383 53.99 97.87 60.17
C CYS M 383 54.74 97.77 61.52
N PRO M 384 55.80 98.57 61.76
CA PRO M 384 56.65 98.41 62.94
C PRO M 384 55.87 98.58 64.25
N GLY M 385 56.18 97.77 65.28
CA GLY M 385 55.48 97.78 66.56
C GLY M 385 54.07 97.19 66.55
N VAL M 386 53.37 97.14 65.41
CA VAL M 386 52.00 96.59 65.32
C VAL M 386 51.92 95.16 65.87
N PRO M 387 52.91 94.26 65.75
CA PRO M 387 52.81 92.93 66.36
C PRO M 387 52.80 92.96 67.88
N ALA M 388 53.48 93.91 68.50
CA ALA M 388 53.36 94.13 69.94
C ALA M 388 51.95 94.61 70.28
N VAL M 389 51.40 95.57 69.53
CA VAL M 389 50.04 96.09 69.75
C VAL M 389 49.01 95.01 69.53
N MET M 390 49.12 94.21 68.48
CA MET M 390 48.21 93.11 68.22
C MET M 390 48.40 92.01 69.25
N SER M 391 49.63 91.73 69.72
CA SER M 391 49.83 90.78 70.83
C SER M 391 49.10 91.26 72.06
N THR M 392 49.19 92.56 72.33
CA THR M 392 48.51 93.24 73.43
C THR M 392 47.00 93.15 73.26
N LEU M 393 46.49 93.65 72.15
CA LEU M 393 45.08 93.68 71.84
C LEU M 393 44.48 92.28 71.88
N LEU M 394 45.19 91.28 71.37
CA LEU M 394 44.75 89.90 71.45
C LEU M 394 44.88 89.31 72.84
N ALA M 395 45.93 89.60 73.58
CA ALA M 395 46.01 89.19 74.97
C ALA M 395 44.79 89.71 75.74
N ASN M 396 44.35 90.93 75.44
CA ASN M 396 43.15 91.50 76.02
C ASN M 396 41.86 90.92 75.49
N ILE M 397 41.65 90.79 74.18
CA ILE M 397 40.46 90.15 73.61
C ILE M 397 40.36 88.70 74.12
N ASN M 398 41.50 88.01 74.23
CA ASN M 398 41.58 86.74 74.91
C ASN M 398 41.14 86.87 76.35
N ALA M 399 41.82 87.70 77.13
CA ALA M 399 41.52 87.86 78.55
C ALA M 399 40.06 88.24 78.78
N TYR M 400 39.49 88.99 77.83
CA TYR M 400 38.10 89.33 77.83
C TYR M 400 37.21 88.09 77.73
N TYR M 401 37.26 87.38 76.62
CA TYR M 401 36.36 86.24 76.43
C TYR M 401 36.73 85.03 77.31
N ALA M 402 37.99 84.87 77.65
CA ALA M 402 38.48 83.82 78.53
C ALA M 402 38.18 84.08 80.01
N HIS M 403 38.23 85.34 80.47
CA HIS M 403 38.19 85.65 81.91
C HIS M 403 37.19 86.75 82.29
N THR M 404 37.08 87.85 81.54
CA THR M 404 36.06 88.88 81.88
C THR M 404 34.66 88.29 81.68
N THR M 405 33.82 88.38 82.71
CA THR M 405 32.51 87.70 82.75
C THR M 405 32.58 86.18 82.57
N ALA M 406 33.73 85.54 82.78
CA ALA M 406 33.81 84.09 83.01
C ALA M 406 33.14 83.66 84.34
N SER M 407 32.72 84.62 85.15
CA SER M 407 31.68 84.47 86.18
C SER M 407 30.37 83.90 85.61
N THR M 408 30.02 84.23 84.37
CA THR M 408 29.00 83.49 83.61
C THR M 408 29.52 82.10 83.29
N ASN M 409 28.73 81.08 83.63
CA ASN M 409 29.13 79.68 83.49
C ASN M 409 29.25 79.23 82.02
N VAL M 410 28.79 80.06 81.09
CA VAL M 410 28.97 79.93 79.64
C VAL M 410 30.46 79.82 79.29
N SER M 411 30.81 78.95 78.34
CA SER M 411 32.21 78.74 77.97
C SER M 411 32.83 79.98 77.34
N ALA M 412 34.16 80.05 77.30
CA ALA M 412 34.83 81.13 76.62
C ALA M 412 34.49 81.15 75.13
N SER M 413 34.43 79.99 74.50
CA SER M 413 34.12 79.85 73.09
C SER M 413 32.67 80.24 72.78
N ASP M 414 31.78 80.08 73.75
CA ASP M 414 30.37 80.42 73.65
C ASP M 414 30.04 81.86 74.01
N ARG M 415 30.70 82.42 75.02
CA ARG M 415 30.64 83.85 75.31
C ARG M 415 31.20 84.62 74.12
N PHE M 416 32.28 84.10 73.56
CA PHE M 416 32.82 84.52 72.29
C PHE M 416 31.84 84.32 71.12
N ALA M 417 31.08 83.22 71.08
CA ALA M 417 29.99 83.08 70.11
C ALA M 417 28.92 84.17 70.26
N ALA M 418 28.51 84.45 71.49
CA ALA M 418 27.58 85.53 71.80
C ALA M 418 28.16 86.93 71.54
N SER M 419 29.42 87.02 71.12
CA SER M 419 29.96 88.25 70.60
C SER M 419 29.08 88.81 69.49
N ASN M 420 28.58 90.02 69.71
CA ASN M 420 27.83 90.75 68.69
C ASN M 420 28.71 91.02 67.46
N PHE M 421 30.04 90.99 67.59
CA PHE M 421 30.96 91.09 66.44
C PHE M 421 30.81 89.90 65.49
N GLY M 422 30.48 88.72 66.02
CA GLY M 422 30.50 87.48 65.26
C GLY M 422 31.81 86.73 65.51
N LYS M 423 31.74 85.69 66.33
CA LYS M 423 32.87 84.79 66.59
C LYS M 423 33.63 84.40 65.34
N GLU M 424 32.90 83.85 64.39
CA GLU M 424 33.41 83.31 63.12
C GLU M 424 34.28 84.31 62.38
N ARG M 425 33.74 85.51 62.14
CA ARG M 425 34.43 86.66 61.57
C ARG M 425 35.77 86.90 62.26
N PHE M 426 35.80 86.76 63.58
CA PHE M 426 37.02 86.91 64.36
C PHE M 426 37.98 85.71 64.24
N VAL M 427 37.45 84.48 64.26
CA VAL M 427 38.25 83.25 64.09
C VAL M 427 38.95 83.26 62.74
N LYS M 428 38.23 83.56 61.66
CA LYS M 428 38.77 83.68 60.30
C LYS M 428 39.96 84.65 60.29
N LEU M 429 39.72 85.83 60.82
CA LEU M 429 40.66 86.94 60.95
C LEU M 429 41.95 86.52 61.67
N LEU M 430 41.83 85.82 62.80
CA LEU M 430 42.98 85.25 63.51
C LEU M 430 43.73 84.24 62.66
N ASP M 431 43.04 83.34 62.00
CA ASP M 431 43.66 82.27 61.22
C ASP M 431 44.44 82.83 60.02
N GLN M 432 43.84 83.80 59.31
CA GLN M 432 44.50 84.52 58.23
C GLN M 432 45.78 85.18 58.73
N LEU M 433 45.66 85.91 59.84
CA LEU M 433 46.77 86.60 60.45
C LEU M 433 47.86 85.61 60.84
N HIS M 434 47.51 84.58 61.62
CA HIS M 434 48.41 83.51 62.06
C HIS M 434 49.16 82.92 60.89
N ASN M 435 48.45 82.55 59.83
CA ASN M 435 49.04 82.05 58.62
C ASN M 435 50.05 83.05 58.06
N SER M 436 49.66 84.32 57.95
CA SER M 436 50.54 85.38 57.49
C SER M 436 51.80 85.51 58.37
N LEU M 437 51.67 85.28 59.68
CA LEU M 437 52.82 85.22 60.58
C LEU M 437 53.70 84.01 60.26
N ARG M 438 53.12 82.78 60.26
CA ARG M 438 53.80 81.52 59.92
C ARG M 438 54.60 81.68 58.63
N ILE M 439 53.98 82.30 57.64
CA ILE M 439 54.59 82.62 56.35
C ILE M 439 55.85 83.44 56.57
N ASP M 440 55.70 84.59 57.21
CA ASP M 440 56.81 85.50 57.38
C ASP M 440 57.96 84.83 58.17
N LEU M 441 57.61 84.04 59.17
CA LEU M 441 58.54 83.26 59.97
C LEU M 441 59.25 82.19 59.15
N SER M 442 58.56 81.59 58.18
CA SER M 442 59.16 80.55 57.35
C SER M 442 60.33 81.08 56.54
N MET M 443 60.38 82.39 56.34
CA MET M 443 61.58 83.10 55.90
C MET M 443 61.97 84.19 56.87
N TYR M 444 62.10 83.81 58.14
CA TYR M 444 62.44 84.75 59.20
C TYR M 444 63.67 85.58 58.83
N ARG M 445 64.71 84.94 58.27
CA ARG M 445 65.98 85.61 58.02
C ARG M 445 65.81 86.75 57.04
N ASN M 446 65.10 86.47 55.95
CA ASN M 446 64.88 87.43 54.88
C ASN M 446 63.87 88.50 55.31
N ASN M 447 62.82 88.11 56.05
CA ASN M 447 61.77 89.03 56.48
C ASN M 447 62.16 89.90 57.67
N PHE M 448 63.06 89.43 58.54
CA PHE M 448 63.46 90.06 59.79
C PHE M 448 64.97 89.96 59.96
N PRO M 449 65.74 90.61 59.08
CA PRO M 449 67.18 90.45 59.03
C PRO M 449 67.81 90.86 60.36
N ALA M 450 68.86 90.14 60.77
CA ALA M 450 69.56 90.37 62.02
C ALA M 450 70.11 91.79 62.12
N SER M 451 70.52 92.33 60.97
CA SER M 451 70.95 93.72 60.76
C SER M 451 69.88 94.76 61.09
N SER M 452 68.61 94.38 61.21
CA SER M 452 67.57 95.22 61.78
C SER M 452 67.14 94.67 63.14
N PRO M 453 67.70 95.19 64.24
CA PRO M 453 67.20 94.95 65.59
C PRO M 453 65.73 95.27 65.73
N GLU M 454 65.25 96.27 65.01
CA GLU M 454 63.85 96.65 64.98
C GLU M 454 63.00 95.54 64.41
N ARG M 455 63.39 94.97 63.26
CA ARG M 455 62.71 93.81 62.76
C ARG M 455 62.99 92.57 63.58
N LEU M 456 64.13 92.43 64.27
CA LEU M 456 64.29 91.40 65.32
C LEU M 456 63.29 91.63 66.46
N GLN M 457 62.97 92.87 66.82
CA GLN M 457 61.99 93.08 67.86
C GLN M 457 60.58 92.86 67.36
N ASP M 458 60.24 93.37 66.19
CA ASP M 458 58.97 93.02 65.57
C ASP M 458 58.85 91.52 65.45
N LEU M 459 59.92 90.80 65.07
CA LEU M 459 60.01 89.34 65.07
C LEU M 459 59.70 88.78 66.48
N LYS M 460 60.36 89.29 67.52
CA LYS M 460 60.11 88.87 68.88
C LYS M 460 58.64 89.10 69.28
N SER M 461 58.12 90.31 69.09
CA SER M 461 56.71 90.66 69.27
C SER M 461 55.75 89.88 68.40
N THR M 462 56.20 89.41 67.24
CA THR M 462 55.43 88.54 66.35
C THR M 462 55.28 87.18 67.01
N VAL M 463 56.35 86.62 67.57
CA VAL M 463 56.26 85.33 68.25
C VAL M 463 55.49 85.48 69.56
N ASP M 464 55.58 86.63 70.21
CA ASP M 464 54.70 86.97 71.32
C ASP M 464 53.23 87.07 70.86
N LEU M 465 52.96 87.67 69.70
CA LEU M 465 51.64 87.61 69.10
C LEU M 465 51.23 86.17 68.78
N LEU M 466 52.11 85.34 68.23
CA LEU M 466 51.78 83.96 67.84
C LEU M 466 51.49 83.10 69.07
N THR M 467 52.24 83.29 70.17
CA THR M 467 51.87 82.73 71.46
C THR M 467 50.50 83.26 71.89
N SER M 468 50.24 84.56 71.77
CA SER M 468 48.93 85.15 72.06
C SER M 468 47.77 84.57 71.23
N ILE M 469 47.98 84.24 69.95
CA ILE M 469 47.00 83.55 69.09
C ILE M 469 46.83 82.09 69.53
N THR M 470 47.92 81.37 69.77
CA THR M 470 47.88 79.97 70.22
C THR M 470 47.09 79.86 71.53
N PHE M 471 47.36 80.79 72.43
CA PHE M 471 46.63 81.00 73.68
C PHE M 471 45.16 81.36 73.43
N PHE M 472 44.81 82.25 72.49
CA PHE M 472 43.41 82.44 72.11
C PHE M 472 42.72 81.18 71.61
N ARG M 473 43.37 80.40 70.75
CA ARG M 473 42.82 79.13 70.25
C ARG M 473 42.59 78.17 71.40
N MET M 474 43.57 78.05 72.28
CA MET M 474 43.52 77.20 73.46
C MET M 474 42.46 77.65 74.48
N LYS M 475 42.33 78.96 74.72
CA LYS M 475 41.57 79.52 75.84
C LYS M 475 40.20 80.03 75.44
N VAL M 476 40.10 80.76 74.33
CA VAL M 476 38.82 81.31 73.87
C VAL M 476 38.14 80.38 72.91
N GLN M 477 38.79 79.89 71.86
CA GLN M 477 38.16 78.83 71.04
C GLN M 477 38.10 77.50 71.77
N GLU M 478 38.86 77.36 72.87
CA GLU M 478 38.88 76.18 73.74
C GLU M 478 39.38 74.92 73.03
N LEU M 479 40.17 75.10 71.97
CA LEU M 479 40.80 74.02 71.23
C LEU M 479 41.80 73.27 72.12
N GLN M 480 41.86 71.95 71.95
CA GLN M 480 42.46 71.02 72.91
C GLN M 480 43.92 70.72 72.57
N SER M 481 44.19 70.58 71.28
CA SER M 481 45.52 70.43 70.70
C SER M 481 45.67 71.39 69.51
N PRO M 482 45.60 72.72 69.74
CA PRO M 482 46.02 73.69 68.72
C PRO M 482 47.50 73.46 68.36
N PRO M 483 47.97 73.96 67.21
CA PRO M 483 49.38 73.87 66.81
C PRO M 483 50.29 74.51 67.85
N ARG M 484 51.24 73.75 68.40
CA ARG M 484 52.11 74.25 69.47
C ARG M 484 53.07 75.30 68.93
N ALA M 485 53.10 76.48 69.56
CA ALA M 485 53.84 77.65 69.08
C ALA M 485 55.32 77.35 68.81
N SER M 486 56.00 76.58 69.67
CA SER M 486 57.39 76.16 69.40
C SER M 486 57.54 75.28 68.16
N GLN M 487 56.68 74.30 67.92
CA GLN M 487 56.78 73.44 66.73
C GLN M 487 56.45 74.20 65.44
N VAL M 488 55.40 75.01 65.48
CA VAL M 488 55.01 75.93 64.40
C VAL M 488 56.19 76.76 63.93
N VAL M 489 56.92 77.33 64.89
CA VAL M 489 58.10 78.15 64.62
C VAL M 489 59.28 77.27 64.18
N LYS M 490 59.51 76.12 64.80
CA LYS M 490 60.59 75.19 64.43
C LYS M 490 60.50 74.75 62.98
N ASP M 491 59.30 74.46 62.51
CA ASP M 491 59.03 74.24 61.09
C ASP M 491 59.48 75.44 60.25
N CYS M 492 59.07 76.65 60.62
CA CYS M 492 59.44 77.87 59.93
C CYS M 492 60.96 78.09 59.91
N VAL M 493 61.63 77.71 60.97
CA VAL M 493 63.08 77.85 61.09
C VAL M 493 63.77 76.84 60.21
N LYS M 494 63.38 75.58 60.32
CA LYS M 494 63.83 74.52 59.43
C LYS M 494 63.60 74.94 58.00
N ALA M 495 62.44 75.49 57.69
CA ALA M 495 62.12 76.02 56.37
C ALA M 495 63.15 77.08 55.98
N CYS M 496 63.28 78.12 56.78
CA CYS M 496 64.20 79.20 56.48
C CYS M 496 65.66 78.72 56.34
N LEU M 497 66.09 77.77 57.17
CA LEU M 497 67.40 77.13 57.09
C LEU M 497 67.59 76.31 55.83
N ASN M 498 66.60 75.53 55.42
CA ASN M 498 66.69 74.75 54.20
C ASN M 498 66.72 75.65 52.96
N SER M 499 65.91 76.71 52.94
CA SER M 499 65.96 77.73 51.89
C SER M 499 67.33 78.38 51.84
N THR M 500 67.88 78.66 53.02
CA THR M 500 69.26 79.11 53.13
C THR M 500 70.19 78.06 52.50
N TYR M 501 70.09 76.78 52.86
CA TYR M 501 71.04 75.76 52.39
C TYR M 501 70.99 75.58 50.88
N GLU M 502 69.79 75.38 50.34
CA GLU M 502 69.56 75.29 48.91
C GLU M 502 70.23 76.47 48.23
N TYR M 503 69.91 77.67 48.73
CA TYR M 503 70.41 78.87 48.13
C TYR M 503 71.94 78.91 48.21
N ILE M 504 72.55 78.56 49.34
CA ILE M 504 74.02 78.54 49.43
C ILE M 504 74.67 77.46 48.60
N PHE M 505 74.08 76.28 48.50
CA PHE M 505 74.68 75.18 47.75
C PHE M 505 74.62 75.40 46.25
N ASN M 506 73.60 76.15 45.81
CA ASN M 506 73.42 76.53 44.42
C ASN M 506 74.15 77.81 44.05
N ASN M 507 74.38 78.71 45.02
CA ASN M 507 74.94 80.05 44.79
C ASN M 507 76.22 80.29 45.61
N CYS M 508 76.97 79.23 45.92
CA CYS M 508 78.13 79.31 46.82
C CYS M 508 79.08 80.40 46.41
N HIS M 509 79.28 80.56 45.10
CA HIS M 509 80.24 81.52 44.64
C HIS M 509 79.79 82.95 44.75
N GLU M 510 78.56 83.23 44.40
CA GLU M 510 77.96 84.55 44.52
C GLU M 510 77.93 84.99 45.98
N LEU M 511 77.60 84.06 46.87
CA LEU M 511 77.53 84.31 48.29
C LEU M 511 78.90 84.44 48.92
N TYR M 512 79.75 83.42 48.78
CA TYR M 512 81.11 83.48 49.33
C TYR M 512 81.92 84.59 48.71
N GLY M 513 81.76 84.73 47.40
CA GLY M 513 82.10 85.89 46.62
C GLY M 513 81.87 87.16 47.41
N ARG M 514 80.63 87.63 47.41
CA ARG M 514 80.29 88.91 48.04
C ARG M 514 80.58 88.98 49.54
N GLU M 515 80.39 87.88 50.27
CA GLU M 515 80.49 87.89 51.73
C GLU M 515 81.95 87.81 52.25
N TYR M 516 82.91 87.22 51.53
CA TYR M 516 84.30 87.07 52.03
C TYR M 516 85.44 87.03 51.00
N GLN M 517 85.15 86.75 49.73
CA GLN M 517 86.13 86.14 48.83
C GLN M 517 87.48 86.87 48.75
N THR M 518 88.56 86.11 48.94
CA THR M 518 89.96 86.57 49.00
C THR M 518 90.52 87.12 47.67
N ASP M 519 89.68 87.39 46.67
CA ASP M 519 89.99 88.07 45.41
C ASP M 519 88.70 88.75 44.89
N PRO M 520 88.67 90.10 44.73
CA PRO M 520 87.46 90.82 44.33
C PRO M 520 86.94 90.42 42.94
N ALA M 521 87.80 89.95 42.03
CA ALA M 521 87.39 89.46 40.71
C ALA M 521 86.56 88.17 40.79
N LYS M 522 86.54 87.52 41.95
CA LYS M 522 85.83 86.26 42.21
C LYS M 522 84.55 86.45 43.06
N LYS M 523 84.07 87.69 43.24
CA LYS M 523 82.80 87.97 43.96
C LYS M 523 81.53 87.73 43.15
N GLY M 524 81.62 87.80 41.83
CA GLY M 524 80.48 87.75 40.91
C GLY M 524 79.94 86.35 40.63
N GLU M 525 79.10 86.24 39.59
CA GLU M 525 78.51 84.99 39.09
C GLU M 525 79.55 84.12 38.35
N VAL M 526 80.50 83.60 39.12
CA VAL M 526 81.38 82.49 38.73
C VAL M 526 80.55 81.30 38.22
N PRO M 527 81.04 80.47 37.28
CA PRO M 527 80.23 79.45 36.62
C PRO M 527 79.46 78.55 37.60
N PRO M 528 78.25 78.10 37.27
CA PRO M 528 77.47 77.22 38.15
C PRO M 528 78.23 76.00 38.66
N GLU M 529 79.14 75.44 37.86
CA GLU M 529 80.08 74.35 38.24
C GLU M 529 81.15 74.77 39.29
N GLU M 530 81.00 75.97 39.86
CA GLU M 530 81.86 76.60 40.84
C GLU M 530 81.03 77.39 41.89
N GLN M 531 79.71 77.47 41.70
CA GLN M 531 78.67 77.92 42.64
C GLN M 531 77.93 76.76 43.29
N GLY M 532 77.95 75.65 42.58
CA GLY M 532 77.89 74.30 43.06
C GLY M 532 79.29 73.69 42.84
N PRO M 533 79.42 72.38 42.93
CA PRO M 533 80.72 71.72 43.01
C PRO M 533 81.59 71.80 41.75
N SER M 534 82.90 72.00 41.94
CA SER M 534 83.93 71.84 40.90
C SER M 534 84.61 70.49 40.94
N ILE M 535 84.96 69.96 39.78
CA ILE M 535 85.92 68.85 39.69
C ILE M 535 87.39 69.31 39.63
N LYS M 536 87.64 70.58 39.28
CA LYS M 536 88.99 71.13 39.07
C LYS M 536 89.69 71.51 40.38
N ASN M 537 88.93 71.94 41.38
CA ASN M 537 89.43 72.57 42.60
C ASN M 537 88.56 72.23 43.82
N LEU M 538 89.12 72.45 45.01
CA LEU M 538 88.45 72.26 46.30
C LEU M 538 87.92 73.55 46.92
N ASP M 539 87.98 74.64 46.16
CA ASP M 539 87.83 75.97 46.70
C ASP M 539 86.37 76.26 46.99
N PHE M 540 85.46 75.85 46.09
CA PHE M 540 84.02 75.83 46.37
C PHE M 540 83.72 75.25 47.75
N TRP M 541 84.41 74.19 48.16
CA TRP M 541 84.19 73.54 49.43
C TRP M 541 84.78 74.32 50.59
N SER M 542 86.00 74.87 50.46
CA SER M 542 86.51 75.79 51.49
C SER M 542 85.58 76.98 51.68
N LYS M 543 84.93 77.40 50.61
CA LYS M 543 84.02 78.54 50.56
C LYS M 543 82.69 78.21 51.19
N LEU M 544 82.16 77.05 50.85
CA LEU M 544 80.98 76.48 51.47
C LEU M 544 81.17 76.29 52.98
N ILE M 545 82.35 75.82 53.43
CA ILE M 545 82.67 75.72 54.86
C ILE M 545 82.48 77.08 55.55
N THR M 546 83.02 78.15 54.98
CA THR M 546 82.90 79.48 55.59
C THR M 546 81.47 80.02 55.61
N LEU M 547 80.70 79.77 54.55
CA LEU M 547 79.27 80.10 54.51
C LEU M 547 78.53 79.45 55.66
N ILE M 548 78.76 78.16 55.83
CA ILE M 548 78.11 77.37 56.87
C ILE M 548 78.41 77.95 58.26
N VAL M 549 79.69 78.19 58.56
CA VAL M 549 80.13 78.84 59.79
C VAL M 549 79.37 80.14 60.02
N SER M 550 79.38 81.03 59.04
CA SER M 550 78.75 82.34 59.13
C SER M 550 77.26 82.29 59.49
N ILE M 551 76.52 81.41 58.83
CA ILE M 551 75.09 81.25 59.09
C ILE M 551 74.85 80.73 60.50
N ILE M 552 75.57 79.68 60.90
CA ILE M 552 75.39 79.09 62.23
C ILE M 552 75.68 80.14 63.29
N GLU M 553 76.70 80.95 63.06
CA GLU M 553 76.94 82.10 63.89
C GLU M 553 75.76 83.04 63.95
N GLU M 554 75.25 83.56 62.83
CA GLU M 554 74.10 84.47 62.88
C GLU M 554 72.91 83.88 63.64
N ASP M 555 72.64 82.60 63.45
CA ASP M 555 71.56 81.89 64.13
C ASP M 555 71.81 81.74 65.62
N LYS M 556 73.01 81.30 65.99
CA LYS M 556 73.45 81.22 67.36
C LYS M 556 73.41 82.58 68.04
N ASN M 557 73.77 83.63 67.31
CA ASN M 557 74.16 84.89 67.91
C ASN M 557 73.06 85.95 67.85
N SER M 558 72.36 86.08 66.73
CA SER M 558 71.26 87.07 66.60
C SER M 558 69.91 86.45 66.84
N TYR M 559 69.66 85.27 66.26
CA TYR M 559 68.32 84.72 66.26
C TYR M 559 68.01 83.90 67.51
N THR M 560 68.94 83.11 68.02
CA THR M 560 68.70 82.36 69.27
C THR M 560 68.28 83.29 70.42
N PRO M 561 68.89 84.49 70.56
CA PRO M 561 68.43 85.47 71.53
C PRO M 561 67.13 86.17 71.13
N CYS M 562 66.96 86.55 69.87
CA CYS M 562 65.72 87.18 69.44
C CYS M 562 64.50 86.28 69.73
N LEU M 563 64.66 84.97 69.55
CA LEU M 563 63.63 83.95 69.60
C LEU M 563 63.71 83.04 70.82
N ASN M 564 63.97 83.67 71.94
CA ASN M 564 64.11 82.99 73.22
C ASN M 564 62.79 82.45 73.81
N GLN M 565 61.61 82.69 73.24
CA GLN M 565 60.31 82.36 73.89
C GLN M 565 60.17 80.89 74.26
N PHE M 566 60.84 80.00 73.52
CA PHE M 566 60.90 78.58 73.81
C PHE M 566 62.37 78.17 73.90
N PRO M 567 63.09 78.61 74.94
CA PRO M 567 64.54 78.49 74.97
C PRO M 567 64.98 77.03 75.04
N GLN M 568 64.24 76.24 75.82
CA GLN M 568 64.38 74.79 75.97
C GLN M 568 64.15 74.04 74.67
N GLU M 569 63.27 74.56 73.81
CA GLU M 569 62.85 73.91 72.59
C GLU M 569 63.51 74.48 71.33
N LEU M 570 64.09 75.67 71.40
CA LEU M 570 64.38 76.50 70.21
C LEU M 570 65.74 77.23 70.33
N ASN M 571 66.83 76.46 70.48
CA ASN M 571 68.19 76.92 70.21
C ASN M 571 68.43 77.07 68.69
N VAL M 572 68.23 78.27 68.15
CA VAL M 572 68.32 78.50 66.69
C VAL M 572 69.72 78.16 66.16
N GLY M 573 70.78 78.41 66.94
CA GLY M 573 72.15 78.05 66.58
C GLY M 573 72.38 76.55 66.40
N LYS M 574 71.85 75.70 67.29
CA LYS M 574 71.94 74.24 67.13
C LYS M 574 71.13 73.70 65.96
N ILE M 575 69.89 74.16 65.79
CA ILE M 575 69.03 73.73 64.67
C ILE M 575 69.71 74.08 63.35
N SER M 576 70.31 75.28 63.29
CA SER M 576 71.17 75.69 62.21
C SER M 576 72.32 74.71 61.97
N ALA M 577 73.21 74.47 62.95
CA ALA M 577 74.36 73.58 62.77
C ALA M 577 73.97 72.18 62.26
N GLU M 578 72.94 71.56 62.84
CA GLU M 578 72.46 70.25 62.41
C GLU M 578 71.97 70.27 60.96
N VAL M 579 71.01 71.16 60.65
CA VAL M 579 70.39 71.22 59.32
C VAL M 579 71.46 71.40 58.27
N MET M 580 72.31 72.41 58.47
CA MET M 580 73.32 72.79 57.51
C MET M 580 74.38 71.71 57.32
N TRP M 581 74.92 71.11 58.40
CA TRP M 581 75.88 70.02 58.27
C TRP M 581 75.28 68.84 57.51
N SER M 582 74.05 68.48 57.82
CA SER M 582 73.44 67.29 57.23
C SER M 582 73.44 67.42 55.72
N LEU M 583 72.90 68.55 55.27
CA LEU M 583 72.79 68.87 53.88
C LEU M 583 74.18 68.96 53.21
N PHE M 584 75.13 69.57 53.91
CA PHE M 584 76.51 69.61 53.50
C PHE M 584 77.14 68.23 53.31
N ALA M 585 77.04 67.36 54.31
CA ALA M 585 77.87 66.17 54.39
C ALA M 585 77.58 65.24 53.23
N GLN M 586 76.29 65.16 52.87
CA GLN M 586 75.84 64.46 51.67
C GLN M 586 76.59 64.98 50.45
N ASP M 587 76.56 66.29 50.29
CA ASP M 587 77.09 66.92 49.11
C ASP M 587 78.60 66.77 49.03
N MET M 588 79.28 66.98 50.16
CA MET M 588 80.71 66.77 50.28
C MET M 588 81.11 65.32 49.99
N LYS M 589 80.42 64.33 50.56
CA LYS M 589 80.78 62.94 50.28
C LYS M 589 80.79 62.68 48.77
N TYR M 590 79.72 63.09 48.06
CA TYR M 590 79.66 62.86 46.62
C TYR M 590 80.78 63.60 45.89
N ALA M 591 81.13 64.78 46.38
CA ALA M 591 82.21 65.54 45.79
C ALA M 591 83.55 64.83 45.88
N MET M 592 83.89 64.35 47.06
CA MET M 592 85.14 63.62 47.26
C MET M 592 85.17 62.36 46.41
N GLU M 593 84.07 61.63 46.30
CA GLU M 593 83.97 60.52 45.36
C GLU M 593 84.20 60.96 43.91
N GLU M 594 83.70 62.12 43.51
CA GLU M 594 83.85 62.61 42.16
C GLU M 594 85.30 63.02 41.85
N HIS M 595 85.92 63.79 42.74
CA HIS M 595 87.35 64.11 42.67
C HIS M 595 88.18 62.85 42.52
N ASP M 596 87.81 61.79 43.20
CA ASP M 596 88.60 60.58 43.20
C ASP M 596 88.71 59.93 41.82
N LYS M 597 87.70 60.13 40.97
CA LYS M 597 87.69 59.61 39.60
C LYS M 597 88.57 60.43 38.66
N HIS M 598 88.90 61.68 39.02
CA HIS M 598 89.54 62.66 38.12
C HIS M 598 90.92 63.10 38.58
N ARG M 599 91.11 63.30 39.89
CA ARG M 599 92.37 63.62 40.56
C ARG M 599 93.07 64.86 39.98
N LEU M 600 92.29 65.91 39.73
CA LEU M 600 92.76 67.16 39.13
C LEU M 600 93.47 68.07 40.15
N CYS M 601 92.92 68.17 41.36
CA CYS M 601 93.62 68.74 42.53
C CYS M 601 94.74 67.78 42.99
N LYS M 602 95.82 68.29 43.59
CA LYS M 602 96.92 67.45 44.10
C LYS M 602 96.49 66.73 45.37
N SER M 603 97.10 65.58 45.68
CA SER M 603 96.93 64.86 46.95
C SER M 603 96.84 65.83 48.14
N ALA M 604 97.87 66.68 48.25
CA ALA M 604 98.03 67.78 49.20
C ALA M 604 96.78 68.63 49.41
N ASP M 605 96.09 69.00 48.33
CA ASP M 605 94.92 69.86 48.40
C ASP M 605 93.81 69.15 49.18
N TYR M 606 93.59 67.86 48.90
CA TYR M 606 92.64 67.06 49.66
C TYR M 606 93.09 66.89 51.10
N MET M 607 94.40 66.78 51.37
CA MET M 607 94.89 66.73 52.75
C MET M 607 94.57 68.05 53.48
N ASN M 608 94.79 69.19 52.84
CA ASN M 608 94.44 70.50 53.39
C ASN M 608 92.94 70.58 53.65
N LEU M 609 92.13 70.19 52.67
CA LEU M 609 90.69 70.12 52.81
C LEU M 609 90.31 69.21 53.98
N HIS M 610 90.97 68.06 54.11
CA HIS M 610 90.75 67.16 55.22
C HIS M 610 90.97 67.89 56.54
N PHE M 611 92.05 68.63 56.72
CA PHE M 611 92.24 69.36 57.98
C PHE M 611 91.15 70.38 58.23
N LYS M 612 90.70 71.11 57.20
CA LYS M 612 89.58 72.06 57.31
C LYS M 612 88.30 71.36 57.72
N VAL M 613 87.99 70.24 57.08
CA VAL M 613 86.77 69.47 57.35
C VAL M 613 86.82 68.84 58.72
N LYS M 614 87.96 68.25 59.05
CA LYS M 614 88.26 67.69 60.36
C LYS M 614 87.99 68.76 61.40
N TRP M 615 88.63 69.92 61.24
CA TRP M 615 88.34 71.05 62.09
C TRP M 615 86.84 71.36 62.15
N LEU M 616 86.17 71.51 61.01
CA LEU M 616 84.78 71.97 60.97
C LEU M 616 83.87 71.03 61.76
N TYR M 617 83.96 69.72 61.47
CA TYR M 617 83.15 68.73 62.15
C TYR M 617 83.47 68.78 63.64
N ASN M 618 84.75 68.75 63.97
CA ASN M 618 85.21 68.71 65.33
C ASN M 618 84.90 70.01 66.08
N GLU M 619 84.63 71.10 65.37
CA GLU M 619 84.06 72.30 65.92
C GLU M 619 82.55 72.12 66.06
N TYR M 620 81.80 72.33 64.98
CA TYR M 620 80.36 72.55 65.09
C TYR M 620 79.58 71.27 65.35
N VAL M 621 79.99 70.18 64.72
CA VAL M 621 79.10 69.06 64.44
C VAL M 621 79.21 68.00 65.50
N ALA M 622 80.44 67.66 65.87
CA ALA M 622 80.76 66.56 66.76
C ALA M 622 80.01 66.62 68.09
N GLU M 623 79.67 67.81 68.57
CA GLU M 623 79.01 68.00 69.87
C GLU M 623 77.49 67.99 69.81
N LEU M 624 76.90 68.12 68.62
CA LEU M 624 75.48 67.88 68.48
C LEU M 624 75.25 66.39 68.82
N PRO M 625 74.26 66.04 69.66
CA PRO M 625 74.09 64.66 70.15
C PRO M 625 74.10 63.65 69.03
N THR M 626 73.37 63.98 67.97
CA THR M 626 73.25 63.22 66.72
C THR M 626 74.59 62.75 66.16
N PHE M 627 75.69 63.49 66.34
CA PHE M 627 76.99 63.16 65.76
C PHE M 627 78.06 62.91 66.81
N LYS M 628 77.82 63.33 68.05
CA LYS M 628 78.54 62.81 69.20
C LYS M 628 78.29 61.32 69.36
N ASP M 629 77.10 60.87 69.01
CA ASP M 629 76.70 59.47 68.94
C ASP M 629 77.56 58.59 67.99
N ARG M 630 78.41 59.16 67.12
CA ARG M 630 79.03 58.45 65.99
C ARG M 630 80.52 58.66 65.81
N VAL M 631 81.19 57.59 65.35
CA VAL M 631 82.48 57.68 64.65
C VAL M 631 82.26 58.53 63.39
N PRO M 632 83.01 59.61 63.18
CA PRO M 632 82.80 60.48 62.04
C PRO M 632 83.07 59.74 60.74
N GLU M 633 82.17 59.92 59.78
CA GLU M 633 82.24 59.20 58.52
C GLU M 633 83.11 59.91 57.47
N TYR M 634 83.29 61.22 57.62
CA TYR M 634 84.11 62.02 56.72
C TYR M 634 85.49 61.45 56.33
N PRO M 635 86.20 60.69 57.18
CA PRO M 635 87.51 60.18 56.80
C PRO M 635 87.45 59.22 55.61
N ALA M 636 86.32 58.52 55.44
CA ALA M 636 86.12 57.67 54.28
C ALA M 636 86.18 58.47 52.98
N TRP M 637 85.84 59.75 53.03
CA TRP M 637 85.91 60.61 51.86
C TRP M 637 87.35 60.84 51.42
N PHE M 638 88.20 61.21 52.37
CA PHE M 638 89.59 61.59 52.11
C PHE M 638 90.50 60.41 51.88
N GLU M 639 90.16 59.25 52.42
CA GLU M 639 90.99 58.07 52.42
C GLU M 639 91.66 57.72 51.08
N PRO M 640 90.97 57.77 49.94
CA PRO M 640 91.62 57.50 48.66
C PRO M 640 92.73 58.49 48.34
N PHE M 641 92.54 59.75 48.71
CA PHE M 641 93.49 60.83 48.47
C PHE M 641 94.70 60.70 49.37
N VAL M 642 94.48 60.18 50.57
CA VAL M 642 95.55 59.79 51.48
C VAL M 642 96.31 58.60 50.94
N ILE M 643 95.61 57.62 50.39
CA ILE M 643 96.26 56.49 49.78
C ILE M 643 97.07 56.95 48.57
N GLN M 644 96.49 57.79 47.70
CA GLN M 644 97.22 58.42 46.62
C GLN M 644 98.47 59.12 47.13
N TRP M 645 98.30 59.89 48.19
CA TRP M 645 99.43 60.51 48.81
C TRP M 645 100.45 59.45 49.25
N LEU M 646 100.05 58.38 49.94
CA LEU M 646 100.91 57.28 50.34
C LEU M 646 101.62 56.64 49.15
N ASP M 647 100.99 56.66 48.01
CA ASP M 647 101.53 56.11 46.78
C ASP M 647 102.62 57.03 46.24
N GLU M 648 102.28 58.29 46.02
CA GLU M 648 103.24 59.31 45.62
C GLU M 648 104.44 59.26 46.56
N ASN M 649 104.13 59.21 47.85
CA ASN M 649 105.09 59.11 48.91
C ASN M 649 105.97 57.88 48.76
N GLU M 650 105.41 56.69 48.61
CA GLU M 650 106.26 55.51 48.51
C GLU M 650 107.20 55.61 47.31
N GLU M 651 106.69 56.05 46.17
CA GLU M 651 107.51 56.05 44.97
C GLU M 651 108.64 57.07 45.10
N VAL M 652 108.31 58.27 45.53
CA VAL M 652 109.29 59.25 45.96
C VAL M 652 110.28 58.62 46.94
N SER M 653 109.80 57.90 47.95
CA SER M 653 110.64 57.26 48.95
C SER M 653 111.55 56.19 48.35
N ARG M 654 111.13 55.50 47.29
CA ARG M 654 111.92 54.44 46.68
C ARG M 654 112.96 55.05 45.76
N ASP M 655 112.61 56.11 45.06
CA ASP M 655 113.57 56.91 44.31
C ASP M 655 114.61 57.56 45.24
N PHE M 656 114.15 58.15 46.34
CA PHE M 656 114.99 58.65 47.42
C PHE M 656 115.90 57.56 47.95
N LEU M 657 115.38 56.37 48.21
CA LEU M 657 116.13 55.24 48.75
C LEU M 657 117.32 54.92 47.85
N HIS M 658 117.08 54.84 46.55
CA HIS M 658 118.12 54.57 45.59
C HIS M 658 119.13 55.71 45.58
N GLY M 659 118.67 56.95 45.53
CA GLY M 659 119.56 58.10 45.68
C GLY M 659 120.44 58.02 46.93
N ALA M 660 119.85 57.76 48.11
CA ALA M 660 120.55 57.72 49.38
C ALA M 660 121.59 56.60 49.41
N LEU M 661 121.20 55.38 49.00
CA LEU M 661 122.11 54.26 48.85
C LEU M 661 123.26 54.60 47.93
N GLU M 662 122.97 55.26 46.82
CA GLU M 662 123.97 55.59 45.83
C GLU M 662 124.91 56.70 46.33
N ARG M 663 124.42 57.71 47.04
CA ARG M 663 125.25 58.72 47.69
C ARG M 663 126.16 58.11 48.73
N ASP M 664 125.63 57.18 49.50
CA ASP M 664 126.40 56.44 50.49
C ASP M 664 127.43 55.52 49.81
N LYS M 665 127.06 54.86 48.72
CA LYS M 665 127.95 54.06 47.87
C LYS M 665 129.08 54.89 47.29
N LYS M 666 128.76 56.11 46.87
CA LYS M 666 129.74 57.07 46.38
C LYS M 666 130.67 57.50 47.52
N ASP M 667 130.12 57.67 48.70
CA ASP M 667 130.89 57.74 49.94
C ASP M 667 131.52 56.40 50.36
N GLY M 668 131.63 55.40 49.48
CA GLY M 668 132.26 54.10 49.77
C GLY M 668 131.64 53.35 50.95
N PHE M 669 130.41 53.71 51.36
CA PHE M 669 129.75 53.26 52.59
C PHE M 669 130.58 53.44 53.86
N GLN M 670 131.11 54.64 54.13
CA GLN M 670 131.71 54.90 55.44
C GLN M 670 130.69 54.72 56.58
N GLN M 671 131.15 54.23 57.73
CA GLN M 671 130.32 54.27 58.93
C GLN M 671 130.06 55.70 59.34
N THR M 672 128.86 55.94 59.82
CA THR M 672 128.34 57.27 60.18
C THR M 672 129.22 57.94 61.24
N SER M 673 129.84 57.12 62.08
CA SER M 673 131.08 57.40 62.78
C SER M 673 131.70 56.06 63.16
N GLU M 674 132.93 56.08 63.66
CA GLU M 674 133.63 54.85 64.04
C GLU M 674 132.94 54.04 65.14
N HIS M 675 131.93 54.63 65.78
CA HIS M 675 131.06 54.02 66.77
C HIS M 675 129.58 53.99 66.32
N ALA M 676 129.14 54.81 65.37
CA ALA M 676 127.87 54.68 64.66
C ALA M 676 128.08 53.82 63.40
N LEU M 677 128.04 52.51 63.64
CA LEU M 677 128.67 51.47 62.81
C LEU M 677 128.04 51.24 61.42
N PHE M 678 126.81 51.70 61.24
CA PHE M 678 126.11 51.74 59.96
C PHE M 678 126.47 53.01 59.20
N SER M 679 126.22 53.05 57.91
CA SER M 679 126.38 54.21 57.05
C SER M 679 125.09 55.04 56.91
N CYS M 680 125.27 56.27 56.43
CA CYS M 680 124.29 57.35 56.57
C CYS M 680 122.94 57.08 55.90
N SER M 681 122.92 56.32 54.81
CA SER M 681 121.69 56.01 54.09
C SER M 681 120.65 55.40 55.01
N VAL M 682 121.05 54.61 56.00
CA VAL M 682 120.12 54.04 56.96
C VAL M 682 119.33 55.13 57.67
N VAL M 683 120.06 56.13 58.11
CA VAL M 683 119.56 57.30 58.83
C VAL M 683 118.63 58.08 57.93
N ASP M 684 119.09 58.40 56.73
CA ASP M 684 118.32 59.16 55.74
C ASP M 684 116.98 58.51 55.49
N VAL M 685 117.01 57.19 55.32
CA VAL M 685 115.83 56.40 55.05
C VAL M 685 114.90 56.46 56.25
N PHE M 686 115.38 56.19 57.45
CA PHE M 686 114.50 56.31 58.59
C PHE M 686 113.98 57.71 58.75
N SER M 687 114.80 58.73 58.54
CA SER M 687 114.34 60.11 58.53
C SER M 687 113.20 60.29 57.55
N GLN M 688 113.38 59.87 56.32
CA GLN M 688 112.34 59.99 55.31
C GLN M 688 111.07 59.28 55.75
N LEU M 689 111.22 58.03 56.17
CA LEU M 689 110.10 57.20 56.57
C LEU M 689 109.35 57.83 57.72
N ASN M 690 110.05 58.46 58.64
CA ASN M 690 109.42 59.16 59.72
C ASN M 690 108.74 60.43 59.23
N GLN M 691 109.39 61.27 58.39
CA GLN M 691 108.71 62.44 57.83
C GLN M 691 107.39 62.04 57.18
N SER M 692 107.46 60.96 56.42
CA SER M 692 106.33 60.33 55.77
C SER M 692 105.28 59.86 56.76
N PHE M 693 105.67 59.04 57.73
CA PHE M 693 104.74 58.49 58.69
C PHE M 693 104.02 59.63 59.41
N GLU M 694 104.74 60.67 59.74
CA GLU M 694 104.16 61.76 60.48
C GLU M 694 103.12 62.51 59.67
N ILE M 695 103.32 62.65 58.36
CA ILE M 695 102.30 63.20 57.49
C ILE M 695 101.00 62.40 57.59
N ILE M 696 101.10 61.07 57.67
CA ILE M 696 99.92 60.24 57.94
C ILE M 696 99.39 60.55 59.33
N LYS M 697 100.28 60.49 60.32
CA LYS M 697 99.89 60.48 61.70
C LYS M 697 99.12 61.75 62.05
N LYS M 698 99.57 62.88 61.51
CA LYS M 698 98.95 64.22 61.52
C LYS M 698 97.52 64.30 61.04
N LEU M 699 96.97 63.24 60.45
CA LEU M 699 95.56 63.20 60.11
C LEU M 699 94.70 62.72 61.28
N GLU M 700 95.24 61.86 62.17
CA GLU M 700 94.53 61.25 63.30
C GLU M 700 93.12 60.78 62.97
N CYS M 701 93.00 60.04 61.86
CA CYS M 701 91.71 59.60 61.34
C CYS M 701 90.89 58.88 62.44
N PRO M 702 89.69 59.37 62.79
CA PRO M 702 88.88 58.79 63.86
C PRO M 702 88.23 57.45 63.47
N ASP M 703 88.29 57.05 62.21
CA ASP M 703 87.96 55.70 61.77
C ASP M 703 89.22 54.82 61.78
N PRO M 704 89.37 53.92 62.78
CA PRO M 704 90.59 53.15 62.94
C PRO M 704 90.77 52.07 61.87
N GLN M 705 89.74 51.76 61.09
CA GLN M 705 89.86 50.78 60.03
C GLN M 705 90.43 51.45 58.78
N ILE M 706 90.00 52.67 58.52
CA ILE M 706 90.62 53.55 57.52
C ILE M 706 92.07 53.82 57.91
N VAL M 707 92.33 54.07 59.19
CA VAL M 707 93.70 54.09 59.70
C VAL M 707 94.40 52.77 59.41
N GLY M 708 93.77 51.65 59.75
CA GLY M 708 94.34 50.35 59.53
C GLY M 708 94.72 50.18 58.07
N HIS M 709 93.92 50.69 57.15
CA HIS M 709 94.19 50.67 55.74
C HIS M 709 95.43 51.47 55.39
N TYR M 710 95.54 52.71 55.86
CA TYR M 710 96.78 53.46 55.71
C TYR M 710 97.97 52.67 56.23
N MET M 711 97.83 52.02 57.37
CA MET M 711 98.91 51.28 58.01
C MET M 711 99.27 50.03 57.23
N ARG M 712 98.28 49.34 56.66
CA ARG M 712 98.51 48.21 55.77
C ARG M 712 99.26 48.70 54.54
N ARG M 713 98.73 49.71 53.86
CA ARG M 713 99.33 50.42 52.73
C ARG M 713 100.78 50.80 53.03
N PHE M 714 101.01 51.41 54.16
CA PHE M 714 102.32 51.91 54.52
C PHE M 714 103.25 50.80 54.96
N ALA M 715 102.77 49.79 55.68
CA ALA M 715 103.60 48.67 56.08
C ALA M 715 104.16 47.94 54.86
N LYS M 716 103.37 47.95 53.78
CA LYS M 716 103.85 47.55 52.48
C LYS M 716 104.93 48.49 52.02
N THR M 717 104.68 49.80 51.96
CA THR M 717 105.71 50.78 51.61
C THR M 717 107.02 50.48 52.28
N ILE M 718 106.96 50.35 53.60
CA ILE M 718 108.07 50.08 54.47
C ILE M 718 108.72 48.77 54.06
N SER M 719 107.94 47.70 53.99
CA SER M 719 108.45 46.42 53.58
C SER M 719 109.20 46.51 52.27
N ASN M 720 108.58 47.15 51.29
CA ASN M 720 109.12 47.28 49.97
C ASN M 720 110.42 48.06 49.97
N VAL M 721 110.38 49.27 50.51
CA VAL M 721 111.55 50.14 50.66
C VAL M 721 112.67 49.40 51.36
N LEU M 722 112.37 48.73 52.48
CA LEU M 722 113.42 48.16 53.31
C LEU M 722 113.98 46.89 52.70
N LEU M 723 113.15 46.07 52.07
CA LEU M 723 113.67 44.91 51.39
C LEU M 723 114.48 45.35 50.20
N GLN M 724 114.04 46.38 49.50
CA GLN M 724 114.79 46.99 48.42
C GLN M 724 116.13 47.54 48.89
N TYR M 725 116.19 48.17 50.05
CA TYR M 725 117.47 48.50 50.66
C TYR M 725 118.29 47.24 50.90
N ALA M 726 117.73 46.30 51.67
CA ALA M 726 118.44 45.12 52.15
C ALA M 726 118.97 44.31 50.99
N ASP M 727 118.20 44.26 49.93
CA ASP M 727 118.55 43.72 48.66
C ASP M 727 119.69 44.49 48.02
N ILE M 728 119.54 45.80 47.80
CA ILE M 728 120.59 46.62 47.17
C ILE M 728 121.92 46.46 47.92
N VAL M 729 121.84 46.36 49.24
CA VAL M 729 122.96 45.94 50.07
C VAL M 729 123.42 44.53 49.74
N SER M 730 122.56 43.53 49.88
CA SER M 730 122.90 42.12 49.72
C SER M 730 123.58 41.84 48.39
N LYS M 731 123.14 42.56 47.36
CA LYS M 731 123.70 42.55 46.02
C LYS M 731 125.15 42.99 46.03
N ASP M 732 125.38 44.21 46.51
CA ASP M 732 126.73 44.78 46.55
C ASP M 732 127.64 44.05 47.54
N PHE M 733 127.05 43.38 48.52
CA PHE M 733 127.72 42.84 49.68
C PHE M 733 128.94 41.98 49.35
N ALA M 734 128.78 41.00 48.48
CA ALA M 734 129.86 40.11 48.08
C ALA M 734 131.03 40.85 47.41
N SER M 735 130.72 41.87 46.59
CA SER M 735 131.78 42.70 45.98
C SER M 735 132.61 43.41 47.05
N TYR M 736 131.99 43.74 48.16
CA TYR M 736 132.66 44.34 49.29
C TYR M 736 133.35 43.33 50.20
N CYS M 737 132.98 42.05 50.14
CA CYS M 737 133.54 41.00 50.99
C CYS M 737 135.01 40.71 50.74
N SER M 738 135.61 41.25 49.70
CA SER M 738 137.05 41.10 49.48
C SER M 738 137.84 41.62 50.70
N LYS M 739 138.97 40.97 51.00
CA LYS M 739 139.70 40.97 52.30
C LYS M 739 140.40 42.29 52.70
N GLU M 740 139.98 43.42 52.17
CA GLU M 740 140.65 44.73 52.26
C GLU M 740 139.62 45.85 52.42
N LYS M 741 138.50 45.76 51.72
CA LYS M 741 137.33 46.60 51.98
C LYS M 741 136.54 46.13 53.21
N GLU M 742 137.08 45.24 54.03
CA GLU M 742 136.40 44.56 55.15
C GLU M 742 135.54 45.47 56.02
N LYS M 743 135.95 46.73 56.23
CA LYS M 743 135.12 47.74 56.88
C LYS M 743 133.73 47.82 56.28
N VAL M 744 133.64 47.86 54.96
CA VAL M 744 132.39 48.03 54.25
C VAL M 744 131.39 46.90 54.50
N PRO M 745 131.69 45.60 54.32
CA PRO M 745 130.74 44.54 54.70
C PRO M 745 130.31 44.59 56.16
N CYS M 746 131.21 44.93 57.08
CA CYS M 746 130.83 45.16 58.47
C CYS M 746 129.73 46.23 58.53
N ILE M 747 130.00 47.39 57.96
CA ILE M 747 129.11 48.55 57.93
C ILE M 747 127.78 48.20 57.29
N LEU M 748 127.78 47.49 56.16
CA LEU M 748 126.56 47.03 55.50
C LEU M 748 125.75 46.07 56.38
N MET M 749 126.40 45.12 57.06
CA MET M 749 125.70 44.28 58.03
C MET M 749 125.16 45.11 59.20
N ASN M 750 125.91 46.12 59.64
CA ASN M 750 125.44 47.07 60.64
C ASN M 750 124.29 47.91 60.12
N ASN M 751 124.27 48.27 58.84
CA ASN M 751 123.15 48.97 58.25
C ASN M 751 121.92 48.13 58.38
N THR M 752 122.05 46.88 57.95
CA THR M 752 120.97 45.88 57.92
C THR M 752 120.40 45.71 59.32
N GLN M 753 121.29 45.45 60.27
CA GLN M 753 120.91 45.35 61.67
C GLN M 753 120.31 46.67 62.18
N GLN M 754 120.88 47.79 61.79
CA GLN M 754 120.34 49.08 62.14
C GLN M 754 118.96 49.31 61.54
N LEU M 755 118.69 48.82 60.33
CA LEU M 755 117.34 48.79 59.78
C LEU M 755 116.45 48.07 60.75
N ARG M 756 116.78 46.81 61.10
CA ARG M 756 115.95 46.02 62.00
C ARG M 756 115.66 46.80 63.27
N VAL M 757 116.72 47.33 63.86
CA VAL M 757 116.66 48.11 65.08
C VAL M 757 115.71 49.29 64.93
N GLN M 758 115.91 50.15 63.93
CA GLN M 758 115.00 51.28 63.74
C GLN M 758 113.62 50.87 63.27
N LEU M 759 113.51 49.74 62.59
CA LEU M 759 112.25 49.19 62.15
C LEU M 759 111.44 48.84 63.39
N GLU M 760 112.04 48.18 64.39
CA GLU M 760 111.36 47.93 65.65
C GLU M 760 110.83 49.25 66.22
N LYS M 761 111.66 50.30 66.22
CA LYS M 761 111.27 51.64 66.67
C LYS M 761 110.10 52.20 65.87
N MET M 762 110.18 52.18 64.54
CA MET M 762 109.14 52.71 63.68
C MET M 762 107.85 51.92 63.84
N PHE M 763 107.94 50.61 63.97
CA PHE M 763 106.83 49.72 64.26
C PHE M 763 106.18 50.17 65.58
N GLU M 764 106.95 50.39 66.63
CA GLU M 764 106.41 51.02 67.83
C GLU M 764 105.79 52.38 67.54
N ALA M 765 106.44 53.22 66.74
CA ALA M 765 105.95 54.55 66.40
C ALA M 765 104.60 54.49 65.70
N MET M 766 104.40 53.51 64.84
CA MET M 766 103.13 53.16 64.21
C MET M 766 102.11 52.58 65.20
N GLY M 767 102.40 52.58 66.49
CA GLY M 767 101.55 52.02 67.51
C GLY M 767 101.79 50.53 67.68
N GLY M 768 103.04 50.09 67.56
CA GLY M 768 103.56 48.81 68.04
C GLY M 768 102.59 47.65 68.02
N LYS M 769 102.35 47.04 69.17
CA LYS M 769 101.48 45.86 69.30
C LYS M 769 100.00 46.21 69.20
N GLU M 770 99.69 47.49 69.28
CA GLU M 770 98.36 48.05 69.02
C GLU M 770 98.05 48.12 67.51
N LEU M 771 99.07 48.00 66.66
CA LEU M 771 99.00 48.12 65.19
C LEU M 771 98.00 47.13 64.57
N ASP M 772 97.40 47.55 63.45
CA ASP M 772 96.64 46.66 62.58
C ASP M 772 97.37 45.34 62.35
N ALA M 773 96.66 44.24 62.54
CA ALA M 773 97.28 42.92 62.54
C ALA M 773 97.97 42.55 61.22
N GLU M 774 97.62 43.18 60.09
CA GLU M 774 98.16 42.85 58.77
C GLU M 774 99.28 43.79 58.36
N ALA M 775 99.19 45.06 58.72
CA ALA M 775 100.36 45.91 58.77
C ALA M 775 101.41 45.26 59.68
N SER M 776 101.01 44.82 60.87
CA SER M 776 101.87 44.09 61.79
C SER M 776 102.40 42.81 61.16
N GLY M 777 101.54 41.96 60.59
CA GLY M 777 101.95 40.78 59.83
C GLY M 777 103.04 41.10 58.83
N THR M 778 102.85 42.17 58.06
CA THR M 778 103.81 42.65 57.08
C THR M 778 105.14 43.01 57.70
N LEU M 779 105.11 43.84 58.74
CA LEU M 779 106.35 44.24 59.38
C LEU M 779 107.05 43.08 60.11
N LYS M 780 106.31 42.08 60.59
CA LYS M 780 106.89 40.86 61.17
C LYS M 780 107.58 40.01 60.12
N GLU M 781 106.87 39.77 59.02
CA GLU M 781 107.42 39.16 57.82
C GLU M 781 108.71 39.85 57.39
N LEU M 782 108.65 41.17 57.32
CA LEU M 782 109.75 42.00 56.90
C LEU M 782 110.94 41.78 57.80
N GLN M 783 110.75 41.89 59.12
CA GLN M 783 111.80 41.68 60.11
C GLN M 783 112.41 40.28 59.99
N VAL M 784 111.60 39.23 59.79
CA VAL M 784 112.12 37.86 59.60
C VAL M 784 113.01 37.78 58.36
N LYS M 785 112.58 38.37 57.25
CA LYS M 785 113.39 38.40 56.03
C LYS M 785 114.68 39.16 56.23
N LEU M 786 114.62 40.33 56.85
CA LEU M 786 115.81 41.11 57.18
C LEU M 786 116.77 40.31 58.06
N ASN M 787 116.26 39.52 59.02
CA ASN M 787 117.09 38.61 59.80
C ASN M 787 117.78 37.57 58.90
N ASN M 788 117.03 36.94 58.02
CA ASN M 788 117.56 35.88 57.19
C ASN M 788 118.59 36.46 56.20
N VAL M 789 118.32 37.64 55.64
CA VAL M 789 119.32 38.41 54.88
C VAL M 789 120.61 38.52 55.69
N LEU M 790 120.53 38.98 56.95
CA LEU M 790 121.72 39.20 57.77
C LEU M 790 122.52 37.93 58.03
N ASP M 791 121.87 36.79 58.19
CA ASP M 791 122.57 35.50 58.23
C ASP M 791 123.37 35.28 56.95
N GLU M 792 122.75 35.46 55.80
CA GLU M 792 123.42 35.17 54.55
C GLU M 792 124.57 36.13 54.28
N LEU M 793 124.42 37.40 54.65
CA LEU M 793 125.52 38.34 54.60
C LEU M 793 126.65 37.90 55.54
N SER M 794 126.36 37.52 56.79
CA SER M 794 127.40 37.04 57.70
C SER M 794 128.16 35.85 57.15
N HIS M 795 127.44 34.96 56.47
CA HIS M 795 127.99 33.79 55.85
C HIS M 795 128.87 34.17 54.66
N VAL M 796 128.31 34.91 53.71
CA VAL M 796 129.01 35.40 52.52
C VAL M 796 130.29 36.13 52.94
N PHE M 797 130.20 36.92 54.00
CA PHE M 797 131.34 37.61 54.54
C PHE M 797 132.39 36.66 55.08
N ALA M 798 132.04 35.83 56.06
CA ALA M 798 132.95 34.87 56.66
C ALA M 798 133.62 33.97 55.61
N THR M 799 132.86 33.64 54.57
CA THR M 799 133.31 32.84 53.45
C THR M 799 134.46 33.50 52.68
N SER M 800 134.49 34.81 52.47
CA SER M 800 135.58 35.41 51.67
C SER M 800 136.95 35.30 52.35
N PHE M 801 136.98 35.06 53.67
CA PHE M 801 138.19 34.77 54.43
C PHE M 801 138.57 33.31 54.40
N GLN M 802 137.65 32.42 54.07
CA GLN M 802 137.86 30.99 54.05
C GLN M 802 139.15 30.57 53.35
N PRO M 803 139.54 31.13 52.19
CA PRO M 803 140.78 30.72 51.53
C PRO M 803 141.99 31.07 52.38
N HIS M 804 141.97 32.26 52.97
CA HIS M 804 143.02 32.70 53.86
C HIS M 804 143.08 31.82 55.11
N ILE M 805 141.93 31.48 55.65
CA ILE M 805 141.80 30.61 56.81
C ILE M 805 142.38 29.25 56.48
N GLU M 806 141.94 28.63 55.40
CA GLU M 806 142.43 27.34 54.94
C GLU M 806 143.92 27.33 54.68
N GLU M 807 144.41 28.39 54.05
CA GLU M 807 145.82 28.61 53.81
C GLU M 807 146.58 28.62 55.14
N CYS M 808 146.23 29.55 56.02
CA CYS M 808 146.84 29.67 57.33
C CYS M 808 146.78 28.33 58.06
N VAL M 809 145.62 27.67 58.11
CA VAL M 809 145.45 26.39 58.80
C VAL M 809 146.35 25.33 58.19
N ARG M 810 146.49 25.29 56.86
CA ARG M 810 147.43 24.38 56.25
C ARG M 810 148.85 24.69 56.71
N GLN M 811 149.25 25.96 56.77
CA GLN M 811 150.57 26.30 57.34
C GLN M 811 150.68 25.88 58.79
N MET M 812 149.64 26.06 59.58
CA MET M 812 149.67 25.64 60.97
C MET M 812 149.84 24.13 61.03
N GLY M 813 149.18 23.39 60.14
CA GLY M 813 149.34 21.95 59.98
C GLY M 813 150.77 21.58 59.57
N ASP M 814 151.35 22.33 58.64
CA ASP M 814 152.75 22.19 58.26
C ASP M 814 153.66 22.41 59.47
N ILE M 815 153.44 23.48 60.23
CA ILE M 815 154.21 23.78 61.42
C ILE M 815 154.03 22.69 62.48
N LEU M 816 152.81 22.18 62.66
CA LEU M 816 152.55 21.09 63.62
C LEU M 816 153.28 19.83 63.22
N SER M 817 153.42 19.51 61.92
CA SER M 817 154.10 18.28 61.50
C SER M 817 155.59 18.20 61.90
N GLN M 818 156.17 19.31 62.36
CA GLN M 818 157.52 19.36 62.92
C GLN M 818 157.52 18.85 64.37
N VAL M 819 156.44 19.12 65.10
CA VAL M 819 156.09 18.46 66.37
C VAL M 819 155.68 17.03 66.06
N LYS M 820 156.16 16.07 66.85
CA LYS M 820 155.64 14.70 66.81
C LYS M 820 155.33 14.23 68.23
N GLY M 821 155.29 12.93 68.49
CA GLY M 821 155.00 12.44 69.83
C GLY M 821 156.18 12.60 70.77
N THR M 822 156.39 13.80 71.31
CA THR M 822 157.74 14.21 71.75
C THR M 822 158.19 13.72 73.12
N GLY M 823 157.47 12.79 73.73
CA GLY M 823 158.13 11.85 74.67
C GLY M 823 159.11 10.91 73.97
N ASN M 824 158.97 10.75 72.65
CA ASN M 824 159.82 9.96 71.74
C ASN M 824 160.61 10.86 70.75
N VAL M 825 160.89 12.15 71.05
CA VAL M 825 161.57 13.12 70.13
C VAL M 825 162.42 14.17 70.89
N PRO M 826 163.52 14.71 70.32
CA PRO M 826 164.36 15.76 70.94
C PRO M 826 163.69 17.10 71.26
N ALA M 827 164.33 17.88 72.14
CA ALA M 827 163.86 19.12 72.78
C ALA M 827 163.51 20.32 71.87
N SER M 828 163.77 20.28 70.56
CA SER M 828 163.27 21.28 69.60
C SER M 828 161.82 21.03 69.19
N ALA M 829 161.35 19.80 69.32
CA ALA M 829 159.95 19.41 69.15
C ALA M 829 159.34 18.88 70.45
N CYS M 830 160.13 18.39 71.42
CA CYS M 830 159.76 18.45 72.85
C CYS M 830 159.99 19.86 73.45
N SER M 831 160.15 20.84 72.56
CA SER M 831 159.83 22.27 72.74
C SER M 831 158.50 22.35 73.49
N SER M 832 158.35 23.32 74.40
CA SER M 832 157.19 23.28 75.29
C SER M 832 155.89 23.26 74.50
N VAL M 833 154.87 22.70 75.12
CA VAL M 833 153.52 22.65 74.54
C VAL M 833 153.07 24.04 74.07
N ALA M 834 153.43 25.09 74.82
CA ALA M 834 153.20 26.49 74.48
C ALA M 834 154.00 26.97 73.27
N GLN M 835 155.31 26.77 73.23
CA GLN M 835 156.13 27.23 72.09
C GLN M 835 155.68 26.57 70.78
N ASP M 836 155.47 25.27 70.80
CA ASP M 836 154.90 24.57 69.66
C ASP M 836 153.53 25.14 69.29
N ALA M 837 152.62 25.33 70.25
CA ALA M 837 151.30 25.90 69.97
C ALA M 837 151.44 27.28 69.35
N ASP M 838 152.32 28.13 69.85
CA ASP M 838 152.57 29.47 69.32
C ASP M 838 153.10 29.40 67.89
N ASN M 839 154.11 28.58 67.64
CA ASN M 839 154.68 28.40 66.30
C ASN M 839 153.57 28.01 65.35
N VAL M 840 152.87 26.95 65.73
CA VAL M 840 151.73 26.40 65.01
C VAL M 840 150.71 27.49 64.75
N LEU M 841 150.25 28.18 65.80
CA LEU M 841 149.20 29.19 65.81
C LEU M 841 149.54 30.40 64.96
N GLN M 842 150.82 30.65 64.72
CA GLN M 842 151.17 32.00 64.33
C GLN M 842 150.51 32.46 63.03
N PRO M 843 150.45 31.64 61.95
CA PRO M 843 149.80 32.03 60.72
C PRO M 843 148.37 32.54 60.90
N ILE M 844 147.61 31.98 61.85
CA ILE M 844 146.24 32.42 62.09
C ILE M 844 146.17 33.56 63.10
N MET M 845 147.00 33.59 64.15
CA MET M 845 146.85 34.59 65.20
C MET M 845 147.04 36.00 64.66
N ASP M 846 147.93 36.12 63.69
CA ASP M 846 148.15 37.36 62.95
C ASP M 846 146.87 37.85 62.30
N LEU M 847 146.28 36.99 61.47
CA LEU M 847 145.02 37.22 60.77
C LEU M 847 143.94 37.56 61.80
N LEU M 848 143.78 36.70 62.79
CA LEU M 848 142.75 36.78 63.81
C LEU M 848 142.82 38.10 64.53
N ASP M 849 143.95 38.41 65.13
CA ASP M 849 143.98 39.45 66.13
C ASP M 849 143.57 40.77 65.50
N SER M 850 144.23 41.07 64.39
CA SER M 850 143.95 42.23 63.58
C SER M 850 142.47 42.28 63.20
N ASN M 851 141.99 41.21 62.56
CA ASN M 851 140.64 41.24 62.02
C ASN M 851 139.59 41.23 63.11
N LEU M 852 139.69 40.37 64.11
CA LEU M 852 138.73 40.34 65.20
C LEU M 852 138.75 41.64 65.95
N THR M 853 139.89 42.27 66.14
CA THR M 853 139.91 43.58 66.78
C THR M 853 139.22 44.61 65.91
N LEU M 854 139.57 44.67 64.63
CA LEU M 854 138.93 45.57 63.68
C LEU M 854 137.41 45.35 63.68
N PHE M 855 136.97 44.11 63.58
CA PHE M 855 135.56 43.74 63.55
C PHE M 855 134.90 44.02 64.88
N ALA M 856 135.55 43.77 66.00
CA ALA M 856 135.02 44.10 67.31
C ALA M 856 134.82 45.62 67.46
N LYS M 857 135.75 46.42 66.91
CA LYS M 857 135.59 47.87 66.84
C LYS M 857 134.40 48.25 65.95
N ILE M 858 134.27 47.65 64.76
CA ILE M 858 133.41 48.17 63.70
C ILE M 858 132.12 47.39 63.39
N CYS M 859 131.86 46.22 63.97
CA CYS M 859 130.62 45.45 63.80
C CYS M 859 129.69 45.59 65.01
N GLU M 860 128.41 45.74 64.74
CA GLU M 860 127.36 45.64 65.75
C GLU M 860 127.30 44.21 66.30
N LYS M 861 126.91 44.02 67.56
CA LYS M 861 127.20 42.75 68.23
C LYS M 861 126.45 41.57 67.60
N THR M 862 125.19 41.79 67.24
CA THR M 862 124.38 40.91 66.37
C THR M 862 125.14 40.49 65.12
N VAL M 863 125.66 41.48 64.40
CA VAL M 863 126.43 41.30 63.18
C VAL M 863 127.65 40.44 63.46
N LEU M 864 128.44 40.88 64.43
CA LEU M 864 129.69 40.29 64.82
C LEU M 864 129.49 38.84 65.22
N LYS M 865 128.46 38.54 66.01
CA LYS M 865 128.25 37.20 66.52
C LYS M 865 128.00 36.25 65.38
N ARG M 866 127.18 36.67 64.42
CA ARG M 866 126.89 35.89 63.21
C ARG M 866 128.16 35.67 62.41
N VAL M 867 128.89 36.75 62.17
CA VAL M 867 130.18 36.70 61.48
C VAL M 867 131.10 35.70 62.17
N LEU M 868 131.24 35.82 63.48
CA LEU M 868 132.10 34.98 64.27
C LEU M 868 131.63 33.54 64.28
N LYS M 869 130.35 33.26 64.36
CA LYS M 869 129.86 31.87 64.33
C LYS M 869 130.25 31.22 63.03
N GLU M 870 130.00 31.92 61.95
CA GLU M 870 130.33 31.50 60.60
C GLU M 870 131.81 31.23 60.48
N LEU M 871 132.62 32.19 60.91
CA LEU M 871 134.06 32.04 60.95
C LEU M 871 134.48 30.87 61.84
N TRP M 872 133.90 30.74 63.02
CA TRP M 872 134.26 29.76 64.03
C TRP M 872 134.08 28.36 63.50
N LYS M 873 132.88 28.10 62.98
CA LYS M 873 132.54 26.88 62.28
C LYS M 873 133.58 26.61 61.22
N LEU M 874 133.77 27.58 60.34
CA LEU M 874 134.72 27.49 59.23
C LEU M 874 136.10 27.10 59.74
N VAL M 875 136.60 27.81 60.74
CA VAL M 875 137.89 27.59 61.35
C VAL M 875 137.96 26.18 61.93
N MET M 876 137.08 25.86 62.85
CA MET M 876 137.01 24.55 63.49
C MET M 876 137.05 23.42 62.51
N ASN M 877 136.19 23.50 61.50
CA ASN M 877 136.11 22.51 60.47
C ASN M 877 137.41 22.44 59.68
N THR M 878 137.96 23.60 59.35
CA THR M 878 139.23 23.70 58.65
C THR M 878 140.32 23.01 59.42
N MET M 879 140.46 23.27 60.71
CA MET M 879 141.47 22.61 61.53
C MET M 879 141.22 21.11 61.61
N GLU M 880 139.97 20.74 61.83
CA GLU M 880 139.64 19.35 61.99
C GLU M 880 140.04 18.54 60.77
N ARG M 881 139.70 19.07 59.60
CA ARG M 881 140.13 18.57 58.31
C ARG M 881 141.64 18.67 58.18
N THR M 882 142.12 19.89 57.98
CA THR M 882 143.47 20.24 57.57
C THR M 882 144.54 19.90 58.60
N ILE M 883 144.18 19.57 59.84
CA ILE M 883 145.16 19.33 60.90
C ILE M 883 144.87 18.06 61.67
N VAL M 884 143.62 17.76 62.04
CA VAL M 884 143.37 16.59 62.92
C VAL M 884 143.05 15.34 62.14
N LEU M 885 142.46 15.48 60.98
CA LEU M 885 142.38 14.42 60.00
C LEU M 885 143.19 14.85 58.79
N PRO M 886 144.47 15.24 59.03
CA PRO M 886 145.17 16.16 58.18
C PRO M 886 145.54 15.55 56.83
N PRO M 887 145.87 16.40 55.85
CA PRO M 887 146.69 15.99 54.71
C PRO M 887 148.03 15.43 55.21
N GLU M 888 148.67 16.03 56.21
CA GLU M 888 149.86 15.48 56.91
C GLU M 888 149.61 14.22 57.78
N PHE M 889 148.65 13.37 57.40
CA PHE M 889 148.61 11.97 57.83
C PHE M 889 147.96 11.05 56.78
N LEU M 890 146.64 11.12 56.54
CA LEU M 890 145.96 10.03 55.80
C LEU M 890 146.30 10.02 54.31
N SER M 891 146.54 11.20 53.73
CA SER M 891 147.03 11.32 52.34
C SER M 891 148.43 10.70 52.13
N LYS M 892 149.12 10.31 53.21
CA LYS M 892 150.29 9.42 53.15
C LYS M 892 149.91 7.94 53.33
N LEU M 893 149.23 7.59 54.43
CA LEU M 893 148.95 6.20 54.78
C LEU M 893 148.12 5.47 53.71
N LYS M 894 147.08 6.12 53.17
CA LYS M 894 146.24 5.53 52.11
C LYS M 894 146.83 5.69 50.69
N ASP M 895 148.04 6.22 50.59
CA ASP M 895 148.79 6.45 49.34
C ASP M 895 150.02 5.52 49.26
N HIS M 896 150.79 5.62 48.17
CA HIS M 896 152.08 4.96 47.99
C HIS M 896 153.17 5.49 48.95
N MET M 897 152.90 6.63 49.58
CA MET M 897 153.69 7.22 50.66
C MET M 897 153.63 6.36 51.93
N VAL M 898 154.22 6.89 53.01
CA VAL M 898 154.43 6.17 54.28
C VAL M 898 153.12 5.70 54.91
N ARG M 899 153.11 4.43 55.37
CA ARG M 899 152.14 3.82 56.31
C ARG M 899 152.21 4.53 57.67
N GLU M 900 151.71 5.77 57.67
CA GLU M 900 152.19 6.78 58.60
C GLU M 900 151.98 6.41 60.07
N GLU M 901 152.83 7.02 60.85
CA GLU M 901 152.55 7.33 62.22
C GLU M 901 152.24 8.81 62.45
N ALA M 902 152.49 9.68 61.47
CA ALA M 902 152.80 11.11 61.63
C ALA M 902 153.86 11.34 62.74
N LYS M 903 154.78 10.36 62.80
CA LYS M 903 155.71 10.07 63.90
C LYS M 903 155.05 10.16 65.30
N SER M 904 153.92 9.48 65.39
CA SER M 904 153.04 9.24 66.55
C SER M 904 152.32 10.50 67.02
N LEU M 905 151.02 10.62 66.74
CA LEU M 905 150.12 11.64 67.30
C LEU M 905 149.78 11.32 68.76
N THR M 906 150.83 11.28 69.58
CA THR M 906 150.74 11.04 71.02
C THR M 906 150.09 12.23 71.73
N PRO M 907 149.87 12.08 73.05
CA PRO M 907 149.86 13.16 74.01
C PRO M 907 150.39 14.53 73.58
N LYS M 908 151.60 14.62 73.01
CA LYS M 908 152.17 15.93 72.70
C LYS M 908 151.41 16.74 71.66
N GLN M 909 151.12 16.18 70.49
CA GLN M 909 150.32 16.88 69.48
C GLN M 909 148.82 16.82 69.83
N CYS M 910 148.40 16.06 70.85
CA CYS M 910 147.06 16.19 71.42
C CYS M 910 146.99 17.48 72.28
N ALA M 911 147.91 17.63 73.22
CA ALA M 911 148.37 18.94 73.66
C ALA M 911 148.93 19.70 72.45
N VAL M 912 149.43 20.93 72.61
CA VAL M 912 149.77 21.84 71.50
C VAL M 912 148.50 22.27 70.80
N VAL M 913 147.81 21.34 70.14
CA VAL M 913 146.50 21.54 69.52
C VAL M 913 145.46 21.90 70.56
N GLU M 914 145.33 21.16 71.66
CA GLU M 914 144.33 21.52 72.68
C GLU M 914 144.59 22.91 73.26
N LEU M 915 145.86 23.28 73.43
CA LEU M 915 146.23 24.62 73.84
C LEU M 915 145.97 25.66 72.75
N ALA M 916 146.27 25.34 71.51
CA ALA M 916 146.03 26.21 70.38
C ALA M 916 144.53 26.45 70.23
N LEU M 917 143.73 25.39 70.28
CA LEU M 917 142.27 25.44 70.35
C LEU M 917 141.84 26.33 71.48
N ASP M 918 142.40 26.18 72.67
CA ASP M 918 142.02 27.03 73.77
C ASP M 918 142.36 28.50 73.47
N THR M 919 143.56 28.74 72.96
CA THR M 919 144.01 30.07 72.59
C THR M 919 143.06 30.72 71.60
N ILE M 920 142.71 29.96 70.57
CA ILE M 920 141.74 30.33 69.56
C ILE M 920 140.38 30.56 70.21
N LYS M 921 139.95 29.69 71.11
CA LYS M 921 138.67 29.78 71.81
C LYS M 921 138.63 31.03 72.66
N GLN M 922 139.72 31.39 73.31
CA GLN M 922 139.84 32.66 74.01
C GLN M 922 139.78 33.83 73.04
N TYR M 923 140.41 33.68 71.87
CA TYR M 923 140.39 34.65 70.81
C TYR M 923 138.99 34.92 70.26
N PHE M 924 138.30 33.86 69.82
CA PHE M 924 136.90 33.89 69.37
C PHE M 924 135.98 34.35 70.48
N HIS M 925 136.26 33.97 71.71
CA HIS M 925 135.50 34.43 72.85
C HIS M 925 135.69 35.93 73.07
N ALA M 926 136.94 36.40 72.91
CA ALA M 926 137.37 37.77 73.15
C ALA M 926 136.76 38.31 74.45
N GLY M 927 136.85 37.55 75.53
CA GLY M 927 136.29 37.94 76.84
C GLY M 927 134.77 38.14 76.86
N GLY M 928 134.01 37.51 75.96
CA GLY M 928 132.57 37.68 75.82
C GLY M 928 132.16 38.73 74.78
N VAL M 929 133.11 39.54 74.28
CA VAL M 929 132.87 40.46 73.15
C VAL M 929 132.59 39.67 71.88
N GLY M 930 133.27 38.53 71.73
CA GLY M 930 133.05 37.58 70.67
C GLY M 930 131.95 36.58 71.01
N LEU M 931 132.22 35.29 70.81
CA LEU M 931 131.27 34.22 71.05
C LEU M 931 131.23 33.77 72.52
N LYS M 932 130.10 33.19 72.92
CA LYS M 932 129.90 32.65 74.28
C LYS M 932 130.78 31.42 74.48
N LYS M 933 131.46 31.31 75.62
CA LYS M 933 132.19 30.08 75.98
C LYS M 933 131.29 28.85 75.95
N THR M 934 129.99 28.99 76.22
CA THR M 934 128.99 27.92 76.07
C THR M 934 128.89 27.42 74.63
N PHE M 935 128.61 28.29 73.67
CA PHE M 935 128.56 27.94 72.24
C PHE M 935 129.86 27.30 71.78
N LEU M 936 131.00 27.83 72.24
CA LEU M 936 132.31 27.33 71.84
C LEU M 936 132.55 25.95 72.45
N GLU M 937 132.33 25.77 73.75
CA GLU M 937 132.48 24.47 74.42
C GLU M 937 131.53 23.44 73.82
N LYS M 938 130.27 23.82 73.63
CA LYS M 938 129.24 23.01 73.01
C LYS M 938 129.23 23.18 71.49
N SER M 939 130.34 23.58 70.89
CA SER M 939 130.46 23.63 69.45
C SER M 939 130.64 22.21 68.96
N PRO M 940 129.76 21.70 68.09
CA PRO M 940 129.96 20.40 67.48
C PRO M 940 131.24 20.40 66.66
N ASP M 941 131.58 21.53 66.07
CA ASP M 941 132.80 21.76 65.33
C ASP M 941 134.01 21.47 66.23
N LEU M 942 133.99 21.99 67.45
CA LEU M 942 134.98 21.68 68.47
C LEU M 942 134.87 20.25 69.00
N GLN M 943 133.68 19.78 69.29
CA GLN M 943 133.47 18.48 69.93
C GLN M 943 133.83 17.34 69.01
N SER M 944 133.53 17.49 67.73
CA SER M 944 134.03 16.61 66.70
C SER M 944 135.55 16.68 66.67
N LEU M 945 136.10 17.89 66.67
CA LEU M 945 137.54 18.07 66.63
C LEU M 945 138.24 17.34 67.78
N ARG M 946 137.74 17.55 68.99
CA ARG M 946 138.08 16.80 70.22
C ARG M 946 137.89 15.30 70.03
N TYR M 947 136.80 14.89 69.42
CA TYR M 947 136.56 13.49 69.25
C TYR M 947 137.58 12.84 68.31
N ALA M 948 137.89 13.46 67.18
CA ALA M 948 138.92 12.96 66.27
C ALA M 948 140.26 12.88 67.00
N LEU M 949 140.59 13.90 67.80
CA LEU M 949 141.77 13.89 68.67
C LEU M 949 141.76 12.68 69.62
N SER M 950 140.61 12.30 70.15
CA SER M 950 140.54 11.13 71.02
C SER M 950 140.86 9.82 70.30
N LEU M 951 140.50 9.66 69.02
CA LEU M 951 140.83 8.43 68.27
C LEU M 951 142.31 8.14 68.36
N TYR M 952 143.13 9.16 68.16
CA TYR M 952 144.57 9.04 68.05
C TYR M 952 145.24 8.36 69.24
N THR M 953 144.69 8.53 70.44
CA THR M 953 145.27 7.96 71.66
C THR M 953 144.65 6.61 72.04
N GLN M 954 143.61 6.14 71.36
CA GLN M 954 142.82 4.99 71.81
C GLN M 954 143.57 3.64 71.83
N ALA M 955 143.00 2.72 72.59
CA ALA M 955 143.44 1.34 72.69
C ALA M 955 143.23 0.56 71.38
N THR M 956 144.11 -0.39 71.13
CA THR M 956 144.14 -1.23 69.94
C THR M 956 142.84 -1.97 69.69
N ASP M 957 142.26 -2.64 70.69
CA ASP M 957 141.01 -3.38 70.50
C ASP M 957 139.83 -2.46 70.23
N LEU M 958 139.77 -1.31 70.88
CA LEU M 958 138.72 -0.32 70.66
C LEU M 958 138.77 0.22 69.22
N LEU M 959 139.98 0.49 68.75
CA LEU M 959 140.25 0.83 67.36
C LEU M 959 139.83 -0.31 66.43
N ILE M 960 140.26 -1.54 66.67
CA ILE M 960 139.90 -2.72 65.86
C ILE M 960 138.38 -2.94 65.84
N LYS M 961 137.70 -2.80 66.97
CA LYS M 961 136.24 -2.85 67.06
C LYS M 961 135.61 -1.79 66.18
N THR M 962 136.09 -0.56 66.30
CA THR M 962 135.65 0.55 65.46
C THR M 962 135.84 0.21 63.99
N PHE M 963 136.97 -0.40 63.61
CA PHE M 963 137.19 -0.90 62.26
C PHE M 963 136.14 -1.90 61.84
N VAL M 964 135.96 -3.03 62.53
CA VAL M 964 135.01 -4.07 62.06
C VAL M 964 133.58 -3.54 62.00
N GLN M 965 133.17 -2.74 62.98
CA GLN M 965 131.84 -2.12 62.99
C GLN M 965 131.65 -1.14 61.84
N THR M 966 132.68 -0.37 61.49
CA THR M 966 132.59 0.61 60.38
C THR M 966 132.79 -0.04 59.02
N GLN M 967 133.65 -1.05 58.90
CA GLN M 967 133.91 -1.79 57.68
C GLN M 967 132.83 -2.85 57.38
N SER M 968 131.57 -2.54 57.68
CA SER M 968 130.40 -3.39 57.39
C SER M 968 130.32 -3.80 55.91
N ALA M 969 130.80 -2.95 55.00
CA ALA M 969 130.89 -3.19 53.58
C ALA M 969 131.92 -4.27 53.17
N GLN M 970 132.79 -4.74 54.06
CA GLN M 970 133.68 -5.88 53.82
C GLN M 970 132.90 -7.21 53.82
N GLY M 971 132.21 -7.46 52.72
CA GLY M 971 131.42 -8.66 52.47
C GLY M 971 130.48 -8.46 51.28
N SER M 972 129.75 -7.33 51.26
CA SER M 972 128.93 -6.91 50.12
C SER M 972 129.81 -6.31 49.02
N GLY M 973 130.09 -7.10 47.99
CA GLY M 973 130.87 -6.72 46.83
C GLY M 973 132.39 -6.96 46.98
N VAL M 974 132.94 -7.66 46.00
CA VAL M 974 134.39 -7.89 45.79
C VAL M 974 134.76 -7.41 44.39
N GLU M 975 135.79 -6.58 44.28
CA GLU M 975 136.31 -6.20 42.96
C GLU M 975 137.18 -7.32 42.35
N ASP M 976 136.80 -7.82 41.17
CA ASP M 976 137.41 -8.94 40.43
C ASP M 976 137.67 -10.22 41.26
N PRO M 977 136.67 -11.08 41.47
CA PRO M 977 136.84 -12.32 42.24
C PRO M 977 137.75 -13.36 41.55
N VAL M 978 138.62 -14.02 42.32
CA VAL M 978 139.58 -15.07 41.91
C VAL M 978 139.10 -16.51 42.12
N GLY M 979 137.81 -16.65 42.40
CA GLY M 979 137.17 -17.87 42.83
C GLY M 979 136.15 -17.57 43.91
N GLU M 980 135.61 -18.60 44.53
CA GLU M 980 134.69 -18.48 45.65
C GLU M 980 134.79 -19.70 46.57
N VAL M 981 134.46 -19.52 47.85
CA VAL M 981 134.45 -20.61 48.84
C VAL M 981 133.05 -20.83 49.38
N SER M 982 132.56 -22.07 49.27
CA SER M 982 131.37 -22.50 49.96
C SER M 982 131.78 -22.88 51.37
N VAL M 983 131.34 -22.07 52.32
CA VAL M 983 131.40 -22.36 53.73
C VAL M 983 129.98 -22.59 54.23
N HIS M 984 129.81 -23.58 55.10
CA HIS M 984 128.66 -23.60 56.00
C HIS M 984 129.15 -23.25 57.39
N VAL M 985 128.66 -22.13 57.92
CA VAL M 985 129.12 -21.58 59.18
C VAL M 985 128.02 -21.64 60.21
N GLU M 986 128.31 -22.08 61.43
CA GLU M 986 127.36 -22.09 62.54
C GLU M 986 127.89 -21.25 63.71
N LEU M 987 127.18 -20.16 64.02
CA LEU M 987 127.43 -19.35 65.22
C LEU M 987 126.73 -20.02 66.40
N PHE M 988 127.37 -21.07 66.94
CA PHE M 988 126.99 -21.59 68.24
C PHE M 988 127.46 -20.64 69.34
N THR M 989 126.51 -19.89 69.92
CA THR M 989 126.65 -19.43 71.30
C THR M 989 126.88 -20.71 72.12
N HIS M 990 128.12 -20.87 72.55
CA HIS M 990 128.76 -22.15 72.79
C HIS M 990 128.15 -22.91 73.98
N PRO M 991 127.61 -24.12 73.79
CA PRO M 991 126.89 -24.83 74.85
C PRO M 991 127.78 -25.25 76.04
N GLY M 992 129.11 -25.37 75.84
CA GLY M 992 130.04 -25.69 76.93
C GLY M 992 130.50 -24.50 77.79
N THR M 993 130.28 -23.24 77.37
CA THR M 993 130.86 -22.05 78.04
C THR M 993 130.05 -20.75 77.98
N GLY M 994 129.03 -20.63 77.13
CA GLY M 994 128.28 -19.39 76.92
C GLY M 994 129.03 -18.29 76.15
N GLU M 995 130.27 -18.54 75.71
CA GLU M 995 130.98 -17.72 74.73
C GLU M 995 130.28 -17.78 73.36
N GLN M 996 130.80 -17.11 72.35
CA GLN M 996 130.45 -17.42 70.96
C GLN M 996 131.58 -18.18 70.27
N LYS M 997 131.22 -19.35 69.73
CA LYS M 997 132.06 -20.14 68.86
C LYS M 997 131.50 -20.17 67.45
N VAL M 998 132.37 -20.45 66.50
CA VAL M 998 132.04 -20.38 65.08
C VAL M 998 132.50 -21.67 64.41
N THR M 999 131.57 -22.62 64.25
CA THR M 999 131.86 -23.85 63.51
C THR M 999 131.86 -23.53 62.02
N VAL M 1000 133.05 -23.35 61.43
CA VAL M 1000 133.18 -23.16 59.98
C VAL M 1000 133.44 -24.51 59.33
N LYS M 1001 132.40 -25.12 58.75
CA LYS M 1001 132.53 -26.25 57.83
C LYS M 1001 132.92 -25.73 56.46
N VAL M 1002 134.20 -25.87 56.11
CA VAL M 1002 134.68 -25.58 54.76
C VAL M 1002 134.15 -26.67 53.84
N VAL M 1003 133.13 -26.34 53.05
CA VAL M 1003 132.52 -27.32 52.15
C VAL M 1003 133.42 -27.52 50.94
N ALA M 1004 133.68 -26.45 50.19
CA ALA M 1004 134.42 -26.51 48.94
C ALA M 1004 134.91 -25.13 48.52
N ALA M 1005 135.88 -25.08 47.62
CA ALA M 1005 136.08 -23.91 46.75
C ALA M 1005 135.60 -24.19 45.32
N ASN M 1006 135.48 -23.12 44.54
CA ASN M 1006 135.06 -23.12 43.14
C ASN M 1006 135.72 -21.97 42.36
N ASP M 1007 135.82 -22.13 41.03
CA ASP M 1007 136.38 -21.14 40.09
C ASP M 1007 137.81 -20.66 40.43
N LEU M 1008 138.62 -21.49 41.13
CA LEU M 1008 139.95 -21.10 41.58
C LEU M 1008 140.87 -20.74 40.39
N LYS M 1009 141.22 -19.46 40.28
CA LYS M 1009 142.16 -18.95 39.27
C LYS M 1009 143.60 -19.26 39.72
N TRP M 1010 144.04 -20.51 39.62
CA TRP M 1010 145.36 -20.97 40.11
C TRP M 1010 145.98 -22.10 39.28
N GLN M 1011 146.01 -21.98 37.95
CA GLN M 1011 146.53 -23.03 37.06
C GLN M 1011 148.07 -23.10 37.11
N THR M 1012 148.59 -23.63 38.22
CA THR M 1012 150.02 -23.63 38.56
C THR M 1012 150.86 -24.67 37.80
N SER M 1013 152.18 -24.42 37.72
CA SER M 1013 153.18 -25.23 37.01
C SER M 1013 153.56 -26.52 37.75
N GLY M 1014 153.70 -26.47 39.08
CA GLY M 1014 153.74 -27.66 39.93
C GLY M 1014 152.36 -28.34 40.00
N ILE M 1015 152.27 -29.47 40.67
CA ILE M 1015 150.96 -30.08 40.99
C ILE M 1015 150.22 -29.13 41.93
N PHE M 1016 149.02 -28.69 41.56
CA PHE M 1016 148.16 -27.90 42.43
C PHE M 1016 147.66 -28.75 43.60
N ARG M 1017 147.74 -28.27 44.83
CA ARG M 1017 147.29 -29.00 46.03
C ARG M 1017 146.53 -28.07 46.98
N PRO M 1018 145.40 -27.48 46.56
CA PRO M 1018 144.70 -26.49 47.37
C PRO M 1018 144.23 -27.04 48.70
N PHE M 1019 144.31 -26.18 49.71
CA PHE M 1019 143.69 -26.28 51.02
C PHE M 1019 143.10 -24.91 51.35
N ILE M 1020 142.20 -24.83 52.31
CA ILE M 1020 141.58 -23.56 52.67
C ILE M 1020 142.00 -23.21 54.08
N GLU M 1021 142.64 -22.06 54.21
CA GLU M 1021 142.77 -21.38 55.48
C GLU M 1021 141.49 -20.60 55.78
N VAL M 1022 141.11 -20.54 57.05
CA VAL M 1022 140.08 -19.60 57.52
C VAL M 1022 140.68 -18.80 58.67
N ASN M 1023 140.44 -17.49 58.69
CA ASN M 1023 140.83 -16.61 59.79
C ASN M 1023 139.60 -15.97 60.44
N ILE M 1024 139.74 -15.51 61.69
CA ILE M 1024 138.77 -14.63 62.36
C ILE M 1024 139.40 -13.27 62.67
N VAL M 1025 138.64 -12.19 62.44
CA VAL M 1025 139.02 -10.81 62.74
C VAL M 1025 137.97 -10.13 63.62
N GLY M 1026 138.46 -9.31 64.54
CA GLY M 1026 137.70 -8.57 65.54
C GLY M 1026 138.55 -8.22 66.76
N PRO M 1027 137.99 -7.52 67.74
CA PRO M 1027 138.68 -7.17 68.98
C PRO M 1027 138.87 -8.41 69.87
N GLN M 1028 139.81 -8.34 70.81
CA GLN M 1028 140.13 -9.39 71.79
C GLN M 1028 140.43 -10.76 71.12
N LEU M 1029 141.39 -10.81 70.18
CA LEU M 1029 141.85 -12.03 69.51
C LEU M 1029 143.36 -12.31 69.70
N SER M 1030 144.03 -11.65 70.64
CA SER M 1030 145.46 -11.88 70.96
C SER M 1030 145.74 -13.27 71.57
N ASP M 1031 144.75 -13.82 72.26
CA ASP M 1031 144.79 -15.05 73.06
C ASP M 1031 144.11 -16.24 72.38
N LYS M 1032 143.46 -16.03 71.22
CA LYS M 1032 142.58 -16.99 70.55
C LYS M 1032 143.08 -17.34 69.17
N LYS M 1033 142.87 -18.59 68.77
CA LYS M 1033 143.31 -19.17 67.50
C LYS M 1033 142.67 -18.41 66.34
N ARG M 1034 143.41 -17.44 65.80
CA ARG M 1034 142.95 -16.58 64.70
C ARG M 1034 142.88 -17.28 63.36
N LYS M 1035 143.41 -18.50 63.22
CA LYS M 1035 143.60 -19.22 61.95
C LYS M 1035 143.31 -20.73 62.07
N PHE M 1036 142.77 -21.34 61.02
CA PHE M 1036 142.66 -22.80 60.79
C PHE M 1036 143.03 -23.12 59.34
N ALA M 1037 143.32 -24.38 59.02
CA ALA M 1037 143.54 -24.85 57.65
C ALA M 1037 143.07 -26.28 57.39
N THR M 1038 142.52 -26.56 56.21
CA THR M 1038 142.06 -27.91 55.81
C THR M 1038 143.24 -28.84 55.44
N LYS M 1039 142.99 -30.14 55.25
CA LYS M 1039 143.86 -30.98 54.41
C LYS M 1039 143.89 -30.41 52.98
N SER M 1040 144.91 -30.80 52.21
CA SER M 1040 145.02 -30.49 50.79
C SER M 1040 144.25 -31.48 49.89
N LYS M 1041 143.90 -31.06 48.66
CA LYS M 1041 143.34 -31.92 47.60
C LYS M 1041 144.17 -31.81 46.32
N ASN M 1042 144.59 -32.93 45.74
CA ASN M 1042 145.44 -32.91 44.55
C ASN M 1042 144.67 -32.46 43.31
N ASN M 1043 145.32 -31.64 42.48
CA ASN M 1043 144.99 -31.33 41.10
C ASN M 1043 143.49 -30.97 40.90
N SER M 1044 142.99 -30.00 41.66
CA SER M 1044 141.54 -29.76 41.76
C SER M 1044 141.18 -28.29 42.01
N TRP M 1045 140.64 -27.60 41.00
CA TRP M 1045 140.27 -26.17 41.05
C TRP M 1045 138.83 -25.88 41.51
N ALA M 1046 138.04 -26.93 41.76
CA ALA M 1046 136.83 -26.85 42.59
C ALA M 1046 136.88 -27.89 43.75
N PRO M 1047 137.88 -27.80 44.63
CA PRO M 1047 138.16 -28.82 45.64
C PRO M 1047 137.12 -28.80 46.76
N LYS M 1048 136.61 -29.97 47.12
CA LYS M 1048 135.80 -30.18 48.33
C LYS M 1048 136.69 -30.50 49.53
N TYR M 1049 136.19 -30.25 50.73
CA TYR M 1049 136.91 -30.55 51.98
C TYR M 1049 135.98 -31.20 52.99
N ASN M 1050 134.84 -30.57 53.26
CA ASN M 1050 133.90 -31.00 54.30
C ASN M 1050 134.58 -31.08 55.69
N GLU M 1051 135.52 -30.18 55.95
CA GLU M 1051 136.33 -30.12 57.17
C GLU M 1051 135.85 -28.98 58.07
N SER M 1052 135.67 -29.26 59.36
CA SER M 1052 135.04 -28.35 60.31
C SER M 1052 136.04 -27.78 61.31
N PHE M 1053 136.13 -26.45 61.34
CA PHE M 1053 136.93 -25.66 62.27
C PHE M 1053 136.05 -25.04 63.36
N GLN M 1054 136.64 -24.60 64.46
CA GLN M 1054 135.91 -23.99 65.58
C GLN M 1054 136.70 -22.80 66.16
N PHE M 1055 136.46 -21.61 65.62
CA PHE M 1055 136.97 -20.36 66.21
C PHE M 1055 136.26 -20.07 67.53
N SER M 1056 136.94 -19.30 68.39
CA SER M 1056 136.32 -18.66 69.54
C SER M 1056 136.36 -17.13 69.36
N LEU M 1057 135.21 -16.48 69.48
CA LEU M 1057 135.11 -15.02 69.58
C LEU M 1057 135.40 -14.57 71.03
N SER M 1058 135.40 -13.27 71.32
CA SER M 1058 135.25 -12.85 72.72
C SER M 1058 133.84 -13.15 73.24
N ALA M 1059 133.71 -13.34 74.56
CA ALA M 1059 132.41 -13.30 75.22
C ALA M 1059 131.80 -11.88 75.21
N ASP M 1060 132.61 -10.84 75.41
CA ASP M 1060 132.10 -9.48 75.64
C ASP M 1060 131.68 -8.79 74.33
N ALA M 1061 132.53 -8.81 73.30
CA ALA M 1061 132.19 -8.31 71.99
C ALA M 1061 131.17 -9.22 71.28
N GLY M 1062 130.11 -8.63 70.74
CA GLY M 1062 129.08 -9.37 70.02
C GLY M 1062 129.58 -9.82 68.63
N PRO M 1063 128.84 -10.70 67.95
CA PRO M 1063 129.28 -11.26 66.67
C PRO M 1063 129.39 -10.17 65.58
N GLU M 1064 128.65 -9.07 65.69
CA GLU M 1064 128.81 -7.91 64.82
C GLU M 1064 130.13 -7.14 65.01
N CYS M 1065 130.88 -7.43 66.07
CA CYS M 1065 132.27 -7.00 66.21
C CYS M 1065 133.24 -7.92 65.46
N TYR M 1066 132.76 -8.95 64.77
CA TYR M 1066 133.59 -9.96 64.13
C TYR M 1066 133.21 -10.23 62.68
N GLU M 1067 134.18 -10.81 62.01
CA GLU M 1067 134.12 -11.23 60.62
C GLU M 1067 135.13 -12.35 60.40
N LEU M 1068 134.73 -13.40 59.70
CA LEU M 1068 135.68 -14.37 59.17
C LEU M 1068 136.39 -13.75 57.97
N GLN M 1069 137.65 -14.11 57.77
CA GLN M 1069 138.47 -13.74 56.63
C GLN M 1069 139.09 -15.01 56.02
N VAL M 1070 138.35 -15.61 55.08
CA VAL M 1070 138.67 -16.89 54.41
C VAL M 1070 139.79 -16.71 53.39
N CYS M 1071 140.70 -17.67 53.27
CA CYS M 1071 141.82 -17.60 52.33
C CYS M 1071 142.21 -18.98 51.79
N VAL M 1072 142.00 -19.20 50.49
CA VAL M 1072 142.44 -20.44 49.84
C VAL M 1072 143.95 -20.39 49.63
N LYS M 1073 144.63 -21.54 49.76
CA LYS M 1073 146.09 -21.66 49.60
C LYS M 1073 146.51 -22.94 48.89
N ASP M 1074 147.65 -22.92 48.22
CA ASP M 1074 148.23 -24.07 47.52
C ASP M 1074 149.33 -24.73 48.37
N TYR M 1075 149.18 -26.01 48.74
CA TYR M 1075 150.13 -26.70 49.62
C TYR M 1075 151.38 -27.16 48.88
N CYS M 1076 152.56 -26.80 49.38
CA CYS M 1076 153.83 -27.21 48.81
C CYS M 1076 154.82 -27.61 49.93
N PHE M 1077 154.76 -28.87 50.40
CA PHE M 1077 155.68 -29.38 51.43
C PHE M 1077 157.14 -29.27 51.01
N ALA M 1078 158.03 -29.09 51.99
CA ALA M 1078 159.44 -28.70 51.86
C ALA M 1078 159.71 -27.33 51.18
N ARG M 1079 158.84 -26.90 50.27
CA ARG M 1079 158.78 -25.55 49.70
C ARG M 1079 157.96 -24.63 50.60
N GLU M 1080 157.02 -23.88 50.03
CA GLU M 1080 156.20 -22.85 50.66
C GLU M 1080 154.76 -22.87 50.12
N ASP M 1081 153.77 -22.70 50.98
CA ASP M 1081 152.36 -22.61 50.57
C ASP M 1081 151.99 -21.20 50.04
N ARG M 1082 150.99 -21.09 49.15
CA ARG M 1082 150.73 -19.85 48.40
C ARG M 1082 149.27 -19.36 48.43
N THR M 1083 149.00 -18.08 48.71
CA THR M 1083 147.64 -17.49 48.77
C THR M 1083 146.98 -17.42 47.39
N VAL M 1084 145.84 -18.11 47.26
CA VAL M 1084 145.01 -18.17 46.06
C VAL M 1084 143.91 -17.10 46.05
N GLY M 1085 143.45 -16.59 47.19
CA GLY M 1085 142.45 -15.50 47.26
C GLY M 1085 141.98 -15.25 48.69
N LEU M 1086 141.21 -14.17 48.93
CA LEU M 1086 140.71 -13.79 50.26
C LEU M 1086 139.23 -13.37 50.23
N ALA M 1087 138.37 -13.78 51.16
CA ALA M 1087 136.99 -13.28 51.29
C ALA M 1087 136.61 -12.95 52.73
N VAL M 1088 135.80 -11.92 52.96
CA VAL M 1088 135.32 -11.57 54.30
C VAL M 1088 133.85 -11.92 54.49
N LEU M 1089 133.53 -12.68 55.54
CA LEU M 1089 132.17 -13.00 55.95
C LEU M 1089 131.90 -12.33 57.30
N GLN M 1090 131.03 -11.31 57.29
CA GLN M 1090 130.65 -10.57 58.49
C GLN M 1090 129.85 -11.45 59.46
N LEU M 1091 130.31 -11.61 60.69
CA LEU M 1091 129.56 -12.39 61.67
C LEU M 1091 128.32 -11.67 62.21
N ARG M 1092 128.14 -10.37 61.89
CA ARG M 1092 126.84 -9.68 62.03
C ARG M 1092 125.70 -10.39 61.29
N GLU M 1093 125.98 -11.00 60.12
CA GLU M 1093 124.96 -11.76 59.38
C GLU M 1093 124.57 -13.05 60.13
N LEU M 1094 125.59 -13.79 60.58
CA LEU M 1094 125.42 -15.04 61.32
C LEU M 1094 124.80 -14.83 62.70
N ALA M 1095 124.94 -13.64 63.29
CA ALA M 1095 124.18 -13.23 64.47
C ALA M 1095 122.66 -13.40 64.27
N GLN M 1096 122.18 -13.04 63.07
CA GLN M 1096 120.77 -13.19 62.69
C GLN M 1096 120.49 -14.61 62.18
N ARG M 1097 121.32 -15.09 61.23
CA ARG M 1097 121.09 -16.35 60.51
C ARG M 1097 121.26 -17.57 61.41
N GLY M 1098 122.07 -17.47 62.47
CA GLY M 1098 122.45 -18.55 63.38
C GLY M 1098 123.42 -19.54 62.72
N SER M 1099 123.11 -19.98 61.51
CA SER M 1099 124.05 -20.64 60.61
C SER M 1099 123.81 -20.20 59.16
N ALA M 1100 124.82 -20.31 58.32
CA ALA M 1100 124.82 -19.83 56.96
C ALA M 1100 125.69 -20.69 56.05
N ALA M 1101 125.06 -21.36 55.08
CA ALA M 1101 125.74 -21.84 53.89
C ALA M 1101 125.87 -20.66 52.90
N CYS M 1102 127.09 -20.27 52.54
CA CYS M 1102 127.32 -19.11 51.69
C CYS M 1102 128.51 -19.33 50.73
N TRP M 1103 128.35 -18.88 49.48
CA TRP M 1103 129.45 -18.70 48.52
C TRP M 1103 130.12 -17.34 48.72
N LEU M 1104 131.32 -17.37 49.28
CA LEU M 1104 132.14 -16.19 49.51
C LEU M 1104 133.03 -15.91 48.28
N PRO M 1105 132.76 -14.89 47.46
CA PRO M 1105 133.65 -14.51 46.37
C PRO M 1105 135.02 -14.11 46.92
N LEU M 1106 136.08 -14.80 46.51
CA LEU M 1106 137.45 -14.48 46.88
C LEU M 1106 137.90 -13.24 46.13
N GLY M 1107 138.19 -12.15 46.82
CA GLY M 1107 138.95 -11.04 46.28
C GLY M 1107 140.45 -11.29 46.28
N ARG M 1108 141.18 -10.40 45.60
CA ARG M 1108 142.64 -10.29 45.69
C ARG M 1108 143.06 -9.43 46.89
N ARG M 1109 142.24 -8.44 47.27
CA ARG M 1109 142.36 -7.58 48.48
C ARG M 1109 140.98 -7.31 49.10
N ILE M 1110 140.97 -6.64 50.25
CA ILE M 1110 139.78 -6.31 51.06
C ILE M 1110 139.56 -4.79 51.09
N HIS M 1111 138.36 -4.31 50.76
CA HIS M 1111 138.06 -2.88 50.58
C HIS M 1111 137.84 -2.12 51.91
N MET M 1112 138.16 -0.81 51.97
CA MET M 1112 138.04 0.01 53.19
C MET M 1112 137.41 1.38 52.93
N ASP M 1113 136.92 2.00 54.01
CA ASP M 1113 136.49 3.38 54.06
C ASP M 1113 137.44 4.25 54.90
N ASP M 1114 137.16 5.55 54.94
CA ASP M 1114 137.95 6.57 55.65
C ASP M 1114 138.13 6.29 57.14
N THR M 1115 137.25 5.52 57.75
CA THR M 1115 137.25 5.22 59.18
C THR M 1115 137.98 3.91 59.41
N GLY M 1116 137.88 2.97 58.47
CA GLY M 1116 138.83 1.89 58.36
C GLY M 1116 140.24 2.44 58.24
N LEU M 1117 140.44 3.41 57.37
CA LEU M 1117 141.71 4.07 57.14
C LEU M 1117 142.17 4.98 58.28
N THR M 1118 141.30 5.76 58.93
CA THR M 1118 141.67 6.56 60.13
C THR M 1118 142.10 5.62 61.24
N VAL M 1119 141.35 4.55 61.47
CA VAL M 1119 141.75 3.54 62.45
C VAL M 1119 143.06 2.87 62.04
N LEU M 1120 143.23 2.45 60.79
CA LEU M 1120 144.46 1.82 60.31
C LEU M 1120 145.66 2.77 60.44
N ARG M 1121 145.49 4.09 60.28
CA ARG M 1121 146.53 5.13 60.57
C ARG M 1121 146.90 5.22 62.04
N ILE M 1122 145.98 4.90 62.94
CA ILE M 1122 146.18 4.94 64.39
C ILE M 1122 146.72 3.59 64.90
N LEU M 1123 146.30 2.48 64.29
CA LEU M 1123 146.86 1.15 64.52
C LEU M 1123 148.25 1.00 63.90
N SER M 1124 148.53 1.65 62.77
CA SER M 1124 149.85 1.69 62.19
C SER M 1124 150.82 2.51 63.07
N GLN M 1125 150.33 3.52 63.80
CA GLN M 1125 151.09 4.15 64.90
C GLN M 1125 151.46 3.20 66.02
N ARG M 1126 150.62 2.20 66.27
CA ARG M 1126 150.94 1.13 67.21
C ARG M 1126 151.75 0.04 66.46
N SER M 1127 152.78 0.47 65.73
CA SER M 1127 153.68 -0.36 64.92
C SER M 1127 154.39 -1.47 65.70
N ASN M 1128 154.48 -1.35 67.02
CA ASN M 1128 155.10 -2.35 67.92
C ASN M 1128 154.07 -3.30 68.56
N ASP M 1129 152.80 -2.91 68.67
CA ASP M 1129 151.76 -3.74 69.26
C ASP M 1129 151.51 -4.93 68.33
N GLU M 1130 151.66 -6.15 68.82
CA GLU M 1130 151.55 -7.34 67.98
C GLU M 1130 150.13 -7.57 67.45
N VAL M 1131 149.10 -7.16 68.19
CA VAL M 1131 147.72 -7.21 67.69
C VAL M 1131 147.53 -6.15 66.62
N ALA M 1132 148.02 -4.92 66.83
CA ALA M 1132 147.91 -3.86 65.83
C ALA M 1132 148.73 -4.17 64.58
N LYS M 1133 149.96 -4.68 64.72
CA LYS M 1133 150.75 -5.26 63.63
C LYS M 1133 149.96 -6.33 62.89
N GLU M 1134 149.49 -7.39 63.56
CA GLU M 1134 148.80 -8.50 62.90
C GLU M 1134 147.47 -8.06 62.29
N PHE M 1135 146.80 -7.08 62.87
CA PHE M 1135 145.61 -6.47 62.27
C PHE M 1135 145.95 -5.69 61.00
N VAL M 1136 146.89 -4.74 61.10
CA VAL M 1136 147.35 -3.90 59.98
C VAL M 1136 147.90 -4.79 58.86
N LYS M 1137 148.60 -5.89 59.21
CA LYS M 1137 149.04 -6.94 58.29
C LYS M 1137 147.85 -7.70 57.69
N LEU M 1138 146.99 -8.33 58.48
CA LEU M 1138 145.88 -9.15 57.97
C LEU M 1138 144.89 -8.35 57.12
N LYS M 1139 144.76 -7.03 57.34
CA LYS M 1139 143.95 -6.14 56.48
C LYS M 1139 144.69 -5.56 55.29
N SER M 1140 146.01 -5.47 55.35
CA SER M 1140 146.85 -5.22 54.16
C SER M 1140 147.27 -6.53 53.49
N ASP M 1141 146.65 -7.67 53.85
CA ASP M 1141 146.92 -8.99 53.29
C ASP M 1141 146.27 -9.14 51.90
N THR M 1142 147.02 -9.66 50.93
CA THR M 1142 146.60 -9.73 49.53
C THR M 1142 147.10 -11.00 48.84
N ARG M 1143 146.39 -11.42 47.79
CA ARG M 1143 146.78 -12.50 46.89
C ARG M 1143 147.92 -12.06 45.95
N SER M 1144 148.93 -12.91 45.75
CA SER M 1144 149.86 -12.80 44.62
C SER M 1144 149.14 -13.10 43.30
N ALA M 1145 149.31 -12.25 42.28
CA ALA M 1145 148.54 -12.36 41.02
C ALA M 1145 148.91 -13.60 40.18
N GLU M 1146 150.04 -14.23 40.46
CA GLU M 1146 150.54 -15.40 39.73
C GLU M 1146 149.57 -16.59 39.78
N GLU M 1147 149.60 -17.44 38.76
CA GLU M 1147 148.61 -18.49 38.48
C GLU M 1147 147.18 -17.99 38.17
N GLY M 1148 146.90 -16.67 38.15
CA GLY M 1148 145.54 -16.14 38.01
C GLY M 1148 145.36 -14.63 37.69
N GLY M 1149 146.12 -14.08 36.74
CA GLY M 1149 145.69 -12.91 35.94
C GLY M 1149 145.75 -11.50 36.54
N ALA M 1150 144.62 -10.78 36.46
CA ALA M 1150 144.51 -9.31 36.54
C ALA M 1150 144.80 -8.66 37.92
N ALA M 1151 144.74 -7.32 37.97
CA ALA M 1151 145.03 -6.51 39.15
C ALA M 1151 143.86 -6.38 40.16
N PRO M 1152 144.14 -6.14 41.45
CA PRO M 1152 143.14 -5.75 42.47
C PRO M 1152 142.58 -4.33 42.22
N ALA M 1153 141.57 -3.95 43.01
CA ALA M 1153 141.04 -2.59 43.07
C ALA M 1153 140.66 -2.19 44.51
N PRO M 1154 140.75 -0.89 44.87
CA PRO M 1154 140.67 -0.39 46.25
C PRO M 1154 139.34 -0.75 46.93
N GLU N 23 81.34 150.79 116.75
CA GLU N 23 80.63 151.85 115.97
C GLU N 23 81.41 153.15 115.90
N GLU N 24 81.73 153.78 117.04
CA GLU N 24 82.50 155.02 117.15
C GLU N 24 83.71 155.10 116.20
N LEU N 25 84.65 154.17 116.31
CA LEU N 25 85.81 154.07 115.42
C LEU N 25 85.40 153.89 113.96
N LYS N 26 84.43 153.04 113.66
CA LYS N 26 83.96 152.80 112.29
C LYS N 26 83.44 154.07 111.63
N ASN N 27 82.60 154.83 112.33
CA ASN N 27 82.09 156.08 111.80
C ASN N 27 83.16 157.18 111.73
N HIS N 28 84.03 157.28 112.75
CA HIS N 28 85.20 158.14 112.75
C HIS N 28 86.11 157.85 111.55
N VAL N 29 86.39 156.59 111.29
CA VAL N 29 87.21 156.13 110.17
C VAL N 29 86.49 156.30 108.85
N TYR N 30 85.19 156.06 108.76
CA TYR N 30 84.40 156.38 107.57
C TYR N 30 84.62 157.84 107.18
N LYS N 31 84.37 158.76 108.11
CA LYS N 31 84.56 160.20 107.95
C LYS N 31 85.99 160.56 107.57
N LYS N 32 86.99 160.02 108.27
CA LYS N 32 88.40 160.28 107.97
C LYS N 32 88.88 159.65 106.68
N THR N 33 88.24 158.59 106.22
CA THR N 33 88.51 157.98 104.92
C THR N 33 87.90 158.83 103.81
N LEU N 34 86.65 159.28 104.00
CA LEU N 34 86.01 160.23 103.09
C LEU N 34 86.85 161.51 102.97
N GLN N 35 87.24 162.13 104.09
CA GLN N 35 88.12 163.29 104.06
C GLN N 35 89.49 162.97 103.43
N ALA N 36 90.07 161.81 103.74
CA ALA N 36 91.39 161.45 103.24
C ALA N 36 91.47 161.35 101.73
N LEU N 37 90.37 160.91 101.10
CA LEU N 37 90.31 160.59 99.68
C LEU N 37 89.50 161.56 98.84
N ILE N 38 88.68 162.45 99.42
CA ILE N 38 87.97 163.48 98.64
C ILE N 38 88.97 164.50 98.09
N TYR N 39 89.85 165.00 98.96
CA TYR N 39 91.12 165.56 98.53
C TYR N 39 92.16 164.50 98.86
N PRO N 40 92.45 163.55 97.96
CA PRO N 40 93.52 162.60 98.19
C PRO N 40 94.82 163.39 98.38
N ILE N 41 95.72 162.95 99.26
CA ILE N 41 97.00 163.66 99.44
C ILE N 41 97.82 163.70 98.14
N SER N 42 97.53 162.81 97.18
CA SER N 42 98.06 162.82 95.83
C SER N 42 97.64 164.04 94.97
N CYS N 43 96.78 164.94 95.45
CA CYS N 43 96.57 166.25 94.83
C CYS N 43 97.74 167.24 94.99
N THR N 44 98.60 167.05 95.98
CA THR N 44 99.51 168.08 96.50
C THR N 44 100.82 168.25 95.73
N THR N 45 101.45 169.42 95.88
CA THR N 45 102.67 169.88 95.19
C THR N 45 103.76 170.29 96.19
N PRO N 46 105.07 170.07 95.93
CA PRO N 46 106.14 170.41 96.87
C PRO N 46 106.78 171.78 96.64
N HIS N 47 107.22 172.45 97.70
CA HIS N 47 107.86 173.77 97.63
C HIS N 47 109.33 173.66 97.25
N ASN N 48 109.69 174.11 96.05
CA ASN N 48 111.07 174.28 95.63
C ASN N 48 111.72 175.54 96.26
N PHE N 49 112.19 175.45 97.50
CA PHE N 49 112.90 176.54 98.17
C PHE N 49 114.35 176.72 97.74
N GLU N 50 114.70 177.95 97.37
CA GLU N 50 116.07 178.47 97.42
C GLU N 50 116.30 179.18 98.76
N VAL N 51 117.53 179.08 99.28
CA VAL N 51 118.03 180.03 100.29
C VAL N 51 118.06 181.41 99.66
N TRP N 52 117.49 182.39 100.35
CA TRP N 52 117.48 183.77 99.86
C TRP N 52 117.75 184.75 101.00
N THR N 53 118.73 185.61 100.78
CA THR N 53 119.06 186.70 101.69
C THR N 53 118.01 187.79 101.57
N ALA N 54 117.31 188.10 102.67
CA ALA N 54 116.55 189.34 102.81
C ALA N 54 117.54 190.52 102.94
N THR N 55 118.18 190.93 101.84
CA THR N 55 119.18 192.02 101.76
C THR N 55 118.62 193.39 102.20
N THR N 56 117.32 193.46 102.45
CA THR N 56 116.56 194.52 103.13
C THR N 56 115.59 193.90 104.16
N PRO N 57 115.23 194.60 105.26
CA PRO N 57 114.24 194.11 106.24
C PRO N 57 112.94 193.65 105.58
N THR N 58 112.57 192.39 105.77
CA THR N 58 111.47 191.68 105.08
C THR N 58 110.69 190.85 106.10
N TYR N 59 109.42 190.51 105.83
CA TYR N 59 108.56 189.83 106.80
C TYR N 59 107.99 188.53 106.24
N CYS N 60 108.16 187.45 107.01
CA CYS N 60 107.90 186.08 106.58
C CYS N 60 106.43 185.81 106.24
N TYR N 61 106.13 185.21 105.08
CA TYR N 61 104.74 184.95 104.68
C TYR N 61 104.03 183.90 105.53
N GLU N 62 104.73 183.19 106.42
CA GLU N 62 104.11 182.46 107.51
C GLU N 62 103.86 183.35 108.74
N CYS N 63 104.93 183.67 109.47
CA CYS N 63 104.85 184.28 110.80
C CYS N 63 104.80 185.81 110.83
N GLU N 64 104.98 186.48 109.68
CA GLU N 64 105.22 187.92 109.56
C GLU N 64 106.44 188.41 110.37
N GLY N 65 107.33 187.51 110.79
CA GLY N 65 108.55 187.80 111.55
C GLY N 65 109.70 188.29 110.68
N LEU N 66 110.64 189.04 111.27
CA LEU N 66 111.73 189.71 110.57
C LEU N 66 112.73 188.72 109.92
N LEU N 67 112.88 188.89 108.62
CA LEU N 67 113.96 188.41 107.79
C LEU N 67 114.86 189.60 107.48
N TRP N 68 116.16 189.50 107.74
CA TRP N 68 117.08 190.62 107.56
C TRP N 68 118.53 190.16 107.43
N GLY N 69 119.16 190.63 106.35
CA GLY N 69 120.56 190.41 106.04
C GLY N 69 120.91 188.93 105.96
N ILE N 70 122.20 188.67 106.13
CA ILE N 70 122.70 187.32 106.38
C ILE N 70 122.28 186.84 107.78
N ALA N 71 122.12 187.76 108.75
CA ALA N 71 121.78 187.48 110.14
C ALA N 71 120.48 186.69 110.31
N ARG N 72 119.46 187.02 109.53
CA ARG N 72 118.15 186.38 109.48
C ARG N 72 117.73 186.17 108.02
N GLN N 73 118.46 185.33 107.28
CA GLN N 73 118.07 184.86 105.94
C GLN N 73 116.68 184.22 105.90
N GLY N 74 116.08 184.18 104.72
CA GLY N 74 114.87 183.42 104.46
C GLY N 74 115.07 182.31 103.42
N MET N 75 113.96 181.67 103.11
CA MET N 75 113.80 180.79 101.96
C MET N 75 112.81 181.46 101.03
N ARG N 76 113.16 181.54 99.75
CA ARG N 76 112.27 181.96 98.69
C ARG N 76 111.98 180.70 97.89
N CYS N 77 110.72 180.24 97.84
CA CYS N 77 110.38 179.22 96.87
C CYS N 77 110.46 179.81 95.47
N THR N 78 110.72 178.99 94.45
CA THR N 78 110.49 179.37 93.06
C THR N 78 109.05 179.08 92.65
N GLU N 79 108.61 177.83 92.82
CA GLU N 79 107.32 177.32 92.36
C GLU N 79 106.18 178.01 93.11
N CYS N 80 106.14 177.89 94.44
CA CYS N 80 105.29 178.77 95.23
C CYS N 80 105.85 180.16 95.42
N GLY N 81 107.07 180.51 94.98
CA GLY N 81 107.60 181.88 95.06
C GLY N 81 107.91 182.40 96.48
N VAL N 82 107.42 181.67 97.49
CA VAL N 82 107.04 182.15 98.82
C VAL N 82 108.26 182.53 99.67
N LYS N 83 108.22 183.69 100.34
CA LYS N 83 109.34 184.24 101.11
C LYS N 83 109.07 184.06 102.60
N CYS N 84 109.96 183.37 103.29
CA CYS N 84 109.73 182.96 104.68
C CYS N 84 111.03 182.77 105.45
N HIS N 85 110.98 182.66 106.78
CA HIS N 85 112.13 182.12 107.51
C HIS N 85 112.48 180.73 106.99
N GLU N 86 113.72 180.29 107.17
CA GLU N 86 114.04 178.87 107.14
C GLU N 86 113.15 178.09 108.12
N LYS N 87 113.12 178.48 109.40
CA LYS N 87 112.23 177.84 110.38
C LYS N 87 110.74 177.93 110.02
N CYS N 88 110.36 178.80 109.07
CA CYS N 88 108.99 178.88 108.56
C CYS N 88 108.75 178.17 107.25
N GLN N 89 109.77 177.79 106.47
CA GLN N 89 109.53 177.26 105.13
C GLN N 89 108.73 175.95 105.14
N ASP N 90 108.73 175.26 106.29
CA ASP N 90 107.91 174.09 106.58
C ASP N 90 106.61 174.45 107.32
N LEU N 91 106.61 175.51 108.13
CA LEU N 91 105.41 176.02 108.80
C LEU N 91 104.45 176.68 107.82
N LEU N 92 104.93 177.08 106.64
CA LEU N 92 104.12 177.28 105.45
C LEU N 92 103.42 175.95 105.08
N ASN N 93 102.26 175.71 105.69
CA ASN N 93 101.66 174.38 105.78
C ASN N 93 101.12 173.81 104.46
N ALA N 94 100.45 174.63 103.64
CA ALA N 94 99.71 174.14 102.47
C ALA N 94 100.63 173.83 101.29
N ASP N 95 100.15 173.03 100.32
CA ASP N 95 100.97 172.55 99.21
C ASP N 95 101.48 173.69 98.31
N CYS N 96 102.37 173.39 97.38
CA CYS N 96 102.97 174.39 96.53
C CYS N 96 101.96 175.06 95.59
N LEU N 97 100.86 174.41 95.18
CA LEU N 97 99.74 175.14 94.58
C LEU N 97 99.23 176.20 95.56
N GLN N 98 98.75 175.79 96.72
CA GLN N 98 98.15 176.70 97.69
C GLN N 98 99.12 177.80 98.13
N ARG N 99 100.38 177.47 98.46
CA ARG N 99 101.38 178.49 98.79
C ARG N 99 101.85 179.29 97.58
N ALA N 100 101.74 178.82 96.33
CA ALA N 100 101.91 179.70 95.17
C ALA N 100 100.78 180.73 95.14
N ALA N 101 99.56 180.32 95.47
CA ALA N 101 98.43 181.23 95.67
C ALA N 101 98.67 182.22 96.82
N GLU N 102 99.06 181.76 98.01
CA GLU N 102 99.30 182.64 99.15
C GLU N 102 100.50 183.58 98.93
N LYS N 103 101.61 183.11 98.33
CA LYS N 103 102.68 183.99 97.83
C LYS N 103 102.14 185.03 96.88
N SER N 104 101.31 184.63 95.93
CA SER N 104 100.76 185.57 94.94
C SER N 104 99.92 186.62 95.65
N SER N 105 99.15 186.28 96.68
CA SER N 105 98.43 187.28 97.50
C SER N 105 99.37 188.21 98.28
N LYS N 106 100.54 187.74 98.73
CA LYS N 106 101.52 188.53 99.50
C LYS N 106 102.53 189.30 98.64
N HIS N 107 102.69 188.94 97.37
CA HIS N 107 103.29 189.77 96.32
C HIS N 107 102.28 190.79 95.74
N GLY N 108 101.01 190.42 95.53
CA GLY N 108 99.92 191.34 95.15
C GLY N 108 98.60 190.70 94.68
N ALA N 109 98.63 189.67 93.83
CA ALA N 109 97.46 189.01 93.26
C ALA N 109 96.73 188.09 94.27
N GLU N 110 95.74 188.63 94.99
CA GLU N 110 94.86 187.85 95.88
C GLU N 110 93.95 186.87 95.10
N ASP N 111 93.58 187.23 93.87
CA ASP N 111 92.65 186.45 93.04
C ASP N 111 93.12 185.00 92.79
N ARG N 112 94.43 184.81 92.74
CA ARG N 112 95.10 183.50 92.70
C ARG N 112 94.63 182.58 93.83
N THR N 113 94.40 183.12 95.03
CA THR N 113 93.89 182.37 96.18
C THR N 113 92.51 181.80 95.89
N GLN N 114 91.58 182.61 95.38
CA GLN N 114 90.26 182.14 94.95
C GLN N 114 90.37 181.13 93.80
N ASN N 115 91.29 181.36 92.85
CA ASN N 115 91.61 180.38 91.83
C ASN N 115 92.02 179.04 92.44
N ILE N 116 92.91 178.98 93.43
CA ILE N 116 93.38 177.69 93.96
C ILE N 116 92.40 177.09 94.98
N ILE N 117 91.55 177.90 95.60
CA ILE N 117 90.31 177.40 96.21
C ILE N 117 89.45 176.71 95.14
N MET N 118 89.32 177.31 93.95
CA MET N 118 88.64 176.65 92.83
C MET N 118 89.42 175.45 92.30
N VAL N 119 90.75 175.41 92.36
CA VAL N 119 91.52 174.17 92.11
C VAL N 119 91.17 173.11 93.13
N LEU N 120 91.08 173.46 94.41
CA LEU N 120 90.68 172.53 95.47
C LEU N 120 89.28 172.00 95.19
N LYS N 121 88.31 172.87 94.88
CA LYS N 121 86.97 172.47 94.45
C LYS N 121 87.03 171.54 93.23
N ASP N 122 87.69 171.97 92.17
CA ASP N 122 87.77 171.23 90.91
C ASP N 122 88.47 169.89 91.09
N ARG N 123 89.54 169.82 91.87
CA ARG N 123 90.19 168.58 92.26
C ARG N 123 89.21 167.62 92.89
N MET N 124 88.43 168.07 93.88
CA MET N 124 87.43 167.25 94.57
C MET N 124 86.25 166.86 93.63
N LYS N 125 85.79 167.76 92.76
CA LYS N 125 84.76 167.45 91.73
C LYS N 125 85.26 166.40 90.73
N ILE N 126 86.47 166.60 90.19
CA ILE N 126 87.12 165.66 89.27
C ILE N 126 87.29 164.33 89.98
N ARG N 127 87.86 164.32 91.18
CA ARG N 127 88.05 163.14 92.02
C ARG N 127 86.78 162.32 92.18
N GLU N 128 85.69 162.99 92.55
CA GLU N 128 84.36 162.43 92.64
C GLU N 128 83.85 161.89 91.32
N ARG N 129 83.96 162.68 90.25
CA ARG N 129 83.41 162.36 88.93
C ARG N 129 84.20 161.25 88.25
N ASN N 130 85.49 161.15 88.52
CA ASN N 130 86.42 160.23 87.90
C ASN N 130 86.59 158.95 88.71
N LYS N 131 86.59 159.06 90.05
CA LYS N 131 86.63 157.93 90.96
C LYS N 131 85.43 157.87 91.91
N PRO N 132 84.19 158.01 91.42
CA PRO N 132 83.01 157.91 92.28
C PRO N 132 82.99 156.60 93.04
N GLU N 133 83.51 155.53 92.43
CA GLU N 133 83.60 154.21 93.03
C GLU N 133 84.45 154.19 94.30
N ILE N 134 85.41 155.10 94.49
CA ILE N 134 86.09 155.22 95.79
C ILE N 134 85.06 155.57 96.87
N PHE N 135 84.26 156.60 96.63
CA PHE N 135 83.37 157.17 97.63
C PHE N 135 82.14 156.28 97.90
N GLU N 136 81.61 155.70 96.83
CA GLU N 136 80.62 154.62 96.91
C GLU N 136 81.16 153.42 97.70
N LEU N 137 82.38 152.96 97.42
CA LEU N 137 82.90 151.82 98.16
C LEU N 137 83.06 152.13 99.65
N ILE N 138 83.55 153.32 100.01
CA ILE N 138 83.61 153.76 101.40
C ILE N 138 82.19 153.77 102.00
N GLN N 139 81.21 154.30 101.29
CA GLN N 139 79.82 154.21 101.66
C GLN N 139 79.35 152.77 101.88
N GLU N 140 79.59 151.84 100.95
CA GLU N 140 79.13 150.45 101.11
C GLU N 140 79.89 149.69 102.20
N VAL N 141 81.20 149.85 102.28
CA VAL N 141 82.09 149.21 103.28
C VAL N 141 81.71 149.65 104.68
N PHE N 142 81.42 150.93 104.82
CA PHE N 142 80.88 151.50 106.06
C PHE N 142 79.36 151.46 106.11
N ALA N 143 78.73 150.78 105.15
CA ALA N 143 77.30 150.52 105.04
C ALA N 143 76.38 151.74 105.10
N VAL N 144 76.90 152.94 104.84
CA VAL N 144 76.16 154.20 104.88
C VAL N 144 75.18 154.27 103.69
N THR N 145 74.12 155.06 103.74
CA THR N 145 73.20 155.21 102.58
C THR N 145 73.77 156.20 101.57
N LYS N 146 73.26 156.24 100.34
CA LYS N 146 73.73 157.17 99.28
C LYS N 146 73.41 158.63 99.60
N SER N 147 72.23 158.91 100.13
CA SER N 147 71.82 160.25 100.59
C SER N 147 72.64 160.68 101.80
N ALA N 148 72.74 159.86 102.84
CA ALA N 148 73.53 160.19 104.03
C ALA N 148 75.03 160.29 103.71
N HIS N 149 75.51 159.45 102.80
CA HIS N 149 76.83 159.61 102.22
C HIS N 149 76.96 160.95 101.52
N THR N 150 75.99 161.38 100.73
CA THR N 150 76.00 162.73 100.11
C THR N 150 76.05 163.83 101.17
N GLN N 151 75.37 163.67 102.31
CA GLN N 151 75.38 164.70 103.36
C GLN N 151 76.67 164.67 104.22
N GLN N 152 77.25 163.51 104.56
CA GLN N 152 78.59 163.45 105.16
C GLN N 152 79.68 163.84 104.15
N MET N 153 79.43 163.63 102.87
CA MET N 153 80.31 164.11 101.82
C MET N 153 80.23 165.62 101.71
N LYS N 154 79.05 166.25 101.78
CA LYS N 154 78.93 167.70 102.03
C LYS N 154 79.77 168.08 103.25
N ALA N 155 79.71 167.34 104.35
CA ALA N 155 80.53 167.63 105.51
C ALA N 155 82.04 167.55 105.24
N VAL N 156 82.59 166.47 104.65
CA VAL N 156 84.05 166.40 104.39
C VAL N 156 84.51 167.22 103.20
N LYS N 157 83.66 167.45 102.20
CA LYS N 157 83.86 168.48 101.19
C LYS N 157 84.02 169.78 101.92
N GLN N 158 83.07 170.17 102.74
CA GLN N 158 83.15 171.40 103.50
C GLN N 158 84.37 171.40 104.42
N SER N 159 84.78 170.28 105.01
CA SER N 159 86.01 170.22 105.82
C SER N 159 87.30 170.41 105.02
N VAL N 160 87.24 170.44 103.68
CA VAL N 160 88.36 170.85 102.81
C VAL N 160 87.97 171.98 101.82
N LEU N 161 86.71 172.44 101.80
CA LEU N 161 86.16 173.40 100.83
C LEU N 161 85.50 174.61 101.47
N ASP N 162 84.86 174.47 102.63
CA ASP N 162 84.77 175.58 103.57
C ASP N 162 86.17 175.75 104.19
N GLY N 163 86.73 174.66 104.71
CA GLY N 163 88.12 174.52 105.20
C GLY N 163 89.21 174.54 104.11
N THR N 164 88.97 175.26 103.01
CA THR N 164 89.90 175.36 101.86
C THR N 164 91.09 176.29 102.08
N SER N 165 91.01 177.21 103.05
CA SER N 165 92.01 178.28 103.27
C SER N 165 91.79 179.03 104.61
N LYS N 166 91.31 178.34 105.65
CA LYS N 166 90.71 178.98 106.84
C LYS N 166 91.65 179.05 108.04
N TRP N 167 91.64 180.21 108.68
CA TRP N 167 92.13 180.44 110.06
C TRP N 167 91.05 181.23 110.83
N SER N 168 89.79 180.78 110.70
CA SER N 168 88.60 181.37 111.32
C SER N 168 88.37 180.80 112.73
N ALA N 169 89.37 180.99 113.59
CA ALA N 169 89.44 180.40 114.91
C ALA N 169 88.33 180.89 115.85
N LYS N 170 87.51 179.95 116.34
CA LYS N 170 86.90 180.13 117.66
C LYS N 170 88.00 180.06 118.70
N ILE N 171 87.90 180.89 119.72
CA ILE N 171 88.83 181.00 120.84
C ILE N 171 88.01 180.92 122.12
N SER N 172 88.49 180.24 123.16
CA SER N 172 87.75 180.00 124.40
C SER N 172 88.67 180.25 125.58
N ILE N 173 88.65 181.49 126.06
CA ILE N 173 89.57 182.07 127.03
C ILE N 173 88.99 181.87 128.42
N THR N 174 89.45 180.86 129.15
CA THR N 174 89.21 180.81 130.59
C THR N 174 90.22 181.67 131.32
N VAL N 175 89.76 182.79 131.84
CA VAL N 175 90.48 183.51 132.89
C VAL N 175 90.50 182.65 134.14
N VAL N 176 91.64 182.07 134.49
CA VAL N 176 91.74 181.12 135.59
C VAL N 176 91.92 181.82 136.93
N CYS N 177 93.02 182.53 137.12
CA CYS N 177 93.40 183.10 138.40
C CYS N 177 94.42 184.21 138.22
N ALA N 178 94.71 184.97 139.27
CA ALA N 178 95.86 185.86 139.31
C ALA N 178 96.60 185.72 140.64
N GLN N 179 97.84 186.21 140.68
CA GLN N 179 98.73 186.19 141.84
C GLN N 179 99.48 187.52 141.94
N GLY N 180 99.65 188.06 143.16
CA GLY N 180 100.45 189.26 143.41
C GLY N 180 99.88 190.58 142.88
N LEU N 181 98.56 190.68 142.67
CA LEU N 181 97.91 191.89 142.16
C LEU N 181 98.17 193.13 143.03
N GLN N 182 98.12 194.32 142.43
CA GLN N 182 98.19 195.56 143.18
C GLN N 182 96.88 195.77 143.96
N ALA N 183 96.97 196.31 145.18
CA ALA N 183 95.79 196.74 145.93
C ALA N 183 95.23 198.07 145.39
N LYS N 184 93.90 198.18 145.33
CA LYS N 184 93.15 199.39 144.91
C LYS N 184 91.80 199.56 145.64
N ASP N 185 91.39 198.64 146.51
CA ASP N 185 89.97 198.48 146.86
C ASP N 185 89.37 199.53 147.80
N LYS N 186 88.05 199.53 147.80
CA LYS N 186 87.20 199.93 148.93
C LYS N 186 87.49 199.08 150.19
N THR N 187 87.79 197.77 150.05
CA THR N 187 88.23 196.87 151.16
C THR N 187 89.68 197.07 151.64
N GLY N 188 90.50 197.85 150.94
CA GLY N 188 91.96 197.90 151.09
C GLY N 188 92.76 196.78 150.41
N SER N 189 92.12 195.75 149.85
CA SER N 189 92.77 194.71 149.05
C SER N 189 92.58 195.03 147.56
N SER N 190 91.90 194.17 146.78
CA SER N 190 91.12 194.54 145.58
C SER N 190 89.93 193.63 145.42
N ASP N 191 88.94 194.09 144.65
CA ASP N 191 87.86 193.30 144.09
C ASP N 191 88.18 193.00 142.61
N PRO N 192 89.23 192.23 142.30
CA PRO N 192 89.62 191.98 140.93
C PRO N 192 88.54 191.21 140.13
N TYR N 193 88.17 191.78 139.00
CA TYR N 193 87.64 191.05 137.85
C TYR N 193 88.55 191.28 136.63
N VAL N 194 88.20 190.69 135.50
CA VAL N 194 88.96 190.76 134.27
C VAL N 194 88.02 191.07 133.11
N THR N 195 88.44 191.92 132.17
CA THR N 195 87.86 191.92 130.82
C THR N 195 88.80 191.19 129.88
N VAL N 196 88.21 190.47 128.94
CA VAL N 196 88.91 189.91 127.79
C VAL N 196 88.37 190.58 126.54
N GLN N 197 89.23 190.86 125.57
CA GLN N 197 88.85 191.41 124.27
C GLN N 197 89.63 190.73 123.15
N VAL N 198 88.95 190.41 122.04
CA VAL N 198 89.55 189.88 120.81
C VAL N 198 88.91 190.58 119.62
N GLY N 199 89.71 191.17 118.72
CA GLY N 199 89.18 192.17 117.78
C GLY N 199 88.51 193.34 118.50
N LYS N 200 87.35 193.79 118.02
CA LYS N 200 86.51 194.81 118.70
C LYS N 200 85.74 194.23 119.91
N THR N 201 85.43 192.92 119.91
CA THR N 201 84.55 192.26 120.89
C THR N 201 85.17 192.21 122.28
N LYS N 202 84.40 192.55 123.32
CA LYS N 202 84.84 192.64 124.72
C LYS N 202 83.84 191.97 125.68
N LYS N 203 84.36 191.23 126.67
CA LYS N 203 83.61 190.46 127.68
C LYS N 203 84.30 190.57 129.05
N ARG N 204 83.63 190.20 130.15
CA ARG N 204 84.24 190.22 131.48
C ARG N 204 83.95 189.01 132.37
N THR N 205 84.91 188.67 133.23
CA THR N 205 84.67 187.84 134.41
C THR N 205 83.80 188.59 135.40
N LYS N 206 83.08 187.83 136.22
CA LYS N 206 82.60 188.33 137.51
C LYS N 206 83.80 188.64 138.41
N THR N 207 83.50 189.16 139.57
CA THR N 207 84.48 189.77 140.46
C THR N 207 84.81 188.83 141.59
N ILE N 208 86.09 188.63 141.86
CA ILE N 208 86.52 188.11 143.15
C ILE N 208 86.74 189.31 144.05
N TYR N 209 86.25 189.25 145.28
CA TYR N 209 86.18 190.40 146.18
C TYR N 209 87.24 190.29 147.29
N GLY N 210 87.90 191.39 147.63
CA GLY N 210 88.89 191.45 148.71
C GLY N 210 90.18 190.64 148.54
N ASN N 211 90.55 190.23 147.32
CA ASN N 211 91.64 189.28 147.06
C ASN N 211 92.69 189.86 146.08
N LEU N 212 93.98 189.61 146.34
CA LEU N 212 95.09 189.93 145.42
C LEU N 212 95.66 188.68 144.70
N ASN N 213 95.19 187.49 145.08
CA ASN N 213 95.46 186.21 144.43
C ASN N 213 94.15 185.51 143.98
N PRO N 214 93.26 186.18 143.22
CA PRO N 214 91.91 185.69 142.91
C PRO N 214 91.92 184.44 142.03
N VAL N 215 90.91 183.58 142.16
CA VAL N 215 90.61 182.51 141.18
C VAL N 215 89.23 182.76 140.57
N TRP N 216 89.15 182.97 139.26
CA TRP N 216 87.89 183.08 138.51
C TRP N 216 87.46 181.75 137.89
N GLU N 217 88.34 181.10 137.11
CA GLU N 217 88.03 179.97 136.23
C GLU N 217 86.85 180.28 135.26
N GLU N 218 86.79 181.50 134.73
CA GLU N 218 85.66 181.99 133.91
C GLU N 218 86.00 182.08 132.43
N ASN N 219 85.17 181.48 131.58
CA ASN N 219 85.45 181.29 130.16
C ASN N 219 84.69 182.24 129.24
N PHE N 220 85.42 182.82 128.29
CA PHE N 220 84.91 183.69 127.24
C PHE N 220 85.19 183.10 125.87
N HIS N 221 84.13 182.83 125.14
CA HIS N 221 84.26 182.51 123.73
C HIS N 221 84.44 183.79 122.90
N PHE N 222 85.28 183.71 121.88
CA PHE N 222 85.56 184.75 120.91
C PHE N 222 85.77 184.15 119.52
N GLU N 223 85.66 184.99 118.50
CA GLU N 223 86.00 184.66 117.13
C GLU N 223 87.18 185.52 116.68
N CYS N 224 88.17 184.87 116.09
CA CYS N 224 89.30 185.50 115.43
C CYS N 224 89.38 184.98 113.99
N HIS N 225 89.80 185.84 113.07
CA HIS N 225 89.86 185.55 111.63
C HIS N 225 91.25 185.83 111.04
N ASN N 226 92.26 186.00 111.92
CA ASN N 226 93.59 186.48 111.58
C ASN N 226 94.60 186.04 112.66
N SER N 227 95.57 185.21 112.29
CA SER N 227 96.66 184.79 113.19
C SER N 227 97.52 185.95 113.71
N SER N 228 97.53 187.09 113.02
CA SER N 228 98.18 188.33 113.48
C SER N 228 97.30 189.20 114.39
N ASP N 229 96.08 188.79 114.78
CA ASP N 229 95.32 189.49 115.83
C ASP N 229 96.02 189.39 117.19
N ARG N 230 95.54 190.19 118.16
CA ARG N 230 95.87 190.02 119.58
C ARG N 230 94.62 189.75 120.40
N ILE N 231 94.77 188.87 121.39
CA ILE N 231 93.95 188.89 122.59
C ILE N 231 94.44 190.04 123.49
N LYS N 232 93.53 190.77 124.11
CA LYS N 232 93.82 191.70 125.22
C LYS N 232 93.12 191.22 126.49
N VAL N 233 93.84 191.10 127.60
CA VAL N 233 93.28 190.69 128.89
C VAL N 233 93.63 191.71 129.96
N ARG N 234 92.65 192.22 130.68
CA ARG N 234 92.82 193.38 131.58
C ARG N 234 92.11 193.15 132.90
N VAL N 235 92.76 193.44 134.00
CA VAL N 235 92.28 193.16 135.37
C VAL N 235 91.84 194.48 135.99
N TRP N 236 90.70 194.48 136.66
CA TRP N 236 90.03 195.67 137.17
C TRP N 236 89.55 195.44 138.59
N ASP N 237 89.80 196.38 139.48
CA ASP N 237 89.20 196.39 140.80
C ASP N 237 87.75 196.91 140.71
N GLU N 238 86.75 196.11 141.03
CA GLU N 238 85.36 196.51 140.84
C GLU N 238 84.94 197.62 141.79
N ASP N 239 84.99 198.87 141.35
CA ASP N 239 84.48 200.03 142.09
C ASP N 239 83.01 200.26 141.72
N ASP N 240 82.11 200.00 142.66
CA ASP N 240 80.71 200.44 142.59
C ASP N 240 80.44 201.44 143.72
N ASP N 241 80.76 202.70 143.45
CA ASP N 241 80.67 203.82 144.40
C ASP N 241 80.43 205.15 143.66
N ILE N 242 80.17 206.24 144.39
CA ILE N 242 79.91 207.56 143.77
C ILE N 242 81.09 207.99 142.87
N LYS N 243 82.34 207.68 143.28
CA LYS N 243 83.52 207.90 142.45
C LYS N 243 83.45 207.16 141.11
N SER N 244 83.10 205.87 141.08
CA SER N 244 82.99 205.15 139.80
C SER N 244 81.82 205.66 138.96
N ARG N 245 80.67 206.00 139.56
CA ARG N 245 79.53 206.64 138.87
C ARG N 245 79.90 207.99 138.26
N VAL N 246 80.79 208.76 138.89
CA VAL N 246 81.39 209.98 138.32
C VAL N 246 82.39 209.64 137.21
N LYS N 247 83.35 208.74 137.47
CA LYS N 247 84.39 208.33 136.50
C LYS N 247 83.79 207.82 135.19
N GLN N 248 82.65 207.12 135.22
CA GLN N 248 81.94 206.63 134.04
C GLN N 248 81.55 207.73 133.02
N ARG N 249 81.55 209.01 133.44
CA ARG N 249 81.26 210.18 132.60
C ARG N 249 82.50 210.70 131.85
N PHE N 250 83.70 210.18 132.15
CA PHE N 250 85.00 210.70 131.67
C PHE N 250 86.01 209.62 131.22
N LYS N 251 86.00 208.41 131.81
CA LYS N 251 86.85 207.25 131.45
C LYS N 251 85.99 205.98 131.26
N ARG N 252 86.31 205.16 130.25
CA ARG N 252 85.61 203.87 129.95
C ARG N 252 85.80 202.77 131.00
N GLU N 253 86.87 202.84 131.79
CA GLU N 253 87.32 201.75 132.66
C GLU N 253 87.13 202.10 134.14
N SER N 254 85.86 202.15 134.58
CA SER N 254 85.41 202.68 135.88
C SER N 254 85.80 201.88 137.13
N ASP N 255 86.76 200.96 137.01
CA ASP N 255 87.00 199.86 137.94
C ASP N 255 88.52 199.68 138.06
N ASP N 256 89.11 200.26 139.12
CA ASP N 256 90.52 200.67 139.11
C ASP N 256 91.48 199.56 138.64
N PHE N 257 92.13 199.83 137.53
CA PHE N 257 92.86 198.84 136.76
C PHE N 257 94.06 198.27 137.52
N LEU N 258 94.14 196.93 137.50
CA LEU N 258 95.08 196.10 138.24
C LEU N 258 96.20 195.52 137.37
N GLY N 259 96.08 195.64 136.04
CA GLY N 259 97.10 195.25 135.08
C GLY N 259 96.57 194.48 133.87
N GLN N 260 97.36 194.33 132.81
CA GLN N 260 96.96 193.62 131.59
C GLN N 260 98.03 192.68 131.04
N THR N 261 97.63 191.74 130.18
CA THR N 261 98.51 191.03 129.26
C THR N 261 97.92 191.05 127.85
N ILE N 262 98.78 191.06 126.83
CA ILE N 262 98.39 191.08 125.42
C ILE N 262 99.15 189.97 124.69
N ILE N 263 98.44 189.16 123.90
CA ILE N 263 98.93 187.88 123.40
C ILE N 263 98.66 187.76 121.89
N GLU N 264 99.67 187.47 121.07
CA GLU N 264 99.48 187.27 119.62
C GLU N 264 98.73 185.98 119.33
N VAL N 265 97.76 186.03 118.43
CA VAL N 265 96.97 184.84 118.09
C VAL N 265 97.85 183.71 117.51
N ARG N 266 98.95 184.01 116.79
CA ARG N 266 99.88 182.97 116.33
C ARG N 266 100.73 182.29 117.42
N THR N 267 100.81 182.84 118.64
CA THR N 267 101.38 182.08 119.77
C THR N 267 100.41 181.01 120.26
N LEU N 268 99.12 181.13 119.93
CA LEU N 268 98.10 180.17 120.30
C LEU N 268 98.04 178.96 119.37
N SER N 269 97.58 177.85 119.92
CA SER N 269 97.19 176.64 119.19
C SER N 269 96.25 175.83 120.10
N GLY N 270 95.48 174.90 119.51
CA GLY N 270 94.79 173.82 120.24
C GLY N 270 94.15 174.22 121.57
N GLU N 271 94.82 173.87 122.67
CA GLU N 271 94.49 174.30 124.03
C GLU N 271 95.75 174.73 124.80
N MET N 272 95.62 175.74 125.67
CA MET N 272 96.71 176.32 126.46
C MET N 272 96.26 176.58 127.90
N ASP N 273 97.22 176.65 128.82
CA ASP N 273 97.03 177.01 130.24
C ASP N 273 98.32 177.63 130.80
N VAL N 274 98.39 178.96 130.81
CA VAL N 274 99.63 179.75 130.92
C VAL N 274 99.39 180.91 131.89
N TRP N 275 100.39 181.31 132.69
CA TRP N 275 100.32 182.60 133.40
C TRP N 275 101.33 183.64 132.97
N TYR N 276 100.82 184.87 132.85
CA TYR N 276 101.41 186.04 132.23
C TYR N 276 101.57 187.15 133.26
N ASN N 277 102.76 187.73 133.42
CA ASN N 277 102.91 188.92 134.25
C ASN N 277 102.10 190.11 133.69
N LEU N 278 101.61 190.98 134.57
CA LEU N 278 100.72 192.08 134.24
C LEU N 278 101.44 193.42 134.00
N ASP N 279 100.85 194.23 133.13
CA ASP N 279 101.37 195.48 132.58
C ASP N 279 100.39 196.66 132.77
N LYS N 280 100.89 197.91 132.72
CA LYS N 280 100.09 199.16 132.82
C LYS N 280 99.23 199.43 131.57
N ARG N 281 98.26 200.35 131.68
CA ARG N 281 97.47 200.90 130.55
C ARG N 281 97.06 202.36 130.79
N THR N 282 96.08 202.56 131.66
CA THR N 282 95.43 203.85 131.93
C THR N 282 96.30 204.80 132.75
N ASP N 283 95.90 206.06 132.81
CA ASP N 283 96.49 207.07 133.72
C ASP N 283 96.37 206.71 135.20
N LYS N 284 95.39 205.87 135.57
CA LYS N 284 95.13 205.35 136.93
C LYS N 284 95.96 204.10 137.32
N SER N 285 96.80 203.60 136.43
CA SER N 285 97.50 202.30 136.60
C SER N 285 98.56 202.31 137.71
N ALA N 286 98.42 201.40 138.69
CA ALA N 286 99.54 200.86 139.47
C ALA N 286 99.36 199.33 139.41
N VAL N 287 100.40 198.59 139.04
CA VAL N 287 100.30 197.21 138.55
C VAL N 287 101.38 196.33 139.18
N SER N 288 101.03 195.08 139.49
CA SER N 288 101.96 194.04 139.95
C SER N 288 101.37 192.65 139.71
N GLY N 289 102.21 191.62 139.77
CA GLY N 289 101.76 190.22 139.72
C GLY N 289 101.47 189.69 138.31
N ALA N 290 100.69 188.61 138.24
CA ALA N 290 100.44 187.84 137.03
C ALA N 290 99.02 187.26 136.95
N ILE N 291 98.55 186.96 135.74
CA ILE N 291 97.26 186.31 135.44
C ILE N 291 97.45 184.99 134.70
N ARG N 292 96.82 183.91 135.19
CA ARG N 292 96.70 182.62 134.54
C ARG N 292 95.48 182.57 133.64
N LEU N 293 95.71 182.25 132.38
CA LEU N 293 94.70 182.06 131.36
C LEU N 293 94.81 180.65 130.80
N HIS N 294 93.73 179.91 130.89
CA HIS N 294 93.49 178.83 129.94
C HIS N 294 92.90 179.44 128.66
N ILE N 295 93.37 178.99 127.50
CA ILE N 295 92.98 179.53 126.19
C ILE N 295 92.89 178.36 125.21
N SER N 296 91.68 177.99 124.82
CA SER N 296 91.47 177.06 123.71
C SER N 296 91.28 177.81 122.39
N VAL N 297 91.71 177.20 121.28
CA VAL N 297 91.67 177.76 119.93
C VAL N 297 91.29 176.67 118.93
N GLU N 298 90.09 176.75 118.41
CA GLU N 298 89.45 175.70 117.62
C GLU N 298 89.81 175.73 116.13
N ILE N 299 91.05 176.13 115.83
CA ILE N 299 91.75 175.65 114.63
C ILE N 299 92.05 174.15 114.77
N LYS N 300 92.08 173.67 116.01
CA LYS N 300 91.91 172.27 116.43
C LYS N 300 90.80 171.56 115.66
N GLY N 301 91.08 170.37 115.17
CA GLY N 301 90.15 169.54 114.38
C GLY N 301 89.99 168.13 114.97
N GLU N 302 90.12 167.10 114.14
CA GLU N 302 90.21 165.69 114.57
C GLU N 302 91.57 165.43 115.26
N GLU N 303 91.71 165.92 116.47
CA GLU N 303 92.77 165.47 117.37
C GLU N 303 92.39 164.11 118.01
N LYS N 304 91.10 163.75 117.95
CA LYS N 304 90.51 162.50 118.45
C LYS N 304 90.96 161.22 117.74
N VAL N 305 92.10 161.25 117.06
CA VAL N 305 92.58 160.14 116.24
C VAL N 305 92.67 158.90 117.10
N ALA N 306 92.04 157.80 116.69
CA ALA N 306 92.65 156.55 117.11
C ALA N 306 94.03 156.55 116.41
N PRO N 307 95.12 156.09 117.05
CA PRO N 307 96.46 156.11 116.45
C PRO N 307 96.32 155.48 115.08
N TYR N 308 96.82 156.14 114.05
CA TYR N 308 96.19 155.94 112.75
C TYR N 308 96.29 154.53 112.18
N HIS N 309 97.22 153.76 112.71
CA HIS N 309 97.22 152.31 112.85
C HIS N 309 95.82 151.71 113.02
N VAL N 310 95.18 151.98 114.14
CA VAL N 310 93.87 151.48 114.54
C VAL N 310 92.79 151.95 113.57
N GLN N 311 92.84 153.22 113.15
CA GLN N 311 91.91 153.70 112.15
C GLN N 311 92.03 152.97 110.82
N TYR N 312 93.27 152.72 110.39
CA TYR N 312 93.58 151.92 109.23
C TYR N 312 93.10 150.49 109.40
N THR N 313 93.27 149.91 110.58
CA THR N 313 92.81 148.55 110.86
C THR N 313 91.30 148.44 110.71
N CYS N 314 90.56 149.36 111.33
CA CYS N 314 89.11 149.45 111.20
C CYS N 314 88.69 149.55 109.74
N LEU N 315 89.31 150.46 109.00
CA LEU N 315 89.12 150.58 107.58
C LEU N 315 89.35 149.24 106.89
N HIS N 316 90.51 148.63 107.13
CA HIS N 316 90.94 147.39 106.49
C HIS N 316 90.02 146.21 106.79
N GLU N 317 89.58 146.04 108.04
CA GLU N 317 88.70 144.95 108.42
C GLU N 317 87.33 145.08 107.78
N ASN N 318 86.79 146.29 107.82
CA ASN N 318 85.55 146.60 107.16
C ASN N 318 85.67 146.36 105.68
N LEU N 319 86.74 146.84 105.06
CA LEU N 319 86.93 146.64 103.65
C LEU N 319 87.09 145.14 103.35
N PHE N 320 87.87 144.40 104.13
CA PHE N 320 88.09 142.97 103.93
C PHE N 320 86.82 142.16 104.02
N HIS N 321 86.02 142.34 105.07
CA HIS N 321 84.75 141.66 105.15
C HIS N 321 83.89 142.08 103.95
N PHE N 322 83.90 143.36 103.58
CA PHE N 322 83.06 143.83 102.52
C PHE N 322 83.43 143.15 101.20
N VAL N 323 84.71 143.10 100.89
CA VAL N 323 85.20 142.45 99.69
C VAL N 323 84.89 140.96 99.75
N THR N 324 85.45 140.26 100.73
CA THR N 324 85.34 138.80 100.77
C THR N 324 83.90 138.38 100.93
N ASP N 325 83.24 138.90 101.94
CA ASP N 325 81.90 138.50 102.29
C ASP N 325 80.89 139.23 101.42
N VAL N 326 80.86 140.55 101.41
CA VAL N 326 79.74 141.24 100.76
C VAL N 326 79.80 141.14 99.25
N GLN N 327 80.93 141.47 98.66
CA GLN N 327 81.08 141.41 97.21
C GLN N 327 81.25 139.96 96.74
N ASN N 328 82.05 139.18 97.45
CA ASN N 328 82.48 137.86 97.01
C ASN N 328 81.84 136.71 97.77
N ASN N 329 80.82 136.98 98.57
CA ASN N 329 79.97 135.97 99.18
C ASN N 329 80.79 134.97 100.03
N GLY N 330 81.81 135.50 100.71
CA GLY N 330 82.77 134.81 101.55
C GLY N 330 83.98 134.28 100.79
N VAL N 331 83.91 134.18 99.46
CA VAL N 331 85.07 133.80 98.66
C VAL N 331 86.11 134.89 98.81
N VAL N 332 87.34 134.50 99.07
CA VAL N 332 88.44 135.44 99.04
C VAL N 332 88.85 135.66 97.58
N LYS N 333 88.43 136.78 96.97
CA LYS N 333 89.10 137.29 95.77
C LYS N 333 90.54 137.67 96.13
N ILE N 334 91.52 136.98 95.55
CA ILE N 334 92.94 137.34 95.72
C ILE N 334 93.18 138.66 94.94
N PRO N 335 93.83 139.69 95.51
CA PRO N 335 93.77 141.10 95.05
C PRO N 335 94.13 141.38 93.58
N ASP N 336 93.87 142.60 93.12
CA ASP N 336 94.62 143.15 91.98
C ASP N 336 96.05 143.53 92.43
N ALA N 337 96.78 142.50 92.85
CA ALA N 337 98.08 142.53 93.48
C ALA N 337 99.26 142.46 92.51
N LYS N 338 100.43 142.96 92.92
CA LYS N 338 101.64 143.04 92.07
C LYS N 338 102.87 142.50 92.81
N GLY N 339 103.62 141.61 92.17
CA GLY N 339 104.80 140.93 92.71
C GLY N 339 104.52 140.04 93.93
N ASP N 340 105.59 139.60 94.60
CA ASP N 340 105.54 139.03 95.96
C ASP N 340 104.89 140.03 96.95
N ASP N 341 105.13 141.31 96.66
CA ASP N 341 104.45 142.51 97.14
C ASP N 341 102.92 142.55 96.91
N ALA N 342 102.34 141.45 96.42
CA ALA N 342 100.96 141.08 96.71
C ALA N 342 100.69 141.17 98.21
N TRP N 343 101.69 140.85 99.02
CA TRP N 343 101.69 141.03 100.45
C TRP N 343 101.46 142.48 100.92
N LYS N 344 101.63 143.48 100.03
CA LYS N 344 101.35 144.91 100.22
C LYS N 344 100.19 145.43 99.38
N VAL N 345 99.69 144.64 98.44
CA VAL N 345 98.50 144.99 97.68
C VAL N 345 97.41 144.07 98.09
N TYR N 346 96.65 144.55 99.04
CA TYR N 346 95.61 143.81 99.70
C TYR N 346 94.35 143.75 98.84
N TYR N 347 94.18 144.70 97.92
CA TYR N 347 92.93 144.83 97.15
C TYR N 347 93.15 145.30 95.71
N ASP N 348 92.04 145.29 94.99
CA ASP N 348 91.78 146.04 93.78
C ASP N 348 92.10 147.52 93.93
N GLU N 349 92.40 148.20 92.83
CA GLU N 349 92.80 149.62 92.78
C GLU N 349 92.03 150.49 93.76
N THR N 350 90.70 150.43 93.72
CA THR N 350 89.87 151.41 94.41
C THR N 350 90.08 151.28 95.90
N ALA N 351 89.98 150.04 96.37
CA ALA N 351 90.19 149.64 97.75
C ALA N 351 91.65 149.79 98.17
N GLN N 352 92.58 149.50 97.28
CA GLN N 352 94.00 149.64 97.53
C GLN N 352 94.36 151.11 97.71
N GLU N 353 93.87 151.97 96.83
CA GLU N 353 94.00 153.40 96.94
C GLU N 353 93.31 153.95 98.18
N ILE N 354 92.15 153.42 98.55
CA ILE N 354 91.51 153.75 99.84
C ILE N 354 92.49 153.53 100.99
N VAL N 355 92.96 152.30 101.16
CA VAL N 355 93.81 152.00 102.31
C VAL N 355 95.18 152.67 102.21
N ASP N 356 95.70 152.85 101.01
CA ASP N 356 96.95 153.53 100.80
C ASP N 356 96.84 155.04 101.02
N GLU N 357 95.84 155.76 100.49
CA GLU N 357 95.64 157.19 100.79
C GLU N 357 95.48 157.42 102.28
N PHE N 358 94.84 156.49 102.97
CA PHE N 358 94.77 156.48 104.42
C PHE N 358 96.16 156.25 105.05
N ALA N 359 96.86 155.19 104.69
CA ALA N 359 98.21 154.90 105.14
C ALA N 359 99.27 155.92 104.68
N MET N 360 98.95 156.79 103.73
CA MET N 360 99.79 157.88 103.26
C MET N 360 99.46 159.14 104.03
N ARG N 361 98.23 159.64 103.94
CA ARG N 361 97.76 160.81 104.69
C ARG N 361 98.02 160.62 106.19
N TYR N 362 97.96 159.37 106.65
CA TYR N 362 98.14 158.99 108.03
C TYR N 362 99.28 157.98 108.28
N GLY N 363 100.24 157.89 107.37
CA GLY N 363 101.58 157.31 107.57
C GLY N 363 101.70 155.80 107.83
N VAL N 364 100.61 155.08 108.07
CA VAL N 364 100.60 153.69 108.58
C VAL N 364 101.56 152.78 107.81
N GLU N 365 102.49 152.15 108.54
CA GLU N 365 103.59 151.40 107.94
C GLU N 365 103.14 150.12 107.23
N SER N 366 103.79 149.80 106.11
CA SER N 366 103.47 148.66 105.24
C SER N 366 103.33 147.31 105.97
N ILE N 367 104.19 147.04 106.95
CA ILE N 367 104.09 145.81 107.75
C ILE N 367 102.83 145.77 108.62
N TYR N 368 102.40 146.89 109.19
CA TYR N 368 101.18 146.97 109.97
C TYR N 368 99.96 146.69 109.11
N GLN N 369 99.96 147.24 107.89
CA GLN N 369 98.97 146.97 106.87
C GLN N 369 98.91 145.46 106.52
N ALA N 370 100.06 144.82 106.34
CA ALA N 370 100.19 143.40 106.05
C ALA N 370 99.72 142.45 107.17
N MET N 371 100.12 142.68 108.42
CA MET N 371 99.71 141.84 109.54
C MET N 371 98.19 141.89 109.73
N THR N 372 97.60 143.08 109.54
CA THR N 372 96.15 143.29 109.52
C THR N 372 95.47 142.43 108.45
N HIS N 373 96.01 142.44 107.23
CA HIS N 373 95.54 141.57 106.16
C HIS N 373 95.72 140.08 106.44
N PHE N 374 96.81 139.66 107.04
CA PHE N 374 97.02 138.25 107.38
C PHE N 374 96.03 137.80 108.46
N ALA N 375 95.73 138.66 109.44
CA ALA N 375 94.67 138.44 110.41
C ALA N 375 93.32 138.24 109.72
N CYS N 376 92.96 139.15 108.81
CA CYS N 376 91.81 138.98 107.95
C CYS N 376 91.82 137.62 107.23
N LEU N 377 92.84 137.31 106.41
CA LEU N 377 92.93 136.06 105.63
C LEU N 377 92.77 134.81 106.48
N SER N 378 93.31 134.80 107.70
CA SER N 378 93.27 133.61 108.55
C SER N 378 91.85 133.15 108.86
N SER N 379 90.87 134.07 108.85
CA SER N 379 89.46 133.74 109.03
C SER N 379 88.84 133.00 107.82
N LYS N 380 89.60 132.84 106.73
CA LYS N 380 89.18 132.27 105.44
C LYS N 380 90.20 131.26 104.88
N TYR N 381 91.18 130.78 105.66
CA TYR N 381 92.42 130.16 105.14
C TYR N 381 92.18 128.95 104.20
N MET N 382 91.03 128.28 104.35
CA MET N 382 90.58 127.09 103.62
C MET N 382 90.19 127.39 102.16
N CYS N 383 89.93 128.65 101.79
CA CYS N 383 89.59 129.02 100.41
C CYS N 383 90.74 128.71 99.42
N PRO N 384 90.45 128.33 98.17
CA PRO N 384 91.48 127.87 97.24
C PRO N 384 92.56 128.92 96.97
N GLY N 385 93.82 128.50 96.87
CA GLY N 385 94.96 129.40 96.68
C GLY N 385 95.37 130.22 97.90
N VAL N 386 94.47 130.47 98.86
CA VAL N 386 94.78 131.26 100.08
C VAL N 386 96.00 130.72 100.83
N PRO N 387 96.30 129.41 100.92
CA PRO N 387 97.52 128.96 101.58
C PRO N 387 98.80 129.36 100.88
N ALA N 388 98.77 129.47 99.56
CA ALA N 388 99.88 130.04 98.81
C ALA N 388 100.04 131.53 99.16
N VAL N 389 98.94 132.28 99.17
CA VAL N 389 98.94 133.72 99.51
C VAL N 389 99.40 133.93 100.95
N MET N 390 98.91 133.15 101.90
CA MET N 390 99.33 133.25 103.28
C MET N 390 100.77 132.75 103.44
N SER N 391 101.23 131.74 102.70
CA SER N 391 102.64 131.36 102.71
C SER N 391 103.50 132.52 102.25
N THR N 392 103.05 133.20 101.21
CA THR N 392 103.68 134.40 100.64
C THR N 392 103.69 135.52 101.65
N LEU N 393 102.52 135.92 102.12
CA LEU N 393 102.34 137.00 103.07
C LEU N 393 103.14 136.76 104.33
N LEU N 394 103.19 135.52 104.82
CA LEU N 394 103.98 135.17 105.98
C LEU N 394 105.47 135.10 105.66
N ALA N 395 105.88 134.59 104.51
CA ALA N 395 107.27 134.68 104.10
C ALA N 395 107.75 136.13 104.10
N ASN N 396 106.88 137.05 103.69
CA ASN N 396 107.17 138.47 103.72
C ASN N 396 107.11 139.08 105.12
N ILE N 397 106.07 138.85 105.92
CA ILE N 397 106.01 139.32 107.31
C ILE N 397 107.20 138.77 108.11
N ASN N 398 107.57 137.51 107.86
CA ASN N 398 108.81 136.95 108.35
C ASN N 398 110.00 137.74 107.86
N ALA N 399 110.19 137.83 106.55
CA ALA N 399 111.33 138.51 105.97
C ALA N 399 111.43 139.96 106.45
N TYR N 400 110.29 140.57 106.73
CA TYR N 400 110.19 141.89 107.30
C TYR N 400 110.81 141.92 108.69
N TYR N 401 110.24 141.22 109.66
CA TYR N 401 110.73 141.29 111.02
C TYR N 401 112.09 140.59 111.21
N ALA N 402 112.37 139.56 110.44
CA ALA N 402 113.63 138.84 110.46
C ALA N 402 114.77 139.60 109.77
N HIS N 403 114.51 140.33 108.69
CA HIS N 403 115.58 140.90 107.85
C HIS N 403 115.39 142.39 107.51
N THR N 404 114.20 142.88 107.18
CA THR N 404 114.03 144.32 106.93
C THR N 404 114.26 145.09 108.23
N THR N 405 115.14 146.08 108.19
CA THR N 405 115.63 146.79 109.39
C THR N 405 116.26 145.89 110.45
N ALA N 406 116.70 144.68 110.11
CA ALA N 406 117.63 143.91 110.93
C ALA N 406 119.04 144.56 111.01
N SER N 407 119.27 145.62 110.23
CA SER N 407 120.29 146.64 110.47
C SER N 407 120.20 147.25 111.88
N THR N 408 118.99 147.38 112.43
CA THR N 408 118.80 147.64 113.86
C THR N 408 119.23 146.40 114.64
N ASN N 409 120.09 146.58 115.63
CA ASN N 409 120.67 145.49 116.41
C ASN N 409 119.65 144.77 117.31
N VAL N 410 118.46 145.36 117.45
CA VAL N 410 117.27 144.76 118.09
C VAL N 410 116.94 143.41 117.46
N SER N 411 116.56 142.43 118.27
CA SER N 411 116.24 141.09 117.77
C SER N 411 115.01 141.08 116.87
N ALA N 412 114.86 140.03 116.07
CA ALA N 412 113.67 139.89 115.26
C ALA N 412 112.42 139.79 116.13
N SER N 413 112.49 139.07 117.23
CA SER N 413 111.37 138.89 118.16
C SER N 413 111.01 140.19 118.87
N ASP N 414 111.99 141.07 119.06
CA ASP N 414 111.82 142.37 119.71
C ASP N 414 111.41 143.48 118.75
N ARG N 415 111.93 143.51 117.53
CA ARG N 415 111.43 144.38 116.47
C ARG N 415 109.98 144.03 116.17
N PHE N 416 109.70 142.73 116.16
CA PHE N 416 108.35 142.20 116.14
C PHE N 416 107.55 142.59 117.39
N ALA N 417 108.13 142.61 118.59
CA ALA N 417 107.46 143.18 119.76
C ALA N 417 107.10 144.65 119.58
N ALA N 418 108.02 145.46 119.07
CA ALA N 418 107.79 146.86 118.74
C ALA N 418 106.80 147.06 117.59
N SER N 419 106.30 145.98 116.99
CA SER N 419 105.18 146.06 116.07
C SER N 419 104.02 146.78 116.73
N ASN N 420 103.60 147.89 116.11
CA ASN N 420 102.42 148.62 116.53
C ASN N 420 101.15 147.74 116.39
N PHE N 421 101.19 146.68 115.58
CA PHE N 421 100.10 145.69 115.50
C PHE N 421 99.92 144.94 116.82
N GLY N 422 101.00 144.71 117.57
CA GLY N 422 101.01 143.85 118.74
C GLY N 422 101.51 142.46 118.36
N LYS N 423 102.76 142.18 118.72
CA LYS N 423 103.37 140.85 118.55
C LYS N 423 102.46 139.71 118.95
N GLU N 424 101.98 139.76 120.18
CA GLU N 424 101.14 138.75 120.82
C GLU N 424 99.93 138.39 119.98
N ARG N 425 99.13 139.39 119.61
CA ARG N 425 98.01 139.29 118.69
C ARG N 425 98.38 138.51 117.44
N PHE N 426 99.57 138.75 116.91
CA PHE N 426 100.06 138.04 115.74
C PHE N 426 100.52 136.60 116.04
N VAL N 427 101.21 136.38 117.16
CA VAL N 427 101.65 135.05 117.60
C VAL N 427 100.44 134.13 117.80
N LYS N 428 99.42 134.61 118.52
CA LYS N 428 98.17 133.88 118.74
C LYS N 428 97.57 133.43 117.41
N LEU N 429 97.43 134.38 116.51
CA LEU N 429 96.89 134.24 115.17
C LEU N 429 97.62 133.16 114.36
N LEU N 430 98.96 133.17 114.38
CA LEU N 430 99.78 132.12 113.77
C LEU N 430 99.53 130.76 114.40
N ASP N 431 99.48 130.68 115.72
CA ASP N 431 99.33 129.41 116.42
C ASP N 431 97.97 128.77 116.16
N GLN N 432 96.90 129.58 116.17
CA GLN N 432 95.56 129.14 115.79
C GLN N 432 95.55 128.60 114.38
N LEU N 433 96.12 129.37 113.45
CA LEU N 433 96.21 128.99 112.06
C LEU N 433 96.98 127.67 111.92
N HIS N 434 98.20 127.61 112.45
CA HIS N 434 99.06 126.43 112.44
C HIS N 434 98.32 125.21 112.94
N ASN N 435 97.66 125.33 114.09
CA ASN N 435 96.85 124.28 114.63
C ASN N 435 95.78 123.85 113.62
N SER N 436 95.06 124.81 113.06
CA SER N 436 94.04 124.53 112.04
C SER N 436 94.64 123.82 110.82
N LEU N 437 95.88 124.13 110.44
CA LEU N 437 96.60 123.39 109.40
C LEU N 437 96.90 121.95 109.86
N ARG N 438 97.57 121.77 111.00
CA ARG N 438 97.90 120.47 111.62
C ARG N 438 96.66 119.59 111.64
N ILE N 439 95.53 120.16 112.04
CA ILE N 439 94.24 119.50 112.07
C ILE N 439 93.90 118.99 110.68
N ASP N 440 93.84 119.86 109.70
CA ASP N 440 93.45 119.49 108.36
C ASP N 440 94.37 118.41 107.78
N LEU N 441 95.67 118.54 108.05
CA LEU N 441 96.69 117.57 107.67
C LEU N 441 96.51 116.22 108.35
N SER N 442 96.04 116.21 109.60
CA SER N 442 95.83 114.97 110.32
C SER N 442 94.77 114.09 109.67
N MET N 443 93.91 114.69 108.84
CA MET N 443 93.09 113.98 107.87
C MET N 443 93.33 114.49 106.47
N TYR N 444 94.60 114.51 106.07
CA TYR N 444 94.98 114.99 104.75
C TYR N 444 94.16 114.34 103.65
N ARG N 445 93.93 113.04 103.73
CA ARG N 445 93.28 112.28 102.65
C ARG N 445 91.86 112.78 102.44
N ASN N 446 91.13 112.93 103.54
CA ASN N 446 89.74 113.34 103.52
C ASN N 446 89.62 114.83 103.20
N ASN N 447 90.52 115.66 103.72
CA ASN N 447 90.48 117.11 103.52
C ASN N 447 91.02 117.56 102.16
N PHE N 448 91.94 116.80 101.56
CA PHE N 448 92.65 117.13 100.32
C PHE N 448 92.74 115.89 99.43
N PRO N 449 91.60 115.39 98.95
CA PRO N 449 91.54 114.13 98.24
C PRO N 449 92.40 114.16 96.99
N ALA N 450 93.05 113.04 96.69
CA ALA N 450 93.95 112.92 95.55
C ALA N 450 93.26 113.25 94.22
N SER N 451 91.96 112.91 94.15
CA SER N 451 91.04 113.24 93.07
C SER N 451 90.86 114.74 92.83
N SER N 452 91.24 115.60 93.77
CA SER N 452 91.37 117.03 93.56
C SER N 452 92.85 117.44 93.55
N PRO N 453 93.47 117.54 92.36
CA PRO N 453 94.78 118.16 92.20
C PRO N 453 94.84 119.56 92.78
N GLU N 454 93.73 120.30 92.72
CA GLU N 454 93.61 121.62 93.29
C GLU N 454 93.77 121.57 94.80
N ARG N 455 93.05 120.67 95.47
CA ARG N 455 93.27 120.47 96.89
C ARG N 455 94.61 119.80 97.17
N LEU N 456 95.19 118.98 96.29
CA LEU N 456 96.58 118.58 96.41
C LEU N 456 97.52 119.79 96.30
N GLN N 457 97.20 120.80 95.51
CA GLN N 457 98.04 121.97 95.44
C GLN N 457 97.84 122.87 96.65
N ASP N 458 96.60 123.11 97.04
CA ASP N 458 96.35 123.80 98.30
C ASP N 458 97.04 123.08 99.44
N LEU N 459 97.02 121.74 99.46
CA LEU N 459 97.77 120.90 100.38
C LEU N 459 99.28 121.21 100.29
N LYS N 460 99.85 121.20 99.09
CA LYS N 460 101.26 121.53 98.90
C LYS N 460 101.58 122.94 99.42
N SER N 461 100.82 123.96 99.00
CA SER N 461 100.89 125.34 99.49
C SER N 461 100.62 125.47 100.98
N THR N 462 99.84 124.56 101.58
CA THR N 462 99.60 124.50 103.01
C THR N 462 100.87 124.07 103.70
N VAL N 463 101.57 123.05 103.20
CA VAL N 463 102.83 122.62 103.81
C VAL N 463 103.92 123.66 103.56
N ASP N 464 103.87 124.35 102.42
CA ASP N 464 104.69 125.53 102.20
C ASP N 464 104.35 126.65 103.20
N LEU N 465 103.09 126.89 103.49
CA LEU N 465 102.69 127.78 104.58
C LEU N 465 103.19 127.27 105.94
N LEU N 466 103.10 125.98 106.23
CA LEU N 466 103.50 125.41 107.53
C LEU N 466 105.03 125.51 107.70
N THR N 467 105.80 125.29 106.64
CA THR N 467 107.22 125.62 106.63
C THR N 467 107.41 127.11 106.89
N SER N 468 106.65 127.99 106.22
CA SER N 468 106.69 129.43 106.44
C SER N 468 106.37 129.84 107.89
N ILE N 469 105.43 129.18 108.58
CA ILE N 469 105.13 129.39 110.01
C ILE N 469 106.27 128.87 110.89
N THR N 470 106.78 127.66 110.61
CA THR N 470 107.90 127.08 111.38
C THR N 470 109.11 127.99 111.32
N PHE N 471 109.39 128.49 110.13
CA PHE N 471 110.38 129.51 109.82
C PHE N 471 110.09 130.83 110.55
N PHE N 472 108.86 131.34 110.59
CA PHE N 472 108.52 132.48 111.45
C PHE N 472 108.81 132.25 112.94
N ARG N 473 108.44 131.08 113.47
CA ARG N 473 108.71 130.74 114.87
C ARG N 473 110.21 130.70 115.13
N MET N 474 110.95 130.09 114.23
CA MET N 474 112.40 129.97 114.29
C MET N 474 113.11 131.32 114.14
N LYS N 475 112.64 132.17 113.22
CA LYS N 475 113.35 133.38 112.77
C LYS N 475 112.84 134.66 113.42
N VAL N 476 111.54 134.84 113.49
CA VAL N 476 110.95 136.05 114.08
C VAL N 476 110.67 135.86 115.55
N GLN N 477 109.98 134.80 115.97
CA GLN N 477 109.88 134.56 117.42
C GLN N 477 111.21 134.08 118.02
N GLU N 478 112.15 133.68 117.17
CA GLU N 478 113.49 133.26 117.55
C GLU N 478 113.52 132.00 118.42
N LEU N 479 112.46 131.19 118.33
CA LEU N 479 112.34 129.92 119.03
C LEU N 479 113.42 128.94 118.55
N GLN N 480 113.96 128.15 119.47
CA GLN N 480 115.22 127.42 119.31
C GLN N 480 114.98 125.99 118.81
N SER N 481 113.93 125.37 119.34
CA SER N 481 113.43 124.06 118.93
C SER N 481 111.91 124.15 118.74
N PRO N 482 111.41 124.97 117.80
CA PRO N 482 110.02 124.88 117.37
C PRO N 482 109.73 123.47 116.82
N PRO N 483 108.45 123.05 116.74
CA PRO N 483 108.05 121.77 116.17
C PRO N 483 108.53 121.63 114.73
N ARG N 484 109.34 120.61 114.44
CA ARG N 484 109.93 120.44 113.10
C ARG N 484 108.85 120.08 112.08
N ALA N 485 108.77 120.84 110.98
CA ALA N 485 107.70 120.73 109.99
C ALA N 485 107.52 119.30 109.45
N SER N 486 108.60 118.57 109.18
CA SER N 486 108.50 117.15 108.77
C SER N 486 107.87 116.25 109.84
N GLN N 487 108.25 116.37 111.13
CA GLN N 487 107.68 115.52 112.18
C GLN N 487 106.22 115.86 112.45
N VAL N 488 105.90 117.15 112.50
CA VAL N 488 104.52 117.69 112.61
C VAL N 488 103.61 117.04 111.57
N VAL N 489 104.08 117.00 110.34
CA VAL N 489 103.34 116.41 109.21
C VAL N 489 103.34 114.88 109.32
N LYS N 490 104.45 114.24 109.68
CA LYS N 490 104.55 112.78 109.83
C LYS N 490 103.55 112.24 110.87
N ASP N 491 103.38 112.95 111.97
CA ASP N 491 102.30 112.68 112.92
C ASP N 491 100.93 112.74 112.24
N CYS N 492 100.65 113.81 111.49
CA CYS N 492 99.40 113.98 110.77
C CYS N 492 99.15 112.86 109.76
N VAL N 493 100.21 112.37 109.13
CA VAL N 493 100.14 111.32 108.15
C VAL N 493 99.86 110.00 108.82
N LYS N 494 100.65 109.67 109.84
CA LYS N 494 100.40 108.53 110.70
C LYS N 494 98.98 108.57 111.21
N ALA N 495 98.51 109.73 111.66
CA ALA N 495 97.14 109.92 112.09
C ALA N 495 96.19 109.55 110.96
N CYS N 496 96.31 110.20 109.82
CA CYS N 496 95.44 109.95 108.70
C CYS N 496 95.45 108.48 108.24
N LEU N 497 96.62 107.83 108.24
CA LEU N 497 96.81 106.42 107.94
C LEU N 497 96.14 105.51 108.97
N ASN N 498 96.27 105.79 110.25
CA ASN N 498 95.63 104.99 111.29
C ASN N 498 94.11 105.13 111.24
N SER N 499 93.59 106.34 111.01
CA SER N 499 92.16 106.57 110.77
C SER N 499 91.68 105.80 109.56
N THR N 500 92.50 105.79 108.50
CA THR N 500 92.26 104.95 107.36
C THR N 500 92.21 103.48 107.79
N TYR N 501 93.18 102.97 108.56
CA TYR N 501 93.25 101.54 108.89
C TYR N 501 92.06 101.11 109.74
N GLU N 502 91.80 101.83 110.83
CA GLU N 502 90.64 101.61 111.68
C GLU N 502 89.40 101.52 110.80
N TYR N 503 89.22 102.53 109.95
CA TYR N 503 88.05 102.61 109.14
C TYR N 503 87.99 101.42 108.18
N ILE N 504 89.09 101.02 107.54
CA ILE N 504 89.07 99.87 106.66
C ILE N 504 88.87 98.55 107.39
N PHE N 505 89.45 98.37 108.57
CA PHE N 505 89.35 97.11 109.30
C PHE N 505 87.95 96.89 109.87
N ASN N 506 87.26 98.00 110.17
CA ASN N 506 85.91 97.99 110.66
C ASN N 506 84.86 97.99 109.54
N ASN N 507 85.20 98.52 108.36
CA ASN N 507 84.28 98.71 107.25
C ASN N 507 84.76 98.02 105.96
N CYS N 508 85.52 96.93 106.09
CA CYS N 508 86.16 96.27 104.95
C CYS N 508 85.17 95.97 103.85
N HIS N 509 83.97 95.55 104.22
CA HIS N 509 83.00 95.16 103.24
C HIS N 509 82.38 96.31 102.49
N GLU N 510 82.03 97.38 103.18
CA GLU N 510 81.48 98.58 102.58
C GLU N 510 82.50 99.21 101.64
N LEU N 511 83.76 99.21 102.04
CA LEU N 511 84.84 99.76 101.27
C LEU N 511 85.22 98.88 100.09
N TYR N 512 85.58 97.62 100.34
CA TYR N 512 85.90 96.69 99.27
C TYR N 512 84.74 96.46 98.33
N GLY N 513 83.57 96.33 98.93
CA GLY N 513 82.28 96.48 98.31
C GLY N 513 82.30 97.53 97.23
N ARG N 514 82.15 98.78 97.63
CA ARG N 514 82.04 99.90 96.70
C ARG N 514 83.26 100.07 95.79
N GLU N 515 84.47 99.85 96.30
CA GLU N 515 85.70 100.13 95.57
C GLU N 515 86.09 99.05 94.52
N TYR N 516 85.71 97.78 94.71
CA TYR N 516 86.11 96.70 93.76
C TYR N 516 85.18 95.49 93.60
N GLN N 517 84.26 95.24 94.53
CA GLN N 517 83.74 93.90 94.78
C GLN N 517 83.20 93.17 93.55
N THR N 518 83.68 91.95 93.34
CA THR N 518 83.38 91.07 92.19
C THR N 518 81.93 90.56 92.10
N ASP N 519 81.01 91.15 92.87
CA ASP N 519 79.55 90.92 92.81
C ASP N 519 78.85 92.20 93.34
N PRO N 520 78.02 92.89 92.53
CA PRO N 520 77.39 94.15 92.93
C PRO N 520 76.44 94.00 94.14
N ALA N 521 75.85 92.83 94.37
CA ALA N 521 75.01 92.56 95.55
C ALA N 521 75.81 92.57 96.87
N LYS N 522 77.14 92.54 96.78
CA LYS N 522 78.06 92.53 97.92
C LYS N 522 78.78 93.87 98.15
N LYS N 523 78.33 94.97 97.51
CA LYS N 523 78.89 96.33 97.73
C LYS N 523 78.41 97.02 99.00
N GLY N 524 77.23 96.65 99.51
CA GLY N 524 76.57 97.32 100.63
C GLY N 524 77.09 96.93 102.02
N GLU N 525 76.33 97.30 103.05
CA GLU N 525 76.60 96.97 104.46
C GLU N 525 76.35 95.49 104.78
N VAL N 526 77.20 94.64 104.22
CA VAL N 526 77.39 93.25 104.63
C VAL N 526 77.63 93.17 106.15
N PRO N 527 77.22 92.08 106.85
CA PRO N 527 77.25 92.03 108.31
C PRO N 527 78.61 92.43 108.91
N PRO N 528 78.65 93.09 110.08
CA PRO N 528 79.91 93.48 110.72
C PRO N 528 80.92 92.34 110.86
N GLU N 529 80.47 91.11 111.08
CA GLU N 529 81.29 89.88 111.07
C GLU N 529 81.89 89.50 109.69
N GLU N 530 81.76 90.40 108.72
CA GLU N 530 82.21 90.29 107.34
C GLU N 530 82.75 91.64 106.81
N GLN N 531 82.64 92.70 107.62
CA GLN N 531 83.28 94.02 107.48
C GLN N 531 84.49 94.18 108.39
N GLY N 532 84.46 93.39 109.45
CA GLY N 532 85.57 92.85 110.18
C GLY N 532 85.60 91.34 109.86
N PRO N 533 86.37 90.56 110.64
CA PRO N 533 86.68 89.18 110.28
C PRO N 533 85.49 88.20 110.30
N SER N 534 85.46 87.28 109.31
CA SER N 534 84.59 86.10 109.29
C SER N 534 85.27 84.86 109.79
N ILE N 535 84.54 83.99 110.47
CA ILE N 535 84.96 82.61 110.70
C ILE N 535 84.57 81.65 109.56
N LYS N 536 83.60 82.03 108.72
CA LYS N 536 83.04 81.17 107.67
C LYS N 536 83.90 81.14 106.41
N ASN N 537 84.58 82.24 106.11
CA ASN N 537 85.26 82.47 104.83
C ASN N 537 86.54 83.30 105.00
N LEU N 538 87.40 83.27 103.98
CA LEU N 538 88.64 84.04 103.91
C LEU N 538 88.53 85.31 103.07
N ASP N 539 87.33 85.64 102.65
CA ASP N 539 87.10 86.61 101.60
C ASP N 539 87.30 88.02 102.13
N PHE N 540 86.81 88.31 103.33
CA PHE N 540 87.16 89.54 104.07
C PHE N 540 88.66 89.83 104.00
N TRP N 541 89.50 88.80 104.11
CA TRP N 541 90.95 88.97 104.08
C TRP N 541 91.49 89.19 102.69
N SER N 542 91.00 88.47 101.68
CA SER N 542 91.36 88.80 100.28
C SER N 542 90.97 90.24 99.94
N LYS N 543 89.89 90.71 100.54
CA LYS N 543 89.32 92.04 100.32
C LYS N 543 90.12 93.10 101.02
N LEU N 544 90.48 92.83 102.27
CA LEU N 544 91.38 93.65 103.06
C LEU N 544 92.75 93.77 102.38
N ILE N 545 93.29 92.69 101.80
CA ILE N 545 94.54 92.73 101.02
C ILE N 545 94.44 93.78 99.91
N THR N 546 93.36 93.78 99.14
CA THR N 546 93.20 94.73 98.03
C THR N 546 93.03 96.18 98.50
N LEU N 547 92.31 96.39 99.60
CA LEU N 547 92.20 97.72 100.22
C LEU N 547 93.57 98.26 100.57
N ILE N 548 94.38 97.44 101.22
CA ILE N 548 95.72 97.81 101.65
C ILE N 548 96.58 98.23 100.45
N VAL N 549 96.61 97.41 99.41
CA VAL N 549 97.29 97.69 98.14
C VAL N 549 96.87 99.06 97.61
N SER N 550 95.57 99.28 97.46
CA SER N 550 95.01 100.50 96.90
C SER N 550 95.45 101.77 97.64
N ILE N 551 95.41 101.74 98.97
CA ILE N 551 95.80 102.88 99.78
C ILE N 551 97.31 103.15 99.62
N ILE N 552 98.13 102.12 99.73
CA ILE N 552 99.57 102.30 99.63
C ILE N 552 99.92 102.88 98.27
N GLU N 553 99.22 102.43 97.23
CA GLU N 553 99.32 103.04 95.93
C GLU N 553 98.96 104.52 95.96
N GLU N 554 97.77 104.92 96.43
CA GLU N 554 97.43 106.33 96.46
C GLU N 554 98.47 107.19 97.20
N ASP N 555 98.99 106.69 98.30
CA ASP N 555 100.01 107.36 99.09
C ASP N 555 101.35 107.45 98.37
N LYS N 556 101.79 106.35 97.80
CA LYS N 556 102.98 106.29 96.97
C LYS N 556 102.85 107.22 95.76
N ASN N 557 101.66 107.30 95.18
CA ASN N 557 101.49 107.80 93.83
C ASN N 557 100.97 109.23 93.80
N SER N 558 99.99 109.59 94.62
CA SER N 558 99.45 110.96 94.66
C SER N 558 100.07 111.79 95.76
N TYR N 559 100.20 111.22 96.95
CA TYR N 559 100.58 112.02 98.10
C TYR N 559 102.10 112.16 98.27
N THR N 560 102.88 111.12 98.02
CA THR N 560 104.35 111.24 98.09
C THR N 560 104.86 112.36 97.18
N PRO N 561 104.32 112.53 95.96
CA PRO N 561 104.66 113.67 95.11
C PRO N 561 104.07 115.00 95.59
N CYS N 562 102.80 115.01 96.01
CA CYS N 562 102.19 116.24 96.51
C CYS N 562 102.99 116.82 97.70
N LEU N 563 103.52 115.95 98.55
CA LEU N 563 104.17 116.27 99.82
C LEU N 563 105.67 116.03 99.82
N ASN N 564 106.29 116.43 98.74
CA ASN N 564 107.70 116.29 98.53
C ASN N 564 108.59 117.22 99.39
N GLN N 565 108.07 118.17 100.18
CA GLN N 565 108.88 119.21 100.85
C GLN N 565 109.98 118.63 101.76
N PHE N 566 109.74 117.44 102.30
CA PHE N 566 110.73 116.70 103.09
C PHE N 566 110.92 115.33 102.45
N PRO N 567 111.53 115.24 101.28
CA PRO N 567 111.52 114.01 100.48
C PRO N 567 112.30 112.90 101.19
N GLN N 568 113.42 113.28 101.78
CA GLN N 568 114.30 112.44 102.60
C GLN N 568 113.59 111.90 103.84
N GLU N 569 112.67 112.67 104.40
CA GLU N 569 111.99 112.35 105.64
C GLU N 569 110.58 111.79 105.46
N LEU N 570 109.96 111.97 104.28
CA LEU N 570 108.52 111.88 104.10
C LEU N 570 108.14 111.19 102.76
N ASN N 571 108.58 109.93 102.59
CA ASN N 571 108.02 109.02 101.60
C ASN N 571 106.64 108.52 102.06
N VAL N 572 105.56 109.17 101.62
CA VAL N 572 104.19 108.85 102.08
C VAL N 572 103.81 107.39 101.74
N GLY N 573 104.26 106.87 100.60
CA GLY N 573 104.06 105.48 100.21
C GLY N 573 104.66 104.45 101.17
N LYS N 574 105.90 104.67 101.63
CA LYS N 574 106.53 103.77 102.63
C LYS N 574 105.85 103.85 104.00
N ILE N 575 105.57 105.05 104.50
CA ILE N 575 104.89 105.23 105.80
C ILE N 575 103.53 104.53 105.77
N SER N 576 102.84 104.66 104.65
CA SER N 576 101.62 103.91 104.37
C SER N 576 101.86 102.39 104.47
N ALA N 577 102.74 101.80 103.66
CA ALA N 577 102.98 100.36 103.67
C ALA N 577 103.30 99.80 105.07
N GLU N 578 104.19 100.45 105.81
CA GLU N 578 104.53 100.05 107.17
C GLU N 578 103.33 100.08 108.11
N VAL N 579 102.67 101.25 108.21
CA VAL N 579 101.57 101.44 109.15
C VAL N 579 100.48 100.41 108.88
N MET N 580 100.08 100.30 107.62
CA MET N 580 98.99 99.43 107.22
C MET N 580 99.31 97.95 107.41
N TRP N 581 100.50 97.49 107.02
CA TRP N 581 100.89 96.09 107.24
C TRP N 581 100.90 95.76 108.72
N SER N 582 101.45 96.66 109.55
CA SER N 582 101.60 96.36 110.96
C SER N 582 100.25 96.04 111.57
N LEU N 583 99.32 96.96 111.34
CA LEU N 583 97.97 96.88 111.82
C LEU N 583 97.26 95.62 111.26
N PHE N 584 97.47 95.36 109.98
CA PHE N 584 97.00 94.15 109.34
C PHE N 584 97.52 92.87 109.98
N ALA N 585 98.82 92.74 110.17
CA ALA N 585 99.45 91.46 110.44
C ALA N 585 98.97 90.91 111.77
N GLN N 586 98.80 91.82 112.74
CA GLN N 586 98.17 91.51 114.02
C GLN N 586 96.81 90.86 113.79
N ASP N 587 95.99 91.54 113.01
CA ASP N 587 94.62 91.15 112.82
C ASP N 587 94.53 89.82 112.07
N MET N 588 95.33 89.66 111.02
CA MET N 588 95.45 88.43 110.28
C MET N 588 95.91 87.26 111.14
N LYS N 589 96.97 87.44 111.95
CA LYS N 589 97.43 86.34 112.80
C LYS N 589 96.28 85.82 113.67
N TYR N 590 95.54 86.72 114.34
CA TYR N 590 94.43 86.28 115.19
C TYR N 590 93.35 85.58 114.38
N ALA N 591 93.12 86.03 113.16
CA ALA N 591 92.16 85.43 112.28
C ALA N 591 92.50 83.99 111.94
N MET N 592 93.73 83.75 111.52
CA MET N 592 94.19 82.41 111.20
C MET N 592 94.11 81.50 112.42
N GLU N 593 94.49 81.99 113.59
CA GLU N 593 94.26 81.23 114.82
C GLU N 593 92.78 80.90 115.06
N GLU N 594 91.89 81.83 114.76
CA GLU N 594 90.47 81.61 114.95
C GLU N 594 89.89 80.58 113.98
N HIS N 595 90.19 80.71 112.69
CA HIS N 595 89.87 79.70 111.68
C HIS N 595 90.34 78.33 112.11
N ASP N 596 91.50 78.24 112.73
CA ASP N 596 92.08 76.96 113.09
C ASP N 596 91.22 76.18 114.09
N LYS N 597 90.47 76.87 114.94
CA LYS N 597 89.57 76.27 115.91
C LYS N 597 88.28 75.74 115.28
N HIS N 598 87.92 76.24 114.09
CA HIS N 598 86.61 76.01 113.48
C HIS N 598 86.66 75.24 112.16
N ARG N 599 87.66 75.53 111.33
CA ARG N 599 87.97 74.84 110.06
C ARG N 599 86.78 74.77 109.09
N LEU N 600 86.07 75.91 108.94
CA LEU N 600 84.88 76.03 108.11
C LEU N 600 85.23 76.20 106.62
N CYS N 601 86.25 77.00 106.31
CA CYS N 601 86.89 77.03 104.99
C CYS N 601 87.70 75.74 104.77
N LYS N 602 87.87 75.28 103.53
CA LYS N 602 88.66 74.09 103.21
C LYS N 602 90.16 74.38 103.36
N SER N 603 90.97 73.36 103.63
CA SER N 603 92.45 73.43 103.64
C SER N 603 92.95 74.32 102.50
N ALA N 604 92.53 73.98 101.28
CA ALA N 604 92.76 74.66 100.01
C ALA N 604 92.58 76.18 100.07
N ASP N 605 91.52 76.66 100.71
CA ASP N 605 91.22 78.08 100.79
C ASP N 605 92.33 78.80 101.55
N TYR N 606 92.78 78.22 102.67
CA TYR N 606 93.91 78.77 103.41
C TYR N 606 95.20 78.67 102.61
N MET N 607 95.39 77.62 101.80
CA MET N 607 96.54 77.55 100.91
C MET N 607 96.51 78.69 99.87
N ASN N 608 95.35 78.96 99.27
CA ASN N 608 95.16 80.07 98.35
C ASN N 608 95.45 81.40 99.05
N LEU N 609 94.88 81.59 100.23
CA LEU N 609 95.15 82.76 101.05
C LEU N 609 96.63 82.88 101.36
N HIS N 610 97.30 81.78 101.68
CA HIS N 610 98.73 81.76 101.90
C HIS N 610 99.46 82.30 100.67
N PHE N 611 99.14 81.87 99.46
CA PHE N 611 99.81 82.41 98.28
C PHE N 611 99.57 83.92 98.12
N LYS N 612 98.35 84.39 98.36
CA LYS N 612 98.04 85.83 98.33
C LYS N 612 98.85 86.60 99.36
N VAL N 613 98.90 86.10 100.58
CA VAL N 613 99.62 86.75 101.69
C VAL N 613 101.11 86.73 101.45
N LYS N 614 101.61 85.57 101.03
CA LYS N 614 103.00 85.37 100.64
C LYS N 614 103.35 86.41 99.60
N TRP N 615 102.57 86.48 98.52
CA TRP N 615 102.72 87.52 97.54
C TRP N 615 102.71 88.92 98.18
N LEU N 616 101.71 89.25 98.99
CA LEU N 616 101.55 90.61 99.50
C LEU N 616 102.77 91.05 100.31
N TYR N 617 103.19 90.21 101.25
CA TYR N 617 104.35 90.51 102.09
C TYR N 617 105.56 90.66 101.19
N ASN N 618 105.76 89.69 100.31
CA ASN N 618 106.91 89.64 99.44
C ASN N 618 106.90 90.77 98.41
N GLU N 619 105.75 91.38 98.16
CA GLU N 619 105.63 92.62 97.44
C GLU N 619 105.95 93.79 98.38
N TYR N 620 104.98 94.24 99.15
CA TYR N 620 105.06 95.55 99.80
C TYR N 620 106.01 95.56 100.99
N VAL N 621 105.99 94.49 101.78
CA VAL N 621 106.42 94.56 103.17
C VAL N 621 107.87 94.17 103.34
N ALA N 622 108.27 93.09 102.67
CA ALA N 622 109.56 92.48 102.83
C ALA N 622 110.72 93.45 102.61
N GLU N 623 110.54 94.48 101.79
CA GLU N 623 111.59 95.44 101.44
C GLU N 623 111.65 96.66 102.36
N LEU N 624 110.61 96.91 103.16
CA LEU N 624 110.73 97.90 104.22
C LEU N 624 111.80 97.38 105.20
N PRO N 625 112.77 98.20 105.63
CA PRO N 625 113.92 97.75 106.41
C PRO N 625 113.49 96.91 107.61
N THR N 626 112.47 97.40 108.30
CA THR N 626 111.81 96.79 109.45
C THR N 626 111.50 95.31 109.25
N PHE N 627 111.17 94.86 108.03
CA PHE N 627 110.75 93.48 107.75
C PHE N 627 111.70 92.75 106.83
N LYS N 628 112.55 93.48 106.10
CA LYS N 628 113.76 92.92 105.51
C LYS N 628 114.69 92.37 106.58
N ASP N 629 114.71 93.02 107.73
CA ASP N 629 115.40 92.58 108.94
C ASP N 629 114.99 91.18 109.46
N ARG N 630 113.89 90.57 108.99
CA ARG N 630 113.26 89.40 109.62
C ARG N 630 112.89 88.25 108.70
N VAL N 631 113.01 87.03 109.23
CA VAL N 631 112.27 85.86 108.75
C VAL N 631 110.77 86.16 108.89
N PRO N 632 109.98 86.07 107.82
CA PRO N 632 108.56 86.40 107.88
C PRO N 632 107.82 85.48 108.82
N GLU N 633 106.98 86.05 109.66
CA GLU N 633 106.28 85.28 110.68
C GLU N 633 104.96 84.70 110.18
N TYR N 634 104.39 85.28 109.11
CA TYR N 634 103.14 84.81 108.53
C TYR N 634 103.02 83.30 108.28
N PRO N 635 104.08 82.52 107.99
CA PRO N 635 103.93 81.10 107.74
C PRO N 635 103.43 80.34 108.97
N ALA N 636 103.72 80.83 110.17
CA ALA N 636 103.20 80.27 111.40
C ALA N 636 101.67 80.31 111.42
N TRP N 637 101.06 81.26 110.73
CA TRP N 637 99.61 81.37 110.65
C TRP N 637 99.01 80.21 109.87
N PHE N 638 99.57 79.96 108.69
CA PHE N 638 99.05 78.97 107.74
C PHE N 638 99.42 77.54 108.10
N GLU N 639 100.50 77.36 108.84
CA GLU N 639 101.05 76.05 109.14
C GLU N 639 100.05 74.98 109.60
N PRO N 640 99.09 75.27 110.49
CA PRO N 640 98.10 74.29 110.89
C PRO N 640 97.23 73.83 109.72
N PHE N 641 96.90 74.74 108.81
CA PHE N 641 96.08 74.47 107.64
C PHE N 641 96.83 73.65 106.61
N VAL N 642 98.14 73.87 106.54
CA VAL N 642 99.03 73.03 105.77
C VAL N 642 99.14 71.64 106.37
N ILE N 643 99.22 71.55 107.68
CA ILE N 643 99.25 70.27 108.35
C ILE N 643 97.92 69.55 108.13
N GLN N 644 96.80 70.24 108.29
CA GLN N 644 95.49 69.72 107.94
C GLN N 644 95.48 69.21 106.51
N TRP N 645 95.98 70.01 105.60
CA TRP N 645 96.11 69.58 104.24
C TRP N 645 96.95 68.31 104.15
N LEU N 646 98.12 68.25 104.80
CA LEU N 646 98.99 67.06 104.86
C LEU N 646 98.26 65.86 105.41
N ASP N 647 97.31 66.08 106.30
CA ASP N 647 96.51 65.04 106.90
C ASP N 647 95.50 64.51 105.91
N GLU N 648 94.68 65.40 105.36
CA GLU N 648 93.74 65.06 104.30
C GLU N 648 94.48 64.30 103.21
N ASN N 649 95.63 64.85 102.82
CA ASN N 649 96.52 64.30 101.84
C ASN N 649 96.97 62.89 102.23
N GLU N 650 97.50 62.67 103.43
CA GLU N 650 97.97 61.34 103.77
C GLU N 650 96.83 60.33 103.70
N GLU N 651 95.66 60.68 104.22
CA GLU N 651 94.58 59.71 104.30
C GLU N 651 94.08 59.36 102.91
N VAL N 652 93.85 60.38 102.09
CA VAL N 652 93.63 60.21 100.66
C VAL N 652 94.72 59.33 100.05
N SER N 653 95.99 59.59 100.36
CA SER N 653 97.12 58.82 99.83
C SER N 653 97.08 57.36 100.30
N ARG N 654 96.58 57.08 101.49
CA ARG N 654 96.56 55.73 102.02
C ARG N 654 95.38 54.97 101.44
N ASP N 655 94.26 55.64 101.24
CA ASP N 655 93.14 55.09 100.49
C ASP N 655 93.51 54.82 99.03
N PHE N 656 94.18 55.79 98.40
CA PHE N 656 94.78 55.65 97.07
C PHE N 656 95.73 54.47 97.03
N LEU N 657 96.61 54.33 98.02
CA LEU N 657 97.61 53.26 98.09
C LEU N 657 96.92 51.90 98.03
N HIS N 658 95.88 51.73 98.82
CA HIS N 658 95.13 50.48 98.83
C HIS N 658 94.44 50.26 97.48
N GLY N 659 93.79 51.29 96.94
CA GLY N 659 93.25 51.21 95.58
C GLY N 659 94.30 50.78 94.55
N ALA N 660 95.46 51.41 94.52
CA ALA N 660 96.54 51.15 93.56
C ALA N 660 97.07 49.72 93.69
N LEU N 661 97.38 49.30 94.93
CA LEU N 661 97.79 47.93 95.22
C LEU N 661 96.73 46.95 94.74
N GLU N 662 95.46 47.24 94.98
CA GLU N 662 94.37 46.35 94.62
C GLU N 662 94.14 46.30 93.11
N ARG N 663 94.27 47.42 92.39
CA ARG N 663 94.23 47.45 90.92
C ARG N 663 95.38 46.65 90.33
N ASP N 664 96.55 46.79 90.90
CA ASP N 664 97.72 46.02 90.51
C ASP N 664 97.55 44.52 90.84
N LYS N 665 97.00 44.20 92.00
CA LYS N 665 96.61 42.85 92.40
C LYS N 665 95.62 42.22 91.46
N LYS N 666 94.65 43.03 91.01
CA LYS N 666 93.66 42.61 90.02
C LYS N 666 94.33 42.37 88.67
N ASP N 667 95.30 43.21 88.33
CA ASP N 667 96.25 42.93 87.27
C ASP N 667 97.28 41.81 87.61
N GLY N 668 97.03 40.98 88.62
CA GLY N 668 97.91 39.86 89.00
C GLY N 668 99.35 40.27 89.32
N PHE N 669 99.61 41.55 89.60
CA PHE N 669 100.93 42.17 89.72
C PHE N 669 101.86 41.92 88.53
N GLN N 670 101.41 42.18 87.30
CA GLN N 670 102.36 42.17 86.18
C GLN N 670 103.49 43.19 86.37
N GLN N 671 104.70 42.86 85.90
CA GLN N 671 105.76 43.84 85.81
C GLN N 671 105.38 44.92 84.81
N THR N 672 105.75 46.15 85.13
CA THR N 672 105.39 47.35 84.36
C THR N 672 105.89 47.28 82.92
N SER N 673 106.99 46.56 82.72
CA SER N 673 107.36 45.88 81.49
C SER N 673 108.32 44.76 81.85
N GLU N 674 108.65 43.90 80.90
CA GLU N 674 109.57 42.78 81.15
C GLU N 674 110.98 43.18 81.59
N HIS N 675 111.28 44.48 81.48
CA HIS N 675 112.51 45.12 81.94
C HIS N 675 112.25 46.19 83.03
N ALA N 676 111.04 46.74 83.16
CA ALA N 676 110.59 47.52 84.33
C ALA N 676 109.96 46.57 85.35
N LEU N 677 110.84 45.97 86.16
CA LEU N 677 110.62 44.71 86.86
C LEU N 677 109.62 44.74 88.02
N PHE N 678 109.31 45.93 88.51
CA PHE N 678 108.26 46.19 89.48
C PHE N 678 106.92 46.38 88.77
N SER N 679 105.81 46.27 89.48
CA SER N 679 104.47 46.53 89.00
C SER N 679 104.02 47.98 89.26
N CYS N 680 102.94 48.36 88.56
CA CYS N 680 102.57 49.75 88.33
C CYS N 680 102.24 50.55 89.61
N SER N 681 101.72 49.88 90.63
CA SER N 681 101.35 50.52 91.88
C SER N 681 102.52 51.30 92.48
N VAL N 682 103.75 50.79 92.32
CA VAL N 682 104.93 51.48 92.80
C VAL N 682 105.03 52.88 92.20
N VAL N 683 104.81 52.94 90.89
CA VAL N 683 104.87 54.13 90.09
C VAL N 683 103.76 55.07 90.51
N ASP N 684 102.53 54.57 90.58
CA ASP N 684 101.36 55.34 90.97
C ASP N 684 101.58 56.02 92.31
N VAL N 685 102.11 55.26 93.25
CA VAL N 685 102.38 55.73 94.59
C VAL N 685 103.43 56.81 94.55
N PHE N 686 104.57 56.59 93.89
CA PHE N 686 105.54 57.66 93.79
C PHE N 686 104.99 58.86 93.08
N SER N 687 104.21 58.68 92.03
CA SER N 687 103.53 59.78 91.37
C SER N 687 102.67 60.55 92.36
N GLN N 688 101.82 59.87 93.11
CA GLN N 688 100.98 60.51 94.09
C GLN N 688 101.82 61.27 95.11
N LEU N 689 102.81 60.60 95.67
CA LEU N 689 103.67 61.17 96.69
C LEU N 689 104.38 62.41 96.18
N ASN N 690 104.77 62.41 94.92
CA ASN N 690 105.38 63.56 94.33
C ASN N 690 104.34 64.66 94.09
N GLN N 691 103.16 64.37 93.55
CA GLN N 691 102.11 65.39 93.41
C GLN N 691 101.87 66.08 94.75
N SER N 692 101.77 65.27 95.78
CA SER N 692 101.63 65.68 97.15
C SER N 692 102.79 66.52 97.63
N PHE N 693 104.02 66.03 97.51
CA PHE N 693 105.19 66.74 97.97
C PHE N 693 105.26 68.11 97.30
N GLU N 694 104.94 68.16 96.02
CA GLU N 694 105.05 69.40 95.30
C GLU N 694 104.04 70.41 95.77
N ILE N 695 102.84 70.00 96.15
CA ILE N 695 101.88 70.91 96.78
C ILE N 695 102.47 71.55 98.03
N ILE N 696 103.23 70.80 98.83
CA ILE N 696 103.98 71.37 99.95
C ILE N 696 105.04 72.31 99.42
N LYS N 697 105.85 71.81 98.49
CA LYS N 697 107.06 72.49 98.08
C LYS N 697 106.75 73.87 97.52
N LYS N 698 105.67 73.97 96.74
CA LYS N 698 105.04 75.18 96.20
C LYS N 698 104.67 76.26 97.21
N LEU N 699 104.77 75.99 98.51
CA LEU N 699 104.60 77.02 99.51
C LEU N 699 105.92 77.76 99.79
N GLU N 700 107.07 77.10 99.65
CA GLU N 700 108.40 77.63 99.95
C GLU N 700 108.46 78.44 101.24
N CYS N 701 107.92 77.87 102.32
CA CYS N 701 107.80 78.56 103.60
C CYS N 701 109.16 79.11 104.06
N PRO N 702 109.29 80.43 104.27
CA PRO N 702 110.56 81.05 104.63
C PRO N 702 110.98 80.78 106.09
N ASP N 703 110.10 80.20 106.91
CA ASP N 703 110.45 79.64 108.20
C ASP N 703 110.84 78.16 108.07
N PRO N 704 112.14 77.81 108.11
CA PRO N 704 112.59 76.46 107.85
C PRO N 704 112.23 75.47 108.95
N GLN N 705 111.80 75.93 110.12
CA GLN N 705 111.39 75.05 111.20
C GLN N 705 109.95 74.63 111.00
N ILE N 706 109.12 75.55 110.54
CA ILE N 706 107.77 75.26 110.05
C ILE N 706 107.85 74.33 108.85
N VAL N 707 108.80 74.58 107.94
CA VAL N 707 109.12 73.60 106.89
C VAL N 707 109.51 72.27 107.50
N GLY N 708 110.43 72.28 108.46
CA GLY N 708 110.88 71.07 109.11
C GLY N 708 109.70 70.30 109.68
N HIS N 709 108.70 71.00 110.21
CA HIS N 709 107.49 70.39 110.72
C HIS N 709 106.70 69.72 109.63
N TYR N 710 106.45 70.41 108.52
CA TYR N 710 105.84 69.77 107.36
C TYR N 710 106.60 68.52 106.95
N MET N 711 107.93 68.59 106.95
CA MET N 711 108.76 67.48 106.52
C MET N 711 108.73 66.32 107.51
N ARG N 712 108.67 66.61 108.80
CA ARG N 712 108.49 65.61 109.84
C ARG N 712 107.14 64.94 109.64
N ARG N 713 106.08 65.74 109.59
CA ARG N 713 104.70 65.33 109.28
C ARG N 713 104.66 64.44 108.04
N PHE N 714 105.29 64.86 106.98
CA PHE N 714 105.23 64.16 105.71
C PHE N 714 106.12 62.92 105.71
N ALA N 715 107.29 62.96 106.35
CA ALA N 715 108.16 61.81 106.43
C ALA N 715 107.45 60.66 107.15
N LYS N 716 106.59 61.02 108.10
CA LYS N 716 105.66 60.09 108.69
C LYS N 716 104.69 59.60 107.64
N THR N 717 103.98 60.48 106.93
CA THR N 717 103.10 60.07 105.83
C THR N 717 103.74 59.02 104.96
N ILE N 718 104.93 59.35 104.48
CA ILE N 718 105.74 58.52 103.61
C ILE N 718 106.02 57.20 104.31
N SER N 719 106.57 57.24 105.50
CA SER N 719 106.85 56.05 106.26
C SER N 719 105.63 55.16 106.37
N ASN N 720 104.52 55.75 106.75
CA ASN N 720 103.29 55.05 106.96
C ASN N 720 102.78 54.40 105.67
N VAL N 721 102.62 55.21 104.63
CA VAL N 721 102.21 54.77 103.30
C VAL N 721 103.12 53.65 102.82
N LEU N 722 104.43 53.82 102.92
CA LEU N 722 105.36 52.87 102.33
C LEU N 722 105.46 51.59 103.12
N LEU N 723 105.41 51.67 104.44
CA LEU N 723 105.40 50.46 105.24
C LEU N 723 104.09 49.74 105.02
N GLN N 724 103.00 50.47 104.90
CA GLN N 724 101.71 49.90 104.56
C GLN N 724 101.73 49.22 103.20
N TYR N 725 102.38 49.81 102.20
CA TYR N 725 102.64 49.10 100.95
C TYR N 725 103.44 47.83 101.21
N ALA N 726 104.62 47.98 101.81
CA ALA N 726 105.59 46.91 101.97
C ALA N 726 105.00 45.76 102.75
N ASP N 727 104.17 46.09 103.70
CA ASP N 727 103.35 45.19 104.45
C ASP N 727 102.31 44.51 103.56
N ILE N 728 101.46 45.27 102.87
CA ILE N 728 100.43 44.68 102.00
C ILE N 728 101.06 43.72 101.00
N VAL N 729 102.23 44.07 100.49
CA VAL N 729 103.07 43.15 99.74
C VAL N 729 103.50 41.95 100.57
N SER N 730 104.19 42.15 101.68
CA SER N 730 104.77 41.08 102.51
C SER N 730 103.73 40.05 102.91
N LYS N 731 102.51 40.53 103.15
CA LYS N 731 101.34 39.73 103.45
C LYS N 731 101.02 38.80 102.29
N ASP N 732 100.77 39.37 101.13
CA ASP N 732 100.41 38.59 99.95
C ASP N 732 101.57 37.71 99.45
N PHE N 733 102.79 38.09 99.79
CA PHE N 733 104.01 37.56 99.23
C PHE N 733 104.10 36.03 99.24
N ALA N 734 103.88 35.43 100.40
CA ALA N 734 103.93 33.98 100.55
C ALA N 734 102.89 33.26 99.69
N SER N 735 101.68 33.83 99.55
CA SER N 735 100.65 33.26 98.66
C SER N 735 101.13 33.23 97.21
N TYR N 736 101.95 34.19 96.84
CA TYR N 736 102.55 34.25 95.53
C TYR N 736 103.80 33.38 95.39
N CYS N 737 104.44 33.00 96.49
CA CYS N 737 105.67 32.21 96.48
C CYS N 737 105.51 30.79 95.93
N SER N 738 104.29 30.34 95.69
CA SER N 738 104.09 29.04 95.06
C SER N 738 104.79 28.98 93.69
N LYS N 739 105.31 27.80 93.33
CA LYS N 739 106.36 27.54 92.31
C LYS N 739 105.97 27.77 90.84
N GLU N 740 104.95 28.57 90.57
CA GLU N 740 104.31 28.74 89.25
C GLU N 740 103.93 30.21 89.03
N LYS N 741 103.47 30.90 90.06
CA LYS N 741 103.33 32.35 90.06
C LYS N 741 104.67 33.06 90.27
N GLU N 742 105.80 32.36 90.18
CA GLU N 742 107.16 32.84 90.51
C GLU N 742 107.49 34.24 90.00
N LYS N 743 106.98 34.61 88.83
CA LYS N 743 107.07 35.99 88.33
C LYS N 743 106.61 37.01 89.36
N VAL N 744 105.48 36.77 90.00
CA VAL N 744 104.86 37.69 90.94
C VAL N 744 105.75 37.96 92.16
N PRO N 745 106.24 36.99 92.94
CA PRO N 745 107.19 37.29 94.03
C PRO N 745 108.43 38.03 93.58
N CYS N 746 108.98 37.72 92.40
CA CYS N 746 110.07 38.51 91.83
C CYS N 746 109.64 39.97 91.73
N ILE N 747 108.53 40.23 91.05
CA ILE N 747 107.97 41.55 90.80
C ILE N 747 107.69 42.29 92.10
N LEU N 748 107.11 41.62 93.10
CA LEU N 748 106.88 42.19 94.42
C LEU N 748 108.19 42.57 95.14
N MET N 749 109.20 41.72 95.08
CA MET N 749 110.52 42.09 95.61
C MET N 749 111.11 43.26 94.83
N ASN N 750 110.92 43.30 93.51
CA ASN N 750 111.31 44.43 92.69
C ASN N 750 110.51 45.68 93.04
N ASN N 751 109.23 45.56 93.39
CA ASN N 751 108.44 46.68 93.85
C ASN N 751 109.09 47.27 95.06
N THR N 752 109.36 46.40 96.03
CA THR N 752 109.93 46.73 97.34
C THR N 752 111.25 47.46 97.14
N GLN N 753 112.13 46.85 96.36
CA GLN N 753 113.39 47.46 96.02
C GLN N 753 113.20 48.77 95.24
N GLN N 754 112.23 48.80 94.33
CA GLN N 754 111.91 50.01 93.61
C GLN N 754 111.37 51.09 94.55
N LEU N 755 110.62 50.75 95.60
CA LEU N 755 110.26 51.68 96.65
C LEU N 755 111.52 52.27 97.20
N ARG N 756 112.44 51.43 97.69
CA ARG N 756 113.68 51.91 98.30
C ARG N 756 114.38 52.88 97.35
N VAL N 757 114.54 52.46 96.11
CA VAL N 757 115.17 53.23 95.07
C VAL N 757 114.50 54.58 94.90
N GLN N 758 113.19 54.63 94.67
CA GLN N 758 112.50 55.89 94.52
C GLN N 758 112.42 56.68 95.82
N LEU N 759 112.43 56.00 96.95
CA LEU N 759 112.43 56.63 98.26
C LEU N 759 113.73 57.41 98.39
N GLU N 760 114.87 56.83 98.03
CA GLU N 760 116.13 57.56 98.02
C GLU N 760 115.97 58.84 97.17
N LYS N 761 115.36 58.72 95.99
CA LYS N 761 115.08 59.87 95.11
C LYS N 761 114.18 60.90 95.78
N MET N 762 113.06 60.48 96.35
CA MET N 762 112.13 61.40 97.01
C MET N 762 112.77 62.06 98.22
N PHE N 763 113.56 61.32 98.98
CA PHE N 763 114.34 61.84 100.08
C PHE N 763 115.27 62.93 99.56
N GLU N 764 115.99 62.69 98.47
CA GLU N 764 116.73 63.77 97.83
C GLU N 764 115.81 64.91 97.40
N ALA N 765 114.65 64.63 96.83
CA ALA N 765 113.72 65.64 96.37
C ALA N 765 113.24 66.53 97.52
N MET N 766 113.03 65.95 98.70
CA MET N 766 112.77 66.64 99.96
C MET N 766 113.99 67.39 100.49
N GLY N 767 115.06 67.49 99.71
CA GLY N 767 116.28 68.15 100.12
C GLY N 767 117.19 67.21 100.91
N GLY N 768 117.22 65.94 100.53
CA GLY N 768 118.25 64.97 100.86
C GLY N 768 118.92 65.12 102.22
N LYS N 769 120.24 65.29 102.24
CA LYS N 769 121.02 65.41 103.49
C LYS N 769 120.86 66.76 104.16
N GLU N 770 120.28 67.72 103.45
CA GLU N 770 119.86 69.02 103.95
C GLU N 770 118.57 68.92 104.79
N LEU N 771 117.83 67.81 104.66
CA LEU N 771 116.53 67.57 105.30
C LEU N 771 116.58 67.70 106.82
N ASP N 772 115.46 68.12 107.41
CA ASP N 772 115.23 68.04 108.85
C ASP N 772 115.67 66.70 109.41
N ALA N 773 116.46 66.73 110.48
CA ALA N 773 117.10 65.54 111.00
C ALA N 773 116.11 64.44 111.45
N GLU N 774 114.85 64.78 111.75
CA GLU N 774 113.86 63.83 112.27
C GLU N 774 112.95 63.30 111.17
N ALA N 775 112.59 64.14 110.21
CA ALA N 775 112.11 63.66 108.93
C ALA N 775 113.14 62.70 108.33
N SER N 776 114.41 63.09 108.32
CA SER N 776 115.53 62.25 107.88
C SER N 776 115.62 60.98 108.73
N GLY N 777 115.63 61.08 110.07
CA GLY N 777 115.56 59.93 110.97
C GLY N 777 114.47 58.96 110.57
N THR N 778 113.27 59.48 110.32
CA THR N 778 112.11 58.71 109.89
C THR N 778 112.38 57.98 108.59
N LEU N 779 112.83 58.71 107.57
CA LEU N 779 113.06 58.08 106.29
C LEU N 779 114.24 57.09 106.32
N LYS N 780 115.23 57.28 107.20
CA LYS N 780 116.32 56.31 107.41
C LYS N 780 115.82 55.04 108.07
N GLU N 781 115.04 55.20 109.14
CA GLU N 781 114.31 54.12 109.79
C GLU N 781 113.49 53.34 108.77
N LEU N 782 112.76 54.07 107.95
CA LEU N 782 111.88 53.51 106.95
C LEU N 782 112.68 52.65 105.99
N GLN N 783 113.75 53.20 105.42
CA GLN N 783 114.63 52.49 104.49
C GLN N 783 115.22 51.23 105.13
N VAL N 784 115.65 51.28 106.39
CA VAL N 784 116.16 50.10 107.10
C VAL N 784 115.08 49.01 107.21
N LYS N 785 113.86 49.39 107.58
CA LYS N 785 112.75 48.43 107.64
C LYS N 785 112.43 47.84 106.29
N LEU N 786 112.36 48.67 105.25
CA LEU N 786 112.15 48.21 103.88
C LEU N 786 113.25 47.23 103.46
N ASN N 787 114.51 47.48 103.84
CA ASN N 787 115.58 46.51 103.62
C ASN N 787 115.31 45.17 104.32
N ASN N 788 114.95 45.23 105.60
CA ASN N 788 114.74 44.02 106.37
C ASN N 788 113.54 43.24 105.83
N VAL N 789 112.46 43.93 105.46
CA VAL N 789 111.34 43.34 104.71
C VAL N 789 111.88 42.57 103.52
N LEU N 790 112.73 43.19 102.69
CA LEU N 790 113.22 42.56 101.45
C LEU N 790 114.05 41.31 101.72
N ASP N 791 114.82 41.27 102.80
CA ASP N 791 115.48 40.04 103.23
C ASP N 791 114.45 38.94 103.51
N GLU N 792 113.42 39.25 104.28
CA GLU N 792 112.46 38.23 104.66
C GLU N 792 111.65 37.75 103.46
N LEU N 793 111.30 38.63 102.52
CA LEU N 793 110.71 38.22 101.28
C LEU N 793 111.65 37.30 100.49
N SER N 794 112.92 37.66 100.33
CA SER N 794 113.89 36.80 99.63
C SER N 794 113.98 35.40 100.24
N HIS N 795 113.91 35.35 101.56
CA HIS N 795 113.95 34.13 102.32
C HIS N 795 112.68 33.32 102.10
N VAL N 796 111.53 33.92 102.36
CA VAL N 796 110.21 33.30 102.17
C VAL N 796 110.10 32.77 100.76
N PHE N 797 110.59 33.53 99.78
CA PHE N 797 110.61 33.10 98.40
C PHE N 797 111.49 31.89 98.18
N ALA N 798 112.78 31.99 98.49
CA ALA N 798 113.73 30.90 98.33
C ALA N 798 113.25 29.61 99.02
N THR N 799 112.59 29.79 100.16
CA THR N 799 112.02 28.71 100.95
C THR N 799 110.95 27.93 100.20
N SER N 800 110.08 28.54 99.39
CA SER N 800 109.02 27.77 98.72
C SER N 800 109.56 26.77 97.70
N PHE N 801 110.79 26.97 97.23
CA PHE N 801 111.51 26.02 96.37
C PHE N 801 112.22 24.93 97.13
N GLN N 802 112.47 25.14 98.42
CA GLN N 802 113.17 24.20 99.28
C GLN N 802 112.71 22.76 99.13
N PRO N 803 111.40 22.44 99.05
CA PRO N 803 110.96 21.06 98.90
C PRO N 803 111.42 20.47 97.58
N HIS N 804 111.31 21.27 96.52
CA HIS N 804 111.75 20.87 95.22
C HIS N 804 113.26 20.68 95.19
N ILE N 805 113.98 21.58 95.85
CA ILE N 805 115.43 21.52 95.96
C ILE N 805 115.82 20.23 96.70
N GLU N 806 115.26 19.99 97.86
CA GLU N 806 115.51 18.79 98.66
C GLU N 806 115.18 17.52 97.91
N GLU N 807 114.06 17.53 97.21
CA GLU N 807 113.65 16.44 96.35
C GLU N 807 114.70 16.16 95.29
N CYS N 808 115.00 17.17 94.46
CA CYS N 808 116.02 17.07 93.43
C CYS N 808 117.34 16.59 94.02
N VAL N 809 117.80 17.19 95.12
CA VAL N 809 119.06 16.83 95.76
C VAL N 809 119.03 15.39 96.23
N ARG N 810 117.92 14.92 96.78
CA ARG N 810 117.79 13.52 97.13
C ARG N 810 117.93 12.65 95.88
N GLN N 811 117.29 13.01 94.76
CA GLN N 811 117.50 12.27 93.51
C GLN N 811 118.94 12.32 93.06
N MET N 812 119.60 13.46 93.17
CA MET N 812 120.99 13.57 92.81
C MET N 812 121.83 12.64 93.71
N GLY N 813 121.50 12.57 94.99
CA GLY N 813 122.09 11.64 95.93
C GLY N 813 121.84 10.18 95.54
N ASP N 814 120.62 9.87 95.13
CA ASP N 814 120.28 8.57 94.58
C ASP N 814 121.12 8.25 93.34
N ILE N 815 121.23 9.19 92.41
CA ILE N 815 122.03 9.03 91.21
C ILE N 815 123.51 8.87 91.56
N LEU N 816 124.02 9.63 92.53
CA LEU N 816 125.42 9.52 92.97
C LEU N 816 125.68 8.14 93.57
N SER N 817 124.74 7.54 94.29
CA SER N 817 124.96 6.23 94.92
C SER N 817 125.23 5.09 93.93
N GLN N 818 125.01 5.32 92.64
CA GLN N 818 125.37 4.40 91.57
C GLN N 818 126.86 4.50 91.24
N VAL N 819 127.43 5.71 91.35
CA VAL N 819 128.87 5.96 91.41
C VAL N 819 129.39 5.45 92.75
N LYS N 820 130.52 4.75 92.76
CA LYS N 820 131.24 4.45 94.00
C LYS N 820 132.71 4.82 93.84
N GLY N 821 133.62 4.22 94.62
CA GLY N 821 135.04 4.55 94.50
C GLY N 821 135.66 3.91 93.27
N THR N 822 135.48 4.51 92.10
CA THR N 822 135.55 3.74 90.83
C THR N 822 136.94 3.48 90.27
N GLY N 823 138.00 3.73 91.03
CA GLY N 823 139.23 2.94 90.84
C GLY N 823 139.05 1.46 91.24
N ASN N 824 138.02 1.15 92.03
CA ASN N 824 137.60 -0.18 92.48
C ASN N 824 136.23 -0.61 91.87
N VAL N 825 135.79 -0.07 90.72
CA VAL N 825 134.46 -0.35 90.09
C VAL N 825 134.50 -0.29 88.53
N PRO N 826 133.66 -1.03 87.79
CA PRO N 826 133.58 -1.00 86.31
C PRO N 826 133.21 0.34 85.65
N ALA N 827 133.49 0.45 84.36
CA ALA N 827 133.43 1.65 83.50
C ALA N 827 132.06 2.34 83.32
N SER N 828 130.95 1.76 83.80
CA SER N 828 129.65 2.46 83.86
C SER N 828 129.52 3.40 85.06
N ALA N 829 130.31 3.16 86.10
CA ALA N 829 130.46 4.04 87.25
C ALA N 829 131.90 4.59 87.37
N CYS N 830 132.92 3.95 86.79
CA CYS N 830 134.14 4.63 86.30
C CYS N 830 133.88 5.34 84.95
N SER N 831 132.60 5.50 84.60
CA SER N 831 132.05 6.56 83.76
C SER N 831 132.74 7.88 84.13
N SER N 832 133.01 8.74 83.16
CA SER N 832 133.88 9.89 83.43
C SER N 832 133.31 10.73 84.57
N VAL N 833 134.20 11.42 85.25
CA VAL N 833 133.83 12.33 86.34
C VAL N 833 132.74 13.31 85.89
N ALA N 834 132.80 13.77 84.64
CA ALA N 834 131.81 14.61 83.99
C ALA N 834 130.46 13.92 83.75
N GLN N 835 130.44 12.73 83.15
CA GLN N 835 129.18 12.01 82.88
C GLN N 835 128.43 11.70 84.18
N ASP N 836 129.15 11.18 85.17
CA ASP N 836 128.58 10.99 86.49
C ASP N 836 128.06 12.30 87.07
N ALA N 837 128.85 13.38 87.03
CA ALA N 837 128.42 14.68 87.55
C ALA N 837 127.15 15.14 86.84
N ASP N 838 127.08 15.01 85.51
CA ASP N 838 125.91 15.37 84.73
C ASP N 838 124.69 14.56 85.11
N ASN N 839 124.83 13.23 85.19
CA ASN N 839 123.75 12.34 85.59
C ASN N 839 123.22 12.79 86.94
N VAL N 840 124.14 12.89 87.90
CA VAL N 840 123.90 13.34 89.25
C VAL N 840 123.19 14.67 89.22
N LEU N 841 123.76 15.67 88.55
CA LEU N 841 123.30 17.06 88.48
C LEU N 841 121.93 17.20 87.86
N GLN N 842 121.50 16.24 87.07
CA GLN N 842 120.46 16.58 86.13
C GLN N 842 119.14 17.03 86.80
N PRO N 843 118.66 16.37 87.87
CA PRO N 843 117.46 16.79 88.56
C PRO N 843 117.45 18.26 88.96
N ILE N 844 118.60 18.82 89.35
CA ILE N 844 118.67 20.22 89.74
C ILE N 844 118.95 21.14 88.55
N MET N 845 119.77 20.75 87.58
CA MET N 845 120.14 21.67 86.51
C MET N 845 118.95 22.11 85.70
N ASP N 846 117.98 21.22 85.54
CA ASP N 846 116.70 21.50 84.92
C ASP N 846 115.97 22.64 85.64
N LEU N 847 115.76 22.43 86.95
CA LEU N 847 115.15 23.40 87.84
C LEU N 847 115.92 24.73 87.77
N LEU N 848 117.22 24.65 87.98
CA LEU N 848 118.11 25.79 88.06
C LEU N 848 118.04 26.61 86.81
N ASP N 849 118.30 26.02 85.66
CA ASP N 849 118.61 26.80 84.50
C ASP N 849 117.43 27.67 84.14
N SER N 850 116.27 27.00 84.05
CA SER N 850 115.00 27.64 83.82
C SER N 850 114.77 28.76 84.81
N ASN N 851 114.80 28.44 86.11
CA ASN N 851 114.43 29.38 87.12
C ASN N 851 115.43 30.52 87.22
N LEU N 852 116.74 30.24 87.30
CA LEU N 852 117.75 31.27 87.37
C LEU N 852 117.69 32.15 86.14
N THR N 853 117.44 31.60 84.97
CA THR N 853 117.31 32.43 83.78
C THR N 853 116.08 33.32 83.89
N LEU N 854 114.93 32.74 84.25
CA LEU N 854 113.71 33.50 84.45
C LEU N 854 113.93 34.61 85.48
N PHE N 855 114.52 34.28 86.62
CA PHE N 855 114.79 35.23 87.70
C PHE N 855 115.83 36.25 87.29
N ALA N 856 116.86 35.87 86.55
CA ALA N 856 117.84 36.81 86.05
C ALA N 856 117.19 37.81 85.06
N LYS N 857 116.25 37.34 84.24
CA LYS N 857 115.44 38.21 83.40
C LYS N 857 114.57 39.16 84.24
N ILE N 858 113.88 38.64 85.26
CA ILE N 858 112.77 39.35 85.91
C ILE N 858 113.00 39.89 87.33
N CYS N 859 114.12 39.63 88.00
CA CYS N 859 114.48 40.19 89.31
C CYS N 859 115.49 41.33 89.20
N GLU N 860 115.27 42.38 89.98
CA GLU N 860 116.26 43.42 90.18
C GLU N 860 117.48 42.86 90.92
N LYS N 861 118.67 43.40 90.70
CA LYS N 861 119.89 42.67 91.08
C LYS N 861 120.02 42.49 92.60
N THR N 862 119.69 43.53 93.36
CA THR N 862 119.46 43.50 94.81
C THR N 862 118.56 42.34 95.21
N VAL N 863 117.39 42.26 94.58
CA VAL N 863 116.39 41.23 94.82
C VAL N 863 116.99 39.86 94.55
N LEU N 864 117.53 39.70 93.36
CA LEU N 864 118.08 38.47 92.85
C LEU N 864 119.20 37.98 93.76
N LYS N 865 120.09 38.85 94.19
CA LYS N 865 121.25 38.44 94.99
C LYS N 865 120.78 37.85 96.28
N ARG N 866 119.81 38.50 96.92
CA ARG N 866 119.21 38.02 98.17
C ARG N 866 118.55 36.67 97.94
N VAL N 867 117.73 36.58 96.89
CA VAL N 867 117.07 35.33 96.51
C VAL N 867 118.12 34.23 96.32
N LEU N 868 119.16 34.52 95.56
CA LEU N 868 120.21 33.58 95.26
C LEU N 868 120.99 33.19 96.49
N LYS N 869 121.31 34.11 97.39
CA LYS N 869 122.04 33.76 98.62
C LYS N 869 121.25 32.77 99.43
N GLU N 870 119.97 33.08 99.60
CA GLU N 870 119.03 32.24 100.31
C GLU N 870 118.95 30.86 99.69
N LEU N 871 118.76 30.83 98.38
CA LEU N 871 118.77 29.59 97.62
C LEU N 871 120.10 28.86 97.74
N TRP N 872 121.21 29.57 97.64
CA TRP N 872 122.56 29.02 97.62
C TRP N 872 122.85 28.29 98.91
N LYS N 873 122.64 28.99 100.02
CA LYS N 873 122.70 28.44 101.35
C LYS N 873 121.86 27.18 101.41
N LEU N 874 120.58 27.31 101.06
CA LEU N 874 119.62 26.22 101.08
C LEU N 874 120.17 25.03 100.30
N VAL N 875 120.61 25.25 99.07
CA VAL N 875 121.16 24.24 98.18
C VAL N 875 122.37 23.59 98.82
N MET N 876 123.39 24.37 99.14
CA MET N 876 124.62 23.89 99.76
C MET N 876 124.36 23.01 100.94
N ASN N 877 123.53 23.49 101.85
CA ASN N 877 123.18 22.77 103.04
C ASN N 877 122.45 21.49 102.69
N THR N 878 121.52 21.56 101.73
CA THR N 878 120.78 20.41 101.26
C THR N 878 121.72 19.36 100.72
N MET N 879 122.68 19.71 99.89
CA MET N 879 123.64 18.75 99.36
C MET N 879 124.50 18.20 100.48
N GLU N 880 124.98 19.06 101.36
CA GLU N 880 125.85 18.64 102.41
C GLU N 880 125.20 17.58 103.27
N ARG N 881 123.96 17.83 103.65
CA ARG N 881 123.10 16.88 104.33
C ARG N 881 122.82 15.69 103.44
N THR N 882 121.99 15.89 102.44
CA THR N 882 121.36 14.87 101.60
C THR N 882 122.34 14.10 100.74
N ILE N 883 123.59 14.52 100.61
CA ILE N 883 124.55 13.88 99.71
C ILE N 883 125.89 13.64 100.37
N VAL N 884 126.45 14.59 101.13
CA VAL N 884 127.81 14.39 101.66
C VAL N 884 127.83 13.79 103.04
N LEU N 885 126.80 14.05 103.82
CA LEU N 885 126.54 13.30 105.03
C LEU N 885 125.22 12.57 104.81
N PRO N 886 125.13 11.80 103.71
CA PRO N 886 123.88 11.49 103.08
C PRO N 886 123.03 10.53 103.88
N PRO N 887 121.72 10.46 103.57
CA PRO N 887 120.91 9.30 103.90
C PRO N 887 121.52 8.04 103.27
N GLU N 888 122.02 8.09 102.02
CA GLU N 888 122.81 7.02 101.38
C GLU N 888 124.23 6.78 101.97
N PHE N 889 124.42 7.00 103.28
CA PHE N 889 125.52 6.41 104.05
C PHE N 889 125.14 6.19 105.52
N LEU N 890 125.00 7.23 106.35
CA LEU N 890 124.98 7.01 107.81
C LEU N 890 123.70 6.36 108.30
N SER N 891 122.57 6.63 107.64
CA SER N 891 121.29 5.94 107.91
C SER N 891 121.34 4.44 107.62
N LYS N 892 122.41 3.94 106.98
CA LYS N 892 122.73 2.51 106.93
C LYS N 892 123.69 2.08 108.05
N LEU N 893 124.85 2.72 108.17
CA LEU N 893 125.89 2.30 109.12
C LEU N 893 125.42 2.32 110.58
N LYS N 894 124.70 3.37 111.00
CA LYS N 894 124.16 3.46 112.38
C LYS N 894 122.84 2.72 112.57
N ASP N 895 122.38 1.98 111.55
CA ASP N 895 121.16 1.18 111.54
C ASP N 895 121.47 -0.33 111.48
N HIS N 896 120.44 -1.17 111.48
CA HIS N 896 120.53 -2.61 111.24
C HIS N 896 121.00 -2.97 109.82
N MET N 897 120.96 -1.99 108.92
CA MET N 897 121.52 -2.04 107.57
C MET N 897 123.06 -2.12 107.58
N VAL N 898 123.66 -2.05 106.40
CA VAL N 898 125.09 -2.27 106.18
C VAL N 898 125.97 -1.30 106.97
N ARG N 899 127.02 -1.83 107.62
CA ARG N 899 128.22 -1.15 108.15
C ARG N 899 128.98 -0.47 107.01
N GLU N 900 128.39 0.58 106.47
CA GLU N 900 128.62 0.97 105.09
C GLU N 900 130.07 1.32 104.79
N GLU N 901 130.35 1.15 103.51
CA GLU N 901 131.38 1.89 102.85
C GLU N 901 130.83 2.97 101.93
N ALA N 902 129.53 2.98 101.65
CA ALA N 902 128.90 3.53 100.44
C ALA N 902 129.64 3.07 99.16
N LYS N 903 130.15 1.83 99.25
CA LYS N 903 131.17 1.20 98.40
C LYS N 903 132.34 2.14 98.08
N SER N 904 132.87 2.71 99.15
CA SER N 904 134.04 3.60 99.29
C SER N 904 133.84 4.97 98.65
N LEU N 905 133.62 6.02 99.46
CA LEU N 905 133.64 7.44 99.03
C LEU N 905 135.08 7.92 98.78
N THR N 906 135.72 7.25 97.82
CA THR N 906 137.07 7.57 97.37
C THR N 906 137.10 8.90 96.63
N PRO N 907 138.30 9.33 96.24
CA PRO N 907 138.58 10.16 95.08
C PRO N 907 137.46 10.34 94.05
N LYS N 908 136.84 9.26 93.54
CA LYS N 908 135.85 9.41 92.49
C LYS N 908 134.60 10.19 92.86
N GLN N 909 133.91 9.83 93.94
CA GLN N 909 132.75 10.59 94.41
C GLN N 909 133.19 11.86 95.15
N CYS N 910 134.48 12.06 95.43
CA CYS N 910 134.99 13.36 95.87
C CYS N 910 135.06 14.32 94.66
N ALA N 911 135.72 13.89 93.59
CA ALA N 911 135.38 14.33 92.24
C ALA N 911 133.91 13.96 91.95
N VAL N 912 133.38 14.25 90.77
CA VAL N 912 131.94 14.17 90.48
C VAL N 912 131.21 15.25 91.24
N VAL N 913 131.18 15.16 92.56
CA VAL N 913 130.64 16.16 93.48
C VAL N 913 131.42 17.45 93.36
N GLU N 914 132.74 17.45 93.44
CA GLU N 914 133.50 18.70 93.31
C GLU N 914 133.24 19.38 91.96
N LEU N 915 133.10 18.59 90.90
CA LEU N 915 132.73 19.11 89.59
C LEU N 915 131.29 19.60 89.54
N ALA N 916 130.37 18.86 90.15
CA ALA N 916 128.97 19.22 90.23
C ALA N 916 128.82 20.53 91.01
N LEU N 917 129.49 20.63 92.17
CA LEU N 917 129.62 21.85 92.95
C LEU N 917 130.15 22.96 92.08
N ASP N 918 131.20 22.72 91.31
CA ASP N 918 131.72 23.77 90.45
C ASP N 918 130.69 24.19 89.42
N THR N 919 130.03 23.23 88.78
CA THR N 919 128.99 23.47 87.80
C THR N 919 127.88 24.33 88.37
N ILE N 920 127.42 23.94 89.55
CA ILE N 920 126.44 24.66 90.34
C ILE N 920 126.97 26.05 90.68
N LYS N 921 128.23 26.17 91.10
CA LYS N 921 128.86 27.44 91.46
C LYS N 921 128.93 28.35 90.26
N GLN N 922 129.22 27.82 89.08
CA GLN N 922 129.15 28.57 87.84
C GLN N 922 127.72 28.99 87.53
N TYR N 923 126.77 28.10 87.81
CA TYR N 923 125.35 28.36 87.65
C TYR N 923 124.85 29.49 88.55
N PHE N 924 125.07 29.39 89.86
CA PHE N 924 124.77 30.41 90.85
C PHE N 924 125.54 31.69 90.57
N HIS N 925 126.77 31.57 90.10
CA HIS N 925 127.55 32.73 89.72
C HIS N 925 126.94 33.41 88.49
N ALA N 926 126.47 32.62 87.53
CA ALA N 926 125.93 33.05 86.26
C ALA N 926 126.81 34.16 85.64
N GLY N 927 128.13 33.96 85.60
CA GLY N 927 129.07 34.96 85.06
C GLY N 927 129.08 36.30 85.81
N GLY N 928 128.70 36.35 87.08
CA GLY N 928 128.59 37.57 87.88
C GLY N 928 127.19 38.19 87.88
N VAL N 929 126.29 37.73 87.01
CA VAL N 929 124.86 38.11 87.05
C VAL N 929 124.21 37.60 88.34
N GLY N 930 124.63 36.42 88.77
CA GLY N 930 124.23 35.82 90.03
C GLY N 930 125.12 36.26 91.18
N LEU N 931 125.59 35.31 91.98
CA LEU N 931 126.44 35.58 93.15
C LEU N 931 127.92 35.75 92.79
N LYS N 932 128.65 36.46 93.65
CA LYS N 932 130.09 36.69 93.50
C LYS N 932 130.84 35.37 93.72
N LYS N 933 131.83 35.05 92.88
CA LYS N 933 132.72 33.90 93.13
C LYS N 933 133.40 33.98 94.48
N THR N 934 133.65 35.17 95.03
CA THR N 934 134.15 35.38 96.39
C THR N 934 133.20 34.83 97.44
N PHE N 935 131.94 35.27 97.47
CA PHE N 935 130.91 34.76 98.39
C PHE N 935 130.76 33.25 98.27
N LEU N 936 130.78 32.73 97.04
CA LEU N 936 130.62 31.30 96.80
C LEU N 936 131.84 30.53 97.31
N GLU N 937 133.06 30.94 96.95
CA GLU N 937 134.27 30.30 97.43
C GLU N 937 134.38 30.38 98.95
N LYS N 938 134.11 31.55 99.51
CA LYS N 938 134.08 31.79 100.94
C LYS N 938 132.69 31.51 101.53
N SER N 939 131.89 30.67 100.89
CA SER N 939 130.63 30.23 101.46
C SER N 939 130.95 29.20 102.52
N PRO N 940 130.53 29.42 103.78
CA PRO N 940 130.68 28.43 104.82
C PRO N 940 129.88 27.18 104.46
N ASP N 941 128.77 27.35 103.76
CA ASP N 941 127.93 26.30 103.24
C ASP N 941 128.76 25.39 102.31
N LEU N 942 129.53 25.99 101.42
CA LEU N 942 130.49 25.29 100.58
C LEU N 942 131.69 24.75 101.35
N GLN N 943 132.27 25.55 102.24
CA GLN N 943 133.51 25.21 102.93
C GLN N 943 133.29 24.07 103.92
N SER N 944 132.15 24.06 104.58
CA SER N 944 131.70 22.93 105.35
C SER N 944 131.53 21.73 104.43
N LEU N 945 130.85 21.91 103.29
CA LEU N 945 130.61 20.84 102.35
C LEU N 945 131.93 20.19 101.90
N ARG N 946 132.89 21.01 101.50
CA ARG N 946 134.29 20.65 101.24
C ARG N 946 134.94 19.97 102.45
N TYR N 947 134.71 20.47 103.63
CA TYR N 947 135.31 19.88 104.80
C TYR N 947 134.77 18.48 105.07
N ALA N 948 133.46 18.26 105.00
CA ALA N 948 132.88 16.93 105.14
C ALA N 948 133.45 15.99 104.08
N LEU N 949 133.57 16.47 102.83
CA LEU N 949 134.23 15.74 101.76
C LEU N 949 135.66 15.33 102.15
N SER N 950 136.41 16.20 102.83
CA SER N 950 137.76 15.87 103.26
C SER N 950 137.80 14.73 104.28
N LEU N 951 136.82 14.60 105.18
CA LEU N 951 136.80 13.51 106.16
C LEU N 951 136.91 12.17 105.45
N TYR N 952 136.16 12.00 104.37
CA TYR N 952 136.03 10.74 103.67
C TYR N 952 137.34 10.14 103.19
N THR N 953 138.32 10.97 102.84
CA THR N 953 139.61 10.52 102.34
C THR N 953 140.68 10.40 103.43
N GLN N 954 140.42 10.83 104.66
CA GLN N 954 141.46 10.97 105.69
C GLN N 954 142.12 9.66 106.14
N ALA N 955 143.29 9.83 106.74
CA ALA N 955 144.06 8.76 107.36
C ALA N 955 143.36 8.19 108.61
N THR N 956 143.58 6.91 108.84
CA THR N 956 143.00 6.15 109.94
C THR N 956 143.28 6.74 111.32
N ASP N 957 144.51 7.11 111.63
CA ASP N 957 144.83 7.68 112.95
C ASP N 957 144.20 9.05 113.15
N LEU N 958 144.16 9.89 112.10
CA LEU N 958 143.53 11.19 112.16
C LEU N 958 142.03 11.08 112.43
N LEU N 959 141.39 10.12 111.77
CA LEU N 959 140.02 9.72 112.01
C LEU N 959 139.84 9.23 113.46
N ILE N 960 140.66 8.29 113.92
CA ILE N 960 140.62 7.75 115.28
C ILE N 960 140.81 8.85 116.34
N LYS N 961 141.75 9.77 116.11
CA LYS N 961 141.96 10.95 116.96
C LYS N 961 140.70 11.80 117.02
N THR N 962 140.13 12.09 115.85
CA THR N 962 138.87 12.81 115.75
C THR N 962 137.78 12.10 116.54
N PHE N 963 137.71 10.78 116.46
CA PHE N 963 136.80 10.00 117.29
C PHE N 963 137.04 10.21 118.78
N VAL N 964 138.23 9.92 119.32
CA VAL N 964 138.44 10.03 120.79
C VAL N 964 138.21 11.44 121.28
N GLN N 965 138.66 12.45 120.54
CA GLN N 965 138.44 13.85 120.89
C GLN N 965 136.95 14.24 120.88
N THR N 966 136.18 13.73 119.92
CA THR N 966 134.74 14.03 119.81
C THR N 966 133.91 13.18 120.77
N GLN N 967 134.27 11.92 120.99
CA GLN N 967 133.60 11.01 121.91
C GLN N 967 133.97 11.25 123.38
N SER N 968 134.16 12.51 123.77
CA SER N 968 134.42 12.93 125.15
C SER N 968 133.40 12.40 126.16
N ALA N 969 132.15 12.23 125.72
CA ALA N 969 131.05 11.67 126.49
C ALA N 969 131.19 10.15 126.81
N GLN N 970 132.14 9.43 126.20
CA GLN N 970 132.46 8.05 126.56
C GLN N 970 133.20 7.98 127.90
N GLY N 971 132.44 8.12 128.98
CA GLY N 971 132.91 8.07 130.36
C GLY N 971 131.86 8.63 131.32
N SER N 972 131.31 9.81 130.99
CA SER N 972 130.18 10.40 131.71
C SER N 972 128.87 9.73 131.30
N GLY N 973 128.39 8.82 132.14
CA GLY N 973 127.14 8.09 131.96
C GLY N 973 127.29 6.79 131.17
N VAL N 974 126.79 5.71 131.76
CA VAL N 974 126.62 4.36 131.17
C VAL N 974 125.15 3.97 131.29
N GLU N 975 124.54 3.54 130.18
CA GLU N 975 123.19 2.99 130.23
C GLU N 975 123.20 1.53 130.74
N ASP N 976 122.48 1.27 131.84
CA ASP N 976 122.38 0.00 132.58
C ASP N 976 123.74 -0.69 132.91
N PRO N 977 124.44 -0.27 133.98
CA PRO N 977 125.71 -0.87 134.35
C PRO N 977 125.61 -2.33 134.83
N VAL N 978 126.55 -3.18 134.41
CA VAL N 978 126.67 -4.62 134.75
C VAL N 978 127.64 -4.94 135.90
N GLY N 979 128.05 -3.90 136.62
CA GLY N 979 129.10 -3.93 137.62
C GLY N 979 129.91 -2.65 137.51
N GLU N 980 131.02 -2.60 138.23
CA GLU N 980 131.98 -1.52 138.17
C GLU N 980 133.39 -1.99 138.50
N VAL N 981 134.41 -1.31 137.99
CA VAL N 981 135.82 -1.63 138.28
C VAL N 981 136.49 -0.47 138.99
N SER N 982 137.07 -0.76 140.15
CA SER N 982 137.98 0.15 140.83
C SER N 982 139.35 -0.02 140.19
N VAL N 983 139.76 1.00 139.47
CA VAL N 983 141.12 1.16 138.98
C VAL N 983 141.76 2.31 139.73
N HIS N 984 143.02 2.16 140.10
CA HIS N 984 143.89 3.30 140.37
C HIS N 984 144.85 3.46 139.21
N VAL N 985 144.75 4.57 138.50
CA VAL N 985 145.51 4.82 137.27
C VAL N 985 146.49 5.94 137.49
N GLU N 986 147.74 5.78 137.05
CA GLU N 986 148.76 6.82 137.10
C GLU N 986 149.27 7.14 135.70
N LEU N 987 149.03 8.37 135.23
CA LEU N 987 149.61 8.90 134.00
C LEU N 987 151.02 9.41 134.30
N PHE N 988 151.96 8.48 134.40
CA PHE N 988 153.37 8.84 134.37
C PHE N 988 153.78 9.24 132.95
N THR N 989 153.96 10.54 132.74
CA THR N 989 154.89 11.03 131.72
C THR N 989 156.23 10.38 132.06
N HIS N 990 156.59 9.40 131.25
CA HIS N 990 157.42 8.28 131.63
C HIS N 990 158.87 8.67 131.95
N PRO N 991 159.37 8.42 133.16
CA PRO N 991 160.70 8.89 133.57
C PRO N 991 161.86 8.25 132.79
N GLY N 992 161.66 7.06 132.19
CA GLY N 992 162.69 6.42 131.35
C GLY N 992 162.77 6.90 129.90
N THR N 993 161.76 7.63 129.38
CA THR N 993 161.68 7.95 127.92
C THR N 993 161.01 9.29 127.55
N GLY N 994 160.30 9.96 128.46
CA GLY N 994 159.52 11.18 128.16
C GLY N 994 158.24 10.95 127.33
N GLU N 995 157.92 9.69 126.99
CA GLU N 995 156.60 9.31 126.47
C GLU N 995 155.52 9.49 127.54
N GLN N 996 154.26 9.17 127.25
CA GLN N 996 153.28 8.93 128.32
C GLN N 996 153.02 7.45 128.48
N LYS N 997 153.18 6.98 129.72
CA LYS N 997 152.79 5.65 130.16
C LYS N 997 151.64 5.75 131.16
N VAL N 998 150.92 4.65 131.28
CA VAL N 998 149.69 4.58 132.07
C VAL N 998 149.76 3.37 132.98
N THR N 999 150.18 3.57 134.23
CA THR N 999 150.18 2.50 135.23
C THR N 999 148.74 2.29 135.68
N VAL N 1000 148.06 1.28 135.15
CA VAL N 1000 146.72 0.89 135.61
C VAL N 1000 146.86 -0.19 136.68
N LYS N 1001 146.74 0.18 137.95
CA LYS N 1001 146.55 -0.76 139.06
C LYS N 1001 145.08 -1.16 139.10
N VAL N 1002 144.77 -2.35 138.62
CA VAL N 1002 143.43 -2.93 138.76
C VAL N 1002 143.26 -3.31 140.22
N VAL N 1003 142.47 -2.52 140.96
CA VAL N 1003 142.26 -2.77 142.39
C VAL N 1003 141.27 -3.91 142.55
N ALA N 1004 140.07 -3.74 142.02
CA ALA N 1004 138.98 -4.69 142.20
C ALA N 1004 137.87 -4.48 141.18
N ALA N 1005 137.01 -5.46 141.00
CA ALA N 1005 135.66 -5.22 140.50
C ALA N 1005 134.61 -5.36 141.62
N ASN N 1006 133.39 -4.89 141.33
CA ASN N 1006 132.23 -4.90 142.22
C ASN N 1006 130.92 -5.03 141.43
N ASP N 1007 129.86 -5.53 142.07
CA ASP N 1007 128.51 -5.71 141.52
C ASP N 1007 128.46 -6.52 140.21
N LEU N 1008 129.42 -7.44 139.97
CA LEU N 1008 129.50 -8.20 138.73
C LEU N 1008 128.25 -9.05 138.50
N LYS N 1009 127.44 -8.68 137.49
CA LYS N 1009 126.26 -9.44 137.06
C LYS N 1009 126.71 -10.65 136.23
N TRP N 1010 127.25 -11.70 136.86
CA TRP N 1010 127.80 -12.88 136.17
C TRP N 1010 127.63 -14.20 136.95
N GLN N 1011 126.44 -14.49 137.47
CA GLN N 1011 126.18 -15.69 138.28
C GLN N 1011 126.16 -16.96 137.40
N THR N 1012 127.33 -17.39 136.94
CA THR N 1012 127.54 -18.45 135.95
C THR N 1012 127.36 -19.88 136.50
N SER N 1013 127.08 -20.83 135.61
CA SER N 1013 126.82 -22.25 135.90
C SER N 1013 128.09 -23.06 136.20
N GLY N 1014 129.19 -22.80 135.48
CA GLY N 1014 130.52 -23.25 135.87
C GLY N 1014 131.04 -22.47 137.09
N ILE N 1015 132.21 -22.82 137.61
CA ILE N 1015 132.88 -22.00 138.62
C ILE N 1015 133.25 -20.65 137.98
N PHE N 1016 132.78 -19.55 138.56
CA PHE N 1016 133.17 -18.22 138.12
C PHE N 1016 134.65 -17.97 138.46
N ARG N 1017 135.44 -17.45 137.52
CA ARG N 1017 136.88 -17.18 137.72
C ARG N 1017 137.26 -15.83 137.11
N PRO N 1018 136.68 -14.71 137.56
CA PRO N 1018 136.89 -13.42 136.92
C PRO N 1018 138.36 -12.98 136.96
N PHE N 1019 138.76 -12.34 135.88
CA PHE N 1019 139.96 -11.56 135.70
C PHE N 1019 139.57 -10.27 134.97
N ILE N 1020 140.42 -9.25 135.00
CA ILE N 1020 140.11 -7.99 134.34
C ILE N 1020 141.10 -7.77 133.22
N GLU N 1021 140.57 -7.66 132.01
CA GLU N 1021 141.28 -7.08 130.90
C GLU N 1021 141.22 -5.56 130.98
N VAL N 1022 142.30 -4.88 130.58
CA VAL N 1022 142.29 -3.45 130.33
C VAL N 1022 142.81 -3.21 128.92
N ASN N 1023 142.16 -2.33 128.17
CA ASN N 1023 142.60 -1.89 126.85
C ASN N 1023 142.91 -0.39 126.83
N ILE N 1024 143.72 0.06 125.88
CA ILE N 1024 143.92 1.47 125.55
C ILE N 1024 143.41 1.77 124.12
N VAL N 1025 142.72 2.89 123.95
CA VAL N 1025 142.22 3.39 122.66
C VAL N 1025 142.70 4.82 122.41
N GLY N 1026 143.02 5.10 121.14
CA GLY N 1026 143.54 6.37 120.64
C GLY N 1026 144.34 6.16 119.35
N PRO N 1027 144.85 7.25 118.75
CA PRO N 1027 145.67 7.18 117.55
C PRO N 1027 147.06 6.60 117.86
N GLN N 1028 147.75 6.12 116.83
CA GLN N 1028 149.11 5.55 116.91
C GLN N 1028 149.23 4.41 117.96
N LEU N 1029 148.39 3.38 117.86
CA LEU N 1029 148.43 2.17 118.73
C LEU N 1029 148.62 0.85 117.94
N SER N 1030 149.03 0.90 116.67
CA SER N 1030 149.32 -0.29 115.85
C SER N 1030 150.54 -1.09 116.34
N ASP N 1031 151.49 -0.41 116.97
CA ASP N 1031 152.81 -0.88 117.40
C ASP N 1031 152.90 -1.14 118.92
N LYS N 1032 151.85 -0.79 119.68
CA LYS N 1032 151.85 -0.77 121.14
C LYS N 1032 150.80 -1.71 121.72
N LYS N 1033 151.14 -2.29 122.87
CA LYS N 1033 150.32 -3.29 123.58
C LYS N 1033 148.98 -2.67 123.98
N ARG N 1034 147.97 -2.89 123.14
CA ARG N 1034 146.62 -2.35 123.34
C ARG N 1034 145.84 -3.00 124.47
N LYS N 1035 146.33 -4.10 125.04
CA LYS N 1035 145.61 -4.96 126.00
C LYS N 1035 146.51 -5.50 127.13
N PHE N 1036 145.98 -5.65 128.33
CA PHE N 1036 146.54 -6.38 129.48
C PHE N 1036 145.45 -7.23 130.15
N ALA N 1037 145.81 -8.21 130.97
CA ALA N 1037 144.87 -8.98 131.78
C ALA N 1037 145.44 -9.43 133.14
N THR N 1038 144.61 -9.44 134.19
CA THR N 1038 145.02 -9.87 135.54
C THR N 1038 145.09 -11.41 135.65
N LYS N 1039 145.62 -11.95 136.75
CA LYS N 1039 145.28 -13.31 137.19
C LYS N 1039 143.77 -13.40 137.45
N SER N 1040 143.24 -14.62 137.47
CA SER N 1040 141.86 -14.91 137.86
C SER N 1040 141.67 -15.04 139.38
N LYS N 1041 140.44 -14.85 139.87
CA LYS N 1041 140.02 -15.12 141.26
C LYS N 1041 138.82 -16.06 141.29
N ASN N 1042 138.87 -17.13 142.06
CA ASN N 1042 137.79 -18.12 142.10
C ASN N 1042 136.55 -17.57 142.82
N ASN N 1043 135.38 -17.88 142.26
CA ASN N 1043 134.06 -17.80 142.89
C ASN N 1043 133.80 -16.45 143.61
N SER N 1044 133.98 -15.33 142.90
CA SER N 1044 134.05 -14.01 143.53
C SER N 1044 133.52 -12.88 142.65
N TRP N 1045 132.34 -12.34 142.95
CA TRP N 1045 131.67 -11.26 142.20
C TRP N 1045 132.02 -9.83 142.62
N ALA N 1046 132.84 -9.68 143.67
CA ALA N 1046 133.58 -8.45 143.95
C ALA N 1046 135.10 -8.73 144.08
N PRO N 1047 135.74 -9.29 143.03
CA PRO N 1047 137.10 -9.79 143.10
C PRO N 1047 138.12 -8.65 143.17
N LYS N 1048 139.08 -8.77 144.09
CA LYS N 1048 140.27 -7.91 144.14
C LYS N 1048 141.39 -8.49 143.30
N TYR N 1049 142.32 -7.65 142.87
CA TYR N 1049 143.49 -8.07 142.07
C TYR N 1049 144.76 -7.40 142.59
N ASN N 1050 144.74 -6.07 142.71
CA ASN N 1050 145.91 -5.28 143.05
C ASN N 1050 147.09 -5.52 142.08
N GLU N 1051 146.77 -5.74 140.81
CA GLU N 1051 147.73 -6.04 139.74
C GLU N 1051 147.93 -4.82 138.84
N SER N 1052 149.19 -4.51 138.55
CA SER N 1052 149.57 -3.27 137.86
C SER N 1052 150.04 -3.53 136.43
N PHE N 1053 149.37 -2.89 135.48
CA PHE N 1053 149.70 -2.87 134.05
C PHE N 1053 150.37 -1.57 133.65
N GLN N 1054 151.04 -1.52 132.51
CA GLN N 1054 151.72 -0.34 132.01
C GLN N 1054 151.54 -0.19 130.49
N PHE N 1055 150.48 0.49 130.07
CA PHE N 1055 150.31 0.89 128.67
C PHE N 1055 151.32 1.95 128.28
N SER N 1056 151.61 2.03 126.98
CA SER N 1056 152.29 3.16 126.37
C SER N 1056 151.35 3.89 125.41
N LEU N 1057 151.19 5.20 125.59
CA LEU N 1057 150.53 6.09 124.62
C LEU N 1057 151.50 6.45 123.49
N SER N 1058 151.06 7.21 122.48
CA SER N 1058 152.04 7.91 121.64
C SER N 1058 152.76 9.02 122.43
N ALA N 1059 153.97 9.37 122.02
CA ALA N 1059 154.61 10.61 122.45
C ALA N 1059 153.92 11.85 121.86
N ASP N 1060 153.49 11.80 120.59
CA ASP N 1060 153.00 12.98 119.87
C ASP N 1060 151.56 13.35 120.26
N ALA N 1061 150.64 12.39 120.25
CA ALA N 1061 149.28 12.59 120.71
C ALA N 1061 149.23 12.77 122.24
N GLY N 1062 148.55 13.80 122.71
CA GLY N 1062 148.38 14.06 124.14
C GLY N 1062 147.40 13.07 124.79
N PRO N 1063 147.33 13.01 126.12
CA PRO N 1063 146.49 12.04 126.83
C PRO N 1063 145.00 12.26 126.54
N GLU N 1064 144.58 13.45 126.17
CA GLU N 1064 143.22 13.73 125.70
C GLU N 1064 142.89 13.10 124.33
N CYS N 1065 143.89 12.62 123.60
CA CYS N 1065 143.68 11.75 122.44
C CYS N 1065 143.46 10.29 122.83
N TYR N 1066 143.44 9.97 124.13
CA TYR N 1066 143.37 8.60 124.61
C TYR N 1066 142.29 8.39 125.68
N GLU N 1067 141.96 7.12 125.82
CA GLU N 1067 140.99 6.60 126.77
C GLU N 1067 141.32 5.13 127.03
N LEU N 1068 141.29 4.72 128.29
CA LEU N 1068 141.27 3.30 128.63
C LEU N 1068 139.88 2.74 128.34
N GLN N 1069 139.82 1.48 127.95
CA GLN N 1069 138.58 0.73 127.75
C GLN N 1069 138.70 -0.60 128.52
N VAL N 1070 138.25 -0.56 129.79
CA VAL N 1070 138.33 -1.65 130.75
C VAL N 1070 137.28 -2.73 130.46
N CYS N 1071 137.61 -4.01 130.63
CA CYS N 1071 136.71 -5.11 130.36
C CYS N 1071 136.92 -6.30 131.31
N VAL N 1072 135.95 -6.58 132.18
CA VAL N 1072 136.01 -7.76 133.05
C VAL N 1072 135.70 -9.02 132.24
N LYS N 1073 136.35 -10.13 132.55
CA LYS N 1073 136.19 -11.41 131.86
C LYS N 1073 136.21 -12.61 132.80
N ASP N 1074 135.55 -13.69 132.42
CA ASP N 1074 135.51 -14.96 133.18
C ASP N 1074 136.50 -15.97 132.59
N TYR N 1075 137.49 -16.43 133.36
CA TYR N 1075 138.53 -17.34 132.88
C TYR N 1075 138.06 -18.79 132.80
N CYS N 1076 138.20 -19.42 131.64
CA CYS N 1076 137.84 -20.82 131.43
C CYS N 1076 138.94 -21.55 130.61
N PHE N 1077 140.00 -22.04 131.27
CA PHE N 1077 141.08 -22.80 130.61
C PHE N 1077 140.55 -24.03 129.88
N ALA N 1078 141.23 -24.40 128.78
CA ALA N 1078 140.82 -25.37 127.77
C ALA N 1078 139.51 -25.04 127.00
N ARG N 1079 138.56 -24.34 127.64
CA ARG N 1079 137.38 -23.72 127.02
C ARG N 1079 137.73 -22.34 126.47
N GLU N 1080 136.91 -21.33 126.78
CA GLU N 1080 136.98 -19.95 126.28
C GLU N 1080 136.63 -18.94 127.38
N ASP N 1081 137.36 -17.83 127.45
CA ASP N 1081 137.06 -16.75 128.40
C ASP N 1081 135.91 -15.85 127.91
N ARG N 1082 135.16 -15.21 128.82
CA ARG N 1082 133.88 -14.53 128.48
C ARG N 1082 133.76 -13.08 129.00
N THR N 1083 133.36 -12.10 128.17
CA THR N 1083 133.20 -10.68 128.55
C THR N 1083 132.04 -10.46 129.50
N VAL N 1084 132.36 -9.94 130.68
CA VAL N 1084 131.43 -9.60 131.75
C VAL N 1084 130.94 -8.14 131.69
N GLY N 1085 131.69 -7.21 131.10
CA GLY N 1085 131.25 -5.82 130.91
C GLY N 1085 132.37 -4.93 130.36
N LEU N 1086 132.07 -3.68 129.98
CA LEU N 1086 133.04 -2.73 129.40
C LEU N 1086 132.90 -1.32 129.99
N ALA N 1087 133.97 -0.60 130.34
CA ALA N 1087 133.92 0.81 130.76
C ALA N 1087 134.99 1.66 130.09
N VAL N 1088 134.71 2.92 129.78
CA VAL N 1088 135.71 3.84 129.19
C VAL N 1088 136.15 4.88 130.21
N LEU N 1089 137.46 5.02 130.42
CA LEU N 1089 138.08 6.05 131.23
C LEU N 1089 138.89 6.98 130.32
N GLN N 1090 138.43 8.21 130.15
CA GLN N 1090 139.09 9.21 129.32
C GLN N 1090 140.42 9.64 129.94
N LEU N 1091 141.53 9.50 129.21
CA LEU N 1091 142.82 9.95 129.72
C LEU N 1091 142.99 11.47 129.70
N ARG N 1092 142.06 12.22 129.09
CA ARG N 1092 141.91 13.67 129.31
C ARG N 1092 141.72 14.02 130.80
N GLU N 1093 141.04 13.19 131.58
CA GLU N 1093 140.88 13.41 133.03
C GLU N 1093 142.21 13.24 133.77
N LEU N 1094 142.89 12.14 133.47
CA LEU N 1094 144.18 11.81 134.07
C LEU N 1094 145.30 12.77 133.65
N ALA N 1095 145.18 13.44 132.51
CA ALA N 1095 146.03 14.57 132.13
C ALA N 1095 146.05 15.66 133.22
N GLN N 1096 144.88 15.94 133.81
CA GLN N 1096 144.72 16.90 134.91
C GLN N 1096 145.05 16.24 136.25
N ARG N 1097 144.43 15.08 136.52
CA ARG N 1097 144.49 14.42 137.83
C ARG N 1097 145.88 13.86 138.14
N GLY N 1098 146.67 13.53 137.12
CA GLY N 1098 147.98 12.88 137.21
C GLY N 1098 147.87 11.41 137.61
N SER N 1099 147.09 11.12 138.64
CA SER N 1099 146.59 9.78 138.96
C SER N 1099 145.16 9.84 139.46
N ALA N 1100 144.43 8.74 139.33
CA ALA N 1100 143.01 8.65 139.63
C ALA N 1100 142.63 7.25 140.12
N ALA N 1101 142.19 7.17 141.37
CA ALA N 1101 141.38 6.07 141.85
C ALA N 1101 139.92 6.32 141.44
N CYS N 1102 139.33 5.45 140.63
CA CYS N 1102 137.97 5.65 140.11
C CYS N 1102 137.19 4.34 140.00
N TRP N 1103 135.90 4.39 140.36
CA TRP N 1103 134.92 3.35 140.05
C TRP N 1103 134.33 3.57 138.66
N LEU N 1104 134.74 2.73 137.72
CA LEU N 1104 134.26 2.75 136.35
C LEU N 1104 133.01 1.86 136.21
N PRO N 1105 131.79 2.42 136.06
CA PRO N 1105 130.61 1.61 135.78
C PRO N 1105 130.77 0.86 134.45
N LEU N 1106 130.69 -0.47 134.50
CA LEU N 1106 130.76 -1.32 133.32
C LEU N 1106 129.44 -1.22 132.56
N GLY N 1107 129.44 -0.70 131.35
CA GLY N 1107 128.34 -0.87 130.41
C GLY N 1107 128.37 -2.22 129.70
N ARG N 1108 127.27 -2.51 129.00
CA ARG N 1108 127.18 -3.62 128.02
C ARG N 1108 127.73 -3.20 126.65
N ARG N 1109 127.61 -1.91 126.30
CA ARG N 1109 128.16 -1.24 125.10
C ARG N 1109 128.67 0.18 125.44
N ILE N 1110 129.30 0.83 124.45
CA ILE N 1110 129.89 2.18 124.56
C ILE N 1110 129.14 3.17 123.64
N HIS N 1111 128.70 4.31 124.18
CA HIS N 1111 127.83 5.27 123.48
C HIS N 1111 128.57 6.17 122.48
N MET N 1112 127.93 6.62 121.40
CA MET N 1112 128.54 7.47 120.35
C MET N 1112 127.65 8.63 119.92
N ASP N 1113 128.28 9.62 119.29
CA ASP N 1113 127.64 10.73 118.59
C ASP N 1113 127.84 10.63 117.08
N ASP N 1114 127.21 11.55 116.34
CA ASP N 1114 127.23 11.62 114.88
C ASP N 1114 128.64 11.72 114.27
N THR N 1115 129.62 12.18 115.02
CA THR N 1115 130.99 12.38 114.57
C THR N 1115 131.81 11.16 114.92
N GLY N 1116 131.50 10.51 116.03
CA GLY N 1116 131.91 9.14 116.26
C GLY N 1116 131.43 8.26 115.12
N LEU N 1117 130.16 8.39 114.75
CA LEU N 1117 129.53 7.63 113.68
C LEU N 1117 130.01 8.04 112.28
N THR N 1118 130.21 9.33 111.96
CA THR N 1118 130.79 9.76 110.66
C THR N 1118 132.19 9.20 110.53
N VAL N 1119 133.00 9.30 111.59
CA VAL N 1119 134.32 8.69 111.58
C VAL N 1119 134.23 7.18 111.45
N LEU N 1120 133.36 6.50 112.20
CA LEU N 1120 133.20 5.04 112.13
C LEU N 1120 132.73 4.60 110.74
N ARG N 1121 131.92 5.40 110.01
CA ARG N 1121 131.56 5.17 108.59
C ARG N 1121 132.74 5.30 107.64
N ILE N 1122 133.73 6.11 107.97
CA ILE N 1122 134.93 6.33 107.17
C ILE N 1122 136.02 5.31 107.53
N LEU N 1123 136.12 4.92 108.78
CA LEU N 1123 136.96 3.82 109.25
C LEU N 1123 136.41 2.44 108.82
N SER N 1124 135.09 2.29 108.75
CA SER N 1124 134.49 1.08 108.21
C SER N 1124 134.74 0.97 106.70
N GLN N 1125 134.87 2.08 105.97
CA GLN N 1125 135.42 2.06 104.60
C GLN N 1125 136.85 1.56 104.51
N ARG N 1126 137.64 1.76 105.55
CA ARG N 1126 138.97 1.18 105.66
C ARG N 1126 138.85 -0.23 106.25
N SER N 1127 137.92 -1.03 105.69
CA SER N 1127 137.60 -2.40 106.11
C SER N 1127 138.78 -3.36 106.08
N ASN N 1128 139.85 -3.05 105.34
CA ASN N 1128 141.09 -3.84 105.24
C ASN N 1128 142.20 -3.35 106.18
N ASP N 1129 142.18 -2.09 106.61
CA ASP N 1129 143.19 -1.53 107.51
C ASP N 1129 143.03 -2.19 108.88
N GLU N 1130 144.08 -2.83 109.38
CA GLU N 1130 143.99 -3.58 110.63
C GLU N 1130 143.77 -2.69 111.85
N VAL N 1131 144.25 -1.45 111.84
CA VAL N 1131 143.95 -0.49 112.90
C VAL N 1131 142.50 -0.05 112.80
N ALA N 1132 142.00 0.26 111.59
CA ALA N 1132 140.61 0.66 111.41
C ALA N 1132 139.65 -0.50 111.70
N LYS N 1133 139.95 -1.72 111.27
CA LYS N 1133 139.26 -2.94 111.70
C LYS N 1133 139.24 -3.07 113.22
N GLU N 1134 140.40 -3.08 113.88
CA GLU N 1134 140.47 -3.27 115.34
C GLU N 1134 139.81 -2.12 116.10
N PHE N 1135 139.84 -0.90 115.57
CA PHE N 1135 139.10 0.22 116.14
C PHE N 1135 137.59 0.04 115.99
N VAL N 1136 137.11 -0.18 114.75
CA VAL N 1136 135.69 -0.41 114.44
C VAL N 1136 135.17 -1.62 115.23
N LYS N 1137 135.98 -2.66 115.39
CA LYS N 1137 135.71 -3.81 116.27
C LYS N 1137 135.68 -3.40 117.74
N LEU N 1138 136.75 -2.84 118.31
CA LEU N 1138 136.82 -2.50 119.73
C LEU N 1138 135.75 -1.49 120.17
N LYS N 1139 135.25 -0.63 119.26
CA LYS N 1139 134.12 0.26 119.53
C LYS N 1139 132.75 -0.33 119.25
N SER N 1140 132.65 -1.33 118.39
CA SER N 1140 131.46 -2.18 118.28
C SER N 1140 131.54 -3.40 119.23
N ASP N 1141 132.48 -3.40 120.19
CA ASP N 1141 132.67 -4.45 121.18
C ASP N 1141 131.62 -4.36 122.29
N THR N 1142 131.01 -5.49 122.65
CA THR N 1142 129.88 -5.55 123.59
C THR N 1142 129.91 -6.80 124.46
N ARG N 1143 129.29 -6.71 125.64
CA ARG N 1143 129.07 -7.83 126.55
C ARG N 1143 127.96 -8.75 126.03
N SER N 1144 128.15 -10.08 126.10
CA SER N 1144 127.06 -11.06 126.00
C SER N 1144 126.14 -10.97 127.23
N ALA N 1145 124.83 -10.91 127.03
CA ALA N 1145 123.88 -10.67 128.12
C ALA N 1145 123.77 -11.84 129.13
N GLU N 1146 124.26 -13.02 128.76
CA GLU N 1146 124.21 -14.23 129.60
C GLU N 1146 124.94 -14.05 130.94
N GLU N 1147 124.51 -14.79 131.95
CA GLU N 1147 124.89 -14.62 133.36
C GLU N 1147 124.48 -13.27 134.00
N GLY N 1148 123.79 -12.36 133.28
CA GLY N 1148 123.49 -11.00 133.79
C GLY N 1148 122.44 -10.15 133.03
N GLY N 1149 121.30 -10.71 132.65
CA GLY N 1149 120.04 -9.95 132.49
C GLY N 1149 119.81 -9.09 131.22
N ALA N 1150 119.45 -7.82 131.44
CA ALA N 1150 118.76 -6.94 130.48
C ALA N 1150 119.57 -6.49 129.24
N ALA N 1151 118.92 -5.72 128.36
CA ALA N 1151 119.48 -5.23 127.10
C ALA N 1151 120.36 -3.95 127.23
N PRO N 1152 121.32 -3.71 126.32
CA PRO N 1152 122.04 -2.44 126.16
C PRO N 1152 121.14 -1.30 125.65
N ALA N 1153 121.69 -0.08 125.63
CA ALA N 1153 121.07 1.09 125.00
C ALA N 1153 122.12 1.97 124.28
N PRO N 1154 121.74 2.67 123.19
CA PRO N 1154 122.66 3.35 122.28
C PRO N 1154 123.52 4.42 122.97
N GLU O 23 108.33 149.24 22.94
CA GLU O 23 107.16 150.17 23.00
C GLU O 23 106.37 150.21 21.70
N GLU O 24 107.00 150.57 20.58
CA GLU O 24 106.38 150.64 19.23
C GLU O 24 105.45 149.46 18.91
N LEU O 25 105.96 148.23 18.95
CA LEU O 25 105.17 147.02 18.74
C LEU O 25 104.04 146.87 19.76
N LYS O 26 104.31 147.14 21.05
CA LYS O 26 103.30 147.04 22.10
C LYS O 26 102.12 147.98 21.86
N ASN O 27 102.37 149.22 21.52
CA ASN O 27 101.31 150.17 21.22
C ASN O 27 100.60 149.86 19.89
N HIS O 28 101.35 149.48 18.86
CA HIS O 28 100.83 148.97 17.60
C HIS O 28 99.87 147.79 17.81
N VAL O 29 100.29 146.82 18.62
CA VAL O 29 99.52 145.63 18.95
C VAL O 29 98.36 145.97 19.87
N TYR O 30 98.50 146.88 20.83
CA TYR O 30 97.38 147.39 21.62
C TYR O 30 96.27 147.87 20.70
N LYS O 31 96.61 148.79 19.79
CA LYS O 31 95.71 149.37 18.79
C LYS O 31 95.09 148.31 17.89
N LYS O 32 95.90 147.39 17.35
CA LYS O 32 95.42 146.30 16.50
C LYS O 32 94.61 145.25 17.23
N THR O 33 94.81 145.10 18.53
CA THR O 33 94.00 144.23 19.38
C THR O 33 92.66 144.90 19.67
N LEU O 34 92.67 146.19 20.02
CA LEU O 34 91.45 146.97 20.16
C LEU O 34 90.63 146.95 18.87
N GLN O 35 91.23 147.23 17.72
CA GLN O 35 90.54 147.13 16.43
C GLN O 35 90.07 145.70 16.14
N ALA O 36 90.89 144.69 16.45
CA ALA O 36 90.56 143.30 16.14
C ALA O 36 89.31 142.80 16.87
N LEU O 37 89.08 143.30 18.09
CA LEU O 37 88.06 142.82 18.98
C LEU O 37 86.89 143.78 19.19
N ILE O 38 86.98 145.06 18.82
CA ILE O 38 85.84 145.97 18.88
C ILE O 38 84.77 145.57 17.87
N TYR O 39 85.17 145.34 16.62
CA TYR O 39 84.44 144.50 15.70
C TYR O 39 85.19 143.18 15.65
N PRO O 40 84.89 142.22 16.55
CA PRO O 40 85.51 140.91 16.45
C PRO O 40 85.16 140.31 15.08
N ILE O 41 86.07 139.58 14.44
CA ILE O 41 85.77 138.95 13.14
C ILE O 41 84.58 137.98 13.24
N SER O 42 84.25 137.52 14.44
CA SER O 42 83.05 136.74 14.74
C SER O 42 81.72 137.50 14.57
N CYS O 43 81.73 138.80 14.24
CA CYS O 43 80.53 139.52 13.78
C CYS O 43 80.05 139.13 12.36
N THR O 44 80.94 138.56 11.54
CA THR O 44 80.79 138.51 10.07
C THR O 44 79.95 137.34 9.55
N THR O 45 79.42 137.50 8.33
CA THR O 45 78.50 136.57 7.62
C THR O 45 79.06 136.16 6.26
N PRO O 46 78.86 134.92 5.77
CA PRO O 46 79.41 134.46 4.48
C PRO O 46 78.45 134.61 3.30
N HIS O 47 78.98 134.88 2.10
CA HIS O 47 78.18 135.04 0.88
C HIS O 47 77.80 133.69 0.27
N ASN O 48 76.52 133.34 0.31
CA ASN O 48 75.97 132.20 -0.42
C ASN O 48 75.81 132.50 -1.93
N PHE O 49 76.88 132.38 -2.71
CA PHE O 49 76.83 132.55 -4.16
C PHE O 49 76.26 131.36 -4.93
N GLU O 50 75.29 131.64 -5.79
CA GLU O 50 74.96 130.82 -6.95
C GLU O 50 75.71 131.34 -8.19
N VAL O 51 76.12 130.42 -9.07
CA VAL O 51 76.45 130.78 -10.45
C VAL O 51 75.20 131.33 -11.11
N TRP O 52 75.31 132.48 -11.76
CA TRP O 52 74.19 133.09 -12.45
C TRP O 52 74.63 133.67 -13.79
N THR O 53 73.92 133.28 -14.84
CA THR O 53 74.11 133.83 -16.18
C THR O 53 73.51 135.23 -16.25
N ALA O 54 74.34 136.22 -16.56
CA ALA O 54 73.86 137.53 -17.01
C ALA O 54 73.30 137.39 -18.44
N THR O 55 72.10 136.81 -18.57
CA THR O 55 71.39 136.55 -19.86
C THR O 55 71.08 137.84 -20.66
N THR O 56 71.35 139.00 -20.05
CA THR O 56 71.45 140.34 -20.65
C THR O 56 72.72 141.06 -20.14
N PRO O 57 73.31 142.01 -20.90
CA PRO O 57 74.46 142.79 -20.45
C PRO O 57 74.24 143.44 -19.07
N THR O 58 75.09 143.11 -18.10
CA THR O 58 74.95 143.47 -16.68
C THR O 58 76.31 143.92 -16.13
N TYR O 59 76.35 144.69 -15.04
CA TYR O 59 77.59 145.28 -14.53
C TYR O 59 77.83 144.91 -13.06
N CYS O 60 79.03 144.40 -12.79
CA CYS O 60 79.40 143.78 -11.53
C CYS O 60 79.36 144.74 -10.33
N TYR O 61 78.70 144.37 -9.23
CA TYR O 61 78.60 145.25 -8.05
C TYR O 61 79.92 145.50 -7.33
N GLU O 62 81.00 144.78 -7.68
CA GLU O 62 82.35 145.17 -7.32
C GLU O 62 82.95 146.15 -8.34
N CYS O 63 83.33 145.64 -9.51
CA CYS O 63 84.15 146.37 -10.48
C CYS O 63 83.38 147.22 -11.49
N GLU O 64 82.05 147.14 -11.52
CA GLU O 64 81.18 147.68 -12.56
C GLU O 64 81.51 147.15 -13.99
N GLY O 65 82.27 146.06 -14.09
CA GLY O 65 82.69 145.42 -15.34
C GLY O 65 81.60 144.52 -15.94
N LEU O 66 81.65 144.31 -17.25
CA LEU O 66 80.63 143.60 -18.01
C LEU O 66 80.52 142.11 -17.64
N LEU O 67 79.31 141.75 -17.25
CA LEU O 67 78.77 140.40 -17.16
C LEU O 67 77.83 140.22 -18.35
N TRP O 68 78.01 139.18 -19.15
CA TRP O 68 77.21 138.99 -20.35
C TRP O 68 77.22 137.54 -20.83
N GLY O 69 76.02 136.99 -21.01
CA GLY O 69 75.76 135.66 -21.54
C GLY O 69 76.44 134.57 -20.72
N ILE O 70 76.63 133.43 -21.37
CA ILE O 70 77.50 132.38 -20.87
C ILE O 70 78.98 132.83 -20.95
N ALA O 71 79.33 133.68 -21.92
CA ALA O 71 80.70 134.17 -22.17
C ALA O 71 81.35 134.85 -20.96
N ARG O 72 80.57 135.65 -20.24
CA ARG O 72 80.97 136.36 -19.01
C ARG O 72 79.86 136.23 -17.96
N GLN O 73 79.62 135.00 -17.48
CA GLN O 73 78.74 134.72 -16.32
C GLN O 73 79.16 135.51 -15.08
N GLY O 74 78.21 135.68 -14.15
CA GLY O 74 78.48 136.18 -12.82
C GLY O 74 78.15 135.17 -11.71
N MET O 75 78.30 135.65 -10.49
CA MET O 75 77.79 135.04 -9.28
C MET O 75 76.72 135.96 -8.73
N ARG O 76 75.57 135.38 -8.41
CA ARG O 76 74.50 136.06 -7.67
C ARG O 76 74.50 135.44 -6.29
N CYS O 77 74.79 136.20 -5.24
CA CYS O 77 74.52 135.68 -3.90
C CYS O 77 73.02 135.57 -3.70
N THR O 78 72.55 134.67 -2.83
CA THR O 78 71.19 134.70 -2.31
C THR O 78 71.10 135.61 -1.09
N GLU O 79 71.93 135.36 -0.08
CA GLU O 79 71.89 136.01 1.23
C GLU O 79 72.25 137.50 1.09
N CYS O 80 73.45 137.80 0.57
CA CYS O 80 73.73 139.15 0.13
C CYS O 80 73.13 139.48 -1.23
N GLY O 81 72.48 138.57 -1.96
CA GLY O 81 71.81 138.88 -3.23
C GLY O 81 72.72 139.27 -4.42
N VAL O 82 73.99 139.53 -4.10
CA VAL O 82 74.89 140.43 -4.82
C VAL O 82 75.34 139.86 -6.18
N LYS O 83 75.31 140.68 -7.23
CA LYS O 83 75.59 140.25 -8.62
C LYS O 83 76.97 140.75 -9.01
N CYS O 84 77.86 139.85 -9.39
CA CYS O 84 79.27 140.17 -9.62
C CYS O 84 79.92 139.21 -10.60
N HIS O 85 81.11 139.52 -11.11
CA HIS O 85 81.94 138.49 -11.75
C HIS O 85 82.19 137.34 -10.77
N GLU O 86 82.49 136.16 -11.29
CA GLU O 86 83.18 135.14 -10.51
C GLU O 86 84.48 135.68 -9.92
N LYS O 87 85.36 136.24 -10.75
CA LYS O 87 86.59 136.88 -10.27
C LYS O 87 86.36 138.04 -9.29
N CYS O 88 85.13 138.57 -9.21
CA CYS O 88 84.75 139.59 -8.24
C CYS O 88 84.02 139.07 -7.02
N GLN O 89 83.48 137.86 -7.00
CA GLN O 89 82.63 137.43 -5.89
C GLN O 89 83.38 137.38 -4.55
N ASP O 90 84.71 137.32 -4.61
CA ASP O 90 85.62 137.43 -3.49
C ASP O 90 86.16 138.87 -3.30
N LEU O 91 86.31 139.63 -4.39
CA LEU O 91 86.70 141.04 -4.35
C LEU O 91 85.58 141.93 -3.77
N LEU O 92 84.34 141.44 -3.78
CA LEU O 92 83.28 141.91 -2.90
C LEU O 92 83.70 141.68 -1.43
N ASN O 93 84.44 142.64 -0.87
CA ASN O 93 85.25 142.45 0.32
C ASN O 93 84.46 142.25 1.63
N ALA O 94 83.39 143.02 1.85
CA ALA O 94 82.71 143.07 3.15
C ALA O 94 81.79 141.85 3.36
N ASP O 95 81.43 141.58 4.62
CA ASP O 95 80.66 140.38 4.97
C ASP O 95 79.27 140.34 4.32
N CYS O 96 78.57 139.21 4.44
CA CYS O 96 77.28 139.05 3.81
C CYS O 96 76.20 139.98 4.38
N LEU O 97 76.28 140.43 5.64
CA LEU O 97 75.47 141.57 6.07
C LEU O 97 75.78 142.79 5.21
N GLN O 98 77.03 143.26 5.24
CA GLN O 98 77.42 144.47 4.54
C GLN O 98 77.15 144.38 3.03
N ARG O 99 77.50 143.27 2.36
CA ARG O 99 77.18 143.08 0.94
C ARG O 99 75.70 142.82 0.68
N ALA O 100 74.89 142.34 1.64
CA ALA O 100 73.44 142.37 1.49
C ALA O 100 72.95 143.82 1.46
N ALA O 101 73.54 144.68 2.30
CA ALA O 101 73.32 146.12 2.25
C ALA O 101 73.77 146.74 0.92
N GLU O 102 74.99 146.48 0.46
CA GLU O 102 75.49 147.04 -0.80
C GLU O 102 74.73 146.51 -2.03
N LYS O 103 74.38 145.22 -2.09
CA LYS O 103 73.42 144.69 -3.07
C LYS O 103 72.10 145.44 -3.02
N SER O 104 71.56 145.65 -1.82
CA SER O 104 70.28 146.35 -1.69
C SER O 104 70.39 147.77 -2.24
N SER O 105 71.51 148.47 -2.02
CA SER O 105 71.72 149.78 -2.65
C SER O 105 71.84 149.72 -4.18
N LYS O 106 72.38 148.63 -4.76
CA LYS O 106 72.56 148.44 -6.21
C LYS O 106 71.35 147.82 -6.93
N HIS O 107 70.45 147.18 -6.18
CA HIS O 107 69.08 146.86 -6.61
C HIS O 107 68.13 148.07 -6.43
N GLY O 108 68.24 148.86 -5.35
CA GLY O 108 67.51 150.12 -5.16
C GLY O 108 67.55 150.74 -3.75
N ALA O 109 67.35 149.95 -2.69
CA ALA O 109 67.30 150.41 -1.29
C ALA O 109 68.69 150.77 -0.72
N GLU O 110 69.09 152.04 -0.84
CA GLU O 110 70.31 152.57 -0.21
C GLU O 110 70.22 152.59 1.33
N ASP O 111 69.03 152.76 1.88
CA ASP O 111 68.79 152.91 3.32
C ASP O 111 69.29 151.70 4.13
N ARG O 112 69.27 150.51 3.51
CA ARG O 112 69.85 149.27 4.04
C ARG O 112 71.34 149.46 4.40
N THR O 113 72.08 150.23 3.61
CA THR O 113 73.50 150.53 3.89
C THR O 113 73.64 151.28 5.21
N GLN O 114 72.86 152.34 5.43
CA GLN O 114 72.82 153.04 6.72
C GLN O 114 72.36 152.13 7.87
N ASN O 115 71.38 151.27 7.61
CA ASN O 115 70.99 150.24 8.55
C ASN O 115 72.17 149.34 8.94
N ILE O 116 72.99 148.84 8.00
CA ILE O 116 74.08 147.92 8.36
C ILE O 116 75.32 148.65 8.85
N ILE O 117 75.49 149.93 8.52
CA ILE O 117 76.35 150.82 9.29
C ILE O 117 75.87 150.89 10.75
N MET O 118 74.57 151.00 10.97
CA MET O 118 74.00 150.92 12.32
C MET O 118 74.12 149.52 12.92
N VAL O 119 74.09 148.43 12.14
CA VAL O 119 74.46 147.09 12.64
C VAL O 119 75.91 147.07 13.08
N LEU O 120 76.83 147.65 12.32
CA LEU O 120 78.24 147.76 12.68
C LEU O 120 78.39 148.55 13.99
N LYS O 121 77.73 149.71 14.11
CA LYS O 121 77.66 150.48 15.37
C LYS O 121 77.11 149.63 16.51
N ASP O 122 75.93 149.05 16.32
CA ASP O 122 75.24 148.27 17.34
C ASP O 122 76.03 147.05 17.77
N ARG O 123 76.66 146.33 16.82
CA ARG O 123 77.60 145.25 17.10
C ARG O 123 78.71 145.71 18.03
N MET O 124 79.37 146.82 17.72
CA MET O 124 80.45 147.38 18.55
C MET O 124 79.94 147.88 19.91
N LYS O 125 78.76 148.52 19.99
CA LYS O 125 78.12 148.93 21.26
C LYS O 125 77.77 147.71 22.14
N ILE O 126 77.14 146.70 21.56
CA ILE O 126 76.79 145.44 22.22
C ILE O 126 78.07 144.77 22.69
N ARG O 127 79.05 144.62 21.81
CA ARG O 127 80.37 144.04 22.11
C ARG O 127 81.03 144.70 23.32
N GLU O 128 81.07 146.02 23.34
CA GLU O 128 81.54 146.83 24.45
C GLU O 128 80.72 146.63 25.72
N ARG O 129 79.41 146.67 25.61
CA ARG O 129 78.50 146.62 26.74
C ARG O 129 78.42 145.22 27.35
N ASN O 130 78.61 144.19 26.54
CA ASN O 130 78.50 142.79 26.90
C ASN O 130 79.84 142.19 27.29
N LYS O 131 80.92 142.59 26.60
CA LYS O 131 82.28 142.19 26.92
C LYS O 131 83.20 143.36 27.22
N PRO O 132 82.80 144.33 28.08
CA PRO O 132 83.67 145.45 28.43
C PRO O 132 85.01 144.96 28.97
N GLU O 133 85.01 143.82 29.66
CA GLU O 133 86.19 143.20 30.22
C GLU O 133 87.23 142.82 29.15
N ILE O 134 86.85 142.58 27.90
CA ILE O 134 87.84 142.42 26.84
C ILE O 134 88.65 143.71 26.69
N PHE O 135 87.97 144.84 26.58
CA PHE O 135 88.59 146.12 26.26
C PHE O 135 89.37 146.71 27.44
N GLU O 136 88.81 146.57 28.64
CA GLU O 136 89.50 146.81 29.90
C GLU O 136 90.75 145.95 30.03
N LEU O 137 90.68 144.64 29.76
CA LEU O 137 91.85 143.80 29.88
C LEU O 137 92.95 144.22 28.90
N ILE O 138 92.60 144.54 27.65
CA ILE O 138 93.55 145.08 26.68
C ILE O 138 94.17 146.39 27.22
N GLN O 139 93.35 147.28 27.76
CA GLN O 139 93.82 148.46 28.45
C GLN O 139 94.78 148.12 29.60
N GLU O 140 94.47 147.21 30.51
CA GLU O 140 95.35 146.88 31.64
C GLU O 140 96.62 146.15 31.21
N VAL O 141 96.52 145.18 30.29
CA VAL O 141 97.63 144.39 29.75
C VAL O 141 98.62 145.28 29.04
N PHE O 142 98.11 146.23 28.27
CA PHE O 142 98.89 147.27 27.64
C PHE O 142 99.07 148.50 28.53
N ALA O 143 98.65 148.41 29.79
CA ALA O 143 98.79 149.40 30.86
C ALA O 143 98.28 150.81 30.53
N VAL O 144 97.39 150.95 29.55
CA VAL O 144 96.83 152.23 29.12
C VAL O 144 95.85 152.76 30.18
N THR O 145 95.56 154.05 30.25
CA THR O 145 94.55 154.58 31.20
C THR O 145 93.14 154.39 30.67
N LYS O 146 92.11 154.51 31.51
CA LYS O 146 90.70 154.34 31.10
C LYS O 146 90.23 155.46 30.16
N SER O 147 90.62 156.70 30.42
CA SER O 147 90.35 157.86 29.55
C SER O 147 91.09 157.73 28.22
N ALA O 148 92.40 157.47 28.24
CA ALA O 148 93.18 157.31 27.00
C ALA O 148 92.74 156.07 26.22
N HIS O 149 92.38 155.00 26.91
CA HIS O 149 91.70 153.86 26.32
C HIS O 149 90.40 154.29 25.66
N THR O 150 89.57 155.11 26.30
CA THR O 150 88.35 155.66 25.68
C THR O 150 88.67 156.47 24.42
N GLN O 151 89.76 157.22 24.39
CA GLN O 151 90.14 158.01 23.21
C GLN O 151 90.79 157.18 22.08
N GLN O 152 91.64 156.19 22.38
CA GLN O 152 92.09 155.22 21.37
C GLN O 152 90.94 154.29 20.94
N MET O 153 89.98 154.05 21.81
CA MET O 153 88.78 153.32 21.46
C MET O 153 87.91 154.16 20.53
N LYS O 154 87.72 155.47 20.76
CA LYS O 154 87.19 156.39 19.74
C LYS O 154 87.96 156.22 18.44
N ALA O 155 89.29 156.16 18.47
CA ALA O 155 90.06 155.95 17.26
C ALA O 155 89.77 154.60 16.57
N VAL O 156 89.78 153.44 17.25
CA VAL O 156 89.51 152.16 16.56
C VAL O 156 88.02 151.91 16.29
N LYS O 157 87.12 152.48 17.09
CA LYS O 157 85.70 152.59 16.74
C LYS O 157 85.64 153.34 15.44
N GLN O 158 86.21 154.53 15.36
CA GLN O 158 86.21 155.30 14.13
C GLN O 158 86.90 154.53 13.00
N SER O 159 87.96 153.76 13.25
CA SER O 159 88.59 152.95 12.20
C SER O 159 87.71 151.80 11.68
N VAL O 160 86.56 151.52 12.31
CA VAL O 160 85.53 150.61 11.80
C VAL O 160 84.13 151.27 11.71
N LEU O 161 83.96 152.53 12.15
CA LEU O 161 82.68 153.25 12.27
C LEU O 161 82.64 154.58 11.54
N ASP O 162 83.74 155.31 11.49
CA ASP O 162 83.97 156.21 10.35
C ASP O 162 84.31 155.33 9.14
N GLY O 163 85.28 154.42 9.31
CA GLY O 163 85.66 153.35 8.37
C GLY O 163 84.65 152.21 8.23
N THR O 164 83.35 152.50 8.39
CA THR O 164 82.26 151.51 8.31
C THR O 164 81.88 151.09 6.89
N SER O 165 82.23 151.88 5.87
CA SER O 165 81.80 151.69 4.47
C SER O 165 82.56 152.61 3.48
N LYS O 166 83.83 152.89 3.74
CA LYS O 166 84.56 154.02 3.12
C LYS O 166 85.47 153.60 1.97
N TRP O 167 85.42 154.39 0.90
CA TRP O 167 86.44 154.46 -0.16
C TRP O 167 86.76 155.95 -0.43
N SER O 168 86.98 156.70 0.67
CA SER O 168 87.29 158.13 0.68
C SER O 168 88.80 158.37 0.54
N ALA O 169 89.36 157.89 -0.57
CA ALA O 169 90.79 157.85 -0.81
C ALA O 169 91.42 159.24 -0.92
N LYS O 170 92.37 159.53 -0.04
CA LYS O 170 93.44 160.46 -0.40
C LYS O 170 94.28 159.79 -1.48
N ILE O 171 94.74 160.57 -2.45
CA ILE O 171 95.56 160.15 -3.58
C ILE O 171 96.75 161.11 -3.64
N SER O 172 97.95 160.63 -3.93
CA SER O 172 99.18 161.41 -3.93
C SER O 172 100.00 161.10 -5.17
N ILE O 173 99.76 161.89 -6.20
CA ILE O 173 100.23 161.69 -7.58
C ILE O 173 101.56 162.40 -7.75
N THR O 174 102.66 161.69 -7.67
CA THR O 174 103.94 162.21 -8.16
C THR O 174 104.04 162.04 -9.66
N VAL O 175 103.93 163.14 -10.39
CA VAL O 175 104.39 163.20 -11.76
C VAL O 175 105.90 163.05 -11.77
N VAL O 176 106.42 161.91 -12.21
CA VAL O 176 107.85 161.61 -12.14
C VAL O 176 108.61 162.16 -13.33
N CYS O 177 108.31 161.70 -14.53
CA CYS O 177 109.09 162.02 -15.72
C CYS O 177 108.28 161.73 -16.97
N ALA O 178 108.76 162.16 -18.14
CA ALA O 178 108.25 161.71 -19.42
C ALA O 178 109.40 161.36 -20.38
N GLN O 179 109.08 160.64 -21.45
CA GLN O 179 110.01 160.19 -22.48
C GLN O 179 109.36 160.33 -23.86
N GLY O 180 110.11 160.78 -24.87
CA GLY O 180 109.63 160.82 -26.26
C GLY O 180 108.53 161.85 -26.56
N LEU O 181 108.41 162.92 -25.77
CA LEU O 181 107.39 163.95 -25.97
C LEU O 181 107.47 164.62 -27.35
N GLN O 182 106.35 165.14 -27.85
CA GLN O 182 106.33 165.93 -29.07
C GLN O 182 106.98 167.30 -28.82
N ALA O 183 107.73 167.82 -29.77
CA ALA O 183 108.23 169.18 -29.72
C ALA O 183 107.12 170.21 -30.04
N LYS O 184 107.11 171.34 -29.32
CA LYS O 184 106.18 172.47 -29.51
C LYS O 184 106.81 173.85 -29.17
N ASP O 185 108.06 173.90 -28.72
CA ASP O 185 108.54 175.06 -27.94
C ASP O 185 108.84 176.34 -28.73
N LYS O 186 108.93 177.42 -27.95
CA LYS O 186 109.75 178.60 -28.25
C LYS O 186 111.25 178.23 -28.43
N THR O 187 111.79 177.27 -27.66
CA THR O 187 113.16 176.71 -27.82
C THR O 187 113.37 175.76 -29.03
N GLY O 188 112.30 175.33 -29.71
CA GLY O 188 112.30 174.21 -30.65
C GLY O 188 112.24 172.80 -30.05
N SER O 189 112.36 172.64 -28.73
CA SER O 189 112.16 171.35 -28.04
C SER O 189 110.73 171.31 -27.46
N SER O 190 110.57 171.21 -26.14
CA SER O 190 109.42 171.71 -25.38
C SER O 190 109.84 172.17 -23.99
N ASP O 191 109.03 173.02 -23.38
CA ASP O 191 109.04 173.34 -21.97
C ASP O 191 107.90 172.55 -21.27
N PRO O 192 107.96 171.21 -21.22
CA PRO O 192 106.89 170.41 -20.65
C PRO O 192 106.69 170.68 -19.14
N TYR O 193 105.46 170.99 -18.77
CA TYR O 193 104.90 170.74 -17.45
C TYR O 193 103.69 169.82 -17.58
N VAL O 194 103.06 169.51 -16.46
CA VAL O 194 101.91 168.61 -16.38
C VAL O 194 100.83 169.24 -15.52
N THR O 195 99.57 169.12 -15.90
CA THR O 195 98.45 169.25 -14.94
C THR O 195 97.96 167.86 -14.56
N VAL O 196 97.59 167.72 -13.30
CA VAL O 196 96.85 166.57 -12.81
C VAL O 196 95.47 167.04 -12.37
N GLN O 197 94.43 166.25 -12.61
CA GLN O 197 93.07 166.52 -12.17
C GLN O 197 92.41 165.24 -11.64
N VAL O 198 91.69 165.34 -10.52
CA VAL O 198 90.87 164.25 -9.95
C VAL O 198 89.53 164.85 -9.50
N GLY O 199 88.41 164.29 -9.95
CA GLY O 199 87.13 164.99 -9.88
C GLY O 199 87.19 166.34 -10.61
N LYS O 200 86.63 167.41 -10.02
CA LYS O 200 86.74 168.79 -10.52
C LYS O 200 88.13 169.41 -10.24
N THR O 201 88.82 168.98 -9.19
CA THR O 201 90.06 169.59 -8.68
C THR O 201 91.24 169.41 -9.64
N LYS O 202 92.00 170.48 -9.89
CA LYS O 202 93.10 170.53 -10.87
C LYS O 202 94.33 171.23 -10.27
N LYS O 203 95.53 170.67 -10.53
CA LYS O 203 96.86 171.12 -10.04
C LYS O 203 97.90 170.97 -11.14
N ARG O 204 99.08 171.59 -11.02
CA ARG O 204 100.17 171.44 -12.01
C ARG O 204 101.56 171.26 -11.43
N THR O 205 102.41 170.52 -12.15
CA THR O 205 103.85 170.58 -12.00
C THR O 205 104.37 171.94 -12.44
N LYS O 206 105.52 172.33 -11.90
CA LYS O 206 106.40 173.30 -12.55
C LYS O 206 106.91 172.71 -13.86
N THR O 207 107.65 173.53 -14.57
CA THR O 207 108.02 173.28 -15.96
C THR O 207 109.45 172.81 -16.04
N ILE O 208 109.68 171.74 -16.78
CA ILE O 208 111.03 171.44 -17.27
C ILE O 208 111.15 172.13 -18.62
N TYR O 209 112.27 172.81 -18.85
CA TYR O 209 112.44 173.69 -20.00
C TYR O 209 113.36 173.05 -21.06
N GLY O 210 113.04 173.18 -22.33
CA GLY O 210 113.85 172.70 -23.46
C GLY O 210 114.04 171.18 -23.57
N ASN O 211 113.19 170.35 -22.97
CA ASN O 211 113.37 168.90 -22.83
C ASN O 211 112.17 168.11 -23.37
N LEU O 212 112.42 167.00 -24.08
CA LEU O 212 111.39 166.03 -24.51
C LEU O 212 111.39 164.74 -23.67
N ASN O 213 112.36 164.57 -22.77
CA ASN O 213 112.46 163.51 -21.78
C ASN O 213 112.53 164.10 -20.34
N PRO O 214 111.60 164.97 -19.92
CA PRO O 214 111.68 165.73 -18.67
C PRO O 214 111.59 164.84 -17.43
N VAL O 215 112.22 165.23 -16.32
CA VAL O 215 111.96 164.67 -14.99
C VAL O 215 111.41 165.76 -14.07
N TRP O 216 110.20 165.61 -13.55
CA TRP O 216 109.59 166.50 -12.56
C TRP O 216 109.79 165.98 -11.13
N GLU O 217 109.40 164.73 -10.86
CA GLU O 217 109.25 164.17 -9.50
C GLU O 217 108.35 165.04 -8.59
N GLU O 218 107.27 165.60 -9.11
CA GLU O 218 106.40 166.57 -8.41
C GLU O 218 105.07 165.97 -7.99
N ASN O 219 104.72 166.10 -6.71
CA ASN O 219 103.59 165.42 -6.09
C ASN O 219 102.37 166.30 -5.87
N PHE O 220 101.21 165.77 -6.24
CA PHE O 220 99.90 166.38 -6.05
C PHE O 220 99.02 165.50 -5.19
N HIS O 221 98.62 166.02 -4.06
CA HIS O 221 97.56 165.40 -3.27
C HIS O 221 96.19 165.71 -3.85
N PHE O 222 95.30 164.73 -3.82
CA PHE O 222 93.91 164.80 -4.23
C PHE O 222 93.03 163.97 -3.31
N GLU O 223 91.73 164.25 -3.35
CA GLU O 223 90.71 163.45 -2.70
C GLU O 223 89.79 162.83 -3.75
N CYS O 224 89.55 161.54 -3.62
CA CYS O 224 88.58 160.78 -4.39
C CYS O 224 87.63 160.08 -3.43
N HIS O 225 86.37 159.97 -3.82
CA HIS O 225 85.29 159.40 -3.00
C HIS O 225 84.54 158.27 -3.74
N ASN O 226 85.12 157.77 -4.82
CA ASN O 226 84.49 156.85 -5.78
C ASN O 226 85.55 156.07 -6.56
N SER O 227 85.60 154.75 -6.40
CA SER O 227 86.52 153.88 -7.16
C SER O 227 86.29 153.93 -8.68
N SER O 228 85.10 154.35 -9.14
CA SER O 228 84.80 154.59 -10.56
C SER O 228 85.20 156.00 -11.05
N ASP O 229 85.83 156.87 -10.25
CA ASP O 229 86.42 158.12 -10.76
C ASP O 229 87.59 157.84 -11.72
N ARG O 230 88.02 158.90 -12.42
CA ARG O 230 89.29 158.90 -13.15
C ARG O 230 90.22 159.98 -12.63
N ILE O 231 91.50 159.64 -12.58
CA ILE O 231 92.59 160.63 -12.66
C ILE O 231 92.71 161.05 -14.13
N LYS O 232 92.93 162.35 -14.38
CA LYS O 232 93.37 162.88 -15.68
C LYS O 232 94.75 163.52 -15.53
N VAL O 233 95.70 163.16 -16.39
CA VAL O 233 97.06 163.71 -16.37
C VAL O 233 97.40 164.23 -17.76
N ARG O 234 97.84 165.49 -17.87
CA ARG O 234 97.98 166.19 -19.15
C ARG O 234 99.28 166.98 -19.19
N VAL O 235 100.02 166.88 -20.27
CA VAL O 235 101.36 167.47 -20.43
C VAL O 235 101.24 168.68 -21.34
N TRP O 236 101.89 169.78 -20.99
CA TRP O 236 101.76 171.08 -21.63
C TRP O 236 103.12 171.70 -21.86
N ASP O 237 103.37 172.23 -23.03
CA ASP O 237 104.53 173.06 -23.30
C ASP O 237 104.29 174.48 -22.77
N GLU O 238 105.05 174.94 -21.80
CA GLU O 238 104.78 176.22 -21.18
C GLU O 238 105.05 177.40 -22.12
N ASP O 239 104.01 177.91 -22.78
CA ASP O 239 104.08 179.12 -23.60
C ASP O 239 103.75 180.34 -22.73
N ASP O 240 104.75 181.18 -22.47
CA ASP O 240 104.55 182.52 -21.91
C ASP O 240 105.02 183.56 -22.94
N ASP O 241 104.12 183.89 -23.86
CA ASP O 241 104.35 184.79 -24.99
C ASP O 241 103.05 185.50 -25.41
N ILE O 242 103.12 186.48 -26.31
CA ILE O 242 101.93 187.23 -26.77
C ILE O 242 100.86 186.26 -27.33
N LYS O 243 101.26 185.20 -28.03
CA LYS O 243 100.36 184.15 -28.48
C LYS O 243 99.61 183.48 -27.33
N SER O 244 100.28 183.06 -26.25
CA SER O 244 99.57 182.46 -25.12
C SER O 244 98.68 183.46 -24.39
N ARG O 245 99.11 184.72 -24.22
CA ARG O 245 98.26 185.80 -23.68
C ARG O 245 97.01 186.07 -24.52
N VAL O 246 97.08 185.92 -25.85
CA VAL O 246 95.91 185.93 -26.75
C VAL O 246 95.08 184.66 -26.60
N LYS O 247 95.70 183.47 -26.67
CA LYS O 247 95.01 182.16 -26.55
C LYS O 247 94.20 182.04 -25.25
N GLN O 248 94.68 182.61 -24.15
CA GLN O 248 93.97 182.63 -22.85
C GLN O 248 92.57 183.27 -22.89
N ARG O 249 92.26 184.04 -23.94
CA ARG O 249 90.96 184.69 -24.18
C ARG O 249 89.95 183.77 -24.92
N PHE O 250 90.40 182.60 -25.40
CA PHE O 250 89.62 181.70 -26.28
C PHE O 250 89.73 180.19 -25.94
N LYS O 251 90.86 179.71 -25.39
CA LYS O 251 91.09 178.32 -24.92
C LYS O 251 91.66 178.30 -23.49
N ARG O 252 91.19 177.35 -22.66
CA ARG O 252 91.66 177.16 -21.26
C ARG O 252 93.11 176.69 -21.11
N GLU O 253 93.68 176.07 -22.14
CA GLU O 253 94.95 175.34 -22.06
C GLU O 253 96.04 176.06 -22.87
N SER O 254 96.48 177.22 -22.37
CA SER O 254 97.34 178.20 -23.07
C SER O 254 98.79 177.77 -23.33
N ASP O 255 99.10 176.48 -23.22
CA ASP O 255 100.45 175.94 -23.04
C ASP O 255 100.53 174.65 -23.87
N ASP O 256 101.09 174.74 -25.08
CA ASP O 256 100.77 173.82 -26.17
C ASP O 256 100.88 172.33 -25.77
N PHE O 257 99.74 171.66 -25.82
CA PHE O 257 99.55 170.35 -25.22
C PHE O 257 100.41 169.26 -25.88
N LEU O 258 101.08 168.50 -25.03
CA LEU O 258 102.08 167.48 -25.35
C LEU O 258 101.55 166.04 -25.22
N GLY O 259 100.38 165.87 -24.61
CA GLY O 259 99.68 164.60 -24.51
C GLY O 259 99.09 164.31 -23.12
N GLN O 260 98.21 163.32 -23.00
CA GLN O 260 97.56 162.96 -21.72
C GLN O 260 97.50 161.45 -21.46
N THR O 261 97.29 161.07 -20.20
CA THR O 261 96.81 159.74 -19.81
C THR O 261 95.64 159.88 -18.83
N ILE O 262 94.72 158.93 -18.88
CA ILE O 262 93.52 158.90 -18.02
C ILE O 262 93.42 157.51 -17.38
N ILE O 263 93.22 157.46 -16.06
CA ILE O 263 93.43 156.25 -15.25
C ILE O 263 92.23 156.03 -14.32
N GLU O 264 91.61 154.85 -14.34
CA GLU O 264 90.49 154.54 -13.43
C GLU O 264 90.97 154.39 -11.98
N VAL O 265 90.25 154.97 -11.04
CA VAL O 265 90.63 154.89 -9.62
C VAL O 265 90.66 153.44 -9.12
N ARG O 266 89.82 152.53 -9.62
CA ARG O 266 89.90 151.10 -9.25
C ARG O 266 91.11 150.33 -9.79
N THR O 267 91.86 150.87 -10.77
CA THR O 267 93.17 150.29 -11.11
C THR O 267 94.23 150.63 -10.06
N LEU O 268 93.98 151.65 -9.23
CA LEU O 268 94.88 152.08 -8.18
C LEU O 268 94.70 151.25 -6.90
N SER O 269 95.77 151.17 -6.13
CA SER O 269 95.83 150.66 -4.76
C SER O 269 97.08 151.22 -4.08
N GLY O 270 97.13 151.21 -2.75
CA GLY O 270 98.35 151.38 -1.96
C GLY O 270 99.32 152.45 -2.46
N GLU O 271 100.38 152.00 -3.13
CA GLU O 271 101.35 152.84 -3.84
C GLU O 271 101.70 152.24 -5.21
N MET O 272 101.91 153.10 -6.22
CA MET O 272 102.21 152.73 -7.61
C MET O 272 103.34 153.59 -8.18
N ASP O 273 104.01 153.09 -9.21
CA ASP O 273 105.04 153.79 -10.00
C ASP O 273 105.10 153.22 -11.41
N VAL O 274 104.41 153.86 -12.35
CA VAL O 274 104.01 153.31 -13.65
C VAL O 274 104.24 154.35 -14.75
N TRP O 275 104.64 153.96 -15.96
CA TRP O 275 104.59 154.88 -17.11
C TRP O 275 103.60 154.50 -18.20
N TYR O 276 102.91 155.53 -18.67
CA TYR O 276 101.72 155.51 -19.50
C TYR O 276 102.02 156.23 -20.82
N ASN O 277 101.76 155.62 -21.98
CA ASN O 277 101.83 156.33 -23.25
C ASN O 277 100.79 157.47 -23.31
N LEU O 278 101.14 158.55 -24.02
CA LEU O 278 100.35 159.78 -24.09
C LEU O 278 99.40 159.84 -25.30
N ASP O 279 98.27 160.53 -25.10
CA ASP O 279 97.11 160.62 -26.00
C ASP O 279 96.73 162.09 -26.30
N LYS O 280 96.01 162.33 -27.40
CA LYS O 280 95.50 163.66 -27.83
C LYS O 280 94.35 164.19 -26.94
N ARG O 281 94.05 165.49 -27.04
CA ARG O 281 92.86 166.13 -26.43
C ARG O 281 92.33 167.29 -27.28
N THR O 282 93.05 168.41 -27.25
CA THR O 282 92.65 169.69 -27.86
C THR O 282 92.79 169.70 -29.38
N ASP O 283 92.21 170.71 -30.03
CA ASP O 283 92.41 170.98 -31.45
C ASP O 283 93.89 171.27 -31.83
N LYS O 284 94.70 171.71 -30.86
CA LYS O 284 96.15 171.99 -30.99
C LYS O 284 97.06 170.77 -30.81
N SER O 285 96.51 169.58 -30.55
CA SER O 285 97.27 168.39 -30.17
C SER O 285 98.14 167.81 -31.30
N ALA O 286 99.45 167.68 -31.06
CA ALA O 286 100.32 166.69 -31.70
C ALA O 286 101.08 166.02 -30.55
N VAL O 287 101.06 164.69 -30.49
CA VAL O 287 101.38 163.92 -29.28
C VAL O 287 102.29 162.74 -29.60
N SER O 288 103.23 162.43 -28.70
CA SER O 288 104.11 161.25 -28.76
C SER O 288 104.66 160.94 -27.36
N GLY O 289 105.18 159.72 -27.19
CA GLY O 289 105.90 159.34 -25.96
C GLY O 289 105.00 158.94 -24.80
N ALA O 290 105.56 158.98 -23.59
CA ALA O 290 104.94 158.47 -22.37
C ALA O 290 105.29 159.29 -21.12
N ILE O 291 104.45 159.21 -20.08
CA ILE O 291 104.62 159.83 -18.76
C ILE O 291 104.67 158.79 -17.64
N ARG O 292 105.68 158.86 -16.78
CA ARG O 292 105.81 158.10 -15.55
C ARG O 292 105.16 158.85 -14.39
N LEU O 293 104.24 158.18 -13.72
CA LEU O 293 103.54 158.63 -12.55
C LEU O 293 103.79 157.65 -11.40
N HIS O 294 104.32 158.16 -10.31
CA HIS O 294 104.10 157.55 -9.01
C HIS O 294 102.73 158.02 -8.50
N ILE O 295 101.95 157.11 -7.93
CA ILE O 295 100.58 157.38 -7.47
C ILE O 295 100.36 156.59 -6.18
N SER O 296 100.31 157.27 -5.04
CA SER O 296 99.86 156.67 -3.79
C SER O 296 98.36 156.88 -3.58
N VAL O 297 97.70 155.94 -2.91
CA VAL O 297 96.26 155.91 -2.64
C VAL O 297 96.01 155.39 -1.24
N GLU O 298 95.61 156.28 -0.34
CA GLU O 298 95.54 156.04 1.09
C GLU O 298 94.21 155.39 1.54
N ILE O 299 93.67 154.52 0.70
CA ILE O 299 92.84 153.39 1.15
C ILE O 299 93.72 152.39 1.94
N LYS O 300 95.03 152.43 1.68
CA LYS O 300 96.13 151.94 2.50
C LYS O 300 95.92 152.26 4.00
N GLY O 301 96.10 151.29 4.86
CA GLY O 301 95.93 151.40 6.32
C GLY O 301 97.17 150.94 7.08
N GLU O 302 96.99 150.07 8.08
CA GLU O 302 98.08 149.37 8.77
C GLU O 302 98.70 148.31 7.85
N GLU O 303 99.47 148.76 6.86
CA GLU O 303 100.40 147.88 6.15
C GLU O 303 101.68 147.64 6.99
N LYS O 304 101.91 148.48 8.01
CA LYS O 304 103.03 148.43 8.96
C LYS O 304 103.05 147.20 9.89
N VAL O 305 102.36 146.12 9.53
CA VAL O 305 102.21 144.94 10.36
C VAL O 305 103.58 144.43 10.74
N ALA O 306 103.85 144.24 12.04
CA ALA O 306 104.82 143.20 12.33
C ALA O 306 104.12 141.91 11.85
N PRO O 307 104.83 140.94 11.23
CA PRO O 307 104.21 139.72 10.71
C PRO O 307 103.38 139.15 11.84
N TYR O 308 102.12 138.83 11.59
CA TYR O 308 101.17 138.91 12.68
C TYR O 308 101.40 137.94 13.83
N HIS O 309 102.19 136.91 13.56
CA HIS O 309 103.06 136.19 14.48
C HIS O 309 103.62 137.04 15.62
N VAL O 310 104.49 137.99 15.28
CA VAL O 310 105.16 138.89 16.21
C VAL O 310 104.18 139.76 16.96
N GLN O 311 103.16 140.28 16.28
CA GLN O 311 102.13 141.05 16.94
C GLN O 311 101.37 140.21 17.97
N TYR O 312 101.05 138.98 17.62
CA TYR O 312 100.44 138.01 18.52
C TYR O 312 101.37 137.68 19.67
N THR O 313 102.67 137.54 19.42
CA THR O 313 103.65 137.27 20.48
C THR O 313 103.69 138.40 21.50
N CYS O 314 103.79 139.64 21.03
CA CYS O 314 103.74 140.82 21.88
C CYS O 314 102.47 140.84 22.72
N LEU O 315 101.33 140.64 22.08
CA LEU O 315 100.07 140.49 22.76
C LEU O 315 100.16 139.43 23.85
N HIS O 316 100.59 138.23 23.48
CA HIS O 316 100.66 137.07 24.35
C HIS O 316 101.60 137.25 25.53
N GLU O 317 102.78 137.83 25.33
CA GLU O 317 103.74 138.08 26.41
C GLU O 317 103.22 139.09 27.40
N ASN O 318 102.67 140.18 26.89
CA ASN O 318 102.03 141.19 27.71
C ASN O 318 100.89 140.58 28.49
N LEU O 319 100.04 139.81 27.82
CA LEU O 319 98.93 139.19 28.49
C LEU O 319 99.44 138.19 29.54
N PHE O 320 100.43 137.37 29.23
CA PHE O 320 100.99 136.39 30.15
C PHE O 320 101.58 137.02 31.40
N HIS O 321 102.44 138.02 31.24
CA HIS O 321 102.96 138.72 32.41
C HIS O 321 101.78 139.34 33.18
N PHE O 322 100.80 139.90 32.48
CA PHE O 322 99.70 140.56 33.16
C PHE O 322 98.91 139.58 33.99
N VAL O 323 98.59 138.42 33.44
CA VAL O 323 97.86 137.38 34.14
C VAL O 323 98.71 136.86 35.29
N THR O 324 99.86 136.28 34.98
CA THR O 324 100.67 135.61 36.00
C THR O 324 101.13 136.59 37.05
N ASP O 325 101.77 137.66 36.62
CA ASP O 325 102.36 138.63 37.51
C ASP O 325 101.33 139.61 38.01
N VAL O 326 100.63 140.33 37.13
CA VAL O 326 99.80 141.44 37.63
C VAL O 326 98.56 140.96 38.36
N GLN O 327 97.80 140.05 37.75
CA GLN O 327 96.59 139.53 38.36
C GLN O 327 96.93 138.53 39.45
N ASN O 328 97.89 137.64 39.18
CA ASN O 328 98.16 136.49 40.03
C ASN O 328 99.45 136.59 40.82
N ASN O 329 100.07 137.76 40.86
CA ASN O 329 101.18 138.07 41.75
C ASN O 329 102.36 137.09 41.56
N GLY O 330 102.58 136.71 40.30
CA GLY O 330 103.60 135.79 39.82
C GLY O 330 103.14 134.33 39.81
N VAL O 331 102.06 134.00 40.53
CA VAL O 331 101.49 132.66 40.49
C VAL O 331 100.98 132.44 39.09
N VAL O 332 101.32 131.29 38.51
CA VAL O 332 100.71 130.88 37.25
C VAL O 332 99.34 130.30 37.54
N LYS O 333 98.26 131.07 37.31
CA LYS O 333 96.91 130.51 37.14
C LYS O 333 96.92 129.63 35.89
N ILE O 334 96.72 128.33 36.03
CA ILE O 334 96.58 127.40 34.89
C ILE O 334 95.20 127.70 34.23
N PRO O 335 95.11 127.88 32.88
CA PRO O 335 93.99 128.54 32.19
C PRO O 335 92.57 128.03 32.47
N ASP O 336 91.55 128.77 32.01
CA ASP O 336 90.25 128.16 31.72
C ASP O 336 90.33 127.31 30.44
N ALA O 337 91.17 126.29 30.52
CA ALA O 337 91.60 125.42 29.44
C ALA O 337 90.72 124.17 29.26
N LYS O 338 90.72 123.58 28.05
CA LYS O 338 89.87 122.43 27.69
C LYS O 338 90.70 121.34 26.99
N GLY O 339 90.55 120.11 27.44
CA GLY O 339 91.29 118.92 26.97
C GLY O 339 92.81 118.99 27.16
N ASP O 340 93.52 118.06 26.54
CA ASP O 340 94.99 118.15 26.31
C ASP O 340 95.35 119.45 25.57
N ASP O 341 94.42 119.86 24.71
CA ASP O 341 94.25 121.17 24.07
C ASP O 341 94.15 122.37 25.05
N ALA O 342 94.35 122.15 26.34
CA ALA O 342 94.89 123.14 27.26
C ALA O 342 96.14 123.78 26.67
N TRP O 343 96.92 123.00 25.93
CA TRP O 343 98.05 123.47 25.15
C TRP O 343 97.71 124.54 24.09
N LYS O 344 96.42 124.69 23.73
CA LYS O 344 95.86 125.73 22.85
C LYS O 344 94.97 126.73 23.57
N VAL O 345 94.61 126.48 24.82
CA VAL O 345 93.86 127.43 25.62
C VAL O 345 94.77 127.93 26.68
N TYR O 346 95.38 129.04 26.36
CA TYR O 346 96.40 129.67 27.16
C TYR O 346 95.80 130.44 28.33
N TYR O 347 94.53 130.85 28.22
CA TYR O 347 93.91 131.72 29.21
C TYR O 347 92.42 131.43 29.43
N ASP O 348 91.89 132.15 30.41
CA ASP O 348 90.49 132.45 30.61
C ASP O 348 89.82 133.01 29.36
N GLU O 349 88.51 132.84 29.24
CA GLU O 349 87.71 133.26 28.08
C GLU O 349 88.13 134.59 27.49
N THR O 350 88.22 135.63 28.32
CA THR O 350 88.37 136.99 27.83
C THR O 350 89.70 137.13 27.11
N ALA O 351 90.74 136.68 27.79
CA ALA O 351 92.11 136.64 27.29
C ALA O 351 92.29 135.64 26.15
N GLN O 352 91.60 134.51 26.22
CA GLN O 352 91.64 133.51 25.18
C GLN O 352 91.01 134.03 23.91
N GLU O 353 89.84 134.65 24.02
CA GLU O 353 89.18 135.33 22.93
C GLU O 353 90.01 136.50 22.39
N ILE O 354 90.69 137.26 23.25
CA ILE O 354 91.65 138.27 22.81
C ILE O 354 92.67 137.66 21.86
N VAL O 355 93.43 136.66 22.33
CA VAL O 355 94.51 136.11 21.51
C VAL O 355 93.97 135.34 20.31
N ASP O 356 92.81 134.71 20.45
CA ASP O 356 92.20 133.99 19.35
C ASP O 356 91.60 134.94 18.30
N GLU O 357 90.85 135.98 18.64
CA GLU O 357 90.37 136.98 17.66
C GLU O 357 91.54 137.61 16.91
N PHE O 358 92.66 137.82 17.60
CA PHE O 358 93.90 138.23 16.97
C PHE O 358 94.45 137.15 16.03
N ALA O 359 94.64 135.93 16.51
CA ALA O 359 95.10 134.79 15.69
C ALA O 359 94.09 134.36 14.62
N MET O 360 92.85 134.84 14.66
CA MET O 360 91.82 134.61 13.66
C MET O 360 91.85 135.73 12.64
N ARG O 361 91.60 136.98 13.07
CA ARG O 361 91.67 138.17 12.19
C ARG O 361 93.02 138.24 11.49
N TYR O 362 94.05 137.75 12.15
CA TYR O 362 95.42 137.75 11.66
C TYR O 362 96.08 136.35 11.58
N GLY O 363 95.27 135.30 11.49
CA GLY O 363 95.65 133.96 11.01
C GLY O 363 96.65 133.12 11.82
N VAL O 364 97.32 133.69 12.83
CA VAL O 364 98.46 133.10 13.55
C VAL O 364 98.22 131.64 13.96
N GLU O 365 99.08 130.74 13.50
CA GLU O 365 98.90 129.29 13.64
C GLU O 365 98.98 128.81 15.09
N SER O 366 98.16 127.82 15.44
CA SER O 366 98.03 127.26 16.79
C SER O 366 99.36 126.85 17.44
N ILE O 367 100.28 126.25 16.68
CA ILE O 367 101.60 125.89 17.19
C ILE O 367 102.46 127.11 17.55
N TYR O 368 102.39 128.18 16.78
CA TYR O 368 103.10 129.42 17.08
C TYR O 368 102.60 130.04 18.38
N GLN O 369 101.28 130.02 18.57
CA GLN O 369 100.62 130.43 19.79
C GLN O 369 101.12 129.60 21.01
N ALA O 370 101.20 128.27 20.85
CA ALA O 370 101.69 127.34 21.86
C ALA O 370 103.16 127.51 22.25
N MET O 371 104.08 127.62 21.28
CA MET O 371 105.51 127.80 21.57
C MET O 371 105.76 129.10 22.34
N THR O 372 105.02 130.16 21.97
CA THR O 372 104.98 131.44 22.68
C THR O 372 104.57 131.27 24.14
N HIS O 373 103.50 130.52 24.39
CA HIS O 373 103.06 130.17 25.74
C HIS O 373 104.07 129.32 26.51
N PHE O 374 104.73 128.35 25.87
CA PHE O 374 105.73 127.53 26.54
C PHE O 374 106.96 128.37 26.93
N ALA O 375 107.36 129.32 26.07
CA ALA O 375 108.39 130.30 26.40
C ALA O 375 107.99 131.12 27.62
N CYS O 376 106.78 131.66 27.65
CA CYS O 376 106.21 132.29 28.83
C CYS O 376 106.30 131.37 30.06
N LEU O 377 105.70 130.17 30.05
CA LEU O 377 105.67 129.24 31.19
C LEU O 377 107.06 128.93 31.74
N SER O 378 108.06 128.79 30.88
CA SER O 378 109.41 128.41 31.31
C SER O 378 110.03 129.41 32.30
N SER O 379 109.60 130.67 32.25
CA SER O 379 110.02 131.70 33.21
C SER O 379 109.43 131.49 34.62
N LYS O 380 108.53 130.52 34.79
CA LYS O 380 107.76 130.23 36.01
C LYS O 380 107.73 128.73 36.35
N TYR O 381 108.57 127.89 35.74
CA TYR O 381 108.36 126.42 35.69
C TYR O 381 108.21 125.74 37.06
N MET O 382 108.77 126.35 38.11
CA MET O 382 108.80 125.91 39.50
C MET O 382 107.42 126.00 40.21
N CYS O 383 106.48 126.79 39.68
CA CYS O 383 105.14 126.92 40.26
C CYS O 383 104.38 125.57 40.26
N PRO O 384 103.53 125.28 41.27
CA PRO O 384 102.90 123.96 41.40
C PRO O 384 102.05 123.57 40.19
N GLY O 385 102.09 122.31 39.78
CA GLY O 385 101.37 121.81 38.60
C GLY O 385 101.96 122.22 37.26
N VAL O 386 102.71 123.33 37.17
CA VAL O 386 103.30 123.81 35.90
C VAL O 386 104.14 122.72 35.20
N PRO O 387 104.88 121.81 35.87
CA PRO O 387 105.59 120.75 35.16
C PRO O 387 104.68 119.75 34.47
N ALA O 388 103.50 119.49 35.02
CA ALA O 388 102.50 118.70 34.33
C ALA O 388 102.00 119.45 33.09
N VAL O 389 101.71 120.75 33.21
CA VAL O 389 101.25 121.59 32.09
C VAL O 389 102.33 121.69 31.02
N MET O 390 103.57 121.91 31.40
CA MET O 390 104.68 121.98 30.45
C MET O 390 104.96 120.59 29.86
N SER O 391 104.83 119.51 30.63
CA SER O 391 104.93 118.15 30.05
C SER O 391 103.86 117.95 28.99
N THR O 392 102.66 118.41 29.26
CA THR O 392 101.51 118.38 28.36
C THR O 392 101.78 119.24 27.14
N LEU O 393 102.07 120.51 27.34
CA LEU O 393 102.32 121.47 26.27
C LEU O 393 103.47 121.01 25.39
N LEU O 394 104.52 120.45 25.98
CA LEU O 394 105.63 119.91 25.21
C LEU O 394 105.29 118.59 24.54
N ALA O 395 104.54 117.69 25.17
CA ALA O 395 104.05 116.50 24.49
C ALA O 395 103.26 116.89 23.24
N ASN O 396 102.49 117.97 23.32
CA ASN O 396 101.77 118.50 22.18
C ASN O 396 102.64 119.22 21.16
N ILE O 397 103.52 120.14 21.55
CA ILE O 397 104.46 120.79 20.62
C ILE O 397 105.34 119.74 19.94
N ASN O 398 105.75 118.72 20.68
CA ASN O 398 106.38 117.53 20.12
C ASN O 398 105.46 116.87 19.12
N ALA O 399 104.29 116.43 19.56
CA ALA O 399 103.36 115.72 18.70
C ALA O 399 103.00 116.53 17.45
N TYR O 400 103.00 117.85 17.57
CA TYR O 400 102.81 118.75 16.48
C TYR O 400 103.93 118.62 15.46
N TYR O 401 105.17 118.97 15.82
CA TYR O 401 106.26 118.94 14.85
C TYR O 401 106.69 117.53 14.45
N ALA O 402 106.53 116.56 15.34
CA ALA O 402 106.84 115.15 15.08
C ALA O 402 105.78 114.47 14.22
N HIS O 403 104.48 114.79 14.37
CA HIS O 403 103.39 114.02 13.77
C HIS O 403 102.35 114.86 13.02
N THR O 404 101.91 116.01 13.55
CA THR O 404 100.96 116.85 12.79
C THR O 404 101.65 117.39 11.54
N THR O 405 101.03 117.19 10.38
CA THR O 405 101.64 117.48 9.06
C THR O 405 102.97 116.75 8.81
N ALA O 406 103.28 115.67 9.54
CA ALA O 406 104.32 114.71 9.13
C ALA O 406 103.93 113.93 7.85
N SER O 407 102.71 114.11 7.36
CA SER O 407 102.31 113.89 5.97
C SER O 407 103.19 114.64 4.96
N THR O 408 103.69 115.83 5.32
CA THR O 408 104.78 116.48 4.60
C THR O 408 106.05 115.68 4.83
N ASN O 409 106.74 115.33 3.74
CA ASN O 409 107.93 114.47 3.79
C ASN O 409 109.14 115.15 4.45
N VAL O 410 109.05 116.46 4.68
CA VAL O 410 109.99 117.27 5.47
C VAL O 410 110.18 116.68 6.88
N SER O 411 111.41 116.66 7.38
CA SER O 411 111.70 116.07 8.69
C SER O 411 111.03 116.84 9.83
N ALA O 412 110.91 116.22 10.99
CA ALA O 412 110.37 116.90 12.15
C ALA O 412 111.26 118.09 12.55
N SER O 413 112.57 117.92 12.48
CA SER O 413 113.53 118.97 12.82
C SER O 413 113.49 120.12 11.83
N ASP O 414 113.11 119.85 10.58
CA ASP O 414 113.01 120.83 9.50
C ASP O 414 111.64 121.52 9.44
N ARG O 415 110.56 120.80 9.68
CA ARG O 415 109.23 121.39 9.87
C ARG O 415 109.27 122.31 11.08
N PHE O 416 109.94 121.85 12.13
CA PHE O 416 110.32 122.65 13.28
C PHE O 416 111.22 123.83 12.91
N ALA O 417 112.20 123.67 12.01
CA ALA O 417 112.95 124.81 11.48
C ALA O 417 112.06 125.84 10.78
N ALA O 418 111.13 125.39 9.94
CA ALA O 418 110.14 126.23 9.29
C ALA O 418 109.12 126.84 10.26
N SER O 419 109.22 126.52 11.55
CA SER O 419 108.48 127.24 12.56
C SER O 419 108.74 128.74 12.46
N ASN O 420 107.68 129.50 12.23
CA ASN O 420 107.74 130.96 12.24
C ASN O 420 108.17 131.48 13.63
N PHE O 421 108.03 130.68 14.70
CA PHE O 421 108.55 131.02 16.02
C PHE O 421 110.08 131.09 16.03
N GLY O 422 110.76 130.30 15.21
CA GLY O 422 112.20 130.13 15.25
C GLY O 422 112.56 128.89 16.06
N LYS O 423 112.93 127.82 15.36
CA LYS O 423 113.42 126.59 15.97
C LYS O 423 114.42 126.82 17.09
N GLU O 424 115.48 127.55 16.77
CA GLU O 424 116.62 127.86 17.64
C GLU O 424 116.17 128.44 18.97
N ARG O 425 115.39 129.51 18.93
CA ARG O 425 114.74 130.15 20.07
C ARG O 425 114.05 129.12 20.96
N PHE O 426 113.40 128.14 20.36
CA PHE O 426 112.73 127.07 21.08
C PHE O 426 113.70 126.02 21.63
N VAL O 427 114.72 125.62 20.86
CA VAL O 427 115.76 124.67 21.30
C VAL O 427 116.50 125.21 22.53
N LYS O 428 116.93 126.47 22.47
CA LYS O 428 117.59 127.18 23.59
C LYS O 428 116.73 127.07 24.85
N LEU O 429 115.48 127.48 24.71
CA LEU O 429 114.46 127.49 25.74
C LEU O 429 114.27 126.12 26.40
N LEU O 430 114.19 125.05 25.61
CA LEU O 430 114.15 123.67 26.12
C LEU O 430 115.42 123.31 26.89
N ASP O 431 116.58 123.65 26.36
CA ASP O 431 117.86 123.29 26.98
C ASP O 431 118.05 123.99 28.33
N GLN O 432 117.72 125.27 28.40
CA GLN O 432 117.73 126.04 29.63
C GLN O 432 116.81 125.40 30.67
N LEU O 433 115.58 125.10 30.24
CA LEU O 433 114.59 124.48 31.09
C LEU O 433 115.09 123.13 31.58
N HIS O 434 115.50 122.24 30.67
CA HIS O 434 116.03 120.92 30.97
C HIS O 434 117.14 120.99 32.00
N ASN O 435 118.10 121.88 31.76
CA ASN O 435 119.18 122.12 32.70
C ASN O 435 118.62 122.51 34.07
N SER O 436 117.70 123.45 34.10
CA SER O 436 117.04 123.88 35.34
C SER O 436 116.33 122.70 36.04
N LEU O 437 115.76 121.77 35.29
CA LEU O 437 115.21 120.54 35.83
C LEU O 437 116.32 119.65 36.41
N ARG O 438 117.33 119.30 35.61
CA ARG O 438 118.52 118.51 36.03
C ARG O 438 119.08 119.05 37.34
N ILE O 439 119.21 120.36 37.41
CA ILE O 439 119.66 121.07 38.60
C ILE O 439 118.78 120.72 39.78
N ASP O 440 117.49 120.98 39.66
CA ASP O 440 116.57 120.77 40.77
C ASP O 440 116.57 119.30 41.22
N LEU O 441 116.65 118.38 40.26
CA LEU O 441 116.75 116.95 40.49
C LEU O 441 118.05 116.56 41.19
N SER O 442 119.14 117.24 40.88
CA SER O 442 120.42 116.94 41.52
C SER O 442 120.40 117.17 43.02
N MET O 443 119.44 117.97 43.50
CA MET O 443 119.05 118.03 44.90
C MET O 443 117.58 117.74 45.07
N TYR O 444 117.14 116.62 44.50
CA TYR O 444 115.73 116.23 44.55
C TYR O 444 115.19 116.27 45.98
N ARG O 445 115.95 115.79 46.96
CA ARG O 445 115.48 115.64 48.32
C ARG O 445 115.13 117.01 48.91
N ASN O 446 116.05 117.95 48.73
CA ASN O 446 115.92 119.30 49.28
C ASN O 446 114.88 120.09 48.49
N ASN O 447 114.83 119.94 47.18
CA ASN O 447 113.91 120.69 46.32
C ASN O 447 112.48 120.14 46.32
N PHE O 448 112.29 118.84 46.57
CA PHE O 448 111.01 118.13 46.51
C PHE O 448 110.90 117.17 47.70
N PRO O 449 110.83 117.71 48.91
CA PRO O 449 110.89 116.91 50.13
C PRO O 449 109.73 115.92 50.18
N ALA O 450 110.02 114.72 50.69
CA ALA O 450 109.05 113.64 50.78
C ALA O 450 107.80 114.05 51.56
N SER O 451 108.01 114.88 52.58
CA SER O 451 106.98 115.54 53.40
C SER O 451 106.02 116.42 52.61
N SER O 452 106.34 116.81 51.37
CA SER O 452 105.40 117.41 50.43
C SER O 452 105.08 116.42 49.31
N PRO O 453 103.98 115.66 49.42
CA PRO O 453 103.42 114.89 48.32
C PRO O 453 103.18 115.73 47.07
N GLU O 454 102.83 116.99 47.26
CA GLU O 454 102.63 117.94 46.16
C GLU O 454 103.93 118.18 45.42
N ARG O 455 105.02 118.44 46.13
CA ARG O 455 106.31 118.51 45.48
C ARG O 455 106.80 117.15 45.03
N LEU O 456 106.44 116.02 45.65
CA LEU O 456 106.64 114.71 45.05
C LEU O 456 105.85 114.57 43.73
N GLN O 457 104.68 115.15 43.61
CA GLN O 457 103.96 115.08 42.36
C GLN O 457 104.53 116.02 41.33
N ASP O 458 104.83 117.26 41.69
CA ASP O 458 105.56 118.14 40.82
C ASP O 458 106.85 117.48 40.38
N LEU O 459 107.57 116.80 41.27
CA LEU O 459 108.74 115.98 40.98
C LEU O 459 108.39 114.91 39.94
N LYS O 460 107.34 114.13 40.16
CA LYS O 460 106.89 113.12 39.20
C LYS O 460 106.58 113.74 37.83
N SER O 461 105.75 114.78 37.79
CA SER O 461 105.45 115.57 36.59
C SER O 461 106.67 116.24 35.98
N THR O 462 107.70 116.54 36.77
CA THR O 462 108.97 117.06 36.28
C THR O 462 109.69 115.98 35.51
N VAL O 463 109.74 114.76 36.03
CA VAL O 463 110.40 113.66 35.31
C VAL O 463 109.56 113.26 34.09
N ASP O 464 108.24 113.38 34.18
CA ASP O 464 107.37 113.29 33.01
C ASP O 464 107.66 114.41 31.99
N LEU O 465 107.89 115.63 32.44
CA LEU O 465 108.38 116.69 31.56
C LEU O 465 109.76 116.37 30.99
N LEU O 466 110.69 115.84 31.78
CA LEU O 466 112.05 115.54 31.32
C LEU O 466 112.04 114.39 30.30
N THR O 467 111.19 113.38 30.49
CA THR O 467 110.92 112.40 29.44
C THR O 467 110.34 113.10 28.22
N SER O 468 109.38 114.01 28.38
CA SER O 468 108.82 114.80 27.28
C SER O 468 109.86 115.64 26.52
N ILE O 469 110.85 116.23 27.19
CA ILE O 469 111.98 116.94 26.57
C ILE O 469 112.92 115.96 25.86
N THR O 470 113.28 114.85 26.50
CA THR O 470 114.15 113.83 25.89
C THR O 470 113.53 113.30 24.60
N PHE O 471 112.24 113.05 24.64
CA PHE O 471 111.38 112.71 23.53
C PHE O 471 111.34 113.83 22.48
N PHE O 472 111.19 115.10 22.83
CA PHE O 472 111.36 116.19 21.86
C PHE O 472 112.72 116.21 21.16
N ARG O 473 113.81 116.03 21.91
CA ARG O 473 115.16 115.98 21.34
C ARG O 473 115.29 114.82 20.38
N MET O 474 114.80 113.66 20.78
CA MET O 474 114.79 112.44 19.99
C MET O 474 113.91 112.55 18.74
N LYS O 475 112.72 113.15 18.86
CA LYS O 475 111.67 113.09 17.84
C LYS O 475 111.59 114.34 16.98
N VAL O 476 111.65 115.52 17.59
CA VAL O 476 111.56 116.77 16.86
C VAL O 476 112.92 117.28 16.46
N GLN O 477 113.89 117.38 17.37
CA GLN O 477 115.26 117.71 16.93
C GLN O 477 115.93 116.53 16.21
N GLU O 478 115.34 115.33 16.32
CA GLU O 478 115.79 114.11 15.65
C GLU O 478 117.18 113.66 16.07
N LEU O 479 117.60 114.06 17.28
CA LEU O 479 118.86 113.66 17.87
C LEU O 479 118.88 112.15 18.13
N GLN O 480 120.04 111.53 17.92
CA GLN O 480 120.19 110.08 17.75
C GLN O 480 120.53 109.40 19.08
N SER O 481 121.38 110.06 19.86
CA SER O 481 121.74 109.66 21.22
C SER O 481 121.65 110.89 22.14
N PRO O 482 120.45 111.49 22.31
CA PRO O 482 120.24 112.47 23.38
C PRO O 482 120.52 111.82 24.75
N PRO O 483 120.77 112.61 25.80
CA PRO O 483 120.98 112.12 27.16
C PRO O 483 119.78 111.28 27.64
N ARG O 484 120.01 110.01 28.00
CA ARG O 484 118.92 109.10 28.37
C ARG O 484 118.32 109.53 29.71
N ALA O 485 116.99 109.72 29.75
CA ALA O 485 116.28 110.29 30.89
C ALA O 485 116.59 109.54 32.21
N SER O 486 116.65 108.20 32.21
CA SER O 486 117.04 107.43 33.40
C SER O 486 118.47 107.73 33.87
N GLN O 487 119.48 107.82 32.99
CA GLN O 487 120.85 108.10 33.39
C GLN O 487 121.02 109.54 33.90
N VAL O 488 120.41 110.50 33.19
CA VAL O 488 120.33 111.91 33.58
C VAL O 488 119.85 112.06 35.02
N VAL O 489 118.77 111.33 35.35
CA VAL O 489 118.18 111.33 36.69
C VAL O 489 119.08 110.56 37.67
N LYS O 490 119.63 109.41 37.30
CA LYS O 490 120.52 108.59 38.14
C LYS O 490 121.73 109.39 38.61
N ASP O 491 122.33 110.18 37.73
CA ASP O 491 123.35 111.15 38.10
C ASP O 491 122.84 112.12 39.16
N CYS O 492 121.67 112.72 38.95
CA CYS O 492 121.05 113.64 39.90
C CYS O 492 120.80 113.00 41.25
N VAL O 493 120.44 111.72 41.25
CA VAL O 493 120.16 110.97 42.47
C VAL O 493 121.43 110.67 43.20
N LYS O 494 122.42 110.13 42.49
CA LYS O 494 123.76 109.93 43.01
C LYS O 494 124.28 111.24 43.57
N ALA O 495 124.09 112.33 42.86
CA ALA O 495 124.45 113.66 43.33
C ALA O 495 123.76 113.95 44.65
N CYS O 496 122.43 113.91 44.67
CA CYS O 496 121.68 114.20 45.86
C CYS O 496 122.04 113.29 47.05
N LEU O 497 122.30 112.01 46.81
CA LEU O 497 122.77 111.03 47.79
C LEU O 497 124.16 111.35 48.32
N ASN O 498 125.10 111.72 47.45
CA ASN O 498 126.44 112.08 47.89
C ASN O 498 126.43 113.38 48.70
N SER O 499 125.66 114.38 48.30
CA SER O 499 125.44 115.59 49.09
C SER O 499 124.84 115.26 50.44
N THR O 500 123.88 114.34 50.44
CA THR O 500 123.37 113.79 51.69
C THR O 500 124.50 113.17 52.50
N TYR O 501 125.35 112.30 51.92
CA TYR O 501 126.37 111.58 52.68
C TYR O 501 127.41 112.52 53.27
N GLU O 502 127.96 113.41 52.45
CA GLU O 502 128.90 114.44 52.88
C GLU O 502 128.29 115.17 54.07
N TYR O 503 127.06 115.64 53.88
CA TYR O 503 126.41 116.42 54.88
C TYR O 503 126.22 115.59 56.15
N ILE O 504 125.79 114.33 56.07
CA ILE O 504 125.65 113.51 57.28
C ILE O 504 126.98 113.17 57.94
N PHE O 505 128.02 112.90 57.18
CA PHE O 505 129.30 112.50 57.75
C PHE O 505 130.01 113.67 58.44
N ASN O 506 129.73 114.88 57.97
CA ASN O 506 130.26 116.11 58.52
C ASN O 506 129.39 116.66 59.66
N ASN O 507 128.08 116.37 59.65
CA ASN O 507 127.09 116.94 60.57
C ASN O 507 126.33 115.86 61.34
N CYS O 508 126.95 114.70 61.58
CA CYS O 508 126.27 113.54 62.17
C CYS O 508 125.56 113.90 63.45
N HIS O 509 126.19 114.76 64.25
CA HIS O 509 125.62 115.08 65.52
C HIS O 509 124.43 116.00 65.46
N GLU O 510 124.49 117.03 64.64
CA GLU O 510 123.40 117.95 64.41
C GLU O 510 122.19 117.22 63.84
N LEU O 511 122.45 116.30 62.91
CA LEU O 511 121.42 115.52 62.28
C LEU O 511 120.85 114.45 63.19
N TYR O 512 121.69 113.56 63.71
CA TYR O 512 121.24 112.53 64.64
C TYR O 512 120.64 113.11 65.89
N GLY O 513 121.30 114.15 66.39
CA GLY O 513 120.80 115.11 67.34
C GLY O 513 119.32 115.38 67.10
N ARG O 514 119.03 116.27 66.17
CA ARG O 514 117.66 116.70 65.92
C ARG O 514 116.70 115.58 65.50
N GLU O 515 117.17 114.61 64.72
CA GLU O 515 116.31 113.58 64.15
C GLU O 515 115.96 112.44 65.13
N TYR O 516 116.80 112.10 66.13
CA TYR O 516 116.53 110.97 67.04
C TYR O 516 117.08 111.05 68.48
N GLN O 517 118.08 111.90 68.74
CA GLN O 517 119.03 111.67 69.84
C GLN O 517 118.39 111.42 71.20
N THR O 518 118.82 110.33 71.84
CA THR O 518 118.32 109.81 73.13
C THR O 518 118.60 110.70 74.36
N ASP O 519 119.03 111.95 74.15
CA ASP O 519 119.20 113.00 75.17
C ASP O 519 119.03 114.38 74.49
N PRO O 520 118.05 115.21 74.87
CA PRO O 520 117.78 116.49 74.21
C PRO O 520 118.95 117.48 74.30
N ALA O 521 119.80 117.39 75.33
CA ALA O 521 121.01 118.24 75.45
C ALA O 521 122.06 117.93 74.37
N LYS O 522 121.91 116.81 73.66
CA LYS O 522 122.82 116.34 72.61
C LYS O 522 122.26 116.53 71.19
N LYS O 523 121.19 117.31 71.00
CA LYS O 523 120.62 117.63 69.67
C LYS O 523 121.38 118.71 68.89
N GLY O 524 122.09 119.60 69.60
CA GLY O 524 122.75 120.77 69.02
C GLY O 524 124.09 120.50 68.34
N GLU O 525 124.84 121.58 68.07
CA GLU O 525 126.18 121.54 67.47
C GLU O 525 127.24 121.04 68.47
N VAL O 526 127.16 119.76 68.80
CA VAL O 526 128.21 118.97 69.43
C VAL O 526 129.53 119.12 68.65
N PRO O 527 130.71 119.06 69.29
CA PRO O 527 131.98 119.38 68.64
C PRO O 527 132.19 118.63 67.31
N PRO O 528 132.83 119.24 66.31
CA PRO O 528 133.09 118.60 65.02
C PRO O 528 133.72 117.20 65.13
N GLU O 529 134.58 116.97 66.12
CA GLU O 529 135.16 115.66 66.47
C GLU O 529 134.13 114.63 67.00
N GLU O 530 132.85 114.96 66.93
CA GLU O 530 131.71 114.19 67.38
C GLU O 530 130.51 114.34 66.39
N GLN O 531 130.65 115.18 65.37
CA GLN O 531 129.80 115.32 64.18
C GLN O 531 130.41 114.65 62.95
N GLY O 532 131.72 114.54 63.01
CA GLY O 532 132.54 113.53 62.40
C GLY O 532 133.06 112.63 63.53
N PRO O 533 134.07 111.80 63.26
CA PRO O 533 134.46 110.73 64.17
C PRO O 533 135.06 111.18 65.51
N SER O 534 134.71 110.46 66.59
CA SER O 534 135.37 110.55 67.90
C SER O 534 136.38 109.46 68.12
N ILE O 535 137.47 109.77 68.82
CA ILE O 535 138.35 108.75 69.38
C ILE O 535 137.91 108.28 70.78
N LYS O 536 137.07 109.05 71.48
CA LYS O 536 136.66 108.78 72.86
C LYS O 536 135.54 107.74 72.96
N ASN O 537 134.66 107.71 71.96
CA ASN O 537 133.40 106.94 72.00
C ASN O 537 133.02 106.40 70.62
N LEU O 538 132.12 105.43 70.62
CA LEU O 538 131.56 104.81 69.41
C LEU O 538 130.19 105.36 69.01
N ASP O 539 129.76 106.40 69.68
CA ASP O 539 128.37 106.83 69.64
C ASP O 539 128.08 107.55 68.34
N PHE O 540 128.98 108.41 67.86
CA PHE O 540 128.95 108.95 66.51
C PHE O 540 128.63 107.87 65.48
N TRP O 541 129.19 106.68 65.62
CA TRP O 541 128.99 105.59 64.67
C TRP O 541 127.64 104.91 64.85
N SER O 542 127.18 104.67 66.09
CA SER O 542 125.80 104.20 66.29
C SER O 542 124.79 105.19 65.73
N LYS O 543 125.13 106.47 65.76
CA LYS O 543 124.30 107.57 65.30
C LYS O 543 124.28 107.66 63.79
N LEU O 544 125.46 107.54 63.19
CA LEU O 544 125.65 107.45 61.76
C LEU O 544 124.90 106.23 61.19
N ILE O 545 124.93 105.08 61.87
CA ILE O 545 124.16 103.88 61.47
C ILE O 545 122.67 104.23 61.33
N THR O 546 122.10 104.92 62.32
CA THR O 546 120.68 105.27 62.29
C THR O 546 120.33 106.29 61.19
N LEU O 547 121.20 107.27 60.96
CA LEU O 547 121.06 108.21 59.85
C LEU O 547 120.96 107.47 58.53
N ILE O 548 121.89 106.55 58.31
CA ILE O 548 121.97 105.78 57.09
C ILE O 548 120.66 104.99 56.86
N VAL O 549 120.21 104.26 57.87
CA VAL O 549 118.93 103.55 57.86
C VAL O 549 117.79 104.48 57.43
N SER O 550 117.65 105.61 58.12
CA SER O 550 116.58 106.56 57.87
C SER O 550 116.51 107.06 56.43
N ILE O 551 117.66 107.43 55.87
CA ILE O 551 117.74 107.90 54.49
C ILE O 551 117.35 106.80 53.52
N ILE O 552 117.92 105.61 53.68
CA ILE O 552 117.63 104.50 52.76
C ILE O 552 116.15 104.19 52.80
N GLU O 553 115.55 104.25 53.98
CA GLU O 553 114.12 104.17 54.11
C GLU O 553 113.40 105.26 53.32
N GLU O 554 113.68 106.54 53.52
CA GLU O 554 112.98 107.58 52.76
C GLU O 554 113.10 107.37 51.23
N ASP O 555 114.27 106.96 50.77
CA ASP O 555 114.51 106.69 49.36
C ASP O 555 113.76 105.48 48.85
N LYS O 556 113.81 104.38 49.60
CA LYS O 556 113.04 103.19 49.33
C LYS O 556 111.55 103.47 49.33
N ASN O 557 111.10 104.33 50.24
CA ASN O 557 109.70 104.39 50.62
C ASN O 557 108.96 105.56 49.98
N SER O 558 109.55 106.76 49.92
CA SER O 558 108.91 107.92 49.30
C SER O 558 109.37 108.15 47.88
N TYR O 559 110.68 108.03 47.64
CA TYR O 559 111.21 108.43 46.35
C TYR O 559 111.16 107.32 45.30
N THR O 560 111.44 106.07 45.66
CA THR O 560 111.33 104.97 44.69
C THR O 560 109.94 104.91 44.06
N PRO O 561 108.85 105.13 44.82
CA PRO O 561 107.50 105.24 44.24
C PRO O 561 107.26 106.55 43.48
N CYS O 562 107.71 107.68 44.01
CA CYS O 562 107.55 108.96 43.31
C CYS O 562 108.19 108.92 41.90
N LEU O 563 109.34 108.25 41.80
CA LEU O 563 110.20 108.22 40.63
C LEU O 563 110.22 106.87 39.91
N ASN O 564 109.04 106.32 39.78
CA ASN O 564 108.82 105.03 39.15
C ASN O 564 109.01 105.03 37.62
N GLN O 565 109.23 106.14 36.92
CA GLN O 565 109.21 106.20 35.44
C GLN O 565 110.20 105.25 34.78
N PHE O 566 111.29 104.94 35.45
CA PHE O 566 112.28 103.96 35.01
C PHE O 566 112.44 102.92 36.12
N PRO O 567 111.44 102.08 36.37
CA PRO O 567 111.40 101.24 37.56
C PRO O 567 112.53 100.19 37.54
N GLN O 568 112.75 99.62 36.35
CA GLN O 568 113.82 98.68 36.02
C GLN O 568 115.21 99.28 36.23
N GLU O 569 115.35 100.59 36.00
CA GLU O 569 116.63 101.28 36.03
C GLU O 569 116.86 102.09 37.32
N LEU O 570 115.81 102.37 38.08
CA LEU O 570 115.81 103.45 39.08
C LEU O 570 115.06 103.06 40.37
N ASN O 571 115.52 101.99 41.04
CA ASN O 571 115.20 101.71 42.44
C ASN O 571 115.96 102.68 43.37
N VAL O 572 115.32 103.79 43.76
CA VAL O 572 115.98 104.84 44.55
C VAL O 572 116.47 104.30 45.91
N GLY O 573 115.74 103.37 46.52
CA GLY O 573 116.15 102.70 47.75
C GLY O 573 117.45 101.91 47.65
N LYS O 574 117.65 101.14 46.57
CA LYS O 574 118.92 100.41 46.35
C LYS O 574 120.09 101.34 46.06
N ILE O 575 119.91 102.34 45.19
CA ILE O 575 120.97 103.30 44.86
C ILE O 575 121.41 104.03 46.13
N SER O 576 120.44 104.38 46.97
CA SER O 576 120.68 104.90 48.30
C SER O 576 121.54 103.94 49.14
N ALA O 577 121.09 102.70 49.40
CA ALA O 577 121.84 101.75 50.22
C ALA O 577 123.29 101.55 49.77
N GLU O 578 123.52 101.36 48.47
CA GLU O 578 124.86 101.20 47.93
C GLU O 578 125.73 102.45 48.17
N VAL O 579 125.27 103.61 47.72
CA VAL O 579 126.03 104.86 47.80
C VAL O 579 126.43 105.11 49.25
N MET O 580 125.43 105.06 50.14
CA MET O 580 125.62 105.39 51.53
C MET O 580 126.55 104.40 52.26
N TRP O 581 126.35 103.08 52.07
CA TRP O 581 127.24 102.08 52.66
C TRP O 581 128.67 102.29 52.20
N SER O 582 128.87 102.52 50.91
CA SER O 582 130.22 102.60 50.36
C SER O 582 131.00 103.68 51.08
N LEU O 583 130.39 104.85 51.11
CA LEU O 583 130.95 106.03 51.74
C LEU O 583 131.17 105.80 53.24
N PHE O 584 130.20 105.16 53.89
CA PHE O 584 130.31 104.75 55.27
C PHE O 584 131.50 103.82 55.53
N ALA O 585 131.63 102.73 54.78
CA ALA O 585 132.48 101.62 55.14
C ALA O 585 133.94 102.06 55.18
N GLN O 586 134.29 102.92 54.23
CA GLN O 586 135.59 103.58 54.20
C GLN O 586 135.83 104.28 55.54
N ASP O 587 134.88 105.11 55.92
CA ASP O 587 135.01 105.96 57.07
C ASP O 587 135.07 105.15 58.35
N MET O 588 134.20 104.15 58.48
CA MET O 588 134.21 103.22 59.59
C MET O 588 135.51 102.44 59.69
N LYS O 589 136.03 101.89 58.60
CA LYS O 589 137.29 101.16 58.67
C LYS O 589 138.38 102.03 59.29
N TYR O 590 138.54 103.27 58.81
CA TYR O 590 139.58 104.15 59.35
C TYR O 590 139.33 104.46 60.83
N ALA O 591 138.07 104.57 61.21
CA ALA O 591 137.72 104.81 62.59
C ALA O 591 138.15 103.68 63.51
N MET O 592 137.82 102.45 63.15
CA MET O 592 138.21 101.29 63.93
C MET O 592 139.72 101.18 64.03
N GLU O 593 140.45 101.43 62.94
CA GLU O 593 141.90 101.52 63.01
C GLU O 593 142.38 102.61 63.98
N GLU O 594 141.71 103.76 64.02
CA GLU O 594 142.10 104.85 64.90
C GLU O 594 141.85 104.53 66.38
N HIS O 595 140.65 104.01 66.70
CA HIS O 595 140.35 103.49 68.04
C HIS O 595 141.39 102.49 68.49
N ASP O 596 141.88 101.66 67.59
CA ASP O 596 142.80 100.61 67.95
C ASP O 596 144.13 101.14 68.52
N LYS O 597 144.54 102.33 68.08
CA LYS O 597 145.75 102.99 68.57
C LYS O 597 145.57 103.60 69.96
N HIS O 598 144.33 103.85 70.39
CA HIS O 598 144.03 104.64 71.59
C HIS O 598 143.31 103.85 72.68
N ARG O 599 142.37 102.98 72.29
CA ARG O 599 141.63 102.05 73.15
C ARG O 599 140.92 102.73 74.33
N LEU O 600 140.26 103.86 74.04
CA LEU O 600 139.57 104.69 75.04
C LEU O 600 138.19 104.11 75.41
N CYS O 601 137.44 103.63 74.42
CA CYS O 601 136.25 102.80 74.64
C CYS O 601 136.67 101.40 75.13
N LYS O 602 135.84 100.70 75.92
CA LYS O 602 136.14 99.35 76.41
C LYS O 602 136.00 98.34 75.27
N SER O 603 136.71 97.20 75.35
CA SER O 603 136.57 96.05 74.44
C SER O 603 135.10 95.82 74.08
N ALA O 604 134.27 95.68 75.12
CA ALA O 604 132.82 95.52 75.11
C ALA O 604 132.09 96.49 74.16
N ASP O 605 132.47 97.77 74.16
CA ASP O 605 131.82 98.79 73.34
C ASP O 605 132.01 98.45 71.87
N TYR O 606 133.23 98.08 71.48
CA TYR O 606 133.50 97.63 70.12
C TYR O 606 132.77 96.33 69.80
N MET O 607 132.61 95.42 70.76
CA MET O 607 131.80 94.21 70.54
C MET O 607 130.33 94.58 70.28
N ASN O 608 129.77 95.51 71.06
CA ASN O 608 128.42 96.01 70.84
C ASN O 608 128.30 96.66 69.46
N LEU O 609 129.25 97.52 69.12
CA LEU O 609 129.32 98.14 67.80
C LEU O 609 129.41 97.07 66.72
N HIS O 610 130.21 96.03 66.93
CA HIS O 610 130.30 94.92 66.00
C HIS O 610 128.92 94.31 65.78
N PHE O 611 128.13 94.02 66.81
CA PHE O 611 126.80 93.47 66.59
C PHE O 611 125.91 94.41 65.80
N LYS O 612 125.95 95.71 66.07
CA LYS O 612 125.20 96.72 65.32
C LYS O 612 125.62 96.73 63.85
N VAL O 613 126.91 96.74 63.60
CA VAL O 613 127.47 96.78 62.24
C VAL O 613 127.17 95.50 61.49
N LYS O 614 127.37 94.37 62.15
CA LYS O 614 127.04 93.05 61.68
C LYS O 614 125.59 93.04 61.25
N TRP O 615 124.70 93.45 62.16
CA TRP O 615 123.30 93.61 61.81
C TRP O 615 123.12 94.53 60.59
N LEU O 616 123.72 95.72 60.57
CA LEU O 616 123.46 96.70 59.52
C LEU O 616 123.83 96.15 58.15
N TYR O 617 125.04 95.60 58.03
CA TYR O 617 125.51 95.03 56.77
C TYR O 617 124.57 93.90 56.37
N ASN O 618 124.32 93.01 57.32
CA ASN O 618 123.51 91.82 57.08
C ASN O 618 122.05 92.17 56.80
N GLU O 619 121.61 93.36 57.18
CA GLU O 619 120.35 93.93 56.75
C GLU O 619 120.52 94.52 55.35
N TYR O 620 121.03 95.75 55.25
CA TYR O 620 120.89 96.53 54.03
C TYR O 620 121.83 96.08 52.92
N VAL O 621 123.05 95.72 53.29
CA VAL O 621 124.18 95.78 52.36
C VAL O 621 124.41 94.43 51.69
N ALA O 622 124.38 93.37 52.50
CA ALA O 622 124.73 92.03 52.08
C ALA O 622 123.95 91.56 50.84
N GLU O 623 122.73 92.03 50.64
CA GLU O 623 121.86 91.60 49.54
C GLU O 623 122.02 92.43 48.28
N LEU O 624 122.64 93.61 48.34
CA LEU O 624 123.03 94.31 47.12
C LEU O 624 124.03 93.41 46.39
N PRO O 625 123.91 93.17 45.08
CA PRO O 625 124.73 92.20 44.36
C PRO O 625 126.22 92.40 44.63
N THR O 626 126.62 93.67 44.57
CA THR O 626 127.97 94.17 44.83
C THR O 626 128.59 93.59 46.11
N PHE O 627 127.81 93.31 47.15
CA PHE O 627 128.31 92.85 48.45
C PHE O 627 127.84 91.45 48.82
N LYS O 628 126.78 90.98 48.17
CA LYS O 628 126.48 89.54 48.11
C LYS O 628 127.61 88.77 47.45
N ASP O 629 128.26 89.40 46.47
CA ASP O 629 129.46 88.90 45.81
C ASP O 629 130.66 88.63 46.74
N ARG O 630 130.65 89.07 48.01
CA ARG O 630 131.85 89.13 48.87
C ARG O 630 131.68 88.59 50.28
N VAL O 631 132.77 87.98 50.80
CA VAL O 631 133.02 87.84 52.23
C VAL O 631 133.09 89.25 52.83
N PRO O 632 132.28 89.58 53.85
CA PRO O 632 132.26 90.91 54.41
C PRO O 632 133.60 91.27 55.04
N GLU O 633 134.08 92.46 54.76
CA GLU O 633 135.40 92.88 55.21
C GLU O 633 135.37 93.52 56.60
N TYR O 634 134.21 94.02 57.03
CA TYR O 634 134.03 94.64 58.34
C TYR O 634 134.62 93.87 59.54
N PRO O 635 134.70 92.53 59.57
CA PRO O 635 135.25 91.84 60.74
C PRO O 635 136.72 92.15 60.97
N ALA O 636 137.46 92.48 59.91
CA ALA O 636 138.84 92.91 60.04
C ALA O 636 138.95 94.18 60.90
N TRP O 637 137.91 95.01 60.92
CA TRP O 637 137.90 96.21 61.73
C TRP O 637 137.86 95.89 63.21
N PHE O 638 136.95 95.00 63.61
CA PHE O 638 136.70 94.66 65.00
C PHE O 638 137.73 93.70 65.59
N GLU O 639 138.37 92.91 64.74
CA GLU O 639 139.27 91.85 65.16
C GLU O 639 140.29 92.23 66.24
N PRO O 640 140.96 93.38 66.20
CA PRO O 640 141.88 93.75 67.25
C PRO O 640 141.19 93.92 68.60
N PHE O 641 139.98 94.44 68.60
CA PHE O 641 139.17 94.67 69.79
C PHE O 641 138.67 93.37 70.39
N VAL O 642 138.40 92.41 69.51
CA VAL O 642 138.11 91.04 69.90
C VAL O 642 139.33 90.37 70.49
N ILE O 643 140.49 90.59 69.91
CA ILE O 643 141.72 90.06 70.44
C ILE O 643 142.01 90.70 71.80
N GLN O 644 141.88 92.02 71.92
CA GLN O 644 141.95 92.71 73.19
C GLN O 644 140.99 92.09 74.20
N TRP O 645 139.76 91.88 73.79
CA TRP O 645 138.82 91.21 74.62
C TRP O 645 139.35 89.82 75.02
N LEU O 646 139.84 89.00 74.09
CA LEU O 646 140.43 87.69 74.35
C LEU O 646 141.59 87.79 75.34
N ASP O 647 142.30 88.90 75.33
CA ASP O 647 143.41 89.15 76.21
C ASP O 647 142.92 89.44 77.62
N GLU O 648 142.05 90.43 77.75
CA GLU O 648 141.39 90.74 79.01
C GLU O 648 140.80 89.47 79.60
N ASN O 649 140.10 88.74 78.73
CA ASN O 649 139.50 87.47 79.04
C ASN O 649 140.52 86.46 79.54
N GLU O 650 141.61 86.22 78.83
CA GLU O 650 142.56 85.22 79.29
C GLU O 650 143.11 85.59 80.67
N GLU O 651 143.46 86.85 80.87
CA GLU O 651 144.11 87.24 82.11
C GLU O 651 143.14 87.11 83.28
N VAL O 652 141.93 87.62 83.10
CA VAL O 652 140.82 87.35 84.00
C VAL O 652 140.69 85.84 84.24
N SER O 653 140.71 85.03 83.18
CA SER O 653 140.58 83.57 83.28
C SER O 653 141.74 82.96 84.07
N ARG O 654 142.94 83.52 84.01
CA ARG O 654 144.10 82.95 84.69
C ARG O 654 144.07 83.36 86.15
N ASP O 655 143.65 84.57 86.44
CA ASP O 655 143.37 85.00 87.80
C ASP O 655 142.24 84.18 88.43
N PHE O 656 141.15 84.00 87.69
CA PHE O 656 140.05 83.10 88.05
C PHE O 656 140.56 81.69 88.31
N LEU O 657 141.40 81.15 87.43
CA LEU O 657 141.96 79.80 87.54
C LEU O 657 142.66 79.62 88.89
N HIS O 658 143.50 80.58 89.24
CA HIS O 658 144.21 80.55 90.50
C HIS O 658 143.22 80.64 91.67
N GLY O 659 142.27 81.56 91.61
CA GLY O 659 141.20 81.61 92.60
C GLY O 659 140.47 80.28 92.76
N ALA O 660 140.03 79.66 91.66
CA ALA O 660 139.28 78.41 91.66
C ALA O 660 140.09 77.26 92.24
N LEU O 661 141.34 77.10 91.78
CA LEU O 661 142.27 76.13 92.34
C LEU O 661 142.45 76.34 93.83
N GLU O 662 142.58 77.58 94.25
CA GLU O 662 142.82 77.90 95.65
C GLU O 662 141.58 77.68 96.51
N ARG O 663 140.38 77.98 96.02
CA ARG O 663 139.11 77.65 96.69
C ARG O 663 138.95 76.15 96.84
N ASP O 664 139.28 75.41 95.80
CA ASP O 664 139.25 73.97 95.82
C ASP O 664 140.32 73.40 96.77
N LYS O 665 141.52 73.98 96.78
CA LYS O 665 142.60 73.66 97.73
C LYS O 665 142.19 73.92 99.16
N LYS O 666 141.47 75.01 99.39
CA LYS O 666 140.91 75.33 100.69
C LYS O 666 139.84 74.32 101.08
N ASP O 667 139.04 73.89 100.11
CA ASP O 667 138.20 72.70 100.23
C ASP O 667 139.01 71.37 100.23
N GLY O 668 140.32 71.38 100.47
CA GLY O 668 141.16 70.18 100.54
C GLY O 668 141.11 69.31 99.28
N PHE O 669 140.68 69.85 98.14
CA PHE O 669 140.36 69.14 96.90
C PHE O 669 139.41 67.95 97.08
N GLN O 670 138.25 68.13 97.71
CA GLN O 670 137.23 67.08 97.69
C GLN O 670 136.79 66.75 96.27
N GLN O 671 136.47 65.48 96.01
CA GLN O 671 135.80 65.11 94.77
C GLN O 671 134.41 65.74 94.72
N THR O 672 134.02 66.17 93.53
CA THR O 672 132.77 66.90 93.29
C THR O 672 131.55 66.09 93.72
N SER O 673 131.68 64.77 93.65
CA SER O 673 130.95 63.81 94.45
C SER O 673 131.77 62.52 94.48
N GLU O 674 131.39 61.56 95.30
CA GLU O 674 132.11 60.29 95.41
C GLU O 674 132.17 59.46 94.11
N HIS O 675 131.39 59.88 93.11
CA HIS O 675 131.36 59.34 91.76
C HIS O 675 131.74 60.39 90.70
N ALA O 676 131.66 61.70 90.97
CA ALA O 676 132.27 62.77 90.17
C ALA O 676 133.69 63.03 90.70
N LEU O 677 134.62 62.22 90.22
CA LEU O 677 135.89 61.89 90.88
C LEU O 677 136.94 63.01 90.90
N PHE O 678 136.76 64.02 90.06
CA PHE O 678 137.53 65.26 90.05
C PHE O 678 136.92 66.27 91.03
N SER O 679 137.66 67.29 91.42
CA SER O 679 137.21 68.39 92.24
C SER O 679 136.72 69.59 91.42
N CYS O 680 135.99 70.47 92.11
CA CYS O 680 135.10 71.46 91.49
C CYS O 680 135.80 72.47 90.57
N SER O 681 137.06 72.80 90.85
CA SER O 681 137.82 73.76 90.05
C SER O 681 137.84 73.35 88.58
N VAL O 682 137.88 72.06 88.28
CA VAL O 682 137.83 71.60 86.91
C VAL O 682 136.60 72.11 86.18
N VAL O 683 135.47 71.97 86.87
CA VAL O 683 134.15 72.36 86.41
C VAL O 683 134.11 73.85 86.22
N ASP O 684 134.52 74.60 87.24
CA ASP O 684 134.53 76.06 87.23
C ASP O 684 135.31 76.58 86.04
N VAL O 685 136.47 75.99 85.80
CA VAL O 685 137.35 76.35 84.71
C VAL O 685 136.67 76.06 83.39
N PHE O 686 136.15 74.86 83.19
CA PHE O 686 135.44 74.61 81.95
C PHE O 686 134.24 75.52 81.79
N SER O 687 133.50 75.78 82.84
CA SER O 687 132.42 76.75 82.81
C SER O 687 132.92 78.10 82.33
N GLN O 688 133.97 78.62 82.94
CA GLN O 688 134.53 79.89 82.54
C GLN O 688 134.95 79.88 81.08
N LEU O 689 135.70 78.85 80.69
CA LEU O 689 136.21 78.72 79.34
C LEU O 689 135.07 78.67 78.33
N ASN O 690 133.98 78.03 78.68
CA ASN O 690 132.83 78.00 77.83
C ASN O 690 132.13 79.36 77.81
N GLN O 691 131.90 80.02 78.95
CA GLN O 691 131.34 81.38 78.93
C GLN O 691 132.14 82.28 77.99
N SER O 692 133.45 82.18 78.12
CA SER O 692 134.41 82.87 77.30
C SER O 692 134.29 82.50 75.83
N PHE O 693 134.36 81.21 75.51
CA PHE O 693 134.30 80.76 74.14
C PHE O 693 133.02 81.24 73.48
N GLU O 694 131.92 81.21 74.22
CA GLU O 694 130.65 81.59 73.66
C GLU O 694 130.59 83.07 73.35
N ILE O 695 131.23 83.92 74.14
CA ILE O 695 131.37 85.33 73.80
C ILE O 695 132.05 85.51 72.45
N ILE O 696 133.06 84.69 72.16
CA ILE O 696 133.66 84.67 70.81
C ILE O 696 132.64 84.18 69.81
N LYS O 697 132.05 83.02 70.11
CA LYS O 697 131.26 82.30 69.14
C LYS O 697 130.09 83.13 68.65
N LYS O 698 129.47 83.87 69.57
CA LYS O 698 128.41 84.88 69.37
C LYS O 698 128.74 86.00 68.40
N LEU O 699 129.97 86.12 67.92
CA LEU O 699 130.30 87.05 66.86
C LEU O 699 130.07 86.45 65.48
N GLU O 700 130.20 85.13 65.32
CA GLU O 700 130.08 84.39 64.04
C GLU O 700 130.76 85.11 62.88
N CYS O 701 132.00 85.53 63.08
CA CYS O 701 132.75 86.31 62.09
C CYS O 701 132.76 85.61 60.72
N PRO O 702 132.24 86.26 59.66
CA PRO O 702 132.13 85.65 58.34
C PRO O 702 133.49 85.53 57.61
N ASP O 703 134.55 86.14 58.14
CA ASP O 703 135.92 85.89 57.71
C ASP O 703 136.54 84.76 58.54
N PRO O 704 136.67 83.54 58.00
CA PRO O 704 137.12 82.39 58.77
C PRO O 704 138.60 82.45 59.13
N GLN O 705 139.38 83.33 58.53
CA GLN O 705 140.79 83.47 58.86
C GLN O 705 140.94 84.36 60.09
N ILE O 706 140.13 85.41 60.16
CA ILE O 706 139.96 86.22 61.35
C ILE O 706 139.41 85.36 62.49
N VAL O 707 138.44 84.49 62.18
CA VAL O 707 138.03 83.45 63.14
C VAL O 707 139.22 82.59 63.52
N GLY O 708 139.96 82.09 62.55
CA GLY O 708 141.12 81.26 62.80
C GLY O 708 142.08 81.94 63.74
N HIS O 709 142.25 83.25 63.61
CA HIS O 709 143.08 84.05 64.48
C HIS O 709 142.55 84.06 65.90
N TYR O 710 141.28 84.34 66.09
CA TYR O 710 140.67 84.20 67.41
C TYR O 710 140.91 82.83 67.99
N MET O 711 140.77 81.78 67.18
CA MET O 711 140.93 80.40 67.63
C MET O 711 142.38 80.08 67.97
N ARG O 712 143.33 80.61 67.22
CA ARG O 712 144.74 80.48 67.52
C ARG O 712 145.02 81.17 68.85
N ARG O 713 144.64 82.45 68.96
CA ARG O 713 144.69 83.27 70.17
C ARG O 713 144.11 82.52 71.36
N PHE O 714 142.93 81.96 71.20
CA PHE O 714 142.22 81.32 72.29
C PHE O 714 142.80 79.95 72.59
N ALA O 715 143.23 79.18 71.60
CA ALA O 715 143.85 77.89 71.83
C ALA O 715 145.10 78.03 72.68
N LYS O 716 145.78 79.16 72.51
CA LYS O 716 146.84 79.58 73.40
C LYS O 716 146.28 79.83 74.77
N THR O 717 145.26 80.70 74.92
CA THR O 717 144.61 80.91 76.22
C THR O 717 144.36 79.62 76.95
N ILE O 718 143.70 78.70 76.26
CA ILE O 718 143.33 77.40 76.74
C ILE O 718 144.59 76.65 77.15
N SER O 719 145.55 76.52 76.24
CA SER O 719 146.78 75.86 76.54
C SER O 719 147.43 76.41 77.79
N ASN O 720 147.52 77.71 77.87
CA ASN O 720 148.16 78.39 78.97
C ASN O 720 147.43 78.14 80.27
N VAL O 721 146.14 78.43 80.31
CA VAL O 721 145.26 78.19 81.45
C VAL O 721 145.38 76.74 81.90
N LEU O 722 145.29 75.80 80.98
CA LEU O 722 145.20 74.39 81.34
C LEU O 722 146.54 73.84 81.78
N LEU O 723 147.61 74.25 81.15
CA LEU O 723 148.92 73.83 81.60
C LEU O 723 149.20 74.44 82.95
N GLN O 724 148.81 75.68 83.15
CA GLN O 724 148.91 76.35 84.44
C GLN O 724 148.10 75.63 85.50
N TYR O 725 146.89 75.16 85.19
CA TYR O 725 146.18 74.26 86.09
C TYR O 725 147.01 73.00 86.36
N ALA O 726 147.36 72.28 85.30
CA ALA O 726 147.98 70.97 85.37
C ALA O 726 149.28 71.03 86.14
N ASP O 727 149.98 72.12 85.95
CA ASP O 727 151.15 72.51 86.69
C ASP O 727 150.82 72.77 88.16
N ILE O 728 149.89 73.66 88.47
CA ILE O 728 149.53 73.98 89.86
C ILE O 728 149.13 72.71 90.60
N VAL O 729 148.44 71.81 89.92
CA VAL O 729 148.22 70.46 90.39
C VAL O 729 149.52 69.69 90.56
N SER O 730 150.31 69.52 89.51
CA SER O 730 151.52 68.69 89.52
C SER O 730 152.47 69.09 90.62
N LYS O 731 152.52 70.39 90.91
CA LYS O 731 153.28 70.99 92.00
C LYS O 731 152.81 70.47 93.34
N ASP O 732 151.53 70.67 93.63
CA ASP O 732 150.96 70.25 94.90
C ASP O 732 150.91 68.73 95.05
N PHE O 733 150.91 68.03 93.92
CA PHE O 733 150.62 66.61 93.83
C PHE O 733 151.41 65.74 94.80
N ALA O 734 152.74 65.89 94.81
CA ALA O 734 153.61 65.13 95.68
C ALA O 734 153.33 65.37 97.17
N SER O 735 153.00 66.61 97.56
CA SER O 735 152.61 66.93 98.94
C SER O 735 151.37 66.15 99.35
N TYR O 736 150.48 65.90 98.39
CA TYR O 736 149.29 65.10 98.60
C TYR O 736 149.54 63.61 98.53
N CYS O 737 150.62 63.16 97.89
CA CYS O 737 150.94 61.75 97.73
C CYS O 737 151.22 60.99 99.02
N SER O 738 151.34 61.67 100.15
CA SER O 738 151.50 60.99 101.43
C SER O 738 150.30 60.04 101.70
N LYS O 739 150.58 58.91 102.34
CA LYS O 739 149.77 57.66 102.38
C LYS O 739 148.42 57.72 103.13
N GLU O 740 147.85 58.91 103.30
CA GLU O 740 146.68 59.18 104.16
C GLU O 740 145.76 60.20 103.50
N LYS O 741 146.32 61.21 102.84
CA LYS O 741 145.56 62.08 101.93
C LYS O 741 145.29 61.43 100.59
N GLU O 742 145.48 60.12 100.44
CA GLU O 742 145.43 59.36 99.18
C GLU O 742 144.24 59.70 98.28
N LYS O 743 143.08 60.01 98.87
CA LYS O 743 141.93 60.54 98.12
C LYS O 743 142.31 61.71 97.22
N VAL O 744 143.06 62.67 97.76
CA VAL O 744 143.43 63.89 97.06
C VAL O 744 144.27 63.62 95.80
N PRO O 745 145.41 62.90 95.81
CA PRO O 745 146.11 62.58 94.57
C PRO O 745 145.24 61.84 93.54
N CYS O 746 144.36 60.94 93.98
CA CYS O 746 143.38 60.33 93.07
C CYS O 746 142.56 61.42 92.38
N ILE O 747 141.94 62.29 93.18
CA ILE O 747 141.09 63.38 92.72
C ILE O 747 141.83 64.31 91.79
N LEU O 748 143.07 64.69 92.12
CA LEU O 748 143.92 65.52 91.27
C LEU O 748 144.22 64.84 89.92
N MET O 749 144.55 63.55 89.93
CA MET O 749 144.72 62.81 88.68
C MET O 749 143.39 62.75 87.91
N ASN O 750 142.26 62.60 88.60
CA ASN O 750 140.95 62.67 87.98
C ASN O 750 140.66 64.06 87.45
N ASN O 751 141.12 65.13 88.11
CA ASN O 751 140.98 66.47 87.61
C ASN O 751 141.66 66.57 86.28
N THR O 752 142.92 66.14 86.26
CA THR O 752 143.81 66.18 85.10
C THR O 752 143.17 65.44 83.94
N GLN O 753 142.76 64.21 84.19
CA GLN O 753 142.06 63.42 83.21
C GLN O 753 140.73 64.07 82.80
N GLN O 754 140.01 64.66 83.76
CA GLN O 754 138.80 65.37 83.47
C GLN O 754 139.06 66.62 82.62
N LEU O 755 140.19 67.30 82.81
CA LEU O 755 140.62 68.35 81.90
C LEU O 755 140.69 67.77 80.53
N ARG O 756 141.49 66.72 80.32
CA ARG O 756 141.66 66.12 79.00
C ARG O 756 140.30 65.82 78.38
N VAL O 757 139.45 65.16 79.15
CA VAL O 757 138.12 64.78 78.74
C VAL O 757 137.32 66.01 78.30
N GLN O 758 137.20 67.03 79.14
CA GLN O 758 136.46 68.22 78.75
C GLN O 758 137.16 69.04 77.68
N LEU O 759 138.48 68.96 77.60
CA LEU O 759 139.26 69.61 76.58
C LEU O 759 138.88 69.01 75.24
N GLU O 760 138.79 67.69 75.13
CA GLU O 760 138.31 67.05 73.91
C GLU O 760 136.94 67.64 73.53
N LYS O 761 136.04 67.77 74.51
CA LYS O 761 134.71 68.38 74.31
C LYS O 761 134.81 69.82 73.83
N MET O 762 135.59 70.66 74.50
CA MET O 762 135.75 72.06 74.13
C MET O 762 136.38 72.21 72.76
N PHE O 763 137.36 71.36 72.45
CA PHE O 763 137.98 71.28 71.14
C PHE O 763 136.89 70.98 70.09
N GLU O 764 136.04 69.99 70.34
CA GLU O 764 134.88 69.80 69.49
C GLU O 764 133.99 71.03 69.44
N ALA O 765 133.73 71.68 70.57
CA ALA O 765 132.88 72.86 70.65
C ALA O 765 133.43 74.01 69.80
N MET O 766 134.75 74.16 69.77
CA MET O 766 135.49 75.05 68.88
C MET O 766 135.45 74.61 67.42
N GLY O 767 134.67 73.59 67.08
CA GLY O 767 134.59 73.06 65.75
C GLY O 767 135.67 72.02 65.49
N GLY O 768 136.02 71.22 66.50
CA GLY O 768 136.73 69.96 66.40
C GLY O 768 137.75 69.85 65.28
N LYS O 769 137.59 68.88 64.39
CA LYS O 769 138.53 68.61 63.29
C LYS O 769 138.41 69.64 62.17
N GLU O 770 137.35 70.43 62.19
CA GLU O 770 137.13 71.58 61.33
C GLU O 770 137.99 72.79 61.76
N LEU O 771 138.52 72.78 63.00
CA LEU O 771 139.27 73.86 63.62
C LEU O 771 140.50 74.27 62.80
N ASP O 772 140.87 75.55 62.90
CA ASP O 772 142.14 76.07 62.43
C ASP O 772 143.30 75.14 62.82
N ALA O 773 144.13 74.78 61.84
CA ALA O 773 145.14 73.77 62.03
C ALA O 773 146.17 74.11 63.13
N GLU O 774 146.34 75.38 63.51
CA GLU O 774 147.34 75.81 64.48
C GLU O 774 146.76 75.99 65.87
N ALA O 775 145.52 76.48 65.95
CA ALA O 775 144.72 76.29 67.14
C ALA O 775 144.64 74.80 67.46
N SER O 776 144.33 73.96 66.47
CA SER O 776 144.31 72.52 66.59
C SER O 776 145.69 71.98 67.00
N GLY O 777 146.77 72.37 66.31
CA GLY O 777 148.14 72.03 66.70
C GLY O 777 148.39 72.32 68.18
N THR O 778 147.99 73.50 68.63
CA THR O 778 148.10 73.92 70.03
C THR O 778 147.36 72.99 70.95
N LEU O 779 146.08 72.75 70.67
CA LEU O 779 145.30 71.90 71.55
C LEU O 779 145.76 70.43 71.51
N LYS O 780 146.34 69.96 70.40
CA LYS O 780 146.94 68.62 70.33
C LYS O 780 148.20 68.52 71.17
N GLU O 781 149.08 69.50 71.01
CA GLU O 781 150.25 69.69 71.87
C GLU O 781 149.86 69.68 73.34
N LEU O 782 148.82 70.46 73.66
CA LEU O 782 148.33 70.61 75.00
C LEU O 782 147.90 69.26 75.55
N GLN O 783 147.05 68.55 74.82
CA GLN O 783 146.56 67.23 75.21
C GLN O 783 147.72 66.24 75.43
N VAL O 784 148.74 66.23 74.56
CA VAL O 784 149.93 65.39 74.74
C VAL O 784 150.65 65.71 76.03
N LYS O 785 150.85 67.00 76.33
CA LYS O 785 151.49 67.41 77.58
C LYS O 785 150.67 67.00 78.79
N LEU O 786 149.36 67.24 78.75
CA LEU O 786 148.45 66.82 79.81
C LEU O 786 148.53 65.30 80.02
N ASN O 787 148.63 64.51 78.96
CA ASN O 787 148.86 63.07 79.08
C ASN O 787 150.17 62.76 79.82
N ASN O 788 151.26 63.41 79.40
CA ASN O 788 152.56 63.14 79.97
C ASN O 788 152.60 63.56 81.44
N VAL O 789 151.99 64.70 81.77
CA VAL O 789 151.75 65.12 83.17
C VAL O 789 151.09 63.97 83.92
N LEU O 790 149.99 63.40 83.40
CA LEU O 790 149.24 62.36 84.09
C LEU O 790 150.06 61.09 84.33
N ASP O 791 150.94 60.71 83.41
CA ASP O 791 151.90 59.64 83.67
C ASP O 791 152.78 59.95 84.87
N GLU O 792 153.35 61.16 84.92
CA GLU O 792 154.28 61.50 85.98
C GLU O 792 153.57 61.59 87.32
N LEU O 793 152.34 62.11 87.36
CA LEU O 793 151.53 62.05 88.56
C LEU O 793 151.26 60.61 88.98
N SER O 794 150.85 59.72 88.07
CA SER O 794 150.63 58.31 88.42
C SER O 794 151.87 57.65 89.01
N HIS O 795 153.04 58.01 88.49
CA HIS O 795 154.31 57.53 88.94
C HIS O 795 154.63 58.06 90.32
N VAL O 796 154.64 59.39 90.47
CA VAL O 796 154.88 60.08 91.73
C VAL O 796 153.97 59.54 92.81
N PHE O 797 152.70 59.29 92.47
CA PHE O 797 151.75 58.70 93.37
C PHE O 797 152.13 57.29 93.77
N ALA O 798 152.25 56.38 92.81
CA ALA O 798 152.61 54.99 93.08
C ALA O 798 153.91 54.87 93.89
N THR O 799 154.83 55.78 93.64
CA THR O 799 156.10 55.88 94.33
C THR O 799 155.95 56.15 95.81
N SER O 800 155.00 56.98 96.28
CA SER O 800 154.91 57.26 97.73
C SER O 800 154.51 56.04 98.55
N PHE O 801 153.93 55.01 97.92
CA PHE O 801 153.63 53.72 98.53
C PHE O 801 154.80 52.76 98.50
N GLN O 802 155.78 52.99 97.63
CA GLN O 802 156.93 52.15 97.45
C GLN O 802 157.59 51.71 98.77
N PRO O 803 157.79 52.60 99.77
CA PRO O 803 158.41 52.18 101.02
C PRO O 803 157.56 51.16 101.76
N HIS O 804 156.26 51.41 101.77
CA HIS O 804 155.31 50.50 102.38
C HIS O 804 155.28 49.17 101.64
N ILE O 805 155.32 49.23 100.33
CA ILE O 805 155.35 48.06 99.47
C ILE O 805 156.61 47.25 99.76
N GLU O 806 157.77 47.88 99.72
CA GLU O 806 159.05 47.24 100.01
C GLU O 806 159.10 46.64 101.40
N GLU O 807 158.58 47.38 102.38
CA GLU O 807 158.45 46.91 103.74
C GLU O 807 157.60 45.64 103.80
N CYS O 808 156.36 45.72 103.33
CA CYS O 808 155.46 44.59 103.28
C CYS O 808 156.11 43.42 102.56
N VAL O 809 156.70 43.64 101.38
CA VAL O 809 157.33 42.59 100.59
C VAL O 809 158.49 41.97 101.36
N ARG O 810 159.29 42.76 102.08
CA ARG O 810 160.33 42.20 102.92
C ARG O 810 159.70 41.32 104.00
N GLN O 811 158.60 41.74 104.64
CA GLN O 811 157.91 40.88 105.60
C GLN O 811 157.39 39.62 104.94
N MET O 812 156.86 39.72 103.73
CA MET O 812 156.39 38.55 103.01
C MET O 812 157.57 37.61 102.74
N GLY O 813 158.73 38.17 102.39
CA GLY O 813 159.98 37.42 102.24
C GLY O 813 160.41 36.76 103.54
N ASP O 814 160.31 37.49 104.65
CA ASP O 814 160.54 36.94 105.99
C ASP O 814 159.60 35.78 106.27
N ILE O 815 158.31 35.94 106.01
CA ILE O 815 157.30 34.90 106.20
C ILE O 815 157.58 33.71 105.28
N LEU O 816 157.98 33.94 104.03
CA LEU O 816 158.31 32.86 103.10
C LEU O 816 159.52 32.09 103.59
N SER O 817 160.52 32.71 104.21
CA SER O 817 161.72 31.99 104.67
C SER O 817 161.44 30.91 105.73
N GLN O 818 160.24 30.90 106.30
CA GLN O 818 159.78 29.85 107.20
C GLN O 818 159.34 28.60 106.41
N VAL O 819 158.76 28.82 105.24
CA VAL O 819 158.58 27.79 104.19
C VAL O 819 159.94 27.44 103.61
N LYS O 820 160.23 26.16 103.43
CA LYS O 820 161.40 25.73 102.65
C LYS O 820 160.97 24.69 101.61
N GLY O 821 161.86 23.84 101.12
CA GLY O 821 161.49 22.84 100.14
C GLY O 821 160.73 21.68 100.76
N THR O 822 159.44 21.84 101.01
CA THR O 822 158.75 21.06 102.06
C THR O 822 158.31 19.66 101.69
N GLY O 823 158.76 19.12 100.56
CA GLY O 823 158.91 17.66 100.46
C GLY O 823 160.03 17.12 101.38
N ASN O 824 160.94 17.99 101.82
CA ASN O 824 162.04 17.74 102.74
C ASN O 824 161.86 18.48 104.11
N VAL O 825 160.61 18.82 104.54
CA VAL O 825 160.33 19.59 105.78
C VAL O 825 158.96 19.20 106.43
N PRO O 826 158.77 19.30 107.77
CA PRO O 826 157.52 19.01 108.48
C PRO O 826 156.29 19.85 108.08
N ALA O 827 155.10 19.35 108.44
CA ALA O 827 153.75 19.82 108.07
C ALA O 827 153.35 21.24 108.49
N SER O 828 154.13 21.96 109.30
CA SER O 828 153.91 23.40 109.56
C SER O 828 154.46 24.31 108.46
N ALA O 829 155.41 23.80 107.67
CA ALA O 829 155.93 24.43 106.47
C ALA O 829 155.63 23.59 105.21
N CYS O 830 155.39 22.28 105.32
CA CYS O 830 154.55 21.53 104.37
C CYS O 830 153.04 21.76 104.66
N SER O 831 152.75 22.80 105.46
CA SER O 831 151.52 23.60 105.46
C SER O 831 151.11 23.82 104.00
N SER O 832 149.81 23.81 103.70
CA SER O 832 149.38 23.79 102.30
C SER O 832 149.96 24.98 101.56
N VAL O 833 150.12 24.80 100.26
CA VAL O 833 150.59 25.86 99.36
C VAL O 833 149.78 27.15 99.54
N ALA O 834 148.47 27.01 99.78
CA ALA O 834 147.55 28.09 100.08
C ALA O 834 147.81 28.76 101.44
N GLN O 835 147.91 28.00 102.54
CA GLN O 835 148.15 28.58 103.87
C GLN O 835 149.47 29.34 103.92
N ASP O 836 150.53 28.74 103.39
CA ASP O 836 151.80 29.44 103.24
C ASP O 836 151.65 30.70 102.39
N ALA O 837 151.00 30.62 101.22
CA ALA O 837 150.80 31.79 100.38
C ALA O 837 150.04 32.88 101.14
N ASP O 838 148.99 32.53 101.87
CA ASP O 838 148.21 33.47 102.67
C ASP O 838 149.07 34.14 103.75
N ASN O 839 149.79 33.34 104.52
CA ASN O 839 150.69 33.83 105.55
C ASN O 839 151.64 34.84 104.95
N VAL O 840 152.33 34.39 103.91
CA VAL O 840 153.26 35.16 103.13
C VAL O 840 152.62 36.44 102.65
N LEU O 841 151.48 36.34 101.95
CA LEU O 841 150.72 37.42 101.31
C LEU O 841 150.22 38.45 102.30
N GLN O 842 150.07 38.10 103.57
CA GLN O 842 149.18 38.88 104.38
C GLN O 842 149.61 40.35 104.54
N PRO O 843 150.90 40.67 104.76
CA PRO O 843 151.35 42.04 104.86
C PRO O 843 150.94 42.93 103.70
N ILE O 844 150.89 42.38 102.48
CA ILE O 844 150.49 43.17 101.32
C ILE O 844 148.98 43.12 101.08
N MET O 845 148.30 42.01 101.31
CA MET O 845 146.87 41.92 100.97
C MET O 845 146.04 42.93 101.75
N ASP O 846 146.44 43.19 102.98
CA ASP O 846 145.86 44.22 103.82
C ASP O 846 145.95 45.59 103.15
N LEU O 847 147.17 45.98 102.80
CA LEU O 847 147.48 47.23 102.10
C LEU O 847 146.67 47.27 100.79
N LEU O 848 146.79 46.23 99.99
CA LEU O 848 146.21 46.14 98.67
C LEU O 848 144.71 46.31 98.74
N ASP O 849 144.03 45.49 99.52
CA ASP O 849 142.61 45.35 99.34
C ASP O 849 141.94 46.70 99.61
N SER O 850 142.29 47.25 100.76
CA SER O 850 141.86 48.56 101.19
C SER O 850 142.14 49.60 100.11
N ASN O 851 143.40 49.72 99.72
CA ASN O 851 143.80 50.78 98.83
C ASN O 851 143.23 50.59 97.44
N LEU O 852 143.33 49.41 96.84
CA LEU O 852 142.79 49.16 95.52
C LEU O 852 141.30 49.34 95.52
N THR O 853 140.60 48.96 96.58
CA THR O 853 139.17 49.22 96.64
C THR O 853 138.89 50.71 96.72
N LEU O 854 139.58 51.42 97.61
CA LEU O 854 139.45 52.86 97.72
C LEU O 854 139.73 53.52 96.37
N PHE O 855 140.83 53.17 95.72
CA PHE O 855 141.24 53.72 94.43
C PHE O 855 140.27 53.32 93.34
N ALA O 856 139.77 52.09 93.32
CA ALA O 856 138.78 51.67 92.36
C ALA O 856 137.47 52.47 92.52
N LYS O 857 137.09 52.79 93.76
CA LYS O 857 135.97 53.68 94.03
C LYS O 857 136.27 55.10 93.51
N ILE O 858 137.45 55.65 93.79
CA ILE O 858 137.71 57.09 93.66
C ILE O 858 138.62 57.55 92.51
N CYS O 859 139.24 56.66 91.72
CA CYS O 859 140.05 57.01 90.54
C CYS O 859 139.29 56.75 89.24
N GLU O 860 139.42 57.68 88.31
CA GLU O 860 138.98 57.49 86.94
C GLU O 860 139.82 56.39 86.26
N LYS O 861 139.27 55.66 85.31
CA LYS O 861 139.87 54.37 84.92
C LYS O 861 141.25 54.57 84.26
N THR O 862 141.38 55.57 83.41
CA THR O 862 142.65 56.11 82.89
C THR O 862 143.67 56.33 84.01
N VAL O 863 143.24 57.07 85.03
CA VAL O 863 144.06 57.39 86.19
C VAL O 863 144.50 56.12 86.89
N LEU O 864 143.53 55.30 87.24
CA LEU O 864 143.69 54.07 87.97
C LEU O 864 144.64 53.15 87.24
N LYS O 865 144.49 52.98 85.93
CA LYS O 865 145.29 52.04 85.17
C LYS O 865 146.74 52.43 85.25
N ARG O 866 147.02 53.72 85.08
CA ARG O 866 148.38 54.27 85.18
C ARG O 866 148.93 54.04 86.58
N VAL O 867 148.14 54.39 87.59
CA VAL O 867 148.50 54.16 88.99
C VAL O 867 148.85 52.68 89.20
N LEU O 868 147.97 51.80 88.75
CA LEU O 868 148.13 50.37 88.91
C LEU O 868 149.32 49.85 88.15
N LYS O 869 149.59 50.31 86.94
CA LYS O 869 150.76 49.84 86.18
C LYS O 869 152.03 50.16 86.94
N GLU O 870 152.10 51.40 87.40
CA GLU O 870 153.22 51.90 88.17
C GLU O 870 153.40 51.08 89.43
N LEU O 871 152.32 50.88 90.17
CA LEU O 871 152.31 50.04 91.35
C LEU O 871 152.70 48.60 91.00
N TRP O 872 152.16 48.04 89.92
CA TRP O 872 152.35 46.66 89.52
C TRP O 872 153.79 46.37 89.25
N LYS O 873 154.39 47.19 88.41
CA LYS O 873 155.81 47.19 88.12
C LYS O 873 156.57 47.21 89.42
N LEU O 874 156.29 48.23 90.24
CA LEU O 874 156.95 48.43 91.52
C LEU O 874 156.87 47.16 92.36
N VAL O 875 155.68 46.62 92.52
CA VAL O 875 155.41 45.41 93.29
C VAL O 875 156.20 44.25 92.73
N MET O 876 155.98 43.91 91.47
CA MET O 876 156.67 42.82 90.78
C MET O 876 158.16 42.86 90.98
N ASN O 877 158.74 44.03 90.73
CA ASN O 877 160.15 44.24 90.87
C ASN O 877 160.58 44.06 92.32
N THR O 878 159.79 44.60 93.24
CA THR O 878 160.04 44.47 94.66
C THR O 878 160.07 43.02 95.08
N MET O 879 159.10 42.23 94.66
CA MET O 879 159.08 40.81 94.99
C MET O 879 160.25 40.09 94.35
N GLU O 880 160.52 40.39 93.09
CA GLU O 880 161.57 39.71 92.38
C GLU O 880 162.90 39.90 93.07
N ARG O 881 163.19 41.14 93.45
CA ARG O 881 164.32 41.51 94.27
C ARG O 881 164.20 40.88 95.65
N THR O 882 163.31 41.41 96.45
CA THR O 882 163.16 41.17 97.88
C THR O 882 162.77 39.74 98.24
N ILE O 883 162.33 38.93 97.28
CA ILE O 883 161.85 37.58 97.57
C ILE O 883 162.44 36.53 96.65
N VAL O 884 162.55 36.77 95.34
CA VAL O 884 162.99 35.70 94.43
C VAL O 884 164.48 35.72 94.20
N LEU O 885 165.09 36.88 94.25
CA LEU O 885 166.52 37.01 94.36
C LEU O 885 166.83 37.64 95.72
N PRO O 886 166.29 37.02 96.79
CA PRO O 886 166.00 37.72 98.02
C PRO O 886 167.25 38.11 98.78
N PRO O 887 167.11 39.05 99.74
CA PRO O 887 168.05 39.17 100.83
C PRO O 887 168.13 37.85 101.61
N GLU O 888 167.00 37.15 101.86
CA GLU O 888 166.95 35.78 102.42
C GLU O 888 167.48 34.66 101.49
N PHE O 889 168.46 34.95 100.63
CA PHE O 889 169.35 33.95 100.03
C PHE O 889 170.75 34.51 99.72
N LEU O 890 170.92 35.38 98.72
CA LEU O 890 172.28 35.65 98.21
C LEU O 890 173.14 36.47 99.16
N SER O 891 172.51 37.36 99.94
CA SER O 891 173.19 38.10 101.02
C SER O 891 173.72 37.20 102.14
N LYS O 892 173.36 35.90 102.15
CA LYS O 892 174.03 34.87 102.95
C LYS O 892 175.13 34.16 102.17
N LEU O 893 174.82 33.59 101.00
CA LEU O 893 175.78 32.76 100.24
C LEU O 893 177.04 33.52 99.82
N LYS O 894 176.90 34.77 99.34
CA LYS O 894 178.07 35.59 98.97
C LYS O 894 178.72 36.32 100.16
N ASP O 895 178.27 36.05 101.37
CA ASP O 895 178.76 36.62 102.63
C ASP O 895 179.47 35.56 103.49
N HIS O 896 179.98 35.94 104.66
CA HIS O 896 180.53 35.04 105.68
C HIS O 896 179.47 34.11 106.30
N MET O 897 178.19 34.44 106.08
CA MET O 897 177.03 33.62 106.41
C MET O 897 176.97 32.33 105.56
N VAL O 898 175.88 31.58 105.71
CA VAL O 898 175.71 30.24 105.12
C VAL O 898 175.81 30.24 103.60
N ARG O 899 176.56 29.28 103.05
CA ARG O 899 176.58 28.81 101.65
C ARG O 899 175.20 28.25 101.28
N GLU O 900 174.23 29.16 101.17
CA GLU O 900 172.84 28.83 101.40
C GLU O 900 172.30 27.75 100.46
N GLU O 901 171.28 27.11 101.00
CA GLU O 901 170.25 26.50 100.21
C GLU O 901 168.94 27.29 100.23
N ALA O 902 168.79 28.28 101.10
CA ALA O 902 167.52 28.77 101.66
C ALA O 902 166.62 27.60 102.11
N LYS O 903 167.31 26.56 102.62
CA LYS O 903 166.84 25.19 102.83
C LYS O 903 165.99 24.64 101.67
N SER O 904 166.57 24.80 100.49
CA SER O 904 166.14 24.36 99.15
C SER O 904 164.89 25.07 98.64
N LEU O 905 165.05 26.01 97.69
CA LEU O 905 163.96 26.64 96.92
C LEU O 905 163.38 25.66 95.89
N THR O 906 162.87 24.55 96.40
CA THR O 906 162.23 23.50 95.60
C THR O 906 160.90 23.99 95.04
N PRO O 907 160.25 23.15 94.22
CA PRO O 907 158.82 23.07 94.04
C PRO O 907 157.94 23.81 95.05
N LYS O 908 158.10 23.62 96.36
CA LYS O 908 157.19 24.23 97.33
C LYS O 908 157.21 25.74 97.35
N GLN O 909 158.36 26.39 97.49
CA GLN O 909 158.45 27.85 97.44
C GLN O 909 158.38 28.36 96.00
N CYS O 910 158.43 27.48 94.99
CA CYS O 910 158.08 27.87 93.62
C CYS O 910 156.55 28.02 93.49
N ALA O 911 155.82 26.98 93.89
CA ALA O 911 154.47 27.14 94.41
C ALA O 911 154.52 28.07 95.64
N VAL O 912 153.40 28.35 96.30
CA VAL O 912 153.29 29.41 97.33
C VAL O 912 153.44 30.76 96.67
N VAL O 913 154.62 31.07 96.15
CA VAL O 913 154.91 32.26 95.36
C VAL O 913 154.09 32.29 94.10
N GLU O 914 154.06 31.24 93.29
CA GLU O 914 153.23 31.26 92.08
C GLU O 914 151.75 31.47 92.39
N LEU O 915 151.27 30.90 93.48
CA LEU O 915 149.91 31.14 93.95
C LEU O 915 149.73 32.56 94.49
N ALA O 916 150.70 33.07 95.24
CA ALA O 916 150.68 34.41 95.78
C ALA O 916 150.67 35.42 94.62
N LEU O 917 151.55 35.24 93.64
CA LEU O 917 151.58 35.97 92.38
C LEU O 917 150.22 35.90 91.74
N ASP O 918 149.61 34.73 91.63
CA ASP O 918 148.29 34.65 91.02
C ASP O 918 147.27 35.44 91.81
N THR O 919 147.29 35.31 93.13
CA THR O 919 146.40 36.02 94.03
C THR O 919 146.53 37.52 93.84
N ILE O 920 147.76 37.99 93.81
CA ILE O 920 148.13 39.37 93.54
C ILE O 920 147.66 39.76 92.14
N LYS O 921 147.86 38.91 91.14
CA LYS O 921 147.47 39.16 89.75
C LYS O 921 145.95 39.27 89.65
N GLN O 922 145.20 38.46 90.38
CA GLN O 922 143.77 38.60 90.49
C GLN O 922 143.40 39.90 91.18
N TYR O 923 144.16 40.29 92.21
CA TYR O 923 143.98 41.53 92.92
C TYR O 923 144.21 42.76 92.05
N PHE O 924 145.36 42.85 91.39
CA PHE O 924 145.69 43.88 90.41
C PHE O 924 144.74 43.87 89.24
N HIS O 925 144.29 42.69 88.82
CA HIS O 925 143.32 42.58 87.77
C HIS O 925 141.97 43.11 88.22
N ALA O 926 141.60 42.83 89.47
CA ALA O 926 140.32 43.17 90.08
C ALA O 926 139.16 42.89 89.11
N GLY O 927 139.14 41.72 88.50
CA GLY O 927 138.09 41.35 87.53
C GLY O 927 138.02 42.22 86.27
N GLY O 928 139.11 42.88 85.88
CA GLY O 928 139.17 43.82 84.75
C GLY O 928 138.94 45.28 85.15
N VAL O 929 138.51 45.55 86.39
CA VAL O 929 138.45 46.92 86.94
C VAL O 929 139.86 47.51 87.07
N GLY O 930 140.81 46.64 87.42
CA GLY O 930 142.22 46.97 87.48
C GLY O 930 142.91 46.78 86.13
N LEU O 931 144.05 46.10 86.13
CA LEU O 931 144.84 45.86 84.92
C LEU O 931 144.35 44.65 84.11
N LYS O 932 144.66 44.66 82.81
CA LYS O 932 144.31 43.56 81.89
C LYS O 932 145.12 42.32 82.23
N LYS O 933 144.49 41.14 82.27
CA LYS O 933 145.23 39.87 82.41
C LYS O 933 146.31 39.70 81.33
N THR O 934 146.12 40.27 80.14
CA THR O 934 147.14 40.32 79.08
C THR O 934 148.39 41.06 79.52
N PHE O 935 148.29 42.32 79.94
CA PHE O 935 149.40 43.12 80.46
C PHE O 935 150.10 42.42 81.62
N LEU O 936 149.33 41.81 82.52
CA LEU O 936 149.86 41.13 83.69
C LEU O 936 150.61 39.86 83.27
N GLU O 937 150.00 39.00 82.44
CA GLU O 937 150.65 37.80 81.94
C GLU O 937 151.91 38.13 81.13
N LYS O 938 151.79 39.12 80.24
CA LYS O 938 152.90 39.63 79.44
C LYS O 938 153.64 40.75 80.16
N SER O 939 153.59 40.79 81.49
CA SER O 939 154.39 41.73 82.25
C SER O 939 155.81 41.21 82.27
N PRO O 940 156.79 41.97 81.78
CA PRO O 940 158.18 41.59 81.89
C PRO O 940 158.58 41.48 83.36
N ASP O 941 157.98 42.30 84.21
CA ASP O 941 158.15 42.29 85.64
C ASP O 941 157.77 40.90 86.20
N LEU O 942 156.63 40.37 85.76
CA LEU O 942 156.22 39.01 86.07
C LEU O 942 157.07 37.96 85.36
N GLN O 943 157.37 38.13 84.09
CA GLN O 943 158.04 37.12 83.27
C GLN O 943 159.49 36.94 83.71
N SER O 944 160.14 38.03 84.07
CA SER O 944 161.41 38.00 84.75
C SER O 944 161.27 37.27 86.08
N LEU O 945 160.26 37.62 86.87
CA LEU O 945 160.03 37.01 88.16
C LEU O 945 159.90 35.49 88.04
N ARG O 946 159.05 35.03 87.11
CA ARG O 946 158.93 33.64 86.66
C ARG O 946 160.25 33.07 86.19
N TYR O 947 161.02 33.83 85.43
CA TYR O 947 162.27 33.32 84.94
C TYR O 947 163.28 33.09 86.08
N ALA O 948 163.42 34.02 87.02
CA ALA O 948 164.28 33.82 88.18
C ALA O 948 163.82 32.59 88.97
N LEU O 949 162.50 32.43 89.15
CA LEU O 949 161.93 31.23 89.75
C LEU O 949 162.36 29.96 89.01
N SER O 950 162.43 29.99 87.69
CA SER O 950 162.87 28.82 86.92
C SER O 950 164.33 28.44 87.20
N LEU O 951 165.23 29.41 87.44
CA LEU O 951 166.64 29.08 87.73
C LEU O 951 166.72 28.11 88.89
N TYR O 952 165.94 28.36 89.94
CA TYR O 952 166.02 27.61 91.19
C TYR O 952 165.81 26.12 91.04
N THR O 953 165.02 25.69 90.08
CA THR O 953 164.72 24.27 89.86
C THR O 953 165.64 23.62 88.82
N GLN O 954 166.49 24.36 88.12
CA GLN O 954 167.21 23.85 86.95
C GLN O 954 168.23 22.74 87.24
N ALA O 955 168.57 22.03 86.17
CA ALA O 955 169.60 21.00 86.14
C ALA O 955 171.01 21.58 86.36
N THR O 956 171.86 20.79 86.98
CA THR O 956 173.23 21.14 87.33
C THR O 956 174.07 21.58 86.14
N ASP O 957 174.06 20.85 85.03
CA ASP O 957 174.86 21.23 83.87
C ASP O 957 174.35 22.50 83.21
N LEU O 958 173.04 22.71 83.16
CA LEU O 958 172.45 23.93 82.61
C LEU O 958 172.85 25.15 83.45
N LEU O 959 172.84 25.00 84.77
CA LEU O 959 173.34 25.97 85.72
C LEU O 959 174.85 26.21 85.49
N ILE O 960 175.67 25.17 85.43
CA ILE O 960 177.11 25.27 85.19
C ILE O 960 177.43 25.95 83.85
N LYS O 961 176.68 25.62 82.79
CA LYS O 961 176.78 26.29 81.49
C LYS O 961 176.49 27.77 81.62
N THR O 962 175.38 28.09 82.30
CA THR O 962 175.01 29.47 82.59
C THR O 962 176.13 30.18 83.33
N PHE O 963 176.77 29.52 84.31
CA PHE O 963 177.94 30.05 84.98
C PHE O 963 179.07 30.35 84.01
N VAL O 964 179.59 29.37 83.26
CA VAL O 964 180.77 29.62 82.40
C VAL O 964 180.48 30.69 81.35
N GLN O 965 179.29 30.67 80.75
CA GLN O 965 178.88 31.68 79.77
C GLN O 965 178.77 33.08 80.38
N THR O 966 178.28 33.20 81.62
CA THR O 966 178.14 34.49 82.30
C THR O 966 179.45 34.96 82.92
N GLN O 967 180.27 34.05 83.45
CA GLN O 967 181.58 34.35 84.05
C GLN O 967 182.67 34.55 82.98
N SER O 968 182.34 35.16 81.85
CA SER O 968 183.27 35.53 80.77
C SER O 968 184.48 36.33 81.27
N ALA O 969 184.29 37.14 82.30
CA ALA O 969 185.32 37.93 82.97
C ALA O 969 186.36 37.10 83.75
N GLN O 970 186.15 35.79 83.96
CA GLN O 970 187.16 34.89 84.55
C GLN O 970 188.28 34.60 83.55
N GLY O 971 189.17 35.56 83.39
CA GLY O 971 190.35 35.50 82.53
C GLY O 971 190.94 36.89 82.32
N SER O 972 190.10 37.87 81.99
CA SER O 972 190.48 39.28 81.92
C SER O 972 190.57 39.89 83.32
N GLY O 973 191.79 40.01 83.83
CA GLY O 973 192.11 40.59 85.13
C GLY O 973 192.11 39.58 86.28
N VAL O 974 193.22 39.57 87.03
CA VAL O 974 193.42 38.84 88.29
C VAL O 974 193.83 39.85 89.36
N GLU O 975 193.15 39.84 90.51
CA GLU O 975 193.58 40.66 91.66
C GLU O 975 194.78 40.01 92.39
N ASP O 976 195.89 40.74 92.47
CA ASP O 976 197.20 40.33 93.05
C ASP O 976 197.73 38.95 92.56
N PRO O 977 198.37 38.87 91.38
CA PRO O 977 198.91 37.62 90.87
C PRO O 977 200.09 37.05 91.69
N VAL O 978 200.10 35.74 91.92
CA VAL O 978 201.13 34.95 92.66
C VAL O 978 202.20 34.30 91.78
N GLY O 979 202.24 34.70 90.52
CA GLY O 979 203.03 34.10 89.46
C GLY O 979 202.22 34.08 88.18
N GLU O 980 202.73 33.39 87.17
CA GLU O 980 202.04 33.17 85.92
C GLU O 980 202.48 31.85 85.27
N VAL O 981 201.61 31.25 84.44
CA VAL O 981 201.91 30.01 83.70
C VAL O 981 201.87 30.27 82.21
N SER O 982 202.96 29.94 81.52
CA SER O 982 203.00 29.85 80.08
C SER O 982 202.45 28.49 79.69
N VAL O 983 201.27 28.52 79.10
CA VAL O 983 200.68 27.38 78.43
C VAL O 983 200.66 27.66 76.94
N HIS O 984 200.97 26.64 76.14
CA HIS O 984 200.55 26.62 74.74
C HIS O 984 199.41 25.62 74.62
N VAL O 985 198.24 26.12 74.24
CA VAL O 985 197.01 25.32 74.21
C VAL O 985 196.54 25.17 72.78
N GLU O 986 196.15 23.97 72.37
CA GLU O 986 195.58 23.71 71.05
C GLU O 986 194.19 23.10 71.19
N LEU O 987 193.17 23.82 70.71
CA LEU O 987 191.80 23.33 70.58
C LEU O 987 191.69 22.53 69.28
N PHE O 988 192.18 21.30 69.31
CA PHE O 988 191.87 20.34 68.27
C PHE O 988 190.43 19.86 68.41
N THR O 989 189.55 20.35 67.54
CA THR O 989 188.36 19.59 67.13
C THR O 989 188.89 18.25 66.64
N HIS O 990 188.68 17.23 67.46
CA HIS O 990 189.54 16.07 67.56
C HIS O 990 189.49 15.18 66.31
N PRO O 991 190.62 14.95 65.61
CA PRO O 991 190.63 14.23 64.34
C PRO O 991 190.21 12.74 64.46
N GLY O 992 190.33 12.13 65.64
CA GLY O 992 189.88 10.74 65.86
C GLY O 992 188.39 10.56 66.16
N THR O 993 187.64 11.63 66.49
CA THR O 993 186.24 11.50 67.00
C THR O 993 185.28 12.66 66.66
N GLY O 994 185.75 13.82 66.20
CA GLY O 994 184.93 15.02 65.98
C GLY O 994 184.43 15.72 67.25
N GLU O 995 184.81 15.24 68.44
CA GLU O 995 184.66 15.97 69.70
C GLU O 995 185.57 17.22 69.72
N GLN O 996 185.58 17.99 70.80
CA GLN O 996 186.67 18.93 71.04
C GLN O 996 187.61 18.40 72.12
N LYS O 997 188.89 18.33 71.77
CA LYS O 997 189.99 18.06 72.68
C LYS O 997 190.87 19.29 72.83
N VAL O 998 191.60 19.32 73.93
CA VAL O 998 192.39 20.49 74.32
C VAL O 998 193.79 20.02 74.68
N THR O 999 194.72 20.11 73.72
CA THR O 999 196.12 19.80 73.99
C THR O 999 196.73 20.97 74.75
N VAL O 1000 196.86 20.85 76.08
CA VAL O 1000 197.54 21.85 76.90
C VAL O 1000 199.00 21.43 77.07
N LYS O 1001 199.90 22.04 76.29
CA LYS O 1001 201.34 21.98 76.53
C LYS O 1001 201.69 22.98 77.63
N VAL O 1002 201.92 22.48 78.84
CA VAL O 1002 202.45 23.29 79.94
C VAL O 1002 203.90 23.60 79.61
N VAL O 1003 204.18 24.84 79.20
CA VAL O 1003 205.53 25.24 78.84
C VAL O 1003 206.34 25.48 80.10
N ALA O 1004 205.89 26.41 80.93
CA ALA O 1004 206.62 26.84 82.12
C ALA O 1004 205.72 27.59 83.09
N ALA O 1005 206.14 27.73 84.33
CA ALA O 1005 205.69 28.82 85.20
C ALA O 1005 206.78 29.89 85.38
N ASN O 1006 206.38 31.04 85.90
CA ASN O 1006 207.23 32.20 86.17
C ASN O 1006 206.71 33.00 87.38
N ASP O 1007 207.61 33.75 88.04
CA ASP O 1007 207.33 34.61 89.20
C ASP O 1007 206.64 33.89 90.38
N LEU O 1008 206.84 32.57 90.55
CA LEU O 1008 206.17 31.78 91.58
C LEU O 1008 206.51 32.30 92.99
N LYS O 1009 205.52 32.88 93.67
CA LYS O 1009 205.63 33.34 95.07
C LYS O 1009 205.51 32.12 96.00
N TRP O 1010 206.56 31.29 96.10
CA TRP O 1010 206.56 30.04 96.89
C TRP O 1010 207.91 29.68 97.51
N GLN O 1011 208.58 30.63 98.16
CA GLN O 1011 209.91 30.40 98.74
C GLN O 1011 209.84 29.53 100.02
N THR O 1012 209.58 28.24 99.82
CA THR O 1012 209.28 27.26 100.88
C THR O 1012 210.50 26.79 101.69
N SER O 1013 210.25 26.28 102.91
CA SER O 1013 211.26 25.82 103.87
C SER O 1013 211.85 24.44 103.54
N GLY O 1014 211.02 23.50 103.06
CA GLY O 1014 211.48 22.28 102.41
C GLY O 1014 212.08 22.59 101.02
N ILE O 1015 212.61 21.58 100.34
CA ILE O 1015 213.01 21.73 98.94
C ILE O 1015 211.73 21.98 98.11
N PHE O 1016 211.69 23.09 97.37
CA PHE O 1016 210.60 23.36 96.46
C PHE O 1016 210.64 22.39 95.28
N ARG O 1017 209.52 21.78 94.90
CA ARG O 1017 209.44 20.81 93.79
C ARG O 1017 208.19 21.06 92.94
N PRO O 1018 208.03 22.24 92.32
CA PRO O 1018 206.81 22.58 91.62
C PRO O 1018 206.51 21.64 90.46
N PHE O 1019 205.22 21.37 90.29
CA PHE O 1019 204.58 20.77 89.15
C PHE O 1019 203.31 21.58 88.85
N ILE O 1020 202.76 21.44 87.66
CA ILE O 1020 201.55 22.19 87.29
C ILE O 1020 200.42 21.22 87.09
N GLU O 1021 199.37 21.40 87.88
CA GLU O 1021 198.07 20.84 87.58
C GLU O 1021 197.35 21.73 86.55
N VAL O 1022 196.59 21.11 85.66
CA VAL O 1022 195.62 21.81 84.82
C VAL O 1022 194.26 21.15 85.01
N ASN O 1023 193.21 21.96 85.12
CA ASN O 1023 191.83 21.49 85.19
C ASN O 1023 191.01 22.03 84.01
N ILE O 1024 189.91 21.37 83.68
CA ILE O 1024 188.88 21.87 82.76
C ILE O 1024 187.55 22.08 83.51
N VAL O 1025 186.87 23.20 83.24
CA VAL O 1025 185.55 23.53 83.79
C VAL O 1025 184.55 23.83 82.67
N GLY O 1026 183.32 23.40 82.87
CA GLY O 1026 182.19 23.52 81.96
C GLY O 1026 181.13 22.44 82.21
N PRO O 1027 180.02 22.45 81.48
CA PRO O 1027 178.97 21.44 81.59
C PRO O 1027 179.43 20.09 81.03
N GLN O 1028 178.76 19.01 81.42
CA GLN O 1028 179.03 17.63 80.98
C GLN O 1028 180.50 17.20 81.19
N LEU O 1029 181.02 17.30 82.42
CA LEU O 1029 182.38 16.86 82.80
C LEU O 1029 182.38 15.81 83.95
N SER O 1030 181.25 15.18 84.26
CA SER O 1030 181.14 14.11 85.26
C SER O 1030 181.88 12.82 84.87
N ASP O 1031 182.00 12.57 83.57
CA ASP O 1031 182.52 11.37 82.92
C ASP O 1031 183.94 11.54 82.35
N LYS O 1032 184.48 12.77 82.38
CA LYS O 1032 185.72 13.15 81.69
C LYS O 1032 186.77 13.65 82.67
N LYS O 1033 188.03 13.35 82.33
CA LYS O 1033 189.22 13.67 83.14
C LYS O 1033 189.32 15.19 83.33
N ARG O 1034 188.81 15.68 84.45
CA ARG O 1034 188.78 17.11 84.77
C ARG O 1034 190.14 17.68 85.14
N LYS O 1035 191.17 16.85 85.34
CA LYS O 1035 192.49 17.21 85.89
C LYS O 1035 193.65 16.50 85.21
N PHE O 1036 194.79 17.16 85.08
CA PHE O 1036 196.12 16.60 84.71
C PHE O 1036 197.20 17.20 85.60
N ALA O 1037 198.39 16.59 85.68
CA ALA O 1037 199.55 17.17 86.37
C ALA O 1037 200.90 16.80 85.71
N THR O 1038 201.85 17.74 85.72
CA THR O 1038 203.21 17.52 85.15
C THR O 1038 204.09 16.68 86.09
N LYS O 1039 205.26 16.24 85.63
CA LYS O 1039 206.38 15.91 86.55
C LYS O 1039 206.76 17.15 87.36
N SER O 1040 207.43 16.94 88.48
CA SER O 1040 208.02 18.00 89.31
C SER O 1040 209.40 18.47 88.80
N LYS O 1041 209.80 19.70 89.17
CA LYS O 1041 211.16 20.26 88.96
C LYS O 1041 211.76 20.74 90.27
N ASN O 1042 212.97 20.32 90.61
CA ASN O 1042 213.59 20.69 91.88
C ASN O 1042 214.02 22.16 91.90
N ASN O 1043 213.78 22.81 93.04
CA ASN O 1043 214.37 24.08 93.47
C ASN O 1043 214.30 25.18 92.38
N SER O 1044 213.10 25.45 91.85
CA SER O 1044 212.96 26.26 90.63
C SER O 1044 211.65 27.05 90.60
N TRP O 1045 211.72 28.36 90.76
CA TRP O 1045 210.56 29.29 90.78
C TRP O 1045 210.15 29.86 89.42
N ALA O 1046 210.90 29.55 88.36
CA ALA O 1046 210.44 29.67 86.97
C ALA O 1046 210.60 28.33 86.23
N PRO O 1047 209.95 27.25 86.71
CA PRO O 1047 210.17 25.89 86.23
C PRO O 1047 209.55 25.69 84.83
N LYS O 1048 210.32 25.08 83.93
CA LYS O 1048 209.85 24.59 82.64
C LYS O 1048 209.34 23.15 82.76
N TYR O 1049 208.48 22.73 81.87
CA TYR O 1049 207.93 21.37 81.83
C TYR O 1049 207.93 20.83 80.41
N ASN O 1050 207.35 21.57 79.47
CA ASN O 1050 207.14 21.13 78.09
C ASN O 1050 206.35 19.80 78.02
N GLU O 1051 205.41 19.62 78.94
CA GLU O 1051 204.58 18.41 79.07
C GLU O 1051 203.18 18.66 78.56
N SER O 1052 202.66 17.73 77.75
CA SER O 1052 201.41 17.91 77.01
C SER O 1052 200.30 17.02 77.56
N PHE O 1053 199.20 17.66 77.96
CA PHE O 1053 197.96 17.05 78.41
C PHE O 1053 196.89 17.09 77.33
N GLN O 1054 195.83 16.28 77.45
CA GLN O 1054 194.75 16.23 76.48
C GLN O 1054 193.40 16.07 77.18
N PHE O 1055 192.76 17.18 77.52
CA PHE O 1055 191.37 17.18 78.00
C PHE O 1055 190.41 16.82 76.88
N SER O 1056 189.25 16.31 77.26
CA SER O 1056 188.09 16.18 76.38
C SER O 1056 186.96 17.09 76.89
N LEU O 1057 186.44 17.96 76.01
CA LEU O 1057 185.21 18.73 76.26
C LEU O 1057 183.99 17.84 75.97
N SER O 1058 182.77 18.33 76.17
CA SER O 1058 181.61 17.71 75.51
C SER O 1058 181.66 17.91 74.00
N ALA O 1059 181.04 17.01 73.23
CA ALA O 1059 180.72 17.25 71.83
C ALA O 1059 179.61 18.32 71.68
N ASP O 1060 178.59 18.31 72.55
CA ASP O 1060 177.40 19.16 72.36
C ASP O 1060 177.63 20.61 72.78
N ALA O 1061 178.20 20.85 73.97
CA ALA O 1061 178.59 22.18 74.40
C ALA O 1061 179.81 22.70 73.61
N GLY O 1062 179.71 23.92 73.09
CA GLY O 1062 180.81 24.55 72.38
C GLY O 1062 181.94 24.99 73.31
N PRO O 1063 183.12 25.35 72.77
CA PRO O 1063 184.29 25.70 73.58
C PRO O 1063 184.03 26.94 74.44
N GLU O 1064 183.13 27.83 74.05
CA GLU O 1064 182.68 28.96 74.87
C GLU O 1064 181.87 28.55 76.11
N CYS O 1065 181.42 27.30 76.20
CA CYS O 1065 180.91 26.71 77.42
C CYS O 1065 182.02 26.22 78.36
N TYR O 1066 183.28 26.39 77.99
CA TYR O 1066 184.42 25.85 78.73
C TYR O 1066 185.51 26.87 79.01
N GLU O 1067 186.31 26.52 80.00
CA GLU O 1067 187.46 27.26 80.46
C GLU O 1067 188.42 26.29 81.14
N LEU O 1068 189.72 26.41 80.85
CA LEU O 1068 190.74 25.76 81.66
C LEU O 1068 190.89 26.53 82.98
N GLN O 1069 191.22 25.82 84.04
CA GLN O 1069 191.53 26.36 85.35
C GLN O 1069 192.87 25.77 85.83
N VAL O 1070 193.95 26.46 85.48
CA VAL O 1070 195.34 26.07 85.73
C VAL O 1070 195.72 26.27 87.19
N CYS O 1071 196.51 25.38 87.78
CA CYS O 1071 196.92 25.46 89.17
C CYS O 1071 198.33 24.90 89.40
N VAL O 1072 199.29 25.76 89.76
CA VAL O 1072 200.64 25.30 90.11
C VAL O 1072 200.63 24.69 91.51
N LYS O 1073 201.42 23.65 91.73
CA LYS O 1073 201.51 22.94 93.01
C LYS O 1073 202.93 22.51 93.37
N ASP O 1074 203.22 22.38 94.65
CA ASP O 1074 204.52 21.95 95.17
C ASP O 1074 204.48 20.46 95.56
N TYR O 1075 205.30 19.60 94.93
CA TYR O 1075 205.29 18.15 95.16
C TYR O 1075 206.00 17.75 96.44
N CYS O 1076 205.34 17.01 97.31
CA CYS O 1076 205.92 16.51 98.56
C CYS O 1076 205.51 15.03 98.79
N PHE O 1077 206.25 14.08 98.21
CA PHE O 1077 206.00 12.64 98.38
C PHE O 1077 206.06 12.23 99.86
N ALA O 1078 205.27 11.20 100.21
CA ALA O 1078 204.95 10.77 101.57
C ALA O 1078 204.22 11.81 102.47
N ARG O 1079 204.47 13.11 102.25
CA ARG O 1079 203.71 14.23 102.81
C ARG O 1079 202.48 14.54 101.93
N GLU O 1080 202.28 15.81 101.58
CA GLU O 1080 201.14 16.36 100.85
C GLU O 1080 201.57 17.46 99.87
N ASP O 1081 201.00 17.48 98.67
CA ASP O 1081 201.27 18.53 97.67
C ASP O 1081 200.48 19.81 97.96
N ARG O 1082 200.98 20.99 97.55
CA ARG O 1082 200.42 22.30 97.99
C ARG O 1082 200.11 23.29 96.85
N THR O 1083 198.94 23.92 96.82
CA THR O 1083 198.53 24.90 95.78
C THR O 1083 199.31 26.20 95.86
N VAL O 1084 200.02 26.51 94.78
CA VAL O 1084 200.83 27.72 94.60
C VAL O 1084 200.04 28.86 93.93
N GLY O 1085 199.00 28.60 93.15
CA GLY O 1085 198.14 29.65 92.56
C GLY O 1085 197.15 29.08 91.56
N LEU O 1086 196.19 29.87 91.08
CA LEU O 1086 195.14 29.45 90.14
C LEU O 1086 194.91 30.47 89.00
N ALA O 1087 194.76 30.05 87.75
CA ALA O 1087 194.38 30.95 86.64
C ALA O 1087 193.29 30.36 85.74
N VAL O 1088 192.39 31.17 85.20
CA VAL O 1088 191.35 30.70 84.28
C VAL O 1088 191.64 31.15 82.85
N LEU O 1089 191.65 30.20 81.90
CA LEU O 1089 191.76 30.47 80.47
C LEU O 1089 190.44 30.06 79.79
N GLN O 1090 189.68 31.05 79.32
CA GLN O 1090 188.41 30.83 78.65
C GLN O 1090 188.62 30.13 77.30
N LEU O 1091 187.99 28.98 77.09
CA LEU O 1091 188.10 28.29 75.80
C LEU O 1091 187.28 28.97 74.68
N ARG O 1092 186.44 29.95 75.01
CA ARG O 1092 185.89 30.90 74.02
C ARG O 1092 186.98 31.61 73.20
N GLU O 1093 188.14 31.94 73.80
CA GLU O 1093 189.26 32.54 73.07
C GLU O 1093 189.88 31.55 72.08
N LEU O 1094 190.15 30.34 72.55
CA LEU O 1094 190.74 29.27 71.75
C LEU O 1094 189.80 28.77 70.65
N ALA O 1095 188.48 28.94 70.80
CA ALA O 1095 187.51 28.75 69.71
C ALA O 1095 187.88 29.59 68.48
N GLN O 1096 188.32 30.83 68.70
CA GLN O 1096 188.77 31.74 67.64
C GLN O 1096 190.23 31.47 67.27
N ARG O 1097 191.11 31.43 68.28
CA ARG O 1097 192.57 31.36 68.09
C ARG O 1097 193.02 30.02 67.52
N GLY O 1098 192.26 28.95 67.74
CA GLY O 1098 192.57 27.56 67.38
C GLY O 1098 193.69 26.97 68.25
N SER O 1099 194.78 27.72 68.43
CA SER O 1099 195.77 27.50 69.47
C SER O 1099 196.28 28.82 70.03
N ALA O 1100 196.79 28.79 71.26
CA ALA O 1100 197.20 29.97 72.00
C ALA O 1100 198.37 29.66 72.93
N ALA O 1101 199.51 30.29 72.67
CA ALA O 1101 200.55 30.48 73.66
C ALA O 1101 200.18 31.70 74.53
N CYS O 1102 199.98 31.52 75.83
CA CYS O 1102 199.53 32.59 76.72
C CYS O 1102 200.18 32.51 78.11
N TRP O 1103 200.56 33.67 78.66
CA TRP O 1103 200.90 33.83 80.07
C TRP O 1103 199.64 34.07 80.91
N LEU O 1104 199.26 33.06 81.67
CA LEU O 1104 198.11 33.12 82.56
C LEU O 1104 198.54 33.62 83.94
N PRO O 1105 198.21 34.86 84.36
CA PRO O 1105 198.49 35.32 85.71
C PRO O 1105 197.73 34.46 86.73
N LEU O 1106 198.47 33.82 87.64
CA LEU O 1106 197.90 33.04 88.72
C LEU O 1106 197.30 33.97 89.77
N GLY O 1107 196.00 33.93 89.97
CA GLY O 1107 195.36 34.50 91.16
C GLY O 1107 195.46 33.58 92.38
N ARG O 1108 195.09 34.13 93.53
CA ARG O 1108 194.84 33.37 94.76
C ARG O 1108 193.42 32.80 94.80
N ARG O 1109 192.45 33.49 94.17
CA ARG O 1109 191.05 33.09 93.95
C ARG O 1109 190.56 33.52 92.55
N ILE O 1110 189.34 33.10 92.19
CA ILE O 1110 188.69 33.36 90.90
C ILE O 1110 187.45 34.27 91.09
N HIS O 1111 187.34 35.36 90.34
CA HIS O 1111 186.31 36.40 90.52
C HIS O 1111 184.93 36.02 89.94
N MET O 1112 183.83 36.50 90.52
CA MET O 1112 182.46 36.19 90.06
C MET O 1112 181.54 37.40 90.00
N ASP O 1113 180.45 37.27 89.25
CA ASP O 1113 179.33 38.19 89.21
C ASP O 1113 178.07 37.60 89.86
N ASP O 1114 177.02 38.41 89.94
CA ASP O 1114 175.73 38.06 90.55
C ASP O 1114 175.06 36.82 89.96
N THR O 1115 175.39 36.45 88.72
CA THR O 1115 174.80 35.33 88.01
C THR O 1115 175.67 34.11 88.18
N GLY O 1116 176.98 34.29 88.29
CA GLY O 1116 177.86 33.30 88.87
C GLY O 1116 177.38 32.94 90.26
N LEU O 1117 177.09 33.94 91.09
CA LEU O 1117 176.61 33.78 92.45
C LEU O 1117 175.18 33.26 92.55
N THR O 1118 174.22 33.69 91.71
CA THR O 1118 172.85 33.12 91.68
C THR O 1118 172.93 31.65 91.30
N VAL O 1119 173.72 31.33 90.28
CA VAL O 1119 173.93 29.93 89.92
C VAL O 1119 174.62 29.17 91.05
N LEU O 1120 175.67 29.70 91.66
CA LEU O 1120 176.38 29.05 92.76
C LEU O 1120 175.45 28.84 93.98
N ARG O 1121 174.49 29.74 94.24
CA ARG O 1121 173.42 29.55 95.25
C ARG O 1121 172.45 28.42 94.93
N ILE O 1122 172.24 28.14 93.65
CA ILE O 1122 171.36 27.07 93.18
C ILE O 1122 172.11 25.73 93.06
N LEU O 1123 173.39 25.76 92.70
CA LEU O 1123 174.29 24.62 92.73
C LEU O 1123 174.68 24.24 94.16
N SER O 1124 174.79 25.19 95.07
CA SER O 1124 175.01 24.92 96.48
C SER O 1124 173.77 24.27 97.11
N GLN O 1125 172.55 24.57 96.62
CA GLN O 1125 171.35 23.76 96.94
C GLN O 1125 171.43 22.32 96.49
N ARG O 1126 172.15 22.05 95.41
CA ARG O 1126 172.46 20.69 94.98
C ARG O 1126 173.71 20.20 95.72
N SER O 1127 173.72 20.39 97.05
CA SER O 1127 174.80 20.03 97.97
C SER O 1127 175.20 18.55 97.94
N ASN O 1128 174.32 17.67 97.45
CA ASN O 1128 174.56 16.22 97.31
C ASN O 1128 175.02 15.80 95.90
N ASP O 1129 174.74 16.61 94.87
CA ASP O 1129 175.13 16.31 93.49
C ASP O 1129 176.65 16.44 93.40
N GLU O 1130 177.34 15.38 93.00
CA GLU O 1130 178.80 15.36 92.98
C GLU O 1130 179.40 16.33 91.95
N VAL O 1131 178.70 16.59 90.84
CA VAL O 1131 179.14 17.61 89.88
C VAL O 1131 178.92 18.99 90.48
N ALA O 1132 177.77 19.25 91.11
CA ALA O 1132 177.50 20.53 91.74
C ALA O 1132 178.43 20.79 92.94
N LYS O 1133 178.67 19.78 93.79
CA LYS O 1133 179.72 19.80 94.81
C LYS O 1133 181.08 20.14 94.20
N GLU O 1134 181.57 19.37 93.22
CA GLU O 1134 182.90 19.58 92.65
C GLU O 1134 183.00 20.91 91.90
N PHE O 1135 181.91 21.40 91.31
CA PHE O 1135 181.86 22.73 90.73
C PHE O 1135 181.95 23.82 91.80
N VAL O 1136 181.05 23.78 92.80
CA VAL O 1136 181.00 24.74 93.92
C VAL O 1136 182.34 24.73 94.67
N LYS O 1137 182.96 23.55 94.82
CA LYS O 1137 184.32 23.39 95.34
C LYS O 1137 185.37 23.99 94.42
N LEU O 1138 185.47 23.57 93.16
CA LEU O 1138 186.51 24.05 92.23
C LEU O 1138 186.44 25.56 91.98
N LYS O 1139 185.25 26.19 92.10
CA LYS O 1139 185.09 27.65 92.03
C LYS O 1139 185.26 28.39 93.36
N SER O 1140 185.07 27.71 94.48
CA SER O 1140 185.49 28.19 95.80
C SER O 1140 186.93 27.74 96.13
N ASP O 1141 187.68 27.22 95.14
CA ASP O 1141 189.05 26.74 95.29
C ASP O 1141 190.02 27.93 95.33
N THR O 1142 190.97 27.92 96.28
CA THR O 1142 191.87 29.04 96.54
C THR O 1142 193.27 28.58 96.96
N ARG O 1143 194.27 29.43 96.73
CA ARG O 1143 195.64 29.25 97.19
C ARG O 1143 195.76 29.53 98.69
N SER O 1144 196.49 28.68 99.43
CA SER O 1144 197.00 29.03 100.77
C SER O 1144 198.06 30.13 100.67
N ALA O 1145 197.96 31.18 101.49
CA ALA O 1145 198.85 32.35 101.39
C ALA O 1145 200.31 32.08 101.77
N GLU O 1146 200.58 30.97 102.46
CA GLU O 1146 201.92 30.58 102.90
C GLU O 1146 202.91 30.41 101.75
N GLU O 1147 204.20 30.64 102.03
CA GLU O 1147 205.28 30.78 101.04
C GLU O 1147 205.14 31.98 100.08
N GLY O 1148 204.11 32.85 100.20
CA GLY O 1148 203.86 33.93 99.24
C GLY O 1148 202.84 35.03 99.61
N GLY O 1149 202.89 35.57 100.84
CA GLY O 1149 202.46 36.95 101.13
C GLY O 1149 200.96 37.27 101.26
N ALA O 1150 200.50 38.28 100.53
CA ALA O 1150 199.28 39.07 100.77
C ALA O 1150 197.93 38.33 100.57
N ALA O 1151 196.82 39.05 100.83
CA ALA O 1151 195.45 38.54 100.76
C ALA O 1151 194.83 38.53 99.33
N PRO O 1152 193.87 37.64 99.03
CA PRO O 1152 193.02 37.69 97.82
C PRO O 1152 192.06 38.88 97.81
N ALA O 1153 191.37 39.09 96.69
CA ALA O 1153 190.27 40.05 96.56
C ALA O 1153 189.13 39.48 95.69
N PRO O 1154 187.86 39.88 95.94
CA PRO O 1154 186.66 39.27 95.36
C PRO O 1154 186.64 39.31 93.83
N GLU P 23 46.42 99.95 -42.30
CA GLU P 23 46.07 101.33 -42.72
C GLU P 23 46.18 102.33 -41.57
N GLU P 24 45.43 102.15 -40.49
CA GLU P 24 45.43 103.00 -39.29
C GLU P 24 46.83 103.46 -38.84
N LEU P 25 47.74 102.53 -38.53
CA LEU P 25 49.12 102.82 -38.18
C LEU P 25 49.87 103.56 -39.30
N LYS P 26 49.70 103.15 -40.56
CA LYS P 26 50.36 103.80 -41.70
C LYS P 26 49.99 105.26 -41.82
N ASN P 27 48.71 105.59 -41.72
CA ASN P 27 48.26 106.98 -41.78
C ASN P 27 48.64 107.76 -40.52
N HIS P 28 48.52 107.16 -39.35
CA HIS P 28 49.02 107.71 -38.08
C HIS P 28 50.50 108.06 -38.16
N VAL P 29 51.31 107.15 -38.67
CA VAL P 29 52.75 107.32 -38.85
C VAL P 29 53.06 108.29 -39.95
N TYR P 30 52.33 108.31 -41.07
CA TYR P 30 52.45 109.35 -42.09
C TYR P 30 52.34 110.73 -41.45
N LYS P 31 51.25 110.97 -40.73
CA LYS P 31 50.97 112.21 -40.02
C LYS P 31 52.04 112.54 -38.99
N LYS P 32 52.45 111.58 -38.16
CA LYS P 32 53.51 111.78 -37.16
C LYS P 32 54.89 111.94 -37.74
N THR P 33 55.14 111.44 -38.95
CA THR P 33 56.38 111.64 -39.68
C THR P 33 56.38 113.04 -40.29
N LEU P 34 55.27 113.46 -40.90
CA LEU P 34 55.09 114.83 -41.38
C LEU P 34 55.28 115.83 -40.23
N GLN P 35 54.60 115.64 -39.10
CA GLN P 35 54.79 116.50 -37.93
C GLN P 35 56.23 116.42 -37.40
N ALA P 36 56.83 115.23 -37.36
CA ALA P 36 58.18 115.06 -36.82
C ALA P 36 59.24 115.84 -37.57
N LEU P 37 59.07 115.98 -38.89
CA LEU P 37 60.06 116.53 -39.79
C LEU P 37 59.72 117.90 -40.36
N ILE P 38 58.47 118.39 -40.26
CA ILE P 38 58.14 119.76 -40.68
C ILE P 38 58.81 120.78 -39.75
N TYR P 39 58.67 120.58 -38.45
CA TYR P 39 59.59 121.12 -37.47
C TYR P 39 60.46 119.95 -37.03
N PRO P 40 61.57 119.66 -37.73
CA PRO P 40 62.47 118.63 -37.26
C PRO P 40 62.96 119.00 -35.86
N ILE P 41 63.15 118.03 -34.96
CA ILE P 41 63.64 118.34 -33.61
C ILE P 41 65.01 119.01 -33.64
N SER P 42 65.75 118.88 -34.74
CA SER P 42 66.99 119.60 -35.03
C SER P 42 66.84 121.12 -35.21
N CYS P 43 65.62 121.68 -35.17
CA CYS P 43 65.41 123.14 -35.04
C CYS P 43 65.75 123.71 -33.65
N THR P 44 65.76 122.87 -32.61
CA THR P 44 65.67 123.30 -31.20
C THR P 44 66.99 123.71 -30.56
N THR P 45 66.90 124.51 -29.48
CA THR P 45 68.01 125.13 -28.73
C THR P 45 67.95 124.75 -27.24
N PRO P 46 69.06 124.55 -26.53
CA PRO P 46 69.06 124.16 -25.10
C PRO P 46 69.17 125.33 -24.12
N HIS P 47 68.52 125.22 -22.95
CA HIS P 47 68.54 126.25 -21.90
C HIS P 47 69.81 126.20 -21.08
N ASN P 48 70.66 127.21 -21.20
CA ASN P 48 71.81 127.41 -20.33
C ASN P 48 71.40 127.99 -18.96
N PHE P 49 70.94 127.16 -18.03
CA PHE P 49 70.59 127.57 -16.68
C PHE P 49 71.80 127.79 -15.75
N GLU P 50 71.83 128.95 -15.11
CA GLU P 50 72.53 129.17 -13.85
C GLU P 50 71.57 128.96 -12.67
N VAL P 51 72.09 128.43 -11.57
CA VAL P 51 71.43 128.56 -10.26
C VAL P 51 71.37 130.04 -9.91
N TRP P 52 70.20 130.51 -9.51
CA TRP P 52 70.01 131.90 -9.14
C TRP P 52 69.12 132.02 -7.91
N THR P 53 69.61 132.73 -6.90
CA THR P 53 68.85 133.05 -5.70
C THR P 53 67.84 134.14 -6.02
N ALA P 54 66.55 133.84 -5.83
CA ALA P 54 65.51 134.86 -5.74
C ALA P 54 65.66 135.62 -4.41
N THR P 55 66.67 136.50 -4.30
CA THR P 55 67.01 137.32 -3.11
C THR P 55 65.86 138.25 -2.65
N THR P 56 64.80 138.32 -3.46
CA THR P 56 63.47 138.88 -3.16
C THR P 56 62.37 137.91 -3.65
N PRO P 57 61.16 137.90 -3.04
CA PRO P 57 60.04 137.07 -3.49
C PRO P 57 59.75 137.23 -4.99
N THR P 58 59.83 136.14 -5.75
CA THR P 58 59.78 136.11 -7.22
C THR P 58 58.88 134.93 -7.66
N TYR P 59 58.33 134.97 -8.87
CA TYR P 59 57.36 133.97 -9.33
C TYR P 59 57.81 133.31 -10.64
N CYS P 60 57.80 131.97 -10.63
CA CYS P 60 58.39 131.12 -11.66
C CYS P 60 57.72 131.29 -13.04
N TYR P 61 58.48 131.49 -14.11
CA TYR P 61 57.91 131.68 -15.45
C TYR P 61 57.24 130.43 -16.03
N GLU P 62 57.38 129.28 -15.39
CA GLU P 62 56.52 128.12 -15.65
C GLU P 62 55.24 128.18 -14.80
N CYS P 63 55.37 127.88 -13.50
CA CYS P 63 54.24 127.65 -12.60
C CYS P 63 53.64 128.88 -11.92
N GLU P 64 54.27 130.04 -12.06
CA GLU P 64 54.00 131.25 -11.28
C GLU P 64 54.12 131.04 -9.74
N GLY P 65 54.77 129.96 -9.31
CA GLY P 65 54.99 129.61 -7.90
C GLY P 65 56.16 130.37 -7.27
N LEU P 66 56.14 130.52 -5.94
CA LEU P 66 57.10 131.32 -5.19
C LEU P 66 58.54 130.77 -5.24
N LEU P 67 59.42 131.64 -5.70
CA LEU P 67 60.87 131.58 -5.57
C LEU P 67 61.24 132.61 -4.50
N TRP P 68 61.99 132.23 -3.48
CA TRP P 68 62.32 133.13 -2.38
C TRP P 68 63.54 132.66 -1.59
N GLY P 69 64.51 133.57 -1.47
CA GLY P 69 65.73 133.40 -0.71
C GLY P 69 66.54 132.20 -1.16
N ILE P 70 67.39 131.73 -0.27
CA ILE P 70 68.05 130.43 -0.40
C ILE P 70 67.01 129.29 -0.23
N ALA P 71 65.96 129.51 0.57
CA ALA P 71 64.92 128.51 0.90
C ALA P 71 64.22 127.94 -0.34
N ARG P 72 63.92 128.79 -1.31
CA ARG P 72 63.30 128.46 -2.60
C ARG P 72 64.04 129.17 -3.74
N GLN P 73 65.31 128.82 -3.97
CA GLN P 73 66.09 129.26 -5.14
C GLN P 73 65.40 128.93 -6.47
N GLY P 74 65.77 129.64 -7.52
CA GLY P 74 65.40 129.31 -8.88
C GLY P 74 66.60 128.99 -9.77
N MET P 75 66.28 128.78 -11.04
CA MET P 75 67.23 128.75 -12.14
C MET P 75 66.94 129.95 -13.03
N ARG P 76 67.98 130.70 -13.36
CA ARG P 76 67.91 131.75 -14.37
C ARG P 76 68.68 131.22 -15.56
N CYS P 77 68.03 131.03 -16.70
CA CYS P 77 68.80 130.79 -17.92
C CYS P 77 69.56 132.06 -18.30
N THR P 78 70.67 131.95 -19.00
CA THR P 78 71.29 133.08 -19.69
C THR P 78 70.69 133.24 -21.08
N GLU P 79 70.72 132.18 -21.90
CA GLU P 79 70.33 132.20 -23.31
C GLU P 79 68.84 132.48 -23.45
N CYS P 80 67.98 131.63 -22.86
CA CYS P 80 66.59 131.99 -22.67
C CYS P 80 66.35 132.94 -21.52
N GLY P 81 67.34 133.32 -20.70
CA GLY P 81 67.15 134.33 -19.63
C GLY P 81 66.26 133.91 -18.45
N VAL P 82 65.53 132.79 -18.63
CA VAL P 82 64.25 132.48 -18.02
C VAL P 82 64.38 132.15 -16.53
N LYS P 83 63.51 132.71 -15.69
CA LYS P 83 63.56 132.59 -14.22
C LYS P 83 62.49 131.62 -13.75
N CYS P 84 62.86 130.55 -13.08
CA CYS P 84 61.95 129.46 -12.74
C CYS P 84 62.41 128.71 -11.49
N HIS P 85 61.55 127.87 -10.91
CA HIS P 85 62.03 126.85 -9.95
C HIS P 85 63.10 125.99 -10.62
N GLU P 86 63.97 125.38 -9.82
CA GLU P 86 64.71 124.20 -10.25
C GLU P 86 63.76 123.12 -10.77
N LYS P 87 62.77 122.71 -9.96
CA LYS P 87 61.75 121.75 -10.42
C LYS P 87 60.95 122.20 -11.64
N CYS P 88 61.00 123.50 -12.00
CA CYS P 88 60.39 124.02 -13.21
C CYS P 88 61.33 124.22 -14.38
N GLN P 89 62.65 124.24 -14.20
CA GLN P 89 63.55 124.59 -15.30
C GLN P 89 63.48 123.62 -16.48
N ASP P 90 62.97 122.42 -16.22
CA ASP P 90 62.65 121.39 -17.22
C ASP P 90 61.16 121.43 -17.64
N LEU P 91 60.26 121.82 -16.74
CA LEU P 91 58.84 122.00 -17.03
C LEU P 91 58.59 123.22 -17.93
N LEU P 92 59.54 124.16 -17.98
CA LEU P 92 59.70 125.09 -19.07
C LEU P 92 59.94 124.31 -20.39
N ASN P 93 58.85 123.91 -21.04
CA ASN P 93 58.86 122.85 -22.05
C ASN P 93 59.56 123.21 -23.38
N ALA P 94 59.34 124.42 -23.90
CA ALA P 94 59.77 124.78 -25.25
C ALA P 94 61.28 125.09 -25.32
N ASP P 95 61.86 125.06 -26.52
CA ASP P 95 63.30 125.20 -26.70
C ASP P 95 63.84 126.58 -26.25
N CYS P 96 65.14 126.75 -26.21
CA CYS P 96 65.74 127.98 -25.74
C CYS P 96 65.44 129.19 -26.64
N LEU P 97 65.19 129.02 -27.95
CA LEU P 97 64.57 130.10 -28.73
C LEU P 97 63.21 130.47 -28.12
N GLN P 98 62.28 129.53 -28.07
CA GLN P 98 60.92 129.78 -27.61
C GLN P 98 60.91 130.30 -26.16
N ARG P 99 61.65 129.71 -25.23
CA ARG P 99 61.75 130.21 -23.86
C ARG P 99 62.57 131.49 -23.75
N ALA P 100 63.48 131.84 -24.69
CA ALA P 100 64.03 133.19 -24.74
C ALA P 100 62.92 134.20 -25.09
N ALA P 101 62.03 133.82 -26.02
CA ALA P 101 60.82 134.57 -26.31
C ALA P 101 59.89 134.70 -25.09
N GLU P 102 59.54 133.60 -24.43
CA GLU P 102 58.65 133.63 -23.27
C GLU P 102 59.27 134.37 -22.08
N LYS P 103 60.56 134.20 -21.78
CA LYS P 103 61.29 135.07 -20.84
C LYS P 103 61.18 136.53 -21.23
N SER P 104 61.38 136.85 -22.50
CA SER P 104 61.32 138.23 -22.97
C SER P 104 59.92 138.79 -22.72
N SER P 105 58.85 138.02 -22.94
CA SER P 105 57.50 138.45 -22.59
C SER P 105 57.28 138.65 -21.07
N LYS P 106 57.94 137.86 -20.22
CA LYS P 106 57.82 137.94 -18.74
C LYS P 106 58.79 138.94 -18.08
N HIS P 107 59.86 139.35 -18.77
CA HIS P 107 60.64 140.55 -18.47
C HIS P 107 59.98 141.84 -19.03
N GLY P 108 59.39 141.81 -20.25
CA GLY P 108 58.58 142.90 -20.80
C GLY P 108 58.22 142.81 -22.30
N ALA P 109 59.17 142.46 -23.17
CA ALA P 109 58.98 142.39 -24.62
C ALA P 109 58.16 141.16 -25.07
N GLU P 110 56.83 141.30 -25.18
CA GLU P 110 55.94 140.28 -25.74
C GLU P 110 56.18 140.04 -27.25
N ASP P 111 56.60 141.07 -27.98
CA ASP P 111 56.79 141.04 -29.44
C ASP P 111 57.78 139.95 -29.88
N ARG P 112 58.77 139.65 -29.04
CA ARG P 112 59.70 138.53 -29.19
C ARG P 112 58.97 137.19 -29.38
N THR P 113 57.86 136.98 -28.69
CA THR P 113 57.03 135.77 -28.84
C THR P 113 56.49 135.64 -30.26
N GLN P 114 55.90 136.71 -30.81
CA GLN P 114 55.48 136.74 -32.22
C GLN P 114 56.65 136.56 -33.18
N ASN P 115 57.79 137.17 -32.88
CA ASN P 115 59.02 136.92 -33.61
C ASN P 115 59.39 135.43 -33.63
N ILE P 116 59.35 134.72 -32.51
CA ILE P 116 59.78 133.31 -32.50
C ILE P 116 58.68 132.36 -32.97
N ILE P 117 57.41 132.76 -32.91
CA ILE P 117 56.37 132.17 -33.74
C ILE P 117 56.73 132.32 -35.23
N MET P 118 57.20 133.49 -35.64
CA MET P 118 57.69 133.69 -37.00
C MET P 118 58.99 132.91 -37.26
N VAL P 119 59.87 132.69 -36.27
CA VAL P 119 60.98 131.73 -36.41
C VAL P 119 60.46 130.33 -36.64
N LEU P 120 59.44 129.89 -35.91
CA LEU P 120 58.81 128.59 -36.10
C LEU P 120 58.23 128.49 -37.51
N LYS P 121 57.48 129.50 -37.97
CA LYS P 121 57.00 129.57 -39.36
C LYS P 121 58.16 129.52 -40.34
N ASP P 122 59.15 130.37 -40.20
CA ASP P 122 60.28 130.49 -41.11
C ASP P 122 61.11 129.22 -41.14
N ARG P 123 61.34 128.58 -40.00
CA ARG P 123 61.98 127.26 -39.90
C ARG P 123 61.24 126.25 -40.75
N MET P 124 59.92 126.15 -40.60
CA MET P 124 59.09 125.21 -41.38
C MET P 124 59.05 125.58 -42.88
N LYS P 125 58.97 126.86 -43.25
CA LYS P 125 59.07 127.32 -44.66
C LYS P 125 60.41 126.99 -45.28
N ILE P 126 61.52 127.30 -44.59
CA ILE P 126 62.88 126.98 -45.00
C ILE P 126 63.01 125.48 -45.14
N ARG P 127 62.61 124.72 -44.12
CA ARG P 127 62.62 123.25 -44.11
C ARG P 127 61.94 122.66 -45.34
N GLU P 128 60.74 123.12 -45.63
CA GLU P 128 59.97 122.78 -46.82
C GLU P 128 60.68 123.17 -48.11
N ARG P 129 61.18 124.39 -48.20
CA ARG P 129 61.77 124.95 -49.40
C ARG P 129 63.14 124.35 -49.70
N ASN P 130 63.87 123.95 -48.66
CA ASN P 130 65.22 123.43 -48.71
C ASN P 130 65.26 121.92 -48.78
N LYS P 131 64.36 121.25 -48.06
CA LYS P 131 64.19 119.80 -48.09
C LYS P 131 62.79 119.37 -48.52
N PRO P 132 62.22 119.91 -49.61
CA PRO P 132 60.91 119.49 -50.08
C PRO P 132 60.87 117.98 -50.32
N GLU P 133 61.99 117.40 -50.74
CA GLU P 133 62.14 115.98 -50.98
C GLU P 133 61.88 115.12 -49.73
N ILE P 134 62.07 115.64 -48.51
CA ILE P 134 61.66 114.92 -47.32
C ILE P 134 60.14 114.71 -47.36
N PHE P 135 59.39 115.78 -47.59
CA PHE P 135 57.93 115.78 -47.48
C PHE P 135 57.26 115.07 -48.64
N GLU P 136 57.79 115.25 -49.85
CA GLU P 136 57.46 114.46 -51.02
C GLU P 136 57.73 112.97 -50.78
N LEU P 137 58.90 112.60 -50.24
CA LEU P 137 59.18 111.20 -50.03
C LEU P 137 58.20 110.58 -49.02
N ILE P 138 57.88 111.28 -47.93
CA ILE P 138 56.86 110.83 -46.98
C ILE P 138 55.51 110.67 -47.71
N GLN P 139 55.13 111.63 -48.54
CA GLN P 139 53.98 111.51 -49.40
C GLN P 139 54.04 110.28 -50.31
N GLU P 140 55.12 110.01 -51.04
CA GLU P 140 55.20 108.86 -51.93
C GLU P 140 55.28 107.53 -51.18
N VAL P 141 56.05 107.44 -50.11
CA VAL P 141 56.22 106.25 -49.26
C VAL P 141 54.91 105.86 -48.62
N PHE P 142 54.16 106.85 -48.17
CA PHE P 142 52.80 106.67 -47.67
C PHE P 142 51.76 106.80 -48.78
N ALA P 143 52.19 106.87 -50.04
CA ALA P 143 51.40 106.90 -51.27
C ALA P 143 50.30 107.97 -51.33
N VAL P 144 50.41 109.03 -50.53
CA VAL P 144 49.43 110.12 -50.47
C VAL P 144 49.52 110.98 -51.74
N THR P 145 48.49 111.72 -52.14
CA THR P 145 48.58 112.63 -53.30
C THR P 145 49.26 113.93 -52.94
N LYS P 146 49.71 114.72 -53.91
CA LYS P 146 50.38 116.02 -53.67
C LYS P 146 49.44 117.07 -53.07
N SER P 147 48.20 117.14 -53.53
CA SER P 147 47.16 118.01 -52.97
C SER P 147 46.76 117.58 -51.57
N ALA P 148 46.45 116.30 -51.36
CA ALA P 148 46.09 115.80 -50.03
C ALA P 148 47.27 115.88 -49.05
N HIS P 149 48.48 115.64 -49.53
CA HIS P 149 49.70 115.94 -48.80
C HIS P 149 49.77 117.42 -48.43
N THR P 150 49.47 118.34 -49.34
CA THR P 150 49.39 119.77 -49.03
C THR P 150 48.35 120.08 -47.94
N GLN P 151 47.22 119.38 -47.93
CA GLN P 151 46.18 119.60 -46.92
C GLN P 151 46.50 118.93 -45.56
N GLN P 152 47.07 117.73 -45.52
CA GLN P 152 47.61 117.18 -44.27
C GLN P 152 48.85 117.92 -43.79
N MET P 153 49.59 118.52 -44.72
CA MET P 153 50.70 119.40 -44.39
C MET P 153 50.17 120.69 -43.78
N LYS P 154 49.11 121.32 -44.32
CA LYS P 154 48.36 122.36 -43.61
C LYS P 154 48.00 121.88 -42.21
N ALA P 155 47.51 120.65 -42.05
CA ALA P 155 47.20 120.13 -40.73
C ALA P 155 48.42 120.02 -39.79
N VAL P 156 49.57 119.43 -40.21
CA VAL P 156 50.73 119.33 -39.30
C VAL P 156 51.53 120.62 -39.18
N LYS P 157 51.52 121.48 -40.19
CA LYS P 157 51.96 122.88 -40.07
C LYS P 157 51.12 123.50 -38.99
N GLN P 158 49.80 123.46 -39.09
CA GLN P 158 48.93 124.01 -38.07
C GLN P 158 49.16 123.33 -36.73
N SER P 159 49.45 122.04 -36.65
CA SER P 159 49.76 121.38 -35.38
C SER P 159 51.09 121.84 -34.74
N VAL P 160 51.91 122.62 -35.45
CA VAL P 160 53.09 123.31 -34.88
C VAL P 160 53.06 124.84 -35.14
N LEU P 161 52.07 125.39 -35.85
CA LEU P 161 51.98 126.79 -36.30
C LEU P 161 50.70 127.49 -35.88
N ASP P 162 49.57 126.79 -35.85
CA ASP P 162 48.50 127.16 -34.92
C ASP P 162 48.98 126.78 -33.51
N GLY P 163 49.41 125.52 -33.34
CA GLY P 163 50.07 124.97 -32.15
C GLY P 163 51.50 125.47 -31.90
N THR P 164 51.81 126.71 -32.29
CA THR P 164 53.14 127.33 -32.15
C THR P 164 53.47 127.82 -30.73
N SER P 165 52.46 128.02 -29.87
CA SER P 165 52.61 128.64 -28.54
C SER P 165 51.34 128.51 -27.68
N LYS P 166 50.57 127.42 -27.82
CA LYS P 166 49.18 127.33 -27.37
C LYS P 166 49.01 126.59 -26.05
N TRP P 167 48.16 127.16 -25.19
CA TRP P 167 47.51 126.51 -24.05
C TRP P 167 46.01 126.84 -24.07
N SER P 168 45.41 126.70 -25.26
CA SER P 168 43.99 126.97 -25.55
C SER P 168 43.13 125.74 -25.27
N ALA P 169 43.17 125.28 -24.01
CA ALA P 169 42.57 124.04 -23.58
C ALA P 169 41.03 124.03 -23.69
N LYS P 170 40.51 123.08 -24.47
CA LYS P 170 39.18 122.57 -24.19
C LYS P 170 39.27 121.78 -22.87
N ILE P 171 38.23 121.88 -22.06
CA ILE P 171 38.10 121.22 -20.76
C ILE P 171 36.74 120.52 -20.76
N SER P 172 36.63 119.32 -20.21
CA SER P 172 35.42 118.52 -20.22
C SER P 172 35.18 117.92 -18.84
N ILE P 173 34.42 118.66 -18.04
CA ILE P 173 34.20 118.46 -16.61
C ILE P 173 32.97 117.57 -16.43
N THR P 174 33.17 116.28 -16.19
CA THR P 174 32.09 115.45 -15.67
C THR P 174 31.99 115.60 -14.17
N VAL P 175 30.94 116.28 -13.72
CA VAL P 175 30.51 116.18 -12.33
C VAL P 175 30.00 114.76 -12.10
N VAL P 176 30.75 113.95 -11.35
CA VAL P 176 30.43 112.53 -11.17
C VAL P 176 29.45 112.32 -10.04
N CYS P 177 29.81 112.66 -8.82
CA CYS P 177 29.02 112.33 -7.63
C CYS P 177 29.44 113.22 -6.45
N ALA P 178 28.68 113.19 -5.37
CA ALA P 178 29.11 113.77 -4.10
C ALA P 178 28.80 112.79 -2.94
N GLN P 179 29.43 113.02 -1.79
CA GLN P 179 29.30 112.22 -0.57
C GLN P 179 29.25 113.16 0.65
N GLY P 180 28.38 112.88 1.63
CA GLY P 180 28.33 113.61 2.90
C GLY P 180 27.83 115.07 2.82
N LEU P 181 27.04 115.41 1.80
CA LEU P 181 26.51 116.78 1.62
C LEU P 181 25.68 117.25 2.84
N GLN P 182 25.62 118.56 3.04
CA GLN P 182 24.73 119.14 4.05
C GLN P 182 23.27 119.04 3.59
N ALA P 183 22.35 118.76 4.51
CA ALA P 183 20.92 118.82 4.23
C ALA P 183 20.42 120.28 4.17
N LYS P 184 19.51 120.57 3.22
CA LYS P 184 18.86 121.87 3.03
C LYS P 184 17.41 121.77 2.48
N ASP P 185 16.90 120.57 2.20
CA ASP P 185 15.78 120.42 1.26
C ASP P 185 14.40 120.81 1.78
N LYS P 186 13.49 120.97 0.81
CA LYS P 186 12.05 120.76 0.95
C LYS P 186 11.73 119.31 1.40
N THR P 187 12.49 118.29 0.95
CA THR P 187 12.39 116.88 1.41
C THR P 187 12.99 116.58 2.80
N GLY P 188 13.71 117.52 3.40
CA GLY P 188 14.57 117.29 4.57
C GLY P 188 15.95 116.67 4.28
N SER P 189 16.24 116.23 3.06
CA SER P 189 17.58 115.76 2.65
C SER P 189 18.30 116.90 1.91
N SER P 190 18.65 116.73 0.63
CA SER P 190 18.78 117.80 -0.37
C SER P 190 18.41 117.30 -1.74
N ASP P 191 18.07 118.24 -2.64
CA ASP P 191 17.99 118.05 -4.06
C ASP P 191 19.27 118.62 -4.73
N PRO P 192 20.46 118.04 -4.47
CA PRO P 192 21.69 118.58 -5.00
C PRO P 192 21.76 118.53 -6.54
N TYR P 193 22.04 119.68 -7.12
CA TYR P 193 22.70 119.82 -8.42
C TYR P 193 24.01 120.58 -8.26
N VAL P 194 24.71 120.80 -9.35
CA VAL P 194 26.01 121.47 -9.39
C VAL P 194 26.03 122.49 -10.51
N THR P 195 26.61 123.67 -10.28
CA THR P 195 27.09 124.51 -11.38
C THR P 195 28.59 124.33 -11.51
N VAL P 196 29.07 124.35 -12.74
CA VAL P 196 30.48 124.47 -13.08
C VAL P 196 30.69 125.80 -13.80
N GLN P 197 31.80 126.48 -13.52
CA GLN P 197 32.19 127.71 -14.19
C GLN P 197 33.69 127.70 -14.51
N VAL P 198 34.06 128.16 -15.71
CA VAL P 198 35.46 128.35 -16.13
C VAL P 198 35.55 129.69 -16.87
N GLY P 199 36.46 130.58 -16.47
CA GLY P 199 36.37 131.99 -16.87
C GLY P 199 35.03 132.61 -16.45
N LYS P 200 34.39 133.39 -17.32
CA LYS P 200 33.03 133.93 -17.12
C LYS P 200 31.94 132.86 -17.35
N THR P 201 32.19 131.85 -18.18
CA THR P 201 31.19 130.86 -18.64
C THR P 201 30.73 129.93 -17.51
N LYS P 202 29.42 129.71 -17.40
CA LYS P 202 28.77 128.95 -16.32
C LYS P 202 27.71 127.98 -16.88
N LYS P 203 27.68 126.76 -16.35
CA LYS P 203 26.79 125.63 -16.75
C LYS P 203 26.32 124.86 -15.51
N ARG P 204 25.31 124.01 -15.61
CA ARG P 204 24.83 123.19 -14.47
C ARG P 204 24.50 121.74 -14.81
N THR P 205 24.70 120.85 -13.83
CA THR P 205 24.06 119.54 -13.80
C THR P 205 22.57 119.69 -13.59
N LYS P 206 21.82 118.70 -14.06
CA LYS P 206 20.49 118.42 -13.52
C LYS P 206 20.61 118.01 -12.06
N THR P 207 19.45 117.81 -11.45
CA THR P 207 19.32 117.67 -10.00
C THR P 207 19.15 116.22 -9.62
N ILE P 208 19.90 115.76 -8.65
CA ILE P 208 19.54 114.54 -7.93
C ILE P 208 18.68 114.97 -6.76
N TYR P 209 17.56 114.28 -6.53
CA TYR P 209 16.53 114.71 -5.59
C TYR P 209 16.56 113.86 -4.31
N GLY P 210 16.40 114.47 -3.14
CA GLY P 210 16.33 113.79 -1.85
C GLY P 210 17.60 113.07 -1.37
N ASN P 211 18.79 113.39 -1.90
CA ASN P 211 20.03 112.63 -1.69
C ASN P 211 21.17 113.53 -1.15
N LEU P 212 21.95 113.03 -0.18
CA LEU P 212 23.20 113.67 0.29
C LEU P 212 24.48 113.00 -0.22
N ASN P 213 24.34 111.87 -0.93
CA ASN P 213 25.40 111.17 -1.64
C ASN P 213 25.05 111.01 -3.15
N PRO P 214 24.71 112.11 -3.87
CA PRO P 214 24.18 112.05 -5.24
C PRO P 214 25.20 111.53 -6.26
N VAL P 215 24.74 110.89 -7.33
CA VAL P 215 25.56 110.62 -8.54
C VAL P 215 24.93 111.34 -9.73
N TRP P 216 25.66 112.26 -10.36
CA TRP P 216 25.25 112.93 -11.60
C TRP P 216 25.84 112.26 -12.84
N GLU P 217 27.17 112.07 -12.88
CA GLU P 217 27.93 111.70 -14.09
C GLU P 217 27.66 112.65 -15.29
N GLU P 218 27.54 113.95 -15.04
CA GLU P 218 27.12 114.95 -16.04
C GLU P 218 28.29 115.84 -16.50
N ASN P 219 28.50 115.92 -17.81
CA ASN P 219 29.67 116.55 -18.40
C ASN P 219 29.42 117.95 -18.99
N PHE P 220 30.32 118.85 -18.66
CA PHE P 220 30.35 120.22 -19.15
C PHE P 220 31.64 120.49 -19.91
N HIS P 221 31.50 120.82 -21.18
CA HIS P 221 32.61 121.36 -21.94
C HIS P 221 32.82 122.85 -21.64
N PHE P 222 34.08 123.26 -21.57
CA PHE P 222 34.53 124.62 -21.38
C PHE P 222 35.78 124.90 -22.20
N GLU P 223 36.08 126.18 -22.39
CA GLU P 223 37.31 126.66 -22.99
C GLU P 223 38.09 127.47 -21.96
N CYS P 224 39.37 127.15 -21.83
CA CYS P 224 40.33 127.90 -21.05
C CYS P 224 41.50 128.29 -21.96
N HIS P 225 42.08 129.46 -21.71
CA HIS P 225 43.16 130.03 -22.53
C HIS P 225 44.37 130.42 -21.68
N ASN P 226 44.43 129.94 -20.43
CA ASN P 226 45.37 130.36 -19.40
C ASN P 226 45.52 129.27 -18.33
N SER P 227 46.70 128.69 -18.20
CA SER P 227 46.99 127.70 -17.15
C SER P 227 46.83 128.24 -15.71
N SER P 228 46.87 129.56 -15.53
CA SER P 228 46.58 130.22 -14.25
C SER P 228 45.08 130.51 -14.03
N ASP P 229 44.15 130.10 -14.90
CA ASP P 229 42.71 130.16 -14.61
C ASP P 229 42.33 129.21 -13.46
N ARG P 230 41.10 129.37 -12.96
CA ARG P 230 40.46 128.39 -12.08
C ARG P 230 39.18 127.85 -12.69
N ILE P 231 38.95 126.56 -12.51
CA ILE P 231 37.60 125.99 -12.49
C ILE P 231 36.96 126.34 -11.14
N LYS P 232 35.67 126.70 -11.15
CA LYS P 232 34.82 126.79 -9.96
C LYS P 232 33.69 125.76 -10.06
N VAL P 233 33.50 124.94 -9.03
CA VAL P 233 32.43 123.94 -8.98
C VAL P 233 31.62 124.12 -7.71
N ARG P 234 30.29 124.24 -7.82
CA ARG P 234 29.42 124.65 -6.71
C ARG P 234 28.17 123.80 -6.68
N VAL P 235 27.78 123.31 -5.50
CA VAL P 235 26.69 122.37 -5.30
C VAL P 235 25.51 123.14 -4.70
N TRP P 236 24.30 122.90 -5.19
CA TRP P 236 23.10 123.66 -4.88
C TRP P 236 21.94 122.72 -4.61
N ASP P 237 21.20 122.94 -3.56
CA ASP P 237 19.94 122.28 -3.33
C ASP P 237 18.84 122.93 -4.18
N GLU P 238 18.24 122.21 -5.12
CA GLU P 238 17.29 122.82 -6.04
C GLU P 238 15.98 123.23 -5.35
N ASP P 239 15.87 124.50 -4.96
CA ASP P 239 14.64 125.08 -4.43
C ASP P 239 13.79 125.65 -5.57
N ASP P 240 12.67 125.02 -5.88
CA ASP P 240 11.62 125.60 -6.73
C ASP P 240 10.36 125.79 -5.90
N ASP P 241 10.29 126.93 -5.21
CA ASP P 241 9.23 127.30 -4.28
C ASP P 241 9.07 128.83 -4.20
N ILE P 242 8.04 129.34 -3.53
CA ILE P 242 7.80 130.79 -3.41
C ILE P 242 9.02 131.50 -2.81
N LYS P 243 9.70 130.87 -1.85
CA LYS P 243 10.97 131.38 -1.30
C LYS P 243 12.04 131.55 -2.37
N SER P 244 12.29 130.56 -3.23
CA SER P 244 13.30 130.73 -4.28
C SER P 244 12.87 131.76 -5.33
N ARG P 245 11.59 131.83 -5.70
CA ARG P 245 11.05 132.89 -6.59
C ARG P 245 11.22 134.29 -5.99
N VAL P 246 11.12 134.45 -4.67
CA VAL P 246 11.47 135.69 -3.96
C VAL P 246 12.98 135.91 -3.94
N LYS P 247 13.79 134.92 -3.53
CA LYS P 247 15.25 135.01 -3.45
C LYS P 247 15.89 135.42 -4.78
N GLN P 248 15.34 134.97 -5.92
CA GLN P 248 15.81 135.34 -7.26
C GLN P 248 15.82 136.86 -7.55
N ARG P 249 15.09 137.66 -6.75
CA ARG P 249 15.02 139.13 -6.84
C ARG P 249 16.16 139.84 -6.06
N PHE P 250 16.96 139.09 -5.28
CA PHE P 250 17.96 139.61 -4.33
C PHE P 250 19.32 138.87 -4.32
N LYS P 251 19.36 137.56 -4.59
CA LYS P 251 20.58 136.71 -4.71
C LYS P 251 20.57 135.90 -6.00
N ARG P 252 21.73 135.78 -6.67
CA ARG P 252 21.91 134.99 -7.92
C ARG P 252 21.76 133.47 -7.77
N GLU P 253 21.92 132.94 -6.56
CA GLU P 253 22.06 131.50 -6.30
C GLU P 253 20.84 130.96 -5.54
N SER P 254 19.69 130.92 -6.21
CA SER P 254 18.35 130.66 -5.63
C SER P 254 18.09 129.24 -5.10
N ASP P 255 19.13 128.45 -4.88
CA ASP P 255 19.08 127.00 -4.75
C ASP P 255 20.08 126.59 -3.66
N ASP P 256 19.60 126.39 -2.44
CA ASP P 256 20.40 126.56 -1.22
C ASP P 256 21.74 125.80 -1.27
N PHE P 257 22.82 126.58 -1.23
CA PHE P 257 24.15 126.11 -1.54
C PHE P 257 24.67 125.07 -0.55
N LEU P 258 25.21 123.99 -1.12
CA LEU P 258 25.66 122.78 -0.45
C LEU P 258 27.17 122.67 -0.34
N GLY P 259 27.92 123.53 -1.05
CA GLY P 259 29.37 123.65 -0.96
C GLY P 259 30.07 123.77 -2.31
N GLN P 260 31.35 124.16 -2.34
CA GLN P 260 32.12 124.33 -3.58
C GLN P 260 33.53 123.74 -3.51
N THR P 261 34.15 123.53 -4.67
CA THR P 261 35.59 123.36 -4.82
C THR P 261 36.10 124.26 -5.95
N ILE P 262 37.35 124.74 -5.83
CA ILE P 262 37.99 125.62 -6.81
C ILE P 262 39.37 125.04 -7.14
N ILE P 263 39.69 124.92 -8.43
CA ILE P 263 40.80 124.09 -8.92
C ILE P 263 41.63 124.90 -9.92
N GLU P 264 42.95 125.00 -9.73
CA GLU P 264 43.83 125.69 -10.70
C GLU P 264 43.98 124.90 -12.00
N VAL P 265 43.89 125.57 -13.14
CA VAL P 265 44.01 124.90 -14.43
C VAL P 265 45.37 124.20 -14.60
N ARG P 266 46.47 124.73 -14.03
CA ARG P 266 47.77 124.03 -14.06
C ARG P 266 47.87 122.75 -13.20
N THR P 267 46.94 122.49 -12.29
CA THR P 267 46.86 121.16 -11.65
C THR P 267 46.27 120.12 -12.60
N LEU P 268 45.57 120.57 -13.66
CA LEU P 268 44.98 119.71 -14.65
C LEU P 268 45.98 119.27 -15.73
N SER P 269 45.70 118.11 -16.31
CA SER P 269 46.34 117.58 -17.51
C SER P 269 45.41 116.53 -18.13
N GLY P 270 45.60 116.20 -19.41
CA GLY P 270 45.04 114.99 -20.05
C GLY P 270 43.60 114.64 -19.66
N GLU P 271 43.47 113.65 -18.77
CA GLU P 271 42.22 113.25 -18.13
C GLU P 271 42.40 113.00 -16.64
N MET P 272 41.40 113.35 -15.82
CA MET P 272 41.40 113.24 -14.36
C MET P 272 40.08 112.67 -13.84
N ASP P 273 40.10 112.10 -12.64
CA ASP P 273 38.93 111.61 -11.91
C ASP P 273 39.20 111.63 -10.39
N VAL P 274 38.79 112.70 -9.73
CA VAL P 274 39.25 113.12 -8.40
C VAL P 274 38.07 113.55 -7.55
N TRP P 275 38.07 113.29 -6.23
CA TRP P 275 37.10 113.92 -5.33
C TRP P 275 37.71 114.90 -4.32
N TYR P 276 36.99 116.02 -4.18
CA TYR P 276 37.39 117.26 -3.52
C TYR P 276 36.43 117.55 -2.37
N ASN P 277 36.93 117.79 -1.16
CA ASN P 277 36.07 118.27 -0.07
C ASN P 277 35.47 119.66 -0.40
N LEU P 278 34.26 119.91 0.09
CA LEU P 278 33.47 121.10 -0.21
C LEU P 278 33.64 122.24 0.81
N ASP P 279 33.51 123.47 0.32
CA ASP P 279 33.78 124.73 1.00
C ASP P 279 32.58 125.70 0.94
N LYS P 280 32.50 126.68 1.85
CA LYS P 280 31.46 127.73 1.89
C LYS P 280 31.61 128.79 0.77
N ARG P 281 30.55 129.58 0.54
CA ARG P 281 30.56 130.77 -0.35
C ARG P 281 29.61 131.87 0.15
N THR P 282 28.31 131.65 -0.03
CA THR P 282 27.24 132.63 0.22
C THR P 282 26.96 132.82 1.71
N ASP P 283 26.20 133.87 2.04
CA ASP P 283 25.66 134.10 3.39
C ASP P 283 24.73 132.95 3.89
N LYS P 284 24.14 132.19 2.97
CA LYS P 284 23.26 131.03 3.22
C LYS P 284 24.01 129.69 3.44
N SER P 285 25.34 129.69 3.37
CA SER P 285 26.15 128.45 3.36
C SER P 285 26.14 127.69 4.70
N ALA P 286 25.74 126.43 4.67
CA ALA P 286 26.18 125.39 5.62
C ALA P 286 26.64 124.21 4.76
N VAL P 287 27.84 123.69 4.99
CA VAL P 287 28.57 122.86 4.03
C VAL P 287 29.20 121.65 4.72
N SER P 288 29.21 120.51 4.04
CA SER P 288 29.90 119.28 4.47
C SER P 288 30.15 118.36 3.28
N GLY P 289 31.05 117.38 3.44
CA GLY P 289 31.28 116.34 2.44
C GLY P 289 32.18 116.75 1.27
N ALA P 290 32.09 116.01 0.17
CA ALA P 290 32.98 116.10 -0.98
C ALA P 290 32.28 115.85 -2.33
N ILE P 291 32.85 116.35 -3.41
CA ILE P 291 32.41 116.16 -4.81
C ILE P 291 33.49 115.48 -5.66
N ARG P 292 33.13 114.41 -6.36
CA ARG P 292 33.94 113.75 -7.38
C ARG P 292 33.70 114.37 -8.75
N LEU P 293 34.79 114.79 -9.36
CA LEU P 293 34.85 115.35 -10.70
C LEU P 293 35.78 114.50 -11.55
N HIS P 294 35.26 113.98 -12.65
CA HIS P 294 36.08 113.68 -13.79
C HIS P 294 36.31 114.99 -14.58
N ILE P 295 37.54 115.22 -15.04
CA ILE P 295 37.93 116.46 -15.73
C ILE P 295 38.92 116.08 -16.83
N SER P 296 38.50 116.15 -18.09
CA SER P 296 39.41 116.05 -19.22
C SER P 296 39.87 117.43 -19.68
N VAL P 297 41.10 117.52 -20.21
CA VAL P 297 41.76 118.75 -20.65
C VAL P 297 42.53 118.48 -21.93
N GLU P 298 42.02 119.00 -23.04
CA GLU P 298 42.49 118.67 -24.38
C GLU P 298 43.69 119.50 -24.86
N ILE P 299 44.57 119.84 -23.92
CA ILE P 299 46.00 120.06 -24.23
C ILE P 299 46.64 118.72 -24.65
N LYS P 300 46.01 117.61 -24.23
CA LYS P 300 46.13 116.26 -24.78
C LYS P 300 46.14 116.26 -26.31
N GLY P 301 47.07 115.54 -26.92
CA GLY P 301 47.24 115.44 -28.37
C GLY P 301 47.25 113.98 -28.83
N GLU P 302 48.25 113.60 -29.64
CA GLU P 302 48.52 112.20 -30.00
C GLU P 302 49.08 111.43 -28.80
N GLU P 303 48.21 111.11 -27.84
CA GLU P 303 48.51 110.09 -26.84
C GLU P 303 48.32 108.68 -27.42
N LYS P 304 47.61 108.57 -28.56
CA LYS P 304 47.33 107.35 -29.33
C LYS P 304 48.55 106.66 -29.95
N VAL P 305 49.75 106.94 -29.45
CA VAL P 305 51.00 106.45 -30.02
C VAL P 305 50.95 104.93 -30.10
N ALA P 306 51.18 104.35 -31.27
CA ALA P 306 51.76 103.02 -31.20
C ALA P 306 53.14 103.25 -30.55
N PRO P 307 53.61 102.38 -29.63
CA PRO P 307 54.90 102.57 -28.95
C PRO P 307 55.92 102.85 -30.04
N TYR P 308 56.70 103.92 -29.88
CA TYR P 308 57.18 104.59 -31.09
C TYR P 308 58.12 103.75 -31.96
N HIS P 309 58.68 102.70 -31.37
CA HIS P 309 59.10 101.45 -31.97
C HIS P 309 58.27 101.04 -33.18
N VAL P 310 57.01 100.70 -32.96
CA VAL P 310 56.04 100.23 -33.96
C VAL P 310 55.77 101.29 -35.01
N GLN P 311 55.65 102.55 -34.59
CA GLN P 311 55.48 103.63 -35.55
C GLN P 311 56.70 103.78 -36.46
N TYR P 312 57.89 103.67 -35.89
CA TYR P 312 59.14 103.65 -36.62
C TYR P 312 59.21 102.44 -37.55
N THR P 313 58.76 101.28 -37.11
CA THR P 313 58.75 100.08 -37.94
C THR P 313 57.87 100.25 -39.16
N CYS P 314 56.65 100.74 -38.96
CA CYS P 314 55.73 101.06 -40.05
C CYS P 314 56.36 102.02 -41.04
N LEU P 315 56.93 103.11 -40.52
CA LEU P 315 57.68 104.05 -41.32
C LEU P 315 58.76 103.32 -42.14
N HIS P 316 59.60 102.55 -41.46
CA HIS P 316 60.75 101.86 -42.04
C HIS P 316 60.35 100.83 -43.09
N GLU P 317 59.31 100.05 -42.86
CA GLU P 317 58.85 99.05 -43.83
C GLU P 317 58.30 99.69 -45.08
N ASN P 318 57.48 100.71 -44.89
CA ASN P 318 56.96 101.49 -46.00
C ASN P 318 58.09 102.13 -46.77
N LEU P 319 59.03 102.74 -46.07
CA LEU P 319 60.16 103.36 -46.73
C LEU P 319 60.99 102.29 -47.46
N PHE P 320 61.27 101.15 -46.84
CA PHE P 320 62.06 100.07 -47.45
C PHE P 320 61.43 99.52 -48.71
N HIS P 321 60.14 99.17 -48.66
CA HIS P 321 59.48 98.73 -49.87
C HIS P 321 59.52 99.85 -50.92
N PHE P 322 59.33 101.10 -50.50
CA PHE P 322 59.28 102.20 -51.43
C PHE P 322 60.62 102.35 -52.13
N VAL P 323 61.70 102.33 -51.38
CA VAL P 323 63.04 102.43 -51.93
C VAL P 323 63.33 101.22 -52.81
N THR P 324 63.32 100.02 -52.24
CA THR P 324 63.73 98.84 -52.97
C THR P 324 62.81 98.58 -54.14
N ASP P 325 61.53 98.49 -53.87
CA ASP P 325 60.54 98.15 -54.86
C ASP P 325 60.16 99.35 -55.69
N VAL P 326 59.68 100.44 -55.10
CA VAL P 326 59.10 101.51 -55.93
C VAL P 326 60.16 102.28 -56.70
N GLN P 327 61.20 102.74 -56.02
CA GLN P 327 62.27 103.50 -56.66
C GLN P 327 63.18 102.58 -57.45
N ASN P 328 63.54 101.44 -56.87
CA ASN P 328 64.59 100.57 -57.39
C ASN P 328 64.07 99.27 -58.00
N ASN P 329 62.76 99.17 -58.22
CA ASN P 329 62.15 98.10 -59.00
C ASN P 329 62.50 96.70 -58.43
N GLY P 330 62.57 96.62 -57.12
CA GLY P 330 62.91 95.46 -56.32
C GLY P 330 64.40 95.31 -56.05
N VAL P 331 65.26 96.00 -56.81
CA VAL P 331 66.70 96.01 -56.55
C VAL P 331 66.91 96.68 -55.21
N VAL P 332 67.70 96.06 -54.36
CA VAL P 332 68.14 96.71 -53.13
C VAL P 332 69.28 97.67 -53.48
N LYS P 333 69.00 98.98 -53.57
CA LYS P 333 70.05 100.01 -53.46
C LYS P 333 70.64 99.92 -52.06
N ILE P 334 71.92 99.58 -51.94
CA ILE P 334 72.64 99.59 -50.65
C ILE P 334 72.85 101.08 -50.26
N PRO P 335 72.54 101.52 -49.01
CA PRO P 335 72.31 102.92 -48.64
C PRO P 335 73.41 103.95 -48.99
N ASP P 336 73.10 105.24 -48.83
CA ASP P 336 74.15 106.24 -48.61
C ASP P 336 74.69 106.11 -47.17
N ALA P 337 75.27 104.95 -46.90
CA ALA P 337 75.71 104.45 -45.62
C ALA P 337 77.17 104.81 -45.28
N LYS P 338 77.52 104.84 -43.99
CA LYS P 338 78.85 105.24 -43.50
C LYS P 338 79.39 104.23 -42.48
N GLY P 339 80.62 103.77 -42.66
CA GLY P 339 81.31 102.76 -41.85
C GLY P 339 80.65 101.39 -41.84
N ASP P 340 81.08 100.51 -40.94
CA ASP P 340 80.36 99.28 -40.55
C ASP P 340 78.93 99.61 -40.07
N ASP P 341 78.83 100.79 -39.45
CA ASP P 341 77.63 101.57 -39.14
C ASP P 341 76.74 101.91 -40.35
N ALA P 342 77.05 101.37 -41.54
CA ALA P 342 76.07 101.08 -42.56
C ALA P 342 74.88 100.33 -41.97
N TRP P 343 75.15 99.48 -40.98
CA TRP P 343 74.15 98.82 -40.17
C TRP P 343 73.18 99.76 -39.43
N LYS P 344 73.52 101.04 -39.29
CA LYS P 344 72.70 102.14 -38.75
C LYS P 344 72.27 103.18 -39.77
N VAL P 345 72.84 103.14 -40.97
CA VAL P 345 72.40 104.00 -42.06
C VAL P 345 71.73 103.15 -43.08
N TYR P 346 70.43 103.10 -42.92
CA TYR P 346 69.56 102.25 -43.71
C TYR P 346 69.30 102.85 -45.08
N TYR P 347 69.45 104.16 -45.24
CA TYR P 347 69.06 104.86 -46.45
C TYR P 347 69.97 106.03 -46.81
N ASP P 348 69.69 106.57 -47.98
CA ASP P 348 70.05 107.91 -48.43
C ASP P 348 69.63 108.99 -47.44
N GLU P 349 70.32 110.12 -47.46
CA GLU P 349 70.10 111.25 -46.54
C GLU P 349 68.64 111.49 -46.20
N THR P 350 67.80 111.64 -47.22
CA THR P 350 66.45 112.15 -47.02
C THR P 350 65.67 111.15 -46.17
N ALA P 351 65.73 109.89 -46.59
CA ALA P 351 65.12 108.76 -45.93
C ALA P 351 65.77 108.46 -44.57
N GLN P 352 67.08 108.62 -44.49
CA GLN P 352 67.82 108.42 -43.27
C GLN P 352 67.43 109.46 -42.23
N GLU P 353 67.37 110.72 -42.63
CA GLU P 353 66.88 111.81 -41.81
C GLU P 353 65.42 111.63 -41.44
N ILE P 354 64.57 111.13 -42.34
CA ILE P 354 63.19 110.75 -42.01
C ILE P 354 63.18 109.79 -40.82
N VAL P 355 63.83 108.63 -40.95
CA VAL P 355 63.76 107.61 -39.90
C VAL P 355 64.50 108.06 -38.64
N ASP P 356 65.57 108.83 -38.79
CA ASP P 356 66.31 109.35 -37.65
C ASP P 356 65.56 110.46 -36.93
N GLU P 357 64.98 111.47 -37.59
CA GLU P 357 64.14 112.48 -36.92
C GLU P 357 62.98 111.84 -36.19
N PHE P 358 62.43 110.76 -36.74
CA PHE P 358 61.45 109.94 -36.05
C PHE P 358 62.05 109.23 -34.84
N ALA P 359 63.14 108.49 -35.01
CA ALA P 359 63.85 107.82 -33.92
C ALA P 359 64.50 108.79 -32.91
N MET P 360 64.60 110.07 -33.22
CA MET P 360 65.08 111.13 -32.34
C MET P 360 63.91 111.74 -31.60
N ARG P 361 62.97 112.35 -32.31
CA ARG P 361 61.75 112.93 -31.73
C ARG P 361 61.01 111.89 -30.88
N TYR P 362 61.12 110.63 -31.27
CA TYR P 362 60.48 109.50 -30.61
C TYR P 362 61.44 108.40 -30.14
N GLY P 363 62.71 108.74 -29.93
CA GLY P 363 63.69 107.99 -29.13
C GLY P 363 64.14 106.60 -29.60
N VAL P 364 63.49 106.00 -30.61
CA VAL P 364 63.66 104.60 -31.01
C VAL P 364 65.11 104.17 -31.12
N GLU P 365 65.50 103.14 -30.38
CA GLU P 365 66.89 102.73 -30.22
C GLU P 365 67.51 102.15 -31.49
N SER P 366 68.78 102.44 -31.73
CA SER P 366 69.54 102.06 -32.93
C SER P 366 69.44 100.57 -33.29
N ILE P 367 69.48 99.67 -32.31
CA ILE P 367 69.34 98.23 -32.53
C ILE P 367 67.93 97.85 -33.04
N TYR P 368 66.89 98.49 -32.54
CA TYR P 368 65.52 98.26 -33.00
C TYR P 368 65.36 98.68 -34.47
N GLN P 369 65.97 99.82 -34.81
CA GLN P 369 66.05 100.30 -36.19
C GLN P 369 66.77 99.29 -37.10
N ALA P 370 67.89 98.73 -36.64
CA ALA P 370 68.67 97.73 -37.36
C ALA P 370 67.96 96.39 -37.58
N MET P 371 67.34 95.81 -36.54
CA MET P 371 66.63 94.53 -36.67
C MET P 371 65.47 94.65 -37.66
N THR P 372 64.78 95.79 -37.64
CA THR P 372 63.75 96.16 -38.61
C THR P 372 64.28 96.16 -40.04
N HIS P 373 65.44 96.78 -40.26
CA HIS P 373 66.12 96.76 -41.54
C HIS P 373 66.59 95.36 -41.96
N PHE P 374 67.09 94.54 -41.06
CA PHE P 374 67.50 93.17 -41.38
C PHE P 374 66.29 92.31 -41.77
N ALA P 375 65.14 92.50 -41.10
CA ALA P 375 63.87 91.89 -41.49
C ALA P 375 63.49 92.29 -42.91
N CYS P 376 63.51 93.59 -43.21
CA CYS P 376 63.36 94.08 -44.56
C CYS P 376 64.33 93.38 -45.55
N LEU P 377 65.64 93.48 -45.35
CA LEU P 377 66.66 92.91 -46.27
C LEU P 377 66.44 91.42 -46.53
N SER P 378 66.02 90.65 -45.54
CA SER P 378 65.86 89.20 -45.69
C SER P 378 64.86 88.82 -46.78
N SER P 379 63.89 89.69 -47.07
CA SER P 379 62.94 89.51 -48.17
C SER P 379 63.57 89.67 -49.57
N LYS P 380 64.84 90.07 -49.64
CA LYS P 380 65.60 90.39 -50.85
C LYS P 380 67.01 89.77 -50.87
N TYR P 381 67.32 88.81 -49.97
CA TYR P 381 68.72 88.46 -49.63
C TYR P 381 69.60 88.03 -50.84
N MET P 382 68.96 87.55 -51.89
CA MET P 382 69.56 87.06 -53.15
C MET P 382 70.15 88.18 -54.03
N CYS P 383 69.76 89.44 -53.83
CA CYS P 383 70.29 90.57 -54.59
C CYS P 383 71.81 90.73 -54.39
N PRO P 384 72.57 91.18 -55.42
CA PRO P 384 74.03 91.21 -55.34
C PRO P 384 74.56 92.08 -54.20
N GLY P 385 75.63 91.65 -53.53
CA GLY P 385 76.20 92.35 -52.37
C GLY P 385 75.39 92.27 -51.08
N VAL P 386 74.07 92.04 -51.14
CA VAL P 386 73.21 91.94 -49.94
C VAL P 386 73.74 90.93 -48.92
N PRO P 387 74.34 89.77 -49.27
CA PRO P 387 74.89 88.87 -48.26
C PRO P 387 76.08 89.45 -47.48
N ALA P 388 76.87 90.30 -48.12
CA ALA P 388 77.90 91.05 -47.41
C ALA P 388 77.25 92.04 -46.44
N VAL P 389 76.23 92.78 -46.89
CA VAL P 389 75.51 93.75 -46.04
C VAL P 389 74.81 93.05 -44.89
N MET P 390 74.14 91.92 -45.14
CA MET P 390 73.49 91.17 -44.08
C MET P 390 74.53 90.50 -43.18
N SER P 391 75.66 90.05 -43.70
CA SER P 391 76.75 89.55 -42.83
C SER P 391 77.22 90.65 -41.90
N THR P 392 77.35 91.86 -42.44
CA THR P 392 77.72 93.07 -41.70
C THR P 392 76.67 93.42 -40.68
N LEU P 393 75.44 93.60 -41.11
CA LEU P 393 74.32 93.96 -40.26
C LEU P 393 74.12 92.95 -39.15
N LEU P 394 74.28 91.67 -39.45
CA LEU P 394 74.19 90.62 -38.44
C LEU P 394 75.41 90.55 -37.54
N ALA P 395 76.62 90.75 -38.07
CA ALA P 395 77.80 90.88 -37.21
C ALA P 395 77.60 92.00 -36.20
N ASN P 396 76.96 93.10 -36.61
CA ASN P 396 76.62 94.19 -35.73
C ASN P 396 75.47 93.90 -34.78
N ILE P 397 74.33 93.37 -35.25
CA ILE P 397 73.22 92.98 -34.36
C ILE P 397 73.69 91.94 -33.35
N ASN P 398 74.55 91.01 -33.79
CA ASN P 398 75.26 90.12 -32.90
C ASN P 398 76.10 90.89 -31.92
N ALA P 399 77.05 91.69 -32.40
CA ALA P 399 77.95 92.44 -31.54
C ALA P 399 77.18 93.33 -30.56
N TYR P 400 76.02 93.81 -30.97
CA TYR P 400 75.12 94.56 -30.13
C TYR P 400 74.63 93.71 -28.96
N TYR P 401 73.86 92.66 -29.22
CA TYR P 401 73.28 91.88 -28.14
C TYR P 401 74.32 91.04 -27.38
N ALA P 402 75.38 90.61 -28.05
CA ALA P 402 76.47 89.85 -27.46
C ALA P 402 77.42 90.72 -26.61
N HIS P 403 77.68 91.98 -27.00
CA HIS P 403 78.74 92.78 -26.39
C HIS P 403 78.30 94.20 -26.00
N THR P 404 77.55 94.93 -26.81
CA THR P 404 77.08 96.26 -26.39
C THR P 404 76.12 96.13 -25.22
N THR P 405 76.39 96.85 -24.13
CA THR P 405 75.68 96.68 -22.85
C THR P 405 75.74 95.26 -22.26
N ALA P 406 76.69 94.42 -22.68
CA ALA P 406 77.06 93.21 -21.94
C ALA P 406 77.73 93.52 -20.58
N SER P 407 78.01 94.80 -20.31
CA SER P 407 78.18 95.36 -18.97
C SER P 407 76.99 95.07 -18.05
N THR P 408 75.77 95.02 -18.59
CA THR P 408 74.62 94.42 -17.89
C THR P 408 74.84 92.92 -17.76
N ASN P 409 74.72 92.41 -16.55
CA ASN P 409 74.99 91.00 -16.24
C ASN P 409 73.97 90.03 -16.87
N VAL P 410 72.86 90.56 -17.39
CA VAL P 410 71.86 89.87 -18.21
C VAL P 410 72.53 89.17 -19.40
N SER P 411 72.09 87.95 -19.72
CA SER P 411 72.69 87.19 -20.82
C SER P 411 72.45 87.84 -22.18
N ALA P 412 73.23 87.47 -23.19
CA ALA P 412 73.00 87.97 -24.52
C ALA P 412 71.64 87.55 -25.05
N SER P 413 71.22 86.31 -24.77
CA SER P 413 69.93 85.78 -25.20
C SER P 413 68.78 86.47 -24.50
N ASP P 414 68.99 86.97 -23.29
CA ASP P 414 67.99 87.67 -22.48
C ASP P 414 67.94 89.17 -22.75
N ARG P 415 69.09 89.81 -22.97
CA ARG P 415 69.13 91.20 -23.46
C ARG P 415 68.46 91.26 -24.83
N PHE P 416 68.74 90.25 -25.65
CA PHE P 416 68.04 89.99 -26.88
C PHE P 416 66.55 89.69 -26.67
N ALA P 417 66.15 88.95 -25.63
CA ALA P 417 64.74 88.83 -25.26
C ALA P 417 64.08 90.17 -24.93
N ALA P 418 64.76 91.01 -24.13
CA ALA P 418 64.32 92.37 -23.82
C ALA P 418 64.34 93.30 -25.04
N SER P 419 64.77 92.83 -26.21
CA SER P 419 64.58 93.55 -27.44
C SER P 419 63.12 93.91 -27.62
N ASN P 420 62.85 95.21 -27.72
CA ASN P 420 61.52 95.70 -28.05
C ASN P 420 61.07 95.23 -29.44
N PHE P 421 61.99 94.82 -30.31
CA PHE P 421 61.67 94.20 -31.60
C PHE P 421 60.95 92.86 -31.42
N GLY P 422 61.28 92.12 -30.36
CA GLY P 422 60.83 90.76 -30.17
C GLY P 422 61.89 89.77 -30.63
N LYS P 423 62.60 89.19 -29.67
CA LYS P 423 63.60 88.14 -29.94
C LYS P 423 63.13 87.10 -30.93
N GLU P 424 61.99 86.49 -30.63
CA GLU P 424 61.37 85.40 -31.39
C GLU P 424 61.22 85.75 -32.87
N ARG P 425 60.57 86.86 -33.17
CA ARG P 425 60.44 87.44 -34.50
C ARG P 425 61.79 87.49 -35.22
N PHE P 426 62.85 87.83 -34.50
CA PHE P 426 64.19 87.86 -35.07
C PHE P 426 64.81 86.46 -35.24
N VAL P 427 64.63 85.56 -34.28
CA VAL P 427 65.11 84.17 -34.36
C VAL P 427 64.50 83.46 -35.56
N LYS P 428 63.18 83.57 -35.72
CA LYS P 428 62.44 83.00 -36.86
C LYS P 428 63.07 83.47 -38.17
N LEU P 429 63.21 84.79 -38.30
CA LEU P 429 63.77 85.49 -39.43
C LEU P 429 65.18 84.99 -39.80
N LEU P 430 66.06 84.81 -38.81
CA LEU P 430 67.38 84.22 -39.01
C LEU P 430 67.29 82.78 -39.50
N ASP P 431 66.42 81.97 -38.91
CA ASP P 431 66.31 80.55 -39.26
C ASP P 431 65.80 80.36 -40.68
N GLN P 432 64.78 81.14 -41.07
CA GLN P 432 64.28 81.17 -42.44
C GLN P 432 65.38 81.53 -43.42
N LEU P 433 66.11 82.61 -43.11
CA LEU P 433 67.20 83.08 -43.93
C LEU P 433 68.26 82.01 -44.04
N HIS P 434 68.77 81.50 -42.91
CA HIS P 434 69.77 80.45 -42.83
C HIS P 434 69.39 79.25 -43.70
N ASN P 435 68.15 78.79 -43.54
CA ASN P 435 67.63 77.71 -44.35
C ASN P 435 67.71 78.07 -45.84
N SER P 436 67.26 79.26 -46.20
CA SER P 436 67.33 79.75 -47.57
C SER P 436 68.78 79.79 -48.09
N LEU P 437 69.75 80.10 -47.23
CA LEU P 437 71.17 80.01 -47.56
C LEU P 437 71.59 78.55 -47.79
N ARG P 438 71.35 77.66 -46.80
CA ARG P 438 71.63 76.21 -46.87
C ARG P 438 71.10 75.64 -48.18
N ILE P 439 69.88 76.00 -48.52
CA ILE P 439 69.23 75.62 -49.76
C ILE P 439 70.08 76.03 -50.95
N ASP P 440 70.37 77.32 -51.07
CA ASP P 440 71.10 77.82 -52.21
C ASP P 440 72.48 77.16 -52.32
N LEU P 441 73.14 76.96 -51.19
CA LEU P 441 74.41 76.26 -51.07
C LEU P 441 74.32 74.79 -51.49
N SER P 442 73.22 74.13 -51.20
CA SER P 442 73.04 72.73 -51.58
C SER P 442 73.06 72.53 -53.08
N MET P 443 72.81 73.60 -53.84
CA MET P 443 73.13 73.68 -55.26
C MET P 443 74.02 74.85 -55.56
N TYR P 444 75.13 74.94 -54.83
CA TYR P 444 76.08 76.04 -54.98
C TYR P 444 76.46 76.25 -56.44
N ARG P 445 76.72 75.17 -57.17
CA ARG P 445 77.26 75.25 -58.53
C ARG P 445 76.26 75.95 -59.44
N ASN P 446 75.01 75.52 -59.36
CA ASN P 446 73.93 76.05 -60.20
C ASN P 446 73.53 77.46 -59.75
N ASN P 447 73.51 77.72 -58.44
CA ASN P 447 73.09 79.01 -57.90
C ASN P 447 74.19 80.10 -57.98
N PHE P 448 75.46 79.70 -57.97
CA PHE P 448 76.62 80.59 -57.93
C PHE P 448 77.70 80.08 -58.88
N PRO P 449 77.42 80.10 -60.18
CA PRO P 449 78.29 79.49 -61.17
C PRO P 449 79.67 80.12 -61.15
N ALA P 450 80.71 79.31 -61.35
CA ALA P 450 82.10 79.74 -61.33
C ALA P 450 82.36 80.85 -62.34
N SER P 451 81.66 80.77 -63.48
CA SER P 451 81.63 81.78 -64.55
C SER P 451 81.13 83.15 -64.11
N SER P 452 80.47 83.26 -62.95
CA SER P 452 80.19 84.54 -62.30
C SER P 452 81.04 84.68 -61.04
N PRO P 453 82.19 85.36 -61.14
CA PRO P 453 82.96 85.80 -59.98
C PRO P 453 82.13 86.60 -58.99
N GLU P 454 81.17 87.37 -59.50
CA GLU P 454 80.24 88.13 -58.67
C GLU P 454 79.38 87.22 -57.83
N ARG P 455 78.79 86.18 -58.42
CA ARG P 455 78.09 85.18 -57.64
C ARG P 455 79.04 84.32 -56.85
N LEU P 456 80.29 84.08 -57.24
CA LEU P 456 81.30 83.52 -56.35
C LEU P 456 81.57 84.45 -55.15
N GLN P 457 81.51 85.76 -55.32
CA GLN P 457 81.70 86.64 -54.19
C GLN P 457 80.47 86.71 -53.32
N ASP P 458 79.29 86.84 -53.90
CA ASP P 458 78.07 86.71 -53.15
C ASP P 458 78.05 85.39 -52.40
N LEU P 459 78.49 84.29 -53.03
CA LEU P 459 78.69 82.98 -52.41
C LEU P 459 79.66 83.10 -51.21
N LYS P 460 80.82 83.71 -51.40
CA LYS P 460 81.77 83.92 -50.32
C LYS P 460 81.15 84.73 -49.17
N SER P 461 80.56 85.89 -49.47
CA SER P 461 79.80 86.71 -48.53
C SER P 461 78.60 86.01 -47.91
N THR P 462 78.02 85.03 -48.59
CA THR P 462 76.94 84.18 -48.08
C THR P 462 77.51 83.29 -47.00
N VAL P 463 78.66 82.66 -47.22
CA VAL P 463 79.26 81.80 -46.20
C VAL P 463 79.80 82.66 -45.05
N ASP P 464 80.25 83.87 -45.33
CA ASP P 464 80.52 84.86 -44.29
C ASP P 464 79.26 85.25 -43.52
N LEU P 465 78.12 85.43 -44.19
CA LEU P 465 76.84 85.57 -43.52
C LEU P 465 76.48 84.33 -42.70
N LEU P 466 76.68 83.11 -43.22
CA LEU P 466 76.32 81.88 -42.54
C LEU P 466 77.19 81.67 -41.30
N THR P 467 78.48 81.99 -41.37
CA THR P 467 79.32 82.09 -40.18
C THR P 467 78.76 83.14 -39.22
N SER P 468 78.38 84.32 -39.71
CA SER P 468 77.73 85.36 -38.90
C SER P 468 76.43 84.90 -38.21
N ILE P 469 75.60 84.09 -38.86
CA ILE P 469 74.40 83.48 -38.26
C ILE P 469 74.77 82.42 -37.23
N THR P 470 75.72 81.54 -37.56
CA THR P 470 76.18 80.48 -36.63
C THR P 470 76.71 81.11 -35.34
N PHE P 471 77.50 82.18 -35.51
CA PHE P 471 78.00 83.05 -34.47
C PHE P 471 76.87 83.73 -33.70
N PHE P 472 75.83 84.28 -34.35
CA PHE P 472 74.64 84.76 -33.62
C PHE P 472 73.96 83.69 -32.78
N ARG P 473 73.77 82.48 -33.32
CA ARG P 473 73.17 81.37 -32.58
C ARG P 473 74.01 81.00 -31.36
N MET P 474 75.33 80.92 -31.57
CA MET P 474 76.30 80.63 -30.54
C MET P 474 76.40 81.72 -29.47
N LYS P 475 76.36 83.00 -29.88
CA LYS P 475 76.71 84.14 -29.02
C LYS P 475 75.50 84.87 -28.47
N VAL P 476 74.51 85.14 -29.31
CA VAL P 476 73.31 85.85 -28.89
C VAL P 476 72.23 84.90 -28.43
N GLN P 477 71.86 83.88 -29.21
CA GLN P 477 70.94 82.87 -28.68
C GLN P 477 71.61 81.98 -27.63
N GLU P 478 72.94 82.01 -27.55
CA GLU P 478 73.76 81.29 -26.57
C GLU P 478 73.64 79.77 -26.70
N LEU P 479 73.28 79.30 -27.89
CA LEU P 479 73.20 77.88 -28.22
C LEU P 479 74.58 77.23 -28.13
N GLN P 480 74.62 76.00 -27.64
CA GLN P 480 75.85 75.34 -27.13
C GLN P 480 76.50 74.49 -28.23
N SER P 481 75.68 73.81 -29.01
CA SER P 481 76.07 73.05 -30.19
C SER P 481 75.14 73.40 -31.35
N PRO P 482 75.13 74.68 -31.81
CA PRO P 482 74.50 75.02 -33.09
C PRO P 482 75.16 74.23 -34.23
N PRO P 483 74.49 74.09 -35.39
CA PRO P 483 75.06 73.42 -36.56
C PRO P 483 76.37 74.08 -37.01
N ARG P 484 77.46 73.31 -37.04
CA ARG P 484 78.79 73.85 -37.36
C ARG P 484 78.84 74.29 -38.82
N ALA P 485 79.24 75.54 -39.07
CA ALA P 485 79.20 76.15 -40.41
C ALA P 485 79.93 75.31 -41.47
N SER P 486 81.10 74.75 -41.17
CA SER P 486 81.79 73.84 -42.10
C SER P 486 81.00 72.57 -42.43
N GLN P 487 80.38 71.89 -41.47
CA GLN P 487 79.61 70.67 -41.74
C GLN P 487 78.32 70.97 -42.51
N VAL P 488 77.62 72.04 -42.12
CA VAL P 488 76.44 72.57 -42.83
C VAL P 488 76.72 72.75 -44.31
N VAL P 489 77.85 73.37 -44.61
CA VAL P 489 78.30 73.62 -45.99
C VAL P 489 78.77 72.31 -46.64
N LYS P 490 79.52 71.45 -45.95
CA LYS P 490 79.99 70.17 -46.48
C LYS P 490 78.84 69.27 -46.94
N ASP P 491 77.76 69.24 -46.19
CA ASP P 491 76.51 68.61 -46.61
C ASP P 491 76.01 69.21 -47.93
N CYS P 492 75.93 70.54 -48.00
CA CYS P 492 75.49 71.25 -49.20
C CYS P 492 76.38 70.94 -50.41
N VAL P 493 77.67 70.78 -50.17
CA VAL P 493 78.64 70.49 -51.23
C VAL P 493 78.48 69.07 -51.69
N LYS P 494 78.46 68.12 -50.76
CA LYS P 494 78.15 66.73 -51.04
C LYS P 494 76.85 66.65 -51.80
N ALA P 495 75.83 67.39 -51.38
CA ALA P 495 74.56 67.48 -52.07
C ALA P 495 74.78 67.93 -53.51
N CYS P 496 75.37 69.10 -53.70
CA CYS P 496 75.61 69.64 -55.00
C CYS P 496 76.43 68.71 -55.91
N LEU P 497 77.44 68.04 -55.36
CA LEU P 497 78.26 67.03 -56.02
C LEU P 497 77.48 65.80 -56.42
N ASN P 498 76.63 65.28 -55.55
CA ASN P 498 75.81 64.12 -55.86
C ASN P 498 74.77 64.44 -56.94
N SER P 499 74.14 65.62 -56.87
CA SER P 499 73.25 66.12 -57.92
C SER P 499 73.99 66.24 -59.24
N THR P 500 75.22 66.74 -59.16
CA THR P 500 76.11 66.74 -60.32
C THR P 500 76.31 65.30 -60.82
N TYR P 501 76.65 64.33 -59.95
CA TYR P 501 76.98 62.98 -60.40
C TYR P 501 75.79 62.28 -61.04
N GLU P 502 74.65 62.29 -60.35
CA GLU P 502 73.39 61.76 -60.88
C GLU P 502 73.17 62.34 -62.26
N TYR P 503 73.23 63.66 -62.35
CA TYR P 503 72.95 64.33 -63.58
C TYR P 503 73.95 63.92 -64.65
N ILE P 504 75.25 63.84 -64.36
CA ILE P 504 76.22 63.39 -65.36
C ILE P 504 76.08 61.93 -65.74
N PHE P 505 75.76 61.04 -64.81
CA PHE P 505 75.66 59.62 -65.10
C PHE P 505 74.43 59.29 -65.93
N ASN P 506 73.39 60.10 -65.77
CA ASN P 506 72.15 59.99 -66.52
C ASN P 506 72.18 60.75 -67.85
N ASN P 507 72.99 61.81 -67.95
CA ASN P 507 73.02 62.72 -69.09
C ASN P 507 74.42 62.83 -69.71
N CYS P 508 75.24 61.78 -69.60
CA CYS P 508 76.65 61.81 -70.01
C CYS P 508 76.80 62.32 -71.42
N HIS P 509 75.89 61.91 -72.29
CA HIS P 509 76.02 62.28 -73.68
C HIS P 509 75.68 63.72 -73.98
N GLU P 510 74.62 64.22 -73.39
CA GLU P 510 74.21 65.61 -73.53
C GLU P 510 75.29 66.54 -72.98
N LEU P 511 75.87 66.15 -71.84
CA LEU P 511 76.90 66.91 -71.19
C LEU P 511 78.24 66.82 -71.92
N TYR P 512 78.76 65.61 -72.12
CA TYR P 512 80.01 65.43 -72.84
C TYR P 512 79.92 65.92 -74.28
N GLY P 513 78.78 65.61 -74.89
CA GLY P 513 78.27 66.24 -76.08
C GLY P 513 78.62 67.72 -76.11
N ARG P 514 77.81 68.52 -75.45
CA ARG P 514 77.94 69.98 -75.47
C ARG P 514 79.30 70.49 -74.95
N GLU P 515 79.85 69.86 -73.93
CA GLU P 515 81.06 70.36 -73.27
C GLU P 515 82.37 70.03 -74.01
N TYR P 516 82.47 68.93 -74.79
CA TYR P 516 83.72 68.55 -75.47
C TYR P 516 83.63 67.78 -76.79
N GLN P 517 82.49 67.16 -77.11
CA GLN P 517 82.46 65.99 -77.97
C GLN P 517 83.14 66.17 -79.33
N THR P 518 84.04 65.23 -79.65
CA THR P 518 84.91 65.21 -80.86
C THR P 518 84.16 65.03 -82.20
N ASP P 519 82.83 65.18 -82.21
CA ASP P 519 81.97 65.21 -83.41
C ASP P 519 80.70 66.03 -83.07
N PRO P 520 80.42 67.16 -83.75
CA PRO P 520 79.29 68.02 -83.43
C PRO P 520 77.92 67.34 -83.58
N ALA P 521 77.79 66.32 -84.44
CA ALA P 521 76.55 65.54 -84.57
C ALA P 521 76.23 64.70 -83.33
N LYS P 522 77.20 64.56 -82.41
CA LYS P 522 77.09 63.78 -81.18
C LYS P 522 76.94 64.65 -79.92
N LYS P 523 76.67 65.96 -80.06
CA LYS P 523 76.42 66.87 -78.91
C LYS P 523 75.01 66.77 -78.29
N GLY P 524 74.03 66.33 -79.07
CA GLY P 524 72.62 66.31 -78.69
C GLY P 524 72.21 65.14 -77.79
N GLU P 525 70.89 64.94 -77.66
CA GLU P 525 70.27 63.84 -76.89
C GLU P 525 70.42 62.48 -77.60
N VAL P 526 71.66 62.01 -77.67
CA VAL P 526 72.02 60.62 -77.96
C VAL P 526 71.22 59.66 -77.06
N PRO P 527 70.87 58.43 -77.51
CA PRO P 527 69.97 57.55 -76.77
C PRO P 527 70.35 57.36 -75.29
N PRO P 528 69.39 57.22 -74.37
CA PRO P 528 69.68 57.03 -72.96
C PRO P 528 70.67 55.90 -72.67
N GLU P 529 70.67 54.82 -73.46
CA GLU P 529 71.65 53.73 -73.44
C GLU P 529 73.09 54.14 -73.87
N GLU P 530 73.32 55.43 -74.04
CA GLU P 530 74.55 56.07 -74.46
C GLU P 530 74.78 57.41 -73.70
N GLN P 531 73.81 57.82 -72.88
CA GLN P 531 73.86 58.90 -71.87
C GLN P 531 74.03 58.36 -70.47
N GLY P 532 73.60 57.11 -70.32
CA GLY P 532 74.06 56.12 -69.39
C GLY P 532 74.82 55.07 -70.22
N PRO P 533 75.11 53.91 -69.64
CA PRO P 533 76.04 52.95 -70.24
C PRO P 533 75.58 52.30 -71.54
N SER P 534 76.53 52.12 -72.48
CA SER P 534 76.36 51.27 -73.68
C SER P 534 76.95 49.89 -73.51
N ILE P 535 76.31 48.89 -74.11
CA ILE P 535 76.95 47.59 -74.32
C ILE P 535 77.76 47.51 -75.62
N LYS P 536 77.51 48.41 -76.58
CA LYS P 536 78.13 48.38 -77.91
C LYS P 536 79.55 48.97 -77.93
N ASN P 537 79.80 49.96 -77.08
CA ASN P 537 81.00 50.79 -77.12
C ASN P 537 81.46 51.21 -75.71
N LEU P 538 82.71 51.67 -75.61
CA LEU P 538 83.32 52.17 -74.38
C LEU P 538 83.34 53.70 -74.30
N ASP P 539 82.68 54.36 -75.24
CA ASP P 539 82.87 55.77 -75.48
C ASP P 539 82.16 56.58 -74.42
N PHE P 540 80.95 56.20 -74.03
CA PHE P 540 80.27 56.72 -72.84
C PHE P 540 81.23 56.82 -71.65
N TRP P 541 82.08 55.82 -71.46
CA TRP P 541 83.00 55.79 -70.33
C TRP P 541 84.21 56.70 -70.54
N SER P 542 84.79 56.76 -71.74
CA SER P 542 85.81 57.77 -72.03
C SER P 542 85.27 59.19 -71.82
N LYS P 543 83.99 59.36 -72.09
CA LYS P 543 83.27 60.63 -71.99
C LYS P 543 82.98 61.00 -70.56
N LEU P 544 82.51 60.02 -69.79
CA LEU P 544 82.31 60.11 -68.36
C LEU P 544 83.63 60.44 -67.65
N ILE P 545 84.76 59.83 -68.05
CA ILE P 545 86.09 60.15 -67.51
C ILE P 545 86.37 61.65 -67.66
N THR P 546 86.15 62.22 -68.83
CA THR P 546 86.41 63.64 -69.07
C THR P 546 85.48 64.57 -68.28
N LEU P 547 84.21 64.22 -68.15
CA LEU P 547 83.27 64.94 -67.30
C LEU P 547 83.78 65.03 -65.87
N ILE P 548 84.18 63.88 -65.34
CA ILE P 548 84.67 63.77 -63.97
C ILE P 548 85.88 64.69 -63.76
N VAL P 549 86.87 64.61 -64.63
CA VAL P 549 88.05 65.49 -64.65
C VAL P 549 87.63 66.96 -64.58
N SER P 550 86.77 67.37 -65.52
CA SER P 550 86.33 68.76 -65.64
C SER P 550 85.70 69.30 -64.35
N ILE P 551 84.81 68.53 -63.74
CA ILE P 551 84.15 68.94 -62.50
C ILE P 551 85.16 69.07 -61.36
N ILE P 552 86.02 68.06 -61.19
CA ILE P 552 86.99 68.09 -60.10
C ILE P 552 87.90 69.30 -60.27
N GLU P 553 88.27 69.61 -61.50
CA GLU P 553 88.95 70.85 -61.80
C GLU P 553 88.17 72.07 -61.37
N GLU P 554 86.93 72.27 -61.81
CA GLU P 554 86.18 73.46 -61.38
C GLU P 554 86.09 73.59 -59.85
N ASP P 555 85.90 72.48 -59.15
CA ASP P 555 85.84 72.46 -57.70
C ASP P 555 87.17 72.78 -57.05
N LYS P 556 88.24 72.16 -57.52
CA LYS P 556 89.60 72.44 -57.10
C LYS P 556 89.96 73.89 -57.38
N ASN P 557 89.50 74.43 -58.49
CA ASN P 557 90.09 75.63 -59.07
C ASN P 557 89.25 76.88 -58.80
N SER P 558 87.93 76.82 -58.93
CA SER P 558 87.06 77.97 -58.68
C SER P 558 86.47 77.94 -57.28
N TYR P 559 85.99 76.79 -56.85
CA TYR P 559 85.22 76.73 -55.62
C TYR P 559 86.08 76.57 -54.37
N THR P 560 87.13 75.76 -54.40
CA THR P 560 88.04 75.65 -53.25
C THR P 560 88.58 77.01 -52.81
N PRO P 561 88.94 77.91 -53.74
CA PRO P 561 89.31 79.28 -53.38
C PRO P 561 88.14 80.16 -52.96
N CYS P 562 87.00 80.08 -53.66
CA CYS P 562 85.83 80.87 -53.29
C CYS P 562 85.40 80.57 -51.84
N LEU P 563 85.50 79.31 -51.43
CA LEU P 563 85.01 78.77 -50.17
C LEU P 563 86.09 78.38 -49.19
N ASN P 564 87.08 79.25 -49.10
CA ASN P 564 88.22 79.09 -48.24
C ASN P 564 87.93 79.24 -46.73
N GLN P 565 86.72 79.62 -46.27
CA GLN P 565 86.48 79.98 -44.85
C GLN P 565 86.82 78.87 -43.87
N PHE P 566 86.74 77.61 -44.32
CA PHE P 566 87.14 76.45 -43.54
C PHE P 566 88.16 75.67 -44.36
N PRO P 567 89.38 76.19 -44.55
CA PRO P 567 90.31 75.65 -45.53
C PRO P 567 90.78 74.25 -45.12
N GLN P 568 91.03 74.08 -43.82
CA GLN P 568 91.37 72.83 -43.16
C GLN P 568 90.29 71.77 -43.30
N GLU P 569 89.02 72.19 -43.35
CA GLU P 569 87.88 71.29 -43.36
C GLU P 569 87.24 71.12 -44.75
N LEU P 570 87.53 72.02 -45.69
CA LEU P 570 86.71 72.22 -46.88
C LEU P 570 87.57 72.46 -48.15
N ASN P 571 88.42 71.50 -48.50
CA ASN P 571 89.01 71.39 -49.83
C ASN P 571 87.96 70.88 -50.84
N VAL P 572 87.28 71.80 -51.55
CA VAL P 572 86.18 71.44 -52.46
C VAL P 572 86.66 70.50 -53.58
N GLY P 573 87.90 70.67 -54.07
CA GLY P 573 88.50 69.79 -55.06
C GLY P 573 88.66 68.34 -54.61
N LYS P 574 89.10 68.09 -53.38
CA LYS P 574 89.19 66.72 -52.84
C LYS P 574 87.83 66.08 -52.60
N ILE P 575 86.89 66.82 -52.00
CA ILE P 575 85.52 66.30 -51.75
C ILE P 575 84.88 65.91 -53.08
N SER P 576 85.09 66.75 -54.11
CA SER P 576 84.72 66.45 -55.47
C SER P 576 85.35 65.13 -55.95
N ALA P 577 86.68 65.00 -55.98
CA ALA P 577 87.35 63.79 -56.48
C ALA P 577 86.85 62.50 -55.80
N GLU P 578 86.74 62.50 -54.47
CA GLU P 578 86.23 61.35 -53.73
C GLU P 578 84.79 60.99 -54.13
N VAL P 579 83.87 61.95 -54.01
CA VAL P 579 82.45 61.73 -54.25
C VAL P 579 82.27 61.17 -55.66
N MET P 580 82.85 61.85 -56.64
CA MET P 580 82.68 61.51 -58.04
C MET P 580 83.30 60.15 -58.40
N TRP P 581 84.53 59.86 -57.94
CA TRP P 581 85.14 58.55 -58.19
C TRP P 581 84.29 57.44 -57.59
N SER P 582 83.80 57.62 -56.37
CA SER P 582 83.10 56.55 -55.67
C SER P 582 81.91 56.12 -56.50
N LEU P 583 81.11 57.11 -56.87
CA LEU P 583 79.91 56.93 -57.66
C LEU P 583 80.25 56.32 -59.03
N PHE P 584 81.32 56.81 -59.65
CA PHE P 584 81.84 56.25 -60.87
C PHE P 584 82.22 54.78 -60.77
N ALA P 585 83.03 54.42 -59.78
CA ALA P 585 83.73 53.13 -59.78
C ALA P 585 82.74 51.99 -59.71
N GLN P 586 81.67 52.20 -58.94
CA GLN P 586 80.53 51.29 -58.89
C GLN P 586 79.98 51.06 -60.30
N ASP P 587 79.71 52.16 -60.97
CA ASP P 587 79.05 52.12 -62.26
C ASP P 587 79.95 51.48 -63.31
N MET P 588 81.22 51.86 -63.32
CA MET P 588 82.22 51.27 -64.20
C MET P 588 82.38 49.77 -63.95
N LYS P 589 82.50 49.32 -62.70
CA LYS P 589 82.64 47.89 -62.44
C LYS P 589 81.50 47.11 -63.09
N TYR P 590 80.24 47.55 -62.87
CA TYR P 590 79.10 46.84 -63.46
C TYR P 590 79.15 46.87 -64.98
N ALA P 591 79.62 47.97 -65.54
CA ALA P 591 79.76 48.08 -66.97
C ALA P 591 80.72 47.07 -67.56
N MET P 592 81.91 46.97 -66.99
CA MET P 592 82.90 46.01 -67.43
C MET P 592 82.39 44.58 -67.30
N GLU P 593 81.70 44.26 -66.21
CA GLU P 593 81.02 42.98 -66.10
C GLU P 593 79.99 42.75 -67.21
N GLU P 594 79.25 43.78 -67.59
CA GLU P 594 78.24 43.67 -68.63
C GLU P 594 78.84 43.46 -70.02
N HIS P 595 79.85 44.27 -70.38
CA HIS P 595 80.64 44.07 -71.59
C HIS P 595 81.16 42.65 -71.67
N ASP P 596 81.58 42.07 -70.56
CA ASP P 596 82.18 40.76 -70.56
C ASP P 596 81.24 39.66 -71.04
N LYS P 597 79.93 39.84 -70.83
CA LYS P 597 78.91 38.90 -71.28
C LYS P 597 78.64 39.00 -72.79
N HIS P 598 78.99 40.12 -73.42
CA HIS P 598 78.57 40.44 -74.79
C HIS P 598 79.75 40.56 -75.78
N ARG P 599 80.86 41.15 -75.33
CA ARG P 599 82.13 41.28 -76.06
C ARG P 599 81.99 41.93 -77.44
N LEU P 600 81.21 43.00 -77.50
CA LEU P 600 80.90 43.74 -78.74
C LEU P 600 82.04 44.68 -79.15
N CYS P 601 82.64 45.38 -78.19
CA CYS P 601 83.92 46.07 -78.37
C CYS P 601 85.08 45.06 -78.49
N LYS P 602 86.16 45.38 -79.21
CA LYS P 602 87.32 44.49 -79.34
C LYS P 602 88.12 44.46 -78.04
N SER P 603 88.85 43.37 -77.78
CA SER P 603 89.82 43.25 -76.67
C SER P 603 90.59 44.56 -76.47
N ALA P 604 91.22 45.02 -77.54
CA ALA P 604 91.95 46.27 -77.70
C ALA P 604 91.25 47.49 -77.10
N ASP P 605 89.95 47.65 -77.32
CA ASP P 605 89.19 48.79 -76.85
C ASP P 605 89.19 48.80 -75.31
N TYR P 606 88.97 47.65 -74.69
CA TYR P 606 89.05 47.52 -73.25
C TYR P 606 90.48 47.75 -72.75
N MET P 607 91.50 47.34 -73.51
CA MET P 607 92.89 47.64 -73.14
C MET P 607 93.14 49.16 -73.16
N ASN P 608 92.64 49.86 -74.19
CA ASN P 608 92.73 51.31 -74.28
C ASN P 608 92.00 51.97 -73.09
N LEU P 609 90.78 51.52 -72.82
CA LEU P 609 90.00 51.97 -71.68
C LEU P 609 90.77 51.70 -70.38
N HIS P 610 91.41 50.54 -70.25
CA HIS P 610 92.22 50.22 -69.09
C HIS P 610 93.32 51.29 -68.94
N PHE P 611 94.05 51.66 -69.98
CA PHE P 611 95.07 52.69 -69.82
C PHE P 611 94.49 54.03 -69.39
N LYS P 612 93.33 54.43 -69.92
CA LYS P 612 92.64 55.65 -69.51
C LYS P 612 92.24 55.59 -68.05
N VAL P 613 91.65 54.48 -67.62
CA VAL P 613 91.19 54.29 -66.24
C VAL P 613 92.35 54.22 -65.29
N LYS P 614 93.38 53.46 -65.67
CA LYS P 614 94.64 53.35 -64.95
C LYS P 614 95.18 54.75 -64.73
N TRP P 615 95.33 55.51 -65.82
CA TRP P 615 95.70 56.90 -65.71
C TRP P 615 94.79 57.67 -64.75
N LEU P 616 93.46 57.60 -64.91
CA LEU P 616 92.54 58.43 -64.14
C LEU P 616 92.69 58.18 -62.65
N TYR P 617 92.64 56.91 -62.25
CA TYR P 617 92.79 56.53 -60.85
C TYR P 617 94.12 57.03 -60.34
N ASN P 618 95.18 56.71 -61.09
CA ASN P 618 96.54 57.03 -60.72
C ASN P 618 96.80 58.53 -60.72
N GLU P 619 95.97 59.31 -61.40
CA GLU P 619 95.91 60.74 -61.27
C GLU P 619 95.11 61.12 -60.03
N TYR P 620 93.79 61.16 -60.13
CA TYR P 620 92.97 61.84 -59.14
C TYR P 620 92.82 61.06 -57.85
N VAL P 621 92.69 59.75 -57.96
CA VAL P 621 92.04 58.95 -56.91
C VAL P 621 93.04 58.36 -55.96
N ALA P 622 94.12 57.81 -56.50
CA ALA P 622 95.12 57.07 -55.75
C ALA P 622 95.69 57.84 -54.57
N GLU P 623 95.74 59.17 -54.64
CA GLU P 623 96.33 60.02 -53.60
C GLU P 623 95.34 60.47 -52.53
N LEU P 624 94.04 60.34 -52.78
CA LEU P 624 93.07 60.52 -51.70
C LEU P 624 93.35 59.42 -50.66
N PRO P 625 93.43 59.73 -49.36
CA PRO P 625 93.85 58.76 -48.34
C PRO P 625 93.08 57.45 -48.44
N THR P 626 91.77 57.58 -48.61
CA THR P 626 90.80 56.51 -48.79
C THR P 626 91.24 55.47 -49.82
N PHE P 627 91.98 55.83 -50.87
CA PHE P 627 92.36 54.92 -51.95
C PHE P 627 93.86 54.74 -52.06
N LYS P 628 94.65 55.64 -51.48
CA LYS P 628 96.04 55.38 -51.15
C LYS P 628 96.17 54.21 -50.19
N ASP P 629 95.19 54.07 -49.30
CA ASP P 629 95.04 52.94 -48.38
C ASP P 629 94.92 51.57 -49.06
N ARG P 630 94.71 51.47 -50.39
CA ARG P 630 94.28 50.23 -51.07
C ARG P 630 95.04 49.88 -52.34
N VAL P 631 95.21 48.56 -52.56
CA VAL P 631 95.44 47.97 -53.89
C VAL P 631 94.23 48.33 -54.77
N PRO P 632 94.43 48.96 -55.92
CA PRO P 632 93.32 49.38 -56.76
C PRO P 632 92.53 48.18 -57.27
N GLU P 633 91.22 48.27 -57.19
CA GLU P 633 90.35 47.15 -57.54
C GLU P 633 90.00 47.12 -59.03
N TYR P 634 90.09 48.27 -59.71
CA TYR P 634 89.81 48.38 -61.14
C TYR P 634 90.42 47.31 -62.05
N PRO P 635 91.60 46.71 -61.78
CA PRO P 635 92.16 45.71 -62.68
C PRO P 635 91.30 44.45 -62.78
N ALA P 636 90.55 44.14 -61.72
CA ALA P 636 89.59 43.05 -61.76
C ALA P 636 88.53 43.25 -62.85
N TRP P 637 88.23 44.49 -63.19
CA TRP P 637 87.27 44.80 -64.24
C TRP P 637 87.79 44.39 -65.61
N PHE P 638 89.03 44.78 -65.91
CA PHE P 638 89.64 44.59 -67.22
C PHE P 638 90.15 43.18 -67.45
N GLU P 639 90.47 42.47 -66.37
CA GLU P 639 91.11 41.17 -66.42
C GLU P 639 90.51 40.17 -67.41
N PRO P 640 89.19 40.01 -67.53
CA PRO P 640 88.62 39.11 -68.50
C PRO P 640 88.95 39.50 -69.94
N PHE P 641 88.99 40.80 -70.21
CA PHE P 641 89.29 41.35 -71.53
C PHE P 641 90.75 41.19 -71.88
N VAL P 642 91.61 41.24 -70.86
CA VAL P 642 93.01 40.90 -70.99
C VAL P 642 93.18 39.41 -71.25
N ILE P 643 92.42 38.58 -70.56
CA ILE P 643 92.46 37.16 -70.81
C ILE P 643 91.96 36.86 -72.22
N GLN P 644 90.85 37.46 -72.63
CA GLN P 644 90.38 37.40 -74.01
C GLN P 644 91.49 37.80 -74.98
N TRP P 645 92.14 38.92 -74.69
CA TRP P 645 93.25 39.32 -75.49
C TRP P 645 94.33 38.24 -75.50
N LEU P 646 94.72 37.67 -74.35
CA LEU P 646 95.69 36.59 -74.24
C LEU P 646 95.26 35.37 -75.05
N ASP P 647 93.97 35.16 -75.20
CA ASP P 647 93.41 34.07 -75.95
C ASP P 647 93.56 34.32 -77.44
N GLU P 648 93.05 35.47 -77.90
CA GLU P 648 93.23 35.90 -79.28
C GLU P 648 94.70 35.83 -79.64
N ASN P 649 95.52 36.36 -78.75
CA ASN P 649 96.95 36.35 -78.85
C ASN P 649 97.51 34.93 -78.96
N GLU P 650 97.16 34.01 -78.08
CA GLU P 650 97.73 32.67 -78.19
C GLU P 650 97.37 32.03 -79.52
N GLU P 651 96.12 32.16 -79.95
CA GLU P 651 95.69 31.47 -81.15
C GLU P 651 96.37 32.03 -82.37
N VAL P 652 96.39 33.36 -82.48
CA VAL P 652 97.24 34.06 -83.45
C VAL P 652 98.67 33.56 -83.35
N SER P 653 99.23 33.44 -82.16
CA SER P 653 100.61 32.98 -81.96
C SER P 653 100.80 31.53 -82.42
N ARG P 654 99.79 30.68 -82.33
CA ARG P 654 99.91 29.28 -82.70
C ARG P 654 99.77 29.15 -84.21
N ASP P 655 98.90 29.94 -84.81
CA ASP P 655 98.83 30.07 -86.25
C ASP P 655 100.13 30.64 -86.84
N PHE P 656 100.64 31.70 -86.22
CA PHE P 656 101.95 32.28 -86.53
C PHE P 656 103.03 31.22 -86.40
N LEU P 657 103.04 30.43 -85.32
CA LEU P 657 104.05 29.40 -85.06
C LEU P 657 104.11 28.41 -86.22
N HIS P 658 102.95 27.95 -86.67
CA HIS P 658 102.87 27.03 -87.78
C HIS P 658 103.37 27.70 -89.05
N GLY P 659 102.92 28.92 -89.33
CA GLY P 659 103.47 29.70 -90.44
C GLY P 659 104.99 29.81 -90.40
N ALA P 660 105.57 30.19 -89.26
CA ALA P 660 107.00 30.40 -89.09
C ALA P 660 107.78 29.10 -89.30
N LEU P 661 107.34 28.01 -88.64
CA LEU P 661 107.91 26.68 -88.84
C LEU P 661 107.86 26.29 -90.31
N GLU P 662 106.75 26.55 -90.97
CA GLU P 662 106.56 26.17 -92.36
C GLU P 662 107.42 27.02 -93.31
N ARG P 663 107.57 28.32 -93.06
CA ARG P 663 108.48 29.19 -93.81
C ARG P 663 109.92 28.74 -93.65
N ASP P 664 110.30 28.37 -92.44
CA ASP P 664 111.61 27.84 -92.14
C ASP P 664 111.82 26.45 -92.80
N LYS P 665 110.79 25.60 -92.77
CA LYS P 665 110.76 24.31 -93.48
C LYS P 665 110.92 24.47 -94.96
N LYS P 666 110.27 25.49 -95.53
CA LYS P 666 110.40 25.83 -96.93
C LYS P 666 111.82 26.33 -97.22
N ASP P 667 112.39 27.09 -96.31
CA ASP P 667 113.82 27.35 -96.28
C ASP P 667 114.68 26.13 -95.88
N GLY P 668 114.16 24.90 -95.93
CA GLY P 668 114.90 23.67 -95.62
C GLY P 668 115.52 23.64 -94.22
N PHE P 669 115.05 24.48 -93.29
CA PHE P 669 115.64 24.75 -91.99
C PHE P 669 117.12 25.11 -92.03
N GLN P 670 117.53 26.09 -92.84
CA GLN P 670 118.91 26.61 -92.72
C GLN P 670 119.17 27.19 -91.33
N GLN P 671 120.41 27.04 -90.84
CA GLN P 671 120.84 27.76 -89.65
C GLN P 671 120.85 29.26 -89.93
N THR P 672 120.46 30.02 -88.93
CA THR P 672 120.29 31.47 -89.02
C THR P 672 121.59 32.18 -89.42
N SER P 673 122.71 31.56 -89.05
CA SER P 673 123.99 31.69 -89.71
C SER P 673 124.81 30.45 -89.35
N GLU P 674 125.95 30.25 -89.99
CA GLU P 674 126.80 29.09 -89.72
C GLU P 674 127.32 29.00 -88.27
N HIS P 675 127.14 30.06 -87.49
CA HIS P 675 127.44 30.17 -86.08
C HIS P 675 126.18 30.45 -85.23
N ALA P 676 125.08 30.97 -85.80
CA ALA P 676 123.75 31.00 -85.17
C ALA P 676 123.00 29.72 -85.56
N LEU P 677 123.28 28.67 -84.78
CA LEU P 677 123.13 27.26 -85.18
C LEU P 677 121.68 26.75 -85.31
N PHE P 678 120.74 27.47 -84.74
CA PHE P 678 119.29 27.26 -84.90
C PHE P 678 118.80 27.98 -86.14
N SER P 679 117.63 27.63 -86.65
CA SER P 679 116.95 28.28 -87.74
C SER P 679 115.96 29.36 -87.27
N CYS P 680 115.57 30.20 -88.22
CA CYS P 680 114.96 31.50 -87.97
C CYS P 680 113.63 31.46 -87.20
N SER P 681 112.85 30.41 -87.38
CA SER P 681 111.56 30.26 -86.71
C SER P 681 111.70 30.40 -85.21
N VAL P 682 112.80 29.93 -84.63
CA VAL P 682 113.03 30.08 -83.20
C VAL P 682 112.99 31.54 -82.77
N VAL P 683 113.67 32.35 -83.56
CA VAL P 683 113.82 33.78 -83.38
C VAL P 683 112.45 34.44 -83.53
N ASP P 684 111.77 34.14 -84.62
CA ASP P 684 110.45 34.68 -84.94
C ASP P 684 109.49 34.45 -83.79
N VAL P 685 109.51 33.23 -83.27
CA VAL P 685 108.66 32.82 -82.19
C VAL P 685 109.01 33.59 -80.94
N PHE P 686 110.27 33.64 -80.54
CA PHE P 686 110.61 34.44 -79.39
C PHE P 686 110.27 35.90 -79.60
N SER P 687 110.50 36.45 -80.77
CA SER P 687 110.07 37.79 -81.09
C SER P 687 108.59 37.96 -80.86
N GLN P 688 107.77 37.08 -81.42
CA GLN P 688 106.34 37.15 -81.24
C GLN P 688 105.97 37.09 -79.76
N LEU P 689 106.51 36.10 -79.06
CA LEU P 689 106.23 35.87 -77.67
C LEU P 689 106.59 37.09 -76.83
N ASN P 690 107.68 37.75 -77.18
CA ASN P 690 108.06 38.95 -76.49
C ASN P 690 107.13 40.11 -76.86
N GLN P 691 106.79 40.33 -78.14
CA GLN P 691 105.81 41.37 -78.50
C GLN P 691 104.53 41.19 -77.68
N SER P 692 104.09 39.95 -77.61
CA SER P 692 102.96 39.52 -76.83
C SER P 692 103.13 39.80 -75.35
N PHE P 693 104.20 39.31 -74.75
CA PHE P 693 104.45 39.49 -73.33
C PHE P 693 104.44 40.95 -72.98
N GLU P 694 105.03 41.77 -73.83
CA GLU P 694 105.15 43.18 -73.54
C GLU P 694 103.80 43.87 -73.57
N ILE P 695 102.89 43.45 -74.44
CA ILE P 695 101.52 43.94 -74.41
C ILE P 695 100.88 43.68 -73.04
N ILE P 696 101.13 42.52 -72.45
CA ILE P 696 100.71 42.25 -71.07
C ILE P 696 101.44 43.19 -70.13
N LYS P 697 102.76 43.22 -70.24
CA LYS P 697 103.59 43.85 -69.25
C LYS P 697 103.26 45.34 -69.11
N LYS P 698 103.00 45.98 -70.25
CA LYS P 698 102.51 47.36 -70.42
C LYS P 698 101.22 47.71 -69.67
N LEU P 699 100.54 46.74 -69.08
CA LEU P 699 99.40 47.03 -68.22
C LEU P 699 99.84 47.30 -66.77
N GLU P 700 100.95 46.70 -66.31
CA GLU P 700 101.47 46.80 -64.93
C GLU P 700 100.37 46.70 -63.87
N CYS P 701 99.52 45.70 -63.99
CA CYS P 701 98.36 45.54 -63.11
C CYS P 701 98.78 45.56 -61.63
N PRO P 702 98.27 46.50 -60.82
CA PRO P 702 98.66 46.64 -59.43
C PRO P 702 98.09 45.54 -58.51
N ASP P 703 97.18 44.70 -59.02
CA ASP P 703 96.77 43.46 -58.36
C ASP P 703 97.64 42.29 -58.84
N PRO P 704 98.61 41.83 -58.03
CA PRO P 704 99.58 40.82 -58.46
C PRO P 704 98.96 39.44 -58.62
N GLN P 705 97.74 39.19 -58.13
CA GLN P 705 97.09 37.91 -58.30
C GLN P 705 96.40 37.87 -59.65
N ILE P 706 95.80 38.97 -60.06
CA ILE P 706 95.32 39.18 -61.42
C ILE P 706 96.49 39.12 -62.40
N VAL P 707 97.63 39.71 -62.04
CA VAL P 707 98.87 39.48 -62.80
C VAL P 707 99.20 37.99 -62.83
N GLY P 708 99.20 37.35 -61.66
CA GLY P 708 99.50 35.93 -61.56
C GLY P 708 98.62 35.13 -62.50
N HIS P 709 97.35 35.51 -62.64
CA HIS P 709 96.42 34.89 -63.54
C HIS P 709 96.83 35.06 -64.99
N TYR P 710 97.15 36.28 -65.41
CA TYR P 710 97.71 36.50 -66.74
C TYR P 710 98.94 35.63 -66.97
N MET P 711 99.81 35.52 -65.96
CA MET P 711 101.03 34.76 -66.08
C MET P 711 100.78 33.26 -66.14
N ARG P 712 99.80 32.77 -65.40
CA ARG P 712 99.36 31.38 -65.48
C ARG P 712 98.82 31.11 -66.87
N ARG P 713 97.86 31.93 -67.31
CA ARG P 713 97.27 31.94 -68.66
C ARG P 713 98.36 31.92 -69.72
N PHE P 714 99.32 32.80 -69.60
CA PHE P 714 100.35 32.96 -70.60
C PHE P 714 101.39 31.85 -70.53
N ALA P 715 101.76 31.38 -69.34
CA ALA P 715 102.69 30.28 -69.20
C ALA P 715 102.16 29.02 -69.89
N LYS P 716 100.84 28.89 -69.87
CA LYS P 716 100.15 27.91 -70.68
C LYS P 716 100.37 28.22 -72.14
N THR P 717 100.03 29.43 -72.61
CA THR P 717 100.30 29.82 -73.99
C THR P 717 101.66 29.40 -74.46
N ILE P 718 102.67 29.79 -73.68
CA ILE P 718 104.06 29.52 -73.91
C ILE P 718 104.27 28.01 -73.96
N SER P 719 103.85 27.30 -72.94
CA SER P 719 103.97 25.87 -72.91
C SER P 719 103.39 25.22 -74.16
N ASN P 720 102.19 25.62 -74.51
CA ASN P 720 101.48 25.09 -75.63
C ASN P 720 102.21 25.37 -76.94
N VAL P 721 102.47 26.63 -77.21
CA VAL P 721 103.23 27.08 -78.38
C VAL P 721 104.54 26.33 -78.48
N LEU P 722 105.30 26.25 -77.39
CA LEU P 722 106.65 25.72 -77.45
C LEU P 722 106.64 24.21 -77.56
N LEU P 723 105.73 23.53 -76.90
CA LEU P 723 105.64 22.09 -77.08
C LEU P 723 105.16 21.78 -78.47
N GLN P 724 104.24 22.57 -78.99
CA GLN P 724 103.79 22.47 -80.37
C GLN P 724 104.93 22.70 -81.36
N TYR P 725 105.81 23.66 -81.11
CA TYR P 725 107.04 23.77 -81.87
C TYR P 725 107.86 22.49 -81.75
N ALA P 726 108.21 22.12 -80.52
CA ALA P 726 109.14 21.04 -80.22
C ALA P 726 108.65 19.74 -80.80
N ASP P 727 107.35 19.57 -80.77
CA ASP P 727 106.63 18.51 -81.41
C ASP P 727 106.75 18.59 -82.93
N ILE P 728 106.37 19.70 -83.54
CA ILE P 728 106.44 19.86 -85.00
C ILE P 728 107.85 19.57 -85.50
N VAL P 729 108.85 20.00 -84.73
CA VAL P 729 110.23 19.58 -84.93
C VAL P 729 110.40 18.07 -84.76
N SER P 730 110.07 17.52 -83.59
CA SER P 730 110.31 16.12 -83.26
C SER P 730 109.71 15.17 -84.29
N LYS P 731 108.57 15.58 -84.84
CA LYS P 731 107.87 14.90 -85.91
C LYS P 731 108.72 14.84 -87.16
N ASP P 732 109.12 15.99 -87.66
CA ASP P 732 109.92 16.08 -88.87
C ASP P 732 111.33 15.51 -88.69
N PHE P 733 111.80 15.47 -87.46
CA PHE P 733 113.17 15.21 -87.09
C PHE P 733 113.77 13.96 -87.73
N ALA P 734 113.08 12.83 -87.59
CA ALA P 734 113.52 11.56 -88.15
C ALA P 734 113.64 11.60 -89.68
N SER P 735 112.72 12.28 -90.37
CA SER P 735 112.80 12.46 -91.82
C SER P 735 114.08 13.20 -92.22
N TYR P 736 114.54 14.10 -91.36
CA TYR P 736 115.77 14.81 -91.55
C TYR P 736 117.00 14.04 -91.12
N CYS P 737 116.86 13.02 -90.27
CA CYS P 737 117.97 12.23 -89.76
C CYS P 737 118.72 11.42 -90.80
N SER P 738 118.22 11.33 -92.02
CA SER P 738 118.96 10.66 -93.08
C SER P 738 120.34 11.31 -93.29
N LYS P 739 121.34 10.49 -93.65
CA LYS P 739 122.79 10.73 -93.51
C LYS P 739 123.41 11.81 -94.43
N GLU P 740 122.62 12.74 -94.94
CA GLU P 740 122.97 13.71 -95.99
C GLU P 740 122.35 15.08 -95.69
N LYS P 741 121.12 15.10 -95.19
CA LYS P 741 120.53 16.30 -94.61
C LYS P 741 121.03 16.59 -93.21
N GLU P 742 122.10 15.93 -92.75
CA GLU P 742 122.63 15.97 -91.37
C GLU P 742 122.69 17.35 -90.74
N LYS P 743 122.96 18.39 -91.53
CA LYS P 743 122.86 19.79 -91.07
C LYS P 743 121.52 20.08 -90.41
N VAL P 744 120.44 19.66 -91.04
CA VAL P 744 119.08 19.94 -90.58
C VAL P 744 118.80 19.35 -89.20
N PRO P 745 118.97 18.05 -88.89
CA PRO P 745 118.78 17.57 -87.53
C PRO P 745 119.66 18.27 -86.49
N CYS P 746 120.90 18.63 -86.83
CA CYS P 746 121.71 19.46 -85.96
C CYS P 746 120.98 20.77 -85.63
N ILE P 747 120.58 21.49 -86.68
CA ILE P 747 119.89 22.77 -86.59
C ILE P 747 118.60 22.66 -85.79
N LEU P 748 117.80 21.63 -86.03
CA LEU P 748 116.58 21.36 -85.28
C LEU P 748 116.86 21.10 -83.78
N MET P 749 117.89 20.31 -83.46
CA MET P 749 118.30 20.15 -82.07
C MET P 749 118.80 21.48 -81.48
N ASN P 750 119.50 22.28 -82.27
CA ASN P 750 119.89 23.62 -81.87
C ASN P 750 118.69 24.54 -81.71
N ASN P 751 117.64 24.40 -82.51
CA ASN P 751 116.41 25.14 -82.33
C ASN P 751 115.86 24.84 -80.99
N THR P 752 115.71 23.55 -80.70
CA THR P 752 115.14 23.01 -79.48
C THR P 752 115.90 23.56 -78.28
N GLN P 753 117.21 23.39 -78.30
CA GLN P 753 118.07 23.93 -77.27
C GLN P 753 117.98 25.46 -77.20
N GLN P 754 117.89 26.12 -78.34
CA GLN P 754 117.71 27.55 -78.38
C GLN P 754 116.37 27.97 -77.80
N LEU P 755 115.30 27.18 -77.98
CA LEU P 755 114.05 27.39 -77.28
C LEU P 755 114.34 27.39 -75.82
N ARG P 756 114.93 26.32 -75.28
CA ARG P 756 115.20 26.20 -73.84
C ARG P 756 115.95 27.45 -73.36
N VAL P 757 117.01 27.79 -74.07
CA VAL P 757 117.84 28.94 -73.78
C VAL P 757 117.01 30.22 -73.73
N GLN P 758 116.27 30.54 -74.78
CA GLN P 758 115.44 31.74 -74.76
C GLN P 758 114.27 31.65 -73.81
N LEU P 759 113.78 30.45 -73.55
CA LEU P 759 112.72 30.22 -72.60
C LEU P 759 113.23 30.61 -71.22
N GLU P 760 114.43 30.20 -70.84
CA GLU P 760 115.03 30.66 -69.58
C GLU P 760 115.02 32.19 -69.53
N LYS P 761 115.41 32.85 -70.63
CA LYS P 761 115.39 34.32 -70.75
C LYS P 761 113.99 34.89 -70.58
N MET P 762 113.01 34.36 -71.30
CA MET P 762 111.64 34.83 -71.23
C MET P 762 111.04 34.61 -69.84
N PHE P 763 111.34 33.47 -69.23
CA PHE P 763 110.96 33.17 -67.88
C PHE P 763 111.55 34.24 -66.94
N GLU P 764 112.82 34.57 -67.08
CA GLU P 764 113.35 35.72 -66.37
C GLU P 764 112.61 37.01 -66.71
N ALA P 765 112.31 37.25 -67.98
CA ALA P 765 111.61 38.45 -68.43
C ALA P 765 110.23 38.58 -67.78
N MET P 766 109.53 37.45 -67.61
CA MET P 766 108.30 37.33 -66.85
C MET P 766 108.50 37.50 -65.34
N GLY P 767 109.69 37.88 -64.90
CA GLY P 767 110.02 38.03 -63.51
C GLY P 767 110.44 36.71 -62.89
N GLY P 768 111.17 35.88 -63.65
CA GLY P 768 111.99 34.78 -63.17
C GLY P 768 111.49 34.05 -61.93
N LYS P 769 112.30 34.02 -60.88
CA LYS P 769 111.99 33.31 -59.63
C LYS P 769 110.96 34.04 -58.78
N GLU P 770 110.70 35.29 -59.12
CA GLU P 770 109.63 36.11 -58.56
C GLU P 770 108.24 35.72 -59.14
N LEU P 771 108.22 34.98 -60.25
CA LEU P 771 107.03 34.58 -60.99
C LEU P 771 106.03 33.81 -60.13
N ASP P 772 104.74 33.94 -60.45
CA ASP P 772 103.68 33.10 -59.94
C ASP P 772 104.08 31.63 -59.95
N ALA P 773 103.91 30.94 -58.83
CA ALA P 773 104.43 29.60 -58.65
C ALA P 773 103.85 28.58 -59.66
N GLU P 774 102.70 28.83 -60.27
CA GLU P 774 102.04 27.89 -61.17
C GLU P 774 102.32 28.20 -62.64
N ALA P 775 102.41 29.48 -62.98
CA ALA P 775 103.07 29.87 -64.19
C ALA P 775 104.50 29.31 -64.19
N SER P 776 105.23 29.47 -63.09
CA SER P 776 106.55 28.91 -62.89
C SER P 776 106.52 27.37 -62.99
N GLY P 777 105.62 26.70 -62.27
CA GLY P 777 105.40 25.26 -62.39
C GLY P 777 105.27 24.83 -63.83
N THR P 778 104.45 25.54 -64.59
CA THR P 778 104.21 25.31 -66.02
C THR P 778 105.49 25.43 -66.81
N LEU P 779 106.20 26.53 -66.66
CA LEU P 779 107.42 26.74 -67.42
C LEU P 779 108.53 25.76 -67.01
N LYS P 780 108.57 25.29 -65.76
CA LYS P 780 109.51 24.26 -65.30
C LYS P 780 109.18 22.91 -65.93
N GLU P 781 107.92 22.52 -65.88
CA GLU P 781 107.38 21.36 -66.59
C GLU P 781 107.76 21.41 -68.06
N LEU P 782 107.55 22.57 -68.68
CA LEU P 782 107.81 22.79 -70.08
C LEU P 782 109.28 22.54 -70.37
N GLN P 783 110.16 23.19 -69.62
CA GLN P 783 111.61 23.03 -69.78
C GLN P 783 112.04 21.57 -69.61
N VAL P 784 111.50 20.83 -68.63
CA VAL P 784 111.80 19.40 -68.46
C VAL P 784 111.39 18.60 -69.69
N LYS P 785 110.19 18.85 -70.22
CA LYS P 785 109.74 18.17 -71.44
C LYS P 785 110.61 18.50 -72.63
N LEU P 786 110.94 19.77 -72.82
CA LEU P 786 111.86 20.20 -73.88
C LEU P 786 113.22 19.50 -73.74
N ASN P 787 113.73 19.34 -72.52
CA ASN P 787 114.94 18.56 -72.29
C ASN P 787 114.77 17.10 -72.77
N ASN P 788 113.69 16.46 -72.36
CA ASN P 788 113.47 15.06 -72.68
C ASN P 788 113.29 14.89 -74.18
N VAL P 789 112.56 15.79 -74.84
CA VAL P 789 112.50 15.89 -76.30
C VAL P 789 113.91 15.87 -76.87
N LEU P 790 114.80 16.74 -76.39
CA LEU P 790 116.15 16.87 -76.93
C LEU P 790 116.98 15.59 -76.78
N ASP P 791 116.83 14.85 -75.69
CA ASP P 791 117.42 13.53 -75.57
C ASP P 791 116.94 12.61 -76.69
N GLU P 792 115.63 12.55 -76.91
CA GLU P 792 115.09 11.62 -77.90
C GLU P 792 115.50 12.01 -79.31
N LEU P 793 115.56 13.30 -79.62
CA LEU P 793 116.12 13.75 -80.88
C LEU P 793 117.59 13.35 -81.01
N SER P 794 118.43 13.56 -79.98
CA SER P 794 119.84 13.15 -80.04
C SER P 794 119.99 11.66 -80.32
N HIS P 795 119.11 10.87 -79.71
CA HIS P 795 119.07 9.44 -79.88
C HIS P 795 118.66 9.06 -81.29
N VAL P 796 117.49 9.54 -81.72
CA VAL P 796 116.95 9.32 -83.06
C VAL P 796 117.98 9.70 -84.11
N PHE P 797 118.67 10.81 -83.89
CA PHE P 797 119.73 11.26 -84.76
C PHE P 797 120.90 10.28 -84.80
N ALA P 798 121.53 10.03 -83.65
CA ALA P 798 122.66 9.12 -83.55
C ALA P 798 122.34 7.74 -84.15
N THR P 799 121.10 7.31 -83.97
CA THR P 799 120.58 6.06 -84.49
C THR P 799 120.62 5.99 -86.01
N SER P 800 120.34 7.05 -86.76
CA SER P 800 120.34 6.94 -88.23
C SER P 800 121.73 6.64 -88.82
N PHE P 801 122.79 6.91 -88.07
CA PHE P 801 124.16 6.56 -88.42
C PHE P 801 124.54 5.15 -88.02
N GLN P 802 123.79 4.55 -87.10
CA GLN P 802 124.04 3.21 -86.58
C GLN P 802 124.34 2.18 -87.68
N PRO P 803 123.62 2.13 -88.81
CA PRO P 803 123.90 1.15 -89.84
C PRO P 803 125.28 1.37 -90.44
N HIS P 804 125.61 2.63 -90.69
CA HIS P 804 126.91 3.00 -91.21
C HIS P 804 128.00 2.68 -90.21
N ILE P 805 127.75 2.94 -88.93
CA ILE P 805 128.67 2.64 -87.84
C ILE P 805 128.90 1.13 -87.79
N GLU P 806 127.85 0.35 -87.72
CA GLU P 806 127.93 -1.11 -87.70
C GLU P 806 128.64 -1.69 -88.91
N GLU P 807 128.35 -1.14 -90.07
CA GLU P 807 129.02 -1.48 -91.31
C GLU P 807 130.51 -1.23 -91.21
N CYS P 808 130.89 0.03 -90.93
CA CYS P 808 132.28 0.41 -90.75
C CYS P 808 132.95 -0.48 -89.72
N VAL P 809 132.34 -0.67 -88.55
CA VAL P 809 132.90 -1.48 -87.47
C VAL P 809 133.08 -2.93 -87.93
N ARG P 810 132.15 -3.49 -88.68
CA ARG P 810 132.33 -4.81 -89.24
C ARG P 810 133.54 -4.81 -90.18
N GLN P 811 133.71 -3.80 -91.04
CA GLN P 811 134.93 -3.71 -91.86
C GLN P 811 136.18 -3.59 -91.01
N MET P 812 136.13 -2.81 -89.94
CA MET P 812 137.27 -2.69 -89.06
C MET P 812 137.58 -4.05 -88.43
N GLY P 813 136.55 -4.82 -88.06
CA GLY P 813 136.67 -6.18 -87.59
C GLY P 813 137.28 -7.10 -88.64
N ASP P 814 136.83 -6.97 -89.89
CA ASP P 814 137.42 -7.66 -91.02
C ASP P 814 138.90 -7.33 -91.17
N ILE P 815 139.25 -6.05 -91.12
CA ILE P 815 140.62 -5.60 -91.22
C ILE P 815 141.44 -6.10 -90.03
N LEU P 816 140.89 -6.11 -88.83
CA LEU P 816 141.58 -6.62 -87.64
C LEU P 816 141.85 -8.11 -87.77
N SER P 817 140.96 -8.90 -88.38
CA SER P 817 141.17 -10.35 -88.51
C SER P 817 142.40 -10.74 -89.34
N GLN P 818 143.01 -9.78 -90.05
CA GLN P 818 144.28 -9.96 -90.75
C GLN P 818 145.46 -9.88 -89.78
N VAL P 819 145.34 -9.03 -88.76
CA VAL P 819 146.18 -9.05 -87.55
C VAL P 819 145.84 -10.28 -86.74
N LYS P 820 146.84 -10.99 -86.23
CA LYS P 820 146.63 -12.04 -85.23
C LYS P 820 147.59 -11.83 -84.06
N GLY P 821 147.91 -12.86 -83.29
CA GLY P 821 148.82 -12.71 -82.17
C GLY P 821 150.26 -12.61 -82.62
N THR P 822 150.69 -11.42 -83.06
CA THR P 822 151.83 -11.33 -84.00
C THR P 822 153.22 -11.40 -83.39
N GLY P 823 153.36 -11.77 -82.12
CA GLY P 823 154.59 -12.45 -81.68
C GLY P 823 154.74 -13.85 -82.29
N ASN P 824 153.64 -14.43 -82.79
CA ASN P 824 153.55 -15.71 -83.49
C ASN P 824 153.16 -15.55 -85.00
N VAL P 825 153.43 -14.39 -85.66
CA VAL P 825 153.04 -14.09 -87.07
C VAL P 825 154.05 -13.16 -87.79
N PRO P 826 154.23 -13.24 -89.13
CA PRO P 826 155.13 -12.37 -89.92
C PRO P 826 154.82 -10.86 -89.89
N ALA P 827 155.82 -10.06 -90.29
CA ALA P 827 155.91 -8.59 -90.21
C ALA P 827 154.86 -7.76 -90.98
N SER P 828 154.01 -8.36 -91.82
CA SER P 828 152.85 -7.67 -92.41
C SER P 828 151.65 -7.58 -91.46
N ALA P 829 151.59 -8.46 -90.46
CA ALA P 829 150.63 -8.43 -89.37
C ALA P 829 151.33 -8.21 -88.02
N CYS P 830 152.62 -8.53 -87.86
CA CYS P 830 153.51 -7.85 -86.89
C CYS P 830 153.97 -6.47 -87.43
N SER P 831 153.28 -5.99 -88.46
CA SER P 831 153.08 -4.57 -88.80
C SER P 831 152.83 -3.81 -87.51
N SER P 832 153.34 -2.58 -87.39
CA SER P 832 153.34 -1.91 -86.09
C SER P 832 151.91 -1.81 -85.55
N VAL P 833 151.82 -1.76 -84.23
CA VAL P 833 150.56 -1.59 -83.52
C VAL P 833 149.75 -0.40 -84.09
N ALA P 834 150.46 0.68 -84.46
CA ALA P 834 149.91 1.86 -85.12
C ALA P 834 149.41 1.59 -86.55
N GLN P 835 150.20 0.97 -87.43
CA GLN P 835 149.77 0.71 -88.81
C GLN P 835 148.55 -0.20 -88.84
N ASP P 836 148.57 -1.27 -88.06
CA ASP P 836 147.40 -2.11 -87.90
C ASP P 836 146.19 -1.32 -87.38
N ALA P 837 146.37 -0.51 -86.32
CA ALA P 837 145.29 0.30 -85.78
C ALA P 837 144.74 1.24 -86.85
N ASP P 838 145.60 1.89 -87.63
CA ASP P 838 145.19 2.78 -88.70
C ASP P 838 144.40 2.05 -89.78
N ASN P 839 144.91 0.91 -90.26
CA ASN P 839 144.24 0.09 -91.25
C ASN P 839 142.85 -0.26 -90.76
N VAL P 840 142.83 -0.83 -89.56
CA VAL P 840 141.63 -1.20 -88.84
C VAL P 840 140.69 -0.02 -88.75
N LEU P 841 141.14 1.10 -88.21
CA LEU P 841 140.40 2.32 -87.93
C LEU P 841 139.83 2.97 -89.18
N GLN P 842 140.40 2.69 -90.35
CA GLN P 842 140.18 3.63 -91.42
C GLN P 842 138.70 3.77 -91.83
N PRO P 843 137.92 2.68 -91.95
CA PRO P 843 136.51 2.78 -92.28
C PRO P 843 135.72 3.75 -91.41
N ILE P 844 136.05 3.84 -90.11
CA ILE P 844 135.35 4.74 -89.22
C ILE P 844 135.98 6.14 -89.19
N MET P 845 137.29 6.27 -89.26
CA MET P 845 137.93 7.58 -89.10
C MET P 845 137.49 8.56 -90.17
N ASP P 846 137.26 8.04 -91.37
CA ASP P 846 136.70 8.78 -92.49
C ASP P 846 135.34 9.38 -92.13
N LEU P 847 134.42 8.50 -91.71
CA LEU P 847 133.08 8.85 -91.26
C LEU P 847 133.18 9.86 -90.13
N LEU P 848 133.95 9.53 -89.11
CA LEU P 848 134.09 10.30 -87.89
C LEU P 848 134.56 11.69 -88.19
N ASP P 849 135.70 11.82 -88.85
CA ASP P 849 136.39 13.08 -88.85
C ASP P 849 135.51 14.14 -89.49
N SER P 850 135.02 13.79 -90.68
CA SER P 850 134.09 14.60 -91.43
C SER P 850 132.89 14.97 -90.58
N ASN P 851 132.20 13.97 -90.06
CA ASN P 851 130.94 14.21 -89.38
C ASN P 851 131.15 14.94 -88.06
N LEU P 852 132.08 14.51 -87.22
CA LEU P 852 132.35 15.19 -85.95
C LEU P 852 132.81 16.60 -86.20
N THR P 853 133.59 16.86 -87.23
CA THR P 853 133.96 18.23 -87.53
C THR P 853 132.76 19.03 -87.97
N LEU P 854 131.96 18.50 -88.90
CA LEU P 854 130.73 19.15 -89.34
C LEU P 854 129.83 19.44 -88.14
N PHE P 855 129.60 18.45 -87.28
CA PHE P 855 128.74 18.56 -86.12
C PHE P 855 129.35 19.51 -85.08
N ALA P 856 130.65 19.49 -84.87
CA ALA P 856 131.31 20.43 -83.98
C ALA P 856 131.15 21.87 -84.49
N LYS P 857 131.21 22.08 -85.80
CA LYS P 857 130.92 23.37 -86.42
C LYS P 857 129.45 23.76 -86.19
N ILE P 858 128.50 22.84 -86.42
CA ILE P 858 127.07 23.19 -86.57
C ILE P 858 126.13 22.79 -85.43
N CYS P 859 126.54 22.06 -84.40
CA CYS P 859 125.73 21.72 -83.23
C CYS P 859 126.08 22.58 -82.02
N GLU P 860 125.05 23.02 -81.31
CA GLU P 860 125.21 23.62 -79.98
C GLU P 860 125.75 22.60 -78.99
N LYS P 861 126.51 23.01 -77.98
CA LYS P 861 127.35 22.06 -77.25
C LYS P 861 126.50 21.03 -76.47
N THR P 862 125.42 21.48 -75.84
CA THR P 862 124.34 20.66 -75.29
C THR P 862 123.88 19.60 -76.28
N VAL P 863 123.53 20.03 -77.49
CA VAL P 863 123.07 19.18 -78.58
C VAL P 863 124.14 18.15 -78.91
N LEU P 864 125.33 18.64 -79.19
CA LEU P 864 126.47 17.86 -79.62
C LEU P 864 126.80 16.81 -78.58
N LYS P 865 126.81 17.16 -77.30
CA LYS P 865 127.22 16.23 -76.25
C LYS P 865 126.27 15.07 -76.22
N ARG P 866 124.97 15.34 -76.30
CA ARG P 866 123.93 14.32 -76.32
C ARG P 866 124.11 13.43 -77.56
N VAL P 867 124.26 14.06 -78.71
CA VAL P 867 124.53 13.35 -79.97
C VAL P 867 125.73 12.44 -79.81
N LEU P 868 126.83 12.97 -79.30
CA LEU P 868 128.07 12.25 -79.13
C LEU P 868 127.92 11.14 -78.11
N LYS P 869 127.22 11.34 -77.00
CA LYS P 869 127.05 10.26 -76.02
C LYS P 869 126.34 9.09 -76.64
N GLU P 870 125.26 9.40 -77.35
CA GLU P 870 124.47 8.43 -78.07
C GLU P 870 125.30 7.67 -79.07
N LEU P 871 126.05 8.41 -79.89
CA LEU P 871 126.98 7.85 -80.84
C LEU P 871 128.04 7.02 -80.13
N TRP P 872 128.62 7.52 -79.06
CA TRP P 872 129.72 6.91 -78.34
C TRP P 872 129.35 5.55 -77.82
N LYS P 873 128.24 5.51 -77.10
CA LYS P 873 127.61 4.30 -76.63
C LYS P 873 127.45 3.34 -77.79
N LEU P 874 126.77 3.81 -78.84
CA LEU P 874 126.51 3.03 -80.03
C LEU P 874 127.80 2.44 -80.58
N VAL P 875 128.81 3.26 -80.78
CA VAL P 875 130.12 2.88 -81.29
C VAL P 875 130.75 1.84 -80.39
N MET P 876 130.96 2.17 -79.13
CA MET P 876 131.55 1.29 -78.13
C MET P 876 130.92 -0.09 -78.13
N ASN P 877 129.59 -0.10 -78.06
CA ASN P 877 128.84 -1.33 -78.06
C ASN P 877 129.03 -2.08 -79.37
N THR P 878 129.00 -1.36 -80.48
CA THR P 878 129.22 -1.93 -81.79
C THR P 878 130.57 -2.60 -81.87
N MET P 879 131.63 -1.95 -81.43
CA MET P 879 132.96 -2.55 -81.43
C MET P 879 133.02 -3.74 -80.51
N GLU P 880 132.46 -3.60 -79.31
CA GLU P 880 132.52 -4.65 -78.34
C GLU P 880 131.90 -5.92 -78.87
N ARG P 881 130.73 -5.79 -79.47
CA ARG P 881 130.03 -6.84 -80.19
C ARG P 881 130.85 -7.26 -81.40
N THR P 882 130.86 -6.42 -82.42
CA THR P 882 131.34 -6.69 -83.77
C THR P 882 132.85 -6.95 -83.85
N ILE P 883 133.62 -6.68 -82.81
CA ILE P 883 135.08 -6.82 -82.85
C ILE P 883 135.63 -7.57 -81.66
N VAL P 884 135.18 -7.29 -80.43
CA VAL P 884 135.83 -7.91 -79.26
C VAL P 884 135.16 -9.18 -78.83
N LEU P 885 133.86 -9.30 -79.07
CA LEU P 885 133.16 -10.57 -78.99
C LEU P 885 132.68 -10.88 -80.41
N PRO P 886 133.60 -10.86 -81.38
CA PRO P 886 133.28 -10.59 -82.76
C PRO P 886 132.53 -11.73 -83.42
N PRO P 887 131.88 -11.45 -84.56
CA PRO P 887 131.53 -12.47 -85.52
C PRO P 887 132.80 -13.21 -85.99
N GLU P 888 133.93 -12.52 -86.21
CA GLU P 888 135.26 -13.12 -86.47
C GLU P 888 135.91 -13.83 -85.24
N PHE P 889 135.11 -14.41 -84.35
CA PHE P 889 135.56 -15.47 -83.44
C PHE P 889 134.43 -16.45 -83.07
N LEU P 890 133.43 -16.06 -82.26
CA LEU P 890 132.54 -17.06 -81.65
C LEU P 890 131.58 -17.73 -82.64
N SER P 891 131.16 -16.99 -83.67
CA SER P 891 130.37 -17.54 -84.79
C SER P 891 131.12 -18.60 -85.60
N LYS P 892 132.43 -18.78 -85.37
CA LYS P 892 133.20 -19.94 -85.82
C LYS P 892 133.26 -21.04 -84.77
N LEU P 893 133.74 -20.74 -83.55
CA LEU P 893 133.98 -21.75 -82.51
C LEU P 893 132.70 -22.51 -82.11
N LYS P 894 131.57 -21.81 -81.94
CA LYS P 894 130.29 -22.45 -81.60
C LYS P 894 129.53 -23.01 -82.81
N ASP P 895 130.14 -22.97 -84.00
CA ASP P 895 129.61 -23.46 -85.27
C ASP P 895 130.39 -24.69 -85.77
N HIS P 896 130.00 -25.24 -86.91
CA HIS P 896 130.74 -26.30 -87.63
C HIS P 896 132.10 -25.83 -88.17
N MET P 897 132.31 -24.51 -88.20
CA MET P 897 133.57 -23.85 -88.50
C MET P 897 134.63 -24.11 -87.40
N VAL P 898 135.77 -23.45 -87.53
CA VAL P 898 136.97 -23.69 -86.70
C VAL P 898 136.70 -23.45 -85.20
N ARG P 899 137.17 -24.39 -84.37
CA ARG P 899 137.38 -24.28 -82.91
C ARG P 899 138.41 -23.18 -82.60
N GLU P 900 137.98 -21.94 -82.83
CA GLU P 900 138.89 -20.87 -83.17
C GLU P 900 139.95 -20.59 -82.11
N GLU P 901 141.02 -20.04 -82.61
CA GLU P 901 141.89 -19.18 -81.85
C GLU P 901 141.73 -17.70 -82.22
N ALA P 902 141.02 -17.38 -83.31
CA ALA P 902 141.20 -16.17 -84.12
C ALA P 902 142.69 -15.91 -84.43
N LYS P 903 143.41 -17.02 -84.60
CA LYS P 903 144.87 -17.18 -84.56
C LYS P 903 145.55 -16.38 -83.44
N SER P 904 144.99 -16.59 -82.24
CA SER P 904 145.38 -16.09 -80.91
C SER P 904 145.18 -14.58 -80.74
N LEU P 905 144.13 -14.16 -80.01
CA LEU P 905 143.91 -12.78 -79.56
C LEU P 905 144.88 -12.42 -78.42
N THR P 906 146.16 -12.49 -78.73
CA THR P 906 147.26 -12.15 -77.82
C THR P 906 147.29 -10.64 -77.57
N PRO P 907 148.20 -10.22 -76.67
CA PRO P 907 148.84 -8.92 -76.67
C PRO P 907 148.69 -8.06 -77.93
N LYS P 908 148.99 -8.56 -79.14
CA LYS P 908 148.96 -7.72 -80.32
C LYS P 908 147.60 -7.15 -80.68
N GLN P 909 146.56 -7.96 -80.80
CA GLN P 909 145.21 -7.47 -81.07
C GLN P 909 144.56 -6.92 -79.78
N CYS P 910 145.19 -7.07 -78.61
CA CYS P 910 144.78 -6.32 -77.41
C CYS P 910 145.28 -4.88 -77.53
N ALA P 911 146.56 -4.69 -77.79
CA ALA P 911 147.06 -3.53 -78.51
C ALA P 911 146.39 -3.47 -79.89
N VAL P 912 146.70 -2.50 -80.74
CA VAL P 912 145.94 -2.22 -81.98
C VAL P 912 144.57 -1.69 -81.62
N VAL P 913 143.72 -2.52 -81.02
CA VAL P 913 142.42 -2.16 -80.49
C VAL P 913 142.55 -1.13 -79.39
N GLU P 914 143.40 -1.35 -78.37
CA GLU P 914 143.54 -0.34 -77.31
C GLU P 914 144.01 1.00 -77.86
N LEU P 915 144.88 0.98 -78.86
CA LEU P 915 145.30 2.19 -79.55
C LEU P 915 144.18 2.79 -80.41
N ALA P 916 143.43 1.96 -81.10
CA ALA P 916 142.32 2.39 -81.92
C ALA P 916 141.25 3.02 -81.03
N LEU P 917 140.90 2.37 -79.92
CA LEU P 917 140.05 2.89 -78.86
C LEU P 917 140.58 4.22 -78.40
N ASP P 918 141.87 4.33 -78.13
CA ASP P 918 142.41 5.62 -77.70
C ASP P 918 142.23 6.68 -78.78
N THR P 919 142.55 6.34 -80.02
CA THR P 919 142.40 7.22 -81.16
C THR P 919 140.97 7.72 -81.28
N ILE P 920 140.04 6.80 -81.20
CA ILE P 920 138.62 7.06 -81.18
C ILE P 920 138.26 7.93 -79.99
N LYS P 921 138.79 7.63 -78.81
CA LYS P 921 138.52 8.36 -77.58
C LYS P 921 139.05 9.79 -77.70
N GLN P 922 140.18 10.00 -78.33
CA GLN P 922 140.68 11.32 -78.66
C GLN P 922 139.76 12.01 -79.66
N TYR P 923 139.25 11.25 -80.63
CA TYR P 923 138.31 11.73 -81.63
C TYR P 923 136.99 12.19 -81.02
N PHE P 924 136.33 11.33 -80.23
CA PHE P 924 135.11 11.63 -79.48
C PHE P 924 135.37 12.74 -78.46
N HIS P 925 136.54 12.76 -77.86
CA HIS P 925 136.91 13.82 -76.96
C HIS P 925 137.05 15.15 -77.69
N ALA P 926 137.64 15.11 -78.88
CA ALA P 926 137.96 16.26 -79.72
C ALA P 926 138.55 17.41 -78.88
N GLY P 927 139.52 17.10 -78.03
CA GLY P 927 140.15 18.10 -77.16
C GLY P 927 139.21 18.77 -76.14
N GLY P 928 138.12 18.12 -75.76
CA GLY P 928 137.08 18.67 -74.87
C GLY P 928 135.92 19.35 -75.60
N VAL P 929 136.04 19.58 -76.91
CA VAL P 929 134.92 20.04 -77.75
C VAL P 929 133.82 18.97 -77.82
N GLY P 930 134.24 17.72 -77.84
CA GLY P 930 133.37 16.56 -77.78
C GLY P 930 133.06 16.15 -76.35
N LEU P 931 133.20 14.87 -76.04
CA LEU P 931 132.91 14.32 -74.72
C LEU P 931 134.08 14.47 -73.73
N LYS P 932 133.76 14.47 -72.44
CA LYS P 932 134.76 14.56 -71.35
C LYS P 932 135.58 13.28 -71.30
N LYS P 933 136.90 13.38 -71.16
CA LYS P 933 137.75 12.19 -70.93
C LYS P 933 137.30 11.40 -69.70
N THR P 934 136.70 12.04 -68.70
CA THR P 934 136.08 11.36 -67.55
C THR P 934 134.94 10.42 -67.98
N PHE P 935 133.92 10.92 -68.67
CA PHE P 935 132.82 10.11 -69.19
C PHE P 935 133.33 8.97 -70.06
N LEU P 936 134.33 9.25 -70.91
CA LEU P 936 134.87 8.24 -71.82
C LEU P 936 135.64 7.18 -71.02
N GLU P 937 136.54 7.57 -70.13
CA GLU P 937 137.28 6.62 -69.29
C GLU P 937 136.34 5.80 -68.42
N LYS P 938 135.38 6.47 -67.79
CA LYS P 938 134.34 5.86 -66.98
C LYS P 938 133.13 5.45 -67.82
N SER P 939 133.31 5.24 -69.12
CA SER P 939 132.25 4.72 -69.95
C SER P 939 132.12 3.23 -69.67
N PRO P 940 130.94 2.75 -69.24
CA PRO P 940 130.73 1.33 -69.07
C PRO P 940 130.88 0.62 -70.41
N ASP P 941 130.51 1.30 -71.50
CA ASP P 941 130.66 0.83 -72.85
C ASP P 941 132.14 0.53 -73.13
N LEU P 942 133.03 1.44 -72.74
CA LEU P 942 134.47 1.22 -72.80
C LEU P 942 134.96 0.20 -71.77
N GLN P 943 134.49 0.27 -70.54
CA GLN P 943 135.00 -0.57 -69.45
C GLN P 943 134.62 -2.02 -69.63
N SER P 944 133.43 -2.26 -70.14
CA SER P 944 133.01 -3.56 -70.61
C SER P 944 133.93 -4.00 -71.75
N LEU P 945 134.15 -3.11 -72.73
CA LEU P 945 134.98 -3.41 -73.87
C LEU P 945 136.38 -3.85 -73.44
N ARG P 946 137.01 -3.08 -72.56
CA ARG P 946 138.24 -3.40 -71.84
C ARG P 946 138.14 -4.71 -71.09
N TYR P 947 137.02 -4.95 -70.41
CA TYR P 947 136.88 -6.17 -69.66
C TYR P 947 136.84 -7.40 -70.57
N ALA P 948 136.08 -7.37 -71.66
CA ALA P 948 136.07 -8.46 -72.63
C ALA P 948 137.47 -8.69 -73.19
N LEU P 949 138.20 -7.60 -73.50
CA LEU P 949 139.60 -7.67 -73.90
C LEU P 949 140.46 -8.39 -72.85
N SER P 950 140.20 -8.17 -71.57
CA SER P 950 140.96 -8.85 -70.52
C SER P 950 140.73 -10.36 -70.50
N LEU P 951 139.53 -10.86 -70.82
CA LEU P 951 139.26 -12.31 -70.85
C LEU P 951 140.28 -13.01 -71.75
N TYR P 952 140.53 -12.42 -72.92
CA TYR P 952 141.35 -13.04 -73.94
C TYR P 952 142.75 -13.41 -73.51
N THR P 953 143.34 -12.66 -72.59
CA THR P 953 144.70 -12.89 -72.11
C THR P 953 144.75 -13.74 -70.84
N GLN P 954 143.62 -14.06 -70.21
CA GLN P 954 143.60 -14.67 -68.87
C GLN P 954 144.22 -16.07 -68.77
N ALA P 955 144.57 -16.42 -67.53
CA ALA P 955 145.05 -17.74 -67.15
C ALA P 955 143.97 -18.82 -67.30
N THR P 956 144.42 -20.02 -67.61
CA THR P 956 143.59 -21.21 -67.83
C THR P 956 142.67 -21.54 -66.67
N ASP P 957 143.17 -21.57 -65.44
CA ASP P 957 142.32 -21.89 -64.29
C ASP P 957 141.29 -20.81 -64.00
N LEU P 958 141.64 -19.54 -64.17
CA LEU P 958 140.71 -18.43 -63.99
C LEU P 958 139.57 -18.50 -65.01
N LEU P 959 139.92 -18.82 -66.25
CA LEU P 959 138.97 -19.11 -67.32
C LEU P 959 138.10 -20.31 -66.96
N ILE P 960 138.68 -21.44 -66.56
CA ILE P 960 137.94 -22.65 -66.15
C ILE P 960 137.01 -22.39 -64.96
N LYS P 961 137.47 -21.62 -63.97
CA LYS P 961 136.64 -21.17 -62.85
C LYS P 961 135.45 -20.37 -63.34
N THR P 962 135.71 -19.40 -64.20
CA THR P 962 134.68 -18.59 -64.84
C THR P 962 133.69 -19.49 -65.57
N PHE P 963 134.15 -20.52 -66.28
CA PHE P 963 133.29 -21.51 -66.88
C PHE P 963 132.41 -22.21 -65.86
N VAL P 964 132.96 -22.90 -64.85
CA VAL P 964 132.11 -23.68 -63.92
C VAL P 964 131.11 -22.78 -63.18
N GLN P 965 131.55 -21.60 -62.76
CA GLN P 965 130.67 -20.63 -62.09
C GLN P 965 129.55 -20.13 -62.99
N THR P 966 129.84 -19.90 -64.28
CA THR P 966 128.83 -19.42 -65.24
C THR P 966 127.96 -20.55 -65.77
N GLN P 967 128.49 -21.74 -65.98
CA GLN P 967 127.77 -22.93 -66.43
C GLN P 967 126.98 -23.62 -65.31
N SER P 968 126.41 -22.84 -64.39
CA SER P 968 125.54 -23.31 -63.29
C SER P 968 124.38 -24.20 -63.79
N ALA P 969 123.89 -23.93 -65.00
CA ALA P 969 122.85 -24.69 -65.68
C ALA P 969 123.27 -26.12 -66.11
N GLN P 970 124.56 -26.48 -66.06
CA GLN P 970 125.04 -27.85 -66.29
C GLN P 970 124.69 -28.76 -65.11
N GLY P 971 123.43 -29.16 -65.05
CA GLY P 971 122.86 -30.05 -64.04
C GLY P 971 121.33 -30.01 -64.06
N SER P 972 120.77 -28.80 -64.08
CA SER P 972 119.32 -28.60 -64.27
C SER P 972 118.94 -28.73 -65.74
N GLY P 973 118.40 -29.90 -66.09
CA GLY P 973 117.93 -30.24 -67.43
C GLY P 973 119.01 -30.86 -68.33
N VAL P 974 118.67 -32.02 -68.90
CA VAL P 974 119.41 -32.75 -69.94
C VAL P 974 118.50 -32.96 -71.13
N GLU P 975 118.95 -32.60 -72.33
CA GLU P 975 118.21 -32.91 -73.57
C GLU P 975 118.40 -34.39 -73.97
N ASP P 976 117.28 -35.13 -74.06
CA ASP P 976 117.19 -36.58 -74.35
C ASP P 976 118.14 -37.48 -73.51
N PRO P 977 117.76 -37.84 -72.27
CA PRO P 977 118.60 -38.70 -71.43
C PRO P 977 118.73 -40.15 -71.94
N VAL P 978 119.94 -40.72 -71.86
CA VAL P 978 120.32 -42.10 -72.27
C VAL P 978 120.33 -43.13 -71.14
N GLY P 979 119.76 -42.74 -70.00
CA GLY P 979 119.83 -43.45 -68.74
C GLY P 979 120.00 -42.47 -67.60
N GLU P 980 120.26 -42.98 -66.41
CA GLU P 980 120.56 -42.17 -65.24
C GLU P 980 121.47 -42.93 -64.26
N VAL P 981 122.25 -42.21 -63.46
CA VAL P 981 123.12 -42.80 -62.43
C VAL P 981 122.69 -42.36 -61.05
N SER P 982 122.45 -43.31 -60.17
CA SER P 982 122.29 -43.08 -58.74
C SER P 982 123.68 -43.03 -58.14
N VAL P 983 124.07 -41.82 -57.74
CA VAL P 983 125.24 -41.58 -56.92
C VAL P 983 124.78 -41.15 -55.54
N HIS P 984 125.44 -41.65 -54.51
CA HIS P 984 125.43 -40.99 -53.21
C HIS P 984 126.79 -40.31 -53.02
N VAL P 985 126.79 -38.99 -52.93
CA VAL P 985 128.01 -38.19 -52.89
C VAL P 985 128.13 -37.53 -51.54
N GLU P 986 129.31 -37.55 -50.93
CA GLU P 986 129.59 -36.86 -49.67
C GLU P 986 130.73 -35.87 -49.85
N LEU P 987 130.44 -34.57 -49.70
CA LEU P 987 131.44 -33.50 -49.64
C LEU P 987 132.02 -33.44 -48.23
N PHE P 988 132.91 -34.36 -47.92
CA PHE P 988 133.75 -34.23 -46.75
C PHE P 988 134.81 -33.15 -46.97
N THR P 989 134.61 -31.98 -46.35
CA THR P 989 135.72 -31.12 -45.95
C THR P 989 136.63 -32.01 -45.11
N HIS P 990 137.75 -32.39 -45.70
CA HIS P 990 138.46 -33.63 -45.43
C HIS P 990 139.09 -33.65 -44.03
N PRO P 991 138.73 -34.62 -43.17
CA PRO P 991 139.18 -34.63 -41.78
C PRO P 991 140.71 -34.84 -41.62
N GLY P 992 141.38 -35.44 -42.61
CA GLY P 992 142.85 -35.62 -42.59
C GLY P 992 143.67 -34.41 -43.03
N THR P 993 143.07 -33.39 -43.69
CA THR P 993 143.85 -32.29 -44.34
C THR P 993 143.16 -30.91 -44.38
N GLY P 994 141.85 -30.80 -44.15
CA GLY P 994 141.09 -29.55 -44.29
C GLY P 994 140.86 -29.11 -45.75
N GLU P 995 141.30 -29.88 -46.73
CA GLU P 995 140.89 -29.74 -48.14
C GLU P 995 139.40 -30.07 -48.30
N GLN P 996 138.86 -30.02 -49.52
CA GLN P 996 137.59 -30.69 -49.81
C GLN P 996 137.83 -31.96 -50.61
N LYS P 997 137.32 -33.06 -50.09
CA LYS P 997 137.23 -34.35 -50.76
C LYS P 997 135.77 -34.69 -51.05
N VAL P 998 135.59 -35.57 -52.03
CA VAL P 998 134.28 -35.92 -52.56
C VAL P 998 134.17 -37.44 -52.61
N THR P 999 133.56 -38.04 -51.58
CA THR P 999 133.30 -39.47 -51.58
C THR P 999 132.11 -39.74 -52.50
N VAL P 1000 132.35 -40.17 -53.73
CA VAL P 1000 131.29 -40.57 -54.66
C VAL P 1000 131.08 -42.08 -54.52
N LYS P 1001 130.04 -42.49 -53.79
CA LYS P 1001 129.53 -43.85 -53.82
C LYS P 1001 128.64 -44.03 -55.05
N VAL P 1002 129.17 -44.68 -56.08
CA VAL P 1002 128.39 -45.06 -57.25
C VAL P 1002 127.45 -46.18 -56.81
N VAL P 1003 126.17 -45.88 -56.64
CA VAL P 1003 125.19 -46.86 -56.20
C VAL P 1003 124.83 -47.76 -57.37
N ALA P 1004 124.29 -47.18 -58.43
CA ALA P 1004 123.79 -47.92 -59.58
C ALA P 1004 123.62 -47.02 -60.80
N ALA P 1005 123.51 -47.61 -61.98
CA ALA P 1005 122.84 -46.97 -63.11
C ALA P 1005 121.45 -47.58 -63.36
N ASN P 1006 120.65 -46.89 -64.18
CA ASN P 1006 119.30 -47.27 -64.58
C ASN P 1006 118.98 -46.76 -66.00
N ASP P 1007 118.02 -47.40 -66.68
CA ASP P 1007 117.54 -47.07 -68.02
C ASP P 1007 118.64 -46.98 -69.10
N LEU P 1008 119.76 -47.69 -68.95
CA LEU P 1008 120.90 -47.61 -69.86
C LEU P 1008 120.50 -48.02 -71.29
N LYS P 1009 120.49 -47.06 -72.21
CA LYS P 1009 120.24 -47.27 -73.65
C LYS P 1009 121.52 -47.83 -74.30
N TRP P 1010 121.84 -49.11 -74.07
CA TRP P 1010 123.07 -49.75 -74.56
C TRP P 1010 122.92 -51.25 -74.91
N GLN P 1011 121.89 -51.62 -75.65
CA GLN P 1011 121.62 -53.02 -75.99
C GLN P 1011 122.62 -53.56 -77.03
N THR P 1012 123.86 -53.79 -76.60
CA THR P 1012 125.01 -54.12 -77.45
C THR P 1012 125.05 -55.56 -77.96
N SER P 1013 125.77 -55.79 -79.06
CA SER P 1013 125.91 -57.09 -79.75
C SER P 1013 126.86 -58.06 -79.06
N GLY P 1014 127.98 -57.58 -78.50
CA GLY P 1014 128.78 -58.33 -77.54
C GLY P 1014 128.06 -58.45 -76.19
N ILE P 1015 128.64 -59.18 -75.24
CA ILE P 1015 128.14 -59.18 -73.86
C ILE P 1015 128.33 -57.76 -73.29
N PHE P 1016 127.24 -57.14 -72.82
CA PHE P 1016 127.32 -55.86 -72.13
C PHE P 1016 128.01 -56.02 -70.77
N ARG P 1017 128.96 -55.16 -70.44
CA ARG P 1017 129.71 -55.24 -69.16
C ARG P 1017 129.88 -53.84 -68.56
N PRO P 1018 128.79 -53.11 -68.24
CA PRO P 1018 128.89 -51.73 -67.80
C PRO P 1018 129.70 -51.57 -66.51
N PHE P 1019 130.45 -50.49 -66.47
CA PHE P 1019 131.10 -49.90 -65.31
C PHE P 1019 130.85 -48.39 -65.37
N ILE P 1020 131.04 -47.69 -64.26
CA ILE P 1020 130.81 -46.24 -64.23
C ILE P 1020 132.13 -45.55 -63.98
N GLU P 1021 132.51 -44.71 -64.93
CA GLU P 1021 133.51 -43.70 -64.68
C GLU P 1021 132.88 -42.49 -63.98
N VAL P 1022 133.62 -41.86 -63.09
CA VAL P 1022 133.28 -40.53 -62.56
C VAL P 1022 134.45 -39.61 -62.78
N ASN P 1023 134.19 -38.38 -63.21
CA ASN P 1023 135.20 -37.33 -63.35
C ASN P 1023 134.88 -36.14 -62.44
N ILE P 1024 135.89 -35.32 -62.13
CA ILE P 1024 135.73 -34.01 -61.49
C ILE P 1024 136.21 -32.90 -62.44
N VAL P 1025 135.46 -31.80 -62.51
CA VAL P 1025 135.78 -30.60 -63.29
C VAL P 1025 135.76 -29.35 -62.40
N GLY P 1026 136.70 -28.45 -62.68
CA GLY P 1026 136.93 -27.20 -61.96
C GLY P 1026 138.38 -26.72 -62.12
N PRO P 1027 138.73 -25.56 -61.55
CA PRO P 1027 140.08 -25.03 -61.59
C PRO P 1027 141.02 -25.85 -60.68
N GLN P 1028 142.33 -25.75 -60.92
CA GLN P 1028 143.39 -26.42 -60.17
C GLN P 1028 143.20 -27.95 -60.06
N LEU P 1029 143.06 -28.64 -61.21
CA LEU P 1029 142.95 -30.10 -61.30
C LEU P 1029 144.05 -30.76 -62.17
N SER P 1030 145.14 -30.04 -62.48
CA SER P 1030 146.28 -30.58 -63.24
C SER P 1030 147.07 -31.65 -62.49
N ASP P 1031 147.06 -31.58 -61.16
CA ASP P 1031 147.83 -32.37 -60.20
C ASP P 1031 147.01 -33.46 -59.49
N LYS P 1032 145.68 -33.49 -59.71
CA LYS P 1032 144.72 -34.30 -58.97
C LYS P 1032 143.99 -35.26 -59.87
N LYS P 1033 143.66 -36.44 -59.32
CA LYS P 1033 143.00 -37.55 -60.01
C LYS P 1033 141.63 -37.11 -60.50
N ARG P 1034 141.57 -36.69 -61.77
CA ARG P 1034 140.34 -36.18 -62.40
C ARG P 1034 139.31 -37.26 -62.71
N LYS P 1035 139.66 -38.55 -62.58
CA LYS P 1035 138.86 -39.70 -63.01
C LYS P 1035 138.93 -40.89 -62.03
N PHE P 1036 137.83 -41.64 -61.89
CA PHE P 1036 137.73 -42.95 -61.25
C PHE P 1036 136.86 -43.88 -62.10
N ALA P 1037 136.92 -45.20 -61.88
CA ALA P 1037 136.03 -46.17 -62.51
C ALA P 1037 135.69 -47.38 -61.61
N THR P 1038 134.46 -47.89 -61.70
CA THR P 1038 134.01 -49.07 -60.92
C THR P 1038 134.52 -50.38 -61.53
N LYS P 1039 134.36 -51.51 -60.84
CA LYS P 1039 134.32 -52.83 -61.50
C LYS P 1039 133.18 -52.87 -62.51
N SER P 1040 133.24 -53.80 -63.46
CA SER P 1040 132.16 -54.09 -64.41
C SER P 1040 131.09 -55.04 -63.83
N LYS P 1041 129.88 -55.01 -64.40
CA LYS P 1041 128.78 -55.97 -64.13
C LYS P 1041 128.29 -56.60 -65.43
N ASN P 1042 128.21 -57.92 -65.50
CA ASN P 1042 127.81 -58.61 -66.73
C ASN P 1042 126.31 -58.43 -67.02
N ASN P 1043 125.99 -58.21 -68.29
CA ASN P 1043 124.66 -58.34 -68.91
C ASN P 1043 123.55 -57.63 -68.10
N SER P 1044 123.74 -56.34 -67.81
CA SER P 1044 122.89 -55.63 -66.83
C SER P 1044 122.72 -54.15 -67.14
N TRP P 1045 121.54 -53.74 -67.59
CA TRP P 1045 121.20 -52.35 -67.97
C TRP P 1045 120.64 -51.47 -66.82
N ALA P 1046 120.46 -52.04 -65.63
CA ALA P 1046 120.34 -51.29 -64.37
C ALA P 1046 121.38 -51.79 -63.33
N PRO P 1047 122.68 -51.72 -63.65
CA PRO P 1047 123.74 -52.33 -62.86
C PRO P 1047 123.98 -51.57 -61.56
N LYS P 1048 124.07 -52.31 -60.45
CA LYS P 1048 124.52 -51.79 -59.16
C LYS P 1048 126.05 -51.92 -59.03
N TYR P 1049 126.66 -51.11 -58.18
CA TYR P 1049 128.09 -51.14 -57.92
C TYR P 1049 128.38 -51.04 -56.43
N ASN P 1050 127.82 -50.03 -55.76
CA ASN P 1050 128.10 -49.73 -54.36
C ASN P 1050 129.60 -49.52 -54.10
N GLU P 1051 130.30 -48.93 -55.08
CA GLU P 1051 131.75 -48.68 -55.06
C GLU P 1051 132.03 -47.21 -54.81
N SER P 1052 132.96 -46.94 -53.88
CA SER P 1052 133.22 -45.59 -53.38
C SER P 1052 134.56 -45.04 -53.87
N PHE P 1053 134.50 -43.90 -54.54
CA PHE P 1053 135.65 -43.11 -55.02
C PHE P 1053 135.89 -41.90 -54.12
N GLN P 1054 137.07 -41.30 -54.19
CA GLN P 1054 137.43 -40.13 -53.39
C GLN P 1054 138.25 -39.12 -54.21
N PHE P 1055 137.56 -38.20 -54.88
CA PHE P 1055 138.21 -37.06 -55.53
C PHE P 1055 138.77 -36.09 -54.49
N SER P 1056 139.78 -35.32 -54.91
CA SER P 1056 140.23 -34.14 -54.19
C SER P 1056 139.96 -32.89 -55.02
N LEU P 1057 139.28 -31.91 -54.44
CA LEU P 1057 139.14 -30.55 -55.00
C LEU P 1057 140.40 -29.74 -54.69
N SER P 1058 140.50 -28.49 -55.16
CA SER P 1058 141.45 -27.55 -54.54
C SER P 1058 141.03 -27.19 -53.11
N ALA P 1059 141.98 -26.82 -52.27
CA ALA P 1059 141.70 -26.14 -51.00
C ALA P 1059 141.19 -24.71 -51.24
N ASP P 1060 141.74 -23.98 -52.21
CA ASP P 1060 141.45 -22.55 -52.38
C ASP P 1060 140.11 -22.29 -53.06
N ALA P 1061 139.82 -22.95 -54.18
CA ALA P 1061 138.53 -22.89 -54.85
C ALA P 1061 137.46 -23.61 -54.03
N GLY P 1062 136.32 -22.95 -53.82
CA GLY P 1062 135.18 -23.54 -53.11
C GLY P 1062 134.46 -24.59 -53.96
N PRO P 1063 133.57 -25.40 -53.37
CA PRO P 1063 132.88 -26.48 -54.06
C PRO P 1063 132.00 -25.96 -55.20
N GLU P 1064 131.52 -24.71 -55.13
CA GLU P 1064 130.82 -24.07 -56.24
C GLU P 1064 131.70 -23.75 -57.46
N CYS P 1065 133.02 -23.85 -57.32
CA CYS P 1065 133.95 -23.87 -58.46
C CYS P 1065 134.06 -25.25 -59.10
N TYR P 1066 133.32 -26.25 -58.62
CA TYR P 1066 133.44 -27.63 -59.06
C TYR P 1066 132.10 -28.28 -59.40
N GLU P 1067 132.23 -29.34 -60.17
CA GLU P 1067 131.16 -30.19 -60.63
C GLU P 1067 131.72 -31.57 -60.95
N LEU P 1068 131.04 -32.62 -60.52
CA LEU P 1068 131.31 -33.96 -61.03
C LEU P 1068 130.74 -34.08 -62.43
N GLN P 1069 131.41 -34.87 -63.27
CA GLN P 1069 130.98 -35.22 -64.62
C GLN P 1069 131.01 -36.75 -64.77
N VAL P 1070 129.89 -37.38 -64.43
CA VAL P 1070 129.69 -38.84 -64.41
C VAL P 1070 129.57 -39.41 -65.82
N CYS P 1071 130.13 -40.59 -66.08
CA CYS P 1071 130.09 -41.23 -67.39
C CYS P 1071 130.04 -42.75 -67.29
N VAL P 1072 128.92 -43.35 -67.70
CA VAL P 1072 128.81 -44.82 -67.77
C VAL P 1072 129.57 -45.34 -68.98
N LYS P 1073 130.21 -46.50 -68.87
CA LYS P 1073 131.00 -47.12 -69.93
C LYS P 1073 130.84 -48.64 -69.99
N ASP P 1074 131.01 -49.23 -71.17
CA ASP P 1074 130.94 -50.67 -71.40
C ASP P 1074 132.35 -51.29 -71.45
N TYR P 1075 132.67 -52.22 -70.55
CA TYR P 1075 134.01 -52.81 -70.46
C TYR P 1075 134.26 -53.88 -71.53
N CYS P 1076 135.34 -53.75 -72.29
CA CYS P 1076 135.72 -54.73 -73.30
C CYS P 1076 137.25 -54.98 -73.25
N PHE P 1077 137.71 -55.88 -72.38
CA PHE P 1077 139.13 -56.26 -72.27
C PHE P 1077 139.70 -56.78 -73.59
N ALA P 1078 140.99 -56.54 -73.82
CA ALA P 1078 141.71 -56.69 -75.09
C ALA P 1078 141.22 -55.83 -76.27
N ARG P 1079 139.92 -55.50 -76.33
CA ARG P 1079 139.31 -54.52 -77.20
C ARG P 1079 139.41 -53.11 -76.58
N GLU P 1080 138.30 -52.37 -76.56
CA GLU P 1080 138.19 -50.98 -76.12
C GLU P 1080 136.87 -50.74 -75.36
N ASP P 1081 136.92 -49.96 -74.28
CA ASP P 1081 135.72 -49.60 -73.52
C ASP P 1081 134.94 -48.44 -74.18
N ARG P 1082 133.62 -48.34 -73.98
CA ARG P 1082 132.74 -47.45 -74.75
C ARG P 1082 131.81 -46.55 -73.91
N THR P 1083 131.74 -45.24 -74.17
CA THR P 1083 130.88 -44.28 -73.44
C THR P 1083 129.40 -44.49 -73.70
N VAL P 1084 128.67 -44.80 -72.63
CA VAL P 1084 127.22 -45.01 -72.62
C VAL P 1084 126.42 -43.73 -72.33
N GLY P 1085 126.98 -42.73 -71.65
CA GLY P 1085 126.31 -41.43 -71.41
C GLY P 1085 127.10 -40.54 -70.46
N LEU P 1086 126.70 -39.27 -70.30
CA LEU P 1086 127.39 -38.29 -69.43
C LEU P 1086 126.41 -37.46 -68.59
N ALA P 1087 126.66 -37.22 -67.30
CA ALA P 1087 125.85 -36.30 -66.48
C ALA P 1087 126.71 -35.36 -65.64
N VAL P 1088 126.28 -34.11 -65.41
CA VAL P 1088 127.00 -33.17 -64.55
C VAL P 1088 126.27 -32.95 -63.23
N LEU P 1089 126.97 -33.13 -62.11
CA LEU P 1089 126.49 -32.81 -60.77
C LEU P 1089 127.30 -31.65 -60.19
N GLN P 1090 126.66 -30.49 -60.06
CA GLN P 1090 127.29 -29.29 -59.53
C GLN P 1090 127.64 -29.45 -58.04
N LEU P 1091 128.90 -29.30 -57.67
CA LEU P 1091 129.28 -29.38 -56.26
C LEU P 1091 128.87 -28.15 -55.44
N ARG P 1092 128.38 -27.08 -56.09
CA ARG P 1092 127.61 -26.01 -55.40
C ARG P 1092 126.39 -26.56 -54.63
N GLU P 1093 125.72 -27.59 -55.12
CA GLU P 1093 124.60 -28.20 -54.41
C GLU P 1093 125.08 -28.94 -53.14
N LEU P 1094 126.12 -29.75 -53.30
CA LEU P 1094 126.71 -30.52 -52.21
C LEU P 1094 127.41 -29.64 -51.16
N ALA P 1095 127.83 -28.42 -51.52
CA ALA P 1095 128.24 -27.39 -50.57
C ALA P 1095 127.16 -27.13 -49.50
N GLN P 1096 125.89 -27.10 -49.93
CA GLN P 1096 124.74 -26.94 -49.04
C GLN P 1096 124.31 -28.26 -48.43
N ARG P 1097 124.13 -29.29 -49.28
CA ARG P 1097 123.55 -30.59 -48.89
C ARG P 1097 124.49 -31.39 -47.98
N GLY P 1098 125.79 -31.17 -48.06
CA GLY P 1098 126.86 -31.90 -47.37
C GLY P 1098 127.04 -33.32 -47.93
N SER P 1099 125.95 -34.03 -48.12
CA SER P 1099 125.89 -35.24 -48.94
C SER P 1099 124.56 -35.31 -49.71
N ALA P 1100 124.55 -36.04 -50.82
CA ALA P 1100 123.43 -36.10 -51.74
C ALA P 1100 123.35 -37.48 -52.42
N ALA P 1101 122.29 -38.21 -52.15
CA ALA P 1101 121.81 -39.27 -53.02
C ALA P 1101 121.00 -38.66 -54.17
N CYS P 1102 121.44 -38.82 -55.41
CA CYS P 1102 120.80 -38.20 -56.56
C CYS P 1102 120.80 -39.10 -57.80
N TRP P 1103 119.68 -39.12 -58.54
CA TRP P 1103 119.60 -39.66 -59.89
C TRP P 1103 120.03 -38.62 -60.92
N LEU P 1104 121.20 -38.82 -61.48
CA LEU P 1104 121.76 -37.96 -62.52
C LEU P 1104 121.33 -38.43 -63.91
N PRO P 1105 120.41 -37.75 -64.62
CA PRO P 1105 120.08 -38.10 -65.99
C PRO P 1105 121.31 -37.98 -66.89
N LEU P 1106 121.72 -39.07 -67.53
CA LEU P 1106 122.82 -39.09 -68.48
C LEU P 1106 122.38 -38.42 -69.77
N GLY P 1107 122.99 -37.30 -70.15
CA GLY P 1107 122.92 -36.77 -71.49
C GLY P 1107 123.88 -37.47 -72.45
N ARG P 1108 123.70 -37.17 -73.75
CA ARG P 1108 124.66 -37.50 -74.81
C ARG P 1108 125.78 -36.44 -74.90
N ARG P 1109 125.47 -35.18 -74.58
CA ARG P 1109 126.38 -34.02 -74.47
C ARG P 1109 126.00 -33.12 -73.27
N ILE P 1110 126.83 -32.11 -73.00
CA ILE P 1110 126.69 -31.15 -71.89
C ILE P 1110 126.42 -29.73 -72.44
N HIS P 1111 125.38 -29.06 -71.95
CA HIS P 1111 124.89 -27.78 -72.51
C HIS P 1111 125.72 -26.55 -72.04
N MET P 1112 125.84 -25.50 -72.86
CA MET P 1112 126.63 -24.29 -72.54
C MET P 1112 125.91 -22.99 -72.87
N ASP P 1113 126.38 -21.91 -72.26
CA ASP P 1113 126.01 -20.53 -72.57
C ASP P 1113 127.17 -19.76 -73.23
N ASP P 1114 126.90 -18.52 -73.63
CA ASP P 1114 127.83 -17.63 -74.33
C ASP P 1114 129.14 -17.38 -73.56
N THR P 1115 129.14 -17.56 -72.25
CA THR P 1115 130.29 -17.30 -71.38
C THR P 1115 131.05 -18.59 -71.17
N GLY P 1116 130.35 -19.73 -71.13
CA GLY P 1116 130.97 -21.02 -71.36
C GLY P 1116 131.69 -21.01 -72.70
N LEU P 1117 131.03 -20.55 -73.74
CA LEU P 1117 131.58 -20.46 -75.09
C LEU P 1117 132.66 -19.39 -75.26
N THR P 1118 132.54 -18.19 -74.68
CA THR P 1118 133.62 -17.18 -74.71
C THR P 1118 134.85 -17.73 -74.01
N VAL P 1119 134.68 -18.34 -72.84
CA VAL P 1119 135.79 -19.00 -72.17
C VAL P 1119 136.35 -20.15 -73.01
N LEU P 1120 135.52 -21.02 -73.56
CA LEU P 1120 135.96 -22.14 -74.39
C LEU P 1120 136.72 -21.64 -75.64
N ARG P 1121 136.36 -20.49 -76.22
CA ARG P 1121 137.11 -19.81 -77.31
C ARG P 1121 138.48 -19.31 -76.87
N ILE P 1122 138.64 -18.96 -75.61
CA ILE P 1122 139.90 -18.48 -75.03
C ILE P 1122 140.76 -19.64 -74.53
N LEU P 1123 140.14 -20.70 -74.02
CA LEU P 1123 140.80 -21.96 -73.67
C LEU P 1123 141.19 -22.76 -74.92
N SER P 1124 140.41 -22.68 -76.00
CA SER P 1124 140.78 -23.28 -77.27
C SER P 1124 141.97 -22.55 -77.90
N GLN P 1125 142.14 -21.24 -77.65
CA GLN P 1125 143.41 -20.54 -77.95
C GLN P 1125 144.60 -21.07 -77.19
N ARG P 1126 144.39 -21.59 -75.99
CA ARG P 1126 145.42 -22.29 -75.24
C ARG P 1126 145.45 -23.76 -75.69
N SER P 1127 145.47 -23.98 -77.00
CA SER P 1127 145.47 -25.29 -77.67
C SER P 1127 146.62 -26.20 -77.27
N ASN P 1128 147.71 -25.66 -76.71
CA ASN P 1128 148.88 -26.39 -76.23
C ASN P 1128 148.86 -26.67 -74.72
N ASP P 1129 148.12 -25.89 -73.94
CA ASP P 1129 148.02 -26.07 -72.48
C ASP P 1129 147.26 -27.36 -72.22
N GLU P 1130 147.87 -28.30 -71.50
CA GLU P 1130 147.26 -29.62 -71.28
C GLU P 1130 146.00 -29.57 -70.43
N VAL P 1131 145.89 -28.61 -69.50
CA VAL P 1131 144.66 -28.39 -68.74
C VAL P 1131 143.60 -27.80 -69.65
N ALA P 1132 143.94 -26.80 -70.47
CA ALA P 1132 142.98 -26.20 -71.40
C ALA P 1132 142.55 -27.18 -72.48
N LYS P 1133 143.46 -27.98 -73.06
CA LYS P 1133 143.15 -29.13 -73.91
C LYS P 1133 142.20 -30.09 -73.21
N GLU P 1134 142.55 -30.61 -72.03
CA GLU P 1134 141.72 -31.61 -71.34
C GLU P 1134 140.37 -31.03 -70.90
N PHE P 1135 140.30 -29.74 -70.58
CA PHE P 1135 139.05 -29.07 -70.32
C PHE P 1135 138.19 -28.94 -71.58
N VAL P 1136 138.75 -28.37 -72.65
CA VAL P 1136 138.07 -28.19 -73.95
C VAL P 1136 137.63 -29.56 -74.50
N LYS P 1137 138.44 -30.61 -74.31
CA LYS P 1137 138.11 -32.00 -74.60
C LYS P 1137 136.98 -32.51 -73.69
N LEU P 1138 137.13 -32.50 -72.37
CA LEU P 1138 136.14 -33.05 -71.43
C LEU P 1138 134.78 -32.35 -71.53
N LYS P 1139 134.73 -31.07 -71.95
CA LYS P 1139 133.48 -30.36 -72.22
C LYS P 1139 132.94 -30.51 -73.64
N SER P 1140 133.79 -30.82 -74.60
CA SER P 1140 133.35 -31.30 -75.92
C SER P 1140 133.23 -32.84 -75.95
N ASP P 1141 133.24 -33.50 -74.78
CA ASP P 1141 133.10 -34.95 -74.63
C ASP P 1141 131.64 -35.37 -74.80
N THR P 1142 131.40 -36.43 -75.59
CA THR P 1142 130.05 -36.87 -75.97
C THR P 1142 129.95 -38.39 -76.09
N ARG P 1143 128.73 -38.91 -75.91
CA ARG P 1143 128.39 -40.32 -76.13
C ARG P 1143 128.30 -40.63 -77.64
N SER P 1144 128.86 -41.76 -78.07
CA SER P 1144 128.54 -42.37 -79.37
C SER P 1144 127.09 -42.89 -79.38
N ALA P 1145 126.31 -42.57 -80.42
CA ALA P 1145 124.88 -42.88 -80.45
C ALA P 1145 124.56 -44.39 -80.56
N GLU P 1146 125.55 -45.21 -80.95
CA GLU P 1146 125.41 -46.65 -81.11
C GLU P 1146 124.97 -47.37 -79.83
N GLU P 1147 124.28 -48.49 -79.97
CA GLU P 1147 123.55 -49.20 -78.91
C GLU P 1147 122.38 -48.42 -78.26
N GLY P 1148 122.07 -47.19 -78.69
CA GLY P 1148 121.05 -46.33 -78.05
C GLY P 1148 120.55 -45.08 -78.78
N GLY P 1149 120.21 -45.17 -80.08
CA GLY P 1149 119.21 -44.31 -80.71
C GLY P 1149 119.56 -42.87 -81.13
N ALA P 1150 118.73 -41.91 -80.69
CA ALA P 1150 118.58 -40.57 -81.26
C ALA P 1150 119.77 -39.59 -81.08
N ALA P 1151 119.63 -38.38 -81.65
CA ALA P 1151 120.65 -37.33 -81.64
C ALA P 1151 120.71 -36.48 -80.34
N PRO P 1152 121.86 -35.89 -80.00
CA PRO P 1152 122.00 -34.85 -78.95
C PRO P 1152 121.33 -33.53 -79.33
N ALA P 1153 121.27 -32.59 -78.39
CA ALA P 1153 120.85 -31.20 -78.61
C ALA P 1153 121.71 -30.20 -77.80
N PRO P 1154 121.91 -28.97 -78.30
CA PRO P 1154 122.88 -28.00 -77.76
C PRO P 1154 122.62 -27.65 -76.30
N GLU Q 23 125.93 148.87 -70.50
CA GLU Q 23 124.78 149.73 -70.89
C GLU Q 23 125.07 150.60 -72.10
N GLU Q 24 126.09 151.47 -72.05
CA GLU Q 24 126.54 152.35 -73.13
C GLU Q 24 126.53 151.70 -74.52
N LEU Q 25 127.29 150.62 -74.71
CA LEU Q 25 127.32 149.85 -75.95
C LEU Q 25 125.95 149.29 -76.32
N LYS Q 26 125.20 148.74 -75.36
CA LYS Q 26 123.86 148.18 -75.60
C LYS Q 26 122.90 149.21 -76.17
N ASN Q 27 122.85 150.40 -75.58
CA ASN Q 27 121.99 151.47 -76.06
C ASN Q 27 122.50 152.07 -77.39
N HIS Q 28 123.81 152.25 -77.53
CA HIS Q 28 124.46 152.62 -78.78
C HIS Q 28 124.10 151.65 -79.92
N VAL Q 29 124.20 150.36 -79.66
CA VAL Q 29 123.87 149.29 -80.60
C VAL Q 29 122.38 149.19 -80.83
N TYR Q 30 121.53 149.36 -79.82
CA TYR Q 30 120.08 149.47 -80.01
C TYR Q 30 119.77 150.52 -81.06
N LYS Q 31 120.26 151.74 -80.84
CA LYS Q 31 120.09 152.88 -81.74
C LYS Q 31 120.65 152.61 -83.13
N LYS Q 32 121.86 152.08 -83.24
CA LYS Q 32 122.48 151.75 -84.53
C LYS Q 32 121.83 150.58 -85.23
N THR Q 33 121.18 149.68 -84.50
CA THR Q 33 120.40 148.59 -85.07
C THR Q 33 119.07 149.12 -85.60
N LEU Q 34 118.39 149.97 -84.82
CA LEU Q 34 117.19 150.68 -85.27
C LEU Q 34 117.49 151.50 -86.54
N GLN Q 35 118.54 152.32 -86.54
CA GLN Q 35 118.95 153.05 -87.74
C GLN Q 35 119.33 152.11 -88.88
N ALA Q 36 120.05 151.02 -88.61
CA ALA Q 36 120.50 150.11 -89.64
C ALA Q 36 119.39 149.44 -90.41
N LEU Q 37 118.26 149.17 -89.74
CA LEU Q 37 117.15 148.40 -90.27
C LEU Q 37 115.89 149.20 -90.57
N ILE Q 38 115.75 150.45 -90.10
CA ILE Q 38 114.61 151.29 -90.48
C ILE Q 38 114.69 151.67 -91.96
N TYR Q 39 115.85 152.14 -92.39
CA TYR Q 39 116.25 152.08 -93.78
C TYR Q 39 117.26 150.94 -93.87
N PRO Q 40 116.82 149.69 -94.08
CA PRO Q 40 117.77 148.61 -94.29
C PRO Q 40 118.63 148.95 -95.50
N ILE Q 41 119.92 148.61 -95.50
CA ILE Q 41 120.78 148.88 -96.66
C ILE Q 41 120.27 148.19 -97.93
N SER Q 42 119.43 147.16 -97.79
CA SER Q 42 118.71 146.50 -98.87
C SER Q 42 117.66 147.37 -99.58
N CYS Q 43 117.41 148.61 -99.14
CA CYS Q 43 116.64 149.61 -99.92
C CYS Q 43 117.39 150.16 -101.15
N THR Q 44 118.72 150.07 -101.16
CA THR Q 44 119.58 150.89 -102.04
C THR Q 44 119.78 150.35 -103.47
N THR Q 45 120.16 151.22 -104.39
CA THR Q 45 120.32 150.99 -105.84
C THR Q 45 121.74 151.37 -106.30
N PRO Q 46 122.36 150.67 -107.27
CA PRO Q 46 123.73 150.96 -107.73
C PRO Q 46 123.79 151.88 -108.96
N HIS Q 47 124.83 152.72 -109.05
CA HIS Q 47 125.04 153.64 -110.17
C HIS Q 47 125.67 152.95 -111.38
N ASN Q 48 124.90 152.79 -112.46
CA ASN Q 48 125.41 152.35 -113.75
C ASN Q 48 126.18 153.47 -114.48
N PHE Q 49 127.44 153.69 -114.15
CA PHE Q 49 128.29 154.67 -114.84
C PHE Q 49 128.83 154.21 -116.19
N GLU Q 50 128.63 155.04 -117.21
CA GLU Q 50 129.45 155.08 -118.41
C GLU Q 50 130.58 156.11 -118.24
N VAL Q 51 131.75 155.83 -118.81
CA VAL Q 51 132.75 156.87 -119.10
C VAL Q 51 132.14 157.84 -120.09
N TRP Q 52 132.22 159.14 -119.80
CA TRP Q 52 131.69 160.16 -120.68
C TRP Q 52 132.65 161.35 -120.76
N THR Q 53 133.00 161.72 -122.00
CA THR Q 53 133.80 162.91 -122.27
C THR Q 53 132.96 164.15 -122.09
N ALA Q 54 133.35 165.04 -121.19
CA ALA Q 54 132.86 166.41 -121.15
C ALA Q 54 133.45 167.18 -122.34
N THR Q 55 132.95 166.94 -123.56
CA THR Q 55 133.39 167.55 -124.84
C THR Q 55 133.25 169.08 -124.87
N THR Q 56 132.63 169.65 -123.82
CA THR Q 56 132.59 171.07 -123.45
C THR Q 56 132.86 171.20 -121.93
N PRO Q 57 133.42 172.33 -121.43
CA PRO Q 57 133.63 172.58 -119.99
C PRO Q 57 132.35 172.34 -119.17
N THR Q 58 132.41 171.42 -118.21
CA THR Q 58 131.26 170.90 -117.43
C THR Q 58 131.66 170.79 -115.97
N TYR Q 59 130.71 170.80 -115.03
CA TYR Q 59 131.00 170.82 -113.59
C TYR Q 59 130.34 169.66 -112.85
N CYS Q 60 131.16 168.95 -112.07
CA CYS Q 60 130.80 167.67 -111.46
C CYS Q 60 129.65 167.78 -110.45
N TYR Q 61 128.63 166.92 -110.54
CA TYR Q 61 127.48 166.98 -109.62
C TYR Q 61 127.82 166.60 -108.17
N GLU Q 62 129.02 166.09 -107.90
CA GLU Q 62 129.55 166.04 -106.54
C GLU Q 62 130.26 167.34 -106.17
N CYS Q 63 131.47 167.54 -106.72
CA CYS Q 63 132.39 168.59 -106.27
C CYS Q 63 132.23 169.97 -106.94
N GLU Q 64 131.37 170.07 -107.96
CA GLU Q 64 131.28 171.22 -108.87
C GLU Q 64 132.61 171.56 -109.59
N GLY Q 65 133.59 170.64 -109.58
CA GLY Q 65 134.90 170.78 -110.21
C GLY Q 65 134.88 170.52 -111.72
N LEU Q 66 135.85 171.10 -112.44
CA LEU Q 66 135.90 171.08 -113.90
C LEU Q 66 136.12 169.67 -114.48
N LEU Q 67 135.18 169.30 -115.33
CA LEU Q 67 135.24 168.22 -116.31
C LEU Q 67 135.44 168.88 -117.68
N TRP Q 68 136.45 168.47 -118.44
CA TRP Q 68 136.76 169.10 -119.71
C TRP Q 68 137.60 168.20 -120.62
N GLY Q 69 137.10 167.99 -121.84
CA GLY Q 69 137.74 167.25 -122.90
C GLY Q 69 138.05 165.82 -122.50
N ILE Q 70 139.01 165.25 -123.22
CA ILE Q 70 139.65 164.00 -122.82
C ILE Q 70 140.53 164.22 -121.56
N ALA Q 71 141.10 165.43 -121.40
CA ALA Q 71 142.00 165.79 -120.31
C ALA Q 71 141.41 165.58 -118.90
N ARG Q 72 140.13 165.91 -118.74
CA ARG Q 72 139.35 165.73 -117.52
C ARG Q 72 137.97 165.16 -117.86
N GLN Q 73 137.94 163.92 -118.36
CA GLN Q 73 136.70 163.15 -118.55
C GLN Q 73 135.88 163.02 -117.25
N GLY Q 74 134.59 162.74 -117.40
CA GLY Q 74 133.72 162.35 -116.30
C GLY Q 74 133.14 160.95 -116.45
N MET Q 75 132.28 160.63 -115.50
CA MET Q 75 131.37 159.49 -115.56
C MET Q 75 129.96 160.04 -115.64
N ARG Q 76 129.18 159.54 -116.58
CA ARG Q 76 127.75 159.80 -116.67
C ARG Q 76 127.07 158.50 -116.27
N CYS Q 77 126.31 158.49 -115.19
CA CYS Q 77 125.45 157.34 -114.95
C CYS Q 77 124.34 157.31 -115.99
N THR Q 78 123.79 156.15 -116.31
CA THR Q 78 122.53 156.05 -117.03
C THR Q 78 121.35 156.09 -116.07
N GLU Q 79 121.34 155.20 -115.06
CA GLU Q 79 120.23 155.00 -114.13
C GLU Q 79 120.05 156.24 -113.25
N CYS Q 80 121.07 156.64 -112.50
CA CYS Q 80 121.07 157.95 -111.90
C CYS Q 80 121.42 159.07 -112.86
N GLY Q 81 121.80 158.82 -114.12
CA GLY Q 81 122.05 159.88 -115.11
C GLY Q 81 123.29 160.76 -114.86
N VAL Q 82 123.85 160.64 -113.67
CA VAL Q 82 124.62 161.67 -112.93
C VAL Q 82 125.98 161.93 -113.56
N LYS Q 83 126.36 163.20 -113.74
CA LYS Q 83 127.60 163.62 -114.41
C LYS Q 83 128.61 164.08 -113.38
N CYS Q 84 129.78 163.44 -113.33
CA CYS Q 84 130.76 163.67 -112.27
C CYS Q 84 132.18 163.37 -112.73
N HIS Q 85 133.20 163.77 -111.97
CA HIS Q 85 134.54 163.19 -112.16
C HIS Q 85 134.47 161.68 -112.03
N GLU Q 86 135.44 160.98 -112.62
CA GLU Q 86 135.76 159.61 -112.20
C GLU Q 86 136.04 159.56 -110.69
N LYS Q 87 136.99 160.38 -110.21
CA LYS Q 87 137.28 160.47 -108.77
C LYS Q 87 136.06 160.89 -107.92
N CYS Q 88 135.00 161.42 -108.53
CA CYS Q 88 133.75 161.75 -107.85
C CYS Q 88 132.65 160.72 -108.00
N GLN Q 89 132.70 159.78 -108.95
CA GLN Q 89 131.57 158.90 -109.21
C GLN Q 89 131.22 158.01 -108.01
N ASP Q 90 132.18 157.82 -107.11
CA ASP Q 90 132.02 157.17 -105.81
C ASP Q 90 131.76 158.16 -104.67
N LEU Q 91 132.29 159.39 -104.75
CA LEU Q 91 132.02 160.46 -103.79
C LEU Q 91 130.59 160.98 -103.91
N LEU Q 92 129.93 160.75 -105.05
CA LEU Q 92 128.48 160.75 -105.16
C LEU Q 92 127.89 159.68 -104.22
N ASN Q 93 127.68 160.04 -102.97
CA ASN Q 93 127.52 159.10 -101.86
C ASN Q 93 126.21 158.29 -101.87
N ALA Q 94 125.07 158.93 -102.17
CA ALA Q 94 123.75 158.31 -102.00
C ALA Q 94 123.42 157.31 -103.12
N ASP Q 95 122.46 156.41 -102.90
CA ASP Q 95 122.15 155.33 -103.83
C ASP Q 95 121.64 155.83 -105.20
N CYS Q 96 121.50 154.95 -106.17
CA CYS Q 96 121.09 155.34 -107.51
C CYS Q 96 119.68 155.89 -107.57
N LEU Q 97 118.75 155.52 -106.67
CA LEU Q 97 117.52 156.30 -106.52
C LEU Q 97 117.85 157.75 -106.16
N GLN Q 98 118.51 157.96 -105.02
CA GLN Q 98 118.79 159.30 -104.52
C GLN Q 98 119.63 160.12 -105.52
N ARG Q 99 120.69 159.56 -106.11
CA ARG Q 99 121.47 160.25 -107.15
C ARG Q 99 120.73 160.36 -108.47
N ALA Q 100 119.74 159.53 -108.81
CA ALA Q 100 118.84 159.82 -109.92
C ALA Q 100 118.01 161.07 -109.63
N ALA Q 101 117.56 161.22 -108.38
CA ALA Q 101 116.94 162.43 -107.90
C ALA Q 101 117.88 163.66 -107.95
N GLU Q 102 119.09 163.56 -107.40
CA GLU Q 102 120.04 164.67 -107.42
C GLU Q 102 120.52 165.03 -108.84
N LYS Q 103 120.78 164.06 -109.71
CA LYS Q 103 120.96 164.31 -111.16
C LYS Q 103 119.79 165.04 -111.74
N SER Q 104 118.56 164.61 -111.44
CA SER Q 104 117.36 165.25 -111.98
C SER Q 104 117.29 166.70 -111.52
N SER Q 105 117.66 167.01 -110.28
CA SER Q 105 117.75 168.40 -109.82
C SER Q 105 118.84 169.22 -110.54
N LYS Q 106 119.96 168.59 -110.93
CA LYS Q 106 121.09 169.25 -111.61
C LYS Q 106 120.96 169.30 -113.15
N HIS Q 107 120.10 168.47 -113.74
CA HIS Q 107 119.58 168.62 -115.10
C HIS Q 107 118.39 169.62 -115.14
N GLY Q 108 117.48 169.62 -114.15
CA GLY Q 108 116.42 170.64 -114.00
C GLY Q 108 115.30 170.33 -112.97
N ALA Q 109 114.77 169.10 -112.96
CA ALA Q 109 113.67 168.68 -112.09
C ALA Q 109 114.09 168.48 -110.62
N GLU Q 110 113.99 169.52 -109.80
CA GLU Q 110 114.22 169.44 -108.34
C GLU Q 110 113.16 168.60 -107.62
N ASP Q 111 111.93 168.57 -108.14
CA ASP Q 111 110.78 167.89 -107.52
C ASP Q 111 111.02 166.39 -107.31
N ARG Q 112 111.83 165.78 -108.19
CA ARG Q 112 112.33 164.40 -108.07
C ARG Q 112 113.03 164.16 -106.72
N THR Q 113 113.76 165.14 -106.21
CA THR Q 113 114.41 165.06 -104.90
C THR Q 113 113.39 164.89 -103.77
N GLN Q 114 112.35 165.72 -103.75
CA GLN Q 114 111.24 165.56 -102.80
C GLN Q 114 110.51 164.23 -102.99
N ASN Q 115 110.32 163.79 -104.23
CA ASN Q 115 109.81 162.46 -104.53
C ASN Q 115 110.68 161.37 -103.88
N ILE Q 116 112.01 161.40 -103.99
CA ILE Q 116 112.84 160.33 -103.45
C ILE Q 116 113.10 160.47 -101.95
N ILE Q 117 112.98 161.69 -101.40
CA ILE Q 117 112.73 161.86 -99.97
C ILE Q 117 111.44 161.14 -99.56
N MET Q 118 110.37 161.26 -100.34
CA MET Q 118 109.15 160.50 -100.12
C MET Q 118 109.34 159.01 -100.38
N VAL Q 119 110.21 158.57 -101.30
CA VAL Q 119 110.61 157.16 -101.40
C VAL Q 119 111.30 156.71 -100.13
N LEU Q 120 112.21 157.51 -99.56
CA LEU Q 120 112.88 157.22 -98.30
C LEU Q 120 111.85 157.09 -97.18
N LYS Q 121 110.92 158.04 -97.05
CA LYS Q 121 109.80 157.96 -96.12
C LYS Q 121 108.98 156.68 -96.35
N ASP Q 122 108.52 156.46 -97.56
CA ASP Q 122 107.66 155.33 -97.92
C ASP Q 122 108.36 154.00 -97.70
N ARG Q 123 109.64 153.88 -98.04
CA ARG Q 123 110.49 152.72 -97.72
C ARG Q 123 110.47 152.43 -96.24
N MET Q 124 110.71 153.43 -95.39
CA MET Q 124 110.71 153.27 -93.92
C MET Q 124 109.30 152.97 -93.38
N LYS Q 125 108.22 153.59 -93.90
CA LYS Q 125 106.83 153.27 -93.54
C LYS Q 125 106.46 151.83 -93.92
N ILE Q 126 106.76 151.42 -95.15
CA ILE Q 126 106.54 150.06 -95.65
C ILE Q 126 107.34 149.09 -94.79
N ARG Q 127 108.63 149.34 -94.58
CA ARG Q 127 109.52 148.54 -93.73
C ARG Q 127 108.94 148.30 -92.34
N GLU Q 128 108.50 149.36 -91.69
CA GLU Q 128 107.79 149.33 -90.42
C GLU Q 128 106.50 148.54 -90.47
N ARG Q 129 105.66 148.80 -91.47
CA ARG Q 129 104.33 148.22 -91.59
C ARG Q 129 104.39 146.74 -91.98
N ASN Q 130 105.42 146.35 -92.73
CA ASN Q 130 105.60 145.01 -93.28
C ASN Q 130 106.47 144.15 -92.39
N LYS Q 131 107.49 144.73 -91.76
CA LYS Q 131 108.34 144.06 -90.79
C LYS Q 131 108.35 144.73 -89.42
N PRO Q 132 107.19 145.07 -88.83
CA PRO Q 132 107.14 145.67 -87.50
C PRO Q 132 107.86 144.80 -86.48
N GLU Q 133 107.82 143.48 -86.67
CA GLU Q 133 108.48 142.52 -85.81
C GLU Q 133 109.99 142.69 -85.76
N ILE Q 134 110.64 143.26 -86.79
CA ILE Q 134 112.05 143.61 -86.67
C ILE Q 134 112.23 144.64 -85.55
N PHE Q 135 111.44 145.70 -85.57
CA PHE Q 135 111.62 146.85 -84.69
C PHE Q 135 111.15 146.56 -83.26
N GLU Q 136 110.06 145.82 -83.13
CA GLU Q 136 109.63 145.22 -81.88
C GLU Q 136 110.69 144.30 -81.30
N LEU Q 137 111.28 143.41 -82.11
CA LEU Q 137 112.28 142.50 -81.56
C LEU Q 137 113.51 143.26 -81.07
N ILE Q 138 113.97 144.28 -81.80
CA ILE Q 138 115.05 145.16 -81.34
C ILE Q 138 114.65 145.84 -80.02
N GLN Q 139 113.42 146.36 -79.93
CA GLN Q 139 112.87 146.86 -78.69
C GLN Q 139 112.90 145.81 -77.56
N GLU Q 140 112.43 144.59 -77.75
CA GLU Q 140 112.39 143.58 -76.70
C GLU Q 140 113.79 143.06 -76.33
N VAL Q 141 114.66 142.81 -77.31
CA VAL Q 141 116.04 142.35 -77.15
C VAL Q 141 116.86 143.36 -76.36
N PHE Q 142 116.67 144.63 -76.69
CA PHE Q 142 117.23 145.74 -75.94
C PHE Q 142 116.34 146.21 -74.80
N ALA Q 143 115.27 145.47 -74.51
CA ALA Q 143 114.32 145.64 -73.42
C ALA Q 143 113.69 147.03 -73.30
N VAL Q 144 113.68 147.81 -74.38
CA VAL Q 144 113.13 149.17 -74.41
C VAL Q 144 111.59 149.11 -74.35
N THR Q 145 110.89 150.15 -73.92
CA THR Q 145 109.41 150.16 -73.94
C THR Q 145 108.87 150.49 -75.32
N LYS Q 146 107.59 150.22 -75.60
CA LYS Q 146 106.97 150.50 -76.91
C LYS Q 146 106.87 152.01 -77.21
N SER Q 147 106.51 152.82 -76.22
CA SER Q 147 106.49 154.28 -76.33
C SER Q 147 107.89 154.84 -76.50
N ALA Q 148 108.85 154.47 -75.65
CA ALA Q 148 110.24 154.95 -75.78
C ALA Q 148 110.89 154.44 -77.07
N HIS Q 149 110.58 153.22 -77.48
CA HIS Q 149 110.91 152.72 -78.80
C HIS Q 149 110.31 153.60 -79.89
N THR Q 150 109.05 154.01 -79.79
CA THR Q 150 108.45 154.96 -80.74
C THR Q 150 109.18 156.29 -80.76
N GLN Q 151 109.68 156.78 -79.62
CA GLN Q 151 110.40 158.06 -79.58
C GLN Q 151 111.87 157.94 -80.05
N GLN Q 152 112.60 156.87 -79.75
CA GLN Q 152 113.90 156.60 -80.39
C GLN Q 152 113.75 156.23 -81.86
N MET Q 153 112.62 155.66 -82.24
CA MET Q 153 112.29 155.42 -83.63
C MET Q 153 112.01 156.74 -84.34
N LYS Q 154 111.28 157.69 -83.75
CA LYS Q 154 111.25 159.08 -84.23
C LYS Q 154 112.68 159.60 -84.40
N ALA Q 155 113.57 159.36 -83.43
CA ALA Q 155 114.95 159.78 -83.57
C ALA Q 155 115.69 159.13 -84.77
N VAL Q 156 115.66 157.80 -84.96
CA VAL Q 156 116.38 157.18 -86.09
C VAL Q 156 115.65 157.32 -87.43
N LYS Q 157 114.31 157.43 -87.43
CA LYS Q 157 113.54 157.90 -88.58
C LYS Q 157 114.09 159.25 -88.94
N GLN Q 158 114.09 160.20 -88.01
CA GLN Q 158 114.62 161.53 -88.26
C GLN Q 158 116.09 161.47 -88.68
N SER Q 159 116.92 160.57 -88.14
CA SER Q 159 118.31 160.43 -88.58
C SER Q 159 118.47 159.90 -90.02
N VAL Q 160 117.38 159.45 -90.67
CA VAL Q 160 117.35 159.14 -92.11
C VAL Q 160 116.22 159.89 -92.87
N LEU Q 161 115.38 160.68 -92.19
CA LEU Q 161 114.18 161.35 -92.73
C LEU Q 161 114.16 162.85 -92.51
N ASP Q 162 114.67 163.35 -91.39
CA ASP Q 162 115.25 164.70 -91.38
C ASP Q 162 116.57 164.63 -92.15
N GLY Q 163 117.44 163.68 -91.78
CA GLY Q 163 118.69 163.30 -92.46
C GLY Q 163 118.51 162.58 -93.80
N THR Q 164 117.43 162.88 -94.53
CA THR Q 164 117.10 162.26 -95.82
C THR Q 164 117.91 162.78 -97.01
N SER Q 165 118.53 163.96 -96.90
CA SER Q 165 119.21 164.66 -98.01
C SER Q 165 120.04 165.86 -97.53
N LYS Q 166 120.63 165.80 -96.33
CA LYS Q 166 121.11 166.98 -95.59
C LYS Q 166 122.63 167.19 -95.70
N TRP Q 167 123.01 168.45 -95.91
CA TRP Q 167 124.35 168.99 -95.66
C TRP Q 167 124.21 170.30 -94.87
N SER Q 168 123.38 170.26 -93.82
CA SER Q 168 123.07 171.37 -92.92
C SER Q 168 124.09 171.46 -91.78
N ALA Q 169 125.35 171.63 -92.14
CA ALA Q 169 126.49 171.57 -91.24
C ALA Q 169 126.49 172.69 -90.19
N LYS Q 170 126.46 172.30 -88.92
CA LYS Q 170 127.08 173.14 -87.89
C LYS Q 170 128.59 173.11 -88.13
N ILE Q 171 129.25 174.24 -87.93
CA ILE Q 171 130.68 174.45 -88.08
C ILE Q 171 131.18 175.11 -86.80
N SER Q 172 132.35 174.74 -86.29
CA SER Q 172 132.89 175.22 -85.02
C SER Q 172 134.35 175.57 -85.20
N ILE Q 173 134.59 176.84 -85.52
CA ILE Q 173 135.86 177.40 -85.96
C ILE Q 173 136.61 177.92 -84.75
N THR Q 174 137.56 177.17 -84.24
CA THR Q 174 138.55 177.71 -83.31
C THR Q 174 139.65 178.41 -84.06
N VAL Q 175 139.65 179.74 -84.00
CA VAL Q 175 140.84 180.51 -84.33
C VAL Q 175 141.92 180.21 -83.29
N VAL Q 176 142.95 179.47 -83.68
CA VAL Q 176 143.97 179.01 -82.72
C VAL Q 176 145.05 180.04 -82.52
N CYS Q 177 145.81 180.40 -83.55
CA CYS Q 177 146.99 181.25 -83.42
C CYS Q 177 147.36 181.82 -84.79
N ALA Q 178 148.29 182.77 -84.83
CA ALA Q 178 148.93 183.21 -86.05
C ALA Q 178 150.45 183.34 -85.84
N GLN Q 179 151.19 183.40 -86.94
CA GLN Q 179 152.65 183.51 -86.99
C GLN Q 179 153.06 184.48 -88.11
N GLY Q 180 154.05 185.34 -87.86
CA GLY Q 180 154.62 186.23 -88.88
C GLY Q 180 153.72 187.37 -89.36
N LEU Q 181 152.73 187.80 -88.56
CA LEU Q 181 151.80 188.88 -88.93
C LEU Q 181 152.53 190.20 -89.25
N GLN Q 182 151.91 191.03 -90.08
CA GLN Q 182 152.41 192.38 -90.34
C GLN Q 182 152.19 193.27 -89.11
N ALA Q 183 153.14 194.14 -88.79
CA ALA Q 183 152.95 195.16 -87.76
C ALA Q 183 152.06 196.31 -88.27
N LYS Q 184 151.17 196.82 -87.39
CA LYS Q 184 150.27 197.96 -87.63
C LYS Q 184 149.97 198.80 -86.37
N ASP Q 185 150.49 198.44 -85.20
CA ASP Q 185 149.91 198.87 -83.92
C ASP Q 185 150.16 200.32 -83.51
N LYS Q 186 149.35 200.75 -82.55
CA LYS Q 186 149.66 201.77 -81.56
C LYS Q 186 150.92 201.40 -80.72
N THR Q 187 151.12 200.11 -80.39
CA THR Q 187 152.36 199.58 -79.72
C THR Q 187 153.61 199.47 -80.63
N GLY Q 188 153.48 199.65 -81.94
CA GLY Q 188 154.50 199.29 -82.93
C GLY Q 188 154.57 197.80 -83.33
N SER Q 189 153.84 196.90 -82.66
CA SER Q 189 153.72 195.48 -83.04
C SER Q 189 152.40 195.28 -83.82
N SER Q 190 151.48 194.47 -83.33
CA SER Q 190 150.03 194.59 -83.55
C SER Q 190 149.26 194.11 -82.33
N ASP Q 191 148.00 194.56 -82.23
CA ASP Q 191 146.98 194.00 -81.36
C ASP Q 191 146.04 193.10 -82.20
N PRO Q 192 146.53 191.97 -82.76
CA PRO Q 192 145.73 191.14 -83.61
C PRO Q 192 144.52 190.52 -82.88
N TYR Q 193 143.34 190.71 -83.45
CA TYR Q 193 142.19 189.82 -83.32
C TYR Q 193 141.78 189.30 -84.69
N VAL Q 194 140.75 188.48 -84.74
CA VAL Q 194 140.24 187.85 -85.95
C VAL Q 194 138.73 187.99 -86.02
N THR Q 195 138.16 188.27 -87.18
CA THR Q 195 136.77 187.96 -87.46
C THR Q 195 136.68 186.68 -88.26
N VAL Q 196 135.66 185.88 -87.98
CA VAL Q 196 135.25 184.76 -88.81
C VAL Q 196 133.86 185.07 -89.36
N GLN Q 197 133.61 184.69 -90.61
CA GLN Q 197 132.31 184.82 -91.26
C GLN Q 197 131.98 183.56 -92.07
N VAL Q 198 130.73 183.09 -91.99
CA VAL Q 198 130.20 181.99 -92.80
C VAL Q 198 128.80 182.38 -93.28
N GLY Q 199 128.54 182.31 -94.58
CA GLY Q 199 127.37 183.01 -95.15
C GLY Q 199 127.41 184.51 -94.85
N LYS Q 200 126.26 185.10 -94.47
CA LYS Q 200 126.17 186.50 -94.00
C LYS Q 200 126.70 186.67 -92.56
N THR Q 201 126.65 185.63 -91.73
CA THR Q 201 126.93 185.68 -90.28
C THR Q 201 128.41 185.94 -89.99
N LYS Q 202 128.71 186.86 -89.07
CA LYS Q 202 130.06 187.33 -88.72
C LYS Q 202 130.25 187.40 -87.20
N LYS Q 203 131.43 186.96 -86.71
CA LYS Q 203 131.83 186.88 -85.30
C LYS Q 203 133.31 187.26 -85.15
N ARG Q 204 133.80 187.53 -83.95
CA ARG Q 204 135.22 187.85 -83.71
C ARG Q 204 135.85 187.20 -82.48
N THR Q 205 137.15 186.92 -82.57
CA THR Q 205 138.01 186.70 -81.42
C THR Q 205 138.17 188.00 -80.63
N LYS Q 206 138.43 187.86 -79.34
CA LYS Q 206 139.10 188.92 -78.58
C LYS Q 206 140.52 189.12 -79.12
N THR Q 207 141.18 190.11 -78.57
CA THR Q 207 142.41 190.65 -79.11
C THR Q 207 143.59 190.14 -78.33
N ILE Q 208 144.62 189.66 -79.02
CA ILE Q 208 145.94 189.53 -78.43
C ILE Q 208 146.65 190.85 -78.70
N TYR Q 209 147.32 191.40 -77.68
CA TYR Q 209 147.87 192.75 -77.72
C TYR Q 209 149.39 192.72 -77.88
N GLY Q 210 149.96 193.60 -78.70
CA GLY Q 210 151.40 193.75 -78.89
C GLY Q 210 152.15 192.56 -79.51
N ASN Q 211 151.48 191.64 -80.21
CA ASN Q 211 152.03 190.36 -80.68
C ASN Q 211 151.86 190.18 -82.21
N LEU Q 212 152.88 189.66 -82.90
CA LEU Q 212 152.81 189.23 -84.30
C LEU Q 212 152.72 187.71 -84.49
N ASN Q 213 152.85 186.95 -83.40
CA ASN Q 213 152.65 185.50 -83.33
C ASN Q 213 151.56 185.15 -82.27
N PRO Q 214 150.35 185.74 -82.34
CA PRO Q 214 149.32 185.62 -81.30
C PRO Q 214 148.77 184.20 -81.15
N VAL Q 215 148.33 183.81 -79.96
CA VAL Q 215 147.50 182.62 -79.74
C VAL Q 215 146.14 183.05 -79.17
N TRP Q 216 145.05 182.78 -79.87
CA TRP Q 216 143.68 183.01 -79.39
C TRP Q 216 143.07 181.75 -78.79
N GLU Q 217 143.07 180.62 -79.51
CA GLU Q 217 142.29 179.41 -79.19
C GLU Q 217 140.79 179.70 -78.99
N GLU Q 218 140.19 180.59 -79.78
CA GLU Q 218 138.82 181.09 -79.61
C GLU Q 218 137.86 180.52 -80.66
N ASN Q 219 136.76 179.93 -80.20
CA ASN Q 219 135.83 179.17 -81.04
C ASN Q 219 134.55 179.92 -81.41
N PHE Q 220 134.20 179.84 -82.69
CA PHE Q 220 132.98 180.38 -83.26
C PHE Q 220 132.15 179.27 -83.88
N HIS Q 221 130.95 179.10 -83.37
CA HIS Q 221 129.96 178.27 -84.03
C HIS Q 221 129.29 179.03 -85.18
N PHE Q 222 129.02 178.32 -86.26
CA PHE Q 222 128.33 178.79 -87.45
C PHE Q 222 127.44 177.69 -88.02
N GLU Q 223 126.49 178.10 -88.87
CA GLU Q 223 125.67 177.20 -89.66
C GLU Q 223 125.95 177.42 -91.14
N CYS Q 224 126.17 176.32 -91.85
CA CYS Q 224 126.29 176.28 -93.29
C CYS Q 224 125.27 175.26 -93.83
N HIS Q 225 124.71 175.56 -95.01
CA HIS Q 225 123.67 174.76 -95.64
C HIS Q 225 124.04 174.35 -97.07
N ASN Q 226 125.32 174.50 -97.44
CA ASN Q 226 125.84 174.37 -98.80
C ASN Q 226 127.34 174.06 -98.78
N SER Q 227 127.73 172.88 -99.27
CA SER Q 227 129.15 172.50 -99.39
C SER Q 227 129.97 173.44 -100.30
N SER Q 228 129.32 174.19 -101.20
CA SER Q 228 129.95 175.23 -102.01
C SER Q 228 130.03 176.60 -101.32
N ASP Q 229 129.63 176.77 -100.06
CA ASP Q 229 129.91 178.00 -99.30
C ASP Q 229 131.42 178.20 -99.06
N ARG Q 230 131.79 179.40 -98.60
CA ARG Q 230 133.12 179.66 -98.05
C ARG Q 230 133.02 180.13 -96.60
N ILE Q 231 133.97 179.66 -95.79
CA ILE Q 231 134.40 180.38 -94.59
C ILE Q 231 135.30 181.55 -95.04
N LYS Q 232 135.14 182.72 -94.41
CA LYS Q 232 136.09 183.84 -94.49
C LYS Q 232 136.69 184.10 -93.11
N VAL Q 233 138.01 184.18 -93.02
CA VAL Q 233 138.73 184.46 -91.75
C VAL Q 233 139.66 185.63 -91.95
N ARG Q 234 139.57 186.66 -91.12
CA ARG Q 234 140.26 187.95 -91.33
C ARG Q 234 140.88 188.44 -90.04
N VAL Q 235 142.12 188.90 -90.08
CA VAL Q 235 142.91 189.30 -88.91
C VAL Q 235 142.99 190.82 -88.90
N TRP Q 236 142.81 191.43 -87.73
CA TRP Q 236 142.67 192.87 -87.56
C TRP Q 236 143.51 193.34 -86.38
N ASP Q 237 144.26 194.40 -86.55
CA ASP Q 237 144.91 195.08 -85.46
C ASP Q 237 143.90 195.97 -84.71
N GLU Q 238 143.62 195.69 -83.44
CA GLU Q 238 142.58 196.41 -82.74
C GLU Q 238 142.94 197.88 -82.46
N ASP Q 239 142.50 198.79 -83.32
CA ASP Q 239 142.64 200.23 -83.12
C ASP Q 239 141.43 200.77 -82.36
N ASP Q 240 141.63 201.17 -81.10
CA ASP Q 240 140.66 201.97 -80.35
C ASP Q 240 141.28 203.34 -80.05
N ASP Q 241 141.14 204.25 -81.01
CA ASP Q 241 141.72 205.60 -80.99
C ASP Q 241 140.86 206.57 -81.82
N ILE Q 242 141.15 207.88 -81.77
CA ILE Q 242 140.38 208.89 -82.52
C ILE Q 242 140.36 208.56 -84.03
N LYS Q 243 141.47 208.05 -84.57
CA LYS Q 243 141.53 207.56 -85.96
C LYS Q 243 140.52 206.45 -86.23
N SER Q 244 140.41 205.41 -85.40
CA SER Q 244 139.41 204.36 -85.63
C SER Q 244 137.98 204.87 -85.45
N ARG Q 245 137.71 205.75 -84.47
CA ARG Q 245 136.41 206.42 -84.31
C ARG Q 245 136.02 207.27 -85.52
N VAL Q 246 136.99 207.89 -86.20
CA VAL Q 246 136.78 208.56 -87.50
C VAL Q 246 136.57 207.54 -88.63
N LYS Q 247 137.45 206.54 -88.77
CA LYS Q 247 137.38 205.49 -89.81
C LYS Q 247 136.04 204.76 -89.80
N GLN Q 248 135.44 204.52 -88.64
CA GLN Q 248 134.12 203.89 -88.49
C GLN Q 248 132.97 204.60 -89.24
N ARG Q 249 133.17 205.87 -89.64
CA ARG Q 249 132.22 206.68 -90.41
C ARG Q 249 132.34 206.49 -91.93
N PHE Q 250 133.37 205.76 -92.40
CA PHE Q 250 133.75 205.62 -93.82
C PHE Q 250 134.14 204.19 -94.27
N LYS Q 251 134.71 203.35 -93.39
CA LYS Q 251 135.06 201.92 -93.63
C LYS Q 251 134.52 201.02 -92.51
N ARG Q 252 134.01 199.84 -92.87
CA ARG Q 252 133.47 198.82 -91.92
C ARG Q 252 134.52 198.18 -91.01
N GLU Q 253 135.79 198.20 -91.39
CA GLU Q 253 136.86 197.41 -90.76
C GLU Q 253 137.87 198.31 -90.04
N SER Q 254 137.42 198.91 -88.94
CA SER Q 254 138.10 200.00 -88.20
C SER Q 254 139.40 199.62 -87.47
N ASP Q 255 139.99 198.48 -87.78
CA ASP Q 255 140.97 197.77 -86.96
C ASP Q 255 142.03 197.19 -87.91
N ASP Q 256 143.15 197.88 -88.08
CA ASP Q 256 143.98 197.80 -89.29
C ASP Q 256 144.32 196.35 -89.68
N PHE Q 257 143.83 195.98 -90.86
CA PHE Q 257 143.78 194.60 -91.30
C PHE Q 257 145.17 194.00 -91.51
N LEU Q 258 145.34 192.80 -90.95
CA LEU Q 258 146.58 192.04 -90.86
C LEU Q 258 146.65 190.86 -91.83
N GLY Q 259 145.53 190.51 -92.48
CA GLY Q 259 145.45 189.50 -93.52
C GLY Q 259 144.25 188.55 -93.39
N GLN Q 260 143.93 187.79 -94.43
CA GLN Q 260 142.80 186.84 -94.43
C GLN Q 260 143.13 185.48 -95.03
N THR Q 261 142.30 184.48 -94.74
CA THR Q 261 142.20 183.23 -95.50
C THR Q 261 140.73 182.93 -95.81
N ILE Q 262 140.47 182.29 -96.95
CA ILE Q 262 139.12 181.92 -97.40
C ILE Q 262 139.13 180.44 -97.79
N ILE Q 263 138.16 179.67 -97.30
CA ILE Q 263 138.21 178.20 -97.30
C ILE Q 263 136.87 177.64 -97.81
N GLU Q 264 136.88 176.77 -98.83
CA GLU Q 264 135.66 176.13 -99.32
C GLU Q 264 135.10 175.13 -98.33
N VAL Q 265 133.79 175.15 -98.10
CA VAL Q 265 133.17 174.23 -97.15
C VAL Q 265 133.37 172.75 -97.55
N ARG Q 266 133.45 172.41 -98.84
CA ARG Q 266 133.78 171.03 -99.26
C ARG Q 266 135.22 170.57 -99.00
N THR Q 267 136.16 171.47 -98.70
CA THR Q 267 137.47 171.03 -98.17
C THR Q 267 137.37 170.58 -96.71
N LEU Q 268 136.31 170.96 -96.01
CA LEU Q 268 136.06 170.60 -94.64
C LEU Q 268 135.42 169.22 -94.50
N SER Q 269 135.67 168.59 -93.36
CA SER Q 269 135.00 167.38 -92.88
C SER Q 269 135.20 167.30 -91.36
N GLY Q 270 134.37 166.53 -90.66
CA GLY Q 270 134.61 166.06 -89.29
C GLY Q 270 135.22 167.09 -88.34
N GLU Q 271 136.52 166.99 -88.11
CA GLU Q 271 137.34 167.95 -87.37
C GLU Q 271 138.67 168.21 -88.08
N MET Q 272 139.16 169.45 -88.04
CA MET Q 272 140.40 169.91 -88.69
C MET Q 272 141.23 170.79 -87.75
N ASP Q 273 142.53 170.89 -88.01
CA ASP Q 273 143.47 171.79 -87.33
C ASP Q 273 144.65 172.13 -88.26
N VAL Q 274 144.56 173.27 -88.94
CA VAL Q 274 145.33 173.62 -90.14
C VAL Q 274 145.82 175.06 -90.04
N TRP Q 275 147.01 175.39 -90.53
CA TRP Q 275 147.41 176.79 -90.72
C TRP Q 275 147.59 177.22 -92.17
N TYR Q 276 147.05 178.41 -92.44
CA TYR Q 276 146.81 179.03 -93.74
C TYR Q 276 147.61 180.32 -93.85
N ASN Q 277 148.40 180.52 -94.90
CA ASN Q 277 149.03 181.82 -95.15
C ASN Q 277 147.96 182.90 -95.41
N LEU Q 278 148.27 184.14 -95.01
CA LEU Q 278 147.35 185.28 -95.06
C LEU Q 278 147.47 186.13 -96.33
N ASP Q 279 146.34 186.71 -96.73
CA ASP Q 279 146.09 187.45 -97.97
C ASP Q 279 145.53 188.86 -97.73
N LYS Q 280 145.67 189.77 -98.70
CA LYS Q 280 145.13 191.15 -98.66
C LYS Q 280 143.59 191.20 -98.82
N ARG Q 281 142.99 192.36 -98.49
CA ARG Q 281 141.57 192.68 -98.75
C ARG Q 281 141.35 194.17 -99.03
N THR Q 282 141.41 194.98 -97.98
CA THR Q 282 141.09 196.41 -97.98
C THR Q 282 142.17 197.27 -98.63
N ASP Q 283 141.83 198.53 -98.91
CA ASP Q 283 142.80 199.55 -99.35
C ASP Q 283 143.93 199.82 -98.33
N LYS Q 284 143.69 199.52 -97.05
CA LYS Q 284 144.64 199.65 -95.92
C LYS Q 284 145.59 198.44 -95.73
N SER Q 285 145.46 197.39 -96.56
CA SER Q 285 146.16 196.10 -96.36
C SER Q 285 147.68 196.18 -96.56
N ALA Q 286 148.44 195.79 -95.54
CA ALA Q 286 149.80 195.24 -95.70
C ALA Q 286 149.80 193.94 -94.87
N VAL Q 287 150.24 192.83 -95.47
CA VAL Q 287 149.93 191.47 -94.98
C VAL Q 287 151.17 190.58 -95.03
N SER Q 288 151.32 189.72 -94.03
CA SER Q 288 152.37 188.68 -93.98
C SER Q 288 151.95 187.56 -93.01
N GLY Q 289 152.63 186.41 -93.10
CA GLY Q 289 152.44 185.31 -92.15
C GLY Q 289 151.23 184.42 -92.41
N ALA Q 290 150.80 183.71 -91.37
CA ALA Q 290 149.78 182.66 -91.44
C ALA Q 290 148.90 182.58 -90.18
N ILE Q 291 147.70 182.02 -90.32
CA ILE Q 291 146.73 181.75 -89.23
C ILE Q 291 146.41 180.26 -89.12
N ARG Q 292 146.52 179.70 -87.92
CA ARG Q 292 146.06 178.36 -87.56
C ARG Q 292 144.61 178.39 -87.11
N LEU Q 293 143.80 177.57 -87.75
CA LEU Q 293 142.40 177.35 -87.46
C LEU Q 293 142.18 175.87 -87.15
N HIS Q 294 141.65 175.60 -85.98
CA HIS Q 294 140.88 174.39 -85.78
C HIS Q 294 139.45 174.65 -86.30
N ILE Q 295 138.88 173.68 -87.01
CA ILE Q 295 137.56 173.80 -87.65
C ILE Q 295 136.86 172.45 -87.53
N SER Q 296 135.85 172.36 -86.68
CA SER Q 296 134.94 171.20 -86.66
C SER Q 296 133.72 171.45 -87.55
N VAL Q 297 133.18 170.38 -88.14
CA VAL Q 297 132.05 170.38 -89.06
C VAL Q 297 131.15 169.18 -88.78
N GLU Q 298 129.99 169.46 -88.22
CA GLU Q 298 129.10 168.44 -87.66
C GLU Q 298 128.15 167.82 -88.70
N ILE Q 299 128.63 167.66 -89.92
CA ILE Q 299 128.18 166.59 -90.82
C ILE Q 299 128.62 165.22 -90.25
N LYS Q 300 129.65 165.24 -89.41
CA LYS Q 300 130.03 164.22 -88.42
C LYS Q 300 128.81 163.67 -87.67
N GLY Q 301 128.71 162.35 -87.56
CA GLY Q 301 127.62 161.64 -86.90
C GLY Q 301 128.12 160.68 -85.83
N GLU Q 302 127.65 159.43 -85.85
CA GLU Q 302 128.19 158.32 -85.04
C GLU Q 302 129.59 157.91 -85.54
N GLU Q 303 130.58 158.75 -85.26
CA GLU Q 303 131.98 158.33 -85.34
C GLU Q 303 132.38 157.51 -84.12
N LYS Q 304 131.58 157.57 -83.04
CA LYS Q 304 131.73 156.85 -81.76
C LYS Q 304 131.58 155.32 -81.85
N VAL Q 305 131.74 154.74 -83.03
CA VAL Q 305 131.51 153.31 -83.27
C VAL Q 305 132.37 152.51 -82.31
N ALA Q 306 131.78 151.59 -81.56
CA ALA Q 306 132.61 150.46 -81.19
C ALA Q 306 132.90 149.77 -82.54
N PRO Q 307 134.14 149.26 -82.78
CA PRO Q 307 134.48 148.64 -84.06
C PRO Q 307 133.40 147.63 -84.36
N TYR Q 308 132.83 147.67 -85.55
CA TYR Q 308 131.45 147.23 -85.67
C TYR Q 308 131.21 145.76 -85.37
N HIS Q 309 132.27 144.97 -85.41
CA HIS Q 309 132.53 143.76 -84.65
C HIS Q 309 131.86 143.73 -83.27
N VAL Q 310 132.32 144.59 -82.37
CA VAL Q 310 131.86 144.71 -80.99
C VAL Q 310 130.40 145.11 -80.92
N GLN Q 311 129.98 146.03 -81.78
CA GLN Q 311 128.57 146.41 -81.84
C GLN Q 311 127.68 145.24 -82.26
N TYR Q 312 128.14 144.48 -83.24
CA TYR Q 312 127.50 143.25 -83.69
C TYR Q 312 127.49 142.21 -82.58
N THR Q 313 128.57 142.08 -81.82
CA THR Q 313 128.63 141.13 -80.70
C THR Q 313 127.60 141.46 -79.64
N CYS Q 314 127.53 142.73 -79.23
CA CYS Q 314 126.53 143.21 -78.29
C CYS Q 314 125.13 142.89 -78.78
N LEU Q 315 124.85 143.24 -80.03
CA LEU Q 315 123.60 142.88 -80.68
C LEU Q 315 123.33 141.38 -80.56
N HIS Q 316 124.30 140.57 -80.98
CA HIS Q 316 124.19 139.12 -81.04
C HIS Q 316 123.99 138.49 -79.66
N GLU Q 317 124.70 138.92 -78.64
CA GLU Q 317 124.57 138.39 -77.29
C GLU Q 317 123.21 138.71 -76.69
N ASN Q 318 122.79 139.96 -76.85
CA ASN Q 318 121.47 140.38 -76.43
C ASN Q 318 120.41 139.58 -77.16
N LEU Q 319 120.55 139.45 -78.47
CA LEU Q 319 119.59 138.69 -79.24
C LEU Q 319 119.60 137.22 -78.79
N PHE Q 320 120.77 136.61 -78.61
CA PHE Q 320 120.89 135.22 -78.20
C PHE Q 320 120.26 134.94 -76.85
N HIS Q 321 120.57 135.73 -75.83
CA HIS Q 321 119.92 135.57 -74.54
C HIS Q 321 118.40 135.77 -74.73
N PHE Q 322 118.00 136.75 -75.54
CA PHE Q 322 116.59 137.05 -75.69
C PHE Q 322 115.86 135.86 -76.31
N VAL Q 323 116.42 135.29 -77.36
CA VAL Q 323 115.84 134.13 -78.02
C VAL Q 323 115.86 132.94 -77.06
N THR Q 324 117.04 132.51 -76.64
CA THR Q 324 117.15 131.28 -75.86
C THR Q 324 116.43 131.43 -74.54
N ASP Q 325 116.76 132.46 -73.79
CA ASP Q 325 116.24 132.67 -72.46
C ASP Q 325 114.87 133.31 -72.51
N VAL Q 326 114.71 134.46 -73.13
CA VAL Q 326 113.44 135.19 -72.96
C VAL Q 326 112.31 134.53 -73.74
N GLN Q 327 112.51 134.24 -75.01
CA GLN Q 327 111.48 133.62 -75.83
C GLN Q 327 111.36 132.13 -75.50
N ASN Q 328 112.49 131.44 -75.35
CA ASN Q 328 112.54 129.99 -75.27
C ASN Q 328 112.87 129.46 -73.87
N ASN Q 329 112.83 130.32 -72.86
CA ASN Q 329 112.90 129.92 -71.45
C ASN Q 329 114.16 129.11 -71.15
N GLY Q 330 115.25 129.49 -71.78
CA GLY Q 330 116.58 128.89 -71.71
C GLY Q 330 116.79 127.77 -72.73
N VAL Q 331 115.73 127.22 -73.31
CA VAL Q 331 115.85 126.22 -74.37
C VAL Q 331 116.49 126.91 -75.56
N VAL Q 332 117.50 126.27 -76.12
CA VAL Q 332 118.06 126.73 -77.38
C VAL Q 332 117.15 126.26 -78.52
N LYS Q 333 116.31 127.15 -79.06
CA LYS Q 333 115.71 126.95 -80.39
C LYS Q 333 116.84 126.96 -81.42
N ILE Q 334 117.07 125.84 -82.10
CA ILE Q 334 118.04 125.76 -83.20
C ILE Q 334 117.44 126.55 -84.40
N PRO Q 335 118.19 127.46 -85.07
CA PRO Q 335 117.65 128.53 -85.92
C PRO Q 335 116.71 128.13 -87.05
N ASP Q 336 116.06 129.12 -87.69
CA ASP Q 336 115.57 128.95 -89.07
C ASP Q 336 116.77 128.99 -90.03
N ALA Q 337 117.65 128.01 -89.87
CA ALA Q 337 118.95 127.86 -90.49
C ALA Q 337 118.91 127.07 -91.81
N LYS Q 338 119.91 127.29 -92.69
CA LYS Q 338 119.98 126.67 -94.02
C LYS Q 338 121.37 126.08 -94.27
N GLY Q 339 121.42 124.82 -94.72
CA GLY Q 339 122.66 124.05 -94.97
C GLY Q 339 123.52 123.81 -93.74
N ASP Q 340 124.75 123.33 -93.96
CA ASP Q 340 125.84 123.34 -92.96
C ASP Q 340 126.10 124.79 -92.46
N ASP Q 341 125.89 125.72 -93.39
CA ASP Q 341 125.72 127.17 -93.22
C ASP Q 341 124.59 127.60 -92.25
N ALA Q 342 123.97 126.64 -91.56
CA ALA Q 342 123.38 126.86 -90.25
C ALA Q 342 124.38 127.57 -89.33
N TRP Q 343 125.66 127.26 -89.50
CA TRP Q 343 126.76 127.95 -88.84
C TRP Q 343 126.83 129.47 -89.13
N LYS Q 344 126.15 129.95 -90.17
CA LYS Q 344 125.97 131.37 -90.55
C LYS Q 344 124.55 131.88 -90.37
N VAL Q 345 123.59 131.01 -90.13
CA VAL Q 345 122.22 131.41 -89.83
C VAL Q 345 121.97 131.09 -88.39
N TYR Q 346 122.19 132.10 -87.60
CA TYR Q 346 122.13 132.03 -86.17
C TYR Q 346 120.70 132.06 -85.66
N TYR Q 347 119.77 132.61 -86.45
CA TYR Q 347 118.40 132.84 -86.01
C TYR Q 347 117.36 132.66 -87.11
N ASP Q 348 116.11 132.74 -86.68
CA ASP Q 348 114.93 133.04 -87.46
C ASP Q 348 115.10 134.29 -88.32
N GLU Q 349 114.35 134.38 -89.42
CA GLU Q 349 114.42 135.49 -90.38
C GLU Q 349 114.62 136.85 -89.74
N THR Q 350 113.77 137.20 -88.79
CA THR Q 350 113.70 138.58 -88.30
C THR Q 350 115.01 138.94 -87.63
N ALA Q 351 115.44 138.05 -86.73
CA ALA Q 351 116.68 138.14 -86.00
C ALA Q 351 117.90 137.97 -86.90
N GLN Q 352 117.81 137.09 -87.89
CA GLN Q 352 118.86 136.85 -88.85
C GLN Q 352 119.08 138.09 -89.72
N GLU Q 353 118.01 138.67 -90.22
CA GLU Q 353 118.03 139.93 -90.93
C GLU Q 353 118.51 141.09 -90.06
N ILE Q 354 118.13 141.13 -88.78
CA ILE Q 354 118.71 142.09 -87.83
C ILE Q 354 120.23 142.00 -87.84
N VAL Q 355 120.78 140.84 -87.52
CA VAL Q 355 122.24 140.72 -87.40
C VAL Q 355 122.93 140.85 -88.75
N ASP Q 356 122.29 140.40 -89.83
CA ASP Q 356 122.84 140.52 -91.16
C ASP Q 356 122.78 141.96 -91.68
N GLU Q 357 121.68 142.70 -91.57
CA GLU Q 357 121.66 144.13 -91.94
C GLU Q 357 122.70 144.94 -91.17
N PHE Q 358 122.94 144.57 -89.92
CA PHE Q 358 124.02 145.11 -89.14
C PHE Q 358 125.39 144.71 -89.71
N ALA Q 359 125.64 143.42 -89.89
CA ALA Q 359 126.87 142.91 -90.50
C ALA Q 359 127.06 143.29 -91.97
N MET Q 360 126.02 143.80 -92.64
CA MET Q 360 126.07 144.32 -93.99
C MET Q 360 126.35 145.81 -93.97
N ARG Q 361 125.46 146.61 -93.36
CA ARG Q 361 125.65 148.06 -93.20
C ARG Q 361 126.98 148.36 -92.52
N TYR Q 362 127.43 147.45 -91.67
CA TYR Q 362 128.67 147.57 -90.92
C TYR Q 362 129.66 146.40 -91.12
N GLY Q 363 129.54 145.69 -92.25
CA GLY Q 363 130.58 144.84 -92.84
C GLY Q 363 131.03 143.57 -92.07
N VAL Q 364 130.62 143.37 -90.83
CA VAL Q 364 131.14 142.34 -89.91
C VAL Q 364 131.23 140.96 -90.55
N GLU Q 365 132.43 140.37 -90.57
CA GLU Q 365 132.72 139.15 -91.30
C GLU Q 365 132.02 137.92 -90.74
N SER Q 366 131.59 137.02 -91.62
CA SER Q 366 130.82 135.81 -91.29
C SER Q 366 131.43 134.95 -90.19
N ILE Q 367 132.76 134.78 -90.18
CA ILE Q 367 133.46 134.03 -89.12
C ILE Q 367 133.36 134.71 -87.75
N TYR Q 368 133.43 136.04 -87.69
CA TYR Q 368 133.29 136.78 -86.44
C TYR Q 368 131.87 136.60 -85.88
N GLN Q 369 130.87 136.64 -86.76
CA GLN Q 369 129.49 136.34 -86.42
C GLN Q 369 129.33 134.92 -85.85
N ALA Q 370 129.96 133.93 -86.47
CA ALA Q 370 129.96 132.53 -86.05
C ALA Q 370 130.64 132.27 -84.68
N MET Q 371 131.84 132.79 -84.45
CA MET Q 371 132.56 132.59 -83.18
C MET Q 371 131.75 133.19 -82.02
N THR Q 372 131.12 134.34 -82.25
CA THR Q 372 130.19 134.98 -81.32
C THR Q 372 129.02 134.05 -80.97
N HIS Q 373 128.41 133.44 -81.97
CA HIS Q 373 127.36 132.44 -81.78
C HIS Q 373 127.84 131.18 -81.06
N PHE Q 374 129.03 130.69 -81.34
CA PHE Q 374 129.57 129.51 -80.66
C PHE Q 374 129.85 129.83 -79.17
N ALA Q 375 130.33 131.04 -78.87
CA ALA Q 375 130.47 131.53 -77.51
C ALA Q 375 129.12 131.53 -76.79
N CYS Q 376 128.09 132.11 -77.41
CA CYS Q 376 126.72 132.01 -76.95
C CYS Q 376 126.31 130.55 -76.69
N LEU Q 377 126.33 129.66 -77.69
CA LEU Q 377 125.90 128.26 -77.56
C LEU Q 377 126.59 127.51 -76.42
N SER Q 378 127.88 127.78 -76.19
CA SER Q 378 128.64 127.06 -75.16
C SER Q 378 128.06 127.22 -73.76
N SER Q 379 127.35 128.33 -73.50
CA SER Q 379 126.64 128.55 -72.24
C SER Q 379 125.41 127.66 -72.05
N LYS Q 380 125.04 126.88 -73.08
CA LYS Q 380 123.83 126.05 -73.17
C LYS Q 380 124.12 124.64 -73.72
N TYR Q 381 125.38 124.19 -73.79
CA TYR Q 381 125.80 123.06 -74.66
C TYR Q 381 125.04 121.74 -74.39
N MET Q 382 124.53 121.58 -73.17
CA MET Q 382 123.80 120.41 -72.66
C MET Q 382 122.39 120.25 -73.26
N CYS Q 383 121.81 121.31 -73.86
CA CYS Q 383 120.49 121.25 -74.49
C CYS Q 383 120.46 120.24 -75.66
N PRO Q 384 119.33 119.54 -75.91
CA PRO Q 384 119.30 118.47 -76.92
C PRO Q 384 119.65 118.95 -78.32
N GLY Q 385 120.39 118.16 -79.09
CA GLY Q 385 120.84 118.51 -80.43
C GLY Q 385 121.98 119.54 -80.49
N VAL Q 386 122.14 120.40 -79.47
CA VAL Q 386 123.19 121.43 -79.45
C VAL Q 386 124.59 120.85 -79.70
N PRO Q 387 124.98 119.64 -79.24
CA PRO Q 387 126.30 119.10 -79.56
C PRO Q 387 126.49 118.79 -81.04
N ALA Q 388 125.44 118.41 -81.75
CA ALA Q 388 125.49 118.29 -83.20
C ALA Q 388 125.70 119.67 -83.83
N VAL Q 389 124.96 120.69 -83.39
CA VAL Q 389 125.08 122.07 -83.90
C VAL Q 389 126.45 122.64 -83.59
N MET Q 390 126.98 122.44 -82.39
CA MET Q 390 128.31 122.90 -82.04
C MET Q 390 129.36 122.08 -82.77
N SER Q 391 129.17 120.78 -82.99
CA SER Q 391 130.09 119.99 -83.83
C SER Q 391 130.14 120.57 -85.23
N THR Q 392 128.98 120.93 -85.75
CA THR Q 392 128.81 121.56 -87.06
C THR Q 392 129.48 122.93 -87.08
N LEU Q 393 129.10 123.81 -86.17
CA LEU Q 393 129.61 125.16 -86.08
C LEU Q 393 131.12 125.16 -85.90
N LEU Q 394 131.65 124.24 -85.11
CA LEU Q 394 133.08 124.10 -84.93
C LEU Q 394 133.77 123.46 -86.13
N ALA Q 395 133.17 122.46 -86.76
CA ALA Q 395 133.70 121.94 -88.02
C ALA Q 395 133.84 123.06 -89.05
N ASN Q 396 132.90 123.99 -89.07
CA ASN Q 396 132.96 125.16 -89.92
C ASN Q 396 133.95 126.22 -89.46
N ILE Q 397 133.95 126.63 -88.20
CA ILE Q 397 134.96 127.58 -87.68
C ILE Q 397 136.37 127.02 -87.86
N ASN Q 398 136.53 125.70 -87.67
CA ASN Q 398 137.73 124.99 -88.04
C ASN Q 398 138.00 125.13 -89.52
N ALA Q 399 137.09 124.67 -90.36
CA ALA Q 399 137.27 124.69 -91.81
C ALA Q 399 137.56 126.11 -92.30
N TYR Q 400 137.00 127.12 -91.63
CA TYR Q 400 137.27 128.50 -91.90
C TYR Q 400 138.73 128.84 -91.66
N TYR Q 401 139.20 128.76 -90.42
CA TYR Q 401 140.57 129.16 -90.11
C TYR Q 401 141.62 128.19 -90.67
N ALA Q 402 141.29 126.92 -90.78
CA ALA Q 402 142.16 125.89 -91.34
C ALA Q 402 142.25 125.95 -92.87
N HIS Q 403 141.18 126.28 -93.57
CA HIS Q 403 141.11 126.13 -95.04
C HIS Q 403 140.59 127.37 -95.78
N THR Q 404 139.54 128.05 -95.31
CA THR Q 404 139.09 129.29 -95.99
C THR Q 404 140.17 130.35 -95.87
N THR Q 405 140.59 130.93 -96.99
CA THR Q 405 141.74 131.84 -97.07
C THR Q 405 143.06 131.23 -96.56
N ALA Q 406 143.19 129.91 -96.47
CA ALA Q 406 144.48 129.24 -96.38
C ALA Q 406 145.34 129.38 -97.65
N SER Q 407 144.77 129.96 -98.70
CA SER Q 407 145.49 130.62 -99.81
C SER Q 407 146.46 131.69 -99.32
N THR Q 408 146.14 132.40 -98.22
CA THR Q 408 147.11 133.21 -97.49
C THR Q 408 148.10 132.27 -96.81
N ASN Q 409 149.40 132.52 -97.02
CA ASN Q 409 150.47 131.66 -96.52
C ASN Q 409 150.61 131.68 -94.99
N VAL Q 410 149.93 132.62 -94.34
CA VAL Q 410 149.76 132.71 -92.88
C VAL Q 410 149.20 131.41 -92.32
N SER Q 411 149.70 130.95 -91.16
CA SER Q 411 149.25 129.69 -90.57
C SER Q 411 147.79 129.74 -90.14
N ALA Q 412 147.18 128.58 -89.92
CA ALA Q 412 145.82 128.54 -89.42
C ALA Q 412 145.73 129.18 -88.03
N SER Q 413 146.72 128.91 -87.17
CA SER Q 413 146.77 129.45 -85.82
C SER Q 413 146.98 130.96 -85.81
N ASP Q 414 147.63 131.50 -86.84
CA ASP Q 414 147.90 132.92 -86.99
C ASP Q 414 146.79 133.69 -87.71
N ARG Q 415 146.17 133.09 -88.71
CA ARG Q 415 144.93 133.62 -89.31
C ARG Q 415 143.85 133.68 -88.25
N PHE Q 416 143.78 132.63 -87.45
CA PHE Q 416 143.00 132.57 -86.23
C PHE Q 416 143.43 133.63 -85.21
N ALA Q 417 144.73 133.89 -85.02
CA ALA Q 417 145.17 135.03 -84.21
C ALA Q 417 144.66 136.38 -84.73
N ALA Q 418 144.75 136.60 -86.04
CA ALA Q 418 144.21 137.78 -86.70
C ALA Q 418 142.67 137.84 -86.67
N SER Q 419 142.00 136.83 -86.11
CA SER Q 419 140.61 136.93 -85.79
C SER Q 419 140.31 138.17 -84.97
N ASN Q 420 139.47 139.05 -85.51
CA ASN Q 420 138.98 140.21 -84.78
C ASN Q 420 138.19 139.80 -83.53
N PHE Q 421 137.69 138.56 -83.46
CA PHE Q 421 137.05 138.01 -82.25
C PHE Q 421 138.06 137.89 -81.10
N GLY Q 422 139.32 137.63 -81.39
CA GLY Q 422 140.32 137.29 -80.40
C GLY Q 422 140.48 135.78 -80.29
N LYS Q 423 141.57 135.26 -80.87
CA LYS Q 423 141.93 133.85 -80.78
C LYS Q 423 141.80 133.28 -79.38
N GLU Q 424 142.47 133.92 -78.44
CA GLU Q 424 142.55 133.54 -77.03
C GLU Q 424 141.18 133.31 -76.41
N ARG Q 425 140.31 134.30 -76.50
CA ARG Q 425 138.91 134.24 -76.10
C ARG Q 425 138.23 132.98 -76.64
N PHE Q 426 138.53 132.61 -77.88
CA PHE Q 426 137.99 131.41 -78.50
C PHE Q 426 138.66 130.11 -77.99
N VAL Q 427 139.98 130.12 -77.83
CA VAL Q 427 140.73 128.97 -77.28
C VAL Q 427 140.24 128.61 -75.87
N LYS Q 428 140.12 129.62 -75.00
CA LYS Q 428 139.58 129.46 -73.64
C LYS Q 428 138.23 128.76 -73.68
N LEU Q 429 137.33 129.32 -74.48
CA LEU Q 429 135.97 128.88 -74.70
C LEU Q 429 135.91 127.40 -75.14
N LEU Q 430 136.75 126.99 -76.10
CA LEU Q 430 136.88 125.60 -76.50
C LEU Q 430 137.36 124.70 -75.36
N ASP Q 431 138.37 125.14 -74.61
CA ASP Q 431 138.95 124.34 -73.55
C ASP Q 431 137.96 124.11 -72.40
N GLN Q 432 137.24 125.16 -72.01
CA GLN Q 432 136.16 125.07 -71.03
C GLN Q 432 135.10 124.08 -71.49
N LEU Q 433 134.66 124.23 -72.73
CA LEU Q 433 133.66 123.36 -73.32
C LEU Q 433 134.16 121.92 -73.33
N HIS Q 434 135.34 121.67 -73.90
CA HIS Q 434 135.98 120.36 -73.97
C HIS Q 434 136.04 119.70 -72.61
N ASN Q 435 136.51 120.44 -71.62
CA ASN Q 435 136.54 119.96 -70.25
C ASN Q 435 135.14 119.56 -69.79
N SER Q 436 134.16 120.42 -70.01
CA SER Q 436 132.78 120.13 -69.67
C SER Q 436 132.25 118.87 -70.38
N LEU Q 437 132.69 118.62 -71.62
CA LEU Q 437 132.40 117.37 -72.31
C LEU Q 437 133.08 116.18 -71.61
N ARG Q 438 134.41 116.22 -71.44
CA ARG Q 438 135.23 115.21 -70.74
C ARG Q 438 134.56 114.83 -69.42
N ILE Q 439 134.12 115.83 -68.68
CA ILE Q 439 133.42 115.68 -67.42
C ILE Q 439 132.17 114.82 -67.64
N ASP Q 440 131.29 115.26 -68.51
CA ASP Q 440 130.03 114.57 -68.73
C ASP Q 440 130.27 113.12 -69.18
N LEU Q 441 131.26 112.91 -70.03
CA LEU Q 441 131.70 111.61 -70.51
C LEU Q 441 132.26 110.73 -69.40
N SER Q 442 132.94 111.32 -68.42
CA SER Q 442 133.49 110.57 -67.31
C SER Q 442 132.43 109.89 -66.47
N MET Q 443 131.18 110.39 -66.56
CA MET Q 443 130.00 109.69 -66.12
C MET Q 443 129.00 109.53 -67.25
N TYR Q 444 129.47 109.00 -68.37
CA TYR Q 444 128.62 108.83 -69.55
C TYR Q 444 127.32 108.12 -69.21
N ARG Q 445 127.38 107.07 -68.38
CA ARG Q 445 126.21 106.22 -68.12
C ARG Q 445 125.12 107.04 -67.43
N ASN Q 446 125.52 107.79 -66.42
CA ASN Q 446 124.60 108.59 -65.62
C ASN Q 446 124.12 109.82 -66.40
N ASN Q 447 125.00 110.44 -67.17
CA ASN Q 447 124.68 111.65 -67.93
C ASN Q 447 123.90 111.38 -69.22
N PHE Q 448 124.08 110.22 -69.83
CA PHE Q 448 123.51 109.83 -71.12
C PHE Q 448 123.00 108.39 -71.06
N PRO Q 449 121.96 108.14 -70.25
CA PRO Q 449 121.51 106.79 -69.96
C PRO Q 449 121.05 106.09 -71.24
N ALA Q 450 121.33 104.79 -71.34
CA ALA Q 450 121.02 103.99 -72.51
C ALA Q 450 119.52 104.02 -72.83
N SER Q 451 118.70 104.10 -71.78
CA SER Q 451 117.26 104.28 -71.82
C SER Q 451 116.80 105.57 -72.52
N SER Q 452 117.69 106.54 -72.71
CA SER Q 452 117.45 107.68 -73.60
C SER Q 452 118.31 107.57 -74.86
N PRO Q 453 117.77 107.02 -75.96
CA PRO Q 453 118.38 107.10 -77.27
C PRO Q 453 118.74 108.52 -77.68
N GLU Q 454 117.92 109.48 -77.27
CA GLU Q 454 118.17 110.89 -77.51
C GLU Q 454 119.44 111.35 -76.83
N ARG Q 455 119.61 111.02 -75.55
CA ARG Q 455 120.88 111.30 -74.90
C ARG Q 455 121.99 110.39 -75.40
N LEU Q 456 121.74 109.17 -75.87
CA LEU Q 456 122.74 108.42 -76.64
C LEU Q 456 123.11 109.15 -77.94
N GLN Q 457 122.20 109.85 -78.59
CA GLN Q 457 122.55 110.58 -79.78
C GLN Q 457 123.26 111.87 -79.44
N ASP Q 458 122.79 112.62 -78.47
CA ASP Q 458 123.53 113.76 -77.97
C ASP Q 458 124.93 113.31 -77.55
N LEU Q 459 125.07 112.16 -76.88
CA LEU Q 459 126.34 111.52 -76.56
C LEU Q 459 127.16 111.29 -77.84
N LYS Q 460 126.58 110.66 -78.86
CA LYS Q 460 127.26 110.44 -80.12
C LYS Q 460 127.73 111.76 -80.76
N SER Q 461 126.83 112.73 -80.90
CA SER Q 461 127.12 114.10 -81.35
C SER Q 461 128.10 114.85 -80.47
N THR Q 462 128.18 114.51 -79.18
CA THR Q 462 129.15 115.06 -78.25
C THR Q 462 130.53 114.53 -78.61
N VAL Q 463 130.67 113.23 -78.89
CA VAL Q 463 131.96 112.67 -79.27
C VAL Q 463 132.33 113.15 -80.68
N ASP Q 464 131.35 113.36 -81.55
CA ASP Q 464 131.55 114.07 -82.81
C ASP Q 464 132.01 115.51 -82.59
N LEU Q 465 131.44 116.23 -81.64
CA LEU Q 465 131.95 117.53 -81.22
C LEU Q 465 133.36 117.41 -80.65
N LEU Q 466 133.67 116.42 -79.82
CA LEU Q 466 134.99 116.27 -79.20
C LEU Q 466 136.05 115.93 -80.24
N THR Q 467 135.72 115.10 -81.24
CA THR Q 467 136.57 114.94 -82.43
C THR Q 467 136.72 116.28 -83.14
N SER Q 468 135.64 117.04 -83.34
CA SER Q 468 135.70 118.39 -83.93
C SER Q 468 136.60 119.38 -83.16
N ILE Q 469 136.61 119.34 -81.83
CA ILE Q 469 137.53 120.14 -80.99
C ILE Q 469 138.96 119.64 -81.11
N THR Q 470 139.19 118.32 -81.04
CA THR Q 470 140.53 117.74 -81.18
C THR Q 470 141.15 118.13 -82.52
N PHE Q 471 140.33 118.05 -83.57
CA PHE Q 471 140.60 118.52 -84.92
C PHE Q 471 140.86 120.03 -84.96
N PHE Q 472 140.08 120.88 -84.29
CA PHE Q 472 140.44 122.30 -84.14
C PHE Q 472 141.80 122.54 -83.50
N ARG Q 473 142.10 121.84 -82.41
CA ARG Q 473 143.39 121.96 -81.73
C ARG Q 473 144.53 121.55 -82.66
N MET Q 474 144.35 120.44 -83.36
CA MET Q 474 145.29 119.91 -84.32
C MET Q 474 145.47 120.81 -85.54
N LYS Q 475 144.38 121.37 -86.08
CA LYS Q 475 144.35 122.05 -87.38
C LYS Q 475 144.41 123.55 -87.29
N VAL Q 476 143.64 124.16 -86.39
CA VAL Q 476 143.61 125.61 -86.25
C VAL Q 476 144.61 126.08 -85.21
N GLN Q 477 144.62 125.52 -84.00
CA GLN Q 477 145.71 125.86 -83.07
C GLN Q 477 147.05 125.25 -83.50
N GLU Q 478 147.02 124.28 -84.42
CA GLU Q 478 148.18 123.62 -85.00
C GLU Q 478 149.00 122.84 -83.98
N LEU Q 479 148.36 122.44 -82.88
CA LEU Q 479 148.96 121.61 -81.85
C LEU Q 479 149.35 120.24 -82.40
N GLN Q 480 150.48 119.71 -81.95
CA GLN Q 480 151.21 118.61 -82.60
C GLN Q 480 150.82 117.25 -82.01
N SER Q 481 150.65 117.24 -80.68
CA SER Q 481 150.15 116.10 -79.91
C SER Q 481 149.05 116.59 -78.96
N PRO Q 482 147.93 117.12 -79.47
CA PRO Q 482 146.74 117.33 -78.63
C PRO Q 482 146.28 115.98 -78.04
N PRO Q 483 145.48 116.00 -76.96
CA PRO Q 483 144.91 114.79 -76.36
C PRO Q 483 144.09 113.99 -77.38
N ARG Q 484 144.47 112.72 -77.61
CA ARG Q 484 143.80 111.90 -78.64
C ARG Q 484 142.38 111.57 -78.21
N ALA Q 485 141.40 111.85 -79.07
CA ALA Q 485 139.98 111.74 -78.76
C ALA Q 485 139.60 110.34 -78.22
N SER Q 486 140.12 109.26 -78.80
CA SER Q 486 139.88 107.91 -78.27
C SER Q 486 140.43 107.70 -76.85
N GLN Q 487 141.64 108.15 -76.52
CA GLN Q 487 142.20 107.99 -75.17
C GLN Q 487 141.48 108.84 -74.14
N VAL Q 488 141.19 110.09 -74.49
CA VAL Q 488 140.37 111.03 -73.70
C VAL Q 488 139.07 110.38 -73.26
N VAL Q 489 138.39 109.75 -74.21
CA VAL Q 489 137.13 109.04 -73.98
C VAL Q 489 137.36 107.75 -73.19
N LYS Q 490 138.39 106.96 -73.51
CA LYS Q 490 138.72 105.71 -72.81
C LYS Q 490 138.96 105.93 -71.32
N ASP Q 491 139.65 107.02 -70.96
CA ASP Q 491 139.75 107.46 -69.58
C ASP Q 491 138.37 107.70 -68.97
N CYS Q 492 137.51 108.45 -69.65
CA CYS Q 492 136.16 108.74 -69.19
C CYS Q 492 135.32 107.47 -69.00
N VAL Q 493 135.54 106.48 -69.86
CA VAL Q 493 134.83 105.21 -69.80
C VAL Q 493 135.31 104.40 -68.64
N LYS Q 494 136.63 104.24 -68.53
CA LYS Q 494 137.26 103.61 -67.38
C LYS Q 494 136.78 104.29 -66.11
N ALA Q 495 136.73 105.61 -66.10
CA ALA Q 495 136.20 106.38 -64.99
C ALA Q 495 134.77 105.94 -64.69
N CYS Q 496 133.88 106.06 -65.67
CA CYS Q 496 132.49 105.71 -65.48
C CYS Q 496 132.30 104.25 -65.05
N LEU Q 497 133.09 103.32 -65.58
CA LEU Q 497 133.12 101.90 -65.20
C LEU Q 497 133.59 101.69 -63.76
N ASN Q 498 134.65 102.37 -63.34
CA ASN Q 498 135.14 102.25 -61.98
C ASN Q 498 134.14 102.83 -60.97
N SER Q 499 133.53 103.97 -61.28
CA SER Q 499 132.44 104.54 -60.48
C SER Q 499 131.27 103.57 -60.39
N THR Q 500 130.96 102.93 -61.52
CA THR Q 500 130.00 101.84 -61.53
C THR Q 500 130.46 100.73 -60.58
N TYR Q 501 131.71 100.26 -60.65
CA TYR Q 501 132.16 99.12 -59.85
C TYR Q 501 132.13 99.41 -58.36
N GLU Q 502 132.74 100.53 -57.96
CA GLU Q 502 132.71 101.01 -56.59
C GLU Q 502 131.27 100.99 -56.09
N TYR Q 503 130.40 101.63 -56.87
CA TYR Q 503 129.03 101.78 -56.48
C TYR Q 503 128.37 100.40 -56.37
N ILE Q 504 128.59 99.48 -57.30
CA ILE Q 504 128.00 98.14 -57.18
C ILE Q 504 128.59 97.31 -56.04
N PHE Q 505 129.88 97.40 -55.78
CA PHE Q 505 130.52 96.60 -54.74
C PHE Q 505 130.13 97.07 -53.34
N ASN Q 506 129.82 98.36 -53.21
CA ASN Q 506 129.37 98.96 -51.98
C ASN Q 506 127.85 98.88 -51.80
N ASN Q 507 127.08 98.80 -52.89
CA ASN Q 507 125.62 98.87 -52.88
C ASN Q 507 124.98 97.64 -53.56
N CYS Q 508 125.66 96.48 -53.53
CA CYS Q 508 125.24 95.28 -54.25
C CYS Q 508 123.80 94.94 -53.96
N HIS Q 509 123.39 95.10 -52.71
CA HIS Q 509 122.07 94.70 -52.34
C HIS Q 509 120.98 95.63 -52.81
N GLU Q 510 121.20 96.92 -52.70
CA GLU Q 510 120.28 97.93 -53.18
C GLU Q 510 120.09 97.82 -54.70
N LEU Q 511 121.19 97.57 -55.39
CA LEU Q 511 121.20 97.43 -56.83
C LEU Q 511 120.60 96.11 -57.28
N TYR Q 512 121.15 94.98 -56.81
CA TYR Q 512 120.61 93.67 -57.16
C TYR Q 512 119.18 93.50 -56.69
N GLY Q 513 118.94 93.98 -55.47
CA GLY Q 513 117.64 94.29 -54.93
C GLY Q 513 116.71 94.81 -56.00
N ARG Q 514 116.80 96.10 -56.27
CA ARG Q 514 115.88 96.77 -57.20
C ARG Q 514 115.91 96.21 -58.62
N GLU Q 515 117.08 95.81 -59.13
CA GLU Q 515 117.24 95.40 -60.51
C GLU Q 515 116.78 93.96 -60.81
N TYR Q 516 116.82 93.02 -59.86
CA TYR Q 516 116.43 91.60 -60.11
C TYR Q 516 115.85 90.79 -58.95
N GLN Q 517 116.04 91.21 -57.70
CA GLN Q 517 116.06 90.27 -56.57
C GLN Q 517 114.82 89.37 -56.46
N THR Q 518 115.09 88.07 -56.33
CA THR Q 518 114.09 86.97 -56.29
C THR Q 518 113.18 86.96 -55.05
N ASP Q 519 113.15 88.04 -54.26
CA ASP Q 519 112.25 88.28 -53.14
C ASP Q 519 112.08 89.82 -52.96
N PRO Q 520 110.87 90.39 -53.10
CA PRO Q 520 110.66 91.84 -53.04
C PRO Q 520 111.04 92.45 -51.68
N ALA Q 521 110.98 91.69 -50.58
CA ALA Q 521 111.40 92.15 -49.25
C ALA Q 521 112.92 92.40 -49.17
N LYS Q 522 113.68 91.91 -50.16
CA LYS Q 522 115.14 92.02 -50.24
C LYS Q 522 115.62 93.05 -51.27
N LYS Q 523 114.74 93.93 -51.79
CA LYS Q 523 115.11 95.02 -52.71
C LYS Q 523 115.75 96.24 -52.04
N GLY Q 524 115.44 96.47 -50.77
CA GLY Q 524 115.84 97.68 -50.04
C GLY Q 524 117.29 97.68 -49.52
N GLU Q 525 117.59 98.62 -48.62
CA GLU Q 525 118.88 98.76 -47.95
C GLU Q 525 119.14 97.66 -46.91
N VAL Q 526 119.30 96.44 -47.39
CA VAL Q 526 119.90 95.31 -46.67
C VAL Q 526 121.23 95.71 -46.03
N PRO Q 527 121.63 95.16 -44.87
CA PRO Q 527 122.80 95.62 -44.13
C PRO Q 527 124.06 95.77 -45.00
N PRO Q 528 124.93 96.75 -44.74
CA PRO Q 528 126.17 96.94 -45.51
C PRO Q 528 127.02 95.67 -45.63
N GLU Q 529 127.04 94.81 -44.62
CA GLU Q 529 127.67 93.47 -44.63
C GLU Q 529 126.99 92.45 -45.58
N GLU Q 530 126.06 92.92 -46.40
CA GLU Q 530 125.27 92.17 -47.37
C GLU Q 530 125.06 93.00 -48.67
N GLN Q 531 125.51 94.25 -48.69
CA GLN Q 531 125.68 95.16 -49.84
C GLN Q 531 127.11 95.24 -50.33
N GLY Q 532 128.00 94.95 -49.39
CA GLY Q 532 129.31 94.38 -49.56
C GLY Q 532 129.24 92.94 -49.03
N PRO Q 533 130.38 92.30 -48.82
CA PRO Q 533 130.44 90.86 -48.58
C PRO Q 533 129.82 90.38 -47.25
N SER Q 534 129.13 89.24 -47.31
CA SER Q 534 128.69 88.47 -46.12
C SER Q 534 129.63 87.34 -45.77
N ILE Q 535 129.79 87.06 -44.48
CA ILE Q 535 130.39 85.80 -44.04
C ILE Q 535 129.35 84.67 -43.87
N LYS Q 536 128.06 85.00 -43.77
CA LYS Q 536 126.98 84.05 -43.51
C LYS Q 536 126.52 83.28 -44.75
N ASN Q 537 126.59 83.93 -45.92
CA ASN Q 537 125.99 83.45 -47.16
C ASN Q 537 126.84 83.84 -48.39
N LEU Q 538 126.57 83.17 -49.51
CA LEU Q 538 127.21 83.42 -50.81
C LEU Q 538 126.35 84.26 -51.76
N ASP Q 539 125.25 84.78 -51.25
CA ASP Q 539 124.19 85.32 -52.08
C ASP Q 539 124.58 86.68 -52.62
N PHE Q 540 125.19 87.53 -51.79
CA PHE Q 540 125.85 88.76 -52.25
C PHE Q 540 126.69 88.52 -53.50
N TRP Q 541 127.40 87.39 -53.57
CA TRP Q 541 128.27 87.08 -54.71
C TRP Q 541 127.49 86.59 -55.91
N SER Q 542 126.47 85.74 -55.73
CA SER Q 542 125.56 85.40 -56.85
C SER Q 542 124.91 86.66 -57.43
N LYS Q 543 124.66 87.64 -56.56
CA LYS Q 543 124.00 88.90 -56.88
C LYS Q 543 124.94 89.84 -57.61
N LEU Q 544 126.16 89.93 -57.11
CA LEU Q 544 127.25 90.66 -57.75
C LEU Q 544 127.55 90.08 -59.14
N ILE Q 545 127.54 88.75 -59.31
CA ILE Q 545 127.71 88.11 -60.62
C ILE Q 545 126.66 88.66 -61.62
N THR Q 546 125.40 88.71 -61.22
CA THR Q 546 124.34 89.20 -62.11
C THR Q 546 124.45 90.69 -62.44
N LEU Q 547 124.84 91.51 -61.46
CA LEU Q 547 125.14 92.93 -61.70
C LEU Q 547 126.19 93.10 -62.78
N ILE Q 548 127.28 92.35 -62.63
CA ILE Q 548 128.41 92.41 -63.54
C ILE Q 548 127.96 92.08 -64.98
N VAL Q 549 127.26 90.96 -65.14
CA VAL Q 549 126.65 90.54 -66.41
C VAL Q 549 125.84 91.67 -67.03
N SER Q 550 124.90 92.23 -66.26
CA SER Q 550 123.99 93.27 -66.72
C SER Q 550 124.71 94.51 -67.26
N ILE Q 551 125.71 94.97 -66.53
CA ILE Q 551 126.48 96.15 -66.95
C ILE Q 551 127.26 95.86 -68.24
N ILE Q 552 127.96 94.73 -68.29
CA ILE Q 552 128.75 94.39 -69.47
C ILE Q 552 127.84 94.29 -70.69
N GLU Q 553 126.65 93.74 -70.50
CA GLU Q 553 125.63 93.78 -71.52
C GLU Q 553 125.28 95.19 -71.94
N GLU Q 554 124.87 96.09 -71.04
CA GLU Q 554 124.54 97.45 -71.45
C GLU Q 554 125.68 98.14 -72.22
N ASP Q 555 126.91 97.93 -71.79
CA ASP Q 555 128.09 98.49 -72.45
C ASP Q 555 128.33 97.88 -73.82
N LYS Q 556 128.28 96.57 -73.91
CA LYS Q 556 128.37 95.84 -75.17
C LYS Q 556 127.25 96.25 -76.12
N ASN Q 557 126.06 96.49 -75.59
CA ASN Q 557 124.85 96.49 -76.39
C ASN Q 557 124.36 97.90 -76.70
N SER Q 558 124.36 98.82 -75.76
CA SER Q 558 123.92 100.20 -76.00
C SER Q 558 125.07 101.14 -76.27
N TYR Q 559 126.15 101.03 -75.50
CA TYR Q 559 127.20 102.02 -75.56
C TYR Q 559 128.24 101.74 -76.63
N THR Q 560 128.64 100.48 -76.84
CA THR Q 560 129.58 100.14 -77.92
C THR Q 560 129.08 100.64 -79.28
N PRO Q 561 127.77 100.51 -79.59
CA PRO Q 561 127.22 101.10 -80.80
C PRO Q 561 127.08 102.62 -80.76
N CYS Q 562 126.63 103.19 -79.63
CA CYS Q 562 126.52 104.64 -79.52
C CYS Q 562 127.87 105.33 -79.77
N LEU Q 563 128.96 104.71 -79.30
CA LEU Q 563 130.32 105.25 -79.27
C LEU Q 563 131.27 104.56 -80.24
N ASN Q 564 130.76 104.33 -81.43
CA ASN Q 564 131.48 103.67 -82.49
C ASN Q 564 132.60 104.52 -83.13
N GLN Q 565 132.81 105.80 -82.80
CA GLN Q 565 133.73 106.70 -83.53
C GLN Q 565 135.16 106.18 -83.58
N PHE Q 566 135.57 105.40 -82.59
CA PHE Q 566 136.87 104.74 -82.55
C PHE Q 566 136.63 103.25 -82.35
N PRO Q 567 136.10 102.55 -83.36
CA PRO Q 567 135.59 101.19 -83.17
C PRO Q 567 136.74 100.22 -82.85
N GLN Q 568 137.86 100.40 -83.54
CA GLN Q 568 139.12 99.70 -83.36
C GLN Q 568 139.71 99.90 -81.96
N GLU Q 569 139.49 101.07 -81.38
CA GLU Q 569 140.08 101.45 -80.10
C GLU Q 569 139.12 101.35 -78.92
N LEU Q 570 137.81 101.28 -79.16
CA LEU Q 570 136.79 101.58 -78.16
C LEU Q 570 135.58 100.61 -78.24
N ASN Q 571 135.84 99.31 -78.07
CA ASN Q 571 134.82 98.32 -77.72
C ASN Q 571 134.37 98.48 -76.25
N VAL Q 572 133.30 99.24 -76.01
CA VAL Q 572 132.85 99.56 -74.64
C VAL Q 572 132.49 98.28 -73.85
N GLY Q 573 131.94 97.26 -74.51
CA GLY Q 573 131.65 95.97 -73.91
C GLY Q 573 132.87 95.23 -73.38
N LYS Q 574 133.98 95.18 -74.12
CA LYS Q 574 135.23 94.58 -73.65
C LYS Q 574 135.88 95.35 -72.51
N ILE Q 575 135.97 96.68 -72.61
CA ILE Q 575 136.56 97.52 -71.55
C ILE Q 575 135.76 97.32 -70.26
N SER Q 576 134.43 97.25 -70.38
CA SER Q 576 133.55 96.88 -69.30
C SER Q 576 133.92 95.52 -68.70
N ALA Q 577 133.91 94.43 -69.48
CA ALA Q 577 134.21 93.09 -68.96
C ALA Q 577 135.55 93.01 -68.22
N GLU Q 578 136.62 93.57 -68.78
CA GLU Q 578 137.93 93.59 -68.16
C GLU Q 578 137.91 94.35 -66.82
N VAL Q 579 137.47 95.61 -66.84
CA VAL Q 579 137.49 96.49 -65.67
C VAL Q 579 136.73 95.82 -64.53
N MET Q 580 135.51 95.39 -64.83
CA MET Q 580 134.61 94.84 -63.84
C MET Q 580 135.11 93.50 -63.28
N TRP Q 581 135.58 92.57 -64.12
CA TRP Q 581 136.14 91.31 -63.63
C TRP Q 581 137.33 91.55 -62.72
N SER Q 582 138.22 92.47 -63.11
CA SER Q 582 139.46 92.67 -62.37
C SER Q 582 139.12 93.05 -60.94
N LEU Q 583 138.28 94.06 -60.83
CA LEU Q 583 137.83 94.59 -59.56
C LEU Q 583 137.08 93.51 -58.75
N PHE Q 584 136.24 92.74 -59.43
CA PHE Q 584 135.56 91.61 -58.84
C PHE Q 584 136.52 90.55 -58.28
N ALA Q 585 137.48 90.09 -59.07
CA ALA Q 585 138.21 88.87 -58.78
C ALA Q 585 139.01 89.02 -57.50
N GLN Q 586 139.57 90.23 -57.31
CA GLN Q 586 140.22 90.63 -56.06
C GLN Q 586 139.26 90.40 -54.89
N ASP Q 587 138.08 90.97 -55.01
CA ASP Q 587 137.12 90.99 -53.94
C ASP Q 587 136.62 89.58 -53.63
N MET Q 588 136.31 88.81 -54.67
CA MET Q 588 135.92 87.42 -54.54
C MET Q 588 137.01 86.56 -53.89
N LYS Q 589 138.26 86.68 -54.32
CA LYS Q 589 139.32 85.90 -53.71
C LYS Q 589 139.35 86.12 -52.19
N TYR Q 590 139.32 87.38 -51.74
CA TYR Q 590 139.35 87.66 -50.30
C TYR Q 590 138.12 87.09 -49.60
N ALA Q 591 136.98 87.11 -50.28
CA ALA Q 591 135.77 86.57 -49.74
C ALA Q 591 135.86 85.08 -49.48
N MET Q 592 136.31 84.32 -50.47
CA MET Q 592 136.48 82.89 -50.34
C MET Q 592 137.47 82.56 -49.23
N GLU Q 593 138.57 83.29 -49.13
CA GLU Q 593 139.47 83.15 -47.99
C GLU Q 593 138.78 83.42 -46.65
N GLU Q 594 137.90 84.41 -46.58
CA GLU Q 594 137.20 84.74 -45.36
C GLU Q 594 136.18 83.67 -44.95
N HIS Q 595 135.35 83.21 -45.90
CA HIS Q 595 134.47 82.06 -45.70
C HIS Q 595 135.23 80.86 -45.17
N ASP Q 596 136.44 80.65 -45.65
CA ASP Q 596 137.21 79.47 -45.28
C ASP Q 596 137.53 79.42 -43.79
N LYS Q 597 137.67 80.59 -43.14
CA LYS Q 597 137.94 80.69 -41.71
C LYS Q 597 136.69 80.42 -40.86
N HIS Q 598 135.50 80.52 -41.43
CA HIS Q 598 134.22 80.51 -40.68
C HIS Q 598 133.31 79.34 -41.03
N ARG Q 599 133.24 78.98 -42.31
CA ARG Q 599 132.52 77.81 -42.85
C ARG Q 599 131.03 77.78 -42.46
N LEU Q 600 130.38 78.94 -42.56
CA LEU Q 600 128.97 79.12 -42.18
C LEU Q 600 128.01 78.62 -43.27
N CYS Q 601 128.32 78.88 -44.55
CA CYS Q 601 127.68 78.23 -45.69
C CYS Q 601 128.14 76.76 -45.78
N LYS Q 602 127.31 75.85 -46.31
CA LYS Q 602 127.68 74.43 -46.48
C LYS Q 602 128.69 74.28 -47.61
N SER Q 603 129.51 73.22 -47.59
CA SER Q 603 130.42 72.82 -48.69
C SER Q 603 129.75 73.03 -50.04
N ALA Q 604 128.57 72.42 -50.20
CA ALA Q 604 127.66 72.47 -51.33
C ALA Q 604 127.43 73.89 -51.89
N ASP Q 605 127.23 74.88 -51.02
CA ASP Q 605 126.96 76.25 -51.43
C ASP Q 605 128.17 76.79 -52.19
N TYR Q 606 129.38 76.56 -51.67
CA TYR Q 606 130.61 76.95 -52.36
C TYR Q 606 130.78 76.17 -53.66
N MET Q 607 130.37 74.89 -53.71
CA MET Q 607 130.40 74.14 -54.97
C MET Q 607 129.45 74.77 -56.00
N ASN Q 608 128.23 75.15 -55.60
CA ASN Q 608 127.29 75.85 -56.46
C ASN Q 608 127.87 77.17 -56.93
N LEU Q 609 128.43 77.96 -56.02
CA LEU Q 609 129.12 79.20 -56.34
C LEU Q 609 130.25 78.94 -57.31
N HIS Q 610 131.03 77.88 -57.11
CA HIS Q 610 132.09 77.50 -58.02
C HIS Q 610 131.53 77.30 -59.42
N PHE Q 611 130.42 76.57 -59.62
CA PHE Q 611 129.87 76.41 -60.96
C PHE Q 611 129.44 77.74 -61.57
N LYS Q 612 128.84 78.64 -60.79
CA LYS Q 612 128.46 79.97 -61.26
C LYS Q 612 129.69 80.77 -61.68
N VAL Q 613 130.73 80.76 -60.85
CA VAL Q 613 131.97 81.51 -61.11
C VAL Q 613 132.70 80.93 -62.31
N LYS Q 614 132.80 79.61 -62.34
CA LYS Q 614 133.37 78.85 -63.44
C LYS Q 614 132.67 79.27 -64.71
N TRP Q 615 131.35 79.18 -64.72
CA TRP Q 615 130.56 79.68 -65.83
C TRP Q 615 130.91 81.15 -66.15
N LEU Q 616 130.90 82.06 -65.18
CA LEU Q 616 131.06 83.48 -65.45
C LEU Q 616 132.40 83.77 -66.12
N TYR Q 617 133.48 83.26 -65.55
CA TYR Q 617 134.81 83.45 -66.10
C TYR Q 617 134.85 82.87 -67.51
N ASN Q 618 134.38 81.64 -67.64
CA ASN Q 618 134.42 80.90 -68.88
C ASN Q 618 133.50 81.53 -69.93
N GLU Q 619 132.52 82.34 -69.52
CA GLU Q 619 131.76 83.20 -70.38
C GLU Q 619 132.57 84.46 -70.69
N TYR Q 620 132.54 85.45 -69.80
CA TYR Q 620 132.95 86.79 -70.16
C TYR Q 620 134.47 86.96 -70.23
N VAL Q 621 135.19 86.30 -69.33
CA VAL Q 621 136.52 86.74 -68.95
C VAL Q 621 137.58 86.00 -69.74
N ALA Q 622 137.43 84.68 -69.85
CA ALA Q 622 138.41 83.79 -70.42
C ALA Q 622 138.86 84.20 -71.82
N GLU Q 623 137.99 84.86 -72.60
CA GLU Q 623 138.28 85.25 -73.98
C GLU Q 623 138.91 86.62 -74.12
N LEU Q 624 138.87 87.46 -73.09
CA LEU Q 624 139.67 88.67 -73.09
C LEU Q 624 141.14 88.24 -73.14
N PRO Q 625 141.99 88.81 -74.01
CA PRO Q 625 143.36 88.33 -74.21
C PRO Q 625 144.11 88.17 -72.90
N THR Q 626 143.97 89.18 -72.04
CA THR Q 626 144.52 89.26 -70.70
C THR Q 626 144.32 88.00 -69.88
N PHE Q 627 143.22 87.27 -70.05
CA PHE Q 627 142.88 86.09 -69.24
C PHE Q 627 142.82 84.81 -70.04
N LYS Q 628 142.70 84.91 -71.37
CA LYS Q 628 143.04 83.83 -72.28
C LYS Q 628 144.51 83.44 -72.14
N ASP Q 629 145.36 84.43 -71.87
CA ASP Q 629 146.77 84.26 -71.56
C ASP Q 629 147.07 83.36 -70.33
N ARG Q 630 146.07 82.99 -69.51
CA ARG Q 630 146.30 82.40 -68.17
C ARG Q 630 145.47 81.17 -67.84
N VAL Q 631 146.08 80.26 -67.07
CA VAL Q 631 145.37 79.29 -66.23
C VAL Q 631 144.53 80.08 -65.22
N PRO Q 632 143.21 79.87 -65.15
CA PRO Q 632 142.35 80.63 -64.26
C PRO Q 632 142.72 80.39 -62.81
N GLU Q 633 142.80 81.47 -62.04
CA GLU Q 633 143.25 81.39 -60.66
C GLU Q 633 142.09 81.12 -59.68
N TYR Q 634 140.85 81.42 -60.09
CA TYR Q 634 139.67 81.18 -59.26
C TYR Q 634 139.56 79.81 -58.59
N PRO Q 635 140.06 78.69 -59.14
CA PRO Q 635 139.93 77.40 -58.48
C PRO Q 635 140.65 77.33 -57.14
N ALA Q 636 141.72 78.11 -56.98
CA ALA Q 636 142.41 78.23 -55.71
C ALA Q 636 141.48 78.75 -54.62
N TRP Q 637 140.47 79.55 -54.97
CA TRP Q 637 139.51 80.06 -54.03
C TRP Q 637 138.63 78.95 -53.45
N PHE Q 638 138.09 78.12 -54.33
CA PHE Q 638 137.13 77.08 -53.97
C PHE Q 638 137.78 75.84 -53.37
N GLU Q 639 139.04 75.60 -53.69
CA GLU Q 639 139.75 74.39 -53.32
C GLU Q 639 139.60 73.95 -51.86
N PRO Q 640 139.67 74.83 -50.86
CA PRO Q 640 139.48 74.42 -49.47
C PRO Q 640 138.07 73.86 -49.22
N PHE Q 641 137.08 74.44 -49.87
CA PHE Q 641 135.68 74.05 -49.76
C PHE Q 641 135.42 72.71 -50.43
N VAL Q 642 136.15 72.47 -51.51
CA VAL Q 642 136.18 71.16 -52.16
C VAL Q 642 136.86 70.14 -51.28
N ILE Q 643 137.94 70.51 -50.62
CA ILE Q 643 138.61 69.62 -49.70
C ILE Q 643 137.69 69.33 -48.52
N GLN Q 644 137.06 70.34 -47.95
CA GLN Q 644 136.03 70.17 -46.93
C GLN Q 644 134.95 69.21 -47.41
N TRP Q 645 134.47 69.43 -48.62
CA TRP Q 645 133.54 68.51 -49.19
C TRP Q 645 134.13 67.09 -49.25
N LEU Q 646 135.36 66.91 -49.74
CA LEU Q 646 136.04 65.62 -49.78
C LEU Q 646 136.15 65.00 -48.39
N ASP Q 647 136.24 65.81 -47.37
CA ASP Q 647 136.32 65.37 -46.00
C ASP Q 647 134.98 64.87 -45.52
N GLU Q 648 133.95 65.70 -45.62
CA GLU Q 648 132.58 65.33 -45.33
C GLU Q 648 132.26 64.03 -46.06
N ASN Q 649 132.61 64.00 -47.34
CA ASN Q 649 132.46 62.88 -48.21
C ASN Q 649 133.18 61.65 -47.69
N GLU Q 650 134.47 61.72 -47.36
CA GLU Q 650 135.15 60.54 -46.89
C GLU Q 650 134.50 59.98 -45.62
N GLU Q 651 134.15 60.84 -44.68
CA GLU Q 651 133.64 60.37 -43.41
C GLU Q 651 132.28 59.72 -43.59
N VAL Q 652 131.40 60.38 -44.33
CA VAL Q 652 130.17 59.78 -44.81
C VAL Q 652 130.46 58.44 -45.49
N SER Q 653 131.45 58.38 -46.37
CA SER Q 653 131.82 57.16 -47.09
C SER Q 653 132.30 56.06 -46.14
N ARG Q 654 132.95 56.41 -45.04
CA ARG Q 654 133.48 55.42 -44.11
C ARG Q 654 132.38 54.91 -43.20
N ASP Q 655 131.48 55.79 -42.81
CA ASP Q 655 130.25 55.39 -42.13
C ASP Q 655 129.37 54.51 -43.02
N PHE Q 656 129.19 54.91 -44.27
CA PHE Q 656 128.53 54.13 -45.31
C PHE Q 656 129.21 52.77 -45.45
N LEU Q 657 130.54 52.72 -45.53
CA LEU Q 657 131.32 51.49 -45.70
C LEU Q 657 130.98 50.50 -44.60
N HIS Q 658 130.97 50.97 -43.36
CA HIS Q 658 130.65 50.13 -42.22
C HIS Q 658 129.20 49.65 -42.32
N GLY Q 659 128.26 50.57 -42.62
CA GLY Q 659 126.88 50.17 -42.88
C GLY Q 659 126.77 49.09 -43.95
N ALA Q 660 127.40 49.26 -45.10
CA ALA Q 660 127.34 48.34 -46.23
C ALA Q 660 127.92 46.98 -45.88
N LEU Q 661 129.11 46.96 -45.28
CA LEU Q 661 129.73 45.74 -44.78
C LEU Q 661 128.81 45.02 -43.79
N GLU Q 662 128.17 45.78 -42.90
CA GLU Q 662 127.32 45.21 -41.88
C GLU Q 662 126.00 44.69 -42.46
N ARG Q 663 125.41 45.36 -43.44
CA ARG Q 663 124.24 44.87 -44.18
C ARG Q 663 124.55 43.59 -44.92
N ASP Q 664 125.72 43.54 -45.55
CA ASP Q 664 126.21 42.36 -46.23
C ASP Q 664 126.51 41.22 -45.23
N LYS Q 665 127.10 41.54 -44.09
CA LYS Q 665 127.32 40.61 -42.97
C LYS Q 665 126.03 40.05 -42.43
N LYS Q 666 125.01 40.89 -42.33
CA LYS Q 666 123.67 40.48 -41.93
C LYS Q 666 123.06 39.57 -43.00
N ASP Q 667 123.30 39.87 -44.26
CA ASP Q 667 123.08 38.93 -45.36
C ASP Q 667 124.09 37.76 -45.39
N GLY Q 668 124.82 37.48 -44.31
CA GLY Q 668 125.77 36.36 -44.23
C GLY Q 668 126.87 36.37 -45.29
N PHE Q 669 127.11 37.52 -45.93
CA PHE Q 669 127.97 37.69 -47.12
C PHE Q 669 127.63 36.74 -48.27
N GLN Q 670 126.38 36.67 -48.71
CA GLN Q 670 126.08 35.94 -49.95
C GLN Q 670 126.82 36.56 -51.14
N GLN Q 671 127.23 35.70 -52.09
CA GLN Q 671 127.72 36.20 -53.38
C GLN Q 671 126.60 36.91 -54.12
N THR Q 672 126.95 37.97 -54.80
CA THR Q 672 126.01 38.86 -55.51
C THR Q 672 125.20 38.11 -56.56
N SER Q 673 125.80 37.06 -57.10
CA SER Q 673 125.13 35.91 -57.68
C SER Q 673 126.12 34.75 -57.67
N GLU Q 674 125.67 33.55 -57.98
CA GLU Q 674 126.54 32.36 -57.99
C GLU Q 674 127.71 32.44 -58.98
N HIS Q 675 127.70 33.43 -59.86
CA HIS Q 675 128.74 33.78 -60.81
C HIS Q 675 129.32 35.18 -60.57
N ALA Q 676 128.62 36.10 -59.88
CA ALA Q 676 129.16 37.35 -59.34
C ALA Q 676 129.68 37.09 -57.92
N LEU Q 677 130.91 36.58 -57.86
CA LEU Q 677 131.46 35.79 -56.75
C LEU Q 677 131.74 36.57 -55.46
N PHE Q 678 131.82 37.88 -55.54
CA PHE Q 678 131.90 38.80 -54.42
C PHE Q 678 130.49 39.13 -53.90
N SER Q 679 130.36 39.65 -52.69
CA SER Q 679 129.14 40.13 -52.10
C SER Q 679 128.91 41.63 -52.32
N CYS Q 680 127.67 42.05 -52.09
CA CYS Q 680 127.12 43.30 -52.59
C CYS Q 680 127.83 44.56 -52.08
N SER Q 681 128.37 44.52 -50.86
CA SER Q 681 129.06 45.66 -50.26
C SER Q 681 130.17 46.17 -51.17
N VAL Q 682 130.86 45.29 -51.90
CA VAL Q 682 131.89 45.70 -52.83
C VAL Q 682 131.34 46.68 -53.87
N VAL Q 683 130.19 46.31 -54.40
CA VAL Q 683 129.46 47.05 -55.42
C VAL Q 683 129.02 48.39 -54.85
N ASP Q 684 128.37 48.35 -53.69
CA ASP Q 684 127.86 49.54 -53.01
C ASP Q 684 128.97 50.55 -52.81
N VAL Q 685 130.12 50.06 -52.35
CA VAL Q 685 131.28 50.88 -52.09
C VAL Q 685 131.78 51.48 -53.38
N PHE Q 686 132.00 50.68 -54.42
CA PHE Q 686 132.41 51.28 -55.68
C PHE Q 686 131.39 52.25 -56.20
N SER Q 687 130.11 51.94 -56.10
CA SER Q 687 129.06 52.89 -56.45
C SER Q 687 129.23 54.20 -55.71
N GLN Q 688 129.36 54.14 -54.39
CA GLN Q 688 129.55 55.33 -53.59
C GLN Q 688 130.78 56.11 -54.03
N LEU Q 689 131.90 55.40 -54.15
CA LEU Q 689 133.16 56.00 -54.52
C LEU Q 689 133.08 56.69 -55.88
N ASN Q 690 132.34 56.09 -56.79
CA ASN Q 690 132.13 56.70 -58.08
C ASN Q 690 131.20 57.90 -57.97
N GLN Q 691 130.06 57.82 -57.25
CA GLN Q 691 129.21 59.00 -57.05
C GLN Q 691 130.04 60.17 -56.53
N SER Q 692 130.87 59.85 -55.54
CA SER Q 692 131.81 60.76 -54.94
C SER Q 692 132.80 61.32 -55.93
N PHE Q 693 133.52 60.45 -56.64
CA PHE Q 693 134.53 60.86 -57.59
C PHE Q 693 133.93 61.80 -58.62
N GLU Q 694 132.72 61.48 -59.07
CA GLU Q 694 132.09 62.26 -60.10
C GLU Q 694 131.73 63.65 -59.61
N ILE Q 695 131.34 63.80 -58.36
CA ILE Q 695 131.15 65.13 -57.77
C ILE Q 695 132.43 65.96 -57.87
N ILE Q 696 133.59 65.35 -57.66
CA ILE Q 696 134.86 66.02 -57.90
C ILE Q 696 135.00 66.32 -59.38
N LYS Q 697 134.83 65.28 -60.19
CA LYS Q 697 135.19 65.35 -61.59
C LYS Q 697 134.42 66.45 -62.31
N LYS Q 698 133.14 66.59 -61.96
CA LYS Q 698 132.20 67.65 -62.36
C LYS Q 698 132.66 69.09 -62.09
N LEU Q 699 133.75 69.30 -61.38
CA LEU Q 699 134.33 70.62 -61.23
C LEU Q 699 135.28 70.95 -62.38
N GLU Q 700 135.95 69.95 -62.97
CA GLU Q 700 136.95 70.11 -64.04
C GLU Q 700 137.92 71.27 -63.81
N CYS Q 701 138.48 71.34 -62.59
CA CYS Q 701 139.34 72.44 -62.18
C CYS Q 701 140.49 72.66 -63.19
N PRO Q 702 140.59 73.85 -63.80
CA PRO Q 702 141.60 74.13 -64.82
C PRO Q 702 143.02 74.29 -64.25
N ASP Q 703 143.18 74.35 -62.94
CA ASP Q 703 144.46 74.23 -62.26
C ASP Q 703 144.74 72.76 -61.91
N PRO Q 704 145.60 72.06 -62.67
CA PRO Q 704 145.82 70.64 -62.49
C PRO Q 704 146.56 70.29 -61.19
N GLN Q 705 147.17 71.25 -60.52
CA GLN Q 705 147.84 71.00 -59.26
C GLN Q 705 146.83 71.00 -58.12
N ILE Q 706 145.87 71.93 -58.18
CA ILE Q 706 144.69 71.91 -57.33
C ILE Q 706 143.89 70.63 -57.57
N VAL Q 707 143.74 70.22 -58.83
CA VAL Q 707 143.22 68.88 -59.12
C VAL Q 707 144.08 67.82 -58.46
N GLY Q 708 145.40 67.88 -58.65
CA GLY Q 708 146.30 66.92 -58.07
C GLY Q 708 146.09 66.82 -56.57
N HIS Q 709 145.83 67.94 -55.91
CA HIS Q 709 145.54 67.99 -54.49
C HIS Q 709 144.25 67.25 -54.16
N TYR Q 710 143.16 67.52 -54.86
CA TYR Q 710 141.96 66.73 -54.72
C TYR Q 710 142.23 65.25 -54.88
N MET Q 711 143.04 64.88 -55.87
CA MET Q 711 143.34 63.49 -56.17
C MET Q 711 144.21 62.86 -55.09
N ARG Q 712 145.15 63.60 -54.53
CA ARG Q 712 145.95 63.16 -53.40
C ARG Q 712 145.03 62.92 -52.21
N ARG Q 713 144.24 63.94 -51.85
CA ARG Q 713 143.20 63.91 -50.82
C ARG Q 713 142.30 62.68 -51.00
N PHE Q 714 141.82 62.47 -52.20
CA PHE Q 714 140.87 61.41 -52.46
C PHE Q 714 141.54 60.05 -52.52
N ALA Q 715 142.74 59.94 -53.06
CA ALA Q 715 143.47 58.69 -53.10
C ALA Q 715 143.71 58.17 -51.68
N LYS Q 716 143.88 59.10 -50.76
CA LYS Q 716 143.86 58.80 -49.33
C LYS Q 716 142.49 58.29 -48.96
N THR Q 717 141.42 59.02 -49.21
CA THR Q 717 140.06 58.55 -48.93
C THR Q 717 139.88 57.11 -49.35
N ILE Q 718 140.20 56.84 -50.60
CA ILE Q 718 140.11 55.55 -51.23
C ILE Q 718 140.96 54.55 -50.47
N SER Q 719 142.24 54.85 -50.27
CA SER Q 719 143.12 53.98 -49.53
C SER Q 719 142.54 53.64 -48.17
N ASN Q 720 142.08 54.65 -47.46
CA ASN Q 720 141.56 54.50 -46.13
C ASN Q 720 140.31 53.62 -46.13
N VAL Q 721 139.32 54.00 -46.91
CA VAL Q 721 138.08 53.27 -47.09
C VAL Q 721 138.37 51.82 -47.45
N LEU Q 722 139.24 51.59 -48.43
CA LEU Q 722 139.45 50.25 -48.96
C LEU Q 722 140.27 49.39 -48.02
N LEU Q 723 141.26 49.96 -47.36
CA LEU Q 723 141.99 49.19 -46.37
C LEU Q 723 141.08 48.89 -45.20
N GLN Q 724 140.25 49.83 -44.81
CA GLN Q 724 139.24 49.62 -43.79
C GLN Q 724 138.25 48.53 -44.18
N TYR Q 725 137.82 48.47 -45.43
CA TYR Q 725 137.07 47.31 -45.91
C TYR Q 725 137.90 46.04 -45.76
N ALA Q 726 139.08 46.01 -46.37
CA ALA Q 726 139.93 44.83 -46.49
C ALA Q 726 140.28 44.28 -45.12
N ASP Q 727 140.48 45.19 -44.20
CA ASP Q 727 140.65 44.94 -42.80
C ASP Q 727 139.39 44.35 -42.19
N ILE Q 728 138.24 45.02 -42.28
CA ILE Q 728 136.98 44.53 -41.71
C ILE Q 728 136.68 43.11 -42.21
N VAL Q 729 136.98 42.87 -43.48
CA VAL Q 729 137.01 41.52 -44.03
C VAL Q 729 138.04 40.64 -43.34
N SER Q 730 139.32 41.00 -43.39
CA SER Q 730 140.41 40.18 -42.88
C SER Q 730 140.20 39.76 -41.44
N LYS Q 731 139.58 40.65 -40.66
CA LYS Q 731 139.18 40.42 -39.29
C LYS Q 731 138.18 39.29 -39.20
N ASP Q 732 137.05 39.44 -39.89
CA ASP Q 732 135.99 38.45 -39.86
C ASP Q 732 136.40 37.13 -40.53
N PHE Q 733 137.38 37.20 -41.42
CA PHE Q 733 137.76 36.13 -42.33
C PHE Q 733 137.97 34.78 -41.67
N ALA Q 734 138.80 34.73 -40.63
CA ALA Q 734 139.10 33.52 -39.91
C ALA Q 734 137.85 32.89 -39.27
N SER Q 735 136.94 33.71 -38.73
CA SER Q 735 135.68 33.24 -38.17
C SER Q 735 134.84 32.52 -39.23
N TYR Q 736 134.96 32.97 -40.47
CA TYR Q 736 134.30 32.35 -41.61
C TYR Q 736 135.05 31.16 -42.17
N CYS Q 737 136.34 31.01 -41.89
CA CYS Q 737 137.17 29.92 -42.40
C CYS Q 737 136.80 28.54 -41.90
N SER Q 738 135.91 28.43 -40.92
CA SER Q 738 135.42 27.13 -40.48
C SER Q 738 134.78 26.36 -41.66
N LYS Q 739 134.95 25.03 -41.66
CA LYS Q 739 134.82 24.10 -42.81
C LYS Q 739 133.40 23.89 -43.39
N GLU Q 740 132.48 24.81 -43.17
CA GLU Q 740 131.05 24.69 -43.46
C GLU Q 740 130.49 26.01 -44.00
N LYS Q 741 130.95 27.14 -43.45
CA LYS Q 741 130.71 28.45 -44.05
C LYS Q 741 131.63 28.73 -45.24
N GLU Q 742 132.32 27.72 -45.78
CA GLU Q 742 133.38 27.83 -46.80
C GLU Q 742 133.04 28.77 -47.96
N LYS Q 743 131.76 28.83 -48.36
CA LYS Q 743 131.30 29.83 -49.33
C LYS Q 743 131.72 31.24 -48.97
N VAL Q 744 131.54 31.62 -47.70
CA VAL Q 744 131.79 32.97 -47.22
C VAL Q 744 133.27 33.37 -47.37
N PRO Q 745 134.29 32.63 -46.87
CA PRO Q 745 135.68 33.00 -47.13
C PRO Q 745 136.03 33.08 -48.62
N CYS Q 746 135.47 32.22 -49.46
CA CYS Q 746 135.62 32.36 -50.90
C CYS Q 746 135.13 33.74 -51.35
N ILE Q 747 133.89 34.07 -51.00
CA ILE Q 747 133.22 35.32 -51.35
C ILE Q 747 133.99 36.51 -50.83
N LEU Q 748 134.47 36.49 -49.60
CA LEU Q 748 135.30 37.53 -49.03
C LEU Q 748 136.62 37.72 -49.78
N MET Q 749 137.31 36.63 -50.14
CA MET Q 749 138.49 36.73 -50.99
C MET Q 749 138.12 37.28 -52.38
N ASN Q 750 136.97 36.90 -52.92
CA ASN Q 750 136.45 37.47 -54.15
C ASN Q 750 136.10 38.94 -53.99
N ASN Q 751 135.61 39.37 -52.83
CA ASN Q 751 135.36 40.76 -52.57
C ASN Q 751 136.65 41.51 -52.69
N THR Q 752 137.66 41.03 -51.98
CA THR Q 752 139.00 41.60 -51.89
C THR Q 752 139.58 41.75 -53.28
N GLN Q 753 139.58 40.66 -54.03
CA GLN Q 753 140.03 40.67 -55.39
C GLN Q 753 139.17 41.59 -56.27
N GLN Q 754 137.86 41.61 -56.04
CA GLN Q 754 136.97 42.50 -56.75
C GLN Q 754 137.27 43.96 -56.40
N LEU Q 755 137.65 44.27 -55.16
CA LEU Q 755 138.17 45.59 -54.81
C LEU Q 755 139.31 45.90 -55.73
N ARG Q 756 140.35 45.06 -55.74
CA ARG Q 756 141.54 45.31 -56.55
C ARG Q 756 141.13 45.59 -57.99
N VAL Q 757 140.30 44.71 -58.53
CA VAL Q 757 139.80 44.81 -59.89
C VAL Q 757 139.11 46.15 -60.12
N GLN Q 758 138.13 46.52 -59.31
CA GLN Q 758 137.46 47.80 -59.50
C GLN Q 758 138.33 48.98 -59.14
N LEU Q 759 139.29 48.79 -58.26
CA LEU Q 759 140.25 49.82 -57.90
C LEU Q 759 141.08 50.14 -59.12
N GLU Q 760 141.56 49.15 -59.86
CA GLU Q 760 142.25 49.39 -61.12
C GLU Q 760 141.37 50.24 -62.03
N LYS Q 761 140.07 49.90 -62.14
CA LYS Q 761 139.10 50.67 -62.93
C LYS Q 761 138.96 52.11 -62.43
N MET Q 762 138.76 52.31 -61.13
CA MET Q 762 138.61 53.64 -60.55
C MET Q 762 139.88 54.46 -60.71
N PHE Q 763 141.04 53.83 -60.55
CA PHE Q 763 142.33 54.45 -60.79
C PHE Q 763 142.38 54.92 -62.25
N GLU Q 764 142.01 54.08 -63.20
CA GLU Q 764 141.84 54.55 -64.57
C GLU Q 764 140.83 55.69 -64.67
N ALA Q 765 139.70 55.61 -63.99
CA ALA Q 765 138.66 56.62 -64.02
C ALA Q 765 139.17 57.97 -63.51
N MET Q 766 140.02 57.95 -62.49
CA MET Q 766 140.77 59.10 -61.99
C MET Q 766 141.86 59.57 -62.96
N GLY Q 767 141.91 59.03 -64.17
CA GLY Q 767 142.91 59.37 -65.15
C GLY Q 767 144.18 58.54 -64.96
N GLY Q 768 144.03 57.28 -64.58
CA GLY Q 768 145.03 56.23 -64.70
C GLY Q 768 146.48 56.66 -64.55
N LYS Q 769 147.30 56.39 -65.57
CA LYS Q 769 148.74 56.70 -65.57
C LYS Q 769 149.03 58.18 -65.74
N GLU Q 770 148.02 58.94 -66.14
CA GLU Q 770 148.02 60.40 -66.19
C GLU Q 770 147.88 61.02 -64.79
N LEU Q 771 147.45 60.24 -63.80
CA LEU Q 771 147.16 60.67 -62.43
C LEU Q 771 148.38 61.32 -61.75
N ASP Q 772 148.09 62.25 -60.84
CA ASP Q 772 149.08 62.80 -59.91
C ASP Q 772 149.94 61.68 -59.30
N ALA Q 773 151.25 61.85 -59.35
CA ALA Q 773 152.17 60.78 -58.99
C ALA Q 773 152.02 60.31 -57.53
N GLU Q 774 151.45 61.10 -56.62
CA GLU Q 774 151.33 60.77 -55.20
C GLU Q 774 149.96 60.20 -54.85
N ALA Q 775 148.91 60.69 -55.48
CA ALA Q 775 147.68 59.97 -55.56
C ALA Q 775 147.94 58.59 -56.14
N SER Q 776 148.67 58.52 -57.25
CA SER Q 776 149.11 57.27 -57.88
C SER Q 776 149.94 56.44 -56.91
N GLY Q 777 150.98 57.01 -56.30
CA GLY Q 777 151.77 56.34 -55.24
C GLY Q 777 150.88 55.70 -54.19
N THR Q 778 149.90 56.44 -53.71
CA THR Q 778 148.92 55.98 -52.73
C THR Q 778 148.14 54.79 -53.25
N LEU Q 779 147.56 54.91 -54.42
CA LEU Q 779 146.76 53.81 -54.95
C LEU Q 779 147.62 52.59 -55.32
N LYS Q 780 148.89 52.76 -55.67
CA LYS Q 780 149.82 51.65 -55.89
C LYS Q 780 150.16 50.93 -54.59
N GLU Q 781 150.51 51.70 -53.58
CA GLU Q 781 150.67 51.23 -52.21
C GLU Q 781 149.44 50.43 -51.76
N LEU Q 782 148.27 51.00 -51.99
CA LEU Q 782 147.02 50.43 -51.60
C LEU Q 782 146.85 49.07 -52.26
N GLN Q 783 147.00 49.01 -53.58
CA GLN Q 783 146.89 47.77 -54.35
C GLN Q 783 147.89 46.71 -53.86
N VAL Q 784 149.14 47.09 -53.56
CA VAL Q 784 150.13 46.14 -52.99
C VAL Q 784 149.65 45.58 -51.66
N LYS Q 785 149.14 46.42 -50.77
CA LYS Q 785 148.61 45.96 -49.48
C LYS Q 785 147.42 45.04 -49.67
N LEU Q 786 146.48 45.42 -50.53
CA LEU Q 786 145.33 44.58 -50.85
C LEU Q 786 145.78 43.22 -51.40
N ASN Q 787 146.83 43.18 -52.23
CA ASN Q 787 147.41 41.91 -52.66
C ASN Q 787 147.92 41.09 -51.48
N ASN Q 788 148.69 41.71 -50.60
CA ASN Q 788 149.29 41.00 -49.49
C ASN Q 788 148.21 40.50 -48.52
N VAL Q 789 147.18 41.32 -48.26
CA VAL Q 789 145.97 40.88 -47.56
C VAL Q 789 145.44 39.60 -48.19
N LEU Q 790 145.25 39.58 -49.52
CA LEU Q 790 144.66 38.42 -50.20
C LEU Q 790 145.51 37.15 -50.07
N ASP Q 791 146.83 37.27 -50.06
CA ASP Q 791 147.70 36.13 -49.74
C ASP Q 791 147.40 35.60 -48.33
N GLU Q 792 147.32 36.47 -47.35
CA GLU Q 792 147.13 36.03 -45.98
C GLU Q 792 145.75 35.42 -45.78
N LEU Q 793 144.72 35.97 -46.41
CA LEU Q 793 143.41 35.33 -46.43
C LEU Q 793 143.47 33.96 -47.08
N SER Q 794 144.11 33.80 -48.25
CA SER Q 794 144.24 32.49 -48.89
C SER Q 794 144.91 31.47 -47.98
N HIS Q 795 145.91 31.92 -47.23
CA HIS Q 795 146.65 31.11 -46.31
C HIS Q 795 145.77 30.72 -45.13
N VAL Q 796 145.21 31.71 -44.43
CA VAL Q 796 144.31 31.52 -43.30
C VAL Q 796 143.18 30.57 -43.69
N PHE Q 797 142.66 30.72 -44.89
CA PHE Q 797 141.63 29.85 -45.40
C PHE Q 797 142.12 28.42 -45.58
N ALA Q 798 143.16 28.22 -46.40
CA ALA Q 798 143.73 26.90 -46.64
C ALA Q 798 144.10 26.17 -45.34
N THR Q 799 144.57 26.95 -44.38
CA THR Q 799 144.94 26.48 -43.06
C THR Q 799 143.77 25.87 -42.30
N SER Q 800 142.55 26.39 -42.37
CA SER Q 800 141.45 25.80 -41.58
C SER Q 800 141.08 24.38 -42.02
N PHE Q 801 141.46 23.98 -43.24
CA PHE Q 801 141.32 22.62 -43.75
C PHE Q 801 142.46 21.72 -43.36
N GLN Q 802 143.60 22.29 -42.98
CA GLN Q 802 144.80 21.56 -42.61
C GLN Q 802 144.54 20.39 -41.67
N PRO Q 803 143.71 20.50 -40.61
CA PRO Q 803 143.47 19.36 -39.72
C PRO Q 803 142.78 18.23 -40.44
N HIS Q 804 141.80 18.58 -41.27
CA HIS Q 804 141.09 17.61 -42.08
C HIS Q 804 142.02 16.96 -43.09
N ILE Q 805 142.89 17.75 -43.70
CA ILE Q 805 143.89 17.29 -44.66
C ILE Q 805 144.83 16.31 -43.96
N GLU Q 806 145.41 16.70 -42.85
CA GLU Q 806 146.31 15.86 -42.06
C GLU Q 806 145.65 14.58 -41.59
N GLU Q 807 144.41 14.68 -41.16
CA GLU Q 807 143.60 13.54 -40.77
C GLU Q 807 143.44 12.57 -41.95
N CYS Q 808 142.89 13.06 -43.05
CA CYS Q 808 142.72 12.28 -44.27
C CYS Q 808 144.04 11.66 -44.69
N VAL Q 809 145.13 12.44 -44.75
CA VAL Q 809 146.44 11.96 -45.17
C VAL Q 809 146.93 10.88 -44.22
N ARG Q 810 146.72 11.02 -42.91
CA ARG Q 810 147.07 9.95 -41.99
C ARG Q 810 146.26 8.70 -42.31
N GLN Q 811 144.96 8.80 -42.60
CA GLN Q 811 144.18 7.64 -43.03
C GLN Q 811 144.71 7.06 -44.33
N MET Q 812 145.10 7.89 -45.28
CA MET Q 812 145.66 7.42 -46.52
C MET Q 812 146.96 6.68 -46.23
N GLY Q 813 147.78 7.17 -45.29
CA GLY Q 813 148.98 6.50 -44.81
C GLY Q 813 148.66 5.17 -44.14
N ASP Q 814 147.61 5.13 -43.33
CA ASP Q 814 147.10 3.90 -42.75
C ASP Q 814 146.69 2.91 -43.83
N ILE Q 815 145.93 3.36 -44.82
CA ILE Q 815 145.50 2.52 -45.94
C ILE Q 815 146.72 2.04 -46.75
N LEU Q 816 147.71 2.90 -46.98
CA LEU Q 816 148.92 2.52 -47.71
C LEU Q 816 149.70 1.46 -46.95
N SER Q 817 149.74 1.49 -45.61
CA SER Q 817 150.51 0.50 -44.84
C SER Q 817 150.02 -0.94 -45.01
N GLN Q 818 148.84 -1.15 -45.60
CA GLN Q 818 148.32 -2.45 -45.97
C GLN Q 818 148.98 -2.97 -47.27
N VAL Q 819 149.29 -2.05 -48.19
CA VAL Q 819 150.19 -2.26 -49.31
C VAL Q 819 151.62 -2.38 -48.77
N LYS Q 820 152.39 -3.34 -49.25
CA LYS Q 820 153.83 -3.39 -48.99
C LYS Q 820 154.58 -3.59 -50.30
N GLY Q 821 155.80 -4.11 -50.29
CA GLY Q 821 156.55 -4.31 -51.52
C GLY Q 821 156.05 -5.52 -52.29
N THR Q 822 154.96 -5.37 -53.04
CA THR Q 822 154.09 -6.52 -53.37
C THR Q 822 154.54 -7.40 -54.53
N GLY Q 823 155.76 -7.24 -55.03
CA GLY Q 823 156.46 -8.38 -55.65
C GLY Q 823 156.80 -9.48 -54.62
N ASN Q 824 156.82 -9.14 -53.32
CA ASN Q 824 157.05 -10.01 -52.16
C ASN Q 824 155.77 -10.17 -51.28
N VAL Q 825 154.54 -9.99 -51.81
CA VAL Q 825 153.25 -10.04 -51.04
C VAL Q 825 152.06 -10.55 -51.89
N PRO Q 826 151.03 -11.22 -51.31
CA PRO Q 826 149.83 -11.70 -52.01
C PRO Q 826 148.95 -10.65 -52.71
N ALA Q 827 148.10 -11.11 -53.63
CA ALA Q 827 147.28 -10.36 -54.59
C ALA Q 827 146.23 -9.38 -54.01
N SER Q 828 145.97 -9.36 -52.71
CA SER Q 828 145.14 -8.32 -52.06
C SER Q 828 145.91 -7.02 -51.79
N ALA Q 829 147.24 -7.10 -51.73
CA ALA Q 829 148.14 -5.95 -51.67
C ALA Q 829 149.05 -5.89 -52.90
N CYS Q 830 149.29 -6.99 -53.63
CA CYS Q 830 149.59 -6.95 -55.08
C CYS Q 830 148.31 -6.74 -55.92
N SER Q 831 147.24 -6.32 -55.25
CA SER Q 831 146.14 -5.52 -55.77
C SER Q 831 146.71 -4.46 -56.70
N SER Q 832 146.04 -4.14 -57.80
CA SER Q 832 146.67 -3.30 -58.83
C SER Q 832 147.11 -1.97 -58.24
N VAL Q 833 148.13 -1.40 -58.85
CA VAL Q 833 148.66 -0.09 -58.47
C VAL Q 833 147.53 0.95 -58.37
N ALA Q 834 146.55 0.86 -59.27
CA ALA Q 834 145.34 1.69 -59.29
C ALA Q 834 144.40 1.41 -58.10
N GLN Q 835 144.03 0.16 -57.84
CA GLN Q 835 143.12 -0.15 -56.73
C GLN Q 835 143.70 0.27 -55.38
N ASP Q 836 144.97 -0.04 -55.15
CA ASP Q 836 145.67 0.45 -53.98
C ASP Q 836 145.67 1.98 -53.93
N ALA Q 837 146.02 2.67 -55.02
CA ALA Q 837 146.03 4.12 -55.06
C ALA Q 837 144.64 4.66 -54.73
N ASP Q 838 143.57 4.09 -55.29
CA ASP Q 838 142.20 4.49 -55.02
C ASP Q 838 141.83 4.30 -53.54
N ASN Q 839 142.11 3.13 -52.98
CA ASN Q 839 141.86 2.83 -51.58
C ASN Q 839 142.54 3.89 -50.73
N VAL Q 840 143.84 4.02 -50.96
CA VAL Q 840 144.70 4.99 -50.32
C VAL Q 840 144.11 6.37 -50.43
N LEU Q 841 143.83 6.83 -51.66
CA LEU Q 841 143.35 8.16 -52.03
C LEU Q 841 142.01 8.50 -51.42
N GLN Q 842 141.21 7.50 -51.06
CA GLN Q 842 139.81 7.78 -50.93
C GLN Q 842 139.47 8.83 -49.87
N PRO Q 843 140.08 8.80 -48.66
CA PRO Q 843 139.83 9.81 -47.64
C PRO Q 843 139.99 11.24 -48.13
N ILE Q 844 140.94 11.50 -49.02
CA ILE Q 844 141.16 12.85 -49.54
C ILE Q 844 140.31 13.14 -50.77
N MET Q 845 140.09 12.18 -51.68
CA MET Q 845 139.39 12.48 -52.93
C MET Q 845 137.97 12.96 -52.69
N ASP Q 846 137.35 12.42 -51.64
CA ASP Q 846 136.04 12.85 -51.17
C ASP Q 846 136.05 14.33 -50.82
N LEU Q 847 136.95 14.70 -49.91
CA LEU Q 847 137.17 16.07 -49.47
C LEU Q 847 137.46 16.95 -50.68
N LEU Q 848 138.44 16.55 -51.49
CA LEU Q 848 138.93 17.30 -52.61
C LEU Q 848 137.83 17.58 -53.59
N ASP Q 849 137.15 16.56 -54.08
CA ASP Q 849 136.36 16.72 -55.27
C ASP Q 849 135.26 17.72 -55.00
N SER Q 850 134.55 17.49 -53.90
CA SER Q 850 133.52 18.35 -53.41
C SER Q 850 134.03 19.77 -53.25
N ASN Q 851 135.10 19.95 -52.48
CA ASN Q 851 135.56 21.27 -52.14
C ASN Q 851 136.15 21.98 -53.34
N LEU Q 852 137.03 21.35 -54.11
CA LEU Q 852 137.61 21.96 -55.30
C LEU Q 852 136.54 22.31 -56.30
N THR Q 853 135.52 21.47 -56.45
CA THR Q 853 134.43 21.82 -57.34
C THR Q 853 133.66 23.01 -56.82
N LEU Q 854 133.29 23.00 -55.54
CA LEU Q 854 132.62 24.12 -54.91
C LEU Q 854 133.44 25.40 -55.08
N PHE Q 855 134.73 25.35 -54.77
CA PHE Q 855 135.64 26.48 -54.86
C PHE Q 855 135.86 26.90 -56.30
N ALA Q 856 135.97 25.97 -57.24
CA ALA Q 856 136.06 26.31 -58.64
C ALA Q 856 134.81 27.03 -59.14
N LYS Q 857 133.63 26.62 -58.66
CA LYS Q 857 132.39 27.32 -58.92
C LYS Q 857 132.41 28.74 -58.31
N ILE Q 858 132.84 28.87 -57.05
CA ILE Q 858 132.58 30.08 -56.25
C ILE Q 858 133.78 31.00 -55.96
N CYS Q 859 135.01 30.66 -56.31
CA CYS Q 859 136.21 31.52 -56.16
C CYS Q 859 136.63 32.14 -57.47
N GLU Q 860 136.99 33.42 -57.43
CA GLU Q 860 137.66 34.10 -58.53
C GLU Q 860 139.05 33.49 -58.76
N LYS Q 861 139.56 33.50 -59.98
CA LYS Q 861 140.67 32.62 -60.33
C LYS Q 861 141.95 32.98 -59.56
N THR Q 862 142.24 34.26 -59.43
CA THR Q 862 143.23 34.84 -58.51
C THR Q 862 143.12 34.27 -57.11
N VAL Q 863 141.91 34.33 -56.56
CA VAL Q 863 141.58 33.83 -55.22
C VAL Q 863 141.88 32.34 -55.15
N LEU Q 864 141.30 31.60 -56.07
CA LEU Q 864 141.37 30.15 -56.15
C LEU Q 864 142.81 29.71 -56.25
N LYS Q 865 143.61 30.35 -57.09
CA LYS Q 865 144.98 29.91 -57.33
C LYS Q 865 145.77 30.01 -56.05
N ARG Q 866 145.60 31.12 -55.34
CA ARG Q 866 146.26 31.34 -54.04
C ARG Q 866 145.81 30.29 -53.05
N VAL Q 867 144.49 30.09 -52.94
CA VAL Q 867 143.92 29.05 -52.08
C VAL Q 867 144.52 27.70 -52.41
N LEU Q 868 144.55 27.35 -53.68
CA LEU Q 868 145.05 26.08 -54.14
C LEU Q 868 146.54 25.95 -53.91
N LYS Q 869 147.35 26.98 -54.10
CA LYS Q 869 148.78 26.89 -53.84
C LYS Q 869 149.03 26.56 -52.39
N GLU Q 870 148.35 27.30 -51.53
CA GLU Q 870 148.40 27.12 -50.09
C GLU Q 870 148.01 25.71 -49.70
N LEU Q 871 146.87 25.25 -50.22
CA LEU Q 871 146.41 23.90 -50.03
C LEU Q 871 147.41 22.89 -50.58
N TRP Q 872 147.94 23.11 -51.78
CA TRP Q 872 148.81 22.20 -52.49
C TRP Q 872 150.07 21.93 -51.69
N LYS Q 873 150.73 23.02 -51.31
CA LYS Q 873 151.87 23.01 -50.42
C LYS Q 873 151.52 22.19 -49.19
N LEU Q 874 150.45 22.57 -48.51
CA LEU Q 874 149.99 21.94 -47.29
C LEU Q 874 149.83 20.44 -47.52
N VAL Q 875 149.12 20.04 -48.56
CA VAL Q 875 148.87 18.66 -48.93
C VAL Q 875 150.18 17.95 -49.17
N MET Q 876 150.98 18.41 -50.12
CA MET Q 876 152.27 17.84 -50.48
C MET Q 876 153.13 17.57 -49.26
N ASN Q 877 153.26 18.60 -48.44
CA ASN Q 877 154.05 18.50 -47.22
C ASN Q 877 153.46 17.48 -46.27
N THR Q 878 152.14 17.50 -46.14
CA THR Q 878 151.43 16.55 -45.30
C THR Q 878 151.70 15.14 -45.75
N MET Q 879 151.60 14.84 -47.03
CA MET Q 879 151.88 13.50 -47.53
C MET Q 879 153.34 13.14 -47.33
N GLU Q 880 154.22 14.08 -47.63
CA GLU Q 880 155.63 13.80 -47.53
C GLU Q 880 156.02 13.40 -46.13
N ARG Q 881 155.52 14.15 -45.16
CA ARG Q 881 155.62 13.84 -43.74
C ARG Q 881 154.87 12.56 -43.44
N THR Q 882 153.55 12.64 -43.43
CA THR Q 882 152.61 11.64 -42.93
C THR Q 882 152.62 10.34 -43.71
N ILE Q 883 153.25 10.27 -44.88
CA ILE Q 883 153.20 9.07 -45.71
C ILE Q 883 154.58 8.67 -46.23
N VAL Q 884 155.42 9.60 -46.69
CA VAL Q 884 156.68 9.20 -47.33
C VAL Q 884 157.83 9.18 -46.35
N LEU Q 885 157.79 10.00 -45.33
CA LEU Q 885 158.65 9.87 -44.18
C LEU Q 885 157.74 9.57 -42.99
N PRO Q 886 156.90 8.53 -43.12
CA PRO Q 886 155.65 8.42 -42.40
C PRO Q 886 155.87 8.14 -40.92
N PRO Q 887 154.82 8.39 -40.10
CA PRO Q 887 154.69 7.74 -38.81
C PRO Q 887 154.71 6.21 -38.98
N GLU Q 888 154.04 5.64 -39.99
CA GLU Q 888 154.13 4.21 -40.38
C GLU Q 888 155.49 3.78 -41.00
N PHE Q 889 156.61 4.39 -40.56
CA PHE Q 889 157.95 3.81 -40.68
C PHE Q 889 158.89 4.26 -39.57
N LEU Q 890 159.35 5.53 -39.53
CA LEU Q 890 160.50 5.87 -38.67
C LEU Q 890 160.16 5.89 -37.19
N SER Q 891 158.92 6.24 -36.84
CA SER Q 891 158.41 6.14 -35.46
C SER Q 891 158.36 4.70 -34.93
N LYS Q 892 158.57 3.69 -35.79
CA LYS Q 892 158.88 2.31 -35.38
C LYS Q 892 160.38 2.05 -35.29
N LEU Q 893 161.13 2.29 -36.37
CA LEU Q 893 162.56 1.93 -36.45
C LEU Q 893 163.41 2.64 -35.37
N LYS Q 894 163.18 3.93 -35.13
CA LYS Q 894 163.91 4.68 -34.09
C LYS Q 894 163.32 4.52 -32.69
N ASP Q 895 162.33 3.65 -32.53
CA ASP Q 895 161.65 3.34 -31.27
C ASP Q 895 161.94 1.90 -30.81
N HIS Q 896 161.38 1.48 -29.68
CA HIS Q 896 161.41 0.10 -29.18
C HIS Q 896 160.62 -0.88 -30.08
N MET Q 897 159.79 -0.34 -30.97
CA MET Q 897 159.09 -1.05 -32.02
C MET Q 897 160.06 -1.59 -33.10
N VAL Q 898 159.50 -2.15 -34.17
CA VAL Q 898 160.24 -2.89 -35.21
C VAL Q 898 161.30 -2.03 -35.90
N ARG Q 899 162.50 -2.59 -36.07
CA ARG Q 899 163.59 -2.18 -36.98
C ARG Q 899 163.10 -2.24 -38.44
N GLU Q 900 162.19 -1.33 -38.77
CA GLU Q 900 161.23 -1.57 -39.83
C GLU Q 900 161.85 -1.83 -41.19
N GLU Q 901 161.06 -2.53 -41.96
CA GLU Q 901 161.09 -2.46 -43.39
C GLU Q 901 159.91 -1.66 -43.98
N ALA Q 902 158.90 -1.34 -43.18
CA ALA Q 902 157.50 -1.10 -43.60
C ALA Q 902 157.02 -2.20 -44.57
N LYS Q 903 157.52 -3.42 -44.31
CA LYS Q 903 157.56 -4.61 -45.17
C LYS Q 903 157.94 -4.28 -46.62
N SER Q 904 159.05 -3.54 -46.74
CA SER Q 904 159.78 -3.08 -47.92
C SER Q 904 159.02 -2.06 -48.76
N LEU Q 905 159.41 -0.78 -48.68
CA LEU Q 905 158.94 0.30 -49.57
C LEU Q 905 159.58 0.17 -50.96
N THR Q 906 159.30 -0.95 -51.60
CA THR Q 906 159.75 -1.28 -52.95
C THR Q 906 159.05 -0.40 -53.98
N PRO Q 907 159.45 -0.53 -55.25
CA PRO Q 907 158.64 -0.31 -56.42
C PRO Q 907 157.12 -0.18 -56.22
N LYS Q 908 156.45 -1.11 -55.53
CA LYS Q 908 155.00 -1.05 -55.42
C LYS Q 908 154.44 0.16 -54.70
N GLN Q 909 154.90 0.46 -53.48
CA GLN Q 909 154.47 1.66 -52.77
C GLN Q 909 155.19 2.91 -53.30
N CYS Q 910 156.18 2.77 -54.19
CA CYS Q 910 156.70 3.91 -54.95
C CYS Q 910 155.71 4.29 -56.07
N ALA Q 911 155.31 3.31 -56.88
CA ALA Q 911 154.01 3.31 -57.53
C ALA Q 911 152.92 3.35 -56.44
N VAL Q 912 151.64 3.34 -56.80
CA VAL Q 912 150.53 3.63 -55.87
C VAL Q 912 150.57 5.08 -55.46
N VAL Q 913 151.59 5.49 -54.73
CA VAL Q 913 151.87 6.87 -54.34
C VAL Q 913 152.12 7.71 -55.57
N GLU Q 914 153.00 7.32 -56.49
CA GLU Q 914 153.24 8.13 -57.69
C GLU Q 914 151.96 8.32 -58.52
N LEU Q 915 151.13 7.28 -58.59
CA LEU Q 915 149.83 7.38 -59.22
C LEU Q 915 148.85 8.24 -58.44
N ALA Q 916 148.83 8.11 -57.11
CA ALA Q 916 147.99 8.90 -56.25
C ALA Q 916 148.38 10.37 -56.35
N LEU Q 917 149.68 10.67 -56.30
CA LEU Q 917 150.25 11.99 -56.57
C LEU Q 917 149.78 12.47 -57.92
N ASP Q 918 149.86 11.65 -58.95
CA ASP Q 918 149.40 12.09 -60.25
C ASP Q 918 147.91 12.41 -60.24
N THR Q 919 147.11 11.54 -59.63
CA THR Q 919 145.67 11.72 -59.49
C THR Q 919 145.35 13.04 -58.80
N ILE Q 920 146.03 13.27 -57.69
CA ILE Q 920 145.97 14.50 -56.93
C ILE Q 920 146.41 15.68 -57.79
N LYS Q 921 147.51 15.53 -58.54
CA LYS Q 921 148.05 16.58 -59.40
C LYS Q 921 147.07 16.91 -60.50
N GLN Q 922 146.38 15.93 -61.06
CA GLN Q 922 145.29 16.16 -62.00
C GLN Q 922 144.12 16.86 -61.31
N TYR Q 923 143.84 16.49 -60.07
CA TYR Q 923 142.81 17.11 -59.26
C TYR Q 923 143.09 18.58 -58.97
N PHE Q 924 144.27 18.90 -58.42
CA PHE Q 924 144.75 20.26 -58.17
C PHE Q 924 144.88 21.03 -59.48
N HIS Q 925 145.28 20.36 -60.56
CA HIS Q 925 145.34 20.99 -61.85
C HIS Q 925 143.95 21.34 -62.36
N ALA Q 926 142.99 20.44 -62.14
CA ALA Q 926 141.61 20.52 -62.60
C ALA Q 926 141.55 20.99 -64.06
N GLY Q 927 142.36 20.39 -64.94
CA GLY Q 927 142.43 20.77 -66.36
C GLY Q 927 142.87 22.20 -66.63
N GLY Q 928 143.63 22.83 -65.73
CA GLY Q 928 144.05 24.23 -65.82
C GLY Q 928 143.13 25.22 -65.10
N VAL Q 929 141.94 24.78 -64.68
CA VAL Q 929 141.06 25.59 -63.81
C VAL Q 929 141.72 25.81 -62.44
N GLY Q 930 142.43 24.80 -61.97
CA GLY Q 930 143.23 24.85 -60.76
C GLY Q 930 144.62 25.39 -61.01
N LEU Q 931 145.64 24.70 -60.51
CA LEU Q 931 147.05 25.10 -60.64
C LEU Q 931 147.66 24.64 -61.98
N LYS Q 932 148.72 25.34 -62.40
CA LYS Q 932 149.47 25.03 -63.62
C LYS Q 932 150.23 23.73 -63.43
N LYS Q 933 150.22 22.83 -64.42
CA LYS Q 933 151.06 21.62 -64.39
C LYS Q 933 152.55 21.97 -64.23
N THR Q 934 153.00 23.14 -64.70
CA THR Q 934 154.35 23.66 -64.47
C THR Q 934 154.65 23.85 -62.98
N PHE Q 935 153.84 24.66 -62.27
CA PHE Q 935 153.97 24.87 -60.82
C PHE Q 935 153.94 23.54 -60.06
N LEU Q 936 153.06 22.64 -60.45
CA LEU Q 936 152.90 21.35 -59.78
C LEU Q 936 154.13 20.47 -60.04
N GLU Q 937 154.56 20.32 -61.29
CA GLU Q 937 155.76 19.55 -61.64
C GLU Q 937 157.00 20.12 -60.97
N LYS Q 938 157.15 21.45 -61.05
CA LYS Q 938 158.23 22.19 -60.40
C LYS Q 938 157.87 22.60 -58.98
N SER Q 939 156.95 21.88 -58.33
CA SER Q 939 156.66 22.10 -56.93
C SER Q 939 157.80 21.49 -56.12
N PRO Q 940 158.49 22.28 -55.29
CA PRO Q 940 159.50 21.74 -54.40
C PRO Q 940 158.85 20.75 -53.42
N ASP Q 941 157.60 21.01 -53.06
CA ASP Q 941 156.79 20.16 -52.22
C ASP Q 941 156.67 18.77 -52.86
N LEU Q 942 156.38 18.72 -54.16
CA LEU Q 942 156.39 17.50 -54.94
C LEU Q 942 157.79 16.94 -55.16
N GLN Q 943 158.76 17.77 -55.51
CA GLN Q 943 160.10 17.33 -55.88
C GLN Q 943 160.85 16.76 -54.68
N SER Q 944 160.66 17.37 -53.52
CA SER Q 944 161.09 16.79 -52.27
C SER Q 944 160.40 15.46 -52.05
N LEU Q 945 159.08 15.41 -52.22
CA LEU Q 945 158.30 14.21 -52.04
C LEU Q 945 158.83 13.06 -52.90
N ARG Q 946 159.02 13.32 -54.19
CA ARG Q 946 159.73 12.47 -55.15
C ARG Q 946 161.13 12.11 -54.68
N TYR Q 947 161.87 13.06 -54.15
CA TYR Q 947 163.21 12.78 -53.71
C TYR Q 947 163.23 11.81 -52.53
N ALA Q 948 162.38 12.01 -51.52
CA ALA Q 948 162.28 11.09 -50.40
C ALA Q 948 161.88 9.70 -50.91
N LEU Q 949 160.95 9.63 -51.85
CA LEU Q 949 160.60 8.38 -52.53
C LEU Q 949 161.83 7.72 -53.18
N SER Q 950 162.72 8.49 -53.77
CA SER Q 950 163.92 7.92 -54.37
C SER Q 950 164.86 7.29 -53.34
N LEU Q 951 164.98 7.81 -52.11
CA LEU Q 951 165.83 7.21 -51.09
C LEU Q 951 165.49 5.75 -50.91
N TYR Q 952 164.19 5.45 -50.83
CA TYR Q 952 163.70 4.12 -50.49
C TYR Q 952 164.20 3.02 -51.41
N THR Q 953 164.44 3.31 -52.67
CA THR Q 953 164.89 2.32 -53.66
C THR Q 953 166.41 2.27 -53.81
N GLN Q 954 167.17 3.18 -53.20
CA GLN Q 954 168.60 3.35 -53.49
C GLN Q 954 169.49 2.16 -53.12
N ALA Q 955 170.67 2.15 -53.74
CA ALA Q 955 171.74 1.20 -53.47
C ALA Q 955 172.33 1.39 -52.07
N THR Q 956 172.78 0.28 -51.51
CA THR Q 956 173.36 0.19 -50.17
C THR Q 956 174.55 1.13 -49.95
N ASP Q 957 175.51 1.17 -50.85
CA ASP Q 957 176.68 2.05 -50.68
C ASP Q 957 176.31 3.52 -50.78
N LEU Q 958 175.39 3.87 -51.67
CA LEU Q 958 174.90 5.25 -51.80
C LEU Q 958 174.20 5.72 -50.53
N LEU Q 959 173.40 4.83 -49.96
CA LEU Q 959 172.77 5.02 -48.66
C LEU Q 959 173.84 5.17 -47.56
N ILE Q 960 174.80 4.25 -47.47
CA ILE Q 960 175.89 4.30 -46.48
C ILE Q 960 176.73 5.58 -46.62
N LYS Q 961 177.04 6.00 -47.84
CA LYS Q 961 177.70 7.27 -48.12
C LYS Q 961 176.89 8.43 -47.59
N THR Q 962 175.60 8.44 -47.90
CA THR Q 962 174.66 9.45 -47.38
C THR Q 962 174.69 9.46 -45.87
N PHE Q 963 174.71 8.29 -45.22
CA PHE Q 963 174.88 8.19 -43.77
C PHE Q 963 176.17 8.84 -43.30
N VAL Q 964 177.35 8.42 -43.74
CA VAL Q 964 178.62 8.97 -43.20
C VAL Q 964 178.71 10.48 -43.45
N GLN Q 965 178.31 10.94 -44.63
CA GLN Q 965 178.31 12.37 -44.94
C GLN Q 965 177.34 13.17 -44.07
N THR Q 966 176.17 12.62 -43.76
CA THR Q 966 175.17 13.30 -42.92
C THR Q 966 175.49 13.17 -41.43
N GLN Q 967 176.02 12.03 -40.98
CA GLN Q 967 176.40 11.77 -39.60
C GLN Q 967 177.76 12.41 -39.24
N SER Q 968 178.05 13.59 -39.77
CA SER Q 968 179.26 14.39 -39.47
C SER Q 968 179.46 14.61 -37.96
N ALA Q 969 178.36 14.70 -37.20
CA ALA Q 969 178.34 14.83 -35.74
C ALA Q 969 178.83 13.58 -34.97
N GLN Q 970 179.02 12.42 -35.63
CA GLN Q 970 179.64 11.24 -35.02
C GLN Q 970 181.15 11.44 -34.84
N GLY Q 971 181.50 12.20 -33.82
CA GLY Q 971 182.87 12.50 -33.42
C GLY Q 971 182.91 13.68 -32.45
N SER Q 972 182.21 14.76 -32.78
CA SER Q 972 182.02 15.90 -31.87
C SER Q 972 180.94 15.58 -30.82
N GLY Q 973 181.40 15.24 -29.62
CA GLY Q 973 180.56 14.93 -28.46
C GLY Q 973 180.17 13.45 -28.36
N VAL Q 974 180.43 12.87 -27.18
CA VAL Q 974 180.00 11.54 -26.73
C VAL Q 974 179.23 11.70 -25.44
N GLU Q 975 178.03 11.12 -25.35
CA GLU Q 975 177.28 11.07 -24.09
C GLU Q 975 177.84 9.98 -23.15
N ASP Q 976 178.29 10.39 -21.95
CA ASP Q 976 178.93 9.57 -20.90
C ASP Q 976 180.09 8.66 -21.39
N PRO Q 977 181.32 9.20 -21.55
CA PRO Q 977 182.46 8.41 -21.99
C PRO Q 977 182.92 7.33 -20.98
N VAL Q 978 183.26 6.13 -21.48
CA VAL Q 978 183.75 4.95 -20.72
C VAL Q 978 185.27 4.79 -20.67
N GLY Q 979 185.97 5.83 -21.09
CA GLY Q 979 187.40 5.85 -21.33
C GLY Q 979 187.70 6.67 -22.58
N GLU Q 980 188.94 6.61 -23.03
CA GLU Q 980 189.37 7.25 -24.27
C GLU Q 980 190.55 6.50 -24.88
N VAL Q 981 190.71 6.58 -26.21
CA VAL Q 981 191.84 5.97 -26.93
C VAL Q 981 192.69 7.03 -27.59
N SER Q 982 193.98 7.02 -27.30
CA SER Q 982 194.98 7.77 -28.04
C SER Q 982 195.35 6.95 -29.26
N VAL Q 983 194.92 7.46 -30.40
CA VAL Q 983 195.37 7.00 -31.70
C VAL Q 983 196.23 8.07 -32.33
N HIS Q 984 197.32 7.67 -32.98
CA HIS Q 984 197.95 8.50 -34.00
C HIS Q 984 197.61 7.90 -35.36
N VAL Q 985 196.89 8.65 -36.17
CA VAL Q 985 196.37 8.18 -37.45
C VAL Q 985 197.04 8.93 -38.59
N GLU Q 986 197.47 8.24 -39.63
CA GLU Q 986 198.05 8.85 -40.82
C GLU Q 986 197.23 8.46 -42.06
N LEU Q 987 196.60 9.43 -42.70
CA LEU Q 987 195.93 9.27 -44.00
C LEU Q 987 196.99 9.38 -45.10
N PHE Q 988 197.74 8.30 -45.30
CA PHE Q 988 198.54 8.16 -46.49
C PHE Q 988 197.66 7.86 -47.70
N THR Q 989 197.46 8.87 -48.55
CA THR Q 989 197.19 8.63 -49.98
C THR Q 989 198.35 7.76 -50.45
N HIS Q 990 198.05 6.50 -50.67
CA HIS Q 990 198.97 5.38 -50.54
C HIS Q 990 200.07 5.39 -51.61
N PRO Q 991 201.35 5.46 -51.23
CA PRO Q 991 202.44 5.60 -52.20
C PRO Q 991 202.61 4.38 -53.14
N GLY Q 992 202.14 3.19 -52.75
CA GLY Q 992 202.20 1.99 -53.60
C GLY Q 992 201.05 1.86 -54.62
N THR Q 993 199.95 2.63 -54.52
CA THR Q 993 198.74 2.41 -55.34
C THR Q 993 197.90 3.66 -55.68
N GLY Q 994 198.10 4.80 -55.01
CA GLY Q 994 197.26 6.00 -55.18
C GLY Q 994 195.85 5.90 -54.58
N GLU Q 995 195.51 4.79 -53.93
CA GLU Q 995 194.34 4.67 -53.06
C GLU Q 995 194.49 5.57 -51.82
N GLN Q 996 193.52 5.58 -50.91
CA GLN Q 996 193.76 6.07 -49.55
C GLN Q 996 193.88 4.91 -48.57
N LYS Q 997 194.99 4.89 -47.84
CA LYS Q 997 195.23 4.02 -46.71
C LYS Q 997 195.29 4.82 -45.43
N VAL Q 998 195.05 4.14 -44.32
CA VAL Q 998 194.92 4.76 -43.00
C VAL Q 998 195.79 4.01 -42.03
N THR Q 999 197.01 4.51 -41.78
CA THR Q 999 197.89 3.94 -40.77
C THR Q 999 197.39 4.36 -39.39
N VAL Q 1000 196.65 3.50 -38.70
CA VAL Q 1000 196.22 3.75 -37.32
C VAL Q 1000 197.25 3.14 -36.37
N LYS Q 1001 198.13 3.97 -35.82
CA LYS Q 1001 198.97 3.61 -34.68
C LYS Q 1001 198.14 3.76 -33.40
N VAL Q 1002 197.69 2.62 -32.86
CA VAL Q 1002 197.04 2.60 -31.55
C VAL Q 1002 198.11 2.86 -30.51
N VAL Q 1003 198.13 4.06 -29.94
CA VAL Q 1003 199.13 4.42 -28.94
C VAL Q 1003 198.76 3.80 -27.62
N ALA Q 1004 197.60 4.15 -27.09
CA ALA Q 1004 197.17 3.71 -25.76
C ALA Q 1004 195.65 3.89 -25.59
N ALA Q 1005 195.08 3.23 -24.59
CA ALA Q 1005 193.83 3.68 -23.98
C ALA Q 1005 194.07 4.31 -22.60
N ASN Q 1006 193.06 4.99 -22.09
CA ASN Q 1006 193.04 5.67 -20.80
C ASN Q 1006 191.62 5.69 -20.19
N ASP Q 1007 191.52 5.82 -18.86
CA ASP Q 1007 190.28 5.88 -18.08
C ASP Q 1007 189.30 4.72 -18.33
N LEU Q 1008 189.80 3.53 -18.71
CA LEU Q 1008 188.96 2.38 -19.05
C LEU Q 1008 188.09 1.95 -17.85
N LYS Q 1009 186.78 2.15 -17.96
CA LYS Q 1009 185.78 1.71 -16.97
C LYS Q 1009 185.53 0.20 -17.14
N TRP Q 1010 186.46 -0.65 -16.72
CA TRP Q 1010 186.39 -2.11 -16.91
C TRP Q 1010 187.02 -2.94 -15.77
N GLN Q 1011 186.72 -2.62 -14.51
CA GLN Q 1011 187.32 -3.29 -13.36
C GLN Q 1011 186.75 -4.72 -13.18
N THR Q 1012 187.16 -5.64 -14.06
CA THR Q 1012 186.63 -6.99 -14.21
C THR Q 1012 187.09 -7.98 -13.12
N SER Q 1013 186.31 -9.05 -12.92
CA SER Q 1013 186.52 -10.11 -11.92
C SER Q 1013 187.63 -11.11 -12.30
N GLY Q 1014 187.71 -11.50 -13.58
CA GLY Q 1014 188.88 -12.17 -14.14
C GLY Q 1014 190.07 -11.21 -14.25
N ILE Q 1015 191.24 -11.70 -14.67
CA ILE Q 1015 192.36 -10.82 -15.02
C ILE Q 1015 191.96 -9.99 -16.25
N PHE Q 1016 192.01 -8.67 -16.13
CA PHE Q 1016 191.78 -7.78 -17.27
C PHE Q 1016 192.91 -7.91 -18.28
N ARG Q 1017 192.62 -8.05 -19.57
CA ARG Q 1017 193.63 -8.19 -20.63
C ARG Q 1017 193.25 -7.35 -21.86
N PRO Q 1018 193.13 -6.01 -21.74
CA PRO Q 1018 192.65 -5.19 -22.83
C PRO Q 1018 193.53 -5.25 -24.07
N PHE Q 1019 192.86 -5.22 -25.21
CA PHE Q 1019 193.39 -4.98 -26.54
C PHE Q 1019 192.45 -4.00 -27.24
N ILE Q 1020 192.90 -3.36 -28.31
CA ILE Q 1020 192.06 -2.39 -29.01
C ILE Q 1020 191.77 -2.93 -30.39
N GLU Q 1021 190.49 -3.10 -30.68
CA GLU Q 1021 190.00 -3.22 -32.04
C GLU Q 1021 189.87 -1.84 -32.67
N VAL Q 1022 190.16 -1.73 -33.97
CA VAL Q 1022 189.81 -0.56 -34.76
C VAL Q 1022 189.00 -1.04 -35.96
N ASN Q 1023 187.93 -0.33 -36.30
CA ASN Q 1023 187.13 -0.57 -37.49
C ASN Q 1023 187.16 0.64 -38.44
N ILE Q 1024 186.86 0.43 -39.72
CA ILE Q 1024 186.58 1.49 -40.69
C ILE Q 1024 185.13 1.39 -41.19
N VAL Q 1025 184.45 2.53 -41.31
CA VAL Q 1025 183.09 2.65 -41.84
C VAL Q 1025 183.04 3.66 -42.99
N GLY Q 1026 182.23 3.34 -43.99
CA GLY Q 1026 182.03 4.10 -45.22
C GLY Q 1026 181.53 3.20 -46.36
N PRO Q 1027 181.26 3.77 -47.54
CA PRO Q 1027 180.84 3.02 -48.71
C PRO Q 1027 182.00 2.18 -49.28
N GLN Q 1028 181.67 1.16 -50.08
CA GLN Q 1028 182.63 0.26 -50.74
C GLN Q 1028 183.64 -0.39 -49.77
N LEU Q 1029 183.15 -1.07 -48.72
CA LEU Q 1029 183.97 -1.81 -47.75
C LEU Q 1029 183.61 -3.31 -47.66
N SER Q 1030 182.87 -3.87 -48.62
CA SER Q 1030 182.53 -5.30 -48.68
C SER Q 1030 183.74 -6.21 -48.94
N ASP Q 1031 184.75 -5.68 -49.62
CA ASP Q 1031 185.95 -6.35 -50.13
C ASP Q 1031 187.22 -6.06 -49.29
N LYS Q 1032 187.12 -5.15 -48.31
CA LYS Q 1032 188.26 -4.59 -47.59
C LYS Q 1032 188.17 -4.88 -46.10
N LYS Q 1033 189.33 -5.08 -45.48
CA LYS Q 1033 189.48 -5.43 -44.06
C LYS Q 1033 188.90 -4.32 -43.19
N ARG Q 1034 187.65 -4.50 -42.77
CA ARG Q 1034 186.91 -3.51 -41.96
C ARG Q 1034 187.39 -3.43 -40.51
N LYS Q 1035 188.24 -4.34 -40.05
CA LYS Q 1035 188.63 -4.52 -38.65
C LYS Q 1035 190.12 -4.86 -38.47
N PHE Q 1036 190.74 -4.38 -37.40
CA PHE Q 1036 192.06 -4.79 -36.88
C PHE Q 1036 192.00 -4.95 -35.36
N ALA Q 1037 192.96 -5.62 -34.74
CA ALA Q 1037 193.10 -5.70 -33.28
C ALA Q 1037 194.55 -5.78 -32.78
N THR Q 1038 194.86 -5.14 -31.65
CA THR Q 1038 196.22 -5.16 -31.05
C THR Q 1038 196.50 -6.48 -30.32
N LYS Q 1039 197.75 -6.72 -29.90
CA LYS Q 1039 198.01 -7.66 -28.78
C LYS Q 1039 197.29 -7.16 -27.52
N SER Q 1040 197.10 -8.06 -26.56
CA SER Q 1040 196.58 -7.74 -25.22
C SER Q 1040 197.67 -7.23 -24.25
N LYS Q 1041 197.27 -6.49 -23.20
CA LYS Q 1041 198.12 -6.08 -22.06
C LYS Q 1041 197.49 -6.52 -20.74
N ASN Q 1042 198.25 -7.20 -19.89
CA ASN Q 1042 197.70 -7.70 -18.62
C ASN Q 1042 197.45 -6.57 -17.62
N ASN Q 1043 196.32 -6.66 -16.92
CA ASN Q 1043 195.98 -5.95 -15.68
C ASN Q 1043 196.25 -4.44 -15.77
N SER Q 1044 195.71 -3.77 -16.79
CA SER Q 1044 196.10 -2.40 -17.13
C SER Q 1044 194.97 -1.57 -17.74
N TRP Q 1045 194.43 -0.61 -16.99
CA TRP Q 1045 193.32 0.27 -17.40
C TRP Q 1045 193.72 1.57 -18.11
N ALA Q 1046 195.03 1.83 -18.24
CA ALA Q 1046 195.57 2.77 -19.21
C ALA Q 1046 196.64 2.08 -20.11
N PRO Q 1047 196.27 1.02 -20.84
CA PRO Q 1047 197.22 0.17 -21.55
C PRO Q 1047 197.78 0.87 -22.78
N LYS Q 1048 199.10 0.80 -22.95
CA LYS Q 1048 199.79 1.20 -24.19
C LYS Q 1048 199.89 0.02 -25.16
N TYR Q 1049 200.04 0.30 -26.44
CA TYR Q 1049 200.19 -0.72 -27.48
C TYR Q 1049 201.29 -0.35 -28.45
N ASN Q 1050 201.25 0.86 -29.01
CA ASN Q 1050 202.16 1.32 -30.05
C ASN Q 1050 202.15 0.39 -31.28
N GLU Q 1051 200.98 -0.17 -31.59
CA GLU Q 1051 200.77 -1.14 -32.68
C GLU Q 1051 200.06 -0.47 -33.86
N SER Q 1052 200.59 -0.69 -35.07
CA SER Q 1052 200.16 0.03 -36.26
C SER Q 1052 199.37 -0.87 -37.22
N PHE Q 1053 198.14 -0.45 -37.52
CA PHE Q 1053 197.23 -1.06 -38.48
C PHE Q 1053 197.20 -0.27 -39.79
N GLN Q 1054 196.70 -0.87 -40.87
CA GLN Q 1054 196.63 -0.21 -42.18
C GLN Q 1054 195.32 -0.58 -42.89
N PHE Q 1055 194.26 0.20 -42.65
CA PHE Q 1055 193.02 0.09 -43.44
C PHE Q 1055 193.23 0.57 -44.87
N SER Q 1056 192.39 0.06 -45.77
CA SER Q 1056 192.23 0.61 -47.11
C SER Q 1056 190.81 1.20 -47.26
N LEU Q 1057 190.73 2.46 -47.67
CA LEU Q 1057 189.47 3.10 -48.10
C LEU Q 1057 189.14 2.70 -49.55
N SER Q 1058 188.02 3.13 -50.10
CA SER Q 1058 187.89 3.14 -51.57
C SER Q 1058 188.84 4.16 -52.21
N ALA Q 1059 189.23 3.93 -53.45
CA ALA Q 1059 189.84 4.97 -54.28
C ALA Q 1059 188.82 6.07 -54.67
N ASP Q 1060 187.57 5.69 -54.98
CA ASP Q 1060 186.59 6.62 -55.55
C ASP Q 1060 185.96 7.54 -54.50
N ALA Q 1061 185.49 7.00 -53.39
CA ALA Q 1061 184.98 7.77 -52.26
C ALA Q 1061 186.13 8.49 -51.53
N GLY Q 1062 185.97 9.79 -51.29
CA GLY Q 1062 186.95 10.58 -50.56
C GLY Q 1062 186.96 10.26 -49.06
N PRO Q 1063 187.96 10.72 -48.30
CA PRO Q 1063 188.10 10.40 -46.89
C PRO Q 1063 186.93 10.95 -46.05
N GLU Q 1064 186.25 12.01 -46.50
CA GLU Q 1064 185.03 12.50 -45.89
C GLU Q 1064 183.81 11.55 -46.05
N CYS Q 1065 183.91 10.55 -46.92
CA CYS Q 1065 182.97 9.43 -46.95
C CYS Q 1065 183.28 8.37 -45.90
N TYR Q 1066 184.32 8.56 -45.07
CA TYR Q 1066 184.79 7.56 -44.13
C TYR Q 1066 184.98 8.10 -42.72
N GLU Q 1067 185.01 7.15 -41.81
CA GLU Q 1067 185.21 7.35 -40.39
C GLU Q 1067 185.76 6.05 -39.79
N LEU Q 1068 186.77 6.15 -38.94
CA LEU Q 1068 187.16 5.04 -38.08
C LEU Q 1068 186.15 4.90 -36.96
N GLN Q 1069 185.93 3.67 -36.52
CA GLN Q 1069 185.09 3.33 -35.37
C GLN Q 1069 185.89 2.42 -34.44
N VAL Q 1070 186.60 3.04 -33.50
CA VAL Q 1070 187.52 2.41 -32.54
C VAL Q 1070 186.75 1.70 -31.44
N CYS Q 1071 187.22 0.53 -30.98
CA CYS Q 1071 186.56 -0.25 -29.94
C CYS Q 1071 187.56 -1.01 -29.05
N VAL Q 1072 187.66 -0.63 -27.78
CA VAL Q 1072 188.50 -1.36 -26.83
C VAL Q 1072 187.80 -2.66 -26.43
N LYS Q 1073 188.56 -3.73 -26.21
CA LYS Q 1073 188.05 -5.05 -25.84
C LYS Q 1073 188.92 -5.77 -24.82
N ASP Q 1074 188.32 -6.65 -24.01
CA ASP Q 1074 189.02 -7.46 -23.01
C ASP Q 1074 189.27 -8.88 -23.53
N TYR Q 1075 190.53 -9.32 -23.65
CA TYR Q 1075 190.89 -10.62 -24.21
C TYR Q 1075 190.68 -11.77 -23.23
N CYS Q 1076 189.94 -12.80 -23.63
CA CYS Q 1076 189.69 -13.97 -22.81
C CYS Q 1076 189.80 -15.26 -23.67
N PHE Q 1077 191.02 -15.78 -23.87
CA PHE Q 1077 191.26 -17.03 -24.62
C PHE Q 1077 190.47 -18.21 -24.03
N ALA Q 1078 190.08 -19.14 -24.90
CA ALA Q 1078 189.12 -20.24 -24.66
C ALA Q 1078 187.69 -19.80 -24.27
N ARG Q 1079 187.54 -18.66 -23.60
CA ARG Q 1079 186.26 -17.98 -23.34
C ARG Q 1079 185.91 -17.08 -24.53
N GLU Q 1080 185.54 -15.82 -24.27
CA GLU Q 1080 185.06 -14.82 -25.21
C GLU Q 1080 185.59 -13.42 -24.88
N ASP Q 1081 185.98 -12.65 -25.90
CA ASP Q 1081 186.43 -11.27 -25.70
C ASP Q 1081 185.24 -10.29 -25.55
N ARG Q 1082 185.42 -9.15 -24.85
CA ARG Q 1082 184.31 -8.28 -24.42
C ARG Q 1082 184.48 -6.79 -24.76
N THR Q 1083 183.49 -6.11 -25.34
CA THR Q 1083 183.54 -4.67 -25.71
C THR Q 1083 183.55 -3.76 -24.49
N VAL Q 1084 184.62 -2.98 -24.37
CA VAL Q 1084 184.85 -2.00 -23.32
C VAL Q 1084 184.35 -0.59 -23.68
N GLY Q 1085 184.25 -0.22 -24.97
CA GLY Q 1085 183.69 1.06 -25.41
C GLY Q 1085 183.87 1.29 -26.90
N LEU Q 1086 183.26 2.34 -27.47
CA LEU Q 1086 183.30 2.65 -28.91
C LEU Q 1086 183.54 4.15 -29.17
N ALA Q 1087 184.40 4.56 -30.10
CA ALA Q 1087 184.55 5.97 -30.52
C ALA Q 1087 184.60 6.13 -32.04
N VAL Q 1088 184.05 7.21 -32.60
CA VAL Q 1088 184.12 7.49 -34.04
C VAL Q 1088 185.09 8.63 -34.33
N LEU Q 1089 186.04 8.40 -35.23
CA LEU Q 1089 186.95 9.42 -35.76
C LEU Q 1089 186.65 9.63 -37.24
N GLN Q 1090 186.10 10.80 -37.57
CA GLN Q 1090 185.77 11.17 -38.95
C GLN Q 1090 187.02 11.34 -39.79
N LEU Q 1091 187.15 10.60 -40.90
CA LEU Q 1091 188.30 10.77 -41.78
C LEU Q 1091 188.24 12.05 -42.63
N ARG Q 1092 187.11 12.77 -42.63
CA ARG Q 1092 187.04 14.18 -43.09
C ARG Q 1092 188.05 15.09 -42.37
N GLU Q 1093 188.32 14.86 -41.08
CA GLU Q 1093 189.33 15.63 -40.33
C GLU Q 1093 190.75 15.32 -40.84
N LEU Q 1094 191.05 14.04 -40.96
CA LEU Q 1094 192.35 13.56 -41.43
C LEU Q 1094 192.61 13.90 -42.91
N ALA Q 1095 191.57 14.10 -43.71
CA ALA Q 1095 191.69 14.69 -45.05
C ALA Q 1095 192.44 16.04 -45.02
N GLN Q 1096 192.15 16.87 -44.01
CA GLN Q 1096 192.82 18.16 -43.80
C GLN Q 1096 194.13 17.96 -43.04
N ARG Q 1097 194.09 17.24 -41.91
CA ARG Q 1097 195.21 17.12 -40.97
C ARG Q 1097 196.37 16.30 -41.55
N GLY Q 1098 196.09 15.40 -42.49
CA GLY Q 1098 197.03 14.43 -43.08
C GLY Q 1098 197.43 13.33 -42.11
N SER Q 1099 197.77 13.71 -40.87
CA SER Q 1099 197.85 12.81 -39.73
C SER Q 1099 197.35 13.50 -38.46
N ALA Q 1100 196.91 12.71 -37.48
CA ALA Q 1100 196.28 13.19 -36.27
C ALA Q 1100 196.57 12.27 -35.09
N ALA Q 1101 197.30 12.78 -34.10
CA ALA Q 1101 197.27 12.25 -32.74
C ALA Q 1101 196.03 12.79 -32.02
N CYS Q 1102 195.12 11.92 -31.59
CA CYS Q 1102 193.85 12.34 -30.98
C CYS Q 1102 193.42 11.40 -29.84
N TRP Q 1103 192.91 11.98 -28.76
CA TRP Q 1103 192.16 11.26 -27.72
C TRP Q 1103 190.69 11.13 -28.11
N LEU Q 1104 190.29 9.92 -28.48
CA LEU Q 1104 188.93 9.59 -28.85
C LEU Q 1104 188.13 9.17 -27.60
N PRO Q 1105 187.21 9.98 -27.05
CA PRO Q 1105 186.35 9.55 -25.96
C PRO Q 1105 185.48 8.36 -26.39
N LEU Q 1106 185.61 7.23 -25.70
CA LEU Q 1106 184.80 6.03 -25.95
C LEU Q 1106 183.39 6.27 -25.42
N GLY Q 1107 182.39 6.28 -26.28
CA GLY Q 1107 181.00 6.14 -25.89
C GLY Q 1107 180.60 4.68 -25.64
N ARG Q 1108 179.41 4.52 -25.07
CA ARG Q 1108 178.71 3.23 -24.97
C ARG Q 1108 177.93 2.92 -26.27
N ARG Q 1109 177.45 3.96 -26.97
CA ARG Q 1109 176.79 3.93 -28.29
C ARG Q 1109 177.21 5.14 -29.15
N ILE Q 1110 176.78 5.16 -30.40
CA ILE Q 1110 177.09 6.18 -31.42
C ILE Q 1110 175.81 6.96 -31.81
N HIS Q 1111 175.84 8.28 -31.76
CA HIS Q 1111 174.65 9.15 -31.93
C HIS Q 1111 174.24 9.35 -33.42
N MET Q 1112 172.95 9.54 -33.71
CA MET Q 1112 172.43 9.71 -35.08
C MET Q 1112 171.42 10.86 -35.21
N ASP Q 1113 171.23 11.30 -36.45
CA ASP Q 1113 170.18 12.21 -36.86
C ASP Q 1113 169.11 11.51 -37.73
N ASP Q 1114 168.07 12.25 -38.09
CA ASP Q 1114 166.93 11.77 -38.88
C ASP Q 1114 167.31 11.19 -40.24
N THR Q 1115 168.46 11.56 -40.79
CA THR Q 1115 168.93 11.14 -42.10
C THR Q 1115 169.84 9.93 -41.94
N GLY Q 1116 170.59 9.86 -40.85
CA GLY Q 1116 171.14 8.61 -40.38
C GLY Q 1116 170.05 7.59 -40.19
N LEU Q 1117 168.96 7.97 -39.53
CA LEU Q 1117 167.81 7.11 -39.27
C LEU Q 1117 166.97 6.81 -40.51
N THR Q 1118 166.72 7.76 -41.42
CA THR Q 1118 166.02 7.48 -42.70
C THR Q 1118 166.85 6.49 -43.52
N VAL Q 1119 168.15 6.71 -43.61
CA VAL Q 1119 169.02 5.75 -44.28
C VAL Q 1119 169.02 4.41 -43.57
N LEU Q 1120 169.14 4.37 -42.25
CA LEU Q 1120 169.14 3.13 -41.47
C LEU Q 1120 167.81 2.37 -41.64
N ARG Q 1121 166.66 3.06 -41.80
CA ARG Q 1121 165.35 2.46 -42.15
C ARG Q 1121 165.32 1.85 -43.55
N ILE Q 1122 166.10 2.38 -44.47
CA ILE Q 1122 166.20 1.89 -45.85
C ILE Q 1122 167.26 0.79 -45.97
N LEU Q 1123 168.34 0.86 -45.22
CA LEU Q 1123 169.33 -0.20 -45.06
C LEU Q 1123 168.80 -1.38 -44.24
N SER Q 1124 167.95 -1.13 -43.26
CA SER Q 1124 167.27 -2.19 -42.52
C SER Q 1124 166.26 -2.92 -43.42
N GLN Q 1125 165.66 -2.25 -44.41
CA GLN Q 1125 164.93 -2.93 -45.49
C GLN Q 1125 165.79 -3.86 -46.33
N ARG Q 1126 167.07 -3.55 -46.47
CA ARG Q 1126 168.04 -4.45 -47.10
C ARG Q 1126 168.56 -5.43 -46.04
N SER Q 1127 167.65 -6.04 -45.28
CA SER Q 1127 167.90 -6.98 -44.19
C SER Q 1127 168.71 -8.22 -44.60
N ASN Q 1128 168.76 -8.54 -45.90
CA ASN Q 1128 169.52 -9.66 -46.47
C ASN Q 1128 170.90 -9.25 -47.02
N ASP Q 1129 171.09 -7.98 -47.39
CA ASP Q 1129 172.36 -7.48 -47.92
C ASP Q 1129 173.40 -7.51 -46.80
N GLU Q 1130 174.50 -8.23 -47.00
CA GLU Q 1130 175.50 -8.40 -45.95
C GLU Q 1130 176.22 -7.11 -45.57
N VAL Q 1131 176.38 -6.18 -46.52
CA VAL Q 1131 176.93 -4.85 -46.21
C VAL Q 1131 175.91 -4.04 -45.43
N ALA Q 1132 174.63 -4.06 -45.83
CA ALA Q 1132 173.58 -3.34 -45.12
C ALA Q 1132 173.34 -3.93 -43.72
N LYS Q 1133 173.31 -5.25 -43.58
CA LYS Q 1133 173.35 -5.95 -42.29
C LYS Q 1133 174.54 -5.50 -41.45
N GLU Q 1134 175.78 -5.63 -41.94
CA GLU Q 1134 176.97 -5.29 -41.16
C GLU Q 1134 177.04 -3.80 -40.84
N PHE Q 1135 176.52 -2.93 -41.71
CA PHE Q 1135 176.39 -1.51 -41.42
C PHE Q 1135 175.36 -1.25 -40.32
N VAL Q 1136 174.13 -1.74 -40.49
CA VAL Q 1136 173.03 -1.60 -39.53
C VAL Q 1136 173.45 -2.20 -38.17
N LYS Q 1137 174.18 -3.32 -38.18
CA LYS Q 1137 174.81 -3.92 -37.00
C LYS Q 1137 175.91 -3.03 -36.42
N LEU Q 1138 176.94 -2.66 -37.17
CA LEU Q 1138 178.07 -1.87 -36.66
C LEU Q 1138 177.65 -0.48 -36.14
N LYS Q 1139 176.55 0.09 -36.65
CA LYS Q 1139 175.97 1.34 -36.12
C LYS Q 1139 174.96 1.16 -34.99
N SER Q 1140 174.34 -0.01 -34.89
CA SER Q 1140 173.60 -0.42 -33.68
C SER Q 1140 174.51 -1.16 -32.68
N ASP Q 1141 175.83 -1.11 -32.88
CA ASP Q 1141 176.83 -1.73 -32.02
C ASP Q 1141 177.04 -0.93 -30.74
N THR Q 1142 177.06 -1.59 -29.58
CA THR Q 1142 177.11 -0.94 -28.27
C THR Q 1142 177.93 -1.73 -27.25
N ARG Q 1143 178.45 -1.02 -26.25
CA ARG Q 1143 179.15 -1.60 -25.09
C ARG Q 1143 178.15 -2.25 -24.12
N SER Q 1144 178.46 -3.44 -23.61
CA SER Q 1144 177.81 -3.99 -22.41
C SER Q 1144 178.19 -3.17 -21.17
N ALA Q 1145 177.22 -2.78 -20.34
CA ALA Q 1145 177.47 -1.87 -19.21
C ALA Q 1145 178.30 -2.49 -18.08
N GLU Q 1146 178.43 -3.82 -18.05
CA GLU Q 1146 179.18 -4.56 -17.03
C GLU Q 1146 180.66 -4.15 -16.96
N GLU Q 1147 181.26 -4.29 -15.78
CA GLU Q 1147 182.58 -3.74 -15.41
C GLU Q 1147 182.68 -2.19 -15.43
N GLY Q 1148 181.61 -1.44 -15.74
CA GLY Q 1148 181.67 0.02 -15.89
C GLY Q 1148 180.36 0.83 -15.94
N GLY Q 1149 179.41 0.56 -15.03
CA GLY Q 1149 178.44 1.57 -14.57
C GLY Q 1149 177.21 1.93 -15.45
N ALA Q 1150 177.03 3.23 -15.69
CA ALA Q 1150 175.77 3.88 -16.09
C ALA Q 1150 175.26 3.57 -17.52
N ALA Q 1151 174.09 4.12 -17.86
CA ALA Q 1151 173.40 3.93 -19.14
C ALA Q 1151 173.91 4.81 -20.30
N PRO Q 1152 173.77 4.37 -21.57
CA PRO Q 1152 173.97 5.20 -22.77
C PRO Q 1152 172.90 6.30 -22.92
N ALA Q 1153 173.09 7.19 -23.90
CA ALA Q 1153 172.09 8.18 -24.32
C ALA Q 1153 172.09 8.36 -25.87
N PRO Q 1154 170.94 8.69 -26.47
CA PRO Q 1154 170.72 8.68 -27.92
C PRO Q 1154 171.69 9.59 -28.69
N GLU R 23 69.53 104.80 -136.90
CA GLU R 23 68.77 106.01 -136.46
C GLU R 23 67.25 105.82 -136.57
N GLU R 24 66.72 105.53 -137.76
CA GLU R 24 65.29 105.29 -138.04
C GLU R 24 64.59 104.44 -136.97
N LEU R 25 65.06 103.21 -136.74
CA LEU R 25 64.53 102.32 -135.70
C LEU R 25 64.65 102.93 -134.31
N LYS R 26 65.79 103.55 -133.97
CA LYS R 26 66.00 104.17 -132.66
C LYS R 26 64.99 105.27 -132.37
N ASN R 27 64.75 106.16 -133.31
CA ASN R 27 63.76 107.21 -133.16
C ASN R 27 62.32 106.68 -133.18
N HIS R 28 62.02 105.73 -134.06
CA HIS R 28 60.76 105.00 -134.07
C HIS R 28 60.46 104.33 -132.72
N VAL R 29 61.45 103.65 -132.16
CA VAL R 29 61.36 102.98 -130.87
C VAL R 29 61.32 103.97 -129.73
N TYR R 30 62.06 105.07 -129.78
CA TYR R 30 61.93 106.17 -128.80
C TYR R 30 60.48 106.60 -128.70
N LYS R 31 59.89 106.97 -129.84
CA LYS R 31 58.49 107.40 -129.96
C LYS R 31 57.52 106.33 -129.49
N LYS R 32 57.70 105.08 -129.91
CA LYS R 32 56.83 103.96 -129.48
C LYS R 32 57.01 103.57 -128.03
N THR R 33 58.16 103.84 -127.44
CA THR R 33 58.42 103.65 -126.01
C THR R 33 57.76 104.77 -125.22
N LEU R 34 57.90 106.02 -125.66
CA LEU R 34 57.18 107.14 -125.08
C LEU R 34 55.66 106.91 -125.12
N GLN R 35 55.10 106.55 -126.28
CA GLN R 35 53.69 106.21 -126.38
C GLN R 35 53.32 105.00 -125.52
N ALA R 36 54.17 103.96 -125.49
CA ALA R 36 53.87 102.75 -124.74
C ALA R 36 53.72 102.97 -123.25
N LEU R 37 54.47 103.92 -122.70
CA LEU R 37 54.59 104.15 -121.26
C LEU R 37 53.94 105.44 -120.78
N ILE R 38 53.57 106.39 -121.64
CA ILE R 38 52.81 107.59 -121.21
C ILE R 38 51.41 107.19 -120.76
N TYR R 39 50.71 106.41 -121.58
CA TYR R 39 49.62 105.58 -121.11
C TYR R 39 50.18 104.16 -121.06
N PRO R 40 50.80 103.74 -119.94
CA PRO R 40 51.23 102.36 -119.82
C PRO R 40 50.01 101.45 -119.98
N ILE R 41 50.15 100.29 -120.61
CA ILE R 41 49.02 99.36 -120.76
C ILE R 41 48.45 98.93 -119.40
N SER R 42 49.23 99.06 -118.33
CA SER R 42 48.81 98.87 -116.95
C SER R 42 47.78 99.89 -116.43
N CYS R 43 47.39 100.91 -117.22
CA CYS R 43 46.21 101.75 -116.92
C CYS R 43 44.86 101.04 -117.12
N THR R 44 44.82 99.97 -117.93
CA THR R 44 43.59 99.44 -118.53
C THR R 44 42.78 98.49 -117.64
N THR R 45 41.48 98.34 -117.95
CA THR R 45 40.47 97.57 -117.20
C THR R 45 39.79 96.53 -118.11
N PRO R 46 39.41 95.33 -117.63
CA PRO R 46 38.79 94.29 -118.47
C PRO R 46 37.26 94.29 -118.44
N HIS R 47 36.62 93.94 -119.56
CA HIS R 47 35.16 93.87 -119.68
C HIS R 47 34.58 92.58 -119.09
N ASN R 48 33.86 92.70 -117.98
CA ASN R 48 33.07 91.61 -117.41
C ASN R 48 31.77 91.37 -118.20
N PHE R 49 31.83 90.65 -119.32
CA PHE R 49 30.64 90.28 -120.10
C PHE R 49 29.82 89.15 -119.52
N GLU R 50 28.52 89.38 -119.38
CA GLU R 50 27.49 88.33 -119.35
C GLU R 50 26.94 88.10 -120.76
N VAL R 51 26.59 86.86 -121.07
CA VAL R 51 25.68 86.56 -122.19
C VAL R 51 24.33 87.19 -121.88
N TRP R 52 23.79 87.93 -122.84
CA TRP R 52 22.49 88.57 -122.66
C TRP R 52 21.65 88.45 -123.93
N THR R 53 20.44 87.96 -123.77
CA THR R 53 19.45 87.88 -124.84
C THR R 53 18.89 89.27 -125.11
N ALA R 54 19.05 89.78 -126.33
CA ALA R 54 18.28 90.90 -126.84
C ALA R 54 16.83 90.45 -127.09
N THR R 55 16.05 90.25 -126.02
CA THR R 55 14.63 89.79 -126.04
C THR R 55 13.70 90.72 -126.84
N THR R 56 14.21 91.87 -127.27
CA THR R 56 13.66 92.80 -128.27
C THR R 56 14.77 93.21 -129.26
N PRO R 57 14.45 93.58 -130.53
CA PRO R 57 15.43 94.07 -131.50
C PRO R 57 16.30 95.21 -130.95
N THR R 58 17.61 95.01 -130.91
CA THR R 58 18.61 95.88 -130.25
C THR R 58 19.82 96.04 -131.16
N TYR R 59 20.61 97.11 -131.01
CA TYR R 59 21.73 97.41 -131.91
C TYR R 59 23.06 97.55 -131.17
N CYS R 60 24.06 96.81 -131.66
CA CYS R 60 25.35 96.61 -130.99
C CYS R 60 26.14 97.91 -130.80
N TYR R 61 26.65 98.19 -129.60
CA TYR R 61 27.41 99.43 -129.33
C TYR R 61 28.76 99.48 -130.04
N GLU R 62 29.22 98.39 -130.65
CA GLU R 62 30.31 98.44 -131.63
C GLU R 62 29.77 98.74 -133.04
N CYS R 63 29.15 97.75 -133.68
CA CYS R 63 28.82 97.76 -135.10
C CYS R 63 27.47 98.39 -135.47
N GLU R 64 26.64 98.72 -134.48
CA GLU R 64 25.23 99.09 -134.64
C GLU R 64 24.38 98.01 -135.35
N GLY R 65 24.88 96.78 -135.44
CA GLY R 65 24.22 95.63 -136.07
C GLY R 65 23.17 94.96 -135.17
N LEU R 66 22.21 94.28 -135.78
CA LEU R 66 21.05 93.70 -135.08
C LEU R 66 21.43 92.57 -134.12
N LEU R 67 21.02 92.78 -132.87
CA LEU R 67 20.90 91.80 -131.80
C LEU R 67 19.40 91.52 -131.65
N TRP R 68 18.99 90.26 -131.69
CA TRP R 68 17.58 89.91 -131.64
C TRP R 68 17.37 88.45 -131.21
N GLY R 69 16.54 88.29 -130.18
CA GLY R 69 16.11 87.02 -129.63
C GLY R 69 17.28 86.15 -129.19
N ILE R 70 17.00 84.85 -129.11
CA ILE R 70 18.04 83.83 -128.99
C ILE R 70 18.84 83.74 -130.31
N ALA R 71 18.22 84.02 -131.46
CA ALA R 71 18.81 83.91 -132.80
C ALA R 71 20.09 84.74 -132.98
N ARG R 72 20.09 85.96 -132.42
CA ARG R 72 21.21 86.90 -132.42
C ARG R 72 21.37 87.51 -131.02
N GLN R 73 21.72 86.68 -130.03
CA GLN R 73 22.11 87.15 -128.68
C GLN R 73 23.26 88.16 -128.71
N GLY R 74 23.38 88.94 -127.65
CA GLY R 74 24.53 89.79 -127.39
C GLY R 74 25.30 89.41 -126.13
N MET R 75 26.30 90.23 -125.83
CA MET R 75 26.99 90.29 -124.57
C MET R 75 26.67 91.63 -123.94
N ARG R 76 26.26 91.62 -122.68
CA ARG R 76 26.11 92.81 -121.86
C ARG R 76 27.26 92.77 -120.87
N CYS R 77 28.18 93.72 -120.90
CA CYS R 77 29.10 93.84 -119.78
C CYS R 77 28.35 94.30 -118.53
N THR R 78 28.83 93.97 -117.34
CA THR R 78 28.38 94.63 -116.11
C THR R 78 29.19 95.90 -115.85
N GLU R 79 30.52 95.78 -115.81
CA GLU R 79 31.45 96.85 -115.44
C GLU R 79 31.41 97.97 -116.46
N CYS R 80 31.72 97.68 -117.74
CA CYS R 80 31.40 98.61 -118.80
C CYS R 80 29.94 98.59 -119.21
N GLY R 81 29.06 97.73 -118.69
CA GLY R 81 27.62 97.76 -118.99
C GLY R 81 27.22 97.38 -120.43
N VAL R 82 28.22 97.31 -121.31
CA VAL R 82 28.13 97.55 -122.76
C VAL R 82 27.41 96.42 -123.49
N LYS R 83 26.48 96.76 -124.39
CA LYS R 83 25.62 95.80 -125.10
C LYS R 83 26.10 95.65 -126.53
N CYS R 84 26.46 94.44 -126.94
CA CYS R 84 27.12 94.20 -128.22
C CYS R 84 26.85 92.79 -128.74
N HIS R 85 27.15 92.50 -130.01
CA HIS R 85 27.27 91.10 -130.45
C HIS R 85 28.30 90.37 -129.58
N GLU R 86 28.20 89.06 -129.50
CA GLU R 86 29.34 88.22 -129.12
C GLU R 86 30.56 88.51 -130.01
N LYS R 87 30.39 88.41 -131.34
CA LYS R 87 31.47 88.76 -132.27
C LYS R 87 31.96 90.21 -132.16
N CYS R 88 31.21 91.09 -131.49
CA CYS R 88 31.62 92.45 -131.20
C CYS R 88 32.19 92.68 -129.81
N GLN R 89 31.99 91.80 -128.84
CA GLN R 89 32.37 92.09 -127.46
C GLN R 89 33.89 92.30 -127.29
N ASP R 90 34.67 91.79 -128.25
CA ASP R 90 36.10 92.02 -128.40
C ASP R 90 36.43 93.17 -129.37
N LEU R 91 35.59 93.40 -130.38
CA LEU R 91 35.72 94.53 -131.31
C LEU R 91 35.39 95.86 -130.64
N LEU R 92 34.67 95.83 -129.51
CA LEU R 92 34.66 96.89 -128.52
C LEU R 92 36.08 97.09 -127.97
N ASN R 93 36.88 97.91 -128.66
CA ASN R 93 38.34 97.92 -128.56
C ASN R 93 38.89 98.47 -127.22
N ALA R 94 38.32 99.57 -126.71
CA ALA R 94 38.91 100.30 -125.58
C ALA R 94 38.63 99.59 -124.24
N ASP R 95 39.41 99.93 -123.21
CA ASP R 95 39.33 99.26 -121.91
C ASP R 95 37.98 99.42 -121.21
N CYS R 96 37.75 98.71 -120.13
CA CYS R 96 36.47 98.74 -119.44
C CYS R 96 36.16 100.10 -118.81
N LEU R 97 37.15 100.93 -118.43
CA LEU R 97 36.87 102.34 -118.16
C LEU R 97 36.27 103.00 -119.41
N GLN R 98 37.01 103.02 -120.52
CA GLN R 98 36.58 103.70 -121.73
C GLN R 98 35.24 103.16 -122.25
N ARG R 99 35.06 101.83 -122.33
CA ARG R 99 33.77 101.24 -122.72
C ARG R 99 32.69 101.39 -121.66
N ALA R 100 32.99 101.58 -120.38
CA ALA R 100 31.96 102.01 -119.42
C ALA R 100 31.50 103.43 -119.77
N ALA R 101 32.42 104.30 -120.17
CA ALA R 101 32.10 105.61 -120.71
C ALA R 101 31.27 105.53 -122.00
N GLU R 102 31.70 104.76 -123.00
CA GLU R 102 30.96 104.63 -124.26
C GLU R 102 29.59 103.96 -124.08
N LYS R 103 29.46 102.91 -123.26
CA LYS R 103 28.16 102.39 -122.81
C LYS R 103 27.32 103.48 -122.19
N SER R 104 27.88 104.28 -121.30
CA SER R 104 27.14 105.34 -120.62
C SER R 104 26.63 106.35 -121.65
N SER R 105 27.41 106.69 -122.69
CA SER R 105 26.92 107.53 -123.78
C SER R 105 25.80 106.89 -124.61
N LYS R 106 25.81 105.55 -124.78
CA LYS R 106 24.80 104.81 -125.56
C LYS R 106 23.56 104.38 -124.76
N HIS R 107 23.64 104.37 -123.43
CA HIS R 107 22.50 104.38 -122.51
C HIS R 107 21.92 105.80 -122.30
N GLY R 108 22.76 106.84 -122.20
CA GLY R 108 22.33 108.26 -122.18
C GLY R 108 23.39 109.30 -121.78
N ALA R 109 24.18 109.05 -120.73
CA ALA R 109 25.18 109.98 -120.20
C ALA R 109 26.45 110.07 -121.07
N GLU R 110 26.48 111.01 -122.02
CA GLU R 110 27.67 111.31 -122.84
C GLU R 110 28.82 111.92 -122.01
N ASP R 111 28.49 112.65 -120.94
CA ASP R 111 29.46 113.38 -120.11
C ASP R 111 30.51 112.46 -119.48
N ARG R 112 30.14 111.20 -119.22
CA ARG R 112 31.04 110.12 -118.79
C ARG R 112 32.21 109.95 -119.76
N THR R 113 31.99 110.10 -121.07
CA THR R 113 33.04 110.02 -122.09
C THR R 113 34.09 111.11 -121.88
N GLN R 114 33.68 112.37 -121.69
CA GLN R 114 34.59 113.46 -121.34
C GLN R 114 35.28 113.22 -120.01
N ASN R 115 34.57 112.70 -119.01
CA ASN R 115 35.17 112.25 -117.77
C ASN R 115 36.28 111.22 -118.00
N ILE R 116 36.11 110.20 -118.83
CA ILE R 116 37.15 109.17 -119.00
C ILE R 116 38.23 109.60 -120.00
N ILE R 117 37.95 110.54 -120.89
CA ILE R 117 39.00 111.33 -121.53
C ILE R 117 39.83 112.07 -120.47
N MET R 118 39.18 112.67 -119.48
CA MET R 118 39.89 113.28 -118.35
C MET R 118 40.58 112.23 -117.47
N VAL R 119 40.06 111.00 -117.33
CA VAL R 119 40.81 109.89 -116.72
C VAL R 119 42.06 109.57 -117.53
N LEU R 120 41.97 109.52 -118.84
CA LEU R 120 43.11 109.30 -119.73
C LEU R 120 44.14 110.42 -119.54
N LYS R 121 43.72 111.68 -119.56
CA LYS R 121 44.57 112.83 -119.24
C LYS R 121 45.21 112.69 -117.86
N ASP R 122 44.40 112.48 -116.83
CA ASP R 122 44.85 112.39 -115.45
C ASP R 122 45.79 111.22 -115.22
N ARG R 123 45.52 110.06 -115.82
CA ARG R 123 46.41 108.91 -115.84
C ARG R 123 47.78 109.29 -116.38
N MET R 124 47.83 109.94 -117.53
CA MET R 124 49.09 110.39 -118.15
C MET R 124 49.79 111.50 -117.34
N LYS R 125 49.06 112.45 -116.76
CA LYS R 125 49.62 113.47 -115.84
C LYS R 125 50.21 112.84 -114.56
N ILE R 126 49.47 111.94 -113.93
CA ILE R 126 49.90 111.20 -112.74
C ILE R 126 51.13 110.38 -113.11
N ARG R 127 51.06 109.61 -114.20
CA ARG R 127 52.17 108.80 -114.72
C ARG R 127 53.45 109.61 -114.88
N GLU R 128 53.35 110.75 -115.54
CA GLU R 128 54.42 111.72 -115.69
C GLU R 128 54.93 112.26 -114.36
N ARG R 129 54.03 112.68 -113.48
CA ARG R 129 54.36 113.33 -112.22
C ARG R 129 54.93 112.36 -111.20
N ASN R 130 54.52 111.10 -111.27
CA ASN R 130 54.88 110.04 -110.35
C ASN R 130 56.07 109.23 -110.83
N LYS R 131 56.15 108.99 -112.14
CA LYS R 131 57.28 108.32 -112.78
C LYS R 131 57.96 109.17 -113.85
N PRO R 132 58.29 110.44 -113.58
CA PRO R 132 58.99 111.28 -114.55
C PRO R 132 60.29 110.63 -115.01
N GLU R 133 60.93 109.89 -114.12
CA GLU R 133 62.17 109.17 -114.39
C GLU R 133 62.02 108.12 -115.50
N ILE R 134 60.82 107.57 -115.75
CA ILE R 134 60.63 106.73 -116.93
C ILE R 134 60.88 107.55 -118.20
N PHE R 135 60.27 108.72 -118.30
CA PHE R 135 60.26 109.53 -119.52
C PHE R 135 61.60 110.23 -119.75
N GLU R 136 62.21 110.71 -118.66
CA GLU R 136 63.59 111.16 -118.65
C GLU R 136 64.55 110.06 -119.07
N LEU R 137 64.42 108.85 -118.54
CA LEU R 137 65.34 107.78 -118.92
C LEU R 137 65.20 107.44 -120.42
N ILE R 138 63.98 107.38 -120.95
CA ILE R 138 63.75 107.20 -122.39
C ILE R 138 64.42 108.34 -123.17
N GLN R 139 64.25 109.58 -122.72
CA GLN R 139 64.96 110.72 -123.27
C GLN R 139 66.49 110.54 -123.22
N GLU R 140 67.10 110.16 -122.10
CA GLU R 140 68.54 110.01 -122.01
C GLU R 140 69.08 108.81 -122.80
N VAL R 141 68.40 107.66 -122.73
CA VAL R 141 68.73 106.42 -123.44
C VAL R 141 68.71 106.62 -124.93
N PHE R 142 67.69 107.35 -125.39
CA PHE R 142 67.57 107.77 -126.77
C PHE R 142 68.25 109.12 -127.03
N ALA R 143 68.99 109.64 -126.04
CA ALA R 143 69.80 110.84 -126.07
C ALA R 143 69.09 112.13 -126.54
N VAL R 144 67.77 112.16 -126.46
CA VAL R 144 66.95 113.31 -126.88
C VAL R 144 67.13 114.46 -125.88
N THR R 145 66.87 115.72 -126.25
CA THR R 145 66.94 116.84 -125.29
C THR R 145 65.68 116.93 -124.45
N LYS R 146 65.68 117.67 -123.33
CA LYS R 146 64.51 117.82 -122.45
C LYS R 146 63.36 118.61 -123.12
N SER R 147 63.69 119.67 -123.85
CA SER R 147 62.72 120.44 -124.64
C SER R 147 62.16 119.61 -125.79
N ALA R 148 63.00 118.98 -126.61
CA ALA R 148 62.53 118.15 -127.72
C ALA R 148 61.79 116.91 -127.22
N HIS R 149 62.20 116.34 -126.10
CA HIS R 149 61.44 115.35 -125.38
C HIS R 149 60.08 115.89 -124.97
N THR R 150 59.98 117.10 -124.44
CA THR R 150 58.69 117.74 -124.14
C THR R 150 57.82 117.90 -125.39
N GLN R 151 58.40 118.19 -126.55
CA GLN R 151 57.63 118.34 -127.78
C GLN R 151 57.24 117.00 -128.43
N GLN R 152 58.09 115.96 -128.43
CA GLN R 152 57.68 114.60 -128.81
C GLN R 152 56.73 113.99 -127.77
N MET R 153 56.84 114.40 -126.52
CA MET R 153 55.89 114.03 -125.48
C MET R 153 54.55 114.70 -125.72
N LYS R 154 54.48 115.99 -126.09
CA LYS R 154 53.26 116.59 -126.66
C LYS R 154 52.74 115.72 -127.80
N ALA R 155 53.60 115.26 -128.71
CA ALA R 155 53.15 114.39 -129.79
C ALA R 155 52.57 113.05 -129.28
N VAL R 156 53.22 112.28 -128.40
CA VAL R 156 52.65 110.99 -127.95
C VAL R 156 51.54 111.14 -126.91
N LYS R 157 51.55 112.22 -126.11
CA LYS R 157 50.39 112.64 -125.32
C LYS R 157 49.26 112.84 -126.29
N GLN R 158 49.43 113.68 -127.31
CA GLN R 158 48.39 113.90 -128.29
C GLN R 158 48.01 112.60 -129.00
N SER R 159 48.94 111.68 -129.28
CA SER R 159 48.59 110.39 -129.87
C SER R 159 47.77 109.47 -128.96
N VAL R 160 47.58 109.83 -127.69
CA VAL R 160 46.63 109.16 -126.77
C VAL R 160 45.63 110.15 -126.12
N LEU R 161 45.74 111.47 -126.37
CA LEU R 161 44.97 112.54 -125.72
C LEU R 161 44.24 113.46 -126.69
N ASP R 162 44.81 113.73 -127.86
CA ASP R 162 43.97 114.03 -129.03
C ASP R 162 43.33 112.70 -129.47
N GLY R 163 44.14 111.67 -129.66
CA GLY R 163 43.76 110.26 -129.91
C GLY R 163 43.14 109.53 -128.71
N THR R 164 42.44 110.25 -127.83
CA THR R 164 41.80 109.71 -126.62
C THR R 164 40.49 108.95 -126.87
N SER R 165 39.84 109.16 -128.02
CA SER R 165 38.50 108.62 -128.31
C SER R 165 38.10 108.82 -129.80
N LYS R 166 39.06 108.76 -130.72
CA LYS R 166 38.91 109.29 -132.09
C LYS R 166 38.62 108.22 -133.13
N TRP R 167 37.67 108.53 -134.02
CA TRP R 167 37.47 107.88 -135.33
C TRP R 167 37.31 109.00 -136.39
N SER R 168 38.21 109.98 -136.34
CA SER R 168 38.27 111.14 -137.24
C SER R 168 39.07 110.82 -138.51
N ALA R 169 38.61 109.82 -139.25
CA ALA R 169 39.30 109.25 -140.39
C ALA R 169 39.46 110.23 -141.55
N LYS R 170 40.70 110.49 -141.93
CA LYS R 170 40.99 110.84 -143.33
C LYS R 170 40.73 109.58 -144.16
N ILE R 171 40.18 109.79 -145.35
CA ILE R 171 39.84 108.75 -146.32
C ILE R 171 40.44 109.18 -147.67
N SER R 172 41.00 108.27 -148.44
CA SER R 172 41.68 108.57 -149.70
C SER R 172 41.25 107.58 -150.78
N ILE R 173 40.22 107.97 -151.51
CA ILE R 173 39.45 107.16 -152.44
C ILE R 173 40.06 107.30 -153.82
N THR R 174 40.88 106.35 -154.24
CA THR R 174 41.23 106.23 -155.65
C THR R 174 40.14 105.50 -156.41
N VAL R 175 39.39 106.23 -157.22
CA VAL R 175 38.59 105.64 -158.28
C VAL R 175 39.55 105.02 -159.29
N VAL R 176 39.63 103.70 -159.35
CA VAL R 176 40.60 103.01 -160.21
C VAL R 176 40.09 102.82 -161.62
N CYS R 177 39.01 102.07 -161.80
CA CYS R 177 38.53 101.67 -163.12
C CYS R 177 37.08 101.22 -163.04
N ALA R 178 36.42 101.01 -164.18
CA ALA R 178 35.14 100.32 -164.24
C ALA R 178 35.16 99.31 -165.40
N GLN R 179 34.20 98.39 -165.37
CA GLN R 179 34.01 97.32 -166.35
C GLN R 179 32.52 97.13 -166.65
N GLY R 180 32.14 96.94 -167.91
CA GLY R 180 30.76 96.61 -168.30
C GLY R 180 29.74 97.75 -168.15
N LEU R 181 30.18 99.02 -168.16
CA LEU R 181 29.28 100.18 -168.01
C LEU R 181 28.18 100.23 -169.09
N GLN R 182 27.05 100.85 -168.77
CA GLN R 182 26.02 101.11 -169.76
C GLN R 182 26.47 102.20 -170.73
N ALA R 183 26.13 102.06 -172.02
CA ALA R 183 26.34 103.12 -172.99
C ALA R 183 25.31 104.25 -172.84
N LYS R 184 25.75 105.50 -173.00
CA LYS R 184 24.92 106.73 -172.97
C LYS R 184 25.43 107.86 -173.89
N ASP R 185 26.54 107.67 -174.59
CA ASP R 185 27.33 108.82 -175.09
C ASP R 185 26.77 109.56 -176.30
N LYS R 186 27.32 110.75 -176.49
CA LYS R 186 27.47 111.42 -177.78
C LYS R 186 28.29 110.56 -178.78
N THR R 187 29.31 109.82 -178.32
CA THR R 187 30.10 108.84 -179.13
C THR R 187 29.39 107.50 -179.43
N GLY R 188 28.24 107.23 -178.81
CA GLY R 188 27.61 105.90 -178.77
C GLY R 188 28.19 104.90 -177.75
N SER R 189 29.31 105.20 -177.09
CA SER R 189 29.86 104.39 -175.99
C SER R 189 29.44 105.00 -174.65
N SER R 190 30.38 105.45 -173.81
CA SER R 190 30.22 106.54 -172.84
C SER R 190 31.50 107.31 -172.65
N ASP R 191 31.39 108.54 -172.15
CA ASP R 191 32.47 109.32 -171.59
C ASP R 191 32.40 109.25 -170.05
N PRO R 192 32.61 108.07 -169.43
CA PRO R 192 32.48 107.92 -168.00
C PRO R 192 33.50 108.77 -167.22
N TYR R 193 33.00 109.57 -166.29
CA TYR R 193 33.71 110.01 -165.09
C TYR R 193 32.95 109.54 -163.85
N VAL R 194 33.46 109.87 -162.68
CA VAL R 194 32.91 109.48 -161.39
C VAL R 194 32.85 110.69 -160.48
N THR R 195 31.79 110.84 -159.69
CA THR R 195 31.84 111.65 -158.47
C THR R 195 31.98 110.73 -157.27
N VAL R 196 32.74 111.19 -156.29
CA VAL R 196 32.78 110.59 -154.96
C VAL R 196 32.24 111.61 -153.97
N GLN R 197 31.49 111.16 -152.97
CA GLN R 197 30.96 111.98 -151.89
C GLN R 197 31.09 111.26 -150.55
N VAL R 198 31.52 111.98 -149.51
CA VAL R 198 31.56 111.50 -148.11
C VAL R 198 31.03 112.60 -147.20
N GLY R 199 30.05 112.30 -146.35
CA GLY R 199 29.24 113.36 -145.73
C GLY R 199 28.57 114.26 -146.78
N LYS R 200 28.58 115.58 -146.58
CA LYS R 200 28.10 116.57 -147.56
C LYS R 200 29.12 116.78 -148.72
N THR R 201 30.41 116.56 -148.47
CA THR R 201 31.51 116.89 -149.40
C THR R 201 31.50 116.01 -150.65
N LYS R 202 31.67 116.61 -151.83
CA LYS R 202 31.59 115.95 -153.14
C LYS R 202 32.75 116.39 -154.06
N LYS R 203 33.33 115.43 -154.79
CA LYS R 203 34.49 115.59 -155.70
C LYS R 203 34.29 114.72 -156.95
N ARG R 204 35.06 114.93 -158.02
CA ARG R 204 34.96 114.10 -159.24
C ARG R 204 36.30 113.72 -159.87
N THR R 205 36.33 112.54 -160.50
CA THR R 205 37.34 112.19 -161.49
C THR R 205 37.17 113.05 -162.73
N LYS R 206 38.26 113.23 -163.47
CA LYS R 206 38.19 113.56 -164.89
C LYS R 206 37.55 112.41 -165.65
N THR R 207 37.37 112.63 -166.94
CA THR R 207 36.54 111.79 -167.79
C THR R 207 37.40 110.89 -168.63
N ILE R 208 37.09 109.60 -168.67
CA ILE R 208 37.56 108.74 -169.74
C ILE R 208 36.51 108.82 -170.85
N TYR R 209 36.95 108.97 -172.09
CA TYR R 209 36.07 109.27 -173.22
C TYR R 209 35.88 108.04 -174.11
N GLY R 210 34.66 107.80 -174.60
CA GLY R 210 34.34 106.70 -175.52
C GLY R 210 34.52 105.27 -174.99
N ASN R 211 34.56 105.03 -173.68
CA ASN R 211 34.93 103.76 -173.06
C ASN R 211 33.83 103.24 -172.09
N LEU R 212 33.54 101.93 -172.12
CA LEU R 212 32.68 101.25 -171.13
C LEU R 212 33.47 100.42 -170.09
N ASN R 213 34.78 100.31 -170.26
CA ASN R 213 35.73 99.70 -169.33
C ASN R 213 36.84 100.72 -168.93
N PRO R 214 36.50 101.93 -168.46
CA PRO R 214 37.45 103.02 -168.23
C PRO R 214 38.45 102.73 -167.11
N VAL R 215 39.67 103.28 -167.19
CA VAL R 215 40.60 103.35 -166.06
C VAL R 215 40.87 104.82 -165.72
N TRP R 216 40.53 105.25 -164.51
CA TRP R 216 40.86 106.59 -163.99
C TRP R 216 42.14 106.59 -163.15
N GLU R 217 42.24 105.72 -162.15
CA GLU R 217 43.27 105.77 -161.08
C GLU R 217 43.34 107.14 -160.39
N GLU R 218 42.19 107.80 -160.13
CA GLU R 218 42.11 109.16 -159.62
C GLU R 218 41.68 109.21 -158.15
N ASN R 219 42.45 109.90 -157.31
CA ASN R 219 42.30 109.89 -155.87
C ASN R 219 41.64 111.14 -155.29
N PHE R 220 40.68 110.90 -154.39
CA PHE R 220 39.97 111.92 -153.64
C PHE R 220 40.19 111.74 -152.15
N HIS R 221 40.76 112.75 -151.53
CA HIS R 221 40.80 112.81 -150.08
C HIS R 221 39.46 113.31 -149.54
N PHE R 222 39.04 112.75 -148.40
CA PHE R 222 37.85 113.10 -147.65
C PHE R 222 38.11 112.98 -146.15
N GLU R 223 37.25 113.62 -145.37
CA GLU R 223 37.21 113.48 -143.92
C GLU R 223 35.88 112.86 -143.51
N CYS R 224 35.97 111.84 -142.66
CA CYS R 224 34.84 111.21 -142.00
C CYS R 224 35.08 111.25 -140.49
N HIS R 225 34.00 111.40 -139.73
CA HIS R 225 34.04 111.54 -138.27
C HIS R 225 33.12 110.52 -137.57
N ASN R 226 32.68 109.50 -138.30
CA ASN R 226 31.64 108.55 -137.91
C ASN R 226 31.76 107.25 -138.69
N SER R 227 32.05 106.13 -138.02
CA SER R 227 32.11 104.80 -138.66
C SER R 227 30.78 104.36 -139.29
N SER R 228 29.65 104.94 -138.86
CA SER R 228 28.34 104.74 -139.49
C SER R 228 28.05 105.67 -140.68
N ASP R 229 28.97 106.51 -141.15
CA ASP R 229 28.81 107.24 -142.42
C ASP R 229 28.81 106.28 -143.62
N ARG R 230 28.43 106.80 -144.78
CA ARG R 230 28.63 106.14 -146.07
C ARG R 230 29.51 106.99 -146.99
N ILE R 231 30.37 106.30 -147.72
CA ILE R 231 30.87 106.79 -149.02
C ILE R 231 29.76 106.58 -150.06
N LYS R 232 29.57 107.56 -150.95
CA LYS R 232 28.77 107.42 -152.17
C LYS R 232 29.68 107.58 -153.39
N VAL R 233 29.63 106.66 -154.34
CA VAL R 233 30.43 106.72 -155.58
C VAL R 233 29.51 106.57 -156.77
N ARG R 234 29.56 107.50 -157.74
CA ARG R 234 28.58 107.59 -158.82
C ARG R 234 29.27 107.86 -160.14
N VAL R 235 28.89 107.14 -161.19
CA VAL R 235 29.53 107.17 -162.51
C VAL R 235 28.63 107.94 -163.45
N TRP R 236 29.18 108.82 -164.27
CA TRP R 236 28.47 109.77 -165.11
C TRP R 236 29.08 109.81 -166.50
N ASP R 237 28.25 109.76 -167.52
CA ASP R 237 28.68 110.02 -168.88
C ASP R 237 28.80 111.53 -169.11
N GLU R 238 29.98 112.06 -169.39
CA GLU R 238 30.17 113.49 -169.48
C GLU R 238 29.47 114.10 -170.71
N ASP R 239 28.27 114.62 -170.54
CA ASP R 239 27.55 115.37 -171.56
C ASP R 239 27.90 116.86 -171.48
N ASP R 240 28.64 117.37 -172.46
CA ASP R 240 28.81 118.80 -172.67
C ASP R 240 28.19 119.19 -174.01
N ASP R 241 26.89 119.44 -173.98
CA ASP R 241 26.06 119.73 -175.16
C ASP R 241 24.86 120.62 -174.76
N ILE R 242 24.10 121.13 -175.74
CA ILE R 242 22.92 121.99 -175.46
C ILE R 242 21.93 121.29 -174.52
N LYS R 243 21.75 119.97 -174.67
CA LYS R 243 20.93 119.17 -173.75
C LYS R 243 21.44 119.23 -172.31
N SER R 244 22.74 119.06 -172.04
CA SER R 244 23.25 119.16 -170.68
C SER R 244 23.15 120.59 -170.13
N ARG R 245 23.42 121.62 -170.96
CA ARG R 245 23.22 123.03 -170.58
C ARG R 245 21.76 123.35 -170.23
N VAL R 246 20.79 122.71 -170.88
CA VAL R 246 19.36 122.77 -170.51
C VAL R 246 19.10 121.97 -169.23
N LYS R 247 19.54 120.71 -169.14
CA LYS R 247 19.35 119.83 -167.98
C LYS R 247 19.87 120.44 -166.68
N GLN R 248 20.98 121.20 -166.72
CA GLN R 248 21.55 121.91 -165.57
C GLN R 248 20.58 122.90 -164.88
N ARG R 249 19.49 123.29 -165.56
CA ARG R 249 18.43 124.18 -165.04
C ARG R 249 17.34 123.44 -164.27
N PHE R 250 17.35 122.10 -164.27
CA PHE R 250 16.29 121.22 -163.74
C PHE R 250 16.78 119.99 -162.94
N LYS R 251 17.94 119.42 -163.24
CA LYS R 251 18.59 118.30 -162.52
C LYS R 251 20.06 118.62 -162.18
N ARG R 252 20.51 118.24 -160.99
CA ARG R 252 21.91 118.44 -160.51
C ARG R 252 22.98 117.62 -161.26
N GLU R 253 22.59 116.52 -161.90
CA GLU R 253 23.51 115.51 -162.44
C GLU R 253 23.48 115.49 -163.97
N SER R 254 24.01 116.55 -164.58
CA SER R 254 23.91 116.88 -166.02
C SER R 254 24.64 115.95 -166.99
N ASP R 255 25.05 114.77 -166.55
CA ASP R 255 26.07 113.93 -167.18
C ASP R 255 25.62 112.47 -167.04
N ASP R 256 25.00 111.93 -168.11
CA ASP R 256 24.04 110.83 -167.99
C ASP R 256 24.58 109.65 -167.18
N PHE R 257 23.90 109.40 -166.06
CA PHE R 257 24.39 108.53 -165.01
C PHE R 257 24.51 107.06 -165.45
N LEU R 258 25.67 106.49 -165.14
CA LEU R 258 26.12 105.16 -165.54
C LEU R 258 26.05 104.13 -164.42
N GLY R 259 25.82 104.57 -163.18
CA GLY R 259 25.61 103.70 -162.02
C GLY R 259 26.35 104.14 -160.76
N GLN R 260 26.00 103.60 -159.58
CA GLN R 260 26.64 103.96 -158.31
C GLN R 260 26.96 102.75 -157.42
N THR R 261 27.84 102.94 -156.44
CA THR R 261 27.99 102.07 -155.28
C THR R 261 28.01 102.92 -154.00
N ILE R 262 27.51 102.36 -152.90
CA ILE R 262 27.45 103.03 -151.60
C ILE R 262 28.03 102.08 -150.55
N ILE R 263 28.94 102.58 -149.70
CA ILE R 263 29.82 101.74 -148.87
C ILE R 263 29.83 102.28 -147.43
N GLU R 264 29.55 101.42 -146.43
CA GLU R 264 29.61 101.84 -145.02
C GLU R 264 31.03 102.08 -144.56
N VAL R 265 31.28 103.17 -143.84
CA VAL R 265 32.62 103.48 -143.36
C VAL R 265 33.18 102.39 -142.44
N ARG R 266 32.36 101.68 -141.66
CA ARG R 266 32.85 100.53 -140.85
C ARG R 266 33.26 99.28 -141.64
N THR R 267 32.90 99.17 -142.92
CA THR R 267 33.50 98.11 -143.78
C THR R 267 34.94 98.47 -144.16
N LEU R 268 35.31 99.74 -144.04
CA LEU R 268 36.65 100.21 -144.35
C LEU R 268 37.63 100.00 -143.19
N SER R 269 38.90 99.87 -143.54
CA SER R 269 40.05 99.91 -142.63
C SER R 269 41.30 100.26 -143.45
N GLY R 270 42.37 100.72 -142.80
CA GLY R 270 43.72 100.77 -143.37
C GLY R 270 43.83 101.21 -144.83
N GLU R 271 44.00 100.24 -145.73
CA GLU R 271 43.96 100.41 -147.17
C GLU R 271 43.16 99.28 -147.85
N MET R 272 42.42 99.59 -148.91
CA MET R 272 41.56 98.67 -149.65
C MET R 272 41.73 98.86 -151.16
N ASP R 273 41.38 97.83 -151.93
CA ASP R 273 41.33 97.83 -153.40
C ASP R 273 40.32 96.79 -153.90
N VAL R 274 39.10 97.24 -154.19
CA VAL R 274 37.89 96.40 -154.30
C VAL R 274 37.08 96.85 -155.51
N TRP R 275 36.42 95.94 -156.24
CA TRP R 275 35.40 96.34 -157.22
C TRP R 275 33.97 95.91 -156.87
N TYR R 276 33.07 96.87 -157.10
CA TYR R 276 31.69 96.92 -156.66
C TYR R 276 30.76 96.98 -157.89
N ASN R 277 29.77 96.10 -158.00
CA ASN R 277 28.75 96.25 -159.04
C ASN R 277 27.95 97.54 -158.85
N LEU R 278 27.50 98.13 -159.96
CA LEU R 278 26.83 99.42 -160.02
C LEU R 278 25.29 99.34 -159.97
N ASP R 279 24.69 100.37 -159.38
CA ASP R 279 23.27 100.50 -159.05
C ASP R 279 22.64 101.79 -159.62
N LYS R 280 21.31 101.83 -159.78
CA LYS R 280 20.54 103.00 -160.25
C LYS R 280 20.47 104.15 -159.22
N ARG R 281 20.07 105.34 -159.67
CA ARG R 281 19.74 106.51 -158.80
C ARG R 281 18.63 107.39 -159.40
N THR R 282 18.98 108.15 -160.43
CA THR R 282 18.13 109.18 -161.05
C THR R 282 17.03 108.58 -161.93
N ASP R 283 16.07 109.40 -162.32
CA ASP R 283 15.05 109.07 -163.32
C ASP R 283 15.64 108.72 -164.71
N LYS R 284 16.85 109.20 -165.01
CA LYS R 284 17.62 108.95 -166.26
C LYS R 284 18.44 107.64 -166.25
N SER R 285 18.42 106.87 -165.16
CA SER R 285 19.32 105.73 -164.95
C SER R 285 19.03 104.54 -165.88
N ALA R 286 20.03 104.10 -166.64
CA ALA R 286 20.18 102.73 -167.12
C ALA R 286 21.61 102.31 -166.76
N VAL R 287 21.78 101.17 -166.10
CA VAL R 287 23.00 100.84 -165.35
C VAL R 287 23.44 99.40 -165.61
N SER R 288 24.74 99.16 -165.69
CA SER R 288 25.35 97.83 -165.79
C SER R 288 26.81 97.88 -165.33
N GLY R 289 27.41 96.72 -165.05
CA GLY R 289 28.83 96.60 -164.76
C GLY R 289 29.23 96.96 -163.32
N ALA R 290 30.52 97.27 -163.13
CA ALA R 290 31.16 97.45 -161.83
C ALA R 290 32.25 98.52 -161.83
N ILE R 291 32.55 99.09 -160.66
CA ILE R 291 33.61 100.06 -160.40
C ILE R 291 34.63 99.54 -159.38
N ARG R 292 35.92 99.59 -159.72
CA ARG R 292 37.04 99.34 -158.82
C ARG R 292 37.46 100.62 -158.12
N LEU R 293 37.48 100.56 -156.79
CA LEU R 293 37.93 101.61 -155.90
C LEU R 293 39.08 101.10 -155.05
N HIS R 294 40.21 101.77 -155.12
CA HIS R 294 41.14 101.77 -154.01
C HIS R 294 40.65 102.81 -152.98
N ILE R 295 40.70 102.47 -151.70
CA ILE R 295 40.19 103.31 -150.60
C ILE R 295 41.14 103.15 -149.42
N SER R 296 41.92 104.18 -149.12
CA SER R 296 42.69 104.25 -147.88
C SER R 296 41.91 105.00 -146.79
N VAL R 297 42.12 104.61 -145.53
CA VAL R 297 41.45 105.15 -144.35
C VAL R 297 42.45 105.28 -143.21
N GLU R 298 42.79 106.51 -142.89
CA GLU R 298 43.89 106.85 -141.99
C GLU R 298 43.50 106.86 -140.50
N ILE R 299 42.60 105.96 -140.13
CA ILE R 299 42.55 105.40 -138.76
C ILE R 299 43.81 104.54 -138.53
N LYS R 300 44.41 104.06 -139.62
CA LYS R 300 45.78 103.58 -139.75
C LYS R 300 46.77 104.48 -139.01
N GLY R 301 47.67 103.88 -138.23
CA GLY R 301 48.69 104.56 -137.43
C GLY R 301 50.09 104.04 -137.71
N GLU R 302 50.85 103.71 -136.67
CA GLU R 302 52.13 102.99 -136.77
C GLU R 302 51.91 101.53 -137.18
N GLU R 303 51.57 101.33 -138.45
CA GLU R 303 51.68 100.01 -139.07
C GLU R 303 53.13 99.69 -139.45
N LYS R 304 54.00 100.72 -139.50
CA LYS R 304 55.43 100.68 -139.79
C LYS R 304 56.30 99.93 -138.77
N VAL R 305 55.70 99.08 -137.95
CA VAL R 305 56.37 98.39 -136.85
C VAL R 305 57.58 97.64 -137.41
N ALA R 306 58.77 97.87 -136.86
CA ALA R 306 59.70 96.76 -136.91
C ALA R 306 59.02 95.67 -136.04
N PRO R 307 59.07 94.38 -136.41
CA PRO R 307 58.42 93.31 -135.65
C PRO R 307 58.85 93.48 -134.21
N TYR R 308 57.91 93.51 -133.28
CA TYR R 308 58.15 94.29 -132.07
C TYR R 308 59.30 93.78 -131.20
N HIS R 309 59.67 92.53 -131.42
CA HIS R 309 61.00 91.95 -131.24
C HIS R 309 62.15 92.94 -131.48
N VAL R 310 62.33 93.38 -132.71
CA VAL R 310 63.38 94.28 -133.16
C VAL R 310 63.27 95.64 -132.49
N GLN R 311 62.05 96.15 -132.34
CA GLN R 311 61.86 97.40 -131.61
C GLN R 311 62.28 97.29 -130.14
N TYR R 312 61.93 96.18 -129.51
CA TYR R 312 62.35 95.85 -128.16
C TYR R 312 63.86 95.69 -128.09
N THR R 313 64.48 95.06 -129.08
CA THR R 313 65.93 94.90 -129.12
C THR R 313 66.64 96.24 -129.17
N CYS R 314 66.21 97.13 -130.07
CA CYS R 314 66.71 98.50 -130.16
C CYS R 314 66.61 99.21 -128.83
N LEU R 315 65.41 99.17 -128.23
CA LEU R 315 65.19 99.69 -126.90
C LEU R 315 66.20 99.13 -125.91
N HIS R 316 66.29 97.80 -125.85
CA HIS R 316 67.14 97.08 -124.91
C HIS R 316 68.63 97.38 -125.08
N GLU R 317 69.14 97.44 -126.30
CA GLU R 317 70.53 97.74 -126.57
C GLU R 317 70.90 99.15 -126.16
N ASN R 318 70.04 100.09 -126.55
CA ASN R 318 70.19 101.47 -126.14
C ASN R 318 70.15 101.59 -124.63
N LEU R 319 69.18 100.95 -124.00
CA LEU R 319 69.09 100.99 -122.56
C LEU R 319 70.33 100.35 -121.93
N PHE R 320 70.78 99.19 -122.41
CA PHE R 320 71.93 98.49 -121.88
C PHE R 320 73.21 99.31 -121.97
N HIS R 321 73.53 99.86 -123.14
CA HIS R 321 74.68 100.74 -123.25
C HIS R 321 74.50 101.93 -122.30
N PHE R 322 73.29 102.48 -122.21
CA PHE R 322 73.07 103.66 -121.40
C PHE R 322 73.33 103.34 -119.93
N VAL R 323 72.81 102.24 -119.44
CA VAL R 323 73.01 101.81 -118.07
C VAL R 323 74.49 101.50 -117.85
N THR R 324 75.02 100.52 -118.56
CA THR R 324 76.38 100.05 -118.31
C THR R 324 77.38 101.15 -118.57
N ASP R 325 77.34 101.72 -119.76
CA ASP R 325 78.30 102.70 -120.19
C ASP R 325 77.94 104.08 -119.65
N VAL R 326 76.76 104.60 -119.93
CA VAL R 326 76.52 106.01 -119.61
C VAL R 326 76.37 106.25 -118.12
N GLN R 327 75.52 105.48 -117.45
CA GLN R 327 75.31 105.63 -116.02
C GLN R 327 76.48 105.04 -115.24
N ASN R 328 76.94 103.86 -115.64
CA ASN R 328 77.88 103.08 -114.86
C ASN R 328 79.29 103.04 -115.44
N ASN R 329 79.59 103.89 -116.41
CA ASN R 329 80.95 104.12 -116.92
C ASN R 329 81.61 102.83 -117.40
N GLY R 330 80.81 101.97 -118.02
CA GLY R 330 81.15 100.67 -118.56
C GLY R 330 81.01 99.53 -117.55
N VAL R 331 80.95 99.85 -116.25
CA VAL R 331 80.69 98.83 -115.23
C VAL R 331 79.29 98.29 -115.46
N VAL R 332 79.18 96.98 -115.46
CA VAL R 332 77.87 96.35 -115.48
C VAL R 332 77.30 96.37 -114.06
N LYS R 333 76.38 97.31 -113.77
CA LYS R 333 75.47 97.17 -112.61
C LYS R 333 74.58 95.95 -112.85
N ILE R 334 74.71 94.93 -112.01
CA ILE R 334 73.83 93.75 -112.05
C ILE R 334 72.42 94.21 -111.54
N PRO R 335 71.31 93.89 -112.23
CA PRO R 335 70.01 94.58 -112.10
C PRO R 335 69.40 94.67 -110.70
N ASP R 336 68.34 95.48 -110.54
CA ASP R 336 67.37 95.26 -109.46
C ASP R 336 66.51 94.03 -109.78
N ALA R 337 67.19 92.88 -109.85
CA ALA R 337 66.71 91.59 -110.30
C ALA R 337 66.14 90.72 -109.17
N LYS R 338 65.27 89.77 -109.51
CA LYS R 338 64.57 88.90 -108.54
C LYS R 338 64.64 87.42 -108.98
N GLY R 339 65.05 86.54 -108.05
CA GLY R 339 65.24 85.11 -108.27
C GLY R 339 66.32 84.75 -109.29
N ASP R 340 66.37 83.48 -109.70
CA ASP R 340 67.09 83.02 -110.90
C ASP R 340 66.60 83.78 -112.16
N ASP R 341 65.31 84.12 -112.12
CA ASP R 341 64.59 85.08 -112.93
C ASP R 341 65.15 86.52 -112.94
N ALA R 342 66.31 86.72 -112.31
CA ALA R 342 67.26 87.76 -112.70
C ALA R 342 67.51 87.72 -114.20
N TRP R 343 67.49 86.52 -114.77
CA TRP R 343 67.53 86.29 -116.20
C TRP R 343 66.38 86.94 -117.00
N LYS R 344 65.30 87.36 -116.34
CA LYS R 344 64.16 88.12 -116.87
C LYS R 344 64.06 89.54 -116.33
N VAL R 345 64.83 89.89 -115.31
CA VAL R 345 64.91 91.25 -114.82
C VAL R 345 66.25 91.79 -115.18
N TYR R 346 66.26 92.46 -116.30
CA TYR R 346 67.45 92.98 -116.92
C TYR R 346 67.92 94.27 -116.26
N TYR R 347 67.01 94.98 -115.59
CA TYR R 347 67.30 96.31 -115.05
C TYR R 347 66.59 96.61 -113.74
N ASP R 348 66.96 97.76 -113.20
CA ASP R 348 66.22 98.53 -112.21
C ASP R 348 64.78 98.78 -112.64
N GLU R 349 63.88 99.00 -111.67
CA GLU R 349 62.44 99.21 -111.89
C GLU R 349 62.12 100.02 -113.13
N THR R 350 62.71 101.20 -113.26
CA THR R 350 62.28 102.17 -114.25
C THR R 350 62.52 101.61 -115.64
N ALA R 351 63.74 101.12 -115.84
CA ALA R 351 64.20 100.49 -117.05
C ALA R 351 63.52 99.14 -117.29
N GLN R 352 63.27 98.39 -116.24
CA GLN R 352 62.59 97.12 -116.31
C GLN R 352 61.14 97.30 -116.75
N GLU R 353 60.45 98.26 -116.14
CA GLU R 353 59.12 98.67 -116.55
C GLU R 353 59.09 99.23 -117.96
N ILE R 354 60.11 100.00 -118.37
CA ILE R 354 60.25 100.42 -119.77
C ILE R 354 60.21 99.22 -120.70
N VAL R 355 61.14 98.28 -120.53
CA VAL R 355 61.23 97.15 -121.47
C VAL R 355 60.04 96.21 -121.32
N ASP R 356 59.49 96.07 -120.13
CA ASP R 356 58.32 95.23 -119.90
C ASP R 356 57.04 95.87 -120.45
N GLU R 357 56.73 97.15 -120.23
CA GLU R 357 55.58 97.82 -120.86
C GLU R 357 55.65 97.74 -122.37
N PHE R 358 56.86 97.81 -122.93
CA PHE R 358 57.09 97.55 -124.34
C PHE R 358 56.80 96.08 -124.71
N ALA R 359 57.43 95.13 -124.03
CA ALA R 359 57.17 93.70 -124.22
C ALA R 359 55.75 93.24 -123.84
N MET R 360 54.98 94.06 -123.15
CA MET R 360 53.58 93.84 -122.82
C MET R 360 52.69 94.43 -123.89
N ARG R 361 52.76 95.76 -124.08
CA ARG R 361 52.00 96.46 -125.12
C ARG R 361 52.27 95.85 -126.49
N TYR R 362 53.48 95.32 -126.68
CA TYR R 362 53.94 94.70 -127.91
C TYR R 362 54.42 93.25 -127.76
N GLY R 363 53.95 92.55 -126.73
CA GLY R 363 53.95 91.08 -126.61
C GLY R 363 55.29 90.33 -126.52
N VAL R 364 56.43 90.99 -126.76
CA VAL R 364 57.75 90.36 -126.94
C VAL R 364 58.07 89.31 -125.87
N GLU R 365 58.34 88.08 -126.30
CA GLU R 365 58.48 86.93 -125.41
C GLU R 365 59.71 87.00 -124.51
N SER R 366 59.57 86.53 -123.28
CA SER R 366 60.61 86.57 -122.24
C SER R 366 61.97 86.03 -122.67
N ILE R 367 62.01 84.94 -123.44
CA ILE R 367 63.27 84.39 -123.96
C ILE R 367 63.95 85.31 -124.96
N TYR R 368 63.20 86.00 -125.81
CA TYR R 368 63.75 86.96 -126.76
C TYR R 368 64.39 88.14 -126.03
N GLN R 369 63.72 88.60 -124.97
CA GLN R 369 64.24 89.62 -124.07
C GLN R 369 65.56 89.17 -123.42
N ALA R 370 65.63 87.93 -122.93
CA ALA R 370 66.82 87.33 -122.33
C ALA R 370 68.01 87.16 -123.27
N MET R 371 67.82 86.61 -124.48
CA MET R 371 68.90 86.42 -125.44
C MET R 371 69.52 87.77 -125.84
N THR R 372 68.67 88.78 -126.00
CA THR R 372 69.08 90.18 -126.22
C THR R 372 69.98 90.69 -125.10
N HIS R 373 69.59 90.47 -123.85
CA HIS R 373 70.40 90.79 -122.69
C HIS R 373 71.71 89.99 -122.61
N PHE R 374 71.72 88.72 -122.95
CA PHE R 374 72.94 87.92 -122.96
C PHE R 374 73.93 88.40 -124.04
N ALA R 375 73.41 88.80 -125.21
CA ALA R 375 74.19 89.46 -126.25
C ALA R 375 74.82 90.74 -125.73
N CYS R 376 74.04 91.60 -125.10
CA CYS R 376 74.54 92.77 -124.38
C CYS R 376 75.66 92.38 -123.39
N LEU R 377 75.40 91.52 -122.39
CA LEU R 377 76.37 91.14 -121.35
C LEU R 377 77.68 90.62 -121.93
N SER R 378 77.63 89.86 -123.02
CA SER R 378 78.84 89.27 -123.59
C SER R 378 79.89 90.30 -124.00
N SER R 379 79.48 91.53 -124.32
CA SER R 379 80.38 92.65 -124.62
C SER R 379 81.12 93.17 -123.38
N LYS R 380 80.81 92.65 -122.19
CA LYS R 380 81.31 93.10 -120.88
C LYS R 380 81.71 91.92 -119.98
N TYR R 381 81.84 90.68 -120.49
CA TYR R 381 81.82 89.45 -119.68
C TYR R 381 82.87 89.40 -118.54
N MET R 382 83.97 90.14 -118.71
CA MET R 382 85.11 90.25 -117.80
C MET R 382 84.81 91.02 -116.51
N CYS R 383 83.74 91.82 -116.46
CA CYS R 383 83.35 92.57 -115.26
C CYS R 383 83.01 91.63 -114.08
N PRO R 384 83.31 92.01 -112.82
CA PRO R 384 83.16 91.10 -111.68
C PRO R 384 81.73 90.59 -111.50
N GLY R 385 81.56 89.32 -111.14
CA GLY R 385 80.25 88.68 -110.98
C GLY R 385 79.52 88.38 -112.28
N VAL R 386 79.80 89.07 -113.39
CA VAL R 386 79.13 88.83 -114.69
C VAL R 386 79.22 87.36 -115.14
N PRO R 387 80.29 86.59 -114.89
CA PRO R 387 80.28 85.17 -115.27
C PRO R 387 79.28 84.32 -114.50
N ALA R 388 79.00 84.67 -113.25
CA ALA R 388 77.93 84.05 -112.50
C ALA R 388 76.57 84.40 -113.13
N VAL R 389 76.35 85.68 -113.46
CA VAL R 389 75.12 86.15 -114.10
C VAL R 389 74.93 85.52 -115.47
N MET R 390 75.98 85.45 -116.28
CA MET R 390 75.91 84.81 -117.59
C MET R 390 75.77 83.30 -117.43
N SER R 391 76.39 82.66 -116.44
CA SER R 391 76.14 81.24 -116.17
C SER R 391 74.67 81.01 -115.85
N THR R 392 74.10 81.91 -115.05
CA THR R 392 72.69 81.91 -114.68
C THR R 392 71.81 82.12 -115.90
N LEU R 393 72.02 83.22 -116.60
CA LEU R 393 71.25 83.60 -117.77
C LEU R 393 71.31 82.51 -118.83
N LEU R 394 72.48 81.90 -119.03
CA LEU R 394 72.62 80.79 -119.96
C LEU R 394 72.02 79.49 -119.44
N ALA R 395 72.15 79.17 -118.15
CA ALA R 395 71.43 78.05 -117.58
C ALA R 395 69.93 78.18 -117.83
N ASN R 396 69.41 79.40 -117.75
CA ASN R 396 68.02 79.68 -118.05
C ASN R 396 67.69 79.66 -119.54
N ILE R 397 68.44 80.33 -120.40
CA ILE R 397 68.23 80.26 -121.86
C ILE R 397 68.34 78.82 -122.35
N ASN R 398 69.28 78.06 -121.78
CA ASN R 398 69.35 76.62 -121.97
C ASN R 398 68.07 75.96 -121.50
N ALA R 399 67.73 76.11 -120.22
CA ALA R 399 66.56 75.46 -119.65
C ALA R 399 65.29 75.83 -120.41
N TYR R 400 65.25 77.04 -120.97
CA TYR R 400 64.18 77.49 -121.82
C TYR R 400 64.10 76.64 -123.09
N TYR R 401 65.10 76.69 -123.96
CA TYR R 401 65.02 75.98 -125.22
C TYR R 401 65.11 74.45 -125.07
N ALA R 402 65.81 73.98 -124.04
CA ALA R 402 65.94 72.56 -123.73
C ALA R 402 64.69 71.97 -123.08
N HIS R 403 63.97 72.73 -122.23
CA HIS R 403 62.90 72.16 -121.39
C HIS R 403 61.60 72.96 -121.42
N THR R 404 61.62 74.30 -121.36
CA THR R 404 60.36 75.07 -121.46
C THR R 404 59.75 74.87 -122.85
N THR R 405 58.48 74.46 -122.90
CA THR R 405 57.80 74.04 -124.14
C THR R 405 58.50 72.90 -124.90
N ALA R 406 59.37 72.11 -124.23
CA ALA R 406 59.78 70.80 -124.73
C ALA R 406 58.63 69.77 -124.75
N SER R 407 57.47 70.14 -124.19
CA SER R 407 56.16 69.56 -124.50
C SER R 407 55.85 69.57 -126.00
N THR R 408 56.31 70.59 -126.74
CA THR R 408 56.36 70.55 -128.20
C THR R 408 57.41 69.53 -128.63
N ASN R 409 57.01 68.60 -129.51
CA ASN R 409 57.87 67.50 -129.94
C ASN R 409 59.07 67.95 -130.80
N VAL R 410 59.06 69.21 -131.23
CA VAL R 410 60.17 69.92 -131.89
C VAL R 410 61.44 69.84 -131.03
N SER R 411 62.59 69.62 -131.66
CA SER R 411 63.86 69.50 -130.92
C SER R 411 64.25 70.79 -130.22
N ALA R 412 65.15 70.71 -129.25
CA ALA R 412 65.66 71.90 -128.60
C ALA R 412 66.39 72.81 -129.59
N SER R 413 67.17 72.22 -130.49
CA SER R 413 67.92 72.95 -131.51
C SER R 413 67.00 73.61 -132.53
N ASP R 414 65.83 73.04 -132.76
CA ASP R 414 64.82 73.55 -133.69
C ASP R 414 63.86 74.55 -133.07
N ARG R 415 63.44 74.35 -131.82
CA ARG R 415 62.72 75.36 -131.05
C ARG R 415 63.60 76.60 -130.89
N PHE R 416 64.87 76.37 -130.63
CA PHE R 416 65.91 77.36 -130.70
C PHE R 416 66.08 77.97 -132.10
N ALA R 417 65.99 77.20 -133.18
CA ALA R 417 65.92 77.77 -134.53
C ALA R 417 64.72 78.70 -134.72
N ALA R 418 63.54 78.28 -134.27
CA ALA R 418 62.33 79.10 -134.29
C ALA R 418 62.41 80.31 -133.35
N SER R 419 63.50 80.48 -132.60
CA SER R 419 63.77 81.70 -131.90
C SER R 419 63.68 82.89 -132.85
N ASN R 420 62.78 83.81 -132.55
CA ASN R 420 62.68 85.07 -133.28
C ASN R 420 63.97 85.90 -133.13
N PHE R 421 64.80 85.63 -132.11
CA PHE R 421 66.12 86.25 -131.97
C PHE R 421 67.06 85.84 -133.11
N GLY R 422 66.92 84.63 -133.64
CA GLY R 422 67.86 84.04 -134.58
C GLY R 422 68.84 83.14 -133.85
N LYS R 423 68.63 81.83 -133.96
CA LYS R 423 69.54 80.81 -133.42
C LYS R 423 71.00 81.11 -133.69
N GLU R 424 71.33 81.29 -134.95
CA GLU R 424 72.67 81.51 -135.47
C GLU R 424 73.39 82.65 -134.75
N ARG R 425 72.76 83.83 -134.72
CA ARG R 425 73.19 85.00 -133.98
C ARG R 425 73.56 84.64 -132.53
N PHE R 426 72.78 83.78 -131.91
CA PHE R 426 73.04 83.31 -130.55
C PHE R 426 74.19 82.29 -130.48
N VAL R 427 74.26 81.34 -131.41
CA VAL R 427 75.34 80.34 -131.49
C VAL R 427 76.69 81.02 -131.66
N LYS R 428 76.79 81.97 -132.60
CA LYS R 428 77.99 82.78 -132.82
C LYS R 428 78.46 83.43 -131.52
N LEU R 429 77.53 84.12 -130.88
CA LEU R 429 77.71 84.83 -129.63
C LEU R 429 78.25 83.92 -128.52
N LEU R 430 77.69 82.73 -128.35
CA LEU R 430 78.20 81.72 -127.41
C LEU R 430 79.62 81.28 -127.76
N ASP R 431 79.90 81.02 -129.03
CA ASP R 431 81.20 80.53 -129.46
C ASP R 431 82.30 81.57 -129.25
N GLN R 432 82.02 82.83 -129.59
CA GLN R 432 82.92 83.95 -129.33
C GLN R 432 83.21 84.05 -127.83
N LEU R 433 82.16 84.03 -127.02
CA LEU R 433 82.27 84.10 -125.58
C LEU R 433 83.11 82.95 -125.06
N HIS R 434 82.73 81.71 -125.39
CA HIS R 434 83.42 80.47 -125.01
C HIS R 434 84.91 80.57 -125.32
N ASN R 435 85.23 80.96 -126.55
CA ASN R 435 86.59 81.17 -126.96
C ASN R 435 87.28 82.19 -126.05
N SER R 436 86.64 83.32 -125.81
CA SER R 436 87.16 84.34 -124.91
C SER R 436 87.39 83.79 -123.49
N LEU R 437 86.54 82.88 -123.01
CA LEU R 437 86.75 82.18 -121.75
C LEU R 437 87.98 81.27 -121.84
N ARG R 438 88.03 80.34 -122.82
CA ARG R 438 89.15 79.43 -123.09
C ARG R 438 90.47 80.19 -123.09
N ILE R 439 90.47 81.33 -123.75
CA ILE R 439 91.61 82.25 -123.81
C ILE R 439 92.03 82.64 -122.41
N ASP R 440 91.11 83.24 -121.66
CA ASP R 440 91.42 83.75 -120.34
C ASP R 440 91.93 82.63 -119.42
N LEU R 441 91.32 81.45 -119.53
CA LEU R 441 91.70 80.24 -118.81
C LEU R 441 93.09 79.75 -119.21
N SER R 442 93.47 79.89 -120.47
CA SER R 442 94.78 79.45 -120.93
C SER R 442 95.91 80.21 -120.26
N MET R 443 95.61 81.38 -119.71
CA MET R 443 96.46 82.06 -118.74
C MET R 443 95.70 82.34 -117.46
N TYR R 444 95.10 81.29 -116.90
CA TYR R 444 94.32 81.42 -115.67
C TYR R 444 95.09 82.15 -114.58
N ARG R 445 96.38 81.84 -114.41
CA ARG R 445 97.17 82.36 -113.29
C ARG R 445 97.27 83.87 -113.39
N ASN R 446 97.60 84.34 -114.59
CA ASN R 446 97.81 85.76 -114.85
C ASN R 446 96.47 86.51 -114.88
N ASN R 447 95.43 85.91 -115.45
CA ASN R 447 94.13 86.54 -115.56
C ASN R 447 93.29 86.52 -114.28
N PHE R 448 93.51 85.53 -113.40
CA PHE R 448 92.75 85.29 -112.18
C PHE R 448 93.69 84.92 -111.03
N PRO R 449 94.55 85.86 -110.62
CA PRO R 449 95.61 85.58 -109.68
C PRO R 449 95.04 85.09 -108.35
N ALA R 450 95.74 84.15 -107.72
CA ALA R 450 95.31 83.52 -106.47
C ALA R 450 95.12 84.58 -105.36
N SER R 451 95.96 85.61 -105.40
CA SER R 451 95.89 86.79 -104.55
C SER R 451 94.58 87.59 -104.67
N SER R 452 93.79 87.37 -105.72
CA SER R 452 92.41 87.85 -105.80
C SER R 452 91.44 86.69 -105.68
N PRO R 453 90.92 86.41 -104.47
CA PRO R 453 89.79 85.51 -104.26
C PRO R 453 88.60 85.87 -105.12
N GLU R 454 88.39 87.16 -105.36
CA GLU R 454 87.32 87.65 -106.22
C GLU R 454 87.51 87.17 -107.65
N ARG R 455 88.72 87.32 -108.19
CA ARG R 455 89.00 86.74 -109.49
C ARG R 455 89.09 85.23 -109.44
N LEU R 456 89.47 84.58 -108.32
CA LEU R 456 89.25 83.14 -108.16
C LEU R 456 87.76 82.79 -108.19
N GLN R 457 86.88 83.63 -107.69
CA GLN R 457 85.46 83.34 -107.76
C GLN R 457 84.91 83.61 -109.14
N ASP R 458 85.25 84.73 -109.75
CA ASP R 458 84.93 84.95 -111.14
C ASP R 458 85.46 83.80 -111.99
N LEU R 459 86.67 83.31 -111.73
CA LEU R 459 87.25 82.11 -112.34
C LEU R 459 86.33 80.90 -112.11
N LYS R 460 85.92 80.63 -110.87
CA LYS R 460 85.01 79.55 -110.55
C LYS R 460 83.68 79.68 -111.32
N SER R 461 83.03 80.84 -111.24
CA SER R 461 81.84 81.20 -112.00
C SER R 461 82.04 81.17 -113.51
N THR R 462 83.25 81.40 -113.99
CA THR R 462 83.61 81.28 -115.40
C THR R 462 83.57 79.82 -115.80
N VAL R 463 84.12 78.91 -114.99
CA VAL R 463 84.07 77.48 -115.32
C VAL R 463 82.65 76.96 -115.14
N ASP R 464 81.89 77.50 -114.21
CA ASP R 464 80.45 77.28 -114.13
C ASP R 464 79.72 77.79 -115.38
N LEU R 465 80.09 78.97 -115.91
CA LEU R 465 79.60 79.42 -117.19
C LEU R 465 80.04 78.48 -118.32
N LEU R 466 81.28 78.01 -118.35
CA LEU R 466 81.80 77.15 -119.42
C LEU R 466 81.11 75.79 -119.40
N THR R 467 80.84 75.23 -118.21
CA THR R 467 79.94 74.08 -118.09
C THR R 467 78.56 74.43 -118.61
N SER R 468 78.00 75.59 -118.26
CA SER R 468 76.72 76.07 -118.80
C SER R 468 76.68 76.19 -120.32
N ILE R 469 77.77 76.64 -120.97
CA ILE R 469 77.90 76.68 -122.45
C ILE R 469 78.03 75.26 -123.02
N THR R 470 78.86 74.41 -122.43
CA THR R 470 79.03 73.01 -122.88
C THR R 470 77.69 72.28 -122.85
N PHE R 471 76.95 72.48 -121.77
CA PHE R 471 75.58 72.05 -121.57
C PHE R 471 74.62 72.66 -122.60
N PHE R 472 74.68 73.95 -122.91
CA PHE R 472 73.91 74.50 -124.04
C PHE R 472 74.21 73.83 -125.38
N ARG R 473 75.49 73.61 -125.70
CA ARG R 473 75.88 72.94 -126.93
C ARG R 473 75.32 71.51 -126.97
N MET R 474 75.45 70.81 -125.87
CA MET R 474 74.96 69.45 -125.69
C MET R 474 73.43 69.36 -125.74
N LYS R 475 72.73 70.31 -125.11
CA LYS R 475 71.29 70.23 -124.83
C LYS R 475 70.43 71.03 -125.80
N VAL R 476 70.84 72.26 -126.10
CA VAL R 476 70.08 73.13 -127.01
C VAL R 476 70.56 72.99 -128.43
N GLN R 477 71.85 73.10 -128.71
CA GLN R 477 72.33 72.80 -130.06
C GLN R 477 72.29 71.30 -130.36
N GLU R 478 72.14 70.48 -129.32
CA GLU R 478 72.01 69.02 -129.40
C GLU R 478 73.25 68.34 -129.97
N LEU R 479 74.40 68.99 -129.86
CA LEU R 479 75.69 68.47 -130.28
C LEU R 479 76.05 67.23 -129.45
N GLN R 480 76.67 66.24 -130.10
CA GLN R 480 76.78 64.85 -129.60
C GLN R 480 78.09 64.63 -128.85
N SER R 481 79.16 65.22 -129.38
CA SER R 481 80.48 65.26 -128.77
C SER R 481 81.02 66.71 -128.82
N PRO R 482 80.36 67.67 -128.14
CA PRO R 482 80.95 68.98 -127.91
C PRO R 482 82.26 68.82 -127.11
N PRO R 483 83.16 69.83 -127.13
CA PRO R 483 84.40 69.81 -126.35
C PRO R 483 84.12 69.64 -124.86
N ARG R 484 84.66 68.59 -124.24
CA ARG R 484 84.39 68.27 -122.84
C ARG R 484 85.01 69.33 -121.92
N ALA R 485 84.21 69.93 -121.04
CA ALA R 485 84.60 71.06 -120.21
C ALA R 485 85.89 70.79 -119.41
N SER R 486 86.06 69.60 -118.83
CA SER R 486 87.32 69.24 -118.14
C SER R 486 88.54 69.22 -119.07
N GLN R 487 88.45 68.66 -120.28
CA GLN R 487 89.60 68.61 -121.20
C GLN R 487 89.94 70.01 -121.74
N VAL R 488 88.92 70.78 -122.11
CA VAL R 488 89.04 72.18 -122.52
C VAL R 488 89.85 72.99 -121.50
N VAL R 489 89.52 72.82 -120.23
CA VAL R 489 90.20 73.49 -119.13
C VAL R 489 91.59 72.88 -118.90
N LYS R 490 91.75 71.56 -118.95
CA LYS R 490 93.05 70.89 -118.77
C LYS R 490 94.09 71.36 -119.80
N ASP R 491 93.68 71.55 -121.05
CA ASP R 491 94.49 72.21 -122.05
C ASP R 491 94.91 73.60 -121.60
N CYS R 492 93.96 74.42 -121.15
CA CYS R 492 94.24 75.77 -120.66
C CYS R 492 95.20 75.77 -119.48
N VAL R 493 95.11 74.77 -118.61
CA VAL R 493 95.96 74.65 -117.44
C VAL R 493 97.35 74.25 -117.85
N LYS R 494 97.46 73.21 -118.66
CA LYS R 494 98.71 72.80 -119.27
C LYS R 494 99.33 73.98 -119.97
N ALA R 495 98.55 74.76 -120.72
CA ALA R 495 99.00 75.96 -121.37
C ALA R 495 99.58 76.92 -120.33
N CYS R 496 98.79 77.31 -119.35
CA CYS R 496 99.22 78.24 -118.33
C CYS R 496 100.46 77.76 -117.57
N LEU R 497 100.56 76.46 -117.27
CA LEU R 497 101.72 75.81 -116.65
C LEU R 497 102.95 75.85 -117.54
N ASN R 498 102.82 75.56 -118.82
CA ASN R 498 103.95 75.61 -119.74
C ASN R 498 104.45 77.04 -119.93
N SER R 499 103.54 78.02 -120.04
CA SER R 499 103.90 79.44 -120.06
C SER R 499 104.62 79.83 -118.79
N THR R 500 104.14 79.32 -117.66
CA THR R 500 104.84 79.47 -116.40
C THR R 500 106.24 78.85 -116.52
N TYR R 501 106.40 77.62 -117.01
CA TYR R 501 107.70 76.95 -117.02
C TYR R 501 108.71 77.66 -117.91
N GLU R 502 108.31 77.94 -119.15
CA GLU R 502 109.11 78.72 -120.08
C GLU R 502 109.59 79.98 -119.39
N TYR R 503 108.64 80.71 -118.82
CA TYR R 503 108.95 81.97 -118.21
C TYR R 503 109.91 81.77 -117.03
N ILE R 504 109.71 80.76 -116.17
CA ILE R 504 110.64 80.54 -115.07
C ILE R 504 112.01 80.05 -115.53
N PHE R 505 112.09 79.21 -116.54
CA PHE R 505 113.36 78.66 -117.00
C PHE R 505 114.22 79.71 -117.69
N ASN R 506 113.56 80.68 -118.32
CA ASN R 506 114.20 81.80 -118.99
C ASN R 506 114.48 82.97 -118.04
N ASN R 507 113.71 83.13 -116.97
CA ASN R 507 113.75 84.28 -116.06
C ASN R 507 113.99 83.86 -114.60
N CYS R 508 114.68 82.72 -114.38
CA CYS R 508 114.85 82.14 -113.05
C CYS R 508 115.37 83.15 -112.06
N HIS R 509 116.29 83.99 -112.51
CA HIS R 509 116.90 84.92 -111.60
C HIS R 509 116.02 86.09 -111.21
N GLU R 510 115.31 86.65 -112.15
CA GLU R 510 114.37 87.73 -111.92
C GLU R 510 113.25 87.27 -111.00
N LEU R 511 112.78 86.04 -111.22
CA LEU R 511 111.73 85.45 -110.44
C LEU R 511 112.20 85.02 -109.05
N TYR R 512 113.22 84.17 -108.98
CA TYR R 512 113.76 83.75 -107.69
C TYR R 512 114.32 84.91 -106.90
N GLY R 513 115.01 85.78 -107.61
CA GLY R 513 115.33 87.14 -107.23
C GLY R 513 114.23 87.74 -106.40
N ARG R 514 113.22 88.29 -107.08
CA ARG R 514 112.13 89.00 -106.43
C ARG R 514 111.33 88.17 -105.42
N GLU R 515 111.12 86.88 -105.70
CA GLU R 515 110.24 86.05 -104.88
C GLU R 515 110.90 85.52 -103.59
N TYR R 516 112.23 85.32 -103.54
CA TYR R 516 112.90 84.75 -102.34
C TYR R 516 114.35 85.17 -102.05
N GLN R 517 115.08 85.70 -103.03
CA GLN R 517 116.55 85.59 -103.05
C GLN R 517 117.24 86.07 -101.78
N THR R 518 118.12 85.22 -101.25
CA THR R 518 118.87 85.39 -99.98
C THR R 518 119.91 86.52 -99.99
N ASP R 519 119.89 87.41 -101.00
CA ASP R 519 120.68 88.64 -101.10
C ASP R 519 119.91 89.65 -101.97
N PRO R 520 119.51 90.83 -101.45
CA PRO R 520 118.71 91.80 -102.20
C PRO R 520 119.39 92.32 -103.47
N ALA R 521 120.73 92.36 -103.52
CA ALA R 521 121.49 92.76 -104.72
C ALA R 521 121.33 91.77 -105.89
N LYS R 522 120.79 90.57 -105.60
CA LYS R 522 120.58 89.50 -106.57
C LYS R 522 119.10 89.32 -106.99
N LYS R 523 118.22 90.28 -106.67
CA LYS R 523 116.80 90.25 -107.10
C LYS R 523 116.55 90.67 -108.55
N GLY R 524 117.44 91.48 -109.12
CA GLY R 524 117.29 92.09 -110.44
C GLY R 524 117.60 91.18 -111.62
N GLU R 525 117.74 91.78 -112.81
CA GLU R 525 118.11 91.11 -114.06
C GLU R 525 119.60 90.70 -114.10
N VAL R 526 119.92 89.72 -113.24
CA VAL R 526 121.15 88.93 -113.32
C VAL R 526 121.34 88.36 -114.73
N PRO R 527 122.59 88.17 -115.23
CA PRO R 527 122.83 87.80 -116.63
C PRO R 527 121.98 86.61 -117.10
N PRO R 528 121.55 86.56 -118.37
CA PRO R 528 120.75 85.46 -118.90
C PRO R 528 121.38 84.07 -118.64
N GLU R 529 122.70 83.96 -118.65
CA GLU R 529 123.46 82.75 -118.27
C GLU R 529 123.36 82.37 -116.77
N GLU R 530 122.48 83.04 -116.05
CA GLU R 530 122.20 82.89 -114.62
C GLU R 530 120.68 83.03 -114.33
N GLN R 531 119.88 83.37 -115.35
CA GLN R 531 118.41 83.32 -115.42
C GLN R 531 117.90 82.10 -116.16
N GLY R 532 118.76 81.60 -117.02
CA GLY R 532 118.90 80.23 -117.44
C GLY R 532 120.19 79.69 -116.81
N PRO R 533 120.68 78.55 -117.29
CA PRO R 533 121.74 77.82 -116.60
C PRO R 533 123.11 78.51 -116.57
N SER R 534 123.81 78.39 -115.43
CA SER R 534 125.23 78.73 -115.28
C SER R 534 126.14 77.53 -115.39
N ILE R 535 127.32 77.71 -115.97
CA ILE R 535 128.41 76.74 -115.83
C ILE R 535 129.28 76.98 -114.58
N LYS R 536 129.23 78.18 -113.99
CA LYS R 536 130.08 78.59 -112.85
C LYS R 536 129.57 78.07 -111.51
N ASN R 537 128.26 77.94 -111.36
CA ASN R 537 127.59 77.70 -110.08
C ASN R 537 126.34 76.82 -110.25
N LEU R 538 125.86 76.27 -109.14
CA LEU R 538 124.64 75.45 -109.07
C LEU R 538 123.43 76.22 -108.54
N ASP R 539 123.58 77.53 -108.38
CA ASP R 539 122.65 78.32 -107.60
C ASP R 539 121.38 78.57 -108.38
N PHE R 540 121.49 78.86 -109.68
CA PHE R 540 120.35 78.86 -110.61
C PHE R 540 119.45 77.64 -110.39
N TRP R 541 120.04 76.46 -110.16
CA TRP R 541 119.28 75.23 -109.98
C TRP R 541 118.66 75.13 -108.59
N SER R 542 119.36 75.51 -107.54
CA SER R 542 118.73 75.62 -106.21
C SER R 542 117.55 76.59 -106.24
N LYS R 543 117.66 77.62 -107.07
CA LYS R 543 116.68 78.68 -107.23
C LYS R 543 115.48 78.22 -108.03
N LEU R 544 115.75 77.51 -109.12
CA LEU R 544 114.76 76.85 -109.94
C LEU R 544 113.98 75.81 -109.11
N ILE R 545 114.64 75.04 -108.24
CA ILE R 545 113.97 74.10 -107.32
C ILE R 545 112.92 74.83 -106.49
N THR R 546 113.27 75.96 -105.89
CA THR R 546 112.32 76.71 -105.06
C THR R 546 111.16 77.32 -105.84
N LEU R 547 111.41 77.82 -107.05
CA LEU R 547 110.35 78.28 -107.96
C LEU R 547 109.35 77.18 -108.21
N ILE R 548 109.84 76.00 -108.56
CA ILE R 548 109.01 74.85 -108.87
C ILE R 548 108.11 74.49 -107.67
N VAL R 549 108.68 74.37 -106.49
CA VAL R 549 107.97 74.15 -105.23
C VAL R 549 106.84 75.16 -105.07
N SER R 550 107.16 76.45 -105.15
CA SER R 550 106.22 77.53 -104.96
C SER R 550 105.01 77.46 -105.87
N ILE R 551 105.24 77.21 -107.16
CA ILE R 551 104.16 77.12 -108.14
C ILE R 551 103.27 75.91 -107.84
N ILE R 552 103.87 74.75 -107.60
CA ILE R 552 103.10 73.54 -107.34
C ILE R 552 102.23 73.74 -106.10
N GLU R 553 102.78 74.42 -105.10
CA GLU R 553 102.01 74.85 -103.97
C GLU R 553 100.83 75.73 -104.36
N GLU R 554 101.03 76.84 -105.07
CA GLU R 554 99.91 77.69 -105.45
C GLU R 554 98.81 76.92 -106.21
N ASP R 555 99.21 76.02 -107.09
CA ASP R 555 98.28 75.20 -107.85
C ASP R 555 97.55 74.19 -106.99
N LYS R 556 98.27 73.48 -106.13
CA LYS R 556 97.71 72.58 -105.16
C LYS R 556 96.76 73.31 -104.21
N ASN R 557 97.10 74.53 -103.84
CA ASN R 557 96.53 75.17 -102.66
C ASN R 557 95.46 76.20 -103.01
N SER R 558 95.66 77.03 -104.03
CA SER R 558 94.66 78.03 -104.42
C SER R 558 93.81 77.55 -105.59
N TYR R 559 94.44 76.96 -106.59
CA TYR R 559 93.72 76.67 -107.82
C TYR R 559 92.99 75.33 -107.80
N THR R 560 93.57 74.28 -107.23
CA THR R 560 92.86 73.00 -107.11
C THR R 560 91.50 73.16 -106.41
N PRO R 561 91.41 73.97 -105.34
CA PRO R 561 90.12 74.29 -104.73
C PRO R 561 89.24 75.23 -105.55
N CYS R 562 89.82 76.27 -106.14
CA CYS R 562 89.04 77.18 -106.98
C CYS R 562 88.34 76.43 -108.13
N LEU R 563 89.04 75.45 -108.70
CA LEU R 563 88.65 74.71 -109.91
C LEU R 563 88.25 73.27 -109.65
N ASN R 564 87.47 73.11 -108.60
CA ASN R 564 86.98 71.83 -108.16
C ASN R 564 85.90 71.20 -109.06
N GLN R 565 85.37 71.86 -110.11
CA GLN R 565 84.21 71.38 -110.88
C GLN R 565 84.39 69.99 -111.48
N PHE R 566 85.63 69.61 -111.77
CA PHE R 566 85.99 68.28 -112.25
C PHE R 566 87.06 67.73 -111.31
N PRO R 567 86.72 67.39 -110.06
CA PRO R 567 87.72 67.11 -109.04
C PRO R 567 88.49 65.83 -109.37
N GLN R 568 87.77 64.82 -109.86
CA GLN R 568 88.26 63.55 -110.35
C GLN R 568 89.22 63.71 -111.53
N GLU R 569 89.00 64.72 -112.36
CA GLU R 569 89.74 64.93 -113.60
C GLU R 569 90.80 66.03 -113.49
N LEU R 570 90.73 66.91 -112.48
CA LEU R 570 91.40 68.20 -112.49
C LEU R 570 91.99 68.57 -111.10
N ASN R 571 92.90 67.73 -110.60
CA ASN R 571 93.82 68.10 -109.52
C ASN R 571 94.91 69.04 -110.05
N VAL R 572 94.71 70.36 -109.92
CA VAL R 572 95.63 71.37 -110.48
C VAL R 572 97.05 71.23 -109.89
N GLY R 573 97.17 70.87 -108.61
CA GLY R 573 98.45 70.60 -107.97
C GLY R 573 99.25 69.46 -108.58
N LYS R 574 98.61 68.33 -108.92
CA LYS R 574 99.30 67.21 -109.59
C LYS R 574 99.71 67.54 -111.03
N ILE R 575 98.80 68.16 -111.80
CA ILE R 575 99.11 68.55 -113.20
C ILE R 575 100.30 69.51 -113.20
N SER R 576 100.32 70.43 -112.24
CA SER R 576 101.46 71.29 -111.99
C SER R 576 102.74 70.48 -111.72
N ALA R 577 102.78 69.63 -110.69
CA ALA R 577 103.99 68.87 -110.35
C ALA R 577 104.55 68.07 -111.54
N GLU R 578 103.69 67.36 -112.28
CA GLU R 578 104.11 66.59 -113.45
C GLU R 578 104.71 67.49 -114.54
N VAL R 579 103.96 68.51 -114.98
CA VAL R 579 104.37 69.37 -116.08
C VAL R 579 105.71 70.01 -115.75
N MET R 580 105.79 70.60 -114.56
CA MET R 580 106.97 71.33 -114.15
C MET R 580 108.20 70.44 -113.96
N TRP R 581 108.07 69.28 -113.31
CA TRP R 581 109.19 68.34 -113.18
C TRP R 581 109.69 67.89 -114.53
N SER R 582 108.78 67.56 -115.45
CA SER R 582 109.17 67.01 -116.73
C SER R 582 110.11 67.97 -117.44
N LEU R 583 109.64 69.21 -117.54
CA LEU R 583 110.35 70.29 -118.18
C LEU R 583 111.68 70.55 -117.46
N PHE R 584 111.65 70.54 -116.13
CA PHE R 584 112.85 70.65 -115.32
C PHE R 584 113.88 69.55 -115.60
N ALA R 585 113.47 68.29 -115.57
CA ALA R 585 114.40 67.17 -115.46
C ALA R 585 115.29 67.11 -116.70
N GLN R 586 114.68 67.40 -117.86
CA GLN R 586 115.39 67.57 -119.12
C GLN R 586 116.50 68.60 -118.95
N ASP R 587 116.13 69.76 -118.45
CA ASP R 587 117.02 70.89 -118.36
C ASP R 587 118.16 70.62 -117.38
N MET R 588 117.80 70.06 -116.22
CA MET R 588 118.77 69.66 -115.21
C MET R 588 119.74 68.60 -115.73
N LYS R 589 119.26 67.54 -116.41
CA LYS R 589 120.17 66.53 -116.93
C LYS R 589 121.24 67.19 -117.82
N TYR R 590 120.83 68.04 -118.76
CA TYR R 590 121.81 68.69 -119.64
C TYR R 590 122.77 69.57 -118.86
N ALA R 591 122.29 70.21 -117.80
CA ALA R 591 123.12 71.02 -116.96
C ALA R 591 124.22 70.24 -116.27
N MET R 592 123.86 69.13 -115.64
CA MET R 592 124.83 68.28 -114.98
C MET R 592 125.84 67.73 -115.97
N GLU R 593 125.42 67.33 -117.16
CA GLU R 593 126.37 66.98 -118.22
C GLU R 593 127.30 68.13 -118.58
N GLU R 594 126.81 69.36 -118.62
CA GLU R 594 127.62 70.52 -118.96
C GLU R 594 128.65 70.85 -117.88
N HIS R 595 128.22 70.90 -116.62
CA HIS R 595 129.12 71.02 -115.47
C HIS R 595 130.22 69.98 -115.52
N ASP R 596 129.90 68.77 -115.94
CA ASP R 596 130.86 67.69 -115.93
C ASP R 596 132.07 67.94 -116.84
N LYS R 597 131.86 68.70 -117.92
CA LYS R 597 132.92 69.07 -118.85
C LYS R 597 133.84 70.16 -118.31
N HIS R 598 133.39 70.93 -117.32
CA HIS R 598 134.05 72.16 -116.86
C HIS R 598 134.54 72.10 -115.42
N ARG R 599 133.75 71.50 -114.52
CA ARG R 599 134.06 71.23 -113.11
C ARG R 599 134.46 72.47 -112.32
N LEU R 600 133.73 73.56 -112.53
CA LEU R 600 133.99 74.87 -111.91
C LEU R 600 133.49 74.94 -110.46
N CYS R 601 132.31 74.39 -110.20
CA CYS R 601 131.82 74.12 -108.84
C CYS R 601 132.61 72.94 -108.23
N LYS R 602 132.77 72.88 -106.91
CA LYS R 602 133.48 71.77 -106.24
C LYS R 602 132.61 70.51 -106.23
N SER R 603 133.24 69.33 -106.16
CA SER R 603 132.55 68.03 -105.97
C SER R 603 131.38 68.17 -105.00
N ALA R 604 131.70 68.67 -103.81
CA ALA R 604 130.81 69.00 -102.70
C ALA R 604 129.53 69.74 -103.10
N ASP R 605 129.63 70.73 -103.98
CA ASP R 605 128.49 71.53 -104.40
C ASP R 605 127.49 70.64 -105.14
N TYR R 606 127.98 69.78 -106.04
CA TYR R 606 127.12 68.81 -106.71
C TYR R 606 126.56 67.79 -105.74
N MET R 607 127.31 67.39 -104.70
CA MET R 607 126.76 66.51 -103.66
C MET R 607 125.61 67.21 -102.90
N ASN R 608 125.77 68.48 -102.55
CA ASN R 608 124.71 69.27 -101.92
C ASN R 608 123.50 69.37 -102.84
N LEU R 609 123.73 69.71 -104.11
CA LEU R 609 122.69 69.74 -105.12
C LEU R 609 122.00 68.38 -105.23
N HIS R 610 122.76 67.29 -105.21
CA HIS R 610 122.21 65.95 -105.22
C HIS R 610 121.25 65.77 -104.05
N PHE R 611 121.60 66.15 -102.83
CA PHE R 611 120.66 66.01 -101.72
C PHE R 611 119.39 66.83 -101.92
N LYS R 612 119.50 68.05 -102.43
CA LYS R 612 118.34 68.89 -102.74
C LYS R 612 117.46 68.24 -103.80
N VAL R 613 118.06 67.74 -104.87
CA VAL R 613 117.34 67.11 -105.97
C VAL R 613 116.69 65.81 -105.53
N LYS R 614 117.47 65.01 -104.80
CA LYS R 614 117.02 63.77 -104.19
C LYS R 614 115.79 64.07 -103.35
N TRP R 615 115.90 65.04 -102.45
CA TRP R 615 114.76 65.50 -101.69
C TRP R 615 113.60 65.91 -102.62
N LEU R 616 113.82 66.76 -103.61
CA LEU R 616 112.75 67.31 -104.43
C LEU R 616 111.96 66.22 -105.12
N TYR R 617 112.67 65.32 -105.81
CA TYR R 617 112.04 64.21 -106.50
C TYR R 617 111.26 63.37 -105.51
N ASN R 618 111.94 63.00 -104.42
CA ASN R 618 111.38 62.14 -103.40
C ASN R 618 110.22 62.80 -102.66
N GLU R 619 110.13 64.12 -102.70
CA GLU R 619 108.95 64.86 -102.29
C GLU R 619 107.91 64.82 -103.40
N TYR R 620 108.01 65.70 -104.40
CA TYR R 620 106.90 65.98 -105.28
C TYR R 620 106.66 64.89 -106.31
N VAL R 621 107.73 64.32 -106.84
CA VAL R 621 107.70 63.67 -108.15
C VAL R 621 107.46 62.18 -108.01
N ALA R 622 108.17 61.55 -107.08
CA ALA R 622 108.20 60.11 -106.92
C ALA R 622 106.81 59.49 -106.77
N GLU R 623 105.85 60.22 -106.21
CA GLU R 623 104.50 59.72 -105.94
C GLU R 623 103.52 59.94 -107.09
N LEU R 624 103.84 60.80 -108.06
CA LEU R 624 103.05 60.84 -109.28
C LEU R 624 103.21 59.47 -109.96
N PRO R 625 102.12 58.82 -110.41
CA PRO R 625 102.17 57.45 -110.92
C PRO R 625 103.27 57.25 -111.96
N THR R 626 103.34 58.21 -112.87
CA THR R 626 104.33 58.33 -113.94
C THR R 626 105.77 58.09 -113.47
N PHE R 627 106.13 58.46 -112.24
CA PHE R 627 107.50 58.38 -111.74
C PHE R 627 107.64 57.44 -110.55
N LYS R 628 106.52 57.11 -109.89
CA LYS R 628 106.44 55.94 -109.03
C LYS R 628 106.70 54.67 -109.81
N ASP R 629 106.27 54.65 -111.07
CA ASP R 629 106.54 53.59 -112.04
C ASP R 629 108.05 53.32 -112.30
N ARG R 630 108.98 54.17 -111.85
CA ARG R 630 110.38 54.16 -112.31
C ARG R 630 111.45 54.25 -111.22
N VAL R 631 112.57 53.56 -111.46
CA VAL R 631 113.87 53.88 -110.84
C VAL R 631 114.23 55.31 -111.25
N PRO R 632 114.49 56.22 -110.30
CA PRO R 632 114.79 57.60 -110.63
C PRO R 632 116.06 57.71 -111.44
N GLU R 633 116.02 58.51 -112.50
CA GLU R 633 117.13 58.63 -113.42
C GLU R 633 118.14 59.70 -112.99
N TYR R 634 117.71 60.66 -112.17
CA TYR R 634 118.57 61.73 -111.67
C TYR R 634 119.94 61.31 -111.12
N PRO R 635 120.15 60.13 -110.52
CA PRO R 635 121.47 59.77 -110.00
C PRO R 635 122.54 59.66 -111.10
N ALA R 636 122.12 59.33 -112.32
CA ALA R 636 123.03 59.33 -113.46
C ALA R 636 123.64 60.70 -113.70
N TRP R 637 122.93 61.77 -113.33
CA TRP R 637 123.43 63.12 -113.48
C TRP R 637 124.61 63.39 -112.55
N PHE R 638 124.44 63.04 -111.27
CA PHE R 638 125.40 63.34 -110.22
C PHE R 638 126.59 62.39 -110.21
N GLU R 639 126.41 61.19 -110.73
CA GLU R 639 127.40 60.12 -110.67
C GLU R 639 128.83 60.52 -111.02
N PRO R 640 129.09 61.30 -112.07
CA PRO R 640 130.45 61.71 -112.38
C PRO R 640 131.06 62.58 -111.28
N PHE R 641 130.26 63.42 -110.64
CA PHE R 641 130.67 64.30 -109.57
C PHE R 641 130.95 63.55 -108.29
N VAL R 642 130.21 62.47 -108.09
CA VAL R 642 130.47 61.51 -107.03
C VAL R 642 131.76 60.76 -107.30
N ILE R 643 131.99 60.36 -108.53
CA ILE R 643 133.22 59.70 -108.91
C ILE R 643 134.38 60.67 -108.72
N GLN R 644 134.27 61.91 -109.18
CA GLN R 644 135.23 62.96 -108.92
C GLN R 644 135.49 63.07 -107.42
N TRP R 645 134.43 63.14 -106.65
CA TRP R 645 134.58 63.15 -105.23
C TRP R 645 135.35 61.91 -104.74
N LEU R 646 135.01 60.70 -105.20
CA LEU R 646 135.72 59.46 -104.86
C LEU R 646 137.19 59.53 -105.25
N ASP R 647 137.50 60.29 -106.28
CA ASP R 647 138.86 60.47 -106.76
C ASP R 647 139.62 61.38 -105.82
N GLU R 648 139.08 62.58 -105.60
CA GLU R 648 139.63 63.52 -104.63
C GLU R 648 139.85 62.80 -103.31
N ASN R 649 138.82 62.07 -102.89
CA ASN R 649 138.82 61.27 -101.71
C ASN R 649 139.94 60.24 -101.72
N GLU R 650 140.08 59.42 -102.75
CA GLU R 650 141.14 58.43 -102.73
C GLU R 650 142.51 59.07 -102.60
N GLU R 651 142.76 60.14 -103.34
CA GLU R 651 144.08 60.72 -103.36
C GLU R 651 144.41 61.34 -102.01
N VAL R 652 143.48 62.11 -101.47
CA VAL R 652 143.52 62.56 -100.07
C VAL R 652 143.77 61.36 -99.15
N SER R 653 143.05 60.25 -99.33
CA SER R 653 143.20 59.06 -98.49
C SER R 653 144.59 58.44 -98.64
N ARG R 654 145.23 58.53 -99.80
CA ARG R 654 146.53 57.92 -100.02
C ARG R 654 147.61 58.81 -99.46
N ASP R 655 147.45 60.11 -99.57
CA ASP R 655 148.30 61.08 -98.88
C ASP R 655 148.18 60.95 -97.36
N PHE R 656 146.94 60.85 -96.86
CA PHE R 656 146.64 60.55 -95.47
C PHE R 656 147.29 59.25 -95.04
N LEU R 657 147.19 58.19 -95.84
CA LEU R 657 147.75 56.87 -95.54
C LEU R 657 149.25 56.98 -95.29
N HIS R 658 149.94 57.68 -96.16
CA HIS R 658 151.38 57.88 -96.00
C HIS R 658 151.67 58.70 -94.76
N GLY R 659 150.94 59.80 -94.53
CA GLY R 659 151.04 60.54 -93.28
C GLY R 659 150.85 59.66 -92.05
N ALA R 660 149.79 58.85 -92.00
CA ALA R 660 149.45 58.00 -90.86
C ALA R 660 150.53 56.94 -90.61
N LEU R 661 150.96 56.24 -91.67
CA LEU R 661 152.06 55.29 -91.60
C LEU R 661 153.31 55.96 -91.06
N GLU R 662 153.61 57.17 -91.54
CA GLU R 662 154.80 57.88 -91.16
C GLU R 662 154.73 58.39 -89.71
N ARG R 663 153.58 58.86 -89.24
CA ARG R 663 153.36 59.22 -87.83
C ARG R 663 153.52 58.02 -86.93
N ASP R 664 152.99 56.88 -87.35
CA ASP R 664 153.13 55.63 -86.64
C ASP R 664 154.60 55.14 -86.65
N LYS R 665 155.29 55.27 -87.78
CA LYS R 665 156.71 55.00 -87.92
C LYS R 665 157.55 55.87 -87.02
N LYS R 666 157.19 57.14 -86.91
CA LYS R 666 157.82 58.07 -85.99
C LYS R 666 157.56 57.67 -84.55
N ASP R 667 156.36 57.19 -84.26
CA ASP R 667 156.07 56.46 -83.04
C ASP R 667 156.69 55.04 -82.99
N GLY R 668 157.68 54.73 -83.82
CA GLY R 668 158.37 53.43 -83.82
C GLY R 668 157.46 52.22 -84.02
N PHE R 669 156.24 52.41 -84.54
CA PHE R 669 155.16 51.44 -84.60
C PHE R 669 154.82 50.76 -83.27
N GLN R 670 154.59 51.53 -82.19
CA GLN R 670 154.06 50.92 -80.98
C GLN R 670 152.70 50.25 -81.22
N GLN R 671 152.43 49.14 -80.53
CA GLN R 671 151.08 48.58 -80.50
C GLN R 671 150.14 49.55 -79.83
N THR R 672 148.92 49.62 -80.34
CA THR R 672 147.88 50.56 -79.92
C THR R 672 147.54 50.39 -78.44
N SER R 673 147.70 49.17 -77.95
CA SER R 673 147.98 48.85 -76.55
C SER R 673 148.64 47.49 -76.53
N GLU R 674 149.14 47.06 -75.38
CA GLU R 674 149.79 45.76 -75.25
C GLU R 674 148.90 44.55 -75.56
N HIS R 675 147.61 44.79 -75.70
CA HIS R 675 146.59 43.84 -76.11
C HIS R 675 145.89 44.24 -77.42
N ALA R 676 145.91 45.51 -77.84
CA ALA R 676 145.57 45.97 -79.19
C ALA R 676 146.82 45.96 -80.07
N LEU R 677 147.11 44.76 -80.59
CA LEU R 677 148.43 44.32 -81.02
C LEU R 677 148.99 44.98 -82.29
N PHE R 678 148.11 45.61 -83.07
CA PHE R 678 148.46 46.45 -84.22
C PHE R 678 148.75 47.87 -83.75
N SER R 679 149.40 48.67 -84.57
CA SER R 679 149.66 50.08 -84.35
C SER R 679 148.58 50.99 -84.97
N CYS R 680 148.58 52.25 -84.52
CA CYS R 680 147.45 53.16 -84.66
C CYS R 680 147.07 53.49 -86.11
N SER R 681 148.03 53.50 -87.02
CA SER R 681 147.77 53.80 -88.43
C SER R 681 146.68 52.90 -89.01
N VAL R 682 146.60 51.65 -88.58
CA VAL R 682 145.55 50.75 -89.02
C VAL R 682 144.16 51.32 -88.74
N VAL R 683 144.03 51.81 -87.52
CA VAL R 683 142.82 52.40 -86.99
C VAL R 683 142.48 53.66 -87.75
N ASP R 684 143.46 54.56 -87.88
CA ASP R 684 143.31 55.83 -88.58
C ASP R 684 142.80 55.60 -90.00
N VAL R 685 143.39 54.63 -90.67
CA VAL R 685 143.05 54.28 -92.03
C VAL R 685 141.63 53.76 -92.08
N PHE R 686 141.27 52.79 -91.23
CA PHE R 686 139.90 52.35 -91.24
C PHE R 686 138.94 53.47 -90.88
N SER R 687 139.28 54.31 -89.94
CA SER R 687 138.49 55.50 -89.63
C SER R 687 138.28 56.34 -90.87
N GLN R 688 139.36 56.68 -91.57
CA GLN R 688 139.26 57.47 -92.78
C GLN R 688 138.37 56.79 -93.81
N LEU R 689 138.64 55.52 -94.07
CA LEU R 689 137.92 54.75 -95.06
C LEU R 689 136.44 54.71 -94.73
N ASN R 690 136.10 54.61 -93.46
CA ASN R 690 134.73 54.64 -93.06
C ASN R 690 134.14 56.04 -93.20
N GLN R 691 134.82 57.11 -92.77
CA GLN R 691 134.32 58.48 -93.01
C GLN R 691 133.99 58.67 -94.49
N SER R 692 134.90 58.21 -95.32
CA SER R 692 134.78 58.21 -96.76
C SER R 692 133.60 57.40 -97.24
N PHE R 693 133.52 56.13 -96.84
CA PHE R 693 132.47 55.25 -97.28
C PHE R 693 131.11 55.84 -96.93
N GLU R 694 131.01 56.43 -95.75
CA GLU R 694 129.76 56.96 -95.29
C GLU R 694 129.33 58.16 -96.11
N ILE R 695 130.26 58.99 -96.56
CA ILE R 695 129.94 60.06 -97.50
C ILE R 695 129.28 59.50 -98.76
N ILE R 696 129.76 58.37 -99.26
CA ILE R 696 129.08 57.67 -100.36
C ILE R 696 127.72 57.20 -99.90
N LYS R 697 127.70 56.48 -98.78
CA LYS R 697 126.54 55.74 -98.37
C LYS R 697 125.35 56.66 -98.17
N LYS R 698 125.61 57.84 -97.59
CA LYS R 698 124.70 58.98 -97.42
C LYS R 698 124.02 59.51 -98.67
N LEU R 699 124.40 59.04 -99.85
CA LEU R 699 123.68 59.37 -101.07
C LEU R 699 122.52 58.42 -101.33
N GLU R 700 122.61 57.16 -100.88
CA GLU R 700 121.61 56.09 -101.09
C GLU R 700 121.05 56.07 -102.51
N CYS R 701 121.94 56.12 -103.51
CA CYS R 701 121.55 56.21 -104.91
C CYS R 701 120.55 55.10 -105.28
N PRO R 702 119.34 55.44 -105.76
CA PRO R 702 118.30 54.46 -106.07
C PRO R 702 118.58 53.67 -107.35
N ASP R 703 119.59 54.06 -108.14
CA ASP R 703 120.13 53.25 -109.22
C ASP R 703 121.28 52.37 -108.71
N PRO R 704 121.05 51.06 -108.50
CA PRO R 704 122.04 50.19 -107.90
C PRO R 704 123.24 49.90 -108.81
N GLN R 705 123.17 50.20 -110.09
CA GLN R 705 124.27 50.01 -111.01
C GLN R 705 125.23 51.18 -110.91
N ILE R 706 124.68 52.39 -110.80
CA ILE R 706 125.43 53.59 -110.44
C ILE R 706 126.06 53.41 -109.06
N VAL R 707 125.31 52.85 -108.10
CA VAL R 707 125.92 52.42 -106.84
C VAL R 707 127.04 51.43 -107.09
N GLY R 708 126.78 50.40 -107.88
CA GLY R 708 127.77 49.40 -108.19
C GLY R 708 129.04 50.03 -108.74
N HIS R 709 128.90 51.08 -109.54
CA HIS R 709 130.01 51.83 -110.08
C HIS R 709 130.80 52.53 -108.98
N TYR R 710 130.13 53.25 -108.10
CA TYR R 710 130.80 53.80 -106.91
C TYR R 710 131.54 52.72 -106.14
N MET R 711 130.93 51.56 -105.98
CA MET R 711 131.52 50.47 -105.21
C MET R 711 132.70 49.85 -105.92
N ARG R 712 132.65 49.74 -107.24
CA ARG R 712 133.77 49.29 -108.05
C ARG R 712 134.91 50.29 -107.90
N ARG R 713 134.62 51.57 -108.17
CA ARG R 713 135.53 52.71 -107.98
C ARG R 713 136.17 52.67 -106.60
N PHE R 714 135.38 52.50 -105.56
CA PHE R 714 135.86 52.56 -104.21
C PHE R 714 136.60 51.28 -103.81
N ALA R 715 136.16 50.11 -104.26
CA ALA R 715 136.86 48.87 -103.98
C ALA R 715 138.28 48.91 -104.53
N LYS R 716 138.44 49.62 -105.64
CA LYS R 716 139.75 49.97 -106.14
C LYS R 716 140.44 50.87 -105.15
N THR R 717 139.85 52.01 -104.76
CA THR R 717 140.44 52.88 -103.74
C THR R 717 140.99 52.10 -102.58
N ILE R 718 140.13 51.25 -102.01
CA ILE R 718 140.42 50.39 -100.89
C ILE R 718 141.58 49.48 -101.23
N SER R 719 141.48 48.75 -102.32
CA SER R 719 142.55 47.88 -102.75
C SER R 719 143.86 48.61 -102.84
N ASN R 720 143.85 49.76 -103.48
CA ASN R 720 145.02 50.55 -103.70
C ASN R 720 145.63 51.03 -102.40
N VAL R 721 144.83 51.72 -101.58
CA VAL R 721 145.20 52.19 -100.27
C VAL R 721 145.77 51.06 -99.43
N LEU R 722 145.09 49.91 -99.39
CA LEU R 722 145.46 48.84 -98.47
C LEU R 722 146.68 48.09 -98.96
N LEU R 723 146.81 47.89 -100.25
CA LEU R 723 148.02 47.27 -100.76
C LEU R 723 149.18 48.21 -100.58
N GLN R 724 148.98 49.50 -100.77
CA GLN R 724 149.97 50.51 -100.51
C GLN R 724 150.37 50.53 -99.03
N TYR R 725 149.43 50.38 -98.11
CA TYR R 725 149.79 50.15 -96.71
C TYR R 725 150.64 48.89 -96.57
N ALA R 726 150.09 47.75 -97.03
CA ALA R 726 150.67 46.44 -96.82
C ALA R 726 152.07 46.36 -97.40
N ASP R 727 152.25 47.02 -98.52
CA ASP R 727 153.50 47.26 -99.16
C ASP R 727 154.42 48.12 -98.29
N ILE R 728 154.00 49.33 -97.90
CA ILE R 728 154.82 50.22 -97.08
C ILE R 728 155.29 49.50 -95.82
N VAL R 729 154.41 48.69 -95.24
CA VAL R 729 154.78 47.74 -94.20
C VAL R 729 155.80 46.73 -94.69
N SER R 730 155.48 45.93 -95.71
CA SER R 730 156.32 44.83 -96.19
C SER R 730 157.74 45.29 -96.50
N LYS R 731 157.85 46.51 -97.00
CA LYS R 731 159.11 47.19 -97.28
C LYS R 731 159.90 47.37 -96.01
N ASP R 732 159.34 48.06 -95.04
CA ASP R 732 160.01 48.34 -93.79
C ASP R 732 160.26 47.07 -92.96
N PHE R 733 159.45 46.04 -93.19
CA PHE R 733 159.34 44.87 -92.36
C PHE R 733 160.68 44.21 -92.03
N ALA R 734 161.49 43.92 -93.05
CA ALA R 734 162.79 43.29 -92.88
C ALA R 734 163.74 44.13 -92.04
N SER R 735 163.72 45.46 -92.19
CA SER R 735 164.52 46.37 -91.35
C SER R 735 164.15 46.23 -89.88
N TYR R 736 162.89 45.95 -89.61
CA TYR R 736 162.40 45.70 -88.28
C TYR R 736 162.64 44.29 -87.79
N CYS R 737 162.87 43.32 -88.68
CA CYS R 737 163.08 41.92 -88.32
C CYS R 737 164.33 41.64 -87.51
N SER R 738 165.22 42.61 -87.34
CA SER R 738 166.39 42.43 -86.49
C SER R 738 165.95 42.08 -85.05
N LYS R 739 166.75 41.23 -84.37
CA LYS R 739 166.40 40.41 -83.19
C LYS R 739 166.14 41.17 -81.86
N GLU R 740 165.81 42.44 -81.92
CA GLU R 740 165.73 43.37 -80.78
C GLU R 740 164.54 44.31 -80.92
N LYS R 741 164.27 44.77 -82.14
CA LYS R 741 163.01 45.45 -82.47
C LYS R 741 161.86 44.47 -82.65
N GLU R 742 162.00 43.21 -82.24
CA GLU R 742 161.05 42.10 -82.48
C GLU R 742 159.58 42.45 -82.25
N LYS R 743 159.29 43.31 -81.26
CA LYS R 743 157.95 43.86 -81.07
C LYS R 743 157.37 44.44 -82.34
N VAL R 744 158.15 45.23 -83.06
CA VAL R 744 157.71 45.93 -84.26
C VAL R 744 157.27 44.98 -85.37
N PRO R 745 158.05 43.98 -85.85
CA PRO R 745 157.54 43.02 -86.84
C PRO R 745 156.28 42.28 -86.39
N CYS R 746 156.17 41.93 -85.10
CA CYS R 746 154.93 41.38 -84.58
C CYS R 746 153.78 42.34 -84.85
N ILE R 747 153.92 43.59 -84.41
CA ILE R 747 152.93 44.65 -84.54
C ILE R 747 152.56 44.89 -85.99
N LEU R 748 153.54 44.95 -86.88
CA LEU R 748 153.31 45.10 -88.32
C LEU R 748 152.53 43.91 -88.91
N MET R 749 152.87 42.68 -88.54
CA MET R 749 152.07 41.53 -88.93
C MET R 749 150.65 41.61 -88.35
N ASN R 750 150.51 42.09 -87.11
CA ASN R 750 149.21 42.34 -86.52
C ASN R 750 148.48 43.47 -87.23
N ASN R 751 149.17 44.48 -87.73
CA ASN R 751 148.55 45.53 -88.51
C ASN R 751 147.92 44.91 -89.73
N THR R 752 148.73 44.13 -90.44
CA THR R 752 148.37 43.46 -91.69
C THR R 752 147.15 42.59 -91.47
N GLN R 753 147.21 41.74 -90.47
CA GLN R 753 146.10 40.91 -90.09
C GLN R 753 144.89 41.75 -89.65
N GLN R 754 145.13 42.84 -88.92
CA GLN R 754 144.09 43.74 -88.53
C GLN R 754 143.45 44.44 -89.74
N LEU R 755 144.23 44.76 -90.78
CA LEU R 755 143.70 45.21 -92.05
C LEU R 755 142.71 44.18 -92.53
N ARG R 756 143.15 42.92 -92.69
CA ARG R 756 142.29 41.86 -93.22
C ARG R 756 140.99 41.81 -92.42
N VAL R 757 141.15 41.78 -91.10
CA VAL R 757 140.03 41.72 -90.17
C VAL R 757 139.08 42.89 -90.40
N GLN R 758 139.56 44.13 -90.37
CA GLN R 758 138.68 45.26 -90.59
C GLN R 758 138.19 45.37 -92.02
N LEU R 759 138.95 44.85 -92.97
CA LEU R 759 138.57 44.80 -94.36
C LEU R 759 137.35 43.91 -94.49
N GLU R 760 137.34 42.74 -93.85
CA GLU R 760 136.16 41.89 -93.83
C GLU R 760 134.96 42.71 -93.31
N LYS R 761 135.15 43.46 -92.22
CA LYS R 761 134.11 44.34 -91.66
C LYS R 761 133.65 45.40 -92.65
N MET R 762 134.58 46.12 -93.27
CA MET R 762 134.25 47.17 -94.23
C MET R 762 133.54 46.59 -95.46
N PHE R 763 133.99 45.43 -95.92
CA PHE R 763 133.36 44.70 -96.99
C PHE R 763 131.90 44.39 -96.60
N GLU R 764 131.68 43.87 -95.39
CA GLU R 764 130.31 43.77 -94.90
C GLU R 764 129.60 45.12 -94.86
N ALA R 765 130.26 46.18 -94.40
CA ALA R 765 129.68 47.50 -94.31
C ALA R 765 129.24 48.02 -95.68
N MET R 766 130.01 47.73 -96.72
CA MET R 766 129.68 47.96 -98.12
C MET R 766 128.56 47.05 -98.64
N GLY R 767 127.93 46.29 -97.76
CA GLY R 767 126.88 45.35 -98.12
C GLY R 767 127.46 44.01 -98.55
N GLY R 768 128.54 43.57 -97.90
CA GLY R 768 129.03 42.20 -97.88
C GLY R 768 128.80 41.38 -99.13
N LYS R 769 128.10 40.25 -99.00
CA LYS R 769 127.85 39.32 -100.12
C LYS R 769 126.79 39.85 -101.09
N GLU R 770 126.07 40.88 -100.68
CA GLU R 770 125.15 41.64 -101.51
C GLU R 770 125.90 42.59 -102.47
N LEU R 771 127.19 42.86 -102.23
CA LEU R 771 128.03 43.80 -102.96
C LEU R 771 128.11 43.47 -104.46
N ASP R 772 128.28 44.51 -105.27
CA ASP R 772 128.64 44.38 -106.67
C ASP R 772 129.76 43.35 -106.87
N ALA R 773 129.55 42.42 -107.80
CA ALA R 773 130.42 41.28 -107.96
C ALA R 773 131.88 41.65 -108.29
N GLU R 774 132.15 42.85 -108.83
CA GLU R 774 133.48 43.27 -109.26
C GLU R 774 134.18 44.12 -108.22
N ALA R 775 133.44 44.97 -107.51
CA ALA R 775 133.89 45.49 -106.24
C ALA R 775 134.24 44.32 -105.32
N SER R 776 133.36 43.33 -105.22
CA SER R 776 133.59 42.11 -104.45
C SER R 776 134.81 41.35 -104.98
N GLY R 777 134.91 41.11 -106.29
CA GLY R 777 136.09 40.52 -106.93
C GLY R 777 137.37 41.22 -106.49
N THR R 778 137.35 42.55 -106.53
CA THR R 778 138.46 43.39 -106.10
C THR R 778 138.83 43.16 -104.64
N LEU R 779 137.85 43.25 -103.76
CA LEU R 779 138.13 43.06 -102.34
C LEU R 779 138.54 41.62 -102.01
N LYS R 780 138.09 40.61 -102.76
CA LYS R 780 138.52 39.23 -102.61
C LYS R 780 139.98 39.05 -103.04
N GLU R 781 140.30 39.56 -104.22
CA GLU R 781 141.66 39.67 -104.71
C GLU R 781 142.57 40.34 -103.67
N LEU R 782 142.11 41.45 -103.13
CA LEU R 782 142.82 42.24 -102.18
C LEU R 782 143.12 41.39 -100.95
N GLN R 783 142.11 40.76 -100.37
CA GLN R 783 142.25 39.91 -99.20
C GLN R 783 143.23 38.76 -99.46
N VAL R 784 143.18 38.11 -100.63
CA VAL R 784 144.14 37.05 -100.99
C VAL R 784 145.57 37.59 -101.01
N LYS R 785 145.79 38.75 -101.61
CA LYS R 785 147.12 39.37 -101.62
C LYS R 785 147.59 39.71 -100.23
N LEU R 786 146.73 40.32 -99.43
CA LEU R 786 147.04 40.63 -98.03
C LEU R 786 147.41 39.35 -97.26
N ASN R 787 146.72 38.23 -97.51
CA ASN R 787 147.10 36.95 -96.93
C ASN R 787 148.52 36.54 -97.36
N ASN R 788 148.80 36.60 -98.64
CA ASN R 788 150.08 36.16 -99.17
C ASN R 788 151.21 37.06 -98.65
N VAL R 789 150.97 38.38 -98.59
CA VAL R 789 151.86 39.31 -97.89
C VAL R 789 152.17 38.79 -96.49
N LEU R 790 151.14 38.45 -95.70
CA LEU R 790 151.32 38.03 -94.31
C LEU R 790 152.16 36.75 -94.19
N ASP R 791 152.02 35.80 -95.11
CA ASP R 791 152.91 34.65 -95.17
C ASP R 791 154.36 35.09 -95.34
N GLU R 792 154.62 35.98 -96.29
CA GLU R 792 155.99 36.37 -96.58
C GLU R 792 156.59 37.16 -95.43
N LEU R 793 155.81 38.01 -94.77
CA LEU R 793 156.25 38.66 -93.55
C LEU R 793 156.57 37.63 -92.47
N SER R 794 155.70 36.65 -92.21
CA SER R 794 155.97 35.62 -91.20
C SER R 794 157.27 34.87 -91.49
N HIS R 795 157.53 34.62 -92.76
CA HIS R 795 158.72 33.96 -93.23
C HIS R 795 159.95 34.83 -93.01
N VAL R 796 159.93 36.04 -93.57
CA VAL R 796 161.00 37.03 -93.42
C VAL R 796 161.33 37.24 -91.95
N PHE R 797 160.31 37.29 -91.11
CA PHE R 797 160.48 37.41 -89.69
C PHE R 797 161.18 36.21 -89.08
N ALA R 798 160.60 35.02 -89.23
CA ALA R 798 161.16 33.78 -88.71
C ALA R 798 162.61 33.57 -89.16
N THR R 799 162.89 33.98 -90.39
CA THR R 799 164.20 33.91 -91.00
C THR R 799 165.24 34.74 -90.26
N SER R 800 164.94 35.92 -89.74
CA SER R 800 165.98 36.74 -89.07
C SER R 800 166.51 36.09 -87.78
N PHE R 801 165.76 35.15 -87.21
CA PHE R 801 166.18 34.33 -86.07
C PHE R 801 166.97 33.11 -86.48
N GLN R 802 166.87 32.69 -87.73
CA GLN R 802 167.53 31.52 -88.25
C GLN R 802 169.01 31.42 -87.86
N PRO R 803 169.82 32.48 -87.90
CA PRO R 803 171.24 32.38 -87.53
C PRO R 803 171.38 32.02 -86.05
N HIS R 804 170.56 32.66 -85.22
CA HIS R 804 170.55 32.39 -83.81
C HIS R 804 170.08 30.97 -83.52
N ILE R 805 169.08 30.52 -84.26
CA ILE R 805 168.54 29.16 -84.16
C ILE R 805 169.63 28.17 -84.54
N GLU R 806 170.26 28.33 -85.68
CA GLU R 806 171.34 27.48 -86.16
C GLU R 806 172.51 27.46 -85.21
N GLU R 807 172.87 28.61 -84.68
CA GLU R 807 173.90 28.74 -83.68
C GLU R 807 173.56 27.92 -82.45
N CYS R 808 172.41 28.21 -81.83
CA CYS R 808 171.93 27.49 -80.67
C CYS R 808 171.90 25.99 -80.95
N VAL R 809 171.32 25.57 -82.08
CA VAL R 809 171.20 24.16 -82.44
C VAL R 809 172.58 23.53 -82.59
N ARG R 810 173.56 24.23 -83.17
CA ARG R 810 174.91 23.72 -83.23
C ARG R 810 175.46 23.55 -81.82
N GLN R 811 175.24 24.49 -80.90
CA GLN R 811 175.64 24.30 -79.50
C GLN R 811 174.93 23.12 -78.87
N MET R 812 173.65 22.93 -79.14
CA MET R 812 172.92 21.80 -78.62
C MET R 812 173.53 20.51 -79.17
N GLY R 813 173.93 20.50 -80.44
CA GLY R 813 174.64 19.41 -81.07
C GLY R 813 176.00 19.16 -80.40
N ASP R 814 176.72 20.23 -80.10
CA ASP R 814 177.96 20.17 -79.34
C ASP R 814 177.73 19.55 -77.96
N ILE R 815 176.70 20.00 -77.25
CA ILE R 815 176.35 19.48 -75.94
C ILE R 815 175.92 18.02 -76.04
N LEU R 816 175.17 17.64 -77.07
CA LEU R 816 174.75 16.24 -77.28
C LEU R 816 175.95 15.36 -77.54
N SER R 817 176.99 15.81 -78.24
CA SER R 817 178.16 14.98 -78.53
C SER R 817 178.93 14.51 -77.27
N GLN R 818 178.63 15.08 -76.11
CA GLN R 818 179.16 14.64 -74.82
C GLN R 818 178.40 13.40 -74.32
N VAL R 819 177.11 13.34 -74.61
CA VAL R 819 176.28 12.12 -74.52
C VAL R 819 176.72 11.17 -75.64
N LYS R 820 176.86 9.89 -75.34
CA LYS R 820 177.02 8.86 -76.37
C LYS R 820 176.06 7.71 -76.09
N GLY R 821 176.32 6.50 -76.59
CA GLY R 821 175.42 5.38 -76.34
C GLY R 821 175.57 4.84 -74.94
N THR R 822 174.94 5.48 -73.95
CA THR R 822 175.41 5.39 -72.55
C THR R 822 174.99 4.16 -71.77
N GLY R 823 174.45 3.14 -72.41
CA GLY R 823 174.61 1.78 -71.88
C GLY R 823 176.07 1.28 -71.97
N ASN R 824 176.89 1.92 -72.82
CA ASN R 824 178.32 1.69 -73.01
C ASN R 824 179.19 2.89 -72.53
N VAL R 825 178.72 3.74 -71.59
CA VAL R 825 179.44 4.96 -71.10
C VAL R 825 179.15 5.29 -69.62
N PRO R 826 180.07 5.91 -68.84
CA PRO R 826 179.87 6.32 -67.44
C PRO R 826 178.72 7.30 -67.15
N ALA R 827 178.32 7.37 -65.87
CA ALA R 827 177.14 8.07 -65.32
C ALA R 827 177.08 9.60 -65.49
N SER R 828 178.12 10.28 -65.97
CA SER R 828 178.04 11.70 -66.36
C SER R 828 177.43 11.92 -67.75
N ALA R 829 177.44 10.89 -68.59
CA ALA R 829 176.77 10.85 -69.87
C ALA R 829 175.69 9.74 -69.90
N CYS R 830 175.76 8.71 -69.06
CA CYS R 830 174.57 7.97 -68.57
C CYS R 830 173.84 8.76 -67.45
N SER R 831 174.19 10.05 -67.33
CA SER R 831 173.35 11.14 -66.82
C SER R 831 171.93 10.94 -67.36
N SER R 832 170.90 11.23 -66.57
CA SER R 832 169.55 10.84 -66.97
C SER R 832 169.20 11.43 -68.33
N VAL R 833 168.29 10.74 -69.02
CA VAL R 833 167.78 11.18 -70.31
C VAL R 833 167.30 12.64 -70.24
N ALA R 834 166.68 13.03 -69.12
CA ALA R 834 166.24 14.38 -68.81
C ALA R 834 167.40 15.37 -68.62
N GLN R 835 168.39 15.07 -67.78
CA GLN R 835 169.52 15.99 -67.55
C GLN R 835 170.29 16.26 -68.83
N ASP R 836 170.59 15.21 -69.59
CA ASP R 836 171.19 15.35 -70.90
C ASP R 836 170.31 16.20 -71.82
N ALA R 837 169.01 15.92 -71.90
CA ALA R 837 168.11 16.69 -72.75
C ALA R 837 168.11 18.16 -72.32
N ASP R 838 168.08 18.46 -71.03
CA ASP R 838 168.12 19.82 -70.51
C ASP R 838 169.43 20.52 -70.88
N ASN R 839 170.56 19.87 -70.65
CA ASN R 839 171.86 20.41 -70.99
C ASN R 839 171.88 20.77 -72.47
N VAL R 840 171.53 19.77 -73.28
CA VAL R 840 171.41 19.87 -74.72
C VAL R 840 170.51 21.02 -75.09
N LEU R 841 169.29 21.05 -74.58
CA LEU R 841 168.21 21.99 -74.86
C LEU R 841 168.58 23.42 -74.49
N GLN R 842 169.51 23.61 -73.57
CA GLN R 842 169.51 24.88 -72.89
C GLN R 842 169.74 26.08 -73.81
N PRO R 843 170.68 26.04 -74.77
CA PRO R 843 170.90 27.13 -75.70
C PRO R 843 169.65 27.61 -76.41
N ILE R 844 168.72 26.71 -76.74
CA ILE R 844 167.49 27.10 -77.41
C ILE R 844 166.38 27.45 -76.42
N MET R 845 166.25 26.78 -75.28
CA MET R 845 165.11 27.02 -74.39
C MET R 845 165.10 28.45 -73.87
N ASP R 846 166.29 29.00 -73.66
CA ASP R 846 166.48 30.40 -73.30
C ASP R 846 165.87 31.32 -74.34
N LEU R 847 166.30 31.16 -75.60
CA LEU R 847 165.83 31.90 -76.75
C LEU R 847 164.30 31.72 -76.86
N LEU R 848 163.85 30.47 -76.86
CA LEU R 848 162.48 30.10 -77.07
C LEU R 848 161.59 30.74 -76.04
N ASP R 849 161.86 30.52 -74.77
CA ASP R 849 160.87 30.79 -73.77
C ASP R 849 160.52 32.27 -73.78
N SER R 850 161.59 33.07 -73.72
CA SER R 850 161.51 34.50 -73.79
C SER R 850 160.75 34.94 -75.04
N ASN R 851 161.21 34.50 -76.21
CA ASN R 851 160.65 34.99 -77.44
C ASN R 851 159.23 34.48 -77.65
N LEU R 852 158.95 33.20 -77.47
CA LEU R 852 157.61 32.66 -77.64
C LEU R 852 156.67 33.31 -76.64
N THR R 853 157.10 33.58 -75.42
CA THR R 853 156.24 34.27 -74.49
C THR R 853 155.98 35.69 -74.94
N LEU R 854 157.02 36.43 -75.33
CA LEU R 854 156.88 37.77 -75.86
C LEU R 854 155.93 37.77 -77.05
N PHE R 855 156.14 36.88 -78.01
CA PHE R 855 155.33 36.77 -79.22
C PHE R 855 153.92 36.32 -78.89
N ALA R 856 153.73 35.39 -77.96
CA ALA R 856 152.40 34.99 -77.53
C ALA R 856 151.64 36.16 -76.89
N LYS R 857 152.34 37.01 -76.13
CA LYS R 857 151.78 38.25 -75.62
C LYS R 857 151.41 39.21 -76.75
N ILE R 858 152.30 39.41 -77.73
CA ILE R 858 152.23 40.55 -78.66
C ILE R 858 151.83 40.24 -80.11
N CYS R 859 151.69 38.99 -80.54
CA CYS R 859 151.24 38.60 -81.89
C CYS R 859 149.77 38.14 -81.88
N GLU R 860 149.02 38.58 -82.89
CA GLU R 860 147.71 38.04 -83.18
C GLU R 860 147.81 36.57 -83.61
N LYS R 861 146.80 35.76 -83.35
CA LYS R 861 147.01 34.30 -83.38
C LYS R 861 147.32 33.80 -84.79
N THR R 862 146.64 34.33 -85.79
CA THR R 862 146.96 34.21 -87.22
C THR R 862 148.43 34.48 -87.49
N VAL R 863 148.90 35.64 -87.02
CA VAL R 863 150.28 36.09 -87.16
C VAL R 863 151.22 35.09 -86.54
N LEU R 864 150.97 34.80 -85.27
CA LEU R 864 151.77 33.94 -84.44
C LEU R 864 151.88 32.56 -85.05
N LYS R 865 150.78 31.99 -85.53
CA LYS R 865 150.78 30.63 -86.05
C LYS R 865 151.69 30.55 -87.25
N ARG R 866 151.60 31.52 -88.14
CA ARG R 866 152.46 31.61 -89.33
C ARG R 866 153.91 31.74 -88.90
N VAL R 867 154.19 32.66 -87.99
CA VAL R 867 155.53 32.85 -87.43
C VAL R 867 156.05 31.54 -86.87
N LEU R 868 155.25 30.88 -86.05
CA LEU R 868 155.62 29.64 -85.41
C LEU R 868 155.80 28.53 -86.41
N LYS R 869 154.98 28.40 -87.45
CA LYS R 869 155.16 27.35 -88.44
C LYS R 869 156.51 27.50 -89.13
N GLU R 870 156.78 28.73 -89.53
CA GLU R 870 158.03 29.10 -90.18
C GLU R 870 159.22 28.78 -89.28
N LEU R 871 159.13 29.22 -88.02
CA LEU R 871 160.13 28.90 -87.03
C LEU R 871 160.24 27.40 -86.81
N TRP R 872 159.14 26.69 -86.70
CA TRP R 872 159.07 25.27 -86.39
C TRP R 872 159.78 24.46 -87.44
N LYS R 873 159.41 24.69 -88.68
CA LYS R 873 160.06 24.12 -89.84
C LYS R 873 161.55 24.39 -89.74
N LEU R 874 161.91 25.66 -89.61
CA LEU R 874 163.29 26.09 -89.53
C LEU R 874 164.03 25.32 -88.45
N VAL R 875 163.48 25.28 -87.24
CA VAL R 875 164.03 24.58 -86.10
C VAL R 875 164.20 23.11 -86.40
N MET R 876 163.12 22.42 -86.72
CA MET R 876 163.11 21.01 -87.05
C MET R 876 164.19 20.63 -88.04
N ASN R 877 164.22 21.39 -89.14
CA ASN R 877 165.19 21.16 -90.18
C ASN R 877 166.60 21.41 -89.67
N THR R 878 166.77 22.47 -88.89
CA THR R 878 168.06 22.80 -88.29
C THR R 878 168.53 21.67 -87.42
N MET R 879 167.70 21.13 -86.56
CA MET R 879 168.09 20.01 -85.70
C MET R 879 168.39 18.77 -86.53
N GLU R 880 167.54 18.49 -87.50
CA GLU R 880 167.69 17.31 -88.31
C GLU R 880 169.04 17.31 -89.01
N ARG R 881 169.39 18.43 -89.60
CA ARG R 881 170.69 18.71 -90.18
C ARG R 881 171.76 18.69 -89.09
N THR R 882 171.78 19.73 -88.29
CA THR R 882 172.84 20.09 -87.34
C THR R 882 173.01 19.10 -86.20
N ILE R 883 172.08 18.16 -85.99
CA ILE R 883 172.14 17.25 -84.85
C ILE R 883 171.89 15.81 -85.26
N VAL R 884 170.91 15.51 -86.12
CA VAL R 884 170.59 14.09 -86.39
C VAL R 884 171.31 13.56 -87.59
N LEU R 885 171.62 14.40 -88.55
CA LEU R 885 172.58 14.09 -89.59
C LEU R 885 173.76 15.04 -89.42
N PRO R 886 174.32 15.07 -88.19
CA PRO R 886 175.04 16.22 -87.69
C PRO R 886 176.37 16.44 -88.39
N PRO R 887 176.93 17.66 -88.25
CA PRO R 887 178.35 17.86 -88.42
C PRO R 887 179.14 16.97 -87.46
N GLU R 888 178.72 16.80 -86.20
CA GLU R 888 179.26 15.82 -85.22
C GLU R 888 178.97 14.33 -85.55
N PHE R 889 178.87 13.97 -86.84
CA PHE R 889 179.06 12.59 -87.30
C PHE R 889 179.61 12.52 -88.73
N LEU R 890 178.85 12.87 -89.78
CA LEU R 890 179.26 12.49 -91.15
C LEU R 890 180.46 13.29 -91.66
N SER R 891 180.59 14.54 -91.25
CA SER R 891 181.77 15.37 -91.53
C SER R 891 183.07 14.82 -90.92
N LYS R 892 182.98 13.80 -90.04
CA LYS R 892 184.12 12.98 -89.63
C LYS R 892 184.28 11.72 -90.49
N LEU R 893 183.22 10.89 -90.59
CA LEU R 893 183.30 9.59 -91.27
C LEU R 893 183.68 9.70 -92.75
N LYS R 894 183.11 10.66 -93.48
CA LYS R 894 183.44 10.89 -94.90
C LYS R 894 184.68 11.75 -95.11
N ASP R 895 185.39 12.10 -94.04
CA ASP R 895 186.62 12.89 -94.03
C ASP R 895 187.83 12.05 -93.60
N HIS R 896 189.02 12.65 -93.55
CA HIS R 896 190.25 12.06 -93.00
C HIS R 896 190.17 11.81 -91.49
N MET R 897 189.18 12.42 -90.84
CA MET R 897 188.81 12.19 -89.44
C MET R 897 188.23 10.77 -89.22
N VAL R 898 187.75 10.52 -88.01
CA VAL R 898 187.33 9.19 -87.55
C VAL R 898 186.20 8.60 -88.40
N ARG R 899 186.34 7.31 -88.76
CA ARG R 899 185.30 6.39 -89.27
C ARG R 899 184.21 6.20 -88.19
N GLU R 900 183.43 7.26 -87.98
CA GLU R 900 182.80 7.49 -86.70
C GLU R 900 181.84 6.39 -86.29
N GLU R 901 181.69 6.34 -84.98
CA GLU R 901 180.51 5.84 -84.35
C GLU R 901 179.62 6.96 -83.78
N ALA R 902 180.13 8.19 -83.69
CA ALA R 902 179.72 9.23 -82.72
C ALA R 902 179.65 8.65 -81.28
N LYS R 903 180.56 7.71 -81.04
CA LYS R 903 180.59 6.73 -79.93
C LYS R 903 179.21 6.10 -79.65
N SER R 904 178.62 5.62 -80.75
CA SER R 904 177.37 4.89 -80.91
C SER R 904 176.12 5.71 -80.61
N LEU R 905 175.38 6.14 -81.66
CA LEU R 905 174.05 6.76 -81.55
C LEU R 905 172.99 5.70 -81.20
N THR R 906 173.18 5.09 -80.05
CA THR R 906 172.27 4.08 -79.50
C THR R 906 170.96 4.72 -79.05
N PRO R 907 170.01 3.88 -78.61
CA PRO R 907 168.98 4.21 -77.64
C PRO R 907 169.16 5.51 -76.83
N LYS R 908 170.31 5.75 -76.19
CA LYS R 908 170.44 6.93 -75.33
C LYS R 908 170.31 8.27 -76.04
N GLN R 909 171.07 8.52 -77.11
CA GLN R 909 170.94 9.75 -77.88
C GLN R 909 169.71 9.68 -78.81
N CYS R 910 169.04 8.54 -78.94
CA CYS R 910 167.72 8.50 -79.58
C CYS R 910 166.66 9.05 -78.61
N ALA R 911 166.62 8.52 -77.39
CA ALA R 911 166.19 9.29 -76.23
C ALA R 911 167.08 10.53 -76.08
N VAL R 912 166.88 11.38 -75.06
CA VAL R 912 167.50 12.71 -74.97
C VAL R 912 166.94 13.61 -76.04
N VAL R 913 167.23 13.31 -77.31
CA VAL R 913 166.68 13.98 -78.48
C VAL R 913 165.18 13.81 -78.54
N GLU R 914 164.64 12.60 -78.43
CA GLU R 914 163.18 12.43 -78.47
C GLU R 914 162.49 13.21 -77.34
N LEU R 915 163.10 13.25 -76.17
CA LEU R 915 162.62 14.06 -75.07
C LEU R 915 162.77 15.56 -75.33
N ALA R 916 163.89 15.98 -75.88
CA ALA R 916 164.16 17.36 -76.23
C ALA R 916 163.16 17.82 -77.29
N LEU R 917 162.95 17.02 -78.33
CA LEU R 917 161.92 17.20 -79.34
C LEU R 917 160.58 17.33 -78.66
N ASP R 918 160.25 16.46 -77.72
CA ASP R 918 158.97 16.57 -77.05
C ASP R 918 158.87 17.89 -76.28
N THR R 919 159.92 18.24 -75.55
CA THR R 919 160.00 19.49 -74.80
C THR R 919 159.78 20.69 -75.69
N ILE R 920 160.47 20.70 -76.81
CA ILE R 920 160.34 21.68 -77.86
C ILE R 920 158.93 21.67 -78.42
N LYS R 921 158.35 20.50 -78.67
CA LYS R 921 157.01 20.34 -79.22
C LYS R 921 155.98 20.87 -78.24
N GLN R 922 156.17 20.67 -76.94
CA GLN R 922 155.36 21.28 -75.91
C GLN R 922 155.54 22.79 -75.91
N TYR R 923 156.77 23.25 -76.12
CA TYR R 923 157.09 24.67 -76.21
C TYR R 923 156.42 25.36 -77.40
N PHE R 924 156.61 24.83 -78.61
CA PHE R 924 155.95 25.28 -79.84
C PHE R 924 154.44 25.13 -79.73
N HIS R 925 153.97 24.09 -79.08
CA HIS R 925 152.55 23.92 -78.85
C HIS R 925 152.02 24.98 -77.90
N ALA R 926 152.79 25.30 -76.86
CA ALA R 926 152.45 26.23 -75.79
C ALA R 926 151.00 26.00 -75.32
N GLY R 927 150.63 24.76 -75.06
CA GLY R 927 149.26 24.40 -74.62
C GLY R 927 148.16 24.74 -75.63
N GLY R 928 148.45 24.82 -76.92
CA GLY R 928 147.50 25.22 -77.97
C GLY R 928 147.53 26.71 -78.30
N VAL R 929 148.21 27.54 -77.49
CA VAL R 929 148.46 28.96 -77.81
C VAL R 929 149.37 29.07 -79.04
N GLY R 930 150.32 28.15 -79.14
CA GLY R 930 151.21 28.00 -80.28
C GLY R 930 150.60 27.13 -81.37
N LEU R 931 151.36 26.17 -81.87
CA LEU R 931 150.94 25.27 -82.94
C LEU R 931 150.11 24.08 -82.42
N LYS R 932 149.30 23.51 -83.31
CA LYS R 932 148.47 22.32 -83.02
C LYS R 932 149.37 21.11 -82.84
N LYS R 933 149.13 20.28 -81.82
CA LYS R 933 149.82 18.99 -81.68
C LYS R 933 149.66 18.11 -82.92
N THR R 934 148.56 18.22 -83.66
CA THR R 934 148.36 17.57 -84.96
C THR R 934 149.40 17.98 -85.99
N PHE R 935 149.53 19.28 -86.29
CA PHE R 935 150.54 19.80 -87.20
C PHE R 935 151.94 19.39 -86.78
N LEU R 936 152.23 19.43 -85.48
CA LEU R 936 153.55 19.09 -84.96
C LEU R 936 153.81 17.58 -85.11
N GLU R 937 152.88 16.74 -84.69
CA GLU R 937 153.01 15.29 -84.84
C GLU R 937 153.12 14.88 -86.31
N LYS R 938 152.26 15.46 -87.15
CA LYS R 938 152.26 15.28 -88.59
C LYS R 938 153.17 16.27 -89.29
N SER R 939 154.16 16.82 -88.60
CA SER R 939 155.16 17.66 -89.23
C SER R 939 156.10 16.76 -90.00
N PRO R 940 156.25 16.95 -91.31
CA PRO R 940 157.24 16.21 -92.08
C PRO R 940 158.65 16.52 -91.56
N ASP R 941 158.85 17.74 -91.09
CA ASP R 941 160.07 18.20 -90.48
C ASP R 941 160.40 17.31 -89.27
N LEU R 942 159.42 17.03 -88.43
CA LEU R 942 159.54 16.09 -87.33
C LEU R 942 159.62 14.64 -87.80
N GLN R 943 158.79 14.22 -88.75
CA GLN R 943 158.69 12.84 -89.17
C GLN R 943 159.94 12.39 -89.91
N SER R 944 160.52 13.27 -90.70
CA SER R 944 161.83 13.08 -91.26
C SER R 944 162.85 12.96 -90.14
N LEU R 945 162.80 13.88 -89.17
CA LEU R 945 163.73 13.89 -88.06
C LEU R 945 163.71 12.56 -87.32
N ARG R 946 162.51 12.09 -86.96
CA ARG R 946 162.23 10.75 -86.44
C ARG R 946 162.73 9.65 -87.36
N TYR R 947 162.54 9.80 -88.66
CA TYR R 947 162.99 8.78 -89.58
C TYR R 947 164.51 8.67 -89.61
N ALA R 948 165.24 9.78 -89.68
CA ALA R 948 166.69 9.76 -89.61
C ALA R 948 167.16 9.12 -88.29
N LEU R 949 166.50 9.47 -87.18
CA LEU R 949 166.73 8.81 -85.89
C LEU R 949 166.55 7.29 -85.98
N SER R 950 165.55 6.81 -86.73
CA SER R 950 165.35 5.38 -86.87
C SER R 950 166.50 4.68 -87.61
N LEU R 951 167.15 5.33 -88.59
CA LEU R 951 168.28 4.71 -89.30
C LEU R 951 169.34 4.25 -88.31
N TYR R 952 169.65 5.10 -87.34
CA TYR R 952 170.74 4.87 -86.41
C TYR R 952 170.65 3.57 -85.64
N THR R 953 169.46 3.10 -85.34
CA THR R 953 169.25 1.87 -84.57
C THR R 953 169.07 0.63 -85.45
N GLN R 954 168.97 0.76 -86.78
CA GLN R 954 168.56 -0.34 -87.65
C GLN R 954 169.51 -1.54 -87.71
N ALA R 955 168.97 -2.66 -88.17
CA ALA R 955 169.69 -3.89 -88.43
C ALA R 955 170.66 -3.74 -89.61
N THR R 956 171.76 -4.49 -89.53
CA THR R 956 172.85 -4.49 -90.51
C THR R 956 172.39 -4.81 -91.93
N ASP R 957 171.59 -5.85 -92.14
CA ASP R 957 171.13 -6.18 -93.49
C ASP R 957 170.18 -5.14 -94.06
N LEU R 958 169.31 -4.56 -93.24
CA LEU R 958 168.39 -3.51 -93.67
C LEU R 958 169.17 -2.26 -94.11
N LEU R 959 170.20 -1.93 -93.35
CA LEU R 959 171.16 -0.88 -93.69
C LEU R 959 171.89 -1.22 -95.00
N ILE R 960 172.46 -2.42 -95.13
CA ILE R 960 173.15 -2.88 -96.35
C ILE R 960 172.22 -2.87 -97.57
N LYS R 961 170.97 -3.31 -97.43
CA LYS R 961 169.95 -3.23 -98.47
C LYS R 961 169.72 -1.79 -98.89
N THR R 962 169.52 -0.91 -97.90
CA THR R 962 169.38 0.52 -98.13
C THR R 962 170.60 1.06 -98.90
N PHE R 963 171.81 0.64 -98.55
CA PHE R 963 173.00 0.98 -99.30
C PHE R 963 172.92 0.52 -100.75
N VAL R 964 172.75 -0.77 -101.05
CA VAL R 964 172.78 -1.23 -102.45
C VAL R 964 171.67 -0.59 -103.28
N GLN R 965 170.47 -0.46 -102.72
CA GLN R 965 169.37 0.20 -103.39
C GLN R 965 169.63 1.69 -103.66
N THR R 966 170.27 2.39 -102.73
CA THR R 966 170.59 3.82 -102.90
C THR R 966 171.83 4.05 -103.75
N GLN R 967 172.84 3.19 -103.65
CA GLN R 967 174.08 3.25 -104.42
C GLN R 967 173.91 2.68 -105.85
N SER R 968 172.75 2.92 -106.47
CA SER R 968 172.45 2.54 -107.86
C SER R 968 173.50 3.05 -108.87
N ALA R 969 174.11 4.20 -108.57
CA ALA R 969 175.18 4.81 -109.36
C ALA R 969 176.53 4.03 -109.32
N GLN R 970 176.70 3.02 -108.44
CA GLN R 970 177.87 2.13 -108.45
C GLN R 970 177.81 1.16 -109.63
N GLY R 971 178.14 1.66 -110.80
CA GLY R 971 178.19 0.92 -112.06
C GLY R 971 178.25 1.87 -113.25
N SER R 972 177.38 2.89 -113.26
CA SER R 972 177.42 3.97 -114.25
C SER R 972 178.51 4.99 -113.89
N GLY R 973 179.65 4.89 -114.58
CA GLY R 973 180.79 5.77 -114.41
C GLY R 973 181.80 5.31 -113.35
N VAL R 974 183.06 5.21 -113.76
CA VAL R 974 184.25 4.98 -112.93
C VAL R 974 185.24 6.12 -113.15
N GLU R 975 185.71 6.75 -112.07
CA GLU R 975 186.79 7.74 -112.18
C GLU R 975 188.16 7.07 -112.38
N ASP R 976 188.84 7.38 -113.48
CA ASP R 976 190.14 6.82 -113.93
C ASP R 976 190.23 5.27 -113.91
N PRO R 977 189.71 4.56 -114.94
CA PRO R 977 189.78 3.12 -115.00
C PRO R 977 191.21 2.54 -115.15
N VAL R 978 191.51 1.46 -114.43
CA VAL R 978 192.81 0.73 -114.42
C VAL R 978 192.85 -0.50 -115.34
N GLY R 979 191.85 -0.63 -116.20
CA GLY R 979 191.57 -1.79 -117.01
C GLY R 979 190.07 -2.02 -117.08
N GLU R 980 189.67 -3.16 -117.63
CA GLU R 980 188.28 -3.58 -117.66
C GLU R 980 188.18 -5.11 -117.69
N VAL R 981 187.07 -5.66 -117.20
CA VAL R 981 186.80 -7.11 -117.21
C VAL R 981 185.59 -7.42 -118.06
N SER R 982 185.76 -8.31 -119.03
CA SER R 982 184.66 -8.92 -119.76
C SER R 982 184.16 -10.07 -118.92
N VAL R 983 182.96 -9.89 -118.38
CA VAL R 983 182.19 -10.95 -117.75
C VAL R 983 180.99 -11.24 -118.63
N HIS R 984 180.66 -12.52 -118.79
CA HIS R 984 179.31 -12.91 -119.18
C HIS R 984 178.61 -13.48 -117.95
N VAL R 985 177.54 -12.81 -117.53
CA VAL R 985 176.84 -13.13 -116.29
C VAL R 985 175.46 -13.64 -116.60
N GLU R 986 175.01 -14.71 -115.96
CA GLU R 986 173.66 -15.24 -116.10
C GLU R 986 172.97 -15.28 -114.75
N LEU R 987 171.90 -14.50 -114.59
CA LEU R 987 171.00 -14.55 -113.44
C LEU R 987 170.00 -15.69 -113.64
N PHE R 988 170.46 -16.91 -113.40
CA PHE R 988 169.55 -18.02 -113.25
C PHE R 988 168.82 -17.94 -111.91
N THR R 989 167.54 -17.55 -111.96
CA THR R 989 166.58 -17.99 -110.95
C THR R 989 166.64 -19.51 -110.96
N HIS R 990 167.26 -20.04 -109.90
CA HIS R 990 167.99 -21.30 -109.91
C HIS R 990 167.07 -22.52 -110.10
N PRO R 991 167.26 -23.33 -111.16
CA PRO R 991 166.34 -24.41 -111.47
C PRO R 991 166.32 -25.54 -110.42
N GLY R 992 167.37 -25.69 -109.60
CA GLY R 992 167.42 -26.68 -108.52
C GLY R 992 166.75 -26.25 -107.21
N THR R 993 166.42 -24.96 -107.00
CA THR R 993 165.97 -24.45 -105.68
C THR R 993 165.00 -23.26 -105.70
N GLY R 994 164.83 -22.55 -106.82
CA GLY R 994 164.01 -21.32 -106.91
C GLY R 994 164.63 -20.09 -106.23
N GLU R 995 165.84 -20.20 -105.67
CA GLU R 995 166.67 -19.05 -105.27
C GLU R 995 167.10 -18.25 -106.50
N GLN R 996 167.88 -17.18 -106.33
CA GLN R 996 168.65 -16.61 -107.44
C GLN R 996 170.12 -16.98 -107.31
N LYS R 997 170.64 -17.57 -108.38
CA LYS R 997 172.06 -17.82 -108.58
C LYS R 997 172.59 -16.97 -109.72
N VAL R 998 173.90 -16.77 -109.70
CA VAL R 998 174.57 -15.86 -110.62
C VAL R 998 175.76 -16.58 -111.23
N THR R 999 175.58 -17.14 -112.42
CA THR R 999 176.68 -17.77 -113.16
C THR R 999 177.54 -16.66 -113.75
N VAL R 1000 178.66 -16.32 -113.12
CA VAL R 1000 179.63 -15.36 -113.66
C VAL R 1000 180.70 -16.13 -114.44
N LYS R 1001 180.59 -16.16 -115.76
CA LYS R 1001 181.67 -16.58 -116.65
C LYS R 1001 182.64 -15.42 -116.82
N VAL R 1002 183.78 -15.49 -116.13
CA VAL R 1002 184.87 -14.54 -116.33
C VAL R 1002 185.49 -14.85 -117.70
N VAL R 1003 185.21 -14.01 -118.69
CA VAL R 1003 185.72 -14.21 -120.04
C VAL R 1003 187.18 -13.80 -120.08
N ALA R 1004 187.46 -12.53 -119.79
CA ALA R 1004 188.79 -11.97 -119.91
C ALA R 1004 188.91 -10.66 -119.12
N ALA R 1005 190.13 -10.22 -118.85
CA ALA R 1005 190.42 -8.81 -118.61
C ALA R 1005 191.12 -8.16 -119.80
N ASN R 1006 191.17 -6.83 -119.80
CA ASN R 1006 191.79 -5.99 -120.82
C ASN R 1006 192.34 -4.68 -120.21
N ASP R 1007 193.33 -4.06 -120.87
CA ASP R 1007 193.97 -2.80 -120.49
C ASP R 1007 194.53 -2.78 -119.05
N LEU R 1008 194.92 -3.94 -118.49
CA LEU R 1008 195.40 -4.04 -117.11
C LEU R 1008 196.65 -3.18 -116.88
N LYS R 1009 196.52 -2.11 -116.10
CA LYS R 1009 197.63 -1.24 -115.68
C LYS R 1009 198.41 -1.93 -114.55
N TRP R 1010 199.22 -2.95 -114.86
CA TRP R 1010 199.95 -3.75 -113.86
C TRP R 1010 201.32 -4.27 -114.36
N GLN R 1011 202.13 -3.42 -114.95
CA GLN R 1011 203.43 -3.82 -115.52
C GLN R 1011 204.47 -4.10 -114.41
N THR R 1012 204.30 -5.23 -113.71
CA THR R 1012 205.04 -5.60 -112.49
C THR R 1012 206.47 -6.11 -112.73
N SER R 1013 207.31 -6.02 -111.71
CA SER R 1013 208.74 -6.40 -111.72
C SER R 1013 208.98 -7.91 -111.66
N GLY R 1014 208.19 -8.64 -110.86
CA GLY R 1014 208.09 -10.10 -110.96
C GLY R 1014 207.35 -10.53 -112.22
N ILE R 1015 207.25 -11.83 -112.49
CA ILE R 1015 206.37 -12.33 -113.56
C ILE R 1015 204.92 -12.02 -113.18
N PHE R 1016 204.21 -11.30 -114.05
CA PHE R 1016 202.78 -11.04 -113.85
C PHE R 1016 202.00 -12.34 -114.02
N ARG R 1017 201.07 -12.65 -113.11
CA ARG R 1017 200.25 -13.88 -113.16
C ARG R 1017 198.79 -13.58 -112.82
N PRO R 1018 198.09 -12.72 -113.58
CA PRO R 1018 196.75 -12.29 -113.21
C PRO R 1018 195.75 -13.44 -113.14
N PHE R 1019 194.86 -13.33 -112.17
CA PHE R 1019 193.63 -14.07 -112.00
C PHE R 1019 192.53 -13.07 -111.63
N ILE R 1020 191.27 -13.45 -111.77
CA ILE R 1020 190.17 -12.55 -111.44
C ILE R 1020 189.42 -13.11 -110.26
N GLU R 1021 189.37 -12.33 -109.20
CA GLU R 1021 188.39 -12.52 -108.15
C GLU R 1021 187.06 -11.89 -108.56
N VAL R 1022 185.95 -12.52 -108.18
CA VAL R 1022 184.63 -11.91 -108.24
C VAL R 1022 184.00 -11.98 -106.85
N ASN R 1023 183.37 -10.90 -106.41
CA ASN R 1023 182.61 -10.84 -105.17
C ASN R 1023 181.13 -10.55 -105.43
N ILE R 1024 180.25 -10.89 -104.50
CA ILE R 1024 178.85 -10.46 -104.45
C ILE R 1024 178.60 -9.59 -103.21
N VAL R 1025 177.85 -8.49 -103.38
CA VAL R 1025 177.43 -7.58 -102.32
C VAL R 1025 175.91 -7.41 -102.31
N GLY R 1026 175.36 -7.32 -101.11
CA GLY R 1026 173.93 -7.19 -100.82
C GLY R 1026 173.59 -7.71 -99.41
N PRO R 1027 172.33 -7.63 -99.00
CA PRO R 1027 171.87 -8.13 -97.71
C PRO R 1027 171.86 -9.66 -97.68
N GLN R 1028 171.86 -10.26 -96.49
CA GLN R 1028 171.82 -11.71 -96.26
C GLN R 1028 172.94 -12.48 -97.01
N LEU R 1029 174.21 -12.09 -96.82
CA LEU R 1029 175.39 -12.77 -97.38
C LEU R 1029 176.38 -13.29 -96.32
N SER R 1030 175.99 -13.36 -95.04
CA SER R 1030 176.82 -13.91 -93.95
C SER R 1030 177.10 -15.41 -94.07
N ASP R 1031 176.19 -16.13 -94.70
CA ASP R 1031 176.13 -17.60 -94.84
C ASP R 1031 176.53 -18.10 -96.23
N LYS R 1032 176.77 -17.19 -97.18
CA LYS R 1032 176.95 -17.49 -98.61
C LYS R 1032 178.31 -17.04 -99.10
N LYS R 1033 178.86 -17.81 -100.05
CA LYS R 1033 180.19 -17.61 -100.63
C LYS R 1033 180.25 -16.26 -101.33
N ARG R 1034 180.75 -15.24 -100.63
CA ARG R 1034 180.84 -13.87 -101.12
C ARG R 1034 181.91 -13.66 -102.18
N LYS R 1035 182.79 -14.65 -102.43
CA LYS R 1035 183.99 -14.54 -103.26
C LYS R 1035 184.26 -15.79 -104.11
N PHE R 1036 184.79 -15.63 -105.32
CA PHE R 1036 185.38 -16.66 -106.19
C PHE R 1036 186.68 -16.14 -106.80
N ALA R 1037 187.53 -17.04 -107.34
CA ALA R 1037 188.73 -16.65 -108.09
C ALA R 1037 189.08 -17.63 -109.23
N THR R 1038 189.58 -17.11 -110.35
CA THR R 1038 190.00 -17.93 -111.51
C THR R 1038 191.36 -18.60 -111.27
N LYS R 1039 191.77 -19.53 -112.15
CA LYS R 1039 193.21 -19.85 -112.32
C LYS R 1039 193.95 -18.58 -112.77
N SER R 1040 195.27 -18.57 -112.59
CA SER R 1040 196.16 -17.52 -113.10
C SER R 1040 196.58 -17.73 -114.57
N LYS R 1041 196.98 -16.65 -115.25
CA LYS R 1041 197.59 -16.67 -116.60
C LYS R 1041 198.94 -15.97 -116.59
N ASN R 1042 200.00 -16.59 -117.10
CA ASN R 1042 201.33 -16.00 -117.08
C ASN R 1042 201.47 -14.83 -118.06
N ASN R 1043 202.14 -13.77 -117.62
CA ASN R 1043 202.71 -12.69 -118.42
C ASN R 1043 201.71 -12.11 -119.45
N SER R 1044 200.52 -11.70 -118.97
CA SER R 1044 199.40 -11.38 -119.87
C SER R 1044 198.49 -10.28 -119.33
N TRP R 1045 198.54 -9.08 -119.91
CA TRP R 1045 197.74 -7.90 -119.50
C TRP R 1045 196.37 -7.76 -120.18
N ALA R 1046 196.04 -8.66 -121.10
CA ALA R 1046 194.65 -8.92 -121.53
C ALA R 1046 194.30 -10.42 -121.39
N PRO R 1047 194.39 -10.99 -120.17
CA PRO R 1047 194.28 -12.42 -119.93
C PRO R 1047 192.84 -12.91 -120.10
N LYS R 1048 192.67 -14.01 -120.83
CA LYS R 1048 191.42 -14.76 -120.91
C LYS R 1048 191.36 -15.82 -119.80
N TYR R 1049 190.15 -16.24 -119.44
CA TYR R 1049 189.93 -17.28 -118.43
C TYR R 1049 188.88 -18.27 -118.89
N ASN R 1050 187.70 -17.77 -119.29
CA ASN R 1050 186.55 -18.59 -119.64
C ASN R 1050 186.14 -19.54 -118.48
N GLU R 1051 186.30 -19.06 -117.25
CA GLU R 1051 186.02 -19.81 -116.02
C GLU R 1051 184.72 -19.33 -115.38
N SER R 1052 183.86 -20.28 -114.99
CA SER R 1052 182.50 -19.99 -114.54
C SER R 1052 182.33 -20.22 -113.04
N PHE R 1053 181.90 -19.16 -112.35
CA PHE R 1053 181.55 -19.14 -110.93
C PHE R 1053 180.04 -19.16 -110.73
N GLN R 1054 179.57 -19.49 -109.54
CA GLN R 1054 178.14 -19.55 -109.22
C GLN R 1054 177.87 -19.01 -107.81
N PHE R 1055 177.64 -17.70 -107.70
CA PHE R 1055 177.16 -17.09 -106.46
C PHE R 1055 175.72 -17.51 -106.16
N SER R 1056 175.36 -17.45 -104.89
CA SER R 1056 173.97 -17.52 -104.45
C SER R 1056 173.57 -16.18 -103.80
N LEU R 1057 172.49 -15.57 -104.28
CA LEU R 1057 171.83 -14.43 -103.63
C LEU R 1057 170.94 -14.92 -102.49
N SER R 1058 170.30 -14.03 -101.74
CA SER R 1058 169.13 -14.45 -100.94
C SER R 1058 167.96 -14.84 -101.84
N ALA R 1059 167.07 -15.71 -101.35
CA ALA R 1059 165.76 -15.91 -101.94
C ALA R 1059 164.84 -14.68 -101.73
N ASP R 1060 164.90 -14.04 -100.56
CA ASP R 1060 163.93 -13.00 -100.19
C ASP R 1060 164.26 -11.64 -100.84
N ALA R 1061 165.50 -11.19 -100.75
CA ALA R 1061 165.96 -9.98 -101.43
C ALA R 1061 166.03 -10.21 -102.96
N GLY R 1062 165.45 -9.29 -103.73
CA GLY R 1062 165.50 -9.34 -105.19
C GLY R 1062 166.88 -8.98 -105.73
N PRO R 1063 167.16 -9.23 -107.02
CA PRO R 1063 168.47 -9.00 -107.62
C PRO R 1063 168.86 -7.52 -107.58
N GLU R 1064 167.90 -6.60 -107.55
CA GLU R 1064 168.16 -5.17 -107.34
C GLU R 1064 168.66 -4.81 -105.94
N CYS R 1065 168.58 -5.74 -104.99
CA CYS R 1065 169.28 -5.65 -103.71
C CYS R 1065 170.75 -6.09 -103.79
N TYR R 1066 171.23 -6.48 -104.98
CA TYR R 1066 172.56 -7.03 -105.17
C TYR R 1066 173.34 -6.39 -106.30
N GLU R 1067 174.64 -6.59 -106.20
CA GLU R 1067 175.63 -6.13 -107.14
C GLU R 1067 176.86 -7.04 -107.04
N LEU R 1068 177.42 -7.45 -108.17
CA LEU R 1068 178.74 -8.04 -108.19
C LEU R 1068 179.79 -6.94 -107.99
N GLN R 1069 180.89 -7.29 -107.35
CA GLN R 1069 182.06 -6.43 -107.17
C GLN R 1069 183.30 -7.19 -107.61
N VAL R 1070 183.64 -7.05 -108.89
CA VAL R 1070 184.73 -7.75 -109.59
C VAL R 1070 186.08 -7.16 -109.21
N CYS R 1071 187.12 -7.98 -109.06
CA CYS R 1071 188.45 -7.53 -108.69
C CYS R 1071 189.56 -8.39 -109.33
N VAL R 1072 190.34 -7.81 -110.23
CA VAL R 1072 191.50 -8.50 -110.81
C VAL R 1072 192.64 -8.53 -109.80
N LYS R 1073 193.41 -9.60 -109.77
CA LYS R 1073 194.53 -9.79 -108.85
C LYS R 1073 195.73 -10.49 -109.49
N ASP R 1074 196.93 -10.22 -108.99
CA ASP R 1074 198.18 -10.82 -109.46
C ASP R 1074 198.61 -11.98 -108.53
N TYR R 1075 198.71 -13.21 -109.03
CA TYR R 1075 199.03 -14.40 -108.23
C TYR R 1075 200.52 -14.50 -107.89
N CYS R 1076 200.86 -14.64 -106.62
CA CYS R 1076 202.24 -14.80 -106.17
C CYS R 1076 202.32 -15.87 -105.06
N PHE R 1077 202.41 -17.16 -105.46
CA PHE R 1077 202.56 -18.28 -104.51
C PHE R 1077 203.78 -18.13 -103.61
N ALA R 1078 203.67 -18.64 -102.37
CA ALA R 1078 204.57 -18.42 -101.24
C ALA R 1078 204.71 -16.96 -100.75
N ARG R 1079 204.57 -15.98 -101.65
CA ARG R 1079 204.42 -14.54 -101.35
C ARG R 1079 202.95 -14.21 -101.07
N GLU R 1080 202.42 -13.15 -101.70
CA GLU R 1080 201.09 -12.59 -101.50
C GLU R 1080 200.49 -12.12 -102.83
N ASP R 1081 199.19 -12.36 -103.04
CA ASP R 1081 198.49 -11.88 -104.23
C ASP R 1081 198.08 -10.40 -104.12
N ARG R 1082 197.95 -9.67 -105.24
CA ARG R 1082 197.81 -8.19 -105.24
C ARG R 1082 196.64 -7.64 -106.06
N THR R 1083 195.82 -6.73 -105.52
CA THR R 1083 194.65 -6.12 -106.22
C THR R 1083 195.07 -5.20 -107.36
N VAL R 1084 194.64 -5.55 -108.56
CA VAL R 1084 194.87 -4.81 -109.81
C VAL R 1084 193.76 -3.80 -110.12
N GLY R 1085 192.53 -3.99 -109.64
CA GLY R 1085 191.42 -3.02 -109.83
C GLY R 1085 190.09 -3.56 -109.34
N LEU R 1086 189.04 -2.74 -109.27
CA LEU R 1086 187.70 -3.12 -108.79
C LEU R 1086 186.57 -2.57 -109.68
N ALA R 1087 185.54 -3.34 -110.02
CA ALA R 1087 184.35 -2.84 -110.74
C ALA R 1087 183.04 -3.34 -110.12
N VAL R 1088 181.98 -2.54 -110.13
CA VAL R 1088 180.66 -2.96 -109.63
C VAL R 1088 179.68 -3.18 -110.78
N LEU R 1089 179.04 -4.35 -110.82
CA LEU R 1089 177.97 -4.68 -111.75
C LEU R 1089 176.67 -4.87 -110.96
N GLN R 1090 175.74 -3.94 -111.11
CA GLN R 1090 174.44 -3.97 -110.44
C GLN R 1090 173.59 -5.13 -110.94
N LEU R 1091 173.15 -6.02 -110.06
CA LEU R 1091 172.29 -7.13 -110.47
C LEU R 1091 170.84 -6.68 -110.75
N ARG R 1092 170.48 -5.44 -110.46
CA ARG R 1092 169.26 -4.80 -111.01
C ARG R 1092 169.24 -4.81 -112.54
N GLU R 1093 170.38 -4.68 -113.22
CA GLU R 1093 170.44 -4.77 -114.68
C GLU R 1093 170.15 -6.19 -115.17
N LEU R 1094 170.81 -7.16 -114.56
CA LEU R 1094 170.65 -8.58 -114.88
C LEU R 1094 169.27 -9.12 -114.52
N ALA R 1095 168.56 -8.50 -113.58
CA ALA R 1095 167.13 -8.75 -113.35
C ALA R 1095 166.30 -8.58 -114.63
N GLN R 1096 166.62 -7.56 -115.43
CA GLN R 1096 165.98 -7.29 -116.71
C GLN R 1096 166.62 -8.12 -117.83
N ARG R 1097 167.96 -8.07 -117.93
CA ARG R 1097 168.72 -8.66 -119.05
C ARG R 1097 168.69 -10.19 -119.03
N GLY R 1098 168.50 -10.80 -117.86
CA GLY R 1098 168.56 -12.25 -117.62
C GLY R 1098 169.98 -12.81 -117.70
N SER R 1099 170.71 -12.42 -118.74
CA SER R 1099 172.16 -12.56 -118.83
C SER R 1099 172.79 -11.35 -119.54
N ALA R 1100 174.05 -11.10 -119.27
CA ALA R 1100 174.77 -9.92 -119.73
C ALA R 1100 176.25 -10.21 -119.97
N ALA R 1101 176.68 -10.13 -121.22
CA ALA R 1101 178.08 -9.92 -121.56
C ALA R 1101 178.39 -8.43 -121.42
N CYS R 1102 179.31 -8.05 -120.53
CA CYS R 1102 179.62 -6.65 -120.26
C CYS R 1102 181.11 -6.42 -119.98
N TRP R 1103 181.66 -5.32 -120.52
CA TRP R 1103 182.95 -4.77 -120.13
C TRP R 1103 182.80 -3.86 -118.92
N LEU R 1104 183.26 -4.35 -117.77
CA LEU R 1104 183.25 -3.61 -116.51
C LEU R 1104 184.55 -2.80 -116.36
N PRO R 1105 184.54 -1.46 -116.51
CA PRO R 1105 185.72 -0.65 -116.23
C PRO R 1105 186.14 -0.78 -114.76
N LEU R 1106 187.36 -1.24 -114.52
CA LEU R 1106 187.93 -1.37 -113.18
C LEU R 1106 188.29 0.02 -112.66
N GLY R 1107 187.65 0.48 -111.61
CA GLY R 1107 188.12 1.61 -110.81
C GLY R 1107 189.23 1.21 -109.83
N ARG R 1108 189.84 2.23 -109.25
CA ARG R 1108 190.73 2.10 -108.08
C ARG R 1108 189.94 2.06 -106.77
N ARG R 1109 188.79 2.74 -106.72
CA ARG R 1109 187.78 2.75 -105.63
C ARG R 1109 186.35 2.77 -106.19
N ILE R 1110 185.37 2.67 -105.30
CA ILE R 1110 183.92 2.62 -105.60
C ILE R 1110 183.21 3.88 -105.03
N HIS R 1111 182.45 4.59 -105.86
CA HIS R 1111 181.86 5.90 -105.52
C HIS R 1111 180.58 5.79 -104.64
N MET R 1112 180.30 6.78 -103.78
CA MET R 1112 179.13 6.77 -102.87
C MET R 1112 178.40 8.10 -102.82
N ASP R 1113 177.16 8.05 -102.35
CA ASP R 1113 176.34 9.21 -102.00
C ASP R 1113 176.13 9.31 -100.48
N ASP R 1114 175.46 10.40 -100.06
CA ASP R 1114 175.19 10.72 -98.66
C ASP R 1114 174.42 9.62 -97.89
N THR R 1115 173.71 8.75 -98.58
CA THR R 1115 172.89 7.69 -98.00
C THR R 1115 173.69 6.41 -97.96
N GLY R 1116 174.57 6.19 -98.94
CA GLY R 1116 175.65 5.26 -98.80
C GLY R 1116 176.49 5.60 -97.58
N LEU R 1117 176.84 6.87 -97.43
CA LEU R 1117 177.63 7.38 -96.31
C LEU R 1117 176.88 7.42 -94.98
N THR R 1118 175.59 7.79 -94.93
CA THR R 1118 174.79 7.71 -93.69
C THR R 1118 174.68 6.27 -93.24
N VAL R 1119 174.41 5.35 -94.17
CA VAL R 1119 174.40 3.93 -93.84
C VAL R 1119 175.78 3.46 -93.40
N LEU R 1120 176.85 3.81 -94.11
CA LEU R 1120 178.22 3.43 -93.75
C LEU R 1120 178.61 3.98 -92.37
N ARG R 1121 178.13 5.16 -91.96
CA ARG R 1121 178.28 5.71 -90.59
C ARG R 1121 177.55 4.91 -89.52
N ILE R 1122 176.45 4.26 -89.89
CA ILE R 1122 175.64 3.43 -88.98
C ILE R 1122 176.15 1.97 -88.96
N LEU R 1123 176.65 1.47 -90.08
CA LEU R 1123 177.36 0.20 -90.18
C LEU R 1123 178.75 0.26 -89.54
N SER R 1124 179.44 1.39 -89.61
CA SER R 1124 180.70 1.59 -88.93
C SER R 1124 180.49 1.65 -87.40
N GLN R 1125 179.33 2.11 -86.92
CA GLN R 1125 178.91 1.90 -85.52
C GLN R 1125 178.76 0.46 -85.13
N ARG R 1126 178.39 -0.40 -86.06
CA ARG R 1126 178.37 -1.85 -85.86
C ARG R 1126 179.79 -2.40 -86.14
N SER R 1127 180.80 -1.77 -85.56
CA SER R 1127 182.23 -2.09 -85.71
C SER R 1127 182.60 -3.51 -85.31
N ASN R 1128 181.76 -4.19 -84.51
CA ASN R 1128 181.95 -5.58 -84.08
C ASN R 1128 181.17 -6.60 -84.93
N ASP R 1129 180.12 -6.19 -85.62
CA ASP R 1129 179.32 -7.08 -86.47
C ASP R 1129 180.16 -7.48 -87.67
N GLU R 1130 180.38 -8.77 -87.87
CA GLU R 1130 181.27 -9.26 -88.93
C GLU R 1130 180.73 -8.97 -90.33
N VAL R 1131 179.42 -8.92 -90.53
CA VAL R 1131 178.83 -8.51 -91.80
C VAL R 1131 179.02 -7.02 -91.99
N ALA R 1132 178.79 -6.20 -90.97
CA ALA R 1132 178.98 -4.76 -91.06
C ALA R 1132 180.46 -4.40 -91.24
N LYS R 1133 181.38 -5.04 -90.51
CA LYS R 1133 182.82 -4.99 -90.77
C LYS R 1133 183.14 -5.35 -92.21
N GLU R 1134 182.76 -6.53 -92.68
CA GLU R 1134 183.12 -6.97 -94.04
C GLU R 1134 182.45 -6.11 -95.12
N PHE R 1135 181.28 -5.55 -94.87
CA PHE R 1135 180.65 -4.59 -95.75
C PHE R 1135 181.43 -3.27 -95.79
N VAL R 1136 181.66 -2.66 -94.61
CA VAL R 1136 182.41 -1.40 -94.45
C VAL R 1136 183.82 -1.55 -95.04
N LYS R 1137 184.45 -2.72 -94.86
CA LYS R 1137 185.71 -3.11 -95.49
C LYS R 1137 185.57 -3.25 -97.00
N LEU R 1138 184.70 -4.11 -97.53
CA LEU R 1138 184.56 -4.35 -98.96
C LEU R 1138 184.16 -3.10 -99.75
N LYS R 1139 183.48 -2.13 -99.13
CA LYS R 1139 183.17 -0.82 -99.74
C LYS R 1139 184.24 0.24 -99.54
N SER R 1140 185.05 0.13 -98.50
CA SER R 1140 186.29 0.89 -98.38
C SER R 1140 187.49 0.15 -99.03
N ASP R 1141 187.23 -0.89 -99.82
CA ASP R 1141 188.24 -1.68 -100.51
C ASP R 1141 188.75 -0.94 -101.75
N THR R 1142 190.08 -0.90 -101.95
CA THR R 1142 190.72 -0.11 -102.99
C THR R 1142 191.96 -0.80 -103.56
N ARG R 1143 192.31 -0.47 -104.81
CA ARG R 1143 193.54 -0.89 -105.48
C ARG R 1143 194.75 -0.14 -104.93
N SER R 1144 195.86 -0.83 -104.68
CA SER R 1144 197.19 -0.21 -104.53
C SER R 1144 197.66 0.39 -105.86
N ALA R 1145 198.14 1.64 -105.87
CA ALA R 1145 198.48 2.34 -107.11
C ALA R 1145 199.71 1.78 -107.85
N GLU R 1146 200.52 0.97 -107.17
CA GLU R 1146 201.74 0.37 -107.72
C GLU R 1146 201.46 -0.51 -108.95
N GLU R 1147 202.45 -0.62 -109.84
CA GLU R 1147 202.34 -1.20 -111.18
C GLU R 1147 201.38 -0.45 -112.15
N GLY R 1148 200.74 0.67 -111.75
CA GLY R 1148 199.73 1.36 -112.57
C GLY R 1148 199.29 2.78 -112.16
N GLY R 1149 200.22 3.68 -111.83
CA GLY R 1149 200.03 5.14 -112.02
C GLY R 1149 199.18 5.94 -111.02
N ALA R 1150 198.22 6.70 -111.55
CA ALA R 1150 197.58 7.87 -110.91
C ALA R 1150 196.65 7.58 -109.70
N ALA R 1151 196.11 8.64 -109.10
CA ALA R 1151 195.26 8.61 -107.91
C ALA R 1151 193.77 8.28 -108.19
N PRO R 1152 193.03 7.69 -107.22
CA PRO R 1152 191.57 7.56 -107.25
C PRO R 1152 190.84 8.92 -107.13
N ALA R 1153 189.51 8.91 -107.29
CA ALA R 1153 188.63 10.04 -107.02
C ALA R 1153 187.30 9.59 -106.37
N PRO R 1154 186.68 10.44 -105.53
CA PRO R 1154 185.55 10.07 -104.66
C PRO R 1154 184.33 9.56 -105.45
N GLU S 23 -14.59 57.39 -102.01
CA GLU S 23 -15.27 58.56 -102.62
C GLU S 23 -14.42 59.82 -102.59
N GLU S 24 -14.01 60.29 -101.42
CA GLU S 24 -13.15 61.48 -101.22
C GLU S 24 -12.00 61.60 -102.22
N LEU S 25 -11.10 60.60 -102.28
CA LEU S 25 -10.01 60.55 -103.25
C LEU S 25 -10.51 60.56 -104.69
N LYS S 26 -11.54 59.79 -105.02
CA LYS S 26 -12.11 59.73 -106.37
C LYS S 26 -12.59 61.09 -106.86
N ASN S 27 -13.33 61.81 -106.03
CA ASN S 27 -13.80 63.15 -106.39
C ASN S 27 -12.66 64.18 -106.41
N HIS S 28 -11.74 64.12 -105.44
CA HIS S 28 -10.52 64.91 -105.42
C HIS S 28 -9.69 64.71 -106.71
N VAL S 29 -9.51 63.48 -107.12
CA VAL S 29 -8.77 63.10 -108.32
C VAL S 29 -9.55 63.46 -109.57
N TYR S 30 -10.88 63.29 -109.61
CA TYR S 30 -11.71 63.80 -110.70
C TYR S 30 -11.42 65.27 -110.95
N LYS S 31 -11.55 66.09 -109.90
CA LYS S 31 -11.30 67.53 -109.93
C LYS S 31 -9.87 67.85 -110.34
N LYS S 32 -8.87 67.18 -109.77
CA LYS S 32 -7.46 67.39 -110.13
C LYS S 32 -7.10 66.88 -111.50
N THR S 33 -7.82 65.92 -112.04
CA THR S 33 -7.66 65.44 -113.41
C THR S 33 -8.28 66.45 -114.38
N LEU S 34 -9.49 66.93 -114.08
CA LEU S 34 -10.11 68.01 -114.83
C LEU S 34 -9.21 69.25 -114.87
N GLN S 35 -8.73 69.72 -113.72
CA GLN S 35 -7.77 70.83 -113.67
C GLN S 35 -6.47 70.51 -114.41
N ALA S 36 -5.95 69.29 -114.26
CA ALA S 36 -4.67 68.92 -114.88
C ALA S 36 -4.69 68.98 -116.39
N LEU S 37 -5.84 68.68 -117.00
CA LEU S 37 -5.99 68.52 -118.43
C LEU S 37 -6.80 69.62 -119.11
N ILE S 38 -7.53 70.48 -118.40
CA ILE S 38 -8.21 71.63 -119.01
C ILE S 38 -7.19 72.65 -119.51
N TYR S 39 -6.23 73.00 -118.65
CA TYR S 39 -4.96 73.53 -119.09
C TYR S 39 -3.96 72.39 -118.94
N PRO S 40 -3.78 71.54 -119.96
CA PRO S 40 -2.76 70.52 -119.90
C PRO S 40 -1.41 71.20 -119.71
N ILE S 41 -0.49 70.63 -118.93
CA ILE S 41 0.84 71.23 -118.76
C ILE S 41 1.59 71.38 -120.09
N SER S 42 1.19 70.62 -121.11
CA SER S 42 1.65 70.75 -122.49
C SER S 42 1.26 72.07 -123.20
N CYS S 43 0.49 72.96 -122.56
CA CYS S 43 0.31 74.34 -123.03
C CYS S 43 1.55 75.24 -122.84
N THR S 44 2.45 74.88 -121.93
CA THR S 44 3.44 75.81 -121.35
C THR S 44 4.73 75.99 -122.18
N THR S 45 5.43 77.11 -121.94
CA THR S 45 6.63 77.58 -122.67
C THR S 45 7.80 77.81 -121.69
N PRO S 46 9.07 77.54 -122.04
CA PRO S 46 10.22 77.72 -121.14
C PRO S 46 10.92 79.08 -121.27
N HIS S 47 11.45 79.60 -120.16
CA HIS S 47 12.17 80.88 -120.14
C HIS S 47 13.62 80.74 -120.61
N ASN S 48 13.93 81.30 -121.78
CA ASN S 48 15.31 81.45 -122.26
C ASN S 48 16.05 82.58 -121.54
N PHE S 49 16.58 82.33 -120.34
CA PHE S 49 17.39 83.30 -119.61
C PHE S 49 18.83 83.45 -120.12
N GLU S 50 19.23 84.69 -120.36
CA GLU S 50 20.62 85.13 -120.35
C GLU S 50 20.98 85.67 -118.96
N VAL S 51 22.22 85.45 -118.52
CA VAL S 51 22.83 86.25 -117.44
C VAL S 51 22.91 87.69 -117.92
N TRP S 52 22.44 88.62 -117.10
CA TRP S 52 22.48 90.04 -117.44
C TRP S 52 22.88 90.86 -116.21
N THR S 53 23.90 91.70 -116.40
CA THR S 53 24.34 92.67 -115.39
C THR S 53 23.35 93.82 -115.33
N ALA S 54 22.74 94.04 -114.17
CA ALA S 54 22.06 95.29 -113.85
C ALA S 54 23.11 96.39 -113.65
N THR S 55 23.73 96.89 -114.74
CA THR S 55 24.78 97.93 -114.77
C THR S 55 24.33 99.27 -114.16
N THR S 56 23.05 99.38 -113.82
CA THR S 56 22.41 100.39 -112.97
C THR S 56 21.45 99.72 -111.96
N PRO S 57 21.18 100.32 -110.78
CA PRO S 57 20.24 99.77 -109.79
C PRO S 57 18.87 99.45 -110.42
N THR S 58 18.44 98.20 -110.35
CA THR S 58 17.26 97.64 -111.03
C THR S 58 16.49 96.74 -110.06
N TYR S 59 15.19 96.50 -110.29
CA TYR S 59 14.35 95.76 -109.34
C TYR S 59 13.67 94.56 -110.01
N CYS S 60 13.81 93.40 -109.38
CA CYS S 60 13.45 92.10 -109.93
C CYS S 60 11.94 91.95 -110.21
N TYR S 61 11.56 91.50 -111.40
CA TYR S 61 10.13 91.36 -111.75
C TYR S 61 9.40 90.27 -110.97
N GLU S 62 10.11 89.44 -110.20
CA GLU S 62 9.50 88.61 -109.17
C GLU S 62 9.38 89.38 -107.84
N CYS S 63 10.50 89.55 -107.14
CA CYS S 63 10.53 90.02 -105.75
C CYS S 63 10.58 91.54 -105.56
N GLU S 64 10.73 92.31 -106.63
CA GLU S 64 11.05 93.74 -106.61
C GLU S 64 12.34 94.08 -105.83
N GLY S 65 13.19 93.08 -105.57
CA GLY S 65 14.47 93.23 -104.86
C GLY S 65 15.61 93.75 -105.74
N LEU S 66 16.61 94.37 -105.13
CA LEU S 66 17.70 95.05 -105.83
C LEU S 66 18.60 94.09 -106.62
N LEU S 67 18.70 94.40 -107.91
CA LEU S 67 19.70 93.95 -108.86
C LEU S 67 20.65 95.12 -109.08
N TRP S 68 21.95 94.93 -108.92
CA TRP S 68 22.93 96.01 -109.04
C TRP S 68 24.33 95.50 -109.31
N GLY S 69 24.93 96.04 -110.36
CA GLY S 69 26.30 95.78 -110.79
C GLY S 69 26.56 94.30 -111.03
N ILE S 70 27.83 93.96 -110.97
CA ILE S 70 28.27 92.56 -110.91
C ILE S 70 27.88 91.95 -109.54
N ALA S 71 27.85 92.77 -108.47
CA ALA S 71 27.56 92.34 -107.09
C ALA S 71 26.22 91.62 -106.93
N ARG S 72 25.18 92.09 -107.61
CA ARG S 72 23.84 91.53 -107.65
C ARG S 72 23.33 91.51 -109.10
N GLN S 73 23.97 90.71 -109.96
CA GLN S 73 23.48 90.42 -111.33
C GLN S 73 22.05 89.86 -111.33
N GLY S 74 21.38 89.98 -112.48
CA GLY S 74 20.11 89.32 -112.74
C GLY S 74 20.19 88.33 -113.91
N MET S 75 19.03 87.78 -114.22
CA MET S 75 18.75 87.05 -115.44
C MET S 75 17.75 87.87 -116.24
N ARG S 76 18.05 88.08 -117.52
CA ARG S 76 17.12 88.65 -118.47
C ARG S 76 16.71 87.51 -119.38
N CYS S 77 15.43 87.13 -119.40
CA CYS S 77 14.97 86.24 -120.46
C CYS S 77 15.02 86.97 -121.79
N THR S 78 15.17 86.26 -122.90
CA THR S 78 14.88 86.80 -124.23
C THR S 78 13.41 86.64 -124.57
N GLU S 79 12.91 85.40 -124.51
CA GLU S 79 11.56 85.01 -124.94
C GLU S 79 10.51 85.68 -124.06
N CYS S 80 10.53 85.42 -122.75
CA CYS S 80 9.78 86.24 -121.82
C CYS S 80 10.44 87.58 -121.51
N GLY S 81 11.64 87.90 -121.99
CA GLY S 81 12.26 89.22 -121.79
C GLY S 81 12.68 89.57 -120.35
N VAL S 82 12.21 88.76 -119.40
CA VAL S 82 11.93 89.12 -118.00
C VAL S 82 13.21 89.32 -117.19
N LYS S 83 13.27 90.40 -116.41
CA LYS S 83 14.47 90.81 -115.64
C LYS S 83 14.28 90.48 -114.18
N CYS S 84 15.16 89.66 -113.61
CA CYS S 84 14.97 89.12 -112.27
C CYS S 84 16.30 88.78 -111.60
N HIS S 85 16.32 88.52 -110.29
CA HIS S 85 17.48 87.84 -109.69
C HIS S 85 17.70 86.50 -110.38
N GLU S 86 18.93 85.98 -110.32
CA GLU S 86 19.17 84.55 -110.53
C GLU S 86 18.29 83.72 -109.59
N LYS S 87 18.35 83.97 -108.28
CA LYS S 87 17.48 83.28 -107.31
C LYS S 87 15.98 83.48 -107.57
N CYS S 88 15.59 84.47 -108.38
CA CYS S 88 14.21 84.69 -108.80
C CYS S 88 13.86 84.13 -110.17
N GLN S 89 14.80 83.80 -111.05
CA GLN S 89 14.46 83.43 -112.41
C GLN S 89 13.59 82.16 -112.50
N ASP S 90 13.62 81.36 -111.43
CA ASP S 90 12.73 80.21 -111.22
C ASP S 90 11.50 80.55 -110.37
N LEU S 91 11.62 81.51 -109.45
CA LEU S 91 10.48 82.01 -108.65
C LEU S 91 9.51 82.83 -109.50
N LEU S 92 9.95 83.32 -110.66
CA LEU S 92 9.08 83.70 -111.76
C LEU S 92 8.29 82.47 -112.24
N ASN S 93 7.15 82.21 -111.59
CA ASN S 93 6.49 80.91 -111.60
C ASN S 93 5.84 80.53 -112.94
N ALA S 94 5.17 81.46 -113.62
CA ALA S 94 4.33 81.14 -114.78
C ALA S 94 5.17 80.92 -116.06
N ASP S 95 4.59 80.27 -117.07
CA ASP S 95 5.32 79.87 -118.27
C ASP S 95 5.85 81.07 -119.07
N CYS S 96 6.68 80.82 -120.09
CA CYS S 96 7.27 81.89 -120.86
C CYS S 96 6.26 82.70 -121.66
N LEU S 97 5.11 82.16 -122.06
CA LEU S 97 4.00 83.01 -122.52
C LEU S 97 3.61 83.99 -121.40
N GLN S 98 3.16 83.47 -120.26
CA GLN S 98 2.67 84.30 -119.16
C GLN S 98 3.73 85.29 -118.67
N ARG S 99 4.98 84.87 -118.45
CA ARG S 99 6.07 85.79 -118.08
C ARG S 99 6.52 86.69 -119.22
N ALA S 100 6.31 86.36 -120.51
CA ALA S 100 6.46 87.36 -121.57
C ALA S 100 5.40 88.45 -121.42
N ALA S 101 4.18 88.07 -121.07
CA ALA S 101 3.13 89.00 -120.70
C ALA S 101 3.48 89.85 -119.46
N GLU S 102 3.90 89.24 -118.36
CA GLU S 102 4.26 89.97 -117.14
C GLU S 102 5.50 90.86 -117.34
N LYS S 103 6.55 90.41 -118.05
CA LYS S 103 7.63 91.28 -118.51
C LYS S 103 7.11 92.45 -119.32
N SER S 104 6.21 92.20 -120.26
CA SER S 104 5.66 93.27 -121.09
C SER S 104 4.92 94.29 -120.22
N SER S 105 4.20 93.86 -119.20
CA SER S 105 3.59 94.80 -118.24
C SER S 105 4.62 95.61 -117.42
N LYS S 106 5.78 95.02 -117.09
CA LYS S 106 6.85 95.67 -116.29
C LYS S 106 7.86 96.48 -117.13
N HIS S 107 7.92 96.25 -118.44
CA HIS S 107 8.52 97.15 -119.44
C HIS S 107 7.53 98.27 -119.84
N GLY S 108 6.23 98.00 -120.01
CA GLY S 108 5.18 99.01 -120.22
C GLY S 108 3.79 98.51 -120.67
N ALA S 109 3.73 97.57 -121.63
CA ALA S 109 2.49 97.04 -122.19
C ALA S 109 1.75 96.06 -121.25
N GLU S 110 0.85 96.56 -120.42
CA GLU S 110 -0.03 95.75 -119.56
C GLU S 110 -1.04 94.92 -120.38
N ASP S 111 -1.46 95.42 -121.54
CA ASP S 111 -2.49 94.79 -122.40
C ASP S 111 -2.11 93.36 -122.83
N ARG S 112 -0.80 93.10 -122.97
CA ARG S 112 -0.24 91.77 -123.21
C ARG S 112 -0.69 90.76 -122.13
N THR S 113 -0.82 91.17 -120.88
CA THR S 113 -1.31 90.32 -119.79
C THR S 113 -2.74 89.86 -120.05
N GLN S 114 -3.65 90.78 -120.40
CA GLN S 114 -5.01 90.43 -120.82
C GLN S 114 -5.02 89.55 -122.07
N ASN S 115 -4.16 89.84 -123.04
CA ASN S 115 -3.94 88.96 -124.18
C ASN S 115 -3.58 87.53 -123.75
N ILE S 116 -2.64 87.32 -122.83
CA ILE S 116 -2.23 85.96 -122.46
C ILE S 116 -3.18 85.30 -121.45
N ILE S 117 -3.95 86.08 -120.70
CA ILE S 117 -5.18 85.58 -120.07
C ILE S 117 -6.13 85.07 -121.16
N MET S 118 -6.29 85.79 -122.26
CA MET S 118 -7.07 85.31 -123.41
C MET S 118 -6.40 84.13 -124.11
N VAL S 119 -5.07 84.01 -124.13
CA VAL S 119 -4.39 82.77 -124.57
C VAL S 119 -4.74 81.62 -123.64
N LEU S 120 -4.74 81.83 -122.33
CA LEU S 120 -5.14 80.83 -121.35
C LEU S 120 -6.59 80.40 -121.59
N LYS S 121 -7.52 81.34 -121.76
CA LYS S 121 -8.91 81.07 -122.14
C LYS S 121 -8.96 80.28 -123.46
N ASP S 122 -8.34 80.78 -124.51
CA ASP S 122 -8.36 80.19 -125.84
C ASP S 122 -7.75 78.80 -125.85
N ARG S 123 -6.63 78.59 -125.15
CA ARG S 123 -6.03 77.27 -124.93
C ARG S 123 -7.05 76.30 -124.35
N MET S 124 -7.73 76.69 -123.27
CA MET S 124 -8.75 75.84 -122.62
C MET S 124 -9.99 75.63 -123.52
N LYS S 125 -10.46 76.64 -124.26
CA LYS S 125 -11.55 76.50 -125.25
C LYS S 125 -11.17 75.56 -126.39
N ILE S 126 -10.00 75.74 -126.97
CA ILE S 126 -9.45 74.87 -128.03
C ILE S 126 -9.31 73.46 -127.47
N ARG S 127 -8.68 73.30 -126.32
CA ARG S 127 -8.51 72.01 -125.63
C ARG S 127 -9.83 71.26 -125.48
N GLU S 128 -10.84 71.94 -124.97
CA GLU S 128 -12.21 71.44 -124.86
C GLU S 128 -12.83 71.08 -126.21
N ARG S 129 -12.72 71.98 -127.18
CA ARG S 129 -13.36 71.84 -128.49
C ARG S 129 -12.68 70.77 -129.34
N ASN S 130 -11.38 70.58 -129.16
CA ASN S 130 -10.53 69.67 -129.92
C ASN S 130 -10.42 68.31 -129.26
N LYS S 131 -10.33 68.27 -127.94
CA LYS S 131 -10.31 67.05 -127.16
C LYS S 131 -11.45 66.94 -126.15
N PRO S 132 -12.71 67.20 -126.53
CA PRO S 132 -13.85 67.08 -125.62
C PRO S 132 -13.90 65.68 -125.00
N GLU S 133 -13.47 64.67 -125.76
CA GLU S 133 -13.43 63.30 -125.31
C GLU S 133 -12.52 63.08 -124.10
N ILE S 134 -11.50 63.92 -123.87
CA ILE S 134 -10.74 63.85 -122.62
C ILE S 134 -11.68 64.13 -121.45
N PHE S 135 -12.44 65.22 -121.53
CA PHE S 135 -13.24 65.73 -120.41
C PHE S 135 -14.49 64.89 -120.17
N GLU S 136 -15.12 64.44 -121.26
CA GLU S 136 -16.16 63.42 -121.24
C GLU S 136 -15.66 62.12 -120.61
N LEU S 137 -14.48 61.63 -121.01
CA LEU S 137 -13.99 60.38 -120.44
C LEU S 137 -13.73 60.52 -118.94
N ILE S 138 -13.15 61.63 -118.48
CA ILE S 138 -13.00 61.91 -117.05
C ILE S 138 -14.37 61.93 -116.37
N GLN S 139 -15.35 62.59 -116.97
CA GLN S 139 -16.73 62.54 -116.51
C GLN S 139 -17.28 61.10 -116.43
N GLU S 140 -17.15 60.27 -117.45
CA GLU S 140 -17.67 58.91 -117.42
C GLU S 140 -16.91 57.98 -116.47
N VAL S 141 -15.58 58.06 -116.45
CA VAL S 141 -14.68 57.27 -115.58
C VAL S 141 -14.95 57.57 -114.13
N PHE S 142 -15.16 58.85 -113.83
CA PHE S 142 -15.59 59.29 -112.52
C PHE S 142 -17.12 59.34 -112.36
N ALA S 143 -17.83 58.80 -113.35
CA ALA S 143 -19.28 58.63 -113.41
C ALA S 143 -20.12 59.89 -113.16
N VAL S 144 -19.54 61.07 -113.32
CA VAL S 144 -20.20 62.36 -113.10
C VAL S 144 -21.23 62.62 -114.21
N THR S 145 -22.25 63.45 -114.02
CA THR S 145 -23.21 63.79 -115.09
C THR S 145 -22.64 64.85 -116.03
N LYS S 146 -23.21 65.05 -117.21
CA LYS S 146 -22.74 66.05 -118.18
C LYS S 146 -22.96 67.50 -117.69
N SER S 147 -24.10 67.78 -117.06
CA SER S 147 -24.40 69.07 -116.44
C SER S 147 -23.49 69.32 -115.24
N ALA S 148 -23.38 68.39 -114.30
CA ALA S 148 -22.51 68.54 -113.14
C ALA S 148 -21.02 68.60 -113.53
N HIS S 149 -20.64 67.84 -114.55
CA HIS S 149 -19.35 67.98 -115.20
C HIS S 149 -19.17 69.39 -115.76
N THR S 150 -20.17 69.97 -116.43
CA THR S 150 -20.12 71.36 -116.90
C THR S 150 -19.94 72.34 -115.74
N GLN S 151 -20.56 72.09 -114.58
CA GLN S 151 -20.42 72.99 -113.43
C GLN S 151 -19.09 72.80 -112.65
N GLN S 152 -18.58 71.58 -112.49
CA GLN S 152 -17.20 71.38 -111.98
C GLN S 152 -16.15 71.82 -113.00
N MET S 153 -16.48 71.76 -114.28
CA MET S 153 -15.64 72.31 -115.32
C MET S 153 -15.63 73.83 -115.26
N LYS S 154 -16.77 74.51 -115.05
CA LYS S 154 -16.78 75.93 -114.64
C LYS S 154 -15.85 76.12 -113.44
N ALA S 155 -15.90 75.27 -112.43
CA ALA S 155 -15.00 75.39 -111.30
C ALA S 155 -13.51 75.25 -111.67
N VAL S 156 -13.07 74.22 -112.41
CA VAL S 156 -11.63 74.09 -112.76
C VAL S 156 -11.18 75.02 -113.88
N LYS S 157 -12.08 75.40 -114.78
CA LYS S 157 -11.87 76.53 -115.70
C LYS S 157 -11.59 77.73 -114.84
N GLN S 158 -12.47 78.08 -113.92
CA GLN S 158 -12.26 79.21 -113.04
C GLN S 158 -11.00 79.04 -112.21
N SER S 159 -10.63 77.83 -111.77
CA SER S 159 -9.37 77.62 -111.04
C SER S 159 -8.11 77.84 -111.90
N VAL S 160 -8.24 78.02 -113.22
CA VAL S 160 -7.15 78.45 -114.11
C VAL S 160 -7.52 79.71 -114.95
N LEU S 161 -8.75 80.24 -114.84
CA LEU S 161 -9.30 81.33 -115.67
C LEU S 161 -9.85 82.50 -114.86
N ASP S 162 -10.44 82.26 -113.68
CA ASP S 162 -10.40 83.26 -112.62
C ASP S 162 -8.97 83.28 -112.09
N GLY S 163 -8.43 82.11 -111.72
CA GLY S 163 -7.04 81.85 -111.33
C GLY S 163 -6.01 81.93 -112.48
N THR S 164 -6.27 82.78 -113.48
CA THR S 164 -5.40 82.95 -114.66
C THR S 164 -4.14 83.80 -114.41
N SER S 165 -4.11 84.60 -113.35
CA SER S 165 -3.04 85.58 -113.07
C SER S 165 -3.14 86.19 -111.66
N LYS S 166 -3.60 85.42 -110.67
CA LYS S 166 -4.10 85.94 -109.38
C LYS S 166 -3.08 85.84 -108.24
N TRP S 167 -2.99 86.93 -107.47
CA TRP S 167 -2.43 86.96 -106.11
C TRP S 167 -3.41 87.72 -105.20
N SER S 168 -4.69 87.36 -105.30
CA SER S 168 -5.82 87.94 -104.55
C SER S 168 -5.99 87.24 -103.20
N ALA S 169 -4.93 87.27 -102.38
CA ALA S 169 -4.84 86.54 -101.13
C ALA S 169 -5.86 86.97 -100.09
N LYS S 170 -6.70 86.03 -99.66
CA LYS S 170 -7.24 86.10 -98.30
C LYS S 170 -6.07 85.86 -97.33
N ILE S 171 -6.07 86.57 -96.22
CA ILE S 171 -5.08 86.51 -95.16
C ILE S 171 -5.83 86.33 -93.84
N SER S 172 -5.34 85.51 -92.92
CA SER S 172 -6.02 85.19 -91.67
C SER S 172 -5.02 85.25 -90.52
N ILE S 173 -4.95 86.43 -89.92
CA ILE S 173 -3.93 86.84 -88.94
C ILE S 173 -4.45 86.52 -87.55
N THR S 174 -4.01 85.42 -86.96
CA THR S 174 -4.17 85.22 -85.53
C THR S 174 -3.08 85.93 -84.76
N VAL S 175 -3.43 87.02 -84.10
CA VAL S 175 -2.62 87.58 -83.04
C VAL S 175 -2.59 86.58 -81.89
N VAL S 176 -1.46 85.91 -81.67
CA VAL S 176 -1.36 84.83 -80.68
C VAL S 176 -1.06 85.37 -79.30
N CYS S 177 0.09 86.00 -79.10
CA CYS S 177 0.57 86.40 -77.78
C CYS S 177 1.64 87.47 -77.90
N ALA S 178 2.04 88.09 -76.80
CA ALA S 178 3.24 88.90 -76.74
C ALA S 178 4.05 88.58 -75.48
N GLN S 179 5.30 89.00 -75.46
CA GLN S 179 6.26 88.79 -74.37
C GLN S 179 7.10 90.07 -74.16
N GLY S 180 7.35 90.47 -72.91
CA GLY S 180 8.25 91.58 -72.59
C GLY S 180 7.72 92.98 -72.95
N LEU S 181 6.40 93.17 -73.05
CA LEU S 181 5.80 94.47 -73.39
C LEU S 181 6.18 95.58 -72.41
N GLN S 182 6.17 96.83 -72.87
CA GLN S 182 6.35 97.98 -72.00
C GLN S 182 5.11 98.18 -71.13
N ALA S 183 5.29 98.56 -69.86
CA ALA S 183 4.18 98.97 -69.00
C ALA S 183 3.68 100.38 -69.35
N LYS S 184 2.36 100.58 -69.31
CA LYS S 184 1.65 101.86 -69.55
C LYS S 184 0.36 102.02 -68.73
N ASP S 185 -0.05 101.03 -67.95
CA ASP S 185 -1.45 100.91 -67.53
C ASP S 185 -1.94 101.88 -66.45
N LYS S 186 -3.27 101.95 -66.37
CA LYS S 186 -4.02 102.26 -65.15
C LYS S 186 -3.71 101.27 -64.01
N THR S 187 -3.50 99.98 -64.30
CA THR S 187 -3.05 98.93 -63.33
C THR S 187 -1.56 98.99 -62.92
N GLY S 188 -0.74 99.82 -63.59
CA GLY S 188 0.72 99.76 -63.52
C GLY S 188 1.41 98.68 -64.36
N SER S 189 0.68 97.75 -64.98
CA SER S 189 1.22 96.77 -65.94
C SER S 189 0.97 97.27 -67.37
N SER S 190 0.20 96.54 -68.19
CA SER S 190 -0.62 97.07 -69.29
C SER S 190 -1.87 96.25 -69.48
N ASP S 191 -2.87 96.85 -70.13
CA ASP S 191 -4.02 96.18 -70.70
C ASP S 191 -3.81 96.04 -72.22
N PRO S 192 -2.83 95.25 -72.68
CA PRO S 192 -2.53 95.14 -74.09
C PRO S 192 -3.68 94.53 -74.90
N TYR S 193 -4.09 95.22 -75.95
CA TYR S 193 -4.72 94.66 -77.13
C TYR S 193 -3.87 94.97 -78.36
N VAL S 194 -4.32 94.54 -79.53
CA VAL S 194 -3.62 94.70 -80.79
C VAL S 194 -4.59 95.19 -81.85
N THR S 195 -4.19 96.12 -82.71
CA THR S 195 -4.83 96.29 -84.01
C THR S 195 -4.00 95.62 -85.09
N VAL S 196 -4.68 95.03 -86.06
CA VAL S 196 -4.08 94.58 -87.30
C VAL S 196 -4.66 95.41 -88.45
N GLN S 197 -3.83 95.75 -89.42
CA GLN S 197 -4.25 96.46 -90.64
C GLN S 197 -3.58 95.87 -91.87
N VAL S 198 -4.33 95.71 -92.96
CA VAL S 198 -3.83 95.28 -94.27
C VAL S 198 -4.49 96.15 -95.34
N GLY S 199 -3.70 96.79 -96.22
CA GLY S 199 -4.23 97.91 -97.02
C GLY S 199 -4.78 99.03 -96.12
N LYS S 200 -5.94 99.59 -96.48
CA LYS S 200 -6.68 100.58 -95.65
C LYS S 200 -7.41 99.90 -94.46
N THR S 201 -7.79 98.63 -94.59
CA THR S 201 -8.66 97.91 -93.64
C THR S 201 -7.97 97.66 -92.30
N LYS S 202 -8.66 97.93 -91.18
CA LYS S 202 -8.14 97.85 -89.80
C LYS S 202 -9.13 97.14 -88.87
N LYS S 203 -8.60 96.26 -88.00
CA LYS S 203 -9.34 95.41 -87.03
C LYS S 203 -8.57 95.35 -85.70
N ARG S 204 -9.19 94.88 -84.61
CA ARG S 204 -8.50 94.72 -83.32
C ARG S 204 -8.82 93.44 -82.56
N THR S 205 -7.84 92.96 -81.80
CA THR S 205 -8.06 92.02 -80.70
C THR S 205 -8.84 92.70 -79.59
N LYS S 206 -9.56 91.89 -78.81
CA LYS S 206 -9.93 92.27 -77.44
C LYS S 206 -8.65 92.40 -76.59
N THR S 207 -8.87 92.82 -75.36
CA THR S 207 -7.81 93.27 -74.48
C THR S 207 -7.47 92.19 -73.48
N ILE S 208 -6.19 91.90 -73.31
CA ILE S 208 -5.72 91.21 -72.12
C ILE S 208 -5.38 92.30 -71.10
N TYR S 209 -5.81 92.12 -69.85
CA TYR S 209 -5.75 93.17 -68.83
C TYR S 209 -4.65 92.88 -67.82
N GLY S 210 -3.90 93.90 -67.40
CA GLY S 210 -2.86 93.80 -66.37
C GLY S 210 -1.63 92.93 -66.72
N ASN S 211 -1.34 92.65 -67.98
CA ASN S 211 -0.33 91.67 -68.42
C ASN S 211 0.69 92.29 -69.39
N LEU S 212 1.98 91.96 -69.25
CA LEU S 212 3.05 92.31 -70.20
C LEU S 212 3.50 91.12 -71.07
N ASN S 213 2.98 89.92 -70.80
CA ASN S 213 3.14 88.71 -71.59
C ASN S 213 1.76 88.13 -72.03
N PRO S 214 0.88 88.94 -72.66
CA PRO S 214 -0.51 88.55 -72.94
C PRO S 214 -0.62 87.41 -73.95
N VAL S 215 -1.68 86.59 -73.86
CA VAL S 215 -2.09 85.66 -74.93
C VAL S 215 -3.49 86.05 -75.41
N TRP S 216 -3.62 86.40 -76.69
CA TRP S 216 -4.92 86.66 -77.34
C TRP S 216 -5.45 85.44 -78.08
N GLU S 217 -4.66 84.83 -78.96
CA GLU S 217 -5.10 83.83 -79.95
C GLU S 217 -6.30 84.31 -80.80
N GLU S 218 -6.33 85.58 -81.21
CA GLU S 218 -7.47 86.22 -81.89
C GLU S 218 -7.19 86.46 -83.37
N ASN S 219 -8.11 85.99 -84.23
CA ASN S 219 -7.92 85.94 -85.67
C ASN S 219 -8.67 87.03 -86.44
N PHE S 220 -7.96 87.66 -87.36
CA PHE S 220 -8.47 88.68 -88.27
C PHE S 220 -8.31 88.23 -89.71
N HIS S 221 -9.42 88.10 -90.41
CA HIS S 221 -9.38 87.94 -91.85
C HIS S 221 -9.17 89.28 -92.54
N PHE S 222 -8.40 89.27 -93.61
CA PHE S 222 -8.11 90.39 -94.49
C PHE S 222 -8.01 89.94 -95.94
N GLU S 223 -8.12 90.90 -96.86
CA GLU S 223 -7.88 90.71 -98.27
C GLU S 223 -6.68 91.55 -98.70
N CYS S 224 -5.76 90.92 -99.42
CA CYS S 224 -4.64 91.55 -100.08
C CYS S 224 -4.67 91.19 -101.56
N HIS S 225 -4.26 92.13 -102.40
CA HIS S 225 -4.29 91.98 -103.87
C HIS S 225 -2.91 92.25 -104.50
N ASN S 226 -1.86 92.27 -103.68
CA ASN S 226 -0.52 92.72 -104.04
C ASN S 226 0.53 92.11 -103.10
N SER S 227 1.42 91.27 -103.60
CA SER S 227 2.53 90.69 -102.82
C SER S 227 3.50 91.74 -102.24
N SER S 228 3.53 92.95 -102.80
CA SER S 228 4.28 94.09 -102.24
C SER S 228 3.50 94.90 -101.20
N ASP S 229 2.29 94.52 -100.78
CA ASP S 229 1.63 95.14 -99.61
C ASP S 229 2.39 94.85 -98.31
N ARG S 230 2.02 95.55 -97.24
CA ARG S 230 2.41 95.22 -95.88
C ARG S 230 1.20 94.93 -95.01
N ILE S 231 1.35 93.94 -94.14
CA ILE S 231 0.59 93.87 -92.88
C ILE S 231 1.21 94.88 -91.90
N LYS S 232 0.38 95.59 -91.14
CA LYS S 232 0.77 96.37 -89.96
C LYS S 232 0.12 95.80 -88.71
N VAL S 233 0.88 95.52 -87.67
CA VAL S 233 0.38 94.99 -86.40
C VAL S 233 0.85 95.87 -85.26
N ARG S 234 -0.06 96.34 -84.42
CA ARG S 234 0.24 97.39 -83.42
C ARG S 234 -0.42 97.05 -82.08
N VAL S 235 0.31 97.18 -80.99
CA VAL S 235 -0.11 96.78 -79.65
C VAL S 235 -0.44 98.03 -78.86
N TRP S 236 -1.54 98.03 -78.12
CA TRP S 236 -2.10 99.19 -77.44
C TRP S 236 -2.52 98.83 -76.03
N ASP S 237 -2.16 99.66 -75.07
CA ASP S 237 -2.69 99.55 -73.72
C ASP S 237 -4.10 100.16 -73.66
N GLU S 238 -5.13 99.38 -73.36
CA GLU S 238 -6.50 99.87 -73.44
C GLU S 238 -6.80 100.89 -72.34
N ASP S 239 -6.70 102.18 -72.65
CA ASP S 239 -7.10 103.26 -71.76
C ASP S 239 -8.57 103.63 -72.01
N ASP S 240 -9.44 103.31 -71.04
CA ASP S 240 -10.80 103.83 -70.99
C ASP S 240 -10.96 104.71 -69.75
N ASP S 241 -10.57 105.97 -69.89
CA ASP S 241 -10.53 106.97 -68.82
C ASP S 241 -10.73 108.39 -69.40
N ILE S 242 -10.90 109.41 -68.55
CA ILE S 242 -11.11 110.80 -69.00
C ILE S 242 -9.96 111.25 -69.91
N LYS S 243 -8.72 110.84 -69.62
CA LYS S 243 -7.56 111.10 -70.51
C LYS S 243 -7.76 110.51 -71.90
N SER S 244 -8.17 109.25 -72.05
CA SER S 244 -8.40 108.69 -73.39
C SER S 244 -9.58 109.35 -74.09
N ARG S 245 -10.68 109.67 -73.39
CA ARG S 245 -11.81 110.45 -73.94
C ARG S 245 -11.39 111.85 -74.42
N VAL S 246 -10.43 112.49 -73.76
CA VAL S 246 -9.79 113.74 -74.24
C VAL S 246 -8.87 113.46 -75.44
N LYS S 247 -7.96 112.49 -75.34
CA LYS S 247 -6.99 112.13 -76.41
C LYS S 247 -7.70 111.80 -77.73
N GLN S 248 -8.86 111.17 -77.70
CA GLN S 248 -9.68 110.85 -78.88
C GLN S 248 -10.06 112.08 -79.75
N ARG S 249 -9.96 113.29 -79.20
CA ARG S 249 -10.22 114.57 -79.89
C ARG S 249 -9.00 115.11 -80.65
N PHE S 250 -7.81 114.49 -80.48
CA PHE S 250 -6.52 114.98 -80.98
C PHE S 250 -5.59 113.91 -81.61
N LYS S 251 -5.65 112.64 -81.15
CA LYS S 251 -4.89 111.48 -81.69
C LYS S 251 -5.83 110.30 -81.96
N ARG S 252 -5.62 109.58 -83.07
CA ARG S 252 -6.40 108.38 -83.47
C ARG S 252 -6.23 107.15 -82.55
N GLU S 253 -5.13 107.08 -81.81
CA GLU S 253 -4.69 105.87 -81.10
C GLU S 253 -4.78 106.06 -79.58
N SER S 254 -6.01 106.14 -79.06
CA SER S 254 -6.35 106.55 -77.69
C SER S 254 -5.94 105.58 -76.57
N ASP S 255 -5.05 104.64 -76.83
CA ASP S 255 -4.83 103.43 -76.05
C ASP S 255 -3.32 103.16 -76.04
N ASP S 256 -2.64 103.58 -74.97
CA ASP S 256 -1.21 103.91 -75.01
C ASP S 256 -0.35 102.81 -75.65
N PHE S 257 0.27 103.17 -76.77
CA PHE S 257 0.88 102.23 -77.69
C PHE S 257 2.09 101.51 -77.07
N LEU S 258 2.09 100.19 -77.23
CA LEU S 258 3.02 99.23 -76.65
C LEU S 258 4.05 98.69 -77.64
N GLY S 259 3.86 98.95 -78.94
CA GLY S 259 4.81 98.63 -79.99
C GLY S 259 4.16 98.03 -81.25
N GLN S 260 4.89 97.95 -82.37
CA GLN S 260 4.37 97.40 -83.64
C GLN S 260 5.36 96.47 -84.35
N THR S 261 4.85 95.66 -85.27
CA THR S 261 5.64 95.00 -86.33
C THR S 261 4.97 95.22 -87.68
N ILE S 262 5.77 95.29 -88.75
CA ILE S 262 5.30 95.50 -90.12
C ILE S 262 5.96 94.43 -91.01
N ILE S 263 5.16 93.75 -91.84
CA ILE S 263 5.55 92.50 -92.50
C ILE S 263 5.18 92.57 -93.99
N GLU S 264 6.13 92.32 -94.90
CA GLU S 264 5.84 92.30 -96.35
C GLU S 264 5.01 91.09 -96.73
N VAL S 265 3.98 91.28 -97.56
CA VAL S 265 3.12 90.18 -97.98
C VAL S 265 3.89 89.08 -98.72
N ARG S 266 4.97 89.39 -99.47
CA ARG S 266 5.80 88.36 -100.11
C ARG S 266 6.67 87.53 -99.14
N THR S 267 6.85 87.93 -97.89
CA THR S 267 7.43 87.02 -96.87
C THR S 267 6.43 85.96 -96.43
N LEU S 268 5.14 86.18 -96.68
CA LEU S 268 4.08 85.25 -96.34
C LEU S 268 3.90 84.16 -97.39
N SER S 269 3.40 83.02 -96.95
CA SER S 269 2.90 81.91 -97.77
C SER S 269 1.97 81.06 -96.91
N GLY S 270 1.11 80.25 -97.54
CA GLY S 270 0.40 79.14 -96.89
C GLY S 270 -0.14 79.42 -95.49
N GLU S 271 0.57 78.92 -94.47
CA GLU S 271 0.34 79.20 -93.05
C GLU S 271 1.66 79.47 -92.32
N MET S 272 1.64 80.39 -91.35
CA MET S 272 2.80 80.82 -90.56
C MET S 272 2.45 80.93 -89.07
N ASP S 273 3.47 80.86 -88.22
CA ASP S 273 3.37 81.07 -86.77
C ASP S 273 4.72 81.55 -86.22
N VAL S 274 4.87 82.86 -86.07
CA VAL S 274 6.15 83.57 -85.95
C VAL S 274 6.05 84.63 -84.85
N TRP S 275 7.11 84.89 -84.08
CA TRP S 275 7.15 86.08 -83.22
C TRP S 275 8.21 87.12 -83.61
N TYR S 276 7.77 88.37 -83.55
CA TYR S 276 8.39 89.57 -84.10
C TYR S 276 8.68 90.54 -82.95
N ASN S 277 9.91 91.04 -82.81
CA ASN S 277 10.18 92.13 -81.87
C ASN S 277 9.40 93.41 -82.25
N LEU S 278 9.02 94.20 -81.25
CA LEU S 278 8.18 95.38 -81.40
C LEU S 278 8.96 96.70 -81.53
N ASP S 279 8.37 97.63 -82.28
CA ASP S 279 8.93 98.91 -82.72
C ASP S 279 8.04 100.11 -82.34
N LYS S 280 8.61 101.32 -82.28
CA LYS S 280 7.90 102.59 -82.01
C LYS S 280 6.99 103.05 -83.17
N ARG S 281 6.08 104.00 -82.90
CA ARG S 281 5.26 104.71 -83.91
C ARG S 281 4.96 106.16 -83.50
N THR S 282 4.04 106.32 -82.54
CA THR S 282 3.48 107.60 -82.11
C THR S 282 4.45 108.41 -81.24
N ASP S 283 4.14 109.68 -81.01
CA ASP S 283 4.83 110.54 -80.05
C ASP S 283 4.77 110.02 -78.60
N LYS S 284 3.77 109.20 -78.27
CA LYS S 284 3.55 108.55 -76.96
C LYS S 284 4.32 107.23 -76.76
N SER S 285 5.09 106.78 -77.75
CA SER S 285 5.70 105.44 -77.75
C SER S 285 6.82 105.26 -76.72
N ALA S 286 6.69 104.27 -75.84
CA ALA S 286 7.81 103.57 -75.19
C ALA S 286 7.54 102.07 -75.40
N VAL S 287 8.52 101.34 -75.91
CA VAL S 287 8.30 100.02 -76.54
C VAL S 287 9.36 99.01 -76.08
N SER S 288 8.95 97.76 -75.88
CA SER S 288 9.85 96.63 -75.60
C SER S 288 9.15 95.30 -75.95
N GLY S 289 9.93 94.23 -76.05
CA GLY S 289 9.40 92.88 -76.22
C GLY S 289 9.00 92.52 -77.66
N ALA S 290 8.15 91.50 -77.80
CA ALA S 290 7.79 90.88 -79.07
C ALA S 290 6.34 90.39 -79.12
N ILE S 291 5.79 90.25 -80.33
CA ILE S 291 4.45 89.71 -80.61
C ILE S 291 4.52 88.46 -81.50
N ARG S 292 3.86 87.38 -81.09
CA ARG S 292 3.63 86.17 -81.87
C ARG S 292 2.35 86.29 -82.69
N LEU S 293 2.49 86.10 -83.99
CA LEU S 293 1.42 86.08 -84.97
C LEU S 293 1.42 84.73 -85.67
N HIS S 294 0.29 84.05 -85.61
CA HIS S 294 -0.07 83.10 -86.64
C HIS S 294 -0.68 83.87 -87.82
N ILE S 295 -0.31 83.53 -89.05
CA ILE S 295 -0.73 84.24 -90.26
C ILE S 295 -0.95 83.19 -91.35
N SER S 296 -2.20 82.93 -91.70
CA SER S 296 -2.53 82.14 -92.90
C SER S 296 -2.75 83.04 -94.11
N VAL S 297 -2.42 82.54 -95.30
CA VAL S 297 -2.49 83.24 -96.58
C VAL S 297 -2.99 82.29 -97.66
N GLU S 298 -4.22 82.49 -98.10
CA GLU S 298 -4.95 81.57 -98.96
C GLU S 298 -4.67 81.75 -100.46
N ILE S 299 -3.43 82.11 -100.78
CA ILE S 299 -2.82 81.74 -102.07
C ILE S 299 -2.62 80.21 -102.12
N LYS S 300 -2.56 79.59 -100.93
CA LYS S 300 -2.77 78.17 -100.66
C LYS S 300 -3.97 77.61 -101.43
N GLY S 301 -3.80 76.46 -102.07
CA GLY S 301 -4.81 75.78 -102.89
C GLY S 301 -5.02 74.33 -102.43
N GLU S 302 -5.00 73.39 -103.38
CA GLU S 302 -4.97 71.95 -103.11
C GLU S 302 -3.60 71.53 -102.55
N GLU S 303 -3.35 71.88 -101.29
CA GLU S 303 -2.28 71.25 -100.51
C GLU S 303 -2.70 69.87 -100.00
N LYS S 304 -4.01 69.59 -100.01
CA LYS S 304 -4.66 68.32 -99.61
C LYS S 304 -4.32 67.11 -100.49
N VAL S 305 -3.22 67.15 -101.24
CA VAL S 305 -2.86 66.11 -102.20
C VAL S 305 -2.79 64.78 -101.49
N ALA S 306 -3.50 63.76 -101.97
CA ALA S 306 -2.95 62.45 -101.72
C ALA S 306 -1.61 62.46 -102.51
N PRO S 307 -0.51 61.87 -101.98
CA PRO S 307 0.79 61.88 -102.66
C PRO S 307 0.53 61.42 -104.07
N TYR S 308 1.02 62.15 -105.06
CA TYR S 308 0.30 62.14 -106.33
C TYR S 308 0.29 60.80 -107.06
N HIS S 309 1.20 59.92 -106.66
CA HIS S 309 1.12 58.48 -106.69
C HIS S 309 -0.30 57.93 -106.50
N VAL S 310 -0.86 58.11 -105.31
CA VAL S 310 -2.18 57.65 -104.90
C VAL S 310 -3.28 58.28 -105.73
N GLN S 311 -3.17 59.57 -106.02
CA GLN S 311 -4.14 60.22 -106.90
C GLN S 311 -4.12 59.63 -108.31
N TYR S 312 -2.93 59.37 -108.84
CA TYR S 312 -2.73 58.70 -110.09
C TYR S 312 -3.29 57.27 -110.05
N THR S 313 -3.08 56.55 -108.95
CA THR S 313 -3.62 55.20 -108.80
C THR S 313 -5.14 55.19 -108.85
N CYS S 314 -5.78 56.08 -108.10
CA CYS S 314 -7.23 56.25 -108.13
C CYS S 314 -7.72 56.52 -109.54
N LEU S 315 -7.08 57.49 -110.22
CA LEU S 315 -7.34 57.78 -111.61
C LEU S 315 -7.25 56.51 -112.45
N HIS S 316 -6.12 55.82 -112.35
CA HIS S 316 -5.79 54.64 -113.13
C HIS S 316 -6.75 53.48 -112.90
N GLU S 317 -7.14 53.20 -111.67
CA GLU S 317 -8.06 52.11 -111.34
C GLU S 317 -9.45 52.39 -111.89
N ASN S 318 -9.92 53.62 -111.68
CA ASN S 318 -11.18 54.06 -112.23
C ASN S 318 -11.14 53.98 -113.74
N LEU S 319 -10.09 54.47 -114.36
CA LEU S 319 -9.97 54.41 -115.79
C LEU S 319 -9.93 52.95 -116.26
N PHE S 320 -9.16 52.09 -115.61
CA PHE S 320 -9.03 50.68 -115.98
C PHE S 320 -10.35 49.94 -115.89
N HIS S 321 -11.07 50.04 -114.79
CA HIS S 321 -12.37 49.43 -114.70
C HIS S 321 -13.28 50.01 -115.79
N PHE S 322 -13.20 51.33 -116.02
CA PHE S 322 -14.08 51.96 -116.98
C PHE S 322 -13.83 51.42 -118.38
N VAL S 323 -12.57 51.32 -118.77
CA VAL S 323 -12.19 50.79 -120.07
C VAL S 323 -12.58 49.32 -120.15
N THR S 324 -12.02 48.49 -119.29
CA THR S 324 -12.20 47.05 -119.39
C THR S 324 -13.65 46.68 -119.20
N ASP S 325 -14.23 47.12 -118.09
CA ASP S 325 -15.57 46.76 -117.71
C ASP S 325 -16.58 47.64 -118.43
N VAL S 326 -16.53 48.95 -118.29
CA VAL S 326 -17.64 49.76 -118.79
C VAL S 326 -17.66 49.83 -120.31
N GLN S 327 -16.55 50.15 -120.94
CA GLN S 327 -16.48 50.25 -122.39
C GLN S 327 -16.43 48.86 -123.01
N ASN S 328 -15.64 47.97 -122.44
CA ASN S 328 -15.33 46.68 -123.06
C ASN S 328 -15.98 45.49 -122.38
N ASN S 329 -16.94 45.73 -121.50
CA ASN S 329 -17.80 44.69 -120.94
C ASN S 329 -17.01 43.57 -120.26
N GLY S 330 -15.93 43.97 -119.59
CA GLY S 330 -14.96 43.13 -118.89
C GLY S 330 -13.82 42.62 -119.77
N VAL S 331 -13.97 42.68 -121.09
CA VAL S 331 -12.88 42.33 -122.01
C VAL S 331 -11.79 43.34 -121.81
N VAL S 332 -10.56 42.86 -121.66
CA VAL S 332 -9.40 43.74 -121.66
C VAL S 332 -9.07 44.08 -123.11
N LYS S 333 -9.45 45.28 -123.57
CA LYS S 333 -8.82 45.90 -124.76
C LYS S 333 -7.35 46.16 -124.45
N ILE S 334 -6.45 45.49 -125.14
CA ILE S 334 -4.99 45.75 -125.03
C ILE S 334 -4.71 47.13 -125.68
N PRO S 335 -3.98 48.06 -125.04
CA PRO S 335 -3.97 49.50 -125.35
C PRO S 335 -3.68 49.92 -126.79
N ASP S 336 -3.89 51.20 -127.10
CA ASP S 336 -3.17 51.83 -128.22
C ASP S 336 -1.70 52.08 -127.82
N ALA S 337 -1.01 50.97 -127.57
CA ALA S 337 0.32 50.86 -127.00
C ALA S 337 1.44 50.84 -128.06
N LYS S 338 2.65 51.23 -127.67
CA LYS S 338 3.82 51.33 -128.58
C LYS S 338 5.05 50.65 -127.97
N GLY S 339 5.71 49.80 -128.75
CA GLY S 339 6.88 49.00 -128.36
C GLY S 339 6.61 48.00 -127.22
N ASP S 340 7.69 47.43 -126.68
CA ASP S 340 7.68 46.72 -125.38
C ASP S 340 7.14 47.64 -124.26
N ASP S 341 7.44 48.93 -124.42
CA ASP S 341 6.86 50.10 -123.77
C ASP S 341 5.33 50.25 -123.90
N ALA S 342 4.65 49.25 -124.46
CA ALA S 342 3.28 48.92 -124.13
C ALA S 342 3.09 48.86 -122.62
N TRP S 343 4.12 48.39 -121.92
CA TRP S 343 4.21 48.42 -120.47
C TRP S 343 4.10 49.82 -119.84
N LYS S 344 4.27 50.89 -120.63
CA LYS S 344 4.09 52.30 -120.26
C LYS S 344 2.92 52.98 -120.97
N VAL S 345 2.33 52.32 -121.96
CA VAL S 345 1.12 52.83 -122.60
C VAL S 345 -0.01 51.92 -122.23
N TYR S 346 -0.68 52.34 -121.18
CA TYR S 346 -1.73 51.59 -120.55
C TYR S 346 -3.03 51.69 -121.33
N TYR S 347 -3.20 52.73 -122.14
CA TYR S 347 -4.46 53.02 -122.80
C TYR S 347 -4.31 53.63 -124.19
N ASP S 348 -5.46 53.76 -124.84
CA ASP S 348 -5.73 54.65 -125.95
C ASP S 348 -5.32 56.09 -125.66
N GLU S 349 -5.03 56.88 -126.70
CA GLU S 349 -4.56 58.26 -126.62
C GLU S 349 -5.22 59.05 -125.51
N THR S 350 -6.55 59.08 -125.47
CA THR S 350 -7.28 60.01 -124.62
C THR S 350 -6.99 59.71 -123.18
N ALA S 351 -7.15 58.43 -122.83
CA ALA S 351 -6.89 57.87 -121.52
C ALA S 351 -5.40 57.90 -121.17
N GLN S 352 -4.53 57.65 -122.15
CA GLN S 352 -3.10 57.69 -121.97
C GLN S 352 -2.64 59.10 -121.66
N GLU S 353 -3.12 60.09 -122.41
CA GLU S 353 -2.90 61.49 -122.16
C GLU S 353 -3.48 61.93 -120.83
N ILE S 354 -4.66 61.43 -120.44
CA ILE S 354 -5.21 61.66 -119.09
C ILE S 354 -4.18 61.25 -118.04
N VAL S 355 -3.77 59.98 -118.02
CA VAL S 355 -2.88 59.51 -116.96
C VAL S 355 -1.48 60.11 -117.07
N ASP S 356 -1.03 60.40 -118.28
CA ASP S 356 0.26 61.03 -118.50
C ASP S 356 0.25 62.51 -118.11
N GLU S 357 -0.72 63.33 -118.50
CA GLU S 357 -0.82 64.73 -118.03
C GLU S 357 -0.90 64.80 -116.51
N PHE S 358 -1.55 63.83 -115.88
CA PHE S 358 -1.54 63.68 -114.45
C PHE S 358 -0.13 63.31 -113.93
N ALA S 359 0.48 62.25 -114.46
CA ALA S 359 1.84 61.84 -114.11
C ALA S 359 2.93 62.85 -114.53
N MET S 360 2.61 63.83 -115.37
CA MET S 360 3.48 64.92 -115.76
C MET S 360 3.28 66.10 -114.83
N ARG S 361 2.08 66.67 -114.79
CA ARG S 361 1.73 67.78 -113.90
C ARG S 361 2.04 67.41 -112.44
N TYR S 362 1.94 66.13 -112.12
CA TYR S 362 2.17 65.59 -110.80
C TYR S 362 3.26 64.49 -110.74
N GLY S 363 4.16 64.47 -111.71
CA GLY S 363 5.47 63.79 -111.66
C GLY S 363 5.52 62.25 -111.56
N VAL S 364 4.40 61.56 -111.33
CA VAL S 364 4.33 60.14 -110.99
C VAL S 364 5.19 59.26 -111.89
N GLU S 365 6.12 58.52 -111.31
CA GLU S 365 7.14 57.77 -112.04
C GLU S 365 6.57 56.61 -112.86
N SER S 366 7.14 56.37 -114.03
CA SER S 366 6.70 55.36 -115.00
C SER S 366 6.52 53.95 -114.41
N ILE S 367 7.42 53.51 -113.53
CA ILE S 367 7.30 52.22 -112.86
C ILE S 367 6.08 52.14 -111.93
N TYR S 368 5.76 53.22 -111.21
CA TYR S 368 4.59 53.28 -110.35
C TYR S 368 3.30 53.16 -111.17
N GLN S 369 3.28 53.84 -112.32
CA GLN S 369 2.21 53.73 -113.30
C GLN S 369 2.03 52.28 -113.80
N ALA S 370 3.13 51.61 -114.12
CA ALA S 370 3.17 50.22 -114.57
C ALA S 370 2.70 49.19 -113.53
N MET S 371 3.19 49.26 -112.30
CA MET S 371 2.78 48.31 -111.24
C MET S 371 1.28 48.43 -110.96
N THR S 372 0.75 49.65 -110.98
CA THR S 372 -0.68 49.95 -110.90
C THR S 372 -1.46 49.26 -112.01
N HIS S 373 -0.99 49.36 -113.25
CA HIS S 373 -1.57 48.65 -114.38
C HIS S 373 -1.47 47.12 -114.28
N PHE S 374 -0.37 46.57 -113.79
CA PHE S 374 -0.22 45.13 -113.61
C PHE S 374 -1.19 44.61 -112.52
N ALA S 375 -1.38 45.39 -111.45
CA ALA S 375 -2.40 45.11 -110.44
C ALA S 375 -3.79 45.07 -111.06
N CYS S 376 -4.15 46.08 -111.84
CA CYS S 376 -5.35 46.08 -112.65
C CYS S 376 -5.46 44.80 -113.51
N LEU S 377 -4.50 44.54 -114.42
CA LEU S 377 -4.54 43.38 -115.34
C LEU S 377 -4.72 42.05 -114.62
N SER S 378 -4.11 41.87 -113.45
CA SER S 378 -4.18 40.61 -112.72
C SER S 378 -5.61 40.18 -112.37
N SER S 379 -6.53 41.15 -112.23
CA SER S 379 -7.95 40.88 -112.00
C SER S 379 -8.67 40.32 -113.23
N LYS S 380 -7.98 40.24 -114.38
CA LYS S 380 -8.51 39.84 -115.69
C LYS S 380 -7.59 38.85 -116.42
N TYR S 381 -6.60 38.23 -115.75
CA TYR S 381 -5.43 37.60 -116.42
C TYR S 381 -5.79 36.52 -117.47
N MET S 382 -6.97 35.90 -117.31
CA MET S 382 -7.53 34.83 -118.15
C MET S 382 -7.97 35.30 -119.55
N CYS S 383 -8.19 36.61 -119.76
CA CYS S 383 -8.57 37.15 -121.06
C CYS S 383 -7.50 36.88 -122.15
N PRO S 384 -7.89 36.66 -123.42
CA PRO S 384 -6.94 36.25 -124.45
C PRO S 384 -5.81 37.27 -124.67
N GLY S 385 -4.58 36.79 -124.89
CA GLY S 385 -3.40 37.65 -125.06
C GLY S 385 -2.88 38.31 -123.78
N VAL S 386 -3.71 38.50 -122.74
CA VAL S 386 -3.29 39.13 -121.48
C VAL S 386 -2.06 38.45 -120.86
N PRO S 387 -1.84 37.12 -120.93
CA PRO S 387 -0.62 36.53 -120.39
C PRO S 387 0.65 36.93 -121.13
N ALA S 388 0.56 37.19 -122.43
CA ALA S 388 1.66 37.78 -123.17
C ALA S 388 1.92 39.21 -122.68
N VAL S 389 0.88 40.02 -122.51
CA VAL S 389 0.98 41.41 -122.02
C VAL S 389 1.53 41.43 -120.60
N MET S 390 1.05 40.58 -119.72
CA MET S 390 1.55 40.49 -118.36
C MET S 390 2.96 39.92 -118.34
N SER S 391 3.31 38.97 -119.21
CA SER S 391 4.70 38.51 -119.33
C SER S 391 5.60 39.66 -119.72
N THR S 392 5.13 40.49 -120.65
CA THR S 392 5.80 41.70 -121.12
C THR S 392 5.93 42.70 -120.00
N LEU S 393 4.82 43.10 -119.42
CA LEU S 393 4.76 44.08 -118.35
C LEU S 393 5.61 43.67 -117.17
N LEU S 394 5.61 42.38 -116.83
CA LEU S 394 6.46 41.86 -115.77
C LEU S 394 7.91 41.75 -116.16
N ALA S 395 8.23 41.34 -117.39
CA ALA S 395 9.60 41.39 -117.88
C ALA S 395 10.15 42.81 -117.76
N ASN S 396 9.32 43.82 -118.01
CA ASN S 396 9.69 45.20 -117.83
C ASN S 396 9.75 45.67 -116.39
N ILE S 397 8.75 45.39 -115.55
CA ILE S 397 8.80 45.73 -114.12
C ILE S 397 9.99 45.02 -113.46
N ASN S 398 10.27 43.78 -113.86
CA ASN S 398 11.49 43.10 -113.51
C ASN S 398 12.70 43.87 -113.98
N ALA S 399 12.82 44.10 -115.29
CA ALA S 399 13.97 44.77 -115.86
C ALA S 399 14.18 46.16 -115.23
N TYR S 400 13.09 46.80 -114.82
CA TYR S 400 13.12 48.05 -114.10
C TYR S 400 13.81 47.89 -112.76
N TYR S 401 13.25 47.12 -111.84
CA TYR S 401 13.83 47.01 -110.50
C TYR S 401 15.14 46.22 -110.47
N ALA S 402 15.32 45.27 -111.38
CA ALA S 402 16.53 44.48 -111.52
C ALA S 402 17.68 45.25 -112.18
N HIS S 403 17.40 46.13 -113.16
CA HIS S 403 18.45 46.72 -114.00
C HIS S 403 18.34 48.24 -114.16
N THR S 404 17.15 48.82 -114.36
CA THR S 404 17.06 50.29 -114.45
C THR S 404 17.41 50.90 -113.09
N THR S 405 18.35 51.84 -113.07
CA THR S 405 18.94 52.39 -111.84
C THR S 405 19.58 51.35 -110.92
N ALA S 406 19.92 50.15 -111.42
CA ALA S 406 20.86 49.24 -110.75
C ALA S 406 22.30 49.80 -110.69
N SER S 407 22.54 50.94 -111.35
CA SER S 407 23.64 51.87 -111.07
C SER S 407 23.66 52.33 -109.61
N THR S 408 22.50 52.46 -108.97
CA THR S 408 22.40 52.56 -107.51
C THR S 408 22.79 51.23 -106.89
N ASN S 409 23.73 51.25 -105.95
CA ASN S 409 24.28 50.04 -105.32
C ASN S 409 23.26 49.29 -104.45
N VAL S 410 22.12 49.92 -104.17
CA VAL S 410 20.94 49.33 -103.53
C VAL S 410 20.48 48.07 -104.28
N SER S 411 20.09 47.02 -103.56
CA SER S 411 19.68 45.76 -104.17
C SER S 411 18.40 45.92 -105.00
N ALA S 412 18.13 44.97 -105.89
CA ALA S 412 16.89 45.00 -106.64
C ALA S 412 15.69 44.87 -105.71
N SER S 413 15.77 44.02 -104.70
CA SER S 413 14.71 43.80 -103.72
C SER S 413 14.47 45.03 -102.85
N ASP S 414 15.50 45.83 -102.64
CA ASP S 414 15.45 47.06 -101.84
C ASP S 414 15.05 48.29 -102.65
N ARG S 415 15.51 48.42 -103.88
CA ARG S 415 15.01 49.44 -104.82
C ARG S 415 13.52 49.21 -105.05
N PHE S 416 13.16 47.93 -105.19
CA PHE S 416 11.79 47.47 -105.18
C PHE S 416 11.08 47.77 -103.86
N ALA S 417 11.72 47.62 -102.70
CA ALA S 417 11.15 48.09 -101.44
C ALA S 417 10.87 49.60 -101.43
N ALA S 418 11.81 50.40 -101.91
CA ALA S 418 11.65 51.84 -102.08
C ALA S 418 10.61 52.21 -103.14
N SER S 419 10.01 51.23 -103.82
CA SER S 419 8.85 51.48 -104.64
C SER S 419 7.77 52.19 -103.85
N ASN S 420 7.40 53.38 -104.31
CA ASN S 420 6.28 54.11 -103.75
C ASN S 420 4.96 53.33 -103.90
N PHE S 421 4.88 52.36 -104.83
CA PHE S 421 3.74 51.45 -104.94
C PHE S 421 3.58 50.56 -103.70
N GLY S 422 4.69 50.21 -103.05
CA GLY S 422 4.71 49.22 -101.98
C GLY S 422 5.11 47.86 -102.53
N LYS S 423 6.35 47.46 -102.29
CA LYS S 423 6.86 46.14 -102.64
C LYS S 423 5.91 45.01 -102.31
N GLU S 424 5.51 44.95 -101.05
CA GLU S 424 4.65 43.91 -100.47
C GLU S 424 3.37 43.72 -101.27
N ARG S 425 2.62 44.80 -101.48
CA ARG S 425 1.44 44.87 -102.33
C ARG S 425 1.69 44.20 -103.68
N PHE S 426 2.87 44.43 -104.26
CA PHE S 426 3.25 43.84 -105.53
C PHE S 426 3.63 42.35 -105.40
N VAL S 427 4.37 41.97 -104.36
CA VAL S 427 4.75 40.58 -104.10
C VAL S 427 3.51 39.70 -103.92
N LYS S 428 2.56 40.16 -103.10
CA LYS S 428 1.28 39.48 -102.88
C LYS S 428 0.59 39.21 -104.21
N LEU S 429 0.45 40.26 -104.99
CA LEU S 429 -0.18 40.30 -106.30
C LEU S 429 0.45 39.28 -107.27
N LEU S 430 1.78 39.21 -107.33
CA LEU S 430 2.51 38.20 -108.10
C LEU S 430 2.22 36.78 -107.61
N ASP S 431 2.23 36.57 -106.30
CA ASP S 431 2.04 35.23 -105.73
C ASP S 431 0.62 34.71 -105.98
N GLN S 432 -0.38 35.57 -105.81
CA GLN S 432 -1.77 35.25 -106.14
C GLN S 432 -1.89 34.86 -107.61
N LEU S 433 -1.33 35.69 -108.49
CA LEU S 433 -1.34 35.46 -109.91
C LEU S 433 -0.66 34.14 -110.24
N HIS S 434 0.58 33.95 -109.80
CA HIS S 434 1.37 32.74 -109.98
C HIS S 434 0.59 31.51 -109.58
N ASN S 435 0.00 31.54 -108.39
CA ASN S 435 -0.84 30.47 -107.90
C ASN S 435 -1.99 30.22 -108.88
N SER S 436 -2.68 31.26 -109.30
CA SER S 436 -3.76 31.17 -110.27
C SER S 436 -3.27 30.55 -111.60
N LEU S 437 -2.04 30.85 -112.03
CA LEU S 437 -1.43 30.18 -113.17
C LEU S 437 -1.19 28.69 -112.89
N ARG S 438 -0.46 28.35 -111.82
CA ARG S 438 -0.20 26.97 -111.37
C ARG S 438 -1.48 26.15 -111.37
N ILE S 439 -2.55 26.74 -110.84
CA ILE S 439 -3.87 26.16 -110.81
C ILE S 439 -4.32 25.82 -112.21
N ASP S 440 -4.38 26.81 -113.09
CA ASP S 440 -4.87 26.61 -114.44
C ASP S 440 -4.04 25.55 -115.18
N LEU S 441 -2.73 25.57 -114.98
CA LEU S 441 -1.79 24.60 -115.53
C LEU S 441 -2.02 23.19 -114.98
N SER S 442 -2.40 23.07 -113.71
CA SER S 442 -2.66 21.76 -113.12
C SER S 442 -3.80 21.03 -113.80
N MET S 443 -4.66 21.76 -114.51
CA MET S 443 -5.58 21.21 -115.49
C MET S 443 -5.39 21.86 -116.84
N TYR S 444 -4.14 21.85 -117.31
CA TYR S 444 -3.80 22.46 -118.59
C TYR S 444 -4.73 21.97 -119.71
N ARG S 445 -5.03 20.68 -119.75
CA ARG S 445 -5.78 20.09 -120.86
C ARG S 445 -7.18 20.69 -120.93
N ASN S 446 -7.83 20.74 -119.78
CA ASN S 446 -9.19 21.23 -119.68
C ASN S 446 -9.25 22.76 -119.83
N ASN S 447 -8.27 23.47 -119.28
CA ASN S 447 -8.23 24.92 -119.31
C ASN S 447 -7.74 25.51 -120.64
N PHE S 448 -6.91 24.77 -121.38
CA PHE S 448 -6.24 25.19 -122.62
C PHE S 448 -6.28 24.06 -123.64
N PRO S 449 -7.47 23.68 -124.10
CA PRO S 449 -7.65 22.50 -124.94
C PRO S 449 -6.86 22.64 -126.23
N ALA S 450 -6.29 21.52 -126.70
CA ALA S 450 -5.46 21.47 -127.89
C ALA S 450 -6.22 21.99 -129.13
N SER S 451 -7.52 21.73 -129.15
CA SER S 451 -8.48 22.22 -130.14
C SER S 451 -8.59 23.75 -130.19
N SER S 452 -8.10 24.47 -129.19
CA SER S 452 -7.90 25.92 -129.26
C SER S 452 -6.41 26.24 -129.32
N PRO S 453 -5.84 26.43 -130.51
CA PRO S 453 -4.51 27.00 -130.70
C PRO S 453 -4.34 28.32 -129.96
N GLU S 454 -5.40 29.11 -129.89
CA GLU S 454 -5.40 30.38 -129.17
C GLU S 454 -5.17 30.15 -127.69
N ARG S 455 -5.90 29.21 -127.08
CA ARG S 455 -5.61 28.85 -125.71
C ARG S 455 -4.31 28.09 -125.58
N LEU S 456 -3.83 27.34 -126.58
CA LEU S 456 -2.45 26.85 -126.58
C LEU S 456 -1.45 28.02 -126.62
N GLN S 457 -1.75 29.13 -127.28
CA GLN S 457 -0.84 30.25 -127.27
C GLN S 457 -0.93 31.02 -125.97
N ASP S 458 -2.12 31.28 -125.47
CA ASP S 458 -2.27 31.84 -124.14
C ASP S 458 -1.55 30.95 -123.13
N LEU S 459 -1.66 29.63 -123.24
CA LEU S 459 -0.91 28.65 -122.47
C LEU S 459 0.60 28.88 -122.61
N LYS S 460 1.11 28.98 -123.84
CA LYS S 460 2.52 29.25 -124.08
C LYS S 460 2.95 30.58 -123.43
N SER S 461 2.24 31.67 -123.70
CA SER S 461 2.42 32.98 -123.06
C SER S 461 2.24 32.97 -121.56
N THR S 462 1.44 32.05 -121.02
CA THR S 462 1.28 31.84 -119.58
C THR S 462 2.56 31.26 -119.01
N VAL S 463 3.16 30.27 -119.67
CA VAL S 463 4.42 29.70 -119.19
C VAL S 463 5.56 30.71 -119.39
N ASP S 464 5.49 31.51 -120.44
CA ASP S 464 6.37 32.67 -120.59
C ASP S 464 6.15 33.70 -119.46
N LEU S 465 4.91 33.96 -119.06
CA LEU S 465 4.63 34.75 -117.86
C LEU S 465 5.18 34.07 -116.60
N LEU S 466 5.02 32.76 -116.44
CA LEU S 466 5.47 32.04 -115.25
C LEU S 466 7.00 32.03 -115.15
N THR S 467 7.70 31.88 -116.28
CA THR S 467 9.14 32.13 -116.33
C THR S 467 9.43 33.58 -115.94
N SER S 468 8.68 34.55 -116.47
CA SER S 468 8.82 35.97 -116.08
C SER S 468 8.62 36.23 -114.58
N ILE S 469 7.67 35.54 -113.91
CA ILE S 469 7.47 35.62 -112.46
C ILE S 469 8.62 34.93 -111.71
N THR S 470 9.03 33.74 -112.14
CA THR S 470 10.15 33.01 -111.51
C THR S 470 11.42 33.86 -111.55
N PHE S 471 11.66 34.48 -112.70
CA PHE S 471 12.69 35.47 -112.95
C PHE S 471 12.53 36.72 -112.05
N PHE S 472 11.34 37.29 -111.89
CA PHE S 472 11.11 38.34 -110.89
C PHE S 472 11.47 37.93 -109.47
N ARG S 473 11.06 36.73 -109.04
CA ARG S 473 11.39 36.23 -107.70
C ARG S 473 12.89 36.09 -107.54
N MET S 474 13.54 35.52 -108.55
CA MET S 474 14.99 35.33 -108.59
C MET S 474 15.75 36.65 -108.64
N LYS S 475 15.30 37.62 -109.43
CA LYS S 475 16.05 38.83 -109.78
C LYS S 475 15.66 40.04 -108.98
N VAL S 476 14.37 40.29 -108.80
CA VAL S 476 13.88 41.46 -108.07
C VAL S 476 13.68 41.12 -106.60
N GLN S 477 12.95 40.07 -106.25
CA GLN S 477 12.92 39.66 -104.83
C GLN S 477 14.24 39.05 -104.37
N GLU S 478 15.11 38.69 -105.32
CA GLU S 478 16.46 38.16 -105.07
C GLU S 478 16.45 36.82 -104.34
N LEU S 479 15.35 36.09 -104.45
CA LEU S 479 15.19 34.75 -103.89
C LEU S 479 16.18 33.78 -104.54
N GLN S 480 16.71 32.86 -103.74
CA GLN S 480 17.92 32.09 -104.05
C GLN S 480 17.56 30.73 -104.69
N SER S 481 16.51 30.12 -104.15
CA SER S 481 15.91 28.89 -104.68
C SER S 481 14.39 29.08 -104.76
N PRO S 482 13.88 30.02 -105.58
CA PRO S 482 12.47 30.06 -105.93
C PRO S 482 12.07 28.73 -106.61
N PRO S 483 10.76 28.40 -106.66
CA PRO S 483 10.26 27.22 -107.33
C PRO S 483 10.65 27.21 -108.82
N ARG S 484 11.37 26.18 -109.27
CA ARG S 484 11.88 26.12 -110.64
C ARG S 484 10.72 25.94 -111.63
N ALA S 485 10.63 26.82 -112.63
CA ALA S 485 9.51 26.89 -113.55
C ALA S 485 9.21 25.53 -114.23
N SER S 486 10.22 24.78 -114.66
CA SER S 486 10.02 23.43 -115.20
C SER S 486 9.40 22.45 -114.19
N GLN S 487 9.85 22.40 -112.94
CA GLN S 487 9.30 21.48 -111.94
C GLN S 487 7.86 21.86 -111.54
N VAL S 488 7.63 23.16 -111.34
CA VAL S 488 6.30 23.75 -111.09
C VAL S 488 5.29 23.27 -112.13
N VAL S 489 5.69 23.34 -113.40
CA VAL S 489 4.86 22.92 -114.53
C VAL S 489 4.76 21.39 -114.58
N LYS S 490 5.86 20.65 -114.37
CA LYS S 490 5.87 19.18 -114.37
C LYS S 490 4.90 18.59 -113.35
N ASP S 491 4.84 19.18 -112.17
CA ASP S 491 3.80 18.86 -111.19
C ASP S 491 2.40 19.08 -111.77
N CYS S 492 2.15 20.23 -112.37
CA CYS S 492 0.87 20.55 -113.00
C CYS S 492 0.50 19.56 -114.10
N VAL S 493 1.49 19.10 -114.85
CA VAL S 493 1.30 18.15 -115.94
C VAL S 493 0.98 16.79 -115.39
N LYS S 494 1.80 16.31 -114.46
CA LYS S 494 1.53 15.09 -113.72
C LYS S 494 0.15 15.15 -113.12
N ALA S 495 -0.22 16.27 -112.52
CA ALA S 495 -1.55 16.49 -111.99
C ALA S 495 -2.60 16.30 -113.09
N CYS S 496 -2.49 17.07 -114.17
CA CYS S 496 -3.44 16.99 -115.25
C CYS S 496 -3.53 15.59 -115.86
N LEU S 497 -2.41 14.88 -116.00
CA LEU S 497 -2.33 13.50 -116.46
C LEU S 497 -2.99 12.51 -115.50
N ASN S 498 -2.77 12.65 -114.20
CA ASN S 498 -3.40 11.78 -113.22
C ASN S 498 -4.91 12.01 -113.17
N SER S 499 -5.37 13.25 -113.23
CA SER S 499 -6.79 13.59 -113.36
C SER S 499 -7.38 12.98 -114.61
N THR S 500 -6.62 13.04 -115.70
CA THR S 500 -6.98 12.35 -116.92
C THR S 500 -7.09 10.84 -116.64
N TYR S 501 -6.10 10.20 -116.00
CA TYR S 501 -6.11 8.75 -115.82
C TYR S 501 -7.27 8.28 -114.96
N GLU S 502 -7.44 8.90 -113.78
CA GLU S 502 -8.56 8.64 -112.89
C GLU S 502 -9.85 8.72 -113.70
N TYR S 503 -10.01 9.82 -114.41
CA TYR S 503 -11.22 10.05 -115.15
C TYR S 503 -11.40 8.98 -116.22
N ILE S 504 -10.36 8.60 -116.96
CA ILE S 504 -10.50 7.54 -117.97
C ILE S 504 -10.74 6.17 -117.36
N PHE S 505 -10.11 5.83 -116.25
CA PHE S 505 -10.24 4.51 -115.66
C PHE S 505 -11.62 4.31 -115.03
N ASN S 506 -12.22 5.40 -114.57
CA ASN S 506 -13.55 5.42 -114.00
C ASN S 506 -14.65 5.59 -115.05
N ASN S 507 -14.35 6.23 -116.18
CA ASN S 507 -15.32 6.60 -117.21
C ASN S 507 -14.96 6.02 -118.59
N CYS S 508 -14.25 4.89 -118.63
CA CYS S 508 -13.72 4.32 -119.87
C CYS S 508 -14.79 4.20 -120.93
N HIS S 509 -15.98 3.81 -120.53
CA HIS S 509 -17.02 3.60 -121.50
C HIS S 509 -17.61 4.85 -122.07
N GLU S 510 -17.87 5.84 -121.26
CA GLU S 510 -18.36 7.13 -121.68
C GLU S 510 -17.36 7.81 -122.62
N LEU S 511 -16.09 7.69 -122.28
CA LEU S 511 -15.01 8.27 -123.06
C LEU S 511 -14.76 7.51 -124.35
N TYR S 512 -14.47 6.20 -124.26
CA TYR S 512 -14.26 5.39 -125.44
C TYR S 512 -15.48 5.33 -126.32
N GLY S 513 -16.62 5.20 -125.67
CA GLY S 513 -17.94 5.48 -126.20
C GLY S 513 -17.91 6.64 -127.16
N ARG S 514 -17.97 7.85 -126.62
CA ARG S 514 -18.05 9.07 -127.42
C ARG S 514 -16.87 9.28 -128.37
N GLU S 515 -15.65 8.92 -127.96
CA GLU S 515 -14.45 9.23 -128.74
C GLU S 515 -14.20 8.25 -129.90
N TYR S 516 -14.63 6.98 -129.85
CA TYR S 516 -14.36 5.99 -130.92
C TYR S 516 -15.37 4.86 -131.15
N GLN S 517 -16.24 4.57 -130.21
CA GLN S 517 -16.83 3.23 -130.07
C GLN S 517 -17.48 2.68 -131.33
N THR S 518 -17.08 1.47 -131.70
CA THR S 518 -17.50 0.73 -132.92
C THR S 518 -18.98 0.32 -132.97
N ASP S 519 -19.82 0.86 -132.08
CA ASP S 519 -21.29 0.72 -132.07
C ASP S 519 -21.89 1.97 -131.38
N PRO S 520 -22.72 2.79 -132.05
CA PRO S 520 -23.25 4.02 -131.49
C PRO S 520 -24.13 3.80 -130.24
N ALA S 521 -24.78 2.64 -130.10
CA ALA S 521 -25.56 2.29 -128.92
C ALA S 521 -24.70 2.11 -127.65
N LYS S 522 -23.38 2.02 -127.82
CA LYS S 522 -22.40 1.83 -126.76
C LYS S 522 -21.59 3.10 -126.42
N LYS S 523 -22.00 4.28 -126.91
CA LYS S 523 -21.36 5.58 -126.58
C LYS S 523 -21.72 6.15 -125.21
N GLY S 524 -22.88 5.79 -124.68
CA GLY S 524 -23.45 6.36 -123.45
C GLY S 524 -22.87 5.80 -122.15
N GLU S 525 -23.55 6.09 -121.04
CA GLU S 525 -23.23 5.59 -119.69
C GLU S 525 -23.54 4.10 -119.52
N VAL S 526 -22.78 3.27 -120.22
CA VAL S 526 -22.65 1.84 -119.97
C VAL S 526 -22.33 1.58 -118.49
N PRO S 527 -22.77 0.45 -117.88
CA PRO S 527 -22.67 0.23 -116.44
C PRO S 527 -21.26 0.49 -115.89
N PRO S 528 -21.10 1.00 -114.66
CA PRO S 528 -19.79 1.26 -114.06
C PRO S 528 -18.84 0.06 -114.10
N GLU S 529 -19.35 -1.17 -114.00
CA GLU S 529 -18.61 -2.43 -114.18
C GLU S 529 -18.11 -2.68 -115.63
N GLU S 530 -18.24 -1.68 -116.49
CA GLU S 530 -17.89 -1.66 -117.90
C GLU S 530 -17.29 -0.29 -118.31
N GLN S 531 -17.29 0.68 -117.39
CA GLN S 531 -16.57 1.97 -117.42
C GLN S 531 -15.31 1.96 -116.58
N GLY S 532 -15.33 1.06 -115.61
CA GLY S 532 -14.22 0.38 -115.01
C GLY S 532 -14.29 -1.08 -115.48
N PRO S 533 -13.54 -1.98 -114.85
CA PRO S 533 -13.33 -3.33 -115.37
C PRO S 533 -14.57 -4.23 -115.39
N SER S 534 -14.71 -5.03 -116.46
CA SER S 534 -15.65 -6.15 -116.56
C SER S 534 -15.02 -7.49 -116.24
N ILE S 535 -15.77 -8.38 -115.61
CA ILE S 535 -15.41 -9.80 -115.55
C ILE S 535 -15.92 -10.60 -116.77
N LYS S 536 -16.92 -10.08 -117.50
CA LYS S 536 -17.59 -10.79 -118.60
C LYS S 536 -16.79 -10.73 -119.91
N ASN S 537 -16.07 -9.63 -120.13
CA ASN S 537 -15.44 -9.30 -121.42
C ASN S 537 -14.12 -8.56 -121.23
N LEU S 538 -13.32 -8.53 -122.30
CA LEU S 538 -12.03 -7.82 -122.37
C LEU S 538 -12.11 -6.46 -123.06
N ASP S 539 -13.33 -6.03 -123.36
CA ASP S 539 -13.55 -4.93 -124.29
C ASP S 539 -13.23 -3.61 -123.63
N PHE S 540 -13.63 -3.42 -122.37
CA PHE S 540 -13.17 -2.31 -121.53
C PHE S 540 -11.66 -2.10 -121.66
N TRP S 541 -10.88 -3.16 -121.71
CA TRP S 541 -9.43 -3.08 -121.80
C TRP S 541 -8.95 -2.73 -123.20
N SER S 542 -9.55 -3.31 -124.25
CA SER S 542 -9.24 -2.85 -125.62
C SER S 542 -9.56 -1.36 -125.79
N LYS S 543 -10.58 -0.90 -125.08
CA LYS S 543 -11.08 0.47 -125.11
C LYS S 543 -10.17 1.41 -124.34
N LEU S 544 -9.76 0.97 -123.16
CA LEU S 544 -8.78 1.65 -122.35
C LEU S 544 -7.43 1.78 -123.09
N ILE S 545 -7.00 0.74 -123.82
CA ILE S 545 -5.79 0.81 -124.67
C ILE S 545 -5.89 1.97 -125.65
N THR S 546 -7.01 2.11 -126.34
CA THR S 546 -7.18 3.18 -127.33
C THR S 546 -7.23 4.58 -126.70
N LEU S 547 -7.88 4.72 -125.54
CA LEU S 547 -7.86 5.96 -124.77
C LEU S 547 -6.44 6.39 -124.47
N ILE S 548 -5.66 5.46 -123.95
CA ILE S 548 -4.27 5.71 -123.56
C ILE S 548 -3.45 6.21 -124.76
N VAL S 549 -3.53 5.51 -125.88
CA VAL S 549 -2.91 5.90 -127.15
C VAL S 549 -3.28 7.34 -127.51
N SER S 550 -4.57 7.64 -127.55
CA SER S 550 -5.07 8.94 -127.94
C SER S 550 -4.52 10.10 -127.10
N ILE S 551 -4.50 9.93 -125.78
CA ILE S 551 -3.99 10.94 -124.88
C ILE S 551 -2.49 11.16 -125.10
N ILE S 552 -1.72 10.07 -125.15
CA ILE S 552 -0.28 10.18 -125.33
C ILE S 552 0.03 10.89 -126.63
N GLU S 553 -0.75 10.60 -127.67
CA GLU S 553 -0.69 11.34 -128.90
C GLU S 553 -0.96 12.82 -128.69
N GLU S 554 -2.09 13.23 -128.11
CA GLU S 554 -2.34 14.66 -127.90
C GLU S 554 -1.21 15.36 -127.14
N ASP S 555 -0.66 14.71 -126.13
CA ASP S 555 0.44 15.24 -125.34
C ASP S 555 1.73 15.34 -126.12
N LYS S 556 2.08 14.28 -126.85
CA LYS S 556 3.22 14.26 -127.75
C LYS S 556 3.07 15.32 -128.83
N ASN S 557 1.86 15.52 -129.32
CA ASN S 557 1.64 16.17 -130.60
C ASN S 557 1.21 17.63 -130.45
N SER S 558 0.30 17.95 -129.53
CA SER S 558 -0.16 19.33 -129.32
C SER S 558 0.57 20.00 -128.17
N TYR S 559 0.74 19.29 -127.06
CA TYR S 559 1.25 19.94 -125.85
C TYR S 559 2.76 19.99 -125.77
N THR S 560 3.47 18.93 -126.17
CA THR S 560 4.94 18.96 -126.19
C THR S 560 5.47 20.15 -127.00
N PRO S 561 4.87 20.48 -128.16
CA PRO S 561 5.24 21.70 -128.89
C PRO S 561 4.75 22.98 -128.25
N CYS S 562 3.51 23.02 -127.74
CA CYS S 562 3.01 24.22 -127.08
C CYS S 562 3.90 24.62 -125.89
N LEU S 563 4.42 23.63 -125.16
CA LEU S 563 5.15 23.78 -123.91
C LEU S 563 6.63 23.46 -124.03
N ASN S 564 7.22 23.94 -125.10
CA ASN S 564 8.61 23.75 -125.42
C ASN S 564 9.60 24.53 -124.52
N GLN S 565 9.18 25.41 -123.59
CA GLN S 565 10.08 26.32 -122.87
C GLN S 565 11.19 25.59 -122.09
N PHE S 566 10.92 24.36 -121.67
CA PHE S 566 11.90 23.49 -121.02
C PHE S 566 11.97 22.19 -121.81
N PRO S 567 12.51 22.21 -123.03
CA PRO S 567 12.38 21.07 -123.94
C PRO S 567 13.13 19.84 -123.42
N GLN S 568 14.32 20.10 -122.86
CA GLN S 568 15.17 19.12 -122.19
C GLN S 568 14.50 18.49 -120.97
N GLU S 569 13.66 19.24 -120.28
CA GLU S 569 13.03 18.81 -119.04
C GLU S 569 11.58 18.36 -119.20
N LEU S 570 10.92 18.71 -120.31
CA LEU S 570 9.45 18.71 -120.40
C LEU S 570 8.97 18.19 -121.79
N ASN S 571 9.32 16.95 -122.12
CA ASN S 571 8.65 16.18 -123.17
C ASN S 571 7.27 15.70 -122.67
N VAL S 572 6.21 16.45 -122.97
CA VAL S 572 4.86 16.16 -122.47
C VAL S 572 4.37 14.77 -122.94
N GLY S 573 4.72 14.36 -124.15
CA GLY S 573 4.42 13.03 -124.68
C GLY S 573 5.01 11.87 -123.88
N LYS S 574 6.28 11.97 -123.47
CA LYS S 574 6.91 10.94 -122.61
C LYS S 574 6.32 10.89 -121.21
N ILE S 575 6.13 12.05 -120.57
CA ILE S 575 5.55 12.12 -119.21
C ILE S 575 4.15 11.50 -119.23
N SER S 576 3.39 11.79 -120.29
CA SER S 576 2.12 11.14 -120.57
C SER S 576 2.27 9.61 -120.65
N ALA S 577 3.08 9.08 -121.57
CA ALA S 577 3.22 7.62 -121.73
C ALA S 577 3.59 6.90 -120.42
N GLU S 578 4.56 7.42 -119.67
CA GLU S 578 4.95 6.84 -118.39
C GLU S 578 3.80 6.84 -117.38
N VAL S 579 3.22 8.02 -117.11
CA VAL S 579 2.18 8.17 -116.09
C VAL S 579 1.03 7.23 -116.41
N MET S 580 0.55 7.28 -117.64
CA MET S 580 -0.61 6.53 -118.06
C MET S 580 -0.37 5.02 -118.05
N TRP S 581 0.76 4.53 -118.57
CA TRP S 581 1.08 3.10 -118.52
C TRP S 581 1.16 2.61 -117.09
N SER S 582 1.80 3.37 -116.20
CA SER S 582 2.02 2.92 -114.83
C SER S 582 0.68 2.61 -114.18
N LEU S 583 -0.20 3.60 -114.26
CA LEU S 583 -1.53 3.52 -113.71
C LEU S 583 -2.33 2.39 -114.36
N PHE S 584 -2.21 2.25 -115.68
CA PHE S 584 -2.79 1.15 -116.41
C PHE S 584 -2.33 -0.22 -115.94
N ALA S 585 -1.01 -0.44 -115.85
CA ALA S 585 -0.45 -1.78 -115.76
C ALA S 585 -0.90 -2.44 -114.46
N GLN S 586 -0.95 -1.64 -113.39
CA GLN S 586 -1.52 -2.05 -112.12
C GLN S 586 -2.94 -2.59 -112.33
N ASP S 587 -3.76 -1.79 -112.98
CA ASP S 587 -5.15 -2.08 -113.13
C ASP S 587 -5.36 -3.32 -114.01
N MET S 588 -4.64 -3.39 -115.12
CA MET S 588 -4.64 -4.55 -115.99
C MET S 588 -4.19 -5.83 -115.29
N LYS S 589 -3.09 -5.80 -114.53
CA LYS S 589 -2.65 -7.00 -113.84
C LYS S 589 -3.78 -7.55 -112.96
N TYR S 590 -4.42 -6.69 -112.15
CA TYR S 590 -5.51 -7.16 -111.29
C TYR S 590 -6.67 -7.71 -112.10
N ALA S 591 -6.94 -7.11 -113.25
CA ALA S 591 -7.99 -7.57 -114.13
C ALA S 591 -7.75 -8.97 -114.63
N MET S 592 -6.56 -9.23 -115.16
CA MET S 592 -6.20 -10.55 -115.65
C MET S 592 -6.26 -11.58 -114.54
N GLU S 593 -5.80 -11.25 -113.34
CA GLU S 593 -5.99 -12.13 -112.18
C GLU S 593 -7.48 -12.40 -111.89
N GLU S 594 -8.34 -11.40 -112.04
CA GLU S 594 -9.76 -11.55 -111.78
C GLU S 594 -10.45 -12.44 -112.82
N HIS S 595 -10.20 -12.19 -114.11
CA HIS S 595 -10.64 -13.05 -115.19
C HIS S 595 -10.24 -14.49 -114.95
N ASP S 596 -9.04 -14.71 -114.41
CA ASP S 596 -8.52 -16.05 -114.24
C ASP S 596 -9.37 -16.89 -113.27
N LYS S 597 -10.03 -16.26 -112.31
CA LYS S 597 -10.91 -16.91 -111.35
C LYS S 597 -12.27 -17.29 -111.96
N HIS S 598 -12.66 -16.66 -113.07
CA HIS S 598 -14.02 -16.74 -113.61
C HIS S 598 -14.09 -17.37 -115.01
N ARG S 599 -13.12 -17.05 -115.87
CA ARG S 599 -12.93 -17.61 -117.21
C ARG S 599 -14.16 -17.49 -118.12
N LEU S 600 -14.80 -16.32 -118.09
CA LEU S 600 -16.04 -16.04 -118.84
C LEU S 600 -15.75 -15.72 -120.32
N CYS S 601 -14.71 -14.95 -120.59
CA CYS S 601 -14.15 -14.81 -121.94
C CYS S 601 -13.42 -16.11 -122.35
N LYS S 602 -13.35 -16.43 -123.64
CA LYS S 602 -12.65 -17.63 -124.13
C LYS S 602 -11.14 -17.43 -124.05
N SER S 603 -10.37 -18.52 -123.93
CA SER S 603 -8.89 -18.53 -124.02
C SER S 603 -8.40 -17.54 -125.08
N ALA S 604 -8.91 -17.73 -126.30
CA ALA S 604 -8.71 -16.93 -127.50
C ALA S 604 -8.79 -15.42 -127.27
N ASP S 605 -9.78 -14.95 -126.52
CA ASP S 605 -9.99 -13.53 -126.26
C ASP S 605 -8.80 -12.97 -125.49
N TYR S 606 -8.33 -13.69 -124.47
CA TYR S 606 -7.14 -13.29 -123.75
C TYR S 606 -5.90 -13.36 -124.64
N MET S 607 -5.81 -14.32 -125.56
CA MET S 607 -4.71 -14.35 -126.53
C MET S 607 -4.73 -13.11 -127.44
N ASN S 608 -5.91 -12.72 -127.93
CA ASN S 608 -6.09 -11.50 -128.72
C ASN S 608 -5.67 -10.28 -127.90
N LEU S 609 -6.17 -10.19 -126.66
CA LEU S 609 -5.78 -9.13 -125.75
C LEU S 609 -4.28 -9.12 -125.52
N HIS S 610 -3.66 -10.29 -125.36
CA HIS S 610 -2.23 -10.41 -125.22
C HIS S 610 -1.54 -9.77 -126.43
N PHE S 611 -1.94 -10.05 -127.67
CA PHE S 611 -1.30 -9.41 -128.81
C PHE S 611 -1.46 -7.89 -128.79
N LYS S 612 -2.63 -7.38 -128.42
CA LYS S 612 -2.87 -5.94 -128.29
C LYS S 612 -1.96 -5.34 -127.23
N VAL S 613 -1.87 -5.97 -126.07
CA VAL S 613 -1.06 -5.48 -124.95
C VAL S 613 0.42 -5.56 -125.28
N LYS S 614 0.83 -6.69 -125.86
CA LYS S 614 2.17 -6.92 -126.35
C LYS S 614 2.53 -5.79 -127.30
N TRP S 615 1.70 -5.57 -128.30
CA TRP S 615 1.86 -4.42 -129.18
C TRP S 615 1.97 -3.11 -128.39
N LEU S 616 1.04 -2.82 -127.48
CA LEU S 616 0.99 -1.51 -126.83
C LEU S 616 2.26 -1.24 -126.05
N TYR S 617 2.69 -2.20 -125.22
CA TYR S 617 3.91 -2.05 -124.44
C TYR S 617 5.08 -1.85 -125.39
N ASN S 618 5.18 -2.74 -126.39
CA ASN S 618 6.27 -2.76 -127.33
C ASN S 618 6.26 -1.52 -128.23
N GLU S 619 5.15 -0.83 -128.33
CA GLU S 619 5.06 0.49 -128.92
C GLU S 619 5.50 1.53 -127.88
N TYR S 620 4.60 1.94 -126.99
CA TYR S 620 4.80 3.16 -126.22
C TYR S 620 5.80 3.00 -125.09
N VAL S 621 5.78 1.84 -124.43
CA VAL S 621 6.27 1.74 -123.05
C VAL S 621 7.71 1.26 -123.03
N ALA S 622 8.00 0.24 -123.83
CA ALA S 622 9.27 -0.46 -123.83
C ALA S 622 10.48 0.48 -124.00
N GLU S 623 10.31 1.60 -124.70
CA GLU S 623 11.39 2.53 -124.99
C GLU S 623 11.58 3.62 -123.95
N LEU S 624 10.59 3.84 -123.07
CA LEU S 624 10.83 4.70 -121.91
C LEU S 624 11.92 4.02 -121.08
N PRO S 625 12.96 4.74 -120.62
CA PRO S 625 14.12 4.13 -119.96
C PRO S 625 13.71 3.20 -118.84
N THR S 626 12.76 3.66 -118.03
CA THR S 626 12.13 2.96 -116.92
C THR S 626 11.71 1.54 -117.26
N PHE S 627 11.30 1.24 -118.50
CA PHE S 627 10.78 -0.08 -118.90
C PHE S 627 11.63 -0.75 -119.96
N LYS S 628 12.49 0.01 -120.64
CA LYS S 628 13.62 -0.55 -121.37
C LYS S 628 14.57 -1.25 -120.42
N ASP S 629 14.69 -0.75 -119.20
CA ASP S 629 15.43 -1.35 -118.10
C ASP S 629 14.97 -2.77 -117.70
N ARG S 630 13.81 -3.26 -118.18
CA ARG S 630 13.14 -4.47 -117.64
C ARG S 630 12.65 -5.49 -118.65
N VAL S 631 12.73 -6.76 -118.26
CA VAL S 631 11.89 -7.84 -118.82
C VAL S 631 10.43 -7.46 -118.56
N PRO S 632 9.57 -7.40 -119.59
CA PRO S 632 8.18 -6.99 -119.40
C PRO S 632 7.44 -7.98 -118.51
N GLU S 633 6.68 -7.46 -117.57
CA GLU S 633 5.99 -8.29 -116.59
C GLU S 633 4.61 -8.74 -117.07
N TYR S 634 4.01 -8.02 -118.03
CA TYR S 634 2.72 -8.35 -118.60
C TYR S 634 2.49 -9.83 -118.99
N PRO S 635 3.49 -10.61 -119.43
CA PRO S 635 3.24 -12.00 -119.82
C PRO S 635 2.76 -12.86 -118.65
N ALA S 636 3.15 -12.51 -117.42
CA ALA S 636 2.66 -13.18 -116.24
C ALA S 636 1.14 -13.07 -116.12
N TRP S 637 0.55 -12.01 -116.66
CA TRP S 637 -0.89 -11.81 -116.64
C TRP S 637 -1.60 -12.84 -117.51
N PHE S 638 -1.12 -12.99 -118.74
CA PHE S 638 -1.75 -13.84 -119.75
C PHE S 638 -1.46 -15.32 -119.56
N GLU S 639 -0.35 -15.65 -118.92
CA GLU S 639 0.14 -17.01 -118.80
C GLU S 639 -0.90 -18.06 -118.39
N PRO S 640 -1.78 -17.81 -117.43
CA PRO S 640 -2.80 -18.79 -117.08
C PRO S 640 -3.77 -19.07 -118.23
N PHE S 641 -4.09 -18.04 -119.01
CA PHE S 641 -4.99 -18.14 -120.15
C PHE S 641 -4.35 -18.88 -121.30
N VAL S 642 -3.05 -18.72 -121.43
CA VAL S 642 -2.24 -19.52 -122.34
C VAL S 642 -2.18 -20.96 -121.90
N ILE S 643 -2.03 -21.20 -120.62
CA ILE S 643 -2.05 -22.55 -120.09
C ILE S 643 -3.42 -23.16 -120.31
N GLN S 644 -4.49 -22.45 -119.99
CA GLN S 644 -5.84 -22.86 -120.33
C GLN S 644 -5.98 -23.21 -121.80
N TRP S 645 -5.47 -22.32 -122.64
CA TRP S 645 -5.44 -22.61 -124.05
C TRP S 645 -4.68 -23.91 -124.32
N LEU S 646 -3.48 -24.11 -123.77
CA LEU S 646 -2.69 -25.33 -123.90
C LEU S 646 -3.46 -26.56 -123.42
N ASP S 647 -4.34 -26.38 -122.46
CA ASP S 647 -5.16 -27.44 -121.93
C ASP S 647 -6.26 -27.81 -122.90
N GLU S 648 -7.05 -26.81 -123.31
CA GLU S 648 -8.07 -26.98 -124.33
C GLU S 648 -7.44 -27.66 -125.55
N ASN S 649 -6.29 -27.13 -125.94
CA ASN S 649 -5.49 -27.62 -127.02
C ASN S 649 -5.10 -29.07 -126.82
N GLU S 650 -4.52 -29.45 -125.69
CA GLU S 650 -4.11 -30.84 -125.53
C GLU S 650 -5.31 -31.78 -125.63
N GLU S 651 -6.43 -31.42 -125.01
CA GLU S 651 -7.55 -32.33 -124.96
C GLU S 651 -8.15 -32.50 -126.34
N VAL S 652 -8.37 -31.38 -127.04
CA VAL S 652 -8.67 -31.39 -128.47
C VAL S 652 -7.67 -32.25 -129.22
N SER S 653 -6.38 -32.10 -128.97
CA SER S 653 -5.32 -32.86 -129.65
C SER S 653 -5.42 -34.35 -129.34
N ARG S 654 -5.88 -34.74 -128.16
CA ARG S 654 -5.95 -36.14 -127.78
C ARG S 654 -7.20 -36.77 -128.36
N ASP S 655 -8.29 -36.03 -128.41
CA ASP S 655 -9.48 -36.41 -129.15
C ASP S 655 -9.20 -36.54 -130.65
N PHE S 656 -8.51 -35.55 -131.22
CA PHE S 656 -8.00 -35.57 -132.58
C PHE S 656 -7.13 -36.79 -132.81
N LEU S 657 -6.19 -37.08 -131.89
CA LEU S 657 -5.27 -38.22 -132.01
C LEU S 657 -6.04 -39.52 -132.17
N HIS S 658 -7.05 -39.72 -131.33
CA HIS S 658 -7.87 -40.92 -131.41
C HIS S 658 -8.63 -40.94 -132.73
N GLY S 659 -9.25 -39.83 -133.12
CA GLY S 659 -9.87 -39.73 -134.44
C GLY S 659 -8.90 -40.10 -135.58
N ALA S 660 -7.71 -39.53 -135.60
CA ALA S 660 -6.72 -39.74 -136.66
C ALA S 660 -6.26 -41.20 -136.71
N LEU S 661 -5.91 -41.78 -135.55
CA LEU S 661 -5.58 -43.19 -135.43
C LEU S 661 -6.71 -44.06 -135.95
N GLU S 662 -7.95 -43.72 -135.61
CA GLU S 662 -9.10 -44.51 -135.99
C GLU S 662 -9.42 -44.38 -137.48
N ARG S 663 -9.26 -43.20 -138.08
CA ARG S 663 -9.38 -43.00 -139.53
C ARG S 663 -8.31 -43.79 -140.27
N ASP S 664 -7.10 -43.78 -139.76
CA ASP S 664 -6.01 -44.56 -140.32
C ASP S 664 -6.25 -46.07 -140.14
N LYS S 665 -6.76 -46.49 -138.98
CA LYS S 665 -7.20 -47.86 -138.71
C LYS S 665 -8.28 -48.31 -139.65
N LYS S 666 -9.23 -47.43 -139.94
CA LYS S 666 -10.28 -47.67 -140.91
C LYS S 666 -9.70 -47.80 -142.32
N ASP S 667 -8.72 -46.98 -142.63
CA ASP S 667 -7.83 -47.19 -143.77
C ASP S 667 -6.87 -48.39 -143.62
N GLY S 668 -7.10 -49.32 -142.68
CA GLY S 668 -6.27 -50.52 -142.48
C GLY S 668 -4.79 -50.23 -142.21
N PHE S 669 -4.45 -49.00 -141.80
CA PHE S 669 -3.09 -48.47 -141.70
C PHE S 669 -2.24 -48.64 -142.97
N GLN S 670 -2.73 -48.21 -144.13
CA GLN S 670 -1.86 -48.15 -145.31
C GLN S 670 -0.65 -47.22 -145.08
N GLN S 671 0.49 -47.56 -145.65
CA GLN S 671 1.61 -46.64 -145.71
C GLN S 671 1.24 -45.43 -146.56
N THR S 672 1.70 -44.27 -146.13
CA THR S 672 1.38 -42.98 -146.74
C THR S 672 1.79 -42.91 -148.20
N SER S 673 2.83 -43.67 -148.54
CA SER S 673 3.09 -44.21 -149.86
C SER S 673 4.00 -45.42 -149.69
N GLU S 674 4.23 -46.19 -150.74
CA GLU S 674 5.08 -47.37 -150.67
C GLU S 674 6.55 -47.10 -150.28
N HIS S 675 6.92 -45.81 -150.26
CA HIS S 675 8.21 -45.30 -149.82
C HIS S 675 8.07 -44.35 -148.60
N ALA S 676 6.90 -43.75 -148.34
CA ALA S 676 6.56 -43.08 -147.07
C ALA S 676 5.94 -44.10 -146.12
N LEU S 677 6.82 -44.84 -145.44
CA LEU S 677 6.58 -46.16 -144.87
C LEU S 677 5.64 -46.20 -143.65
N PHE S 678 5.43 -45.06 -143.01
CA PHE S 678 4.44 -44.85 -141.96
C PHE S 678 3.08 -44.51 -142.56
N SER S 679 2.01 -44.63 -141.80
CA SER S 679 0.67 -44.25 -142.17
C SER S 679 0.31 -42.82 -141.72
N CYS S 680 -0.77 -42.30 -142.32
CA CYS S 680 -1.07 -40.87 -142.37
C CYS S 680 -1.28 -40.21 -141.00
N SER S 681 -1.80 -40.96 -140.02
CA SER S 681 -2.05 -40.44 -138.69
C SER S 681 -0.80 -39.81 -138.09
N VAL S 682 0.38 -40.35 -138.37
CA VAL S 682 1.63 -39.77 -137.89
C VAL S 682 1.78 -38.32 -138.34
N VAL S 683 1.50 -38.12 -139.61
CA VAL S 683 1.57 -36.85 -140.29
C VAL S 683 0.56 -35.89 -139.70
N ASP S 684 -0.69 -36.34 -139.61
CA ASP S 684 -1.80 -35.56 -139.08
C ASP S 684 -1.47 -35.05 -137.69
N VAL S 685 -0.93 -35.93 -136.86
CA VAL S 685 -0.55 -35.63 -135.50
C VAL S 685 0.56 -34.61 -135.49
N PHE S 686 1.63 -34.82 -136.24
CA PHE S 686 2.67 -33.80 -136.27
C PHE S 686 2.14 -32.49 -136.82
N SER S 687 1.31 -32.51 -137.84
CA SER S 687 0.65 -31.32 -138.33
C SER S 687 -0.10 -30.61 -137.21
N GLN S 688 -0.94 -31.33 -136.49
CA GLN S 688 -1.69 -30.76 -135.40
C GLN S 688 -0.75 -30.16 -134.35
N LEU S 689 0.23 -30.93 -133.93
CA LEU S 689 1.17 -30.53 -132.92
C LEU S 689 1.92 -29.28 -133.33
N ASN S 690 2.25 -29.17 -134.60
CA ASN S 690 2.90 -27.99 -135.10
C ASN S 690 1.91 -26.81 -135.15
N GLN S 691 0.68 -26.98 -135.66
CA GLN S 691 -0.31 -25.89 -135.62
C GLN S 691 -0.44 -25.34 -134.20
N SER S 692 -0.52 -26.27 -133.26
CA SER S 692 -0.57 -26.00 -131.84
C SER S 692 0.67 -25.27 -131.35
N PHE S 693 1.85 -25.82 -131.60
CA PHE S 693 3.09 -25.23 -131.14
C PHE S 693 3.21 -23.80 -131.65
N GLU S 694 2.82 -23.58 -132.90
CA GLU S 694 2.96 -22.28 -133.50
C GLU S 694 2.04 -21.26 -132.85
N ILE S 695 0.85 -21.66 -132.45
CA ILE S 695 -0.01 -20.79 -131.65
C ILE S 695 0.69 -20.32 -130.39
N ILE S 696 1.43 -21.19 -129.73
CA ILE S 696 2.28 -20.79 -128.59
C ILE S 696 3.37 -19.85 -129.09
N LYS S 697 4.08 -20.28 -130.12
CA LYS S 697 5.31 -19.64 -130.52
C LYS S 697 5.05 -18.19 -130.91
N LYS S 698 3.93 -17.96 -131.60
CA LYS S 698 3.35 -16.65 -131.98
C LYS S 698 3.11 -15.66 -130.84
N LEU S 699 3.26 -16.08 -129.59
CA LEU S 699 3.21 -15.15 -128.47
C LEU S 699 4.58 -14.53 -128.18
N GLU S 700 5.68 -15.23 -128.47
CA GLU S 700 7.06 -14.81 -128.21
C GLU S 700 7.24 -14.15 -126.83
N CYS S 701 6.72 -14.81 -125.80
CA CYS S 701 6.72 -14.26 -124.44
C CYS S 701 8.13 -13.84 -124.00
N PRO S 702 8.35 -12.56 -123.66
CA PRO S 702 9.68 -12.04 -123.32
C PRO S 702 10.15 -12.50 -121.92
N ASP S 703 9.29 -13.13 -121.12
CA ASP S 703 9.68 -13.84 -119.91
C ASP S 703 9.97 -15.32 -120.24
N PRO S 704 11.24 -15.73 -120.31
CA PRO S 704 11.59 -17.07 -120.74
C PRO S 704 11.24 -18.15 -119.72
N GLN S 705 10.91 -17.80 -118.50
CA GLN S 705 10.50 -18.78 -117.49
C GLN S 705 9.03 -19.10 -117.65
N ILE S 706 8.23 -18.09 -117.95
CA ILE S 706 6.85 -18.25 -118.39
C ILE S 706 6.80 -19.04 -119.69
N VAL S 707 7.72 -18.74 -120.63
CA VAL S 707 7.91 -19.62 -121.79
C VAL S 707 8.25 -21.03 -121.35
N GLY S 708 9.23 -21.18 -120.46
CA GLY S 708 9.64 -22.47 -119.96
C GLY S 708 8.45 -23.24 -119.41
N HIS S 709 7.53 -22.55 -118.75
CA HIS S 709 6.31 -23.13 -118.23
C HIS S 709 5.42 -23.64 -119.34
N TYR S 710 5.15 -22.83 -120.36
CA TYR S 710 4.44 -23.30 -121.54
C TYR S 710 5.10 -24.54 -122.12
N MET S 711 6.42 -24.55 -122.20
CA MET S 711 7.17 -25.64 -122.79
C MET S 711 7.12 -26.89 -121.92
N ARG S 712 7.16 -26.74 -120.61
CA ARG S 712 6.97 -27.84 -119.68
C ARG S 712 5.57 -28.42 -119.86
N ARG S 713 4.56 -27.56 -119.77
CA ARG S 713 3.14 -27.86 -120.04
C ARG S 713 2.98 -28.61 -121.35
N PHE S 714 3.57 -28.09 -122.41
CA PHE S 714 3.40 -28.65 -123.73
C PHE S 714 4.22 -29.92 -123.91
N ALA S 715 5.42 -30.01 -123.36
CA ALA S 715 6.21 -31.22 -123.45
C ALA S 715 5.48 -32.39 -122.82
N LYS S 716 4.70 -32.10 -121.79
CA LYS S 716 3.74 -33.03 -121.24
C LYS S 716 2.71 -33.36 -122.28
N THR S 717 2.00 -32.36 -122.84
CA THR S 717 1.04 -32.61 -123.92
C THR S 717 1.56 -33.59 -124.94
N ILE S 718 2.74 -33.27 -125.45
CA ILE S 718 3.44 -34.04 -126.45
C ILE S 718 3.70 -35.44 -125.93
N SER S 719 4.31 -35.56 -124.77
CA SER S 719 4.56 -36.85 -124.17
C SER S 719 3.30 -37.68 -124.07
N ASN S 720 2.24 -37.07 -123.56
CA ASN S 720 0.98 -37.73 -123.36
C ASN S 720 0.38 -38.19 -124.68
N VAL S 721 0.19 -37.26 -125.61
CA VAL S 721 -0.30 -37.54 -126.96
C VAL S 721 0.51 -38.64 -127.61
N LEU S 722 1.82 -38.56 -127.56
CA LEU S 722 2.67 -39.48 -128.31
C LEU S 722 2.74 -40.85 -127.66
N LEU S 723 2.77 -40.91 -126.34
CA LEU S 723 2.72 -42.19 -125.70
C LEU S 723 1.37 -42.82 -125.91
N GLN S 724 0.31 -42.04 -125.88
CA GLN S 724 -1.03 -42.48 -126.19
C GLN S 724 -1.13 -43.00 -127.63
N TYR S 725 -0.50 -42.35 -128.59
CA TYR S 725 -0.35 -42.92 -129.92
C TYR S 725 0.39 -44.26 -129.84
N ALA S 726 1.60 -44.24 -129.30
CA ALA S 726 2.52 -45.37 -129.32
C ALA S 726 1.90 -46.58 -128.64
N ASP S 727 1.15 -46.30 -127.60
CA ASP S 727 0.31 -47.23 -126.91
C ASP S 727 -0.80 -47.74 -127.80
N ILE S 728 -1.65 -46.88 -128.36
CA ILE S 728 -2.76 -47.30 -129.21
C ILE S 728 -2.25 -48.18 -130.35
N VAL S 729 -1.08 -47.84 -130.89
CA VAL S 729 -0.34 -48.71 -131.78
C VAL S 729 0.05 -50.02 -131.11
N SER S 730 0.82 -49.98 -130.03
CA SER S 730 1.37 -51.16 -129.37
C SER S 730 0.30 -52.17 -129.01
N LYS S 731 -0.87 -51.67 -128.65
CA LYS S 731 -2.07 -52.43 -128.37
C LYS S 731 -2.51 -53.21 -129.59
N ASP S 732 -2.78 -52.50 -130.68
CA ASP S 732 -3.25 -53.12 -131.90
C ASP S 732 -2.19 -54.01 -132.56
N PHE S 733 -0.92 -53.73 -132.26
CA PHE S 733 0.23 -54.26 -132.95
C PHE S 733 0.22 -55.78 -133.11
N ALA S 734 0.03 -56.50 -132.01
CA ALA S 734 0.01 -57.96 -132.01
C ALA S 734 -1.13 -58.52 -132.89
N SER S 735 -2.30 -57.88 -132.90
CA SER S 735 -3.41 -58.28 -133.77
C SER S 735 -3.02 -58.18 -135.25
N TYR S 736 -2.16 -57.22 -135.56
CA TYR S 736 -1.62 -57.06 -136.89
C TYR S 736 -0.44 -57.97 -137.20
N CYS S 737 0.23 -58.49 -136.18
CA CYS S 737 1.41 -59.35 -136.36
C CYS S 737 1.13 -60.69 -137.04
N SER S 738 -0.12 -61.06 -137.25
CA SER S 738 -0.44 -62.25 -138.00
C SER S 738 0.18 -62.20 -139.42
N LYS S 739 0.61 -63.37 -139.94
CA LYS S 739 1.58 -63.57 -141.04
C LYS S 739 1.13 -63.15 -142.46
N GLU S 740 0.15 -62.27 -142.58
CA GLU S 740 -0.55 -61.91 -143.81
C GLU S 740 -0.85 -60.42 -143.86
N LYS S 741 -1.21 -59.83 -142.73
CA LYS S 741 -1.27 -58.37 -142.57
C LYS S 741 0.13 -57.77 -142.36
N GLU S 742 1.21 -58.51 -142.60
CA GLU S 742 2.60 -58.16 -142.30
C GLU S 742 3.00 -56.73 -142.68
N LYS S 743 2.43 -56.19 -143.77
CA LYS S 743 2.59 -54.77 -144.12
C LYS S 743 2.25 -53.85 -142.96
N VAL S 744 1.13 -54.10 -142.29
CA VAL S 744 0.63 -53.26 -141.22
C VAL S 744 1.60 -53.17 -140.03
N PRO S 745 2.08 -54.26 -139.39
CA PRO S 745 3.09 -54.13 -138.33
C PRO S 745 4.36 -53.40 -138.78
N CYS S 746 4.82 -53.61 -140.02
CA CYS S 746 5.92 -52.82 -140.56
C CYS S 746 5.57 -51.33 -140.48
N ILE S 747 4.44 -50.95 -141.06
CA ILE S 747 3.95 -49.58 -141.12
C ILE S 747 3.80 -48.98 -139.73
N LEU S 748 3.23 -49.72 -138.79
CA LEU S 748 3.10 -49.28 -137.40
C LEU S 748 4.47 -49.06 -136.73
N MET S 749 5.43 -49.96 -136.93
CA MET S 749 6.79 -49.72 -136.46
C MET S 749 7.41 -48.50 -137.15
N ASN S 750 7.15 -48.30 -138.44
CA ASN S 750 7.56 -47.12 -139.15
C ASN S 750 6.85 -45.87 -138.63
N ASN S 751 5.59 -45.96 -138.20
CA ASN S 751 4.90 -44.85 -137.57
C ASN S 751 5.65 -44.43 -136.35
N THR S 752 5.91 -45.42 -135.50
CA THR S 752 6.58 -45.27 -134.21
C THR S 752 7.93 -44.59 -134.40
N GLN S 753 8.73 -45.16 -135.29
CA GLN S 753 10.00 -44.59 -135.65
C GLN S 753 9.84 -43.19 -136.27
N GLN S 754 8.82 -43.00 -137.10
CA GLN S 754 8.53 -41.71 -137.67
C GLN S 754 8.12 -40.70 -136.59
N LEU S 755 7.41 -41.12 -135.54
CA LEU S 755 7.17 -40.29 -134.37
C LEU S 755 8.49 -39.85 -133.85
N ARG S 756 9.39 -40.78 -133.51
CA ARG S 756 10.69 -40.43 -132.93
C ARG S 756 11.39 -39.40 -133.80
N VAL S 757 11.45 -39.70 -135.09
CA VAL S 757 12.07 -38.85 -136.08
C VAL S 757 11.47 -37.46 -136.06
N GLN S 758 10.15 -37.32 -136.21
CA GLN S 758 9.53 -36.00 -136.17
C GLN S 758 9.57 -35.36 -134.79
N LEU S 759 9.60 -36.16 -133.74
CA LEU S 759 9.72 -35.68 -132.39
C LEU S 759 11.06 -34.99 -132.25
N GLU S 760 12.15 -35.58 -132.74
CA GLU S 760 13.45 -34.92 -132.75
C GLU S 760 13.32 -33.56 -133.43
N LYS S 761 12.63 -33.52 -134.59
CA LYS S 761 12.38 -32.26 -135.32
C LYS S 761 11.58 -31.26 -134.49
N MET S 762 10.47 -31.68 -133.90
CA MET S 762 9.63 -30.80 -133.09
C MET S 762 10.38 -30.30 -131.86
N PHE S 763 11.16 -31.17 -131.23
CA PHE S 763 12.03 -30.81 -130.12
C PHE S 763 12.99 -29.72 -130.58
N GLU S 764 13.65 -29.89 -131.73
CA GLU S 764 14.41 -28.79 -132.31
C GLU S 764 13.54 -27.55 -132.55
N ALA S 765 12.34 -27.71 -133.08
CA ALA S 765 11.44 -26.60 -133.37
C ALA S 765 11.07 -25.82 -132.09
N MET S 766 10.90 -26.51 -130.99
CA MET S 766 10.75 -25.95 -129.65
C MET S 766 12.04 -25.32 -129.11
N GLY S 767 13.08 -25.21 -129.93
CA GLY S 767 14.36 -24.66 -129.53
C GLY S 767 15.24 -25.73 -128.91
N GLY S 768 15.18 -26.96 -129.42
CA GLY S 768 16.16 -28.02 -129.25
C GLY S 768 16.91 -28.04 -127.93
N LYS S 769 18.24 -27.95 -127.97
CA LYS S 769 19.09 -28.01 -126.77
C LYS S 769 19.04 -26.73 -125.95
N GLU S 770 18.49 -25.67 -126.52
CA GLU S 770 18.18 -24.42 -125.85
C GLU S 770 16.93 -24.54 -124.96
N LEU S 771 16.12 -25.58 -125.15
CA LEU S 771 14.84 -25.82 -124.47
C LEU S 771 14.99 -25.87 -122.95
N ASP S 772 13.93 -25.46 -122.25
CA ASP S 772 13.77 -25.68 -120.83
C ASP S 772 14.16 -27.10 -120.43
N ALA S 773 15.01 -27.23 -119.42
CA ALA S 773 15.61 -28.51 -119.06
C ALA S 773 14.58 -29.59 -118.67
N GLU S 774 13.36 -29.23 -118.26
CA GLU S 774 12.35 -30.17 -117.80
C GLU S 774 11.34 -30.53 -118.88
N ALA S 775 10.99 -29.56 -119.73
CA ALA S 775 10.41 -29.87 -121.01
C ALA S 775 11.35 -30.81 -121.77
N SER S 776 12.64 -30.49 -121.82
CA SER S 776 13.67 -31.34 -122.42
C SER S 776 13.73 -32.69 -121.72
N GLY S 777 13.81 -32.74 -120.39
CA GLY S 777 13.74 -33.99 -119.60
C GLY S 777 12.56 -34.85 -120.04
N THR S 778 11.40 -34.23 -120.16
CA THR S 778 10.17 -34.89 -120.60
C THR S 778 10.31 -35.48 -121.99
N LEU S 779 10.75 -34.68 -122.94
CA LEU S 779 10.88 -35.17 -124.30
C LEU S 779 11.99 -36.22 -124.44
N LYS S 780 13.04 -36.18 -123.61
CA LYS S 780 14.07 -37.22 -123.57
C LYS S 780 13.53 -38.53 -123.03
N GLU S 781 12.85 -38.45 -121.89
CA GLU S 781 12.08 -39.55 -121.32
C GLU S 781 11.15 -40.17 -122.37
N LEU S 782 10.42 -39.32 -123.06
CA LEU S 782 9.46 -39.71 -124.06
C LEU S 782 10.15 -40.50 -125.16
N GLN S 783 11.22 -39.95 -125.73
CA GLN S 783 12.00 -40.59 -126.77
C GLN S 783 12.55 -41.95 -126.31
N VAL S 784 13.06 -42.06 -125.08
CA VAL S 784 13.52 -43.35 -124.54
C VAL S 784 12.40 -44.38 -124.48
N LYS S 785 11.22 -43.97 -124.01
CA LYS S 785 10.06 -44.87 -123.97
C LYS S 785 9.63 -45.29 -125.36
N LEU S 786 9.55 -44.35 -126.29
CA LEU S 786 9.24 -44.64 -127.68
C LEU S 786 10.25 -45.64 -128.27
N ASN S 787 11.54 -45.50 -127.95
CA ASN S 787 12.54 -46.49 -128.35
C ASN S 787 12.23 -47.87 -127.77
N ASN S 788 11.95 -47.95 -126.49
CA ASN S 788 11.71 -49.22 -125.82
C ASN S 788 10.43 -49.87 -126.37
N VAL S 789 9.38 -49.07 -126.60
CA VAL S 789 8.19 -49.52 -127.34
C VAL S 789 8.61 -50.19 -128.64
N LEU S 790 9.44 -49.52 -129.46
CA LEU S 790 9.83 -50.04 -130.77
C LEU S 790 10.60 -51.37 -130.70
N ASP S 791 11.43 -51.55 -129.67
CA ASP S 791 12.03 -52.87 -129.42
C ASP S 791 10.96 -53.93 -129.20
N GLU S 792 9.99 -53.65 -128.34
CA GLU S 792 8.99 -54.65 -128.01
C GLU S 792 8.09 -54.95 -129.21
N LEU S 793 7.75 -53.95 -130.01
CA LEU S 793 7.05 -54.20 -131.26
C LEU S 793 7.90 -55.06 -132.20
N SER S 794 9.18 -54.76 -132.39
CA SER S 794 10.05 -55.59 -133.24
C SER S 794 10.09 -57.05 -132.79
N HIS S 795 10.09 -57.24 -131.47
CA HIS S 795 10.10 -58.54 -130.87
C HIS S 795 8.78 -59.26 -131.10
N VAL S 796 7.67 -58.63 -130.69
CA VAL S 796 6.32 -59.14 -130.87
C VAL S 796 6.09 -59.51 -132.33
N PHE S 797 6.58 -58.68 -133.23
CA PHE S 797 6.49 -58.94 -134.65
C PHE S 797 7.28 -60.17 -135.06
N ALA S 798 8.60 -60.18 -134.81
CA ALA S 798 9.46 -61.30 -135.15
C ALA S 798 8.95 -62.62 -134.57
N THR S 799 8.37 -62.55 -133.39
CA THR S 799 7.78 -63.66 -132.68
C THR S 799 6.61 -64.29 -133.44
N SER S 800 5.75 -63.55 -134.12
CA SER S 800 4.60 -64.18 -134.81
C SER S 800 5.03 -65.09 -135.97
N PHE S 801 6.24 -64.92 -136.49
CA PHE S 801 6.85 -65.79 -137.49
C PHE S 801 7.54 -66.99 -136.89
N GLN S 802 7.86 -66.95 -135.60
CA GLN S 802 8.56 -68.01 -134.90
C GLN S 802 8.00 -69.41 -135.18
N PRO S 803 6.67 -69.64 -135.20
CA PRO S 803 6.14 -70.97 -135.47
C PRO S 803 6.50 -71.44 -136.88
N HIS S 804 6.37 -70.53 -137.84
CA HIS S 804 6.72 -70.79 -139.21
C HIS S 804 8.21 -71.05 -139.35
N ILE S 805 9.02 -70.28 -138.64
CA ILE S 805 10.47 -70.43 -138.62
C ILE S 805 10.82 -71.81 -138.05
N GLU S 806 10.30 -72.15 -136.88
CA GLU S 806 10.53 -73.44 -136.24
C GLU S 806 10.08 -74.61 -137.09
N GLU S 807 8.93 -74.46 -137.73
CA GLU S 807 8.41 -75.42 -138.66
C GLU S 807 9.39 -75.64 -139.82
N CYS S 808 9.69 -74.56 -140.55
CA CYS S 808 10.65 -74.59 -141.64
C CYS S 808 11.96 -75.21 -141.19
N VAL S 809 12.52 -74.76 -140.07
CA VAL S 809 13.80 -75.25 -139.54
C VAL S 809 13.70 -76.74 -139.23
N ARG S 810 12.59 -77.20 -138.67
CA ARG S 810 12.41 -78.64 -138.46
C ARG S 810 12.42 -79.36 -139.80
N GLN S 811 11.75 -78.84 -140.84
CA GLN S 811 11.83 -79.44 -142.17
C GLN S 811 13.25 -79.42 -142.70
N MET S 812 13.99 -78.34 -142.51
CA MET S 812 15.36 -78.27 -142.95
C MET S 812 16.19 -79.33 -142.20
N GLY S 813 15.93 -79.53 -140.91
CA GLY S 813 16.52 -80.60 -140.12
C GLY S 813 16.15 -81.98 -140.65
N ASP S 814 14.89 -82.18 -141.02
CA ASP S 814 14.43 -83.39 -141.69
C ASP S 814 15.19 -83.62 -143.00
N ILE S 815 15.31 -82.59 -143.82
CA ILE S 815 16.03 -82.65 -145.08
C ILE S 815 17.52 -82.93 -144.84
N LEU S 816 18.12 -82.31 -143.82
CA LEU S 816 19.53 -82.55 -143.49
C LEU S 816 19.75 -83.99 -143.05
N SER S 817 18.81 -84.62 -142.34
CA SER S 817 18.99 -86.00 -141.87
C SER S 817 19.14 -87.03 -143.00
N GLN S 818 18.86 -86.66 -144.24
CA GLN S 818 19.10 -87.46 -145.44
C GLN S 818 20.58 -87.41 -145.84
N VAL S 819 21.22 -86.25 -145.63
CA VAL S 819 22.67 -86.09 -145.63
C VAL S 819 23.23 -86.78 -144.39
N LYS S 820 24.32 -87.52 -144.53
CA LYS S 820 25.08 -88.00 -143.37
C LYS S 820 26.57 -87.71 -143.57
N GLY S 821 27.48 -88.42 -142.93
CA GLY S 821 28.90 -88.16 -143.10
C GLY S 821 29.42 -88.70 -144.41
N THR S 822 29.22 -87.96 -145.51
CA THR S 822 29.16 -88.59 -146.85
C THR S 822 30.50 -88.86 -147.53
N GLY S 823 31.62 -88.75 -146.81
CA GLY S 823 32.79 -89.59 -147.15
C GLY S 823 32.54 -91.08 -146.92
N ASN S 824 31.54 -91.42 -146.09
CA ASN S 824 31.07 -92.78 -145.77
C ASN S 824 29.64 -93.06 -146.33
N VAL S 825 29.17 -92.37 -147.40
CA VAL S 825 27.80 -92.51 -147.97
C VAL S 825 27.75 -92.27 -149.50
N PRO S 826 26.83 -92.89 -150.27
CA PRO S 826 26.67 -92.69 -151.73
C PRO S 826 26.34 -91.26 -152.21
N ALA S 827 26.56 -91.03 -153.51
CA ALA S 827 26.52 -89.74 -154.22
C ALA S 827 25.19 -88.96 -154.24
N SER S 828 24.08 -89.52 -153.76
CA SER S 828 22.82 -88.77 -153.55
C SER S 828 22.82 -87.97 -152.25
N ALA S 829 23.66 -88.36 -151.29
CA ALA S 829 23.92 -87.63 -150.06
C ALA S 829 25.39 -87.16 -149.98
N CYS S 830 26.33 -87.79 -150.68
CA CYS S 830 27.56 -87.13 -151.17
C CYS S 830 27.28 -86.27 -152.42
N SER S 831 25.99 -85.99 -152.66
CA SER S 831 25.47 -84.82 -153.36
C SER S 831 26.24 -83.59 -152.89
N SER S 832 26.52 -82.64 -153.77
CA SER S 832 27.47 -81.57 -153.43
C SER S 832 27.01 -80.85 -152.18
N VAL S 833 27.98 -80.27 -151.47
CA VAL S 833 27.73 -79.47 -150.28
C VAL S 833 26.67 -78.39 -150.56
N ALA S 834 26.70 -77.81 -151.76
CA ALA S 834 25.72 -76.84 -152.25
C ALA S 834 24.32 -77.44 -152.47
N GLN S 835 24.19 -78.55 -153.21
CA GLN S 835 22.88 -79.15 -153.46
C GLN S 835 22.18 -79.56 -152.17
N ASP S 836 22.92 -80.23 -151.28
CA ASP S 836 22.42 -80.54 -149.96
C ASP S 836 22.02 -79.27 -149.20
N ALA S 837 22.87 -78.23 -149.17
CA ALA S 837 22.53 -76.99 -148.49
C ALA S 837 21.26 -76.39 -149.08
N ASP S 838 21.11 -76.36 -150.41
CA ASP S 838 19.92 -75.85 -151.08
C ASP S 838 18.67 -76.64 -150.69
N ASN S 839 18.74 -77.96 -150.78
CA ASN S 839 17.64 -78.84 -150.41
C ASN S 839 17.21 -78.51 -148.98
N VAL S 840 18.19 -78.57 -148.09
CA VAL S 840 18.05 -78.26 -146.69
C VAL S 840 17.42 -76.90 -146.51
N LEU S 841 18.01 -75.86 -147.10
CA LEU S 841 17.64 -74.45 -147.01
C LEU S 841 16.24 -74.17 -147.51
N GLN S 842 15.71 -75.01 -148.39
CA GLN S 842 14.64 -74.52 -149.21
C GLN S 842 13.40 -74.07 -148.42
N PRO S 843 12.94 -74.82 -147.40
CA PRO S 843 11.80 -74.41 -146.59
C PRO S 843 11.90 -73.00 -146.04
N ILE S 844 13.10 -72.56 -145.67
CA ILE S 844 13.27 -71.21 -145.13
C ILE S 844 13.54 -70.17 -146.23
N MET S 845 14.28 -70.50 -147.29
CA MET S 845 14.66 -69.49 -148.27
C MET S 845 13.44 -68.89 -148.95
N ASP S 846 12.42 -69.72 -149.15
CA ASP S 846 11.12 -69.29 -149.66
C ASP S 846 10.51 -68.21 -148.77
N LEU S 847 10.36 -68.54 -147.48
CA LEU S 847 9.84 -67.64 -146.46
C LEU S 847 10.69 -66.37 -146.43
N LEU S 848 12.01 -66.54 -146.31
CA LEU S 848 12.96 -65.46 -146.16
C LEU S 848 12.87 -64.50 -147.32
N ASP S 849 13.03 -64.98 -148.54
CA ASP S 849 13.33 -64.10 -149.63
C ASP S 849 12.17 -63.13 -149.81
N SER S 850 10.99 -63.71 -149.90
CA SER S 850 9.74 -62.99 -149.99
C SER S 850 9.63 -61.98 -148.86
N ASN S 851 9.72 -62.44 -147.62
CA ASN S 851 9.46 -61.58 -146.48
C ASN S 851 10.53 -60.53 -146.32
N LEU S 852 11.81 -60.89 -146.36
CA LEU S 852 12.89 -59.92 -146.23
C LEU S 852 12.82 -58.92 -147.35
N THR S 853 12.47 -59.32 -148.57
CA THR S 853 12.33 -58.35 -149.64
C THR S 853 11.16 -57.42 -149.37
N LEU S 854 10.00 -57.97 -149.01
CA LEU S 854 8.84 -57.18 -148.65
C LEU S 854 9.19 -56.20 -147.53
N PHE S 855 9.82 -56.68 -146.46
CA PHE S 855 10.20 -55.88 -145.30
C PHE S 855 11.27 -54.87 -145.67
N ALA S 856 12.25 -55.23 -146.50
CA ALA S 856 13.24 -54.28 -146.96
C ALA S 856 12.61 -53.16 -147.79
N LYS S 857 11.58 -53.48 -148.59
CA LYS S 857 10.79 -52.47 -149.29
C LYS S 857 10.02 -51.58 -148.30
N ILE S 858 9.36 -52.18 -147.30
CA ILE S 858 8.33 -51.49 -146.51
C ILE S 858 8.67 -51.11 -145.06
N CYS S 859 9.82 -51.50 -144.50
CA CYS S 859 10.27 -51.11 -143.16
C CYS S 859 11.35 -50.04 -143.21
N GLU S 860 11.23 -49.06 -142.30
CA GLU S 860 12.30 -48.10 -142.04
C GLU S 860 13.51 -48.81 -141.45
N LYS S 861 14.72 -48.32 -141.69
CA LYS S 861 15.92 -49.14 -141.47
C LYS S 861 16.11 -49.49 -139.98
N THR S 862 15.90 -48.53 -139.10
CA THR S 862 15.74 -48.71 -137.64
C THR S 862 14.80 -49.85 -137.30
N VAL S 863 13.60 -49.79 -137.88
CA VAL S 863 12.55 -50.79 -137.69
C VAL S 863 13.05 -52.16 -138.13
N LEU S 864 13.52 -52.21 -139.38
CA LEU S 864 13.96 -53.41 -140.05
C LEU S 864 15.09 -54.05 -139.26
N LYS S 865 16.06 -53.29 -138.80
CA LYS S 865 17.23 -53.84 -138.13
C LYS S 865 16.80 -54.55 -136.88
N ARG S 866 15.91 -53.92 -136.11
CA ARG S 866 15.35 -54.51 -134.89
C ARG S 866 14.59 -55.79 -135.22
N VAL S 867 13.71 -55.71 -136.21
CA VAL S 867 12.97 -56.88 -136.70
C VAL S 867 13.93 -58.00 -137.06
N LEU S 868 14.95 -57.68 -137.84
CA LEU S 868 15.91 -58.64 -138.31
C LEU S 868 16.75 -59.20 -137.18
N LYS S 869 17.16 -58.41 -136.21
CA LYS S 869 17.94 -58.93 -135.07
C LYS S 869 17.13 -59.96 -134.32
N GLU S 870 15.89 -59.61 -134.04
CA GLU S 870 14.94 -60.47 -133.37
C GLU S 870 14.74 -61.77 -134.14
N LEU S 871 14.49 -61.64 -135.43
CA LEU S 871 14.37 -62.78 -136.32
C LEU S 871 15.66 -63.59 -136.35
N TRP S 872 16.81 -62.94 -136.45
CA TRP S 872 18.12 -63.56 -136.60
C TRP S 872 18.43 -64.44 -135.42
N LYS S 873 18.32 -63.86 -134.24
CA LYS S 873 18.42 -64.56 -132.97
C LYS S 873 17.52 -65.77 -132.99
N LEU S 874 16.23 -65.53 -133.25
CA LEU S 874 15.21 -66.56 -133.30
C LEU S 874 15.64 -67.68 -134.23
N VAL S 875 16.02 -67.35 -135.45
CA VAL S 875 16.47 -68.29 -136.47
C VAL S 875 17.66 -69.07 -135.98
N MET S 876 18.75 -68.39 -135.65
CA MET S 876 19.98 -68.98 -135.16
C MET S 876 19.73 -69.99 -134.06
N ASN S 877 18.99 -69.56 -133.06
CA ASN S 877 18.65 -70.39 -131.93
C ASN S 877 17.82 -71.59 -132.38
N THR S 878 16.86 -71.35 -133.25
CA THR S 878 16.02 -72.41 -133.81
C THR S 878 16.87 -73.44 -134.51
N MET S 879 17.79 -73.05 -135.36
CA MET S 879 18.67 -73.99 -136.04
C MET S 879 19.56 -74.72 -135.06
N GLU S 880 20.13 -73.98 -134.12
CA GLU S 880 21.05 -74.57 -133.17
C GLU S 880 20.38 -75.68 -132.39
N ARG S 881 19.17 -75.41 -131.91
CA ARG S 881 18.30 -76.37 -131.27
C ARG S 881 17.89 -77.44 -132.28
N THR S 882 17.02 -77.09 -133.20
CA THR S 882 16.29 -77.96 -134.10
C THR S 882 17.17 -78.70 -135.10
N ILE S 883 18.44 -78.33 -135.27
CA ILE S 883 19.31 -78.92 -136.28
C ILE S 883 20.66 -79.31 -135.73
N VAL S 884 21.32 -78.48 -134.90
CA VAL S 884 22.69 -78.80 -134.49
C VAL S 884 22.76 -79.55 -133.19
N LEU S 885 21.79 -79.33 -132.32
CA LEU S 885 21.54 -80.19 -131.19
C LEU S 885 20.17 -80.82 -131.40
N PRO S 886 19.98 -81.46 -132.56
CA PRO S 886 18.67 -81.62 -133.16
C PRO S 886 17.81 -82.62 -132.40
N PRO S 887 16.49 -82.58 -132.63
CA PRO S 887 15.63 -83.73 -132.39
C PRO S 887 16.13 -84.95 -133.19
N GLU S 888 16.56 -84.78 -134.46
CA GLU S 888 17.25 -85.82 -135.25
C GLU S 888 18.68 -86.20 -134.78
N PHE S 889 18.95 -86.13 -133.47
CA PHE S 889 20.05 -86.86 -132.84
C PHE S 889 19.75 -87.23 -131.37
N LEU S 890 19.72 -86.28 -130.43
CA LEU S 890 19.78 -86.65 -129.00
C LEU S 890 18.48 -87.28 -128.51
N SER S 891 17.33 -86.88 -129.05
CA SER S 891 16.03 -87.53 -128.79
C SER S 891 15.97 -89.00 -129.24
N LYS S 892 16.97 -89.48 -130.00
CA LYS S 892 17.21 -90.90 -130.23
C LYS S 892 18.19 -91.50 -129.22
N LEU S 893 19.40 -90.94 -129.10
CA LEU S 893 20.47 -91.52 -128.26
C LEU S 893 20.08 -91.64 -126.78
N LYS S 894 19.44 -90.61 -126.21
CA LYS S 894 19.00 -90.63 -124.81
C LYS S 894 17.63 -91.33 -124.62
N ASP S 895 17.08 -91.92 -125.68
CA ASP S 895 15.81 -92.64 -125.70
C ASP S 895 16.03 -94.16 -125.94
N HIS S 896 14.95 -94.94 -125.97
CA HIS S 896 14.95 -96.36 -126.36
C HIS S 896 15.31 -96.57 -127.84
N MET S 897 15.28 -95.50 -128.62
CA MET S 897 15.75 -95.42 -130.01
C MET S 897 17.28 -95.59 -130.09
N VAL S 898 17.82 -95.41 -131.30
CA VAL S 898 19.23 -95.70 -131.63
C VAL S 898 20.21 -94.86 -130.80
N ARG S 899 21.25 -95.52 -130.28
CA ARG S 899 22.51 -94.96 -129.74
C ARG S 899 23.26 -94.21 -130.85
N GLU S 900 22.70 -93.08 -131.23
CA GLU S 900 22.89 -92.55 -132.58
C GLU S 900 24.33 -92.25 -132.93
N GLU S 901 24.53 -92.28 -134.23
CA GLU S 901 25.56 -91.54 -134.88
C GLU S 901 25.03 -90.32 -135.64
N ALA S 902 23.71 -90.22 -135.84
CA ALA S 902 23.06 -89.50 -136.94
C ALA S 902 23.70 -89.86 -138.29
N LYS S 903 24.13 -91.13 -138.37
CA LYS S 903 25.07 -91.71 -139.35
C LYS S 903 26.28 -90.81 -139.64
N SER S 904 26.89 -90.39 -138.55
CA SER S 904 28.11 -89.59 -138.37
C SER S 904 27.97 -88.14 -138.86
N LEU S 905 27.86 -87.17 -137.94
CA LEU S 905 27.94 -85.73 -138.20
C LEU S 905 29.38 -85.31 -138.49
N THR S 906 29.93 -85.89 -139.56
CA THR S 906 31.27 -85.60 -140.04
C THR S 906 31.34 -84.20 -140.65
N PRO S 907 32.55 -83.79 -141.05
CA PRO S 907 32.81 -82.86 -142.13
C PRO S 907 31.64 -82.51 -143.06
N LYS S 908 30.94 -83.48 -143.64
CA LYS S 908 29.91 -83.17 -144.62
C LYS S 908 28.73 -82.36 -144.08
N GLN S 909 28.07 -82.81 -143.01
CA GLN S 909 26.99 -82.03 -142.39
C GLN S 909 27.54 -80.88 -141.54
N CYS S 910 28.86 -80.79 -141.33
CA CYS S 910 29.47 -79.56 -140.79
C CYS S 910 29.53 -78.49 -141.88
N ALA S 911 30.10 -78.83 -143.04
CA ALA S 911 29.72 -78.23 -144.31
C ALA S 911 28.21 -78.48 -144.54
N VAL S 912 27.63 -78.04 -145.65
CA VAL S 912 26.17 -78.00 -145.87
C VAL S 912 25.55 -76.98 -144.94
N VAL S 913 25.59 -77.22 -143.63
CA VAL S 913 25.16 -76.29 -142.59
C VAL S 913 26.01 -75.04 -142.62
N GLU S 914 27.34 -75.12 -142.62
CA GLU S 914 28.16 -73.91 -142.66
C GLU S 914 27.86 -73.07 -143.91
N LEU S 915 27.63 -73.73 -145.04
CA LEU S 915 27.22 -73.05 -146.26
C LEU S 915 25.80 -72.48 -146.16
N ALA S 916 24.88 -73.23 -145.58
CA ALA S 916 23.51 -72.80 -145.39
C ALA S 916 23.49 -71.59 -144.46
N LEU S 917 24.21 -71.65 -143.35
CA LEU S 917 24.47 -70.53 -142.44
C LEU S 917 25.00 -69.36 -143.22
N ASP S 918 26.00 -69.57 -144.07
CA ASP S 918 26.53 -68.47 -144.85
C ASP S 918 25.47 -67.87 -145.76
N THR S 919 24.72 -68.73 -146.46
CA THR S 919 23.64 -68.32 -147.34
C THR S 919 22.63 -67.48 -146.61
N ILE S 920 22.21 -67.96 -145.45
CA ILE S 920 21.32 -67.28 -144.53
C ILE S 920 21.95 -65.97 -144.08
N LYS S 921 23.23 -65.96 -143.73
CA LYS S 921 23.96 -64.79 -143.27
C LYS S 921 24.03 -63.75 -144.37
N GLN S 922 24.22 -64.16 -145.62
CA GLN S 922 24.12 -63.27 -146.77
C GLN S 922 22.70 -62.76 -146.94
N TYR S 923 21.71 -63.61 -146.70
CA TYR S 923 20.30 -63.25 -146.74
C TYR S 923 19.92 -62.20 -145.70
N PHE S 924 20.21 -62.47 -144.42
CA PHE S 924 20.03 -61.54 -143.30
C PHE S 924 20.86 -60.29 -143.49
N HIS S 925 22.05 -60.41 -144.05
CA HIS S 925 22.87 -59.27 -144.35
C HIS S 925 22.25 -58.42 -145.46
N ALA S 926 21.68 -59.08 -146.46
CA ALA S 926 21.10 -58.48 -147.66
C ALA S 926 21.99 -57.36 -148.20
N GLY S 927 23.29 -57.62 -148.34
CA GLY S 927 24.26 -56.63 -148.83
C GLY S 927 24.40 -55.37 -147.94
N GLY S 928 24.10 -55.45 -146.65
CA GLY S 928 24.10 -54.31 -145.72
C GLY S 928 22.75 -53.63 -145.57
N VAL S 929 21.77 -53.94 -146.43
CA VAL S 929 20.37 -53.49 -146.25
C VAL S 929 19.77 -54.10 -144.99
N GLY S 930 20.13 -55.35 -144.72
CA GLY S 930 19.77 -56.07 -143.51
C GLY S 930 20.75 -55.80 -142.37
N LEU S 931 21.21 -56.85 -141.71
CA LEU S 931 22.12 -56.76 -140.57
C LEU S 931 23.60 -56.63 -141.00
N LYS S 932 24.41 -56.06 -140.11
CA LYS S 932 25.86 -55.90 -140.32
C LYS S 932 26.54 -57.27 -140.29
N LYS S 933 27.45 -57.54 -141.23
CA LYS S 933 28.28 -58.76 -141.17
C LYS S 933 29.05 -58.87 -139.85
N THR S 934 29.40 -57.76 -139.20
CA THR S 934 29.98 -57.73 -137.85
C THR S 934 29.06 -58.34 -136.81
N PHE S 935 27.83 -57.84 -136.65
CA PHE S 935 26.83 -58.38 -135.74
C PHE S 935 26.58 -59.87 -136.01
N LEU S 936 26.50 -60.25 -137.28
CA LEU S 936 26.23 -61.63 -137.66
C LEU S 936 27.44 -62.52 -137.32
N GLU S 937 28.65 -62.14 -137.70
CA GLU S 937 29.85 -62.89 -137.37
C GLU S 937 30.06 -62.99 -135.87
N LYS S 938 29.88 -61.87 -135.17
CA LYS S 938 29.94 -61.79 -133.72
C LYS S 938 28.58 -62.07 -133.07
N SER S 939 27.70 -62.78 -133.75
CA SER S 939 26.45 -63.21 -133.16
C SER S 939 26.76 -64.37 -132.23
N PRO S 940 26.42 -64.26 -130.94
CA PRO S 940 26.56 -65.38 -130.02
C PRO S 940 25.68 -66.53 -130.47
N ASP S 941 24.54 -66.22 -131.07
CA ASP S 941 23.61 -67.17 -131.65
C ASP S 941 24.33 -68.01 -132.72
N LEU S 942 25.09 -67.35 -133.59
CA LEU S 942 25.96 -68.01 -134.56
C LEU S 942 27.16 -68.69 -133.92
N GLN S 943 27.84 -68.04 -132.99
CA GLN S 943 29.09 -68.52 -132.41
C GLN S 943 28.86 -69.75 -131.55
N SER S 944 27.75 -69.76 -130.82
CA SER S 944 27.28 -70.95 -130.16
C SER S 944 26.99 -72.03 -131.18
N LEU S 945 26.26 -71.69 -132.25
CA LEU S 945 25.92 -72.63 -133.28
C LEU S 945 27.16 -73.30 -133.88
N ARG S 946 28.15 -72.49 -134.25
CA ARG S 946 29.50 -72.90 -134.63
C ARG S 946 30.17 -73.74 -133.55
N TYR S 947 30.04 -73.36 -132.30
CA TYR S 947 30.66 -74.11 -131.24
C TYR S 947 30.06 -75.51 -131.09
N ALA S 948 28.74 -75.64 -131.11
CA ALA S 948 28.09 -76.94 -131.06
C ALA S 948 28.54 -77.78 -132.26
N LEU S 949 28.62 -77.18 -133.45
CA LEU S 949 29.18 -77.82 -134.63
C LEU S 949 30.60 -78.34 -134.39
N SER S 950 31.43 -77.59 -133.65
CA SER S 950 32.78 -78.05 -133.35
C SER S 950 32.81 -79.29 -132.47
N LEU S 951 31.87 -79.46 -131.52
CA LEU S 951 31.84 -80.66 -130.67
C LEU S 951 31.84 -81.93 -131.52
N TYR S 952 31.02 -81.92 -132.57
CA TYR S 952 30.78 -83.10 -133.39
C TYR S 952 32.03 -83.70 -134.01
N THR S 953 33.03 -82.89 -134.33
CA THR S 953 34.26 -83.34 -134.95
C THR S 953 35.38 -83.65 -133.96
N GLN S 954 35.21 -83.35 -132.67
CA GLN S 954 36.31 -83.38 -131.70
C GLN S 954 36.91 -84.76 -131.43
N ALA S 955 38.13 -84.73 -130.89
CA ALA S 955 38.86 -85.89 -130.44
C ALA S 955 38.21 -86.55 -129.22
N THR S 956 38.36 -87.86 -129.14
CA THR S 956 37.79 -88.72 -128.08
C THR S 956 38.17 -88.30 -126.68
N ASP S 957 39.45 -88.03 -126.40
CA ASP S 957 39.87 -87.63 -125.05
C ASP S 957 39.34 -86.25 -124.67
N LEU S 958 39.29 -85.32 -125.62
CA LEU S 958 38.75 -83.98 -125.37
C LEU S 958 37.26 -84.05 -125.03
N LEU S 959 36.53 -84.89 -125.75
CA LEU S 959 35.15 -85.24 -125.47
C LEU S 959 35.02 -85.88 -124.08
N ILE S 960 35.80 -86.91 -123.78
CA ILE S 960 35.80 -87.59 -122.47
C ILE S 960 36.13 -86.63 -121.32
N LYS S 961 37.11 -85.74 -121.50
CA LYS S 961 37.43 -84.67 -120.55
C LYS S 961 36.23 -83.78 -120.32
N THR S 962 35.62 -83.32 -121.40
CA THR S 962 34.39 -82.53 -121.36
C THR S 962 33.31 -83.26 -120.58
N PHE S 963 33.15 -84.57 -120.79
CA PHE S 963 32.24 -85.39 -120.00
C PHE S 963 32.58 -85.36 -118.52
N VAL S 964 33.78 -85.75 -118.09
CA VAL S 964 34.07 -85.83 -116.64
C VAL S 964 33.96 -84.46 -115.97
N GLN S 965 34.43 -83.40 -116.63
CA GLN S 965 34.31 -82.04 -116.11
C GLN S 965 32.85 -81.57 -116.00
N THR S 966 32.01 -81.94 -116.95
CA THR S 966 30.58 -81.55 -116.94
C THR S 966 29.75 -82.45 -116.03
N GLN S 967 30.04 -83.74 -115.96
CA GLN S 967 29.37 -84.72 -115.11
C GLN S 967 29.83 -84.66 -113.65
N SER S 968 30.13 -83.46 -113.13
CA SER S 968 30.49 -83.20 -111.74
C SER S 968 29.49 -83.79 -110.73
N ALA S 969 28.21 -83.84 -111.11
CA ALA S 969 27.12 -84.43 -110.34
C ALA S 969 27.19 -85.98 -110.20
N GLN S 970 28.06 -86.68 -110.93
CA GLN S 970 28.32 -88.11 -110.75
C GLN S 970 29.12 -88.37 -109.47
N GLY S 971 28.44 -88.30 -108.33
CA GLY S 971 28.98 -88.54 -107.01
C GLY S 971 28.02 -88.02 -105.93
N SER S 972 27.52 -86.79 -106.09
CA SER S 972 26.48 -86.22 -105.24
C SER S 972 25.10 -86.77 -105.65
N GLY S 973 24.61 -87.74 -104.88
CA GLY S 973 23.31 -88.38 -105.06
C GLY S 973 23.34 -89.60 -106.00
N VAL S 974 22.81 -90.71 -105.49
CA VAL S 974 22.53 -91.96 -106.20
C VAL S 974 21.05 -92.29 -106.05
N GLU S 975 20.36 -92.56 -107.15
CA GLU S 975 18.97 -93.04 -107.09
C GLU S 975 18.92 -94.55 -106.73
N ASP S 976 18.24 -94.88 -105.62
CA ASP S 976 18.11 -96.23 -105.02
C ASP S 976 19.45 -97.00 -104.85
N PRO S 977 20.23 -96.75 -103.79
CA PRO S 977 21.48 -97.45 -103.56
C PRO S 977 21.32 -98.96 -103.24
N VAL S 978 22.18 -99.81 -103.80
CA VAL S 978 22.24 -101.28 -103.63
C VAL S 978 23.24 -101.78 -102.59
N GLY S 979 23.74 -100.84 -101.79
CA GLY S 979 24.84 -101.03 -100.86
C GLY S 979 25.74 -99.79 -100.87
N GLU S 980 26.89 -99.89 -100.22
CA GLU S 980 27.90 -98.85 -100.23
C GLU S 980 29.30 -99.46 -100.04
N VAL S 981 30.33 -98.78 -100.53
CA VAL S 981 31.74 -99.19 -100.37
C VAL S 981 32.51 -98.15 -99.57
N SER S 982 33.13 -98.60 -98.50
CA SER S 982 34.14 -97.82 -97.78
C SER S 982 35.45 -98.00 -98.51
N VAL S 983 35.87 -96.92 -99.14
CA VAL S 983 37.22 -96.78 -99.69
C VAL S 983 37.97 -95.76 -98.87
N HIS S 984 39.23 -96.02 -98.59
CA HIS S 984 40.18 -94.97 -98.25
C HIS S 984 41.08 -94.74 -99.45
N VAL S 985 41.02 -93.54 -100.02
CA VAL S 985 41.72 -93.20 -101.27
C VAL S 985 42.78 -92.17 -100.99
N GLU S 986 43.98 -92.34 -101.52
CA GLU S 986 45.06 -91.37 -101.41
C GLU S 986 45.51 -90.92 -102.80
N LEU S 987 45.33 -89.64 -103.12
CA LEU S 987 45.87 -89.00 -104.32
C LEU S 987 47.33 -88.61 -104.06
N PHE S 988 48.21 -89.60 -104.11
CA PHE S 988 49.63 -89.31 -104.20
C PHE S 988 49.99 -88.78 -105.58
N THR S 989 50.23 -87.47 -105.67
CA THR S 989 51.13 -86.93 -106.69
C THR S 989 52.45 -87.68 -106.50
N HIS S 990 52.71 -88.58 -107.43
CA HIS S 990 53.48 -89.79 -107.22
C HIS S 990 54.97 -89.51 -106.96
N PRO S 991 55.52 -89.92 -105.81
CA PRO S 991 56.89 -89.57 -105.44
C PRO S 991 57.97 -90.18 -106.35
N GLY S 992 57.67 -91.27 -107.06
CA GLY S 992 58.61 -91.88 -108.02
C GLY S 992 58.63 -91.25 -109.42
N THR S 993 57.65 -90.40 -109.80
CA THR S 993 57.51 -89.92 -111.20
C THR S 993 56.90 -88.52 -111.38
N GLY S 994 56.28 -87.92 -110.36
CA GLY S 994 55.56 -86.64 -110.48
C GLY S 994 54.23 -86.71 -111.25
N GLU S 995 53.82 -87.89 -111.71
CA GLU S 995 52.45 -88.14 -112.18
C GLU S 995 51.44 -88.02 -111.03
N GLN S 996 50.15 -88.25 -111.27
CA GLN S 996 49.22 -88.54 -110.18
C GLN S 996 48.87 -90.03 -110.17
N LYS S 997 49.08 -90.63 -109.01
CA LYS S 997 48.63 -91.98 -108.68
C LYS S 997 47.55 -91.93 -107.61
N VAL S 998 46.76 -93.00 -107.57
CA VAL S 998 45.58 -93.08 -106.70
C VAL S 998 45.64 -94.40 -105.95
N THR S 999 46.13 -94.35 -104.70
CA THR S 999 46.12 -95.52 -103.83
C THR S 999 44.70 -95.72 -103.31
N VAL S 1000 43.93 -96.63 -103.90
CA VAL S 1000 42.59 -96.98 -103.40
C VAL S 1000 42.72 -98.18 -102.49
N LYS S 1001 42.70 -97.95 -101.17
CA LYS S 1001 42.51 -98.99 -100.16
C LYS S 1001 41.03 -99.31 -100.06
N VAL S 1002 40.62 -100.42 -100.67
CA VAL S 1002 39.26 -100.94 -100.50
C VAL S 1002 39.14 -101.47 -99.07
N VAL S 1003 38.46 -100.73 -98.21
CA VAL S 1003 38.31 -101.13 -96.81
C VAL S 1003 37.27 -102.22 -96.71
N ALA S 1004 36.04 -101.93 -97.14
CA ALA S 1004 34.91 -102.84 -96.99
C ALA S 1004 33.76 -102.44 -97.91
N ALA S 1005 32.83 -103.35 -98.15
CA ALA S 1005 31.47 -103.00 -98.54
C ALA S 1005 30.48 -103.19 -97.38
N ASN S 1006 29.28 -102.64 -97.53
CA ASN S 1006 28.18 -102.68 -96.59
C ASN S 1006 26.82 -102.65 -97.31
N ASP S 1007 25.76 -103.16 -96.65
CA ASP S 1007 24.37 -103.21 -97.14
C ASP S 1007 24.21 -103.87 -98.52
N LEU S 1008 25.08 -104.79 -98.92
CA LEU S 1008 25.06 -105.41 -100.23
C LEU S 1008 23.74 -106.17 -100.48
N LYS S 1009 22.92 -105.65 -101.39
CA LYS S 1009 21.66 -106.29 -101.83
C LYS S 1009 21.99 -107.42 -102.82
N TRP S 1010 22.50 -108.56 -102.33
CA TRP S 1010 22.94 -109.69 -103.17
C TRP S 1010 22.74 -111.07 -102.53
N GLN S 1011 21.56 -111.35 -101.98
CA GLN S 1011 21.28 -112.62 -101.29
C GLN S 1011 21.14 -113.79 -102.29
N THR S 1012 22.25 -114.22 -102.86
CA THR S 1012 22.34 -115.18 -103.97
C THR S 1012 22.11 -116.65 -103.57
N SER S 1013 21.72 -117.48 -104.54
CA SER S 1013 21.39 -118.91 -104.38
C SER S 1013 22.62 -119.81 -104.26
N GLY S 1014 23.69 -119.53 -105.02
CA GLY S 1014 25.02 -120.09 -104.75
C GLY S 1014 25.64 -119.48 -103.50
N ILE S 1015 26.82 -119.95 -103.10
CA ILE S 1015 27.59 -119.29 -102.03
C ILE S 1015 28.01 -117.90 -102.55
N PHE S 1016 27.64 -116.85 -101.83
CA PHE S 1016 28.08 -115.49 -102.14
C PHE S 1016 29.58 -115.36 -101.87
N ARG S 1017 30.36 -114.79 -102.80
CA ARG S 1017 31.81 -114.62 -102.66
C ARG S 1017 32.25 -113.23 -103.14
N PRO S 1018 31.76 -112.14 -102.54
CA PRO S 1018 32.01 -110.80 -103.04
C PRO S 1018 33.50 -110.44 -103.05
N PHE S 1019 33.88 -109.71 -104.08
CA PHE S 1019 35.11 -108.97 -104.24
C PHE S 1019 34.77 -107.60 -104.81
N ILE S 1020 35.67 -106.64 -104.71
CA ILE S 1020 35.40 -105.29 -105.21
C ILE S 1020 36.34 -105.02 -106.37
N GLU S 1021 35.75 -104.74 -107.52
CA GLU S 1021 36.44 -104.08 -108.60
C GLU S 1021 36.48 -102.57 -108.36
N VAL S 1022 37.56 -101.92 -108.75
CA VAL S 1022 37.62 -100.47 -108.84
C VAL S 1022 38.08 -100.10 -110.25
N ASN S 1023 37.45 -99.10 -110.85
CA ASN S 1023 37.84 -98.54 -112.15
C ASN S 1023 38.24 -97.08 -112.02
N ILE S 1024 39.03 -96.57 -112.97
CA ILE S 1024 39.28 -95.13 -113.16
C ILE S 1024 38.72 -94.65 -114.51
N VAL S 1025 38.09 -93.48 -114.51
CA VAL S 1025 37.55 -92.82 -115.72
C VAL S 1025 38.10 -91.40 -115.84
N GLY S 1026 38.37 -91.01 -117.08
CA GLY S 1026 38.94 -89.72 -117.49
C GLY S 1026 39.64 -89.82 -118.83
N PRO S 1027 40.18 -88.70 -119.34
CA PRO S 1027 40.93 -88.68 -120.59
C PRO S 1027 42.31 -89.37 -120.43
N GLN S 1028 42.91 -89.77 -121.55
CA GLN S 1028 44.23 -90.42 -121.61
C GLN S 1028 44.34 -91.66 -120.70
N LEU S 1029 43.44 -92.64 -120.86
CA LEU S 1029 43.45 -93.93 -120.13
C LEU S 1029 43.51 -95.16 -121.06
N SER S 1030 43.85 -95.00 -122.34
CA SER S 1030 44.02 -96.10 -123.31
C SER S 1030 45.23 -97.01 -122.98
N ASP S 1031 46.24 -96.46 -122.34
CA ASP S 1031 47.55 -97.05 -122.04
C ASP S 1031 47.70 -97.48 -120.57
N LYS S 1032 46.73 -97.16 -119.72
CA LYS S 1032 46.81 -97.30 -118.26
C LYS S 1032 45.74 -98.25 -117.72
N LYS S 1033 46.10 -98.97 -116.67
CA LYS S 1033 45.27 -99.99 -116.01
C LYS S 1033 44.00 -99.35 -115.47
N ARG S 1034 42.92 -99.41 -116.26
CA ARG S 1034 41.62 -98.82 -115.93
C ARG S 1034 40.88 -99.55 -114.83
N LYS S 1035 41.32 -100.74 -114.40
CA LYS S 1035 40.60 -101.66 -113.51
C LYS S 1035 41.54 -102.36 -112.51
N PHE S 1036 41.05 -102.62 -111.29
CA PHE S 1036 41.63 -103.51 -110.27
C PHE S 1036 40.55 -104.36 -109.63
N ALA S 1037 40.89 -105.45 -108.95
CA ALA S 1037 39.95 -106.25 -108.16
C ALA S 1037 40.56 -106.88 -106.89
N THR S 1038 39.79 -106.96 -105.80
CA THR S 1038 40.24 -107.56 -104.53
C THR S 1038 40.23 -109.10 -104.60
N LYS S 1039 40.80 -109.78 -103.59
CA LYS S 1039 40.40 -111.16 -103.28
C LYS S 1039 38.90 -111.21 -102.94
N SER S 1040 38.30 -112.39 -103.02
CA SER S 1040 36.92 -112.65 -102.59
C SER S 1040 36.81 -112.94 -101.07
N LYS S 1041 35.62 -112.73 -100.49
CA LYS S 1041 35.26 -113.13 -99.11
C LYS S 1041 34.01 -114.00 -99.11
N ASN S 1042 34.04 -115.16 -98.47
CA ASN S 1042 32.91 -116.08 -98.46
C ASN S 1042 31.74 -115.55 -97.62
N ASN S 1043 30.52 -115.73 -98.13
CA ASN S 1043 29.24 -115.65 -97.43
C ASN S 1043 29.11 -114.38 -96.55
N SER S 1044 29.33 -113.21 -97.14
CA SER S 1044 29.50 -111.96 -96.37
C SER S 1044 29.00 -110.72 -97.10
N TRP S 1045 27.87 -110.15 -96.66
CA TRP S 1045 27.23 -108.97 -97.25
C TRP S 1045 27.69 -107.60 -96.69
N ALA S 1046 28.57 -107.61 -95.69
CA ALA S 1046 29.40 -106.46 -95.34
C ALA S 1046 30.90 -106.84 -95.33
N PRO S 1047 31.45 -107.31 -96.46
CA PRO S 1047 32.79 -107.89 -96.54
C PRO S 1047 33.86 -106.82 -96.41
N LYS S 1048 34.86 -107.09 -95.57
CA LYS S 1048 36.11 -106.31 -95.50
C LYS S 1048 37.15 -106.86 -96.47
N TYR S 1049 38.10 -106.03 -96.86
CA TYR S 1049 39.20 -106.42 -97.76
C TYR S 1049 40.52 -105.87 -97.26
N ASN S 1050 40.60 -104.57 -97.00
CA ASN S 1050 41.83 -103.88 -96.64
C ASN S 1050 42.93 -104.07 -97.70
N GLU S 1051 42.54 -104.14 -98.96
CA GLU S 1051 43.41 -104.37 -100.12
C GLU S 1051 43.63 -103.08 -100.90
N SER S 1052 44.89 -102.79 -101.23
CA SER S 1052 45.30 -101.51 -101.80
C SER S 1052 45.69 -101.63 -103.27
N PHE S 1053 45.01 -100.86 -104.11
CA PHE S 1053 45.25 -100.70 -105.54
C PHE S 1053 45.98 -99.40 -105.84
N GLN S 1054 46.58 -99.27 -107.02
CA GLN S 1054 47.31 -98.07 -107.42
C GLN S 1054 47.06 -97.74 -108.90
N PHE S 1055 46.01 -96.97 -109.18
CA PHE S 1055 45.79 -96.40 -110.52
C PHE S 1055 46.84 -95.36 -110.85
N SER S 1056 47.06 -95.15 -112.16
CA SER S 1056 47.78 -94.00 -112.68
C SER S 1056 46.83 -93.12 -113.49
N LEU S 1057 46.76 -91.84 -113.17
CA LEU S 1057 46.09 -90.81 -113.99
C LEU S 1057 47.03 -90.38 -115.14
N SER S 1058 46.59 -89.49 -116.02
CA SER S 1058 47.56 -88.74 -116.84
C SER S 1058 48.38 -87.77 -115.99
N ALA S 1059 49.59 -87.45 -116.43
CA ALA S 1059 50.32 -86.31 -115.91
C ALA S 1059 49.68 -84.96 -116.32
N ASP S 1060 49.17 -84.85 -117.56
CA ASP S 1060 48.72 -83.57 -118.11
C ASP S 1060 47.32 -83.17 -117.60
N ALA S 1061 46.35 -84.08 -117.66
CA ALA S 1061 45.03 -83.85 -117.10
C ALA S 1061 45.08 -83.85 -115.55
N GLY S 1062 44.48 -82.84 -114.93
CA GLY S 1062 44.41 -82.73 -113.48
C GLY S 1062 43.41 -83.73 -112.89
N PRO S 1063 43.41 -83.93 -111.57
CA PRO S 1063 42.56 -84.92 -110.91
C PRO S 1063 41.07 -84.60 -111.09
N GLU S 1064 40.69 -83.35 -111.29
CA GLU S 1064 39.33 -82.95 -111.65
C GLU S 1064 38.88 -83.40 -113.05
N CYS S 1065 39.81 -83.85 -113.90
CA CYS S 1065 39.50 -84.58 -115.12
C CYS S 1065 39.20 -86.06 -114.88
N TYR S 1066 39.24 -86.52 -113.63
CA TYR S 1066 39.10 -87.93 -113.29
C TYR S 1066 38.09 -88.20 -112.19
N GLU S 1067 37.68 -89.45 -112.17
CA GLU S 1067 36.75 -90.02 -111.22
C GLU S 1067 37.00 -91.53 -111.14
N LEU S 1068 37.01 -92.08 -109.93
CA LEU S 1068 36.92 -93.52 -109.75
C LEU S 1068 35.49 -93.96 -110.00
N GLN S 1069 35.33 -95.17 -110.53
CA GLN S 1069 34.05 -95.83 -110.73
C GLN S 1069 34.12 -97.24 -110.10
N VAL S 1070 33.75 -97.32 -108.83
CA VAL S 1070 33.81 -98.51 -107.99
C VAL S 1070 32.69 -99.49 -108.34
N CYS S 1071 32.95 -100.81 -108.32
CA CYS S 1071 31.96 -101.82 -108.65
C CYS S 1071 32.16 -103.11 -107.85
N VAL S 1072 31.22 -103.43 -106.96
CA VAL S 1072 31.26 -104.70 -106.23
C VAL S 1072 30.83 -105.85 -107.14
N LYS S 1073 31.43 -107.02 -107.00
CA LYS S 1073 31.16 -108.21 -107.81
C LYS S 1073 31.17 -109.50 -107.01
N ASP S 1074 30.41 -110.50 -107.46
CA ASP S 1074 30.33 -111.83 -106.83
C ASP S 1074 31.23 -112.83 -107.59
N TYR S 1075 32.23 -113.43 -106.94
CA TYR S 1075 33.19 -114.33 -107.58
C TYR S 1075 32.62 -115.73 -107.79
N CYS S 1076 32.67 -116.24 -109.02
CA CYS S 1076 32.21 -117.59 -109.35
C CYS S 1076 33.21 -118.28 -110.31
N PHE S 1077 34.27 -118.89 -109.77
CA PHE S 1077 35.27 -119.63 -110.57
C PHE S 1077 34.63 -120.75 -111.39
N ALA S 1078 35.23 -121.03 -112.56
CA ALA S 1078 34.70 -121.86 -113.65
C ALA S 1078 33.37 -121.37 -114.29
N ARG S 1079 32.50 -120.70 -113.53
CA ARG S 1079 31.33 -119.95 -114.00
C ARG S 1079 31.73 -118.53 -114.43
N GLU S 1080 31.01 -117.52 -113.96
CA GLU S 1080 31.12 -116.11 -114.31
C GLU S 1080 30.90 -115.21 -113.09
N ASP S 1081 31.69 -114.15 -112.95
CA ASP S 1081 31.50 -113.17 -111.86
C ASP S 1081 30.38 -112.16 -112.19
N ARG S 1082 29.73 -111.58 -111.16
CA ARG S 1082 28.48 -110.80 -111.36
C ARG S 1082 28.48 -109.41 -110.67
N THR S 1083 28.09 -108.34 -111.38
CA THR S 1083 28.03 -106.95 -110.83
C THR S 1083 26.95 -106.78 -109.79
N VAL S 1084 27.37 -106.41 -108.58
CA VAL S 1084 26.51 -106.15 -107.43
C VAL S 1084 26.11 -104.66 -107.30
N GLY S 1085 26.88 -103.71 -107.83
CA GLY S 1085 26.52 -102.28 -107.85
C GLY S 1085 27.65 -101.40 -108.36
N LEU S 1086 27.41 -100.10 -108.59
CA LEU S 1086 28.40 -99.15 -109.11
C LEU S 1086 28.37 -97.80 -108.37
N ALA S 1087 29.50 -97.19 -108.02
CA ALA S 1087 29.56 -95.83 -107.45
C ALA S 1087 30.65 -94.98 -108.08
N VAL S 1088 30.43 -93.67 -108.25
CA VAL S 1088 31.45 -92.76 -108.78
C VAL S 1088 32.00 -91.85 -107.70
N LEU S 1089 33.33 -91.82 -107.55
CA LEU S 1089 34.05 -90.90 -106.67
C LEU S 1089 34.87 -89.93 -107.52
N GLN S 1090 34.47 -88.67 -107.54
CA GLN S 1090 35.14 -87.61 -108.29
C GLN S 1090 36.53 -87.33 -107.71
N LEU S 1091 37.59 -87.45 -108.52
CA LEU S 1091 38.93 -87.13 -108.04
C LEU S 1091 39.19 -85.63 -107.91
N ARG S 1092 38.27 -84.76 -108.38
CA ARG S 1092 38.22 -83.34 -107.98
C ARG S 1092 38.14 -83.14 -106.47
N GLU S 1093 37.45 -84.02 -105.74
CA GLU S 1093 37.38 -83.95 -104.27
C GLU S 1093 38.74 -84.28 -103.64
N LEU S 1094 39.35 -85.37 -104.09
CA LEU S 1094 40.64 -85.84 -103.61
C LEU S 1094 41.79 -84.90 -103.99
N ALA S 1095 41.64 -84.09 -105.05
CA ALA S 1095 42.53 -82.98 -105.35
C ALA S 1095 42.68 -82.01 -104.16
N GLN S 1096 41.57 -81.75 -103.47
CA GLN S 1096 41.53 -80.91 -102.26
C GLN S 1096 41.89 -81.73 -101.03
N ARG S 1097 41.22 -82.87 -100.83
CA ARG S 1097 41.31 -83.68 -99.61
C ARG S 1097 42.68 -84.34 -99.45
N GLY S 1098 43.39 -84.60 -100.55
CA GLY S 1098 44.67 -85.33 -100.62
C GLY S 1098 44.49 -86.82 -100.37
N SER S 1099 43.74 -87.18 -99.33
CA SER S 1099 43.18 -88.51 -99.13
C SER S 1099 41.79 -88.43 -98.52
N ALA S 1100 40.98 -89.48 -98.73
CA ALA S 1100 39.58 -89.52 -98.36
C ALA S 1100 39.15 -90.94 -98.00
N ALA S 1101 38.78 -91.14 -96.74
CA ALA S 1101 37.93 -92.25 -96.34
C ALA S 1101 36.47 -91.87 -96.62
N CYS S 1102 35.78 -92.62 -97.49
CA CYS S 1102 34.42 -92.28 -97.90
C CYS S 1102 33.54 -93.53 -98.10
N TRP S 1103 32.29 -93.45 -97.64
CA TRP S 1103 31.22 -94.40 -98.01
C TRP S 1103 30.58 -93.99 -99.34
N LEU S 1104 30.88 -94.75 -100.38
CA LEU S 1104 30.33 -94.55 -101.72
C LEU S 1104 29.03 -95.35 -101.87
N PRO S 1105 27.83 -94.71 -101.89
CA PRO S 1105 26.59 -95.42 -102.17
C PRO S 1105 26.63 -96.03 -103.58
N LEU S 1106 26.48 -97.34 -103.68
CA LEU S 1106 26.42 -98.05 -104.95
C LEU S 1106 25.07 -97.81 -105.60
N GLY S 1107 25.04 -97.16 -106.75
CA GLY S 1107 23.89 -97.15 -107.64
C GLY S 1107 23.79 -98.42 -108.48
N ARG S 1108 22.65 -98.58 -109.15
CA ARG S 1108 22.43 -99.56 -110.23
C ARG S 1108 22.93 -99.01 -111.58
N ARG S 1109 22.86 -97.69 -111.78
CA ARG S 1109 23.40 -96.93 -112.93
C ARG S 1109 23.99 -95.58 -112.47
N ILE S 1110 24.62 -94.86 -113.41
CA ILE S 1110 25.30 -93.57 -113.20
C ILE S 1110 24.56 -92.44 -113.96
N HIS S 1111 24.22 -91.35 -113.28
CA HIS S 1111 23.35 -90.28 -113.82
C HIS S 1111 24.11 -89.30 -114.76
N MET S 1112 23.42 -88.71 -115.75
CA MET S 1112 24.03 -87.78 -116.73
C MET S 1112 23.19 -86.53 -116.99
N ASP S 1113 23.85 -85.51 -117.52
CA ASP S 1113 23.23 -84.31 -118.06
C ASP S 1113 23.34 -84.24 -119.60
N ASP S 1114 22.72 -83.21 -120.18
CA ASP S 1114 22.67 -82.98 -121.64
C ASP S 1114 24.04 -82.90 -122.31
N THR S 1115 25.09 -82.57 -121.58
CA THR S 1115 26.45 -82.40 -122.09
C THR S 1115 27.22 -83.69 -121.93
N GLY S 1116 26.93 -84.45 -120.87
CA GLY S 1116 27.27 -85.86 -120.82
C GLY S 1116 26.67 -86.57 -122.01
N LEU S 1117 25.39 -86.34 -122.29
CA LEU S 1117 24.66 -86.93 -123.40
C LEU S 1117 25.08 -86.39 -124.77
N THR S 1118 25.34 -85.10 -124.95
CA THR S 1118 25.87 -84.56 -126.23
C THR S 1118 27.24 -85.17 -126.51
N VAL S 1119 28.10 -85.24 -125.51
CA VAL S 1119 29.39 -85.91 -125.66
C VAL S 1119 29.19 -87.39 -125.95
N LEU S 1120 28.33 -88.11 -125.22
CA LEU S 1120 28.08 -89.52 -125.43
C LEU S 1120 27.51 -89.79 -126.84
N ARG S 1121 26.71 -88.88 -127.42
CA ARG S 1121 26.26 -88.91 -128.83
C ARG S 1121 27.38 -88.75 -129.84
N ILE S 1122 28.44 -88.03 -129.48
CA ILE S 1122 29.60 -87.79 -130.33
C ILE S 1122 30.65 -88.90 -130.15
N LEU S 1123 30.79 -89.45 -128.95
CA LEU S 1123 31.59 -90.63 -128.66
C LEU S 1123 30.94 -91.91 -129.19
N SER S 1124 29.62 -92.00 -129.21
CA SER S 1124 28.90 -93.10 -129.83
C SER S 1124 29.06 -93.06 -131.35
N GLN S 1125 29.23 -91.88 -131.97
CA GLN S 1125 29.70 -91.77 -133.36
C GLN S 1125 31.08 -92.34 -133.59
N ARG S 1126 31.95 -92.29 -132.58
CA ARG S 1126 33.24 -92.96 -132.62
C ARG S 1126 33.06 -94.42 -132.18
N SER S 1127 32.07 -95.09 -132.75
CA SER S 1127 31.68 -96.48 -132.48
C SER S 1127 32.80 -97.50 -132.68
N ASN S 1128 33.84 -97.16 -133.45
CA ASN S 1128 35.02 -98.00 -133.71
C ASN S 1128 36.22 -97.69 -132.80
N ASP S 1129 36.29 -96.48 -132.23
CA ASP S 1129 37.39 -96.07 -131.34
C ASP S 1129 37.26 -96.86 -130.05
N GLU S 1130 38.29 -97.63 -129.68
CA GLU S 1130 38.24 -98.50 -128.51
C GLU S 1130 38.12 -97.75 -127.19
N VAL S 1131 38.68 -96.54 -127.09
CA VAL S 1131 38.49 -95.68 -125.92
C VAL S 1131 37.07 -95.15 -125.89
N ALA S 1132 36.54 -94.69 -127.03
CA ALA S 1132 35.16 -94.20 -127.09
C ALA S 1132 34.15 -95.33 -126.85
N LYS S 1133 34.34 -96.52 -127.44
CA LYS S 1133 33.61 -97.73 -127.09
C LYS S 1133 33.68 -98.02 -125.60
N GLU S 1134 34.86 -98.17 -125.01
CA GLU S 1134 34.99 -98.52 -123.59
C GLU S 1134 34.46 -97.43 -122.67
N PHE S 1135 34.52 -96.16 -123.07
CA PHE S 1135 33.90 -95.07 -122.35
C PHE S 1135 32.36 -95.16 -122.42
N VAL S 1136 31.80 -95.22 -123.64
CA VAL S 1136 30.36 -95.34 -123.88
C VAL S 1136 29.80 -96.59 -123.19
N LYS S 1137 30.56 -97.68 -123.19
CA LYS S 1137 30.27 -98.91 -122.44
C LYS S 1137 30.35 -98.67 -120.93
N LEU S 1138 31.47 -98.23 -120.37
CA LEU S 1138 31.66 -98.06 -118.92
C LEU S 1138 30.66 -97.05 -118.32
N LYS S 1139 30.18 -96.07 -119.09
CA LYS S 1139 29.12 -95.14 -118.67
C LYS S 1139 27.70 -95.62 -118.91
N SER S 1140 27.49 -96.52 -119.87
CA SER S 1140 26.25 -97.28 -120.00
C SER S 1140 26.31 -98.60 -119.19
N ASP S 1141 27.29 -98.75 -118.31
CA ASP S 1141 27.48 -99.92 -117.45
C ASP S 1141 26.49 -99.90 -116.27
N THR S 1142 25.84 -101.03 -115.99
CA THR S 1142 24.76 -101.13 -115.00
C THR S 1142 24.76 -102.47 -114.27
N ARG S 1143 24.22 -102.47 -113.06
CA ARG S 1143 23.98 -103.68 -112.25
C ARG S 1143 22.79 -104.48 -112.81
N SER S 1144 22.92 -105.81 -112.89
CA SER S 1144 21.76 -106.71 -113.02
C SER S 1144 20.91 -106.71 -111.74
N ALA S 1145 19.59 -106.56 -111.85
CA ALA S 1145 18.73 -106.40 -110.68
C ALA S 1145 18.60 -107.66 -109.80
N GLU S 1146 18.99 -108.83 -110.32
CA GLU S 1146 18.92 -110.11 -109.63
C GLU S 1146 19.73 -110.13 -108.32
N GLU S 1147 19.32 -110.95 -107.37
CA GLU S 1147 19.78 -110.95 -105.96
C GLU S 1147 19.48 -109.65 -105.17
N GLY S 1148 18.82 -108.64 -105.74
CA GLY S 1148 18.62 -107.33 -105.08
C GLY S 1148 17.59 -106.35 -105.67
N GLY S 1149 16.39 -106.79 -106.04
CA GLY S 1149 15.18 -105.95 -106.03
C GLY S 1149 14.93 -104.96 -107.19
N ALA S 1150 14.66 -103.70 -106.82
CA ALA S 1150 13.97 -102.68 -107.63
C ALA S 1150 14.74 -102.14 -108.86
N ALA S 1151 14.09 -101.24 -109.61
CA ALA S 1151 14.61 -100.64 -110.84
C ALA S 1151 15.57 -99.44 -110.63
N PRO S 1152 16.49 -99.15 -111.58
CA PRO S 1152 17.28 -97.91 -111.63
C PRO S 1152 16.43 -96.68 -111.96
N ALA S 1153 17.04 -95.49 -111.88
CA ALA S 1153 16.45 -94.23 -112.35
C ALA S 1153 17.52 -93.33 -113.03
N PRO S 1154 17.12 -92.49 -114.01
CA PRO S 1154 18.03 -91.75 -114.89
C PRO S 1154 18.98 -90.82 -114.14
N GLU T 23 6.99 64.81 -196.83
CA GLU T 23 5.89 65.79 -196.60
C GLU T 23 5.03 66.01 -197.84
N GLU T 24 5.61 66.46 -198.94
CA GLU T 24 4.94 66.71 -200.23
C GLU T 24 3.91 65.62 -200.62
N LEU T 25 4.34 64.37 -200.75
CA LEU T 25 3.47 63.23 -201.04
C LEU T 25 2.41 63.04 -199.97
N LYS T 26 2.76 63.14 -198.68
CA LYS T 26 1.79 62.99 -197.58
C LYS T 26 0.66 63.99 -197.65
N ASN T 27 0.96 65.26 -197.88
CA ASN T 27 -0.04 66.29 -198.01
C ASN T 27 -0.85 66.17 -199.31
N HIS T 28 -0.17 65.87 -200.42
CA HIS T 28 -0.80 65.53 -201.71
C HIS T 28 -1.80 64.38 -201.56
N VAL T 29 -1.40 63.32 -200.88
CA VAL T 29 -2.22 62.13 -200.63
C VAL T 29 -3.31 62.43 -199.62
N TYR T 30 -3.06 63.22 -198.57
CA TYR T 30 -4.11 63.70 -197.67
C TYR T 30 -5.23 64.34 -198.47
N LYS T 31 -4.89 65.33 -199.28
CA LYS T 31 -5.81 66.06 -200.16
C LYS T 31 -6.53 65.14 -201.13
N LYS T 32 -5.81 64.24 -201.81
CA LYS T 32 -6.41 63.29 -202.76
C LYS T 32 -7.23 62.21 -202.09
N THR T 33 -6.98 61.90 -200.83
CA THR T 33 -7.78 60.99 -200.04
C THR T 33 -9.06 61.69 -199.59
N LEU T 34 -8.95 62.92 -199.11
CA LEU T 34 -10.12 63.76 -198.80
C LEU T 34 -11.02 63.91 -200.04
N GLN T 35 -10.46 64.30 -201.18
CA GLN T 35 -11.22 64.38 -202.43
C GLN T 35 -11.79 63.00 -202.85
N ALA T 36 -11.01 61.93 -202.70
CA ALA T 36 -11.45 60.60 -203.13
C ALA T 36 -12.68 60.10 -202.40
N LEU T 37 -12.81 60.47 -201.12
CA LEU T 37 -13.81 59.94 -200.22
C LEU T 37 -14.90 60.93 -199.83
N ILE T 38 -14.76 62.24 -200.08
CA ILE T 38 -15.85 63.21 -199.84
C ILE T 38 -16.99 62.97 -200.82
N TYR T 39 -16.66 62.86 -202.11
CA TYR T 39 -17.51 62.17 -203.07
C TYR T 39 -16.83 60.81 -203.31
N PRO T 40 -17.14 59.78 -202.51
CA PRO T 40 -16.60 58.47 -202.78
C PRO T 40 -17.06 58.05 -204.19
N ILE T 41 -16.23 57.34 -204.95
CA ILE T 41 -16.64 56.88 -206.29
C ILE T 41 -17.87 55.97 -206.24
N SER T 42 -18.17 55.39 -205.07
CA SER T 42 -19.39 54.64 -204.78
C SER T 42 -20.68 55.49 -204.78
N CYS T 43 -20.62 56.82 -204.97
CA CYS T 43 -21.80 57.65 -205.29
C CYS T 43 -22.37 57.44 -206.70
N THR T 44 -21.56 56.93 -207.63
CA THR T 44 -21.79 57.05 -209.08
C THR T 44 -22.73 55.99 -209.68
N THR T 45 -23.32 56.31 -210.85
CA THR T 45 -24.33 55.52 -211.58
C THR T 45 -23.87 55.23 -213.02
N PRO T 46 -24.16 54.07 -213.62
CA PRO T 46 -23.72 53.73 -214.98
C PRO T 46 -24.73 54.06 -216.09
N HIS T 47 -24.26 54.44 -217.27
CA HIS T 47 -25.11 54.77 -218.43
C HIS T 47 -25.59 53.52 -219.16
N ASN T 48 -26.89 53.23 -219.08
CA ASN T 48 -27.53 52.21 -219.89
C ASN T 48 -27.76 52.69 -221.34
N PHE T 49 -26.75 52.61 -222.19
CA PHE T 49 -26.87 52.94 -223.61
C PHE T 49 -27.55 51.87 -224.47
N GLU T 50 -28.55 52.29 -225.23
CA GLU T 50 -28.99 51.63 -226.46
C GLU T 50 -28.27 52.24 -227.67
N VAL T 51 -27.98 51.40 -228.67
CA VAL T 51 -27.70 51.90 -230.03
C VAL T 51 -28.95 52.58 -230.54
N TRP T 52 -28.81 53.79 -231.07
CA TRP T 52 -29.93 54.54 -231.61
C TRP T 52 -29.53 55.24 -232.92
N THR T 53 -30.32 55.01 -233.95
CA THR T 53 -30.17 55.69 -235.24
C THR T 53 -30.69 57.11 -235.11
N ALA T 54 -29.82 58.10 -235.37
CA ALA T 54 -30.24 59.47 -235.64
C ALA T 54 -30.89 59.52 -237.04
N THR T 55 -32.12 59.02 -237.17
CA THR T 55 -32.92 58.95 -238.42
C THR T 55 -33.18 60.32 -239.05
N THR T 56 -32.82 61.40 -238.36
CA THR T 56 -32.68 62.80 -238.80
C THR T 56 -31.34 63.39 -238.29
N PRO T 57 -30.74 64.37 -238.98
CA PRO T 57 -29.52 65.04 -238.52
C PRO T 57 -29.63 65.54 -237.08
N THR T 58 -28.75 65.07 -236.20
CA THR T 58 -28.79 65.27 -234.73
C THR T 58 -27.37 65.58 -234.23
N TYR T 59 -27.24 66.23 -233.06
CA TYR T 59 -25.93 66.68 -232.56
C TYR T 59 -25.63 66.14 -231.17
N CYS T 60 -24.45 65.55 -231.02
CA CYS T 60 -24.04 64.76 -229.86
C CYS T 60 -23.98 65.59 -228.57
N TYR T 61 -24.59 65.13 -227.47
CA TYR T 61 -24.58 65.88 -226.20
C TYR T 61 -23.20 65.97 -225.54
N GLU T 62 -22.20 65.24 -226.03
CA GLU T 62 -20.80 65.52 -225.71
C GLU T 62 -20.21 66.57 -226.65
N CYS T 63 -19.91 66.18 -227.89
CA CYS T 63 -19.11 66.96 -228.83
C CYS T 63 -19.88 67.97 -229.69
N GLU T 64 -21.22 67.96 -229.65
CA GLU T 64 -22.11 68.66 -230.58
C GLU T 64 -21.88 68.28 -232.06
N GLY T 65 -21.19 67.17 -232.32
CA GLY T 65 -20.89 66.64 -233.66
C GLY T 65 -22.06 65.88 -234.29
N LEU T 66 -22.08 65.81 -235.62
CA LEU T 66 -23.19 65.25 -236.40
C LEU T 66 -23.36 63.73 -236.18
N LEU T 67 -24.57 63.38 -235.76
CA LEU T 67 -25.19 62.08 -235.78
C LEU T 67 -26.20 62.09 -236.92
N TRP T 68 -26.13 61.13 -237.84
CA TRP T 68 -27.00 61.11 -239.01
C TRP T 68 -27.10 59.73 -239.64
N GLY T 69 -28.33 59.27 -239.80
CA GLY T 69 -28.70 58.03 -240.46
C GLY T 69 -28.04 56.82 -239.81
N ILE T 70 -27.96 55.75 -240.58
CA ILE T 70 -27.12 54.60 -240.26
C ILE T 70 -25.63 54.98 -240.37
N ALA T 71 -25.28 55.92 -241.27
CA ALA T 71 -23.90 56.35 -241.54
C ALA T 71 -23.15 56.85 -240.31
N ARG T 72 -23.84 57.62 -239.45
CA ARG T 72 -23.34 58.16 -238.19
C ARG T 72 -24.39 57.96 -237.08
N GLN T 73 -24.68 56.70 -236.73
CA GLN T 73 -25.50 56.35 -235.57
C GLN T 73 -24.98 56.97 -234.26
N GLY T 74 -25.85 57.08 -233.27
CA GLY T 74 -25.49 57.42 -231.91
C GLY T 74 -25.81 56.32 -230.90
N MET T 75 -25.57 56.65 -229.64
CA MET T 75 -26.05 55.92 -228.49
C MET T 75 -27.04 56.82 -227.76
N ARG T 76 -28.20 56.28 -227.44
CA ARG T 76 -29.18 56.93 -226.57
C ARG T 76 -29.13 56.15 -225.27
N CYS T 77 -28.75 56.78 -224.16
CA CYS T 77 -28.98 56.13 -222.87
C CYS T 77 -30.48 56.07 -222.59
N THR T 78 -30.93 55.11 -221.80
CA THR T 78 -32.27 55.16 -221.20
C THR T 78 -32.24 55.93 -219.89
N GLU T 79 -31.36 55.52 -218.96
CA GLU T 79 -31.30 56.03 -217.59
C GLU T 79 -30.85 57.50 -217.59
N CYS T 80 -29.67 57.79 -218.14
CA CYS T 80 -29.34 59.18 -218.46
C CYS T 80 -30.00 59.68 -219.73
N GLY T 81 -30.73 58.88 -220.51
CA GLY T 81 -31.46 59.38 -221.70
C GLY T 81 -30.59 59.84 -222.89
N VAL T 82 -29.30 60.00 -222.63
CA VAL T 82 -28.37 60.93 -223.30
C VAL T 82 -28.04 60.49 -224.73
N LYS T 83 -28.08 61.42 -225.69
CA LYS T 83 -27.90 61.14 -227.12
C LYS T 83 -26.51 61.60 -227.56
N CYS T 84 -25.70 60.70 -228.07
CA CYS T 84 -24.30 60.98 -228.35
C CYS T 84 -23.74 60.10 -229.47
N HIS T 85 -22.57 60.40 -230.01
CA HIS T 85 -21.84 59.42 -230.81
C HIS T 85 -21.60 58.15 -229.98
N GLU T 86 -21.40 57.02 -230.65
CA GLU T 86 -20.74 55.87 -230.02
C GLU T 86 -19.38 56.28 -229.45
N LYS T 87 -18.51 56.88 -230.27
CA LYS T 87 -17.22 57.40 -229.80
C LYS T 87 -17.34 58.46 -228.68
N CYS T 88 -18.52 59.04 -228.47
CA CYS T 88 -18.79 59.96 -227.38
C CYS T 88 -19.48 59.35 -226.18
N GLN T 89 -20.08 58.17 -226.25
CA GLN T 89 -20.90 57.66 -225.16
C GLN T 89 -20.08 57.43 -223.87
N ASP T 90 -18.76 57.30 -224.03
CA ASP T 90 -17.78 57.24 -222.95
C ASP T 90 -17.15 58.62 -222.64
N LEU T 91 -17.02 59.48 -223.65
CA LEU T 91 -16.54 60.87 -223.47
C LEU T 91 -17.57 61.74 -222.75
N LEU T 92 -18.83 61.32 -222.73
CA LEU T 92 -19.82 61.73 -221.74
C LEU T 92 -19.33 61.31 -220.34
N ASN T 93 -18.51 62.17 -219.71
CA ASN T 93 -17.65 61.80 -218.60
C ASN T 93 -18.38 61.51 -217.27
N ALA T 94 -19.38 62.31 -216.91
CA ALA T 94 -19.99 62.25 -215.58
C ALA T 94 -20.96 61.06 -215.43
N ASP T 95 -21.28 60.67 -214.20
CA ASP T 95 -22.10 59.48 -213.94
C ASP T 95 -23.52 59.58 -214.50
N CYS T 96 -24.28 58.49 -214.47
CA CYS T 96 -25.61 58.47 -215.03
C CYS T 96 -26.60 59.39 -214.29
N LEU T 97 -26.43 59.68 -213.00
CA LEU T 97 -27.14 60.81 -212.39
C LEU T 97 -26.80 62.10 -213.13
N GLN T 98 -25.53 62.50 -213.14
CA GLN T 98 -25.10 63.76 -213.73
C GLN T 98 -25.46 63.85 -215.22
N ARG T 99 -25.21 62.81 -216.02
CA ARG T 99 -25.62 62.78 -217.43
C ARG T 99 -27.12 62.63 -217.62
N ALA T 100 -27.91 62.09 -216.67
CA ALA T 100 -29.36 62.23 -216.73
C ALA T 100 -29.76 63.70 -216.57
N ALA T 101 -29.09 64.42 -215.68
CA ALA T 101 -29.21 65.87 -215.57
C ALA T 101 -28.81 66.61 -216.85
N GLU T 102 -27.63 66.34 -217.41
CA GLU T 102 -27.17 67.01 -218.63
C GLU T 102 -28.03 66.66 -219.85
N LYS T 103 -28.45 65.40 -220.02
CA LYS T 103 -29.49 65.04 -221.00
C LYS T 103 -30.76 65.84 -220.79
N SER T 104 -31.23 65.95 -219.56
CA SER T 104 -32.45 66.70 -219.26
C SER T 104 -32.28 68.15 -219.66
N SER T 105 -31.12 68.77 -219.44
CA SER T 105 -30.86 70.13 -219.93
C SER T 105 -30.84 70.24 -221.46
N LYS T 106 -30.39 69.19 -222.18
CA LYS T 106 -30.30 69.16 -223.66
C LYS T 106 -31.58 68.68 -224.36
N HIS T 107 -32.48 68.01 -223.64
CA HIS T 107 -33.89 67.81 -224.02
C HIS T 107 -34.75 69.04 -223.65
N GLY T 108 -34.54 69.70 -222.49
CA GLY T 108 -35.17 70.98 -222.12
C GLY T 108 -35.03 71.43 -220.66
N ALA T 109 -35.21 70.53 -219.69
CA ALA T 109 -35.16 70.84 -218.25
C ALA T 109 -33.72 71.05 -217.72
N GLU T 110 -33.25 72.31 -217.73
CA GLU T 110 -31.97 72.70 -217.13
C GLU T 110 -31.97 72.55 -215.60
N ASP T 111 -33.13 72.73 -214.95
CA ASP T 111 -33.28 72.72 -213.49
C ASP T 111 -32.80 71.41 -212.86
N ARG T 112 -32.94 70.29 -213.58
CA ARG T 112 -32.39 68.97 -213.24
C ARG T 112 -30.88 69.04 -212.95
N THR T 113 -30.13 69.85 -213.69
CA THR T 113 -28.69 70.05 -213.47
C THR T 113 -28.43 70.63 -212.09
N GLN T 114 -29.14 71.70 -211.70
CA GLN T 114 -29.06 72.26 -210.35
C GLN T 114 -29.51 71.25 -209.29
N ASN T 115 -30.55 70.48 -209.57
CA ASN T 115 -30.96 69.37 -208.73
C ASN T 115 -29.80 68.37 -208.51
N ILE T 116 -29.08 67.94 -209.54
CA ILE T 116 -28.03 66.93 -209.36
C ILE T 116 -26.72 67.54 -208.86
N ILE T 117 -26.49 68.83 -209.06
CA ILE T 117 -25.53 69.58 -208.25
C ILE T 117 -25.94 69.51 -206.77
N MET T 118 -27.22 69.67 -206.45
CA MET T 118 -27.71 69.47 -205.10
C MET T 118 -27.64 68.00 -204.65
N VAL T 119 -27.78 67.01 -205.55
CA VAL T 119 -27.46 65.61 -205.22
C VAL T 119 -25.99 65.46 -204.87
N LEU T 120 -25.08 66.08 -205.62
CA LEU T 120 -23.66 66.08 -205.34
C LEU T 120 -23.39 66.70 -203.96
N LYS T 121 -23.97 67.87 -203.68
CA LYS T 121 -23.91 68.50 -202.34
C LYS T 121 -24.46 67.56 -201.27
N ASP T 122 -25.67 67.06 -201.45
CA ASP T 122 -26.35 66.22 -200.47
C ASP T 122 -25.61 64.91 -200.23
N ARG T 123 -25.09 64.28 -201.28
CA ARG T 123 -24.19 63.12 -201.18
C ARG T 123 -23.02 63.41 -200.29
N MET T 124 -22.30 64.51 -200.51
CA MET T 124 -21.15 64.91 -199.69
C MET T 124 -21.55 65.29 -198.26
N LYS T 125 -22.68 65.98 -198.03
CA LYS T 125 -23.23 66.26 -196.69
C LYS T 125 -23.59 64.99 -195.93
N ILE T 126 -24.33 64.08 -196.58
CA ILE T 126 -24.71 62.78 -196.03
C ILE T 126 -23.44 62.00 -195.72
N ARG T 127 -22.53 61.89 -196.67
CA ARG T 127 -21.23 61.22 -196.52
C ARG T 127 -20.47 61.70 -195.28
N GLU T 128 -20.35 63.00 -195.13
CA GLU T 128 -19.77 63.66 -193.96
C GLU T 128 -20.53 63.35 -192.68
N ARG T 129 -21.85 63.48 -192.69
CA ARG T 129 -22.70 63.35 -191.52
C ARG T 129 -22.81 61.89 -191.07
N ASN T 130 -22.74 60.96 -192.00
CA ASN T 130 -22.91 59.53 -191.78
C ASN T 130 -21.59 58.82 -191.55
N LYS T 131 -20.53 59.24 -192.25
CA LYS T 131 -19.17 58.73 -192.06
C LYS T 131 -18.17 59.82 -191.69
N PRO T 132 -18.46 60.69 -190.72
CA PRO T 132 -17.52 61.73 -190.29
C PRO T 132 -16.17 61.11 -189.89
N GLU T 133 -16.21 59.90 -189.33
CA GLU T 133 -15.04 59.15 -188.91
C GLU T 133 -14.08 58.85 -190.07
N ILE T 134 -14.54 58.77 -191.32
CA ILE T 134 -13.62 58.67 -192.45
C ILE T 134 -12.75 59.93 -192.50
N PHE T 135 -13.36 61.10 -192.45
CA PHE T 135 -12.69 62.38 -192.67
C PHE T 135 -11.82 62.79 -191.48
N GLU T 136 -12.31 62.54 -190.28
CA GLU T 136 -11.54 62.61 -189.04
C GLU T 136 -10.34 61.67 -189.08
N LEU T 137 -10.50 60.41 -189.49
CA LEU T 137 -9.37 59.50 -189.53
C LEU T 137 -8.31 59.96 -190.53
N ILE T 138 -8.71 60.44 -191.71
CA ILE T 138 -7.78 61.04 -192.68
C ILE T 138 -7.06 62.23 -192.03
N GLN T 139 -7.80 63.10 -191.35
CA GLN T 139 -7.22 64.17 -190.56
C GLN T 139 -6.21 63.66 -189.51
N GLU T 140 -6.53 62.67 -188.69
CA GLU T 140 -5.61 62.18 -187.67
C GLU T 140 -4.41 61.42 -188.24
N VAL T 141 -4.62 60.58 -189.25
CA VAL T 141 -3.59 59.79 -189.95
C VAL T 141 -2.59 60.69 -190.62
N PHE T 142 -3.09 61.76 -191.23
CA PHE T 142 -2.28 62.82 -191.80
C PHE T 142 -1.98 63.94 -190.80
N ALA T 143 -2.33 63.73 -189.53
CA ALA T 143 -2.08 64.58 -188.37
C ALA T 143 -2.53 66.05 -188.52
N VAL T 144 -3.45 66.34 -189.42
CA VAL T 144 -3.96 67.69 -189.68
C VAL T 144 -4.85 68.14 -188.50
N THR T 145 -5.05 69.44 -188.27
CA THR T 145 -5.97 69.90 -187.20
C THR T 145 -7.43 69.84 -187.67
N LYS T 146 -8.40 69.92 -186.76
CA LYS T 146 -9.83 69.88 -187.11
C LYS T 146 -10.29 71.12 -187.89
N SER T 147 -9.81 72.30 -187.51
CA SER T 147 -10.07 73.56 -188.24
C SER T 147 -9.40 73.54 -189.61
N ALA T 148 -8.11 73.22 -189.71
CA ALA T 148 -7.41 73.16 -191.00
C ALA T 148 -7.96 72.03 -191.88
N HIS T 149 -8.35 70.91 -191.29
CA HIS T 149 -9.12 69.89 -191.96
C HIS T 149 -10.44 70.45 -192.49
N THR T 150 -11.18 71.24 -191.71
CA THR T 150 -12.39 71.92 -192.19
C THR T 150 -12.10 72.85 -193.38
N GLN T 151 -10.96 73.54 -193.39
CA GLN T 151 -10.61 74.44 -194.50
C GLN T 151 -10.08 73.70 -195.74
N GLN T 152 -9.27 72.64 -195.61
CA GLN T 152 -8.94 71.76 -196.75
C GLN T 152 -10.15 70.95 -197.21
N MET T 153 -11.08 70.67 -196.31
CA MET T 153 -12.35 70.05 -196.66
C MET T 153 -13.22 71.03 -197.44
N LYS T 154 -13.31 72.32 -197.06
CA LYS T 154 -13.83 73.37 -197.93
C LYS T 154 -13.15 73.31 -199.29
N ALA T 155 -11.82 73.17 -199.34
CA ALA T 155 -11.13 73.06 -200.62
C ALA T 155 -11.54 71.81 -201.44
N VAL T 156 -11.56 70.59 -200.89
CA VAL T 156 -11.95 69.40 -201.68
C VAL T 156 -13.45 69.27 -201.90
N LYS T 157 -14.29 69.79 -200.99
CA LYS T 157 -15.71 70.01 -201.24
C LYS T 157 -15.80 70.91 -202.44
N GLN T 158 -15.17 72.07 -202.43
CA GLN T 158 -15.18 72.97 -203.56
C GLN T 158 -14.60 72.30 -204.80
N SER T 159 -13.58 71.45 -204.71
CA SER T 159 -13.06 70.72 -205.87
C SER T 159 -14.03 69.69 -206.47
N VAL T 160 -15.15 69.40 -205.80
CA VAL T 160 -16.26 68.61 -206.35
C VAL T 160 -17.62 69.35 -206.27
N LEU T 161 -17.70 70.56 -205.69
CA LEU T 161 -18.93 71.32 -205.42
C LEU T 161 -18.92 72.73 -206.00
N ASP T 162 -17.78 73.41 -206.04
CA ASP T 162 -17.56 74.41 -207.08
C ASP T 162 -17.35 73.65 -208.40
N GLY T 163 -16.42 72.69 -208.39
CA GLY T 163 -16.16 71.70 -209.45
C GLY T 163 -17.24 70.64 -209.66
N THR T 164 -18.50 70.97 -209.39
CA THR T 164 -19.66 70.06 -209.52
C THR T 164 -20.15 69.83 -210.95
N SER T 165 -19.80 70.71 -211.89
CA SER T 165 -20.32 70.70 -213.27
C SER T 165 -19.57 71.67 -214.20
N LYS T 166 -18.26 71.87 -213.98
CA LYS T 166 -17.51 73.02 -214.53
C LYS T 166 -16.68 72.68 -215.77
N TRP T 167 -16.74 73.59 -216.75
CA TRP T 167 -15.78 73.72 -217.85
C TRP T 167 -15.39 75.22 -217.97
N SER T 168 -15.07 75.83 -216.82
CA SER T 168 -14.68 77.23 -216.66
C SER T 168 -13.16 77.40 -216.87
N ALA T 169 -12.69 77.01 -218.05
CA ALA T 169 -11.29 76.94 -218.39
C ALA T 169 -10.58 78.29 -218.39
N LYS T 170 -9.56 78.42 -217.54
CA LYS T 170 -8.46 79.34 -217.86
C LYS T 170 -7.72 78.75 -219.06
N ILE T 171 -7.28 79.61 -219.97
CA ILE T 171 -6.54 79.28 -221.18
C ILE T 171 -5.30 80.17 -221.20
N SER T 172 -4.15 79.66 -221.62
CA SER T 172 -2.88 80.37 -221.60
C SER T 172 -2.15 80.15 -222.92
N ILE T 173 -2.40 81.07 -223.85
CA ILE T 173 -2.01 81.00 -225.25
C ILE T 173 -0.67 81.67 -225.44
N THR T 174 0.40 80.88 -225.51
CA THR T 174 1.67 81.39 -226.00
C THR T 174 1.69 81.39 -227.52
N VAL T 175 1.60 82.56 -228.11
CA VAL T 175 1.98 82.75 -229.51
C VAL T 175 3.49 82.52 -229.61
N VAL T 176 3.91 81.42 -230.21
CA VAL T 176 5.32 81.03 -230.25
C VAL T 176 6.05 81.67 -231.42
N CYS T 177 5.66 81.36 -232.64
CA CYS T 177 6.40 81.79 -233.84
C CYS T 177 5.49 81.67 -235.07
N ALA T 178 5.93 82.20 -236.20
CA ALA T 178 5.32 81.92 -237.50
C ALA T 178 6.41 81.64 -238.55
N GLN T 179 5.99 81.05 -239.67
CA GLN T 179 6.83 80.67 -240.80
C GLN T 179 6.11 80.99 -242.12
N GLY T 180 6.82 81.52 -243.12
CA GLY T 180 6.28 81.74 -244.47
C GLY T 180 5.24 82.85 -244.59
N LEU T 181 5.21 83.83 -243.67
CA LEU T 181 4.24 84.93 -243.70
C LEU T 181 4.29 85.74 -245.01
N GLN T 182 3.18 86.36 -245.37
CA GLN T 182 3.14 87.29 -246.50
C GLN T 182 3.88 88.59 -246.13
N ALA T 183 4.61 89.17 -247.07
CA ALA T 183 5.19 90.50 -246.90
C ALA T 183 4.13 91.60 -247.05
N LYS T 184 4.23 92.64 -246.20
CA LYS T 184 3.36 93.84 -246.21
C LYS T 184 4.08 95.14 -245.77
N ASP T 185 5.35 95.07 -245.39
CA ASP T 185 5.95 96.11 -244.51
C ASP T 185 6.27 97.45 -245.18
N LYS T 186 6.48 98.43 -244.30
CA LYS T 186 7.33 99.59 -244.51
C LYS T 186 8.80 99.17 -244.82
N THR T 187 9.32 98.10 -244.21
CA THR T 187 10.65 97.50 -244.50
C THR T 187 10.74 96.67 -245.81
N GLY T 188 9.61 96.38 -246.46
CA GLY T 188 9.50 95.38 -247.53
C GLY T 188 9.38 93.92 -247.08
N SER T 189 9.56 93.60 -245.80
CA SER T 189 9.33 92.26 -245.24
C SER T 189 7.94 92.21 -244.58
N SER T 190 7.84 91.97 -243.27
CA SER T 190 6.76 92.46 -242.39
C SER T 190 7.29 92.73 -241.00
N ASP T 191 6.56 93.55 -240.24
CA ASP T 191 6.66 93.70 -238.81
C ASP T 191 5.53 92.91 -238.14
N PRO T 192 5.51 91.57 -238.23
CA PRO T 192 4.42 90.77 -237.69
C PRO T 192 4.33 90.87 -236.15
N TYR T 193 3.14 91.21 -235.68
CA TYR T 193 2.64 90.84 -234.36
C TYR T 193 1.37 90.01 -234.51
N VAL T 194 0.78 89.61 -233.40
CA VAL T 194 -0.42 88.77 -233.35
C VAL T 194 -1.41 89.35 -232.36
N THR T 195 -2.70 89.34 -232.66
CA THR T 195 -3.75 89.41 -231.64
C THR T 195 -4.29 88.03 -231.38
N VAL T 196 -4.61 87.77 -230.12
CA VAL T 196 -5.39 86.61 -229.71
C VAL T 196 -6.71 87.11 -229.14
N GLN T 197 -7.81 86.40 -229.40
CA GLN T 197 -9.12 86.69 -228.86
C GLN T 197 -9.83 85.39 -228.43
N VAL T 198 -10.48 85.41 -227.26
CA VAL T 198 -11.33 84.30 -226.77
C VAL T 198 -12.59 84.92 -226.18
N GLY T 199 -13.78 84.46 -226.61
CA GLY T 199 -15.01 85.24 -226.38
C GLY T 199 -14.91 86.65 -226.97
N LYS T 200 -15.37 87.66 -226.23
CA LYS T 200 -15.21 89.08 -226.59
C LYS T 200 -13.77 89.60 -226.32
N THR T 201 -13.05 89.01 -225.38
CA THR T 201 -11.75 89.50 -224.87
C THR T 201 -10.64 89.37 -225.92
N LYS T 202 -9.83 90.41 -226.11
CA LYS T 202 -8.78 90.52 -227.13
C LYS T 202 -7.47 91.08 -226.54
N LYS T 203 -6.33 90.49 -226.93
CA LYS T 203 -4.96 90.81 -226.48
C LYS T 203 -3.99 90.74 -227.64
N ARG T 204 -2.76 91.27 -227.52
CA ARG T 204 -1.75 91.18 -228.59
C ARG T 204 -0.33 90.86 -228.12
N THR T 205 0.42 90.17 -228.96
CA THR T 205 1.88 90.13 -228.90
C THR T 205 2.45 91.50 -229.23
N LYS T 206 3.65 91.78 -228.71
CA LYS T 206 4.54 92.75 -229.31
C LYS T 206 4.96 92.29 -230.71
N THR T 207 5.70 93.15 -231.36
CA THR T 207 5.97 93.04 -232.80
C THR T 207 7.37 92.50 -233.01
N ILE T 208 7.51 91.50 -233.87
CA ILE T 208 8.79 91.19 -234.47
C ILE T 208 8.88 92.02 -235.74
N TYR T 209 10.02 92.66 -235.97
CA TYR T 209 10.19 93.66 -237.02
C TYR T 209 11.01 93.09 -238.20
N GLY T 210 10.62 93.39 -239.44
CA GLY T 210 11.34 92.99 -240.64
C GLY T 210 11.43 91.48 -240.94
N ASN T 211 10.57 90.64 -240.37
CA ASN T 211 10.68 89.18 -240.41
C ASN T 211 9.40 88.51 -240.97
N LEU T 212 9.54 87.48 -241.80
CA LEU T 212 8.44 86.61 -242.26
C LEU T 212 8.40 85.24 -241.58
N ASN T 213 9.42 84.93 -240.76
CA ASN T 213 9.50 83.76 -239.90
C ASN T 213 9.69 84.17 -238.41
N PRO T 214 8.84 85.04 -237.84
CA PRO T 214 9.03 85.64 -236.52
C PRO T 214 8.95 84.63 -235.37
N VAL T 215 9.66 84.87 -234.27
CA VAL T 215 9.44 84.17 -233.00
C VAL T 215 9.02 85.19 -231.94
N TRP T 216 7.82 85.03 -231.37
CA TRP T 216 7.33 85.84 -230.25
C TRP T 216 7.57 85.16 -228.89
N GLU T 217 7.13 83.90 -228.73
CA GLU T 217 7.02 83.21 -227.44
C GLU T 217 6.23 84.02 -226.39
N GLU T 218 5.15 84.68 -226.78
CA GLU T 218 4.38 85.61 -225.93
C GLU T 218 3.03 85.04 -225.50
N ASN T 219 2.77 85.04 -224.19
CA ASN T 219 1.63 84.35 -223.59
C ASN T 219 0.48 85.28 -223.20
N PHE T 220 -0.73 84.86 -223.54
CA PHE T 220 -1.98 85.51 -223.22
C PHE T 220 -2.86 84.58 -222.41
N HIS T 221 -3.18 84.99 -221.19
CA HIS T 221 -4.22 84.34 -220.42
C HIS T 221 -5.61 84.79 -220.88
N PHE T 222 -6.54 83.85 -220.89
CA PHE T 222 -7.95 84.05 -221.21
C PHE T 222 -8.83 83.16 -220.33
N GLU T 223 -10.11 83.51 -220.27
CA GLU T 223 -11.14 82.70 -219.65
C GLU T 223 -12.15 82.25 -220.70
N CYS T 224 -12.45 80.96 -220.70
CA CYS T 224 -13.51 80.36 -221.49
C CYS T 224 -14.45 79.61 -220.56
N HIS T 225 -15.74 79.60 -220.88
CA HIS T 225 -16.79 79.01 -220.06
C HIS T 225 -17.65 78.00 -220.86
N ASN T 226 -17.15 77.60 -222.04
CA ASN T 226 -17.89 76.82 -223.04
C ASN T 226 -16.92 76.08 -223.97
N SER T 227 -16.94 74.76 -223.96
CA SER T 227 -16.13 73.93 -224.86
C SER T 227 -16.44 74.15 -226.35
N SER T 228 -17.61 74.68 -226.69
CA SER T 228 -17.97 75.10 -228.04
C SER T 228 -17.53 76.52 -228.40
N ASP T 229 -16.81 77.27 -227.56
CA ASP T 229 -16.17 78.54 -227.96
C ASP T 229 -15.07 78.32 -229.02
N ARG T 230 -14.61 79.41 -229.62
CA ARG T 230 -13.39 79.43 -230.43
C ARG T 230 -12.37 80.39 -229.85
N ILE T 231 -11.10 79.99 -229.91
CA ILE T 231 -9.98 80.92 -229.96
C ILE T 231 -9.90 81.50 -231.38
N LYS T 232 -9.62 82.80 -231.50
CA LYS T 232 -9.23 83.45 -232.75
C LYS T 232 -7.81 83.99 -232.62
N VAL T 233 -6.92 83.68 -233.56
CA VAL T 233 -5.54 84.16 -233.58
C VAL T 233 -5.24 84.82 -234.91
N ARG T 234 -4.74 86.05 -234.90
CA ARG T 234 -4.63 86.89 -236.12
C ARG T 234 -3.29 87.60 -236.14
N VAL T 235 -2.61 87.58 -237.27
CA VAL T 235 -1.25 88.11 -237.45
C VAL T 235 -1.35 89.43 -238.22
N TRP T 236 -0.62 90.44 -237.79
CA TRP T 236 -0.71 91.81 -238.28
C TRP T 236 0.67 92.39 -238.52
N ASP T 237 0.89 93.02 -239.65
CA ASP T 237 2.07 93.81 -239.89
C ASP T 237 1.95 95.18 -239.20
N GLU T 238 2.79 95.49 -238.23
CA GLU T 238 2.63 96.71 -237.45
C GLU T 238 2.91 97.97 -238.27
N ASP T 239 1.88 98.60 -238.81
CA ASP T 239 1.97 99.88 -239.49
C ASP T 239 1.76 101.03 -238.49
N ASP T 240 2.83 101.77 -238.19
CA ASP T 240 2.74 103.05 -237.49
C ASP T 240 3.21 104.16 -238.42
N ASP T 241 2.28 104.66 -239.24
CA ASP T 241 2.51 105.65 -240.28
C ASP T 241 1.22 106.48 -240.54
N ILE T 242 1.31 107.54 -241.33
CA ILE T 242 0.13 108.40 -241.63
C ILE T 242 -1.02 107.57 -242.22
N LYS T 243 -0.71 106.57 -243.05
CA LYS T 243 -1.71 105.62 -243.58
C LYS T 243 -2.42 104.86 -242.46
N SER T 244 -1.74 104.30 -241.47
CA SER T 244 -2.41 103.61 -240.37
C SER T 244 -3.19 104.57 -239.48
N ARG T 245 -2.69 105.78 -239.20
CA ARG T 245 -3.44 106.84 -238.50
C ARG T 245 -4.71 107.27 -239.23
N VAL T 246 -4.73 107.25 -240.56
CA VAL T 246 -5.94 107.43 -241.38
C VAL T 246 -6.84 106.19 -241.32
N LYS T 247 -6.29 104.99 -241.56
CA LYS T 247 -7.05 103.71 -241.54
C LYS T 247 -7.79 103.50 -240.22
N GLN T 248 -7.22 103.91 -239.08
CA GLN T 248 -7.86 103.81 -237.76
C GLN T 248 -9.21 104.54 -237.64
N ARG T 249 -9.53 105.43 -238.58
CA ARG T 249 -10.81 106.17 -238.67
C ARG T 249 -11.90 105.40 -239.43
N PHE T 250 -11.56 104.27 -240.06
CA PHE T 250 -12.43 103.51 -240.99
C PHE T 250 -12.39 101.96 -240.82
N LYS T 251 -11.26 101.37 -240.40
CA LYS T 251 -11.09 99.93 -240.10
C LYS T 251 -10.45 99.71 -238.72
N ARG T 252 -10.92 98.71 -237.98
CA ARG T 252 -10.39 98.33 -236.63
C ARG T 252 -8.97 97.78 -236.62
N GLU T 253 -8.50 97.25 -237.75
CA GLU T 253 -7.26 96.45 -237.83
C GLU T 253 -6.18 97.19 -238.61
N SER T 254 -5.65 98.26 -238.03
CA SER T 254 -4.77 99.26 -238.66
C SER T 254 -3.36 98.80 -239.05
N ASP T 255 -3.12 97.49 -239.10
CA ASP T 255 -1.81 96.85 -239.06
C ASP T 255 -1.84 95.67 -240.03
N ASP T 256 -1.35 95.86 -241.27
CA ASP T 256 -1.78 95.08 -242.43
C ASP T 256 -1.73 93.56 -242.19
N PHE T 257 -2.92 92.97 -242.24
CA PHE T 257 -3.13 91.61 -241.78
C PHE T 257 -2.39 90.56 -242.61
N LEU T 258 -1.73 89.67 -241.88
CA LEU T 258 -0.81 88.64 -242.38
C LEU T 258 -1.41 87.24 -242.37
N GLY T 259 -2.56 87.06 -241.72
CA GLY T 259 -3.31 85.81 -241.71
C GLY T 259 -3.85 85.40 -240.34
N GLN T 260 -4.78 84.46 -240.26
CA GLN T 260 -5.37 83.99 -238.99
C GLN T 260 -5.50 82.46 -238.90
N THR T 261 -5.68 81.96 -237.67
CA THR T 261 -6.20 80.62 -237.40
C THR T 261 -7.31 80.71 -236.34
N ILE T 262 -8.30 79.81 -236.43
CA ILE T 262 -9.44 79.76 -235.51
C ILE T 262 -9.58 78.30 -235.02
N ILE T 263 -9.71 78.12 -233.71
CA ILE T 263 -9.54 76.82 -233.05
C ILE T 263 -10.70 76.56 -232.08
N GLU T 264 -11.39 75.42 -232.18
CA GLU T 264 -12.47 75.07 -231.25
C GLU T 264 -11.92 74.73 -229.87
N VAL T 265 -12.55 75.25 -228.81
CA VAL T 265 -12.09 74.99 -227.45
C VAL T 265 -12.13 73.49 -227.11
N ARG T 266 -13.04 72.68 -227.66
CA ARG T 266 -13.03 71.22 -227.44
C ARG T 266 -11.89 70.46 -228.14
N THR T 267 -11.17 71.06 -229.09
CA THR T 267 -9.91 70.45 -229.58
C THR T 267 -8.79 70.62 -228.56
N LEU T 268 -8.93 71.56 -227.61
CA LEU T 268 -7.96 71.81 -226.57
C LEU T 268 -8.11 70.86 -225.38
N SER T 269 -7.00 70.64 -224.70
CA SER T 269 -6.91 69.97 -223.40
C SER T 269 -5.59 70.39 -222.74
N GLY T 270 -5.47 70.23 -221.42
CA GLY T 270 -4.20 70.25 -220.68
C GLY T 270 -3.18 71.31 -221.13
N GLU T 271 -2.19 70.89 -221.91
CA GLU T 271 -1.22 71.74 -222.59
C GLU T 271 -0.98 71.29 -224.03
N MET T 272 -0.77 72.23 -224.94
CA MET T 272 -0.57 72.01 -226.38
C MET T 272 0.57 72.87 -226.93
N ASP T 273 1.15 72.45 -228.05
CA ASP T 273 2.17 73.18 -228.80
C ASP T 273 2.14 72.77 -230.28
N VAL T 274 1.43 73.56 -231.09
CA VAL T 274 0.92 73.17 -232.43
C VAL T 274 1.16 74.31 -233.41
N TRP T 275 1.47 74.04 -234.69
CA TRP T 275 1.41 75.08 -235.72
C TRP T 275 0.33 74.87 -236.78
N TYR T 276 -0.31 75.99 -237.10
CA TYR T 276 -1.55 76.13 -237.86
C TYR T 276 -1.28 76.97 -239.12
N ASN T 277 -1.64 76.50 -240.31
CA ASN T 277 -1.59 77.36 -241.49
C ASN T 277 -2.56 78.54 -241.36
N LEU T 278 -2.20 79.68 -241.97
CA LEU T 278 -2.92 80.94 -241.87
C LEU T 278 -3.93 81.19 -242.99
N ASP T 279 -4.99 81.91 -242.65
CA ASP T 279 -6.19 82.17 -243.46
C ASP T 279 -6.50 83.68 -243.58
N LYS T 280 -7.26 84.08 -244.61
CA LYS T 280 -7.72 85.48 -244.85
C LYS T 280 -8.78 85.95 -243.84
N ARG T 281 -9.01 87.27 -243.78
CA ARG T 281 -10.13 87.91 -243.04
C ARG T 281 -10.64 89.18 -243.71
N THR T 282 -9.86 90.25 -243.61
CA THR T 282 -10.21 91.61 -244.05
C THR T 282 -10.15 91.78 -245.57
N ASP T 283 -10.70 92.88 -246.07
CA ASP T 283 -10.56 93.31 -247.47
C ASP T 283 -9.10 93.56 -247.90
N LYS T 284 -8.21 93.84 -246.94
CA LYS T 284 -6.76 94.06 -247.12
C LYS T 284 -5.90 92.78 -247.13
N SER T 285 -6.51 91.60 -246.98
CA SER T 285 -5.80 90.33 -246.76
C SER T 285 -5.03 89.84 -248.00
N ALA T 286 -3.73 89.62 -247.86
CA ALA T 286 -2.95 88.66 -248.66
C ALA T 286 -2.17 87.82 -247.63
N VAL T 287 -2.25 86.50 -247.73
CA VAL T 287 -1.92 85.59 -246.61
C VAL T 287 -1.10 84.40 -247.12
N SER T 288 -0.14 83.95 -246.32
CA SER T 288 0.66 82.74 -246.56
C SER T 288 1.27 82.24 -245.25
N GLY T 289 1.74 80.99 -245.23
CA GLY T 289 2.49 80.42 -244.11
C GLY T 289 1.63 79.94 -242.94
N ALA T 290 2.26 79.82 -241.76
CA ALA T 290 1.68 79.21 -240.57
C ALA T 290 2.15 79.88 -239.25
N ILE T 291 1.35 79.72 -238.19
CA ILE T 291 1.63 80.18 -236.83
C ILE T 291 1.68 79.01 -235.83
N ARG T 292 2.75 78.94 -235.04
CA ARG T 292 2.90 78.04 -233.90
C ARG T 292 2.36 78.68 -232.63
N LEU T 293 1.43 77.99 -231.99
CA LEU T 293 0.83 78.34 -230.72
C LEU T 293 1.08 77.23 -229.71
N HIS T 294 1.71 77.59 -228.60
CA HIS T 294 1.52 76.84 -227.38
C HIS T 294 0.21 77.32 -226.73
N ILE T 295 -0.59 76.41 -226.21
CA ILE T 295 -1.92 76.69 -225.64
C ILE T 295 -2.11 75.78 -224.44
N SER T 296 -2.06 76.33 -223.24
CA SER T 296 -2.47 75.61 -222.03
C SER T 296 -3.94 75.89 -221.70
N VAL T 297 -4.63 74.90 -221.10
CA VAL T 297 -6.03 74.93 -220.75
C VAL T 297 -6.24 74.26 -219.39
N GLU T 298 -6.55 75.07 -218.40
CA GLU T 298 -6.55 74.67 -216.99
C GLU T 298 -7.88 74.05 -216.52
N ILE T 299 -8.53 73.31 -217.43
CA ILE T 299 -9.39 72.19 -217.05
C ILE T 299 -8.54 71.05 -216.43
N LYS T 300 -7.24 71.05 -216.77
CA LYS T 300 -6.13 70.40 -216.06
C LYS T 300 -6.24 70.59 -214.55
N GLY T 301 -6.07 69.50 -213.80
CA GLY T 301 -6.16 69.46 -212.33
C GLY T 301 -4.90 68.86 -211.70
N GLU T 302 -5.08 67.89 -210.79
CA GLU T 302 -4.00 67.06 -210.25
C GLU T 302 -3.49 66.07 -211.32
N GLU T 303 -2.75 66.59 -212.29
CA GLU T 303 -1.91 65.75 -213.15
C GLU T 303 -0.61 65.35 -212.42
N LYS T 304 -0.27 66.06 -211.33
CA LYS T 304 0.89 65.84 -210.46
C LYS T 304 0.90 64.52 -209.68
N VAL T 305 0.13 63.53 -210.12
CA VAL T 305 -0.04 62.27 -209.40
C VAL T 305 1.31 61.64 -209.16
N ALA T 306 1.64 61.31 -207.92
CA ALA T 306 2.56 60.19 -207.80
C ALA T 306 1.76 58.99 -208.37
N PRO T 307 2.37 58.07 -209.14
CA PRO T 307 1.66 56.94 -209.74
C PRO T 307 0.86 56.29 -208.63
N TYR T 308 -0.43 56.08 -208.84
CA TYR T 308 -1.33 56.08 -207.69
C TYR T 308 -1.08 54.98 -206.66
N HIS T 309 -0.37 53.95 -207.09
CA HIS T 309 0.50 53.07 -206.33
C HIS T 309 1.17 53.77 -205.14
N VAL T 310 2.08 54.70 -205.41
CA VAL T 310 2.86 55.45 -204.44
C VAL T 310 1.98 56.29 -203.54
N GLN T 311 0.95 56.93 -204.10
CA GLN T 311 0.00 57.67 -203.29
C GLN T 311 -0.75 56.77 -202.30
N TYR T 312 -1.17 55.61 -202.78
CA TYR T 312 -1.78 54.57 -201.96
C TYR T 312 -0.81 54.07 -200.90
N THR T 313 0.47 53.89 -201.24
CA THR T 313 1.47 53.44 -200.28
C THR T 313 1.64 54.45 -199.15
N CYS T 314 1.79 55.73 -199.49
CA CYS T 314 1.86 56.82 -198.53
C CYS T 314 0.65 56.80 -197.60
N LEU T 315 -0.54 56.73 -198.20
CA LEU T 315 -1.77 56.57 -197.45
C LEU T 315 -1.69 55.39 -196.49
N HIS T 316 -1.34 54.23 -197.02
CA HIS T 316 -1.29 52.97 -196.29
C HIS T 316 -0.28 52.98 -195.15
N GLU T 317 0.91 53.51 -195.35
CA GLU T 317 1.95 53.58 -194.32
C GLU T 317 1.54 54.50 -193.18
N ASN T 318 1.04 55.67 -193.55
CA ASN T 318 0.51 56.61 -192.59
C ASN T 318 -0.63 55.98 -191.82
N LEU T 319 -1.56 55.34 -192.50
CA LEU T 319 -2.67 54.70 -191.84
C LEU T 319 -2.16 53.57 -190.93
N PHE T 320 -1.23 52.74 -191.39
CA PHE T 320 -0.69 51.63 -190.62
C PHE T 320 0.00 52.08 -189.35
N HIS T 321 0.91 53.05 -189.44
CA HIS T 321 1.53 53.59 -188.25
C HIS T 321 0.43 54.17 -187.34
N PHE T 322 -0.54 54.86 -187.91
CA PHE T 322 -1.57 55.51 -187.11
C PHE T 322 -2.36 54.47 -186.33
N VAL T 323 -2.78 53.42 -186.99
CA VAL T 323 -3.54 52.34 -186.37
C VAL T 323 -2.65 51.64 -185.34
N THR T 324 -1.55 51.05 -185.77
CA THR T 324 -0.74 50.22 -184.88
C THR T 324 -0.16 51.06 -183.76
N ASP T 325 0.52 52.13 -184.11
CA ASP T 325 1.21 52.96 -183.16
C ASP T 325 0.26 53.94 -182.50
N VAL T 326 -0.44 54.78 -183.24
CA VAL T 326 -1.17 55.87 -182.58
C VAL T 326 -2.39 55.37 -181.84
N GLN T 327 -3.24 54.59 -182.49
CA GLN T 327 -4.44 54.07 -181.87
C GLN T 327 -4.10 52.93 -180.91
N ASN T 328 -3.21 52.02 -181.34
CA ASN T 328 -2.97 50.77 -180.64
C ASN T 328 -1.63 50.71 -179.92
N ASN T 329 -0.94 51.84 -179.79
CA ASN T 329 0.24 51.98 -178.94
C ASN T 329 1.34 50.98 -179.31
N GLY T 330 1.47 50.74 -180.61
CA GLY T 330 2.40 49.81 -181.25
C GLY T 330 1.86 48.40 -181.38
N VAL T 331 0.81 48.04 -180.65
CA VAL T 331 0.15 46.74 -180.80
C VAL T 331 -0.45 46.70 -182.19
N VAL T 332 -0.21 45.62 -182.90
CA VAL T 332 -0.90 45.39 -184.16
C VAL T 332 -2.30 44.85 -183.86
N LYS T 333 -3.33 45.70 -183.93
CA LYS T 333 -4.72 45.22 -184.08
C LYS T 333 -4.84 44.50 -185.42
N ILE T 334 -5.10 43.20 -185.40
CA ILE T 334 -5.36 42.42 -186.63
C ILE T 334 -6.75 42.86 -187.17
N PRO T 335 -6.91 43.18 -188.48
CA PRO T 335 -8.02 43.98 -189.03
C PRO T 335 -9.44 43.52 -188.72
N ASP T 336 -10.44 44.36 -189.04
CA ASP T 336 -11.80 43.85 -189.30
C ASP T 336 -11.83 43.15 -190.67
N ALA T 337 -11.05 42.08 -190.76
CA ALA T 337 -10.73 41.31 -191.94
C ALA T 337 -11.70 40.14 -192.21
N LYS T 338 -11.79 39.70 -193.47
CA LYS T 338 -12.73 38.64 -193.91
C LYS T 338 -12.02 37.59 -194.77
N GLY T 339 -12.20 36.32 -194.44
CA GLY T 339 -11.56 35.17 -195.09
C GLY T 339 -10.03 35.13 -194.98
N ASP T 340 -9.41 34.24 -195.75
CA ASP T 340 -7.96 34.27 -196.04
C ASP T 340 -7.56 35.63 -196.66
N ASP T 341 -8.51 36.18 -197.42
CA ASP T 341 -8.63 37.57 -197.89
C ASP T 341 -8.61 38.65 -196.80
N ALA T 342 -8.36 38.26 -195.55
CA ALA T 342 -7.71 39.12 -194.56
C ALA T 342 -6.45 39.76 -195.15
N TRP T 343 -5.77 39.03 -196.02
CA TRP T 343 -4.66 39.52 -196.81
C TRP T 343 -4.99 40.72 -197.73
N LYS T 344 -6.28 40.98 -197.98
CA LYS T 344 -6.83 42.14 -198.72
C LYS T 344 -7.62 43.11 -197.84
N VAL T 345 -7.93 42.73 -196.61
CA VAL T 345 -8.57 43.62 -195.65
C VAL T 345 -7.58 43.96 -194.60
N TYR T 346 -6.93 45.06 -194.84
CA TYR T 346 -5.82 45.54 -194.04
C TYR T 346 -6.31 46.20 -192.75
N TYR T 347 -7.56 46.69 -192.74
CA TYR T 347 -8.08 47.48 -191.64
C TYR T 347 -9.56 47.25 -191.35
N ASP T 348 -10.00 47.88 -190.27
CA ASP T 348 -11.37 48.22 -189.95
C ASP T 348 -12.07 48.95 -191.09
N GLU T 349 -13.40 48.87 -191.16
CA GLU T 349 -14.23 49.47 -192.21
C GLU T 349 -13.75 50.82 -192.67
N THR T 350 -13.56 51.75 -191.74
CA THR T 350 -13.36 53.15 -192.09
C THR T 350 -12.07 53.29 -192.88
N ALA T 351 -11.01 52.72 -192.31
CA ALA T 351 -9.69 52.67 -192.88
C ALA T 351 -9.63 51.80 -194.15
N GLN T 352 -10.37 50.70 -194.16
CA GLN T 352 -10.44 49.82 -195.29
C GLN T 352 -11.12 50.51 -196.47
N GLU T 353 -12.24 51.18 -196.22
CA GLU T 353 -12.91 52.01 -197.19
C GLU T 353 -12.06 53.19 -197.64
N ILE T 354 -11.29 53.81 -196.75
CA ILE T 354 -10.29 54.82 -197.14
C ILE T 354 -9.36 54.25 -198.20
N VAL T 355 -8.63 53.18 -197.89
CA VAL T 355 -7.64 52.65 -198.83
C VAL T 355 -8.28 52.06 -200.07
N ASP T 356 -9.47 51.48 -199.94
CA ASP T 356 -10.20 50.92 -201.07
C ASP T 356 -10.79 52.01 -201.97
N GLU T 357 -11.45 53.05 -201.47
CA GLU T 357 -11.91 54.17 -202.31
C GLU T 357 -10.76 54.82 -203.04
N PHE T 358 -9.59 54.89 -202.42
CA PHE T 358 -8.37 55.31 -203.06
C PHE T 358 -7.94 54.31 -204.15
N ALA T 359 -7.79 53.04 -203.83
CA ALA T 359 -7.46 51.98 -204.78
C ALA T 359 -8.54 51.71 -205.83
N MET T 360 -9.74 52.25 -205.66
CA MET T 360 -10.84 52.20 -206.62
C MET T 360 -10.79 53.42 -207.52
N ARG T 361 -10.95 54.62 -206.94
CA ARG T 361 -10.86 55.89 -207.68
C ARG T 361 -9.54 55.98 -208.45
N TYR T 362 -8.50 55.35 -207.92
CA TYR T 362 -7.16 55.34 -208.48
C TYR T 362 -6.61 53.93 -208.76
N GLY T 363 -7.48 52.94 -208.91
CA GLY T 363 -7.20 51.64 -209.55
C GLY T 363 -6.22 50.67 -208.89
N VAL T 364 -5.45 51.08 -207.87
CA VAL T 364 -4.32 50.35 -207.30
C VAL T 364 -4.61 48.88 -207.03
N GLU T 365 -3.82 47.98 -207.64
CA GLU T 365 -4.10 46.55 -207.64
C GLU T 365 -3.96 45.90 -206.27
N SER T 366 -4.82 44.93 -205.98
CA SER T 366 -4.91 44.23 -204.69
C SER T 366 -3.57 43.68 -204.17
N ILE T 367 -2.73 43.13 -205.05
CA ILE T 367 -1.41 42.63 -204.67
C ILE T 367 -0.46 43.75 -204.22
N TYR T 368 -0.51 44.92 -204.86
CA TYR T 368 0.29 46.06 -204.47
C TYR T 368 -0.11 46.57 -203.08
N GLN T 369 -1.41 46.59 -202.83
CA GLN T 369 -1.97 46.89 -201.52
C GLN T 369 -1.47 45.91 -200.45
N ALA T 370 -1.46 44.61 -200.75
CA ALA T 370 -0.98 43.54 -199.87
C ALA T 370 0.52 43.59 -199.56
N MET T 371 1.39 43.76 -200.56
CA MET T 371 2.85 43.83 -200.33
C MET T 371 3.20 45.03 -199.45
N THR T 372 2.51 46.15 -199.66
CA THR T 372 2.59 47.34 -198.81
C THR T 372 2.25 47.03 -197.36
N HIS T 373 1.16 46.32 -197.12
CA HIS T 373 0.77 45.85 -195.80
C HIS T 373 1.76 44.86 -195.19
N PHE T 374 2.32 43.94 -195.96
CA PHE T 374 3.32 43.00 -195.46
C PHE T 374 4.62 43.72 -195.05
N ALA T 375 5.02 44.74 -195.82
CA ALA T 375 6.12 45.63 -195.46
C ALA T 375 5.85 46.32 -194.12
N CYS T 376 4.67 46.92 -193.97
CA CYS T 376 4.20 47.44 -192.70
C CYS T 376 4.31 46.38 -191.58
N LEU T 377 3.63 45.23 -191.69
CA LEU T 377 3.61 44.18 -190.65
C LEU T 377 5.01 43.73 -190.23
N SER T 378 5.95 43.64 -191.16
CA SER T 378 7.29 43.15 -190.85
C SER T 378 8.02 43.98 -189.80
N SER T 379 7.67 45.27 -189.68
CA SER T 379 8.20 46.15 -188.64
C SER T 379 7.67 45.83 -187.23
N LYS T 380 6.74 44.88 -187.11
CA LYS T 380 6.02 44.51 -185.89
C LYS T 380 5.91 42.99 -185.71
N TYR T 381 6.68 42.18 -186.46
CA TYR T 381 6.37 40.73 -186.66
C TYR T 381 6.26 39.91 -185.35
N MET T 382 6.91 40.38 -184.29
CA MET T 382 6.98 39.77 -182.96
C MET T 382 5.66 39.86 -182.16
N CYS T 383 4.73 40.75 -182.54
CA CYS T 383 3.44 40.89 -181.87
C CYS T 383 2.60 39.58 -181.97
N PRO T 384 1.79 39.23 -180.96
CA PRO T 384 1.10 37.94 -180.93
C PRO T 384 0.16 37.73 -182.12
N GLY T 385 0.10 36.52 -182.66
CA GLY T 385 -0.71 36.20 -183.85
C GLY T 385 -0.18 36.73 -185.18
N VAL T 386 0.64 37.80 -185.18
CA VAL T 386 1.19 38.37 -186.43
C VAL T 386 1.92 37.33 -187.28
N PRO T 387 2.64 36.31 -186.77
CA PRO T 387 3.25 35.31 -187.63
C PRO T 387 2.24 34.44 -188.37
N ALA T 388 1.09 34.19 -187.78
CA ALA T 388 0.00 33.54 -188.49
C ALA T 388 -0.52 34.44 -189.61
N VAL T 389 -0.74 35.73 -189.33
CA VAL T 389 -1.20 36.70 -190.33
C VAL T 389 -0.18 36.88 -191.44
N MET T 390 1.11 36.98 -191.12
CA MET T 390 2.16 37.10 -192.12
C MET T 390 2.33 35.78 -192.87
N SER T 391 2.16 34.62 -192.23
CA SER T 391 2.15 33.34 -192.94
C SER T 391 1.03 33.32 -193.96
N THR T 392 -0.14 33.81 -193.55
CA THR T 392 -1.33 33.94 -194.38
C THR T 392 -1.08 34.91 -195.53
N LEU T 393 -0.69 36.14 -195.21
CA LEU T 393 -0.45 37.20 -196.17
C LEU T 393 0.62 36.78 -197.17
N LEU T 394 1.66 36.09 -196.72
CA LEU T 394 2.69 35.58 -197.60
C LEU T 394 2.24 34.36 -198.39
N ALA T 395 1.48 33.45 -197.81
CA ALA T 395 0.88 32.37 -198.59
C ALA T 395 0.05 32.93 -199.73
N ASN T 396 -0.65 34.04 -199.50
CA ASN T 396 -1.40 34.73 -200.52
C ASN T 396 -0.55 35.51 -201.51
N ILE T 397 0.41 36.33 -201.07
CA ILE T 397 1.33 37.04 -201.98
C ILE T 397 2.11 36.02 -202.83
N ASN T 398 2.50 34.91 -202.23
CA ASN T 398 3.03 33.76 -202.94
C ASN T 398 2.01 33.26 -203.95
N ALA T 399 0.84 32.83 -203.50
CA ALA T 399 -0.18 32.28 -204.37
C ALA T 399 -0.55 33.24 -205.51
N TYR T 400 -0.47 34.53 -205.23
CA TYR T 400 -0.66 35.57 -206.22
C TYR T 400 0.39 35.49 -207.31
N TYR T 401 1.67 35.72 -206.99
CA TYR T 401 2.70 35.76 -208.02
C TYR T 401 3.02 34.38 -208.59
N ALA T 402 2.86 33.32 -207.81
CA ALA T 402 3.07 31.94 -208.23
C ALA T 402 1.92 31.40 -209.10
N HIS T 403 0.66 31.78 -208.84
CA HIS T 403 -0.51 31.13 -209.46
C HIS T 403 -1.53 32.12 -210.04
N THR T 404 -1.88 33.21 -209.37
CA THR T 404 -2.83 34.18 -209.97
C THR T 404 -2.18 34.83 -211.19
N THR T 405 -2.86 34.79 -212.33
CA THR T 405 -2.31 35.19 -213.64
C THR T 405 -1.03 34.43 -214.05
N ALA T 406 -0.76 33.26 -213.46
CA ALA T 406 0.19 32.29 -214.04
C ALA T 406 -0.29 31.69 -215.38
N SER T 407 -1.54 31.99 -215.76
CA SER T 407 -2.02 31.94 -217.15
C SER T 407 -1.16 32.76 -218.11
N THR T 408 -0.58 33.87 -217.66
CA THR T 408 0.52 34.54 -218.37
C THR T 408 1.76 33.65 -218.30
N ASN T 409 2.36 33.38 -219.46
CA ASN T 409 3.50 32.47 -219.59
C ASN T 409 4.78 33.01 -218.92
N VAL T 410 4.78 34.29 -218.54
CA VAL T 410 5.80 34.95 -217.73
C VAL T 410 6.03 34.19 -216.43
N SER T 411 7.29 34.06 -216.00
CA SER T 411 7.62 33.31 -214.77
C SER T 411 7.05 33.98 -213.52
N ALA T 412 6.96 33.24 -212.43
CA ALA T 412 6.53 33.82 -211.18
C ALA T 412 7.50 34.90 -210.71
N SER T 413 8.79 34.68 -210.86
CA SER T 413 9.84 35.62 -210.47
C SER T 413 9.80 36.88 -211.33
N ASP T 414 9.35 36.77 -212.57
CA ASP T 414 9.25 37.88 -213.52
C ASP T 414 7.92 38.64 -213.44
N ARG T 415 6.81 37.95 -213.21
CA ARG T 415 5.53 38.58 -212.87
C ARG T 415 5.69 39.36 -211.57
N PHE T 416 6.40 38.75 -210.62
CA PHE T 416 6.87 39.40 -209.43
C PHE T 416 7.83 40.56 -209.72
N ALA T 417 8.74 40.46 -210.69
CA ALA T 417 9.53 41.61 -211.13
C ALA T 417 8.66 42.75 -211.67
N ALA T 418 7.67 42.44 -212.49
CA ALA T 418 6.69 43.40 -212.99
C ALA T 418 5.77 43.96 -211.89
N SER T 419 5.91 43.49 -210.65
CA SER T 419 5.28 44.13 -209.52
C SER T 419 5.62 45.61 -209.49
N ASN T 420 4.59 46.45 -209.55
CA ASN T 420 4.74 47.88 -209.39
C ASN T 420 5.27 48.23 -207.98
N PHE T 421 5.14 47.33 -207.00
CA PHE T 421 5.76 47.49 -205.68
C PHE T 421 7.29 47.49 -205.76
N GLY T 422 7.86 46.74 -206.71
CA GLY T 422 9.29 46.50 -206.77
C GLY T 422 9.63 45.17 -206.12
N LYS T 423 9.90 44.16 -206.95
CA LYS T 423 10.35 42.84 -206.51
C LYS T 423 11.42 42.90 -205.44
N GLU T 424 12.50 43.59 -205.74
CA GLU T 424 13.70 43.74 -204.92
C GLU T 424 13.36 44.20 -203.50
N ARG T 425 12.64 45.30 -203.38
CA ARG T 425 12.10 45.85 -202.14
C ARG T 425 11.40 44.77 -201.32
N PHE T 426 10.65 43.89 -202.00
CA PHE T 426 9.97 42.79 -201.35
C PHE T 426 10.91 41.62 -200.97
N VAL T 427 11.86 41.26 -201.83
CA VAL T 427 12.86 40.22 -201.57
C VAL T 427 13.69 40.58 -200.34
N LYS T 428 14.20 41.82 -200.28
CA LYS T 428 14.96 42.35 -199.14
C LYS T 428 14.16 42.15 -197.84
N LEU T 429 12.93 42.64 -197.87
CA LEU T 429 11.96 42.59 -196.79
C LEU T 429 11.74 41.17 -196.26
N LEU T 430 11.55 40.19 -197.17
CA LEU T 430 11.46 38.77 -196.80
C LEU T 430 12.74 38.27 -196.16
N ASP T 431 13.90 38.59 -196.71
CA ASP T 431 15.17 38.09 -196.22
C ASP T 431 15.48 38.63 -194.81
N GLN T 432 15.24 39.92 -194.59
CA GLN T 432 15.35 40.54 -193.27
C GLN T 432 14.46 39.83 -192.27
N LEU T 433 13.19 39.66 -192.64
CA LEU T 433 12.21 39.00 -191.81
C LEU T 433 12.66 37.57 -191.49
N HIS T 434 12.96 36.77 -192.53
CA HIS T 434 13.44 35.39 -192.41
C HIS T 434 14.60 35.30 -191.45
N ASN T 435 15.59 36.15 -191.63
CA ASN T 435 16.73 36.23 -190.75
C ASN T 435 16.28 36.50 -189.32
N SER T 436 15.41 37.47 -189.12
CA SER T 436 14.86 37.79 -187.81
C SER T 436 14.12 36.59 -187.20
N LEU T 437 13.45 35.77 -188.02
CA LEU T 437 12.86 34.52 -187.57
C LEU T 437 13.94 33.52 -187.16
N ARG T 438 14.89 33.20 -188.05
CA ARG T 438 16.05 32.31 -187.80
C ARG T 438 16.71 32.67 -186.48
N ILE T 439 16.92 33.96 -186.26
CA ILE T 439 17.48 34.50 -185.03
C ILE T 439 16.64 34.06 -183.85
N ASP T 440 15.36 34.41 -183.86
CA ASP T 440 14.51 34.12 -182.73
C ASP T 440 14.44 32.61 -182.44
N LEU T 441 14.40 31.80 -183.50
CA LEU T 441 14.43 30.35 -183.43
C LEU T 441 15.75 29.82 -182.86
N SER T 442 16.86 30.47 -183.15
CA SER T 442 18.16 30.04 -182.64
C SER T 442 18.22 30.10 -181.12
N MET T 443 17.34 30.89 -180.50
CA MET T 443 17.04 30.81 -179.09
C MET T 443 15.56 30.58 -178.86
N TYR T 444 15.02 29.55 -179.51
CA TYR T 444 13.60 29.24 -179.42
C TYR T 444 13.14 29.15 -177.97
N ARG T 445 13.93 28.52 -177.10
CA ARG T 445 13.51 28.24 -175.73
C ARG T 445 13.29 29.55 -174.97
N ASN T 446 14.25 30.46 -175.10
CA ASN T 446 14.22 31.74 -174.41
C ASN T 446 13.19 32.68 -175.03
N ASN T 447 13.06 32.66 -176.37
CA ASN T 447 12.15 33.55 -177.08
C ASN T 447 10.68 33.09 -177.04
N PHE T 448 10.44 31.79 -176.92
CA PHE T 448 9.12 31.15 -176.98
C PHE T 448 9.01 30.08 -175.91
N PRO T 449 9.04 30.48 -174.63
CA PRO T 449 9.12 29.55 -173.52
C PRO T 449 7.91 28.62 -173.51
N ALA T 450 8.15 27.36 -173.14
CA ALA T 450 7.13 26.32 -173.12
C ALA T 450 5.94 26.70 -172.22
N SER T 451 6.26 27.42 -171.13
CA SER T 451 5.32 28.03 -170.19
C SER T 451 4.36 29.04 -170.82
N SER T 452 4.65 29.54 -172.03
CA SER T 452 3.69 30.29 -172.83
C SER T 452 3.26 29.46 -174.03
N PRO T 453 2.11 28.75 -173.94
CA PRO T 453 1.45 28.14 -175.08
C PRO T 453 1.20 29.12 -176.21
N GLU T 454 0.92 30.37 -175.87
CA GLU T 454 0.73 31.44 -176.84
C GLU T 454 2.00 31.69 -177.63
N ARG T 455 3.14 31.81 -176.95
CA ARG T 455 4.40 31.89 -177.68
C ARG T 455 4.78 30.56 -178.30
N LEU T 456 4.39 29.40 -177.79
CA LEU T 456 4.48 28.15 -178.55
C LEU T 456 3.62 28.20 -179.81
N GLN T 457 2.47 28.87 -179.80
CA GLN T 457 1.67 28.96 -181.00
C GLN T 457 2.24 29.98 -181.96
N ASP T 458 2.64 31.15 -181.48
CA ASP T 458 3.37 32.09 -182.30
C ASP T 458 4.59 31.42 -182.89
N LEU T 459 5.32 30.60 -182.12
CA LEU T 459 6.42 29.76 -182.57
C LEU T 459 5.96 28.83 -183.69
N LYS T 460 4.86 28.09 -183.50
CA LYS T 460 4.31 27.22 -184.53
C LYS T 460 3.96 28.00 -185.80
N SER T 461 3.20 29.08 -185.68
CA SER T 461 2.88 30.01 -186.76
C SER T 461 4.10 30.69 -187.38
N THR T 462 5.18 30.84 -186.63
CA THR T 462 6.46 31.36 -187.12
C THR T 462 7.07 30.32 -188.05
N VAL T 463 7.08 29.04 -187.67
CA VAL T 463 7.63 28.01 -188.55
C VAL T 463 6.70 27.79 -189.75
N ASP T 464 5.41 27.96 -189.57
CA ASP T 464 4.46 28.05 -190.68
C ASP T 464 4.77 29.26 -191.59
N LEU T 465 5.09 30.42 -191.03
CA LEU T 465 5.59 31.54 -191.81
C LEU T 465 6.91 31.20 -192.49
N LEU T 466 7.86 30.54 -191.83
CA LEU T 466 9.17 30.22 -192.39
C LEU T 466 9.04 29.20 -193.54
N THR T 467 8.15 28.23 -193.40
CA THR T 467 7.76 27.38 -194.54
C THR T 467 7.15 28.24 -195.64
N SER T 468 6.25 29.18 -195.33
CA SER T 468 5.68 30.12 -196.29
C SER T 468 6.73 30.98 -197.02
N ILE T 469 7.78 31.44 -196.34
CA ILE T 469 8.92 32.15 -196.96
C ILE T 469 9.76 31.21 -197.82
N THR T 470 10.09 30.02 -197.34
CA THR T 470 10.87 29.03 -198.10
C THR T 470 10.15 28.68 -199.41
N PHE T 471 8.84 28.50 -199.30
CA PHE T 471 7.91 28.33 -200.40
C PHE T 471 7.87 29.55 -201.33
N PHE T 472 7.83 30.79 -200.82
CA PHE T 472 8.00 31.97 -201.67
C PHE T 472 9.32 31.99 -202.44
N ARG T 473 10.44 31.68 -201.78
CA ARG T 473 11.75 31.62 -202.44
C ARG T 473 11.76 30.57 -203.54
N MET T 474 11.21 29.40 -203.23
CA MET T 474 11.10 28.28 -204.14
C MET T 474 10.16 28.57 -205.32
N LYS T 475 9.01 29.21 -205.06
CA LYS T 475 7.90 29.33 -206.02
C LYS T 475 7.86 30.66 -206.73
N VAL T 476 8.02 31.77 -206.00
CA VAL T 476 7.96 33.10 -206.59
C VAL T 476 9.34 33.57 -207.02
N GLN T 477 10.35 33.52 -206.15
CA GLN T 477 11.71 33.82 -206.63
C GLN T 477 12.26 32.71 -207.52
N GLU T 478 11.62 31.53 -207.51
CA GLU T 478 11.95 30.37 -208.33
C GLU T 478 13.34 29.79 -208.04
N LEU T 479 13.85 30.04 -206.83
CA LEU T 479 15.11 29.51 -206.36
C LEU T 479 15.06 27.99 -206.28
N GLN T 480 16.17 27.34 -206.62
CA GLN T 480 16.22 25.90 -206.95
C GLN T 480 16.58 25.06 -205.73
N SER T 481 17.52 25.58 -204.94
CA SER T 481 17.93 25.02 -203.65
C SER T 481 17.96 26.14 -202.61
N PRO T 482 16.81 26.77 -202.29
CA PRO T 482 16.72 27.64 -201.12
C PRO T 482 17.04 26.82 -199.84
N PRO T 483 17.38 27.48 -198.72
CA PRO T 483 17.63 26.82 -197.45
C PRO T 483 16.42 26.01 -196.99
N ARG T 484 16.59 24.70 -196.78
CA ARG T 484 15.48 23.82 -196.44
C ARG T 484 14.97 24.12 -195.03
N ALA T 485 13.67 24.38 -194.90
CA ALA T 485 13.05 24.84 -193.65
C ALA T 485 13.39 23.94 -192.45
N SER T 486 13.37 22.61 -192.61
CA SER T 486 13.78 21.69 -191.52
C SER T 486 15.25 21.87 -191.11
N GLN T 487 16.20 21.99 -192.03
CA GLN T 487 17.61 22.16 -191.68
C GLN T 487 17.90 23.51 -191.04
N VAL T 488 17.31 24.57 -191.60
CA VAL T 488 17.33 25.94 -191.05
C VAL T 488 16.93 25.94 -189.58
N VAL T 489 15.85 25.26 -189.26
CA VAL T 489 15.33 25.13 -187.90
C VAL T 489 16.22 24.21 -187.07
N LYS T 490 16.69 23.08 -187.60
CA LYS T 490 17.56 22.13 -186.90
C LYS T 490 18.86 22.79 -186.42
N ASP T 491 19.44 23.65 -187.25
CA ASP T 491 20.54 24.53 -186.84
C ASP T 491 20.15 25.39 -185.65
N CYS T 492 19.01 26.07 -185.73
CA CYS T 492 18.51 26.91 -184.64
C CYS T 492 18.28 26.13 -183.35
N VAL T 493 17.85 24.89 -183.47
CA VAL T 493 17.59 24.02 -182.33
C VAL T 493 18.88 23.58 -181.72
N LYS T 494 19.79 23.06 -182.54
CA LYS T 494 21.15 22.74 -182.12
C LYS T 494 21.77 23.94 -181.45
N ALA T 495 21.60 25.13 -182.02
CA ALA T 495 22.08 26.37 -181.44
C ALA T 495 21.47 26.55 -180.05
N CYS T 496 20.16 26.57 -179.96
CA CYS T 496 19.48 26.77 -178.70
C CYS T 496 19.86 25.71 -177.64
N LEU T 497 20.02 24.45 -178.04
CA LEU T 497 20.49 23.35 -177.20
C LEU T 497 21.93 23.54 -176.73
N ASN T 498 22.83 23.95 -177.60
CA ASN T 498 24.21 24.19 -177.22
C ASN T 498 24.33 25.38 -176.26
N SER T 499 23.59 26.45 -176.51
CA SER T 499 23.48 27.59 -175.58
C SER T 499 22.94 27.15 -174.24
N THR T 500 21.94 26.27 -174.28
CA THR T 500 21.46 25.62 -173.07
C THR T 500 22.60 24.85 -172.41
N TYR T 501 23.36 24.01 -173.12
CA TYR T 501 24.38 23.16 -172.51
C TYR T 501 25.50 23.97 -171.87
N GLU T 502 26.06 24.90 -172.64
CA GLU T 502 27.07 25.83 -172.16
C GLU T 502 26.58 26.46 -170.86
N TYR T 503 25.36 27.01 -170.92
CA TYR T 503 24.82 27.71 -169.80
C TYR T 503 24.64 26.75 -168.61
N ILE T 504 24.14 25.53 -168.81
CA ILE T 504 24.02 24.60 -167.69
C ILE T 504 25.35 24.10 -167.16
N PHE T 505 26.35 23.88 -168.00
CA PHE T 505 27.63 23.35 -167.57
C PHE T 505 28.44 24.39 -166.79
N ASN T 506 28.21 25.66 -167.12
CA ASN T 506 28.84 26.79 -166.45
C ASN T 506 28.05 27.26 -165.22
N ASN T 507 26.74 27.04 -165.18
CA ASN T 507 25.84 27.56 -164.14
C ASN T 507 25.05 26.44 -163.44
N CYS T 508 25.61 25.22 -163.38
CA CYS T 508 24.91 24.04 -162.87
C CYS T 508 24.29 24.30 -161.52
N HIS T 509 25.02 25.03 -160.67
CA HIS T 509 24.53 25.23 -159.33
C HIS T 509 23.40 26.21 -159.23
N GLU T 510 23.47 27.32 -159.94
CA GLU T 510 22.43 28.32 -159.99
C GLU T 510 21.14 27.72 -160.57
N LEU T 511 21.30 26.90 -161.60
CA LEU T 511 20.20 26.25 -162.26
C LEU T 511 19.61 25.12 -161.43
N TYR T 512 20.43 24.13 -161.06
CA TYR T 512 19.98 23.03 -160.23
C TYR T 512 19.49 23.50 -158.88
N GLY T 513 20.23 24.44 -158.31
CA GLY T 513 19.83 25.31 -157.24
C GLY T 513 18.37 25.68 -157.36
N ARG T 514 18.07 26.69 -158.17
CA ARG T 514 16.72 27.22 -158.29
C ARG T 514 15.68 26.20 -158.76
N GLU T 515 16.04 25.30 -159.67
CA GLU T 515 15.09 24.38 -160.30
C GLU T 515 14.73 23.16 -159.43
N TYR T 516 15.60 22.67 -158.53
CA TYR T 516 15.32 21.46 -157.72
C TYR T 516 15.95 21.35 -156.33
N GLN T 517 17.00 22.12 -156.02
CA GLN T 517 18.00 21.71 -155.03
C GLN T 517 17.42 21.34 -153.67
N THR T 518 17.82 20.17 -153.18
CA THR T 518 17.35 19.53 -151.92
C THR T 518 17.77 20.27 -150.62
N ASP T 519 18.25 21.51 -150.72
CA ASP T 519 18.55 22.42 -149.60
C ASP T 519 18.43 23.87 -150.12
N PRO T 520 17.51 24.71 -149.59
CA PRO T 520 17.28 26.06 -150.09
C PRO T 520 18.51 26.98 -149.97
N ALA T 521 19.41 26.74 -149.00
CA ALA T 521 20.66 27.49 -148.87
C ALA T 521 21.65 27.26 -150.03
N LYS T 522 21.39 26.23 -150.85
CA LYS T 522 22.20 25.84 -152.00
C LYS T 522 21.58 26.21 -153.35
N LYS T 523 20.54 27.07 -153.38
CA LYS T 523 19.93 27.57 -154.64
C LYS T 523 20.71 28.68 -155.34
N GLY T 524 21.51 29.44 -154.59
CA GLY T 524 22.19 30.64 -155.08
C GLY T 524 23.49 30.37 -155.87
N GLU T 525 24.28 31.43 -156.07
CA GLU T 525 25.59 31.40 -156.74
C GLU T 525 26.67 30.73 -155.87
N VAL T 526 26.52 29.43 -155.67
CA VAL T 526 27.56 28.52 -155.20
C VAL T 526 28.84 28.68 -156.04
N PRO T 527 30.05 28.49 -155.48
CA PRO T 527 31.30 28.81 -156.16
C PRO T 527 31.39 28.21 -157.59
N PRO T 528 32.01 28.89 -158.55
CA PRO T 528 32.15 28.39 -159.92
C PRO T 528 32.71 26.96 -160.00
N GLU T 529 33.61 26.57 -159.09
CA GLU T 529 34.13 25.20 -158.92
C GLU T 529 33.07 24.17 -158.43
N GLU T 530 31.81 24.57 -158.40
CA GLU T 530 30.64 23.82 -157.96
C GLU T 530 29.41 24.13 -158.86
N GLN T 531 29.56 25.09 -159.78
CA GLN T 531 28.65 25.40 -160.90
C GLN T 531 29.14 24.85 -162.23
N GLY T 532 30.45 24.66 -162.26
CA GLY T 532 31.17 23.68 -163.03
C GLY T 532 31.69 22.63 -162.03
N PRO T 533 32.64 21.78 -162.46
CA PRO T 533 33.01 20.60 -161.69
C PRO T 533 33.71 20.86 -160.36
N SER T 534 33.37 20.05 -159.34
CA SER T 534 34.11 19.96 -158.06
C SER T 534 35.08 18.79 -158.03
N ILE T 535 36.22 18.97 -157.37
CA ILE T 535 37.06 17.85 -156.98
C ILE T 535 36.67 17.25 -155.61
N LYS T 536 35.93 17.98 -154.78
CA LYS T 536 35.57 17.58 -153.41
C LYS T 536 34.40 16.60 -153.36
N ASN T 537 33.46 16.72 -154.29
CA ASN T 537 32.17 16.02 -154.27
C ASN T 537 31.68 15.65 -155.67
N LEU T 538 30.71 14.74 -155.73
CA LEU T 538 30.07 14.28 -156.97
C LEU T 538 28.71 14.95 -157.22
N ASP T 539 28.37 15.94 -156.42
CA ASP T 539 27.01 16.43 -156.31
C ASP T 539 26.69 17.31 -157.52
N PHE T 540 27.62 18.17 -157.94
CA PHE T 540 27.54 18.86 -159.23
C PHE T 540 27.10 17.92 -160.36
N TRP T 541 27.61 16.69 -160.38
CA TRP T 541 27.29 15.73 -161.42
C TRP T 541 25.91 15.10 -161.23
N SER T 542 25.51 14.76 -160.00
CA SER T 542 24.12 14.34 -159.76
C SER T 542 23.13 15.44 -160.17
N LYS T 543 23.56 16.69 -160.01
CA LYS T 543 22.77 17.87 -160.30
C LYS T 543 22.67 18.14 -161.78
N LEU T 544 23.81 18.02 -162.46
CA LEU T 544 23.91 18.07 -163.91
C LEU T 544 23.06 16.97 -164.56
N ILE T 545 23.06 15.75 -164.01
CA ILE T 545 22.19 14.65 -164.49
C ILE T 545 20.72 15.09 -164.50
N THR T 546 20.25 15.69 -163.41
CA THR T 546 18.85 16.12 -163.31
C THR T 546 18.51 17.27 -164.27
N LEU T 547 19.42 18.23 -164.44
CA LEU T 547 19.28 19.29 -165.44
C LEU T 547 19.05 18.71 -166.82
N ILE T 548 19.92 17.77 -167.20
CA ILE T 548 19.88 17.13 -168.50
C ILE T 548 18.53 16.45 -168.73
N VAL T 549 18.09 15.64 -167.78
CA VAL T 549 16.77 15.00 -167.79
C VAL T 549 15.67 16.02 -168.04
N SER T 550 15.63 17.08 -167.23
CA SER T 550 14.60 18.11 -167.30
C SER T 550 14.49 18.76 -168.68
N ILE T 551 15.62 19.14 -169.27
CA ILE T 551 15.65 19.76 -170.58
C ILE T 551 15.15 18.80 -171.66
N ILE T 552 15.65 17.56 -171.66
CA ILE T 552 15.25 16.59 -172.66
C ILE T 552 13.76 16.34 -172.57
N GLU T 553 13.23 16.30 -171.36
CA GLU T 553 11.80 16.29 -171.15
C GLU T 553 11.11 17.48 -171.78
N GLU T 554 11.47 18.73 -171.45
CA GLU T 554 10.80 19.88 -172.05
C GLU T 554 10.83 19.84 -173.59
N ASP T 555 11.94 19.42 -174.18
CA ASP T 555 12.09 19.30 -175.62
C ASP T 555 11.23 18.19 -176.20
N LYS T 556 11.26 17.02 -175.59
CA LYS T 556 10.41 15.90 -175.94
C LYS T 556 8.94 16.26 -175.81
N ASN T 557 8.60 17.05 -174.80
CA ASN T 557 7.22 17.14 -174.32
C ASN T 557 6.52 18.41 -174.78
N SER T 558 7.18 19.56 -174.75
CA SER T 558 6.57 20.82 -175.19
C SER T 558 6.96 21.17 -176.61
N TYR T 559 8.24 21.02 -176.95
CA TYR T 559 8.73 21.54 -178.22
C TYR T 559 8.57 20.57 -179.37
N THR T 560 8.78 19.26 -179.17
CA THR T 560 8.56 18.28 -180.24
C THR T 560 7.13 18.37 -180.79
N PRO T 561 6.09 18.55 -179.95
CA PRO T 561 4.73 18.81 -180.42
C PRO T 561 4.54 20.20 -181.02
N CYS T 562 5.08 21.25 -180.40
CA CYS T 562 4.94 22.59 -180.95
C CYS T 562 5.51 22.68 -182.38
N LEU T 563 6.60 21.96 -182.63
CA LEU T 563 7.41 22.02 -183.85
C LEU T 563 7.30 20.76 -184.71
N ASN T 564 6.09 20.29 -184.82
CA ASN T 564 5.76 19.10 -185.58
C ASN T 564 5.86 19.25 -187.11
N GLN T 565 6.11 20.43 -187.70
CA GLN T 565 6.01 20.65 -189.15
C GLN T 565 6.91 19.73 -189.98
N PHE T 566 8.01 19.28 -189.41
CA PHE T 566 8.91 18.31 -190.01
C PHE T 566 9.07 17.15 -189.03
N PRO T 567 8.04 16.34 -188.83
CA PRO T 567 8.03 15.37 -187.73
C PRO T 567 9.08 14.28 -187.93
N GLN T 568 9.19 13.84 -189.18
CA GLN T 568 10.20 12.88 -189.67
C GLN T 568 11.63 13.38 -189.49
N GLU T 569 11.83 14.69 -189.58
CA GLU T 569 13.14 15.31 -189.55
C GLU T 569 13.50 15.95 -188.20
N LEU T 570 12.51 16.21 -187.35
CA LEU T 570 12.63 17.17 -186.25
C LEU T 570 11.92 16.67 -184.96
N ASN T 571 12.37 15.51 -184.44
CA ASN T 571 12.10 15.10 -183.07
C ASN T 571 12.97 15.92 -182.09
N VAL T 572 12.42 17.01 -181.54
CA VAL T 572 13.17 17.93 -180.67
C VAL T 572 13.71 17.21 -179.42
N GLY T 573 12.96 16.26 -178.87
CA GLY T 573 13.39 15.44 -177.74
C GLY T 573 14.63 14.59 -178.01
N LYS T 574 14.73 13.94 -179.17
CA LYS T 574 15.94 13.17 -179.55
C LYS T 574 17.15 14.06 -179.81
N ILE T 575 16.98 15.17 -180.55
CA ILE T 575 18.08 16.11 -180.84
C ILE T 575 18.63 16.65 -179.52
N SER T 576 17.73 16.96 -178.59
CA SER T 576 18.08 17.31 -177.22
C SER T 576 18.91 16.22 -176.55
N ALA T 577 18.41 14.99 -176.41
CA ALA T 577 19.15 13.91 -175.74
C ALA T 577 20.56 13.69 -176.30
N GLU T 578 20.70 13.63 -177.62
CA GLU T 578 22.00 13.47 -178.26
C GLU T 578 22.95 14.62 -177.94
N VAL T 579 22.53 15.86 -178.23
CA VAL T 579 23.38 17.05 -178.06
C VAL T 579 23.87 17.12 -176.61
N MET T 580 22.92 17.03 -175.68
CA MET T 580 23.21 17.18 -174.27
C MET T 580 24.09 16.07 -173.72
N TRP T 581 23.82 14.80 -174.04
CA TRP T 581 24.68 13.69 -173.60
C TRP T 581 26.10 13.86 -174.13
N SER T 582 26.24 14.23 -175.40
CA SER T 582 27.56 14.30 -176.03
C SER T 582 28.44 15.25 -175.24
N LEU T 583 27.91 16.45 -175.04
CA LEU T 583 28.56 17.52 -174.32
C LEU T 583 28.85 17.10 -172.87
N PHE T 584 27.88 16.44 -172.24
CA PHE T 584 28.04 15.88 -170.93
C PHE T 584 29.18 14.85 -170.83
N ALA T 585 29.20 13.86 -171.71
CA ALA T 585 30.02 12.67 -171.51
C ALA T 585 31.49 13.03 -171.52
N GLN T 586 31.84 13.97 -172.39
CA GLN T 586 33.18 14.57 -172.43
C GLN T 586 33.53 15.11 -171.04
N ASP T 587 32.65 15.93 -170.52
CA ASP T 587 32.89 16.64 -169.29
C ASP T 587 32.99 15.68 -168.10
N MET T 588 32.06 14.72 -168.05
CA MET T 588 32.07 13.68 -167.05
C MET T 588 33.33 12.82 -167.10
N LYS T 589 33.76 12.37 -168.28
CA LYS T 589 34.97 11.57 -168.36
C LYS T 589 36.15 12.32 -167.72
N TYR T 590 36.36 13.60 -168.07
CA TYR T 590 37.47 14.34 -167.50
C TYR T 590 37.31 14.50 -165.99
N ALA T 591 36.09 14.63 -165.52
CA ALA T 591 35.83 14.73 -164.11
C ALA T 591 36.24 13.49 -163.34
N MET T 592 35.82 12.33 -163.81
CA MET T 592 36.18 11.07 -163.18
C MET T 592 37.68 10.87 -163.19
N GLU T 593 38.37 11.20 -164.28
CA GLU T 593 39.82 11.21 -164.30
C GLU T 593 40.42 12.15 -163.25
N GLU T 594 39.82 13.32 -163.04
CA GLU T 594 40.31 14.28 -162.07
C GLU T 594 40.13 13.81 -160.63
N HIS T 595 38.93 13.33 -160.28
CA HIS T 595 38.67 12.68 -159.01
C HIS T 595 39.67 11.57 -158.72
N ASP T 596 40.06 10.83 -159.74
CA ASP T 596 40.93 9.69 -159.55
C ASP T 596 42.32 10.09 -159.02
N LYS T 597 42.78 11.30 -159.34
CA LYS T 597 44.05 11.83 -158.86
C LYS T 597 43.99 12.29 -157.40
N HIS T 598 42.80 12.55 -156.87
CA HIS T 598 42.61 13.22 -155.58
C HIS T 598 41.89 12.36 -154.54
N ARG T 599 40.88 11.59 -154.96
CA ARG T 599 40.14 10.61 -154.15
C ARG T 599 39.54 11.19 -152.87
N LEU T 600 38.94 12.38 -152.99
CA LEU T 600 38.35 13.12 -151.87
C LEU T 600 36.96 12.58 -151.49
N CYS T 601 36.12 12.25 -152.48
CA CYS T 601 34.91 11.46 -152.28
C CYS T 601 35.27 9.99 -151.96
N LYS T 602 34.44 9.27 -151.21
CA LYS T 602 34.69 7.85 -150.89
C LYS T 602 34.44 6.98 -152.12
N SER T 603 35.07 5.81 -152.20
CA SER T 603 34.81 4.77 -153.23
C SER T 603 33.31 4.66 -153.52
N ALA T 604 32.54 4.44 -152.46
CA ALA T 604 31.08 4.38 -152.40
C ALA T 604 30.35 5.48 -153.18
N ASP T 605 30.82 6.72 -153.07
CA ASP T 605 30.18 7.85 -153.73
C ASP T 605 30.27 7.69 -155.24
N TYR T 606 31.44 7.29 -155.74
CA TYR T 606 31.61 6.98 -157.16
C TYR T 606 30.79 5.77 -157.56
N MET T 607 30.63 4.77 -156.71
CA MET T 607 29.74 3.63 -157.00
C MET T 607 28.29 4.11 -157.12
N ASN T 608 27.82 4.98 -156.23
CA ASN T 608 26.48 5.57 -156.31
C ASN T 608 26.34 6.37 -157.60
N LEU T 609 27.31 7.21 -157.90
CA LEU T 609 27.35 7.97 -159.15
C LEU T 609 27.32 7.03 -160.34
N HIS T 610 28.06 5.93 -160.30
CA HIS T 610 28.04 4.92 -161.34
C HIS T 610 26.61 4.42 -161.55
N PHE T 611 25.87 4.06 -160.51
CA PHE T 611 24.49 3.60 -160.70
C PHE T 611 23.61 4.68 -161.33
N LYS T 612 23.76 5.94 -160.93
CA LYS T 612 23.02 7.06 -161.52
C LYS T 612 23.37 7.22 -162.99
N VAL T 613 24.64 7.18 -163.33
CA VAL T 613 25.11 7.35 -164.70
C VAL T 613 24.70 6.17 -165.57
N LYS T 614 24.88 4.96 -165.03
CA LYS T 614 24.44 3.72 -165.64
C LYS T 614 22.97 3.85 -165.96
N TRP T 615 22.16 4.18 -164.97
CA TRP T 615 20.76 4.48 -165.21
C TRP T 615 20.57 5.52 -166.31
N LEU T 616 21.23 6.68 -166.25
CA LEU T 616 20.97 7.78 -167.16
C LEU T 616 21.24 7.36 -168.60
N TYR T 617 22.40 6.77 -168.86
CA TYR T 617 22.76 6.33 -170.19
C TYR T 617 21.74 5.30 -170.66
N ASN T 618 21.48 4.32 -169.80
CA ASN T 618 20.61 3.21 -170.12
C ASN T 618 19.16 3.66 -170.26
N GLU T 619 18.80 4.82 -169.74
CA GLU T 619 17.56 5.50 -170.03
C GLU T 619 17.69 6.25 -171.36
N TYR T 620 18.25 7.44 -171.35
CA TYR T 620 18.10 8.36 -172.47
C TYR T 620 18.94 7.99 -173.67
N VAL T 621 20.16 7.53 -173.44
CA VAL T 621 21.23 7.63 -174.42
C VAL T 621 21.35 6.35 -175.24
N ALA T 622 21.30 5.21 -174.56
CA ALA T 622 21.55 3.90 -175.14
C ALA T 622 20.69 3.62 -176.36
N GLU T 623 19.48 4.18 -176.43
CA GLU T 623 18.54 3.92 -177.52
C GLU T 623 18.66 4.88 -178.70
N LEU T 624 19.36 6.00 -178.54
CA LEU T 624 19.72 6.81 -179.69
C LEU T 624 20.64 5.95 -180.57
N PRO T 625 20.41 5.86 -181.90
CA PRO T 625 21.15 4.94 -182.78
C PRO T 625 22.65 5.03 -182.57
N THR T 626 23.13 6.28 -182.52
CA THR T 626 24.51 6.67 -182.28
C THR T 626 25.16 5.93 -181.12
N PHE T 627 24.43 5.57 -180.06
CA PHE T 627 24.98 4.94 -178.86
C PHE T 627 24.44 3.54 -178.61
N LYS T 628 23.32 3.18 -179.25
CA LYS T 628 22.93 1.80 -179.44
C LYS T 628 23.98 1.04 -180.25
N ASP T 629 24.62 1.74 -181.20
CA ASP T 629 25.74 1.26 -181.98
C ASP T 629 26.97 0.83 -181.15
N ARG T 630 27.06 1.12 -179.84
CA ARG T 630 28.30 1.02 -179.06
C ARG T 630 28.19 0.33 -177.70
N VAL T 631 29.26 -0.39 -177.34
CA VAL T 631 29.58 -0.70 -175.94
C VAL T 631 29.76 0.63 -175.19
N PRO T 632 29.03 0.88 -174.10
CA PRO T 632 29.12 2.14 -173.39
C PRO T 632 30.51 2.36 -172.81
N GLU T 633 31.04 3.55 -173.00
CA GLU T 633 32.41 3.85 -172.58
C GLU T 633 32.50 4.32 -171.13
N TYR T 634 31.39 4.84 -170.58
CA TYR T 634 31.33 5.30 -169.20
C TYR T 634 31.93 4.38 -168.13
N PRO T 635 31.93 3.04 -168.24
CA PRO T 635 32.49 2.19 -167.20
C PRO T 635 34.00 2.40 -167.02
N ALA T 636 34.70 2.80 -168.08
CA ALA T 636 36.10 3.15 -167.99
C ALA T 636 36.33 4.31 -167.02
N TRP T 637 35.36 5.18 -166.84
CA TRP T 637 35.45 6.29 -165.91
C TRP T 637 35.49 5.80 -164.47
N PHE T 638 34.54 4.92 -164.12
CA PHE T 638 34.35 4.44 -162.76
C PHE T 638 35.34 3.37 -162.33
N GLU T 639 35.90 2.65 -163.30
CA GLU T 639 36.75 1.50 -163.06
C GLU T 639 37.85 1.70 -162.00
N PRO T 640 38.58 2.81 -161.97
CA PRO T 640 39.58 3.02 -160.93
C PRO T 640 38.98 3.06 -159.53
N PHE T 641 37.79 3.65 -159.40
CA PHE T 641 37.08 3.78 -158.15
C PHE T 641 36.53 2.46 -157.67
N VAL T 642 36.16 1.62 -158.62
CA VAL T 642 35.80 0.23 -158.36
C VAL T 642 37.02 -0.56 -157.92
N ILE T 643 38.16 -0.35 -158.56
CA ILE T 643 39.38 -0.99 -158.15
C ILE T 643 39.77 -0.53 -156.76
N GLN T 644 39.72 0.78 -156.49
CA GLN T 644 39.90 1.32 -155.15
C GLN T 644 38.97 0.63 -154.16
N TRP T 645 37.71 0.53 -154.53
CA TRP T 645 36.78 -0.17 -153.71
C TRP T 645 37.24 -1.62 -153.49
N LEU T 646 37.64 -2.36 -154.54
CA LEU T 646 38.17 -3.71 -154.46
C LEU T 646 39.38 -3.79 -153.54
N ASP T 647 40.15 -2.72 -153.47
CA ASP T 647 41.32 -2.64 -152.63
C ASP T 647 40.93 -2.48 -151.17
N GLU T 648 40.12 -1.46 -150.88
CA GLU T 648 39.55 -1.26 -149.56
C GLU T 648 38.92 -2.56 -149.09
N ASN T 649 38.14 -3.15 -149.97
CA ASN T 649 37.48 -4.41 -149.77
C ASN T 649 38.46 -5.52 -149.45
N GLU T 650 39.50 -5.74 -150.26
CA GLU T 650 40.41 -6.82 -149.95
C GLU T 650 41.07 -6.64 -148.59
N GLU T 651 41.49 -5.43 -148.26
CA GLU T 651 42.22 -5.22 -147.03
C GLU T 651 41.33 -5.44 -145.83
N VAL T 652 40.13 -4.84 -145.87
CA VAL T 652 39.06 -5.16 -144.94
C VAL T 652 38.85 -6.67 -144.86
N SER T 653 38.78 -7.35 -145.99
CA SER T 653 38.57 -8.81 -146.05
C SER T 653 39.73 -9.57 -145.40
N ARG T 654 40.94 -9.07 -145.48
CA ARG T 654 42.10 -9.77 -144.94
C ARG T 654 42.19 -9.52 -143.44
N ASP T 655 41.85 -8.33 -143.00
CA ASP T 655 41.67 -8.04 -141.58
C ASP T 655 40.53 -8.87 -140.97
N PHE T 656 39.39 -8.91 -141.67
CA PHE T 656 38.26 -9.77 -141.34
C PHE T 656 38.71 -11.23 -141.26
N LEU T 657 39.46 -11.71 -142.26
CA LEU T 657 39.94 -13.10 -142.32
C LEU T 657 40.70 -13.46 -141.05
N HIS T 658 41.62 -12.60 -140.64
CA HIS T 658 42.39 -12.82 -139.44
C HIS T 658 41.48 -12.80 -138.22
N GLY T 659 40.58 -11.82 -138.11
CA GLY T 659 39.56 -11.82 -137.06
C GLY T 659 38.78 -13.13 -137.01
N ALA T 660 38.24 -13.60 -138.13
CA ALA T 660 37.41 -14.80 -138.22
C ALA T 660 38.19 -16.06 -137.82
N LEU T 661 39.40 -16.22 -138.37
CA LEU T 661 40.30 -17.30 -137.98
C LEU T 661 40.57 -17.27 -136.49
N GLU T 662 40.80 -16.09 -135.94
CA GLU T 662 41.13 -15.94 -134.54
C GLU T 662 39.93 -16.20 -133.63
N ARG T 663 38.73 -15.78 -134.01
CA ARG T 663 37.48 -16.11 -133.30
C ARG T 663 37.23 -17.60 -133.31
N ASP T 664 37.47 -18.24 -134.44
CA ASP T 664 37.35 -19.67 -134.58
C ASP T 664 38.44 -20.41 -133.76
N LYS T 665 39.67 -19.89 -133.76
CA LYS T 665 40.77 -20.37 -132.92
C LYS T 665 40.46 -20.25 -131.45
N LYS T 666 39.82 -19.16 -131.06
CA LYS T 666 39.36 -18.95 -129.70
C LYS T 666 38.24 -19.94 -129.35
N ASP T 667 37.37 -20.22 -130.31
CA ASP T 667 36.48 -21.37 -130.27
C ASP T 667 37.19 -22.73 -130.47
N GLY T 668 38.51 -22.81 -130.31
CA GLY T 668 39.29 -24.06 -130.42
C GLY T 668 39.12 -24.78 -131.76
N PHE T 669 38.66 -24.09 -132.81
CA PHE T 669 38.23 -24.65 -134.09
C PHE T 669 37.23 -25.80 -134.00
N GLN T 670 36.11 -25.62 -133.27
CA GLN T 670 35.03 -26.62 -133.34
C GLN T 670 34.49 -26.75 -134.76
N GLN T 671 34.09 -27.97 -135.14
CA GLN T 671 33.34 -28.16 -136.37
C GLN T 671 31.99 -27.46 -136.27
N THR T 672 31.56 -26.88 -137.36
CA THR T 672 30.35 -26.07 -137.46
C THR T 672 29.10 -26.86 -137.05
N SER T 673 29.15 -28.16 -137.27
CA SER T 673 28.41 -29.16 -136.53
C SER T 673 29.15 -30.49 -136.70
N GLU T 674 28.75 -31.52 -135.96
CA GLU T 674 29.40 -32.83 -136.03
C GLU T 674 29.34 -33.50 -137.42
N HIS T 675 28.54 -32.94 -138.32
CA HIS T 675 28.40 -33.33 -139.72
C HIS T 675 28.79 -32.18 -140.68
N ALA T 676 28.80 -30.90 -140.26
CA ALA T 676 29.43 -29.79 -140.98
C ALA T 676 30.89 -29.66 -140.50
N LEU T 677 31.74 -30.47 -141.12
CA LEU T 677 33.02 -30.93 -140.59
C LEU T 677 34.13 -29.87 -140.50
N PHE T 678 33.98 -28.77 -141.22
CA PHE T 678 34.81 -27.58 -141.14
C PHE T 678 34.32 -26.66 -140.03
N SER T 679 35.13 -25.73 -139.58
CA SER T 679 34.80 -24.71 -138.61
C SER T 679 34.33 -23.40 -139.26
N CYS T 680 33.70 -22.55 -138.44
CA CYS T 680 32.83 -21.46 -138.89
C CYS T 680 33.54 -20.40 -139.74
N SER T 681 34.83 -20.16 -139.50
CA SER T 681 35.60 -19.16 -140.23
C SER T 681 35.52 -19.39 -141.74
N VAL T 682 35.46 -20.65 -142.18
CA VAL T 682 35.31 -20.96 -143.60
C VAL T 682 34.07 -20.30 -144.18
N VAL T 683 32.98 -20.46 -143.44
CA VAL T 683 31.67 -19.95 -143.78
C VAL T 683 31.70 -18.44 -143.80
N ASP T 684 32.20 -17.83 -142.73
CA ASP T 684 32.31 -16.39 -142.58
C ASP T 684 33.03 -15.78 -143.76
N VAL T 685 34.15 -16.40 -144.12
CA VAL T 685 34.98 -15.96 -145.22
C VAL T 685 34.22 -16.07 -146.52
N PHE T 686 33.62 -17.21 -146.82
CA PHE T 686 32.83 -17.28 -148.04
C PHE T 686 31.68 -16.30 -148.02
N SER T 687 31.01 -16.12 -146.90
CA SER T 687 30.00 -15.10 -146.77
C SER T 687 30.55 -13.73 -147.13
N GLN T 688 31.66 -13.34 -146.53
CA GLN T 688 32.28 -12.06 -146.82
C GLN T 688 32.61 -11.93 -148.30
N LEU T 689 33.28 -12.95 -148.84
CA LEU T 689 33.70 -12.96 -150.22
C LEU T 689 32.51 -12.83 -151.16
N ASN T 690 31.40 -13.45 -150.82
CA ASN T 690 30.21 -13.32 -151.60
C ASN T 690 29.60 -11.93 -151.43
N GLN T 691 29.47 -11.38 -150.22
CA GLN T 691 28.97 -10.01 -150.05
C GLN T 691 29.78 -9.05 -150.93
N SER T 692 31.08 -9.23 -150.90
CA SER T 692 32.04 -8.51 -151.69
C SER T 692 31.82 -8.71 -153.18
N PHE T 693 31.79 -9.96 -153.64
CA PHE T 693 31.62 -10.25 -155.05
C PHE T 693 30.34 -9.62 -155.57
N GLU T 694 29.29 -9.68 -154.78
CA GLU T 694 28.02 -9.18 -155.21
C GLU T 694 28.03 -7.67 -155.36
N ILE T 695 28.75 -6.95 -154.51
CA ILE T 695 28.96 -5.52 -154.71
C ILE T 695 29.57 -5.24 -156.07
N ILE T 696 30.52 -6.05 -156.51
CA ILE T 696 31.05 -5.96 -157.88
C ILE T 696 29.94 -6.28 -158.86
N LYS T 697 29.30 -7.42 -158.66
CA LYS T 697 28.42 -8.00 -159.66
C LYS T 697 27.28 -7.05 -159.98
N LYS T 698 26.74 -6.40 -158.95
CA LYS T 698 25.75 -5.32 -158.97
C LYS T 698 26.08 -4.11 -159.84
N LEU T 699 27.29 -4.01 -160.37
CA LEU T 699 27.63 -2.98 -161.34
C LEU T 699 27.28 -3.41 -162.77
N GLU T 700 27.33 -4.71 -163.08
CA GLU T 700 27.10 -5.28 -164.42
C GLU T 700 27.75 -4.48 -165.54
N CYS T 701 29.03 -4.16 -165.37
CA CYS T 701 29.76 -3.32 -166.30
C CYS T 701 29.65 -3.85 -167.74
N PRO T 702 29.11 -3.07 -168.70
CA PRO T 702 28.90 -3.52 -170.07
C PRO T 702 30.20 -3.61 -170.88
N ASP T 703 31.33 -3.12 -170.36
CA ASP T 703 32.66 -3.40 -170.89
C ASP T 703 33.26 -4.65 -170.22
N PRO T 704 33.27 -5.80 -170.90
CA PRO T 704 33.69 -7.06 -170.29
C PRO T 704 35.19 -7.12 -170.02
N GLN T 705 36.00 -6.22 -170.57
CA GLN T 705 37.43 -6.19 -170.31
C GLN T 705 37.70 -5.45 -169.00
N ILE T 706 36.96 -4.38 -168.77
CA ILE T 706 36.90 -3.69 -167.48
C ILE T 706 36.36 -4.65 -166.43
N VAL T 707 35.33 -5.42 -166.76
CA VAL T 707 34.91 -6.54 -165.90
C VAL T 707 36.07 -7.50 -165.68
N GLY T 708 36.72 -7.92 -166.75
CA GLY T 708 37.84 -8.85 -166.66
C GLY T 708 38.89 -8.32 -165.71
N HIS T 709 39.13 -7.02 -165.71
CA HIS T 709 40.06 -6.36 -164.81
C HIS T 709 39.60 -6.48 -163.37
N TYR T 710 38.36 -6.16 -163.07
CA TYR T 710 37.81 -6.41 -161.74
C TYR T 710 38.01 -7.86 -161.33
N MET T 711 37.77 -8.79 -162.23
CA MET T 711 37.87 -10.22 -161.95
C MET T 711 39.31 -10.66 -161.74
N ARG T 712 40.24 -10.09 -162.49
CA ARG T 712 41.67 -10.33 -162.29
C ARG T 712 42.06 -9.80 -160.91
N ARG T 713 41.75 -8.54 -160.64
CA ARG T 713 41.92 -7.86 -159.35
C ARG T 713 41.36 -8.71 -158.21
N PHE T 714 40.14 -9.18 -158.36
CA PHE T 714 39.47 -9.90 -157.31
C PHE T 714 39.98 -11.33 -157.19
N ALA T 715 40.30 -12.00 -158.29
CA ALA T 715 40.86 -13.34 -158.23
C ALA T 715 42.16 -13.36 -157.45
N LYS T 716 42.89 -12.25 -157.54
CA LYS T 716 44.02 -11.99 -156.67
C LYS T 716 43.55 -11.87 -155.25
N THR T 717 42.60 -10.98 -154.95
CA THR T 717 42.03 -10.87 -153.60
C THR T 717 41.76 -12.22 -153.00
N ILE T 718 41.00 -13.01 -153.74
CA ILE T 718 40.59 -14.35 -153.38
C ILE T 718 41.80 -15.20 -153.14
N SER T 719 42.70 -15.28 -154.11
CA SER T 719 43.92 -16.05 -153.96
C SER T 719 44.66 -15.67 -152.70
N ASN T 720 44.84 -14.38 -152.48
CA ASN T 720 45.57 -13.86 -151.35
C ASN T 720 44.91 -14.23 -150.04
N VAL T 721 43.64 -13.87 -149.90
CA VAL T 721 42.82 -14.19 -148.74
C VAL T 721 42.86 -15.69 -148.45
N LEU T 722 42.67 -16.52 -149.47
CA LEU T 722 42.51 -17.95 -149.26
C LEU T 722 43.84 -18.62 -148.97
N LEU T 723 44.91 -18.19 -149.62
CA LEU T 723 46.21 -18.73 -149.29
C LEU T 723 46.60 -18.29 -147.91
N GLN T 724 46.30 -17.05 -147.54
CA GLN T 724 46.50 -16.54 -146.20
C GLN T 724 45.71 -17.34 -145.17
N TYR T 725 44.46 -17.70 -145.46
CA TYR T 725 43.74 -18.66 -144.62
C TYR T 725 44.51 -19.98 -144.55
N ALA T 726 44.76 -20.60 -145.69
CA ALA T 726 45.30 -21.94 -145.80
C ALA T 726 46.64 -22.03 -145.11
N ASP T 727 47.41 -20.96 -145.22
CA ASP T 727 48.63 -20.72 -144.51
C ASP T 727 48.40 -20.62 -143.01
N ILE T 728 47.54 -19.71 -142.55
CA ILE T 728 47.28 -19.54 -141.12
C ILE T 728 46.85 -20.86 -140.49
N VAL T 729 46.06 -21.63 -141.23
CA VAL T 729 45.78 -23.02 -140.90
C VAL T 729 47.05 -23.86 -140.87
N SER T 730 47.77 -23.97 -141.99
CA SER T 730 48.92 -24.85 -142.15
C SER T 730 49.96 -24.62 -141.06
N LYS T 731 50.10 -23.38 -140.65
CA LYS T 731 50.95 -22.93 -139.55
C LYS T 731 50.52 -23.58 -138.25
N ASP T 732 49.28 -23.34 -137.86
CA ASP T 732 48.75 -23.86 -136.61
C ASP T 732 48.62 -25.39 -136.62
N PHE T 733 48.51 -25.97 -137.81
CA PHE T 733 48.14 -27.35 -138.04
C PHE T 733 48.94 -28.37 -137.22
N ALA T 734 50.26 -28.29 -137.28
CA ALA T 734 51.14 -29.18 -136.55
C ALA T 734 50.95 -29.09 -135.03
N SER T 735 50.72 -27.89 -134.50
CA SER T 735 50.42 -27.71 -133.07
C SER T 735 49.16 -28.46 -132.66
N TYR T 736 48.21 -28.56 -133.59
CA TYR T 736 46.99 -29.30 -133.39
C TYR T 736 47.14 -30.80 -133.64
N CYS T 737 48.17 -31.22 -134.38
CA CYS T 737 48.38 -32.63 -134.72
C CYS T 737 48.69 -33.53 -133.54
N SER T 738 48.92 -32.99 -132.36
CA SER T 738 49.10 -33.82 -131.17
C SER T 738 47.87 -34.73 -130.94
N LYS T 739 48.11 -35.94 -130.43
CA LYS T 739 47.23 -37.14 -130.48
C LYS T 739 45.93 -37.09 -129.65
N GLU T 740 45.44 -35.90 -129.31
CA GLU T 740 44.34 -35.67 -128.35
C GLU T 740 43.45 -34.53 -128.85
N LYS T 741 44.03 -33.49 -129.43
CA LYS T 741 43.28 -32.48 -130.18
C LYS T 741 42.89 -32.97 -131.58
N GLU T 742 43.01 -34.26 -131.88
CA GLU T 742 42.83 -34.87 -133.20
C GLU T 742 41.62 -34.38 -133.99
N LYS T 743 40.52 -34.06 -133.30
CA LYS T 743 39.36 -33.39 -133.91
C LYS T 743 39.77 -32.15 -134.70
N VAL T 744 40.60 -31.31 -134.11
CA VAL T 744 40.99 -30.03 -134.70
C VAL T 744 41.74 -30.20 -136.02
N PRO T 745 42.83 -30.98 -136.17
CA PRO T 745 43.44 -31.19 -137.47
C PRO T 745 42.48 -31.77 -138.52
N CYS T 746 41.58 -32.66 -138.13
CA CYS T 746 40.52 -33.12 -139.03
C CYS T 746 39.73 -31.91 -139.55
N ILE T 747 39.20 -31.11 -138.63
CA ILE T 747 38.39 -29.93 -138.92
C ILE T 747 39.13 -28.94 -139.78
N LEU T 748 40.40 -28.67 -139.49
CA LEU T 748 41.25 -27.80 -140.29
C LEU T 748 41.45 -28.33 -141.72
N MET T 749 41.71 -29.63 -141.88
CA MET T 749 41.76 -30.23 -143.20
C MET T 749 40.38 -30.14 -143.90
N ASN T 750 39.29 -30.31 -143.16
CA ASN T 750 37.95 -30.10 -143.68
C ASN T 750 37.71 -28.64 -144.03
N ASN T 751 38.26 -27.68 -143.30
CA ASN T 751 38.18 -26.28 -143.64
C ASN T 751 38.79 -26.07 -144.99
N THR T 752 40.02 -26.57 -145.14
CA THR T 752 40.86 -26.45 -146.32
C THR T 752 40.11 -27.01 -147.53
N GLN T 753 39.63 -28.24 -147.39
CA GLN T 753 38.84 -28.87 -148.41
C GLN T 753 37.53 -28.12 -148.65
N GLN T 754 36.91 -27.61 -147.61
CA GLN T 754 35.72 -26.80 -147.74
C GLN T 754 36.01 -25.49 -148.47
N LEU T 755 37.18 -24.89 -148.27
CA LEU T 755 37.63 -23.76 -149.08
C LEU T 755 37.59 -24.18 -150.52
N ARG T 756 38.30 -25.25 -150.88
CA ARG T 756 38.37 -25.71 -152.27
C ARG T 756 36.97 -25.86 -152.83
N VAL T 757 36.12 -26.56 -152.09
CA VAL T 757 34.75 -26.81 -152.46
C VAL T 757 34.00 -25.51 -152.71
N GLN T 758 33.98 -24.58 -151.75
CA GLN T 758 33.30 -23.32 -151.97
C GLN T 758 33.99 -22.42 -152.99
N LEU T 759 35.30 -22.57 -153.15
CA LEU T 759 36.05 -21.84 -154.14
C LEU T 759 35.57 -22.27 -155.51
N GLU T 760 35.39 -23.57 -155.76
CA GLU T 760 34.80 -24.03 -157.01
C GLU T 760 33.46 -23.33 -157.23
N LYS T 761 32.62 -23.26 -156.19
CA LYS T 761 31.32 -22.58 -156.25
C LYS T 761 31.48 -21.09 -156.57
N MET T 762 32.35 -20.38 -155.87
CA MET T 762 32.57 -18.95 -156.09
C MET T 762 33.13 -18.70 -157.48
N PHE T 763 34.04 -19.54 -157.93
CA PHE T 763 34.58 -19.51 -159.28
C PHE T 763 33.42 -19.64 -160.28
N GLU T 764 32.53 -20.61 -160.10
CA GLU T 764 31.31 -20.64 -160.89
C GLU T 764 30.49 -19.35 -160.75
N ALA T 765 30.34 -18.83 -159.54
CA ALA T 765 29.56 -17.62 -159.28
C ALA T 765 30.14 -16.42 -160.03
N MET T 766 31.45 -16.33 -160.13
CA MET T 766 32.19 -15.38 -160.95
C MET T 766 32.05 -15.66 -162.45
N GLY T 767 31.20 -16.60 -162.85
CA GLY T 767 31.00 -16.97 -164.23
C GLY T 767 32.02 -18.02 -164.66
N GLY T 768 32.36 -18.95 -163.77
CA GLY T 768 32.99 -20.23 -164.05
C GLY T 768 33.95 -20.26 -165.23
N LYS T 769 33.68 -21.13 -166.21
CA LYS T 769 34.55 -21.31 -167.39
C LYS T 769 34.42 -20.16 -168.39
N GLU T 770 33.41 -19.33 -168.22
CA GLU T 770 33.22 -18.07 -168.93
C GLU T 770 34.17 -16.96 -168.42
N LEU T 771 34.76 -17.14 -167.23
CA LEU T 771 35.61 -16.18 -166.53
C LEU T 771 36.82 -15.75 -167.38
N ASP T 772 37.25 -14.51 -167.17
CA ASP T 772 38.53 -14.01 -167.66
C ASP T 772 39.65 -15.03 -167.44
N ALA T 773 40.41 -15.31 -168.49
CA ALA T 773 41.37 -16.40 -168.48
C ALA T 773 42.47 -16.25 -167.42
N GLU T 774 42.74 -15.03 -166.91
CA GLU T 774 43.82 -14.77 -165.96
C GLU T 774 43.31 -14.71 -164.53
N ALA T 775 42.12 -14.18 -164.33
CA ALA T 775 41.37 -14.45 -163.12
C ALA T 775 41.22 -15.96 -162.95
N SER T 776 40.81 -16.65 -164.01
CA SER T 776 40.72 -18.11 -164.05
C SER T 776 42.08 -18.75 -163.78
N GLY T 777 43.14 -18.35 -164.48
CA GLY T 777 44.51 -18.80 -164.22
C GLY T 777 44.86 -18.70 -162.75
N THR T 778 44.55 -17.56 -162.14
CA THR T 778 44.77 -17.30 -160.72
C THR T 778 44.02 -18.29 -159.84
N LEU T 779 42.72 -18.43 -160.07
CA LEU T 779 41.93 -19.33 -159.25
C LEU T 779 42.31 -20.81 -159.48
N LYS T 780 42.80 -21.18 -160.66
CA LYS T 780 43.31 -22.54 -160.91
C LYS T 780 44.61 -22.79 -160.16
N GLU T 781 45.54 -21.86 -160.27
CA GLU T 781 46.75 -21.82 -159.48
C GLU T 781 46.44 -21.97 -157.99
N LEU T 782 45.48 -21.19 -157.53
CA LEU T 782 45.06 -21.14 -156.15
C LEU T 782 44.58 -22.53 -155.72
N GLN T 783 43.66 -23.11 -156.47
CA GLN T 783 43.12 -24.44 -156.20
C GLN T 783 44.23 -25.50 -156.17
N VAL T 784 45.19 -25.46 -157.09
CA VAL T 784 46.33 -26.39 -157.08
C VAL T 784 47.15 -26.25 -155.80
N LYS T 785 47.45 -25.02 -155.38
CA LYS T 785 48.17 -24.79 -154.12
C LYS T 785 47.40 -25.28 -152.93
N LEU T 786 46.10 -24.97 -152.86
CA LEU T 786 45.23 -25.46 -151.79
C LEU T 786 45.23 -26.99 -151.76
N ASN T 787 45.22 -27.66 -152.91
CA ASN T 787 45.37 -29.11 -152.96
C ASN T 787 46.70 -29.57 -152.34
N ASN T 788 47.79 -28.94 -152.74
CA ASN T 788 49.11 -29.35 -152.28
C ASN T 788 49.26 -29.09 -150.79
N VAL T 789 48.74 -27.96 -150.30
CA VAL T 789 48.60 -27.70 -148.86
C VAL T 789 47.92 -28.89 -148.19
N LEU T 790 46.76 -29.33 -148.71
CA LEU T 790 45.98 -30.41 -148.08
C LEU T 790 46.74 -31.74 -148.03
N ASP T 791 47.55 -32.06 -149.04
CA ASP T 791 48.46 -33.20 -148.97
C ASP T 791 49.42 -33.06 -147.79
N GLU T 792 50.05 -31.91 -147.64
CA GLU T 792 51.05 -31.74 -146.61
C GLU T 792 50.42 -31.77 -145.23
N LEU T 793 49.24 -31.19 -145.05
CA LEU T 793 48.49 -31.33 -143.82
C LEU T 793 48.17 -32.80 -143.54
N SER T 794 47.66 -33.55 -144.52
CA SER T 794 47.37 -34.98 -144.32
C SER T 794 48.59 -35.76 -143.86
N HIS T 795 49.75 -35.41 -144.43
CA HIS T 795 51.01 -36.01 -144.10
C HIS T 795 51.45 -35.65 -142.70
N VAL T 796 51.54 -34.35 -142.40
CA VAL T 796 51.89 -33.82 -141.09
C VAL T 796 51.00 -34.43 -140.02
N PHE T 797 49.72 -34.57 -140.32
CA PHE T 797 48.78 -35.20 -139.43
C PHE T 797 49.08 -36.67 -139.20
N ALA T 798 49.11 -37.48 -140.27
CA ALA T 798 49.41 -38.90 -140.17
C ALA T 798 50.73 -39.18 -139.46
N THR T 799 51.69 -38.29 -139.66
CA THR T 799 53.00 -38.34 -139.05
C THR T 799 52.95 -38.22 -137.53
N SER T 800 52.07 -37.42 -136.93
CA SER T 800 52.08 -37.29 -135.46
C SER T 800 51.66 -38.58 -134.74
N PHE T 801 50.99 -39.49 -135.43
CA PHE T 801 50.65 -40.82 -134.96
C PHE T 801 51.75 -41.83 -135.17
N GLN T 802 52.68 -41.56 -136.07
CA GLN T 802 53.78 -42.45 -136.40
C GLN T 802 54.49 -43.04 -135.19
N PRO T 803 54.79 -42.30 -134.11
CA PRO T 803 55.45 -42.89 -132.95
C PRO T 803 54.58 -43.93 -132.27
N HIS T 804 53.30 -43.62 -132.16
CA HIS T 804 52.33 -44.54 -131.59
C HIS T 804 52.19 -45.77 -132.47
N ILE T 805 52.16 -45.57 -133.78
CA ILE T 805 52.07 -46.64 -134.76
C ILE T 805 53.29 -47.54 -134.62
N GLU T 806 54.48 -46.98 -134.67
CA GLU T 806 55.74 -47.71 -134.53
C GLU T 806 55.83 -48.46 -133.22
N GLU T 807 55.41 -47.81 -132.14
CA GLU T 807 55.33 -48.42 -130.84
C GLU T 807 54.41 -49.64 -130.85
N CYS T 808 53.15 -49.44 -131.24
CA CYS T 808 52.18 -50.51 -131.37
C CYS T 808 52.73 -51.63 -132.24
N VAL T 809 53.26 -51.31 -133.42
CA VAL T 809 53.79 -52.30 -134.36
C VAL T 809 54.94 -53.06 -133.72
N ARG T 810 55.83 -52.40 -132.97
CA ARG T 810 56.88 -53.10 -132.26
C ARG T 810 56.26 -54.06 -131.25
N GLN T 811 55.23 -53.66 -130.49
CA GLN T 811 54.53 -54.59 -129.60
C GLN T 811 53.91 -55.74 -130.37
N MET T 812 53.32 -55.47 -131.53
CA MET T 812 52.74 -56.53 -132.33
C MET T 812 53.84 -57.48 -132.78
N GLY T 813 55.02 -56.96 -133.13
CA GLY T 813 56.21 -57.74 -133.43
C GLY T 813 56.67 -58.57 -132.24
N ASP T 814 56.68 -57.97 -131.05
CA ASP T 814 56.94 -58.68 -129.81
C ASP T 814 55.95 -59.82 -129.60
N ILE T 815 54.66 -59.55 -129.76
CA ILE T 815 53.61 -60.55 -129.61
C ILE T 815 53.77 -61.64 -130.68
N LEU T 816 54.11 -61.29 -131.92
CA LEU T 816 54.32 -62.27 -132.98
C LEU T 816 55.50 -63.17 -132.66
N SER T 817 56.57 -62.67 -132.03
CA SER T 817 57.75 -63.49 -131.73
C SER T 817 57.47 -64.67 -130.77
N GLN T 818 56.30 -64.70 -130.13
CA GLN T 818 55.83 -65.82 -129.33
C GLN T 818 55.28 -66.93 -130.21
N VAL T 819 54.65 -66.56 -131.33
CA VAL T 819 54.35 -67.45 -132.47
C VAL T 819 55.66 -67.80 -133.15
N LYS T 820 55.86 -69.07 -133.51
CA LYS T 820 56.95 -69.47 -134.39
C LYS T 820 56.41 -70.37 -135.51
N GLY T 821 57.23 -71.20 -136.13
CA GLY T 821 56.74 -72.06 -137.20
C GLY T 821 55.96 -73.24 -136.66
N THR T 822 54.68 -73.04 -136.32
CA THR T 822 54.01 -73.89 -135.31
C THR T 822 53.46 -75.22 -135.81
N GLY T 823 53.82 -75.66 -137.02
CA GLY T 823 53.88 -77.11 -137.29
C GLY T 823 55.02 -77.80 -136.51
N ASN T 824 56.01 -77.04 -136.03
CA ASN T 824 57.13 -77.45 -135.20
C ASN T 824 57.06 -76.86 -133.76
N VAL T 825 55.87 -76.50 -133.22
CA VAL T 825 55.69 -75.86 -131.88
C VAL T 825 54.35 -76.24 -131.20
N PRO T 826 54.25 -76.29 -129.85
CA PRO T 826 53.01 -76.59 -129.10
C PRO T 826 51.81 -75.65 -129.32
N ALA T 827 50.62 -76.12 -128.95
CA ALA T 827 49.29 -75.55 -129.19
C ALA T 827 48.98 -74.15 -128.59
N SER T 828 49.85 -73.58 -127.76
CA SER T 828 49.73 -72.16 -127.33
C SER T 828 50.27 -71.17 -128.36
N ALA T 829 51.14 -71.64 -129.25
CA ALA T 829 51.64 -70.89 -130.41
C ALA T 829 51.22 -71.58 -131.73
N CYS T 830 50.91 -72.89 -131.75
CA CYS T 830 49.97 -73.47 -132.73
C CYS T 830 48.49 -73.19 -132.32
N SER T 831 48.32 -72.24 -131.40
CA SER T 831 47.14 -71.38 -131.24
C SER T 831 46.66 -70.97 -132.63
N SER T 832 45.35 -70.88 -132.85
CA SER T 832 44.84 -70.72 -134.20
C SER T 832 45.45 -69.49 -134.86
N VAL T 833 45.52 -69.53 -136.18
CA VAL T 833 46.01 -68.41 -136.98
C VAL T 833 45.28 -67.11 -136.61
N ALA T 834 43.99 -67.20 -136.32
CA ALA T 834 43.15 -66.11 -135.84
C ALA T 834 43.53 -65.62 -134.43
N GLN T 835 43.64 -66.49 -133.43
CA GLN T 835 43.99 -66.08 -132.07
C GLN T 835 45.35 -65.40 -132.01
N ASP T 836 46.34 -65.99 -132.66
CA ASP T 836 47.64 -65.35 -132.81
C ASP T 836 47.52 -64.00 -133.51
N ALA T 837 46.80 -63.91 -134.63
CA ALA T 837 46.63 -62.64 -135.34
C ALA T 837 45.97 -61.61 -134.42
N ASP T 838 44.94 -61.98 -133.66
CA ASP T 838 44.26 -61.10 -132.73
C ASP T 838 45.21 -60.61 -131.63
N ASN T 839 45.95 -61.52 -131.00
CA ASN T 839 46.91 -61.19 -129.97
C ASN T 839 47.90 -60.16 -130.52
N VAL T 840 48.50 -60.54 -131.65
CA VAL T 840 49.42 -59.73 -132.40
C VAL T 840 48.82 -58.38 -132.70
N LEU T 841 47.65 -58.34 -133.32
CA LEU T 841 46.94 -57.16 -133.79
C LEU T 841 46.55 -56.21 -132.66
N GLN T 842 46.44 -56.71 -131.44
CA GLN T 842 45.65 -55.97 -130.50
C GLN T 842 46.17 -54.55 -130.21
N PRO T 843 47.49 -54.33 -130.03
CA PRO T 843 48.03 -53.01 -129.81
C PRO T 843 47.60 -51.98 -130.84
N ILE T 844 47.45 -52.38 -132.11
CA ILE T 844 47.03 -51.44 -133.15
C ILE T 844 45.52 -51.38 -133.30
N MET T 845 44.79 -52.48 -133.14
CA MET T 845 43.34 -52.46 -133.41
C MET T 845 42.61 -51.49 -132.48
N ASP T 846 43.09 -51.40 -131.26
CA ASP T 846 42.62 -50.44 -130.27
C ASP T 846 42.75 -49.01 -130.80
N LEU T 847 43.98 -48.64 -131.18
CA LEU T 847 44.31 -47.34 -131.75
C LEU T 847 43.45 -47.11 -132.98
N LEU T 848 43.47 -48.06 -133.92
CA LEU T 848 42.79 -47.97 -135.20
C LEU T 848 41.32 -47.73 -135.02
N ASP T 849 40.64 -48.59 -134.29
CA ASP T 849 39.20 -48.64 -134.39
C ASP T 849 38.64 -47.31 -133.94
N SER T 850 39.09 -46.90 -132.76
CA SER T 850 38.75 -45.63 -132.17
C SER T 850 39.03 -44.49 -133.14
N ASN T 851 40.28 -44.39 -133.60
CA ASN T 851 40.68 -43.25 -134.39
C ASN T 851 40.03 -43.26 -135.75
N LEU T 852 40.03 -44.38 -136.49
CA LEU T 852 39.40 -44.45 -137.78
C LEU T 852 37.92 -44.18 -137.67
N THR T 853 37.27 -44.64 -136.62
CA THR T 853 35.86 -44.32 -136.45
C THR T 853 35.67 -42.84 -136.19
N LEU T 854 36.45 -42.27 -135.27
CA LEU T 854 36.41 -40.84 -135.00
C LEU T 854 36.65 -40.05 -136.28
N PHE T 855 37.69 -40.39 -137.04
CA PHE T 855 38.06 -39.71 -138.27
C PHE T 855 37.02 -39.95 -139.35
N ALA T 856 36.45 -41.13 -139.47
CA ALA T 856 35.38 -41.38 -140.40
C ALA T 856 34.14 -40.54 -140.08
N LYS T 857 33.83 -40.35 -138.80
CA LYS T 857 32.79 -39.43 -138.37
C LYS T 857 33.13 -37.97 -138.73
N ILE T 858 34.37 -37.54 -138.47
CA ILE T 858 34.71 -36.10 -138.45
C ILE T 858 35.58 -35.56 -139.61
N CYS T 859 36.10 -36.38 -140.52
CA CYS T 859 36.86 -35.95 -141.71
C CYS T 859 36.02 -36.02 -142.97
N GLU T 860 36.15 -35.00 -143.81
CA GLU T 860 35.63 -35.01 -145.17
C GLU T 860 36.36 -36.07 -146.00
N LYS T 861 35.71 -36.67 -146.99
CA LYS T 861 36.22 -37.93 -147.56
C LYS T 861 37.56 -37.73 -148.27
N THR T 862 37.71 -36.65 -149.02
CA THR T 862 38.98 -36.12 -149.55
C THR T 862 40.06 -36.08 -148.48
N VAL T 863 39.75 -35.44 -147.36
CA VAL T 863 40.64 -35.30 -146.22
C VAL T 863 41.05 -36.66 -145.70
N LEU T 864 40.04 -37.46 -145.39
CA LEU T 864 40.17 -38.77 -144.80
C LEU T 864 41.02 -39.67 -145.68
N LYS T 865 40.79 -39.66 -146.99
CA LYS T 865 41.50 -40.56 -147.89
C LYS T 865 42.97 -40.26 -147.87
N ARG T 866 43.32 -38.97 -147.91
CA ARG T 866 44.71 -38.51 -147.84
C ARG T 866 45.32 -38.93 -146.51
N VAL T 867 44.62 -38.65 -145.41
CA VAL T 867 45.03 -39.06 -144.06
C VAL T 867 45.30 -40.56 -144.04
N LEU T 868 44.36 -41.34 -144.53
CA LEU T 868 44.44 -42.78 -144.53
C LEU T 868 45.55 -43.27 -145.43
N LYS T 869 45.78 -42.70 -146.60
CA LYS T 869 46.88 -43.14 -147.46
C LYS T 869 48.20 -42.97 -146.76
N GLU T 870 48.37 -41.80 -146.17
CA GLU T 870 49.56 -41.45 -145.40
C GLU T 870 49.76 -42.42 -144.26
N LEU T 871 48.71 -42.64 -143.48
CA LEU T 871 48.72 -43.61 -142.41
C LEU T 871 49.00 -45.02 -142.94
N TRP T 872 48.37 -45.42 -144.03
CA TRP T 872 48.45 -46.75 -144.59
C TRP T 872 49.86 -47.09 -144.98
N LYS T 873 50.46 -46.21 -145.77
CA LYS T 873 51.85 -46.26 -146.14
C LYS T 873 52.70 -46.42 -144.88
N LEU T 874 52.51 -45.49 -143.95
CA LEU T 874 53.25 -45.46 -142.70
C LEU T 874 53.14 -46.81 -141.99
N VAL T 875 51.93 -47.31 -141.82
CA VAL T 875 51.64 -48.58 -141.17
C VAL T 875 52.33 -49.71 -141.91
N MET T 876 52.03 -49.90 -143.18
CA MET T 876 52.60 -50.93 -144.02
C MET T 876 54.10 -51.00 -143.90
N ASN T 877 54.73 -49.84 -144.07
CA ASN T 877 56.16 -49.72 -143.99
C ASN T 877 56.66 -50.08 -142.59
N THR T 878 55.95 -49.61 -141.58
CA THR T 878 56.27 -49.90 -140.19
C THR T 878 56.23 -51.39 -139.95
N MET T 879 55.20 -52.09 -140.39
CA MET T 879 55.11 -53.53 -140.22
C MET T 879 56.21 -54.23 -141.00
N GLU T 880 56.42 -53.81 -142.23
CA GLU T 880 57.39 -54.45 -143.07
C GLU T 880 58.77 -54.42 -142.45
N ARG T 881 59.14 -53.25 -141.95
CA ARG T 881 60.34 -53.03 -141.17
C ARG T 881 60.27 -53.80 -139.86
N THR T 882 59.45 -53.31 -138.95
CA THR T 882 59.37 -53.71 -137.54
C THR T 882 58.90 -55.14 -137.33
N ILE T 883 58.37 -55.83 -138.34
CA ILE T 883 57.82 -57.17 -138.16
C ILE T 883 58.31 -58.13 -139.24
N VAL T 884 58.35 -57.76 -140.51
CA VAL T 884 58.69 -58.74 -141.55
C VAL T 884 60.15 -58.77 -141.88
N LEU T 885 60.84 -57.66 -141.73
CA LEU T 885 62.28 -57.62 -141.70
C LEU T 885 62.69 -57.17 -140.31
N PRO T 886 62.18 -57.87 -139.27
CA PRO T 886 61.99 -57.30 -137.96
C PRO T 886 63.30 -57.06 -137.23
N PRO T 887 63.28 -56.23 -136.19
CA PRO T 887 64.28 -56.28 -135.13
C PRO T 887 64.32 -57.68 -134.51
N GLU T 888 63.17 -58.34 -134.27
CA GLU T 888 63.07 -59.76 -133.86
C GLU T 888 63.47 -60.80 -134.95
N PHE T 889 64.43 -60.46 -135.82
CA PHE T 889 65.22 -61.44 -136.58
C PHE T 889 66.63 -60.92 -136.91
N LEU T 890 66.80 -59.95 -137.82
CA LEU T 890 68.14 -59.70 -138.38
C LEU T 890 69.10 -59.04 -137.39
N SER T 891 68.58 -58.21 -136.49
CA SER T 891 69.35 -57.63 -135.38
C SER T 891 69.88 -58.68 -134.40
N LYS T 892 69.44 -59.95 -134.51
CA LYS T 892 70.09 -61.10 -133.88
C LYS T 892 71.12 -61.77 -134.79
N LEU T 893 70.71 -62.20 -135.99
CA LEU T 893 71.57 -62.98 -136.90
C LEU T 893 72.86 -62.25 -137.30
N LYS T 894 72.77 -60.95 -137.63
CA LYS T 894 73.95 -60.15 -137.98
C LYS T 894 74.71 -59.59 -136.76
N ASP T 895 74.31 -59.98 -135.56
CA ASP T 895 74.90 -59.57 -134.28
C ASP T 895 75.60 -60.77 -133.60
N HIS T 896 76.18 -60.54 -132.43
CA HIS T 896 76.73 -61.58 -131.54
C HIS T 896 75.66 -62.51 -130.96
N MET T 897 74.40 -62.10 -131.06
CA MET T 897 73.21 -62.88 -130.75
C MET T 897 73.02 -64.06 -131.73
N VAL T 898 71.89 -64.76 -131.60
CA VAL T 898 71.61 -66.02 -132.31
C VAL T 898 71.63 -65.85 -133.84
N ARG T 899 72.30 -66.79 -134.53
CA ARG T 899 72.21 -67.10 -135.97
C ARG T 899 70.78 -67.53 -136.32
N GLU T 900 69.87 -66.58 -136.26
CA GLU T 900 68.47 -66.86 -135.99
C GLU T 900 67.81 -67.79 -137.00
N GLU T 901 66.79 -68.43 -136.48
CA GLU T 901 65.69 -68.90 -137.27
C GLU T 901 64.43 -68.05 -137.08
N ALA T 902 64.39 -67.15 -136.09
CA ALA T 902 63.18 -66.67 -135.41
C ALA T 902 62.25 -67.83 -135.03
N LYS T 903 62.89 -68.95 -134.69
CA LYS T 903 62.35 -70.32 -134.60
C LYS T 903 61.41 -70.68 -135.76
N SER T 904 61.93 -70.42 -136.95
CA SER T 904 61.41 -70.69 -138.30
C SER T 904 60.18 -69.85 -138.65
N LEU T 905 60.34 -68.82 -139.50
CA LEU T 905 59.24 -68.06 -140.13
C LEU T 905 58.56 -68.89 -141.23
N THR T 906 58.01 -70.02 -140.81
CA THR T 906 57.27 -70.93 -141.68
C THR T 906 55.93 -70.32 -142.10
N PRO T 907 55.20 -71.03 -142.96
CA PRO T 907 53.76 -71.01 -143.07
C PRO T 907 52.98 -70.35 -141.92
N LYS T 908 53.21 -70.69 -140.66
CA LYS T 908 52.39 -70.14 -139.58
C LYS T 908 52.48 -68.64 -139.39
N GLN T 909 53.68 -68.08 -139.24
CA GLN T 909 53.85 -66.63 -139.14
C GLN T 909 53.74 -65.96 -140.52
N CYS T 910 53.68 -66.72 -141.62
CA CYS T 910 53.28 -66.16 -142.92
C CYS T 910 51.76 -65.92 -142.93
N ALA T 911 50.99 -66.95 -142.61
CA ALA T 911 49.68 -66.78 -141.99
C ALA T 911 49.85 -65.99 -140.68
N VAL T 912 48.79 -65.74 -139.91
CA VAL T 912 48.80 -64.80 -138.77
C VAL T 912 48.99 -63.39 -139.29
N VAL T 913 50.16 -63.08 -139.85
CA VAL T 913 50.48 -61.83 -140.52
C VAL T 913 49.59 -61.61 -141.71
N GLU T 914 49.45 -62.57 -142.63
CA GLU T 914 48.57 -62.37 -143.79
C GLU T 914 47.12 -62.11 -143.36
N LEU T 915 46.67 -62.79 -142.31
CA LEU T 915 45.36 -62.52 -141.73
C LEU T 915 45.28 -61.16 -141.03
N ALA T 916 46.32 -60.79 -140.29
CA ALA T 916 46.40 -59.52 -139.62
C ALA T 916 46.39 -58.39 -140.65
N LEU T 917 47.21 -58.51 -141.70
CA LEU T 917 47.21 -57.65 -142.87
C LEU T 917 45.82 -57.56 -143.44
N ASP T 918 45.14 -58.68 -143.62
CA ASP T 918 43.79 -58.63 -144.16
C ASP T 918 42.85 -57.88 -143.22
N THR T 919 42.93 -58.16 -141.94
CA THR T 919 42.14 -57.49 -140.91
C THR T 919 42.35 -56.00 -140.94
N ILE T 920 43.60 -55.59 -140.99
CA ILE T 920 44.03 -54.22 -141.14
C ILE T 920 43.51 -53.65 -142.46
N LYS T 921 43.60 -54.39 -143.55
CA LYS T 921 43.16 -53.96 -144.87
C LYS T 921 41.65 -53.76 -144.88
N GLN T 922 40.90 -54.61 -144.19
CA GLN T 922 39.47 -54.41 -143.97
C GLN T 922 39.23 -53.17 -143.13
N TYR T 923 40.06 -52.96 -142.12
CA TYR T 923 40.01 -51.79 -141.26
C TYR T 923 40.24 -50.48 -142.01
N PHE T 924 41.36 -50.38 -142.73
CA PHE T 924 41.70 -49.25 -143.60
C PHE T 924 40.69 -49.10 -144.71
N HIS T 925 40.16 -50.19 -145.23
CA HIS T 925 39.12 -50.13 -146.23
C HIS T 925 37.83 -49.59 -145.64
N ALA T 926 37.51 -49.99 -144.41
CA ALA T 926 36.29 -49.65 -143.68
C ALA T 926 35.06 -49.75 -144.61
N GLY T 927 34.93 -50.85 -145.34
CA GLY T 927 33.82 -51.06 -146.27
C GLY T 927 33.73 -50.04 -147.42
N GLY T 928 34.84 -49.40 -147.81
CA GLY T 928 34.88 -48.34 -148.83
C GLY T 928 34.76 -46.93 -148.26
N VAL T 929 34.43 -46.77 -146.98
CA VAL T 929 34.48 -45.48 -146.28
C VAL T 929 35.92 -44.99 -146.18
N GLY T 930 36.84 -45.93 -145.97
CA GLY T 930 38.26 -45.69 -145.96
C GLY T 930 38.87 -45.76 -147.37
N LEU T 931 39.96 -46.50 -147.52
CA LEU T 931 40.67 -46.64 -148.79
C LEU T 931 40.06 -47.73 -149.69
N LYS T 932 40.30 -47.59 -151.00
CA LYS T 932 39.84 -48.55 -152.01
C LYS T 932 40.59 -49.87 -151.85
N LYS T 933 39.91 -51.01 -151.91
CA LYS T 933 40.57 -52.32 -151.95
C LYS T 933 41.56 -52.43 -153.10
N THR T 934 41.36 -51.72 -154.21
CA THR T 934 42.32 -51.61 -155.32
C THR T 934 43.64 -50.98 -154.88
N PHE T 935 43.62 -49.77 -154.32
CA PHE T 935 44.81 -49.10 -153.78
C PHE T 935 45.53 -49.96 -152.76
N LEU T 936 44.77 -50.63 -151.88
CA LEU T 936 45.33 -51.46 -150.83
C LEU T 936 45.98 -52.72 -151.43
N GLU T 937 45.28 -53.44 -152.31
CA GLU T 937 45.83 -54.61 -152.97
C GLU T 937 47.06 -54.26 -153.82
N LYS T 938 46.94 -53.17 -154.59
CA LYS T 938 48.03 -52.62 -155.39
C LYS T 938 48.89 -51.64 -154.60
N SER T 939 48.90 -51.74 -153.27
CA SER T 939 49.79 -50.94 -152.47
C SER T 939 51.18 -51.54 -152.59
N PRO T 940 52.18 -50.77 -153.05
CA PRO T 940 53.55 -51.24 -153.06
C PRO T 940 54.02 -51.54 -151.64
N ASP T 941 53.52 -50.78 -150.68
CA ASP T 941 53.76 -50.97 -149.26
C ASP T 941 53.33 -52.38 -148.85
N LEU T 942 52.14 -52.80 -149.27
CA LEU T 942 51.67 -54.17 -149.09
C LEU T 942 52.42 -55.18 -149.96
N GLN T 943 52.65 -54.88 -151.22
CA GLN T 943 53.23 -55.83 -152.17
C GLN T 943 54.68 -56.13 -151.84
N SER T 944 55.41 -55.11 -151.40
CA SER T 944 56.71 -55.30 -150.81
C SER T 944 56.61 -56.16 -149.58
N LEU T 945 55.66 -55.85 -148.69
CA LEU T 945 55.47 -56.58 -147.46
C LEU T 945 55.23 -58.08 -147.73
N ARG T 946 54.32 -58.37 -148.65
CA ARG T 946 54.08 -59.70 -149.24
C ARG T 946 55.35 -60.29 -149.85
N TYR T 947 56.12 -59.49 -150.56
CA TYR T 947 57.31 -60.00 -151.18
C TYR T 947 58.36 -60.42 -150.15
N ALA T 948 58.60 -59.61 -149.12
CA ALA T 948 59.50 -59.98 -148.04
C ALA T 948 59.02 -61.26 -147.36
N LEU T 949 57.71 -61.37 -147.12
CA LEU T 949 57.10 -62.59 -146.62
C LEU T 949 57.42 -63.80 -147.52
N SER T 950 57.42 -63.62 -148.84
CA SER T 950 57.74 -64.72 -149.74
C SER T 950 59.19 -65.20 -149.61
N LEU T 951 60.17 -64.33 -149.32
CA LEU T 951 61.56 -64.75 -149.13
C LEU T 951 61.65 -65.85 -148.10
N TYR T 952 60.95 -65.68 -146.99
CA TYR T 952 61.05 -66.56 -145.84
C TYR T 952 60.75 -68.02 -146.13
N THR T 953 59.87 -68.30 -147.09
CA THR T 953 59.49 -69.67 -147.44
C THR T 953 60.31 -70.25 -148.60
N GLN T 954 61.15 -69.47 -149.26
CA GLN T 954 61.79 -69.88 -150.53
C GLN T 954 62.75 -71.07 -150.42
N ALA T 955 62.99 -71.67 -151.59
CA ALA T 955 63.95 -72.74 -151.77
C ALA T 955 65.39 -72.27 -151.59
N THR T 956 66.23 -73.18 -151.11
CA THR T 956 67.64 -72.93 -150.81
C THR T 956 68.44 -72.41 -151.99
N ASP T 957 68.33 -73.02 -153.17
CA ASP T 957 69.08 -72.54 -154.34
C ASP T 957 68.62 -71.17 -154.82
N LEU T 958 67.32 -70.90 -154.76
CA LEU T 958 66.78 -69.59 -155.14
C LEU T 958 67.29 -68.49 -154.20
N LEU T 959 67.34 -68.80 -152.91
CA LEU T 959 67.95 -67.97 -151.89
C LEU T 959 69.45 -67.78 -152.18
N ILE T 960 70.20 -68.85 -152.40
CA ILE T 960 71.64 -68.80 -152.73
C ILE T 960 71.92 -67.99 -153.99
N LYS T 961 71.10 -68.16 -155.03
CA LYS T 961 71.17 -67.36 -156.26
C LYS T 961 70.96 -65.89 -155.95
N THR T 962 69.93 -65.58 -155.18
CA THR T 962 69.64 -64.23 -154.71
C THR T 962 70.85 -63.67 -153.97
N PHE T 963 71.49 -64.46 -153.12
CA PHE T 963 72.72 -64.07 -152.46
C PHE T 963 73.83 -63.74 -153.45
N VAL T 964 74.25 -64.64 -154.33
CA VAL T 964 75.39 -64.36 -155.23
C VAL T 964 75.11 -63.17 -156.15
N GLN T 965 73.89 -63.06 -156.66
CA GLN T 965 73.49 -61.93 -157.50
C GLN T 965 73.49 -60.60 -156.74
N THR T 966 73.07 -60.59 -155.47
CA THR T 966 73.05 -59.38 -154.65
C THR T 966 74.41 -59.06 -154.05
N GLN T 967 75.21 -60.05 -153.67
CA GLN T 967 76.55 -59.90 -153.14
C GLN T 967 77.61 -59.63 -154.24
N SER T 968 77.25 -58.88 -155.27
CA SER T 968 78.14 -58.46 -156.36
C SER T 968 79.42 -57.77 -155.86
N ALA T 969 79.33 -57.07 -154.73
CA ALA T 969 80.44 -56.42 -154.04
C ALA T 969 81.47 -57.39 -153.42
N GLN T 970 81.20 -58.70 -153.34
CA GLN T 970 82.19 -59.72 -152.92
C GLN T 970 83.22 -59.95 -154.01
N GLY T 971 84.17 -59.02 -154.11
CA GLY T 971 85.29 -59.05 -155.06
C GLY T 971 85.95 -57.68 -155.15
N SER T 972 85.14 -56.62 -155.31
CA SER T 972 85.61 -55.23 -155.25
C SER T 972 85.82 -54.78 -153.80
N GLY T 973 87.07 -54.79 -153.36
CA GLY T 973 87.49 -54.38 -152.02
C GLY T 973 87.48 -55.51 -150.99
N VAL T 974 88.63 -55.67 -150.32
CA VAL T 974 88.86 -56.53 -149.16
C VAL T 974 89.39 -55.68 -148.01
N GLU T 975 88.78 -55.78 -146.83
CA GLU T 975 89.31 -55.12 -145.63
C GLU T 975 90.50 -55.90 -145.05
N ASP T 976 91.67 -55.25 -144.95
CA ASP T 976 92.98 -55.79 -144.50
C ASP T 976 93.40 -57.13 -145.17
N PRO T 977 93.97 -57.10 -146.39
CA PRO T 977 94.40 -58.32 -147.07
C PRO T 977 95.59 -59.04 -146.38
N VAL T 978 95.54 -60.37 -146.31
CA VAL T 978 96.56 -61.29 -145.72
C VAL T 978 97.54 -61.89 -146.72
N GLY T 979 97.53 -61.36 -147.93
CA GLY T 979 98.22 -61.88 -149.10
C GLY T 979 97.35 -61.72 -150.33
N GLU T 980 97.76 -62.32 -151.43
CA GLU T 980 96.99 -62.35 -152.66
C GLU T 980 97.31 -63.60 -153.47
N VAL T 981 96.36 -64.07 -154.30
CA VAL T 981 96.56 -65.22 -155.18
C VAL T 981 96.46 -64.80 -156.63
N SER T 982 97.48 -65.11 -157.41
CA SER T 982 97.43 -65.05 -158.86
C SER T 982 96.79 -66.32 -159.37
N VAL T 983 95.58 -66.15 -159.87
CA VAL T 983 94.88 -67.18 -160.63
C VAL T 983 94.80 -66.75 -162.08
N HIS T 984 95.00 -67.68 -163.00
CA HIS T 984 94.50 -67.52 -164.36
C HIS T 984 93.30 -68.43 -164.53
N VAL T 985 92.14 -67.85 -164.77
CA VAL T 985 90.87 -68.56 -164.81
C VAL T 985 90.31 -68.53 -166.22
N GLU T 986 89.84 -69.65 -166.74
CA GLU T 986 89.19 -69.74 -168.04
C GLU T 986 87.77 -70.28 -167.89
N LEU T 987 86.77 -69.45 -168.22
CA LEU T 987 85.37 -69.87 -168.32
C LEU T 987 85.14 -70.50 -169.68
N PHE T 988 85.56 -71.75 -169.83
CA PHE T 988 85.13 -72.58 -170.93
C PHE T 988 83.68 -72.99 -170.77
N THR T 989 82.78 -72.35 -171.53
CA THR T 989 81.53 -73.00 -171.93
C THR T 989 81.95 -74.30 -172.60
N HIS T 990 81.73 -75.39 -171.89
CA HIS T 990 82.51 -76.62 -171.97
C HIS T 990 82.36 -77.35 -173.30
N PRO T 991 83.43 -77.56 -174.08
CA PRO T 991 83.32 -78.13 -175.42
C PRO T 991 82.83 -79.59 -175.45
N GLY T 992 82.97 -80.35 -174.34
CA GLY T 992 82.46 -81.72 -174.25
C GLY T 992 80.97 -81.85 -173.88
N THR T 993 80.30 -80.79 -173.39
CA THR T 993 78.93 -80.90 -172.83
C THR T 993 78.02 -79.67 -172.97
N GLY T 994 78.54 -78.48 -173.33
CA GLY T 994 77.78 -77.23 -173.37
C GLY T 994 77.39 -76.65 -172.00
N GLU T 995 77.81 -77.29 -170.90
CA GLU T 995 77.77 -76.69 -169.55
C GLU T 995 78.74 -75.50 -169.46
N GLN T 996 78.86 -74.86 -168.31
CA GLN T 996 80.02 -74.00 -168.03
C GLN T 996 80.98 -74.71 -167.07
N LYS T 997 82.24 -74.80 -167.51
CA LYS T 997 83.36 -75.23 -166.69
C LYS T 997 84.33 -74.07 -166.47
N VAL T 998 85.11 -74.20 -165.42
CA VAL T 998 85.99 -73.12 -164.95
C VAL T 998 87.38 -73.70 -164.73
N THR T 999 88.26 -73.56 -165.73
CA THR T 999 89.66 -73.97 -165.58
C THR T 999 90.37 -72.93 -164.73
N VAL T 1000 90.56 -73.21 -163.44
CA VAL T 1000 91.34 -72.35 -162.55
C VAL T 1000 92.79 -72.85 -162.53
N LYS T 1001 93.68 -72.20 -163.28
CA LYS T 1001 95.12 -72.37 -163.14
C LYS T 1001 95.59 -71.52 -161.96
N VAL T 1002 95.85 -72.16 -160.83
CA VAL T 1002 96.48 -71.51 -159.69
C VAL T 1002 97.93 -71.24 -160.07
N VAL T 1003 98.27 -69.98 -160.36
CA VAL T 1003 99.62 -69.61 -160.75
C VAL T 1003 100.50 -69.57 -159.52
N ALA T 1004 100.16 -68.70 -158.57
CA ALA T 1004 100.97 -68.45 -157.39
C ALA T 1004 100.17 -67.76 -156.29
N ALA T 1005 100.66 -67.79 -155.06
CA ALA T 1005 100.33 -66.78 -154.06
C ALA T 1005 101.49 -65.80 -153.83
N ASN T 1006 101.19 -64.69 -153.16
CA ASN T 1006 102.13 -63.62 -152.82
C ASN T 1006 101.73 -62.94 -151.50
N ASP T 1007 102.69 -62.30 -150.82
CA ASP T 1007 102.53 -61.57 -149.56
C ASP T 1007 101.86 -62.38 -148.42
N LEU T 1008 102.00 -63.71 -148.42
CA LEU T 1008 101.33 -64.57 -147.43
C LEU T 1008 101.78 -64.25 -146.00
N LYS T 1009 100.87 -63.69 -145.20
CA LYS T 1009 101.08 -63.41 -143.78
C LYS T 1009 100.94 -64.71 -142.97
N TRP T 1010 101.94 -65.60 -143.03
CA TRP T 1010 101.90 -66.92 -142.38
C TRP T 1010 103.27 -67.42 -141.88
N GLN T 1011 104.03 -66.59 -141.18
CA GLN T 1011 105.38 -66.95 -140.70
C GLN T 1011 105.32 -67.95 -139.53
N THR T 1012 104.98 -69.20 -139.85
CA THR T 1012 104.67 -70.27 -138.89
C THR T 1012 105.91 -70.89 -138.22
N SER T 1013 105.71 -71.51 -137.05
CA SER T 1013 106.73 -72.14 -136.20
C SER T 1013 107.22 -73.50 -136.71
N GLY T 1014 106.31 -74.33 -137.23
CA GLY T 1014 106.67 -75.50 -138.06
C GLY T 1014 107.20 -75.07 -139.42
N ILE T 1015 107.64 -76.02 -140.24
CA ILE T 1015 107.96 -75.74 -141.65
C ILE T 1015 106.67 -75.33 -142.36
N PHE T 1016 106.64 -74.15 -142.97
CA PHE T 1016 105.51 -73.71 -143.79
C PHE T 1016 105.44 -74.55 -145.07
N ARG T 1017 104.26 -75.06 -145.44
CA ARG T 1017 104.07 -75.89 -146.63
C ARG T 1017 102.79 -75.49 -147.38
N PRO T 1018 102.67 -74.23 -147.86
CA PRO T 1018 101.43 -73.75 -148.44
C PRO T 1018 101.00 -74.54 -149.68
N PHE T 1019 99.71 -74.71 -149.79
CA PHE T 1019 98.97 -75.15 -150.96
C PHE T 1019 97.74 -74.25 -151.08
N ILE T 1020 97.11 -74.22 -152.25
CA ILE T 1020 95.94 -73.37 -152.46
C ILE T 1020 94.74 -74.26 -152.69
N GLU T 1021 93.75 -74.11 -151.83
CA GLU T 1021 92.41 -74.55 -152.10
C GLU T 1021 91.68 -73.54 -152.98
N VAL T 1022 90.84 -74.01 -153.89
CA VAL T 1022 89.87 -73.16 -154.59
C VAL T 1022 88.49 -73.77 -154.38
N ASN T 1023 87.48 -72.93 -154.12
CA ASN T 1023 86.09 -73.32 -154.03
C ASN T 1023 85.25 -72.62 -155.09
N ILE T 1024 84.08 -73.17 -155.42
CA ILE T 1024 83.03 -72.51 -156.21
C ILE T 1024 81.76 -72.32 -155.36
N VAL T 1025 81.13 -71.15 -155.47
CA VAL T 1025 79.87 -70.81 -154.81
C VAL T 1025 78.84 -70.33 -155.83
N GLY T 1026 77.58 -70.72 -155.60
CA GLY T 1026 76.41 -70.44 -156.42
C GLY T 1026 75.32 -71.48 -156.21
N PRO T 1027 74.17 -71.34 -156.89
CA PRO T 1027 73.07 -72.29 -156.82
C PRO T 1027 73.42 -73.59 -157.56
N GLN T 1028 72.71 -74.68 -157.23
CA GLN T 1028 72.87 -76.01 -157.83
C GLN T 1028 74.32 -76.54 -157.78
N LEU T 1029 74.91 -76.60 -156.57
CA LEU T 1029 76.26 -77.16 -156.32
C LEU T 1029 76.26 -78.32 -155.31
N SER T 1030 75.12 -78.92 -155.00
CA SER T 1030 75.00 -80.09 -154.10
C SER T 1030 75.65 -81.37 -154.68
N ASP T 1031 75.67 -81.48 -156.00
CA ASP T 1031 76.09 -82.63 -156.81
C ASP T 1031 77.47 -82.47 -157.45
N LYS T 1032 78.09 -81.29 -157.32
CA LYS T 1032 79.30 -80.88 -158.03
C LYS T 1032 80.44 -80.56 -157.08
N LYS T 1033 81.66 -80.88 -157.51
CA LYS T 1033 82.90 -80.71 -156.75
C LYS T 1033 83.12 -79.24 -156.41
N ARG T 1034 82.68 -78.85 -155.20
CA ARG T 1034 82.77 -77.47 -154.73
C ARG T 1034 84.18 -77.01 -154.39
N LYS T 1035 85.16 -77.91 -154.34
CA LYS T 1035 86.53 -77.67 -153.83
C LYS T 1035 87.61 -78.38 -154.66
N PHE T 1036 88.78 -77.77 -154.79
CA PHE T 1036 90.05 -78.36 -155.29
C PHE T 1036 91.21 -77.90 -154.41
N ALA T 1037 92.35 -78.58 -154.47
CA ALA T 1037 93.58 -78.15 -153.80
C ALA T 1037 94.87 -78.50 -154.57
N THR T 1038 95.89 -77.63 -154.52
CA THR T 1038 97.19 -77.85 -155.18
C THR T 1038 98.07 -78.83 -154.40
N LYS T 1039 99.19 -79.29 -154.98
CA LYS T 1039 100.33 -79.78 -154.17
C LYS T 1039 100.82 -78.66 -153.24
N SER T 1040 101.55 -79.03 -152.20
CA SER T 1040 102.24 -78.10 -151.30
C SER T 1040 103.62 -77.64 -151.83
N LYS T 1041 104.12 -76.49 -151.37
CA LYS T 1041 105.48 -75.98 -151.60
C LYS T 1041 106.18 -75.69 -150.28
N ASN T 1042 107.39 -76.20 -150.07
CA ASN T 1042 108.10 -76.01 -148.80
C ASN T 1042 108.60 -74.57 -148.64
N ASN T 1043 108.47 -74.04 -147.43
CA ASN T 1043 109.15 -72.86 -146.90
C ASN T 1043 109.09 -71.65 -147.86
N SER T 1044 107.88 -71.26 -148.28
CA SER T 1044 107.72 -70.32 -149.39
C SER T 1044 106.46 -69.45 -149.27
N TRP T 1045 106.62 -68.16 -148.95
CA TRP T 1045 105.52 -67.19 -148.76
C TRP T 1045 105.08 -66.44 -150.03
N ALA T 1046 105.75 -66.68 -151.16
CA ALA T 1046 105.22 -66.38 -152.50
C ALA T 1046 105.25 -67.65 -153.39
N PRO T 1047 104.57 -68.73 -153.00
CA PRO T 1047 104.67 -70.03 -153.63
C PRO T 1047 103.98 -70.05 -155.00
N LYS T 1048 104.67 -70.59 -156.00
CA LYS T 1048 104.08 -70.91 -157.31
C LYS T 1048 103.51 -72.33 -157.31
N TYR T 1049 102.57 -72.60 -158.21
CA TYR T 1049 101.94 -73.91 -158.35
C TYR T 1049 101.83 -74.30 -159.82
N ASN T 1050 101.24 -73.42 -160.63
CA ASN T 1050 100.94 -73.69 -162.04
C ASN T 1050 100.07 -74.97 -162.21
N GLU T 1051 99.16 -75.20 -161.26
CA GLU T 1051 98.28 -76.37 -161.20
C GLU T 1051 96.86 -75.99 -161.60
N SER T 1052 96.26 -76.78 -162.48
CA SER T 1052 94.98 -76.47 -163.11
C SER T 1052 93.84 -77.35 -162.60
N PHE T 1053 92.81 -76.70 -162.07
CA PHE T 1053 91.56 -77.29 -161.60
C PHE T 1053 90.44 -77.07 -162.61
N GLN T 1054 89.35 -77.84 -162.52
CA GLN T 1054 88.21 -77.71 -163.42
C GLN T 1054 86.89 -77.89 -162.66
N PHE T 1055 86.34 -76.79 -162.15
CA PHE T 1055 84.98 -76.77 -161.60
C PHE T 1055 83.94 -76.96 -162.69
N SER T 1056 82.77 -77.45 -162.29
CA SER T 1056 81.56 -77.41 -163.11
C SER T 1056 80.53 -76.50 -162.45
N LEU T 1057 80.01 -75.51 -163.18
CA LEU T 1057 78.84 -74.73 -162.79
C LEU T 1057 77.55 -75.50 -163.09
N SER T 1058 76.37 -74.97 -162.77
CA SER T 1058 75.15 -75.46 -163.42
C SER T 1058 75.12 -75.08 -164.91
N ALA T 1059 74.41 -75.87 -165.72
CA ALA T 1059 74.03 -75.46 -167.06
C ALA T 1059 72.98 -74.32 -167.04
N ASP T 1060 72.02 -74.37 -166.11
CA ASP T 1060 70.86 -73.44 -166.13
C ASP T 1060 71.21 -72.06 -165.57
N ALA T 1061 71.85 -71.99 -164.40
CA ALA T 1061 72.34 -70.73 -163.84
C ALA T 1061 73.54 -70.20 -164.65
N GLY T 1062 73.50 -68.92 -165.03
CA GLY T 1062 74.58 -68.27 -165.74
C GLY T 1062 75.79 -68.00 -164.83
N PRO T 1063 76.95 -67.65 -165.39
CA PRO T 1063 78.18 -67.45 -164.63
C PRO T 1063 78.05 -66.31 -163.62
N GLU T 1064 77.18 -65.33 -163.86
CA GLU T 1064 76.85 -64.28 -162.90
C GLU T 1064 76.07 -64.78 -161.66
N CYS T 1065 75.57 -66.01 -161.69
CA CYS T 1065 75.08 -66.70 -160.49
C CYS T 1065 76.20 -67.35 -159.68
N TYR T 1066 77.47 -67.20 -160.12
CA TYR T 1066 78.60 -67.88 -159.51
C TYR T 1066 79.76 -66.96 -159.19
N GLU T 1067 80.59 -67.46 -158.30
CA GLU T 1067 81.82 -66.84 -157.82
C GLU T 1067 82.75 -67.93 -157.32
N LEU T 1068 84.03 -67.85 -157.66
CA LEU T 1068 85.06 -68.63 -157.00
C LEU T 1068 85.33 -68.03 -155.62
N GLN T 1069 85.67 -68.87 -154.66
CA GLN T 1069 86.08 -68.49 -153.31
C GLN T 1069 87.41 -69.19 -152.99
N VAL T 1070 88.51 -68.54 -153.33
CA VAL T 1070 89.88 -69.02 -153.22
C VAL T 1070 90.36 -69.00 -151.76
N CYS T 1071 91.12 -70.00 -151.33
CA CYS T 1071 91.62 -70.09 -149.95
C CYS T 1071 93.00 -70.75 -149.87
N VAL T 1072 94.02 -69.99 -149.48
CA VAL T 1072 95.36 -70.55 -149.26
C VAL T 1072 95.39 -71.32 -147.94
N LYS T 1073 96.12 -72.42 -147.88
CA LYS T 1073 96.24 -73.28 -146.69
C LYS T 1073 97.65 -73.82 -146.47
N ASP T 1074 98.01 -74.10 -145.23
CA ASP T 1074 99.31 -74.65 -144.84
C ASP T 1074 99.20 -76.18 -144.63
N TYR T 1075 99.94 -76.99 -145.39
CA TYR T 1075 99.85 -78.46 -145.31
C TYR T 1075 100.60 -79.03 -144.12
N CYS T 1076 99.95 -79.85 -143.30
CA CYS T 1076 100.56 -80.50 -142.15
C CYS T 1076 100.08 -81.97 -142.06
N PHE T 1077 100.74 -82.89 -142.80
CA PHE T 1077 100.41 -84.33 -142.76
C PHE T 1077 100.53 -84.91 -141.35
N ALA T 1078 99.70 -85.91 -141.05
CA ALA T 1078 99.42 -86.48 -139.73
C ALA T 1078 98.80 -85.52 -138.69
N ARG T 1079 99.11 -84.22 -138.77
CA ARG T 1079 98.46 -83.12 -138.06
C ARG T 1079 97.21 -82.65 -138.82
N GLU T 1080 97.06 -81.34 -139.02
CA GLU T 1080 95.92 -80.66 -139.62
C GLU T 1080 96.36 -79.48 -140.50
N ASP T 1081 95.73 -79.30 -141.64
CA ASP T 1081 96.01 -78.14 -142.53
C ASP T 1081 95.31 -76.87 -142.06
N ARG T 1082 95.84 -75.68 -142.37
CA ARG T 1082 95.39 -74.40 -141.75
C ARG T 1082 95.09 -73.28 -142.76
N THR T 1083 93.94 -72.59 -142.65
CA THR T 1083 93.54 -71.48 -143.55
C THR T 1083 94.40 -70.23 -143.37
N VAL T 1084 95.08 -69.85 -144.45
CA VAL T 1084 95.94 -68.67 -144.55
C VAL T 1084 95.19 -67.41 -145.04
N GLY T 1085 94.09 -67.53 -145.78
CA GLY T 1085 93.27 -66.38 -146.21
C GLY T 1085 92.18 -66.79 -147.20
N LEU T 1086 91.25 -65.89 -147.54
CA LEU T 1086 90.12 -66.16 -148.45
C LEU T 1086 89.90 -65.01 -149.45
N ALA T 1087 89.65 -65.27 -150.74
CA ALA T 1087 89.27 -64.23 -151.73
C ALA T 1087 88.10 -64.67 -152.60
N VAL T 1088 87.21 -63.74 -153.00
CA VAL T 1088 86.10 -64.06 -153.90
C VAL T 1088 86.34 -63.46 -155.29
N LEU T 1089 86.24 -64.30 -156.33
CA LEU T 1089 86.29 -63.88 -157.73
C LEU T 1089 84.92 -64.14 -158.37
N GLN T 1090 84.19 -63.07 -158.68
CA GLN T 1090 82.88 -63.14 -159.29
C GLN T 1090 82.96 -63.70 -160.72
N LEU T 1091 82.26 -64.79 -161.02
CA LEU T 1091 82.26 -65.33 -162.38
C LEU T 1091 81.42 -64.50 -163.37
N ARG T 1092 80.65 -63.50 -162.88
CA ARG T 1092 80.11 -62.42 -163.73
C ARG T 1092 81.20 -61.68 -164.52
N GLU T 1093 82.40 -61.50 -163.96
CA GLU T 1093 83.50 -60.87 -164.69
C GLU T 1093 84.02 -61.77 -165.82
N LEU T 1094 84.24 -63.03 -165.50
CA LEU T 1094 84.72 -64.04 -166.45
C LEU T 1094 83.70 -64.36 -167.53
N ALA T 1095 82.41 -64.15 -167.29
CA ALA T 1095 81.37 -64.16 -168.32
C ALA T 1095 81.70 -63.20 -169.48
N GLN T 1096 82.23 -62.02 -169.16
CA GLN T 1096 82.68 -61.02 -170.15
C GLN T 1096 84.10 -61.33 -170.62
N ARG T 1097 85.03 -61.53 -169.69
CA ARG T 1097 86.47 -61.66 -169.96
C ARG T 1097 86.81 -62.94 -170.71
N GLY T 1098 86.00 -64.00 -170.55
CA GLY T 1098 86.21 -65.35 -171.08
C GLY T 1098 87.34 -66.08 -170.35
N SER T 1099 88.47 -65.42 -170.15
CA SER T 1099 89.51 -65.82 -169.21
C SER T 1099 90.13 -64.59 -168.53
N ALA T 1100 90.70 -64.78 -167.36
CA ALA T 1100 91.21 -63.71 -166.52
C ALA T 1100 92.42 -64.18 -165.69
N ALA T 1101 93.58 -63.59 -165.96
CA ALA T 1101 94.69 -63.57 -165.01
C ALA T 1101 94.43 -62.44 -164.00
N CYS T 1102 94.30 -62.75 -162.72
CA CYS T 1102 93.96 -61.77 -161.69
C CYS T 1102 94.67 -62.03 -160.36
N TRP T 1103 95.15 -60.97 -159.71
CA TRP T 1103 95.57 -60.98 -158.31
C TRP T 1103 94.39 -60.77 -157.38
N LEU T 1104 93.97 -61.84 -156.72
CA LEU T 1104 92.89 -61.83 -155.75
C LEU T 1104 93.43 -61.50 -154.35
N PRO T 1105 93.19 -60.29 -153.79
CA PRO T 1105 93.57 -60.00 -152.41
C PRO T 1105 92.82 -60.93 -151.44
N LEU T 1106 93.56 -61.70 -150.66
CA LEU T 1106 93.01 -62.58 -149.63
C LEU T 1106 92.52 -61.74 -148.46
N GLY T 1107 91.23 -61.73 -148.18
CA GLY T 1107 90.70 -61.28 -146.90
C GLY T 1107 90.82 -62.32 -145.80
N ARG T 1108 90.54 -61.88 -144.58
CA ARG T 1108 90.31 -62.76 -143.41
C ARG T 1108 88.86 -63.25 -143.35
N ARG T 1109 87.91 -62.45 -143.84
CA ARG T 1109 86.47 -62.75 -144.02
C ARG T 1109 85.93 -62.14 -145.33
N ILE T 1110 84.68 -62.45 -145.65
CA ILE T 1110 83.97 -62.02 -146.88
C ILE T 1110 82.79 -61.08 -146.52
N HIS T 1111 82.71 -59.90 -147.14
CA HIS T 1111 81.76 -58.84 -146.78
C HIS T 1111 80.33 -59.07 -147.32
N MET T 1112 79.28 -58.60 -146.62
CA MET T 1112 77.87 -58.79 -147.01
C MET T 1112 77.04 -57.53 -146.89
N ASP T 1113 75.89 -57.52 -147.58
CA ASP T 1113 74.84 -56.54 -147.46
C ASP T 1113 73.57 -57.14 -146.80
N ASP T 1114 72.58 -56.29 -146.57
CA ASP T 1114 71.31 -56.63 -145.92
C ASP T 1114 70.53 -57.76 -146.60
N THR T 1115 70.78 -58.01 -147.89
CA THR T 1115 70.08 -59.01 -148.69
C THR T 1115 70.89 -60.29 -148.70
N GLY T 1116 72.21 -60.18 -148.66
CA GLY T 1116 73.05 -61.28 -148.24
C GLY T 1116 72.64 -61.76 -146.87
N LEU T 1117 72.45 -60.85 -145.92
CA LEU T 1117 72.04 -61.14 -144.56
C LEU T 1117 70.58 -61.59 -144.44
N THR T 1118 69.61 -61.02 -145.16
CA THR T 1118 68.21 -61.51 -145.17
C THR T 1118 68.18 -62.93 -145.71
N VAL T 1119 68.89 -63.19 -146.80
CA VAL T 1119 69.00 -64.54 -147.32
C VAL T 1119 69.69 -65.46 -146.32
N LEU T 1120 70.81 -65.05 -145.73
CA LEU T 1120 71.55 -65.85 -144.75
C LEU T 1120 70.67 -66.15 -143.51
N ARG T 1121 69.78 -65.24 -143.10
CA ARG T 1121 68.76 -65.48 -142.04
C ARG T 1121 67.71 -66.52 -142.43
N ILE T 1122 67.42 -66.65 -143.71
CA ILE T 1122 66.45 -67.61 -144.25
C ILE T 1122 67.11 -68.96 -144.56
N LEU T 1123 68.36 -68.95 -145.00
CA LEU T 1123 69.19 -70.14 -145.13
C LEU T 1123 69.64 -70.70 -143.78
N SER T 1124 69.86 -69.86 -142.78
CA SER T 1124 70.14 -70.30 -141.43
C SER T 1124 68.90 -70.95 -140.80
N GLN T 1125 67.68 -70.54 -141.18
CA GLN T 1125 66.45 -71.30 -140.88
C GLN T 1125 66.43 -72.68 -141.49
N ARG T 1126 67.07 -72.87 -142.62
CA ARG T 1126 67.26 -74.20 -143.22
C ARG T 1126 68.52 -74.83 -142.61
N SER T 1127 68.61 -74.80 -141.27
CA SER T 1127 69.73 -75.31 -140.47
C SER T 1127 70.03 -76.80 -140.68
N ASN T 1128 69.08 -77.57 -141.21
CA ASN T 1128 69.23 -79.00 -141.52
C ASN T 1128 69.58 -79.28 -142.99
N ASP T 1129 69.29 -78.36 -143.91
CA ASP T 1129 69.59 -78.52 -145.33
C ASP T 1129 71.11 -78.46 -145.51
N GLU T 1130 71.71 -79.51 -146.06
CA GLU T 1130 73.16 -79.59 -146.18
C GLU T 1130 73.76 -78.55 -147.12
N VAL T 1131 73.02 -78.13 -148.16
CA VAL T 1131 73.45 -77.03 -149.02
C VAL T 1131 73.35 -75.71 -148.27
N ALA T 1132 72.26 -75.47 -147.53
CA ALA T 1132 72.10 -74.25 -146.76
C ALA T 1132 73.11 -74.18 -145.60
N LYS T 1133 73.33 -75.28 -144.88
CA LYS T 1133 74.44 -75.43 -143.93
C LYS T 1133 75.79 -75.11 -144.58
N GLU T 1134 76.17 -75.79 -145.66
CA GLU T 1134 77.48 -75.59 -146.29
C GLU T 1134 77.62 -74.18 -146.89
N PHE T 1135 76.53 -73.58 -147.35
CA PHE T 1135 76.53 -72.19 -147.78
C PHE T 1135 76.73 -71.23 -146.61
N VAL T 1136 75.89 -71.34 -145.57
CA VAL T 1136 75.96 -70.51 -144.35
C VAL T 1136 77.33 -70.67 -143.69
N LYS T 1137 77.89 -71.89 -143.70
CA LYS T 1137 79.27 -72.18 -143.28
C LYS T 1137 80.29 -71.54 -144.21
N LEU T 1138 80.31 -71.82 -145.50
CA LEU T 1138 81.31 -71.29 -146.43
C LEU T 1138 81.31 -69.75 -146.51
N LYS T 1139 80.18 -69.09 -146.26
CA LYS T 1139 80.10 -67.62 -146.15
C LYS T 1139 80.39 -67.05 -144.77
N SER T 1140 80.22 -67.84 -143.72
CA SER T 1140 80.74 -67.52 -142.39
C SER T 1140 82.17 -68.09 -142.19
N ASP T 1141 82.82 -68.54 -143.27
CA ASP T 1141 84.18 -69.09 -143.27
C ASP T 1141 85.22 -67.97 -143.15
N THR T 1142 86.20 -68.14 -142.27
CA THR T 1142 87.19 -67.10 -141.94
C THR T 1142 88.57 -67.69 -141.66
N ARG T 1143 89.61 -66.86 -141.87
CA ARG T 1143 91.00 -67.17 -141.51
C ARG T 1143 91.21 -67.06 -139.99
N SER T 1144 91.94 -68.03 -139.39
CA SER T 1144 92.53 -67.86 -138.06
C SER T 1144 93.66 -66.81 -138.09
N ALA T 1145 93.66 -65.86 -137.17
CA ALA T 1145 94.60 -64.73 -137.19
C ALA T 1145 96.07 -65.12 -136.94
N GLU T 1146 96.31 -66.31 -136.39
CA GLU T 1146 97.65 -66.83 -136.07
C GLU T 1146 98.57 -66.91 -137.30
N GLU T 1147 99.87 -66.78 -137.07
CA GLU T 1147 100.91 -66.59 -138.11
C GLU T 1147 100.79 -65.27 -138.92
N GLY T 1148 99.82 -64.38 -138.65
CA GLY T 1148 99.58 -63.19 -139.47
C GLY T 1148 98.65 -62.08 -138.91
N GLY T 1149 98.80 -61.69 -137.65
CA GLY T 1149 98.46 -60.32 -137.18
C GLY T 1149 97.00 -59.95 -136.92
N ALA T 1150 96.56 -58.84 -137.51
CA ALA T 1150 95.39 -58.02 -137.11
C ALA T 1150 93.99 -58.65 -137.31
N ALA T 1151 92.96 -57.92 -136.90
CA ALA T 1151 91.56 -58.35 -136.95
C ALA T 1151 90.87 -58.16 -138.33
N PRO T 1152 89.83 -58.95 -138.66
CA PRO T 1152 88.93 -58.73 -139.80
C PRO T 1152 88.04 -57.48 -139.62
N ALA T 1153 87.29 -57.12 -140.67
CA ALA T 1153 86.24 -56.09 -140.63
C ALA T 1153 85.02 -56.50 -141.49
N PRO T 1154 83.80 -56.07 -141.12
CA PRO T 1154 82.54 -56.54 -141.69
C PRO T 1154 82.44 -56.33 -143.20
N GLU U 23 -74.94 19.78 -168.71
CA GLU U 23 -75.21 21.24 -168.51
C GLU U 23 -76.19 21.51 -167.38
N GLU U 24 -77.43 20.98 -167.46
CA GLU U 24 -78.49 21.12 -166.45
C GLU U 24 -77.99 20.99 -165.00
N LEU U 25 -77.40 19.85 -164.64
CA LEU U 25 -76.82 19.63 -163.32
C LEU U 25 -75.71 20.63 -162.99
N LYS U 26 -74.82 20.93 -163.93
CA LYS U 26 -73.73 21.89 -163.72
C LYS U 26 -74.24 23.27 -163.36
N ASN U 27 -75.22 23.78 -164.07
CA ASN U 27 -75.81 25.08 -163.79
C ASN U 27 -76.65 25.05 -162.49
N HIS U 28 -77.43 24.00 -162.28
CA HIS U 28 -78.14 23.75 -161.02
C HIS U 28 -77.20 23.75 -159.82
N VAL U 29 -76.08 23.05 -159.93
CA VAL U 29 -75.05 22.96 -158.90
C VAL U 29 -74.29 24.26 -158.77
N TYR U 30 -73.98 24.98 -159.84
CA TYR U 30 -73.42 26.33 -159.78
C TYR U 30 -74.27 27.21 -158.87
N LYS U 31 -75.57 27.29 -159.20
CA LYS U 31 -76.56 28.07 -158.45
C LYS U 31 -76.69 27.62 -157.00
N LYS U 32 -76.77 26.31 -156.75
CA LYS U 32 -76.84 25.77 -155.39
C LYS U 32 -75.55 25.89 -154.60
N THR U 33 -74.42 25.98 -155.26
CA THR U 33 -73.13 26.25 -154.64
C THR U 33 -73.03 27.73 -154.28
N LEU U 34 -73.41 28.62 -155.20
CA LEU U 34 -73.53 30.05 -154.92
C LEU U 34 -74.46 30.30 -153.73
N GLN U 35 -75.67 29.74 -153.74
CA GLN U 35 -76.59 29.86 -152.61
C GLN U 35 -76.02 29.22 -151.34
N ALA U 36 -75.35 28.06 -151.45
CA ALA U 36 -74.83 27.37 -150.27
C ALA U 36 -73.78 28.15 -149.51
N LEU U 37 -72.97 28.95 -150.24
CA LEU U 37 -71.81 29.64 -149.71
C LEU U 37 -71.97 31.15 -149.60
N ILE U 38 -72.97 31.79 -150.21
CA ILE U 38 -73.22 33.22 -150.01
C ILE U 38 -73.69 33.50 -148.59
N TYR U 39 -74.68 32.73 -148.13
CA TYR U 39 -74.89 32.51 -146.71
C TYR U 39 -74.36 31.11 -146.42
N PRO U 40 -73.07 30.96 -146.10
CA PRO U 40 -72.55 29.66 -145.70
C PRO U 40 -73.34 29.19 -144.48
N ILE U 41 -73.62 27.89 -144.35
CA ILE U 41 -74.34 27.39 -143.16
C ILE U 41 -73.57 27.68 -141.87
N SER U 42 -72.26 27.94 -141.96
CA SER U 42 -71.42 28.41 -140.86
C SER U 42 -71.77 29.83 -140.33
N CYS U 43 -72.72 30.55 -140.93
CA CYS U 43 -73.31 31.77 -140.34
C CYS U 43 -74.22 31.50 -139.11
N THR U 44 -74.75 30.28 -138.98
CA THR U 44 -75.93 29.98 -138.14
C THR U 44 -75.62 29.73 -136.65
N THR U 45 -76.65 29.90 -135.82
CA THR U 45 -76.61 29.82 -134.34
C THR U 45 -77.62 28.79 -133.82
N PRO U 46 -77.36 28.03 -132.74
CA PRO U 46 -78.28 27.01 -132.22
C PRO U 46 -79.21 27.51 -131.09
N HIS U 47 -80.43 26.99 -131.03
CA HIS U 47 -81.41 27.35 -130.00
C HIS U 47 -81.17 26.62 -128.68
N ASN U 48 -80.76 27.36 -127.65
CA ASN U 48 -80.69 26.85 -126.29
C ASN U 48 -82.08 26.77 -125.62
N PHE U 49 -82.84 25.72 -125.90
CA PHE U 49 -84.14 25.49 -125.26
C PHE U 49 -84.07 24.96 -123.82
N GLU U 50 -84.78 25.63 -122.92
CA GLU U 50 -85.28 25.06 -121.68
C GLU U 50 -86.70 24.51 -121.88
N VAL U 51 -87.02 23.41 -121.20
CA VAL U 51 -88.42 23.02 -120.96
C VAL U 51 -89.08 24.12 -120.13
N TRP U 52 -90.24 24.59 -120.56
CA TRP U 52 -90.96 25.62 -119.84
C TRP U 52 -92.46 25.32 -119.82
N THR U 53 -93.03 25.33 -118.62
CA THR U 53 -94.47 25.19 -118.42
C THR U 53 -95.16 26.49 -118.80
N ALA U 54 -96.07 26.42 -119.77
CA ALA U 54 -97.06 27.47 -120.00
C ALA U 54 -98.10 27.43 -118.86
N THR U 55 -97.72 27.91 -117.66
CA THR U 55 -98.56 27.94 -116.43
C THR U 55 -99.85 28.77 -116.59
N THR U 56 -100.00 29.45 -117.73
CA THR U 56 -101.22 30.08 -118.27
C THR U 56 -101.36 29.71 -119.77
N PRO U 57 -102.58 29.68 -120.35
CA PRO U 57 -102.79 29.43 -121.78
C PRO U 57 -101.95 30.37 -122.66
N THR U 58 -101.09 29.79 -123.51
CA THR U 58 -100.06 30.48 -124.30
C THR U 58 -100.04 29.91 -125.72
N TYR U 59 -99.55 30.64 -126.72
CA TYR U 59 -99.60 30.22 -128.13
C TYR U 59 -98.22 30.20 -128.77
N CYS U 60 -97.91 29.06 -129.40
CA CYS U 60 -96.58 28.73 -129.89
C CYS U 60 -96.08 29.68 -130.99
N TYR U 61 -94.86 30.20 -130.88
CA TYR U 61 -94.31 31.14 -131.88
C TYR U 61 -94.03 30.51 -133.25
N GLU U 62 -94.12 29.18 -133.37
CA GLU U 62 -94.23 28.53 -134.67
C GLU U 62 -95.69 28.43 -135.14
N CYS U 63 -96.46 27.53 -134.54
CA CYS U 63 -97.78 27.13 -135.03
C CYS U 63 -98.97 27.97 -134.52
N GLU U 64 -98.73 28.89 -133.59
CA GLU U 64 -99.76 29.60 -132.81
C GLU U 64 -100.73 28.65 -132.06
N GLY U 65 -100.36 27.39 -131.89
CA GLY U 65 -101.13 26.36 -131.18
C GLY U 65 -101.00 26.44 -129.65
N LEU U 66 -102.00 25.92 -128.93
CA LEU U 66 -102.11 26.03 -127.48
C LEU U 66 -101.01 25.28 -126.74
N LEU U 67 -100.30 26.03 -125.91
CA LEU U 67 -99.44 25.62 -124.83
C LEU U 67 -100.20 25.90 -123.53
N TRP U 68 -100.35 24.91 -122.66
CA TRP U 68 -101.14 25.06 -121.44
C TRP U 68 -100.79 24.01 -120.38
N GLY U 69 -100.46 24.51 -119.19
CA GLY U 69 -100.17 23.74 -118.00
C GLY U 69 -99.02 22.77 -118.21
N ILE U 70 -99.00 21.75 -117.37
CA ILE U 70 -98.16 20.57 -117.58
C ILE U 70 -98.68 19.75 -118.78
N ALA U 71 -100.00 19.76 -119.04
CA ALA U 71 -100.67 19.00 -120.09
C ALA U 71 -100.11 19.27 -121.50
N ARG U 72 -99.80 20.53 -121.80
CA ARG U 72 -99.20 21.00 -123.05
C ARG U 72 -98.08 22.00 -122.75
N GLN U 73 -97.01 21.52 -122.11
CA GLN U 73 -95.76 22.30 -121.92
C GLN U 73 -95.19 22.81 -123.26
N GLY U 74 -94.36 23.85 -123.17
CA GLY U 74 -93.54 24.32 -124.28
C GLY U 74 -92.05 24.21 -124.02
N MET U 75 -91.29 24.72 -124.97
CA MET U 75 -89.88 25.01 -124.86
C MET U 75 -89.72 26.52 -124.95
N ARG U 76 -88.98 27.09 -124.01
CA ARG U 76 -88.56 28.48 -124.06
C ARG U 76 -87.07 28.45 -124.36
N CYS U 77 -86.63 28.99 -125.49
CA CYS U 77 -85.21 29.21 -125.66
C CYS U 77 -84.74 30.30 -124.70
N THR U 78 -83.48 30.30 -124.30
CA THR U 78 -82.85 31.46 -123.66
C THR U 78 -82.29 32.40 -124.71
N GLU U 79 -81.43 31.90 -125.60
CA GLU U 79 -80.68 32.68 -126.59
C GLU U 79 -81.63 33.31 -127.61
N CYS U 80 -82.39 32.49 -128.33
CA CYS U 80 -83.53 33.01 -129.07
C CYS U 80 -84.74 33.31 -128.21
N GLY U 81 -84.78 33.02 -126.92
CA GLY U 81 -85.91 33.39 -126.04
C GLY U 81 -87.25 32.66 -126.29
N VAL U 82 -87.31 31.96 -127.43
CA VAL U 82 -88.53 31.67 -128.20
C VAL U 82 -89.42 30.64 -127.52
N LYS U 83 -90.73 30.91 -127.46
CA LYS U 83 -91.72 30.08 -126.75
C LYS U 83 -92.52 29.27 -127.75
N CYS U 84 -92.49 27.95 -127.64
CA CYS U 84 -93.07 27.05 -128.65
C CYS U 84 -93.49 25.72 -128.05
N HIS U 85 -94.27 24.90 -128.77
CA HIS U 85 -94.39 23.49 -128.42
C HIS U 85 -93.00 22.84 -128.39
N GLU U 86 -92.87 21.75 -127.65
CA GLU U 86 -91.77 20.79 -127.89
C GLU U 86 -91.76 20.35 -129.35
N LYS U 87 -92.89 19.82 -129.85
CA LYS U 87 -93.01 19.45 -131.27
C LYS U 87 -92.76 20.60 -132.25
N CYS U 88 -92.78 21.85 -131.78
CA CYS U 88 -92.44 23.02 -132.59
C CYS U 88 -91.04 23.54 -132.40
N GLN U 89 -90.30 23.19 -131.35
CA GLN U 89 -89.02 23.83 -131.07
C GLN U 89 -87.99 23.60 -132.19
N ASP U 90 -88.21 22.56 -132.99
CA ASP U 90 -87.46 22.26 -134.21
C ASP U 90 -88.14 22.79 -135.48
N LEU U 91 -89.48 22.89 -135.49
CA LEU U 91 -90.23 23.50 -136.59
C LEU U 91 -90.05 25.03 -136.63
N LEU U 92 -89.61 25.63 -135.53
CA LEU U 92 -88.95 26.93 -135.52
C LEU U 92 -87.67 26.85 -136.37
N ASN U 93 -87.82 27.07 -137.68
CA ASN U 93 -86.83 26.65 -138.68
C ASN U 93 -85.52 27.44 -138.68
N ALA U 94 -85.58 28.77 -138.52
CA ALA U 94 -84.42 29.63 -138.72
C ALA U 94 -83.45 29.60 -137.52
N ASP U 95 -82.20 30.03 -137.71
CA ASP U 95 -81.16 29.93 -136.69
C ASP U 95 -81.47 30.77 -135.43
N CYS U 96 -80.68 30.61 -134.38
CA CYS U 96 -80.93 31.29 -133.13
C CYS U 96 -80.77 32.81 -133.23
N LEU U 97 -79.95 33.36 -134.15
CA LEU U 97 -80.07 34.78 -134.47
C LEU U 97 -81.47 35.10 -134.98
N GLN U 98 -81.89 34.48 -136.07
CA GLN U 98 -83.18 34.77 -136.70
C GLN U 98 -84.35 34.51 -135.74
N ARG U 99 -84.39 33.38 -135.03
CA ARG U 99 -85.43 33.14 -134.01
C ARG U 99 -85.27 33.99 -132.76
N ALA U 100 -84.10 34.53 -132.41
CA ALA U 100 -84.03 35.59 -131.40
C ALA U 100 -84.73 36.85 -131.90
N ALA U 101 -84.57 37.17 -133.18
CA ALA U 101 -85.33 38.22 -133.85
C ALA U 101 -86.84 37.94 -133.86
N GLU U 102 -87.28 36.76 -134.30
CA GLU U 102 -88.70 36.42 -134.35
C GLU U 102 -89.33 36.34 -132.95
N LYS U 103 -88.65 35.76 -131.94
CA LYS U 103 -89.05 35.89 -130.54
C LYS U 103 -89.21 37.33 -130.12
N SER U 104 -88.24 38.18 -130.46
CA SER U 104 -88.28 39.59 -130.08
C SER U 104 -89.50 40.25 -130.71
N SER U 105 -89.87 39.93 -131.96
CA SER U 105 -91.11 40.42 -132.55
C SER U 105 -92.38 39.90 -131.86
N LYS U 106 -92.38 38.68 -131.32
CA LYS U 106 -93.53 38.05 -130.63
C LYS U 106 -93.62 38.37 -129.13
N HIS U 107 -92.52 38.82 -128.51
CA HIS U 107 -92.50 39.52 -127.22
C HIS U 107 -92.85 41.02 -127.38
N GLY U 108 -92.36 41.71 -128.42
CA GLY U 108 -92.76 43.09 -128.76
C GLY U 108 -91.90 43.82 -129.82
N ALA U 109 -90.57 43.74 -129.75
CA ALA U 109 -89.63 44.42 -130.65
C ALA U 109 -89.55 43.78 -132.05
N GLU U 110 -90.37 44.24 -132.99
CA GLU U 110 -90.31 43.83 -134.40
C GLU U 110 -89.03 44.32 -135.10
N ASP U 111 -88.47 45.44 -134.66
CA ASP U 111 -87.30 46.09 -135.29
C ASP U 111 -86.07 45.17 -135.31
N ARG U 112 -85.95 44.28 -134.31
CA ARG U 112 -84.96 43.21 -134.23
C ARG U 112 -84.98 42.33 -135.49
N THR U 113 -86.16 42.06 -136.05
CA THR U 113 -86.29 41.29 -137.30
C THR U 113 -85.60 41.98 -138.46
N GLN U 114 -85.85 43.28 -138.67
CA GLN U 114 -85.13 44.08 -139.66
C GLN U 114 -83.63 44.14 -139.38
N ASN U 115 -83.24 44.26 -138.11
CA ASN U 115 -81.85 44.15 -137.71
C ASN U 115 -81.23 42.81 -138.16
N ILE U 116 -81.88 41.66 -137.96
CA ILE U 116 -81.27 40.38 -138.32
C ILE U 116 -81.43 40.04 -139.80
N ILE U 117 -82.40 40.62 -140.49
CA ILE U 117 -82.35 40.76 -141.95
C ILE U 117 -81.09 41.53 -142.37
N MET U 118 -80.76 42.61 -141.68
CA MET U 118 -79.51 43.34 -141.90
C MET U 118 -78.29 42.52 -141.46
N VAL U 119 -78.37 41.66 -140.44
CA VAL U 119 -77.30 40.67 -140.15
C VAL U 119 -77.14 39.71 -141.31
N LEU U 120 -78.23 39.21 -141.88
CA LEU U 120 -78.20 38.33 -143.06
C LEU U 120 -77.54 39.05 -144.23
N LYS U 121 -77.94 40.29 -144.53
CA LYS U 121 -77.28 41.14 -145.54
C LYS U 121 -75.80 41.32 -145.22
N ASP U 122 -75.47 41.77 -144.02
CA ASP U 122 -74.10 42.06 -143.61
C ASP U 122 -73.23 40.81 -143.63
N ARG U 123 -73.74 39.67 -143.18
CA ARG U 123 -73.08 38.37 -143.30
C ARG U 123 -72.71 38.07 -144.74
N MET U 124 -73.65 38.21 -145.67
CA MET U 124 -73.41 37.98 -147.10
C MET U 124 -72.46 39.02 -147.72
N LYS U 125 -72.55 40.31 -147.34
CA LYS U 125 -71.59 41.35 -147.77
C LYS U 125 -70.17 41.08 -147.26
N ILE U 126 -70.03 40.76 -145.97
CA ILE U 126 -68.76 40.41 -145.34
C ILE U 126 -68.22 39.17 -146.03
N ARG U 127 -69.02 38.11 -146.16
CA ARG U 127 -68.67 36.86 -146.85
C ARG U 127 -68.10 37.11 -148.24
N GLU U 128 -68.78 37.90 -149.04
CA GLU U 128 -68.35 38.35 -150.35
C GLU U 128 -67.05 39.15 -150.30
N ARG U 129 -66.96 40.12 -149.40
CA ARG U 129 -65.85 41.06 -149.32
C ARG U 129 -64.59 40.39 -148.75
N ASN U 130 -64.77 39.40 -147.89
CA ASN U 130 -63.72 38.69 -147.19
C ASN U 130 -63.28 37.43 -147.91
N LYS U 131 -64.22 36.71 -148.52
CA LYS U 131 -63.95 35.53 -149.34
C LYS U 131 -64.47 35.68 -150.78
N PRO U 132 -64.19 36.79 -151.48
CA PRO U 132 -64.61 36.95 -152.86
C PRO U 132 -64.10 35.80 -153.73
N GLU U 133 -62.93 35.26 -153.41
CA GLU U 133 -62.32 34.14 -154.09
C GLU U 133 -63.16 32.87 -154.05
N ILE U 134 -64.03 32.68 -153.06
CA ILE U 134 -64.99 31.57 -153.11
C ILE U 134 -65.91 31.75 -154.32
N PHE U 135 -66.49 32.93 -154.47
CA PHE U 135 -67.53 33.20 -155.46
C PHE U 135 -66.96 33.30 -156.88
N GLU U 136 -65.80 33.93 -157.01
CA GLU U 136 -64.98 33.89 -158.21
C GLU U 136 -64.61 32.46 -158.60
N LEU U 137 -64.14 31.63 -157.67
CA LEU U 137 -63.77 30.28 -158.02
C LEU U 137 -64.98 29.48 -158.51
N ILE U 138 -66.14 29.61 -157.87
CA ILE U 138 -67.39 29.00 -158.35
C ILE U 138 -67.71 29.51 -159.76
N GLN U 139 -67.60 30.80 -159.99
CA GLN U 139 -67.71 31.38 -161.32
C GLN U 139 -66.71 30.76 -162.32
N GLU U 140 -65.43 30.65 -162.01
CA GLU U 140 -64.45 30.09 -162.96
C GLU U 140 -64.61 28.58 -163.16
N VAL U 141 -64.86 27.82 -162.09
CA VAL U 141 -65.06 26.36 -162.11
C VAL U 141 -66.28 26.01 -162.94
N PHE U 142 -67.34 26.79 -162.78
CA PHE U 142 -68.54 26.70 -163.59
C PHE U 142 -68.46 27.56 -164.85
N ALA U 143 -67.29 28.14 -165.12
CA ALA U 143 -66.94 28.93 -166.30
C ALA U 143 -67.88 30.12 -166.63
N VAL U 144 -68.63 30.60 -165.64
CA VAL U 144 -69.59 31.70 -165.80
C VAL U 144 -68.82 33.02 -165.96
N THR U 145 -69.39 34.07 -166.56
CA THR U 145 -68.71 35.38 -166.66
C THR U 145 -68.84 36.16 -165.36
N LYS U 146 -68.05 37.21 -165.15
CA LYS U 146 -68.10 38.04 -163.93
C LYS U 146 -69.40 38.84 -163.81
N SER U 147 -69.88 39.41 -164.92
CA SER U 147 -71.18 40.11 -164.98
C SER U 147 -72.34 39.13 -164.76
N ALA U 148 -72.40 38.02 -165.49
CA ALA U 148 -73.45 37.02 -165.32
C ALA U 148 -73.40 36.36 -163.94
N HIS U 149 -72.21 36.14 -163.41
CA HIS U 149 -72.00 35.77 -162.01
C HIS U 149 -72.58 36.82 -161.09
N THR U 150 -72.35 38.12 -161.32
CA THR U 150 -72.97 39.19 -160.54
C THR U 150 -74.50 39.14 -160.60
N GLN U 151 -75.09 38.80 -161.76
CA GLN U 151 -76.55 38.72 -161.88
C GLN U 151 -77.15 37.43 -161.29
N GLN U 152 -76.51 36.26 -161.42
CA GLN U 152 -76.92 35.06 -160.67
C GLN U 152 -76.62 35.20 -159.17
N MET U 153 -75.62 35.99 -158.81
CA MET U 153 -75.35 36.33 -157.44
C MET U 153 -76.43 37.26 -156.90
N LYS U 154 -76.90 38.28 -157.65
CA LYS U 154 -78.16 38.98 -157.34
C LYS U 154 -79.27 37.96 -157.12
N ALA U 155 -79.42 36.96 -157.99
CA ALA U 155 -80.43 35.94 -157.79
C ALA U 155 -80.27 35.13 -156.48
N VAL U 156 -79.10 34.58 -156.15
CA VAL U 156 -78.95 33.80 -154.90
C VAL U 156 -78.83 34.67 -153.64
N LYS U 157 -78.32 35.89 -153.76
CA LYS U 157 -78.46 36.92 -152.72
C LYS U 157 -79.93 37.09 -152.48
N GLN U 158 -80.71 37.40 -153.51
CA GLN U 158 -82.14 37.57 -153.36
C GLN U 158 -82.79 36.29 -152.84
N SER U 159 -82.34 35.09 -153.21
CA SER U 159 -82.88 33.85 -152.65
C SER U 159 -82.59 33.64 -151.17
N VAL U 160 -81.73 34.47 -150.54
CA VAL U 160 -81.53 34.53 -149.09
C VAL U 160 -81.74 35.95 -148.50
N LEU U 161 -82.01 36.97 -149.33
CA LEU U 161 -82.08 38.39 -148.95
C LEU U 161 -83.39 39.07 -149.34
N ASP U 162 -83.99 38.71 -150.48
CA ASP U 162 -85.44 38.80 -150.60
C ASP U 162 -86.04 37.69 -149.73
N GLY U 163 -85.58 36.45 -149.93
CA GLY U 163 -85.86 35.26 -149.11
C GLY U 163 -85.24 35.25 -147.71
N THR U 164 -85.05 36.41 -147.10
CA THR U 164 -84.43 36.59 -145.77
C THR U 164 -85.35 36.25 -144.59
N SER U 165 -86.67 36.21 -144.80
CA SER U 165 -87.68 36.06 -143.73
C SER U 165 -89.10 35.82 -144.27
N LYS U 166 -89.22 35.12 -145.42
CA LYS U 166 -90.44 35.13 -146.24
C LYS U 166 -91.33 33.90 -146.05
N TRP U 167 -92.64 34.16 -145.96
CA TRP U 167 -93.72 33.18 -146.17
C TRP U 167 -94.77 33.81 -147.12
N SER U 168 -94.28 34.40 -148.21
CA SER U 168 -95.06 35.08 -149.26
C SER U 168 -95.53 34.08 -150.31
N ALA U 169 -96.29 33.08 -149.87
CA ALA U 169 -96.70 31.95 -150.69
C ALA U 169 -97.61 32.32 -151.86
N LYS U 170 -97.17 32.02 -153.08
CA LYS U 170 -98.12 31.73 -154.14
C LYS U 170 -98.81 30.41 -153.79
N ILE U 171 -100.10 30.32 -154.07
CA ILE U 171 -100.95 29.16 -153.84
C ILE U 171 -101.68 28.86 -155.15
N SER U 172 -101.85 27.61 -155.51
CA SER U 172 -102.45 27.20 -156.79
C SER U 172 -103.45 26.07 -156.54
N ILE U 173 -104.70 26.48 -156.36
CA ILE U 173 -105.81 25.66 -155.89
C ILE U 173 -106.53 25.10 -157.09
N THR U 174 -106.27 23.84 -157.45
CA THR U 174 -107.14 23.11 -158.36
C THR U 174 -108.33 22.55 -157.60
N VAL U 175 -109.49 23.13 -157.82
CA VAL U 175 -110.75 22.47 -157.49
C VAL U 175 -110.91 21.26 -158.40
N VAL U 176 -110.75 20.05 -157.87
CA VAL U 176 -110.75 18.83 -158.68
C VAL U 176 -112.15 18.31 -158.93
N CYS U 177 -112.88 17.93 -157.89
CA CYS U 177 -114.16 17.25 -158.02
C CYS U 177 -114.94 17.34 -156.71
N ALA U 178 -116.20 16.96 -156.71
CA ALA U 178 -116.97 16.72 -155.50
C ALA U 178 -117.76 15.41 -155.61
N GLN U 179 -118.24 14.92 -154.48
CA GLN U 179 -119.00 13.68 -154.33
C GLN U 179 -120.13 13.89 -153.31
N GLY U 180 -121.34 13.36 -153.58
CA GLY U 180 -122.45 13.37 -152.63
C GLY U 180 -123.08 14.75 -152.34
N LEU U 181 -122.95 15.72 -153.26
CA LEU U 181 -123.50 17.07 -153.09
C LEU U 181 -125.02 17.06 -152.86
N GLN U 182 -125.53 18.09 -152.18
CA GLN U 182 -126.98 18.28 -152.04
C GLN U 182 -127.58 18.73 -153.37
N ALA U 183 -128.78 18.25 -153.72
CA ALA U 183 -129.52 18.76 -154.87
C ALA U 183 -130.15 20.13 -154.56
N LYS U 184 -130.14 21.03 -155.56
CA LYS U 184 -130.75 22.38 -155.51
C LYS U 184 -131.28 22.87 -156.88
N ASP U 185 -131.12 22.10 -157.95
CA ASP U 185 -131.15 22.67 -159.31
C ASP U 185 -132.52 23.05 -159.87
N LYS U 186 -132.46 23.85 -160.93
CA LYS U 186 -133.44 23.92 -162.00
C LYS U 186 -133.62 22.54 -162.70
N THR U 187 -132.57 21.73 -162.86
CA THR U 187 -132.62 20.34 -163.37
C THR U 187 -133.16 19.28 -162.38
N GLY U 188 -133.34 19.63 -161.11
CA GLY U 188 -133.56 18.68 -160.00
C GLY U 188 -132.30 17.99 -159.44
N SER U 189 -131.13 18.15 -160.06
CA SER U 189 -129.83 17.66 -159.52
C SER U 189 -129.11 18.83 -158.82
N SER U 190 -127.93 19.22 -159.29
CA SER U 190 -127.38 20.59 -159.19
C SER U 190 -126.53 20.92 -160.40
N ASP U 191 -126.33 22.22 -160.64
CA ASP U 191 -125.31 22.77 -161.50
C ASP U 191 -124.14 23.29 -160.65
N PRO U 192 -123.41 22.41 -159.94
CA PRO U 192 -122.35 22.85 -159.04
C PRO U 192 -121.20 23.55 -159.79
N TYR U 193 -120.86 24.75 -159.34
CA TYR U 193 -119.54 25.35 -159.45
C TYR U 193 -118.98 25.63 -158.06
N VAL U 194 -117.79 26.19 -158.00
CA VAL U 194 -117.08 26.49 -156.76
C VAL U 194 -116.52 27.90 -156.82
N THR U 195 -116.58 28.66 -155.74
CA THR U 195 -115.67 29.80 -155.53
C THR U 195 -114.55 29.39 -154.61
N VAL U 196 -113.37 29.90 -154.88
CA VAL U 196 -112.24 29.85 -153.95
C VAL U 196 -111.90 31.28 -153.54
N GLN U 197 -111.54 31.49 -152.27
CA GLN U 197 -111.10 32.76 -151.74
C GLN U 197 -109.88 32.58 -150.81
N VAL U 198 -108.89 33.46 -150.93
CA VAL U 198 -107.73 33.54 -150.05
C VAL U 198 -107.46 35.00 -149.72
N GLY U 199 -107.37 35.36 -148.44
CA GLY U 199 -107.48 36.78 -148.04
C GLY U 199 -108.82 37.38 -148.51
N LYS U 200 -108.78 38.61 -149.03
CA LYS U 200 -109.95 39.28 -149.66
C LYS U 200 -110.25 38.71 -151.07
N THR U 201 -109.25 38.20 -151.78
CA THR U 201 -109.33 37.80 -153.20
C THR U 201 -110.21 36.57 -153.41
N LYS U 202 -111.10 36.63 -154.41
CA LYS U 202 -112.12 35.59 -154.71
C LYS U 202 -112.17 35.27 -156.21
N LYS U 203 -112.28 33.98 -156.55
CA LYS U 203 -112.30 33.42 -157.91
C LYS U 203 -113.31 32.26 -158.00
N ARG U 204 -113.70 31.82 -159.19
CA ARG U 204 -114.62 30.67 -159.35
C ARG U 204 -114.25 29.68 -160.45
N THR U 205 -114.60 28.42 -160.23
CA THR U 205 -114.73 27.43 -161.29
C THR U 205 -115.89 27.78 -162.20
N LYS U 206 -115.81 27.32 -163.45
CA LYS U 206 -117.00 27.12 -164.27
C LYS U 206 -117.87 26.03 -163.65
N THR U 207 -119.01 25.82 -164.27
CA THR U 207 -120.10 25.04 -163.71
C THR U 207 -120.13 23.67 -164.33
N ILE U 208 -120.22 22.63 -163.51
CA ILE U 208 -120.68 21.32 -163.99
C ILE U 208 -122.19 21.32 -163.82
N TYR U 209 -122.92 20.87 -164.84
CA TYR U 209 -124.38 20.99 -164.92
C TYR U 209 -125.06 19.64 -164.65
N GLY U 210 -126.15 19.64 -163.89
CA GLY U 210 -126.96 18.44 -163.61
C GLY U 210 -126.29 17.33 -162.80
N ASN U 211 -125.22 17.58 -162.05
CA ASN U 211 -124.37 16.58 -161.40
C ASN U 211 -124.23 16.82 -159.88
N LEU U 212 -124.28 15.76 -159.07
CA LEU U 212 -123.97 15.80 -157.63
C LEU U 212 -122.60 15.21 -157.28
N ASN U 213 -121.91 14.62 -158.27
CA ASN U 213 -120.53 14.15 -158.19
C ASN U 213 -119.64 14.83 -159.27
N PRO U 214 -119.61 16.18 -159.36
CA PRO U 214 -118.97 16.90 -160.46
C PRO U 214 -117.44 16.74 -160.47
N VAL U 215 -116.82 16.81 -161.66
CA VAL U 215 -115.36 16.99 -161.79
C VAL U 215 -115.09 18.32 -162.51
N TRP U 216 -114.39 19.24 -161.86
CA TRP U 216 -113.93 20.50 -162.45
C TRP U 216 -112.49 20.40 -162.98
N GLU U 217 -111.54 19.98 -162.13
CA GLU U 217 -110.10 20.08 -162.35
C GLU U 217 -109.65 21.52 -162.70
N GLU U 218 -110.22 22.54 -162.06
CA GLU U 218 -110.01 23.96 -162.38
C GLU U 218 -109.13 24.67 -161.35
N ASN U 219 -108.08 25.34 -161.82
CA ASN U 219 -107.03 25.91 -160.96
C ASN U 219 -107.12 27.42 -160.78
N PHE U 220 -106.97 27.85 -159.54
CA PHE U 220 -106.94 29.23 -159.11
C PHE U 220 -105.62 29.55 -158.43
N HIS U 221 -104.88 30.47 -159.01
CA HIS U 221 -103.73 31.05 -158.34
C HIS U 221 -104.18 32.11 -157.33
N PHE U 222 -103.50 32.16 -156.20
CA PHE U 222 -103.68 33.12 -155.11
C PHE U 222 -102.34 33.49 -154.49
N GLU U 223 -102.31 34.60 -153.78
CA GLU U 223 -101.19 35.02 -152.96
C GLU U 223 -101.62 35.04 -151.49
N CYS U 224 -100.79 34.43 -150.64
CA CYS U 224 -100.90 34.48 -149.20
C CYS U 224 -99.58 34.99 -148.62
N HIS U 225 -99.66 35.74 -147.53
CA HIS U 225 -98.51 36.39 -146.90
C HIS U 225 -98.42 36.04 -145.40
N ASN U 226 -99.15 35.02 -144.96
CA ASN U 226 -99.38 34.66 -143.57
C ASN U 226 -99.79 33.18 -143.44
N SER U 227 -98.96 32.37 -142.79
CA SER U 227 -99.28 30.96 -142.52
C SER U 227 -100.55 30.76 -141.67
N SER U 228 -100.98 31.77 -140.91
CA SER U 228 -102.25 31.78 -140.17
C SER U 228 -103.45 32.25 -141.01
N ASP U 229 -103.34 32.53 -142.31
CA ASP U 229 -104.50 32.76 -143.18
C ASP U 229 -105.35 31.48 -143.32
N ARG U 230 -106.55 31.63 -143.89
CA ARG U 230 -107.36 30.52 -144.37
C ARG U 230 -107.62 30.64 -145.87
N ILE U 231 -107.60 29.50 -146.54
CA ILE U 231 -108.36 29.30 -147.79
C ILE U 231 -109.83 29.09 -147.41
N LYS U 232 -110.76 29.68 -148.17
CA LYS U 232 -112.18 29.36 -148.16
C LYS U 232 -112.61 28.78 -149.51
N VAL U 233 -113.27 27.64 -149.51
CA VAL U 233 -113.76 26.99 -150.74
C VAL U 233 -115.25 26.70 -150.61
N ARG U 234 -116.06 27.15 -151.56
CA ARG U 234 -117.53 27.15 -151.44
C ARG U 234 -118.17 26.67 -152.73
N VAL U 235 -119.14 25.79 -152.65
CA VAL U 235 -119.77 25.13 -153.79
C VAL U 235 -121.17 25.75 -153.97
N TRP U 236 -121.54 26.04 -155.20
CA TRP U 236 -122.74 26.80 -155.56
C TRP U 236 -123.46 26.12 -156.72
N ASP U 237 -124.77 25.96 -156.62
CA ASP U 237 -125.59 25.56 -157.73
C ASP U 237 -125.86 26.77 -158.65
N GLU U 238 -125.40 26.75 -159.89
CA GLU U 238 -125.52 27.92 -160.75
C GLU U 238 -126.97 28.21 -161.16
N ASP U 239 -127.62 29.12 -160.44
CA ASP U 239 -128.94 29.62 -160.79
C ASP U 239 -128.83 30.85 -161.70
N ASP U 240 -129.18 30.70 -162.98
CA ASP U 240 -129.40 31.84 -163.88
C ASP U 240 -130.87 31.87 -164.29
N ASP U 241 -131.68 32.52 -163.45
CA ASP U 241 -133.14 32.61 -163.58
C ASP U 241 -133.65 33.90 -162.92
N ILE U 242 -134.95 34.23 -163.11
CA ILE U 242 -135.54 35.46 -162.52
C ILE U 242 -135.34 35.50 -161.01
N LYS U 243 -135.43 34.35 -160.32
CA LYS U 243 -135.12 34.24 -158.89
C LYS U 243 -133.69 34.67 -158.56
N SER U 244 -132.67 34.20 -159.29
CA SER U 244 -131.29 34.64 -159.02
C SER U 244 -131.07 36.11 -159.35
N ARG U 245 -131.66 36.63 -160.44
CA ARG U 245 -131.63 38.06 -160.77
C ARG U 245 -132.29 38.93 -159.69
N VAL U 246 -133.33 38.44 -159.02
CA VAL U 246 -133.92 39.08 -157.82
C VAL U 246 -133.00 38.93 -156.60
N LYS U 247 -132.53 37.71 -156.29
CA LYS U 247 -131.64 37.43 -155.15
C LYS U 247 -130.38 38.28 -155.16
N GLN U 248 -129.81 38.57 -156.34
CA GLN U 248 -128.63 39.43 -156.50
C GLN U 248 -128.78 40.86 -155.93
N ARG U 249 -130.02 41.30 -155.66
CA ARG U 249 -130.36 42.61 -155.06
C ARG U 249 -130.35 42.58 -153.52
N PHE U 250 -130.20 41.40 -152.90
CA PHE U 250 -130.35 41.17 -151.45
C PHE U 250 -129.29 40.23 -150.82
N LYS U 251 -128.75 39.24 -151.55
CA LYS U 251 -127.67 38.32 -151.12
C LYS U 251 -126.55 38.26 -152.16
N ARG U 252 -125.28 38.22 -151.71
CA ARG U 252 -124.08 38.12 -152.58
C ARG U 252 -123.92 36.80 -153.34
N GLU U 253 -124.55 35.73 -152.87
CA GLU U 253 -124.30 34.35 -153.32
C GLU U 253 -125.52 33.79 -154.07
N SER U 254 -125.78 34.33 -155.26
CA SER U 254 -127.00 34.12 -156.07
C SER U 254 -127.22 32.72 -156.66
N ASP U 255 -126.49 31.72 -156.17
CA ASP U 255 -126.27 30.44 -156.82
C ASP U 255 -126.30 29.35 -155.75
N ASP U 256 -127.45 28.69 -155.58
CA ASP U 256 -127.83 28.07 -154.30
C ASP U 256 -126.74 27.15 -153.73
N PHE U 257 -126.25 27.56 -152.56
CA PHE U 257 -125.03 27.03 -151.97
C PHE U 257 -125.15 25.55 -151.59
N LEU U 258 -124.14 24.80 -152.00
CA LEU U 258 -124.03 23.34 -151.91
C LEU U 258 -123.09 22.87 -150.81
N GLY U 259 -122.31 23.78 -150.22
CA GLY U 259 -121.45 23.51 -149.07
C GLY U 259 -120.05 24.13 -149.17
N GLN U 260 -119.28 24.19 -148.08
CA GLN U 260 -117.93 24.76 -148.07
C GLN U 260 -116.91 23.93 -147.28
N THR U 261 -115.63 24.17 -147.52
CA THR U 261 -114.53 23.79 -146.63
C THR U 261 -113.61 25.00 -146.41
N ILE U 262 -113.00 25.07 -145.23
CA ILE U 262 -112.08 26.15 -144.83
C ILE U 262 -110.80 25.52 -144.28
N ILE U 263 -109.64 25.97 -144.75
CA ILE U 263 -108.36 25.26 -144.57
C ILE U 263 -107.29 26.26 -144.10
N GLU U 264 -106.58 25.96 -143.00
CA GLU U 264 -105.49 26.83 -142.52
C GLU U 264 -104.28 26.75 -143.43
N VAL U 265 -103.68 27.89 -143.76
CA VAL U 265 -102.51 27.92 -144.64
C VAL U 265 -101.33 27.12 -144.07
N ARG U 266 -101.15 27.04 -142.74
CA ARG U 266 -100.10 26.18 -142.15
C ARG U 266 -100.33 24.67 -142.25
N THR U 267 -101.55 24.20 -142.58
CA THR U 267 -101.73 22.79 -142.95
C THR U 267 -101.19 22.50 -144.36
N LEU U 268 -100.99 23.54 -145.17
CA LEU U 268 -100.46 23.43 -146.51
C LEU U 268 -98.94 23.35 -146.53
N SER U 269 -98.41 22.72 -147.57
CA SER U 269 -97.01 22.71 -147.96
C SER U 269 -96.93 22.32 -149.45
N GLY U 270 -95.80 22.63 -150.10
CA GLY U 270 -95.42 22.04 -151.39
C GLY U 270 -96.55 21.86 -152.42
N GLU U 271 -97.04 20.62 -152.54
CA GLU U 271 -98.22 20.25 -153.32
C GLU U 271 -99.11 19.27 -152.54
N MET U 272 -100.43 19.39 -152.70
CA MET U 272 -101.45 18.58 -152.01
C MET U 272 -102.55 18.14 -152.98
N ASP U 273 -103.25 17.07 -152.63
CA ASP U 273 -104.43 16.55 -153.34
C ASP U 273 -105.34 15.78 -152.37
N VAL U 274 -106.36 16.45 -151.84
CA VAL U 274 -107.10 16.06 -150.63
C VAL U 274 -108.59 16.27 -150.86
N TRP U 275 -109.47 15.40 -150.32
CA TRP U 275 -110.90 15.72 -150.26
C TRP U 275 -111.46 15.93 -148.86
N TYR U 276 -112.30 16.96 -148.77
CA TYR U 276 -112.81 17.61 -147.57
C TYR U 276 -114.33 17.50 -147.55
N ASN U 277 -114.94 17.01 -146.47
CA ASN U 277 -116.40 17.07 -146.32
C ASN U 277 -116.88 18.54 -146.26
N LEU U 278 -118.08 18.78 -146.78
CA LEU U 278 -118.68 20.11 -146.92
C LEU U 278 -119.57 20.54 -145.76
N ASP U 279 -119.60 21.84 -145.51
CA ASP U 279 -120.21 22.53 -144.37
C ASP U 279 -121.19 23.65 -144.82
N LYS U 280 -122.14 24.04 -143.95
CA LYS U 280 -123.10 25.15 -144.18
C LYS U 280 -122.45 26.55 -144.15
N ARG U 281 -123.17 27.57 -144.65
CA ARG U 281 -122.82 29.00 -144.53
C ARG U 281 -124.06 29.89 -144.44
N THR U 282 -124.73 30.08 -145.58
CA THR U 282 -125.85 31.01 -145.76
C THR U 282 -127.15 30.52 -145.12
N ASP U 283 -128.13 31.41 -145.01
CA ASP U 283 -129.51 31.07 -144.62
C ASP U 283 -130.19 30.07 -145.58
N LYS U 284 -129.74 30.00 -146.84
CA LYS U 284 -130.21 29.08 -147.89
C LYS U 284 -129.56 27.68 -147.89
N SER U 285 -128.64 27.41 -146.95
CA SER U 285 -127.81 26.20 -146.95
C SER U 285 -128.59 24.91 -146.65
N ALA U 286 -128.53 23.93 -147.56
CA ALA U 286 -128.67 22.50 -147.25
C ALA U 286 -127.46 21.82 -147.92
N VAL U 287 -126.72 21.01 -147.16
CA VAL U 287 -125.35 20.60 -147.52
C VAL U 287 -125.14 19.11 -147.27
N SER U 288 -124.37 18.47 -148.16
CA SER U 288 -123.93 17.08 -148.02
C SER U 288 -122.68 16.82 -148.87
N GLY U 289 -121.98 15.72 -148.61
CA GLY U 289 -120.86 15.27 -149.44
C GLY U 289 -119.53 15.99 -149.18
N ALA U 290 -118.63 15.92 -150.16
CA ALA U 290 -117.24 16.36 -150.04
C ALA U 290 -116.67 16.94 -151.34
N ILE U 291 -115.64 17.78 -151.23
CA ILE U 291 -114.89 18.38 -152.34
C ILE U 291 -113.41 17.98 -152.31
N ARG U 292 -112.88 17.50 -153.43
CA ARG U 292 -111.46 17.25 -153.67
C ARG U 292 -110.79 18.49 -154.23
N LEU U 293 -109.74 18.92 -153.55
CA LEU U 293 -108.88 20.02 -153.92
C LEU U 293 -107.45 19.52 -154.07
N HIS U 294 -106.88 19.73 -155.24
CA HIS U 294 -105.44 19.84 -155.36
C HIS U 294 -105.04 21.28 -154.98
N ILE U 295 -103.98 21.43 -154.21
CA ILE U 295 -103.52 22.73 -153.69
C ILE U 295 -101.99 22.72 -153.70
N SER U 296 -101.39 23.49 -154.60
CA SER U 296 -99.96 23.76 -154.56
C SER U 296 -99.66 25.05 -153.80
N VAL U 297 -98.51 25.12 -153.14
CA VAL U 297 -98.05 26.23 -152.31
C VAL U 297 -96.55 26.45 -152.52
N GLU U 298 -96.22 27.54 -153.19
CA GLU U 298 -94.88 27.80 -153.68
C GLU U 298 -93.96 28.48 -152.67
N ILE U 299 -94.12 28.13 -151.39
CA ILE U 299 -93.02 28.15 -150.41
C ILE U 299 -91.97 27.08 -150.79
N LYS U 300 -92.42 26.07 -151.55
CA LYS U 300 -91.62 25.16 -152.39
C LYS U 300 -90.53 25.91 -153.15
N GLY U 301 -89.30 25.38 -153.13
CA GLY U 301 -88.12 25.96 -153.77
C GLY U 301 -87.43 24.96 -154.70
N GLU U 302 -86.12 24.81 -154.57
CA GLU U 302 -85.33 23.74 -155.20
C GLU U 302 -85.64 22.37 -154.56
N GLU U 303 -86.81 21.84 -154.86
CA GLU U 303 -87.10 20.42 -154.62
C GLU U 303 -86.46 19.55 -155.72
N LYS U 304 -86.09 20.16 -156.85
CA LYS U 304 -85.43 19.56 -158.03
C LYS U 304 -84.02 19.01 -157.77
N VAL U 305 -83.65 18.75 -156.53
CA VAL U 305 -82.30 18.33 -156.15
C VAL U 305 -81.92 17.10 -156.94
N ALA U 306 -80.79 17.12 -157.64
CA ALA U 306 -80.15 15.83 -157.81
C ALA U 306 -79.76 15.41 -156.37
N PRO U 307 -79.89 14.13 -155.98
CA PRO U 307 -79.58 13.68 -154.62
C PRO U 307 -78.21 14.23 -154.29
N TYR U 308 -78.06 14.88 -153.15
CA TYR U 308 -77.05 15.93 -153.09
C TYR U 308 -75.60 15.44 -153.24
N HIS U 309 -75.42 14.14 -153.03
CA HIS U 309 -74.40 13.28 -153.62
C HIS U 309 -73.98 13.70 -155.04
N VAL U 310 -74.89 13.58 -155.99
CA VAL U 310 -74.69 13.87 -157.42
C VAL U 310 -74.37 15.35 -157.63
N GLN U 311 -75.06 16.24 -156.92
CA GLN U 311 -74.74 17.65 -157.00
C GLN U 311 -73.32 17.96 -156.52
N TYR U 312 -72.92 17.33 -155.42
CA TYR U 312 -71.58 17.40 -154.89
C TYR U 312 -70.57 16.81 -155.88
N THR U 313 -70.90 15.70 -156.53
CA THR U 313 -70.03 15.09 -157.53
C THR U 313 -69.77 16.02 -158.69
N CYS U 314 -70.83 16.61 -159.25
CA CYS U 314 -70.73 17.60 -160.30
C CYS U 314 -69.83 18.76 -159.89
N LEU U 315 -70.09 19.30 -158.71
CA LEU U 315 -69.25 20.33 -158.12
C LEU U 315 -67.80 19.87 -158.08
N HIS U 316 -67.55 18.70 -157.51
CA HIS U 316 -66.22 18.14 -157.30
C HIS U 316 -65.47 17.88 -158.60
N GLU U 317 -66.12 17.33 -159.60
CA GLU U 317 -65.49 17.05 -160.89
C GLU U 317 -65.11 18.32 -161.62
N ASN U 318 -66.03 19.28 -161.64
CA ASN U 318 -65.77 20.58 -162.19
C ASN U 318 -64.63 21.25 -161.46
N LEU U 319 -64.66 21.22 -160.14
CA LEU U 319 -63.59 21.82 -159.36
C LEU U 319 -62.27 21.10 -159.64
N PHE U 320 -62.25 19.77 -159.66
CA PHE U 320 -61.05 18.97 -159.90
C PHE U 320 -60.42 19.26 -161.26
N HIS U 321 -61.21 19.22 -162.33
CA HIS U 321 -60.68 19.58 -163.63
C HIS U 321 -60.17 21.02 -163.59
N PHE U 322 -60.91 21.92 -162.92
CA PHE U 322 -60.53 23.32 -162.92
C PHE U 322 -59.19 23.50 -162.22
N VAL U 323 -59.00 22.88 -161.07
CA VAL U 323 -57.75 22.93 -160.33
C VAL U 323 -56.65 22.27 -161.14
N THR U 324 -56.77 20.99 -161.43
CA THR U 324 -55.70 20.24 -162.06
C THR U 324 -55.40 20.79 -163.43
N ASP U 325 -56.41 20.88 -164.27
CA ASP U 325 -56.27 21.27 -165.64
C ASP U 325 -56.21 22.78 -165.77
N VAL U 326 -57.21 23.52 -165.29
CA VAL U 326 -57.25 24.96 -165.63
C VAL U 326 -56.20 25.74 -164.88
N GLN U 327 -56.11 25.59 -163.56
CA GLN U 327 -55.15 26.31 -162.75
C GLN U 327 -53.76 25.71 -162.93
N ASN U 328 -53.66 24.38 -162.92
CA ASN U 328 -52.39 23.67 -162.83
C ASN U 328 -51.98 22.99 -164.13
N ASN U 329 -52.65 23.29 -165.23
CA ASN U 329 -52.23 22.88 -166.58
C ASN U 329 -52.07 21.36 -166.70
N GLY U 330 -52.96 20.64 -166.02
CA GLY U 330 -53.03 19.18 -165.92
C GLY U 330 -52.20 18.61 -164.78
N VAL U 331 -51.26 19.37 -164.22
CA VAL U 331 -50.51 18.94 -163.04
C VAL U 331 -51.49 18.82 -161.90
N VAL U 332 -51.43 17.70 -161.20
CA VAL U 332 -52.18 17.56 -159.95
C VAL U 332 -51.42 18.29 -158.84
N LYS U 333 -51.85 19.50 -158.47
CA LYS U 333 -51.49 20.09 -157.17
C LYS U 333 -52.10 19.22 -156.07
N ILE U 334 -51.25 18.59 -155.26
CA ILE U 334 -51.70 17.81 -154.08
C ILE U 334 -52.22 18.84 -153.03
N PRO U 335 -53.41 18.68 -152.42
CA PRO U 335 -54.17 19.73 -151.73
C PRO U 335 -53.45 20.53 -150.63
N ASP U 336 -54.07 21.62 -150.17
CA ASP U 336 -53.79 22.13 -148.82
C ASP U 336 -54.44 21.20 -147.77
N ALA U 337 -53.97 19.96 -147.76
CA ALA U 337 -54.47 18.82 -147.03
C ALA U 337 -53.84 18.65 -145.65
N LYS U 338 -54.55 17.97 -144.72
CA LYS U 338 -54.13 17.78 -143.33
C LYS U 338 -54.26 16.31 -142.90
N GLY U 339 -53.21 15.75 -142.32
CA GLY U 339 -53.10 14.35 -141.89
C GLY U 339 -53.21 13.32 -143.02
N ASP U 340 -53.36 12.05 -142.66
CA ASP U 340 -53.81 10.98 -143.57
C ASP U 340 -55.16 11.33 -144.21
N ASP U 341 -55.97 12.05 -143.42
CA ASP U 341 -57.16 12.83 -143.76
C ASP U 341 -56.96 13.91 -144.84
N ALA U 342 -55.78 13.95 -145.47
CA ALA U 342 -55.62 14.42 -146.83
C ALA U 342 -56.64 13.74 -147.76
N TRP U 343 -56.96 12.49 -147.47
CA TRP U 343 -58.04 11.76 -148.10
C TRP U 343 -59.43 12.40 -147.98
N LYS U 344 -59.62 13.34 -147.06
CA LYS U 344 -60.81 14.18 -146.86
C LYS U 344 -60.61 15.66 -147.19
N VAL U 345 -59.37 16.09 -147.40
CA VAL U 345 -59.08 17.44 -147.86
C VAL U 345 -58.59 17.36 -149.26
N TYR U 346 -59.53 17.53 -150.15
CA TYR U 346 -59.34 17.38 -151.56
C TYR U 346 -58.68 18.60 -152.16
N TYR U 347 -58.78 19.76 -151.51
CA TYR U 347 -58.33 21.02 -152.08
C TYR U 347 -57.76 21.99 -151.04
N ASP U 348 -57.24 23.08 -151.58
CA ASP U 348 -57.00 24.36 -150.91
C ASP U 348 -58.25 24.86 -150.20
N GLU U 349 -58.07 25.70 -149.18
CA GLU U 349 -59.13 26.25 -148.33
C GLU U 349 -60.38 26.62 -149.11
N THR U 350 -60.24 27.41 -150.16
CA THR U 350 -61.39 28.04 -150.80
C THR U 350 -62.27 26.97 -151.41
N ALA U 351 -61.63 26.09 -152.17
CA ALA U 351 -62.23 24.93 -152.82
C ALA U 351 -62.70 23.88 -151.81
N GLN U 352 -61.94 23.68 -150.74
CA GLN U 352 -62.28 22.77 -149.68
C GLN U 352 -63.54 23.22 -148.95
N GLU U 353 -63.59 24.50 -148.59
CA GLU U 353 -64.77 25.14 -148.02
C GLU U 353 -65.94 25.12 -148.98
N ILE U 354 -65.73 25.32 -150.29
CA ILE U 354 -66.78 25.14 -151.30
C ILE U 354 -67.41 23.75 -151.17
N VAL U 355 -66.61 22.69 -151.31
CA VAL U 355 -67.16 21.34 -151.31
C VAL U 355 -67.68 20.94 -149.93
N ASP U 356 -67.07 21.44 -148.87
CA ASP U 356 -67.51 21.16 -147.52
C ASP U 356 -68.80 21.92 -147.18
N GLU U 357 -68.95 23.21 -147.44
CA GLU U 357 -70.22 23.93 -147.23
C GLU U 357 -71.36 23.28 -148.01
N PHE U 358 -71.06 22.75 -149.20
CA PHE U 358 -71.99 21.95 -149.96
C PHE U 358 -72.30 20.62 -149.24
N ALA U 359 -71.28 19.84 -148.90
CA ALA U 359 -71.44 18.59 -148.15
C ALA U 359 -71.97 18.77 -146.71
N MET U 360 -71.98 19.99 -146.19
CA MET U 360 -72.56 20.35 -144.91
C MET U 360 -74.01 20.76 -145.08
N ARG U 361 -74.26 21.84 -145.84
CA ARG U 361 -75.62 22.31 -146.15
C ARG U 361 -76.46 21.19 -146.75
N TYR U 362 -75.80 20.28 -147.46
CA TYR U 362 -76.42 19.15 -148.13
C TYR U 362 -75.86 17.77 -147.72
N GLY U 363 -75.26 17.69 -146.53
CA GLY U 363 -75.01 16.45 -145.78
C GLY U 363 -74.05 15.39 -146.36
N VAL U 364 -73.59 15.52 -147.61
CA VAL U 364 -72.87 14.48 -148.36
C VAL U 364 -71.73 13.86 -147.56
N GLU U 365 -71.76 12.54 -147.39
CA GLU U 365 -70.87 11.81 -146.50
C GLU U 365 -69.41 11.82 -146.97
N SER U 366 -68.47 11.90 -146.03
CA SER U 366 -67.03 11.99 -146.27
C SER U 366 -66.47 10.92 -147.23
N ILE U 367 -66.93 9.67 -147.12
CA ILE U 367 -66.51 8.60 -148.03
C ILE U 367 -66.97 8.83 -149.47
N TYR U 368 -68.18 9.36 -149.68
CA TYR U 368 -68.69 9.68 -151.00
C TYR U 368 -67.84 10.78 -151.65
N GLN U 369 -67.48 11.78 -150.86
CA GLN U 369 -66.56 12.85 -151.25
C GLN U 369 -65.19 12.27 -151.67
N ALA U 370 -64.64 11.33 -150.89
CA ALA U 370 -63.37 10.65 -151.17
C ALA U 370 -63.36 9.77 -152.43
N MET U 371 -64.36 8.92 -152.63
CA MET U 371 -64.43 8.06 -153.81
C MET U 371 -64.51 8.89 -155.09
N THR U 372 -65.26 10.00 -155.04
CA THR U 372 -65.33 11.01 -156.11
C THR U 372 -63.95 11.58 -156.44
N HIS U 373 -63.20 11.97 -155.41
CA HIS U 373 -61.82 12.42 -155.57
C HIS U 373 -60.87 11.34 -156.11
N PHE U 374 -61.00 10.09 -155.68
CA PHE U 374 -60.17 9.01 -156.19
C PHE U 374 -60.47 8.73 -157.67
N ALA U 375 -61.73 8.81 -158.08
CA ALA U 375 -62.15 8.76 -159.48
C ALA U 375 -61.48 9.88 -160.28
N CYS U 376 -61.56 11.11 -159.80
CA CYS U 376 -60.81 12.22 -160.35
C CYS U 376 -59.31 11.90 -160.48
N LEU U 377 -58.60 11.60 -159.38
CA LEU U 377 -57.15 11.33 -159.38
C LEU U 377 -56.74 10.25 -160.37
N SER U 378 -57.54 9.21 -160.54
CA SER U 378 -57.19 8.09 -161.41
C SER U 378 -56.97 8.51 -162.87
N SER U 379 -57.61 9.61 -163.30
CA SER U 379 -57.40 10.19 -164.63
C SER U 379 -56.03 10.86 -164.81
N LYS U 380 -55.23 10.95 -163.72
CA LYS U 380 -53.95 11.65 -163.64
C LYS U 380 -52.87 10.82 -162.91
N TYR U 381 -53.07 9.51 -162.70
CA TYR U 381 -52.31 8.74 -161.67
C TYR U 381 -50.78 8.79 -161.85
N MET U 382 -50.31 9.02 -163.08
CA MET U 382 -48.92 9.08 -163.50
C MET U 382 -48.16 10.34 -162.99
N CYS U 383 -48.87 11.39 -162.57
CA CYS U 383 -48.25 12.60 -162.04
C CYS U 383 -47.43 12.31 -160.75
N PRO U 384 -46.30 13.02 -160.51
CA PRO U 384 -45.41 12.69 -159.40
C PRO U 384 -46.09 12.76 -158.03
N GLY U 385 -45.77 11.84 -157.13
CA GLY U 385 -46.39 11.75 -155.80
C GLY U 385 -47.83 11.23 -155.78
N VAL U 386 -48.60 11.35 -156.87
CA VAL U 386 -50.00 10.87 -156.93
C VAL U 386 -50.14 9.40 -156.53
N PRO U 387 -49.22 8.46 -156.81
CA PRO U 387 -49.37 7.09 -156.33
C PRO U 387 -49.28 6.94 -154.82
N ALA U 388 -48.50 7.80 -154.15
CA ALA U 388 -48.52 7.87 -152.71
C ALA U 388 -49.88 8.37 -152.21
N VAL U 389 -50.41 9.44 -152.82
CA VAL U 389 -51.72 10.01 -152.46
C VAL U 389 -52.84 9.01 -152.73
N MET U 390 -52.83 8.32 -153.86
CA MET U 390 -53.82 7.31 -154.16
C MET U 390 -53.63 6.09 -153.27
N SER U 391 -52.40 5.70 -152.92
CA SER U 391 -52.19 4.63 -151.94
C SER U 391 -52.81 5.01 -150.61
N THR U 392 -52.64 6.26 -150.21
CA THR U 392 -53.21 6.86 -149.00
C THR U 392 -54.73 6.86 -149.08
N LEU U 393 -55.27 7.51 -150.11
CA LEU U 393 -56.69 7.64 -150.32
C LEU U 393 -57.38 6.29 -150.39
N LEU U 394 -56.75 5.32 -151.04
CA LEU U 394 -57.27 3.96 -151.08
C LEU U 394 -57.09 3.21 -149.78
N ALA U 395 -55.98 3.36 -149.07
CA ALA U 395 -55.85 2.80 -147.74
C ALA U 395 -56.98 3.30 -146.83
N ASN U 396 -57.37 4.57 -146.99
CA ASN U 396 -58.49 5.13 -146.27
C ASN U 396 -59.86 4.69 -146.77
N ILE U 397 -60.14 4.72 -148.08
CA ILE U 397 -61.40 4.20 -148.62
C ILE U 397 -61.56 2.71 -148.26
N ASN U 398 -60.46 1.95 -148.31
CA ASN U 398 -60.41 0.62 -147.77
C ASN U 398 -60.75 0.61 -146.30
N ALA U 399 -59.99 1.32 -145.47
CA ALA U 399 -60.18 1.33 -144.03
C ALA U 399 -61.60 1.77 -143.67
N TYR U 400 -62.19 2.63 -144.49
CA TYR U 400 -63.56 3.06 -144.37
C TYR U 400 -64.51 1.88 -144.54
N TYR U 401 -64.59 1.29 -145.73
CA TYR U 401 -65.55 0.22 -145.97
C TYR U 401 -65.21 -1.08 -145.24
N ALA U 402 -63.93 -1.34 -145.01
CA ALA U 402 -63.45 -2.51 -144.28
C ALA U 402 -63.65 -2.39 -142.77
N HIS U 403 -63.51 -1.20 -142.17
CA HIS U 403 -63.44 -1.04 -140.72
C HIS U 403 -64.35 0.06 -140.15
N THR U 404 -64.44 1.25 -140.78
CA THR U 404 -65.37 2.27 -140.27
C THR U 404 -66.81 1.79 -140.44
N THR U 405 -67.58 1.81 -139.36
CA THR U 405 -68.92 1.21 -139.30
C THR U 405 -68.96 -0.29 -139.63
N ALA U 406 -67.83 -1.01 -139.56
CA ALA U 406 -67.83 -2.48 -139.49
C ALA U 406 -68.44 -3.02 -138.18
N SER U 407 -68.76 -2.12 -137.24
CA SER U 407 -69.75 -2.33 -136.18
C SER U 407 -71.11 -2.77 -136.71
N THR U 408 -71.51 -2.29 -137.90
CA THR U 408 -72.62 -2.87 -138.65
C THR U 408 -72.20 -4.25 -139.14
N ASN U 409 -73.04 -5.27 -138.86
CA ASN U 409 -72.74 -6.67 -139.17
C ASN U 409 -72.71 -6.95 -140.69
N VAL U 410 -73.19 -6.01 -141.50
CA VAL U 410 -73.10 -5.98 -142.96
C VAL U 410 -71.65 -6.14 -143.42
N SER U 411 -71.40 -6.92 -144.46
CA SER U 411 -70.04 -7.17 -144.94
C SER U 411 -69.39 -5.90 -145.49
N ALA U 412 -68.06 -5.90 -145.61
CA ALA U 412 -67.37 -4.78 -146.21
C ALA U 412 -67.79 -4.58 -147.67
N SER U 413 -67.96 -5.67 -148.41
CA SER U 413 -68.37 -5.64 -149.81
C SER U 413 -69.80 -5.13 -149.97
N ASP U 414 -70.64 -5.35 -148.96
CA ASP U 414 -72.04 -4.93 -148.96
C ASP U 414 -72.25 -3.52 -148.42
N ARG U 415 -71.50 -3.11 -147.39
CA ARG U 415 -71.46 -1.71 -146.95
C ARG U 415 -70.92 -0.85 -148.09
N PHE U 416 -69.91 -1.37 -148.77
CA PHE U 416 -69.42 -0.83 -150.03
C PHE U 416 -70.49 -0.87 -151.13
N ALA U 417 -71.31 -1.91 -151.26
CA ALA U 417 -72.47 -1.89 -152.15
C ALA U 417 -73.45 -0.77 -151.82
N ALA U 418 -73.79 -0.59 -150.54
CA ALA U 418 -74.61 0.50 -150.06
C ALA U 418 -73.97 1.88 -150.22
N SER U 419 -72.73 1.95 -150.71
CA SER U 419 -72.14 3.20 -151.13
C SER U 419 -73.06 3.92 -152.11
N ASN U 420 -73.48 5.12 -151.74
CA ASN U 420 -74.24 5.99 -152.62
C ASN U 420 -73.42 6.36 -153.87
N PHE U 421 -72.09 6.24 -153.84
CA PHE U 421 -71.24 6.41 -155.02
C PHE U 421 -71.51 5.33 -156.08
N GLY U 422 -71.88 4.12 -155.67
CA GLY U 422 -71.98 2.97 -156.54
C GLY U 422 -70.70 2.14 -156.46
N LYS U 423 -70.78 1.02 -155.74
CA LYS U 423 -69.70 0.05 -155.66
C LYS U 423 -69.04 -0.26 -156.98
N GLU U 424 -69.85 -0.66 -157.94
CA GLU U 424 -69.45 -1.09 -159.29
C GLU U 424 -68.57 -0.05 -159.98
N ARG U 425 -69.05 1.18 -160.06
CA ARG U 425 -68.33 2.35 -160.55
C ARG U 425 -66.94 2.45 -159.92
N PHE U 426 -66.84 2.16 -158.63
CA PHE U 426 -65.56 2.16 -157.93
C PHE U 426 -64.70 0.93 -158.23
N VAL U 427 -65.29 -0.26 -158.30
CA VAL U 427 -64.58 -1.50 -158.66
C VAL U 427 -63.95 -1.39 -160.05
N LYS U 428 -64.73 -0.94 -161.03
CA LYS U 428 -64.25 -0.70 -162.40
C LYS U 428 -63.02 0.20 -162.38
N LEU U 429 -63.16 1.34 -161.72
CA LEU U 429 -62.15 2.37 -161.55
C LEU U 429 -60.84 1.81 -160.95
N LEU U 430 -60.93 1.00 -159.90
CA LEU U 430 -59.78 0.30 -159.33
C LEU U 430 -59.13 -0.66 -160.32
N ASP U 431 -59.93 -1.45 -161.04
CA ASP U 431 -59.41 -2.45 -161.96
C ASP U 431 -58.68 -1.80 -163.14
N GLN U 432 -59.25 -0.74 -163.70
CA GLN U 432 -58.61 0.05 -164.74
C GLN U 432 -57.28 0.60 -164.25
N LEU U 433 -57.29 1.20 -163.07
CA LEU U 433 -56.10 1.76 -162.47
C LEU U 433 -55.05 0.67 -162.25
N HIS U 434 -55.41 -0.42 -161.57
CA HIS U 434 -54.56 -1.56 -161.30
C HIS U 434 -53.91 -2.07 -162.57
N ASN U 435 -54.71 -2.28 -163.61
CA ASN U 435 -54.22 -2.68 -164.91
C ASN U 435 -53.19 -1.67 -165.42
N SER U 436 -53.51 -0.39 -165.37
CA SER U 436 -52.59 0.67 -165.78
C SER U 436 -51.29 0.64 -164.97
N LEU U 437 -51.35 0.28 -163.68
CA LEU U 437 -50.15 0.05 -162.87
C LEU U 437 -49.36 -1.17 -163.38
N ARG U 438 -50.01 -2.34 -163.46
CA ARG U 438 -49.43 -3.59 -163.99
C ARG U 438 -48.70 -3.34 -165.30
N ILE U 439 -49.34 -2.59 -166.18
CA ILE U 439 -48.79 -2.17 -167.45
C ILE U 439 -47.48 -1.44 -167.24
N ASP U 440 -47.52 -0.35 -166.48
CA ASP U 440 -46.34 0.47 -166.28
C ASP U 440 -45.20 -0.33 -165.65
N LEU U 441 -45.54 -1.21 -164.71
CA LEU U 441 -44.61 -2.12 -164.06
C LEU U 441 -44.01 -3.15 -165.03
N SER U 442 -44.79 -3.60 -166.00
CA SER U 442 -44.29 -4.56 -166.98
C SER U 442 -43.16 -4.01 -167.81
N MET U 443 -43.03 -2.68 -167.88
CA MET U 443 -41.82 -2.00 -168.32
C MET U 443 -41.31 -1.06 -167.26
N TYR U 444 -41.13 -1.58 -166.05
CA TYR U 444 -40.67 -0.77 -164.92
C TYR U 444 -39.42 0.02 -165.27
N ARG U 445 -38.46 -0.60 -165.97
CA ARG U 445 -37.16 0.02 -166.22
C ARG U 445 -37.32 1.27 -167.07
N ASN U 446 -38.11 1.14 -168.14
CA ASN U 446 -38.34 2.23 -169.08
C ASN U 446 -39.25 3.29 -168.49
N ASN U 447 -40.28 2.89 -167.73
CA ASN U 447 -41.24 3.81 -167.15
C ASN U 447 -40.74 4.52 -165.88
N PHE U 448 -39.82 3.91 -165.14
CA PHE U 448 -39.30 4.39 -163.85
C PHE U 448 -37.79 4.18 -163.78
N PRO U 449 -37.04 4.88 -164.64
CA PRO U 449 -35.62 4.66 -164.80
C PRO U 449 -34.88 4.89 -163.49
N ALA U 450 -33.86 4.07 -163.22
CA ALA U 450 -33.08 4.12 -162.00
C ALA U 450 -32.44 5.50 -161.79
N SER U 451 -32.07 6.14 -162.90
CA SER U 451 -31.57 7.51 -162.99
C SER U 451 -32.55 8.57 -162.49
N SER U 452 -33.83 8.25 -162.32
CA SER U 452 -34.78 9.08 -161.60
C SER U 452 -35.17 8.40 -160.28
N PRO U 453 -34.50 8.77 -159.17
CA PRO U 453 -34.94 8.41 -157.82
C PRO U 453 -36.39 8.78 -157.55
N GLU U 454 -36.83 9.89 -158.14
CA GLU U 454 -38.22 10.35 -158.03
C GLU U 454 -39.17 9.35 -158.66
N ARG U 455 -38.87 8.89 -159.88
CA ARG U 455 -39.65 7.83 -160.47
C ARG U 455 -39.39 6.49 -159.79
N LEU U 456 -38.23 6.20 -159.20
CA LEU U 456 -38.08 5.08 -158.28
C LEU U 456 -38.97 5.23 -157.06
N GLN U 457 -39.22 6.43 -156.55
CA GLN U 457 -40.11 6.59 -155.43
C GLN U 457 -41.56 6.50 -155.85
N ASP U 458 -41.94 7.15 -156.95
CA ASP U 458 -43.25 6.94 -157.51
C ASP U 458 -43.48 5.45 -157.77
N LEU U 459 -42.48 4.74 -158.29
CA LEU U 459 -42.47 3.29 -158.45
C LEU U 459 -42.72 2.60 -157.10
N LYS U 460 -41.98 2.95 -156.06
CA LYS U 460 -42.17 2.40 -154.73
C LYS U 460 -43.61 2.66 -154.21
N SER U 461 -44.06 3.90 -154.24
CA SER U 461 -45.43 4.31 -153.93
C SER U 461 -46.48 3.68 -154.83
N THR U 462 -46.14 3.32 -156.05
CA THR U 462 -47.01 2.58 -156.98
C THR U 462 -47.19 1.17 -156.45
N VAL U 463 -46.13 0.50 -156.03
CA VAL U 463 -46.26 -0.86 -155.48
C VAL U 463 -46.94 -0.80 -154.11
N ASP U 464 -46.73 0.27 -153.35
CA ASP U 464 -47.54 0.54 -152.16
C ASP U 464 -49.02 0.77 -152.50
N LEU U 465 -49.33 1.49 -153.59
CA LEU U 465 -50.68 1.57 -154.10
C LEU U 465 -51.20 0.20 -154.55
N LEU U 466 -50.40 -0.61 -155.23
CA LEU U 466 -50.83 -1.92 -155.74
C LEU U 466 -51.09 -2.89 -154.58
N THR U 467 -50.27 -2.86 -153.53
CA THR U 467 -50.60 -3.55 -152.28
C THR U 467 -51.90 -2.99 -151.71
N SER U 468 -52.10 -1.68 -151.67
CA SER U 468 -53.35 -1.04 -151.23
C SER U 468 -54.58 -1.48 -152.04
N ILE U 469 -54.47 -1.67 -153.37
CA ILE U 469 -55.55 -2.22 -154.22
C ILE U 469 -55.77 -3.70 -153.94
N THR U 470 -54.70 -4.50 -153.83
CA THR U 470 -54.81 -5.94 -153.54
C THR U 470 -55.54 -6.15 -152.20
N PHE U 471 -55.16 -5.33 -151.21
CA PHE U 471 -55.79 -5.21 -149.92
C PHE U 471 -57.25 -4.75 -150.03
N PHE U 472 -57.59 -3.76 -150.84
CA PHE U 472 -59.01 -3.44 -151.12
C PHE U 472 -59.80 -4.61 -151.70
N ARG U 473 -59.25 -5.33 -152.67
CA ARG U 473 -59.91 -6.50 -153.26
C ARG U 473 -60.13 -7.58 -152.20
N MET U 474 -59.10 -7.83 -151.41
CA MET U 474 -59.14 -8.80 -150.33
C MET U 474 -60.10 -8.40 -149.19
N LYS U 475 -60.14 -7.12 -148.82
CA LYS U 475 -60.80 -6.65 -147.59
C LYS U 475 -62.15 -6.03 -147.85
N VAL U 476 -62.28 -5.19 -148.87
CA VAL U 476 -63.54 -4.52 -149.18
C VAL U 476 -64.34 -5.31 -150.18
N GLN U 477 -63.78 -5.72 -151.33
CA GLN U 477 -64.51 -6.63 -152.20
C GLN U 477 -64.61 -8.04 -151.62
N GLU U 478 -63.80 -8.34 -150.60
CA GLU U 478 -63.80 -9.60 -149.86
C GLU U 478 -63.42 -10.80 -150.71
N LEU U 479 -62.69 -10.55 -151.81
CA LEU U 479 -62.16 -11.56 -152.70
C LEU U 479 -61.17 -12.46 -151.96
N GLN U 480 -61.19 -13.76 -152.26
CA GLN U 480 -60.59 -14.83 -151.45
C GLN U 480 -59.17 -15.16 -151.91
N SER U 481 -58.99 -15.17 -153.23
CA SER U 481 -57.70 -15.33 -153.90
C SER U 481 -57.57 -14.27 -154.98
N PRO U 482 -57.55 -12.96 -154.63
CA PRO U 482 -57.13 -11.91 -155.56
C PRO U 482 -55.69 -12.18 -156.03
N PRO U 483 -55.27 -11.59 -157.16
CA PRO U 483 -53.89 -11.70 -157.65
C PRO U 483 -52.88 -11.23 -156.62
N ARG U 484 -51.94 -12.09 -156.21
CA ARG U 484 -50.98 -11.76 -155.15
C ARG U 484 -49.99 -10.70 -155.64
N ALA U 485 -49.86 -9.60 -154.90
CA ALA U 485 -49.09 -8.43 -155.30
C ALA U 485 -47.64 -8.79 -155.70
N SER U 486 -46.96 -9.66 -154.97
CA SER U 486 -45.62 -10.13 -155.36
C SER U 486 -45.60 -10.87 -156.70
N GLN U 487 -46.53 -11.78 -156.99
CA GLN U 487 -46.54 -12.51 -158.26
C GLN U 487 -46.90 -11.61 -159.44
N VAL U 488 -47.90 -10.74 -159.24
CA VAL U 488 -48.30 -9.69 -160.20
C VAL U 488 -47.09 -8.88 -160.66
N VAL U 489 -46.28 -8.46 -159.70
CA VAL U 489 -45.06 -7.68 -159.94
C VAL U 489 -43.97 -8.57 -160.55
N LYS U 490 -43.77 -9.80 -160.08
CA LYS U 490 -42.77 -10.73 -160.60
C LYS U 490 -42.98 -11.01 -162.09
N ASP U 491 -44.22 -11.18 -162.52
CA ASP U 491 -44.58 -11.22 -163.93
C ASP U 491 -44.11 -9.97 -164.66
N CYS U 492 -44.43 -8.79 -164.13
CA CYS U 492 -44.02 -7.52 -164.72
C CYS U 492 -42.51 -7.38 -164.82
N VAL U 493 -41.79 -7.91 -163.84
CA VAL U 493 -40.34 -7.86 -163.81
C VAL U 493 -39.76 -8.80 -164.84
N LYS U 494 -40.22 -10.05 -164.83
CA LYS U 494 -39.88 -11.02 -165.85
C LYS U 494 -40.17 -10.45 -167.22
N ALA U 495 -41.32 -9.79 -167.39
CA ALA U 495 -41.68 -9.12 -168.61
C ALA U 495 -40.61 -8.08 -168.96
N CYS U 496 -40.36 -7.13 -168.08
CA CYS U 496 -39.41 -6.08 -168.31
C CYS U 496 -38.00 -6.62 -168.60
N LEU U 497 -37.57 -7.68 -167.91
CA LEU U 497 -36.31 -8.37 -168.13
C LEU U 497 -36.25 -9.07 -169.49
N ASN U 498 -37.31 -9.74 -169.90
CA ASN U 498 -37.33 -10.39 -171.21
C ASN U 498 -37.32 -9.37 -172.34
N SER U 499 -38.07 -8.27 -172.20
CA SER U 499 -38.00 -7.14 -173.15
C SER U 499 -36.62 -6.56 -173.21
N THR U 500 -35.98 -6.44 -172.04
CA THR U 500 -34.58 -6.08 -171.98
C THR U 500 -33.74 -7.10 -172.77
N TYR U 501 -33.90 -8.41 -172.54
CA TYR U 501 -33.03 -9.42 -173.17
C TYR U 501 -33.19 -9.43 -174.69
N GLU U 502 -34.43 -9.51 -175.16
CA GLU U 502 -34.75 -9.43 -176.59
C GLU U 502 -34.05 -8.22 -177.17
N TYR U 503 -34.26 -7.07 -176.54
CA TYR U 503 -33.73 -5.85 -177.05
C TYR U 503 -32.20 -5.89 -177.05
N ILE U 504 -31.54 -6.39 -176.01
CA ILE U 504 -30.09 -6.48 -176.02
C ILE U 504 -29.55 -7.51 -177.01
N PHE U 505 -30.21 -8.65 -177.19
CA PHE U 505 -29.73 -9.69 -178.07
C PHE U 505 -29.86 -9.29 -179.55
N ASN U 506 -30.85 -8.46 -179.84
CA ASN U 506 -31.09 -7.93 -181.16
C ASN U 506 -30.31 -6.65 -181.44
N ASN U 507 -29.97 -5.88 -180.42
CA ASN U 507 -29.34 -4.55 -180.52
C ASN U 507 -28.01 -4.46 -179.77
N CYS U 508 -27.30 -5.59 -179.62
CA CYS U 508 -26.09 -5.67 -178.79
C CYS U 508 -25.11 -4.58 -179.15
N HIS U 509 -24.98 -4.30 -180.44
CA HIS U 509 -23.99 -3.35 -180.87
C HIS U 509 -24.34 -1.92 -180.58
N GLU U 510 -25.58 -1.54 -180.81
CA GLU U 510 -26.09 -0.21 -180.52
C GLU U 510 -26.00 0.08 -179.01
N LEU U 511 -26.34 -0.93 -178.22
CA LEU U 511 -26.31 -0.84 -176.78
C LEU U 511 -24.89 -0.85 -176.23
N TYR U 512 -24.11 -1.88 -176.52
CA TYR U 512 -22.73 -1.96 -176.07
C TYR U 512 -21.89 -0.84 -176.62
N GLY U 513 -22.12 -0.55 -177.89
CA GLY U 513 -21.76 0.68 -178.57
C GLY U 513 -21.86 1.87 -177.64
N ARG U 514 -23.06 2.40 -177.51
CA ARG U 514 -23.30 3.61 -176.73
C ARG U 514 -22.92 3.51 -175.25
N GLU U 515 -23.12 2.35 -174.63
CA GLU U 515 -22.93 2.19 -173.19
C GLU U 515 -21.47 1.98 -172.76
N TYR U 516 -20.58 1.42 -173.61
CA TYR U 516 -19.18 1.14 -173.21
C TYR U 516 -18.10 1.16 -174.32
N GLN U 517 -18.47 1.03 -175.59
CA GLN U 517 -17.59 0.47 -176.61
C GLN U 517 -16.21 1.13 -176.70
N THR U 518 -15.17 0.30 -176.66
CA THR U 518 -13.74 0.68 -176.65
C THR U 518 -13.23 1.34 -177.95
N ASP U 519 -14.12 1.76 -178.85
CA ASP U 519 -13.84 2.54 -180.05
C ASP U 519 -15.10 3.35 -180.41
N PRO U 520 -15.07 4.70 -180.43
CA PRO U 520 -16.25 5.54 -180.67
C PRO U 520 -16.89 5.31 -182.06
N ALA U 521 -16.10 4.90 -183.07
CA ALA U 521 -16.61 4.57 -184.41
C ALA U 521 -17.52 3.33 -184.41
N LYS U 522 -17.51 2.56 -183.32
CA LYS U 522 -18.28 1.32 -183.15
C LYS U 522 -19.49 1.48 -182.21
N LYS U 523 -19.89 2.72 -181.86
CA LYS U 523 -21.10 2.99 -181.03
C LYS U 523 -22.43 2.91 -181.78
N GLY U 524 -22.41 3.12 -183.09
CA GLY U 524 -23.60 3.23 -183.93
C GLY U 524 -24.24 1.89 -184.33
N GLU U 525 -25.14 1.94 -185.31
CA GLU U 525 -25.82 0.78 -185.90
C GLU U 525 -24.89 -0.06 -186.79
N VAL U 526 -23.93 -0.70 -186.15
CA VAL U 526 -23.14 -1.81 -186.70
C VAL U 526 -24.08 -2.89 -187.28
N PRO U 527 -23.69 -3.63 -188.33
CA PRO U 527 -24.59 -4.54 -189.04
C PRO U 527 -25.35 -5.50 -188.11
N PRO U 528 -26.61 -5.85 -188.41
CA PRO U 528 -27.39 -6.77 -187.58
C PRO U 528 -26.67 -8.09 -187.25
N GLU U 529 -25.84 -8.61 -188.15
CA GLU U 529 -24.95 -9.77 -187.95
C GLU U 529 -23.80 -9.52 -186.94
N GLU U 530 -23.85 -8.39 -186.25
CA GLU U 530 -22.89 -7.91 -185.26
C GLU U 530 -23.61 -7.20 -184.08
N GLN U 531 -24.93 -7.02 -184.18
CA GLN U 531 -25.88 -6.63 -183.12
C GLN U 531 -26.65 -7.80 -182.55
N GLY U 532 -26.74 -8.83 -183.37
CA GLY U 532 -26.86 -10.22 -183.04
C GLY U 532 -25.51 -10.87 -183.41
N PRO U 533 -25.45 -12.21 -183.46
CA PRO U 533 -24.18 -12.93 -183.54
C PRO U 533 -23.39 -12.75 -184.84
N SER U 534 -22.06 -12.65 -184.71
CA SER U 534 -21.10 -12.75 -185.83
C SER U 534 -20.51 -14.13 -185.98
N ILE U 535 -20.26 -14.56 -187.21
CA ILE U 535 -19.37 -15.69 -187.48
C ILE U 535 -17.89 -15.31 -187.58
N LYS U 536 -17.58 -14.03 -187.81
CA LYS U 536 -16.21 -13.53 -188.05
C LYS U 536 -15.42 -13.33 -186.76
N ASN U 537 -16.10 -12.96 -185.67
CA ASN U 537 -15.48 -12.51 -184.42
C ASN U 537 -16.29 -12.92 -183.20
N LEU U 538 -15.65 -12.86 -182.02
CA LEU U 538 -16.26 -13.16 -180.72
C LEU U 538 -16.67 -11.91 -179.94
N ASP U 539 -16.59 -10.76 -180.59
CA ASP U 539 -16.64 -9.49 -179.90
C ASP U 539 -18.06 -9.16 -179.49
N PHE U 540 -19.04 -9.41 -180.36
CA PHE U 540 -20.46 -9.39 -180.00
C PHE U 540 -20.71 -10.09 -178.67
N TRP U 541 -20.05 -11.22 -178.42
CA TRP U 541 -20.24 -11.99 -177.20
C TRP U 541 -19.54 -11.39 -176.00
N SER U 542 -18.31 -10.89 -176.16
CA SER U 542 -17.67 -10.11 -175.08
C SER U 542 -18.52 -8.89 -174.70
N LYS U 543 -19.21 -8.33 -175.68
CA LYS U 543 -20.04 -7.15 -175.55
C LYS U 543 -21.36 -7.47 -174.87
N LEU U 544 -21.97 -8.57 -175.29
CA LEU U 544 -23.15 -9.14 -174.67
C LEU U 544 -22.88 -9.49 -173.19
N ILE U 545 -21.71 -10.06 -172.88
CA ILE U 545 -21.31 -10.34 -171.48
C ILE U 545 -21.37 -9.06 -170.65
N THR U 546 -20.81 -7.97 -171.13
CA THR U 546 -20.81 -6.70 -170.39
C THR U 546 -22.21 -6.10 -170.21
N LEU U 547 -23.05 -6.17 -171.25
CA LEU U 547 -24.46 -5.78 -171.16
C LEU U 547 -25.16 -6.51 -170.04
N ILE U 548 -25.00 -7.82 -170.01
CA ILE U 548 -25.64 -8.68 -169.03
C ILE U 548 -25.22 -8.27 -167.60
N VAL U 549 -23.91 -8.13 -167.37
CA VAL U 549 -23.35 -7.64 -166.11
C VAL U 549 -24.03 -6.34 -165.69
N SER U 550 -24.03 -5.35 -166.57
CA SER U 550 -24.57 -4.02 -166.30
C SER U 550 -26.03 -4.04 -165.85
N ILE U 551 -26.86 -4.80 -166.55
CA ILE U 551 -28.28 -4.90 -166.22
C ILE U 551 -28.46 -5.57 -164.85
N ILE U 552 -27.79 -6.69 -164.62
CA ILE U 552 -27.93 -7.41 -163.35
C ILE U 552 -27.51 -6.50 -162.20
N GLU U 553 -26.46 -5.72 -162.42
CA GLU U 553 -26.10 -4.68 -161.49
C GLU U 553 -27.23 -3.68 -161.26
N GLU U 554 -27.76 -3.03 -162.28
CA GLU U 554 -28.84 -2.07 -162.05
C GLU U 554 -30.03 -2.67 -161.28
N ASP U 555 -30.39 -3.91 -161.60
CA ASP U 555 -31.45 -4.62 -160.92
C ASP U 555 -31.13 -4.95 -159.48
N LYS U 556 -29.94 -5.48 -159.24
CA LYS U 556 -29.42 -5.74 -157.91
C LYS U 556 -29.34 -4.46 -157.10
N ASN U 557 -28.97 -3.36 -157.73
CA ASN U 557 -28.46 -2.20 -157.02
C ASN U 557 -29.51 -1.09 -156.91
N SER U 558 -30.27 -0.79 -157.95
CA SER U 558 -31.30 0.26 -157.90
C SER U 558 -32.68 -0.31 -157.66
N TYR U 559 -33.03 -1.40 -158.33
CA TYR U 559 -34.40 -1.88 -158.30
C TYR U 559 -34.68 -2.80 -157.13
N THR U 560 -33.77 -3.70 -156.76
CA THR U 560 -33.98 -4.56 -155.58
C THR U 560 -34.28 -3.74 -154.32
N PRO U 561 -33.58 -2.60 -154.10
CA PRO U 561 -33.93 -1.70 -153.00
C PRO U 561 -35.20 -0.89 -153.23
N CYS U 562 -35.44 -0.37 -154.43
CA CYS U 562 -36.66 0.36 -154.72
C CYS U 562 -37.91 -0.49 -154.45
N LEU U 563 -37.82 -1.78 -154.77
CA LEU U 563 -38.92 -2.74 -154.76
C LEU U 563 -38.82 -3.79 -153.66
N ASN U 564 -38.46 -3.30 -152.48
CA ASN U 564 -38.28 -4.11 -151.31
C ASN U 564 -39.59 -4.65 -150.69
N GLN U 565 -40.79 -4.29 -151.15
CA GLN U 565 -42.06 -4.62 -150.45
C GLN U 565 -42.28 -6.11 -150.23
N PHE U 566 -41.70 -6.94 -151.10
CA PHE U 566 -41.71 -8.40 -150.98
C PHE U 566 -40.26 -8.88 -151.02
N PRO U 567 -39.46 -8.60 -149.98
CA PRO U 567 -38.02 -8.79 -150.05
C PRO U 567 -37.67 -10.28 -150.18
N GLN U 568 -38.40 -11.11 -149.43
CA GLN U 568 -38.34 -12.56 -149.43
C GLN U 568 -38.69 -13.16 -150.80
N GLU U 569 -39.59 -12.51 -151.53
CA GLU U 569 -40.12 -13.01 -152.80
C GLU U 569 -39.50 -12.34 -154.03
N LEU U 570 -38.84 -11.18 -153.88
CA LEU U 570 -38.58 -10.26 -154.98
C LEU U 570 -37.17 -9.62 -154.87
N ASN U 571 -36.13 -10.46 -154.88
CA ASN U 571 -34.75 -10.03 -155.18
C ASN U 571 -34.61 -9.74 -156.68
N VAL U 572 -34.76 -8.47 -157.10
CA VAL U 572 -34.74 -8.09 -158.52
C VAL U 572 -33.39 -8.45 -159.18
N GLY U 573 -32.28 -8.34 -158.46
CA GLY U 573 -30.96 -8.74 -158.93
C GLY U 573 -30.83 -10.22 -159.28
N LYS U 574 -31.36 -11.12 -158.45
CA LYS U 574 -31.36 -12.57 -158.76
C LYS U 574 -32.27 -12.93 -159.94
N ILE U 575 -33.50 -12.39 -159.97
CA ILE U 575 -34.44 -12.65 -161.08
C ILE U 575 -33.81 -12.19 -162.39
N SER U 576 -33.15 -11.04 -162.35
CA SER U 576 -32.34 -10.55 -163.46
C SER U 576 -31.26 -11.56 -163.87
N ALA U 577 -30.33 -11.95 -162.97
CA ALA U 577 -29.25 -12.88 -163.32
C ALA U 577 -29.75 -14.19 -163.95
N GLU U 578 -30.78 -14.81 -163.36
CA GLU U 578 -31.37 -16.04 -163.90
C GLU U 578 -31.93 -15.84 -165.31
N VAL U 579 -32.85 -14.87 -165.46
CA VAL U 579 -33.55 -14.64 -166.72
C VAL U 579 -32.54 -14.40 -167.82
N MET U 580 -31.62 -13.47 -167.57
CA MET U 580 -30.64 -13.04 -168.56
C MET U 580 -29.65 -14.15 -168.94
N TRP U 581 -29.11 -14.89 -167.95
CA TRP U 581 -28.21 -16.01 -168.26
C TRP U 581 -28.92 -17.06 -169.10
N SER U 582 -30.16 -17.39 -168.74
CA SER U 582 -30.86 -18.48 -169.41
C SER U 582 -30.94 -18.18 -170.90
N LEU U 583 -31.44 -16.99 -171.19
CA LEU U 583 -31.62 -16.51 -172.54
C LEU U 583 -30.26 -16.42 -173.27
N PHE U 584 -29.25 -15.94 -172.58
CA PHE U 584 -27.88 -15.93 -173.08
C PHE U 584 -27.35 -17.32 -173.44
N ALA U 585 -27.45 -18.28 -172.54
CA ALA U 585 -26.68 -19.52 -172.64
C ALA U 585 -27.10 -20.30 -173.87
N GLN U 586 -28.41 -20.27 -174.15
CA GLN U 586 -28.97 -20.82 -175.38
C GLN U 586 -28.27 -20.20 -176.59
N ASP U 587 -28.24 -18.89 -176.61
CA ASP U 587 -27.73 -18.15 -177.74
C ASP U 587 -26.24 -18.39 -177.93
N MET U 588 -25.48 -18.34 -176.84
CA MET U 588 -24.07 -18.64 -176.84
C MET U 588 -23.77 -20.06 -177.30
N LYS U 589 -24.47 -21.07 -176.80
CA LYS U 589 -24.22 -22.44 -177.25
C LYS U 589 -24.33 -22.53 -178.78
N TYR U 590 -25.40 -21.99 -179.36
CA TYR U 590 -25.57 -22.06 -180.82
C TYR U 590 -24.45 -21.31 -181.54
N ALA U 591 -24.00 -20.21 -180.95
CA ALA U 591 -22.91 -19.44 -181.52
C ALA U 591 -21.61 -20.23 -181.60
N MET U 592 -21.22 -20.85 -180.49
CA MET U 592 -20.02 -21.66 -180.46
C MET U 592 -20.11 -22.82 -181.44
N GLU U 593 -21.27 -23.48 -181.54
CA GLU U 593 -21.48 -24.47 -182.59
C GLU U 593 -21.31 -23.89 -184.00
N GLU U 594 -21.77 -22.67 -184.23
CA GLU U 594 -21.65 -22.04 -185.54
C GLU U 594 -20.21 -21.68 -185.90
N HIS U 595 -19.49 -21.04 -184.98
CA HIS U 595 -18.06 -20.80 -185.10
C HIS U 595 -17.31 -22.08 -185.44
N ASP U 596 -17.70 -23.19 -184.85
CA ASP U 596 -16.99 -24.43 -185.02
C ASP U 596 -16.99 -24.93 -186.48
N LYS U 597 -18.04 -24.59 -187.23
CA LYS U 597 -18.17 -24.95 -188.65
C LYS U 597 -17.29 -24.08 -189.55
N HIS U 598 -16.87 -22.90 -189.08
CA HIS U 598 -16.24 -21.87 -189.91
C HIS U 598 -14.80 -21.55 -189.50
N ARG U 599 -14.53 -21.51 -188.19
CA ARG U 599 -13.20 -21.32 -187.59
C ARG U 599 -12.47 -20.06 -188.07
N LEU U 600 -13.20 -18.96 -188.16
CA LEU U 600 -12.69 -17.67 -188.65
C LEU U 600 -11.87 -16.92 -187.59
N CYS U 601 -12.34 -16.93 -186.34
CA CYS U 601 -11.54 -16.52 -185.17
C CYS U 601 -10.45 -17.58 -184.88
N LYS U 602 -9.31 -17.20 -184.31
CA LYS U 602 -8.23 -18.14 -183.96
C LYS U 602 -8.63 -18.97 -182.74
N SER U 603 -8.08 -20.18 -182.59
CA SER U 603 -8.21 -21.03 -181.40
C SER U 603 -8.18 -20.19 -180.12
N ALA U 604 -7.10 -19.41 -179.99
CA ALA U 604 -6.81 -18.43 -178.93
C ALA U 604 -8.00 -17.54 -178.55
N ASP U 605 -8.72 -17.02 -179.54
CA ASP U 605 -9.84 -16.11 -179.31
C ASP U 605 -10.94 -16.84 -178.54
N TYR U 606 -11.25 -18.08 -178.93
CA TYR U 606 -12.20 -18.91 -178.20
C TYR U 606 -11.68 -19.26 -176.82
N MET U 607 -10.36 -19.47 -176.65
CA MET U 607 -9.79 -19.69 -175.31
C MET U 607 -9.97 -18.44 -174.43
N ASN U 608 -9.74 -17.24 -174.96
CA ASN U 608 -9.98 -15.99 -174.27
C ASN U 608 -11.45 -15.85 -173.89
N LEU U 609 -12.33 -16.10 -174.85
CA LEU U 609 -13.77 -16.11 -174.62
C LEU U 609 -14.14 -17.12 -173.54
N HIS U 610 -13.54 -18.31 -173.57
CA HIS U 610 -13.75 -19.31 -172.54
C HIS U 610 -13.40 -18.73 -171.18
N PHE U 611 -12.26 -18.07 -170.98
CA PHE U 611 -11.96 -17.50 -169.68
C PHE U 611 -12.98 -16.45 -169.25
N LYS U 612 -13.44 -15.60 -170.17
CA LYS U 612 -14.49 -14.61 -169.88
C LYS U 612 -15.79 -15.29 -169.47
N VAL U 613 -16.20 -16.30 -170.20
CA VAL U 613 -17.45 -17.03 -169.95
C VAL U 613 -17.36 -17.81 -168.65
N LYS U 614 -16.23 -18.49 -168.46
CA LYS U 614 -15.90 -19.21 -167.24
C LYS U 614 -16.03 -18.25 -166.07
N TRP U 615 -15.34 -17.10 -166.15
CA TRP U 615 -15.50 -16.06 -165.17
C TRP U 615 -16.98 -15.67 -164.98
N LEU U 616 -17.72 -15.37 -166.05
CA LEU U 616 -19.07 -14.84 -165.95
C LEU U 616 -19.98 -15.81 -165.21
N TYR U 617 -19.99 -17.07 -165.64
CA TYR U 617 -20.81 -18.10 -165.02
C TYR U 617 -20.41 -18.22 -163.55
N ASN U 618 -19.11 -18.35 -163.32
CA ASN U 618 -18.57 -18.56 -162.00
C ASN U 618 -18.76 -17.34 -161.10
N GLU U 619 -18.99 -16.17 -161.67
CA GLU U 619 -19.47 -15.01 -160.96
C GLU U 619 -20.98 -15.11 -160.75
N TYR U 620 -21.78 -14.74 -161.74
CA TYR U 620 -23.20 -14.46 -161.51
C TYR U 620 -24.03 -15.72 -161.34
N VAL U 621 -23.73 -16.76 -162.12
CA VAL U 621 -24.70 -17.79 -162.44
C VAL U 621 -24.59 -18.97 -161.50
N ALA U 622 -23.36 -19.41 -161.26
CA ALA U 622 -23.05 -20.62 -160.51
C ALA U 622 -23.72 -20.67 -159.14
N GLU U 623 -23.96 -19.52 -158.51
CA GLU U 623 -24.52 -19.42 -157.16
C GLU U 623 -26.04 -19.36 -157.13
N LEU U 624 -26.69 -19.06 -158.25
CA LEU U 624 -28.14 -19.21 -158.32
C LEU U 624 -28.43 -20.71 -158.13
N PRO U 625 -29.39 -21.10 -157.26
CA PRO U 625 -29.62 -22.51 -156.90
C PRO U 625 -29.72 -23.40 -158.13
N THR U 626 -30.50 -22.92 -159.11
CA THR U 626 -30.74 -23.53 -160.40
C THR U 626 -29.47 -24.02 -161.10
N PHE U 627 -28.32 -23.35 -160.92
CA PHE U 627 -27.08 -23.68 -161.62
C PHE U 627 -25.96 -24.11 -160.67
N LYS U 628 -26.09 -23.80 -159.38
CA LYS U 628 -25.34 -24.48 -158.33
C LYS U 628 -25.67 -25.98 -158.32
N ASP U 629 -26.92 -26.31 -158.64
CA ASP U 629 -27.39 -27.67 -158.83
C ASP U 629 -26.65 -28.48 -159.91
N ARG U 630 -25.82 -27.87 -160.76
CA ARG U 630 -25.30 -28.49 -162.01
C ARG U 630 -23.81 -28.35 -162.26
N VAL U 631 -23.24 -29.39 -162.87
CA VAL U 631 -21.99 -29.30 -163.65
C VAL U 631 -22.23 -28.31 -164.79
N PRO U 632 -21.44 -27.25 -164.94
CA PRO U 632 -21.65 -26.25 -165.96
C PRO U 632 -21.52 -26.86 -167.35
N GLU U 633 -22.46 -26.53 -168.23
CA GLU U 633 -22.50 -27.12 -169.56
C GLU U 633 -21.67 -26.34 -170.57
N TYR U 634 -21.39 -25.06 -170.31
CA TYR U 634 -20.58 -24.21 -171.17
C TYR U 634 -19.27 -24.81 -171.70
N PRO U 635 -18.54 -25.70 -170.98
CA PRO U 635 -17.30 -26.24 -171.50
C PRO U 635 -17.48 -27.07 -172.78
N ALA U 636 -18.66 -27.67 -172.94
CA ALA U 636 -18.99 -28.38 -174.17
C ALA U 636 -18.95 -27.45 -175.38
N TRP U 637 -19.21 -26.16 -175.19
CA TRP U 637 -19.16 -25.19 -176.26
C TRP U 637 -17.74 -24.99 -176.77
N PHE U 638 -16.81 -24.77 -175.84
CA PHE U 638 -15.43 -24.44 -176.15
C PHE U 638 -14.58 -25.64 -176.55
N GLU U 639 -14.98 -26.83 -176.11
CA GLU U 639 -14.21 -28.04 -176.30
C GLU U 639 -13.65 -28.28 -177.70
N PRO U 640 -14.39 -28.06 -178.79
CA PRO U 640 -13.85 -28.23 -180.12
C PRO U 640 -12.69 -27.27 -180.41
N PHE U 641 -12.79 -26.05 -179.91
CA PHE U 641 -11.79 -25.01 -180.09
C PHE U 641 -10.53 -25.30 -179.28
N VAL U 642 -10.72 -25.93 -178.14
CA VAL U 642 -9.62 -26.47 -177.34
C VAL U 642 -8.97 -27.64 -178.05
N ILE U 643 -9.76 -28.51 -178.66
CA ILE U 643 -9.21 -29.61 -179.42
C ILE U 643 -8.45 -29.06 -180.63
N GLN U 644 -9.03 -28.11 -181.36
CA GLN U 644 -8.33 -27.40 -182.42
C GLN U 644 -7.01 -26.82 -181.92
N TRP U 645 -7.07 -26.16 -180.78
CA TRP U 645 -5.87 -25.67 -180.18
C TRP U 645 -4.88 -26.83 -179.91
N LEU U 646 -5.31 -27.94 -179.32
CA LEU U 646 -4.50 -29.13 -179.08
C LEU U 646 -3.90 -29.67 -180.38
N ASP U 647 -4.59 -29.50 -181.48
CA ASP U 647 -4.15 -29.94 -182.79
C ASP U 647 -3.05 -29.03 -183.29
N GLU U 648 -3.33 -27.72 -183.36
CA GLU U 648 -2.34 -26.73 -183.70
C GLU U 648 -1.09 -26.93 -182.86
N ASN U 649 -1.32 -27.10 -181.56
CA ASN U 649 -0.31 -27.37 -180.59
C ASN U 649 0.47 -28.63 -180.91
N GLU U 650 -0.16 -29.77 -181.16
CA GLU U 650 0.61 -30.97 -181.44
C GLU U 650 1.48 -30.79 -182.67
N GLU U 651 0.95 -30.20 -183.73
CA GLU U 651 1.68 -30.11 -184.98
C GLU U 651 2.88 -29.19 -184.82
N VAL U 652 2.65 -28.01 -184.23
CA VAL U 652 3.72 -27.14 -183.77
C VAL U 652 4.71 -27.92 -182.93
N SER U 653 4.26 -28.73 -181.98
CA SER U 653 5.12 -29.52 -181.10
C SER U 653 5.93 -30.55 -181.87
N ARG U 654 5.40 -31.09 -182.96
CA ARG U 654 6.09 -32.14 -183.73
C ARG U 654 7.11 -31.48 -184.65
N ASP U 655 6.77 -30.33 -185.21
CA ASP U 655 7.74 -29.51 -185.93
C ASP U 655 8.87 -29.03 -185.02
N PHE U 656 8.51 -28.54 -183.83
CA PHE U 656 9.44 -28.19 -182.77
C PHE U 656 10.32 -29.38 -182.41
N LEU U 657 9.73 -30.57 -182.23
CA LEU U 657 10.45 -31.79 -181.87
C LEU U 657 11.57 -32.08 -182.88
N HIS U 658 11.24 -32.00 -184.15
CA HIS U 658 12.21 -32.22 -185.21
C HIS U 658 13.29 -31.14 -185.17
N GLY U 659 12.89 -29.87 -185.05
CA GLY U 659 13.86 -28.79 -184.84
C GLY U 659 14.81 -29.05 -183.66
N ALA U 660 14.27 -29.40 -182.49
CA ALA U 660 15.05 -29.63 -181.27
C ALA U 660 16.02 -30.81 -181.43
N LEU U 661 15.52 -31.94 -181.94
CA LEU U 661 16.35 -33.09 -182.25
C LEU U 661 17.47 -32.71 -183.20
N GLU U 662 17.15 -31.92 -184.23
CA GLU U 662 18.11 -31.53 -185.24
C GLU U 662 19.15 -30.54 -184.70
N ARG U 663 18.75 -29.59 -183.85
CA ARG U 663 19.68 -28.69 -183.15
C ARG U 663 20.62 -29.46 -182.24
N ASP U 664 20.08 -30.45 -181.54
CA ASP U 664 20.86 -31.32 -180.69
C ASP U 664 21.80 -32.22 -181.52
N LYS U 665 21.32 -32.75 -182.65
CA LYS U 665 22.11 -33.48 -183.64
C LYS U 665 23.24 -32.65 -184.19
N LYS U 666 22.97 -31.39 -184.47
CA LYS U 666 23.98 -30.43 -184.91
C LYS U 666 24.99 -30.18 -183.81
N ASP U 667 24.54 -30.10 -182.57
CA ASP U 667 25.39 -30.21 -181.39
C ASP U 667 25.95 -31.63 -181.14
N GLY U 668 25.95 -32.53 -182.13
CA GLY U 668 26.51 -33.88 -182.03
C GLY U 668 25.92 -34.72 -180.89
N PHE U 669 24.74 -34.35 -180.37
CA PHE U 669 24.13 -34.89 -179.15
C PHE U 669 25.05 -34.89 -177.92
N GLN U 670 25.66 -33.75 -177.58
CA GLN U 670 26.35 -33.67 -176.28
C GLN U 670 25.39 -33.92 -175.11
N GLN U 671 25.89 -34.55 -174.04
CA GLN U 671 25.14 -34.61 -172.79
C GLN U 671 24.99 -33.21 -172.22
N THR U 672 23.83 -32.96 -171.63
CA THR U 672 23.42 -31.65 -171.11
C THR U 672 24.40 -31.16 -170.05
N SER U 673 25.01 -32.08 -169.34
CA SER U 673 26.30 -31.94 -168.69
C SER U 673 26.87 -33.34 -168.50
N GLU U 674 28.12 -33.45 -168.08
CA GLU U 674 28.76 -34.76 -167.88
C GLU U 674 28.10 -35.64 -166.82
N HIS U 675 27.17 -35.07 -166.06
CA HIS U 675 26.32 -35.73 -165.08
C HIS U 675 24.82 -35.64 -165.43
N ALA U 676 24.37 -34.69 -166.27
CA ALA U 676 23.05 -34.67 -166.91
C ALA U 676 23.15 -35.41 -168.25
N LEU U 677 23.04 -36.73 -168.15
CA LEU U 677 23.56 -37.70 -169.13
C LEU U 677 22.83 -37.76 -170.48
N PHE U 678 21.62 -37.22 -170.54
CA PHE U 678 20.84 -37.00 -171.75
C PHE U 678 21.23 -35.68 -172.40
N SER U 679 20.91 -35.48 -173.67
CA SER U 679 21.09 -34.25 -174.40
C SER U 679 19.86 -33.35 -174.38
N CYS U 680 20.07 -32.08 -174.74
CA CYS U 680 19.18 -30.96 -174.43
C CYS U 680 17.77 -31.09 -175.02
N SER U 681 17.64 -31.72 -176.18
CA SER U 681 16.36 -31.89 -176.85
C SER U 681 15.32 -32.54 -175.93
N VAL U 682 15.75 -33.46 -175.06
CA VAL U 682 14.85 -34.07 -174.11
C VAL U 682 14.16 -33.03 -173.23
N VAL U 683 14.98 -32.12 -172.74
CA VAL U 683 14.59 -31.02 -171.88
C VAL U 683 13.66 -30.09 -172.62
N ASP U 684 14.06 -29.67 -173.81
CA ASP U 684 13.29 -28.76 -174.66
C ASP U 684 11.89 -29.31 -174.89
N VAL U 685 11.83 -30.60 -175.20
CA VAL U 685 10.59 -31.30 -175.47
C VAL U 685 9.74 -31.33 -174.22
N PHE U 686 10.28 -31.74 -173.09
CA PHE U 686 9.47 -31.70 -171.88
C PHE U 686 9.05 -30.29 -171.54
N SER U 687 9.91 -29.30 -171.70
CA SER U 687 9.54 -27.92 -171.54
C SER U 687 8.35 -27.56 -172.41
N GLN U 688 8.43 -27.85 -173.70
CA GLN U 688 7.35 -27.58 -174.61
C GLN U 688 6.07 -28.27 -174.17
N LEU U 689 6.16 -29.56 -173.89
CA LEU U 689 5.03 -30.37 -173.51
C LEU U 689 4.38 -29.82 -172.25
N ASN U 690 5.17 -29.33 -171.33
CA ASN U 690 4.64 -28.73 -170.13
C ASN U 690 4.02 -27.37 -170.45
N GLN U 691 4.66 -26.48 -171.23
CA GLN U 691 4.03 -25.22 -171.63
C GLN U 691 2.64 -25.49 -172.22
N SER U 692 2.60 -26.48 -173.10
CA SER U 692 1.41 -26.97 -173.73
C SER U 692 0.39 -27.49 -172.73
N PHE U 693 0.79 -28.42 -171.88
CA PHE U 693 -0.11 -29.02 -170.92
C PHE U 693 -0.73 -27.95 -170.05
N GLU U 694 0.08 -26.97 -169.65
CA GLU U 694 -0.40 -25.94 -168.76
C GLU U 694 -1.43 -25.05 -169.43
N ILE U 695 -1.29 -24.78 -170.72
CA ILE U 695 -2.34 -24.09 -171.47
C ILE U 695 -3.68 -24.83 -171.37
N ILE U 696 -3.65 -26.16 -171.43
CA ILE U 696 -4.85 -26.96 -171.17
C ILE U 696 -5.28 -26.77 -169.73
N LYS U 697 -4.34 -26.98 -168.81
CA LYS U 697 -4.66 -27.12 -167.40
C LYS U 697 -5.32 -25.86 -166.89
N LYS U 698 -4.83 -24.69 -167.34
CA LYS U 698 -5.37 -23.34 -167.13
C LYS U 698 -6.83 -23.13 -167.52
N LEU U 699 -7.48 -24.08 -168.17
CA LEU U 699 -8.91 -24.02 -168.43
C LEU U 699 -9.71 -24.59 -167.25
N GLU U 700 -9.17 -25.55 -166.51
CA GLU U 700 -9.84 -26.24 -165.40
C GLU U 700 -11.30 -26.60 -165.69
N CYS U 701 -11.54 -27.21 -166.86
CA CYS U 701 -12.89 -27.52 -167.32
C CYS U 701 -13.67 -28.31 -166.27
N PRO U 702 -14.82 -27.80 -165.79
CA PRO U 702 -15.60 -28.45 -164.73
C PRO U 702 -16.35 -29.70 -165.21
N ASP U 703 -16.38 -29.97 -166.52
CA ASP U 703 -16.82 -31.24 -167.07
C ASP U 703 -15.62 -32.19 -167.23
N PRO U 704 -15.46 -33.19 -166.34
CA PRO U 704 -14.28 -34.04 -166.34
C PRO U 704 -14.23 -35.00 -167.53
N GLN U 705 -15.32 -35.18 -168.27
CA GLN U 705 -15.32 -36.03 -169.44
C GLN U 705 -14.79 -35.27 -170.64
N ILE U 706 -15.16 -34.01 -170.75
CA ILE U 706 -14.55 -33.06 -171.68
C ILE U 706 -13.07 -32.91 -171.36
N VAL U 707 -12.72 -32.82 -170.07
CA VAL U 707 -11.31 -32.92 -169.67
C VAL U 707 -10.72 -34.24 -170.13
N GLY U 708 -11.39 -35.35 -169.87
CA GLY U 708 -10.92 -36.65 -170.27
C GLY U 708 -10.64 -36.69 -171.76
N HIS U 709 -11.46 -36.03 -172.55
CA HIS U 709 -11.28 -35.91 -173.98
C HIS U 709 -10.01 -35.15 -174.33
N TYR U 710 -9.80 -33.98 -173.73
CA TYR U 710 -8.53 -33.28 -173.88
C TYR U 710 -7.35 -34.17 -173.53
N MET U 711 -7.47 -34.94 -172.45
CA MET U 711 -6.40 -35.80 -171.98
C MET U 711 -6.16 -36.98 -172.90
N ARG U 712 -7.21 -37.55 -173.47
CA ARG U 712 -7.11 -38.58 -174.49
C ARG U 712 -6.40 -38.01 -175.71
N ARG U 713 -6.92 -36.91 -176.23
CA ARG U 713 -6.34 -36.11 -177.33
C ARG U 713 -4.86 -35.85 -177.08
N PHE U 714 -4.52 -35.38 -175.90
CA PHE U 714 -3.16 -34.98 -175.60
C PHE U 714 -2.27 -36.19 -175.33
N ALA U 715 -2.77 -37.24 -174.69
CA ALA U 715 -2.00 -38.44 -174.47
C ALA U 715 -1.56 -39.05 -175.79
N LYS U 716 -2.40 -38.89 -176.81
CA LYS U 716 -2.02 -39.18 -178.17
C LYS U 716 -0.92 -38.24 -178.61
N THR U 717 -1.10 -36.92 -178.51
CA THR U 717 -0.02 -35.97 -178.82
C THR U 717 1.30 -36.41 -178.26
N ILE U 718 1.31 -36.67 -176.97
CA ILE U 718 2.46 -37.10 -176.21
C ILE U 718 2.99 -38.39 -176.79
N SER U 719 2.15 -39.40 -176.92
CA SER U 719 2.57 -40.66 -177.49
C SER U 719 3.23 -40.46 -178.84
N ASN U 720 2.60 -39.69 -179.70
CA ASN U 720 3.06 -39.45 -181.03
C ASN U 720 4.41 -38.74 -181.03
N VAL U 721 4.48 -37.60 -180.37
CA VAL U 721 5.69 -36.82 -180.20
C VAL U 721 6.82 -37.68 -179.66
N LEU U 722 6.54 -38.45 -178.60
CA LEU U 722 7.60 -39.17 -177.91
C LEU U 722 8.05 -40.38 -178.68
N LEU U 723 7.14 -41.09 -179.33
CA LEU U 723 7.55 -42.19 -180.16
C LEU U 723 8.30 -41.67 -181.35
N GLN U 724 7.89 -40.55 -181.91
CA GLN U 724 8.61 -39.88 -182.97
C GLN U 724 10.01 -39.45 -182.54
N TYR U 725 10.17 -38.94 -181.32
CA TYR U 725 11.50 -38.75 -180.76
C TYR U 725 12.25 -40.07 -180.71
N ALA U 726 11.69 -41.06 -180.01
CA ALA U 726 12.34 -42.32 -179.70
C ALA U 726 12.76 -43.03 -180.97
N ASP U 727 11.93 -42.92 -181.97
CA ASP U 727 12.17 -43.34 -183.32
C ASP U 727 13.31 -42.57 -183.96
N ILE U 728 13.24 -41.24 -184.02
CA ILE U 728 14.29 -40.42 -184.63
C ILE U 728 15.64 -40.73 -183.98
N VAL U 729 15.64 -40.95 -182.68
CA VAL U 729 16.78 -41.52 -181.98
C VAL U 729 17.14 -42.91 -182.48
N SER U 730 16.22 -43.87 -182.39
CA SER U 730 16.48 -45.28 -182.72
C SER U 730 17.05 -45.44 -184.12
N LYS U 731 16.60 -44.59 -185.03
CA LYS U 731 17.08 -44.49 -186.40
C LYS U 731 18.55 -44.13 -186.43
N ASP U 732 18.88 -42.99 -185.85
CA ASP U 732 20.26 -42.50 -185.84
C ASP U 732 21.19 -43.38 -185.00
N PHE U 733 20.62 -44.11 -184.05
CA PHE U 733 21.32 -44.81 -183.00
C PHE U 733 22.47 -45.69 -183.49
N ALA U 734 22.19 -46.57 -184.44
CA ALA U 734 23.19 -47.46 -185.00
C ALA U 734 24.35 -46.71 -185.67
N SER U 735 24.08 -45.60 -186.36
CA SER U 735 25.13 -44.76 -186.94
C SER U 735 26.07 -44.21 -185.87
N TYR U 736 25.53 -43.98 -184.68
CA TYR U 736 26.31 -43.54 -183.54
C TYR U 736 26.99 -44.69 -182.80
N CYS U 737 26.53 -45.92 -182.96
CA CYS U 737 27.08 -47.08 -182.27
C CYS U 737 28.52 -47.43 -182.64
N SER U 738 29.09 -46.81 -183.66
CA SER U 738 30.50 -47.02 -183.98
C SER U 738 31.39 -46.67 -182.77
N LYS U 739 32.50 -47.41 -182.62
CA LYS U 739 33.30 -47.59 -181.38
C LYS U 739 34.09 -46.36 -180.87
N GLU U 740 33.72 -45.16 -181.27
CA GLU U 740 34.46 -43.90 -181.08
C GLU U 740 33.52 -42.75 -180.74
N LYS U 741 32.35 -42.71 -181.36
CA LYS U 741 31.25 -41.83 -180.94
C LYS U 741 30.50 -42.39 -179.72
N GLU U 742 31.04 -43.40 -179.03
CA GLU U 742 30.39 -44.16 -177.95
C GLU U 742 29.64 -43.30 -176.93
N LYS U 743 30.14 -42.10 -176.63
CA LYS U 743 29.41 -41.11 -175.82
C LYS U 743 27.99 -40.89 -176.31
N VAL U 744 27.82 -40.71 -177.62
CA VAL U 744 26.54 -40.39 -178.23
C VAL U 744 25.50 -41.50 -178.03
N PRO U 745 25.71 -42.79 -178.36
CA PRO U 745 24.72 -43.83 -178.04
C PRO U 745 24.39 -43.92 -176.55
N CYS U 746 25.36 -43.73 -175.66
CA CYS U 746 25.07 -43.62 -174.23
C CYS U 746 24.04 -42.51 -173.99
N ILE U 747 24.36 -41.30 -174.46
CA ILE U 747 23.53 -40.11 -174.30
C ILE U 747 22.15 -40.31 -174.88
N LEU U 748 22.04 -40.90 -176.08
CA LEU U 748 20.77 -41.23 -176.71
C LEU U 748 19.94 -42.22 -175.87
N MET U 749 20.57 -43.28 -175.35
CA MET U 749 19.89 -44.17 -174.43
C MET U 749 19.48 -43.44 -173.15
N ASN U 750 20.31 -42.53 -172.64
CA ASN U 750 19.95 -41.68 -171.52
C ASN U 750 18.82 -40.72 -171.88
N ASN U 751 18.74 -40.23 -173.11
CA ASN U 751 17.64 -39.41 -173.56
C ASN U 751 16.37 -40.20 -173.43
N THR U 752 16.39 -41.40 -174.00
CA THR U 752 15.26 -42.32 -174.06
C THR U 752 14.77 -42.61 -172.65
N GLN U 753 15.69 -43.02 -171.79
CA GLN U 753 15.38 -43.25 -170.40
C GLN U 753 14.91 -41.97 -169.70
N GLN U 754 15.51 -40.84 -170.02
CA GLN U 754 15.08 -39.56 -169.49
C GLN U 754 13.67 -39.20 -169.97
N LEU U 755 13.30 -39.55 -171.21
CA LEU U 755 11.93 -39.45 -171.68
C LEU U 755 11.06 -40.22 -170.72
N ARG U 756 11.33 -41.51 -170.53
CA ARG U 756 10.50 -42.36 -169.68
C ARG U 756 10.34 -41.71 -168.30
N VAL U 757 11.47 -41.30 -167.73
CA VAL U 757 11.52 -40.66 -166.44
C VAL U 757 10.63 -39.42 -166.41
N GLN U 758 10.83 -38.47 -167.32
CA GLN U 758 9.99 -37.28 -167.34
C GLN U 758 8.55 -37.56 -167.75
N LEU U 759 8.34 -38.60 -168.54
CA LEU U 759 7.01 -39.03 -168.95
C LEU U 759 6.27 -39.47 -167.70
N GLU U 760 6.88 -40.26 -166.82
CA GLU U 760 6.26 -40.61 -165.56
C GLU U 760 5.84 -39.34 -164.81
N LYS U 761 6.74 -38.34 -164.76
CA LYS U 761 6.45 -37.04 -164.13
C LYS U 761 5.27 -36.33 -164.81
N MET U 762 5.28 -36.21 -166.13
CA MET U 762 4.21 -35.55 -166.86
C MET U 762 2.89 -36.28 -166.70
N PHE U 763 2.92 -37.60 -166.71
CA PHE U 763 1.77 -38.44 -166.45
C PHE U 763 1.22 -38.10 -165.06
N GLU U 764 2.08 -38.04 -164.03
CA GLU U 764 1.64 -37.53 -162.75
C GLU U 764 1.09 -36.10 -162.85
N ALA U 765 1.74 -35.22 -163.60
CA ALA U 765 1.32 -33.84 -163.75
C ALA U 765 -0.08 -33.74 -164.38
N MET U 766 -0.39 -34.62 -165.32
CA MET U 766 -1.71 -34.83 -165.89
C MET U 766 -2.71 -35.46 -164.91
N GLY U 767 -2.33 -35.61 -163.65
CA GLY U 767 -3.16 -36.23 -162.64
C GLY U 767 -3.00 -37.75 -162.64
N GLY U 768 -1.78 -38.23 -162.89
CA GLY U 768 -1.31 -39.57 -162.57
C GLY U 768 -2.35 -40.69 -162.66
N LYS U 769 -2.56 -41.40 -161.57
CA LYS U 769 -3.50 -42.54 -161.50
C LYS U 769 -4.95 -42.11 -161.47
N GLU U 770 -5.18 -40.83 -161.24
CA GLU U 770 -6.48 -40.16 -161.35
C GLU U 770 -6.89 -39.93 -162.82
N LEU U 771 -5.92 -40.00 -163.75
CA LEU U 771 -6.08 -39.72 -165.17
C LEU U 771 -7.17 -40.58 -165.83
N ASP U 772 -7.80 -40.02 -166.86
CA ASP U 772 -8.67 -40.76 -167.76
C ASP U 772 -8.04 -42.08 -168.18
N ALA U 773 -8.79 -43.17 -168.07
CA ALA U 773 -8.25 -44.51 -168.24
C ALA U 773 -7.66 -44.76 -169.64
N GLU U 774 -8.04 -44.00 -170.66
CA GLU U 774 -7.60 -44.22 -172.05
C GLU U 774 -6.45 -43.30 -172.42
N ALA U 775 -6.44 -42.08 -171.94
CA ALA U 775 -5.23 -41.29 -171.87
C ALA U 775 -4.16 -42.08 -171.11
N SER U 776 -4.52 -42.64 -169.94
CA SER U 776 -3.65 -43.50 -169.15
C SER U 776 -3.24 -44.74 -169.96
N GLY U 777 -4.18 -45.48 -170.56
CA GLY U 777 -3.89 -46.59 -171.47
C GLY U 777 -2.84 -46.22 -172.50
N THR U 778 -3.01 -45.07 -173.13
CA THR U 778 -2.08 -44.53 -174.12
C THR U 778 -0.70 -44.31 -173.53
N LEU U 779 -0.62 -43.61 -172.42
CA LEU U 779 0.68 -43.33 -171.83
C LEU U 779 1.35 -44.61 -171.28
N LYS U 780 0.58 -45.61 -170.85
CA LYS U 780 1.13 -46.91 -170.43
C LYS U 780 1.69 -47.67 -171.62
N GLU U 781 0.92 -47.76 -172.69
CA GLU U 781 1.36 -48.28 -173.98
C GLU U 781 2.65 -47.61 -174.42
N LEU U 782 2.67 -46.28 -174.34
CA LEU U 782 3.79 -45.47 -174.75
C LEU U 782 5.02 -45.85 -173.95
N GLN U 783 4.91 -45.87 -172.63
CA GLN U 783 6.00 -46.24 -171.73
C GLN U 783 6.52 -47.66 -172.03
N VAL U 784 5.64 -48.64 -172.29
CA VAL U 784 6.06 -49.99 -172.66
C VAL U 784 6.87 -49.99 -173.95
N LYS U 785 6.41 -49.26 -174.97
CA LYS U 785 7.15 -49.14 -176.23
C LYS U 785 8.50 -48.48 -176.04
N LEU U 786 8.53 -47.38 -175.29
CA LEU U 786 9.79 -46.70 -174.96
C LEU U 786 10.75 -47.65 -174.23
N ASN U 787 10.24 -48.50 -173.33
CA ASN U 787 11.07 -49.53 -172.71
C ASN U 787 11.65 -50.50 -173.75
N ASN U 788 10.80 -51.01 -174.63
CA ASN U 788 11.22 -51.99 -175.61
C ASN U 788 12.23 -51.37 -176.59
N VAL U 789 12.00 -50.12 -177.02
CA VAL U 789 12.99 -49.32 -177.75
C VAL U 789 14.33 -49.37 -177.03
N LEU U 790 14.34 -49.05 -175.73
CA LEU U 790 15.59 -48.97 -174.96
C LEU U 790 16.33 -50.31 -174.88
N ASP U 791 15.63 -51.43 -174.80
CA ASP U 791 16.25 -52.75 -174.94
C ASP U 791 16.96 -52.88 -176.28
N GLU U 792 16.28 -52.53 -177.37
CA GLU U 792 16.85 -52.73 -178.69
C GLU U 792 18.04 -51.80 -178.92
N LEU U 793 17.99 -50.57 -178.42
CA LEU U 793 19.15 -49.69 -178.43
C LEU U 793 20.30 -50.30 -177.63
N SER U 794 20.07 -50.79 -176.41
CA SER U 794 21.13 -51.41 -175.62
C SER U 794 21.79 -52.58 -176.34
N HIS U 795 20.97 -53.36 -177.06
CA HIS U 795 21.41 -54.48 -177.84
C HIS U 795 22.24 -54.01 -179.03
N VAL U 796 21.66 -53.15 -179.87
CA VAL U 796 22.33 -52.58 -181.04
C VAL U 796 23.67 -51.96 -180.63
N PHE U 797 23.69 -51.29 -179.49
CA PHE U 797 24.90 -50.71 -178.95
C PHE U 797 25.92 -51.77 -178.58
N ALA U 798 25.57 -52.68 -177.68
CA ALA U 798 26.47 -53.75 -177.24
C ALA U 798 27.02 -54.57 -178.42
N THR U 799 26.19 -54.74 -179.43
CA THR U 799 26.52 -55.44 -180.66
C THR U 799 27.65 -54.77 -181.44
N SER U 800 27.76 -53.44 -181.51
CA SER U 800 28.82 -52.82 -182.30
C SER U 800 30.23 -53.09 -181.73
N PHE U 801 30.32 -53.45 -180.46
CA PHE U 801 31.55 -53.90 -179.81
C PHE U 801 31.85 -55.36 -180.00
N GLN U 802 30.84 -56.15 -180.36
CA GLN U 802 30.97 -57.58 -180.55
C GLN U 802 32.20 -58.00 -181.38
N PRO U 803 32.55 -57.33 -182.50
CA PRO U 803 33.72 -57.73 -183.27
C PRO U 803 34.99 -57.55 -182.47
N HIS U 804 35.08 -56.43 -181.76
CA HIS U 804 36.21 -56.14 -180.90
C HIS U 804 36.29 -57.14 -179.76
N ILE U 805 35.14 -57.48 -179.18
CA ILE U 805 35.03 -58.46 -178.11
C ILE U 805 35.52 -59.81 -178.62
N GLU U 806 34.97 -60.29 -179.73
CA GLU U 806 35.35 -61.55 -180.35
C GLU U 806 36.83 -61.61 -180.71
N GLU U 807 37.34 -60.51 -181.25
CA GLU U 807 38.74 -60.35 -181.55
C GLU U 807 39.60 -60.51 -180.29
N CYS U 808 39.34 -59.67 -179.29
CA CYS U 808 40.03 -59.73 -178.01
C CYS U 808 39.94 -61.13 -177.43
N VAL U 809 38.75 -61.73 -177.38
CA VAL U 809 38.55 -63.06 -176.81
C VAL U 809 39.34 -64.10 -177.59
N ARG U 810 39.40 -64.00 -178.92
CA ARG U 810 40.25 -64.90 -179.69
C ARG U 810 41.71 -64.71 -179.29
N GLN U 811 42.19 -63.48 -179.11
CA GLN U 811 43.55 -63.26 -178.61
C GLN U 811 43.73 -63.85 -177.22
N MET U 812 42.75 -63.69 -176.34
CA MET U 812 42.83 -64.27 -175.02
C MET U 812 42.91 -65.78 -175.12
N GLY U 813 42.16 -66.39 -176.05
CA GLY U 813 42.22 -67.81 -176.38
C GLY U 813 43.61 -68.21 -176.91
N ASP U 814 44.16 -67.39 -177.78
CA ASP U 814 45.54 -67.56 -178.26
C ASP U 814 46.53 -67.52 -177.10
N ILE U 815 46.42 -66.53 -176.23
CA ILE U 815 47.28 -66.40 -175.05
C ILE U 815 47.09 -67.59 -174.11
N LEU U 816 45.85 -68.06 -173.90
CA LEU U 816 45.59 -69.22 -173.05
C LEU U 816 46.23 -70.47 -173.63
N SER U 817 46.26 -70.65 -174.94
CA SER U 817 46.84 -71.87 -175.55
C SER U 817 48.33 -72.07 -175.26
N GLN U 818 49.01 -71.05 -174.72
CA GLN U 818 50.39 -71.13 -174.24
C GLN U 818 50.45 -71.79 -172.86
N VAL U 819 49.42 -71.54 -172.04
CA VAL U 819 49.12 -72.31 -170.83
C VAL U 819 48.61 -73.68 -171.25
N LYS U 820 49.07 -74.75 -170.61
CA LYS U 820 48.47 -76.08 -170.76
C LYS U 820 48.22 -76.68 -169.37
N GLY U 821 48.12 -77.99 -169.24
CA GLY U 821 47.87 -78.61 -167.95
C GLY U 821 49.12 -78.62 -167.07
N THR U 822 49.44 -77.49 -166.43
CA THR U 822 50.83 -77.20 -166.03
C THR U 822 51.32 -77.86 -164.75
N GLY U 823 50.59 -78.82 -164.19
CA GLY U 823 51.25 -79.87 -163.41
C GLY U 823 52.12 -80.80 -164.27
N ASN U 824 51.90 -80.81 -165.59
CA ASN U 824 52.65 -81.53 -166.61
C ASN U 824 53.44 -80.58 -167.57
N VAL U 825 53.80 -79.34 -167.16
CA VAL U 825 54.49 -78.32 -168.01
C VAL U 825 55.44 -77.40 -167.19
N PRO U 826 56.54 -76.86 -167.77
CA PRO U 826 57.47 -75.93 -167.11
C PRO U 826 56.89 -74.59 -166.60
N ALA U 827 57.64 -73.95 -165.70
CA ALA U 827 57.28 -72.77 -164.90
C ALA U 827 56.95 -71.45 -165.65
N SER U 828 57.13 -71.38 -166.97
CA SER U 828 56.63 -70.25 -167.78
C SER U 828 55.15 -70.37 -168.14
N ALA U 829 54.61 -71.59 -168.09
CA ALA U 829 53.19 -71.88 -168.22
C ALA U 829 52.62 -72.52 -166.94
N CYS U 830 53.44 -73.14 -166.08
CA CYS U 830 53.16 -73.22 -164.63
C CYS U 830 53.52 -71.89 -163.90
N SER U 831 53.68 -70.83 -164.70
CA SER U 831 53.45 -69.43 -164.35
C SER U 831 52.17 -69.35 -163.51
N SER U 832 52.13 -68.48 -162.50
CA SER U 832 51.03 -68.54 -161.53
C SER U 832 49.69 -68.41 -162.24
N VAL U 833 48.67 -68.98 -161.62
CA VAL U 833 47.30 -68.91 -162.11
C VAL U 833 46.90 -67.46 -162.41
N ALA U 834 47.36 -66.51 -161.57
CA ALA U 834 47.19 -65.08 -161.75
C ALA U 834 47.95 -64.50 -162.95
N GLN U 835 49.25 -64.77 -163.10
CA GLN U 835 50.02 -64.23 -164.24
C GLN U 835 49.46 -64.71 -165.57
N ASP U 836 49.18 -66.00 -165.67
CA ASP U 836 48.49 -66.54 -166.84
C ASP U 836 47.15 -65.86 -167.07
N ALA U 837 46.31 -65.73 -166.02
CA ALA U 837 45.01 -65.07 -166.16
C ALA U 837 45.19 -63.64 -166.65
N ASP U 838 46.15 -62.88 -166.11
CA ASP U 838 46.44 -61.52 -166.53
C ASP U 838 46.87 -61.46 -167.99
N ASN U 839 47.83 -62.30 -168.38
CA ASN U 839 48.30 -62.37 -169.76
C ASN U 839 47.11 -62.60 -170.68
N VAL U 840 46.38 -63.66 -170.37
CA VAL U 840 45.17 -64.06 -171.06
C VAL U 840 44.20 -62.90 -171.14
N LEU U 841 43.84 -62.30 -170.00
CA LEU U 841 42.86 -61.24 -169.81
C LEU U 841 43.22 -59.97 -170.55
N GLN U 842 44.50 -59.77 -170.85
CA GLN U 842 44.90 -58.40 -171.12
C GLN U 842 44.20 -57.75 -172.32
N PRO U 843 44.03 -58.45 -173.46
CA PRO U 843 43.32 -57.90 -174.60
C PRO U 843 41.94 -57.34 -174.27
N ILE U 844 41.21 -57.96 -173.34
CA ILE U 844 39.89 -57.47 -172.97
C ILE U 844 39.94 -56.45 -171.84
N MET U 845 40.84 -56.58 -170.86
CA MET U 845 40.80 -55.68 -169.70
C MET U 845 41.05 -54.24 -170.10
N ASP U 846 41.88 -54.06 -171.11
CA ASP U 846 42.13 -52.76 -171.72
C ASP U 846 40.84 -52.14 -172.25
N LEU U 847 40.16 -52.89 -173.13
CA LEU U 847 38.87 -52.51 -173.71
C LEU U 847 37.88 -52.22 -172.57
N LEU U 848 37.74 -53.17 -171.66
CA LEU U 848 36.77 -53.14 -170.59
C LEU U 848 36.96 -51.91 -169.73
N ASP U 849 38.14 -51.73 -169.18
CA ASP U 849 38.28 -50.81 -168.08
C ASP U 849 37.92 -49.42 -168.54
N SER U 850 38.54 -49.03 -169.66
CA SER U 850 38.28 -47.78 -170.33
C SER U 850 36.78 -47.62 -170.60
N ASN U 851 36.20 -48.57 -171.30
CA ASN U 851 34.84 -48.42 -171.76
C ASN U 851 33.85 -48.49 -170.61
N LEU U 852 33.95 -49.45 -169.70
CA LEU U 852 33.06 -49.56 -168.56
C LEU U 852 33.20 -48.34 -167.69
N THR U 853 34.38 -47.79 -167.51
CA THR U 853 34.52 -46.57 -166.75
C THR U 853 33.85 -45.40 -167.46
N LEU U 854 34.12 -45.23 -168.75
CA LEU U 854 33.48 -44.20 -169.55
C LEU U 854 31.95 -44.35 -169.47
N PHE U 855 31.42 -45.54 -169.67
CA PHE U 855 30.00 -45.82 -169.65
C PHE U 855 29.44 -45.66 -168.25
N ALA U 856 30.15 -46.07 -167.20
CA ALA U 856 29.71 -45.84 -165.85
C ALA U 856 29.62 -44.35 -165.52
N LYS U 857 30.55 -43.55 -166.04
CA LYS U 857 30.48 -42.09 -165.96
C LYS U 857 29.26 -41.55 -166.71
N ILE U 858 29.03 -42.01 -167.95
CA ILE U 858 28.12 -41.33 -168.90
C ILE U 858 26.78 -42.01 -169.21
N CYS U 859 26.49 -43.22 -168.73
CA CYS U 859 25.19 -43.91 -168.89
C CYS U 859 24.35 -43.83 -167.62
N GLU U 860 23.06 -43.59 -167.80
CA GLU U 860 22.08 -43.75 -166.73
C GLU U 860 21.97 -45.22 -166.32
N LYS U 861 21.64 -45.53 -165.08
CA LYS U 861 21.88 -46.88 -164.56
C LYS U 861 21.03 -47.93 -165.25
N THR U 862 19.77 -47.62 -165.51
CA THR U 862 18.86 -48.34 -166.42
C THR U 862 19.53 -48.67 -167.75
N VAL U 863 20.05 -47.64 -168.40
CA VAL U 863 20.74 -47.72 -169.68
C VAL U 863 21.92 -48.68 -169.57
N LEU U 864 22.79 -48.38 -168.61
CA LEU U 864 24.03 -49.09 -168.37
C LEU U 864 23.76 -50.55 -168.11
N LYS U 865 22.77 -50.88 -167.29
CA LYS U 865 22.50 -52.25 -166.91
C LYS U 865 22.14 -53.06 -168.13
N ARG U 866 21.28 -52.50 -168.97
CA ARG U 866 20.87 -53.13 -170.23
C ARG U 866 22.07 -53.32 -171.14
N VAL U 867 22.86 -52.26 -171.31
CA VAL U 867 24.10 -52.31 -172.09
C VAL U 867 25.00 -53.42 -171.57
N LEU U 868 25.22 -53.46 -170.27
CA LEU U 868 26.07 -54.42 -169.62
C LEU U 868 25.52 -55.82 -169.73
N LYS U 869 24.23 -56.05 -169.60
CA LYS U 869 23.66 -57.40 -169.74
C LYS U 869 23.94 -57.93 -171.12
N GLU U 870 23.66 -57.09 -172.11
CA GLU U 870 23.88 -57.39 -173.51
C GLU U 870 25.34 -57.72 -173.76
N LEU U 871 26.24 -56.86 -173.28
CA LEU U 871 27.66 -57.08 -173.35
C LEU U 871 28.06 -58.35 -172.62
N TRP U 872 27.54 -58.59 -171.43
CA TRP U 872 27.89 -59.69 -170.56
C TRP U 872 27.60 -61.01 -171.21
N LYS U 873 26.37 -61.15 -171.67
CA LYS U 873 25.91 -62.27 -172.47
C LYS U 873 26.87 -62.48 -173.61
N LEU U 874 27.07 -61.43 -174.41
CA LEU U 874 27.94 -61.46 -175.57
C LEU U 874 29.32 -61.97 -175.19
N VAL U 875 29.92 -61.40 -174.17
CA VAL U 875 31.24 -61.76 -173.66
C VAL U 875 31.25 -63.21 -173.25
N MET U 876 30.41 -63.59 -172.31
CA MET U 876 30.30 -64.94 -171.80
C MET U 876 30.22 -65.97 -172.91
N ASN U 877 29.31 -65.74 -173.83
CA ASN U 877 29.10 -66.61 -174.96
C ASN U 877 30.34 -66.66 -175.83
N THR U 878 30.95 -65.50 -176.07
CA THR U 878 32.17 -65.39 -176.84
C THR U 878 33.27 -66.22 -176.22
N MET U 879 33.50 -66.11 -174.92
CA MET U 879 34.51 -66.90 -174.25
C MET U 879 34.17 -68.38 -174.31
N GLU U 880 32.93 -68.71 -174.04
CA GLU U 880 32.52 -70.09 -174.01
C GLU U 880 32.80 -70.78 -175.33
N ARG U 881 32.43 -70.11 -176.41
CA ARG U 881 32.75 -70.50 -177.77
C ARG U 881 34.26 -70.45 -177.99
N THR U 882 34.79 -69.25 -178.09
CA THR U 882 36.13 -68.93 -178.55
C THR U 882 37.24 -69.44 -177.63
N ILE U 883 36.92 -69.88 -176.41
CA ILE U 883 37.95 -70.29 -175.45
C ILE U 883 37.63 -71.62 -174.80
N VAL U 884 36.39 -71.89 -174.38
CA VAL U 884 36.13 -73.12 -173.62
C VAL U 884 35.69 -74.27 -174.49
N LEU U 885 35.04 -73.97 -175.59
CA LEU U 885 34.85 -74.92 -176.66
C LEU U 885 35.60 -74.39 -177.88
N PRO U 886 36.91 -74.11 -177.69
CA PRO U 886 37.63 -73.14 -178.48
C PRO U 886 37.88 -73.62 -179.90
N PRO U 887 38.19 -72.69 -180.81
CA PRO U 887 38.91 -73.02 -182.03
C PRO U 887 40.24 -73.69 -181.70
N GLU U 888 40.99 -73.24 -180.67
CA GLU U 888 42.17 -73.92 -180.12
C GLU U 888 41.90 -75.25 -179.36
N PHE U 889 40.87 -76.02 -179.77
CA PHE U 889 40.78 -77.45 -179.49
C PHE U 889 40.01 -78.21 -180.59
N LEU U 890 38.68 -78.04 -180.73
CA LEU U 890 37.90 -79.01 -181.53
C LEU U 890 38.14 -78.87 -183.03
N SER U 891 38.43 -77.66 -183.51
CA SER U 891 38.84 -77.42 -184.90
C SER U 891 40.18 -78.08 -185.27
N LYS U 892 40.91 -78.62 -184.28
CA LYS U 892 42.02 -79.56 -184.51
C LYS U 892 41.56 -81.02 -184.47
N LEU U 893 40.94 -81.46 -183.36
CA LEU U 893 40.59 -82.86 -183.14
C LEU U 893 39.65 -83.43 -184.22
N LYS U 894 38.62 -82.68 -184.63
CA LYS U 894 37.70 -83.10 -185.69
C LYS U 894 38.21 -82.82 -187.11
N ASP U 895 39.44 -82.35 -187.23
CA ASP U 895 40.11 -82.03 -188.50
C ASP U 895 41.29 -83.00 -188.76
N HIS U 896 41.99 -82.83 -189.88
CA HIS U 896 43.24 -83.53 -190.22
C HIS U 896 44.40 -83.17 -189.27
N MET U 897 44.24 -82.09 -188.52
CA MET U 897 45.12 -81.65 -187.43
C MET U 897 45.09 -82.63 -186.25
N VAL U 898 45.77 -82.27 -185.16
CA VAL U 898 46.01 -83.13 -184.00
C VAL U 898 44.72 -83.60 -183.33
N ARG U 899 44.65 -84.91 -183.01
CA ARG U 899 43.71 -85.56 -182.08
C ARG U 899 43.91 -85.00 -180.66
N GLU U 900 43.50 -83.75 -180.50
CA GLU U 900 44.07 -82.87 -179.50
C GLU U 900 43.93 -83.38 -178.07
N GLU U 901 44.87 -82.90 -177.28
CA GLU U 901 44.68 -82.73 -175.88
C GLU U 901 44.47 -81.26 -175.47
N ALA U 902 44.72 -80.32 -176.37
CA ALA U 902 45.12 -78.92 -176.08
C ALA U 902 46.25 -78.88 -175.03
N LYS U 903 47.12 -79.90 -175.13
CA LYS U 903 48.09 -80.37 -174.12
C LYS U 903 47.53 -80.38 -172.69
N SER U 904 46.36 -81.02 -172.59
CA SER U 904 45.55 -81.33 -171.41
C SER U 904 44.93 -80.09 -170.75
N LEU U 905 43.62 -79.87 -170.94
CA LEU U 905 42.82 -78.86 -170.22
C LEU U 905 42.54 -79.33 -168.78
N THR U 906 43.63 -79.52 -168.04
CA THR U 906 43.61 -79.89 -166.63
C THR U 906 43.08 -78.76 -165.76
N PRO U 907 42.94 -79.04 -164.46
CA PRO U 907 43.04 -78.07 -163.38
C PRO U 907 43.63 -76.69 -163.71
N LYS U 908 44.81 -76.61 -164.34
CA LYS U 908 45.44 -75.30 -164.56
C LYS U 908 44.67 -74.36 -165.45
N GLN U 909 44.28 -74.76 -166.65
CA GLN U 909 43.46 -73.91 -167.53
C GLN U 909 41.99 -73.93 -167.08
N CYS U 910 41.59 -74.78 -166.12
CA CYS U 910 40.28 -74.64 -165.46
C CYS U 910 40.34 -73.45 -164.48
N ALA U 911 41.33 -73.45 -163.58
CA ALA U 911 41.88 -72.22 -163.04
C ALA U 911 42.42 -71.36 -164.19
N VAL U 912 43.00 -70.19 -163.93
CA VAL U 912 43.32 -69.18 -164.97
C VAL U 912 42.04 -68.61 -165.54
N VAL U 913 41.26 -69.43 -166.24
CA VAL U 913 39.94 -69.09 -166.75
C VAL U 913 38.98 -68.79 -165.60
N GLU U 914 38.86 -69.64 -164.59
CA GLU U 914 37.96 -69.34 -163.47
C GLU U 914 38.34 -68.03 -162.77
N LEU U 915 39.63 -67.76 -162.65
CA LEU U 915 40.10 -66.48 -162.12
C LEU U 915 39.84 -65.31 -163.07
N ALA U 916 40.05 -65.52 -164.37
CA ALA U 916 39.80 -64.52 -165.38
C ALA U 916 38.30 -64.18 -165.41
N LEU U 917 37.45 -65.20 -165.40
CA LEU U 917 36.00 -65.09 -165.25
C LEU U 917 35.69 -64.30 -164.00
N ASP U 918 36.32 -64.61 -162.87
CA ASP U 918 36.05 -63.86 -161.66
C ASP U 918 36.45 -62.40 -161.83
N THR U 919 37.63 -62.15 -162.38
CA THR U 919 38.15 -60.82 -162.65
C THR U 919 37.18 -60.03 -163.50
N ILE U 920 36.72 -60.64 -164.58
CA ILE U 920 35.71 -60.12 -165.49
C ILE U 920 34.41 -59.89 -164.73
N LYS U 921 33.99 -60.82 -163.89
CA LYS U 921 32.75 -60.74 -163.12
C LYS U 921 32.84 -59.59 -162.13
N GLN U 922 33.99 -59.35 -161.52
CA GLN U 922 34.23 -58.18 -160.70
C GLN U 922 34.18 -56.92 -161.54
N TYR U 923 34.72 -56.97 -162.75
CA TYR U 923 34.70 -55.89 -163.71
C TYR U 923 33.30 -55.50 -164.14
N PHE U 924 32.51 -56.46 -164.63
CA PHE U 924 31.10 -56.30 -164.99
C PHE U 924 30.27 -55.92 -163.78
N HIS U 925 30.61 -56.45 -162.61
CA HIS U 925 29.93 -56.07 -161.39
C HIS U 925 30.24 -54.62 -161.03
N ALA U 926 31.48 -54.20 -161.22
CA ALA U 926 32.01 -52.90 -160.87
C ALA U 926 31.52 -52.45 -159.47
N GLY U 927 31.63 -53.35 -158.48
CA GLY U 927 31.18 -53.06 -157.12
C GLY U 927 29.67 -52.78 -156.97
N GLY U 928 28.83 -53.28 -157.88
CA GLY U 928 27.39 -53.01 -157.91
C GLY U 928 26.99 -51.83 -158.80
N VAL U 929 27.95 -51.02 -159.27
CA VAL U 929 27.70 -49.98 -160.29
C VAL U 929 27.29 -50.62 -161.62
N GLY U 930 27.89 -51.77 -161.92
CA GLY U 930 27.56 -52.58 -163.07
C GLY U 930 26.42 -53.55 -162.76
N LEU U 931 26.61 -54.82 -163.11
CA LEU U 931 25.60 -55.87 -162.93
C LEU U 931 25.62 -56.47 -161.50
N LYS U 932 24.49 -57.03 -161.09
CA LYS U 932 24.33 -57.69 -159.79
C LYS U 932 25.15 -58.98 -159.77
N LYS U 933 25.90 -59.25 -158.69
CA LYS U 933 26.57 -60.56 -158.52
C LYS U 933 25.58 -61.73 -158.61
N THR U 934 24.32 -61.54 -158.25
CA THR U 934 23.25 -62.53 -158.45
C THR U 934 23.03 -62.88 -159.91
N PHE U 935 22.74 -61.89 -160.77
CA PHE U 935 22.59 -62.08 -162.21
C PHE U 935 23.83 -62.74 -162.82
N LEU U 936 25.02 -62.32 -162.39
CA LEU U 936 26.27 -62.84 -162.92
C LEU U 936 26.47 -64.29 -162.47
N GLU U 937 26.32 -64.60 -161.19
CA GLU U 937 26.43 -65.96 -160.68
C GLU U 937 25.39 -66.88 -161.30
N LYS U 938 24.15 -66.41 -161.37
CA LYS U 938 23.04 -67.10 -162.02
C LYS U 938 22.94 -66.76 -163.50
N SER U 939 24.04 -66.36 -164.13
CA SER U 939 24.07 -66.15 -165.56
C SER U 939 24.15 -67.53 -166.20
N PRO U 940 23.18 -67.89 -167.07
CA PRO U 940 23.27 -69.13 -167.82
C PRO U 940 24.49 -69.12 -168.72
N ASP U 941 24.86 -67.94 -169.21
CA ASP U 941 26.05 -67.70 -169.99
C ASP U 941 27.29 -68.14 -169.21
N LEU U 942 27.37 -67.75 -167.95
CA LEU U 942 28.41 -68.23 -167.03
C LEU U 942 28.24 -69.69 -166.65
N GLN U 943 27.03 -70.14 -166.33
CA GLN U 943 26.78 -71.48 -165.81
C GLN U 943 27.02 -72.54 -166.87
N SER U 944 26.66 -72.24 -168.11
CA SER U 944 27.04 -73.02 -169.25
C SER U 944 28.56 -73.03 -169.38
N LEU U 945 29.20 -71.87 -169.28
CA LEU U 945 30.63 -71.74 -169.40
C LEU U 945 31.35 -72.64 -168.38
N ARG U 946 30.94 -72.54 -167.11
CA ARG U 946 31.31 -73.42 -166.01
C ARG U 946 31.01 -74.89 -166.33
N TYR U 947 29.87 -75.17 -166.91
CA TYR U 947 29.53 -76.53 -167.22
C TYR U 947 30.45 -77.13 -168.28
N ALA U 948 30.72 -76.40 -169.36
CA ALA U 948 31.68 -76.86 -170.37
C ALA U 948 33.05 -77.09 -169.74
N LEU U 949 33.49 -76.18 -168.87
CA LEU U 949 34.70 -76.35 -168.09
C LEU U 949 34.68 -77.65 -167.28
N SER U 950 33.55 -78.03 -166.71
CA SER U 950 33.46 -79.28 -165.97
C SER U 950 33.65 -80.51 -166.83
N LEU U 951 33.22 -80.52 -168.11
CA LEU U 951 33.42 -81.68 -169.00
C LEU U 951 34.89 -82.05 -169.04
N TYR U 952 35.75 -81.05 -169.17
CA TYR U 952 37.18 -81.24 -169.39
C TYR U 952 37.87 -82.08 -168.32
N THR U 953 37.41 -82.01 -167.08
CA THR U 953 38.02 -82.74 -165.97
C THR U 953 37.35 -84.09 -165.69
N GLN U 954 36.24 -84.42 -166.35
CA GLN U 954 35.41 -85.58 -165.97
C GLN U 954 36.09 -86.95 -166.14
N ALA U 955 35.51 -87.92 -165.45
CA ALA U 955 35.87 -89.32 -165.52
C ALA U 955 35.53 -89.94 -166.88
N THR U 956 36.35 -90.90 -167.29
CA THR U 956 36.24 -91.62 -168.56
C THR U 956 34.90 -92.26 -168.80
N ASP U 957 34.35 -93.00 -167.84
CA ASP U 957 33.03 -93.64 -168.02
C ASP U 957 31.90 -92.64 -168.12
N LEU U 958 31.95 -91.56 -167.34
CA LEU U 958 30.95 -90.50 -167.39
C LEU U 958 30.94 -89.81 -168.77
N LEU U 959 32.14 -89.57 -169.30
CA LEU U 959 32.34 -89.08 -170.65
C LEU U 959 31.80 -90.09 -171.67
N ILE U 960 32.18 -91.36 -171.59
CA ILE U 960 31.69 -92.43 -172.48
C ILE U 960 30.16 -92.57 -172.44
N LYS U 961 29.56 -92.51 -171.25
CA LYS U 961 28.10 -92.50 -171.08
C LYS U 961 27.48 -91.32 -171.80
N THR U 962 28.05 -90.13 -171.58
CA THR U 962 27.63 -88.92 -172.27
C THR U 962 27.72 -89.11 -173.77
N PHE U 963 28.78 -89.73 -174.29
CA PHE U 963 28.89 -90.09 -175.69
C PHE U 963 27.75 -91.00 -176.14
N VAL U 964 27.55 -92.18 -175.56
CA VAL U 964 26.51 -93.11 -176.08
C VAL U 964 25.12 -92.49 -176.00
N GLN U 965 24.81 -91.79 -174.90
CA GLN U 965 23.53 -91.11 -174.75
C GLN U 965 23.33 -89.99 -175.77
N THR U 966 24.37 -89.24 -176.11
CA THR U 966 24.29 -88.15 -177.10
C THR U 966 24.37 -88.65 -178.54
N GLN U 967 25.16 -89.68 -178.81
CA GLN U 967 25.30 -90.31 -180.12
C GLN U 967 24.14 -91.27 -180.45
N SER U 968 22.92 -90.93 -180.03
CA SER U 968 21.68 -91.67 -180.35
C SER U 968 21.49 -91.93 -181.85
N ALA U 969 21.97 -91.00 -182.69
CA ALA U 969 21.96 -91.10 -184.14
C ALA U 969 22.89 -92.19 -184.73
N GLN U 970 23.79 -92.79 -183.94
CA GLN U 970 24.59 -93.95 -184.36
C GLN U 970 23.73 -95.22 -184.45
N GLY U 971 22.97 -95.31 -185.53
CA GLY U 971 22.10 -96.43 -185.85
C GLY U 971 21.10 -96.06 -186.93
N SER U 972 20.45 -94.91 -186.80
CA SER U 972 19.59 -94.32 -187.83
C SER U 972 20.43 -93.64 -188.92
N GLY U 973 20.60 -94.34 -190.04
CA GLY U 973 21.34 -93.87 -191.21
C GLY U 973 22.84 -94.20 -191.17
N VAL U 974 23.30 -94.83 -192.25
CA VAL U 974 24.71 -95.11 -192.58
C VAL U 974 25.02 -94.50 -193.94
N GLU U 975 26.09 -93.72 -194.05
CA GLU U 975 26.56 -93.23 -195.34
C GLU U 975 27.32 -94.32 -196.11
N ASP U 976 26.84 -94.67 -197.32
CA ASP U 976 27.34 -95.73 -198.21
C ASP U 976 27.58 -97.10 -197.54
N PRO U 977 26.53 -97.94 -197.36
CA PRO U 977 26.68 -99.24 -196.73
C PRO U 977 27.48 -100.25 -197.58
N VAL U 978 28.35 -101.04 -196.94
CA VAL U 978 29.23 -102.09 -197.53
C VAL U 978 28.67 -103.51 -197.43
N GLY U 979 27.40 -103.62 -197.08
CA GLY U 979 26.71 -104.86 -196.75
C GLY U 979 25.77 -104.59 -195.58
N GLU U 980 25.21 -105.67 -195.04
CA GLU U 980 24.38 -105.61 -193.84
C GLU U 980 24.45 -106.93 -193.07
N VAL U 981 24.21 -106.88 -191.76
CA VAL U 981 24.19 -108.07 -190.89
C VAL U 981 22.81 -108.27 -190.30
N SER U 982 22.24 -109.45 -190.49
CA SER U 982 21.08 -109.91 -189.77
C SER U 982 21.55 -110.46 -188.44
N VAL U 983 21.22 -109.72 -187.39
CA VAL U 983 21.34 -110.17 -186.01
C VAL U 983 19.95 -110.37 -185.46
N HIS U 984 19.76 -111.44 -184.68
CA HIS U 984 18.67 -111.51 -183.72
C HIS U 984 19.26 -111.33 -182.34
N VAL U 985 18.87 -110.25 -181.66
CA VAL U 985 19.43 -109.85 -180.38
C VAL U 985 18.39 -109.97 -179.30
N GLU U 986 18.73 -110.55 -178.15
CA GLU U 986 17.85 -110.63 -176.99
C GLU U 986 18.50 -109.95 -175.78
N LEU U 987 17.87 -108.87 -175.30
CA LEU U 987 18.23 -108.21 -174.04
C LEU U 987 17.58 -108.96 -172.89
N PHE U 988 18.17 -110.09 -172.52
CA PHE U 988 17.85 -110.73 -171.26
C PHE U 988 18.44 -109.93 -170.10
N THR U 989 17.57 -109.22 -169.38
CA THR U 989 17.82 -108.91 -167.97
C THR U 989 18.02 -110.27 -167.30
N HIS U 990 19.28 -110.55 -166.97
CA HIS U 990 19.84 -111.88 -166.91
C HIS U 990 19.27 -112.73 -165.77
N PRO U 991 18.64 -113.88 -166.05
CA PRO U 991 17.95 -114.66 -165.03
C PRO U 991 18.88 -115.26 -163.95
N GLY U 992 20.17 -115.42 -164.23
CA GLY U 992 21.16 -115.91 -163.25
C GLY U 992 21.73 -114.84 -162.31
N THR U 993 21.56 -113.53 -162.59
CA THR U 993 22.26 -112.46 -161.83
C THR U 993 21.52 -111.12 -161.70
N GLY U 994 20.46 -110.86 -162.47
CA GLY U 994 19.77 -109.55 -162.50
C GLY U 994 20.54 -108.42 -163.19
N GLU U 995 21.73 -108.70 -163.73
CA GLU U 995 22.44 -107.80 -164.66
C GLU U 995 21.65 -107.68 -165.99
N GLN U 996 22.15 -106.93 -166.97
CA GLN U 996 21.70 -107.08 -168.34
C GLN U 996 22.74 -107.82 -169.17
N LYS U 997 22.28 -108.90 -169.81
CA LYS U 997 23.03 -109.64 -170.82
C LYS U 997 22.37 -109.48 -172.17
N VAL U 998 23.16 -109.70 -173.21
CA VAL U 998 22.76 -109.46 -174.60
C VAL U 998 23.09 -110.69 -175.42
N THR U 999 22.10 -111.56 -175.63
CA THR U 999 22.28 -112.73 -176.50
C THR U 999 22.22 -112.24 -177.95
N VAL U 1000 23.37 -112.07 -178.59
CA VAL U 1000 23.44 -111.73 -180.02
C VAL U 1000 23.56 -113.02 -180.81
N LYS U 1001 22.46 -113.50 -181.40
CA LYS U 1001 22.47 -114.54 -182.43
C LYS U 1001 22.82 -113.89 -183.76
N VAL U 1002 24.06 -114.05 -184.21
CA VAL U 1002 24.47 -113.65 -185.55
C VAL U 1002 23.82 -114.61 -186.54
N VAL U 1003 22.79 -114.14 -187.24
CA VAL U 1003 22.06 -114.98 -188.18
C VAL U 1003 22.87 -115.09 -189.46
N ALA U 1004 23.15 -113.97 -190.11
CA ALA U 1004 23.81 -113.93 -191.40
C ALA U 1004 24.36 -112.54 -191.70
N ALA U 1005 25.28 -112.45 -192.66
CA ALA U 1005 25.50 -111.20 -193.41
C ALA U 1005 24.92 -111.30 -194.83
N ASN U 1006 24.82 -110.15 -195.49
CA ASN U 1006 24.31 -109.97 -196.85
C ASN U 1006 24.99 -108.78 -197.55
N ASP U 1007 25.01 -108.80 -198.89
CA ASP U 1007 25.58 -107.75 -199.76
C ASP U 1007 27.04 -107.39 -199.45
N LEU U 1008 27.84 -108.32 -198.91
CA LEU U 1008 29.22 -108.06 -198.51
C LEU U 1008 30.08 -107.62 -199.71
N LYS U 1009 30.49 -106.36 -199.71
CA LYS U 1009 31.41 -105.79 -200.72
C LYS U 1009 32.86 -106.23 -200.39
N TRP U 1010 33.21 -107.49 -200.65
CA TRP U 1010 34.52 -108.07 -200.30
C TRP U 1010 35.03 -109.13 -201.29
N GLN U 1011 34.98 -108.86 -202.59
CA GLN U 1011 35.38 -109.83 -203.62
C GLN U 1011 36.91 -110.00 -203.67
N THR U 1012 37.48 -110.67 -202.67
CA THR U 1012 38.91 -110.78 -202.42
C THR U 1012 39.65 -111.77 -203.33
N SER U 1013 40.97 -111.58 -203.47
CA SER U 1013 41.87 -112.37 -204.34
C SER U 1013 42.23 -113.75 -203.75
N GLY U 1014 42.44 -113.85 -202.44
CA GLY U 1014 42.47 -115.13 -201.73
C GLY U 1014 41.05 -115.73 -201.63
N ILE U 1015 40.93 -116.93 -201.08
CA ILE U 1015 39.61 -117.49 -200.75
C ILE U 1015 38.99 -116.61 -199.66
N PHE U 1016 37.80 -116.08 -199.92
CA PHE U 1016 37.04 -115.34 -198.90
C PHE U 1016 36.56 -116.28 -197.81
N ARG U 1017 36.73 -115.93 -196.53
CA ARG U 1017 36.32 -116.77 -195.39
C ARG U 1017 35.67 -115.92 -194.30
N PRO U 1018 34.56 -115.23 -194.58
CA PRO U 1018 33.97 -114.29 -193.63
C PRO U 1018 33.54 -114.95 -192.33
N PHE U 1019 33.74 -114.22 -191.26
CA PHE U 1019 33.18 -114.42 -189.92
C PHE U 1019 32.71 -113.07 -189.42
N ILE U 1020 31.86 -113.04 -188.40
CA ILE U 1020 31.35 -111.79 -187.86
C ILE U 1020 31.87 -111.61 -186.46
N GLU U 1021 32.59 -110.52 -186.24
CA GLU U 1021 32.83 -109.99 -184.92
C GLU U 1021 31.62 -109.18 -184.46
N VAL U 1022 31.31 -109.24 -183.17
CA VAL U 1022 30.38 -108.30 -182.53
C VAL U 1022 31.09 -107.67 -181.35
N ASN U 1023 30.93 -106.35 -181.17
CA ASN U 1023 31.44 -105.61 -180.02
C ASN U 1023 30.29 -104.99 -179.23
N ILE U 1024 30.53 -104.67 -177.96
CA ILE U 1024 29.65 -103.83 -177.13
C ILE U 1024 30.37 -102.53 -176.73
N VAL U 1025 29.67 -101.40 -176.79
CA VAL U 1025 30.15 -100.07 -176.38
C VAL U 1025 29.20 -99.44 -175.36
N GLY U 1026 29.79 -98.76 -174.39
CA GLY U 1026 29.13 -98.09 -173.27
C GLY U 1026 30.07 -97.92 -172.07
N PRO U 1027 29.61 -97.29 -170.99
CA PRO U 1027 30.40 -97.12 -169.77
C PRO U 1027 30.57 -98.46 -169.02
N GLN U 1028 31.57 -98.54 -168.15
CA GLN U 1028 31.88 -99.71 -167.32
C GLN U 1028 32.05 -101.01 -168.14
N LEU U 1029 32.95 -101.00 -169.14
CA LEU U 1029 33.30 -102.18 -169.96
C LEU U 1029 34.80 -102.55 -169.90
N SER U 1030 35.56 -102.03 -168.95
CA SER U 1030 36.98 -102.36 -168.74
C SER U 1030 37.22 -103.82 -168.30
N ASP U 1031 36.24 -104.39 -167.60
CA ASP U 1031 36.25 -105.70 -166.95
C ASP U 1031 35.46 -106.78 -167.70
N LYS U 1032 34.77 -106.41 -168.78
CA LYS U 1032 33.80 -107.25 -169.49
C LYS U 1032 34.19 -107.47 -170.94
N LYS U 1033 33.87 -108.66 -171.45
CA LYS U 1033 34.21 -109.13 -172.80
C LYS U 1033 33.56 -108.21 -173.83
N ARG U 1034 34.32 -107.22 -174.32
CA ARG U 1034 33.84 -106.23 -175.28
C ARG U 1034 33.64 -106.78 -176.68
N LYS U 1035 34.09 -108.00 -176.98
CA LYS U 1035 34.16 -108.59 -178.33
C LYS U 1035 33.79 -110.08 -178.35
N PHE U 1036 33.15 -110.55 -179.42
CA PHE U 1036 32.96 -111.96 -179.80
C PHE U 1036 33.21 -112.14 -181.29
N ALA U 1037 33.41 -113.38 -181.75
CA ALA U 1037 33.51 -113.70 -183.19
C ALA U 1037 32.95 -115.08 -183.56
N THR U 1038 32.32 -115.20 -184.73
CA THR U 1038 31.76 -116.47 -185.23
C THR U 1038 32.84 -117.41 -185.78
N LYS U 1039 32.51 -118.67 -186.07
CA LYS U 1039 33.28 -119.46 -187.06
C LYS U 1039 33.26 -118.75 -188.42
N SER U 1040 34.20 -119.10 -189.28
CA SER U 1040 34.26 -118.65 -190.68
C SER U 1040 33.37 -119.49 -191.62
N LYS U 1041 32.97 -118.92 -192.77
CA LYS U 1041 32.30 -119.63 -193.89
C LYS U 1041 33.06 -119.43 -195.19
N ASN U 1042 33.37 -120.50 -195.91
CA ASN U 1042 34.16 -120.40 -197.14
C ASN U 1042 33.34 -119.77 -198.29
N ASN U 1043 33.99 -118.90 -199.06
CA ASN U 1043 33.59 -118.43 -200.38
C ASN U 1043 32.11 -117.97 -200.45
N SER U 1044 31.72 -117.06 -199.55
CA SER U 1044 30.30 -116.76 -199.34
C SER U 1044 30.03 -115.31 -198.91
N TRP U 1045 29.48 -114.49 -199.81
CA TRP U 1045 29.19 -113.06 -199.59
C TRP U 1045 27.80 -112.75 -198.99
N ALA U 1046 26.97 -113.77 -198.80
CA ALA U 1046 25.82 -113.71 -197.90
C ALA U 1046 25.88 -114.87 -196.86
N PRO U 1047 26.94 -114.93 -196.04
CA PRO U 1047 27.21 -116.07 -195.17
C PRO U 1047 26.25 -116.11 -193.98
N LYS U 1048 25.69 -117.29 -193.71
CA LYS U 1048 24.94 -117.58 -192.49
C LYS U 1048 25.87 -118.08 -191.39
N TYR U 1049 25.46 -117.94 -190.13
CA TYR U 1049 26.23 -118.40 -188.97
C TYR U 1049 25.33 -119.11 -187.97
N ASN U 1050 24.24 -118.45 -187.56
CA ASN U 1050 23.34 -118.93 -186.52
C ASN U 1050 24.09 -119.20 -185.20
N GLU U 1051 25.11 -118.39 -184.91
CA GLU U 1051 25.98 -118.51 -183.73
C GLU U 1051 25.63 -117.45 -182.69
N SER U 1052 25.51 -117.85 -181.44
CA SER U 1052 25.00 -117.01 -180.35
C SER U 1052 26.09 -116.61 -179.37
N PHE U 1053 26.26 -115.31 -179.21
CA PHE U 1053 27.15 -114.65 -178.25
C PHE U 1053 26.39 -114.12 -177.05
N GLN U 1054 27.06 -113.83 -175.94
CA GLN U 1054 26.44 -113.31 -174.73
C GLN U 1054 27.31 -112.23 -174.07
N PHE U 1055 27.13 -110.97 -174.48
CA PHE U 1055 27.74 -109.83 -173.78
C PHE U 1055 27.13 -109.64 -172.40
N SER U 1056 27.90 -109.01 -171.52
CA SER U 1056 27.40 -108.46 -170.26
C SER U 1056 27.51 -106.94 -170.28
N LEU U 1057 26.41 -106.24 -170.02
CA LEU U 1057 26.40 -104.80 -169.76
C LEU U 1057 26.80 -104.52 -168.30
N SER U 1058 26.90 -103.26 -167.88
CA SER U 1058 26.86 -102.97 -166.44
C SER U 1058 25.47 -103.27 -165.86
N ALA U 1059 25.41 -103.58 -164.56
CA ALA U 1059 24.16 -103.55 -163.82
C ALA U 1059 23.63 -102.11 -163.63
N ASP U 1060 24.51 -101.13 -163.38
CA ASP U 1060 24.10 -99.78 -162.98
C ASP U 1060 23.65 -98.94 -164.18
N ALA U 1061 24.43 -98.90 -165.26
CA ALA U 1061 24.05 -98.23 -166.49
C ALA U 1061 22.93 -99.01 -167.22
N GLY U 1062 21.86 -98.31 -167.62
CA GLY U 1062 20.76 -98.91 -168.36
C GLY U 1062 21.15 -99.23 -169.81
N PRO U 1063 20.33 -99.99 -170.53
CA PRO U 1063 20.64 -100.43 -171.89
C PRO U 1063 20.75 -99.24 -172.86
N GLU U 1064 20.10 -98.12 -172.59
CA GLU U 1064 20.27 -96.88 -173.34
C GLU U 1064 21.64 -96.21 -173.16
N CYS U 1065 22.44 -96.65 -172.19
CA CYS U 1065 23.85 -96.32 -172.09
C CYS U 1065 24.73 -97.19 -172.99
N TYR U 1066 24.13 -98.12 -173.75
CA TYR U 1066 24.87 -99.10 -174.54
C TYR U 1066 24.39 -99.19 -175.99
N GLU U 1067 25.29 -99.75 -176.79
CA GLU U 1067 25.11 -100.01 -178.20
C GLU U 1067 26.04 -101.15 -178.60
N LEU U 1068 25.55 -102.10 -179.38
CA LEU U 1068 26.40 -103.05 -180.08
C LEU U 1068 27.08 -102.34 -181.25
N GLN U 1069 28.30 -102.76 -181.56
CA GLN U 1069 29.06 -102.30 -182.72
C GLN U 1069 29.57 -103.53 -183.49
N VAL U 1070 28.75 -103.98 -184.44
CA VAL U 1070 28.94 -105.19 -185.24
C VAL U 1070 30.01 -104.96 -186.31
N CYS U 1071 30.85 -105.96 -186.60
CA CYS U 1071 31.92 -105.85 -187.59
C CYS U 1071 32.19 -107.17 -188.31
N VAL U 1072 31.89 -107.25 -189.60
CA VAL U 1072 32.23 -108.43 -190.40
C VAL U 1072 33.71 -108.44 -190.71
N LYS U 1073 34.33 -109.63 -190.74
CA LYS U 1073 35.77 -109.81 -191.00
C LYS U 1073 36.07 -111.02 -191.87
N ASP U 1074 37.17 -110.99 -192.61
CA ASP U 1074 37.64 -112.08 -193.46
C ASP U 1074 38.74 -112.89 -192.76
N TYR U 1075 38.54 -114.19 -192.51
CA TYR U 1075 39.50 -115.03 -191.77
C TYR U 1075 40.68 -115.47 -192.64
N CYS U 1076 41.90 -115.22 -192.18
CA CYS U 1076 43.11 -115.64 -192.87
C CYS U 1076 44.14 -116.22 -191.86
N PHE U 1077 44.03 -117.51 -191.52
CA PHE U 1077 44.97 -118.19 -190.61
C PHE U 1077 46.41 -118.11 -191.12
N ALA U 1078 47.36 -118.06 -190.18
CA ALA U 1078 48.78 -117.75 -190.37
C ALA U 1078 49.10 -116.34 -190.91
N ARG U 1079 48.21 -115.76 -191.72
CA ARG U 1079 48.19 -114.35 -192.14
C ARG U 1079 47.48 -113.49 -191.09
N GLU U 1080 46.56 -112.64 -191.52
CA GLU U 1080 45.83 -111.63 -190.73
C GLU U 1080 44.37 -111.52 -191.18
N ASP U 1081 43.44 -111.40 -190.23
CA ASP U 1081 42.02 -111.19 -190.56
C ASP U 1081 41.71 -109.72 -190.90
N ARG U 1082 40.67 -109.46 -191.71
CA ARG U 1082 40.44 -108.12 -192.31
C ARG U 1082 39.01 -107.57 -192.13
N THR U 1083 38.83 -106.32 -191.70
CA THR U 1083 37.50 -105.67 -191.50
C THR U 1083 36.78 -105.40 -192.81
N VAL U 1084 35.60 -106.01 -192.94
CA VAL U 1084 34.70 -105.90 -194.08
C VAL U 1084 33.66 -104.78 -193.91
N GLY U 1085 33.30 -104.38 -192.69
CA GLY U 1085 32.38 -103.25 -192.44
C GLY U 1085 32.00 -103.13 -190.97
N LEU U 1086 31.32 -102.05 -190.57
CA LEU U 1086 30.91 -101.78 -189.18
C LEU U 1086 29.46 -101.28 -189.07
N ALA U 1087 28.64 -101.74 -188.13
CA ALA U 1087 27.30 -101.19 -187.87
C ALA U 1087 27.03 -100.99 -186.37
N VAL U 1088 26.29 -99.95 -185.98
CA VAL U 1088 25.92 -99.73 -184.58
C VAL U 1088 24.44 -100.03 -184.35
N LEU U 1089 24.15 -100.87 -183.36
CA LEU U 1089 22.78 -101.15 -182.89
C LEU U 1089 22.63 -100.62 -181.46
N GLN U 1090 21.83 -99.57 -181.31
CA GLN U 1090 21.57 -98.94 -180.02
C GLN U 1090 20.78 -99.88 -179.11
N LEU U 1091 21.30 -100.20 -177.92
CA LEU U 1091 20.57 -101.04 -176.97
C LEU U 1091 19.41 -100.31 -176.28
N ARG U 1092 19.28 -98.98 -176.46
CA ARG U 1092 18.04 -98.24 -176.16
C ARG U 1092 16.82 -98.80 -176.90
N GLU U 1093 16.98 -99.29 -178.13
CA GLU U 1093 15.88 -99.92 -178.88
C GLU U 1093 15.47 -101.26 -178.24
N LEU U 1094 16.46 -102.10 -177.95
CA LEU U 1094 16.26 -103.40 -177.34
C LEU U 1094 15.74 -103.31 -175.90
N ALA U 1095 15.98 -102.20 -175.20
CA ALA U 1095 15.32 -101.89 -173.93
C ALA U 1095 13.78 -101.95 -174.06
N GLN U 1096 13.25 -101.43 -175.17
CA GLN U 1096 11.82 -101.47 -175.49
C GLN U 1096 11.43 -102.80 -176.12
N ARG U 1097 12.16 -103.22 -177.16
CA ARG U 1097 11.82 -104.38 -177.99
C ARG U 1097 11.97 -105.71 -177.24
N GLY U 1098 12.84 -105.76 -176.23
CA GLY U 1098 13.22 -106.95 -175.47
C GLY U 1098 14.09 -107.92 -176.28
N SER U 1099 13.68 -108.20 -177.52
CA SER U 1099 14.51 -108.80 -178.54
C SER U 1099 14.21 -108.21 -179.91
N ALA U 1100 15.18 -108.29 -180.82
CA ALA U 1100 15.12 -107.65 -182.13
C ALA U 1100 15.89 -108.47 -183.17
N ALA U 1101 15.16 -108.98 -184.16
CA ALA U 1101 15.74 -109.37 -185.44
C ALA U 1101 15.87 -108.10 -186.31
N CYS U 1102 17.10 -107.74 -186.70
CA CYS U 1102 17.35 -106.51 -187.45
C CYS U 1102 18.46 -106.68 -188.50
N TRP U 1103 18.26 -106.09 -189.67
CA TRP U 1103 19.30 -105.87 -190.68
C TRP U 1103 20.06 -104.59 -190.39
N LEU U 1104 21.30 -104.73 -189.92
CA LEU U 1104 22.19 -103.63 -189.61
C LEU U 1104 23.02 -103.27 -190.86
N PRO U 1105 22.76 -102.15 -191.56
CA PRO U 1105 23.61 -101.71 -192.66
C PRO U 1105 25.03 -101.43 -192.15
N LEU U 1106 26.02 -102.13 -192.71
CA LEU U 1106 27.43 -101.93 -192.39
C LEU U 1106 27.91 -100.63 -193.04
N GLY U 1107 28.30 -99.65 -192.26
CA GLY U 1107 29.09 -98.53 -192.73
C GLY U 1107 30.57 -98.86 -192.86
N ARG U 1108 31.31 -97.94 -193.49
CA ARG U 1108 32.79 -97.91 -193.47
C ARG U 1108 33.32 -97.21 -192.22
N ARG U 1109 32.58 -96.23 -191.68
CA ARG U 1109 32.81 -95.51 -190.41
C ARG U 1109 31.50 -95.24 -189.67
N ILE U 1110 31.61 -94.70 -188.45
CA ILE U 1110 30.49 -94.40 -187.54
C ILE U 1110 30.36 -92.87 -187.33
N HIS U 1111 29.17 -92.30 -187.53
CA HIS U 1111 28.94 -90.84 -187.55
C HIS U 1111 28.85 -90.22 -186.14
N MET U 1112 29.26 -88.95 -185.96
CA MET U 1112 29.25 -88.25 -184.66
C MET U 1112 28.70 -86.84 -184.73
N ASP U 1113 28.32 -86.32 -183.57
CA ASP U 1113 27.96 -84.92 -183.35
C ASP U 1113 29.01 -84.20 -182.48
N ASP U 1114 28.82 -82.89 -182.29
CA ASP U 1114 29.71 -82.01 -181.54
C ASP U 1114 29.95 -82.45 -180.08
N THR U 1115 29.06 -83.24 -179.50
CA THR U 1115 29.14 -83.70 -178.12
C THR U 1115 29.79 -85.06 -178.07
N GLY U 1116 29.58 -85.87 -179.10
CA GLY U 1116 30.46 -86.99 -179.38
C GLY U 1116 31.89 -86.51 -179.52
N LEU U 1117 32.10 -85.45 -180.30
CA LEU U 1117 33.39 -84.85 -180.54
C LEU U 1117 33.97 -84.10 -179.35
N THR U 1118 33.18 -83.34 -178.57
CA THR U 1118 33.67 -82.70 -177.32
C THR U 1118 34.11 -83.77 -176.34
N VAL U 1119 33.31 -84.82 -176.18
CA VAL U 1119 33.70 -85.95 -175.34
C VAL U 1119 34.95 -86.63 -175.90
N LEU U 1120 35.02 -86.92 -177.20
CA LEU U 1120 36.17 -87.57 -177.82
C LEU U 1120 37.44 -86.70 -177.67
N ARG U 1121 37.34 -85.36 -177.67
CA ARG U 1121 38.45 -84.43 -177.35
C ARG U 1121 38.91 -84.51 -175.90
N ILE U 1122 38.03 -84.87 -174.98
CA ILE U 1122 38.33 -85.01 -173.55
C ILE U 1122 38.81 -86.42 -173.23
N LEU U 1123 38.29 -87.44 -173.92
CA LEU U 1123 38.78 -88.81 -173.86
C LEU U 1123 40.13 -88.97 -174.58
N SER U 1124 40.37 -88.22 -175.65
CA SER U 1124 41.66 -88.19 -176.32
C SER U 1124 42.72 -87.52 -175.43
N GLN U 1125 42.34 -86.57 -174.56
CA GLN U 1125 43.20 -86.10 -173.45
C GLN U 1125 43.57 -87.19 -172.46
N ARG U 1126 42.70 -88.16 -172.26
CA ARG U 1126 43.01 -89.34 -171.46
C ARG U 1126 43.70 -90.38 -172.37
N SER U 1127 44.72 -89.93 -173.12
CA SER U 1127 45.51 -90.72 -174.07
C SER U 1127 46.20 -91.93 -173.47
N ASN U 1128 46.38 -91.98 -172.14
CA ASN U 1128 46.98 -93.09 -171.39
C ASN U 1128 45.95 -94.06 -170.78
N ASP U 1129 44.71 -93.61 -170.56
CA ASP U 1129 43.65 -94.44 -169.99
C ASP U 1129 43.27 -95.51 -171.02
N GLU U 1130 43.38 -96.79 -170.67
CA GLU U 1130 43.15 -97.87 -171.62
C GLU U 1130 41.69 -97.96 -172.08
N VAL U 1131 40.74 -97.58 -171.24
CA VAL U 1131 39.33 -97.50 -171.65
C VAL U 1131 39.14 -96.32 -172.59
N ALA U 1132 39.71 -95.15 -172.28
CA ALA U 1132 39.60 -93.99 -173.16
C ALA U 1132 40.33 -94.20 -174.48
N LYS U 1133 41.53 -94.78 -174.48
CA LYS U 1133 42.22 -95.29 -175.67
C LYS U 1133 41.33 -96.23 -176.47
N GLU U 1134 40.84 -97.33 -175.88
CA GLU U 1134 40.04 -98.33 -176.61
C GLU U 1134 38.71 -97.76 -177.08
N PHE U 1135 38.13 -96.80 -176.36
CA PHE U 1135 36.94 -96.08 -176.81
C PHE U 1135 37.26 -95.18 -178.01
N VAL U 1136 38.26 -94.29 -177.87
CA VAL U 1136 38.70 -93.37 -178.93
C VAL U 1136 39.13 -94.16 -180.18
N LYS U 1137 39.78 -95.32 -179.99
CA LYS U 1137 40.10 -96.29 -181.04
C LYS U 1137 38.84 -96.91 -181.63
N LEU U 1138 37.99 -97.58 -180.86
CA LEU U 1138 36.80 -98.28 -181.36
C LEU U 1138 35.81 -97.34 -182.07
N LYS U 1139 35.78 -96.05 -181.70
CA LYS U 1139 34.97 -95.03 -182.41
C LYS U 1139 35.67 -94.36 -183.59
N SER U 1140 37.00 -94.35 -183.61
CA SER U 1140 37.78 -94.02 -184.80
C SER U 1140 38.08 -95.28 -185.64
N ASP U 1141 37.42 -96.41 -185.36
CA ASP U 1141 37.57 -97.67 -186.07
C ASP U 1141 36.83 -97.64 -187.42
N THR U 1142 37.49 -98.09 -188.49
CA THR U 1142 36.99 -97.99 -189.86
C THR U 1142 37.38 -99.19 -190.72
N ARG U 1143 36.58 -99.46 -191.75
CA ARG U 1143 36.85 -100.46 -192.78
C ARG U 1143 37.95 -99.99 -193.74
N SER U 1144 38.89 -100.86 -194.10
CA SER U 1144 39.77 -100.68 -195.27
C SER U 1144 38.95 -100.79 -196.56
N ALA U 1145 39.10 -99.84 -197.50
CA ALA U 1145 38.26 -99.79 -198.70
C ALA U 1145 38.50 -100.94 -199.70
N GLU U 1146 39.62 -101.66 -199.56
CA GLU U 1146 40.00 -102.77 -200.43
C GLU U 1146 38.95 -103.90 -200.45
N GLU U 1147 38.88 -104.63 -201.56
CA GLU U 1147 37.82 -105.59 -201.88
C GLU U 1147 36.40 -104.99 -202.03
N GLY U 1148 36.20 -103.67 -201.89
CA GLY U 1148 34.87 -103.04 -201.89
C GLY U 1148 34.75 -101.51 -202.04
N GLY U 1149 35.50 -100.89 -202.97
CA GLY U 1149 35.09 -99.63 -203.62
C GLY U 1149 35.26 -98.29 -202.87
N ALA U 1150 34.17 -97.51 -202.81
CA ALA U 1150 34.16 -96.05 -202.57
C ALA U 1150 34.57 -95.57 -201.15
N ALA U 1151 34.60 -94.25 -200.96
CA ALA U 1151 35.01 -93.58 -199.73
C ALA U 1151 33.90 -93.50 -198.64
N PRO U 1152 34.27 -93.42 -197.34
CA PRO U 1152 33.37 -93.08 -196.23
C PRO U 1152 32.87 -91.63 -196.28
N ALA U 1153 31.93 -91.28 -195.41
CA ALA U 1153 31.48 -89.90 -195.17
C ALA U 1153 31.23 -89.64 -193.66
N PRO U 1154 31.42 -88.40 -193.18
CA PRO U 1154 31.43 -88.05 -191.76
C PRO U 1154 30.13 -88.40 -191.03
N GLU V 23 -94.52 17.59 -68.41
CA GLU V 23 -95.54 18.61 -68.79
C GLU V 23 -95.11 19.44 -69.99
N GLU V 24 -93.99 20.16 -69.90
CA GLU V 24 -93.43 21.00 -70.98
C GLU V 24 -93.51 20.38 -72.38
N LEU V 25 -92.89 19.20 -72.57
CA LEU V 25 -92.96 18.46 -73.83
C LEU V 25 -94.40 18.09 -74.21
N LYS V 26 -95.22 17.63 -73.27
CA LYS V 26 -96.61 17.26 -73.53
C LYS V 26 -97.43 18.42 -74.09
N ASN V 27 -97.33 19.59 -73.47
CA ASN V 27 -98.02 20.78 -73.94
C ASN V 27 -97.44 21.32 -75.25
N HIS V 28 -96.11 21.32 -75.39
CA HIS V 28 -95.42 21.64 -76.63
C HIS V 28 -95.89 20.74 -77.79
N VAL V 29 -95.96 19.44 -77.55
CA VAL V 29 -96.42 18.44 -78.51
C VAL V 29 -97.91 18.54 -78.75
N TYR V 30 -98.74 18.81 -77.74
CA TYR V 30 -100.17 19.10 -77.94
C TYR V 30 -100.33 20.22 -78.97
N LYS V 31 -99.68 21.35 -78.73
CA LYS V 31 -99.69 22.52 -79.61
C LYS V 31 -99.16 22.20 -81.00
N LYS V 32 -98.02 21.51 -81.11
CA LYS V 32 -97.45 21.12 -82.40
C LYS V 32 -98.24 20.06 -83.13
N THR V 33 -99.01 19.24 -82.42
CA THR V 33 -99.93 18.28 -83.01
C THR V 33 -101.17 18.99 -83.53
N LEU V 34 -101.73 19.92 -82.74
CA LEU V 34 -102.82 20.78 -83.19
C LEU V 34 -102.41 21.57 -84.44
N GLN V 35 -101.26 22.24 -84.43
CA GLN V 35 -100.75 22.93 -85.61
C GLN V 35 -100.49 21.96 -86.77
N ALA V 36 -99.93 20.78 -86.50
CA ALA V 36 -99.58 19.83 -87.55
C ALA V 36 -100.78 19.34 -88.34
N LEU V 37 -101.93 19.21 -87.68
CA LEU V 37 -103.13 18.60 -88.22
C LEU V 37 -104.27 19.57 -88.52
N ILE V 38 -104.25 20.82 -88.03
CA ILE V 38 -105.27 21.81 -88.40
C ILE V 38 -105.12 22.20 -89.86
N TYR V 39 -103.90 22.52 -90.29
CA TYR V 39 -103.52 22.43 -91.68
C TYR V 39 -102.65 21.16 -91.79
N PRO V 40 -103.25 19.99 -92.01
CA PRO V 40 -102.47 18.79 -92.24
C PRO V 40 -101.55 19.03 -93.44
N ILE V 41 -100.32 18.52 -93.43
CA ILE V 41 -99.42 18.70 -94.58
C ILE V 41 -100.01 18.10 -95.87
N SER V 42 -100.98 17.19 -95.75
CA SER V 42 -101.79 16.65 -96.84
C SER V 42 -102.70 17.67 -97.54
N CYS V 43 -102.78 18.93 -97.08
CA CYS V 43 -103.40 20.03 -97.85
C CYS V 43 -102.58 20.50 -99.07
N THR V 44 -101.27 20.23 -99.08
CA THR V 44 -100.29 20.93 -99.95
C THR V 44 -100.17 20.38 -101.37
N THR V 45 -99.67 21.22 -102.29
CA THR V 45 -99.53 21.00 -103.74
C THR V 45 -98.07 21.18 -104.19
N PRO V 46 -97.54 20.42 -105.16
CA PRO V 46 -96.14 20.54 -105.61
C PRO V 46 -95.94 21.46 -106.82
N HIS V 47 -94.81 22.16 -106.88
CA HIS V 47 -94.47 23.06 -107.99
C HIS V 47 -93.93 22.31 -109.22
N ASN V 48 -94.71 22.28 -110.30
CA ASN V 48 -94.25 21.78 -111.60
C ASN V 48 -93.34 22.81 -112.30
N PHE V 49 -92.05 22.86 -111.96
CA PHE V 49 -91.09 23.72 -112.62
C PHE V 49 -90.60 23.22 -113.98
N GLU V 50 -90.67 24.09 -114.99
CA GLU V 50 -89.84 24.04 -116.19
C GLU V 50 -88.59 24.91 -115.99
N VAL V 51 -87.46 24.48 -116.56
CA VAL V 51 -86.34 25.38 -116.82
C VAL V 51 -86.80 26.44 -117.81
N TRP V 52 -86.54 27.71 -117.49
CA TRP V 52 -86.93 28.81 -118.36
C TRP V 52 -85.82 29.86 -118.42
N THR V 53 -85.42 30.19 -119.64
CA THR V 53 -84.46 31.27 -119.90
C THR V 53 -85.15 32.61 -119.70
N ALA V 54 -84.64 33.42 -118.77
CA ALA V 54 -84.94 34.85 -118.72
C ALA V 54 -84.24 35.56 -119.90
N THR V 55 -84.76 35.40 -121.12
CA THR V 55 -84.24 35.96 -122.38
C THR V 55 -84.17 37.50 -122.39
N THR V 56 -84.71 38.13 -121.34
CA THR V 56 -84.56 39.53 -120.93
C THR V 56 -84.29 39.61 -119.41
N PRO V 57 -83.60 40.65 -118.90
CA PRO V 57 -83.37 40.83 -117.46
C PRO V 57 -84.67 40.77 -116.64
N THR V 58 -84.75 39.83 -115.70
CA THR V 58 -85.96 39.46 -114.94
C THR V 58 -85.58 39.27 -113.47
N TYR V 59 -86.54 39.39 -112.54
CA TYR V 59 -86.26 39.35 -111.10
C TYR V 59 -87.07 38.27 -110.38
N CYS V 60 -86.36 37.45 -109.61
CA CYS V 60 -86.88 36.22 -109.02
C CYS V 60 -88.02 36.47 -108.01
N TYR V 61 -89.15 35.75 -108.12
CA TYR V 61 -90.29 35.95 -107.21
C TYR V 61 -90.02 35.51 -105.76
N GLU V 62 -88.89 34.84 -105.50
CA GLU V 62 -88.38 34.69 -104.14
C GLU V 62 -87.50 35.88 -103.74
N CYS V 63 -86.28 35.94 -104.27
CA CYS V 63 -85.23 36.84 -103.81
C CYS V 63 -85.20 38.23 -104.46
N GLU V 64 -86.02 38.47 -105.48
CA GLU V 64 -85.96 39.62 -106.38
C GLU V 64 -84.59 39.80 -107.07
N GLY V 65 -83.75 38.76 -107.08
CA GLY V 65 -82.42 38.74 -107.70
C GLY V 65 -82.46 38.52 -109.22
N LEU V 66 -81.42 38.97 -109.92
CA LEU V 66 -81.36 38.96 -111.38
C LEU V 66 -81.32 37.54 -111.98
N LEU V 67 -82.30 37.31 -112.85
CA LEU V 67 -82.38 36.25 -113.83
C LEU V 67 -82.08 36.90 -115.19
N TRP V 68 -81.13 36.37 -115.95
CA TRP V 68 -80.73 36.97 -117.22
C TRP V 68 -80.01 35.98 -118.14
N GLY V 69 -80.53 35.87 -119.35
CA GLY V 69 -79.98 35.07 -120.43
C GLY V 69 -79.86 33.60 -120.05
N ILE V 70 -78.99 32.91 -120.78
CA ILE V 70 -78.52 31.58 -120.39
C ILE V 70 -77.62 31.67 -119.13
N ALA V 71 -76.91 32.79 -118.94
CA ALA V 71 -75.96 33.01 -117.84
C ALA V 71 -76.60 32.86 -116.45
N ARG V 72 -77.82 33.35 -116.28
CA ARG V 72 -78.63 33.26 -115.07
C ARG V 72 -80.07 32.88 -115.42
N GLN V 73 -80.26 31.66 -115.94
CA GLN V 73 -81.59 31.07 -116.15
C GLN V 73 -82.42 31.03 -114.86
N GLY V 74 -83.74 30.93 -115.02
CA GLY V 74 -84.66 30.65 -113.93
C GLY V 74 -85.42 29.34 -114.11
N MET V 75 -86.33 29.10 -113.17
CA MET V 75 -87.38 28.11 -113.26
C MET V 75 -88.70 28.84 -113.33
N ARG V 76 -89.53 28.46 -114.28
CA ARG V 76 -90.92 28.91 -114.38
C ARG V 76 -91.76 27.71 -114.01
N CYS V 77 -92.53 27.77 -112.92
CA CYS V 77 -93.54 26.75 -112.71
C CYS V 77 -94.62 26.88 -113.76
N THR V 78 -95.32 25.81 -114.10
CA THR V 78 -96.59 25.89 -114.84
C THR V 78 -97.76 26.08 -113.86
N GLU V 79 -97.89 25.19 -112.88
CA GLU V 79 -99.02 25.11 -111.96
C GLU V 79 -99.06 26.35 -111.07
N CYS V 80 -97.99 26.60 -110.29
CA CYS V 80 -97.82 27.89 -109.66
C CYS V 80 -97.31 28.96 -110.61
N GLY V 81 -96.97 28.69 -111.87
CA GLY V 81 -96.56 29.73 -112.84
C GLY V 81 -95.21 30.43 -112.57
N VAL V 82 -94.69 30.22 -111.37
CA VAL V 82 -93.80 31.12 -110.63
C VAL V 82 -92.40 31.21 -111.23
N LYS V 83 -91.86 32.41 -111.39
CA LYS V 83 -90.57 32.68 -112.05
C LYS V 83 -89.52 32.98 -111.01
N CYS V 84 -88.44 32.21 -110.97
CA CYS V 84 -87.46 32.27 -109.89
C CYS V 84 -86.09 31.80 -110.35
N HIS V 85 -85.02 32.05 -109.58
CA HIS V 85 -83.77 31.30 -109.77
C HIS V 85 -84.04 29.81 -109.67
N GLU V 86 -83.17 28.99 -110.26
CA GLU V 86 -83.03 27.59 -109.87
C GLU V 86 -82.77 27.48 -108.36
N LYS V 87 -81.73 28.15 -107.86
CA LYS V 87 -81.45 28.18 -106.41
C LYS V 87 -82.60 28.75 -105.56
N CYS V 88 -83.57 29.42 -106.17
CA CYS V 88 -84.78 29.90 -105.49
C CYS V 88 -86.01 29.02 -105.67
N GLN V 89 -86.06 28.11 -106.64
CA GLN V 89 -87.31 27.39 -106.92
C GLN V 89 -87.78 26.54 -105.73
N ASP V 90 -86.85 26.22 -104.82
CA ASP V 90 -87.11 25.56 -103.54
C ASP V 90 -87.25 26.56 -102.38
N LEU V 91 -86.56 27.70 -102.45
CA LEU V 91 -86.69 28.79 -101.46
C LEU V 91 -88.04 29.50 -101.58
N LEU V 92 -88.71 29.38 -102.72
CA LEU V 92 -90.16 29.57 -102.84
C LEU V 92 -90.88 28.57 -101.93
N ASN V 93 -91.06 28.94 -100.67
CA ASN V 93 -91.35 28.01 -99.57
C ASN V 93 -92.76 27.39 -99.60
N ALA V 94 -93.79 28.17 -99.91
CA ALA V 94 -95.18 27.73 -99.75
C ALA V 94 -95.63 26.80 -100.90
N ASP V 95 -96.71 26.04 -100.69
CA ASP V 95 -97.16 25.03 -101.64
C ASP V 95 -97.58 25.62 -103.00
N CYS V 96 -97.84 24.77 -103.99
CA CYS V 96 -98.17 25.22 -105.32
C CYS V 96 -99.51 25.97 -105.38
N LEU V 97 -100.48 25.71 -104.50
CA LEU V 97 -101.61 26.64 -104.34
C LEU V 97 -101.08 28.02 -103.94
N GLN V 98 -100.41 28.13 -102.80
CA GLN V 98 -99.94 29.41 -102.28
C GLN V 98 -99.01 30.13 -103.26
N ARG V 99 -98.02 29.44 -103.86
CA ARG V 99 -97.15 30.04 -104.88
C ARG V 99 -97.86 30.27 -106.21
N ALA V 100 -98.95 29.58 -106.55
CA ALA V 100 -99.78 30.01 -107.67
C ALA V 100 -100.44 31.35 -107.36
N ALA V 101 -100.89 31.54 -106.12
CA ALA V 101 -101.35 32.82 -105.62
C ALA V 101 -100.25 33.90 -105.64
N GLU V 102 -99.06 33.64 -105.09
CA GLU V 102 -97.98 34.62 -105.08
C GLU V 102 -97.45 34.93 -106.49
N LYS V 103 -97.31 33.95 -107.39
CA LYS V 103 -97.09 34.20 -108.82
C LYS V 103 -98.15 35.09 -109.41
N SER V 104 -99.42 34.82 -109.12
CA SER V 104 -100.53 35.61 -109.65
C SER V 104 -100.40 37.06 -109.17
N SER V 105 -100.01 37.29 -107.91
CA SER V 105 -99.74 38.66 -107.43
C SER V 105 -98.54 39.34 -108.14
N LYS V 106 -97.52 38.57 -108.53
CA LYS V 106 -96.30 39.08 -109.20
C LYS V 106 -96.41 39.17 -110.73
N HIS V 107 -97.37 38.47 -111.34
CA HIS V 107 -97.86 38.72 -112.70
C HIS V 107 -98.90 39.86 -112.74
N GLY V 108 -99.81 39.97 -111.74
CA GLY V 108 -100.73 41.11 -111.58
C GLY V 108 -101.88 40.93 -110.57
N ALA V 109 -102.58 39.80 -110.58
CA ALA V 109 -103.73 39.52 -109.72
C ALA V 109 -103.34 39.23 -108.24
N GLU V 110 -103.31 40.27 -107.41
CA GLU V 110 -103.11 40.14 -105.95
C GLU V 110 -104.28 39.43 -105.26
N ASP V 111 -105.49 39.57 -105.78
CA ASP V 111 -106.72 39.04 -105.19
C ASP V 111 -106.69 37.52 -104.99
N ARG V 112 -105.97 36.82 -105.88
CA ARG V 112 -105.66 35.38 -105.78
C ARG V 112 -105.01 35.04 -104.43
N THR V 113 -104.15 35.90 -103.90
CA THR V 113 -103.52 35.70 -102.59
C THR V 113 -104.56 35.66 -101.47
N GLN V 114 -105.50 36.62 -101.44
CA GLN V 114 -106.62 36.59 -100.50
C GLN V 114 -107.52 35.37 -100.71
N ASN V 115 -107.76 34.99 -101.96
CA ASN V 115 -108.43 33.74 -102.29
C ASN V 115 -107.72 32.53 -101.65
N ILE V 116 -106.40 32.39 -101.76
CA ILE V 116 -105.72 31.20 -101.23
C ILE V 116 -105.46 31.29 -99.72
N ILE V 117 -105.42 32.49 -99.15
CA ILE V 117 -105.65 32.69 -97.71
C ILE V 117 -107.03 32.13 -97.33
N MET V 118 -108.06 32.41 -98.12
CA MET V 118 -109.38 31.81 -97.91
C MET V 118 -109.39 30.31 -98.20
N VAL V 119 -108.58 29.78 -99.11
CA VAL V 119 -108.36 28.33 -99.23
C VAL V 119 -107.75 27.77 -97.96
N LEU V 120 -106.75 28.44 -97.40
CA LEU V 120 -106.13 28.04 -96.14
C LEU V 120 -107.18 28.03 -95.01
N LYS V 121 -107.98 29.09 -94.88
CA LYS V 121 -109.12 29.15 -93.94
C LYS V 121 -110.08 27.99 -94.21
N ASP V 122 -110.56 27.85 -95.43
CA ASP V 122 -111.56 26.85 -95.80
C ASP V 122 -111.05 25.43 -95.60
N ARG V 123 -109.79 25.16 -95.94
CA ARG V 123 -109.11 23.90 -95.63
C ARG V 123 -109.18 23.58 -94.16
N MET V 124 -108.81 24.53 -93.30
CA MET V 124 -108.85 24.35 -91.84
C MET V 124 -110.28 24.22 -91.30
N LYS V 125 -111.26 24.99 -91.82
CA LYS V 125 -112.69 24.85 -91.47
C LYS V 125 -113.25 23.48 -91.88
N ILE V 126 -112.99 23.06 -93.11
CA ILE V 126 -113.39 21.74 -93.63
C ILE V 126 -112.73 20.66 -92.77
N ARG V 127 -111.42 20.74 -92.56
CA ARG V 127 -110.65 19.82 -91.72
C ARG V 127 -111.26 19.63 -90.35
N GLU V 128 -111.57 20.73 -89.68
CA GLU V 128 -112.28 20.78 -88.41
C GLU V 128 -113.67 20.16 -88.48
N ARG V 129 -114.45 20.54 -89.47
CA ARG V 129 -115.86 20.14 -89.61
C ARG V 129 -115.99 18.69 -90.03
N ASN V 130 -115.01 18.17 -90.78
CA ASN V 130 -115.01 16.84 -91.35
C ASN V 130 -114.27 15.84 -90.47
N LYS V 131 -113.19 16.27 -89.82
CA LYS V 131 -112.44 15.48 -88.86
C LYS V 131 -112.35 16.13 -87.48
N PRO V 132 -113.46 16.61 -86.90
CA PRO V 132 -113.44 17.19 -85.56
C PRO V 132 -112.85 16.21 -84.55
N GLU V 133 -113.06 14.91 -84.75
CA GLU V 133 -112.54 13.85 -83.91
C GLU V 133 -111.02 13.82 -83.85
N ILE V 134 -110.29 14.32 -84.86
CA ILE V 134 -108.84 14.48 -84.74
C ILE V 134 -108.54 15.46 -83.60
N PHE V 135 -109.18 16.61 -83.61
CA PHE V 135 -108.86 17.73 -82.71
C PHE V 135 -109.36 17.47 -81.28
N GLU V 136 -110.56 16.89 -81.17
CA GLU V 136 -111.07 16.32 -79.93
C GLU V 136 -110.15 15.26 -79.36
N LEU V 137 -109.68 14.31 -80.17
CA LEU V 137 -108.80 13.27 -79.64
C LEU V 137 -107.48 13.86 -79.13
N ILE V 138 -106.89 14.82 -79.84
CA ILE V 138 -105.70 15.54 -79.36
C ILE V 138 -106.03 16.23 -78.03
N GLN V 139 -107.17 16.91 -77.95
CA GLN V 139 -107.65 17.46 -76.69
C GLN V 139 -107.78 16.40 -75.59
N GLU V 140 -108.41 15.26 -75.81
CA GLU V 140 -108.58 14.24 -74.77
C GLU V 140 -107.28 13.54 -74.39
N VAL V 141 -106.43 13.19 -75.38
CA VAL V 141 -105.13 12.55 -75.21
C VAL V 141 -104.20 13.42 -74.41
N PHE V 142 -104.21 14.72 -74.71
CA PHE V 142 -103.50 15.72 -73.95
C PHE V 142 -104.34 16.29 -72.80
N ALA V 143 -105.51 15.70 -72.53
CA ALA V 143 -106.42 15.98 -71.44
C ALA V 143 -106.88 17.45 -71.30
N VAL V 144 -106.76 18.24 -72.36
CA VAL V 144 -107.14 19.66 -72.38
C VAL V 144 -108.66 19.79 -72.33
N THR V 145 -109.22 20.92 -71.89
CA THR V 145 -110.69 21.12 -71.90
C THR V 145 -111.17 21.53 -73.29
N LYS V 146 -112.47 21.45 -73.58
CA LYS V 146 -113.04 21.83 -74.88
C LYS V 146 -112.95 23.33 -75.16
N SER V 147 -113.19 24.17 -74.15
CA SER V 147 -113.02 25.63 -74.23
C SER V 147 -111.55 26.00 -74.40
N ALA V 148 -110.65 25.49 -73.55
CA ALA V 148 -109.22 25.78 -73.67
C ALA V 148 -108.63 25.22 -74.95
N HIS V 149 -109.10 24.05 -75.39
CA HIS V 149 -108.82 23.53 -76.72
C HIS V 149 -109.28 24.50 -77.79
N THR V 150 -110.49 25.07 -77.69
CA THR V 150 -110.96 26.11 -78.63
C THR V 150 -110.05 27.34 -78.63
N GLN V 151 -109.50 27.74 -77.48
CA GLN V 151 -108.61 28.90 -77.42
C GLN V 151 -107.17 28.60 -77.88
N GLN V 152 -106.59 27.43 -77.59
CA GLN V 152 -105.33 27.01 -78.22
C GLN V 152 -105.52 26.69 -79.71
N MET V 153 -106.72 26.28 -80.10
CA MET V 153 -107.07 26.10 -81.49
C MET V 153 -107.17 27.46 -82.19
N LYS V 154 -107.77 28.49 -81.59
CA LYS V 154 -107.60 29.88 -82.04
C LYS V 154 -106.12 30.20 -82.18
N ALA V 155 -105.28 29.84 -81.23
CA ALA V 155 -103.84 30.07 -81.36
C ALA V 155 -103.20 29.34 -82.55
N VAL V 156 -103.39 28.04 -82.76
CA VAL V 156 -102.77 27.34 -83.90
C VAL V 156 -103.45 27.60 -85.25
N LYS V 157 -104.76 27.89 -85.25
CA LYS V 157 -105.45 28.47 -86.39
C LYS V 157 -104.73 29.75 -86.73
N GLN V 158 -104.61 30.67 -85.79
CA GLN V 158 -103.91 31.91 -86.01
C GLN V 158 -102.46 31.67 -86.43
N SER V 159 -101.76 30.66 -85.89
CA SER V 159 -100.39 30.34 -86.34
C SER V 159 -100.30 29.82 -87.77
N VAL V 160 -101.43 29.53 -88.44
CA VAL V 160 -101.49 29.25 -89.88
C VAL V 160 -102.50 30.16 -90.63
N LEU V 161 -103.24 31.04 -89.94
CA LEU V 161 -104.33 31.87 -90.49
C LEU V 161 -104.15 33.37 -90.24
N ASP V 162 -103.59 33.76 -89.11
CA ASP V 162 -102.84 35.02 -89.07
C ASP V 162 -101.53 34.79 -89.83
N GLY V 163 -100.80 33.73 -89.47
CA GLY V 163 -99.61 33.20 -90.16
C GLY V 163 -99.87 32.53 -91.51
N THR V 164 -100.89 32.98 -92.24
CA THR V 164 -101.30 32.43 -93.55
C THR V 164 -100.42 32.85 -94.73
N SER V 165 -99.65 33.94 -94.59
CA SER V 165 -98.88 34.57 -95.69
C SER V 165 -97.89 35.65 -95.17
N LYS V 166 -97.33 35.48 -93.98
CA LYS V 166 -96.70 36.58 -93.21
C LYS V 166 -95.17 36.57 -93.32
N TRP V 167 -94.61 37.78 -93.49
CA TRP V 167 -93.22 38.13 -93.24
C TRP V 167 -93.19 39.44 -92.42
N SER V 168 -94.02 39.50 -91.38
CA SER V 168 -94.20 40.63 -90.45
C SER V 168 -93.18 40.56 -89.31
N ALA V 169 -91.89 40.57 -89.67
CA ALA V 169 -90.79 40.35 -88.76
C ALA V 169 -90.64 41.43 -87.69
N LYS V 170 -90.73 41.03 -86.43
CA LYS V 170 -90.02 41.76 -85.38
C LYS V 170 -88.52 41.53 -85.61
N ILE V 171 -87.73 42.57 -85.38
CA ILE V 171 -86.28 42.58 -85.53
C ILE V 171 -85.71 43.15 -84.24
N SER V 172 -84.60 42.62 -83.73
CA SER V 172 -84.01 43.01 -82.45
C SER V 172 -82.50 43.16 -82.61
N ILE V 173 -82.11 44.39 -82.92
CA ILE V 173 -80.77 44.79 -83.34
C ILE V 173 -79.96 45.19 -82.12
N THR V 174 -79.13 44.30 -81.60
CA THR V 174 -78.08 44.69 -80.66
C THR V 174 -76.88 45.26 -81.41
N VAL V 175 -76.71 46.56 -81.31
CA VAL V 175 -75.43 47.18 -81.63
C VAL V 175 -74.41 46.72 -80.60
N VAL V 176 -73.47 45.86 -80.97
CA VAL V 176 -72.54 45.25 -80.04
C VAL V 176 -71.32 46.12 -79.80
N CYS V 177 -70.53 46.40 -80.82
CA CYS V 177 -69.24 47.08 -80.68
C CYS V 177 -68.78 47.62 -82.03
N ALA V 178 -67.75 48.44 -82.04
CA ALA V 178 -67.03 48.81 -83.26
C ALA V 178 -65.51 48.73 -83.04
N GLN V 179 -64.77 48.71 -84.14
CA GLN V 179 -63.31 48.62 -84.18
C GLN V 179 -62.76 49.55 -85.27
N GLY V 180 -61.67 50.27 -85.00
CA GLY V 180 -60.97 51.09 -86.01
C GLY V 180 -61.72 52.34 -86.48
N LEU V 181 -62.64 52.89 -85.67
CA LEU V 181 -63.42 54.08 -86.02
C LEU V 181 -62.52 55.30 -86.32
N GLN V 182 -63.02 56.23 -87.14
CA GLN V 182 -62.34 57.50 -87.37
C GLN V 182 -62.46 58.39 -86.13
N ALA V 183 -61.40 59.13 -85.79
CA ALA V 183 -61.46 60.14 -84.76
C ALA V 183 -62.19 61.41 -85.24
N LYS V 184 -63.00 62.01 -84.36
CA LYS V 184 -63.74 63.27 -84.58
C LYS V 184 -63.93 64.12 -83.31
N ASP V 185 -63.46 63.68 -82.15
CA ASP V 185 -64.00 64.17 -80.87
C ASP V 185 -63.55 65.56 -80.43
N LYS V 186 -64.32 66.08 -79.46
CA LYS V 186 -63.87 67.04 -78.45
C LYS V 186 -62.69 66.48 -77.62
N THR V 187 -62.65 65.17 -77.31
CA THR V 187 -61.52 64.48 -76.64
C THR V 187 -60.29 64.21 -77.53
N GLY V 188 -60.37 64.42 -78.85
CA GLY V 188 -59.40 63.95 -79.84
C GLY V 188 -59.52 62.46 -80.27
N SER V 189 -60.37 61.66 -79.61
CA SER V 189 -60.67 60.28 -80.02
C SER V 189 -62.00 60.27 -80.81
N SER V 190 -63.04 59.57 -80.33
CA SER V 190 -64.45 59.90 -80.56
C SER V 190 -65.29 59.51 -79.35
N ASP V 191 -66.48 60.10 -79.25
CA ASP V 191 -67.57 59.69 -78.40
C ASP V 191 -68.61 58.93 -79.26
N PRO V 192 -68.28 57.76 -79.83
CA PRO V 192 -69.18 57.05 -80.71
C PRO V 192 -70.46 56.58 -79.99
N TYR V 193 -71.61 56.94 -80.57
CA TYR V 193 -72.86 56.21 -80.45
C TYR V 193 -73.32 55.76 -81.83
N VAL V 194 -74.46 55.10 -81.91
CA VAL V 194 -75.03 54.55 -83.13
C VAL V 194 -76.51 54.91 -83.20
N THR V 195 -77.02 55.27 -84.36
CA THR V 195 -78.46 55.15 -84.65
C THR V 195 -78.71 53.91 -85.48
N VAL V 196 -79.82 53.26 -85.21
CA VAL V 196 -80.37 52.21 -86.05
C VAL V 196 -81.70 52.70 -86.62
N GLN V 197 -81.99 52.38 -87.87
CA GLN V 197 -83.26 52.69 -88.53
C GLN V 197 -83.75 51.50 -89.36
N VAL V 198 -85.05 51.20 -89.29
CA VAL V 198 -85.72 50.19 -90.13
C VAL V 198 -87.05 50.78 -90.60
N GLY V 199 -87.32 50.76 -91.91
CA GLY V 199 -88.36 51.61 -92.47
C GLY V 199 -88.13 53.09 -92.15
N LYS V 200 -89.18 53.83 -91.77
CA LYS V 200 -89.10 55.22 -91.27
C LYS V 200 -88.56 55.30 -89.83
N THR V 201 -88.76 54.26 -89.02
CA THR V 201 -88.48 54.25 -87.56
C THR V 201 -86.99 54.31 -87.26
N LYS V 202 -86.58 55.17 -86.32
CA LYS V 202 -85.17 55.44 -85.96
C LYS V 202 -84.98 55.47 -84.43
N LYS V 203 -83.89 54.86 -83.96
CA LYS V 203 -83.50 54.70 -82.53
C LYS V 203 -82.00 54.88 -82.37
N ARG V 204 -81.47 55.07 -81.16
CA ARG V 204 -80.02 55.20 -80.92
C ARG V 204 -79.49 54.45 -79.69
N THR V 205 -78.25 54.00 -79.78
CA THR V 205 -77.43 53.65 -78.62
C THR V 205 -77.11 54.90 -77.82
N LYS V 206 -76.87 54.71 -76.52
CA LYS V 206 -76.08 55.65 -75.74
C LYS V 206 -74.64 55.68 -76.28
N THR V 207 -73.86 56.55 -75.70
CA THR V 207 -72.56 56.94 -76.23
C THR V 207 -71.46 56.25 -75.45
N ILE V 208 -70.51 55.66 -76.15
CA ILE V 208 -69.21 55.35 -75.55
C ILE V 208 -68.33 56.56 -75.79
N TYR V 209 -67.61 57.00 -74.76
CA TYR V 209 -66.88 58.27 -74.77
C TYR V 209 -65.37 58.04 -74.92
N GLY V 210 -64.69 58.85 -75.73
CA GLY V 210 -63.23 58.80 -75.91
C GLY V 210 -62.65 57.53 -76.55
N ASN V 211 -63.44 56.73 -77.28
CA ASN V 211 -63.05 55.40 -77.76
C ASN V 211 -63.24 55.26 -79.28
N LEU V 212 -62.29 54.62 -79.98
CA LEU V 212 -62.41 54.24 -81.39
C LEU V 212 -62.69 52.73 -81.60
N ASN V 213 -62.67 51.95 -80.53
CA ASN V 213 -63.06 50.54 -80.48
C ASN V 213 -64.20 50.32 -79.44
N PRO V 214 -65.32 51.06 -79.50
CA PRO V 214 -66.36 51.06 -78.47
C PRO V 214 -67.10 49.73 -78.35
N VAL V 215 -67.60 49.38 -77.16
CA VAL V 215 -68.59 48.31 -76.97
C VAL V 215 -69.87 48.92 -76.40
N TRP V 216 -70.99 48.81 -77.11
CA TRP V 216 -72.32 49.19 -76.64
C TRP V 216 -73.10 48.02 -76.05
N GLU V 217 -73.24 46.91 -76.79
CA GLU V 217 -74.17 45.81 -76.50
C GLU V 217 -75.63 46.30 -76.29
N GLU V 218 -76.09 47.28 -77.09
CA GLU V 218 -77.38 47.94 -76.92
C GLU V 218 -78.41 47.52 -77.98
N ASN V 219 -79.59 47.09 -77.54
CA ASN V 219 -80.59 46.46 -78.39
C ASN V 219 -81.76 47.37 -78.75
N PHE V 220 -82.11 47.37 -80.03
CA PHE V 220 -83.24 48.07 -80.60
C PHE V 220 -84.21 47.11 -81.25
N HIS V 221 -85.43 47.09 -80.74
CA HIS V 221 -86.51 46.41 -81.42
C HIS V 221 -87.05 47.26 -82.56
N PHE V 222 -87.42 46.61 -83.66
CA PHE V 222 -88.03 47.18 -84.85
C PHE V 222 -89.06 46.23 -85.44
N GLU V 223 -89.93 46.77 -86.27
CA GLU V 223 -90.87 46.01 -87.09
C GLU V 223 -90.55 46.21 -88.57
N CYS V 224 -90.46 45.10 -89.28
CA CYS V 224 -90.35 45.06 -90.73
C CYS V 224 -91.49 44.21 -91.30
N HIS V 225 -91.99 44.58 -92.47
CA HIS V 225 -93.14 43.94 -93.12
C HIS V 225 -92.80 43.51 -94.56
N ASN V 226 -91.52 43.49 -94.91
CA ASN V 226 -91.01 43.32 -96.27
C ASN V 226 -89.57 42.81 -96.25
N SER V 227 -89.33 41.60 -96.76
CA SER V 227 -87.97 41.04 -96.88
C SER V 227 -87.03 41.86 -97.76
N SER V 228 -87.57 42.71 -98.66
CA SER V 228 -86.79 43.67 -99.45
C SER V 228 -86.53 45.01 -98.74
N ASP V 229 -86.92 45.22 -97.47
CA ASP V 229 -86.48 46.39 -96.69
C ASP V 229 -84.97 46.37 -96.45
N ARG V 230 -84.44 47.51 -95.96
CA ARG V 230 -83.09 47.58 -95.39
C ARG V 230 -83.14 48.03 -93.95
N ILE V 231 -82.27 47.44 -93.14
CA ILE V 231 -81.75 48.07 -91.92
C ILE V 231 -80.70 49.12 -92.34
N LYS V 232 -80.70 50.28 -91.70
CA LYS V 232 -79.63 51.28 -91.76
C LYS V 232 -78.99 51.42 -90.37
N VAL V 233 -77.68 51.33 -90.26
CA VAL V 233 -76.95 51.49 -88.99
C VAL V 233 -75.85 52.53 -89.17
N ARG V 234 -75.81 53.55 -88.32
CA ARG V 234 -74.97 54.73 -88.51
C ARG V 234 -74.29 55.13 -87.21
N VAL V 235 -73.00 55.41 -87.23
CA VAL V 235 -72.17 55.68 -86.06
C VAL V 235 -71.89 57.18 -86.02
N TRP V 236 -72.00 57.80 -84.84
CA TRP V 236 -71.94 59.23 -84.64
C TRP V 236 -71.07 59.57 -83.45
N ASP V 237 -70.18 60.52 -83.60
CA ASP V 237 -69.44 61.09 -82.49
C ASP V 237 -70.34 62.10 -81.73
N GLU V 238 -70.66 61.84 -80.47
CA GLU V 238 -71.61 62.69 -79.76
C GLU V 238 -71.05 64.08 -79.46
N ASP V 239 -71.36 65.06 -80.31
CA ASP V 239 -71.03 66.46 -80.08
C ASP V 239 -72.16 67.15 -79.31
N ASP V 240 -71.92 67.50 -78.05
CA ASP V 240 -72.78 68.41 -77.29
C ASP V 240 -71.99 69.68 -76.96
N ASP V 241 -72.00 70.61 -77.91
CA ASP V 241 -71.25 71.87 -77.86
C ASP V 241 -71.96 72.96 -78.69
N ILE V 242 -71.50 74.22 -78.61
CA ILE V 242 -72.13 75.33 -79.35
C ILE V 242 -72.18 75.03 -80.86
N LYS V 243 -71.14 74.39 -81.41
CA LYS V 243 -71.13 73.92 -82.80
C LYS V 243 -72.28 72.96 -83.09
N SER V 244 -72.54 71.94 -82.28
CA SER V 244 -73.66 71.02 -82.53
C SER V 244 -75.01 71.72 -82.36
N ARG V 245 -75.17 72.60 -81.36
CA ARG V 245 -76.37 73.44 -81.20
C ARG V 245 -76.64 74.36 -82.39
N VAL V 246 -75.60 74.85 -83.06
CA VAL V 246 -75.71 75.56 -84.36
C VAL V 246 -76.04 74.60 -85.49
N LYS V 247 -75.29 73.49 -85.64
CA LYS V 247 -75.49 72.49 -86.70
C LYS V 247 -76.92 71.93 -86.72
N GLN V 248 -77.55 71.76 -85.56
CA GLN V 248 -78.95 71.30 -85.44
C GLN V 248 -79.99 72.18 -86.18
N ARG V 249 -79.62 73.41 -86.55
CA ARG V 249 -80.45 74.37 -87.31
C ARG V 249 -80.34 74.17 -88.84
N PHE V 250 -79.41 73.32 -89.31
CA PHE V 250 -79.05 73.16 -90.73
C PHE V 250 -78.85 71.69 -91.20
N LYS V 251 -78.40 70.77 -90.34
CA LYS V 251 -78.24 69.32 -90.60
C LYS V 251 -78.90 68.48 -89.50
N ARG V 252 -79.57 67.37 -89.88
CA ARG V 252 -80.24 66.43 -88.95
C ARG V 252 -79.29 65.63 -88.04
N GLU V 253 -78.03 65.49 -88.41
CA GLU V 253 -77.08 64.55 -87.80
C GLU V 253 -75.97 65.31 -87.05
N SER V 254 -76.34 65.95 -85.94
CA SER V 254 -75.52 66.92 -85.18
C SER V 254 -74.29 66.36 -84.44
N ASP V 255 -73.85 65.16 -84.78
CA ASP V 255 -72.98 64.31 -83.97
C ASP V 255 -72.01 63.61 -84.92
N ASP V 256 -70.79 64.15 -85.08
CA ASP V 256 -69.99 63.98 -86.28
C ASP V 256 -69.84 62.50 -86.70
N PHE V 257 -70.36 62.21 -87.87
CA PHE V 257 -70.59 60.86 -88.34
C PHE V 257 -69.29 60.07 -88.56
N LEU V 258 -69.29 58.86 -88.01
CA LEU V 258 -68.16 57.94 -87.94
C LEU V 258 -68.24 56.78 -88.93
N GLY V 259 -69.40 56.60 -89.57
CA GLY V 259 -69.60 55.62 -90.64
C GLY V 259 -70.91 54.84 -90.54
N GLN V 260 -71.33 54.14 -91.59
CA GLN V 260 -72.57 53.35 -91.60
C GLN V 260 -72.42 51.97 -92.23
N THR V 261 -73.38 51.08 -91.96
CA THR V 261 -73.64 49.87 -92.75
C THR V 261 -75.13 49.78 -93.07
N ILE V 262 -75.47 49.19 -94.21
CA ILE V 262 -76.85 49.02 -94.68
C ILE V 262 -77.02 47.56 -95.10
N ILE V 263 -78.10 46.92 -94.62
CA ILE V 263 -78.25 45.45 -94.65
C ILE V 263 -79.64 45.08 -95.18
N GLU V 264 -79.74 44.22 -96.20
CA GLU V 264 -81.04 43.77 -96.72
C GLU V 264 -81.73 42.83 -95.75
N VAL V 265 -83.03 43.03 -95.52
CA VAL V 265 -83.78 42.18 -94.59
C VAL V 265 -83.77 40.70 -95.01
N ARG V 266 -83.71 40.36 -96.32
CA ARG V 266 -83.58 38.96 -96.75
C ARG V 266 -82.22 38.31 -96.49
N THR V 267 -81.17 39.07 -96.16
CA THR V 267 -79.92 38.45 -95.64
C THR V 267 -80.09 38.00 -94.20
N LEU V 268 -81.11 38.51 -93.49
CA LEU V 268 -81.40 38.15 -92.12
C LEU V 268 -82.22 36.87 -92.01
N SER V 269 -82.06 36.20 -90.89
CA SER V 269 -82.90 35.08 -90.43
C SER V 269 -82.73 34.94 -88.91
N GLY V 270 -83.66 34.28 -88.23
CA GLY V 270 -83.48 33.76 -86.87
C GLY V 270 -82.75 34.69 -85.89
N GLU V 271 -81.48 34.41 -85.65
CA GLU V 271 -80.54 35.25 -84.89
C GLU V 271 -79.18 35.34 -85.60
N MET V 272 -78.52 36.50 -85.53
CA MET V 272 -77.25 36.80 -86.17
C MET V 272 -76.32 37.56 -85.21
N ASP V 273 -75.01 37.49 -85.46
CA ASP V 273 -73.96 38.23 -84.76
C ASP V 273 -72.74 38.42 -85.68
N VAL V 274 -72.68 39.58 -86.33
CA VAL V 274 -71.85 39.84 -87.53
C VAL V 274 -71.18 41.20 -87.39
N TRP V 275 -69.94 41.38 -87.88
CA TRP V 275 -69.37 42.72 -88.04
C TRP V 275 -69.12 43.15 -89.48
N TYR V 276 -69.48 44.40 -89.73
CA TYR V 276 -69.64 45.07 -91.02
C TYR V 276 -68.68 46.25 -91.11
N ASN V 277 -67.86 46.35 -92.15
CA ASN V 277 -67.07 47.56 -92.38
C ASN V 277 -67.97 48.78 -92.63
N LEU V 278 -67.51 49.96 -92.21
CA LEU V 278 -68.27 51.21 -92.25
C LEU V 278 -68.02 52.06 -93.50
N ASP V 279 -69.06 52.79 -93.89
CA ASP V 279 -69.19 53.57 -95.13
C ASP V 279 -69.58 55.04 -94.86
N LYS V 280 -69.30 55.95 -95.82
CA LYS V 280 -69.66 57.38 -95.76
C LYS V 280 -71.18 57.64 -95.92
N ARG V 281 -71.62 58.86 -95.58
CA ARG V 281 -72.99 59.38 -95.84
C ARG V 281 -73.00 60.88 -96.09
N THR V 282 -72.84 61.66 -95.02
CA THR V 282 -72.98 63.13 -95.01
C THR V 282 -71.78 63.84 -95.64
N ASP V 283 -71.94 65.13 -95.90
CA ASP V 283 -70.85 66.03 -96.32
C ASP V 283 -69.69 66.12 -95.29
N LYS V 284 -69.98 65.84 -94.01
CA LYS V 284 -69.02 65.82 -92.88
C LYS V 284 -68.26 64.49 -92.70
N SER V 285 -68.50 63.49 -93.55
CA SER V 285 -68.00 62.12 -93.37
C SER V 285 -66.48 61.99 -93.56
N ALA V 286 -65.77 61.49 -92.55
CA ALA V 286 -64.51 60.76 -92.69
C ALA V 286 -64.69 59.46 -91.89
N VAL V 287 -64.39 58.31 -92.51
CA VAL V 287 -64.88 57.00 -92.04
C VAL V 287 -63.77 55.96 -92.10
N SER V 288 -63.73 55.06 -91.12
CA SER V 288 -62.85 53.90 -91.08
C SER V 288 -63.41 52.82 -90.14
N GLY V 289 -62.90 51.60 -90.24
CA GLY V 289 -63.23 50.52 -89.31
C GLY V 289 -64.56 49.81 -89.58
N ALA V 290 -65.09 49.13 -88.56
CA ALA V 290 -66.23 48.24 -88.65
C ALA V 290 -67.12 48.25 -87.40
N ILE V 291 -68.39 47.86 -87.55
CA ILE V 291 -69.39 47.70 -86.49
C ILE V 291 -69.90 46.26 -86.39
N ARG V 292 -69.88 45.68 -85.20
CA ARG V 292 -70.51 44.41 -84.87
C ARG V 292 -71.95 44.62 -84.42
N LEU V 293 -72.86 43.93 -85.09
CA LEU V 293 -74.28 43.89 -84.80
C LEU V 293 -74.70 42.46 -84.53
N HIS V 294 -75.27 42.23 -83.36
CA HIS V 294 -76.19 41.14 -83.18
C HIS V 294 -77.57 41.58 -83.71
N ILE V 295 -78.26 40.71 -84.43
CA ILE V 295 -79.55 41.03 -85.08
C ILE V 295 -80.42 39.77 -84.98
N SER V 296 -81.44 39.80 -84.15
CA SER V 296 -82.49 38.78 -84.14
C SER V 296 -83.67 39.20 -85.03
N VAL V 297 -84.34 38.22 -85.64
CA VAL V 297 -85.45 38.39 -86.56
C VAL V 297 -86.50 37.31 -86.31
N GLU V 298 -87.63 37.73 -85.74
CA GLU V 298 -88.65 36.83 -85.23
C GLU V 298 -89.67 36.35 -86.27
N ILE V 299 -89.19 36.16 -87.50
CA ILE V 299 -89.78 35.16 -88.41
C ILE V 299 -89.53 33.74 -87.87
N LYS V 300 -88.50 33.62 -87.02
CA LYS V 300 -88.28 32.55 -86.05
C LYS V 300 -89.56 32.14 -85.31
N GLY V 301 -89.83 30.85 -85.22
CA GLY V 301 -91.03 30.27 -84.58
C GLY V 301 -90.66 29.24 -83.52
N GLU V 302 -91.29 28.06 -83.57
CA GLU V 302 -90.91 26.89 -82.77
C GLU V 302 -89.58 26.30 -83.27
N GLU V 303 -88.48 26.99 -82.98
CA GLU V 303 -87.15 26.39 -83.06
C GLU V 303 -86.87 25.50 -81.84
N LYS V 304 -87.67 25.66 -80.77
CA LYS V 304 -87.63 24.90 -79.51
C LYS V 304 -87.97 23.41 -79.62
N VAL V 305 -87.89 22.83 -80.81
CA VAL V 305 -88.30 21.45 -81.07
C VAL V 305 -87.55 20.53 -80.13
N ALA V 306 -88.28 19.69 -79.39
CA ALA V 306 -87.60 18.45 -79.03
C ALA V 306 -87.39 17.74 -80.39
N PRO V 307 -86.24 17.08 -80.64
CA PRO V 307 -85.96 16.43 -81.92
C PRO V 307 -87.16 15.58 -82.24
N TYR V 308 -87.72 15.71 -83.44
CA TYR V 308 -89.15 15.47 -83.57
C TYR V 308 -89.59 14.03 -83.30
N HIS V 309 -88.63 13.12 -83.34
CA HIS V 309 -88.55 11.86 -82.61
C HIS V 309 -89.22 11.92 -81.23
N VAL V 310 -88.67 12.68 -80.31
CA VAL V 310 -89.11 12.84 -78.93
C VAL V 310 -90.51 13.43 -78.87
N GLN V 311 -90.79 14.42 -79.71
CA GLN V 311 -92.14 14.97 -79.77
C GLN V 311 -93.17 13.94 -80.21
N TYR V 312 -92.82 13.13 -81.21
CA TYR V 312 -93.61 12.03 -81.68
C TYR V 312 -93.77 10.97 -80.58
N THR V 313 -92.72 10.69 -79.82
CA THR V 313 -92.78 9.72 -78.72
C THR V 313 -93.77 10.17 -77.66
N CYS V 314 -93.68 11.42 -77.23
CA CYS V 314 -94.61 12.03 -76.28
C CYS V 314 -96.04 11.91 -76.79
N LEU V 315 -96.27 12.30 -78.03
CA LEU V 315 -97.55 12.13 -78.69
C LEU V 315 -98.00 10.67 -78.60
N HIS V 316 -97.16 9.75 -79.04
CA HIS V 316 -97.45 8.33 -79.11
C HIS V 316 -97.75 7.70 -77.75
N GLU V 317 -97.00 8.03 -76.72
CA GLU V 317 -97.20 7.50 -75.38
C GLU V 317 -98.51 7.97 -74.78
N ASN V 318 -98.76 9.27 -74.92
CA ASN V 318 -100.02 9.86 -74.50
C ASN V 318 -101.17 9.22 -75.25
N LEU V 319 -101.04 9.09 -76.56
CA LEU V 319 -102.09 8.48 -77.35
C LEU V 319 -102.28 7.02 -76.92
N PHE V 320 -101.20 6.25 -76.74
CA PHE V 320 -101.26 4.85 -76.36
C PHE V 320 -101.94 4.64 -75.02
N HIS V 321 -101.53 5.37 -73.98
CA HIS V 321 -102.21 5.28 -72.70
C HIS V 321 -103.68 5.68 -72.89
N PHE V 322 -103.95 6.72 -73.69
CA PHE V 322 -105.31 7.20 -73.84
C PHE V 322 -106.17 6.13 -74.48
N VAL V 323 -105.70 5.50 -75.54
CA VAL V 323 -106.41 4.44 -76.22
C VAL V 323 -106.56 3.25 -75.29
N THR V 324 -105.45 2.66 -74.86
CA THR V 324 -105.52 1.41 -74.10
C THR V 324 -106.21 1.63 -72.79
N ASP V 325 -105.76 2.59 -72.02
CA ASP V 325 -106.26 2.85 -70.68
C ASP V 325 -107.53 3.67 -70.73
N VAL V 326 -107.53 4.85 -71.33
CA VAL V 326 -108.69 5.74 -71.17
C VAL V 326 -109.89 5.25 -71.95
N GLN V 327 -109.72 4.95 -73.23
CA GLN V 327 -110.83 4.48 -74.07
C GLN V 327 -111.14 3.01 -73.75
N ASN V 328 -110.11 2.19 -73.62
CA ASN V 328 -110.26 0.74 -73.55
C ASN V 328 -110.02 0.15 -72.17
N ASN V 329 -109.94 0.99 -71.13
CA ASN V 329 -109.95 0.56 -69.74
C ASN V 329 -108.80 -0.42 -69.45
N GLY V 330 -107.66 -0.17 -70.07
CA GLY V 330 -106.43 -0.96 -70.01
C GLY V 330 -106.36 -2.08 -71.03
N VAL V 331 -107.49 -2.47 -71.62
CA VAL V 331 -107.49 -3.46 -72.71
C VAL V 331 -106.75 -2.84 -73.88
N VAL V 332 -105.83 -3.60 -74.45
CA VAL V 332 -105.21 -3.20 -75.70
C VAL V 332 -106.16 -3.53 -76.85
N LYS V 333 -106.88 -2.53 -77.37
CA LYS V 333 -107.48 -2.63 -78.72
C LYS V 333 -106.36 -2.75 -79.74
N ILE V 334 -106.26 -3.88 -80.43
CA ILE V 334 -105.30 -4.06 -81.53
C ILE V 334 -105.79 -3.18 -82.72
N PRO V 335 -104.93 -2.36 -83.36
CA PRO V 335 -105.31 -1.22 -84.21
C PRO V 335 -106.29 -1.47 -85.35
N ASP V 336 -106.80 -0.40 -85.97
CA ASP V 336 -107.29 -0.47 -87.35
C ASP V 336 -106.10 -0.58 -88.33
N ALA V 337 -105.35 -1.67 -88.17
CA ALA V 337 -104.08 -1.98 -88.78
C ALA V 337 -104.21 -2.74 -90.11
N LYS V 338 -103.19 -2.65 -90.97
CA LYS V 338 -103.18 -3.26 -92.32
C LYS V 338 -101.89 -4.01 -92.58
N GLY V 339 -102.00 -5.26 -93.06
CA GLY V 339 -100.88 -6.19 -93.30
C GLY V 339 -100.05 -6.57 -92.07
N ASP V 340 -98.91 -7.19 -92.29
CA ASP V 340 -97.84 -7.34 -91.29
C ASP V 340 -97.38 -5.96 -90.77
N ASP V 341 -97.47 -4.98 -91.67
CA ASP V 341 -97.44 -3.53 -91.49
C ASP V 341 -98.50 -2.97 -90.51
N ALA V 342 -99.26 -3.84 -89.84
CA ALA V 342 -99.82 -3.56 -88.53
C ALA V 342 -98.74 -3.01 -87.59
N TRP V 343 -97.51 -3.48 -87.76
CA TRP V 343 -96.34 -2.96 -87.10
C TRP V 343 -96.06 -1.47 -87.36
N LYS V 344 -96.66 -0.87 -88.39
CA LYS V 344 -96.64 0.55 -88.74
C LYS V 344 -97.99 1.26 -88.57
N VAL V 345 -99.07 0.51 -88.34
CA VAL V 345 -100.36 1.09 -88.04
C VAL V 345 -100.67 0.78 -86.62
N TYR V 346 -100.32 1.75 -85.79
CA TYR V 346 -100.40 1.66 -84.36
C TYR V 346 -101.82 1.87 -83.87
N TYR V 347 -102.66 2.55 -84.66
CA TYR V 347 -103.99 2.95 -84.22
C TYR V 347 -105.04 2.92 -85.33
N ASP V 348 -106.26 3.17 -84.90
CA ASP V 348 -107.39 3.63 -85.69
C ASP V 348 -107.06 4.86 -86.52
N GLU V 349 -107.77 5.08 -87.62
CA GLU V 349 -107.56 6.17 -88.58
C GLU V 349 -107.19 7.49 -87.91
N THR V 350 -107.99 7.93 -86.95
CA THR V 350 -107.88 9.30 -86.43
C THR V 350 -106.53 9.47 -85.75
N ALA V 351 -106.23 8.52 -84.86
CA ALA V 351 -104.99 8.43 -84.12
C ALA V 351 -103.79 8.12 -85.02
N GLN V 352 -104.00 7.27 -86.03
CA GLN V 352 -102.99 6.92 -86.98
C GLN V 352 -102.60 8.12 -87.83
N GLU V 353 -103.58 8.85 -88.33
CA GLU V 353 -103.38 10.11 -89.02
C GLU V 353 -102.76 11.17 -88.13
N ILE V 354 -103.13 11.24 -86.85
CA ILE V 354 -102.45 12.10 -85.88
C ILE V 354 -100.94 11.81 -85.89
N VAL V 355 -100.55 10.57 -85.58
CA VAL V 355 -99.12 10.27 -85.46
C VAL V 355 -98.41 10.32 -86.80
N ASP V 356 -99.10 9.99 -87.89
CA ASP V 356 -98.53 10.05 -89.21
C ASP V 356 -98.39 11.49 -89.71
N GLU V 357 -99.39 12.38 -89.60
CA GLU V 357 -99.22 13.79 -89.95
C GLU V 357 -98.10 14.44 -89.16
N PHE V 358 -97.91 14.03 -87.91
CA PHE V 358 -96.76 14.42 -87.11
C PHE V 358 -95.46 13.84 -87.69
N ALA V 359 -95.38 12.53 -87.89
CA ALA V 359 -94.23 11.87 -88.50
C ALA V 359 -93.98 12.25 -89.97
N MET V 360 -94.93 12.91 -90.62
CA MET V 360 -94.81 13.44 -91.98
C MET V 360 -94.33 14.88 -91.91
N ARG V 361 -95.11 15.77 -91.30
CA ARG V 361 -94.74 17.18 -91.11
C ARG V 361 -93.37 17.29 -90.43
N TYR V 362 -93.06 16.31 -89.58
CA TYR V 362 -91.82 16.25 -88.82
C TYR V 362 -91.00 14.98 -89.05
N GLY V 363 -91.19 14.30 -90.18
CA GLY V 363 -90.27 13.33 -90.78
C GLY V 363 -90.00 12.00 -90.04
N VAL V 364 -90.44 11.84 -88.79
CA VAL V 364 -90.07 10.73 -87.89
C VAL V 364 -90.17 9.36 -88.55
N GLU V 365 -89.05 8.63 -88.57
CA GLU V 365 -88.91 7.39 -89.33
C GLU V 365 -89.79 6.25 -88.79
N SER V 366 -90.33 5.43 -89.69
CA SER V 366 -91.25 4.33 -89.39
C SER V 366 -90.76 3.37 -88.29
N ILE V 367 -89.47 3.03 -88.27
CA ILE V 367 -88.88 2.18 -87.24
C ILE V 367 -88.90 2.84 -85.86
N TYR V 368 -88.66 4.14 -85.77
CA TYR V 368 -88.72 4.87 -84.51
C TYR V 368 -90.14 4.87 -83.95
N GLN V 369 -91.12 5.07 -84.83
CA GLN V 369 -92.54 4.95 -84.52
C GLN V 369 -92.88 3.55 -83.96
N ALA V 370 -92.38 2.49 -84.60
CA ALA V 370 -92.57 1.10 -84.20
C ALA V 370 -91.94 0.73 -82.84
N MET V 371 -90.68 1.09 -82.60
CA MET V 371 -90.02 0.77 -81.32
C MET V 371 -90.73 1.45 -80.14
N THR V 372 -91.20 2.68 -80.37
CA THR V 372 -92.06 3.44 -79.44
C THR V 372 -93.34 2.66 -79.11
N HIS V 373 -94.02 2.15 -80.12
CA HIS V 373 -95.20 1.30 -79.94
C HIS V 373 -94.89 -0.03 -79.24
N PHE V 374 -93.77 -0.67 -79.53
CA PHE V 374 -93.41 -1.92 -78.87
C PHE V 374 -93.09 -1.67 -77.37
N ALA V 375 -92.45 -0.54 -77.05
CA ALA V 375 -92.27 -0.09 -75.67
C ALA V 375 -93.61 0.08 -74.96
N CYS V 376 -94.55 0.80 -75.59
CA CYS V 376 -95.92 0.88 -75.13
C CYS V 376 -96.53 -0.52 -74.90
N LEU V 377 -96.61 -1.39 -75.91
CA LEU V 377 -97.23 -2.72 -75.81
C LEU V 377 -96.65 -3.57 -74.68
N SER V 378 -95.34 -3.48 -74.43
CA SER V 378 -94.69 -4.31 -73.42
C SER V 378 -95.26 -4.10 -72.01
N SER V 379 -95.82 -2.91 -71.74
CA SER V 379 -96.50 -2.61 -70.48
C SER V 379 -97.84 -3.33 -70.32
N LYS V 380 -98.30 -4.04 -71.36
CA LYS V 380 -99.61 -4.71 -71.46
C LYS V 380 -99.51 -6.13 -72.03
N TYR V 381 -98.31 -6.73 -72.12
CA TYR V 381 -98.05 -7.90 -72.99
C TYR V 381 -98.97 -9.12 -72.75
N MET V 382 -99.51 -9.24 -71.54
CA MET V 382 -100.40 -10.30 -71.05
C MET V 382 -101.81 -10.26 -71.67
N CYS V 383 -102.23 -9.12 -72.24
CA CYS V 383 -103.55 -9.00 -72.88
C CYS V 383 -103.70 -9.97 -74.07
N PRO V 384 -104.91 -10.51 -74.34
CA PRO V 384 -105.08 -11.55 -75.35
C PRO V 384 -104.66 -11.10 -76.76
N GLY V 385 -104.03 -11.98 -77.54
CA GLY V 385 -103.52 -11.66 -78.87
C GLY V 385 -102.26 -10.78 -78.90
N VAL V 386 -101.99 -9.98 -77.87
CA VAL V 386 -100.81 -9.09 -77.82
C VAL V 386 -99.49 -9.86 -78.07
N PRO V 387 -99.28 -11.11 -77.64
CA PRO V 387 -98.04 -11.82 -77.97
C PRO V 387 -97.87 -12.13 -79.45
N ALA V 388 -98.97 -12.35 -80.17
CA ALA V 388 -98.93 -12.45 -81.61
C ALA V 388 -98.52 -11.10 -82.23
N VAL V 389 -99.13 -10.00 -81.77
CA VAL V 389 -98.82 -8.65 -82.26
C VAL V 389 -97.38 -8.28 -81.94
N MET V 390 -96.90 -8.55 -80.73
CA MET V 390 -95.52 -8.27 -80.36
C MET V 390 -94.58 -9.23 -81.10
N SER V 391 -94.94 -10.49 -81.35
CA SER V 391 -94.13 -11.37 -82.19
C SER V 391 -93.99 -10.78 -83.58
N THR V 392 -95.09 -10.26 -84.11
CA THR V 392 -95.17 -9.59 -85.40
C THR V 392 -94.31 -8.33 -85.40
N LEU V 393 -94.59 -7.42 -84.49
CA LEU V 393 -93.90 -6.15 -84.36
C LEU V 393 -92.41 -6.35 -84.18
N LEU V 394 -92.01 -7.35 -83.39
CA LEU V 394 -90.61 -7.69 -83.21
C LEU V 394 -90.01 -8.40 -84.41
N ALA V 395 -90.73 -9.30 -85.07
CA ALA V 395 -90.27 -9.86 -86.33
C ALA V 395 -89.97 -8.74 -87.34
N ASN V 396 -90.78 -7.70 -87.35
CA ASN V 396 -90.56 -6.54 -88.18
C ASN V 396 -89.44 -5.62 -87.70
N ILE V 397 -89.39 -5.23 -86.43
CA ILE V 397 -88.27 -4.44 -85.88
C ILE V 397 -86.94 -5.18 -86.08
N ASN V 398 -86.96 -6.51 -85.90
CA ASN V 398 -85.86 -7.36 -86.27
C ASN V 398 -85.57 -7.24 -87.75
N ALA V 399 -86.53 -7.56 -88.61
CA ALA V 399 -86.33 -7.54 -90.05
C ALA V 399 -85.85 -6.17 -90.53
N TYR V 400 -86.27 -5.11 -89.85
CA TYR V 400 -85.83 -3.77 -90.08
C TYR V 400 -84.33 -3.63 -89.82
N TYR V 401 -83.88 -3.79 -88.59
CA TYR V 401 -82.48 -3.58 -88.27
C TYR V 401 -81.56 -4.67 -88.83
N ALA V 402 -82.05 -5.89 -88.98
CA ALA V 402 -81.33 -7.01 -89.53
C ALA V 402 -81.22 -6.95 -91.06
N HIS V 403 -82.24 -6.45 -91.77
CA HIS V 403 -82.31 -6.57 -93.24
C HIS V 403 -82.65 -5.26 -93.96
N THR V 404 -83.61 -4.46 -93.48
CA THR V 404 -83.88 -3.17 -94.16
C THR V 404 -82.68 -2.25 -94.00
N THR V 405 -82.18 -1.72 -95.12
CA THR V 405 -80.91 -0.97 -95.18
C THR V 405 -79.68 -1.75 -94.67
N ALA V 406 -79.74 -3.09 -94.60
CA ALA V 406 -78.54 -3.93 -94.51
C ALA V 406 -77.67 -3.88 -95.78
N SER V 407 -78.15 -3.21 -96.83
CA SER V 407 -77.35 -2.64 -97.91
C SER V 407 -76.24 -1.71 -97.40
N THR V 408 -76.48 -0.98 -96.30
CA THR V 408 -75.41 -0.32 -95.54
C THR V 408 -74.55 -1.40 -94.87
N ASN V 409 -73.24 -1.32 -95.07
CA ASN V 409 -72.29 -2.32 -94.58
C ASN V 409 -72.16 -2.34 -93.05
N VAL V 410 -72.71 -1.33 -92.38
CA VAL V 410 -72.88 -1.24 -90.92
C VAL V 410 -73.61 -2.47 -90.39
N SER V 411 -73.18 -3.01 -89.24
CA SER V 411 -73.80 -4.20 -88.67
C SER V 411 -75.25 -3.95 -88.24
N ALA V 412 -76.01 -5.04 -88.05
CA ALA V 412 -77.36 -4.90 -87.55
C ALA V 412 -77.37 -4.29 -86.16
N SER V 413 -76.44 -4.68 -85.30
CA SER V 413 -76.32 -4.18 -83.93
C SER V 413 -75.92 -2.72 -83.91
N ASP V 414 -75.20 -2.25 -84.92
CA ASP V 414 -74.73 -0.88 -85.05
C ASP V 414 -75.73 0.04 -85.75
N ARG V 415 -76.43 -0.45 -86.78
CA ARG V 415 -77.56 0.26 -87.37
C ARG V 415 -78.65 0.43 -86.32
N PHE V 416 -78.85 -0.62 -85.53
CA PHE V 416 -79.64 -0.58 -84.32
C PHE V 416 -79.08 0.39 -83.26
N ALA V 417 -77.76 0.48 -83.07
CA ALA V 417 -77.19 1.53 -82.23
C ALA V 417 -77.50 2.94 -82.75
N ALA V 418 -77.38 3.17 -84.05
CA ALA V 418 -77.76 4.42 -84.70
C ALA V 418 -79.27 4.69 -84.66
N SER V 419 -80.06 3.77 -84.12
CA SER V 419 -81.44 4.05 -83.82
C SER V 419 -81.58 5.30 -82.98
N ASN V 420 -82.29 6.29 -83.50
CA ASN V 420 -82.62 7.50 -82.76
C ASN V 420 -83.47 7.17 -81.52
N PHE V 421 -84.13 6.01 -81.48
CA PHE V 421 -84.85 5.54 -80.28
C PHE V 421 -83.88 5.26 -79.12
N GLY V 422 -82.65 4.84 -79.42
CA GLY V 422 -81.71 4.36 -78.41
C GLY V 422 -81.76 2.83 -78.34
N LYS V 423 -80.75 2.19 -78.92
CA LYS V 423 -80.57 0.73 -78.85
C LYS V 423 -80.79 0.17 -77.46
N GLU V 424 -80.05 0.69 -76.51
CA GLU V 424 -80.03 0.29 -75.10
C GLU V 424 -81.43 0.22 -74.49
N ARG V 425 -82.16 1.32 -74.58
CA ARG V 425 -83.56 1.45 -74.19
C ARG V 425 -84.40 0.30 -74.75
N PHE V 426 -84.13 -0.09 -76.00
CA PHE V 426 -84.82 -1.19 -76.63
C PHE V 426 -84.33 -2.58 -76.15
N VAL V 427 -83.03 -2.76 -75.97
CA VAL V 427 -82.44 -3.99 -75.44
C VAL V 427 -82.99 -4.31 -74.04
N LYS V 428 -82.98 -3.31 -73.16
CA LYS V 428 -83.53 -3.41 -71.80
C LYS V 428 -84.98 -3.92 -71.86
N LEU V 429 -85.78 -3.24 -72.65
CA LEU V 429 -87.19 -3.49 -72.89
C LEU V 429 -87.44 -4.95 -73.35
N LEU V 430 -86.65 -5.44 -74.31
CA LEU V 430 -86.71 -6.84 -74.75
C LEU V 430 -86.35 -7.80 -73.61
N ASP V 431 -85.31 -7.52 -72.85
CA ASP V 431 -84.85 -8.41 -71.79
C ASP V 431 -85.87 -8.52 -70.66
N GLN V 432 -86.44 -7.39 -70.25
CA GLN V 432 -87.54 -7.35 -69.28
C GLN V 432 -88.71 -8.19 -69.76
N LEU V 433 -89.12 -7.96 -71.00
CA LEU V 433 -90.22 -8.68 -71.61
C LEU V 433 -89.92 -10.17 -71.64
N HIS V 434 -88.78 -10.56 -72.22
CA HIS V 434 -88.32 -11.94 -72.31
C HIS V 434 -88.36 -12.63 -70.95
N ASN V 435 -87.80 -11.99 -69.94
CA ASN V 435 -87.83 -12.47 -68.59
C ASN V 435 -89.29 -12.70 -68.14
N SER V 436 -90.14 -11.70 -68.34
CA SER V 436 -91.56 -11.81 -68.02
C SER V 436 -92.23 -12.98 -68.76
N LEU V 437 -91.82 -13.28 -69.99
CA LEU V 437 -92.27 -14.46 -70.71
C LEU V 437 -91.76 -15.74 -70.03
N ARG V 438 -90.43 -15.88 -69.85
CA ARG V 438 -89.77 -17.00 -69.15
C ARG V 438 -90.49 -17.32 -67.84
N ILE V 439 -90.80 -16.27 -67.09
CA ILE V 439 -91.53 -16.35 -65.84
C ILE V 439 -92.87 -17.03 -66.07
N ASP V 440 -93.68 -16.47 -66.95
CA ASP V 440 -95.02 -16.98 -67.19
C ASP V 440 -94.97 -18.44 -67.66
N LEU V 441 -94.01 -18.77 -68.52
CA LEU V 441 -93.76 -20.10 -69.01
C LEU V 441 -93.32 -21.06 -67.91
N SER V 442 -92.57 -20.58 -66.92
CA SER V 442 -92.13 -21.43 -65.82
C SER V 442 -93.29 -21.97 -65.00
N MET V 443 -94.45 -21.31 -65.08
CA MET V 443 -95.72 -21.86 -64.66
C MET V 443 -96.73 -21.85 -65.79
N TYR V 444 -96.32 -22.42 -66.93
CA TYR V 444 -97.17 -22.46 -68.10
C TYR V 444 -98.56 -23.00 -67.79
N ARG V 445 -98.65 -24.06 -66.97
CA ARG V 445 -99.92 -24.75 -66.73
C ARG V 445 -100.90 -23.81 -66.04
N ASN V 446 -100.41 -23.13 -65.01
CA ASN V 446 -101.23 -22.23 -64.21
C ASN V 446 -101.53 -20.94 -64.97
N ASN V 447 -100.57 -20.42 -65.73
CA ASN V 447 -100.72 -19.17 -66.46
C ASN V 447 -101.51 -19.31 -67.77
N PHE V 448 -101.50 -20.49 -68.39
CA PHE V 448 -102.10 -20.78 -69.69
C PHE V 448 -102.80 -22.13 -69.66
N PRO V 449 -103.86 -22.25 -68.85
CA PRO V 449 -104.50 -23.53 -68.60
C PRO V 449 -105.02 -24.14 -69.89
N ALA V 450 -104.92 -25.46 -70.01
CA ALA V 450 -105.33 -26.21 -71.19
C ALA V 450 -106.82 -25.97 -71.52
N SER V 451 -107.61 -25.80 -70.47
CA SER V 451 -109.03 -25.42 -70.52
C SER V 451 -109.30 -24.07 -71.18
N SER V 452 -108.29 -23.22 -71.37
CA SER V 452 -108.37 -22.05 -72.24
C SER V 452 -107.51 -22.26 -73.49
N PRO V 453 -108.13 -22.70 -74.59
CA PRO V 453 -107.49 -22.70 -75.92
C PRO V 453 -106.96 -21.34 -76.30
N GLU V 454 -107.64 -20.27 -75.86
CA GLU V 454 -107.21 -18.90 -76.09
C GLU V 454 -105.89 -18.63 -75.40
N ARG V 455 -105.76 -19.00 -74.12
CA ARG V 455 -104.48 -18.91 -73.46
C ARG V 455 -103.49 -19.94 -73.96
N LEU V 456 -103.90 -21.11 -74.46
CA LEU V 456 -103.01 -21.97 -75.24
C LEU V 456 -102.54 -21.28 -76.52
N GLN V 457 -103.35 -20.46 -77.16
CA GLN V 457 -102.89 -19.75 -78.34
C GLN V 457 -102.01 -18.58 -77.98
N ASP V 458 -102.39 -17.78 -76.99
CA ASP V 458 -101.50 -16.77 -76.47
C ASP V 458 -100.18 -17.40 -76.05
N LEU V 459 -100.20 -18.57 -75.41
CA LEU V 459 -99.03 -19.39 -75.08
C LEU V 459 -98.24 -19.71 -76.36
N LYS V 460 -98.89 -20.23 -77.39
CA LYS V 460 -98.24 -20.52 -78.67
C LYS V 460 -97.59 -19.26 -79.28
N SER V 461 -98.35 -18.17 -79.41
CA SER V 461 -97.88 -16.85 -79.83
C SER V 461 -96.82 -16.26 -78.93
N THR V 462 -96.79 -16.61 -77.65
CA THR V 462 -95.75 -16.22 -76.69
C THR V 462 -94.46 -16.93 -77.06
N VAL V 463 -94.49 -18.22 -77.36
CA VAL V 463 -93.28 -18.94 -77.75
C VAL V 463 -92.85 -18.49 -79.15
N ASP V 464 -93.78 -18.15 -80.01
CA ASP V 464 -93.48 -17.46 -81.27
C ASP V 464 -92.83 -16.09 -81.02
N LEU V 465 -93.32 -15.32 -80.05
CA LEU V 465 -92.63 -14.10 -79.62
C LEU V 465 -91.25 -14.41 -79.04
N LEU V 466 -91.08 -15.45 -78.23
CA LEU V 466 -89.81 -15.78 -77.60
C LEU V 466 -88.79 -16.25 -78.65
N THR V 467 -89.22 -17.00 -79.66
CA THR V 467 -88.39 -17.26 -80.84
C THR V 467 -88.06 -15.94 -81.53
N SER V 468 -89.02 -15.04 -81.72
CA SER V 468 -88.78 -13.71 -82.29
C SER V 468 -87.77 -12.86 -81.50
N ILE V 469 -87.77 -12.92 -80.17
CA ILE V 469 -86.76 -12.26 -79.31
C ILE V 469 -85.40 -12.95 -79.43
N THR V 470 -85.35 -14.28 -79.38
CA THR V 470 -84.09 -15.04 -79.53
C THR V 470 -83.43 -14.71 -80.86
N PHE V 471 -84.24 -14.66 -81.90
CA PHE V 471 -83.89 -14.21 -83.24
C PHE V 471 -83.44 -12.75 -83.26
N PHE V 472 -84.11 -11.82 -82.59
CA PHE V 472 -83.57 -10.45 -82.42
C PHE V 472 -82.19 -10.41 -81.76
N ARG V 473 -81.99 -11.16 -80.67
CA ARG V 473 -80.70 -11.22 -79.99
C ARG V 473 -79.62 -11.77 -80.93
N MET V 474 -79.95 -12.83 -81.64
CA MET V 474 -79.07 -13.46 -82.60
C MET V 474 -78.77 -12.58 -83.82
N LYS V 475 -79.77 -11.86 -84.34
CA LYS V 475 -79.70 -11.18 -85.63
C LYS V 475 -79.44 -9.69 -85.52
N VAL V 476 -80.12 -9.01 -84.62
CA VAL V 476 -79.97 -7.57 -84.44
C VAL V 476 -78.92 -7.25 -83.40
N GLN V 477 -78.99 -7.82 -82.20
CA GLN V 477 -77.88 -7.64 -81.25
C GLN V 477 -76.63 -8.43 -81.69
N GLU V 478 -76.79 -9.37 -82.62
CA GLU V 478 -75.71 -10.16 -83.21
C GLU V 478 -75.01 -11.07 -82.20
N LEU V 479 -75.70 -11.40 -81.11
CA LEU V 479 -75.23 -12.31 -80.08
C LEU V 479 -75.03 -13.71 -80.66
N GLN V 480 -73.97 -14.39 -80.21
CA GLN V 480 -73.39 -15.57 -80.87
C GLN V 480 -73.96 -16.87 -80.31
N SER V 481 -74.14 -16.89 -78.99
CA SER V 481 -74.79 -17.95 -78.24
C SER V 481 -75.82 -17.35 -77.28
N PRO V 482 -76.87 -16.67 -77.78
CA PRO V 482 -78.02 -16.32 -76.96
C PRO V 482 -78.66 -17.60 -76.38
N PRO V 483 -79.46 -17.48 -75.31
CA PRO V 483 -80.19 -18.62 -74.74
C PRO V 483 -81.10 -19.29 -75.77
N ARG V 484 -80.90 -20.59 -76.03
CA ARG V 484 -81.65 -21.30 -77.07
C ARG V 484 -83.11 -21.45 -76.66
N ALA V 485 -84.03 -21.01 -77.51
CA ALA V 485 -85.47 -20.94 -77.21
C ALA V 485 -86.03 -22.28 -76.69
N SER V 486 -85.65 -23.42 -77.29
CA SER V 486 -86.07 -24.74 -76.78
C SER V 486 -85.57 -25.04 -75.36
N GLN V 487 -84.30 -24.76 -75.02
CA GLN V 487 -83.78 -25.03 -73.68
C GLN V 487 -84.40 -24.09 -72.63
N VAL V 488 -84.51 -22.80 -72.97
CA VAL V 488 -85.20 -21.78 -72.17
C VAL V 488 -86.59 -22.26 -71.74
N VAL V 489 -87.34 -22.78 -72.71
CA VAL V 489 -88.69 -23.31 -72.49
C VAL V 489 -88.63 -24.63 -71.73
N LYS V 490 -87.71 -25.55 -72.05
CA LYS V 490 -87.56 -26.85 -71.37
C LYS V 490 -87.30 -26.67 -69.88
N ASP V 491 -86.48 -25.70 -69.50
CA ASP V 491 -86.33 -25.29 -68.11
C ASP V 491 -87.67 -24.88 -67.50
N CYS V 492 -88.41 -24.02 -68.17
CA CYS V 492 -89.72 -23.56 -67.72
C CYS V 492 -90.71 -24.71 -67.55
N VAL V 493 -90.63 -25.71 -68.43
CA VAL V 493 -91.50 -26.87 -68.39
C VAL V 493 -91.14 -27.77 -67.24
N LYS V 494 -89.85 -28.10 -67.13
CA LYS V 494 -89.32 -28.81 -65.98
C LYS V 494 -89.70 -28.11 -64.71
N ALA V 495 -89.59 -26.78 -64.67
CA ALA V 495 -90.02 -25.97 -63.55
C ALA V 495 -91.50 -26.23 -63.26
N CYS V 496 -92.36 -25.98 -64.25
CA CYS V 496 -93.78 -26.14 -64.08
C CYS V 496 -94.18 -27.57 -63.66
N LEU V 497 -93.51 -28.59 -64.21
CA LEU V 497 -93.67 -30.00 -63.85
C LEU V 497 -93.24 -30.29 -62.42
N ASN V 498 -92.11 -29.76 -61.98
CA ASN V 498 -91.65 -29.98 -60.61
C ASN V 498 -92.56 -29.28 -59.61
N SER V 499 -93.02 -28.06 -59.90
CA SER V 499 -94.03 -27.37 -59.10
C SER V 499 -95.31 -28.17 -59.02
N THR V 500 -95.70 -28.75 -60.17
CA THR V 500 -96.80 -29.70 -60.20
C THR V 500 -96.50 -30.87 -59.26
N TYR V 501 -95.32 -31.51 -59.34
CA TYR V 501 -95.04 -32.72 -58.55
C TYR V 501 -95.03 -32.44 -57.06
N GLU V 502 -94.28 -31.42 -56.64
CA GLU V 502 -94.25 -30.97 -55.26
C GLU V 502 -95.69 -30.80 -54.78
N TYR V 503 -96.46 -30.04 -55.55
CA TYR V 503 -97.80 -29.72 -55.16
C TYR V 503 -98.64 -31.00 -55.07
N ILE V 504 -98.54 -31.93 -56.02
CA ILE V 504 -99.30 -33.17 -55.93
C ILE V 504 -98.84 -34.08 -54.80
N PHE V 505 -97.54 -34.17 -54.52
CA PHE V 505 -97.03 -35.07 -53.50
C PHE V 505 -97.37 -34.57 -52.10
N ASN V 506 -97.50 -33.26 -51.95
CA ASN V 506 -97.88 -32.61 -50.71
C ASN V 506 -99.40 -32.50 -50.53
N ASN V 507 -100.16 -32.46 -51.63
CA ASN V 507 -101.60 -32.20 -51.63
C ASN V 507 -102.39 -33.32 -52.32
N CYS V 508 -101.86 -34.56 -52.32
CA CYS V 508 -102.44 -35.68 -53.06
C CYS V 508 -103.91 -35.83 -52.79
N HIS V 509 -104.31 -35.65 -51.52
CA HIS V 509 -105.68 -35.87 -51.17
C HIS V 509 -106.62 -34.80 -51.64
N GLU V 510 -106.24 -33.54 -51.50
CA GLU V 510 -107.01 -32.41 -51.97
C GLU V 510 -107.20 -32.47 -53.49
N LEU V 511 -106.13 -32.86 -54.19
CA LEU V 511 -106.13 -32.98 -55.62
C LEU V 511 -106.90 -34.20 -56.09
N TYR V 512 -106.52 -35.39 -55.65
CA TYR V 512 -107.22 -36.61 -56.01
C TYR V 512 -108.66 -36.60 -55.56
N GLY V 513 -108.85 -36.11 -54.34
CA GLY V 513 -110.09 -35.64 -53.79
C GLY V 513 -110.94 -34.99 -54.85
N ARG V 514 -110.68 -33.72 -55.11
CA ARG V 514 -111.49 -32.91 -56.03
C ARG V 514 -111.52 -33.46 -57.46
N GLU V 515 -110.42 -34.00 -57.97
CA GLU V 515 -110.30 -34.40 -59.36
C GLU V 515 -110.96 -35.77 -59.68
N TYR V 516 -111.05 -36.71 -58.74
CA TYR V 516 -111.61 -38.06 -59.03
C TYR V 516 -112.31 -38.81 -57.88
N GLN V 517 -112.08 -38.45 -56.62
CA GLN V 517 -112.19 -39.39 -55.50
C GLN V 517 -113.52 -40.12 -55.41
N THR V 518 -113.45 -41.45 -55.31
CA THR V 518 -114.57 -42.41 -55.30
C THR V 518 -115.49 -42.31 -54.05
N ASP V 519 -115.38 -41.25 -53.25
CA ASP V 519 -116.26 -40.91 -52.13
C ASP V 519 -116.22 -39.37 -51.93
N PRO V 520 -117.34 -38.64 -52.07
CA PRO V 520 -117.36 -37.18 -51.98
C PRO V 520 -116.90 -36.64 -50.61
N ALA V 521 -117.08 -37.40 -49.53
CA ALA V 521 -116.61 -37.02 -48.19
C ALA V 521 -115.07 -36.99 -48.08
N LYS V 522 -114.38 -37.56 -49.07
CA LYS V 522 -112.92 -37.64 -49.14
C LYS V 522 -112.28 -36.66 -50.16
N LYS V 523 -113.05 -35.67 -50.68
CA LYS V 523 -112.53 -34.62 -51.58
C LYS V 523 -111.74 -33.50 -50.88
N GLY V 524 -112.01 -33.25 -49.61
CA GLY V 524 -111.47 -32.13 -48.85
C GLY V 524 -110.04 -32.33 -48.33
N GLU V 525 -109.62 -31.45 -47.42
CA GLU V 525 -108.32 -31.49 -46.73
C GLU V 525 -108.23 -32.63 -45.70
N VAL V 526 -108.21 -33.86 -46.22
CA VAL V 526 -107.79 -35.07 -45.51
C VAL V 526 -106.41 -34.85 -44.86
N PRO V 527 -106.10 -35.49 -43.71
CA PRO V 527 -104.89 -35.18 -42.95
C PRO V 527 -103.61 -35.20 -43.80
N PRO V 528 -102.61 -34.33 -43.52
CA PRO V 528 -101.36 -34.31 -44.28
C PRO V 528 -100.69 -35.67 -44.42
N GLU V 529 -100.80 -36.55 -43.42
CA GLU V 529 -100.35 -37.95 -43.45
C GLU V 529 -101.14 -38.87 -44.42
N GLU V 530 -102.00 -38.26 -45.24
CA GLU V 530 -102.88 -38.88 -46.23
C GLU V 530 -102.96 -38.01 -47.52
N GLN V 531 -102.35 -36.82 -47.50
CA GLN V 531 -102.06 -35.93 -48.65
C GLN V 531 -100.62 -36.03 -49.12
N GLY V 532 -99.79 -36.46 -48.18
CA GLY V 532 -98.57 -37.19 -48.37
C GLY V 532 -98.83 -38.61 -47.87
N PRO V 533 -97.78 -39.40 -47.66
CA PRO V 533 -97.92 -40.85 -47.44
C PRO V 533 -98.60 -41.26 -46.13
N SER V 534 -99.44 -42.30 -46.20
CA SER V 534 -99.99 -43.02 -45.02
C SER V 534 -99.21 -44.27 -44.69
N ILE V 535 -99.09 -44.58 -43.40
CA ILE V 535 -98.68 -45.92 -42.98
C ILE V 535 -99.85 -46.90 -42.84
N LYS V 536 -101.09 -46.40 -42.73
CA LYS V 536 -102.30 -47.22 -42.50
C LYS V 536 -102.83 -47.90 -43.75
N ASN V 537 -102.67 -47.25 -44.91
CA ASN V 537 -103.31 -47.62 -46.17
C ASN V 537 -102.43 -47.34 -47.38
N LEU V 538 -102.77 -47.94 -48.52
CA LEU V 538 -102.09 -47.76 -49.81
C LEU V 538 -102.82 -46.79 -50.74
N ASP V 539 -103.86 -46.14 -50.23
CA ASP V 539 -104.83 -45.45 -51.06
C ASP V 539 -104.25 -44.15 -51.58
N PHE V 540 -103.54 -43.39 -50.73
CA PHE V 540 -102.72 -42.27 -51.16
C PHE V 540 -101.91 -42.60 -52.42
N TRP V 541 -101.35 -43.79 -52.50
CA TRP V 541 -100.53 -44.22 -53.63
C TRP V 541 -101.36 -44.58 -54.85
N SER V 542 -102.49 -45.27 -54.69
CA SER V 542 -103.42 -45.47 -55.82
C SER V 542 -103.90 -44.13 -56.38
N LYS V 543 -104.02 -43.14 -55.50
CA LYS V 543 -104.49 -41.80 -55.81
C LYS V 543 -103.44 -40.99 -56.51
N LEU V 544 -102.21 -41.06 -56.00
CA LEU V 544 -101.03 -40.48 -56.62
C LEU V 544 -100.80 -41.07 -58.01
N ILE V 545 -100.99 -42.38 -58.21
CA ILE V 545 -100.91 -43.01 -59.54
C ILE V 545 -101.86 -42.32 -60.52
N THR V 546 -103.11 -42.11 -60.14
CA THR V 546 -104.09 -41.47 -61.03
C THR V 546 -103.76 -40.00 -61.33
N LEU V 547 -103.28 -39.26 -60.34
CA LEU V 547 -102.80 -37.88 -60.54
C LEU V 547 -101.73 -37.84 -61.61
N ILE V 548 -100.74 -38.72 -61.47
CA ILE V 548 -99.62 -38.79 -62.38
C ILE V 548 -100.10 -39.05 -63.82
N VAL V 549 -100.94 -40.06 -64.01
CA VAL V 549 -101.59 -40.38 -65.29
C VAL V 549 -102.23 -39.14 -65.88
N SER V 550 -103.10 -38.48 -65.12
CA SER V 550 -103.85 -37.32 -65.57
C SER V 550 -102.97 -36.17 -66.08
N ILE V 551 -101.92 -35.85 -65.34
CA ILE V 551 -101.00 -34.80 -65.73
C ILE V 551 -100.26 -35.15 -67.02
N ILE V 552 -99.72 -36.37 -67.09
CA ILE V 552 -98.97 -36.79 -68.27
C ILE V 552 -99.87 -36.74 -69.49
N GLU V 553 -101.13 -37.15 -69.32
CA GLU V 553 -102.13 -36.95 -70.34
C GLU V 553 -102.29 -35.49 -70.74
N GLU V 554 -102.57 -34.57 -69.83
CA GLU V 554 -102.72 -33.16 -70.22
C GLU V 554 -101.50 -32.62 -70.97
N ASP V 555 -100.30 -33.00 -70.54
CA ASP V 555 -99.06 -32.60 -71.18
C ASP V 555 -98.88 -33.20 -72.56
N LYS V 556 -99.11 -34.50 -72.68
CA LYS V 556 -99.12 -35.21 -73.94
C LYS V 556 -100.15 -34.64 -74.89
N ASN V 557 -101.31 -34.25 -74.37
CA ASN V 557 -102.51 -34.08 -75.18
C ASN V 557 -102.81 -32.61 -75.47
N SER V 558 -102.69 -31.71 -74.50
CA SER V 558 -102.94 -30.29 -74.72
C SER V 558 -101.67 -29.51 -74.98
N TYR V 559 -100.62 -29.77 -74.19
CA TYR V 559 -99.45 -28.92 -74.24
C TYR V 559 -98.45 -29.33 -75.31
N THR V 560 -98.21 -30.62 -75.53
CA THR V 560 -97.31 -31.06 -76.62
C THR V 560 -97.74 -30.49 -77.97
N PRO V 561 -99.05 -30.44 -78.30
CA PRO V 561 -99.51 -29.76 -79.50
C PRO V 561 -99.45 -28.24 -79.43
N CYS V 562 -99.82 -27.64 -78.30
CA CYS V 562 -99.74 -26.18 -78.16
C CYS V 562 -98.31 -25.67 -78.39
N LEU V 563 -97.32 -26.44 -77.93
CA LEU V 563 -95.90 -26.08 -77.89
C LEU V 563 -95.05 -26.88 -78.86
N ASN V 564 -95.57 -27.03 -80.05
CA ASN V 564 -94.94 -27.75 -81.12
C ASN V 564 -93.70 -27.05 -81.74
N GLN V 565 -93.34 -25.81 -81.39
CA GLN V 565 -92.30 -25.03 -82.10
C GLN V 565 -90.94 -25.74 -82.15
N PHE V 566 -90.65 -26.58 -81.17
CA PHE V 566 -89.45 -27.40 -81.13
C PHE V 566 -89.89 -28.86 -80.97
N PRO V 567 -90.51 -29.46 -81.98
CA PRO V 567 -91.18 -30.75 -81.81
C PRO V 567 -90.18 -31.87 -81.51
N GLN V 568 -89.04 -31.82 -82.19
CA GLN V 568 -87.88 -32.69 -82.02
C GLN V 568 -87.28 -32.59 -80.61
N GLU V 569 -87.35 -31.41 -80.01
CA GLU V 569 -86.72 -31.14 -78.73
C GLU V 569 -87.70 -31.13 -77.55
N LEU V 570 -89.01 -31.02 -77.80
CA LEU V 570 -89.98 -30.60 -76.80
C LEU V 570 -91.31 -31.40 -76.90
N ASN V 571 -91.22 -32.73 -76.74
CA ASN V 571 -92.38 -33.57 -76.42
C ASN V 571 -92.80 -33.37 -74.96
N VAL V 572 -93.77 -32.49 -74.70
CA VAL V 572 -94.19 -32.13 -73.33
C VAL V 572 -94.71 -33.36 -72.57
N GLY V 573 -95.39 -34.29 -73.25
CA GLY V 573 -95.85 -35.54 -72.66
C GLY V 573 -94.74 -36.45 -72.14
N LYS V 574 -93.65 -36.62 -72.89
CA LYS V 574 -92.49 -37.41 -72.41
C LYS V 574 -91.75 -36.75 -71.25
N ILE V 575 -91.49 -35.44 -71.34
CA ILE V 575 -90.80 -34.69 -70.26
C ILE V 575 -91.62 -34.80 -68.98
N SER V 576 -92.95 -34.70 -69.10
CA SER V 576 -93.88 -34.96 -68.04
C SER V 576 -93.69 -36.38 -67.46
N ALA V 577 -93.86 -37.45 -68.25
CA ALA V 577 -93.74 -38.82 -67.74
C ALA V 577 -92.42 -39.09 -67.00
N GLU V 578 -91.29 -38.66 -67.56
CA GLU V 578 -89.99 -38.83 -66.91
C GLU V 578 -89.92 -38.10 -65.57
N VAL V 579 -90.19 -36.78 -65.58
CA VAL V 579 -90.05 -35.94 -64.39
C VAL V 579 -90.91 -36.52 -63.27
N MET V 580 -92.18 -36.77 -63.58
CA MET V 580 -93.15 -37.23 -62.60
C MET V 580 -92.83 -38.61 -62.06
N TRP V 581 -92.49 -39.59 -62.91
CA TRP V 581 -92.11 -40.92 -62.44
C TRP V 581 -90.90 -40.85 -61.53
N SER V 582 -89.89 -40.06 -61.90
CA SER V 582 -88.63 -40.03 -61.15
C SER V 582 -88.93 -39.64 -59.71
N LEU V 583 -89.64 -38.53 -59.58
CA LEU V 583 -90.02 -37.96 -58.31
C LEU V 583 -90.91 -38.95 -57.53
N PHE V 584 -91.84 -39.58 -58.22
CA PHE V 584 -92.66 -40.63 -57.65
C PHE V 584 -91.87 -41.81 -57.10
N ALA V 585 -90.96 -42.37 -57.89
CA ALA V 585 -90.40 -43.70 -57.63
C ALA V 585 -89.60 -43.67 -56.34
N GLN V 586 -88.89 -42.55 -56.13
CA GLN V 586 -88.20 -42.26 -54.87
C GLN V 586 -89.19 -42.37 -53.71
N ASP V 587 -90.29 -41.65 -53.83
CA ASP V 587 -91.24 -41.52 -52.77
C ASP V 587 -91.93 -42.85 -52.47
N MET V 588 -92.33 -43.56 -53.53
CA MET V 588 -92.89 -44.89 -53.42
C MET V 588 -91.94 -45.89 -52.78
N LYS V 589 -90.67 -45.94 -53.20
CA LYS V 589 -89.74 -46.87 -52.59
C LYS V 589 -89.70 -46.67 -51.08
N TYR V 590 -89.55 -45.43 -50.61
CA TYR V 590 -89.50 -45.18 -49.17
C TYR V 590 -90.79 -45.59 -48.48
N ALA V 591 -91.92 -45.40 -49.16
CA ALA V 591 -93.20 -45.80 -48.64
C ALA V 591 -93.31 -47.29 -48.40
N MET V 592 -92.95 -48.07 -49.40
CA MET V 592 -92.98 -49.52 -49.29
C MET V 592 -92.04 -50.00 -48.19
N GLU V 593 -90.85 -49.41 -48.07
CA GLU V 593 -89.99 -49.69 -46.92
C GLU V 593 -90.65 -49.36 -45.59
N GLU V 594 -91.39 -48.27 -45.51
CA GLU V 594 -92.06 -47.86 -44.28
C GLU V 594 -93.21 -48.80 -43.89
N HIS V 595 -94.09 -49.13 -44.85
CA HIS V 595 -95.12 -50.14 -44.68
C HIS V 595 -94.52 -51.44 -44.16
N ASP V 596 -93.34 -51.81 -44.64
CA ASP V 596 -92.75 -53.08 -44.29
C ASP V 596 -92.44 -53.20 -42.79
N LYS V 597 -92.16 -52.08 -42.14
CA LYS V 597 -91.89 -52.03 -40.69
C LYS V 597 -93.16 -52.16 -39.85
N HIS V 598 -94.34 -51.88 -40.44
CA HIS V 598 -95.60 -51.73 -39.70
C HIS V 598 -96.66 -52.77 -40.06
N ARG V 599 -96.77 -53.10 -41.36
CA ARG V 599 -97.63 -54.15 -41.91
C ARG V 599 -99.11 -53.98 -41.53
N LEU V 600 -99.60 -52.75 -41.61
CA LEU V 600 -100.98 -52.39 -41.24
C LEU V 600 -101.99 -52.74 -42.34
N CYS V 601 -101.64 -52.49 -43.61
CA CYS V 601 -102.36 -53.04 -44.77
C CYS V 601 -102.10 -54.56 -44.88
N LYS V 602 -103.02 -55.34 -45.44
CA LYS V 602 -102.85 -56.79 -45.62
C LYS V 602 -101.86 -57.06 -46.76
N SER V 603 -101.19 -58.22 -46.74
CA SER V 603 -100.34 -58.71 -47.84
C SER V 603 -100.96 -58.41 -49.20
N ALA V 604 -102.21 -58.85 -49.36
CA ALA V 604 -103.10 -58.66 -50.51
C ALA V 604 -103.13 -57.22 -51.04
N ASP V 605 -103.20 -56.22 -50.16
CA ASP V 605 -103.29 -54.82 -50.55
C ASP V 605 -102.01 -54.42 -51.29
N TYR V 606 -100.84 -54.83 -50.77
CA TYR V 606 -99.58 -54.59 -51.45
C TYR V 606 -99.50 -55.37 -52.75
N MET V 607 -100.07 -56.57 -52.83
CA MET V 607 -100.13 -57.31 -54.10
C MET V 607 -100.99 -56.55 -55.13
N ASN V 608 -102.14 -56.01 -54.72
CA ASN V 608 -102.98 -55.18 -55.58
C ASN V 608 -102.22 -53.94 -56.03
N LEU V 609 -101.57 -53.25 -55.09
CA LEU V 609 -100.72 -52.10 -55.40
C LEU V 609 -99.61 -52.49 -56.37
N HIS V 610 -99.00 -53.65 -56.18
CA HIS V 610 -97.99 -54.16 -57.09
C HIS V 610 -98.57 -54.26 -58.49
N PHE V 611 -99.75 -54.83 -58.70
CA PHE V 611 -100.31 -54.90 -60.05
C PHE V 611 -100.55 -53.50 -60.65
N LYS V 612 -101.04 -52.55 -59.85
CA LYS V 612 -101.23 -51.17 -60.30
C LYS V 612 -99.91 -50.54 -60.70
N VAL V 613 -98.88 -50.70 -59.87
CA VAL V 613 -97.56 -50.12 -60.12
C VAL V 613 -96.89 -50.77 -61.32
N LYS V 614 -96.97 -52.09 -61.36
CA LYS V 614 -96.50 -52.90 -62.47
C LYS V 614 -97.13 -52.38 -63.75
N TRP V 615 -98.46 -52.28 -63.76
CA TRP V 615 -99.15 -51.65 -64.87
C TRP V 615 -98.61 -50.26 -65.17
N LEU V 616 -98.51 -49.37 -64.17
CA LEU V 616 -98.16 -47.98 -64.42
C LEU V 616 -96.79 -47.85 -65.08
N TYR V 617 -95.79 -48.52 -64.51
CA TYR V 617 -94.44 -48.50 -65.06
C TYR V 617 -94.47 -49.04 -66.47
N ASN V 618 -95.10 -50.21 -66.62
CA ASN V 618 -95.15 -50.91 -67.88
C ASN V 618 -95.97 -50.16 -68.93
N GLU V 619 -96.84 -49.24 -68.50
CA GLU V 619 -97.47 -48.26 -69.36
C GLU V 619 -96.49 -47.12 -69.64
N TYR V 620 -96.40 -46.15 -68.73
CA TYR V 620 -95.81 -44.86 -69.07
C TYR V 620 -94.29 -44.91 -69.13
N VAL V 621 -93.67 -45.66 -68.23
CA VAL V 621 -92.29 -45.42 -67.84
C VAL V 621 -91.33 -46.28 -68.63
N ALA V 622 -91.66 -47.56 -68.76
CA ALA V 622 -90.79 -48.57 -69.35
C ALA V 622 -90.29 -48.19 -70.74
N GLU V 623 -91.05 -47.41 -71.51
CA GLU V 623 -90.70 -47.05 -72.88
C GLU V 623 -89.90 -45.77 -73.00
N LEU V 624 -89.83 -44.95 -71.95
CA LEU V 624 -88.88 -43.84 -71.94
C LEU V 624 -87.48 -44.48 -71.98
N PRO V 625 -86.56 -44.01 -72.83
CA PRO V 625 -85.26 -44.66 -73.04
C PRO V 625 -84.55 -44.94 -71.73
N THR V 626 -84.55 -43.94 -70.86
CA THR V 626 -84.00 -43.95 -69.50
C THR V 626 -84.39 -45.19 -68.70
N PHE V 627 -85.57 -45.77 -68.90
CA PHE V 627 -86.06 -46.90 -68.10
C PHE V 627 -86.29 -48.16 -68.94
N LYS V 628 -86.39 -48.01 -70.26
CA LYS V 628 -86.18 -49.12 -71.19
C LYS V 628 -84.79 -49.69 -71.05
N ASP V 629 -83.82 -48.83 -70.76
CA ASP V 629 -82.44 -49.20 -70.44
C ASP V 629 -82.28 -50.14 -69.23
N ARG V 630 -83.31 -50.39 -68.40
CA ARG V 630 -83.17 -51.03 -67.08
C ARG V 630 -84.17 -52.14 -66.77
N VAL V 631 -83.69 -53.14 -66.01
CA VAL V 631 -84.53 -54.02 -65.20
C VAL V 631 -85.27 -53.14 -64.18
N PRO V 632 -86.60 -53.18 -64.12
CA PRO V 632 -87.36 -52.32 -63.22
C PRO V 632 -87.03 -52.63 -61.77
N GLU V 633 -86.81 -51.58 -60.99
CA GLU V 633 -86.40 -51.74 -59.60
C GLU V 633 -87.58 -51.88 -58.65
N TYR V 634 -88.76 -51.41 -59.04
CA TYR V 634 -89.97 -51.50 -58.24
C TYR V 634 -90.28 -52.85 -57.59
N PRO V 635 -89.91 -54.02 -58.15
CA PRO V 635 -90.23 -55.29 -57.52
C PRO V 635 -89.53 -55.48 -56.17
N ALA V 636 -88.37 -54.84 -55.99
CA ALA V 636 -87.68 -54.83 -54.71
C ALA V 636 -88.54 -54.21 -53.61
N TRP V 637 -89.43 -53.29 -53.96
CA TRP V 637 -90.33 -52.66 -53.01
C TRP V 637 -91.33 -53.67 -52.45
N PHE V 638 -91.98 -54.40 -53.36
CA PHE V 638 -93.07 -55.30 -53.02
C PHE V 638 -92.60 -56.63 -52.44
N GLU V 639 -91.38 -57.02 -52.75
CA GLU V 639 -90.83 -58.33 -52.40
C GLU V 639 -91.06 -58.78 -50.94
N PRO V 640 -90.88 -57.92 -49.93
CA PRO V 640 -91.14 -58.33 -48.57
C PRO V 640 -92.61 -58.69 -48.32
N PHE V 641 -93.51 -57.98 -48.97
CA PHE V 641 -94.95 -58.19 -48.86
C PHE V 641 -95.38 -59.46 -49.56
N VAL V 642 -94.69 -59.79 -50.64
CA VAL V 642 -94.82 -61.07 -51.31
C VAL V 642 -94.29 -62.19 -50.44
N ILE V 643 -93.17 -61.98 -49.78
CA ILE V 643 -92.63 -62.97 -48.87
C ILE V 643 -93.60 -63.14 -47.69
N GLN V 644 -94.09 -62.07 -47.11
CA GLN V 644 -95.14 -62.11 -46.10
C GLN V 644 -96.33 -62.92 -46.60
N TRP V 645 -96.76 -62.62 -47.81
CA TRP V 645 -97.81 -63.39 -48.40
C TRP V 645 -97.42 -64.88 -48.48
N LEU V 646 -96.23 -65.22 -48.97
CA LEU V 646 -95.70 -66.59 -49.03
C LEU V 646 -95.69 -67.25 -47.65
N ASP V 647 -95.52 -66.46 -46.61
CA ASP V 647 -95.49 -66.93 -45.24
C ASP V 647 -96.89 -67.26 -44.79
N GLU V 648 -97.80 -66.29 -44.89
CA GLU V 648 -99.22 -66.49 -44.60
C GLU V 648 -99.70 -67.72 -45.36
N ASN V 649 -99.35 -67.77 -46.63
CA ASN V 649 -99.65 -68.85 -47.52
C ASN V 649 -99.10 -70.17 -47.01
N GLU V 650 -97.81 -70.27 -46.68
CA GLU V 650 -97.30 -71.55 -46.23
C GLU V 650 -98.01 -72.04 -44.97
N GLU V 651 -98.26 -71.14 -44.03
CA GLU V 651 -98.83 -71.57 -42.76
C GLU V 651 -100.27 -72.04 -42.95
N VAL V 652 -101.05 -71.25 -43.68
CA VAL V 652 -102.35 -71.68 -44.19
C VAL V 652 -102.23 -73.03 -44.88
N SER V 653 -101.25 -73.20 -45.77
CA SER V 653 -101.04 -74.45 -46.50
C SER V 653 -100.71 -75.61 -45.57
N ARG V 654 -100.04 -75.38 -44.45
CA ARG V 654 -99.64 -76.44 -43.54
C ARG V 654 -100.81 -76.81 -42.66
N ASP V 655 -101.59 -75.82 -42.25
CA ASP V 655 -102.87 -76.07 -41.58
C ASP V 655 -103.85 -76.82 -42.48
N PHE V 656 -103.97 -76.37 -43.73
CA PHE V 656 -104.72 -77.05 -44.78
C PHE V 656 -104.22 -78.48 -44.96
N LEU V 657 -102.91 -78.70 -45.03
CA LEU V 657 -102.30 -80.02 -45.21
C LEU V 657 -102.78 -80.98 -44.12
N HIS V 658 -102.73 -80.53 -42.88
CA HIS V 658 -103.17 -81.34 -41.77
C HIS V 658 -104.66 -81.61 -41.87
N GLY V 659 -105.47 -80.59 -42.16
CA GLY V 659 -106.89 -80.79 -42.43
C GLY V 659 -107.14 -81.83 -43.52
N ALA V 660 -106.48 -81.72 -44.67
CA ALA V 660 -106.66 -82.61 -45.82
C ALA V 660 -106.27 -84.05 -45.48
N LEU V 661 -105.09 -84.23 -44.87
CA LEU V 661 -104.65 -85.53 -44.39
C LEU V 661 -105.67 -86.12 -43.43
N GLU V 662 -106.20 -85.31 -42.52
CA GLU V 662 -107.12 -85.77 -41.51
C GLU V 662 -108.49 -86.11 -42.11
N ARG V 663 -108.99 -85.34 -43.08
CA ARG V 663 -110.21 -85.67 -43.84
C ARG V 663 -110.06 -86.97 -44.60
N ASP V 664 -108.90 -87.16 -45.22
CA ASP V 664 -108.57 -88.39 -45.92
C ASP V 664 -108.44 -89.57 -44.94
N LYS V 665 -107.81 -89.35 -43.78
CA LYS V 665 -107.73 -90.31 -42.68
C LYS V 665 -109.08 -90.71 -42.17
N LYS V 666 -109.99 -89.74 -42.05
CA LYS V 666 -111.37 -89.97 -41.67
C LYS V 666 -112.09 -90.78 -42.75
N ASP V 667 -111.81 -90.49 -44.01
CA ASP V 667 -112.13 -91.37 -45.12
C ASP V 667 -111.29 -92.68 -45.16
N GLY V 668 -110.61 -93.07 -44.09
CA GLY V 668 -109.82 -94.30 -44.01
C GLY V 668 -108.73 -94.42 -45.08
N PHE V 669 -108.32 -93.31 -45.70
CA PHE V 669 -107.45 -93.24 -46.87
C PHE V 669 -107.89 -94.11 -48.05
N GLN V 670 -109.14 -94.01 -48.49
CA GLN V 670 -109.53 -94.66 -49.75
C GLN V 670 -108.69 -94.14 -50.93
N GLN V 671 -108.40 -95.03 -51.89
CA GLN V 671 -107.85 -94.58 -53.16
C GLN V 671 -108.86 -93.72 -53.90
N THR V 672 -108.37 -92.69 -54.56
CA THR V 672 -109.16 -91.67 -55.25
C THR V 672 -110.06 -92.29 -56.32
N SER V 673 -109.60 -93.41 -56.88
CA SER V 673 -110.42 -94.45 -57.48
C SER V 673 -109.59 -95.73 -57.48
N GLU V 674 -110.20 -96.86 -57.81
CA GLU V 674 -109.49 -98.14 -57.83
C GLU V 674 -108.31 -98.21 -58.82
N HIS V 675 -108.19 -97.21 -59.69
CA HIS V 675 -107.11 -96.99 -60.62
C HIS V 675 -106.34 -95.68 -60.37
N ALA V 676 -106.92 -94.69 -59.66
CA ALA V 676 -106.21 -93.53 -59.10
C ALA V 676 -105.75 -93.88 -57.68
N LEU V 677 -104.60 -94.54 -57.62
CA LEU V 677 -104.18 -95.42 -56.53
C LEU V 677 -103.80 -94.71 -55.21
N PHE V 678 -103.55 -93.42 -55.28
CA PHE V 678 -103.36 -92.54 -54.13
C PHE V 678 -104.70 -92.04 -53.62
N SER V 679 -104.76 -91.53 -52.40
CA SER V 679 -105.92 -90.90 -51.81
C SER V 679 -105.95 -89.37 -52.00
N CYS V 680 -107.13 -88.80 -51.77
CA CYS V 680 -107.50 -87.47 -52.25
C CYS V 680 -106.63 -86.33 -51.72
N SER V 681 -106.11 -86.46 -50.50
CA SER V 681 -105.28 -85.43 -49.88
C SER V 681 -104.10 -85.05 -50.77
N VAL V 682 -103.54 -86.01 -51.51
CA VAL V 682 -102.46 -85.72 -52.44
C VAL V 682 -102.86 -84.66 -53.45
N VAL V 683 -104.05 -84.86 -54.00
CA VAL V 683 -104.66 -84.02 -55.01
C VAL V 683 -104.93 -82.65 -54.42
N ASP V 684 -105.58 -82.61 -53.26
CA ASP V 684 -105.93 -81.38 -52.57
C ASP V 684 -104.70 -80.53 -52.34
N VAL V 685 -103.63 -81.18 -51.89
CA VAL V 685 -102.38 -80.53 -51.60
C VAL V 685 -101.78 -79.97 -52.89
N PHE V 686 -101.67 -80.78 -53.94
CA PHE V 686 -101.17 -80.23 -55.18
C PHE V 686 -102.04 -79.12 -55.70
N SER V 687 -103.36 -79.25 -55.61
CA SER V 687 -104.27 -78.17 -55.95
C SER V 687 -103.93 -76.91 -55.18
N GLN V 688 -103.82 -77.01 -53.87
CA GLN V 688 -103.49 -75.86 -53.04
C GLN V 688 -102.16 -75.25 -53.46
N LEU V 689 -101.15 -76.09 -53.59
CA LEU V 689 -99.81 -75.66 -53.94
C LEU V 689 -99.79 -74.95 -55.28
N ASN V 690 -100.59 -75.43 -56.22
CA ASN V 690 -100.71 -74.77 -57.50
C ASN V 690 -101.48 -73.46 -57.37
N GLN V 691 -102.61 -73.41 -56.67
CA GLN V 691 -103.31 -72.13 -56.44
C GLN V 691 -102.33 -71.08 -55.89
N SER V 692 -101.56 -71.52 -54.91
CA SER V 692 -100.52 -70.76 -54.28
C SER V 692 -99.44 -70.32 -55.27
N PHE V 693 -98.85 -71.27 -55.99
CA PHE V 693 -97.79 -70.97 -56.92
C PHE V 693 -98.26 -69.95 -57.94
N GLU V 694 -99.48 -70.10 -58.40
CA GLU V 694 -100.00 -69.23 -59.42
C GLU V 694 -100.18 -67.81 -58.92
N ILE V 695 -100.55 -67.62 -57.66
CA ILE V 695 -100.57 -66.30 -57.05
C ILE V 695 -99.19 -65.64 -57.13
N ILE V 696 -98.12 -66.41 -56.92
CA ILE V 696 -96.76 -65.90 -57.13
C ILE V 696 -96.57 -65.60 -58.62
N LYS V 697 -96.89 -66.59 -59.45
CA LYS V 697 -96.51 -66.55 -60.84
C LYS V 697 -97.11 -65.35 -61.54
N LYS V 698 -98.37 -65.04 -61.21
CA LYS V 698 -99.15 -63.86 -61.58
C LYS V 698 -98.52 -62.50 -61.30
N LEU V 699 -97.41 -62.45 -60.57
CA LEU V 699 -96.66 -61.22 -60.40
C LEU V 699 -95.66 -61.00 -61.54
N GLU V 700 -95.12 -62.07 -62.14
CA GLU V 700 -94.11 -62.03 -63.21
C GLU V 700 -93.00 -61.02 -62.94
N CYS V 701 -92.44 -61.04 -61.73
CA CYS V 701 -91.44 -60.07 -61.29
C CYS V 701 -90.28 -59.99 -62.30
N PRO V 702 -90.00 -58.81 -62.89
CA PRO V 702 -88.96 -58.65 -63.90
C PRO V 702 -87.53 -58.70 -63.32
N ASP V 703 -87.39 -58.68 -62.00
CA ASP V 703 -86.14 -58.98 -61.32
C ASP V 703 -86.05 -60.48 -60.99
N PRO V 704 -85.28 -61.27 -61.75
CA PRO V 704 -85.26 -62.72 -61.60
C PRO V 704 -84.58 -63.18 -60.31
N GLN V 705 -83.86 -62.31 -59.61
CA GLN V 705 -83.23 -62.67 -58.35
C GLN V 705 -84.24 -62.55 -57.22
N ILE V 706 -85.06 -61.52 -57.27
CA ILE V 706 -86.25 -61.38 -56.43
C ILE V 706 -87.21 -62.54 -56.69
N VAL V 707 -87.40 -62.91 -57.96
CA VAL V 707 -88.10 -64.16 -58.28
C VAL V 707 -87.39 -65.34 -57.63
N GLY V 708 -86.08 -65.45 -57.81
CA GLY V 708 -85.31 -66.53 -57.24
C GLY V 708 -85.54 -66.63 -55.74
N HIS V 709 -85.66 -65.49 -55.07
CA HIS V 709 -85.95 -65.43 -53.65
C HIS V 709 -87.32 -66.00 -53.34
N TYR V 710 -88.36 -65.57 -54.04
CA TYR V 710 -89.67 -66.19 -53.91
C TYR V 710 -89.59 -67.70 -54.10
N MET V 711 -88.83 -68.15 -55.09
CA MET V 711 -88.71 -69.57 -55.41
C MET V 711 -87.95 -70.32 -54.35
N ARG V 712 -86.92 -69.72 -53.76
CA ARG V 712 -86.19 -70.29 -52.64
C ARG V 712 -87.14 -70.42 -51.46
N ARG V 713 -87.79 -69.31 -51.08
CA ARG V 713 -88.84 -69.23 -50.06
C ARG V 713 -89.88 -70.31 -50.26
N PHE V 714 -90.39 -70.44 -51.46
CA PHE V 714 -91.47 -71.35 -51.75
C PHE V 714 -90.98 -72.79 -51.83
N ALA V 715 -89.80 -73.05 -52.37
CA ALA V 715 -89.24 -74.39 -52.42
C ALA V 715 -89.09 -74.96 -51.01
N LYS V 716 -88.81 -74.07 -50.07
CA LYS V 716 -88.87 -74.39 -48.66
C LYS V 716 -90.30 -74.73 -48.29
N THR V 717 -91.26 -73.84 -48.54
CA THR V 717 -92.67 -74.15 -48.28
C THR V 717 -93.04 -75.53 -48.72
N ILE V 718 -92.75 -75.83 -49.98
CA ILE V 718 -93.01 -77.08 -50.63
C ILE V 718 -92.30 -78.19 -49.87
N SER V 719 -91.00 -78.07 -49.67
CA SER V 719 -90.25 -79.05 -48.94
C SER V 719 -90.87 -79.34 -47.59
N ASN V 720 -91.19 -78.30 -46.86
CA ASN V 720 -91.76 -78.40 -45.54
C ASN V 720 -93.10 -79.09 -45.56
N VAL V 721 -94.03 -78.57 -46.33
CA VAL V 721 -95.36 -79.14 -46.54
C VAL V 721 -95.26 -80.61 -46.92
N LEU V 722 -94.41 -80.94 -47.88
CA LEU V 722 -94.38 -82.29 -48.44
C LEU V 722 -93.69 -83.26 -47.51
N LEU V 723 -92.64 -82.84 -46.84
CA LEU V 723 -92.03 -83.71 -45.87
C LEU V 723 -92.97 -83.91 -44.70
N GLN V 724 -93.68 -82.87 -44.29
CA GLN V 724 -94.71 -82.97 -43.28
C GLN V 724 -95.83 -83.91 -43.70
N TYR V 725 -96.27 -83.89 -44.95
CA TYR V 725 -97.15 -84.93 -45.46
C TYR V 725 -96.50 -86.30 -45.33
N ALA V 726 -95.32 -86.47 -45.93
CA ALA V 726 -94.66 -87.77 -46.06
C ALA V 726 -94.38 -88.37 -44.71
N ASP V 727 -94.07 -87.51 -43.76
CA ASP V 727 -93.95 -87.80 -42.37
C ASP V 727 -95.28 -88.23 -41.77
N ILE V 728 -96.33 -87.41 -41.86
CA ILE V 728 -97.64 -87.75 -41.30
C ILE V 728 -98.12 -89.09 -41.83
N VAL V 729 -97.85 -89.36 -43.11
CA VAL V 729 -98.00 -90.69 -43.68
C VAL V 729 -97.11 -91.71 -43.00
N SER V 730 -95.79 -91.52 -43.03
CA SER V 730 -94.80 -92.49 -42.53
C SER V 730 -95.09 -92.91 -41.10
N LYS V 731 -95.59 -91.95 -40.31
CA LYS V 731 -96.03 -92.14 -38.94
C LYS V 731 -97.18 -93.13 -38.88
N ASP V 732 -98.26 -92.82 -39.57
CA ASP V 732 -99.44 -93.67 -39.57
C ASP V 732 -99.20 -95.02 -40.25
N PHE V 733 -98.22 -95.06 -41.14
CA PHE V 733 -97.98 -96.15 -42.07
C PHE V 733 -97.95 -97.54 -41.42
N ALA V 734 -97.14 -97.70 -40.39
CA ALA V 734 -97.02 -98.97 -39.68
C ALA V 734 -98.34 -99.42 -39.05
N SER V 735 -99.14 -98.50 -38.50
CA SER V 735 -100.47 -98.82 -37.96
C SER V 735 -101.38 -99.40 -39.04
N TYR V 736 -101.19 -98.95 -40.28
CA TYR V 736 -101.92 -99.45 -41.41
C TYR V 736 -101.33 -100.74 -42.00
N CYS V 737 -100.06 -101.04 -41.72
CA CYS V 737 -99.39 -102.23 -42.24
C CYS V 737 -99.95 -103.56 -41.76
N SER V 738 -100.85 -103.56 -40.79
CA SER V 738 -101.51 -104.79 -40.38
C SER V 738 -102.24 -105.45 -41.57
N LYS V 739 -102.25 -106.79 -41.59
CA LYS V 739 -102.49 -107.68 -42.76
C LYS V 739 -103.92 -107.69 -43.35
N GLU V 740 -104.71 -106.66 -43.12
CA GLU V 740 -106.14 -106.58 -43.42
C GLU V 740 -106.52 -105.20 -43.93
N LYS V 741 -105.93 -104.14 -43.38
CA LYS V 741 -105.98 -102.80 -43.95
C LYS V 741 -105.02 -102.63 -45.13
N GLU V 742 -104.46 -103.71 -45.68
CA GLU V 742 -103.40 -103.73 -46.70
C GLU V 742 -103.60 -102.74 -47.84
N LYS V 743 -104.85 -102.50 -48.25
CA LYS V 743 -105.18 -101.43 -49.21
C LYS V 743 -104.58 -100.09 -48.80
N VAL V 744 -104.71 -99.71 -47.54
CA VAL V 744 -104.28 -98.43 -47.03
C VAL V 744 -102.76 -98.23 -47.17
N PRO V 745 -101.85 -99.09 -46.67
CA PRO V 745 -100.43 -98.91 -46.93
C PRO V 745 -100.05 -98.84 -48.41
N CYS V 746 -100.72 -99.62 -49.27
CA CYS V 746 -100.54 -99.48 -50.70
C CYS V 746 -100.84 -98.03 -51.13
N ILE V 747 -102.03 -97.55 -50.79
CA ILE V 747 -102.53 -96.21 -51.12
C ILE V 747 -101.61 -95.14 -50.59
N LEU V 748 -101.15 -95.26 -49.34
CA LEU V 748 -100.18 -94.34 -48.75
C LEU V 748 -98.84 -94.32 -49.50
N MET V 749 -98.31 -95.48 -49.86
CA MET V 749 -97.12 -95.53 -50.71
C MET V 749 -97.41 -94.91 -52.09
N ASN V 750 -98.59 -95.12 -52.64
CA ASN V 750 -99.01 -94.47 -53.87
C ASN V 750 -99.16 -92.97 -53.68
N ASN V 751 -99.60 -92.50 -52.52
CA ASN V 751 -99.66 -91.08 -52.23
C ASN V 751 -98.29 -90.50 -52.33
N THR V 752 -97.35 -91.14 -51.63
CA THR V 752 -95.96 -90.74 -51.52
C THR V 752 -95.34 -90.65 -52.91
N GLN V 753 -95.48 -91.72 -53.67
CA GLN V 753 -95.04 -91.75 -55.04
C GLN V 753 -95.76 -90.71 -55.90
N GLN V 754 -97.06 -90.53 -55.68
CA GLN V 754 -97.81 -89.51 -56.38
C GLN V 754 -97.33 -88.10 -56.01
N LEU V 755 -96.91 -87.86 -54.76
CA LEU V 755 -96.23 -86.64 -54.37
C LEU V 755 -95.05 -86.47 -55.28
N ARG V 756 -94.13 -87.44 -55.31
CA ARG V 756 -92.91 -87.34 -56.10
C ARG V 756 -93.27 -86.98 -57.55
N VAL V 757 -94.20 -87.73 -58.10
CA VAL V 757 -94.68 -87.54 -59.46
C VAL V 757 -95.18 -86.12 -59.68
N GLN V 758 -96.11 -85.64 -58.87
CA GLN V 758 -96.61 -84.28 -59.04
C GLN V 758 -95.59 -83.23 -58.66
N LEU V 759 -94.66 -83.55 -57.77
CA LEU V 759 -93.58 -82.68 -57.38
C LEU V 759 -92.71 -82.45 -58.60
N GLU V 760 -92.36 -83.49 -59.35
CA GLU V 760 -91.63 -83.32 -60.60
C GLU V 760 -92.39 -82.34 -61.50
N LYS V 761 -93.71 -82.50 -61.63
CA LYS V 761 -94.57 -81.60 -62.40
C LYS V 761 -94.52 -80.16 -61.88
N MET V 762 -94.71 -79.96 -60.59
CA MET V 762 -94.68 -78.63 -59.99
C MET V 762 -93.31 -77.98 -60.13
N PHE V 763 -92.25 -78.75 -59.97
CA PHE V 763 -90.89 -78.32 -60.19
C PHE V 763 -90.76 -77.82 -61.64
N GLU V 764 -91.23 -78.60 -62.61
CA GLU V 764 -91.32 -78.09 -63.97
C GLU V 764 -92.18 -76.83 -64.06
N ALA V 765 -93.32 -76.77 -63.39
CA ALA V 765 -94.21 -75.63 -63.41
C ALA V 765 -93.53 -74.36 -62.87
N MET V 766 -92.69 -74.51 -61.85
CA MET V 766 -91.80 -73.49 -61.32
C MET V 766 -90.66 -73.14 -62.28
N GLY V 767 -90.66 -73.66 -63.49
CA GLY V 767 -89.62 -73.45 -64.46
C GLY V 767 -88.47 -74.43 -64.28
N GLY V 768 -88.78 -75.68 -63.92
CA GLY V 768 -87.94 -76.85 -64.05
C GLY V 768 -86.44 -76.63 -63.90
N LYS V 769 -85.67 -76.98 -64.91
CA LYS V 769 -84.19 -76.87 -64.89
C LYS V 769 -83.71 -75.43 -65.04
N GLU V 770 -84.61 -74.54 -65.43
CA GLU V 770 -84.42 -73.09 -65.46
C GLU V 770 -84.48 -72.48 -64.06
N LEU V 771 -85.02 -73.20 -63.07
CA LEU V 771 -85.26 -72.77 -61.70
C LEU V 771 -83.97 -72.29 -61.01
N ASP V 772 -84.13 -71.34 -60.08
CA ASP V 772 -83.09 -70.97 -59.14
C ASP V 772 -82.39 -72.19 -58.53
N ALA V 773 -81.08 -72.20 -58.57
CA ALA V 773 -80.30 -73.37 -58.22
C ALA V 773 -80.52 -73.86 -56.78
N GLU V 774 -80.99 -73.01 -55.86
CA GLU V 774 -81.16 -73.34 -54.44
C GLU V 774 -82.58 -73.73 -54.11
N ALA V 775 -83.56 -73.08 -54.74
CA ALA V 775 -84.89 -73.64 -54.84
C ALA V 775 -84.80 -75.04 -55.45
N SER V 776 -84.07 -75.18 -56.55
CA SER V 776 -83.81 -76.47 -57.20
C SER V 776 -83.10 -77.42 -56.25
N GLY V 777 -82.00 -77.00 -55.60
CA GLY V 777 -81.31 -77.78 -54.56
C GLY V 777 -82.28 -78.32 -53.53
N THR V 778 -83.17 -77.46 -53.04
CA THR V 778 -84.21 -77.80 -52.07
C THR V 778 -85.14 -78.87 -52.61
N LEU V 779 -85.68 -78.66 -53.79
CA LEU V 779 -86.61 -79.63 -54.34
C LEU V 779 -85.93 -80.95 -54.71
N LYS V 780 -84.64 -80.95 -55.06
CA LYS V 780 -83.87 -82.17 -55.30
C LYS V 780 -83.64 -82.94 -54.01
N GLU V 781 -83.19 -82.23 -52.98
CA GLU V 781 -83.11 -82.75 -51.61
C GLU V 781 -84.43 -83.38 -51.19
N LEU V 782 -85.51 -82.66 -51.42
CA LEU V 782 -86.85 -83.07 -51.05
C LEU V 782 -87.19 -84.38 -51.74
N GLN V 783 -87.03 -84.44 -53.06
CA GLN V 783 -87.29 -85.64 -53.84
C GLN V 783 -86.45 -86.83 -53.36
N VAL V 784 -85.17 -86.65 -53.05
CA VAL V 784 -84.32 -87.71 -52.50
C VAL V 784 -84.88 -88.23 -51.17
N LYS V 785 -85.28 -87.34 -50.27
CA LYS V 785 -85.87 -87.74 -49.00
C LYS V 785 -87.18 -88.48 -49.20
N LEU V 786 -88.04 -87.98 -50.06
CA LEU V 786 -89.30 -88.65 -50.40
C LEU V 786 -89.03 -90.05 -50.97
N ASN V 787 -87.99 -90.22 -51.80
CA ASN V 787 -87.57 -91.54 -52.24
C ASN V 787 -87.19 -92.45 -51.08
N ASN V 788 -86.35 -91.95 -50.18
CA ASN V 788 -85.85 -92.75 -49.08
C ASN V 788 -87.00 -93.11 -48.13
N VAL V 789 -87.91 -92.18 -47.86
CA VAL V 789 -89.18 -92.46 -47.17
C VAL V 789 -89.86 -93.65 -47.82
N LEU V 790 -90.04 -93.63 -49.15
CA LEU V 790 -90.78 -94.68 -49.86
C LEU V 790 -90.11 -96.06 -49.74
N ASP V 791 -88.78 -96.11 -49.73
CA ASP V 791 -88.07 -97.36 -49.42
C ASP V 791 -88.46 -97.87 -48.03
N GLU V 792 -88.42 -97.00 -47.02
CA GLU V 792 -88.68 -97.44 -45.66
C GLU V 792 -90.14 -97.87 -45.48
N LEU V 793 -91.07 -97.17 -46.11
CA LEU V 793 -92.46 -97.63 -46.15
C LEU V 793 -92.57 -99.00 -46.82
N SER V 794 -91.95 -99.21 -47.98
CA SER V 794 -92.01 -100.51 -48.64
C SER V 794 -91.48 -101.64 -47.76
N HIS V 795 -90.43 -101.34 -47.00
CA HIS V 795 -89.82 -102.25 -46.07
C HIS V 795 -90.74 -102.54 -44.90
N VAL V 796 -91.17 -101.49 -44.20
CA VAL V 796 -92.10 -101.58 -43.07
C VAL V 796 -93.34 -102.37 -43.48
N PHE V 797 -93.83 -102.12 -44.69
CA PHE V 797 -94.96 -102.85 -45.22
C PHE V 797 -94.65 -104.32 -45.42
N ALA V 798 -93.66 -104.66 -46.24
CA ALA V 798 -93.26 -106.03 -46.50
C ALA V 798 -92.99 -106.82 -45.21
N THR V 799 -92.44 -106.12 -44.23
CA THR V 799 -92.15 -106.66 -42.92
C THR V 799 -93.39 -107.13 -42.17
N SER V 800 -94.53 -106.45 -42.24
CA SER V 800 -95.71 -106.90 -41.47
C SER V 800 -96.26 -108.25 -41.94
N PHE V 801 -95.93 -108.67 -43.15
CA PHE V 801 -96.24 -110.00 -43.68
C PHE V 801 -95.23 -111.04 -43.31
N GLN V 802 -94.02 -110.64 -42.91
CA GLN V 802 -92.94 -111.53 -42.54
C GLN V 802 -93.36 -112.67 -41.62
N PRO V 803 -94.18 -112.47 -40.58
CA PRO V 803 -94.57 -113.57 -39.70
C PRO V 803 -95.40 -114.60 -40.46
N HIS V 804 -96.31 -114.11 -41.28
CA HIS V 804 -97.14 -114.95 -42.10
C HIS V 804 -96.30 -115.71 -43.12
N ILE V 805 -95.33 -115.03 -43.71
CA ILE V 805 -94.40 -115.61 -44.67
C ILE V 805 -93.60 -116.71 -43.99
N GLU V 806 -92.98 -116.43 -42.86
CA GLU V 806 -92.20 -117.39 -42.09
C GLU V 806 -93.03 -118.58 -41.65
N GLU V 807 -94.25 -118.33 -41.21
CA GLU V 807 -95.21 -119.35 -40.86
C GLU V 807 -95.48 -120.26 -42.04
N CYS V 808 -95.96 -119.68 -43.15
CA CYS V 808 -96.22 -120.42 -44.37
C CYS V 808 -94.99 -121.20 -44.80
N VAL V 809 -93.82 -120.57 -44.85
CA VAL V 809 -92.58 -121.22 -45.26
C VAL V 809 -92.24 -122.38 -44.33
N ARG V 810 -92.44 -122.23 -43.02
CA ARG V 810 -92.25 -123.35 -42.12
C ARG V 810 -93.21 -124.47 -42.46
N GLN V 811 -94.48 -124.19 -42.75
CA GLN V 811 -95.40 -125.24 -43.20
C GLN V 811 -94.94 -125.86 -44.51
N MET V 812 -94.44 -125.07 -45.44
CA MET V 812 -93.94 -125.60 -46.69
C MET V 812 -92.74 -126.51 -46.41
N GLY V 813 -91.88 -126.13 -45.46
CA GLY V 813 -90.79 -126.97 -44.97
C GLY V 813 -91.29 -128.26 -44.33
N ASP V 814 -92.34 -128.17 -43.53
CA ASP V 814 -93.01 -129.33 -42.97
C ASP V 814 -93.54 -130.24 -44.07
N ILE V 815 -94.22 -129.68 -45.07
CA ILE V 815 -94.75 -130.43 -46.20
C ILE V 815 -93.61 -131.06 -47.00
N LEU V 816 -92.50 -130.33 -47.21
CA LEU V 816 -91.35 -130.87 -47.94
C LEU V 816 -90.73 -132.03 -47.20
N SER V 817 -90.69 -132.03 -45.86
CA SER V 817 -90.06 -133.13 -45.10
C SER V 817 -90.75 -134.49 -45.30
N GLN V 818 -91.93 -134.52 -45.90
CA GLN V 818 -92.62 -135.75 -46.30
C GLN V 818 -92.03 -136.31 -47.60
N VAL V 819 -91.59 -135.43 -48.50
CA VAL V 819 -90.70 -135.74 -49.63
C VAL V 819 -89.32 -136.06 -49.07
N LYS V 820 -88.68 -137.11 -49.56
CA LYS V 820 -87.26 -137.35 -49.30
C LYS V 820 -86.53 -137.63 -50.61
N GLY V 821 -85.39 -138.31 -50.59
CA GLY V 821 -84.67 -138.59 -51.83
C GLY V 821 -85.32 -139.70 -52.62
N THR V 822 -86.37 -139.39 -53.38
CA THR V 822 -87.39 -140.42 -53.73
C THR V 822 -87.05 -141.32 -54.90
N GLY V 823 -85.81 -141.33 -55.39
CA GLY V 823 -85.27 -142.55 -56.02
C GLY V 823 -85.08 -143.69 -55.01
N ASN V 824 -85.03 -143.37 -53.71
CA ASN V 824 -84.93 -144.30 -52.57
C ASN V 824 -86.23 -144.30 -51.69
N VAL V 825 -87.41 -143.94 -52.22
CA VAL V 825 -88.70 -143.83 -51.46
C VAL V 825 -89.94 -144.17 -52.32
N PRO V 826 -91.05 -144.70 -51.76
CA PRO V 826 -92.31 -145.01 -52.48
C PRO V 826 -93.03 -143.83 -53.16
N ALA V 827 -93.93 -144.17 -54.10
CA ALA V 827 -94.64 -143.29 -55.05
C ALA V 827 -95.56 -142.20 -54.46
N SER V 828 -95.82 -142.17 -53.15
CA SER V 828 -96.51 -141.03 -52.50
C SER V 828 -95.58 -139.85 -52.20
N ALA V 829 -94.27 -140.11 -52.13
CA ALA V 829 -93.23 -139.10 -52.05
C ALA V 829 -92.30 -139.13 -53.28
N CYS V 830 -92.21 -140.24 -54.03
CA CYS V 830 -91.88 -140.22 -55.47
C CYS V 830 -93.12 -139.83 -56.31
N SER V 831 -94.14 -139.28 -55.63
CA SER V 831 -95.12 -138.33 -56.16
C SER V 831 -94.41 -137.34 -57.07
N SER V 832 -95.02 -136.91 -58.17
CA SER V 832 -94.28 -136.16 -59.17
C SER V 832 -93.66 -134.92 -58.55
N VAL V 833 -92.57 -134.46 -59.16
CA VAL V 833 -91.88 -133.25 -58.75
C VAL V 833 -92.86 -132.06 -58.64
N ALA V 834 -93.83 -132.00 -59.55
CA ALA V 834 -94.92 -131.03 -59.55
C ALA V 834 -95.90 -131.19 -58.38
N GLN V 835 -96.43 -132.39 -58.13
CA GLN V 835 -97.39 -132.60 -57.03
C GLN V 835 -96.77 -132.27 -55.69
N ASP V 836 -95.55 -132.76 -55.45
CA ASP V 836 -94.80 -132.38 -54.27
C ASP V 836 -94.59 -130.87 -54.19
N ALA V 837 -94.15 -130.22 -55.27
CA ALA V 837 -93.96 -128.78 -55.28
C ALA V 837 -95.26 -128.06 -54.95
N ASP V 838 -96.39 -128.47 -55.52
CA ASP V 838 -97.70 -127.90 -55.25
C ASP V 838 -98.10 -128.06 -53.79
N ASN V 839 -97.98 -129.27 -53.25
CA ASN V 839 -98.28 -129.54 -51.85
C ASN V 839 -97.48 -128.61 -50.97
N VAL V 840 -96.17 -128.64 -51.19
CA VAL V 840 -95.20 -127.81 -50.54
C VAL V 840 -95.58 -126.35 -50.63
N LEU V 841 -95.79 -125.85 -51.85
CA LEU V 841 -96.08 -124.47 -52.20
C LEU V 841 -97.37 -123.96 -51.59
N GLN V 842 -98.30 -124.85 -51.25
CA GLN V 842 -99.66 -124.38 -51.13
C GLN V 842 -99.86 -123.31 -50.05
N PRO V 843 -99.27 -123.44 -48.84
CA PRO V 843 -99.39 -122.43 -47.81
C PRO V 843 -99.03 -121.03 -48.26
N ILE V 844 -98.05 -120.88 -49.15
CA ILE V 844 -97.66 -119.56 -49.64
C ILE V 844 -98.45 -119.15 -50.87
N MET V 845 -98.79 -120.05 -51.79
CA MET V 845 -99.43 -119.64 -53.05
C MET V 845 -100.78 -118.99 -52.80
N ASP V 846 -101.48 -119.45 -51.78
CA ASP V 846 -102.72 -118.87 -51.30
C ASP V 846 -102.51 -117.39 -50.92
N LEU V 847 -101.57 -117.16 -50.00
CA LEU V 847 -101.19 -115.84 -49.53
C LEU V 847 -100.77 -114.99 -50.74
N LEU V 848 -99.85 -115.51 -51.54
CA LEU V 848 -99.25 -114.81 -52.66
C LEU V 848 -100.30 -114.37 -53.63
N ASP V 849 -101.10 -115.29 -54.14
CA ASP V 849 -101.86 -114.99 -55.33
C ASP V 849 -102.81 -113.86 -55.05
N SER V 850 -103.56 -114.03 -53.96
CA SER V 850 -104.47 -113.03 -53.45
C SER V 850 -103.77 -111.69 -53.27
N ASN V 851 -102.70 -111.68 -52.50
CA ASN V 851 -102.07 -110.43 -52.13
C ASN V 851 -101.38 -109.79 -53.32
N LEU V 852 -100.58 -110.52 -54.09
CA LEU V 852 -99.92 -109.97 -55.27
C LEU V 852 -100.93 -109.48 -56.26
N THR V 853 -102.05 -110.17 -56.43
CA THR V 853 -103.08 -109.66 -57.33
C THR V 853 -103.68 -108.38 -56.79
N LEU V 854 -104.06 -108.37 -55.52
CA LEU V 854 -104.58 -107.17 -54.87
C LEU V 854 -103.59 -106.02 -55.02
N PHE V 855 -102.32 -106.24 -54.69
CA PHE V 855 -101.27 -105.24 -54.76
C PHE V 855 -100.99 -104.83 -56.19
N ALA V 856 -101.00 -105.75 -57.15
CA ALA V 856 -100.85 -105.40 -58.55
C ALA V 856 -101.99 -104.52 -59.04
N LYS V 857 -103.21 -104.78 -58.57
CA LYS V 857 -104.36 -103.90 -58.82
C LYS V 857 -104.15 -102.52 -58.20
N ILE V 858 -103.72 -102.46 -56.93
CA ILE V 858 -103.82 -101.24 -56.11
C ILE V 858 -102.52 -100.49 -55.80
N CYS V 859 -101.32 -100.99 -56.14
CA CYS V 859 -100.03 -100.30 -55.97
C CYS V 859 -99.52 -99.71 -57.28
N GLU V 860 -99.00 -98.49 -57.20
CA GLU V 860 -98.23 -97.90 -58.29
C GLU V 860 -96.94 -98.68 -58.53
N LYS V 861 -96.42 -98.72 -59.74
CA LYS V 861 -95.43 -99.74 -60.10
C LYS V 861 -94.12 -99.56 -59.33
N THR V 862 -93.67 -98.33 -59.17
CA THR V 862 -92.61 -97.89 -58.24
C THR V 862 -92.82 -98.48 -56.85
N VAL V 863 -94.01 -98.27 -56.30
CA VAL V 863 -94.41 -98.74 -54.97
C VAL V 863 -94.30 -100.25 -54.92
N LEU V 864 -94.98 -100.91 -55.85
CA LEU V 864 -95.10 -102.34 -55.96
C LEU V 864 -93.73 -102.97 -56.06
N LYS V 865 -92.84 -102.43 -56.89
CA LYS V 865 -91.54 -103.05 -57.12
C LYS V 865 -90.76 -103.06 -55.84
N ARG V 866 -90.78 -101.96 -55.10
CA ARG V 866 -90.10 -101.85 -53.81
C ARG V 866 -90.71 -102.84 -52.82
N VAL V 867 -92.03 -102.87 -52.73
CA VAL V 867 -92.76 -103.83 -51.90
C VAL V 867 -92.33 -105.25 -52.25
N LEU V 868 -92.34 -105.59 -53.52
CA LEU V 868 -92.00 -106.90 -54.01
C LEU V 868 -90.55 -107.23 -53.76
N LYS V 869 -89.61 -106.31 -53.93
CA LYS V 869 -88.20 -106.60 -53.67
C LYS V 869 -88.01 -106.98 -52.22
N GLU V 870 -88.59 -106.17 -51.35
CA GLU V 870 -88.58 -106.38 -49.92
C GLU V 870 -89.15 -107.73 -49.56
N LEU V 871 -90.34 -108.02 -50.08
CA LEU V 871 -90.99 -109.30 -49.92
C LEU V 871 -90.12 -110.42 -50.49
N TRP V 872 -89.56 -110.26 -51.67
CA TRP V 872 -88.81 -111.27 -52.39
C TRP V 872 -87.60 -111.71 -51.60
N LYS V 873 -86.81 -110.73 -51.20
CA LYS V 873 -85.68 -110.91 -50.30
C LYS V 873 -86.15 -111.70 -49.09
N LEU V 874 -87.16 -111.17 -48.40
CA LEU V 874 -87.72 -111.77 -47.20
C LEU V 874 -88.07 -113.23 -47.46
N VAL V 875 -88.81 -113.51 -48.50
CA VAL V 875 -89.24 -114.84 -48.90
C VAL V 875 -88.04 -115.73 -49.14
N MET V 876 -87.18 -115.35 -50.09
CA MET V 876 -85.97 -116.09 -50.44
C MET V 876 -85.16 -116.48 -49.22
N ASN V 877 -84.90 -115.51 -48.38
CA ASN V 877 -84.14 -115.71 -47.17
C ASN V 877 -84.87 -116.66 -46.23
N THR V 878 -86.18 -116.47 -46.11
CA THR V 878 -87.02 -117.33 -45.28
C THR V 878 -86.94 -118.76 -45.76
N MET V 879 -87.07 -119.02 -47.05
CA MET V 879 -86.96 -120.38 -47.57
C MET V 879 -85.56 -120.92 -47.37
N GLU V 880 -84.56 -120.12 -47.65
CA GLU V 880 -83.20 -120.58 -47.54
C GLU V 880 -82.89 -121.06 -46.15
N ARG V 881 -83.29 -120.26 -45.16
CA ARG V 881 -83.24 -120.60 -43.76
C ARG V 881 -84.15 -121.77 -43.47
N THR V 882 -85.45 -121.52 -43.48
CA THR V 882 -86.51 -122.39 -43.00
C THR V 882 -86.67 -123.67 -43.80
N ILE V 883 -86.05 -123.81 -44.96
CA ILE V 883 -86.25 -124.97 -45.82
C ILE V 883 -84.94 -125.54 -46.33
N VAL V 884 -83.98 -124.72 -46.78
CA VAL V 884 -82.77 -125.28 -47.41
C VAL V 884 -81.64 -125.48 -46.43
N LEU V 885 -81.58 -124.67 -45.40
CA LEU V 885 -80.76 -124.92 -44.24
C LEU V 885 -81.71 -125.13 -43.05
N PRO V 886 -82.68 -126.05 -43.22
CA PRO V 886 -83.92 -126.00 -42.50
C PRO V 886 -83.77 -126.32 -41.02
N PRO V 887 -84.78 -125.96 -40.21
CA PRO V 887 -84.99 -126.60 -38.93
C PRO V 887 -85.19 -128.11 -39.12
N GLU V 888 -85.92 -128.57 -40.15
CA GLU V 888 -86.01 -129.99 -40.57
C GLU V 888 -84.71 -130.60 -41.17
N PHE V 889 -83.54 -130.15 -40.73
CA PHE V 889 -82.29 -130.91 -40.86
C PHE V 889 -81.29 -130.59 -39.72
N LEU V 890 -80.68 -129.40 -39.67
CA LEU V 890 -79.49 -129.23 -38.80
C LEU V 890 -79.85 -129.19 -37.31
N SER V 891 -81.03 -128.68 -36.96
CA SER V 891 -81.55 -128.74 -35.59
C SER V 891 -81.80 -130.17 -35.08
N LYS V 892 -81.71 -131.18 -35.96
CA LYS V 892 -81.60 -132.58 -35.57
C LYS V 892 -80.15 -133.05 -35.48
N LEU V 893 -79.36 -132.90 -36.55
CA LEU V 893 -77.99 -133.43 -36.62
C LEU V 893 -77.06 -132.87 -35.54
N LYS V 894 -77.12 -131.56 -35.28
CA LYS V 894 -76.30 -130.93 -34.21
C LYS V 894 -76.92 -131.03 -32.82
N ASP V 895 -78.02 -131.77 -32.67
CA ASP V 895 -78.76 -132.01 -31.43
C ASP V 895 -78.65 -133.48 -31.00
N HIS V 896 -79.26 -133.85 -29.87
CA HIS V 896 -79.43 -135.22 -29.40
C HIS V 896 -80.33 -136.07 -30.31
N MET V 897 -81.08 -135.41 -31.20
CA MET V 897 -81.87 -136.00 -32.28
C MET V 897 -80.96 -136.65 -33.35
N VAL V 898 -81.59 -137.12 -34.43
CA VAL V 898 -80.95 -137.93 -35.48
C VAL V 898 -79.78 -137.20 -36.14
N ARG V 899 -78.66 -137.92 -36.32
CA ARG V 899 -77.52 -137.64 -37.22
C ARG V 899 -78.00 -137.62 -38.68
N GLU V 900 -78.77 -136.58 -39.00
CA GLU V 900 -79.75 -136.68 -40.07
C GLU V 900 -79.16 -137.00 -41.43
N GLU V 901 -80.03 -137.57 -42.22
CA GLU V 901 -79.98 -137.48 -43.65
C GLU V 901 -81.04 -136.53 -44.22
N ALA V 902 -82.01 -136.09 -43.42
CA ALA V 902 -83.35 -135.66 -43.85
C ALA V 902 -83.97 -136.67 -44.84
N LYS V 903 -83.63 -137.95 -44.59
CA LYS V 903 -83.75 -139.11 -45.48
C LYS V 903 -83.33 -138.82 -46.93
N SER V 904 -82.13 -138.23 -47.02
CA SER V 904 -81.34 -137.86 -48.18
C SER V 904 -81.95 -136.73 -49.01
N LEU V 905 -81.39 -135.51 -48.92
CA LEU V 905 -81.70 -134.36 -49.80
C LEU V 905 -81.07 -134.55 -51.18
N THR V 906 -81.51 -135.63 -51.84
CA THR V 906 -81.08 -135.98 -53.19
C THR V 906 -81.65 -135.00 -54.21
N PRO V 907 -81.26 -135.17 -55.48
CA PRO V 907 -82.03 -134.82 -56.66
C PRO V 907 -83.52 -134.50 -56.46
N LYS V 908 -84.31 -135.34 -55.79
CA LYS V 908 -85.75 -135.09 -55.69
C LYS V 908 -86.13 -133.83 -54.95
N GLN V 909 -85.66 -133.61 -53.72
CA GLN V 909 -85.93 -132.37 -52.99
C GLN V 909 -85.04 -131.22 -53.50
N CYS V 910 -84.07 -131.48 -54.39
CA CYS V 910 -83.39 -130.40 -55.12
C CYS V 910 -84.33 -129.88 -56.23
N ALA V 911 -84.83 -130.78 -57.06
CA ALA V 911 -86.12 -130.60 -57.72
C ALA V 911 -87.21 -130.43 -56.64
N VAL V 912 -88.48 -130.27 -57.00
CA VAL V 912 -89.55 -129.85 -56.08
C VAL V 912 -89.32 -128.42 -55.65
N VAL V 913 -88.26 -128.16 -54.89
CA VAL V 913 -87.80 -126.84 -54.49
C VAL V 913 -87.43 -126.02 -55.71
N GLU V 914 -86.60 -126.50 -56.62
CA GLU V 914 -86.25 -125.72 -57.81
C GLU V 914 -87.48 -125.36 -58.64
N LEU V 915 -88.44 -126.26 -58.73
CA LEU V 915 -89.72 -125.99 -59.37
C LEU V 915 -90.58 -125.01 -58.57
N ALA V 916 -90.62 -125.16 -57.26
CA ALA V 916 -91.36 -124.29 -56.37
C ALA V 916 -90.78 -122.87 -56.47
N LEU V 917 -89.45 -122.74 -56.39
CA LEU V 917 -88.70 -121.52 -56.63
C LEU V 917 -89.11 -120.95 -57.98
N ASP V 918 -89.13 -121.76 -59.03
CA ASP V 918 -89.51 -121.25 -60.33
C ASP V 918 -90.94 -120.73 -60.31
N THR V 919 -91.85 -121.49 -59.73
CA THR V 919 -93.26 -121.12 -59.59
C THR V 919 -93.41 -119.79 -58.88
N ILE V 920 -92.71 -119.66 -57.76
CA ILE V 920 -92.62 -118.45 -56.99
C ILE V 920 -92.01 -117.33 -57.82
N LYS V 921 -90.94 -117.61 -58.56
CA LYS V 921 -90.25 -116.63 -59.41
C LYS V 921 -91.19 -116.15 -60.51
N GLN V 922 -91.99 -117.02 -61.09
CA GLN V 922 -93.04 -116.64 -62.03
C GLN V 922 -94.10 -115.80 -61.33
N TYR V 923 -94.44 -116.14 -60.09
CA TYR V 923 -95.38 -115.40 -59.28
C TYR V 923 -94.91 -113.99 -58.96
N PHE V 924 -93.71 -113.84 -58.40
CA PHE V 924 -93.04 -112.57 -58.13
C PHE V 924 -92.80 -111.80 -59.41
N HIS V 925 -92.49 -112.49 -60.51
CA HIS V 925 -92.34 -111.85 -61.80
C HIS V 925 -93.67 -111.33 -62.30
N ALA V 926 -94.75 -112.09 -62.09
CA ALA V 926 -96.09 -111.82 -62.57
C ALA V 926 -96.08 -111.31 -64.02
N GLY V 927 -95.36 -112.01 -64.90
CA GLY V 927 -95.22 -111.62 -66.32
C GLY V 927 -94.58 -110.24 -66.56
N GLY V 928 -93.75 -109.74 -65.65
CA GLY V 928 -93.15 -108.41 -65.71
C GLY V 928 -93.94 -107.32 -64.99
N VAL V 929 -95.18 -107.61 -64.57
CA VAL V 929 -95.96 -106.70 -63.69
C VAL V 929 -95.29 -106.58 -62.33
N GLY V 930 -94.71 -107.70 -61.86
CA GLY V 930 -93.93 -107.76 -60.64
C GLY V 930 -92.47 -107.42 -60.89
N LEU V 931 -91.56 -108.25 -60.40
CA LEU V 931 -90.11 -108.04 -60.51
C LEU V 931 -89.55 -108.55 -61.84
N LYS V 932 -88.41 -107.99 -62.26
CA LYS V 932 -87.70 -108.38 -63.47
C LYS V 932 -87.11 -109.77 -63.31
N LYS V 933 -87.25 -110.64 -64.30
CA LYS V 933 -86.56 -111.95 -64.30
C LYS V 933 -85.05 -111.81 -64.13
N THR V 934 -84.45 -110.70 -64.56
CA THR V 934 -83.03 -110.37 -64.32
C THR V 934 -82.73 -110.23 -62.83
N PHE V 935 -83.42 -109.35 -62.10
CA PHE V 935 -83.28 -109.18 -60.66
C PHE V 935 -83.49 -110.50 -59.92
N LEU V 936 -84.49 -111.27 -60.34
CA LEU V 936 -84.80 -112.54 -59.69
C LEU V 936 -83.71 -113.57 -59.96
N GLU V 937 -83.29 -113.75 -61.21
CA GLU V 937 -82.21 -114.67 -61.54
C GLU V 937 -80.90 -114.28 -60.87
N LYS V 938 -80.58 -112.98 -60.92
CA LYS V 938 -79.42 -112.40 -60.26
C LYS V 938 -79.73 -111.98 -58.83
N SER V 939 -80.74 -112.58 -58.20
CA SER V 939 -81.00 -112.33 -56.80
C SER V 939 -79.97 -113.10 -56.00
N PRO V 940 -79.18 -112.43 -55.16
CA PRO V 940 -78.27 -113.12 -54.26
C PRO V 940 -79.04 -114.02 -53.30
N ASP V 941 -80.25 -113.61 -52.94
CA ASP V 941 -81.17 -114.35 -52.12
C ASP V 941 -81.47 -115.71 -52.79
N LEU V 942 -81.75 -115.70 -54.09
CA LEU V 942 -81.90 -116.90 -54.88
C LEU V 942 -80.59 -117.64 -55.11
N GLN V 943 -79.51 -116.94 -55.43
CA GLN V 943 -78.24 -117.55 -55.80
C GLN V 943 -77.58 -118.22 -54.62
N SER V 944 -77.70 -117.63 -53.46
CA SER V 944 -77.35 -118.27 -52.21
C SER V 944 -78.22 -119.50 -52.01
N LEU V 945 -79.53 -119.36 -52.20
CA LEU V 945 -80.46 -120.45 -52.02
C LEU V 945 -80.09 -121.66 -52.90
N ARG V 946 -79.84 -121.40 -54.19
CA ARG V 946 -79.26 -122.32 -55.17
C ARG V 946 -77.92 -122.88 -54.70
N TYR V 947 -77.07 -122.03 -54.14
CA TYR V 947 -75.78 -122.50 -53.69
C TYR V 947 -75.89 -123.48 -52.53
N ALA V 948 -76.71 -123.18 -51.52
CA ALA V 948 -76.95 -124.10 -50.43
C ALA V 948 -77.51 -125.43 -50.96
N LEU V 949 -78.45 -125.36 -51.91
CA LEU V 949 -78.96 -126.53 -52.61
C LEU V 949 -77.83 -127.34 -53.26
N SER V 950 -76.84 -126.68 -53.83
CA SER V 950 -75.71 -127.39 -54.44
C SER V 950 -74.87 -128.17 -53.42
N LEU V 951 -74.70 -127.68 -52.18
CA LEU V 951 -73.94 -128.40 -51.16
C LEU V 951 -74.47 -129.82 -51.00
N TYR V 952 -75.79 -129.95 -50.94
CA TYR V 952 -76.47 -131.19 -50.63
C TYR V 952 -76.11 -132.35 -51.55
N THR V 953 -75.83 -132.06 -52.82
CA THR V 953 -75.50 -133.09 -53.81
C THR V 953 -74.01 -133.34 -53.96
N GLN V 954 -73.13 -132.54 -53.32
CA GLN V 954 -71.70 -132.57 -53.62
C GLN V 954 -70.98 -133.87 -53.26
N ALA V 955 -69.80 -134.03 -53.87
CA ALA V 955 -68.87 -135.11 -53.61
C ALA V 955 -68.27 -135.04 -52.21
N THR V 956 -67.97 -136.21 -51.66
CA THR V 956 -67.41 -136.39 -50.31
C THR V 956 -66.12 -135.62 -50.07
N ASP V 957 -65.15 -135.69 -50.97
CA ASP V 957 -63.88 -134.97 -50.78
C ASP V 957 -64.04 -133.47 -50.85
N LEU V 958 -64.92 -132.97 -51.74
CA LEU V 958 -65.20 -131.55 -51.87
C LEU V 958 -65.84 -131.02 -50.58
N LEU V 959 -66.77 -131.79 -50.03
CA LEU V 959 -67.37 -131.55 -48.72
C LEU V 959 -66.31 -131.56 -47.62
N ILE V 960 -65.47 -132.59 -47.55
CA ILE V 960 -64.39 -132.71 -46.56
C ILE V 960 -63.39 -131.55 -46.67
N LYS V 961 -63.02 -131.16 -47.88
CA LYS V 961 -62.18 -129.98 -48.13
C LYS V 961 -62.84 -128.72 -47.58
N THR V 962 -64.11 -128.54 -47.90
CA THR V 962 -64.91 -127.43 -47.37
C THR V 962 -64.91 -127.44 -45.85
N PHE V 963 -65.03 -128.61 -45.22
CA PHE V 963 -64.90 -128.76 -43.78
C PHE V 963 -63.53 -128.29 -43.28
N VAL V 964 -62.41 -128.86 -43.73
CA VAL V 964 -61.09 -128.49 -43.18
C VAL V 964 -60.80 -127.01 -43.39
N GLN V 965 -61.12 -126.48 -44.57
CA GLN V 965 -60.94 -125.05 -44.87
C GLN V 965 -61.79 -124.15 -43.98
N THR V 966 -63.03 -124.54 -43.69
CA THR V 966 -63.94 -123.75 -42.84
C THR V 966 -63.65 -123.94 -41.35
N GLN V 967 -63.28 -125.15 -40.93
CA GLN V 967 -62.95 -125.48 -39.54
C GLN V 967 -61.52 -125.03 -39.15
N SER V 968 -61.06 -123.89 -39.67
CA SER V 968 -59.77 -123.27 -39.35
C SER V 968 -59.55 -123.09 -37.83
N ALA V 969 -60.64 -122.87 -37.08
CA ALA V 969 -60.64 -122.76 -35.62
C ALA V 969 -60.33 -124.08 -34.87
N GLN V 970 -60.29 -125.24 -35.54
CA GLN V 970 -59.84 -126.51 -34.96
C GLN V 970 -58.32 -126.52 -34.76
N GLY V 971 -57.87 -125.84 -33.72
CA GLY V 971 -56.47 -125.72 -33.32
C GLY V 971 -56.28 -124.58 -32.33
N SER V 972 -56.84 -123.40 -32.64
CA SER V 972 -56.89 -122.26 -31.72
C SER V 972 -58.00 -122.45 -30.67
N GLY V 973 -57.60 -122.87 -29.48
CA GLY V 973 -58.48 -123.08 -28.33
C GLY V 973 -59.07 -124.50 -28.25
N VAL V 974 -58.89 -125.12 -27.08
CA VAL V 974 -59.50 -126.39 -26.66
C VAL V 974 -60.25 -126.16 -25.36
N GLU V 975 -61.51 -126.57 -25.29
CA GLU V 975 -62.27 -126.54 -24.04
C GLU V 975 -61.87 -127.70 -23.11
N ASP V 976 -61.39 -127.38 -21.90
CA ASP V 976 -60.87 -128.29 -20.86
C ASP V 976 -59.83 -129.34 -21.36
N PRO V 977 -58.54 -128.97 -21.51
CA PRO V 977 -57.51 -129.90 -21.97
C PRO V 977 -57.21 -131.05 -20.97
N VAL V 978 -57.03 -132.26 -21.48
CA VAL V 978 -56.72 -133.51 -20.73
C VAL V 978 -55.23 -133.88 -20.68
N GLY V 979 -54.39 -132.94 -21.08
CA GLY V 979 -52.96 -133.11 -21.31
C GLY V 979 -52.54 -132.31 -22.54
N GLU V 980 -51.33 -132.52 -23.00
CA GLU V 980 -50.81 -131.93 -24.22
C GLU V 980 -49.73 -132.83 -24.85
N VAL V 981 -49.54 -132.74 -26.16
CA VAL V 981 -48.51 -133.49 -26.89
C VAL V 981 -47.52 -132.54 -27.52
N SER V 982 -46.24 -132.73 -27.23
CA SER V 982 -45.15 -132.10 -27.95
C SER V 982 -44.88 -132.93 -29.18
N VAL V 983 -45.22 -132.36 -30.32
CA VAL V 983 -44.84 -132.87 -31.63
C VAL V 983 -43.84 -131.90 -32.24
N HIS V 984 -42.81 -132.43 -32.88
CA HIS V 984 -42.07 -131.68 -33.88
C HIS V 984 -42.47 -132.20 -35.25
N VAL V 985 -43.07 -131.35 -36.06
CA VAL V 985 -43.64 -131.73 -37.35
C VAL V 985 -42.87 -131.05 -38.47
N GLU V 986 -42.52 -131.78 -39.52
CA GLU V 986 -41.87 -131.24 -40.71
C GLU V 986 -42.73 -131.50 -41.95
N LEU V 987 -43.21 -130.43 -42.58
CA LEU V 987 -43.88 -130.48 -43.89
C LEU V 987 -42.81 -130.50 -44.97
N PHE V 988 -42.21 -131.66 -45.18
CA PHE V 988 -41.43 -131.90 -46.39
C PHE V 988 -42.34 -132.06 -47.60
N THR V 989 -42.38 -131.01 -48.43
CA THR V 989 -42.68 -131.19 -49.85
C THR V 989 -41.64 -132.20 -50.34
N HIS V 990 -42.11 -133.41 -50.59
CA HIS V 990 -41.35 -134.64 -50.47
C HIS V 990 -40.25 -134.77 -51.53
N PRO V 991 -38.97 -134.88 -51.15
CA PRO V 991 -37.87 -134.86 -52.11
C PRO V 991 -37.85 -136.07 -53.06
N GLY V 992 -38.48 -137.20 -52.70
CA GLY V 992 -38.58 -138.38 -53.57
C GLY V 992 -39.71 -138.34 -54.60
N THR V 993 -40.71 -137.44 -54.48
CA THR V 993 -41.93 -137.48 -55.32
C THR V 993 -42.60 -136.13 -55.64
N GLY V 994 -42.25 -135.03 -54.96
CA GLY V 994 -42.92 -133.72 -55.11
C GLY V 994 -44.34 -133.64 -54.51
N GLU V 995 -44.83 -134.71 -53.88
CA GLU V 995 -46.02 -134.69 -53.03
C GLU V 995 -45.75 -133.83 -51.77
N GLN V 996 -46.72 -133.72 -50.86
CA GLN V 996 -46.43 -133.28 -49.49
C GLN V 996 -46.48 -134.46 -48.53
N LYS V 997 -45.37 -134.63 -47.80
CA LYS V 997 -45.26 -135.55 -46.68
C LYS V 997 -45.10 -134.78 -45.38
N VAL V 998 -45.44 -135.45 -44.29
CA VAL V 998 -45.50 -134.83 -42.97
C VAL V 998 -44.74 -135.72 -41.99
N THR V 999 -43.47 -135.38 -41.74
CA THR V 999 -42.68 -136.09 -40.73
C THR V 999 -43.13 -135.61 -39.35
N VAL V 1000 -43.98 -136.38 -38.67
CA VAL V 1000 -44.38 -136.10 -37.29
C VAL V 1000 -43.45 -136.85 -36.35
N LYS V 1001 -42.47 -136.16 -35.77
CA LYS V 1001 -41.69 -136.64 -34.64
C LYS V 1001 -42.51 -136.42 -33.37
N VAL V 1002 -43.11 -137.48 -32.85
CA VAL V 1002 -43.77 -137.45 -31.54
C VAL V 1002 -42.68 -137.35 -30.48
N VAL V 1003 -42.51 -136.17 -29.89
CA VAL V 1003 -41.47 -135.95 -28.89
C VAL V 1003 -41.93 -136.55 -27.58
N ALA V 1004 -43.04 -136.06 -27.04
CA ALA V 1004 -43.54 -136.45 -25.73
C ALA V 1004 -45.01 -136.08 -25.56
N ALA V 1005 -45.68 -136.67 -24.58
CA ALA V 1005 -46.85 -136.07 -23.97
C ALA V 1005 -46.54 -135.50 -22.58
N ASN V 1006 -47.47 -134.69 -22.05
CA ASN V 1006 -47.41 -134.03 -20.75
C ASN V 1006 -48.82 -133.84 -20.16
N ASP V 1007 -48.90 -133.72 -18.82
CA ASP V 1007 -50.14 -133.50 -18.06
C ASP V 1007 -51.25 -134.52 -18.32
N LEU V 1008 -50.92 -135.76 -18.72
CA LEU V 1008 -51.90 -136.78 -19.08
C LEU V 1008 -52.83 -137.11 -17.90
N LYS V 1009 -54.10 -136.73 -18.01
CA LYS V 1009 -55.15 -137.06 -17.03
C LYS V 1009 -55.60 -138.52 -17.24
N TRP V 1010 -54.79 -139.50 -16.81
CA TRP V 1010 -55.06 -140.93 -17.03
C TRP V 1010 -54.55 -141.84 -15.90
N GLN V 1011 -54.82 -141.51 -14.64
CA GLN V 1011 -54.32 -142.28 -13.50
C GLN V 1011 -55.07 -143.62 -13.35
N THR V 1012 -54.78 -144.57 -14.24
CA THR V 1012 -55.50 -145.83 -14.40
C THR V 1012 -55.17 -146.90 -13.34
N SER V 1013 -56.09 -147.86 -13.17
CA SER V 1013 -56.02 -148.94 -12.17
C SER V 1013 -55.06 -150.08 -12.57
N GLY V 1014 -55.03 -150.45 -13.85
CA GLY V 1014 -53.94 -151.27 -14.42
C GLY V 1014 -52.64 -150.48 -14.52
N ILE V 1015 -51.54 -151.11 -14.93
CA ILE V 1015 -50.31 -150.38 -15.26
C ILE V 1015 -50.59 -149.49 -16.47
N PHE V 1016 -50.37 -148.19 -16.34
CA PHE V 1016 -50.48 -147.26 -17.46
C PHE V 1016 -49.36 -147.52 -18.47
N ARG V 1017 -49.66 -147.60 -19.76
CA ARG V 1017 -48.66 -147.86 -20.83
C ARG V 1017 -48.92 -146.96 -22.04
N PRO V 1018 -48.86 -145.62 -21.90
CA PRO V 1018 -49.22 -144.71 -22.96
C PRO V 1018 -48.35 -144.87 -24.20
N PHE V 1019 -48.99 -144.73 -25.35
CA PHE V 1019 -48.43 -144.55 -26.67
C PHE V 1019 -49.23 -143.43 -27.36
N ILE V 1020 -48.69 -142.84 -28.41
CA ILE V 1020 -49.38 -141.76 -29.11
C ILE V 1020 -49.73 -142.24 -30.50
N GLU V 1021 -51.03 -142.23 -30.79
CA GLU V 1021 -51.51 -142.27 -32.16
C GLU V 1021 -51.45 -140.87 -32.77
N VAL V 1022 -51.15 -140.78 -34.06
CA VAL V 1022 -51.33 -139.56 -34.84
C VAL V 1022 -52.18 -139.91 -36.05
N ASN V 1023 -53.14 -139.05 -36.38
CA ASN V 1023 -53.96 -139.16 -37.59
C ASN V 1023 -53.76 -137.96 -38.50
N ILE V 1024 -54.08 -138.12 -39.79
CA ILE V 1024 -54.22 -137.01 -40.75
C ILE V 1024 -55.67 -136.91 -41.27
N VAL V 1025 -56.18 -135.68 -41.36
CA VAL V 1025 -57.51 -135.37 -41.90
C VAL V 1025 -57.41 -134.35 -43.03
N GLY V 1026 -58.26 -134.54 -44.05
CA GLY V 1026 -58.35 -133.74 -45.26
C GLY V 1026 -58.94 -134.55 -46.41
N PRO V 1027 -59.12 -133.93 -47.58
CA PRO V 1027 -59.64 -134.60 -48.77
C PRO V 1027 -58.60 -135.57 -49.36
N GLN V 1028 -59.05 -136.53 -50.17
CA GLN V 1028 -58.22 -137.53 -50.84
C GLN V 1028 -57.31 -138.33 -49.87
N LEU V 1029 -57.89 -138.95 -48.84
CA LEU V 1029 -57.19 -139.81 -47.87
C LEU V 1029 -57.75 -141.26 -47.81
N SER V 1030 -58.55 -141.69 -48.79
CA SER V 1030 -59.08 -143.06 -48.87
C SER V 1030 -57.99 -144.13 -49.14
N ASP V 1031 -56.92 -143.72 -49.81
CA ASP V 1031 -55.81 -144.54 -50.31
C ASP V 1031 -54.53 -144.43 -49.48
N LYS V 1032 -54.50 -143.54 -48.49
CA LYS V 1032 -53.31 -143.14 -47.74
C LYS V 1032 -53.45 -143.44 -46.26
N LYS V 1033 -52.33 -143.80 -45.63
CA LYS V 1033 -52.23 -144.20 -44.22
C LYS V 1033 -52.66 -143.03 -43.33
N ARG V 1034 -53.94 -143.04 -42.93
CA ARG V 1034 -54.54 -141.99 -42.10
C ARG V 1034 -54.08 -141.99 -40.66
N LYS V 1035 -53.35 -143.02 -40.20
CA LYS V 1035 -53.00 -143.27 -38.79
C LYS V 1035 -51.56 -143.80 -38.62
N PHE V 1036 -50.89 -143.43 -37.53
CA PHE V 1036 -49.65 -144.03 -37.02
C PHE V 1036 -49.73 -144.18 -35.49
N ALA V 1037 -48.87 -145.00 -34.89
CA ALA V 1037 -48.76 -145.11 -33.43
C ALA V 1037 -47.33 -145.39 -32.93
N THR V 1038 -46.96 -144.82 -31.78
CA THR V 1038 -45.62 -145.03 -31.18
C THR V 1038 -45.53 -146.39 -30.47
N LYS V 1039 -44.32 -146.81 -30.04
CA LYS V 1039 -44.18 -147.78 -28.94
C LYS V 1039 -44.84 -147.21 -27.67
N SER V 1040 -45.16 -148.09 -26.72
CA SER V 1040 -45.64 -147.72 -25.39
C SER V 1040 -44.51 -147.39 -24.41
N LYS V 1041 -44.81 -146.61 -23.35
CA LYS V 1041 -43.92 -146.34 -22.20
C LYS V 1041 -44.61 -146.71 -20.89
N ASN V 1042 -43.96 -147.50 -20.04
CA ASN V 1042 -44.57 -147.95 -18.78
C ASN V 1042 -44.69 -146.81 -17.76
N ASN V 1043 -45.82 -146.76 -17.07
CA ASN V 1043 -46.07 -146.03 -15.82
C ASN V 1043 -45.60 -144.56 -15.88
N SER V 1044 -46.06 -143.81 -16.89
CA SER V 1044 -45.46 -142.50 -17.21
C SER V 1044 -46.47 -141.52 -17.81
N TRP V 1045 -46.89 -140.50 -17.04
CA TRP V 1045 -47.87 -139.48 -17.44
C TRP V 1045 -47.29 -138.24 -18.13
N ALA V 1046 -45.97 -138.15 -18.25
CA ALA V 1046 -45.29 -137.28 -19.22
C ALA V 1046 -44.31 -138.08 -20.11
N PRO V 1047 -44.81 -139.08 -20.86
CA PRO V 1047 -43.98 -140.04 -21.58
C PRO V 1047 -43.32 -139.39 -22.80
N LYS V 1048 -42.02 -139.64 -22.96
CA LYS V 1048 -41.28 -139.32 -24.19
C LYS V 1048 -41.34 -140.48 -25.17
N TYR V 1049 -41.13 -140.19 -26.45
CA TYR V 1049 -41.12 -141.21 -27.51
C TYR V 1049 -39.96 -140.98 -28.47
N ASN V 1050 -39.85 -139.76 -29.00
CA ASN V 1050 -38.88 -139.41 -30.03
C ASN V 1050 -39.00 -140.32 -31.27
N GLU V 1051 -40.22 -140.71 -31.61
CA GLU V 1051 -40.56 -141.62 -32.71
C GLU V 1051 -41.16 -140.84 -33.88
N SER V 1052 -40.66 -141.12 -35.09
CA SER V 1052 -40.99 -140.33 -36.28
C SER V 1052 -41.88 -141.10 -37.25
N PHE V 1053 -43.04 -140.51 -37.55
CA PHE V 1053 -44.02 -140.98 -38.53
C PHE V 1053 -43.93 -140.18 -39.82
N GLN V 1054 -44.49 -140.68 -40.91
CA GLN V 1054 -44.47 -140.00 -42.21
C GLN V 1054 -45.82 -140.19 -42.94
N PHE V 1055 -46.75 -139.28 -42.70
CA PHE V 1055 -48.00 -139.21 -43.48
C PHE V 1055 -47.72 -138.75 -44.91
N SER V 1056 -48.61 -139.11 -45.82
CA SER V 1056 -48.69 -138.53 -47.15
C SER V 1056 -50.00 -137.75 -47.30
N LEU V 1057 -49.93 -136.49 -47.70
CA LEU V 1057 -51.08 -135.68 -48.11
C LEU V 1057 -51.45 -136.01 -49.57
N SER V 1058 -52.51 -135.42 -50.13
CA SER V 1058 -52.61 -135.38 -51.60
C SER V 1058 -51.54 -134.47 -52.21
N ALA V 1059 -51.16 -134.74 -53.46
CA ALA V 1059 -50.42 -133.77 -54.27
C ALA V 1059 -51.28 -132.55 -54.65
N ASP V 1060 -52.57 -132.74 -54.96
CA ASP V 1060 -53.41 -131.68 -55.52
C ASP V 1060 -53.93 -130.71 -54.45
N ALA V 1061 -54.47 -131.20 -53.35
CA ALA V 1061 -54.88 -130.39 -52.22
C ALA V 1061 -53.64 -129.83 -51.47
N GLY V 1062 -53.63 -128.53 -51.20
CA GLY V 1062 -52.56 -127.88 -50.46
C GLY V 1062 -52.61 -128.23 -48.97
N PRO V 1063 -51.57 -127.92 -48.20
CA PRO V 1063 -51.48 -128.28 -46.79
C PRO V 1063 -52.57 -127.60 -45.96
N GLU V 1064 -53.09 -126.45 -46.39
CA GLU V 1064 -54.25 -125.81 -45.77
C GLU V 1064 -55.58 -126.57 -45.96
N CYS V 1065 -55.61 -127.57 -46.84
CA CYS V 1065 -56.69 -128.55 -46.90
C CYS V 1065 -56.53 -129.67 -45.85
N TYR V 1066 -55.49 -129.63 -45.03
CA TYR V 1066 -55.17 -130.69 -44.09
C TYR V 1066 -54.91 -130.21 -42.67
N GLU V 1067 -55.02 -131.17 -41.78
CA GLU V 1067 -54.80 -131.02 -40.35
C GLU V 1067 -54.43 -132.39 -39.78
N LEU V 1068 -53.42 -132.44 -38.92
CA LEU V 1068 -53.18 -133.61 -38.08
C LEU V 1068 -54.21 -133.63 -36.96
N GLN V 1069 -54.61 -134.83 -36.54
CA GLN V 1069 -55.49 -135.08 -35.42
C GLN V 1069 -54.83 -136.10 -34.48
N VAL V 1070 -54.05 -135.58 -33.53
CA VAL V 1070 -53.23 -136.34 -32.58
C VAL V 1070 -54.09 -136.97 -31.49
N CYS V 1071 -53.78 -138.20 -31.05
CA CYS V 1071 -54.55 -138.90 -30.03
C CYS V 1071 -53.66 -139.80 -29.15
N VAL V 1072 -53.52 -139.45 -27.87
CA VAL V 1072 -52.79 -140.31 -26.93
C VAL V 1072 -53.66 -141.50 -26.55
N LYS V 1073 -53.05 -142.68 -26.35
CA LYS V 1073 -53.75 -143.92 -26.00
C LYS V 1073 -52.98 -144.76 -24.99
N ASP V 1074 -53.69 -145.57 -24.21
CA ASP V 1074 -53.12 -146.48 -23.20
C ASP V 1074 -53.04 -147.91 -23.76
N TYR V 1075 -51.85 -148.51 -23.87
CA TYR V 1075 -51.67 -149.84 -24.45
C TYR V 1075 -52.04 -150.96 -23.49
N CYS V 1076 -52.91 -151.88 -23.91
CA CYS V 1076 -53.31 -153.03 -23.11
C CYS V 1076 -53.38 -154.30 -24.00
N PHE V 1077 -52.24 -154.98 -24.19
CA PHE V 1077 -52.17 -156.23 -24.97
C PHE V 1077 -53.10 -157.31 -24.40
N ALA V 1078 -53.61 -158.16 -25.29
CA ALA V 1078 -54.69 -159.13 -25.07
C ALA V 1078 -56.06 -158.52 -24.68
N ARG V 1079 -56.08 -157.38 -23.98
CA ARG V 1079 -57.24 -156.53 -23.73
C ARG V 1079 -57.47 -155.57 -24.91
N GLU V 1080 -57.67 -154.29 -24.63
CA GLU V 1080 -58.01 -153.21 -25.56
C GLU V 1080 -57.29 -151.91 -25.20
N ASP V 1081 -56.80 -151.17 -26.19
CA ASP V 1081 -56.17 -149.86 -25.98
C ASP V 1081 -57.22 -148.74 -25.82
N ARG V 1082 -56.89 -147.65 -25.09
CA ARG V 1082 -57.88 -146.65 -24.66
C ARG V 1082 -57.50 -145.19 -24.96
N THR V 1083 -58.40 -144.37 -25.56
CA THR V 1083 -58.16 -142.95 -25.89
C THR V 1083 -58.03 -142.07 -24.66
N VAL V 1084 -56.87 -141.43 -24.52
CA VAL V 1084 -56.52 -140.51 -23.44
C VAL V 1084 -56.82 -139.04 -23.79
N GLY V 1085 -56.87 -138.65 -25.07
CA GLY V 1085 -57.25 -137.28 -25.49
C GLY V 1085 -57.03 -137.06 -26.97
N LEU V 1086 -57.49 -135.94 -27.53
CA LEU V 1086 -57.39 -135.61 -28.96
C LEU V 1086 -56.96 -134.15 -29.20
N ALA V 1087 -56.05 -133.84 -30.12
CA ALA V 1087 -55.71 -132.46 -30.52
C ALA V 1087 -55.63 -132.28 -32.04
N VAL V 1088 -56.02 -131.12 -32.57
CA VAL V 1088 -55.90 -130.85 -34.01
C VAL V 1088 -54.79 -129.83 -34.28
N LEU V 1089 -53.87 -130.17 -35.18
CA LEU V 1089 -52.83 -129.27 -35.69
C LEU V 1089 -53.09 -128.99 -37.17
N GLN V 1090 -53.47 -127.77 -37.48
CA GLN V 1090 -53.75 -127.33 -38.84
C GLN V 1090 -52.48 -127.32 -39.69
N LEU V 1091 -52.44 -128.04 -40.80
CA LEU V 1091 -51.26 -128.02 -41.68
C LEU V 1091 -51.15 -126.73 -42.51
N ARG V 1092 -52.18 -125.87 -42.49
CA ARG V 1092 -52.04 -124.46 -42.93
C ARG V 1092 -50.94 -123.70 -42.18
N GLU V 1093 -50.71 -123.98 -40.90
CA GLU V 1093 -49.61 -123.36 -40.15
C GLU V 1093 -48.25 -123.85 -40.64
N LEU V 1094 -48.12 -125.16 -40.79
CA LEU V 1094 -46.89 -125.80 -41.26
C LEU V 1094 -46.57 -125.48 -42.72
N ALA V 1095 -47.57 -125.12 -43.53
CA ALA V 1095 -47.37 -124.54 -44.86
C ALA V 1095 -46.45 -123.30 -44.81
N GLN V 1096 -46.62 -122.46 -43.79
CA GLN V 1096 -45.79 -121.28 -43.54
C GLN V 1096 -44.52 -121.65 -42.78
N ARG V 1097 -44.68 -122.37 -41.67
CA ARG V 1097 -43.58 -122.66 -40.72
C ARG V 1097 -42.54 -123.61 -41.30
N GLY V 1098 -42.92 -124.46 -42.26
CA GLY V 1098 -42.12 -125.53 -42.86
C GLY V 1098 -41.88 -126.70 -41.91
N SER V 1099 -41.50 -126.39 -40.67
CA SER V 1099 -41.55 -127.31 -39.54
C SER V 1099 -41.95 -126.58 -38.26
N ALA V 1100 -42.50 -127.31 -37.30
CA ALA V 1100 -43.08 -126.76 -36.08
C ALA V 1100 -42.92 -127.74 -34.92
N ALA V 1101 -42.15 -127.34 -33.91
CA ALA V 1101 -42.25 -127.89 -32.57
C ALA V 1101 -43.41 -127.20 -31.85
N CYS V 1102 -44.44 -127.95 -31.44
CA CYS V 1102 -45.63 -127.38 -30.82
C CYS V 1102 -46.20 -128.26 -29.70
N TRP V 1103 -46.64 -127.65 -28.61
CA TRP V 1103 -47.48 -128.27 -27.59
C TRP V 1103 -48.95 -128.19 -27.99
N LEU V 1104 -49.51 -129.33 -28.39
CA LEU V 1104 -50.90 -129.47 -28.76
C LEU V 1104 -51.75 -129.81 -27.52
N PRO V 1105 -52.57 -128.90 -26.97
CA PRO V 1105 -53.49 -129.22 -25.88
C PRO V 1105 -54.49 -130.28 -26.35
N LEU V 1106 -54.52 -131.43 -25.68
CA LEU V 1106 -55.48 -132.49 -25.93
C LEU V 1106 -56.85 -132.09 -25.42
N GLY V 1107 -57.83 -131.93 -26.28
CA GLY V 1107 -59.23 -131.90 -25.90
C GLY V 1107 -59.82 -133.27 -25.67
N ARG V 1108 -61.03 -133.29 -25.11
CA ARG V 1108 -61.90 -134.48 -25.05
C ARG V 1108 -62.70 -134.67 -26.35
N ARG V 1109 -63.04 -133.56 -27.04
CA ARG V 1109 -63.68 -133.47 -28.36
C ARG V 1109 -63.10 -132.33 -29.19
N ILE V 1110 -63.52 -132.24 -30.46
CA ILE V 1110 -63.06 -131.25 -31.45
C ILE V 1110 -64.23 -130.30 -31.84
N HIS V 1111 -64.01 -128.98 -31.77
CA HIS V 1111 -65.08 -127.96 -31.92
C HIS V 1111 -65.46 -127.69 -33.41
N MET V 1112 -66.71 -127.32 -33.70
CA MET V 1112 -67.19 -127.06 -35.07
C MET V 1112 -68.03 -125.79 -35.20
N ASP V 1113 -68.16 -125.31 -36.42
CA ASP V 1113 -69.08 -124.26 -36.82
C ASP V 1113 -70.22 -124.80 -37.71
N ASP V 1114 -71.15 -123.92 -38.06
CA ASP V 1114 -72.34 -124.23 -38.87
C ASP V 1114 -72.03 -124.83 -40.24
N THR V 1115 -70.83 -124.62 -40.78
CA THR V 1115 -70.42 -125.07 -42.09
C THR V 1115 -69.67 -126.39 -41.95
N GLY V 1116 -68.96 -126.57 -40.85
CA GLY V 1116 -68.56 -127.89 -40.39
C GLY V 1116 -69.79 -128.78 -40.24
N LEU V 1117 -70.82 -128.26 -39.57
CA LEU V 1117 -72.07 -128.96 -39.33
C LEU V 1117 -72.94 -129.13 -40.58
N THR V 1118 -73.06 -128.13 -41.48
CA THR V 1118 -73.78 -128.30 -42.77
C THR V 1118 -73.09 -129.38 -43.59
N VAL V 1119 -71.76 -129.34 -43.67
CA VAL V 1119 -71.02 -130.38 -44.36
C VAL V 1119 -71.21 -131.73 -43.66
N LEU V 1120 -71.10 -131.81 -42.34
CA LEU V 1120 -71.28 -133.05 -41.60
C LEU V 1120 -72.70 -133.62 -41.78
N ARG V 1121 -73.74 -132.78 -41.93
CA ARG V 1121 -75.11 -133.19 -42.30
C ARG V 1121 -75.22 -133.76 -43.71
N ILE V 1122 -74.36 -133.34 -44.62
CA ILE V 1122 -74.33 -133.81 -46.01
C ILE V 1122 -73.42 -135.05 -46.14
N LEU V 1123 -72.34 -135.13 -45.37
CA LEU V 1123 -71.50 -136.32 -45.24
C LEU V 1123 -72.20 -137.42 -44.44
N SER V 1124 -73.01 -137.08 -43.46
CA SER V 1124 -73.83 -138.05 -42.73
C SER V 1124 -74.92 -138.63 -43.66
N GLN V 1125 -75.42 -137.88 -44.63
CA GLN V 1125 -76.22 -138.43 -45.75
C GLN V 1125 -75.49 -139.46 -46.58
N ARG V 1126 -74.18 -139.31 -46.72
CA ARG V 1126 -73.34 -140.32 -47.35
C ARG V 1126 -72.94 -141.38 -46.31
N SER V 1127 -73.95 -141.87 -45.57
CA SER V 1127 -73.82 -142.86 -44.48
C SER V 1127 -73.18 -144.19 -44.91
N ASN V 1128 -73.17 -144.49 -46.22
CA ASN V 1128 -72.56 -145.70 -46.79
C ASN V 1128 -71.14 -145.46 -47.34
N ASP V 1129 -70.78 -144.22 -47.68
CA ASP V 1129 -69.45 -143.89 -48.21
C ASP V 1129 -68.43 -144.07 -47.07
N GLU V 1130 -67.43 -144.93 -47.27
CA GLU V 1130 -66.47 -145.25 -46.23
C GLU V 1130 -65.59 -144.07 -45.83
N VAL V 1131 -65.29 -143.16 -46.75
CA VAL V 1131 -64.58 -141.92 -46.43
C VAL V 1131 -65.49 -141.00 -45.64
N ALA V 1132 -66.76 -140.84 -46.04
CA ALA V 1132 -67.70 -139.99 -45.32
C ALA V 1132 -68.04 -140.57 -43.94
N LYS V 1133 -68.24 -141.88 -43.82
CA LYS V 1133 -68.31 -142.60 -42.54
C LYS V 1133 -67.08 -142.32 -41.68
N GLU V 1134 -65.87 -142.60 -42.18
CA GLU V 1134 -64.64 -142.44 -41.38
C GLU V 1134 -64.37 -140.98 -41.04
N PHE V 1135 -64.77 -140.03 -41.89
CA PHE V 1135 -64.70 -138.61 -41.58
C PHE V 1135 -65.70 -138.23 -40.48
N VAL V 1136 -66.99 -138.56 -40.66
CA VAL V 1136 -68.07 -138.29 -39.70
C VAL V 1136 -67.74 -138.96 -38.36
N LYS V 1137 -67.16 -140.16 -38.38
CA LYS V 1137 -66.63 -140.86 -37.22
C LYS V 1137 -65.42 -140.13 -36.61
N LEU V 1138 -64.34 -139.89 -37.35
CA LEU V 1138 -63.12 -139.26 -36.82
C LEU V 1138 -63.37 -137.84 -36.28
N LYS V 1139 -64.37 -137.12 -36.79
CA LYS V 1139 -64.79 -135.82 -36.25
C LYS V 1139 -65.81 -135.88 -35.12
N SER V 1140 -66.59 -136.96 -35.04
CA SER V 1140 -67.38 -137.27 -33.85
C SER V 1140 -66.58 -138.15 -32.85
N ASP V 1141 -65.27 -138.28 -33.04
CA ASP V 1141 -64.37 -139.05 -32.19
C ASP V 1141 -64.06 -138.29 -30.88
N THR V 1142 -64.14 -138.96 -29.74
CA THR V 1142 -64.02 -138.35 -28.41
C THR V 1142 -63.31 -139.25 -27.41
N ARG V 1143 -62.70 -138.64 -26.39
CA ARG V 1143 -62.11 -139.32 -25.25
C ARG V 1143 -63.19 -139.85 -24.29
N SER V 1144 -63.05 -141.08 -23.79
CA SER V 1144 -63.77 -141.56 -22.61
C SER V 1144 -63.29 -140.82 -21.35
N ALA V 1145 -64.21 -140.32 -20.52
CA ALA V 1145 -63.85 -139.47 -19.38
C ALA V 1145 -63.11 -140.21 -18.25
N GLU V 1146 -63.16 -141.54 -18.24
CA GLU V 1146 -62.53 -142.39 -17.23
C GLU V 1146 -61.01 -142.18 -17.15
N GLU V 1147 -60.43 -142.42 -15.96
CA GLU V 1147 -59.06 -142.05 -15.59
C GLU V 1147 -58.75 -140.54 -15.58
N GLY V 1148 -59.71 -139.64 -15.87
CA GLY V 1148 -59.46 -138.20 -16.01
C GLY V 1148 -60.65 -137.23 -16.04
N GLY V 1149 -61.64 -137.38 -15.15
CA GLY V 1149 -62.47 -136.26 -14.68
C GLY V 1149 -63.62 -135.73 -15.56
N ALA V 1150 -63.64 -134.40 -15.77
CA ALA V 1150 -64.79 -133.59 -16.16
C ALA V 1150 -65.33 -133.81 -17.60
N ALA V 1151 -66.42 -133.09 -17.95
CA ALA V 1151 -67.11 -133.19 -19.23
C ALA V 1151 -66.48 -132.35 -20.38
N PRO V 1152 -66.67 -132.75 -21.65
CA PRO V 1152 -66.35 -131.93 -22.84
C PRO V 1152 -67.26 -130.70 -22.97
N ALA V 1153 -66.95 -129.82 -23.94
CA ALA V 1153 -67.80 -128.71 -24.35
C ALA V 1153 -67.76 -128.50 -25.88
N PRO V 1154 -68.87 -128.01 -26.50
CA PRO V 1154 -69.06 -127.97 -27.94
C PRO V 1154 -67.98 -127.19 -28.69
N GLU W 23 -155.75 -17.46 -135.73
CA GLU W 23 -156.36 -16.17 -135.29
C GLU W 23 -157.87 -16.16 -135.40
N GLU W 24 -158.43 -16.35 -136.61
CA GLU W 24 -159.87 -16.40 -136.90
C GLU W 24 -160.70 -17.16 -135.84
N LEU W 25 -160.40 -18.45 -135.63
CA LEU W 25 -161.05 -19.27 -134.61
C LEU W 25 -160.85 -18.72 -133.21
N LYS W 26 -159.65 -18.26 -132.85
CA LYS W 26 -159.37 -17.69 -131.53
C LYS W 26 -160.22 -16.48 -131.22
N ASN W 27 -160.34 -15.55 -132.16
CA ASN W 27 -161.18 -14.36 -131.98
C ASN W 27 -162.68 -14.71 -132.02
N HIS W 28 -163.09 -15.60 -132.92
CA HIS W 28 -164.45 -16.15 -132.96
C HIS W 28 -164.83 -16.79 -131.62
N VAL W 29 -163.95 -17.61 -131.06
CA VAL W 29 -164.15 -18.29 -129.79
C VAL W 29 -164.06 -17.32 -128.64
N TYR W 30 -163.17 -16.32 -128.65
CA TYR W 30 -163.16 -15.24 -127.66
C TYR W 30 -164.54 -14.61 -127.56
N LYS W 31 -165.07 -14.15 -128.70
CA LYS W 31 -166.39 -13.54 -128.82
C LYS W 31 -167.51 -14.48 -128.37
N LYS W 32 -167.50 -15.74 -128.81
CA LYS W 32 -168.51 -16.73 -128.40
C LYS W 32 -168.39 -17.17 -126.96
N THR W 33 -167.21 -17.06 -126.36
CA THR W 33 -167.00 -17.32 -124.94
C THR W 33 -167.52 -16.14 -124.13
N LEU W 34 -167.21 -14.91 -124.54
CA LEU W 34 -167.78 -13.71 -123.94
C LEU W 34 -169.30 -13.74 -124.00
N GLN W 35 -169.90 -13.99 -125.17
CA GLN W 35 -171.35 -14.14 -125.29
C GLN W 35 -171.87 -15.32 -124.45
N ALA W 36 -171.18 -16.45 -124.43
CA ALA W 36 -171.64 -17.63 -123.71
C ALA W 36 -171.78 -17.41 -122.22
N LEU W 37 -170.90 -16.59 -121.64
CA LEU W 37 -170.77 -16.39 -120.20
C LEU W 37 -171.25 -15.04 -119.69
N ILE W 38 -171.49 -14.03 -120.54
CA ILE W 38 -172.08 -12.75 -120.09
C ILE W 38 -173.52 -12.97 -119.66
N TYR W 39 -174.31 -13.63 -120.49
CA TYR W 39 -175.50 -14.32 -120.05
C TYR W 39 -175.14 -15.80 -120.03
N PRO W 40 -174.60 -16.32 -118.91
CA PRO W 40 -174.35 -17.74 -118.80
C PRO W 40 -175.67 -18.48 -119.00
N ILE W 41 -175.68 -19.64 -119.65
CA ILE W 41 -176.94 -20.41 -119.82
C ILE W 41 -177.57 -20.78 -118.47
N SER W 42 -176.78 -20.78 -117.39
CA SER W 42 -177.24 -20.93 -116.02
C SER W 42 -178.12 -19.79 -115.49
N CYS W 43 -178.36 -18.72 -116.25
CA CYS W 43 -179.42 -17.74 -115.96
C CYS W 43 -180.86 -18.26 -116.18
N THR W 44 -181.03 -19.30 -116.99
CA THR W 44 -182.32 -19.64 -117.62
C THR W 44 -183.26 -20.51 -116.74
N THR W 45 -184.56 -20.47 -117.06
CA THR W 45 -185.68 -21.10 -116.34
C THR W 45 -186.48 -22.03 -117.27
N PRO W 46 -187.02 -23.18 -116.81
CA PRO W 46 -187.76 -24.12 -117.67
C PRO W 46 -189.29 -23.90 -117.66
N HIS W 47 -189.95 -24.16 -118.78
CA HIS W 47 -191.41 -24.02 -118.92
C HIS W 47 -192.15 -25.23 -118.35
N ASN W 48 -192.86 -25.04 -117.24
CA ASN W 48 -193.80 -26.03 -116.70
C ASN W 48 -195.11 -26.07 -117.50
N PHE W 49 -195.14 -26.78 -118.63
CA PHE W 49 -196.35 -26.96 -119.42
C PHE W 49 -197.33 -28.00 -118.87
N GLU W 50 -198.59 -27.60 -118.74
CA GLU W 50 -199.75 -28.49 -118.72
C GLU W 50 -200.31 -28.62 -120.15
N VAL W 51 -200.83 -29.81 -120.48
CA VAL W 51 -201.75 -29.96 -121.60
C VAL W 51 -203.00 -29.16 -121.29
N TRP W 52 -203.45 -28.34 -122.23
CA TRP W 52 -204.64 -27.53 -122.06
C TRP W 52 -205.48 -27.52 -123.34
N THR W 53 -206.75 -27.86 -123.18
CA THR W 53 -207.73 -27.77 -124.28
C THR W 53 -208.11 -26.32 -124.52
N ALA W 54 -207.86 -25.82 -125.73
CA ALA W 54 -208.47 -24.60 -126.21
C ALA W 54 -209.96 -24.85 -126.49
N THR W 55 -210.79 -24.96 -125.42
CA THR W 55 -212.24 -25.22 -125.45
C THR W 55 -213.04 -24.16 -126.24
N THR W 56 -212.37 -23.08 -126.66
CA THR W 56 -212.78 -22.07 -127.64
C THR W 56 -211.62 -21.79 -128.61
N PRO W 57 -211.88 -21.37 -129.88
CA PRO W 57 -210.84 -21.00 -130.84
C PRO W 57 -209.84 -19.99 -130.26
N THR W 58 -208.55 -20.37 -130.22
CA THR W 58 -207.47 -19.64 -129.54
C THR W 58 -206.22 -19.63 -130.44
N TYR W 59 -205.30 -18.69 -130.26
CA TYR W 59 -204.15 -18.51 -131.15
C TYR W 59 -202.82 -18.57 -130.40
N CYS W 60 -201.92 -19.41 -130.90
CA CYS W 60 -200.68 -19.80 -130.22
C CYS W 60 -199.72 -18.62 -130.00
N TYR W 61 -199.19 -18.43 -128.80
CA TYR W 61 -198.28 -17.32 -128.50
C TYR W 61 -196.91 -17.42 -129.20
N GLU W 62 -196.61 -18.55 -129.83
CA GLU W 62 -195.51 -18.64 -130.80
C GLU W 62 -195.99 -18.25 -132.20
N CYS W 63 -196.74 -19.14 -132.87
CA CYS W 63 -197.05 -19.05 -134.29
C CYS W 63 -198.30 -18.24 -134.66
N GLU W 64 -199.08 -17.82 -133.67
CA GLU W 64 -200.44 -17.26 -133.82
C GLU W 64 -201.41 -18.21 -134.56
N GLY W 65 -201.08 -19.50 -134.67
CA GLY W 65 -201.88 -20.54 -135.33
C GLY W 65 -203.01 -21.07 -134.45
N LEU W 66 -204.07 -21.60 -135.07
CA LEU W 66 -205.29 -22.04 -134.39
C LEU W 66 -205.07 -23.23 -133.45
N LEU W 67 -205.46 -23.00 -132.20
CA LEU W 67 -205.72 -23.96 -131.15
C LEU W 67 -207.23 -24.05 -131.01
N TRP W 68 -207.81 -25.25 -131.07
CA TRP W 68 -209.26 -25.41 -131.04
C TRP W 68 -209.67 -26.82 -130.63
N GLY W 69 -210.52 -26.89 -129.61
CA GLY W 69 -211.12 -28.11 -129.09
C GLY W 69 -210.08 -29.13 -128.66
N ILE W 70 -210.53 -30.38 -128.61
CA ILE W 70 -209.63 -31.53 -128.51
C ILE W 70 -208.84 -31.71 -129.81
N ALA W 71 -209.42 -31.33 -130.97
CA ALA W 71 -208.83 -31.49 -132.30
C ALA W 71 -207.44 -30.82 -132.46
N ARG W 72 -207.29 -29.63 -131.88
CA ARG W 72 -206.06 -28.85 -131.85
C ARG W 72 -205.83 -28.29 -130.44
N GLN W 73 -205.60 -29.17 -129.47
CA GLN W 73 -205.17 -28.79 -128.11
C GLN W 73 -203.88 -27.94 -128.11
N GLY W 74 -203.67 -27.19 -127.03
CA GLY W 74 -202.42 -26.51 -126.76
C GLY W 74 -201.72 -27.02 -125.50
N MET W 75 -200.63 -26.34 -125.18
CA MET W 75 -199.94 -26.40 -123.91
C MET W 75 -200.09 -25.04 -123.25
N ARG W 76 -200.50 -25.02 -121.99
CA ARG W 76 -200.49 -23.83 -121.16
C ARG W 76 -199.37 -24.05 -120.16
N CYS W 77 -198.34 -23.22 -120.16
CA CYS W 77 -197.41 -23.24 -119.04
C CYS W 77 -198.10 -22.71 -117.80
N THR W 78 -197.68 -23.11 -116.61
CA THR W 78 -198.04 -22.44 -115.37
C THR W 78 -197.08 -21.29 -115.08
N GLU W 79 -195.77 -21.59 -115.04
CA GLU W 79 -194.72 -20.66 -114.63
C GLU W 79 -194.60 -19.52 -115.65
N CYS W 80 -194.32 -19.82 -116.91
CA CYS W 80 -194.51 -18.84 -117.97
C CYS W 80 -195.96 -18.66 -118.39
N GLY W 81 -196.94 -19.41 -117.89
CA GLY W 81 -198.37 -19.18 -118.19
C GLY W 81 -198.80 -19.48 -119.65
N VAL W 82 -197.81 -19.66 -120.52
CA VAL W 82 -197.86 -19.39 -121.96
C VAL W 82 -198.72 -20.39 -122.71
N LYS W 83 -199.59 -19.92 -123.62
CA LYS W 83 -200.56 -20.75 -124.35
C LYS W 83 -200.09 -20.93 -125.78
N CYS W 84 -199.89 -22.18 -126.21
CA CYS W 84 -199.27 -22.48 -127.49
C CYS W 84 -199.71 -23.83 -128.04
N HIS W 85 -199.44 -24.14 -129.31
CA HIS W 85 -199.50 -25.53 -129.76
C HIS W 85 -198.59 -26.40 -128.91
N GLU W 86 -198.86 -27.69 -128.85
CA GLU W 86 -197.86 -28.68 -128.48
C GLU W 86 -196.61 -28.54 -129.36
N LYS W 87 -196.77 -28.59 -130.69
CA LYS W 87 -195.65 -28.37 -131.62
C LYS W 87 -194.97 -27.00 -131.48
N CYS W 88 -195.60 -26.05 -130.79
CA CYS W 88 -195.00 -24.76 -130.47
C CYS W 88 -194.43 -24.63 -129.08
N GLN W 89 -194.74 -25.50 -128.12
CA GLN W 89 -194.34 -25.27 -126.73
C GLN W 89 -192.81 -25.27 -126.56
N ASP W 90 -192.10 -25.87 -127.52
CA ASP W 90 -190.65 -25.83 -127.66
C ASP W 90 -190.16 -24.72 -128.61
N LEU W 91 -190.95 -24.36 -129.62
CA LEU W 91 -190.67 -23.25 -130.53
C LEU W 91 -190.82 -21.90 -129.83
N LEU W 92 -191.55 -21.84 -128.71
CA LEU W 92 -191.43 -20.81 -127.70
C LEU W 92 -190.00 -20.81 -127.13
N ASN W 93 -189.10 -20.09 -127.81
CA ASN W 93 -187.65 -20.28 -127.69
C ASN W 93 -187.04 -19.82 -126.36
N ALA W 94 -187.46 -18.67 -125.82
CA ALA W 94 -186.79 -18.05 -124.68
C ALA W 94 -187.17 -18.72 -123.35
N ASP W 95 -186.36 -18.52 -122.30
CA ASP W 95 -186.53 -19.20 -121.02
C ASP W 95 -187.87 -18.87 -120.32
N CYS W 96 -188.19 -19.56 -119.25
CA CYS W 96 -189.45 -19.37 -118.57
C CYS W 96 -189.59 -18.00 -117.92
N LEU W 97 -188.50 -17.32 -117.52
CA LEU W 97 -188.59 -15.89 -117.23
C LEU W 97 -189.09 -15.13 -118.47
N GLN W 98 -188.35 -15.18 -119.56
CA GLN W 98 -188.67 -14.43 -120.77
C GLN W 98 -190.06 -14.79 -121.31
N ARG W 99 -190.43 -16.08 -121.41
CA ARG W 99 -191.77 -16.48 -121.82
C ARG W 99 -192.84 -16.21 -120.77
N ALA W 100 -192.53 -16.08 -119.47
CA ALA W 100 -193.50 -15.53 -118.52
C ALA W 100 -193.76 -14.06 -118.84
N ALA W 101 -192.73 -13.31 -119.21
CA ALA W 101 -192.86 -11.96 -119.74
C ALA W 101 -193.68 -11.91 -121.04
N GLU W 102 -193.36 -12.72 -122.05
CA GLU W 102 -194.10 -12.73 -123.32
C GLU W 102 -195.55 -13.22 -123.16
N LYS W 103 -195.82 -14.24 -122.34
CA LYS W 103 -197.18 -14.59 -121.92
C LYS W 103 -197.89 -13.41 -121.29
N SER W 104 -197.22 -12.71 -120.37
CA SER W 104 -197.83 -11.57 -119.69
C SER W 104 -198.18 -10.49 -120.70
N SER W 105 -197.36 -10.23 -121.72
CA SER W 105 -197.72 -9.31 -122.81
C SER W 105 -198.90 -9.79 -123.66
N LYS W 106 -199.08 -11.11 -123.85
CA LYS W 106 -200.17 -11.70 -124.65
C LYS W 106 -201.47 -11.97 -123.86
N HIS W 107 -201.39 -12.01 -122.53
CA HIS W 107 -202.54 -11.88 -121.62
C HIS W 107 -202.91 -10.39 -121.39
N GLY W 108 -201.95 -9.48 -121.26
CA GLY W 108 -202.18 -8.02 -121.22
C GLY W 108 -201.00 -7.13 -120.79
N ALA W 109 -200.26 -7.50 -119.74
CA ALA W 109 -199.15 -6.72 -119.19
C ALA W 109 -197.87 -6.79 -120.06
N GLU W 110 -197.70 -5.85 -120.98
CA GLU W 110 -196.48 -5.69 -121.79
C GLU W 110 -195.28 -5.25 -120.95
N ASP W 111 -195.51 -4.50 -119.86
CA ASP W 111 -194.47 -3.92 -119.01
C ASP W 111 -193.54 -4.99 -118.40
N ARG W 112 -194.08 -6.19 -118.16
CA ARG W 112 -193.34 -7.39 -117.75
C ARG W 112 -192.18 -7.70 -118.71
N THR W 113 -192.37 -7.50 -120.01
CA THR W 113 -191.33 -7.70 -121.03
C THR W 113 -190.16 -6.76 -120.79
N GLN W 114 -190.40 -5.46 -120.60
CA GLN W 114 -189.35 -4.51 -120.22
C GLN W 114 -188.70 -4.85 -118.88
N ASN W 115 -189.50 -5.31 -117.91
CA ASN W 115 -188.97 -5.84 -116.66
C ASN W 115 -187.99 -7.00 -116.91
N ILE W 116 -188.30 -7.99 -117.75
CA ILE W 116 -187.40 -9.13 -117.94
C ILE W 116 -186.27 -8.84 -118.92
N ILE W 117 -186.42 -7.85 -119.80
CA ILE W 117 -185.27 -7.20 -120.42
C ILE W 117 -184.36 -6.59 -119.35
N MET W 118 -184.92 -5.93 -118.34
CA MET W 118 -184.15 -5.45 -117.20
C MET W 118 -183.62 -6.59 -116.33
N VAL W 119 -184.29 -7.75 -116.22
CA VAL W 119 -183.70 -8.96 -115.62
C VAL W 119 -182.49 -9.42 -116.43
N LEU W 120 -182.58 -9.44 -117.75
CA LEU W 120 -181.48 -9.79 -118.63
C LEU W 120 -180.31 -8.82 -118.42
N LYS W 121 -180.56 -7.50 -118.41
CA LYS W 121 -179.55 -6.49 -118.07
C LYS W 121 -178.96 -6.75 -116.69
N ASP W 122 -179.79 -6.87 -115.66
CA ASP W 122 -179.37 -7.04 -114.28
C ASP W 122 -178.60 -8.33 -114.07
N ARG W 123 -179.02 -9.43 -114.69
CA ARG W 123 -178.28 -10.69 -114.73
C ARG W 123 -176.87 -10.48 -115.26
N MET W 124 -176.73 -9.82 -116.40
CA MET W 124 -175.41 -9.53 -117.01
C MET W 124 -174.58 -8.55 -116.17
N LYS W 125 -175.18 -7.51 -115.57
CA LYS W 125 -174.49 -6.59 -114.63
C LYS W 125 -174.01 -7.32 -113.37
N ILE W 126 -174.87 -8.11 -112.75
CA ILE W 126 -174.55 -8.93 -111.58
C ILE W 126 -173.44 -9.90 -111.96
N ARG W 127 -173.59 -10.63 -113.05
CA ARG W 127 -172.60 -11.58 -113.59
C ARG W 127 -171.23 -10.94 -113.73
N GLU W 128 -171.17 -9.79 -114.36
CA GLU W 128 -169.97 -8.97 -114.49
C GLU W 128 -169.41 -8.52 -113.15
N ARG W 129 -170.25 -8.00 -112.27
CA ARG W 129 -169.85 -7.42 -110.99
C ARG W 129 -169.42 -8.49 -110.00
N ASN W 130 -169.99 -9.68 -110.09
CA ASN W 130 -169.79 -10.79 -109.18
C ASN W 130 -168.71 -11.74 -109.67
N LYS W 131 -168.65 -11.97 -110.98
CA LYS W 131 -167.61 -12.77 -111.62
C LYS W 131 -166.81 -12.00 -112.67
N PRO W 132 -166.32 -10.78 -112.38
CA PRO W 132 -165.51 -10.03 -113.33
C PRO W 132 -164.31 -10.85 -113.79
N GLU W 133 -163.78 -11.68 -112.92
CA GLU W 133 -162.64 -12.55 -113.20
C GLU W 133 -162.92 -13.55 -114.32
N ILE W 134 -164.18 -13.93 -114.59
CA ILE W 134 -164.48 -14.72 -115.79
C ILE W 134 -164.10 -13.92 -117.04
N PHE W 135 -164.56 -12.67 -117.12
CA PHE W 135 -164.45 -11.85 -118.32
C PHE W 135 -163.02 -11.32 -118.54
N GLU W 136 -162.37 -10.95 -117.44
CA GLU W 136 -160.93 -10.69 -117.41
C GLU W 136 -160.12 -11.90 -117.85
N LEU W 137 -160.42 -13.09 -117.35
CA LEU W 137 -159.65 -14.27 -117.74
C LEU W 137 -159.81 -14.56 -119.24
N ILE W 138 -161.03 -14.45 -119.77
CA ILE W 138 -161.28 -14.58 -121.22
C ILE W 138 -160.45 -13.52 -121.97
N GLN W 139 -160.46 -12.27 -121.51
CA GLN W 139 -159.60 -11.23 -122.03
C GLN W 139 -158.11 -11.61 -121.97
N GLU W 140 -157.57 -12.08 -120.86
CA GLU W 140 -156.15 -12.42 -120.76
C GLU W 140 -155.78 -13.67 -121.57
N VAL W 141 -156.60 -14.72 -121.53
CA VAL W 141 -156.43 -15.99 -122.25
C VAL W 141 -156.42 -15.76 -123.75
N PHE W 142 -157.33 -14.90 -124.20
CA PHE W 142 -157.37 -14.44 -125.57
C PHE W 142 -156.53 -13.18 -125.80
N ALA W 143 -155.73 -12.79 -124.80
CA ALA W 143 -154.76 -11.70 -124.81
C ALA W 143 -155.29 -10.33 -125.25
N VAL W 144 -156.60 -10.11 -125.18
CA VAL W 144 -157.26 -8.86 -125.58
C VAL W 144 -156.94 -7.77 -124.56
N THR W 145 -157.02 -6.47 -124.91
CA THR W 145 -156.81 -5.38 -123.92
C THR W 145 -158.06 -5.15 -123.09
N LYS W 146 -157.97 -4.44 -121.96
CA LYS W 146 -159.11 -4.14 -121.08
C LYS W 146 -160.14 -3.20 -121.74
N SER W 147 -159.67 -2.18 -122.46
CA SER W 147 -160.52 -1.27 -123.23
C SER W 147 -161.18 -2.00 -124.40
N ALA W 148 -160.41 -2.71 -125.23
CA ALA W 148 -160.98 -3.47 -126.36
C ALA W 148 -161.89 -4.60 -125.88
N HIS W 149 -161.56 -5.24 -124.77
CA HIS W 149 -162.45 -6.14 -124.07
C HIS W 149 -163.74 -5.43 -123.67
N THR W 150 -163.68 -4.22 -123.11
CA THR W 150 -164.87 -3.42 -122.80
C THR W 150 -165.70 -3.13 -124.06
N GLN W 151 -165.08 -2.89 -125.21
CA GLN W 151 -165.82 -2.62 -126.44
C GLN W 151 -166.38 -3.89 -127.12
N GLN W 152 -165.66 -5.02 -127.13
CA GLN W 152 -166.27 -6.31 -127.54
C GLN W 152 -167.29 -6.81 -126.51
N MET W 153 -167.14 -6.44 -125.25
CA MET W 153 -168.13 -6.70 -124.23
C MET W 153 -169.37 -5.85 -124.47
N LYS W 154 -169.26 -4.56 -124.81
CA LYS W 154 -170.39 -3.80 -125.38
C LYS W 154 -171.01 -4.57 -126.53
N ALA W 155 -170.22 -5.12 -127.45
CA ALA W 155 -170.76 -5.91 -128.54
C ALA W 155 -171.53 -7.16 -128.07
N VAL W 156 -170.99 -8.03 -127.20
CA VAL W 156 -171.73 -9.24 -126.76
C VAL W 156 -172.82 -8.95 -125.73
N LYS W 157 -172.68 -7.91 -124.91
CA LYS W 157 -173.76 -7.35 -124.13
C LYS W 157 -174.85 -6.98 -125.10
N GLN W 158 -174.57 -6.16 -126.09
CA GLN W 158 -175.56 -5.78 -127.09
C GLN W 158 -176.10 -7.01 -127.82
N SER W 159 -175.31 -8.04 -128.11
CA SER W 159 -175.81 -9.26 -128.73
C SER W 159 -176.77 -10.08 -127.84
N VAL W 160 -176.92 -9.73 -126.56
CA VAL W 160 -177.95 -10.28 -125.66
C VAL W 160 -178.81 -9.17 -124.99
N LEU W 161 -178.53 -7.87 -125.22
CA LEU W 161 -179.16 -6.72 -124.55
C LEU W 161 -179.75 -5.70 -125.52
N ASP W 162 -179.14 -5.48 -126.68
CA ASP W 162 -179.92 -5.06 -127.84
C ASP W 162 -180.73 -6.27 -128.31
N GLY W 163 -180.05 -7.41 -128.52
CA GLY W 163 -180.62 -8.74 -128.79
C GLY W 163 -181.34 -9.40 -127.61
N THR W 164 -181.95 -8.61 -126.73
CA THR W 164 -182.66 -9.09 -125.52
C THR W 164 -184.06 -9.67 -125.79
N SER W 165 -184.67 -9.35 -126.93
CA SER W 165 -186.07 -9.69 -127.26
C SER W 165 -186.43 -9.42 -128.74
N LYS W 166 -185.47 -9.60 -129.66
CA LYS W 166 -185.54 -9.03 -131.02
C LYS W 166 -185.96 -10.03 -132.08
N TRP W 167 -186.85 -9.58 -132.96
CA TRP W 167 -187.13 -10.17 -134.29
C TRP W 167 -187.13 -9.03 -135.33
N SER W 168 -186.11 -8.18 -135.26
CA SER W 168 -185.88 -7.01 -136.14
C SER W 168 -185.13 -7.41 -137.41
N ALA W 169 -185.71 -8.34 -138.16
CA ALA W 169 -185.10 -8.97 -139.31
C ALA W 169 -184.80 -8.01 -140.46
N LYS W 170 -183.52 -7.90 -140.82
CA LYS W 170 -183.19 -7.57 -142.21
C LYS W 170 -183.61 -8.76 -143.08
N ILE W 171 -184.12 -8.47 -144.26
CA ILE W 171 -184.58 -9.45 -145.25
C ILE W 171 -183.92 -9.06 -146.57
N SER W 172 -183.48 -10.02 -147.38
CA SER W 172 -182.74 -9.79 -148.62
C SER W 172 -183.30 -10.70 -149.71
N ILE W 173 -184.27 -10.16 -150.44
CA ILE W 173 -185.12 -10.85 -151.40
C ILE W 173 -184.50 -10.77 -152.77
N THR W 174 -183.81 -11.82 -153.21
CA THR W 174 -183.47 -11.96 -154.62
C THR W 174 -184.63 -12.52 -155.39
N VAL W 175 -185.28 -11.68 -156.20
CA VAL W 175 -186.14 -12.15 -157.26
C VAL W 175 -185.26 -12.86 -158.30
N VAL W 176 -185.35 -14.19 -158.38
CA VAL W 176 -184.47 -14.99 -159.23
C VAL W 176 -185.00 -15.08 -160.65
N CYS W 177 -186.16 -15.66 -160.86
CA CYS W 177 -186.69 -15.97 -162.19
C CYS W 177 -188.18 -16.23 -162.12
N ALA W 178 -188.85 -16.33 -163.26
CA ALA W 178 -190.21 -16.84 -163.35
C ALA W 178 -190.33 -17.83 -164.52
N GLN W 179 -191.40 -18.62 -164.52
CA GLN W 179 -191.72 -19.64 -165.52
C GLN W 179 -193.21 -19.61 -165.83
N GLY W 180 -193.61 -19.74 -167.09
CA GLY W 180 -195.02 -19.87 -167.50
C GLY W 180 -195.88 -18.61 -167.33
N LEU W 181 -195.28 -17.41 -167.31
CA LEU W 181 -196.01 -16.15 -167.15
C LEU W 181 -197.08 -15.93 -168.23
N GLN W 182 -198.12 -15.17 -167.91
CA GLN W 182 -199.11 -14.76 -168.90
C GLN W 182 -198.51 -13.72 -169.85
N ALA W 183 -198.85 -13.79 -171.14
CA ALA W 183 -198.50 -12.75 -172.10
C ALA W 183 -199.38 -11.49 -171.93
N LYS W 184 -198.77 -10.31 -172.06
CA LYS W 184 -199.43 -8.98 -172.00
C LYS W 184 -198.77 -7.92 -172.91
N ASP W 185 -197.68 -8.23 -173.60
CA ASP W 185 -196.75 -7.20 -174.08
C ASP W 185 -197.19 -6.37 -175.28
N LYS W 186 -196.48 -5.26 -175.45
CA LYS W 186 -196.24 -4.59 -176.72
C LYS W 186 -195.52 -5.53 -177.73
N THR W 187 -194.62 -6.41 -177.28
CA THR W 187 -193.96 -7.47 -178.10
C THR W 187 -194.84 -8.70 -178.44
N GLY W 188 -196.02 -8.83 -177.83
CA GLY W 188 -196.83 -10.06 -177.82
C GLY W 188 -196.38 -11.15 -176.82
N SER W 189 -195.25 -11.02 -176.13
CA SER W 189 -194.81 -11.91 -175.05
C SER W 189 -195.16 -11.26 -173.70
N SER W 190 -194.19 -10.96 -172.85
CA SER W 190 -194.20 -9.88 -171.85
C SER W 190 -192.83 -9.29 -171.65
N ASP W 191 -192.78 -8.07 -171.13
CA ASP W 191 -191.61 -7.44 -170.54
C ASP W 191 -191.70 -7.54 -169.01
N PRO W 192 -191.65 -8.74 -168.41
CA PRO W 192 -191.82 -8.89 -166.98
C PRO W 192 -190.70 -8.21 -166.18
N TYR W 193 -191.10 -7.36 -165.24
CA TYR W 193 -190.35 -7.04 -164.03
C TYR W 193 -191.16 -7.42 -162.81
N VAL W 194 -190.62 -7.18 -161.61
CA VAL W 194 -191.24 -7.53 -160.34
C VAL W 194 -191.13 -6.34 -159.40
N THR W 195 -192.18 -6.05 -158.62
CA THR W 195 -192.03 -5.28 -157.38
C THR W 195 -192.02 -6.23 -156.20
N VAL W 196 -191.21 -5.90 -155.21
CA VAL W 196 -191.26 -6.53 -153.89
C VAL W 196 -191.67 -5.46 -152.88
N GLN W 197 -192.49 -5.83 -151.90
CA GLN W 197 -192.91 -4.96 -150.80
C GLN W 197 -192.88 -5.71 -149.47
N VAL W 198 -192.38 -5.07 -148.42
CA VAL W 198 -192.40 -5.57 -147.03
C VAL W 198 -192.80 -4.43 -146.11
N GLY W 199 -193.81 -4.61 -145.26
CA GLY W 199 -194.48 -3.47 -144.63
C GLY W 199 -195.01 -2.47 -145.67
N LYS W 200 -194.84 -1.16 -145.43
CA LYS W 200 -195.16 -0.10 -146.41
C LYS W 200 -194.12 0.00 -147.55
N THR W 201 -192.87 -0.40 -147.30
CA THR W 201 -191.73 -0.21 -148.23
C THR W 201 -191.84 -1.05 -149.49
N LYS W 202 -191.59 -0.46 -150.66
CA LYS W 202 -191.74 -1.08 -151.98
C LYS W 202 -190.53 -0.78 -152.89
N LYS W 203 -190.08 -1.79 -153.63
CA LYS W 203 -188.91 -1.79 -154.54
C LYS W 203 -189.20 -2.59 -155.80
N ARG W 204 -188.41 -2.47 -156.86
CA ARG W 204 -188.60 -3.25 -158.10
C ARG W 204 -187.32 -3.81 -158.73
N THR W 205 -187.44 -4.96 -159.37
CA THR W 205 -186.49 -5.43 -160.38
C THR W 205 -186.53 -4.54 -161.60
N LYS W 206 -185.41 -4.48 -162.32
CA LYS W 206 -185.43 -4.13 -163.73
C LYS W 206 -186.21 -5.17 -164.52
N THR W 207 -186.35 -4.90 -165.80
CA THR W 207 -187.27 -5.60 -166.67
C THR W 207 -186.53 -6.59 -167.53
N ILE W 208 -187.02 -7.83 -167.59
CA ILE W 208 -186.66 -8.73 -168.68
C ILE W 208 -187.67 -8.49 -169.78
N TYR W 209 -187.21 -8.38 -171.03
CA TYR W 209 -188.03 -7.94 -172.15
C TYR W 209 -188.38 -9.13 -173.07
N GLY W 210 -189.62 -9.19 -173.56
CA GLY W 210 -190.07 -10.22 -174.51
C GLY W 210 -190.08 -11.67 -174.01
N ASN W 211 -190.09 -11.93 -172.70
CA ASN W 211 -189.91 -13.27 -172.11
C ASN W 211 -191.06 -13.64 -171.16
N LEU W 212 -191.51 -14.90 -171.19
CA LEU W 212 -192.48 -15.47 -170.23
C LEU W 212 -191.83 -16.41 -169.20
N ASN W 213 -190.52 -16.70 -169.37
CA ASN W 213 -189.68 -17.44 -168.44
C ASN W 213 -188.45 -16.60 -168.01
N PRO W 214 -188.63 -15.35 -167.53
CA PRO W 214 -187.54 -14.40 -167.27
C PRO W 214 -186.59 -14.85 -166.15
N VAL W 215 -185.32 -14.46 -166.22
CA VAL W 215 -184.38 -14.53 -165.07
C VAL W 215 -183.92 -13.12 -164.72
N TRP W 216 -184.21 -12.67 -163.50
CA TRP W 216 -183.72 -11.40 -162.95
C TRP W 216 -182.45 -11.58 -162.10
N GLU W 217 -182.47 -12.48 -161.11
CA GLU W 217 -181.46 -12.58 -160.05
C GLU W 217 -181.21 -11.24 -159.32
N GLU W 218 -182.26 -10.45 -159.07
CA GLU W 218 -182.17 -9.09 -158.52
C GLU W 218 -182.60 -9.01 -157.06
N ASN W 219 -181.75 -8.44 -156.21
CA ASN W 219 -181.91 -8.47 -154.76
C ASN W 219 -182.41 -7.14 -154.16
N PHE W 220 -183.39 -7.27 -153.27
CA PHE W 220 -183.98 -6.18 -152.51
C PHE W 220 -183.79 -6.42 -151.03
N HIS W 221 -183.09 -5.51 -150.37
CA HIS W 221 -183.07 -5.47 -148.93
C HIS W 221 -184.33 -4.81 -148.38
N PHE W 222 -184.83 -5.33 -147.26
CA PHE W 222 -185.96 -4.83 -146.51
C PHE W 222 -185.74 -5.01 -145.01
N GLU W 223 -186.51 -4.27 -144.22
CA GLU W 223 -186.58 -4.43 -142.78
C GLU W 223 -187.98 -4.89 -142.39
N CYS W 224 -188.03 -5.92 -141.56
CA CYS W 224 -189.24 -6.41 -140.92
C CYS W 224 -189.01 -6.42 -139.40
N HIS W 225 -190.07 -6.14 -138.63
CA HIS W 225 -190.02 -6.03 -137.18
C HIS W 225 -191.07 -6.94 -136.50
N ASN W 226 -191.64 -7.88 -137.26
CA ASN W 226 -192.80 -8.68 -136.87
C ASN W 226 -192.85 -9.98 -137.70
N SER W 227 -192.71 -11.13 -137.05
CA SER W 227 -192.82 -12.45 -137.70
C SER W 227 -194.20 -12.70 -138.35
N SER W 228 -195.24 -11.98 -137.92
CA SER W 228 -196.57 -12.00 -138.56
C SER W 228 -196.72 -11.02 -139.73
N ASP W 229 -195.69 -10.30 -140.17
CA ASP W 229 -195.74 -9.54 -141.44
C ASP W 229 -195.86 -10.46 -142.65
N ARG W 230 -196.16 -9.86 -143.81
CA ARG W 230 -196.04 -10.53 -145.10
C ARG W 230 -195.04 -9.80 -146.00
N ILE W 231 -194.28 -10.58 -146.75
CA ILE W 231 -193.70 -10.13 -148.03
C ILE W 231 -194.83 -10.17 -149.07
N LYS W 232 -194.88 -9.17 -149.95
CA LYS W 232 -195.68 -9.18 -151.19
C LYS W 232 -194.75 -9.11 -152.40
N VAL W 233 -194.91 -10.01 -153.36
CA VAL W 233 -194.10 -10.02 -154.59
C VAL W 233 -195.02 -10.04 -155.79
N ARG W 234 -194.84 -9.10 -156.74
CA ARG W 234 -195.80 -8.86 -157.83
C ARG W 234 -195.07 -8.67 -159.14
N VAL W 235 -195.53 -9.31 -160.21
CA VAL W 235 -194.88 -9.34 -161.51
C VAL W 235 -195.67 -8.45 -162.45
N TRP W 236 -194.99 -7.62 -163.25
CA TRP W 236 -195.56 -6.57 -164.08
C TRP W 236 -194.94 -6.60 -165.47
N ASP W 237 -195.76 -6.52 -166.50
CA ASP W 237 -195.30 -6.29 -167.84
C ASP W 237 -194.98 -4.81 -168.04
N GLU W 238 -193.73 -4.45 -168.31
CA GLU W 238 -193.35 -3.05 -168.37
C GLU W 238 -193.95 -2.33 -169.59
N ASP W 239 -195.07 -1.65 -169.42
CA ASP W 239 -195.68 -0.80 -170.44
C ASP W 239 -195.14 0.63 -170.32
N ASP W 240 -194.33 1.06 -171.28
CA ASP W 240 -193.96 2.46 -171.46
C ASP W 240 -194.52 2.95 -172.80
N ASP W 241 -195.78 3.37 -172.78
CA ASP W 241 -196.56 3.79 -173.95
C ASP W 241 -197.63 4.83 -173.55
N ILE W 242 -198.31 5.44 -174.52
CA ILE W 242 -199.36 6.45 -174.23
C ILE W 242 -200.44 5.88 -173.31
N LYS W 243 -200.80 4.59 -173.49
CA LYS W 243 -201.72 3.88 -172.58
C LYS W 243 -201.21 3.86 -171.14
N SER W 244 -199.97 3.51 -170.88
CA SER W 244 -199.45 3.52 -169.49
C SER W 244 -199.35 4.94 -168.93
N ARG W 245 -198.94 5.93 -169.73
CA ARG W 245 -198.97 7.36 -169.33
C ARG W 245 -200.37 7.86 -168.98
N VAL W 246 -201.41 7.37 -169.66
CA VAL W 246 -202.81 7.61 -169.29
C VAL W 246 -203.20 6.83 -168.02
N LYS W 247 -202.93 5.52 -167.96
CA LYS W 247 -203.24 4.64 -166.81
C LYS W 247 -202.66 5.18 -165.50
N GLN W 248 -201.47 5.76 -165.52
CA GLN W 248 -200.81 6.37 -164.35
C GLN W 248 -201.65 7.47 -163.65
N ARG W 249 -202.67 8.02 -164.33
CA ARG W 249 -203.59 9.04 -163.80
C ARG W 249 -204.79 8.43 -163.04
N PHE W 250 -204.95 7.10 -163.07
CA PHE W 250 -206.13 6.37 -162.56
C PHE W 250 -205.82 5.07 -161.78
N LYS W 251 -204.73 4.35 -162.08
CA LYS W 251 -204.25 3.14 -161.38
C LYS W 251 -202.75 3.25 -161.03
N ARG W 252 -202.35 2.80 -159.84
CA ARG W 252 -200.95 2.80 -159.36
C ARG W 252 -200.00 1.86 -160.12
N GLU W 253 -200.53 0.84 -160.77
CA GLU W 253 -199.74 -0.29 -161.33
C GLU W 253 -199.76 -0.26 -162.86
N SER W 254 -199.09 0.73 -163.45
CA SER W 254 -199.14 1.09 -164.88
C SER W 254 -198.52 0.08 -165.87
N ASP W 255 -198.28 -1.14 -165.44
CA ASP W 255 -197.38 -2.10 -166.07
C ASP W 255 -198.02 -3.49 -165.99
N ASP W 256 -198.70 -3.92 -167.05
CA ASP W 256 -199.79 -4.89 -166.97
C ASP W 256 -199.42 -6.15 -166.17
N PHE W 257 -200.13 -6.32 -165.06
CA PHE W 257 -199.78 -7.27 -164.02
C PHE W 257 -199.85 -8.73 -164.49
N LEU W 258 -198.78 -9.45 -164.17
CA LEU W 258 -198.49 -10.82 -164.60
C LEU W 258 -198.71 -11.86 -163.50
N GLY W 259 -198.89 -11.41 -162.25
CA GLY W 259 -199.24 -12.26 -161.11
C GLY W 259 -198.45 -11.94 -159.84
N GLN W 260 -198.88 -12.46 -158.68
CA GLN W 260 -198.20 -12.21 -157.39
C GLN W 260 -198.05 -13.47 -156.53
N THR W 261 -197.16 -13.41 -155.55
CA THR W 261 -197.14 -14.32 -154.39
C THR W 261 -197.02 -13.50 -153.10
N ILE W 262 -197.60 -14.00 -152.01
CA ILE W 262 -197.58 -13.36 -150.69
C ILE W 262 -197.13 -14.40 -149.65
N ILE W 263 -196.18 -14.04 -148.81
CA ILE W 263 -195.42 -15.00 -147.98
C ILE W 263 -195.36 -14.50 -146.54
N GLU W 264 -195.74 -15.32 -145.55
CA GLU W 264 -195.65 -14.94 -144.13
C GLU W 264 -194.20 -14.91 -143.66
N VAL W 265 -193.83 -13.87 -142.92
CA VAL W 265 -192.45 -13.74 -142.43
C VAL W 265 -192.05 -14.91 -141.52
N ARG W 266 -192.97 -15.54 -140.75
CA ARG W 266 -192.65 -16.75 -139.97
C ARG W 266 -192.40 -18.02 -140.78
N THR W 267 -192.76 -18.08 -142.07
CA THR W 267 -192.29 -19.17 -142.93
C THR W 267 -190.83 -19.01 -143.31
N LEU W 268 -190.28 -17.81 -143.15
CA LEU W 268 -188.88 -17.50 -143.45
C LEU W 268 -187.95 -17.86 -142.29
N SER W 269 -186.71 -18.14 -142.63
CA SER W 269 -185.57 -18.28 -141.72
C SER W 269 -184.28 -18.09 -142.53
N GLY W 270 -183.16 -17.79 -141.86
CA GLY W 270 -181.81 -17.91 -142.42
C GLY W 270 -181.65 -17.46 -143.88
N GLU W 271 -181.59 -18.43 -144.78
CA GLU W 271 -181.60 -18.23 -146.24
C GLU W 271 -182.53 -19.23 -146.93
N MET W 272 -183.21 -18.80 -147.99
CA MET W 272 -184.19 -19.60 -148.75
C MET W 272 -183.99 -19.40 -150.26
N ASP W 273 -184.47 -20.37 -151.06
CA ASP W 273 -184.49 -20.32 -152.53
C ASP W 273 -185.63 -21.22 -153.05
N VAL W 274 -186.78 -20.61 -153.33
CA VAL W 274 -188.09 -21.27 -153.46
C VAL W 274 -188.83 -20.70 -154.67
N TRP W 275 -189.60 -21.50 -155.42
CA TRP W 275 -190.55 -20.96 -156.39
C TRP W 275 -192.02 -21.19 -156.06
N TYR W 276 -192.79 -20.12 -156.29
CA TYR W 276 -194.15 -19.89 -155.85
C TYR W 276 -195.05 -19.70 -157.07
N ASN W 277 -196.15 -20.42 -157.21
CA ASN W 277 -197.13 -20.13 -158.25
C ASN W 277 -197.77 -18.73 -158.05
N LEU W 278 -198.11 -18.08 -159.15
CA LEU W 278 -198.62 -16.70 -159.18
C LEU W 278 -200.14 -16.58 -159.15
N ASP W 279 -200.60 -15.49 -158.55
CA ASP W 279 -202.00 -15.18 -158.22
C ASP W 279 -202.44 -13.81 -158.78
N LYS W 280 -203.75 -13.59 -158.94
CA LYS W 280 -204.36 -12.32 -159.40
C LYS W 280 -204.29 -11.20 -158.34
N ARG W 281 -204.52 -9.94 -158.76
CA ARG W 281 -204.70 -8.76 -157.88
C ARG W 281 -205.68 -7.74 -158.47
N THR W 282 -205.23 -7.00 -159.48
CA THR W 282 -205.92 -5.87 -160.09
C THR W 282 -207.09 -6.29 -160.99
N ASP W 283 -207.92 -5.33 -161.36
CA ASP W 283 -208.98 -5.52 -162.39
C ASP W 283 -208.43 -5.93 -163.77
N LYS W 284 -207.16 -5.60 -164.06
CA LYS W 284 -206.42 -5.93 -165.30
C LYS W 284 -205.77 -7.33 -165.30
N SER W 285 -205.90 -8.10 -164.24
CA SER W 285 -205.17 -9.38 -164.04
C SER W 285 -205.61 -10.50 -165.00
N ALA W 286 -204.67 -11.05 -165.76
CA ALA W 286 -204.71 -12.43 -166.27
C ALA W 286 -203.34 -13.03 -165.90
N VAL W 287 -203.33 -14.20 -165.26
CA VAL W 287 -202.17 -14.70 -164.51
C VAL W 287 -201.93 -16.18 -164.79
N SER W 288 -200.67 -16.59 -164.88
CA SER W 288 -200.23 -17.98 -164.99
C SER W 288 -198.79 -18.14 -164.53
N GLY W 289 -198.36 -19.37 -164.26
CA GLY W 289 -196.95 -19.68 -163.97
C GLY W 289 -196.53 -19.41 -162.52
N ALA W 290 -195.21 -19.28 -162.33
CA ALA W 290 -194.57 -19.20 -161.02
C ALA W 290 -193.34 -18.29 -160.99
N ILE W 291 -192.98 -17.78 -159.80
CA ILE W 291 -191.79 -16.96 -159.53
C ILE W 291 -190.87 -17.64 -158.50
N ARG W 292 -189.58 -17.75 -158.83
CA ARG W 292 -188.50 -18.17 -157.93
C ARG W 292 -187.92 -16.97 -157.21
N LEU W 293 -187.92 -17.05 -155.88
CA LEU W 293 -187.35 -16.09 -154.97
C LEU W 293 -186.29 -16.77 -154.12
N HIS W 294 -185.07 -16.25 -154.17
CA HIS W 294 -184.16 -16.39 -153.06
C HIS W 294 -184.51 -15.31 -152.02
N ILE W 295 -184.52 -15.68 -150.73
CA ILE W 295 -184.92 -14.80 -149.63
C ILE W 295 -184.01 -15.10 -148.44
N SER W 296 -183.09 -14.19 -148.12
CA SER W 296 -182.34 -14.25 -146.87
C SER W 296 -183.02 -13.42 -145.78
N VAL W 297 -182.87 -13.85 -144.52
CA VAL W 297 -183.48 -13.25 -143.34
C VAL W 297 -182.48 -13.27 -142.19
N GLU W 298 -181.97 -12.10 -141.84
CA GLU W 298 -180.85 -11.93 -140.93
C GLU W 298 -181.25 -11.89 -139.45
N ILE W 299 -182.27 -12.67 -139.09
CA ILE W 299 -182.40 -13.24 -137.73
C ILE W 299 -181.27 -14.27 -137.51
N LYS W 300 -180.74 -14.80 -138.61
CA LYS W 300 -179.43 -15.45 -138.75
C LYS W 300 -178.33 -14.72 -137.98
N GLY W 301 -177.53 -15.44 -137.21
CA GLY W 301 -176.44 -14.92 -136.38
C GLY W 301 -175.11 -15.61 -136.68
N GLU W 302 -174.41 -16.06 -135.63
CA GLU W 302 -173.24 -16.94 -135.74
C GLU W 302 -173.65 -18.35 -136.18
N GLU W 303 -174.00 -18.49 -137.46
CA GLU W 303 -174.07 -19.80 -138.09
C GLU W 303 -172.67 -20.30 -138.47
N LYS W 304 -171.67 -19.39 -138.50
CA LYS W 304 -170.25 -19.62 -138.78
C LYS W 304 -169.50 -20.50 -137.77
N VAL W 305 -170.22 -21.28 -136.97
CA VAL W 305 -169.63 -22.07 -135.88
C VAL W 305 -168.54 -22.96 -136.44
N ALA W 306 -167.33 -22.90 -135.89
CA ALA W 306 -166.57 -24.13 -135.95
C ALA W 306 -167.37 -25.13 -135.10
N PRO W 307 -167.50 -26.41 -135.50
CA PRO W 307 -168.31 -27.39 -134.76
C PRO W 307 -167.87 -27.30 -133.32
N TYR W 308 -168.80 -27.16 -132.39
CA TYR W 308 -168.46 -26.45 -131.17
C TYR W 308 -167.40 -27.12 -130.30
N HIS W 309 -167.19 -28.40 -130.55
CA HIS W 309 -165.96 -29.16 -130.36
C HIS W 309 -164.69 -28.33 -130.57
N VAL W 310 -164.44 -27.90 -131.80
CA VAL W 310 -163.28 -27.14 -132.22
C VAL W 310 -163.22 -25.78 -131.52
N GLN W 311 -164.35 -25.11 -131.37
CA GLN W 311 -164.38 -23.86 -130.63
C GLN W 311 -163.99 -24.06 -129.16
N TYR W 312 -164.49 -25.12 -128.55
CA TYR W 312 -164.12 -25.53 -127.21
C TYR W 312 -162.65 -25.89 -127.13
N THR W 313 -162.11 -26.57 -128.14
CA THR W 313 -160.69 -26.93 -128.16
C THR W 313 -159.81 -25.69 -128.18
N CYS W 314 -160.11 -24.74 -129.06
CA CYS W 314 -159.43 -23.46 -129.14
C CYS W 314 -159.46 -22.75 -127.78
N LEU W 315 -160.65 -22.65 -127.20
CA LEU W 315 -160.81 -22.12 -125.87
C LEU W 315 -159.90 -22.83 -124.88
N HIS W 316 -159.97 -24.16 -124.84
CA HIS W 316 -159.24 -25.01 -123.90
C HIS W 316 -157.73 -24.90 -124.07
N GLU W 317 -157.20 -24.88 -125.28
CA GLU W 317 -155.77 -24.78 -125.53
C GLU W 317 -155.23 -23.43 -125.10
N ASN W 318 -155.95 -22.38 -125.47
CA ASN W 318 -155.62 -21.04 -125.04
C ASN W 318 -155.67 -20.94 -123.53
N LEU W 319 -156.70 -21.46 -122.92
CA LEU W 319 -156.81 -21.43 -121.47
C LEU W 319 -155.67 -22.24 -120.85
N PHE W 320 -155.38 -23.43 -121.36
CA PHE W 320 -154.32 -24.30 -120.83
C PHE W 320 -152.94 -23.66 -120.89
N HIS W 321 -152.56 -23.13 -122.05
CA HIS W 321 -151.30 -22.42 -122.14
C HIS W 321 -151.32 -21.23 -121.17
N PHE W 322 -152.46 -20.52 -121.08
CA PHE W 322 -152.52 -19.34 -120.24
C PHE W 322 -152.31 -19.71 -118.79
N VAL W 323 -152.98 -20.75 -118.31
CA VAL W 323 -152.84 -21.23 -116.94
C VAL W 323 -151.43 -21.73 -116.73
N THR W 324 -151.02 -22.76 -117.46
CA THR W 324 -149.74 -23.41 -117.20
C THR W 324 -148.60 -22.45 -117.44
N ASP W 325 -148.56 -21.86 -118.62
CA ASP W 325 -147.47 -21.00 -119.02
C ASP W 325 -147.64 -19.60 -118.46
N VAL W 326 -148.74 -18.92 -118.74
CA VAL W 326 -148.80 -17.48 -118.39
C VAL W 326 -148.93 -17.27 -116.90
N GLN W 327 -149.87 -17.93 -116.25
CA GLN W 327 -150.08 -17.77 -114.82
C GLN W 327 -149.00 -18.53 -114.04
N ASN W 328 -148.69 -19.75 -114.46
CA ASN W 328 -147.88 -20.67 -113.70
C ASN W 328 -146.48 -20.88 -114.26
N ASN W 329 -146.07 -20.07 -115.22
CA ASN W 329 -144.68 -20.00 -115.71
C ASN W 329 -144.20 -21.37 -116.22
N GLY W 330 -145.10 -22.09 -116.86
CA GLY W 330 -144.93 -23.43 -117.42
C GLY W 330 -145.22 -24.55 -116.43
N VAL W 331 -145.27 -24.26 -115.12
CA VAL W 331 -145.65 -25.24 -114.12
C VAL W 331 -147.10 -25.59 -114.37
N VAL W 332 -147.40 -26.88 -114.40
CA VAL W 332 -148.78 -27.33 -114.43
C VAL W 332 -149.35 -27.25 -113.02
N LYS W 333 -150.14 -26.20 -112.72
CA LYS W 333 -151.07 -26.24 -111.57
C LYS W 333 -152.11 -27.32 -111.83
N ILE W 334 -152.13 -28.37 -111.01
CA ILE W 334 -153.16 -29.42 -111.08
C ILE W 334 -154.49 -28.79 -110.57
N PRO W 335 -155.63 -28.94 -111.27
CA PRO W 335 -156.84 -28.09 -111.12
C PRO W 335 -157.43 -27.94 -109.73
N ASP W 336 -158.38 -27.00 -109.57
CA ASP W 336 -159.37 -27.11 -108.48
C ASP W 336 -160.39 -28.21 -108.83
N ALA W 337 -159.87 -29.43 -108.93
CA ALA W 337 -160.51 -30.63 -109.41
C ALA W 337 -161.20 -31.45 -108.29
N LYS W 338 -162.19 -32.27 -108.66
CA LYS W 338 -163.00 -33.06 -107.71
C LYS W 338 -163.12 -34.52 -108.17
N GLY W 339 -162.85 -35.46 -107.25
CA GLY W 339 -162.84 -36.91 -107.50
C GLY W 339 -161.81 -37.39 -108.53
N ASP W 340 -161.93 -38.64 -108.95
CA ASP W 340 -161.27 -39.17 -110.15
C ASP W 340 -161.64 -38.34 -111.41
N ASP W 341 -162.87 -37.84 -111.37
CA ASP W 341 -163.46 -36.76 -112.18
C ASP W 341 -162.71 -35.42 -112.14
N ALA W 342 -161.54 -35.37 -111.51
CA ALA W 342 -160.46 -34.46 -111.87
C ALA W 342 -160.21 -34.52 -113.38
N TRP W 343 -160.38 -35.70 -113.97
CA TRP W 343 -160.36 -35.91 -115.40
C TRP W 343 -161.41 -35.09 -116.19
N LYS W 344 -162.42 -34.54 -115.52
CA LYS W 344 -163.45 -33.63 -116.04
C LYS W 344 -163.36 -32.22 -115.49
N VAL W 345 -162.55 -32.00 -114.46
CA VAL W 345 -162.30 -30.65 -113.94
C VAL W 345 -160.90 -30.30 -114.28
N TYR W 346 -160.79 -29.63 -115.39
CA TYR W 346 -159.54 -29.26 -115.99
C TYR W 346 -158.91 -28.06 -115.31
N TYR W 347 -159.73 -27.23 -114.63
CA TYR W 347 -159.26 -25.97 -114.07
C TYR W 347 -159.93 -25.60 -112.75
N ASP W 348 -159.42 -24.52 -112.19
CA ASP W 348 -160.06 -23.66 -111.20
C ASP W 348 -161.45 -23.22 -111.62
N GLU W 349 -162.32 -22.90 -110.66
CA GLU W 349 -163.72 -22.50 -110.87
C GLU W 349 -163.92 -21.62 -112.10
N THR W 350 -163.17 -20.54 -112.20
CA THR W 350 -163.47 -19.50 -113.19
C THR W 350 -163.29 -20.07 -114.57
N ALA W 351 -162.14 -20.70 -114.78
CA ALA W 351 -161.76 -21.37 -116.00
C ALA W 351 -162.62 -22.61 -116.27
N GLN W 352 -162.97 -23.34 -115.24
CA GLN W 352 -163.81 -24.51 -115.33
C GLN W 352 -165.22 -24.13 -115.77
N GLU W 353 -165.78 -23.10 -115.17
CA GLU W 353 -167.04 -22.51 -115.56
C GLU W 353 -166.99 -21.92 -116.97
N ILE W 354 -165.88 -21.29 -117.36
CA ILE W 354 -165.67 -20.86 -118.74
C ILE W 354 -165.86 -22.04 -119.70
N VAL W 355 -165.06 -23.09 -119.55
CA VAL W 355 -165.12 -24.21 -120.49
C VAL W 355 -166.42 -24.99 -120.38
N ASP W 356 -167.00 -25.07 -119.19
CA ASP W 356 -168.26 -25.74 -118.98
C ASP W 356 -169.44 -24.93 -119.53
N GLU W 357 -169.58 -23.63 -119.29
CA GLU W 357 -170.63 -22.81 -119.90
C GLU W 357 -170.56 -22.87 -121.42
N PHE W 358 -169.35 -22.96 -121.98
CA PHE W 358 -169.14 -23.21 -123.38
C PHE W 358 -169.61 -24.62 -123.78
N ALA W 359 -169.13 -25.67 -123.11
CA ALA W 359 -169.57 -27.04 -123.34
C ALA W 359 -171.04 -27.32 -122.97
N MET W 360 -171.70 -26.40 -122.27
CA MET W 360 -173.12 -26.45 -121.95
C MET W 360 -173.92 -25.72 -123.01
N ARG W 361 -173.68 -24.42 -123.18
CA ARG W 361 -174.34 -23.60 -124.22
C ARG W 361 -174.14 -24.23 -125.59
N TYR W 362 -173.01 -24.90 -125.78
CA TYR W 362 -172.62 -25.55 -127.02
C TYR W 362 -172.33 -27.06 -126.89
N GLY W 363 -172.89 -27.71 -125.88
CA GLY W 363 -173.10 -29.17 -125.79
C GLY W 363 -171.87 -30.09 -125.71
N VAL W 364 -170.65 -29.59 -125.92
CA VAL W 364 -169.42 -30.37 -126.11
C VAL W 364 -169.26 -31.48 -125.07
N GLU W 365 -169.14 -32.73 -125.52
CA GLU W 365 -169.18 -33.90 -124.65
C GLU W 365 -167.95 -34.01 -123.74
N SER W 366 -168.15 -34.48 -122.51
CA SER W 366 -167.13 -34.59 -121.46
C SER W 366 -165.84 -35.31 -121.90
N ILE W 367 -165.94 -36.38 -122.69
CA ILE W 367 -164.77 -37.09 -123.21
C ILE W 367 -163.96 -36.25 -124.19
N TYR W 368 -164.61 -35.44 -125.03
CA TYR W 368 -163.94 -34.55 -125.97
C TYR W 368 -163.15 -33.48 -125.20
N GLN W 369 -163.76 -32.95 -124.15
CA GLN W 369 -163.11 -32.03 -123.22
C GLN W 369 -161.87 -32.66 -122.57
N ALA W 370 -161.97 -33.91 -122.11
CA ALA W 370 -160.88 -34.67 -121.52
C ALA W 370 -159.71 -34.99 -122.45
N MET W 371 -159.97 -35.48 -123.67
CA MET W 371 -158.90 -35.80 -124.63
C MET W 371 -158.11 -34.54 -125.01
N THR W 372 -158.81 -33.41 -125.14
CA THR W 372 -158.22 -32.08 -125.34
C THR W 372 -157.27 -31.71 -124.20
N HIS W 373 -157.71 -31.91 -122.96
CA HIS W 373 -156.86 -31.71 -121.78
C HIS W 373 -155.67 -32.67 -121.72
N PHE W 374 -155.83 -33.94 -122.08
CA PHE W 374 -154.72 -34.90 -122.09
C PHE W 374 -153.68 -34.52 -123.16
N ALA W 375 -154.13 -34.04 -124.32
CA ALA W 375 -153.27 -33.48 -125.35
C ALA W 375 -152.46 -32.29 -124.81
N CYS W 376 -153.13 -31.34 -124.16
CA CYS W 376 -152.49 -30.27 -123.42
C CYS W 376 -151.44 -30.82 -122.43
N LEU W 377 -151.83 -31.65 -121.45
CA LEU W 377 -150.91 -32.18 -120.41
C LEU W 377 -149.68 -32.86 -120.99
N SER W 378 -149.82 -33.58 -122.10
CA SER W 378 -148.69 -34.33 -122.68
C SER W 378 -147.51 -33.43 -123.06
N SER W 379 -147.76 -32.15 -123.36
CA SER W 379 -146.72 -31.17 -123.63
C SER W 379 -145.91 -30.77 -122.38
N LYS W 380 -146.30 -31.25 -121.20
CA LYS W 380 -145.76 -30.91 -119.88
C LYS W 380 -145.52 -32.15 -118.99
N TYR W 381 -145.55 -33.37 -119.53
CA TYR W 381 -145.75 -34.61 -118.73
C TYR W 381 -144.72 -34.81 -117.60
N MET W 382 -143.53 -34.23 -117.74
CA MET W 382 -142.39 -34.29 -116.83
C MET W 382 -142.60 -33.51 -115.52
N CYS W 383 -143.56 -32.57 -115.47
CA CYS W 383 -143.86 -31.80 -114.26
C CYS W 383 -144.32 -32.71 -113.09
N PRO W 384 -143.99 -32.40 -111.83
CA PRO W 384 -144.26 -33.29 -110.70
C PRO W 384 -145.76 -33.61 -110.54
N GLY W 385 -146.09 -34.86 -110.20
CA GLY W 385 -147.48 -35.31 -110.06
C GLY W 385 -148.24 -35.51 -111.38
N VAL W 386 -147.86 -34.83 -112.48
CA VAL W 386 -148.53 -34.95 -113.78
C VAL W 386 -148.64 -36.41 -114.24
N PRO W 387 -147.69 -37.33 -114.02
CA PRO W 387 -147.88 -38.73 -114.42
C PRO W 387 -148.99 -39.45 -113.66
N ALA W 388 -149.22 -39.09 -112.41
CA ALA W 388 -150.38 -39.57 -111.68
C ALA W 388 -151.67 -39.03 -112.32
N VAL W 389 -151.71 -37.73 -112.63
CA VAL W 389 -152.88 -37.10 -113.26
C VAL W 389 -153.13 -37.66 -114.64
N MET W 390 -152.10 -37.86 -115.44
CA MET W 390 -152.24 -38.45 -116.77
C MET W 390 -152.58 -39.94 -116.64
N SER W 391 -152.06 -40.67 -115.65
CA SER W 391 -152.50 -42.05 -115.41
C SER W 391 -153.98 -42.09 -115.11
N THR W 392 -154.44 -41.14 -114.29
CA THR W 392 -155.83 -40.96 -113.92
C THR W 392 -156.67 -40.61 -115.14
N LEU W 393 -156.31 -39.54 -115.83
CA LEU W 393 -157.01 -39.04 -117.00
C LEU W 393 -157.09 -40.11 -118.08
N LEU W 394 -156.02 -40.87 -118.28
CA LEU W 394 -156.02 -41.97 -119.22
C LEU W 394 -156.79 -43.18 -118.73
N ALA W 395 -156.71 -43.53 -117.45
CA ALA W 395 -157.57 -44.57 -116.91
C ALA W 395 -159.04 -44.23 -117.16
N ASN W 396 -159.41 -42.96 -117.07
CA ASN W 396 -160.74 -42.49 -117.37
C ASN W 396 -161.06 -42.43 -118.86
N ILE W 397 -160.21 -41.86 -119.71
CA ILE W 397 -160.42 -41.86 -121.17
C ILE W 397 -160.50 -43.31 -121.68
N ASN W 398 -159.67 -44.20 -121.13
CA ASN W 398 -159.79 -45.62 -121.33
C ASN W 398 -161.15 -46.12 -120.88
N ALA W 399 -161.49 -45.95 -119.61
CA ALA W 399 -162.73 -46.44 -119.05
C ALA W 399 -163.94 -45.89 -119.81
N TYR W 400 -163.82 -44.69 -120.35
CA TYR W 400 -164.80 -44.08 -121.20
C TYR W 400 -164.99 -44.88 -122.48
N TYR W 401 -163.98 -44.96 -123.35
CA TYR W 401 -164.14 -45.63 -124.63
C TYR W 401 -164.26 -47.16 -124.50
N ALA W 402 -163.64 -47.74 -123.48
CA ALA W 402 -163.70 -49.16 -123.19
C ALA W 402 -165.02 -49.59 -122.56
N HIS W 403 -165.63 -48.77 -121.69
CA HIS W 403 -166.78 -49.20 -120.87
C HIS W 403 -167.97 -48.22 -120.89
N THR W 404 -167.77 -46.90 -120.81
CA THR W 404 -168.91 -45.98 -120.90
C THR W 404 -169.54 -46.07 -122.29
N THR W 405 -170.84 -46.30 -122.36
CA THR W 405 -171.56 -46.60 -123.61
C THR W 405 -171.01 -47.82 -124.38
N ALA W 406 -170.27 -48.72 -123.73
CA ALA W 406 -170.02 -50.07 -124.26
C ALA W 406 -171.31 -50.94 -124.29
N SER W 407 -172.41 -50.43 -123.74
CA SER W 407 -173.79 -50.83 -124.07
C SER W 407 -174.08 -50.74 -125.57
N THR W 408 -173.49 -49.78 -126.29
CA THR W 408 -173.43 -49.81 -127.75
C THR W 408 -172.52 -50.94 -128.19
N ASN W 409 -173.02 -51.80 -129.08
CA ASN W 409 -172.33 -53.00 -129.54
C ASN W 409 -171.07 -52.69 -130.38
N VAL W 410 -170.91 -51.44 -130.79
CA VAL W 410 -169.71 -50.87 -131.42
C VAL W 410 -168.47 -51.13 -130.56
N SER W 411 -167.34 -51.49 -131.19
CA SER W 411 -166.11 -51.80 -130.45
C SER W 411 -165.55 -50.57 -129.72
N ALA W 412 -164.68 -50.80 -128.74
CA ALA W 412 -164.03 -49.70 -128.07
C ALA W 412 -163.18 -48.88 -129.04
N SER W 413 -162.47 -49.55 -129.95
CA SER W 413 -161.62 -48.90 -130.95
C SER W 413 -162.43 -48.10 -131.96
N ASP W 414 -163.68 -48.51 -132.20
CA ASP W 414 -164.60 -47.86 -133.14
C ASP W 414 -165.42 -46.75 -132.50
N ARG W 415 -165.86 -46.92 -131.26
CA ARG W 415 -166.46 -45.83 -130.47
C ARG W 415 -165.43 -44.72 -130.28
N PHE W 416 -164.20 -45.13 -130.02
CA PHE W 416 -163.03 -44.28 -130.06
C PHE W 416 -162.79 -43.67 -131.44
N ALA W 417 -162.96 -44.41 -132.54
CA ALA W 417 -162.94 -43.81 -133.88
C ALA W 417 -164.00 -42.73 -134.07
N ALA W 418 -165.23 -42.99 -133.64
CA ALA W 418 -166.33 -42.02 -133.64
C ALA W 418 -166.10 -40.85 -132.67
N SER W 419 -165.00 -40.84 -131.93
CA SER W 419 -164.58 -39.67 -131.20
C SER W 419 -164.49 -38.48 -132.13
N ASN W 420 -165.27 -37.43 -131.81
CA ASN W 420 -165.19 -36.16 -132.51
C ASN W 420 -163.80 -35.52 -132.36
N PHE W 421 -163.02 -35.91 -131.34
CA PHE W 421 -161.63 -35.47 -131.18
C PHE W 421 -160.75 -35.99 -132.32
N GLY W 422 -161.05 -37.16 -132.86
CA GLY W 422 -160.19 -37.85 -133.81
C GLY W 422 -159.34 -38.89 -133.10
N LYS W 423 -159.72 -40.16 -133.23
CA LYS W 423 -158.96 -41.29 -132.71
C LYS W 423 -157.47 -41.18 -132.96
N GLU W 424 -157.11 -41.03 -134.21
CA GLU W 424 -155.75 -40.97 -134.72
C GLU W 424 -154.90 -39.96 -133.98
N ARG W 425 -155.36 -38.72 -133.93
CA ARG W 425 -154.78 -37.62 -133.16
C ARG W 425 -154.47 -38.05 -131.73
N PHE W 426 -155.37 -38.82 -131.12
CA PHE W 426 -155.18 -39.34 -129.77
C PHE W 426 -154.18 -40.51 -129.71
N VAL W 427 -154.23 -41.44 -130.66
CA VAL W 427 -153.29 -42.57 -130.75
C VAL W 427 -151.85 -42.06 -130.89
N LYS W 428 -151.63 -41.12 -131.82
CA LYS W 428 -150.32 -40.48 -132.03
C LYS W 428 -149.78 -39.93 -130.71
N LEU W 429 -150.62 -39.12 -130.06
CA LEU W 429 -150.36 -38.46 -128.79
C LEU W 429 -149.95 -39.45 -127.69
N LEU W 430 -150.67 -40.57 -127.56
CA LEU W 430 -150.30 -41.65 -126.63
C LEU W 430 -148.95 -42.26 -126.98
N ASP W 431 -148.70 -42.55 -128.26
CA ASP W 431 -147.47 -43.21 -128.69
C ASP W 431 -146.25 -42.32 -128.45
N GLN W 432 -146.35 -41.03 -128.77
CA GLN W 432 -145.32 -40.04 -128.48
C GLN W 432 -145.02 -40.01 -126.98
N LEU W 433 -146.07 -39.90 -126.18
CA LEU W 433 -145.96 -39.86 -124.74
C LEU W 433 -145.30 -41.14 -124.23
N HIS W 434 -145.83 -42.30 -124.59
CA HIS W 434 -145.31 -43.62 -124.22
C HIS W 434 -143.83 -43.72 -124.53
N ASN W 435 -143.45 -43.36 -125.74
CA ASN W 435 -142.06 -43.32 -126.15
C ASN W 435 -141.25 -42.42 -125.21
N SER W 436 -141.74 -41.22 -124.96
CA SER W 436 -141.09 -40.30 -124.04
C SER W 436 -140.95 -40.88 -122.62
N LEU W 437 -141.92 -41.70 -122.17
CA LEU W 437 -141.80 -42.44 -120.92
C LEU W 437 -140.71 -43.51 -121.02
N ARG W 438 -140.78 -44.41 -122.01
CA ARG W 438 -139.78 -45.46 -122.30
C ARG W 438 -138.38 -44.87 -122.27
N ILE W 439 -138.22 -43.73 -122.92
CA ILE W 439 -136.98 -42.99 -122.95
C ILE W 439 -136.52 -42.66 -121.55
N ASP W 440 -137.35 -41.96 -120.79
CA ASP W 440 -136.98 -41.53 -119.46
C ASP W 440 -136.64 -42.73 -118.55
N LEU W 441 -137.40 -43.81 -118.68
CA LEU W 441 -137.18 -45.07 -117.99
C LEU W 441 -135.87 -45.73 -118.39
N SER W 442 -135.48 -45.62 -119.64
CA SER W 442 -134.22 -46.22 -120.11
C SER W 442 -133.01 -45.63 -119.41
N MET W 443 -133.15 -44.43 -118.85
CA MET W 443 -132.24 -43.89 -117.85
C MET W 443 -132.95 -43.54 -116.57
N TYR W 444 -133.69 -44.51 -116.03
CA TYR W 444 -134.46 -44.31 -114.81
C TYR W 444 -133.61 -43.70 -113.70
N ARG W 445 -132.38 -44.19 -113.53
CA ARG W 445 -131.53 -43.79 -112.39
C ARG W 445 -131.22 -42.30 -112.48
N ASN W 446 -130.82 -41.86 -113.66
CA ASN W 446 -130.43 -40.47 -113.90
C ASN W 446 -131.66 -39.56 -113.91
N ASN W 447 -132.76 -40.01 -114.50
CA ASN W 447 -133.98 -39.21 -114.62
C ASN W 447 -134.81 -39.14 -113.32
N PHE W 448 -134.73 -40.17 -112.47
CA PHE W 448 -135.53 -40.32 -111.25
C PHE W 448 -134.65 -40.84 -110.12
N PRO W 449 -133.68 -40.02 -109.68
CA PRO W 449 -132.67 -40.46 -108.74
C PRO W 449 -133.31 -40.89 -107.42
N ALA W 450 -132.75 -41.92 -106.81
CA ALA W 450 -133.26 -42.50 -105.57
C ALA W 450 -133.32 -41.46 -104.44
N SER W 451 -132.36 -40.54 -104.45
CA SER W 451 -132.28 -39.37 -103.58
C SER W 451 -133.46 -38.41 -103.70
N SER W 452 -134.27 -38.51 -104.76
CA SER W 452 -135.57 -37.85 -104.83
C SER W 452 -136.69 -38.87 -104.73
N PRO W 453 -137.25 -39.09 -103.53
CA PRO W 453 -138.49 -39.84 -103.35
C PRO W 453 -139.63 -39.32 -104.21
N GLU W 454 -139.66 -38.00 -104.42
CA GLU W 454 -140.64 -37.37 -105.29
C GLU W 454 -140.50 -37.84 -106.72
N ARG W 455 -139.28 -37.84 -107.25
CA ARG W 455 -139.07 -38.43 -108.56
C ARG W 455 -139.18 -39.95 -108.53
N LEU W 456 -138.91 -40.66 -107.44
CA LEU W 456 -139.31 -42.05 -107.30
C LEU W 456 -140.83 -42.20 -107.35
N GLN W 457 -141.60 -41.25 -106.82
CA GLN W 457 -143.04 -41.36 -106.91
C GLN W 457 -143.54 -41.00 -108.30
N ASP W 458 -143.04 -39.92 -108.89
CA ASP W 458 -143.33 -39.64 -110.27
C ASP W 458 -142.96 -40.82 -111.14
N LEU W 459 -141.82 -41.48 -110.88
CA LEU W 459 -141.41 -42.74 -111.51
C LEU W 459 -142.48 -43.81 -111.30
N LYS W 460 -142.92 -44.04 -110.07
CA LYS W 460 -143.98 -45.01 -109.79
C LYS W 460 -145.27 -44.69 -110.55
N SER W 461 -145.76 -43.45 -110.45
CA SER W 461 -146.89 -42.92 -111.22
C SER W 461 -146.68 -42.94 -112.73
N THR W 462 -145.45 -42.89 -113.19
CA THR W 462 -145.10 -43.02 -114.60
C THR W 462 -145.33 -44.46 -115.03
N VAL W 463 -144.90 -45.44 -114.24
CA VAL W 463 -145.13 -46.84 -114.59
C VAL W 463 -146.63 -47.18 -114.43
N ASP W 464 -147.31 -46.55 -113.49
CA ASP W 464 -148.77 -46.58 -113.42
C ASP W 464 -149.41 -45.96 -114.67
N LEU W 465 -148.89 -44.83 -115.17
CA LEU W 465 -149.30 -44.29 -116.46
C LEU W 465 -148.98 -45.26 -117.60
N LEU W 466 -147.81 -45.90 -117.63
CA LEU W 466 -147.41 -46.80 -118.70
C LEU W 466 -148.27 -48.07 -118.71
N THR W 467 -148.62 -48.60 -117.54
CA THR W 467 -149.66 -49.63 -117.43
C THR W 467 -150.98 -49.08 -117.97
N SER W 468 -151.39 -47.87 -117.61
CA SER W 468 -152.60 -47.21 -118.13
C SER W 468 -152.59 -47.06 -119.66
N ILE W 469 -151.46 -46.74 -120.29
CA ILE W 469 -151.31 -46.70 -121.76
C ILE W 469 -151.38 -48.10 -122.36
N THR W 470 -150.66 -49.07 -121.78
CA THR W 470 -150.68 -50.47 -122.26
C THR W 470 -152.11 -51.02 -122.25
N PHE W 471 -152.81 -50.74 -121.17
CA PHE W 471 -154.23 -50.99 -120.98
C PHE W 471 -155.09 -50.25 -122.00
N PHE W 472 -154.86 -48.96 -122.29
CA PHE W 472 -155.53 -48.30 -123.42
C PHE W 472 -155.31 -48.97 -124.77
N ARG W 473 -154.08 -49.36 -125.08
CA ARG W 473 -153.78 -50.06 -126.33
C ARG W 473 -154.51 -51.39 -126.40
N MET W 474 -154.49 -52.13 -125.30
CA MET W 474 -155.16 -53.41 -125.16
C MET W 474 -156.69 -53.30 -125.21
N LYS W 475 -157.26 -52.28 -124.57
CA LYS W 475 -158.71 -52.17 -124.31
C LYS W 475 -159.43 -51.24 -125.26
N VAL W 476 -158.87 -50.07 -125.54
CA VAL W 476 -159.50 -49.09 -126.42
C VAL W 476 -159.03 -49.27 -127.85
N GLN W 477 -157.72 -49.32 -128.12
CA GLN W 477 -157.29 -49.67 -129.48
C GLN W 477 -157.52 -51.14 -129.80
N GLU W 478 -157.78 -51.96 -128.78
CA GLU W 478 -158.11 -53.38 -128.90
C GLU W 478 -156.96 -54.22 -129.47
N LEU W 479 -155.73 -53.72 -129.33
CA LEU W 479 -154.53 -54.41 -129.75
C LEU W 479 -154.35 -55.70 -128.95
N GLN W 480 -153.86 -56.74 -129.61
CA GLN W 480 -153.93 -58.13 -129.15
C GLN W 480 -152.67 -58.54 -128.39
N SER W 481 -151.53 -58.10 -128.89
CA SER W 481 -150.21 -58.24 -128.28
C SER W 481 -149.49 -56.89 -128.30
N PRO W 482 -150.03 -55.85 -127.61
CA PRO W 482 -149.26 -54.64 -127.35
C PRO W 482 -147.99 -54.98 -126.55
N PRO W 483 -146.97 -54.11 -126.54
CA PRO W 483 -145.75 -54.30 -125.76
C PRO W 483 -146.06 -54.46 -124.27
N ARG W 484 -145.67 -55.58 -123.67
CA ARG W 484 -145.99 -55.88 -122.27
C ARG W 484 -145.25 -54.93 -121.34
N ALA W 485 -145.97 -54.25 -120.45
CA ALA W 485 -145.43 -53.20 -119.59
C ALA W 485 -144.20 -53.65 -118.79
N SER W 486 -144.18 -54.87 -118.23
CA SER W 486 -143.00 -55.40 -117.54
C SER W 486 -141.79 -55.56 -118.47
N GLN W 487 -141.92 -56.09 -119.69
CA GLN W 487 -140.79 -56.27 -120.60
C GLN W 487 -140.26 -54.93 -121.11
N VAL W 488 -141.17 -54.02 -121.48
CA VAL W 488 -140.87 -52.63 -121.86
C VAL W 488 -139.97 -51.96 -120.83
N VAL W 489 -140.33 -52.11 -119.56
CA VAL W 489 -139.58 -51.56 -118.44
C VAL W 489 -138.27 -52.34 -118.22
N LYS W 490 -138.29 -53.66 -118.29
CA LYS W 490 -137.09 -54.52 -118.12
C LYS W 490 -136.00 -54.17 -119.12
N ASP W 491 -136.36 -53.90 -120.36
CA ASP W 491 -135.45 -53.34 -121.36
C ASP W 491 -134.86 -52.02 -120.88
N CYS W 492 -135.70 -51.09 -120.42
CA CYS W 492 -135.25 -49.80 -119.91
C CYS W 492 -134.31 -49.94 -118.72
N VAL W 493 -134.54 -50.94 -117.87
CA VAL W 493 -133.72 -51.19 -116.70
C VAL W 493 -132.39 -51.77 -117.11
N LYS W 494 -132.41 -52.81 -117.93
CA LYS W 494 -131.23 -53.36 -118.55
C LYS W 494 -130.44 -52.26 -119.23
N ALA W 495 -131.11 -51.39 -119.96
CA ALA W 495 -130.49 -50.23 -120.58
C ALA W 495 -129.80 -49.37 -119.53
N CYS W 496 -130.54 -48.91 -118.54
CA CYS W 496 -130.01 -48.06 -117.51
C CYS W 496 -128.84 -48.72 -116.74
N LEU W 497 -128.92 -50.02 -116.48
CA LEU W 497 -127.86 -50.83 -115.86
C LEU W 497 -126.63 -50.93 -116.74
N ASN W 498 -126.79 -51.18 -118.03
CA ASN W 498 -125.66 -51.27 -118.93
C ASN W 498 -124.96 -49.91 -119.09
N SER W 499 -125.73 -48.82 -119.20
CA SER W 499 -125.18 -47.47 -119.19
C SER W 499 -124.43 -47.18 -117.91
N THR W 500 -124.99 -47.65 -116.79
CA THR W 500 -124.28 -47.63 -115.52
C THR W 500 -122.97 -48.42 -115.64
N TYR W 501 -122.98 -49.66 -116.15
CA TYR W 501 -121.78 -50.49 -116.17
C TYR W 501 -120.68 -49.91 -117.04
N GLU W 502 -121.02 -49.55 -118.28
CA GLU W 502 -120.11 -48.88 -119.19
C GLU W 502 -119.49 -47.70 -118.47
N TYR W 503 -120.33 -46.86 -117.89
CA TYR W 503 -119.87 -45.66 -117.26
C TYR W 503 -118.95 -46.01 -116.08
N ILE W 504 -119.29 -47.00 -115.24
CA ILE W 504 -118.40 -47.36 -114.14
C ILE W 504 -117.10 -48.02 -114.60
N PHE W 505 -117.13 -48.85 -115.63
CA PHE W 505 -115.94 -49.54 -116.08
C PHE W 505 -114.94 -48.61 -116.76
N ASN W 506 -115.46 -47.54 -117.37
CA ASN W 506 -114.68 -46.51 -118.01
C ASN W 506 -114.25 -45.40 -117.04
N ASN W 507 -115.00 -45.16 -115.98
CA ASN W 507 -114.81 -44.05 -115.04
C ASN W 507 -114.64 -44.52 -113.59
N CYS W 508 -114.12 -45.74 -113.38
CA CYS W 508 -114.04 -46.36 -112.06
C CYS W 508 -113.40 -45.45 -111.05
N HIS W 509 -112.36 -44.73 -111.48
CA HIS W 509 -111.64 -43.91 -110.55
C HIS W 509 -112.36 -42.65 -110.15
N GLU W 510 -112.98 -41.97 -111.09
CA GLU W 510 -113.77 -40.78 -110.83
C GLU W 510 -114.95 -41.11 -109.92
N LEU W 511 -115.58 -42.26 -110.18
CA LEU W 511 -116.71 -42.72 -109.40
C LEU W 511 -116.31 -43.22 -108.03
N TYR W 512 -115.41 -44.21 -107.96
CA TYR W 512 -114.94 -44.72 -106.69
C TYR W 512 -114.24 -43.66 -105.87
N GLY W 513 -113.43 -42.87 -106.56
CA GLY W 513 -112.93 -41.58 -106.15
C GLY W 513 -113.96 -40.85 -105.33
N ARG W 514 -114.88 -40.16 -106.00
CA ARG W 514 -115.87 -39.32 -105.34
C ARG W 514 -116.78 -40.06 -104.35
N GLU W 515 -117.17 -41.29 -104.65
CA GLU W 515 -118.15 -42.02 -103.85
C GLU W 515 -117.57 -42.66 -102.57
N TYR W 516 -116.28 -43.04 -102.51
CA TYR W 516 -115.70 -43.70 -101.32
C TYR W 516 -114.21 -43.50 -101.01
N GLN W 517 -113.41 -43.05 -101.98
CA GLN W 517 -111.98 -43.35 -102.00
C GLN W 517 -111.22 -42.99 -100.71
N THR W 518 -110.48 -43.96 -100.19
CA THR W 518 -109.72 -43.91 -98.92
C THR W 518 -108.54 -42.93 -98.90
N ASP W 519 -108.44 -42.02 -99.89
CA ASP W 519 -107.48 -40.91 -99.96
C ASP W 519 -108.11 -39.79 -100.82
N PRO W 520 -108.34 -38.57 -100.29
CA PRO W 520 -109.02 -37.50 -101.02
C PRO W 520 -108.25 -37.04 -102.28
N ALA W 521 -106.92 -37.19 -102.32
CA ALA W 521 -106.12 -36.87 -103.51
C ALA W 521 -106.40 -37.82 -104.69
N LYS W 522 -107.08 -38.93 -104.44
CA LYS W 522 -107.43 -39.95 -105.42
C LYS W 522 -108.91 -39.93 -105.85
N LYS W 523 -109.67 -38.86 -105.52
CA LYS W 523 -111.08 -38.69 -105.95
C LYS W 523 -111.25 -38.22 -107.40
N GLY W 524 -110.25 -37.53 -107.95
CA GLY W 524 -110.33 -36.88 -109.25
C GLY W 524 -110.12 -37.81 -110.46
N GLU W 525 -109.89 -37.20 -111.63
CA GLU W 525 -109.60 -37.89 -112.89
C GLU W 525 -108.18 -38.50 -112.92
N VAL W 526 -107.99 -39.52 -112.09
CA VAL W 526 -106.88 -40.47 -112.17
C VAL W 526 -106.76 -41.04 -113.60
N PRO W 527 -105.55 -41.39 -114.09
CA PRO W 527 -105.35 -41.75 -115.50
C PRO W 527 -106.33 -42.82 -116.00
N PRO W 528 -106.77 -42.78 -117.26
CA PRO W 528 -107.70 -43.77 -117.82
C PRO W 528 -107.27 -45.23 -117.59
N GLU W 529 -105.96 -45.51 -117.59
CA GLU W 529 -105.37 -46.81 -117.23
C GLU W 529 -105.55 -47.20 -115.73
N GLU W 530 -106.33 -46.44 -115.00
CA GLU W 530 -106.64 -46.57 -113.58
C GLU W 530 -108.13 -46.23 -113.29
N GLN W 531 -108.87 -45.79 -114.32
CA GLN W 531 -110.33 -45.63 -114.39
C GLN W 531 -111.00 -46.76 -115.15
N GLY W 532 -110.20 -47.35 -116.02
CA GLY W 532 -110.25 -48.71 -116.48
C GLY W 532 -109.04 -49.43 -115.85
N PRO W 533 -108.71 -50.62 -116.35
CA PRO W 533 -107.75 -51.51 -115.66
C PRO W 533 -106.30 -51.01 -115.61
N SER W 534 -105.64 -51.23 -114.46
CA SER W 534 -104.18 -51.09 -114.30
C SER W 534 -103.44 -52.40 -114.43
N ILE W 535 -102.24 -52.35 -115.00
CA ILE W 535 -101.28 -53.46 -114.87
C ILE W 535 -100.41 -53.37 -113.61
N LYS W 536 -100.30 -52.19 -113.00
CA LYS W 536 -99.41 -51.92 -111.85
C LYS W 536 -99.99 -52.39 -110.52
N ASN W 537 -101.32 -52.33 -110.38
CA ASN W 537 -102.02 -52.52 -109.11
C ASN W 537 -103.39 -53.21 -109.30
N LEU W 538 -103.93 -53.72 -108.20
CA LEU W 538 -105.25 -54.37 -108.16
C LEU W 538 -106.35 -53.46 -107.62
N ASP W 539 -106.04 -52.18 -107.44
CA ASP W 539 -106.85 -51.28 -106.64
C ASP W 539 -108.08 -50.86 -107.43
N PHE W 540 -107.93 -50.55 -108.73
CA PHE W 540 -109.04 -50.40 -109.65
C PHE W 540 -110.09 -51.49 -109.46
N TRP W 541 -109.67 -52.73 -109.26
CA TRP W 541 -110.58 -53.85 -109.10
C TRP W 541 -111.22 -53.90 -107.72
N SER W 542 -110.48 -53.63 -106.65
CA SER W 542 -111.11 -53.47 -105.32
C SER W 542 -112.15 -52.34 -105.34
N LYS W 543 -111.90 -51.33 -106.16
CA LYS W 543 -112.73 -50.14 -106.30
C LYS W 543 -113.97 -50.43 -107.11
N LEU W 544 -113.78 -51.14 -108.22
CA LEU W 544 -114.85 -51.65 -109.05
C LEU W 544 -115.77 -52.59 -108.24
N ILE W 545 -115.22 -53.46 -107.39
CA ILE W 545 -116.02 -54.31 -106.49
C ILE W 545 -116.98 -53.47 -105.65
N THR W 546 -116.49 -52.40 -105.03
CA THR W 546 -117.32 -51.54 -104.18
C THR W 546 -118.40 -50.78 -104.97
N LEU W 547 -118.06 -50.29 -106.17
CA LEU W 547 -119.04 -49.69 -107.07
C LEU W 547 -120.19 -50.63 -107.35
N ILE W 548 -119.86 -51.86 -107.71
CA ILE W 548 -120.83 -52.89 -108.05
C ILE W 548 -121.78 -53.13 -106.87
N VAL W 549 -121.23 -53.36 -105.68
CA VAL W 549 -121.98 -53.51 -104.44
C VAL W 549 -122.97 -52.36 -104.26
N SER W 550 -122.47 -51.12 -104.31
CA SER W 550 -123.27 -49.92 -104.10
C SER W 550 -124.48 -49.82 -105.03
N ILE W 551 -124.26 -50.07 -106.33
CA ILE W 551 -125.34 -50.01 -107.31
C ILE W 551 -126.39 -51.09 -107.03
N ILE W 552 -125.94 -52.33 -106.82
CA ILE W 552 -126.87 -53.43 -106.58
C ILE W 552 -127.71 -53.13 -105.34
N GLU W 553 -127.09 -52.56 -104.33
CA GLU W 553 -127.80 -52.04 -103.19
C GLU W 553 -128.84 -51.00 -103.58
N GLU W 554 -128.49 -49.91 -104.26
CA GLU W 554 -129.49 -48.92 -104.63
C GLU W 554 -130.68 -49.52 -105.40
N ASP W 555 -130.40 -50.45 -106.31
CA ASP W 555 -131.42 -51.14 -107.09
C ASP W 555 -132.29 -52.05 -106.25
N LYS W 556 -131.67 -52.85 -105.41
CA LYS W 556 -132.35 -53.70 -104.44
C LYS W 556 -133.20 -52.87 -103.49
N ASN W 557 -132.71 -51.71 -103.10
CA ASN W 557 -133.19 -51.02 -101.91
C ASN W 557 -134.11 -49.85 -102.24
N SER W 558 -133.80 -49.04 -103.24
CA SER W 558 -134.66 -47.91 -103.63
C SER W 558 -135.55 -48.24 -104.80
N TYR W 559 -135.00 -48.90 -105.81
CA TYR W 559 -135.75 -49.06 -107.06
C TYR W 559 -136.65 -50.29 -107.06
N THR W 560 -136.23 -51.42 -106.51
CA THR W 560 -137.09 -52.61 -106.42
C THR W 560 -138.42 -52.28 -105.72
N PRO W 561 -138.42 -51.48 -104.64
CA PRO W 561 -139.65 -51.01 -104.03
C PRO W 561 -140.39 -49.94 -104.84
N CYS W 562 -139.68 -48.97 -105.41
CA CYS W 562 -140.33 -47.94 -106.22
C CYS W 562 -141.10 -48.58 -107.40
N LEU W 563 -140.54 -49.64 -107.99
CA LEU W 563 -141.00 -50.29 -109.21
C LEU W 563 -141.61 -51.67 -108.97
N ASN W 564 -142.40 -51.76 -107.93
CA ASN W 564 -143.06 -52.96 -107.52
C ASN W 564 -144.21 -53.43 -108.44
N GLN W 565 -144.64 -52.68 -109.48
CA GLN W 565 -145.86 -52.99 -110.26
C GLN W 565 -145.85 -54.38 -110.89
N PHE W 566 -144.67 -54.92 -111.17
CA PHE W 566 -144.49 -56.27 -111.67
C PHE W 566 -143.51 -56.98 -110.74
N PRO W 567 -143.90 -57.29 -109.51
CA PRO W 567 -142.95 -57.73 -108.48
C PRO W 567 -142.35 -59.09 -108.83
N GLN W 568 -143.21 -59.98 -109.35
CA GLN W 568 -142.88 -61.30 -109.85
C GLN W 568 -141.90 -61.25 -111.03
N GLU W 569 -141.98 -60.20 -111.85
CA GLU W 569 -141.20 -60.07 -113.07
C GLU W 569 -140.01 -59.12 -112.94
N LEU W 570 -139.97 -58.26 -111.91
CA LEU W 570 -139.13 -57.06 -111.88
C LEU W 570 -138.51 -56.81 -110.49
N ASN W 571 -137.73 -57.77 -110.00
CA ASN W 571 -136.77 -57.54 -108.91
C ASN W 571 -135.56 -56.74 -109.42
N VAL W 572 -135.58 -55.41 -109.26
CA VAL W 572 -134.53 -54.52 -109.81
C VAL W 572 -133.15 -54.87 -109.21
N GLY W 573 -133.09 -55.27 -107.94
CA GLY W 573 -131.86 -55.71 -107.29
C GLY W 573 -131.22 -56.94 -107.92
N LYS W 574 -131.99 -57.97 -108.27
CA LYS W 574 -131.46 -59.16 -108.98
C LYS W 574 -131.01 -58.85 -110.39
N ILE W 575 -131.81 -58.10 -111.17
CA ILE W 575 -131.44 -57.73 -112.55
C ILE W 575 -130.13 -56.95 -112.54
N SER W 576 -130.00 -56.05 -111.56
CA SER W 576 -128.76 -55.35 -111.28
C SER W 576 -127.60 -56.33 -111.03
N ALA W 577 -127.68 -57.19 -110.01
CA ALA W 577 -126.58 -58.12 -109.68
C ALA W 577 -126.13 -58.97 -110.87
N GLU W 578 -127.06 -59.55 -111.63
CA GLU W 578 -126.74 -60.34 -112.81
C GLU W 578 -126.01 -59.51 -113.88
N VAL W 579 -126.63 -58.40 -114.31
CA VAL W 579 -126.10 -57.57 -115.39
C VAL W 579 -124.68 -57.13 -115.04
N MET W 580 -124.53 -56.57 -113.84
CA MET W 580 -123.27 -56.00 -113.40
C MET W 580 -122.18 -57.07 -113.23
N TRP W 581 -122.46 -58.21 -112.60
CA TRP W 581 -121.48 -59.28 -112.47
C TRP W 581 -121.03 -59.77 -113.85
N SER W 582 -121.97 -59.96 -114.77
CA SER W 582 -121.64 -60.54 -116.07
C SER W 582 -120.58 -59.70 -116.75
N LEU W 583 -120.88 -58.42 -116.83
CA LEU W 583 -120.03 -57.43 -117.44
C LEU W 583 -118.68 -57.34 -116.71
N PHE W 584 -118.72 -57.38 -115.38
CA PHE W 584 -117.53 -57.45 -114.57
C PHE W 584 -116.65 -58.67 -114.85
N ALA W 585 -117.22 -59.86 -114.84
CA ALA W 585 -116.45 -61.10 -114.76
C ALA W 585 -115.57 -61.26 -115.99
N GLN W 586 -116.13 -60.86 -117.15
CA GLN W 586 -115.39 -60.77 -118.40
C GLN W 586 -114.15 -59.90 -118.20
N ASP W 587 -114.37 -58.70 -117.69
CA ASP W 587 -113.34 -57.72 -117.58
C ASP W 587 -112.26 -58.14 -116.59
N MET W 588 -112.68 -58.67 -115.44
CA MET W 588 -111.79 -59.22 -114.43
C MET W 588 -110.97 -60.39 -114.97
N LYS W 589 -111.58 -61.36 -115.66
CA LYS W 589 -110.81 -62.47 -116.20
C LYS W 589 -109.65 -61.95 -117.08
N TYR W 590 -109.93 -61.03 -118.00
CA TYR W 590 -108.87 -60.52 -118.87
C TYR W 590 -107.81 -59.77 -118.06
N ALA W 591 -108.22 -59.10 -117.00
CA ALA W 591 -107.29 -58.41 -116.14
C ALA W 591 -106.31 -59.35 -115.46
N MET W 592 -106.81 -60.41 -114.85
CA MET W 592 -105.98 -61.39 -114.20
C MET W 592 -105.03 -62.05 -115.19
N GLU W 593 -105.49 -62.37 -116.39
CA GLU W 593 -104.60 -62.83 -117.45
C GLU W 593 -103.51 -61.80 -117.79
N GLU W 594 -103.84 -60.52 -117.80
CA GLU W 594 -102.88 -59.48 -118.12
C GLU W 594 -101.82 -59.31 -117.03
N HIS W 595 -102.25 -59.23 -115.77
CA HIS W 595 -101.35 -59.24 -114.61
C HIS W 595 -100.40 -60.42 -114.67
N ASP W 596 -100.88 -61.57 -115.12
CA ASP W 596 -100.06 -62.77 -115.12
C ASP W 596 -98.83 -62.67 -116.03
N LYS W 597 -98.92 -61.87 -117.08
CA LYS W 597 -97.81 -61.62 -118.02
C LYS W 597 -96.76 -60.67 -117.44
N HIS W 598 -97.12 -59.87 -116.43
CA HIS W 598 -96.30 -58.74 -115.96
C HIS W 598 -95.83 -58.90 -114.51
N ARG W 599 -96.71 -59.41 -113.64
CA ARG W 599 -96.45 -59.75 -112.22
C ARG W 599 -95.88 -58.56 -111.41
N LEU W 600 -96.47 -57.38 -111.61
CA LEU W 600 -96.03 -56.14 -110.95
C LEU W 600 -96.54 -56.03 -109.52
N CYS W 601 -97.79 -56.42 -109.26
CA CYS W 601 -98.32 -56.65 -107.91
C CYS W 601 -97.70 -57.93 -107.32
N LYS W 602 -97.55 -58.04 -106.00
CA LYS W 602 -97.00 -59.23 -105.34
C LYS W 602 -98.03 -60.37 -105.37
N SER W 603 -97.58 -61.63 -105.32
CA SER W 603 -98.42 -62.83 -105.16
C SER W 603 -99.57 -62.55 -104.18
N ALA W 604 -99.20 -62.11 -102.98
CA ALA W 604 -100.05 -61.69 -101.87
C ALA W 604 -101.22 -60.79 -102.27
N ASP W 605 -100.98 -59.79 -103.12
CA ASP W 605 -102.00 -58.84 -103.54
C ASP W 605 -103.10 -59.58 -104.30
N TYR W 606 -102.72 -60.48 -105.21
CA TYR W 606 -103.69 -61.32 -105.91
C TYR W 606 -104.40 -62.26 -104.96
N MET W 607 -103.72 -62.79 -103.92
CA MET W 607 -104.38 -63.60 -102.90
C MET W 607 -105.44 -62.78 -102.14
N ASN W 608 -105.11 -61.53 -101.76
CA ASN W 608 -106.06 -60.62 -101.12
C ASN W 608 -107.23 -60.35 -102.05
N LEU W 609 -106.96 -60.03 -103.31
CA LEU W 609 -107.99 -59.84 -104.32
C LEU W 609 -108.84 -61.09 -104.46
N HIS W 610 -108.23 -62.28 -104.46
CA HIS W 610 -108.96 -63.53 -104.50
C HIS W 610 -109.95 -63.59 -103.34
N PHE W 611 -109.55 -63.29 -102.11
CA PHE W 611 -110.51 -63.33 -101.00
C PHE W 611 -111.66 -62.34 -101.19
N LYS W 612 -111.38 -61.13 -101.68
CA LYS W 612 -112.41 -60.14 -101.99
C LYS W 612 -113.36 -60.65 -103.06
N VAL W 613 -112.83 -61.21 -104.13
CA VAL W 613 -113.63 -61.72 -105.26
C VAL W 613 -114.43 -62.93 -104.84
N LYS W 614 -113.79 -63.84 -104.13
CA LYS W 614 -114.40 -65.02 -103.53
C LYS W 614 -115.58 -64.56 -102.70
N TRP W 615 -115.34 -63.64 -101.77
CA TRP W 615 -116.42 -63.04 -101.02
C TRP W 615 -117.52 -62.47 -101.94
N LEU W 616 -117.17 -61.64 -102.92
CA LEU W 616 -118.15 -60.93 -103.73
C LEU W 616 -119.07 -61.90 -104.45
N TYR W 617 -118.48 -62.87 -105.14
CA TYR W 617 -119.25 -63.88 -105.87
C TYR W 617 -120.14 -64.62 -104.89
N ASN W 618 -119.53 -65.09 -103.80
CA ASN W 618 -120.21 -65.89 -102.81
C ASN W 618 -121.27 -65.09 -102.06
N GLU W 619 -121.19 -63.77 -102.08
CA GLU W 619 -122.26 -62.89 -101.66
C GLU W 619 -123.29 -62.77 -102.78
N TYR W 620 -123.06 -61.89 -103.75
CA TYR W 620 -124.13 -61.45 -104.64
C TYR W 620 -124.50 -62.49 -105.69
N VAL W 621 -123.51 -63.19 -106.22
CA VAL W 621 -123.62 -63.80 -107.54
C VAL W 621 -124.05 -65.25 -107.44
N ALA W 622 -123.44 -65.99 -106.52
CA ALA W 622 -123.60 -67.42 -106.38
C ALA W 622 -125.06 -67.84 -106.25
N GLU W 623 -125.92 -67.01 -105.68
CA GLU W 623 -127.33 -67.33 -105.43
C GLU W 623 -128.26 -66.96 -106.58
N LEU W 624 -127.83 -66.14 -107.53
CA LEU W 624 -128.59 -65.97 -108.76
C LEU W 624 -128.61 -67.33 -109.45
N PRO W 625 -129.77 -67.82 -109.93
CA PRO W 625 -129.90 -69.18 -110.47
C PRO W 625 -128.83 -69.50 -111.49
N THR W 626 -128.63 -68.55 -112.39
CA THR W 626 -127.62 -68.55 -113.45
C THR W 626 -126.23 -68.98 -112.97
N PHE W 627 -125.83 -68.68 -111.75
CA PHE W 627 -124.48 -68.96 -111.23
C PHE W 627 -124.49 -69.92 -110.05
N LYS W 628 -125.64 -70.12 -109.40
CA LYS W 628 -125.88 -71.29 -108.57
C LYS W 628 -125.79 -72.56 -109.38
N ASP W 629 -126.21 -72.50 -110.64
CA ASP W 629 -126.07 -73.57 -111.63
C ASP W 629 -124.62 -74.03 -111.89
N ARG W 630 -123.58 -73.31 -111.42
CA ARG W 630 -122.18 -73.51 -111.86
C ARG W 630 -121.13 -73.59 -110.77
N VAL W 631 -120.11 -74.42 -111.02
CA VAL W 631 -118.78 -74.28 -110.38
C VAL W 631 -118.23 -72.90 -110.76
N PRO W 632 -117.85 -72.05 -109.80
CA PRO W 632 -117.38 -70.71 -110.10
C PRO W 632 -116.09 -70.76 -110.90
N GLU W 633 -116.03 -69.94 -111.94
CA GLU W 633 -114.89 -69.96 -112.86
C GLU W 633 -113.76 -69.04 -112.40
N TYR W 634 -114.06 -68.04 -111.56
CA TYR W 634 -113.07 -67.10 -111.04
C TYR W 634 -111.77 -67.72 -110.50
N PRO W 635 -111.73 -68.93 -109.92
CA PRO W 635 -110.48 -69.47 -109.40
C PRO W 635 -109.42 -69.70 -110.48
N ALA W 636 -109.86 -69.95 -111.72
CA ALA W 636 -108.96 -70.06 -112.85
C ALA W 636 -108.17 -68.77 -113.07
N TRP W 637 -108.73 -67.62 -112.68
CA TRP W 637 -108.05 -66.35 -112.80
C TRP W 637 -106.86 -66.25 -111.86
N PHE W 638 -107.09 -66.60 -110.59
CA PHE W 638 -106.10 -66.45 -109.53
C PHE W 638 -105.05 -67.55 -109.53
N GLU W 639 -105.38 -68.71 -110.07
CA GLU W 639 -104.54 -69.90 -110.02
C GLU W 639 -103.06 -69.69 -110.36
N PRO W 640 -102.69 -68.92 -111.40
CA PRO W 640 -101.29 -68.69 -111.69
C PRO W 640 -100.58 -67.94 -110.57
N PHE W 641 -101.27 -67.01 -109.93
CA PHE W 641 -100.75 -66.21 -108.83
C PHE W 641 -100.58 -67.02 -107.57
N VAL W 642 -101.47 -67.98 -107.39
CA VAL W 642 -101.34 -69.00 -106.35
C VAL W 642 -100.17 -69.91 -106.62
N ILE W 643 -99.98 -70.31 -107.86
CA ILE W 643 -98.84 -71.11 -108.24
C ILE W 643 -97.56 -70.32 -108.02
N GLN W 644 -97.52 -69.07 -108.47
CA GLN W 644 -96.41 -68.16 -108.17
C GLN W 644 -96.15 -68.10 -106.67
N TRP W 645 -97.21 -67.92 -105.91
CA TRP W 645 -97.07 -67.95 -104.48
C TRP W 645 -96.47 -69.28 -104.02
N LEU W 646 -96.96 -70.43 -104.50
CA LEU W 646 -96.44 -71.76 -104.19
C LEU W 646 -94.96 -71.88 -104.57
N ASP W 647 -94.53 -71.16 -105.58
CA ASP W 647 -93.17 -71.15 -106.04
C ASP W 647 -92.30 -70.35 -105.09
N GLU W 648 -92.68 -69.10 -104.84
CA GLU W 648 -92.02 -68.26 -103.86
C GLU W 648 -91.91 -69.02 -102.54
N ASN W 649 -93.02 -69.62 -102.15
CA ASN W 649 -93.15 -70.43 -100.98
C ASN W 649 -92.17 -71.60 -101.00
N GLU W 650 -92.13 -72.42 -102.05
CA GLU W 650 -91.22 -73.55 -102.04
C GLU W 650 -89.77 -73.09 -101.90
N GLU W 651 -89.38 -72.05 -102.61
CA GLU W 651 -87.99 -71.64 -102.62
C GLU W 651 -87.59 -71.10 -101.26
N VAL W 652 -88.42 -70.22 -100.70
CA VAL W 652 -88.33 -69.82 -99.30
C VAL W 652 -88.24 -71.05 -98.40
N SER W 653 -89.11 -72.04 -98.60
CA SER W 653 -89.13 -73.26 -97.79
C SER W 653 -87.83 -74.06 -97.93
N ARG W 654 -87.18 -74.03 -99.08
CA ARG W 654 -85.96 -74.82 -99.31
C ARG W 654 -84.78 -74.09 -98.73
N ASP W 655 -84.76 -72.76 -98.82
CA ASP W 655 -83.80 -71.94 -98.11
C ASP W 655 -83.94 -72.08 -96.59
N PHE W 656 -85.19 -72.01 -96.10
CA PHE W 656 -85.54 -72.29 -94.71
C PHE W 656 -85.06 -73.68 -94.31
N LEU W 657 -85.31 -74.70 -95.12
CA LEU W 657 -84.92 -76.08 -94.84
C LEU W 657 -83.43 -76.18 -94.58
N HIS W 658 -82.64 -75.56 -95.44
CA HIS W 658 -81.19 -75.57 -95.28
C HIS W 658 -80.81 -74.81 -94.00
N GLY W 659 -81.39 -73.64 -93.77
CA GLY W 659 -81.19 -72.93 -92.51
C GLY W 659 -81.50 -73.81 -91.28
N ALA W 660 -82.67 -74.46 -91.26
CA ALA W 660 -83.12 -75.27 -90.14
C ALA W 660 -82.20 -76.48 -89.90
N LEU W 661 -81.87 -77.21 -90.97
CA LEU W 661 -80.90 -78.29 -90.91
C LEU W 661 -79.56 -77.81 -90.36
N GLU W 662 -79.12 -76.64 -90.81
CA GLU W 662 -77.83 -76.11 -90.40
C GLU W 662 -77.85 -75.62 -88.95
N ARG W 663 -78.94 -75.01 -88.48
CA ARG W 663 -79.11 -74.64 -87.07
C ARG W 663 -79.12 -75.88 -86.19
N ASP W 664 -79.79 -76.92 -86.63
CA ASP W 664 -79.82 -78.20 -85.93
C ASP W 664 -78.44 -78.87 -85.95
N LYS W 665 -77.74 -78.81 -87.08
CA LYS W 665 -76.35 -79.27 -87.22
C LYS W 665 -75.40 -78.54 -86.29
N LYS W 666 -75.61 -77.23 -86.16
CA LYS W 666 -74.86 -76.40 -85.23
C LYS W 666 -75.18 -76.80 -83.79
N ASP W 667 -76.44 -77.11 -83.52
CA ASP W 667 -76.84 -77.83 -82.31
C ASP W 667 -76.41 -79.31 -82.28
N GLY W 668 -75.46 -79.75 -83.11
CA GLY W 668 -74.94 -81.11 -83.14
C GLY W 668 -76.01 -82.19 -83.36
N PHE W 669 -77.19 -81.83 -83.88
CA PHE W 669 -78.39 -82.65 -83.97
C PHE W 669 -78.82 -83.30 -82.65
N GLN W 670 -78.96 -82.53 -81.57
CA GLN W 670 -79.58 -83.08 -80.36
C GLN W 670 -81.02 -83.56 -80.64
N GLN W 671 -81.43 -84.63 -79.96
CA GLN W 671 -82.84 -85.01 -79.95
C GLN W 671 -83.66 -83.94 -79.26
N THR W 672 -84.85 -83.70 -79.78
CA THR W 672 -85.75 -82.63 -79.34
C THR W 672 -86.12 -82.78 -77.87
N SER W 673 -86.13 -84.02 -77.40
CA SER W 673 -85.90 -84.39 -76.01
C SER W 673 -85.44 -85.84 -76.00
N GLU W 674 -85.01 -86.35 -74.86
CA GLU W 674 -84.53 -87.73 -74.74
C GLU W 674 -85.57 -88.81 -75.09
N HIS W 675 -86.83 -88.39 -75.24
CA HIS W 675 -87.97 -89.19 -75.67
C HIS W 675 -88.59 -88.67 -76.98
N ALA W 676 -88.39 -87.41 -77.37
CA ALA W 676 -88.67 -86.89 -78.72
C ALA W 676 -87.41 -87.06 -79.59
N LEU W 677 -87.29 -88.27 -80.13
CA LEU W 677 -86.03 -88.88 -80.56
C LEU W 677 -85.39 -88.27 -81.82
N PHE W 678 -86.16 -87.52 -82.60
CA PHE W 678 -85.71 -86.71 -83.71
C PHE W 678 -85.22 -85.34 -83.23
N SER W 679 -84.47 -84.62 -84.02
CA SER W 679 -84.03 -83.27 -83.78
C SER W 679 -84.96 -82.21 -84.39
N CYS W 680 -84.80 -80.97 -83.92
CA CYS W 680 -85.80 -79.91 -84.04
C CYS W 680 -86.13 -79.52 -85.48
N SER W 681 -85.17 -79.62 -86.39
CA SER W 681 -85.37 -79.26 -87.80
C SER W 681 -86.57 -79.99 -88.40
N VAL W 682 -86.82 -81.24 -87.99
CA VAL W 682 -87.97 -81.97 -88.46
C VAL W 682 -89.27 -81.22 -88.17
N VAL W 683 -89.35 -80.74 -86.95
CA VAL W 683 -90.48 -80.00 -86.41
C VAL W 683 -90.63 -78.70 -87.15
N ASP W 684 -89.55 -77.95 -87.26
CA ASP W 684 -89.51 -76.65 -87.94
C ASP W 684 -90.04 -76.78 -89.36
N VAL W 685 -89.58 -77.82 -90.04
CA VAL W 685 -89.96 -78.10 -91.41
C VAL W 685 -91.43 -78.42 -91.47
N PHE W 686 -91.92 -79.34 -90.66
CA PHE W 686 -93.35 -79.60 -90.68
C PHE W 686 -94.15 -78.37 -90.30
N SER W 687 -93.71 -77.60 -89.33
CA SER W 687 -94.34 -76.33 -89.01
C SER W 687 -94.42 -75.43 -90.24
N GLN W 688 -93.30 -75.23 -90.93
CA GLN W 688 -93.27 -74.42 -92.12
C GLN W 688 -94.24 -74.95 -93.17
N LEU W 689 -94.15 -76.24 -93.45
CA LEU W 689 -94.96 -76.89 -94.45
C LEU W 689 -96.43 -76.75 -94.14
N ASN W 690 -96.79 -76.82 -92.87
CA ASN W 690 -98.15 -76.61 -92.47
C ASN W 690 -98.54 -75.14 -92.60
N GLN W 691 -97.73 -74.18 -92.15
CA GLN W 691 -98.05 -72.75 -92.36
C GLN W 691 -98.34 -72.49 -93.83
N SER W 692 -97.47 -73.05 -94.67
CA SER W 692 -97.58 -73.02 -96.12
C SER W 692 -98.86 -73.67 -96.61
N PHE W 693 -99.11 -74.91 -96.24
CA PHE W 693 -100.28 -75.63 -96.70
C PHE W 693 -101.54 -74.88 -96.34
N GLU W 694 -101.57 -74.30 -95.15
CA GLU W 694 -102.74 -73.62 -94.69
C GLU W 694 -103.01 -72.36 -95.49
N ILE W 695 -101.97 -71.64 -95.92
CA ILE W 695 -102.14 -70.52 -96.84
C ILE W 695 -102.85 -70.97 -98.12
N ILE W 696 -102.53 -72.14 -98.64
CA ILE W 696 -103.28 -72.72 -99.77
C ILE W 696 -104.70 -73.03 -99.31
N LYS W 697 -104.82 -73.75 -98.20
CA LYS W 697 -106.08 -74.34 -97.81
C LYS W 697 -107.13 -73.26 -97.60
N LYS W 698 -106.72 -72.15 -97.00
CA LYS W 698 -107.47 -70.89 -96.81
C LYS W 698 -108.07 -70.26 -98.06
N LEU W 699 -107.74 -70.75 -99.24
CA LEU W 699 -108.39 -70.31 -100.46
C LEU W 699 -109.68 -71.10 -100.74
N GLU W 700 -109.75 -72.37 -100.32
CA GLU W 700 -110.89 -73.28 -100.56
C GLU W 700 -111.44 -73.21 -101.98
N CYS W 701 -110.54 -73.26 -102.96
CA CYS W 701 -110.90 -73.10 -104.37
C CYS W 701 -112.04 -74.05 -104.77
N PRO W 702 -113.19 -73.54 -105.24
CA PRO W 702 -114.34 -74.38 -105.57
C PRO W 702 -114.16 -75.18 -106.88
N ASP W 703 -113.11 -74.91 -107.65
CA ASP W 703 -112.68 -75.76 -108.74
C ASP W 703 -111.65 -76.80 -108.24
N PRO W 704 -112.06 -78.07 -108.07
CA PRO W 704 -111.20 -79.08 -107.46
C PRO W 704 -110.05 -79.50 -108.37
N GLN W 705 -110.07 -79.17 -109.66
CA GLN W 705 -108.98 -79.50 -110.56
C GLN W 705 -107.88 -78.46 -110.44
N ILE W 706 -108.26 -77.20 -110.31
CA ILE W 706 -107.36 -76.12 -109.93
C ILE W 706 -106.78 -76.39 -108.54
N VAL W 707 -107.59 -76.87 -107.61
CA VAL W 707 -107.06 -77.40 -106.34
C VAL W 707 -106.09 -78.52 -106.61
N GLY W 708 -106.47 -79.50 -107.43
CA GLY W 708 -105.62 -80.63 -107.74
C GLY W 708 -104.28 -80.15 -108.27
N HIS W 709 -104.27 -79.08 -109.06
CA HIS W 709 -103.06 -78.47 -109.57
C HIS W 709 -102.21 -77.90 -108.46
N TYR W 710 -102.76 -77.12 -107.55
CA TYR W 710 -102.05 -76.67 -106.37
C TYR W 710 -101.46 -77.85 -105.61
N MET W 711 -102.21 -78.93 -105.48
CA MET W 711 -101.78 -80.10 -104.72
C MET W 711 -100.68 -80.86 -105.44
N ARG W 712 -100.75 -80.94 -106.75
CA ARG W 712 -99.69 -81.52 -107.57
C ARG W 712 -98.42 -80.68 -107.40
N ARG W 713 -98.53 -79.38 -107.64
CA ARG W 713 -97.50 -78.37 -107.43
C ARG W 713 -96.87 -78.52 -106.04
N PHE W 714 -97.69 -78.60 -105.02
CA PHE W 714 -97.21 -78.63 -103.65
C PHE W 714 -96.66 -80.00 -103.28
N ALA W 715 -97.24 -81.09 -103.77
CA ALA W 715 -96.72 -82.42 -103.49
C ALA W 715 -95.30 -82.56 -104.03
N LYS W 716 -95.03 -81.86 -105.13
CA LYS W 716 -93.69 -81.67 -105.62
C LYS W 716 -92.89 -80.89 -104.61
N THR W 717 -93.33 -79.70 -104.20
CA THR W 717 -92.64 -78.93 -103.15
C THR W 717 -92.21 -79.81 -102.00
N ILE W 718 -93.17 -80.53 -101.46
CA ILE W 718 -93.01 -81.44 -100.35
C ILE W 718 -91.97 -82.49 -100.70
N SER W 719 -92.17 -83.19 -101.82
CA SER W 719 -91.22 -84.18 -102.25
C SER W 719 -89.82 -83.63 -102.32
N ASN W 720 -89.67 -82.48 -102.94
CA ASN W 720 -88.40 -81.85 -103.14
C ASN W 720 -87.75 -81.48 -101.82
N VAL W 721 -88.45 -80.71 -101.00
CA VAL W 721 -88.03 -80.31 -99.67
C VAL W 721 -87.63 -81.52 -98.86
N LEU W 722 -88.46 -82.56 -98.84
CA LEU W 722 -88.24 -83.69 -97.94
C LEU W 722 -87.12 -84.58 -98.43
N LEU W 723 -87.01 -84.79 -99.73
CA LEU W 723 -85.90 -85.56 -100.24
C LEU W 723 -84.62 -84.78 -100.03
N GLN W 724 -84.65 -83.47 -100.20
CA GLN W 724 -83.53 -82.61 -99.91
C GLN W 724 -83.14 -82.66 -98.45
N TYR W 725 -84.10 -82.70 -97.53
CA TYR W 725 -83.79 -83.01 -96.13
C TYR W 725 -83.11 -84.37 -96.02
N ALA W 726 -83.80 -85.42 -96.49
CA ALA W 726 -83.41 -86.80 -96.30
C ALA W 726 -82.03 -87.05 -96.88
N ASP W 727 -81.76 -86.40 -97.98
CA ASP W 727 -80.47 -86.31 -98.61
C ASP W 727 -79.46 -85.60 -97.72
N ILE W 728 -79.72 -84.36 -97.31
CA ILE W 728 -78.78 -83.60 -96.47
C ILE W 728 -78.43 -84.39 -95.22
N VAL W 729 -79.41 -85.09 -94.66
CA VAL W 729 -79.18 -86.09 -93.64
C VAL W 729 -78.29 -87.23 -94.13
N SER W 730 -78.71 -87.95 -95.17
CA SER W 730 -78.02 -89.15 -95.67
C SER W 730 -76.56 -88.89 -95.97
N LYS W 731 -76.28 -87.68 -96.45
CA LYS W 731 -74.95 -87.16 -96.70
C LYS W 731 -74.13 -87.11 -95.43
N ASP W 732 -74.61 -86.37 -94.45
CA ASP W 732 -73.91 -86.21 -93.18
C ASP W 732 -73.85 -87.51 -92.37
N PHE W 733 -74.78 -88.41 -92.63
CA PHE W 733 -75.05 -89.59 -91.83
C PHE W 733 -73.82 -90.43 -91.51
N ALA W 734 -73.05 -90.80 -92.53
CA ALA W 734 -71.85 -91.60 -92.36
C ALA W 734 -70.80 -90.90 -91.49
N SER W 735 -70.64 -89.58 -91.62
CA SER W 735 -69.73 -88.80 -90.76
C SER W 735 -70.12 -88.91 -89.29
N TYR W 736 -71.42 -89.04 -89.04
CA TYR W 736 -71.95 -89.23 -87.71
C TYR W 736 -71.90 -90.68 -87.24
N CYS W 737 -71.80 -91.65 -88.15
CA CYS W 737 -71.78 -93.07 -87.82
C CYS W 737 -70.58 -93.53 -87.01
N SER W 738 -69.56 -92.69 -86.82
CA SER W 738 -68.45 -93.03 -85.96
C SER W 738 -68.94 -93.35 -84.53
N LYS W 739 -68.26 -94.31 -83.87
CA LYS W 739 -68.73 -95.10 -82.70
C LYS W 739 -68.89 -94.34 -81.36
N GLU W 740 -69.05 -93.03 -81.40
CA GLU W 740 -69.01 -92.12 -80.24
C GLU W 740 -70.07 -91.02 -80.38
N LYS W 741 -70.27 -90.51 -81.58
CA LYS W 741 -71.42 -89.67 -81.91
C LYS W 741 -72.70 -90.48 -82.11
N GLU W 742 -72.72 -91.75 -81.73
CA GLU W 742 -73.81 -92.73 -81.99
C GLU W 742 -75.22 -92.19 -81.76
N LYS W 743 -75.40 -91.32 -80.76
CA LYS W 743 -76.66 -90.60 -80.56
C LYS W 743 -77.15 -89.92 -81.84
N VAL W 744 -76.27 -89.23 -82.53
CA VAL W 744 -76.60 -88.45 -83.72
C VAL W 744 -77.15 -89.33 -84.85
N PRO W 745 -76.51 -90.40 -85.34
CA PRO W 745 -77.13 -91.26 -86.35
C PRO W 745 -78.48 -91.85 -85.92
N CYS W 746 -78.64 -92.20 -84.64
CA CYS W 746 -79.96 -92.59 -84.13
C CYS W 746 -80.97 -91.47 -84.40
N ILE W 747 -80.66 -90.27 -83.93
CA ILE W 747 -81.51 -89.09 -84.04
C ILE W 747 -81.82 -88.77 -85.49
N LEU W 748 -80.84 -88.82 -86.38
CA LEU W 748 -81.03 -88.62 -87.82
C LEU W 748 -81.96 -89.68 -88.43
N MET W 749 -81.79 -90.95 -88.07
CA MET W 749 -82.74 -91.98 -88.50
C MET W 749 -84.13 -91.72 -87.92
N ASN W 750 -84.22 -91.25 -86.67
CA ASN W 750 -85.47 -90.84 -86.08
C ASN W 750 -86.05 -89.61 -86.78
N ASN W 751 -85.22 -88.69 -87.26
CA ASN W 751 -85.70 -87.56 -88.03
C ASN W 751 -86.38 -88.07 -89.26
N THR W 752 -85.69 -88.94 -89.98
CA THR W 752 -86.11 -89.52 -91.24
C THR W 752 -87.45 -90.23 -91.04
N GLN W 753 -87.51 -91.10 -90.06
CA GLN W 753 -88.72 -91.78 -89.71
C GLN W 753 -89.81 -90.79 -89.25
N GLN W 754 -89.44 -89.76 -88.50
CA GLN W 754 -90.36 -88.73 -88.10
C GLN W 754 -90.87 -87.94 -89.30
N LEU W 755 -90.05 -87.71 -90.32
CA LEU W 755 -90.53 -87.17 -91.59
C LEU W 755 -91.62 -88.06 -92.09
N ARG W 756 -91.36 -89.35 -92.28
CA ARG W 756 -92.35 -90.27 -92.84
C ARG W 756 -93.64 -90.18 -92.03
N VAL W 757 -93.51 -90.25 -90.72
CA VAL W 757 -94.62 -90.16 -89.80
C VAL W 757 -95.42 -88.88 -90.01
N GLN W 758 -94.78 -87.72 -89.94
CA GLN W 758 -95.50 -86.47 -90.16
C GLN W 758 -95.96 -86.28 -91.60
N LEU W 759 -95.26 -86.89 -92.55
CA LEU W 759 -95.63 -86.85 -93.95
C LEU W 759 -96.96 -87.57 -94.09
N GLU W 760 -97.13 -88.74 -93.48
CA GLU W 760 -98.42 -89.42 -93.47
C GLU W 760 -99.50 -88.46 -92.95
N LYS W 761 -99.22 -87.75 -91.84
CA LYS W 761 -100.13 -86.76 -91.27
C LYS W 761 -100.44 -85.63 -92.25
N MET W 762 -99.43 -85.03 -92.85
CA MET W 762 -99.61 -83.93 -93.79
C MET W 762 -100.37 -84.39 -95.04
N PHE W 763 -100.08 -85.59 -95.51
CA PHE W 763 -100.79 -86.22 -96.61
C PHE W 763 -102.27 -86.33 -96.22
N GLU W 764 -102.59 -86.83 -95.03
CA GLU W 764 -103.95 -86.76 -94.54
C GLU W 764 -104.48 -85.33 -94.48
N ALA W 765 -103.69 -84.38 -94.00
CA ALA W 765 -104.09 -82.99 -93.89
C ALA W 765 -104.44 -82.39 -95.25
N MET W 766 -103.71 -82.76 -96.29
CA MET W 766 -104.00 -82.47 -97.69
C MET W 766 -105.22 -83.22 -98.23
N GLY W 767 -105.97 -83.91 -97.36
CA GLY W 767 -107.11 -84.68 -97.76
C GLY W 767 -106.72 -86.09 -98.21
N GLY W 768 -105.71 -86.67 -97.55
CA GLY W 768 -105.41 -88.10 -97.55
C GLY W 768 -105.74 -88.87 -98.82
N LYS W 769 -106.57 -89.89 -98.73
CA LYS W 769 -106.95 -90.75 -99.86
C LYS W 769 -107.91 -90.08 -100.83
N GLU W 770 -108.49 -88.97 -100.40
CA GLU W 770 -109.30 -88.07 -101.22
C GLU W 770 -108.43 -87.21 -102.16
N LEU W 771 -107.12 -87.12 -101.90
CA LEU W 771 -106.15 -86.29 -102.61
C LEU W 771 -106.11 -86.60 -104.11
N ASP W 772 -105.79 -85.58 -104.90
CA ASP W 772 -105.43 -85.73 -106.31
C ASP W 772 -104.47 -86.90 -106.52
N ALA W 773 -104.79 -87.76 -107.47
CA ALA W 773 -104.07 -89.02 -107.64
C ALA W 773 -102.58 -88.84 -107.97
N GLU W 774 -102.15 -87.68 -108.48
CA GLU W 774 -100.76 -87.44 -108.89
C GLU W 774 -99.97 -86.70 -107.83
N ALA W 775 -100.60 -85.78 -107.11
CA ALA W 775 -100.09 -85.34 -105.83
C ALA W 775 -99.91 -86.56 -104.93
N SER W 776 -100.91 -87.43 -104.85
CA SER W 776 -100.84 -88.68 -104.10
C SER W 776 -99.73 -89.58 -104.65
N GLY W 777 -99.67 -89.83 -105.96
CA GLY W 777 -98.56 -90.54 -106.59
C GLY W 777 -97.21 -90.03 -106.13
N THR W 778 -97.04 -88.71 -106.15
CA THR W 778 -95.83 -88.03 -105.70
C THR W 778 -95.52 -88.34 -104.26
N LEU W 779 -96.48 -88.13 -103.37
CA LEU W 779 -96.24 -88.37 -101.96
C LEU W 779 -96.02 -89.87 -101.65
N LYS W 780 -96.61 -90.79 -102.42
CA LYS W 780 -96.35 -92.23 -102.29
C LYS W 780 -94.94 -92.59 -102.71
N GLU W 781 -94.54 -92.09 -103.88
CA GLU W 781 -93.17 -92.16 -104.37
C GLU W 781 -92.20 -91.64 -103.31
N LEU W 782 -92.51 -90.49 -102.76
CA LEU W 782 -91.69 -89.81 -101.78
C LEU W 782 -91.52 -90.72 -100.56
N GLN W 783 -92.61 -91.21 -100.00
CA GLN W 783 -92.60 -92.10 -98.84
C GLN W 783 -91.78 -93.37 -99.13
N VAL W 784 -91.91 -93.98 -100.30
CA VAL W 784 -91.09 -95.15 -100.69
C VAL W 784 -89.61 -94.82 -100.68
N LYS W 785 -89.23 -93.68 -101.26
CA LYS W 785 -87.83 -93.25 -101.26
C LYS W 785 -87.32 -92.98 -99.86
N LEU W 786 -88.10 -92.29 -99.04
CA LEU W 786 -87.76 -92.05 -97.64
C LEU W 786 -87.57 -93.38 -96.88
N ASN W 787 -88.40 -94.39 -97.16
CA ASN W 787 -88.20 -95.72 -96.60
C ASN W 787 -86.85 -96.31 -97.03
N ASN W 788 -86.55 -96.26 -98.32
CA ASN W 788 -85.34 -96.86 -98.85
C ASN W 788 -84.11 -96.13 -98.30
N VAL W 789 -84.16 -94.80 -98.22
CA VAL W 789 -83.16 -94.00 -97.50
C VAL W 789 -82.94 -94.58 -96.11
N LEU W 790 -84.01 -94.80 -95.33
CA LEU W 790 -83.89 -95.26 -93.95
C LEU W 790 -83.24 -96.65 -93.84
N ASP W 791 -83.51 -97.54 -94.78
CA ASP W 791 -82.77 -98.80 -94.86
C ASP W 791 -81.27 -98.56 -95.01
N GLU W 792 -80.88 -97.70 -95.94
CA GLU W 792 -79.47 -97.48 -96.22
C GLU W 792 -78.78 -96.80 -95.05
N LEU W 793 -79.44 -95.86 -94.38
CA LEU W 793 -78.93 -95.30 -93.15
C LEU W 793 -78.76 -96.38 -92.08
N SER W 794 -79.76 -97.24 -91.85
CA SER W 794 -79.64 -98.32 -90.87
C SER W 794 -78.44 -99.23 -91.15
N HIS W 795 -78.21 -99.49 -92.43
CA HIS W 795 -77.11 -100.30 -92.89
C HIS W 795 -75.78 -99.60 -92.66
N VAL W 796 -75.64 -98.38 -93.19
CA VAL W 796 -74.44 -97.55 -93.03
C VAL W 796 -74.11 -97.41 -91.55
N PHE W 797 -75.11 -97.24 -90.71
CA PHE W 797 -74.94 -97.17 -89.28
C PHE W 797 -74.42 -98.47 -88.70
N ALA W 798 -75.15 -99.57 -88.88
CA ALA W 798 -74.75 -100.88 -88.37
C ALA W 798 -73.34 -101.28 -88.82
N THR W 799 -73.00 -100.88 -90.04
CA THR W 799 -71.70 -101.11 -90.65
C THR W 799 -70.57 -100.44 -89.88
N SER W 800 -70.72 -99.23 -89.33
CA SER W 800 -69.59 -98.59 -88.65
C SER W 800 -69.16 -99.32 -87.38
N PHE W 801 -70.02 -100.16 -86.81
CA PHE W 801 -69.72 -101.04 -85.69
C PHE W 801 -69.10 -102.36 -86.11
N GLN W 802 -69.25 -102.73 -87.37
CA GLN W 802 -68.74 -103.97 -87.92
C GLN W 802 -67.30 -104.29 -87.52
N PRO W 803 -66.35 -103.32 -87.54
CA PRO W 803 -64.97 -103.63 -87.15
C PRO W 803 -64.88 -104.02 -85.70
N HIS W 804 -65.61 -103.30 -84.85
CA HIS W 804 -65.68 -103.59 -83.44
C HIS W 804 -66.33 -104.94 -83.19
N ILE W 805 -67.38 -105.24 -83.93
CA ILE W 805 -68.09 -106.52 -83.87
C ILE W 805 -67.14 -107.63 -84.25
N GLU W 806 -66.49 -107.54 -85.39
CA GLU W 806 -65.53 -108.52 -85.88
C GLU W 806 -64.37 -108.73 -84.93
N GLU W 807 -63.87 -107.63 -84.37
CA GLU W 807 -62.83 -107.66 -83.36
C GLU W 807 -63.30 -108.44 -82.14
N CYS W 808 -64.40 -108.01 -81.53
CA CYS W 808 -64.98 -108.68 -80.39
C CYS W 808 -65.20 -110.16 -80.70
N VAL W 809 -65.82 -110.48 -81.83
CA VAL W 809 -66.13 -111.86 -82.22
C VAL W 809 -64.84 -112.66 -82.37
N ARG W 810 -63.78 -112.08 -82.94
CA ARG W 810 -62.50 -112.76 -83.00
C ARG W 810 -62.00 -113.03 -81.59
N GLN W 811 -62.10 -112.09 -80.65
CA GLN W 811 -61.73 -112.36 -79.26
C GLN W 811 -62.60 -113.44 -78.66
N MET W 812 -63.89 -113.44 -78.94
CA MET W 812 -64.78 -114.49 -78.44
C MET W 812 -64.34 -115.84 -79.01
N GLY W 813 -63.93 -115.88 -80.28
CA GLY W 813 -63.36 -117.05 -80.92
C GLY W 813 -62.05 -117.48 -80.25
N ASP W 814 -61.20 -116.52 -79.93
CA ASP W 814 -59.98 -116.78 -79.17
C ASP W 814 -60.32 -117.38 -77.80
N ILE W 815 -61.27 -116.79 -77.09
CA ILE W 815 -61.71 -117.29 -75.78
C ILE W 815 -62.32 -118.68 -75.92
N LEU W 816 -63.11 -118.94 -76.96
CA LEU W 816 -63.71 -120.26 -77.20
C LEU W 816 -62.63 -121.29 -77.46
N SER W 817 -61.53 -120.97 -78.14
CA SER W 817 -60.49 -121.95 -78.44
C SER W 817 -59.80 -122.54 -77.20
N GLN W 818 -60.02 -121.95 -76.03
CA GLN W 818 -59.56 -122.49 -74.74
C GLN W 818 -60.48 -123.62 -74.27
N VAL W 819 -61.79 -123.50 -74.57
CA VAL W 819 -62.76 -124.60 -74.51
C VAL W 819 -62.45 -125.58 -75.63
N LYS W 820 -62.46 -126.88 -75.35
CA LYS W 820 -62.45 -127.90 -76.41
C LYS W 820 -63.55 -128.91 -76.16
N GLY W 821 -63.45 -130.13 -76.67
CA GLY W 821 -64.49 -131.13 -76.45
C GLY W 821 -64.44 -131.71 -75.05
N THR W 822 -64.99 -131.01 -74.06
CA THR W 822 -64.53 -131.18 -72.66
C THR W 822 -65.11 -132.36 -71.90
N GLY W 823 -65.79 -133.30 -72.56
CA GLY W 823 -65.81 -134.68 -72.07
C GLY W 823 -64.43 -135.35 -72.15
N ASN W 824 -63.53 -134.82 -72.98
CA ASN W 824 -62.14 -135.24 -73.17
C ASN W 824 -61.12 -134.17 -72.66
N VAL W 825 -61.48 -133.28 -71.70
CA VAL W 825 -60.60 -132.17 -71.20
C VAL W 825 -60.87 -131.84 -69.70
N PRO W 826 -59.87 -131.35 -68.92
CA PRO W 826 -60.03 -130.94 -67.50
C PRO W 826 -61.04 -129.83 -67.20
N ALA W 827 -61.43 -129.72 -65.94
CA ALA W 827 -62.51 -128.88 -65.37
C ALA W 827 -62.38 -127.35 -65.51
N SER W 828 -61.26 -126.82 -65.98
CA SER W 828 -61.13 -125.39 -66.35
C SER W 828 -61.70 -125.07 -67.72
N ALA W 829 -61.81 -126.08 -68.59
CA ALA W 829 -62.49 -126.02 -69.87
C ALA W 829 -63.70 -126.95 -69.93
N CYS W 830 -63.77 -128.02 -69.10
CA CYS W 830 -65.05 -128.59 -68.64
C CYS W 830 -65.67 -127.73 -67.50
N SER W 831 -65.17 -126.50 -67.36
CA SER W 831 -65.86 -125.32 -66.83
C SER W 831 -67.29 -125.32 -67.39
N SER W 832 -68.28 -124.90 -66.60
CA SER W 832 -69.67 -125.11 -67.01
C SER W 832 -69.92 -124.45 -68.36
N VAL W 833 -70.90 -125.00 -69.06
CA VAL W 833 -71.34 -124.47 -70.36
C VAL W 833 -71.63 -122.97 -70.26
N ALA W 834 -72.20 -122.52 -69.13
CA ALA W 834 -72.45 -121.13 -68.81
C ALA W 834 -71.17 -120.30 -68.59
N GLN W 835 -70.24 -120.75 -67.75
CA GLN W 835 -69.00 -119.99 -67.49
C GLN W 835 -68.19 -119.80 -68.77
N ASP W 836 -68.02 -120.87 -69.54
CA ASP W 836 -67.40 -120.78 -70.84
C ASP W 836 -68.15 -119.81 -71.75
N ALA W 837 -69.49 -119.92 -71.85
CA ALA W 837 -70.27 -119.01 -72.68
C ALA W 837 -70.07 -117.57 -72.23
N ASP W 838 -70.08 -117.28 -70.93
CA ASP W 838 -69.85 -115.96 -70.39
C ASP W 838 -68.47 -115.42 -70.75
N ASN W 839 -67.42 -116.23 -70.52
CA ASN W 839 -66.06 -115.86 -70.85
C ASN W 839 -65.99 -115.48 -72.32
N VAL W 840 -66.45 -116.41 -73.14
CA VAL W 840 -66.55 -116.27 -74.58
C VAL W 840 -67.28 -115.00 -74.94
N LEU W 841 -68.50 -114.83 -74.43
CA LEU W 841 -69.44 -113.74 -74.71
C LEU W 841 -68.90 -112.39 -74.31
N GLN W 842 -67.95 -112.33 -73.38
CA GLN W 842 -67.79 -111.08 -72.67
C GLN W 842 -67.39 -109.91 -73.56
N PRO W 843 -66.45 -110.06 -74.53
CA PRO W 843 -66.08 -108.99 -75.44
C PRO W 843 -67.27 -108.34 -76.14
N ILE W 844 -68.30 -109.10 -76.49
CA ILE W 844 -69.46 -108.54 -77.16
C ILE W 844 -70.53 -108.06 -76.17
N MET W 845 -70.74 -108.72 -75.05
CA MET W 845 -71.85 -108.35 -74.16
C MET W 845 -71.68 -106.95 -73.61
N ASP W 846 -70.43 -106.56 -73.39
CA ASP W 846 -70.05 -105.20 -72.99
C ASP W 846 -70.54 -104.19 -74.03
N LEU W 847 -70.10 -104.39 -75.27
CA LEU W 847 -70.47 -103.58 -76.42
C LEU W 847 -72.00 -103.54 -76.54
N LEU W 848 -72.62 -104.72 -76.57
CA LEU W 848 -74.03 -104.91 -76.79
C LEU W 848 -74.83 -104.17 -75.76
N ASP W 849 -74.60 -104.45 -74.48
CA ASP W 849 -75.57 -104.06 -73.48
C ASP W 849 -75.70 -102.55 -73.47
N SER W 850 -74.54 -101.90 -73.39
CA SER W 850 -74.43 -100.46 -73.45
C SER W 850 -75.12 -99.92 -74.68
N ASN W 851 -74.71 -100.39 -75.85
CA ASN W 851 -75.19 -99.82 -77.09
C ASN W 851 -76.66 -100.12 -77.32
N LEU W 852 -77.11 -101.36 -77.16
CA LEU W 852 -78.52 -101.71 -77.33
C LEU W 852 -79.37 -100.96 -76.34
N THR W 853 -78.90 -100.77 -75.12
CA THR W 853 -79.67 -99.98 -74.17
C THR W 853 -79.75 -98.53 -74.60
N LEU W 854 -78.61 -97.94 -74.96
CA LEU W 854 -78.57 -96.58 -75.47
C LEU W 854 -79.49 -96.43 -76.67
N PHE W 855 -79.40 -97.33 -77.64
CA PHE W 855 -80.21 -97.31 -78.85
C PHE W 855 -81.67 -97.58 -78.55
N ALA W 856 -81.98 -98.48 -77.63
CA ALA W 856 -83.36 -98.70 -77.22
C ALA W 856 -83.96 -97.46 -76.56
N LYS W 857 -83.16 -96.73 -75.78
CA LYS W 857 -83.57 -95.43 -75.24
C LYS W 857 -83.80 -94.41 -76.38
N ILE W 858 -82.87 -94.31 -77.33
CA ILE W 858 -82.79 -93.16 -78.24
C ILE W 858 -83.21 -93.39 -79.71
N CYS W 859 -83.51 -94.60 -80.16
CA CYS W 859 -84.00 -94.90 -81.51
C CYS W 859 -85.51 -95.15 -81.53
N GLU W 860 -86.18 -94.61 -82.53
CA GLU W 860 -87.57 -94.96 -82.84
C GLU W 860 -87.66 -96.41 -83.30
N LYS W 861 -88.76 -97.10 -83.05
CA LYS W 861 -88.76 -98.57 -83.10
C LYS W 861 -88.51 -99.09 -84.53
N THR W 862 -89.11 -98.45 -85.52
CA THR W 862 -88.79 -98.59 -86.96
C THR W 862 -87.29 -98.50 -87.22
N VAL W 863 -86.68 -97.43 -86.72
CA VAL W 863 -85.25 -97.16 -86.84
C VAL W 863 -84.46 -98.30 -86.22
N LEU W 864 -84.75 -98.58 -84.96
CA LEU W 864 -84.07 -99.54 -84.14
C LEU W 864 -84.15 -100.91 -84.78
N LYS W 865 -85.30 -101.32 -85.29
CA LYS W 865 -85.48 -102.66 -85.83
C LYS W 865 -84.59 -102.85 -87.01
N ARG W 866 -84.53 -101.85 -87.89
CA ARG W 866 -83.66 -101.87 -89.07
C ARG W 866 -82.21 -101.93 -88.64
N VAL W 867 -81.82 -101.06 -87.71
CA VAL W 867 -80.47 -101.07 -87.13
C VAL W 867 -80.13 -102.44 -86.61
N LEU W 868 -81.01 -103.02 -85.80
CA LEU W 868 -80.82 -104.30 -85.18
C LEU W 868 -80.78 -105.41 -86.20
N LYS W 869 -81.60 -105.41 -87.24
CA LYS W 869 -81.56 -106.46 -88.26
C LYS W 869 -80.20 -106.47 -88.93
N GLU W 870 -79.76 -105.29 -89.31
CA GLU W 870 -78.47 -105.07 -89.94
C GLU W 870 -77.34 -105.56 -89.04
N LEU W 871 -77.37 -105.14 -87.79
CA LEU W 871 -76.43 -105.60 -86.79
C LEU W 871 -76.53 -107.11 -86.59
N TRP W 872 -77.72 -107.67 -86.51
CA TRP W 872 -77.97 -109.06 -86.22
C TRP W 872 -77.36 -109.96 -87.27
N LYS W 873 -77.71 -109.66 -88.52
CA LYS W 873 -77.12 -110.28 -89.69
C LYS W 873 -75.61 -110.22 -89.58
N LEU W 874 -75.08 -109.00 -89.42
CA LEU W 874 -73.65 -108.76 -89.32
C LEU W 874 -73.04 -109.65 -88.24
N VAL W 875 -73.60 -109.64 -87.05
CA VAL W 875 -73.15 -110.42 -85.91
C VAL W 875 -73.18 -111.89 -86.25
N MET W 876 -74.34 -112.43 -86.58
CA MET W 876 -74.53 -113.82 -86.94
C MET W 876 -73.50 -114.32 -87.94
N ASN W 877 -73.36 -113.56 -89.01
CA ASN W 877 -72.43 -113.88 -90.06
C ASN W 877 -71.00 -113.84 -89.54
N THR W 878 -70.69 -112.83 -88.73
CA THR W 878 -69.39 -112.68 -88.11
C THR W 878 -69.07 -113.88 -87.26
N MET W 879 -69.98 -114.32 -86.41
CA MET W 879 -69.74 -115.51 -85.58
C MET W 879 -69.60 -116.75 -86.44
N GLU W 880 -70.48 -116.89 -87.41
CA GLU W 880 -70.47 -118.07 -88.24
C GLU W 880 -69.13 -118.25 -88.92
N ARG W 881 -68.63 -117.16 -89.50
CA ARG W 881 -67.31 -117.06 -90.06
C ARG W 881 -66.26 -117.23 -88.97
N THR W 882 -66.10 -116.22 -88.14
CA THR W 882 -65.02 -116.02 -87.19
C THR W 882 -64.99 -117.04 -86.07
N ILE W 883 -66.03 -117.85 -85.89
CA ILE W 883 -66.10 -118.79 -84.76
C ILE W 883 -66.53 -120.18 -85.19
N VAL W 884 -67.54 -120.33 -86.07
CA VAL W 884 -68.05 -121.68 -86.37
C VAL W 884 -67.39 -122.29 -87.58
N LEU W 885 -66.96 -121.48 -88.52
CA LEU W 885 -66.05 -121.88 -89.56
C LEU W 885 -64.76 -121.11 -89.35
N PRO W 886 -64.20 -121.18 -88.13
CA PRO W 886 -63.35 -120.14 -87.60
C PRO W 886 -61.99 -120.09 -88.28
N PRO W 887 -61.28 -118.96 -88.12
CA PRO W 887 -59.83 -118.94 -88.29
C PRO W 887 -59.17 -119.95 -87.33
N GLU W 888 -59.64 -120.08 -86.08
CA GLU W 888 -59.24 -121.14 -85.12
C GLU W 888 -59.72 -122.57 -85.47
N PHE W 889 -59.85 -122.90 -86.77
CA PHE W 889 -59.85 -124.28 -87.25
C PHE W 889 -59.29 -124.40 -88.68
N LEU W 890 -59.99 -123.94 -89.73
CA LEU W 890 -59.62 -124.35 -91.10
C LEU W 890 -58.33 -123.70 -91.59
N SER W 891 -58.04 -122.48 -91.16
CA SER W 891 -56.75 -121.82 -91.41
C SER W 891 -55.54 -122.55 -90.80
N LYS W 892 -55.77 -123.56 -89.94
CA LYS W 892 -54.76 -124.53 -89.55
C LYS W 892 -54.77 -125.78 -90.43
N LEU W 893 -55.92 -126.47 -90.54
CA LEU W 893 -56.01 -127.76 -91.26
C LEU W 893 -55.60 -127.67 -92.73
N LYS W 894 -56.04 -126.62 -93.45
CA LYS W 894 -55.67 -126.42 -94.86
C LYS W 894 -54.31 -125.72 -95.05
N ASP W 895 -53.58 -125.50 -93.96
CA ASP W 895 -52.25 -124.87 -93.94
C ASP W 895 -51.17 -125.88 -93.52
N HIS W 896 -49.92 -125.44 -93.45
CA HIS W 896 -48.77 -126.19 -92.91
C HIS W 896 -48.90 -126.45 -91.39
N MET W 897 -49.80 -125.73 -90.73
CA MET W 897 -50.22 -125.93 -89.35
C MET W 897 -50.97 -127.27 -89.16
N VAL W 898 -51.50 -127.48 -87.96
CA VAL W 898 -52.10 -128.76 -87.52
C VAL W 898 -53.29 -129.16 -88.39
N ARG W 899 -53.32 -130.46 -88.78
CA ARG W 899 -54.48 -131.22 -89.30
C ARG W 899 -55.58 -131.28 -88.24
N GLU W 900 -56.20 -130.13 -88.01
CA GLU W 900 -56.82 -129.85 -86.73
C GLU W 900 -57.93 -130.81 -86.34
N GLU W 901 -58.09 -130.86 -85.03
CA GLU W 901 -59.33 -131.21 -84.42
C GLU W 901 -60.06 -130.00 -83.83
N ALA W 902 -59.40 -128.84 -83.72
CA ALA W 902 -59.67 -127.78 -82.74
C ALA W 902 -59.83 -128.36 -81.32
N LYS W 903 -59.05 -129.43 -81.07
CA LYS W 903 -59.17 -130.42 -79.99
C LYS W 903 -60.62 -130.87 -79.73
N SER W 904 -61.25 -131.24 -80.83
CA SER W 904 -62.59 -131.81 -81.02
C SER W 904 -63.72 -130.82 -80.71
N LEU W 905 -64.39 -130.28 -81.75
CA LEU W 905 -65.63 -129.50 -81.64
C LEU W 905 -66.83 -130.41 -81.32
N THR W 906 -66.73 -131.06 -80.18
CA THR W 906 -67.77 -131.95 -79.64
C THR W 906 -68.99 -131.15 -79.19
N PRO W 907 -70.04 -131.86 -78.78
CA PRO W 907 -71.01 -131.42 -77.80
C PRO W 907 -70.68 -130.17 -76.97
N LYS W 908 -69.52 -130.08 -76.32
CA LYS W 908 -69.24 -128.95 -75.44
C LYS W 908 -69.18 -127.60 -76.13
N GLN W 909 -68.39 -127.43 -77.18
CA GLN W 909 -68.35 -126.18 -77.93
C GLN W 909 -69.56 -126.06 -78.87
N CYS W 910 -70.38 -127.11 -79.04
CA CYS W 910 -71.70 -126.97 -79.67
C CYS W 910 -72.67 -126.29 -78.70
N ALA W 911 -72.79 -126.82 -77.48
CA ALA W 911 -73.14 -126.03 -76.31
C ALA W 911 -72.08 -124.92 -76.13
N VAL W 912 -72.18 -124.08 -75.11
CA VAL W 912 -71.38 -122.85 -74.98
C VAL W 912 -71.80 -121.86 -76.05
N VAL W 913 -71.55 -122.16 -77.32
CA VAL W 913 -72.00 -121.40 -78.48
C VAL W 913 -73.51 -121.38 -78.55
N GLU W 914 -74.21 -122.51 -78.46
CA GLU W 914 -75.68 -122.48 -78.51
C GLU W 914 -76.26 -121.64 -77.38
N LEU W 915 -75.65 -121.70 -76.19
CA LEU W 915 -76.05 -120.85 -75.08
C LEU W 915 -75.69 -119.37 -75.32
N ALA W 916 -74.51 -119.11 -75.86
CA ALA W 916 -74.06 -117.77 -76.18
C ALA W 916 -74.99 -117.16 -77.24
N LEU W 917 -75.29 -117.91 -78.30
CA LEU W 917 -76.28 -117.58 -79.30
C LEU W 917 -77.60 -117.28 -78.62
N ASP W 918 -78.05 -118.11 -77.71
CA ASP W 918 -79.31 -117.84 -77.03
C ASP W 918 -79.23 -116.53 -76.24
N THR W 919 -78.15 -116.33 -75.51
CA THR W 919 -77.91 -115.13 -74.73
C THR W 919 -77.97 -113.89 -75.61
N ILE W 920 -77.27 -113.96 -76.72
CA ILE W 920 -77.26 -112.95 -77.76
C ILE W 920 -78.66 -112.76 -78.32
N LYS W 921 -79.39 -113.84 -78.59
CA LYS W 921 -80.73 -113.81 -79.15
C LYS W 921 -81.68 -113.17 -78.17
N GLN W 922 -81.54 -113.42 -76.87
CA GLN W 922 -82.28 -112.71 -75.83
C GLN W 922 -81.89 -111.24 -75.81
N TYR W 923 -80.61 -110.94 -76.00
CA TYR W 923 -80.10 -109.59 -76.07
C TYR W 923 -80.66 -108.79 -77.24
N PHE W 924 -80.54 -109.32 -78.46
CA PHE W 924 -81.12 -108.77 -79.68
C PHE W 924 -82.63 -108.71 -79.60
N HIS W 925 -83.25 -109.69 -78.95
CA HIS W 925 -84.68 -109.68 -78.74
C HIS W 925 -85.07 -108.57 -77.77
N ALA W 926 -84.27 -108.37 -76.73
CA ALA W 926 -84.49 -107.43 -75.64
C ALA W 926 -85.96 -107.47 -75.18
N GLY W 927 -86.51 -108.66 -74.95
CA GLY W 927 -87.90 -108.83 -74.52
C GLY W 927 -88.95 -108.34 -75.52
N GLY W 928 -88.64 -108.27 -76.82
CA GLY W 928 -89.51 -107.73 -77.86
C GLY W 928 -89.28 -106.25 -78.16
N VAL W 929 -88.51 -105.54 -77.34
CA VAL W 929 -88.08 -104.16 -77.63
C VAL W 929 -87.14 -104.15 -78.85
N GLY W 930 -86.32 -105.18 -78.97
CA GLY W 930 -85.46 -105.42 -80.10
C GLY W 930 -86.17 -106.19 -81.21
N LEU W 931 -85.53 -107.24 -81.72
CA LEU W 931 -86.06 -108.06 -82.82
C LEU W 931 -87.04 -109.13 -82.33
N LYS W 932 -87.92 -109.58 -83.22
CA LYS W 932 -88.90 -110.64 -82.96
C LYS W 932 -88.17 -111.98 -82.80
N LYS W 933 -88.53 -112.77 -81.79
CA LYS W 933 -88.01 -114.15 -81.67
C LYS W 933 -88.29 -114.98 -82.93
N THR W 934 -89.35 -114.70 -83.67
CA THR W 934 -89.63 -115.30 -84.99
C THR W 934 -88.53 -115.01 -86.00
N PHE W 935 -88.24 -113.74 -86.28
CA PHE W 935 -87.15 -113.33 -87.17
C PHE W 935 -85.82 -113.95 -86.76
N LEU W 936 -85.53 -113.96 -85.45
CA LEU W 936 -84.28 -114.49 -84.94
C LEU W 936 -84.22 -116.01 -85.11
N GLU W 937 -85.26 -116.74 -84.71
CA GLU W 937 -85.32 -118.19 -84.90
C GLU W 937 -85.25 -118.57 -86.36
N LYS W 938 -86.03 -117.87 -87.19
CA LYS W 938 -86.05 -118.03 -88.64
C LYS W 938 -85.00 -117.15 -89.32
N SER W 939 -83.94 -116.76 -88.61
CA SER W 939 -82.84 -116.04 -89.22
C SER W 939 -82.02 -117.05 -89.99
N PRO W 940 -81.84 -116.86 -91.31
CA PRO W 940 -80.95 -117.71 -92.08
C PRO W 940 -79.53 -117.59 -91.56
N ASP W 941 -79.16 -116.42 -91.07
CA ASP W 941 -77.89 -116.14 -90.43
C ASP W 941 -77.69 -117.09 -89.24
N LEU W 942 -78.71 -117.24 -88.40
CA LEU W 942 -78.73 -118.21 -87.32
C LEU W 942 -78.83 -119.66 -87.83
N GLN W 943 -79.70 -119.93 -88.78
CA GLN W 943 -79.98 -121.30 -89.23
C GLN W 943 -78.80 -121.90 -89.97
N SER W 944 -78.11 -121.08 -90.75
CA SER W 944 -76.82 -121.44 -91.30
C SER W 944 -75.84 -121.70 -90.18
N LEU W 945 -75.77 -120.80 -89.19
CA LEU W 945 -74.86 -120.94 -88.08
C LEU W 945 -75.07 -122.27 -87.35
N ARG W 946 -76.31 -122.58 -87.02
CA ARG W 946 -76.78 -123.88 -86.53
C ARG W 946 -76.42 -125.02 -87.46
N TYR W 947 -76.58 -124.82 -88.76
CA TYR W 947 -76.26 -125.88 -89.69
C TYR W 947 -74.77 -126.19 -89.72
N ALA W 948 -73.90 -125.18 -89.76
CA ALA W 948 -72.46 -125.39 -89.69
C ALA W 948 -72.10 -126.12 -88.38
N LEU W 949 -72.71 -125.71 -87.27
CA LEU W 949 -72.57 -126.41 -85.98
C LEU W 949 -72.96 -127.89 -86.10
N SER W 950 -74.00 -128.22 -86.86
CA SER W 950 -74.39 -129.61 -87.04
C SER W 950 -73.34 -130.44 -87.78
N LEU W 951 -72.60 -129.88 -88.74
CA LEU W 951 -71.55 -130.62 -89.46
C LEU W 951 -70.58 -131.25 -88.48
N TYR W 952 -70.16 -130.46 -87.48
CA TYR W 952 -69.12 -130.84 -86.55
C TYR W 952 -69.39 -132.14 -85.80
N THR W 953 -70.64 -132.45 -85.53
CA THR W 953 -71.01 -133.65 -84.78
C THR W 953 -71.35 -134.84 -85.68
N GLN W 954 -71.42 -134.68 -87.00
CA GLN W 954 -71.97 -135.69 -87.90
C GLN W 954 -71.18 -137.00 -87.98
N ALA W 955 -71.86 -138.03 -88.46
CA ALA W 955 -71.31 -139.34 -88.74
C ALA W 955 -70.32 -139.31 -89.91
N THR W 956 -69.33 -140.19 -89.84
CA THR W 956 -68.25 -140.32 -90.82
C THR W 956 -68.73 -140.55 -92.24
N ASP W 957 -69.67 -141.47 -92.47
CA ASP W 957 -70.15 -141.72 -93.83
C ASP W 957 -70.95 -140.56 -94.39
N LEU W 958 -71.74 -139.88 -93.56
CA LEU W 958 -72.50 -138.71 -93.97
C LEU W 958 -71.57 -137.57 -94.39
N LEU W 959 -70.50 -137.37 -93.61
CA LEU W 959 -69.41 -136.48 -93.94
C LEU W 959 -68.73 -136.88 -95.25
N ILE W 960 -68.32 -138.14 -95.40
CA ILE W 960 -67.69 -138.67 -96.63
C ILE W 960 -68.60 -138.51 -97.85
N LYS W 961 -69.89 -138.78 -97.71
CA LYS W 961 -70.89 -138.55 -98.76
C LYS W 961 -70.92 -137.08 -99.16
N THR W 962 -71.00 -136.21 -98.15
CA THR W 962 -70.94 -134.76 -98.36
C THR W 962 -69.67 -134.38 -99.11
N PHE W 963 -68.53 -134.96 -98.76
CA PHE W 963 -67.29 -134.77 -99.50
C PHE W 963 -67.42 -135.19 -100.96
N VAL W 964 -67.76 -136.44 -101.28
CA VAL W 964 -67.78 -136.89 -102.70
C VAL W 964 -68.79 -136.08 -103.51
N GLN W 965 -69.96 -135.80 -102.95
CA GLN W 965 -70.98 -134.98 -103.62
C GLN W 965 -70.52 -133.54 -103.87
N THR W 966 -69.78 -132.95 -102.92
CA THR W 966 -69.28 -131.57 -103.05
C THR W 966 -68.01 -131.50 -103.90
N GLN W 967 -67.13 -132.48 -103.81
CA GLN W 967 -65.89 -132.58 -104.57
C GLN W 967 -66.12 -133.08 -106.02
N SER W 968 -67.23 -132.69 -106.64
CA SER W 968 -67.57 -133.00 -108.03
C SER W 968 -66.45 -132.62 -109.02
N ALA W 969 -65.69 -131.56 -108.71
CA ALA W 969 -64.54 -131.09 -109.47
C ALA W 969 -63.32 -132.04 -109.44
N GLN W 970 -63.29 -133.07 -108.58
CA GLN W 970 -62.25 -134.12 -108.60
C GLN W 970 -62.43 -135.06 -109.80
N GLY W 971 -62.02 -134.58 -110.96
CA GLY W 971 -62.06 -135.29 -112.23
C GLY W 971 -61.87 -134.34 -113.40
N SER W 972 -62.60 -133.22 -113.40
CA SER W 972 -62.41 -132.13 -114.36
C SER W 972 -61.19 -131.27 -113.98
N GLY W 973 -60.07 -131.52 -114.66
CA GLY W 973 -58.82 -130.79 -114.48
C GLY W 973 -57.90 -131.41 -113.41
N VAL W 974 -56.65 -131.66 -113.82
CA VAL W 974 -55.51 -132.06 -112.99
C VAL W 974 -54.38 -131.05 -113.19
N GLU W 975 -53.83 -130.52 -112.10
CA GLU W 975 -52.63 -129.68 -112.18
C GLU W 975 -51.37 -130.52 -112.37
N ASP W 976 -50.63 -130.28 -113.47
CA ASP W 976 -49.42 -131.00 -113.93
C ASP W 976 -49.53 -132.55 -113.93
N PRO W 977 -50.14 -133.17 -114.98
CA PRO W 977 -50.27 -134.61 -115.06
C PRO W 977 -48.93 -135.37 -115.22
N VAL W 978 -48.77 -136.49 -114.52
CA VAL W 978 -47.59 -137.39 -114.52
C VAL W 978 -47.70 -138.60 -115.45
N GLY W 979 -48.70 -138.58 -116.32
CA GLY W 979 -49.12 -139.68 -117.16
C GLY W 979 -50.65 -139.70 -117.24
N GLU W 980 -51.18 -140.76 -117.81
CA GLU W 980 -52.62 -141.01 -117.86
C GLU W 980 -52.92 -142.50 -117.92
N VAL W 981 -54.10 -142.90 -117.44
CA VAL W 981 -54.55 -144.30 -117.49
C VAL W 981 -55.79 -144.44 -118.34
N SER W 982 -55.73 -145.32 -119.33
CA SER W 982 -56.90 -145.77 -120.08
C SER W 982 -57.55 -146.87 -119.26
N VAL W 983 -58.71 -146.53 -118.72
CA VAL W 983 -59.64 -147.49 -118.12
C VAL W 983 -60.86 -147.61 -119.01
N HIS W 984 -61.35 -148.82 -119.19
CA HIS W 984 -62.73 -149.03 -119.60
C HIS W 984 -63.51 -149.51 -118.38
N VAL W 985 -64.48 -148.72 -117.95
CA VAL W 985 -65.23 -148.96 -116.72
C VAL W 985 -66.67 -149.27 -117.06
N GLU W 986 -67.26 -150.29 -116.44
CA GLU W 986 -68.67 -150.64 -116.60
C GLU W 986 -69.37 -150.61 -115.24
N LEU W 987 -70.33 -149.69 -115.08
CA LEU W 987 -71.23 -149.65 -113.94
C LEU W 987 -72.37 -150.64 -114.17
N PHE W 988 -72.08 -151.91 -113.95
CA PHE W 988 -73.14 -152.90 -113.82
C PHE W 988 -73.86 -152.74 -112.48
N THR W 989 -75.08 -152.19 -112.53
CA THR W 989 -76.10 -152.50 -111.53
C THR W 989 -76.23 -154.02 -111.56
N HIS W 990 -75.70 -154.65 -110.52
CA HIS W 990 -75.15 -155.99 -110.55
C HIS W 990 -76.21 -157.07 -110.76
N PRO W 991 -76.13 -157.88 -111.83
CA PRO W 991 -77.18 -158.84 -112.17
C PRO W 991 -77.36 -159.97 -111.14
N GLY W 992 -76.34 -160.27 -110.32
CA GLY W 992 -76.43 -161.27 -109.26
C GLY W 992 -77.06 -160.78 -107.94
N THR W 993 -77.19 -159.47 -107.71
CA THR W 993 -77.59 -158.92 -106.38
C THR W 993 -78.39 -157.62 -106.39
N GLY W 994 -78.47 -156.87 -107.49
CA GLY W 994 -79.11 -155.54 -107.56
C GLY W 994 -78.34 -154.41 -106.87
N GLU W 995 -77.16 -154.70 -106.30
CA GLU W 995 -76.19 -153.67 -105.88
C GLU W 995 -75.64 -152.91 -107.08
N GLN W 996 -74.73 -151.95 -106.88
CA GLN W 996 -73.89 -151.48 -107.98
C GLN W 996 -72.48 -152.03 -107.85
N LYS W 997 -72.03 -152.68 -108.93
CA LYS W 997 -70.65 -153.11 -109.13
C LYS W 997 -70.01 -152.33 -110.25
N VAL W 998 -68.68 -152.29 -110.22
CA VAL W 998 -67.89 -151.47 -111.13
C VAL W 998 -66.80 -152.33 -111.74
N THR W 999 -67.04 -152.85 -112.95
CA THR W 999 -66.02 -153.59 -113.68
C THR W 999 -65.03 -152.60 -114.25
N VAL W 1000 -63.88 -152.42 -113.61
CA VAL W 1000 -62.79 -151.59 -114.13
C VAL W 1000 -61.83 -152.48 -114.91
N LYS W 1001 -61.92 -152.47 -116.23
CA LYS W 1001 -60.91 -153.02 -117.13
C LYS W 1001 -59.78 -152.00 -117.27
N VAL W 1002 -58.68 -152.23 -116.57
CA VAL W 1002 -57.47 -151.43 -116.76
C VAL W 1002 -56.88 -151.79 -118.11
N VAL W 1003 -57.04 -150.90 -119.09
CA VAL W 1003 -56.55 -151.15 -120.44
C VAL W 1003 -55.04 -150.94 -120.48
N ALA W 1004 -54.60 -149.72 -120.16
CA ALA W 1004 -53.21 -149.34 -120.26
C ALA W 1004 -52.92 -148.07 -119.44
N ALA W 1005 -51.65 -147.81 -119.16
CA ALA W 1005 -51.19 -146.45 -118.89
C ALA W 1005 -50.39 -145.87 -120.08
N ASN W 1006 -50.16 -144.56 -120.04
CA ASN W 1006 -49.43 -143.79 -121.04
C ASN W 1006 -48.72 -142.58 -120.40
N ASP W 1007 -47.66 -142.09 -121.06
CA ASP W 1007 -46.85 -140.93 -120.64
C ASP W 1007 -46.30 -141.01 -119.20
N LEU W 1008 -46.08 -142.23 -118.66
CA LEU W 1008 -45.63 -142.41 -117.28
C LEU W 1008 -44.27 -141.73 -117.02
N LYS W 1009 -44.27 -140.67 -116.23
CA LYS W 1009 -43.06 -139.96 -115.79
C LYS W 1009 -42.38 -140.76 -114.67
N TRP W 1010 -41.71 -141.87 -114.99
CA TRP W 1010 -41.10 -142.79 -114.00
C TRP W 1010 -39.81 -143.47 -114.50
N GLN W 1011 -38.88 -142.73 -115.08
CA GLN W 1011 -37.64 -143.30 -115.63
C GLN W 1011 -36.66 -143.73 -114.52
N THR W 1012 -36.99 -144.84 -113.85
CA THR W 1012 -36.32 -145.32 -112.64
C THR W 1012 -34.97 -146.01 -112.89
N SER W 1013 -34.12 -146.06 -111.85
CA SER W 1013 -32.76 -146.61 -111.86
C SER W 1013 -32.72 -148.16 -111.82
N GLY W 1014 -33.61 -148.78 -111.05
CA GLY W 1014 -33.91 -150.21 -111.16
C GLY W 1014 -34.68 -150.51 -112.44
N ILE W 1015 -34.96 -151.79 -112.73
CA ILE W 1015 -35.88 -152.15 -113.82
C ILE W 1015 -37.28 -151.64 -113.44
N PHE W 1016 -37.89 -150.83 -114.29
CA PHE W 1016 -39.27 -150.39 -114.11
C PHE W 1016 -40.22 -151.56 -114.31
N ARG W 1017 -41.18 -151.77 -113.41
CA ARG W 1017 -42.15 -152.88 -113.49
C ARG W 1017 -43.57 -152.40 -113.14
N PRO W 1018 -44.14 -151.44 -113.89
CA PRO W 1018 -45.41 -150.84 -113.52
C PRO W 1018 -46.55 -151.85 -113.48
N PHE W 1019 -47.43 -151.63 -112.52
CA PHE W 1019 -48.75 -152.21 -112.37
C PHE W 1019 -49.71 -151.07 -111.98
N ILE W 1020 -51.01 -151.29 -112.13
CA ILE W 1020 -51.98 -150.25 -111.80
C ILE W 1020 -52.81 -150.73 -110.63
N GLU W 1021 -52.77 -149.97 -109.55
CA GLU W 1021 -53.76 -150.04 -108.51
C GLU W 1021 -55.01 -149.23 -108.93
N VAL W 1022 -56.18 -149.72 -108.55
CA VAL W 1022 -57.42 -148.93 -108.62
C VAL W 1022 -58.05 -148.94 -107.23
N ASN W 1023 -58.54 -147.79 -106.78
CA ASN W 1023 -59.30 -147.67 -105.53
C ASN W 1023 -60.73 -147.16 -105.80
N ILE W 1024 -61.64 -147.41 -104.87
CA ILE W 1024 -62.98 -146.79 -104.83
C ILE W 1024 -63.12 -145.91 -103.57
N VAL W 1025 -63.72 -144.73 -103.74
CA VAL W 1025 -64.02 -143.78 -102.64
C VAL W 1025 -65.50 -143.42 -102.65
N GLY W 1026 -66.05 -143.28 -101.45
CA GLY W 1026 -67.45 -142.97 -101.16
C GLY W 1026 -67.86 -143.46 -99.77
N PRO W 1027 -69.11 -143.21 -99.36
CA PRO W 1027 -69.64 -143.68 -98.09
C PRO W 1027 -69.86 -145.20 -98.09
N GLN W 1028 -69.94 -145.80 -96.91
CA GLN W 1028 -70.17 -147.24 -96.70
C GLN W 1028 -69.17 -148.14 -97.46
N LEU W 1029 -67.86 -147.94 -97.25
CA LEU W 1029 -66.78 -148.75 -97.82
C LEU W 1029 -65.86 -149.40 -96.77
N SER W 1030 -66.27 -149.45 -95.50
CA SER W 1030 -65.52 -150.13 -94.41
C SER W 1030 -65.45 -151.65 -94.55
N ASP W 1031 -66.45 -152.23 -95.20
CA ASP W 1031 -66.71 -153.67 -95.37
C ASP W 1031 -66.35 -154.20 -96.77
N LYS W 1032 -66.00 -153.32 -97.70
CA LYS W 1032 -65.84 -153.61 -99.13
C LYS W 1032 -64.43 -153.34 -99.60
N LYS W 1033 -63.98 -154.16 -100.55
CA LYS W 1033 -62.64 -154.13 -101.14
C LYS W 1033 -62.39 -152.78 -101.82
N ARG W 1034 -61.75 -151.86 -101.08
CA ARG W 1034 -61.48 -150.50 -101.55
C ARG W 1034 -60.39 -150.42 -102.60
N LYS W 1035 -59.65 -151.51 -102.86
CA LYS W 1035 -58.43 -151.54 -103.69
C LYS W 1035 -58.33 -152.80 -104.56
N PHE W 1036 -57.78 -152.69 -105.76
CA PHE W 1036 -57.32 -153.78 -106.64
C PHE W 1036 -55.96 -153.43 -107.24
N ALA W 1037 -55.23 -154.41 -107.78
CA ALA W 1037 -53.99 -154.18 -108.53
C ALA W 1037 -53.75 -155.18 -109.68
N THR W 1038 -53.18 -154.71 -110.79
CA THR W 1038 -52.87 -155.56 -111.96
C THR W 1038 -51.61 -156.41 -111.73
N LYS W 1039 -51.31 -157.37 -112.62
CA LYS W 1039 -49.94 -157.86 -112.80
C LYS W 1039 -49.03 -156.70 -113.21
N SER W 1040 -47.72 -156.87 -113.03
CA SER W 1040 -46.69 -155.94 -113.51
C SER W 1040 -46.30 -156.18 -114.98
N LYS W 1041 -45.75 -155.15 -115.64
CA LYS W 1041 -45.14 -155.23 -116.98
C LYS W 1041 -43.70 -154.70 -116.96
N ASN W 1042 -42.74 -155.46 -117.47
CA ASN W 1042 -41.33 -155.06 -117.42
C ASN W 1042 -41.05 -153.90 -118.39
N ASN W 1043 -40.24 -152.94 -117.93
CA ASN W 1043 -39.52 -151.94 -118.71
C ASN W 1043 -40.43 -151.21 -119.72
N SER W 1044 -41.54 -150.64 -119.25
CA SER W 1044 -42.61 -150.17 -120.15
C SER W 1044 -43.38 -148.97 -119.59
N TRP W 1045 -43.17 -147.78 -120.15
CA TRP W 1045 -43.81 -146.51 -119.72
C TRP W 1045 -45.14 -146.18 -120.41
N ALA W 1046 -45.58 -147.01 -121.36
CA ALA W 1046 -46.98 -147.07 -121.80
C ALA W 1046 -47.53 -148.52 -121.68
N PRO W 1047 -47.53 -149.10 -120.46
CA PRO W 1047 -47.83 -150.51 -120.26
C PRO W 1047 -49.32 -150.81 -120.44
N LYS W 1048 -49.62 -151.86 -121.19
CA LYS W 1048 -50.97 -152.44 -121.29
C LYS W 1048 -51.18 -153.50 -120.21
N TYR W 1049 -52.43 -153.76 -119.86
CA TYR W 1049 -52.80 -154.77 -118.86
C TYR W 1049 -53.97 -155.61 -119.35
N ASN W 1050 -55.05 -154.96 -119.75
CA ASN W 1050 -56.31 -155.61 -120.12
C ASN W 1050 -56.85 -156.51 -118.99
N GLU W 1051 -56.64 -156.08 -117.74
CA GLU W 1051 -57.02 -156.81 -116.53
C GLU W 1051 -58.26 -156.17 -115.89
N SER W 1052 -59.23 -157.00 -115.52
CA SER W 1052 -60.56 -156.55 -115.07
C SER W 1052 -60.76 -156.77 -113.57
N PHE W 1053 -61.05 -155.69 -112.87
CA PHE W 1053 -61.41 -155.65 -111.45
C PHE W 1053 -62.90 -155.47 -111.27
N GLN W 1054 -63.43 -155.75 -110.08
CA GLN W 1054 -64.86 -155.63 -109.77
C GLN W 1054 -65.06 -155.08 -108.35
N PHE W 1055 -65.12 -153.75 -108.22
CA PHE W 1055 -65.52 -153.11 -106.96
C PHE W 1055 -67.00 -153.34 -106.69
N SER W 1056 -67.37 -153.26 -105.42
CA SER W 1056 -68.76 -153.14 -104.98
C SER W 1056 -68.97 -151.77 -104.32
N LEU W 1057 -69.98 -151.02 -104.79
CA LEU W 1057 -70.46 -149.81 -104.12
C LEU W 1057 -71.43 -150.20 -102.99
N SER W 1058 -71.96 -149.24 -102.22
CA SER W 1058 -73.16 -149.52 -101.44
C SER W 1058 -74.38 -149.73 -102.36
N ALA W 1059 -75.37 -150.49 -101.89
CA ALA W 1059 -76.70 -150.50 -102.50
C ALA W 1059 -77.44 -149.17 -102.27
N ASP W 1060 -77.32 -148.56 -101.08
CA ASP W 1060 -78.13 -147.39 -100.69
C ASP W 1060 -77.63 -146.09 -101.32
N ALA W 1061 -76.33 -145.79 -101.21
CA ALA W 1061 -75.73 -144.66 -101.87
C ALA W 1061 -75.66 -144.86 -103.39
N GLY W 1062 -76.11 -143.86 -104.16
CA GLY W 1062 -76.06 -143.90 -105.62
C GLY W 1062 -74.63 -143.71 -106.15
N PRO W 1063 -74.39 -143.97 -107.44
CA PRO W 1063 -73.05 -143.91 -108.02
C PRO W 1063 -72.47 -142.49 -107.96
N GLU W 1064 -73.29 -141.46 -107.92
CA GLU W 1064 -72.85 -140.08 -107.68
C GLU W 1064 -72.31 -139.82 -106.26
N CYS W 1065 -72.53 -140.74 -105.32
CA CYS W 1065 -71.82 -140.76 -104.04
C CYS W 1065 -70.43 -141.39 -104.14
N TYR W 1066 -70.00 -141.81 -105.33
CA TYR W 1066 -68.76 -142.54 -105.51
C TYR W 1066 -67.88 -141.99 -106.63
N GLU W 1067 -66.62 -142.36 -106.53
CA GLU W 1067 -65.57 -142.03 -107.46
C GLU W 1067 -64.48 -143.10 -107.36
N LEU W 1068 -63.97 -143.55 -108.50
CA LEU W 1068 -62.73 -144.32 -108.52
C LEU W 1068 -61.56 -143.38 -108.30
N GLN W 1069 -60.51 -143.87 -107.66
CA GLN W 1069 -59.24 -143.17 -107.45
C GLN W 1069 -58.10 -144.10 -107.90
N VAL W 1070 -57.75 -143.98 -109.19
CA VAL W 1070 -56.75 -144.80 -109.89
C VAL W 1070 -55.34 -144.40 -109.49
N CYS W 1071 -54.42 -145.36 -109.35
CA CYS W 1071 -53.04 -145.09 -108.96
C CYS W 1071 -52.05 -146.08 -109.61
N VAL W 1072 -51.20 -145.59 -110.50
CA VAL W 1072 -50.14 -146.42 -111.08
C VAL W 1072 -49.01 -146.62 -110.07
N LYS W 1073 -48.39 -147.79 -110.05
CA LYS W 1073 -47.32 -148.14 -109.12
C LYS W 1073 -46.21 -148.98 -109.77
N ASP W 1074 -44.99 -148.89 -109.26
CA ASP W 1074 -43.83 -149.64 -109.73
C ASP W 1074 -43.57 -150.86 -108.82
N TYR W 1075 -43.62 -152.08 -109.36
CA TYR W 1075 -43.46 -153.31 -108.57
C TYR W 1075 -42.02 -153.62 -108.23
N CYS W 1076 -41.70 -153.82 -106.96
CA CYS W 1076 -40.36 -154.17 -106.50
C CYS W 1076 -40.43 -155.27 -105.42
N PHE W 1077 -40.51 -156.54 -105.83
CA PHE W 1077 -40.53 -157.69 -104.89
C PHE W 1077 -39.30 -157.72 -103.98
N ALA W 1078 -39.48 -158.23 -102.76
CA ALA W 1078 -38.57 -158.16 -101.62
C ALA W 1078 -38.24 -156.73 -101.10
N ARG W 1079 -38.24 -155.73 -101.98
CA ARG W 1079 -38.21 -154.30 -101.66
C ARG W 1079 -39.62 -153.78 -101.39
N GLU W 1080 -40.00 -152.66 -101.99
CA GLU W 1080 -41.24 -151.91 -101.80
C GLU W 1080 -41.77 -151.35 -103.13
N ASP W 1081 -43.09 -151.40 -103.34
CA ASP W 1081 -43.71 -150.81 -104.53
C ASP W 1081 -43.91 -149.30 -104.39
N ARG W 1082 -43.95 -148.54 -105.50
CA ARG W 1082 -43.88 -147.05 -105.47
C ARG W 1082 -44.96 -146.34 -106.29
N THR W 1083 -45.66 -145.34 -105.74
CA THR W 1083 -46.72 -144.57 -106.43
C THR W 1083 -46.18 -143.68 -107.55
N VAL W 1084 -46.64 -143.95 -108.76
CA VAL W 1084 -46.30 -143.23 -109.99
C VAL W 1084 -47.28 -142.07 -110.29
N GLY W 1085 -48.53 -142.10 -109.83
CA GLY W 1085 -49.48 -141.00 -109.99
C GLY W 1085 -50.89 -141.37 -109.52
N LEU W 1086 -51.82 -140.41 -109.46
CA LEU W 1086 -53.20 -140.63 -108.98
C LEU W 1086 -54.23 -139.91 -109.88
N ALA W 1087 -55.36 -140.53 -110.23
CA ALA W 1087 -56.46 -139.87 -110.95
C ALA W 1087 -57.84 -140.20 -110.35
N VAL W 1088 -58.78 -139.26 -110.35
CA VAL W 1088 -60.14 -139.51 -109.86
C VAL W 1088 -61.14 -139.58 -111.02
N LEU W 1089 -61.92 -140.65 -111.08
CA LEU W 1089 -63.03 -140.82 -112.02
C LEU W 1089 -64.34 -140.84 -111.25
N GLN W 1090 -65.15 -139.80 -111.38
CA GLN W 1090 -66.44 -139.67 -110.72
C GLN W 1090 -67.43 -140.71 -111.25
N LEU W 1091 -67.99 -141.55 -110.38
CA LEU W 1091 -68.99 -142.52 -110.82
C LEU W 1091 -70.37 -141.88 -111.10
N ARG W 1092 -70.56 -140.60 -110.79
CA ARG W 1092 -71.67 -139.79 -111.33
C ARG W 1092 -71.70 -139.77 -112.86
N GLU W 1093 -70.54 -139.79 -113.53
CA GLU W 1093 -70.47 -139.86 -115.00
C GLU W 1093 -70.95 -141.21 -115.51
N LEU W 1094 -70.43 -142.28 -114.92
CA LEU W 1094 -70.77 -143.65 -115.26
C LEU W 1094 -72.22 -144.02 -114.93
N ALA W 1095 -72.86 -143.33 -113.98
CA ALA W 1095 -74.30 -143.39 -113.76
C ALA W 1095 -75.08 -143.09 -115.04
N GLN W 1096 -74.63 -142.10 -115.81
CA GLN W 1096 -75.22 -141.73 -117.10
C GLN W 1096 -74.68 -142.62 -118.22
N ARG W 1097 -73.35 -142.74 -118.31
CA ARG W 1097 -72.67 -143.40 -119.45
C ARG W 1097 -72.91 -144.92 -119.45
N GLY W 1098 -73.18 -145.53 -118.29
CA GLY W 1098 -73.32 -146.97 -118.08
C GLY W 1098 -71.98 -147.70 -118.17
N SER W 1099 -71.20 -147.41 -119.20
CA SER W 1099 -69.78 -147.73 -119.28
C SER W 1099 -69.00 -146.61 -119.96
N ALA W 1100 -67.70 -146.53 -119.69
CA ALA W 1100 -66.83 -145.45 -120.13
C ALA W 1100 -65.41 -145.93 -120.35
N ALA W 1101 -64.95 -145.89 -121.59
CA ALA W 1101 -63.53 -145.86 -121.92
C ALA W 1101 -63.03 -144.42 -121.75
N CYS W 1102 -62.07 -144.19 -120.85
CA CYS W 1102 -61.58 -142.85 -120.56
C CYS W 1102 -60.08 -142.81 -120.27
N TRP W 1103 -59.39 -141.79 -120.78
CA TRP W 1103 -58.03 -141.43 -120.38
C TRP W 1103 -58.07 -140.53 -119.15
N LEU W 1104 -57.69 -141.09 -118.00
CA LEU W 1104 -57.62 -140.38 -116.74
C LEU W 1104 -56.22 -139.75 -116.56
N PRO W 1105 -56.06 -138.42 -116.68
CA PRO W 1105 -54.79 -137.77 -116.39
C PRO W 1105 -54.40 -138.00 -114.92
N LEU W 1106 -53.24 -138.61 -114.69
CA LEU W 1106 -52.70 -138.84 -113.35
C LEU W 1106 -52.17 -137.52 -112.80
N GLY W 1107 -52.75 -137.00 -111.73
CA GLY W 1107 -52.14 -135.96 -110.92
C GLY W 1107 -51.10 -136.51 -109.95
N ARG W 1108 -50.36 -135.60 -109.33
CA ARG W 1108 -49.51 -135.87 -108.16
C ARG W 1108 -50.31 -135.81 -106.86
N ARG W 1109 -51.37 -134.99 -106.80
CA ARG W 1109 -52.36 -134.87 -105.71
C ARG W 1109 -53.78 -134.64 -106.28
N ILE W 1110 -54.78 -134.64 -105.40
CA ILE W 1110 -56.21 -134.49 -105.71
C ILE W 1110 -56.75 -133.16 -105.13
N HIS W 1111 -57.41 -132.33 -105.94
CA HIS W 1111 -57.81 -130.96 -105.58
C HIS W 1111 -59.10 -130.92 -104.71
N MET W 1112 -59.26 -129.92 -103.83
CA MET W 1112 -60.42 -129.78 -102.93
C MET W 1112 -60.97 -128.36 -102.86
N ASP W 1113 -62.21 -128.26 -102.39
CA ASP W 1113 -62.88 -127.02 -102.02
C ASP W 1113 -63.08 -126.90 -100.51
N ASP W 1114 -63.60 -125.76 -100.07
CA ASP W 1114 -63.85 -125.42 -98.67
C ASP W 1114 -64.74 -126.42 -97.93
N THR W 1115 -65.57 -127.18 -98.63
CA THR W 1115 -66.52 -128.13 -98.08
C THR W 1115 -65.90 -129.51 -98.05
N GLY W 1116 -65.06 -129.81 -99.04
CA GLY W 1116 -64.10 -130.89 -98.91
C GLY W 1116 -63.24 -130.69 -97.68
N LEU W 1117 -62.71 -129.48 -97.50
CA LEU W 1117 -61.88 -129.09 -96.37
C LEU W 1117 -62.64 -128.98 -95.04
N THR W 1118 -63.86 -128.44 -94.99
CA THR W 1118 -64.68 -128.43 -93.75
C THR W 1118 -64.97 -129.87 -93.34
N VAL W 1119 -65.37 -130.71 -94.27
CA VAL W 1119 -65.56 -132.13 -93.98
C VAL W 1119 -64.26 -132.78 -93.54
N LEU W 1120 -63.14 -132.56 -94.23
CA LEU W 1120 -61.84 -133.14 -93.88
C LEU W 1120 -61.39 -132.67 -92.49
N ARG W 1121 -61.71 -131.44 -92.06
CA ARG W 1121 -61.50 -130.94 -90.67
C ARG W 1121 -62.35 -131.66 -89.63
N ILE W 1122 -63.51 -132.15 -90.01
CA ILE W 1122 -64.43 -132.87 -89.13
C ILE W 1122 -64.12 -134.38 -89.13
N LEU W 1123 -63.69 -134.93 -90.25
CA LEU W 1123 -63.15 -136.28 -90.36
C LEU W 1123 -61.77 -136.43 -89.73
N SER W 1124 -60.94 -135.38 -89.78
CA SER W 1124 -59.66 -135.37 -89.07
C SER W 1124 -59.88 -135.31 -87.56
N GLN W 1125 -60.97 -134.71 -87.07
CA GLN W 1125 -61.42 -134.88 -85.67
C GLN W 1125 -61.77 -136.31 -85.31
N ARG W 1126 -62.24 -137.09 -86.26
CA ARG W 1126 -62.45 -138.52 -86.08
C ARG W 1126 -61.13 -139.26 -86.38
N SER W 1127 -60.04 -138.76 -85.78
CA SER W 1127 -58.66 -139.27 -85.92
C SER W 1127 -58.49 -140.75 -85.55
N ASN W 1128 -59.41 -141.32 -84.77
CA ASN W 1128 -59.42 -142.72 -84.36
C ASN W 1128 -60.31 -143.62 -85.23
N ASP W 1129 -61.31 -143.05 -85.92
CA ASP W 1129 -62.21 -143.82 -86.79
C ASP W 1129 -61.41 -144.31 -87.99
N GLU W 1130 -61.36 -145.62 -88.21
CA GLU W 1130 -60.54 -146.20 -89.27
C GLU W 1130 -61.02 -145.81 -90.68
N VAL W 1131 -62.32 -145.60 -90.88
CA VAL W 1131 -62.84 -145.09 -92.15
C VAL W 1131 -62.45 -143.63 -92.32
N ALA W 1132 -62.59 -142.80 -91.27
CA ALA W 1132 -62.20 -141.40 -91.33
C ALA W 1132 -60.69 -141.23 -91.50
N LYS W 1133 -59.87 -142.00 -90.78
CA LYS W 1133 -58.43 -142.13 -91.03
C LYS W 1133 -58.14 -142.51 -92.46
N GLU W 1134 -58.67 -143.63 -92.98
CA GLU W 1134 -58.37 -144.10 -94.34
C GLU W 1134 -58.90 -143.13 -95.40
N PHE W 1135 -60.00 -142.43 -95.15
CA PHE W 1135 -60.48 -141.37 -96.02
C PHE W 1135 -59.53 -140.16 -96.02
N VAL W 1136 -59.23 -139.61 -94.83
CA VAL W 1136 -58.33 -138.46 -94.65
C VAL W 1136 -56.94 -138.80 -95.23
N LYS W 1137 -56.48 -140.04 -95.06
CA LYS W 1137 -55.27 -140.58 -95.69
C LYS W 1137 -55.42 -140.67 -97.21
N LEU W 1138 -56.40 -141.40 -97.75
CA LEU W 1138 -56.55 -141.60 -99.20
C LEU W 1138 -56.78 -140.28 -99.96
N LYS W 1139 -57.33 -139.25 -99.33
CA LYS W 1139 -57.45 -137.90 -99.91
C LYS W 1139 -56.26 -136.99 -99.69
N SER W 1140 -55.47 -137.23 -98.65
CA SER W 1140 -54.14 -136.63 -98.51
C SER W 1140 -53.05 -137.51 -99.16
N ASP W 1141 -53.44 -138.50 -99.97
CA ASP W 1141 -52.54 -139.41 -100.68
C ASP W 1141 -51.92 -138.72 -101.90
N THR W 1142 -50.61 -138.87 -102.08
CA THR W 1142 -49.84 -138.15 -103.11
C THR W 1142 -48.71 -138.98 -103.69
N ARG W 1143 -48.31 -138.67 -104.92
CA ARG W 1143 -47.14 -139.25 -105.61
C ARG W 1143 -45.84 -138.67 -105.03
N SER W 1144 -44.83 -139.52 -104.80
CA SER W 1144 -43.44 -139.08 -104.62
C SER W 1144 -42.89 -138.52 -105.94
N ALA W 1145 -42.25 -137.35 -105.92
CA ALA W 1145 -41.81 -136.67 -107.15
C ALA W 1145 -40.65 -137.38 -107.89
N GLU W 1146 -39.96 -138.30 -107.22
CA GLU W 1146 -38.83 -139.04 -107.77
C GLU W 1146 -39.22 -139.86 -109.02
N GLU W 1147 -38.24 -140.09 -109.90
CA GLU W 1147 -38.42 -140.62 -111.27
C GLU W 1147 -39.26 -139.73 -112.22
N GLY W 1148 -39.74 -138.54 -111.79
CA GLY W 1148 -40.66 -137.72 -112.61
C GLY W 1148 -40.90 -136.26 -112.18
N GLY W 1149 -39.87 -135.50 -111.83
CA GLY W 1149 -39.86 -134.02 -112.00
C GLY W 1149 -40.60 -133.14 -110.98
N ALA W 1150 -41.45 -132.23 -111.50
CA ALA W 1150 -41.93 -131.01 -110.85
C ALA W 1150 -42.90 -131.19 -109.65
N ALA W 1151 -43.29 -130.08 -109.03
CA ALA W 1151 -44.16 -130.03 -107.85
C ALA W 1151 -45.68 -130.14 -108.14
N PRO W 1152 -46.49 -130.64 -107.19
CA PRO W 1152 -47.96 -130.58 -107.23
C PRO W 1152 -48.50 -129.14 -107.08
N ALA W 1153 -49.81 -128.97 -107.25
CA ALA W 1153 -50.55 -127.73 -106.97
C ALA W 1153 -51.92 -128.01 -106.33
N PRO W 1154 -52.44 -127.11 -105.47
CA PRO W 1154 -53.61 -127.34 -104.63
C PRO W 1154 -54.87 -127.67 -105.42
N GLU X 23 -179.95 -20.70 -41.21
CA GLU X 23 -180.11 -19.27 -41.60
C GLU X 23 -179.87 -18.31 -40.44
N GLU X 24 -180.64 -18.40 -39.37
CA GLU X 24 -180.53 -17.58 -38.14
C GLU X 24 -179.08 -17.32 -37.70
N LEU X 25 -178.31 -18.37 -37.40
CA LEU X 25 -176.90 -18.27 -37.04
C LEU X 25 -176.06 -17.62 -38.14
N LYS X 26 -176.28 -17.98 -39.41
CA LYS X 26 -175.53 -17.41 -40.55
C LYS X 26 -175.71 -15.90 -40.64
N ASN X 27 -176.93 -15.42 -40.55
CA ASN X 27 -177.20 -13.98 -40.59
C ASN X 27 -176.72 -13.26 -39.31
N HIS X 28 -176.92 -13.87 -38.14
CA HIS X 28 -176.37 -13.40 -36.88
C HIS X 28 -174.84 -13.25 -36.95
N VAL X 29 -174.16 -14.26 -37.47
CA VAL X 29 -172.71 -14.29 -37.64
C VAL X 29 -172.26 -13.34 -38.73
N TYR X 30 -172.98 -13.21 -39.85
CA TYR X 30 -172.73 -12.18 -40.86
C TYR X 30 -172.65 -10.81 -40.19
N LYS X 31 -173.71 -10.43 -39.47
CA LYS X 31 -173.83 -9.17 -38.74
C LYS X 31 -172.72 -9.00 -37.70
N LYS X 32 -172.44 -10.03 -36.90
CA LYS X 32 -171.37 -9.98 -35.89
C LYS X 32 -169.98 -9.99 -36.48
N THR X 33 -169.80 -10.51 -37.67
CA THR X 33 -168.54 -10.46 -38.41
C THR X 33 -168.35 -9.06 -39.00
N LEU X 34 -169.40 -8.50 -39.61
CA LEU X 34 -169.39 -7.10 -40.06
C LEU X 34 -169.08 -6.15 -38.91
N GLN X 35 -169.77 -6.26 -37.77
CA GLN X 35 -169.47 -5.46 -36.59
C GLN X 35 -168.06 -5.73 -36.06
N ALA X 36 -167.62 -7.00 -36.04
CA ALA X 36 -166.31 -7.34 -35.50
C ALA X 36 -165.14 -6.71 -36.23
N LEU X 37 -165.29 -6.53 -37.55
CA LEU X 37 -164.24 -6.10 -38.45
C LEU X 37 -164.39 -4.68 -38.99
N ILE X 38 -165.56 -4.04 -38.88
CA ILE X 38 -165.71 -2.63 -39.29
C ILE X 38 -164.92 -1.73 -38.35
N TYR X 39 -165.09 -1.91 -37.04
CA TYR X 39 -164.10 -1.52 -36.06
C TYR X 39 -163.39 -2.81 -35.63
N PRO X 40 -162.34 -3.23 -36.33
CA PRO X 40 -161.58 -4.38 -35.88
C PRO X 40 -161.06 -4.10 -34.48
N ILE X 41 -161.00 -5.09 -33.59
CA ILE X 41 -160.47 -4.87 -32.24
C ILE X 41 -159.02 -4.38 -32.27
N SER X 42 -158.30 -4.60 -33.37
CA SER X 42 -156.97 -4.05 -33.64
C SER X 42 -156.93 -2.52 -33.80
N CYS X 43 -158.06 -1.80 -33.75
CA CYS X 43 -158.07 -0.33 -33.60
C CYS X 43 -157.66 0.16 -32.19
N THR X 44 -157.76 -0.68 -31.17
CA THR X 44 -157.81 -0.26 -29.76
C THR X 44 -156.44 -0.03 -29.10
N THR X 45 -156.43 0.74 -28.02
CA THR X 45 -155.26 1.21 -27.26
C THR X 45 -155.36 0.82 -25.76
N PRO X 46 -154.28 0.46 -25.05
CA PRO X 46 -154.34 0.05 -23.65
C PRO X 46 -154.10 1.20 -22.64
N HIS X 47 -154.75 1.15 -21.48
CA HIS X 47 -154.59 2.15 -20.42
C HIS X 47 -153.34 1.92 -19.58
N ASN X 48 -152.36 2.81 -19.70
CA ASN X 48 -151.20 2.85 -18.81
C ASN X 48 -151.54 3.46 -17.44
N PHE X 49 -152.11 2.67 -16.53
CA PHE X 49 -152.40 3.11 -15.16
C PHE X 49 -151.19 3.16 -14.24
N GLU X 50 -150.99 4.29 -13.58
CA GLU X 50 -150.27 4.40 -12.31
C GLU X 50 -151.25 4.30 -11.14
N VAL X 51 -150.81 3.69 -10.04
CA VAL X 51 -151.45 3.89 -8.73
C VAL X 51 -151.32 5.35 -8.36
N TRP X 52 -152.42 5.99 -7.96
CA TRP X 52 -152.42 7.38 -7.57
C TRP X 52 -153.30 7.58 -6.34
N THR X 53 -152.71 8.22 -5.32
CA THR X 53 -153.44 8.62 -4.11
C THR X 53 -154.29 9.83 -4.42
N ALA X 54 -155.61 9.71 -4.23
CA ALA X 54 -156.51 10.85 -4.13
C ALA X 54 -156.26 11.58 -2.79
N THR X 55 -155.14 12.31 -2.67
CA THR X 55 -154.71 13.06 -1.46
C THR X 55 -155.71 14.12 -0.99
N THR X 56 -156.76 14.35 -1.79
CA THR X 56 -158.00 15.08 -1.49
C THR X 56 -159.22 14.26 -1.99
N PRO X 57 -160.42 14.41 -1.39
CA PRO X 57 -161.64 13.73 -1.85
C PRO X 57 -161.90 13.96 -3.35
N THR X 58 -161.97 12.87 -4.12
CA THR X 58 -162.02 12.86 -5.59
C THR X 58 -163.05 11.83 -6.05
N TYR X 59 -163.60 11.96 -7.26
CA TYR X 59 -164.69 11.09 -7.74
C TYR X 59 -164.33 10.40 -9.05
N CYS X 60 -164.52 9.07 -9.07
CA CYS X 60 -164.04 8.18 -10.11
C CYS X 60 -164.68 8.45 -11.48
N TYR X 61 -163.89 8.57 -12.55
CA TYR X 61 -164.43 8.85 -13.89
C TYR X 61 -165.26 7.71 -14.49
N GLU X 62 -165.27 6.52 -13.87
CA GLU X 62 -166.27 5.51 -14.14
C GLU X 62 -167.54 5.72 -13.29
N CYS X 63 -167.45 5.39 -11.99
CA CYS X 63 -168.61 5.29 -11.10
C CYS X 63 -169.05 6.58 -10.40
N GLU X 64 -168.27 7.65 -10.52
CA GLU X 64 -168.38 8.88 -9.72
C GLU X 64 -168.29 8.64 -8.19
N GLY X 65 -167.79 7.47 -7.78
CA GLY X 65 -167.62 7.07 -6.37
C GLY X 65 -166.35 7.66 -5.72
N LEU X 66 -166.36 7.79 -4.40
CA LEU X 66 -165.31 8.46 -3.64
C LEU X 66 -163.97 7.71 -3.69
N LEU X 67 -162.97 8.46 -4.14
CA LEU X 67 -161.54 8.21 -4.01
C LEU X 67 -161.04 9.18 -2.92
N TRP X 68 -160.35 8.68 -1.90
CA TRP X 68 -159.90 9.51 -0.79
C TRP X 68 -158.75 8.87 -0.01
N GLY X 69 -157.68 9.64 0.12
CA GLY X 69 -156.49 9.30 0.89
C GLY X 69 -155.85 8.01 0.41
N ILE X 70 -155.06 7.43 1.31
CA ILE X 70 -154.59 6.05 1.15
C ILE X 70 -155.76 5.05 1.31
N ALA X 71 -156.78 5.40 2.12
CA ALA X 71 -157.94 4.55 2.42
C ALA X 71 -158.71 4.09 1.17
N ARG X 72 -158.89 4.99 0.20
CA ARG X 72 -159.55 4.76 -1.08
C ARG X 72 -158.72 5.38 -2.21
N GLN X 73 -157.51 4.86 -2.43
CA GLN X 73 -156.67 5.22 -3.60
C GLN X 73 -157.40 5.00 -4.94
N GLY X 74 -156.93 5.67 -5.98
CA GLY X 74 -157.33 5.42 -7.36
C GLY X 74 -156.19 4.95 -8.24
N MET X 75 -156.53 4.80 -9.51
CA MET X 75 -155.59 4.66 -10.61
C MET X 75 -155.72 5.89 -11.48
N ARG X 76 -154.59 6.51 -11.81
CA ARG X 76 -154.51 7.58 -12.79
C ARG X 76 -153.82 6.97 -14.00
N CYS X 77 -154.48 6.89 -15.15
CA CYS X 77 -153.75 6.57 -16.37
C CYS X 77 -152.83 7.73 -16.72
N THR X 78 -151.73 7.47 -17.42
CA THR X 78 -150.97 8.52 -18.09
C THR X 78 -151.54 8.79 -19.49
N GLU X 79 -151.65 7.75 -20.32
CA GLU X 79 -152.02 7.83 -21.73
C GLU X 79 -153.47 8.30 -21.86
N CYS X 80 -154.43 7.57 -21.29
CA CYS X 80 -155.76 8.11 -21.10
C CYS X 80 -155.87 9.06 -19.93
N GLY X 81 -154.86 9.30 -19.10
CA GLY X 81 -154.90 10.31 -18.02
C GLY X 81 -155.85 9.99 -16.85
N VAL X 82 -156.72 8.99 -17.05
CA VAL X 82 -158.04 8.84 -16.44
C VAL X 82 -157.96 8.47 -14.95
N LYS X 83 -158.75 9.13 -14.10
CA LYS X 83 -158.71 8.98 -12.64
C LYS X 83 -159.91 8.16 -12.19
N CYS X 84 -159.67 7.04 -11.53
CA CYS X 84 -160.72 6.07 -11.21
C CYS X 84 -160.38 5.25 -9.97
N HIS X 85 -161.34 4.52 -9.40
CA HIS X 85 -161.00 3.44 -8.46
C HIS X 85 -160.04 2.45 -9.13
N GLU X 86 -159.27 1.72 -8.34
CA GLU X 86 -158.69 0.45 -8.79
C GLU X 86 -159.78 -0.48 -9.33
N LYS X 87 -160.81 -0.76 -8.54
CA LYS X 87 -161.95 -1.58 -9.00
C LYS X 87 -162.68 -1.00 -10.22
N CYS X 88 -162.46 0.27 -10.55
CA CYS X 88 -162.99 0.89 -11.76
C CYS X 88 -162.03 0.98 -12.93
N GLN X 89 -160.72 0.82 -12.75
CA GLN X 89 -159.78 1.08 -13.83
C GLN X 89 -159.97 0.14 -15.04
N ASP X 90 -160.64 -0.99 -14.79
CA ASP X 90 -161.09 -1.95 -15.81
C ASP X 90 -162.56 -1.72 -16.23
N LEU X 91 -163.40 -1.22 -15.31
CA LEU X 91 -164.79 -0.85 -15.60
C LEU X 91 -164.86 0.41 -16.49
N LEU X 92 -163.80 1.21 -16.53
CA LEU X 92 -163.52 2.13 -17.61
C LEU X 92 -163.38 1.35 -18.93
N ASN X 93 -164.50 1.11 -19.59
CA ASN X 93 -164.64 0.06 -20.61
C ASN X 93 -163.90 0.36 -21.93
N ALA X 94 -163.95 1.58 -22.44
CA ALA X 94 -163.47 1.90 -23.79
C ALA X 94 -161.94 2.01 -23.85
N ASP X 95 -161.36 1.91 -25.05
CA ASP X 95 -159.91 1.88 -25.23
C ASP X 95 -159.20 3.16 -24.76
N CYS X 96 -157.88 3.16 -24.72
CA CYS X 96 -157.13 4.30 -24.23
C CYS X 96 -157.26 5.54 -25.11
N LEU X 97 -157.54 5.43 -26.42
CA LEU X 97 -158.00 6.59 -27.18
C LEU X 97 -159.30 7.13 -26.57
N GLN X 98 -160.35 6.32 -26.54
CA GLN X 98 -161.66 6.75 -26.07
C GLN X 98 -161.62 7.25 -24.62
N ARG X 99 -160.96 6.53 -23.69
CA ARG X 99 -160.79 7.01 -22.31
C ARG X 99 -159.82 8.17 -22.19
N ALA X 100 -158.87 8.41 -23.11
CA ALA X 100 -158.14 9.67 -23.15
C ALA X 100 -159.10 10.82 -23.49
N ALA X 101 -160.03 10.58 -24.42
CA ALA X 101 -161.13 11.49 -24.70
C ALA X 101 -162.05 11.72 -23.48
N GLU X 102 -162.54 10.67 -22.85
CA GLU X 102 -163.42 10.80 -21.68
C GLU X 102 -162.71 11.43 -20.47
N LYS X 103 -161.45 11.09 -20.18
CA LYS X 103 -160.62 11.84 -19.23
C LYS X 103 -160.54 13.30 -19.60
N SER X 104 -160.28 13.61 -20.86
CA SER X 104 -160.17 15.00 -21.30
C SER X 104 -161.48 15.73 -21.06
N SER X 105 -162.63 15.11 -21.28
CA SER X 105 -163.93 15.72 -20.92
C SER X 105 -164.11 15.92 -19.41
N LYS X 106 -163.57 15.04 -18.56
CA LYS X 106 -163.68 15.11 -17.09
C LYS X 106 -162.59 15.96 -16.41
N HIS X 107 -161.48 16.24 -17.10
CA HIS X 107 -160.54 17.32 -16.78
C HIS X 107 -161.03 18.69 -17.33
N GLY X 108 -161.61 18.76 -18.53
CA GLY X 108 -162.27 19.95 -19.08
C GLY X 108 -162.64 19.94 -20.57
N ALA X 109 -161.75 19.48 -21.45
CA ALA X 109 -161.94 19.45 -22.91
C ALA X 109 -162.91 18.35 -23.37
N GLU X 110 -164.20 18.67 -23.48
CA GLU X 110 -165.22 17.78 -24.05
C GLU X 110 -165.01 17.54 -25.56
N ASP X 111 -164.45 18.51 -26.27
CA ASP X 111 -164.28 18.47 -27.73
C ASP X 111 -163.44 17.27 -28.20
N ARG X 112 -162.49 16.82 -27.36
CA ARG X 112 -161.71 15.60 -27.53
C ARG X 112 -162.61 14.37 -27.74
N THR X 113 -163.75 14.29 -27.05
CA THR X 113 -164.72 13.21 -27.22
C THR X 113 -165.28 13.18 -28.64
N GLN X 114 -165.72 14.31 -29.17
CA GLN X 114 -166.14 14.42 -30.57
C GLN X 114 -164.99 14.10 -31.54
N ASN X 115 -163.78 14.56 -31.24
CA ASN X 115 -162.59 14.16 -31.97
C ASN X 115 -162.42 12.63 -32.01
N ILE X 116 -162.55 11.91 -30.90
CA ILE X 116 -162.32 10.46 -30.91
C ILE X 116 -163.54 9.67 -31.40
N ILE X 117 -164.74 10.24 -31.33
CA ILE X 117 -165.85 9.80 -32.17
C ILE X 117 -165.47 9.92 -33.65
N MET X 118 -164.85 11.03 -34.05
CA MET X 118 -164.32 11.18 -35.40
C MET X 118 -163.14 10.24 -35.67
N VAL X 119 -162.31 9.89 -34.69
CA VAL X 119 -161.33 8.80 -34.85
C VAL X 119 -162.03 7.48 -35.10
N LEU X 120 -163.09 7.17 -34.37
CA LEU X 120 -163.89 5.96 -34.57
C LEU X 120 -164.47 5.96 -36.00
N LYS X 121 -165.09 7.06 -36.44
CA LYS X 121 -165.55 7.23 -37.83
C LYS X 121 -164.40 7.02 -38.82
N ASP X 122 -163.31 7.75 -38.65
CA ASP X 122 -162.17 7.72 -39.57
C ASP X 122 -161.52 6.36 -39.62
N ARG X 123 -161.37 5.68 -38.47
CA ARG X 123 -160.92 4.28 -38.39
C ARG X 123 -161.79 3.39 -39.26
N MET X 124 -163.11 3.46 -39.12
CA MET X 124 -164.05 2.66 -39.90
C MET X 124 -164.04 3.05 -41.40
N LYS X 125 -163.94 4.33 -41.76
CA LYS X 125 -163.79 4.79 -43.15
C LYS X 125 -162.48 4.29 -43.78
N ILE X 126 -161.37 4.45 -43.08
CA ILE X 126 -160.05 3.96 -43.51
C ILE X 126 -160.12 2.45 -43.66
N ARG X 127 -160.61 1.73 -42.66
CA ARG X 127 -160.80 0.28 -42.67
C ARG X 127 -161.55 -0.20 -43.90
N GLU X 128 -162.68 0.42 -44.19
CA GLU X 128 -163.48 0.21 -45.39
C GLU X 128 -162.72 0.51 -46.67
N ARG X 129 -162.07 1.66 -46.74
CA ARG X 129 -161.40 2.16 -47.93
C ARG X 129 -160.12 1.38 -48.24
N ASN X 130 -159.47 0.88 -47.19
CA ASN X 130 -158.18 0.19 -47.26
C ASN X 130 -158.35 -1.32 -47.35
N LYS X 131 -159.33 -1.87 -46.64
CA LYS X 131 -159.69 -3.28 -46.70
C LYS X 131 -161.13 -3.52 -47.13
N PRO X 132 -161.62 -2.90 -48.22
CA PRO X 132 -162.98 -3.14 -48.69
C PRO X 132 -163.22 -4.62 -48.95
N GLU X 133 -162.18 -5.34 -49.38
CA GLU X 133 -162.23 -6.76 -49.64
C GLU X 133 -162.59 -7.59 -48.41
N ILE X 134 -162.34 -7.12 -47.18
CA ILE X 134 -162.86 -7.81 -45.99
C ILE X 134 -164.39 -7.81 -46.04
N PHE X 135 -164.98 -6.65 -46.26
CA PHE X 135 -166.43 -6.45 -46.14
C PHE X 135 -167.19 -7.06 -47.32
N GLU X 136 -166.63 -6.92 -48.51
CA GLU X 136 -167.06 -7.66 -49.71
C GLU X 136 -166.99 -9.15 -49.49
N LEU X 137 -165.88 -9.69 -48.96
CA LEU X 137 -165.79 -11.13 -48.76
C LEU X 137 -166.85 -11.62 -47.77
N ILE X 138 -167.07 -10.90 -46.67
CA ILE X 138 -168.15 -11.22 -45.73
C ILE X 138 -169.50 -11.19 -46.46
N GLN X 139 -169.75 -10.17 -47.27
CA GLN X 139 -170.91 -10.12 -48.14
C GLN X 139 -171.00 -11.35 -49.07
N GLU X 140 -169.96 -11.74 -49.79
CA GLU X 140 -170.04 -12.89 -50.70
C GLU X 140 -170.14 -14.22 -49.98
N VAL X 141 -169.38 -14.43 -48.90
CA VAL X 141 -169.38 -15.64 -48.07
C VAL X 141 -170.73 -15.88 -47.45
N PHE X 142 -171.34 -14.79 -46.97
CA PHE X 142 -172.71 -14.80 -46.48
C PHE X 142 -173.74 -14.52 -47.58
N ALA X 143 -173.29 -14.48 -48.85
CA ALA X 143 -174.06 -14.34 -50.07
C ALA X 143 -175.02 -13.12 -50.12
N VAL X 144 -174.77 -12.11 -49.30
CA VAL X 144 -175.59 -10.89 -49.22
C VAL X 144 -175.39 -10.05 -50.48
N THR X 145 -176.31 -9.16 -50.87
CA THR X 145 -176.10 -8.26 -52.02
C THR X 145 -175.26 -7.06 -51.64
N LYS X 146 -174.70 -6.32 -52.60
CA LYS X 146 -173.87 -5.12 -52.34
C LYS X 146 -174.66 -3.97 -51.72
N SER X 147 -175.89 -3.73 -52.20
CA SER X 147 -176.80 -2.74 -51.62
C SER X 147 -177.25 -3.14 -50.22
N ALA X 148 -177.73 -4.37 -50.03
CA ALA X 148 -178.15 -4.84 -48.70
C ALA X 148 -176.98 -4.92 -47.73
N HIS X 149 -175.81 -5.31 -48.21
CA HIS X 149 -174.56 -5.18 -47.48
C HIS X 149 -174.30 -3.74 -47.08
N THR X 150 -174.48 -2.76 -47.97
CA THR X 150 -174.36 -1.34 -47.64
C THR X 150 -175.36 -0.93 -46.55
N GLN X 151 -176.58 -1.46 -46.55
CA GLN X 151 -177.57 -1.12 -45.54
C GLN X 151 -177.36 -1.84 -44.19
N GLN X 152 -176.94 -3.11 -44.17
CA GLN X 152 -176.49 -3.75 -42.92
C GLN X 152 -175.15 -3.18 -42.43
N MET X 153 -174.34 -2.67 -43.35
CA MET X 153 -173.12 -1.96 -43.00
C MET X 153 -173.47 -0.61 -42.39
N LYS X 154 -174.44 0.16 -42.91
CA LYS X 154 -175.06 1.28 -42.19
C LYS X 154 -175.48 0.83 -40.79
N ALA X 155 -176.13 -0.32 -40.65
CA ALA X 155 -176.51 -0.82 -39.34
C ALA X 155 -175.30 -1.10 -38.41
N VAL X 156 -174.26 -1.83 -38.83
CA VAL X 156 -173.11 -2.10 -37.92
C VAL X 156 -172.16 -0.93 -37.77
N LYS X 157 -172.05 -0.05 -38.79
CA LYS X 157 -171.44 1.27 -38.64
C LYS X 157 -172.17 1.97 -37.55
N GLN X 158 -173.49 2.11 -37.65
CA GLN X 158 -174.29 2.76 -36.63
C GLN X 158 -174.14 2.04 -35.29
N SER X 159 -174.04 0.71 -35.23
CA SER X 159 -173.81 0.00 -33.97
C SER X 159 -172.44 0.27 -33.33
N VAL X 160 -171.52 0.96 -34.02
CA VAL X 160 -170.26 1.48 -33.44
C VAL X 160 -170.08 3.00 -33.67
N LEU X 161 -171.00 3.68 -34.38
CA LEU X 161 -170.90 5.08 -34.81
C LEU X 161 -172.08 5.95 -34.39
N ASP X 162 -173.29 5.40 -34.37
CA ASP X 162 -174.30 5.90 -33.43
C ASP X 162 -173.88 5.43 -32.02
N GLY X 163 -173.63 4.13 -31.87
CA GLY X 163 -173.04 3.47 -30.70
C GLY X 163 -171.57 3.78 -30.43
N THR X 164 -171.09 4.97 -30.80
CA THR X 164 -169.69 5.41 -30.65
C THR X 164 -169.30 5.83 -29.22
N SER X 165 -170.28 6.15 -28.36
CA SER X 165 -170.05 6.72 -27.03
C SER X 165 -171.34 6.75 -26.17
N LYS X 166 -172.23 5.77 -26.32
CA LYS X 166 -173.63 5.87 -25.88
C LYS X 166 -173.91 5.13 -24.56
N TRP X 167 -174.67 5.80 -23.70
CA TRP X 167 -175.39 5.21 -22.56
C TRP X 167 -176.85 5.75 -22.59
N SER X 168 -177.45 5.71 -23.77
CA SER X 168 -178.82 6.17 -24.07
C SER X 168 -179.84 5.06 -23.80
N ALA X 169 -179.86 4.58 -22.56
CA ALA X 169 -180.63 3.42 -22.13
C ALA X 169 -182.15 3.61 -22.25
N LYS X 170 -182.79 2.76 -23.05
CA LYS X 170 -184.19 2.42 -22.77
C LYS X 170 -184.20 1.60 -21.47
N ILE X 171 -185.21 1.84 -20.65
CA ILE X 171 -185.44 1.17 -19.37
C ILE X 171 -186.88 0.66 -19.37
N SER X 172 -187.14 -0.52 -18.84
CA SER X 172 -188.46 -1.15 -18.87
C SER X 172 -188.77 -1.73 -17.50
N ILE X 173 -189.44 -0.92 -16.69
CA ILE X 173 -189.67 -1.11 -15.27
C ILE X 173 -191.01 -1.82 -15.09
N THR X 174 -190.99 -3.12 -14.87
CA THR X 174 -192.17 -3.82 -14.36
C THR X 174 -192.25 -3.67 -12.86
N VAL X 175 -193.20 -2.87 -12.40
CA VAL X 175 -193.66 -2.93 -11.03
C VAL X 175 -194.34 -4.27 -10.80
N VAL X 176 -193.71 -5.19 -10.07
CA VAL X 176 -194.21 -6.55 -9.91
C VAL X 176 -195.22 -6.66 -8.78
N CYS X 177 -194.82 -6.38 -7.54
CA CYS X 177 -195.65 -6.62 -6.37
C CYS X 177 -195.12 -5.81 -5.18
N ALA X 178 -195.87 -5.75 -4.10
CA ALA X 178 -195.37 -5.27 -2.82
C ALA X 178 -195.81 -6.20 -1.68
N GLN X 179 -195.17 -6.07 -0.52
CA GLN X 179 -195.40 -6.86 0.68
C GLN X 179 -195.33 -5.95 1.91
N GLY X 180 -196.23 -6.12 2.89
CA GLY X 180 -196.18 -5.41 4.17
C GLY X 180 -196.48 -3.90 4.11
N LEU X 181 -197.22 -3.43 3.09
CA LEU X 181 -197.57 -2.01 2.95
C LEU X 181 -198.33 -1.45 4.15
N GLN X 182 -198.22 -0.15 4.39
CA GLN X 182 -199.03 0.53 5.40
C GLN X 182 -200.49 0.62 4.94
N ALA X 183 -201.44 0.46 5.85
CA ALA X 183 -202.86 0.71 5.57
C ALA X 183 -203.15 2.23 5.53
N LYS X 184 -204.01 2.64 4.59
CA LYS X 184 -204.48 4.03 4.41
C LYS X 184 -205.92 4.12 3.87
N ASP X 185 -206.59 3.02 3.57
CA ASP X 185 -207.72 3.03 2.63
C ASP X 185 -209.05 3.59 3.16
N LYS X 186 -209.91 3.88 2.19
CA LYS X 186 -211.36 3.86 2.31
C LYS X 186 -211.89 2.45 2.75
N THR X 187 -211.27 1.36 2.28
CA THR X 187 -211.55 -0.04 2.72
C THR X 187 -211.00 -0.44 4.10
N GLY X 188 -210.16 0.39 4.72
CA GLY X 188 -209.34 0.04 5.89
C GLY X 188 -208.05 -0.76 5.60
N SER X 189 -207.82 -1.22 4.37
CA SER X 189 -206.57 -1.85 3.95
C SER X 189 -205.69 -0.81 3.22
N SER X 190 -205.36 -1.01 1.95
CA SER X 190 -205.09 0.06 0.96
C SER X 190 -205.53 -0.38 -0.43
N ASP X 191 -205.73 0.61 -1.30
CA ASP X 191 -205.83 0.45 -2.73
C ASP X 191 -204.49 0.86 -3.38
N PRO X 192 -203.39 0.13 -3.14
CA PRO X 192 -202.09 0.51 -3.65
C PRO X 192 -202.02 0.47 -5.19
N TYR X 193 -201.59 1.59 -5.76
CA TYR X 193 -200.93 1.65 -7.06
C TYR X 193 -199.52 2.22 -6.89
N VAL X 194 -198.79 2.36 -7.98
CA VAL X 194 -197.41 2.86 -8.00
C VAL X 194 -197.26 3.89 -9.10
N THR X 195 -196.54 4.97 -8.86
CA THR X 195 -195.93 5.76 -9.94
C THR X 195 -194.47 5.39 -10.08
N VAL X 196 -194.00 5.36 -11.32
CA VAL X 196 -192.59 5.30 -11.63
C VAL X 196 -192.19 6.59 -12.34
N GLN X 197 -191.01 7.12 -12.05
CA GLN X 197 -190.45 8.30 -12.71
C GLN X 197 -188.97 8.10 -13.02
N VAL X 198 -188.53 8.52 -14.21
CA VAL X 198 -187.12 8.53 -14.64
C VAL X 198 -186.86 9.85 -15.36
N GLY X 199 -185.83 10.61 -14.95
CA GLY X 199 -185.74 12.02 -15.32
C GLY X 199 -186.99 12.80 -14.88
N LYS X 200 -187.51 13.68 -15.75
CA LYS X 200 -188.78 14.39 -15.54
C LYS X 200 -190.02 13.49 -15.78
N THR X 201 -189.89 12.46 -16.63
CA THR X 201 -191.01 11.62 -17.11
C THR X 201 -191.59 10.74 -15.99
N LYS X 202 -192.92 10.70 -15.88
CA LYS X 202 -193.68 10.00 -14.82
C LYS X 202 -194.85 9.20 -15.40
N LYS X 203 -195.06 7.98 -14.88
CA LYS X 203 -196.07 6.99 -15.29
C LYS X 203 -196.64 6.27 -14.06
N ARG X 204 -197.76 5.57 -14.18
CA ARG X 204 -198.35 4.79 -13.06
C ARG X 204 -198.87 3.41 -13.42
N THR X 205 -198.78 2.49 -12.46
CA THR X 205 -199.58 1.27 -12.44
C THR X 205 -201.05 1.61 -12.23
N LYS X 206 -201.93 0.74 -12.71
CA LYS X 206 -203.28 0.63 -12.18
C LYS X 206 -203.22 0.18 -10.72
N THR X 207 -204.40 0.13 -10.11
CA THR X 207 -204.54 -0.01 -8.68
C THR X 207 -204.92 -1.43 -8.32
N ILE X 208 -204.23 -2.00 -7.35
CA ILE X 208 -204.75 -3.17 -6.65
C ILE X 208 -205.56 -2.65 -5.47
N TYR X 209 -206.75 -3.19 -5.25
CA TYR X 209 -207.72 -2.65 -4.31
C TYR X 209 -207.80 -3.50 -3.04
N GLY X 210 -207.89 -2.89 -1.87
CA GLY X 210 -208.05 -3.58 -0.58
C GLY X 210 -206.88 -4.47 -0.12
N ASN X 211 -205.66 -4.30 -0.64
CA ASN X 211 -204.53 -5.22 -0.44
C ASN X 211 -203.29 -4.49 0.12
N LEU X 212 -202.58 -5.10 1.08
CA LEU X 212 -201.27 -4.64 1.57
C LEU X 212 -200.08 -5.46 1.04
N ASN X 213 -200.36 -6.55 0.31
CA ASN X 213 -199.40 -7.38 -0.42
C ASN X 213 -199.77 -7.46 -1.92
N PRO X 214 -199.95 -6.33 -2.62
CA PRO X 214 -200.48 -6.28 -3.99
C PRO X 214 -199.53 -6.92 -5.02
N VAL X 215 -200.08 -7.49 -6.10
CA VAL X 215 -199.30 -7.85 -7.31
C VAL X 215 -199.83 -7.04 -8.49
N TRP X 216 -198.98 -6.20 -9.10
CA TRP X 216 -199.29 -5.47 -10.33
C TRP X 216 -198.79 -6.20 -11.58
N GLU X 217 -197.50 -6.56 -11.63
CA GLU X 217 -196.79 -7.00 -12.84
C GLU X 217 -196.94 -6.02 -14.03
N GLU X 218 -196.89 -4.71 -13.76
CA GLU X 218 -197.16 -3.65 -14.75
C GLU X 218 -195.89 -2.92 -15.18
N ASN X 219 -195.66 -2.85 -16.50
CA ASN X 219 -194.42 -2.38 -17.08
C ASN X 219 -194.49 -0.95 -17.64
N PHE X 220 -193.46 -0.17 -17.31
CA PHE X 220 -193.26 1.19 -17.78
C PHE X 220 -191.95 1.30 -18.53
N HIS X 221 -192.04 1.67 -19.79
CA HIS X 221 -190.86 2.06 -20.55
C HIS X 221 -190.45 3.49 -20.22
N PHE X 222 -189.15 3.74 -20.15
CA PHE X 222 -188.52 5.03 -19.94
C PHE X 222 -187.24 5.15 -20.75
N GLU X 223 -186.79 6.38 -20.93
CA GLU X 223 -185.50 6.71 -21.52
C GLU X 223 -184.62 7.39 -20.47
N CYS X 224 -183.39 6.91 -20.35
CA CYS X 224 -182.34 7.50 -19.56
C CYS X 224 -181.12 7.75 -20.46
N HIS X 225 -180.40 8.84 -20.20
CA HIS X 225 -179.25 9.27 -21.01
C HIS X 225 -178.00 9.48 -20.14
N ASN X 226 -178.01 8.98 -18.90
CA ASN X 226 -177.02 9.25 -17.87
C ASN X 226 -177.03 8.14 -16.81
N SER X 227 -175.92 7.41 -16.68
CA SER X 227 -175.77 6.37 -15.65
C SER X 227 -175.87 6.90 -14.21
N SER X 228 -175.64 8.21 -14.01
CA SER X 228 -175.87 8.88 -12.72
C SER X 228 -177.31 9.37 -12.49
N ASP X 229 -178.28 9.11 -13.37
CA ASP X 229 -179.70 9.35 -13.08
C ASP X 229 -180.21 8.44 -11.95
N ARG X 230 -181.41 8.75 -11.44
CA ARG X 230 -182.17 7.85 -10.58
C ARG X 230 -183.52 7.50 -11.21
N ILE X 231 -183.90 6.25 -11.03
CA ILE X 231 -185.32 5.85 -11.03
C ILE X 231 -185.92 6.27 -9.68
N LYS X 232 -187.15 6.80 -9.67
CA LYS X 232 -187.98 6.98 -8.49
C LYS X 232 -189.23 6.10 -8.60
N VAL X 233 -189.53 5.30 -7.58
CA VAL X 233 -190.73 4.45 -7.55
C VAL X 233 -191.52 4.72 -6.28
N ARG X 234 -192.80 5.02 -6.39
CA ARG X 234 -193.62 5.53 -5.28
C ARG X 234 -194.97 4.84 -5.25
N VAL X 235 -195.43 4.40 -4.09
CA VAL X 235 -196.64 3.60 -3.90
C VAL X 235 -197.70 4.51 -3.29
N TRP X 236 -198.93 4.44 -3.79
CA TRP X 236 -200.03 5.35 -3.45
C TRP X 236 -201.30 4.56 -3.22
N ASP X 237 -202.01 4.88 -2.15
CA ASP X 237 -203.35 4.38 -1.93
C ASP X 237 -204.35 5.19 -2.77
N GLU X 238 -205.03 4.56 -3.73
CA GLU X 238 -205.90 5.30 -4.64
C GLU X 238 -207.14 5.88 -3.95
N ASP X 239 -207.08 7.13 -3.53
CA ASP X 239 -208.22 7.86 -3.00
C ASP X 239 -208.98 8.57 -4.13
N ASP X 240 -210.18 8.09 -4.44
CA ASP X 240 -211.13 8.81 -5.29
C ASP X 240 -212.37 9.16 -4.46
N ASP X 241 -212.29 10.29 -3.75
CA ASP X 241 -213.30 10.78 -2.81
C ASP X 241 -213.25 12.32 -2.72
N ILE X 242 -214.20 12.95 -2.04
CA ILE X 242 -214.25 14.42 -1.90
C ILE X 242 -212.94 14.96 -1.29
N LYS X 243 -212.35 14.23 -0.33
CA LYS X 243 -211.03 14.56 0.23
C LYS X 243 -209.94 14.60 -0.84
N SER X 244 -209.83 13.60 -1.71
CA SER X 244 -208.81 13.65 -2.77
C SER X 244 -209.09 14.74 -3.80
N ARG X 245 -210.35 14.98 -4.17
CA ARG X 245 -210.74 16.11 -5.04
C ARG X 245 -210.39 17.48 -4.42
N VAL X 246 -210.47 17.63 -3.10
CA VAL X 246 -209.96 18.81 -2.38
C VAL X 246 -208.42 18.83 -2.35
N LYS X 247 -207.77 17.73 -1.95
CA LYS X 247 -206.29 17.62 -1.87
C LYS X 247 -205.62 17.96 -3.20
N GLN X 248 -206.20 17.60 -4.33
CA GLN X 248 -205.69 17.92 -5.68
C GLN X 248 -205.49 19.44 -5.94
N ARG X 249 -206.10 20.31 -5.13
CA ARG X 249 -205.97 21.78 -5.20
C ARG X 249 -204.76 22.32 -4.41
N PHE X 250 -204.07 21.46 -3.64
CA PHE X 250 -203.00 21.84 -2.69
C PHE X 250 -201.76 20.91 -2.68
N LYS X 251 -201.90 19.62 -2.98
CA LYS X 251 -200.80 18.62 -3.10
C LYS X 251 -200.91 17.83 -4.41
N ARG X 252 -199.77 17.56 -5.07
CA ARG X 252 -199.69 16.78 -6.33
C ARG X 252 -200.06 15.29 -6.20
N GLU X 253 -199.96 14.73 -5.01
CA GLU X 253 -200.02 13.28 -4.76
C GLU X 253 -201.30 12.90 -4.01
N SER X 254 -202.45 13.01 -4.69
CA SER X 254 -203.80 12.92 -4.12
C SER X 254 -204.25 11.55 -3.60
N ASP X 255 -203.33 10.63 -3.40
CA ASP X 255 -203.56 9.19 -3.28
C ASP X 255 -202.63 8.65 -2.21
N ASP X 256 -203.14 8.48 -0.98
CA ASP X 256 -202.32 8.52 0.24
C ASP X 256 -201.10 7.60 0.17
N PHE X 257 -199.94 8.23 0.23
CA PHE X 257 -198.67 7.59 -0.09
C PHE X 257 -198.29 6.48 0.88
N LEU X 258 -197.91 5.35 0.31
CA LEU X 258 -197.62 4.07 0.96
C LEU X 258 -196.13 3.76 1.07
N GLY X 259 -195.28 4.53 0.38
CA GLY X 259 -193.82 4.45 0.47
C GLY X 259 -193.11 4.51 -0.89
N GLN X 260 -191.79 4.71 -0.90
CA GLN X 260 -191.00 4.81 -2.14
C GLN X 260 -189.67 4.03 -2.07
N THR X 261 -189.09 3.76 -3.24
CA THR X 261 -187.67 3.40 -3.40
C THR X 261 -187.05 4.25 -4.51
N ILE X 262 -185.76 4.55 -4.38
CA ILE X 262 -185.00 5.35 -5.36
C ILE X 262 -183.71 4.60 -5.69
N ILE X 263 -183.40 4.46 -6.99
CA ILE X 263 -182.41 3.50 -7.48
C ILE X 263 -181.47 4.19 -8.47
N GLU X 264 -180.15 4.12 -8.28
CA GLU X 264 -179.19 4.71 -9.24
C GLU X 264 -179.15 3.93 -10.54
N VAL X 265 -179.14 4.62 -11.67
CA VAL X 265 -179.12 3.95 -12.97
C VAL X 265 -177.85 3.08 -13.16
N ARG X 266 -176.69 3.45 -12.57
CA ARG X 266 -175.50 2.58 -12.62
C ARG X 266 -175.56 1.29 -11.79
N THR X 267 -176.53 1.15 -10.87
CA THR X 267 -176.79 -0.18 -10.25
C THR X 267 -177.51 -1.11 -11.22
N LEU X 268 -178.13 -0.55 -12.26
CA LEU X 268 -178.84 -1.32 -13.27
C LEU X 268 -177.90 -1.87 -14.35
N SER X 269 -178.32 -2.97 -14.96
CA SER X 269 -177.76 -3.57 -16.16
C SER X 269 -178.82 -4.48 -16.79
N GLY X 270 -178.68 -4.80 -18.08
CA GLY X 270 -179.38 -5.91 -18.74
C GLY X 270 -180.85 -6.09 -18.35
N GLU X 271 -181.12 -7.06 -17.48
CA GLU X 271 -182.42 -7.29 -16.86
C GLU X 271 -182.27 -7.59 -15.36
N MET X 272 -183.22 -7.13 -14.54
CA MET X 272 -183.22 -7.26 -13.08
C MET X 272 -184.62 -7.66 -12.57
N ASP X 273 -184.67 -8.24 -11.38
CA ASP X 273 -185.91 -8.58 -10.65
C ASP X 273 -185.64 -8.62 -9.14
N VAL X 274 -185.92 -7.52 -8.47
CA VAL X 274 -185.39 -7.18 -7.12
C VAL X 274 -186.52 -6.61 -6.26
N TRP X 275 -186.56 -6.89 -4.96
CA TRP X 275 -187.43 -6.15 -4.04
C TRP X 275 -186.71 -5.26 -3.02
N TYR X 276 -187.26 -4.07 -2.87
CA TYR X 276 -186.71 -2.90 -2.19
C TYR X 276 -187.63 -2.50 -1.03
N ASN X 277 -187.11 -2.35 0.19
CA ASN X 277 -187.90 -1.77 1.28
C ASN X 277 -188.31 -0.33 0.96
N LEU X 278 -189.48 0.08 1.46
CA LEU X 278 -190.09 1.38 1.18
C LEU X 278 -189.78 2.47 2.22
N ASP X 279 -189.74 3.71 1.74
CA ASP X 279 -189.31 4.92 2.45
C ASP X 279 -190.37 6.04 2.38
N LYS X 280 -190.32 7.00 3.32
CA LYS X 280 -191.22 8.18 3.38
C LYS X 280 -190.93 9.22 2.27
N ARG X 281 -191.87 10.16 2.05
CA ARG X 281 -191.70 11.35 1.18
C ARG X 281 -192.50 12.55 1.69
N THR X 282 -193.81 12.51 1.51
CA THR X 282 -194.74 13.62 1.78
C THR X 282 -195.01 13.83 3.27
N ASP X 283 -195.62 14.96 3.61
CA ASP X 283 -196.13 15.24 4.96
C ASP X 283 -197.20 14.22 5.45
N LYS X 284 -197.88 13.56 4.51
CA LYS X 284 -198.91 12.52 4.74
C LYS X 284 -198.35 11.10 4.94
N SER X 285 -197.03 10.90 4.88
CA SER X 285 -196.39 9.58 4.86
C SER X 285 -196.50 8.81 6.17
N ALA X 286 -197.07 7.61 6.13
CA ALA X 286 -196.78 6.51 7.07
C ALA X 286 -196.48 5.28 6.19
N VAL X 287 -195.35 4.62 6.42
CA VAL X 287 -194.73 3.70 5.44
C VAL X 287 -194.26 2.42 6.11
N SER X 288 -194.40 1.29 5.42
CA SER X 288 -193.89 -0.02 5.83
C SER X 288 -193.75 -0.95 4.62
N GLY X 289 -192.99 -2.04 4.77
CA GLY X 289 -192.90 -3.09 3.75
C GLY X 289 -191.96 -2.79 2.60
N ALA X 290 -192.15 -3.49 1.48
CA ALA X 290 -191.25 -3.50 0.32
C ALA X 290 -191.97 -3.64 -1.02
N ILE X 291 -191.33 -3.20 -2.10
CA ILE X 291 -191.79 -3.32 -3.49
C ILE X 291 -190.81 -4.12 -4.35
N ARG X 292 -191.30 -5.12 -5.07
CA ARG X 292 -190.58 -5.88 -6.09
C ARG X 292 -190.73 -5.21 -7.45
N LEU X 293 -189.61 -4.91 -8.06
CA LEU X 293 -189.46 -4.35 -9.39
C LEU X 293 -188.65 -5.30 -10.26
N HIS X 294 -189.23 -5.73 -11.37
CA HIS X 294 -188.45 -6.12 -12.51
C HIS X 294 -188.05 -4.86 -13.28
N ILE X 295 -186.79 -4.77 -13.73
CA ILE X 295 -186.24 -3.59 -14.40
C ILE X 295 -185.31 -4.09 -15.51
N SER X 296 -185.72 -3.94 -16.76
CA SER X 296 -184.83 -4.14 -17.90
C SER X 296 -184.19 -2.83 -18.33
N VAL X 297 -182.96 -2.89 -18.87
CA VAL X 297 -182.15 -1.75 -19.29
C VAL X 297 -181.41 -2.10 -20.58
N GLU X 298 -181.83 -1.51 -21.67
CA GLU X 298 -181.41 -1.88 -23.02
C GLU X 298 -180.12 -1.20 -23.48
N ILE X 299 -179.20 -0.99 -22.54
CA ILE X 299 -177.75 -0.96 -22.84
C ILE X 299 -177.29 -2.36 -23.29
N LYS X 300 -178.05 -3.39 -22.87
CA LYS X 300 -178.13 -4.74 -23.45
C LYS X 300 -178.12 -4.72 -24.98
N GLY X 301 -177.28 -5.55 -25.60
CA GLY X 301 -177.12 -5.66 -27.05
C GLY X 301 -177.30 -7.10 -27.54
N GLU X 302 -176.37 -7.59 -28.35
CA GLU X 302 -176.27 -9.01 -28.73
C GLU X 302 -175.82 -9.87 -27.54
N GLU X 303 -176.72 -10.08 -26.59
CA GLU X 303 -176.57 -11.14 -25.60
C GLU X 303 -176.95 -12.50 -26.20
N LYS X 304 -177.66 -12.49 -27.34
CA LYS X 304 -178.10 -13.66 -28.12
C LYS X 304 -176.98 -14.50 -28.75
N VAL X 305 -175.76 -14.39 -28.26
CA VAL X 305 -174.58 -15.04 -28.83
C VAL X 305 -174.83 -16.53 -28.93
N ALA X 306 -174.67 -17.12 -30.11
CA ALA X 306 -174.28 -18.52 -30.06
C ALA X 306 -172.88 -18.48 -29.41
N PRO X 307 -172.53 -19.42 -28.50
CA PRO X 307 -171.23 -19.41 -27.82
C PRO X 307 -170.17 -19.25 -28.89
N TYR X 308 -169.27 -18.31 -28.73
CA TYR X 308 -168.70 -17.69 -29.93
C TYR X 308 -167.87 -18.62 -30.81
N HIS X 309 -167.46 -19.74 -30.23
CA HIS X 309 -167.20 -21.03 -30.85
C HIS X 309 -168.09 -21.31 -32.07
N VAL X 310 -169.38 -21.49 -31.84
CA VAL X 310 -170.40 -21.81 -32.85
C VAL X 310 -170.52 -20.70 -33.89
N GLN X 311 -170.48 -19.45 -33.45
CA GLN X 311 -170.50 -18.34 -34.40
C GLN X 311 -169.27 -18.34 -35.31
N TYR X 312 -168.10 -18.62 -34.73
CA TYR X 312 -166.86 -18.79 -35.47
C TYR X 312 -166.95 -19.98 -36.41
N THR X 313 -167.55 -21.09 -35.99
CA THR X 313 -167.72 -22.27 -36.83
C THR X 313 -168.56 -21.96 -38.05
N CYS X 314 -169.71 -21.31 -37.85
CA CYS X 314 -170.58 -20.85 -38.93
C CYS X 314 -169.82 -19.97 -39.91
N LEU X 315 -169.12 -18.98 -39.38
CA LEU X 315 -168.24 -18.14 -40.16
C LEU X 315 -167.26 -18.98 -40.98
N HIS X 316 -166.54 -19.87 -40.32
CA HIS X 316 -165.50 -20.70 -40.90
C HIS X 316 -166.03 -21.64 -41.98
N GLU X 317 -167.15 -22.29 -41.76
CA GLU X 317 -167.75 -23.22 -42.73
C GLU X 317 -168.20 -22.49 -43.98
N ASN X 318 -168.88 -21.36 -43.79
CA ASN X 318 -169.29 -20.51 -44.87
C ASN X 318 -168.08 -20.01 -45.64
N LEU X 319 -167.06 -19.55 -44.93
CA LEU X 319 -165.86 -19.08 -45.58
C LEU X 319 -165.18 -20.23 -46.33
N PHE X 320 -165.05 -21.41 -45.73
CA PHE X 320 -164.42 -22.56 -46.34
C PHE X 320 -165.12 -23.02 -47.61
N HIS X 321 -166.43 -23.19 -47.57
CA HIS X 321 -167.15 -23.52 -48.79
C HIS X 321 -166.95 -22.40 -49.81
N PHE X 322 -166.98 -21.15 -49.38
CA PHE X 322 -166.88 -20.03 -50.30
C PHE X 322 -165.53 -20.05 -51.00
N VAL X 323 -164.45 -20.23 -50.25
CA VAL X 323 -163.12 -20.30 -50.79
C VAL X 323 -162.98 -21.52 -51.69
N THR X 324 -163.16 -22.71 -51.14
CA THR X 324 -162.91 -23.94 -51.88
C THR X 324 -163.85 -24.06 -53.05
N ASP X 325 -165.14 -23.97 -52.79
CA ASP X 325 -166.16 -24.17 -53.78
C ASP X 325 -166.37 -22.91 -54.61
N VAL X 326 -166.70 -21.78 -54.00
CA VAL X 326 -167.14 -20.64 -54.80
C VAL X 326 -165.98 -20.00 -55.56
N GLN X 327 -164.89 -19.68 -54.87
CA GLN X 327 -163.74 -19.06 -55.50
C GLN X 327 -162.95 -20.08 -56.30
N ASN X 328 -162.74 -21.27 -55.74
CA ASN X 328 -161.82 -22.26 -56.28
C ASN X 328 -162.50 -23.46 -56.91
N ASN X 329 -163.81 -23.40 -57.13
CA ASN X 329 -164.56 -24.37 -57.92
C ASN X 329 -164.39 -25.81 -57.38
N GLY X 330 -164.34 -25.91 -56.06
CA GLY X 330 -164.16 -27.12 -55.27
C GLY X 330 -162.70 -27.47 -55.02
N VAL X 331 -161.76 -26.89 -55.76
CA VAL X 331 -160.34 -27.08 -55.50
C VAL X 331 -160.04 -26.45 -54.15
N VAL X 332 -159.33 -27.19 -53.31
CA VAL X 332 -158.82 -26.62 -52.08
C VAL X 332 -157.56 -25.82 -52.40
N LYS X 333 -157.66 -24.48 -52.47
CA LYS X 333 -156.49 -23.61 -52.34
C LYS X 333 -155.91 -23.78 -50.94
N ILE X 334 -154.70 -24.30 -50.84
CA ILE X 334 -153.98 -24.40 -49.55
C ILE X 334 -153.58 -22.95 -49.13
N PRO X 335 -153.82 -22.50 -47.88
CA PRO X 335 -153.87 -21.08 -47.49
C PRO X 335 -152.65 -20.21 -47.82
N ASP X 336 -152.79 -18.89 -47.64
CA ASP X 336 -151.61 -18.04 -47.40
C ASP X 336 -151.11 -18.26 -45.96
N ALA X 337 -150.67 -19.49 -45.72
CA ALA X 337 -150.31 -20.06 -44.44
C ALA X 337 -148.82 -19.90 -44.10
N LYS X 338 -148.47 -19.95 -42.81
CA LYS X 338 -147.10 -19.74 -42.31
C LYS X 338 -146.71 -20.82 -41.30
N GLY X 339 -145.53 -21.42 -41.50
CA GLY X 339 -144.99 -22.53 -40.69
C GLY X 339 -145.83 -23.81 -40.71
N ASP X 340 -145.52 -24.74 -39.81
CA ASP X 340 -146.39 -25.88 -39.45
C ASP X 340 -147.77 -25.36 -38.96
N ASP X 341 -147.72 -24.20 -38.32
CA ASP X 341 -148.80 -23.27 -38.01
C ASP X 341 -149.64 -22.79 -39.22
N ALA X 342 -149.40 -23.34 -40.40
CA ALA X 342 -150.41 -23.49 -41.44
C ALA X 342 -151.69 -24.08 -40.85
N TRP X 343 -151.53 -24.98 -39.88
CA TRP X 343 -152.62 -25.51 -39.08
C TRP X 343 -153.46 -24.47 -38.33
N LYS X 344 -152.95 -23.24 -38.17
CA LYS X 344 -153.62 -22.05 -37.60
C LYS X 344 -153.90 -20.96 -38.61
N VAL X 345 -153.34 -21.05 -39.81
CA VAL X 345 -153.66 -20.12 -40.89
C VAL X 345 -154.43 -20.86 -41.92
N TYR X 346 -155.73 -20.74 -41.77
CA TYR X 346 -156.70 -21.45 -42.56
C TYR X 346 -156.88 -20.82 -43.93
N TYR X 347 -156.56 -19.53 -44.07
CA TYR X 347 -156.85 -18.77 -45.28
C TYR X 347 -155.79 -17.71 -45.62
N ASP X 348 -155.99 -17.13 -46.78
CA ASP X 348 -155.46 -15.84 -47.22
C ASP X 348 -155.73 -14.74 -46.19
N GLU X 349 -154.91 -13.69 -46.19
CA GLU X 349 -154.97 -12.57 -45.26
C GLU X 349 -156.39 -12.13 -44.93
N THR X 350 -157.19 -11.86 -45.94
CA THR X 350 -158.48 -11.19 -45.74
C THR X 350 -159.38 -12.08 -44.90
N ALA X 351 -159.48 -13.33 -45.35
CA ALA X 351 -160.24 -14.38 -44.69
C ALA X 351 -159.64 -14.78 -43.35
N GLN X 352 -158.31 -14.80 -43.25
CA GLN X 352 -157.62 -15.12 -42.04
C GLN X 352 -157.86 -14.05 -40.98
N GLU X 353 -157.75 -12.79 -41.36
CA GLU X 353 -158.10 -11.65 -40.53
C GLU X 353 -159.58 -11.64 -40.16
N ILE X 354 -160.48 -12.02 -41.08
CA ILE X 354 -161.89 -12.22 -40.75
C ILE X 354 -162.03 -13.18 -39.57
N VAL X 355 -161.54 -14.42 -39.73
CA VAL X 355 -161.75 -15.42 -38.68
C VAL X 355 -160.96 -15.10 -37.42
N ASP X 356 -159.80 -14.47 -37.56
CA ASP X 356 -159.00 -14.08 -36.41
C ASP X 356 -159.60 -12.88 -35.67
N GLU X 357 -160.04 -11.80 -36.32
CA GLU X 357 -160.73 -10.70 -35.63
C GLU X 357 -161.98 -11.19 -34.91
N PHE X 358 -162.66 -12.18 -35.48
CA PHE X 358 -163.75 -12.87 -34.81
C PHE X 358 -163.25 -13.67 -33.60
N ALA X 359 -162.27 -14.55 -33.78
CA ALA X 359 -161.65 -15.32 -32.69
C ALA X 359 -160.88 -14.46 -31.68
N MET X 360 -160.61 -13.20 -31.97
CA MET X 360 -160.00 -12.23 -31.08
C MET X 360 -161.08 -11.48 -30.32
N ARG X 361 -161.93 -10.74 -31.03
CA ARG X 361 -163.07 -10.00 -30.44
C ARG X 361 -163.93 -10.94 -29.61
N TYR X 362 -163.99 -12.21 -30.01
CA TYR X 362 -164.78 -13.25 -29.37
C TYR X 362 -163.97 -14.48 -28.92
N GLY X 363 -162.67 -14.31 -28.71
CA GLY X 363 -161.80 -15.20 -27.91
C GLY X 363 -161.54 -16.64 -28.40
N VAL X 364 -162.25 -17.12 -29.42
CA VAL X 364 -162.27 -18.53 -29.84
C VAL X 364 -160.88 -19.15 -29.96
N GLU X 365 -160.65 -20.24 -29.22
CA GLU X 365 -159.32 -20.82 -29.07
C GLU X 365 -158.79 -21.45 -30.36
N SER X 366 -157.48 -21.34 -30.59
CA SER X 366 -156.78 -21.80 -31.80
C SER X 366 -157.07 -23.26 -32.17
N ILE X 367 -157.15 -24.17 -31.20
CA ILE X 367 -157.49 -25.57 -31.45
C ILE X 367 -158.92 -25.75 -31.97
N TYR X 368 -159.88 -24.99 -31.46
CA TYR X 368 -161.26 -25.03 -31.92
C TYR X 368 -161.36 -24.58 -33.38
N GLN X 369 -160.62 -23.52 -33.71
CA GLN X 369 -160.46 -23.02 -35.07
C GLN X 369 -159.88 -24.12 -36.01
N ALA X 370 -158.84 -24.82 -35.56
CA ALA X 370 -158.19 -25.91 -36.28
C ALA X 370 -159.08 -27.14 -36.53
N MET X 371 -159.77 -27.65 -35.50
CA MET X 371 -160.65 -28.83 -35.64
C MET X 371 -161.79 -28.53 -36.64
N THR X 372 -162.31 -27.31 -36.60
CA THR X 372 -163.28 -26.79 -37.56
C THR X 372 -162.75 -26.85 -38.99
N HIS X 373 -161.53 -26.38 -39.20
CA HIS X 373 -160.84 -26.47 -40.49
C HIS X 373 -160.57 -27.91 -40.93
N PHE X 374 -160.19 -28.81 -40.03
CA PHE X 374 -159.96 -30.21 -40.38
C PHE X 374 -161.27 -30.90 -40.78
N ALA X 375 -162.37 -30.57 -40.11
CA ALA X 375 -163.72 -31.00 -40.51
C ALA X 375 -164.04 -30.53 -41.93
N CYS X 376 -163.84 -29.25 -42.20
CA CYS X 376 -163.92 -28.71 -43.55
C CYS X 376 -163.06 -29.52 -44.54
N LEU X 377 -161.74 -29.61 -44.34
CA LEU X 377 -160.81 -30.30 -45.27
C LEU X 377 -161.22 -31.74 -45.56
N SER X 378 -161.74 -32.45 -44.56
CA SER X 378 -162.09 -33.86 -44.74
C SER X 378 -163.13 -34.09 -45.84
N SER X 379 -163.98 -33.10 -46.12
CA SER X 379 -164.94 -33.14 -47.22
C SER X 379 -164.29 -33.05 -48.61
N LYS X 380 -162.97 -32.83 -48.67
CA LYS X 380 -162.18 -32.58 -49.88
C LYS X 380 -160.86 -33.38 -49.91
N TYR X 381 -160.68 -34.38 -49.03
CA TYR X 381 -159.34 -34.93 -48.70
C TYR X 381 -158.53 -35.44 -49.90
N MET X 382 -159.22 -35.83 -50.97
CA MET X 382 -158.69 -36.37 -52.23
C MET X 382 -157.96 -35.32 -53.10
N CYS X 383 -158.17 -34.03 -52.87
CA CYS X 383 -157.50 -32.96 -53.62
C CYS X 383 -155.96 -33.01 -53.42
N PRO X 384 -155.15 -32.65 -54.44
CA PRO X 384 -153.70 -32.82 -54.36
C PRO X 384 -153.06 -32.05 -53.21
N GLY X 385 -152.07 -32.62 -52.54
CA GLY X 385 -151.41 -32.01 -51.37
C GLY X 385 -152.23 -32.01 -50.08
N VAL X 386 -153.57 -32.06 -50.14
CA VAL X 386 -154.43 -32.06 -48.95
C VAL X 386 -154.05 -33.16 -47.94
N PRO X 387 -153.61 -34.37 -48.31
CA PRO X 387 -153.18 -35.35 -47.31
C PRO X 387 -151.93 -34.95 -46.53
N ALA X 388 -151.03 -34.20 -47.15
CA ALA X 388 -149.91 -33.61 -46.43
C ALA X 388 -150.42 -32.56 -45.44
N VAL X 389 -151.33 -31.67 -45.87
CA VAL X 389 -151.93 -30.64 -45.01
C VAL X 389 -152.72 -31.25 -43.88
N MET X 390 -153.52 -32.28 -44.14
CA MET X 390 -154.28 -32.95 -43.10
C MET X 390 -153.34 -33.76 -42.21
N SER X 391 -152.26 -34.36 -42.73
CA SER X 391 -151.25 -35.00 -41.88
C SER X 391 -150.64 -33.99 -40.92
N THR X 392 -150.35 -32.80 -41.44
CA THR X 392 -149.83 -31.67 -40.69
C THR X 392 -150.83 -31.20 -39.65
N LEU X 393 -152.03 -30.84 -40.08
CA LEU X 393 -153.09 -30.34 -39.24
C LEU X 393 -153.43 -31.34 -38.13
N LEU X 394 -153.44 -32.63 -38.46
CA LEU X 394 -153.66 -33.66 -37.47
C LEU X 394 -152.46 -33.90 -36.57
N ALA X 395 -151.24 -33.86 -37.09
CA ALA X 395 -150.06 -33.90 -36.24
C ALA X 395 -150.11 -32.78 -35.21
N ASN X 396 -150.60 -31.61 -35.60
CA ASN X 396 -150.79 -30.49 -34.69
C ASN X 396 -151.98 -30.64 -33.76
N ILE X 397 -153.17 -31.00 -34.23
CA ILE X 397 -154.33 -31.26 -33.36
C ILE X 397 -154.00 -32.37 -32.36
N ASN X 398 -153.27 -33.39 -32.81
CA ASN X 398 -152.68 -34.39 -31.94
C ASN X 398 -151.75 -33.75 -30.94
N ALA X 399 -150.71 -33.08 -31.40
CA ALA X 399 -149.72 -32.47 -30.54
C ALA X 399 -150.35 -31.51 -29.54
N TYR X 400 -151.45 -30.86 -29.95
CA TYR X 400 -152.24 -30.01 -29.10
C TYR X 400 -152.84 -30.80 -27.95
N TYR X 401 -153.75 -31.74 -28.22
CA TYR X 401 -154.43 -32.46 -27.14
C TYR X 401 -153.51 -33.43 -26.40
N ALA X 402 -152.51 -33.98 -27.07
CA ALA X 402 -151.54 -34.89 -26.49
C ALA X 402 -150.49 -34.17 -25.63
N HIS X 403 -150.06 -32.95 -26.01
CA HIS X 403 -148.90 -32.31 -25.38
C HIS X 403 -149.14 -30.85 -24.97
N THR X 404 -149.80 -30.01 -25.78
CA THR X 404 -150.08 -28.63 -25.34
C THR X 404 -151.06 -28.66 -24.16
N THR X 405 -150.70 -28.00 -23.06
CA THR X 405 -151.42 -28.08 -21.78
C THR X 405 -151.55 -29.51 -21.22
N ALA X 406 -150.73 -30.46 -21.65
CA ALA X 406 -150.52 -31.72 -20.93
C ALA X 406 -149.82 -31.53 -19.56
N SER X 407 -149.37 -30.30 -19.27
CA SER X 407 -149.14 -29.78 -17.92
C SER X 407 -150.36 -29.92 -17.00
N THR X 408 -151.57 -29.82 -17.55
CA THR X 408 -152.79 -30.26 -16.86
C THR X 408 -152.77 -31.77 -16.76
N ASN X 409 -152.96 -32.29 -15.54
CA ASN X 409 -152.88 -33.73 -15.26
C ASN X 409 -154.01 -34.54 -15.91
N VAL X 410 -155.05 -33.85 -16.42
CA VAL X 410 -156.12 -34.40 -17.25
C VAL X 410 -155.55 -35.16 -18.45
N SER X 411 -156.15 -36.30 -18.79
CA SER X 411 -155.65 -37.12 -19.91
C SER X 411 -155.81 -36.42 -21.26
N ALA X 412 -155.08 -36.90 -22.26
CA ALA X 412 -155.23 -36.34 -23.60
C ALA X 412 -156.65 -36.57 -24.12
N SER X 413 -157.22 -37.74 -23.87
CA SER X 413 -158.56 -38.09 -24.31
C SER X 413 -159.62 -37.27 -23.60
N ASP X 414 -159.34 -36.82 -22.38
CA ASP X 414 -160.24 -36.01 -21.55
C ASP X 414 -160.10 -34.51 -21.80
N ARG X 415 -158.88 -34.02 -22.01
CA ARG X 415 -158.65 -32.64 -22.48
C ARG X 415 -159.30 -32.47 -23.85
N PHE X 416 -159.15 -33.49 -24.68
CA PHE X 416 -159.88 -33.65 -25.92
C PHE X 416 -161.40 -33.75 -25.71
N ALA X 417 -161.89 -34.44 -24.68
CA ALA X 417 -163.31 -34.39 -24.33
C ALA X 417 -163.78 -32.97 -23.97
N ALA X 418 -163.00 -32.25 -23.16
CA ALA X 418 -163.26 -30.85 -22.83
C ALA X 418 -163.11 -29.91 -24.04
N SER X 419 -162.74 -30.41 -25.21
CA SER X 419 -162.83 -29.65 -26.43
C SER X 419 -164.23 -29.10 -26.61
N ASN X 420 -164.33 -27.78 -26.69
CA ASN X 420 -165.58 -27.11 -27.01
C ASN X 420 -166.09 -27.50 -28.40
N PHE X 421 -165.21 -28.01 -29.28
CA PHE X 421 -165.63 -28.56 -30.58
C PHE X 421 -166.51 -29.80 -30.42
N GLY X 422 -166.30 -30.59 -29.37
CA GLY X 422 -166.92 -31.89 -29.20
C GLY X 422 -165.98 -32.99 -29.68
N LYS X 423 -165.36 -33.69 -28.74
CA LYS X 423 -164.52 -34.85 -29.01
C LYS X 423 -165.12 -35.81 -30.01
N GLU X 424 -166.32 -36.26 -29.73
CA GLU X 424 -167.08 -37.24 -30.50
C GLU X 424 -167.18 -36.87 -31.98
N ARG X 425 -167.67 -35.67 -32.25
CA ARG X 425 -167.72 -35.05 -33.58
C ARG X 425 -166.38 -35.18 -34.30
N PHE X 426 -165.28 -35.00 -33.58
CA PHE X 426 -163.94 -35.13 -34.13
C PHE X 426 -163.52 -36.59 -34.34
N VAL X 427 -163.82 -37.48 -33.39
CA VAL X 427 -163.52 -38.92 -33.49
C VAL X 427 -164.24 -39.52 -34.70
N LYS X 428 -165.53 -39.25 -34.86
CA LYS X 428 -166.32 -39.68 -36.01
C LYS X 428 -165.64 -39.29 -37.31
N LEU X 429 -165.32 -38.01 -37.41
CA LEU X 429 -164.67 -37.36 -38.54
C LEU X 429 -163.34 -38.05 -38.91
N LEU X 430 -162.49 -38.34 -37.92
CA LEU X 430 -161.26 -39.10 -38.13
C LEU X 430 -161.54 -40.51 -38.65
N ASP X 431 -162.51 -41.21 -38.07
CA ASP X 431 -162.80 -42.59 -38.43
C ASP X 431 -163.34 -42.69 -39.87
N GLN X 432 -164.24 -41.78 -40.25
CA GLN X 432 -164.74 -41.67 -41.61
C GLN X 432 -163.59 -41.44 -42.59
N LEU X 433 -162.73 -40.47 -42.27
CA LEU X 433 -161.58 -40.14 -43.07
C LEU X 433 -160.66 -41.34 -43.20
N HIS X 434 -160.24 -41.93 -42.08
CA HIS X 434 -159.38 -43.11 -42.01
C HIS X 434 -159.91 -44.22 -42.89
N ASN X 435 -161.20 -44.53 -42.74
CA ASN X 435 -161.86 -45.51 -43.57
C ASN X 435 -161.74 -45.14 -45.05
N SER X 436 -162.02 -43.90 -45.39
CA SER X 436 -161.88 -43.42 -46.76
C SER X 436 -160.44 -43.55 -47.27
N LEU X 437 -159.44 -43.38 -46.41
CA LEU X 437 -158.04 -43.66 -46.75
C LEU X 437 -157.83 -45.16 -46.99
N ARG X 438 -158.17 -46.02 -46.02
CA ARG X 438 -158.09 -47.48 -46.10
C ARG X 438 -158.69 -47.97 -47.42
N ILE X 439 -159.84 -47.43 -47.76
CA ILE X 439 -160.54 -47.71 -49.01
C ILE X 439 -159.63 -47.40 -50.18
N ASP X 440 -159.18 -46.16 -50.29
CA ASP X 440 -158.38 -45.74 -51.42
C ASP X 440 -157.10 -46.58 -51.54
N LEU X 441 -156.48 -46.89 -50.41
CA LEU X 441 -155.31 -47.75 -50.31
C LEU X 441 -155.59 -49.18 -50.74
N SER X 442 -156.78 -49.70 -50.47
CA SER X 442 -157.14 -51.05 -50.87
C SER X 442 -157.15 -51.24 -52.38
N MET X 443 -157.25 -50.14 -53.12
CA MET X 443 -156.92 -50.08 -54.54
C MET X 443 -155.87 -49.03 -54.81
N TYR X 444 -154.76 -49.10 -54.08
CA TYR X 444 -153.69 -48.13 -54.22
C TYR X 444 -153.26 -47.96 -55.67
N ARG X 445 -153.15 -49.06 -56.42
CA ARG X 445 -152.61 -49.02 -57.78
C ARG X 445 -153.50 -48.18 -58.69
N ASN X 446 -154.80 -48.43 -58.60
CA ASN X 446 -155.79 -47.76 -59.43
C ASN X 446 -156.00 -46.31 -58.97
N ASN X 447 -156.00 -46.08 -57.66
CA ASN X 447 -156.24 -44.75 -57.10
C ASN X 447 -155.01 -43.82 -57.17
N PHE X 448 -153.81 -44.38 -57.15
CA PHE X 448 -152.53 -43.64 -57.09
C PHE X 448 -151.52 -44.28 -58.05
N PRO X 449 -151.79 -44.22 -59.36
CA PRO X 449 -151.02 -44.92 -60.35
C PRO X 449 -149.56 -44.47 -60.33
N ALA X 450 -148.65 -45.41 -60.54
CA ALA X 450 -147.21 -45.17 -60.50
C ALA X 450 -146.79 -44.09 -61.51
N SER X 451 -147.49 -44.05 -62.64
CA SER X 451 -147.39 -43.04 -63.69
C SER X 451 -147.72 -41.62 -63.23
N SER X 452 -148.35 -41.44 -62.07
CA SER X 452 -148.46 -40.15 -61.41
C SER X 452 -147.60 -40.14 -60.15
N PRO X 453 -146.37 -39.61 -60.24
CA PRO X 453 -145.55 -39.30 -59.06
C PRO X 453 -146.28 -38.41 -58.07
N GLU X 454 -147.12 -37.52 -58.56
CA GLU X 454 -147.94 -36.64 -57.73
C GLU X 454 -148.92 -37.45 -56.89
N ARG X 455 -149.63 -38.39 -57.51
CA ARG X 455 -150.46 -39.29 -56.75
C ARG X 455 -149.64 -40.29 -55.96
N LEU X 456 -148.43 -40.69 -56.36
CA LEU X 456 -147.51 -41.39 -55.47
C LEU X 456 -147.12 -40.52 -54.26
N GLN X 457 -147.00 -39.21 -54.41
CA GLN X 457 -146.70 -38.37 -53.26
C GLN X 457 -147.92 -38.16 -52.39
N ASP X 458 -149.07 -37.87 -52.99
CA ASP X 458 -150.30 -37.84 -52.23
C ASP X 458 -150.50 -39.16 -51.50
N LEU X 459 -150.20 -40.30 -52.14
CA LEU X 459 -150.18 -41.63 -51.54
C LEU X 459 -149.20 -41.66 -50.35
N LYS X 460 -147.97 -41.20 -50.52
CA LYS X 460 -147.00 -41.15 -49.43
C LYS X 460 -147.51 -40.27 -48.27
N SER X 461 -147.94 -39.05 -48.55
CA SER X 461 -148.60 -38.14 -47.60
C SER X 461 -149.88 -38.69 -46.99
N THR X 462 -150.58 -39.57 -47.70
CA THR X 462 -151.76 -40.27 -47.20
C THR X 462 -151.32 -41.26 -46.13
N VAL X 463 -150.26 -42.03 -46.36
CA VAL X 463 -149.78 -42.96 -45.35
C VAL X 463 -149.15 -42.20 -44.19
N ASP X 464 -148.53 -41.07 -44.45
CA ASP X 464 -148.13 -40.13 -43.41
C ASP X 464 -149.34 -39.59 -42.62
N LEU X 465 -150.45 -39.26 -43.29
CA LEU X 465 -151.70 -38.95 -42.62
C LEU X 465 -152.22 -40.15 -41.82
N LEU X 466 -152.18 -41.37 -42.35
CA LEU X 466 -152.70 -42.56 -41.69
C LEU X 466 -151.86 -42.91 -40.45
N THR X 467 -150.55 -42.75 -40.52
CA THR X 467 -149.70 -42.78 -39.32
C THR X 467 -150.12 -41.68 -38.37
N SER X 468 -150.35 -40.45 -38.83
CA SER X 468 -150.85 -39.35 -38.00
C SER X 468 -152.20 -39.63 -37.32
N ILE X 469 -153.13 -40.32 -37.98
CA ILE X 469 -154.41 -40.77 -37.39
C ILE X 469 -154.17 -41.89 -36.38
N THR X 470 -153.35 -42.89 -36.71
CA THR X 470 -153.04 -44.01 -35.80
C THR X 470 -152.43 -43.48 -34.51
N PHE X 471 -151.51 -42.52 -34.66
CA PHE X 471 -150.90 -41.74 -33.60
C PHE X 471 -151.94 -40.91 -32.83
N PHE X 472 -152.89 -40.23 -33.46
CA PHE X 472 -154.01 -39.61 -32.74
C PHE X 472 -154.83 -40.60 -31.91
N ARG X 473 -155.18 -41.76 -32.47
CA ARG X 473 -155.92 -42.79 -31.74
C ARG X 473 -155.13 -43.28 -30.53
N MET X 474 -153.84 -43.53 -30.74
CA MET X 474 -152.92 -43.97 -29.71
C MET X 474 -152.68 -42.91 -28.63
N LYS X 475 -152.55 -41.64 -29.01
CA LYS X 475 -152.05 -40.56 -28.14
C LYS X 475 -153.15 -39.69 -27.58
N VAL X 476 -154.11 -39.29 -28.41
CA VAL X 476 -155.20 -38.42 -27.98
C VAL X 476 -156.39 -39.23 -27.54
N GLN X 477 -156.89 -40.17 -28.34
CA GLN X 477 -157.94 -41.06 -27.82
C GLN X 477 -157.39 -42.05 -26.78
N GLU X 478 -156.07 -42.19 -26.70
CA GLU X 478 -155.36 -43.03 -25.74
C GLU X 478 -155.67 -44.52 -25.89
N LEU X 479 -156.09 -44.92 -27.09
CA LEU X 479 -156.36 -46.31 -27.43
C LEU X 479 -155.08 -47.14 -27.35
N GLN X 480 -155.19 -48.37 -26.88
CA GLN X 480 -154.08 -49.20 -26.39
C GLN X 480 -153.53 -50.11 -27.48
N SER X 481 -154.45 -50.66 -28.28
CA SER X 481 -154.15 -51.45 -29.47
C SER X 481 -155.03 -50.95 -30.64
N PRO X 482 -154.86 -49.69 -31.08
CA PRO X 482 -155.44 -49.25 -32.34
C PRO X 482 -154.89 -50.11 -33.50
N PRO X 483 -155.56 -50.14 -34.66
CA PRO X 483 -155.09 -50.85 -35.84
C PRO X 483 -153.70 -50.38 -36.27
N ARG X 484 -152.71 -51.28 -36.32
CA ARG X 484 -151.33 -50.90 -36.63
C ARG X 484 -151.21 -50.47 -38.09
N ALA X 485 -150.65 -49.28 -38.32
CA ALA X 485 -150.61 -48.65 -39.64
C ALA X 485 -150.00 -49.56 -40.71
N SER X 486 -148.91 -50.28 -40.42
CA SER X 486 -148.34 -51.25 -41.37
C SER X 486 -149.30 -52.40 -41.73
N GLN X 487 -150.00 -53.00 -40.76
CA GLN X 487 -150.92 -54.11 -41.06
C GLN X 487 -152.16 -53.63 -41.82
N VAL X 488 -152.71 -52.49 -41.41
CA VAL X 488 -153.81 -51.80 -42.11
C VAL X 488 -153.50 -51.63 -43.59
N VAL X 489 -152.29 -51.16 -43.89
CA VAL X 489 -151.82 -50.95 -45.26
C VAL X 489 -151.53 -52.31 -45.94
N LYS X 490 -150.91 -53.26 -45.26
CA LYS X 490 -150.60 -54.59 -45.80
C LYS X 490 -151.85 -55.32 -46.27
N ASP X 491 -152.94 -55.23 -45.51
CA ASP X 491 -154.26 -55.68 -45.96
C ASP X 491 -154.66 -54.99 -47.26
N CYS X 492 -154.58 -53.66 -47.33
CA CYS X 492 -154.91 -52.90 -48.51
C CYS X 492 -154.06 -53.29 -49.72
N VAL X 493 -152.80 -53.63 -49.49
CA VAL X 493 -151.88 -54.03 -50.54
C VAL X 493 -152.23 -55.41 -51.03
N LYS X 494 -152.38 -56.36 -50.11
CA LYS X 494 -152.87 -57.69 -50.41
C LYS X 494 -154.18 -57.59 -51.17
N ALA X 495 -155.08 -56.73 -50.75
CA ALA X 495 -156.33 -56.46 -51.44
C ALA X 495 -156.04 -56.02 -52.87
N CYS X 496 -155.30 -54.94 -53.04
CA CYS X 496 -155.00 -54.40 -54.34
C CYS X 496 -154.29 -55.43 -55.25
N LEU X 497 -153.38 -56.23 -54.71
CA LEU X 497 -152.70 -57.33 -55.39
C LEU X 497 -153.65 -58.45 -55.81
N ASN X 498 -154.56 -58.86 -54.94
CA ASN X 498 -155.52 -59.90 -55.27
C ASN X 498 -156.51 -59.42 -56.34
N SER X 499 -156.98 -58.18 -56.26
CA SER X 499 -157.79 -57.55 -57.31
C SER X 499 -157.03 -57.51 -58.62
N THR X 500 -155.74 -57.17 -58.54
CA THR X 500 -154.86 -57.28 -59.69
C THR X 500 -154.86 -58.73 -60.21
N TYR X 501 -154.64 -59.73 -59.36
CA TYR X 501 -154.51 -61.12 -59.83
C TYR X 501 -155.77 -61.64 -60.48
N GLU X 502 -156.90 -61.49 -59.80
CA GLU X 502 -158.21 -61.84 -60.32
C GLU X 502 -158.36 -61.22 -61.70
N TYR X 503 -158.11 -59.91 -61.77
CA TYR X 503 -158.31 -59.19 -62.99
C TYR X 503 -157.36 -59.72 -64.07
N ILE X 504 -156.09 -59.98 -63.77
CA ILE X 504 -155.19 -60.53 -64.78
C ILE X 504 -155.52 -61.96 -65.19
N PHE X 505 -155.95 -62.81 -64.27
CA PHE X 505 -156.24 -64.21 -64.57
C PHE X 505 -157.50 -64.36 -65.41
N ASN X 506 -158.44 -63.42 -65.24
CA ASN X 506 -159.67 -63.36 -65.99
C ASN X 506 -159.53 -62.59 -67.31
N ASN X 507 -158.60 -61.64 -67.39
CA ASN X 507 -158.44 -60.73 -68.52
C ASN X 507 -157.03 -60.79 -69.14
N CYS X 508 -156.35 -61.94 -69.04
CA CYS X 508 -154.96 -62.09 -69.45
C CYS X 508 -154.73 -61.59 -70.86
N HIS X 509 -155.69 -61.86 -71.75
CA HIS X 509 -155.51 -61.49 -73.11
C HIS X 509 -155.65 -60.02 -73.40
N GLU X 510 -156.64 -59.37 -72.81
CA GLU X 510 -156.86 -57.96 -72.92
C GLU X 510 -155.67 -57.18 -72.35
N LEU X 511 -155.15 -57.66 -71.22
CA LEU X 511 -154.03 -57.05 -70.56
C LEU X 511 -152.72 -57.32 -71.28
N TYR X 512 -152.36 -58.58 -71.51
CA TYR X 512 -151.14 -58.92 -72.24
C TYR X 512 -151.16 -58.39 -73.65
N GLY X 513 -152.33 -58.53 -74.27
CA GLY X 513 -152.75 -57.83 -75.46
C GLY X 513 -152.22 -56.41 -75.46
N ARG X 514 -152.91 -55.51 -74.79
CA ARG X 514 -152.58 -54.09 -74.80
C ARG X 514 -151.18 -53.77 -74.28
N GLU X 515 -150.70 -54.48 -73.26
CA GLU X 515 -149.45 -54.16 -72.58
C GLU X 515 -148.19 -54.65 -73.33
N TYR X 516 -148.24 -55.73 -74.12
CA TYR X 516 -147.04 -56.27 -74.80
C TYR X 516 -147.23 -57.01 -76.15
N GLN X 517 -148.44 -57.46 -76.46
CA GLN X 517 -148.63 -58.60 -77.35
C GLN X 517 -147.92 -58.49 -78.71
N THR X 518 -147.16 -59.54 -79.04
CA THR X 518 -146.30 -59.66 -80.25
C THR X 518 -147.05 -59.71 -81.59
N ASP X 519 -148.35 -59.39 -81.60
CA ASP X 519 -149.20 -59.24 -82.80
C ASP X 519 -150.35 -58.26 -82.44
N PRO X 520 -150.47 -57.09 -83.11
CA PRO X 520 -151.48 -56.09 -82.79
C PRO X 520 -152.92 -56.59 -82.93
N ALA X 521 -153.19 -57.57 -83.81
CA ALA X 521 -154.52 -58.17 -83.97
C ALA X 521 -154.96 -58.99 -82.73
N LYS X 522 -154.01 -59.27 -81.82
CA LYS X 522 -154.23 -60.03 -80.59
C LYS X 522 -154.26 -59.17 -79.32
N LYS X 523 -154.37 -57.83 -79.43
CA LYS X 523 -154.50 -56.91 -78.28
C LYS X 523 -155.89 -56.85 -77.66
N GLY X 524 -156.93 -57.15 -78.46
CA GLY X 524 -158.34 -56.98 -78.07
C GLY X 524 -158.90 -58.10 -77.18
N GLU X 525 -160.23 -58.12 -77.06
CA GLU X 525 -160.99 -59.14 -76.31
C GLU X 525 -161.02 -60.50 -77.04
N VAL X 526 -159.86 -61.12 -77.10
CA VAL X 526 -159.68 -62.55 -77.43
C VAL X 526 -160.60 -63.41 -76.54
N PRO X 527 -161.11 -64.57 -77.01
CA PRO X 527 -162.13 -65.34 -76.29
C PRO X 527 -161.77 -65.59 -74.81
N PRO X 528 -162.75 -65.61 -73.89
CA PRO X 528 -162.50 -65.87 -72.48
C PRO X 528 -161.65 -67.12 -72.21
N GLU X 529 -161.79 -68.17 -73.01
CA GLU X 529 -160.97 -69.40 -73.00
C GLU X 529 -159.49 -69.16 -73.43
N GLU X 530 -159.09 -67.91 -73.58
CA GLU X 530 -157.79 -67.43 -73.99
C GLU X 530 -157.39 -66.15 -73.21
N GLN X 531 -158.29 -65.63 -72.39
CA GLN X 531 -158.10 -64.58 -71.35
C GLN X 531 -158.01 -65.17 -69.96
N GLY X 532 -158.61 -66.34 -69.83
CA GLY X 532 -158.26 -67.40 -68.92
C GLY X 532 -157.65 -68.53 -69.76
N PRO X 533 -157.53 -69.73 -69.20
CA PRO X 533 -156.73 -70.79 -69.81
C PRO X 533 -157.27 -71.36 -71.12
N SER X 534 -156.35 -71.65 -72.07
CA SER X 534 -156.62 -72.45 -73.28
C SER X 534 -156.24 -73.89 -73.13
N ILE X 535 -156.99 -74.80 -73.74
CA ILE X 535 -156.54 -76.17 -73.96
C ILE X 535 -155.74 -76.34 -75.27
N LYS X 536 -155.86 -75.40 -76.22
CA LYS X 536 -155.24 -75.49 -77.56
C LYS X 536 -153.77 -75.09 -77.57
N ASN X 537 -153.38 -74.15 -76.69
CA ASN X 537 -152.08 -73.49 -76.73
C ASN X 537 -151.58 -73.15 -75.31
N LEU X 538 -150.27 -72.87 -75.20
CA LEU X 538 -149.60 -72.46 -73.96
C LEU X 538 -149.39 -70.95 -73.86
N ASP X 539 -149.95 -70.21 -74.79
CA ASP X 539 -149.57 -68.82 -75.01
C ASP X 539 -150.17 -67.94 -73.93
N PHE X 540 -151.43 -68.17 -73.56
CA PHE X 540 -152.03 -67.57 -72.36
C PHE X 540 -151.08 -67.62 -71.16
N TRP X 541 -150.36 -68.73 -70.99
CA TRP X 541 -149.45 -68.90 -69.86
C TRP X 541 -148.14 -68.15 -70.05
N SER X 542 -147.55 -68.15 -71.24
CA SER X 542 -146.40 -67.28 -71.52
C SER X 542 -146.75 -65.81 -71.30
N LYS X 543 -148.00 -65.46 -71.56
CA LYS X 543 -148.54 -64.11 -71.45
C LYS X 543 -148.80 -63.73 -70.01
N LEU X 544 -149.38 -64.64 -69.26
CA LEU X 544 -149.57 -64.54 -67.83
C LEU X 544 -148.22 -64.41 -67.10
N ILE X 545 -147.18 -65.16 -67.52
CA ILE X 545 -145.83 -65.02 -66.97
C ILE X 545 -145.35 -63.57 -67.09
N THR X 546 -145.49 -62.96 -68.27
CA THR X 546 -145.04 -61.59 -68.47
C THR X 546 -145.83 -60.55 -67.67
N LEU X 547 -147.15 -60.74 -67.55
CA LEU X 547 -147.99 -59.91 -66.69
C LEU X 547 -147.47 -59.91 -65.27
N ILE X 548 -147.22 -61.11 -64.74
CA ILE X 548 -146.76 -61.30 -63.38
C ILE X 548 -145.44 -60.56 -63.15
N VAL X 549 -144.46 -60.75 -64.04
CA VAL X 549 -143.19 -60.04 -64.03
C VAL X 549 -143.41 -58.53 -63.94
N SER X 550 -144.20 -57.99 -64.86
CA SER X 550 -144.46 -56.56 -64.97
C SER X 550 -145.01 -55.95 -63.68
N ILE X 551 -145.99 -56.61 -63.08
CA ILE X 551 -146.60 -56.12 -61.84
C ILE X 551 -145.59 -56.14 -60.70
N ILE X 552 -144.87 -57.26 -60.53
CA ILE X 552 -143.90 -57.38 -59.45
C ILE X 552 -142.83 -56.30 -59.59
N GLU X 553 -142.43 -56.02 -60.82
CA GLU X 553 -141.59 -54.89 -61.11
C GLU X 553 -142.21 -53.57 -60.65
N GLU X 554 -143.41 -53.21 -61.09
CA GLU X 554 -144.00 -51.94 -60.65
C GLU X 554 -144.07 -51.81 -59.12
N ASP X 555 -144.41 -52.90 -58.43
CA ASP X 555 -144.47 -52.94 -56.99
C ASP X 555 -143.11 -52.80 -56.32
N LYS X 556 -142.13 -53.55 -56.81
CA LYS X 556 -140.75 -53.45 -56.39
C LYS X 556 -140.20 -52.06 -56.63
N ASN X 557 -140.57 -51.45 -57.74
CA ASN X 557 -139.83 -50.33 -58.30
C ASN X 557 -140.50 -48.99 -58.02
N SER X 558 -141.81 -48.86 -58.15
CA SER X 558 -142.52 -47.61 -57.87
C SER X 558 -143.12 -47.58 -56.48
N TYR X 559 -143.76 -48.67 -56.07
CA TYR X 559 -144.53 -48.65 -54.84
C TYR X 559 -143.70 -48.93 -53.59
N THR X 560 -142.75 -49.87 -53.63
CA THR X 560 -141.89 -50.13 -52.48
C THR X 560 -141.18 -48.86 -52.02
N PRO X 561 -140.68 -48.00 -52.93
CA PRO X 561 -140.13 -46.69 -52.56
C PRO X 561 -141.19 -45.67 -52.14
N CYS X 562 -142.31 -45.59 -52.83
CA CYS X 562 -143.38 -44.66 -52.45
C CYS X 562 -143.85 -44.92 -51.01
N LEU X 563 -143.91 -46.19 -50.62
CA LEU X 563 -144.49 -46.68 -49.37
C LEU X 563 -143.46 -47.22 -48.39
N ASN X 564 -142.37 -46.49 -48.28
CA ASN X 564 -141.26 -46.82 -47.42
C ASN X 564 -141.53 -46.65 -45.91
N GLN X 565 -142.67 -46.11 -45.45
CA GLN X 565 -142.89 -45.75 -44.03
C GLN X 565 -142.69 -46.91 -43.06
N PHE X 566 -142.93 -48.14 -43.53
CA PHE X 566 -142.69 -49.36 -42.77
C PHE X 566 -141.78 -50.25 -43.59
N PRO X 567 -140.51 -49.89 -43.77
CA PRO X 567 -139.64 -50.54 -44.76
C PRO X 567 -139.37 -52.00 -44.37
N GLN X 568 -139.15 -52.22 -43.08
CA GLN X 568 -138.98 -53.51 -42.44
C GLN X 568 -140.20 -54.42 -42.59
N GLU X 569 -141.39 -53.84 -42.63
CA GLU X 569 -142.64 -54.57 -42.66
C GLU X 569 -143.29 -54.63 -44.05
N LEU X 570 -142.89 -53.77 -44.98
CA LEU X 570 -143.67 -53.44 -46.17
C LEU X 570 -142.78 -53.29 -47.43
N ASN X 571 -142.06 -54.35 -47.80
CA ASN X 571 -141.49 -54.53 -49.13
C ASN X 571 -142.59 -54.87 -50.14
N VAL X 572 -143.14 -53.87 -50.84
CA VAL X 572 -144.28 -54.06 -51.76
C VAL X 572 -143.92 -55.04 -52.89
N GLY X 573 -142.68 -55.02 -53.38
CA GLY X 573 -142.20 -55.97 -54.38
C GLY X 573 -142.23 -57.43 -53.95
N LYS X 574 -141.83 -57.75 -52.72
CA LYS X 574 -141.91 -59.13 -52.20
C LYS X 574 -143.35 -59.60 -51.97
N ILE X 575 -144.20 -58.74 -51.37
CA ILE X 575 -145.61 -59.08 -51.13
C ILE X 575 -146.30 -59.36 -52.47
N SER X 576 -145.98 -58.55 -53.47
CA SER X 576 -146.39 -58.78 -54.85
C SER X 576 -145.93 -60.15 -55.35
N ALA X 577 -144.63 -60.46 -55.38
CA ALA X 577 -144.13 -61.74 -55.89
C ALA X 577 -144.79 -62.96 -55.23
N GLU X 578 -144.91 -62.96 -53.90
CA GLU X 578 -145.56 -64.06 -53.18
C GLU X 578 -147.04 -64.21 -53.58
N VAL X 579 -147.82 -63.14 -53.45
CA VAL X 579 -149.26 -63.17 -53.70
C VAL X 579 -149.51 -63.68 -55.11
N MET X 580 -148.84 -63.07 -56.08
CA MET X 580 -149.05 -63.36 -57.48
C MET X 580 -148.62 -64.78 -57.86
N TRP X 581 -147.44 -65.24 -57.41
CA TRP X 581 -147.01 -66.61 -57.67
C TRP X 581 -148.00 -67.62 -57.09
N SER X 582 -148.46 -67.39 -55.87
CA SER X 582 -149.29 -68.36 -55.19
C SER X 582 -150.54 -68.62 -56.03
N LEU X 583 -151.19 -67.54 -56.38
CA LEU X 583 -152.40 -67.54 -57.18
C LEU X 583 -152.14 -68.17 -58.56
N PHE X 584 -151.01 -67.81 -59.16
CA PHE X 584 -150.56 -68.42 -60.40
C PHE X 584 -150.39 -69.93 -60.31
N ALA X 585 -149.64 -70.42 -59.33
CA ALA X 585 -149.11 -71.77 -59.35
C ALA X 585 -150.24 -72.78 -59.30
N GLN X 586 -151.28 -72.45 -58.52
CA GLN X 586 -152.53 -73.19 -58.48
C GLN X 586 -153.09 -73.32 -59.90
N ASP X 587 -153.23 -72.19 -60.56
CA ASP X 587 -153.88 -72.12 -61.84
C ASP X 587 -153.07 -72.86 -62.91
N MET X 588 -151.77 -72.66 -62.91
CA MET X 588 -150.85 -73.37 -63.79
C MET X 588 -150.88 -74.88 -63.57
N LYS X 589 -150.83 -75.36 -62.32
CA LYS X 589 -150.88 -76.79 -62.08
C LYS X 589 -152.12 -77.40 -62.75
N TYR X 590 -153.31 -76.81 -62.53
CA TYR X 590 -154.52 -77.35 -63.11
C TYR X 590 -154.47 -77.30 -64.64
N ALA X 591 -153.85 -76.28 -65.19
CA ALA X 591 -153.69 -76.15 -66.62
C ALA X 591 -152.88 -77.28 -67.22
N MET X 592 -151.72 -77.54 -66.64
CA MET X 592 -150.86 -78.62 -67.10
C MET X 592 -151.55 -79.96 -67.00
N GLU X 593 -152.29 -80.21 -65.91
CA GLU X 593 -153.13 -81.40 -65.82
C GLU X 593 -154.18 -81.46 -66.93
N GLU X 594 -154.78 -80.34 -67.30
CA GLU X 594 -155.78 -80.30 -68.34
C GLU X 594 -155.21 -80.57 -69.73
N HIS X 595 -154.11 -79.90 -70.09
CA HIS X 595 -153.34 -80.19 -71.30
C HIS X 595 -153.01 -81.66 -71.40
N ASP X 596 -152.69 -82.30 -70.29
CA ASP X 596 -152.25 -83.67 -70.30
C ASP X 596 -153.34 -84.64 -70.81
N LYS X 597 -154.61 -84.29 -70.59
CA LYS X 597 -155.75 -85.08 -71.06
C LYS X 597 -156.00 -84.92 -72.56
N HIS X 598 -155.49 -83.85 -73.18
CA HIS X 598 -155.86 -83.46 -74.55
C HIS X 598 -154.68 -83.49 -75.52
N ARG X 599 -153.50 -83.05 -75.08
CA ARG X 599 -152.21 -83.09 -75.80
C ARG X 599 -152.28 -82.40 -77.17
N LEU X 600 -152.90 -81.23 -77.21
CA LEU X 600 -153.11 -80.45 -78.44
C LEU X 600 -151.85 -79.65 -78.85
N CYS X 601 -151.16 -79.05 -77.87
CA CYS X 601 -149.81 -78.52 -78.04
C CYS X 601 -148.80 -79.69 -78.17
N LYS X 602 -147.69 -79.51 -78.88
CA LYS X 602 -146.65 -80.54 -79.03
C LYS X 602 -145.87 -80.70 -77.73
N SER X 603 -145.28 -81.87 -77.49
CA SER X 603 -144.34 -82.14 -76.38
C SER X 603 -143.41 -80.94 -76.15
N ALA X 604 -142.72 -80.55 -77.22
CA ALA X 604 -141.82 -79.41 -77.36
C ALA X 604 -142.36 -78.11 -76.74
N ASP X 605 -143.63 -77.79 -76.97
CA ASP X 605 -144.23 -76.55 -76.47
C ASP X 605 -144.23 -76.57 -74.94
N TYR X 606 -144.61 -77.69 -74.34
CA TYR X 606 -144.54 -77.85 -72.89
C TYR X 606 -143.10 -77.82 -72.39
N MET X 607 -142.14 -78.35 -73.15
CA MET X 607 -140.73 -78.24 -72.78
C MET X 607 -140.28 -76.76 -72.79
N ASN X 608 -140.67 -76.00 -73.80
CA ASN X 608 -140.40 -74.56 -73.86
C ASN X 608 -141.03 -73.83 -72.67
N LEU X 609 -142.30 -74.12 -72.41
CA LEU X 609 -143.01 -73.59 -71.26
C LEU X 609 -142.30 -73.97 -69.97
N HIS X 610 -141.82 -75.21 -69.85
CA HIS X 610 -141.06 -75.64 -68.71
C HIS X 610 -139.84 -74.76 -68.52
N PHE X 611 -139.05 -74.45 -69.56
CA PHE X 611 -137.90 -73.57 -69.38
C PHE X 611 -138.31 -72.17 -68.93
N LYS X 612 -139.40 -71.62 -69.47
CA LYS X 612 -139.93 -70.32 -69.03
C LYS X 612 -140.34 -70.35 -67.57
N VAL X 613 -141.06 -71.38 -67.16
CA VAL X 613 -141.55 -71.53 -65.79
C VAL X 613 -140.41 -71.77 -64.84
N LYS X 614 -139.49 -72.65 -65.21
CA LYS X 614 -138.26 -72.93 -64.51
C LYS X 614 -137.54 -71.62 -64.27
N TRP X 615 -137.29 -70.87 -65.34
CA TRP X 615 -136.73 -69.54 -65.22
C TRP X 615 -137.54 -68.68 -64.24
N LEU X 616 -138.85 -68.56 -64.40
CA LEU X 616 -139.66 -67.63 -63.62
C LEU X 616 -139.56 -67.92 -62.14
N TYR X 617 -139.77 -69.18 -61.76
CA TYR X 617 -139.69 -69.59 -60.36
C TYR X 617 -138.29 -69.29 -59.84
N ASN X 618 -137.29 -69.73 -60.60
CA ASN X 618 -135.90 -69.61 -60.22
C ASN X 618 -135.45 -68.14 -60.20
N GLU X 619 -136.16 -67.25 -60.87
CA GLU X 619 -136.02 -65.83 -60.72
C GLU X 619 -136.77 -65.36 -59.47
N TYR X 620 -138.08 -65.15 -59.58
CA TYR X 620 -138.81 -64.38 -58.58
C TYR X 620 -139.06 -65.16 -57.29
N VAL X 621 -139.37 -66.43 -57.42
CA VAL X 621 -140.12 -67.16 -56.40
C VAL X 621 -139.20 -67.88 -55.44
N ALA X 622 -138.20 -68.57 -55.99
CA ALA X 622 -137.31 -69.44 -55.26
C ALA X 622 -136.65 -68.77 -54.05
N GLU X 623 -136.42 -67.46 -54.11
CA GLU X 623 -135.73 -66.71 -53.05
C GLU X 623 -136.65 -66.15 -51.98
N LEU X 624 -137.96 -66.10 -52.23
CA LEU X 624 -138.90 -65.81 -51.15
C LEU X 624 -138.78 -66.96 -50.14
N PRO X 625 -138.65 -66.68 -48.82
CA PRO X 625 -138.37 -67.70 -47.82
C PRO X 625 -139.30 -68.90 -47.94
N THR X 626 -140.58 -68.60 -48.10
CA THR X 626 -141.69 -69.52 -48.31
C THR X 626 -141.39 -70.61 -49.34
N PHE X 627 -140.61 -70.32 -50.39
CA PHE X 627 -140.35 -71.26 -51.49
C PHE X 627 -138.88 -71.63 -51.61
N LYS X 628 -137.99 -70.85 -51.00
CA LYS X 628 -136.64 -71.31 -50.67
C LYS X 628 -136.67 -72.50 -49.73
N ASP X 629 -137.65 -72.51 -48.84
CA ASP X 629 -137.96 -73.63 -47.94
C ASP X 629 -138.26 -74.97 -48.65
N ARG X 630 -138.47 -75.00 -49.98
CA ARG X 630 -139.06 -76.17 -50.68
C ARG X 630 -138.35 -76.61 -51.95
N VAL X 631 -138.36 -77.93 -52.19
CA VAL X 631 -138.21 -78.52 -53.52
C VAL X 631 -139.35 -78.00 -54.39
N PRO X 632 -139.07 -77.38 -55.55
CA PRO X 632 -140.11 -76.81 -56.38
C PRO X 632 -141.05 -77.89 -56.89
N GLU X 633 -142.34 -77.63 -56.82
CA GLU X 633 -143.35 -78.61 -57.19
C GLU X 633 -143.70 -78.57 -58.68
N TYR X 634 -143.45 -77.44 -59.34
CA TYR X 634 -143.71 -77.27 -60.77
C TYR X 634 -143.25 -78.41 -61.70
N PRO X 635 -142.16 -79.16 -61.44
CA PRO X 635 -141.73 -80.20 -62.34
C PRO X 635 -142.76 -81.33 -62.47
N ALA X 636 -143.54 -81.56 -61.42
CA ALA X 636 -144.63 -82.52 -61.48
C ALA X 636 -145.65 -82.16 -62.56
N TRP X 637 -145.79 -80.88 -62.88
CA TRP X 637 -146.69 -80.43 -63.93
C TRP X 637 -146.22 -80.90 -65.30
N PHE X 638 -144.95 -80.66 -65.60
CA PHE X 638 -144.37 -80.92 -66.91
C PHE X 638 -144.04 -82.38 -67.15
N GLU X 639 -143.83 -83.14 -66.08
CA GLU X 639 -143.37 -84.52 -66.16
C GLU X 639 -144.09 -85.41 -67.16
N PRO X 640 -145.42 -85.39 -67.29
CA PRO X 640 -146.10 -86.21 -68.28
C PRO X 640 -145.72 -85.83 -69.70
N PHE X 641 -145.50 -84.54 -69.96
CA PHE X 641 -145.13 -84.02 -71.26
C PHE X 641 -143.70 -84.38 -71.62
N VAL X 642 -142.86 -84.45 -70.60
CA VAL X 642 -141.51 -84.98 -70.73
C VAL X 642 -141.53 -86.46 -71.01
N ILE X 643 -142.40 -87.20 -70.34
CA ILE X 643 -142.55 -88.61 -70.60
C ILE X 643 -143.07 -88.82 -72.02
N GLN X 644 -144.10 -88.07 -72.42
CA GLN X 644 -144.56 -88.05 -73.81
C GLN X 644 -143.41 -87.78 -74.76
N TRP X 645 -142.63 -86.76 -74.47
CA TRP X 645 -141.46 -86.50 -75.25
C TRP X 645 -140.53 -87.72 -75.27
N LEU X 646 -140.22 -88.35 -74.13
CA LEU X 646 -139.41 -89.56 -74.05
C LEU X 646 -139.99 -90.69 -74.87
N ASP X 647 -141.30 -90.73 -75.02
CA ASP X 647 -142.00 -91.72 -75.79
C ASP X 647 -141.81 -91.47 -77.28
N GLU X 648 -142.16 -90.26 -77.72
CA GLU X 648 -141.93 -89.82 -79.09
C GLU X 648 -140.48 -90.09 -79.46
N ASN X 649 -139.59 -89.69 -78.55
CA ASN X 649 -138.17 -89.89 -78.65
C ASN X 649 -137.82 -91.36 -78.79
N GLU X 650 -138.28 -92.24 -77.92
CA GLU X 650 -137.89 -93.64 -78.05
C GLU X 650 -138.33 -94.22 -79.38
N GLU X 651 -139.55 -93.91 -79.82
CA GLU X 651 -140.07 -94.52 -81.02
C GLU X 651 -139.31 -94.04 -82.24
N VAL X 652 -139.11 -92.72 -82.32
CA VAL X 652 -138.18 -92.13 -83.27
C VAL X 652 -136.83 -92.81 -83.19
N SER X 653 -136.29 -93.03 -82.00
CA SER X 653 -134.98 -93.66 -81.80
C SER X 653 -134.99 -95.11 -82.29
N ARG X 654 -136.11 -95.83 -82.21
CA ARG X 654 -136.17 -97.22 -82.61
C ARG X 654 -136.33 -97.32 -84.11
N ASP X 655 -137.08 -96.41 -84.70
CA ASP X 655 -137.13 -96.26 -86.15
C ASP X 655 -135.76 -95.85 -86.73
N PHE X 656 -135.12 -94.88 -86.09
CA PHE X 656 -133.74 -94.48 -86.39
C PHE X 656 -132.80 -95.67 -86.27
N LEU X 657 -132.90 -96.46 -85.20
CA LEU X 657 -132.06 -97.63 -84.96
C LEU X 657 -132.12 -98.59 -86.13
N HIS X 658 -133.33 -98.89 -86.59
CA HIS X 658 -133.52 -99.79 -87.72
C HIS X 658 -132.93 -99.16 -88.97
N GLY X 659 -133.22 -97.88 -89.23
CA GLY X 659 -132.56 -97.17 -90.34
C GLY X 659 -131.03 -97.27 -90.29
N ALA X 660 -130.42 -96.97 -89.15
CA ALA X 660 -128.97 -96.97 -88.98
C ALA X 660 -128.37 -98.36 -89.20
N LEU X 661 -128.95 -99.38 -88.56
CA LEU X 661 -128.57 -100.77 -88.78
C LEU X 661 -128.66 -101.13 -90.25
N GLU X 662 -129.73 -100.71 -90.91
CA GLU X 662 -129.97 -101.05 -92.31
C GLU X 662 -129.00 -100.32 -93.24
N ARG X 663 -128.68 -99.05 -92.97
CA ARG X 663 -127.66 -98.29 -93.71
C ARG X 663 -126.30 -98.93 -93.55
N ASP X 664 -125.97 -99.36 -92.34
CA ASP X 664 -124.75 -100.07 -92.05
C ASP X 664 -124.72 -101.46 -92.73
N LYS X 665 -125.85 -102.18 -92.72
CA LYS X 665 -126.05 -103.44 -93.44
C LYS X 665 -125.87 -103.27 -94.93
N LYS X 666 -126.37 -102.18 -95.47
CA LYS X 666 -126.19 -101.82 -96.87
C LYS X 666 -124.73 -101.52 -97.16
N ASP X 667 -124.05 -100.85 -96.24
CA ASP X 667 -122.61 -100.78 -96.20
C ASP X 667 -121.91 -102.12 -95.81
N GLY X 668 -122.59 -103.26 -95.88
CA GLY X 668 -122.03 -104.58 -95.59
C GLY X 668 -121.41 -104.71 -94.20
N PHE X 669 -121.78 -103.84 -93.25
CA PHE X 669 -121.16 -103.66 -91.94
C PHE X 669 -119.64 -103.50 -91.97
N GLN X 670 -119.10 -102.57 -92.77
CA GLN X 670 -117.67 -102.25 -92.65
C GLN X 670 -117.33 -101.72 -91.24
N GLN X 671 -116.13 -102.05 -90.76
CA GLN X 671 -115.61 -101.40 -89.57
C GLN X 671 -115.40 -99.93 -89.82
N THR X 672 -115.69 -99.13 -88.81
CA THR X 672 -115.66 -97.65 -88.87
C THR X 672 -114.28 -97.14 -89.27
N SER X 673 -113.26 -97.89 -88.90
CA SER X 673 -111.97 -97.93 -89.56
C SER X 673 -111.33 -99.27 -89.22
N GLU X 674 -110.21 -99.61 -89.86
CA GLU X 674 -109.52 -100.88 -89.60
C GLU X 674 -109.02 -101.06 -88.16
N HIS X 675 -109.06 -99.99 -87.37
CA HIS X 675 -108.76 -99.94 -85.95
C HIS X 675 -109.97 -99.51 -85.09
N ALA X 676 -110.99 -98.84 -85.65
CA ALA X 676 -112.30 -98.65 -85.03
C ALA X 676 -113.22 -99.81 -85.43
N LEU X 677 -113.09 -100.90 -84.68
CA LEU X 677 -113.41 -102.27 -85.10
C LEU X 677 -114.91 -102.58 -85.24
N PHE X 678 -115.76 -101.75 -84.65
CA PHE X 678 -117.21 -101.77 -84.82
C PHE X 678 -117.61 -100.97 -86.05
N SER X 679 -118.82 -101.15 -86.55
CA SER X 679 -119.40 -100.40 -87.64
C SER X 679 -120.24 -99.21 -87.16
N CYS X 680 -120.52 -98.30 -88.11
CA CYS X 680 -120.95 -96.93 -87.83
C CYS X 680 -122.26 -96.82 -87.06
N SER X 681 -123.18 -97.75 -87.26
CA SER X 681 -124.49 -97.74 -86.60
C SER X 681 -124.34 -97.65 -85.08
N VAL X 682 -123.31 -98.26 -84.51
CA VAL X 682 -123.05 -98.17 -83.08
C VAL X 682 -122.90 -96.72 -82.63
N VAL X 683 -122.12 -96.00 -83.41
CA VAL X 683 -121.79 -94.60 -83.21
C VAL X 683 -123.05 -93.76 -83.35
N ASP X 684 -123.77 -93.95 -84.44
CA ASP X 684 -125.00 -93.23 -84.75
C ASP X 684 -125.98 -93.36 -83.60
N VAL X 685 -126.13 -94.57 -83.12
CA VAL X 685 -127.03 -94.89 -82.03
C VAL X 685 -126.59 -94.19 -80.78
N PHE X 686 -125.33 -94.31 -80.37
CA PHE X 686 -124.90 -93.58 -79.20
C PHE X 686 -125.03 -92.09 -79.39
N SER X 687 -124.73 -91.55 -80.56
CA SER X 687 -124.97 -90.16 -80.87
C SER X 687 -126.42 -89.80 -80.62
N GLN X 688 -127.34 -90.55 -81.20
CA GLN X 688 -128.75 -90.30 -81.03
C GLN X 688 -129.14 -90.34 -79.55
N LEU X 689 -128.73 -91.39 -78.87
CA LEU X 689 -129.05 -91.61 -77.46
C LEU X 689 -128.53 -90.46 -76.62
N ASN X 690 -127.36 -89.95 -76.95
CA ASN X 690 -126.83 -88.81 -76.24
C ASN X 690 -127.60 -87.54 -76.60
N GLN X 691 -127.89 -87.26 -77.87
CA GLN X 691 -128.74 -86.09 -78.22
C GLN X 691 -130.02 -86.10 -77.41
N SER X 692 -130.63 -87.29 -77.35
CA SER X 692 -131.82 -87.57 -76.59
C SER X 692 -131.61 -87.34 -75.10
N PHE X 693 -130.60 -87.98 -74.51
CA PHE X 693 -130.35 -87.85 -73.09
C PHE X 693 -130.16 -86.40 -72.70
N GLU X 694 -129.46 -85.65 -73.55
CA GLU X 694 -129.16 -84.28 -73.24
C GLU X 694 -130.41 -83.42 -73.25
N ILE X 695 -131.36 -83.70 -74.14
CA ILE X 695 -132.67 -83.03 -74.09
C ILE X 695 -133.33 -83.22 -72.74
N ILE X 696 -133.23 -84.42 -72.16
CA ILE X 696 -133.70 -84.64 -70.78
C ILE X 696 -132.85 -83.82 -69.83
N LYS X 697 -131.54 -83.97 -69.93
CA LYS X 697 -130.63 -83.47 -68.93
C LYS X 697 -130.76 -81.96 -68.78
N LYS X 698 -130.94 -81.26 -69.91
CA LYS X 698 -131.24 -79.84 -70.06
C LYS X 698 -132.46 -79.33 -69.30
N LEU X 699 -133.27 -80.20 -68.73
CA LEU X 699 -134.36 -79.79 -67.86
C LEU X 699 -133.89 -79.60 -66.42
N GLU X 700 -132.88 -80.34 -65.96
CA GLU X 700 -132.36 -80.33 -64.59
C GLU X 700 -133.45 -80.29 -63.52
N CYS X 701 -134.44 -81.17 -63.66
CA CYS X 701 -135.61 -81.19 -62.79
C CYS X 701 -135.19 -81.25 -61.30
N PRO X 702 -135.58 -80.26 -60.48
CA PRO X 702 -135.18 -80.20 -59.07
C PRO X 702 -135.89 -81.23 -58.18
N ASP X 703 -136.90 -81.93 -58.70
CA ASP X 703 -137.47 -83.10 -58.06
C ASP X 703 -136.76 -84.38 -58.56
N PRO X 704 -135.86 -84.97 -57.75
CA PRO X 704 -135.04 -86.09 -58.19
C PRO X 704 -135.84 -87.39 -58.38
N GLN X 705 -137.07 -87.46 -57.89
CA GLN X 705 -137.89 -88.64 -58.08
C GLN X 705 -138.57 -88.58 -59.43
N ILE X 706 -139.03 -87.40 -59.82
CA ILE X 706 -139.46 -87.11 -61.18
C ILE X 706 -138.32 -87.33 -62.16
N VAL X 707 -137.11 -86.88 -61.80
CA VAL X 707 -135.91 -87.27 -62.56
C VAL X 707 -135.78 -88.78 -62.60
N GLY X 708 -135.87 -89.44 -61.46
CA GLY X 708 -135.74 -90.88 -61.38
C GLY X 708 -136.73 -91.55 -62.32
N HIS X 709 -137.93 -91.01 -62.45
CA HIS X 709 -138.94 -91.48 -63.37
C HIS X 709 -138.50 -91.34 -64.81
N TYR X 710 -138.03 -90.17 -65.21
CA TYR X 710 -137.43 -90.01 -66.54
C TYR X 710 -136.34 -91.04 -66.78
N MET X 711 -135.50 -91.28 -65.78
CA MET X 711 -134.37 -92.20 -65.91
C MET X 711 -134.83 -93.64 -65.99
N ARG X 712 -135.86 -94.01 -65.26
CA ARG X 712 -136.48 -95.32 -65.35
C ARG X 712 -137.06 -95.50 -66.75
N ARG X 713 -137.90 -94.55 -67.18
CA ARG X 713 -138.47 -94.45 -68.52
C ARG X 713 -137.39 -94.59 -69.58
N PHE X 714 -136.31 -93.85 -69.46
CA PHE X 714 -135.27 -93.82 -70.46
C PHE X 714 -134.39 -95.05 -70.39
N ALA X 715 -134.10 -95.59 -69.22
CA ALA X 715 -133.31 -96.80 -69.09
C ALA X 715 -134.01 -97.96 -69.79
N LYS X 716 -135.34 -97.93 -69.78
CA LYS X 716 -136.14 -98.79 -70.61
C LYS X 716 -135.89 -98.49 -72.06
N THR X 717 -136.06 -97.24 -72.52
CA THR X 717 -135.73 -96.86 -73.90
C THR X 717 -134.43 -97.46 -74.35
N ILE X 718 -133.40 -97.21 -73.58
CA ILE X 718 -132.05 -97.67 -73.81
C ILE X 718 -132.04 -99.19 -73.88
N SER X 719 -132.56 -99.85 -72.87
CA SER X 719 -132.62 -101.29 -72.86
C SER X 719 -133.28 -101.83 -74.12
N ASN X 720 -134.42 -101.26 -74.47
CA ASN X 720 -135.20 -101.69 -75.59
C ASN X 720 -134.44 -101.50 -76.90
N VAL X 721 -133.99 -100.27 -77.15
CA VAL X 721 -133.19 -99.91 -78.30
C VAL X 721 -131.98 -100.82 -78.42
N LEU X 722 -131.25 -101.03 -77.33
CA LEU X 722 -129.98 -101.74 -77.40
C LEU X 722 -130.18 -103.22 -77.54
N LEU X 723 -131.18 -103.78 -76.88
CA LEU X 723 -131.46 -105.19 -77.08
C LEU X 723 -131.97 -105.41 -78.48
N GLN X 724 -132.78 -104.51 -78.99
CA GLN X 724 -133.23 -104.53 -80.37
C GLN X 724 -132.07 -104.43 -81.35
N TYR X 725 -131.08 -103.59 -81.09
CA TYR X 725 -129.84 -103.64 -81.85
C TYR X 725 -129.19 -105.02 -81.75
N ALA X 726 -128.90 -105.46 -80.52
CA ALA X 726 -128.12 -106.65 -80.24
C ALA X 726 -128.78 -107.87 -80.84
N ASP X 727 -130.08 -107.88 -80.81
CA ASP X 727 -130.94 -108.81 -81.47
C ASP X 727 -130.80 -108.73 -82.98
N ILE X 728 -131.03 -107.56 -83.59
CA ILE X 728 -130.94 -107.39 -85.04
C ILE X 728 -129.57 -107.86 -85.55
N VAL X 729 -128.53 -107.58 -84.77
CA VAL X 729 -127.22 -108.18 -84.96
C VAL X 729 -127.26 -109.69 -84.82
N SER X 730 -127.65 -110.22 -83.66
CA SER X 730 -127.61 -111.65 -83.35
C SER X 730 -128.33 -112.49 -84.39
N LYS X 731 -129.39 -111.93 -84.94
CA LYS X 731 -130.18 -112.50 -86.02
C LYS X 731 -129.33 -112.65 -87.27
N ASP X 732 -128.79 -111.54 -87.75
CA ASP X 732 -127.97 -111.55 -88.96
C ASP X 732 -126.66 -112.30 -88.79
N PHE X 733 -126.20 -112.41 -87.55
CA PHE X 733 -124.87 -112.86 -87.20
C PHE X 733 -124.45 -114.18 -87.85
N ALA X 734 -125.27 -115.21 -87.73
CA ALA X 734 -125.00 -116.51 -88.30
C ALA X 734 -124.88 -116.46 -89.84
N SER X 735 -125.70 -115.66 -90.51
CA SER X 735 -125.60 -115.47 -91.96
C SER X 735 -124.23 -114.91 -92.35
N TYR X 736 -123.66 -114.08 -91.47
CA TYR X 736 -122.34 -113.53 -91.65
C TYR X 736 -121.22 -114.48 -91.23
N CYS X 737 -121.51 -115.47 -90.40
CA CYS X 737 -120.50 -116.41 -89.89
C CYS X 737 -119.87 -117.31 -90.95
N SER X 738 -120.37 -117.31 -92.17
CA SER X 738 -119.73 -118.05 -93.24
C SER X 738 -118.27 -117.59 -93.44
N LYS X 739 -117.39 -118.52 -93.80
CA LYS X 739 -115.92 -118.49 -93.67
C LYS X 739 -115.15 -117.48 -94.57
N GLU X 740 -115.82 -116.45 -95.06
CA GLU X 740 -115.33 -115.52 -96.09
C GLU X 740 -115.76 -114.09 -95.78
N LYS X 741 -116.99 -113.91 -95.29
CA LYS X 741 -117.43 -112.65 -94.69
C LYS X 741 -116.88 -112.45 -93.28
N GLU X 742 -115.91 -113.24 -92.83
CA GLU X 742 -115.40 -113.31 -91.45
C GLU X 742 -115.15 -111.95 -90.80
N LYS X 743 -114.73 -110.95 -91.57
CA LYS X 743 -114.65 -109.56 -91.10
C LYS X 743 -115.94 -109.10 -90.43
N VAL X 744 -117.08 -109.36 -91.07
CA VAL X 744 -118.38 -108.90 -90.61
C VAL X 744 -118.75 -109.47 -89.23
N PRO X 745 -118.75 -110.79 -88.95
CA PRO X 745 -119.00 -111.26 -87.59
C PRO X 745 -118.04 -110.69 -86.54
N CYS X 746 -116.76 -110.50 -86.88
CA CYS X 746 -115.85 -109.80 -85.99
C CYS X 746 -116.41 -108.41 -85.65
N ILE X 747 -116.71 -107.63 -86.68
CA ILE X 747 -117.21 -106.27 -86.57
C ILE X 747 -118.51 -106.22 -85.78
N LEU X 748 -119.44 -107.13 -86.04
CA LEU X 748 -120.69 -107.25 -85.29
C LEU X 748 -120.44 -107.56 -83.80
N MET X 749 -119.54 -108.48 -83.48
CA MET X 749 -119.16 -108.72 -82.09
C MET X 749 -118.49 -107.47 -81.49
N ASN X 750 -117.67 -106.76 -82.27
CA ASN X 750 -117.11 -105.49 -81.84
C ASN X 750 -118.19 -104.43 -81.67
N ASN X 751 -119.24 -104.42 -82.47
CA ASN X 751 -120.35 -103.52 -82.29
C ASN X 751 -120.96 -103.76 -80.94
N THR X 752 -121.27 -105.02 -80.68
CA THR X 752 -121.92 -105.51 -79.46
C THR X 752 -121.10 -105.09 -78.25
N GLN X 753 -119.81 -105.41 -78.28
CA GLN X 753 -118.90 -105.01 -77.24
C GLN X 753 -118.78 -103.49 -77.15
N GLN X 754 -118.77 -102.80 -78.28
CA GLN X 754 -118.76 -101.36 -78.30
C GLN X 754 -120.04 -100.77 -77.71
N LEU X 755 -121.20 -101.42 -77.91
CA LEU X 755 -122.42 -101.06 -77.20
C LEU X 755 -122.13 -101.11 -75.74
N ARG X 756 -121.69 -102.26 -75.21
CA ARG X 756 -121.44 -102.43 -73.79
C ARG X 756 -120.54 -101.30 -73.28
N VAL X 757 -119.45 -101.09 -73.99
CA VAL X 757 -118.47 -100.07 -73.67
C VAL X 757 -119.12 -98.69 -73.60
N GLN X 758 -119.81 -98.26 -74.65
CA GLN X 758 -120.46 -96.96 -74.62
C GLN X 758 -121.65 -96.91 -73.67
N LEU X 759 -122.29 -98.03 -73.42
CA LEU X 759 -123.38 -98.14 -72.48
C LEU X 759 -122.83 -97.83 -71.10
N GLU X 760 -121.69 -98.40 -70.71
CA GLU X 760 -121.04 -98.05 -69.45
C GLU X 760 -120.85 -96.53 -69.39
N LYS X 761 -120.36 -95.91 -70.47
CA LYS X 761 -120.19 -94.46 -70.57
C LYS X 761 -121.50 -93.72 -70.40
N MET X 762 -122.55 -94.09 -71.13
CA MET X 762 -123.85 -93.44 -71.05
C MET X 762 -124.48 -93.61 -69.67
N PHE X 763 -124.32 -94.78 -69.07
CA PHE X 763 -124.74 -95.05 -67.71
C PHE X 763 -124.03 -94.07 -66.76
N GLU X 764 -122.71 -93.92 -66.89
CA GLU X 764 -122.03 -92.85 -66.17
C GLU X 764 -122.60 -91.47 -66.49
N ALA X 765 -122.87 -91.18 -67.76
CA ALA X 765 -123.40 -89.90 -68.20
C ALA X 765 -124.75 -89.60 -67.55
N MET X 766 -125.59 -90.61 -67.40
CA MET X 766 -126.84 -90.59 -66.63
C MET X 766 -126.62 -90.47 -65.13
N GLY X 767 -125.39 -90.26 -64.67
CA GLY X 767 -125.05 -90.17 -63.27
C GLY X 767 -124.80 -91.55 -62.68
N GLY X 768 -124.18 -92.45 -63.45
CA GLY X 768 -123.53 -93.66 -62.99
C GLY X 768 -124.11 -94.33 -61.76
N LYS X 769 -123.31 -94.49 -60.71
CA LYS X 769 -123.73 -95.17 -59.47
C LYS X 769 -124.65 -94.32 -58.61
N GLU X 770 -124.74 -93.04 -58.93
CA GLU X 770 -125.70 -92.09 -58.37
C GLU X 770 -127.12 -92.29 -58.94
N LEU X 771 -127.24 -93.01 -60.07
CA LEU X 771 -128.48 -93.23 -60.82
C LEU X 771 -129.58 -93.88 -59.96
N ASP X 772 -130.83 -93.56 -60.29
CA ASP X 772 -131.99 -94.28 -59.78
C ASP X 772 -131.79 -95.79 -59.82
N ALA X 773 -132.05 -96.45 -58.71
CA ALA X 773 -131.72 -97.86 -58.55
C ALA X 773 -132.41 -98.78 -59.57
N GLU X 774 -133.52 -98.37 -60.18
CA GLU X 774 -134.30 -99.20 -61.10
C GLU X 774 -133.98 -98.91 -62.56
N ALA X 775 -133.73 -97.66 -62.88
CA ALA X 775 -133.00 -97.32 -64.09
C ALA X 775 -131.66 -98.08 -64.09
N SER X 776 -130.93 -98.03 -62.99
CA SER X 776 -129.69 -98.76 -62.80
C SER X 776 -129.93 -100.28 -62.92
N GLY X 777 -130.90 -100.84 -62.20
CA GLY X 777 -131.32 -102.24 -62.34
C GLY X 777 -131.50 -102.63 -63.80
N THR X 778 -132.23 -101.79 -64.55
CA THR X 778 -132.48 -101.97 -65.98
C THR X 778 -131.19 -102.01 -66.77
N LEU X 779 -130.34 -101.01 -66.60
CA LEU X 779 -129.11 -100.97 -67.35
C LEU X 779 -128.13 -102.08 -66.96
N LYS X 780 -128.17 -102.56 -65.71
CA LYS X 780 -127.37 -103.72 -65.28
C LYS X 780 -127.87 -105.01 -65.93
N GLU X 781 -129.18 -105.23 -65.87
CA GLU X 781 -129.86 -106.29 -66.61
C GLU X 781 -129.46 -106.28 -68.08
N LEU X 782 -129.52 -105.09 -68.67
CA LEU X 782 -129.23 -104.89 -70.06
C LEU X 782 -127.81 -105.33 -70.37
N GLN X 783 -126.85 -104.82 -69.61
CA GLN X 783 -125.43 -105.15 -69.76
C GLN X 783 -125.20 -106.67 -69.61
N VAL X 784 -125.84 -107.34 -68.65
CA VAL X 784 -125.74 -108.80 -68.51
C VAL X 784 -126.25 -109.52 -69.75
N LYS X 785 -127.40 -109.11 -70.27
CA LYS X 785 -127.93 -109.71 -71.50
C LYS X 785 -127.01 -109.48 -72.68
N LEU X 786 -126.52 -108.26 -72.86
CA LEU X 786 -125.55 -107.93 -73.91
C LEU X 786 -124.30 -108.81 -73.77
N ASN X 787 -123.82 -109.06 -72.56
CA ASN X 787 -122.72 -110.00 -72.35
C ASN X 787 -123.07 -111.41 -72.84
N ASN X 788 -124.24 -111.90 -72.45
CA ASN X 788 -124.63 -113.26 -72.78
C ASN X 788 -124.84 -113.39 -74.29
N VAL X 789 -125.44 -112.38 -74.94
CA VAL X 789 -125.49 -112.27 -76.39
C VAL X 789 -124.09 -112.46 -76.96
N LEU X 790 -123.09 -111.71 -76.47
CA LEU X 790 -121.73 -111.76 -77.01
C LEU X 790 -121.07 -113.14 -76.87
N ASP X 791 -121.34 -113.87 -75.79
CA ASP X 791 -120.92 -115.26 -75.70
C ASP X 791 -121.52 -116.09 -76.82
N GLU X 792 -122.82 -115.98 -77.05
CA GLU X 792 -123.47 -116.81 -78.04
C GLU X 792 -123.00 -116.45 -79.46
N LEU X 793 -122.78 -115.18 -79.74
CA LEU X 793 -122.16 -114.78 -81.00
C LEU X 793 -120.76 -115.38 -81.13
N SER X 794 -119.90 -115.29 -80.11
CA SER X 794 -118.56 -115.88 -80.17
C SER X 794 -118.61 -117.38 -80.46
N HIS X 795 -119.59 -118.06 -79.88
CA HIS X 795 -119.81 -119.47 -80.06
C HIS X 795 -120.27 -119.76 -81.48
N VAL X 796 -121.37 -119.13 -81.91
CA VAL X 796 -121.93 -119.27 -83.24
C VAL X 796 -120.85 -119.00 -84.29
N PHE X 797 -120.01 -117.99 -84.05
CA PHE X 797 -118.91 -117.68 -84.92
C PHE X 797 -117.88 -118.80 -84.96
N ALA X 798 -117.29 -119.15 -83.82
CA ALA X 798 -116.29 -120.21 -83.73
C ALA X 798 -116.78 -121.53 -84.34
N THR X 799 -118.07 -121.79 -84.19
CA THR X 799 -118.74 -122.95 -84.72
C THR X 799 -118.72 -123.01 -86.24
N SER X 800 -118.85 -121.90 -86.98
CA SER X 800 -118.87 -121.99 -88.44
C SER X 800 -117.53 -122.46 -89.04
N PHE X 801 -116.44 -122.35 -88.28
CA PHE X 801 -115.12 -122.88 -88.64
C PHE X 801 -114.94 -124.33 -88.26
N GLN X 802 -115.77 -124.84 -87.34
CA GLN X 802 -115.70 -126.20 -86.85
C GLN X 802 -115.53 -127.25 -87.96
N PRO X 803 -116.25 -127.18 -89.09
CA PRO X 803 -116.09 -128.19 -90.14
C PRO X 803 -114.70 -128.14 -90.74
N HIS X 804 -114.20 -126.93 -90.97
CA HIS X 804 -112.87 -126.72 -91.47
C HIS X 804 -111.82 -127.21 -90.48
N ILE X 805 -112.04 -126.93 -89.20
CA ILE X 805 -111.18 -127.36 -88.12
C ILE X 805 -111.14 -128.88 -88.08
N GLU X 806 -112.29 -129.53 -88.03
CA GLU X 806 -112.41 -130.98 -88.02
C GLU X 806 -111.77 -131.63 -89.24
N GLU X 807 -111.98 -131.02 -90.41
CA GLU X 807 -111.37 -131.45 -91.64
C GLU X 807 -109.85 -131.39 -91.53
N CYS X 808 -109.31 -130.21 -91.24
CA CYS X 808 -107.90 -130.00 -91.06
C CYS X 808 -107.34 -130.99 -90.04
N VAL X 809 -107.98 -131.12 -88.87
CA VAL X 809 -107.53 -132.01 -87.80
C VAL X 809 -107.54 -133.46 -88.28
N ARG X 810 -108.53 -133.88 -89.05
CA ARG X 810 -108.52 -135.21 -89.63
C ARG X 810 -107.33 -135.36 -90.56
N GLN X 811 -107.01 -134.37 -91.40
CA GLN X 811 -105.81 -134.43 -92.23
C GLN X 811 -104.55 -134.48 -91.37
N MET X 812 -104.49 -133.72 -90.29
CA MET X 812 -103.35 -133.76 -89.40
C MET X 812 -103.23 -135.17 -88.79
N GLY X 813 -104.35 -135.79 -88.43
CA GLY X 813 -104.42 -137.17 -87.99
C GLY X 813 -103.94 -138.15 -89.06
N ASP X 814 -104.36 -137.94 -90.29
CA ASP X 814 -103.86 -138.69 -91.44
C ASP X 814 -102.35 -138.55 -91.59
N ILE X 815 -101.84 -137.32 -91.52
CA ILE X 815 -100.40 -137.05 -91.61
C ILE X 815 -99.67 -137.69 -90.43
N LEU X 816 -100.22 -137.64 -89.22
CA LEU X 816 -99.60 -138.25 -88.04
C LEU X 816 -99.53 -139.76 -88.20
N SER X 817 -100.51 -140.42 -88.81
CA SER X 817 -100.51 -141.88 -88.97
C SER X 817 -99.32 -142.42 -89.79
N GLN X 818 -98.60 -141.54 -90.50
CA GLN X 818 -97.37 -141.88 -91.20
C GLN X 818 -96.18 -141.97 -90.22
N VAL X 819 -96.20 -141.12 -89.19
CA VAL X 819 -95.37 -141.26 -87.98
C VAL X 819 -95.87 -142.46 -87.18
N LYS X 820 -94.97 -143.30 -86.69
CA LYS X 820 -95.33 -144.33 -85.70
C LYS X 820 -94.35 -144.26 -84.54
N GLY X 821 -94.18 -145.34 -83.77
CA GLY X 821 -93.25 -145.32 -82.65
C GLY X 821 -91.80 -145.41 -83.10
N THR X 822 -91.21 -144.28 -83.52
CA THR X 822 -90.08 -144.33 -84.47
C THR X 822 -88.70 -144.58 -83.86
N GLY X 823 -88.62 -144.99 -82.59
CA GLY X 823 -87.50 -145.84 -82.16
C GLY X 823 -87.53 -147.24 -82.80
N ASN X 824 -88.69 -147.66 -83.30
CA ASN X 824 -88.96 -148.90 -84.02
C ASN X 824 -89.31 -148.67 -85.52
N VAL X 825 -88.90 -147.55 -86.16
CA VAL X 825 -89.24 -147.19 -87.57
C VAL X 825 -88.11 -146.38 -88.28
N PRO X 826 -87.94 -146.46 -89.61
CA PRO X 826 -86.94 -145.71 -90.40
C PRO X 826 -87.03 -144.17 -90.34
N ALA X 827 -85.94 -143.50 -90.72
CA ALA X 827 -85.66 -142.06 -90.62
C ALA X 827 -86.58 -141.09 -91.38
N SER X 828 -87.50 -141.56 -92.22
CA SER X 828 -88.56 -140.72 -92.81
C SER X 828 -89.74 -140.48 -91.86
N ALA X 829 -89.92 -141.36 -90.88
CA ALA X 829 -90.87 -141.21 -89.79
C ALA X 829 -90.15 -141.12 -88.43
N CYS X 830 -88.91 -141.61 -88.28
CA CYS X 830 -87.95 -141.07 -87.31
C CYS X 830 -87.30 -139.75 -87.82
N SER X 831 -87.93 -139.16 -88.84
CA SER X 831 -87.94 -137.72 -89.16
C SER X 831 -88.08 -136.96 -87.85
N SER X 832 -87.42 -135.81 -87.72
CA SER X 832 -87.34 -135.16 -86.41
C SER X 832 -88.73 -134.88 -85.87
N VAL X 833 -88.81 -134.83 -84.55
CA VAL X 833 -90.05 -134.51 -83.84
C VAL X 833 -90.68 -133.22 -84.40
N ALA X 834 -89.84 -132.24 -84.75
CA ALA X 834 -90.23 -130.99 -85.39
C ALA X 834 -90.77 -131.17 -86.82
N GLN X 835 -90.05 -131.86 -87.71
CA GLN X 835 -90.51 -132.06 -89.10
C GLN X 835 -91.85 -132.79 -89.15
N ASP X 836 -91.97 -133.87 -88.38
CA ASP X 836 -93.24 -134.55 -88.23
C ASP X 836 -94.32 -133.61 -87.69
N ALA X 837 -94.05 -132.85 -86.63
CA ALA X 837 -95.02 -131.92 -86.08
C ALA X 837 -95.43 -130.89 -87.13
N ASP X 838 -94.50 -130.35 -87.90
CA ASP X 838 -94.78 -129.39 -88.96
C ASP X 838 -95.66 -130.00 -90.05
N ASN X 839 -95.29 -131.20 -90.54
CA ASN X 839 -96.07 -131.90 -91.55
C ASN X 839 -97.49 -132.06 -91.06
N VAL X 840 -97.60 -132.65 -89.87
CA VAL X 840 -98.84 -132.88 -89.17
C VAL X 840 -99.61 -131.58 -89.06
N LEU X 841 -99.01 -130.54 -88.50
CA LEU X 841 -99.59 -129.22 -88.20
C LEU X 841 -100.07 -128.50 -89.44
N GLN X 842 -99.53 -128.82 -90.61
CA GLN X 842 -99.63 -127.86 -91.67
C GLN X 842 -101.07 -127.51 -92.09
N PRO X 843 -101.99 -128.48 -92.22
CA PRO X 843 -103.38 -128.19 -92.55
C PRO X 843 -104.03 -127.15 -91.65
N ILE X 844 -103.69 -127.12 -90.36
CA ILE X 844 -104.28 -126.14 -89.45
C ILE X 844 -103.46 -124.85 -89.40
N MET X 845 -102.14 -124.88 -89.47
CA MET X 845 -101.35 -123.66 -89.28
C MET X 845 -101.66 -122.63 -90.35
N ASP X 846 -101.94 -123.10 -91.56
CA ASP X 846 -102.39 -122.27 -92.66
C ASP X 846 -103.66 -121.51 -92.29
N LEU X 847 -104.70 -122.26 -91.89
CA LEU X 847 -105.98 -121.74 -91.45
C LEU X 847 -105.75 -120.77 -90.29
N LEU X 848 -105.03 -121.22 -89.27
CA LEU X 848 -104.79 -120.49 -88.04
C LEU X 848 -104.14 -119.17 -88.32
N ASP X 849 -103.00 -119.18 -88.98
CA ASP X 849 -102.14 -118.01 -88.96
C ASP X 849 -102.87 -116.85 -89.59
N SER X 850 -103.40 -117.11 -90.78
CA SER X 850 -104.21 -116.18 -91.52
C SER X 850 -105.36 -115.67 -90.67
N ASN X 851 -106.18 -116.57 -90.16
CA ASN X 851 -107.39 -116.18 -89.48
C ASN X 851 -107.09 -115.50 -88.15
N LEU X 852 -106.23 -116.06 -87.31
CA LEU X 852 -105.88 -115.45 -86.04
C LEU X 852 -105.24 -114.10 -86.27
N THR X 853 -104.42 -113.94 -87.29
CA THR X 853 -103.87 -112.62 -87.57
C THR X 853 -104.95 -111.66 -88.00
N LEU X 854 -105.81 -112.06 -88.94
CA LEU X 854 -106.94 -111.25 -89.37
C LEU X 854 -107.80 -110.86 -88.17
N PHE X 855 -108.17 -111.82 -87.33
CA PHE X 855 -109.00 -111.61 -86.15
C PHE X 855 -108.28 -110.77 -85.11
N ALA X 856 -106.99 -110.98 -84.89
CA ALA X 856 -106.22 -110.13 -84.00
C ALA X 856 -106.18 -108.68 -84.48
N LYS X 857 -106.09 -108.47 -85.79
CA LYS X 857 -106.21 -107.13 -86.38
C LYS X 857 -107.62 -106.56 -86.15
N ILE X 858 -108.67 -107.34 -86.39
CA ILE X 858 -110.04 -106.81 -86.55
C ILE X 858 -111.04 -107.09 -85.42
N CYS X 859 -110.72 -107.88 -84.39
CA CYS X 859 -111.58 -108.13 -83.22
C CYS X 859 -111.12 -107.34 -82.01
N GLU X 860 -112.08 -106.78 -81.28
CA GLU X 860 -111.85 -106.22 -79.96
C GLU X 860 -111.45 -107.32 -78.98
N LYS X 861 -110.65 -107.03 -77.96
CA LYS X 861 -109.95 -108.10 -77.23
C LYS X 861 -110.92 -109.01 -76.47
N THR X 862 -111.93 -108.42 -75.84
CA THR X 862 -113.12 -109.10 -75.30
C THR X 862 -113.72 -110.09 -76.31
N VAL X 863 -114.00 -109.59 -77.51
CA VAL X 863 -114.56 -110.36 -78.61
C VAL X 863 -113.64 -111.52 -78.95
N LEU X 864 -112.40 -111.19 -79.24
CA LEU X 864 -111.36 -112.10 -79.67
C LEU X 864 -111.18 -113.21 -78.65
N LYS X 865 -111.13 -112.88 -77.36
CA LYS X 865 -110.85 -113.87 -76.33
C LYS X 865 -111.94 -114.90 -76.30
N ARG X 866 -113.18 -114.45 -76.39
CA ARG X 866 -114.36 -115.33 -76.44
C ARG X 866 -114.29 -116.21 -77.67
N VAL X 867 -114.05 -115.59 -78.82
CA VAL X 867 -113.88 -116.31 -80.09
C VAL X 867 -112.81 -117.38 -79.94
N LEU X 868 -111.66 -117.00 -79.42
CA LEU X 868 -110.53 -117.88 -79.25
C LEU X 868 -110.81 -118.98 -78.26
N LYS X 869 -111.49 -118.71 -77.14
CA LYS X 869 -111.80 -119.77 -76.18
C LYS X 869 -112.66 -120.83 -76.82
N GLU X 870 -113.69 -120.36 -77.52
CA GLU X 870 -114.61 -121.21 -78.26
C GLU X 870 -113.87 -122.05 -79.28
N LEU X 871 -113.03 -121.41 -80.08
CA LEU X 871 -112.18 -122.08 -81.03
C LEU X 871 -111.23 -123.05 -80.34
N TRP X 872 -110.61 -122.65 -79.25
CA TRP X 872 -109.59 -123.40 -78.54
C TRP X 872 -110.14 -124.71 -78.04
N LYS X 873 -111.25 -124.62 -77.33
CA LYS X 873 -112.04 -125.75 -76.88
C LYS X 873 -112.32 -126.65 -78.06
N LEU X 874 -112.92 -126.08 -79.10
CA LEU X 874 -113.30 -126.81 -80.30
C LEU X 874 -112.09 -127.55 -80.86
N VAL X 875 -110.97 -126.86 -81.04
CA VAL X 875 -109.74 -127.41 -81.56
C VAL X 875 -109.25 -128.54 -80.68
N MET X 876 -108.99 -128.26 -79.40
CA MET X 876 -108.53 -129.22 -78.42
C MET X 876 -109.34 -130.51 -78.45
N ASN X 877 -110.64 -130.35 -78.37
CA ASN X 877 -111.56 -131.46 -78.39
C ASN X 877 -111.46 -132.22 -79.71
N THR X 878 -111.39 -131.48 -80.82
CA THR X 878 -111.25 -132.05 -82.14
C THR X 878 -110.00 -132.89 -82.21
N MET X 879 -108.87 -132.39 -81.77
CA MET X 879 -107.63 -133.17 -81.78
C MET X 879 -107.72 -134.37 -80.87
N GLU X 880 -108.27 -134.17 -79.67
CA GLU X 880 -108.35 -135.23 -78.72
C GLU X 880 -109.13 -136.40 -79.26
N ARG X 881 -110.27 -136.11 -79.86
CA ARG X 881 -111.10 -137.05 -80.60
C ARG X 881 -110.34 -137.56 -81.82
N THR X 882 -110.21 -136.72 -82.83
CA THR X 882 -109.76 -137.02 -84.18
C THR X 882 -108.32 -137.48 -84.27
N ILE X 883 -107.52 -137.33 -83.22
CA ILE X 883 -106.09 -137.66 -83.26
C ILE X 883 -105.64 -138.48 -82.07
N VAL X 884 -106.06 -138.17 -80.85
CA VAL X 884 -105.49 -138.89 -79.68
C VAL X 884 -106.34 -140.07 -79.28
N LEU X 885 -107.63 -140.01 -79.51
CA LEU X 885 -108.48 -141.17 -79.46
C LEU X 885 -109.01 -141.40 -80.87
N PRO X 886 -108.09 -141.49 -81.85
CA PRO X 886 -108.37 -141.16 -83.23
C PRO X 886 -109.27 -142.17 -83.90
N PRO X 887 -109.87 -141.80 -85.03
CA PRO X 887 -110.34 -142.75 -86.02
C PRO X 887 -109.18 -143.65 -86.49
N GLU X 888 -107.97 -143.11 -86.71
CA GLU X 888 -106.74 -143.88 -86.97
C GLU X 888 -106.18 -144.68 -85.76
N PHE X 889 -107.06 -145.17 -84.86
CA PHE X 889 -106.76 -146.29 -83.97
C PHE X 889 -108.01 -147.12 -83.62
N LEU X 890 -108.95 -146.61 -82.81
CA LEU X 890 -109.96 -147.50 -82.21
C LEU X 890 -110.99 -148.01 -83.21
N SER X 891 -111.31 -147.20 -84.23
CA SER X 891 -112.17 -147.63 -85.35
C SER X 891 -111.56 -148.78 -86.19
N LYS X 892 -110.28 -149.12 -85.96
CA LYS X 892 -109.68 -150.38 -86.42
C LYS X 892 -109.77 -151.49 -85.39
N LEU X 893 -109.26 -151.27 -84.17
CA LEU X 893 -109.16 -152.32 -83.14
C LEU X 893 -110.52 -152.91 -82.74
N LYS X 894 -111.55 -152.07 -82.57
CA LYS X 894 -112.91 -152.54 -82.24
C LYS X 894 -113.73 -152.98 -83.46
N ASP X 895 -113.11 -152.99 -84.64
CA ASP X 895 -113.71 -153.39 -85.92
C ASP X 895 -113.09 -154.71 -86.44
N HIS X 896 -113.54 -155.19 -87.60
CA HIS X 896 -112.96 -156.32 -88.33
C HIS X 896 -111.55 -156.03 -88.87
N MET X 897 -111.16 -154.75 -88.88
CA MET X 897 -109.83 -154.25 -89.16
C MET X 897 -108.81 -154.67 -88.06
N VAL X 898 -107.58 -154.17 -88.18
CA VAL X 898 -106.44 -154.57 -87.35
C VAL X 898 -106.67 -154.32 -85.86
N ARG X 899 -106.33 -155.33 -85.03
CA ARG X 899 -106.11 -155.27 -83.56
C ARG X 899 -104.95 -154.32 -83.26
N GLU X 900 -105.21 -153.04 -83.46
CA GLU X 900 -104.16 -152.09 -83.78
C GLU X 900 -103.09 -151.97 -82.71
N GLU X 901 -101.95 -151.55 -83.21
CA GLU X 901 -100.98 -150.83 -82.44
C GLU X 901 -100.94 -149.34 -82.78
N ALA X 902 -101.59 -148.91 -83.87
CA ALA X 902 -101.26 -147.71 -84.66
C ALA X 902 -99.74 -147.65 -84.96
N LYS X 903 -99.17 -148.85 -85.14
CA LYS X 903 -97.74 -149.19 -85.12
C LYS X 903 -96.97 -148.51 -83.97
N SER X 904 -97.55 -148.66 -82.79
CA SER X 904 -97.12 -148.24 -81.45
C SER X 904 -97.11 -146.72 -81.26
N LEU X 905 -98.09 -146.18 -80.51
CA LEU X 905 -98.13 -144.78 -80.04
C LEU X 905 -97.12 -144.57 -78.90
N THR X 906 -95.86 -144.81 -79.22
CA THR X 906 -94.73 -144.62 -78.31
C THR X 906 -94.50 -143.15 -78.03
N PRO X 907 -93.55 -142.86 -77.12
CA PRO X 907 -92.75 -141.65 -77.10
C PRO X 907 -92.77 -140.76 -78.34
N LYS X 908 -92.54 -141.28 -79.56
CA LYS X 908 -92.45 -140.42 -80.73
C LYS X 908 -93.73 -139.67 -81.08
N GLN X 909 -94.87 -140.35 -81.22
CA GLN X 909 -96.14 -139.67 -81.48
C GLN X 909 -96.71 -139.06 -80.18
N CYS X 910 -96.12 -139.31 -79.01
CA CYS X 910 -96.42 -138.53 -77.81
C CYS X 910 -95.74 -137.16 -77.90
N ALA X 911 -94.43 -137.14 -78.15
CA ALA X 911 -93.79 -136.04 -78.86
C ALA X 911 -94.45 -135.88 -80.24
N VAL X 912 -94.01 -134.95 -81.08
CA VAL X 912 -94.72 -134.55 -82.31
C VAL X 912 -96.01 -133.84 -81.94
N VAL X 913 -96.96 -134.57 -81.36
CA VAL X 913 -98.21 -134.04 -80.82
C VAL X 913 -97.94 -133.07 -79.71
N GLU X 914 -97.13 -133.40 -78.70
CA GLU X 914 -96.86 -132.44 -77.62
C GLU X 914 -96.22 -131.16 -78.15
N LEU X 915 -95.35 -131.27 -79.14
CA LEU X 915 -94.77 -130.12 -79.81
C LEU X 915 -95.80 -129.37 -80.67
N ALA X 916 -96.65 -130.08 -81.38
CA ALA X 916 -97.69 -129.50 -82.19
C ALA X 916 -98.68 -128.74 -81.29
N LEU X 917 -99.10 -129.36 -80.19
CA LEU X 917 -99.89 -128.75 -79.12
C LEU X 917 -99.18 -127.50 -78.65
N ASP X 918 -97.89 -127.56 -78.36
CA ASP X 918 -97.19 -126.38 -77.92
C ASP X 918 -97.22 -125.29 -78.98
N THR X 919 -96.95 -125.65 -80.22
CA THR X 919 -96.98 -124.74 -81.36
C THR X 919 -98.32 -124.05 -81.48
N ILE X 920 -99.38 -124.85 -81.40
CA ILE X 920 -100.76 -124.40 -81.39
C ILE X 920 -101.00 -123.51 -80.17
N LYS X 921 -100.51 -123.89 -79.00
CA LYS X 921 -100.68 -123.14 -77.76
C LYS X 921 -99.98 -121.80 -77.86
N GLN X 922 -98.82 -121.73 -78.48
CA GLN X 922 -98.15 -120.47 -78.79
C GLN X 922 -98.97 -119.67 -79.80
N TYR X 923 -99.56 -120.33 -80.77
CA TYR X 923 -100.43 -119.71 -81.75
C TYR X 923 -101.68 -119.09 -81.14
N PHE X 924 -102.45 -119.87 -80.38
CA PHE X 924 -103.62 -119.42 -79.62
C PHE X 924 -103.23 -118.38 -78.59
N HIS X 925 -102.06 -118.52 -77.99
CA HIS X 925 -101.56 -117.53 -77.06
C HIS X 925 -101.23 -116.22 -77.78
N ALA X 926 -100.66 -116.32 -78.97
CA ALA X 926 -100.19 -115.22 -79.79
C ALA X 926 -99.45 -114.16 -78.93
N GLY X 927 -98.53 -114.61 -78.08
CA GLY X 927 -97.77 -113.71 -77.19
C GLY X 927 -98.62 -112.95 -76.17
N GLY X 928 -99.80 -113.44 -75.79
CA GLY X 928 -100.74 -112.77 -74.90
C GLY X 928 -101.81 -111.93 -75.63
N VAL X 929 -101.66 -111.71 -76.93
CA VAL X 929 -102.70 -111.09 -77.76
C VAL X 929 -103.93 -112.00 -77.85
N GLY X 930 -103.68 -113.30 -77.89
CA GLY X 930 -104.69 -114.33 -77.85
C GLY X 930 -105.06 -114.72 -76.42
N LEU X 931 -105.09 -116.02 -76.13
CA LEU X 931 -105.46 -116.54 -74.81
C LEU X 931 -104.27 -116.56 -73.83
N LYS X 932 -104.60 -116.53 -72.54
CA LYS X 932 -103.61 -116.59 -71.45
C LYS X 932 -102.96 -117.97 -71.42
N LYS X 933 -101.64 -118.05 -71.27
CA LYS X 933 -100.95 -119.34 -71.05
C LYS X 933 -101.51 -120.09 -69.84
N THR X 934 -102.03 -119.39 -68.83
CA THR X 934 -102.74 -120.00 -67.69
C THR X 934 -103.99 -120.77 -68.13
N PHE X 935 -104.93 -120.12 -68.82
CA PHE X 935 -106.13 -120.77 -69.36
C PHE X 935 -105.77 -121.96 -70.24
N LEU X 936 -104.75 -121.81 -71.08
CA LEU X 936 -104.33 -122.86 -72.01
C LEU X 936 -103.71 -124.03 -71.23
N GLU X 937 -102.77 -123.78 -70.33
CA GLU X 937 -102.17 -124.82 -69.50
C GLU X 937 -103.20 -125.52 -68.64
N LYS X 938 -104.07 -124.74 -68.01
CA LYS X 938 -105.19 -125.23 -67.21
C LYS X 938 -106.44 -125.45 -68.05
N SER X 939 -106.29 -125.67 -69.36
CA SER X 939 -107.40 -126.04 -70.20
C SER X 939 -107.72 -127.49 -69.93
N PRO X 940 -108.95 -127.81 -69.50
CA PRO X 940 -109.36 -129.21 -69.37
C PRO X 940 -109.30 -129.91 -70.71
N ASP X 941 -109.57 -129.18 -71.78
CA ASP X 941 -109.48 -129.64 -73.16
C ASP X 941 -108.05 -130.12 -73.44
N LEU X 942 -107.05 -129.35 -73.03
CA LEU X 942 -105.66 -129.76 -73.09
C LEU X 942 -105.31 -130.85 -72.08
N GLN X 943 -105.76 -130.74 -70.84
CA GLN X 943 -105.38 -131.64 -69.77
C GLN X 943 -105.95 -133.03 -69.98
N SER X 944 -107.16 -133.10 -70.49
CA SER X 944 -107.73 -134.34 -70.97
C SER X 944 -106.89 -134.87 -72.12
N LEU X 945 -106.55 -134.01 -73.08
CA LEU X 945 -105.75 -134.40 -74.23
C LEU X 945 -104.43 -135.03 -73.81
N ARG X 946 -103.71 -134.35 -72.91
CA ARG X 946 -102.53 -134.84 -72.20
C ARG X 946 -102.81 -136.15 -71.46
N TYR X 947 -103.95 -136.25 -70.80
CA TYR X 947 -104.25 -137.45 -70.07
C TYR X 947 -104.44 -138.64 -70.99
N ALA X 948 -105.19 -138.50 -72.08
CA ALA X 948 -105.35 -139.56 -73.06
C ALA X 948 -103.99 -139.97 -73.63
N LEU X 949 -103.12 -138.98 -73.92
CA LEU X 949 -101.74 -139.23 -74.32
C LEU X 949 -101.00 -140.07 -73.28
N SER X 950 -101.21 -139.83 -71.98
CA SER X 950 -100.56 -140.63 -70.95
C SER X 950 -100.99 -142.09 -70.95
N LEU X 951 -102.25 -142.43 -71.29
CA LEU X 951 -102.70 -143.82 -71.34
C LEU X 951 -101.78 -144.64 -72.24
N TYR X 952 -101.45 -144.08 -73.40
CA TYR X 952 -100.72 -144.78 -74.44
C TYR X 952 -99.38 -145.34 -74.01
N THR X 953 -98.70 -144.68 -73.07
CA THR X 953 -97.39 -145.10 -72.60
C THR X 953 -97.45 -145.97 -71.34
N GLN X 954 -98.62 -146.16 -70.72
CA GLN X 954 -98.71 -146.77 -69.38
C GLN X 954 -98.29 -148.24 -69.31
N ALA X 955 -98.00 -148.66 -68.08
CA ALA X 955 -97.70 -150.02 -67.71
C ALA X 955 -98.90 -150.95 -67.87
N THR X 956 -98.62 -152.20 -68.22
CA THR X 956 -99.60 -153.26 -68.46
C THR X 956 -100.56 -153.49 -67.29
N ASP X 957 -100.07 -153.60 -66.05
CA ASP X 957 -100.95 -153.83 -64.91
C ASP X 957 -101.84 -152.63 -64.61
N LEU X 958 -101.31 -151.41 -64.76
CA LEU X 958 -102.08 -150.19 -64.57
C LEU X 958 -103.23 -150.09 -65.59
N LEU X 959 -102.92 -150.43 -66.83
CA LEU X 959 -103.90 -150.58 -67.90
C LEU X 959 -104.93 -151.66 -67.56
N ILE X 960 -104.50 -152.87 -67.18
CA ILE X 960 -105.39 -153.97 -66.79
C ILE X 960 -106.28 -153.60 -65.60
N LYS X 961 -105.74 -152.92 -64.59
CA LYS X 961 -106.50 -152.39 -63.46
C LYS X 961 -107.57 -151.42 -63.94
N THR X 962 -107.17 -150.48 -64.80
CA THR X 962 -108.09 -149.54 -65.42
C THR X 962 -109.19 -150.28 -66.16
N PHE X 963 -108.86 -151.35 -66.89
CA PHE X 963 -109.86 -152.21 -67.52
C PHE X 963 -110.82 -152.81 -66.49
N VAL X 964 -110.37 -153.58 -65.50
CA VAL X 964 -111.31 -154.25 -64.58
C VAL X 964 -112.18 -153.24 -63.82
N GLN X 965 -111.59 -152.12 -63.38
CA GLN X 965 -112.33 -151.07 -62.70
C GLN X 965 -113.37 -150.40 -63.61
N THR X 966 -113.07 -150.19 -64.88
CA THR X 966 -113.99 -149.57 -65.84
C THR X 966 -115.02 -150.56 -66.38
N GLN X 967 -114.63 -151.82 -66.60
CA GLN X 967 -115.50 -152.89 -67.09
C GLN X 967 -116.39 -153.49 -65.97
N SER X 968 -116.85 -152.65 -65.03
CA SER X 968 -117.78 -153.02 -63.95
C SER X 968 -119.04 -153.74 -64.46
N ALA X 969 -119.50 -153.40 -65.67
CA ALA X 969 -120.63 -154.00 -66.36
C ALA X 969 -120.39 -155.47 -66.82
N GLN X 970 -119.16 -155.98 -66.77
CA GLN X 970 -118.87 -157.41 -67.01
C GLN X 970 -119.34 -158.28 -65.85
N GLY X 971 -120.65 -158.52 -65.79
CA GLY X 971 -121.31 -159.34 -64.80
C GLY X 971 -122.82 -159.10 -64.82
N SER X 972 -123.24 -157.82 -64.82
CA SER X 972 -124.63 -157.42 -65.01
C SER X 972 -125.03 -157.50 -66.49
N GLY X 973 -125.72 -158.57 -66.86
CA GLY X 973 -126.22 -158.82 -68.21
C GLY X 973 -125.24 -159.57 -69.11
N VAL X 974 -125.72 -160.66 -69.69
CA VAL X 974 -125.09 -161.47 -70.73
C VAL X 974 -126.02 -161.54 -71.94
N GLU X 975 -125.51 -161.23 -73.14
CA GLU X 975 -126.29 -161.42 -74.36
C GLU X 975 -126.30 -162.90 -74.79
N ASP X 976 -127.49 -163.49 -74.90
CA ASP X 976 -127.77 -164.91 -75.21
C ASP X 976 -126.96 -165.94 -74.38
N PRO X 977 -127.38 -166.27 -73.14
CA PRO X 977 -126.68 -167.24 -72.32
C PRO X 977 -126.73 -168.69 -72.86
N VAL X 978 -125.61 -169.41 -72.78
CA VAL X 978 -125.42 -170.83 -73.21
C VAL X 978 -125.54 -171.85 -72.09
N GLY X 979 -126.05 -171.42 -70.95
CA GLY X 979 -126.08 -172.16 -69.70
C GLY X 979 -125.79 -171.22 -68.54
N GLU X 980 -125.60 -171.77 -67.36
CA GLU X 980 -125.20 -171.02 -66.18
C GLU X 980 -124.41 -171.91 -65.22
N VAL X 981 -123.54 -171.32 -64.40
CA VAL X 981 -122.76 -172.03 -63.38
C VAL X 981 -123.13 -171.56 -61.99
N SER X 982 -123.50 -172.48 -61.13
CA SER X 982 -123.62 -172.25 -59.70
C SER X 982 -122.24 -172.39 -59.10
N VAL X 983 -121.71 -171.26 -58.67
CA VAL X 983 -120.51 -171.19 -57.85
C VAL X 983 -120.91 -170.72 -56.46
N HIS X 984 -120.32 -171.32 -55.44
CA HIS X 984 -120.24 -170.67 -54.13
C HIS X 984 -118.82 -170.19 -53.93
N VAL X 985 -118.65 -168.88 -53.81
CA VAL X 985 -117.33 -168.25 -53.76
C VAL X 985 -117.12 -167.62 -52.40
N GLU X 986 -115.96 -167.81 -51.79
CA GLU X 986 -115.60 -167.19 -50.53
C GLU X 986 -114.32 -166.35 -50.69
N LEU X 987 -114.45 -165.03 -50.51
CA LEU X 987 -113.31 -164.11 -50.45
C LEU X 987 -112.74 -164.14 -49.03
N PHE X 988 -111.98 -165.18 -48.73
CA PHE X 988 -111.12 -165.17 -47.57
C PHE X 988 -109.93 -164.23 -47.77
N THR X 989 -109.98 -163.06 -47.12
CA THR X 989 -108.76 -162.37 -46.72
C THR X 989 -107.99 -163.38 -45.89
N HIS X 990 -106.92 -163.89 -46.49
CA HIS X 990 -106.38 -165.22 -46.23
C HIS X 990 -105.76 -165.35 -44.84
N PRO X 991 -106.26 -166.27 -43.99
CA PRO X 991 -105.80 -166.36 -42.59
C PRO X 991 -104.33 -166.77 -42.45
N GLY X 992 -103.73 -167.44 -43.44
CA GLY X 992 -102.31 -167.81 -43.41
C GLY X 992 -101.33 -166.71 -43.85
N THR X 993 -101.78 -165.62 -44.48
CA THR X 993 -100.87 -164.62 -45.11
C THR X 993 -101.37 -163.17 -45.15
N GLY X 994 -102.65 -162.88 -44.90
CA GLY X 994 -103.23 -161.54 -45.04
C GLY X 994 -103.40 -161.04 -46.49
N GLU X 995 -103.06 -161.86 -47.48
CA GLU X 995 -103.45 -161.64 -48.89
C GLU X 995 -104.97 -161.77 -49.05
N GLN X 996 -105.50 -161.63 -50.27
CA GLN X 996 -106.84 -162.13 -50.57
C GLN X 996 -106.77 -163.40 -51.39
N LYS X 997 -107.44 -164.44 -50.88
CA LYS X 997 -107.69 -165.69 -51.58
C LYS X 997 -109.17 -165.84 -51.88
N VAL X 998 -109.46 -166.67 -52.87
CA VAL X 998 -110.81 -166.83 -53.39
C VAL X 998 -111.12 -168.32 -53.47
N THR X 999 -111.80 -168.84 -52.46
CA THR X 999 -112.25 -170.24 -52.48
C THR X 999 -113.47 -170.33 -53.40
N VAL X 1000 -113.28 -170.77 -54.64
CA VAL X 1000 -114.38 -171.01 -55.56
C VAL X 1000 -114.80 -172.49 -55.46
N LYS X 1001 -115.87 -172.76 -54.74
CA LYS X 1001 -116.57 -174.06 -54.77
C LYS X 1001 -117.46 -174.08 -56.01
N VAL X 1002 -117.02 -174.78 -57.05
CA VAL X 1002 -117.85 -175.06 -58.22
C VAL X 1002 -118.93 -176.05 -57.81
N VAL X 1003 -120.15 -175.56 -57.63
CA VAL X 1003 -121.26 -176.42 -57.21
C VAL X 1003 -121.73 -177.24 -58.39
N ALA X 1004 -122.19 -176.58 -59.44
CA ALA X 1004 -122.79 -177.24 -60.60
C ALA X 1004 -122.82 -176.30 -61.80
N ALA X 1005 -123.02 -176.85 -62.99
CA ALA X 1005 -123.59 -176.12 -64.11
C ALA X 1005 -125.04 -176.54 -64.38
N ASN X 1006 -125.74 -175.73 -65.18
CA ASN X 1006 -127.12 -175.93 -65.59
C ASN X 1006 -127.38 -175.36 -67.02
N ASP X 1007 -128.41 -175.86 -67.70
CA ASP X 1007 -128.83 -175.45 -69.04
C ASP X 1007 -127.72 -175.47 -70.11
N LEU X 1008 -126.72 -176.35 -69.97
CA LEU X 1008 -125.57 -176.40 -70.88
C LEU X 1008 -126.02 -176.73 -72.32
N LYS X 1009 -125.90 -175.75 -73.22
CA LYS X 1009 -126.16 -175.92 -74.65
C LYS X 1009 -124.98 -176.64 -75.32
N TRP X 1010 -124.84 -177.95 -75.11
CA TRP X 1010 -123.69 -178.74 -75.61
C TRP X 1010 -124.04 -180.19 -75.97
N GLN X 1011 -125.11 -180.42 -76.72
CA GLN X 1011 -125.56 -181.77 -77.08
C GLN X 1011 -124.63 -182.42 -78.13
N THR X 1012 -123.44 -182.81 -77.70
CA THR X 1012 -122.34 -183.28 -78.55
C THR X 1012 -122.50 -184.71 -79.09
N SER X 1013 -121.81 -185.02 -80.19
CA SER X 1013 -121.84 -186.31 -80.91
C SER X 1013 -121.03 -187.41 -80.22
N GLY X 1014 -119.87 -187.09 -79.66
CA GLY X 1014 -119.16 -187.95 -78.71
C GLY X 1014 -119.90 -188.00 -77.36
N ILE X 1015 -119.42 -188.81 -76.42
CA ILE X 1015 -119.92 -188.77 -75.04
C ILE X 1015 -119.55 -187.39 -74.45
N PHE X 1016 -120.55 -186.64 -73.97
CA PHE X 1016 -120.30 -185.39 -73.27
C PHE X 1016 -119.64 -185.66 -71.92
N ARG X 1017 -118.58 -184.95 -71.56
CA ARG X 1017 -117.86 -185.13 -70.29
C ARG X 1017 -117.50 -183.78 -69.66
N PRO X 1018 -118.48 -182.92 -69.33
CA PRO X 1018 -118.20 -181.57 -68.87
C PRO X 1018 -117.38 -181.54 -67.58
N PHE X 1019 -116.50 -180.56 -67.52
CA PHE X 1019 -115.78 -180.09 -66.36
C PHE X 1019 -115.83 -178.56 -66.39
N ILE X 1020 -115.55 -177.90 -65.27
CA ILE X 1020 -115.59 -176.43 -65.22
C ILE X 1020 -114.18 -175.93 -64.96
N GLU X 1021 -113.69 -175.13 -65.89
CA GLU X 1021 -112.57 -174.26 -65.64
C GLU X 1021 -113.04 -172.99 -64.92
N VAL X 1022 -112.22 -172.48 -64.01
CA VAL X 1022 -112.39 -171.13 -63.46
C VAL X 1022 -111.10 -170.36 -63.67
N ASN X 1023 -111.20 -169.10 -64.09
CA ASN X 1023 -110.06 -168.19 -64.21
C ASN X 1023 -110.22 -166.99 -63.28
N ILE X 1024 -109.11 -166.32 -62.96
CA ILE X 1024 -109.10 -165.00 -62.30
C ILE X 1024 -108.47 -163.95 -63.23
N VAL X 1025 -109.07 -162.76 -63.29
CA VAL X 1025 -108.59 -161.61 -64.04
C VAL X 1025 -108.44 -160.38 -63.15
N GLY X 1026 -107.40 -159.61 -63.40
CA GLY X 1026 -107.00 -158.41 -62.67
C GLY X 1026 -105.51 -158.13 -62.83
N PRO X 1027 -105.01 -157.03 -62.24
CA PRO X 1027 -103.60 -156.68 -62.27
C PRO X 1027 -102.77 -157.62 -61.38
N GLN X 1028 -101.46 -157.69 -61.61
CA GLN X 1028 -100.50 -158.51 -60.85
C GLN X 1028 -100.90 -160.00 -60.78
N LEU X 1029 -101.12 -160.65 -61.94
CA LEU X 1029 -101.42 -162.08 -62.05
C LEU X 1029 -100.42 -162.87 -62.92
N SER X 1030 -99.25 -162.30 -63.23
CA SER X 1030 -98.18 -162.97 -64.00
C SER X 1030 -97.53 -164.16 -63.25
N ASP X 1031 -97.54 -164.10 -61.92
CA ASP X 1031 -96.89 -165.00 -60.97
C ASP X 1031 -97.85 -165.98 -60.28
N LYS X 1032 -99.17 -165.82 -60.51
CA LYS X 1032 -100.23 -166.51 -59.77
C LYS X 1032 -101.09 -167.36 -60.69
N LYS X 1033 -101.56 -168.49 -60.17
CA LYS X 1033 -102.36 -169.50 -60.87
C LYS X 1033 -103.66 -168.86 -61.36
N ARG X 1034 -103.67 -168.42 -62.62
CA ARG X 1034 -104.81 -167.75 -63.24
C ARG X 1034 -105.98 -168.68 -63.56
N LYS X 1035 -105.80 -170.01 -63.45
CA LYS X 1035 -106.75 -171.04 -63.91
C LYS X 1035 -106.84 -172.23 -62.94
N PHE X 1036 -108.03 -172.83 -62.81
CA PHE X 1036 -108.30 -174.14 -62.20
C PHE X 1036 -109.28 -174.94 -63.05
N ALA X 1037 -109.39 -176.25 -62.85
CA ALA X 1037 -110.41 -177.08 -63.50
C ALA X 1037 -110.91 -178.25 -62.62
N THR X 1038 -112.20 -178.58 -62.71
CA THR X 1038 -112.81 -179.70 -61.96
C THR X 1038 -112.46 -181.06 -62.58
N LYS X 1039 -112.77 -182.18 -61.90
CA LYS X 1039 -112.98 -183.46 -62.58
C LYS X 1039 -114.12 -183.34 -63.60
N SER X 1040 -114.18 -184.26 -64.56
CA SER X 1040 -115.28 -184.39 -65.51
C SER X 1040 -116.46 -185.20 -64.95
N LYS X 1041 -117.67 -185.00 -65.52
CA LYS X 1041 -118.88 -185.81 -65.27
C LYS X 1041 -119.45 -186.35 -66.58
N ASN X 1042 -119.70 -187.65 -66.67
CA ASN X 1042 -120.19 -188.27 -67.90
C ASN X 1042 -121.66 -187.88 -68.20
N ASN X 1043 -121.94 -187.60 -69.47
CA ASN X 1043 -123.26 -187.54 -70.08
C ASN X 1043 -124.27 -186.70 -69.26
N SER X 1044 -123.92 -185.46 -68.95
CA SER X 1044 -124.67 -184.66 -67.97
C SER X 1044 -124.64 -183.16 -68.25
N TRP X 1045 -125.76 -182.59 -68.69
CA TRP X 1045 -125.92 -181.16 -69.04
C TRP X 1045 -126.35 -180.24 -67.89
N ALA X 1046 -126.61 -180.80 -66.71
CA ALA X 1046 -126.62 -180.05 -65.45
C ALA X 1046 -125.67 -180.70 -64.41
N PRO X 1047 -124.36 -180.79 -64.73
CA PRO X 1047 -123.40 -181.56 -63.94
C PRO X 1047 -123.07 -180.85 -62.64
N LYS X 1048 -123.08 -181.60 -61.54
CA LYS X 1048 -122.56 -181.18 -60.23
C LYS X 1048 -121.08 -181.51 -60.11
N TYR X 1049 -120.36 -180.79 -59.25
CA TYR X 1049 -118.94 -181.02 -58.99
C TYR X 1049 -118.65 -180.98 -57.49
N ASN X 1050 -119.08 -179.91 -56.81
CA ASN X 1050 -118.76 -179.67 -55.40
C ASN X 1050 -117.24 -179.66 -55.14
N GLU X 1051 -116.47 -179.16 -56.12
CA GLU X 1051 -115.01 -179.12 -56.08
C GLU X 1051 -114.52 -177.69 -55.82
N SER X 1052 -113.58 -177.56 -54.88
CA SER X 1052 -113.14 -176.26 -54.36
C SER X 1052 -111.74 -175.89 -54.84
N PHE X 1053 -111.64 -174.74 -55.49
CA PHE X 1053 -110.40 -174.10 -55.96
C PHE X 1053 -110.00 -172.95 -55.05
N GLN X 1054 -108.75 -172.50 -55.11
CA GLN X 1054 -108.24 -171.41 -54.28
C GLN X 1054 -107.30 -170.50 -55.09
N PHE X 1055 -107.86 -169.49 -55.75
CA PHE X 1055 -107.06 -168.43 -56.38
C PHE X 1055 -106.37 -167.56 -55.33
N SER X 1056 -105.28 -166.93 -55.73
CA SER X 1056 -104.66 -165.83 -54.99
C SER X 1056 -104.77 -164.55 -55.81
N LEU X 1057 -105.32 -163.49 -55.21
CA LEU X 1057 -105.27 -162.13 -55.76
C LEU X 1057 -103.91 -161.48 -55.43
N SER X 1058 -103.65 -160.25 -55.89
CA SER X 1058 -102.59 -159.46 -55.25
C SER X 1058 -102.97 -159.07 -53.81
N ALA X 1059 -101.97 -158.85 -52.97
CA ALA X 1059 -102.16 -158.15 -51.70
C ALA X 1059 -102.49 -156.66 -51.90
N ASP X 1060 -101.84 -155.99 -52.88
CA ASP X 1060 -101.93 -154.53 -53.02
C ASP X 1060 -103.23 -154.09 -53.70
N ALA X 1061 -103.59 -154.69 -54.83
CA ALA X 1061 -104.85 -154.44 -55.50
C ALA X 1061 -106.04 -155.03 -54.69
N GLY X 1062 -107.07 -154.23 -54.46
CA GLY X 1062 -108.27 -154.68 -53.77
C GLY X 1062 -109.12 -155.61 -54.63
N PRO X 1063 -110.12 -156.29 -54.05
CA PRO X 1063 -110.94 -157.27 -54.76
C PRO X 1063 -111.74 -156.62 -55.90
N GLU X 1064 -112.06 -155.33 -55.81
CA GLU X 1064 -112.67 -154.57 -56.91
C GLU X 1064 -111.74 -154.35 -58.12
N CYS X 1065 -110.45 -154.63 -57.99
CA CYS X 1065 -109.53 -154.76 -59.11
C CYS X 1065 -109.60 -156.13 -59.79
N TYR X 1066 -110.47 -157.03 -59.31
CA TYR X 1066 -110.53 -158.41 -59.77
C TYR X 1066 -111.93 -158.87 -60.12
N GLU X 1067 -111.95 -159.93 -60.91
CA GLU X 1067 -113.13 -160.62 -61.39
C GLU X 1067 -112.75 -162.06 -61.72
N LEU X 1068 -113.57 -163.02 -61.31
CA LEU X 1068 -113.48 -164.37 -61.83
C LEU X 1068 -114.05 -164.40 -63.26
N GLN X 1069 -113.49 -165.26 -64.10
CA GLN X 1069 -113.96 -165.53 -65.45
C GLN X 1069 -114.13 -167.04 -65.61
N VAL X 1070 -115.33 -167.53 -65.30
CA VAL X 1070 -115.71 -168.95 -65.28
C VAL X 1070 -115.91 -169.47 -66.70
N CYS X 1071 -115.51 -170.72 -66.99
CA CYS X 1071 -115.63 -171.32 -68.31
C CYS X 1071 -115.89 -172.83 -68.24
N VAL X 1072 -117.07 -173.27 -68.65
CA VAL X 1072 -117.37 -174.71 -68.74
C VAL X 1072 -116.69 -175.31 -69.96
N LYS X 1073 -116.20 -176.55 -69.86
CA LYS X 1073 -115.50 -177.24 -70.93
C LYS X 1073 -115.86 -178.73 -71.02
N ASP X 1074 -115.76 -179.31 -72.21
CA ASP X 1074 -116.03 -180.74 -72.46
C ASP X 1074 -114.71 -181.53 -72.52
N TYR X 1075 -114.51 -182.51 -71.62
CA TYR X 1075 -113.26 -183.28 -71.54
C TYR X 1075 -113.16 -184.36 -72.62
N CYS X 1076 -112.06 -184.36 -73.39
CA CYS X 1076 -111.81 -185.37 -74.42
C CYS X 1076 -110.33 -185.82 -74.38
N PHE X 1077 -110.01 -186.79 -73.50
CA PHE X 1077 -108.64 -187.34 -73.40
C PHE X 1077 -108.15 -187.92 -74.74
N ALA X 1078 -106.84 -187.84 -74.96
CA ALA X 1078 -106.13 -188.09 -76.22
C ALA X 1078 -106.51 -187.14 -77.40
N ARG X 1079 -107.75 -186.65 -77.44
CA ARG X 1079 -108.22 -185.57 -78.30
C ARG X 1079 -107.94 -184.20 -77.66
N GLU X 1080 -108.93 -183.32 -77.62
CA GLU X 1080 -108.87 -181.93 -77.17
C GLU X 1080 -110.14 -181.53 -76.40
N ASP X 1081 -110.00 -180.78 -75.32
CA ASP X 1081 -111.14 -180.27 -74.55
C ASP X 1081 -111.75 -179.02 -75.20
N ARG X 1082 -113.05 -178.75 -74.99
CA ARG X 1082 -113.80 -177.73 -75.76
C ARG X 1082 -114.60 -176.74 -74.90
N THR X 1083 -114.50 -175.42 -75.15
CA THR X 1083 -115.23 -174.36 -74.40
C THR X 1083 -116.73 -174.38 -74.66
N VAL X 1084 -117.50 -174.60 -73.60
CA VAL X 1084 -118.96 -174.62 -73.58
C VAL X 1084 -119.59 -173.25 -73.29
N GLY X 1085 -118.89 -172.34 -72.58
CA GLY X 1085 -119.39 -170.96 -72.34
C GLY X 1085 -118.50 -170.20 -71.38
N LEU X 1086 -118.71 -168.90 -71.19
CA LEU X 1086 -117.91 -168.02 -70.31
C LEU X 1086 -118.77 -167.09 -69.46
N ALA X 1087 -118.50 -166.89 -68.17
CA ALA X 1087 -119.17 -165.89 -67.32
C ALA X 1087 -118.20 -165.09 -66.46
N VAL X 1088 -118.47 -163.79 -66.22
CA VAL X 1088 -117.63 -162.97 -65.35
C VAL X 1088 -118.33 -162.68 -64.03
N LEU X 1089 -117.66 -162.95 -62.91
CA LEU X 1089 -118.10 -162.61 -61.56
C LEU X 1089 -117.14 -161.57 -60.98
N GLN X 1090 -117.62 -160.34 -60.83
CA GLN X 1090 -116.84 -159.23 -60.27
C GLN X 1090 -116.52 -159.47 -58.80
N LEU X 1091 -115.25 -159.48 -58.42
CA LEU X 1091 -114.89 -159.64 -57.01
C LEU X 1091 -115.14 -158.38 -56.17
N ARG X 1092 -115.48 -157.24 -56.80
CA ARG X 1092 -116.11 -156.09 -56.10
C ARG X 1092 -117.38 -156.47 -55.33
N GLU X 1093 -118.18 -157.40 -55.85
CA GLU X 1093 -119.38 -157.88 -55.14
C GLU X 1093 -119.01 -158.69 -53.89
N LEU X 1094 -118.08 -159.62 -54.06
CA LEU X 1094 -117.59 -160.48 -52.98
C LEU X 1094 -116.80 -159.71 -51.91
N ALA X 1095 -116.22 -158.56 -52.26
CA ALA X 1095 -115.68 -157.61 -51.29
C ALA X 1095 -116.72 -157.22 -50.22
N GLN X 1096 -117.97 -157.02 -50.64
CA GLN X 1096 -119.09 -156.71 -49.76
C GLN X 1096 -119.69 -157.99 -49.17
N ARG X 1097 -120.00 -158.97 -50.02
CA ARG X 1097 -120.75 -160.17 -49.66
C ARG X 1097 -119.94 -161.10 -48.76
N GLY X 1098 -118.60 -161.06 -48.84
CA GLY X 1098 -117.64 -161.94 -48.15
C GLY X 1098 -117.66 -163.36 -48.73
N SER X 1099 -118.83 -163.93 -48.94
CA SER X 1099 -119.05 -165.10 -49.78
C SER X 1099 -120.36 -164.99 -50.55
N ALA X 1100 -120.47 -165.69 -51.66
CA ALA X 1100 -121.59 -165.59 -52.59
C ALA X 1100 -121.85 -166.92 -53.29
N ALA X 1101 -123.01 -167.52 -53.03
CA ALA X 1101 -123.61 -168.50 -53.91
C ALA X 1101 -124.33 -167.76 -55.05
N CYS X 1102 -123.91 -167.97 -56.30
CA CYS X 1102 -124.47 -167.25 -57.44
C CYS X 1102 -124.59 -168.13 -58.69
N TRP X 1103 -125.69 -167.98 -59.43
CA TRP X 1103 -125.84 -168.49 -60.79
C TRP X 1103 -125.27 -167.50 -61.80
N LEU X 1104 -124.13 -167.84 -62.38
CA LEU X 1104 -123.46 -167.05 -63.39
C LEU X 1104 -123.95 -167.45 -64.79
N PRO X 1105 -124.77 -166.64 -65.49
CA PRO X 1105 -125.15 -166.93 -66.88
C PRO X 1105 -123.89 -166.95 -67.76
N LEU X 1106 -123.64 -168.08 -68.43
CA LEU X 1106 -122.55 -168.22 -69.38
C LEU X 1106 -122.89 -167.48 -70.66
N GLY X 1107 -122.14 -166.46 -71.01
CA GLY X 1107 -122.12 -165.90 -72.35
C GLY X 1107 -121.27 -166.71 -73.32
N ARG X 1108 -121.41 -166.36 -74.60
CA ARG X 1108 -120.49 -166.80 -75.67
C ARG X 1108 -119.25 -165.90 -75.75
N ARG X 1109 -119.39 -164.62 -75.41
CA ARG X 1109 -118.33 -163.59 -75.28
C ARG X 1109 -118.59 -162.67 -74.07
N ILE X 1110 -117.64 -161.78 -73.79
CA ILE X 1110 -117.66 -160.82 -72.67
C ILE X 1110 -117.72 -159.37 -73.19
N HIS X 1111 -118.68 -158.57 -72.70
CA HIS X 1111 -118.98 -157.23 -73.24
C HIS X 1111 -118.00 -156.13 -72.75
N MET X 1112 -117.74 -155.09 -73.55
CA MET X 1112 -116.80 -154.01 -73.21
C MET X 1112 -117.34 -152.61 -73.52
N ASP X 1113 -116.74 -151.61 -72.89
CA ASP X 1113 -116.91 -150.20 -73.18
C ASP X 1113 -115.67 -149.58 -73.84
N ASP X 1114 -115.78 -148.31 -74.22
CA ASP X 1114 -114.72 -147.54 -74.89
C ASP X 1114 -113.40 -147.48 -74.13
N THR X 1115 -113.42 -147.67 -72.81
CA THR X 1115 -112.24 -147.58 -71.95
C THR X 1115 -111.67 -148.97 -71.75
N GLY X 1116 -112.51 -149.99 -71.74
CA GLY X 1116 -112.07 -151.35 -71.99
C GLY X 1116 -111.35 -151.42 -73.32
N LEU X 1117 -111.94 -150.86 -74.36
CA LEU X 1117 -111.39 -150.83 -75.71
C LEU X 1117 -110.17 -149.91 -75.86
N THR X 1118 -110.13 -148.71 -75.26
CA THR X 1118 -108.92 -147.86 -75.27
C THR X 1118 -107.77 -148.57 -74.58
N VAL X 1119 -108.04 -149.18 -73.43
CA VAL X 1119 -107.02 -149.98 -72.75
C VAL X 1119 -106.62 -151.18 -73.61
N LEU X 1120 -107.56 -151.92 -74.19
CA LEU X 1120 -107.26 -153.08 -75.03
C LEU X 1120 -106.44 -152.67 -76.27
N ARG X 1121 -106.65 -151.47 -76.83
CA ARG X 1121 -105.81 -150.88 -77.91
C ARG X 1121 -104.39 -150.58 -77.46
N ILE X 1122 -104.19 -150.27 -76.19
CA ILE X 1122 -102.87 -149.96 -75.62
C ILE X 1122 -102.18 -151.24 -75.12
N LEU X 1123 -102.93 -152.21 -74.62
CA LEU X 1123 -102.44 -153.56 -74.31
C LEU X 1123 -102.15 -154.38 -75.56
N SER X 1124 -102.91 -154.19 -76.64
CA SER X 1124 -102.64 -154.81 -77.91
C SER X 1124 -101.35 -154.23 -78.53
N GLN X 1125 -101.01 -152.96 -78.27
CA GLN X 1125 -99.66 -152.42 -78.55
C GLN X 1125 -98.55 -153.12 -77.80
N ARG X 1126 -98.84 -153.63 -76.61
CA ARG X 1126 -97.91 -154.48 -75.86
C ARG X 1126 -98.07 -155.93 -76.33
N SER X 1127 -98.07 -156.13 -77.66
CA SER X 1127 -98.24 -157.42 -78.34
C SER X 1127 -97.22 -158.48 -77.95
N ASN X 1128 -96.08 -158.08 -77.39
CA ASN X 1128 -95.01 -158.98 -76.92
C ASN X 1128 -95.07 -159.27 -75.41
N ASP X 1129 -95.71 -158.40 -74.61
CA ASP X 1129 -95.84 -158.60 -73.17
C ASP X 1129 -96.76 -159.78 -72.92
N GLU X 1130 -96.29 -160.81 -72.22
CA GLU X 1130 -97.06 -162.03 -72.02
C GLU X 1130 -98.30 -161.83 -71.16
N VAL X 1131 -98.29 -160.88 -70.23
CA VAL X 1131 -99.49 -160.52 -69.46
C VAL X 1131 -100.46 -159.77 -70.36
N ALA X 1132 -99.98 -158.82 -71.17
CA ALA X 1132 -100.85 -158.07 -72.09
C ALA X 1132 -101.41 -158.98 -73.19
N LYS X 1133 -100.60 -159.87 -73.77
CA LYS X 1133 -101.06 -160.97 -74.63
C LYS X 1133 -102.13 -161.80 -73.95
N GLU X 1134 -101.86 -162.39 -72.78
CA GLU X 1134 -102.82 -163.28 -72.11
C GLU X 1134 -104.07 -162.53 -71.66
N PHE X 1135 -103.98 -161.25 -71.32
CA PHE X 1135 -105.13 -160.42 -71.05
C PHE X 1135 -105.96 -160.16 -72.31
N VAL X 1136 -105.33 -159.65 -73.37
CA VAL X 1136 -105.97 -159.37 -74.67
C VAL X 1136 -106.59 -160.65 -75.24
N LYS X 1137 -105.92 -161.80 -75.06
CA LYS X 1137 -106.44 -163.14 -75.37
C LYS X 1137 -107.62 -163.51 -74.48
N LEU X 1138 -107.48 -163.54 -73.15
CA LEU X 1138 -108.54 -163.96 -72.23
C LEU X 1138 -109.79 -163.08 -72.32
N LYS X 1139 -109.67 -161.81 -72.72
CA LYS X 1139 -110.82 -160.92 -72.98
C LYS X 1139 -111.37 -160.99 -74.40
N SER X 1140 -110.56 -161.40 -75.36
CA SER X 1140 -111.05 -161.80 -76.69
C SER X 1140 -111.38 -163.31 -76.74
N ASP X 1141 -111.46 -163.97 -75.58
CA ASP X 1141 -111.79 -165.39 -75.46
C ASP X 1141 -113.30 -165.62 -75.63
N THR X 1142 -113.67 -166.62 -76.44
CA THR X 1142 -115.07 -166.87 -76.83
C THR X 1142 -115.37 -168.37 -76.97
N ARG X 1143 -116.64 -168.72 -76.79
CA ARG X 1143 -117.17 -170.07 -77.04
C ARG X 1143 -117.30 -170.35 -78.55
N SER X 1144 -116.89 -171.54 -78.99
CA SER X 1144 -117.28 -172.08 -80.30
C SER X 1144 -118.79 -172.40 -80.32
N ALA X 1145 -119.51 -171.96 -81.35
CA ALA X 1145 -120.97 -172.09 -81.39
C ALA X 1145 -121.49 -173.54 -81.52
N GLU X 1146 -120.62 -174.47 -81.92
CA GLU X 1146 -120.95 -175.88 -82.12
C GLU X 1146 -121.48 -176.55 -80.83
N GLU X 1147 -122.32 -177.57 -81.01
CA GLU X 1147 -123.13 -178.20 -79.94
C GLU X 1147 -124.19 -177.27 -79.29
N GLY X 1148 -124.34 -176.00 -79.70
CA GLY X 1148 -125.23 -175.04 -79.04
C GLY X 1148 -125.57 -173.71 -79.76
N GLY X 1149 -125.90 -173.75 -81.06
CA GLY X 1149 -126.79 -172.75 -81.68
C GLY X 1149 -126.24 -171.36 -82.07
N ALA X 1150 -126.93 -170.31 -81.62
CA ALA X 1150 -126.91 -168.94 -82.18
C ALA X 1150 -125.60 -168.14 -81.98
N ALA X 1151 -125.58 -166.91 -82.52
CA ALA X 1151 -124.43 -166.01 -82.51
C ALA X 1151 -124.27 -165.18 -81.19
N PRO X 1152 -123.04 -164.76 -80.84
CA PRO X 1152 -122.77 -163.78 -79.78
C PRO X 1152 -123.26 -162.36 -80.14
N ALA X 1153 -123.20 -161.43 -79.18
CA ALA X 1153 -123.43 -160.00 -79.38
C ALA X 1153 -122.44 -159.14 -78.56
N PRO X 1154 -122.08 -157.93 -79.04
CA PRO X 1154 -121.00 -157.12 -78.49
C PRO X 1154 -121.20 -156.74 -77.02
#